data_4V58
#
_entry.id   4V58
#
_cell.length_a   216.370
_cell.length_b   414.430
_cell.length_c   221.510
_cell.angle_alpha   90.00
_cell.angle_beta   111.65
_cell.angle_gamma   90.00
#
_symmetry.space_group_name_H-M   'P 1 21 1'
#
loop_
_entity.id
_entity.type
_entity.pdbx_description
1 polymer 'FATTY ACID SYNTHASE ALPHA SUBUNITS'
2 polymer 'FATTY ACID SYNTHASE BETA SUBUNITS'
3 non-polymer 'FLAVIN MONONUCLEOTIDE'
#
loop_
_entity_poly.entity_id
_entity_poly.type
_entity_poly.pdbx_seq_one_letter_code
_entity_poly.pdbx_strand_id
1 'polypeptide(L)'
;MRPEVEQELAYTLLVELLAYQFAMPVRWIETQDVILAEKRTERIVEIGPSDTLGGMARRTLQSKYEAYDAATSVQRQILC
YCKDAKEIYYDVEPIEDEPEPTPAAASSADAAPAAAPAAPAAPAAAPAPAPASAGPAAPVQDAPVTATDVIRALVAQKLK
KELTEIPPSKAIKDLVGGKSTLQNEILGDLGKEFGSTPEKPEDTPLDELGASMQATFDGQLGKQSSSLIARFVSSKMPGG
FNITAVRKYLETRWGLGPGRQDGVLLFAITAEPPSRLGSEADAKAYFDNLANKYASYAGITLSSPSSGGDGGAAGGAMLM
DPAAIDALTKDQRALFKQQLEIIARYLKMDLRAGDKAFVASQESQKALQAQLDLWQAEHGDIYAAGIEPAFDPLKARVYD
SSWNWARQDALSMYYDIIFGRLRVVDREIVSQCIQIMNRSNPLLLEFMQYHIDHCPTERGETYQLAKELGQQLIENCKEV
LGKPPVYKDVSIPTGPQTTIDARGNIQYQEVPRASARKFEHYVKQMAEGGPISQYSNRTKVQNDLRSVYKLIRRQHRLSK
SSQLQFNALYKDVIRALAMNESQIMQDGKDRRRGRNGNGNGNHSRPGKVETIPFLHLRKKDEFGNWEYSKKLTGIYLDGL
EAAARSGLTFQGKHALMTGAGAGSIGAEVLQGLLSGGAKVIVTTSRFSRQVTEYYQGIYARCGARGSQLVVVPFNQGSKQ
DVEALVNYIYDTKNGLGWDLDYVVPFAAIPENGREIDSIDSKSELAHRIMLTNLLRLLGAIKTQKKERGYETRPAQVILP
LSPNHGTFGNDGLYSESKLALETLFNRWYSESWGNYLTICGAVIGWTRGTGLMSANNLVAEGVEKLGVRTFSQQEMAFNL
LGLMAPAIVNLCQSDPVFADLNGGLQFIPDLKGLMTKLRKEIMETSAIRQAVIKETAIENKVVNGEDHEALYRRVITEPR
ANLKYPFPELPDWDKDIKPLNDQLRGMVNLDKVVVVTGLAEIGPWGNARTRWEMEAYGKFSLEGCVEMAWMMGLIKNHNG
PLKGKPYSGWVDAKTGEPVDDKDVKAKYEKYILEHSGIRLIEPELFGGYDPNRKQLLQEVVIEQDLEPFEASKEQAEEFK
REHGDKVEIFEIPETGQYTVRLRKGATLLIPKALQFDRLVAGQIPTGWDARRYGVPEDIIQQVDPVTLYVLVSVAEALLS
SGITDPYEFYKYVHLSEVGNCIGSGVGGTSALRGMYKDRYLDKPVQKDILQESFVNTMAAWVNMLLLSSTGPIKTPVGAC
ATAVESLDVGYDTIMQGKARVCLVGGFDDFQEEGSYEFANMGATSNAKEEFARGREPGEMSRPTSTTRNGFMESQGCGVQ
VIMTAQLALEMGVPIYGIVAMTSTATDKIGRSVPAPGQGVLTTAREKSGNFPSPLLDIKYRRRQLELRRQQIKQWKESEY
LYLQEEVAAIKSQRSEEDGPFDETAYLRERTEHIEREARRQEAEAQTSFGNEFWRRDSRIAPLRGALATWGLTIDDLGVA
SFHGTSTVANDKNESDVICQQLKHLGRTKGNAVLGIFQKYLTGHPKGAAGAWMLNGCLQVLNTGIVPGNRNADNVDKVME
QFDYIVYPSRSIKTDGIKAFSVTSFGFGQKGAQAIGVHPKYLFATLDKAQYEAYCVKVQARQKKAYRFFHNGLINNKLFV
AKDKAPYEDRIQSKVFLNPQSRVTQESNGELKFPAEPVTPTGDKKQSGTQTPSESDAASAEQTQRTLEALAATAASPASR
VGVDVESVDSINIDNEEFISRNFTEREQAYCRRAPNPRASFAGRWTAKEAIFKSLGVASKGAGAAMREIEVINDANGAPE
VHLHGAAAEAAKQAGVKTVNVSISHGDLQAVAVAVSRT
;
A,B,C,D,E,F
2 'polypeptide(L)'
;QSLRPLVLTHGSLEFSFLVPTSLHFQAAQLKDSFLATLPQPTEELAQDDEPSSVVELVARYIAFVAHEVDEGDEDAHPTN
LEVLKLILNEFERAFMRGNDVHAIAANVAGITAKKIGVVRAYYAGRAAAGRAPKPYDSALFRAAAENNVKIYSIFGGQGN
IEEYFDELREIYTTYPSFVEDLITSIAELLQSLAREWDAVKQYPKGLDILQWLHNPESQPDTDYLVSAPVSFPLIGLVQL
AHYMITCKTLGREPGELLERFSGTTGHSQGIVVAAAIATARTWDEFATAAKRAVELLFWIGLRSQQAYPRTSLAPSTLQD
SVENGEGTPTPMLSIRDLTRSAVQEHIDATNQHLPEDRHIGISLVNSARNFVVTGPPISLYGLNLRLRKVKAPTGLDQNR
IPFTQRKARFVNRFLPITAPFHSPYLAGAHAHILGDVDDMKIPASSLVIPVYDTKTGQDLRELGDEDIIPELVRMITYDP
VNWETATVFPDATHIVDFGPGGVSGIGVLTNRNKDGTGVRVILAGAIDGTNTEVGYKPELFDRDDNAVQFAVDWVKEHGP
RLVKTSVGQTFVDTKMSRLLGVPPVMVAGMTPTTVPWDFVAATMNAGYHIELAGGGYYNAQKMSDAISKIEKAIPPGRGI
TVNLIYVNPRAMGWQIPLLGRLRADGVPIEGLTIGAGVPSIEVANEYIQTLGIRHISFKPGSVDAIQQVINIAKANPTFP
IILQWTGGRGGGHHSFEDFHQPILLMYSRIRKCSNIVLVAGSGFGGSEDTYPYLTGSWSTKFGYPPMPFDGCMFGSRMMT
AKEAHTSKQAKQAIVDAPGVDDDQWENTYKRPTGGVITVLSEMGEPIHKLATRGVLFWKELDDKIFSLDRSKRVAELKKR
RDYIIKKLNDDFQKVWFGRNSAGEPVDLEDMTYAEVVHRMVELMYVKHEKRWIDPSLKKLTGDFIRRVEERFTSVEGQPS
LLQNYSDLDEPYPAVDRILAAYPEASTQLINAQDVQHFLLLCQRRGQKPVPFVPALDENFEYWFKKDSLWQSEDIEAVYG
QDVGRTCILQGPVAAKYSKVIDEPIKDILDGIHNDHIKFLLRDLYDGKEENVPVIEYFGGRILKATDEEPDIDGLTASRD
ANKISYRLSNAPSANLPDVDSFMQLIAGNSYSWRHAMFTTEVFVQGHRFQTNPLKRLFAPTRGMYVEITNPDDPAKTVIS
VREPSQSAKLVKTVEIKLVGDNEIALTLFEGRTAEGGVVPLTFRFTYHPEAGYAPIREVMEGRNDRIKEFYYRVWFAEKE
VPFDTPLTAVFDGGREIVNAQAVADFVHAVGNTGEAFVDRGKDFFAPMDFAIVVGWKAITKPIFPRKIDGDLLKLVHLSN
GYRMVPGAEPLKVGDVLDTTAQINAVINQDSGKMVEVCGTLKRDGKPVMYVTSQFLYRGVYTDYENTFQRKDEVPMQLHI
ATPQDLAVLRSKEWFKLDDQHDIELLGQTLVFRLQSLVRFKNKNVYSSVQTIGQVLLELPTKEIIQVASVDYEAGESHGN
PVIDYLQRHGSSIEQPVNFENPIPLSGKTPLELRAPASNENYARVSGDYNPIHVSRVFSSYANLPGTITHGMYTSAAVRS
LVETWAAENNIGRVRSYHVNMVGMVLPNDAITVKLEHVGMIAGRKIIKVDARNKDTDESVLQGEAEVEQPVTAYVFTGQG
SQEQGMGMDLYATSPVAKEVWDRADKHFRENYGFSIIDIVKNNPKELTVHFGGPRGKIIRQNYMSMTFETVNADGSIKTE
KIFKEVDENSTSYTYRSPSGLLSATQFTQPALTLMEKASFEDMRSKGLVQRDSTFAGHSLGEYSALVALADVMPIESLVS
VVFYRGLTMQVAVERDEQGRSNYAMCAVNPSRISPTFTEQALQYVVENIAEVTGWLLEIVNYNVANMQYVAAGDLRALDT
LANVLNILKMQKIDIQALMQSMSLEDVRAHLVEIIQECRKQTEAKPQPVQLERGFATIPLRGIDVPFHSTFLRSGVKPFR
SFLLKKINKTTIDPSKLIGKYIPNVTAKPFEISKEYFEEVHRLTGSPKIANILANWDKYE
;
G,H,I,J,K,L
#
# COMPACT_ATOMS: atom_id res chain seq x y z
N MET A 1 -87.92 -84.72 23.45
CA MET A 1 -87.77 -83.99 22.19
C MET A 1 -88.70 -82.78 22.14
N ARG A 2 -89.25 -82.41 23.29
CA ARG A 2 -90.03 -81.18 23.39
C ARG A 2 -89.03 -80.02 23.48
N PRO A 3 -89.16 -79.02 22.59
CA PRO A 3 -88.27 -77.84 22.62
C PRO A 3 -88.35 -77.08 23.94
N GLU A 4 -89.57 -76.83 24.42
CA GLU A 4 -89.79 -76.17 25.70
C GLU A 4 -89.08 -76.90 26.84
N VAL A 5 -89.09 -78.22 26.75
CA VAL A 5 -88.49 -79.09 27.75
C VAL A 5 -86.96 -79.09 27.67
N GLU A 6 -86.44 -79.35 26.46
CA GLU A 6 -85.00 -79.38 26.23
C GLU A 6 -84.34 -78.13 26.76
N GLN A 7 -85.04 -77.01 26.67
CA GLN A 7 -84.55 -75.75 27.21
C GLN A 7 -84.36 -75.82 28.73
N GLU A 8 -85.48 -75.94 29.46
CA GLU A 8 -85.42 -75.91 30.91
C GLU A 8 -84.48 -76.96 31.47
N LEU A 9 -84.23 -78.01 30.69
CA LEU A 9 -83.28 -79.04 31.08
C LEU A 9 -81.83 -78.56 30.97
N ALA A 10 -81.36 -78.39 29.74
CA ALA A 10 -80.00 -77.91 29.51
C ALA A 10 -79.71 -76.70 30.38
N TYR A 11 -80.74 -75.89 30.61
CA TYR A 11 -80.65 -74.72 31.47
C TYR A 11 -80.14 -75.09 32.86
N THR A 12 -80.94 -75.83 33.60
CA THR A 12 -80.58 -76.13 34.99
C THR A 12 -79.34 -77.00 35.05
N LEU A 13 -79.13 -77.82 34.04
CA LEU A 13 -77.90 -78.64 33.97
C LEU A 13 -76.69 -77.73 33.88
N LEU A 14 -76.79 -76.74 33.00
CA LEU A 14 -75.78 -75.70 32.90
C LEU A 14 -75.66 -74.95 34.23
N VAL A 15 -76.78 -74.42 34.72
CA VAL A 15 -76.79 -73.62 35.94
C VAL A 15 -76.11 -74.35 37.08
N GLU A 16 -76.38 -75.64 37.18
CA GLU A 16 -75.78 -76.46 38.22
C GLU A 16 -74.30 -76.71 37.89
N LEU A 17 -74.02 -77.09 36.64
CA LEU A 17 -72.65 -77.42 36.24
C LEU A 17 -71.65 -76.32 36.60
N LEU A 18 -72.03 -75.08 36.31
CA LEU A 18 -71.22 -73.93 36.66
C LEU A 18 -71.14 -73.77 38.18
N ALA A 19 -72.31 -73.73 38.81
CA ALA A 19 -72.39 -73.51 40.24
C ALA A 19 -71.40 -74.37 41.02
N TYR A 20 -71.37 -75.67 40.75
CA TYR A 20 -70.57 -76.59 41.54
C TYR A 20 -69.12 -76.67 41.09
N GLN A 21 -68.78 -75.95 40.02
CA GLN A 21 -67.41 -75.95 39.53
C GLN A 21 -66.40 -75.48 40.58
N PHE A 22 -66.83 -74.55 41.44
CA PHE A 22 -66.05 -74.16 42.61
C PHE A 22 -65.42 -75.37 43.27
N ALA A 23 -66.28 -76.31 43.63
CA ALA A 23 -65.95 -77.36 44.59
C ALA A 23 -65.68 -78.71 43.97
N MET A 24 -65.44 -78.74 42.66
CA MET A 24 -65.08 -79.98 42.00
C MET A 24 -63.70 -79.81 41.44
N PRO A 25 -62.85 -80.84 41.55
CA PRO A 25 -61.56 -80.75 40.88
C PRO A 25 -61.72 -80.57 39.37
N VAL A 26 -60.71 -80.00 38.73
CA VAL A 26 -60.76 -79.73 37.30
C VAL A 26 -60.07 -80.86 36.55
N ARG A 27 -60.87 -81.75 35.96
CA ARG A 27 -60.32 -82.91 35.27
C ARG A 27 -59.92 -82.56 33.85
N TRP A 28 -58.87 -81.75 33.71
CA TRP A 28 -58.43 -81.30 32.40
C TRP A 28 -57.80 -82.42 31.59
N ILE A 29 -57.37 -83.47 32.28
CA ILE A 29 -56.84 -84.62 31.57
C ILE A 29 -57.90 -85.22 30.67
N GLU A 30 -58.97 -85.72 31.27
CA GLU A 30 -60.02 -86.42 30.57
C GLU A 30 -60.71 -85.52 29.55
N THR A 31 -60.71 -84.22 29.83
CA THR A 31 -61.25 -83.24 28.91
C THR A 31 -60.35 -83.17 27.68
N GLN A 32 -59.05 -83.11 27.92
CA GLN A 32 -58.05 -83.10 26.85
C GLN A 32 -58.16 -84.36 26.00
N ASP A 33 -58.53 -85.45 26.65
CA ASP A 33 -58.57 -86.74 25.99
C ASP A 33 -59.80 -86.92 25.12
N VAL A 34 -60.90 -86.25 25.47
CA VAL A 34 -62.10 -86.26 24.63
C VAL A 34 -61.81 -85.52 23.32
N ILE A 35 -60.91 -84.55 23.39
CA ILE A 35 -60.55 -83.76 22.24
C ILE A 35 -59.56 -84.47 21.33
N LEU A 36 -58.59 -85.13 21.94
CA LEU A 36 -57.53 -85.79 21.18
C LEU A 36 -57.87 -87.20 20.71
N ALA A 37 -58.60 -87.95 21.52
CA ALA A 37 -58.88 -89.35 21.23
C ALA A 37 -60.27 -89.61 20.65
N GLU A 38 -61.29 -89.06 21.31
CA GLU A 38 -62.68 -89.33 20.95
C GLU A 38 -63.07 -88.59 19.67
N LYS A 39 -62.81 -87.28 19.62
CA LYS A 39 -63.15 -86.47 18.45
C LYS A 39 -61.95 -86.22 17.53
N ARG A 40 -60.84 -86.87 17.84
CA ARG A 40 -59.62 -86.81 17.05
C ARG A 40 -59.37 -85.51 16.29
N THR A 41 -59.29 -84.40 17.02
CA THR A 41 -59.13 -83.10 16.37
C THR A 41 -57.72 -82.90 15.83
N GLU A 42 -57.63 -82.41 14.59
CA GLU A 42 -56.35 -82.15 13.94
C GLU A 42 -55.90 -80.74 14.27
N ARG A 43 -56.79 -79.95 14.84
CA ARG A 43 -56.52 -78.55 15.05
C ARG A 43 -57.02 -78.12 16.42
N ILE A 44 -56.15 -78.23 17.42
CA ILE A 44 -56.48 -77.67 18.73
C ILE A 44 -56.13 -76.20 18.69
N VAL A 45 -57.10 -75.36 19.01
CA VAL A 45 -56.84 -73.92 19.10
C VAL A 45 -57.10 -73.40 20.50
N GLU A 46 -56.18 -72.58 20.97
CA GLU A 46 -56.23 -72.04 22.31
C GLU A 46 -56.57 -70.58 22.21
N ILE A 47 -57.29 -70.07 23.19
CA ILE A 47 -57.59 -68.64 23.21
C ILE A 47 -57.31 -68.02 24.57
N GLY A 48 -56.32 -67.14 24.61
CA GLY A 48 -55.91 -66.47 25.83
C GLY A 48 -54.68 -65.62 25.58
N PRO A 49 -54.03 -65.16 26.65
CA PRO A 49 -52.84 -64.31 26.59
C PRO A 49 -51.53 -65.09 26.53
N SER A 50 -51.57 -66.40 26.78
CA SER A 50 -50.37 -67.21 26.77
C SER A 50 -50.69 -68.59 26.22
N ASP A 51 -49.65 -69.33 25.83
CA ASP A 51 -49.85 -70.70 25.34
C ASP A 51 -49.76 -71.74 26.46
N THR A 52 -50.50 -71.50 27.53
CA THR A 52 -50.47 -72.36 28.70
C THR A 52 -51.14 -73.72 28.44
N LEU A 53 -52.33 -73.71 27.84
CA LEU A 53 -53.04 -74.94 27.49
C LEU A 53 -52.41 -75.59 26.28
N GLY A 54 -51.57 -74.84 25.59
CA GLY A 54 -50.92 -75.30 24.37
C GLY A 54 -49.76 -76.23 24.65
N GLY A 55 -48.82 -75.79 25.48
CA GLY A 55 -47.70 -76.62 25.90
C GLY A 55 -48.16 -77.66 26.89
N MET A 56 -49.44 -77.58 27.25
CA MET A 56 -50.09 -78.55 28.10
C MET A 56 -50.63 -79.69 27.24
N ALA A 57 -51.22 -79.32 26.11
CA ALA A 57 -51.73 -80.31 25.18
C ALA A 57 -50.61 -80.91 24.34
N ARG A 58 -49.48 -80.21 24.24
CA ARG A 58 -48.32 -80.76 23.56
C ARG A 58 -47.75 -81.87 24.42
N ARG A 59 -47.77 -81.64 25.73
CA ARG A 59 -47.19 -82.58 26.67
C ARG A 59 -48.01 -83.86 26.79
N THR A 60 -49.33 -83.76 26.62
CA THR A 60 -50.17 -84.94 26.63
C THR A 60 -50.03 -85.70 25.30
N LEU A 61 -49.39 -85.07 24.32
CA LEU A 61 -49.11 -85.72 23.05
C LEU A 61 -47.80 -86.50 23.12
N GLN A 62 -46.98 -86.20 24.12
CA GLN A 62 -45.69 -86.87 24.27
C GLN A 62 -45.77 -88.05 25.23
N SER A 63 -46.48 -87.87 26.33
CA SER A 63 -46.56 -88.91 27.36
C SER A 63 -47.51 -90.05 27.00
N LYS A 64 -48.67 -89.72 26.44
CA LYS A 64 -49.64 -90.75 26.08
C LYS A 64 -49.72 -91.02 24.57
N TYR A 65 -49.90 -89.96 23.78
CA TYR A 65 -50.35 -90.12 22.40
C TYR A 65 -49.26 -90.41 21.37
N GLU A 66 -48.06 -90.72 21.83
CA GLU A 66 -46.94 -90.94 20.93
C GLU A 66 -47.27 -91.98 19.86
N ALA A 67 -47.69 -93.15 20.29
CA ALA A 67 -47.98 -94.26 19.39
C ALA A 67 -49.30 -94.07 18.64
N TYR A 68 -50.32 -93.59 19.34
CA TYR A 68 -51.65 -93.43 18.74
C TYR A 68 -51.59 -92.56 17.49
N ASP A 69 -50.91 -91.42 17.59
CA ASP A 69 -50.81 -90.49 16.46
C ASP A 69 -49.98 -91.09 15.32
N ALA A 70 -48.87 -91.74 15.66
CA ALA A 70 -47.97 -92.32 14.67
C ALA A 70 -48.63 -93.48 13.91
N ALA A 71 -49.49 -94.21 14.61
CA ALA A 71 -50.22 -95.32 13.99
C ALA A 71 -51.40 -94.80 13.18
N THR A 72 -52.30 -94.06 13.84
CA THR A 72 -53.54 -93.59 13.20
C THR A 72 -53.32 -92.62 12.04
N SER A 73 -52.11 -92.11 11.91
CA SER A 73 -51.78 -91.15 10.87
C SER A 73 -52.48 -89.81 11.14
N VAL A 74 -52.78 -89.55 12.41
CA VAL A 74 -53.44 -88.30 12.83
C VAL A 74 -52.50 -87.09 12.76
N GLN A 75 -52.89 -86.10 11.97
CA GLN A 75 -52.11 -84.88 11.86
C GLN A 75 -52.63 -83.93 12.94
N ARG A 76 -51.71 -83.37 13.73
CA ARG A 76 -52.12 -82.49 14.82
C ARG A 76 -51.41 -81.12 14.81
N GLN A 77 -52.20 -80.08 15.01
CA GLN A 77 -51.73 -78.70 14.90
C GLN A 77 -52.25 -77.89 16.10
N ILE A 78 -51.35 -77.58 17.03
CA ILE A 78 -51.71 -76.83 18.23
C ILE A 78 -51.41 -75.33 18.10
N LEU A 79 -52.47 -74.52 18.12
CA LEU A 79 -52.35 -73.08 17.87
C LEU A 79 -52.81 -72.25 19.05
N CYS A 80 -51.89 -71.46 19.62
CA CYS A 80 -52.27 -70.45 20.60
C CYS A 80 -52.70 -69.18 19.87
N TYR A 81 -53.49 -68.34 20.52
CA TYR A 81 -53.94 -67.10 19.88
C TYR A 81 -52.78 -66.14 19.60
N CYS A 82 -52.03 -65.84 20.65
CA CYS A 82 -50.90 -64.90 20.58
C CYS A 82 -49.83 -65.38 19.60
N LYS A 83 -49.13 -66.44 19.97
CA LYS A 83 -48.00 -66.96 19.19
C LYS A 83 -48.36 -67.32 17.74
N ASP A 84 -49.27 -68.28 17.58
CA ASP A 84 -49.64 -68.79 16.26
C ASP A 84 -50.75 -67.94 15.64
N ALA A 85 -50.55 -66.63 15.64
CA ALA A 85 -51.59 -65.67 15.29
C ALA A 85 -52.14 -65.83 13.86
N LYS A 86 -51.25 -65.85 12.88
CA LYS A 86 -51.67 -65.76 11.49
C LYS A 86 -52.28 -67.04 10.94
N GLU A 87 -51.89 -68.18 11.47
CA GLU A 87 -52.39 -69.44 10.96
C GLU A 87 -53.83 -69.66 11.33
N ILE A 88 -54.28 -68.94 12.36
CA ILE A 88 -55.67 -69.00 12.77
C ILE A 88 -56.53 -68.28 11.75
N TYR A 89 -56.06 -67.10 11.36
CA TYR A 89 -56.81 -66.20 10.48
C TYR A 89 -56.55 -66.48 8.99
N TYR A 90 -55.89 -67.59 8.71
CA TYR A 90 -55.57 -67.97 7.33
C TYR A 90 -54.92 -66.84 6.54
N ASP A 91 -53.92 -66.18 7.13
CA ASP A 91 -53.20 -65.11 6.46
C ASP A 91 -51.76 -65.51 6.15
N VAL A 92 -51.48 -65.75 4.87
CA VAL A 92 -50.11 -66.00 4.42
C VAL A 92 -49.78 -65.09 3.24
N GLU A 93 -48.48 -64.91 2.97
CA GLU A 93 -48.01 -64.14 1.82
C GLU A 93 -47.64 -65.07 0.66
N PRO A 94 -47.77 -64.56 -0.59
CA PRO A 94 -47.52 -65.30 -1.84
C PRO A 94 -46.09 -65.84 -2.00
N ILE A 325 -6.19 -23.89 -6.23
CA ILE A 325 -6.60 -22.62 -6.87
C ILE A 325 -6.40 -21.45 -5.92
N ASP A 326 -7.40 -21.24 -5.07
CA ASP A 326 -7.46 -20.07 -4.20
C ASP A 326 -6.53 -20.19 -3.00
N ALA A 327 -5.67 -21.21 -3.02
CA ALA A 327 -4.60 -21.33 -2.03
C ALA A 327 -3.49 -20.36 -2.40
N LEU A 328 -3.23 -20.29 -3.71
CA LEU A 328 -2.24 -19.38 -4.28
C LEU A 328 -2.73 -17.93 -4.25
N THR A 329 -3.90 -17.71 -3.65
CA THR A 329 -4.44 -16.35 -3.47
C THR A 329 -5.08 -16.13 -2.09
N LYS A 330 -5.33 -17.21 -1.34
CA LYS A 330 -5.79 -17.05 0.04
C LYS A 330 -4.67 -16.40 0.83
N ASP A 331 -3.47 -16.48 0.28
CA ASP A 331 -2.32 -15.79 0.83
C ASP A 331 -2.51 -14.29 0.65
N GLN A 332 -2.85 -13.91 -0.59
CA GLN A 332 -3.18 -12.53 -0.92
C GLN A 332 -4.19 -11.99 0.08
N ARG A 333 -5.38 -12.56 0.03
CA ARG A 333 -6.49 -12.17 0.90
C ARG A 333 -5.99 -11.90 2.30
N ALA A 334 -5.50 -12.95 2.96
CA ALA A 334 -5.00 -12.84 4.32
C ALA A 334 -4.16 -11.58 4.48
N LEU A 335 -3.29 -11.34 3.51
CA LEU A 335 -2.45 -10.15 3.50
C LEU A 335 -3.27 -8.86 3.53
N PHE A 336 -4.07 -8.66 2.49
CA PHE A 336 -4.83 -7.43 2.37
C PHE A 336 -5.73 -7.25 3.58
N LYS A 337 -6.32 -8.33 4.08
CA LYS A 337 -7.22 -8.20 5.21
C LYS A 337 -6.53 -7.58 6.39
N GLN A 338 -5.26 -7.95 6.61
CA GLN A 338 -4.49 -7.32 7.68
C GLN A 338 -4.23 -5.88 7.32
N GLN A 339 -3.85 -5.67 6.07
CA GLN A 339 -3.56 -4.32 5.58
C GLN A 339 -4.74 -3.38 5.84
N LEU A 340 -5.95 -3.93 5.75
CA LEU A 340 -7.18 -3.20 6.00
C LEU A 340 -7.21 -2.84 7.47
N GLU A 341 -7.02 -3.84 8.31
CA GLU A 341 -7.11 -3.65 9.75
C GLU A 341 -6.23 -2.51 10.22
N ILE A 342 -5.07 -2.34 9.58
CA ILE A 342 -4.10 -1.37 10.03
C ILE A 342 -4.53 0.03 9.70
N ILE A 343 -5.07 0.17 8.51
CA ILE A 343 -5.61 1.43 8.07
C ILE A 343 -6.68 1.78 9.06
N ALA A 344 -7.60 0.85 9.28
CA ALA A 344 -8.66 1.03 10.26
C ALA A 344 -8.08 1.57 11.57
N ARG A 345 -7.10 0.86 12.12
CA ARG A 345 -6.53 1.21 13.42
C ARG A 345 -5.95 2.61 13.38
N TYR A 346 -5.44 3.00 12.21
CA TYR A 346 -4.81 4.28 12.07
C TYR A 346 -5.85 5.39 11.97
N LEU A 347 -6.97 5.07 11.35
CA LEU A 347 -8.07 6.03 11.19
C LEU A 347 -8.91 6.06 12.44
N LYS A 348 -8.56 5.22 13.40
CA LYS A 348 -9.27 5.16 14.66
C LYS A 348 -10.74 4.87 14.43
N MET A 349 -11.03 3.88 13.61
CA MET A 349 -12.42 3.51 13.38
C MET A 349 -12.66 2.03 13.66
N ASP A 350 -13.56 1.75 14.58
CA ASP A 350 -13.91 0.36 14.89
C ASP A 350 -14.68 -0.24 13.74
N LEU A 351 -14.12 -1.26 13.11
CA LEU A 351 -14.74 -1.85 11.93
C LEU A 351 -16.02 -2.57 12.31
N ARG A 352 -15.98 -3.34 13.40
CA ARG A 352 -17.09 -4.19 13.74
C ARG A 352 -18.03 -3.57 14.77
N ALA A 353 -17.89 -2.26 14.96
CA ALA A 353 -18.76 -1.53 15.88
C ALA A 353 -20.19 -1.47 15.39
N GLY A 354 -20.37 -1.78 14.12
CA GLY A 354 -21.69 -1.84 13.54
C GLY A 354 -22.40 -3.08 14.04
N ASP A 355 -21.73 -4.22 13.94
CA ASP A 355 -22.32 -5.49 14.33
C ASP A 355 -22.46 -5.56 15.83
N LYS A 356 -21.58 -4.87 16.52
CA LYS A 356 -21.60 -4.88 17.98
C LYS A 356 -22.91 -4.29 18.46
N ALA A 357 -23.22 -3.10 17.98
CA ALA A 357 -24.44 -2.42 18.38
C ALA A 357 -25.70 -3.17 17.92
N PHE A 358 -25.58 -3.89 16.81
CA PHE A 358 -26.68 -4.68 16.28
C PHE A 358 -27.03 -5.79 17.23
N VAL A 359 -26.05 -6.64 17.50
CA VAL A 359 -26.22 -7.71 18.46
C VAL A 359 -26.97 -7.20 19.68
N ALA A 360 -26.43 -6.12 20.25
CA ALA A 360 -26.98 -5.51 21.46
C ALA A 360 -28.47 -5.20 21.38
N SER A 361 -28.88 -4.44 20.37
CA SER A 361 -30.28 -4.05 20.26
C SER A 361 -31.15 -5.27 19.97
N GLN A 362 -30.56 -6.31 19.42
CA GLN A 362 -31.30 -7.53 19.17
C GLN A 362 -31.45 -8.41 20.41
N GLU A 363 -30.88 -7.95 21.53
CA GLU A 363 -31.10 -8.62 22.80
C GLU A 363 -32.22 -7.90 23.54
N SER A 364 -32.24 -6.57 23.40
CA SER A 364 -33.30 -5.78 23.96
C SER A 364 -34.60 -6.11 23.24
N GLN A 365 -34.50 -6.41 21.95
CA GLN A 365 -35.66 -6.77 21.13
C GLN A 365 -36.22 -8.15 21.51
N LYS A 366 -35.46 -8.91 22.29
CA LYS A 366 -35.95 -10.18 22.81
C LYS A 366 -36.70 -9.96 24.11
N ALA A 367 -36.26 -8.98 24.89
CA ALA A 367 -36.90 -8.69 26.17
C ALA A 367 -38.31 -8.15 25.94
N LEU A 368 -38.49 -7.38 24.86
CA LEU A 368 -39.80 -6.87 24.49
C LEU A 368 -40.70 -8.01 24.08
N GLN A 369 -40.33 -8.66 22.98
CA GLN A 369 -41.08 -9.80 22.48
C GLN A 369 -41.38 -10.78 23.63
N ALA A 370 -40.48 -10.84 24.60
CA ALA A 370 -40.71 -11.66 25.78
C ALA A 370 -41.94 -11.17 26.53
N GLN A 371 -41.89 -9.93 27.00
CA GLN A 371 -43.01 -9.35 27.73
C GLN A 371 -44.29 -9.34 26.89
N LEU A 372 -44.16 -8.91 25.64
CA LEU A 372 -45.31 -8.83 24.76
C LEU A 372 -45.90 -10.21 24.52
N ASP A 373 -45.13 -11.25 24.79
CA ASP A 373 -45.63 -12.60 24.59
C ASP A 373 -46.45 -13.03 25.79
N LEU A 374 -46.28 -12.30 26.88
CA LEU A 374 -47.07 -12.53 28.08
C LEU A 374 -48.51 -12.07 27.90
N TRP A 375 -48.66 -10.80 27.55
CA TRP A 375 -49.95 -10.21 27.22
C TRP A 375 -50.71 -11.11 26.26
N GLN A 376 -50.03 -11.55 25.21
CA GLN A 376 -50.62 -12.39 24.17
C GLN A 376 -51.18 -13.67 24.72
N ALA A 377 -50.61 -14.15 25.82
CA ALA A 377 -50.96 -15.46 26.35
C ALA A 377 -52.03 -15.38 27.41
N GLU A 378 -52.09 -14.24 28.08
CA GLU A 378 -53.04 -14.06 29.16
C GLU A 378 -54.37 -13.55 28.65
N HIS A 379 -54.43 -13.21 27.37
CA HIS A 379 -55.64 -12.58 26.87
C HIS A 379 -56.17 -13.19 25.56
N GLY A 380 -55.27 -13.69 24.72
CA GLY A 380 -55.66 -14.22 23.43
C GLY A 380 -55.91 -13.18 22.37
N ASP A 381 -56.00 -13.63 21.12
CA ASP A 381 -56.02 -12.71 19.97
C ASP A 381 -57.24 -11.86 19.86
N ILE A 382 -58.38 -12.55 19.84
CA ILE A 382 -59.66 -11.90 19.59
C ILE A 382 -59.82 -10.74 20.55
N TYR A 383 -59.36 -10.95 21.78
CA TYR A 383 -59.33 -9.91 22.80
C TYR A 383 -58.37 -8.83 22.34
N ALA A 384 -57.15 -9.24 22.07
CA ALA A 384 -56.11 -8.33 21.67
C ALA A 384 -56.66 -7.39 20.62
N ALA A 385 -57.20 -7.97 19.56
CA ALA A 385 -57.72 -7.19 18.46
C ALA A 385 -58.82 -6.24 18.95
N GLY A 386 -59.68 -6.76 19.81
CA GLY A 386 -60.87 -6.04 20.24
C GLY A 386 -60.68 -4.88 21.20
N ILE A 387 -59.45 -4.59 21.58
CA ILE A 387 -59.20 -3.49 22.48
C ILE A 387 -58.48 -2.33 21.80
N GLU A 388 -58.08 -2.55 20.55
CA GLU A 388 -57.39 -1.51 19.80
C GLU A 388 -58.34 -0.35 19.66
N PRO A 389 -57.87 0.85 20.04
CA PRO A 389 -58.62 2.10 19.90
C PRO A 389 -59.08 2.31 18.46
N ALA A 390 -60.19 3.03 18.28
CA ALA A 390 -60.77 3.23 16.96
C ALA A 390 -61.40 4.61 16.78
N PHE A 391 -61.63 5.30 17.90
CA PHE A 391 -62.27 6.59 17.83
C PHE A 391 -61.32 7.66 17.31
N ASP A 392 -61.82 8.44 16.35
CA ASP A 392 -61.03 9.50 15.73
C ASP A 392 -61.90 10.67 15.23
N PRO A 393 -61.84 11.82 15.92
CA PRO A 393 -62.61 13.04 15.62
C PRO A 393 -62.70 13.37 14.14
N LEU A 394 -61.67 13.04 13.38
CA LEU A 394 -61.62 13.43 11.98
C LEU A 394 -62.52 12.56 11.11
N LYS A 395 -62.98 11.45 11.67
CA LYS A 395 -63.85 10.56 10.93
C LYS A 395 -65.29 10.86 11.21
N ALA A 396 -65.53 11.61 12.29
CA ALA A 396 -66.89 11.96 12.72
C ALA A 396 -67.70 12.62 11.61
N ARG A 397 -68.83 12.01 11.27
CA ARG A 397 -69.68 12.57 10.22
C ARG A 397 -70.98 13.08 10.81
N VAL A 398 -71.37 14.28 10.38
CA VAL A 398 -72.49 15.02 10.97
C VAL A 398 -73.64 15.17 9.99
N TYR A 399 -74.82 14.73 10.38
CA TYR A 399 -76.02 14.86 9.55
C TYR A 399 -77.03 15.77 10.25
N ASP A 400 -77.26 16.95 9.68
CA ASP A 400 -78.11 17.96 10.32
C ASP A 400 -79.02 18.73 9.35
N SER A 401 -79.01 18.34 8.08
CA SER A 401 -79.73 19.07 7.05
C SER A 401 -81.18 18.61 6.90
N SER A 402 -81.95 18.67 7.99
CA SER A 402 -83.35 18.28 7.95
C SER A 402 -84.08 18.97 6.80
N TRP A 403 -83.86 20.27 6.68
CA TRP A 403 -84.56 21.08 5.69
C TRP A 403 -84.56 20.47 4.31
N ASN A 404 -83.37 20.26 3.76
CA ASN A 404 -83.26 19.76 2.40
C ASN A 404 -83.92 18.41 2.20
N TRP A 405 -83.80 17.52 3.19
CA TRP A 405 -84.38 16.19 3.05
C TRP A 405 -85.89 16.25 3.03
N ALA A 406 -86.45 17.19 3.76
CA ALA A 406 -87.88 17.38 3.78
C ALA A 406 -88.43 17.54 2.36
N ARG A 407 -87.96 18.60 1.70
CA ARG A 407 -88.36 18.92 0.35
C ARG A 407 -88.19 17.73 -0.56
N GLN A 408 -87.22 16.91 -0.25
CA GLN A 408 -86.98 15.73 -1.04
C GLN A 408 -88.10 14.74 -0.84
N ASP A 409 -88.34 14.40 0.43
CA ASP A 409 -89.33 13.39 0.79
C ASP A 409 -90.69 13.89 0.36
N ALA A 410 -90.86 15.19 0.50
CA ALA A 410 -92.04 15.87 0.02
C ALA A 410 -92.23 15.56 -1.46
N LEU A 411 -91.37 16.16 -2.29
CA LEU A 411 -91.46 15.99 -3.73
C LEU A 411 -91.41 14.52 -4.10
N SER A 412 -90.78 13.72 -3.25
CA SER A 412 -90.64 12.30 -3.49
C SER A 412 -92.00 11.64 -3.36
N MET A 413 -92.76 12.07 -2.35
CA MET A 413 -94.04 11.46 -2.05
C MET A 413 -95.09 11.83 -3.11
N TYR A 414 -95.06 13.09 -3.53
CA TYR A 414 -95.95 13.57 -4.58
C TYR A 414 -95.96 12.59 -5.76
N TYR A 415 -94.78 12.33 -6.32
CA TYR A 415 -94.68 11.45 -7.48
C TYR A 415 -95.00 10.01 -7.10
N ASP A 416 -94.87 9.70 -5.82
CA ASP A 416 -95.14 8.35 -5.35
C ASP A 416 -96.61 8.04 -5.49
N ILE A 417 -97.42 9.00 -5.12
CA ILE A 417 -98.85 8.86 -5.21
C ILE A 417 -99.29 8.71 -6.66
N ILE A 418 -98.79 9.61 -7.49
CA ILE A 418 -99.17 9.68 -8.89
C ILE A 418 -98.87 8.41 -9.68
N PHE A 419 -97.92 7.61 -9.18
CA PHE A 419 -97.53 6.38 -9.85
C PHE A 419 -98.20 5.17 -9.21
N GLY A 420 -98.76 5.38 -8.02
CA GLY A 420 -99.44 4.30 -7.33
C GLY A 420 -98.50 3.42 -6.55
N ARG A 421 -97.36 3.97 -6.13
CA ARG A 421 -96.47 3.32 -5.18
C ARG A 421 -97.10 3.44 -3.79
N LEU A 422 -97.92 4.45 -3.64
CA LEU A 422 -98.66 4.67 -2.40
C LEU A 422 -100.16 4.75 -2.64
N ARG A 423 -100.90 3.91 -1.92
CA ARG A 423 -102.35 4.02 -1.88
C ARG A 423 -102.74 4.60 -0.53
N VAL A 424 -103.93 5.21 -0.43
CA VAL A 424 -104.31 5.88 0.82
C VAL A 424 -104.54 4.85 1.92
N VAL A 425 -104.53 3.58 1.51
CA VAL A 425 -104.51 2.44 2.42
C VAL A 425 -103.27 2.48 3.31
N ASP A 426 -102.14 2.07 2.73
CA ASP A 426 -100.83 1.97 3.38
C ASP A 426 -100.58 2.97 4.52
N ARG A 427 -100.37 2.43 5.72
CA ARG A 427 -100.04 3.25 6.87
C ARG A 427 -98.81 4.08 6.53
N GLU A 428 -98.08 3.62 5.52
CA GLU A 428 -96.87 4.28 5.08
C GLU A 428 -97.08 5.76 4.80
N ILE A 429 -98.05 6.06 3.94
CA ILE A 429 -98.33 7.46 3.56
C ILE A 429 -98.46 8.31 4.82
N VAL A 430 -99.04 7.72 5.85
CA VAL A 430 -99.19 8.39 7.11
C VAL A 430 -97.82 8.68 7.69
N SER A 431 -97.07 7.62 7.94
CA SER A 431 -95.74 7.73 8.50
C SER A 431 -95.00 8.85 7.80
N GLN A 432 -94.87 8.74 6.49
CA GLN A 432 -94.13 9.74 5.73
C GLN A 432 -94.66 11.16 6.01
N CYS A 433 -95.98 11.32 5.97
CA CYS A 433 -96.62 12.60 6.22
C CYS A 433 -96.19 13.19 7.55
N ILE A 434 -96.10 12.34 8.57
CA ILE A 434 -95.78 12.80 9.92
C ILE A 434 -94.40 13.41 9.94
N GLN A 435 -93.48 12.76 9.24
CA GLN A 435 -92.11 13.22 9.18
C GLN A 435 -92.04 14.58 8.51
N ILE A 436 -92.76 14.70 7.40
CA ILE A 436 -92.77 15.95 6.69
C ILE A 436 -93.30 17.08 7.59
N MET A 437 -94.28 16.76 8.43
CA MET A 437 -94.79 17.73 9.38
C MET A 437 -93.71 18.04 10.41
N ASN A 438 -92.97 17.00 10.78
CA ASN A 438 -91.95 17.11 11.81
C ASN A 438 -90.87 18.11 11.42
N ARG A 439 -90.67 18.31 10.12
CA ARG A 439 -89.76 19.34 9.67
C ARG A 439 -90.52 20.41 8.93
N SER A 440 -91.39 21.13 9.63
CA SER A 440 -92.18 22.17 8.98
C SER A 440 -91.44 23.50 8.92
N ASN A 441 -91.13 23.94 7.71
CA ASN A 441 -90.51 25.24 7.47
C ASN A 441 -91.41 26.11 6.64
N PRO A 442 -91.28 27.44 6.79
CA PRO A 442 -92.03 28.37 5.95
C PRO A 442 -91.72 28.08 4.50
N LEU A 443 -90.43 27.91 4.24
CA LEU A 443 -89.92 27.66 2.90
C LEU A 443 -90.42 26.32 2.38
N LEU A 444 -90.62 25.36 3.30
CA LEU A 444 -91.18 24.07 2.92
C LEU A 444 -92.59 24.23 2.38
N LEU A 445 -93.40 25.00 3.08
CA LEU A 445 -94.77 25.25 2.66
C LEU A 445 -94.86 25.78 1.23
N GLU A 446 -94.07 26.82 0.94
CA GLU A 446 -94.07 27.39 -0.40
C GLU A 446 -93.86 26.29 -1.42
N PHE A 447 -92.75 25.56 -1.24
CA PHE A 447 -92.35 24.44 -2.08
C PHE A 447 -93.46 23.37 -2.13
N MET A 448 -94.13 23.16 -1.00
CA MET A 448 -95.28 22.27 -0.94
C MET A 448 -96.38 22.77 -1.88
N GLN A 449 -96.87 23.97 -1.62
CA GLN A 449 -98.02 24.50 -2.34
C GLN A 449 -97.80 24.59 -3.83
N TYR A 450 -96.70 25.18 -4.25
CA TYR A 450 -96.46 25.30 -5.69
C TYR A 450 -96.73 23.98 -6.41
N HIS A 451 -96.11 22.91 -5.94
CA HIS A 451 -96.22 21.61 -6.62
C HIS A 451 -97.63 21.05 -6.54
N ILE A 452 -98.39 21.51 -5.55
CA ILE A 452 -99.77 21.07 -5.41
C ILE A 452 -100.70 21.92 -6.28
N ASP A 453 -100.49 23.23 -6.28
CA ASP A 453 -101.30 24.16 -7.06
C ASP A 453 -101.27 23.78 -8.53
N HIS A 454 -100.07 23.79 -9.10
CA HIS A 454 -99.92 23.55 -10.53
C HIS A 454 -100.03 22.08 -10.90
N CYS A 455 -100.45 21.26 -9.93
CA CYS A 455 -100.72 19.83 -10.15
C CYS A 455 -101.81 19.67 -11.21
N PRO A 456 -101.48 18.95 -12.31
CA PRO A 456 -102.43 18.61 -13.37
C PRO A 456 -103.35 17.47 -12.93
N THR A 457 -104.60 17.78 -12.66
CA THR A 457 -105.55 16.81 -12.15
C THR A 457 -106.29 16.12 -13.29
N GLU A 458 -106.29 16.80 -14.43
CA GLU A 458 -106.95 16.36 -15.63
C GLU A 458 -106.11 15.31 -16.36
N ARG A 459 -105.62 14.32 -15.62
CA ARG A 459 -104.84 13.25 -16.22
C ARG A 459 -105.21 11.88 -15.66
N GLY A 460 -105.39 11.83 -14.35
CA GLY A 460 -105.68 10.58 -13.68
C GLY A 460 -106.25 10.80 -12.29
N GLU A 461 -106.86 9.75 -11.75
CA GLU A 461 -107.46 9.81 -10.43
C GLU A 461 -106.35 10.07 -9.42
N THR A 462 -105.18 9.54 -9.73
CA THR A 462 -104.00 9.67 -8.88
C THR A 462 -103.51 11.11 -8.74
N TYR A 463 -103.46 11.85 -9.85
CA TYR A 463 -103.06 13.25 -9.82
C TYR A 463 -103.99 14.04 -8.91
N GLN A 464 -105.27 13.67 -8.97
CA GLN A 464 -106.29 14.25 -8.12
C GLN A 464 -106.04 13.84 -6.67
N LEU A 465 -106.05 12.52 -6.45
CA LEU A 465 -105.79 11.91 -5.14
C LEU A 465 -104.55 12.51 -4.50
N ALA A 466 -103.59 12.87 -5.33
CA ALA A 466 -102.40 13.57 -4.89
C ALA A 466 -102.80 14.96 -4.41
N LYS A 467 -103.23 15.79 -5.35
CA LYS A 467 -103.59 17.17 -5.03
C LYS A 467 -104.44 17.29 -3.77
N GLU A 468 -105.33 16.32 -3.54
CA GLU A 468 -106.15 16.31 -2.33
C GLU A 468 -105.26 16.09 -1.12
N LEU A 469 -104.72 14.88 -0.99
CA LEU A 469 -103.87 14.51 0.14
C LEU A 469 -102.79 15.56 0.36
N GLY A 470 -102.39 16.20 -0.74
CA GLY A 470 -101.40 17.25 -0.70
C GLY A 470 -101.90 18.44 0.09
N GLN A 471 -103.00 19.02 -0.37
CA GLN A 471 -103.56 20.19 0.29
C GLN A 471 -103.86 19.88 1.75
N GLN A 472 -104.36 18.67 2.00
CA GLN A 472 -104.59 18.22 3.37
C GLN A 472 -103.32 18.42 4.17
N LEU A 473 -102.24 17.83 3.68
CA LEU A 473 -100.95 17.90 4.37
C LEU A 473 -100.45 19.34 4.53
N ILE A 474 -100.55 20.13 3.46
CA ILE A 474 -100.06 21.51 3.50
C ILE A 474 -100.72 22.29 4.63
N GLU A 475 -101.99 21.98 4.87
CA GLU A 475 -102.73 22.60 5.95
C GLU A 475 -102.24 22.06 7.30
N ASN A 476 -102.11 20.74 7.39
CA ASN A 476 -101.55 20.13 8.58
C ASN A 476 -100.27 20.84 9.00
N CYS A 477 -99.29 20.84 8.10
CA CYS A 477 -97.97 21.41 8.36
C CYS A 477 -98.07 22.83 8.86
N LYS A 478 -99.11 23.54 8.43
CA LYS A 478 -99.30 24.92 8.84
C LYS A 478 -99.58 25.01 10.33
N GLU A 479 -100.40 24.09 10.83
CA GLU A 479 -100.79 24.11 12.24
C GLU A 479 -99.77 23.45 13.15
N VAL A 480 -98.63 23.08 12.58
CA VAL A 480 -97.56 22.44 13.35
C VAL A 480 -96.33 23.32 13.44
N LEU A 481 -96.22 24.31 12.55
CA LEU A 481 -95.07 25.20 12.50
C LEU A 481 -94.68 25.72 13.87
N GLY A 482 -93.46 25.43 14.31
CA GLY A 482 -92.99 25.82 15.62
C GLY A 482 -93.20 24.75 16.69
N LYS A 483 -94.38 24.15 16.64
CA LYS A 483 -94.76 23.10 17.58
C LYS A 483 -93.85 21.87 17.46
N PRO A 484 -93.16 21.53 18.57
CA PRO A 484 -92.25 20.38 18.77
C PRO A 484 -92.69 19.10 18.04
N PRO A 485 -91.75 18.33 17.42
CA PRO A 485 -91.90 17.10 16.60
C PRO A 485 -92.16 15.85 17.41
N VAL A 486 -92.83 14.86 16.83
CA VAL A 486 -93.16 13.65 17.59
C VAL A 486 -92.84 12.32 16.92
N TYR A 487 -92.33 11.40 17.75
CA TYR A 487 -92.25 10.01 17.38
C TYR A 487 -93.63 9.38 17.58
N LYS A 488 -94.26 8.97 16.49
CA LYS A 488 -95.51 8.23 16.57
C LYS A 488 -95.43 6.97 15.71
N ASP A 489 -95.55 5.82 16.36
CA ASP A 489 -95.55 4.55 15.65
C ASP A 489 -96.95 4.23 15.11
N VAL A 490 -97.01 4.04 13.81
CA VAL A 490 -98.27 3.97 13.10
C VAL A 490 -98.40 2.61 12.42
N SER A 491 -97.37 1.79 12.58
CA SER A 491 -97.31 0.53 11.87
C SER A 491 -98.41 -0.42 12.32
N ILE A 492 -98.57 -1.51 11.58
CA ILE A 492 -99.48 -2.58 11.97
C ILE A 492 -98.77 -3.58 12.88
N PRO A 493 -99.18 -3.64 14.15
CA PRO A 493 -98.58 -4.61 15.08
C PRO A 493 -98.63 -6.03 14.50
N THR A 494 -97.47 -6.69 14.51
CA THR A 494 -97.32 -7.96 13.81
C THR A 494 -96.75 -9.06 14.72
N GLY A 495 -97.06 -10.31 14.40
CA GLY A 495 -96.62 -11.44 15.19
C GLY A 495 -95.91 -12.52 14.39
N PRO A 496 -95.52 -13.60 15.06
CA PRO A 496 -94.69 -14.65 14.47
C PRO A 496 -95.54 -15.72 13.81
N GLN A 497 -95.18 -16.12 12.59
CA GLN A 497 -95.89 -17.22 11.94
C GLN A 497 -94.96 -18.18 11.21
N THR A 498 -94.57 -19.26 11.86
CA THR A 498 -93.71 -20.25 11.25
C THR A 498 -94.51 -21.36 10.55
N THR A 499 -94.17 -21.62 9.29
CA THR A 499 -94.92 -22.54 8.44
C THR A 499 -94.02 -23.61 7.81
N ILE A 500 -94.48 -24.86 7.80
CA ILE A 500 -93.74 -25.92 7.12
C ILE A 500 -94.43 -26.38 5.83
N ASP A 501 -93.70 -26.27 4.73
CA ASP A 501 -94.18 -26.59 3.39
C ASP A 501 -94.71 -28.01 3.28
N ALA A 502 -95.49 -28.29 2.24
CA ALA A 502 -95.87 -29.66 1.92
C ALA A 502 -94.63 -30.43 1.46
N ARG A 503 -93.67 -29.70 0.90
CA ARG A 503 -92.41 -30.27 0.46
C ARG A 503 -91.27 -30.07 1.46
N GLY A 504 -91.61 -29.91 2.73
CA GLY A 504 -90.63 -29.91 3.81
C GLY A 504 -90.00 -28.57 4.10
N ASN A 505 -90.14 -27.62 3.18
CA ASN A 505 -89.55 -26.30 3.34
C ASN A 505 -90.07 -25.56 4.57
N ILE A 506 -89.14 -25.04 5.38
CA ILE A 506 -89.54 -24.26 6.53
C ILE A 506 -89.48 -22.78 6.18
N GLN A 507 -90.54 -22.06 6.49
CA GLN A 507 -90.52 -20.61 6.35
C GLN A 507 -91.13 -19.92 7.54
N TYR A 508 -90.73 -18.67 7.75
CA TYR A 508 -91.28 -17.87 8.84
C TYR A 508 -91.59 -16.47 8.32
N GLN A 509 -92.85 -16.09 8.41
CA GLN A 509 -93.27 -14.75 8.00
C GLN A 509 -93.61 -13.93 9.23
N GLU A 510 -93.92 -12.67 9.00
CA GLU A 510 -94.57 -11.88 10.03
C GLU A 510 -95.96 -11.45 9.56
N VAL A 511 -96.99 -12.01 10.20
CA VAL A 511 -98.37 -11.72 9.86
C VAL A 511 -98.93 -10.63 10.76
N PRO A 512 -99.85 -9.82 10.25
CA PRO A 512 -100.49 -8.84 11.14
C PRO A 512 -101.20 -9.57 12.26
N ARG A 513 -101.14 -9.02 13.48
CA ARG A 513 -101.88 -9.59 14.60
C ARG A 513 -103.37 -9.47 14.27
N ALA A 514 -104.08 -10.57 14.42
CA ALA A 514 -105.48 -10.62 14.00
C ALA A 514 -106.40 -9.74 14.85
N SER A 515 -105.91 -9.32 16.02
CA SER A 515 -106.73 -8.58 16.97
C SER A 515 -106.20 -7.18 17.33
N ALA A 516 -105.14 -6.74 16.67
CA ALA A 516 -104.63 -5.40 16.89
C ALA A 516 -104.29 -4.71 15.58
N ARG A 517 -104.72 -3.48 15.43
CA ARG A 517 -104.52 -2.74 14.20
C ARG A 517 -103.55 -1.59 14.42
N LYS A 518 -103.85 -0.74 15.39
CA LYS A 518 -102.98 0.38 15.74
C LYS A 518 -102.17 0.03 16.97
N PHE A 519 -101.33 0.95 17.41
CA PHE A 519 -100.51 0.74 18.59
C PHE A 519 -101.27 0.98 19.88
N GLU A 520 -102.38 1.69 19.79
CA GLU A 520 -103.25 1.82 20.94
C GLU A 520 -103.76 0.43 21.31
N HIS A 521 -104.16 -0.33 20.30
CA HIS A 521 -104.61 -1.71 20.47
C HIS A 521 -103.52 -2.53 21.11
N TYR A 522 -102.30 -2.25 20.72
CA TYR A 522 -101.14 -2.90 21.33
C TYR A 522 -101.03 -2.54 22.81
N VAL A 523 -100.89 -1.24 23.13
CA VAL A 523 -100.73 -0.82 24.52
C VAL A 523 -101.78 -1.51 25.38
N LYS A 524 -103.05 -1.35 25.01
CA LYS A 524 -104.15 -1.99 25.72
C LYS A 524 -103.92 -3.48 25.87
N GLN A 525 -103.82 -4.17 24.74
CA GLN A 525 -103.61 -5.61 24.77
C GLN A 525 -102.53 -6.03 25.75
N MET A 526 -101.48 -5.23 25.85
CA MET A 526 -100.38 -5.50 26.76
C MET A 526 -100.93 -5.38 28.19
N ALA A 527 -101.72 -4.36 28.45
CA ALA A 527 -102.25 -4.10 29.76
C ALA A 527 -103.06 -5.23 30.38
N GLU A 528 -103.95 -5.84 29.58
CA GLU A 528 -104.86 -6.84 30.09
C GLU A 528 -104.17 -8.09 30.63
N GLY A 529 -102.93 -8.30 30.19
CA GLY A 529 -102.21 -9.47 30.61
C GLY A 529 -102.91 -10.73 30.13
N GLY A 530 -102.70 -11.85 30.82
CA GLY A 530 -103.25 -13.11 30.40
C GLY A 530 -103.38 -14.11 31.53
N PRO A 531 -103.98 -15.26 31.21
CA PRO A 531 -104.25 -16.36 32.14
C PRO A 531 -103.03 -16.75 32.95
N ILE A 532 -101.83 -16.54 32.42
CA ILE A 532 -100.64 -16.97 33.14
C ILE A 532 -100.31 -16.11 34.37
N SER A 533 -100.50 -14.80 34.26
CA SER A 533 -100.24 -13.93 35.39
C SER A 533 -101.48 -13.74 36.25
N GLN A 534 -102.07 -14.85 36.71
CA GLN A 534 -103.28 -14.76 37.53
C GLN A 534 -102.96 -14.70 39.02
N TYR A 535 -103.61 -13.76 39.71
CA TYR A 535 -103.58 -13.73 41.18
C TYR A 535 -104.92 -13.27 41.73
N SER A 536 -105.20 -13.63 42.98
CA SER A 536 -106.48 -13.31 43.56
C SER A 536 -106.38 -12.08 44.47
N ASN A 537 -107.45 -11.27 44.52
CA ASN A 537 -107.53 -10.17 45.47
C ASN A 537 -107.48 -10.59 46.93
N ARG A 538 -107.12 -9.67 47.82
CA ARG A 538 -107.27 -9.94 49.25
C ARG A 538 -108.65 -10.53 49.54
N THR A 539 -109.64 -9.97 48.87
CA THR A 539 -111.04 -10.36 48.97
C THR A 539 -111.29 -11.86 48.71
N LYS A 540 -110.82 -12.32 47.56
CA LYS A 540 -110.85 -13.75 47.25
C LYS A 540 -110.10 -14.59 48.27
N VAL A 541 -108.88 -14.17 48.59
CA VAL A 541 -108.03 -14.91 49.54
C VAL A 541 -108.78 -15.24 50.83
N GLN A 542 -109.61 -14.31 51.28
CA GLN A 542 -110.42 -14.54 52.49
C GLN A 542 -111.68 -15.35 52.17
N ASN A 543 -112.42 -14.94 51.14
CA ASN A 543 -113.59 -15.69 50.71
C ASN A 543 -113.27 -17.14 50.39
N ASP A 544 -112.01 -17.38 50.03
CA ASP A 544 -111.47 -18.73 49.84
C ASP A 544 -111.13 -19.36 51.19
N LEU A 545 -110.54 -18.57 52.07
CA LEU A 545 -110.26 -18.99 53.45
C LEU A 545 -111.54 -19.34 54.21
N ARG A 546 -112.64 -18.72 53.81
CA ARG A 546 -113.95 -19.01 54.39
C ARG A 546 -114.42 -20.41 54.04
N SER A 547 -114.79 -20.59 52.78
CA SER A 547 -115.31 -21.88 52.30
C SER A 547 -114.42 -23.09 52.59
N VAL A 548 -113.10 -22.88 52.73
CA VAL A 548 -112.18 -23.95 53.16
C VAL A 548 -112.44 -24.35 54.62
N TYR A 549 -112.51 -23.34 55.49
CA TYR A 549 -112.84 -23.53 56.91
C TYR A 549 -114.26 -24.06 57.09
N LYS A 550 -115.24 -23.40 56.45
CA LYS A 550 -116.64 -23.84 56.49
C LYS A 550 -116.81 -25.29 56.03
N LEU A 551 -115.96 -25.74 55.11
CA LEU A 551 -116.08 -27.08 54.53
C LEU A 551 -115.31 -28.13 55.35
N ILE A 552 -114.09 -27.79 55.72
CA ILE A 552 -113.29 -28.68 56.54
C ILE A 552 -113.92 -28.85 57.94
N ARG A 553 -114.61 -27.81 58.41
CA ARG A 553 -115.21 -27.75 59.75
C ARG A 553 -116.57 -28.43 59.84
N ARG A 554 -117.50 -28.00 58.98
CA ARG A 554 -118.85 -28.60 58.88
C ARG A 554 -118.83 -29.98 58.22
N GLN A 555 -117.78 -30.74 58.51
CA GLN A 555 -117.58 -32.07 58.00
C GLN A 555 -117.30 -32.97 59.22
N HIS A 556 -116.74 -32.36 60.26
CA HIS A 556 -116.48 -33.02 61.55
C HIS A 556 -115.94 -34.45 61.42
N ARG A 557 -114.71 -34.58 60.94
CA ARG A 557 -114.05 -35.89 60.86
C ARG A 557 -112.73 -35.87 61.62
N LEU A 558 -112.36 -34.68 62.10
CA LEU A 558 -111.04 -34.47 62.70
C LEU A 558 -111.10 -34.52 64.22
N SER A 559 -110.09 -35.14 64.83
CA SER A 559 -109.98 -35.14 66.29
C SER A 559 -110.02 -33.69 66.76
N LYS A 560 -110.56 -33.46 67.95
CA LYS A 560 -110.64 -32.11 68.50
C LYS A 560 -109.27 -31.45 68.65
N SER A 561 -108.21 -32.27 68.63
CA SER A 561 -106.85 -31.76 68.60
C SER A 561 -106.60 -31.04 67.27
N SER A 562 -106.79 -31.74 66.15
CA SER A 562 -106.56 -31.19 64.83
C SER A 562 -107.50 -30.03 64.49
N GLN A 563 -108.78 -30.15 64.87
CA GLN A 563 -109.74 -29.05 64.71
C GLN A 563 -109.40 -27.85 65.60
N LEU A 564 -108.66 -28.10 66.68
CA LEU A 564 -108.26 -27.03 67.60
C LEU A 564 -107.16 -26.15 67.03
N GLN A 565 -106.08 -26.78 66.57
CA GLN A 565 -104.90 -26.07 66.06
C GLN A 565 -105.06 -25.68 64.59
N PHE A 566 -105.91 -26.39 63.85
CA PHE A 566 -106.36 -25.92 62.55
C PHE A 566 -106.95 -24.52 62.74
N ASN A 567 -107.75 -24.37 63.79
CA ASN A 567 -108.32 -23.08 64.20
C ASN A 567 -107.27 -22.11 64.68
N ALA A 568 -106.27 -22.66 65.36
CA ALA A 568 -105.12 -21.87 65.82
C ALA A 568 -104.44 -21.22 64.62
N LEU A 569 -103.98 -22.05 63.69
CA LEU A 569 -103.23 -21.60 62.53
C LEU A 569 -104.05 -20.71 61.60
N TYR A 570 -105.35 -20.95 61.55
CA TYR A 570 -106.23 -20.16 60.70
C TYR A 570 -106.29 -18.72 61.17
N LYS A 571 -106.25 -18.53 62.47
CA LYS A 571 -106.31 -17.19 63.06
C LYS A 571 -105.07 -16.34 62.78
N ASP A 572 -103.90 -16.97 62.80
CA ASP A 572 -102.62 -16.28 62.57
C ASP A 572 -102.59 -15.78 61.15
N VAL A 573 -102.92 -16.69 60.24
CA VAL A 573 -103.03 -16.40 58.81
C VAL A 573 -103.92 -15.18 58.56
N ILE A 574 -105.05 -15.13 59.25
CA ILE A 574 -106.05 -14.08 59.06
C ILE A 574 -105.62 -12.76 59.70
N ARG A 575 -104.71 -12.84 60.66
CA ARG A 575 -104.13 -11.67 61.30
C ARG A 575 -103.14 -10.97 60.38
N ALA A 576 -102.11 -11.70 60.00
CA ALA A 576 -101.02 -11.18 59.18
C ALA A 576 -101.53 -10.63 57.85
N LEU A 577 -102.69 -11.14 57.44
CA LEU A 577 -103.34 -10.71 56.20
C LEU A 577 -104.32 -9.55 56.48
N ALA A 578 -104.50 -9.26 57.78
CA ALA A 578 -105.30 -8.13 58.28
C ALA A 578 -106.81 -8.39 58.23
N MET A 579 -107.17 -9.66 58.06
CA MET A 579 -108.26 -10.06 57.18
C MET A 579 -109.38 -9.16 56.65
N LYS A 608 -111.86 -12.24 43.35
CA LYS A 608 -111.66 -11.35 42.22
C LYS A 608 -110.34 -11.84 41.55
N VAL A 609 -110.42 -12.22 40.28
CA VAL A 609 -109.25 -12.60 39.48
C VAL A 609 -108.52 -11.39 38.90
N GLU A 610 -107.20 -11.40 39.04
CA GLU A 610 -106.39 -10.31 38.50
C GLU A 610 -105.17 -10.83 37.77
N THR A 611 -104.64 -9.97 36.91
CA THR A 611 -103.46 -10.34 36.15
C THR A 611 -102.36 -9.28 36.12
N ILE A 612 -101.24 -9.68 35.53
CA ILE A 612 -100.05 -8.88 35.50
C ILE A 612 -99.74 -8.49 34.05
N PRO A 613 -99.44 -7.19 33.86
CA PRO A 613 -99.55 -6.44 32.61
C PRO A 613 -98.60 -6.72 31.44
N PHE A 614 -97.81 -7.80 31.44
CA PHE A 614 -96.80 -8.02 30.39
C PHE A 614 -95.74 -6.93 30.34
N LEU A 615 -96.03 -5.76 30.89
CA LEU A 615 -95.09 -4.66 30.92
C LEU A 615 -95.34 -3.85 32.16
N HIS A 616 -94.56 -4.07 33.20
CA HIS A 616 -94.79 -3.34 34.43
C HIS A 616 -93.49 -2.79 34.99
N LEU A 617 -93.62 -1.90 35.95
CA LEU A 617 -92.46 -1.45 36.67
C LEU A 617 -92.59 -2.06 38.03
N ARG A 618 -91.46 -2.23 38.72
CA ARG A 618 -91.49 -2.77 40.06
C ARG A 618 -90.89 -1.76 41.03
N LYS A 619 -91.08 -2.02 42.33
CA LYS A 619 -90.43 -1.21 43.34
C LYS A 619 -89.80 -2.10 44.39
N LYS A 620 -88.94 -1.49 45.21
CA LYS A 620 -88.13 -2.24 46.14
C LYS A 620 -88.76 -2.45 47.51
N ASP A 621 -88.90 -3.72 47.85
CA ASP A 621 -89.31 -4.21 49.15
C ASP A 621 -88.34 -3.68 50.21
N GLU A 622 -88.76 -3.65 51.47
CA GLU A 622 -87.85 -3.30 52.57
C GLU A 622 -86.64 -4.23 52.51
N PHE A 623 -86.90 -5.46 52.07
CA PHE A 623 -85.88 -6.49 51.93
C PHE A 623 -85.44 -6.55 50.46
N GLY A 624 -85.08 -5.39 49.91
CA GLY A 624 -84.61 -5.25 48.54
C GLY A 624 -85.19 -6.23 47.54
N ASN A 625 -86.49 -6.21 47.35
CA ASN A 625 -87.17 -7.10 46.41
C ASN A 625 -88.00 -6.34 45.36
N TRP A 626 -88.01 -6.83 44.13
CA TRP A 626 -88.70 -6.11 43.08
C TRP A 626 -90.08 -6.66 42.82
N GLU A 627 -91.05 -6.17 43.58
CA GLU A 627 -92.43 -6.62 43.43
C GLU A 627 -93.19 -5.64 42.55
N TYR A 628 -94.12 -6.17 41.75
CA TYR A 628 -95.07 -5.39 40.96
C TYR A 628 -95.63 -4.17 41.74
N SER A 629 -95.65 -3.00 41.09
CA SER A 629 -96.23 -1.79 41.69
C SER A 629 -97.22 -1.18 40.74
N LYS A 630 -98.49 -1.54 40.89
CA LYS A 630 -99.51 -1.00 39.99
C LYS A 630 -99.40 0.51 39.88
N LYS A 631 -98.99 1.16 40.96
CA LYS A 631 -98.90 2.62 40.97
C LYS A 631 -98.02 3.12 39.82
N LEU A 632 -96.86 2.51 39.69
CA LEU A 632 -95.92 2.91 38.67
C LEU A 632 -96.33 2.38 37.31
N THR A 633 -96.56 1.07 37.25
CA THR A 633 -96.97 0.43 36.02
C THR A 633 -98.05 1.27 35.36
N GLY A 634 -98.87 1.89 36.19
CA GLY A 634 -99.86 2.82 35.69
C GLY A 634 -99.17 3.92 34.94
N ILE A 635 -98.48 4.79 35.68
CA ILE A 635 -97.81 5.95 35.11
C ILE A 635 -97.06 5.62 33.82
N TYR A 636 -96.40 4.47 33.79
CA TYR A 636 -95.66 4.07 32.60
C TYR A 636 -96.59 3.72 31.47
N LEU A 637 -97.42 2.70 31.67
CA LEU A 637 -98.35 2.26 30.64
C LEU A 637 -99.31 3.35 30.24
N ASP A 638 -99.43 4.39 31.06
CA ASP A 638 -100.28 5.54 30.76
C ASP A 638 -99.65 6.45 29.71
N GLY A 639 -98.41 6.87 29.96
CA GLY A 639 -97.64 7.61 28.96
C GLY A 639 -97.45 6.78 27.69
N LEU A 640 -97.25 5.48 27.90
CA LEU A 640 -97.10 4.51 26.83
C LEU A 640 -98.33 4.48 25.93
N GLU A 641 -99.47 4.87 26.49
CA GLU A 641 -100.69 4.97 25.73
C GLU A 641 -100.64 6.29 25.00
N ALA A 642 -100.55 7.39 25.76
CA ALA A 642 -100.50 8.73 25.19
C ALA A 642 -99.43 8.85 24.12
N ALA A 643 -98.42 8.01 24.21
CA ALA A 643 -97.41 7.95 23.16
C ALA A 643 -98.05 7.46 21.87
N ALA A 644 -98.64 6.27 21.89
CA ALA A 644 -99.26 5.67 20.71
C ALA A 644 -100.37 6.53 20.11
N ARG A 645 -101.04 7.31 20.97
CA ARG A 645 -102.11 8.21 20.51
C ARG A 645 -101.57 9.49 19.91
N SER A 646 -101.23 10.46 20.76
CA SER A 646 -100.81 11.79 20.30
C SER A 646 -99.36 11.83 19.86
N GLY A 647 -98.56 10.89 20.36
CA GLY A 647 -97.15 10.83 20.03
C GLY A 647 -96.26 11.40 21.12
N LEU A 648 -94.99 11.01 21.07
CA LEU A 648 -94.03 11.39 22.10
C LEU A 648 -92.87 12.19 21.50
N THR A 649 -92.47 13.29 22.14
CA THR A 649 -91.42 14.14 21.59
C THR A 649 -90.15 14.07 22.38
N PHE A 650 -89.03 14.41 21.74
CA PHE A 650 -87.73 14.39 22.39
C PHE A 650 -86.98 15.69 22.19
N GLN A 651 -87.70 16.69 21.67
CA GLN A 651 -87.12 17.99 21.33
C GLN A 651 -86.12 18.54 22.35
N GLY A 652 -84.97 18.99 21.85
CA GLY A 652 -83.98 19.67 22.68
C GLY A 652 -83.09 18.75 23.50
N LYS A 653 -83.33 17.45 23.39
CA LYS A 653 -82.59 16.52 24.21
C LYS A 653 -81.43 15.92 23.43
N HIS A 654 -80.34 15.62 24.15
CA HIS A 654 -79.13 15.00 23.59
C HIS A 654 -78.94 13.56 24.11
N ALA A 655 -78.61 12.62 23.23
CA ALA A 655 -78.43 11.23 23.66
C ALA A 655 -77.27 10.49 22.97
N LEU A 656 -76.52 9.71 23.73
CA LEU A 656 -75.47 8.88 23.15
C LEU A 656 -75.99 7.45 22.99
N MET A 657 -75.57 6.77 21.94
CA MET A 657 -76.09 5.44 21.65
C MET A 657 -75.03 4.48 21.11
N THR A 658 -74.63 3.51 21.92
CA THR A 658 -73.70 2.48 21.48
C THR A 658 -74.42 1.15 21.24
N GLY A 659 -74.24 0.58 20.06
CA GLY A 659 -74.81 -0.72 19.75
C GLY A 659 -75.97 -0.58 18.80
N ALA A 660 -76.06 0.60 18.19
CA ALA A 660 -77.15 0.92 17.28
C ALA A 660 -76.92 0.41 15.86
N GLY A 661 -76.33 -0.78 15.75
CA GLY A 661 -76.02 -1.33 14.45
C GLY A 661 -77.26 -1.43 13.60
N ALA A 662 -77.07 -1.63 12.30
CA ALA A 662 -78.19 -1.78 11.40
C ALA A 662 -79.03 -3.00 11.74
N GLY A 663 -80.34 -2.88 11.65
CA GLY A 663 -81.22 -3.99 11.92
C GLY A 663 -81.21 -4.46 13.36
N SER A 664 -81.25 -3.51 14.29
CA SER A 664 -81.13 -3.82 15.72
C SER A 664 -82.13 -3.01 16.57
N ILE A 665 -82.34 -3.48 17.79
CA ILE A 665 -83.17 -2.74 18.74
C ILE A 665 -82.73 -1.29 18.86
N GLY A 666 -81.44 -1.08 19.03
CA GLY A 666 -80.89 0.25 19.10
C GLY A 666 -81.20 1.06 17.87
N ALA A 667 -81.11 0.43 16.69
CA ALA A 667 -81.36 1.12 15.43
C ALA A 667 -82.74 1.74 15.46
N GLU A 668 -83.73 0.96 15.86
CA GLU A 668 -85.11 1.42 15.92
C GLU A 668 -85.27 2.55 16.94
N VAL A 669 -84.83 2.30 18.15
CA VAL A 669 -84.89 3.31 19.20
C VAL A 669 -84.29 4.60 18.68
N LEU A 670 -83.22 4.50 17.89
CA LEU A 670 -82.56 5.69 17.35
C LEU A 670 -83.53 6.54 16.56
N GLN A 671 -84.10 5.95 15.52
CA GLN A 671 -85.06 6.63 14.68
C GLN A 671 -86.13 7.32 15.52
N GLY A 672 -86.51 6.68 16.63
CA GLY A 672 -87.46 7.26 17.54
C GLY A 672 -87.00 8.63 17.98
N LEU A 673 -85.87 8.69 18.67
CA LEU A 673 -85.35 9.96 19.15
C LEU A 673 -85.13 10.94 18.01
N LEU A 674 -84.82 10.42 16.83
CA LEU A 674 -84.57 11.27 15.70
C LEU A 674 -85.85 11.93 15.18
N SER A 675 -86.98 11.24 15.30
CA SER A 675 -88.27 11.81 14.95
C SER A 675 -88.71 12.88 15.95
N GLY A 676 -88.35 12.71 17.22
CA GLY A 676 -88.42 13.82 18.15
C GLY A 676 -87.31 14.79 17.77
N GLY A 677 -87.15 15.87 18.53
CA GLY A 677 -86.12 16.84 18.17
C GLY A 677 -84.72 16.43 18.61
N ALA A 678 -84.50 15.14 18.80
CA ALA A 678 -83.32 14.67 19.50
C ALA A 678 -82.04 14.73 18.69
N LYS A 679 -80.98 15.13 19.39
CA LYS A 679 -79.62 15.08 18.86
C LYS A 679 -78.93 13.88 19.45
N VAL A 680 -78.62 12.89 18.63
CA VAL A 680 -77.95 11.69 19.12
C VAL A 680 -76.56 11.55 18.54
N ILE A 681 -75.69 10.87 19.27
CA ILE A 681 -74.36 10.54 18.79
C ILE A 681 -74.21 9.02 18.77
N VAL A 682 -74.07 8.46 17.56
CA VAL A 682 -74.09 7.01 17.39
C VAL A 682 -72.69 6.47 17.11
N THR A 683 -72.29 5.42 17.83
CA THR A 683 -70.96 4.84 17.68
C THR A 683 -71.02 3.53 16.90
N THR A 684 -70.12 3.40 15.92
CA THR A 684 -70.01 2.18 15.12
C THR A 684 -68.60 1.57 15.12
N SER A 685 -68.58 0.24 15.14
CA SER A 685 -67.35 -0.53 15.16
C SER A 685 -67.04 -1.12 13.79
N ARG A 686 -67.89 -0.82 12.81
CA ARG A 686 -67.59 -1.13 11.41
C ARG A 686 -67.83 0.14 10.62
N PHE A 687 -66.85 1.03 10.61
CA PHE A 687 -67.04 2.34 10.05
C PHE A 687 -66.66 2.33 8.57
N SER A 688 -67.64 1.92 7.75
CA SER A 688 -67.47 1.88 6.30
C SER A 688 -68.44 2.83 5.60
N ARG A 689 -68.23 3.09 4.33
CA ARG A 689 -69.15 3.94 3.60
C ARG A 689 -70.51 3.30 3.72
N GLN A 690 -70.54 1.97 3.67
CA GLN A 690 -71.81 1.27 3.71
C GLN A 690 -72.61 1.63 4.94
N VAL A 691 -71.92 1.77 6.06
CA VAL A 691 -72.56 2.14 7.33
C VAL A 691 -72.75 3.65 7.45
N THR A 692 -71.80 4.43 6.92
CA THR A 692 -71.97 5.87 6.80
C THR A 692 -73.32 6.13 6.11
N GLU A 693 -73.52 5.47 4.98
CA GLU A 693 -74.74 5.62 4.20
C GLU A 693 -76.00 5.25 4.99
N TYR A 694 -76.09 4.01 5.44
CA TYR A 694 -77.20 3.54 6.25
C TYR A 694 -77.77 4.60 7.19
N TYR A 695 -76.87 5.22 7.96
CA TYR A 695 -77.27 6.23 8.94
C TYR A 695 -77.79 7.51 8.30
N GLN A 696 -77.10 8.00 7.28
CA GLN A 696 -77.59 9.19 6.60
C GLN A 696 -78.93 8.84 5.95
N GLY A 697 -79.06 7.61 5.50
CA GLY A 697 -80.33 7.12 4.97
C GLY A 697 -81.36 7.31 6.05
N ILE A 698 -81.07 6.77 7.22
CA ILE A 698 -81.95 6.96 8.37
C ILE A 698 -82.29 8.43 8.67
N TYR A 699 -81.30 9.30 8.63
CA TYR A 699 -81.55 10.68 9.01
C TYR A 699 -82.37 11.44 7.97
N ALA A 700 -82.30 10.99 6.71
CA ALA A 700 -83.02 11.64 5.63
C ALA A 700 -84.49 11.44 5.83
N ARG A 701 -84.82 10.36 6.51
CA ARG A 701 -86.20 9.94 6.66
C ARG A 701 -86.80 10.24 8.03
N CYS A 702 -85.95 10.36 9.04
CA CYS A 702 -86.41 10.53 10.43
C CYS A 702 -86.00 11.84 11.07
N GLY A 703 -85.20 12.62 10.36
CA GLY A 703 -84.63 13.85 10.90
C GLY A 703 -85.61 15.01 10.99
N ALA A 704 -86.28 15.14 12.14
CA ALA A 704 -87.19 16.26 12.38
C ALA A 704 -86.35 17.49 12.56
N ARG A 705 -86.90 18.66 12.23
CA ARG A 705 -86.16 19.89 12.47
C ARG A 705 -85.68 19.87 13.91
N GLY A 706 -84.51 20.44 14.15
CA GLY A 706 -83.93 20.47 15.48
C GLY A 706 -83.04 19.28 15.79
N SER A 707 -83.29 18.16 15.09
CA SER A 707 -82.55 16.91 15.29
C SER A 707 -81.17 16.95 14.62
N GLN A 708 -80.29 16.05 15.06
CA GLN A 708 -78.94 15.97 14.53
C GLN A 708 -78.41 14.54 14.72
N LEU A 709 -77.71 14.01 13.72
CA LEU A 709 -77.12 12.67 13.82
C LEU A 709 -75.64 12.77 13.62
N VAL A 710 -74.88 12.36 14.61
CA VAL A 710 -73.43 12.36 14.51
C VAL A 710 -72.91 10.93 14.66
N VAL A 711 -72.45 10.35 13.55
CA VAL A 711 -71.86 9.01 13.59
C VAL A 711 -70.34 9.09 13.73
N VAL A 712 -69.79 8.11 14.44
CA VAL A 712 -68.42 8.15 14.90
C VAL A 712 -67.90 6.72 14.98
N PRO A 713 -66.60 6.52 14.72
CA PRO A 713 -66.03 5.19 14.89
C PRO A 713 -65.69 5.02 16.36
N PHE A 714 -65.97 3.86 16.94
CA PHE A 714 -65.77 3.65 18.37
C PHE A 714 -65.63 2.18 18.62
N ASN A 715 -65.02 1.84 19.75
CA ASN A 715 -64.76 0.45 20.11
C ASN A 715 -64.83 0.26 21.60
N GLN A 716 -65.99 -0.16 22.10
CA GLN A 716 -66.21 -0.15 23.54
C GLN A 716 -65.33 -1.17 24.23
N GLY A 717 -64.55 -1.89 23.44
CA GLY A 717 -63.55 -2.76 24.03
C GLY A 717 -62.35 -1.96 24.53
N SER A 718 -62.30 -0.68 24.19
CA SER A 718 -61.12 0.10 24.52
C SER A 718 -61.39 1.12 25.61
N LYS A 719 -60.60 1.02 26.68
CA LYS A 719 -60.65 1.98 27.77
C LYS A 719 -60.44 3.40 27.25
N GLN A 720 -59.45 3.55 26.39
CA GLN A 720 -59.11 4.85 25.88
C GLN A 720 -60.25 5.42 25.07
N ASP A 721 -60.73 4.61 24.12
CA ASP A 721 -61.85 4.99 23.27
C ASP A 721 -62.98 5.56 24.11
N VAL A 722 -63.36 4.80 25.13
CA VAL A 722 -64.42 5.23 26.03
C VAL A 722 -64.13 6.59 26.59
N GLU A 723 -63.00 6.75 27.26
CA GLU A 723 -62.66 8.02 27.88
C GLU A 723 -62.37 9.13 26.87
N ALA A 724 -62.19 8.74 25.61
CA ALA A 724 -61.93 9.68 24.54
C ALA A 724 -63.24 10.16 23.89
N LEU A 725 -64.09 9.19 23.58
CA LEU A 725 -65.43 9.46 23.05
C LEU A 725 -66.09 10.52 23.92
N VAL A 726 -66.08 10.24 25.22
CA VAL A 726 -66.72 11.07 26.20
C VAL A 726 -66.28 12.52 26.10
N ASN A 727 -65.01 12.73 25.74
CA ASN A 727 -64.50 14.08 25.65
C ASN A 727 -64.79 14.76 24.33
N TYR A 728 -64.99 13.98 23.28
CA TYR A 728 -65.46 14.55 22.03
C TYR A 728 -66.84 15.13 22.31
N ILE A 729 -67.63 14.40 23.08
CA ILE A 729 -68.99 14.80 23.35
C ILE A 729 -69.06 16.07 24.17
N TYR A 730 -68.15 16.23 25.12
CA TYR A 730 -68.21 17.33 26.07
C TYR A 730 -67.23 18.47 25.83
N ASP A 731 -66.38 18.35 24.82
CA ASP A 731 -65.41 19.41 24.57
C ASP A 731 -66.08 20.62 23.93
N THR A 732 -65.89 21.77 24.57
CA THR A 732 -66.47 23.02 24.08
C THR A 732 -65.77 23.51 22.81
N LYS A 733 -64.44 23.44 22.80
CA LYS A 733 -63.63 23.99 21.71
C LYS A 733 -63.66 23.16 20.44
N ASN A 734 -63.00 22.02 20.47
CA ASN A 734 -62.90 21.18 19.29
C ASN A 734 -63.88 20.03 19.27
N GLY A 735 -64.55 19.81 20.39
CA GLY A 735 -65.54 18.75 20.48
C GLY A 735 -66.86 19.19 19.85
N LEU A 736 -67.92 18.45 20.13
CA LEU A 736 -69.24 18.87 19.69
C LEU A 736 -70.04 19.38 20.90
N GLY A 737 -69.31 19.69 21.97
CA GLY A 737 -69.78 20.43 23.13
C GLY A 737 -71.21 20.25 23.59
N TRP A 738 -71.64 18.99 23.72
CA TRP A 738 -72.98 18.70 24.20
C TRP A 738 -73.02 18.52 25.72
N ASP A 739 -74.18 18.10 26.20
CA ASP A 739 -74.33 17.48 27.52
C ASP A 739 -75.40 16.41 27.37
N LEU A 740 -75.16 15.23 27.92
CA LEU A 740 -76.03 14.10 27.62
C LEU A 740 -77.28 13.99 28.49
N ASP A 741 -78.39 13.62 27.86
CA ASP A 741 -79.69 13.48 28.50
C ASP A 741 -80.06 12.02 28.58
N TYR A 742 -79.72 11.30 27.53
CA TYR A 742 -79.94 9.87 27.50
C TYR A 742 -78.64 9.14 27.16
N VAL A 743 -78.46 7.95 27.73
CA VAL A 743 -77.35 7.07 27.40
C VAL A 743 -77.89 5.67 27.23
N VAL A 744 -77.72 5.11 26.03
CA VAL A 744 -78.35 3.84 25.71
C VAL A 744 -77.30 2.83 25.29
N PRO A 745 -76.70 2.14 26.28
CA PRO A 745 -75.52 1.31 26.16
C PRO A 745 -75.77 -0.09 25.65
N PHE A 746 -76.14 -0.25 24.38
CA PHE A 746 -76.43 -1.56 23.81
C PHE A 746 -75.24 -2.21 23.10
N ALA A 747 -74.03 -1.84 23.50
CA ALA A 747 -72.84 -2.46 22.96
C ALA A 747 -72.84 -3.93 23.31
N ALA A 748 -72.67 -4.81 22.33
CA ALA A 748 -72.74 -6.24 22.60
C ALA A 748 -72.02 -7.15 21.60
N ILE A 749 -71.49 -8.25 22.12
CA ILE A 749 -70.86 -9.29 21.32
C ILE A 749 -71.51 -10.65 21.58
N PRO A 750 -71.85 -11.34 20.50
CA PRO A 750 -72.41 -12.69 20.49
C PRO A 750 -71.39 -13.71 21.01
N GLU A 751 -71.52 -14.08 22.28
CA GLU A 751 -70.63 -15.10 22.86
C GLU A 751 -71.23 -16.50 22.79
N ASN A 752 -72.39 -16.59 22.16
CA ASN A 752 -73.06 -17.86 21.88
C ASN A 752 -72.11 -19.07 21.77
N GLY A 753 -72.38 -20.12 22.54
CA GLY A 753 -71.75 -21.39 22.35
C GLY A 753 -70.88 -21.96 23.46
N ARG A 754 -70.63 -21.21 24.52
CA ARG A 754 -69.65 -21.66 25.53
C ARG A 754 -70.15 -21.69 26.97
N GLU A 755 -69.87 -22.80 27.65
CA GLU A 755 -70.16 -22.96 29.07
C GLU A 755 -68.94 -22.54 29.87
N ILE A 756 -69.05 -22.55 31.20
CA ILE A 756 -67.91 -22.20 32.06
C ILE A 756 -66.78 -23.17 31.73
N ASP A 757 -67.18 -24.25 31.05
CA ASP A 757 -66.28 -25.21 30.42
C ASP A 757 -65.10 -24.48 29.83
N SER A 758 -65.35 -23.36 29.17
CA SER A 758 -64.33 -22.66 28.44
C SER A 758 -64.67 -21.19 28.22
N ILE A 759 -64.15 -20.33 29.11
CA ILE A 759 -64.31 -18.89 28.94
C ILE A 759 -63.18 -18.37 28.06
N ASP A 760 -63.39 -18.37 26.75
CA ASP A 760 -62.34 -18.01 25.81
C ASP A 760 -62.00 -16.53 25.81
N SER A 761 -61.09 -16.15 24.91
CA SER A 761 -60.74 -14.77 24.71
C SER A 761 -61.99 -13.97 24.46
N LYS A 762 -62.74 -14.36 23.43
CA LYS A 762 -63.95 -13.66 23.01
C LYS A 762 -64.77 -13.26 24.23
N SER A 763 -65.03 -14.23 25.10
CA SER A 763 -65.87 -14.00 26.29
C SER A 763 -65.32 -12.91 27.17
N GLU A 764 -64.06 -13.01 27.53
CA GLU A 764 -63.45 -11.98 28.34
C GLU A 764 -63.60 -10.64 27.67
N LEU A 765 -63.37 -10.59 26.37
CA LEU A 765 -63.54 -9.34 25.64
C LEU A 765 -64.97 -8.89 25.80
N ALA A 766 -65.90 -9.74 25.41
CA ALA A 766 -67.30 -9.39 25.48
C ALA A 766 -67.66 -8.86 26.85
N HIS A 767 -67.20 -9.54 27.90
CA HIS A 767 -67.56 -9.15 29.26
C HIS A 767 -66.96 -7.79 29.62
N ARG A 768 -65.89 -7.40 28.94
CA ARG A 768 -65.29 -6.10 29.20
C ARG A 768 -66.06 -5.02 28.46
N ILE A 769 -66.61 -5.37 27.31
CA ILE A 769 -67.39 -4.44 26.53
C ILE A 769 -68.70 -4.21 27.23
N MET A 770 -69.31 -5.31 27.67
CA MET A 770 -70.65 -5.30 28.23
C MET A 770 -70.75 -4.86 29.68
N LEU A 771 -69.68 -5.02 30.47
CA LEU A 771 -69.72 -4.60 31.87
C LEU A 771 -68.68 -3.56 32.31
N THR A 772 -67.40 -3.92 32.31
CA THR A 772 -66.35 -3.02 32.81
C THR A 772 -66.26 -1.67 32.11
N ASN A 773 -66.40 -1.66 30.79
CA ASN A 773 -66.30 -0.41 30.05
C ASN A 773 -67.63 0.29 29.98
N LEU A 774 -68.71 -0.46 30.17
CA LEU A 774 -70.02 0.15 30.29
C LEU A 774 -70.02 1.05 31.52
N LEU A 775 -69.55 0.51 32.64
CA LEU A 775 -69.44 1.25 33.88
C LEU A 775 -68.52 2.44 33.72
N ARG A 776 -67.46 2.27 32.93
CA ARG A 776 -66.49 3.32 32.77
C ARG A 776 -67.03 4.41 31.88
N LEU A 777 -67.92 4.02 30.97
CA LEU A 777 -68.57 4.99 30.09
C LEU A 777 -69.43 5.92 30.94
N LEU A 778 -70.33 5.35 31.74
CA LEU A 778 -71.11 6.12 32.70
C LEU A 778 -70.19 6.97 33.56
N GLY A 779 -69.21 6.32 34.15
CA GLY A 779 -68.26 6.98 35.03
C GLY A 779 -67.63 8.21 34.40
N ALA A 780 -67.28 8.10 33.13
CA ALA A 780 -66.67 9.20 32.42
C ALA A 780 -67.67 10.33 32.27
N ILE A 781 -68.85 9.97 31.80
CA ILE A 781 -69.90 10.94 31.60
C ILE A 781 -70.11 11.73 32.89
N LYS A 782 -70.19 11.02 34.00
CA LYS A 782 -70.42 11.67 35.28
C LYS A 782 -69.40 12.78 35.53
N THR A 783 -68.16 12.37 35.72
CA THR A 783 -67.10 13.30 36.08
C THR A 783 -67.04 14.48 35.14
N GLN A 784 -67.42 14.26 33.89
CA GLN A 784 -67.50 15.35 32.94
C GLN A 784 -68.46 16.42 33.46
N LYS A 785 -69.71 16.01 33.71
CA LYS A 785 -70.70 16.93 34.24
C LYS A 785 -70.22 17.57 35.55
N LYS A 786 -69.77 16.72 36.47
CA LYS A 786 -69.34 17.16 37.79
C LYS A 786 -68.32 18.30 37.69
N GLU A 787 -67.40 18.15 36.76
CA GLU A 787 -66.36 19.15 36.57
C GLU A 787 -66.91 20.41 35.92
N ARG A 788 -67.78 20.22 34.92
CA ARG A 788 -68.28 21.35 34.13
C ARG A 788 -69.48 22.03 34.79
N GLY A 789 -69.76 21.65 36.04
CA GLY A 789 -70.80 22.32 36.80
C GLY A 789 -72.20 22.00 36.31
N TYR A 790 -72.29 21.03 35.41
CA TYR A 790 -73.58 20.56 34.92
C TYR A 790 -74.28 19.75 36.00
N GLU A 791 -74.98 20.44 36.89
CA GLU A 791 -75.54 19.80 38.09
C GLU A 791 -76.99 19.38 37.94
N THR A 792 -77.81 20.31 37.50
CA THR A 792 -79.26 20.17 37.50
C THR A 792 -79.82 19.52 36.24
N ARG A 793 -79.01 18.68 35.59
CA ARG A 793 -79.45 17.96 34.39
C ARG A 793 -78.84 16.58 34.33
N PRO A 794 -79.49 15.62 34.99
CA PRO A 794 -79.04 14.22 35.03
C PRO A 794 -79.19 13.53 33.69
N ALA A 795 -78.37 12.50 33.47
CA ALA A 795 -78.43 11.71 32.24
C ALA A 795 -79.04 10.35 32.53
N GLN A 796 -80.12 10.02 31.80
CA GLN A 796 -80.84 8.77 32.02
C GLN A 796 -80.23 7.59 31.30
N VAL A 797 -79.95 6.52 32.03
CA VAL A 797 -79.22 5.40 31.49
C VAL A 797 -80.10 4.18 31.35
N ILE A 798 -80.44 3.84 30.11
CA ILE A 798 -81.30 2.71 29.83
C ILE A 798 -80.53 1.40 29.89
N LEU A 799 -80.22 0.97 31.11
CA LEU A 799 -79.53 -0.30 31.37
C LEU A 799 -80.28 -1.46 30.77
N PRO A 800 -79.67 -2.11 29.77
CA PRO A 800 -80.27 -3.31 29.19
C PRO A 800 -80.01 -4.53 30.06
N LEU A 801 -80.88 -4.80 31.03
CA LEU A 801 -80.72 -5.99 31.86
C LEU A 801 -81.41 -7.16 31.19
N SER A 802 -81.30 -8.33 31.77
CA SER A 802 -81.89 -9.52 31.17
C SER A 802 -82.65 -10.34 32.20
N PRO A 803 -83.67 -11.07 31.73
CA PRO A 803 -84.51 -11.92 32.59
C PRO A 803 -83.81 -13.21 32.93
N ASN A 804 -82.84 -13.59 32.11
CA ASN A 804 -82.32 -14.95 32.17
C ASN A 804 -80.88 -15.07 32.66
N HIS A 805 -80.74 -15.11 33.97
CA HIS A 805 -79.44 -15.20 34.58
C HIS A 805 -78.92 -16.64 34.63
N GLY A 806 -78.61 -17.20 33.46
CA GLY A 806 -78.05 -18.53 33.40
C GLY A 806 -79.11 -19.62 33.44
N THR A 807 -80.31 -19.24 33.03
CA THR A 807 -81.39 -20.18 32.92
C THR A 807 -81.19 -20.93 31.61
N PHE A 808 -80.59 -20.22 30.65
CA PHE A 808 -80.21 -20.80 29.35
C PHE A 808 -78.77 -21.24 29.43
N GLY A 809 -78.39 -22.18 28.58
CA GLY A 809 -77.02 -22.66 28.57
C GLY A 809 -76.14 -21.91 27.60
N ASN A 810 -74.83 -22.01 27.79
CA ASN A 810 -73.87 -21.48 26.82
C ASN A 810 -73.76 -19.98 26.75
N ASP A 811 -74.39 -19.29 27.69
CA ASP A 811 -74.29 -17.83 27.76
C ASP A 811 -72.82 -17.45 27.63
N GLY A 812 -71.96 -18.20 28.31
CA GLY A 812 -70.53 -17.97 28.33
C GLY A 812 -70.18 -16.54 28.72
N LEU A 813 -70.21 -16.25 30.03
CA LEU A 813 -69.89 -14.91 30.54
C LEU A 813 -70.95 -13.84 30.19
N TYR A 814 -72.04 -14.25 29.56
CA TYR A 814 -73.06 -13.30 29.17
C TYR A 814 -73.83 -12.86 30.39
N SER A 815 -74.65 -13.77 30.88
CA SER A 815 -75.46 -13.52 32.06
C SER A 815 -74.68 -12.79 33.13
N GLU A 816 -73.46 -13.25 33.38
CA GLU A 816 -72.63 -12.70 34.44
C GLU A 816 -72.47 -11.20 34.29
N SER A 817 -72.38 -10.72 33.04
CA SER A 817 -72.28 -9.29 32.80
C SER A 817 -73.63 -8.64 33.14
N LYS A 818 -74.69 -9.18 32.54
CA LYS A 818 -76.02 -8.57 32.62
C LYS A 818 -76.54 -8.49 34.05
N LEU A 819 -76.21 -9.51 34.84
CA LEU A 819 -76.60 -9.53 36.24
C LEU A 819 -75.83 -8.49 37.02
N ALA A 820 -74.53 -8.44 36.78
CA ALA A 820 -73.68 -7.54 37.51
C ALA A 820 -74.19 -6.13 37.31
N LEU A 821 -74.72 -5.86 36.13
CA LEU A 821 -75.21 -4.53 35.83
C LEU A 821 -76.16 -4.04 36.92
N GLU A 822 -76.93 -4.97 37.47
CA GLU A 822 -78.00 -4.64 38.38
C GLU A 822 -77.50 -4.10 39.72
N THR A 823 -76.19 -4.19 39.96
CA THR A 823 -75.63 -3.64 41.19
C THR A 823 -75.76 -2.15 41.13
N LEU A 824 -75.95 -1.63 39.92
CA LEU A 824 -76.11 -0.21 39.73
C LEU A 824 -77.34 0.29 40.47
N PHE A 825 -78.38 -0.52 40.48
CA PHE A 825 -79.62 -0.17 41.14
C PHE A 825 -79.37 0.40 42.53
N ASN A 826 -78.44 -0.22 43.25
CA ASN A 826 -78.11 0.17 44.62
C ASN A 826 -77.06 1.24 44.70
N ARG A 827 -76.05 1.13 43.83
CA ARG A 827 -74.98 2.09 43.80
C ARG A 827 -75.52 3.51 43.70
N TRP A 828 -76.66 3.65 43.00
CA TRP A 828 -77.25 4.96 42.77
C TRP A 828 -77.41 5.70 44.10
N TYR A 829 -77.73 4.92 45.13
CA TYR A 829 -78.01 5.46 46.45
C TYR A 829 -76.73 5.66 47.26
N SER A 830 -75.81 4.71 47.18
CA SER A 830 -74.65 4.68 48.06
C SER A 830 -73.54 5.62 47.61
N GLU A 831 -73.21 5.58 46.33
CA GLU A 831 -72.15 6.42 45.82
C GLU A 831 -72.64 7.83 45.50
N SER A 832 -71.72 8.69 45.05
CA SER A 832 -72.02 10.12 44.91
C SER A 832 -72.35 10.60 43.49
N TRP A 833 -72.87 9.71 42.66
CA TRP A 833 -73.24 10.10 41.31
C TRP A 833 -74.74 10.16 41.15
N GLY A 834 -75.47 10.14 42.27
CA GLY A 834 -76.91 10.24 42.23
C GLY A 834 -77.43 11.31 41.30
N ASN A 835 -76.87 12.52 41.41
CA ASN A 835 -77.29 13.71 40.66
C ASN A 835 -77.08 13.66 39.16
N TYR A 836 -75.94 13.13 38.76
CA TYR A 836 -75.52 13.21 37.38
C TYR A 836 -76.06 12.08 36.51
N LEU A 837 -76.15 10.89 37.08
CA LEU A 837 -76.69 9.74 36.36
C LEU A 837 -77.91 9.22 37.06
N THR A 838 -78.89 8.82 36.28
CA THR A 838 -80.03 8.10 36.83
C THR A 838 -80.12 6.76 36.14
N ILE A 839 -80.61 5.76 36.87
CA ILE A 839 -80.63 4.41 36.33
C ILE A 839 -82.03 3.97 36.03
N CYS A 840 -82.23 3.47 34.82
CA CYS A 840 -83.51 2.92 34.42
C CYS A 840 -83.31 1.49 33.89
N GLY A 841 -83.28 0.53 34.80
CA GLY A 841 -83.13 -0.86 34.43
C GLY A 841 -84.28 -1.33 33.57
N ALA A 842 -83.94 -1.77 32.36
CA ALA A 842 -84.95 -2.19 31.42
C ALA A 842 -84.68 -3.60 31.01
N VAL A 843 -85.31 -4.55 31.69
CA VAL A 843 -85.08 -5.93 31.34
C VAL A 843 -85.81 -6.25 30.04
N ILE A 844 -85.10 -6.13 28.92
CA ILE A 844 -85.65 -6.43 27.59
C ILE A 844 -86.05 -7.90 27.40
N GLY A 845 -87.21 -8.14 26.82
CA GLY A 845 -87.67 -9.49 26.66
C GLY A 845 -87.45 -9.99 25.25
N TRP A 846 -87.93 -11.21 25.00
CA TRP A 846 -87.82 -11.89 23.71
C TRP A 846 -88.21 -11.00 22.52
N THR A 847 -87.24 -10.65 21.68
CA THR A 847 -87.49 -9.79 20.53
C THR A 847 -87.01 -10.40 19.22
N ARG A 848 -87.87 -11.15 18.53
CA ARG A 848 -87.51 -11.72 17.24
C ARG A 848 -86.97 -10.63 16.33
N GLY A 849 -85.90 -10.95 15.59
CA GLY A 849 -85.14 -9.93 14.89
C GLY A 849 -85.02 -10.15 13.39
N THR A 850 -85.43 -9.13 12.64
CA THR A 850 -85.48 -9.19 11.18
C THR A 850 -84.13 -9.46 10.53
N GLY A 851 -84.09 -10.46 9.66
CA GLY A 851 -82.90 -10.80 8.90
C GLY A 851 -81.73 -11.23 9.76
N LEU A 852 -81.88 -11.10 11.08
CA LEU A 852 -80.85 -11.50 12.02
C LEU A 852 -80.78 -13.02 12.16
N MET A 853 -81.17 -13.53 13.33
CA MET A 853 -81.17 -14.99 13.56
C MET A 853 -82.59 -15.55 13.58
N SER A 854 -82.80 -16.60 12.78
CA SER A 854 -84.11 -17.24 12.66
C SER A 854 -84.33 -18.31 13.73
N ALA A 855 -83.28 -18.64 14.49
CA ALA A 855 -83.33 -19.68 15.51
C ALA A 855 -84.34 -19.35 16.61
N ASN A 856 -84.39 -18.07 16.94
CA ASN A 856 -85.24 -17.55 17.99
C ASN A 856 -86.62 -17.22 17.43
N ASN A 857 -86.82 -17.49 16.15
CA ASN A 857 -88.02 -17.06 15.46
C ASN A 857 -88.87 -18.22 15.01
N LEU A 858 -88.23 -19.35 14.75
CA LEU A 858 -88.96 -20.52 14.31
C LEU A 858 -89.86 -21.01 15.44
N VAL A 859 -89.37 -20.83 16.65
CA VAL A 859 -90.08 -21.30 17.83
C VAL A 859 -90.89 -20.17 18.47
N ALA A 860 -90.65 -18.94 18.03
CA ALA A 860 -91.33 -17.77 18.56
C ALA A 860 -92.84 -17.97 18.61
N GLU A 861 -93.39 -18.57 17.56
CA GLU A 861 -94.83 -18.80 17.48
C GLU A 861 -95.32 -19.78 18.54
N GLY A 862 -94.68 -20.95 18.62
CA GLY A 862 -95.08 -21.99 19.56
C GLY A 862 -95.09 -21.55 21.01
N VAL A 863 -94.14 -20.71 21.36
CA VAL A 863 -94.03 -20.19 22.73
C VAL A 863 -95.14 -19.21 23.06
N GLU A 864 -95.56 -18.43 22.06
CA GLU A 864 -96.65 -17.49 22.28
C GLU A 864 -97.93 -18.25 22.55
N LYS A 865 -98.01 -19.47 22.02
CA LYS A 865 -99.19 -20.30 22.16
C LYS A 865 -99.46 -20.66 23.62
N LEU A 866 -98.45 -20.52 24.47
CA LEU A 866 -98.62 -20.77 25.90
C LEU A 866 -99.19 -19.54 26.63
N GLY A 867 -99.67 -18.56 25.89
CA GLY A 867 -100.39 -17.43 26.47
C GLY A 867 -99.47 -16.30 26.89
N VAL A 868 -98.42 -16.10 26.11
CA VAL A 868 -97.39 -15.16 26.47
C VAL A 868 -96.94 -14.38 25.21
N ARG A 869 -96.28 -13.25 25.39
CA ARG A 869 -95.97 -12.36 24.26
C ARG A 869 -94.49 -12.26 23.90
N THR A 870 -94.22 -12.30 22.59
CA THR A 870 -92.92 -11.92 22.05
C THR A 870 -93.12 -10.65 21.23
N PHE A 871 -92.06 -9.87 21.06
CA PHE A 871 -92.17 -8.55 20.45
C PHE A 871 -91.39 -8.41 19.16
N SER A 872 -91.92 -7.62 18.23
CA SER A 872 -91.15 -7.25 17.06
C SER A 872 -90.20 -6.16 17.51
N GLN A 873 -89.19 -5.87 16.69
CA GLN A 873 -88.22 -4.84 17.03
C GLN A 873 -88.93 -3.51 17.27
N GLN A 874 -89.67 -3.09 16.25
CA GLN A 874 -90.42 -1.84 16.28
C GLN A 874 -91.25 -1.66 17.56
N GLU A 875 -91.87 -2.75 18.02
CA GLU A 875 -92.62 -2.74 19.26
C GLU A 875 -91.71 -2.44 20.44
N MET A 876 -90.73 -3.31 20.67
CA MET A 876 -89.84 -3.19 21.82
C MET A 876 -89.09 -1.84 21.87
N ALA A 877 -88.96 -1.18 20.73
CA ALA A 877 -88.33 0.13 20.69
C ALA A 877 -89.31 1.13 21.24
N PHE A 878 -90.54 1.05 20.75
CA PHE A 878 -91.65 1.82 21.29
C PHE A 878 -91.65 1.69 22.81
N ASN A 879 -91.65 0.45 23.29
CA ASN A 879 -91.67 0.16 24.74
C ASN A 879 -90.58 0.90 25.46
N LEU A 880 -89.37 0.83 24.90
CA LEU A 880 -88.20 1.48 25.50
C LEU A 880 -88.35 3.00 25.52
N LEU A 881 -88.71 3.57 24.39
CA LEU A 881 -88.90 5.01 24.32
C LEU A 881 -89.92 5.41 25.35
N GLY A 882 -90.74 4.46 25.77
CA GLY A 882 -91.70 4.64 26.84
C GLY A 882 -91.04 5.15 28.11
N LEU A 883 -89.96 4.47 28.52
CA LEU A 883 -89.26 4.83 29.74
C LEU A 883 -88.49 6.12 29.52
N MET A 884 -88.45 6.56 28.27
CA MET A 884 -87.76 7.78 27.88
C MET A 884 -88.68 8.95 28.09
N ALA A 885 -89.97 8.66 28.14
CA ALA A 885 -91.02 9.67 28.30
C ALA A 885 -90.87 10.49 29.56
N PRO A 886 -91.27 11.76 29.51
CA PRO A 886 -91.13 12.72 30.61
C PRO A 886 -91.68 12.16 31.91
N ALA A 887 -92.79 11.43 31.80
CA ALA A 887 -93.44 10.81 32.94
C ALA A 887 -92.45 10.05 33.80
N ILE A 888 -91.90 9.00 33.22
CA ILE A 888 -90.98 8.09 33.91
C ILE A 888 -89.67 8.74 34.29
N VAL A 889 -89.15 9.60 33.43
CA VAL A 889 -87.87 10.26 33.69
C VAL A 889 -87.80 10.86 35.09
N ASN A 890 -88.88 11.52 35.49
CA ASN A 890 -88.90 12.18 36.79
C ASN A 890 -88.93 11.20 37.96
N LEU A 891 -89.49 10.01 37.73
CA LEU A 891 -89.43 8.97 38.73
C LEU A 891 -87.96 8.60 38.97
N CYS A 892 -87.19 8.51 37.89
CA CYS A 892 -85.81 8.09 37.97
C CYS A 892 -84.99 9.11 38.75
N GLN A 893 -85.33 10.39 38.58
CA GLN A 893 -84.51 11.44 39.15
C GLN A 893 -84.57 11.42 40.68
N SER A 894 -85.54 10.68 41.20
CA SER A 894 -85.67 10.48 42.65
C SER A 894 -85.35 9.05 43.04
N ASP A 895 -85.76 8.09 42.21
CA ASP A 895 -85.58 6.67 42.50
C ASP A 895 -85.46 5.80 41.24
N PRO A 896 -84.41 4.95 41.19
CA PRO A 896 -84.18 3.97 40.12
C PRO A 896 -85.44 3.21 39.74
N VAL A 897 -85.54 2.85 38.47
CA VAL A 897 -86.73 2.23 37.91
C VAL A 897 -86.42 0.82 37.41
N PHE A 898 -87.25 -0.12 37.79
CA PHE A 898 -87.17 -1.44 37.24
C PHE A 898 -88.30 -1.50 36.23
N ALA A 899 -88.06 -2.12 35.08
CA ALA A 899 -89.06 -2.17 34.03
C ALA A 899 -89.04 -3.53 33.36
N ASP A 900 -89.87 -4.44 33.86
CA ASP A 900 -90.03 -5.74 33.23
C ASP A 900 -90.70 -5.55 31.88
N LEU A 901 -89.90 -5.51 30.83
CA LEU A 901 -90.43 -5.43 29.49
C LEU A 901 -90.32 -6.79 28.85
N ASN A 902 -90.44 -7.82 29.67
CA ASN A 902 -90.49 -9.19 29.21
C ASN A 902 -91.94 -9.59 28.99
N GLY A 903 -92.18 -10.33 27.91
CA GLY A 903 -93.54 -10.60 27.49
C GLY A 903 -94.32 -11.46 28.45
N GLY A 904 -93.99 -11.39 29.73
CA GLY A 904 -94.67 -12.20 30.74
C GLY A 904 -94.17 -13.62 30.72
N LEU A 905 -93.04 -13.82 30.06
CA LEU A 905 -92.43 -15.15 29.98
C LEU A 905 -91.91 -15.59 31.34
N GLN A 906 -92.01 -14.73 32.35
CA GLN A 906 -91.55 -15.05 33.70
C GLN A 906 -92.32 -16.26 34.20
N PHE A 907 -93.52 -16.44 33.68
CA PHE A 907 -94.41 -17.47 34.17
C PHE A 907 -94.22 -18.81 33.45
N ILE A 908 -93.44 -18.80 32.38
CA ILE A 908 -93.04 -20.06 31.75
C ILE A 908 -91.74 -20.57 32.37
N PRO A 909 -91.82 -21.66 33.18
CA PRO A 909 -90.62 -22.27 33.73
C PRO A 909 -90.01 -23.23 32.74
N ASP A 910 -88.71 -23.48 32.88
CA ASP A 910 -87.99 -24.39 32.00
C ASP A 910 -88.18 -23.97 30.55
N LEU A 911 -88.10 -22.68 30.30
CA LEU A 911 -88.26 -22.16 28.94
C LEU A 911 -87.20 -22.77 28.04
N LYS A 912 -85.98 -22.82 28.53
CA LYS A 912 -84.90 -23.50 27.82
C LYS A 912 -85.40 -24.82 27.25
N GLY A 913 -86.01 -25.63 28.11
CA GLY A 913 -86.51 -26.93 27.72
C GLY A 913 -87.66 -26.88 26.73
N LEU A 914 -88.62 -25.98 26.96
CA LEU A 914 -89.75 -25.81 26.05
C LEU A 914 -89.26 -25.62 24.61
N MET A 915 -88.43 -24.61 24.42
CA MET A 915 -87.96 -24.26 23.09
C MET A 915 -87.19 -25.41 22.47
N THR A 916 -86.32 -26.04 23.25
CA THR A 916 -85.52 -27.16 22.74
C THR A 916 -86.40 -28.29 22.22
N LYS A 917 -87.59 -28.45 22.80
CA LYS A 917 -88.56 -29.43 22.34
C LYS A 917 -89.15 -28.97 21.01
N LEU A 918 -89.66 -27.75 21.00
CA LEU A 918 -90.17 -27.11 19.78
C LEU A 918 -89.13 -27.05 18.65
N ARG A 919 -87.91 -26.68 19.00
CA ARG A 919 -86.80 -26.69 18.07
C ARG A 919 -86.76 -28.01 17.32
N LYS A 920 -86.87 -29.11 18.06
CA LYS A 920 -86.74 -30.43 17.45
C LYS A 920 -87.91 -30.74 16.53
N GLU A 921 -89.10 -30.83 17.11
CA GLU A 921 -90.30 -31.15 16.35
C GLU A 921 -90.34 -30.47 14.97
N ILE A 922 -90.08 -29.17 14.93
CA ILE A 922 -90.12 -28.44 13.66
C ILE A 922 -89.10 -28.97 12.68
N MET A 923 -87.83 -28.96 13.09
CA MET A 923 -86.76 -29.44 12.24
C MET A 923 -87.02 -30.90 11.85
N GLU A 924 -87.68 -31.64 12.74
CA GLU A 924 -87.86 -33.07 12.58
C GLU A 924 -88.91 -33.40 11.52
N THR A 925 -90.03 -32.71 11.58
CA THR A 925 -91.13 -32.95 10.64
C THR A 925 -90.76 -32.49 9.22
N SER A 926 -90.04 -31.39 9.12
CA SER A 926 -89.59 -30.91 7.82
C SER A 926 -88.60 -31.90 7.23
N ALA A 927 -87.68 -32.38 8.06
CA ALA A 927 -86.68 -33.35 7.61
C ALA A 927 -87.36 -34.57 7.02
N ILE A 928 -88.24 -35.17 7.81
CA ILE A 928 -89.05 -36.29 7.35
C ILE A 928 -89.73 -35.97 6.03
N ARG A 929 -90.41 -34.82 5.99
CA ARG A 929 -91.23 -34.44 4.83
C ARG A 929 -90.44 -34.34 3.53
N GLN A 930 -89.30 -33.66 3.57
CA GLN A 930 -88.48 -33.49 2.39
C GLN A 930 -87.64 -34.72 2.09
N ALA A 931 -87.43 -35.55 3.11
CA ALA A 931 -86.69 -36.81 2.93
C ALA A 931 -87.55 -37.78 2.15
N VAL A 932 -88.79 -37.94 2.60
CA VAL A 932 -89.78 -38.77 1.93
C VAL A 932 -89.87 -38.43 0.44
N ILE A 933 -89.93 -37.14 0.14
CA ILE A 933 -89.95 -36.67 -1.25
C ILE A 933 -88.79 -37.23 -2.05
N LYS A 934 -87.58 -37.05 -1.55
CA LYS A 934 -86.39 -37.56 -2.22
C LYS A 934 -86.49 -39.07 -2.41
N GLU A 935 -87.05 -39.75 -1.41
CA GLU A 935 -87.26 -41.19 -1.47
C GLU A 935 -88.15 -41.58 -2.64
N THR A 936 -89.38 -41.09 -2.61
CA THR A 936 -90.38 -41.41 -3.64
C THR A 936 -89.93 -40.93 -5.02
N ALA A 937 -89.05 -39.94 -5.06
CA ALA A 937 -88.49 -39.46 -6.32
C ALA A 937 -87.53 -40.48 -6.89
N ILE A 938 -86.72 -41.05 -6.02
CA ILE A 938 -85.78 -42.09 -6.39
C ILE A 938 -86.51 -43.35 -6.82
N GLU A 939 -87.59 -43.67 -6.11
CA GLU A 939 -88.38 -44.84 -6.43
C GLU A 939 -88.87 -44.79 -7.88
N ASN A 940 -89.25 -43.61 -8.34
CA ASN A 940 -89.74 -43.45 -9.70
C ASN A 940 -88.68 -43.64 -10.75
N LYS A 941 -87.45 -43.24 -10.46
CA LYS A 941 -86.34 -43.41 -11.39
C LYS A 941 -86.01 -44.90 -11.55
N VAL A 942 -86.30 -45.68 -10.51
CA VAL A 942 -86.08 -47.12 -10.56
C VAL A 942 -87.15 -47.78 -11.41
N VAL A 943 -88.40 -47.59 -11.01
CA VAL A 943 -89.54 -48.22 -11.67
C VAL A 943 -89.70 -47.79 -13.12
N ASN A 944 -89.65 -46.49 -13.38
CA ASN A 944 -89.94 -45.96 -14.71
C ASN A 944 -88.71 -45.89 -15.63
N GLY A 945 -87.53 -45.87 -15.04
CA GLY A 945 -86.31 -45.77 -15.81
C GLY A 945 -85.87 -44.33 -16.01
N GLU A 946 -84.56 -44.14 -16.17
CA GLU A 946 -83.97 -42.81 -16.32
C GLU A 946 -84.72 -41.98 -17.36
N ASP A 947 -84.90 -42.59 -18.53
CA ASP A 947 -85.50 -41.91 -19.67
C ASP A 947 -86.90 -41.40 -19.36
N HIS A 948 -87.77 -42.28 -18.86
CA HIS A 948 -89.13 -41.85 -18.57
C HIS A 948 -89.17 -40.69 -17.59
N GLU A 949 -88.63 -40.89 -16.39
CA GLU A 949 -88.70 -39.85 -15.37
C GLU A 949 -88.05 -38.53 -15.81
N ALA A 950 -86.93 -38.65 -16.52
CA ALA A 950 -86.21 -37.48 -17.02
C ALA A 950 -87.09 -36.60 -17.90
N LEU A 951 -87.70 -37.21 -18.91
CA LEU A 951 -88.43 -36.46 -19.94
C LEU A 951 -89.78 -35.90 -19.45
N TYR A 952 -90.02 -35.94 -18.14
CA TYR A 952 -91.28 -35.43 -17.60
C TYR A 952 -91.07 -34.50 -16.41
N ARG A 953 -90.03 -33.67 -16.49
CA ARG A 953 -89.75 -32.71 -15.44
C ARG A 953 -89.90 -31.28 -15.95
N ARG A 954 -90.59 -30.44 -15.19
CA ARG A 954 -90.79 -29.04 -15.57
C ARG A 954 -89.50 -28.40 -16.03
N VAL A 955 -89.49 -28.05 -17.31
CA VAL A 955 -88.32 -27.43 -17.91
C VAL A 955 -88.36 -25.94 -17.62
N ILE A 956 -87.63 -25.53 -16.59
CA ILE A 956 -87.53 -24.11 -16.27
C ILE A 956 -86.50 -23.44 -17.17
N THR A 957 -86.92 -22.41 -17.90
CA THR A 957 -86.00 -21.71 -18.78
C THR A 957 -84.98 -20.91 -17.97
N GLU A 958 -83.73 -20.93 -18.43
CA GLU A 958 -82.66 -20.14 -17.84
C GLU A 958 -82.55 -18.79 -18.52
N PRO A 959 -82.57 -17.72 -17.74
CA PRO A 959 -82.61 -16.39 -18.34
C PRO A 959 -81.34 -16.09 -19.10
N ARG A 960 -81.51 -15.43 -20.24
CA ARG A 960 -80.39 -14.85 -20.96
C ARG A 960 -80.59 -13.34 -20.98
N ALA A 961 -79.69 -12.65 -21.66
CA ALA A 961 -79.79 -11.20 -21.77
C ALA A 961 -79.80 -10.77 -23.23
N ASN A 962 -80.84 -10.04 -23.62
CA ASN A 962 -80.87 -9.42 -24.93
C ASN A 962 -80.67 -7.92 -24.79
N LEU A 963 -79.71 -7.39 -25.52
CA LEU A 963 -79.48 -5.96 -25.47
C LEU A 963 -80.31 -5.25 -26.53
N LYS A 964 -81.50 -4.83 -26.16
CA LYS A 964 -82.32 -4.02 -27.04
C LYS A 964 -81.54 -2.75 -27.26
N TYR A 965 -81.38 -2.33 -28.52
CA TYR A 965 -80.70 -1.06 -28.76
C TYR A 965 -81.72 0.07 -28.75
N PRO A 966 -81.93 0.70 -27.60
CA PRO A 966 -83.08 1.60 -27.51
C PRO A 966 -82.79 2.92 -28.18
N PHE A 967 -83.75 3.38 -28.98
CA PHE A 967 -83.74 4.78 -29.37
C PHE A 967 -84.54 5.51 -28.34
N PRO A 968 -84.42 6.82 -28.33
CA PRO A 968 -85.31 7.55 -27.43
C PRO A 968 -86.74 7.11 -27.71
N GLU A 969 -87.53 6.96 -26.66
CA GLU A 969 -88.94 6.66 -26.82
C GLU A 969 -89.63 7.82 -27.56
N LEU A 970 -90.22 7.48 -28.69
CA LEU A 970 -90.97 8.42 -29.49
C LEU A 970 -92.29 8.68 -28.79
N PRO A 971 -92.54 9.96 -28.41
CA PRO A 971 -93.75 10.29 -27.66
C PRO A 971 -95.01 9.82 -28.38
N ASP A 972 -96.16 9.83 -27.70
CA ASP A 972 -97.40 9.49 -28.39
C ASP A 972 -98.07 10.73 -28.96
N TRP A 973 -98.54 10.60 -30.20
CA TRP A 973 -99.11 11.71 -30.94
C TRP A 973 -100.26 12.37 -30.19
N ASP A 974 -101.17 11.52 -29.73
CA ASP A 974 -102.39 11.97 -29.08
C ASP A 974 -102.15 12.33 -27.62
N LYS A 975 -101.64 11.37 -26.84
CA LYS A 975 -101.47 11.59 -25.42
C LYS A 975 -100.48 12.70 -25.08
N ASP A 976 -99.41 12.81 -25.86
CA ASP A 976 -98.28 13.67 -25.49
C ASP A 976 -98.06 14.92 -26.34
N ILE A 977 -98.33 14.84 -27.64
CA ILE A 977 -98.00 15.95 -28.54
C ILE A 977 -99.18 16.85 -28.92
N LYS A 978 -100.32 16.23 -29.21
CA LYS A 978 -101.49 16.96 -29.65
C LYS A 978 -101.76 18.24 -28.83
N PRO A 979 -101.76 18.14 -27.48
CA PRO A 979 -102.10 19.32 -26.65
C PRO A 979 -101.21 20.54 -26.90
N LEU A 980 -100.17 20.37 -27.68
CA LEU A 980 -99.26 21.47 -27.93
C LEU A 980 -99.34 21.92 -29.37
N ASN A 981 -99.66 20.95 -30.24
CA ASN A 981 -99.68 21.16 -31.68
C ASN A 981 -100.44 22.41 -32.08
N ASP A 982 -101.60 22.62 -31.45
CA ASP A 982 -102.44 23.77 -31.78
C ASP A 982 -101.65 25.07 -31.75
N GLN A 983 -100.86 25.25 -30.70
CA GLN A 983 -100.04 26.43 -30.56
C GLN A 983 -98.81 26.41 -31.47
N LEU A 984 -98.16 25.26 -31.57
CA LEU A 984 -96.81 25.21 -32.11
C LEU A 984 -96.65 24.89 -33.59
N ARG A 985 -97.72 24.48 -34.28
CA ARG A 985 -97.57 24.08 -35.68
C ARG A 985 -96.98 25.19 -36.56
N GLY A 986 -95.86 24.88 -37.20
CA GLY A 986 -95.20 25.82 -38.10
C GLY A 986 -94.77 27.12 -37.44
N MET A 987 -94.80 27.14 -36.11
CA MET A 987 -94.40 28.31 -35.36
C MET A 987 -92.88 28.39 -35.19
N VAL A 988 -92.18 27.52 -35.89
CA VAL A 988 -90.73 27.42 -35.76
C VAL A 988 -90.08 26.91 -37.03
N ASN A 989 -88.98 27.56 -37.43
CA ASN A 989 -88.18 27.17 -38.59
C ASN A 989 -87.27 25.98 -38.28
N LEU A 990 -87.59 24.81 -38.84
CA LEU A 990 -86.87 23.59 -38.51
C LEU A 990 -85.47 23.55 -39.08
N ASP A 991 -85.03 24.67 -39.65
CA ASP A 991 -83.70 24.72 -40.26
C ASP A 991 -82.76 25.56 -39.42
N LYS A 992 -83.31 26.22 -38.40
CA LYS A 992 -82.48 26.93 -37.43
C LYS A 992 -82.84 26.45 -36.04
N VAL A 993 -83.28 25.20 -35.99
CA VAL A 993 -83.52 24.48 -34.74
C VAL A 993 -82.48 23.38 -34.61
N VAL A 994 -81.66 23.47 -33.55
CA VAL A 994 -80.52 22.56 -33.39
C VAL A 994 -80.84 21.41 -32.45
N VAL A 995 -80.53 20.20 -32.88
CA VAL A 995 -80.98 18.99 -32.21
C VAL A 995 -79.86 17.97 -31.95
N VAL A 996 -79.84 17.41 -30.75
CA VAL A 996 -78.87 16.35 -30.44
C VAL A 996 -79.42 14.99 -30.86
N THR A 997 -78.79 14.43 -31.87
CA THR A 997 -79.30 13.22 -32.48
C THR A 997 -78.54 11.98 -32.02
N GLY A 998 -77.26 12.16 -31.68
CA GLY A 998 -76.43 11.06 -31.27
C GLY A 998 -75.75 11.36 -29.94
N LEU A 999 -75.34 10.30 -29.25
CA LEU A 999 -74.88 10.42 -27.86
C LEU A 999 -74.01 9.23 -27.40
N ALA A 1000 -72.78 9.53 -27.00
CA ALA A 1000 -71.90 8.51 -26.47
C ALA A 1000 -70.90 9.14 -25.50
N GLU A 1001 -70.20 8.29 -24.77
CA GLU A 1001 -69.15 8.74 -23.87
C GLU A 1001 -68.34 7.52 -23.45
N ILE A 1002 -67.06 7.73 -23.17
CA ILE A 1002 -66.24 6.70 -22.57
C ILE A 1002 -65.62 7.31 -21.32
N GLY A 1003 -65.89 6.67 -20.17
CA GLY A 1003 -65.48 7.16 -18.88
C GLY A 1003 -65.35 6.07 -17.84
N PRO A 1004 -65.08 6.46 -16.59
CA PRO A 1004 -64.76 5.57 -15.46
C PRO A 1004 -65.80 4.49 -15.23
N TRP A 1005 -66.99 4.65 -15.80
CA TRP A 1005 -68.05 3.68 -15.58
C TRP A 1005 -68.40 2.94 -16.85
N GLY A 1006 -67.77 3.35 -17.93
CA GLY A 1006 -67.96 2.71 -19.20
C GLY A 1006 -68.68 3.68 -20.11
N ASN A 1007 -69.15 3.17 -21.25
CA ASN A 1007 -69.90 3.98 -22.21
C ASN A 1007 -71.16 4.51 -21.55
N ALA A 1008 -71.78 5.52 -22.17
CA ALA A 1008 -72.89 6.21 -21.53
C ALA A 1008 -73.95 5.25 -21.03
N ARG A 1009 -74.12 4.14 -21.74
CA ARG A 1009 -75.12 3.13 -21.40
C ARG A 1009 -74.90 2.58 -19.99
N THR A 1010 -73.73 1.99 -19.77
CA THR A 1010 -73.34 1.47 -18.46
C THR A 1010 -73.31 2.56 -17.38
N ARG A 1011 -72.82 3.75 -17.73
CA ARG A 1011 -72.74 4.84 -16.78
C ARG A 1011 -74.11 5.25 -16.26
N TRP A 1012 -75.08 5.40 -17.16
CA TRP A 1012 -76.45 5.75 -16.75
C TRP A 1012 -76.99 4.73 -15.76
N GLU A 1013 -76.88 3.44 -16.10
CA GLU A 1013 -77.35 2.38 -15.22
C GLU A 1013 -76.91 2.64 -13.79
N MET A 1014 -75.65 3.00 -13.64
CA MET A 1014 -75.12 3.26 -12.32
C MET A 1014 -75.63 4.58 -11.76
N GLU A 1015 -75.55 5.65 -12.56
CA GLU A 1015 -75.91 6.99 -12.09
C GLU A 1015 -77.34 7.04 -11.58
N ALA A 1016 -78.20 6.24 -12.22
CA ALA A 1016 -79.63 6.24 -11.96
C ALA A 1016 -80.07 5.12 -11.05
N TYR A 1017 -79.89 3.87 -11.51
CA TYR A 1017 -80.38 2.72 -10.77
C TYR A 1017 -79.49 2.32 -9.60
N GLY A 1018 -78.19 2.54 -9.73
CA GLY A 1018 -77.26 2.31 -8.64
C GLY A 1018 -76.59 0.95 -8.65
N LYS A 1019 -76.94 0.12 -9.62
CA LYS A 1019 -76.23 -1.12 -9.82
C LYS A 1019 -76.45 -1.60 -11.25
N PHE A 1020 -75.69 -2.62 -11.62
CA PHE A 1020 -75.73 -3.12 -12.99
C PHE A 1020 -76.77 -4.21 -13.17
N SER A 1021 -77.55 -4.08 -14.25
CA SER A 1021 -78.47 -5.12 -14.64
C SER A 1021 -77.65 -6.25 -15.21
N LEU A 1022 -78.27 -7.38 -15.45
CA LEU A 1022 -77.55 -8.47 -16.10
C LEU A 1022 -77.02 -7.95 -17.45
N GLU A 1023 -77.86 -7.16 -18.11
CA GLU A 1023 -77.50 -6.59 -19.41
C GLU A 1023 -76.25 -5.73 -19.31
N GLY A 1024 -76.16 -4.98 -18.21
CA GLY A 1024 -75.03 -4.11 -17.97
C GLY A 1024 -73.76 -4.87 -17.64
N CYS A 1025 -73.89 -5.90 -16.81
CA CYS A 1025 -72.74 -6.73 -16.47
C CYS A 1025 -72.13 -7.24 -17.74
N VAL A 1026 -72.93 -7.87 -18.58
CA VAL A 1026 -72.41 -8.39 -19.85
C VAL A 1026 -71.70 -7.33 -20.69
N GLU A 1027 -72.29 -6.15 -20.80
CA GLU A 1027 -71.63 -5.06 -21.52
C GLU A 1027 -70.27 -4.68 -20.90
N MET A 1028 -70.25 -4.43 -19.59
CA MET A 1028 -68.99 -4.12 -18.91
C MET A 1028 -68.01 -5.28 -19.07
N ALA A 1029 -68.45 -6.48 -18.71
CA ALA A 1029 -67.60 -7.66 -18.81
C ALA A 1029 -67.04 -7.85 -20.21
N TRP A 1030 -67.71 -7.30 -21.22
CA TRP A 1030 -67.25 -7.40 -22.59
C TRP A 1030 -66.10 -6.43 -22.85
N MET A 1031 -66.30 -5.18 -22.48
CA MET A 1031 -65.30 -4.15 -22.75
C MET A 1031 -64.07 -4.25 -21.83
N MET A 1032 -64.30 -4.71 -20.60
CA MET A 1032 -63.20 -4.95 -19.68
C MET A 1032 -62.36 -6.13 -20.14
N GLY A 1033 -62.90 -6.90 -21.09
CA GLY A 1033 -62.20 -8.01 -21.67
C GLY A 1033 -62.22 -9.30 -20.85
N LEU A 1034 -63.32 -9.53 -20.14
CA LEU A 1034 -63.47 -10.71 -19.31
C LEU A 1034 -64.19 -11.84 -20.07
N ILE A 1035 -64.90 -11.47 -21.14
CA ILE A 1035 -65.60 -12.42 -21.99
C ILE A 1035 -65.55 -12.01 -23.46
N LYS A 1036 -65.33 -12.99 -24.35
CA LYS A 1036 -65.31 -12.71 -25.78
C LYS A 1036 -66.12 -13.76 -26.50
N ASN A 1037 -66.78 -13.36 -27.57
CA ASN A 1037 -67.63 -14.28 -28.30
C ASN A 1037 -66.79 -15.32 -29.01
N HIS A 1038 -67.16 -16.57 -28.84
CA HIS A 1038 -66.51 -17.67 -29.55
C HIS A 1038 -67.53 -18.43 -30.40
N ASN A 1039 -67.08 -18.96 -31.53
CA ASN A 1039 -67.95 -19.66 -32.47
C ASN A 1039 -67.20 -20.72 -33.27
N GLY A 1040 -67.10 -21.91 -32.71
CA GLY A 1040 -66.38 -23.00 -33.33
C GLY A 1040 -66.24 -24.12 -32.32
N PRO A 1041 -65.56 -25.20 -32.72
CA PRO A 1041 -65.38 -26.34 -31.80
C PRO A 1041 -64.68 -25.91 -30.52
N LEU A 1042 -65.17 -26.39 -29.39
CA LEU A 1042 -64.52 -26.14 -28.10
C LEU A 1042 -64.31 -27.45 -27.38
N LYS A 1043 -63.08 -27.97 -27.43
CA LYS A 1043 -62.80 -29.29 -26.87
C LYS A 1043 -63.63 -30.33 -27.58
N GLY A 1044 -63.55 -30.34 -28.91
CA GLY A 1044 -64.30 -31.28 -29.74
C GLY A 1044 -65.69 -30.79 -30.10
N LYS A 1045 -66.63 -30.99 -29.18
CA LYS A 1045 -68.02 -30.55 -29.36
C LYS A 1045 -68.07 -29.06 -29.74
N PRO A 1046 -68.81 -28.75 -30.83
CA PRO A 1046 -68.95 -27.37 -31.30
C PRO A 1046 -69.69 -26.49 -30.28
N TYR A 1047 -69.62 -25.19 -30.47
CA TYR A 1047 -70.21 -24.26 -29.51
C TYR A 1047 -70.15 -22.83 -30.00
N SER A 1048 -71.15 -22.03 -29.62
CA SER A 1048 -71.15 -20.60 -29.92
C SER A 1048 -71.63 -19.81 -28.71
N GLY A 1049 -71.32 -18.51 -28.67
CA GLY A 1049 -71.71 -17.68 -27.56
C GLY A 1049 -70.56 -17.25 -26.67
N TRP A 1050 -70.89 -16.72 -25.49
CA TRP A 1050 -69.91 -16.12 -24.58
C TRP A 1050 -68.88 -17.12 -24.04
N VAL A 1051 -67.65 -16.64 -23.93
CA VAL A 1051 -66.56 -17.45 -23.42
C VAL A 1051 -65.70 -16.59 -22.49
N ASP A 1052 -65.17 -17.20 -21.43
CA ASP A 1052 -64.24 -16.52 -20.52
C ASP A 1052 -62.92 -16.23 -21.25
N ALA A 1053 -62.50 -14.98 -21.22
CA ALA A 1053 -61.30 -14.57 -21.94
C ALA A 1053 -60.07 -15.27 -21.40
N LYS A 1054 -60.01 -15.38 -20.08
CA LYS A 1054 -58.87 -16.03 -19.42
C LYS A 1054 -58.94 -17.54 -19.63
N THR A 1055 -59.79 -18.21 -18.87
CA THR A 1055 -60.05 -19.62 -19.08
C THR A 1055 -60.89 -19.77 -20.36
N GLY A 1056 -60.34 -20.45 -21.37
CA GLY A 1056 -61.03 -20.59 -22.64
C GLY A 1056 -62.41 -21.23 -22.58
N GLU A 1057 -62.86 -21.53 -21.36
CA GLU A 1057 -64.16 -22.14 -21.11
C GLU A 1057 -65.31 -21.25 -21.56
N PRO A 1058 -66.51 -21.84 -21.67
CA PRO A 1058 -67.74 -21.11 -21.97
C PRO A 1058 -68.36 -20.50 -20.72
N VAL A 1059 -69.22 -19.51 -20.90
CA VAL A 1059 -69.85 -18.83 -19.77
C VAL A 1059 -71.32 -18.52 -20.08
N ASP A 1060 -72.20 -18.88 -19.13
CA ASP A 1060 -73.63 -18.63 -19.28
C ASP A 1060 -74.01 -17.23 -18.82
N ASP A 1061 -74.87 -16.57 -19.57
CA ASP A 1061 -75.32 -15.23 -19.23
C ASP A 1061 -75.76 -15.17 -17.77
N LYS A 1062 -76.50 -16.19 -17.34
CA LYS A 1062 -77.04 -16.20 -15.98
C LYS A 1062 -75.96 -16.10 -14.89
N ASP A 1063 -74.76 -16.56 -15.25
CA ASP A 1063 -73.65 -16.61 -14.31
C ASP A 1063 -72.80 -15.36 -14.37
N VAL A 1064 -72.83 -14.67 -15.51
CA VAL A 1064 -72.01 -13.48 -15.71
C VAL A 1064 -71.97 -12.60 -14.46
N LYS A 1065 -73.15 -12.29 -13.95
CA LYS A 1065 -73.28 -11.43 -12.77
C LYS A 1065 -72.55 -12.02 -11.56
N ALA A 1066 -72.70 -13.33 -11.36
CA ALA A 1066 -72.04 -14.00 -10.25
C ALA A 1066 -70.52 -13.88 -10.34
N LYS A 1067 -69.96 -14.41 -11.42
CA LYS A 1067 -68.52 -14.37 -11.66
C LYS A 1067 -67.95 -12.97 -11.51
N TYR A 1068 -68.26 -12.12 -12.48
CA TYR A 1068 -67.49 -10.90 -12.68
C TYR A 1068 -67.94 -9.66 -11.91
N GLU A 1069 -69.19 -9.60 -11.48
CA GLU A 1069 -69.69 -8.36 -10.91
C GLU A 1069 -68.75 -7.88 -9.82
N LYS A 1070 -68.37 -8.80 -8.94
CA LYS A 1070 -67.53 -8.42 -7.83
C LYS A 1070 -66.34 -7.64 -8.35
N TYR A 1071 -65.68 -8.22 -9.34
CA TYR A 1071 -64.50 -7.64 -9.96
C TYR A 1071 -64.85 -6.29 -10.57
N ILE A 1072 -65.79 -6.33 -11.50
CA ILE A 1072 -66.11 -5.19 -12.34
C ILE A 1072 -66.23 -3.89 -11.56
N LEU A 1073 -66.99 -3.94 -10.46
CA LEU A 1073 -67.22 -2.76 -9.63
C LEU A 1073 -65.96 -2.33 -8.92
N GLU A 1074 -65.16 -3.33 -8.55
CA GLU A 1074 -63.94 -3.10 -7.82
C GLU A 1074 -62.86 -2.54 -8.73
N HIS A 1075 -62.99 -2.79 -10.04
CA HIS A 1075 -61.98 -2.27 -10.97
C HIS A 1075 -62.50 -1.22 -11.93
N SER A 1076 -63.59 -0.57 -11.55
CA SER A 1076 -64.03 0.65 -12.21
C SER A 1076 -64.66 1.66 -11.24
N GLY A 1077 -64.86 2.87 -11.73
CA GLY A 1077 -65.34 3.95 -10.91
C GLY A 1077 -64.15 4.78 -10.48
N ILE A 1078 -64.32 5.50 -9.38
CA ILE A 1078 -63.18 6.21 -8.82
C ILE A 1078 -62.44 5.24 -7.91
N ARG A 1079 -61.18 4.97 -8.21
CA ARG A 1079 -60.42 4.02 -7.42
C ARG A 1079 -59.00 4.48 -7.16
N LEU A 1080 -58.27 3.63 -6.46
CA LEU A 1080 -56.85 3.83 -6.27
C LEU A 1080 -56.15 3.71 -7.62
N ILE A 1081 -55.23 4.63 -7.89
CA ILE A 1081 -54.55 4.69 -9.18
C ILE A 1081 -53.89 3.35 -9.46
N GLU A 1082 -54.19 2.76 -10.62
CA GLU A 1082 -53.61 1.50 -11.02
C GLU A 1082 -52.50 1.80 -11.98
N PRO A 1083 -51.26 1.43 -11.61
CA PRO A 1083 -50.07 1.92 -12.31
C PRO A 1083 -50.01 1.32 -13.70
N GLU A 1084 -50.51 0.08 -13.83
CA GLU A 1084 -50.56 -0.61 -15.11
C GLU A 1084 -51.21 0.27 -16.18
N LEU A 1085 -52.22 1.03 -15.78
CA LEU A 1085 -52.99 1.87 -16.68
C LEU A 1085 -52.26 3.16 -17.04
N PHE A 1086 -51.09 3.38 -16.43
CA PHE A 1086 -50.37 4.64 -16.61
C PHE A 1086 -48.90 4.42 -16.79
N GLY A 1087 -48.55 3.30 -17.43
CA GLY A 1087 -47.16 3.01 -17.72
C GLY A 1087 -46.24 3.09 -16.52
N GLY A 1088 -46.78 2.77 -15.35
CA GLY A 1088 -45.97 2.66 -14.16
C GLY A 1088 -46.10 3.76 -13.12
N TYR A 1089 -46.88 4.80 -13.41
CA TYR A 1089 -47.06 5.85 -12.42
C TYR A 1089 -47.52 5.23 -11.12
N ASP A 1090 -46.94 5.71 -10.03
CA ASP A 1090 -47.37 5.31 -8.70
C ASP A 1090 -47.12 6.49 -7.82
N PRO A 1091 -48.20 7.15 -7.40
CA PRO A 1091 -48.14 8.38 -6.63
C PRO A 1091 -47.33 8.18 -5.34
N ASN A 1092 -47.05 6.94 -4.95
CA ASN A 1092 -46.28 6.64 -3.74
C ASN A 1092 -44.77 6.76 -3.96
N ARG A 1093 -44.37 6.90 -5.22
CA ARG A 1093 -42.98 7.14 -5.57
C ARG A 1093 -42.84 8.06 -6.78
N LYS A 1094 -43.25 9.31 -6.59
CA LYS A 1094 -43.13 10.36 -7.59
C LYS A 1094 -41.68 10.58 -7.91
N GLN A 1095 -41.27 10.31 -9.14
CA GLN A 1095 -39.87 10.39 -9.48
C GLN A 1095 -39.45 11.80 -9.83
N LEU A 1096 -38.37 12.26 -9.22
CA LEU A 1096 -37.73 13.52 -9.55
C LEU A 1096 -36.24 13.29 -9.82
N LEU A 1097 -35.55 14.30 -10.31
CA LEU A 1097 -34.11 14.26 -10.45
C LEU A 1097 -33.53 15.39 -9.64
N GLN A 1098 -32.39 15.15 -9.03
CA GLN A 1098 -31.70 16.24 -8.34
C GLN A 1098 -30.31 16.45 -8.92
N GLU A 1099 -29.99 17.70 -9.23
CA GLU A 1099 -28.68 18.03 -9.74
C GLU A 1099 -27.66 17.89 -8.63
N VAL A 1100 -26.68 17.03 -8.85
CA VAL A 1100 -25.59 16.79 -7.90
C VAL A 1100 -24.25 17.06 -8.56
N VAL A 1101 -23.45 17.92 -7.94
CA VAL A 1101 -22.13 18.20 -8.47
C VAL A 1101 -21.14 17.25 -7.83
N ILE A 1102 -20.74 16.22 -8.58
CA ILE A 1102 -19.80 15.24 -8.06
C ILE A 1102 -18.53 15.93 -7.61
N GLU A 1103 -17.94 15.45 -6.53
CA GLU A 1103 -16.73 16.08 -6.03
C GLU A 1103 -15.54 15.15 -6.03
N GLN A 1104 -15.67 14.02 -6.72
CA GLN A 1104 -14.52 13.19 -7.04
C GLN A 1104 -14.65 12.51 -8.39
N ASP A 1105 -13.53 12.43 -9.10
CA ASP A 1105 -13.47 11.78 -10.41
C ASP A 1105 -14.35 10.53 -10.46
N LEU A 1106 -14.98 10.31 -11.59
CA LEU A 1106 -15.91 9.22 -11.73
C LEU A 1106 -15.25 8.14 -12.57
N GLU A 1107 -15.71 6.91 -12.44
CA GLU A 1107 -15.11 5.82 -13.20
C GLU A 1107 -15.46 5.97 -14.67
N PRO A 1108 -14.52 5.59 -15.55
CA PRO A 1108 -14.59 5.64 -17.00
C PRO A 1108 -15.57 4.63 -17.57
N PHE A 1109 -16.29 5.02 -18.62
CA PHE A 1109 -17.18 4.09 -19.29
C PHE A 1109 -17.01 4.18 -20.80
N GLU A 1110 -17.47 3.15 -21.50
CA GLU A 1110 -17.35 3.11 -22.96
C GLU A 1110 -18.45 3.93 -23.64
N ALA A 1111 -18.22 4.28 -24.89
CA ALA A 1111 -19.14 5.12 -25.64
C ALA A 1111 -18.80 5.08 -27.12
N SER A 1112 -19.78 5.38 -27.97
CA SER A 1112 -19.50 5.53 -29.40
C SER A 1112 -18.71 6.82 -29.59
N LYS A 1113 -18.05 6.98 -30.73
CA LYS A 1113 -17.28 8.19 -30.94
C LYS A 1113 -18.20 9.41 -30.84
N GLU A 1114 -19.36 9.33 -31.47
CA GLU A 1114 -20.34 10.40 -31.39
C GLU A 1114 -20.66 10.74 -29.95
N GLN A 1115 -21.21 9.78 -29.22
CA GLN A 1115 -21.62 10.00 -27.85
C GLN A 1115 -20.53 10.65 -27.02
N ALA A 1116 -19.32 10.13 -27.16
CA ALA A 1116 -18.18 10.70 -26.47
C ALA A 1116 -18.16 12.19 -26.71
N GLU A 1117 -18.11 12.56 -27.99
CA GLU A 1117 -18.05 13.96 -28.36
C GLU A 1117 -19.17 14.75 -27.66
N GLU A 1118 -20.40 14.27 -27.77
CA GLU A 1118 -21.53 14.94 -27.17
C GLU A 1118 -21.22 15.23 -25.72
N PHE A 1119 -20.73 14.23 -25.00
CA PHE A 1119 -20.44 14.38 -23.56
C PHE A 1119 -19.43 15.46 -23.29
N LYS A 1120 -18.39 15.45 -24.10
CA LYS A 1120 -17.32 16.42 -23.98
C LYS A 1120 -17.86 17.78 -24.37
N ARG A 1121 -18.78 17.78 -25.33
CA ARG A 1121 -19.33 19.03 -25.83
C ARG A 1121 -20.02 19.77 -24.70
N GLU A 1122 -20.65 19.00 -23.81
CA GLU A 1122 -21.43 19.60 -22.73
C GLU A 1122 -20.58 19.96 -21.49
N HIS A 1123 -19.63 19.10 -21.15
CA HIS A 1123 -18.83 19.30 -19.94
C HIS A 1123 -17.45 19.94 -20.18
N GLY A 1124 -16.80 19.55 -21.27
CA GLY A 1124 -15.53 20.13 -21.67
C GLY A 1124 -14.42 19.97 -20.66
N ASP A 1125 -14.20 21.00 -19.85
CA ASP A 1125 -13.18 20.99 -18.82
C ASP A 1125 -13.35 19.80 -17.89
N LYS A 1126 -14.61 19.42 -17.70
CA LYS A 1126 -14.93 18.44 -16.69
C LYS A 1126 -15.07 17.02 -17.21
N VAL A 1127 -14.67 16.80 -18.46
CA VAL A 1127 -14.68 15.45 -18.99
C VAL A 1127 -13.47 15.20 -19.85
N GLU A 1128 -13.01 13.95 -19.86
CA GLU A 1128 -11.92 13.53 -20.71
C GLU A 1128 -12.40 12.38 -21.59
N ILE A 1129 -12.24 12.54 -22.90
CA ILE A 1129 -12.50 11.39 -23.76
C ILE A 1129 -11.30 11.03 -24.60
N PHE A 1130 -11.07 9.73 -24.76
CA PHE A 1130 -9.94 9.25 -25.54
C PHE A 1130 -10.35 8.07 -26.41
N GLU A 1131 -9.70 7.93 -27.57
CA GLU A 1131 -9.93 6.77 -28.42
C GLU A 1131 -9.47 5.49 -27.77
N ILE A 1132 -10.15 4.40 -28.09
CA ILE A 1132 -9.58 3.08 -27.84
C ILE A 1132 -8.92 2.70 -29.16
N PRO A 1133 -7.58 2.62 -29.14
CA PRO A 1133 -6.86 2.46 -30.41
C PRO A 1133 -7.40 1.27 -31.19
N GLU A 1134 -7.83 0.26 -30.46
CA GLU A 1134 -8.16 -1.04 -31.00
C GLU A 1134 -9.58 -1.11 -31.55
N THR A 1135 -10.57 -0.91 -30.67
CA THR A 1135 -11.96 -1.13 -31.04
C THR A 1135 -12.65 0.09 -31.66
N GLY A 1136 -11.93 1.21 -31.73
CA GLY A 1136 -12.49 2.43 -32.30
C GLY A 1136 -13.48 3.15 -31.40
N GLN A 1137 -13.69 2.60 -30.21
CA GLN A 1137 -14.58 3.21 -29.23
C GLN A 1137 -13.91 4.39 -28.54
N TYR A 1138 -14.57 4.90 -27.51
CA TYR A 1138 -14.01 5.97 -26.68
C TYR A 1138 -14.27 5.68 -25.22
N THR A 1139 -13.71 6.54 -24.38
CA THR A 1139 -13.78 6.36 -22.95
C THR A 1139 -14.15 7.68 -22.30
N VAL A 1140 -15.12 7.65 -21.40
CA VAL A 1140 -15.59 8.89 -20.81
C VAL A 1140 -15.36 8.89 -19.31
N ARG A 1141 -14.71 9.95 -18.83
CA ARG A 1141 -14.42 10.12 -17.42
C ARG A 1141 -14.84 11.50 -16.99
N LEU A 1142 -15.87 11.59 -16.16
CA LEU A 1142 -16.26 12.90 -15.66
C LEU A 1142 -15.39 13.24 -14.48
N ARG A 1143 -14.61 14.30 -14.59
CA ARG A 1143 -13.80 14.76 -13.47
C ARG A 1143 -14.62 15.51 -12.40
N LYS A 1144 -14.01 15.71 -11.24
CA LYS A 1144 -14.63 16.47 -10.17
C LYS A 1144 -15.05 17.83 -10.67
N GLY A 1145 -16.25 18.24 -10.31
CA GLY A 1145 -16.81 19.49 -10.78
C GLY A 1145 -17.99 19.19 -11.69
N ALA A 1146 -17.94 18.04 -12.34
CA ALA A 1146 -18.97 17.60 -13.26
C ALA A 1146 -20.33 17.61 -12.60
N THR A 1147 -21.37 17.84 -13.37
CA THR A 1147 -22.70 17.90 -12.79
C THR A 1147 -23.54 16.71 -13.23
N LEU A 1148 -24.13 16.03 -12.25
CA LEU A 1148 -24.85 14.79 -12.52
C LEU A 1148 -26.30 14.89 -12.13
N LEU A 1149 -27.10 13.95 -12.59
CA LEU A 1149 -28.49 13.89 -12.18
C LEU A 1149 -28.78 12.58 -11.50
N ILE A 1150 -29.19 12.64 -10.25
CA ILE A 1150 -29.56 11.44 -9.51
C ILE A 1150 -31.04 11.47 -9.24
N PRO A 1151 -31.73 10.38 -9.56
CA PRO A 1151 -33.16 10.19 -9.31
C PRO A 1151 -33.47 10.10 -7.83
N LYS A 1152 -34.67 10.56 -7.46
CA LYS A 1152 -35.18 10.39 -6.12
C LYS A 1152 -36.68 10.17 -6.23
N ALA A 1153 -37.32 9.81 -5.13
CA ALA A 1153 -38.76 9.58 -5.15
C ALA A 1153 -39.50 10.28 -4.02
N LEU A 1154 -40.74 10.63 -4.28
CA LEU A 1154 -41.57 11.35 -3.33
C LEU A 1154 -42.78 10.53 -2.97
N GLN A 1155 -43.34 10.78 -1.79
CA GLN A 1155 -44.63 10.19 -1.49
C GLN A 1155 -45.73 11.21 -1.71
N PHE A 1156 -46.45 11.02 -2.80
CA PHE A 1156 -47.46 11.98 -3.23
C PHE A 1156 -48.82 11.67 -2.64
N ASP A 1157 -49.73 12.65 -2.70
CA ASP A 1157 -50.99 12.60 -1.96
C ASP A 1157 -52.13 12.01 -2.77
N ARG A 1158 -52.32 12.51 -3.98
CA ARG A 1158 -53.42 12.06 -4.82
C ARG A 1158 -53.24 10.61 -5.29
N LEU A 1159 -53.75 9.67 -4.49
CA LEU A 1159 -53.67 8.26 -4.86
C LEU A 1159 -54.93 7.77 -5.53
N VAL A 1160 -56.00 8.57 -5.46
CA VAL A 1160 -57.28 8.15 -6.04
C VAL A 1160 -57.58 9.00 -7.25
N ALA A 1161 -58.09 8.37 -8.30
CA ALA A 1161 -58.51 9.09 -9.50
C ALA A 1161 -59.52 8.26 -10.28
N GLY A 1162 -60.46 8.93 -10.93
CA GLY A 1162 -61.48 8.24 -11.71
C GLY A 1162 -60.92 7.82 -13.03
N GLN A 1163 -60.77 6.52 -13.23
CA GLN A 1163 -60.06 6.00 -14.40
C GLN A 1163 -60.91 5.03 -15.20
N ILE A 1164 -60.75 5.06 -16.51
CA ILE A 1164 -61.45 4.12 -17.36
C ILE A 1164 -61.30 2.73 -16.80
N PRO A 1165 -62.39 1.94 -16.82
CA PRO A 1165 -62.44 0.56 -16.33
C PRO A 1165 -61.25 -0.29 -16.77
N THR A 1166 -60.79 -1.11 -15.84
CA THR A 1166 -59.58 -1.89 -16.04
C THR A 1166 -59.74 -3.00 -17.10
N GLY A 1167 -59.27 -2.69 -18.29
CA GLY A 1167 -59.26 -3.67 -19.36
C GLY A 1167 -59.75 -3.08 -20.66
N TRP A 1168 -60.31 -1.88 -20.58
CA TRP A 1168 -60.86 -1.22 -21.77
C TRP A 1168 -59.76 -1.05 -22.79
N ASP A 1169 -60.05 -1.46 -24.03
CA ASP A 1169 -59.11 -1.25 -25.10
C ASP A 1169 -59.77 -0.96 -26.43
N ALA A 1170 -59.28 0.08 -27.10
CA ALA A 1170 -59.78 0.47 -28.40
C ALA A 1170 -59.77 -0.70 -29.38
N ARG A 1171 -58.88 -1.65 -29.17
CA ARG A 1171 -58.76 -2.79 -30.06
C ARG A 1171 -60.03 -3.63 -30.10
N ARG A 1172 -60.74 -3.67 -28.98
CA ARG A 1172 -61.97 -4.46 -28.90
C ARG A 1172 -63.06 -3.86 -29.77
N TYR A 1173 -63.16 -2.54 -29.74
CA TYR A 1173 -64.10 -1.79 -30.58
C TYR A 1173 -63.77 -1.91 -32.09
N GLY A 1174 -62.53 -2.30 -32.39
CA GLY A 1174 -62.17 -2.51 -33.78
C GLY A 1174 -61.20 -1.50 -34.38
N VAL A 1175 -60.72 -0.55 -33.59
CA VAL A 1175 -59.71 0.38 -34.08
C VAL A 1175 -58.48 -0.40 -34.58
N PRO A 1176 -57.91 0.04 -35.72
CA PRO A 1176 -56.80 -0.61 -36.42
C PRO A 1176 -55.53 -0.60 -35.61
N GLU A 1177 -54.79 -1.70 -35.66
CA GLU A 1177 -53.58 -1.87 -34.87
C GLU A 1177 -52.57 -0.72 -35.04
N ASP A 1178 -52.18 -0.45 -36.28
CA ASP A 1178 -51.27 0.65 -36.56
C ASP A 1178 -51.72 1.98 -35.92
N ILE A 1179 -52.99 2.32 -36.09
CA ILE A 1179 -53.54 3.56 -35.56
C ILE A 1179 -53.43 3.58 -34.05
N ILE A 1180 -53.53 2.40 -33.44
CA ILE A 1180 -53.38 2.27 -32.00
C ILE A 1180 -51.99 2.72 -31.57
N GLN A 1181 -51.00 2.35 -32.36
CA GLN A 1181 -49.60 2.59 -32.04
C GLN A 1181 -49.15 4.00 -32.39
N GLN A 1182 -49.89 4.66 -33.28
CA GLN A 1182 -49.48 5.95 -33.86
C GLN A 1182 -50.01 7.20 -33.11
N VAL A 1183 -51.10 7.02 -32.36
CA VAL A 1183 -51.76 8.16 -31.75
C VAL A 1183 -51.79 8.16 -30.22
N ASP A 1184 -52.02 9.34 -29.66
CA ASP A 1184 -52.21 9.49 -28.21
C ASP A 1184 -53.47 8.76 -27.75
N PRO A 1185 -53.42 8.10 -26.58
CA PRO A 1185 -54.56 7.40 -25.98
C PRO A 1185 -55.84 8.22 -26.07
N VAL A 1186 -55.73 9.51 -25.74
CA VAL A 1186 -56.83 10.47 -25.85
C VAL A 1186 -57.58 10.34 -27.18
N THR A 1187 -56.84 10.29 -28.27
CA THR A 1187 -57.42 10.09 -29.59
C THR A 1187 -58.23 8.81 -29.63
N LEU A 1188 -57.73 7.76 -28.97
CA LEU A 1188 -58.44 6.49 -28.90
C LEU A 1188 -59.79 6.61 -28.20
N TYR A 1189 -59.82 7.31 -27.08
CA TYR A 1189 -61.09 7.48 -26.40
C TYR A 1189 -62.04 8.22 -27.34
N VAL A 1190 -61.50 9.18 -28.09
CA VAL A 1190 -62.31 10.00 -29.01
C VAL A 1190 -62.80 9.22 -30.23
N LEU A 1191 -61.91 8.45 -30.83
CA LEU A 1191 -62.29 7.62 -31.97
C LEU A 1191 -63.41 6.70 -31.58
N VAL A 1192 -63.19 5.92 -30.53
CA VAL A 1192 -64.22 5.00 -30.07
C VAL A 1192 -65.51 5.74 -29.75
N SER A 1193 -65.38 6.84 -29.02
CA SER A 1193 -66.55 7.64 -28.70
C SER A 1193 -67.37 8.01 -29.94
N VAL A 1194 -66.77 8.83 -30.81
CA VAL A 1194 -67.41 9.27 -32.04
C VAL A 1194 -68.00 8.11 -32.87
N ALA A 1195 -67.40 6.94 -32.75
CA ALA A 1195 -67.87 5.81 -33.52
C ALA A 1195 -69.17 5.29 -32.93
N GLU A 1196 -69.24 5.27 -31.60
CA GLU A 1196 -70.44 4.80 -30.92
C GLU A 1196 -71.51 5.88 -30.91
N ALA A 1197 -71.05 7.14 -30.98
CA ALA A 1197 -71.98 8.26 -30.98
C ALA A 1197 -72.73 8.33 -32.30
N LEU A 1198 -72.12 7.78 -33.34
CA LEU A 1198 -72.78 7.72 -34.64
C LEU A 1198 -73.80 6.60 -34.66
N LEU A 1199 -73.56 5.54 -33.89
CA LEU A 1199 -74.45 4.39 -33.87
C LEU A 1199 -75.72 4.71 -33.10
N SER A 1200 -75.53 5.40 -31.98
CA SER A 1200 -76.66 5.85 -31.15
C SER A 1200 -77.49 6.89 -31.88
N SER A 1201 -77.19 7.07 -33.16
CA SER A 1201 -77.86 8.06 -33.98
C SER A 1201 -78.20 7.43 -35.33
N GLY A 1202 -78.16 6.10 -35.37
CA GLY A 1202 -78.57 5.36 -36.56
C GLY A 1202 -77.66 5.44 -37.78
N ILE A 1203 -76.54 6.15 -37.65
CA ILE A 1203 -75.55 6.18 -38.72
C ILE A 1203 -74.62 4.98 -38.57
N THR A 1204 -74.63 4.09 -39.56
CA THR A 1204 -73.72 2.97 -39.58
C THR A 1204 -72.45 3.34 -40.34
N ASP A 1205 -72.64 3.67 -41.60
CA ASP A 1205 -71.58 4.21 -42.43
C ASP A 1205 -71.77 5.71 -42.40
N PRO A 1206 -70.75 6.47 -41.96
CA PRO A 1206 -70.87 7.93 -41.86
C PRO A 1206 -71.05 8.58 -43.23
N TYR A 1207 -70.71 7.81 -44.27
CA TYR A 1207 -70.93 8.21 -45.64
C TYR A 1207 -72.42 8.38 -45.95
N GLU A 1208 -73.28 7.75 -45.14
CA GLU A 1208 -74.72 7.89 -45.27
C GLU A 1208 -75.15 9.35 -45.20
N PHE A 1209 -74.38 10.17 -44.48
CA PHE A 1209 -74.58 11.62 -44.48
C PHE A 1209 -74.51 12.23 -45.89
N TYR A 1210 -73.72 11.62 -46.76
CA TYR A 1210 -73.52 12.14 -48.10
C TYR A 1210 -74.54 11.57 -49.08
N LYS A 1211 -75.65 11.08 -48.53
CA LYS A 1211 -76.85 10.89 -49.31
C LYS A 1211 -77.61 12.20 -49.24
N TYR A 1212 -77.95 12.62 -48.03
CA TYR A 1212 -78.79 13.80 -47.79
C TYR A 1212 -78.03 15.13 -47.83
N VAL A 1213 -76.72 15.08 -47.67
CA VAL A 1213 -75.95 16.31 -47.53
C VAL A 1213 -74.57 16.31 -48.19
N HIS A 1214 -74.15 17.49 -48.63
CA HIS A 1214 -72.89 17.68 -49.35
C HIS A 1214 -71.69 17.53 -48.44
N LEU A 1215 -70.56 17.12 -49.02
CA LEU A 1215 -69.32 16.89 -48.26
C LEU A 1215 -68.97 18.06 -47.35
N SER A 1216 -69.47 19.26 -47.67
CA SER A 1216 -69.06 20.46 -46.95
C SER A 1216 -70.00 20.88 -45.81
N GLU A 1217 -70.82 19.95 -45.34
CA GLU A 1217 -71.77 20.26 -44.27
C GLU A 1217 -71.64 19.34 -43.05
N VAL A 1218 -70.74 18.35 -43.10
CA VAL A 1218 -70.46 17.54 -41.93
C VAL A 1218 -69.30 18.17 -41.19
N GLY A 1219 -69.60 19.00 -40.20
CA GLY A 1219 -68.58 19.73 -39.48
C GLY A 1219 -68.05 19.00 -38.27
N ASN A 1220 -66.88 19.40 -37.79
CA ASN A 1220 -66.25 18.74 -36.66
C ASN A 1220 -65.65 19.72 -35.63
N CYS A 1221 -66.26 19.76 -34.45
CA CYS A 1221 -65.89 20.71 -33.41
C CYS A 1221 -65.51 20.09 -32.06
N ILE A 1222 -64.77 18.99 -32.08
CA ILE A 1222 -64.36 18.40 -30.81
C ILE A 1222 -63.12 19.13 -30.22
N GLY A 1223 -63.19 19.46 -28.94
CA GLY A 1223 -62.12 20.20 -28.28
C GLY A 1223 -61.63 19.56 -26.99
N SER A 1224 -60.77 20.27 -26.27
CA SER A 1224 -60.24 19.75 -25.02
C SER A 1224 -59.48 20.82 -24.27
N GLY A 1225 -59.04 20.50 -23.06
CA GLY A 1225 -58.38 21.45 -22.18
C GLY A 1225 -56.90 21.58 -22.47
N VAL A 1226 -56.25 20.42 -22.63
CA VAL A 1226 -54.85 20.37 -23.07
C VAL A 1226 -54.64 19.26 -24.12
N GLY A 1227 -55.18 18.06 -23.85
CA GLY A 1227 -55.31 16.97 -24.82
C GLY A 1227 -54.12 16.58 -25.69
N GLY A 1228 -53.70 15.32 -25.61
CA GLY A 1228 -52.43 14.92 -26.20
C GLY A 1228 -51.35 15.00 -25.14
N THR A 1229 -51.81 14.94 -23.89
CA THR A 1229 -51.00 15.12 -22.71
C THR A 1229 -49.87 14.11 -22.67
N SER A 1230 -50.07 12.98 -23.35
CA SER A 1230 -49.10 11.89 -23.36
C SER A 1230 -47.95 12.16 -24.33
N ALA A 1231 -48.28 12.59 -25.54
CA ALA A 1231 -47.27 12.96 -26.51
C ALA A 1231 -46.62 14.25 -26.02
N LEU A 1232 -47.42 15.08 -25.38
CA LEU A 1232 -46.96 16.36 -24.88
C LEU A 1232 -45.77 16.12 -23.96
N ARG A 1233 -45.81 14.99 -23.27
CA ARG A 1233 -44.74 14.62 -22.37
C ARG A 1233 -43.52 14.14 -23.13
N GLY A 1234 -43.74 13.21 -24.06
CA GLY A 1234 -42.67 12.63 -24.85
C GLY A 1234 -41.84 13.70 -25.52
N MET A 1235 -42.44 14.87 -25.66
CA MET A 1235 -41.82 15.98 -26.36
C MET A 1235 -40.92 16.74 -25.40
N TYR A 1236 -41.49 17.08 -24.24
CA TYR A 1236 -40.84 17.98 -23.30
C TYR A 1236 -39.99 17.24 -22.27
N LYS A 1237 -40.14 15.93 -22.18
CA LYS A 1237 -39.42 15.14 -21.17
C LYS A 1237 -38.81 13.86 -21.70
N ASP A 1238 -39.66 12.97 -22.22
CA ASP A 1238 -39.18 11.69 -22.69
C ASP A 1238 -38.06 11.82 -23.74
N ARG A 1239 -37.97 12.98 -24.40
CA ARG A 1239 -36.99 13.17 -25.45
C ARG A 1239 -35.72 13.80 -24.91
N TYR A 1240 -35.89 14.65 -23.92
CA TYR A 1240 -34.77 15.25 -23.22
C TYR A 1240 -34.06 14.19 -22.38
N LEU A 1241 -34.75 13.06 -22.21
CA LEU A 1241 -34.25 11.96 -21.40
C LEU A 1241 -33.66 10.91 -22.33
N ASP A 1242 -33.78 11.18 -23.62
CA ASP A 1242 -33.24 10.29 -24.65
C ASP A 1242 -33.92 8.93 -24.67
N LYS A 1243 -35.18 8.88 -24.26
CA LYS A 1243 -35.98 7.67 -24.41
C LYS A 1243 -36.47 7.56 -25.86
N PRO A 1244 -36.84 6.34 -26.32
CA PRO A 1244 -37.28 6.13 -27.70
C PRO A 1244 -38.68 6.69 -27.97
N VAL A 1245 -38.73 7.86 -28.60
CA VAL A 1245 -40.00 8.53 -28.91
C VAL A 1245 -40.15 8.65 -30.42
N GLN A 1246 -41.40 8.64 -30.90
CA GLN A 1246 -41.70 8.80 -32.32
C GLN A 1246 -41.08 10.10 -32.84
N LYS A 1247 -40.98 10.26 -34.16
CA LYS A 1247 -40.46 11.51 -34.72
C LYS A 1247 -41.53 12.58 -34.82
N ASP A 1248 -42.79 12.13 -34.83
CA ASP A 1248 -43.91 13.01 -35.10
C ASP A 1248 -44.82 13.23 -33.89
N ILE A 1249 -44.30 13.02 -32.68
CA ILE A 1249 -45.12 13.23 -31.49
C ILE A 1249 -45.59 14.68 -31.39
N LEU A 1250 -44.99 15.56 -32.17
CA LEU A 1250 -45.46 16.92 -32.24
C LEU A 1250 -46.89 16.93 -32.82
N GLN A 1251 -47.10 16.15 -33.88
CA GLN A 1251 -48.42 15.96 -34.48
C GLN A 1251 -49.48 15.74 -33.41
N GLU A 1252 -49.17 14.88 -32.45
CA GLU A 1252 -50.20 14.37 -31.55
C GLU A 1252 -50.38 15.16 -30.26
N SER A 1253 -49.75 16.32 -30.16
CA SER A 1253 -49.89 17.18 -28.98
C SER A 1253 -50.88 18.32 -29.20
N PHE A 1254 -51.36 18.46 -30.43
CA PHE A 1254 -52.34 19.49 -30.75
C PHE A 1254 -53.74 19.04 -30.39
N VAL A 1255 -54.54 19.96 -29.89
CA VAL A 1255 -55.91 19.65 -29.53
C VAL A 1255 -56.71 19.16 -30.74
N ASN A 1256 -56.37 19.69 -31.92
CA ASN A 1256 -57.17 19.44 -33.11
C ASN A 1256 -56.70 18.25 -33.92
N THR A 1257 -55.71 17.55 -33.42
CA THR A 1257 -55.20 16.38 -34.11
C THR A 1257 -56.15 15.23 -33.85
N MET A 1258 -56.73 15.25 -32.64
CA MET A 1258 -57.79 14.31 -32.32
C MET A 1258 -58.85 14.53 -33.37
N ALA A 1259 -59.42 15.73 -33.39
CA ALA A 1259 -60.42 16.08 -34.38
C ALA A 1259 -60.01 15.59 -35.78
N ALA A 1260 -58.79 15.90 -36.18
CA ALA A 1260 -58.31 15.48 -37.48
C ALA A 1260 -58.46 13.98 -37.68
N TRP A 1261 -57.97 13.19 -36.74
CA TRP A 1261 -58.01 11.73 -36.91
C TRP A 1261 -59.40 11.18 -37.13
N VAL A 1262 -60.38 11.85 -36.53
CA VAL A 1262 -61.79 11.50 -36.65
C VAL A 1262 -62.24 11.59 -38.10
N ASN A 1263 -61.76 12.65 -38.76
CA ASN A 1263 -62.11 12.94 -40.14
C ASN A 1263 -61.32 12.07 -41.14
N MET A 1264 -60.16 11.57 -40.70
CA MET A 1264 -59.28 10.83 -41.59
C MET A 1264 -59.56 9.35 -41.52
N LEU A 1265 -60.49 8.95 -40.65
CA LEU A 1265 -60.77 7.54 -40.46
C LEU A 1265 -62.25 7.20 -40.66
N LEU A 1266 -63.11 8.18 -40.39
CA LEU A 1266 -64.55 7.94 -40.39
C LEU A 1266 -65.29 8.77 -41.42
N LEU A 1267 -65.52 10.03 -41.08
CA LEU A 1267 -66.29 10.95 -41.91
C LEU A 1267 -65.39 11.86 -42.78
N SER A 1268 -65.02 11.39 -43.97
CA SER A 1268 -64.22 12.21 -44.87
C SER A 1268 -65.03 13.38 -45.41
N SER A 1269 -64.75 14.58 -44.93
CA SER A 1269 -65.62 15.71 -45.21
C SER A 1269 -64.86 17.00 -45.37
N THR A 1270 -65.38 17.86 -46.22
CA THR A 1270 -64.86 19.22 -46.39
C THR A 1270 -65.63 20.17 -45.50
N GLY A 1271 -65.92 19.73 -44.28
CA GLY A 1271 -66.76 20.46 -43.36
C GLY A 1271 -65.94 21.43 -42.57
N PRO A 1272 -66.61 22.37 -41.88
CA PRO A 1272 -65.86 23.28 -41.01
C PRO A 1272 -65.21 22.47 -39.88
N ILE A 1273 -64.09 22.96 -39.35
CA ILE A 1273 -63.60 22.48 -38.05
C ILE A 1273 -63.10 23.63 -37.20
N LYS A 1274 -63.71 23.73 -36.04
CA LYS A 1274 -63.36 24.75 -35.08
C LYS A 1274 -63.24 24.02 -33.75
N THR A 1275 -62.00 23.87 -33.29
CA THR A 1275 -61.74 23.13 -32.06
C THR A 1275 -61.38 24.13 -30.95
N PRO A 1276 -62.11 24.05 -29.82
CA PRO A 1276 -62.01 25.04 -28.75
C PRO A 1276 -61.18 24.55 -27.59
N VAL A 1277 -60.73 25.50 -26.78
CA VAL A 1277 -60.07 25.19 -25.52
C VAL A 1277 -60.70 26.03 -24.42
N GLY A 1278 -61.81 25.54 -23.87
CA GLY A 1278 -62.49 26.22 -22.79
C GLY A 1278 -62.17 25.65 -21.43
N ALA A 1279 -60.94 25.16 -21.24
CA ALA A 1279 -60.51 24.55 -19.97
C ALA A 1279 -61.56 23.54 -19.47
N CYS A 1280 -61.88 23.63 -18.18
CA CYS A 1280 -62.83 22.71 -17.56
C CYS A 1280 -64.19 22.66 -18.32
N ALA A 1281 -64.61 23.81 -18.86
CA ALA A 1281 -65.92 23.93 -19.50
C ALA A 1281 -65.90 23.79 -21.02
N THR A 1282 -64.84 23.19 -21.54
CA THR A 1282 -64.68 23.04 -22.99
C THR A 1282 -65.91 22.42 -23.65
N ALA A 1283 -66.29 21.22 -23.19
CA ALA A 1283 -67.35 20.43 -23.82
C ALA A 1283 -68.62 21.23 -24.13
N VAL A 1284 -68.95 22.19 -23.26
CA VAL A 1284 -70.09 23.06 -23.49
C VAL A 1284 -69.80 24.11 -24.55
N GLU A 1285 -68.70 24.84 -24.39
CA GLU A 1285 -68.25 25.79 -25.41
C GLU A 1285 -68.28 25.17 -26.82
N SER A 1286 -67.94 23.88 -26.89
CA SER A 1286 -67.97 23.16 -28.15
C SER A 1286 -69.39 23.04 -28.68
N LEU A 1287 -70.34 22.79 -27.79
CA LEU A 1287 -71.74 22.69 -28.16
C LEU A 1287 -72.14 24.02 -28.75
N ASP A 1288 -71.75 25.09 -28.10
CA ASP A 1288 -71.96 26.45 -28.60
C ASP A 1288 -71.41 26.63 -30.01
N VAL A 1289 -70.09 26.58 -30.13
CA VAL A 1289 -69.40 26.64 -31.41
C VAL A 1289 -70.08 25.82 -32.51
N GLY A 1290 -70.37 24.54 -32.23
CA GLY A 1290 -71.05 23.69 -33.19
C GLY A 1290 -72.43 24.20 -33.53
N TYR A 1291 -73.22 24.49 -32.50
CA TYR A 1291 -74.52 25.14 -32.62
C TYR A 1291 -74.52 26.32 -33.60
N ASP A 1292 -73.75 27.36 -33.27
CA ASP A 1292 -73.64 28.59 -34.06
C ASP A 1292 -73.24 28.29 -35.50
N THR A 1293 -72.20 27.50 -35.65
CA THR A 1293 -71.72 27.12 -36.97
C THR A 1293 -72.84 26.48 -37.81
N ILE A 1294 -73.71 25.69 -37.17
CA ILE A 1294 -74.79 25.04 -37.88
C ILE A 1294 -75.86 26.05 -38.25
N MET A 1295 -76.10 27.00 -37.35
CA MET A 1295 -77.09 28.06 -37.59
C MET A 1295 -76.57 29.20 -38.46
N GLN A 1296 -75.54 28.93 -39.26
CA GLN A 1296 -75.04 29.94 -40.18
C GLN A 1296 -74.80 29.29 -41.55
N GLY A 1297 -75.43 28.13 -41.76
CA GLY A 1297 -75.32 27.43 -43.03
C GLY A 1297 -73.96 26.80 -43.27
N LYS A 1298 -73.07 26.90 -42.28
CA LYS A 1298 -71.72 26.34 -42.41
C LYS A 1298 -71.78 24.82 -42.48
N ALA A 1299 -72.77 24.24 -41.81
CA ALA A 1299 -72.93 22.80 -41.86
C ALA A 1299 -74.29 22.42 -41.29
N ARG A 1300 -74.72 21.21 -41.60
CA ARG A 1300 -76.01 20.71 -41.10
C ARG A 1300 -75.83 19.64 -40.01
N VAL A 1301 -75.03 18.62 -40.28
CA VAL A 1301 -74.61 17.70 -39.23
C VAL A 1301 -73.27 18.19 -38.67
N CYS A 1302 -72.90 17.70 -37.49
CA CYS A 1302 -71.72 18.21 -36.80
C CYS A 1302 -71.46 17.45 -35.50
N LEU A 1303 -70.24 16.91 -35.35
CA LEU A 1303 -69.83 16.21 -34.14
C LEU A 1303 -69.35 17.22 -33.12
N VAL A 1304 -69.82 17.06 -31.89
CA VAL A 1304 -69.48 17.99 -30.82
C VAL A 1304 -69.16 17.19 -29.55
N GLY A 1305 -68.21 17.70 -28.76
CA GLY A 1305 -67.86 17.05 -27.51
C GLY A 1305 -66.58 17.56 -26.90
N GLY A 1306 -66.10 16.83 -25.88
CA GLY A 1306 -64.85 17.17 -25.20
C GLY A 1306 -64.09 15.94 -24.74
N PHE A 1307 -62.80 16.10 -24.50
CA PHE A 1307 -61.96 14.99 -24.02
C PHE A 1307 -60.74 15.50 -23.28
N ASP A 1308 -60.27 14.70 -22.33
CA ASP A 1308 -59.03 15.01 -21.61
C ASP A 1308 -58.60 13.77 -20.84
N ASP A 1309 -57.28 13.61 -20.68
CA ASP A 1309 -56.73 12.41 -20.05
C ASP A 1309 -56.25 12.69 -18.63
N PHE A 1310 -55.92 11.63 -17.91
CA PHE A 1310 -55.28 11.76 -16.60
C PHE A 1310 -53.79 11.47 -16.72
N GLN A 1311 -52.94 12.34 -16.17
CA GLN A 1311 -51.51 12.09 -16.26
C GLN A 1311 -50.68 12.51 -15.05
N GLU A 1312 -49.51 11.90 -14.92
CA GLU A 1312 -48.63 12.13 -13.78
C GLU A 1312 -48.33 13.61 -13.60
N GLU A 1313 -47.98 14.25 -14.71
CA GLU A 1313 -47.60 15.65 -14.71
C GLU A 1313 -48.85 16.51 -14.45
N GLY A 1314 -50.00 16.02 -14.91
CA GLY A 1314 -51.27 16.71 -14.69
C GLY A 1314 -51.68 16.70 -13.24
N SER A 1315 -52.01 15.51 -12.74
CA SER A 1315 -52.44 15.30 -11.36
C SER A 1315 -51.55 16.02 -10.35
N TYR A 1316 -50.24 15.98 -10.60
CA TYR A 1316 -49.27 16.58 -9.70
C TYR A 1316 -49.39 18.09 -9.71
N GLU A 1317 -49.81 18.64 -10.85
CA GLU A 1317 -49.82 20.08 -11.02
C GLU A 1317 -51.04 20.73 -10.36
N PHE A 1318 -52.21 20.11 -10.54
CA PHE A 1318 -53.42 20.61 -9.92
C PHE A 1318 -53.23 20.66 -8.43
N ALA A 1319 -52.60 19.62 -7.91
CA ALA A 1319 -52.37 19.51 -6.49
C ALA A 1319 -51.57 20.68 -5.92
N ASN A 1320 -50.70 21.26 -6.74
CA ASN A 1320 -49.94 22.45 -6.32
C ASN A 1320 -50.78 23.71 -6.27
N MET A 1321 -51.91 23.68 -6.96
CA MET A 1321 -52.85 24.79 -6.97
C MET A 1321 -53.85 24.62 -5.84
N GLY A 1322 -54.16 23.38 -5.51
CA GLY A 1322 -55.07 23.08 -4.42
C GLY A 1322 -56.39 22.61 -4.95
N ALA A 1323 -56.40 22.28 -6.24
CA ALA A 1323 -57.62 21.87 -6.93
C ALA A 1323 -58.10 20.48 -6.53
N THR A 1324 -57.24 19.48 -6.73
CA THR A 1324 -57.55 18.11 -6.37
C THR A 1324 -57.74 17.94 -4.85
N SER A 1325 -58.31 16.80 -4.45
CA SER A 1325 -58.59 16.55 -3.04
C SER A 1325 -57.58 15.56 -2.47
N ASN A 1326 -57.01 15.91 -1.32
CA ASN A 1326 -55.94 15.12 -0.74
C ASN A 1326 -56.39 13.75 -0.24
N ALA A 1327 -56.12 12.72 -1.03
CA ALA A 1327 -56.48 11.36 -0.67
C ALA A 1327 -56.00 10.96 0.72
N LYS A 1328 -54.74 11.24 1.03
CA LYS A 1328 -54.17 10.92 2.34
C LYS A 1328 -54.93 11.54 3.51
N GLU A 1329 -55.25 12.82 3.40
CA GLU A 1329 -56.02 13.49 4.44
C GLU A 1329 -57.43 12.92 4.53
N GLU A 1330 -58.00 12.55 3.39
CA GLU A 1330 -59.37 12.05 3.33
C GLU A 1330 -59.47 10.58 3.74
N PHE A 1331 -58.40 9.84 3.51
CA PHE A 1331 -58.30 8.48 4.02
C PHE A 1331 -58.22 8.53 5.54
N ALA A 1332 -57.82 9.69 6.07
CA ALA A 1332 -57.70 9.90 7.50
C ALA A 1332 -59.00 10.44 8.05
N ARG A 1333 -59.98 10.62 7.17
CA ARG A 1333 -61.31 11.05 7.58
C ARG A 1333 -62.27 9.88 7.47
N GLY A 1334 -61.71 8.72 7.14
CA GLY A 1334 -62.49 7.51 7.07
C GLY A 1334 -63.10 7.34 5.70
N ARG A 1335 -62.83 8.31 4.83
CA ARG A 1335 -63.40 8.31 3.48
C ARG A 1335 -62.87 7.19 2.60
N GLU A 1336 -63.76 6.59 1.81
CA GLU A 1336 -63.35 5.55 0.89
C GLU A 1336 -63.14 6.14 -0.50
N PRO A 1337 -62.32 5.48 -1.32
CA PRO A 1337 -62.06 5.97 -2.68
C PRO A 1337 -63.37 6.13 -3.45
N GLY A 1338 -63.52 7.26 -4.15
CA GLY A 1338 -64.66 7.44 -5.05
C GLY A 1338 -65.92 7.88 -4.33
N GLU A 1339 -65.83 7.86 -3.02
CA GLU A 1339 -66.85 8.43 -2.16
C GLU A 1339 -66.11 9.51 -1.40
N MET A 1340 -65.21 10.13 -2.16
CA MET A 1340 -64.40 11.27 -1.73
C MET A 1340 -64.84 12.49 -2.53
N SER A 1341 -65.86 12.27 -3.35
CA SER A 1341 -66.39 13.30 -4.27
C SER A 1341 -67.82 13.68 -3.88
N ARG A 1342 -67.95 14.69 -3.04
CA ARG A 1342 -69.25 15.15 -2.56
C ARG A 1342 -69.45 16.57 -3.05
N PRO A 1343 -70.22 16.74 -4.13
CA PRO A 1343 -70.36 18.03 -4.81
C PRO A 1343 -71.00 19.17 -3.96
N THR A 1344 -71.79 18.85 -2.95
CA THR A 1344 -72.44 19.90 -2.19
C THR A 1344 -72.23 19.76 -0.70
N SER A 1345 -71.67 18.62 -0.29
CA SER A 1345 -71.48 18.28 1.11
C SER A 1345 -70.85 19.42 1.90
N THR A 1346 -71.01 19.40 3.23
CA THR A 1346 -70.39 20.39 4.08
C THR A 1346 -68.89 20.15 4.04
N THR A 1347 -68.52 18.89 3.81
CA THR A 1347 -67.13 18.44 3.90
C THR A 1347 -66.36 18.56 2.60
N ARG A 1348 -67.04 18.97 1.53
CA ARG A 1348 -66.39 19.10 0.22
C ARG A 1348 -65.12 19.94 0.36
N ASN A 1349 -64.00 19.41 -0.13
CA ASN A 1349 -62.69 20.02 0.10
C ASN A 1349 -61.79 20.14 -1.13
N GLY A 1350 -62.19 19.48 -2.21
CA GLY A 1350 -61.42 19.47 -3.43
C GLY A 1350 -61.99 18.46 -4.41
N PHE A 1351 -61.67 18.63 -5.69
CA PHE A 1351 -62.29 17.81 -6.74
C PHE A 1351 -61.60 16.51 -7.09
N MET A 1352 -62.18 15.78 -8.04
CA MET A 1352 -61.67 14.47 -8.40
C MET A 1352 -61.11 14.45 -9.82
N GLU A 1353 -59.82 14.12 -9.94
CA GLU A 1353 -59.23 13.89 -11.25
C GLU A 1353 -59.93 12.70 -11.91
N SER A 1354 -60.13 12.79 -13.22
CA SER A 1354 -60.77 11.72 -13.95
C SER A 1354 -60.37 11.80 -15.42
N GLN A 1355 -60.51 10.70 -16.14
CA GLN A 1355 -60.11 10.67 -17.53
C GLN A 1355 -61.27 10.22 -18.43
N GLY A 1356 -61.14 10.47 -19.73
CA GLY A 1356 -62.16 10.06 -20.68
C GLY A 1356 -62.65 11.18 -21.60
N CYS A 1357 -63.63 10.84 -22.44
CA CYS A 1357 -64.25 11.85 -23.31
C CYS A 1357 -65.76 11.61 -23.47
N GLY A 1358 -66.41 12.54 -24.15
CA GLY A 1358 -67.83 12.45 -24.42
C GLY A 1358 -68.22 13.26 -25.65
N VAL A 1359 -68.99 12.62 -26.53
CA VAL A 1359 -69.40 13.25 -27.77
C VAL A 1359 -70.92 13.16 -27.94
N GLN A 1360 -71.45 14.05 -28.77
CA GLN A 1360 -72.86 14.06 -29.12
C GLN A 1360 -72.94 14.69 -30.51
N VAL A 1361 -73.58 13.97 -31.44
CA VAL A 1361 -73.69 14.47 -32.80
C VAL A 1361 -74.94 15.34 -32.93
N ILE A 1362 -74.79 16.51 -33.56
CA ILE A 1362 -75.88 17.48 -33.68
C ILE A 1362 -76.29 17.78 -35.12
N MET A 1363 -77.58 18.02 -35.32
CA MET A 1363 -78.14 18.22 -36.65
C MET A 1363 -79.22 19.31 -36.71
N THR A 1364 -79.55 19.70 -37.94
CA THR A 1364 -80.70 20.54 -38.22
C THR A 1364 -81.92 19.69 -37.99
N ALA A 1365 -82.95 20.24 -37.36
CA ALA A 1365 -84.20 19.52 -37.19
C ALA A 1365 -84.63 18.92 -38.52
N GLN A 1366 -84.45 19.71 -39.58
CA GLN A 1366 -84.74 19.27 -40.95
C GLN A 1366 -84.04 17.99 -41.27
N LEU A 1367 -82.73 18.10 -41.45
CA LEU A 1367 -81.90 16.97 -41.82
C LEU A 1367 -82.27 15.78 -40.92
N ALA A 1368 -82.53 16.08 -39.65
CA ALA A 1368 -82.89 15.06 -38.67
C ALA A 1368 -84.09 14.27 -39.14
N LEU A 1369 -85.21 14.96 -39.33
CA LEU A 1369 -86.47 14.34 -39.69
C LEU A 1369 -86.43 13.75 -41.11
N GLU A 1370 -85.67 14.39 -41.98
CA GLU A 1370 -85.53 13.93 -43.35
C GLU A 1370 -84.81 12.60 -43.39
N MET A 1371 -83.74 12.50 -42.59
CA MET A 1371 -82.98 11.27 -42.48
C MET A 1371 -83.82 10.21 -41.74
N GLY A 1372 -84.48 10.65 -40.68
CA GLY A 1372 -85.24 9.72 -39.84
C GLY A 1372 -84.31 9.13 -38.82
N VAL A 1373 -83.71 10.01 -38.02
CA VAL A 1373 -82.79 9.61 -36.99
C VAL A 1373 -83.40 9.97 -35.65
N PRO A 1374 -83.04 9.24 -34.60
CA PRO A 1374 -83.58 9.50 -33.26
C PRO A 1374 -83.34 10.95 -32.87
N ILE A 1375 -84.14 11.47 -31.95
CA ILE A 1375 -83.86 12.82 -31.44
C ILE A 1375 -83.90 12.89 -29.93
N TYR A 1376 -82.73 13.11 -29.34
CA TYR A 1376 -82.53 13.04 -27.88
C TYR A 1376 -82.99 14.32 -27.17
N GLY A 1377 -82.99 15.42 -27.90
CA GLY A 1377 -83.38 16.68 -27.32
C GLY A 1377 -83.07 17.81 -28.25
N ILE A 1378 -83.47 19.01 -27.85
CA ILE A 1378 -83.25 20.23 -28.62
C ILE A 1378 -82.26 21.14 -27.93
N VAL A 1379 -81.18 21.47 -28.62
CA VAL A 1379 -80.29 22.48 -28.08
C VAL A 1379 -81.00 23.81 -28.21
N ALA A 1380 -81.64 24.21 -27.12
CA ALA A 1380 -82.47 25.41 -27.10
C ALA A 1380 -81.63 26.67 -27.21
N MET A 1381 -80.59 26.74 -26.39
CA MET A 1381 -79.73 27.90 -26.36
C MET A 1381 -78.41 27.49 -25.75
N THR A 1382 -77.34 28.17 -26.17
CA THR A 1382 -76.01 27.97 -25.62
C THR A 1382 -75.35 29.32 -25.58
N SER A 1383 -74.37 29.48 -24.69
CA SER A 1383 -73.62 30.73 -24.61
C SER A 1383 -72.42 30.65 -23.65
N THR A 1384 -71.42 31.48 -23.93
CA THR A 1384 -70.22 31.56 -23.11
C THR A 1384 -70.10 32.97 -22.52
N ALA A 1385 -69.47 33.10 -21.36
CA ALA A 1385 -69.39 34.40 -20.70
C ALA A 1385 -68.25 34.53 -19.68
N THR A 1386 -67.53 35.64 -19.80
CA THR A 1386 -66.40 35.96 -18.93
C THR A 1386 -66.87 36.71 -17.70
N ASP A 1387 -65.99 36.88 -16.71
CA ASP A 1387 -66.32 37.64 -15.52
C ASP A 1387 -65.59 38.98 -15.49
N LYS A 1388 -65.56 39.64 -14.34
CA LYS A 1388 -64.98 40.97 -14.22
C LYS A 1388 -63.46 40.96 -14.17
N ILE A 1389 -62.87 42.13 -14.03
CA ILE A 1389 -61.44 42.26 -13.82
C ILE A 1389 -61.06 41.52 -12.55
N GLY A 1390 -59.87 40.92 -12.57
CA GLY A 1390 -59.33 40.26 -11.39
C GLY A 1390 -57.90 39.86 -11.66
N ARG A 1391 -57.27 39.19 -10.68
CA ARG A 1391 -55.94 38.66 -10.88
C ARG A 1391 -55.85 37.17 -10.50
N SER A 1392 -57.00 36.61 -10.09
CA SER A 1392 -57.08 35.19 -9.83
C SER A 1392 -57.59 34.45 -11.06
N VAL A 1393 -56.70 33.69 -11.69
CA VAL A 1393 -56.99 32.98 -12.94
C VAL A 1393 -58.05 31.87 -12.83
N PRO A 1394 -58.11 31.17 -11.69
CA PRO A 1394 -59.07 30.08 -11.61
C PRO A 1394 -60.42 30.46 -10.97
N ALA A 1395 -60.45 31.57 -10.23
CA ALA A 1395 -61.65 31.98 -9.47
C ALA A 1395 -62.95 31.97 -10.28
N PRO A 1396 -63.87 31.04 -9.98
CA PRO A 1396 -65.15 30.97 -10.68
C PRO A 1396 -65.97 32.22 -10.35
N GLY A 1397 -66.65 32.79 -11.34
CA GLY A 1397 -67.40 34.01 -11.15
C GLY A 1397 -68.77 33.93 -11.77
N GLN A 1398 -69.49 35.04 -11.73
CA GLN A 1398 -70.88 35.05 -12.17
C GLN A 1398 -71.07 35.66 -13.56
N GLY A 1399 -70.30 35.17 -14.52
CA GLY A 1399 -70.42 35.67 -15.88
C GLY A 1399 -71.73 35.17 -16.40
N VAL A 1400 -72.01 33.90 -16.16
CA VAL A 1400 -73.15 33.23 -16.76
C VAL A 1400 -74.49 33.84 -16.36
N LEU A 1401 -74.46 34.71 -15.36
CA LEU A 1401 -75.66 35.39 -14.90
C LEU A 1401 -76.33 36.22 -16.01
N THR A 1402 -75.52 36.75 -16.93
CA THR A 1402 -76.04 37.66 -17.94
C THR A 1402 -76.80 36.97 -19.07
N THR A 1403 -77.01 35.67 -18.97
CA THR A 1403 -77.92 35.01 -19.91
C THR A 1403 -79.36 35.15 -19.44
N ALA A 1404 -79.55 35.85 -18.33
CA ALA A 1404 -80.87 36.05 -17.75
C ALA A 1404 -81.08 37.54 -17.65
N ARG A 1405 -80.31 38.27 -18.41
CA ARG A 1405 -80.48 39.68 -18.39
C ARG A 1405 -81.77 39.99 -19.14
N GLU A 1406 -82.62 40.78 -18.51
CA GLU A 1406 -83.87 41.22 -19.13
C GLU A 1406 -84.45 42.39 -18.35
N LYS A 1407 -84.84 43.44 -19.06
CA LYS A 1407 -85.53 44.55 -18.44
C LYS A 1407 -86.92 44.70 -19.04
N SER A 1408 -87.89 43.96 -18.50
CA SER A 1408 -89.28 44.07 -18.95
C SER A 1408 -89.96 45.25 -18.25
N GLY A 1409 -90.78 45.97 -19.00
CA GLY A 1409 -91.46 47.16 -18.49
C GLY A 1409 -92.56 46.81 -17.53
N ASN A 1410 -93.77 47.31 -17.79
CA ASN A 1410 -94.92 46.95 -16.98
C ASN A 1410 -95.65 45.82 -17.65
N PHE A 1411 -95.53 45.79 -18.96
CA PHE A 1411 -96.23 44.82 -19.78
C PHE A 1411 -95.24 43.93 -20.55
N PRO A 1412 -95.44 42.60 -20.51
CA PRO A 1412 -94.65 41.63 -21.26
C PRO A 1412 -94.65 41.93 -22.76
N SER A 1413 -93.52 41.72 -23.41
CA SER A 1413 -93.45 41.82 -24.86
C SER A 1413 -94.48 40.91 -25.50
N PRO A 1414 -95.22 41.44 -26.47
CA PRO A 1414 -96.20 40.68 -27.25
C PRO A 1414 -95.61 39.36 -27.73
N LEU A 1415 -94.32 39.38 -28.03
CA LEU A 1415 -93.64 38.24 -28.66
C LEU A 1415 -93.62 37.00 -27.79
N LEU A 1416 -93.76 37.18 -26.48
CA LEU A 1416 -93.79 36.05 -25.55
C LEU A 1416 -95.10 35.31 -25.70
N ASP A 1417 -96.10 36.00 -26.25
CA ASP A 1417 -97.38 35.41 -26.57
C ASP A 1417 -97.30 34.72 -27.92
N ILE A 1418 -97.45 33.39 -27.94
CA ILE A 1418 -97.33 32.61 -29.17
C ILE A 1418 -98.37 32.99 -30.21
N LYS A 1419 -99.53 33.45 -29.75
CA LYS A 1419 -100.60 33.84 -30.65
C LYS A 1419 -100.22 35.10 -31.44
N TYR A 1420 -99.63 36.08 -30.76
CA TYR A 1420 -99.15 37.29 -31.42
C TYR A 1420 -98.21 36.94 -32.56
N ARG A 1421 -97.28 36.03 -32.28
CA ARG A 1421 -96.36 35.57 -33.31
C ARG A 1421 -97.11 34.78 -34.38
N ARG A 1422 -98.12 34.02 -33.97
CA ARG A 1422 -99.00 33.31 -34.89
C ARG A 1422 -99.58 34.25 -35.94
N ARG A 1423 -100.23 35.31 -35.47
CA ARG A 1423 -100.81 36.33 -36.35
C ARG A 1423 -99.77 36.82 -37.35
N GLN A 1424 -98.75 37.49 -36.79
CA GLN A 1424 -97.69 38.11 -37.58
C GLN A 1424 -97.08 37.15 -38.60
N LEU A 1425 -96.94 35.88 -38.20
CA LEU A 1425 -96.38 34.86 -39.07
C LEU A 1425 -97.25 34.66 -40.30
N GLU A 1426 -98.47 34.15 -40.09
CA GLU A 1426 -99.38 33.90 -41.19
C GLU A 1426 -99.82 35.18 -41.85
N LEU A 1427 -99.55 36.29 -41.18
CA LEU A 1427 -99.68 37.59 -41.80
C LEU A 1427 -98.67 37.70 -42.95
N ARG A 1428 -97.39 37.51 -42.63
CA ARG A 1428 -96.34 37.51 -43.64
C ARG A 1428 -96.47 36.33 -44.60
N ARG A 1429 -97.21 35.30 -44.20
CA ARG A 1429 -97.43 34.13 -45.05
C ARG A 1429 -98.39 34.46 -46.17
N GLN A 1430 -99.40 35.23 -45.82
CA GLN A 1430 -100.31 35.78 -46.80
C GLN A 1430 -99.55 36.78 -47.63
N GLN A 1431 -98.95 37.75 -46.94
CA GLN A 1431 -98.14 38.81 -47.54
C GLN A 1431 -97.12 38.21 -48.50
N ILE A 1432 -96.78 36.95 -48.27
CA ILE A 1432 -95.83 36.25 -49.12
C ILE A 1432 -96.49 35.59 -50.33
N LYS A 1433 -97.62 34.96 -50.13
CA LYS A 1433 -98.28 34.29 -51.24
C LYS A 1433 -98.69 35.28 -52.34
N GLN A 1434 -98.98 36.52 -51.96
CA GLN A 1434 -99.38 37.55 -52.91
C GLN A 1434 -98.22 38.09 -53.73
N TRP A 1435 -97.05 38.21 -53.09
CA TRP A 1435 -95.81 38.52 -53.78
C TRP A 1435 -95.48 37.42 -54.79
N LYS A 1436 -95.65 36.17 -54.37
CA LYS A 1436 -95.33 35.04 -55.23
C LYS A 1436 -95.99 35.18 -56.60
N GLU A 1437 -97.22 35.68 -56.62
CA GLU A 1437 -97.94 35.90 -57.88
C GLU A 1437 -97.48 37.18 -58.56
N SER A 1438 -97.46 38.27 -57.81
CA SER A 1438 -96.98 39.55 -58.32
C SER A 1438 -95.67 39.39 -59.10
N GLU A 1439 -94.83 38.45 -58.66
CA GLU A 1439 -93.56 38.18 -59.30
C GLU A 1439 -93.73 37.34 -60.57
N TYR A 1440 -94.66 36.39 -60.53
CA TYR A 1440 -95.01 35.60 -61.71
C TYR A 1440 -95.48 36.51 -62.85
N LEU A 1441 -96.32 37.47 -62.50
CA LEU A 1441 -96.78 38.47 -63.44
C LEU A 1441 -95.57 39.12 -64.07
N TYR A 1442 -94.76 39.75 -63.22
CA TYR A 1442 -93.57 40.49 -63.63
C TYR A 1442 -92.66 39.70 -64.60
N LEU A 1443 -92.57 38.39 -64.39
CA LEU A 1443 -91.76 37.55 -65.26
C LEU A 1443 -92.41 37.37 -66.63
N GLN A 1444 -93.72 37.26 -66.64
CA GLN A 1444 -94.46 37.16 -67.89
C GLN A 1444 -94.10 38.33 -68.80
N GLU A 1445 -94.15 39.54 -68.24
CA GLU A 1445 -93.87 40.76 -68.97
C GLU A 1445 -92.45 40.76 -69.49
N GLU A 1446 -91.51 40.68 -68.56
CA GLU A 1446 -90.09 40.67 -68.88
C GLU A 1446 -89.74 39.59 -69.91
N VAL A 1447 -90.58 38.55 -70.01
CA VAL A 1447 -90.37 37.46 -70.97
C VAL A 1447 -90.43 38.01 -72.39
N ALA A 1448 -91.59 38.51 -72.77
CA ALA A 1448 -91.77 39.07 -74.11
C ALA A 1448 -91.15 40.46 -74.23
N ALA A 1449 -90.68 40.98 -73.09
CA ALA A 1449 -90.06 42.30 -73.05
C ALA A 1449 -88.62 42.25 -73.56
N ILE A 1450 -88.03 41.06 -73.57
CA ILE A 1450 -86.69 40.89 -74.11
C ILE A 1450 -86.76 40.10 -75.42
N LYS A 1451 -87.97 39.72 -75.81
CA LYS A 1451 -88.18 39.17 -77.13
C LYS A 1451 -88.22 40.31 -78.13
N SER A 1452 -88.72 41.46 -77.68
CA SER A 1452 -88.88 42.62 -78.54
C SER A 1452 -87.57 43.38 -78.72
N GLN A 1453 -86.64 43.16 -77.80
CA GLN A 1453 -85.37 43.88 -77.83
C GLN A 1453 -84.28 43.03 -78.46
N ARG A 1454 -84.52 41.72 -78.54
CA ARG A 1454 -83.54 40.80 -79.09
C ARG A 1454 -83.29 41.03 -80.58
N SER A 1455 -82.04 41.31 -80.91
CA SER A 1455 -81.61 41.33 -82.31
C SER A 1455 -81.45 39.88 -82.81
N GLU A 1456 -81.31 39.70 -84.12
CA GLU A 1456 -81.25 38.37 -84.73
C GLU A 1456 -79.86 37.71 -84.65
N GLU A 1457 -78.84 38.52 -84.34
CA GLU A 1457 -77.48 38.03 -84.14
C GLU A 1457 -77.27 37.54 -82.71
N ASP A 1458 -78.17 37.96 -81.83
CA ASP A 1458 -78.22 37.50 -80.44
C ASP A 1458 -78.69 36.05 -80.39
N GLY A 1459 -78.19 35.31 -79.40
CA GLY A 1459 -78.60 33.94 -79.21
C GLY A 1459 -80.10 33.83 -78.99
N PRO A 1460 -80.74 32.87 -79.68
CA PRO A 1460 -82.13 32.46 -79.46
C PRO A 1460 -82.38 32.08 -77.99
N PHE A 1461 -83.28 32.80 -77.32
CA PHE A 1461 -83.57 32.56 -75.90
C PHE A 1461 -84.55 31.42 -75.67
N ASP A 1462 -84.05 30.31 -75.15
CA ASP A 1462 -84.92 29.18 -74.82
C ASP A 1462 -85.94 29.60 -73.81
N GLU A 1463 -87.12 29.96 -74.29
CA GLU A 1463 -88.18 30.44 -73.43
C GLU A 1463 -88.45 29.38 -72.37
N THR A 1464 -88.40 28.11 -72.79
CA THR A 1464 -88.61 27.00 -71.86
C THR A 1464 -87.50 26.97 -70.82
N ALA A 1465 -86.27 27.11 -71.28
CA ALA A 1465 -85.12 27.16 -70.39
C ALA A 1465 -85.21 28.36 -69.46
N TYR A 1466 -85.17 29.55 -70.04
CA TYR A 1466 -85.18 30.78 -69.25
C TYR A 1466 -86.40 30.88 -68.33
N LEU A 1467 -87.56 30.43 -68.79
CA LEU A 1467 -88.75 30.54 -67.95
C LEU A 1467 -88.81 29.46 -66.90
N ARG A 1468 -88.15 28.34 -67.17
CA ARG A 1468 -88.02 27.28 -66.16
C ARG A 1468 -87.21 27.75 -64.96
N GLU A 1469 -85.93 28.03 -65.18
CA GLU A 1469 -85.05 28.49 -64.11
C GLU A 1469 -85.68 29.65 -63.34
N ARG A 1470 -86.40 30.51 -64.06
CA ARG A 1470 -86.99 31.72 -63.48
C ARG A 1470 -88.21 31.43 -62.60
N THR A 1471 -89.02 30.45 -62.98
CA THR A 1471 -90.15 30.05 -62.14
C THR A 1471 -89.67 29.27 -60.91
N GLU A 1472 -88.82 28.28 -61.13
CA GLU A 1472 -88.23 27.48 -60.05
C GLU A 1472 -87.62 28.40 -59.02
N HIS A 1473 -86.96 29.46 -59.49
CA HIS A 1473 -86.36 30.46 -58.62
C HIS A 1473 -87.40 31.20 -57.78
N ILE A 1474 -88.51 31.61 -58.41
CA ILE A 1474 -89.58 32.29 -57.69
C ILE A 1474 -90.13 31.37 -56.62
N GLU A 1475 -90.16 30.08 -56.94
CA GLU A 1475 -90.54 29.05 -55.97
C GLU A 1475 -89.58 29.02 -54.77
N ARG A 1476 -88.33 28.68 -55.03
CA ARG A 1476 -87.30 28.70 -53.98
C ARG A 1476 -87.40 29.98 -53.17
N GLU A 1477 -87.21 31.11 -53.86
CA GLU A 1477 -87.19 32.43 -53.24
C GLU A 1477 -88.42 32.67 -52.36
N ALA A 1478 -89.55 32.12 -52.77
CA ALA A 1478 -90.76 32.16 -51.97
C ALA A 1478 -90.59 31.31 -50.71
N ARG A 1479 -90.26 30.03 -50.91
CA ARG A 1479 -89.99 29.08 -49.84
C ARG A 1479 -89.00 29.65 -48.83
N ARG A 1480 -87.91 30.18 -49.35
CA ARG A 1480 -86.90 30.83 -48.54
C ARG A 1480 -87.56 31.89 -47.68
N GLN A 1481 -88.27 32.81 -48.33
CA GLN A 1481 -88.91 33.93 -47.65
C GLN A 1481 -89.84 33.44 -46.53
N GLU A 1482 -90.45 32.27 -46.74
CA GLU A 1482 -91.29 31.63 -45.73
C GLU A 1482 -90.49 31.30 -44.49
N ALA A 1483 -89.61 30.32 -44.61
CA ALA A 1483 -88.75 29.92 -43.52
C ALA A 1483 -88.15 31.13 -42.81
N GLU A 1484 -87.78 32.16 -43.57
CA GLU A 1484 -87.12 33.34 -43.00
C GLU A 1484 -88.03 34.18 -42.11
N ALA A 1485 -89.29 34.31 -42.47
CA ALA A 1485 -90.26 34.95 -41.60
C ALA A 1485 -90.60 34.00 -40.46
N GLN A 1486 -90.52 32.71 -40.74
CA GLN A 1486 -90.74 31.66 -39.76
C GLN A 1486 -89.62 31.74 -38.74
N THR A 1487 -88.45 32.18 -39.21
CA THR A 1487 -87.28 32.36 -38.38
C THR A 1487 -87.45 33.54 -37.43
N SER A 1488 -87.85 34.68 -37.98
CA SER A 1488 -87.94 35.90 -37.18
C SER A 1488 -89.13 35.94 -36.24
N PHE A 1489 -89.93 34.88 -36.23
CA PHE A 1489 -91.14 34.83 -35.41
C PHE A 1489 -91.29 33.57 -34.55
N GLY A 1490 -90.42 32.61 -34.75
CA GLY A 1490 -90.48 31.37 -34.01
C GLY A 1490 -89.16 30.96 -33.40
N ASN A 1491 -88.06 31.31 -34.06
CA ASN A 1491 -86.74 30.89 -33.63
C ASN A 1491 -85.98 32.01 -32.94
N GLU A 1492 -85.74 33.07 -33.70
CA GLU A 1492 -84.79 34.12 -33.31
C GLU A 1492 -85.44 35.45 -32.96
N PHE A 1493 -86.71 35.43 -32.54
CA PHE A 1493 -87.43 36.66 -32.25
C PHE A 1493 -86.94 37.39 -30.98
N TRP A 1494 -85.92 36.83 -30.34
CA TRP A 1494 -85.39 37.40 -29.10
C TRP A 1494 -83.93 37.85 -29.22
N ARG A 1495 -83.40 37.80 -30.44
CA ARG A 1495 -82.03 38.24 -30.70
C ARG A 1495 -81.85 39.69 -30.31
N ARG A 1496 -80.99 39.91 -29.32
CA ARG A 1496 -80.67 41.25 -28.85
C ARG A 1496 -81.91 41.98 -28.36
N ASP A 1497 -82.92 41.24 -27.93
CA ASP A 1497 -84.13 41.86 -27.38
C ASP A 1497 -83.97 42.25 -25.90
N SER A 1498 -83.84 43.56 -25.65
CA SER A 1498 -83.60 44.09 -24.30
C SER A 1498 -84.69 43.68 -23.29
N ARG A 1499 -85.81 43.20 -23.81
CA ARG A 1499 -86.98 42.94 -22.98
C ARG A 1499 -87.27 41.45 -22.93
N ILE A 1500 -86.32 40.65 -23.39
CA ILE A 1500 -86.44 39.19 -23.37
C ILE A 1500 -85.09 38.55 -23.05
N ALA A 1501 -84.97 37.93 -21.87
CA ALA A 1501 -83.78 37.18 -21.53
C ALA A 1501 -83.68 35.97 -22.46
N PRO A 1502 -82.46 35.66 -22.90
CA PRO A 1502 -82.21 34.57 -23.85
C PRO A 1502 -82.75 33.29 -23.31
N LEU A 1503 -82.66 33.21 -21.99
CA LEU A 1503 -83.24 32.09 -21.31
C LEU A 1503 -84.74 32.06 -21.63
N ARG A 1504 -85.41 33.19 -21.39
CA ARG A 1504 -86.81 33.35 -21.79
C ARG A 1504 -86.98 32.97 -23.23
N GLY A 1505 -86.23 33.67 -24.07
CA GLY A 1505 -86.31 33.54 -25.51
C GLY A 1505 -86.42 32.10 -25.94
N ALA A 1506 -85.31 31.37 -25.86
CA ALA A 1506 -85.27 30.02 -26.42
C ALA A 1506 -86.33 29.11 -25.80
N LEU A 1507 -86.75 29.43 -24.57
CA LEU A 1507 -87.76 28.65 -23.87
C LEU A 1507 -89.16 28.98 -24.41
N ALA A 1508 -89.39 30.27 -24.60
CA ALA A 1508 -90.65 30.75 -25.13
C ALA A 1508 -90.89 30.24 -26.54
N THR A 1509 -89.82 30.15 -27.34
CA THR A 1509 -89.95 29.70 -28.73
C THR A 1509 -90.61 28.31 -28.84
N TRP A 1510 -90.66 27.58 -27.72
CA TRP A 1510 -91.27 26.26 -27.72
C TRP A 1510 -92.48 26.26 -26.79
N GLY A 1511 -92.76 27.44 -26.24
CA GLY A 1511 -93.97 27.63 -25.48
C GLY A 1511 -93.81 27.33 -24.01
N LEU A 1512 -92.74 27.87 -23.43
CA LEU A 1512 -92.40 27.54 -22.06
C LEU A 1512 -91.87 28.78 -21.34
N THR A 1513 -92.11 28.84 -20.02
CA THR A 1513 -91.48 29.85 -19.19
C THR A 1513 -90.44 29.19 -18.30
N ILE A 1514 -89.80 29.99 -17.46
CA ILE A 1514 -88.76 29.50 -16.58
C ILE A 1514 -89.30 28.41 -15.67
N ASP A 1515 -90.62 28.39 -15.48
CA ASP A 1515 -91.24 27.44 -14.56
C ASP A 1515 -91.19 26.01 -15.10
N ASP A 1516 -90.84 25.86 -16.36
CA ASP A 1516 -90.79 24.52 -16.99
C ASP A 1516 -89.38 23.90 -16.94
N LEU A 1517 -88.41 24.72 -16.54
CA LEU A 1517 -87.03 24.28 -16.39
C LEU A 1517 -86.99 23.41 -15.14
N GLY A 1518 -87.08 22.10 -15.32
CA GLY A 1518 -87.19 21.19 -14.19
C GLY A 1518 -85.87 20.81 -13.53
N VAL A 1519 -84.96 20.29 -14.33
CA VAL A 1519 -83.67 19.85 -13.82
C VAL A 1519 -82.54 20.78 -14.23
N ALA A 1520 -81.73 21.17 -13.27
CA ALA A 1520 -80.53 21.94 -13.55
C ALA A 1520 -79.35 21.06 -13.27
N SER A 1521 -78.56 20.79 -14.29
CA SER A 1521 -77.35 19.96 -14.14
C SER A 1521 -76.15 20.83 -13.79
N PHE A 1522 -75.57 20.56 -12.64
CA PHE A 1522 -74.54 21.42 -12.10
C PHE A 1522 -73.15 20.88 -12.37
N HIS A 1523 -72.27 21.78 -12.78
CA HIS A 1523 -70.83 21.52 -12.80
C HIS A 1523 -70.45 20.83 -11.48
N GLY A 1524 -70.66 21.54 -10.37
CA GLY A 1524 -70.54 20.99 -9.03
C GLY A 1524 -69.34 20.07 -8.88
N THR A 1525 -68.19 20.70 -8.67
CA THR A 1525 -66.92 19.97 -8.69
C THR A 1525 -66.44 19.48 -7.33
N SER A 1526 -67.32 19.51 -6.33
CA SER A 1526 -66.94 19.09 -4.98
C SER A 1526 -65.90 20.01 -4.35
N THR A 1527 -65.64 21.16 -4.98
CA THR A 1527 -64.74 22.16 -4.41
C THR A 1527 -65.53 23.10 -3.52
N VAL A 1528 -64.83 23.98 -2.82
CA VAL A 1528 -65.51 24.83 -1.86
C VAL A 1528 -66.32 25.91 -2.54
N ALA A 1529 -65.66 26.72 -3.36
CA ALA A 1529 -66.29 27.92 -3.91
C ALA A 1529 -67.24 27.67 -5.09
N ASN A 1530 -66.88 26.74 -5.98
CA ASN A 1530 -67.65 26.47 -7.18
C ASN A 1530 -69.12 26.14 -6.93
N ASP A 1531 -69.38 25.38 -5.87
CA ASP A 1531 -70.74 24.89 -5.61
C ASP A 1531 -71.61 25.97 -4.96
N LYS A 1532 -71.00 26.78 -4.12
CA LYS A 1532 -71.70 27.94 -3.56
C LYS A 1532 -71.99 28.97 -4.65
N ASN A 1533 -71.12 29.04 -5.65
CA ASN A 1533 -71.27 29.99 -6.72
C ASN A 1533 -72.21 29.50 -7.81
N GLU A 1534 -72.01 28.27 -8.26
CA GLU A 1534 -72.89 27.65 -9.25
C GLU A 1534 -74.35 27.76 -8.87
N SER A 1535 -74.67 27.30 -7.67
CA SER A 1535 -76.02 27.41 -7.16
C SER A 1535 -76.48 28.87 -7.28
N ASP A 1536 -75.63 29.78 -6.80
CA ASP A 1536 -75.93 31.21 -6.79
C ASP A 1536 -76.34 31.75 -8.15
N VAL A 1537 -75.50 31.56 -9.15
CA VAL A 1537 -75.81 32.05 -10.48
C VAL A 1537 -77.16 31.51 -10.95
N ILE A 1538 -77.31 30.19 -10.98
CA ILE A 1538 -78.55 29.58 -11.43
C ILE A 1538 -79.73 30.08 -10.63
N CYS A 1539 -79.48 30.39 -9.36
CA CYS A 1539 -80.53 30.92 -8.49
C CYS A 1539 -80.99 32.29 -8.99
N GLN A 1540 -80.11 33.30 -8.87
CA GLN A 1540 -80.37 34.67 -9.35
C GLN A 1540 -81.08 34.70 -10.69
N GLN A 1541 -80.57 33.91 -11.62
CA GLN A 1541 -81.20 33.75 -12.92
C GLN A 1541 -82.69 33.41 -12.74
N LEU A 1542 -82.98 32.25 -12.16
CA LEU A 1542 -84.36 31.81 -11.98
C LEU A 1542 -85.22 32.87 -11.31
N LYS A 1543 -84.71 33.51 -10.27
CA LYS A 1543 -85.45 34.56 -9.60
C LYS A 1543 -85.75 35.73 -10.54
N HIS A 1544 -84.70 36.34 -11.09
CA HIS A 1544 -84.85 37.57 -11.88
C HIS A 1544 -85.56 37.37 -13.23
N LEU A 1545 -85.96 36.15 -13.53
CA LEU A 1545 -86.81 35.90 -14.70
C LEU A 1545 -88.26 35.80 -14.28
N GLY A 1546 -88.50 35.60 -12.99
CA GLY A 1546 -89.84 35.56 -12.45
C GLY A 1546 -90.31 34.20 -12.00
N ARG A 1547 -89.38 33.25 -11.93
CA ARG A 1547 -89.68 31.90 -11.47
C ARG A 1547 -90.65 31.94 -10.29
N THR A 1548 -91.80 31.28 -10.43
CA THR A 1548 -92.79 31.22 -9.36
C THR A 1548 -92.20 30.69 -8.07
N LYS A 1549 -92.26 31.47 -7.01
CA LYS A 1549 -91.65 31.08 -5.74
C LYS A 1549 -92.23 29.79 -5.13
N GLY A 1550 -91.35 28.87 -4.79
CA GLY A 1550 -91.80 27.58 -4.31
C GLY A 1550 -91.56 26.50 -5.35
N ASN A 1551 -91.34 26.91 -6.58
CA ASN A 1551 -91.03 25.95 -7.63
C ASN A 1551 -89.54 25.77 -7.83
N ALA A 1552 -88.99 24.72 -7.23
CA ALA A 1552 -87.56 24.53 -7.24
C ALA A 1552 -87.13 23.63 -8.38
N VAL A 1553 -85.84 23.66 -8.68
CA VAL A 1553 -85.25 22.81 -9.70
C VAL A 1553 -84.47 21.64 -9.08
N LEU A 1554 -84.72 20.44 -9.58
CA LEU A 1554 -83.95 19.29 -9.16
C LEU A 1554 -82.53 19.48 -9.67
N GLY A 1555 -81.57 19.51 -8.73
CA GLY A 1555 -80.16 19.70 -9.04
C GLY A 1555 -79.34 18.42 -9.16
N ILE A 1556 -78.72 18.24 -10.33
CA ILE A 1556 -77.90 17.07 -10.57
C ILE A 1556 -76.43 17.42 -10.43
N PHE A 1557 -75.68 16.52 -9.80
CA PHE A 1557 -74.23 16.69 -9.71
C PHE A 1557 -73.56 15.37 -10.08
N GLN A 1558 -73.39 15.14 -11.38
CA GLN A 1558 -72.89 13.86 -11.88
C GLN A 1558 -71.43 13.60 -11.46
N LYS A 1559 -70.81 14.60 -10.85
CA LYS A 1559 -69.40 14.50 -10.48
C LYS A 1559 -69.16 13.51 -9.36
N TYR A 1560 -70.18 13.25 -8.55
CA TYR A 1560 -70.02 12.32 -7.44
C TYR A 1560 -69.66 10.93 -7.93
N LEU A 1561 -70.22 10.56 -9.07
CA LEU A 1561 -70.06 9.20 -9.59
C LEU A 1561 -68.83 9.06 -10.48
N THR A 1562 -68.59 10.07 -11.30
CA THR A 1562 -67.63 9.98 -12.38
C THR A 1562 -66.35 10.77 -12.14
N GLY A 1563 -66.32 11.60 -11.11
CA GLY A 1563 -65.18 12.46 -10.90
C GLY A 1563 -65.24 13.56 -11.92
N HIS A 1564 -64.12 14.23 -12.12
CA HIS A 1564 -64.05 15.41 -12.99
C HIS A 1564 -63.03 15.24 -14.12
N PRO A 1565 -63.51 14.89 -15.33
CA PRO A 1565 -62.65 14.79 -16.52
C PRO A 1565 -62.22 16.19 -16.92
N LYS A 1566 -61.15 16.67 -16.32
CA LYS A 1566 -60.61 17.99 -16.61
C LYS A 1566 -61.44 18.74 -17.67
N GLY A 1567 -61.43 18.27 -18.92
CA GLY A 1567 -62.02 19.01 -20.03
C GLY A 1567 -63.33 18.52 -20.61
N ALA A 1568 -63.55 17.22 -20.59
CA ALA A 1568 -64.77 16.63 -21.14
C ALA A 1568 -65.85 16.57 -20.07
N ALA A 1569 -65.96 17.63 -19.28
CA ALA A 1569 -66.94 17.65 -18.21
C ALA A 1569 -68.35 17.70 -18.77
N GLY A 1570 -68.67 18.84 -19.38
CA GLY A 1570 -70.01 19.09 -19.89
C GLY A 1570 -70.54 17.98 -20.77
N ALA A 1571 -69.65 17.32 -21.50
CA ALA A 1571 -70.07 16.30 -22.45
C ALA A 1571 -70.84 15.21 -21.72
N TRP A 1572 -70.34 14.85 -20.54
CA TRP A 1572 -70.98 13.80 -19.75
C TRP A 1572 -72.28 14.30 -19.16
N MET A 1573 -72.27 15.54 -18.69
CA MET A 1573 -73.44 16.15 -18.07
C MET A 1573 -74.61 16.31 -19.05
N LEU A 1574 -74.28 16.69 -20.27
CA LEU A 1574 -75.29 16.84 -21.31
C LEU A 1574 -75.94 15.51 -21.59
N ASN A 1575 -75.14 14.45 -21.51
CA ASN A 1575 -75.65 13.09 -21.72
C ASN A 1575 -76.55 12.72 -20.56
N GLY A 1576 -76.19 13.18 -19.38
CA GLY A 1576 -76.98 12.94 -18.19
C GLY A 1576 -78.39 13.44 -18.40
N CYS A 1577 -78.51 14.69 -18.81
CA CYS A 1577 -79.81 15.31 -19.03
C CYS A 1577 -80.58 14.66 -20.15
N LEU A 1578 -79.96 14.53 -21.32
CA LEU A 1578 -80.62 13.87 -22.47
C LEU A 1578 -81.14 12.50 -22.07
N GLN A 1579 -80.55 11.91 -21.04
CA GLN A 1579 -81.00 10.62 -20.54
C GLN A 1579 -82.18 10.81 -19.61
N VAL A 1580 -82.11 11.83 -18.76
CA VAL A 1580 -83.23 12.15 -17.87
C VAL A 1580 -84.46 12.53 -18.68
N LEU A 1581 -84.26 13.37 -19.71
CA LEU A 1581 -85.34 13.80 -20.60
C LEU A 1581 -86.10 12.61 -21.14
N ASN A 1582 -85.37 11.55 -21.48
CA ASN A 1582 -86.00 10.39 -22.08
C ASN A 1582 -86.39 9.29 -21.08
N THR A 1583 -86.43 9.62 -19.79
CA THR A 1583 -86.82 8.64 -18.77
C THR A 1583 -87.63 9.29 -17.65
N GLY A 1584 -87.37 10.57 -17.40
CA GLY A 1584 -88.04 11.30 -16.33
C GLY A 1584 -87.44 10.95 -14.99
N ILE A 1585 -86.38 10.15 -15.02
CA ILE A 1585 -85.70 9.76 -13.79
C ILE A 1585 -84.61 10.74 -13.48
N VAL A 1586 -84.82 11.53 -12.43
CA VAL A 1586 -83.80 12.45 -12.00
C VAL A 1586 -82.94 11.77 -10.94
N PRO A 1587 -81.69 11.43 -11.29
CA PRO A 1587 -80.81 10.63 -10.45
C PRO A 1587 -80.31 11.44 -9.26
N GLY A 1588 -80.46 10.88 -8.08
CA GLY A 1588 -80.00 11.52 -6.87
C GLY A 1588 -78.49 11.60 -6.83
N ASN A 1589 -77.98 12.12 -5.73
CA ASN A 1589 -76.55 12.30 -5.52
C ASN A 1589 -76.17 11.59 -4.22
N ARG A 1590 -75.70 10.36 -4.33
CA ARG A 1590 -75.51 9.51 -3.15
C ARG A 1590 -74.49 10.04 -2.15
N ASN A 1591 -73.47 10.74 -2.65
CA ASN A 1591 -72.43 11.31 -1.81
C ASN A 1591 -72.83 12.65 -1.23
N ALA A 1592 -74.12 12.97 -1.32
CA ALA A 1592 -74.64 14.19 -0.72
C ALA A 1592 -74.82 13.97 0.78
N ASP A 1593 -73.76 13.45 1.38
CA ASP A 1593 -73.61 13.32 2.82
C ASP A 1593 -74.68 14.11 3.55
N ASN A 1594 -74.43 15.41 3.66
CA ASN A 1594 -75.29 16.32 4.38
C ASN A 1594 -75.01 17.71 3.87
N VAL A 1595 -75.95 18.24 3.08
CA VAL A 1595 -75.74 19.47 2.32
C VAL A 1595 -75.44 20.71 3.17
N ASP A 1596 -74.45 21.47 2.73
CA ASP A 1596 -73.97 22.63 3.46
C ASP A 1596 -75.10 23.60 3.78
N LYS A 1597 -75.16 24.05 5.03
CA LYS A 1597 -76.13 25.05 5.49
C LYS A 1597 -76.19 26.30 4.60
N VAL A 1598 -75.09 26.62 3.93
CA VAL A 1598 -75.03 27.79 3.07
C VAL A 1598 -76.00 27.65 1.89
N MET A 1599 -76.24 26.40 1.48
CA MET A 1599 -77.12 26.11 0.34
C MET A 1599 -78.61 26.34 0.62
N GLU A 1600 -78.97 26.56 1.88
CA GLU A 1600 -80.36 26.78 2.23
C GLU A 1600 -80.89 28.09 1.63
N GLN A 1601 -80.01 29.11 1.58
CA GLN A 1601 -80.36 30.42 1.02
C GLN A 1601 -81.00 30.31 -0.37
N PHE A 1602 -80.76 29.19 -1.03
CA PHE A 1602 -81.08 29.03 -2.43
C PHE A 1602 -82.43 28.35 -2.59
N ASP A 1603 -83.48 29.16 -2.45
CA ASP A 1603 -84.86 28.70 -2.51
C ASP A 1603 -85.10 27.78 -3.69
N TYR A 1604 -84.66 28.22 -4.87
CA TYR A 1604 -85.11 27.66 -6.13
C TYR A 1604 -84.43 26.35 -6.50
N ILE A 1605 -83.41 25.97 -5.71
CA ILE A 1605 -82.69 24.74 -5.96
C ILE A 1605 -82.93 23.72 -4.86
N VAL A 1606 -83.10 22.46 -5.25
CA VAL A 1606 -83.27 21.41 -4.26
C VAL A 1606 -82.33 20.26 -4.61
N TYR A 1607 -81.70 19.69 -3.59
CA TYR A 1607 -80.62 18.73 -3.79
C TYR A 1607 -81.00 17.29 -3.43
N PRO A 1608 -81.37 16.48 -4.43
CA PRO A 1608 -81.81 15.09 -4.30
C PRO A 1608 -80.66 14.17 -3.92
N SER A 1609 -80.88 13.31 -2.94
CA SER A 1609 -79.86 12.37 -2.51
C SER A 1609 -80.31 10.94 -2.78
N ARG A 1610 -81.32 10.81 -3.64
CA ARG A 1610 -81.76 9.52 -4.13
C ARG A 1610 -82.62 9.78 -5.36
N SER A 1611 -82.62 8.82 -6.29
CA SER A 1611 -83.29 9.01 -7.57
C SER A 1611 -84.81 9.18 -7.47
N ILE A 1612 -85.32 10.18 -8.19
CA ILE A 1612 -86.75 10.46 -8.22
C ILE A 1612 -87.31 10.17 -9.60
N LYS A 1613 -88.28 9.26 -9.68
CA LYS A 1613 -88.99 8.98 -10.92
C LYS A 1613 -90.18 9.89 -11.05
N THR A 1614 -90.15 10.75 -12.07
CA THR A 1614 -91.14 11.80 -12.22
C THR A 1614 -92.05 11.51 -13.39
N ASP A 1615 -93.05 12.37 -13.59
CA ASP A 1615 -93.95 12.21 -14.72
C ASP A 1615 -93.23 12.52 -16.04
N GLY A 1616 -92.14 13.28 -15.95
CA GLY A 1616 -91.34 13.65 -17.11
C GLY A 1616 -90.70 15.01 -16.94
N ILE A 1617 -89.72 15.32 -17.78
CA ILE A 1617 -89.13 16.64 -17.71
C ILE A 1617 -89.24 17.37 -19.02
N LYS A 1618 -89.40 18.68 -18.95
CA LYS A 1618 -89.62 19.49 -20.14
C LYS A 1618 -88.30 20.09 -20.62
N ALA A 1619 -87.65 20.85 -19.75
CA ALA A 1619 -86.42 21.49 -20.16
C ALA A 1619 -85.43 21.40 -19.03
N PHE A 1620 -84.14 21.49 -19.38
CA PHE A 1620 -83.05 21.40 -18.42
C PHE A 1620 -81.95 22.39 -18.70
N SER A 1621 -81.16 22.67 -17.67
CA SER A 1621 -80.04 23.58 -17.81
C SER A 1621 -78.76 22.93 -17.37
N VAL A 1622 -77.93 22.56 -18.34
CA VAL A 1622 -76.58 22.13 -18.05
C VAL A 1622 -75.62 23.33 -18.13
N THR A 1623 -75.13 23.76 -16.97
CA THR A 1623 -74.19 24.85 -16.92
C THR A 1623 -72.88 24.33 -16.35
N SER A 1624 -71.78 25.02 -16.65
CA SER A 1624 -70.47 24.64 -16.15
C SER A 1624 -69.48 25.79 -16.25
N PHE A 1625 -68.38 25.68 -15.51
CA PHE A 1625 -67.37 26.73 -15.42
C PHE A 1625 -66.00 26.13 -15.65
N GLY A 1626 -65.00 26.98 -15.79
CA GLY A 1626 -63.65 26.51 -16.05
C GLY A 1626 -62.60 27.53 -15.66
N PHE A 1627 -61.34 27.17 -15.89
CA PHE A 1627 -60.25 28.09 -15.57
C PHE A 1627 -60.24 29.25 -16.53
N GLY A 1628 -59.72 30.40 -16.10
CA GLY A 1628 -59.64 31.56 -16.96
C GLY A 1628 -61.00 32.14 -17.29
N GLN A 1629 -61.81 32.30 -16.25
CA GLN A 1629 -63.12 32.94 -16.33
C GLN A 1629 -63.99 32.44 -17.50
N LYS A 1630 -63.92 31.15 -17.74
CA LYS A 1630 -64.68 30.49 -18.78
C LYS A 1630 -66.00 30.00 -18.19
N GLY A 1631 -67.10 30.62 -18.56
CA GLY A 1631 -68.41 30.20 -18.07
C GLY A 1631 -69.39 29.92 -19.19
N ALA A 1632 -69.95 28.72 -19.24
CA ALA A 1632 -70.84 28.34 -20.33
C ALA A 1632 -72.08 27.59 -19.85
N GLN A 1633 -73.23 27.91 -20.43
CA GLN A 1633 -74.50 27.32 -20.02
C GLN A 1633 -75.29 26.92 -21.25
N ALA A 1634 -75.97 25.79 -21.17
CA ALA A 1634 -76.80 25.32 -22.27
C ALA A 1634 -78.17 24.91 -21.76
N ILE A 1635 -79.19 25.13 -22.57
CA ILE A 1635 -80.54 24.71 -22.20
C ILE A 1635 -81.08 23.70 -23.20
N GLY A 1636 -81.67 22.63 -22.70
CA GLY A 1636 -82.20 21.60 -23.57
C GLY A 1636 -83.69 21.42 -23.38
N VAL A 1637 -84.39 21.05 -24.44
CA VAL A 1637 -85.84 20.92 -24.40
C VAL A 1637 -86.32 19.59 -25.00
N HIS A 1638 -87.24 18.96 -24.30
CA HIS A 1638 -87.71 17.64 -24.68
C HIS A 1638 -88.13 17.59 -26.14
N PRO A 1639 -87.81 16.49 -26.82
CA PRO A 1639 -88.18 16.15 -28.20
C PRO A 1639 -89.65 16.38 -28.59
N LYS A 1640 -90.58 15.99 -27.72
CA LYS A 1640 -91.99 16.19 -28.01
C LYS A 1640 -92.24 17.58 -28.61
N TYR A 1641 -91.72 18.63 -27.97
CA TYR A 1641 -91.95 20.01 -28.41
C TYR A 1641 -91.53 20.32 -29.85
N LEU A 1642 -90.50 19.63 -30.35
CA LEU A 1642 -90.15 19.76 -31.75
C LEU A 1642 -91.24 19.15 -32.60
N PHE A 1643 -91.63 17.92 -32.24
CA PHE A 1643 -92.65 17.17 -32.98
C PHE A 1643 -94.00 17.90 -33.03
N ALA A 1644 -94.21 18.80 -32.08
CA ALA A 1644 -95.42 19.61 -32.04
C ALA A 1644 -95.38 20.77 -33.05
N THR A 1645 -94.47 20.69 -34.02
CA THR A 1645 -94.38 21.68 -35.09
C THR A 1645 -95.00 21.10 -36.35
N LEU A 1646 -95.18 19.80 -36.36
CA LEU A 1646 -95.57 19.09 -37.57
C LEU A 1646 -97.05 18.77 -37.63
N ASP A 1647 -97.37 17.82 -38.49
CA ASP A 1647 -98.71 17.25 -38.56
C ASP A 1647 -98.55 15.81 -38.16
N LYS A 1648 -99.60 15.21 -37.59
CA LYS A 1648 -99.62 13.76 -37.37
C LYS A 1648 -99.20 13.09 -38.68
N ALA A 1649 -99.48 13.77 -39.78
CA ALA A 1649 -99.04 13.35 -41.10
C ALA A 1649 -97.54 13.06 -41.06
N GLN A 1650 -96.77 14.13 -40.92
CA GLN A 1650 -95.31 14.08 -40.97
C GLN A 1650 -94.76 13.23 -39.85
N TYR A 1651 -95.06 13.62 -38.62
CA TYR A 1651 -94.54 12.93 -37.46
C TYR A 1651 -94.67 11.42 -37.58
N GLU A 1652 -95.82 10.94 -38.03
CA GLU A 1652 -96.07 9.50 -38.08
C GLU A 1652 -95.39 8.83 -39.27
N ALA A 1653 -94.93 9.65 -40.20
CA ALA A 1653 -94.16 9.18 -41.34
C ALA A 1653 -92.68 9.07 -40.99
N TYR A 1654 -92.23 9.99 -40.13
CA TYR A 1654 -90.89 9.98 -39.55
C TYR A 1654 -90.77 8.82 -38.55
N CYS A 1655 -91.81 8.61 -37.76
CA CYS A 1655 -91.84 7.55 -36.77
C CYS A 1655 -91.57 6.17 -37.38
N VAL A 1656 -91.83 6.03 -38.67
CA VAL A 1656 -91.60 4.75 -39.33
C VAL A 1656 -90.18 4.60 -39.81
N LYS A 1657 -89.60 5.70 -40.29
CA LYS A 1657 -88.19 5.73 -40.69
C LYS A 1657 -87.29 5.39 -39.50
N VAL A 1658 -87.57 6.05 -38.38
CA VAL A 1658 -86.81 5.87 -37.15
C VAL A 1658 -86.68 4.39 -36.76
N GLN A 1659 -87.80 3.68 -36.68
CA GLN A 1659 -87.80 2.30 -36.23
C GLN A 1659 -87.17 1.31 -37.22
N ALA A 1660 -87.05 1.73 -38.48
CA ALA A 1660 -86.30 0.95 -39.45
C ALA A 1660 -84.82 1.08 -39.14
N ARG A 1661 -84.37 2.31 -38.86
CA ARG A 1661 -83.00 2.57 -38.45
C ARG A 1661 -82.61 1.78 -37.21
N GLN A 1662 -83.43 1.89 -36.18
CA GLN A 1662 -83.22 1.16 -34.93
C GLN A 1662 -82.98 -0.34 -35.16
N LYS A 1663 -83.46 -0.86 -36.26
CA LYS A 1663 -83.28 -2.28 -36.51
C LYS A 1663 -81.99 -2.56 -37.26
N LYS A 1664 -81.54 -1.61 -38.07
CA LYS A 1664 -80.22 -1.70 -38.68
C LYS A 1664 -79.19 -1.49 -37.59
N ALA A 1665 -79.43 -0.48 -36.75
CA ALA A 1665 -78.52 -0.15 -35.67
C ALA A 1665 -78.42 -1.32 -34.71
N TYR A 1666 -79.56 -1.94 -34.39
CA TYR A 1666 -79.57 -3.09 -33.51
C TYR A 1666 -78.75 -4.22 -34.11
N ARG A 1667 -78.96 -4.50 -35.39
CA ARG A 1667 -78.20 -5.56 -36.06
C ARG A 1667 -76.70 -5.28 -35.98
N PHE A 1668 -76.33 -4.05 -36.28
CA PHE A 1668 -74.94 -3.66 -36.32
C PHE A 1668 -74.26 -3.87 -34.99
N PHE A 1669 -74.84 -3.29 -33.93
CA PHE A 1669 -74.29 -3.35 -32.59
C PHE A 1669 -74.00 -4.78 -32.13
N HIS A 1670 -74.95 -5.68 -32.32
CA HIS A 1670 -74.74 -7.06 -31.90
C HIS A 1670 -73.72 -7.80 -32.75
N ASN A 1671 -73.77 -7.55 -34.05
CA ASN A 1671 -72.75 -8.05 -34.95
C ASN A 1671 -71.36 -7.53 -34.57
N GLY A 1672 -71.29 -6.26 -34.18
CA GLY A 1672 -70.04 -5.62 -33.80
C GLY A 1672 -69.49 -6.02 -32.44
N LEU A 1673 -70.36 -6.18 -31.44
CA LEU A 1673 -69.96 -6.66 -30.12
C LEU A 1673 -69.29 -8.02 -30.18
N ILE A 1674 -69.86 -8.90 -30.98
CA ILE A 1674 -69.36 -10.25 -31.13
C ILE A 1674 -68.04 -10.28 -31.91
N ASN A 1675 -68.01 -9.58 -33.04
CA ASN A 1675 -66.90 -9.64 -33.97
C ASN A 1675 -65.88 -8.50 -33.85
N ASN A 1676 -66.08 -7.62 -32.87
CA ASN A 1676 -65.14 -6.55 -32.60
C ASN A 1676 -65.03 -5.50 -33.69
N LYS A 1677 -66.17 -5.04 -34.19
CA LYS A 1677 -66.19 -4.08 -35.27
C LYS A 1677 -67.24 -3.03 -35.06
N LEU A 1678 -67.30 -2.46 -33.87
CA LEU A 1678 -68.14 -1.28 -33.65
C LEU A 1678 -67.45 -0.10 -34.32
N PHE A 1679 -66.17 -0.28 -34.64
CA PHE A 1679 -65.38 0.72 -35.34
C PHE A 1679 -64.90 0.14 -36.67
N VAL A 1680 -65.31 0.77 -37.76
CA VAL A 1680 -64.79 0.42 -39.05
C VAL A 1680 -64.01 1.60 -39.60
N ALA A 1681 -62.72 1.40 -39.78
CA ALA A 1681 -61.87 2.43 -40.32
C ALA A 1681 -62.11 2.50 -41.82
N LYS A 1682 -62.34 3.70 -42.33
CA LYS A 1682 -62.49 3.89 -43.77
C LYS A 1682 -61.12 3.95 -44.42
N ASP A 1683 -60.95 3.22 -45.52
CA ASP A 1683 -59.70 3.21 -46.26
C ASP A 1683 -59.70 4.25 -47.38
N LYS A 1684 -60.45 3.97 -48.44
CA LYS A 1684 -60.61 4.95 -49.52
C LYS A 1684 -61.73 5.95 -49.23
N ALA A 1685 -61.57 7.18 -49.70
CA ALA A 1685 -62.64 8.17 -49.62
C ALA A 1685 -63.77 7.78 -50.58
N PRO A 1686 -64.90 8.50 -50.52
CA PRO A 1686 -66.06 8.13 -51.34
C PRO A 1686 -65.82 8.28 -52.85
N TYR A 1687 -65.12 9.35 -53.24
CA TYR A 1687 -64.90 9.65 -54.64
C TYR A 1687 -63.55 9.14 -55.12
N GLU A 1688 -63.52 8.57 -56.33
CA GLU A 1688 -62.26 8.22 -56.97
C GLU A 1688 -61.48 9.51 -57.09
N ASP A 1689 -60.16 9.41 -57.21
CA ASP A 1689 -59.32 10.59 -57.13
C ASP A 1689 -59.57 11.56 -58.28
N ARG A 1690 -59.81 11.02 -59.47
CA ARG A 1690 -60.03 11.83 -60.67
C ARG A 1690 -61.21 12.81 -60.53
N ILE A 1691 -62.21 12.43 -59.75
CA ILE A 1691 -63.42 13.21 -59.64
C ILE A 1691 -63.31 14.33 -58.62
N GLN A 1692 -62.37 14.19 -57.68
CA GLN A 1692 -62.35 15.03 -56.50
C GLN A 1692 -62.71 16.50 -56.71
N SER A 1693 -61.98 17.19 -57.58
CA SER A 1693 -62.21 18.60 -57.77
C SER A 1693 -63.68 18.89 -58.11
N LYS A 1694 -64.26 18.02 -58.93
CA LYS A 1694 -65.65 18.18 -59.36
C LYS A 1694 -66.62 18.00 -58.19
N VAL A 1695 -66.46 16.91 -57.44
CA VAL A 1695 -67.31 16.66 -56.29
C VAL A 1695 -67.23 17.83 -55.31
N PHE A 1696 -66.02 18.34 -55.12
CA PHE A 1696 -65.79 19.44 -54.21
C PHE A 1696 -66.51 20.71 -54.62
N LEU A 1697 -66.88 20.79 -55.89
CA LEU A 1697 -67.39 22.04 -56.45
C LEU A 1697 -68.87 21.99 -56.85
N ASN A 1698 -69.37 20.77 -57.07
CA ASN A 1698 -70.77 20.55 -57.35
C ASN A 1698 -71.55 20.40 -56.05
N PRO A 1699 -72.15 21.51 -55.59
CA PRO A 1699 -72.82 21.59 -54.28
C PRO A 1699 -74.05 20.70 -54.16
N GLN A 1700 -74.22 19.78 -55.12
CA GLN A 1700 -75.35 18.87 -55.08
C GLN A 1700 -74.89 17.45 -55.32
N SER A 1701 -73.61 17.29 -55.64
CA SER A 1701 -73.07 15.96 -55.83
C SER A 1701 -73.25 15.19 -54.56
N ARG A 1702 -73.87 14.02 -54.66
CA ARG A 1702 -74.13 13.20 -53.48
C ARG A 1702 -73.93 11.71 -53.78
N VAL A 1703 -73.55 10.98 -52.75
CA VAL A 1703 -73.20 9.56 -52.86
C VAL A 1703 -74.42 8.69 -53.15
N THR A 1704 -74.25 7.75 -54.07
CA THR A 1704 -75.28 6.77 -54.36
C THR A 1704 -74.88 5.40 -53.85
N GLN A 1705 -75.87 4.60 -53.49
CA GLN A 1705 -75.64 3.21 -53.14
C GLN A 1705 -74.98 2.54 -54.33
N GLU A 1706 -74.03 1.65 -54.09
CA GLU A 1706 -73.43 0.93 -55.20
C GLU A 1706 -73.62 -0.60 -55.13
N SER A 1707 -73.18 -1.27 -56.19
CA SER A 1707 -73.44 -2.70 -56.39
C SER A 1707 -72.71 -3.64 -55.41
N ASN A 1708 -72.06 -3.07 -54.39
CA ASN A 1708 -71.42 -3.88 -53.34
C ASN A 1708 -71.94 -3.58 -51.93
N GLY A 1709 -72.68 -2.48 -51.79
CA GLY A 1709 -73.17 -2.05 -50.49
C GLY A 1709 -72.44 -0.79 -50.05
N GLU A 1710 -71.34 -0.48 -50.74
CA GLU A 1710 -70.53 0.68 -50.42
C GLU A 1710 -71.08 1.97 -51.01
N LEU A 1711 -70.81 3.08 -50.34
CA LEU A 1711 -71.28 4.36 -50.82
C LEU A 1711 -70.16 5.08 -51.56
N LYS A 1712 -70.36 5.27 -52.86
CA LYS A 1712 -69.41 5.99 -53.71
C LYS A 1712 -70.12 7.13 -54.41
N PHE A 1713 -69.44 8.27 -54.54
CA PHE A 1713 -69.85 9.25 -55.53
C PHE A 1713 -69.71 8.62 -56.91
N PRO A 1714 -70.80 8.59 -57.71
CA PRO A 1714 -70.68 7.91 -59.01
C PRO A 1714 -69.88 8.78 -59.94
N ALA A 1715 -69.44 8.22 -61.06
CA ALA A 1715 -68.58 8.93 -62.01
C ALA A 1715 -69.32 9.99 -62.87
N MET B 1 -25.55 -12.97 -121.85
CA MET B 1 -24.36 -13.50 -121.17
C MET B 1 -23.14 -12.58 -121.32
N ARG B 2 -23.38 -11.34 -121.72
CA ARG B 2 -22.32 -10.33 -121.76
C ARG B 2 -22.14 -9.81 -120.34
N PRO B 3 -20.91 -9.85 -119.82
CA PRO B 3 -20.63 -9.33 -118.47
C PRO B 3 -20.99 -7.84 -118.33
N GLU B 4 -20.54 -7.04 -119.28
CA GLU B 4 -20.84 -5.61 -119.31
C GLU B 4 -22.35 -5.37 -119.24
N VAL B 5 -23.10 -6.23 -119.91
CA VAL B 5 -24.55 -6.14 -120.02
C VAL B 5 -25.25 -6.58 -118.73
N GLU B 6 -24.90 -7.77 -118.25
CA GLU B 6 -25.47 -8.30 -117.01
C GLU B 6 -25.35 -7.30 -115.87
N GLN B 7 -24.27 -6.52 -115.87
CA GLN B 7 -24.07 -5.45 -114.88
C GLN B 7 -25.14 -4.38 -114.96
N GLU B 8 -25.14 -3.62 -116.05
CA GLU B 8 -26.08 -2.52 -116.23
C GLU B 8 -27.54 -2.96 -116.07
N LEU B 9 -27.82 -4.23 -116.31
CA LEU B 9 -29.17 -4.79 -116.09
C LEU B 9 -29.50 -4.93 -114.60
N ALA B 10 -28.83 -5.88 -113.93
CA ALA B 10 -29.02 -6.10 -112.50
C ALA B 10 -28.96 -4.79 -111.75
N TYR B 11 -28.13 -3.87 -112.26
CA TYR B 11 -28.00 -2.54 -111.70
C TYR B 11 -29.33 -1.81 -111.65
N THR B 12 -29.91 -1.51 -112.82
CA THR B 12 -31.13 -0.72 -112.85
C THR B 12 -32.32 -1.48 -112.27
N LEU B 13 -32.31 -2.81 -112.42
CA LEU B 13 -33.32 -3.64 -111.79
C LEU B 13 -33.31 -3.43 -110.27
N LEU B 14 -32.10 -3.49 -109.71
CA LEU B 14 -31.87 -3.20 -108.29
C LEU B 14 -32.29 -1.76 -107.99
N VAL B 15 -31.77 -0.81 -108.76
CA VAL B 15 -32.02 0.61 -108.53
C VAL B 15 -33.52 0.90 -108.51
N GLU B 16 -34.24 0.25 -109.42
CA GLU B 16 -35.69 0.39 -109.47
C GLU B 16 -36.36 -0.34 -108.31
N LEU B 17 -35.95 -1.59 -108.09
CA LEU B 17 -36.51 -2.44 -107.03
C LEU B 17 -36.56 -1.73 -105.68
N LEU B 18 -35.43 -1.15 -105.29
CA LEU B 18 -35.34 -0.36 -104.07
C LEU B 18 -36.24 0.87 -104.15
N ALA B 19 -36.06 1.65 -105.21
CA ALA B 19 -36.79 2.90 -105.38
C ALA B 19 -38.28 2.74 -105.10
N TYR B 20 -38.91 1.74 -105.70
CA TYR B 20 -40.36 1.60 -105.61
C TYR B 20 -40.82 0.87 -104.35
N GLN B 21 -39.88 0.38 -103.54
CA GLN B 21 -40.25 -0.32 -102.32
C GLN B 21 -41.11 0.54 -101.38
N PHE B 22 -40.86 1.84 -101.40
CA PHE B 22 -41.72 2.79 -100.70
C PHE B 22 -43.18 2.42 -100.88
N ALA B 23 -43.58 2.37 -102.15
CA ALA B 23 -44.97 2.39 -102.55
C ALA B 23 -45.55 1.02 -102.92
N MET B 24 -44.84 -0.05 -102.56
CA MET B 24 -45.34 -1.40 -102.79
C MET B 24 -45.53 -2.07 -101.45
N PRO B 25 -46.67 -2.77 -101.27
CA PRO B 25 -46.81 -3.55 -100.03
C PRO B 25 -45.67 -4.56 -99.89
N VAL B 26 -45.40 -4.94 -98.64
CA VAL B 26 -44.32 -5.87 -98.32
C VAL B 26 -44.90 -7.28 -98.23
N ARG B 27 -44.69 -8.08 -99.28
CA ARG B 27 -45.21 -9.43 -99.32
C ARG B 27 -44.27 -10.40 -98.60
N TRP B 28 -44.19 -10.27 -97.27
CA TRP B 28 -43.29 -11.09 -96.47
C TRP B 28 -43.75 -12.55 -96.42
N ILE B 29 -45.02 -12.78 -96.70
CA ILE B 29 -45.55 -14.12 -96.73
C ILE B 29 -44.83 -14.93 -97.79
N GLU B 30 -45.00 -14.52 -99.04
CA GLU B 30 -44.47 -15.22 -100.20
C GLU B 30 -42.95 -15.27 -100.17
N THR B 31 -42.34 -14.27 -99.53
CA THR B 31 -40.90 -14.24 -99.36
C THR B 31 -40.51 -15.36 -98.39
N GLN B 32 -41.25 -15.45 -97.29
CA GLN B 32 -41.05 -16.50 -96.28
C GLN B 32 -41.22 -17.89 -96.90
N ASP B 33 -42.11 -17.96 -97.87
CA ASP B 33 -42.46 -19.24 -98.49
C ASP B 33 -41.42 -19.72 -99.50
N VAL B 34 -40.72 -18.78 -100.13
CA VAL B 34 -39.64 -19.15 -101.03
C VAL B 34 -38.52 -19.77 -100.21
N ILE B 35 -38.38 -19.33 -98.97
CA ILE B 35 -37.33 -19.82 -98.08
C ILE B 35 -37.68 -21.19 -97.50
N LEU B 36 -38.93 -21.34 -97.09
CA LEU B 36 -39.37 -22.55 -96.40
C LEU B 36 -39.76 -23.68 -97.36
N ALA B 37 -40.40 -23.33 -98.47
CA ALA B 37 -40.94 -24.33 -99.40
C ALA B 37 -40.05 -24.58 -100.61
N GLU B 38 -39.64 -23.51 -101.27
CA GLU B 38 -38.88 -23.60 -102.52
C GLU B 38 -37.42 -24.08 -102.27
N LYS B 39 -36.71 -23.41 -101.37
CA LYS B 39 -35.32 -23.74 -101.12
C LYS B 39 -35.17 -24.57 -99.86
N ARG B 40 -36.30 -24.96 -99.27
CA ARG B 40 -36.37 -25.82 -98.09
C ARG B 40 -35.19 -25.68 -97.12
N THR B 41 -35.01 -24.49 -96.57
CA THR B 41 -33.89 -24.23 -95.68
C THR B 41 -34.11 -24.85 -94.30
N GLU B 42 -33.08 -25.53 -93.80
CA GLU B 42 -33.13 -26.16 -92.48
C GLU B 42 -32.71 -25.18 -91.41
N ARG B 43 -32.17 -24.05 -91.85
CA ARG B 43 -31.57 -23.11 -90.92
C ARG B 43 -31.94 -21.69 -91.30
N ILE B 44 -33.06 -21.20 -90.79
CA ILE B 44 -33.38 -19.81 -90.95
C ILE B 44 -32.61 -19.03 -89.91
N VAL B 45 -31.86 -18.02 -90.34
CA VAL B 45 -31.16 -17.16 -89.41
C VAL B 45 -31.64 -15.74 -89.56
N GLU B 46 -31.86 -15.10 -88.42
CA GLU B 46 -32.33 -13.73 -88.35
C GLU B 46 -31.21 -12.85 -87.87
N ILE B 47 -31.20 -11.61 -88.34
CA ILE B 47 -30.21 -10.67 -87.87
C ILE B 47 -30.85 -9.34 -87.52
N GLY B 48 -30.80 -9.03 -86.23
CA GLY B 48 -31.35 -7.79 -85.71
C GLY B 48 -31.25 -7.76 -84.21
N PRO B 49 -31.94 -6.80 -83.58
CA PRO B 49 -31.95 -6.61 -82.12
C PRO B 49 -33.04 -7.44 -81.40
N SER B 50 -33.98 -8.02 -82.15
CA SER B 50 -35.06 -8.81 -81.55
C SER B 50 -35.41 -9.97 -82.46
N ASP B 51 -36.12 -10.97 -81.91
CA ASP B 51 -36.51 -12.12 -82.72
C ASP B 51 -37.91 -11.91 -83.34
N THR B 52 -38.07 -10.77 -84.01
CA THR B 52 -39.35 -10.41 -84.61
C THR B 52 -39.70 -11.27 -85.84
N LEU B 53 -38.76 -11.42 -86.77
CA LEU B 53 -38.94 -12.28 -87.94
C LEU B 53 -38.86 -13.76 -87.59
N GLY B 54 -38.39 -14.03 -86.38
CA GLY B 54 -38.20 -15.39 -85.89
C GLY B 54 -39.49 -16.02 -85.42
N GLY B 55 -40.20 -15.34 -84.51
CA GLY B 55 -41.51 -15.78 -84.05
C GLY B 55 -42.55 -15.55 -85.13
N MET B 56 -42.11 -14.91 -86.21
CA MET B 56 -42.91 -14.70 -87.40
C MET B 56 -42.79 -15.91 -88.32
N ALA B 57 -41.57 -16.41 -88.45
CA ALA B 57 -41.31 -17.60 -89.26
C ALA B 57 -41.67 -18.87 -88.51
N ARG B 58 -41.75 -18.79 -87.18
CA ARG B 58 -42.24 -19.91 -86.37
C ARG B 58 -43.73 -20.06 -86.57
N ARG B 59 -44.41 -18.92 -86.66
CA ARG B 59 -45.86 -18.91 -86.82
C ARG B 59 -46.33 -19.38 -88.21
N THR B 60 -45.52 -19.15 -89.25
CA THR B 60 -45.82 -19.67 -90.58
C THR B 60 -45.52 -21.17 -90.66
N LEU B 61 -44.83 -21.69 -89.66
CA LEU B 61 -44.56 -23.14 -89.56
C LEU B 61 -45.70 -23.86 -88.85
N GLN B 62 -46.53 -23.11 -88.14
CA GLN B 62 -47.65 -23.71 -87.43
C GLN B 62 -48.94 -23.67 -88.26
N SER B 63 -49.19 -22.54 -88.91
CA SER B 63 -50.44 -22.35 -89.65
C SER B 63 -50.44 -23.09 -90.99
N LYS B 64 -49.33 -23.04 -91.72
CA LYS B 64 -49.25 -23.72 -93.02
C LYS B 64 -48.44 -25.01 -93.00
N TYR B 65 -47.21 -24.92 -92.49
CA TYR B 65 -46.21 -25.95 -92.75
C TYR B 65 -46.24 -27.15 -91.82
N GLU B 66 -47.31 -27.27 -91.04
CA GLU B 66 -47.42 -28.37 -90.09
C GLU B 66 -47.21 -29.75 -90.75
N ALA B 67 -48.00 -30.02 -91.78
CA ALA B 67 -47.96 -31.31 -92.47
C ALA B 67 -46.74 -31.46 -93.39
N TYR B 68 -46.39 -30.39 -94.09
CA TYR B 68 -45.27 -30.43 -95.03
C TYR B 68 -43.98 -30.86 -94.36
N ASP B 69 -43.67 -30.28 -93.21
CA ASP B 69 -42.44 -30.60 -92.47
C ASP B 69 -42.49 -32.03 -91.92
N ALA B 70 -43.63 -32.42 -91.37
CA ALA B 70 -43.79 -33.75 -90.76
C ALA B 70 -43.70 -34.87 -91.81
N ALA B 71 -44.17 -34.57 -93.01
CA ALA B 71 -44.12 -35.53 -94.12
C ALA B 71 -42.73 -35.56 -94.75
N THR B 72 -42.26 -34.41 -95.21
CA THR B 72 -40.97 -34.30 -95.92
C THR B 72 -39.76 -34.69 -95.06
N SER B 73 -39.95 -34.74 -93.75
CA SER B 73 -38.86 -35.02 -92.82
C SER B 73 -37.88 -33.84 -92.75
N VAL B 74 -38.38 -32.65 -93.05
CA VAL B 74 -37.59 -31.41 -93.02
C VAL B 74 -37.26 -30.98 -91.60
N GLN B 75 -35.97 -30.92 -91.28
CA GLN B 75 -35.52 -30.41 -90.00
C GLN B 75 -35.37 -28.89 -90.10
N ARG B 76 -35.96 -28.15 -89.16
CA ARG B 76 -35.94 -26.69 -89.21
C ARG B 76 -35.45 -26.05 -87.91
N GLN B 77 -34.54 -25.09 -88.07
CA GLN B 77 -33.86 -24.45 -86.95
C GLN B 77 -33.87 -22.93 -87.13
N ILE B 78 -34.69 -22.25 -86.33
CA ILE B 78 -34.84 -20.79 -86.43
C ILE B 78 -33.99 -20.06 -85.38
N LEU B 79 -33.00 -19.32 -85.86
CA LEU B 79 -32.04 -18.66 -84.98
C LEU B 79 -32.07 -17.12 -85.11
N CYS B 80 -32.40 -16.44 -84.01
CA CYS B 80 -32.22 -15.00 -83.93
C CYS B 80 -30.77 -14.69 -83.54
N TYR B 81 -30.30 -13.48 -83.87
CA TYR B 81 -28.92 -13.11 -83.53
C TYR B 81 -28.73 -13.05 -82.02
N CYS B 82 -29.57 -12.25 -81.37
CA CYS B 82 -29.49 -12.01 -79.95
C CYS B 82 -29.66 -13.30 -79.14
N LYS B 83 -30.88 -13.82 -79.14
CA LYS B 83 -31.24 -14.99 -78.35
C LYS B 83 -30.37 -16.22 -78.63
N ASP B 84 -30.41 -16.71 -79.87
CA ASP B 84 -29.71 -17.94 -80.26
C ASP B 84 -28.27 -17.63 -80.68
N ALA B 85 -27.58 -16.87 -79.84
CA ALA B 85 -26.27 -16.32 -80.16
C ALA B 85 -25.20 -17.37 -80.48
N LYS B 86 -25.01 -18.34 -79.60
CA LYS B 86 -23.87 -19.24 -79.70
C LYS B 86 -23.99 -20.31 -80.79
N GLU B 87 -25.22 -20.68 -81.13
CA GLU B 87 -25.45 -21.71 -82.14
C GLU B 87 -25.12 -21.20 -83.53
N ILE B 88 -25.14 -19.90 -83.69
CA ILE B 88 -24.74 -19.27 -84.95
C ILE B 88 -23.24 -19.43 -85.15
N TYR B 89 -22.49 -19.11 -84.10
CA TYR B 89 -21.03 -19.07 -84.15
C TYR B 89 -20.40 -20.44 -83.85
N TYR B 90 -21.22 -21.48 -83.82
CA TYR B 90 -20.75 -22.83 -83.54
C TYR B 90 -19.86 -22.90 -82.30
N ASP B 91 -20.31 -22.30 -81.19
CA ASP B 91 -19.58 -22.33 -79.94
C ASP B 91 -20.31 -23.15 -78.88
N VAL B 92 -19.80 -24.33 -78.57
CA VAL B 92 -20.33 -25.17 -77.49
C VAL B 92 -19.20 -25.62 -76.58
N GLU B 93 -19.55 -26.00 -75.35
CA GLU B 93 -18.58 -26.52 -74.39
C GLU B 93 -18.58 -28.05 -74.37
N PRO B 94 -17.41 -28.66 -74.04
CA PRO B 94 -17.18 -30.12 -74.03
C PRO B 94 -18.11 -30.92 -73.08
N ILE B 325 -7.88 -18.04 -16.51
CA ILE B 325 -6.51 -17.69 -16.13
C ILE B 325 -6.47 -16.30 -15.49
N ASP B 326 -6.43 -15.29 -16.35
CA ASP B 326 -6.25 -13.91 -15.94
C ASP B 326 -7.53 -13.29 -15.39
N ALA B 327 -8.54 -14.13 -15.18
CA ALA B 327 -9.73 -13.72 -14.48
C ALA B 327 -9.41 -13.66 -12.98
N LEU B 328 -8.68 -14.68 -12.52
CA LEU B 328 -8.24 -14.77 -11.13
C LEU B 328 -7.15 -13.73 -10.83
N THR B 329 -6.86 -12.87 -11.79
CA THR B 329 -5.88 -11.79 -11.62
C THR B 329 -6.34 -10.46 -12.24
N LYS B 330 -7.36 -10.50 -13.10
CA LYS B 330 -7.93 -9.26 -13.61
C LYS B 330 -8.54 -8.53 -12.44
N ASP B 331 -8.78 -9.28 -11.38
CA ASP B 331 -9.26 -8.71 -10.13
C ASP B 331 -8.14 -7.87 -9.52
N GLN B 332 -6.97 -8.49 -9.41
CA GLN B 332 -5.75 -7.81 -8.98
C GLN B 332 -5.58 -6.49 -9.69
N ARG B 333 -5.33 -6.60 -10.99
CA ARG B 333 -5.15 -5.44 -11.85
C ARG B 333 -6.14 -4.35 -11.49
N ALA B 334 -7.42 -4.62 -11.71
CA ALA B 334 -8.46 -3.64 -11.41
C ALA B 334 -8.18 -2.94 -10.09
N LEU B 335 -7.81 -3.73 -9.08
CA LEU B 335 -7.49 -3.20 -7.78
C LEU B 335 -6.34 -2.20 -7.82
N PHE B 336 -5.18 -2.67 -8.23
CA PHE B 336 -4.01 -1.81 -8.25
C PHE B 336 -4.20 -0.57 -9.11
N LYS B 337 -4.93 -0.70 -10.21
CA LYS B 337 -5.15 0.42 -11.10
C LYS B 337 -5.86 1.56 -10.38
N GLN B 338 -6.84 1.21 -9.54
CA GLN B 338 -7.49 2.21 -8.71
C GLN B 338 -6.49 2.74 -7.71
N GLN B 339 -5.74 1.83 -7.10
CA GLN B 339 -4.74 2.19 -6.11
C GLN B 339 -3.80 3.25 -6.68
N LEU B 340 -3.50 3.11 -7.97
CA LEU B 340 -2.64 4.04 -8.69
C LEU B 340 -3.34 5.39 -8.73
N GLU B 341 -4.59 5.38 -9.16
CA GLU B 341 -5.35 6.60 -9.37
C GLU B 341 -5.36 7.43 -8.12
N ILE B 342 -5.38 6.78 -6.97
CA ILE B 342 -5.54 7.49 -5.70
C ILE B 342 -4.27 8.18 -5.32
N ILE B 343 -3.16 7.50 -5.55
CA ILE B 343 -1.87 8.10 -5.32
C ILE B 343 -1.77 9.32 -6.20
N ALA B 344 -2.05 9.13 -7.47
CA ALA B 344 -2.08 10.22 -8.41
C ALA B 344 -2.86 11.40 -7.84
N ARG B 345 -4.11 11.15 -7.45
CA ARG B 345 -5.00 12.20 -6.95
C ARG B 345 -4.41 12.91 -5.74
N TYR B 346 -3.65 12.16 -4.97
CA TYR B 346 -3.06 12.67 -3.74
C TYR B 346 -1.84 13.52 -4.06
N LEU B 347 -1.14 13.14 -5.12
CA LEU B 347 0.07 13.83 -5.52
C LEU B 347 -0.30 15.01 -6.39
N LYS B 348 -1.60 15.14 -6.65
CA LYS B 348 -2.12 16.22 -7.48
C LYS B 348 -1.44 16.22 -8.84
N MET B 349 -1.38 15.06 -9.48
CA MET B 349 -0.81 14.96 -10.82
C MET B 349 -1.78 14.31 -11.81
N ASP B 350 -2.14 15.04 -12.85
CA ASP B 350 -3.01 14.52 -13.88
C ASP B 350 -2.26 13.47 -14.68
N LEU B 351 -2.73 12.23 -14.61
CA LEU B 351 -2.05 11.15 -15.29
C LEU B 351 -2.13 11.29 -16.79
N ARG B 352 -3.32 11.60 -17.30
CA ARG B 352 -3.55 11.62 -18.74
C ARG B 352 -3.40 13.00 -19.34
N ALA B 353 -2.79 13.91 -18.60
CA ALA B 353 -2.55 15.26 -19.10
C ALA B 353 -1.49 15.25 -20.21
N GLY B 354 -0.79 14.13 -20.34
CA GLY B 354 0.17 13.98 -21.42
C GLY B 354 -0.57 13.76 -22.72
N ASP B 355 -1.49 12.81 -22.72
CA ASP B 355 -2.27 12.49 -23.91
C ASP B 355 -3.21 13.63 -24.29
N LYS B 356 -3.66 14.37 -23.29
CA LYS B 356 -4.58 15.47 -23.54
C LYS B 356 -3.90 16.50 -24.42
N ALA B 357 -2.71 16.93 -24.02
CA ALA B 357 -1.98 17.95 -24.77
C ALA B 357 -1.54 17.43 -26.13
N PHE B 358 -1.30 16.13 -26.24
CA PHE B 358 -0.95 15.51 -27.50
C PHE B 358 -2.11 15.63 -28.49
N VAL B 359 -3.26 15.08 -28.10
CA VAL B 359 -4.44 15.16 -28.94
C VAL B 359 -4.55 16.56 -29.48
N ALA B 360 -4.49 17.54 -28.57
CA ALA B 360 -4.66 18.93 -28.91
C ALA B 360 -3.73 19.44 -30.01
N SER B 361 -2.43 19.25 -29.84
CA SER B 361 -1.48 19.74 -30.83
C SER B 361 -1.61 18.96 -32.14
N GLN B 362 -2.19 17.77 -32.07
CA GLN B 362 -2.43 17.01 -33.29
C GLN B 362 -3.69 17.46 -34.02
N GLU B 363 -4.38 18.46 -33.49
CA GLU B 363 -5.50 19.05 -34.18
C GLU B 363 -4.99 20.31 -34.88
N SER B 364 -4.09 21.00 -34.21
CA SER B 364 -3.46 22.17 -34.81
C SER B 364 -2.60 21.74 -35.97
N GLN B 365 -1.99 20.57 -35.84
CA GLN B 365 -1.15 20.00 -36.89
C GLN B 365 -1.98 19.59 -38.14
N LYS B 366 -3.30 19.50 -37.98
CA LYS B 366 -4.18 19.23 -39.12
C LYS B 366 -4.55 20.52 -39.83
N ALA B 367 -4.67 21.60 -39.08
CA ALA B 367 -4.97 22.91 -39.65
C ALA B 367 -3.85 23.41 -40.54
N LEU B 368 -2.61 23.09 -40.14
CA LEU B 368 -1.43 23.43 -40.94
C LEU B 368 -1.44 22.64 -42.23
N GLN B 369 -1.30 21.31 -42.09
CA GLN B 369 -1.37 20.43 -43.23
C GLN B 369 -2.55 20.74 -44.14
N ALA B 370 -3.63 21.22 -43.55
CA ALA B 370 -4.78 21.71 -44.32
C ALA B 370 -4.38 22.86 -45.24
N GLN B 371 -3.93 23.96 -44.65
CA GLN B 371 -3.52 25.13 -45.42
C GLN B 371 -2.37 24.80 -46.36
N LEU B 372 -1.38 24.10 -45.86
CA LEU B 372 -0.25 23.73 -46.70
C LEU B 372 -0.66 22.83 -47.86
N ASP B 373 -1.81 22.19 -47.77
CA ASP B 373 -2.28 21.35 -48.84
C ASP B 373 -2.93 22.19 -49.92
N LEU B 374 -3.26 23.43 -49.58
CA LEU B 374 -3.81 24.37 -50.54
C LEU B 374 -2.70 24.83 -51.47
N TRP B 375 -1.64 25.40 -50.89
CA TRP B 375 -0.49 25.83 -51.65
C TRP B 375 -0.06 24.75 -52.61
N GLN B 376 0.00 23.52 -52.11
CA GLN B 376 0.46 22.37 -52.89
C GLN B 376 -0.40 22.11 -54.11
N ALA B 377 -1.67 22.51 -54.02
CA ALA B 377 -2.66 22.22 -55.05
C ALA B 377 -2.78 23.32 -56.06
N GLU B 378 -2.49 24.54 -55.63
CA GLU B 378 -2.61 25.70 -56.50
C GLU B 378 -1.33 25.94 -57.30
N HIS B 379 -0.27 25.21 -56.98
CA HIS B 379 1.00 25.46 -57.66
C HIS B 379 1.69 24.22 -58.21
N GLY B 380 1.48 23.06 -57.60
CA GLY B 380 2.17 21.86 -58.03
C GLY B 380 3.62 21.78 -57.60
N ASP B 381 4.20 20.59 -57.71
CA ASP B 381 5.48 20.30 -57.07
C ASP B 381 6.64 21.09 -57.60
N ILE B 382 6.76 21.09 -58.91
CA ILE B 382 7.96 21.62 -59.52
C ILE B 382 8.13 23.08 -59.17
N TYR B 383 7.00 23.77 -59.05
CA TYR B 383 6.95 25.18 -58.66
C TYR B 383 7.45 25.26 -57.25
N ALA B 384 6.82 24.46 -56.39
CA ALA B 384 7.11 24.46 -54.97
C ALA B 384 8.62 24.38 -54.81
N ALA B 385 9.20 23.36 -55.44
CA ALA B 385 10.63 23.15 -55.34
C ALA B 385 11.40 24.37 -55.85
N GLY B 386 10.93 24.94 -56.94
CA GLY B 386 11.68 25.98 -57.61
C GLY B 386 11.69 27.36 -56.97
N ILE B 387 11.01 27.51 -55.84
CA ILE B 387 10.95 28.82 -55.19
C ILE B 387 11.73 28.84 -53.88
N GLU B 388 12.23 27.67 -53.47
CA GLU B 388 13.03 27.57 -52.26
C GLU B 388 14.29 28.39 -52.45
N PRO B 389 14.55 29.29 -51.50
CA PRO B 389 15.73 30.16 -51.49
C PRO B 389 17.00 29.32 -51.58
N ALA B 390 18.08 29.91 -52.06
CA ALA B 390 19.31 29.17 -52.26
C ALA B 390 20.54 30.05 -52.09
N PHE B 391 20.33 31.37 -52.11
CA PHE B 391 21.45 32.29 -51.98
C PHE B 391 22.00 32.32 -50.55
N ASP B 392 23.32 32.18 -50.42
CA ASP B 392 23.98 32.17 -49.12
C ASP B 392 25.41 32.70 -49.18
N PRO B 393 25.63 33.89 -48.63
CA PRO B 393 26.89 34.62 -48.68
C PRO B 393 28.10 33.75 -48.37
N LEU B 394 27.90 32.71 -47.57
CA LEU B 394 29.03 31.91 -47.10
C LEU B 394 29.51 30.94 -48.17
N LYS B 395 28.70 30.79 -49.20
CA LYS B 395 29.04 29.91 -50.30
C LYS B 395 29.73 30.70 -51.41
N ALA B 396 29.59 32.02 -51.38
CA ALA B 396 30.14 32.88 -52.42
C ALA B 396 31.63 32.64 -52.62
N ARG B 397 32.04 32.30 -53.84
CA ARG B 397 33.46 32.09 -54.12
C ARG B 397 34.01 33.18 -55.03
N VAL B 398 35.20 33.66 -54.71
CA VAL B 398 35.77 34.83 -55.36
C VAL B 398 37.07 34.50 -56.08
N TYR B 399 37.11 34.83 -57.37
CA TYR B 399 38.28 34.56 -58.20
C TYR B 399 38.86 35.89 -58.68
N ASP B 400 40.09 36.21 -58.27
CA ASP B 400 40.71 37.50 -58.59
C ASP B 400 42.23 37.48 -58.84
N SER B 401 42.82 36.28 -58.87
CA SER B 401 44.27 36.16 -58.98
C SER B 401 44.77 36.12 -60.43
N SER B 402 44.42 37.14 -61.20
CA SER B 402 44.84 37.20 -62.58
C SER B 402 46.33 36.95 -62.71
N TRP B 403 47.12 37.64 -61.87
CA TRP B 403 48.58 37.58 -61.95
C TRP B 403 49.13 36.16 -62.03
N ASN B 404 48.79 35.32 -61.06
CA ASN B 404 49.32 33.97 -61.02
C ASN B 404 48.93 33.14 -62.24
N TRP B 405 47.68 33.26 -62.66
CA TRP B 405 47.24 32.49 -63.82
C TRP B 405 48.01 32.87 -65.08
N ALA B 406 48.34 34.16 -65.21
CA ALA B 406 49.07 34.65 -66.37
C ALA B 406 50.35 33.85 -66.55
N ARG B 407 51.20 33.88 -65.52
CA ARG B 407 52.46 33.16 -65.52
C ARG B 407 52.24 31.69 -65.84
N GLN B 408 51.07 31.18 -65.45
CA GLN B 408 50.76 29.78 -65.74
C GLN B 408 50.55 29.56 -67.21
N ASP B 409 49.63 30.33 -67.76
CA ASP B 409 49.25 30.22 -69.16
C ASP B 409 50.46 30.53 -70.01
N ALA B 410 51.24 31.50 -69.54
CA ALA B 410 52.49 31.83 -70.17
C ALA B 410 53.37 30.60 -70.25
N LEU B 411 53.85 30.15 -69.09
CA LEU B 411 54.74 28.98 -69.04
C LEU B 411 54.07 27.76 -69.66
N SER B 412 52.74 27.78 -69.65
CA SER B 412 51.96 26.69 -70.22
C SER B 412 52.09 26.71 -71.73
N MET B 413 52.00 27.89 -72.32
CA MET B 413 52.06 28.03 -73.77
C MET B 413 53.45 27.74 -74.33
N TYR B 414 54.49 28.18 -73.63
CA TYR B 414 55.87 27.91 -74.00
C TYR B 414 56.05 26.43 -74.30
N TYR B 415 55.73 25.57 -73.34
CA TYR B 415 55.89 24.14 -73.54
C TYR B 415 54.92 23.58 -74.58
N ASP B 416 53.83 24.30 -74.81
CA ASP B 416 52.83 23.89 -75.79
C ASP B 416 53.41 23.93 -77.18
N ILE B 417 54.11 25.02 -77.47
CA ILE B 417 54.75 25.22 -78.75
C ILE B 417 55.80 24.14 -78.98
N ILE B 418 56.66 23.97 -77.99
CA ILE B 418 57.77 23.03 -78.07
C ILE B 418 57.36 21.58 -78.30
N PHE B 419 56.14 21.24 -77.97
CA PHE B 419 55.67 19.88 -78.16
C PHE B 419 54.81 19.77 -79.40
N GLY B 420 54.40 20.92 -79.92
CA GLY B 420 53.62 20.93 -81.14
C GLY B 420 52.15 20.73 -80.89
N ARG B 421 51.70 21.10 -79.69
CA ARG B 421 50.28 21.20 -79.41
C ARG B 421 49.76 22.46 -80.07
N LEU B 422 50.65 23.42 -80.31
CA LEU B 422 50.27 24.64 -81.00
C LEU B 422 51.15 24.87 -82.21
N ARG B 423 50.53 25.07 -83.37
CA ARG B 423 51.24 25.50 -84.57
C ARG B 423 50.90 26.96 -84.79
N VAL B 424 51.72 27.69 -85.54
CA VAL B 424 51.47 29.12 -85.72
C VAL B 424 50.23 29.36 -86.56
N VAL B 425 49.72 28.26 -87.13
CA VAL B 425 48.44 28.22 -87.81
C VAL B 425 47.31 28.62 -86.85
N ASP B 426 46.94 27.67 -86.00
CA ASP B 426 45.83 27.78 -85.04
C ASP B 426 45.60 29.19 -84.50
N ARG B 427 44.39 29.71 -84.75
CA ARG B 427 44.00 30.99 -84.20
C ARG B 427 44.18 30.97 -82.69
N GLU B 428 44.19 29.77 -82.14
CA GLU B 428 44.35 29.56 -80.70
C GLU B 428 45.53 30.32 -80.10
N ILE B 429 46.72 30.05 -80.62
CA ILE B 429 47.92 30.72 -80.15
C ILE B 429 47.67 32.21 -80.03
N VAL B 430 46.89 32.74 -80.95
CA VAL B 430 46.54 34.17 -80.95
C VAL B 430 45.72 34.47 -79.73
N SER B 431 44.58 33.81 -79.64
CA SER B 431 43.69 33.98 -78.50
C SER B 431 44.50 34.00 -77.23
N GLN B 432 45.24 32.92 -77.00
CA GLN B 432 46.01 32.79 -75.78
C GLN B 432 46.92 34.00 -75.57
N CYS B 433 47.65 34.38 -76.61
CA CYS B 433 48.54 35.54 -76.54
C CYS B 433 47.83 36.81 -76.09
N ILE B 434 46.61 37.01 -76.57
CA ILE B 434 45.87 38.24 -76.25
C ILE B 434 45.62 38.28 -74.77
N GLN B 435 45.24 37.14 -74.21
CA GLN B 435 44.95 37.04 -72.80
C GLN B 435 46.17 37.40 -71.99
N ILE B 436 47.30 36.81 -72.38
CA ILE B 436 48.53 37.07 -71.68
C ILE B 436 48.86 38.55 -71.73
N MET B 437 48.58 39.20 -72.85
CA MET B 437 48.78 40.64 -72.91
C MET B 437 47.81 41.34 -71.99
N ASN B 438 46.59 40.80 -71.91
CA ASN B 438 45.53 41.40 -71.11
C ASN B 438 45.90 41.49 -69.62
N ARG B 439 46.78 40.59 -69.18
CA ARG B 439 47.27 40.67 -67.82
C ARG B 439 48.77 40.96 -67.84
N SER B 440 49.15 42.15 -68.32
CA SER B 440 50.55 42.51 -68.42
C SER B 440 51.08 43.12 -67.12
N ASN B 441 51.98 42.39 -66.47
CA ASN B 441 52.64 42.88 -65.26
C ASN B 441 54.13 43.01 -65.49
N PRO B 442 54.77 43.93 -64.76
CA PRO B 442 56.23 44.08 -64.85
C PRO B 442 56.84 42.74 -64.50
N LEU B 443 56.30 42.13 -63.45
CA LEU B 443 56.80 40.86 -62.96
C LEU B 443 56.56 39.74 -63.96
N LEU B 444 55.49 39.89 -64.75
CA LEU B 444 55.19 38.93 -65.79
C LEU B 444 56.30 38.97 -66.82
N LEU B 445 56.65 40.17 -67.27
CA LEU B 445 57.70 40.33 -68.27
C LEU B 445 58.99 39.62 -67.88
N GLU B 446 59.44 39.83 -66.65
CA GLU B 446 60.67 39.19 -66.19
C GLU B 446 60.57 37.69 -66.40
N PHE B 447 59.51 37.13 -65.83
CA PHE B 447 59.21 35.71 -65.93
C PHE B 447 59.10 35.27 -67.39
N MET B 448 58.52 36.13 -68.22
CA MET B 448 58.47 35.89 -69.66
C MET B 448 59.89 35.75 -70.20
N GLN B 449 60.67 36.82 -70.07
CA GLN B 449 61.99 36.89 -70.69
C GLN B 449 62.92 35.80 -70.25
N TYR B 450 63.03 35.57 -68.96
CA TYR B 450 63.95 34.53 -68.52
C TYR B 450 63.75 33.23 -69.31
N HIS B 451 62.51 32.76 -69.35
CA HIS B 451 62.20 31.48 -69.98
C HIS B 451 62.46 31.52 -71.49
N ILE B 452 62.41 32.72 -72.06
CA ILE B 452 62.70 32.90 -73.48
C ILE B 452 64.22 32.99 -73.72
N ASP B 453 64.91 33.77 -72.89
CA ASP B 453 66.36 33.95 -73.04
C ASP B 453 67.05 32.62 -73.00
N HIS B 454 66.89 31.90 -71.89
CA HIS B 454 67.62 30.66 -71.69
C HIS B 454 67.01 29.49 -72.46
N CYS B 455 66.07 29.80 -73.34
CA CYS B 455 65.47 28.81 -74.23
C CYS B 455 66.57 28.17 -75.10
N PRO B 456 66.69 26.84 -75.04
CA PRO B 456 67.62 26.07 -75.88
C PRO B 456 67.04 25.88 -77.27
N THR B 457 67.61 26.58 -78.24
CA THR B 457 67.12 26.56 -79.62
C THR B 457 67.78 25.45 -80.41
N GLU B 458 68.95 25.04 -79.93
CA GLU B 458 69.76 24.02 -80.56
C GLU B 458 69.22 22.61 -80.27
N ARG B 459 67.92 22.44 -80.45
CA ARG B 459 67.30 21.15 -80.19
C ARG B 459 66.27 20.82 -81.24
N GLY B 460 65.47 21.82 -81.60
CA GLY B 460 64.40 21.59 -82.54
C GLY B 460 63.89 22.88 -83.13
N GLU B 461 63.20 22.77 -84.25
CA GLU B 461 62.62 23.92 -84.92
C GLU B 461 61.63 24.58 -83.98
N THR B 462 60.98 23.75 -83.17
CA THR B 462 59.96 24.19 -82.24
C THR B 462 60.54 25.08 -81.14
N TYR B 463 61.69 24.70 -80.61
CA TYR B 463 62.35 25.49 -79.57
C TYR B 463 62.64 26.88 -80.11
N GLN B 464 63.04 26.92 -81.37
CA GLN B 464 63.29 28.18 -82.06
C GLN B 464 61.98 28.94 -82.27
N LEU B 465 61.04 28.27 -82.94
CA LEU B 465 59.70 28.80 -83.22
C LEU B 465 59.08 29.38 -81.94
N ALA B 466 59.41 28.76 -80.82
CA ALA B 466 59.00 29.24 -79.52
C ALA B 466 59.71 30.55 -79.23
N LYS B 467 61.03 30.48 -79.07
CA LYS B 467 61.83 31.65 -78.76
C LYS B 467 61.45 32.87 -79.59
N GLU B 468 61.12 32.64 -80.86
CA GLU B 468 60.70 33.72 -81.72
C GLU B 468 59.37 34.29 -81.24
N LEU B 469 58.31 33.49 -81.39
CA LEU B 469 56.97 33.89 -80.99
C LEU B 469 56.99 34.48 -79.59
N GLY B 470 57.90 33.97 -78.78
CA GLY B 470 58.06 34.41 -77.41
C GLY B 470 58.47 35.85 -77.38
N GLN B 471 59.63 36.13 -77.97
CA GLN B 471 60.16 37.48 -77.95
C GLN B 471 59.17 38.43 -78.55
N GLN B 472 58.50 37.98 -79.61
CA GLN B 472 57.46 38.78 -80.23
C GLN B 472 56.50 39.20 -79.15
N LEU B 473 55.99 38.22 -78.41
CA LEU B 473 54.97 38.47 -77.41
C LEU B 473 55.49 39.38 -76.31
N ILE B 474 56.71 39.12 -75.86
CA ILE B 474 57.29 39.89 -74.75
C ILE B 474 57.30 41.36 -75.09
N GLU B 475 57.54 41.65 -76.35
CA GLU B 475 57.56 43.01 -76.85
C GLU B 475 56.13 43.56 -76.88
N ASN B 476 55.21 42.78 -77.43
CA ASN B 476 53.80 43.13 -77.43
C ASN B 476 53.38 43.59 -76.05
N CYS B 477 53.53 42.68 -75.08
CA CYS B 477 53.11 42.93 -73.71
C CYS B 477 53.71 44.21 -73.17
N LYS B 478 54.88 44.57 -73.66
CA LYS B 478 55.54 45.79 -73.20
C LYS B 478 54.75 47.03 -73.60
N GLU B 479 54.21 47.02 -74.82
CA GLU B 479 53.49 48.18 -75.32
C GLU B 479 52.03 48.21 -74.89
N VAL B 480 51.65 47.27 -74.02
CA VAL B 480 50.29 47.22 -73.54
C VAL B 480 50.19 47.53 -72.04
N LEU B 481 51.31 47.43 -71.34
CA LEU B 481 51.37 47.68 -69.89
C LEU B 481 50.62 48.94 -69.51
N GLY B 482 49.58 48.77 -68.70
CA GLY B 482 48.76 49.89 -68.25
C GLY B 482 47.52 50.08 -69.11
N LYS B 483 47.72 49.94 -70.42
CA LYS B 483 46.65 50.09 -71.40
C LYS B 483 45.58 49.04 -71.19
N PRO B 484 44.35 49.51 -70.93
CA PRO B 484 43.12 48.76 -70.70
C PRO B 484 43.03 47.52 -71.53
N PRO B 485 42.65 46.42 -70.90
CA PRO B 485 42.52 45.09 -71.50
C PRO B 485 41.34 45.04 -72.46
N VAL B 486 41.42 44.19 -73.47
CA VAL B 486 40.37 44.12 -74.48
C VAL B 486 39.88 42.74 -74.83
N TYR B 487 38.57 42.65 -75.01
CA TYR B 487 37.92 41.48 -75.56
C TYR B 487 38.04 41.60 -77.04
N LYS B 488 38.81 40.69 -77.64
CA LYS B 488 38.90 40.63 -79.09
C LYS B 488 38.67 39.21 -79.55
N ASP B 489 37.61 39.01 -80.35
CA ASP B 489 37.30 37.70 -80.89
C ASP B 489 38.14 37.44 -82.14
N VAL B 490 38.88 36.34 -82.11
CA VAL B 490 39.90 36.06 -83.10
C VAL B 490 39.58 34.76 -83.81
N SER B 491 38.49 34.14 -83.42
CA SER B 491 38.16 32.82 -83.92
C SER B 491 37.82 32.85 -85.40
N ILE B 492 37.70 31.67 -85.99
CA ILE B 492 37.26 31.55 -87.37
C ILE B 492 35.74 31.44 -87.40
N PRO B 493 35.07 32.44 -87.98
CA PRO B 493 33.61 32.41 -88.07
C PRO B 493 33.15 31.14 -88.74
N THR B 494 32.19 30.46 -88.13
CA THR B 494 31.81 29.13 -88.58
C THR B 494 30.30 29.00 -88.81
N GLY B 495 29.91 28.07 -89.68
CA GLY B 495 28.51 27.83 -90.00
C GLY B 495 28.05 26.39 -89.84
N PRO B 496 26.77 26.14 -90.12
CA PRO B 496 26.12 24.84 -89.87
C PRO B 496 26.29 23.89 -91.03
N GLN B 497 26.70 22.65 -90.77
CA GLN B 497 26.79 21.67 -91.85
C GLN B 497 26.26 20.29 -91.46
N THR B 498 24.99 20.05 -91.77
CA THR B 498 24.37 18.76 -91.47
C THR B 498 24.54 17.76 -92.62
N THR B 499 25.02 16.55 -92.29
CA THR B 499 25.38 15.54 -93.26
C THR B 499 24.71 14.19 -92.98
N ILE B 500 24.19 13.53 -94.00
CA ILE B 500 23.66 12.17 -93.83
C ILE B 500 24.54 11.10 -94.47
N ASP B 501 24.97 10.15 -93.65
CA ASP B 501 25.87 9.08 -94.04
C ASP B 501 25.32 8.26 -95.21
N ALA B 502 26.20 7.49 -95.85
CA ALA B 502 25.77 6.52 -96.83
C ALA B 502 25.02 5.41 -96.11
N ARG B 503 25.39 5.18 -94.85
CA ARG B 503 24.74 4.18 -94.04
C ARG B 503 23.65 4.75 -93.10
N GLY B 504 23.10 5.89 -93.49
CA GLY B 504 21.95 6.46 -92.78
C GLY B 504 22.26 7.36 -91.60
N ASN B 505 23.49 7.29 -91.10
CA ASN B 505 23.89 8.07 -89.93
C ASN B 505 23.78 9.57 -90.17
N ILE B 506 23.14 10.25 -89.24
CA ILE B 506 23.04 11.70 -89.32
C ILE B 506 24.13 12.35 -88.48
N GLN B 507 24.87 13.29 -89.07
CA GLN B 507 25.84 14.05 -88.29
C GLN B 507 25.76 15.52 -88.60
N TYR B 508 26.19 16.34 -87.65
CA TYR B 508 26.23 17.78 -87.82
C TYR B 508 27.55 18.33 -87.30
N GLN B 509 28.33 18.96 -88.19
CA GLN B 509 29.59 19.56 -87.80
C GLN B 509 29.45 21.07 -87.84
N GLU B 510 30.50 21.76 -87.42
CA GLU B 510 30.61 23.18 -87.72
C GLU B 510 31.82 23.45 -88.62
N VAL B 511 31.55 23.87 -89.85
CA VAL B 511 32.62 24.10 -90.83
C VAL B 511 32.93 25.56 -90.88
N PRO B 512 34.19 25.89 -91.15
CA PRO B 512 34.51 27.31 -91.32
C PRO B 512 33.66 27.89 -92.44
N ARG B 513 33.18 29.12 -92.28
CA ARG B 513 32.51 29.79 -93.37
C ARG B 513 33.48 29.99 -94.52
N ALA B 514 33.06 29.63 -95.72
CA ALA B 514 33.96 29.63 -96.87
C ALA B 514 34.37 31.03 -97.30
N SER B 515 33.63 32.04 -96.83
CA SER B 515 33.86 33.42 -97.28
C SER B 515 34.20 34.43 -96.18
N ALA B 516 34.39 33.93 -94.96
CA ALA B 516 34.80 34.78 -93.84
C ALA B 516 35.92 34.12 -93.02
N ARG B 517 36.96 34.89 -92.74
CA ARG B 517 38.11 34.37 -92.02
C ARG B 517 38.21 34.98 -90.62
N LYS B 518 38.25 36.30 -90.57
CA LYS B 518 38.26 37.03 -89.30
C LYS B 518 36.86 37.54 -88.98
N PHE B 519 36.75 38.24 -87.85
CA PHE B 519 35.46 38.77 -87.45
C PHE B 519 35.13 40.07 -88.18
N GLU B 520 36.14 40.72 -88.72
CA GLU B 520 35.90 41.89 -89.54
C GLU B 520 35.06 41.48 -90.74
N HIS B 521 35.43 40.33 -91.32
CA HIS B 521 34.71 39.73 -92.44
C HIS B 521 33.28 39.46 -92.02
N TYR B 522 33.13 39.04 -90.77
CA TYR B 522 31.81 38.80 -90.22
C TYR B 522 31.02 40.10 -90.14
N VAL B 523 31.54 41.08 -89.42
CA VAL B 523 30.82 42.34 -89.28
C VAL B 523 30.32 42.82 -90.62
N LYS B 524 31.25 42.96 -91.56
CA LYS B 524 30.93 43.40 -92.91
C LYS B 524 29.83 42.52 -93.48
N GLN B 525 30.08 41.23 -93.58
CA GLN B 525 29.11 40.32 -94.16
C GLN B 525 27.72 40.55 -93.60
N MET B 526 27.66 40.86 -92.31
CA MET B 526 26.40 41.15 -91.64
C MET B 526 25.82 42.45 -92.13
N ALA B 527 26.58 43.51 -91.87
CA ALA B 527 26.20 44.87 -92.28
C ALA B 527 25.85 44.94 -93.79
N GLU B 528 26.46 44.09 -94.61
CA GLU B 528 26.16 44.03 -96.04
C GLU B 528 24.66 43.90 -96.22
N GLY B 529 24.13 42.80 -95.75
CA GLY B 529 22.72 42.53 -95.90
C GLY B 529 22.55 41.23 -96.65
N GLY B 530 21.34 41.00 -97.14
CA GLY B 530 21.04 39.80 -97.87
C GLY B 530 19.93 40.14 -98.83
N PRO B 531 19.83 39.40 -99.92
CA PRO B 531 18.80 39.61 -100.94
C PRO B 531 17.42 39.62 -100.30
N ILE B 532 17.15 38.62 -99.44
CA ILE B 532 15.83 38.49 -98.81
C ILE B 532 15.46 39.76 -98.05
N SER B 533 16.48 40.43 -97.51
CA SER B 533 16.30 41.68 -96.79
C SER B 533 16.41 42.89 -97.72
N GLN B 534 15.92 42.73 -98.97
CA GLN B 534 15.75 43.86 -99.87
C GLN B 534 15.06 44.92 -99.07
N TYR B 535 15.15 46.17 -99.50
CA TYR B 535 14.35 47.18 -98.83
C TYR B 535 12.87 46.92 -99.05
N SER B 536 12.08 47.61 -98.25
CA SER B 536 10.63 47.55 -98.32
C SER B 536 10.17 48.78 -99.06
N ASN B 537 9.04 48.64 -99.74
CA ASN B 537 8.46 49.75 -100.47
C ASN B 537 8.39 50.99 -99.58
N ARG B 538 7.77 50.84 -98.41
CA ARG B 538 7.67 51.93 -97.46
C ARG B 538 9.03 52.39 -96.94
N THR B 539 9.93 51.45 -96.66
CA THR B 539 11.21 51.80 -96.04
C THR B 539 12.05 52.68 -96.98
N LYS B 540 11.85 52.50 -98.29
CA LYS B 540 12.49 53.34 -99.31
C LYS B 540 11.85 54.71 -99.45
N VAL B 541 10.53 54.75 -99.54
CA VAL B 541 9.79 56.01 -99.65
C VAL B 541 10.13 56.94 -98.49
N GLN B 542 10.40 56.32 -97.34
CA GLN B 542 10.70 57.03 -96.12
C GLN B 542 12.14 57.55 -96.10
N ASN B 543 13.12 56.67 -96.17
CA ASN B 543 14.52 57.07 -96.15
C ASN B 543 14.91 58.02 -97.31
N ASP B 544 14.08 58.04 -98.36
CA ASP B 544 14.28 58.94 -99.50
C ASP B 544 13.82 60.35 -99.14
N LEU B 545 12.52 60.48 -98.83
CA LEU B 545 11.97 61.74 -98.34
C LEU B 545 12.85 62.30 -97.22
N ARG B 546 13.46 61.41 -96.46
CA ARG B 546 14.38 61.77 -95.39
C ARG B 546 15.42 62.74 -95.92
N SER B 547 16.27 62.23 -96.80
CA SER B 547 17.39 63.01 -97.31
C SER B 547 16.93 64.17 -98.20
N VAL B 548 15.74 64.06 -98.78
CA VAL B 548 15.14 65.18 -99.52
C VAL B 548 14.93 66.35 -98.57
N TYR B 549 14.50 66.04 -97.35
CA TYR B 549 14.41 67.05 -96.31
C TYR B 549 15.81 67.55 -95.94
N LYS B 550 16.71 66.62 -95.60
CA LYS B 550 18.07 66.98 -95.17
C LYS B 550 18.82 67.87 -96.19
N LEU B 551 18.38 67.78 -97.44
CA LEU B 551 18.91 68.56 -98.55
C LEU B 551 18.29 69.95 -98.56
N ILE B 552 16.98 69.99 -98.82
CA ILE B 552 16.19 71.22 -98.78
C ILE B 552 16.43 72.03 -97.51
N ARG B 553 16.63 71.32 -96.40
CA ARG B 553 16.87 71.91 -95.08
C ARG B 553 18.24 72.52 -95.00
N ARG B 554 19.26 71.67 -95.00
CA ARG B 554 20.64 72.11 -94.83
C ARG B 554 21.21 72.74 -96.11
N GLN B 555 20.46 73.69 -96.66
CA GLN B 555 20.84 74.50 -97.81
C GLN B 555 19.90 75.70 -97.85
N HIS B 556 20.14 76.64 -96.92
CA HIS B 556 19.25 77.78 -96.61
C HIS B 556 19.37 78.94 -97.63
N ARG B 557 18.45 78.96 -98.60
CA ARG B 557 18.39 80.00 -99.63
C ARG B 557 17.01 80.06 -100.24
N LEU B 558 16.18 79.08 -99.90
CA LEU B 558 14.77 79.09 -100.26
C LEU B 558 14.06 79.87 -99.16
N SER B 559 13.03 80.63 -99.53
CA SER B 559 12.28 81.41 -98.54
C SER B 559 11.69 80.49 -97.47
N LYS B 560 11.67 80.97 -96.23
CA LYS B 560 11.05 80.20 -95.16
C LYS B 560 9.53 80.08 -95.32
N SER B 561 8.99 80.69 -96.39
CA SER B 561 7.59 80.51 -96.79
C SER B 561 7.41 79.14 -97.44
N SER B 562 8.48 78.68 -98.05
CA SER B 562 8.52 77.42 -98.79
C SER B 562 9.03 76.30 -97.89
N GLN B 563 10.12 76.58 -97.18
CA GLN B 563 10.74 75.64 -96.25
C GLN B 563 9.76 75.26 -95.15
N LEU B 564 9.04 76.26 -94.63
CA LEU B 564 8.01 76.05 -93.61
C LEU B 564 6.85 75.23 -94.17
N GLN B 565 6.65 75.36 -95.49
CA GLN B 565 5.56 74.69 -96.18
C GLN B 565 6.04 73.41 -96.88
N PHE B 566 7.33 73.08 -96.74
CA PHE B 566 7.84 71.81 -97.28
C PHE B 566 7.59 70.65 -96.32
N ASN B 567 8.04 70.82 -95.08
CA ASN B 567 7.85 69.82 -94.05
C ASN B 567 6.39 69.68 -93.67
N ALA B 568 5.60 70.71 -93.99
CA ALA B 568 4.16 70.62 -93.86
C ALA B 568 3.65 69.56 -94.82
N LEU B 569 4.04 69.70 -96.09
CA LEU B 569 3.68 68.76 -97.16
C LEU B 569 4.49 67.47 -97.05
N TYR B 570 5.43 67.45 -96.10
CA TYR B 570 6.31 66.32 -95.86
C TYR B 570 5.71 65.43 -94.77
N LYS B 571 5.35 66.04 -93.65
CA LYS B 571 4.68 65.35 -92.57
C LYS B 571 3.44 64.64 -93.10
N ASP B 572 2.69 65.33 -93.94
CA ASP B 572 1.48 64.80 -94.58
C ASP B 572 1.74 63.42 -95.14
N VAL B 573 2.84 63.33 -95.89
CA VAL B 573 3.21 62.11 -96.59
C VAL B 573 3.60 60.97 -95.64
N ILE B 574 4.33 61.32 -94.58
CA ILE B 574 4.76 60.35 -93.58
C ILE B 574 3.55 59.73 -92.89
N ARG B 575 2.70 60.62 -92.38
CA ARG B 575 1.50 60.21 -91.67
C ARG B 575 0.67 59.27 -92.53
N ALA B 576 0.29 59.74 -93.71
CA ALA B 576 -0.56 58.97 -94.62
C ALA B 576 -0.05 57.54 -94.83
N LEU B 577 1.27 57.42 -95.01
CA LEU B 577 1.91 56.11 -95.19
C LEU B 577 1.65 55.20 -94.00
N ALA B 578 1.71 55.81 -92.82
CA ALA B 578 1.54 55.11 -91.53
C ALA B 578 0.09 54.66 -91.31
N MET B 579 -0.86 55.58 -91.53
CA MET B 579 -2.27 55.33 -91.19
C MET B 579 -3.04 54.48 -92.22
N ASN B 580 -2.90 54.79 -93.50
CA ASN B 580 -3.37 53.85 -94.51
C ASN B 580 -2.36 53.60 -95.62
N GLU B 581 -1.49 52.62 -95.38
CA GLU B 581 -0.45 52.25 -96.33
C GLU B 581 -1.06 51.69 -97.62
N SER B 582 -2.19 51.00 -97.47
CA SER B 582 -2.85 50.34 -98.61
C SER B 582 -3.32 51.30 -99.73
N GLN B 583 -3.81 52.50 -99.37
CA GLN B 583 -4.31 53.43 -100.39
C GLN B 583 -3.18 54.14 -101.10
N ILE B 584 -2.20 54.60 -100.31
CA ILE B 584 -1.07 55.34 -100.84
C ILE B 584 -0.24 54.54 -101.86
N MET B 585 -0.15 53.23 -101.68
CA MET B 585 0.88 52.47 -102.35
C MET B 585 0.41 51.33 -103.26
N GLN B 586 -0.81 50.81 -103.07
CA GLN B 586 -1.42 49.98 -104.13
C GLN B 586 -0.93 50.79 -105.33
N LYS B 608 18.01 49.14 -106.57
CA LYS B 608 18.97 50.23 -106.41
C LYS B 608 19.43 49.62 -105.09
N VAL B 609 20.65 49.07 -105.04
CA VAL B 609 21.00 48.01 -104.05
C VAL B 609 20.90 48.29 -102.53
N GLU B 610 19.68 48.30 -102.01
CA GLU B 610 19.41 48.59 -100.59
C GLU B 610 18.84 47.38 -99.84
N THR B 611 19.45 47.07 -98.71
CA THR B 611 18.92 46.04 -97.84
C THR B 611 19.00 46.49 -96.41
N ILE B 612 18.35 45.72 -95.56
CA ILE B 612 18.35 45.97 -94.13
C ILE B 612 19.33 44.99 -93.45
N PRO B 613 20.42 45.51 -92.89
CA PRO B 613 21.41 44.58 -92.34
C PRO B 613 20.84 43.73 -91.23
N PHE B 614 20.93 42.43 -91.45
CA PHE B 614 20.86 41.36 -90.45
C PHE B 614 21.04 41.74 -88.99
N LEU B 615 21.57 42.93 -88.73
CA LEU B 615 21.74 43.41 -87.36
C LEU B 615 21.53 44.90 -87.35
N HIS B 616 20.36 45.34 -86.93
CA HIS B 616 20.08 46.76 -86.91
C HIS B 616 19.44 47.19 -85.62
N LEU B 617 19.40 48.49 -85.40
CA LEU B 617 18.68 49.05 -84.28
C LEU B 617 17.49 49.74 -84.90
N ARG B 618 16.43 49.85 -84.13
CA ARG B 618 15.25 50.54 -84.61
C ARG B 618 14.96 51.73 -83.71
N LYS B 619 13.99 52.56 -84.12
CA LYS B 619 13.55 53.66 -83.29
C LYS B 619 12.06 53.76 -83.39
N LYS B 620 11.49 54.56 -82.49
CA LYS B 620 10.06 54.58 -82.33
C LYS B 620 9.36 55.62 -83.18
N ASP B 621 8.43 55.12 -83.97
CA ASP B 621 7.49 55.91 -84.75
C ASP B 621 6.67 56.80 -83.82
N GLU B 622 6.05 57.85 -84.34
CA GLU B 622 5.11 58.65 -83.56
C GLU B 622 4.03 57.75 -83.01
N PHE B 623 3.71 56.72 -83.79
CA PHE B 623 2.70 55.74 -83.42
C PHE B 623 3.39 54.50 -82.88
N GLY B 624 4.29 54.70 -81.90
CA GLY B 624 5.02 53.64 -81.24
C GLY B 624 5.35 52.45 -82.10
N ASN B 625 6.11 52.66 -83.17
CA ASN B 625 6.51 51.57 -84.07
C ASN B 625 8.02 51.47 -84.22
N TRP B 626 8.53 50.25 -84.32
CA TRP B 626 9.98 50.06 -84.37
C TRP B 626 10.46 49.86 -85.79
N GLU B 627 10.74 50.96 -86.48
CA GLU B 627 11.20 50.94 -87.85
C GLU B 627 12.70 51.09 -87.89
N TYR B 628 13.34 50.40 -88.85
CA TYR B 628 14.78 50.50 -89.11
C TYR B 628 15.25 51.95 -89.05
N SER B 629 16.40 52.17 -88.42
CA SER B 629 17.01 53.50 -88.35
C SER B 629 18.47 53.40 -88.73
N LYS B 630 18.75 53.64 -90.00
CA LYS B 630 20.13 53.55 -90.45
C LYS B 630 21.06 54.36 -89.55
N LYS B 631 20.55 55.47 -89.00
CA LYS B 631 21.39 56.35 -88.20
C LYS B 631 22.04 55.57 -87.06
N LEU B 632 21.22 54.82 -86.35
CA LEU B 632 21.66 54.05 -85.19
C LEU B 632 22.41 52.82 -85.64
N THR B 633 21.78 52.04 -86.53
CA THR B 633 22.37 50.81 -87.02
C THR B 633 23.81 51.09 -87.42
N GLY B 634 24.03 52.32 -87.86
CA GLY B 634 25.36 52.75 -88.18
C GLY B 634 26.19 52.68 -86.93
N ILE B 635 25.92 53.60 -86.02
CA ILE B 635 26.67 53.71 -84.78
C ILE B 635 26.99 52.34 -84.14
N TYR B 636 26.00 51.44 -84.16
CA TYR B 636 26.16 50.13 -83.54
C TYR B 636 27.13 49.30 -84.35
N LEU B 637 26.78 49.08 -85.61
CA LEU B 637 27.60 48.25 -86.49
C LEU B 637 29.00 48.85 -86.66
N ASP B 638 29.12 50.13 -86.34
CA ASP B 638 30.40 50.82 -86.46
C ASP B 638 31.31 50.42 -85.31
N GLY B 639 30.80 50.54 -84.09
CA GLY B 639 31.54 50.09 -82.94
C GLY B 639 31.77 48.60 -83.06
N LEU B 640 30.76 47.91 -83.58
CA LEU B 640 30.79 46.46 -83.75
C LEU B 640 31.95 46.05 -84.66
N GLU B 641 32.34 46.98 -85.52
CA GLU B 641 33.49 46.79 -86.40
C GLU B 641 34.75 47.05 -85.59
N ALA B 642 34.88 48.26 -85.10
CA ALA B 642 36.02 48.64 -84.28
C ALA B 642 36.28 47.63 -83.16
N ALA B 643 35.23 46.95 -82.73
CA ALA B 643 35.37 45.88 -81.76
C ALA B 643 36.23 44.79 -82.38
N ALA B 644 35.78 44.22 -83.49
CA ALA B 644 36.48 43.10 -84.13
C ALA B 644 37.92 43.45 -84.55
N ARG B 645 38.14 44.73 -84.84
CA ARG B 645 39.45 45.21 -85.23
C ARG B 645 40.36 45.40 -84.04
N SER B 646 40.26 46.55 -83.37
CA SER B 646 41.15 46.91 -82.27
C SER B 646 40.77 46.25 -80.95
N GLY B 647 39.49 45.90 -80.82
CA GLY B 647 39.03 45.26 -79.59
C GLY B 647 38.25 46.20 -78.69
N LEU B 648 37.43 45.60 -77.83
CA LEU B 648 36.54 46.34 -76.96
C LEU B 648 36.85 46.05 -75.49
N THR B 649 36.93 47.11 -74.68
CA THR B 649 37.31 46.99 -73.27
C THR B 649 36.15 47.23 -72.33
N PHE B 650 36.24 46.65 -71.14
CA PHE B 650 35.21 46.80 -70.13
C PHE B 650 35.78 47.26 -68.79
N GLN B 651 37.06 47.62 -68.80
CA GLN B 651 37.77 48.06 -67.60
C GLN B 651 36.98 48.93 -66.60
N GLY B 652 37.00 48.52 -65.34
CA GLY B 652 36.42 49.31 -64.28
C GLY B 652 34.91 49.17 -64.13
N LYS B 653 34.30 48.35 -64.98
CA LYS B 653 32.86 48.21 -64.92
C LYS B 653 32.44 46.95 -64.15
N HIS B 654 31.27 47.01 -63.52
CA HIS B 654 30.76 45.91 -62.72
C HIS B 654 29.48 45.38 -63.34
N ALA B 655 29.32 44.05 -63.37
CA ALA B 655 28.10 43.50 -63.98
C ALA B 655 27.58 42.25 -63.31
N LEU B 656 26.25 42.16 -63.20
CA LEU B 656 25.58 40.97 -62.69
C LEU B 656 25.09 40.11 -63.84
N MET B 657 25.19 38.79 -63.71
CA MET B 657 24.83 37.88 -64.80
C MET B 657 24.09 36.62 -64.35
N THR B 658 22.80 36.56 -64.62
CA THR B 658 22.02 35.37 -64.29
C THR B 658 21.72 34.55 -65.55
N GLY B 659 22.03 33.26 -65.51
CA GLY B 659 21.73 32.39 -66.64
C GLY B 659 22.98 32.03 -67.41
N ALA B 660 24.12 32.33 -66.80
CA ALA B 660 25.42 32.10 -67.43
C ALA B 660 25.91 30.67 -67.27
N GLY B 661 24.99 29.71 -67.35
CA GLY B 661 25.37 28.32 -67.18
C GLY B 661 26.43 27.93 -68.18
N ALA B 662 27.08 26.79 -67.93
CA ALA B 662 28.10 26.28 -68.84
C ALA B 662 27.52 25.99 -70.23
N GLY B 663 28.28 26.33 -71.27
CA GLY B 663 27.85 26.10 -72.65
C GLY B 663 26.63 26.90 -73.07
N SER B 664 26.62 28.19 -72.73
CA SER B 664 25.46 29.04 -73.00
C SER B 664 25.86 30.41 -73.52
N ILE B 665 24.89 31.11 -74.09
CA ILE B 665 25.13 32.45 -74.59
C ILE B 665 25.70 33.33 -73.48
N GLY B 666 25.10 33.25 -72.30
CA GLY B 666 25.59 33.99 -71.17
C GLY B 666 27.04 33.64 -70.86
N ALA B 667 27.38 32.34 -70.94
CA ALA B 667 28.73 31.89 -70.61
C ALA B 667 29.74 32.62 -71.47
N GLU B 668 29.46 32.70 -72.76
CA GLU B 668 30.36 33.37 -73.68
C GLU B 668 30.44 34.86 -73.37
N VAL B 669 29.28 35.49 -73.31
CA VAL B 669 29.25 36.91 -72.98
C VAL B 669 30.09 37.17 -71.76
N LEU B 670 30.04 36.26 -70.80
CA LEU B 670 30.80 36.42 -69.56
C LEU B 670 32.27 36.59 -69.85
N GLN B 671 32.86 35.60 -70.51
CA GLN B 671 34.28 35.59 -70.84
C GLN B 671 34.66 36.90 -71.48
N GLY B 672 33.71 37.45 -72.22
CA GLY B 672 33.90 38.73 -72.84
C GLY B 672 34.24 39.79 -71.82
N LEU B 673 33.29 40.08 -70.95
CA LEU B 673 33.49 41.10 -69.93
C LEU B 673 34.73 40.79 -69.10
N LEU B 674 35.03 39.51 -68.92
CA LEU B 674 36.18 39.09 -68.13
C LEU B 674 37.51 39.42 -68.79
N SER B 675 37.53 39.37 -70.12
CA SER B 675 38.73 39.77 -70.84
C SER B 675 38.92 41.28 -70.78
N GLY B 676 37.82 42.03 -70.73
CA GLY B 676 37.88 43.45 -70.42
C GLY B 676 38.19 43.50 -68.95
N GLY B 677 38.29 44.70 -68.36
CA GLY B 677 38.61 44.79 -66.95
C GLY B 677 37.46 44.49 -66.00
N ALA B 678 36.45 43.80 -66.51
CA ALA B 678 35.17 43.74 -65.83
C ALA B 678 35.16 42.86 -64.58
N LYS B 679 34.44 43.34 -63.58
CA LYS B 679 34.09 42.55 -62.42
C LYS B 679 32.64 42.11 -62.57
N VAL B 680 32.43 40.81 -62.64
CA VAL B 680 31.09 40.29 -62.76
C VAL B 680 30.74 39.40 -61.58
N ILE B 681 29.44 39.32 -61.30
CA ILE B 681 28.94 38.41 -60.29
C ILE B 681 27.98 37.42 -60.96
N VAL B 682 28.34 36.15 -60.96
CA VAL B 682 27.57 35.15 -61.68
C VAL B 682 26.77 34.27 -60.76
N THR B 683 25.49 34.10 -61.06
CA THR B 683 24.61 33.27 -60.25
C THR B 683 24.35 31.88 -60.83
N THR B 684 24.46 30.84 -60.01
CA THR B 684 24.19 29.49 -60.47
C THR B 684 23.18 28.76 -59.59
N SER B 685 22.36 27.94 -60.23
CA SER B 685 21.31 27.19 -59.55
C SER B 685 21.71 25.74 -59.41
N ARG B 686 22.92 25.41 -59.85
CA ARG B 686 23.48 24.11 -59.56
C ARG B 686 24.86 24.35 -58.98
N PHE B 687 24.93 24.63 -57.68
CA PHE B 687 26.18 25.04 -57.08
C PHE B 687 26.97 23.82 -56.59
N SER B 688 27.73 23.20 -57.50
CA SER B 688 28.55 22.04 -57.18
C SER B 688 30.01 22.33 -57.42
N ARG B 689 30.89 21.46 -56.95
CA ARG B 689 32.32 21.69 -57.17
C ARG B 689 32.53 21.72 -58.66
N GLN B 690 31.77 20.89 -59.37
CA GLN B 690 31.90 20.80 -60.81
C GLN B 690 31.70 22.17 -61.48
N VAL B 691 30.70 22.91 -61.01
CA VAL B 691 30.40 24.25 -61.52
C VAL B 691 31.34 25.31 -60.93
N THR B 692 31.72 25.13 -59.67
CA THR B 692 32.74 25.96 -59.05
C THR B 692 33.95 25.93 -59.96
N GLU B 693 34.39 24.72 -60.29
CA GLU B 693 35.55 24.53 -61.15
C GLU B 693 35.41 25.24 -62.49
N TYR B 694 34.40 24.84 -63.26
CA TYR B 694 34.13 25.44 -64.55
C TYR B 694 34.42 26.93 -64.61
N TYR B 695 33.89 27.68 -63.65
CA TYR B 695 34.05 29.13 -63.63
C TYR B 695 35.46 29.57 -63.29
N GLN B 696 36.10 28.90 -62.34
CA GLN B 696 37.50 29.23 -62.05
C GLN B 696 38.36 28.88 -63.26
N GLY B 697 37.97 27.82 -63.95
CA GLY B 697 38.63 27.46 -65.20
C GLY B 697 38.56 28.65 -66.13
N ILE B 698 37.33 29.10 -66.38
CA ILE B 698 37.08 30.31 -67.15
C ILE B 698 37.93 31.50 -66.72
N TYR B 699 38.01 31.77 -65.42
CA TYR B 699 38.71 32.96 -64.97
C TYR B 699 40.23 32.83 -65.13
N ALA B 700 40.73 31.60 -65.11
CA ALA B 700 42.15 31.37 -65.22
C ALA B 700 42.62 31.77 -66.60
N ARG B 701 41.67 31.75 -67.52
CA ARG B 701 41.96 31.92 -68.94
C ARG B 701 41.55 33.29 -69.48
N CYS B 702 40.55 33.92 -68.84
CA CYS B 702 39.98 35.17 -69.36
C CYS B 702 40.16 36.35 -68.42
N GLY B 703 40.74 36.08 -67.26
CA GLY B 703 40.87 37.09 -66.23
C GLY B 703 41.96 38.12 -66.48
N ALA B 704 41.59 39.21 -67.13
CA ALA B 704 42.54 40.29 -67.35
C ALA B 704 42.76 40.96 -66.02
N ARG B 705 43.92 41.59 -65.84
CA ARG B 705 44.16 42.37 -64.63
C ARG B 705 42.99 43.33 -64.43
N GLY B 706 42.61 43.54 -63.18
CA GLY B 706 41.49 44.40 -62.87
C GLY B 706 40.18 43.65 -62.76
N SER B 707 40.09 42.52 -63.45
CA SER B 707 38.85 41.75 -63.49
C SER B 707 38.66 40.92 -62.22
N GLN B 708 37.43 40.48 -61.98
CA GLN B 708 37.08 39.69 -60.81
C GLN B 708 35.85 38.85 -61.10
N LEU B 709 35.87 37.58 -60.66
CA LEU B 709 34.74 36.68 -60.85
C LEU B 709 34.22 36.23 -59.50
N VAL B 710 32.96 36.52 -59.23
CA VAL B 710 32.33 36.10 -57.99
C VAL B 710 31.14 35.21 -58.30
N VAL B 711 31.27 33.92 -58.00
CA VAL B 711 30.16 33.00 -58.21
C VAL B 711 29.39 32.77 -56.93
N VAL B 712 28.09 32.60 -57.08
CA VAL B 712 27.19 32.61 -55.97
C VAL B 712 26.03 31.68 -56.28
N PRO B 713 25.48 31.03 -55.24
CA PRO B 713 24.30 30.20 -55.48
C PRO B 713 23.10 31.11 -55.50
N PHE B 714 22.16 30.88 -56.39
CA PHE B 714 21.00 31.76 -56.54
C PHE B 714 19.86 31.02 -57.22
N ASN B 715 18.66 31.53 -57.06
CA ASN B 715 17.49 30.85 -57.58
C ASN B 715 16.46 31.89 -57.93
N GLN B 716 16.43 32.32 -59.19
CA GLN B 716 15.57 33.44 -59.54
C GLN B 716 14.11 33.11 -59.41
N GLY B 717 13.81 31.88 -59.05
CA GLY B 717 12.45 31.51 -58.71
C GLY B 717 12.01 32.10 -57.38
N SER B 718 12.96 32.60 -56.62
CA SER B 718 12.68 33.04 -55.27
C SER B 718 12.70 34.56 -55.12
N LYS B 719 11.57 35.10 -54.66
CA LYS B 719 11.47 36.53 -54.36
C LYS B 719 12.58 36.95 -53.41
N GLN B 720 12.78 36.16 -52.36
CA GLN B 720 13.74 36.46 -51.32
C GLN B 720 15.15 36.47 -51.86
N ASP B 721 15.48 35.39 -52.56
CA ASP B 721 16.79 35.26 -53.19
C ASP B 721 17.12 36.53 -53.96
N VAL B 722 16.18 36.92 -54.80
CA VAL B 722 16.35 38.12 -55.61
C VAL B 722 16.71 39.32 -54.75
N GLU B 723 15.82 39.66 -53.82
CA GLU B 723 16.02 40.82 -52.96
C GLU B 723 17.20 40.65 -52.02
N ALA B 724 17.70 39.43 -51.91
CA ALA B 724 18.84 39.14 -51.07
C ALA B 724 20.14 39.26 -51.84
N LEU B 725 20.17 38.65 -53.02
CA LEU B 725 21.31 38.74 -53.89
C LEU B 725 21.65 40.20 -54.01
N VAL B 726 20.65 41.00 -54.29
CA VAL B 726 20.84 42.41 -54.58
C VAL B 726 21.61 43.09 -53.47
N ASN B 727 21.38 42.62 -52.25
CA ASN B 727 21.97 43.27 -51.08
C ASN B 727 23.38 42.79 -50.80
N TYR B 728 23.69 41.55 -51.21
CA TYR B 728 25.06 41.10 -51.13
C TYR B 728 25.88 42.00 -52.01
N ILE B 729 25.30 42.35 -53.16
CA ILE B 729 25.99 43.13 -54.17
C ILE B 729 26.27 44.54 -53.69
N TYR B 730 25.30 45.12 -53.00
CA TYR B 730 25.39 46.53 -52.61
C TYR B 730 25.77 46.78 -51.16
N ASP B 731 25.94 45.73 -50.36
CA ASP B 731 26.28 45.96 -48.95
C ASP B 731 27.73 46.39 -48.79
N THR B 732 27.93 47.53 -48.13
CA THR B 732 29.26 48.07 -47.94
C THR B 732 30.05 47.23 -46.92
N LYS B 733 29.39 46.83 -45.83
CA LYS B 733 30.05 46.18 -44.70
C LYS B 733 30.41 44.71 -44.94
N ASN B 734 29.37 43.88 -45.00
CA ASN B 734 29.57 42.44 -45.19
C ASN B 734 29.34 41.97 -46.63
N GLY B 735 28.78 42.84 -47.46
CA GLY B 735 28.58 42.52 -48.86
C GLY B 735 29.85 42.65 -49.66
N LEU B 736 29.72 42.68 -50.98
CA LEU B 736 30.89 42.95 -51.82
C LEU B 736 30.77 44.35 -52.40
N GLY B 737 29.90 45.15 -51.80
CA GLY B 737 29.83 46.59 -51.96
C GLY B 737 30.11 47.20 -53.31
N TRP B 738 29.52 46.61 -54.35
CA TRP B 738 29.68 47.13 -55.69
C TRP B 738 28.60 48.16 -56.02
N ASP B 739 28.60 48.58 -57.28
CA ASP B 739 27.44 49.22 -57.90
C ASP B 739 27.41 48.71 -59.34
N LEU B 740 26.22 48.33 -59.82
CA LEU B 740 26.10 47.62 -61.10
C LEU B 740 26.07 48.51 -62.35
N ASP B 741 26.83 48.10 -63.37
CA ASP B 741 26.94 48.82 -64.64
C ASP B 741 26.16 48.10 -65.72
N TYR B 742 26.23 46.77 -65.67
CA TYR B 742 25.49 45.94 -66.60
C TYR B 742 24.67 44.92 -65.82
N VAL B 743 23.51 44.60 -66.36
CA VAL B 743 22.69 43.54 -65.82
C VAL B 743 22.23 42.67 -66.96
N VAL B 744 22.61 41.40 -66.92
CA VAL B 744 22.35 40.50 -68.01
C VAL B 744 21.47 39.32 -67.58
N PRO B 745 20.14 39.51 -67.60
CA PRO B 745 19.13 38.61 -67.03
C PRO B 745 18.72 37.42 -67.90
N PHE B 746 19.64 36.47 -68.12
CA PHE B 746 19.37 35.31 -68.96
C PHE B 746 18.90 34.08 -68.19
N ALA B 747 18.29 34.31 -67.04
CA ALA B 747 17.72 33.21 -66.28
C ALA B 747 16.62 32.58 -67.11
N ALA B 748 16.67 31.25 -67.29
CA ALA B 748 15.63 30.60 -68.08
C ALA B 748 15.39 29.12 -67.79
N ILE B 749 14.14 28.69 -67.96
CA ILE B 749 13.74 27.29 -67.88
C ILE B 749 13.08 26.84 -69.17
N PRO B 750 13.52 25.70 -69.67
CA PRO B 750 12.96 25.00 -70.84
C PRO B 750 11.53 24.54 -70.59
N GLU B 751 10.54 25.29 -71.06
CA GLU B 751 9.14 24.88 -70.90
C GLU B 751 8.61 24.12 -72.12
N ASN B 752 9.50 23.87 -73.06
CA ASN B 752 9.23 23.06 -74.24
C ASN B 752 8.14 21.99 -74.05
N GLY B 753 7.14 22.00 -74.93
CA GLY B 753 6.21 20.90 -75.02
C GLY B 753 4.73 21.14 -74.72
N ARG B 754 4.38 22.36 -74.34
CA ARG B 754 3.01 22.60 -73.88
C ARG B 754 2.30 23.80 -74.51
N GLU B 755 1.05 23.56 -74.91
CA GLU B 755 0.18 24.62 -75.41
C GLU B 755 -0.66 25.16 -74.27
N ILE B 756 -1.45 26.19 -74.55
CA ILE B 756 -2.35 26.74 -73.53
C ILE B 756 -3.25 25.61 -73.03
N ASP B 757 -3.30 24.55 -73.82
CA ASP B 757 -3.90 23.28 -73.47
C ASP B 757 -3.66 22.96 -72.00
N SER B 758 -2.43 23.23 -71.55
CA SER B 758 -2.00 22.85 -70.21
C SER B 758 -0.82 23.68 -69.72
N ILE B 759 -1.09 24.76 -69.02
CA ILE B 759 -0.02 25.53 -68.40
C ILE B 759 0.31 24.90 -67.05
N ASP B 760 1.27 23.97 -67.02
CA ASP B 760 1.56 23.23 -65.80
C ASP B 760 2.31 24.06 -64.76
N SER B 761 2.66 23.39 -63.66
CA SER B 761 3.48 23.99 -62.62
C SER B 761 4.71 24.60 -63.25
N LYS B 762 5.51 23.77 -63.93
CA LYS B 762 6.77 24.19 -64.50
C LYS B 762 6.63 25.54 -65.20
N SER B 763 5.57 25.67 -65.99
CA SER B 763 5.33 26.88 -66.77
C SER B 763 5.20 28.09 -65.87
N GLU B 764 4.29 28.00 -64.93
CA GLU B 764 4.08 29.09 -64.01
C GLU B 764 5.40 29.45 -63.33
N LEU B 765 6.15 28.44 -62.93
CA LEU B 765 7.43 28.70 -62.33
C LEU B 765 8.29 29.44 -63.32
N ALA B 766 8.44 28.85 -64.50
CA ALA B 766 9.27 29.47 -65.51
C ALA B 766 8.87 30.94 -65.70
N HIS B 767 7.58 31.20 -65.81
CA HIS B 767 7.12 32.54 -66.12
C HIS B 767 7.43 33.51 -64.99
N ARG B 768 7.58 32.96 -63.79
CA ARG B 768 7.92 33.76 -62.63
C ARG B 768 9.41 34.06 -62.62
N ILE B 769 10.19 33.10 -63.11
CA ILE B 769 11.64 33.30 -63.22
C ILE B 769 11.98 34.27 -64.31
N MET B 770 11.29 34.10 -65.44
CA MET B 770 11.56 34.89 -66.65
C MET B 770 10.91 36.30 -66.71
N LEU B 771 9.82 36.52 -65.97
CA LEU B 771 9.17 37.84 -65.98
C LEU B 771 9.07 38.52 -64.61
N THR B 772 8.24 37.97 -63.73
CA THR B 772 7.94 38.64 -62.45
C THR B 772 9.16 38.95 -61.60
N ASN B 773 10.08 37.99 -61.51
CA ASN B 773 11.27 38.18 -60.68
C ASN B 773 12.38 38.89 -61.45
N LEU B 774 12.30 38.85 -62.77
CA LEU B 774 13.22 39.62 -63.56
C LEU B 774 12.94 41.07 -63.25
N LEU B 775 11.67 41.46 -63.30
CA LEU B 775 11.27 42.83 -63.01
C LEU B 775 11.66 43.24 -61.60
N ARG B 776 11.54 42.28 -60.69
CA ARG B 776 11.84 42.57 -59.29
C ARG B 776 13.35 42.69 -59.11
N LEU B 777 14.12 41.99 -59.93
CA LEU B 777 15.58 42.06 -59.84
C LEU B 777 15.99 43.47 -60.20
N LEU B 778 15.53 43.94 -61.35
CA LEU B 778 15.76 45.32 -61.72
C LEU B 778 15.27 46.24 -60.61
N GLY B 779 14.00 46.04 -60.21
CA GLY B 779 13.38 46.87 -59.20
C GLY B 779 14.23 47.03 -57.95
N ALA B 780 14.85 45.93 -57.53
CA ALA B 780 15.69 45.92 -56.35
C ALA B 780 16.94 46.72 -56.61
N ILE B 781 17.60 46.45 -57.72
CA ILE B 781 18.79 47.20 -58.10
C ILE B 781 18.55 48.71 -58.08
N LYS B 782 17.41 49.13 -58.63
CA LYS B 782 17.09 50.54 -58.70
C LYS B 782 17.12 51.15 -57.31
N THR B 783 16.16 50.73 -56.49
CA THR B 783 15.99 51.28 -55.16
C THR B 783 17.28 51.30 -54.36
N GLN B 784 18.12 50.29 -54.57
CA GLN B 784 19.43 50.28 -53.97
C GLN B 784 20.18 51.56 -54.31
N LYS B 785 20.36 51.81 -55.60
CA LYS B 785 21.03 53.01 -56.06
C LYS B 785 20.34 54.27 -55.51
N LYS B 786 19.02 54.32 -55.65
CA LYS B 786 18.24 55.48 -55.24
C LYS B 786 18.53 55.84 -53.80
N GLU B 787 18.58 54.85 -52.96
CA GLU B 787 18.84 55.07 -51.55
C GLU B 787 20.28 55.48 -51.29
N ARG B 788 21.21 54.80 -51.94
CA ARG B 788 22.62 55.03 -51.69
C ARG B 788 23.15 56.24 -52.46
N GLY B 789 22.25 57.03 -53.04
CA GLY B 789 22.65 58.26 -53.72
C GLY B 789 23.44 58.07 -54.99
N TYR B 790 23.49 56.82 -55.45
CA TYR B 790 24.13 56.48 -56.71
C TYR B 790 23.27 56.97 -57.87
N GLU B 791 23.45 58.22 -58.26
CA GLU B 791 22.56 58.85 -59.21
C GLU B 791 23.08 58.85 -60.64
N THR B 792 24.32 59.31 -60.77
CA THR B 792 24.92 59.57 -62.06
C THR B 792 25.61 58.35 -62.67
N ARG B 793 25.11 57.16 -62.36
CA ARG B 793 25.68 55.94 -62.93
C ARG B 793 24.61 54.89 -63.12
N PRO B 794 23.89 54.97 -64.25
CA PRO B 794 22.82 54.03 -64.59
C PRO B 794 23.36 52.64 -64.92
N ALA B 795 22.50 51.65 -64.73
CA ALA B 795 22.87 50.28 -65.02
C ALA B 795 22.15 49.81 -66.28
N GLN B 796 22.91 49.31 -67.25
CA GLN B 796 22.35 48.89 -68.53
C GLN B 796 21.82 47.48 -68.49
N VAL B 797 20.57 47.33 -68.92
CA VAL B 797 19.89 46.04 -68.83
C VAL B 797 19.67 45.38 -70.19
N ILE B 798 20.47 44.36 -70.48
CA ILE B 798 20.37 43.65 -71.74
C ILE B 798 19.17 42.70 -71.78
N LEU B 799 17.99 43.28 -71.90
CA LEU B 799 16.74 42.53 -72.00
C LEU B 799 16.77 41.54 -73.14
N PRO B 800 16.75 40.26 -72.82
CA PRO B 800 16.65 39.22 -73.85
C PRO B 800 15.24 39.09 -74.36
N LEU B 801 14.88 39.86 -75.40
CA LEU B 801 13.55 39.71 -76.02
C LEU B 801 13.62 38.66 -77.11
N SER B 802 12.46 38.33 -77.67
CA SER B 802 12.40 37.31 -78.71
C SER B 802 11.62 37.79 -79.92
N PRO B 803 11.97 37.26 -81.11
CA PRO B 803 11.28 37.58 -82.36
C PRO B 803 9.96 36.85 -82.48
N ASN B 804 9.81 35.77 -81.73
CA ASN B 804 8.71 34.86 -82.00
C ASN B 804 7.66 34.79 -80.91
N HIS B 805 6.72 35.72 -80.99
CA HIS B 805 5.64 35.80 -80.02
C HIS B 805 4.50 34.85 -80.38
N GLY B 806 4.75 33.56 -80.23
CA GLY B 806 3.71 32.56 -80.44
C GLY B 806 3.55 32.17 -81.89
N THR B 807 4.60 32.39 -82.66
CA THR B 807 4.63 31.97 -84.05
C THR B 807 4.94 30.49 -84.07
N PHE B 808 5.71 30.06 -83.08
CA PHE B 808 6.01 28.65 -82.86
C PHE B 808 5.00 28.08 -81.89
N GLY B 809 4.81 26.76 -81.94
CA GLY B 809 3.90 26.12 -81.01
C GLY B 809 4.57 25.63 -79.74
N ASN B 810 3.77 25.38 -78.70
CA ASN B 810 4.26 24.74 -77.48
C ASN B 810 5.18 25.57 -76.59
N ASP B 811 5.28 26.86 -76.89
CA ASP B 811 6.05 27.78 -76.06
C ASP B 811 5.65 27.56 -74.60
N GLY B 812 4.36 27.39 -74.37
CA GLY B 812 3.82 27.21 -73.04
C GLY B 812 4.28 28.28 -72.09
N LEU B 813 3.61 29.43 -72.14
CA LEU B 813 3.95 30.56 -71.25
C LEU B 813 5.31 31.19 -71.53
N TYR B 814 5.99 30.75 -72.57
CA TYR B 814 7.29 31.31 -72.89
C TYR B 814 7.15 32.70 -73.49
N SER B 815 6.66 32.70 -74.72
CA SER B 815 6.41 33.92 -75.45
C SER B 815 5.80 34.98 -74.55
N GLU B 816 4.79 34.58 -73.79
CA GLU B 816 4.04 35.51 -72.96
C GLU B 816 4.97 36.30 -72.06
N SER B 817 6.01 35.63 -71.56
CA SER B 817 6.97 36.29 -70.71
C SER B 817 7.77 37.26 -71.55
N LYS B 818 8.36 36.75 -72.63
CA LYS B 818 9.29 37.52 -73.45
C LYS B 818 8.65 38.77 -74.07
N LEU B 819 7.38 38.66 -74.43
CA LEU B 819 6.65 39.77 -74.98
C LEU B 819 6.37 40.80 -73.88
N ALA B 820 5.94 40.34 -72.72
CA ALA B 820 5.64 41.25 -71.62
C ALA B 820 6.85 42.10 -71.29
N LEU B 821 8.03 41.53 -71.45
CA LEU B 821 9.26 42.23 -71.13
C LEU B 821 9.31 43.56 -71.81
N GLU B 822 8.74 43.60 -73.01
CA GLU B 822 8.86 44.75 -73.89
C GLU B 822 8.08 45.97 -73.39
N THR B 823 7.25 45.78 -72.36
CA THR B 823 6.51 46.89 -71.77
C THR B 823 7.52 47.79 -71.11
N LEU B 824 8.68 47.23 -70.82
CA LEU B 824 9.75 48.00 -70.22
C LEU B 824 10.15 49.18 -71.11
N PHE B 825 10.15 48.93 -72.42
CA PHE B 825 10.53 49.96 -73.37
C PHE B 825 9.85 51.29 -73.05
N ASN B 826 8.57 51.23 -72.69
CA ASN B 826 7.77 52.42 -72.38
C ASN B 826 7.87 52.88 -70.94
N ARG B 827 7.85 51.92 -70.04
CA ARG B 827 7.98 52.22 -68.62
C ARG B 827 9.16 53.15 -68.35
N TRP B 828 10.24 53.00 -69.14
CA TRP B 828 11.45 53.76 -68.91
C TRP B 828 11.11 55.23 -68.89
N TYR B 829 10.11 55.58 -69.67
CA TYR B 829 9.71 56.96 -69.83
C TYR B 829 8.71 57.40 -68.74
N SER B 830 7.76 56.52 -68.45
CA SER B 830 6.63 56.89 -67.61
C SER B 830 6.94 56.86 -66.13
N GLU B 831 7.61 55.80 -65.69
CA GLU B 831 7.96 55.64 -64.28
C GLU B 831 9.25 56.38 -63.94
N SER B 832 9.63 56.34 -62.68
CA SER B 832 10.69 57.21 -62.17
C SER B 832 12.07 56.53 -62.04
N TRP B 833 12.32 55.48 -62.81
CA TRP B 833 13.60 54.80 -62.69
C TRP B 833 14.48 55.11 -63.85
N GLY B 834 14.08 56.13 -64.60
CA GLY B 834 14.80 56.53 -65.79
C GLY B 834 16.28 56.58 -65.53
N ASN B 835 16.67 57.25 -64.44
CA ASN B 835 18.08 57.54 -64.16
C ASN B 835 18.94 56.33 -63.80
N TYR B 836 18.33 55.39 -63.10
CA TYR B 836 19.08 54.30 -62.51
C TYR B 836 19.20 53.11 -63.44
N LEU B 837 18.11 52.79 -64.14
CA LEU B 837 18.12 51.70 -65.10
C LEU B 837 17.96 52.21 -66.52
N THR B 838 18.73 51.66 -67.44
CA THR B 838 18.48 51.90 -68.86
C THR B 838 18.17 50.58 -69.53
N ILE B 839 17.28 50.62 -70.52
CA ILE B 839 16.83 49.40 -71.18
C ILE B 839 17.42 49.25 -72.57
N CYS B 840 18.01 48.09 -72.82
CA CYS B 840 18.56 47.77 -74.13
C CYS B 840 17.96 46.46 -74.63
N GLY B 841 16.74 46.53 -75.18
CA GLY B 841 16.06 45.39 -75.77
C GLY B 841 16.86 44.70 -76.86
N ALA B 842 17.24 43.46 -76.62
CA ALA B 842 18.08 42.74 -77.56
C ALA B 842 17.35 41.50 -77.97
N VAL B 843 16.61 41.60 -79.05
CA VAL B 843 15.93 40.41 -79.57
C VAL B 843 16.92 39.42 -80.18
N ILE B 844 17.36 38.45 -79.39
CA ILE B 844 18.35 37.48 -79.83
C ILE B 844 17.75 36.54 -80.87
N GLY B 845 18.52 36.23 -81.90
CA GLY B 845 18.04 35.39 -82.97
C GLY B 845 18.57 33.98 -82.85
N TRP B 846 18.19 33.16 -83.84
CA TRP B 846 18.59 31.76 -83.90
C TRP B 846 20.07 31.53 -83.59
N THR B 847 20.37 30.86 -82.48
CA THR B 847 21.75 30.56 -82.14
C THR B 847 21.98 29.08 -81.85
N ARG B 848 22.42 28.33 -82.85
CA ARG B 848 22.74 26.91 -82.67
C ARG B 848 23.75 26.73 -81.54
N GLY B 849 23.50 25.75 -80.68
CA GLY B 849 24.19 25.66 -79.42
C GLY B 849 24.96 24.38 -79.21
N THR B 850 26.27 24.53 -78.94
CA THR B 850 27.21 23.41 -78.81
C THR B 850 26.84 22.40 -77.72
N GLY B 851 26.78 21.13 -78.09
CA GLY B 851 26.49 20.05 -77.16
C GLY B 851 25.13 20.15 -76.50
N LEU B 852 24.43 21.25 -76.74
CA LEU B 852 23.10 21.46 -76.20
C LEU B 852 22.06 20.62 -76.93
N MET B 853 21.18 21.27 -77.69
CA MET B 853 20.16 20.58 -78.47
C MET B 853 20.48 20.59 -79.97
N SER B 854 20.46 19.41 -80.57
CA SER B 854 20.77 19.24 -81.99
C SER B 854 19.54 19.45 -82.88
N ALA B 855 18.35 19.55 -82.26
CA ALA B 855 17.08 19.71 -82.99
C ALA B 855 17.06 20.99 -83.83
N ASN B 856 17.62 22.05 -83.25
CA ASN B 856 17.65 23.36 -83.87
C ASN B 856 18.86 23.48 -84.79
N ASN B 857 19.64 22.41 -84.89
CA ASN B 857 20.92 22.45 -85.60
C ASN B 857 20.90 21.60 -86.86
N LEU B 858 20.06 20.57 -86.87
CA LEU B 858 19.99 19.69 -88.00
C LEU B 858 19.40 20.47 -89.16
N VAL B 859 18.49 21.37 -88.82
CA VAL B 859 17.79 22.14 -89.82
C VAL B 859 18.44 23.51 -90.03
N ALA B 860 19.35 23.85 -89.13
CA ALA B 860 20.04 25.14 -89.21
C ALA B 860 20.60 25.42 -90.60
N GLU B 861 21.17 24.40 -91.22
CA GLU B 861 21.76 24.57 -92.54
C GLU B 861 20.70 24.90 -93.60
N GLY B 862 19.66 24.08 -93.67
CA GLY B 862 18.61 24.25 -94.66
C GLY B 862 17.96 25.62 -94.66
N VAL B 863 17.80 26.19 -93.47
CA VAL B 863 17.16 27.48 -93.34
C VAL B 863 18.07 28.61 -93.79
N GLU B 864 19.37 28.43 -93.62
CA GLU B 864 20.31 29.45 -94.07
C GLU B 864 20.29 29.52 -95.58
N LYS B 865 19.93 28.39 -96.20
CA LYS B 865 19.90 28.30 -97.66
C LYS B 865 18.88 29.24 -98.27
N LEU B 866 17.93 29.71 -97.47
CA LEU B 866 16.94 30.66 -97.97
C LEU B 866 17.46 32.08 -97.94
N GLY B 867 18.76 32.26 -97.74
CA GLY B 867 19.39 33.57 -97.81
C GLY B 867 19.37 34.35 -96.51
N VAL B 868 19.54 33.64 -95.40
CA VAL B 868 19.37 34.21 -94.06
C VAL B 868 20.44 33.62 -93.11
N ARG B 869 20.74 34.31 -92.02
CA ARG B 869 21.84 33.94 -91.12
C ARG B 869 21.43 33.34 -89.76
N THR B 870 22.10 32.25 -89.39
CA THR B 870 22.06 31.74 -88.02
C THR B 870 23.45 31.93 -87.42
N PHE B 871 23.52 32.02 -86.10
CA PHE B 871 24.76 32.43 -85.44
C PHE B 871 25.30 31.35 -84.52
N SER B 872 26.62 31.29 -84.41
CA SER B 872 27.25 30.45 -83.40
C SER B 872 27.20 31.22 -82.09
N GLN B 873 27.41 30.51 -80.99
CA GLN B 873 27.34 31.15 -79.69
C GLN B 873 28.32 32.31 -79.63
N GLN B 874 29.57 31.99 -79.90
CA GLN B 874 30.66 32.97 -79.89
C GLN B 874 30.34 34.23 -80.67
N GLU B 875 29.63 34.07 -81.80
CA GLU B 875 29.21 35.20 -82.63
C GLU B 875 28.18 36.05 -81.87
N MET B 876 27.06 35.42 -81.50
CA MET B 876 25.97 36.14 -80.87
C MET B 876 26.40 36.83 -79.58
N ALA B 877 27.47 36.34 -78.97
CA ALA B 877 28.01 36.97 -77.78
C ALA B 877 28.70 38.24 -78.17
N PHE B 878 29.57 38.13 -79.16
CA PHE B 878 30.21 39.28 -79.78
C PHE B 878 29.15 40.32 -80.08
N ASN B 879 28.08 39.92 -80.76
CA ASN B 879 26.98 40.82 -81.10
C ASN B 879 26.44 41.55 -79.91
N LEU B 880 26.21 40.80 -78.85
CA LEU B 880 25.65 41.35 -77.63
C LEU B 880 26.59 42.35 -77.01
N LEU B 881 27.85 41.95 -76.81
CA LEU B 881 28.87 42.82 -76.23
C LEU B 881 28.96 44.12 -77.03
N GLY B 882 28.44 44.06 -78.25
CA GLY B 882 28.36 45.23 -79.09
C GLY B 882 27.50 46.29 -78.46
N LEU B 883 26.33 45.91 -77.96
CA LEU B 883 25.41 46.86 -77.36
C LEU B 883 25.96 47.32 -76.01
N MET B 884 26.99 46.61 -75.55
CA MET B 884 27.66 46.92 -74.29
C MET B 884 28.67 48.04 -74.52
N ALA B 885 29.11 48.17 -75.77
CA ALA B 885 30.11 49.17 -76.15
C ALA B 885 29.69 50.59 -75.77
N PRO B 886 30.69 51.44 -75.46
CA PRO B 886 30.48 52.81 -74.99
C PRO B 886 29.55 53.57 -75.92
N ALA B 887 29.71 53.33 -77.21
CA ALA B 887 28.90 53.98 -78.24
C ALA B 887 27.41 53.92 -77.93
N ILE B 888 26.90 52.70 -77.95
CA ILE B 888 25.49 52.44 -77.75
C ILE B 888 25.02 52.80 -76.34
N VAL B 889 25.87 52.55 -75.36
CA VAL B 889 25.51 52.81 -73.98
C VAL B 889 24.91 54.20 -73.82
N ASN B 890 25.55 55.19 -74.43
CA ASN B 890 25.11 56.57 -74.27
C ASN B 890 23.80 56.87 -74.95
N LEU B 891 23.46 56.07 -75.95
CA LEU B 891 22.16 56.18 -76.61
C LEU B 891 21.10 55.75 -75.62
N CYS B 892 21.39 54.70 -74.86
CA CYS B 892 20.45 54.17 -73.90
C CYS B 892 20.17 55.17 -72.79
N GLN B 893 21.20 55.90 -72.38
CA GLN B 893 21.09 56.82 -71.25
C GLN B 893 20.12 57.95 -71.53
N SER B 894 19.78 58.12 -72.81
CA SER B 894 18.80 59.11 -73.20
C SER B 894 17.54 58.43 -73.70
N ASP B 895 17.70 57.34 -74.48
CA ASP B 895 16.57 56.64 -75.07
C ASP B 895 16.81 55.14 -75.23
N PRO B 896 15.83 54.33 -74.80
CA PRO B 896 15.83 52.87 -74.95
C PRO B 896 16.21 52.44 -76.34
N VAL B 897 16.86 51.29 -76.44
CA VAL B 897 17.41 50.79 -77.69
C VAL B 897 16.75 49.49 -78.09
N PHE B 898 16.33 49.39 -79.34
CA PHE B 898 15.85 48.15 -79.86
C PHE B 898 17.01 47.63 -80.70
N ALA B 899 17.25 46.32 -80.63
CA ALA B 899 18.37 45.74 -81.38
C ALA B 899 17.96 44.41 -81.95
N ASP B 900 17.49 44.43 -83.20
CA ASP B 900 17.20 43.21 -83.93
C ASP B 900 18.50 42.51 -84.24
N LEU B 901 18.84 41.54 -83.40
CA LEU B 901 20.01 40.71 -83.64
C LEU B 901 19.53 39.36 -84.16
N ASN B 902 18.40 39.39 -84.86
CA ASN B 902 17.88 38.23 -85.55
C ASN B 902 18.51 38.16 -86.95
N GLY B 903 18.89 36.97 -87.38
CA GLY B 903 19.63 36.83 -88.62
C GLY B 903 18.87 37.22 -89.87
N GLY B 904 17.94 38.16 -89.74
CA GLY B 904 17.10 38.55 -90.86
C GLY B 904 16.01 37.53 -91.14
N LEU B 905 15.78 36.64 -90.20
CA LEU B 905 14.76 35.62 -90.36
C LEU B 905 13.37 36.24 -90.33
N GLN B 906 13.30 37.56 -90.15
CA GLN B 906 12.02 38.25 -90.10
C GLN B 906 11.31 38.08 -91.44
N PHE B 907 12.11 37.85 -92.47
CA PHE B 907 11.58 37.82 -93.82
C PHE B 907 11.16 36.44 -94.26
N ILE B 908 11.48 35.43 -93.46
CA ILE B 908 10.94 34.09 -93.68
C ILE B 908 9.62 33.95 -92.92
N PRO B 909 8.47 34.07 -93.65
CA PRO B 909 7.17 33.86 -93.00
C PRO B 909 6.91 32.38 -92.82
N ASP B 910 6.06 32.04 -91.87
CA ASP B 910 5.73 30.65 -91.58
C ASP B 910 7.00 29.85 -91.34
N LEU B 911 7.93 30.44 -90.59
CA LEU B 911 9.19 29.78 -90.28
C LEU B 911 8.90 28.46 -89.54
N LYS B 912 7.97 28.52 -88.59
CA LYS B 912 7.48 27.33 -87.90
C LYS B 912 7.27 26.20 -88.91
N GLY B 913 6.51 26.50 -89.95
CA GLY B 913 6.18 25.53 -90.98
C GLY B 913 7.38 25.06 -91.76
N LEU B 914 8.24 26.00 -92.15
CA LEU B 914 9.45 25.68 -92.88
C LEU B 914 10.23 24.59 -92.17
N MET B 915 10.57 24.86 -90.92
CA MET B 915 11.43 23.97 -90.17
C MET B 915 10.76 22.61 -90.00
N THR B 916 9.46 22.62 -89.69
CA THR B 916 8.75 21.37 -89.48
C THR B 916 8.80 20.48 -90.72
N LYS B 917 8.89 21.12 -91.89
CA LYS B 917 9.05 20.38 -93.14
C LYS B 917 10.44 19.77 -93.21
N LEU B 918 11.44 20.63 -93.04
CA LEU B 918 12.84 20.23 -92.99
C LEU B 918 13.12 19.19 -91.90
N ARG B 919 12.52 19.39 -90.75
CA ARG B 919 12.59 18.43 -89.66
C ARG B 919 12.24 17.03 -90.17
N LYS B 920 11.14 16.95 -90.91
CA LYS B 920 10.65 15.65 -91.38
C LYS B 920 11.60 15.03 -92.37
N GLU B 921 11.74 15.68 -93.53
CA GLU B 921 12.59 15.18 -94.60
C GLU B 921 13.90 14.56 -94.10
N ILE B 922 14.61 15.25 -93.21
CA ILE B 922 15.88 14.75 -92.71
C ILE B 922 15.69 13.45 -91.95
N MET B 923 14.84 13.47 -90.93
CA MET B 923 14.57 12.29 -90.12
C MET B 923 14.05 11.16 -91.00
N GLU B 924 13.33 11.53 -92.04
CA GLU B 924 12.64 10.57 -92.90
C GLU B 924 13.63 9.80 -93.80
N THR B 925 14.54 10.54 -94.43
CA THR B 925 15.49 9.93 -95.35
C THR B 925 16.48 9.06 -94.60
N SER B 926 16.89 9.49 -93.42
CA SER B 926 17.81 8.70 -92.62
C SER B 926 17.11 7.42 -92.18
N ALA B 927 15.86 7.54 -91.75
CA ALA B 927 15.07 6.40 -91.31
C ALA B 927 15.02 5.34 -92.40
N ILE B 928 14.58 5.77 -93.58
CA ILE B 928 14.56 4.92 -94.77
C ILE B 928 15.91 4.26 -95.00
N ARG B 929 16.96 5.09 -95.01
CA ARG B 929 18.31 4.63 -95.34
C ARG B 929 18.82 3.53 -94.42
N GLN B 930 18.69 3.72 -93.12
CA GLN B 930 19.15 2.73 -92.15
C GLN B 930 18.18 1.56 -92.01
N ALA B 931 16.92 1.79 -92.38
CA ALA B 931 15.93 0.72 -92.36
C ALA B 931 16.24 -0.27 -93.48
N VAL B 932 16.44 0.26 -94.68
CA VAL B 932 16.82 -0.55 -95.81
C VAL B 932 18.00 -1.44 -95.48
N ILE B 933 19.00 -0.86 -94.83
CA ILE B 933 20.18 -1.62 -94.44
C ILE B 933 19.81 -2.84 -93.62
N LYS B 934 19.04 -2.63 -92.56
CA LYS B 934 18.62 -3.74 -91.71
C LYS B 934 17.86 -4.77 -92.52
N GLU B 935 17.06 -4.30 -93.48
CA GLU B 935 16.30 -5.18 -94.34
C GLU B 935 17.23 -6.08 -95.12
N THR B 936 18.09 -5.48 -95.93
CA THR B 936 19.00 -6.23 -96.79
C THR B 936 19.97 -7.08 -95.98
N ALA B 937 20.19 -6.70 -94.73
CA ALA B 937 21.03 -7.49 -93.84
C ALA B 937 20.31 -8.77 -93.45
N ILE B 938 19.02 -8.65 -93.17
CA ILE B 938 18.19 -9.79 -92.83
C ILE B 938 18.01 -10.73 -94.02
N GLU B 939 17.87 -10.15 -95.20
CA GLU B 939 17.73 -10.93 -96.42
C GLU B 939 18.91 -11.88 -96.60
N ASN B 940 20.11 -11.42 -96.27
CA ASN B 940 21.30 -12.23 -96.41
C ASN B 940 21.35 -13.40 -95.45
N LYS B 941 20.84 -13.20 -94.24
CA LYS B 941 20.81 -14.27 -93.24
C LYS B 941 19.84 -15.38 -93.67
N VAL B 942 18.85 -15.00 -94.46
CA VAL B 942 17.88 -15.95 -94.98
C VAL B 942 18.52 -16.76 -96.08
N VAL B 943 18.96 -16.03 -97.11
CA VAL B 943 19.53 -16.66 -98.29
C VAL B 943 20.78 -17.49 -97.99
N ASN B 944 21.73 -16.90 -97.29
CA ASN B 944 23.04 -17.52 -97.07
C ASN B 944 23.09 -18.45 -95.86
N GLY B 945 22.17 -18.25 -94.92
CA GLY B 945 22.11 -19.04 -93.71
C GLY B 945 22.91 -18.40 -92.60
N GLU B 946 22.53 -18.69 -91.35
CA GLU B 946 23.20 -18.17 -90.16
C GLU B 946 24.72 -18.28 -90.23
N ASP B 947 25.17 -19.49 -90.51
CA ASP B 947 26.59 -19.83 -90.53
C ASP B 947 27.37 -18.96 -91.52
N HIS B 948 26.91 -18.90 -92.76
CA HIS B 948 27.62 -18.13 -93.77
C HIS B 948 27.75 -16.65 -93.39
N GLU B 949 26.61 -15.99 -93.21
CA GLU B 949 26.64 -14.56 -92.88
C GLU B 949 27.39 -14.24 -91.60
N ALA B 950 27.25 -15.10 -90.59
CA ALA B 950 27.95 -14.92 -89.33
C ALA B 950 29.47 -14.86 -89.50
N LEU B 951 30.03 -15.86 -90.18
CA LEU B 951 31.48 -16.02 -90.28
C LEU B 951 32.16 -15.01 -91.21
N TYR B 952 31.42 -13.99 -91.63
CA TYR B 952 31.96 -12.98 -92.54
C TYR B 952 31.69 -11.56 -92.07
N ARG B 953 31.75 -11.35 -90.76
CA ARG B 953 31.54 -10.02 -90.19
C ARG B 953 32.83 -9.50 -89.53
N ARG B 954 33.19 -8.25 -89.83
CA ARG B 954 34.37 -7.63 -89.25
C ARG B 954 34.46 -7.90 -87.75
N VAL B 955 35.47 -8.66 -87.37
CA VAL B 955 35.69 -9.00 -85.98
C VAL B 955 36.43 -7.87 -85.30
N ILE B 956 35.69 -6.99 -84.62
CA ILE B 956 36.31 -5.91 -83.88
C ILE B 956 36.80 -6.41 -82.52
N THR B 957 38.09 -6.25 -82.26
CA THR B 957 38.67 -6.69 -80.99
C THR B 957 38.16 -5.81 -79.84
N GLU B 958 37.88 -6.45 -78.71
CA GLU B 958 37.46 -5.75 -77.51
C GLU B 958 38.65 -5.48 -76.64
N PRO B 959 38.82 -4.21 -76.22
CA PRO B 959 40.04 -3.84 -75.52
C PRO B 959 40.13 -4.53 -74.16
N ARG B 960 41.34 -4.96 -73.82
CA ARG B 960 41.64 -5.41 -72.46
C ARG B 960 42.65 -4.45 -71.87
N ALA B 961 43.11 -4.76 -70.66
CA ALA B 961 44.10 -3.93 -70.02
C ALA B 961 45.29 -4.77 -69.60
N ASN B 962 46.48 -4.38 -70.07
CA ASN B 962 47.70 -4.99 -69.58
C ASN B 962 48.44 -4.01 -68.68
N LEU B 963 48.81 -4.47 -67.51
CA LEU B 963 49.52 -3.61 -66.59
C LEU B 963 51.03 -3.79 -66.78
N LYS B 964 51.60 -2.94 -67.63
CA LYS B 964 53.04 -2.93 -67.81
C LYS B 964 53.60 -2.49 -66.46
N TYR B 965 54.59 -3.21 -65.94
CA TYR B 965 55.20 -2.80 -64.68
C TYR B 965 56.38 -1.89 -64.97
N PRO B 966 56.13 -0.58 -65.05
CA PRO B 966 57.15 0.30 -65.58
C PRO B 966 58.27 0.52 -64.58
N PHE B 967 59.50 0.40 -65.04
CA PHE B 967 60.61 0.96 -64.29
C PHE B 967 60.82 2.40 -64.74
N PRO B 968 61.71 3.11 -64.06
CA PRO B 968 62.02 4.44 -64.57
C PRO B 968 62.59 4.31 -65.98
N GLU B 969 62.19 5.20 -66.87
CA GLU B 969 62.78 5.24 -68.18
C GLU B 969 64.27 5.56 -68.09
N LEU B 970 65.09 4.63 -68.58
CA LEU B 970 66.54 4.79 -68.64
C LEU B 970 66.83 5.80 -69.74
N PRO B 971 67.46 6.92 -69.39
CA PRO B 971 67.72 7.98 -70.36
C PRO B 971 68.51 7.45 -71.55
N ASP B 972 68.63 8.24 -72.62
CA ASP B 972 69.44 7.81 -73.76
C ASP B 972 70.89 8.28 -73.63
N TRP B 973 71.82 7.36 -73.91
CA TRP B 973 73.23 7.63 -73.74
C TRP B 973 73.68 8.85 -74.51
N ASP B 974 73.28 8.90 -75.78
CA ASP B 974 73.69 9.96 -76.68
C ASP B 974 72.85 11.23 -76.52
N LYS B 975 71.54 11.09 -76.65
CA LYS B 975 70.66 12.24 -76.62
C LYS B 975 70.68 12.96 -75.28
N ASP B 976 70.75 12.19 -74.20
CA ASP B 976 70.52 12.75 -72.87
C ASP B 976 71.75 12.85 -71.95
N ILE B 977 72.65 11.88 -72.02
CA ILE B 977 73.74 11.80 -71.04
C ILE B 977 75.08 12.35 -71.54
N LYS B 978 75.41 12.03 -72.77
CA LYS B 978 76.70 12.41 -73.32
C LYS B 978 77.08 13.88 -73.07
N PRO B 979 76.15 14.83 -73.30
CA PRO B 979 76.48 16.26 -73.11
C PRO B 979 76.96 16.64 -71.71
N LEU B 980 76.87 15.72 -70.76
CA LEU B 980 77.28 16.00 -69.40
C LEU B 980 78.52 15.20 -69.09
N ASN B 981 78.64 14.04 -69.73
CA ASN B 981 79.70 13.08 -69.43
C ASN B 981 81.07 13.73 -69.40
N ASP B 982 81.32 14.62 -70.34
CA ASP B 982 82.63 15.25 -70.45
C ASP B 982 83.03 15.89 -69.12
N GLN B 983 82.09 16.58 -68.50
CA GLN B 983 82.32 17.24 -67.23
C GLN B 983 82.36 16.25 -66.05
N LEU B 984 81.43 15.31 -66.04
CA LEU B 984 81.11 14.53 -64.85
C LEU B 984 81.77 13.18 -64.69
N ARG B 985 82.49 12.69 -65.69
CA ARG B 985 83.07 11.36 -65.57
C ARG B 985 84.04 11.26 -64.39
N GLY B 986 83.74 10.33 -63.47
CA GLY B 986 84.58 10.07 -62.32
C GLY B 986 84.76 11.26 -61.40
N MET B 987 83.95 12.29 -61.60
CA MET B 987 83.98 13.48 -60.77
C MET B 987 83.21 13.30 -59.47
N VAL B 988 82.83 12.05 -59.19
CA VAL B 988 81.98 11.74 -58.04
C VAL B 988 82.20 10.31 -57.57
N ASN B 989 82.34 10.16 -56.25
CA ASN B 989 82.48 8.87 -55.60
C ASN B 989 81.14 8.15 -55.47
N LEU B 990 80.97 7.09 -56.24
CA LEU B 990 79.69 6.40 -56.29
C LEU B 990 79.38 5.60 -55.02
N ASP B 991 80.22 5.77 -54.00
CA ASP B 991 80.02 5.04 -52.76
C ASP B 991 79.54 5.97 -51.66
N LYS B 992 79.52 7.27 -51.94
CA LYS B 992 78.94 8.24 -51.01
C LYS B 992 77.92 9.05 -51.77
N VAL B 993 77.31 8.40 -52.76
CA VAL B 993 76.19 8.98 -53.49
C VAL B 993 74.96 8.15 -53.16
N VAL B 994 73.94 8.81 -52.62
CA VAL B 994 72.76 8.12 -52.12
C VAL B 994 71.58 8.21 -53.07
N VAL B 995 70.98 7.06 -53.36
CA VAL B 995 70.04 6.94 -54.45
C VAL B 995 68.75 6.24 -54.06
N VAL B 996 67.62 6.80 -54.47
CA VAL B 996 66.32 6.15 -54.24
C VAL B 996 66.01 5.11 -55.31
N THR B 997 66.05 3.85 -54.91
CA THR B 997 65.94 2.74 -55.84
C THR B 997 64.53 2.13 -55.85
N GLY B 998 63.83 2.23 -54.73
CA GLY B 998 62.50 1.66 -54.64
C GLY B 998 61.52 2.69 -54.14
N LEU B 999 60.23 2.46 -54.38
CA LEU B 999 59.20 3.47 -54.14
C LEU B 999 57.81 2.89 -54.07
N ALA B 1000 57.13 3.11 -52.95
CA ALA B 1000 55.76 2.66 -52.81
C ALA B 1000 55.05 3.53 -51.81
N GLU B 1001 53.74 3.33 -51.68
CA GLU B 1001 52.95 4.04 -50.67
C GLU B 1001 51.59 3.40 -50.64
N ILE B 1002 50.93 3.46 -49.49
CA ILE B 1002 49.53 3.10 -49.44
C ILE B 1002 48.80 4.26 -48.79
N GLY B 1003 47.77 4.75 -49.45
CA GLY B 1003 47.06 5.95 -49.05
C GLY B 1003 45.65 6.02 -49.60
N PRO B 1004 44.97 7.16 -49.40
CA PRO B 1004 43.56 7.39 -49.72
C PRO B 1004 43.23 7.13 -51.17
N TRP B 1005 44.24 7.11 -52.01
CA TRP B 1005 44.02 6.91 -53.44
C TRP B 1005 44.55 5.59 -53.93
N GLY B 1006 45.20 4.87 -53.03
CA GLY B 1006 45.74 3.56 -53.35
C GLY B 1006 47.25 3.64 -53.36
N ASN B 1007 47.89 2.57 -53.83
CA ASN B 1007 49.35 2.54 -53.94
C ASN B 1007 49.85 3.66 -54.85
N ALA B 1008 51.15 3.93 -54.81
CA ALA B 1008 51.67 5.12 -55.47
C ALA B 1008 51.24 5.18 -56.93
N ARG B 1009 51.12 3.99 -57.54
CA ARG B 1009 50.72 3.88 -58.94
C ARG B 1009 49.37 4.55 -59.21
N THR B 1010 48.34 4.06 -58.54
CA THR B 1010 47.01 4.62 -58.66
C THR B 1010 46.97 6.09 -58.26
N ARG B 1011 47.71 6.44 -57.22
CA ARG B 1011 47.71 7.80 -56.72
C ARG B 1011 48.21 8.77 -57.77
N TRP B 1012 49.33 8.43 -58.40
CA TRP B 1012 49.93 9.29 -59.42
C TRP B 1012 48.94 9.56 -60.55
N GLU B 1013 48.33 8.48 -61.04
CA GLU B 1013 47.32 8.59 -62.10
C GLU B 1013 46.38 9.72 -61.79
N MET B 1014 45.92 9.75 -60.55
CA MET B 1014 44.97 10.76 -60.17
C MET B 1014 45.64 12.11 -60.01
N GLU B 1015 46.78 12.15 -59.34
CA GLU B 1015 47.43 13.41 -59.03
C GLU B 1015 47.81 14.16 -60.28
N ALA B 1016 48.14 13.39 -61.32
CA ALA B 1016 48.66 13.94 -62.58
C ALA B 1016 47.57 14.04 -63.65
N TYR B 1017 47.00 12.90 -64.02
CA TYR B 1017 46.06 12.84 -65.14
C TYR B 1017 44.66 13.29 -64.76
N GLY B 1018 44.24 13.02 -63.52
CA GLY B 1018 42.95 13.50 -63.06
C GLY B 1018 41.84 12.47 -63.12
N LYS B 1019 42.11 11.30 -63.68
CA LYS B 1019 41.17 10.18 -63.65
C LYS B 1019 41.88 8.86 -63.89
N PHE B 1020 41.16 7.78 -63.68
CA PHE B 1020 41.76 6.47 -63.78
C PHE B 1020 41.73 5.91 -65.17
N SER B 1021 42.87 5.39 -65.63
CA SER B 1021 42.92 4.63 -66.87
C SER B 1021 42.20 3.30 -66.64
N LEU B 1022 41.94 2.56 -67.71
CA LEU B 1022 41.38 1.23 -67.54
C LEU B 1022 42.32 0.40 -66.67
N GLU B 1023 43.62 0.58 -66.89
CA GLU B 1023 44.66 -0.11 -66.11
C GLU B 1023 44.55 0.21 -64.62
N GLY B 1024 44.28 1.48 -64.32
CA GLY B 1024 44.10 1.95 -62.97
C GLY B 1024 42.84 1.40 -62.34
N CYS B 1025 41.72 1.45 -63.05
CA CYS B 1025 40.47 0.92 -62.55
C CYS B 1025 40.68 -0.51 -62.09
N VAL B 1026 41.20 -1.35 -62.96
CA VAL B 1026 41.44 -2.74 -62.58
C VAL B 1026 42.31 -2.86 -61.32
N GLU B 1027 43.37 -2.05 -61.23
CA GLU B 1027 44.21 -2.08 -60.02
C GLU B 1027 43.42 -1.73 -58.76
N MET B 1028 42.72 -0.60 -58.78
CA MET B 1028 41.88 -0.21 -57.64
C MET B 1028 40.82 -1.25 -57.36
N ALA B 1029 40.07 -1.65 -58.40
CA ALA B 1029 39.02 -2.64 -58.24
C ALA B 1029 39.55 -3.94 -57.65
N TRP B 1030 40.84 -4.19 -57.84
CA TRP B 1030 41.45 -5.39 -57.29
C TRP B 1030 41.69 -5.27 -55.79
N MET B 1031 42.30 -4.17 -55.38
CA MET B 1031 42.64 -3.97 -53.97
C MET B 1031 41.42 -3.63 -53.12
N MET B 1032 40.45 -2.93 -53.71
CA MET B 1032 39.19 -2.64 -53.04
C MET B 1032 38.36 -3.89 -52.87
N GLY B 1033 38.73 -4.92 -53.62
CA GLY B 1033 38.13 -6.22 -53.44
C GLY B 1033 36.84 -6.39 -54.20
N LEU B 1034 36.76 -5.75 -55.36
CA LEU B 1034 35.55 -5.85 -56.19
C LEU B 1034 35.70 -6.96 -57.24
N ILE B 1035 36.95 -7.38 -57.49
CA ILE B 1035 37.26 -8.43 -58.46
C ILE B 1035 38.44 -9.29 -58.02
N LYS B 1036 38.29 -10.60 -58.19
CA LYS B 1036 39.36 -11.52 -57.85
C LYS B 1036 39.58 -12.51 -58.97
N ASN B 1037 40.83 -12.89 -59.19
CA ASN B 1037 41.14 -13.82 -60.25
C ASN B 1037 40.58 -15.20 -59.95
N HIS B 1038 39.87 -15.76 -60.92
CA HIS B 1038 39.37 -17.13 -60.80
C HIS B 1038 39.92 -18.01 -61.92
N ASN B 1039 40.11 -19.29 -61.65
CA ASN B 1039 40.70 -20.20 -62.61
C ASN B 1039 40.25 -21.65 -62.41
N GLY B 1040 39.09 -21.98 -62.95
CA GLY B 1040 38.52 -23.30 -62.80
C GLY B 1040 37.11 -23.28 -63.36
N PRO B 1041 36.41 -24.40 -63.27
CA PRO B 1041 35.04 -24.44 -63.81
C PRO B 1041 34.14 -23.37 -63.18
N LEU B 1042 33.32 -22.71 -64.00
CA LEU B 1042 32.34 -21.75 -63.51
C LEU B 1042 30.99 -22.06 -64.11
N LYS B 1043 30.14 -22.70 -63.33
CA LYS B 1043 28.85 -23.17 -63.82
C LYS B 1043 29.06 -24.16 -64.96
N GLY B 1044 29.88 -25.18 -64.71
CA GLY B 1044 30.18 -26.20 -65.71
C GLY B 1044 31.35 -25.83 -66.59
N LYS B 1045 31.09 -25.02 -67.61
CA LYS B 1045 32.11 -24.56 -68.54
C LYS B 1045 33.28 -23.92 -67.81
N PRO B 1046 34.51 -24.36 -68.11
CA PRO B 1046 35.73 -23.84 -67.48
C PRO B 1046 35.95 -22.39 -67.83
N TYR B 1047 36.85 -21.74 -67.11
CA TYR B 1047 37.05 -20.30 -67.25
C TYR B 1047 38.23 -19.80 -66.40
N SER B 1048 38.92 -18.77 -66.91
CA SER B 1048 39.98 -18.12 -66.16
C SER B 1048 39.90 -16.62 -66.37
N GLY B 1049 40.48 -15.85 -65.46
CA GLY B 1049 40.44 -14.40 -65.56
C GLY B 1049 39.64 -13.73 -64.46
N TRP B 1050 39.36 -12.44 -64.64
CA TRP B 1050 38.68 -11.63 -63.63
C TRP B 1050 37.25 -12.06 -63.33
N VAL B 1051 36.88 -11.99 -62.05
CA VAL B 1051 35.55 -12.38 -61.59
C VAL B 1051 35.07 -11.36 -60.58
N ASP B 1052 33.78 -11.06 -60.59
CA ASP B 1052 33.20 -10.17 -59.60
C ASP B 1052 33.24 -10.85 -58.23
N ALA B 1053 33.80 -10.17 -57.23
CA ALA B 1053 33.94 -10.75 -55.89
C ALA B 1053 32.59 -11.06 -55.27
N LYS B 1054 31.64 -10.15 -55.45
CA LYS B 1054 30.29 -10.30 -54.92
C LYS B 1054 29.54 -11.37 -55.69
N THR B 1055 29.04 -11.01 -56.86
CA THR B 1055 28.42 -11.99 -57.75
C THR B 1055 29.54 -12.84 -58.34
N GLY B 1056 29.51 -14.16 -58.09
CA GLY B 1056 30.56 -15.05 -58.55
C GLY B 1056 30.80 -15.05 -60.06
N GLU B 1057 30.03 -14.22 -60.77
CA GLU B 1057 30.11 -14.08 -62.23
C GLU B 1057 31.48 -13.61 -62.72
N PRO B 1058 31.74 -13.76 -64.02
CA PRO B 1058 32.96 -13.26 -64.65
C PRO B 1058 32.80 -11.81 -65.08
N VAL B 1059 33.93 -11.15 -65.33
CA VAL B 1059 33.91 -9.75 -65.67
C VAL B 1059 34.96 -9.43 -66.71
N ASP B 1060 34.56 -8.71 -67.76
CA ASP B 1060 35.46 -8.33 -68.84
C ASP B 1060 36.18 -7.01 -68.54
N ASP B 1061 37.47 -6.99 -68.81
CA ASP B 1061 38.28 -5.79 -68.58
C ASP B 1061 37.58 -4.56 -69.15
N LYS B 1062 37.00 -4.70 -70.34
CA LYS B 1062 36.39 -3.56 -71.00
C LYS B 1062 35.25 -2.96 -70.17
N ASP B 1063 34.64 -3.81 -69.35
CA ASP B 1063 33.51 -3.40 -68.54
C ASP B 1063 33.90 -2.83 -67.17
N VAL B 1064 35.06 -3.26 -66.66
CA VAL B 1064 35.50 -2.85 -65.34
C VAL B 1064 35.22 -1.39 -65.08
N LYS B 1065 35.67 -0.53 -66.00
CA LYS B 1065 35.48 0.90 -65.84
C LYS B 1065 34.01 1.27 -65.71
N ALA B 1066 33.15 0.61 -66.49
CA ALA B 1066 31.73 0.91 -66.45
C ALA B 1066 31.12 0.57 -65.10
N LYS B 1067 31.27 -0.69 -64.69
CA LYS B 1067 30.73 -1.16 -63.41
C LYS B 1067 31.21 -0.35 -62.24
N TYR B 1068 32.51 -0.48 -61.96
CA TYR B 1068 33.03 -0.06 -60.67
C TYR B 1068 33.54 1.39 -60.54
N GLU B 1069 33.90 2.04 -61.63
CA GLU B 1069 34.51 3.37 -61.52
C GLU B 1069 33.66 4.30 -60.66
N LYS B 1070 32.35 4.30 -60.91
CA LYS B 1070 31.44 5.15 -60.13
C LYS B 1070 31.68 4.95 -58.66
N TYR B 1071 31.62 3.69 -58.24
CA TYR B 1071 31.87 3.31 -56.86
C TYR B 1071 33.27 3.75 -56.41
N ILE B 1072 34.28 3.22 -57.08
CA ILE B 1072 35.66 3.39 -56.69
C ILE B 1072 35.98 4.82 -56.27
N LEU B 1073 35.63 5.79 -57.10
CA LEU B 1073 35.92 7.19 -56.81
C LEU B 1073 35.15 7.67 -55.59
N GLU B 1074 33.92 7.17 -55.49
CA GLU B 1074 33.00 7.57 -54.42
C GLU B 1074 33.43 6.95 -53.09
N HIS B 1075 34.20 5.88 -53.13
CA HIS B 1075 34.63 5.28 -51.88
C HIS B 1075 36.12 5.32 -51.70
N SER B 1076 36.77 6.25 -52.37
CA SER B 1076 38.15 6.60 -52.02
C SER B 1076 38.41 8.09 -52.19
N GLY B 1077 39.58 8.51 -51.67
CA GLY B 1077 39.93 9.91 -51.64
C GLY B 1077 39.61 10.47 -50.27
N ILE B 1078 39.41 11.78 -50.19
CA ILE B 1078 38.94 12.38 -48.97
C ILE B 1078 37.42 12.30 -48.98
N ARG B 1079 36.87 11.57 -48.01
CA ARG B 1079 35.43 11.43 -47.95
C ARG B 1079 34.88 11.55 -46.53
N LEU B 1080 33.58 11.40 -46.42
CA LEU B 1080 32.94 11.36 -45.13
C LEU B 1080 33.43 10.11 -44.41
N ILE B 1081 33.69 10.26 -43.12
CA ILE B 1081 34.25 9.15 -42.35
C ILE B 1081 33.32 7.95 -42.37
N GLU B 1082 33.87 6.82 -42.79
CA GLU B 1082 33.09 5.60 -42.84
C GLU B 1082 33.36 4.80 -41.60
N PRO B 1083 32.33 4.57 -40.80
CA PRO B 1083 32.53 4.06 -39.45
C PRO B 1083 33.04 2.64 -39.52
N GLU B 1084 32.60 1.90 -40.54
CA GLU B 1084 33.02 0.52 -40.71
C GLU B 1084 34.55 0.40 -40.68
N LEU B 1085 35.20 1.44 -41.19
CA LEU B 1085 36.64 1.42 -41.31
C LEU B 1085 37.33 1.75 -40.00
N PHE B 1086 36.55 2.09 -39.00
CA PHE B 1086 37.10 2.55 -37.72
C PHE B 1086 36.38 1.92 -36.53
N GLY B 1087 35.96 0.68 -36.68
CA GLY B 1087 35.31 -0.05 -35.62
C GLY B 1087 34.15 0.70 -34.98
N GLY B 1088 33.44 1.49 -35.77
CA GLY B 1088 32.24 2.14 -35.28
C GLY B 1088 32.29 3.64 -35.04
N TYR B 1089 33.47 4.25 -35.13
CA TYR B 1089 33.58 5.69 -34.91
C TYR B 1089 32.58 6.41 -35.79
N ASP B 1090 31.87 7.36 -35.21
CA ASP B 1090 30.99 8.21 -35.97
C ASP B 1090 31.02 9.55 -35.29
N PRO B 1091 31.68 10.52 -35.91
CA PRO B 1091 31.92 11.85 -35.35
C PRO B 1091 30.62 12.52 -34.96
N ASN B 1092 29.54 12.01 -35.51
CA ASN B 1092 28.25 12.57 -35.22
C ASN B 1092 27.77 12.11 -33.86
N ARG B 1093 28.48 11.15 -33.28
CA ARG B 1093 28.20 10.67 -31.92
C ARG B 1093 29.45 10.30 -31.13
N LYS B 1094 30.27 11.32 -30.86
CA LYS B 1094 31.49 11.19 -30.07
C LYS B 1094 31.08 10.72 -28.71
N GLN B 1095 31.53 9.53 -28.32
CA GLN B 1095 31.15 8.99 -27.04
C GLN B 1095 32.05 9.50 -25.90
N LEU B 1096 31.41 9.97 -24.84
CA LEU B 1096 32.08 10.35 -23.60
C LEU B 1096 31.38 9.65 -22.42
N LEU B 1097 32.00 9.69 -21.25
CA LEU B 1097 31.38 9.22 -20.02
C LEU B 1097 31.23 10.41 -19.09
N GLN B 1098 30.13 10.46 -18.34
CA GLN B 1098 30.01 11.46 -17.29
C GLN B 1098 29.83 10.81 -15.93
N GLU B 1099 30.63 11.27 -14.97
CA GLU B 1099 30.55 10.77 -13.59
C GLU B 1099 29.26 11.26 -12.97
N VAL B 1100 28.44 10.32 -12.54
CA VAL B 1100 27.18 10.64 -11.90
C VAL B 1100 27.14 9.97 -10.54
N VAL B 1101 26.88 10.75 -9.49
CA VAL B 1101 26.74 10.18 -8.15
C VAL B 1101 25.29 9.83 -7.89
N ILE B 1102 24.98 8.54 -7.97
CA ILE B 1102 23.61 8.11 -7.80
C ILE B 1102 23.11 8.58 -6.45
N GLU B 1103 21.83 8.94 -6.37
CA GLU B 1103 21.29 9.42 -5.11
C GLU B 1103 20.15 8.55 -4.57
N GLN B 1104 20.01 7.36 -5.14
CA GLN B 1104 19.17 6.34 -4.54
C GLN B 1104 19.71 4.94 -4.81
N ASP B 1105 19.61 4.08 -3.79
CA ASP B 1105 20.03 2.68 -3.87
C ASP B 1105 19.73 2.10 -5.24
N LEU B 1106 20.63 1.27 -5.74
CA LEU B 1106 20.53 0.72 -7.07
C LEU B 1106 20.10 -0.74 -6.94
N GLU B 1107 19.51 -1.29 -7.98
CA GLU B 1107 19.04 -2.67 -7.93
C GLU B 1107 20.25 -3.60 -7.93
N PRO B 1108 20.13 -4.72 -7.22
CA PRO B 1108 21.13 -5.76 -7.03
C PRO B 1108 21.37 -6.55 -8.30
N PHE B 1109 22.62 -6.92 -8.56
CA PHE B 1109 22.93 -7.79 -9.69
C PHE B 1109 23.90 -8.90 -9.32
N GLU B 1110 23.94 -9.95 -10.12
CA GLU B 1110 24.79 -11.10 -9.80
C GLU B 1110 26.23 -10.80 -10.18
N ALA B 1111 27.14 -11.60 -9.63
CA ALA B 1111 28.57 -11.42 -9.84
C ALA B 1111 29.33 -12.66 -9.37
N SER B 1112 30.54 -12.86 -9.91
CA SER B 1112 31.40 -13.92 -9.40
C SER B 1112 31.94 -13.44 -8.06
N LYS B 1113 32.42 -14.37 -7.23
CA LYS B 1113 32.92 -13.95 -5.93
C LYS B 1113 34.02 -12.92 -6.10
N GLU B 1114 34.95 -13.16 -7.01
CA GLU B 1114 36.02 -12.20 -7.29
C GLU B 1114 35.46 -10.82 -7.61
N GLN B 1115 34.66 -10.75 -8.67
CA GLN B 1115 34.09 -9.48 -9.12
C GLN B 1115 33.45 -8.74 -7.98
N ALA B 1116 32.62 -9.45 -7.22
CA ALA B 1116 31.96 -8.86 -6.08
C ALA B 1116 33.01 -8.13 -5.26
N GLU B 1117 34.04 -8.85 -4.83
CA GLU B 1117 35.10 -8.28 -3.99
C GLU B 1117 35.67 -7.01 -4.62
N GLU B 1118 35.99 -7.10 -5.90
CA GLU B 1118 36.54 -5.95 -6.63
C GLU B 1118 35.65 -4.74 -6.43
N PHE B 1119 34.35 -4.93 -6.66
CA PHE B 1119 33.38 -3.84 -6.54
C PHE B 1119 33.38 -3.22 -5.15
N LYS B 1120 33.37 -4.08 -4.15
CA LYS B 1120 33.36 -3.65 -2.77
C LYS B 1120 34.69 -2.98 -2.48
N ARG B 1121 35.76 -3.48 -3.08
CA ARG B 1121 37.08 -2.96 -2.81
C ARG B 1121 37.13 -1.49 -3.18
N GLU B 1122 36.37 -1.11 -4.20
CA GLU B 1122 36.45 0.24 -4.72
C GLU B 1122 35.48 1.16 -4.01
N HIS B 1123 34.30 0.65 -3.70
CA HIS B 1123 33.24 1.47 -3.13
C HIS B 1123 33.13 1.35 -1.60
N GLY B 1124 33.25 0.12 -1.10
CA GLY B 1124 33.23 -0.13 0.33
C GLY B 1124 31.95 0.27 1.05
N ASP B 1125 31.95 1.47 1.63
CA ASP B 1125 30.78 1.99 2.35
C ASP B 1125 29.56 1.99 1.46
N LYS B 1126 29.78 2.21 0.17
CA LYS B 1126 28.71 2.45 -0.77
C LYS B 1126 28.27 1.22 -1.55
N VAL B 1127 28.77 0.05 -1.17
CA VAL B 1127 28.32 -1.19 -1.78
C VAL B 1127 28.17 -2.31 -0.76
N GLU B 1128 27.21 -3.19 -1.01
CA GLU B 1128 26.97 -4.36 -0.17
C GLU B 1128 27.06 -5.59 -1.03
N ILE B 1129 27.92 -6.53 -0.66
CA ILE B 1129 27.92 -7.81 -1.34
C ILE B 1129 27.68 -8.95 -0.36
N PHE B 1130 26.90 -9.92 -0.81
CA PHE B 1130 26.57 -11.08 0.01
C PHE B 1130 26.62 -12.36 -0.81
N GLU B 1131 26.97 -13.46 -0.16
CA GLU B 1131 26.94 -14.75 -0.83
C GLU B 1131 25.51 -15.15 -1.20
N ILE B 1132 25.39 -15.89 -2.28
CA ILE B 1132 24.18 -16.66 -2.53
C ILE B 1132 24.49 -18.04 -1.98
N PRO B 1133 23.80 -18.43 -0.89
CA PRO B 1133 24.18 -19.66 -0.17
C PRO B 1133 24.25 -20.85 -1.12
N GLU B 1134 23.39 -20.81 -2.13
CA GLU B 1134 23.12 -21.95 -2.99
C GLU B 1134 24.11 -22.06 -4.15
N THR B 1135 24.14 -21.04 -5.00
CA THR B 1135 24.92 -21.10 -6.24
C THR B 1135 26.37 -20.65 -6.10
N GLY B 1136 26.75 -20.19 -4.91
CA GLY B 1136 28.11 -19.72 -4.66
C GLY B 1136 28.42 -18.35 -5.25
N GLN B 1137 27.44 -17.74 -5.90
CA GLN B 1137 27.59 -16.42 -6.46
C GLN B 1137 27.52 -15.33 -5.40
N TYR B 1138 27.49 -14.08 -5.85
CA TYR B 1138 27.32 -12.96 -4.94
C TYR B 1138 26.34 -11.96 -5.51
N THR B 1139 26.04 -10.94 -4.74
CA THR B 1139 25.03 -9.95 -5.10
C THR B 1139 25.58 -8.57 -4.83
N VAL B 1140 25.46 -7.68 -5.81
CA VAL B 1140 26.02 -6.35 -5.64
C VAL B 1140 24.94 -5.29 -5.68
N ARG B 1141 24.95 -4.44 -4.65
CA ARG B 1141 23.98 -3.36 -4.54
C ARG B 1141 24.74 -2.08 -4.25
N LEU B 1142 24.77 -1.16 -5.20
CA LEU B 1142 25.40 0.12 -4.91
C LEU B 1142 24.42 1.00 -4.16
N ARG B 1143 24.78 1.39 -2.94
CA ARG B 1143 23.94 2.31 -2.19
C ARG B 1143 24.07 3.75 -2.65
N LYS B 1144 23.13 4.60 -2.24
CA LYS B 1144 23.21 6.03 -2.48
C LYS B 1144 24.55 6.61 -2.04
N GLY B 1145 25.14 7.41 -2.91
CA GLY B 1145 26.45 7.97 -2.66
C GLY B 1145 27.40 7.40 -3.67
N ALA B 1146 27.11 6.18 -4.11
CA ALA B 1146 27.94 5.48 -5.10
C ALA B 1146 28.16 6.33 -6.34
N THR B 1147 29.30 6.16 -6.99
CA THR B 1147 29.62 6.94 -8.17
C THR B 1147 29.61 6.07 -9.44
N LEU B 1148 28.83 6.52 -10.42
CA LEU B 1148 28.61 5.74 -11.64
C LEU B 1148 29.11 6.49 -12.86
N LEU B 1149 29.25 5.75 -13.94
CA LEU B 1149 29.59 6.36 -15.22
C LEU B 1149 28.49 6.11 -16.25
N ILE B 1150 27.89 7.20 -16.73
CA ILE B 1150 26.89 7.11 -17.78
C ILE B 1150 27.47 7.68 -19.04
N PRO B 1151 27.36 6.94 -20.15
CA PRO B 1151 27.77 7.38 -21.48
C PRO B 1151 26.88 8.49 -22.02
N LYS B 1152 27.47 9.38 -22.82
CA LYS B 1152 26.72 10.37 -23.54
C LYS B 1152 27.38 10.52 -24.92
N ALA B 1153 26.76 11.29 -25.80
CA ALA B 1153 27.33 11.47 -27.14
C ALA B 1153 27.39 12.93 -27.57
N LEU B 1154 28.38 13.24 -28.39
CA LEU B 1154 28.58 14.60 -28.87
C LEU B 1154 28.45 14.67 -30.37
N GLN B 1155 28.08 15.84 -30.89
CA GLN B 1155 28.16 16.04 -32.33
C GLN B 1155 29.45 16.76 -32.68
N PHE B 1156 30.38 16.00 -33.21
CA PHE B 1156 31.71 16.49 -33.51
C PHE B 1156 31.73 17.08 -34.90
N ASP B 1157 32.74 17.87 -35.18
CA ASP B 1157 32.77 18.65 -36.40
C ASP B 1157 33.46 17.93 -37.55
N ARG B 1158 34.62 17.36 -37.28
CA ARG B 1158 35.40 16.71 -38.32
C ARG B 1158 34.72 15.43 -38.81
N LEU B 1159 33.85 15.55 -39.82
CA LEU B 1159 33.20 14.39 -40.42
C LEU B 1159 33.93 13.88 -41.65
N VAL B 1160 34.87 14.68 -42.17
CA VAL B 1160 35.60 14.29 -43.36
C VAL B 1160 37.05 13.97 -43.02
N ALA B 1161 37.59 12.92 -43.63
CA ALA B 1161 38.99 12.58 -43.45
C ALA B 1161 39.46 11.69 -44.59
N GLY B 1162 40.73 11.83 -44.95
CA GLY B 1162 41.28 11.08 -46.05
C GLY B 1162 41.60 9.66 -45.60
N GLN B 1163 40.85 8.72 -46.11
CA GLN B 1163 40.96 7.37 -45.63
C GLN B 1163 41.28 6.38 -46.75
N ILE B 1164 42.09 5.39 -46.43
CA ILE B 1164 42.38 4.30 -47.35
C ILE B 1164 41.09 3.80 -47.99
N PRO B 1165 41.15 3.54 -49.30
CA PRO B 1165 40.03 3.05 -50.10
C PRO B 1165 39.24 1.93 -49.44
N THR B 1166 37.92 2.04 -49.56
CA THR B 1166 37.01 1.14 -48.91
C THR B 1166 37.10 -0.27 -49.44
N GLY B 1167 37.87 -1.09 -48.74
CA GLY B 1167 37.94 -2.51 -49.05
C GLY B 1167 39.35 -3.00 -48.95
N TRP B 1168 40.30 -2.06 -48.85
CA TRP B 1168 41.70 -2.43 -48.84
C TRP B 1168 41.95 -3.37 -47.70
N ASP B 1169 42.68 -4.46 -47.95
CA ASP B 1169 43.05 -5.35 -46.88
C ASP B 1169 44.40 -6.01 -47.11
N ALA B 1170 45.25 -5.96 -46.09
CA ALA B 1170 46.54 -6.63 -46.14
C ALA B 1170 46.44 -8.11 -46.53
N ARG B 1171 45.30 -8.73 -46.29
CA ARG B 1171 45.13 -10.14 -46.64
C ARG B 1171 45.22 -10.40 -48.15
N ARG B 1172 44.82 -9.42 -48.94
CA ARG B 1172 44.87 -9.54 -50.40
C ARG B 1172 46.30 -9.56 -50.90
N TYR B 1173 47.12 -8.68 -50.34
CA TYR B 1173 48.53 -8.64 -50.67
C TYR B 1173 49.27 -9.90 -50.22
N GLY B 1174 48.67 -10.66 -49.30
CA GLY B 1174 49.25 -11.93 -48.89
C GLY B 1174 49.82 -12.02 -47.49
N VAL B 1175 49.65 -10.96 -46.70
CA VAL B 1175 50.07 -10.96 -45.30
C VAL B 1175 49.36 -12.12 -44.58
N PRO B 1176 50.10 -12.86 -43.74
CA PRO B 1176 49.64 -14.04 -43.01
C PRO B 1176 48.53 -13.72 -42.03
N GLU B 1177 47.56 -14.63 -41.92
CA GLU B 1177 46.39 -14.41 -41.08
C GLU B 1177 46.74 -14.05 -39.64
N ASP B 1178 47.52 -14.91 -38.99
CA ASP B 1178 47.94 -14.66 -37.62
C ASP B 1178 48.54 -13.26 -37.45
N ILE B 1179 49.48 -12.90 -38.31
CA ILE B 1179 50.12 -11.59 -38.22
C ILE B 1179 49.09 -10.46 -38.33
N ILE B 1180 48.02 -10.71 -39.07
CA ILE B 1180 46.95 -9.74 -39.24
C ILE B 1180 46.32 -9.46 -37.90
N GLN B 1181 46.10 -10.54 -37.14
CA GLN B 1181 45.42 -10.46 -35.87
C GLN B 1181 46.29 -9.96 -34.72
N GLN B 1182 47.61 -10.04 -34.91
CA GLN B 1182 48.57 -9.76 -33.84
C GLN B 1182 49.10 -8.32 -33.80
N VAL B 1183 49.01 -7.62 -34.93
CA VAL B 1183 49.63 -6.30 -34.98
C VAL B 1183 48.64 -5.14 -35.22
N ASP B 1184 49.11 -3.92 -34.95
CA ASP B 1184 48.36 -2.71 -35.21
C ASP B 1184 48.21 -2.51 -36.73
N PRO B 1185 47.02 -2.09 -37.17
CA PRO B 1185 46.74 -1.78 -38.57
C PRO B 1185 47.90 -1.02 -39.22
N VAL B 1186 48.39 0.00 -38.54
CA VAL B 1186 49.55 0.77 -38.99
C VAL B 1186 50.69 -0.15 -39.48
N THR B 1187 51.00 -1.18 -38.72
CA THR B 1187 52.02 -2.14 -39.13
C THR B 1187 51.64 -2.79 -40.47
N LEU B 1188 50.35 -3.08 -40.65
CA LEU B 1188 49.85 -3.62 -41.90
C LEU B 1188 50.11 -2.70 -43.09
N TYR B 1189 49.80 -1.42 -42.96
CA TYR B 1189 50.11 -0.47 -44.04
C TYR B 1189 51.62 -0.49 -44.34
N VAL B 1190 52.43 -0.65 -43.31
CA VAL B 1190 53.89 -0.64 -43.45
C VAL B 1190 54.42 -1.92 -44.07
N LEU B 1191 53.93 -3.06 -43.61
CA LEU B 1191 54.34 -4.32 -44.19
C LEU B 1191 54.06 -4.33 -45.68
N VAL B 1192 52.80 -4.10 -46.04
CA VAL B 1192 52.43 -4.07 -47.44
C VAL B 1192 53.26 -3.06 -48.18
N SER B 1193 53.35 -1.85 -47.66
CA SER B 1193 54.17 -0.83 -48.30
C SER B 1193 55.59 -1.35 -48.60
N VAL B 1194 56.36 -1.64 -47.56
CA VAL B 1194 57.73 -2.14 -47.74
C VAL B 1194 57.82 -3.34 -48.70
N ALA B 1195 56.75 -4.12 -48.80
CA ALA B 1195 56.78 -5.29 -49.65
C ALA B 1195 56.70 -4.90 -51.11
N GLU B 1196 55.89 -3.88 -51.39
CA GLU B 1196 55.71 -3.35 -52.73
C GLU B 1196 56.84 -2.39 -53.10
N ALA B 1197 57.45 -1.80 -52.08
CA ALA B 1197 58.57 -0.90 -52.32
C ALA B 1197 59.82 -1.69 -52.71
N LEU B 1198 59.88 -2.95 -52.29
CA LEU B 1198 60.98 -3.82 -52.71
C LEU B 1198 60.79 -4.28 -54.15
N LEU B 1199 59.54 -4.46 -54.57
CA LEU B 1199 59.24 -4.89 -55.93
C LEU B 1199 59.52 -3.79 -56.94
N SER B 1200 59.12 -2.56 -56.61
CA SER B 1200 59.39 -1.41 -57.46
C SER B 1200 60.87 -1.14 -57.56
N SER B 1201 61.67 -2.05 -57.02
CA SER B 1201 63.11 -1.90 -57.00
C SER B 1201 63.76 -3.21 -57.39
N GLY B 1202 62.97 -4.10 -57.97
CA GLY B 1202 63.51 -5.32 -58.54
C GLY B 1202 63.90 -6.41 -57.57
N ILE B 1203 63.71 -6.14 -56.28
CA ILE B 1203 63.95 -7.17 -55.28
C ILE B 1203 62.69 -8.01 -55.13
N THR B 1204 62.79 -9.28 -55.45
CA THR B 1204 61.69 -10.20 -55.20
C THR B 1204 61.82 -10.87 -53.82
N ASP B 1205 62.93 -11.58 -53.64
CA ASP B 1205 63.34 -12.11 -52.35
C ASP B 1205 64.35 -11.13 -51.73
N PRO B 1206 64.03 -10.56 -50.56
CA PRO B 1206 64.88 -9.53 -49.98
C PRO B 1206 66.25 -10.12 -49.63
N TYR B 1207 66.28 -11.44 -49.56
CA TYR B 1207 67.51 -12.17 -49.33
C TYR B 1207 68.50 -11.94 -50.46
N GLU B 1208 68.00 -11.52 -51.61
CA GLU B 1208 68.85 -11.22 -52.75
C GLU B 1208 69.88 -10.16 -52.37
N PHE B 1209 69.54 -9.30 -51.43
CA PHE B 1209 70.51 -8.35 -50.92
C PHE B 1209 71.75 -9.07 -50.37
N TYR B 1210 71.56 -10.29 -49.87
CA TYR B 1210 72.66 -11.00 -49.23
C TYR B 1210 73.43 -11.83 -50.23
N LYS B 1211 73.30 -11.46 -51.49
CA LYS B 1211 74.25 -11.89 -52.48
C LYS B 1211 75.36 -10.84 -52.46
N TYR B 1212 74.98 -9.59 -52.71
CA TYR B 1212 75.94 -8.50 -52.91
C TYR B 1212 76.44 -7.90 -51.61
N VAL B 1213 75.71 -8.15 -50.53
CA VAL B 1213 75.99 -7.44 -49.29
C VAL B 1213 75.77 -8.28 -48.03
N HIS B 1214 76.58 -7.98 -47.01
CA HIS B 1214 76.56 -8.68 -45.73
C HIS B 1214 75.32 -8.36 -44.90
N LEU B 1215 74.93 -9.31 -44.05
CA LEU B 1215 73.74 -9.17 -43.22
C LEU B 1215 73.69 -7.86 -42.47
N SER B 1216 74.85 -7.22 -42.27
CA SER B 1216 74.92 -6.03 -41.44
C SER B 1216 74.91 -4.70 -42.19
N GLU B 1217 74.42 -4.72 -43.43
CA GLU B 1217 74.35 -3.50 -44.24
C GLU B 1217 72.95 -3.19 -44.78
N VAL B 1218 71.98 -4.05 -44.47
CA VAL B 1218 70.58 -3.75 -44.80
C VAL B 1218 69.90 -3.06 -43.61
N GLY B 1219 69.93 -1.73 -43.61
CA GLY B 1219 69.44 -0.94 -42.49
C GLY B 1219 67.96 -0.63 -42.59
N ASN B 1220 67.35 -0.28 -41.45
CA ASN B 1220 65.91 -0.02 -41.39
C ASN B 1220 65.56 1.21 -40.54
N CYS B 1221 65.13 2.28 -41.20
CA CYS B 1221 64.86 3.56 -40.55
C CYS B 1221 63.45 4.09 -40.70
N ILE B 1222 62.44 3.23 -40.59
CA ILE B 1222 61.07 3.70 -40.74
C ILE B 1222 60.57 4.30 -39.43
N GLY B 1223 59.99 5.50 -39.50
CA GLY B 1223 59.52 6.19 -38.32
C GLY B 1223 58.06 6.60 -38.37
N SER B 1224 57.64 7.42 -37.42
CA SER B 1224 56.27 7.92 -37.39
C SER B 1224 56.10 9.00 -36.32
N GLY B 1225 54.92 9.58 -36.26
CA GLY B 1225 54.64 10.67 -35.34
C GLY B 1225 54.19 10.18 -33.98
N VAL B 1226 53.28 9.21 -33.98
CA VAL B 1226 52.86 8.50 -32.76
C VAL B 1226 52.81 7.00 -33.00
N GLY B 1227 52.08 6.57 -34.04
CA GLY B 1227 52.14 5.20 -34.55
C GLY B 1227 51.93 4.02 -33.61
N GLY B 1228 50.89 3.25 -33.85
CA GLY B 1228 50.48 2.21 -32.92
C GLY B 1228 49.30 2.79 -32.15
N THR B 1229 48.71 3.81 -32.76
CA THR B 1229 47.65 4.62 -32.16
C THR B 1229 46.48 3.76 -31.70
N SER B 1230 46.34 2.59 -32.32
CA SER B 1230 45.23 1.69 -32.03
C SER B 1230 45.50 0.85 -30.79
N ALA B 1231 46.70 0.30 -30.68
CA ALA B 1231 47.09 -0.44 -29.48
C ALA B 1231 47.25 0.55 -28.34
N LEU B 1232 47.75 1.72 -28.69
CA LEU B 1232 47.95 2.79 -27.74
C LEU B 1232 46.65 3.07 -27.01
N ARG B 1233 45.53 2.90 -27.69
CA ARG B 1233 44.23 3.11 -27.08
C ARG B 1233 43.85 1.93 -26.19
N GLY B 1234 44.01 0.73 -26.70
CA GLY B 1234 43.64 -0.46 -25.95
C GLY B 1234 44.35 -0.54 -24.60
N MET B 1235 45.46 0.18 -24.52
CA MET B 1235 46.29 0.22 -23.33
C MET B 1235 45.70 1.22 -22.34
N TYR B 1236 45.46 2.43 -22.81
CA TYR B 1236 45.06 3.56 -21.96
C TYR B 1236 43.54 3.71 -21.77
N LYS B 1237 42.76 2.94 -22.54
CA LYS B 1237 41.31 3.06 -22.47
C LYS B 1237 40.58 1.73 -22.54
N ASP B 1238 40.82 0.96 -23.60
CA ASP B 1238 40.10 -0.28 -23.76
C ASP B 1238 40.33 -1.26 -22.61
N ARG B 1239 41.42 -1.07 -21.88
CA ARG B 1239 41.76 -1.97 -20.77
C ARG B 1239 41.20 -1.48 -19.44
N TYR B 1240 41.19 -0.16 -19.27
CA TYR B 1240 40.54 0.50 -18.15
C TYR B 1240 39.02 0.33 -18.21
N LEU B 1241 38.55 -0.12 -19.37
CA LEU B 1241 37.13 -0.31 -19.61
C LEU B 1241 36.81 -1.78 -19.50
N ASP B 1242 37.86 -2.56 -19.26
CA ASP B 1242 37.75 -4.01 -19.11
C ASP B 1242 37.21 -4.69 -20.37
N LYS B 1243 37.52 -4.13 -21.54
CA LYS B 1243 37.23 -4.81 -22.79
C LYS B 1243 38.34 -5.82 -23.08
N PRO B 1244 38.07 -6.83 -23.92
CA PRO B 1244 39.05 -7.88 -24.22
C PRO B 1244 40.21 -7.41 -25.08
N VAL B 1245 41.36 -7.17 -24.47
CA VAL B 1245 42.55 -6.71 -25.17
C VAL B 1245 43.68 -7.72 -25.00
N GLN B 1246 44.57 -7.78 -25.99
CA GLN B 1246 45.71 -8.69 -25.95
C GLN B 1246 46.55 -8.42 -24.72
N LYS B 1247 47.43 -9.35 -24.37
CA LYS B 1247 48.32 -9.12 -23.23
C LYS B 1247 49.53 -8.29 -23.59
N ASP B 1248 49.83 -8.26 -24.88
CA ASP B 1248 51.07 -7.65 -25.36
C ASP B 1248 50.85 -6.38 -26.16
N ILE B 1249 49.70 -5.75 -26.01
CA ILE B 1249 49.42 -4.54 -26.78
C ILE B 1249 50.47 -3.47 -26.48
N LEU B 1250 51.26 -3.70 -25.43
CA LEU B 1250 52.36 -2.80 -25.14
C LEU B 1250 53.39 -2.86 -26.26
N GLN B 1251 53.71 -4.09 -26.70
CA GLN B 1251 54.60 -4.31 -27.84
C GLN B 1251 54.27 -3.39 -29.02
N GLU B 1252 52.98 -3.26 -29.34
CA GLU B 1252 52.55 -2.67 -30.60
C GLU B 1252 52.25 -1.17 -30.52
N SER B 1253 52.62 -0.54 -29.42
CA SER B 1253 52.42 0.91 -29.28
C SER B 1253 53.72 1.67 -29.54
N PHE B 1254 54.81 0.94 -29.72
CA PHE B 1254 56.11 1.58 -29.96
C PHE B 1254 56.26 1.90 -31.43
N VAL B 1255 56.85 3.04 -31.71
CA VAL B 1255 57.10 3.45 -33.08
C VAL B 1255 57.97 2.42 -33.81
N ASN B 1256 58.89 1.80 -33.09
CA ASN B 1256 59.86 0.93 -33.74
C ASN B 1256 59.43 -0.53 -33.81
N THR B 1257 58.19 -0.81 -33.41
CA THR B 1257 57.70 -2.18 -33.48
C THR B 1257 57.27 -2.45 -34.89
N MET B 1258 56.80 -1.41 -35.56
CA MET B 1258 56.52 -1.53 -36.98
C MET B 1258 57.82 -1.93 -37.61
N ALA B 1259 58.82 -1.06 -37.49
CA ALA B 1259 60.13 -1.33 -38.04
C ALA B 1259 60.58 -2.77 -37.74
N ALA B 1260 60.45 -3.18 -36.48
CA ALA B 1260 60.85 -4.55 -36.12
C ALA B 1260 60.14 -5.61 -36.95
N TRP B 1261 58.82 -5.51 -37.06
CA TRP B 1261 58.06 -6.50 -37.78
C TRP B 1261 58.51 -6.65 -39.21
N VAL B 1262 58.95 -5.55 -39.80
CA VAL B 1262 59.46 -5.54 -41.17
C VAL B 1262 60.68 -6.46 -41.25
N ASN B 1263 61.49 -6.44 -40.21
CA ASN B 1263 62.72 -7.20 -40.18
C ASN B 1263 62.48 -8.67 -39.80
N MET B 1264 61.36 -8.92 -39.14
CA MET B 1264 61.07 -10.26 -38.64
C MET B 1264 60.27 -11.08 -39.64
N LEU B 1265 59.89 -10.46 -40.75
CA LEU B 1265 59.04 -11.12 -41.75
C LEU B 1265 59.65 -11.11 -43.13
N LEU B 1266 60.45 -10.10 -43.42
CA LEU B 1266 60.99 -9.91 -44.75
C LEU B 1266 62.52 -9.99 -44.78
N LEU B 1267 63.16 -8.89 -44.41
CA LEU B 1267 64.61 -8.78 -44.49
C LEU B 1267 65.31 -9.09 -43.17
N SER B 1268 65.59 -10.36 -42.90
CA SER B 1268 66.32 -10.71 -41.67
C SER B 1268 67.76 -10.21 -41.73
N SER B 1269 68.05 -9.17 -40.95
CA SER B 1269 69.31 -8.47 -41.10
C SER B 1269 69.84 -7.97 -39.79
N THR B 1270 71.16 -7.97 -39.67
CA THR B 1270 71.84 -7.38 -38.53
C THR B 1270 72.21 -5.93 -38.86
N GLY B 1271 71.29 -5.22 -39.49
CA GLY B 1271 71.59 -3.88 -39.94
C GLY B 1271 71.25 -2.89 -38.87
N PRO B 1272 71.72 -1.64 -39.03
CA PRO B 1272 71.34 -0.58 -38.09
C PRO B 1272 69.83 -0.40 -38.09
N ILE B 1273 69.25 0.05 -36.98
CA ILE B 1273 67.90 0.59 -37.01
C ILE B 1273 67.78 1.82 -36.14
N LYS B 1274 67.39 2.91 -36.78
CA LYS B 1274 67.23 4.17 -36.11
C LYS B 1274 65.88 4.69 -36.54
N THR B 1275 64.91 4.62 -35.64
CA THR B 1275 63.56 5.05 -35.97
C THR B 1275 63.27 6.41 -35.34
N PRO B 1276 62.82 7.37 -36.17
CA PRO B 1276 62.68 8.76 -35.74
C PRO B 1276 61.24 9.15 -35.42
N VAL B 1277 61.10 10.25 -34.70
CA VAL B 1277 59.80 10.85 -34.46
C VAL B 1277 59.92 12.34 -34.73
N GLY B 1278 59.76 12.72 -35.99
CA GLY B 1278 59.79 14.12 -36.35
C GLY B 1278 58.40 14.69 -36.62
N ALA B 1279 57.40 14.22 -35.85
CA ALA B 1279 56.03 14.69 -35.96
C ALA B 1279 55.59 14.71 -37.43
N CYS B 1280 54.94 15.80 -37.84
CA CYS B 1280 54.45 15.93 -39.22
C CYS B 1280 55.53 15.66 -40.27
N ALA B 1281 56.77 16.06 -39.99
CA ALA B 1281 57.86 15.97 -40.97
C ALA B 1281 58.73 14.73 -40.80
N THR B 1282 58.20 13.71 -40.13
CA THR B 1282 58.96 12.51 -39.86
C THR B 1282 59.59 11.92 -41.11
N ALA B 1283 58.76 11.67 -42.10
CA ALA B 1283 59.17 10.93 -43.30
C ALA B 1283 60.46 11.48 -43.91
N VAL B 1284 60.63 12.79 -43.88
CA VAL B 1284 61.85 13.42 -44.39
C VAL B 1284 63.03 13.18 -43.45
N GLU B 1285 62.86 13.49 -42.16
CA GLU B 1285 63.91 13.22 -41.17
C GLU B 1285 64.42 11.79 -41.31
N SER B 1286 63.52 10.88 -41.65
CA SER B 1286 63.88 9.48 -41.85
C SER B 1286 64.84 9.34 -43.03
N LEU B 1287 64.56 10.08 -44.10
CA LEU B 1287 65.42 10.08 -45.28
C LEU B 1287 66.82 10.54 -44.88
N ASP B 1288 66.86 11.60 -44.09
CA ASP B 1288 68.10 12.14 -43.55
C ASP B 1288 68.82 11.03 -42.79
N VAL B 1289 68.22 10.60 -41.70
CA VAL B 1289 68.78 9.53 -40.88
C VAL B 1289 69.32 8.36 -41.71
N GLY B 1290 68.49 7.83 -42.59
CA GLY B 1290 68.92 6.76 -43.47
C GLY B 1290 70.11 7.15 -44.31
N TYR B 1291 70.01 8.33 -44.94
CA TYR B 1291 71.07 8.93 -45.76
C TYR B 1291 72.41 8.94 -45.05
N ASP B 1292 72.45 9.61 -43.91
CA ASP B 1292 73.67 9.74 -43.11
C ASP B 1292 74.24 8.38 -42.72
N THR B 1293 73.38 7.53 -42.20
CA THR B 1293 73.75 6.19 -41.80
C THR B 1293 74.44 5.42 -42.93
N ILE B 1294 73.94 5.59 -44.15
CA ILE B 1294 74.54 4.93 -45.31
C ILE B 1294 75.87 5.55 -45.68
N MET B 1295 75.98 6.86 -45.54
CA MET B 1295 77.23 7.57 -45.84
C MET B 1295 78.24 7.49 -44.70
N GLN B 1296 78.12 6.49 -43.84
CA GLN B 1296 79.08 6.30 -42.77
C GLN B 1296 79.47 4.84 -42.68
N GLY B 1297 79.18 4.09 -43.74
CA GLY B 1297 79.54 2.69 -43.81
C GLY B 1297 78.68 1.80 -42.95
N LYS B 1298 77.69 2.39 -42.27
CA LYS B 1298 76.81 1.62 -41.39
C LYS B 1298 75.97 0.62 -42.18
N ALA B 1299 75.63 0.99 -43.41
CA ALA B 1299 74.84 0.12 -44.27
C ALA B 1299 74.87 0.63 -45.71
N ARG B 1300 74.54 -0.26 -46.64
CA ARG B 1300 74.51 0.13 -48.04
C ARG B 1300 73.09 0.26 -48.57
N VAL B 1301 72.27 -0.76 -48.36
CA VAL B 1301 70.83 -0.64 -48.61
C VAL B 1301 70.14 -0.24 -47.32
N CYS B 1302 68.92 0.25 -47.42
CA CYS B 1302 68.26 0.80 -46.26
C CYS B 1302 66.84 1.27 -46.57
N LEU B 1303 65.86 0.72 -45.87
CA LEU B 1303 64.47 1.12 -46.04
C LEU B 1303 64.21 2.41 -45.30
N VAL B 1304 63.51 3.33 -45.94
CA VAL B 1304 63.21 4.64 -45.34
C VAL B 1304 61.76 5.04 -45.62
N GLY B 1305 61.14 5.74 -44.68
CA GLY B 1305 59.78 6.23 -44.88
C GLY B 1305 59.10 6.67 -43.60
N GLY B 1306 57.78 6.86 -43.69
CA GLY B 1306 56.96 7.23 -42.55
C GLY B 1306 55.58 6.62 -42.59
N PHE B 1307 54.89 6.64 -41.45
CA PHE B 1307 53.53 6.13 -41.37
C PHE B 1307 52.79 6.71 -40.18
N ASP B 1308 51.47 6.76 -40.29
CA ASP B 1308 50.62 7.21 -39.20
C ASP B 1308 49.16 6.92 -39.55
N ASP B 1309 48.35 6.62 -38.55
CA ASP B 1309 46.96 6.25 -38.78
C ASP B 1309 46.00 7.38 -38.43
N PHE B 1310 44.72 7.19 -38.75
CA PHE B 1310 43.67 8.11 -38.33
C PHE B 1310 42.84 7.48 -37.20
N GLN B 1311 42.58 8.24 -36.15
CA GLN B 1311 41.84 7.68 -35.02
C GLN B 1311 40.95 8.67 -34.29
N GLU B 1312 39.96 8.11 -33.60
CA GLU B 1312 38.97 8.92 -32.91
C GLU B 1312 39.63 9.90 -31.97
N GLU B 1313 40.60 9.39 -31.21
CA GLU B 1313 41.27 10.15 -30.17
C GLU B 1313 42.21 11.16 -30.82
N GLY B 1314 42.73 10.80 -31.98
CA GLY B 1314 43.60 11.67 -32.73
C GLY B 1314 42.84 12.85 -33.29
N SER B 1315 41.92 12.56 -34.22
CA SER B 1315 41.12 13.57 -34.90
C SER B 1315 40.50 14.55 -33.93
N TYR B 1316 40.03 14.03 -32.80
CA TYR B 1316 39.36 14.84 -31.81
C TYR B 1316 40.34 15.79 -31.15
N GLU B 1317 41.60 15.39 -31.07
CA GLU B 1317 42.60 16.17 -30.34
C GLU B 1317 43.17 17.35 -31.14
N PHE B 1318 43.47 17.12 -32.42
CA PHE B 1318 43.90 18.21 -33.31
C PHE B 1318 42.86 19.31 -33.32
N ALA B 1319 41.59 18.90 -33.39
CA ALA B 1319 40.48 19.84 -33.46
C ALA B 1319 40.47 20.79 -32.26
N ASN B 1320 40.97 20.34 -31.11
CA ASN B 1320 41.06 21.21 -29.93
C ASN B 1320 42.18 22.23 -30.03
N MET B 1321 43.14 21.93 -30.89
CA MET B 1321 44.25 22.85 -31.12
C MET B 1321 43.88 23.84 -32.24
N GLY B 1322 43.04 23.41 -33.16
CA GLY B 1322 42.60 24.24 -34.27
C GLY B 1322 43.29 23.86 -35.56
N ALA B 1323 43.90 22.68 -35.56
CA ALA B 1323 44.68 22.19 -36.71
C ALA B 1323 43.79 21.71 -37.85
N THR B 1324 42.94 20.71 -37.59
CA THR B 1324 42.02 20.23 -38.60
C THR B 1324 41.04 21.34 -39.09
N SER B 1325 40.34 21.09 -40.20
CA SER B 1325 39.38 22.05 -40.75
C SER B 1325 37.95 21.62 -40.45
N ASN B 1326 37.15 22.56 -39.96
CA ASN B 1326 35.79 22.25 -39.52
C ASN B 1326 34.82 21.88 -40.64
N ALA B 1327 34.59 20.57 -40.82
CA ALA B 1327 33.73 20.09 -41.87
C ALA B 1327 32.37 20.79 -41.87
N LYS B 1328 31.75 20.92 -40.70
CA LYS B 1328 30.44 21.56 -40.59
C LYS B 1328 30.41 23.01 -41.08
N GLU B 1329 31.43 23.78 -40.71
CA GLU B 1329 31.53 25.16 -41.16
C GLU B 1329 31.78 25.20 -42.66
N GLU B 1330 32.56 24.25 -43.15
CA GLU B 1330 32.90 24.21 -44.58
C GLU B 1330 31.79 23.65 -45.43
N PHE B 1331 31.00 22.75 -44.88
CA PHE B 1331 29.80 22.28 -45.55
C PHE B 1331 28.80 23.43 -45.66
N ALA B 1332 28.99 24.44 -44.83
CA ALA B 1332 28.13 25.63 -44.84
C ALA B 1332 28.69 26.70 -45.77
N ARG B 1333 29.81 26.39 -46.38
CA ARG B 1333 30.43 27.27 -47.35
C ARG B 1333 30.21 26.70 -48.74
N GLY B 1334 29.43 25.63 -48.80
CA GLY B 1334 29.15 24.97 -50.06
C GLY B 1334 30.21 23.98 -50.47
N ARG B 1335 31.25 23.85 -49.65
CA ARG B 1335 32.40 22.97 -49.93
C ARG B 1335 32.04 21.50 -49.89
N GLU B 1336 32.63 20.73 -50.81
CA GLU B 1336 32.37 19.30 -50.85
C GLU B 1336 33.54 18.57 -50.22
N PRO B 1337 33.28 17.37 -49.70
CA PRO B 1337 34.32 16.57 -49.05
C PRO B 1337 35.55 16.43 -49.97
N GLY B 1338 36.75 16.62 -49.43
CA GLY B 1338 37.96 16.32 -50.18
C GLY B 1338 38.33 17.44 -51.12
N GLU B 1339 37.41 18.38 -51.24
CA GLU B 1339 37.69 19.61 -51.94
C GLU B 1339 37.51 20.67 -50.91
N MET B 1340 37.97 20.30 -49.72
CA MET B 1340 38.00 21.14 -48.53
C MET B 1340 39.47 21.40 -48.21
N SER B 1341 40.35 20.88 -49.06
CA SER B 1341 41.79 20.94 -48.84
C SER B 1341 42.48 21.80 -49.91
N ARG B 1342 42.59 23.11 -49.65
CA ARG B 1342 43.15 24.05 -50.61
C ARG B 1342 44.43 24.62 -50.03
N PRO B 1343 45.57 24.09 -50.47
CA PRO B 1343 46.86 24.40 -49.84
C PRO B 1343 47.30 25.87 -49.96
N THR B 1344 46.79 26.64 -50.91
CA THR B 1344 47.27 28.03 -51.02
C THR B 1344 46.13 29.00 -51.14
N SER B 1345 44.92 28.46 -51.26
CA SER B 1345 43.72 29.25 -51.48
C SER B 1345 43.64 30.42 -50.50
N THR B 1346 42.85 31.43 -50.85
CA THR B 1346 42.57 32.53 -49.93
C THR B 1346 41.74 32.00 -48.76
N THR B 1347 40.97 30.97 -49.04
CA THR B 1347 40.00 30.45 -48.09
C THR B 1347 40.56 29.36 -47.17
N ARG B 1348 41.81 28.93 -47.40
CA ARG B 1348 42.42 27.88 -46.59
C ARG B 1348 42.26 28.18 -45.11
N ASN B 1349 41.72 27.23 -44.36
CA ASN B 1349 41.34 27.48 -42.97
C ASN B 1349 41.77 26.41 -41.97
N GLY B 1350 42.21 25.27 -42.48
CA GLY B 1350 42.64 24.18 -41.62
C GLY B 1350 42.95 22.99 -42.48
N PHE B 1351 43.75 22.06 -41.95
CA PHE B 1351 44.24 20.91 -42.73
C PHE B 1351 43.34 19.68 -42.73
N MET B 1352 43.79 18.66 -43.44
CA MET B 1352 43.00 17.46 -43.61
C MET B 1352 43.65 16.24 -42.97
N GLU B 1353 42.92 15.63 -42.02
CA GLU B 1353 43.33 14.36 -41.45
C GLU B 1353 43.35 13.29 -42.53
N SER B 1354 44.34 12.41 -42.46
CA SER B 1354 44.48 11.39 -43.47
C SER B 1354 45.30 10.24 -42.90
N GLN B 1355 45.13 9.04 -43.45
CA GLN B 1355 45.82 7.87 -42.94
C GLN B 1355 46.68 7.20 -43.99
N GLY B 1356 47.59 6.32 -43.57
CA GLY B 1356 48.45 5.60 -44.49
C GLY B 1356 49.95 5.74 -44.24
N CYS B 1357 50.74 5.12 -45.11
CA CYS B 1357 52.20 5.23 -45.01
C CYS B 1357 52.86 5.31 -46.38
N GLY B 1358 54.18 5.46 -46.36
CA GLY B 1358 54.97 5.61 -47.56
C GLY B 1358 56.44 5.27 -47.33
N VAL B 1359 56.97 4.39 -48.17
CA VAL B 1359 58.36 3.97 -48.04
C VAL B 1359 59.12 4.15 -49.35
N GLN B 1360 60.44 4.19 -49.23
CA GLN B 1360 61.31 4.28 -50.38
C GLN B 1360 62.61 3.63 -49.96
N VAL B 1361 63.07 2.63 -50.72
CA VAL B 1361 64.32 1.97 -50.38
C VAL B 1361 65.50 2.70 -51.00
N ILE B 1362 66.56 2.90 -50.22
CA ILE B 1362 67.70 3.67 -50.66
C ILE B 1362 69.00 2.87 -50.65
N MET B 1363 69.89 3.19 -51.58
CA MET B 1363 71.14 2.47 -51.78
C MET B 1363 72.34 3.35 -52.11
N THR B 1364 73.52 2.74 -52.02
CA THR B 1364 74.74 3.32 -52.55
C THR B 1364 74.62 3.26 -54.05
N ALA B 1365 75.01 4.35 -54.74
CA ALA B 1365 75.06 4.29 -56.19
C ALA B 1365 75.75 2.99 -56.65
N GLN B 1366 76.87 2.66 -55.99
CA GLN B 1366 77.61 1.43 -56.26
C GLN B 1366 76.71 0.21 -56.24
N LEU B 1367 76.30 -0.17 -55.04
CA LEU B 1367 75.45 -1.32 -54.84
C LEU B 1367 74.33 -1.30 -55.87
N ALA B 1368 73.82 -0.11 -56.17
CA ALA B 1368 72.73 0.08 -57.13
C ALA B 1368 73.08 -0.46 -58.49
N LEU B 1369 74.11 0.12 -59.08
CA LEU B 1369 74.57 -0.28 -60.41
C LEU B 1369 75.09 -1.71 -60.44
N GLU B 1370 75.75 -2.14 -59.36
CA GLU B 1370 76.27 -3.50 -59.27
C GLU B 1370 75.15 -4.53 -59.31
N MET B 1371 74.09 -4.22 -58.58
CA MET B 1371 72.93 -5.08 -58.54
C MET B 1371 72.18 -4.95 -59.86
N GLY B 1372 72.11 -3.72 -60.35
CA GLY B 1372 71.34 -3.48 -61.55
C GLY B 1372 69.89 -3.35 -61.15
N VAL B 1373 69.62 -2.31 -60.39
CA VAL B 1373 68.27 -2.02 -59.99
C VAL B 1373 67.93 -0.64 -60.49
N PRO B 1374 66.64 -0.38 -60.67
CA PRO B 1374 66.17 0.89 -61.23
C PRO B 1374 66.68 2.01 -60.38
N ILE B 1375 66.75 3.23 -60.89
CA ILE B 1375 67.15 4.35 -60.06
C ILE B 1375 66.22 5.53 -60.27
N TYR B 1376 65.38 5.82 -59.28
CA TYR B 1376 64.35 6.84 -59.40
C TYR B 1376 64.87 8.27 -59.23
N GLY B 1377 66.01 8.40 -58.57
CA GLY B 1377 66.61 9.69 -58.31
C GLY B 1377 67.81 9.63 -57.38
N ILE B 1378 68.44 10.78 -57.19
CA ILE B 1378 69.57 10.90 -56.29
C ILE B 1378 69.20 11.74 -55.08
N VAL B 1379 69.34 11.18 -53.89
CA VAL B 1379 69.19 12.00 -52.71
C VAL B 1379 70.40 12.91 -52.65
N ALA B 1380 70.22 14.13 -53.14
CA ALA B 1380 71.32 15.08 -53.26
C ALA B 1380 71.77 15.55 -51.89
N MET B 1381 70.80 15.98 -51.10
CA MET B 1381 71.08 16.53 -49.79
C MET B 1381 69.83 16.39 -48.94
N THR B 1382 70.03 16.24 -47.63
CA THR B 1382 68.94 16.21 -46.67
C THR B 1382 69.42 16.92 -45.41
N SER B 1383 68.48 17.48 -44.65
CA SER B 1383 68.85 18.15 -43.40
C SER B 1383 67.63 18.55 -42.55
N THR B 1384 67.84 18.59 -41.22
CA THR B 1384 66.81 18.96 -40.27
C THR B 1384 67.23 20.25 -39.55
N ALA B 1385 66.26 21.05 -39.12
CA ALA B 1385 66.59 22.35 -38.52
C ALA B 1385 65.49 22.93 -37.62
N THR B 1386 65.90 23.37 -36.44
CA THR B 1386 65.01 23.94 -35.44
C THR B 1386 64.92 25.45 -35.61
N ASP B 1387 63.96 26.07 -34.93
CA ASP B 1387 63.83 27.52 -35.01
C ASP B 1387 64.31 28.20 -33.72
N LYS B 1388 63.94 29.47 -33.54
CA LYS B 1388 64.38 30.24 -32.38
C LYS B 1388 63.63 29.90 -31.09
N ILE B 1389 63.97 30.61 -30.02
CA ILE B 1389 63.25 30.50 -28.77
C ILE B 1389 61.81 30.93 -28.97
N GLY B 1390 60.89 30.25 -28.29
CA GLY B 1390 59.48 30.59 -28.33
C GLY B 1390 58.74 29.79 -27.29
N ARG B 1391 57.44 29.98 -27.20
CA ARG B 1391 56.62 29.19 -26.29
C ARG B 1391 55.45 28.53 -27.02
N SER B 1392 55.38 28.76 -28.33
CA SER B 1392 54.37 28.10 -29.16
C SER B 1392 54.96 26.83 -29.77
N VAL B 1393 54.46 25.69 -29.32
CA VAL B 1393 54.98 24.39 -29.75
C VAL B 1393 54.72 24.03 -31.21
N PRO B 1394 53.59 24.47 -31.76
CA PRO B 1394 53.32 24.08 -33.15
C PRO B 1394 53.77 25.11 -34.19
N ALA B 1395 53.96 26.37 -33.80
CA ALA B 1395 54.28 27.45 -34.73
C ALA B 1395 55.43 27.12 -35.71
N PRO B 1396 55.09 27.04 -37.02
CA PRO B 1396 56.10 26.76 -38.04
C PRO B 1396 57.02 27.96 -38.19
N GLY B 1397 58.32 27.72 -38.32
CA GLY B 1397 59.28 28.80 -38.39
C GLY B 1397 60.29 28.59 -39.49
N GLN B 1398 61.27 29.48 -39.55
CA GLN B 1398 62.19 29.50 -40.66
C GLN B 1398 63.54 28.89 -40.31
N GLY B 1399 63.49 27.69 -39.77
CA GLY B 1399 64.72 27.01 -39.44
C GLY B 1399 65.39 26.61 -40.74
N VAL B 1400 64.59 26.05 -41.63
CA VAL B 1400 65.11 25.44 -42.84
C VAL B 1400 65.86 26.45 -43.74
N LEU B 1401 65.71 27.75 -43.43
CA LEU B 1401 66.39 28.80 -44.20
C LEU B 1401 67.90 28.67 -44.17
N THR B 1402 68.45 28.06 -43.11
CA THR B 1402 69.90 27.99 -42.96
C THR B 1402 70.59 26.89 -43.79
N THR B 1403 69.84 26.20 -44.64
CA THR B 1403 70.45 25.30 -45.60
C THR B 1403 70.91 26.09 -46.80
N ALA B 1404 70.71 27.40 -46.75
CA ALA B 1404 71.15 28.33 -47.78
C ALA B 1404 72.10 29.40 -47.23
N ARG B 1405 72.72 29.13 -46.09
CA ARG B 1405 73.71 30.03 -45.47
C ARG B 1405 75.02 29.99 -46.24
N GLU B 1406 75.52 31.16 -46.60
CA GLU B 1406 76.77 31.26 -47.34
C GLU B 1406 77.27 32.70 -47.35
N LYS B 1407 78.56 32.87 -47.06
CA LYS B 1407 79.19 34.18 -47.20
C LYS B 1407 80.30 34.14 -48.22
N SER B 1408 79.94 34.36 -49.49
CA SER B 1408 80.92 34.42 -50.57
C SER B 1408 81.52 35.82 -50.66
N GLY B 1409 82.84 35.86 -50.91
CA GLY B 1409 83.57 37.13 -50.96
C GLY B 1409 83.22 37.94 -52.18
N ASN B 1410 84.24 38.34 -52.92
CA ASN B 1410 84.03 39.03 -54.18
C ASN B 1410 84.07 38.01 -55.30
N PHE B 1411 84.84 36.95 -55.06
CA PHE B 1411 85.07 35.92 -56.07
C PHE B 1411 84.57 34.56 -55.58
N PRO B 1412 83.81 33.86 -56.42
CA PRO B 1412 83.31 32.51 -56.13
C PRO B 1412 84.45 31.56 -55.82
N SER B 1413 84.21 30.64 -54.88
CA SER B 1413 85.17 29.59 -54.60
C SER B 1413 85.46 28.80 -55.87
N PRO B 1414 86.76 28.54 -56.12
CA PRO B 1414 87.21 27.72 -57.24
C PRO B 1414 86.42 26.43 -57.33
N LEU B 1415 86.05 25.88 -56.18
CA LEU B 1415 85.42 24.56 -56.11
C LEU B 1415 84.05 24.49 -56.81
N LEU B 1416 83.42 25.64 -57.00
CA LEU B 1416 82.14 25.70 -57.69
C LEU B 1416 82.35 25.48 -59.18
N ASP B 1417 83.57 25.71 -59.62
CA ASP B 1417 83.98 25.41 -60.99
C ASP B 1417 84.38 23.93 -61.09
N ILE B 1418 83.63 23.17 -61.89
CA ILE B 1418 83.88 21.73 -62.02
C ILE B 1418 85.26 21.40 -62.60
N LYS B 1419 85.78 22.29 -63.43
CA LYS B 1419 87.09 22.10 -64.04
C LYS B 1419 88.20 22.15 -62.98
N TYR B 1420 88.12 23.11 -62.07
CA TYR B 1420 89.08 23.23 -60.97
C TYR B 1420 89.15 21.91 -60.23
N ARG B 1421 87.98 21.37 -59.92
CA ARG B 1421 87.92 20.09 -59.23
C ARG B 1421 88.46 18.99 -60.14
N ARG B 1422 88.18 19.11 -61.44
CA ARG B 1422 88.70 18.18 -62.43
C ARG B 1422 90.20 18.08 -62.32
N ARG B 1423 90.87 19.23 -62.41
CA ARG B 1423 92.32 19.31 -62.29
C ARG B 1423 92.78 18.59 -61.03
N GLN B 1424 92.38 19.14 -59.90
CA GLN B 1424 92.80 18.65 -58.57
C GLN B 1424 92.56 17.16 -58.41
N LEU B 1425 91.45 16.68 -58.99
CA LEU B 1425 91.09 15.27 -58.93
C LEU B 1425 92.15 14.41 -59.62
N GLU B 1426 92.24 14.53 -60.94
CA GLU B 1426 93.21 13.75 -61.70
C GLU B 1426 94.64 14.14 -61.36
N LEU B 1427 94.79 15.24 -60.65
CA LEU B 1427 96.07 15.59 -60.04
C LEU B 1427 96.41 14.54 -59.00
N ARG B 1428 95.50 14.36 -58.04
CA ARG B 1428 95.66 13.34 -57.02
C ARG B 1428 95.60 11.93 -57.61
N ARG B 1429 95.00 11.80 -58.79
CA ARG B 1429 94.90 10.49 -59.44
C ARG B 1429 96.26 10.06 -59.95
N GLN B 1430 97.00 11.04 -60.48
CA GLN B 1430 98.38 10.86 -60.88
C GLN B 1430 99.21 10.64 -59.64
N GLN B 1431 99.10 11.62 -58.73
CA GLN B 1431 99.78 11.57 -57.45
C GLN B 1431 99.55 10.21 -56.78
N ILE B 1432 98.44 9.57 -57.14
CA ILE B 1432 98.09 8.28 -56.58
C ILE B 1432 98.76 7.13 -57.31
N LYS B 1433 98.74 7.18 -58.63
CA LYS B 1433 99.31 6.08 -59.41
C LYS B 1433 100.81 5.90 -59.13
N GLN B 1434 101.49 7.00 -58.77
CA GLN B 1434 102.93 6.99 -58.51
C GLN B 1434 103.27 6.41 -57.14
N TRP B 1435 102.39 6.68 -56.17
CA TRP B 1435 102.46 6.05 -54.86
C TRP B 1435 102.27 4.55 -55.03
N LYS B 1436 101.29 4.16 -55.85
CA LYS B 1436 100.96 2.76 -56.05
C LYS B 1436 102.20 1.93 -56.38
N GLU B 1437 103.11 2.52 -57.16
CA GLU B 1437 104.36 1.85 -57.51
C GLU B 1437 105.40 1.98 -56.39
N SER B 1438 105.59 3.21 -55.92
CA SER B 1438 106.50 3.46 -54.81
C SER B 1438 106.31 2.45 -53.68
N GLU B 1439 105.05 2.02 -53.49
CA GLU B 1439 104.71 1.05 -52.45
C GLU B 1439 105.05 -0.37 -52.87
N TYR B 1440 104.88 -0.67 -54.16
CA TYR B 1440 105.28 -1.95 -54.72
C TYR B 1440 106.77 -2.19 -54.54
N LEU B 1441 107.55 -1.14 -54.80
CA LEU B 1441 108.98 -1.14 -54.59
C LEU B 1441 109.26 -1.54 -53.14
N TYR B 1442 108.77 -0.70 -52.23
CA TYR B 1442 108.94 -0.88 -50.79
C TYR B 1442 108.63 -2.31 -50.32
N LEU B 1443 107.64 -2.96 -50.93
CA LEU B 1443 107.27 -4.32 -50.56
C LEU B 1443 108.30 -5.33 -51.03
N GLN B 1444 108.85 -5.07 -52.21
CA GLN B 1444 109.91 -5.90 -52.74
C GLN B 1444 111.06 -6.00 -51.74
N GLU B 1445 111.51 -4.83 -51.26
CA GLU B 1445 112.61 -4.73 -50.31
C GLU B 1445 112.29 -5.47 -49.03
N GLU B 1446 111.22 -5.04 -48.37
CA GLU B 1446 110.75 -5.62 -47.12
C GLU B 1446 110.54 -7.16 -47.23
N VAL B 1447 110.38 -7.65 -48.46
CA VAL B 1447 110.21 -9.08 -48.73
C VAL B 1447 111.45 -9.87 -48.34
N ALA B 1448 112.56 -9.57 -49.02
CA ALA B 1448 113.84 -10.21 -48.74
C ALA B 1448 114.50 -9.63 -47.49
N ALA B 1449 113.92 -8.55 -46.97
CA ALA B 1449 114.44 -7.88 -45.77
C ALA B 1449 114.04 -8.63 -44.50
N ILE B 1450 113.03 -9.49 -44.60
CA ILE B 1450 112.64 -10.36 -43.49
C ILE B 1450 112.98 -11.81 -43.80
N LYS B 1451 113.55 -12.04 -44.97
CA LYS B 1451 114.17 -13.32 -45.29
C LYS B 1451 115.56 -13.41 -44.64
N SER B 1452 116.21 -12.25 -44.57
CA SER B 1452 117.54 -12.13 -43.97
C SER B 1452 117.53 -12.12 -42.43
N GLN B 1453 116.38 -11.78 -41.85
CA GLN B 1453 116.26 -11.71 -40.39
C GLN B 1453 115.63 -12.97 -39.80
N ARG B 1454 114.99 -13.75 -40.66
CA ARG B 1454 114.30 -14.98 -40.24
C ARG B 1454 115.27 -16.04 -39.73
N SER B 1455 115.09 -16.44 -38.48
CA SER B 1455 115.78 -17.61 -37.94
C SER B 1455 115.11 -18.89 -38.48
N GLU B 1456 115.77 -20.02 -38.31
CA GLU B 1456 115.30 -21.30 -38.85
C GLU B 1456 114.22 -21.98 -38.01
N GLU B 1457 114.06 -21.51 -36.77
CA GLU B 1457 113.01 -21.98 -35.85
C GLU B 1457 111.71 -21.21 -36.08
N ASP B 1458 111.84 -20.07 -36.74
CA ASP B 1458 110.69 -19.27 -37.16
C ASP B 1458 109.96 -19.95 -38.32
N GLY B 1459 108.64 -19.78 -38.36
CA GLY B 1459 107.85 -20.35 -39.44
C GLY B 1459 108.32 -19.88 -40.82
N PRO B 1460 108.44 -20.84 -41.76
CA PRO B 1460 108.68 -20.57 -43.19
C PRO B 1460 107.63 -19.61 -43.77
N PHE B 1461 108.07 -18.45 -44.24
CA PHE B 1461 107.16 -17.43 -44.79
C PHE B 1461 106.75 -17.70 -46.24
N ASP B 1462 105.48 -18.09 -46.43
CA ASP B 1462 104.95 -18.30 -47.77
C ASP B 1462 105.05 -17.00 -48.53
N GLU B 1463 106.12 -16.87 -49.31
CA GLU B 1463 106.35 -15.67 -50.09
C GLU B 1463 105.15 -15.42 -51.01
N THR B 1464 104.59 -16.50 -51.54
CA THR B 1464 103.40 -16.41 -52.38
C THR B 1464 102.20 -15.90 -51.58
N ALA B 1465 102.00 -16.49 -50.40
CA ALA B 1465 100.95 -16.07 -49.48
C ALA B 1465 101.14 -14.60 -49.06
N TYR B 1466 102.24 -14.35 -48.33
CA TYR B 1466 102.54 -13.02 -47.83
C TYR B 1466 102.56 -11.94 -48.93
N LEU B 1467 103.12 -12.25 -50.08
CA LEU B 1467 103.21 -11.26 -51.15
C LEU B 1467 101.88 -11.10 -51.88
N ARG B 1468 101.05 -12.14 -51.86
CA ARG B 1468 99.71 -12.03 -52.40
C ARG B 1468 98.88 -11.01 -51.61
N GLU B 1469 98.61 -11.32 -50.34
CA GLU B 1469 97.81 -10.46 -49.49
C GLU B 1469 98.33 -9.03 -49.54
N ARG B 1470 99.64 -8.90 -49.64
CA ARG B 1470 100.29 -7.60 -49.60
C ARG B 1470 100.08 -6.79 -50.89
N THR B 1471 100.08 -7.47 -52.02
CA THR B 1471 99.84 -6.79 -53.29
C THR B 1471 98.37 -6.42 -53.39
N GLU B 1472 97.50 -7.40 -53.14
CA GLU B 1472 96.06 -7.18 -53.17
C GLU B 1472 95.70 -6.00 -52.31
N HIS B 1473 96.38 -5.89 -51.16
CA HIS B 1473 96.18 -4.77 -50.24
C HIS B 1473 96.58 -3.44 -50.90
N ILE B 1474 97.75 -3.41 -51.53
CA ILE B 1474 98.20 -2.18 -52.18
C ILE B 1474 97.17 -1.77 -53.22
N GLU B 1475 96.56 -2.77 -53.85
CA GLU B 1475 95.50 -2.56 -54.81
C GLU B 1475 94.30 -1.88 -54.16
N ARG B 1476 93.68 -2.58 -53.22
CA ARG B 1476 92.56 -2.05 -52.45
C ARG B 1476 92.90 -0.64 -52.00
N GLU B 1477 93.96 -0.54 -51.22
CA GLU B 1477 94.39 0.73 -50.63
C GLU B 1477 94.52 1.86 -51.66
N ALA B 1478 94.95 1.49 -52.86
CA ALA B 1478 95.03 2.44 -53.95
C ALA B 1478 93.63 2.83 -54.36
N ARG B 1479 92.81 1.82 -54.68
CA ARG B 1479 91.41 2.02 -55.08
C ARG B 1479 90.70 2.90 -54.06
N ARG B 1480 90.91 2.57 -52.79
CA ARG B 1480 90.31 3.31 -51.70
C ARG B 1480 90.72 4.76 -51.84
N GLN B 1481 92.02 4.97 -51.90
CA GLN B 1481 92.57 6.31 -51.98
C GLN B 1481 91.98 7.10 -53.14
N GLU B 1482 91.63 6.39 -54.23
CA GLU B 1482 90.97 6.98 -55.39
C GLU B 1482 89.61 7.56 -55.01
N ALA B 1483 88.69 6.66 -54.72
CA ALA B 1483 87.35 7.04 -54.31
C ALA B 1483 87.39 8.15 -53.28
N GLU B 1484 88.36 8.09 -52.37
CA GLU B 1484 88.45 9.08 -51.29
C GLU B 1484 88.82 10.49 -51.76
N ALA B 1485 89.73 10.60 -52.72
CA ALA B 1485 90.01 11.89 -53.33
C ALA B 1485 88.85 12.29 -54.25
N GLN B 1486 88.17 11.27 -54.78
CA GLN B 1486 87.00 11.44 -55.60
C GLN B 1486 85.90 12.02 -54.73
N THR B 1487 85.94 11.63 -53.45
CA THR B 1487 84.97 12.09 -52.45
C THR B 1487 85.17 13.56 -52.10
N SER B 1488 86.40 13.92 -51.80
CA SER B 1488 86.72 15.27 -51.37
C SER B 1488 86.69 16.31 -52.50
N PHE B 1489 86.38 15.86 -53.71
CA PHE B 1489 86.40 16.77 -54.86
C PHE B 1489 85.13 16.75 -55.69
N GLY B 1490 84.26 15.78 -55.43
CA GLY B 1490 83.04 15.66 -56.21
C GLY B 1490 81.80 15.55 -55.35
N ASN B 1491 81.96 14.97 -54.16
CA ASN B 1491 80.84 14.70 -53.29
C ASN B 1491 80.75 15.71 -52.18
N GLU B 1492 81.78 15.70 -51.34
CA GLU B 1492 81.73 16.39 -50.05
C GLU B 1492 82.62 17.62 -49.96
N PHE B 1493 82.94 18.21 -51.10
CA PHE B 1493 83.86 19.35 -51.14
C PHE B 1493 83.28 20.61 -50.49
N TRP B 1494 82.05 20.52 -49.98
CA TRP B 1494 81.39 21.70 -49.41
C TRP B 1494 81.06 21.50 -47.93
N ARG B 1495 81.54 20.40 -47.35
CA ARG B 1495 81.38 20.16 -45.91
C ARG B 1495 81.95 21.28 -45.05
N ARG B 1496 81.08 21.97 -44.33
CA ARG B 1496 81.50 23.05 -43.46
C ARG B 1496 82.21 24.19 -44.20
N ASP B 1497 81.92 24.34 -45.49
CA ASP B 1497 82.54 25.40 -46.28
C ASP B 1497 81.74 26.69 -46.10
N SER B 1498 82.32 27.64 -45.38
CA SER B 1498 81.69 28.93 -45.09
C SER B 1498 81.28 29.73 -46.33
N ARG B 1499 81.86 29.35 -47.46
CA ARG B 1499 81.71 30.11 -48.70
C ARG B 1499 80.88 29.34 -49.72
N ILE B 1500 80.20 28.28 -49.26
CA ILE B 1500 79.36 27.44 -50.10
C ILE B 1500 78.16 26.95 -49.31
N ALA B 1501 76.97 27.48 -49.63
CA ALA B 1501 75.73 26.99 -49.03
C ALA B 1501 75.49 25.54 -49.45
N PRO B 1502 75.02 24.70 -48.51
CA PRO B 1502 74.81 23.26 -48.76
C PRO B 1502 73.90 22.99 -49.95
N LEU B 1503 72.89 23.84 -50.15
CA LEU B 1503 72.06 23.75 -51.35
C LEU B 1503 72.92 23.84 -52.60
N ARG B 1504 73.74 24.89 -52.67
CA ARG B 1504 74.73 24.99 -53.73
C ARG B 1504 75.51 23.69 -53.84
N GLY B 1505 76.14 23.32 -52.73
CA GLY B 1505 77.03 22.18 -52.69
C GLY B 1505 76.49 20.99 -53.44
N ALA B 1506 75.50 20.32 -52.87
CA ALA B 1506 75.01 19.08 -53.44
C ALA B 1506 74.53 19.25 -54.89
N LEU B 1507 74.13 20.47 -55.26
CA LEU B 1507 73.68 20.73 -56.62
C LEU B 1507 74.87 20.85 -57.56
N ALA B 1508 75.89 21.57 -57.10
CA ALA B 1508 77.10 21.76 -57.87
C ALA B 1508 77.85 20.46 -58.10
N THR B 1509 77.79 19.55 -57.13
CA THR B 1509 78.48 18.26 -57.25
C THR B 1509 78.01 17.46 -58.48
N TRP B 1510 76.85 17.85 -59.03
CA TRP B 1510 76.30 17.22 -60.23
C TRP B 1510 76.25 18.21 -61.38
N GLY B 1511 76.78 19.40 -61.14
CA GLY B 1511 77.00 20.38 -62.17
C GLY B 1511 75.79 21.23 -62.38
N LEU B 1512 75.23 21.74 -61.29
CA LEU B 1512 74.00 22.50 -61.36
C LEU B 1512 74.02 23.67 -60.40
N THR B 1513 73.31 24.75 -60.76
CA THR B 1513 73.11 25.86 -59.84
C THR B 1513 71.66 25.87 -59.43
N ILE B 1514 71.30 26.86 -58.63
CA ILE B 1514 69.94 26.98 -58.11
C ILE B 1514 68.96 27.15 -59.26
N ASP B 1515 69.45 27.57 -60.41
CA ASP B 1515 68.57 27.80 -61.52
C ASP B 1515 67.99 26.51 -62.08
N ASP B 1516 68.57 25.37 -61.70
CA ASP B 1516 68.15 24.09 -62.24
C ASP B 1516 67.10 23.42 -61.35
N LEU B 1517 66.86 24.00 -60.19
CA LEU B 1517 65.87 23.51 -59.26
C LEU B 1517 64.51 23.90 -59.84
N GLY B 1518 63.85 22.95 -60.50
CA GLY B 1518 62.65 23.28 -61.24
C GLY B 1518 61.39 23.23 -60.39
N VAL B 1519 61.19 22.09 -59.75
CA VAL B 1519 60.00 21.89 -58.95
C VAL B 1519 60.30 21.88 -57.45
N ALA B 1520 59.56 22.68 -56.70
CA ALA B 1520 59.63 22.65 -55.26
C ALA B 1520 58.35 22.03 -54.74
N SER B 1521 58.47 20.90 -54.02
CA SER B 1521 57.31 20.22 -53.45
C SER B 1521 57.06 20.75 -52.06
N PHE B 1522 55.87 21.31 -51.85
CA PHE B 1522 55.58 22.02 -50.63
C PHE B 1522 54.78 21.16 -49.66
N HIS B 1523 55.16 21.21 -48.39
CA HIS B 1523 54.36 20.67 -47.30
C HIS B 1523 52.93 21.16 -47.50
N GLY B 1524 52.75 22.47 -47.48
CA GLY B 1524 51.49 23.10 -47.85
C GLY B 1524 50.28 22.38 -47.31
N THR B 1525 49.97 22.64 -46.05
CA THR B 1525 48.96 21.88 -45.33
C THR B 1525 47.57 22.50 -45.37
N SER B 1526 47.35 23.47 -46.24
CA SER B 1526 46.05 24.11 -46.32
C SER B 1526 45.72 24.93 -45.08
N THR B 1527 46.71 25.11 -44.20
CA THR B 1527 46.52 25.95 -43.02
C THR B 1527 46.88 27.38 -43.35
N VAL B 1528 46.62 28.28 -42.41
CA VAL B 1528 46.83 29.68 -42.69
C VAL B 1528 48.31 30.03 -42.76
N ALA B 1529 49.03 29.75 -41.68
CA ALA B 1529 50.41 30.22 -41.53
C ALA B 1529 51.45 29.40 -42.29
N ASN B 1530 51.28 28.08 -42.31
CA ASN B 1530 52.27 27.20 -42.92
C ASN B 1530 52.58 27.51 -44.37
N ASP B 1531 51.57 27.92 -45.12
CA ASP B 1531 51.74 28.12 -46.55
C ASP B 1531 52.37 29.47 -46.85
N LYS B 1532 52.03 30.46 -46.03
CA LYS B 1532 52.68 31.76 -46.15
C LYS B 1532 54.15 31.65 -45.75
N ASN B 1533 54.44 30.74 -44.84
CA ASN B 1533 55.80 30.58 -44.33
C ASN B 1533 56.64 29.70 -45.24
N GLU B 1534 56.10 28.55 -45.62
CA GLU B 1534 56.77 27.62 -46.52
C GLU B 1534 57.26 28.32 -47.77
N SER B 1535 56.35 28.99 -48.44
CA SER B 1535 56.70 29.75 -49.60
C SER B 1535 57.88 30.65 -49.24
N ASP B 1536 57.72 31.38 -48.14
CA ASP B 1536 58.73 32.34 -47.69
C ASP B 1536 60.14 31.76 -47.56
N VAL B 1537 60.28 30.70 -46.79
CA VAL B 1537 61.58 30.08 -46.62
C VAL B 1537 62.19 29.71 -47.96
N ILE B 1538 61.47 28.91 -48.75
CA ILE B 1538 61.96 28.48 -50.06
C ILE B 1538 62.26 29.69 -50.95
N CYS B 1539 61.53 30.77 -50.75
CA CYS B 1539 61.78 31.99 -51.51
C CYS B 1539 63.15 32.57 -51.13
N GLN B 1540 63.27 33.07 -49.91
CA GLN B 1540 64.53 33.60 -49.40
C GLN B 1540 65.74 32.79 -49.80
N GLN B 1541 65.64 31.47 -49.63
CA GLN B 1541 66.69 30.55 -50.04
C GLN B 1541 67.08 30.81 -51.49
N LEU B 1542 66.12 30.63 -52.39
CA LEU B 1542 66.37 30.83 -53.80
C LEU B 1542 66.99 32.17 -54.07
N LYS B 1543 66.44 33.21 -53.49
CA LYS B 1543 67.00 34.54 -53.68
C LYS B 1543 68.45 34.63 -53.23
N HIS B 1544 68.68 34.35 -51.95
CA HIS B 1544 70.01 34.56 -51.38
C HIS B 1544 71.08 33.60 -51.92
N LEU B 1545 70.71 32.70 -52.82
CA LEU B 1545 71.73 31.87 -53.45
C LEU B 1545 72.10 32.46 -54.82
N GLY B 1546 71.25 33.34 -55.33
CA GLY B 1546 71.52 34.02 -56.59
C GLY B 1546 70.59 33.66 -57.74
N ARG B 1547 69.53 32.92 -57.43
CA ARG B 1547 68.54 32.50 -58.42
C ARG B 1547 68.24 33.64 -59.37
N THR B 1548 68.46 33.40 -60.66
CA THR B 1548 68.21 34.40 -61.68
C THR B 1548 66.77 34.89 -61.65
N LYS B 1549 66.60 36.21 -61.50
CA LYS B 1549 65.27 36.77 -61.32
C LYS B 1549 64.38 36.59 -62.54
N GLY B 1550 63.17 36.08 -62.31
CA GLY B 1550 62.27 35.73 -63.37
C GLY B 1550 62.17 34.22 -63.54
N ASN B 1551 63.14 33.49 -62.98
CA ASN B 1551 63.11 32.05 -63.07
C ASN B 1551 62.41 31.44 -61.87
N ALA B 1552 61.12 31.14 -62.02
CA ALA B 1552 60.34 30.65 -60.88
C ALA B 1552 60.35 29.13 -60.77
N VAL B 1553 59.95 28.62 -59.61
CA VAL B 1553 59.82 27.18 -59.41
C VAL B 1553 58.38 26.77 -59.41
N LEU B 1554 58.10 25.68 -60.13
CA LEU B 1554 56.78 25.11 -60.12
C LEU B 1554 56.55 24.53 -58.74
N GLY B 1555 55.51 25.02 -58.05
CA GLY B 1555 55.17 24.57 -56.72
C GLY B 1555 54.09 23.51 -56.62
N ILE B 1556 54.44 22.38 -56.02
CA ILE B 1556 53.52 21.27 -55.87
C ILE B 1556 52.93 21.25 -54.46
N PHE B 1557 51.63 20.98 -54.36
CA PHE B 1557 51.00 20.81 -53.07
C PHE B 1557 50.11 19.56 -53.09
N GLN B 1558 50.74 18.40 -52.89
CA GLN B 1558 50.07 17.11 -53.02
C GLN B 1558 48.98 16.91 -51.99
N LYS B 1559 48.88 17.84 -51.04
CA LYS B 1559 47.94 17.71 -49.93
C LYS B 1559 46.49 17.91 -50.39
N TYR B 1560 46.28 18.62 -51.48
CA TYR B 1560 44.92 18.84 -51.96
C TYR B 1560 44.22 17.51 -52.26
N LEU B 1561 44.99 16.56 -52.78
CA LEU B 1561 44.41 15.33 -53.25
C LEU B 1561 44.32 14.31 -52.13
N THR B 1562 45.37 14.23 -51.31
CA THR B 1562 45.58 13.11 -50.40
C THR B 1562 45.28 13.45 -48.95
N GLY B 1563 45.10 14.72 -48.67
CA GLY B 1563 45.00 15.15 -47.28
C GLY B 1563 46.36 15.08 -46.63
N HIS B 1564 46.40 15.04 -45.30
CA HIS B 1564 47.64 15.14 -44.55
C HIS B 1564 47.78 13.95 -43.61
N PRO B 1565 48.57 12.95 -44.01
CA PRO B 1565 48.86 11.79 -43.15
C PRO B 1565 49.77 12.22 -42.02
N LYS B 1566 49.19 12.71 -40.94
CA LYS B 1566 49.95 13.20 -39.79
C LYS B 1566 51.46 13.06 -39.96
N GLY B 1567 51.97 11.84 -40.01
CA GLY B 1567 53.41 11.64 -40.01
C GLY B 1567 54.10 11.21 -41.30
N ALA B 1568 53.40 10.44 -42.11
CA ALA B 1568 53.96 9.94 -43.36
C ALA B 1568 53.75 10.96 -44.47
N ALA B 1569 53.93 12.24 -44.16
CA ALA B 1569 53.69 13.27 -45.14
C ALA B 1569 54.76 13.22 -46.22
N GLY B 1570 56.00 13.51 -45.82
CA GLY B 1570 57.09 13.60 -46.77
C GLY B 1570 57.26 12.39 -47.66
N ALA B 1571 56.90 11.24 -47.12
CA ALA B 1571 57.08 9.99 -47.85
C ALA B 1571 56.29 10.06 -49.15
N TRP B 1572 55.08 10.59 -49.08
CA TRP B 1572 54.23 10.71 -50.25
C TRP B 1572 54.75 11.79 -51.21
N MET B 1573 55.18 12.91 -50.66
CA MET B 1573 55.69 14.01 -51.45
C MET B 1573 56.96 13.65 -52.22
N LEU B 1574 57.84 12.87 -51.57
CA LEU B 1574 59.07 12.42 -52.20
C LEU B 1574 58.75 11.55 -53.41
N ASN B 1575 57.71 10.73 -53.29
CA ASN B 1575 57.25 9.89 -54.37
C ASN B 1575 56.69 10.75 -55.49
N GLY B 1576 56.00 11.84 -55.12
CA GLY B 1576 55.45 12.77 -56.08
C GLY B 1576 56.55 13.27 -56.99
N CYS B 1577 57.64 13.73 -56.39
CA CYS B 1577 58.78 14.24 -57.14
C CYS B 1577 59.46 13.17 -57.96
N LEU B 1578 59.88 12.09 -57.34
CA LEU B 1578 60.50 10.98 -58.07
C LEU B 1578 59.66 10.55 -59.28
N GLN B 1579 58.36 10.81 -59.22
CA GLN B 1579 57.44 10.53 -60.33
C GLN B 1579 57.50 11.64 -61.38
N VAL B 1580 57.54 12.88 -60.93
CA VAL B 1580 57.69 14.01 -61.84
C VAL B 1580 59.02 13.92 -62.57
N LEU B 1581 60.10 13.60 -61.84
CA LEU B 1581 61.43 13.44 -62.42
C LEU B 1581 61.41 12.49 -63.60
N ASN B 1582 60.65 11.41 -63.47
CA ASN B 1582 60.63 10.38 -64.51
C ASN B 1582 59.49 10.55 -65.52
N THR B 1583 58.89 11.74 -65.58
CA THR B 1583 57.83 12.00 -66.54
C THR B 1583 57.88 13.43 -67.06
N GLY B 1584 58.38 14.34 -66.24
CA GLY B 1584 58.43 15.75 -66.61
C GLY B 1584 57.07 16.40 -66.46
N ILE B 1585 56.11 15.63 -65.95
CA ILE B 1585 54.77 16.14 -65.72
C ILE B 1585 54.66 16.74 -64.33
N VAL B 1586 54.56 18.07 -64.26
CA VAL B 1586 54.37 18.74 -62.98
C VAL B 1586 52.89 18.94 -62.72
N PRO B 1587 52.34 18.18 -61.76
CA PRO B 1587 50.90 18.07 -61.56
C PRO B 1587 50.37 19.32 -60.92
N GLY B 1588 49.34 19.89 -61.52
CA GLY B 1588 48.73 21.09 -60.97
C GLY B 1588 48.02 20.80 -59.66
N ASN B 1589 47.39 21.83 -59.12
CA ASN B 1589 46.72 21.76 -57.83
C ASN B 1589 45.28 22.20 -58.05
N ARG B 1590 44.37 21.25 -58.24
CA ARG B 1590 43.01 21.57 -58.67
C ARG B 1590 42.21 22.40 -57.68
N ASN B 1591 42.50 22.24 -56.41
CA ASN B 1591 41.81 22.98 -55.37
C ASN B 1591 42.42 24.36 -55.14
N ALA B 1592 43.31 24.78 -56.03
CA ALA B 1592 43.90 26.11 -55.94
C ALA B 1592 42.89 27.13 -56.38
N ASP B 1593 41.66 26.97 -55.91
CA ASP B 1593 40.59 27.95 -56.04
C ASP B 1593 41.06 29.27 -56.65
N ASN B 1594 41.68 30.07 -55.79
CA ASN B 1594 42.16 31.39 -56.16
C ASN B 1594 43.24 31.81 -55.17
N VAL B 1595 44.50 31.78 -55.61
CA VAL B 1595 45.65 31.91 -54.71
C VAL B 1595 45.72 33.23 -53.96
N ASP B 1596 45.97 33.14 -52.66
CA ASP B 1596 45.99 34.30 -51.77
C ASP B 1596 46.91 35.41 -52.28
N LYS B 1597 46.39 36.64 -52.30
CA LYS B 1597 47.16 37.81 -52.70
C LYS B 1597 48.54 37.93 -52.01
N VAL B 1598 48.65 37.36 -50.82
CA VAL B 1598 49.89 37.43 -50.06
C VAL B 1598 50.99 36.68 -50.80
N MET B 1599 50.62 35.66 -51.57
CA MET B 1599 51.60 34.84 -52.25
C MET B 1599 52.25 35.54 -53.43
N GLU B 1600 51.74 36.70 -53.80
CA GLU B 1600 52.30 37.45 -54.95
C GLU B 1600 53.71 37.97 -54.68
N GLN B 1601 53.98 38.34 -53.42
CA GLN B 1601 55.30 38.80 -53.00
C GLN B 1601 56.42 37.83 -53.39
N PHE B 1602 56.05 36.58 -53.62
CA PHE B 1602 57.01 35.50 -53.77
C PHE B 1602 57.33 35.28 -55.24
N ASP B 1603 58.24 36.11 -55.75
CA ASP B 1603 58.62 36.12 -57.15
C ASP B 1603 58.93 34.71 -57.63
N TYR B 1604 59.76 34.03 -56.86
CA TYR B 1604 60.43 32.82 -57.35
C TYR B 1604 59.55 31.58 -57.36
N ILE B 1605 58.33 31.72 -56.85
CA ILE B 1605 57.40 30.60 -56.80
C ILE B 1605 56.21 30.85 -57.71
N VAL B 1606 55.80 29.82 -58.45
CA VAL B 1606 54.56 29.93 -59.22
C VAL B 1606 53.65 28.73 -58.96
N TYR B 1607 52.35 28.99 -58.88
CA TYR B 1607 51.42 28.00 -58.37
C TYR B 1607 50.49 27.48 -59.45
N PRO B 1608 50.81 26.30 -60.00
CA PRO B 1608 50.08 25.67 -61.10
C PRO B 1608 48.74 25.10 -60.66
N SER B 1609 47.68 25.38 -61.40
CA SER B 1609 46.34 24.88 -61.09
C SER B 1609 45.84 23.92 -62.17
N ARG B 1610 46.79 23.44 -62.96
CA ARG B 1610 46.55 22.36 -63.91
C ARG B 1610 47.89 21.78 -64.35
N SER B 1611 47.91 20.49 -64.69
CA SER B 1611 49.17 19.80 -64.95
C SER B 1611 49.92 20.34 -66.15
N ILE B 1612 51.23 20.50 -66.00
CA ILE B 1612 52.08 20.99 -67.07
C ILE B 1612 53.07 19.93 -67.50
N LYS B 1613 53.01 19.54 -68.77
CA LYS B 1613 53.97 18.60 -69.32
C LYS B 1613 55.16 19.38 -69.85
N THR B 1614 56.32 19.14 -69.25
CA THR B 1614 57.51 19.90 -69.57
C THR B 1614 58.53 19.04 -70.31
N ASP B 1615 59.65 19.64 -70.70
CA ASP B 1615 60.71 18.91 -71.40
C ASP B 1615 61.42 17.93 -70.47
N GLY B 1616 61.30 18.20 -69.17
CA GLY B 1616 61.88 17.36 -68.14
C GLY B 1616 62.31 18.19 -66.93
N ILE B 1617 62.57 17.53 -65.82
CA ILE B 1617 63.06 18.27 -64.67
C ILE B 1617 64.41 17.76 -64.20
N LYS B 1618 65.25 18.67 -63.72
CA LYS B 1618 66.60 18.31 -63.33
C LYS B 1618 66.68 17.99 -61.84
N ALA B 1619 66.29 18.95 -61.00
CA ALA B 1619 66.33 18.76 -59.56
C ALA B 1619 65.09 19.33 -58.92
N PHE B 1620 64.76 18.79 -57.75
CA PHE B 1620 63.58 19.23 -57.01
C PHE B 1620 63.88 19.40 -55.53
N SER B 1621 63.01 20.16 -54.87
CA SER B 1621 63.11 20.37 -53.43
C SER B 1621 61.83 20.00 -52.70
N VAL B 1622 61.86 18.84 -52.04
CA VAL B 1622 60.78 18.46 -51.15
C VAL B 1622 61.09 18.90 -49.72
N THR B 1623 60.39 19.92 -49.27
CA THR B 1623 60.58 20.44 -47.93
C THR B 1623 59.30 20.21 -47.14
N SER B 1624 59.41 20.16 -45.82
CA SER B 1624 58.25 19.99 -44.95
C SER B 1624 58.54 20.40 -43.51
N PHE B 1625 57.48 20.62 -42.75
CA PHE B 1625 57.60 21.10 -41.39
C PHE B 1625 56.75 20.24 -40.49
N GLY B 1626 56.89 20.43 -39.17
CA GLY B 1626 56.14 19.66 -38.22
C GLY B 1626 56.02 20.35 -36.87
N PHE B 1627 55.35 19.67 -35.93
CA PHE B 1627 55.22 20.18 -34.58
C PHE B 1627 56.56 20.13 -33.85
N GLY B 1628 56.76 21.07 -32.93
CA GLY B 1628 57.97 21.11 -32.13
C GLY B 1628 59.16 21.55 -32.96
N GLN B 1629 58.95 22.64 -33.71
CA GLN B 1629 59.97 23.27 -34.54
C GLN B 1629 60.82 22.30 -35.35
N LYS B 1630 60.15 21.28 -35.89
CA LYS B 1630 60.77 20.26 -36.71
C LYS B 1630 60.69 20.71 -38.17
N GLY B 1631 61.82 21.09 -38.77
CA GLY B 1631 61.85 21.52 -40.17
C GLY B 1631 62.87 20.75 -40.98
N ALA B 1632 62.44 20.11 -42.06
CA ALA B 1632 63.33 19.25 -42.84
C ALA B 1632 63.16 19.44 -44.33
N GLN B 1633 64.28 19.50 -45.05
CA GLN B 1633 64.24 19.73 -46.50
C GLN B 1633 65.15 18.75 -47.19
N ALA B 1634 64.72 18.27 -48.36
CA ALA B 1634 65.54 17.34 -49.14
C ALA B 1634 65.60 17.79 -50.58
N ILE B 1635 66.74 17.54 -51.23
CA ILE B 1635 66.91 17.85 -52.64
C ILE B 1635 67.20 16.60 -53.47
N GLY B 1636 66.44 16.42 -54.54
CA GLY B 1636 66.63 15.28 -55.43
C GLY B 1636 67.07 15.69 -56.83
N VAL B 1637 67.90 14.85 -57.42
CA VAL B 1637 68.45 15.12 -58.75
C VAL B 1637 68.25 13.97 -59.73
N HIS B 1638 67.82 14.29 -60.94
CA HIS B 1638 67.51 13.31 -61.97
C HIS B 1638 68.62 12.29 -62.17
N PRO B 1639 68.23 11.02 -62.33
CA PRO B 1639 69.10 9.85 -62.57
C PRO B 1639 70.18 10.06 -63.63
N LYS B 1640 69.82 10.72 -64.72
CA LYS B 1640 70.78 10.93 -65.80
C LYS B 1640 72.13 11.39 -65.24
N TYR B 1641 72.09 12.39 -64.36
CA TYR B 1641 73.32 13.00 -63.87
C TYR B 1641 74.22 12.00 -63.18
N LEU B 1642 73.64 10.95 -62.57
CA LEU B 1642 74.48 9.92 -61.98
C LEU B 1642 75.17 9.15 -63.09
N PHE B 1643 74.37 8.78 -64.09
CA PHE B 1643 74.87 7.98 -65.19
C PHE B 1643 75.99 8.70 -65.93
N ALA B 1644 75.99 10.03 -65.84
CA ALA B 1644 77.03 10.83 -66.48
C ALA B 1644 78.37 10.76 -65.73
N THR B 1645 78.51 9.77 -64.87
CA THR B 1645 79.76 9.59 -64.15
C THR B 1645 80.50 8.44 -64.80
N LEU B 1646 79.78 7.65 -65.58
CA LEU B 1646 80.32 6.39 -66.07
C LEU B 1646 80.87 6.49 -67.49
N ASP B 1647 81.01 5.33 -68.13
CA ASP B 1647 81.31 5.25 -69.54
C ASP B 1647 80.09 4.62 -70.20
N LYS B 1648 79.88 4.92 -71.47
CA LYS B 1648 78.87 4.20 -72.24
C LYS B 1648 79.10 2.72 -72.01
N ALA B 1649 80.37 2.37 -71.76
CA ALA B 1649 80.75 1.02 -71.39
C ALA B 1649 79.87 0.50 -70.27
N GLN B 1650 80.05 1.09 -69.09
CA GLN B 1650 79.38 0.67 -67.88
C GLN B 1650 77.88 0.87 -67.98
N TYR B 1651 77.47 2.10 -68.27
CA TYR B 1651 76.04 2.42 -68.32
C TYR B 1651 75.24 1.42 -69.15
N GLU B 1652 75.78 1.06 -70.31
CA GLU B 1652 75.05 0.19 -71.22
C GLU B 1652 75.11 -1.27 -70.81
N ALA B 1653 76.00 -1.56 -69.86
CA ALA B 1653 76.10 -2.90 -69.29
C ALA B 1653 75.12 -3.03 -68.12
N TYR B 1654 74.92 -1.93 -67.41
CA TYR B 1654 73.92 -1.82 -66.36
C TYR B 1654 72.52 -1.84 -66.96
N CYS B 1655 72.37 -1.13 -68.09
CA CYS B 1655 71.08 -1.02 -68.76
C CYS B 1655 70.50 -2.37 -69.13
N VAL B 1656 71.37 -3.37 -69.25
CA VAL B 1656 70.93 -4.71 -69.60
C VAL B 1656 70.49 -5.50 -68.38
N LYS B 1657 71.20 -5.30 -67.26
CA LYS B 1657 70.83 -5.94 -66.01
C LYS B 1657 69.45 -5.46 -65.59
N VAL B 1658 69.25 -4.16 -65.70
CA VAL B 1658 68.00 -3.51 -65.32
C VAL B 1658 66.78 -4.18 -65.97
N GLN B 1659 66.82 -4.30 -67.28
CA GLN B 1659 65.67 -4.81 -68.03
C GLN B 1659 65.41 -6.30 -67.82
N ALA B 1660 66.41 -7.03 -67.33
CA ALA B 1660 66.24 -8.42 -66.96
C ALA B 1660 65.42 -8.47 -65.68
N ARG B 1661 65.78 -7.59 -64.73
CA ARG B 1661 65.03 -7.44 -63.48
C ARG B 1661 63.57 -7.08 -63.72
N GLN B 1662 63.35 -6.05 -64.52
CA GLN B 1662 62.02 -5.57 -64.84
C GLN B 1662 61.15 -6.72 -65.34
N LYS B 1663 61.78 -7.78 -65.86
CA LYS B 1663 61.02 -8.91 -66.39
C LYS B 1663 60.74 -9.96 -65.33
N LYS B 1664 61.61 -10.08 -64.34
CA LYS B 1664 61.32 -10.92 -63.20
C LYS B 1664 60.25 -10.22 -62.38
N ALA B 1665 60.45 -8.92 -62.18
CA ALA B 1665 59.52 -8.09 -61.44
C ALA B 1665 58.12 -8.12 -62.06
N TYR B 1666 58.09 -7.99 -63.38
CA TYR B 1666 56.83 -8.03 -64.10
C TYR B 1666 56.15 -9.37 -63.84
N ARG B 1667 56.93 -10.44 -63.94
CA ARG B 1667 56.36 -11.76 -63.78
C ARG B 1667 55.75 -11.88 -62.40
N PHE B 1668 56.53 -11.44 -61.42
CA PHE B 1668 56.13 -11.57 -60.03
C PHE B 1668 54.81 -10.85 -59.75
N PHE B 1669 54.77 -9.56 -60.12
CA PHE B 1669 53.63 -8.73 -59.84
C PHE B 1669 52.33 -9.34 -60.36
N HIS B 1670 52.35 -9.84 -61.58
CA HIS B 1670 51.13 -10.40 -62.16
C HIS B 1670 50.77 -11.72 -61.53
N ASN B 1671 51.79 -12.54 -61.27
CA ASN B 1671 51.58 -13.78 -60.55
C ASN B 1671 50.99 -13.48 -59.17
N GLY B 1672 51.47 -12.41 -58.56
CA GLY B 1672 51.05 -12.02 -57.23
C GLY B 1672 49.66 -11.42 -57.17
N LEU B 1673 49.34 -10.54 -58.13
CA LEU B 1673 48.00 -9.93 -58.18
C LEU B 1673 46.92 -10.98 -58.28
N ILE B 1674 47.17 -11.99 -59.08
CA ILE B 1674 46.21 -13.06 -59.31
C ILE B 1674 46.09 -13.98 -58.11
N ASN B 1675 47.23 -14.39 -57.55
CA ASN B 1675 47.29 -15.41 -56.49
C ASN B 1675 47.40 -14.87 -55.05
N ASN B 1676 47.40 -13.55 -54.91
CA ASN B 1676 47.44 -12.89 -53.61
C ASN B 1676 48.73 -13.12 -52.86
N LYS B 1677 49.87 -12.95 -53.55
CA LYS B 1677 51.17 -13.13 -52.94
C LYS B 1677 52.19 -12.07 -53.32
N LEU B 1678 51.78 -10.81 -53.29
CA LEU B 1678 52.74 -9.72 -53.42
C LEU B 1678 53.58 -9.65 -52.15
N PHE B 1679 53.09 -10.31 -51.09
CA PHE B 1679 53.77 -10.40 -49.80
C PHE B 1679 54.03 -11.84 -49.47
N VAL B 1680 55.31 -12.18 -49.40
CA VAL B 1680 55.69 -13.50 -48.92
C VAL B 1680 56.43 -13.38 -47.59
N ALA B 1681 55.80 -13.93 -46.56
CA ALA B 1681 56.37 -13.90 -45.23
C ALA B 1681 57.47 -14.92 -45.16
N LYS B 1682 58.64 -14.50 -44.70
CA LYS B 1682 59.76 -15.43 -44.53
C LYS B 1682 59.57 -16.22 -43.24
N ASP B 1683 59.76 -17.53 -43.33
CA ASP B 1683 59.67 -18.39 -42.15
C ASP B 1683 61.03 -18.57 -41.48
N LYS B 1684 61.89 -19.39 -42.09
CA LYS B 1684 63.25 -19.55 -41.57
C LYS B 1684 64.17 -18.45 -42.06
N ALA B 1685 65.18 -18.12 -41.26
CA ALA B 1685 66.21 -17.17 -41.68
C ALA B 1685 67.14 -17.85 -42.71
N PRO B 1686 68.06 -17.08 -43.31
CA PRO B 1686 68.90 -17.63 -44.36
C PRO B 1686 69.83 -18.73 -43.87
N TYR B 1687 70.41 -18.54 -42.68
CA TYR B 1687 71.41 -19.46 -42.15
C TYR B 1687 70.79 -20.46 -41.18
N GLU B 1688 71.20 -21.73 -41.28
CA GLU B 1688 70.79 -22.70 -40.29
C GLU B 1688 71.29 -22.17 -38.97
N ASP B 1689 70.67 -22.62 -37.88
CA ASP B 1689 70.98 -22.04 -36.58
C ASP B 1689 72.44 -22.26 -36.16
N ARG B 1690 72.97 -23.45 -36.42
CA ARG B 1690 74.32 -23.79 -36.01
C ARG B 1690 75.39 -22.82 -36.56
N ILE B 1691 75.10 -22.22 -37.70
CA ILE B 1691 76.09 -21.36 -38.37
C ILE B 1691 76.07 -19.94 -37.87
N GLN B 1692 74.95 -19.55 -37.25
CA GLN B 1692 74.66 -18.14 -37.02
C GLN B 1692 75.85 -17.31 -36.57
N SER B 1693 76.52 -17.74 -35.51
CA SER B 1693 77.61 -16.95 -34.95
C SER B 1693 78.68 -16.69 -35.99
N LYS B 1694 78.95 -17.70 -36.81
CA LYS B 1694 79.96 -17.59 -37.85
C LYS B 1694 79.57 -16.58 -38.93
N VAL B 1695 78.35 -16.72 -39.45
CA VAL B 1695 77.83 -15.82 -40.46
C VAL B 1695 77.86 -14.36 -39.97
N PHE B 1696 77.50 -14.18 -38.70
CA PHE B 1696 77.46 -12.86 -38.11
C PHE B 1696 78.85 -12.22 -38.03
N LEU B 1697 79.89 -13.05 -38.12
CA LEU B 1697 81.25 -12.58 -37.84
C LEU B 1697 82.15 -12.59 -39.06
N ASN B 1698 81.80 -13.39 -40.05
CA ASN B 1698 82.50 -13.39 -41.32
C ASN B 1698 81.91 -12.31 -42.25
N PRO B 1699 82.57 -11.14 -42.30
CA PRO B 1699 82.06 -9.95 -42.99
C PRO B 1699 81.98 -10.13 -44.50
N GLN B 1700 82.15 -11.37 -44.96
CA GLN B 1700 82.12 -11.64 -46.39
C GLN B 1700 81.19 -12.81 -46.69
N SER B 1701 80.73 -13.47 -45.63
CA SER B 1701 79.79 -14.58 -45.82
C SER B 1701 78.57 -14.04 -46.55
N ARG B 1702 78.22 -14.67 -47.66
CA ARG B 1702 77.09 -14.23 -48.46
C ARG B 1702 76.28 -15.42 -48.97
N VAL B 1703 74.98 -15.18 -49.17
CA VAL B 1703 74.03 -16.22 -49.56
C VAL B 1703 74.24 -16.70 -50.98
N THR B 1704 74.20 -18.02 -51.17
CA THR B 1704 74.28 -18.61 -52.49
C THR B 1704 72.93 -19.16 -52.92
N GLN B 1705 72.67 -19.14 -54.22
CA GLN B 1705 71.49 -19.78 -54.78
C GLN B 1705 71.52 -21.25 -54.39
N GLU B 1706 70.37 -21.85 -54.13
CA GLU B 1706 70.38 -23.28 -53.81
C GLU B 1706 69.48 -24.14 -54.72
N SER B 1707 69.38 -25.42 -54.37
CA SER B 1707 68.81 -26.44 -55.26
C SER B 1707 67.29 -26.43 -55.42
N ASN B 1708 66.59 -25.68 -54.57
CA ASN B 1708 65.15 -25.51 -54.71
C ASN B 1708 64.80 -24.12 -55.25
N GLY B 1709 65.78 -23.21 -55.18
CA GLY B 1709 65.60 -21.84 -55.64
C GLY B 1709 65.66 -20.89 -54.47
N GLU B 1710 65.97 -21.44 -53.29
CA GLU B 1710 66.00 -20.66 -52.06
C GLU B 1710 67.38 -20.13 -51.74
N LEU B 1711 67.43 -18.86 -51.32
CA LEU B 1711 68.69 -18.23 -50.93
C LEU B 1711 69.05 -18.63 -49.49
N LYS B 1712 70.17 -19.34 -49.34
CA LYS B 1712 70.66 -19.73 -48.03
C LYS B 1712 72.11 -19.33 -47.90
N PHE B 1713 72.58 -19.22 -46.67
CA PHE B 1713 73.99 -19.18 -46.41
C PHE B 1713 74.42 -20.63 -46.52
N PRO B 1714 75.61 -20.89 -47.07
CA PRO B 1714 76.06 -22.26 -47.28
C PRO B 1714 76.85 -22.75 -46.06
N ALA B 1715 76.85 -24.06 -45.83
CA ALA B 1715 77.42 -24.66 -44.62
C ALA B 1715 78.96 -24.63 -44.49
N MET C 1 83.48 -92.77 -10.09
CA MET C 1 82.17 -92.89 -9.46
C MET C 1 82.25 -92.72 -7.94
N ARG C 2 83.38 -92.19 -7.46
CA ARG C 2 83.52 -91.83 -6.05
C ARG C 2 82.82 -90.48 -5.83
N PRO C 3 81.89 -90.42 -4.87
CA PRO C 3 81.17 -89.17 -4.58
C PRO C 3 82.11 -88.04 -4.17
N GLU C 4 83.03 -88.35 -3.26
CA GLU C 4 84.03 -87.39 -2.78
C GLU C 4 84.81 -86.79 -3.94
N VAL C 5 85.10 -87.65 -4.92
CA VAL C 5 85.87 -87.32 -6.11
C VAL C 5 85.07 -86.49 -7.11
N GLU C 6 83.89 -86.98 -7.48
CA GLU C 6 82.99 -86.28 -8.39
C GLU C 6 82.77 -84.82 -7.96
N GLN C 7 82.75 -84.59 -6.66
CA GLN C 7 82.65 -83.25 -6.11
C GLN C 7 83.84 -82.36 -6.48
N GLU C 8 85.00 -82.69 -5.94
CA GLU C 8 86.20 -81.90 -6.17
C GLU C 8 86.49 -81.67 -7.65
N LEU C 9 86.01 -82.57 -8.51
CA LEU C 9 86.14 -82.45 -9.96
C LEU C 9 85.22 -81.39 -10.55
N ALA C 10 83.92 -81.67 -10.55
CA ALA C 10 82.93 -80.71 -11.02
C ALA C 10 83.18 -79.34 -10.41
N TYR C 11 83.69 -79.33 -9.18
CA TYR C 11 84.05 -78.10 -8.49
C TYR C 11 85.05 -77.27 -9.28
N THR C 12 86.27 -77.79 -9.43
CA THR C 12 87.34 -77.01 -10.07
C THR C 12 87.04 -76.77 -11.55
N LEU C 13 86.31 -77.71 -12.17
CA LEU C 13 85.87 -77.54 -13.54
C LEU C 13 84.99 -76.31 -13.64
N LEU C 14 84.03 -76.23 -12.71
CA LEU C 14 83.16 -75.07 -12.57
C LEU C 14 84.00 -73.83 -12.27
N VAL C 15 84.82 -73.91 -11.23
CA VAL C 15 85.63 -72.78 -10.81
C VAL C 15 86.47 -72.22 -11.96
N GLU C 16 87.02 -73.13 -12.77
CA GLU C 16 87.81 -72.72 -13.93
C GLU C 16 86.92 -72.17 -15.03
N LEU C 17 85.84 -72.89 -15.32
CA LEU C 17 84.89 -72.52 -16.38
C LEU C 17 84.45 -71.06 -16.26
N LEU C 18 84.04 -70.69 -15.06
CA LEU C 18 83.63 -69.32 -14.78
C LEU C 18 84.81 -68.38 -14.91
N ALA C 19 85.90 -68.71 -14.24
CA ALA C 19 87.09 -67.86 -14.20
C ALA C 19 87.48 -67.37 -15.59
N TYR C 20 87.56 -68.30 -16.54
CA TYR C 20 88.08 -67.98 -17.87
C TYR C 20 87.04 -67.41 -18.82
N GLN C 21 85.78 -67.39 -18.37
CA GLN C 21 84.71 -66.82 -19.20
C GLN C 21 84.98 -65.38 -19.65
N PHE C 22 85.69 -64.62 -18.81
CA PHE C 22 86.18 -63.29 -19.17
C PHE C 22 86.78 -63.29 -20.56
N ALA C 23 87.75 -64.19 -20.73
CA ALA C 23 88.67 -64.13 -21.85
C ALA C 23 88.36 -65.14 -22.97
N MET C 24 87.16 -65.70 -22.96
CA MET C 24 86.72 -66.60 -24.03
C MET C 24 85.52 -65.99 -24.75
N PRO C 25 85.50 -66.03 -26.08
CA PRO C 25 84.27 -65.59 -26.76
C PRO C 25 83.05 -66.39 -26.31
N VAL C 26 81.87 -65.78 -26.45
CA VAL C 26 80.63 -66.40 -26.04
C VAL C 26 79.99 -67.07 -27.24
N ARG C 27 80.13 -68.39 -27.31
CA ARG C 27 79.57 -69.18 -28.40
C ARG C 27 78.09 -69.49 -28.18
N TRP C 28 77.25 -68.45 -28.24
CA TRP C 28 75.82 -68.59 -27.98
C TRP C 28 75.14 -69.35 -29.11
N ILE C 29 75.78 -69.40 -30.28
CA ILE C 29 75.24 -70.16 -31.39
C ILE C 29 75.13 -71.62 -31.03
N GLU C 30 76.29 -72.23 -30.79
CA GLU C 30 76.39 -73.66 -30.51
C GLU C 30 75.65 -74.06 -29.23
N THR C 31 75.54 -73.12 -28.30
CA THR C 31 74.78 -73.31 -27.08
C THR C 31 73.30 -73.40 -27.44
N GLN C 32 72.84 -72.47 -28.27
CA GLN C 32 71.45 -72.43 -28.77
C GLN C 32 71.13 -73.72 -29.50
N ASP C 33 72.14 -74.27 -30.18
CA ASP C 33 71.97 -75.43 -31.03
C ASP C 33 71.88 -76.74 -30.23
N VAL C 34 72.54 -76.78 -29.08
CA VAL C 34 72.42 -77.94 -28.20
C VAL C 34 70.99 -78.02 -27.67
N ILE C 35 70.35 -76.86 -27.51
CA ILE C 35 69.00 -76.78 -26.98
C ILE C 35 67.96 -77.13 -28.03
N LEU C 36 68.16 -76.63 -29.25
CA LEU C 36 67.20 -76.80 -30.33
C LEU C 36 67.33 -78.12 -31.09
N ALA C 37 68.57 -78.56 -31.30
CA ALA C 37 68.84 -79.73 -32.12
C ALA C 37 69.08 -80.99 -31.29
N GLU C 38 69.98 -80.90 -30.33
CA GLU C 38 70.40 -82.06 -29.57
C GLU C 38 69.31 -82.53 -28.60
N LYS C 39 68.80 -81.61 -27.78
CA LYS C 39 67.79 -81.95 -26.79
C LYS C 39 66.39 -81.59 -27.24
N ARG C 40 66.28 -81.14 -28.49
CA ARG C 40 65.01 -80.79 -29.16
C ARG C 40 63.90 -80.28 -28.23
N THR C 41 64.17 -79.18 -27.54
CA THR C 41 63.22 -78.61 -26.59
C THR C 41 62.03 -77.94 -27.28
N GLU C 42 60.84 -78.29 -26.83
CA GLU C 42 59.61 -77.71 -27.37
C GLU C 42 59.30 -76.40 -26.66
N ARG C 43 60.02 -76.13 -25.58
CA ARG C 43 59.70 -75.00 -24.72
C ARG C 43 60.95 -74.28 -24.26
N ILE C 44 61.40 -73.35 -25.08
CA ILE C 44 62.48 -72.50 -24.63
C ILE C 44 61.88 -71.44 -23.72
N VAL C 45 62.44 -71.29 -22.53
CA VAL C 45 62.02 -70.23 -21.64
C VAL C 45 63.19 -69.32 -21.28
N GLU C 46 62.91 -68.02 -21.34
CA GLU C 46 63.90 -67.00 -21.07
C GLU C 46 63.59 -66.38 -19.73
N ILE C 47 64.62 -65.94 -19.04
CA ILE C 47 64.41 -65.24 -17.80
C ILE C 47 65.25 -63.98 -17.75
N GLY C 48 64.57 -62.84 -17.73
CA GLY C 48 65.22 -61.55 -17.68
C GLY C 48 64.18 -60.44 -17.80
N PRO C 49 64.65 -59.20 -18.01
CA PRO C 49 63.81 -58.00 -18.13
C PRO C 49 63.33 -57.73 -19.56
N SER C 50 63.90 -58.43 -20.54
CA SER C 50 63.53 -58.24 -21.94
C SER C 50 63.58 -59.57 -22.67
N ASP C 51 62.96 -59.63 -23.85
CA ASP C 51 63.01 -60.85 -24.66
C ASP C 51 64.17 -60.83 -25.66
N THR C 52 65.37 -60.54 -25.14
CA THR C 52 66.56 -60.44 -25.97
C THR C 52 67.04 -61.80 -26.51
N LEU C 53 67.13 -62.81 -25.64
CA LEU C 53 67.48 -64.18 -26.07
C LEU C 53 66.32 -64.87 -26.77
N GLY C 54 65.13 -64.26 -26.68
CA GLY C 54 63.92 -64.80 -27.27
C GLY C 54 63.81 -64.52 -28.76
N GLY C 55 63.94 -63.25 -29.15
CA GLY C 55 63.97 -62.89 -30.57
C GLY C 55 65.31 -63.28 -31.19
N MET C 56 66.20 -63.76 -30.34
CA MET C 56 67.49 -64.31 -30.76
C MET C 56 67.34 -65.78 -31.12
N ALA C 57 66.59 -66.52 -30.30
CA ALA C 57 66.29 -67.92 -30.56
C ALA C 57 65.18 -68.09 -31.62
N ARG C 58 64.39 -67.05 -31.84
CA ARG C 58 63.40 -67.03 -32.93
C ARG C 58 64.13 -66.91 -34.25
N ARG C 59 65.18 -66.09 -34.25
CA ARG C 59 65.95 -65.84 -35.46
C ARG C 59 66.80 -67.03 -35.90
N THR C 60 67.26 -67.83 -34.93
CA THR C 60 67.97 -69.08 -35.26
C THR C 60 67.00 -70.17 -35.71
N LEU C 61 65.70 -69.93 -35.52
CA LEU C 61 64.66 -70.83 -36.03
C LEU C 61 64.28 -70.50 -37.47
N GLN C 62 64.62 -69.30 -37.91
CA GLN C 62 64.32 -68.88 -39.27
C GLN C 62 65.49 -69.15 -40.23
N SER C 63 66.71 -68.84 -39.81
CA SER C 63 67.88 -68.98 -40.68
C SER C 63 68.33 -70.44 -40.86
N LYS C 64 68.33 -71.21 -39.78
CA LYS C 64 68.77 -72.62 -39.86
C LYS C 64 67.62 -73.61 -39.80
N TYR C 65 66.78 -73.48 -38.78
CA TYR C 65 65.87 -74.56 -38.40
C TYR C 65 64.55 -74.64 -39.15
N GLU C 66 64.44 -73.89 -40.25
CA GLU C 66 63.21 -73.85 -41.02
C GLU C 66 62.74 -75.24 -41.43
N ALA C 67 63.62 -75.99 -42.10
CA ALA C 67 63.30 -77.33 -42.60
C ALA C 67 63.26 -78.39 -41.51
N TYR C 68 64.20 -78.31 -40.57
CA TYR C 68 64.30 -79.30 -39.49
C TYR C 68 62.99 -79.39 -38.70
N ASP C 69 62.45 -78.25 -38.30
CA ASP C 69 61.22 -78.22 -37.52
C ASP C 69 60.01 -78.70 -38.33
N ALA C 70 59.93 -78.26 -39.58
CA ALA C 70 58.82 -78.63 -40.47
C ALA C 70 58.81 -80.13 -40.80
N ALA C 71 60.01 -80.71 -40.90
CA ALA C 71 60.14 -82.14 -41.17
C ALA C 71 59.89 -82.95 -39.90
N THR C 72 60.68 -82.68 -38.86
CA THR C 72 60.63 -83.45 -37.61
C THR C 72 59.28 -83.37 -36.90
N SER C 73 58.46 -82.39 -37.28
CA SER C 73 57.19 -82.15 -36.63
C SER C 73 57.39 -81.60 -35.20
N VAL C 74 58.55 -80.94 -35.00
CA VAL C 74 58.88 -80.34 -33.70
C VAL C 74 58.05 -79.10 -33.40
N GLN C 75 57.31 -79.16 -32.31
CA GLN C 75 56.55 -78.00 -31.84
C GLN C 75 57.45 -77.15 -30.95
N ARG C 76 57.54 -75.86 -31.23
CA ARG C 76 58.42 -74.96 -30.47
C ARG C 76 57.71 -73.72 -29.91
N GLN C 77 57.97 -73.45 -28.64
CA GLN C 77 57.28 -72.38 -27.90
C GLN C 77 58.31 -71.55 -27.14
N ILE C 78 58.56 -70.32 -27.62
CA ILE C 78 59.55 -69.44 -27.00
C ILE C 78 58.90 -68.42 -26.08
N LEU C 79 59.20 -68.55 -24.78
CA LEU C 79 58.57 -67.71 -23.75
C LEU C 79 59.58 -66.83 -23.00
N CYS C 80 59.39 -65.52 -23.09
CA CYS C 80 60.12 -64.58 -22.24
C CYS C 80 59.40 -64.49 -20.89
N TYR C 81 60.11 -64.07 -19.84
CA TYR C 81 59.48 -63.92 -18.54
C TYR C 81 58.44 -62.81 -18.53
N CYS C 82 58.87 -61.61 -18.94
CA CYS C 82 58.02 -60.43 -18.97
C CYS C 82 56.79 -60.59 -19.88
N LYS C 83 57.05 -60.64 -21.18
CA LYS C 83 55.99 -60.72 -22.20
C LYS C 83 55.06 -61.93 -22.01
N ASP C 84 55.61 -63.14 -22.13
CA ASP C 84 54.83 -64.36 -22.08
C ASP C 84 54.62 -64.82 -20.63
N ALA C 85 54.17 -63.90 -19.78
CA ALA C 85 54.11 -64.10 -18.34
C ALA C 85 53.22 -65.26 -17.90
N LYS C 86 51.98 -65.27 -18.35
CA LYS C 86 51.00 -66.22 -17.81
C LYS C 86 51.16 -67.67 -18.28
N GLU C 87 51.74 -67.87 -19.47
CA GLU C 87 51.89 -69.20 -20.04
C GLU C 87 52.98 -69.98 -19.32
N ILE C 88 53.87 -69.26 -18.66
CA ILE C 88 54.87 -69.89 -17.83
C ILE C 88 54.22 -70.50 -16.60
N TYR C 89 53.38 -69.71 -15.94
CA TYR C 89 52.76 -70.08 -14.66
C TYR C 89 51.47 -70.86 -14.86
N TYR C 90 51.22 -71.31 -16.07
CA TYR C 90 50.01 -72.08 -16.39
C TYR C 90 48.74 -71.43 -15.85
N ASP C 91 48.60 -70.12 -16.05
CA ASP C 91 47.40 -69.39 -15.63
C ASP C 91 46.54 -68.93 -16.84
N VAL C 92 45.39 -69.59 -17.01
CA VAL C 92 44.41 -69.20 -18.03
C VAL C 92 43.03 -69.08 -17.41
N GLU C 93 42.14 -68.34 -18.08
CA GLU C 93 40.75 -68.22 -17.65
C GLU C 93 39.83 -69.18 -18.41
N PRO C 94 38.71 -69.60 -17.78
CA PRO C 94 37.74 -70.57 -18.30
C PRO C 94 37.06 -70.16 -19.61
N ILE C 325 3.12 -21.46 -13.24
CA ILE C 325 2.45 -21.27 -11.97
C ILE C 325 2.87 -19.95 -11.33
N ASP C 326 4.02 -19.98 -10.65
CA ASP C 326 4.52 -18.87 -9.87
C ASP C 326 5.15 -17.77 -10.73
N ALA C 327 4.97 -17.89 -12.05
CA ALA C 327 5.33 -16.81 -12.97
C ALA C 327 4.24 -15.73 -12.89
N LEU C 328 2.99 -16.18 -12.81
CA LEU C 328 1.83 -15.30 -12.67
C LEU C 328 1.76 -14.68 -11.27
N THR C 329 2.77 -14.96 -10.45
CA THR C 329 2.86 -14.38 -9.11
C THR C 329 4.26 -13.94 -8.74
N LYS C 330 5.28 -14.38 -9.49
CA LYS C 330 6.63 -13.87 -9.27
C LYS C 330 6.62 -12.39 -9.61
N ASP C 331 5.58 -11.98 -10.32
CA ASP C 331 5.36 -10.58 -10.63
C ASP C 331 4.93 -9.87 -9.34
N GLN C 332 3.95 -10.46 -8.67
CA GLN C 332 3.51 -9.99 -7.36
C GLN C 332 4.70 -9.76 -6.44
N ARG C 333 5.38 -10.86 -6.12
CA ARG C 333 6.54 -10.85 -5.24
C ARG C 333 7.43 -9.67 -5.57
N ALA C 334 8.01 -9.69 -6.76
CA ALA C 334 8.90 -8.62 -7.21
C ALA C 334 8.34 -7.24 -6.83
N LEU C 335 7.04 -7.07 -7.04
CA LEU C 335 6.37 -5.84 -6.70
C LEU C 335 6.49 -5.55 -5.20
N PHE C 336 5.93 -6.44 -4.41
CA PHE C 336 5.90 -6.21 -2.98
C PHE C 336 7.30 -6.03 -2.40
N LYS C 337 8.26 -6.81 -2.90
CA LYS C 337 9.62 -6.72 -2.40
C LYS C 337 10.16 -5.29 -2.54
N GLN C 338 9.87 -4.65 -3.66
CA GLN C 338 10.27 -3.27 -3.82
C GLN C 338 9.47 -2.44 -2.83
N GLN C 339 8.18 -2.73 -2.74
CA GLN C 339 7.31 -1.95 -1.88
C GLN C 339 7.88 -1.95 -0.46
N LEU C 340 8.46 -3.09 -0.09
CA LEU C 340 9.10 -3.25 1.20
C LEU C 340 10.29 -2.29 1.30
N GLU C 341 11.15 -2.35 0.30
CA GLU C 341 12.38 -1.57 0.29
C GLU C 341 12.10 -0.09 0.53
N ILE C 342 10.96 0.39 0.02
CA ILE C 342 10.63 1.81 0.06
C ILE C 342 10.22 2.21 1.44
N ILE C 343 9.41 1.36 2.06
CA ILE C 343 9.03 1.60 3.43
C ILE C 343 10.31 1.67 4.24
N ALA C 344 11.13 0.64 4.11
CA ALA C 344 12.42 0.61 4.77
C ALA C 344 13.13 1.94 4.61
N ARG C 345 13.34 2.37 3.36
CA ARG C 345 14.07 3.60 3.07
C ARG C 345 13.43 4.81 3.75
N TYR C 346 12.12 4.76 3.91
CA TYR C 346 11.39 5.86 4.50
C TYR C 346 11.54 5.85 6.02
N LEU C 347 11.63 4.65 6.58
CA LEU C 347 11.76 4.46 8.01
C LEU C 347 13.21 4.64 8.40
N LYS C 348 14.07 4.83 7.40
CA LYS C 348 15.50 5.00 7.64
C LYS C 348 16.07 3.81 8.41
N MET C 349 15.72 2.60 7.97
CA MET C 349 16.27 1.41 8.59
C MET C 349 16.96 0.49 7.58
N ASP C 350 18.25 0.25 7.79
CA ASP C 350 19.00 -0.65 6.92
C ASP C 350 18.52 -2.08 7.15
N LEU C 351 17.90 -2.66 6.13
CA LEU C 351 17.36 -4.00 6.28
C LEU C 351 18.47 -5.01 6.48
N ARG C 352 19.54 -4.91 5.70
CA ARG C 352 20.57 -5.95 5.70
C ARG C 352 21.74 -5.60 6.61
N ALA C 353 21.53 -4.63 7.49
CA ALA C 353 22.55 -4.23 8.44
C ALA C 353 22.78 -5.32 9.47
N GLY C 354 21.85 -6.29 9.52
CA GLY C 354 21.97 -7.43 10.41
C GLY C 354 23.04 -8.37 9.88
N ASP C 355 22.90 -8.73 8.61
CA ASP C 355 23.85 -9.64 7.98
C ASP C 355 25.22 -9.01 7.80
N LYS C 356 25.24 -7.70 7.62
CA LYS C 356 26.50 -6.97 7.44
C LYS C 356 27.38 -7.15 8.66
N ALA C 357 26.83 -6.86 9.82
CA ALA C 357 27.60 -6.98 11.05
C ALA C 357 27.95 -8.44 11.36
N PHE C 358 27.12 -9.37 10.92
CA PHE C 358 27.38 -10.80 11.10
C PHE C 358 28.62 -11.23 10.33
N VAL C 359 28.58 -11.01 9.02
CA VAL C 359 29.73 -11.29 8.17
C VAL C 359 30.99 -10.80 8.86
N ALA C 360 30.96 -9.54 9.28
CA ALA C 360 32.11 -8.88 9.89
C ALA C 360 32.67 -9.63 11.08
N SER C 361 31.83 -9.94 12.05
CA SER C 361 32.30 -10.60 13.26
C SER C 361 32.74 -12.02 12.94
N GLN C 362 32.26 -12.57 11.84
CA GLN C 362 32.69 -13.90 11.43
C GLN C 362 34.04 -13.90 10.70
N GLU C 363 34.61 -12.71 10.52
CA GLU C 363 35.95 -12.60 9.97
C GLU C 363 36.92 -12.45 11.12
N SER C 364 36.49 -11.73 12.15
CA SER C 364 37.29 -11.62 13.35
C SER C 364 37.36 -12.97 14.04
N GLN C 365 36.27 -13.74 13.95
CA GLN C 365 36.21 -15.07 14.54
C GLN C 365 37.13 -16.08 13.80
N LYS C 366 37.62 -15.69 12.61
CA LYS C 366 38.60 -16.50 11.87
C LYS C 366 40.02 -16.16 12.32
N ALA C 367 40.26 -14.89 12.64
CA ALA C 367 41.57 -14.46 13.12
C ALA C 367 41.90 -15.13 14.45
N LEU C 368 40.89 -15.30 15.30
CA LEU C 368 41.07 -15.95 16.59
C LEU C 368 41.41 -17.40 16.36
N GLN C 369 40.46 -18.14 15.82
CA GLN C 369 40.65 -19.55 15.51
C GLN C 369 41.98 -19.77 14.78
N ALA C 370 42.41 -18.76 14.03
CA ALA C 370 43.71 -18.79 13.37
C ALA C 370 44.81 -18.87 14.40
N GLN C 371 44.90 -17.84 15.25
CA GLN C 371 45.91 -17.79 16.32
C GLN C 371 45.82 -18.97 17.29
N LEU C 372 44.61 -19.26 17.73
CA LEU C 372 44.37 -20.39 18.62
C LEU C 372 44.74 -21.75 17.98
N ASP C 373 44.84 -21.77 16.66
CA ASP C 373 45.25 -23.00 15.97
C ASP C 373 46.76 -23.14 15.99
N LEU C 374 47.44 -22.03 16.26
CA LEU C 374 48.89 -22.04 16.42
C LEU C 374 49.27 -22.72 17.73
N TRP C 375 48.74 -22.21 18.83
CA TRP C 375 48.94 -22.80 20.14
C TRP C 375 48.69 -24.30 20.08
N GLN C 376 47.57 -24.68 19.46
CA GLN C 376 47.16 -26.08 19.37
C GLN C 376 48.19 -26.94 18.68
N ALA C 377 48.99 -26.33 17.81
CA ALA C 377 49.91 -27.06 16.96
C ALA C 377 51.31 -27.12 17.57
N GLU C 378 51.64 -26.10 18.34
CA GLU C 378 52.95 -26.02 18.95
C GLU C 378 53.03 -26.80 20.27
N HIS C 379 51.89 -27.25 20.77
CA HIS C 379 51.85 -27.88 22.08
C HIS C 379 51.13 -29.21 22.13
N GLY C 380 50.13 -29.41 21.29
CA GLY C 380 49.39 -30.65 21.30
C GLY C 380 48.37 -30.71 22.44
N ASP C 381 47.45 -31.67 22.36
CA ASP C 381 46.28 -31.73 23.24
C ASP C 381 46.59 -31.97 24.73
N ILE C 382 47.39 -32.99 25.00
CA ILE C 382 47.61 -33.44 26.38
C ILE C 382 48.18 -32.31 27.22
N TYR C 383 49.07 -31.54 26.60
CA TYR C 383 49.66 -30.37 27.23
C TYR C 383 48.58 -29.36 27.47
N ALA C 384 47.86 -29.04 26.41
CA ALA C 384 46.80 -28.06 26.45
C ALA C 384 45.95 -28.36 27.66
N ALA C 385 45.45 -29.59 27.74
CA ALA C 385 44.57 -30.00 28.83
C ALA C 385 45.24 -29.81 30.19
N GLY C 386 46.53 -30.18 30.26
CA GLY C 386 47.24 -30.19 31.52
C GLY C 386 47.65 -28.86 32.11
N ILE C 387 47.32 -27.76 31.44
CA ILE C 387 47.72 -26.46 31.96
C ILE C 387 46.52 -25.64 32.41
N GLU C 388 45.33 -26.18 32.19
CA GLU C 388 44.11 -25.53 32.63
C GLU C 388 44.11 -25.45 34.14
N PRO C 389 43.90 -24.24 34.66
CA PRO C 389 43.83 -23.98 36.10
C PRO C 389 42.78 -24.84 36.79
N ALA C 390 42.97 -25.16 38.07
CA ALA C 390 42.10 -26.08 38.80
C ALA C 390 41.94 -25.68 40.25
N PHE C 391 42.82 -24.81 40.74
CA PHE C 391 42.76 -24.43 42.15
C PHE C 391 41.63 -23.49 42.42
N ASP C 392 40.83 -23.80 43.44
CA ASP C 392 39.66 -22.99 43.82
C ASP C 392 39.34 -23.03 45.32
N PRO C 393 39.62 -21.91 46.03
CA PRO C 393 39.43 -21.75 47.46
C PRO C 393 38.15 -22.35 47.99
N LEU C 394 37.11 -22.36 47.18
CA LEU C 394 35.81 -22.81 47.66
C LEU C 394 35.74 -24.32 47.73
N LYS C 395 36.71 -25.00 47.14
CA LYS C 395 36.71 -26.45 47.14
C LYS C 395 37.57 -26.96 48.27
N ALA C 396 38.41 -26.08 48.81
CA ALA C 396 39.32 -26.43 49.91
C ALA C 396 38.62 -27.09 51.11
N ARG C 397 39.00 -28.31 51.43
CA ARG C 397 38.39 -28.99 52.55
C ARG C 397 39.37 -29.13 53.71
N VAL C 398 38.89 -28.83 54.91
CA VAL C 398 39.74 -28.74 56.09
C VAL C 398 39.41 -29.82 57.11
N TYR C 399 40.42 -30.60 57.50
CA TYR C 399 40.27 -31.64 58.50
C TYR C 399 41.12 -31.32 59.76
N ASP C 400 40.46 -31.08 60.89
CA ASP C 400 41.15 -30.65 62.12
C ASP C 400 40.55 -31.21 63.42
N SER C 401 39.57 -32.09 63.31
CA SER C 401 38.86 -32.61 64.48
C SER C 401 39.55 -33.83 65.11
N SER C 402 40.81 -33.69 65.49
CA SER C 402 41.55 -34.80 66.08
C SER C 402 40.76 -35.40 67.23
N TRP C 403 40.23 -34.54 68.09
CA TRP C 403 39.55 -34.98 69.29
C TRP C 403 38.50 -36.05 69.05
N ASN C 404 37.55 -35.78 68.17
CA ASN C 404 36.45 -36.72 67.95
C ASN C 404 36.93 -38.06 67.40
N TRP C 405 37.92 -38.00 66.49
CA TRP C 405 38.41 -39.23 65.88
C TRP C 405 39.08 -40.13 66.93
N ALA C 406 39.76 -39.50 67.88
CA ALA C 406 40.42 -40.24 68.95
C ALA C 406 39.44 -41.17 69.65
N ARG C 407 38.40 -40.58 70.21
CA ARG C 407 37.36 -41.31 70.92
C ARG C 407 36.80 -42.40 70.04
N GLN C 408 36.83 -42.16 68.73
CA GLN C 408 36.33 -43.17 67.80
C GLN C 408 37.27 -44.35 67.76
N ASP C 409 38.53 -44.07 67.46
CA ASP C 409 39.54 -45.09 67.29
C ASP C 409 39.68 -45.83 68.60
N ALA C 410 39.57 -45.06 69.67
CA ALA C 410 39.58 -45.62 71.01
C ALA C 410 38.47 -46.66 71.12
N LEU C 411 37.24 -46.19 71.11
CA LEU C 411 36.10 -47.10 71.25
C LEU C 411 36.11 -48.14 70.14
N SER C 412 36.75 -47.81 69.04
CA SER C 412 36.81 -48.72 67.93
C SER C 412 37.71 -49.87 68.30
N MET C 413 38.83 -49.54 68.95
CA MET C 413 39.85 -50.55 69.28
C MET C 413 39.38 -51.49 70.39
N TYR C 414 38.69 -50.94 71.38
CA TYR C 414 38.12 -51.74 72.47
C TYR C 414 37.33 -52.93 71.91
N TYR C 415 36.38 -52.66 71.03
CA TYR C 415 35.57 -53.73 70.46
C TYR C 415 36.38 -54.60 69.52
N ASP C 416 37.49 -54.06 69.02
CA ASP C 416 38.36 -54.82 68.11
C ASP C 416 39.02 -55.98 68.86
N ILE C 417 39.50 -55.68 70.05
CA ILE C 417 40.13 -56.66 70.91
C ILE C 417 39.14 -57.74 71.28
N ILE C 418 37.98 -57.32 71.76
CA ILE C 418 36.93 -58.22 72.21
C ILE C 418 36.41 -59.21 71.16
N PHE C 419 36.61 -58.88 69.89
CA PHE C 419 36.16 -59.75 68.83
C PHE C 419 37.32 -60.56 68.25
N GLY C 420 38.53 -60.15 68.57
CA GLY C 420 39.70 -60.86 68.12
C GLY C 420 40.13 -60.43 66.74
N ARG C 421 39.78 -59.20 66.36
CA ARG C 421 40.34 -58.60 65.17
C ARG C 421 41.77 -58.20 65.48
N LEU C 422 42.05 -57.99 66.75
CA LEU C 422 43.40 -57.66 67.18
C LEU C 422 43.90 -58.64 68.25
N ARG C 423 45.06 -59.21 68.00
CA ARG C 423 45.75 -60.00 69.02
C ARG C 423 46.94 -59.18 69.48
N VAL C 424 47.45 -59.46 70.69
CA VAL C 424 48.52 -58.65 71.25
C VAL C 424 49.80 -58.82 70.45
N VAL C 425 49.77 -59.81 69.57
CA VAL C 425 50.79 -60.05 68.57
C VAL C 425 50.96 -58.81 67.68
N ASP C 426 50.03 -58.69 66.73
CA ASP C 426 50.00 -57.64 65.70
C ASP C 426 50.61 -56.30 66.14
N ARG C 427 51.65 -55.88 65.43
CA ARG C 427 52.26 -54.58 65.69
C ARG C 427 51.18 -53.52 65.59
N GLU C 428 50.10 -53.87 64.88
CA GLU C 428 48.99 -52.97 64.66
C GLU C 428 48.47 -52.34 65.95
N ILE C 429 48.12 -53.18 66.92
CA ILE C 429 47.63 -52.69 68.19
C ILE C 429 48.55 -51.60 68.73
N VAL C 430 49.85 -51.77 68.50
CA VAL C 430 50.83 -50.79 68.92
C VAL C 430 50.61 -49.50 68.19
N SER C 431 50.72 -49.55 66.86
CA SER C 431 50.48 -48.39 66.03
C SER C 431 49.26 -47.62 66.49
N GLN C 432 48.11 -48.30 66.51
CA GLN C 432 46.88 -47.65 66.94
C GLN C 432 47.04 -46.95 68.27
N CYS C 433 47.59 -47.66 69.25
CA CYS C 433 47.80 -47.12 70.60
C CYS C 433 48.58 -45.83 70.58
N ILE C 434 49.60 -45.77 69.72
CA ILE C 434 50.47 -44.59 69.68
C ILE C 434 49.68 -43.38 69.23
N GLN C 435 48.79 -43.61 68.27
CA GLN C 435 47.99 -42.52 67.72
C GLN C 435 47.08 -42.01 68.81
N ILE C 436 46.44 -42.93 69.51
CA ILE C 436 45.54 -42.55 70.58
C ILE C 436 46.29 -41.73 71.62
N MET C 437 47.54 -42.07 71.91
CA MET C 437 48.36 -41.26 72.82
C MET C 437 48.67 -39.91 72.21
N ASN C 438 48.86 -39.91 70.89
CA ASN C 438 49.21 -38.69 70.17
C ASN C 438 48.13 -37.63 70.30
N ARG C 439 46.89 -38.06 70.50
CA ARG C 439 45.81 -37.12 70.76
C ARG C 439 45.28 -37.31 72.18
N SER C 440 46.10 -37.00 73.18
CA SER C 440 45.70 -37.18 74.56
C SER C 440 44.96 -35.97 75.09
N ASN C 441 43.67 -36.14 75.37
CA ASN C 441 42.85 -35.10 76.00
C ASN C 441 42.35 -35.54 77.35
N PRO C 442 42.14 -34.58 78.25
CA PRO C 442 41.56 -34.90 79.55
C PRO C 442 40.24 -35.62 79.32
N LEU C 443 39.45 -35.09 78.39
CA LEU C 443 38.13 -35.61 78.09
C LEU C 443 38.24 -36.99 77.47
N LEU C 444 39.34 -37.22 76.75
CA LEU C 444 39.62 -38.54 76.19
C LEU C 444 39.76 -39.58 77.32
N LEU C 445 40.59 -39.26 78.31
CA LEU C 445 40.83 -40.14 79.44
C LEU C 445 39.54 -40.58 80.13
N GLU C 446 38.65 -39.63 80.43
CA GLU C 446 37.38 -39.98 81.05
C GLU C 446 36.70 -41.05 80.21
N PHE C 447 36.55 -40.75 78.92
CA PHE C 447 35.88 -41.63 77.97
C PHE C 447 36.61 -42.96 77.87
N MET C 448 37.93 -42.90 77.98
CA MET C 448 38.74 -44.11 78.04
C MET C 448 38.31 -44.95 79.25
N GLN C 449 38.52 -44.39 80.45
CA GLN C 449 38.32 -45.13 81.70
C GLN C 449 36.92 -45.70 81.86
N TYR C 450 35.90 -44.90 81.65
CA TYR C 450 34.56 -45.44 81.80
C TYR C 450 34.40 -46.76 81.07
N HIS C 451 34.79 -46.79 79.80
CA HIS C 451 34.57 -47.97 78.97
C HIS C 451 35.42 -49.13 79.46
N ILE C 452 36.53 -48.81 80.14
CA ILE C 452 37.41 -49.83 80.68
C ILE C 452 36.89 -50.30 82.05
N ASP C 453 36.47 -49.37 82.90
CA ASP C 453 35.99 -49.71 84.23
C ASP C 453 34.82 -50.69 84.15
N HIS C 454 33.78 -50.28 83.44
CA HIS C 454 32.55 -51.05 83.39
C HIS C 454 32.65 -52.20 82.40
N CYS C 455 33.86 -52.44 81.89
CA CYS C 455 34.14 -53.61 81.05
C CYS C 455 33.80 -54.91 81.78
N PRO C 456 32.90 -55.72 81.21
CA PRO C 456 32.54 -57.04 81.72
C PRO C 456 33.62 -58.05 81.39
N THR C 457 34.39 -58.47 82.39
CA THR C 457 35.51 -59.38 82.18
C THR C 457 35.06 -60.84 82.32
N GLU C 458 33.92 -61.00 82.97
CA GLU C 458 33.32 -62.31 83.22
C GLU C 458 32.57 -62.84 82.01
N ARG C 459 33.21 -62.78 80.85
CA ARG C 459 32.58 -63.25 79.62
C ARG C 459 33.58 -64.00 78.74
N GLY C 460 34.78 -63.46 78.60
CA GLY C 460 35.78 -64.04 77.74
C GLY C 460 37.17 -63.56 78.08
N GLU C 461 38.18 -64.30 77.62
CA GLU C 461 39.56 -63.93 77.87
C GLU C 461 39.83 -62.59 77.20
N THR C 462 39.13 -62.35 76.11
CA THR C 462 39.29 -61.13 75.33
C THR C 462 38.82 -59.91 76.10
N TYR C 463 37.68 -60.02 76.78
CA TYR C 463 37.16 -58.91 77.57
C TYR C 463 38.18 -58.50 78.60
N GLN C 464 38.82 -59.51 79.18
CA GLN C 464 39.88 -59.30 80.15
C GLN C 464 41.09 -58.67 79.47
N LEU C 465 41.56 -59.35 78.41
CA LEU C 465 42.70 -58.92 77.62
C LEU C 465 42.54 -57.48 77.17
N ALA C 466 41.29 -57.10 76.99
CA ALA C 466 40.94 -55.73 76.68
C ALA C 466 41.19 -54.86 77.89
N LYS C 467 40.41 -55.10 78.94
CA LYS C 467 40.51 -54.34 80.17
C LYS C 467 41.95 -54.13 80.61
N GLU C 468 42.79 -55.14 80.43
CA GLU C 468 44.20 -54.99 80.76
C GLU C 468 44.87 -53.97 79.85
N LEU C 469 44.99 -54.31 78.56
CA LEU C 469 45.62 -53.44 77.57
C LEU C 469 45.04 -52.04 77.65
N GLY C 470 43.78 -51.97 78.01
CA GLY C 470 43.09 -50.70 78.16
C GLY C 470 43.73 -49.88 79.25
N GLN C 471 43.70 -50.41 80.47
CA GLN C 471 44.23 -49.70 81.62
C GLN C 471 45.67 -49.31 81.36
N GLN C 472 46.42 -50.23 80.74
CA GLN C 472 47.80 -49.94 80.37
C GLN C 472 47.83 -48.64 79.57
N LEU C 473 47.00 -48.59 78.53
CA LEU C 473 46.98 -47.43 77.65
C LEU C 473 46.55 -46.19 78.39
N ILE C 474 45.49 -46.31 79.19
CA ILE C 474 44.96 -45.14 79.89
C ILE C 474 46.04 -44.47 80.71
N GLU C 475 46.92 -45.30 81.27
CA GLU C 475 48.03 -44.81 82.07
C GLU C 475 49.06 -44.15 81.16
N ASN C 476 49.38 -44.82 80.06
CA ASN C 476 50.29 -44.28 79.07
C ASN C 476 49.88 -42.87 78.72
N CYS C 477 48.65 -42.74 78.24
CA CYS C 477 48.10 -41.48 77.79
C CYS C 477 48.21 -40.40 78.85
N LYS C 478 48.15 -40.82 80.11
CA LYS C 478 48.26 -39.87 81.21
C LYS C 478 49.64 -39.22 81.25
N GLU C 479 50.68 -40.01 81.01
CA GLU C 479 52.06 -39.50 81.07
C GLU C 479 52.50 -38.80 79.77
N VAL C 480 51.57 -38.65 78.83
CA VAL C 480 51.89 -38.00 77.55
C VAL C 480 51.14 -36.69 77.41
N LEU C 481 50.07 -36.51 78.18
CA LEU C 481 49.28 -35.28 78.14
C LEU C 481 50.15 -34.03 78.09
N GLY C 482 50.02 -33.25 77.01
CA GLY C 482 50.79 -32.04 76.83
C GLY C 482 52.06 -32.29 76.01
N LYS C 483 52.74 -33.39 76.32
CA LYS C 483 53.96 -33.76 75.65
C LYS C 483 53.73 -34.00 74.16
N PRO C 484 54.41 -33.21 73.32
CA PRO C 484 54.42 -33.24 71.85
C PRO C 484 54.31 -34.63 71.26
N PRO C 485 53.54 -34.76 70.16
CA PRO C 485 53.20 -36.01 69.46
C PRO C 485 54.33 -36.47 68.57
N VAL C 486 54.40 -37.78 68.32
CA VAL C 486 55.52 -38.33 67.56
C VAL C 486 55.15 -39.33 66.48
N TYR C 487 55.86 -39.21 65.37
CA TYR C 487 55.83 -40.19 64.32
C TYR C 487 56.81 -41.25 64.71
N LYS C 488 56.30 -42.45 64.95
CA LYS C 488 57.16 -43.60 65.24
C LYS C 488 56.71 -44.77 64.39
N ASP C 489 57.59 -45.21 63.50
CA ASP C 489 57.31 -46.38 62.67
C ASP C 489 57.57 -47.67 63.44
N VAL C 490 56.54 -48.49 63.53
CA VAL C 490 56.55 -49.66 64.39
C VAL C 490 56.37 -50.93 63.58
N SER C 491 56.23 -50.76 62.27
CA SER C 491 55.94 -51.88 61.41
C SER C 491 57.09 -52.88 61.39
N ILE C 492 56.81 -54.04 60.77
CA ILE C 492 57.86 -55.02 60.52
C ILE C 492 58.52 -54.75 59.17
N PRO C 493 59.81 -54.35 59.19
CA PRO C 493 60.55 -54.09 57.95
C PRO C 493 60.44 -55.28 57.01
N THR C 494 60.05 -55.03 55.77
CA THR C 494 59.72 -56.13 54.85
C THR C 494 60.50 -56.04 53.54
N GLY C 495 60.70 -57.19 52.89
CA GLY C 495 61.44 -57.27 51.63
C GLY C 495 60.69 -57.90 50.47
N PRO C 496 61.33 -57.96 49.29
CA PRO C 496 60.70 -58.43 48.04
C PRO C 496 60.82 -59.94 47.90
N GLN C 497 59.73 -60.61 47.56
CA GLN C 497 59.80 -62.04 47.30
C GLN C 497 58.96 -62.48 46.10
N THR C 498 59.62 -62.58 44.95
CA THR C 498 58.95 -63.00 43.72
C THR C 498 59.02 -64.52 43.53
N THR C 499 57.87 -65.13 43.30
CA THR C 499 57.73 -66.59 43.25
C THR C 499 57.04 -67.05 41.97
N ILE C 500 57.56 -68.12 41.35
CA ILE C 500 56.89 -68.69 40.18
C ILE C 500 56.25 -70.04 40.48
N ASP C 501 54.95 -70.11 40.24
CA ASP C 501 54.12 -71.28 40.52
C ASP C 501 54.65 -72.54 39.82
N ALA C 502 54.19 -73.70 40.28
CA ALA C 502 54.46 -74.94 39.56
C ALA C 502 53.68 -74.93 38.25
N ARG C 503 52.56 -74.21 38.25
CA ARG C 503 51.74 -74.06 37.05
C ARG C 503 51.99 -72.75 36.29
N GLY C 504 53.19 -72.19 36.43
CA GLY C 504 53.62 -71.03 35.66
C GLY C 504 53.22 -69.67 36.20
N ASN C 505 52.27 -69.63 37.13
CA ASN C 505 51.79 -68.37 37.68
C ASN C 505 52.88 -67.59 38.38
N ILE C 506 53.01 -66.32 38.04
CA ILE C 506 53.98 -65.46 38.71
C ILE C 506 53.30 -64.69 39.82
N GLN C 507 53.88 -64.73 41.01
CA GLN C 507 53.39 -63.91 42.13
C GLN C 507 54.52 -63.21 42.88
N TYR C 508 54.18 -62.09 43.50
CA TYR C 508 55.15 -61.33 44.28
C TYR C 508 54.51 -60.92 45.59
N GLN C 509 55.10 -61.38 46.68
CA GLN C 509 54.64 -61.02 48.02
C GLN C 509 55.64 -60.10 48.69
N GLU C 510 55.27 -59.61 49.86
CA GLU C 510 56.24 -58.92 50.70
C GLU C 510 56.39 -59.71 51.98
N VAL C 511 57.56 -60.31 52.14
CA VAL C 511 57.87 -61.14 53.32
C VAL C 511 58.64 -60.33 54.34
N PRO C 512 58.41 -60.63 55.64
CA PRO C 512 59.21 -59.96 56.66
C PRO C 512 60.68 -60.25 56.41
N ARG C 513 61.54 -59.24 56.59
CA ARG C 513 62.96 -59.46 56.49
C ARG C 513 63.36 -60.42 57.59
N ALA C 514 64.12 -61.43 57.23
CA ALA C 514 64.46 -62.51 58.16
C ALA C 514 65.38 -62.04 59.29
N SER C 515 66.02 -60.89 59.12
CA SER C 515 67.02 -60.44 60.08
C SER C 515 66.73 -59.08 60.71
N ALA C 516 65.55 -58.51 60.44
CA ALA C 516 65.17 -57.25 61.07
C ALA C 516 63.73 -57.32 61.56
N ARG C 517 63.51 -56.86 62.78
CA ARG C 517 62.19 -56.93 63.38
C ARG C 517 61.59 -55.54 63.56
N LYS C 518 62.35 -54.68 64.23
CA LYS C 518 61.95 -53.29 64.42
C LYS C 518 62.70 -52.41 63.44
N PHE C 519 62.45 -51.12 63.52
CA PHE C 519 63.10 -50.17 62.63
C PHE C 519 64.50 -49.81 63.12
N GLU C 520 64.76 -50.07 64.40
CA GLU C 520 66.10 -49.89 64.93
C GLU C 520 67.02 -50.85 64.18
N HIS C 521 66.54 -52.08 64.02
CA HIS C 521 67.23 -53.10 63.25
C HIS C 521 67.49 -52.62 61.83
N TYR C 522 66.49 -51.93 61.29
CA TYR C 522 66.60 -51.35 59.97
C TYR C 522 67.71 -50.30 59.96
N VAL C 523 67.60 -49.28 60.80
CA VAL C 523 68.58 -48.21 60.79
C VAL C 523 69.98 -48.80 60.81
N LYS C 524 70.23 -49.63 61.82
CA LYS C 524 71.51 -50.27 61.96
C LYS C 524 71.90 -50.95 60.66
N GLN C 525 71.09 -51.93 60.25
CA GLN C 525 71.38 -52.72 59.04
C GLN C 525 71.82 -51.82 57.88
N MET C 526 71.21 -50.64 57.82
CA MET C 526 71.51 -49.67 56.78
C MET C 526 72.92 -49.11 56.99
N ALA C 527 73.14 -48.46 58.12
CA ALA C 527 74.45 -47.90 58.48
C ALA C 527 75.62 -48.91 58.38
N GLU C 528 75.31 -50.19 58.55
CA GLU C 528 76.34 -51.23 58.44
C GLU C 528 77.11 -51.03 57.15
N GLY C 529 76.38 -51.18 56.04
CA GLY C 529 76.95 -51.09 54.72
C GLY C 529 76.74 -52.41 54.01
N GLY C 530 77.48 -52.61 52.94
CA GLY C 530 77.42 -53.83 52.17
C GLY C 530 78.78 -54.08 51.57
N PRO C 531 79.07 -55.33 51.22
CA PRO C 531 80.35 -55.70 50.59
C PRO C 531 80.60 -54.86 49.34
N ILE C 532 79.58 -54.76 48.49
CA ILE C 532 79.70 -54.01 47.24
C ILE C 532 80.16 -52.57 47.49
N SER C 533 79.76 -51.99 48.62
CA SER C 533 80.15 -50.65 49.00
C SER C 533 81.43 -50.62 49.79
N GLN C 534 82.55 -50.83 49.11
CA GLN C 534 83.83 -50.65 49.77
C GLN C 534 84.37 -49.27 49.47
N TYR C 535 85.35 -48.89 50.27
CA TYR C 535 85.83 -47.53 50.34
C TYR C 535 86.36 -46.96 49.03
N SER C 536 86.61 -45.65 49.07
CA SER C 536 87.41 -44.95 48.10
C SER C 536 88.85 -45.09 48.61
N ASN C 537 89.78 -45.48 47.74
CA ASN C 537 91.20 -45.64 48.13
C ASN C 537 91.70 -44.46 48.96
N ARG C 538 91.06 -43.33 48.68
CA ARG C 538 91.51 -41.97 48.97
C ARG C 538 91.16 -41.50 50.39
N THR C 539 89.98 -41.87 50.88
CA THR C 539 89.53 -41.40 52.18
C THR C 539 90.48 -41.86 53.30
N LYS C 540 91.10 -43.03 53.10
CA LYS C 540 92.10 -43.54 54.04
C LYS C 540 93.45 -42.84 53.90
N VAL C 541 93.94 -42.71 52.66
CA VAL C 541 95.21 -42.03 52.41
C VAL C 541 95.19 -40.64 53.03
N GLN C 542 94.00 -40.03 53.01
CA GLN C 542 93.80 -38.67 53.47
C GLN C 542 93.78 -38.58 54.99
N ASN C 543 92.85 -39.32 55.61
CA ASN C 543 92.72 -39.28 57.07
C ASN C 543 93.98 -39.78 57.79
N ASP C 544 94.80 -40.54 57.06
CA ASP C 544 96.06 -41.06 57.59
C ASP C 544 97.12 -39.95 57.61
N LEU C 545 97.41 -39.40 56.43
CA LEU C 545 98.31 -38.24 56.33
C LEU C 545 97.87 -37.16 57.31
N ARG C 546 96.56 -37.07 57.53
CA ARG C 546 95.99 -36.13 58.48
C ARG C 546 96.73 -36.24 59.81
N SER C 547 96.55 -37.38 60.49
CA SER C 547 97.10 -37.58 61.82
C SER C 547 98.64 -37.65 61.83
N VAL C 548 99.23 -38.01 60.68
CA VAL C 548 100.68 -37.95 60.53
C VAL C 548 101.13 -36.52 60.73
N TYR C 549 100.34 -35.60 60.18
CA TYR C 549 100.61 -34.19 60.37
C TYR C 549 100.36 -33.82 61.83
N LYS C 550 99.19 -34.18 62.35
CA LYS C 550 98.80 -33.82 63.71
C LYS C 550 99.83 -34.31 64.74
N LEU C 551 100.56 -35.35 64.35
CA LEU C 551 101.60 -35.95 65.17
C LEU C 551 102.89 -35.15 65.05
N ILE C 552 103.46 -35.13 63.85
CA ILE C 552 104.65 -34.36 63.53
C ILE C 552 104.54 -32.92 63.99
N ARG C 553 103.33 -32.40 63.92
CA ARG C 553 103.01 -31.01 64.25
C ARG C 553 103.02 -30.81 65.75
N ARG C 554 102.04 -31.40 66.43
CA ARG C 554 101.88 -31.24 67.87
C ARG C 554 102.91 -32.04 68.68
N GLN C 555 104.17 -31.92 68.26
CA GLN C 555 105.32 -32.51 68.95
C GLN C 555 106.58 -31.77 68.50
N HIS C 556 106.68 -30.54 68.98
CA HIS C 556 107.67 -29.55 68.54
C HIS C 556 109.09 -29.81 69.08
N ARG C 557 109.90 -30.48 68.26
CA ARG C 557 111.31 -30.75 68.58
C ARG C 557 112.14 -31.01 67.31
N LEU C 558 111.44 -31.12 66.18
CA LEU C 558 112.08 -31.18 64.87
C LEU C 558 112.32 -29.74 64.44
N SER C 559 113.42 -29.49 63.74
CA SER C 559 113.70 -28.13 63.29
C SER C 559 112.59 -27.62 62.38
N LYS C 560 112.30 -26.32 62.46
CA LYS C 560 111.29 -25.71 61.60
C LYS C 560 111.74 -25.71 60.13
N SER C 561 112.96 -26.18 59.88
CA SER C 561 113.47 -26.40 58.52
C SER C 561 112.78 -27.63 57.95
N SER C 562 112.47 -28.57 58.84
CA SER C 562 111.89 -29.84 58.49
C SER C 562 110.37 -29.77 58.54
N GLN C 563 109.86 -29.19 59.62
CA GLN C 563 108.42 -29.02 59.80
C GLN C 563 107.85 -28.17 58.67
N LEU C 564 108.55 -27.09 58.34
CA LEU C 564 108.13 -26.19 57.26
C LEU C 564 108.15 -26.90 55.91
N GLN C 565 109.01 -27.91 55.80
CA GLN C 565 109.20 -28.65 54.57
C GLN C 565 108.43 -29.97 54.61
N PHE C 566 107.71 -30.21 55.70
CA PHE C 566 106.88 -31.40 55.77
C PHE C 566 105.52 -31.17 55.15
N ASN C 567 104.86 -30.12 55.59
CA ASN C 567 103.55 -29.78 55.05
C ASN C 567 103.68 -29.35 53.59
N ALA C 568 104.89 -28.96 53.20
CA ALA C 568 105.17 -28.67 51.81
C ALA C 568 105.00 -29.96 51.01
N LEU C 569 105.70 -30.99 51.46
CA LEU C 569 105.65 -32.31 50.85
C LEU C 569 104.34 -32.99 51.19
N TYR C 570 103.55 -32.35 52.05
CA TYR C 570 102.25 -32.86 52.48
C TYR C 570 101.16 -32.34 51.57
N LYS C 571 101.14 -31.03 51.40
CA LYS C 571 100.21 -30.37 50.49
C LYS C 571 100.31 -31.00 49.11
N ASP C 572 101.55 -31.20 48.65
CA ASP C 572 101.83 -31.85 47.37
C ASP C 572 100.99 -33.10 47.18
N VAL C 573 101.01 -33.93 48.21
CA VAL C 573 100.33 -35.22 48.18
C VAL C 573 98.81 -35.07 48.13
N ILE C 574 98.29 -34.10 48.88
CA ILE C 574 96.85 -33.84 48.89
C ILE C 574 96.38 -33.39 47.51
N ARG C 575 97.06 -32.38 46.99
CA ARG C 575 96.70 -31.83 45.69
C ARG C 575 96.70 -32.95 44.66
N ALA C 576 97.82 -33.63 44.51
CA ALA C 576 97.97 -34.66 43.48
C ALA C 576 96.81 -35.65 43.51
N LEU C 577 96.38 -36.04 44.71
CA LEU C 577 95.27 -36.97 44.87
C LEU C 577 93.98 -36.42 44.29
N ALA C 578 93.81 -35.11 44.48
CA ALA C 578 92.63 -34.39 44.03
C ALA C 578 92.60 -34.21 42.49
N MET C 579 93.71 -33.76 41.93
CA MET C 579 93.77 -33.38 40.52
C MET C 579 93.87 -34.58 39.57
N ASN C 580 94.76 -35.52 39.84
CA ASN C 580 94.72 -36.78 39.09
C ASN C 580 94.80 -38.00 40.00
N GLU C 581 93.65 -38.44 40.46
CA GLU C 581 93.55 -39.58 41.35
C GLU C 581 94.00 -40.85 40.63
N SER C 582 93.75 -40.93 39.33
CA SER C 582 94.06 -42.13 38.54
C SER C 582 95.54 -42.49 38.44
N GLN C 583 96.44 -41.50 38.44
CA GLN C 583 97.86 -41.80 38.33
C GLN C 583 98.48 -42.20 39.66
N ILE C 584 98.13 -41.46 40.70
CA ILE C 584 98.67 -41.70 42.03
C ILE C 584 98.37 -43.09 42.59
N MET C 585 97.24 -43.68 42.22
CA MET C 585 96.68 -44.77 43.03
C MET C 585 96.51 -46.05 42.24
N GLN C 586 96.89 -45.94 40.96
CA GLN C 586 96.48 -46.91 39.91
C GLN C 586 96.28 -48.34 40.40
N GLU C 610 87.04 -49.31 53.80
CA GLU C 610 86.34 -50.52 54.17
C GLU C 610 84.88 -50.41 53.69
N THR C 611 84.02 -49.70 54.44
CA THR C 611 82.58 -49.68 54.11
C THR C 611 81.82 -48.33 54.02
N ILE C 612 80.92 -48.27 53.03
CA ILE C 612 80.05 -47.11 52.82
C ILE C 612 78.55 -47.43 53.02
N PRO C 613 77.86 -46.55 53.76
CA PRO C 613 76.47 -46.80 54.11
C PRO C 613 75.56 -46.52 52.96
N PHE C 614 74.64 -47.45 52.83
CA PHE C 614 73.44 -47.33 52.04
C PHE C 614 72.64 -46.03 52.15
N LEU C 615 72.94 -45.20 53.13
CA LEU C 615 72.23 -43.92 53.29
C LEU C 615 73.21 -42.90 53.84
N HIS C 616 73.76 -42.05 53.00
CA HIS C 616 74.72 -41.11 53.52
C HIS C 616 74.46 -39.74 53.00
N LEU C 617 75.11 -38.76 53.59
CA LEU C 617 75.04 -37.42 53.09
C LEU C 617 76.41 -37.14 52.53
N ARG C 618 76.50 -36.23 51.58
CA ARG C 618 77.78 -35.90 50.99
C ARG C 618 78.06 -34.43 51.21
N LYS C 619 79.28 -34.01 50.89
CA LYS C 619 79.59 -32.59 50.93
C LYS C 619 80.42 -32.23 49.73
N LYS C 620 80.57 -30.93 49.50
CA LYS C 620 81.15 -30.45 48.27
C LYS C 620 82.67 -30.24 48.33
N ASP C 621 83.33 -30.94 47.42
CA ASP C 621 84.74 -30.82 47.13
C ASP C 621 85.03 -29.36 46.75
N GLU C 622 86.29 -28.95 46.83
CA GLU C 622 86.70 -27.64 46.31
C GLU C 622 86.32 -27.53 44.83
N PHE C 623 86.36 -28.68 44.16
CA PHE C 623 86.01 -28.78 42.75
C PHE C 623 84.59 -29.32 42.63
N GLY C 624 83.68 -28.67 43.35
CA GLY C 624 82.26 -29.02 43.35
C GLY C 624 81.95 -30.49 43.15
N ASN C 625 82.38 -31.33 44.08
CA ASN C 625 82.12 -32.76 43.99
C ASN C 625 81.44 -33.29 45.24
N TRP C 626 80.54 -34.25 45.07
CA TRP C 626 79.80 -34.78 46.22
C TRP C 626 80.37 -36.09 46.74
N GLU C 627 81.36 -35.98 47.62
CA GLU C 627 82.02 -37.13 48.23
C GLU C 627 81.43 -37.41 49.60
N TYR C 628 81.30 -38.70 49.90
CA TYR C 628 80.86 -39.18 51.22
C TYR C 628 81.49 -38.33 52.35
N SER C 629 80.67 -37.95 53.34
CA SER C 629 81.13 -37.25 54.55
C SER C 629 80.63 -37.95 55.79
N LYS C 630 81.45 -38.82 56.35
CA LYS C 630 81.04 -39.57 57.55
C LYS C 630 80.54 -38.62 58.61
N LYS C 631 81.10 -37.40 58.65
CA LYS C 631 80.70 -36.44 59.68
C LYS C 631 79.19 -36.22 59.68
N LEU C 632 78.66 -35.98 58.48
CA LEU C 632 77.26 -35.70 58.30
C LEU C 632 76.45 -36.96 58.36
N THR C 633 76.83 -37.94 57.54
CA THR C 633 76.13 -39.21 57.51
C THR C 633 75.88 -39.68 58.93
N GLY C 634 76.81 -39.34 59.81
CA GLY C 634 76.67 -39.60 61.22
C GLY C 634 75.42 -38.89 61.70
N ILE C 635 75.50 -37.58 61.79
CA ILE C 635 74.41 -36.76 62.31
C ILE C 635 73.05 -37.19 61.78
N TYR C 636 73.00 -37.54 60.48
CA TYR C 636 71.75 -37.95 59.89
C TYR C 636 71.34 -39.31 60.43
N LEU C 637 72.19 -40.31 60.22
CA LEU C 637 71.86 -41.68 60.60
C LEU C 637 71.67 -41.78 62.09
N ASP C 638 72.15 -40.77 62.83
CA ASP C 638 72.03 -40.71 64.27
C ASP C 638 70.61 -40.32 64.70
N GLY C 639 70.13 -39.20 64.15
CA GLY C 639 68.75 -38.81 64.35
C GLY C 639 67.82 -39.86 63.78
N LEU C 640 68.23 -40.46 62.67
CA LEU C 640 67.48 -41.51 62.00
C LEU C 640 67.29 -42.72 62.91
N GLU C 641 68.21 -42.86 63.87
CA GLU C 641 68.12 -43.92 64.87
C GLU C 641 67.15 -43.47 65.95
N ALA C 642 67.49 -42.35 66.60
CA ALA C 642 66.66 -41.76 67.64
C ALA C 642 65.20 -41.63 67.18
N ALA C 643 65.00 -41.50 65.88
CA ALA C 643 63.67 -41.49 65.32
C ALA C 643 63.02 -42.83 65.57
N ALA C 644 63.65 -43.90 65.09
CA ALA C 644 63.07 -45.23 65.20
C ALA C 644 62.88 -45.67 66.64
N ARG C 645 63.71 -45.14 67.53
CA ARG C 645 63.61 -45.44 68.96
C ARG C 645 62.52 -44.65 69.68
N SER C 646 62.82 -43.41 70.04
CA SER C 646 61.89 -42.58 70.82
C SER C 646 60.82 -41.92 69.96
N GLY C 647 61.12 -41.75 68.67
CA GLY C 647 60.16 -41.15 67.77
C GLY C 647 60.49 -39.71 67.44
N LEU C 648 59.95 -39.24 66.32
CA LEU C 648 60.23 -37.91 65.82
C LEU C 648 58.97 -37.05 65.72
N THR C 649 59.04 -35.80 66.19
CA THR C 649 57.88 -34.93 66.22
C THR C 649 58.00 -33.80 65.23
N PHE C 650 56.84 -33.28 64.82
CA PHE C 650 56.77 -32.18 63.88
C PHE C 650 55.92 -31.04 64.40
N GLN C 651 55.54 -31.13 65.67
CA GLN C 651 54.67 -30.13 66.32
C GLN C 651 54.92 -28.69 65.93
N GLY C 652 53.85 -27.99 65.54
CA GLY C 652 53.90 -26.57 65.30
C GLY C 652 54.45 -26.19 63.94
N LYS C 653 54.76 -27.18 63.12
CA LYS C 653 55.32 -26.88 61.82
C LYS C 653 54.29 -27.02 60.71
N HIS C 654 54.42 -26.18 59.68
CA HIS C 654 53.51 -26.14 58.54
C HIS C 654 54.21 -26.63 57.27
N ALA C 655 53.54 -27.47 56.48
CA ALA C 655 54.15 -28.03 55.27
C ALA C 655 53.21 -28.18 54.08
N LEU C 656 53.69 -27.80 52.90
CA LEU C 656 52.96 -28.00 51.66
C LEU C 656 53.43 -29.27 50.98
N MET C 657 52.50 -30.01 50.37
CA MET C 657 52.87 -31.28 49.75
C MET C 657 52.15 -31.55 48.42
N THR C 658 52.89 -31.48 47.31
CA THR C 658 52.32 -31.81 46.00
C THR C 658 52.78 -33.15 45.52
N GLY C 659 51.84 -34.01 45.15
CA GLY C 659 52.19 -35.31 44.63
C GLY C 659 51.87 -36.39 45.63
N ALA C 660 51.12 -36.03 46.65
CA ALA C 660 50.79 -36.93 47.73
C ALA C 660 49.62 -37.86 47.40
N GLY C 661 49.53 -38.31 46.16
CA GLY C 661 48.42 -39.15 45.74
C GLY C 661 48.32 -40.39 46.60
N ALA C 662 47.19 -41.07 46.55
CA ALA C 662 47.01 -42.30 47.31
C ALA C 662 47.98 -43.39 46.86
N GLY C 663 48.53 -44.14 47.82
CA GLY C 663 49.47 -45.22 47.56
C GLY C 663 50.81 -44.75 46.99
N SER C 664 51.37 -43.70 47.60
CA SER C 664 52.58 -43.10 47.07
C SER C 664 53.54 -42.72 48.17
N ILE C 665 54.79 -42.48 47.78
CA ILE C 665 55.82 -42.03 48.72
C ILE C 665 55.34 -40.81 49.51
N GLY C 666 54.83 -39.81 48.80
CA GLY C 666 54.28 -38.63 49.44
C GLY C 666 53.18 -38.96 50.42
N ALA C 667 52.33 -39.92 50.08
CA ALA C 667 51.21 -40.29 50.94
C ALA C 667 51.71 -40.70 52.28
N GLU C 668 52.73 -41.56 52.27
CA GLU C 668 53.33 -42.05 53.50
C GLU C 668 53.99 -40.91 54.26
N VAL C 669 54.85 -40.16 53.58
CA VAL C 669 55.50 -39.02 54.23
C VAL C 669 54.46 -38.13 54.88
N LEU C 670 53.31 -37.99 54.25
CA LEU C 670 52.24 -37.16 54.79
C LEU C 670 51.84 -37.61 56.17
N GLN C 671 51.35 -38.85 56.27
CA GLN C 671 50.94 -39.44 57.53
C GLN C 671 51.98 -39.22 58.62
N GLY C 672 53.24 -39.23 58.22
CA GLY C 672 54.33 -38.93 59.14
C GLY C 672 54.12 -37.57 59.79
N LEU C 673 54.18 -36.51 58.99
CA LEU C 673 54.02 -35.17 59.51
C LEU C 673 52.70 -35.02 60.27
N LEU C 674 51.70 -35.78 59.87
CA LEU C 674 50.41 -35.71 60.51
C LEU C 674 50.43 -36.31 61.91
N SER C 675 51.26 -37.33 62.11
CA SER C 675 51.40 -37.92 63.45
C SER C 675 52.19 -36.99 64.35
N GLY C 676 53.09 -36.20 63.77
CA GLY C 676 53.71 -35.10 64.48
C GLY C 676 52.63 -34.04 64.55
N GLY C 677 52.91 -32.89 65.15
CA GLY C 677 51.89 -31.87 65.27
C GLY C 677 51.66 -31.06 64.00
N ALA C 678 52.03 -31.65 62.87
CA ALA C 678 52.17 -30.87 61.65
C ALA C 678 50.86 -30.51 61.01
N LYS C 679 50.83 -29.29 60.48
CA LYS C 679 49.73 -28.84 59.63
C LYS C 679 50.24 -28.86 58.21
N VAL C 680 49.61 -29.68 57.37
CA VAL C 680 50.00 -29.77 55.98
C VAL C 680 48.86 -29.40 55.05
N ILE C 681 49.24 -28.90 53.88
CA ILE C 681 48.30 -28.59 52.82
C ILE C 681 48.59 -29.47 51.62
N VAL C 682 47.64 -30.34 51.28
CA VAL C 682 47.88 -31.32 50.24
C VAL C 682 47.11 -31.00 48.97
N THR C 683 47.81 -31.02 47.84
CA THR C 683 47.20 -30.71 46.55
C THR C 683 46.88 -31.97 45.74
N THR C 684 45.67 -32.02 45.19
CA THR C 684 45.27 -33.14 44.33
C THR C 684 44.75 -32.69 42.96
N SER C 685 45.08 -33.49 41.96
CA SER C 685 44.70 -33.21 40.59
C SER C 685 43.55 -34.10 40.16
N ARG C 686 43.08 -34.93 41.07
CA ARG C 686 41.83 -35.65 40.86
C ARG C 686 40.95 -35.39 42.06
N PHE C 687 40.27 -34.26 42.07
CA PHE C 687 39.53 -33.85 43.24
C PHE C 687 38.11 -34.43 43.23
N SER C 688 37.97 -35.67 43.69
CA SER C 688 36.69 -36.35 43.76
C SER C 688 36.34 -36.70 45.19
N ARG C 689 35.09 -37.08 45.44
CA ARG C 689 34.69 -37.45 46.80
C ARG C 689 35.59 -38.61 47.20
N GLN C 690 35.92 -39.46 46.23
CA GLN C 690 36.74 -40.62 46.52
C GLN C 690 38.09 -40.23 47.11
N VAL C 691 38.68 -39.17 46.58
CA VAL C 691 39.94 -38.66 47.10
C VAL C 691 39.77 -37.79 48.35
N THR C 692 38.68 -37.02 48.39
CA THR C 692 38.28 -36.30 49.59
C THR C 692 38.26 -37.29 50.74
N GLU C 693 37.54 -38.39 50.57
CA GLU C 693 37.45 -39.43 51.60
C GLU C 693 38.81 -39.98 52.03
N TYR C 694 39.55 -40.54 51.08
CA TYR C 694 40.87 -41.07 51.34
C TYR C 694 41.65 -40.24 52.35
N TYR C 695 41.73 -38.94 52.12
CA TYR C 695 42.50 -38.06 53.00
C TYR C 695 41.89 -37.88 54.37
N GLN C 696 40.58 -37.72 54.45
CA GLN C 696 39.93 -37.64 55.75
C GLN C 696 40.12 -38.98 56.46
N GLY C 697 40.10 -40.07 55.70
CA GLY C 697 40.39 -41.38 56.26
C GLY C 697 41.75 -41.29 56.92
N ILE C 698 42.74 -40.88 56.14
CA ILE C 698 44.08 -40.68 56.68
C ILE C 698 44.10 -39.82 57.93
N TYR C 699 43.36 -38.71 57.94
CA TYR C 699 43.46 -37.81 59.09
C TYR C 699 42.76 -38.34 60.34
N ALA C 700 41.80 -39.23 60.15
CA ALA C 700 41.08 -39.78 61.29
C ALA C 700 42.00 -40.68 62.06
N ARG C 701 43.02 -41.16 61.37
CA ARG C 701 43.92 -42.17 61.92
C ARG C 701 45.28 -41.60 62.33
N CYS C 702 45.71 -40.51 61.72
CA CYS C 702 47.05 -39.99 61.94
C CYS C 702 47.05 -38.61 62.57
N GLY C 703 45.88 -38.06 62.78
CA GLY C 703 45.76 -36.68 63.20
C GLY C 703 46.02 -36.49 64.67
N ALA C 704 47.27 -36.17 65.01
CA ALA C 704 47.61 -35.89 66.40
C ALA C 704 47.07 -34.53 66.74
N ARG C 705 46.76 -34.30 68.01
CA ARG C 705 46.34 -32.98 68.43
C ARG C 705 47.34 -31.95 67.89
N GLY C 706 46.85 -30.78 67.50
CA GLY C 706 47.72 -29.77 66.93
C GLY C 706 47.81 -29.81 65.42
N SER C 707 47.58 -31.01 64.86
CA SER C 707 47.71 -31.23 63.43
C SER C 707 46.49 -30.76 62.66
N GLN C 708 46.66 -30.56 61.35
CA GLN C 708 45.59 -30.10 60.47
C GLN C 708 45.84 -30.54 59.04
N LEU C 709 44.80 -31.03 58.37
CA LEU C 709 44.92 -31.45 56.98
C LEU C 709 44.02 -30.60 56.10
N VAL C 710 44.62 -29.90 55.15
CA VAL C 710 43.85 -29.10 54.21
C VAL C 710 44.09 -29.61 52.79
N VAL C 711 43.07 -30.25 52.21
CA VAL C 711 43.15 -30.72 50.83
C VAL C 711 42.53 -29.69 49.88
N VAL C 712 43.11 -29.60 48.69
CA VAL C 712 42.82 -28.54 47.78
C VAL C 712 43.00 -29.10 46.38
N PRO C 713 42.23 -28.60 45.41
CA PRO C 713 42.45 -29.02 44.03
C PRO C 713 43.57 -28.18 43.47
N PHE C 714 44.47 -28.76 42.70
CA PHE C 714 45.63 -28.04 42.20
C PHE C 714 46.14 -28.73 40.95
N ASN C 715 46.88 -27.99 40.12
CA ASN C 715 47.40 -28.51 38.87
C ASN C 715 48.73 -27.88 38.54
N GLN C 716 49.82 -28.54 38.93
CA GLN C 716 51.12 -27.91 38.86
C GLN C 716 51.53 -27.65 37.43
N GLY C 717 50.70 -28.11 36.49
CA GLY C 717 50.90 -27.77 35.10
C GLY C 717 50.56 -26.32 34.80
N SER C 718 49.94 -25.66 35.78
CA SER C 718 49.46 -24.30 35.58
C SER C 718 50.26 -23.26 36.32
N LYS C 719 50.80 -22.30 35.59
CA LYS C 719 51.53 -21.17 36.17
C LYS C 719 50.66 -20.41 37.16
N GLN C 720 49.41 -20.18 36.77
CA GLN C 720 48.47 -19.43 37.61
C GLN C 720 48.17 -20.19 38.89
N ASP C 721 47.78 -21.46 38.74
CA ASP C 721 47.52 -22.33 39.87
C ASP C 721 48.63 -22.19 40.89
N VAL C 722 49.86 -22.40 40.43
CA VAL C 722 51.00 -22.27 41.29
C VAL C 722 50.98 -20.94 42.03
N GLU C 723 51.00 -19.84 41.31
CA GLU C 723 51.07 -18.55 41.97
C GLU C 723 49.80 -18.24 42.74
N ALA C 724 48.77 -19.05 42.54
CA ALA C 724 47.51 -18.86 43.24
C ALA C 724 47.47 -19.64 44.53
N LEU C 725 47.81 -20.93 44.42
CA LEU C 725 47.95 -21.80 45.57
C LEU C 725 48.74 -21.08 46.63
N VAL C 726 49.90 -20.58 46.23
CA VAL C 726 50.81 -19.92 47.14
C VAL C 726 50.14 -18.81 47.92
N ASN C 727 49.19 -18.13 47.30
CA ASN C 727 48.52 -17.03 47.97
C ASN C 727 47.39 -17.46 48.88
N TYR C 728 46.79 -18.61 48.61
CA TYR C 728 45.81 -19.16 49.53
C TYR C 728 46.52 -19.46 50.82
N ILE C 729 47.74 -19.98 50.66
CA ILE C 729 48.53 -20.39 51.80
C ILE C 729 48.94 -19.21 52.67
N TYR C 730 49.28 -18.09 52.04
CA TYR C 730 49.84 -16.96 52.76
C TYR C 730 48.87 -15.81 52.99
N ASP C 731 47.64 -15.92 52.53
CA ASP C 731 46.71 -14.80 52.73
C ASP C 731 46.18 -14.76 54.13
N THR C 732 46.35 -13.62 54.78
CA THR C 732 45.92 -13.43 56.15
C THR C 732 44.39 -13.37 56.25
N LYS C 733 43.76 -12.65 55.32
CA LYS C 733 42.32 -12.38 55.37
C LYS C 733 41.46 -13.55 54.97
N ASN C 734 41.48 -13.89 53.68
CA ASN C 734 40.63 -14.96 53.16
C ASN C 734 41.37 -16.27 52.95
N GLY C 735 42.69 -16.22 53.03
CA GLY C 735 43.52 -17.39 52.89
C GLY C 735 43.51 -18.23 54.16
N LEU C 736 44.45 -19.17 54.27
CA LEU C 736 44.59 -19.90 55.51
C LEU C 736 45.84 -19.44 56.25
N GLY C 737 46.33 -18.29 55.83
CA GLY C 737 47.33 -17.52 56.55
C GLY C 737 48.46 -18.22 57.26
N TRP C 738 49.07 -19.20 56.62
CA TRP C 738 50.20 -19.90 57.20
C TRP C 738 51.53 -19.23 56.86
N ASP C 739 52.59 -19.94 57.22
CA ASP C 739 53.91 -19.72 56.66
C ASP C 739 54.55 -21.09 56.60
N LEU C 740 55.23 -21.40 55.49
CA LEU C 740 55.69 -22.76 55.23
C LEU C 740 57.05 -23.12 55.82
N ASP C 741 57.14 -24.33 56.39
CA ASP C 741 58.33 -24.87 57.04
C ASP C 741 58.94 -25.95 56.14
N TYR C 742 58.08 -26.75 55.54
CA TYR C 742 58.54 -27.78 54.65
C TYR C 742 57.79 -27.64 53.34
N VAL C 743 58.46 -27.96 52.24
CA VAL C 743 57.83 -28.02 50.94
C VAL C 743 58.30 -29.30 50.29
N VAL C 744 57.37 -30.16 49.97
CA VAL C 744 57.70 -31.50 49.47
C VAL C 744 57.11 -31.72 48.06
N PRO C 745 57.87 -31.30 47.03
CA PRO C 745 57.40 -31.19 45.65
C PRO C 745 57.46 -32.46 44.84
N PHE C 746 56.59 -33.43 45.16
CA PHE C 746 56.58 -34.71 44.45
C PHE C 746 55.56 -34.78 43.32
N ALA C 747 55.22 -33.63 42.76
CA ALA C 747 54.36 -33.59 41.59
C ALA C 747 55.02 -34.34 40.44
N ALA C 748 54.34 -35.31 39.83
CA ALA C 748 54.97 -36.08 38.75
C ALA C 748 54.02 -36.74 37.77
N ILE C 749 54.48 -36.85 36.53
CA ILE C 749 53.77 -37.54 35.45
C ILE C 749 54.63 -38.62 34.84
N PRO C 750 54.05 -39.81 34.70
CA PRO C 750 54.66 -40.98 34.07
C PRO C 750 54.89 -40.74 32.58
N GLU C 751 56.11 -40.38 32.18
CA GLU C 751 56.43 -40.20 30.76
C GLU C 751 57.00 -41.45 30.12
N ASN C 752 57.00 -42.54 30.89
CA ASN C 752 57.43 -43.85 30.44
C ASN C 752 57.20 -44.11 28.95
N GLY C 753 58.25 -44.52 28.23
CA GLY C 753 58.08 -45.04 26.88
C GLY C 753 58.69 -44.31 25.71
N ARG C 754 59.32 -43.16 25.97
CA ARG C 754 59.82 -42.37 24.86
C ARG C 754 61.28 -41.92 24.93
N GLU C 755 61.98 -42.07 23.79
CA GLU C 755 63.36 -41.60 23.66
C GLU C 755 63.37 -40.20 23.07
N ILE C 756 64.54 -39.59 22.95
CA ILE C 756 64.64 -38.28 22.34
C ILE C 756 64.06 -38.38 20.93
N ASP C 757 63.96 -39.63 20.49
CA ASP C 757 63.25 -40.03 19.29
C ASP C 757 62.01 -39.18 19.12
N SER C 758 61.29 -38.98 20.22
CA SER C 758 60.00 -38.31 20.19
C SER C 758 59.62 -37.70 21.53
N ILE C 759 59.93 -36.42 21.71
CA ILE C 759 59.48 -35.72 22.91
C ILE C 759 58.07 -35.18 22.68
N ASP C 760 57.06 -35.98 23.01
CA ASP C 760 55.67 -35.61 22.73
C ASP C 760 55.14 -34.48 23.61
N SER C 761 53.87 -34.17 23.42
CA SER C 761 53.16 -33.22 24.27
C SER C 761 53.34 -33.59 25.73
N LYS C 762 52.90 -34.80 26.08
CA LYS C 762 52.95 -35.28 27.46
C LYS C 762 54.28 -34.92 28.12
N SER C 763 55.39 -35.23 27.43
CA SER C 763 56.73 -34.98 27.96
C SER C 763 56.93 -33.52 28.27
N GLU C 764 56.63 -32.66 27.31
CA GLU C 764 56.80 -31.23 27.56
C GLU C 764 55.98 -30.79 28.75
N LEU C 765 54.75 -31.31 28.82
CA LEU C 765 53.91 -31.01 29.96
C LEU C 765 54.61 -31.48 31.21
N ALA C 766 54.90 -32.77 31.28
CA ALA C 766 55.58 -33.32 32.45
C ALA C 766 56.79 -32.46 32.85
N HIS C 767 57.63 -32.09 31.89
CA HIS C 767 58.85 -31.38 32.22
C HIS C 767 58.55 -30.01 32.78
N ARG C 768 57.38 -29.48 32.45
CA ARG C 768 56.96 -28.19 32.98
C ARG C 768 56.43 -28.36 34.41
N ILE C 769 55.79 -29.49 34.67
CA ILE C 769 55.29 -29.80 36.00
C ILE C 769 56.45 -30.07 36.94
N MET C 770 57.40 -30.86 36.44
CA MET C 770 58.51 -31.35 37.23
C MET C 770 59.68 -30.38 37.39
N LEU C 771 59.84 -29.44 36.46
CA LEU C 771 60.93 -28.48 36.59
C LEU C 771 60.50 -27.01 36.64
N THR C 772 59.97 -26.49 35.55
CA THR C 772 59.71 -25.04 35.44
C THR C 772 58.74 -24.51 36.49
N ASN C 773 57.70 -25.26 36.78
CA ASN C 773 56.71 -24.80 37.75
C ASN C 773 57.12 -25.18 39.16
N LEU C 774 57.97 -26.18 39.28
CA LEU C 774 58.55 -26.52 40.57
C LEU C 774 59.38 -25.33 41.04
N LEU C 775 60.22 -24.80 40.14
CA LEU C 775 61.03 -23.63 40.45
C LEU C 775 60.17 -22.42 40.74
N ARG C 776 59.04 -22.34 40.07
CA ARG C 776 58.18 -21.20 40.25
C ARG C 776 57.42 -21.30 41.56
N LEU C 777 57.13 -22.55 41.97
CA LEU C 777 56.46 -22.76 43.24
C LEU C 777 57.35 -22.24 44.36
N LEU C 778 58.60 -22.72 44.42
CA LEU C 778 59.59 -22.19 45.35
C LEU C 778 59.67 -20.68 45.22
N GLY C 779 59.88 -20.21 44.00
CA GLY C 779 60.00 -18.79 43.73
C GLY C 779 58.88 -17.97 44.34
N ALA C 780 57.66 -18.51 44.26
CA ALA C 780 56.50 -17.83 44.79
C ALA C 780 56.56 -17.79 46.31
N ILE C 781 56.77 -18.96 46.90
CA ILE C 781 56.91 -19.07 48.33
C ILE C 781 57.90 -18.04 48.86
N LYS C 782 59.04 -17.93 48.19
CA LYS C 782 60.08 -17.02 48.63
C LYS C 782 59.53 -15.61 48.77
N THR C 783 59.17 -15.04 47.63
CA THR C 783 58.74 -13.64 47.56
C THR C 783 57.63 -13.35 48.54
N GLN C 784 56.79 -14.33 48.78
CA GLN C 784 55.76 -14.18 49.80
C GLN C 784 56.40 -13.83 51.13
N LYS C 785 57.31 -14.68 51.61
CA LYS C 785 58.03 -14.44 52.86
C LYS C 785 58.75 -13.10 52.82
N LYS C 786 59.51 -12.88 51.75
CA LYS C 786 60.29 -11.66 51.64
C LYS C 786 59.43 -10.41 51.87
N GLU C 787 58.25 -10.42 51.29
CA GLU C 787 57.35 -9.28 51.37
C GLU C 787 56.75 -9.17 52.75
N ARG C 788 56.33 -10.31 53.29
CA ARG C 788 55.64 -10.33 54.58
C ARG C 788 56.60 -10.25 55.77
N GLY C 789 57.87 -9.98 55.49
CA GLY C 789 58.87 -9.83 56.55
C GLY C 789 59.20 -11.11 57.31
N TYR C 790 58.72 -12.24 56.79
CA TYR C 790 59.04 -13.54 57.36
C TYR C 790 60.50 -13.90 57.04
N GLU C 791 61.42 -13.43 57.88
CA GLU C 791 62.85 -13.54 57.58
C GLU C 791 63.53 -14.72 58.25
N THR C 792 63.29 -14.84 59.55
CA THR C 792 64.01 -15.79 60.39
C THR C 792 63.37 -17.17 60.45
N ARG C 793 62.65 -17.54 59.39
CA ARG C 793 62.02 -18.85 59.32
C ARG C 793 62.03 -19.38 57.91
N PRO C 794 63.15 -20.00 57.51
CA PRO C 794 63.32 -20.61 56.18
C PRO C 794 62.43 -21.83 55.97
N ALA C 795 62.11 -22.11 54.70
CA ALA C 795 61.32 -23.26 54.37
C ALA C 795 62.20 -24.33 53.71
N GLN C 796 62.16 -25.55 54.24
CA GLN C 796 63.02 -26.62 53.76
C GLN C 796 62.40 -27.36 52.60
N VAL C 797 63.17 -27.50 51.53
CA VAL C 797 62.64 -28.05 50.30
C VAL C 797 63.27 -29.39 50.02
N ILE C 798 62.49 -30.44 50.19
CA ILE C 798 62.94 -31.82 49.93
C ILE C 798 62.93 -32.16 48.43
N LEU C 799 63.90 -31.61 47.71
CA LEU C 799 64.10 -31.84 46.28
C LEU C 799 64.25 -33.31 45.98
N PRO C 800 63.28 -33.88 45.27
CA PRO C 800 63.38 -35.29 44.87
C PRO C 800 64.30 -35.46 43.69
N LEU C 801 65.61 -35.60 43.90
CA LEU C 801 66.53 -35.83 42.79
C LEU C 801 66.55 -37.30 42.46
N SER C 802 67.32 -37.66 41.43
CA SER C 802 67.38 -39.06 41.03
C SER C 802 68.82 -39.48 40.78
N PRO C 803 69.09 -40.79 40.94
CA PRO C 803 70.41 -41.36 40.73
C PRO C 803 70.69 -41.58 39.25
N ASN C 804 69.63 -41.66 38.47
CA ASN C 804 69.77 -42.16 37.11
C ASN C 804 69.49 -41.14 36.02
N HIS C 805 70.53 -40.37 35.73
CA HIS C 805 70.48 -39.36 34.69
C HIS C 805 70.66 -39.96 33.29
N GLY C 806 69.68 -40.74 32.84
CA GLY C 806 69.70 -41.26 31.50
C GLY C 806 70.49 -42.53 31.38
N THR C 807 70.63 -43.23 32.50
CA THR C 807 71.30 -44.51 32.50
C THR C 807 70.28 -45.52 32.00
N PHE C 808 69.02 -45.22 32.28
CA PHE C 808 67.92 -46.03 31.82
C PHE C 808 67.41 -45.42 30.54
N GLY C 809 66.72 -46.23 29.72
CA GLY C 809 66.16 -45.72 28.48
C GLY C 809 64.73 -45.25 28.60
N ASN C 810 64.29 -44.43 27.65
CA ASN C 810 62.88 -44.03 27.55
C ASN C 810 62.38 -43.08 28.62
N ASP C 811 63.30 -42.48 29.36
CA ASP C 811 62.96 -41.49 30.38
C ASP C 811 62.07 -40.45 29.73
N GLY C 812 62.44 -40.06 28.52
CA GLY C 812 61.71 -39.07 27.75
C GLY C 812 61.50 -37.80 28.54
N LEU C 813 62.54 -36.96 28.60
CA LEU C 813 62.47 -35.68 29.29
C LEU C 813 62.41 -35.81 30.81
N TYR C 814 62.49 -37.04 31.30
CA TYR C 814 62.42 -37.24 32.75
C TYR C 814 63.69 -36.77 33.41
N SER C 815 64.74 -37.56 33.19
CA SER C 815 66.07 -37.30 33.71
C SER C 815 66.40 -35.83 33.58
N GLU C 816 66.12 -35.27 32.41
CA GLU C 816 66.51 -33.90 32.12
C GLU C 816 65.96 -32.96 33.17
N SER C 817 64.75 -33.24 33.66
CA SER C 817 64.13 -32.42 34.67
C SER C 817 64.90 -32.61 35.96
N LYS C 818 65.01 -33.88 36.37
CA LYS C 818 65.56 -34.26 37.67
C LYS C 818 67.00 -33.77 37.84
N LEU C 819 67.77 -33.83 36.76
CA LEU C 819 69.14 -33.35 36.81
C LEU C 819 69.16 -31.84 36.92
N ALA C 820 68.30 -31.18 36.17
CA ALA C 820 68.28 -29.72 36.18
C ALA C 820 68.02 -29.24 37.60
N LEU C 821 67.22 -30.00 38.32
CA LEU C 821 66.86 -29.62 39.67
C LEU C 821 68.11 -29.31 40.47
N GLU C 822 69.17 -30.08 40.21
CA GLU C 822 70.38 -30.02 41.00
C GLU C 822 71.14 -28.72 40.85
N THR C 823 70.72 -27.87 39.93
CA THR C 823 71.36 -26.56 39.79
C THR C 823 71.02 -25.73 41.02
N LEU C 824 69.96 -26.13 41.71
CA LEU C 824 69.50 -25.42 42.88
C LEU C 824 70.59 -25.43 43.92
N PHE C 825 71.31 -26.56 44.01
CA PHE C 825 72.39 -26.74 44.99
C PHE C 825 73.32 -25.55 45.03
N ASN C 826 73.61 -25.00 43.86
CA ASN C 826 74.50 -23.85 43.76
C ASN C 826 73.78 -22.53 43.85
N ARG C 827 72.59 -22.46 43.25
CA ARG C 827 71.83 -21.23 43.25
C ARG C 827 71.65 -20.71 44.67
N TRP C 828 71.52 -21.65 45.62
CA TRP C 828 71.27 -21.29 47.01
C TRP C 828 72.29 -20.26 47.46
N TYR C 829 73.51 -20.40 46.96
CA TYR C 829 74.64 -19.55 47.32
C TYR C 829 74.69 -18.24 46.52
N SER C 830 74.38 -18.34 45.23
CA SER C 830 74.58 -17.23 44.31
C SER C 830 73.45 -16.23 44.33
N GLU C 831 72.22 -16.73 44.30
CA GLU C 831 71.06 -15.85 44.32
C GLU C 831 70.65 -15.44 45.74
N SER C 832 69.63 -14.61 45.84
CA SER C 832 69.32 -13.95 47.09
C SER C 832 68.15 -14.58 47.85
N TRP C 833 67.93 -15.87 47.66
CA TRP C 833 66.87 -16.51 48.41
C TRP C 833 67.42 -17.42 49.50
N GLY C 834 68.72 -17.26 49.77
CA GLY C 834 69.39 -18.05 50.80
C GLY C 834 68.54 -18.19 52.04
N ASN C 835 68.07 -17.06 52.56
CA ASN C 835 67.38 -16.99 53.84
C ASN C 835 66.02 -17.68 53.90
N TYR C 836 65.26 -17.60 52.82
CA TYR C 836 63.86 -18.01 52.82
C TYR C 836 63.69 -19.47 52.47
N LEU C 837 64.50 -19.95 51.53
CA LEU C 837 64.46 -21.33 51.15
C LEU C 837 65.78 -22.00 51.46
N THR C 838 65.69 -23.24 51.93
CA THR C 838 66.87 -24.08 52.05
C THR C 838 66.65 -25.34 51.22
N ILE C 839 67.73 -25.84 50.64
CA ILE C 839 67.63 -26.98 49.74
C ILE C 839 68.16 -28.25 50.37
N CYS C 840 67.35 -29.30 50.31
CA CYS C 840 67.76 -30.59 50.80
C CYS C 840 67.59 -31.65 49.73
N GLY C 841 68.58 -31.74 48.84
CA GLY C 841 68.58 -32.72 47.78
C GLY C 841 68.49 -34.14 48.31
N ALA C 842 67.40 -34.81 47.97
CA ALA C 842 67.19 -36.15 48.43
C ALA C 842 67.06 -37.08 47.25
N VAL C 843 68.18 -37.65 46.82
CA VAL C 843 68.14 -38.60 45.74
C VAL C 843 67.47 -39.92 46.18
N ILE C 844 66.15 -40.00 45.98
CA ILE C 844 65.38 -41.20 46.33
C ILE C 844 65.79 -42.42 45.52
N GLY C 845 65.88 -43.57 46.17
CA GLY C 845 66.31 -44.78 45.51
C GLY C 845 65.15 -45.70 45.19
N TRP C 846 65.48 -46.85 44.62
CA TRP C 846 64.51 -47.84 44.22
C TRP C 846 63.51 -48.14 45.32
N THR C 847 62.24 -47.83 45.07
CA THR C 847 61.17 -48.05 46.06
C THR C 847 60.00 -48.83 45.48
N ARG C 848 60.01 -50.15 45.61
CA ARG C 848 58.88 -50.94 45.14
C ARG C 848 57.57 -50.43 45.74
N GLY C 849 56.53 -50.38 44.91
CA GLY C 849 55.32 -49.66 45.29
C GLY C 849 54.07 -50.49 45.28
N THR C 850 53.36 -50.48 46.40
CA THR C 850 52.17 -51.31 46.60
C THR C 850 51.05 -51.01 45.61
N GLY C 851 50.55 -52.07 44.97
CA GLY C 851 49.43 -51.96 44.05
C GLY C 851 49.70 -51.10 42.83
N LEU C 852 50.85 -50.43 42.81
CA LEU C 852 51.25 -49.58 41.70
C LEU C 852 51.71 -50.42 40.51
N MET C 853 53.00 -50.37 40.21
CA MET C 853 53.56 -51.15 39.10
C MET C 853 54.40 -52.31 39.61
N SER C 854 54.10 -53.50 39.11
CA SER C 854 54.78 -54.72 39.50
C SER C 854 56.05 -54.97 38.68
N ALA C 855 56.26 -54.18 37.63
CA ALA C 855 57.41 -54.32 36.75
C ALA C 855 58.73 -54.14 37.49
N ASN C 856 58.75 -53.20 38.41
CA ASN C 856 59.92 -52.84 39.19
C ASN C 856 60.05 -53.75 40.42
N ASN C 857 59.12 -54.69 40.54
CA ASN C 857 58.98 -55.48 41.76
C ASN C 857 59.30 -56.95 41.52
N LEU C 858 59.05 -57.41 40.30
CA LEU C 858 59.33 -58.80 39.96
C LEU C 858 60.83 -59.04 40.03
N VAL C 859 61.57 -58.01 39.68
CA VAL C 859 63.01 -58.11 39.61
C VAL C 859 63.67 -57.55 40.87
N ALA C 860 62.86 -56.85 41.67
CA ALA C 860 63.35 -56.26 42.92
C ALA C 860 64.18 -57.25 43.74
N GLU C 861 63.70 -58.49 43.82
CA GLU C 861 64.36 -59.53 44.60
C GLU C 861 65.73 -59.85 44.02
N GLY C 862 65.78 -60.17 42.74
CA GLY C 862 67.01 -60.57 42.09
C GLY C 862 68.13 -59.55 42.22
N VAL C 863 67.77 -58.28 42.21
CA VAL C 863 68.76 -57.22 42.29
C VAL C 863 69.30 -57.06 43.69
N GLU C 864 68.48 -57.36 44.68
CA GLU C 864 68.93 -57.29 46.07
C GLU C 864 69.97 -58.36 46.31
N LYS C 865 69.87 -59.44 45.54
CA LYS C 865 70.76 -60.57 45.66
C LYS C 865 72.20 -60.20 45.37
N LEU C 866 72.40 -59.09 44.67
CA LEU C 866 73.76 -58.63 44.38
C LEU C 866 74.35 -57.82 45.53
N GLY C 867 73.70 -57.88 46.68
CA GLY C 867 74.23 -57.28 47.91
C GLY C 867 73.88 -55.83 48.10
N VAL C 868 72.66 -55.47 47.72
CA VAL C 868 72.23 -54.08 47.67
C VAL C 868 70.76 -53.98 48.12
N ARG C 869 70.33 -52.79 48.54
CA ARG C 869 69.02 -52.66 49.16
C ARG C 869 67.97 -51.94 48.32
N THR C 870 66.76 -52.51 48.26
CA THR C 870 65.57 -51.80 47.81
C THR C 870 64.65 -51.55 49.01
N PHE C 871 63.82 -50.52 48.92
CA PHE C 871 63.03 -50.09 50.07
C PHE C 871 61.53 -50.22 49.84
N SER C 872 60.79 -50.48 50.91
CA SER C 872 59.35 -50.38 50.86
C SER C 872 59.01 -48.91 51.01
N GLN C 873 57.77 -48.55 50.68
CA GLN C 873 57.36 -47.17 50.74
C GLN C 873 57.55 -46.65 52.16
N GLN C 874 56.93 -47.35 53.10
CA GLN C 874 56.98 -46.99 54.49
C GLN C 874 58.41 -46.68 54.94
N GLU C 875 59.37 -47.48 54.45
CA GLU C 875 60.77 -47.30 54.78
C GLU C 875 61.27 -45.97 54.24
N MET C 876 61.19 -45.83 52.93
CA MET C 876 61.71 -44.64 52.27
C MET C 876 61.05 -43.34 52.77
N ALA C 877 59.87 -43.46 53.35
CA ALA C 877 59.20 -42.30 53.92
C ALA C 877 59.90 -41.95 55.23
N PHE C 878 60.08 -42.98 56.05
CA PHE C 878 60.87 -42.86 57.28
C PHE C 878 62.18 -42.15 56.95
N ASN C 879 62.90 -42.67 55.95
CA ASN C 879 64.19 -42.12 55.55
C ASN C 879 64.10 -40.63 55.28
N LEU C 880 63.07 -40.27 54.53
CA LEU C 880 62.86 -38.89 54.14
C LEU C 880 62.62 -38.04 55.38
N LEU C 881 61.66 -38.47 56.19
CA LEU C 881 61.32 -37.73 57.39
C LEU C 881 62.58 -37.50 58.20
N GLY C 882 63.57 -38.36 57.96
CA GLY C 882 64.85 -38.25 58.59
C GLY C 882 65.48 -36.90 58.32
N LEU C 883 65.45 -36.47 57.07
CA LEU C 883 66.09 -35.21 56.70
C LEU C 883 65.22 -34.07 57.18
N MET C 884 64.01 -34.42 57.61
CA MET C 884 63.09 -33.44 58.14
C MET C 884 63.41 -33.14 59.61
N ALA C 885 64.10 -34.09 60.25
CA ALA C 885 64.47 -33.99 61.67
C ALA C 885 65.27 -32.74 61.95
N PRO C 886 65.09 -32.20 63.18
CA PRO C 886 65.72 -30.95 63.63
C PRO C 886 67.23 -30.95 63.39
N ALA C 887 67.86 -32.10 63.58
CA ALA C 887 69.29 -32.27 63.40
C ALA C 887 69.74 -31.72 62.04
N ILE C 888 69.27 -32.37 60.98
CA ILE C 888 69.64 -32.04 59.61
C ILE C 888 69.16 -30.67 59.16
N VAL C 889 67.95 -30.30 59.59
CA VAL C 889 67.41 -29.00 59.23
C VAL C 889 68.41 -27.89 59.43
N ASN C 890 69.09 -27.89 60.56
CA ASN C 890 70.03 -26.81 60.87
C ASN C 890 71.28 -26.83 60.00
N LEU C 891 71.63 -28.00 59.48
CA LEU C 891 72.70 -28.10 58.50
C LEU C 891 72.31 -27.34 57.24
N CYS C 892 71.05 -27.51 56.83
CA CYS C 892 70.56 -26.89 55.62
C CYS C 892 70.56 -25.38 55.72
N GLN C 893 70.24 -24.88 56.91
CA GLN C 893 70.11 -23.43 57.09
C GLN C 893 71.43 -22.72 56.92
N SER C 894 72.51 -23.50 56.88
CA SER C 894 73.81 -22.92 56.63
C SER C 894 74.35 -23.41 55.30
N ASP C 895 74.10 -24.69 55.00
CA ASP C 895 74.62 -25.32 53.77
C ASP C 895 73.72 -26.44 53.21
N PRO C 896 73.40 -26.38 51.91
CA PRO C 896 72.61 -27.39 51.20
C PRO C 896 73.08 -28.80 51.52
N VAL C 897 72.15 -29.74 51.49
CA VAL C 897 72.44 -31.10 51.91
C VAL C 897 72.20 -32.08 50.79
N PHE C 898 73.16 -32.96 50.56
CA PHE C 898 72.97 -34.00 49.59
C PHE C 898 72.67 -35.23 50.40
N ALA C 899 71.76 -36.06 49.93
CA ALA C 899 71.38 -37.22 50.71
C ALA C 899 71.14 -38.40 49.81
N ASP C 900 72.19 -39.17 49.58
CA ASP C 900 72.06 -40.41 48.84
C ASP C 900 71.19 -41.37 49.64
N LEU C 901 69.90 -41.42 49.31
CA LEU C 901 69.02 -42.40 49.90
C LEU C 901 68.77 -43.52 48.91
N ASN C 902 69.79 -43.79 48.09
CA ASN C 902 69.80 -44.90 47.15
C ASN C 902 70.38 -46.13 47.83
N GLY C 903 69.77 -47.29 47.61
CA GLY C 903 70.11 -48.49 48.34
C GLY C 903 71.51 -49.01 48.10
N GLY C 904 72.43 -48.09 47.78
CA GLY C 904 73.80 -48.43 47.45
C GLY C 904 73.90 -49.04 46.06
N LEU C 905 72.85 -48.86 45.27
CA LEU C 905 72.83 -49.36 43.90
C LEU C 905 73.82 -48.62 43.01
N GLN C 906 74.51 -47.63 43.59
CA GLN C 906 75.52 -46.87 42.83
C GLN C 906 76.64 -47.79 42.36
N PHE C 907 76.82 -48.89 43.09
CA PHE C 907 77.91 -49.80 42.81
C PHE C 907 77.55 -50.89 41.82
N ILE C 908 76.25 -50.97 41.47
CA ILE C 908 75.82 -51.86 40.40
C ILE C 908 75.81 -51.08 39.10
N PRO C 909 76.77 -51.36 38.23
CA PRO C 909 76.82 -50.74 36.90
C PRO C 909 75.90 -51.49 35.94
N ASP C 910 75.46 -50.82 34.88
CA ASP C 910 74.60 -51.43 33.87
C ASP C 910 73.37 -52.04 34.51
N LEU C 911 72.83 -51.34 35.50
CA LEU C 911 71.63 -51.81 36.17
C LEU C 911 70.51 -52.04 35.14
N LYS C 912 70.37 -51.09 34.21
CA LYS C 912 69.42 -51.22 33.11
C LYS C 912 69.50 -52.63 32.55
N GLY C 913 70.73 -53.05 32.24
CA GLY C 913 70.98 -54.35 31.66
C GLY C 913 70.62 -55.49 32.59
N LEU C 914 71.04 -55.36 33.84
CA LEU C 914 70.77 -56.39 34.84
C LEU C 914 69.28 -56.73 34.85
N MET C 915 68.47 -55.70 35.07
CA MET C 915 67.04 -55.91 35.23
C MET C 915 66.43 -56.50 33.97
N THR C 916 66.87 -56.00 32.82
CA THR C 916 66.33 -56.47 31.56
C THR C 916 66.58 -57.97 31.40
N LYS C 917 67.68 -58.45 31.97
CA LYS C 917 67.99 -59.87 31.95
C LYS C 917 66.99 -60.61 32.84
N LEU C 918 66.93 -60.17 34.10
CA LEU C 918 66.00 -60.70 35.09
C LEU C 918 64.55 -60.60 34.63
N ARG C 919 64.18 -59.47 34.04
CA ARG C 919 62.86 -59.30 33.43
C ARG C 919 62.53 -60.51 32.54
N LYS C 920 63.49 -60.87 31.69
CA LYS C 920 63.26 -61.93 30.72
C LYS C 920 63.09 -63.28 31.40
N GLU C 921 64.15 -63.74 32.05
CA GLU C 921 64.17 -65.05 32.70
C GLU C 921 62.87 -65.38 33.42
N ILE C 922 62.38 -64.43 34.21
CA ILE C 922 61.15 -64.63 34.97
C ILE C 922 59.95 -64.86 34.03
N MET C 923 59.70 -63.90 33.15
CA MET C 923 58.59 -64.00 32.22
C MET C 923 58.74 -65.28 31.39
N GLU C 924 59.99 -65.65 31.13
CA GLU C 924 60.31 -66.74 30.23
C GLU C 924 59.98 -68.10 30.82
N THR C 925 60.40 -68.32 32.06
CA THR C 925 60.19 -69.58 32.74
C THR C 925 58.71 -69.82 33.05
N SER C 926 58.01 -68.74 33.41
CA SER C 926 56.57 -68.85 33.65
C SER C 926 55.85 -69.20 32.35
N ALA C 927 56.22 -68.52 31.27
CA ALA C 927 55.64 -68.76 29.95
C ALA C 927 55.75 -70.24 29.60
N ILE C 928 56.98 -70.74 29.63
CA ILE C 928 57.26 -72.16 29.40
C ILE C 928 56.38 -73.05 30.28
N ARG C 929 56.37 -72.74 31.57
CA ARG C 929 55.69 -73.57 32.56
C ARG C 929 54.20 -73.72 32.30
N GLN C 930 53.53 -72.59 32.06
CA GLN C 930 52.09 -72.60 31.81
C GLN C 930 51.75 -73.04 30.38
N ALA C 931 52.73 -72.91 29.48
CA ALA C 931 52.56 -73.36 28.10
C ALA C 931 52.53 -74.87 28.09
N VAL C 932 53.55 -75.45 28.70
CA VAL C 932 53.64 -76.89 28.83
C VAL C 932 52.34 -77.49 29.35
N ILE C 933 51.77 -76.86 30.37
CA ILE C 933 50.51 -77.29 30.95
C ILE C 933 49.40 -77.40 29.91
N LYS C 934 49.22 -76.31 29.14
CA LYS C 934 48.21 -76.29 28.09
C LYS C 934 48.48 -77.40 27.08
N GLU C 935 49.76 -77.63 26.80
CA GLU C 935 50.18 -78.68 25.87
C GLU C 935 49.71 -80.05 26.33
N THR C 936 50.19 -80.45 27.50
CA THR C 936 49.87 -81.75 28.09
C THR C 936 48.37 -81.91 28.36
N ALA C 937 47.68 -80.78 28.52
CA ALA C 937 46.24 -80.78 28.69
C ALA C 937 45.57 -81.18 27.38
N ILE C 938 46.08 -80.61 26.29
CA ILE C 938 45.57 -80.90 24.94
C ILE C 938 45.86 -82.35 24.55
N GLU C 939 47.05 -82.81 24.91
CA GLU C 939 47.45 -84.18 24.64
C GLU C 939 46.42 -85.17 25.20
N ASN C 940 45.93 -84.89 26.40
CA ASN C 940 44.96 -85.77 27.05
C ASN C 940 43.60 -85.82 26.36
N LYS C 941 43.17 -84.68 25.80
CA LYS C 941 41.91 -84.62 25.08
C LYS C 941 41.99 -85.44 23.79
N VAL C 942 43.20 -85.55 23.25
CA VAL C 942 43.43 -86.34 22.06
C VAL C 942 43.38 -87.82 22.41
N VAL C 943 44.26 -88.23 23.31
CA VAL C 943 44.38 -89.63 23.69
C VAL C 943 43.12 -90.22 24.31
N ASN C 944 42.55 -89.51 25.29
CA ASN C 944 41.43 -90.03 26.07
C ASN C 944 40.06 -89.75 25.43
N GLY C 945 40.01 -88.74 24.57
CA GLY C 945 38.76 -88.34 23.93
C GLY C 945 38.04 -87.27 24.73
N GLU C 946 37.23 -86.47 24.05
CA GLU C 946 36.48 -85.38 24.68
C GLU C 946 35.74 -85.81 25.93
N ASP C 947 34.98 -86.89 25.79
CA ASP C 947 34.13 -87.42 26.84
C ASP C 947 34.91 -87.77 28.11
N HIS C 948 35.97 -88.57 27.96
CA HIS C 948 36.76 -88.96 29.13
C HIS C 948 37.32 -87.76 29.88
N GLU C 949 38.13 -86.96 29.21
CA GLU C 949 38.76 -85.81 29.85
C GLU C 949 37.75 -84.83 30.44
N ALA C 950 36.65 -84.60 29.73
CA ALA C 950 35.60 -83.70 30.21
C ALA C 950 35.03 -84.11 31.57
N LEU C 951 34.63 -85.38 31.68
CA LEU C 951 33.91 -85.86 32.86
C LEU C 951 34.80 -86.06 34.09
N TYR C 952 36.04 -85.57 34.03
CA TYR C 952 36.97 -85.71 35.14
C TYR C 952 37.64 -84.39 35.51
N ARG C 953 36.88 -83.30 35.44
CA ARG C 953 37.37 -81.97 35.82
C ARG C 953 36.64 -81.44 37.05
N ARG C 954 37.41 -80.94 38.01
CA ARG C 954 36.84 -80.38 39.25
C ARG C 954 35.68 -79.46 38.93
N VAL C 955 34.49 -79.89 39.36
CA VAL C 955 33.28 -79.13 39.13
C VAL C 955 33.15 -78.05 40.20
N ILE C 956 33.58 -76.84 39.87
CA ILE C 956 33.46 -75.73 40.81
C ILE C 956 32.05 -75.16 40.74
N THR C 957 31.35 -75.15 41.87
CA THR C 957 30.00 -74.62 41.94
C THR C 957 30.01 -73.11 41.76
N GLU C 958 29.02 -72.62 41.01
CA GLU C 958 28.82 -71.19 40.78
C GLU C 958 27.86 -70.63 41.79
N PRO C 959 28.26 -69.54 42.48
CA PRO C 959 27.45 -69.04 43.59
C PRO C 959 26.13 -68.52 43.08
N ARG C 960 25.08 -68.80 43.83
CA ARG C 960 23.81 -68.13 43.62
C ARG C 960 23.51 -67.30 44.85
N ALA C 961 22.32 -66.70 44.88
CA ALA C 961 21.94 -65.92 46.03
C ALA C 961 20.61 -66.41 46.58
N ASN C 962 20.57 -66.74 47.86
CA ASN C 962 19.31 -67.03 48.54
C ASN C 962 18.95 -65.94 49.50
N LEU C 963 17.74 -65.43 49.38
CA LEU C 963 17.31 -64.35 50.24
C LEU C 963 16.63 -64.93 51.46
N LYS C 964 17.40 -65.18 52.50
CA LYS C 964 16.85 -65.60 53.77
C LYS C 964 15.97 -64.45 54.23
N TYR C 965 14.74 -64.73 54.65
CA TYR C 965 13.89 -63.65 55.16
C TYR C 965 14.05 -63.52 56.66
N PRO C 966 14.99 -62.66 57.09
CA PRO C 966 15.38 -62.73 58.50
C PRO C 966 14.34 -62.09 59.39
N PHE C 967 13.98 -62.76 60.48
CA PHE C 967 13.31 -62.08 61.59
C PHE C 967 14.37 -61.55 62.56
N PRO C 968 13.95 -60.85 63.65
CA PRO C 968 14.97 -60.47 64.65
C PRO C 968 15.51 -61.70 65.32
N GLU C 969 16.81 -61.73 65.58
CA GLU C 969 17.41 -62.84 66.30
C GLU C 969 16.86 -62.92 67.71
N LEU C 970 16.20 -64.05 67.99
CA LEU C 970 15.67 -64.33 69.30
C LEU C 970 16.84 -64.60 70.25
N PRO C 971 16.99 -63.78 71.30
CA PRO C 971 18.14 -63.93 72.20
C PRO C 971 18.20 -65.34 72.79
N ASP C 972 19.30 -65.69 73.42
CA ASP C 972 19.38 -67.01 74.07
C ASP C 972 18.94 -66.96 75.51
N TRP C 973 18.15 -67.95 75.91
CA TRP C 973 17.53 -67.95 77.23
C TRP C 973 18.55 -67.88 78.35
N ASP C 974 19.58 -68.71 78.22
CA ASP C 974 20.60 -68.82 79.24
C ASP C 974 21.64 -67.71 79.13
N LYS C 975 22.27 -67.60 77.96
CA LYS C 975 23.36 -66.65 77.78
C LYS C 975 22.94 -65.21 77.95
N ASP C 976 21.73 -64.88 77.48
CA ASP C 976 21.33 -63.47 77.35
C ASP C 976 20.21 -63.00 78.28
N ILE C 977 19.26 -63.87 78.59
CA ILE C 977 18.06 -63.44 79.33
C ILE C 977 18.11 -63.79 80.82
N LYS C 978 18.56 -64.99 81.14
CA LYS C 978 18.55 -65.46 82.52
C LYS C 978 19.09 -64.45 83.54
N PRO C 979 20.23 -63.81 83.23
CA PRO C 979 20.83 -62.86 84.19
C PRO C 979 19.92 -61.70 84.58
N LEU C 980 18.79 -61.55 83.90
CA LEU C 980 17.88 -60.45 84.18
C LEU C 980 16.59 -60.96 84.79
N ASN C 981 16.24 -62.18 84.40
CA ASN C 981 14.99 -62.80 84.80
C ASN C 981 14.73 -62.68 86.30
N ASP C 982 15.75 -62.91 87.10
CA ASP C 982 15.61 -62.89 88.55
C ASP C 982 14.96 -61.59 89.01
N GLN C 983 15.44 -60.48 88.46
CA GLN C 983 14.90 -59.18 88.80
C GLN C 983 13.54 -58.91 88.16
N LEU C 984 13.41 -59.29 86.90
CA LEU C 984 12.32 -58.79 86.05
C LEU C 984 11.07 -59.65 85.93
N ARG C 985 11.07 -60.88 86.45
CA ARG C 985 9.90 -61.73 86.26
C ARG C 985 8.62 -61.14 86.87
N GLY C 986 7.62 -60.95 86.02
CA GLY C 986 6.32 -60.45 86.45
C GLY C 986 6.37 -59.05 87.03
N MET C 987 7.51 -58.38 86.85
CA MET C 987 7.69 -57.02 87.35
C MET C 987 7.11 -55.99 86.39
N VAL C 988 6.35 -56.45 85.40
CA VAL C 988 5.83 -55.59 84.35
C VAL C 988 4.56 -56.16 83.76
N ASN C 989 3.56 -55.30 83.59
CA ASN C 989 2.28 -55.65 82.98
C ASN C 989 2.40 -55.68 81.45
N LEU C 990 2.31 -56.88 80.89
CA LEU C 990 2.54 -57.04 79.46
C LEU C 990 1.38 -56.50 78.62
N ASP C 991 0.44 -55.83 79.27
CA ASP C 991 -0.71 -55.29 78.55
C ASP C 991 -0.63 -53.77 78.44
N LYS C 992 0.35 -53.18 79.09
CA LYS C 992 0.62 -51.77 78.95
C LYS C 992 2.09 -51.59 78.60
N VAL C 993 2.65 -52.60 77.94
CA VAL C 993 3.98 -52.54 77.37
C VAL C 993 3.85 -52.52 75.85
N VAL C 994 4.34 -51.47 75.22
CA VAL C 994 4.15 -51.27 73.79
C VAL C 994 5.37 -51.66 72.99
N VAL C 995 5.14 -52.44 71.94
CA VAL C 995 6.22 -53.11 71.22
C VAL C 995 6.14 -52.93 69.71
N VAL C 996 7.27 -52.65 69.09
CA VAL C 996 7.32 -52.58 67.63
C VAL C 996 7.53 -53.96 67.03
N THR C 997 6.49 -54.48 66.39
CA THR C 997 6.48 -55.84 65.86
C THR C 997 6.81 -55.89 64.36
N GLY C 998 6.44 -54.85 63.62
CA GLY C 998 6.68 -54.83 62.20
C GLY C 998 7.46 -53.61 61.80
N LEU C 999 8.09 -53.67 60.63
CA LEU C 999 9.00 -52.62 60.23
C LEU C 999 9.23 -52.58 58.72
N ALA C 1000 8.96 -51.45 58.08
CA ALA C 1000 9.24 -51.28 56.67
C ALA C 1000 9.47 -49.82 56.35
N GLU C 1001 9.90 -49.53 55.13
CA GLU C 1001 10.09 -48.17 54.66
C GLU C 1001 10.33 -48.22 53.15
N ILE C 1002 9.91 -47.17 52.45
CA ILE C 1002 10.30 -47.01 51.05
C ILE C 1002 10.93 -45.64 50.87
N GLY C 1003 12.16 -45.60 50.38
CA GLY C 1003 12.90 -44.37 50.29
C GLY C 1003 13.99 -44.47 49.24
N PRO C 1004 14.88 -43.48 49.21
CA PRO C 1004 15.89 -43.26 48.16
C PRO C 1004 16.85 -44.43 47.97
N TRP C 1005 16.88 -45.32 48.94
CA TRP C 1005 17.77 -46.45 48.85
C TRP C 1005 17.03 -47.74 48.76
N GLY C 1006 15.72 -47.66 48.82
CA GLY C 1006 14.89 -48.83 48.65
C GLY C 1006 14.25 -49.15 49.97
N ASN C 1007 13.62 -50.30 50.06
CA ASN C 1007 12.96 -50.72 51.29
C ASN C 1007 13.98 -50.83 52.41
N ALA C 1008 13.52 -50.89 53.65
CA ALA C 1008 14.42 -50.81 54.79
C ALA C 1008 15.58 -51.78 54.67
N ARG C 1009 15.31 -52.94 54.07
CA ARG C 1009 16.32 -53.99 53.91
C ARG C 1009 17.53 -53.49 53.12
N THR C 1010 17.28 -53.02 51.92
CA THR C 1010 18.34 -52.48 51.09
C THR C 1010 18.99 -51.28 51.74
N ARG C 1011 18.20 -50.47 52.43
CA ARG C 1011 18.70 -49.23 53.00
C ARG C 1011 19.73 -49.52 54.07
N TRP C 1012 19.39 -50.47 54.93
CA TRP C 1012 20.29 -50.82 56.02
C TRP C 1012 21.62 -51.25 55.44
N GLU C 1013 21.56 -52.16 54.47
CA GLU C 1013 22.77 -52.66 53.85
C GLU C 1013 23.71 -51.52 53.55
N MET C 1014 23.16 -50.46 52.98
CA MET C 1014 23.99 -49.34 52.61
C MET C 1014 24.38 -48.56 53.85
N GLU C 1015 23.43 -48.31 54.74
CA GLU C 1015 23.70 -47.44 55.88
C GLU C 1015 24.79 -47.99 56.76
N ALA C 1016 24.83 -49.32 56.82
CA ALA C 1016 25.73 -50.03 57.73
C ALA C 1016 26.97 -50.51 57.00
N TYR C 1017 26.77 -51.39 56.03
CA TYR C 1017 27.89 -52.05 55.35
C TYR C 1017 28.60 -51.19 54.31
N GLY C 1018 27.84 -50.33 53.63
CA GLY C 1018 28.42 -49.37 52.71
C GLY C 1018 28.38 -49.79 51.25
N LYS C 1019 27.88 -51.00 50.99
CA LYS C 1019 27.65 -51.46 49.63
C LYS C 1019 26.66 -52.62 49.63
N PHE C 1020 26.20 -52.98 48.45
CA PHE C 1020 25.16 -53.98 48.34
C PHE C 1020 25.73 -55.37 48.22
N SER C 1021 25.16 -56.30 48.97
CA SER C 1021 25.49 -57.70 48.83
C SER C 1021 24.88 -58.20 47.53
N LEU C 1022 25.26 -59.38 47.10
CA LEU C 1022 24.62 -59.96 45.93
C LEU C 1022 23.13 -60.02 46.20
N GLU C 1023 22.76 -60.37 47.43
CA GLU C 1023 21.35 -60.44 47.84
C GLU C 1023 20.66 -59.10 47.71
N GLY C 1024 21.39 -58.04 48.01
CA GLY C 1024 20.89 -56.70 47.91
C GLY C 1024 20.72 -56.25 46.47
N CYS C 1025 21.73 -56.52 45.65
CA CYS C 1025 21.65 -56.19 44.23
C CYS C 1025 20.39 -56.77 43.63
N VAL C 1026 20.20 -58.08 43.80
CA VAL C 1026 18.99 -58.71 43.28
C VAL C 1026 17.72 -58.03 43.74
N GLU C 1027 17.64 -57.68 45.02
CA GLU C 1027 16.47 -56.96 45.53
C GLU C 1027 16.25 -55.61 44.88
N MET C 1028 17.28 -54.77 44.85
CA MET C 1028 17.16 -53.50 44.16
C MET C 1028 16.85 -53.71 42.69
N ALA C 1029 17.64 -54.55 42.02
CA ALA C 1029 17.42 -54.83 40.60
C ALA C 1029 16.02 -55.33 40.29
N TRP C 1030 15.35 -55.92 41.29
CA TRP C 1030 13.98 -56.37 41.11
C TRP C 1030 12.98 -55.23 41.16
N MET C 1031 13.10 -54.38 42.18
CA MET C 1031 12.18 -53.28 42.35
C MET C 1031 12.43 -52.15 41.35
N MET C 1032 13.68 -51.93 40.99
CA MET C 1032 14.01 -50.96 39.94
C MET C 1032 13.50 -51.42 38.57
N GLY C 1033 13.16 -52.69 38.48
CA GLY C 1033 12.55 -53.24 37.28
C GLY C 1033 13.55 -53.64 36.21
N LEU C 1034 14.74 -54.07 36.63
CA LEU C 1034 15.78 -54.48 35.69
C LEU C 1034 15.74 -55.98 35.44
N ILE C 1035 15.04 -56.71 36.31
CA ILE C 1035 14.88 -58.15 36.18
C ILE C 1035 13.51 -58.61 36.66
N LYS C 1036 12.89 -59.53 35.92
CA LYS C 1036 11.61 -60.08 36.35
C LYS C 1036 11.62 -61.59 36.22
N ASN C 1037 10.92 -62.27 37.12
CA ASN C 1037 10.92 -63.72 37.08
C ASN C 1037 10.14 -64.23 35.87
N HIS C 1038 10.77 -65.12 35.12
CA HIS C 1038 10.10 -65.77 34.00
C HIS C 1038 10.04 -67.29 34.22
N ASN C 1039 8.99 -67.92 33.71
CA ASN C 1039 8.79 -69.35 33.90
C ASN C 1039 7.99 -69.97 32.77
N GLY C 1040 8.69 -70.33 31.69
CA GLY C 1040 8.06 -70.89 30.52
C GLY C 1040 9.09 -70.98 29.41
N PRO C 1041 8.67 -71.43 28.22
CA PRO C 1041 9.62 -71.56 27.11
C PRO C 1041 10.28 -70.22 26.79
N LEU C 1042 11.59 -70.25 26.58
CA LEU C 1042 12.34 -69.06 26.14
C LEU C 1042 13.18 -69.40 24.93
N LYS C 1043 12.67 -69.02 23.75
CA LYS C 1043 13.31 -69.40 22.49
C LYS C 1043 13.34 -70.92 22.35
N GLY C 1044 12.18 -71.54 22.52
CA GLY C 1044 12.05 -72.98 22.40
C GLY C 1044 12.29 -73.70 23.70
N LYS C 1045 13.56 -73.91 24.04
CA LYS C 1045 13.95 -74.58 25.29
C LYS C 1045 13.33 -73.89 26.50
N PRO C 1046 12.68 -74.67 27.37
CA PRO C 1046 12.01 -74.12 28.56
C PRO C 1046 13.01 -73.53 29.53
N TYR C 1047 12.53 -72.78 30.52
CA TYR C 1047 13.40 -72.05 31.43
C TYR C 1047 12.61 -71.38 32.55
N SER C 1048 13.24 -71.26 33.71
CA SER C 1048 12.64 -70.56 34.84
C SER C 1048 13.73 -69.78 35.55
N GLY C 1049 13.32 -68.75 36.29
CA GLY C 1049 14.27 -67.91 37.01
C GLY C 1049 14.36 -66.48 36.48
N TRP C 1050 15.40 -65.76 36.93
CA TRP C 1050 15.58 -64.34 36.60
C TRP C 1050 15.80 -64.07 35.11
N VAL C 1051 15.20 -62.99 34.65
CA VAL C 1051 15.32 -62.58 33.25
C VAL C 1051 15.49 -61.08 33.20
N ASP C 1052 16.29 -60.60 32.26
CA ASP C 1052 16.46 -59.17 32.06
C ASP C 1052 15.15 -58.56 31.54
N ALA C 1053 14.66 -57.52 32.21
CA ALA C 1053 13.39 -56.93 31.84
C ALA C 1053 13.43 -56.34 30.43
N LYS C 1054 14.53 -55.68 30.10
CA LYS C 1054 14.73 -55.07 28.78
C LYS C 1054 14.93 -56.14 27.71
N THR C 1055 16.14 -56.68 27.63
CA THR C 1055 16.41 -57.82 26.77
C THR C 1055 15.77 -59.04 27.40
N GLY C 1056 14.83 -59.65 26.69
CA GLY C 1056 14.08 -60.79 27.22
C GLY C 1056 14.93 -61.98 27.63
N GLU C 1057 16.25 -61.82 27.51
CA GLU C 1057 17.22 -62.86 27.86
C GLU C 1057 17.18 -63.24 29.34
N PRO C 1058 17.79 -64.38 29.69
CA PRO C 1058 17.90 -64.82 31.08
C PRO C 1058 19.12 -64.19 31.74
N VAL C 1059 19.15 -64.20 33.07
CA VAL C 1059 20.26 -63.61 33.80
C VAL C 1059 20.63 -64.45 35.02
N ASP C 1060 21.91 -64.71 35.17
CA ASP C 1060 22.41 -65.50 36.30
C ASP C 1060 22.69 -64.63 37.51
N ASP C 1061 22.26 -65.10 38.69
CA ASP C 1061 22.48 -64.37 39.94
C ASP C 1061 23.91 -63.87 40.03
N LYS C 1062 24.87 -64.72 39.66
CA LYS C 1062 26.28 -64.38 39.81
C LYS C 1062 26.65 -63.14 39.00
N ASP C 1063 25.89 -62.88 37.95
CA ASP C 1063 26.15 -61.76 37.05
C ASP C 1063 25.42 -60.48 37.46
N VAL C 1064 24.31 -60.64 38.16
CA VAL C 1064 23.49 -59.50 38.56
C VAL C 1064 24.35 -58.34 39.02
N LYS C 1065 25.26 -58.59 39.94
CA LYS C 1065 26.10 -57.54 40.48
C LYS C 1065 26.93 -56.87 39.38
N ALA C 1066 27.45 -57.67 38.45
CA ALA C 1066 28.28 -57.13 37.39
C ALA C 1066 27.47 -56.19 36.50
N LYS C 1067 26.39 -56.71 35.90
CA LYS C 1067 25.52 -55.91 35.03
C LYS C 1067 25.04 -54.62 35.67
N TYR C 1068 24.17 -54.76 36.64
CA TYR C 1068 23.35 -53.66 37.10
C TYR C 1068 23.93 -52.79 38.22
N GLU C 1069 24.88 -53.29 39.00
CA GLU C 1069 25.29 -52.54 40.19
C GLU C 1069 25.68 -51.13 39.81
N LYS C 1070 26.46 -51.01 38.74
CA LYS C 1070 26.92 -49.69 38.30
C LYS C 1070 25.73 -48.76 38.17
N TYR C 1071 24.73 -49.23 37.44
CA TYR C 1071 23.50 -48.48 37.23
C TYR C 1071 22.84 -48.20 38.58
N ILE C 1072 22.45 -49.27 39.27
CA ILE C 1072 21.65 -49.17 40.48
C ILE C 1072 22.10 -48.03 41.41
N LEU C 1073 23.39 -47.97 41.70
CA LEU C 1073 23.94 -46.95 42.59
C LEU C 1073 23.83 -45.55 41.99
N GLU C 1074 24.04 -45.50 40.68
CA GLU C 1074 24.01 -44.26 39.96
C GLU C 1074 22.59 -43.73 39.80
N HIS C 1075 21.59 -44.60 39.93
CA HIS C 1075 20.20 -44.15 39.81
C HIS C 1075 19.38 -44.36 41.08
N SER C 1076 20.08 -44.42 42.21
CA SER C 1076 19.44 -44.24 43.51
C SER C 1076 20.34 -43.51 44.51
N GLY C 1077 19.72 -43.12 45.62
CA GLY C 1077 20.38 -42.29 46.60
C GLY C 1077 20.01 -40.84 46.40
N ILE C 1078 20.85 -39.94 46.85
CA ILE C 1078 20.63 -38.53 46.60
C ILE C 1078 21.30 -38.21 45.28
N ARG C 1079 20.52 -37.81 44.30
CA ARG C 1079 21.07 -37.55 42.97
C ARG C 1079 20.50 -36.29 42.36
N LEU C 1080 20.94 -36.01 41.14
CA LEU C 1080 20.37 -34.93 40.36
C LEU C 1080 18.91 -35.26 40.03
N ILE C 1081 18.05 -34.27 40.16
CA ILE C 1081 16.62 -34.51 39.98
C ILE C 1081 16.35 -35.05 38.61
N GLU C 1082 15.66 -36.18 38.56
CA GLU C 1082 15.33 -36.79 37.29
C GLU C 1082 13.92 -36.40 36.96
N PRO C 1083 13.75 -35.70 35.83
CA PRO C 1083 12.48 -35.06 35.53
C PRO C 1083 11.41 -36.10 35.26
N GLU C 1084 11.82 -37.22 34.66
CA GLU C 1084 10.89 -38.30 34.34
C GLU C 1084 10.08 -38.68 35.59
N LEU C 1085 10.73 -38.61 36.75
CA LEU C 1085 10.13 -39.04 38.00
C LEU C 1085 9.18 -37.99 38.56
N PHE C 1086 9.12 -36.84 37.90
CA PHE C 1086 8.32 -35.74 38.40
C PHE C 1086 7.50 -35.07 37.31
N GLY C 1087 7.06 -35.86 36.33
CA GLY C 1087 6.24 -35.36 35.25
C GLY C 1087 6.82 -34.14 34.54
N GLY C 1088 8.14 -34.09 34.46
CA GLY C 1088 8.79 -33.05 33.68
C GLY C 1088 9.47 -31.92 34.43
N TYR C 1089 9.35 -31.89 35.76
CA TYR C 1089 10.03 -30.86 36.52
C TYR C 1089 11.49 -30.85 36.14
N ASP C 1090 12.04 -29.66 35.96
CA ASP C 1090 13.46 -29.54 35.75
C ASP C 1090 13.82 -28.21 36.35
N PRO C 1091 14.52 -28.24 37.49
CA PRO C 1091 14.89 -27.05 38.26
C PRO C 1091 15.64 -26.09 37.41
N ASN C 1092 16.08 -26.60 36.28
CA ASN C 1092 16.82 -25.77 35.36
C ASN C 1092 15.89 -24.89 34.52
N ARG C 1093 14.60 -25.21 34.57
CA ARG C 1093 13.60 -24.39 33.91
C ARG C 1093 12.28 -24.34 34.68
N LYS C 1094 12.33 -23.72 35.86
CA LYS C 1094 11.17 -23.50 36.70
C LYS C 1094 10.20 -22.64 35.94
N GLN C 1095 9.02 -23.17 35.67
CA GLN C 1095 8.04 -22.43 34.89
C GLN C 1095 7.19 -21.47 35.73
N LEU C 1096 7.15 -20.21 35.30
CA LEU C 1096 6.28 -19.20 35.88
C LEU C 1096 5.44 -18.56 34.79
N LEU C 1097 4.42 -17.80 35.18
CA LEU C 1097 3.65 -17.01 34.22
C LEU C 1097 3.82 -15.54 34.56
N GLN C 1098 3.90 -14.68 33.56
CA GLN C 1098 3.92 -13.24 33.83
C GLN C 1098 2.75 -12.55 33.19
N GLU C 1099 2.04 -11.75 33.97
CA GLU C 1099 0.90 -10.99 33.46
C GLU C 1099 1.41 -9.90 32.52
N VAL C 1100 0.94 -9.93 31.28
CA VAL C 1100 1.33 -8.94 30.28
C VAL C 1100 0.08 -8.32 29.73
N VAL C 1101 0.02 -6.99 29.77
CA VAL C 1101 -1.10 -6.26 29.19
C VAL C 1101 -0.79 -5.92 27.75
N ILE C 1102 -1.41 -6.66 26.82
CA ILE C 1102 -1.14 -6.49 25.40
C ILE C 1102 -1.48 -5.06 25.02
N GLU C 1103 -0.68 -4.46 24.12
CA GLU C 1103 -0.94 -3.08 23.74
C GLU C 1103 -1.27 -2.93 22.27
N GLN C 1104 -1.56 -4.06 21.62
CA GLN C 1104 -2.18 -4.02 20.31
C GLN C 1104 -3.11 -5.18 20.08
N ASP C 1105 -4.23 -4.91 19.42
CA ASP C 1105 -5.23 -5.91 19.07
C ASP C 1105 -4.57 -7.23 18.69
N LEU C 1106 -5.22 -8.32 19.07
CA LEU C 1106 -4.68 -9.64 18.90
C LEU C 1106 -5.42 -10.31 17.76
N GLU C 1107 -4.81 -11.28 17.10
CA GLU C 1107 -5.47 -11.98 16.02
C GLU C 1107 -6.60 -12.83 16.57
N PRO C 1108 -7.68 -12.95 15.81
CA PRO C 1108 -8.93 -13.68 16.11
C PRO C 1108 -8.73 -15.17 16.05
N PHE C 1109 -9.40 -15.90 16.94
CA PHE C 1109 -9.35 -17.36 16.93
C PHE C 1109 -10.74 -17.95 17.13
N GLU C 1110 -10.90 -19.21 16.74
CA GLU C 1110 -12.20 -19.85 16.82
C GLU C 1110 -12.45 -20.34 18.22
N ALA C 1111 -13.72 -20.64 18.51
CA ALA C 1111 -14.12 -21.04 19.85
C ALA C 1111 -15.54 -21.60 19.81
N SER C 1112 -15.90 -22.40 20.82
CA SER C 1112 -17.26 -22.87 20.95
C SER C 1112 -18.08 -21.72 21.47
N LYS C 1113 -19.39 -21.78 21.32
CA LYS C 1113 -20.22 -20.65 21.77
C LYS C 1113 -19.98 -20.42 23.24
N GLU C 1114 -19.97 -21.49 24.02
CA GLU C 1114 -19.72 -21.38 25.45
C GLU C 1114 -18.41 -20.66 25.73
N GLN C 1115 -17.31 -21.20 25.21
CA GLN C 1115 -15.99 -20.64 25.44
C GLN C 1115 -15.92 -19.15 25.13
N ALA C 1116 -16.48 -18.79 23.98
CA ALA C 1116 -16.55 -17.39 23.58
C ALA C 1116 -17.13 -16.58 24.72
N GLU C 1117 -18.31 -16.97 25.16
CA GLU C 1117 -19.00 -16.26 26.22
C GLU C 1117 -18.10 -16.10 27.42
N GLU C 1118 -17.50 -17.21 27.86
CA GLU C 1118 -16.59 -17.20 28.99
C GLU C 1118 -15.53 -16.10 28.81
N PHE C 1119 -14.90 -16.08 27.66
CA PHE C 1119 -13.86 -15.09 27.38
C PHE C 1119 -14.35 -13.67 27.53
N LYS C 1120 -15.52 -13.43 26.95
CA LYS C 1120 -16.16 -12.13 26.98
C LYS C 1120 -16.54 -11.81 28.40
N ARG C 1121 -16.97 -12.83 29.13
CA ARG C 1121 -17.43 -12.64 30.49
C ARG C 1121 -16.32 -12.06 31.35
N GLU C 1122 -15.09 -12.46 31.05
CA GLU C 1122 -13.95 -12.03 31.86
C GLU C 1122 -13.36 -10.69 31.38
N HIS C 1123 -13.33 -10.48 30.07
CA HIS C 1123 -12.70 -9.29 29.54
C HIS C 1123 -13.68 -8.18 29.16
N GLY C 1124 -14.82 -8.55 28.62
CA GLY C 1124 -15.86 -7.60 28.26
C GLY C 1124 -15.44 -6.52 27.26
N ASP C 1125 -15.10 -5.34 27.79
CA ASP C 1125 -14.70 -4.20 26.97
C ASP C 1125 -13.56 -4.59 26.08
N LYS C 1126 -12.73 -5.50 26.56
CA LYS C 1126 -11.47 -5.81 25.89
C LYS C 1126 -11.52 -7.03 25.00
N VAL C 1127 -12.73 -7.56 24.77
CA VAL C 1127 -12.87 -8.65 23.82
C VAL C 1127 -14.12 -8.52 22.97
N GLU C 1128 -14.04 -8.99 21.74
CA GLU C 1128 -15.18 -8.99 20.84
C GLU C 1128 -15.44 -10.40 20.42
N ILE C 1129 -16.67 -10.89 20.60
CA ILE C 1129 -17.02 -12.19 20.04
C ILE C 1129 -18.23 -12.11 19.12
N PHE C 1130 -18.17 -12.83 18.01
CA PHE C 1130 -19.25 -12.83 17.04
C PHE C 1130 -19.51 -14.23 16.53
N GLU C 1131 -20.76 -14.50 16.18
CA GLU C 1131 -21.11 -15.78 15.58
C GLU C 1131 -20.45 -15.97 14.22
N ILE C 1132 -20.18 -17.21 13.87
CA ILE C 1132 -19.92 -17.55 12.49
C ILE C 1132 -21.25 -18.04 11.95
N PRO C 1133 -21.85 -17.28 11.03
CA PRO C 1133 -23.24 -17.55 10.63
C PRO C 1133 -23.39 -19.00 10.20
N GLU C 1134 -22.32 -19.53 9.62
CA GLU C 1134 -22.33 -20.80 8.94
C GLU C 1134 -22.14 -22.00 9.89
N THR C 1135 -20.98 -22.05 10.54
CA THR C 1135 -20.59 -23.21 11.35
C THR C 1135 -21.09 -23.19 12.80
N GLY C 1136 -21.74 -22.10 13.19
CA GLY C 1136 -22.26 -21.97 14.54
C GLY C 1136 -21.21 -21.69 15.59
N GLN C 1137 -19.96 -21.57 15.15
CA GLN C 1137 -18.85 -21.23 16.04
C GLN C 1137 -18.84 -19.76 16.40
N TYR C 1138 -17.76 -19.34 17.06
CA TYR C 1138 -17.56 -17.93 17.37
C TYR C 1138 -16.12 -17.53 17.11
N THR C 1139 -15.84 -16.25 17.28
CA THR C 1139 -14.55 -15.69 16.98
C THR C 1139 -14.15 -14.81 18.13
N VAL C 1140 -12.92 -14.95 18.61
CA VAL C 1140 -12.49 -14.15 19.74
C VAL C 1140 -11.33 -13.26 19.39
N ARG C 1141 -11.46 -11.98 19.68
CA ARG C 1141 -10.41 -11.03 19.40
C ARG C 1141 -10.18 -10.22 20.67
N LEU C 1142 -9.01 -10.38 21.27
CA LEU C 1142 -8.70 -9.54 22.42
C LEU C 1142 -8.17 -8.20 21.96
N ARG C 1143 -8.88 -7.12 22.28
CA ARG C 1143 -8.41 -5.80 21.93
C ARG C 1143 -7.29 -5.30 22.86
N LYS C 1144 -6.59 -4.25 22.43
CA LYS C 1144 -5.58 -3.60 23.26
C LYS C 1144 -6.14 -3.25 24.66
N GLY C 1145 -5.36 -3.55 25.68
CA GLY C 1145 -5.77 -3.36 27.05
C GLY C 1145 -5.94 -4.70 27.71
N ALA C 1146 -6.28 -5.71 26.89
CA ALA C 1146 -6.49 -7.07 27.37
C ALA C 1146 -5.29 -7.56 28.16
N THR C 1147 -5.54 -8.43 29.12
CA THR C 1147 -4.46 -8.94 29.95
C THR C 1147 -4.17 -10.41 29.66
N LEU C 1148 -2.89 -10.71 29.39
CA LEU C 1148 -2.48 -12.03 28.96
C LEU C 1148 -1.49 -12.64 29.92
N LEU C 1149 -1.34 -13.95 29.83
CA LEU C 1149 -0.32 -14.65 30.60
C LEU C 1149 0.70 -15.32 29.69
N ILE C 1150 1.94 -14.86 29.78
CA ILE C 1150 3.03 -15.47 29.04
C ILE C 1150 3.93 -16.24 29.98
N PRO C 1151 4.25 -17.48 29.64
CA PRO C 1151 5.14 -18.35 30.39
C PRO C 1151 6.58 -17.86 30.32
N LYS C 1152 7.34 -18.06 31.39
CA LYS C 1152 8.78 -17.85 31.41
C LYS C 1152 9.42 -18.95 32.23
N ALA C 1153 10.76 -19.02 32.19
CA ALA C 1153 11.45 -20.07 32.94
C ALA C 1153 12.59 -19.52 33.78
N LEU C 1154 12.84 -20.19 34.89
CA LEU C 1154 13.88 -19.80 35.84
C LEU C 1154 14.95 -20.89 35.97
N GLN C 1155 16.16 -20.49 36.34
CA GLN C 1155 17.15 -21.49 36.69
C GLN C 1155 17.21 -21.60 38.18
N PHE C 1156 16.63 -22.68 38.69
CA PHE C 1156 16.50 -22.92 40.10
C PHE C 1156 17.75 -23.60 40.63
N ASP C 1157 18.00 -23.39 41.93
CA ASP C 1157 19.25 -23.79 42.54
C ASP C 1157 19.23 -25.25 42.95
N ARG C 1158 18.17 -25.66 43.61
CA ARG C 1158 18.07 -27.03 44.11
C ARG C 1158 17.92 -28.04 42.96
N LEU C 1159 19.06 -28.55 42.46
CA LEU C 1159 19.06 -29.57 41.42
C LEU C 1159 19.19 -30.98 41.97
N VAL C 1160 19.57 -31.09 43.24
CA VAL C 1160 19.75 -32.39 43.86
C VAL C 1160 18.67 -32.65 44.89
N ALA C 1161 18.16 -33.88 44.91
CA ALA C 1161 17.17 -34.29 45.91
C ALA C 1161 17.19 -35.79 46.04
N GLY C 1162 16.91 -36.28 47.24
CA GLY C 1162 16.91 -37.71 47.48
C GLY C 1162 15.62 -38.35 47.02
N GLN C 1163 15.69 -39.17 45.98
CA GLN C 1163 14.48 -39.61 45.30
C GLN C 1163 14.44 -41.10 45.24
N ILE C 1164 13.24 -41.66 45.40
CA ILE C 1164 13.04 -43.10 45.22
C ILE C 1164 13.79 -43.60 43.98
N PRO C 1165 14.45 -44.75 44.09
CA PRO C 1165 15.24 -45.37 43.03
C PRO C 1165 14.50 -45.41 41.71
N THR C 1166 15.26 -45.17 40.65
CA THR C 1166 14.70 -45.03 39.32
C THR C 1166 14.10 -46.31 38.76
N GLY C 1167 12.79 -46.44 38.92
CA GLY C 1167 12.12 -47.56 38.32
C GLY C 1167 11.10 -48.12 39.28
N TRP C 1168 11.16 -47.68 40.52
CA TRP C 1168 10.26 -48.22 41.53
C TRP C 1168 8.83 -48.02 41.09
N ASP C 1169 8.01 -49.06 41.19
CA ASP C 1169 6.58 -48.88 40.90
C ASP C 1169 5.69 -49.77 41.72
N ALA C 1170 4.66 -49.19 42.30
CA ALA C 1170 3.71 -49.91 43.12
C ALA C 1170 3.10 -51.09 42.37
N ARG C 1171 3.15 -51.04 41.05
CA ARG C 1171 2.57 -52.13 40.26
C ARG C 1171 3.33 -53.44 40.46
N ARG C 1172 4.63 -53.34 40.69
CA ARG C 1172 5.47 -54.53 40.91
C ARG C 1172 5.08 -55.25 42.19
N TYR C 1173 4.90 -54.49 43.26
CA TYR C 1173 4.46 -55.05 44.53
C TYR C 1173 3.05 -55.62 44.44
N GLY C 1174 2.28 -55.25 43.42
CA GLY C 1174 0.98 -55.87 43.21
C GLY C 1174 -0.23 -54.99 43.43
N VAL C 1175 -0.01 -53.70 43.68
CA VAL C 1175 -1.11 -52.76 43.84
C VAL C 1175 -1.95 -52.75 42.55
N PRO C 1176 -3.29 -52.76 42.70
CA PRO C 1176 -4.26 -52.84 41.61
C PRO C 1176 -4.17 -51.65 40.68
N GLU C 1177 -4.32 -51.91 39.38
CA GLU C 1177 -4.19 -50.88 38.36
C GLU C 1177 -5.06 -49.64 38.60
N ASP C 1178 -6.37 -49.85 38.75
CA ASP C 1178 -7.31 -48.75 39.04
C ASP C 1178 -6.85 -47.89 40.22
N ILE C 1179 -6.50 -48.52 41.34
CA ILE C 1179 -6.06 -47.83 42.53
C ILE C 1179 -4.81 -47.00 42.24
N ILE C 1180 -3.98 -47.49 41.34
CA ILE C 1180 -2.79 -46.75 40.92
C ILE C 1180 -3.18 -45.41 40.32
N GLN C 1181 -4.23 -45.44 39.50
CA GLN C 1181 -4.68 -44.28 38.73
C GLN C 1181 -5.52 -43.30 39.56
N GLN C 1182 -6.09 -43.79 40.65
CA GLN C 1182 -7.05 -43.03 41.42
C GLN C 1182 -6.44 -42.24 42.57
N VAL C 1183 -5.26 -42.63 43.03
CA VAL C 1183 -4.69 -42.02 44.24
C VAL C 1183 -3.38 -41.29 44.02
N ASP C 1184 -3.05 -40.43 44.98
CA ASP C 1184 -1.79 -39.68 44.99
C ASP C 1184 -0.63 -40.66 45.19
N PRO C 1185 0.48 -40.45 44.46
CA PRO C 1185 1.70 -41.26 44.60
C PRO C 1185 2.04 -41.54 46.07
N VAL C 1186 2.00 -40.52 46.90
CA VAL C 1186 2.20 -40.66 48.33
C VAL C 1186 1.44 -41.86 48.91
N THR C 1187 0.16 -41.99 48.55
CA THR C 1187 -0.64 -43.12 49.00
C THR C 1187 0.00 -44.43 48.56
N LEU C 1188 0.56 -44.44 47.36
CA LEU C 1188 1.26 -45.62 46.86
C LEU C 1188 2.47 -46.00 47.72
N TYR C 1189 3.27 -45.03 48.08
CA TYR C 1189 4.41 -45.32 48.93
C TYR C 1189 3.87 -45.91 50.23
N VAL C 1190 2.73 -45.40 50.70
CA VAL C 1190 2.16 -45.84 51.97
C VAL C 1190 1.54 -47.22 51.90
N LEU C 1191 0.80 -47.48 50.83
CA LEU C 1191 0.20 -48.79 50.66
C LEU C 1191 1.28 -49.87 50.61
N VAL C 1192 2.24 -49.69 49.72
CA VAL C 1192 3.33 -50.64 49.62
C VAL C 1192 4.01 -50.78 50.98
N SER C 1193 4.37 -49.67 51.59
CA SER C 1193 5.00 -49.71 52.90
C SER C 1193 4.22 -50.57 53.88
N VAL C 1194 3.02 -50.14 54.24
CA VAL C 1194 2.17 -50.85 55.19
C VAL C 1194 2.03 -52.33 54.82
N ALA C 1195 2.12 -52.65 53.53
CA ALA C 1195 1.97 -54.03 53.08
C ALA C 1195 3.20 -54.86 53.42
N GLU C 1196 4.38 -54.27 53.25
CA GLU C 1196 5.62 -54.93 53.59
C GLU C 1196 5.90 -54.89 55.09
N ALA C 1197 5.32 -53.92 55.77
CA ALA C 1197 5.51 -53.78 57.20
C ALA C 1197 4.70 -54.84 57.93
N LEU C 1198 3.61 -55.28 57.32
CA LEU C 1198 2.85 -56.37 57.90
C LEU C 1198 3.58 -57.70 57.71
N LEU C 1199 4.33 -57.83 56.61
CA LEU C 1199 5.07 -59.06 56.31
C LEU C 1199 6.25 -59.23 57.28
N SER C 1200 6.97 -58.14 57.50
CA SER C 1200 8.10 -58.11 58.44
C SER C 1200 7.62 -58.36 59.85
N SER C 1201 6.35 -58.72 59.99
CA SER C 1201 5.76 -58.94 61.30
C SER C 1201 4.91 -60.20 61.25
N GLY C 1202 5.14 -61.01 60.23
CA GLY C 1202 4.50 -62.31 60.13
C GLY C 1202 3.02 -62.31 59.78
N ILE C 1203 2.43 -61.14 59.57
CA ILE C 1203 1.05 -61.09 59.12
C ILE C 1203 1.02 -61.20 57.62
N THR C 1204 0.39 -62.26 57.10
CA THR C 1204 0.20 -62.39 55.67
C THR C 1204 -1.12 -61.77 55.22
N ASP C 1205 -2.19 -62.29 55.81
CA ASP C 1205 -3.53 -61.76 55.68
C ASP C 1205 -3.78 -60.93 56.93
N PRO C 1206 -4.07 -59.64 56.75
CA PRO C 1206 -4.23 -58.77 57.91
C PRO C 1206 -5.45 -59.18 58.70
N TYR C 1207 -6.32 -59.94 58.06
CA TYR C 1207 -7.48 -60.51 58.72
C TYR C 1207 -7.07 -61.45 59.86
N GLU C 1208 -5.84 -61.91 59.81
CA GLU C 1208 -5.30 -62.76 60.87
C GLU C 1208 -5.43 -62.09 62.23
N PHE C 1209 -5.34 -60.77 62.26
CA PHE C 1209 -5.56 -60.00 63.47
C PHE C 1209 -6.93 -60.29 64.06
N TYR C 1210 -7.89 -60.65 63.23
CA TYR C 1210 -9.25 -60.88 63.72
C TYR C 1210 -9.46 -62.32 64.12
N LYS C 1211 -8.36 -63.01 64.39
CA LYS C 1211 -8.43 -64.24 65.13
C LYS C 1211 -8.33 -63.85 66.59
N TYR C 1212 -7.23 -63.20 66.94
CA TYR C 1212 -6.92 -62.90 68.34
C TYR C 1212 -7.62 -61.65 68.87
N VAL C 1213 -8.12 -60.80 67.98
CA VAL C 1213 -8.61 -59.49 68.37
C VAL C 1213 -9.82 -59.01 67.59
N HIS C 1214 -10.67 -58.23 68.26
CA HIS C 1214 -11.91 -57.71 67.68
C HIS C 1214 -11.68 -56.60 66.67
N LEU C 1215 -12.62 -56.43 65.73
CA LEU C 1215 -12.49 -55.46 64.65
C LEU C 1215 -12.14 -54.07 65.13
N SER C 1216 -12.46 -53.79 66.39
CA SER C 1216 -12.30 -52.45 66.93
C SER C 1216 -10.98 -52.22 67.70
N GLU C 1217 -9.96 -53.01 67.41
CA GLU C 1217 -8.68 -52.86 68.11
C GLU C 1217 -7.50 -52.76 67.17
N VAL C 1218 -7.76 -52.83 65.86
CA VAL C 1218 -6.71 -52.59 64.89
C VAL C 1218 -6.74 -51.13 64.49
N GLY C 1219 -5.92 -50.32 65.16
CA GLY C 1219 -5.96 -48.88 64.95
C GLY C 1219 -5.03 -48.41 63.86
N ASN C 1220 -5.27 -47.21 63.34
CA ASN C 1220 -4.46 -46.66 62.25
C ASN C 1220 -4.09 -45.17 62.43
N CYS C 1221 -2.81 -44.91 62.70
CA CYS C 1221 -2.32 -43.58 63.00
C CYS C 1221 -1.24 -43.06 62.08
N ILE C 1222 -1.37 -43.27 60.78
CA ILE C 1222 -0.33 -42.77 59.88
C ILE C 1222 -0.55 -41.31 59.55
N GLY C 1223 0.50 -40.50 59.65
CA GLY C 1223 0.38 -39.07 59.43
C GLY C 1223 1.36 -38.52 58.41
N SER C 1224 1.41 -37.19 58.30
CA SER C 1224 2.34 -36.53 57.37
C SER C 1224 2.39 -35.02 57.59
N GLY C 1225 3.31 -34.36 56.89
CA GLY C 1225 3.51 -32.93 57.03
C GLY C 1225 2.53 -32.13 56.21
N VAL C 1226 2.36 -32.52 54.95
CA VAL C 1226 1.34 -31.95 54.07
C VAL C 1226 0.60 -33.04 53.32
N GLY C 1227 1.34 -33.94 52.66
CA GLY C 1227 0.80 -35.17 52.08
C GLY C 1227 -0.42 -35.14 51.17
N GLY C 1228 -0.23 -35.55 49.93
CA GLY C 1228 -1.26 -35.38 48.92
C GLY C 1228 -0.85 -34.19 48.10
N THR C 1229 0.44 -33.86 48.20
CA THR C 1229 1.05 -32.68 47.60
C THR C 1229 0.78 -32.61 46.10
N SER C 1230 0.54 -33.76 45.50
CA SER C 1230 0.33 -33.84 44.06
C SER C 1230 -1.11 -33.49 43.69
N ALA C 1231 -2.08 -34.03 44.43
CA ALA C 1231 -3.47 -33.68 44.19
C ALA C 1231 -3.68 -32.25 44.65
N LEU C 1232 -2.96 -31.88 45.70
CA LEU C 1232 -3.04 -30.54 46.26
C LEU C 1232 -2.75 -29.53 45.17
N ARG C 1233 -1.89 -29.92 44.24
CA ARG C 1233 -1.53 -29.04 43.13
C ARG C 1233 -2.63 -29.01 42.08
N GLY C 1234 -3.11 -30.18 41.71
CA GLY C 1234 -4.15 -30.27 40.70
C GLY C 1234 -5.38 -29.46 41.07
N MET C 1235 -5.51 -29.18 42.35
CA MET C 1235 -6.65 -28.45 42.91
C MET C 1235 -6.42 -26.94 42.77
N TYR C 1236 -5.24 -26.49 43.21
CA TYR C 1236 -4.93 -25.08 43.30
C TYR C 1236 -4.26 -24.51 42.05
N LYS C 1237 -3.87 -25.37 41.13
CA LYS C 1237 -3.15 -24.93 39.94
C LYS C 1237 -3.60 -25.63 38.65
N ASP C 1238 -3.48 -26.94 38.62
CA ASP C 1238 -3.77 -27.67 37.40
C ASP C 1238 -5.21 -27.46 36.96
N ARG C 1239 -6.07 -27.02 37.86
CA ARG C 1239 -7.48 -26.82 37.54
C ARG C 1239 -7.79 -25.38 37.12
N TYR C 1240 -7.07 -24.45 37.72
CA TYR C 1240 -7.13 -23.06 37.33
C TYR C 1240 -6.48 -22.88 35.96
N LEU C 1241 -5.74 -23.89 35.53
CA LEU C 1241 -5.04 -23.85 34.25
C LEU C 1241 -5.88 -24.59 33.22
N ASP C 1242 -7.00 -25.13 33.67
CA ASP C 1242 -7.89 -25.90 32.83
C ASP C 1242 -7.28 -27.18 32.25
N LYS C 1243 -6.34 -27.78 32.96
CA LYS C 1243 -5.81 -29.09 32.59
C LYS C 1243 -6.77 -30.19 33.07
N PRO C 1244 -6.70 -31.38 32.46
CA PRO C 1244 -7.61 -32.46 32.81
C PRO C 1244 -7.30 -33.11 34.17
N VAL C 1245 -8.10 -32.76 35.18
CA VAL C 1245 -7.91 -33.29 36.53
C VAL C 1245 -9.16 -34.05 36.96
N GLN C 1246 -8.99 -35.00 37.85
CA GLN C 1246 -10.10 -35.80 38.35
C GLN C 1246 -11.11 -34.90 38.99
N LYS C 1247 -12.32 -35.41 39.25
CA LYS C 1247 -13.33 -34.61 39.95
C LYS C 1247 -13.17 -34.65 41.45
N ASP C 1248 -12.48 -35.68 41.91
CA ASP C 1248 -12.37 -35.94 43.34
C ASP C 1248 -10.97 -35.73 43.91
N ILE C 1249 -10.13 -34.95 43.23
CA ILE C 1249 -8.78 -34.73 43.73
C ILE C 1249 -8.81 -34.07 45.10
N LEU C 1250 -9.97 -33.56 45.50
CA LEU C 1250 -10.13 -33.04 46.84
C LEU C 1250 -9.94 -34.17 47.83
N GLN C 1251 -10.59 -35.31 47.57
CA GLN C 1251 -10.40 -36.52 48.37
C GLN C 1251 -8.95 -36.77 48.72
N GLU C 1252 -8.07 -36.65 47.73
CA GLU C 1252 -6.71 -37.13 47.88
C GLU C 1252 -5.70 -36.09 48.37
N SER C 1253 -6.18 -34.95 48.85
CA SER C 1253 -5.31 -33.90 49.38
C SER C 1253 -5.26 -33.93 50.90
N PHE C 1254 -6.16 -34.71 51.49
CA PHE C 1254 -6.19 -34.82 52.95
C PHE C 1254 -5.13 -35.78 53.47
N VAL C 1255 -4.52 -35.42 54.59
CA VAL C 1255 -3.50 -36.26 55.20
C VAL C 1255 -4.06 -37.65 55.55
N ASN C 1256 -5.34 -37.71 55.90
CA ASN C 1256 -5.93 -38.95 56.39
C ASN C 1256 -6.58 -39.80 55.32
N THR C 1257 -6.42 -39.38 54.07
CA THR C 1257 -6.96 -40.17 52.98
C THR C 1257 -6.02 -41.32 52.71
N MET C 1258 -4.73 -41.06 52.89
CA MET C 1258 -3.76 -42.12 52.82
C MET C 1258 -4.23 -43.14 53.82
N ALA C 1259 -4.23 -42.76 55.09
CA ALA C 1259 -4.66 -43.64 56.15
C ALA C 1259 -5.92 -44.41 55.75
N ALA C 1260 -6.91 -43.68 55.24
CA ALA C 1260 -8.18 -44.31 54.87
C ALA C 1260 -7.97 -45.44 53.85
N TRP C 1261 -7.20 -45.16 52.81
CA TRP C 1261 -6.99 -46.15 51.75
C TRP C 1261 -6.39 -47.45 52.31
N VAL C 1262 -5.55 -47.32 53.34
CA VAL C 1262 -4.91 -48.44 53.98
C VAL C 1262 -5.98 -49.35 54.58
N ASN C 1263 -7.01 -48.74 55.11
CA ASN C 1263 -8.07 -49.47 55.76
C ASN C 1263 -9.08 -50.03 54.77
N MET C 1264 -9.16 -49.41 53.59
CA MET C 1264 -10.15 -49.81 52.60
C MET C 1264 -9.63 -50.90 51.66
N LEU C 1265 -8.35 -51.24 51.79
CA LEU C 1265 -7.72 -52.20 50.89
C LEU C 1265 -7.11 -53.38 51.63
N LEU C 1266 -6.68 -53.16 52.87
CA LEU C 1266 -5.97 -54.17 53.64
C LEU C 1266 -6.74 -54.58 54.92
N LEU C 1267 -6.62 -53.78 55.97
CA LEU C 1267 -7.16 -54.14 57.27
C LEU C 1267 -8.52 -53.51 57.52
N SER C 1268 -9.59 -54.14 57.07
CA SER C 1268 -10.91 -53.56 57.30
C SER C 1268 -11.27 -53.62 58.77
N SER C 1269 -11.26 -52.46 59.42
CA SER C 1269 -11.34 -52.42 60.87
C SER C 1269 -12.14 -51.23 61.39
N THR C 1270 -12.83 -51.46 62.50
CA THR C 1270 -13.52 -50.39 63.20
C THR C 1270 -12.61 -49.83 64.28
N GLY C 1271 -11.33 -49.69 63.95
CA GLY C 1271 -10.36 -49.25 64.92
C GLY C 1271 -10.28 -47.74 64.98
N PRO C 1272 -9.60 -47.21 66.01
CA PRO C 1272 -9.44 -45.77 66.09
C PRO C 1272 -8.62 -45.30 64.91
N ILE C 1273 -8.80 -44.07 64.45
CA ILE C 1273 -7.81 -43.44 63.59
C ILE C 1273 -7.58 -42.00 63.97
N LYS C 1274 -6.33 -41.71 64.29
CA LYS C 1274 -5.90 -40.38 64.66
C LYS C 1274 -4.67 -40.09 63.84
N THR C 1275 -4.82 -39.23 62.84
CA THR C 1275 -3.72 -38.93 61.95
C THR C 1275 -3.16 -37.55 62.27
N PRO C 1276 -1.84 -37.47 62.51
CA PRO C 1276 -1.18 -36.26 63.01
C PRO C 1276 -0.49 -35.44 61.94
N VAL C 1277 -0.23 -34.17 62.25
CA VAL C 1277 0.58 -33.33 61.41
C VAL C 1277 1.62 -32.63 62.28
N GLY C 1278 2.72 -33.33 62.52
CA GLY C 1278 3.81 -32.76 63.30
C GLY C 1278 4.96 -32.27 62.43
N ALA C 1279 4.64 -31.76 61.25
CA ALA C 1279 5.66 -31.23 60.35
C ALA C 1279 6.81 -32.21 60.21
N CYS C 1280 8.04 -31.70 60.26
CA CYS C 1280 9.23 -32.54 60.10
C CYS C 1280 9.25 -33.73 61.07
N ALA C 1281 8.72 -33.55 62.27
CA ALA C 1281 8.78 -34.60 63.29
C ALA C 1281 7.50 -35.43 63.39
N THR C 1282 6.71 -35.47 62.33
CA THR C 1282 5.44 -36.18 62.37
C THR C 1282 5.57 -37.64 62.77
N ALA C 1283 6.44 -38.37 62.08
CA ALA C 1283 6.56 -39.81 62.28
C ALA C 1283 6.67 -40.22 63.75
N VAL C 1284 7.37 -39.42 64.53
CA VAL C 1284 7.53 -39.68 65.96
C VAL C 1284 6.24 -39.39 66.70
N GLU C 1285 5.68 -38.20 66.53
CA GLU C 1285 4.40 -37.85 67.12
C GLU C 1285 3.39 -38.95 66.87
N SER C 1286 3.50 -39.61 65.72
CA SER C 1286 2.59 -40.67 65.35
C SER C 1286 2.79 -41.87 66.26
N LEU C 1287 4.06 -42.17 66.53
CA LEU C 1287 4.41 -43.25 67.44
C LEU C 1287 3.77 -42.98 68.79
N ASP C 1288 3.89 -41.74 69.26
CA ASP C 1288 3.29 -41.27 70.51
C ASP C 1288 1.79 -41.54 70.47
N VAL C 1289 1.09 -40.84 69.59
CA VAL C 1289 -0.34 -41.02 69.41
C VAL C 1289 -0.77 -42.49 69.41
N GLY C 1290 -0.11 -43.29 68.57
CA GLY C 1290 -0.41 -44.70 68.52
C GLY C 1290 -0.19 -45.38 69.86
N TYR C 1291 1.00 -45.15 70.44
CA TYR C 1291 1.37 -45.62 71.77
C TYR C 1291 0.27 -45.38 72.80
N ASP C 1292 -0.04 -44.11 73.02
CA ASP C 1292 -1.06 -43.70 74.00
C ASP C 1292 -2.39 -44.38 73.73
N THR C 1293 -2.83 -44.32 72.48
CA THR C 1293 -4.08 -44.93 72.06
C THR C 1293 -4.14 -46.40 72.46
N ILE C 1294 -3.01 -47.09 72.35
CA ILE C 1294 -2.95 -48.50 72.68
C ILE C 1294 -2.96 -48.73 74.19
N MET C 1295 -2.32 -47.83 74.93
CA MET C 1295 -2.30 -47.90 76.37
C MET C 1295 -3.55 -47.33 77.03
N GLN C 1296 -4.66 -47.28 76.29
CA GLN C 1296 -5.92 -46.79 76.86
C GLN C 1296 -7.04 -47.72 76.44
N GLY C 1297 -6.67 -48.91 75.99
CA GLY C 1297 -7.66 -49.90 75.61
C GLY C 1297 -8.35 -49.59 74.29
N LYS C 1298 -7.93 -48.51 73.64
CA LYS C 1298 -8.54 -48.12 72.39
C LYS C 1298 -8.24 -49.16 71.32
N ALA C 1299 -7.07 -49.78 71.39
CA ALA C 1299 -6.71 -50.80 70.43
C ALA C 1299 -5.51 -51.58 70.90
N ARG C 1300 -5.29 -52.74 70.29
CA ARG C 1300 -4.13 -53.54 70.66
C ARG C 1300 -3.04 -53.52 69.60
N VAL C 1301 -3.43 -53.79 68.35
CA VAL C 1301 -2.50 -53.60 67.25
C VAL C 1301 -2.77 -52.22 66.66
N CYS C 1302 -1.81 -51.72 65.90
CA CYS C 1302 -1.91 -50.37 65.39
C CYS C 1302 -0.76 -50.01 64.46
N LEU C 1303 -1.08 -49.54 63.25
CA LEU C 1303 -0.06 -49.09 62.28
C LEU C 1303 0.35 -47.68 62.57
N VAL C 1304 1.64 -47.42 62.49
CA VAL C 1304 2.16 -46.11 62.83
C VAL C 1304 3.25 -45.77 61.85
N GLY C 1305 3.37 -44.49 61.51
CA GLY C 1305 4.43 -44.04 60.63
C GLY C 1305 4.20 -42.65 60.08
N GLY C 1306 5.00 -42.29 59.07
CA GLY C 1306 4.92 -41.00 58.42
C GLY C 1306 5.24 -41.08 56.95
N PHE C 1307 4.84 -40.06 56.20
CA PHE C 1307 5.10 -40.00 54.77
C PHE C 1307 5.06 -38.59 54.26
N ASP C 1308 5.80 -38.33 53.18
CA ASP C 1308 5.76 -37.04 52.51
C ASP C 1308 6.49 -37.15 51.16
N ASP C 1309 6.07 -36.36 50.18
CA ASP C 1309 6.61 -36.48 48.83
C ASP C 1309 7.50 -35.31 48.52
N PHE C 1310 8.20 -35.38 47.39
CA PHE C 1310 9.00 -34.27 46.86
C PHE C 1310 8.27 -33.63 45.69
N GLN C 1311 8.17 -32.30 45.68
CA GLN C 1311 7.47 -31.62 44.60
C GLN C 1311 8.02 -30.27 44.20
N GLU C 1312 7.72 -29.86 42.99
CA GLU C 1312 8.22 -28.62 42.44
C GLU C 1312 7.87 -27.44 43.35
N GLU C 1313 6.61 -27.39 43.78
CA GLU C 1313 6.09 -26.30 44.59
C GLU C 1313 6.68 -26.37 46.00
N GLY C 1314 6.94 -27.59 46.46
CA GLY C 1314 7.59 -27.83 47.74
C GLY C 1314 9.03 -27.35 47.74
N SER C 1315 9.88 -28.04 46.99
CA SER C 1315 11.31 -27.73 46.91
C SER C 1315 11.58 -26.25 46.72
N TYR C 1316 10.74 -25.62 45.91
CA TYR C 1316 10.91 -24.21 45.59
C TYR C 1316 10.61 -23.35 46.81
N GLU C 1317 9.71 -23.82 47.65
CA GLU C 1317 9.26 -23.01 48.75
C GLU C 1317 10.25 -23.00 49.92
N PHE C 1318 10.79 -24.17 50.27
CA PHE C 1318 11.79 -24.29 51.32
C PHE C 1318 12.95 -23.39 51.00
N ALA C 1319 13.34 -23.41 49.74
CA ALA C 1319 14.48 -22.63 49.29
C ALA C 1319 14.29 -21.14 49.58
N ASN C 1320 13.04 -20.67 49.59
CA ASN C 1320 12.77 -19.28 49.90
C ASN C 1320 12.93 -18.98 51.37
N MET C 1321 12.85 -20.01 52.19
CA MET C 1321 13.04 -19.88 53.62
C MET C 1321 14.52 -20.03 53.98
N GLY C 1322 15.25 -20.80 53.18
CA GLY C 1322 16.67 -20.98 53.41
C GLY C 1322 16.95 -22.33 54.02
N ALA C 1323 15.94 -23.20 53.98
CA ALA C 1323 16.03 -24.54 54.54
C ALA C 1323 16.92 -25.48 53.72
N THR C 1324 16.56 -25.70 52.45
CA THR C 1324 17.34 -26.58 51.56
C THR C 1324 18.75 -26.03 51.35
N SER C 1325 19.62 -26.86 50.78
CA SER C 1325 21.02 -26.47 50.56
C SER C 1325 21.26 -26.19 49.08
N ASN C 1326 21.90 -25.07 48.81
CA ASN C 1326 22.07 -24.60 47.42
C ASN C 1326 23.00 -25.47 46.58
N ALA C 1327 22.43 -26.36 45.78
CA ALA C 1327 23.21 -27.26 44.92
C ALA C 1327 24.26 -26.50 44.12
N LYS C 1328 23.87 -25.40 43.47
CA LYS C 1328 24.79 -24.62 42.65
C LYS C 1328 25.99 -24.10 43.43
N GLU C 1329 25.75 -23.59 44.63
CA GLU C 1329 26.82 -23.10 45.49
C GLU C 1329 27.73 -24.23 45.94
N GLU C 1330 27.11 -25.38 46.20
CA GLU C 1330 27.85 -26.55 46.68
C GLU C 1330 28.58 -27.29 45.58
N PHE C 1331 28.04 -27.24 44.37
CA PHE C 1331 28.74 -27.77 43.21
C PHE C 1331 29.97 -26.93 42.98
N ALA C 1332 29.97 -25.72 43.54
CA ALA C 1332 31.07 -24.78 43.38
C ALA C 1332 32.03 -24.94 44.52
N ARG C 1333 31.70 -25.87 45.41
CA ARG C 1333 32.59 -26.20 46.51
C ARG C 1333 33.24 -27.55 46.27
N GLY C 1334 32.99 -28.10 45.09
CA GLY C 1334 33.56 -29.36 44.70
C GLY C 1334 32.70 -30.52 45.18
N ARG C 1335 31.61 -30.19 45.86
CA ARG C 1335 30.74 -31.21 46.45
C ARG C 1335 30.00 -32.01 45.39
N GLU C 1336 29.86 -33.31 45.63
CA GLU C 1336 29.11 -34.16 44.72
C GLU C 1336 27.71 -34.38 45.25
N PRO C 1337 26.76 -34.70 44.37
CA PRO C 1337 25.37 -34.96 44.77
C PRO C 1337 25.31 -36.03 45.86
N GLY C 1338 24.52 -35.78 46.91
CA GLY C 1338 24.25 -36.81 47.91
C GLY C 1338 25.37 -36.92 48.92
N GLU C 1339 26.44 -36.21 48.65
CA GLU C 1339 27.52 -36.04 49.60
C GLU C 1339 27.59 -34.54 49.82
N MET C 1340 26.38 -33.98 49.86
CA MET C 1340 26.10 -32.58 50.11
C MET C 1340 25.35 -32.49 51.44
N SER C 1341 25.16 -33.67 52.06
CA SER C 1341 24.39 -33.80 53.29
C SER C 1341 25.28 -34.24 54.46
N ARG C 1342 25.86 -33.26 55.16
CA ARG C 1342 26.77 -33.54 56.27
C ARG C 1342 26.16 -33.02 57.56
N PRO C 1343 25.56 -33.92 58.34
CA PRO C 1343 24.75 -33.55 59.50
C PRO C 1343 25.51 -32.84 60.62
N THR C 1344 26.83 -32.99 60.72
CA THR C 1344 27.53 -32.33 61.82
C THR C 1344 28.74 -31.57 61.36
N SER C 1345 29.06 -31.73 60.08
CA SER C 1345 30.23 -31.11 59.49
C SER C 1345 30.35 -29.63 59.83
N THR C 1346 31.55 -29.07 59.71
CA THR C 1346 31.76 -27.64 59.90
C THR C 1346 31.08 -26.90 58.75
N THR C 1347 30.98 -27.57 57.61
CA THR C 1347 30.52 -26.96 56.38
C THR C 1347 29.00 -27.06 56.18
N ARG C 1348 28.31 -27.76 57.08
CA ARG C 1348 26.87 -27.97 56.95
C ARG C 1348 26.19 -26.63 56.76
N ASN C 1349 25.38 -26.52 55.71
CA ASN C 1349 24.81 -25.24 55.28
C ASN C 1349 23.31 -25.25 54.97
N GLY C 1350 22.72 -26.43 54.90
CA GLY C 1350 21.30 -26.55 54.61
C GLY C 1350 20.98 -28.01 54.37
N PHE C 1351 19.69 -28.36 54.47
CA PHE C 1351 19.31 -29.78 54.43
C PHE C 1351 19.02 -30.35 53.05
N MET C 1352 18.63 -31.63 53.03
CA MET C 1352 18.37 -32.33 51.79
C MET C 1352 16.92 -32.73 51.62
N GLU C 1353 16.29 -32.23 50.56
CA GLU C 1353 14.95 -32.66 50.19
C GLU C 1353 14.98 -34.14 49.85
N SER C 1354 13.91 -34.85 50.23
CA SER C 1354 13.87 -36.28 49.98
C SER C 1354 12.44 -36.73 50.03
N GLN C 1355 12.13 -37.88 49.42
CA GLN C 1355 10.76 -38.34 49.33
C GLN C 1355 10.64 -39.75 49.87
N GLY C 1356 9.41 -40.18 50.16
CA GLY C 1356 9.16 -41.53 50.65
C GLY C 1356 8.35 -41.61 51.94
N CYS C 1357 8.18 -42.83 52.46
CA CYS C 1357 7.52 -43.00 53.74
C CYS C 1357 8.14 -44.12 54.56
N GLY C 1358 7.64 -44.29 55.78
CA GLY C 1358 8.11 -45.33 56.67
C GLY C 1358 7.06 -45.70 57.70
N VAL C 1359 6.81 -47.00 57.86
CA VAL C 1359 5.81 -47.46 58.79
C VAL C 1359 6.39 -48.50 59.74
N GLN C 1360 5.73 -48.69 60.88
CA GLN C 1360 6.09 -49.72 61.85
C GLN C 1360 4.83 -50.10 62.57
N VAL C 1361 4.51 -51.38 62.59
CA VAL C 1361 3.29 -51.81 63.25
C VAL C 1361 3.56 -52.07 64.72
N ILE C 1362 2.69 -51.60 65.60
CA ILE C 1362 2.88 -51.74 67.04
C ILE C 1362 1.76 -52.50 67.75
N MET C 1363 2.15 -53.23 68.80
CA MET C 1363 1.24 -54.10 69.53
C MET C 1363 1.46 -54.10 71.04
N THR C 1364 0.48 -54.67 71.75
CA THR C 1364 0.60 -54.99 73.16
C THR C 1364 1.58 -56.14 73.26
N ALA C 1365 2.49 -56.10 74.22
CA ALA C 1365 3.37 -57.22 74.45
C ALA C 1365 2.56 -58.53 74.46
N GLN C 1366 1.39 -58.48 75.10
CA GLN C 1366 0.49 -59.62 75.19
C GLN C 1366 0.16 -60.16 73.83
N LEU C 1367 -0.67 -59.40 73.11
CA LEU C 1367 -1.08 -59.78 71.77
C LEU C 1367 0.12 -60.26 70.98
N ALA C 1368 1.28 -59.62 71.19
CA ALA C 1368 2.51 -60.00 70.49
C ALA C 1368 2.89 -61.45 70.73
N LEU C 1369 3.11 -61.79 71.99
CA LEU C 1369 3.52 -63.12 72.38
C LEU C 1369 2.44 -64.16 72.12
N GLU C 1370 1.18 -63.76 72.31
CA GLU C 1370 0.05 -64.64 72.07
C GLU C 1370 -0.03 -65.02 70.61
N MET C 1371 0.18 -64.05 69.73
CA MET C 1371 0.18 -64.30 68.30
C MET C 1371 1.45 -65.04 67.95
N GLY C 1372 2.55 -64.64 68.55
CA GLY C 1372 3.84 -65.22 68.22
C GLY C 1372 4.37 -64.51 67.00
N VAL C 1373 4.62 -63.22 67.15
CA VAL C 1373 5.17 -62.42 66.10
C VAL C 1373 6.51 -61.89 66.56
N PRO C 1374 7.38 -61.59 65.62
CA PRO C 1374 8.72 -61.09 65.94
C PRO C 1374 8.60 -59.86 66.80
N ILE C 1375 9.64 -59.52 67.56
CA ILE C 1375 9.64 -58.27 68.33
C ILE C 1375 10.94 -57.48 68.20
N TYR C 1376 10.86 -56.37 67.49
CA TYR C 1376 12.05 -55.62 67.10
C TYR C 1376 12.57 -54.75 68.23
N GLY C 1377 11.68 -54.43 69.15
CA GLY C 1377 11.99 -53.55 70.26
C GLY C 1377 10.79 -53.15 71.12
N ILE C 1378 11.07 -52.43 72.20
CA ILE C 1378 10.04 -51.96 73.11
C ILE C 1378 9.96 -50.45 73.04
N VAL C 1379 8.79 -49.92 72.69
CA VAL C 1379 8.58 -48.48 72.78
C VAL C 1379 8.52 -48.12 74.23
N ALA C 1380 9.66 -47.70 74.76
CA ALA C 1380 9.80 -47.47 76.19
C ALA C 1380 8.99 -46.25 76.60
N MET C 1381 9.20 -45.18 75.86
CA MET C 1381 8.55 -43.93 76.19
C MET C 1381 8.51 -43.10 74.94
N THR C 1382 7.50 -42.25 74.84
CA THR C 1382 7.39 -41.29 73.75
C THR C 1382 6.80 -40.02 74.31
N SER C 1383 7.06 -38.88 73.68
CA SER C 1383 6.48 -37.61 74.12
C SER C 1383 6.73 -36.46 73.15
N THR C 1384 5.83 -35.49 73.17
CA THR C 1384 5.95 -34.29 72.34
C THR C 1384 6.06 -33.05 73.22
N ALA C 1385 6.70 -32.00 72.73
CA ALA C 1385 6.95 -30.83 73.55
C ALA C 1385 7.25 -29.55 72.78
N THR C 1386 6.56 -28.48 73.18
CA THR C 1386 6.69 -27.15 72.58
C THR C 1386 7.77 -26.33 73.28
N ASP C 1387 8.16 -25.22 72.66
CA ASP C 1387 9.17 -24.36 73.26
C ASP C 1387 8.52 -23.08 73.78
N LYS C 1388 9.34 -22.07 74.07
CA LYS C 1388 8.87 -20.82 74.66
C LYS C 1388 8.21 -19.89 73.67
N ILE C 1389 7.79 -18.73 74.16
CA ILE C 1389 7.26 -17.68 73.30
C ILE C 1389 8.33 -17.25 72.33
N GLY C 1390 7.91 -16.90 71.13
CA GLY C 1390 8.80 -16.42 70.09
C GLY C 1390 7.99 -15.97 68.90
N ARG C 1391 8.67 -15.50 67.86
CA ARG C 1391 7.99 -15.12 66.62
C ARG C 1391 8.61 -15.81 65.39
N SER C 1392 9.63 -16.62 65.63
CA SER C 1392 10.21 -17.43 64.57
C SER C 1392 9.57 -18.81 64.52
N VAL C 1393 8.78 -19.06 63.49
CA VAL C 1393 8.03 -20.32 63.35
C VAL C 1393 8.88 -21.59 63.19
N PRO C 1394 10.03 -21.48 62.52
CA PRO C 1394 10.81 -22.70 62.30
C PRO C 1394 11.88 -22.96 63.36
N ALA C 1395 12.29 -21.92 64.09
CA ALA C 1395 13.40 -22.02 65.04
C ALA C 1395 13.32 -23.22 66.00
N PRO C 1396 14.24 -24.19 65.86
CA PRO C 1396 14.26 -25.35 66.75
C PRO C 1396 14.65 -24.92 68.15
N GLY C 1397 13.98 -25.45 69.16
CA GLY C 1397 14.22 -25.07 70.53
C GLY C 1397 14.35 -26.26 71.46
N GLN C 1398 14.47 -25.97 72.75
CA GLN C 1398 14.76 -27.00 73.72
C GLN C 1398 13.52 -27.41 74.50
N GLY C 1399 12.47 -27.77 73.79
CA GLY C 1399 11.28 -28.22 74.46
C GLY C 1399 11.55 -29.59 75.02
N VAL C 1400 12.19 -30.41 74.19
CA VAL C 1400 12.37 -31.83 74.52
C VAL C 1400 13.20 -32.06 75.78
N LEU C 1401 13.85 -31.01 76.26
CA LEU C 1401 14.63 -31.08 77.49
C LEU C 1401 13.81 -31.50 78.70
N THR C 1402 12.53 -31.15 78.71
CA THR C 1402 11.71 -31.42 79.87
C THR C 1402 11.26 -32.88 80.03
N THR C 1403 11.76 -33.77 79.18
CA THR C 1403 11.51 -35.19 79.40
C THR C 1403 12.53 -35.73 80.37
N ALA C 1404 13.40 -34.84 80.82
CA ALA C 1404 14.41 -35.16 81.82
C ALA C 1404 14.21 -34.29 83.06
N ARG C 1405 13.01 -33.73 83.18
CA ARG C 1405 12.65 -32.91 84.33
C ARG C 1405 12.53 -33.83 85.52
N GLU C 1406 13.29 -33.51 86.56
CA GLU C 1406 13.28 -34.29 87.79
C GLU C 1406 13.95 -33.51 88.91
N LYS C 1407 13.31 -33.49 90.07
CA LYS C 1407 13.94 -32.90 91.26
C LYS C 1407 14.07 -33.94 92.36
N SER C 1408 15.18 -34.69 92.34
CA SER C 1408 15.44 -35.69 93.36
C SER C 1408 16.09 -35.02 94.57
N GLY C 1409 15.69 -35.45 95.75
CA GLY C 1409 16.19 -34.86 96.98
C GLY C 1409 17.64 -35.22 97.27
N ASN C 1410 17.89 -35.78 98.44
CA ASN C 1410 19.22 -36.26 98.76
C ASN C 1410 19.28 -37.75 98.49
N PHE C 1411 18.12 -38.39 98.60
CA PHE C 1411 18.02 -39.84 98.44
C PHE C 1411 17.08 -40.20 97.29
N PRO C 1412 17.52 -41.12 96.42
CA PRO C 1412 16.71 -41.62 95.30
C PRO C 1412 15.39 -42.21 95.78
N SER C 1413 14.33 -41.98 95.02
CA SER C 1413 13.06 -42.63 95.31
C SER C 1413 13.26 -44.13 95.34
N PRO C 1414 12.66 -44.77 96.35
CA PRO C 1414 12.66 -46.23 96.52
C PRO C 1414 12.26 -46.93 95.24
N LEU C 1415 11.33 -46.33 94.50
CA LEU C 1415 10.76 -46.95 93.33
C LEU C 1415 11.79 -47.22 92.21
N LEU C 1416 12.90 -46.49 92.21
CA LEU C 1416 13.96 -46.73 91.22
C LEU C 1416 14.66 -48.04 91.51
N ASP C 1417 14.54 -48.50 92.75
CA ASP C 1417 15.06 -49.81 93.15
C ASP C 1417 14.03 -50.88 92.79
N ILE C 1418 14.40 -51.77 91.89
CA ILE C 1418 13.48 -52.81 91.44
C ILE C 1418 13.02 -53.73 92.57
N LYS C 1419 13.88 -53.91 93.58
CA LYS C 1419 13.57 -54.78 94.70
C LYS C 1419 12.43 -54.22 95.52
N TYR C 1420 12.48 -52.91 95.79
CA TYR C 1420 11.40 -52.26 96.52
C TYR C 1420 10.07 -52.50 95.84
N ARG C 1421 10.06 -52.37 94.53
CA ARG C 1421 8.84 -52.59 93.77
C ARG C 1421 8.50 -54.07 93.85
N ARG C 1422 9.53 -54.92 93.82
CA ARG C 1422 9.35 -56.36 93.98
C ARG C 1422 8.53 -56.69 95.22
N ARG C 1423 9.00 -56.17 96.35
CA ARG C 1423 8.32 -56.34 97.64
C ARG C 1423 6.87 -55.94 97.52
N GLN C 1424 6.67 -54.65 97.29
CA GLN C 1424 5.35 -54.04 97.21
C GLN C 1424 4.43 -54.79 96.25
N LEU C 1425 4.99 -55.29 95.15
CA LEU C 1425 4.22 -56.03 94.18
C LEU C 1425 3.65 -57.31 94.78
N GLU C 1426 4.54 -58.23 95.11
CA GLU C 1426 4.10 -59.51 95.66
C GLU C 1426 3.48 -59.32 97.03
N LEU C 1427 3.66 -58.13 97.60
CA LEU C 1427 2.91 -57.75 98.79
C LEU C 1427 1.43 -57.68 98.41
N ARG C 1428 1.11 -56.88 97.39
CA ARG C 1428 -0.26 -56.77 96.89
C ARG C 1428 -0.73 -58.04 96.23
N ARG C 1429 0.22 -58.90 95.85
CA ARG C 1429 -0.14 -60.19 95.24
C ARG C 1429 -0.69 -61.14 96.28
N GLN C 1430 -0.07 -61.09 97.46
CA GLN C 1430 -0.56 -61.81 98.63
C GLN C 1430 -1.87 -61.17 99.07
N GLN C 1431 -1.80 -59.87 99.33
CA GLN C 1431 -2.96 -59.08 99.72
C GLN C 1431 -4.13 -59.37 98.78
N ILE C 1432 -3.81 -59.78 97.56
CA ILE C 1432 -4.81 -60.08 96.55
C ILE C 1432 -5.37 -61.49 96.69
N LYS C 1433 -4.48 -62.46 96.86
CA LYS C 1433 -4.91 -63.84 96.93
C LYS C 1433 -5.89 -64.03 98.10
N GLN C 1434 -5.72 -63.23 99.16
CA GLN C 1434 -6.54 -63.36 100.38
C GLN C 1434 -7.94 -62.75 100.21
N TRP C 1435 -7.99 -61.66 99.44
CA TRP C 1435 -9.26 -61.09 99.02
C TRP C 1435 -10.01 -62.11 98.16
N LYS C 1436 -9.29 -62.76 97.25
CA LYS C 1436 -9.89 -63.70 96.32
C LYS C 1436 -10.77 -64.71 97.05
N GLU C 1437 -10.32 -65.14 98.22
CA GLU C 1437 -11.06 -66.09 99.05
C GLU C 1437 -12.14 -65.39 99.84
N SER C 1438 -11.76 -64.32 100.54
CA SER C 1438 -12.70 -63.53 101.29
C SER C 1438 -13.97 -63.25 100.47
N GLU C 1439 -13.80 -63.11 99.15
CA GLU C 1439 -14.92 -62.83 98.25
C GLU C 1439 -15.70 -64.10 97.92
N TYR C 1440 -14.99 -65.22 97.80
CA TYR C 1440 -15.62 -66.53 97.61
C TYR C 1440 -16.55 -66.85 98.77
N LEU C 1441 -16.07 -66.57 99.97
CA LEU C 1441 -16.87 -66.72 101.18
C LEU C 1441 -18.14 -65.93 101.02
N TYR C 1442 -17.98 -64.62 100.84
CA TYR C 1442 -19.09 -63.67 100.71
C TYR C 1442 -20.16 -64.12 99.70
N LEU C 1443 -19.72 -64.76 98.62
CA LEU C 1443 -20.66 -65.24 97.60
C LEU C 1443 -21.45 -66.46 98.07
N GLN C 1444 -20.79 -67.31 98.84
CA GLN C 1444 -21.43 -68.46 99.46
C GLN C 1444 -22.64 -68.01 100.28
N GLU C 1445 -22.43 -67.02 101.14
CA GLU C 1445 -23.46 -66.47 102.01
C GLU C 1445 -24.60 -65.87 101.21
N GLU C 1446 -24.26 -64.87 100.39
CA GLU C 1446 -25.22 -64.21 99.53
C GLU C 1446 -26.01 -65.18 98.63
N VAL C 1447 -25.45 -66.38 98.40
CA VAL C 1447 -26.12 -67.43 97.62
C VAL C 1447 -27.41 -67.90 98.29
N ALA C 1448 -27.28 -68.48 99.48
CA ALA C 1448 -28.44 -68.95 100.24
C ALA C 1448 -29.16 -67.79 100.93
N ALA C 1449 -28.56 -66.60 100.87
CA ALA C 1449 -29.14 -65.39 101.45
C ALA C 1449 -30.26 -64.79 100.57
N ILE C 1450 -30.27 -65.16 99.29
CA ILE C 1450 -31.35 -64.78 98.39
C ILE C 1450 -32.23 -65.97 98.04
N LYS C 1451 -31.88 -67.14 98.59
CA LYS C 1451 -32.75 -68.31 98.55
C LYS C 1451 -33.84 -68.16 99.61
N SER C 1452 -33.47 -67.52 100.73
CA SER C 1452 -34.38 -67.32 101.86
C SER C 1452 -35.36 -66.16 101.62
N GLN C 1453 -34.98 -65.25 100.74
CA GLN C 1453 -35.81 -64.08 100.45
C GLN C 1453 -36.70 -64.28 99.21
N ARG C 1454 -36.34 -65.25 98.38
CA ARG C 1454 -37.06 -65.52 97.15
C ARG C 1454 -38.49 -66.00 97.42
N SER C 1455 -39.46 -65.25 96.91
CA SER C 1455 -40.84 -65.73 96.87
C SER C 1455 -40.99 -66.78 95.75
N GLU C 1456 -42.11 -67.50 95.74
CA GLU C 1456 -42.35 -68.60 94.80
C GLU C 1456 -42.83 -68.14 93.40
N GLU C 1457 -43.27 -66.88 93.32
CA GLU C 1457 -43.67 -66.25 92.06
C GLU C 1457 -42.45 -65.67 91.32
N ASP C 1458 -41.37 -65.49 92.07
CA ASP C 1458 -40.07 -65.07 91.52
C ASP C 1458 -39.46 -66.21 90.72
N GLY C 1459 -38.73 -65.85 89.67
CA GLY C 1459 -38.04 -66.84 88.86
C GLY C 1459 -37.08 -67.70 89.69
N PRO C 1460 -37.11 -69.03 89.47
CA PRO C 1460 -36.14 -70.00 89.99
C PRO C 1460 -34.70 -69.61 89.63
N PHE C 1461 -33.86 -69.35 90.63
CA PHE C 1461 -32.47 -68.94 90.42
C PHE C 1461 -31.54 -70.10 90.14
N ASP C 1462 -31.10 -70.22 88.89
CA ASP C 1462 -30.13 -71.24 88.52
C ASP C 1462 -28.88 -71.02 89.34
N GLU C 1463 -28.78 -71.77 90.43
CA GLU C 1463 -27.63 -71.68 91.31
C GLU C 1463 -26.36 -71.96 90.52
N THR C 1464 -26.44 -72.92 89.59
CA THR C 1464 -25.31 -73.23 88.71
C THR C 1464 -24.98 -72.06 87.80
N ALA C 1465 -26.00 -71.48 87.18
CA ALA C 1465 -25.83 -70.29 86.35
C ALA C 1465 -25.27 -69.13 87.17
N TYR C 1466 -26.07 -68.65 88.13
CA TYR C 1466 -25.70 -67.51 88.97
C TYR C 1466 -24.33 -67.67 89.66
N LEU C 1467 -24.04 -68.87 90.16
CA LEU C 1467 -22.78 -69.09 90.85
C LEU C 1467 -21.62 -69.27 89.89
N ARG C 1468 -21.92 -69.68 88.66
CA ARG C 1468 -20.91 -69.74 87.62
C ARG C 1468 -20.39 -68.36 87.27
N GLU C 1469 -21.28 -67.53 86.73
CA GLU C 1469 -20.92 -66.17 86.32
C GLU C 1469 -20.24 -65.43 87.48
N ARG C 1470 -20.69 -65.71 88.70
CA ARG C 1470 -20.19 -65.04 89.88
C ARG C 1470 -18.78 -65.48 90.26
N THR C 1471 -18.48 -66.75 90.12
CA THR C 1471 -17.13 -67.25 90.39
C THR C 1471 -16.16 -66.79 89.31
N GLU C 1472 -16.54 -67.01 88.05
CA GLU C 1472 -15.74 -66.58 86.91
C GLU C 1472 -15.37 -65.11 87.05
N HIS C 1473 -16.32 -64.32 87.53
CA HIS C 1473 -16.12 -62.89 87.76
C HIS C 1473 -15.08 -62.62 88.82
N ILE C 1474 -15.17 -63.36 89.94
CA ILE C 1474 -14.18 -63.22 91.01
C ILE C 1474 -12.80 -63.56 90.48
N GLU C 1475 -12.75 -64.51 89.55
CA GLU C 1475 -11.52 -64.87 88.86
C GLU C 1475 -10.99 -63.69 88.05
N ARG C 1476 -11.76 -63.26 87.05
CA ARG C 1476 -11.40 -62.11 86.24
C ARG C 1476 -10.96 -60.98 87.16
N GLU C 1477 -11.89 -60.54 88.00
CA GLU C 1477 -11.67 -59.40 88.87
C GLU C 1477 -10.37 -59.52 89.67
N ALA C 1478 -10.01 -60.76 90.02
CA ALA C 1478 -8.76 -61.03 90.69
C ALA C 1478 -7.61 -60.81 89.73
N ARG C 1479 -7.67 -61.50 88.60
CA ARG C 1479 -6.66 -61.35 87.55
C ARG C 1479 -6.44 -59.89 87.21
N ARG C 1480 -7.54 -59.17 87.04
CA ARG C 1480 -7.50 -57.75 86.72
C ARG C 1480 -6.70 -57.04 87.79
N GLN C 1481 -7.10 -57.24 89.04
CA GLN C 1481 -6.47 -56.60 90.17
C GLN C 1481 -4.97 -56.86 90.18
N GLU C 1482 -4.57 -58.05 89.70
CA GLU C 1482 -3.17 -58.41 89.60
C GLU C 1482 -2.44 -57.51 88.63
N ALA C 1483 -2.77 -57.64 87.36
CA ALA C 1483 -2.18 -56.79 86.34
C ALA C 1483 -2.17 -55.34 86.76
N GLU C 1484 -3.21 -54.90 87.46
CA GLU C 1484 -3.32 -53.48 87.83
C GLU C 1484 -2.30 -53.04 88.88
N ALA C 1485 -2.02 -53.88 89.85
CA ALA C 1485 -0.96 -53.61 90.80
C ALA C 1485 0.39 -53.81 90.11
N GLN C 1486 0.38 -54.69 89.12
CA GLN C 1486 1.56 -54.95 88.30
C GLN C 1486 1.84 -53.69 87.50
N THR C 1487 0.77 -52.98 87.18
CA THR C 1487 0.85 -51.75 86.42
C THR C 1487 1.48 -50.66 87.24
N SER C 1488 0.98 -50.51 88.46
CA SER C 1488 1.38 -49.39 89.31
C SER C 1488 2.74 -49.59 89.94
N PHE C 1489 3.38 -50.72 89.64
CA PHE C 1489 4.67 -51.04 90.23
C PHE C 1489 5.76 -51.42 89.25
N GLY C 1490 5.39 -51.59 87.99
CA GLY C 1490 6.36 -51.97 86.98
C GLY C 1490 6.31 -51.11 85.73
N ASN C 1491 5.10 -50.63 85.41
CA ASN C 1491 4.89 -49.88 84.19
C ASN C 1491 4.85 -48.39 84.45
N GLU C 1492 3.85 -47.98 85.22
CA GLU C 1492 3.47 -46.58 85.33
C GLU C 1492 3.78 -45.98 86.70
N PHE C 1493 4.75 -46.53 87.42
CA PHE C 1493 5.07 -46.04 88.75
C PHE C 1493 5.71 -44.65 88.77
N TRP C 1494 5.88 -44.04 87.59
CA TRP C 1494 6.54 -42.74 87.50
C TRP C 1494 5.63 -41.66 86.93
N ARG C 1495 4.35 -42.01 86.74
CA ARG C 1495 3.35 -41.04 86.27
C ARG C 1495 3.25 -39.85 87.19
N ARG C 1496 3.62 -38.68 86.67
CA ARG C 1496 3.54 -37.43 87.41
C ARG C 1496 4.40 -37.46 88.67
N ASP C 1497 5.45 -38.28 88.66
CA ASP C 1497 6.34 -38.35 89.81
C ASP C 1497 7.39 -37.25 89.75
N SER C 1498 7.26 -36.26 90.62
CA SER C 1498 8.14 -35.09 90.62
C SER C 1498 9.61 -35.47 90.82
N ARG C 1499 9.84 -36.69 91.29
CA ARG C 1499 11.17 -37.12 91.70
C ARG C 1499 11.72 -38.20 90.75
N ILE C 1500 11.07 -38.34 89.62
CA ILE C 1500 11.48 -39.30 88.59
C ILE C 1500 11.23 -38.75 87.20
N ALA C 1501 12.29 -38.42 86.48
CA ALA C 1501 12.15 -37.98 85.09
C ALA C 1501 11.62 -39.14 84.25
N PRO C 1502 10.72 -38.84 83.29
CA PRO C 1502 10.11 -39.87 82.46
C PRO C 1502 11.16 -40.73 81.74
N LEU C 1503 12.32 -40.15 81.45
CA LEU C 1503 13.44 -40.89 80.86
C LEU C 1503 13.88 -41.97 81.82
N ARG C 1504 14.21 -41.56 83.05
CA ARG C 1504 14.50 -42.50 84.14
C ARG C 1504 13.42 -43.57 84.19
N GLY C 1505 12.18 -43.10 84.32
CA GLY C 1505 11.03 -43.97 84.52
C GLY C 1505 11.06 -45.15 83.60
N ALA C 1506 10.77 -44.90 82.33
CA ALA C 1506 10.60 -45.99 81.39
C ALA C 1506 11.86 -46.85 81.30
N LEU C 1507 13.02 -46.28 81.57
CA LEU C 1507 14.27 -47.05 81.55
C LEU C 1507 14.38 -47.95 82.79
N ALA C 1508 14.04 -47.40 83.94
CA ALA C 1508 14.10 -48.14 85.19
C ALA C 1508 13.09 -49.29 85.19
N THR C 1509 11.94 -49.11 84.54
CA THR C 1509 10.92 -50.16 84.51
C THR C 1509 11.45 -51.47 83.92
N TRP C 1510 12.59 -51.40 83.21
CA TRP C 1510 13.22 -52.56 82.60
C TRP C 1510 14.58 -52.81 83.22
N GLY C 1511 14.89 -52.00 84.22
CA GLY C 1511 16.06 -52.24 85.04
C GLY C 1511 17.30 -51.58 84.47
N LEU C 1512 17.17 -50.32 84.10
CA LEU C 1512 18.25 -49.62 83.44
C LEU C 1512 18.33 -48.18 83.91
N THR C 1513 19.54 -47.64 83.91
CA THR C 1513 19.74 -46.20 84.13
C THR C 1513 20.13 -45.52 82.83
N ILE C 1514 20.37 -44.22 82.90
CA ILE C 1514 20.76 -43.46 81.72
C ILE C 1514 22.06 -43.97 81.14
N ASP C 1515 22.84 -44.69 81.94
CA ASP C 1515 24.12 -45.22 81.48
C ASP C 1515 23.96 -46.33 80.45
N ASP C 1516 22.76 -46.87 80.30
CA ASP C 1516 22.51 -47.96 79.36
C ASP C 1516 22.01 -47.47 78.00
N LEU C 1517 21.74 -46.18 77.92
CA LEU C 1517 21.32 -45.55 76.68
C LEU C 1517 22.57 -45.43 75.82
N GLY C 1518 22.74 -46.36 74.89
CA GLY C 1518 23.97 -46.43 74.11
C GLY C 1518 23.98 -45.56 72.87
N VAL C 1519 22.97 -45.74 72.03
CA VAL C 1519 22.92 -44.99 70.81
C VAL C 1519 21.80 -43.96 70.86
N ALA C 1520 22.15 -42.72 70.50
CA ALA C 1520 21.17 -41.67 70.32
C ALA C 1520 21.07 -41.36 68.84
N SER C 1521 19.87 -41.54 68.28
CA SER C 1521 19.66 -41.26 66.86
C SER C 1521 19.18 -39.83 66.71
N PHE C 1522 19.93 -39.05 65.93
CA PHE C 1522 19.70 -37.62 65.84
C PHE C 1522 18.95 -37.24 64.56
N HIS C 1523 17.98 -36.36 64.73
CA HIS C 1523 17.33 -35.70 63.62
C HIS C 1523 18.42 -35.22 62.69
N GLY C 1524 19.29 -34.37 63.21
CA GLY C 1524 20.47 -33.92 62.49
C GLY C 1524 20.25 -33.69 61.01
N THR C 1525 19.77 -32.50 60.68
CA THR C 1525 19.34 -32.23 59.32
C THR C 1525 20.40 -31.55 58.46
N SER C 1526 21.64 -31.53 58.92
CA SER C 1526 22.70 -30.92 58.12
C SER C 1526 22.54 -29.40 58.05
N THR C 1527 21.63 -28.86 58.85
CA THR C 1527 21.46 -27.41 58.94
C THR C 1527 22.39 -26.85 60.00
N VAL C 1528 22.44 -25.53 60.10
CA VAL C 1528 23.39 -24.94 61.02
C VAL C 1528 22.94 -25.10 62.46
N ALA C 1529 21.75 -24.62 62.77
CA ALA C 1529 21.28 -24.53 64.15
C ALA C 1529 20.76 -25.85 64.76
N ASN C 1530 20.05 -26.64 63.96
CA ASN C 1530 19.46 -27.89 64.46
C ASN C 1530 20.43 -28.87 65.10
N ASP C 1531 21.63 -28.96 64.54
CA ASP C 1531 22.61 -29.92 65.01
C ASP C 1531 23.32 -29.44 66.27
N LYS C 1532 23.58 -28.15 66.37
CA LYS C 1532 24.13 -27.59 67.59
C LYS C 1532 23.10 -27.69 68.71
N ASN C 1533 21.82 -27.64 68.34
CA ASN C 1533 20.77 -27.67 69.33
C ASN C 1533 20.39 -29.07 69.75
N GLU C 1534 20.20 -29.94 68.77
CA GLU C 1534 19.90 -31.34 69.03
C GLU C 1534 20.90 -31.96 69.98
N SER C 1535 22.18 -31.83 69.66
CA SER C 1535 23.23 -32.31 70.52
C SER C 1535 22.99 -31.75 71.91
N ASP C 1536 22.80 -30.43 71.99
CA ASP C 1536 22.62 -29.74 73.26
C ASP C 1536 21.52 -30.35 74.14
N VAL C 1537 20.31 -30.45 73.61
CA VAL C 1537 19.21 -31.01 74.38
C VAL C 1537 19.58 -32.40 74.93
N ILE C 1538 19.92 -33.32 74.03
CA ILE C 1538 20.28 -34.67 74.44
C ILE C 1538 21.42 -34.66 75.45
N CYS C 1539 22.30 -33.67 75.34
CA CYS C 1539 23.41 -33.56 76.26
C CYS C 1539 22.87 -33.25 77.65
N GLN C 1540 22.32 -32.04 77.82
CA GLN C 1540 21.73 -31.59 79.08
C GLN C 1540 20.94 -32.67 79.77
N GLN C 1541 20.10 -33.34 78.99
CA GLN C 1541 19.31 -34.45 79.47
C GLN C 1541 20.21 -35.46 80.16
N LEU C 1542 21.13 -36.03 79.40
CA LEU C 1542 22.05 -37.05 79.92
C LEU C 1542 22.75 -36.56 81.17
N LYS C 1543 23.28 -35.35 81.14
CA LYS C 1543 23.93 -34.80 82.32
C LYS C 1543 23.00 -34.72 83.52
N HIS C 1544 21.92 -33.97 83.39
CA HIS C 1544 21.04 -33.73 84.52
C HIS C 1544 20.29 -34.98 85.04
N LEU C 1545 20.50 -36.13 84.41
CA LEU C 1545 19.94 -37.35 84.96
C LEU C 1545 20.99 -38.11 85.74
N GLY C 1546 22.26 -37.75 85.53
CA GLY C 1546 23.35 -38.29 86.32
C GLY C 1546 24.30 -39.17 85.54
N ARG C 1547 24.15 -39.17 84.22
CA ARG C 1547 24.99 -39.94 83.33
C ARG C 1547 26.44 -39.92 83.78
N THR C 1548 27.00 -41.08 84.05
CA THR C 1548 28.39 -41.18 84.50
C THR C 1548 29.32 -40.50 83.51
N LYS C 1549 30.10 -39.54 83.99
CA LYS C 1549 30.96 -38.76 83.11
C LYS C 1549 32.04 -39.59 82.45
N GLY C 1550 32.15 -39.47 81.13
CA GLY C 1550 33.05 -40.29 80.36
C GLY C 1550 32.30 -41.33 79.54
N ASN C 1551 31.04 -41.57 79.91
CA ASN C 1551 30.23 -42.53 79.14
C ASN C 1551 29.41 -41.86 78.07
N ALA C 1552 29.91 -41.87 76.84
CA ALA C 1552 29.27 -41.11 75.78
C ALA C 1552 28.28 -41.98 75.03
N VAL C 1553 27.42 -41.33 74.25
CA VAL C 1553 26.46 -42.03 73.39
C VAL C 1553 26.89 -41.96 71.95
N LEU C 1554 26.81 -43.08 71.28
CA LEU C 1554 27.11 -43.13 69.87
C LEU C 1554 25.99 -42.40 69.17
N GLY C 1555 26.35 -41.37 68.39
CA GLY C 1555 25.37 -40.55 67.68
C GLY C 1555 25.19 -40.91 66.22
N ILE C 1556 23.95 -41.25 65.88
CA ILE C 1556 23.60 -41.59 64.51
C ILE C 1556 22.94 -40.43 63.77
N PHE C 1557 23.34 -40.21 62.53
CA PHE C 1557 22.70 -39.19 61.71
C PHE C 1557 22.38 -39.77 60.36
N GLN C 1558 21.26 -40.48 60.28
CA GLN C 1558 20.86 -41.22 59.08
C GLN C 1558 20.57 -40.30 57.88
N LYS C 1559 20.60 -38.99 58.12
CA LYS C 1559 20.26 -38.03 57.06
C LYS C 1559 21.35 -37.90 56.00
N TYR C 1560 22.58 -38.24 56.35
CA TYR C 1560 23.65 -38.16 55.37
C TYR C 1560 23.34 -39.04 54.17
N LEU C 1561 22.71 -40.18 54.42
CA LEU C 1561 22.55 -41.19 53.40
C LEU C 1561 21.26 -40.96 52.65
N THR C 1562 20.21 -40.63 53.38
CA THR C 1562 18.86 -40.69 52.85
C THR C 1562 18.26 -39.31 52.59
N GLY C 1563 18.96 -38.27 53.01
CA GLY C 1563 18.39 -36.93 52.93
C GLY C 1563 17.27 -36.79 53.94
N HIS C 1564 16.41 -35.81 53.74
CA HIS C 1564 15.37 -35.49 54.71
C HIS C 1564 13.98 -35.55 54.11
N PRO C 1565 13.26 -36.65 54.33
CA PRO C 1565 11.87 -36.80 53.87
C PRO C 1565 10.99 -35.89 54.68
N LYS C 1566 10.87 -34.64 54.28
CA LYS C 1566 10.07 -33.65 54.99
C LYS C 1566 9.37 -34.20 56.23
N GLY C 1567 8.41 -35.10 56.06
CA GLY C 1567 7.60 -35.56 57.17
C GLY C 1567 7.85 -36.96 57.74
N ALA C 1568 8.25 -37.89 56.89
CA ALA C 1568 8.49 -39.25 57.34
C ALA C 1568 9.91 -39.41 57.84
N ALA C 1569 10.41 -38.42 58.58
CA ALA C 1569 11.79 -38.47 59.04
C ALA C 1569 11.96 -39.55 60.08
N GLY C 1570 11.31 -39.37 61.23
CA GLY C 1570 11.44 -40.27 62.35
C GLY C 1570 11.20 -41.73 62.01
N ALA C 1571 10.31 -41.98 61.07
CA ALA C 1571 9.96 -43.34 60.71
C ALA C 1571 11.20 -44.09 60.24
N TRP C 1572 12.05 -43.42 59.49
CA TRP C 1572 13.26 -44.04 59.01
C TRP C 1572 14.27 -44.22 60.14
N MET C 1573 14.39 -43.20 60.97
CA MET C 1573 15.33 -43.22 62.08
C MET C 1573 15.01 -44.33 63.07
N LEU C 1574 13.72 -44.51 63.35
CA LEU C 1574 13.28 -45.56 64.27
C LEU C 1574 13.66 -46.93 63.73
N ASN C 1575 13.59 -47.07 62.41
CA ASN C 1575 13.96 -48.31 61.79
C ASN C 1575 15.45 -48.47 61.91
N GLY C 1576 16.17 -47.36 61.83
CA GLY C 1576 17.62 -47.38 61.96
C GLY C 1576 18.01 -48.01 63.28
N CYS C 1577 17.42 -47.52 64.36
CA CYS C 1577 17.68 -48.05 65.70
C CYS C 1577 17.24 -49.51 65.85
N LEU C 1578 15.98 -49.80 65.57
CA LEU C 1578 15.48 -51.17 65.66
C LEU C 1578 16.39 -52.16 64.94
N GLN C 1579 17.11 -51.66 63.94
CA GLN C 1579 18.08 -52.46 63.19
C GLN C 1579 19.39 -52.56 63.97
N VAL C 1580 19.82 -51.46 64.55
CA VAL C 1580 21.02 -51.48 65.36
C VAL C 1580 20.82 -52.38 66.56
N LEU C 1581 19.67 -52.27 67.20
CA LEU C 1581 19.32 -53.13 68.33
C LEU C 1581 19.50 -54.60 68.01
N ASN C 1582 19.12 -54.99 66.81
CA ASN C 1582 19.17 -56.39 66.44
C ASN C 1582 20.44 -56.75 65.69
N THR C 1583 21.48 -55.92 65.77
CA THR C 1583 22.77 -56.29 65.18
C THR C 1583 23.96 -55.80 65.98
N GLY C 1584 23.76 -54.75 66.75
CA GLY C 1584 24.82 -54.20 67.55
C GLY C 1584 25.77 -53.38 66.69
N ILE C 1585 25.41 -53.23 65.43
CA ILE C 1585 26.21 -52.43 64.51
C ILE C 1585 25.73 -51.00 64.50
N VAL C 1586 26.54 -50.11 65.06
CA VAL C 1586 26.19 -48.69 65.05
C VAL C 1586 26.85 -48.06 63.84
N PRO C 1587 26.04 -47.71 62.84
CA PRO C 1587 26.52 -47.25 61.54
C PRO C 1587 27.12 -45.85 61.63
N GLY C 1588 28.34 -45.69 61.11
CA GLY C 1588 29.01 -44.41 61.14
C GLY C 1588 28.32 -43.45 60.21
N ASN C 1589 28.89 -42.26 60.11
CA ASN C 1589 28.35 -41.18 59.29
C ASN C 1589 29.43 -40.72 58.29
N ARG C 1590 29.37 -41.23 57.06
CA ARG C 1590 30.49 -41.08 56.13
C ARG C 1590 30.75 -39.65 55.72
N ASN C 1591 29.69 -38.84 55.70
CA ASN C 1591 29.81 -37.44 55.31
C ASN C 1591 30.20 -36.56 56.48
N ALA C 1592 30.59 -37.19 57.59
CA ALA C 1592 31.08 -36.44 58.73
C ALA C 1592 32.48 -35.91 58.45
N ASP C 1593 32.64 -35.33 57.26
CA ASP C 1593 33.83 -34.60 56.86
C ASP C 1593 34.80 -34.36 58.00
N ASN C 1594 34.45 -33.39 58.83
CA ASN C 1594 35.25 -32.95 59.96
C ASN C 1594 34.37 -32.18 60.93
N VAL C 1595 34.01 -32.81 62.04
CA VAL C 1595 32.99 -32.30 62.94
C VAL C 1595 33.30 -30.95 63.55
N ASP C 1596 32.29 -30.08 63.53
CA ASP C 1596 32.39 -28.70 64.01
C ASP C 1596 32.97 -28.61 65.42
N LYS C 1597 33.95 -27.74 65.60
CA LYS C 1597 34.56 -27.52 66.91
C LYS C 1597 33.55 -27.21 68.01
N VAL C 1598 32.39 -26.70 67.63
CA VAL C 1598 31.35 -26.38 68.61
C VAL C 1598 30.85 -27.64 69.31
N MET C 1599 30.90 -28.77 68.61
CA MET C 1599 30.39 -30.03 69.14
C MET C 1599 31.29 -30.65 70.21
N GLU C 1600 32.48 -30.08 70.43
CA GLU C 1600 33.39 -30.62 71.42
C GLU C 1600 32.84 -30.43 72.83
N GLN C 1601 32.16 -29.29 73.04
CA GLN C 1601 31.53 -28.99 74.33
C GLN C 1601 30.69 -30.14 74.86
N PHE C 1602 30.26 -31.01 73.96
CA PHE C 1602 29.25 -32.00 74.28
C PHE C 1602 29.90 -33.30 74.67
N ASP C 1603 30.33 -33.36 75.93
CA ASP C 1603 31.04 -34.52 76.47
C ASP C 1603 30.34 -35.82 76.11
N TYR C 1604 29.03 -35.85 76.34
CA TYR C 1604 28.31 -37.12 76.40
C TYR C 1604 27.98 -37.69 75.03
N ILE C 1605 28.30 -36.95 73.98
CA ILE C 1605 28.01 -37.40 72.63
C ILE C 1605 29.30 -37.65 71.87
N VAL C 1606 29.34 -38.73 71.10
CA VAL C 1606 30.49 -38.98 70.23
C VAL C 1606 30.02 -39.31 68.82
N TYR C 1607 30.72 -38.76 67.82
CA TYR C 1607 30.24 -38.78 66.44
C TYR C 1607 31.05 -39.70 65.53
N PRO C 1608 30.54 -40.92 65.31
CA PRO C 1608 31.19 -42.00 64.55
C PRO C 1608 31.21 -41.75 63.06
N SER C 1609 32.36 -41.88 62.41
CA SER C 1609 32.47 -41.64 60.99
C SER C 1609 32.82 -42.93 60.26
N ARG C 1610 32.55 -44.04 60.93
CA ARG C 1610 32.65 -45.36 60.31
C ARG C 1610 31.98 -46.35 61.23
N SER C 1611 31.41 -47.40 60.65
CA SER C 1611 30.58 -48.31 61.43
C SER C 1611 31.33 -49.05 62.54
N ILE C 1612 30.70 -49.12 63.71
CA ILE C 1612 31.27 -49.83 64.86
C ILE C 1612 30.43 -51.06 65.22
N LYS C 1613 31.04 -52.23 65.18
CA LYS C 1613 30.35 -53.44 65.60
C LYS C 1613 30.62 -53.63 67.09
N THR C 1614 29.55 -53.59 67.87
CA THR C 1614 29.67 -53.64 69.32
C THR C 1614 29.14 -54.96 69.87
N ASP C 1615 29.25 -55.14 71.18
CA ASP C 1615 28.75 -56.35 71.83
C ASP C 1615 27.22 -56.41 71.82
N GLY C 1616 26.60 -55.24 71.67
CA GLY C 1616 25.16 -55.13 71.61
C GLY C 1616 24.69 -53.80 72.19
N ILE C 1617 23.45 -53.42 71.90
CA ILE C 1617 22.92 -52.20 72.50
C ILE C 1617 21.66 -52.46 73.30
N LYS C 1618 21.51 -51.73 74.39
CA LYS C 1618 20.41 -51.99 75.32
C LYS C 1618 19.23 -51.08 75.02
N ALA C 1619 19.48 -49.78 75.04
CA ALA C 1619 18.44 -48.82 74.76
C ALA C 1619 18.95 -47.68 73.88
N PHE C 1620 18.03 -47.04 73.17
CA PHE C 1620 18.38 -45.98 72.24
C PHE C 1620 17.38 -44.83 72.34
N SER C 1621 17.82 -43.66 71.89
CA SER C 1621 16.96 -42.48 71.87
C SER C 1621 16.88 -41.88 70.48
N VAL C 1622 15.74 -42.09 69.83
CA VAL C 1622 15.46 -41.42 68.58
C VAL C 1622 14.65 -40.15 68.87
N THR C 1623 15.31 -39.01 68.70
CA THR C 1623 14.66 -37.72 68.92
C THR C 1623 14.61 -36.98 67.60
N SER C 1624 13.67 -36.05 67.46
CA SER C 1624 13.56 -35.23 66.27
C SER C 1624 12.74 -33.97 66.50
N PHE C 1625 12.90 -33.00 65.59
CA PHE C 1625 12.26 -31.70 65.72
C PHE C 1625 11.58 -31.36 64.42
N GLY C 1626 10.80 -30.28 64.44
CA GLY C 1626 10.03 -29.88 63.29
C GLY C 1626 9.61 -28.42 63.33
N PHE C 1627 8.92 -27.99 62.29
CA PHE C 1627 8.47 -26.61 62.21
C PHE C 1627 7.35 -26.39 63.20
N GLY C 1628 7.23 -25.16 63.67
CA GLY C 1628 6.18 -24.83 64.61
C GLY C 1628 6.40 -25.45 65.97
N GLN C 1629 7.64 -25.30 66.46
CA GLN C 1629 8.04 -25.74 67.78
C GLN C 1629 7.61 -27.15 68.14
N LYS C 1630 7.67 -28.04 67.17
CA LYS C 1630 7.28 -29.43 67.32
C LYS C 1630 8.52 -30.23 67.70
N GLY C 1631 8.58 -30.72 68.93
CA GLY C 1631 9.72 -31.53 69.35
C GLY C 1631 9.26 -32.84 69.96
N ALA C 1632 9.80 -33.95 69.46
CA ALA C 1632 9.36 -35.26 69.92
C ALA C 1632 10.54 -36.23 70.08
N GLN C 1633 10.52 -37.00 71.15
CA GLN C 1633 11.60 -37.92 71.44
C GLN C 1633 11.02 -39.26 71.83
N ALA C 1634 11.67 -40.34 71.41
CA ALA C 1634 11.23 -41.69 71.74
C ALA C 1634 12.40 -42.53 72.24
N ILE C 1635 12.14 -43.42 73.19
CA ILE C 1635 13.16 -44.31 73.72
C ILE C 1635 12.80 -45.76 73.50
N GLY C 1636 13.73 -46.53 72.95
CA GLY C 1636 13.51 -47.94 72.65
C GLY C 1636 14.43 -48.85 73.43
N VAL C 1637 13.92 -50.01 73.80
CA VAL C 1637 14.69 -50.93 74.62
C VAL C 1637 14.71 -52.32 74.04
N HIS C 1638 15.89 -52.96 74.05
CA HIS C 1638 16.10 -54.25 73.42
C HIS C 1638 15.09 -55.30 73.87
N PRO C 1639 14.61 -56.13 72.94
CA PRO C 1639 13.65 -57.21 73.12
C PRO C 1639 13.96 -58.14 74.30
N LYS C 1640 15.23 -58.47 74.51
CA LYS C 1640 15.60 -59.36 75.60
C LYS C 1640 14.89 -58.98 76.90
N TYR C 1641 14.95 -57.70 77.26
CA TYR C 1641 14.38 -57.23 78.52
C TYR C 1641 12.89 -57.52 78.65
N LEU C 1642 12.16 -57.60 77.56
CA LEU C 1642 10.74 -57.97 77.66
C LEU C 1642 10.67 -59.42 78.04
N PHE C 1643 11.45 -60.22 77.32
CA PHE C 1643 11.45 -61.66 77.51
C PHE C 1643 11.85 -62.06 78.93
N ALA C 1644 12.57 -61.17 79.60
CA ALA C 1644 13.00 -61.40 80.98
C ALA C 1644 11.86 -61.17 81.95
N THR C 1645 10.63 -61.16 81.45
CA THR C 1645 9.46 -61.01 82.30
C THR C 1645 8.82 -62.37 82.46
N LEU C 1646 9.19 -63.28 81.57
CA LEU C 1646 8.50 -64.56 81.49
C LEU C 1646 9.23 -65.68 82.21
N ASP C 1647 8.86 -66.91 81.84
CA ASP C 1647 9.57 -68.09 82.28
C ASP C 1647 10.20 -68.70 81.05
N LYS C 1648 11.31 -69.41 81.20
CA LYS C 1648 11.84 -70.19 80.10
C LYS C 1648 10.67 -71.00 79.52
N ALA C 1649 9.70 -71.32 80.38
CA ALA C 1649 8.47 -71.97 79.98
C ALA C 1649 7.84 -71.25 78.80
N GLN C 1650 7.37 -70.04 79.08
CA GLN C 1650 6.65 -69.23 78.11
C GLN C 1650 7.55 -68.86 76.94
N TYR C 1651 8.66 -68.19 77.24
CA TYR C 1651 9.55 -67.71 76.20
C TYR C 1651 9.86 -68.77 75.16
N GLU C 1652 10.15 -69.98 75.61
CA GLU C 1652 10.54 -71.04 74.68
C GLU C 1652 9.35 -71.65 73.95
N ALA C 1653 8.14 -71.32 74.41
CA ALA C 1653 6.90 -71.73 73.73
C ALA C 1653 6.54 -70.73 72.65
N TYR C 1654 6.85 -69.46 72.93
CA TYR C 1654 6.71 -68.39 71.97
C TYR C 1654 7.76 -68.55 70.88
N CYS C 1655 8.99 -68.89 71.27
CA CYS C 1655 10.08 -69.04 70.32
C CYS C 1655 9.76 -70.03 69.22
N VAL C 1656 8.82 -70.93 69.47
CA VAL C 1656 8.44 -71.93 68.47
C VAL C 1656 7.38 -71.40 67.52
N LYS C 1657 6.45 -70.62 68.06
CA LYS C 1657 5.46 -69.97 67.23
C LYS C 1657 6.15 -69.04 66.22
N VAL C 1658 7.09 -68.25 66.72
CA VAL C 1658 7.80 -67.27 65.90
C VAL C 1658 8.39 -67.91 64.65
N GLN C 1659 9.14 -68.99 64.83
CA GLN C 1659 9.85 -69.59 63.71
C GLN C 1659 8.93 -70.30 62.72
N ALA C 1660 7.71 -70.62 63.15
CA ALA C 1660 6.71 -71.16 62.22
C ALA C 1660 6.25 -70.04 61.30
N ARG C 1661 5.99 -68.87 61.89
CA ARG C 1661 5.64 -67.68 61.13
C ARG C 1661 6.71 -67.33 60.12
N GLN C 1662 7.94 -67.22 60.58
CA GLN C 1662 9.06 -66.87 59.72
C GLN C 1662 9.10 -67.75 58.47
N LYS C 1663 8.49 -68.92 58.57
CA LYS C 1663 8.51 -69.84 57.45
C LYS C 1663 7.33 -69.63 56.52
N LYS C 1664 6.20 -69.16 57.07
CA LYS C 1664 5.10 -68.74 56.21
C LYS C 1664 5.50 -67.44 55.53
N ALA C 1665 6.08 -66.54 56.32
CA ALA C 1665 6.53 -65.25 55.82
C ALA C 1665 7.57 -65.43 54.73
N TYR C 1666 8.50 -66.34 54.95
CA TYR C 1666 9.53 -66.62 53.96
C TYR C 1666 8.87 -67.10 52.67
N ARG C 1667 7.89 -67.98 52.82
CA ARG C 1667 7.26 -68.56 51.64
C ARG C 1667 6.60 -67.46 50.87
N PHE C 1668 5.89 -66.61 51.59
CA PHE C 1668 5.10 -65.55 50.98
C PHE C 1668 5.95 -64.61 50.18
N PHE C 1669 6.96 -64.05 50.83
CA PHE C 1669 7.86 -63.11 50.21
C PHE C 1669 8.44 -63.60 48.87
N HIS C 1670 8.92 -64.84 48.85
CA HIS C 1670 9.52 -65.35 47.62
C HIS C 1670 8.47 -65.60 46.56
N ASN C 1671 7.33 -66.13 46.97
CA ASN C 1671 6.23 -66.29 46.07
C ASN C 1671 5.82 -64.94 45.49
N GLY C 1672 5.84 -63.93 46.34
CA GLY C 1672 5.41 -62.61 45.95
C GLY C 1672 6.40 -61.87 45.10
N LEU C 1673 7.68 -61.99 45.39
CA LEU C 1673 8.71 -61.34 44.59
C LEU C 1673 8.65 -61.79 43.15
N ILE C 1674 8.43 -63.09 42.98
CA ILE C 1674 8.38 -63.71 41.66
C ILE C 1674 7.11 -63.34 40.91
N ASN C 1675 5.98 -63.47 41.60
CA ASN C 1675 4.66 -63.28 41.00
C ASN C 1675 4.03 -61.90 41.16
N ASN C 1676 4.76 -60.97 41.78
CA ASN C 1676 4.30 -59.59 41.95
C ASN C 1676 3.07 -59.46 42.83
N LYS C 1677 3.07 -60.15 43.96
CA LYS C 1677 1.95 -60.11 44.87
C LYS C 1677 2.34 -59.95 46.32
N LEU C 1678 3.24 -59.02 46.61
CA LEU C 1678 3.57 -58.68 48.00
C LEU C 1678 2.40 -57.89 48.55
N PHE C 1679 1.57 -57.38 47.64
CA PHE C 1679 0.38 -56.62 48.01
C PHE C 1679 -0.84 -57.33 47.46
N VAL C 1680 -1.71 -57.75 48.36
CA VAL C 1680 -2.98 -58.32 47.93
C VAL C 1680 -4.08 -57.40 48.41
N ALA C 1681 -4.80 -56.83 47.45
CA ALA C 1681 -5.92 -55.97 47.77
C ALA C 1681 -7.10 -56.84 48.19
N LYS C 1682 -7.69 -56.49 49.31
CA LYS C 1682 -8.88 -57.19 49.76
C LYS C 1682 -10.08 -56.64 49.02
N ASP C 1683 -10.94 -57.55 48.56
CA ASP C 1683 -12.16 -57.15 47.87
C ASP C 1683 -13.34 -57.09 48.83
N LYS C 1684 -13.84 -58.24 49.26
CA LYS C 1684 -14.91 -58.27 50.25
C LYS C 1684 -14.36 -58.16 51.67
N ALA C 1685 -15.13 -57.56 52.57
CA ALA C 1685 -14.76 -57.54 53.99
C ALA C 1685 -14.97 -58.94 54.58
N PRO C 1686 -14.57 -59.14 55.84
CA PRO C 1686 -14.62 -60.47 56.42
C PRO C 1686 -16.04 -60.97 56.61
N TYR C 1687 -16.95 -60.11 57.03
CA TYR C 1687 -18.33 -60.50 57.32
C TYR C 1687 -19.26 -60.25 56.15
N GLU C 1688 -20.17 -61.19 55.90
CA GLU C 1688 -21.20 -60.98 54.90
C GLU C 1688 -21.96 -59.76 55.38
N ASP C 1689 -22.65 -59.08 54.48
CA ASP C 1689 -23.26 -57.80 54.83
C ASP C 1689 -24.34 -57.96 55.88
N ARG C 1690 -25.13 -59.03 55.79
CA ARG C 1690 -26.25 -59.25 56.72
C ARG C 1690 -25.82 -59.29 58.19
N ILE C 1691 -24.58 -59.72 58.44
CA ILE C 1691 -24.09 -59.92 59.80
C ILE C 1691 -23.51 -58.65 60.42
N GLN C 1692 -23.14 -57.70 59.57
CA GLN C 1692 -22.33 -56.56 60.01
C GLN C 1692 -22.68 -55.99 61.38
N SER C 1693 -23.93 -55.58 61.56
CA SER C 1693 -24.32 -54.94 62.81
C SER C 1693 -23.99 -55.81 64.01
N LYS C 1694 -24.21 -57.12 63.86
CA LYS C 1694 -23.95 -58.06 64.93
C LYS C 1694 -22.47 -58.18 65.24
N VAL C 1695 -21.64 -58.38 64.22
CA VAL C 1695 -20.20 -58.45 64.38
C VAL C 1695 -19.64 -57.18 65.06
N PHE C 1696 -20.18 -56.05 64.65
CA PHE C 1696 -19.77 -54.75 65.18
C PHE C 1696 -20.07 -54.61 66.65
N LEU C 1697 -21.02 -55.41 67.15
CA LEU C 1697 -21.56 -55.25 68.50
C LEU C 1697 -21.21 -56.38 69.47
N ASN C 1698 -20.86 -57.54 68.93
CA ASN C 1698 -20.37 -58.66 69.72
C ASN C 1698 -18.85 -58.56 69.91
N PRO C 1699 -18.41 -58.06 71.06
CA PRO C 1699 -17.01 -57.71 71.33
C PRO C 1699 -16.12 -58.94 71.42
N GLN C 1700 -16.64 -60.08 71.00
CA GLN C 1700 -15.90 -61.33 71.04
C GLN C 1700 -15.97 -62.06 69.71
N SER C 1701 -16.83 -61.58 68.82
CA SER C 1701 -16.94 -62.16 67.48
C SER C 1701 -15.58 -62.10 66.83
N ARG C 1702 -15.10 -63.25 66.37
CA ARG C 1702 -13.79 -63.32 65.74
C ARG C 1702 -13.80 -64.26 64.55
N VAL C 1703 -12.92 -63.97 63.59
CA VAL C 1703 -12.88 -64.67 62.33
C VAL C 1703 -12.35 -66.07 62.48
N THR C 1704 -13.00 -67.01 61.81
CA THR C 1704 -12.55 -68.40 61.77
C THR C 1704 -11.96 -68.74 60.41
N GLN C 1705 -11.00 -69.67 60.39
CA GLN C 1705 -10.47 -70.22 59.16
C GLN C 1705 -11.63 -70.83 58.37
N GLU C 1706 -11.62 -70.68 57.04
CA GLU C 1706 -12.67 -71.27 56.21
C GLU C 1706 -12.15 -72.27 55.18
N SER C 1707 -13.09 -72.91 54.49
CA SER C 1707 -12.81 -74.07 53.65
C SER C 1707 -11.87 -73.76 52.48
N ASN C 1708 -11.66 -72.47 52.23
CA ASN C 1708 -10.77 -72.03 51.15
C ASN C 1708 -9.51 -71.30 51.61
N GLY C 1709 -9.21 -71.34 52.90
CA GLY C 1709 -8.08 -70.61 53.44
C GLY C 1709 -8.38 -69.13 53.67
N GLU C 1710 -9.56 -68.71 53.21
CA GLU C 1710 -10.02 -67.36 53.48
C GLU C 1710 -10.57 -67.27 54.89
N LEU C 1711 -10.29 -66.17 55.56
CA LEU C 1711 -10.83 -65.93 56.89
C LEU C 1711 -12.17 -65.20 56.82
N LYS C 1712 -13.16 -65.75 57.50
CA LYS C 1712 -14.48 -65.11 57.58
C LYS C 1712 -15.14 -65.26 58.96
N PHE C 1713 -15.74 -64.17 59.45
CA PHE C 1713 -16.62 -64.28 60.61
C PHE C 1713 -17.75 -65.25 60.24
N PRO C 1714 -17.97 -66.26 61.07
CA PRO C 1714 -19.09 -67.19 60.82
C PRO C 1714 -20.42 -66.46 60.62
N ALA C 1715 -21.44 -67.17 60.13
CA ALA C 1715 -22.80 -66.63 60.04
C ALA C 1715 -23.63 -66.87 61.32
N MET D 1 81.81 20.14 91.98
CA MET D 1 81.82 20.84 90.70
C MET D 1 82.80 20.19 89.71
N ARG D 2 83.23 18.97 90.02
CA ARG D 2 84.05 18.19 89.09
C ARG D 2 83.13 17.58 88.05
N PRO D 3 83.42 17.83 86.77
CA PRO D 3 82.59 17.28 85.69
C PRO D 3 82.56 15.74 85.74
N GLU D 4 83.73 15.14 85.89
CA GLU D 4 83.85 13.69 85.97
C GLU D 4 82.98 13.12 87.09
N VAL D 5 82.93 13.87 88.18
CA VAL D 5 82.18 13.51 89.37
C VAL D 5 80.66 13.68 89.18
N GLU D 6 80.25 14.88 88.75
CA GLU D 6 78.84 15.18 88.52
C GLU D 6 78.19 14.12 87.65
N GLN D 7 78.96 13.57 86.71
CA GLN D 7 78.49 12.50 85.85
C GLN D 7 78.13 11.25 86.65
N GLU D 8 79.15 10.63 87.24
CA GLU D 8 78.96 9.37 87.95
C GLU D 8 77.90 9.48 89.04
N LEU D 9 77.67 10.70 89.53
CA LEU D 9 76.63 10.94 90.52
C LEU D 9 75.22 10.89 89.92
N ALA D 10 74.90 11.88 89.10
CA ALA D 10 73.60 11.94 88.44
C ALA D 10 73.30 10.59 87.82
N TYR D 11 74.35 9.91 87.36
CA TYR D 11 74.23 8.59 86.77
C TYR D 11 73.55 7.62 87.72
N THR D 12 74.22 7.30 88.82
CA THR D 12 73.70 6.28 89.72
C THR D 12 72.42 6.75 90.41
N LEU D 13 72.27 8.06 90.58
CA LEU D 13 71.03 8.62 91.11
C LEU D 13 69.88 8.29 90.19
N LEU D 14 70.10 8.54 88.91
CA LEU D 14 69.17 8.18 87.85
C LEU D 14 68.95 6.67 87.85
N VAL D 15 70.03 5.92 87.76
CA VAL D 15 69.96 4.46 87.68
C VAL D 15 69.13 3.89 88.82
N GLU D 16 69.30 4.47 90.01
CA GLU D 16 68.56 4.02 91.17
C GLU D 16 67.12 4.52 91.10
N LEU D 17 66.96 5.80 90.77
CA LEU D 17 65.64 6.40 90.70
C LEU D 17 64.67 5.59 89.85
N LEU D 18 65.12 5.21 88.66
CA LEU D 18 64.35 4.37 87.76
C LEU D 18 64.11 2.98 88.38
N ALA D 19 65.21 2.35 88.81
CA ALA D 19 65.16 1.00 89.36
C ALA D 19 64.05 0.81 90.39
N TYR D 20 63.99 1.70 91.37
CA TYR D 20 63.04 1.54 92.47
C TYR D 20 61.63 2.03 92.15
N GLN D 21 61.45 2.66 90.99
CA GLN D 21 60.14 3.18 90.60
C GLN D 21 59.07 2.09 90.62
N PHE D 22 59.48 0.86 90.33
CA PHE D 22 58.61 -0.30 90.48
C PHE D 22 57.84 -0.20 91.78
N ALA D 23 58.62 -0.10 92.87
CA ALA D 23 58.14 -0.37 94.22
C ALA D 23 57.83 0.88 95.05
N MET D 24 57.73 2.02 94.38
CA MET D 24 57.36 3.26 95.06
C MET D 24 56.06 3.75 94.49
N PRO D 25 55.14 4.20 95.35
CA PRO D 25 53.95 4.84 94.79
C PRO D 25 54.31 6.04 93.90
N VAL D 26 53.40 6.36 92.99
CA VAL D 26 53.60 7.46 92.06
C VAL D 26 52.93 8.71 92.60
N ARG D 27 53.73 9.62 93.13
CA ARG D 27 53.20 10.85 93.71
C ARG D 27 52.99 11.92 92.64
N TRP D 28 51.98 11.70 91.80
CA TRP D 28 51.72 12.60 90.68
C TRP D 28 51.15 13.91 91.18
N ILE D 29 50.61 13.91 92.39
CA ILE D 29 50.07 15.12 92.97
C ILE D 29 51.17 16.14 93.11
N GLU D 30 52.14 15.82 93.97
CA GLU D 30 53.23 16.72 94.30
C GLU D 30 54.07 17.08 93.08
N THR D 31 54.08 16.18 92.11
CA THR D 31 54.79 16.41 90.85
C THR D 31 54.03 17.49 90.08
N GLN D 32 52.72 17.33 90.03
CA GLN D 32 51.85 18.31 89.37
C GLN D 32 52.00 19.69 90.01
N ASP D 33 52.23 19.66 91.33
CA ASP D 33 52.27 20.89 92.11
C ASP D 33 53.57 21.65 91.93
N VAL D 34 54.65 20.94 91.64
CA VAL D 34 55.94 21.58 91.36
C VAL D 34 55.84 22.34 90.03
N ILE D 35 54.98 21.83 89.15
CA ILE D 35 54.80 22.44 87.85
C ILE D 35 53.88 23.64 87.94
N LEU D 36 52.80 23.51 88.70
CA LEU D 36 51.79 24.56 88.78
C LEU D 36 52.12 25.68 89.76
N ALA D 37 52.69 25.29 90.90
CA ALA D 37 52.93 26.24 91.99
C ALA D 37 54.36 26.77 92.02
N GLU D 38 55.32 25.86 92.00
CA GLU D 38 56.73 26.21 92.16
C GLU D 38 57.29 26.93 90.93
N LYS D 39 57.10 26.32 89.75
CA LYS D 39 57.61 26.89 88.51
C LYS D 39 56.54 27.63 87.71
N ARG D 40 55.36 27.75 88.31
CA ARG D 40 54.22 28.49 87.75
C ARG D 40 54.15 28.51 86.23
N THR D 41 54.04 27.32 85.63
CA THR D 41 54.02 27.22 84.17
C THR D 41 52.69 27.67 83.58
N GLU D 42 52.76 28.50 82.55
CA GLU D 42 51.56 28.98 81.87
C GLU D 42 51.13 28.01 80.78
N ARG D 43 52.00 27.06 80.49
CA ARG D 43 51.79 26.17 79.36
C ARG D 43 52.15 24.72 79.73
N ILE D 44 51.18 23.99 80.26
CA ILE D 44 51.41 22.57 80.48
C ILE D 44 51.14 21.87 79.17
N VAL D 45 52.12 21.10 78.71
CA VAL D 45 51.93 20.31 77.50
C VAL D 45 52.06 18.83 77.78
N GLU D 46 51.14 18.07 77.20
CA GLU D 46 51.06 16.64 77.42
C GLU D 46 51.52 15.97 76.15
N ILE D 47 52.11 14.79 76.28
CA ILE D 47 52.48 14.04 75.10
C ILE D 47 52.08 12.58 75.26
N GLY D 48 51.14 12.17 74.42
CA GLY D 48 50.62 10.80 74.44
C GLY D 48 49.48 10.66 73.46
N PRO D 49 48.76 9.53 73.53
CA PRO D 49 47.64 9.22 72.64
C PRO D 49 46.31 9.75 73.16
N SER D 50 46.26 10.21 74.41
CA SER D 50 45.02 10.71 74.99
C SER D 50 45.33 11.88 75.92
N ASP D 51 44.31 12.66 76.26
CA ASP D 51 44.50 13.78 77.20
C ASP D 51 44.22 13.35 78.64
N THR D 52 44.85 12.24 79.05
CA THR D 52 44.67 11.70 80.39
C THR D 52 45.28 12.58 81.50
N LEU D 53 46.54 12.97 81.34
CA LEU D 53 47.21 13.89 82.27
C LEU D 53 46.68 15.31 82.15
N GLY D 54 45.93 15.57 81.08
CA GLY D 54 45.41 16.90 80.78
C GLY D 54 44.17 17.23 81.58
N GLY D 55 43.18 16.33 81.53
CA GLY D 55 41.98 16.46 82.34
C GLY D 55 42.29 16.12 83.79
N MET D 56 43.52 15.69 84.01
CA MET D 56 44.02 15.42 85.34
C MET D 56 44.59 16.70 85.93
N ALA D 57 45.33 17.46 85.10
CA ALA D 57 45.89 18.73 85.53
C ALA D 57 44.86 19.85 85.50
N ARG D 58 43.78 19.65 84.76
CA ARG D 58 42.65 20.57 84.77
C ARG D 58 41.92 20.43 86.11
N ARG D 59 41.81 19.19 86.58
CA ARG D 59 41.10 18.90 87.81
C ARG D 59 41.84 19.39 89.05
N THR D 60 43.16 19.40 89.00
CA THR D 60 43.95 19.97 90.09
C THR D 60 43.91 21.50 90.05
N LEU D 61 43.42 22.04 88.94
CA LEU D 61 43.23 23.49 88.84
C LEU D 61 41.90 23.90 89.41
N GLN D 62 41.00 22.94 89.60
CA GLN D 62 39.68 23.25 90.11
C GLN D 62 39.61 23.03 91.61
N SER D 63 40.19 21.93 92.08
CA SER D 63 40.10 21.57 93.50
C SER D 63 41.01 22.43 94.38
N LYS D 64 42.24 22.67 93.92
CA LYS D 64 43.19 23.46 94.70
C LYS D 64 43.40 24.87 94.18
N TYR D 65 43.73 25.00 92.91
CA TYR D 65 44.31 26.22 92.40
C TYR D 65 43.33 27.33 92.01
N GLU D 66 42.07 27.16 92.40
CA GLU D 66 41.05 28.12 92.02
C GLU D 66 41.44 29.53 92.41
N ALA D 67 41.75 29.74 93.68
CA ALA D 67 42.08 31.06 94.19
C ALA D 67 43.47 31.53 93.78
N TYR D 68 44.43 30.61 93.80
CA TYR D 68 45.81 30.96 93.48
C TYR D 68 45.94 31.59 92.10
N ASP D 69 45.30 30.97 91.12
CA ASP D 69 45.36 31.47 89.75
C ASP D 69 44.63 32.79 89.59
N ALA D 70 43.45 32.90 90.19
CA ALA D 70 42.65 34.11 90.11
C ALA D 70 43.34 35.30 90.78
N ALA D 71 44.08 35.02 91.85
CA ALA D 71 44.80 36.06 92.56
C ALA D 71 46.09 36.43 91.83
N THR D 72 46.96 35.45 91.64
CA THR D 72 48.28 35.67 91.03
C THR D 72 48.21 36.21 89.59
N SER D 73 47.05 36.11 88.97
CA SER D 73 46.90 36.54 87.58
C SER D 73 47.62 35.56 86.64
N VAL D 74 47.79 34.33 87.09
CA VAL D 74 48.46 33.28 86.30
C VAL D 74 47.60 32.79 85.14
N GLN D 75 48.11 32.95 83.93
CA GLN D 75 47.43 32.43 82.75
C GLN D 75 47.88 30.99 82.53
N ARG D 76 46.92 30.08 82.34
CA ARG D 76 47.24 28.67 82.18
C ARG D 76 46.61 28.03 80.93
N GLN D 77 47.42 27.27 80.21
CA GLN D 77 47.03 26.69 78.93
C GLN D 77 47.46 25.22 78.90
N ILE D 78 46.49 24.30 79.02
CA ILE D 78 46.79 22.87 79.03
C ILE D 78 46.58 22.22 77.67
N LEU D 79 47.66 21.73 77.08
CA LEU D 79 47.63 21.20 75.71
C LEU D 79 48.00 19.73 75.62
N CYS D 80 47.07 18.91 75.15
CA CYS D 80 47.37 17.53 74.82
C CYS D 80 47.94 17.49 73.39
N TYR D 81 48.69 16.44 73.06
CA TYR D 81 49.28 16.32 71.74
C TYR D 81 48.20 16.14 70.69
N CYS D 82 47.35 15.14 70.90
CA CYS D 82 46.31 14.80 69.95
C CYS D 82 45.32 15.95 69.74
N LYS D 83 44.53 16.22 70.77
CA LYS D 83 43.47 17.24 70.70
C LYS D 83 43.98 18.63 70.31
N ASP D 84 44.85 19.19 71.13
CA ASP D 84 45.31 20.56 70.93
C ASP D 84 46.53 20.60 70.00
N ALA D 85 46.40 19.93 68.86
CA ALA D 85 47.53 19.69 67.96
C ALA D 85 48.21 20.94 67.42
N LYS D 86 47.44 21.85 66.86
CA LYS D 86 48.01 22.95 66.11
C LYS D 86 48.63 24.04 66.99
N GLU D 87 48.09 24.20 68.20
CA GLU D 87 48.57 25.26 69.09
C GLU D 87 49.97 24.96 69.61
N ILE D 88 50.33 23.69 69.56
CA ILE D 88 51.67 23.27 69.94
C ILE D 88 52.66 23.73 68.88
N TYR D 89 52.29 23.51 67.63
CA TYR D 89 53.18 23.75 66.50
C TYR D 89 53.05 25.17 65.97
N TYR D 90 52.34 26.02 66.71
CA TYR D 90 52.17 27.42 66.31
C TYR D 90 51.68 27.56 64.88
N ASP D 91 50.67 26.78 64.52
CA ASP D 91 50.07 26.85 63.18
C ASP D 91 48.65 27.40 63.22
N VAL D 92 48.49 28.63 62.75
CA VAL D 92 47.17 29.23 62.62
C VAL D 92 47.00 29.81 61.22
N GLU D 93 45.75 30.02 60.80
CA GLU D 93 45.44 30.65 59.52
C GLU D 93 45.13 32.15 59.67
N PRO D 94 45.42 32.94 58.61
CA PRO D 94 45.27 34.40 58.60
C PRO D 94 43.84 34.90 58.83
N ILE D 325 5.43 17.67 17.33
CA ILE D 325 5.93 17.54 15.96
C ILE D 325 5.69 16.12 15.45
N ASP D 326 6.64 15.25 15.78
CA ASP D 326 6.68 13.88 15.26
C ASP D 326 5.66 12.97 15.95
N ALA D 327 4.77 13.56 16.75
CA ALA D 327 3.63 12.85 17.30
C ALA D 327 2.59 12.70 16.21
N LEU D 328 2.41 13.77 15.43
CA LEU D 328 1.50 13.79 14.29
C LEU D 328 2.03 12.96 13.12
N THR D 329 3.17 12.29 13.34
CA THR D 329 3.76 11.40 12.33
C THR D 329 4.30 10.10 12.92
N LYS D 330 4.46 10.03 14.24
CA LYS D 330 4.83 8.77 14.86
C LYS D 330 3.68 7.80 14.66
N ASP D 331 2.53 8.36 14.32
CA ASP D 331 1.36 7.58 13.97
C ASP D 331 1.61 6.91 12.61
N GLN D 332 2.03 7.73 11.64
CA GLN D 332 2.46 7.25 10.34
C GLN D 332 3.41 6.07 10.49
N ARG D 333 4.59 6.37 11.04
CA ARG D 333 5.64 5.39 11.25
C ARG D 333 5.05 4.08 11.72
N ALA D 334 4.47 4.11 12.92
CA ALA D 334 3.88 2.92 13.51
C ALA D 334 3.08 2.15 12.46
N LEU D 335 2.30 2.88 11.67
CA LEU D 335 1.49 2.28 10.63
C LEU D 335 2.36 1.55 9.62
N PHE D 336 3.23 2.29 8.95
CA PHE D 336 4.06 1.71 7.91
C PHE D 336 4.89 0.54 8.43
N LYS D 337 5.40 0.67 9.66
CA LYS D 337 6.21 -0.38 10.23
C LYS D 337 5.45 -1.71 10.28
N GLN D 338 4.18 -1.65 10.63
CA GLN D 338 3.38 -2.86 10.61
C GLN D 338 3.21 -3.28 9.17
N GLN D 339 2.92 -2.32 8.30
CA GLN D 339 2.70 -2.61 6.89
C GLN D 339 3.89 -3.38 6.33
N LEU D 340 5.07 -3.03 6.81
CA LEU D 340 6.31 -3.71 6.44
C LEU D 340 6.25 -5.16 6.91
N GLU D 341 5.97 -5.33 8.18
CA GLU D 341 5.94 -6.64 8.78
C GLU D 341 5.06 -7.61 7.98
N ILE D 342 3.96 -7.10 7.44
CA ILE D 342 3.00 -7.98 6.79
C ILE D 342 3.51 -8.45 5.48
N ILE D 343 4.16 -7.54 4.77
CA ILE D 343 4.76 -7.89 3.51
C ILE D 343 5.77 -8.97 3.80
N ALA D 344 6.64 -8.69 4.76
CA ALA D 344 7.63 -9.64 5.18
C ALA D 344 6.96 -11.01 5.38
N ARG D 345 5.94 -11.05 6.22
CA ARG D 345 5.30 -12.31 6.57
C ARG D 345 4.78 -13.01 5.34
N TYR D 346 4.41 -12.22 4.34
CA TYR D 346 3.81 -12.74 3.12
C TYR D 346 4.89 -13.28 2.22
N LEU D 347 6.04 -12.62 2.25
CA LEU D 347 7.18 -13.03 1.45
C LEU D 347 7.93 -14.17 2.13
N LYS D 348 7.46 -14.53 3.33
CA LYS D 348 8.10 -15.60 4.08
C LYS D 348 9.57 -15.31 4.28
N MET D 349 9.89 -14.10 4.71
CA MET D 349 11.28 -13.76 5.01
C MET D 349 11.41 -13.21 6.42
N ASP D 350 12.23 -13.87 7.23
CA ASP D 350 12.49 -13.42 8.60
C ASP D 350 13.33 -12.16 8.53
N LEU D 351 12.77 -11.05 8.99
CA LEU D 351 13.47 -9.78 8.91
C LEU D 351 14.70 -9.75 9.83
N ARG D 352 14.56 -10.25 11.04
CA ARG D 352 15.61 -10.12 12.05
C ARG D 352 16.48 -11.37 12.12
N ALA D 353 16.38 -12.23 11.11
CA ALA D 353 17.19 -13.45 11.05
C ALA D 353 18.65 -13.10 10.81
N GLY D 354 18.91 -11.86 10.43
CA GLY D 354 20.27 -11.39 10.26
C GLY D 354 20.91 -11.17 11.61
N ASP D 355 20.21 -10.45 12.47
CA ASP D 355 20.72 -10.15 13.80
C ASP D 355 20.75 -11.39 14.67
N LYS D 356 19.82 -12.32 14.42
CA LYS D 356 19.76 -13.53 15.20
C LYS D 356 21.06 -14.31 15.03
N ALA D 357 21.45 -14.55 13.79
CA ALA D 357 22.65 -15.32 13.52
C ALA D 357 23.90 -14.57 13.98
N PHE D 358 23.85 -13.25 13.98
CA PHE D 358 24.96 -12.43 14.44
C PHE D 358 25.21 -12.63 15.93
N VAL D 359 24.18 -12.38 16.73
CA VAL D 359 24.24 -12.62 18.16
C VAL D 359 24.90 -13.95 18.41
N ALA D 360 24.36 -14.99 17.78
CA ALA D 360 24.84 -16.35 17.95
C ALA D 360 26.35 -16.53 17.74
N SER D 361 26.85 -16.10 16.59
CA SER D 361 28.28 -16.26 16.29
C SER D 361 29.12 -15.39 17.23
N GLN D 362 28.51 -14.36 17.80
CA GLN D 362 29.22 -13.52 18.75
C GLN D 362 29.27 -14.11 20.15
N GLU D 363 28.63 -15.27 20.32
CA GLU D 363 28.74 -16.01 21.57
C GLU D 363 29.83 -17.05 21.42
N SER D 364 29.90 -17.65 20.23
CA SER D 364 30.97 -18.57 19.92
C SER D 364 32.32 -17.85 19.91
N GLN D 365 32.29 -16.61 19.44
CA GLN D 365 33.49 -15.78 19.41
C GLN D 365 33.97 -15.40 20.82
N LYS D 366 33.11 -15.61 21.82
CA LYS D 366 33.51 -15.39 23.21
C LYS D 366 34.19 -16.62 23.78
N ALA D 367 33.73 -17.79 23.35
CA ALA D 367 34.29 -19.05 23.81
C ALA D 367 35.74 -19.20 23.34
N LEU D 368 36.01 -18.71 22.13
CA LEU D 368 37.37 -18.73 21.60
C LEU D 368 38.25 -17.81 22.41
N GLN D 369 37.95 -16.52 22.33
CA GLN D 369 38.71 -15.52 23.09
C GLN D 369 38.88 -15.97 24.53
N ALA D 370 37.90 -16.72 25.03
CA ALA D 370 37.99 -17.31 26.36
C ALA D 370 39.19 -18.23 26.43
N GLN D 371 39.16 -19.30 25.64
CA GLN D 371 40.25 -20.28 25.61
C GLN D 371 41.58 -19.64 25.25
N LEU D 372 41.55 -18.80 24.22
CA LEU D 372 42.76 -18.14 23.78
C LEU D 372 43.32 -17.21 24.85
N ASP D 373 42.48 -16.83 25.81
CA ASP D 373 42.95 -15.97 26.88
C ASP D 373 43.68 -16.80 27.93
N LEU D 374 43.45 -18.11 27.89
CA LEU D 374 44.14 -19.03 28.78
C LEU D 374 45.58 -19.15 28.36
N TRP D 375 45.80 -19.56 27.12
CA TRP D 375 47.12 -19.64 26.56
C TRP D 375 47.92 -18.39 26.87
N GLN D 376 47.30 -17.24 26.65
CA GLN D 376 47.94 -15.94 26.83
C GLN D 376 48.41 -15.71 28.25
N ALA D 377 47.76 -16.37 29.19
CA ALA D 377 48.02 -16.16 30.61
C ALA D 377 49.01 -17.17 31.17
N GLU D 378 49.05 -18.35 30.57
CA GLU D 378 49.94 -19.40 31.03
C GLU D 378 51.32 -19.29 30.41
N HIS D 379 51.47 -18.43 29.41
CA HIS D 379 52.73 -18.33 28.73
C HIS D 379 53.32 -16.92 28.61
N GLY D 380 52.47 -15.91 28.54
CA GLY D 380 52.94 -14.54 28.35
C GLY D 380 53.33 -14.22 26.92
N ASP D 381 53.51 -12.93 26.64
CA ASP D 381 53.64 -12.46 25.25
C ASP D 381 54.91 -12.90 24.58
N ILE D 382 56.01 -12.68 25.30
CA ILE D 382 57.32 -12.89 24.70
C ILE D 382 57.44 -14.31 24.21
N TYR D 383 56.87 -15.24 25.00
CA TYR D 383 56.85 -16.65 24.65
C TYR D 383 55.96 -16.79 23.45
N ALA D 384 54.73 -16.27 23.58
CA ALA D 384 53.76 -16.38 22.50
C ALA D 384 54.42 -16.03 21.19
N ALA D 385 55.01 -14.84 21.17
CA ALA D 385 55.67 -14.34 19.99
C ALA D 385 56.77 -15.28 19.52
N GLY D 386 57.58 -15.77 20.45
CA GLY D 386 58.74 -16.55 20.08
C GLY D 386 58.50 -17.97 19.57
N ILE D 387 57.24 -18.40 19.49
CA ILE D 387 56.97 -19.76 19.05
C ILE D 387 56.32 -19.77 17.67
N GLU D 388 56.00 -18.58 17.17
CA GLU D 388 55.44 -18.47 15.83
C GLU D 388 56.44 -18.96 14.80
N PRO D 389 56.00 -19.90 13.96
CA PRO D 389 56.83 -20.48 12.90
C PRO D 389 57.41 -19.40 12.01
N ALA D 390 58.54 -19.68 11.36
CA ALA D 390 59.24 -18.69 10.54
C ALA D 390 59.97 -19.32 9.35
N PHE D 391 60.15 -20.63 9.38
CA PHE D 391 60.84 -21.29 8.30
C PHE D 391 59.99 -21.38 7.06
N ASP D 392 60.56 -20.98 5.93
CA ASP D 392 59.87 -20.99 4.64
C ASP D 392 60.80 -21.22 3.44
N PRO D 393 60.72 -22.42 2.84
CA PRO D 393 61.58 -22.84 1.73
C PRO D 393 61.81 -21.76 0.68
N LEU D 394 60.82 -20.91 0.46
CA LEU D 394 60.88 -19.95 -0.62
C LEU D 394 61.80 -18.80 -0.27
N LYS D 395 62.19 -18.72 0.99
CA LYS D 395 63.07 -17.63 1.41
C LYS D 395 64.53 -18.11 1.40
N ALA D 396 64.69 -19.43 1.33
CA ALA D 396 66.00 -20.03 1.40
C ALA D 396 66.92 -19.47 0.34
N ARG D 397 68.05 -18.91 0.76
CA ARG D 397 69.01 -18.36 -0.19
C ARG D 397 70.29 -19.18 -0.23
N VAL D 398 70.77 -19.46 -1.44
CA VAL D 398 71.87 -20.39 -1.66
C VAL D 398 73.08 -19.70 -2.25
N TYR D 399 74.21 -19.85 -1.57
CA TYR D 399 75.47 -19.27 -2.01
C TYR D 399 76.47 -20.37 -2.34
N ASP D 400 76.83 -20.50 -3.61
CA ASP D 400 77.68 -21.60 -4.06
C ASP D 400 78.70 -21.23 -5.16
N SER D 401 78.76 -19.95 -5.51
CA SER D 401 79.62 -19.50 -6.61
C SER D 401 81.04 -19.19 -6.19
N SER D 402 81.73 -20.18 -5.62
CA SER D 402 83.11 -20.00 -5.17
C SER D 402 83.95 -19.44 -6.30
N TRP D 403 83.81 -20.03 -7.48
CA TRP D 403 84.63 -19.67 -8.63
C TRP D 403 84.70 -18.17 -8.89
N ASN D 404 83.54 -17.53 -9.06
CA ASN D 404 83.51 -16.12 -9.39
C ASN D 404 84.16 -15.25 -8.30
N TRP D 405 83.89 -15.58 -7.05
CA TRP D 405 84.41 -14.77 -5.94
C TRP D 405 85.93 -14.85 -5.90
N ALA D 406 86.47 -16.00 -6.27
CA ALA D 406 87.92 -16.21 -6.29
C ALA D 406 88.56 -15.15 -7.15
N ARG D 407 88.18 -15.13 -8.42
CA ARG D 407 88.72 -14.17 -9.36
C ARG D 407 88.57 -12.73 -8.87
N GLN D 408 87.54 -12.51 -8.07
CA GLN D 408 87.31 -11.19 -7.52
C GLN D 408 88.36 -10.87 -6.49
N ASP D 409 88.45 -11.72 -5.49
CA ASP D 409 89.39 -11.53 -4.38
C ASP D 409 90.80 -11.49 -4.94
N ALA D 410 91.04 -12.34 -5.94
CA ALA D 410 92.30 -12.37 -6.65
C ALA D 410 92.56 -10.98 -7.20
N LEU D 411 91.77 -10.58 -8.19
CA LEU D 411 91.98 -9.28 -8.83
C LEU D 411 91.90 -8.15 -7.82
N SER D 412 91.19 -8.43 -6.72
CA SER D 412 91.00 -7.46 -5.66
C SER D 412 92.32 -7.26 -4.93
N MET D 413 93.00 -8.37 -4.68
CA MET D 413 94.24 -8.34 -3.91
C MET D 413 95.39 -7.72 -4.71
N TYR D 414 95.45 -8.05 -5.99
CA TYR D 414 96.43 -7.46 -6.89
C TYR D 414 96.47 -5.93 -6.72
N TYR D 415 95.32 -5.27 -6.90
CA TYR D 415 95.26 -3.81 -6.78
C TYR D 415 95.49 -3.35 -5.34
N ASP D 416 95.26 -4.25 -4.39
CA ASP D 416 95.45 -3.95 -2.97
C ASP D 416 96.92 -3.72 -2.65
N ILE D 417 97.75 -4.60 -3.20
CA ILE D 417 99.20 -4.51 -3.04
C ILE D 417 99.72 -3.21 -3.66
N ILE D 418 99.33 -2.98 -4.91
CA ILE D 418 99.79 -1.82 -5.68
C ILE D 418 99.46 -0.47 -5.07
N PHE D 419 98.46 -0.43 -4.22
CA PHE D 419 98.09 0.81 -3.57
C PHE D 419 98.66 0.89 -2.15
N GLY D 420 99.11 -0.25 -1.64
CA GLY D 420 99.68 -0.29 -0.31
C GLY D 420 98.64 -0.43 0.78
N ARG D 421 97.50 -1.01 0.43
CA ARG D 421 96.53 -1.41 1.44
C ARG D 421 97.05 -2.68 2.12
N LEU D 422 97.91 -3.41 1.40
CA LEU D 422 98.54 -4.59 1.96
C LEU D 422 100.06 -4.51 1.89
N ARG D 423 100.72 -4.70 3.03
CA ARG D 423 102.17 -4.83 3.06
C ARG D 423 102.47 -6.29 3.33
N VAL D 424 103.67 -6.74 2.99
CA VAL D 424 103.97 -8.17 3.13
C VAL D 424 104.05 -8.56 4.59
N VAL D 425 104.01 -7.54 5.44
CA VAL D 425 103.88 -7.67 6.88
C VAL D 425 102.59 -8.41 7.24
N ASP D 426 101.49 -7.65 7.19
CA ASP D 426 100.14 -8.08 7.53
C ASP D 426 99.86 -9.56 7.29
N ARG D 427 99.53 -10.28 8.36
CA ARG D 427 99.14 -11.68 8.24
C ARG D 427 98.00 -11.79 7.25
N GLU D 428 97.30 -10.67 7.06
CA GLU D 428 96.15 -10.61 6.17
C GLU D 428 96.44 -11.16 4.78
N ILE D 429 97.47 -10.63 4.14
CA ILE D 429 97.87 -11.08 2.82
C ILE D 429 97.94 -12.60 2.79
N VAL D 430 98.41 -13.17 3.88
CA VAL D 430 98.49 -14.61 4.00
C VAL D 430 97.11 -15.22 3.97
N SER D 431 96.28 -14.83 4.94
CA SER D 431 94.91 -15.29 5.00
C SER D 431 94.29 -15.28 3.60
N GLN D 432 94.26 -14.09 2.99
CA GLN D 432 93.65 -13.96 1.69
C GLN D 432 94.19 -14.99 0.70
N CYS D 433 95.51 -15.11 0.65
CA CYS D 433 96.18 -16.03 -0.26
C CYS D 433 95.71 -17.47 -0.06
N ILE D 434 95.47 -17.85 1.19
CA ILE D 434 95.08 -19.21 1.50
C ILE D 434 93.72 -19.48 0.88
N GLN D 435 92.84 -18.51 0.99
CA GLN D 435 91.49 -18.65 0.46
C GLN D 435 91.53 -18.83 -1.03
N ILE D 436 92.31 -17.97 -1.68
CA ILE D 436 92.49 -18.07 -3.12
C ILE D 436 92.99 -19.45 -3.53
N MET D 437 93.91 -20.02 -2.75
CA MET D 437 94.37 -21.39 -3.01
C MET D 437 93.24 -22.37 -2.79
N ASN D 438 92.41 -22.08 -1.80
CA ASN D 438 91.32 -22.97 -1.42
C ASN D 438 90.33 -23.16 -2.58
N ARG D 439 90.24 -22.17 -3.45
CA ARG D 439 89.40 -22.28 -4.64
C ARG D 439 90.27 -22.26 -5.88
N SER D 440 91.08 -23.29 -6.06
CA SER D 440 91.98 -23.33 -7.19
C SER D 440 91.31 -23.96 -8.39
N ASN D 441 91.10 -23.15 -9.42
CA ASN D 441 90.59 -23.63 -10.69
C ASN D 441 91.59 -23.43 -11.81
N PRO D 442 91.54 -24.30 -12.83
CA PRO D 442 92.40 -24.12 -14.00
C PRO D 442 92.16 -22.73 -14.56
N LEU D 443 90.89 -22.36 -14.65
CA LEU D 443 90.48 -21.09 -15.21
C LEU D 443 90.94 -19.95 -14.31
N LEU D 444 91.05 -20.22 -13.01
CA LEU D 444 91.56 -19.22 -12.09
C LEU D 444 93.01 -18.91 -12.44
N LEU D 445 93.80 -19.96 -12.65
CA LEU D 445 95.21 -19.79 -12.94
C LEU D 445 95.46 -18.90 -14.15
N GLU D 446 94.73 -19.17 -15.22
CA GLU D 446 94.85 -18.33 -16.41
C GLU D 446 94.67 -16.86 -16.05
N PHE D 447 93.53 -16.59 -15.40
CA PHE D 447 93.16 -15.25 -14.96
C PHE D 447 94.20 -14.67 -13.99
N MET D 448 94.77 -15.53 -13.16
CA MET D 448 95.86 -15.15 -12.29
C MET D 448 97.03 -14.67 -13.15
N GLN D 449 97.58 -15.58 -13.95
CA GLN D 449 98.80 -15.30 -14.72
C GLN D 449 98.71 -14.09 -15.62
N TYR D 450 97.65 -13.99 -16.41
CA TYR D 450 97.56 -12.85 -17.30
C TYR D 450 97.83 -11.56 -16.54
N HIS D 451 97.13 -11.36 -15.43
CA HIS D 451 97.21 -10.10 -14.70
C HIS D 451 98.60 -9.89 -14.10
N ILE D 452 99.30 -10.99 -13.90
CA ILE D 452 100.65 -10.95 -13.35
C ILE D 452 101.67 -10.72 -14.46
N ASP D 453 101.52 -11.43 -15.58
CA ASP D 453 102.45 -11.30 -16.69
C ASP D 453 102.52 -9.86 -17.17
N HIS D 454 101.38 -9.32 -17.57
CA HIS D 454 101.32 -7.98 -18.15
C HIS D 454 101.38 -6.88 -17.09
N CYS D 455 101.67 -7.27 -15.85
CA CYS D 455 101.89 -6.33 -14.75
C CYS D 455 103.04 -5.39 -15.09
N PRO D 456 102.78 -4.07 -15.10
CA PRO D 456 103.80 -3.04 -15.31
C PRO D 456 104.62 -2.82 -14.06
N THR D 457 105.86 -3.28 -14.06
CA THR D 457 106.74 -3.22 -12.90
C THR D 457 107.53 -1.91 -12.88
N GLU D 458 107.67 -1.33 -14.06
CA GLU D 458 108.41 -0.10 -14.26
C GLU D 458 107.59 1.12 -13.83
N ARG D 459 107.00 1.05 -12.64
CA ARG D 459 106.20 2.17 -12.14
C ARG D 459 106.46 2.41 -10.66
N GLY D 460 106.53 1.33 -9.89
CA GLY D 460 106.68 1.41 -8.45
C GLY D 460 107.16 0.11 -7.86
N GLU D 461 107.69 0.20 -6.65
CA GLU D 461 108.18 -0.96 -5.95
C GLU D 461 107.01 -1.91 -5.74
N THR D 462 105.84 -1.32 -5.54
CA THR D 462 104.60 -2.05 -5.26
C THR D 462 104.16 -2.94 -6.43
N TYR D 463 104.26 -2.40 -7.65
CA TYR D 463 103.92 -3.15 -8.86
C TYR D 463 104.81 -4.40 -8.95
N GLN D 464 106.09 -4.20 -8.59
CA GLN D 464 107.06 -5.28 -8.55
C GLN D 464 106.68 -6.26 -7.44
N LEU D 465 106.59 -5.74 -6.22
CA LEU D 465 106.20 -6.48 -5.02
C LEU D 465 104.95 -7.31 -5.26
N ALA D 466 104.06 -6.77 -6.09
CA ALA D 466 102.88 -7.46 -6.53
C ALA D 466 103.29 -8.63 -7.42
N LYS D 467 103.86 -8.31 -8.58
CA LYS D 467 104.25 -9.32 -9.55
C LYS D 467 104.99 -10.49 -8.91
N GLU D 468 105.82 -10.18 -7.91
CA GLU D 468 106.53 -11.23 -7.18
C GLU D 468 105.54 -12.12 -6.43
N LEU D 469 104.92 -11.54 -5.40
CA LEU D 469 103.98 -12.25 -4.54
C LEU D 469 102.94 -12.95 -5.39
N GLY D 470 102.64 -12.35 -6.53
CA GLY D 470 101.70 -12.92 -7.46
C GLY D 470 102.20 -14.24 -7.99
N GLN D 471 103.36 -14.22 -8.64
CA GLN D 471 103.92 -15.42 -9.23
C GLN D 471 104.09 -16.51 -8.18
N GLN D 472 104.53 -16.10 -6.99
CA GLN D 472 104.62 -17.01 -5.86
C GLN D 472 103.29 -17.74 -5.71
N LEU D 473 102.22 -16.95 -5.59
CA LEU D 473 100.90 -17.52 -5.36
C LEU D 473 100.49 -18.42 -6.52
N ILE D 474 100.68 -17.94 -7.75
CA ILE D 474 100.24 -18.69 -8.91
C ILE D 474 100.82 -20.09 -8.89
N GLU D 475 102.05 -20.18 -8.39
CA GLU D 475 102.74 -21.45 -8.29
C GLU D 475 102.13 -22.28 -7.17
N ASN D 476 101.93 -21.63 -6.04
CA ASN D 476 101.26 -22.27 -4.92
C ASN D 476 99.99 -22.95 -5.38
N CYS D 477 99.08 -22.15 -5.93
CA CYS D 477 97.79 -22.64 -6.36
C CYS D 477 97.93 -23.84 -7.29
N LYS D 478 99.02 -23.90 -8.04
CA LYS D 478 99.24 -24.99 -8.98
C LYS D 478 99.42 -26.31 -8.25
N GLU D 479 100.15 -26.27 -7.14
CA GLU D 479 100.42 -27.48 -6.39
C GLU D 479 99.29 -27.84 -5.41
N VAL D 480 98.19 -27.09 -5.48
CA VAL D 480 97.03 -27.37 -4.61
C VAL D 480 95.82 -27.87 -5.41
N LEU D 481 95.80 -27.60 -6.72
CA LEU D 481 94.72 -28.02 -7.60
C LEU D 481 94.26 -29.44 -7.31
N GLY D 482 93.00 -29.59 -6.91
CA GLY D 482 92.45 -30.89 -6.60
C GLY D 482 92.55 -31.23 -5.11
N LYS D 483 93.71 -30.92 -4.55
CA LYS D 483 93.96 -31.16 -3.13
C LYS D 483 92.99 -30.38 -2.24
N PRO D 484 92.20 -31.12 -1.44
CA PRO D 484 91.23 -30.64 -0.46
C PRO D 484 91.64 -29.33 0.23
N PRO D 485 90.70 -28.39 0.39
CA PRO D 485 90.84 -27.05 0.99
C PRO D 485 90.94 -27.12 2.50
N VAL D 486 91.63 -26.15 3.08
CA VAL D 486 91.87 -26.19 4.52
C VAL D 486 91.55 -24.90 5.29
N TYR D 487 90.97 -25.09 6.46
CA TYR D 487 90.84 -24.03 7.43
C TYR D 487 92.16 -23.94 8.16
N LYS D 488 92.86 -22.82 7.98
CA LYS D 488 94.07 -22.58 8.74
C LYS D 488 94.01 -21.18 9.34
N ASP D 489 94.02 -21.12 10.67
CA ASP D 489 94.03 -19.84 11.37
C ASP D 489 95.46 -19.27 11.44
N VAL D 490 95.60 -18.05 10.96
CA VAL D 490 96.91 -17.48 10.73
C VAL D 490 97.04 -16.21 11.52
N SER D 491 95.97 -15.86 12.23
CA SER D 491 95.91 -14.57 12.93
C SER D 491 96.94 -14.49 14.04
N ILE D 492 97.11 -13.30 14.60
CA ILE D 492 97.96 -13.10 15.76
C ILE D 492 97.13 -13.31 17.03
N PRO D 493 97.44 -14.39 17.79
CA PRO D 493 96.72 -14.65 19.04
C PRO D 493 96.73 -13.42 19.94
N THR D 494 95.55 -13.01 20.42
CA THR D 494 95.43 -11.75 21.13
C THR D 494 94.76 -11.90 22.50
N GLY D 495 95.06 -10.97 23.41
CA GLY D 495 94.52 -11.00 24.77
C GLY D 495 93.81 -9.73 25.19
N PRO D 496 93.31 -9.71 26.45
CA PRO D 496 92.49 -8.62 26.97
C PRO D 496 93.35 -7.54 27.59
N GLN D 497 93.06 -6.28 27.28
CA GLN D 497 93.79 -5.19 27.93
C GLN D 497 92.89 -4.00 28.26
N THR D 498 92.38 -3.99 29.49
CA THR D 498 91.53 -2.91 29.95
C THR D 498 92.33 -1.75 30.59
N THR D 499 92.05 -0.53 30.14
CA THR D 499 92.85 0.65 30.51
C THR D 499 91.97 1.79 31.00
N ILE D 500 92.38 2.43 32.09
CA ILE D 500 91.66 3.61 32.59
C ILE D 500 92.43 4.91 32.37
N ASP D 501 91.78 5.82 31.64
CA ASP D 501 92.35 7.10 31.25
C ASP D 501 92.83 7.91 32.45
N ALA D 502 93.67 8.90 32.19
CA ALA D 502 94.03 9.87 33.21
C ALA D 502 92.80 10.71 33.54
N ARG D 503 91.91 10.86 32.55
CA ARG D 503 90.66 11.62 32.71
C ARG D 503 89.45 10.72 33.00
N GLY D 504 89.70 9.54 33.56
CA GLY D 504 88.64 8.65 34.01
C GLY D 504 88.04 7.71 32.97
N ASN D 505 88.28 8.00 31.69
CA ASN D 505 87.72 7.19 30.62
C ASN D 505 88.18 5.74 30.69
N ILE D 506 87.23 4.80 30.61
CA ILE D 506 87.56 3.39 30.57
C ILE D 506 87.61 2.88 29.14
N GLN D 507 88.69 2.22 28.77
CA GLN D 507 88.76 1.60 27.45
C GLN D 507 89.28 0.19 27.54
N TYR D 508 88.91 -0.63 26.56
CA TYR D 508 89.37 -2.01 26.48
C TYR D 508 89.79 -2.32 25.06
N GLN D 509 91.07 -2.64 24.86
CA GLN D 509 91.55 -3.02 23.54
C GLN D 509 91.84 -4.52 23.51
N GLU D 510 92.23 -5.02 22.35
CA GLU D 510 92.82 -6.34 22.28
C GLU D 510 94.26 -6.24 21.78
N VAL D 511 95.20 -6.56 22.66
CA VAL D 511 96.61 -6.45 22.32
C VAL D 511 97.14 -7.82 21.91
N PRO D 512 98.14 -7.85 21.01
CA PRO D 512 98.77 -9.13 20.70
C PRO D 512 99.36 -9.72 21.98
N ARG D 513 99.21 -11.03 22.15
CA ARG D 513 99.87 -11.71 23.26
C ARG D 513 101.37 -11.56 23.09
N ALA D 514 102.04 -11.14 24.16
CA ALA D 514 103.45 -10.82 24.09
C ALA D 514 104.32 -12.05 23.86
N SER D 515 103.76 -13.24 24.07
CA SER D 515 104.55 -14.47 24.00
C SER D 515 104.06 -15.49 22.98
N ALA D 516 103.06 -15.11 22.19
CA ALA D 516 102.58 -15.97 21.12
C ALA D 516 102.38 -15.19 19.83
N ARG D 517 102.86 -15.77 18.73
CA ARG D 517 102.79 -15.11 17.43
C ARG D 517 101.85 -15.85 16.50
N LYS D 518 102.11 -17.16 16.32
CA LYS D 518 101.26 -18.02 15.51
C LYS D 518 100.36 -18.87 16.40
N PHE D 519 99.54 -19.70 15.79
CA PHE D 519 98.61 -20.50 16.54
C PHE D 519 99.28 -21.73 17.07
N GLU D 520 100.44 -22.06 16.49
CA GLU D 520 101.21 -23.18 17.02
C GLU D 520 101.64 -22.79 18.44
N HIS D 521 102.07 -21.55 18.59
CA HIS D 521 102.44 -20.99 19.88
C HIS D 521 101.26 -21.08 20.83
N TYR D 522 100.07 -20.85 20.29
CA TYR D 522 98.87 -20.94 21.08
C TYR D 522 98.66 -22.38 21.53
N VAL D 523 98.57 -23.32 20.59
CA VAL D 523 98.33 -24.71 20.96
C VAL D 523 99.26 -25.13 22.08
N LYS D 524 100.55 -24.97 21.84
CA LYS D 524 101.55 -25.28 22.84
C LYS D 524 101.20 -24.60 24.16
N GLN D 525 101.19 -23.28 24.16
CA GLN D 525 100.93 -22.51 25.38
C GLN D 525 99.77 -23.11 26.15
N MET D 526 98.79 -23.62 25.42
CA MET D 526 97.59 -24.18 26.02
C MET D 526 97.82 -25.53 26.64
N ALA D 527 97.71 -26.57 25.82
CA ALA D 527 98.04 -27.94 26.23
C ALA D 527 99.03 -27.99 27.38
N GLU D 528 100.03 -27.12 27.33
CA GLU D 528 101.07 -27.03 28.35
C GLU D 528 100.58 -26.63 29.74
N GLY D 529 99.40 -26.05 29.82
CA GLY D 529 98.86 -25.58 31.09
C GLY D 529 99.77 -24.55 31.70
N GLY D 530 99.70 -24.44 33.02
CA GLY D 530 100.46 -23.42 33.73
C GLY D 530 100.76 -23.80 35.17
N PRO D 531 101.55 -22.95 35.84
CA PRO D 531 101.99 -23.11 37.22
C PRO D 531 100.82 -23.41 38.15
N ILE D 532 99.61 -22.95 37.82
CA ILE D 532 98.46 -23.12 38.71
C ILE D 532 97.94 -24.55 38.79
N SER D 533 97.92 -25.24 37.66
CA SER D 533 97.50 -26.64 37.66
C SER D 533 98.67 -27.59 37.87
N GLN D 534 99.42 -27.41 38.95
CA GLN D 534 100.56 -28.28 39.20
C GLN D 534 100.19 -29.48 40.04
N TYR D 535 100.65 -30.66 39.64
CA TYR D 535 100.57 -31.84 40.48
C TYR D 535 101.80 -32.72 40.28
N SER D 536 102.08 -33.57 41.26
CA SER D 536 103.28 -34.40 41.21
C SER D 536 102.95 -35.84 40.81
N ASN D 537 103.87 -36.48 40.08
CA ASN D 537 103.72 -37.88 39.71
C ASN D 537 103.71 -38.81 40.90
N ARG D 538 103.18 -40.01 40.70
CA ARG D 538 103.30 -41.04 41.73
C ARG D 538 104.74 -41.08 42.21
N THR D 539 105.65 -40.99 41.24
CA THR D 539 107.08 -41.03 41.46
C THR D 539 107.54 -39.97 42.47
N LYS D 540 107.22 -38.71 42.21
CA LYS D 540 107.51 -37.66 43.15
C LYS D 540 106.89 -37.93 44.51
N VAL D 541 105.61 -38.28 44.52
CA VAL D 541 104.90 -38.52 45.77
C VAL D 541 105.66 -39.46 46.70
N GLN D 542 106.30 -40.48 46.12
CA GLN D 542 107.10 -41.40 46.91
C GLN D 542 108.46 -40.83 47.24
N ASN D 543 109.15 -40.33 46.22
CA ASN D 543 110.46 -39.69 46.43
C ASN D 543 110.38 -38.56 47.44
N ASP D 544 109.18 -38.00 47.59
CA ASP D 544 108.93 -37.00 48.62
C ASP D 544 108.65 -37.70 49.95
N LEU D 545 107.90 -38.79 49.90
CA LEU D 545 107.66 -39.59 51.10
C LEU D 545 108.96 -40.14 51.67
N ARG D 546 109.95 -40.34 50.80
CA ARG D 546 111.25 -40.82 51.22
C ARG D 546 111.93 -39.79 52.08
N SER D 547 112.40 -38.72 51.44
CA SER D 547 113.16 -37.67 52.12
C SER D 547 112.48 -37.12 53.38
N VAL D 548 111.15 -37.18 53.43
CA VAL D 548 110.42 -36.80 54.64
C VAL D 548 110.71 -37.78 55.76
N TYR D 549 110.57 -39.07 55.45
CA TYR D 549 110.88 -40.13 56.40
C TYR D 549 112.37 -40.12 56.76
N LYS D 550 113.24 -40.10 55.75
CA LYS D 550 114.69 -40.07 55.97
C LYS D 550 115.11 -38.90 56.83
N LEU D 551 114.37 -37.80 56.75
CA LEU D 551 114.75 -36.59 57.48
C LEU D 551 114.15 -36.56 58.89
N ILE D 552 112.87 -36.88 58.99
CA ILE D 552 112.22 -36.93 60.28
C ILE D 552 112.84 -38.04 61.15
N ARG D 553 113.33 -39.09 60.52
CA ARG D 553 113.87 -40.28 61.21
C ARG D 553 115.33 -40.12 61.61
N ARG D 554 116.18 -39.76 60.66
CA ARG D 554 117.61 -39.56 60.93
C ARG D 554 117.84 -38.25 61.65
N GLN D 555 116.93 -37.94 62.56
CA GLN D 555 117.00 -36.73 63.35
C GLN D 555 116.85 -37.16 64.81
N HIS D 556 116.16 -38.29 65.00
CA HIS D 556 115.95 -38.90 66.32
C HIS D 556 115.67 -37.91 67.43
N ARG D 557 114.49 -37.32 67.42
CA ARG D 557 114.09 -36.43 68.50
C ARG D 557 112.74 -36.87 69.06
N LEU D 558 112.17 -37.89 68.44
CA LEU D 558 110.82 -38.34 68.79
C LEU D 558 110.83 -39.54 69.71
N SER D 559 109.93 -39.55 70.70
CA SER D 559 109.80 -40.70 71.58
C SER D 559 109.55 -41.92 70.70
N LYS D 560 110.01 -43.08 71.16
CA LYS D 560 109.84 -44.30 70.40
C LYS D 560 108.37 -44.60 70.09
N SER D 561 107.48 -43.96 70.85
CA SER D 561 106.06 -44.09 70.59
C SER D 561 105.72 -43.41 69.27
N SER D 562 106.07 -42.14 69.19
CA SER D 562 105.78 -41.36 68.00
C SER D 562 106.52 -41.90 66.76
N GLN D 563 107.77 -42.29 66.94
CA GLN D 563 108.52 -42.89 65.85
C GLN D 563 107.93 -44.23 65.46
N LEU D 564 107.19 -44.85 66.37
CA LEU D 564 106.62 -46.17 66.10
C LEU D 564 105.40 -46.05 65.19
N GLN D 565 104.48 -45.17 65.56
CA GLN D 565 103.23 -45.04 64.82
C GLN D 565 103.36 -44.10 63.62
N PHE D 566 104.35 -43.23 63.67
CA PHE D 566 104.74 -42.49 62.47
C PHE D 566 105.06 -43.53 61.40
N ASN D 567 105.80 -44.57 61.79
CA ASN D 567 106.13 -45.70 60.93
C ASN D 567 104.88 -46.50 60.56
N ALA D 568 103.97 -46.62 61.51
CA ALA D 568 102.70 -47.31 61.29
C ALA D 568 101.98 -46.64 60.14
N LEU D 569 101.70 -45.35 60.32
CA LEU D 569 100.92 -44.57 59.37
C LEU D 569 101.60 -44.47 58.01
N TYR D 570 102.93 -44.44 58.01
CA TYR D 570 103.66 -44.28 56.78
C TYR D 570 103.45 -45.49 55.89
N LYS D 571 103.32 -46.66 56.51
CA LYS D 571 103.16 -47.91 55.79
C LYS D 571 101.81 -48.02 55.08
N ASP D 572 100.77 -47.50 55.73
CA ASP D 572 99.41 -47.54 55.20
C ASP D 572 99.34 -46.68 53.96
N VAL D 573 99.85 -45.46 54.12
CA VAL D 573 99.93 -44.50 53.03
C VAL D 573 100.57 -45.13 51.81
N ILE D 574 101.67 -45.85 52.05
CA ILE D 574 102.49 -46.43 50.98
C ILE D 574 101.81 -47.65 50.34
N ARG D 575 100.90 -48.26 51.09
CA ARG D 575 100.11 -49.38 50.58
C ARG D 575 99.06 -48.91 49.59
N ALA D 576 98.17 -48.05 50.09
CA ALA D 576 97.04 -47.55 49.34
C ALA D 576 97.51 -46.86 48.06
N LEU D 577 98.74 -46.37 48.09
CA LEU D 577 99.33 -45.70 46.94
C LEU D 577 100.08 -46.70 46.06
N ALA D 578 100.14 -47.94 46.54
CA ALA D 578 100.74 -49.06 45.81
C ALA D 578 102.26 -48.99 45.77
N MET D 579 102.82 -47.86 46.22
CA MET D 579 104.27 -47.71 46.32
C MET D 579 104.83 -48.84 47.20
N ASN D 580 106.14 -48.99 47.31
CA ASN D 580 106.68 -50.09 48.13
C ASN D 580 107.23 -49.74 49.52
N GLU D 581 106.99 -50.66 50.47
CA GLU D 581 107.55 -50.58 51.81
C GLU D 581 109.04 -50.28 51.65
N SER D 582 109.73 -51.18 50.93
CA SER D 582 111.16 -51.15 50.68
C SER D 582 111.81 -49.77 50.50
N GLN D 583 111.73 -49.25 49.28
CA GLN D 583 112.30 -47.95 48.92
C GLN D 583 112.05 -46.81 49.92
N ILE D 584 110.79 -46.63 50.26
CA ILE D 584 110.35 -45.41 50.90
C ILE D 584 110.75 -45.32 52.37
N MET D 585 110.53 -46.38 53.14
CA MET D 585 110.84 -46.37 54.57
C MET D 585 112.25 -46.82 54.92
N GLN D 586 113.03 -47.20 53.90
CA GLN D 586 114.42 -47.62 54.10
C GLN D 586 115.42 -46.63 53.53
N ARG D 605 113.58 -42.63 41.44
CA ARG D 605 114.55 -41.69 40.85
C ARG D 605 113.92 -40.37 40.35
N PRO D 606 114.73 -39.43 39.82
CA PRO D 606 114.46 -37.97 39.81
C PRO D 606 113.07 -37.48 40.26
N GLY D 607 112.00 -37.95 39.61
CA GLY D 607 110.65 -37.55 39.98
C GLY D 607 110.07 -36.73 38.86
N LYS D 608 108.75 -36.58 38.79
CA LYS D 608 108.22 -35.91 37.61
C LYS D 608 107.08 -34.93 37.88
N VAL D 609 107.32 -33.68 37.50
CA VAL D 609 106.29 -32.63 37.56
C VAL D 609 105.41 -32.68 36.31
N GLU D 610 104.09 -32.60 36.52
CA GLU D 610 103.12 -32.59 35.42
C GLU D 610 102.05 -31.52 35.61
N THR D 611 101.45 -31.12 34.50
CA THR D 611 100.41 -30.12 34.54
C THR D 611 99.14 -30.51 33.79
N ILE D 612 98.16 -29.63 33.94
CA ILE D 612 96.83 -29.82 33.36
C ILE D 612 96.56 -28.74 32.31
N PRO D 613 96.04 -29.17 31.16
CA PRO D 613 96.16 -28.52 29.85
C PRO D 613 95.35 -27.27 29.50
N PHE D 614 94.56 -26.71 30.39
CA PHE D 614 93.62 -25.70 29.90
C PHE D 614 92.62 -26.21 28.83
N LEU D 615 92.92 -27.31 28.16
CA LEU D 615 92.02 -27.88 27.16
C LEU D 615 92.20 -29.37 27.16
N HIS D 616 91.32 -30.09 27.82
CA HIS D 616 91.51 -31.52 27.87
C HIS D 616 90.22 -32.22 27.63
N LEU D 617 90.30 -33.52 27.40
CA LEU D 617 89.12 -34.35 27.28
C LEU D 617 89.13 -35.20 28.50
N ARG D 618 87.96 -35.65 28.92
CA ARG D 618 87.85 -36.49 30.09
C ARG D 618 87.22 -37.81 29.71
N LYS D 619 87.22 -38.76 30.64
CA LYS D 619 86.54 -40.02 30.40
C LYS D 619 85.81 -40.43 31.65
N LYS D 620 84.96 -41.43 31.50
CA LYS D 620 84.05 -41.79 32.57
C LYS D 620 84.57 -42.86 33.52
N ASP D 621 84.61 -42.47 34.78
CA ASP D 621 84.90 -43.33 35.92
C ASP D 621 83.87 -44.45 35.95
N GLU D 622 84.19 -45.55 36.63
CA GLU D 622 83.22 -46.61 36.86
C GLU D 622 81.99 -46.01 37.53
N PHE D 623 82.23 -45.00 38.35
CA PHE D 623 81.19 -44.29 39.07
C PHE D 623 80.86 -43.01 38.32
N GLY D 624 80.60 -43.15 37.02
CA GLY D 624 80.24 -42.04 36.14
C GLY D 624 80.85 -40.70 36.51
N ASN D 625 82.17 -40.61 36.44
CA ASN D 625 82.87 -39.38 36.75
C ASN D 625 83.81 -38.94 35.62
N TRP D 626 83.89 -37.64 35.40
CA TRP D 626 84.70 -37.15 34.28
C TRP D 626 86.06 -36.68 34.75
N GLU D 627 87.00 -37.62 34.81
CA GLU D 627 88.36 -37.34 35.20
C GLU D 627 89.24 -37.17 33.98
N TYR D 628 90.18 -36.22 34.06
CA TYR D 628 91.22 -36.00 33.06
C TYR D 628 91.75 -37.34 32.49
N SER D 629 91.90 -37.40 31.16
CA SER D 629 92.48 -38.56 30.48
C SER D 629 93.57 -38.11 29.53
N LYS D 630 94.81 -38.12 29.99
CA LYS D 630 95.93 -37.70 29.15
C LYS D 630 95.87 -38.41 27.81
N LYS D 631 95.39 -39.66 27.79
CA LYS D 631 95.37 -40.42 26.55
C LYS D 631 94.62 -39.68 25.46
N LEU D 632 93.43 -39.20 25.81
CA LEU D 632 92.56 -38.49 24.87
C LEU D 632 93.05 -37.07 24.65
N THR D 633 93.26 -36.34 25.75
CA THR D 633 93.74 -34.97 25.68
C THR D 633 94.90 -34.88 24.73
N GLY D 634 95.67 -35.96 24.67
CA GLY D 634 96.72 -36.09 23.69
C GLY D 634 96.13 -36.01 22.30
N ILE D 635 95.45 -37.07 21.89
CA ILE D 635 94.85 -37.17 20.57
C ILE D 635 94.20 -35.85 20.12
N TYR D 636 93.49 -35.19 21.02
CA TYR D 636 92.83 -33.95 20.68
C TYR D 636 93.84 -32.85 20.44
N LEU D 637 94.62 -32.53 21.47
CA LEU D 637 95.59 -31.45 21.39
C LEU D 637 96.62 -31.71 20.30
N ASP D 638 96.72 -32.96 19.87
CA ASP D 638 97.64 -33.35 18.81
C ASP D 638 97.13 -32.91 17.46
N GLY D 639 95.89 -33.31 17.14
CA GLY D 639 95.23 -32.85 15.93
C GLY D 639 95.12 -31.34 15.96
N LEU D 640 94.85 -30.82 17.17
CA LEU D 640 94.72 -29.39 17.40
C LEU D 640 96.00 -28.65 17.03
N GLU D 641 97.12 -29.37 17.11
CA GLU D 641 98.40 -28.85 16.70
C GLU D 641 98.49 -28.90 15.18
N ALA D 642 98.39 -30.12 14.64
CA ALA D 642 98.43 -30.34 13.20
C ALA D 642 97.44 -29.44 12.47
N ALA D 643 96.37 -29.05 13.15
CA ALA D 643 95.46 -28.07 12.60
C ALA D 643 96.19 -26.76 12.36
N ALA D 644 96.71 -26.17 13.43
CA ALA D 644 97.39 -24.88 13.36
C ALA D 644 98.56 -24.87 12.37
N ARG D 645 99.20 -26.04 12.22
CA ARG D 645 100.34 -26.19 11.31
C ARG D 645 99.92 -26.31 9.85
N SER D 646 99.56 -27.53 9.43
CA SER D 646 99.25 -27.82 8.04
C SER D 646 97.83 -27.39 7.68
N GLY D 647 96.95 -27.32 8.68
CA GLY D 647 95.56 -26.95 8.46
C GLY D 647 94.60 -28.14 8.48
N LEU D 648 93.33 -27.84 8.70
CA LEU D 648 92.30 -28.85 8.83
C LEU D 648 91.23 -28.69 7.76
N THR D 649 90.84 -29.80 7.12
CA THR D 649 89.85 -29.76 6.03
C THR D 649 88.52 -30.36 6.42
N PHE D 650 87.48 -29.93 5.72
CA PHE D 650 86.14 -30.43 5.99
C PHE D 650 85.47 -30.92 4.72
N GLN D 651 86.25 -30.99 3.65
CA GLN D 651 85.75 -31.37 2.33
C GLN D 651 84.71 -32.49 2.33
N GLY D 652 83.60 -32.24 1.64
CA GLY D 652 82.58 -33.24 1.40
C GLY D 652 81.62 -33.43 2.55
N LYS D 653 81.79 -32.64 3.60
CA LYS D 653 80.94 -32.83 4.76
C LYS D 653 79.83 -31.78 4.80
N HIS D 654 78.70 -32.18 5.34
CA HIS D 654 77.52 -31.34 5.45
C HIS D 654 77.21 -31.02 6.90
N ALA D 655 76.91 -29.77 7.21
CA ALA D 655 76.64 -29.39 8.60
C ALA D 655 75.51 -28.36 8.78
N LEU D 656 74.68 -28.56 9.80
CA LEU D 656 73.62 -27.62 10.17
C LEU D 656 74.10 -26.74 11.33
N MET D 657 73.74 -25.47 11.33
CA MET D 657 74.26 -24.55 12.36
C MET D 657 73.23 -23.51 12.82
N THR D 658 72.71 -23.69 14.02
CA THR D 658 71.77 -22.73 14.57
C THR D 658 72.44 -21.87 15.62
N GLY D 659 72.33 -20.56 15.47
CA GLY D 659 72.87 -19.65 16.47
C GLY D 659 74.07 -18.93 15.90
N ALA D 660 74.27 -19.10 14.60
CA ALA D 660 75.42 -18.53 13.91
C ALA D 660 75.29 -17.01 13.60
N GLY D 661 74.66 -16.27 14.50
CA GLY D 661 74.43 -14.86 14.25
C GLY D 661 75.72 -14.13 13.97
N ALA D 662 75.63 -12.93 13.45
CA ALA D 662 76.81 -12.10 13.21
C ALA D 662 77.57 -11.77 14.50
N GLY D 663 78.90 -11.83 14.44
CA GLY D 663 79.74 -11.52 15.59
C GLY D 663 79.61 -12.50 16.73
N SER D 664 79.60 -13.79 16.41
CA SER D 664 79.36 -14.82 17.41
C SER D 664 80.30 -16.01 17.23
N ILE D 665 80.40 -16.82 18.28
CA ILE D 665 81.19 -18.05 18.24
C ILE D 665 80.78 -18.90 17.04
N GLY D 666 79.47 -19.09 16.86
CA GLY D 666 78.99 -19.82 15.71
C GLY D 666 79.46 -19.22 14.39
N ALA D 667 79.46 -17.89 14.31
CA ALA D 667 79.82 -17.18 13.09
C ALA D 667 81.20 -17.58 12.66
N GLU D 668 82.11 -17.58 13.63
CA GLU D 668 83.50 -17.94 13.37
C GLU D 668 83.63 -19.41 13.00
N VAL D 669 83.02 -20.27 13.81
CA VAL D 669 83.06 -21.69 13.50
C VAL D 669 82.56 -21.93 12.09
N LEU D 670 81.54 -21.18 11.68
CA LEU D 670 81.00 -21.31 10.32
C LEU D 670 82.08 -21.13 9.27
N GLN D 671 82.68 -19.95 9.24
CA GLN D 671 83.75 -19.64 8.31
C GLN D 671 84.78 -20.77 8.26
N GLY D 672 85.02 -21.38 9.40
CA GLY D 672 85.91 -22.50 9.46
C GLY D 672 85.48 -23.58 8.49
N LEU D 673 84.30 -24.16 8.71
CA LEU D 673 83.80 -25.23 7.85
C LEU D 673 83.73 -24.77 6.39
N LEU D 674 83.48 -23.49 6.19
CA LEU D 674 83.36 -22.95 4.84
C LEU D 674 84.70 -22.94 4.13
N SER D 675 85.78 -22.73 4.88
CA SER D 675 87.13 -22.79 4.30
C SER D 675 87.52 -24.22 3.93
N GLY D 676 87.04 -25.19 4.70
CA GLY D 676 87.13 -26.57 4.30
C GLY D 676 86.09 -26.73 3.23
N GLY D 677 85.91 -27.92 2.71
CA GLY D 677 84.97 -28.12 1.62
C GLY D 677 83.51 -28.20 2.06
N ALA D 678 83.23 -27.67 3.24
CA ALA D 678 81.95 -27.95 3.90
C ALA D 678 80.75 -27.26 3.32
N LYS D 679 79.65 -28.00 3.28
CA LYS D 679 78.36 -27.43 2.96
C LYS D 679 77.60 -27.29 4.25
N VAL D 680 77.28 -26.05 4.61
CA VAL D 680 76.52 -25.79 5.82
C VAL D 680 75.19 -25.13 5.54
N ILE D 681 74.23 -25.39 6.41
CA ILE D 681 72.94 -24.73 6.37
C ILE D 681 72.75 -23.88 7.64
N VAL D 682 72.71 -22.56 7.49
CA VAL D 682 72.65 -21.66 8.62
C VAL D 682 71.25 -21.06 8.82
N THR D 683 70.75 -21.11 10.05
CA THR D 683 69.41 -20.60 10.35
C THR D 683 69.45 -19.25 11.07
N THR D 684 68.61 -18.32 10.61
CA THR D 684 68.55 -17.01 11.22
C THR D 684 67.14 -16.60 11.61
N SER D 685 67.05 -15.91 12.72
CA SER D 685 65.77 -15.50 13.28
C SER D 685 65.56 -14.04 13.02
N ARG D 686 66.50 -13.41 12.32
CA ARG D 686 66.32 -12.05 11.85
C ARG D 686 66.66 -12.06 10.38
N PHE D 687 65.70 -12.49 9.58
CA PHE D 687 65.94 -12.68 8.16
C PHE D 687 65.71 -11.38 7.36
N SER D 688 66.71 -10.51 7.32
CA SER D 688 66.65 -9.26 6.61
C SER D 688 67.71 -9.22 5.54
N ARG D 689 67.62 -8.25 4.63
CA ARG D 689 68.63 -8.14 3.59
C ARG D 689 69.96 -7.95 4.28
N GLN D 690 69.94 -7.20 5.37
CA GLN D 690 71.17 -6.93 6.10
C GLN D 690 71.88 -8.21 6.50
N VAL D 691 71.11 -9.20 6.93
CA VAL D 691 71.65 -10.50 7.33
C VAL D 691 71.92 -11.41 6.12
N THR D 692 71.06 -11.31 5.11
CA THR D 692 71.30 -11.97 3.83
C THR D 692 72.70 -11.58 3.37
N GLU D 693 72.96 -10.28 3.36
CA GLU D 693 74.24 -9.76 2.91
C GLU D 693 75.41 -10.32 3.71
N TYR D 694 75.39 -10.05 5.02
CA TYR D 694 76.42 -10.53 5.92
C TYR D 694 76.94 -11.93 5.57
N TYR D 695 76.04 -12.88 5.39
CA TYR D 695 76.43 -14.24 5.07
C TYR D 695 77.02 -14.43 3.67
N GLN D 696 76.44 -13.77 2.68
CA GLN D 696 77.03 -13.81 1.34
C GLN D 696 78.40 -13.16 1.40
N GLY D 697 78.52 -12.09 2.20
CA GLY D 697 79.82 -11.49 2.43
C GLY D 697 80.80 -12.54 2.92
N ILE D 698 80.40 -13.22 3.99
CA ILE D 698 81.18 -14.34 4.48
C ILE D 698 81.52 -15.35 3.42
N TYR D 699 80.57 -15.73 2.58
CA TYR D 699 80.86 -16.81 1.65
C TYR D 699 81.78 -16.38 0.51
N ALA D 700 81.78 -15.08 0.23
CA ALA D 700 82.61 -14.54 -0.84
C ALA D 700 84.06 -14.68 -0.47
N ARG D 701 84.29 -14.74 0.83
CA ARG D 701 85.63 -14.67 1.38
C ARG D 701 86.14 -16.03 1.86
N CYS D 702 85.22 -16.92 2.22
CA CYS D 702 85.60 -18.19 2.86
C CYS D 702 85.17 -19.38 2.05
N GLY D 703 84.46 -19.14 0.94
CA GLY D 703 83.91 -20.22 0.15
C GLY D 703 84.93 -20.96 -0.68
N ALA D 704 85.50 -22.03 -0.13
CA ALA D 704 86.42 -22.86 -0.88
C ALA D 704 85.62 -23.64 -1.91
N ARG D 705 86.25 -24.00 -3.02
CA ARG D 705 85.58 -24.85 -3.98
C ARG D 705 84.98 -26.06 -3.24
N GLY D 706 83.82 -26.52 -3.66
CA GLY D 706 83.16 -27.64 -3.01
C GLY D 706 82.18 -27.18 -1.94
N SER D 707 82.44 -26.02 -1.37
CA SER D 707 81.62 -25.50 -0.28
C SER D 707 80.31 -24.90 -0.76
N GLN D 708 79.36 -24.76 0.16
CA GLN D 708 78.05 -24.19 -0.14
C GLN D 708 77.43 -23.59 1.12
N LEU D 709 76.83 -22.41 1.00
CA LEU D 709 76.17 -21.78 2.15
C LEU D 709 74.69 -21.59 1.85
N VAL D 710 73.85 -22.16 2.70
CA VAL D 710 72.41 -22.05 2.53
C VAL D 710 71.82 -21.38 3.75
N VAL D 711 71.43 -20.12 3.63
CA VAL D 711 70.78 -19.43 4.73
C VAL D 711 69.26 -19.53 4.63
N VAL D 712 68.62 -19.62 5.79
CA VAL D 712 67.21 -19.95 5.87
C VAL D 712 66.64 -19.25 7.09
N PRO D 713 65.35 -18.85 7.04
CA PRO D 713 64.75 -18.26 8.23
C PRO D 713 64.26 -19.40 9.11
N PHE D 714 64.46 -19.27 10.42
CA PHE D 714 64.15 -20.35 11.35
C PHE D 714 63.92 -19.76 12.71
N ASN D 715 63.20 -20.51 13.55
CA ASN D 715 62.85 -20.08 14.89
C ASN D 715 62.80 -21.29 15.82
N GLN D 716 63.90 -21.57 16.52
CA GLN D 716 63.99 -22.80 17.28
C GLN D 716 63.00 -22.81 18.43
N GLY D 717 62.30 -21.70 18.62
CA GLY D 717 61.21 -21.65 19.57
C GLY D 717 60.02 -22.45 19.08
N SER D 718 60.03 -22.84 17.82
CA SER D 718 58.85 -23.48 17.22
C SER D 718 59.05 -24.94 16.96
N LYS D 719 58.20 -25.77 17.56
CA LYS D 719 58.22 -27.22 17.34
C LYS D 719 58.13 -27.55 15.86
N GLN D 720 57.23 -26.84 15.17
CA GLN D 720 56.97 -27.07 13.76
C GLN D 720 58.18 -26.72 12.94
N ASP D 721 58.69 -25.51 13.14
CA ASP D 721 59.91 -25.06 12.47
C ASP D 721 61.01 -26.12 12.52
N VAL D 722 61.25 -26.61 13.72
CA VAL D 722 62.26 -27.63 13.91
C VAL D 722 61.98 -28.80 13.01
N GLU D 723 60.84 -29.44 13.19
CA GLU D 723 60.51 -30.63 12.40
C GLU D 723 60.37 -30.33 10.90
N ALA D 724 60.27 -29.04 10.55
CA ALA D 724 60.12 -28.64 9.16
C ALA D 724 61.48 -28.42 8.55
N LEU D 725 62.32 -27.67 9.27
CA LEU D 725 63.67 -27.40 8.84
C LEU D 725 64.28 -28.72 8.46
N VAL D 726 64.15 -29.66 9.37
CA VAL D 726 64.77 -30.95 9.22
C VAL D 726 64.41 -31.61 7.89
N ASN D 727 63.19 -31.36 7.44
CA ASN D 727 62.73 -31.99 6.22
C ASN D 727 63.18 -31.26 4.98
N TYR D 728 63.43 -29.97 5.10
CA TYR D 728 64.00 -29.22 3.98
C TYR D 728 65.35 -29.83 3.72
N ILE D 729 66.03 -30.15 4.82
CA ILE D 729 67.38 -30.65 4.73
C ILE D 729 67.44 -32.03 4.09
N TYR D 730 66.47 -32.86 4.42
CA TYR D 730 66.52 -34.25 3.98
C TYR D 730 65.62 -34.59 2.83
N ASP D 731 64.84 -33.63 2.32
CA ASP D 731 63.95 -33.93 1.19
C ASP D 731 64.70 -34.05 -0.13
N THR D 732 64.54 -35.21 -0.76
CA THR D 732 65.19 -35.48 -2.03
C THR D 732 64.59 -34.61 -3.15
N LYS D 733 63.26 -34.51 -3.20
CA LYS D 733 62.56 -33.86 -4.29
C LYS D 733 62.66 -32.36 -4.27
N ASN D 734 61.95 -31.75 -3.32
CA ASN D 734 61.92 -30.29 -3.25
C ASN D 734 62.87 -29.71 -2.23
N GLY D 735 63.44 -30.59 -1.40
CA GLY D 735 64.35 -30.16 -0.36
C GLY D 735 65.71 -29.91 -0.95
N LEU D 736 66.72 -29.79 -0.09
CA LEU D 736 68.08 -29.71 -0.58
C LEU D 736 68.81 -31.02 -0.34
N GLY D 737 68.01 -32.04 -0.08
CA GLY D 737 68.42 -33.44 -0.06
C GLY D 737 69.81 -33.80 0.44
N TRP D 738 70.20 -33.24 1.57
CA TRP D 738 71.48 -33.57 2.19
C TRP D 738 71.38 -34.75 3.15
N ASP D 739 72.49 -35.01 3.82
CA ASP D 739 72.53 -35.80 5.05
C ASP D 739 73.56 -35.14 5.96
N LEU D 740 73.24 -34.98 7.23
CA LEU D 740 74.05 -34.17 8.13
C LEU D 740 75.22 -34.90 8.78
N ASP D 741 76.37 -34.21 8.83
CA ASP D 741 77.61 -34.75 9.37
C ASP D 741 77.93 -34.06 10.68
N TYR D 742 77.63 -32.78 10.74
CA TYR D 742 77.81 -32.02 11.96
C TYR D 742 76.49 -31.31 12.29
N VAL D 743 76.24 -31.14 13.58
CA VAL D 743 75.13 -30.34 14.05
C VAL D 743 75.63 -29.46 15.18
N VAL D 744 75.52 -28.17 15.01
CA VAL D 744 76.12 -27.23 15.95
C VAL D 744 75.04 -26.31 16.51
N PRO D 745 74.34 -26.76 17.56
CA PRO D 745 73.13 -26.14 18.12
C PRO D 745 73.37 -24.98 19.09
N PHE D 746 73.86 -23.84 18.59
CA PHE D 746 74.12 -22.68 19.43
C PHE D 746 72.97 -21.67 19.48
N ALA D 747 71.75 -22.15 19.27
CA ALA D 747 70.58 -21.31 19.40
C ALA D 747 70.49 -20.82 20.85
N ALA D 748 70.37 -19.52 21.05
CA ALA D 748 70.34 -19.00 22.43
C ALA D 748 69.67 -17.63 22.63
N ILE D 749 69.06 -17.48 23.80
CA ILE D 749 68.45 -16.22 24.23
C ILE D 749 69.02 -15.75 25.55
N PRO D 750 69.43 -14.48 25.60
CA PRO D 750 69.94 -13.79 26.77
C PRO D 750 68.86 -13.68 27.85
N GLU D 751 68.84 -14.57 28.84
CA GLU D 751 67.87 -14.47 29.94
C GLU D 751 68.41 -13.69 31.14
N ASN D 752 69.60 -13.13 30.97
CA ASN D 752 70.24 -12.27 31.95
C ASN D 752 69.26 -11.51 32.85
N GLY D 753 69.42 -11.64 34.15
CA GLY D 753 68.75 -10.75 35.08
C GLY D 753 67.76 -11.34 36.07
N ARG D 754 67.51 -12.64 36.01
CA ARG D 754 66.44 -13.21 36.84
C ARG D 754 66.81 -14.43 37.67
N GLU D 755 66.40 -14.42 38.94
CA GLU D 755 66.59 -15.54 39.83
C GLU D 755 65.35 -16.37 39.82
N ILE D 756 65.36 -17.50 40.54
CA ILE D 756 64.17 -18.36 40.61
C ILE D 756 63.03 -17.53 41.17
N ASP D 757 63.43 -16.40 41.73
CA ASP D 757 62.56 -15.32 42.14
C ASP D 757 61.43 -15.15 41.13
N SER D 758 61.79 -15.18 39.86
CA SER D 758 60.85 -14.89 38.80
C SER D 758 61.27 -15.51 37.45
N ILE D 759 60.76 -16.70 37.17
CA ILE D 759 60.98 -17.32 35.87
C ILE D 759 59.92 -16.80 34.89
N ASP D 760 60.23 -15.68 34.23
CA ASP D 760 59.25 -15.05 33.36
C ASP D 760 58.98 -15.84 32.09
N SER D 761 58.17 -15.24 31.22
CA SER D 761 57.89 -15.78 29.89
C SER D 761 59.19 -16.03 29.15
N LYS D 762 59.99 -14.98 28.99
CA LYS D 762 61.24 -15.06 28.24
C LYS D 762 62.01 -16.30 28.62
N SER D 763 62.16 -16.54 29.91
CA SER D 763 62.90 -17.70 30.44
C SER D 763 62.34 -19.02 29.94
N GLU D 764 61.05 -19.23 30.13
CA GLU D 764 60.42 -20.45 29.65
C GLU D 764 60.64 -20.61 28.15
N LEU D 765 60.54 -19.52 27.42
CA LEU D 765 60.80 -19.56 26.00
C LEU D 765 62.23 -20.01 25.79
N ALA D 766 63.18 -19.25 26.35
CA ALA D 766 64.59 -19.55 26.23
C ALA D 766 64.85 -21.02 26.53
N HIS D 767 64.31 -21.52 27.63
CA HIS D 767 64.58 -22.91 28.03
C HIS D 767 64.01 -23.92 27.02
N ARG D 768 63.00 -23.50 26.27
CA ARG D 768 62.42 -24.37 25.26
C ARG D 768 63.30 -24.33 24.02
N ILE D 769 63.90 -23.17 23.75
CA ILE D 769 64.81 -23.04 22.63
C ILE D 769 66.07 -23.82 22.88
N MET D 770 66.59 -23.66 24.10
CA MET D 770 67.89 -24.20 24.48
C MET D 770 67.89 -25.67 24.89
N LEU D 771 66.75 -26.18 25.37
CA LEU D 771 66.69 -27.60 25.75
C LEU D 771 65.67 -28.46 24.98
N THR D 772 64.38 -28.21 25.18
CA THR D 772 63.34 -29.07 24.62
C THR D 772 63.37 -29.20 23.10
N ASN D 773 63.61 -28.10 22.41
CA ASN D 773 63.61 -28.12 20.95
C ASN D 773 64.98 -28.48 20.41
N LEU D 774 65.99 -28.31 21.24
CA LEU D 774 67.31 -28.80 20.87
C LEU D 774 67.24 -30.31 20.78
N LEU D 775 66.66 -30.95 21.78
CA LEU D 775 66.52 -32.40 21.78
C LEU D 775 65.65 -32.86 20.63
N ARG D 776 64.66 -32.05 20.30
CA ARG D 776 63.75 -32.43 19.25
C ARG D 776 64.44 -32.29 17.90
N LEU D 777 65.34 -31.31 17.79
CA LEU D 777 66.08 -31.12 16.55
C LEU D 777 66.91 -32.36 16.29
N LEU D 778 67.70 -32.78 17.27
CA LEU D 778 68.44 -34.02 17.15
C LEU D 778 67.47 -35.14 16.84
N GLY D 779 66.41 -35.23 17.63
CA GLY D 779 65.42 -36.29 17.47
C GLY D 779 64.88 -36.42 16.06
N ALA D 780 64.68 -35.28 15.43
CA ALA D 780 64.18 -35.26 14.06
C ALA D 780 65.25 -35.78 13.11
N ILE D 781 66.44 -35.23 13.25
CA ILE D 781 67.55 -35.62 12.40
C ILE D 781 67.72 -37.13 12.44
N LYS D 782 67.65 -37.71 13.62
CA LYS D 782 67.82 -39.14 13.76
C LYS D 782 66.82 -39.90 12.88
N THR D 783 65.55 -39.78 13.23
CA THR D 783 64.52 -40.54 12.57
C THR D 783 64.56 -40.37 11.06
N GLN D 784 64.99 -39.20 10.61
CA GLN D 784 65.22 -38.98 9.19
C GLN D 784 66.18 -40.04 8.64
N LYS D 785 67.38 -40.09 9.19
CA LYS D 785 68.37 -41.07 8.77
C LYS D 785 67.81 -42.48 8.91
N LYS D 786 67.22 -42.77 10.05
CA LYS D 786 66.75 -44.12 10.34
C LYS D 786 65.83 -44.58 9.24
N GLU D 787 64.95 -43.67 8.81
CA GLU D 787 63.96 -44.00 7.79
C GLU D 787 64.63 -44.14 6.42
N ARG D 788 65.51 -43.20 6.11
CA ARG D 788 66.14 -43.17 4.80
C ARG D 788 67.29 -44.15 4.65
N GLY D 789 67.44 -45.04 5.62
CA GLY D 789 68.47 -46.08 5.58
C GLY D 789 69.89 -45.56 5.69
N TYR D 790 70.02 -44.28 6.04
CA TYR D 790 71.31 -43.67 6.29
C TYR D 790 71.88 -44.19 7.61
N GLU D 791 72.56 -45.33 7.56
CA GLU D 791 73.00 -46.03 8.76
C GLU D 791 74.47 -45.75 9.13
N THR D 792 75.34 -45.90 8.16
CA THR D 792 76.76 -45.90 8.39
C THR D 792 77.37 -44.50 8.35
N ARG D 793 76.58 -43.48 8.67
CA ARG D 793 77.09 -42.11 8.65
C ARG D 793 76.44 -41.30 9.75
N PRO D 794 77.00 -41.36 10.95
CA PRO D 794 76.48 -40.65 12.12
C PRO D 794 76.73 -39.16 12.04
N ALA D 795 75.91 -38.40 12.75
CA ALA D 795 76.02 -36.95 12.75
C ALA D 795 76.55 -36.50 14.10
N GLN D 796 77.63 -35.74 14.08
CA GLN D 796 78.29 -35.31 15.31
C GLN D 796 77.66 -34.04 15.87
N VAL D 797 77.30 -34.10 17.14
CA VAL D 797 76.59 -33.00 17.77
C VAL D 797 77.44 -32.27 18.81
N ILE D 798 77.91 -31.09 18.44
CA ILE D 798 78.73 -30.26 19.32
C ILE D 798 77.89 -29.57 20.40
N LEU D 799 77.44 -30.37 21.38
CA LEU D 799 76.67 -29.88 22.52
C LEU D 799 77.41 -28.79 23.25
N PRO D 800 76.87 -27.58 23.22
CA PRO D 800 77.46 -26.47 23.99
C PRO D 800 77.12 -26.54 25.47
N LEU D 801 77.91 -27.25 26.28
CA LEU D 801 77.65 -27.35 27.71
C LEU D 801 78.32 -26.18 28.38
N SER D 802 78.11 -26.05 29.68
CA SER D 802 78.68 -24.94 30.42
C SER D 802 79.33 -25.42 31.72
N PRO D 803 80.35 -24.69 32.17
CA PRO D 803 81.09 -25.01 33.39
C PRO D 803 80.30 -24.57 34.61
N ASN D 804 79.38 -23.61 34.42
CA ASN D 804 78.79 -22.91 35.56
C ASN D 804 77.32 -23.18 35.82
N HIS D 805 77.07 -24.30 36.49
CA HIS D 805 75.71 -24.72 36.83
C HIS D 805 75.18 -23.98 38.06
N GLY D 806 74.97 -22.68 37.92
CA GLY D 806 74.32 -21.91 38.97
C GLY D 806 75.32 -21.42 39.97
N THR D 807 76.57 -21.35 39.54
CA THR D 807 77.61 -20.76 40.36
C THR D 807 77.49 -19.24 40.28
N PHE D 808 76.99 -18.77 39.14
CA PHE D 808 76.71 -17.36 38.92
C PHE D 808 75.26 -17.12 39.24
N GLY D 809 74.91 -15.87 39.54
CA GLY D 809 73.52 -15.53 39.83
C GLY D 809 72.72 -15.07 38.62
N ASN D 810 71.40 -15.12 38.71
CA ASN D 810 70.52 -14.57 37.68
C ASN D 810 70.48 -15.30 36.34
N ASP D 811 71.04 -16.50 36.30
CA ASP D 811 71.00 -17.33 35.10
C ASP D 811 69.57 -17.37 34.59
N GLY D 812 68.63 -17.48 35.53
CA GLY D 812 67.22 -17.56 35.21
C GLY D 812 66.93 -18.63 34.19
N LEU D 813 66.87 -19.88 34.62
CA LEU D 813 66.56 -21.01 33.74
C LEU D 813 67.66 -21.31 32.74
N TYR D 814 68.80 -20.63 32.84
CA TYR D 814 69.88 -20.87 31.90
C TYR D 814 70.61 -22.17 32.21
N SER D 815 71.34 -22.15 33.30
CA SER D 815 72.06 -23.29 33.80
C SER D 815 71.22 -24.55 33.67
N GLU D 816 69.97 -24.46 34.09
CA GLU D 816 69.08 -25.63 34.13
C GLU D 816 69.00 -26.31 32.77
N SER D 817 69.05 -25.51 31.72
CA SER D 817 69.00 -26.04 30.38
C SER D 817 70.33 -26.71 30.12
N LYS D 818 71.40 -25.96 30.33
CA LYS D 818 72.74 -26.39 29.96
C LYS D 818 73.16 -27.67 30.68
N LEU D 819 72.74 -27.78 31.92
CA LEU D 819 73.03 -28.98 32.70
C LEU D 819 72.23 -30.16 32.17
N ALA D 820 70.95 -29.93 31.90
CA ALA D 820 70.08 -31.00 31.45
C ALA D 820 70.67 -31.63 30.20
N LEU D 821 71.30 -30.79 29.37
CA LEU D 821 71.87 -31.25 28.11
C LEU D 821 72.75 -32.47 28.36
N GLU D 822 73.45 -32.45 29.48
CA GLU D 822 74.45 -33.46 29.78
C GLU D 822 73.86 -34.85 30.00
N THR D 823 72.53 -34.97 30.07
CA THR D 823 71.90 -36.26 30.22
C THR D 823 72.09 -37.02 28.95
N LEU D 824 72.42 -36.27 27.91
CA LEU D 824 72.65 -36.87 26.60
C LEU D 824 73.81 -37.83 26.68
N PHE D 825 74.85 -37.45 27.43
CA PHE D 825 76.06 -38.26 27.60
C PHE D 825 75.73 -39.73 27.85
N ASN D 826 74.69 -39.98 28.65
CA ASN D 826 74.31 -41.33 28.98
C ASN D 826 73.27 -41.90 28.05
N ARG D 827 72.34 -41.05 27.61
CA ARG D 827 71.30 -41.51 26.71
C ARG D 827 71.91 -42.22 25.51
N TRP D 828 73.07 -41.72 25.06
CA TRP D 828 73.75 -42.24 23.89
C TRP D 828 73.85 -43.76 23.99
N TYR D 829 74.03 -44.23 25.23
CA TYR D 829 74.24 -45.65 25.50
C TYR D 829 72.93 -46.40 25.68
N SER D 830 71.96 -45.75 26.32
CA SER D 830 70.74 -46.46 26.72
C SER D 830 69.71 -46.53 25.61
N GLU D 831 69.50 -45.40 24.94
CA GLU D 831 68.51 -45.36 23.87
C GLU D 831 69.08 -45.86 22.53
N SER D 832 68.25 -45.87 21.49
CA SER D 832 68.60 -46.54 20.26
C SER D 832 69.08 -45.61 19.15
N TRP D 833 69.59 -44.46 19.51
CA TRP D 833 70.08 -43.56 18.49
C TRP D 833 71.58 -43.52 18.44
N GLY D 834 72.21 -44.52 19.06
CA GLY D 834 73.65 -44.62 19.11
C GLY D 834 74.27 -44.38 17.75
N ASN D 835 73.76 -45.09 16.74
CA ASN D 835 74.31 -45.10 15.38
C ASN D 835 74.23 -43.79 14.59
N TYR D 836 73.11 -43.08 14.76
CA TYR D 836 72.80 -41.95 13.92
C TYR D 836 73.34 -40.64 14.48
N LEU D 837 73.28 -40.50 15.80
CA LEU D 837 73.84 -39.33 16.46
C LEU D 837 75.01 -39.71 17.34
N THR D 838 76.05 -38.88 17.34
CA THR D 838 77.12 -39.01 18.31
C THR D 838 77.20 -37.71 19.10
N ILE D 839 77.57 -37.81 20.38
CA ILE D 839 77.59 -36.65 21.24
C ILE D 839 79.00 -36.20 21.58
N CYS D 840 79.25 -34.93 21.40
CA CYS D 840 80.54 -34.35 21.73
C CYS D 840 80.34 -33.15 22.64
N GLY D 841 80.19 -33.41 23.93
CA GLY D 841 80.04 -32.36 24.91
C GLY D 841 81.22 -31.40 24.91
N ALA D 842 80.95 -30.14 24.60
CA ALA D 842 82.00 -29.16 24.55
C ALA D 842 81.67 -28.05 25.52
N VAL D 843 82.16 -28.17 26.75
CA VAL D 843 81.96 -27.12 27.72
C VAL D 843 82.80 -25.87 27.36
N ILE D 844 82.19 -24.96 26.62
CA ILE D 844 82.85 -23.72 26.20
C ILE D 844 83.17 -22.80 27.37
N GLY D 845 84.37 -22.22 27.35
CA GLY D 845 84.79 -21.38 28.45
C GLY D 845 84.65 -19.92 28.14
N TRP D 846 85.10 -19.10 29.08
CA TRP D 846 85.06 -17.65 28.96
C TRP D 846 85.56 -17.14 27.60
N THR D 847 84.68 -16.55 26.79
CA THR D 847 85.08 -16.03 25.48
C THR D 847 84.65 -14.58 25.29
N ARG D 848 85.54 -13.65 25.60
CA ARG D 848 85.25 -12.23 25.38
C ARG D 848 84.82 -12.00 23.94
N GLY D 849 83.80 -11.16 23.75
CA GLY D 849 83.13 -11.06 22.46
C GLY D 849 83.12 -9.68 21.85
N THR D 850 83.63 -9.60 20.63
CA THR D 850 83.81 -8.34 19.92
C THR D 850 82.50 -7.58 19.70
N GLY D 851 82.49 -6.31 20.11
CA GLY D 851 81.35 -5.43 19.91
C GLY D 851 80.10 -5.87 20.64
N LEU D 852 80.15 -7.06 21.24
CA LEU D 852 79.03 -7.62 21.98
C LEU D 852 78.87 -6.92 23.33
N MET D 853 79.14 -7.66 24.41
CA MET D 853 79.07 -7.09 25.75
C MET D 853 80.48 -6.87 26.35
N SER D 854 80.70 -5.64 26.83
CA SER D 854 81.99 -5.26 27.42
C SER D 854 82.08 -5.61 28.92
N ALA D 855 80.97 -6.02 29.52
CA ALA D 855 80.90 -6.36 30.94
C ALA D 855 81.84 -7.51 31.30
N ASN D 856 81.91 -8.48 30.39
CA ASN D 856 82.71 -9.69 30.58
C ASN D 856 84.14 -9.47 30.13
N ASN D 857 84.43 -8.24 29.67
CA ASN D 857 85.69 -7.95 29.03
C ASN D 857 86.53 -6.97 29.85
N LEU D 858 85.86 -6.13 30.64
CA LEU D 858 86.55 -5.14 31.45
C LEU D 858 87.33 -5.87 32.51
N VAL D 859 86.76 -6.98 32.97
CA VAL D 859 87.36 -7.76 34.04
C VAL D 859 88.16 -8.93 33.47
N ALA D 860 87.99 -9.21 32.18
CA ALA D 860 88.71 -10.29 31.51
C ALA D 860 90.21 -10.28 31.81
N GLU D 861 90.82 -9.09 31.83
CA GLU D 861 92.24 -8.98 32.07
C GLU D 861 92.62 -9.40 33.50
N GLY D 862 91.95 -8.81 34.48
CA GLY D 862 92.23 -9.08 35.89
C GLY D 862 92.15 -10.53 36.29
N VAL D 863 91.21 -11.26 35.71
CA VAL D 863 91.02 -12.68 35.99
C VAL D 863 92.11 -13.55 35.37
N GLU D 864 92.64 -13.12 34.23
CA GLU D 864 93.73 -13.85 33.62
C GLU D 864 94.96 -13.73 34.50
N LYS D 865 95.04 -12.63 35.24
CA LYS D 865 96.18 -12.37 36.11
C LYS D 865 96.33 -13.45 37.18
N LEU D 866 95.26 -14.17 37.45
CA LEU D 866 95.30 -15.25 38.43
C LEU D 866 95.85 -16.54 37.83
N GLY D 867 96.43 -16.44 36.64
CA GLY D 867 97.15 -17.56 36.05
C GLY D 867 96.25 -18.47 35.26
N VAL D 868 95.28 -17.87 34.56
CA VAL D 868 94.26 -18.63 33.88
C VAL D 868 93.95 -17.97 32.53
N ARG D 869 93.35 -18.72 31.61
CA ARG D 869 93.15 -18.23 30.25
C ARG D 869 91.69 -17.90 29.86
N THR D 870 91.51 -16.75 29.23
CA THR D 870 90.28 -16.42 28.52
C THR D 870 90.59 -16.40 27.01
N PHE D 871 89.59 -16.64 26.17
CA PHE D 871 89.82 -16.81 24.76
C PHE D 871 89.15 -15.73 23.92
N SER D 872 89.75 -15.40 22.78
CA SER D 872 89.08 -14.59 21.78
C SER D 872 88.14 -15.50 21.00
N GLN D 873 87.21 -14.92 20.26
CA GLN D 873 86.25 -15.73 19.52
C GLN D 873 86.98 -16.66 18.57
N GLN D 874 87.81 -16.04 17.73
CA GLN D 874 88.60 -16.76 16.73
C GLN D 874 89.31 -17.98 17.31
N GLU D 875 89.85 -17.84 18.54
CA GLU D 875 90.54 -18.92 19.23
C GLU D 875 89.55 -20.04 19.54
N MET D 876 88.52 -19.71 20.32
CA MET D 876 87.55 -20.69 20.76
C MET D 876 86.85 -21.40 19.59
N ALA D 877 86.83 -20.77 18.42
CA ALA D 877 86.28 -21.41 17.24
C ALA D 877 87.26 -22.49 16.75
N PHE D 878 88.52 -22.08 16.66
CA PHE D 878 89.62 -22.98 16.36
C PHE D 878 89.50 -24.21 17.26
N ASN D 879 89.39 -23.97 18.57
CA ASN D 879 89.30 -25.05 19.56
C ASN D 879 88.17 -26.01 19.26
N LEU D 880 87.03 -25.44 18.90
CA LEU D 880 85.85 -26.23 18.62
C LEU D 880 86.07 -27.07 17.37
N LEU D 881 86.51 -26.43 16.29
CA LEU D 881 86.77 -27.12 15.04
C LEU D 881 87.72 -28.27 15.30
N GLY D 882 88.47 -28.17 16.39
CA GLY D 882 89.35 -29.23 16.82
C GLY D 882 88.61 -30.53 17.06
N LEU D 883 87.48 -30.47 17.75
CA LEU D 883 86.70 -31.67 18.07
C LEU D 883 85.97 -32.12 16.81
N MET D 884 86.01 -31.27 15.80
CA MET D 884 85.43 -31.60 14.50
C MET D 884 86.42 -32.44 13.68
N ALA D 885 87.71 -32.33 14.02
CA ALA D 885 88.78 -33.06 13.32
C ALA D 885 88.54 -34.55 13.29
N PRO D 886 89.01 -35.22 12.22
CA PRO D 886 88.81 -36.64 11.97
C PRO D 886 89.22 -37.49 13.16
N ALA D 887 90.30 -37.08 13.80
CA ALA D 887 90.84 -37.75 14.98
C ALA D 887 89.77 -38.04 16.02
N ILE D 888 89.23 -36.96 16.57
CA ILE D 888 88.25 -37.02 17.65
C ILE D 888 86.93 -37.63 17.19
N VAL D 889 86.55 -37.34 15.95
CA VAL D 889 85.28 -37.81 15.44
C VAL D 889 85.13 -39.30 15.66
N ASN D 890 86.19 -40.04 15.39
CA ASN D 890 86.10 -41.47 15.51
C ASN D 890 86.00 -41.96 16.94
N LEU D 891 86.49 -41.14 17.88
CA LEU D 891 86.33 -41.43 19.29
C LEU D 891 84.84 -41.39 19.64
N CYS D 892 84.15 -40.38 19.11
CA CYS D 892 82.73 -40.19 19.37
C CYS D 892 81.91 -41.35 18.87
N GLN D 893 82.30 -41.89 17.71
CA GLN D 893 81.51 -42.92 17.05
C GLN D 893 81.46 -44.18 17.89
N SER D 894 82.36 -44.27 18.86
CA SER D 894 82.37 -45.41 19.77
C SER D 894 81.96 -44.97 21.16
N ASP D 895 82.41 -43.78 21.57
CA ASP D 895 82.15 -43.26 22.91
C ASP D 895 82.07 -41.71 22.99
N PRO D 896 80.99 -41.19 23.61
CA PRO D 896 80.81 -39.76 23.83
C PRO D 896 82.07 -39.08 24.33
N VAL D 897 82.24 -37.82 24.02
CA VAL D 897 83.46 -37.12 24.37
C VAL D 897 83.15 -35.92 25.24
N PHE D 898 83.93 -35.77 26.30
CA PHE D 898 83.82 -34.59 27.13
C PHE D 898 85.02 -33.74 26.74
N ALA D 899 84.82 -32.44 26.67
CA ALA D 899 85.90 -31.57 26.24
C ALA D 899 85.88 -30.30 27.04
N ASP D 900 86.62 -30.29 28.14
CA ASP D 900 86.80 -29.07 28.90
C ASP D 900 87.58 -28.06 28.08
N LEU D 901 86.86 -27.14 27.44
CA LEU D 901 87.51 -26.06 26.71
C LEU D 901 87.41 -24.79 27.54
N ASN D 902 87.41 -24.97 28.86
CA ASN D 902 87.43 -23.87 29.81
C ASN D 902 88.86 -23.52 30.12
N GLY D 903 89.15 -22.23 30.19
CA GLY D 903 90.53 -21.77 30.30
C GLY D 903 91.23 -22.15 31.58
N GLY D 904 90.86 -23.28 32.14
CA GLY D 904 91.37 -23.72 33.43
C GLY D 904 90.78 -22.93 34.59
N LEU D 905 89.70 -22.23 34.33
CA LEU D 905 89.04 -21.43 35.36
C LEU D 905 88.41 -22.34 36.42
N GLN D 906 88.48 -23.65 36.21
CA GLN D 906 87.90 -24.60 37.17
C GLN D 906 88.57 -24.42 38.52
N PHE D 907 89.79 -23.92 38.48
CA PHE D 907 90.63 -23.81 39.68
C PHE D 907 90.42 -22.50 40.43
N ILE D 908 89.73 -21.56 39.80
CA ILE D 908 89.36 -20.34 40.51
C ILE D 908 88.03 -20.59 41.22
N PRO D 909 88.10 -20.87 42.53
CA PRO D 909 86.84 -21.02 43.26
C PRO D 909 86.27 -19.65 43.53
N ASP D 910 84.95 -19.58 43.72
CA ASP D 910 84.27 -18.32 43.96
C ASP D 910 84.60 -17.30 42.86
N LEU D 911 84.61 -17.76 41.62
CA LEU D 911 84.90 -16.89 40.49
C LEU D 911 83.87 -15.76 40.47
N LYS D 912 82.61 -16.13 40.67
CA LYS D 912 81.53 -15.16 40.79
C LYS D 912 82.02 -13.98 41.64
N GLY D 913 82.53 -14.32 42.81
CA GLY D 913 82.97 -13.31 43.76
C GLY D 913 84.18 -12.54 43.28
N LEU D 914 85.13 -13.25 42.69
CA LEU D 914 86.34 -12.60 42.18
C LEU D 914 85.96 -11.45 41.25
N MET D 915 85.19 -11.80 40.24
CA MET D 915 84.86 -10.83 39.21
C MET D 915 84.10 -9.68 39.81
N THR D 916 83.13 -9.97 40.68
CA THR D 916 82.31 -8.93 41.26
C THR D 916 83.17 -7.91 42.02
N LYS D 917 84.30 -8.38 42.55
CA LYS D 917 85.26 -7.50 43.22
C LYS D 917 85.94 -6.63 42.19
N LEU D 918 86.51 -7.29 41.18
CA LEU D 918 87.15 -6.61 40.06
C LEU D 918 86.21 -5.65 39.33
N ARG D 919 84.98 -6.09 39.11
CA ARG D 919 83.93 -5.25 38.56
C ARG D 919 83.89 -3.90 39.29
N LYS D 920 83.85 -3.96 40.61
CA LYS D 920 83.72 -2.75 41.41
C LYS D 920 84.93 -1.85 41.26
N GLU D 921 86.06 -2.32 41.75
CA GLU D 921 87.30 -1.54 41.73
C GLU D 921 87.48 -0.71 40.45
N ILE D 922 87.29 -1.36 39.29
CA ILE D 922 87.48 -0.68 38.01
C ILE D 922 86.50 0.46 37.87
N MET D 923 85.21 0.15 37.98
CA MET D 923 84.15 1.16 37.86
C MET D 923 84.36 2.25 38.90
N GLU D 924 84.91 1.86 40.04
CA GLU D 924 85.05 2.75 41.18
C GLU D 924 86.15 3.78 40.99
N THR D 925 87.31 3.32 40.53
CA THR D 925 88.45 4.22 40.34
C THR D 925 88.20 5.20 39.21
N SER D 926 87.54 4.72 38.15
CA SER D 926 87.20 5.59 37.03
C SER D 926 86.23 6.66 37.50
N ALA D 927 85.21 6.24 38.26
CA ALA D 927 84.21 7.17 38.76
C ALA D 927 84.87 8.29 39.53
N ILE D 928 85.66 7.91 40.52
CA ILE D 928 86.43 8.86 41.29
C ILE D 928 87.21 9.79 40.38
N ARG D 929 87.98 9.19 39.47
CA ARG D 929 88.88 9.93 38.62
C ARG D 929 88.17 11.02 37.81
N GLN D 930 87.08 10.66 37.14
CA GLN D 930 86.36 11.60 36.30
C GLN D 930 85.48 12.54 37.13
N ALA D 931 85.16 12.11 38.35
CA ALA D 931 84.38 12.94 39.26
C ALA D 931 85.25 14.10 39.72
N VAL D 932 86.44 13.75 40.20
CA VAL D 932 87.41 14.73 40.63
C VAL D 932 87.61 15.81 39.56
N ILE D 933 87.75 15.37 38.32
CA ILE D 933 87.91 16.31 37.21
C ILE D 933 86.80 17.34 37.17
N LYS D 934 85.55 16.86 37.19
CA LYS D 934 84.40 17.74 37.17
C LYS D 934 84.44 18.71 38.34
N GLU D 935 84.89 18.19 39.49
CA GLU D 935 85.01 18.99 40.69
C GLU D 935 85.97 20.16 40.49
N THR D 936 87.20 19.82 40.19
CA THR D 936 88.25 20.81 40.03
C THR D 936 87.94 21.75 38.86
N ALA D 937 87.11 21.29 37.94
CA ALA D 937 86.68 22.12 36.81
C ALA D 937 85.71 23.18 37.32
N ILE D 938 84.80 22.76 38.20
CA ILE D 938 83.84 23.66 38.81
C ILE D 938 84.52 24.68 39.72
N GLU D 939 85.54 24.21 40.44
CA GLU D 939 86.31 25.08 41.32
C GLU D 939 86.90 26.26 40.56
N ASN D 940 87.37 26.02 39.35
CA ASN D 940 87.97 27.09 38.54
C ASN D 940 86.97 28.13 38.06
N LYS D 941 85.75 27.71 37.78
CA LYS D 941 84.69 28.64 37.35
C LYS D 941 84.30 29.57 38.48
N VAL D 942 84.46 29.08 39.71
CA VAL D 942 84.18 29.87 40.90
C VAL D 942 85.26 30.91 41.12
N VAL D 943 86.48 30.42 41.30
CA VAL D 943 87.64 31.25 41.54
C VAL D 943 87.90 32.28 40.43
N ASN D 944 87.96 31.81 39.19
CA ASN D 944 88.37 32.66 38.07
C ASN D 944 87.21 33.44 37.45
N GLY D 945 85.99 32.95 37.64
CA GLY D 945 84.82 33.59 37.06
C GLY D 945 84.48 33.01 35.70
N GLU D 946 83.19 33.10 35.34
CA GLU D 946 82.70 32.56 34.08
C GLU D 946 83.55 32.99 32.89
N ASP D 947 83.78 34.29 32.79
CA ASP D 947 84.51 34.90 31.68
C ASP D 947 85.90 34.33 31.51
N HIS D 948 86.70 34.31 32.58
CA HIS D 948 88.06 33.79 32.50
C HIS D 948 88.10 32.35 32.02
N GLU D 949 87.47 31.46 32.78
CA GLU D 949 87.50 30.03 32.43
C GLU D 949 86.94 29.73 31.04
N ALA D 950 85.87 30.44 30.67
CA ALA D 950 85.27 30.27 29.35
C ALA D 950 86.26 30.54 28.20
N LEU D 951 86.90 31.70 28.24
CA LEU D 951 87.73 32.15 27.14
C LEU D 951 89.07 31.42 27.01
N TYR D 952 89.21 30.30 27.74
CA TYR D 952 90.46 29.53 27.71
C TYR D 952 90.23 28.04 27.51
N ARG D 953 89.21 27.71 26.71
CA ARG D 953 88.92 26.31 26.41
C ARG D 953 89.19 26.01 24.96
N ARG D 954 89.87 24.89 24.71
CA ARG D 954 90.18 24.48 23.33
C ARG D 954 88.96 24.58 22.43
N VAL D 955 89.06 25.48 21.46
CA VAL D 955 87.98 25.71 20.52
C VAL D 955 88.06 24.67 19.40
N ILE D 956 87.29 23.59 19.54
CA ILE D 956 87.25 22.58 18.49
C ILE D 956 86.30 23.03 17.39
N THR D 957 86.82 23.10 16.16
CA THR D 957 86.00 23.50 15.01
C THR D 957 84.97 22.42 14.64
N GLU D 958 83.75 22.86 14.34
CA GLU D 958 82.68 21.98 13.90
C GLU D 958 82.67 21.87 12.40
N PRO D 959 82.72 20.63 11.89
CA PRO D 959 82.88 20.44 10.45
C PRO D 959 81.69 21.00 9.69
N ARG D 960 81.97 21.61 8.55
CA ARG D 960 80.94 21.95 7.60
C ARG D 960 81.21 21.17 6.33
N ALA D 961 80.39 21.40 5.31
CA ALA D 961 80.57 20.74 4.04
C ALA D 961 80.71 21.77 2.92
N ASN D 962 81.81 21.69 2.17
CA ASN D 962 81.96 22.47 0.97
C ASN D 962 81.83 21.57 -0.25
N LEU D 963 80.97 21.96 -1.18
CA LEU D 963 80.78 21.15 -2.37
C LEU D 963 81.72 21.65 -3.46
N LYS D 964 82.90 21.06 -3.53
CA LYS D 964 83.83 21.34 -4.60
C LYS D 964 83.13 20.88 -5.87
N TYR D 965 83.10 21.72 -6.90
CA TYR D 965 82.49 21.30 -8.17
C TYR D 965 83.53 20.67 -9.08
N PRO D 966 83.70 19.36 -8.97
CA PRO D 966 84.89 18.78 -9.59
C PRO D 966 84.71 18.68 -11.09
N PHE D 967 85.75 19.06 -11.83
CA PHE D 967 85.85 18.66 -13.23
C PHE D 967 86.57 17.32 -13.36
N PRO D 968 86.54 16.68 -14.57
CA PRO D 968 87.37 15.47 -14.70
C PRO D 968 88.79 15.86 -14.43
N GLU D 969 89.50 15.01 -13.71
CA GLU D 969 90.90 15.24 -13.43
C GLU D 969 91.69 15.22 -14.73
N LEU D 970 92.32 16.34 -15.02
CA LEU D 970 93.15 16.47 -16.19
C LEU D 970 94.43 15.66 -15.95
N PRO D 971 94.70 14.65 -16.78
CA PRO D 971 95.86 13.77 -16.58
C PRO D 971 97.16 14.58 -16.50
N ASP D 972 98.25 13.94 -16.06
CA ASP D 972 99.52 14.66 -16.04
C ASP D 972 100.29 14.48 -17.34
N TRP D 973 100.83 15.58 -17.86
CA TRP D 973 101.49 15.56 -19.15
C TRP D 973 102.62 14.55 -19.22
N ASP D 974 103.45 14.54 -18.19
CA ASP D 974 104.64 13.70 -18.14
C ASP D 974 104.30 12.29 -17.69
N LYS D 975 103.67 12.16 -16.53
CA LYS D 975 103.42 10.86 -15.95
C LYS D 975 102.47 10.01 -16.80
N ASP D 976 101.46 10.66 -17.38
CA ASP D 976 100.34 9.93 -17.99
C ASP D 976 100.25 9.98 -19.51
N ILE D 977 100.59 11.12 -20.12
CA ILE D 977 100.36 11.33 -21.57
C ILE D 977 101.59 11.12 -22.44
N LYS D 978 102.72 11.64 -22.01
CA LYS D 978 103.96 11.56 -22.77
C LYS D 978 104.24 10.17 -23.38
N PRO D 979 104.10 9.08 -22.59
CA PRO D 979 104.42 7.74 -23.11
C PRO D 979 103.60 7.32 -24.34
N LEU D 980 102.59 8.10 -24.67
CA LEU D 980 101.75 7.80 -25.82
C LEU D 980 101.97 8.79 -26.94
N ASN D 981 102.31 10.02 -26.55
CA ASN D 981 102.47 11.12 -27.49
C ASN D 981 103.31 10.77 -28.71
N ASP D 982 104.41 10.05 -28.49
CA ASP D 982 105.31 9.70 -29.58
C ASP D 982 104.56 9.02 -30.71
N GLN D 983 103.69 8.07 -30.36
CA GLN D 983 102.90 7.35 -31.35
C GLN D 983 101.74 8.18 -31.91
N LEU D 984 101.06 8.91 -31.04
CA LEU D 984 99.74 9.46 -31.34
C LEU D 984 99.70 10.91 -31.86
N ARG D 985 100.81 11.62 -31.86
CA ARG D 985 100.75 13.04 -32.26
C ARG D 985 100.27 13.22 -33.70
N GLY D 986 99.16 13.95 -33.85
CA GLY D 986 98.60 14.24 -35.16
C GLY D 986 98.18 13.02 -35.96
N MET D 987 98.12 11.89 -35.29
CA MET D 987 97.70 10.64 -35.91
C MET D 987 96.19 10.53 -35.99
N VAL D 988 95.50 11.63 -35.69
CA VAL D 988 94.05 11.64 -35.62
C VAL D 988 93.48 13.02 -35.90
N ASN D 989 92.43 13.04 -36.70
CA ASN D 989 91.73 14.28 -37.04
C ASN D 989 90.76 14.69 -35.93
N LEU D 990 91.09 15.78 -35.24
CA LEU D 990 90.32 16.22 -34.08
C LEU D 990 88.96 16.80 -34.46
N ASP D 991 88.59 16.69 -35.73
CA ASP D 991 87.32 17.21 -36.19
C ASP D 991 86.35 16.08 -36.53
N LYS D 992 86.85 14.85 -36.50
CA LYS D 992 85.98 13.71 -36.65
C LYS D 992 86.20 12.78 -35.46
N VAL D 993 86.58 13.39 -34.34
CA VAL D 993 86.68 12.70 -33.05
C VAL D 993 85.59 13.23 -32.12
N VAL D 994 84.71 12.33 -31.69
CA VAL D 994 83.54 12.73 -30.92
C VAL D 994 83.72 12.51 -29.42
N VAL D 995 83.39 13.53 -28.66
CA VAL D 995 83.77 13.56 -27.25
C VAL D 995 82.61 13.95 -26.34
N VAL D 996 82.47 13.24 -25.21
CA VAL D 996 81.46 13.58 -24.20
C VAL D 996 81.98 14.65 -23.24
N THR D 997 81.44 15.85 -23.36
CA THR D 997 81.94 16.97 -22.63
C THR D 997 81.09 17.28 -21.40
N GLY D 998 79.80 16.95 -21.46
CA GLY D 998 78.91 17.22 -20.36
C GLY D 998 78.17 15.97 -19.93
N LEU D 999 77.64 15.98 -18.71
CA LEU D 999 77.09 14.76 -18.14
C LEU D 999 76.15 15.06 -16.98
N ALA D 1000 74.91 14.61 -17.09
CA ALA D 1000 73.95 14.74 -16.00
C ALA D 1000 72.94 13.61 -16.04
N GLU D 1001 72.11 13.52 -15.01
CA GLU D 1001 71.02 12.55 -14.97
C GLU D 1001 70.14 12.88 -13.80
N ILE D 1002 68.85 12.58 -13.91
CA ILE D 1002 67.96 12.66 -12.75
C ILE D 1002 67.26 11.32 -12.63
N GLY D 1003 67.38 10.69 -11.48
CA GLY D 1003 66.88 9.35 -11.27
C GLY D 1003 66.62 9.06 -9.80
N PRO D 1004 66.29 7.81 -9.50
CA PRO D 1004 65.86 7.35 -8.18
C PRO D 1004 66.85 7.70 -7.06
N TRP D 1005 68.09 7.99 -7.43
CA TRP D 1005 69.10 8.29 -6.42
C TRP D 1005 69.52 9.73 -6.45
N GLY D 1006 68.98 10.47 -7.41
CA GLY D 1006 69.25 11.88 -7.51
C GLY D 1006 70.10 12.10 -8.73
N ASN D 1007 70.60 13.32 -8.89
CA ASN D 1007 71.47 13.66 -10.03
C ASN D 1007 72.69 12.76 -10.05
N ALA D 1008 73.39 12.72 -11.17
CA ALA D 1008 74.48 11.75 -11.35
C ALA D 1008 75.47 11.79 -10.20
N ARG D 1009 75.66 12.98 -9.62
CA ARG D 1009 76.59 13.17 -8.52
C ARG D 1009 76.23 12.29 -7.34
N THR D 1010 75.04 12.49 -6.80
CA THR D 1010 74.53 11.68 -5.70
C THR D 1010 74.49 10.19 -6.04
N ARG D 1011 74.09 9.87 -7.27
CA ARG D 1011 73.95 8.49 -7.69
C ARG D 1011 75.29 7.77 -7.65
N TRP D 1012 76.33 8.41 -8.16
CA TRP D 1012 77.65 7.80 -8.18
C TRP D 1012 78.07 7.46 -6.78
N GLU D 1013 77.95 8.44 -5.88
CA GLU D 1013 78.30 8.25 -4.49
C GLU D 1013 77.76 6.91 -3.98
N MET D 1014 76.50 6.65 -4.30
CA MET D 1014 75.89 5.42 -3.83
C MET D 1014 76.39 4.23 -4.62
N GLU D 1015 76.45 4.36 -5.93
CA GLU D 1015 76.79 3.23 -6.78
C GLU D 1015 78.18 2.72 -6.46
N ALA D 1016 79.06 3.64 -6.07
CA ALA D 1016 80.46 3.32 -5.87
C ALA D 1016 80.81 3.13 -4.40
N TYR D 1017 80.58 4.18 -3.60
CA TYR D 1017 80.99 4.18 -2.20
C TYR D 1017 80.02 3.43 -1.27
N GLY D 1018 78.72 3.51 -1.58
CA GLY D 1018 77.75 2.72 -0.85
C GLY D 1018 77.00 3.49 0.21
N LYS D 1019 77.39 4.75 0.39
CA LYS D 1019 76.65 5.63 1.28
C LYS D 1019 76.99 7.08 0.97
N PHE D 1020 76.21 7.98 1.55
CA PHE D 1020 76.34 9.39 1.24
C PHE D 1020 77.35 10.07 2.12
N SER D 1021 78.21 10.87 1.49
CA SER D 1021 79.10 11.73 2.24
C SER D 1021 78.26 12.85 2.85
N LEU D 1022 78.85 13.63 3.75
CA LEU D 1022 78.17 14.79 4.27
C LEU D 1022 77.78 15.69 3.10
N GLU D 1023 78.68 15.79 2.12
CA GLU D 1023 78.45 16.60 0.93
C GLU D 1023 77.23 16.09 0.18
N GLY D 1024 77.09 14.77 0.11
CA GLY D 1024 75.99 14.13 -0.59
C GLY D 1024 74.68 14.32 0.12
N CYS D 1025 74.69 14.16 1.44
CA CYS D 1025 73.51 14.38 2.23
C CYS D 1025 72.95 15.76 1.93
N VAL D 1026 73.80 16.78 2.09
CA VAL D 1026 73.35 18.14 1.87
C VAL D 1026 72.74 18.29 0.47
N GLU D 1027 73.37 17.69 -0.54
CA GLU D 1027 72.81 17.76 -1.90
C GLU D 1027 71.43 17.13 -2.01
N MET D 1028 71.31 15.88 -1.54
CA MET D 1028 70.01 15.21 -1.54
C MET D 1028 69.00 16.00 -0.71
N ALA D 1029 69.36 16.32 0.54
CA ALA D 1029 68.47 17.07 1.42
C ALA D 1029 68.03 18.41 0.81
N TRP D 1030 68.81 18.94 -0.14
CA TRP D 1030 68.45 20.18 -0.80
C TRP D 1030 67.37 19.94 -1.84
N MET D 1031 67.59 18.94 -2.71
CA MET D 1031 66.66 18.67 -3.78
C MET D 1031 65.37 18.01 -3.28
N MET D 1032 65.48 17.19 -2.23
CA MET D 1032 64.32 16.58 -1.62
C MET D 1032 63.47 17.64 -0.90
N GLY D 1033 64.04 18.82 -0.73
CA GLY D 1033 63.35 19.95 -0.15
C GLY D 1033 63.26 19.92 1.37
N LEU D 1034 64.28 19.38 2.01
CA LEU D 1034 64.32 19.34 3.46
C LEU D 1034 65.05 20.55 4.05
N ILE D 1035 65.85 21.22 3.22
CA ILE D 1035 66.59 22.41 3.63
C ILE D 1035 66.68 23.44 2.51
N LYS D 1036 66.46 24.71 2.86
CA LYS D 1036 66.57 25.80 1.90
C LYS D 1036 67.41 26.93 2.46
N ASN D 1037 68.20 27.54 1.58
CA ASN D 1037 69.05 28.62 2.02
C ASN D 1037 68.22 29.82 2.47
N HIS D 1038 68.51 30.32 3.66
CA HIS D 1038 67.89 31.55 4.15
C HIS D 1038 68.93 32.64 4.40
N ASN D 1039 68.54 33.89 4.21
CA ASN D 1039 69.47 35.02 4.36
C ASN D 1039 68.78 36.31 4.78
N GLY D 1040 68.55 36.47 6.08
CA GLY D 1040 67.88 37.63 6.61
C GLY D 1040 67.59 37.38 8.07
N PRO D 1041 66.92 38.31 8.74
CA PRO D 1041 66.61 38.14 10.16
C PRO D 1041 65.82 36.85 10.42
N LEU D 1042 66.20 36.12 11.46
CA LEU D 1042 65.48 34.93 11.90
C LEU D 1042 65.17 35.03 13.39
N LYS D 1043 63.94 35.42 13.72
CA LYS D 1043 63.58 35.67 15.10
C LYS D 1043 64.44 36.79 15.66
N GLY D 1044 64.46 37.92 14.96
CA GLY D 1044 65.22 39.08 15.38
C GLY D 1044 66.66 39.07 14.87
N LYS D 1045 67.52 38.35 15.59
CA LYS D 1045 68.94 38.21 15.23
C LYS D 1045 69.07 37.73 13.79
N PRO D 1046 69.89 38.44 12.98
CA PRO D 1046 70.13 38.09 11.58
C PRO D 1046 70.82 36.73 11.44
N TYR D 1047 70.83 36.19 10.22
CA TYR D 1047 71.34 34.85 9.99
C TYR D 1047 71.37 34.51 8.50
N SER D 1048 72.34 33.71 8.11
CA SER D 1048 72.43 33.22 6.73
C SER D 1048 72.85 31.76 6.76
N GLY D 1049 72.57 31.03 5.68
CA GLY D 1049 72.91 29.62 5.60
C GLY D 1049 71.71 28.69 5.58
N TRP D 1050 71.98 27.41 5.79
CA TRP D 1050 70.95 26.37 5.69
C TRP D 1050 69.86 26.48 6.75
N VAL D 1051 68.63 26.22 6.34
CA VAL D 1051 67.47 26.26 7.21
C VAL D 1051 66.57 25.06 6.93
N ASP D 1052 65.95 24.52 7.97
CA ASP D 1052 65.01 23.42 7.77
C ASP D 1052 63.77 23.94 7.05
N ALA D 1053 63.39 23.28 5.97
CA ALA D 1053 62.25 23.72 5.16
C ALA D 1053 60.94 23.71 5.97
N LYS D 1054 60.74 22.64 6.73
CA LYS D 1054 59.54 22.47 7.56
C LYS D 1054 59.58 23.46 8.73
N THR D 1055 60.33 23.13 9.77
CA THR D 1055 60.57 24.06 10.87
C THR D 1055 61.51 25.16 10.39
N GLY D 1056 61.02 26.40 10.39
CA GLY D 1056 61.79 27.53 9.89
C GLY D 1056 63.16 27.73 10.54
N GLU D 1057 63.49 26.84 11.48
CA GLU D 1057 64.75 26.88 12.21
C GLU D 1057 65.97 26.75 11.30
N PRO D 1058 67.15 27.11 11.83
CA PRO D 1058 68.42 26.93 11.12
C PRO D 1058 68.97 25.53 11.33
N VAL D 1059 69.90 25.12 10.46
CA VAL D 1059 70.47 23.79 10.52
C VAL D 1059 71.97 23.82 10.19
N ASP D 1060 72.74 23.16 11.05
CA ASP D 1060 74.19 23.09 10.87
C ASP D 1060 74.57 21.93 9.98
N ASP D 1061 75.49 22.18 9.06
CA ASP D 1061 75.98 21.14 8.15
C ASP D 1061 76.31 19.84 8.91
N LYS D 1062 76.96 19.98 10.05
CA LYS D 1062 77.42 18.82 10.80
C LYS D 1062 76.25 17.91 11.20
N ASP D 1063 75.07 18.51 11.35
CA ASP D 1063 73.88 17.81 11.79
C ASP D 1063 73.07 17.19 10.65
N VAL D 1064 73.21 17.79 9.46
CA VAL D 1064 72.45 17.36 8.30
C VAL D 1064 72.37 15.84 8.22
N LYS D 1065 73.52 15.20 8.30
CA LYS D 1065 73.58 13.75 8.21
C LYS D 1065 72.74 13.08 9.29
N ALA D 1066 72.81 13.63 10.51
CA ALA D 1066 72.07 13.07 11.63
C ALA D 1066 70.57 13.15 11.38
N LYS D 1067 70.06 14.36 11.21
CA LYS D 1067 68.64 14.56 10.97
C LYS D 1067 68.10 13.72 9.82
N TYR D 1068 68.51 14.07 8.62
CA TYR D 1068 67.81 13.64 7.43
C TYR D 1068 68.23 12.32 6.81
N GLU D 1069 69.46 11.87 7.06
CA GLU D 1069 69.97 10.71 6.34
C GLU D 1069 68.99 9.56 6.44
N LYS D 1070 68.49 9.32 7.65
CA LYS D 1070 67.57 8.21 7.87
C LYS D 1070 66.46 8.28 6.87
N TYR D 1071 65.83 9.46 6.81
CA TYR D 1071 64.74 9.75 5.88
C TYR D 1071 65.18 9.55 4.44
N ILE D 1072 66.18 10.34 4.04
CA ILE D 1072 66.63 10.39 2.66
C ILE D 1072 66.74 9.02 2.00
N LEU D 1073 67.43 8.09 2.66
CA LEU D 1073 67.60 6.74 2.13
C LEU D 1073 66.29 5.97 2.05
N GLU D 1074 65.46 6.21 3.05
CA GLU D 1074 64.18 5.54 3.15
C GLU D 1074 63.20 6.07 2.13
N HIS D 1075 63.42 7.29 1.65
CA HIS D 1075 62.50 7.85 0.66
C HIS D 1075 63.14 8.09 -0.71
N SER D 1076 64.24 7.38 -0.97
CA SER D 1076 64.74 7.26 -2.33
C SER D 1076 65.32 5.89 -2.59
N GLY D 1077 65.58 5.63 -3.88
CA GLY D 1077 66.03 4.34 -4.34
C GLY D 1077 64.84 3.59 -4.91
N ILE D 1078 64.94 2.26 -4.93
CA ILE D 1078 63.80 1.45 -5.31
C ILE D 1078 62.96 1.20 -4.05
N ARG D 1079 61.75 1.73 -4.05
CA ARG D 1079 60.90 1.59 -2.88
C ARG D 1079 59.48 1.20 -3.24
N LEU D 1080 58.66 1.13 -2.20
CA LEU D 1080 57.24 0.90 -2.37
C LEU D 1080 56.65 2.12 -3.05
N ILE D 1081 55.78 1.89 -4.03
CA ILE D 1081 55.21 2.99 -4.81
C ILE D 1081 54.52 3.97 -3.88
N GLU D 1082 54.90 5.25 -3.99
CA GLU D 1082 54.31 6.27 -3.17
C GLU D 1082 53.27 6.98 -4.01
N PRO D 1083 52.01 6.90 -3.58
CA PRO D 1083 50.90 7.29 -4.45
C PRO D 1083 50.93 8.80 -4.67
N GLU D 1084 51.41 9.53 -3.67
CA GLU D 1084 51.51 10.97 -3.76
C GLU D 1084 52.25 11.39 -5.03
N LEU D 1085 53.24 10.58 -5.40
CA LEU D 1085 54.11 10.87 -6.53
C LEU D 1085 53.47 10.52 -7.86
N PHE D 1086 52.28 9.95 -7.81
CA PHE D 1086 51.60 9.49 -9.03
C PHE D 1086 50.12 9.82 -9.02
N GLY D 1087 49.79 10.97 -8.44
CA GLY D 1087 48.42 11.46 -8.43
C GLY D 1087 47.43 10.43 -7.94
N GLY D 1088 47.86 9.57 -7.04
CA GLY D 1088 46.94 8.67 -6.38
C GLY D 1088 47.03 7.19 -6.72
N TYR D 1089 47.86 6.85 -7.70
CA TYR D 1089 48.04 5.45 -8.03
C TYR D 1089 48.36 4.65 -6.78
N ASP D 1090 47.68 3.51 -6.64
CA ASP D 1090 48.00 2.59 -5.58
C ASP D 1090 47.74 1.22 -6.15
N PRO D 1091 48.80 0.46 -6.43
CA PRO D 1091 48.73 -0.86 -7.04
C PRO D 1091 47.82 -1.76 -6.26
N ASN D 1092 47.48 -1.31 -5.06
CA ASN D 1092 46.63 -2.11 -4.19
C ASN D 1092 45.15 -1.88 -4.51
N ARG D 1093 44.87 -0.86 -5.31
CA ARG D 1093 43.52 -0.63 -5.81
C ARG D 1093 43.51 -0.09 -7.25
N LYS D 1094 43.94 -0.93 -8.18
CA LYS D 1094 43.94 -0.62 -9.60
C LYS D 1094 42.50 -0.44 -10.01
N GLN D 1095 42.17 0.76 -10.47
CA GLN D 1095 40.80 1.06 -10.84
C GLN D 1095 40.48 0.63 -12.26
N LEU D 1096 39.39 -0.13 -12.40
CA LEU D 1096 38.81 -0.46 -13.69
C LEU D 1096 37.33 -0.06 -13.72
N LEU D 1097 36.72 -0.13 -14.90
CA LEU D 1097 35.28 0.07 -15.04
C LEU D 1097 34.70 -1.19 -15.60
N GLN D 1098 33.52 -1.59 -15.13
CA GLN D 1098 32.82 -2.71 -15.75
C GLN D 1098 31.47 -2.29 -16.33
N GLU D 1099 31.24 -2.67 -17.59
CA GLU D 1099 30.00 -2.34 -18.26
C GLU D 1099 28.90 -3.16 -17.62
N VAL D 1100 27.89 -2.48 -17.11
CA VAL D 1100 26.74 -3.13 -16.50
C VAL D 1100 25.46 -2.65 -17.18
N VAL D 1101 24.66 -3.59 -17.66
CA VAL D 1101 23.37 -3.25 -18.24
C VAL D 1101 22.30 -3.24 -17.17
N ILE D 1102 21.92 -2.05 -16.70
CA ILE D 1102 20.92 -1.95 -15.64
C ILE D 1102 19.66 -2.66 -16.07
N GLU D 1103 18.98 -3.31 -15.13
CA GLU D 1103 17.76 -4.03 -15.49
C GLU D 1103 16.51 -3.49 -14.80
N GLN D 1104 16.64 -2.30 -14.23
CA GLN D 1104 15.47 -1.56 -13.78
C GLN D 1104 15.68 -0.06 -13.88
N ASP D 1105 14.61 0.63 -14.26
CA ASP D 1105 14.61 2.09 -14.40
C ASP D 1105 15.44 2.73 -13.30
N LEU D 1106 16.13 3.80 -13.65
CA LEU D 1106 17.03 4.46 -12.73
C LEU D 1106 16.36 5.77 -12.31
N GLU D 1107 16.77 6.29 -11.16
CA GLU D 1107 16.18 7.53 -10.68
C GLU D 1107 16.65 8.68 -11.56
N PRO D 1108 15.77 9.67 -11.75
CA PRO D 1108 15.94 10.87 -12.56
C PRO D 1108 16.91 11.82 -11.93
N PHE D 1109 17.70 12.50 -12.75
CA PHE D 1109 18.60 13.55 -12.27
C PHE D 1109 18.55 14.79 -13.16
N GLU D 1110 18.97 15.92 -12.63
CA GLU D 1110 18.94 17.17 -13.37
C GLU D 1110 20.11 17.25 -14.33
N ALA D 1111 19.99 18.15 -15.30
CA ALA D 1111 21.00 18.31 -16.32
C ALA D 1111 20.78 19.61 -17.08
N SER D 1112 21.82 20.13 -17.73
CA SER D 1112 21.66 21.27 -18.61
C SER D 1112 20.95 20.77 -19.87
N LYS D 1113 20.36 21.69 -20.65
CA LYS D 1113 19.67 21.27 -21.86
C LYS D 1113 20.63 20.51 -22.78
N GLU D 1114 21.82 21.06 -22.97
CA GLU D 1114 22.83 20.38 -23.74
C GLU D 1114 23.09 18.96 -23.26
N GLN D 1115 23.52 18.82 -22.00
CA GLN D 1115 23.85 17.54 -21.43
C GLN D 1115 22.74 16.53 -21.64
N ALA D 1116 21.52 16.96 -21.35
CA ALA D 1116 20.36 16.10 -21.57
C ALA D 1116 20.39 15.53 -22.98
N GLU D 1117 20.47 16.42 -23.97
CA GLU D 1117 20.49 15.98 -25.35
C GLU D 1117 21.57 14.95 -25.56
N GLU D 1118 22.79 15.25 -25.11
CA GLU D 1118 23.93 14.34 -25.25
C GLU D 1118 23.57 12.93 -24.78
N PHE D 1119 23.01 12.85 -23.57
CA PHE D 1119 22.60 11.57 -22.98
C PHE D 1119 21.62 10.84 -23.86
N LYS D 1120 20.62 11.57 -24.34
CA LYS D 1120 19.59 11.00 -25.17
C LYS D 1120 20.22 10.59 -26.48
N ARG D 1121 21.18 11.38 -26.94
CA ARG D 1121 21.81 11.12 -28.23
C ARG D 1121 22.46 9.76 -28.23
N GLU D 1122 22.97 9.36 -27.07
CA GLU D 1122 23.71 8.10 -26.95
C GLU D 1122 22.80 6.91 -26.65
N HIS D 1123 21.78 7.12 -25.82
CA HIS D 1123 20.94 6.02 -25.40
C HIS D 1123 19.61 5.93 -26.14
N GLY D 1124 19.00 7.09 -26.44
CA GLY D 1124 17.77 7.16 -27.21
C GLY D 1124 16.58 6.42 -26.63
N ASP D 1125 16.36 5.20 -27.10
CA ASP D 1125 15.27 4.36 -26.63
C ASP D 1125 15.34 4.18 -25.12
N LYS D 1126 16.55 4.18 -24.60
CA LYS D 1126 16.77 3.82 -23.21
C LYS D 1126 16.89 5.02 -22.27
N VAL D 1127 16.59 6.21 -22.77
CA VAL D 1127 16.57 7.39 -21.92
C VAL D 1127 15.42 8.33 -22.26
N GLU D 1128 14.89 8.99 -21.24
CA GLU D 1128 13.84 9.97 -21.43
C GLU D 1128 14.34 11.29 -20.87
N ILE D 1129 14.29 12.34 -21.68
CA ILE D 1129 14.55 13.66 -21.12
C ILE D 1129 13.38 14.61 -21.36
N PHE D 1130 13.10 15.45 -20.37
CA PHE D 1130 12.01 16.40 -20.45
C PHE D 1130 12.44 17.73 -19.87
N GLU D 1131 11.87 18.81 -20.40
CA GLU D 1131 12.11 20.12 -19.85
C GLU D 1131 11.55 20.25 -18.43
N ILE D 1132 12.19 21.09 -17.63
CA ILE D 1132 11.56 21.59 -16.42
C ILE D 1132 10.96 22.93 -16.82
N PRO D 1133 9.62 23.02 -16.83
CA PRO D 1133 8.98 24.21 -17.43
C PRO D 1133 9.52 25.48 -16.80
N GLU D 1134 9.87 25.37 -15.52
CA GLU D 1134 10.19 26.52 -14.68
C GLU D 1134 11.64 26.98 -14.80
N THR D 1135 12.57 26.10 -14.45
CA THR D 1135 13.99 26.47 -14.36
C THR D 1135 14.77 26.31 -15.68
N GLY D 1136 14.10 25.80 -16.71
CA GLY D 1136 14.73 25.63 -18.02
C GLY D 1136 15.69 24.46 -18.07
N GLN D 1137 15.79 23.72 -16.97
CA GLN D 1137 16.64 22.53 -16.91
C GLN D 1137 15.98 21.34 -17.59
N TYR D 1138 16.60 20.18 -17.46
CA TYR D 1138 16.02 18.94 -17.97
C TYR D 1138 16.16 17.83 -16.95
N THR D 1139 15.57 16.68 -17.26
CA THR D 1139 15.55 15.55 -16.35
C THR D 1139 15.93 14.31 -17.11
N VAL D 1140 16.84 13.54 -16.57
CA VAL D 1140 17.30 12.36 -17.27
C VAL D 1140 16.97 11.08 -16.49
N ARG D 1141 16.36 10.12 -17.17
CA ARG D 1141 15.98 8.87 -16.55
C ARG D 1141 16.43 7.75 -17.46
N LEU D 1142 17.40 6.96 -17.04
CA LEU D 1142 17.81 5.84 -17.87
C LEU D 1142 16.89 4.67 -17.62
N ARG D 1143 16.17 4.24 -18.64
CA ARG D 1143 15.28 3.09 -18.49
C ARG D 1143 16.06 1.78 -18.50
N LYS D 1144 15.38 0.70 -18.12
CA LYS D 1144 15.95 -0.65 -18.17
C LYS D 1144 16.44 -0.99 -19.56
N GLY D 1145 17.64 -1.54 -19.62
CA GLY D 1145 18.29 -1.83 -20.88
C GLY D 1145 19.52 -0.94 -21.01
N ALA D 1146 19.45 0.23 -20.37
CA ALA D 1146 20.54 1.21 -20.41
C ALA D 1146 21.85 0.60 -19.96
N THR D 1147 22.94 1.10 -20.51
CA THR D 1147 24.23 0.53 -20.19
C THR D 1147 25.06 1.50 -19.34
N LEU D 1148 25.55 1.03 -18.21
CA LEU D 1148 26.23 1.87 -17.26
C LEU D 1148 27.65 1.42 -17.04
N LEU D 1149 28.45 2.30 -16.43
CA LEU D 1149 29.81 1.94 -16.04
C LEU D 1149 30.01 2.05 -14.54
N ILE D 1150 30.29 0.92 -13.90
CA ILE D 1150 30.56 0.92 -12.48
C ILE D 1150 32.03 0.62 -12.27
N PRO D 1151 32.69 1.45 -11.48
CA PRO D 1151 34.09 1.29 -11.08
C PRO D 1151 34.29 0.05 -10.21
N LYS D 1152 35.47 -0.56 -10.32
CA LYS D 1152 35.89 -1.62 -9.42
C LYS D 1152 37.39 -1.47 -9.18
N ALA D 1153 37.95 -2.26 -8.26
CA ALA D 1153 39.36 -2.14 -7.96
C ALA D 1153 40.05 -3.49 -7.92
N LEU D 1154 41.33 -3.48 -8.28
CA LEU D 1154 42.12 -4.69 -8.34
C LEU D 1154 43.27 -4.61 -7.36
N GLN D 1155 43.75 -5.76 -6.88
CA GLN D 1155 45.01 -5.77 -6.14
C GLN D 1155 46.17 -6.17 -7.05
N PHE D 1156 46.95 -5.17 -7.43
CA PHE D 1156 48.00 -5.36 -8.40
C PHE D 1156 49.29 -5.83 -7.70
N ASP D 1157 50.16 -6.52 -8.45
CA ASP D 1157 51.36 -7.18 -7.92
C ASP D 1157 52.55 -6.24 -7.77
N ARG D 1158 52.83 -5.48 -8.82
CA ARG D 1158 53.96 -4.57 -8.82
C ARG D 1158 53.77 -3.40 -7.83
N LEU D 1159 54.19 -3.58 -6.58
CA LEU D 1159 54.09 -2.51 -5.59
C LEU D 1159 55.39 -1.74 -5.46
N VAL D 1160 56.48 -2.29 -6.01
CA VAL D 1160 57.79 -1.65 -5.90
C VAL D 1160 58.23 -1.11 -7.23
N ALA D 1161 58.81 0.09 -7.22
CA ALA D 1161 59.32 0.71 -8.45
C ALA D 1161 60.36 1.78 -8.10
N GLY D 1162 61.39 1.92 -8.95
CA GLY D 1162 62.43 2.90 -8.71
C GLY D 1162 61.93 4.28 -9.07
N GLN D 1163 61.77 5.14 -8.08
CA GLN D 1163 61.14 6.41 -8.32
C GLN D 1163 62.04 7.54 -7.86
N ILE D 1164 62.01 8.64 -8.60
CA ILE D 1164 62.70 9.86 -8.18
C ILE D 1164 62.43 10.15 -6.71
N PRO D 1165 63.49 10.56 -5.97
CA PRO D 1165 63.45 10.87 -4.55
C PRO D 1165 62.28 11.76 -4.15
N THR D 1166 61.70 11.42 -3.01
CA THR D 1166 60.48 12.05 -2.56
C THR D 1166 60.67 13.50 -2.19
N GLY D 1167 60.29 14.37 -3.11
CA GLY D 1167 60.33 15.78 -2.83
C GLY D 1167 60.92 16.54 -4.00
N TRP D 1168 61.53 15.81 -4.92
CA TRP D 1168 62.20 16.42 -6.06
C TRP D 1168 61.21 17.27 -6.82
N ASP D 1169 61.58 18.50 -7.15
CA ASP D 1169 60.73 19.35 -7.95
C ASP D 1169 61.52 20.30 -8.85
N ALA D 1170 61.13 20.33 -10.10
CA ALA D 1170 61.75 21.21 -11.07
C ALA D 1170 61.74 22.67 -10.61
N ARG D 1171 60.80 23.04 -9.75
CA ARG D 1171 60.70 24.41 -9.26
C ARG D 1171 61.96 24.84 -8.49
N ARG D 1172 62.57 23.89 -7.80
CA ARG D 1172 63.76 24.17 -7.02
C ARG D 1172 64.93 24.53 -7.92
N TYR D 1173 65.06 23.79 -9.01
CA TYR D 1173 66.10 24.06 -10.00
C TYR D 1173 65.88 25.37 -10.74
N GLY D 1174 64.66 25.91 -10.66
CA GLY D 1174 64.40 27.22 -11.20
C GLY D 1174 63.53 27.26 -12.45
N VAL D 1175 63.01 26.11 -12.87
CA VAL D 1175 62.07 26.06 -13.99
C VAL D 1175 60.86 26.97 -13.69
N PRO D 1176 60.42 27.73 -14.70
CA PRO D 1176 59.34 28.72 -14.59
C PRO D 1176 58.00 28.07 -14.25
N GLU D 1177 57.22 28.76 -13.42
CA GLU D 1177 55.96 28.21 -12.94
C GLU D 1177 55.04 27.78 -14.07
N ASP D 1178 54.74 28.71 -14.98
CA ASP D 1178 53.89 28.41 -16.13
C ASP D 1178 54.32 27.14 -16.86
N ILE D 1179 55.63 27.06 -17.17
CA ILE D 1179 56.15 25.92 -17.91
C ILE D 1179 55.94 24.63 -17.13
N ILE D 1180 55.94 24.75 -15.81
CA ILE D 1180 55.70 23.60 -14.94
C ILE D 1180 54.31 23.06 -15.19
N GLN D 1181 53.35 23.97 -15.37
CA GLN D 1181 51.94 23.63 -15.49
C GLN D 1181 51.55 23.18 -16.90
N GLN D 1182 52.37 23.56 -17.87
CA GLN D 1182 52.06 23.37 -19.29
C GLN D 1182 52.59 22.05 -19.89
N VAL D 1183 53.62 21.47 -19.28
CA VAL D 1183 54.27 20.32 -19.88
C VAL D 1183 54.19 19.01 -19.07
N ASP D 1184 54.46 17.90 -19.75
CA ASP D 1184 54.51 16.59 -19.12
C ASP D 1184 55.69 16.55 -18.17
N PRO D 1185 55.51 15.93 -16.99
CA PRO D 1185 56.59 15.72 -16.01
C PRO D 1185 57.90 15.28 -16.68
N VAL D 1186 57.80 14.33 -17.59
CA VAL D 1186 58.95 13.86 -18.35
C VAL D 1186 59.76 15.02 -18.90
N THR D 1187 59.09 16.02 -19.46
CA THR D 1187 59.79 17.20 -19.98
C THR D 1187 60.57 17.91 -18.87
N LEU D 1188 59.98 17.93 -17.67
CA LEU D 1188 60.64 18.52 -16.51
C LEU D 1188 61.93 17.80 -16.15
N TYR D 1189 61.90 16.47 -16.12
CA TYR D 1189 63.12 15.71 -15.85
C TYR D 1189 64.19 16.07 -16.91
N VAL D 1190 63.73 16.27 -18.15
CA VAL D 1190 64.64 16.55 -19.27
C VAL D 1190 65.17 17.97 -19.22
N LEU D 1191 64.30 18.93 -18.92
CA LEU D 1191 64.75 20.32 -18.84
C LEU D 1191 65.81 20.46 -17.78
N VAL D 1192 65.48 20.01 -16.57
CA VAL D 1192 66.44 20.04 -15.48
C VAL D 1192 67.72 19.30 -15.86
N SER D 1193 67.59 18.05 -16.32
CA SER D 1193 68.76 17.31 -16.78
C SER D 1193 69.67 18.13 -17.71
N VAL D 1194 69.17 18.46 -18.90
CA VAL D 1194 69.92 19.24 -19.89
C VAL D 1194 70.51 20.53 -19.31
N ALA D 1195 69.84 21.09 -18.30
CA ALA D 1195 70.33 22.32 -17.70
C ALA D 1195 71.58 22.08 -16.84
N GLU D 1196 71.58 20.96 -16.11
CA GLU D 1196 72.72 20.55 -15.29
C GLU D 1196 73.80 19.90 -16.11
N ALA D 1197 73.43 19.32 -17.24
CA ALA D 1197 74.40 18.69 -18.12
C ALA D 1197 75.22 19.75 -18.83
N LEU D 1198 74.65 20.93 -19.00
CA LEU D 1198 75.39 22.05 -19.60
C LEU D 1198 76.40 22.62 -18.59
N LEU D 1199 76.04 22.55 -17.31
CA LEU D 1199 76.91 23.08 -16.25
C LEU D 1199 78.11 22.17 -16.04
N SER D 1200 77.87 20.86 -16.03
CA SER D 1200 78.93 19.88 -15.90
C SER D 1200 79.85 19.91 -17.10
N SER D 1201 79.66 20.92 -17.94
CA SER D 1201 80.44 21.05 -19.16
C SER D 1201 80.86 22.51 -19.32
N GLY D 1202 80.73 23.28 -18.25
CA GLY D 1202 81.25 24.63 -18.22
C GLY D 1202 80.41 25.64 -18.97
N ILE D 1203 79.31 25.20 -19.55
CA ILE D 1203 78.41 26.14 -20.21
C ILE D 1203 77.45 26.70 -19.17
N THR D 1204 77.50 28.01 -18.95
CA THR D 1204 76.54 28.68 -18.09
C THR D 1204 75.36 29.20 -18.92
N ASP D 1205 75.67 30.06 -19.87
CA ASP D 1205 74.72 30.53 -20.85
C ASP D 1205 74.96 29.69 -22.09
N PRO D 1206 73.93 28.95 -22.53
CA PRO D 1206 74.11 28.08 -23.70
C PRO D 1206 74.43 28.90 -24.96
N TYR D 1207 74.13 30.20 -24.90
CA TYR D 1207 74.45 31.14 -25.96
C TYR D 1207 75.94 31.25 -26.15
N GLU D 1208 76.69 30.84 -25.13
CA GLU D 1208 78.14 30.82 -25.23
C GLU D 1208 78.60 29.98 -26.42
N PHE D 1209 77.81 28.97 -26.77
CA PHE D 1209 78.06 28.19 -27.97
C PHE D 1209 78.13 29.07 -29.24
N TYR D 1210 77.38 30.16 -29.23
CA TYR D 1210 77.31 31.02 -30.41
C TYR D 1210 78.39 32.07 -30.38
N LYS D 1211 79.43 31.80 -29.60
CA LYS D 1211 80.68 32.51 -29.76
C LYS D 1211 81.49 31.73 -30.80
N TYR D 1212 81.75 30.47 -30.49
CA TYR D 1212 82.63 29.63 -31.30
C TYR D 1212 81.94 28.99 -32.50
N VAL D 1213 80.61 28.97 -32.48
CA VAL D 1213 79.86 28.22 -33.48
C VAL D 1213 78.55 28.87 -33.91
N HIS D 1214 78.19 28.63 -35.17
CA HIS D 1214 76.98 29.16 -35.80
C HIS D 1214 75.71 28.50 -35.27
N LEU D 1215 74.61 29.26 -35.33
CA LEU D 1215 73.32 28.79 -34.82
C LEU D 1215 72.94 27.40 -35.33
N SER D 1216 73.51 27.01 -36.46
CA SER D 1216 73.07 25.79 -37.12
C SER D 1216 73.95 24.59 -36.81
N GLU D 1217 74.70 24.64 -35.70
CA GLU D 1217 75.59 23.53 -35.34
C GLU D 1217 75.34 22.98 -33.95
N VAL D 1218 74.40 23.58 -33.23
CA VAL D 1218 74.00 23.05 -31.93
C VAL D 1218 72.82 22.11 -32.13
N GLY D 1219 73.11 20.82 -32.24
CA GLY D 1219 72.06 19.86 -32.58
C GLY D 1219 71.41 19.26 -31.36
N ASN D 1220 70.21 18.71 -31.53
CA ASN D 1220 69.43 18.14 -30.42
C ASN D 1220 68.80 16.79 -30.75
N CYS D 1221 69.32 15.73 -30.13
CA CYS D 1221 68.90 14.35 -30.40
C CYS D 1221 68.38 13.57 -29.20
N ILE D 1222 67.59 14.20 -28.33
CA ILE D 1222 67.09 13.49 -27.17
C ILE D 1222 65.86 12.67 -27.53
N GLY D 1223 65.85 11.39 -27.14
CA GLY D 1223 64.79 10.48 -27.50
C GLY D 1223 64.14 9.78 -26.33
N SER D 1224 63.27 8.82 -26.62
CA SER D 1224 62.59 8.06 -25.57
C SER D 1224 61.86 6.83 -26.12
N GLY D 1225 61.31 6.02 -25.23
CA GLY D 1225 60.59 4.81 -25.62
C GLY D 1225 59.13 5.07 -25.96
N VAL D 1226 58.46 5.85 -25.11
CA VAL D 1226 57.10 6.32 -25.39
C VAL D 1226 56.95 7.81 -25.03
N GLY D 1227 57.40 8.19 -23.84
CA GLY D 1227 57.57 9.59 -23.44
C GLY D 1227 56.43 10.57 -23.65
N GLY D 1228 55.94 11.15 -22.56
CA GLY D 1228 54.74 11.98 -22.62
C GLY D 1228 53.60 11.11 -22.16
N THR D 1229 53.98 10.04 -21.46
CA THR D 1229 53.07 8.99 -21.02
C THR D 1229 51.90 9.56 -20.22
N SER D 1230 52.10 10.75 -19.66
CA SER D 1230 51.10 11.36 -18.80
C SER D 1230 50.05 12.11 -19.61
N ALA D 1231 50.48 12.90 -20.58
CA ALA D 1231 49.55 13.54 -21.50
C ALA D 1231 48.90 12.49 -22.38
N LEU D 1232 49.68 11.48 -22.72
CA LEU D 1232 49.22 10.36 -23.53
C LEU D 1232 47.97 9.75 -22.91
N ARG D 1233 47.92 9.78 -21.59
CA ARG D 1233 46.78 9.26 -20.86
C ARG D 1233 45.60 10.24 -20.91
N GLY D 1234 45.88 11.51 -20.64
CA GLY D 1234 44.85 12.54 -20.64
C GLY D 1234 44.09 12.59 -21.95
N MET D 1235 44.73 12.08 -23.01
CA MET D 1235 44.20 12.05 -24.37
C MET D 1235 43.27 10.86 -24.58
N TYR D 1236 43.77 9.68 -24.22
CA TYR D 1236 43.08 8.42 -24.48
C TYR D 1236 42.15 7.97 -23.37
N LYS D 1237 42.22 8.63 -22.21
CA LYS D 1237 41.41 8.23 -21.07
C LYS D 1237 40.80 9.40 -20.30
N ASP D 1238 41.65 10.29 -19.82
CA ASP D 1238 41.17 11.39 -18.97
C ASP D 1238 40.15 12.26 -19.70
N ARG D 1239 40.16 12.20 -21.03
CA ARG D 1239 39.25 13.02 -21.83
C ARG D 1239 37.95 12.28 -22.16
N TYR D 1240 38.06 10.96 -22.36
CA TYR D 1240 36.91 10.11 -22.56
C TYR D 1240 36.13 10.00 -21.27
N LEU D 1241 36.75 10.44 -20.19
CA LEU D 1241 36.16 10.35 -18.87
C LEU D 1241 35.59 11.70 -18.52
N ASP D 1242 35.83 12.66 -19.41
CA ASP D 1242 35.34 14.02 -19.24
C ASP D 1242 35.96 14.74 -18.05
N LYS D 1243 37.19 14.36 -17.69
CA LYS D 1243 37.95 15.11 -16.68
C LYS D 1243 38.55 16.35 -17.33
N PRO D 1244 38.87 17.37 -16.53
CA PRO D 1244 39.44 18.63 -17.06
C PRO D 1244 40.88 18.47 -17.57
N VAL D 1245 41.04 18.40 -18.89
CA VAL D 1245 42.36 18.26 -19.51
C VAL D 1245 42.62 19.46 -20.42
N GLN D 1246 43.89 19.81 -20.58
CA GLN D 1246 44.27 20.93 -21.45
C GLN D 1246 43.74 20.69 -22.86
N LYS D 1247 43.75 21.72 -23.69
CA LYS D 1247 43.32 21.54 -25.08
C LYS D 1247 44.45 21.02 -25.96
N ASP D 1248 45.68 21.19 -25.49
CA ASP D 1248 46.84 20.91 -26.30
C ASP D 1248 47.66 19.73 -25.80
N ILE D 1249 47.04 18.85 -25.02
CA ILE D 1249 47.77 17.69 -24.51
C ILE D 1249 48.28 16.82 -25.64
N LEU D 1250 47.77 17.05 -26.84
CA LEU D 1250 48.30 16.38 -28.01
C LEU D 1250 49.77 16.80 -28.22
N GLN D 1251 50.04 18.11 -28.14
CA GLN D 1251 51.40 18.63 -28.18
C GLN D 1251 52.39 17.80 -27.36
N GLU D 1252 52.01 17.45 -26.14
CA GLU D 1252 52.94 16.92 -25.15
C GLU D 1252 53.02 15.38 -25.10
N SER D 1253 52.43 14.71 -26.09
CA SER D 1253 52.50 13.25 -26.16
C SER D 1253 53.56 12.78 -27.16
N PHE D 1254 54.13 13.73 -27.90
CA PHE D 1254 55.14 13.39 -28.90
C PHE D 1254 56.50 13.28 -28.25
N VAL D 1255 57.29 12.33 -28.72
CA VAL D 1255 58.63 12.12 -28.18
C VAL D 1255 59.49 13.35 -28.36
N ASN D 1256 59.27 14.07 -29.45
CA ASN D 1256 60.13 15.18 -29.79
C ASN D 1256 59.67 16.53 -29.24
N THR D 1257 58.64 16.51 -28.40
CA THR D 1257 58.15 17.77 -27.82
C THR D 1257 59.02 18.09 -26.63
N MET D 1258 59.51 17.06 -25.96
CA MET D 1258 60.51 17.26 -24.96
C MET D 1258 61.64 17.98 -25.65
N ALA D 1259 62.26 17.31 -26.61
CA ALA D 1259 63.37 17.91 -27.33
C ALA D 1259 63.09 19.38 -27.69
N ALA D 1260 61.91 19.63 -28.24
CA ALA D 1260 61.54 20.97 -28.68
C ALA D 1260 61.63 21.94 -27.52
N TRP D 1261 61.04 21.58 -26.38
CA TRP D 1261 61.00 22.49 -25.25
C TRP D 1261 62.41 22.89 -24.81
N VAL D 1262 63.36 21.97 -24.98
CA VAL D 1262 64.74 22.20 -24.63
C VAL D 1262 65.29 23.35 -25.47
N ASN D 1263 64.86 23.39 -26.72
CA ASN D 1263 65.35 24.37 -27.66
C ASN D 1263 64.61 25.70 -27.52
N MET D 1264 63.41 25.65 -26.96
CA MET D 1264 62.58 26.85 -26.85
C MET D 1264 62.81 27.59 -25.53
N LEU D 1265 63.66 27.03 -24.66
CA LEU D 1265 63.88 27.61 -23.35
C LEU D 1265 65.35 27.89 -23.08
N LEU D 1266 66.22 27.10 -23.70
CA LEU D 1266 67.65 27.16 -23.41
C LEU D 1266 68.46 27.55 -24.64
N LEU D 1267 68.71 26.57 -25.50
CA LEU D 1267 69.59 26.75 -26.64
C LEU D 1267 68.82 27.06 -27.92
N SER D 1268 68.51 28.34 -28.18
CA SER D 1268 67.79 28.68 -29.41
C SER D 1268 68.68 28.49 -30.62
N SER D 1269 68.41 27.45 -31.39
CA SER D 1269 69.34 27.01 -32.43
C SER D 1269 68.65 26.50 -33.68
N THR D 1270 69.27 26.74 -34.82
CA THR D 1270 68.82 26.18 -36.08
C THR D 1270 69.57 24.89 -36.37
N GLY D 1271 69.75 24.07 -35.33
CA GLY D 1271 70.53 22.87 -35.46
C GLY D 1271 69.66 21.72 -35.90
N PRO D 1272 70.28 20.60 -36.30
CA PRO D 1272 69.52 19.39 -36.62
C PRO D 1272 68.78 18.90 -35.40
N ILE D 1273 67.64 18.24 -35.58
CA ILE D 1273 67.05 17.45 -34.51
C ILE D 1273 66.53 16.16 -35.04
N LYS D 1274 67.07 15.08 -34.51
CA LYS D 1274 66.65 13.75 -34.88
C LYS D 1274 66.38 13.01 -33.59
N THR D 1275 65.11 12.79 -33.28
CA THR D 1275 64.75 12.15 -32.04
C THR D 1275 64.34 10.71 -32.28
N PRO D 1276 64.98 9.77 -31.58
CA PRO D 1276 64.83 8.34 -31.84
C PRO D 1276 63.89 7.62 -30.87
N VAL D 1277 63.41 6.46 -31.28
CA VAL D 1277 62.65 5.58 -30.40
C VAL D 1277 63.21 4.17 -30.49
N GLY D 1278 64.23 3.91 -29.71
CA GLY D 1278 64.85 2.59 -29.68
C GLY D 1278 64.43 1.78 -28.47
N ALA D 1279 63.19 1.98 -28.02
CA ALA D 1279 62.66 1.24 -26.88
C ALA D 1279 63.60 1.30 -25.69
N CYS D 1280 63.83 0.15 -25.04
CA CYS D 1280 64.71 0.08 -23.89
C CYS D 1280 66.13 0.66 -24.17
N ALA D 1281 66.63 0.49 -25.39
CA ALA D 1281 68.00 0.89 -25.74
C ALA D 1281 68.09 2.26 -26.41
N THR D 1282 67.06 3.09 -26.23
CA THR D 1282 66.99 4.40 -26.90
C THR D 1282 68.23 5.23 -26.64
N ALA D 1283 68.55 5.43 -25.37
CA ALA D 1283 69.61 6.35 -24.98
C ALA D 1283 70.90 6.14 -25.75
N VAL D 1284 71.23 4.88 -26.05
CA VAL D 1284 72.43 4.56 -26.82
C VAL D 1284 72.24 4.91 -28.29
N GLU D 1285 71.16 4.42 -28.91
CA GLU D 1285 70.86 4.80 -30.28
C GLU D 1285 70.96 6.31 -30.47
N SER D 1286 70.57 7.06 -29.45
CA SER D 1286 70.64 8.51 -29.49
C SER D 1286 72.08 8.98 -29.60
N LEU D 1287 72.97 8.31 -28.86
CA LEU D 1287 74.39 8.62 -28.91
C LEU D 1287 74.89 8.40 -30.31
N ASP D 1288 74.47 7.29 -30.91
CA ASP D 1288 74.80 6.97 -32.30
C ASP D 1288 74.36 8.10 -33.23
N VAL D 1289 73.05 8.27 -33.33
CA VAL D 1289 72.47 9.35 -34.10
C VAL D 1289 73.21 10.67 -33.94
N GLY D 1290 73.39 11.12 -32.70
CA GLY D 1290 74.11 12.35 -32.46
C GLY D 1290 75.54 12.30 -32.99
N TYR D 1291 76.23 11.21 -32.66
CA TYR D 1291 77.57 10.92 -33.15
C TYR D 1291 77.70 11.11 -34.66
N ASP D 1292 76.94 10.33 -35.41
CA ASP D 1292 76.95 10.35 -36.86
C ASP D 1292 76.66 11.76 -37.40
N THR D 1293 75.61 12.36 -36.88
CA THR D 1293 75.21 13.70 -37.27
C THR D 1293 76.36 14.70 -37.12
N ILE D 1294 77.12 14.54 -36.05
CA ILE D 1294 78.24 15.45 -35.82
C ILE D 1294 79.39 15.14 -36.77
N MET D 1295 79.59 13.87 -37.09
CA MET D 1295 80.63 13.46 -38.02
C MET D 1295 80.24 13.63 -39.48
N GLN D 1296 79.25 14.50 -39.75
CA GLN D 1296 78.84 14.77 -41.13
C GLN D 1296 78.69 16.25 -41.34
N GLY D 1297 79.27 17.02 -40.43
CA GLY D 1297 79.26 18.46 -40.54
C GLY D 1297 77.91 19.05 -40.22
N LYS D 1298 76.96 18.21 -39.84
CA LYS D 1298 75.62 18.67 -39.53
C LYS D 1298 75.61 19.56 -38.29
N ALA D 1299 76.51 19.26 -37.36
CA ALA D 1299 76.64 20.06 -36.14
C ALA D 1299 77.92 19.73 -35.45
N ARG D 1300 78.34 20.63 -34.56
CA ARG D 1300 79.55 20.41 -33.78
C ARG D 1300 79.24 20.08 -32.31
N VAL D 1301 78.43 20.90 -31.66
CA VAL D 1301 77.90 20.51 -30.35
C VAL D 1301 76.53 19.84 -30.55
N CYS D 1302 76.07 19.12 -29.53
CA CYS D 1302 74.86 18.32 -29.69
C CYS D 1302 74.47 17.63 -28.38
N LEU D 1303 73.24 17.89 -27.91
CA LEU D 1303 72.74 17.23 -26.71
C LEU D 1303 72.24 15.84 -27.05
N VAL D 1304 72.56 14.87 -26.21
CA VAL D 1304 72.16 13.50 -26.47
C VAL D 1304 71.68 12.87 -25.18
N GLY D 1305 70.72 11.97 -25.26
CA GLY D 1305 70.27 11.24 -24.09
C GLY D 1305 68.96 10.50 -24.28
N GLY D 1306 68.39 10.02 -23.18
CA GLY D 1306 67.10 9.35 -23.16
C GLY D 1306 66.26 9.68 -21.95
N PHE D 1307 64.96 9.42 -22.03
CA PHE D 1307 64.07 9.65 -20.89
C PHE D 1307 62.82 8.82 -20.99
N ASP D 1308 62.24 8.50 -19.85
CA ASP D 1308 60.96 7.79 -19.82
C ASP D 1308 60.41 7.82 -18.41
N ASP D 1309 59.08 7.82 -18.28
CA ASP D 1309 58.45 7.95 -16.98
C ASP D 1309 57.87 6.63 -16.47
N PHE D 1310 57.44 6.60 -15.22
CA PHE D 1310 56.71 5.45 -14.66
C PHE D 1310 55.23 5.78 -14.55
N GLN D 1311 54.38 4.88 -15.00
CA GLN D 1311 52.94 5.14 -14.99
C GLN D 1311 52.06 3.92 -14.78
N GLU D 1312 50.85 4.19 -14.28
CA GLU D 1312 49.90 3.15 -13.94
C GLU D 1312 49.64 2.24 -15.12
N GLU D 1313 49.44 2.86 -16.28
CA GLU D 1313 49.10 2.15 -17.50
C GLU D 1313 50.34 1.43 -18.00
N GLY D 1314 51.51 2.01 -17.76
CA GLY D 1314 52.76 1.39 -18.13
C GLY D 1314 53.07 0.14 -17.32
N SER D 1315 53.32 0.34 -16.02
CA SER D 1315 53.64 -0.74 -15.09
C SER D 1315 52.69 -1.92 -15.23
N TYR D 1316 51.40 -1.62 -15.41
CA TYR D 1316 50.38 -2.65 -15.52
C TYR D 1316 50.57 -3.48 -16.79
N GLU D 1317 51.11 -2.84 -17.81
CA GLU D 1317 51.16 -3.47 -19.11
C GLU D 1317 52.33 -4.44 -19.23
N PHE D 1318 53.50 -4.01 -18.74
CA PHE D 1318 54.69 -4.86 -18.74
C PHE D 1318 54.37 -6.14 -18.00
N ALA D 1319 53.67 -5.99 -16.89
CA ALA D 1319 53.33 -7.12 -16.04
C ALA D 1319 52.53 -8.18 -16.79
N ASN D 1320 51.75 -7.75 -17.78
CA ASN D 1320 51.01 -8.70 -18.60
C ASN D 1320 51.91 -9.48 -19.55
N MET D 1321 53.06 -8.90 -19.86
CA MET D 1321 54.01 -9.55 -20.74
C MET D 1321 54.92 -10.47 -19.93
N GLY D 1322 55.16 -10.13 -18.67
CA GLY D 1322 56.02 -10.92 -17.81
C GLY D 1322 57.37 -10.27 -17.60
N ALA D 1323 57.47 -9.00 -17.98
CA ALA D 1323 58.73 -8.26 -17.92
C ALA D 1323 59.10 -7.88 -16.49
N THR D 1324 58.23 -7.09 -15.84
CA THR D 1324 58.47 -6.68 -14.45
C THR D 1324 58.54 -7.88 -13.50
N SER D 1325 59.02 -7.64 -12.28
CA SER D 1325 59.18 -8.71 -11.30
C SER D 1325 58.10 -8.63 -10.25
N ASN D 1326 57.47 -9.77 -9.95
CA ASN D 1326 56.32 -9.81 -9.06
C ASN D 1326 56.64 -9.50 -7.58
N ALA D 1327 56.37 -8.27 -7.17
CA ALA D 1327 56.70 -7.84 -5.82
C ALA D 1327 56.12 -8.80 -4.78
N LYS D 1328 54.84 -9.16 -4.94
CA LYS D 1328 54.18 -10.04 -3.98
C LYS D 1328 54.86 -11.40 -3.84
N GLU D 1329 55.25 -11.99 -4.97
CA GLU D 1329 55.96 -13.26 -4.95
C GLU D 1329 57.34 -13.11 -4.32
N GLU D 1330 57.98 -11.98 -4.57
CA GLU D 1330 59.32 -11.73 -4.06
C GLU D 1330 59.33 -11.33 -2.60
N PHE D 1331 58.26 -10.66 -2.17
CA PHE D 1331 58.07 -10.37 -0.75
C PHE D 1331 57.88 -11.68 0.01
N ALA D 1332 57.52 -12.74 -0.73
CA ALA D 1332 57.27 -14.05 -0.16
C ALA D 1332 58.52 -14.86 -0.24
N ARG D 1333 59.58 -14.25 -0.77
CA ARG D 1333 60.89 -14.88 -0.82
C ARG D 1333 61.82 -14.23 0.19
N GLY D 1334 61.25 -13.30 0.95
CA GLY D 1334 61.99 -12.62 2.00
C GLY D 1334 62.70 -11.39 1.45
N ARG D 1335 62.51 -11.14 0.15
CA ARG D 1335 63.19 -10.05 -0.54
C ARG D 1335 62.68 -8.69 -0.10
N GLU D 1336 63.59 -7.75 0.03
CA GLU D 1336 63.20 -6.39 0.39
C GLU D 1336 63.14 -5.52 -0.85
N PRO D 1337 62.37 -4.42 -0.81
CA PRO D 1337 62.24 -3.50 -1.94
C PRO D 1337 63.60 -2.98 -2.39
N GLY D 1338 63.85 -2.99 -3.70
CA GLY D 1338 65.07 -2.42 -4.23
C GLY D 1338 66.28 -3.33 -4.12
N GLU D 1339 66.09 -4.43 -3.41
CA GLU D 1339 67.05 -5.50 -3.40
C GLU D 1339 66.32 -6.70 -3.94
N MET D 1340 65.51 -6.39 -4.95
CA MET D 1340 64.69 -7.31 -5.72
C MET D 1340 65.26 -7.32 -7.13
N SER D 1341 66.32 -6.53 -7.32
CA SER D 1341 66.95 -6.29 -8.64
C SER D 1341 68.36 -6.89 -8.73
N ARG D 1342 68.44 -8.16 -9.09
CA ARG D 1342 69.71 -8.87 -9.13
C ARG D 1342 70.03 -9.25 -10.55
N PRO D 1343 70.88 -8.45 -11.20
CA PRO D 1343 71.11 -8.58 -12.63
C PRO D 1343 71.72 -9.90 -13.09
N THR D 1344 72.42 -10.63 -12.23
CA THR D 1344 73.05 -11.87 -12.69
C THR D 1344 72.74 -13.05 -11.79
N SER D 1345 72.07 -12.77 -10.68
CA SER D 1345 71.75 -13.75 -9.65
C SER D 1345 71.11 -15.00 -10.25
N THR D 1346 71.18 -16.09 -9.50
CA THR D 1346 70.53 -17.32 -9.93
C THR D 1346 69.03 -17.08 -9.86
N THR D 1347 68.63 -16.18 -8.95
CA THR D 1347 67.23 -15.98 -8.62
C THR D 1347 66.57 -14.91 -9.47
N ARG D 1348 67.34 -14.26 -10.34
CA ARG D 1348 66.79 -13.20 -11.18
C ARG D 1348 65.54 -13.68 -11.93
N ASN D 1349 64.45 -12.93 -11.81
CA ASN D 1349 63.15 -13.40 -12.28
C ASN D 1349 62.36 -12.36 -13.07
N GLY D 1350 62.79 -11.11 -13.03
CA GLY D 1350 62.10 -10.06 -13.77
C GLY D 1350 62.72 -8.75 -13.40
N PHE D 1351 62.50 -7.74 -14.24
CA PHE D 1351 63.19 -6.45 -14.05
C PHE D 1351 62.48 -5.42 -13.20
N MET D 1352 63.09 -4.25 -13.06
CA MET D 1352 62.57 -3.22 -12.18
C MET D 1352 62.13 -1.98 -12.93
N GLU D 1353 60.85 -1.65 -12.81
CA GLU D 1353 60.35 -0.40 -13.35
C GLU D 1353 61.07 0.74 -12.66
N SER D 1354 61.34 1.79 -13.41
CA SER D 1354 62.03 2.95 -12.86
C SER D 1354 61.76 4.17 -13.72
N GLN D 1355 61.92 5.36 -13.15
CA GLN D 1355 61.60 6.59 -13.87
C GLN D 1355 62.80 7.53 -13.91
N GLY D 1356 62.76 8.52 -14.81
CA GLY D 1356 63.83 9.50 -14.91
C GLY D 1356 64.44 9.65 -16.29
N CYS D 1357 65.44 10.51 -16.39
CA CYS D 1357 66.17 10.71 -17.64
C CYS D 1357 67.68 10.88 -17.43
N GLY D 1358 68.40 10.94 -18.55
CA GLY D 1358 69.85 11.10 -18.54
C GLY D 1358 70.39 11.68 -19.83
N VAL D 1359 71.16 12.74 -19.72
CA VAL D 1359 71.70 13.44 -20.88
C VAL D 1359 73.21 13.56 -20.80
N GLN D 1360 73.84 13.75 -21.95
CA GLN D 1360 75.26 13.98 -22.06
C GLN D 1360 75.47 14.82 -23.31
N VAL D 1361 76.13 15.96 -23.14
CA VAL D 1361 76.39 16.84 -24.28
C VAL D 1361 77.67 16.38 -24.99
N ILE D 1362 77.62 16.31 -26.31
CA ILE D 1362 78.77 15.86 -27.11
C ILE D 1362 79.29 16.89 -28.12
N MET D 1363 80.60 16.87 -28.36
CA MET D 1363 81.26 17.87 -29.19
C MET D 1363 82.36 17.26 -30.06
N THR D 1364 82.82 18.08 -31.00
CA THR D 1364 84.01 17.79 -31.77
C THR D 1364 85.17 18.00 -30.84
N ALA D 1365 86.18 17.13 -30.94
CA ALA D 1365 87.39 17.34 -30.14
C ALA D 1365 87.87 18.78 -30.31
N GLN D 1366 87.86 19.26 -31.55
CA GLN D 1366 88.23 20.63 -31.85
C GLN D 1366 87.50 21.63 -30.98
N LEU D 1367 86.21 21.81 -31.29
CA LEU D 1367 85.37 22.75 -30.58
C LEU D 1367 85.61 22.59 -29.08
N ALA D 1368 85.80 21.35 -28.64
CA ALA D 1368 86.03 21.08 -27.23
C ALA D 1368 87.25 21.84 -26.71
N LEU D 1369 88.41 21.56 -27.31
CA LEU D 1369 89.67 22.14 -26.88
C LEU D 1369 89.71 23.63 -27.12
N GLU D 1370 89.08 24.06 -28.22
CA GLU D 1370 89.00 25.48 -28.55
C GLU D 1370 88.21 26.26 -27.50
N MET D 1371 87.11 25.68 -27.06
CA MET D 1371 86.29 26.29 -26.03
C MET D 1371 87.01 26.18 -24.72
N GLY D 1372 87.60 25.01 -24.49
CA GLY D 1372 88.26 24.73 -23.23
C GLY D 1372 87.21 24.25 -22.26
N VAL D 1373 86.63 23.11 -22.58
CA VAL D 1373 85.61 22.54 -21.73
C VAL D 1373 86.14 21.19 -21.31
N PRO D 1374 85.62 20.68 -20.19
CA PRO D 1374 86.08 19.40 -19.63
C PRO D 1374 85.86 18.30 -20.66
N ILE D 1375 86.59 17.20 -20.56
CA ILE D 1375 86.35 16.08 -21.45
C ILE D 1375 86.30 14.76 -20.71
N TYR D 1376 85.10 14.22 -20.62
CA TYR D 1376 84.82 13.04 -19.80
C TYR D 1376 85.25 11.75 -20.48
N GLY D 1377 85.31 11.78 -21.81
CA GLY D 1377 85.64 10.59 -22.57
C GLY D 1377 85.49 10.78 -24.06
N ILE D 1378 85.92 9.77 -24.81
CA ILE D 1378 85.82 9.81 -26.25
C ILE D 1378 84.81 8.78 -26.70
N VAL D 1379 83.79 9.22 -27.43
CA VAL D 1379 82.91 8.25 -28.06
C VAL D 1379 83.66 7.60 -29.19
N ALA D 1380 84.22 6.43 -28.91
CA ALA D 1380 85.10 5.77 -29.85
C ALA D 1380 84.30 5.25 -31.03
N MET D 1381 83.23 4.56 -30.73
CA MET D 1381 82.40 3.93 -31.74
C MET D 1381 81.03 3.72 -31.17
N THR D 1382 80.02 3.76 -32.05
CA THR D 1382 78.65 3.47 -31.68
C THR D 1382 78.02 2.74 -32.85
N SER D 1383 76.99 1.95 -32.59
CA SER D 1383 76.28 1.25 -33.65
C SER D 1383 74.99 0.56 -33.18
N THR D 1384 74.04 0.41 -34.11
CA THR D 1384 72.80 -0.28 -33.82
C THR D 1384 72.67 -1.53 -34.68
N ALA D 1385 71.96 -2.55 -34.20
CA ALA D 1385 71.88 -3.80 -34.94
C ALA D 1385 70.67 -4.67 -34.62
N THR D 1386 70.02 -5.16 -35.68
CA THR D 1386 68.85 -6.02 -35.58
C THR D 1386 69.24 -7.49 -35.56
N ASP D 1387 68.31 -8.37 -35.21
CA ASP D 1387 68.59 -9.80 -35.19
C ASP D 1387 67.90 -10.50 -36.38
N LYS D 1388 67.81 -11.82 -36.31
CA LYS D 1388 67.25 -12.61 -37.40
C LYS D 1388 65.72 -12.57 -37.46
N ILE D 1389 65.17 -13.31 -38.41
CA ILE D 1389 63.73 -13.49 -38.52
C ILE D 1389 63.22 -14.17 -37.26
N GLY D 1390 62.02 -13.78 -36.84
CA GLY D 1390 61.36 -14.38 -35.70
C GLY D 1390 59.96 -13.84 -35.59
N ARG D 1391 59.24 -14.28 -34.56
CA ARG D 1391 57.89 -13.77 -34.32
C ARG D 1391 57.74 -13.29 -32.87
N SER D 1392 58.82 -13.37 -32.11
CA SER D 1392 58.84 -12.86 -30.75
C SER D 1392 59.39 -11.44 -30.75
N VAL D 1393 58.52 -10.46 -30.49
CA VAL D 1393 58.90 -9.05 -30.54
C VAL D 1393 59.91 -8.59 -29.48
N PRO D 1394 59.86 -9.18 -28.28
CA PRO D 1394 60.78 -8.71 -27.25
C PRO D 1394 62.08 -9.52 -27.13
N ALA D 1395 62.11 -10.75 -27.66
CA ALA D 1395 63.25 -11.65 -27.51
C ALA D 1395 64.60 -11.01 -27.86
N PRO D 1396 65.46 -10.83 -26.85
CA PRO D 1396 66.79 -10.26 -27.07
C PRO D 1396 67.65 -11.24 -27.87
N GLY D 1397 68.40 -10.73 -28.83
CA GLY D 1397 69.19 -11.57 -29.71
C GLY D 1397 70.61 -11.06 -29.90
N GLN D 1398 71.34 -11.74 -30.76
CA GLN D 1398 72.76 -11.45 -30.92
C GLN D 1398 73.04 -10.62 -32.15
N GLY D 1399 72.35 -9.50 -32.29
CA GLY D 1399 72.61 -8.63 -33.41
C GLY D 1399 73.96 -7.98 -33.18
N VAL D 1400 74.15 -7.50 -31.97
CA VAL D 1400 75.31 -6.68 -31.65
C VAL D 1400 76.63 -7.43 -31.86
N LEU D 1401 76.56 -8.74 -32.07
CA LEU D 1401 77.75 -9.56 -32.32
C LEU D 1401 78.52 -9.11 -33.56
N THR D 1402 77.80 -8.57 -34.54
CA THR D 1402 78.44 -8.22 -35.80
C THR D 1402 79.27 -6.93 -35.77
N THR D 1403 79.44 -6.32 -34.60
CA THR D 1403 80.36 -5.19 -34.49
C THR D 1403 81.76 -5.72 -34.28
N ALA D 1404 81.86 -7.05 -34.27
CA ALA D 1404 83.12 -7.72 -34.18
C ALA D 1404 83.30 -8.61 -35.41
N ARG D 1405 82.54 -8.33 -36.49
CA ARG D 1405 82.66 -9.03 -37.78
C ARG D 1405 84.00 -8.64 -38.40
N GLU D 1406 84.80 -9.66 -38.70
CA GLU D 1406 86.09 -9.44 -39.33
C GLU D 1406 86.65 -10.76 -39.86
N LYS D 1407 87.17 -10.73 -41.08
CA LYS D 1407 87.85 -11.89 -41.65
C LYS D 1407 89.27 -11.53 -41.99
N SER D 1408 90.16 -11.65 -41.01
CA SER D 1408 91.58 -11.41 -41.22
C SER D 1408 92.23 -12.67 -41.80
N GLY D 1409 93.15 -12.47 -42.73
CA GLY D 1409 93.82 -13.56 -43.41
C GLY D 1409 94.81 -14.29 -42.53
N ASN D 1410 96.05 -14.40 -42.98
CA ASN D 1410 97.11 -14.97 -42.18
C ASN D 1410 97.86 -13.85 -41.49
N PHE D 1411 97.85 -12.69 -42.15
CA PHE D 1411 98.60 -11.53 -41.69
C PHE D 1411 97.67 -10.35 -41.45
N PRO D 1412 97.83 -9.70 -40.29
CA PRO D 1412 97.06 -8.50 -39.92
C PRO D 1412 97.22 -7.38 -40.94
N SER D 1413 96.15 -6.64 -41.19
CA SER D 1413 96.22 -5.49 -42.06
C SER D 1413 97.27 -4.54 -41.51
N PRO D 1414 98.12 -4.02 -42.41
CA PRO D 1414 99.12 -3.00 -42.10
C PRO D 1414 98.54 -1.87 -41.29
N LEU D 1415 97.28 -1.54 -41.55
CA LEU D 1415 96.63 -0.38 -40.96
C LEU D 1415 96.46 -0.45 -39.43
N LEU D 1416 96.46 -1.68 -38.90
CA LEU D 1416 96.37 -1.88 -37.46
C LEU D 1416 97.67 -1.43 -36.78
N ASP D 1417 98.76 -1.39 -37.56
CA ASP D 1417 100.05 -0.90 -37.10
C ASP D 1417 100.05 0.62 -37.24
N ILE D 1418 100.13 1.32 -36.11
CA ILE D 1418 100.11 2.78 -36.11
C ILE D 1418 101.26 3.40 -36.89
N LYS D 1419 102.39 2.70 -36.95
CA LYS D 1419 103.56 3.18 -37.67
C LYS D 1419 103.30 3.23 -39.18
N TYR D 1420 102.71 2.16 -39.71
CA TYR D 1420 102.36 2.12 -41.12
C TYR D 1420 101.53 3.33 -41.47
N ARG D 1421 100.54 3.63 -40.64
CA ARG D 1421 99.68 4.79 -40.85
C ARG D 1421 100.50 6.08 -40.69
N ARG D 1422 101.42 6.05 -39.74
CA ARG D 1422 102.36 7.15 -39.54
C ARG D 1422 103.04 7.50 -40.86
N ARG D 1423 103.68 6.51 -41.45
CA ARG D 1423 104.39 6.68 -42.71
C ARG D 1423 103.48 7.34 -43.72
N GLN D 1424 102.44 6.61 -44.08
CA GLN D 1424 101.51 7.01 -45.10
C GLN D 1424 100.98 8.40 -44.85
N LEU D 1425 100.76 8.73 -43.58
CA LEU D 1425 100.24 10.04 -43.22
C LEU D 1425 101.20 11.15 -43.63
N GLU D 1426 102.36 11.17 -42.99
CA GLU D 1426 103.35 12.20 -43.29
C GLU D 1426 103.90 12.05 -44.70
N LEU D 1427 103.60 10.93 -45.32
CA LEU D 1427 103.87 10.74 -46.73
C LEU D 1427 103.00 11.70 -47.51
N ARG D 1428 101.69 11.62 -47.26
CA ARG D 1428 100.74 12.54 -47.87
C ARG D 1428 100.91 13.98 -47.35
N ARG D 1429 101.56 14.13 -46.20
CA ARG D 1429 101.78 15.47 -45.64
C ARG D 1429 102.86 16.18 -46.43
N GLN D 1430 103.87 15.41 -46.82
CA GLN D 1430 104.90 15.89 -47.71
C GLN D 1430 104.28 16.11 -49.08
N GLN D 1431 103.67 15.04 -49.59
CA GLN D 1431 102.98 15.07 -50.87
C GLN D 1431 102.05 16.27 -50.93
N ILE D 1432 101.60 16.73 -49.77
CA ILE D 1432 100.71 17.89 -49.68
C ILE D 1432 101.45 19.22 -49.72
N LYS D 1433 102.53 19.33 -48.97
CA LYS D 1433 103.27 20.57 -48.90
C LYS D 1433 103.79 20.97 -50.28
N GLN D 1434 104.10 19.97 -51.13
CA GLN D 1434 104.65 20.22 -52.48
C GLN D 1434 103.59 20.68 -53.48
N TRP D 1435 102.38 20.17 -53.31
CA TRP D 1435 101.22 20.65 -54.05
C TRP D 1435 100.97 22.11 -53.67
N LYS D 1436 101.08 22.40 -52.37
CA LYS D 1436 100.79 23.74 -51.87
C LYS D 1436 101.54 24.81 -52.64
N GLU D 1437 102.78 24.50 -53.00
CA GLU D 1437 103.62 25.41 -53.77
C GLU D 1437 103.29 25.33 -55.25
N SER D 1438 103.25 24.11 -55.79
CA SER D 1438 102.87 23.90 -57.19
C SER D 1438 101.61 24.70 -57.56
N GLU D 1439 100.72 24.88 -56.60
CA GLU D 1439 99.49 25.66 -56.80
C GLU D 1439 99.76 27.17 -56.72
N TYR D 1440 100.65 27.58 -55.83
CA TYR D 1440 101.10 28.97 -55.74
C TYR D 1440 101.70 29.46 -57.07
N LEU D 1441 102.55 28.61 -57.64
CA LEU D 1441 103.14 28.84 -58.95
C LEU D 1441 102.01 29.11 -59.94
N TYR D 1442 101.16 28.10 -60.12
CA TYR D 1442 100.04 28.14 -61.07
C TYR D 1442 99.19 29.41 -60.95
N LEU D 1443 99.05 29.94 -59.73
CA LEU D 1443 98.27 31.18 -59.52
C LEU D 1443 99.02 32.41 -60.01
N GLN D 1444 100.34 32.38 -59.83
CA GLN D 1444 101.20 33.43 -60.34
C GLN D 1444 101.00 33.62 -61.84
N GLU D 1445 101.07 32.51 -62.58
CA GLU D 1445 100.89 32.52 -64.04
C GLU D 1445 99.51 33.04 -64.43
N GLU D 1446 98.48 32.35 -63.95
CA GLU D 1446 97.09 32.71 -64.19
C GLU D 1446 96.79 34.17 -63.82
N VAL D 1447 97.61 34.75 -62.94
CA VAL D 1447 97.46 36.16 -62.53
C VAL D 1447 97.68 37.10 -63.71
N ALA D 1448 98.88 37.08 -64.27
CA ALA D 1448 99.21 37.91 -65.41
C ALA D 1448 98.67 37.31 -66.72
N ALA D 1449 98.14 36.09 -66.63
CA ALA D 1449 97.54 35.40 -67.78
C ALA D 1449 96.14 35.92 -68.11
N ILE D 1450 95.50 36.59 -67.15
CA ILE D 1450 94.22 37.25 -67.37
C ILE D 1450 94.38 38.77 -67.36
N LYS D 1451 95.62 39.24 -67.16
CA LYS D 1451 95.96 40.65 -67.37
C LYS D 1451 96.14 40.91 -68.87
N SER D 1452 96.65 39.90 -69.57
CA SER D 1452 96.92 39.97 -71.00
C SER D 1452 95.65 39.80 -71.85
N GLN D 1453 94.63 39.17 -71.29
CA GLN D 1453 93.38 38.91 -72.00
C GLN D 1453 92.32 39.97 -71.70
N ARG D 1454 92.54 40.72 -70.62
CA ARG D 1454 91.57 41.73 -70.16
C ARG D 1454 91.47 42.88 -71.15
N SER D 1455 90.27 43.09 -71.68
CA SER D 1455 89.99 44.29 -72.44
C SER D 1455 89.81 45.48 -71.47
N GLU D 1456 89.81 46.70 -72.01
CA GLU D 1456 89.74 47.93 -71.21
C GLU D 1456 88.33 48.31 -70.71
N GLU D 1457 87.32 47.69 -71.33
CA GLU D 1457 85.91 47.86 -70.93
C GLU D 1457 85.55 46.90 -69.79
N ASP D 1458 86.38 45.87 -69.62
CA ASP D 1458 86.26 44.92 -68.51
C ASP D 1458 86.69 45.59 -67.22
N GLY D 1459 86.05 45.19 -66.11
CA GLY D 1459 86.40 45.73 -64.82
C GLY D 1459 87.86 45.51 -64.47
N PRO D 1460 88.52 46.57 -63.93
CA PRO D 1460 89.87 46.51 -63.35
C PRO D 1460 89.96 45.44 -62.26
N PHE D 1461 90.82 44.42 -62.46
CA PHE D 1461 90.97 43.34 -61.49
C PHE D 1461 91.88 43.70 -60.33
N ASP D 1462 91.29 43.87 -59.15
CA ASP D 1462 92.06 44.12 -57.93
C ASP D 1462 93.00 42.95 -57.70
N GLU D 1463 94.24 43.10 -58.16
CA GLU D 1463 95.24 42.06 -58.02
C GLU D 1463 95.39 41.70 -56.53
N THR D 1464 95.30 42.70 -55.67
CA THR D 1464 95.36 42.50 -54.23
C THR D 1464 94.15 41.72 -53.74
N ALA D 1465 92.96 42.12 -54.19
CA ALA D 1465 91.73 41.41 -53.86
C ALA D 1465 91.78 39.98 -54.40
N TYR D 1466 91.83 39.84 -55.73
CA TYR D 1466 91.82 38.53 -56.37
C TYR D 1466 92.93 37.59 -55.88
N LEU D 1467 94.14 38.12 -55.67
CA LEU D 1467 95.26 37.30 -55.21
C LEU D 1467 95.18 36.98 -53.73
N ARG D 1468 94.51 37.84 -52.96
CA ARG D 1468 94.24 37.55 -51.56
C ARG D 1468 93.34 36.33 -51.40
N GLU D 1469 92.10 36.44 -51.87
CA GLU D 1469 91.13 35.34 -51.77
C GLU D 1469 91.71 34.03 -52.32
N ARG D 1470 92.52 34.16 -53.35
CA ARG D 1470 93.11 32.99 -54.02
C ARG D 1470 94.23 32.33 -53.21
N THR D 1471 95.04 33.12 -52.53
CA THR D 1471 96.07 32.56 -51.66
C THR D 1471 95.44 31.93 -50.43
N GLU D 1472 94.58 32.71 -49.76
CA GLU D 1472 93.85 32.25 -48.58
C GLU D 1472 93.19 30.92 -48.88
N HIS D 1473 92.65 30.80 -50.08
CA HIS D 1473 92.00 29.58 -50.51
C HIS D 1473 92.99 28.43 -50.60
N ILE D 1474 94.15 28.69 -51.19
CA ILE D 1474 95.15 27.64 -51.30
C ILE D 1474 95.55 27.18 -49.91
N GLU D 1475 95.51 28.12 -48.97
CA GLU D 1475 95.79 27.82 -47.58
C GLU D 1475 94.72 26.88 -47.02
N ARG D 1476 93.49 27.35 -46.97
CA ARG D 1476 92.39 26.52 -46.52
C ARG D 1476 92.47 25.16 -47.18
N GLU D 1477 92.41 25.16 -48.51
CA GLU D 1477 92.39 23.94 -49.31
C GLU D 1477 93.54 22.98 -48.95
N ALA D 1478 94.66 23.56 -48.58
CA ALA D 1478 95.79 22.76 -48.11
C ALA D 1478 95.47 22.16 -46.75
N ARG D 1479 95.10 23.03 -45.81
CA ARG D 1479 94.69 22.62 -44.46
C ARG D 1479 93.65 21.53 -44.53
N ARG D 1480 92.63 21.76 -45.36
CA ARG D 1480 91.56 20.80 -45.55
C ARG D 1480 92.18 19.47 -45.92
N GLN D 1481 92.97 19.49 -46.99
CA GLN D 1481 93.59 18.28 -47.54
C GLN D 1481 94.37 17.53 -46.46
N GLU D 1482 94.94 18.29 -45.52
CA GLU D 1482 95.66 17.72 -44.38
C GLU D 1482 94.73 16.88 -43.53
N ALA D 1483 93.82 17.57 -42.84
CA ALA D 1483 92.86 16.90 -41.99
C ALA D 1483 92.24 15.70 -42.70
N GLU D 1484 92.01 15.83 -44.00
CA GLU D 1484 91.35 14.77 -44.76
C GLU D 1484 92.20 13.52 -44.91
N ALA D 1485 93.50 13.69 -45.13
CA ALA D 1485 94.39 12.53 -45.15
C ALA D 1485 94.60 12.03 -43.73
N GLN D 1486 94.47 12.96 -42.79
CA GLN D 1486 94.54 12.65 -41.38
C GLN D 1486 93.33 11.81 -41.01
N THR D 1487 92.24 12.07 -41.72
CA THR D 1487 91.00 11.34 -41.53
C THR D 1487 91.14 9.90 -42.00
N SER D 1488 91.67 9.73 -43.21
CA SER D 1488 91.69 8.43 -43.84
C SER D 1488 92.79 7.55 -43.29
N PHE D 1489 93.54 8.06 -42.32
CA PHE D 1489 94.65 7.31 -41.76
C PHE D 1489 94.64 7.19 -40.24
N GLY D 1490 93.77 7.93 -39.59
CA GLY D 1490 93.73 7.92 -38.14
C GLY D 1490 92.35 7.71 -37.58
N ASN D 1491 91.34 8.19 -38.31
CA ASN D 1491 89.97 8.12 -37.84
C ASN D 1491 89.21 6.97 -38.50
N GLU D 1492 89.07 7.08 -39.82
CA GLU D 1492 88.12 6.27 -40.57
C GLU D 1492 88.77 5.22 -41.46
N PHE D 1493 89.98 4.81 -41.12
CA PHE D 1493 90.73 3.88 -41.97
C PHE D 1493 90.15 2.46 -41.96
N TRP D 1494 89.05 2.28 -41.23
CA TRP D 1494 88.45 0.95 -41.14
C TRP D 1494 87.03 0.90 -41.70
N ARG D 1495 86.59 2.01 -42.32
CA ARG D 1495 85.27 2.07 -42.95
C ARG D 1495 85.10 0.99 -44.01
N ARG D 1496 84.17 0.08 -43.76
CA ARG D 1496 83.86 -1.01 -44.69
C ARG D 1496 85.08 -1.89 -44.95
N ASP D 1497 86.01 -1.93 -44.00
CA ASP D 1497 87.18 -2.79 -44.16
C ASP D 1497 86.88 -4.23 -43.72
N SER D 1498 86.80 -5.13 -44.70
CA SER D 1498 86.46 -6.53 -44.48
C SER D 1498 87.42 -7.23 -43.50
N ARG D 1499 88.57 -6.62 -43.30
CA ARG D 1499 89.63 -7.27 -42.54
C ARG D 1499 89.87 -6.55 -41.21
N ILE D 1500 88.92 -5.70 -40.82
CA ILE D 1500 89.00 -4.96 -39.57
C ILE D 1500 87.60 -4.78 -38.97
N ALA D 1501 87.34 -5.46 -37.86
CA ALA D 1501 86.08 -5.28 -37.16
C ALA D 1501 86.03 -3.86 -36.60
N PRO D 1502 84.86 -3.24 -36.63
CA PRO D 1502 84.68 -1.87 -36.17
C PRO D 1502 85.15 -1.68 -34.71
N LEU D 1503 85.10 -2.72 -33.87
CA LEU D 1503 85.63 -2.69 -32.51
C LEU D 1503 87.15 -2.48 -32.50
N ARG D 1504 87.86 -3.34 -33.22
CA ARG D 1504 89.29 -3.16 -33.46
C ARG D 1504 89.55 -1.73 -33.90
N GLY D 1505 88.88 -1.36 -34.99
CA GLY D 1505 89.06 -0.08 -35.61
C GLY D 1505 89.17 1.03 -34.62
N ALA D 1506 88.04 1.43 -34.04
CA ALA D 1506 88.00 2.61 -33.21
C ALA D 1506 88.98 2.52 -32.03
N LEU D 1507 89.31 1.29 -31.62
CA LEU D 1507 90.26 1.07 -30.51
C LEU D 1507 91.70 1.29 -30.97
N ALA D 1508 92.00 0.75 -32.15
CA ALA D 1508 93.32 0.87 -32.74
C ALA D 1508 93.62 2.33 -33.06
N THR D 1509 92.62 3.10 -33.46
CA THR D 1509 92.85 4.50 -33.82
C THR D 1509 93.45 5.30 -32.66
N TRP D 1510 93.36 4.77 -31.45
CA TRP D 1510 93.94 5.42 -30.29
C TRP D 1510 95.06 4.58 -29.73
N GLY D 1511 95.37 3.50 -30.42
CA GLY D 1511 96.53 2.70 -30.11
C GLY D 1511 96.23 1.63 -29.10
N LEU D 1512 95.13 0.91 -29.31
CA LEU D 1512 94.68 -0.07 -28.33
C LEU D 1512 94.14 -1.32 -29.01
N THR D 1513 94.28 -2.45 -28.34
CA THR D 1513 93.61 -3.68 -28.79
C THR D 1513 92.50 -4.03 -27.84
N ILE D 1514 91.85 -5.16 -28.09
CA ILE D 1514 90.72 -5.59 -27.29
C ILE D 1514 91.17 -5.84 -25.86
N ASP D 1515 92.46 -6.04 -25.67
CA ASP D 1515 92.96 -6.32 -24.32
C ASP D 1515 92.86 -5.11 -23.39
N ASP D 1516 92.63 -3.93 -23.96
CA ASP D 1516 92.58 -2.68 -23.18
C ASP D 1516 91.16 -2.30 -22.75
N LEU D 1517 90.19 -3.07 -23.24
CA LEU D 1517 88.80 -2.91 -22.89
C LEU D 1517 88.65 -3.50 -21.50
N GLY D 1518 88.65 -2.64 -20.50
CA GLY D 1518 88.67 -3.12 -19.12
C GLY D 1518 87.29 -3.42 -18.56
N VAL D 1519 86.43 -2.41 -18.59
CA VAL D 1519 85.11 -2.55 -18.04
C VAL D 1519 84.06 -2.64 -19.14
N ALA D 1520 83.23 -3.66 -19.04
CA ALA D 1520 82.05 -3.76 -19.89
C ALA D 1520 80.81 -3.46 -19.05
N SER D 1521 80.07 -2.41 -19.44
CA SER D 1521 78.84 -2.04 -18.74
C SER D 1521 77.65 -2.75 -19.39
N PHE D 1522 76.96 -3.54 -18.60
CA PHE D 1522 75.92 -4.40 -19.13
C PHE D 1522 74.53 -3.81 -18.90
N HIS D 1523 73.72 -3.91 -19.94
CA HIS D 1523 72.29 -3.68 -19.82
C HIS D 1523 71.80 -4.41 -18.58
N GLY D 1524 71.95 -5.74 -18.58
CA GLY D 1524 71.68 -6.58 -17.42
C GLY D 1524 70.45 -6.17 -16.64
N THR D 1525 69.30 -6.62 -17.12
CA THR D 1525 68.02 -6.14 -16.60
C THR D 1525 67.43 -7.02 -15.50
N SER D 1526 68.22 -7.95 -14.96
CA SER D 1526 67.72 -8.83 -13.90
C SER D 1526 66.67 -9.81 -14.42
N THR D 1527 66.54 -9.89 -15.74
CA THR D 1527 65.63 -10.86 -16.34
C THR D 1527 66.39 -12.14 -16.62
N VAL D 1528 65.65 -13.17 -17.01
CA VAL D 1528 66.28 -14.47 -17.17
C VAL D 1528 67.19 -14.49 -18.39
N ALA D 1529 66.62 -14.20 -19.55
CA ALA D 1529 67.32 -14.41 -20.81
C ALA D 1529 68.33 -13.33 -21.14
N ASN D 1530 68.00 -12.06 -20.86
CA ASN D 1530 68.86 -10.93 -21.24
C ASN D 1530 70.29 -11.00 -20.72
N ASP D 1531 70.45 -11.51 -19.51
CA ASP D 1531 71.76 -11.55 -18.87
C ASP D 1531 72.61 -12.71 -19.36
N LYS D 1532 71.97 -13.84 -19.66
CA LYS D 1532 72.65 -14.97 -20.29
C LYS D 1532 73.09 -14.62 -21.72
N ASN D 1533 72.31 -13.76 -22.36
CA ASN D 1533 72.57 -13.37 -23.72
C ASN D 1533 73.59 -12.25 -23.81
N GLU D 1534 73.37 -11.20 -23.03
CA GLU D 1534 74.29 -10.07 -22.95
C GLU D 1534 75.72 -10.53 -22.75
N SER D 1535 75.93 -11.28 -21.69
CA SER D 1535 77.22 -11.85 -21.43
C SER D 1535 77.72 -12.54 -22.69
N ASP D 1536 76.87 -13.40 -23.26
CA ASP D 1536 77.23 -14.18 -24.45
C ASP D 1536 77.77 -13.34 -25.61
N VAL D 1537 77.00 -12.35 -26.04
CA VAL D 1537 77.43 -11.50 -27.13
C VAL D 1537 78.80 -10.87 -26.85
N ILE D 1538 78.88 -10.13 -25.75
CA ILE D 1538 80.15 -9.51 -25.38
C ILE D 1538 81.29 -10.53 -25.29
N CYS D 1539 80.96 -11.75 -24.89
CA CYS D 1539 81.96 -12.79 -24.79
C CYS D 1539 82.49 -13.12 -26.18
N GLN D 1540 81.64 -13.72 -27.01
CA GLN D 1540 81.98 -14.05 -28.39
C GLN D 1540 82.79 -12.95 -29.07
N GLN D 1541 82.33 -11.71 -28.90
CA GLN D 1541 83.04 -10.56 -29.43
C GLN D 1541 84.49 -10.59 -29.00
N LEU D 1542 84.70 -10.48 -27.69
CA LEU D 1542 86.05 -10.50 -27.13
C LEU D 1542 86.90 -11.67 -27.64
N LYS D 1543 86.32 -12.86 -27.64
CA LYS D 1543 87.06 -14.03 -28.14
C LYS D 1543 87.47 -13.89 -29.60
N HIS D 1544 86.48 -13.73 -30.48
CA HIS D 1544 86.76 -13.72 -31.91
C HIS D 1544 87.56 -12.50 -32.39
N LEU D 1545 87.90 -11.59 -31.49
CA LEU D 1545 88.82 -10.52 -31.87
C LEU D 1545 90.26 -10.87 -31.48
N GLY D 1546 90.41 -11.85 -30.60
CA GLY D 1546 91.71 -12.34 -30.19
C GLY D 1546 92.09 -12.05 -28.75
N ARG D 1547 91.13 -11.56 -27.97
CA ARG D 1547 91.32 -11.22 -26.55
C ARG D 1547 92.17 -12.27 -25.86
N THR D 1548 93.30 -11.85 -25.28
CA THR D 1548 94.23 -12.77 -24.62
C THR D 1548 93.54 -13.55 -23.53
N LYS D 1549 93.56 -14.87 -23.63
CA LYS D 1549 92.83 -15.72 -22.70
C LYS D 1549 93.34 -15.58 -21.26
N GLY D 1550 92.40 -15.34 -20.35
CA GLY D 1550 92.75 -15.06 -18.98
C GLY D 1550 92.55 -13.60 -18.64
N ASN D 1551 92.44 -12.75 -19.67
CA ASN D 1551 92.19 -11.35 -19.42
C ASN D 1551 90.71 -11.03 -19.44
N ALA D 1552 90.07 -10.96 -18.28
CA ALA D 1552 88.63 -10.78 -18.22
C ALA D 1552 88.25 -9.31 -18.10
N VAL D 1553 86.97 -9.03 -18.36
CA VAL D 1553 86.44 -7.68 -18.24
C VAL D 1553 85.60 -7.58 -16.99
N LEU D 1554 85.81 -6.50 -16.26
CA LEU D 1554 84.98 -6.22 -15.09
C LEU D 1554 83.62 -5.83 -15.62
N GLY D 1555 82.59 -6.57 -15.19
CA GLY D 1555 81.23 -6.34 -15.64
C GLY D 1555 80.39 -5.52 -14.68
N ILE D 1556 79.85 -4.41 -15.19
CA ILE D 1556 79.01 -3.54 -14.38
C ILE D 1556 77.54 -3.78 -14.69
N PHE D 1557 76.71 -3.76 -13.65
CA PHE D 1557 75.27 -3.87 -13.83
C PHE D 1557 74.60 -2.82 -12.97
N GLN D 1558 74.55 -1.60 -13.47
CA GLN D 1558 74.01 -0.48 -12.71
C GLN D 1558 72.52 -0.63 -12.39
N LYS D 1559 71.90 -1.65 -12.94
CA LYS D 1559 70.46 -1.82 -12.75
C LYS D 1559 70.08 -2.22 -11.31
N TYR D 1560 71.02 -2.84 -10.59
CA TYR D 1560 70.73 -3.29 -9.24
C TYR D 1560 70.36 -2.11 -8.36
N LEU D 1561 71.00 -0.98 -8.62
CA LEU D 1561 70.85 0.17 -7.75
C LEU D 1561 69.67 1.01 -8.21
N THR D 1562 69.54 1.19 -9.51
CA THR D 1562 68.66 2.22 -10.06
C THR D 1562 67.39 1.68 -10.67
N GLY D 1563 67.31 0.37 -10.82
CA GLY D 1563 66.19 -0.22 -11.53
C GLY D 1563 66.37 0.05 -13.01
N HIS D 1564 65.29 -0.08 -13.78
CA HIS D 1564 65.35 0.05 -15.23
C HIS D 1564 64.41 1.13 -15.77
N PRO D 1565 64.97 2.32 -16.10
CA PRO D 1565 64.19 3.41 -16.67
C PRO D 1565 63.84 3.05 -18.09
N LYS D 1566 62.74 2.34 -18.27
CA LYS D 1566 62.28 1.89 -19.57
C LYS D 1566 63.20 2.34 -20.71
N GLY D 1567 63.25 3.65 -20.96
CA GLY D 1567 63.96 4.17 -22.13
C GLY D 1567 65.29 4.87 -21.92
N ALA D 1568 65.45 5.54 -20.79
CA ALA D 1568 66.68 6.25 -20.51
C ALA D 1568 67.70 5.34 -19.84
N ALA D 1569 67.78 4.09 -20.29
CA ALA D 1569 68.68 3.13 -19.67
C ALA D 1569 70.13 3.49 -19.91
N GLY D 1570 70.56 3.37 -21.17
CA GLY D 1570 71.93 3.64 -21.54
C GLY D 1570 72.49 4.97 -21.07
N ALA D 1571 71.63 5.99 -20.96
CA ALA D 1571 72.07 7.32 -20.56
C ALA D 1571 72.73 7.26 -19.20
N TRP D 1572 72.14 6.47 -18.30
CA TRP D 1572 72.69 6.31 -16.97
C TRP D 1572 73.97 5.47 -16.99
N MET D 1573 73.95 4.38 -17.76
CA MET D 1573 75.08 3.48 -17.87
C MET D 1573 76.31 4.19 -18.43
N LEU D 1574 76.10 5.03 -19.43
CA LEU D 1574 77.18 5.79 -20.04
C LEU D 1574 77.83 6.71 -19.01
N ASN D 1575 76.99 7.29 -18.14
CA ASN D 1575 77.48 8.14 -17.08
C ASN D 1575 78.28 7.29 -16.10
N GLY D 1576 77.81 6.07 -15.86
CA GLY D 1576 78.51 5.14 -14.98
C GLY D 1576 79.94 4.98 -15.43
N CYS D 1577 80.13 4.65 -16.70
CA CYS D 1577 81.45 4.46 -17.25
C CYS D 1577 82.29 5.74 -17.22
N LEU D 1578 81.76 6.83 -17.80
CA LEU D 1578 82.50 8.09 -17.81
C LEU D 1578 82.97 8.46 -16.40
N GLN D 1579 82.27 7.96 -15.38
CA GLN D 1579 82.63 8.18 -13.99
C GLN D 1579 83.76 7.24 -13.58
N VAL D 1580 83.66 5.99 -14.02
CA VAL D 1580 84.69 5.02 -13.74
C VAL D 1580 85.98 5.43 -14.41
N LEU D 1581 85.86 5.88 -15.66
CA LEU D 1581 87.01 6.36 -16.40
C LEU D 1581 87.78 7.41 -15.61
N ASN D 1582 87.06 8.29 -14.96
CA ASN D 1582 87.70 9.38 -14.27
C ASN D 1582 87.95 9.11 -12.79
N THR D 1583 87.93 7.84 -12.39
CA THR D 1583 88.22 7.47 -11.00
C THR D 1583 88.97 6.15 -10.89
N GLY D 1584 88.74 5.26 -11.85
CA GLY D 1584 89.38 3.96 -11.82
C GLY D 1584 88.68 3.05 -10.84
N ILE D 1585 87.59 3.53 -10.26
CA ILE D 1585 86.78 2.73 -9.36
C ILE D 1585 85.69 1.97 -10.09
N VAL D 1586 85.84 0.65 -10.17
CA VAL D 1586 84.84 -0.16 -10.83
C VAL D 1586 83.86 -0.66 -9.80
N PRO D 1587 82.64 -0.10 -9.80
CA PRO D 1587 81.66 -0.34 -8.74
C PRO D 1587 81.10 -1.75 -8.80
N GLY D 1588 81.13 -2.44 -7.68
CA GLY D 1588 80.62 -3.79 -7.62
C GLY D 1588 79.11 -3.79 -7.75
N ASN D 1589 78.53 -4.98 -7.64
CA ASN D 1589 77.10 -5.17 -7.78
C ASN D 1589 76.57 -5.86 -6.53
N ARG D 1590 76.03 -5.09 -5.59
CA ARG D 1590 75.75 -5.60 -4.24
C ARG D 1590 74.69 -6.69 -4.22
N ASN D 1591 73.76 -6.61 -5.16
CA ASN D 1591 72.70 -7.58 -5.25
C ASN D 1591 73.11 -8.84 -6.02
N ALA D 1592 74.40 -8.96 -6.29
CA ALA D 1592 74.92 -10.15 -6.95
C ALA D 1592 74.95 -11.31 -5.96
N ASP D 1593 73.86 -11.47 -5.23
CA ASP D 1593 73.59 -12.63 -4.39
C ASP D 1593 74.60 -13.74 -4.59
N ASN D 1594 74.40 -14.49 -5.67
CA ASN D 1594 75.23 -15.63 -6.00
C ASN D 1594 75.06 -15.95 -7.46
N VAL D 1595 76.08 -15.62 -8.25
CA VAL D 1595 75.97 -15.62 -9.71
C VAL D 1595 75.67 -16.98 -10.35
N ASP D 1596 74.72 -16.97 -11.27
CA ASP D 1596 74.22 -18.18 -11.91
C ASP D 1596 75.36 -19.02 -12.49
N LYS D 1597 75.34 -20.32 -12.19
CA LYS D 1597 76.33 -21.26 -12.74
C LYS D 1597 76.50 -21.18 -14.26
N VAL D 1598 75.46 -20.74 -14.96
CA VAL D 1598 75.51 -20.63 -16.40
C VAL D 1598 76.53 -19.59 -16.84
N MET D 1599 76.76 -18.59 -16.00
CA MET D 1599 77.71 -17.53 -16.32
C MET D 1599 79.18 -17.94 -16.24
N GLU D 1600 79.44 -19.15 -15.75
CA GLU D 1600 80.81 -19.64 -15.64
C GLU D 1600 81.44 -19.87 -17.02
N GLN D 1601 80.63 -20.36 -17.97
CA GLN D 1601 81.07 -20.56 -19.35
C GLN D 1601 81.80 -19.36 -19.93
N PHE D 1602 81.56 -18.19 -19.36
CA PHE D 1602 81.98 -16.92 -19.95
C PHE D 1602 83.31 -16.48 -19.38
N ASP D 1603 84.37 -17.07 -19.93
CA ASP D 1603 85.73 -16.85 -19.47
C ASP D 1603 86.01 -15.36 -19.31
N TYR D 1604 85.67 -14.61 -20.34
CA TYR D 1604 86.20 -13.26 -20.49
C TYR D 1604 85.50 -12.23 -19.62
N ILE D 1605 84.45 -12.65 -18.93
CA ILE D 1605 83.70 -11.73 -18.09
C ILE D 1605 83.84 -12.12 -16.63
N VAL D 1606 84.02 -11.12 -15.77
CA VAL D 1606 84.03 -11.41 -14.33
C VAL D 1606 83.10 -10.46 -13.60
N TYR D 1607 82.38 -10.98 -12.60
CA TYR D 1607 81.27 -10.26 -12.00
C TYR D 1607 81.54 -9.81 -10.58
N PRO D 1608 81.91 -8.54 -10.41
CA PRO D 1608 82.30 -7.91 -9.13
C PRO D 1608 81.12 -7.68 -8.22
N SER D 1609 81.23 -8.08 -6.95
CA SER D 1609 80.17 -7.91 -5.98
C SER D 1609 80.61 -6.96 -4.87
N ARG D 1610 81.66 -6.19 -5.16
CA ARG D 1610 82.10 -5.11 -4.29
C ARG D 1610 83.06 -4.25 -5.08
N SER D 1611 83.10 -2.97 -4.77
CA SER D 1611 83.86 -2.01 -5.57
C SER D 1611 85.36 -2.27 -5.59
N ILE D 1612 85.97 -2.19 -6.77
CA ILE D 1612 87.41 -2.37 -6.92
C ILE D 1612 88.06 -1.07 -7.38
N LYS D 1613 89.00 -0.57 -6.59
CA LYS D 1613 89.78 0.60 -6.98
C LYS D 1613 91.01 0.14 -7.73
N THR D 1614 91.10 0.56 -8.99
CA THR D 1614 92.15 0.07 -9.87
C THR D 1614 93.10 1.19 -10.22
N ASP D 1615 94.14 0.87 -11.00
CA ASP D 1615 95.14 1.85 -11.39
C ASP D 1615 94.56 2.83 -12.38
N GLY D 1616 93.49 2.39 -13.04
CA GLY D 1616 92.79 3.22 -14.00
C GLY D 1616 92.19 2.36 -15.11
N ILE D 1617 91.28 2.96 -15.89
CA ILE D 1617 90.71 2.24 -17.03
C ILE D 1617 90.93 2.97 -18.34
N LYS D 1618 91.18 2.18 -19.39
CA LYS D 1618 91.51 2.75 -20.69
C LYS D 1618 90.27 2.91 -21.54
N ALA D 1619 89.57 1.80 -21.77
CA ALA D 1619 88.38 1.83 -22.59
C ALA D 1619 87.29 0.96 -21.98
N PHE D 1620 86.04 1.29 -22.32
CA PHE D 1620 84.90 0.56 -21.81
C PHE D 1620 83.84 0.32 -22.89
N SER D 1621 82.98 -0.66 -22.64
CA SER D 1621 81.92 -0.99 -23.56
C SER D 1621 80.57 -0.96 -22.88
N VAL D 1622 79.82 0.11 -23.12
CA VAL D 1622 78.43 0.16 -22.69
C VAL D 1622 77.51 -0.37 -23.79
N THR D 1623 76.95 -1.56 -23.56
CA THR D 1623 76.06 -2.17 -24.53
C THR D 1623 74.69 -2.29 -23.90
N SER D 1624 73.65 -2.35 -24.72
CA SER D 1624 72.28 -2.51 -24.24
C SER D 1624 71.35 -3.03 -25.33
N PHE D 1625 70.19 -3.53 -24.91
CA PHE D 1625 69.24 -4.10 -25.82
C PHE D 1625 67.86 -3.54 -25.55
N GLY D 1626 66.89 -3.85 -26.41
CA GLY D 1626 65.55 -3.31 -26.25
C GLY D 1626 64.51 -4.14 -26.97
N PHE D 1627 63.26 -3.70 -26.90
CA PHE D 1627 62.18 -4.40 -27.58
C PHE D 1627 62.28 -4.19 -29.08
N GLY D 1628 61.81 -5.16 -29.84
CA GLY D 1628 61.80 -5.05 -31.29
C GLY D 1628 63.19 -5.14 -31.86
N GLN D 1629 63.93 -6.14 -31.38
CA GLN D 1629 65.28 -6.46 -31.87
C GLN D 1629 66.22 -5.26 -32.00
N LYS D 1630 66.11 -4.35 -31.03
CA LYS D 1630 66.91 -3.13 -30.98
C LYS D 1630 68.16 -3.44 -30.16
N GLY D 1631 69.32 -3.52 -30.81
CA GLY D 1631 70.57 -3.78 -30.10
C GLY D 1631 71.62 -2.72 -30.40
N ALA D 1632 72.17 -2.09 -29.37
CA ALA D 1632 73.11 -0.98 -29.56
C ALA D 1632 74.28 -1.04 -28.59
N GLN D 1633 75.49 -0.80 -29.09
CA GLN D 1633 76.68 -0.88 -28.28
C GLN D 1633 77.55 0.33 -28.51
N ALA D 1634 78.20 0.81 -27.46
CA ALA D 1634 79.08 1.95 -27.58
C ALA D 1634 80.40 1.69 -26.87
N ILE D 1635 81.49 2.21 -27.42
CA ILE D 1635 82.82 2.08 -26.82
C ILE D 1635 83.39 3.44 -26.48
N GLY D 1636 83.87 3.59 -25.25
CA GLY D 1636 84.45 4.84 -24.80
C GLY D 1636 85.91 4.70 -24.42
N VAL D 1637 86.67 5.76 -24.67
CA VAL D 1637 88.11 5.72 -24.43
C VAL D 1637 88.58 6.90 -23.60
N HIS D 1638 89.44 6.61 -22.62
CA HIS D 1638 89.90 7.62 -21.66
C HIS D 1638 90.44 8.87 -22.34
N PRO D 1639 90.11 10.06 -21.80
CA PRO D 1639 90.54 11.40 -22.24
C PRO D 1639 92.04 11.54 -22.53
N LYS D 1640 92.89 10.92 -21.72
CA LYS D 1640 94.32 11.02 -21.91
C LYS D 1640 94.67 10.78 -23.38
N TYR D 1641 94.17 9.69 -23.96
CA TYR D 1641 94.48 9.32 -25.35
C TYR D 1641 94.17 10.40 -26.39
N LEU D 1642 93.16 11.23 -26.16
CA LEU D 1642 92.93 12.35 -27.05
C LEU D 1642 94.06 13.34 -26.90
N PHE D 1643 94.38 13.66 -25.65
CA PHE D 1643 95.40 14.64 -25.33
C PHE D 1643 96.76 14.25 -25.89
N ALA D 1644 96.96 12.96 -26.10
CA ALA D 1644 98.20 12.43 -26.69
C ALA D 1644 98.27 12.68 -28.21
N THR D 1645 97.45 13.59 -28.71
CA THR D 1645 97.47 13.96 -30.11
C THR D 1645 98.14 15.31 -30.25
N LEU D 1646 98.25 16.01 -29.14
CA LEU D 1646 98.71 17.39 -29.16
C LEU D 1646 100.20 17.54 -28.80
N ASP D 1647 100.56 18.77 -28.44
CA ASP D 1647 101.87 19.08 -27.90
C ASP D 1647 101.64 19.50 -26.46
N LYS D 1648 102.64 19.29 -25.61
CA LYS D 1648 102.58 19.86 -24.27
C LYS D 1648 102.21 21.34 -24.44
N ALA D 1649 102.60 21.88 -25.59
CA ALA D 1649 102.25 23.25 -25.96
C ALA D 1649 100.75 23.48 -25.80
N GLN D 1650 100.00 22.80 -26.66
CA GLN D 1650 98.56 22.95 -26.75
C GLN D 1650 97.89 22.49 -25.47
N TYR D 1651 98.13 21.23 -25.12
CA TYR D 1651 97.49 20.62 -23.96
C TYR D 1651 97.55 21.52 -22.73
N GLU D 1652 98.71 22.09 -22.47
CA GLU D 1652 98.91 22.91 -21.27
C GLU D 1652 98.32 24.32 -21.41
N ALA D 1653 97.95 24.67 -22.64
CA ALA D 1653 97.27 25.93 -22.89
C ALA D 1653 95.78 25.72 -22.70
N TYR D 1654 95.31 24.53 -23.05
CA TYR D 1654 93.93 24.13 -22.83
C TYR D 1654 93.69 23.93 -21.34
N CYS D 1655 94.66 23.32 -20.66
CA CYS D 1655 94.54 23.04 -19.24
C CYS D 1655 94.28 24.28 -18.43
N VAL D 1656 94.65 25.44 -18.97
CA VAL D 1656 94.42 26.69 -18.24
C VAL D 1656 93.02 27.23 -18.48
N LYS D 1657 92.52 27.07 -19.70
CA LYS D 1657 91.17 27.48 -20.04
C LYS D 1657 90.19 26.70 -19.19
N VAL D 1658 90.42 25.40 -19.12
CA VAL D 1658 89.56 24.49 -18.37
C VAL D 1658 89.32 24.95 -16.93
N GLN D 1659 90.40 25.24 -16.21
CA GLN D 1659 90.30 25.59 -14.80
C GLN D 1659 89.70 26.96 -14.52
N ALA D 1660 89.69 27.82 -15.54
CA ALA D 1660 88.99 29.09 -15.46
C ALA D 1660 87.50 28.84 -15.50
N ARG D 1661 87.08 27.97 -16.42
CA ARG D 1661 85.69 27.55 -16.51
C ARG D 1661 85.19 26.94 -15.22
N GLN D 1662 85.96 25.97 -14.71
CA GLN D 1662 85.61 25.28 -13.47
C GLN D 1662 85.32 26.27 -12.35
N LYS D 1663 85.88 27.47 -12.46
CA LYS D 1663 85.67 28.45 -11.43
C LYS D 1663 84.42 29.30 -11.67
N LYS D 1664 84.05 29.48 -12.94
CA LYS D 1664 82.79 30.12 -13.27
C LYS D 1664 81.68 29.15 -12.94
N ALA D 1665 81.90 27.90 -13.32
CA ALA D 1665 80.96 26.81 -13.07
C ALA D 1665 80.73 26.62 -11.58
N TYR D 1666 81.82 26.64 -10.82
CA TYR D 1666 81.73 26.53 -9.38
C TYR D 1666 80.89 27.68 -8.81
N ARG D 1667 81.19 28.90 -9.24
CA ARG D 1667 80.46 30.06 -8.75
C ARG D 1667 78.97 29.89 -9.02
N PHE D 1668 78.66 29.51 -10.25
CA PHE D 1668 77.29 29.40 -10.71
C PHE D 1668 76.49 28.42 -9.86
N PHE D 1669 77.00 27.18 -9.79
CA PHE D 1669 76.34 26.12 -9.05
C PHE D 1669 75.96 26.52 -7.63
N HIS D 1670 76.90 27.14 -6.91
CA HIS D 1670 76.63 27.50 -5.53
C HIS D 1670 75.66 28.67 -5.45
N ASN D 1671 75.83 29.64 -6.33
CA ASN D 1671 74.87 30.70 -6.42
C ASN D 1671 73.47 30.15 -6.72
N GLY D 1672 73.43 29.14 -7.57
CA GLY D 1672 72.17 28.57 -8.00
C GLY D 1672 71.52 27.67 -6.97
N LEU D 1673 72.31 26.86 -6.27
CA LEU D 1673 71.78 26.00 -5.22
C LEU D 1673 71.04 26.81 -4.17
N ILE D 1674 71.64 27.94 -3.80
CA ILE D 1674 71.10 28.80 -2.77
C ILE D 1674 69.86 29.53 -3.26
N ASN D 1675 69.96 30.10 -4.46
CA ASN D 1675 68.92 30.99 -4.98
C ASN D 1675 67.92 30.32 -5.92
N ASN D 1676 68.08 29.02 -6.15
CA ASN D 1676 67.16 28.26 -6.99
C ASN D 1676 67.18 28.66 -8.45
N LYS D 1677 68.38 28.80 -9.00
CA LYS D 1677 68.52 29.21 -10.39
C LYS D 1677 69.59 28.40 -11.13
N LEU D 1678 69.55 27.09 -10.99
CA LEU D 1678 70.39 26.22 -11.80
C LEU D 1678 69.80 26.19 -13.21
N PHE D 1679 68.54 26.60 -13.30
CA PHE D 1679 67.84 26.69 -14.57
C PHE D 1679 67.43 28.15 -14.83
N VAL D 1680 67.98 28.72 -15.88
CA VAL D 1680 67.53 30.03 -16.31
C VAL D 1680 66.85 29.89 -17.65
N ALA D 1681 65.55 30.20 -17.67
CA ALA D 1681 64.77 30.18 -18.88
C ALA D 1681 65.11 31.40 -19.73
N LYS D 1682 65.43 31.15 -20.99
CA LYS D 1682 65.70 32.25 -21.90
C LYS D 1682 64.38 32.84 -22.37
N ASP D 1683 64.30 34.16 -22.36
CA ASP D 1683 63.12 34.86 -22.85
C ASP D 1683 63.26 35.26 -24.31
N LYS D 1684 64.06 36.28 -24.60
CA LYS D 1684 64.33 36.66 -25.98
C LYS D 1684 65.44 35.82 -26.59
N ALA D 1685 65.37 35.59 -27.91
CA ALA D 1685 66.45 34.92 -28.63
C ALA D 1685 67.63 35.89 -28.75
N PRO D 1686 68.78 35.40 -29.26
CA PRO D 1686 69.99 36.23 -29.30
C PRO D 1686 69.86 37.43 -30.23
N TYR D 1687 69.24 37.23 -31.38
CA TYR D 1687 69.16 38.26 -32.39
C TYR D 1687 67.84 39.00 -32.30
N GLU D 1688 67.88 40.31 -32.47
CA GLU D 1688 66.66 41.09 -32.59
C GLU D 1688 65.93 40.54 -33.79
N ASP D 1689 64.62 40.72 -33.83
CA ASP D 1689 63.83 40.08 -34.87
C ASP D 1689 64.21 40.53 -36.28
N ARG D 1690 64.47 41.83 -36.44
CA ARG D 1690 64.80 42.41 -37.75
C ARG D 1690 66.01 41.74 -38.41
N ILE D 1691 66.92 41.19 -37.60
CA ILE D 1691 68.16 40.63 -38.12
C ILE D 1691 68.03 39.17 -38.53
N GLN D 1692 67.01 38.51 -37.99
CA GLN D 1692 66.93 37.05 -38.07
C GLN D 1692 67.36 36.43 -39.39
N SER D 1693 66.74 36.86 -40.49
CA SER D 1693 67.02 36.24 -41.78
C SER D 1693 68.51 36.32 -42.10
N LYS D 1694 69.12 37.45 -41.75
CA LYS D 1694 70.54 37.66 -42.03
C LYS D 1694 71.43 36.73 -41.20
N VAL D 1695 71.17 36.68 -39.90
CA VAL D 1695 71.92 35.80 -39.01
C VAL D 1695 71.84 34.35 -39.47
N PHE D 1696 70.64 33.95 -39.90
CA PHE D 1696 70.36 32.61 -40.35
C PHE D 1696 71.16 32.24 -41.59
N LEU D 1697 71.61 33.26 -42.31
CA LEU D 1697 72.20 33.05 -43.63
C LEU D 1697 73.69 33.35 -43.69
N ASN D 1698 74.16 34.17 -42.75
CA ASN D 1698 75.58 34.47 -42.63
C ASN D 1698 76.26 33.41 -41.76
N PRO D 1699 76.89 32.40 -42.40
CA PRO D 1699 77.43 31.21 -41.73
C PRO D 1699 78.59 31.53 -40.80
N GLN D 1700 78.81 32.82 -40.54
CA GLN D 1700 79.91 33.24 -39.68
C GLN D 1700 79.43 34.21 -38.62
N SER D 1701 78.18 34.64 -38.75
CA SER D 1701 77.58 35.53 -37.76
C SER D 1701 77.65 34.84 -36.41
N ARG D 1702 78.24 35.52 -35.44
CA ARG D 1702 78.37 34.94 -34.10
C ARG D 1702 78.14 36.00 -33.04
N VAL D 1703 77.66 35.55 -31.89
CA VAL D 1703 77.27 36.41 -30.78
C VAL D 1703 78.47 37.07 -30.09
N THR D 1704 78.34 38.35 -29.80
CA THR D 1704 79.37 39.08 -29.07
C THR D 1704 78.87 39.39 -27.66
N GLN D 1705 79.81 39.46 -26.72
CA GLN D 1705 79.51 39.93 -25.38
C GLN D 1705 78.92 41.34 -25.45
N GLU D 1706 78.00 41.66 -24.55
CA GLU D 1706 77.32 42.97 -24.61
C GLU D 1706 77.36 43.82 -23.34
N SER D 1707 76.80 45.02 -23.46
CA SER D 1707 76.93 46.08 -22.44
C SER D 1707 76.07 45.90 -21.19
N ASN D 1708 75.62 44.67 -20.98
CA ASN D 1708 75.12 44.27 -19.66
C ASN D 1708 75.84 43.00 -19.23
N GLY D 1709 76.28 42.23 -20.22
CA GLY D 1709 76.86 40.92 -20.00
C GLY D 1709 76.05 39.85 -20.71
N GLU D 1710 75.00 40.27 -21.40
CA GLU D 1710 74.17 39.36 -22.18
C GLU D 1710 74.81 39.04 -23.51
N LEU D 1711 74.46 37.88 -24.05
CA LEU D 1711 74.98 37.48 -25.34
C LEU D 1711 74.01 37.81 -26.46
N LYS D 1712 74.47 38.62 -27.40
CA LYS D 1712 73.61 39.11 -28.46
C LYS D 1712 74.34 39.23 -29.78
N PHE D 1713 73.66 38.85 -30.85
CA PHE D 1713 74.11 39.12 -32.19
C PHE D 1713 73.98 40.62 -32.42
N PRO D 1714 75.05 41.25 -32.96
CA PRO D 1714 75.13 42.70 -33.13
C PRO D 1714 74.17 43.18 -34.22
N ALA D 1715 73.69 44.42 -34.14
CA ALA D 1715 72.88 44.98 -35.22
C ALA D 1715 73.66 44.97 -36.55
N MET E 1 32.49 108.54 -51.11
CA MET E 1 31.25 108.28 -50.38
C MET E 1 30.08 107.93 -51.31
N ARG E 2 30.39 107.59 -52.56
CA ARG E 2 29.38 107.10 -53.49
C ARG E 2 29.16 105.62 -53.18
N PRO E 3 27.89 105.21 -52.96
CA PRO E 3 27.58 103.80 -52.68
C PRO E 3 28.01 102.87 -53.81
N GLU E 4 27.65 103.24 -55.05
CA GLU E 4 28.02 102.48 -56.23
C GLU E 4 29.54 102.26 -56.30
N VAL E 5 30.28 103.30 -55.89
CA VAL E 5 31.75 103.30 -55.93
C VAL E 5 32.33 102.45 -54.82
N GLU E 6 31.89 102.71 -53.59
CA GLU E 6 32.36 101.94 -52.43
C GLU E 6 32.26 100.44 -52.67
N GLN E 7 31.22 100.03 -53.39
CA GLN E 7 31.02 98.63 -53.76
C GLN E 7 32.15 98.10 -54.63
N GLU E 8 32.23 98.62 -55.84
CA GLU E 8 33.23 98.16 -56.80
C GLU E 8 34.66 98.20 -56.22
N LEU E 9 34.88 99.10 -55.28
CA LEU E 9 36.19 99.20 -54.60
C LEU E 9 36.43 98.03 -53.67
N ALA E 10 35.67 97.98 -52.58
CA ALA E 10 35.79 96.90 -51.60
C ALA E 10 35.75 95.54 -52.29
N TYR E 11 35.01 95.50 -53.39
CA TYR E 11 34.91 94.31 -54.22
C TYR E 11 36.28 93.86 -54.69
N THR E 12 36.93 94.66 -55.54
CA THR E 12 38.18 94.24 -56.15
C THR E 12 39.31 94.16 -55.13
N LEU E 13 39.23 94.97 -54.07
CA LEU E 13 40.18 94.88 -52.97
C LEU E 13 40.11 93.49 -52.30
N LEU E 14 38.87 93.07 -52.04
CA LEU E 14 38.57 91.74 -51.54
C LEU E 14 39.05 90.69 -52.54
N VAL E 15 38.58 90.80 -53.79
CA VAL E 15 38.94 89.85 -54.84
C VAL E 15 40.45 89.67 -54.97
N GLU E 16 41.18 90.77 -54.87
CA GLU E 16 42.63 90.73 -54.94
C GLU E 16 43.20 90.15 -53.66
N LEU E 17 42.70 90.64 -52.53
CA LEU E 17 43.17 90.22 -51.20
C LEU E 17 43.19 88.70 -51.07
N LEU E 18 42.08 88.06 -51.45
CA LEU E 18 41.96 86.61 -51.42
C LEU E 18 42.93 85.99 -52.42
N ALA E 19 42.84 86.46 -53.66
CA ALA E 19 43.64 85.93 -54.75
C ALA E 19 45.10 85.74 -54.36
N TYR E 20 45.71 86.78 -53.81
CA TYR E 20 47.15 86.75 -53.54
C TYR E 20 47.52 86.07 -52.23
N GLN E 21 46.51 85.68 -51.46
CA GLN E 21 46.76 85.02 -50.17
C GLN E 21 47.63 83.77 -50.33
N PHE E 22 47.44 83.07 -51.44
CA PHE E 22 48.32 81.95 -51.80
C PHE E 22 49.76 82.31 -51.50
N ALA E 23 50.21 83.40 -52.09
CA ALA E 23 51.63 83.70 -52.23
C ALA E 23 52.17 84.73 -51.24
N MET E 24 51.39 85.02 -50.21
CA MET E 24 51.83 85.93 -49.17
C MET E 24 51.93 85.17 -47.87
N PRO E 25 53.01 85.38 -47.11
CA PRO E 25 53.05 84.78 -45.78
C PRO E 25 51.84 85.22 -44.92
N VAL E 26 51.48 84.38 -43.96
CA VAL E 26 50.36 84.63 -43.08
C VAL E 26 50.86 85.31 -41.80
N ARG E 27 50.67 86.62 -41.71
CA ARG E 27 51.11 87.38 -40.55
C ARG E 27 50.09 87.33 -39.41
N TRP E 28 49.96 86.15 -38.81
CA TRP E 28 48.97 85.93 -37.75
C TRP E 28 49.36 86.65 -36.48
N ILE E 29 50.64 86.99 -36.36
CA ILE E 29 51.11 87.74 -35.21
C ILE E 29 50.40 89.09 -35.16
N GLU E 30 50.66 89.91 -36.17
CA GLU E 30 50.16 91.27 -36.23
C GLU E 30 48.64 91.30 -36.27
N THR E 31 48.05 90.24 -36.80
CA THR E 31 46.59 90.10 -36.84
C THR E 31 46.07 89.89 -35.42
N GLN E 32 46.77 89.02 -34.68
CA GLN E 32 46.48 88.74 -33.28
C GLN E 32 46.61 90.00 -32.44
N ASP E 33 47.56 90.84 -32.84
CA ASP E 33 47.88 92.04 -32.09
C ASP E 33 46.86 93.17 -32.29
N VAL E 34 46.23 93.21 -33.46
CA VAL E 34 45.16 94.18 -33.70
C VAL E 34 43.96 93.85 -32.83
N ILE E 35 43.80 92.56 -32.52
CA ILE E 35 42.68 92.11 -31.72
C ILE E 35 42.93 92.34 -30.23
N LEU E 36 44.15 92.08 -29.79
CA LEU E 36 44.49 92.16 -28.37
C LEU E 36 44.86 93.57 -27.92
N ALA E 37 45.61 94.29 -28.75
CA ALA E 37 46.15 95.60 -28.39
C ALA E 37 45.29 96.77 -28.89
N GLU E 38 44.97 96.77 -30.19
CA GLU E 38 44.28 97.88 -30.82
C GLU E 38 42.81 97.95 -30.42
N LYS E 39 42.11 96.83 -30.54
CA LYS E 39 40.68 96.78 -30.22
C LYS E 39 40.41 96.15 -28.84
N ARG E 40 41.50 95.88 -28.12
CA ARG E 40 41.47 95.34 -26.76
C ARG E 40 40.26 94.48 -26.43
N THR E 41 40.09 93.39 -27.17
CA THR E 41 38.92 92.53 -26.96
C THR E 41 39.04 91.71 -25.68
N GLU E 42 37.95 91.68 -24.92
CA GLU E 42 37.92 90.91 -23.68
C GLU E 42 37.48 89.48 -23.95
N ARG E 43 37.01 89.24 -25.16
CA ARG E 43 36.43 87.95 -25.50
C ARG E 43 36.88 87.51 -26.87
N ILE E 44 38.02 86.82 -26.92
CA ILE E 44 38.43 86.17 -28.16
C ILE E 44 37.63 84.88 -28.29
N VAL E 45 36.93 84.74 -29.42
CA VAL E 45 36.23 83.49 -29.70
C VAL E 45 36.78 82.83 -30.96
N GLU E 46 37.01 81.52 -30.85
CA GLU E 46 37.55 80.73 -31.93
C GLU E 46 36.43 79.88 -32.48
N ILE E 47 36.49 79.59 -33.77
CA ILE E 47 35.51 78.69 -34.36
C ILE E 47 36.20 77.65 -35.24
N GLY E 48 36.09 76.39 -34.82
CA GLY E 48 36.71 75.29 -35.53
C GLY E 48 36.54 74.00 -34.75
N PRO E 49 37.25 72.96 -35.17
CA PRO E 49 37.20 71.63 -34.56
C PRO E 49 38.21 71.45 -33.40
N SER E 50 39.14 72.38 -33.27
CA SER E 50 40.14 72.31 -32.21
C SER E 50 40.48 73.70 -31.69
N ASP E 51 41.09 73.78 -30.51
CA ASP E 51 41.49 75.07 -29.95
C ASP E 51 42.92 75.43 -30.35
N THR E 52 43.16 75.36 -31.66
CA THR E 52 44.49 75.63 -32.19
C THR E 52 44.86 77.13 -32.12
N LEU E 53 43.96 78.00 -32.56
CA LEU E 53 44.14 79.46 -32.46
C LEU E 53 44.00 79.96 -31.03
N GLY E 54 43.43 79.12 -30.17
CA GLY E 54 43.18 79.45 -28.78
C GLY E 54 44.41 79.37 -27.90
N GLY E 55 45.10 78.23 -27.92
CA GLY E 55 46.36 78.06 -27.22
C GLY E 55 47.47 78.82 -27.93
N MET E 56 47.10 79.39 -29.07
CA MET E 56 47.99 80.25 -29.84
C MET E 56 47.87 81.68 -29.34
N ALA E 57 46.62 82.10 -29.09
CA ALA E 57 46.34 83.42 -28.54
C ALA E 57 46.61 83.48 -27.03
N ARG E 58 46.60 82.32 -26.38
CA ARG E 58 47.00 82.25 -24.98
C ARG E 58 48.50 82.48 -24.86
N ARG E 59 49.24 81.94 -25.82
CA ARG E 59 50.69 82.02 -25.82
C ARG E 59 51.22 83.42 -26.14
N THR E 60 50.46 84.17 -26.94
CA THR E 60 50.81 85.57 -27.21
C THR E 60 50.43 86.46 -26.02
N LEU E 61 49.65 85.91 -25.09
CA LEU E 61 49.32 86.61 -23.86
C LEU E 61 50.39 86.41 -22.79
N GLN E 62 51.22 85.40 -22.98
CA GLN E 62 52.27 85.09 -22.01
C GLN E 62 53.58 85.74 -22.41
N SER E 63 53.94 85.66 -23.68
CA SER E 63 55.23 86.17 -24.15
C SER E 63 55.26 87.71 -24.27
N LYS E 64 54.19 88.30 -24.77
CA LYS E 64 54.14 89.76 -24.91
C LYS E 64 53.25 90.46 -23.87
N TYR E 65 52.00 90.02 -23.76
CA TYR E 65 50.96 90.82 -23.09
C TYR E 65 50.89 90.68 -21.57
N GLU E 66 51.92 90.08 -20.97
CA GLU E 66 51.93 89.87 -19.53
C GLU E 66 51.69 91.17 -18.76
N ALA E 67 52.52 92.16 -19.02
CA ALA E 67 52.46 93.44 -18.31
C ALA E 67 51.29 94.31 -18.76
N TYR E 68 51.02 94.33 -20.06
CA TYR E 68 49.94 95.16 -20.63
C TYR E 68 48.60 94.84 -19.98
N ASP E 69 48.28 93.55 -19.88
CA ASP E 69 47.00 93.13 -19.30
C ASP E 69 46.94 93.45 -17.81
N ALA E 70 48.03 93.17 -17.11
CA ALA E 70 48.10 93.38 -15.67
C ALA E 70 48.00 94.86 -15.30
N ALA E 71 48.58 95.72 -16.14
CA ALA E 71 48.51 97.17 -15.93
C ALA E 71 47.14 97.74 -16.34
N THR E 72 46.76 97.51 -17.59
CA THR E 72 45.52 98.06 -18.16
C THR E 72 44.25 97.56 -17.46
N SER E 73 44.38 96.48 -16.67
CA SER E 73 43.22 95.88 -16.02
C SER E 73 42.30 95.20 -17.04
N VAL E 74 42.88 94.81 -18.17
CA VAL E 74 42.13 94.14 -19.23
C VAL E 74 41.75 92.71 -18.85
N GLN E 75 40.45 92.44 -18.83
CA GLN E 75 39.96 91.09 -18.60
C GLN E 75 39.88 90.35 -19.95
N ARG E 76 40.48 89.16 -20.02
CA ARG E 76 40.52 88.40 -21.26
C ARG E 76 39.98 86.97 -21.12
N GLN E 77 39.15 86.58 -22.08
CA GLN E 77 38.43 85.31 -22.05
C GLN E 77 38.53 84.63 -23.42
N ILE E 78 39.36 83.59 -23.53
CA ILE E 78 39.58 82.89 -24.79
C ILE E 78 38.72 81.63 -24.88
N LEU E 79 37.78 81.63 -25.83
CA LEU E 79 36.82 80.54 -25.97
C LEU E 79 36.93 79.82 -27.32
N CYS E 80 37.23 78.52 -27.28
CA CYS E 80 37.12 77.68 -28.47
C CYS E 80 35.68 77.19 -28.62
N TYR E 81 35.28 76.81 -29.83
CA TYR E 81 33.90 76.37 -30.04
C TYR E 81 33.64 75.07 -29.32
N CYS E 82 34.49 74.09 -29.56
CA CYS E 82 34.35 72.74 -29.01
C CYS E 82 34.41 72.75 -27.48
N LYS E 83 35.60 73.03 -26.96
CA LYS E 83 35.87 73.00 -25.51
C LYS E 83 34.96 73.92 -24.69
N ASP E 84 35.04 75.23 -24.95
CA ASP E 84 34.29 76.22 -24.19
C ASP E 84 32.90 76.44 -24.76
N ALA E 85 32.19 75.33 -24.99
CA ALA E 85 30.93 75.32 -25.71
C ALA E 85 29.82 76.17 -25.10
N LYS E 86 29.55 75.97 -23.81
CA LYS E 86 28.37 76.58 -23.19
C LYS E 86 28.51 78.07 -22.86
N GLU E 87 29.73 78.53 -22.67
CA GLU E 87 29.96 79.93 -22.34
C GLU E 87 29.72 80.84 -23.54
N ILE E 88 29.82 80.27 -24.73
CA ILE E 88 29.51 81.00 -25.95
C ILE E 88 28.02 81.26 -26.02
N TYR E 89 27.22 80.22 -25.78
CA TYR E 89 25.77 80.28 -25.94
C TYR E 89 25.05 80.75 -24.67
N TYR E 90 25.82 81.27 -23.73
CA TYR E 90 25.26 81.77 -22.48
C TYR E 90 24.32 80.78 -21.82
N ASP E 91 24.76 79.53 -21.70
CA ASP E 91 23.97 78.49 -21.02
C ASP E 91 24.62 78.02 -19.71
N VAL E 92 24.02 78.41 -18.59
CA VAL E 92 24.44 77.93 -17.28
C VAL E 92 23.24 77.44 -16.49
N GLU E 93 23.50 76.63 -15.46
CA GLU E 93 22.46 76.13 -14.58
C GLU E 93 22.38 76.93 -13.27
N PRO E 94 21.18 77.00 -12.66
CA PRO E 94 20.88 77.79 -11.45
C PRO E 94 21.70 77.41 -10.22
N ILE E 325 7.94 23.02 7.16
CA ILE E 325 6.56 22.55 6.92
C ILE E 325 6.57 21.28 6.08
N ASP E 326 6.62 21.49 4.76
CA ASP E 326 6.47 20.40 3.78
C ASP E 326 7.74 19.57 3.66
N ALA E 327 8.70 19.79 4.55
CA ALA E 327 9.86 18.93 4.65
C ALA E 327 9.43 17.65 5.37
N LEU E 328 8.61 17.83 6.40
CA LEU E 328 8.06 16.73 7.18
C LEU E 328 7.01 15.95 6.38
N THR E 329 6.83 16.33 5.12
CA THR E 329 5.90 15.62 4.23
C THR E 329 6.44 15.45 2.81
N LYS E 330 7.52 16.16 2.47
CA LYS E 330 8.17 15.92 1.19
C LYS E 330 8.76 14.52 1.22
N ASP E 331 8.89 14.01 2.44
CA ASP E 331 9.30 12.63 2.64
C ASP E 331 8.17 11.70 2.18
N GLN E 332 6.96 11.99 2.66
CA GLN E 332 5.74 11.31 2.24
C GLN E 332 5.67 11.22 0.72
N ARG E 333 5.52 12.39 0.10
CA ARG E 333 5.47 12.52 -1.34
C ARG E 333 6.46 11.60 -2.01
N ALA E 334 7.75 11.87 -1.81
CA ALA E 334 8.81 11.06 -2.38
C ALA E 334 8.48 9.57 -2.30
N LEU E 335 7.99 9.16 -1.13
CA LEU E 335 7.60 7.77 -0.91
C LEU E 335 6.52 7.34 -1.87
N PHE E 336 5.37 7.99 -1.77
CA PHE E 336 4.24 7.59 -2.59
C PHE E 336 4.56 7.65 -4.08
N LYS E 337 5.33 8.66 -4.49
CA LYS E 337 5.67 8.79 -5.90
C LYS E 337 6.38 7.53 -6.41
N GLN E 338 7.26 6.97 -5.61
CA GLN E 338 7.91 5.70 -5.96
C GLN E 338 6.87 4.61 -5.95
N GLN E 339 6.03 4.60 -4.93
CA GLN E 339 4.99 3.61 -4.81
C GLN E 339 4.13 3.57 -6.07
N LEU E 340 3.92 4.74 -6.66
CA LEU E 340 3.17 4.89 -7.90
C LEU E 340 3.92 4.19 -9.01
N GLU E 341 5.19 4.55 -9.15
CA GLU E 341 6.03 4.02 -10.20
C GLU E 341 5.98 2.50 -10.25
N ILE E 342 5.89 1.88 -9.09
CA ILE E 342 5.99 0.42 -9.01
C ILE E 342 4.73 -0.22 -9.51
N ILE E 343 3.62 0.40 -9.15
CA ILE E 343 2.33 -0.08 -9.61
C ILE E 343 2.36 0.00 -11.11
N ALA E 344 2.74 1.18 -11.59
CA ALA E 344 2.87 1.41 -13.02
C ALA E 344 3.66 0.27 -13.64
N ARG E 345 4.87 0.05 -13.15
CA ARG E 345 5.75 -0.97 -13.71
C ARG E 345 5.09 -2.34 -13.71
N TYR E 346 4.23 -2.56 -12.73
CA TYR E 346 3.60 -3.85 -12.56
C TYR E 346 2.45 -3.98 -13.53
N LEU E 347 1.80 -2.86 -13.79
CA LEU E 347 0.67 -2.82 -14.71
C LEU E 347 1.16 -2.74 -16.14
N LYS E 348 2.47 -2.64 -16.30
CA LYS E 348 3.07 -2.55 -17.62
C LYS E 348 2.52 -1.37 -18.40
N MET E 349 2.43 -0.21 -17.74
CA MET E 349 1.97 0.99 -18.41
C MET E 349 2.98 2.13 -18.31
N ASP E 350 3.46 2.60 -19.45
CA ASP E 350 4.41 3.72 -19.46
C ASP E 350 3.67 4.98 -19.03
N LEU E 351 4.08 5.55 -17.91
CA LEU E 351 3.39 6.72 -17.41
C LEU E 351 3.56 7.95 -18.34
N ARG E 352 4.79 8.16 -18.78
CA ARG E 352 5.11 9.38 -19.52
C ARG E 352 5.06 9.17 -21.02
N ALA E 353 4.44 8.08 -21.46
CA ALA E 353 4.28 7.78 -22.88
C ALA E 353 3.35 8.79 -23.57
N GLY E 354 2.61 9.51 -22.74
CA GLY E 354 1.73 10.55 -23.22
C GLY E 354 2.55 11.73 -23.67
N ASP E 355 3.43 12.19 -22.79
CA ASP E 355 4.26 13.34 -23.09
C ASP E 355 5.27 13.02 -24.18
N LYS E 356 5.68 11.77 -24.23
CA LYS E 356 6.66 11.35 -25.21
C LYS E 356 6.10 11.59 -26.59
N ALA E 357 4.91 11.04 -26.83
CA ALA E 357 4.28 11.17 -28.13
C ALA E 357 3.90 12.63 -28.48
N PHE E 358 3.63 13.42 -27.45
CA PHE E 358 3.34 14.84 -27.62
C PHE E 358 4.56 15.58 -28.14
N VAL E 359 5.66 15.52 -27.40
CA VAL E 359 6.91 16.11 -27.83
C VAL E 359 7.13 15.82 -29.31
N ALA E 360 7.06 14.54 -29.66
CA ALA E 360 7.30 14.07 -31.01
C ALA E 360 6.47 14.77 -32.07
N SER E 361 5.15 14.78 -31.89
CA SER E 361 4.27 15.39 -32.89
C SER E 361 4.48 16.90 -32.94
N GLN E 362 5.00 17.47 -31.86
CA GLN E 362 5.29 18.89 -31.85
C GLN E 362 6.63 19.24 -32.49
N GLU E 363 7.32 18.23 -32.99
CA GLU E 363 8.50 18.46 -33.80
C GLU E 363 8.10 18.41 -35.25
N SER E 364 7.20 17.48 -35.57
CA SER E 364 6.66 17.40 -36.91
C SER E 364 5.87 18.64 -37.22
N GLN E 365 5.22 19.18 -36.19
CA GLN E 365 4.43 20.41 -36.32
C GLN E 365 5.32 21.63 -36.55
N LYS E 366 6.62 21.48 -36.32
CA LYS E 366 7.58 22.54 -36.64
C LYS E 366 8.05 22.48 -38.08
N ALA E 367 8.16 21.27 -38.60
CA ALA E 367 8.54 21.06 -39.99
C ALA E 367 7.50 21.60 -40.95
N LEU E 368 6.23 21.47 -40.58
CA LEU E 368 5.15 22.02 -41.38
C LEU E 368 5.22 23.53 -41.38
N GLN E 369 5.01 24.11 -40.20
CA GLN E 369 5.09 25.55 -40.05
C GLN E 369 6.35 26.11 -40.70
N ALA E 370 7.39 25.30 -40.73
CA ALA E 370 8.61 25.67 -41.42
C ALA E 370 8.33 25.85 -42.91
N GLN E 371 7.89 24.78 -43.57
CA GLN E 371 7.59 24.82 -45.00
C GLN E 371 6.49 25.84 -45.31
N LEU E 372 5.44 25.82 -44.55
CA LEU E 372 4.35 26.75 -44.76
C LEU E 372 4.81 28.20 -44.57
N ASP E 373 5.93 28.39 -43.89
CA ASP E 373 6.44 29.75 -43.70
C ASP E 373 7.20 30.20 -44.93
N LEU E 374 7.55 29.24 -45.78
CA LEU E 374 8.20 29.52 -47.05
C LEU E 374 7.21 30.13 -48.01
N TRP E 375 6.14 29.37 -48.27
CA TRP E 375 5.06 29.86 -49.11
C TRP E 375 4.67 31.27 -48.71
N GLN E 376 4.52 31.48 -47.41
CA GLN E 376 4.08 32.76 -46.87
C GLN E 376 5.03 33.89 -47.24
N ALA E 377 6.30 33.54 -47.46
CA ALA E 377 7.31 34.56 -47.66
C ALA E 377 7.54 34.84 -49.13
N GLU E 378 7.28 33.85 -49.95
CA GLU E 378 7.52 33.98 -51.38
C GLU E 378 6.33 34.59 -52.13
N HIS E 379 5.21 34.75 -51.43
CA HIS E 379 3.98 35.21 -52.08
C HIS E 379 3.27 36.34 -51.37
N GLY E 380 3.39 36.43 -50.05
CA GLY E 380 2.68 37.45 -49.30
C GLY E 380 1.21 37.16 -49.11
N ASP E 381 0.60 37.90 -48.19
CA ASP E 381 -0.75 37.58 -47.69
C ASP E 381 -1.85 37.70 -48.72
N ILE E 382 -1.92 38.87 -49.34
CA ILE E 382 -3.01 39.18 -50.23
C ILE E 382 -3.13 38.10 -51.31
N TYR E 383 -1.97 37.61 -51.77
CA TYR E 383 -1.89 36.54 -52.74
C TYR E 383 -2.48 35.29 -52.12
N ALA E 384 -1.92 34.92 -50.99
CA ALA E 384 -2.36 33.75 -50.26
C ALA E 384 -3.87 33.73 -50.22
N ALA E 385 -4.44 34.80 -49.70
CA ALA E 385 -5.89 34.88 -49.58
C ALA E 385 -6.56 34.73 -50.93
N GLY E 386 -5.98 35.36 -51.95
CA GLY E 386 -6.61 35.41 -53.24
C GLY E 386 -6.64 34.14 -54.08
N ILE E 387 -6.04 33.07 -53.58
CA ILE E 387 -5.97 31.86 -54.37
C ILE E 387 -6.84 30.77 -53.78
N GLU E 388 -7.40 31.04 -52.61
CA GLU E 388 -8.29 30.08 -51.99
C GLU E 388 -9.49 29.86 -52.88
N PRO E 389 -9.78 28.60 -53.19
CA PRO E 389 -10.93 28.21 -53.99
C PRO E 389 -12.23 28.74 -53.41
N ALA E 390 -13.24 28.90 -54.26
CA ALA E 390 -14.48 29.51 -53.81
C ALA E 390 -15.68 28.94 -54.58
N PHE E 391 -15.41 28.25 -55.67
CA PHE E 391 -16.50 27.74 -56.50
C PHE E 391 -17.16 26.55 -55.83
N ASP E 392 -18.49 26.55 -55.78
CA ASP E 392 -19.25 25.48 -55.16
C ASP E 392 -20.63 25.32 -55.76
N PRO E 393 -20.85 24.25 -56.52
CA PRO E 393 -22.08 23.90 -57.23
C PRO E 393 -23.34 24.11 -56.42
N LEU E 394 -23.26 23.98 -55.10
CA LEU E 394 -24.45 24.06 -54.25
C LEU E 394 -24.89 25.50 -54.03
N LYS E 395 -24.01 26.44 -54.36
CA LYS E 395 -24.29 27.86 -54.21
C LYS E 395 -24.87 28.44 -55.50
N ALA E 396 -24.68 27.72 -56.59
CA ALA E 396 -25.13 28.15 -57.91
C ALA E 396 -26.61 28.50 -57.93
N ARG E 397 -26.92 29.74 -58.31
CA ARG E 397 -28.31 30.17 -58.37
C ARG E 397 -28.74 30.42 -59.82
N VAL E 398 -29.93 29.92 -60.15
CA VAL E 398 -30.41 29.90 -61.53
C VAL E 398 -31.64 30.75 -61.72
N TYR E 399 -31.57 31.69 -62.65
CA TYR E 399 -32.67 32.58 -62.94
C TYR E 399 -33.15 32.34 -64.36
N ASP E 400 -34.38 31.86 -64.47
CA ASP E 400 -34.90 31.45 -65.77
C ASP E 400 -36.40 31.75 -65.97
N SER E 401 -37.02 32.41 -65.01
CA SER E 401 -38.47 32.61 -65.06
C SER E 401 -38.87 33.86 -65.82
N SER E 402 -38.42 33.97 -67.06
CA SER E 402 -38.74 35.13 -67.89
C SER E 402 -40.24 35.42 -67.80
N TRP E 403 -41.04 34.38 -67.98
CA TRP E 403 -42.49 34.54 -68.09
C TRP E 403 -43.06 35.39 -66.97
N ASN E 404 -42.79 35.02 -65.72
CA ASN E 404 -43.41 35.70 -64.61
C ASN E 404 -42.99 37.15 -64.54
N TRP E 405 -41.71 37.43 -64.82
CA TRP E 405 -41.23 38.78 -64.72
C TRP E 405 -41.87 39.68 -65.76
N ALA E 406 -42.17 39.11 -66.92
CA ALA E 406 -42.83 39.86 -67.98
C ALA E 406 -44.12 40.48 -67.47
N ARG E 407 -45.04 39.63 -67.02
CA ARG E 407 -46.33 40.06 -66.50
C ARG E 407 -46.18 41.09 -65.40
N GLN E 408 -45.07 41.02 -64.69
CA GLN E 408 -44.78 41.99 -63.66
C GLN E 408 -44.44 43.34 -64.26
N ASP E 409 -43.44 43.35 -65.14
CA ASP E 409 -42.98 44.57 -65.76
C ASP E 409 -44.11 45.17 -66.56
N ALA E 410 -44.89 44.29 -67.17
CA ALA E 410 -46.10 44.67 -67.87
C ALA E 410 -47.02 45.44 -66.93
N LEU E 411 -47.60 44.73 -65.98
CA LEU E 411 -48.52 45.34 -65.02
C LEU E 411 -47.84 46.47 -64.27
N SER E 412 -46.53 46.42 -64.19
CA SER E 412 -45.77 47.46 -63.52
C SER E 412 -45.81 48.73 -64.34
N MET E 413 -45.67 48.58 -65.65
CA MET E 413 -45.60 49.73 -66.53
C MET E 413 -46.95 50.43 -66.66
N TYR E 414 -48.01 49.62 -66.76
CA TYR E 414 -49.37 50.15 -66.83
C TYR E 414 -49.60 51.20 -65.74
N TYR E 415 -49.37 50.83 -64.48
CA TYR E 415 -49.58 51.76 -63.39
C TYR E 415 -48.55 52.87 -63.41
N ASP E 416 -47.42 52.65 -64.08
CA ASP E 416 -46.37 53.66 -64.19
C ASP E 416 -46.83 54.86 -65.01
N ILE E 417 -47.48 54.55 -66.12
CA ILE E 417 -48.05 55.55 -67.01
C ILE E 417 -49.12 56.36 -66.28
N ILE E 418 -50.06 55.65 -65.67
CA ILE E 418 -51.21 56.25 -64.99
C ILE E 418 -50.83 57.21 -63.87
N PHE E 419 -49.63 57.06 -63.33
CA PHE E 419 -49.19 57.93 -62.25
C PHE E 419 -48.26 59.01 -62.77
N GLY E 420 -47.80 58.83 -63.99
CA GLY E 420 -46.94 59.83 -64.60
C GLY E 420 -45.50 59.66 -64.20
N ARG E 421 -45.13 58.43 -63.85
CA ARG E 421 -43.72 58.09 -63.67
C ARG E 421 -43.10 57.98 -65.05
N LEU E 422 -43.94 57.70 -66.04
CA LEU E 422 -43.49 57.60 -67.41
C LEU E 422 -44.29 58.53 -68.32
N ARG E 423 -43.58 59.39 -69.06
CA ARG E 423 -44.18 60.20 -70.11
C ARG E 423 -43.75 59.61 -71.44
N VAL E 424 -44.51 59.85 -72.49
CA VAL E 424 -44.21 59.21 -73.77
C VAL E 424 -42.89 59.76 -74.32
N VAL E 425 -42.40 60.80 -73.68
CA VAL E 425 -41.08 61.36 -73.92
C VAL E 425 -40.00 60.31 -73.67
N ASP E 426 -39.72 60.08 -72.40
CA ASP E 426 -38.69 59.17 -71.90
C ASP E 426 -38.43 57.96 -72.79
N ARG E 427 -37.19 57.84 -73.29
CA ARG E 427 -36.77 56.69 -74.06
C ARG E 427 -37.04 55.43 -73.25
N GLU E 428 -37.16 55.62 -71.94
CA GLU E 428 -37.40 54.53 -71.01
C GLU E 428 -38.58 53.68 -71.41
N ILE E 429 -39.75 54.31 -71.59
CA ILE E 429 -40.96 53.58 -71.99
C ILE E 429 -40.69 52.66 -73.16
N VAL E 430 -39.83 53.13 -74.06
CA VAL E 430 -39.40 52.34 -75.20
C VAL E 430 -38.63 51.12 -74.73
N SER E 431 -37.50 51.35 -74.08
CA SER E 431 -36.69 50.27 -73.55
C SER E 431 -37.57 49.20 -72.92
N GLN E 432 -38.36 49.59 -71.93
CA GLN E 432 -39.23 48.65 -71.23
C GLN E 432 -40.11 47.87 -72.19
N CYS E 433 -40.76 48.58 -73.12
CA CYS E 433 -41.62 47.95 -74.13
C CYS E 433 -40.89 46.85 -74.93
N ILE E 434 -39.64 47.11 -75.26
CA ILE E 434 -38.89 46.16 -76.07
C ILE E 434 -38.72 44.87 -75.30
N GLN E 435 -38.43 45.00 -74.01
CA GLN E 435 -38.21 43.85 -73.17
C GLN E 435 -39.47 43.06 -73.12
N ILE E 436 -40.59 43.75 -72.92
CA ILE E 436 -41.85 43.06 -72.84
C ILE E 436 -42.13 42.28 -74.12
N MET E 437 -41.75 42.85 -75.26
CA MET E 437 -41.89 42.15 -76.53
C MET E 437 -40.96 40.96 -76.56
N ASN E 438 -39.77 41.15 -75.99
CA ASN E 438 -38.72 40.13 -75.99
C ASN E 438 -39.21 38.85 -75.30
N ARG E 439 -40.14 38.97 -74.37
CA ARG E 439 -40.73 37.79 -73.74
C ARG E 439 -42.20 37.72 -74.11
N SER E 440 -42.47 37.49 -75.38
CA SER E 440 -43.86 37.42 -75.82
C SER E 440 -44.43 36.02 -75.67
N ASN E 441 -45.39 35.88 -74.77
CA ASN E 441 -46.13 34.63 -74.60
C ASN E 441 -47.60 34.80 -74.94
N PRO E 442 -48.26 33.71 -75.38
CA PRO E 442 -49.70 33.76 -75.62
C PRO E 442 -50.40 34.20 -74.34
N LEU E 443 -49.98 33.60 -73.23
CA LEU E 443 -50.54 33.88 -71.93
C LEU E 443 -50.26 35.32 -71.50
N LEU E 444 -49.13 35.87 -71.96
CA LEU E 444 -48.81 37.28 -71.70
C LEU E 444 -49.83 38.19 -72.37
N LEU E 445 -50.13 37.91 -73.63
CA LEU E 445 -51.10 38.70 -74.37
C LEU E 445 -52.45 38.78 -73.66
N GLU E 446 -52.98 37.64 -73.23
CA GLU E 446 -54.24 37.64 -72.50
C GLU E 446 -54.18 38.61 -71.34
N PHE E 447 -53.18 38.41 -70.49
CA PHE E 447 -52.94 39.25 -69.32
C PHE E 447 -52.73 40.71 -69.73
N MET E 448 -52.09 40.94 -70.87
CA MET E 448 -51.93 42.28 -71.42
C MET E 448 -53.31 42.88 -71.70
N GLN E 449 -54.07 42.22 -72.59
CA GLN E 449 -55.36 42.74 -73.04
C GLN E 449 -56.36 42.98 -71.95
N TYR E 450 -56.60 42.00 -71.09
CA TYR E 450 -57.57 42.24 -70.03
C TYR E 450 -57.33 43.58 -69.33
N HIS E 451 -56.10 43.82 -68.89
CA HIS E 451 -55.80 45.03 -68.13
C HIS E 451 -55.95 46.30 -68.97
N ILE E 452 -55.83 46.14 -70.29
CA ILE E 452 -56.01 47.27 -71.18
C ILE E 452 -57.51 47.47 -71.51
N ASP E 453 -58.23 46.38 -71.77
CA ASP E 453 -59.66 46.44 -72.09
C ASP E 453 -60.41 47.15 -70.98
N HIS E 454 -60.35 46.58 -69.78
CA HIS E 454 -61.13 47.09 -68.67
C HIS E 454 -60.52 48.34 -68.05
N CYS E 455 -59.53 48.90 -68.74
CA CYS E 455 -58.92 50.17 -68.35
C CYS E 455 -59.97 51.28 -68.34
N PRO E 456 -60.15 51.93 -67.18
CA PRO E 456 -61.03 53.11 -67.02
C PRO E 456 -60.37 54.37 -67.57
N THR E 457 -60.86 54.83 -68.71
CA THR E 457 -60.27 55.98 -69.40
C THR E 457 -60.93 57.27 -68.94
N GLU E 458 -62.15 57.12 -68.41
CA GLU E 458 -62.95 58.21 -67.92
C GLU E 458 -62.49 58.67 -66.55
N ARG E 459 -61.19 58.87 -66.41
CA ARG E 459 -60.64 59.35 -65.14
C ARG E 459 -59.55 60.39 -65.35
N GLY E 460 -58.67 60.14 -66.33
CA GLY E 460 -57.56 61.02 -66.58
C GLY E 460 -57.00 60.80 -67.96
N GLU E 461 -56.21 61.77 -68.41
CA GLU E 461 -55.58 61.70 -69.72
C GLU E 461 -54.61 60.52 -69.71
N THR E 462 -54.03 60.28 -68.54
CA THR E 462 -53.06 59.20 -68.33
C THR E 462 -53.67 57.82 -68.52
N TYR E 463 -54.87 57.60 -67.98
CA TYR E 463 -55.56 56.34 -68.15
C TYR E 463 -55.77 56.06 -69.64
N GLN E 464 -56.10 57.12 -70.37
CA GLN E 464 -56.26 57.05 -71.82
C GLN E 464 -54.92 56.77 -72.49
N LEU E 465 -53.95 57.65 -72.20
CA LEU E 465 -52.58 57.54 -72.70
C LEU E 465 -52.02 56.15 -72.49
N ALA E 466 -52.43 55.54 -71.38
CA ALA E 466 -52.08 54.17 -71.08
C ALA E 466 -52.76 53.26 -72.08
N LYS E 467 -54.10 53.21 -72.02
CA LYS E 467 -54.87 52.33 -72.89
C LYS E 467 -54.41 52.40 -74.35
N GLU E 468 -54.02 53.58 -74.79
CA GLU E 468 -53.49 53.71 -76.14
C GLU E 468 -52.17 52.95 -76.26
N LEU E 469 -51.14 53.46 -75.59
CA LEU E 469 -49.79 52.87 -75.65
C LEU E 469 -49.87 51.39 -75.41
N GLY E 470 -50.83 51.00 -74.58
CA GLY E 470 -51.07 49.61 -74.27
C GLY E 470 -51.47 48.82 -75.50
N GLN E 471 -52.57 49.21 -76.13
CA GLN E 471 -53.07 48.50 -77.28
C GLN E 471 -52.00 48.47 -78.37
N GLN E 472 -51.27 49.56 -78.50
CA GLN E 472 -50.14 49.63 -79.42
C GLN E 472 -49.21 48.46 -79.15
N LEU E 473 -48.78 48.36 -77.90
CA LEU E 473 -47.84 47.32 -77.50
C LEU E 473 -48.43 45.94 -77.70
N ILE E 474 -49.67 45.73 -77.28
CA ILE E 474 -50.29 44.41 -77.41
C ILE E 474 -50.23 43.91 -78.83
N GLU E 475 -50.37 44.84 -79.76
CA GLU E 475 -50.31 44.53 -81.18
C GLU E 475 -48.87 44.20 -81.57
N ASN E 476 -47.95 45.05 -81.14
CA ASN E 476 -46.52 44.80 -81.34
C ASN E 476 -46.17 43.38 -80.96
N CYS E 477 -46.40 43.05 -79.70
CA CYS E 477 -46.10 41.74 -79.15
C CYS E 477 -46.67 40.61 -79.99
N LYS E 478 -47.80 40.87 -80.64
CA LYS E 478 -48.44 39.85 -81.45
C LYS E 478 -47.59 39.50 -82.67
N GLU E 479 -46.98 40.52 -83.27
CA GLU E 479 -46.18 40.30 -84.47
C GLU E 479 -44.75 39.88 -84.16
N VAL E 480 -44.44 39.65 -82.89
CA VAL E 480 -43.11 39.22 -82.50
C VAL E 480 -43.11 37.80 -81.97
N LEU E 481 -44.28 37.31 -81.60
CA LEU E 481 -44.43 35.95 -81.05
C LEU E 481 -43.66 34.92 -81.86
N GLY E 482 -42.69 34.28 -81.21
CA GLY E 482 -41.83 33.28 -81.86
C GLY E 482 -40.55 33.87 -82.38
N LYS E 483 -40.67 35.05 -82.98
CA LYS E 483 -39.52 35.76 -83.54
C LYS E 483 -38.50 36.12 -82.46
N PRO E 484 -37.28 35.59 -82.62
CA PRO E 484 -36.10 35.80 -81.79
C PRO E 484 -36.01 37.22 -81.23
N PRO E 485 -35.62 37.37 -79.95
CA PRO E 485 -35.47 38.59 -79.15
C PRO E 485 -34.22 39.42 -79.49
N VAL E 486 -34.26 40.74 -79.26
CA VAL E 486 -33.13 41.58 -79.65
C VAL E 486 -32.66 42.55 -78.59
N TYR E 487 -31.35 42.70 -78.54
CA TYR E 487 -30.72 43.77 -77.77
C TYR E 487 -30.74 44.99 -78.64
N LYS E 488 -31.48 46.02 -78.21
CA LYS E 488 -31.48 47.30 -78.92
C LYS E 488 -31.28 48.42 -77.93
N ASP E 489 -30.20 49.18 -78.11
CA ASP E 489 -29.91 50.31 -77.24
C ASP E 489 -30.65 51.54 -77.73
N VAL E 490 -31.45 52.11 -76.86
CA VAL E 490 -32.40 53.14 -77.22
C VAL E 490 -32.09 54.40 -76.44
N SER E 491 -31.06 54.33 -75.61
CA SER E 491 -30.74 55.43 -74.72
C SER E 491 -30.30 56.67 -75.49
N ILE E 492 -30.23 57.80 -74.78
CA ILE E 492 -29.65 59.02 -75.32
C ILE E 492 -28.15 59.04 -75.11
N PRO E 493 -27.38 58.96 -76.20
CA PRO E 493 -25.92 59.02 -76.12
C PRO E 493 -25.46 60.23 -75.33
N THR E 494 -24.61 60.01 -74.33
CA THR E 494 -24.25 61.06 -73.40
C THR E 494 -22.74 61.26 -73.26
N GLY E 495 -22.33 62.46 -72.88
CA GLY E 495 -20.92 62.81 -72.75
C GLY E 495 -20.52 63.40 -71.40
N PRO E 496 -19.23 63.73 -71.25
CA PRO E 496 -18.67 64.17 -69.97
C PRO E 496 -18.78 65.66 -69.79
N GLN E 497 -19.27 66.10 -68.63
CA GLN E 497 -19.32 67.53 -68.35
C GLN E 497 -18.90 67.89 -66.92
N THR E 498 -17.63 68.24 -66.77
CA THR E 498 -17.09 68.63 -65.47
C THR E 498 -17.24 70.14 -65.22
N THR E 499 -17.79 70.49 -64.06
CA THR E 499 -18.12 71.88 -63.74
C THR E 499 -17.55 72.31 -62.38
N ILE E 500 -16.96 73.50 -62.31
CA ILE E 500 -16.50 74.02 -61.03
C ILE E 500 -17.40 75.16 -60.53
N ASP E 501 -17.94 74.95 -59.33
CA ASP E 501 -18.84 75.89 -58.68
C ASP E 501 -18.24 77.30 -58.53
N ALA E 502 -19.09 78.27 -58.25
CA ALA E 502 -18.63 79.61 -57.90
C ALA E 502 -17.99 79.56 -56.51
N ARG E 503 -18.44 78.60 -55.70
CA ARG E 503 -17.90 78.37 -54.37
C ARG E 503 -16.87 77.24 -54.29
N GLY E 504 -16.21 76.95 -55.42
CA GLY E 504 -15.11 76.00 -55.44
C GLY E 504 -15.47 74.53 -55.61
N ASN E 505 -16.75 74.20 -55.39
CA ASN E 505 -17.21 72.81 -55.51
C ASN E 505 -17.04 72.21 -56.91
N ILE E 506 -16.42 71.04 -56.99
CA ILE E 506 -16.26 70.36 -58.26
C ILE E 506 -17.37 69.36 -58.46
N GLN E 507 -18.01 69.40 -59.61
CA GLN E 507 -19.00 68.39 -59.92
C GLN E 507 -18.84 67.88 -61.34
N TYR E 508 -19.27 66.66 -61.58
CA TYR E 508 -19.23 66.08 -62.91
C TYR E 508 -20.56 65.40 -63.24
N GLN E 509 -21.25 65.90 -64.26
CA GLN E 509 -22.50 65.30 -64.69
C GLN E 509 -22.30 64.55 -65.99
N GLU E 510 -23.36 63.88 -66.45
CA GLU E 510 -23.38 63.37 -67.81
C GLU E 510 -24.51 64.05 -68.59
N VAL E 511 -24.13 64.89 -69.55
CA VAL E 511 -25.07 65.63 -70.36
C VAL E 511 -25.36 64.91 -71.67
N PRO E 512 -26.59 65.02 -72.18
CA PRO E 512 -26.82 64.44 -73.51
C PRO E 512 -25.85 65.07 -74.50
N ARG E 513 -25.34 64.29 -75.44
CA ARG E 513 -24.53 64.84 -76.52
C ARG E 513 -25.40 65.76 -77.35
N ALA E 514 -24.91 66.97 -77.62
CA ALA E 514 -25.72 67.98 -78.27
C ALA E 514 -26.03 67.64 -79.73
N SER E 515 -25.30 66.69 -80.30
CA SER E 515 -25.43 66.37 -81.73
C SER E 515 -25.82 64.92 -82.04
N ALA E 516 -26.11 64.14 -81.00
CA ALA E 516 -26.56 62.76 -81.18
C ALA E 516 -27.77 62.45 -80.29
N ARG E 517 -28.78 61.84 -80.88
CA ARG E 517 -30.01 61.54 -80.16
C ARG E 517 -30.18 60.04 -79.99
N LYS E 518 -30.16 59.32 -81.09
CA LYS E 518 -30.25 57.87 -81.06
C LYS E 518 -28.87 57.27 -81.20
N PHE E 519 -28.80 55.95 -81.23
CA PHE E 519 -27.53 55.26 -81.39
C PHE E 519 -27.06 55.17 -82.84
N GLU E 520 -28.00 55.33 -83.76
CA GLU E 520 -27.65 55.43 -85.16
C GLU E 520 -26.75 56.64 -85.34
N HIS E 521 -27.14 57.74 -84.70
CA HIS E 521 -26.36 58.99 -84.69
C HIS E 521 -24.98 58.72 -84.12
N TYR E 522 -24.94 57.87 -83.11
CA TYR E 522 -23.69 57.47 -82.52
C TYR E 522 -22.82 56.70 -83.54
N VAL E 523 -23.34 55.59 -84.06
CA VAL E 523 -22.58 54.77 -84.99
C VAL E 523 -21.98 55.68 -86.05
N LYS E 524 -22.83 56.43 -86.74
CA LYS E 524 -22.39 57.34 -87.78
C LYS E 524 -21.29 58.24 -87.26
N GLN E 525 -21.60 59.00 -86.22
CA GLN E 525 -20.62 59.94 -85.65
C GLN E 525 -19.27 59.28 -85.46
N MET E 526 -19.32 58.02 -85.06
CA MET E 526 -18.09 57.25 -84.87
C MET E 526 -17.48 57.07 -86.28
N ALA E 527 -18.32 56.69 -87.28
CA ALA E 527 -17.88 56.45 -88.66
C ALA E 527 -17.12 57.61 -89.26
N GLU E 528 -17.67 58.82 -89.13
CA GLU E 528 -17.09 60.02 -89.69
C GLU E 528 -15.70 60.34 -89.14
N GLY E 529 -15.41 59.78 -87.97
CA GLY E 529 -14.15 60.06 -87.35
C GLY E 529 -14.00 61.53 -87.07
N GLY E 530 -12.77 62.03 -86.98
CA GLY E 530 -12.54 63.40 -86.58
C GLY E 530 -11.22 63.93 -87.06
N PRO E 531 -10.98 65.22 -86.81
CA PRO E 531 -9.77 65.94 -87.20
C PRO E 531 -8.48 65.22 -86.80
N ILE E 532 -8.52 64.43 -85.74
CA ILE E 532 -7.29 63.79 -85.27
C ILE E 532 -6.81 62.67 -86.19
N SER E 533 -7.73 61.87 -86.70
CA SER E 533 -7.36 60.76 -87.58
C SER E 533 -7.32 61.23 -89.03
N GLN E 534 -6.57 62.29 -89.31
CA GLN E 534 -6.50 62.80 -90.68
C GLN E 534 -5.36 62.17 -91.48
N TYR E 535 -5.67 61.75 -92.71
CA TYR E 535 -4.66 61.34 -93.67
C TYR E 535 -5.07 61.74 -95.08
N SER E 536 -4.08 61.89 -95.96
CA SER E 536 -4.33 62.36 -97.32
C SER E 536 -4.36 61.19 -98.30
N ASN E 537 -5.22 61.28 -99.33
CA ASN E 537 -5.25 60.29 -100.41
C ASN E 537 -3.96 60.22 -101.20
N ARG E 538 -3.74 59.10 -101.90
CA ARG E 538 -2.63 59.01 -102.84
C ARG E 538 -2.58 60.27 -103.70
N THR E 539 -3.79 60.68 -104.08
CA THR E 539 -4.02 61.81 -104.95
C THR E 539 -3.41 63.09 -104.36
N LYS E 540 -3.79 63.40 -103.13
CA LYS E 540 -3.20 64.54 -102.42
C LYS E 540 -1.68 64.39 -102.32
N VAL E 541 -1.21 63.22 -101.88
CA VAL E 541 0.23 62.99 -101.68
C VAL E 541 1.06 63.38 -102.92
N GLN E 542 0.51 63.14 -104.11
CA GLN E 542 1.18 63.53 -105.35
C GLN E 542 0.94 65.02 -105.68
N ASN E 543 -0.31 65.47 -105.63
CA ASN E 543 -0.60 66.90 -105.84
C ASN E 543 0.16 67.80 -104.88
N ASP E 544 0.53 67.24 -103.73
CA ASP E 544 1.40 67.91 -102.76
C ASP E 544 2.86 67.81 -103.19
N LEU E 545 3.25 66.63 -103.68
CA LEU E 545 4.59 66.41 -104.23
C LEU E 545 4.84 67.31 -105.44
N ARG E 546 3.77 67.68 -106.14
CA ARG E 546 3.87 68.57 -107.28
C ARG E 546 4.26 69.95 -106.84
N SER E 547 3.33 70.63 -106.18
CA SER E 547 3.54 72.02 -105.76
C SER E 547 4.82 72.23 -104.93
N VAL E 548 5.27 71.19 -104.23
CA VAL E 548 6.55 71.25 -103.52
C VAL E 548 7.73 71.34 -104.50
N TYR E 549 7.71 70.46 -105.51
CA TYR E 549 8.71 70.47 -106.57
C TYR E 549 8.60 71.73 -107.42
N LYS E 550 7.40 72.04 -107.88
CA LYS E 550 7.15 73.26 -108.67
C LYS E 550 7.62 74.52 -107.94
N LEU E 551 7.56 74.52 -106.62
CA LEU E 551 7.92 75.70 -105.84
C LEU E 551 9.41 75.75 -105.49
N ILE E 552 9.94 74.61 -105.06
CA ILE E 552 11.36 74.53 -104.75
C ILE E 552 12.21 74.73 -106.03
N ARG E 553 11.65 74.31 -107.17
CA ARG E 553 12.34 74.32 -108.47
C ARG E 553 12.28 75.69 -109.17
N ARG E 554 11.06 76.19 -109.36
CA ARG E 554 10.83 77.50 -109.97
C ARG E 554 11.21 78.64 -109.01
N GLN E 555 12.27 78.42 -108.26
CA GLN E 555 12.77 79.39 -107.29
C GLN E 555 14.26 79.57 -107.57
N HIS E 556 14.85 78.51 -108.14
CA HIS E 556 16.25 78.47 -108.56
C HIS E 556 17.21 79.18 -107.61
N ARG E 557 17.42 78.59 -106.42
CA ARG E 557 18.40 79.12 -105.48
C ARG E 557 19.43 78.05 -105.12
N LEU E 558 19.21 76.84 -105.65
CA LEU E 558 20.00 75.67 -105.25
C LEU E 558 21.08 75.36 -106.27
N SER E 559 22.28 75.02 -105.78
CA SER E 559 23.35 74.58 -106.67
C SER E 559 22.80 73.44 -107.52
N LYS E 560 23.29 73.32 -108.76
CA LYS E 560 22.84 72.28 -109.67
C LYS E 560 23.08 70.88 -109.10
N SER E 561 23.97 70.80 -108.10
CA SER E 561 24.17 69.55 -107.35
C SER E 561 22.90 69.18 -106.59
N SER E 562 22.48 70.08 -105.71
CA SER E 562 21.30 69.88 -104.88
C SER E 562 20.02 69.74 -105.70
N GLN E 563 19.89 70.56 -106.74
CA GLN E 563 18.75 70.45 -107.66
C GLN E 563 18.78 69.14 -108.46
N LEU E 564 19.97 68.57 -108.62
CA LEU E 564 20.15 67.32 -109.36
C LEU E 564 19.65 66.10 -108.57
N GLN E 565 20.10 65.99 -107.32
CA GLN E 565 19.75 64.85 -106.47
C GLN E 565 18.43 65.04 -105.74
N PHE E 566 18.01 66.30 -105.55
CA PHE E 566 16.63 66.56 -105.15
C PHE E 566 15.71 65.89 -106.16
N ASN E 567 16.06 66.04 -107.46
CA ASN E 567 15.36 65.37 -108.57
C ASN E 567 15.51 63.86 -108.56
N ALA E 568 16.70 63.41 -108.16
CA ALA E 568 16.99 61.99 -108.00
C ALA E 568 16.00 61.38 -107.01
N LEU E 569 16.01 61.92 -105.80
CA LEU E 569 15.21 61.41 -104.68
C LEU E 569 13.73 61.53 -104.92
N TYR E 570 13.33 62.57 -105.65
CA TYR E 570 11.93 62.78 -105.94
C TYR E 570 11.38 61.68 -106.83
N LYS E 571 12.22 61.17 -107.72
CA LYS E 571 11.82 60.13 -108.66
C LYS E 571 11.59 58.78 -107.97
N ASP E 572 12.43 58.48 -106.99
CA ASP E 572 12.34 57.22 -106.25
C ASP E 572 11.05 57.19 -105.48
N VAL E 573 10.82 58.28 -104.75
CA VAL E 573 9.60 58.49 -103.98
C VAL E 573 8.35 58.25 -104.83
N ILE E 574 8.37 58.77 -106.06
CA ILE E 574 7.24 58.71 -106.98
C ILE E 574 7.06 57.32 -107.61
N ARG E 575 8.14 56.56 -107.63
CA ARG E 575 8.12 55.17 -108.09
C ARG E 575 7.42 54.25 -107.10
N ALA E 576 7.99 54.21 -105.90
CA ALA E 576 7.53 53.32 -104.85
C ALA E 576 6.08 53.61 -104.50
N LEU E 577 5.64 54.84 -104.78
CA LEU E 577 4.27 55.26 -104.53
C LEU E 577 3.40 55.00 -105.77
N ALA E 578 4.04 54.59 -106.85
CA ALA E 578 3.36 54.20 -108.09
C ALA E 578 2.72 55.34 -108.88
N LYS E 608 -8.03 65.58 -101.22
CA LYS E 608 -9.04 65.12 -100.28
C LYS E 608 -8.51 64.66 -98.92
N VAL E 609 -9.03 65.30 -97.87
CA VAL E 609 -8.74 64.93 -96.49
C VAL E 609 -9.67 63.78 -96.07
N GLU E 610 -9.08 62.77 -95.44
CA GLU E 610 -9.84 61.65 -94.90
C GLU E 610 -9.41 61.26 -93.49
N THR E 611 -10.32 60.61 -92.78
CA THR E 611 -10.05 60.18 -91.43
C THR E 611 -10.37 58.72 -91.15
N ILE E 612 -9.99 58.33 -89.95
CA ILE E 612 -10.09 56.97 -89.47
C ILE E 612 -11.07 56.91 -88.32
N PRO E 613 -12.01 55.96 -88.38
CA PRO E 613 -13.33 55.94 -87.73
C PRO E 613 -13.45 55.79 -86.22
N PHE E 614 -12.43 56.05 -85.44
CA PHE E 614 -12.60 55.88 -84.01
C PHE E 614 -12.89 54.44 -83.58
N LEU E 615 -13.35 53.60 -84.50
CA LEU E 615 -13.62 52.19 -84.21
C LEU E 615 -13.35 51.39 -85.45
N HIS E 616 -12.18 50.79 -85.54
CA HIS E 616 -11.88 50.02 -86.73
C HIS E 616 -11.32 48.67 -86.38
N LEU E 617 -11.24 47.80 -87.37
CA LEU E 617 -10.57 46.54 -87.19
C LEU E 617 -9.31 46.69 -88.00
N ARG E 618 -8.29 45.94 -87.62
CA ARG E 618 -7.06 45.91 -88.39
C ARG E 618 -6.77 44.52 -88.93
N LYS E 619 -5.76 44.41 -89.78
CA LYS E 619 -5.33 43.11 -90.26
C LYS E 619 -3.82 43.09 -90.30
N LYS E 620 -3.29 41.88 -90.45
CA LYS E 620 -1.87 41.67 -90.27
C LYS E 620 -1.07 41.81 -91.55
N ASP E 621 -0.11 42.72 -91.47
CA ASP E 621 0.94 42.92 -92.45
C ASP E 621 1.72 41.61 -92.65
N GLU E 622 2.40 41.49 -93.79
CA GLU E 622 3.31 40.36 -93.98
C GLU E 622 4.33 40.32 -92.83
N PHE E 623 4.67 41.51 -92.34
CA PHE E 623 5.60 41.69 -91.23
C PHE E 623 4.80 41.91 -89.97
N GLY E 624 3.86 41.00 -89.71
CA GLY E 624 3.02 41.01 -88.52
C GLY E 624 2.68 42.38 -87.94
N ASN E 625 2.01 43.20 -88.73
CA ASN E 625 1.64 44.54 -88.30
C ASN E 625 0.15 44.80 -88.41
N TRP E 626 -0.41 45.54 -87.46
CA TRP E 626 -1.85 45.75 -87.44
C TRP E 626 -2.24 47.09 -88.04
N GLU E 627 -2.41 47.09 -89.36
CA GLU E 627 -2.77 48.30 -90.08
C GLU E 627 -4.26 48.32 -90.34
N TYR E 628 -4.83 49.51 -90.32
CA TYR E 628 -6.22 49.77 -90.68
C TYR E 628 -6.65 48.97 -91.92
N SER E 629 -7.83 48.35 -91.86
CA SER E 629 -8.40 47.63 -93.00
C SER E 629 -9.82 48.05 -93.23
N LYS E 630 -10.01 49.04 -94.10
CA LYS E 630 -11.35 49.54 -94.37
C LYS E 630 -12.30 48.41 -94.67
N LYS E 631 -11.79 47.35 -95.30
CA LYS E 631 -12.65 46.24 -95.68
C LYS E 631 -13.40 45.69 -94.49
N LEU E 632 -12.66 45.45 -93.42
CA LEU E 632 -13.22 44.89 -92.21
C LEU E 632 -14.00 45.94 -91.44
N THR E 633 -13.33 47.06 -91.16
CA THR E 633 -13.94 48.14 -90.40
C THR E 633 -15.33 48.38 -90.94
N GLY E 634 -15.46 48.16 -92.25
CA GLY E 634 -16.74 48.24 -92.88
C GLY E 634 -17.66 47.22 -92.25
N ILE E 635 -17.40 45.95 -92.54
CA ILE E 635 -18.25 44.87 -92.07
C ILE E 635 -18.66 45.04 -90.62
N TYR E 636 -17.72 45.48 -89.79
CA TYR E 636 -18.02 45.68 -88.35
C TYR E 636 -18.95 46.85 -88.14
N LEU E 637 -18.52 48.03 -88.57
CA LEU E 637 -19.30 49.23 -88.40
C LEU E 637 -20.67 49.12 -89.07
N ASP E 638 -20.77 48.20 -90.02
CA ASP E 638 -22.01 47.97 -90.76
C ASP E 638 -23.02 47.22 -89.91
N GLY E 639 -22.62 46.08 -89.38
CA GLY E 639 -23.44 45.37 -88.41
C GLY E 639 -23.71 46.26 -87.20
N LEU E 640 -22.70 47.04 -86.83
CA LEU E 640 -22.77 47.94 -85.69
C LEU E 640 -23.89 48.97 -85.90
N GLU E 641 -24.17 49.24 -87.16
CA GLU E 641 -25.25 50.14 -87.52
C GLU E 641 -26.55 49.36 -87.41
N ALA E 642 -26.66 48.30 -88.19
CA ALA E 642 -27.85 47.44 -88.20
C ALA E 642 -28.24 47.03 -86.78
N ALA E 643 -27.27 46.99 -85.90
CA ALA E 643 -27.54 46.72 -84.50
C ALA E 643 -28.40 47.85 -83.95
N ALA E 644 -27.87 49.07 -84.00
CA ALA E 644 -28.56 50.23 -83.46
C ALA E 644 -29.95 50.42 -84.07
N ARG E 645 -30.10 49.99 -85.32
CA ARG E 645 -31.37 50.15 -86.03
C ARG E 645 -32.35 49.06 -85.63
N SER E 646 -32.22 47.91 -86.26
CA SER E 646 -33.20 46.84 -86.08
C SER E 646 -32.96 46.05 -84.81
N GLY E 647 -31.74 46.10 -84.31
CA GLY E 647 -31.38 45.36 -83.11
C GLY E 647 -30.63 44.06 -83.38
N LEU E 648 -29.91 43.60 -82.37
CA LEU E 648 -29.05 42.43 -82.48
C LEU E 648 -29.53 41.33 -81.53
N THR E 649 -29.59 40.09 -82.02
CA THR E 649 -30.08 38.97 -81.21
C THR E 649 -28.97 38.00 -80.86
N PHE E 650 -29.18 37.26 -79.77
CA PHE E 650 -28.19 36.29 -79.34
C PHE E 650 -28.84 34.94 -79.09
N GLN E 651 -30.10 34.81 -79.52
CA GLN E 651 -30.88 33.59 -79.30
C GLN E 651 -30.12 32.27 -79.46
N GLY E 652 -30.26 31.39 -78.47
CA GLY E 652 -29.72 30.04 -78.53
C GLY E 652 -28.24 29.91 -78.21
N LYS E 653 -27.60 31.04 -77.91
CA LYS E 653 -26.17 31.02 -77.66
C LYS E 653 -25.88 30.99 -76.16
N HIS E 654 -24.78 30.34 -75.79
CA HIS E 654 -24.33 30.21 -74.40
C HIS E 654 -23.02 31.01 -74.15
N ALA E 655 -22.93 31.74 -73.06
CA ALA E 655 -21.71 32.50 -72.80
C ALA E 655 -21.32 32.55 -71.33
N LEU E 656 -20.02 32.44 -71.09
CA LEU E 656 -19.44 32.57 -69.74
C LEU E 656 -18.89 33.99 -69.57
N MET E 657 -19.04 34.54 -68.37
CA MET E 657 -18.64 35.94 -68.14
C MET E 657 -18.01 36.18 -66.78
N THR E 658 -16.69 36.40 -66.76
CA THR E 658 -16.00 36.69 -65.51
C THR E 658 -15.64 38.16 -65.42
N GLY E 659 -15.99 38.81 -64.31
CA GLY E 659 -15.66 40.21 -64.13
C GLY E 659 -16.88 41.10 -64.35
N ALA E 660 -18.06 40.47 -64.35
CA ALA E 660 -19.32 41.16 -64.57
C ALA E 660 -19.88 41.78 -63.30
N GLY E 661 -19.01 42.36 -62.49
CA GLY E 661 -19.45 42.95 -61.24
C GLY E 661 -20.46 44.05 -61.48
N ALA E 662 -21.18 44.45 -60.44
CA ALA E 662 -22.13 45.53 -60.56
C ALA E 662 -21.45 46.84 -60.99
N GLY E 663 -22.11 47.58 -61.89
CA GLY E 663 -21.63 48.86 -62.36
C GLY E 663 -20.35 48.76 -63.17
N SER E 664 -20.32 47.81 -64.09
CA SER E 664 -19.12 47.54 -64.86
C SER E 664 -19.41 47.28 -66.33
N ILE E 665 -18.35 47.37 -67.14
CA ILE E 665 -18.46 47.11 -68.57
C ILE E 665 -19.08 45.75 -68.79
N GLY E 666 -18.58 44.75 -68.07
CA GLY E 666 -19.12 43.42 -68.14
C GLY E 666 -20.60 43.39 -67.79
N ALA E 667 -20.98 44.18 -66.80
CA ALA E 667 -22.36 44.18 -66.34
C ALA E 667 -23.27 44.55 -67.49
N GLU E 668 -22.90 45.62 -68.18
CA GLU E 668 -23.70 46.09 -69.28
C GLU E 668 -23.73 45.04 -70.39
N VAL E 669 -22.56 44.58 -70.80
CA VAL E 669 -22.49 43.60 -71.85
C VAL E 669 -23.40 42.45 -71.51
N LEU E 670 -23.48 42.13 -70.23
CA LEU E 670 -24.31 41.01 -69.78
C LEU E 670 -25.77 41.19 -70.18
N GLN E 671 -26.36 42.27 -69.69
CA GLN E 671 -27.72 42.62 -70.02
C GLN E 671 -27.98 42.52 -71.53
N GLY E 672 -26.96 42.89 -72.30
CA GLY E 672 -27.04 42.75 -73.74
C GLY E 672 -27.43 41.34 -74.11
N LEU E 673 -26.52 40.40 -73.83
CA LEU E 673 -26.76 39.01 -74.19
C LEU E 673 -28.05 38.51 -73.60
N LEU E 674 -28.42 39.06 -72.45
CA LEU E 674 -29.64 38.62 -71.77
C LEU E 674 -30.90 39.09 -72.51
N SER E 675 -30.81 40.24 -73.16
CA SER E 675 -31.93 40.71 -73.98
C SER E 675 -32.06 39.89 -75.25
N GLY E 676 -30.95 39.39 -75.78
CA GLY E 676 -31.00 38.38 -76.81
C GLY E 676 -31.42 37.11 -76.12
N GLY E 677 -31.51 36.00 -76.82
CA GLY E 677 -31.95 34.76 -76.19
C GLY E 677 -30.88 34.06 -75.36
N ALA E 678 -29.86 34.83 -74.96
CA ALA E 678 -28.62 34.22 -74.46
C ALA E 678 -28.72 33.61 -73.09
N LYS E 679 -28.07 32.47 -72.95
CA LYS E 679 -27.85 31.87 -71.65
C LYS E 679 -26.42 32.19 -71.23
N VAL E 680 -26.27 32.92 -70.13
CA VAL E 680 -24.93 33.22 -69.62
C VAL E 680 -24.72 32.64 -68.24
N ILE E 681 -23.46 32.39 -67.92
CA ILE E 681 -23.07 31.97 -66.59
C ILE E 681 -22.10 33.01 -66.01
N VAL E 682 -22.51 33.69 -64.95
CA VAL E 682 -21.74 34.79 -64.40
C VAL E 682 -21.06 34.46 -63.10
N THR E 683 -19.78 34.79 -62.99
CA THR E 683 -19.01 34.44 -61.81
C THR E 683 -18.74 35.64 -60.93
N THR E 684 -18.97 35.48 -59.63
CA THR E 684 -18.74 36.56 -58.67
C THR E 684 -17.83 36.15 -57.52
N SER E 685 -16.98 37.08 -57.12
CA SER E 685 -16.02 36.86 -56.04
C SER E 685 -16.51 37.49 -54.75
N ARG E 686 -17.70 38.08 -54.76
CA ARG E 686 -18.36 38.55 -53.54
C ARG E 686 -19.76 38.01 -53.57
N PHE E 687 -19.92 36.76 -53.18
CA PHE E 687 -21.19 36.07 -53.32
C PHE E 687 -22.05 36.30 -52.09
N SER E 688 -22.76 37.42 -52.08
CA SER E 688 -23.64 37.78 -50.97
C SER E 688 -25.07 37.86 -51.46
N ARG E 689 -26.04 37.92 -50.55
CA ARG E 689 -27.42 38.10 -50.95
C ARG E 689 -27.51 39.38 -51.77
N GLN E 690 -26.74 40.38 -51.35
CA GLN E 690 -26.76 41.66 -52.04
C GLN E 690 -26.46 41.52 -53.53
N VAL E 691 -25.49 40.68 -53.86
CA VAL E 691 -25.09 40.41 -55.25
C VAL E 691 -26.01 39.40 -55.91
N THR E 692 -26.47 38.42 -55.16
CA THR E 692 -27.50 37.51 -55.63
C THR E 692 -28.65 38.33 -56.17
N GLU E 693 -29.10 39.29 -55.37
CA GLU E 693 -30.24 40.15 -55.73
C GLU E 693 -29.98 40.94 -56.99
N TYR E 694 -28.92 41.73 -56.98
CA TYR E 694 -28.53 42.55 -58.12
C TYR E 694 -28.74 41.86 -59.46
N TYR E 695 -28.23 40.64 -59.55
CA TYR E 695 -28.33 39.87 -60.77
C TYR E 695 -29.75 39.42 -61.07
N GLN E 696 -30.50 38.97 -60.07
CA GLN E 696 -31.89 38.59 -60.32
C GLN E 696 -32.67 39.84 -60.69
N GLY E 697 -32.26 40.97 -60.11
CA GLY E 697 -32.82 42.26 -60.51
C GLY E 697 -32.62 42.41 -62.01
N ILE E 698 -31.37 42.36 -62.42
CA ILE E 698 -31.02 42.38 -63.83
C ILE E 698 -31.86 41.42 -64.67
N TYR E 699 -32.02 40.18 -64.23
CA TYR E 699 -32.70 39.21 -65.07
C TYR E 699 -34.20 39.47 -65.16
N ALA E 700 -34.75 40.13 -64.15
CA ALA E 700 -36.19 40.37 -64.14
C ALA E 700 -36.51 41.36 -65.22
N ARG E 701 -35.49 42.12 -65.57
CA ARG E 701 -35.66 43.25 -66.49
C ARG E 701 -35.16 42.97 -67.90
N CYS E 702 -34.19 42.06 -68.04
CA CYS E 702 -33.53 41.84 -69.32
C CYS E 702 -33.74 40.44 -69.88
N GLY E 703 -34.39 39.61 -69.11
CA GLY E 703 -34.51 38.20 -69.45
C GLY E 703 -35.53 37.93 -70.53
N ALA E 704 -35.08 37.91 -71.78
CA ALA E 704 -35.95 37.56 -72.89
C ALA E 704 -36.26 36.07 -72.83
N ARG E 705 -37.42 35.65 -73.33
CA ARG E 705 -37.73 34.24 -73.37
C ARG E 705 -36.53 33.53 -73.99
N GLY E 706 -36.25 32.32 -73.53
CA GLY E 706 -35.11 31.58 -74.03
C GLY E 706 -33.83 31.83 -73.25
N SER E 707 -33.74 33.00 -72.62
CA SER E 707 -32.55 33.38 -71.86
C SER E 707 -32.47 32.71 -70.49
N GLN E 708 -31.28 32.69 -69.89
CA GLN E 708 -31.08 32.09 -68.58
C GLN E 708 -29.89 32.74 -67.91
N LEU E 709 -30.00 33.00 -66.61
CA LEU E 709 -28.89 33.57 -65.86
C LEU E 709 -28.49 32.64 -64.73
N VAL E 710 -27.24 32.20 -64.73
CA VAL E 710 -26.72 31.35 -63.68
C VAL E 710 -25.55 32.01 -63.00
N VAL E 711 -25.75 32.46 -61.76
CA VAL E 711 -24.68 33.08 -60.99
C VAL E 711 -24.06 32.07 -60.06
N VAL E 712 -22.76 32.23 -59.86
CA VAL E 712 -21.91 31.23 -59.24
C VAL E 712 -20.76 31.91 -58.53
N PRO E 713 -20.30 31.35 -57.41
CA PRO E 713 -19.16 31.95 -56.73
C PRO E 713 -17.92 31.44 -57.41
N PHE E 714 -16.92 32.28 -57.61
CA PHE E 714 -15.75 31.87 -58.35
C PHE E 714 -14.60 32.80 -58.01
N ASN E 715 -13.38 32.35 -58.26
CA ASN E 715 -12.21 33.10 -57.85
C ASN E 715 -11.11 32.81 -58.83
N GLN E 716 -10.99 33.66 -59.84
CA GLN E 716 -10.04 33.40 -60.92
C GLN E 716 -8.58 33.41 -60.47
N GLY E 717 -8.36 33.67 -59.19
CA GLY E 717 -7.04 33.51 -58.60
C GLY E 717 -6.69 32.06 -58.35
N SER E 718 -7.70 31.19 -58.46
CA SER E 718 -7.50 29.78 -58.14
C SER E 718 -7.47 28.87 -59.36
N LYS E 719 -6.37 28.14 -59.50
CA LYS E 719 -6.21 27.17 -60.57
C LYS E 719 -7.35 26.16 -60.51
N GLN E 720 -7.68 25.72 -59.30
CA GLN E 720 -8.66 24.69 -59.14
C GLN E 720 -10.02 25.20 -59.54
N ASP E 721 -10.36 26.37 -59.01
CA ASP E 721 -11.64 27.02 -59.32
C ASP E 721 -11.87 27.07 -60.82
N VAL E 722 -10.86 27.55 -61.52
CA VAL E 722 -10.88 27.61 -62.96
C VAL E 722 -11.23 26.24 -63.56
N GLU E 723 -10.40 25.25 -63.30
CA GLU E 723 -10.62 23.94 -63.88
C GLU E 723 -11.89 23.27 -63.35
N ALA E 724 -12.43 23.83 -62.27
CA ALA E 724 -13.65 23.28 -61.67
C ALA E 724 -14.88 23.94 -62.29
N LEU E 725 -14.85 25.27 -62.36
CA LEU E 725 -15.91 26.03 -62.98
C LEU E 725 -16.20 25.37 -64.31
N VAL E 726 -15.13 25.17 -65.09
CA VAL E 726 -15.24 24.68 -66.44
C VAL E 726 -16.03 23.39 -66.52
N ASN E 727 -15.93 22.59 -65.47
CA ASN E 727 -16.59 21.31 -65.49
C ASN E 727 -18.03 21.38 -65.03
N TYR E 728 -18.36 22.39 -64.24
CA TYR E 728 -19.76 22.62 -63.90
C TYR E 728 -20.48 22.93 -65.18
N ILE E 729 -19.80 23.72 -66.02
CA ILE E 729 -20.37 24.19 -67.26
C ILE E 729 -20.60 23.06 -68.25
N TYR E 730 -19.67 22.12 -68.29
CA TYR E 730 -19.74 21.07 -69.30
C TYR E 730 -20.22 19.70 -68.79
N ASP E 731 -20.49 19.58 -67.51
CA ASP E 731 -20.94 18.27 -67.01
C ASP E 731 -22.38 17.97 -67.41
N THR E 732 -22.56 16.84 -68.07
CA THR E 732 -23.88 16.44 -68.52
C THR E 732 -24.76 16.04 -67.34
N LYS E 733 -24.20 15.28 -66.40
CA LYS E 733 -24.97 14.69 -65.32
C LYS E 733 -25.36 15.69 -64.23
N ASN E 734 -24.38 16.14 -63.46
CA ASN E 734 -24.65 17.01 -62.34
C ASN E 734 -24.36 18.47 -62.66
N GLY E 735 -23.71 18.70 -63.78
CA GLY E 735 -23.39 20.06 -64.20
C GLY E 735 -24.60 20.73 -64.81
N LEU E 736 -24.39 21.85 -65.50
CA LEU E 736 -25.47 22.47 -66.25
C LEU E 736 -25.30 22.22 -67.75
N GLY E 737 -24.44 21.26 -68.05
CA GLY E 737 -24.30 20.67 -69.36
C GLY E 737 -24.44 21.55 -70.58
N TRP E 738 -23.75 22.68 -70.58
CA TRP E 738 -23.75 23.55 -71.75
C TRP E 738 -22.59 23.26 -72.70
N ASP E 739 -22.46 24.12 -73.70
CA ASP E 739 -21.24 24.28 -74.47
C ASP E 739 -21.14 25.76 -74.77
N LEU E 740 -19.95 26.34 -74.61
CA LEU E 740 -19.79 27.79 -74.66
C LEU E 740 -19.62 28.38 -76.07
N ASP E 741 -20.27 29.51 -76.31
CA ASP E 741 -20.24 30.21 -77.60
C ASP E 741 -19.43 31.47 -77.47
N TYR E 742 -19.59 32.12 -76.31
CA TYR E 742 -18.82 33.31 -75.99
C TYR E 742 -18.10 33.13 -74.65
N VAL E 743 -16.91 33.71 -74.55
CA VAL E 743 -16.18 33.76 -73.29
C VAL E 743 -15.67 35.17 -73.13
N VAL E 744 -16.11 35.84 -72.06
CA VAL E 744 -15.80 37.24 -71.84
C VAL E 744 -15.04 37.45 -70.55
N PRO E 745 -13.71 37.32 -70.61
CA PRO E 745 -12.79 37.26 -69.47
C PRO E 745 -12.39 38.61 -68.90
N PHE E 746 -13.32 39.31 -68.25
CA PHE E 746 -13.04 40.61 -67.66
C PHE E 746 -12.68 40.58 -66.17
N ALA E 747 -12.17 39.45 -65.72
CA ALA E 747 -11.67 39.33 -64.37
C ALA E 747 -10.51 40.30 -64.15
N ALA E 748 -10.60 41.12 -63.11
CA ALA E 748 -9.55 42.12 -62.89
C ALA E 748 -9.42 42.66 -61.45
N ILE E 749 -8.18 43.01 -61.11
CA ILE E 749 -7.85 43.61 -59.83
C ILE E 749 -7.09 44.91 -60.04
N PRO E 750 -7.55 45.95 -59.37
CA PRO E 750 -6.94 47.29 -59.32
C PRO E 750 -5.56 47.25 -58.66
N GLU E 751 -4.51 47.23 -59.45
CA GLU E 751 -3.17 47.24 -58.90
C GLU E 751 -2.58 48.66 -58.86
N ASN E 752 -3.43 49.63 -59.19
CA ASN E 752 -3.10 51.05 -59.10
C ASN E 752 -2.08 51.41 -58.02
N GLY E 753 -1.01 52.10 -58.41
CA GLY E 753 -0.11 52.70 -57.45
C GLY E 753 1.34 52.24 -57.41
N ARG E 754 1.70 51.24 -58.17
CA ARG E 754 3.06 50.70 -58.04
C ARG E 754 3.89 50.57 -59.33
N GLU E 755 5.14 51.00 -59.26
CA GLU E 755 6.08 50.88 -60.36
C GLU E 755 6.85 49.58 -60.19
N ILE E 756 7.74 49.29 -61.13
CA ILE E 756 8.57 48.09 -61.02
C ILE E 756 9.37 48.19 -59.73
N ASP E 757 9.43 49.42 -59.23
CA ASP E 757 9.94 49.74 -57.90
C ASP E 757 9.57 48.65 -56.90
N SER E 758 8.32 48.19 -56.99
CA SER E 758 7.79 47.27 -55.99
C SER E 758 6.61 46.46 -56.53
N ILE E 759 6.89 45.26 -57.05
CA ILE E 759 5.83 44.37 -57.48
C ILE E 759 5.35 43.55 -56.30
N ASP E 760 4.37 44.07 -55.56
CA ASP E 760 3.94 43.42 -54.33
C ASP E 760 3.17 42.13 -54.57
N SER E 761 2.69 41.57 -53.46
CA SER E 761 1.83 40.40 -53.51
C SER E 761 0.65 40.65 -54.44
N LYS E 762 -0.12 41.70 -54.14
CA LYS E 762 -1.30 42.04 -54.90
C LYS E 762 -1.03 41.90 -56.40
N SER E 763 0.06 42.52 -56.85
CA SER E 763 0.45 42.52 -58.26
C SER E 763 0.58 41.12 -58.81
N GLU E 764 1.43 40.32 -58.18
CA GLU E 764 1.57 38.96 -58.61
C GLU E 764 0.23 38.27 -58.66
N LEU E 765 -0.60 38.48 -57.65
CA LEU E 765 -1.92 37.88 -57.67
C LEU E 765 -2.68 38.37 -58.88
N ALA E 766 -2.76 39.68 -59.01
CA ALA E 766 -3.49 40.24 -60.11
C ALA E 766 -3.01 39.63 -61.42
N HIS E 767 -1.69 39.58 -61.61
CA HIS E 767 -1.14 39.11 -62.87
C HIS E 767 -1.49 37.66 -63.15
N ARG E 768 -1.77 36.91 -62.09
CA ARG E 768 -2.16 35.52 -62.22
C ARG E 768 -3.64 35.42 -62.57
N ILE E 769 -4.43 36.36 -62.08
CA ILE E 769 -5.85 36.37 -62.40
C ILE E 769 -6.03 36.80 -63.83
N MET E 770 -5.27 37.82 -64.22
CA MET E 770 -5.43 38.48 -65.51
C MET E 770 -4.70 37.79 -66.67
N LEU E 771 -3.65 37.04 -66.39
CA LEU E 771 -2.96 36.34 -67.46
C LEU E 771 -2.94 34.80 -67.34
N THR E 772 -2.19 34.28 -66.38
CA THR E 772 -1.98 32.83 -66.27
C THR E 772 -3.24 32.01 -66.17
N ASN E 773 -4.20 32.46 -65.38
CA ASN E 773 -5.44 31.73 -65.21
C ASN E 773 -6.47 32.05 -66.28
N LEU E 774 -6.28 33.18 -66.94
CA LEU E 774 -7.08 33.50 -68.11
C LEU E 774 -6.78 32.47 -69.19
N LEU E 775 -5.50 32.27 -69.44
CA LEU E 775 -5.06 31.30 -70.41
C LEU E 775 -5.54 29.92 -70.04
N ARG E 776 -5.54 29.62 -68.75
CA ARG E 776 -5.91 28.29 -68.31
C ARG E 776 -7.40 28.11 -68.42
N LEU E 777 -8.15 29.21 -68.31
CA LEU E 777 -9.59 29.15 -68.45
C LEU E 777 -9.93 28.75 -69.88
N LEU E 778 -9.36 29.47 -70.84
CA LEU E 778 -9.50 29.10 -72.23
C LEU E 778 -9.06 27.65 -72.42
N GLY E 779 -7.85 27.35 -71.95
CA GLY E 779 -7.26 26.03 -72.09
C GLY E 779 -8.17 24.91 -71.63
N ALA E 780 -8.86 25.15 -70.51
CA ALA E 780 -9.80 24.19 -69.98
C ALA E 780 -11.00 24.03 -70.91
N ILE E 781 -11.58 25.17 -71.30
CA ILE E 781 -12.73 25.15 -72.19
C ILE E 781 -12.41 24.33 -73.43
N LYS E 782 -11.22 24.55 -73.99
CA LYS E 782 -10.82 23.83 -75.19
C LYS E 782 -10.91 22.34 -75.00
N THR E 783 -10.05 21.82 -74.15
CA THR E 783 -9.95 20.39 -73.92
C THR E 783 -11.30 19.77 -73.64
N GLN E 784 -12.18 20.52 -72.98
CA GLN E 784 -13.53 20.03 -72.76
C GLN E 784 -14.21 19.67 -74.09
N LYS E 785 -14.27 20.65 -74.98
CA LYS E 785 -14.87 20.46 -76.29
C LYS E 785 -14.15 19.32 -77.01
N LYS E 786 -12.82 19.39 -77.02
CA LYS E 786 -12.02 18.42 -77.75
C LYS E 786 -12.40 17.01 -77.35
N GLU E 787 -12.59 16.82 -76.05
CA GLU E 787 -12.91 15.49 -75.53
C GLU E 787 -14.34 15.11 -75.85
N ARG E 788 -15.24 16.08 -75.71
CA ARG E 788 -16.67 15.81 -75.89
C ARG E 788 -17.11 15.84 -77.35
N GLY E 789 -16.15 15.90 -78.27
CA GLY E 789 -16.43 15.82 -79.68
C GLY E 789 -17.12 17.06 -80.22
N TYR E 790 -17.18 18.09 -79.39
CA TYR E 790 -17.73 19.35 -79.80
C TYR E 790 -16.76 20.07 -80.75
N GLU E 791 -16.85 19.74 -82.04
CA GLU E 791 -15.86 20.19 -83.03
C GLU E 791 -16.26 21.43 -83.82
N THR E 792 -17.48 21.38 -84.36
CA THR E 792 -17.97 22.38 -85.30
C THR E 792 -18.67 23.54 -84.62
N ARG E 793 -18.26 23.87 -83.41
CA ARG E 793 -18.83 25.01 -82.68
C ARG E 793 -17.78 25.68 -81.80
N PRO E 794 -16.97 26.56 -82.39
CA PRO E 794 -15.93 27.30 -81.67
C PRO E 794 -16.52 28.30 -80.68
N ALA E 795 -15.74 28.63 -79.66
CA ALA E 795 -16.14 29.61 -78.67
C ALA E 795 -15.36 30.91 -78.86
N GLN E 796 -16.07 32.02 -78.95
CA GLN E 796 -15.45 33.30 -79.25
C GLN E 796 -14.96 34.01 -77.99
N VAL E 797 -13.71 34.42 -78.00
CA VAL E 797 -13.09 34.98 -76.80
C VAL E 797 -12.79 36.44 -76.94
N ILE E 798 -13.59 37.26 -76.27
CA ILE E 798 -13.42 38.71 -76.29
C ILE E 798 -12.25 39.17 -75.42
N LEU E 799 -11.03 38.93 -75.89
CA LEU E 799 -9.83 39.35 -75.19
C LEU E 799 -9.82 40.83 -74.95
N PRO E 800 -9.89 41.24 -73.68
CA PRO E 800 -9.80 42.67 -73.34
C PRO E 800 -8.36 43.14 -73.37
N LEU E 801 -7.84 43.55 -74.53
CA LEU E 801 -6.49 44.09 -74.57
C LEU E 801 -6.53 45.57 -74.24
N SER E 802 -5.35 46.19 -74.23
CA SER E 802 -5.26 47.61 -73.86
C SER E 802 -4.37 48.38 -74.83
N PRO E 803 -4.66 49.67 -74.98
CA PRO E 803 -3.88 50.54 -75.85
C PRO E 803 -2.58 50.96 -75.20
N ASN E 804 -2.53 50.89 -73.88
CA ASN E 804 -1.45 51.53 -73.14
C ASN E 804 -0.48 50.61 -72.42
N HIS E 805 0.49 50.13 -73.18
CA HIS E 805 1.50 49.21 -72.68
C HIS E 805 2.60 49.98 -71.97
N GLY E 806 2.28 50.57 -70.83
CA GLY E 806 3.27 51.20 -69.99
C GLY E 806 3.56 52.63 -70.41
N THR E 807 2.58 53.22 -71.07
CA THR E 807 2.64 54.62 -71.43
C THR E 807 2.27 55.43 -70.19
N PHE E 808 1.40 54.83 -69.38
CA PHE E 808 1.02 55.40 -68.10
C PHE E 808 1.92 54.83 -67.02
N GLY E 809 2.06 55.53 -65.90
CA GLY E 809 2.88 55.05 -64.81
C GLY E 809 2.09 54.25 -63.77
N ASN E 810 2.80 53.45 -62.99
CA ASN E 810 2.20 52.75 -61.85
C ASN E 810 1.26 51.58 -62.18
N ASP E 811 1.26 51.15 -63.44
CA ASP E 811 0.47 50.01 -63.86
C ASP E 811 0.73 48.86 -62.92
N GLY E 812 2.00 48.70 -62.54
CA GLY E 812 2.42 47.66 -61.62
C GLY E 812 1.94 46.31 -62.08
N LEU E 813 2.64 45.73 -63.04
CA LEU E 813 2.31 44.41 -63.59
C LEU E 813 1.00 44.38 -64.39
N TYR E 814 0.38 45.53 -64.60
CA TYR E 814 -0.86 45.57 -65.33
C TYR E 814 -0.62 45.35 -66.82
N SER E 815 -0.04 46.37 -67.43
CA SER E 815 0.32 46.34 -68.83
C SER E 815 0.91 45.01 -69.23
N GLU E 816 1.86 44.53 -68.42
CA GLU E 816 2.57 43.29 -68.72
C GLU E 816 1.61 42.14 -68.97
N SER E 817 0.51 42.11 -68.24
CA SER E 817 -0.51 41.08 -68.44
C SER E 817 -1.19 41.32 -69.78
N LYS E 818 -1.69 42.54 -69.95
CA LYS E 818 -2.55 42.87 -71.06
C LYS E 818 -1.82 42.72 -72.39
N LEU E 819 -0.52 43.05 -72.40
CA LEU E 819 0.32 42.90 -73.59
C LEU E 819 0.56 41.43 -73.89
N ALA E 820 0.87 40.65 -72.86
CA ALA E 820 1.13 39.23 -73.03
C ALA E 820 -0.08 38.57 -73.66
N LEU E 821 -1.28 39.03 -73.33
CA LEU E 821 -2.50 38.47 -73.89
C LEU E 821 -2.42 38.35 -75.39
N GLU E 822 -1.78 39.36 -75.98
CA GLU E 822 -1.75 39.51 -77.43
C GLU E 822 -0.95 38.42 -78.14
N THR E 823 -0.22 37.61 -77.38
CA THR E 823 0.50 36.49 -77.98
C THR E 823 -0.51 35.48 -78.50
N LEU E 824 -1.72 35.58 -77.97
CA LEU E 824 -2.78 34.69 -78.41
C LEU E 824 -3.07 34.86 -79.89
N PHE E 825 -3.00 36.10 -80.35
CA PHE E 825 -3.22 36.41 -81.76
C PHE E 825 -2.49 35.44 -82.67
N ASN E 826 -1.26 35.11 -82.32
CA ASN E 826 -0.43 34.21 -83.12
C ASN E 826 -0.62 32.75 -82.79
N ARG E 827 -0.78 32.47 -81.50
CA ARG E 827 -0.96 31.10 -81.03
C ARG E 827 -2.12 30.43 -81.75
N TRP E 828 -3.12 31.22 -82.10
CA TRP E 828 -4.30 30.68 -82.76
C TRP E 828 -3.90 29.88 -83.98
N TYR E 829 -2.85 30.34 -84.64
CA TYR E 829 -2.35 29.75 -85.87
C TYR E 829 -1.41 28.57 -85.61
N SER E 830 -0.51 28.73 -84.65
CA SER E 830 0.56 27.75 -84.40
C SER E 830 0.12 26.52 -83.63
N GLU E 831 -0.63 26.72 -82.54
CA GLU E 831 -1.10 25.60 -81.72
C GLU E 831 -2.38 25.02 -82.27
N SER E 832 -2.84 23.94 -81.65
CA SER E 832 -3.90 23.12 -82.22
C SER E 832 -5.28 23.40 -81.65
N TRP E 833 -5.52 24.62 -81.19
CA TRP E 833 -6.84 24.92 -80.65
C TRP E 833 -7.59 25.83 -81.57
N GLY E 834 -7.10 25.94 -82.79
CA GLY E 834 -7.74 26.76 -83.80
C GLY E 834 -9.25 26.58 -83.82
N ASN E 835 -9.69 25.33 -83.89
CA ASN E 835 -11.10 24.99 -84.10
C ASN E 835 -12.03 25.34 -82.94
N TYR E 836 -11.53 25.18 -81.73
CA TYR E 836 -12.36 25.25 -80.54
C TYR E 836 -12.46 26.66 -79.97
N LEU E 837 -11.38 27.40 -80.03
CA LEU E 837 -11.39 28.77 -79.57
C LEU E 837 -11.08 29.69 -80.72
N THR E 838 -11.77 30.82 -80.78
CA THR E 838 -11.40 31.89 -81.71
C THR E 838 -11.09 33.15 -80.92
N ILE E 839 -10.15 33.94 -81.43
CA ILE E 839 -9.69 35.09 -80.67
C ILE E 839 -10.19 36.38 -81.28
N CYS E 840 -10.81 37.21 -80.45
CA CYS E 840 -11.26 38.53 -80.90
C CYS E 840 -10.67 39.61 -80.01
N GLY E 841 -9.44 40.03 -80.30
CA GLY E 841 -8.80 41.07 -79.54
C GLY E 841 -9.58 42.36 -79.60
N ALA E 842 -10.01 42.83 -78.44
CA ALA E 842 -10.78 44.04 -78.35
C ALA E 842 -10.09 45.02 -77.45
N VAL E 843 -9.28 45.89 -78.02
CA VAL E 843 -8.60 46.89 -77.21
C VAL E 843 -9.57 47.97 -76.75
N ILE E 844 -10.15 47.78 -75.56
CA ILE E 844 -11.11 48.72 -74.99
C ILE E 844 -10.47 50.06 -74.68
N GLY E 845 -11.18 51.13 -74.99
CA GLY E 845 -10.66 52.47 -74.81
C GLY E 845 -11.26 53.14 -73.60
N TRP E 846 -10.86 54.38 -73.37
CA TRP E 846 -11.30 55.19 -72.24
C TRP E 846 -12.80 55.12 -72.02
N THR E 847 -13.23 54.54 -70.90
CA THR E 847 -14.65 54.43 -70.57
C THR E 847 -14.97 54.95 -69.18
N ARG E 848 -15.34 56.22 -69.07
CA ARG E 848 -15.74 56.80 -67.79
C ARG E 848 -16.83 55.94 -67.15
N GLY E 849 -16.72 55.74 -65.84
CA GLY E 849 -17.51 54.71 -65.17
C GLY E 849 -18.36 55.23 -64.03
N THR E 850 -19.66 54.98 -64.13
CA THR E 850 -20.65 55.50 -63.18
C THR E 850 -20.41 55.06 -61.75
N GLY E 851 -20.39 56.03 -60.83
CA GLY E 851 -20.21 55.79 -59.41
C GLY E 851 -18.89 55.12 -59.04
N LEU E 852 -18.12 54.73 -60.06
CA LEU E 852 -16.82 54.10 -59.85
C LEU E 852 -15.77 55.13 -59.43
N MET E 853 -14.82 55.40 -60.31
CA MET E 853 -13.78 56.39 -60.04
C MET E 853 -13.99 57.67 -60.86
N SER E 854 -13.97 58.80 -60.15
CA SER E 854 -14.17 60.11 -60.75
C SER E 854 -12.86 60.71 -61.30
N ALA E 855 -11.73 60.08 -60.95
CA ALA E 855 -10.41 60.56 -61.36
C ALA E 855 -10.27 60.62 -62.88
N ASN E 856 -10.84 59.61 -63.53
CA ASN E 856 -10.76 59.45 -64.97
C ASN E 856 -11.89 60.22 -65.64
N ASN E 857 -12.70 60.89 -64.83
CA ASN E 857 -13.91 61.53 -65.34
C ASN E 857 -13.84 63.05 -65.27
N LEU E 858 -13.03 63.54 -64.34
CA LEU E 858 -12.92 64.98 -64.16
C LEU E 858 -12.22 65.55 -65.37
N VAL E 859 -11.30 64.77 -65.92
CA VAL E 859 -10.49 65.21 -67.04
C VAL E 859 -11.06 64.69 -68.36
N ALA E 860 -12.01 63.78 -68.28
CA ALA E 860 -12.64 63.20 -69.46
C ALA E 860 -13.07 64.25 -70.46
N GLU E 861 -13.66 65.34 -69.96
CA GLU E 861 -14.16 66.40 -70.82
C GLU E 861 -13.02 67.09 -71.58
N GLY E 862 -12.01 67.56 -70.83
CA GLY E 862 -10.88 68.29 -71.38
C GLY E 862 -10.14 67.54 -72.48
N VAL E 863 -10.03 66.22 -72.33
CA VAL E 863 -9.37 65.39 -73.33
C VAL E 863 -10.19 65.23 -74.60
N GLU E 864 -11.52 65.24 -74.46
CA GLU E 864 -12.38 65.14 -75.62
C GLU E 864 -12.24 66.40 -76.46
N LYS E 865 -11.89 67.49 -75.79
CA LYS E 865 -11.74 68.78 -76.46
C LYS E 865 -10.62 68.77 -77.50
N LEU E 866 -9.71 67.81 -77.39
CA LEU E 866 -8.65 67.68 -78.40
C LEU E 866 -9.11 66.91 -79.63
N GLY E 867 -10.42 66.71 -79.77
CA GLY E 867 -11.00 66.15 -80.99
C GLY E 867 -11.02 64.64 -80.98
N VAL E 868 -11.29 64.07 -79.82
CA VAL E 868 -11.21 62.63 -79.63
C VAL E 868 -12.36 62.18 -78.73
N ARG E 869 -12.69 60.88 -78.77
CA ARG E 869 -13.88 60.38 -78.07
C ARG E 869 -13.60 59.50 -76.83
N THR E 870 -14.35 59.75 -75.76
CA THR E 870 -14.44 58.84 -74.61
C THR E 870 -15.85 58.29 -74.59
N PHE E 871 -16.01 57.11 -74.00
CA PHE E 871 -17.27 56.38 -74.07
C PHE E 871 -17.96 56.19 -72.72
N SER E 872 -19.29 56.20 -72.72
CA SER E 872 -20.02 55.80 -71.54
C SER E 872 -20.01 54.28 -71.52
N GLN E 873 -20.31 53.70 -70.36
CA GLN E 873 -20.34 52.26 -70.24
C GLN E 873 -21.28 51.68 -71.28
N GLN E 874 -22.53 52.13 -71.26
CA GLN E 874 -23.56 51.66 -72.17
C GLN E 874 -23.12 51.63 -73.63
N GLU E 875 -22.37 52.66 -74.03
CA GLU E 875 -21.83 52.75 -75.38
C GLU E 875 -20.83 51.62 -75.62
N MET E 876 -19.74 51.59 -74.84
CA MET E 876 -18.67 50.62 -75.02
C MET E 876 -19.16 49.18 -74.95
N ALA E 877 -20.31 48.96 -74.32
CA ALA E 877 -20.90 47.63 -74.26
C ALA E 877 -21.52 47.34 -75.61
N PHE E 878 -22.31 48.29 -76.09
CA PHE E 878 -22.84 48.23 -77.43
C PHE E 878 -21.71 47.90 -78.41
N ASN E 879 -20.61 48.65 -78.34
CA ASN E 879 -19.44 48.42 -79.21
C ASN E 879 -18.95 46.98 -79.16
N LEU E 880 -18.82 46.46 -77.95
CA LEU E 880 -18.35 45.10 -77.77
C LEU E 880 -19.31 44.12 -78.38
N LEU E 881 -20.58 44.22 -78.00
CA LEU E 881 -21.60 43.33 -78.55
C LEU E 881 -21.56 43.35 -80.08
N GLY E 882 -20.98 44.42 -80.60
CA GLY E 882 -20.76 44.51 -82.03
C GLY E 882 -19.93 43.37 -82.54
N LEU E 883 -18.82 43.11 -81.87
CA LEU E 883 -17.90 42.05 -82.32
C LEU E 883 -18.53 40.69 -82.05
N MET E 884 -19.63 40.70 -81.30
CA MET E 884 -20.34 39.48 -80.97
C MET E 884 -21.30 39.14 -82.11
N ALA E 885 -21.62 40.15 -82.91
CA ALA E 885 -22.55 40.02 -84.03
C ALA E 885 -22.12 38.94 -85.02
N PRO E 886 -23.09 38.26 -85.63
CA PRO E 886 -22.85 37.16 -86.57
C PRO E 886 -21.82 37.52 -87.63
N ALA E 887 -21.90 38.76 -88.12
CA ALA E 887 -20.98 39.25 -89.14
C ALA E 887 -19.54 38.94 -88.79
N ILE E 888 -19.08 39.57 -87.72
CA ILE E 888 -17.70 39.48 -87.28
C ILE E 888 -17.31 38.08 -86.83
N VAL E 889 -18.24 37.40 -86.17
CA VAL E 889 -17.96 36.06 -85.66
C VAL E 889 -17.34 35.18 -86.73
N ASN E 890 -17.89 35.24 -87.93
CA ASN E 890 -17.40 34.37 -88.99
C ASN E 890 -16.03 34.78 -89.50
N LEU E 891 -15.65 36.04 -89.31
CA LEU E 891 -14.30 36.48 -89.62
C LEU E 891 -13.32 35.81 -88.67
N CYS E 892 -13.70 35.73 -87.40
CA CYS E 892 -12.85 35.10 -86.39
C CYS E 892 -12.62 33.62 -86.64
N GLN E 893 -13.65 32.93 -87.12
CA GLN E 893 -13.59 31.48 -87.32
C GLN E 893 -12.56 31.10 -88.38
N SER E 894 -12.13 32.09 -89.16
CA SER E 894 -11.07 31.87 -90.14
C SER E 894 -9.79 32.60 -89.74
N ASP E 895 -9.94 33.82 -89.21
CA ASP E 895 -8.82 34.66 -88.81
C ASP E 895 -9.11 35.60 -87.62
N PRO E 896 -8.21 35.59 -86.62
CA PRO E 896 -8.26 36.49 -85.47
C PRO E 896 -8.56 37.93 -85.86
N VAL E 897 -9.26 38.63 -84.99
CA VAL E 897 -9.74 39.98 -85.25
C VAL E 897 -9.12 40.98 -84.28
N PHE E 898 -8.60 42.06 -84.80
CA PHE E 898 -8.13 43.11 -83.95
C PHE E 898 -9.24 44.13 -84.01
N ALA E 899 -9.57 44.76 -82.90
CA ALA E 899 -10.64 45.75 -82.89
C ALA E 899 -10.26 46.94 -82.02
N ASP E 900 -9.66 47.96 -82.63
CA ASP E 900 -9.35 49.19 -81.92
C ASP E 900 -10.66 49.88 -81.56
N LEU E 901 -11.13 49.68 -80.34
CA LEU E 901 -12.31 50.37 -79.86
C LEU E 901 -11.88 51.50 -78.95
N ASN E 902 -10.69 52.03 -79.22
CA ASN E 902 -10.20 53.21 -78.53
C ASN E 902 -10.70 54.45 -79.24
N GLY E 903 -11.10 55.46 -78.48
CA GLY E 903 -11.73 56.64 -79.05
C GLY E 903 -10.87 57.48 -79.97
N GLY E 904 -9.90 56.85 -80.63
CA GLY E 904 -8.98 57.55 -81.51
C GLY E 904 -7.92 58.28 -80.72
N LEU E 905 -7.80 57.92 -79.45
CA LEU E 905 -6.82 58.54 -78.58
C LEU E 905 -5.41 58.15 -78.98
N GLN E 906 -5.29 57.29 -79.99
CA GLN E 906 -3.98 56.84 -80.46
C GLN E 906 -3.19 58.03 -80.94
N PHE E 907 -3.91 59.06 -81.35
CA PHE E 907 -3.28 60.21 -81.97
C PHE E 907 -2.89 61.27 -80.96
N ILE E 908 -3.33 61.12 -79.72
CA ILE E 908 -2.84 61.99 -78.66
C ILE E 908 -1.61 61.34 -78.01
N PRO E 909 -0.42 61.85 -78.27
CA PRO E 909 0.80 61.34 -77.63
C PRO E 909 0.96 61.96 -76.26
N ASP E 910 1.72 61.30 -75.38
CA ASP E 910 1.96 61.79 -74.02
C ASP E 910 0.64 62.03 -73.32
N LEU E 911 -0.31 61.12 -73.51
CA LEU E 911 -1.62 61.25 -72.88
C LEU E 911 -1.44 61.29 -71.37
N LYS E 912 -0.57 60.45 -70.85
CA LYS E 912 -0.22 60.47 -69.43
C LYS E 912 0.00 61.90 -68.98
N GLY E 913 0.84 62.61 -69.73
CA GLY E 913 1.19 63.98 -69.42
C GLY E 913 0.03 64.95 -69.55
N LEU E 914 -0.75 64.80 -70.61
CA LEU E 914 -1.93 65.64 -70.83
C LEU E 914 -2.82 65.64 -69.60
N MET E 915 -3.27 64.45 -69.21
CA MET E 915 -4.22 64.30 -68.12
C MET E 915 -3.63 64.85 -66.83
N THR E 916 -2.36 64.54 -66.57
CA THR E 916 -1.72 65.01 -65.33
C THR E 916 -1.72 66.54 -65.24
N LYS E 917 -1.66 67.20 -66.40
CA LYS E 917 -1.78 68.65 -66.45
C LYS E 917 -3.20 69.06 -66.10
N LEU E 918 -4.17 68.50 -66.82
CA LEU E 918 -5.60 68.71 -66.58
C LEU E 918 -6.03 68.34 -65.14
N ARG E 919 -5.50 67.24 -64.65
CA ARG E 919 -5.69 66.85 -63.26
C ARG E 919 -5.37 68.02 -62.33
N LYS E 920 -4.23 68.66 -62.56
CA LYS E 920 -3.78 69.72 -61.67
C LYS E 920 -4.69 70.93 -61.73
N GLU E 921 -4.72 71.57 -62.90
CA GLU E 921 -5.51 72.77 -63.13
C GLU E 921 -6.88 72.73 -62.47
N ILE E 922 -7.62 71.63 -62.65
CA ILE E 922 -8.95 71.50 -62.05
C ILE E 922 -8.92 71.54 -60.53
N MET E 923 -8.15 70.63 -59.94
CA MET E 923 -7.99 70.58 -58.49
C MET E 923 -7.46 71.91 -57.96
N GLU E 924 -6.62 72.55 -58.76
CA GLU E 924 -5.93 73.78 -58.35
C GLU E 924 -6.87 74.99 -58.25
N THR E 925 -7.70 75.16 -59.28
CA THR E 925 -8.63 76.28 -59.33
C THR E 925 -9.73 76.13 -58.30
N SER E 926 -10.20 74.91 -58.08
CA SER E 926 -11.21 74.69 -57.06
C SER E 926 -10.62 74.99 -55.69
N ALA E 927 -9.40 74.51 -55.46
CA ALA E 927 -8.70 74.74 -54.19
C ALA E 927 -8.64 76.22 -53.88
N ILE E 928 -8.04 76.98 -54.80
CA ILE E 928 -8.01 78.42 -54.70
C ILE E 928 -9.40 78.98 -54.39
N ARG E 929 -10.40 78.57 -55.17
CA ARG E 929 -11.74 79.15 -55.10
C ARG E 929 -12.38 79.00 -53.73
N GLN E 930 -12.32 77.78 -53.19
CA GLN E 930 -12.92 77.51 -51.89
C GLN E 930 -12.03 77.97 -50.74
N ALA E 931 -10.74 78.12 -51.00
CA ALA E 931 -9.80 78.66 -50.02
C ALA E 931 -10.07 80.14 -49.79
N VAL E 932 -10.16 80.88 -50.88
CA VAL E 932 -10.51 82.30 -50.84
C VAL E 932 -11.77 82.53 -50.03
N ILE E 933 -12.79 81.71 -50.25
CA ILE E 933 -14.04 81.81 -49.50
C ILE E 933 -13.82 81.75 -48.00
N LYS E 934 -13.12 80.70 -47.55
CA LYS E 934 -12.78 80.57 -46.15
C LYS E 934 -12.01 81.79 -45.63
N GLU E 935 -11.11 82.30 -46.46
CA GLU E 935 -10.34 83.49 -46.12
C GLU E 935 -11.26 84.68 -45.82
N THR E 936 -12.02 85.07 -46.84
CA THR E 936 -12.92 86.22 -46.76
C THR E 936 -14.00 86.02 -45.70
N ALA E 937 -14.29 84.76 -45.37
CA ALA E 937 -15.23 84.45 -44.30
C ALA E 937 -14.61 84.78 -42.95
N ILE E 938 -13.34 84.41 -42.79
CA ILE E 938 -12.58 84.72 -41.59
C ILE E 938 -12.39 86.23 -41.40
N GLU E 939 -12.13 86.92 -42.50
CA GLU E 939 -11.95 88.37 -42.48
C GLU E 939 -13.16 89.06 -41.85
N ASN E 940 -14.34 88.56 -42.18
CA ASN E 940 -15.58 89.14 -41.68
C ASN E 940 -15.77 88.94 -40.18
N LYS E 941 -15.32 87.80 -39.67
CA LYS E 941 -15.42 87.53 -38.24
C LYS E 941 -14.48 88.44 -37.45
N VAL E 942 -13.41 88.87 -38.11
CA VAL E 942 -12.47 89.80 -37.48
C VAL E 942 -13.07 91.19 -37.43
N VAL E 943 -13.41 91.71 -38.61
CA VAL E 943 -13.92 93.07 -38.76
C VAL E 943 -15.24 93.30 -38.02
N ASN E 944 -16.21 92.41 -38.23
CA ASN E 944 -17.56 92.59 -37.69
C ASN E 944 -17.74 92.07 -36.26
N GLY E 945 -16.89 91.15 -35.86
CA GLY E 945 -16.98 90.55 -34.54
C GLY E 945 -17.83 89.29 -34.57
N GLU E 946 -17.54 88.39 -33.62
CA GLU E 946 -18.23 87.10 -33.53
C GLU E 946 -19.76 87.26 -33.59
N ASP E 947 -20.27 88.17 -32.76
CA ASP E 947 -21.70 88.40 -32.61
C ASP E 947 -22.37 88.79 -33.92
N HIS E 948 -21.83 89.81 -34.59
CA HIS E 948 -22.42 90.26 -35.84
C HIS E 948 -22.48 89.14 -36.87
N GLU E 949 -21.32 88.61 -37.24
CA GLU E 949 -21.26 87.58 -38.29
C GLU E 949 -22.11 86.36 -37.95
N ALA E 950 -22.10 85.97 -36.68
CA ALA E 950 -22.87 84.82 -36.22
C ALA E 950 -24.38 84.99 -36.51
N LEU E 951 -24.93 86.11 -36.08
CA LEU E 951 -26.37 86.32 -36.10
C LEU E 951 -26.93 86.60 -37.51
N TYR E 952 -26.09 86.38 -38.53
CA TYR E 952 -26.50 86.63 -39.92
C TYR E 952 -26.19 85.46 -40.85
N ARG E 953 -26.33 84.24 -40.35
CA ARG E 953 -26.10 83.04 -41.15
C ARG E 953 -27.38 82.25 -41.34
N ARG E 954 -27.64 81.85 -42.58
CA ARG E 954 -28.83 81.08 -42.90
C ARG E 954 -29.05 79.95 -41.90
N VAL E 955 -30.13 80.07 -41.15
CA VAL E 955 -30.47 79.08 -40.15
C VAL E 955 -31.18 77.93 -40.84
N ILE E 956 -30.45 76.86 -41.15
CA ILE E 956 -31.08 75.68 -41.72
C ILE E 956 -31.69 74.81 -40.63
N THR E 957 -32.99 74.53 -40.75
CA THR E 957 -33.67 73.73 -39.74
C THR E 957 -33.22 72.27 -39.84
N GLU E 958 -33.03 71.64 -38.67
CA GLU E 958 -32.68 70.23 -38.56
C GLU E 958 -33.92 69.37 -38.43
N PRO E 959 -34.04 68.37 -39.30
CA PRO E 959 -35.29 67.63 -39.35
C PRO E 959 -35.52 66.85 -38.06
N ARG E 960 -36.77 66.78 -37.63
CA ARG E 960 -37.16 65.89 -36.57
C ARG E 960 -38.18 64.93 -37.15
N ALA E 961 -38.76 64.13 -36.30
CA ALA E 961 -39.75 63.17 -36.76
C ALA E 961 -41.01 63.30 -35.92
N ASN E 962 -42.12 63.50 -36.61
CA ASN E 962 -43.41 63.46 -35.93
C ASN E 962 -44.16 62.20 -36.35
N LEU E 963 -44.63 61.46 -35.37
CA LEU E 963 -45.37 60.25 -35.68
C LEU E 963 -46.87 60.56 -35.75
N LYS E 964 -47.33 60.88 -36.95
CA LYS E 964 -48.74 61.05 -37.17
C LYS E 964 -49.38 59.70 -36.89
N TYR E 965 -50.43 59.68 -36.08
CA TYR E 965 -51.09 58.41 -35.83
C TYR E 965 -52.21 58.21 -36.87
N PRO E 966 -51.87 57.58 -37.99
CA PRO E 966 -52.82 57.59 -39.09
C PRO E 966 -53.96 56.66 -38.85
N PHE E 967 -55.17 57.16 -39.09
CA PHE E 967 -56.27 56.25 -39.27
C PHE E 967 -56.25 55.96 -40.74
N PRO E 968 -56.96 55.00 -41.16
CA PRO E 968 -57.11 54.76 -42.58
C PRO E 968 -57.54 56.05 -43.24
N GLU E 969 -57.01 56.34 -44.44
CA GLU E 969 -57.49 57.47 -45.20
C GLU E 969 -58.97 57.27 -45.55
N LEU E 970 -59.79 58.23 -45.10
CA LEU E 970 -61.22 58.23 -45.36
C LEU E 970 -61.43 58.63 -46.81
N PRO E 971 -62.04 57.74 -47.62
CA PRO E 971 -62.18 58.00 -49.05
C PRO E 971 -62.88 59.34 -49.30
N ASP E 972 -62.87 59.83 -50.54
CA ASP E 972 -63.63 61.04 -50.85
C ASP E 972 -65.06 60.74 -51.30
N TRP E 973 -66.01 61.50 -50.75
CA TRP E 973 -67.42 61.25 -50.98
C TRP E 973 -67.75 61.26 -52.46
N ASP E 974 -67.25 62.29 -53.14
CA ASP E 974 -67.57 62.51 -54.54
C ASP E 974 -66.72 61.64 -55.45
N LYS E 975 -65.40 61.80 -55.32
CA LYS E 975 -64.47 61.13 -56.21
C LYS E 975 -64.55 59.61 -56.10
N ASP E 976 -64.72 59.11 -54.87
CA ASP E 976 -64.56 57.68 -54.61
C ASP E 976 -65.82 56.88 -54.30
N ILE E 977 -66.77 57.50 -53.59
CA ILE E 977 -67.93 56.75 -53.10
C ILE E 977 -69.21 56.91 -53.93
N LYS E 978 -69.47 58.14 -54.34
CA LYS E 978 -70.69 58.46 -55.06
C LYS E 978 -71.01 57.46 -56.17
N PRO E 979 -70.02 57.12 -57.03
CA PRO E 979 -70.29 56.22 -58.17
C PRO E 979 -70.88 54.86 -57.78
N LEU E 980 -70.90 54.58 -56.48
CA LEU E 980 -71.39 53.29 -56.03
C LEU E 980 -72.67 53.47 -55.27
N ASN E 981 -72.79 54.63 -54.62
CA ASN E 981 -73.92 54.93 -53.75
C ASN E 981 -75.28 54.60 -54.38
N ASP E 982 -75.42 54.93 -55.66
CA ASP E 982 -76.68 54.72 -56.35
C ASP E 982 -77.14 53.27 -56.23
N GLN E 983 -76.22 52.34 -56.42
CA GLN E 983 -76.53 50.93 -56.32
C GLN E 983 -76.68 50.47 -54.86
N LEU E 984 -75.79 50.93 -54.00
CA LEU E 984 -75.58 50.31 -52.68
C LEU E 984 -76.33 50.91 -51.47
N ARG E 985 -76.99 52.05 -51.64
CA ARG E 985 -77.61 52.69 -50.49
C ARG E 985 -78.66 51.78 -49.86
N GLY E 986 -78.46 51.50 -48.57
CA GLY E 986 -79.41 50.69 -47.82
C GLY E 986 -79.61 49.28 -48.36
N MET E 987 -78.74 48.87 -49.26
CA MET E 987 -78.78 47.53 -49.84
C MET E 987 -78.13 46.48 -48.93
N VAL E 988 -77.80 46.90 -47.71
CA VAL E 988 -77.05 46.07 -46.78
C VAL E 988 -77.36 46.43 -45.33
N ASN E 989 -77.61 45.41 -44.51
CA ASN E 989 -77.86 45.57 -43.08
C ASN E 989 -76.58 45.81 -42.30
N LEU E 990 -76.40 47.02 -41.78
CA LEU E 990 -75.13 47.38 -41.14
C LEU E 990 -74.95 46.75 -39.76
N ASP E 991 -75.83 45.83 -39.42
CA ASP E 991 -75.74 45.14 -38.15
C ASP E 991 -75.31 43.69 -38.33
N LYS E 992 -75.25 43.24 -39.57
CA LYS E 992 -74.69 41.92 -39.89
C LYS E 992 -73.55 42.08 -40.88
N VAL E 993 -72.87 43.22 -40.80
CA VAL E 993 -71.69 43.50 -41.59
C VAL E 993 -70.54 43.64 -40.63
N VAL E 994 -69.55 42.77 -40.80
CA VAL E 994 -68.44 42.70 -39.86
C VAL E 994 -67.21 43.45 -40.35
N VAL E 995 -66.64 44.26 -39.48
CA VAL E 995 -65.62 45.19 -39.89
C VAL E 995 -64.38 45.19 -39.01
N VAL E 996 -63.20 45.21 -39.61
CA VAL E 996 -61.97 45.32 -38.86
C VAL E 996 -61.61 46.76 -38.53
N THR E 997 -61.74 47.11 -37.26
CA THR E 997 -61.61 48.48 -36.82
C THR E 997 -60.23 48.77 -36.23
N GLY E 998 -59.62 47.76 -35.62
CA GLY E 998 -58.33 47.94 -34.99
C GLY E 998 -57.33 46.93 -35.51
N LEU E 999 -56.04 47.22 -35.34
CA LEU E 999 -55.01 46.43 -35.97
C LEU E 999 -53.64 46.63 -35.34
N ALA E 1000 -53.06 45.54 -34.84
CA ALA E 1000 -51.70 45.61 -34.32
C ALA E 1000 -51.04 44.25 -34.46
N GLU E 1001 -49.75 44.22 -34.18
CA GLU E 1001 -48.97 42.97 -34.20
C GLU E 1001 -47.62 43.24 -33.56
N ILE E 1002 -47.06 42.22 -32.94
CA ILE E 1002 -45.68 42.27 -32.46
C ILE E 1002 -44.94 41.08 -33.04
N GLY E 1003 -43.88 41.37 -33.79
CA GLY E 1003 -43.15 40.33 -34.47
C GLY E 1003 -41.70 40.72 -34.70
N PRO E 1004 -40.98 39.94 -35.50
CA PRO E 1004 -39.54 40.06 -35.77
C PRO E 1004 -39.11 41.43 -36.30
N TRP E 1005 -40.07 42.19 -36.83
CA TRP E 1005 -39.75 43.48 -37.41
C TRP E 1005 -40.31 44.63 -36.58
N GLY E 1006 -41.07 44.29 -35.56
CA GLY E 1006 -41.62 45.28 -34.65
C GLY E 1006 -43.12 45.27 -34.82
N ASN E 1007 -43.77 46.27 -34.23
CA ASN E 1007 -45.22 46.41 -34.36
C ASN E 1007 -45.60 46.58 -35.81
N ALA E 1008 -46.89 46.42 -36.14
CA ALA E 1008 -47.31 46.40 -37.54
C ALA E 1008 -46.80 47.61 -38.32
N ARG E 1009 -46.66 48.74 -37.63
CA ARG E 1009 -46.20 49.98 -38.24
C ARG E 1009 -44.80 49.84 -38.86
N THR E 1010 -43.83 49.47 -38.02
CA THR E 1010 -42.45 49.22 -38.45
C THR E 1010 -42.35 48.08 -39.48
N ARG E 1011 -43.15 47.04 -39.27
CA ARG E 1011 -43.15 45.88 -40.16
C ARG E 1011 -43.56 46.26 -41.58
N TRP E 1012 -44.66 47.01 -41.71
CA TRP E 1012 -45.13 47.48 -43.01
C TRP E 1012 -44.06 48.28 -43.75
N GLU E 1013 -43.46 49.26 -43.06
CA GLU E 1013 -42.38 50.04 -43.64
C GLU E 1013 -41.39 49.14 -44.35
N MET E 1014 -40.98 48.07 -43.68
CA MET E 1014 -40.04 47.16 -44.27
C MET E 1014 -40.67 46.34 -45.40
N GLU E 1015 -41.84 45.75 -45.15
CA GLU E 1015 -42.49 44.85 -46.11
C GLU E 1015 -42.74 45.52 -47.44
N ALA E 1016 -43.02 46.81 -47.36
CA ALA E 1016 -43.41 47.60 -48.53
C ALA E 1016 -42.26 48.43 -49.10
N TYR E 1017 -41.71 49.32 -48.27
CA TYR E 1017 -40.71 50.26 -48.74
C TYR E 1017 -39.31 49.67 -48.80
N GLY E 1018 -39.01 48.75 -47.89
CA GLY E 1018 -37.74 48.05 -47.95
C GLY E 1018 -36.67 48.61 -47.04
N LYS E 1019 -36.97 49.72 -46.37
CA LYS E 1019 -36.07 50.26 -45.36
C LYS E 1019 -36.84 51.19 -44.43
N PHE E 1020 -36.18 51.58 -43.35
CA PHE E 1020 -36.82 52.39 -42.32
C PHE E 1020 -36.72 53.88 -42.60
N SER E 1021 -37.85 54.57 -42.47
CA SER E 1021 -37.84 56.02 -42.52
C SER E 1021 -37.19 56.50 -41.22
N LEU E 1022 -36.86 57.79 -41.15
CA LEU E 1022 -36.38 58.33 -39.88
C LEU E 1022 -37.42 58.07 -38.80
N GLU E 1023 -38.70 58.19 -39.17
CA GLU E 1023 -39.82 57.93 -38.24
C GLU E 1023 -39.81 56.49 -37.74
N GLY E 1024 -39.47 55.58 -38.63
CA GLY E 1024 -39.39 54.17 -38.27
C GLY E 1024 -38.21 53.86 -37.37
N CYS E 1025 -37.05 54.42 -37.70
CA CYS E 1025 -35.86 54.25 -36.88
C CYS E 1025 -36.16 54.63 -35.44
N VAL E 1026 -36.63 55.85 -35.22
CA VAL E 1026 -36.99 56.28 -33.88
C VAL E 1026 -37.96 55.31 -33.19
N GLU E 1027 -38.98 54.82 -33.90
CA GLU E 1027 -39.89 53.86 -33.30
C GLU E 1027 -39.17 52.57 -32.88
N MET E 1028 -38.42 51.96 -33.79
CA MET E 1028 -37.65 50.75 -33.47
C MET E 1028 -36.68 51.05 -32.32
N ALA E 1029 -35.87 52.09 -32.50
CA ALA E 1029 -34.88 52.45 -31.50
C ALA E 1029 -35.50 52.70 -30.13
N TRP E 1030 -36.78 53.02 -30.10
CA TRP E 1030 -37.47 53.23 -28.85
C TRP E 1030 -37.79 51.89 -28.20
N MET E 1031 -38.38 50.99 -28.97
CA MET E 1031 -38.82 49.70 -28.41
C MET E 1031 -37.66 48.75 -28.16
N MET E 1032 -36.62 48.85 -28.99
CA MET E 1032 -35.39 48.09 -28.77
C MET E 1032 -34.65 48.59 -27.52
N GLY E 1033 -35.02 49.78 -27.07
CA GLY E 1033 -34.49 50.32 -25.85
C GLY E 1033 -33.16 51.01 -26.02
N LEU E 1034 -32.95 51.62 -27.18
CA LEU E 1034 -31.72 52.34 -27.45
C LEU E 1034 -31.82 53.82 -27.11
N ILE E 1035 -33.06 54.29 -26.94
CA ILE E 1035 -33.35 55.69 -26.59
C ILE E 1035 -34.58 55.79 -25.70
N LYS E 1036 -34.49 56.62 -24.67
CA LYS E 1036 -35.63 56.86 -23.80
C LYS E 1036 -35.79 58.36 -23.58
N ASN E 1037 -37.06 58.79 -23.45
CA ASN E 1037 -37.35 60.20 -23.28
C ASN E 1037 -36.88 60.68 -21.93
N HIS E 1038 -36.10 61.76 -21.92
CA HIS E 1038 -35.68 62.37 -20.66
C HIS E 1038 -36.21 63.80 -20.57
N ASN E 1039 -36.50 64.25 -19.34
CA ASN E 1039 -37.06 65.58 -19.12
C ASN E 1039 -36.67 66.17 -17.76
N GLY E 1040 -35.51 66.80 -17.70
CA GLY E 1040 -35.01 67.36 -16.47
C GLY E 1040 -33.55 67.76 -16.67
N PRO E 1041 -32.90 68.26 -15.61
CA PRO E 1041 -31.50 68.68 -15.76
C PRO E 1041 -30.61 67.53 -16.27
N LEU E 1042 -29.71 67.85 -17.18
CA LEU E 1042 -28.73 66.89 -17.66
C LEU E 1042 -27.34 67.50 -17.62
N LYS E 1043 -26.58 67.15 -16.58
CA LYS E 1043 -25.29 67.77 -16.36
C LYS E 1043 -25.46 69.28 -16.14
N GLY E 1044 -26.35 69.64 -15.21
CA GLY E 1044 -26.63 71.04 -14.90
C GLY E 1044 -27.73 71.62 -15.76
N LYS E 1045 -27.35 72.07 -16.96
CA LYS E 1045 -28.28 72.65 -17.91
C LYS E 1045 -29.46 71.72 -18.15
N PRO E 1046 -30.69 72.24 -18.04
CA PRO E 1046 -31.92 71.46 -18.23
C PRO E 1046 -32.03 70.96 -19.66
N TYR E 1047 -32.95 70.03 -19.90
CA TYR E 1047 -33.07 69.43 -21.21
C TYR E 1047 -34.28 68.49 -21.28
N SER E 1048 -34.87 68.38 -22.47
CA SER E 1048 -35.97 67.44 -22.70
C SER E 1048 -35.80 66.81 -24.07
N GLY E 1049 -36.43 65.65 -24.28
CA GLY E 1049 -36.34 64.96 -25.55
C GLY E 1049 -35.56 63.66 -25.46
N TRP E 1050 -35.21 63.12 -26.63
CA TRP E 1050 -34.57 61.82 -26.75
C TRP E 1050 -33.18 61.75 -26.11
N VAL E 1051 -32.92 60.63 -25.46
CA VAL E 1051 -31.64 60.37 -24.79
C VAL E 1051 -31.20 58.95 -25.07
N ASP E 1052 -29.89 58.76 -25.23
CA ASP E 1052 -29.31 57.42 -25.41
C ASP E 1052 -29.48 56.62 -24.12
N ALA E 1053 -30.07 55.44 -24.22
CA ALA E 1053 -30.33 54.61 -23.03
C ALA E 1053 -29.04 54.21 -22.32
N LYS E 1054 -28.04 53.83 -23.11
CA LYS E 1054 -26.74 53.43 -22.58
C LYS E 1054 -25.99 54.64 -22.01
N THR E 1055 -25.39 55.42 -22.91
CA THR E 1055 -24.77 56.68 -22.52
C THR E 1055 -25.87 57.68 -22.21
N GLY E 1056 -25.93 58.14 -20.96
CA GLY E 1056 -26.97 59.07 -20.52
C GLY E 1056 -27.09 60.34 -21.36
N GLU E 1057 -26.25 60.47 -22.38
CA GLU E 1057 -26.23 61.64 -23.28
C GLU E 1057 -27.54 61.84 -24.05
N PRO E 1058 -27.72 63.03 -24.62
CA PRO E 1058 -28.89 63.32 -25.45
C PRO E 1058 -28.63 62.88 -26.88
N VAL E 1059 -29.70 62.75 -27.65
CA VAL E 1059 -29.60 62.33 -29.05
C VAL E 1059 -30.57 63.09 -29.95
N ASP E 1060 -30.04 63.61 -31.06
CA ASP E 1060 -30.85 64.34 -32.04
C ASP E 1060 -31.51 63.40 -33.04
N ASP E 1061 -32.80 63.65 -33.31
CA ASP E 1061 -33.56 62.84 -34.27
C ASP E 1061 -32.77 62.65 -35.57
N LYS E 1062 -32.13 63.71 -36.04
CA LYS E 1062 -31.42 63.65 -37.30
C LYS E 1062 -30.32 62.59 -37.28
N ASP E 1063 -29.79 62.32 -36.09
CA ASP E 1063 -28.69 61.38 -35.93
C ASP E 1063 -29.16 59.95 -35.70
N VAL E 1064 -30.36 59.79 -35.16
CA VAL E 1064 -30.90 58.47 -34.84
C VAL E 1064 -30.60 57.44 -35.91
N LYS E 1065 -30.90 57.78 -37.16
CA LYS E 1065 -30.66 56.87 -38.27
C LYS E 1065 -29.18 56.51 -38.39
N ALA E 1066 -28.30 57.49 -38.23
CA ALA E 1066 -26.86 57.26 -38.32
C ALA E 1066 -26.38 56.25 -37.26
N LYS E 1067 -26.59 56.61 -35.99
CA LYS E 1067 -26.19 55.76 -34.87
C LYS E 1067 -26.74 54.33 -34.98
N TYR E 1068 -28.04 54.21 -34.81
CA TYR E 1068 -28.64 52.92 -34.51
C TYR E 1068 -29.06 52.06 -35.71
N GLU E 1069 -29.26 52.66 -36.88
CA GLU E 1069 -29.84 51.88 -37.96
C GLU E 1069 -29.05 50.63 -38.22
N LYS E 1070 -27.72 50.79 -38.28
CA LYS E 1070 -26.84 49.66 -38.52
C LYS E 1070 -27.20 48.52 -37.58
N TYR E 1071 -27.26 48.85 -36.29
CA TYR E 1071 -27.58 47.89 -35.26
C TYR E 1071 -28.97 47.32 -35.50
N ILE E 1072 -29.95 48.22 -35.52
CA ILE E 1072 -31.34 47.82 -35.52
C ILE E 1072 -31.65 46.72 -36.50
N LEU E 1073 -31.18 46.89 -37.74
CA LEU E 1073 -31.41 45.91 -38.80
C LEU E 1073 -30.70 44.57 -38.52
N GLU E 1074 -29.50 44.71 -37.96
CA GLU E 1074 -28.66 43.58 -37.65
C GLU E 1074 -29.22 42.79 -36.47
N HIS E 1075 -30.02 43.41 -35.63
CA HIS E 1075 -30.56 42.70 -34.47
C HIS E 1075 -32.07 42.55 -34.52
N SER E 1076 -32.63 42.67 -35.72
CA SER E 1076 -34.00 42.24 -35.94
C SER E 1076 -34.19 41.61 -37.30
N GLY E 1077 -35.35 41.00 -37.48
CA GLY E 1077 -35.63 40.21 -38.66
C GLY E 1077 -35.40 38.73 -38.39
N ILE E 1078 -35.14 37.96 -39.45
CA ILE E 1078 -34.76 36.58 -39.27
C ILE E 1078 -33.26 36.58 -39.09
N ARG E 1079 -32.79 36.14 -37.93
CA ARG E 1079 -31.37 36.12 -37.66
C ARG E 1079 -30.92 34.86 -36.97
N LEU E 1080 -29.63 34.80 -36.67
CA LEU E 1080 -29.06 33.72 -35.88
C LEU E 1080 -29.62 33.78 -34.48
N ILE E 1081 -30.01 32.61 -33.95
CA ILE E 1081 -30.67 32.57 -32.66
C ILE E 1081 -29.80 33.23 -31.61
N GLU E 1082 -30.39 34.18 -30.88
CA GLU E 1082 -29.64 34.87 -29.84
C GLU E 1082 -30.05 34.25 -28.54
N PRO E 1083 -29.08 33.69 -27.83
CA PRO E 1083 -29.40 32.81 -26.71
C PRO E 1083 -29.96 33.63 -25.56
N GLU E 1084 -29.47 34.86 -25.42
CA GLU E 1084 -29.94 35.76 -24.40
C GLU E 1084 -31.47 35.83 -24.40
N LEU E 1085 -32.05 35.75 -25.60
CA LEU E 1085 -33.49 35.89 -25.79
C LEU E 1085 -34.25 34.62 -25.45
N PHE E 1086 -33.51 33.56 -25.11
CA PHE E 1086 -34.15 32.28 -24.85
C PHE E 1086 -33.56 31.57 -23.64
N GLY E 1087 -33.16 32.35 -22.64
CA GLY E 1087 -32.62 31.81 -21.42
C GLY E 1087 -31.48 30.83 -21.60
N GLY E 1088 -30.67 31.06 -22.63
CA GLY E 1088 -29.46 30.28 -22.85
C GLY E 1088 -29.47 29.27 -23.99
N TYR E 1089 -30.61 29.06 -24.64
CA TYR E 1089 -30.66 28.09 -25.74
C TYR E 1089 -29.57 28.44 -26.70
N ASP E 1090 -28.88 27.42 -27.17
CA ASP E 1090 -27.91 27.59 -28.23
C ASP E 1090 -27.94 26.29 -28.99
N PRO E 1091 -28.51 26.33 -30.21
CA PRO E 1091 -28.72 25.14 -31.04
C PRO E 1091 -27.42 24.43 -31.28
N ASN E 1092 -26.31 25.12 -31.00
CA ASN E 1092 -25.01 24.52 -31.19
C ASN E 1092 -24.65 23.58 -30.04
N ARG E 1093 -25.44 23.62 -28.97
CA ARG E 1093 -25.28 22.70 -27.85
C ARG E 1093 -26.61 22.29 -27.22
N LYS E 1094 -27.41 21.60 -28.02
CA LYS E 1094 -28.69 21.06 -27.58
C LYS E 1094 -28.43 20.10 -26.43
N GLN E 1095 -28.95 20.42 -25.26
CA GLN E 1095 -28.71 19.59 -24.09
C GLN E 1095 -29.67 18.40 -23.98
N LEU E 1096 -29.09 17.22 -23.82
CA LEU E 1096 -29.83 16.00 -23.52
C LEU E 1096 -29.26 15.33 -22.27
N LEU E 1097 -29.97 14.34 -21.75
CA LEU E 1097 -29.47 13.52 -20.65
C LEU E 1097 -29.38 12.10 -21.14
N GLN E 1098 -28.34 11.38 -20.71
CA GLN E 1098 -28.25 9.96 -21.01
C GLN E 1098 -28.22 9.15 -19.75
N GLU E 1099 -29.08 8.14 -19.68
CA GLU E 1099 -29.13 7.23 -18.54
C GLU E 1099 -27.89 6.36 -18.53
N VAL E 1100 -27.12 6.44 -17.45
CA VAL E 1100 -25.88 5.68 -17.30
C VAL E 1100 -25.99 4.87 -16.02
N VAL E 1101 -25.82 3.56 -16.14
CA VAL E 1101 -25.79 2.69 -14.97
C VAL E 1101 -24.37 2.58 -14.40
N ILE E 1102 -24.10 3.28 -13.30
CA ILE E 1102 -22.76 3.30 -12.74
C ILE E 1102 -22.37 1.90 -12.39
N GLU E 1103 -21.09 1.57 -12.59
CA GLU E 1103 -20.64 0.21 -12.29
C GLU E 1103 -19.59 0.17 -11.18
N GLN E 1104 -19.44 1.28 -10.48
CA GLN E 1104 -18.69 1.27 -9.23
C GLN E 1104 -19.25 2.25 -8.22
N ASP E 1105 -19.28 1.84 -6.96
CA ASP E 1105 -19.73 2.68 -5.85
C ASP E 1105 -19.33 4.13 -6.05
N LEU E 1106 -20.21 5.03 -5.66
CA LEU E 1106 -20.01 6.45 -5.88
C LEU E 1106 -19.65 7.07 -4.54
N GLU E 1107 -18.98 8.22 -4.59
CA GLU E 1107 -18.59 8.88 -3.35
C GLU E 1107 -19.83 9.41 -2.64
N PRO E 1108 -19.82 9.36 -1.30
CA PRO E 1108 -20.87 9.82 -0.39
C PRO E 1108 -21.02 11.35 -0.37
N PHE E 1109 -22.26 11.82 -0.29
CA PHE E 1109 -22.51 13.25 -0.17
C PHE E 1109 -23.52 13.54 0.93
N GLU E 1110 -23.54 14.78 1.42
CA GLU E 1110 -24.47 15.18 2.45
C GLU E 1110 -25.88 15.47 1.90
N ALA E 1111 -26.87 15.45 2.78
CA ALA E 1111 -28.28 15.61 2.39
C ALA E 1111 -29.13 15.88 3.64
N SER E 1112 -30.29 16.49 3.45
CA SER E 1112 -31.22 16.65 4.54
C SER E 1112 -31.86 15.29 4.81
N LYS E 1113 -32.45 15.11 5.98
CA LYS E 1113 -33.04 13.83 6.29
C LYS E 1113 -34.06 13.46 5.24
N GLU E 1114 -34.91 14.43 4.90
CA GLU E 1114 -35.91 14.21 3.87
C GLU E 1114 -35.25 13.71 2.58
N GLN E 1115 -34.36 14.53 2.03
CA GLN E 1115 -33.72 14.23 0.76
C GLN E 1115 -33.14 12.84 0.75
N ALA E 1116 -32.43 12.51 1.81
CA ALA E 1116 -31.85 11.19 1.94
C ALA E 1116 -32.95 10.15 1.68
N GLU E 1117 -34.03 10.24 2.44
CA GLU E 1117 -35.12 9.28 2.32
C GLU E 1117 -35.58 9.18 0.88
N GLU E 1118 -35.85 10.31 0.26
CA GLU E 1118 -36.28 10.35 -1.12
C GLU E 1118 -35.35 9.50 -1.99
N PHE E 1119 -34.04 9.74 -1.86
CA PHE E 1119 -33.04 9.03 -2.66
C PHE E 1119 -33.13 7.53 -2.47
N LYS E 1120 -33.23 7.13 -1.21
CA LYS E 1120 -33.34 5.74 -0.84
C LYS E 1120 -34.65 5.19 -1.37
N ARG E 1121 -35.68 6.02 -1.33
CA ARG E 1121 -37.01 5.59 -1.74
C ARG E 1121 -36.97 5.14 -3.19
N GLU E 1122 -36.13 5.79 -3.98
CA GLU E 1122 -36.09 5.52 -5.42
C GLU E 1122 -35.15 4.38 -5.77
N HIS E 1123 -34.01 4.33 -5.08
CA HIS E 1123 -32.98 3.34 -5.40
C HIS E 1123 -32.99 2.10 -4.49
N GLY E 1124 -33.22 2.31 -3.20
CA GLY E 1124 -33.32 1.23 -2.23
C GLY E 1124 -32.07 0.37 -2.13
N ASP E 1125 -32.08 -0.77 -2.81
CA ASP E 1125 -30.96 -1.70 -2.79
C ASP E 1125 -29.70 -1.00 -3.18
N LYS E 1126 -29.82 0.00 -4.04
CA LYS E 1126 -28.66 0.62 -4.66
C LYS E 1126 -28.23 1.89 -3.99
N VAL E 1127 -28.81 2.19 -2.84
CA VAL E 1127 -28.33 3.33 -2.05
C VAL E 1127 -28.29 3.05 -0.56
N GLU E 1128 -27.33 3.66 0.12
CA GLU E 1128 -27.21 3.54 1.56
C GLU E 1128 -27.29 4.93 2.15
N ILE E 1129 -28.20 5.13 3.09
CA ILE E 1129 -28.18 6.38 3.81
C ILE E 1129 -28.05 6.16 5.31
N PHE E 1130 -27.27 7.02 5.97
CA PHE E 1130 -27.06 6.93 7.40
C PHE E 1130 -27.09 8.29 8.05
N GLU E 1131 -27.55 8.34 9.29
CA GLU E 1131 -27.51 9.59 10.05
C GLU E 1131 -26.10 10.04 10.32
N ILE E 1132 -25.91 11.35 10.42
CA ILE E 1132 -24.71 11.89 11.02
C ILE E 1132 -25.11 12.16 12.46
N PRO E 1133 -24.54 11.40 13.41
CA PRO E 1133 -25.00 11.46 14.79
C PRO E 1133 -25.03 12.90 15.29
N GLU E 1134 -24.07 13.67 14.81
CA GLU E 1134 -23.77 15.00 15.33
C GLU E 1134 -24.67 16.08 14.75
N THR E 1135 -24.59 16.28 13.44
CA THR E 1135 -25.26 17.40 12.79
C THR E 1135 -26.70 17.10 12.36
N GLY E 1136 -27.14 15.86 12.56
CA GLY E 1136 -28.50 15.47 12.21
C GLY E 1136 -28.72 15.30 10.72
N GLN E 1137 -27.66 15.48 9.94
CA GLN E 1137 -27.74 15.29 8.50
C GLN E 1137 -27.73 13.82 8.14
N TYR E 1138 -27.61 13.53 6.84
CA TYR E 1138 -27.46 12.17 6.37
C TYR E 1138 -26.37 12.08 5.32
N THR E 1139 -26.11 10.85 4.87
CA THR E 1139 -25.04 10.60 3.92
C THR E 1139 -25.57 9.67 2.84
N VAL E 1140 -25.33 10.03 1.58
CA VAL E 1140 -25.86 9.22 0.49
C VAL E 1140 -24.73 8.62 -0.35
N ARG E 1141 -24.80 7.31 -0.53
CA ARG E 1141 -23.81 6.61 -1.33
C ARG E 1141 -24.54 5.73 -2.31
N LEU E 1142 -24.43 6.03 -3.60
CA LEU E 1142 -25.07 5.16 -4.58
C LEU E 1142 -24.12 4.03 -4.89
N ARG E 1143 -24.55 2.80 -4.62
CA ARG E 1143 -23.74 1.64 -4.92
C ARG E 1143 -23.78 1.28 -6.42
N LYS E 1144 -22.85 0.43 -6.85
CA LYS E 1144 -22.85 -0.10 -8.21
C LYS E 1144 -24.21 -0.72 -8.57
N GLY E 1145 -24.69 -0.39 -9.76
CA GLY E 1145 -26.01 -0.82 -10.20
C GLY E 1145 -26.92 0.39 -10.30
N ALA E 1146 -26.63 1.41 -9.48
CA ALA E 1146 -27.39 2.65 -9.45
C ALA E 1146 -27.47 3.28 -10.83
N THR E 1147 -28.57 3.98 -11.10
CA THR E 1147 -28.75 4.58 -12.41
C THR E 1147 -28.66 6.09 -12.31
N LEU E 1148 -27.82 6.66 -13.16
CA LEU E 1148 -27.52 8.08 -13.11
C LEU E 1148 -27.89 8.76 -14.42
N LEU E 1149 -27.92 10.09 -14.39
CA LEU E 1149 -28.16 10.87 -15.59
C LEU E 1149 -27.01 11.83 -15.82
N ILE E 1150 -26.32 11.62 -16.95
CA ILE E 1150 -25.25 12.51 -17.35
C ILE E 1150 -25.70 13.31 -18.55
N PRO E 1151 -25.52 14.63 -18.48
CA PRO E 1151 -25.80 15.59 -19.55
C PRO E 1151 -24.85 15.41 -20.72
N LYS E 1152 -25.36 15.67 -21.92
CA LYS E 1152 -24.54 15.72 -23.11
C LYS E 1152 -25.08 16.82 -24.02
N ALA E 1153 -24.35 17.16 -25.07
CA ALA E 1153 -24.77 18.21 -25.97
C ALA E 1153 -24.73 17.81 -27.46
N LEU E 1154 -25.65 18.38 -28.23
CA LEU E 1154 -25.77 18.08 -29.65
C LEU E 1154 -25.51 19.34 -30.45
N GLN E 1155 -25.05 19.16 -31.69
CA GLN E 1155 -25.01 20.28 -32.62
C GLN E 1155 -26.22 20.29 -33.55
N PHE E 1156 -27.14 21.19 -33.26
CA PHE E 1156 -28.43 21.22 -33.92
C PHE E 1156 -28.31 22.06 -35.17
N ASP E 1157 -29.24 21.84 -36.08
CA ASP E 1157 -29.16 22.42 -37.42
C ASP E 1157 -29.80 23.79 -37.48
N ARG E 1158 -31.02 23.91 -36.96
CA ARG E 1158 -31.75 25.17 -36.98
C ARG E 1158 -31.10 26.25 -36.11
N LEU E 1159 -30.17 27.02 -36.69
CA LEU E 1159 -29.53 28.13 -35.98
C LEU E 1159 -30.18 29.46 -36.27
N VAL E 1160 -31.05 29.50 -37.28
CA VAL E 1160 -31.72 30.74 -37.65
C VAL E 1160 -33.22 30.66 -37.33
N ALA E 1161 -33.76 31.74 -36.77
CA ALA E 1161 -35.19 31.84 -36.49
C ALA E 1161 -35.60 33.29 -36.40
N GLY E 1162 -36.83 33.56 -36.81
CA GLY E 1162 -37.35 34.92 -36.77
C GLY E 1162 -37.78 35.29 -35.37
N GLN E 1163 -37.05 36.22 -34.77
CA GLN E 1163 -37.23 36.53 -33.36
C GLN E 1163 -37.48 37.99 -33.13
N ILE E 1164 -38.39 38.27 -32.20
CA ILE E 1164 -38.65 39.65 -31.79
C ILE E 1164 -37.34 40.43 -31.65
N PRO E 1165 -37.33 41.68 -32.13
CA PRO E 1165 -36.16 42.58 -32.07
C PRO E 1165 -35.47 42.62 -30.72
N THR E 1166 -34.15 42.65 -30.78
CA THR E 1166 -33.34 42.53 -29.59
C THR E 1166 -33.46 43.71 -28.66
N GLY E 1167 -34.31 43.59 -27.67
CA GLY E 1167 -34.41 44.60 -26.65
C GLY E 1167 -35.86 44.82 -26.29
N TRP E 1168 -36.75 44.33 -27.12
CA TRP E 1168 -38.17 44.55 -26.89
C TRP E 1168 -38.55 44.08 -25.50
N ASP E 1169 -39.31 44.90 -24.79
CA ASP E 1169 -39.77 44.47 -23.48
C ASP E 1169 -41.12 45.06 -23.13
N ALA E 1170 -42.04 44.21 -22.68
CA ALA E 1170 -43.37 44.63 -22.28
C ALA E 1170 -43.34 45.73 -21.22
N ARG E 1171 -42.23 45.85 -20.50
CA ARG E 1171 -42.10 46.90 -19.49
C ARG E 1171 -42.10 48.32 -20.07
N ARG E 1172 -41.57 48.45 -21.29
CA ARG E 1172 -41.54 49.74 -21.96
C ARG E 1172 -42.94 50.24 -22.33
N TYR E 1173 -43.76 49.34 -22.83
CA TYR E 1173 -45.16 49.62 -23.12
C TYR E 1173 -46.00 49.91 -21.86
N GLY E 1174 -45.47 49.56 -20.68
CA GLY E 1174 -46.13 49.91 -19.44
C GLY E 1174 -46.79 48.77 -18.68
N VAL E 1175 -46.61 47.54 -19.15
CA VAL E 1175 -47.13 46.38 -18.44
C VAL E 1175 -46.54 46.35 -17.03
N PRO E 1176 -47.39 46.02 -16.03
CA PRO E 1176 -47.03 46.03 -14.61
C PRO E 1176 -45.98 45.00 -14.26
N GLU E 1177 -45.03 45.38 -13.41
CA GLU E 1177 -43.92 44.50 -13.02
C GLU E 1177 -44.36 43.09 -12.58
N ASP E 1178 -45.22 43.02 -11.57
CA ASP E 1178 -45.72 41.75 -11.08
C ASP E 1178 -46.27 40.88 -12.21
N ILE E 1179 -47.12 41.46 -13.07
CA ILE E 1179 -47.73 40.71 -14.17
C ILE E 1179 -46.66 40.17 -15.10
N ILE E 1180 -45.56 40.91 -15.22
CA ILE E 1180 -44.41 40.48 -16.03
C ILE E 1180 -43.87 39.16 -15.48
N GLN E 1181 -43.77 39.08 -14.17
CA GLN E 1181 -43.15 37.95 -13.51
C GLN E 1181 -44.09 36.75 -13.39
N GLN E 1182 -45.38 37.00 -13.51
CA GLN E 1182 -46.39 35.98 -13.24
C GLN E 1182 -46.85 35.20 -14.48
N VAL E 1183 -46.66 35.77 -15.66
CA VAL E 1183 -47.21 35.13 -16.86
C VAL E 1183 -46.16 34.70 -17.90
N ASP E 1184 -46.60 33.83 -18.82
CA ASP E 1184 -45.79 33.37 -19.94
C ASP E 1184 -45.51 34.54 -20.89
N PRO E 1185 -44.26 34.64 -21.39
CA PRO E 1185 -43.89 35.67 -22.37
C PRO E 1185 -44.96 35.84 -23.44
N VAL E 1186 -45.46 34.74 -23.98
CA VAL E 1186 -46.54 34.75 -24.95
C VAL E 1186 -47.68 35.68 -24.53
N THR E 1187 -48.10 35.58 -23.29
CA THR E 1187 -49.11 36.49 -22.78
C THR E 1187 -48.66 37.94 -22.91
N LEU E 1188 -47.39 38.21 -22.64
CA LEU E 1188 -46.85 39.57 -22.81
C LEU E 1188 -46.98 40.11 -24.24
N TYR E 1189 -46.64 39.29 -25.22
CA TYR E 1189 -46.80 39.71 -26.59
C TYR E 1189 -48.28 40.02 -26.87
N VAL E 1190 -49.17 39.23 -26.27
CA VAL E 1190 -50.61 39.40 -26.49
C VAL E 1190 -51.17 40.64 -25.80
N LEU E 1191 -50.73 40.86 -24.56
CA LEU E 1191 -51.18 42.02 -23.82
C LEU E 1191 -50.79 43.26 -24.58
N VAL E 1192 -49.49 43.39 -24.87
CA VAL E 1192 -49.01 44.57 -25.58
C VAL E 1192 -49.76 44.71 -26.89
N SER E 1193 -49.87 43.61 -27.62
CA SER E 1193 -50.60 43.62 -28.88
C SER E 1193 -52.00 44.21 -28.70
N VAL E 1194 -52.86 43.49 -27.96
CA VAL E 1194 -54.23 43.94 -27.74
C VAL E 1194 -54.30 45.39 -27.24
N ALA E 1195 -53.26 45.86 -26.58
CA ALA E 1195 -53.27 47.23 -26.06
C ALA E 1195 -53.04 48.24 -27.16
N GLU E 1196 -52.15 47.93 -28.08
CA GLU E 1196 -51.90 48.79 -29.24
C GLU E 1196 -52.95 48.61 -30.33
N ALA E 1197 -53.63 47.47 -30.33
CA ALA E 1197 -54.69 47.22 -31.31
C ALA E 1197 -55.94 48.00 -30.95
N LEU E 1198 -56.07 48.34 -29.67
CA LEU E 1198 -57.16 49.18 -29.21
C LEU E 1198 -56.90 50.64 -29.56
N LEU E 1199 -55.64 51.04 -29.54
CA LEU E 1199 -55.28 52.42 -29.87
C LEU E 1199 -55.43 52.71 -31.37
N SER E 1200 -55.00 51.77 -32.21
CA SER E 1200 -55.16 51.87 -33.66
C SER E 1200 -56.62 51.82 -34.06
N SER E 1201 -57.50 51.89 -33.07
CA SER E 1201 -58.93 51.83 -33.27
C SER E 1201 -59.60 52.89 -32.42
N GLY E 1202 -58.80 53.84 -31.93
CA GLY E 1202 -59.33 55.00 -31.24
C GLY E 1202 -59.85 54.76 -29.83
N ILE E 1203 -59.79 53.51 -29.37
CA ILE E 1203 -60.14 53.21 -27.99
C ILE E 1203 -58.92 53.49 -27.10
N THR E 1204 -59.06 54.44 -26.17
CA THR E 1204 -58.01 54.71 -25.18
C THR E 1204 -58.26 53.90 -23.90
N ASP E 1205 -59.42 54.15 -23.30
CA ASP E 1205 -59.92 53.36 -22.20
C ASP E 1205 -60.92 52.37 -22.80
N PRO E 1206 -60.66 51.07 -22.63
CA PRO E 1206 -61.53 50.06 -23.26
C PRO E 1206 -62.92 50.13 -22.66
N TYR E 1207 -63.04 50.78 -21.51
CA TYR E 1207 -64.32 51.00 -20.86
C TYR E 1207 -65.23 51.85 -21.73
N GLU E 1208 -64.62 52.62 -22.63
CA GLU E 1208 -65.37 53.43 -23.58
C GLU E 1208 -66.39 52.59 -24.34
N PHE E 1209 -66.09 51.32 -24.54
CA PHE E 1209 -67.04 50.42 -25.16
C PHE E 1209 -68.35 50.36 -24.37
N TYR E 1210 -68.24 50.59 -23.06
CA TYR E 1210 -69.41 50.45 -22.19
C TYR E 1210 -70.15 51.76 -22.10
N LYS E 1211 -69.90 52.64 -23.07
CA LYS E 1211 -70.78 53.75 -23.31
C LYS E 1211 -71.86 53.21 -24.26
N TYR E 1212 -71.43 52.75 -25.42
CA TYR E 1212 -72.33 52.37 -26.51
C TYR E 1212 -72.88 50.96 -26.38
N VAL E 1213 -72.22 50.15 -25.54
CA VAL E 1213 -72.56 48.73 -25.49
C VAL E 1213 -72.46 48.12 -24.10
N HIS E 1214 -73.31 47.11 -23.87
CA HIS E 1214 -73.42 46.41 -22.60
C HIS E 1214 -72.21 45.50 -22.33
N LEU E 1215 -71.92 45.27 -21.05
CA LEU E 1215 -70.79 44.45 -20.65
C LEU E 1215 -70.72 43.12 -21.38
N SER E 1216 -71.87 42.64 -21.86
CA SER E 1216 -71.97 41.30 -22.43
C SER E 1216 -71.82 41.22 -23.94
N GLU E 1217 -71.21 42.24 -24.54
CA GLU E 1217 -71.06 42.28 -25.99
C GLU E 1217 -69.62 42.53 -26.43
N VAL E 1218 -68.72 42.72 -25.48
CA VAL E 1218 -67.30 42.79 -25.81
C VAL E 1218 -66.73 41.37 -25.68
N GLY E 1219 -66.69 40.63 -26.80
CA GLY E 1219 -66.21 39.26 -26.82
C GLY E 1219 -64.71 39.12 -27.03
N ASN E 1220 -64.17 37.96 -26.66
CA ASN E 1220 -62.73 37.73 -26.77
C ASN E 1220 -62.39 36.33 -27.33
N CYS E 1221 -61.84 36.30 -28.55
CA CYS E 1221 -61.57 35.06 -29.27
C CYS E 1221 -60.12 34.85 -29.69
N ILE E 1222 -59.16 35.23 -28.86
CA ILE E 1222 -57.76 35.05 -29.23
C ILE E 1222 -57.35 33.59 -28.99
N GLY E 1223 -56.70 33.00 -29.99
CA GLY E 1223 -56.28 31.61 -29.93
C GLY E 1223 -54.79 31.39 -30.21
N SER E 1224 -54.41 30.13 -30.35
CA SER E 1224 -53.01 29.79 -30.65
C SER E 1224 -52.87 28.31 -30.97
N GLY E 1225 -51.65 27.92 -31.33
CA GLY E 1225 -51.37 26.56 -31.75
C GLY E 1225 -51.07 25.65 -30.57
N VAL E 1226 -50.19 26.14 -29.69
CA VAL E 1226 -49.91 25.48 -28.42
C VAL E 1226 -49.88 26.47 -27.25
N GLY E 1227 -49.14 27.56 -27.41
CA GLY E 1227 -49.21 28.72 -26.52
C GLY E 1227 -49.12 28.52 -25.01
N GLY E 1228 -48.13 29.14 -24.41
CA GLY E 1228 -47.81 28.88 -23.02
C GLY E 1228 -46.69 27.85 -23.02
N THR E 1229 -46.00 27.80 -24.15
CA THR E 1229 -44.94 26.83 -24.43
C THR E 1229 -43.84 26.88 -23.39
N SER E 1230 -43.72 28.03 -22.73
CA SER E 1230 -42.68 28.22 -21.72
C SER E 1230 -43.07 27.64 -20.36
N ALA E 1231 -44.29 27.91 -19.92
CA ALA E 1231 -44.79 27.29 -18.70
C ALA E 1231 -45.00 25.80 -18.95
N LEU E 1232 -45.41 25.47 -20.17
CA LEU E 1232 -45.63 24.09 -20.57
C LEU E 1232 -44.37 23.25 -20.31
N ARG E 1233 -43.21 23.91 -20.44
CA ARG E 1233 -41.93 23.25 -20.20
C ARG E 1233 -41.68 23.11 -18.72
N GLY E 1234 -41.81 24.21 -17.99
CA GLY E 1234 -41.61 24.19 -16.55
C GLY E 1234 -42.42 23.10 -15.85
N MET E 1235 -43.50 22.70 -16.49
CA MET E 1235 -44.41 21.71 -15.96
C MET E 1235 -43.85 20.31 -16.21
N TYR E 1236 -43.48 20.06 -17.47
CA TYR E 1236 -43.12 18.72 -17.93
C TYR E 1236 -41.63 18.43 -17.81
N LYS E 1237 -40.83 19.48 -17.56
CA LYS E 1237 -39.40 19.29 -17.50
C LYS E 1237 -38.72 20.02 -16.36
N ASP E 1238 -38.86 21.34 -16.30
CA ASP E 1238 -38.19 22.12 -15.27
C ASP E 1238 -38.57 21.68 -13.85
N ARG E 1239 -39.70 20.98 -13.72
CA ARG E 1239 -40.16 20.53 -12.42
C ARG E 1239 -39.66 19.12 -12.09
N TYR E 1240 -39.62 18.28 -13.12
CA TYR E 1240 -39.02 16.96 -13.00
C TYR E 1240 -37.51 17.05 -12.78
N LEU E 1241 -36.96 18.23 -13.01
CA LEU E 1241 -35.54 18.49 -12.85
C LEU E 1241 -35.31 19.19 -11.53
N ASP E 1242 -36.39 19.44 -10.81
CA ASP E 1242 -36.35 20.07 -9.50
C ASP E 1242 -35.77 21.50 -9.53
N LYS E 1243 -35.96 22.19 -10.66
CA LYS E 1243 -35.64 23.62 -10.73
C LYS E 1243 -36.78 24.42 -10.10
N PRO E 1244 -36.49 25.67 -9.67
CA PRO E 1244 -37.49 26.52 -9.01
C PRO E 1244 -38.58 27.03 -9.97
N VAL E 1245 -39.75 26.42 -9.93
CA VAL E 1245 -40.87 26.81 -10.78
C VAL E 1245 -42.03 27.25 -9.92
N GLN E 1246 -42.87 28.15 -10.45
CA GLN E 1246 -44.06 28.65 -9.76
C GLN E 1246 -44.96 27.50 -9.41
N LYS E 1247 -45.91 27.72 -8.50
CA LYS E 1247 -46.86 26.65 -8.15
C LYS E 1247 -48.03 26.55 -9.15
N ASP E 1248 -48.24 27.63 -9.89
CA ASP E 1248 -49.40 27.76 -10.74
C ASP E 1248 -49.06 27.78 -12.22
N ILE E 1249 -47.89 27.29 -12.60
CA ILE E 1249 -47.51 27.27 -14.02
C ILE E 1249 -48.51 26.46 -14.83
N LEU E 1250 -49.37 25.71 -14.16
CA LEU E 1250 -50.43 25.02 -14.85
C LEU E 1250 -51.38 26.05 -15.46
N GLN E 1251 -51.73 27.07 -14.66
CA GLN E 1251 -52.54 28.19 -15.13
C GLN E 1251 -52.11 28.68 -16.51
N GLU E 1252 -50.81 28.89 -16.67
CA GLU E 1252 -50.26 29.60 -17.83
C GLU E 1252 -49.89 28.72 -19.03
N SER E 1253 -50.31 27.46 -19.02
CA SER E 1253 -50.06 26.56 -20.15
C SER E 1253 -51.30 26.42 -21.04
N PHE E 1254 -52.43 26.94 -20.57
CA PHE E 1254 -53.67 26.89 -21.35
C PHE E 1254 -53.71 27.98 -22.41
N VAL E 1255 -54.26 27.62 -23.56
CA VAL E 1255 -54.35 28.58 -24.67
C VAL E 1255 -55.18 29.78 -24.24
N ASN E 1256 -56.19 29.52 -23.41
CA ASN E 1256 -57.17 30.55 -23.07
C ASN E 1256 -56.81 31.38 -21.85
N THR E 1257 -55.63 31.16 -21.30
CA THR E 1257 -55.20 31.92 -20.16
C THR E 1257 -54.65 33.25 -20.65
N MET E 1258 -54.08 33.24 -21.84
CA MET E 1258 -53.70 34.49 -22.47
C MET E 1258 -54.99 35.29 -22.55
N ALA E 1259 -55.96 34.76 -23.30
CA ALA E 1259 -57.26 35.42 -23.46
C ALA E 1259 -57.77 35.96 -22.13
N ALA E 1260 -57.79 35.11 -21.11
CA ALA E 1260 -58.27 35.54 -19.81
C ALA E 1260 -57.52 36.77 -19.29
N TRP E 1261 -56.20 36.77 -19.36
CA TRP E 1261 -55.41 37.88 -18.83
C TRP E 1261 -55.77 39.21 -19.48
N VAL E 1262 -56.14 39.13 -20.75
CA VAL E 1262 -56.56 40.28 -21.52
C VAL E 1262 -57.80 40.91 -20.90
N ASN E 1263 -58.71 40.04 -20.45
CA ASN E 1263 -59.98 40.46 -19.86
C ASN E 1263 -59.82 40.90 -18.39
N MET E 1264 -58.75 40.45 -17.75
CA MET E 1264 -58.53 40.72 -16.34
C MET E 1264 -57.69 41.97 -16.12
N LEU E 1265 -57.21 42.56 -17.21
CA LEU E 1265 -56.34 43.71 -17.11
C LEU E 1265 -56.85 44.91 -17.89
N LEU E 1266 -57.61 44.65 -18.96
CA LEU E 1266 -58.04 45.70 -19.86
C LEU E 1266 -59.56 45.80 -19.92
N LEU E 1267 -60.16 44.94 -20.72
CA LEU E 1267 -61.59 45.01 -20.95
C LEU E 1267 -62.40 44.09 -20.05
N SER E 1268 -62.77 44.55 -18.86
CA SER E 1268 -63.59 43.72 -17.97
C SER E 1268 -64.99 43.54 -18.53
N SER E 1269 -65.28 42.35 -19.03
CA SER E 1269 -66.51 42.14 -19.78
C SER E 1269 -67.10 40.78 -19.56
N THR E 1270 -68.43 40.73 -19.58
CA THR E 1270 -69.17 39.47 -19.51
C THR E 1270 -69.45 38.97 -20.93
N GLY E 1271 -68.46 39.13 -21.80
CA GLY E 1271 -68.61 38.79 -23.21
C GLY E 1271 -68.32 37.33 -23.46
N PRO E 1272 -68.69 36.83 -24.64
CA PRO E 1272 -68.36 35.45 -24.98
C PRO E 1272 -66.84 35.32 -25.06
N ILE E 1273 -66.31 34.12 -24.77
CA ILE E 1273 -64.94 33.80 -25.16
C ILE E 1273 -64.86 32.39 -25.71
N LYS E 1274 -64.39 32.33 -26.95
CA LYS E 1274 -64.21 31.06 -27.64
C LYS E 1274 -62.81 31.11 -28.19
N THR E 1275 -61.90 30.36 -27.57
CA THR E 1275 -60.51 30.37 -28.00
C THR E 1275 -60.20 29.10 -28.82
N PRO E 1276 -59.63 29.30 -30.02
CA PRO E 1276 -59.48 28.19 -30.96
C PRO E 1276 -58.04 27.65 -31.04
N VAL E 1277 -57.90 26.44 -31.56
CA VAL E 1277 -56.59 25.87 -31.85
C VAL E 1277 -56.63 25.31 -33.26
N GLY E 1278 -56.37 26.17 -34.23
CA GLY E 1278 -56.32 25.76 -35.62
C GLY E 1278 -54.90 25.58 -36.14
N ALA E 1279 -53.99 25.18 -35.26
CA ALA E 1279 -52.58 24.97 -35.60
C ALA E 1279 -52.00 26.17 -36.33
N CYS E 1280 -51.29 25.92 -37.43
CA CYS E 1280 -50.69 27.00 -38.23
C CYS E 1280 -51.71 28.07 -38.66
N ALA E 1281 -52.95 27.65 -38.96
CA ALA E 1281 -54.00 28.53 -39.47
C ALA E 1281 -54.95 29.10 -38.40
N THR E 1282 -54.50 29.09 -37.14
CA THR E 1282 -55.34 29.53 -36.03
C THR E 1282 -55.91 30.93 -36.24
N ALA E 1283 -55.02 31.89 -36.43
CA ALA E 1283 -55.38 33.30 -36.50
C ALA E 1283 -56.61 33.56 -37.38
N VAL E 1284 -56.70 32.83 -38.49
CA VAL E 1284 -57.84 32.95 -39.40
C VAL E 1284 -59.10 32.31 -38.79
N GLU E 1285 -58.98 31.07 -38.36
CA GLU E 1285 -60.10 30.41 -37.71
C GLU E 1285 -60.68 31.32 -36.62
N SER E 1286 -59.79 32.06 -35.97
CA SER E 1286 -60.21 32.98 -34.92
C SER E 1286 -61.10 34.08 -35.49
N LEU E 1287 -60.72 34.60 -36.65
CA LEU E 1287 -61.49 35.63 -37.34
C LEU E 1287 -62.88 35.10 -37.64
N ASP E 1288 -62.94 33.85 -38.12
CA ASP E 1288 -64.19 33.16 -38.37
C ASP E 1288 -65.03 33.10 -37.10
N VAL E 1289 -64.54 32.39 -36.10
CA VAL E 1289 -65.20 32.30 -34.80
C VAL E 1289 -65.73 33.65 -34.30
N GLY E 1290 -64.85 34.66 -34.25
CA GLY E 1290 -65.25 36.00 -33.84
C GLY E 1290 -66.36 36.56 -34.72
N TYR E 1291 -66.15 36.48 -36.03
CA TYR E 1291 -67.14 36.86 -37.04
C TYR E 1291 -68.51 36.28 -36.76
N ASP E 1292 -68.60 34.96 -36.75
CA ASP E 1292 -69.87 34.25 -36.53
C ASP E 1292 -70.52 34.66 -35.22
N THR E 1293 -69.74 34.63 -34.16
CA THR E 1293 -70.20 35.04 -32.85
C THR E 1293 -70.84 36.43 -32.86
N ILE E 1294 -70.24 37.35 -33.62
CA ILE E 1294 -70.79 38.70 -33.73
C ILE E 1294 -72.09 38.73 -34.54
N MET E 1295 -72.16 37.91 -35.58
CA MET E 1295 -73.35 37.81 -36.41
C MET E 1295 -74.44 36.95 -35.82
N GLN E 1296 -74.43 36.76 -34.51
CA GLN E 1296 -75.46 35.99 -33.87
C GLN E 1296 -75.92 36.70 -32.62
N GLY E 1297 -75.58 37.98 -32.53
CA GLY E 1297 -76.00 38.79 -31.41
C GLY E 1297 -75.25 38.52 -30.12
N LYS E 1298 -74.29 37.60 -30.19
CA LYS E 1298 -73.50 37.24 -29.01
C LYS E 1298 -72.63 38.41 -28.55
N ALA E 1299 -72.20 39.23 -29.49
CA ALA E 1299 -71.41 40.40 -29.15
C ALA E 1299 -71.34 41.36 -30.33
N ARG E 1300 -70.97 42.60 -30.06
CA ARG E 1300 -70.82 43.58 -31.12
C ARG E 1300 -69.35 43.92 -31.38
N VAL E 1301 -68.61 44.30 -30.35
CA VAL E 1301 -67.16 44.40 -30.48
C VAL E 1301 -66.55 43.07 -30.09
N CYS E 1302 -65.29 42.84 -30.45
CA CYS E 1302 -64.67 41.53 -30.27
C CYS E 1302 -63.21 41.53 -30.68
N LEU E 1303 -62.32 41.15 -29.77
CA LEU E 1303 -60.90 41.01 -30.09
C LEU E 1303 -60.63 39.68 -30.77
N VAL E 1304 -59.83 39.71 -31.83
CA VAL E 1304 -59.53 38.50 -32.59
C VAL E 1304 -58.05 38.49 -32.96
N GLY E 1305 -57.45 37.29 -33.01
CA GLY E 1305 -56.06 37.18 -33.40
C GLY E 1305 -55.45 35.82 -33.08
N GLY E 1306 -54.13 35.76 -33.22
CA GLY E 1306 -53.37 34.55 -32.93
C GLY E 1306 -52.01 34.86 -32.32
N PHE E 1307 -51.41 33.85 -31.67
CA PHE E 1307 -50.09 34.01 -31.05
C PHE E 1307 -49.41 32.66 -30.87
N ASP E 1308 -48.09 32.69 -30.88
CA ASP E 1308 -47.29 31.50 -30.62
C ASP E 1308 -45.83 31.90 -30.48
N ASP E 1309 -45.11 31.18 -29.62
CA ASP E 1309 -43.73 31.51 -29.30
C ASP E 1309 -42.73 30.58 -30.00
N PHE E 1310 -41.45 30.92 -29.92
CA PHE E 1310 -40.37 30.05 -30.38
C PHE E 1310 -39.66 29.41 -29.21
N GLN E 1311 -39.48 28.10 -29.25
CA GLN E 1311 -38.84 27.42 -28.13
C GLN E 1311 -37.95 26.26 -28.51
N GLU E 1312 -37.02 25.94 -27.62
CA GLU E 1312 -36.03 24.89 -27.84
C GLU E 1312 -36.71 23.56 -28.19
N GLU E 1313 -37.74 23.23 -27.43
CA GLU E 1313 -38.46 21.98 -27.57
C GLU E 1313 -39.31 22.01 -28.84
N GLY E 1314 -39.76 23.21 -29.18
CA GLY E 1314 -40.54 23.44 -30.38
C GLY E 1314 -39.68 23.27 -31.62
N SER E 1315 -38.74 24.18 -31.80
CA SER E 1315 -37.83 24.18 -32.95
C SER E 1315 -37.23 22.80 -33.23
N TYR E 1316 -36.86 22.10 -32.16
CA TYR E 1316 -36.25 20.80 -32.27
C TYR E 1316 -37.21 19.74 -32.80
N GLU E 1317 -38.49 19.94 -32.50
CA GLU E 1317 -39.51 18.95 -32.85
C GLU E 1317 -39.97 19.02 -34.32
N PHE E 1318 -40.16 20.23 -34.83
CA PHE E 1318 -40.49 20.42 -36.24
C PHE E 1318 -39.41 19.84 -37.10
N ALA E 1319 -38.16 20.08 -36.71
CA ALA E 1319 -37.02 19.60 -37.46
C ALA E 1319 -37.03 18.08 -37.61
N ASN E 1320 -37.62 17.36 -36.66
CA ASN E 1320 -37.76 15.91 -36.76
C ASN E 1320 -38.81 15.48 -37.77
N MET E 1321 -39.73 16.39 -38.06
CA MET E 1321 -40.79 16.14 -39.02
C MET E 1321 -40.32 16.55 -40.42
N GLY E 1322 -39.45 17.54 -40.48
CA GLY E 1322 -38.90 17.97 -41.76
C GLY E 1322 -39.50 19.29 -42.19
N ALA E 1323 -40.16 19.95 -41.24
CA ALA E 1323 -40.85 21.19 -41.49
C ALA E 1323 -39.90 22.38 -41.64
N THR E 1324 -39.10 22.64 -40.60
CA THR E 1324 -38.14 23.74 -40.63
C THR E 1324 -37.10 23.53 -41.72
N SER E 1325 -36.32 24.57 -42.01
CA SER E 1325 -35.31 24.52 -43.06
C SER E 1325 -33.91 24.44 -42.46
N ASN E 1326 -33.12 23.51 -42.94
CA ASN E 1326 -31.81 23.23 -42.35
C ASN E 1326 -30.79 24.34 -42.55
N ALA E 1327 -30.60 25.15 -41.52
CA ALA E 1327 -29.69 26.28 -41.60
C ALA E 1327 -28.31 25.87 -42.09
N LYS E 1328 -27.77 24.78 -41.53
CA LYS E 1328 -26.43 24.30 -41.90
C LYS E 1328 -26.31 23.96 -43.39
N GLU E 1329 -27.31 23.27 -43.93
CA GLU E 1329 -27.33 22.93 -45.34
C GLU E 1329 -27.45 24.18 -46.19
N GLU E 1330 -28.24 25.14 -45.72
CA GLU E 1330 -28.48 26.36 -46.48
C GLU E 1330 -27.34 27.36 -46.37
N PHE E 1331 -26.63 27.32 -45.25
CA PHE E 1331 -25.41 28.10 -45.10
C PHE E 1331 -24.36 27.53 -46.04
N ALA E 1332 -24.58 26.30 -46.49
CA ALA E 1332 -23.69 25.64 -47.42
C ALA E 1332 -24.13 25.88 -48.85
N ARG E 1333 -25.22 26.62 -48.99
CA ARG E 1333 -25.73 27.00 -50.29
C ARG E 1333 -25.44 28.47 -50.54
N GLY E 1334 -24.70 29.08 -49.60
CA GLY E 1334 -24.33 30.48 -49.70
C GLY E 1334 -25.41 31.39 -49.15
N ARG E 1335 -26.52 30.79 -48.70
CA ARG E 1335 -27.69 31.53 -48.21
C ARG E 1335 -27.39 32.27 -46.93
N GLU E 1336 -27.91 33.48 -46.81
CA GLU E 1336 -27.74 34.26 -45.61
C GLU E 1336 -28.97 34.12 -44.73
N PRO E 1337 -28.82 34.36 -43.42
CA PRO E 1337 -29.95 34.29 -42.49
C PRO E 1337 -31.10 35.20 -42.93
N GLY E 1338 -32.33 34.69 -42.91
CA GLY E 1338 -33.50 35.51 -43.16
C GLY E 1338 -33.79 35.71 -44.63
N GLU E 1339 -32.83 35.27 -45.43
CA GLU E 1339 -32.97 35.22 -46.86
C GLU E 1339 -32.81 33.76 -47.19
N MET E 1340 -33.40 32.98 -46.28
CA MET E 1340 -33.47 31.54 -46.33
C MET E 1340 -34.94 31.16 -46.50
N SER E 1341 -35.76 32.20 -46.59
CA SER E 1341 -37.21 32.05 -46.64
C SER E 1341 -37.77 32.51 -47.99
N ARG E 1342 -37.86 31.59 -48.94
CA ARG E 1342 -38.31 31.91 -50.29
C ARG E 1342 -39.59 31.16 -50.57
N PRO E 1343 -40.73 31.84 -50.44
CA PRO E 1343 -42.03 31.17 -50.46
C PRO E 1343 -42.40 30.51 -51.79
N THR E 1344 -41.82 30.91 -52.90
CA THR E 1344 -42.21 30.27 -54.16
C THR E 1344 -41.03 29.79 -54.97
N SER E 1345 -39.83 30.15 -54.50
CA SER E 1345 -38.58 29.87 -55.19
C SER E 1345 -38.51 28.41 -55.65
N THR E 1346 -37.63 28.15 -56.62
CA THR E 1346 -37.38 26.78 -57.06
C THR E 1346 -36.67 26.04 -55.92
N THR E 1347 -35.90 26.80 -55.15
CA THR E 1347 -35.03 26.26 -54.11
C THR E 1347 -35.72 26.08 -52.75
N ARG E 1348 -36.96 26.54 -52.62
CA ARG E 1348 -37.69 26.42 -51.36
C ARG E 1348 -37.62 25.01 -50.83
N ASN E 1349 -37.17 24.86 -49.58
CA ASN E 1349 -36.87 23.55 -49.04
C ASN E 1349 -37.44 23.29 -47.64
N GLY E 1350 -37.93 24.35 -47.01
CA GLY E 1350 -38.49 24.24 -45.68
C GLY E 1350 -38.75 25.61 -45.08
N PHE E 1351 -39.62 25.67 -44.08
CA PHE E 1351 -40.07 26.96 -43.55
C PHE E 1351 -39.22 27.64 -42.48
N MET E 1352 -39.69 28.77 -42.00
CA MET E 1352 -38.93 29.52 -41.02
C MET E 1352 -39.66 29.61 -39.69
N GLU E 1353 -39.01 29.15 -38.63
CA GLU E 1353 -39.53 29.35 -37.28
C GLU E 1353 -39.52 30.83 -36.95
N SER E 1354 -40.58 31.27 -36.28
CA SER E 1354 -40.70 32.67 -35.92
C SER E 1354 -41.62 32.80 -34.70
N GLN E 1355 -41.48 33.91 -33.97
CA GLN E 1355 -42.26 34.12 -32.76
C GLN E 1355 -43.03 35.43 -32.81
N GLY E 1356 -44.04 35.55 -31.94
CA GLY E 1356 -44.84 36.76 -31.85
C GLY E 1356 -46.35 36.55 -31.94
N CYS E 1357 -47.11 37.65 -31.95
CA CYS E 1357 -48.56 37.56 -32.11
C CYS E 1357 -49.11 38.70 -32.97
N GLY E 1358 -50.42 38.62 -33.21
CA GLY E 1358 -51.10 39.62 -34.01
C GLY E 1358 -52.60 39.64 -33.71
N VAL E 1359 -53.12 40.84 -33.46
CA VAL E 1359 -54.52 41.01 -33.12
C VAL E 1359 -55.18 42.04 -34.01
N GLN E 1360 -56.50 41.94 -34.11
CA GLN E 1360 -57.30 42.89 -34.84
C GLN E 1360 -58.66 42.92 -34.17
N VAL E 1361 -59.12 44.11 -33.78
CA VAL E 1361 -60.41 44.23 -33.13
C VAL E 1361 -61.52 44.39 -34.18
N ILE E 1362 -62.60 43.65 -34.01
CA ILE E 1362 -63.69 43.66 -34.99
C ILE E 1362 -65.03 44.10 -34.39
N MET E 1363 -65.83 44.78 -35.22
CA MET E 1363 -67.11 45.38 -34.79
C MET E 1363 -68.23 45.24 -35.81
N THR E 1364 -69.44 45.51 -35.35
CA THR E 1364 -70.60 45.68 -36.21
C THR E 1364 -70.39 46.99 -36.95
N ALA E 1365 -70.69 47.02 -38.24
CA ALA E 1365 -70.63 48.28 -38.97
C ALA E 1365 -71.33 49.36 -38.16
N GLN E 1366 -72.50 49.01 -37.62
CA GLN E 1366 -73.28 49.92 -36.80
C GLN E 1366 -72.42 50.54 -35.71
N LEU E 1367 -72.11 49.71 -34.72
CA LEU E 1367 -71.35 50.15 -33.58
C LEU E 1367 -70.15 50.97 -34.06
N ALA E 1368 -69.58 50.55 -35.18
CA ALA E 1368 -68.41 51.21 -35.73
C ALA E 1368 -68.69 52.68 -36.00
N LEU E 1369 -69.70 52.92 -36.85
CA LEU E 1369 -70.03 54.26 -37.31
C LEU E 1369 -70.62 55.08 -36.16
N GLU E 1370 -71.38 54.41 -35.29
CA GLU E 1370 -71.97 55.06 -34.12
C GLU E 1370 -70.86 55.60 -33.22
N MET E 1371 -69.85 54.78 -32.99
CA MET E 1371 -68.74 55.18 -32.15
C MET E 1371 -67.92 56.20 -32.88
N GLY E 1372 -67.75 55.96 -34.18
CA GLY E 1372 -66.89 56.82 -34.96
C GLY E 1372 -65.46 56.38 -34.76
N VAL E 1373 -65.21 55.16 -35.22
CA VAL E 1373 -63.88 54.59 -35.14
C VAL E 1373 -63.44 54.32 -36.57
N PRO E 1374 -62.11 54.33 -36.80
CA PRO E 1374 -61.55 54.09 -38.13
C PRO E 1374 -62.07 52.76 -38.67
N ILE E 1375 -62.06 52.57 -39.98
CA ILE E 1375 -62.44 51.25 -40.51
C ILE E 1375 -61.44 50.77 -41.56
N TYR E 1376 -60.70 49.72 -41.22
CA TYR E 1376 -59.60 49.25 -42.04
C TYR E 1376 -60.07 48.36 -43.18
N GLY E 1377 -61.24 47.74 -43.01
CA GLY E 1377 -61.76 46.85 -44.02
C GLY E 1377 -63.01 46.14 -43.55
N ILE E 1378 -63.61 45.40 -44.47
CA ILE E 1378 -64.82 44.63 -44.20
C ILE E 1378 -64.52 43.14 -44.26
N VAL E 1379 -64.74 42.43 -43.16
CA VAL E 1379 -64.64 40.99 -43.20
C VAL E 1379 -65.79 40.47 -44.02
N ALA E 1380 -65.54 40.24 -45.30
CA ALA E 1380 -66.58 39.90 -46.23
C ALA E 1380 -67.10 38.50 -45.96
N MET E 1381 -66.18 37.58 -45.82
CA MET E 1381 -66.52 36.18 -45.61
C MET E 1381 -65.34 35.50 -44.95
N THR E 1382 -65.64 34.49 -44.15
CA THR E 1382 -64.62 33.66 -43.53
C THR E 1382 -65.17 32.23 -43.50
N SER E 1383 -64.26 31.25 -43.52
CA SER E 1383 -64.67 29.84 -43.43
C SER E 1383 -63.49 28.88 -43.19
N THR E 1384 -63.79 27.74 -42.57
CA THR E 1384 -62.82 26.69 -42.31
C THR E 1384 -63.24 25.42 -43.04
N ALA E 1385 -62.28 24.58 -43.41
CA ALA E 1385 -62.58 23.39 -44.18
C ALA E 1385 -61.51 22.30 -44.12
N THR E 1386 -61.99 21.08 -43.90
CA THR E 1386 -61.15 19.88 -43.80
C THR E 1386 -60.97 19.22 -45.16
N ASP E 1387 -60.04 18.28 -45.24
CA ASP E 1387 -59.81 17.58 -46.49
C ASP E 1387 -60.35 16.13 -46.41
N LYS E 1388 -59.92 15.30 -47.34
CA LYS E 1388 -60.43 13.93 -47.44
C LYS E 1388 -59.78 13.00 -46.42
N ILE E 1389 -60.17 11.74 -46.49
CA ILE E 1389 -59.55 10.69 -45.69
C ILE E 1389 -58.08 10.59 -46.04
N GLY E 1390 -57.25 10.31 -45.04
CA GLY E 1390 -55.83 10.13 -45.24
C GLY E 1390 -55.19 9.65 -43.96
N ARG E 1391 -53.87 9.46 -43.97
CA ARG E 1391 -53.18 9.08 -42.76
C ARG E 1391 -51.99 10.01 -42.51
N SER E 1392 -51.82 10.99 -43.39
CA SER E 1392 -50.80 12.01 -43.20
C SER E 1392 -51.38 13.22 -42.50
N VAL E 1393 -50.98 13.43 -41.25
CA VAL E 1393 -51.53 14.50 -40.41
C VAL E 1393 -51.17 15.92 -40.87
N PRO E 1394 -49.99 16.12 -41.44
CA PRO E 1394 -49.65 17.50 -41.83
C PRO E 1394 -49.96 17.85 -43.28
N ALA E 1395 -50.17 16.84 -44.13
CA ALA E 1395 -50.36 17.06 -45.57
C ALA E 1395 -51.42 18.10 -45.91
N PRO E 1396 -50.99 19.26 -46.50
CA PRO E 1396 -51.94 20.30 -46.91
C PRO E 1396 -52.79 19.80 -48.07
N GLY E 1397 -54.08 20.09 -48.03
CA GLY E 1397 -54.99 19.60 -49.05
C GLY E 1397 -55.92 20.69 -49.55
N GLN E 1398 -56.86 20.28 -50.40
CA GLN E 1398 -57.73 21.24 -51.08
C GLN E 1398 -59.14 21.28 -50.48
N GLY E 1399 -59.20 21.49 -49.17
CA GLY E 1399 -60.49 21.63 -48.52
C GLY E 1399 -61.05 22.97 -48.91
N VAL E 1400 -60.20 24.00 -48.84
CA VAL E 1400 -60.62 25.37 -49.04
C VAL E 1400 -61.24 25.61 -50.42
N LEU E 1401 -61.07 24.65 -51.31
CA LEU E 1401 -61.68 24.74 -52.64
C LEU E 1401 -63.21 24.84 -52.62
N THR E 1402 -63.84 24.25 -51.62
CA THR E 1402 -65.29 24.23 -51.58
C THR E 1402 -65.95 25.56 -51.13
N THR E 1403 -65.17 26.62 -50.95
CA THR E 1403 -65.76 27.94 -50.76
C THR E 1403 -66.08 28.57 -52.10
N ALA E 1404 -65.82 27.80 -53.16
CA ALA E 1404 -66.14 28.22 -54.52
C ALA E 1404 -67.06 27.20 -55.16
N ARG E 1405 -67.64 26.37 -54.32
CA ARG E 1405 -68.61 25.39 -54.81
C ARG E 1405 -69.84 26.12 -55.30
N GLU E 1406 -70.22 25.86 -56.53
CA GLU E 1406 -71.39 26.50 -57.13
C GLU E 1406 -71.76 25.79 -58.41
N LYS E 1407 -73.04 25.50 -58.56
CA LYS E 1407 -73.55 24.94 -59.81
C LYS E 1407 -74.57 25.86 -60.42
N SER E 1408 -74.11 26.82 -61.20
CA SER E 1408 -75.00 27.74 -61.90
C SER E 1408 -75.50 27.10 -63.21
N GLY E 1409 -76.77 27.31 -63.51
CA GLY E 1409 -77.39 26.71 -64.68
C GLY E 1409 -76.92 27.35 -65.96
N ASN E 1410 -77.86 27.83 -66.78
CA ASN E 1410 -77.51 28.55 -68.00
C ASN E 1410 -77.53 30.04 -67.71
N PHE E 1411 -78.37 30.42 -66.75
CA PHE E 1411 -78.59 31.80 -66.41
C PHE E 1411 -78.25 32.06 -64.95
N PRO E 1412 -77.48 33.13 -64.71
CA PRO E 1412 -77.11 33.56 -63.36
C PRO E 1412 -78.33 33.80 -62.48
N SER E 1413 -78.23 33.45 -61.21
CA SER E 1413 -79.29 33.79 -60.27
C SER E 1413 -79.54 35.29 -60.27
N PRO E 1414 -80.83 35.67 -60.32
CA PRO E 1414 -81.27 37.07 -60.23
C PRO E 1414 -80.56 37.79 -59.11
N LEU E 1415 -80.31 37.08 -58.01
CA LEU E 1415 -79.80 37.67 -56.78
C LEU E 1415 -78.41 38.27 -56.92
N LEU E 1416 -77.67 37.81 -57.93
CA LEU E 1416 -76.34 38.36 -58.20
C LEU E 1416 -76.46 39.78 -58.78
N ASP E 1417 -77.63 40.06 -59.33
CA ASP E 1417 -77.97 41.39 -59.83
C ASP E 1417 -78.45 42.27 -58.67
N ILE E 1418 -77.69 43.31 -58.35
CA ILE E 1418 -78.02 44.18 -57.23
C ILE E 1418 -79.38 44.86 -57.39
N LYS E 1419 -79.76 45.09 -58.64
CA LYS E 1419 -81.03 45.76 -58.92
C LYS E 1419 -82.20 44.87 -58.55
N TYR E 1420 -82.13 43.59 -58.88
CA TYR E 1420 -83.17 42.64 -58.51
C TYR E 1420 -83.39 42.64 -57.01
N ARG E 1421 -82.29 42.63 -56.26
CA ARG E 1421 -82.38 42.72 -54.82
C ARG E 1421 -82.93 44.09 -54.39
N ARG E 1422 -82.52 45.14 -55.10
CA ARG E 1422 -83.06 46.48 -54.90
C ARG E 1422 -84.58 46.46 -54.91
N ARG E 1423 -85.15 45.97 -56.00
CA ARG E 1423 -86.60 45.86 -56.17
C ARG E 1423 -87.20 45.19 -54.95
N GLN E 1424 -86.83 43.93 -54.80
CA GLN E 1424 -87.38 43.06 -53.76
C GLN E 1424 -87.27 43.69 -52.39
N LEU E 1425 -86.17 44.40 -52.16
CA LEU E 1425 -85.95 45.06 -50.88
C LEU E 1425 -87.00 46.12 -50.62
N GLU E 1426 -86.98 47.18 -51.41
CA GLU E 1426 -87.95 48.26 -51.24
C GLU E 1426 -89.37 47.80 -51.54
N LEU E 1427 -89.49 46.63 -52.16
CA LEU E 1427 -90.78 45.98 -52.25
C LEU E 1427 -91.27 45.63 -50.84
N ARG E 1428 -90.45 44.88 -50.10
CA ARG E 1428 -90.78 44.54 -48.72
C ARG E 1428 -90.76 45.77 -47.83
N ARG E 1429 -90.09 46.83 -48.26
CA ARG E 1429 -90.02 48.09 -47.49
C ARG E 1429 -91.37 48.78 -47.52
N GLN E 1430 -91.99 48.73 -48.70
CA GLN E 1430 -93.35 49.20 -48.88
C GLN E 1430 -94.28 48.25 -48.14
N GLN E 1431 -94.16 46.97 -48.49
CA GLN E 1431 -94.93 45.92 -47.87
C GLN E 1431 -94.86 46.03 -46.34
N ILE E 1432 -93.79 46.63 -45.87
CA ILE E 1432 -93.60 46.83 -44.44
C ILE E 1432 -94.29 48.07 -43.90
N LYS E 1433 -94.16 49.18 -44.60
CA LYS E 1433 -94.74 50.42 -44.13
C LYS E 1433 -96.26 50.30 -43.99
N GLN E 1434 -96.88 49.46 -44.82
CA GLN E 1434 -98.34 49.27 -44.83
C GLN E 1434 -98.83 48.40 -43.68
N TRP E 1435 -98.02 47.41 -43.31
CA TRP E 1435 -98.24 46.63 -42.10
C TRP E 1435 -98.16 47.55 -40.88
N LYS E 1436 -97.17 48.44 -40.88
CA LYS E 1436 -96.91 49.32 -39.74
C LYS E 1436 -98.18 50.03 -39.32
N GLU E 1437 -98.98 50.43 -40.30
CA GLU E 1437 -100.25 51.11 -40.07
C GLU E 1437 -101.36 50.11 -39.73
N SER E 1438 -101.50 49.09 -40.56
CA SER E 1438 -102.47 48.03 -40.30
C SER E 1438 -102.41 47.56 -38.84
N GLU E 1439 -101.22 47.60 -38.25
CA GLU E 1439 -101.02 47.20 -36.86
C GLU E 1439 -101.44 48.31 -35.91
N TYR E 1440 -101.18 49.56 -36.28
CA TYR E 1440 -101.64 50.72 -35.51
C TYR E 1440 -103.15 50.72 -35.36
N LEU E 1441 -103.83 50.39 -36.46
CA LEU E 1441 -105.28 50.25 -36.50
C LEU E 1441 -105.70 49.22 -35.47
N TYR E 1442 -105.20 48.00 -35.65
CA TYR E 1442 -105.52 46.87 -34.79
C TYR E 1442 -105.35 47.19 -33.29
N LEU E 1443 -104.36 48.02 -32.94
CA LEU E 1443 -104.13 48.39 -31.54
C LEU E 1443 -105.18 49.35 -31.04
N GLN E 1444 -105.63 50.24 -31.92
CA GLN E 1444 -106.71 51.17 -31.60
C GLN E 1444 -107.96 50.40 -31.14
N GLU E 1445 -108.33 49.38 -31.92
CA GLU E 1445 -109.48 48.53 -31.64
C GLU E 1445 -109.32 47.79 -30.32
N GLU E 1446 -108.28 46.98 -30.25
CA GLU E 1446 -107.94 46.23 -29.05
C GLU E 1446 -107.84 47.11 -27.78
N VAL E 1447 -107.58 48.41 -27.96
CA VAL E 1447 -107.53 49.38 -26.85
C VAL E 1447 -108.88 49.47 -26.12
N ALA E 1448 -109.90 49.94 -26.85
CA ALA E 1448 -111.24 50.07 -26.31
C ALA E 1448 -111.96 48.71 -26.25
N ALA E 1449 -111.33 47.69 -26.82
CA ALA E 1449 -111.88 46.33 -26.83
C ALA E 1449 -111.63 45.62 -25.50
N ILE E 1450 -110.69 46.12 -24.71
CA ILE E 1450 -110.46 45.61 -23.36
C ILE E 1450 -110.88 46.63 -22.30
N LYS E 1451 -111.38 47.78 -22.76
CA LYS E 1451 -112.07 48.73 -21.88
C LYS E 1451 -113.50 48.26 -21.61
N SER E 1452 -114.09 47.61 -22.62
CA SER E 1452 -115.45 47.08 -22.57
C SER E 1452 -115.56 45.76 -21.78
N GLN E 1453 -114.44 45.03 -21.68
CA GLN E 1453 -114.41 43.75 -20.98
C GLN E 1453 -113.92 43.89 -19.55
N ARG E 1454 -113.26 45.00 -19.24
CA ARG E 1454 -112.69 45.25 -17.92
C ARG E 1454 -113.78 45.40 -16.84
N SER E 1455 -113.74 44.52 -15.84
CA SER E 1455 -114.57 44.69 -14.65
C SER E 1455 -113.96 45.79 -13.77
N GLU E 1456 -114.71 46.25 -12.78
CA GLU E 1456 -114.29 47.37 -11.92
C GLU E 1456 -113.30 46.95 -10.80
N GLU E 1457 -113.20 45.66 -10.53
CA GLU E 1457 -112.27 45.09 -9.55
C GLU E 1457 -110.90 44.87 -10.20
N ASP E 1458 -110.88 44.84 -11.53
CA ASP E 1458 -109.66 44.75 -12.31
C ASP E 1458 -108.90 46.07 -12.22
N GLY E 1459 -107.58 45.99 -12.27
CA GLY E 1459 -106.75 47.19 -12.26
C GLY E 1459 -107.07 48.13 -13.41
N PRO E 1460 -107.20 49.44 -13.09
CA PRO E 1460 -107.30 50.53 -14.06
C PRO E 1460 -106.13 50.48 -15.07
N PHE E 1461 -106.44 50.29 -16.35
CA PHE E 1461 -105.41 50.22 -17.40
C PHE E 1461 -104.92 51.59 -17.85
N ASP E 1462 -103.69 51.93 -17.50
CA ASP E 1462 -103.08 53.17 -17.96
C ASP E 1462 -103.03 53.17 -19.47
N GLU E 1463 -104.03 53.78 -20.09
CA GLU E 1463 -104.10 53.84 -21.54
C GLU E 1463 -102.81 54.48 -22.09
N THR E 1464 -102.30 55.48 -21.39
CA THR E 1464 -101.02 56.12 -21.77
C THR E 1464 -99.85 55.14 -21.67
N ALA E 1465 -99.79 54.43 -20.54
CA ALA E 1465 -98.78 53.39 -20.33
C ALA E 1465 -98.91 52.29 -21.37
N TYR E 1466 -100.03 51.57 -21.35
CA TYR E 1466 -100.24 50.44 -22.26
C TYR E 1466 -100.12 50.81 -23.73
N LEU E 1467 -100.63 51.98 -24.10
CA LEU E 1467 -100.56 52.40 -25.51
C LEU E 1467 -99.18 52.92 -25.90
N ARG E 1468 -98.44 53.43 -24.91
CA ARG E 1468 -97.03 53.78 -25.14
C ARG E 1468 -96.17 52.56 -25.51
N GLU E 1469 -96.02 51.62 -24.57
CA GLU E 1469 -95.24 50.41 -24.81
C GLU E 1469 -95.67 49.71 -26.10
N ARG E 1470 -96.97 49.73 -26.39
CA ARG E 1470 -97.51 49.06 -27.56
C ARG E 1470 -97.17 49.74 -28.88
N THR E 1471 -97.14 51.08 -28.89
CA THR E 1471 -96.72 51.81 -30.09
C THR E 1471 -95.23 51.70 -30.31
N GLU E 1472 -94.46 51.98 -29.25
CA GLU E 1472 -93.00 51.86 -29.29
C GLU E 1472 -92.62 50.50 -29.84
N HIS E 1473 -93.36 49.47 -29.40
CA HIS E 1473 -93.15 48.10 -29.87
C HIS E 1473 -93.41 47.96 -31.36
N ILE E 1474 -94.52 48.53 -31.85
CA ILE E 1474 -94.82 48.48 -33.28
C ILE E 1474 -93.71 49.16 -34.07
N GLU E 1475 -93.11 50.19 -33.46
CA GLU E 1475 -91.94 50.88 -34.02
C GLU E 1475 -90.73 49.95 -34.14
N ARG E 1476 -90.24 49.49 -32.99
CA ARG E 1476 -89.17 48.50 -32.96
C ARG E 1476 -89.45 47.40 -33.96
N GLU E 1477 -90.53 46.67 -33.73
CA GLU E 1477 -90.92 45.53 -34.55
C GLU E 1477 -90.91 45.83 -36.05
N ALA E 1478 -91.26 47.07 -36.41
CA ALA E 1478 -91.18 47.52 -37.80
C ALA E 1478 -89.73 47.66 -38.21
N ARG E 1479 -88.97 48.44 -37.44
CA ARG E 1479 -87.54 48.62 -37.66
C ARG E 1479 -86.83 47.27 -37.81
N ARG E 1480 -87.14 46.37 -36.88
CA ARG E 1480 -86.57 45.04 -36.89
C ARG E 1480 -86.86 44.43 -38.25
N GLN E 1481 -88.14 44.39 -38.60
CA GLN E 1481 -88.60 43.77 -39.84
C GLN E 1481 -87.86 44.34 -41.05
N GLU E 1482 -87.49 45.62 -40.95
CA GLU E 1482 -86.71 46.28 -41.99
C GLU E 1482 -85.35 45.63 -42.15
N ALA E 1483 -84.51 45.83 -41.14
CA ALA E 1483 -83.17 45.28 -41.13
C ALA E 1483 -83.20 43.82 -41.55
N GLU E 1484 -84.23 43.08 -41.15
CA GLU E 1484 -84.31 41.64 -41.43
C GLU E 1484 -84.54 41.33 -42.92
N ALA E 1485 -85.36 42.14 -43.58
CA ALA E 1485 -85.51 41.98 -45.02
C ALA E 1485 -84.27 42.54 -45.70
N GLN E 1486 -83.64 43.51 -45.04
CA GLN E 1486 -82.40 44.09 -45.49
C GLN E 1486 -81.31 43.03 -45.41
N THR E 1487 -81.48 42.13 -44.45
CA THR E 1487 -80.57 41.00 -44.23
C THR E 1487 -80.69 39.96 -45.33
N SER E 1488 -81.92 39.55 -45.62
CA SER E 1488 -82.16 38.48 -46.59
C SER E 1488 -81.99 38.91 -48.04
N PHE E 1489 -81.59 40.16 -48.26
CA PHE E 1489 -81.45 40.65 -49.61
C PHE E 1489 -80.14 41.38 -49.88
N GLY E 1490 -79.36 41.62 -48.83
CA GLY E 1490 -78.09 42.31 -48.98
C GLY E 1490 -76.93 41.62 -48.31
N ASN E 1491 -77.22 40.90 -47.22
CA ASN E 1491 -76.17 40.25 -46.44
C ASN E 1491 -76.10 38.77 -46.73
N GLU E 1492 -77.19 38.08 -46.42
CA GLU E 1492 -77.18 36.63 -46.34
C GLU E 1492 -77.99 35.97 -47.44
N PHE E 1493 -78.15 36.63 -48.57
CA PHE E 1493 -79.00 36.10 -49.62
C PHE E 1493 -78.39 34.87 -50.30
N TRP E 1494 -77.21 34.46 -49.86
CA TRP E 1494 -76.52 33.35 -50.49
C TRP E 1494 -76.33 32.15 -49.55
N ARG E 1495 -76.92 32.23 -48.36
CA ARG E 1495 -76.88 31.13 -47.40
C ARG E 1495 -77.45 29.85 -47.99
N ARG E 1496 -76.58 28.85 -48.13
CA ARG E 1496 -76.98 27.54 -48.63
C ARG E 1496 -77.55 27.61 -50.04
N ASP E 1497 -77.13 28.62 -50.80
CA ASP E 1497 -77.62 28.78 -52.17
C ASP E 1497 -76.78 27.94 -53.13
N SER E 1498 -77.37 26.87 -53.64
CA SER E 1498 -76.66 25.93 -54.50
C SER E 1498 -76.10 26.58 -55.76
N ARG E 1499 -76.58 27.78 -56.05
CA ARG E 1499 -76.26 28.40 -57.32
C ARG E 1499 -75.41 29.63 -57.09
N ILE E 1500 -74.87 29.75 -55.88
CA ILE E 1500 -74.02 30.89 -55.52
C ILE E 1500 -72.91 30.44 -54.59
N ALA E 1501 -71.68 30.45 -55.07
CA ALA E 1501 -70.55 30.13 -54.21
C ALA E 1501 -70.40 31.23 -53.19
N PRO E 1502 -70.05 30.85 -51.94
CA PRO E 1502 -69.89 31.80 -50.84
C PRO E 1502 -68.92 32.93 -51.17
N LEU E 1503 -67.98 32.66 -52.07
CA LEU E 1503 -67.08 33.70 -52.57
C LEU E 1503 -67.84 34.74 -53.41
N ARG E 1504 -68.61 34.27 -54.38
CA ARG E 1504 -69.54 35.12 -55.13
C ARG E 1504 -70.36 35.94 -54.17
N GLY E 1505 -71.11 35.23 -53.33
CA GLY E 1505 -72.02 35.82 -52.37
C GLY E 1505 -71.48 37.08 -51.72
N ALA E 1506 -70.56 36.91 -50.77
CA ALA E 1506 -70.08 38.05 -50.00
C ALA E 1506 -69.48 39.16 -50.87
N LEU E 1507 -68.99 38.79 -52.05
CA LEU E 1507 -68.46 39.78 -52.97
C LEU E 1507 -69.57 40.55 -53.67
N ALA E 1508 -70.59 39.82 -54.10
CA ALA E 1508 -71.75 40.41 -54.76
C ALA E 1508 -72.51 41.35 -53.83
N THR E 1509 -72.56 41.02 -52.55
CA THR E 1509 -73.28 41.84 -51.59
C THR E 1509 -72.77 43.27 -51.54
N TRP E 1510 -71.57 43.48 -52.08
CA TRP E 1510 -71.01 44.82 -52.14
C TRP E 1510 -70.85 45.29 -53.57
N GLY E 1511 -71.36 44.46 -54.48
CA GLY E 1511 -71.42 44.81 -55.89
C GLY E 1511 -70.14 44.50 -56.61
N LEU E 1512 -69.64 43.28 -56.43
CA LEU E 1512 -68.37 42.89 -57.01
C LEU E 1512 -68.42 41.45 -57.52
N THR E 1513 -67.64 41.16 -58.56
CA THR E 1513 -67.43 39.78 -59.00
C THR E 1513 -66.00 39.37 -58.68
N ILE E 1514 -65.67 38.13 -59.02
CA ILE E 1514 -64.36 37.58 -58.74
C ILE E 1514 -63.27 38.45 -59.38
N ASP E 1515 -63.65 39.21 -60.41
CA ASP E 1515 -62.69 39.98 -61.17
C ASP E 1515 -62.16 41.14 -60.34
N ASP E 1516 -62.82 41.43 -59.22
CA ASP E 1516 -62.41 42.56 -58.38
C ASP E 1516 -61.46 42.13 -57.25
N LEU E 1517 -61.28 40.82 -57.11
CA LEU E 1517 -60.35 40.26 -56.13
C LEU E 1517 -58.96 40.51 -56.66
N GLY E 1518 -58.29 41.53 -56.16
CA GLY E 1518 -57.03 41.95 -56.74
C GLY E 1518 -55.82 41.25 -56.16
N VAL E 1519 -55.72 41.31 -54.84
CA VAL E 1519 -54.59 40.70 -54.15
C VAL E 1519 -55.00 39.46 -53.39
N ALA E 1520 -54.28 38.37 -53.62
CA ALA E 1520 -54.46 37.17 -52.82
C ALA E 1520 -53.24 37.02 -51.93
N SER E 1521 -53.45 37.03 -50.62
CA SER E 1521 -52.37 36.86 -49.68
C SER E 1521 -52.19 35.39 -49.32
N PHE E 1522 -51.00 34.87 -49.59
CA PHE E 1522 -50.74 33.45 -49.52
C PHE E 1522 -50.06 33.05 -48.23
N HIS E 1523 -50.55 31.96 -47.64
CA HIS E 1523 -49.87 31.30 -46.54
C HIS E 1523 -48.39 31.17 -46.91
N GLY E 1524 -48.16 30.47 -48.02
CA GLY E 1524 -46.84 30.38 -48.64
C GLY E 1524 -45.69 30.26 -47.65
N THR E 1525 -45.46 29.04 -47.20
CA THR E 1525 -44.55 28.82 -46.10
C THR E 1525 -43.14 28.47 -46.53
N SER E 1526 -42.83 28.64 -47.81
CA SER E 1526 -41.48 28.35 -48.29
C SER E 1526 -41.22 26.83 -48.30
N THR E 1527 -42.24 26.05 -48.04
CA THR E 1527 -42.10 24.61 -48.12
C THR E 1527 -42.34 24.13 -49.54
N VAL E 1528 -42.11 22.87 -49.79
CA VAL E 1528 -42.24 22.36 -51.14
C VAL E 1528 -43.70 22.27 -51.59
N ALA E 1529 -44.50 21.52 -50.84
CA ALA E 1529 -45.86 21.19 -51.24
C ALA E 1529 -46.90 22.31 -51.01
N ASN E 1530 -46.79 23.02 -49.89
CA ASN E 1530 -47.77 24.04 -49.53
C ASN E 1530 -47.98 25.11 -50.61
N ASP E 1531 -46.90 25.51 -51.26
CA ASP E 1531 -46.95 26.60 -52.23
C ASP E 1531 -47.50 26.16 -53.58
N LYS E 1532 -47.18 24.95 -53.99
CA LYS E 1532 -47.77 24.36 -55.17
C LYS E 1532 -49.26 24.11 -54.96
N ASN E 1533 -49.64 23.85 -53.72
CA ASN E 1533 -51.03 23.55 -53.41
C ASN E 1533 -51.85 24.82 -53.20
N GLU E 1534 -51.32 25.73 -52.39
CA GLU E 1534 -51.96 27.02 -52.15
C GLU E 1534 -52.35 27.70 -53.44
N SER E 1535 -51.36 27.88 -54.31
CA SER E 1535 -51.61 28.46 -55.62
C SER E 1535 -52.74 27.70 -56.29
N ASP E 1536 -52.63 26.39 -56.31
CA ASP E 1536 -53.63 25.54 -56.93
C ASP E 1536 -55.06 25.80 -56.47
N VAL E 1537 -55.29 25.73 -55.16
CA VAL E 1537 -56.64 25.95 -54.65
C VAL E 1537 -57.17 27.31 -55.10
N ILE E 1538 -56.44 28.37 -54.77
CA ILE E 1538 -56.86 29.71 -55.15
C ILE E 1538 -57.08 29.83 -56.67
N CYS E 1539 -56.29 29.08 -57.44
CA CYS E 1539 -56.44 29.07 -58.88
C CYS E 1539 -57.80 28.50 -59.26
N GLN E 1540 -57.98 27.20 -59.03
CA GLN E 1540 -59.23 26.51 -59.32
C GLN E 1540 -60.46 27.32 -58.93
N GLN E 1541 -60.41 27.89 -57.72
CA GLN E 1541 -61.46 28.76 -57.25
C GLN E 1541 -61.74 29.86 -58.26
N LEU E 1542 -60.74 30.72 -58.48
CA LEU E 1542 -60.89 31.80 -59.43
C LEU E 1542 -61.45 31.33 -60.77
N LYS E 1543 -60.90 30.26 -61.33
CA LYS E 1543 -61.38 29.74 -62.60
C LYS E 1543 -62.84 29.34 -62.54
N HIS E 1544 -63.18 28.42 -61.64
CA HIS E 1544 -64.53 27.86 -61.61
C HIS E 1544 -65.61 28.85 -61.15
N LEU E 1545 -65.21 30.08 -60.84
CA LEU E 1545 -66.20 31.11 -60.57
C LEU E 1545 -66.45 31.96 -61.82
N GLY E 1546 -65.54 31.90 -62.77
CA GLY E 1546 -65.69 32.60 -64.03
C GLY E 1546 -64.71 33.74 -64.28
N ARG E 1547 -63.72 33.86 -63.38
CA ARG E 1547 -62.69 34.87 -63.49
C ARG E 1547 -62.29 35.04 -64.94
N THR E 1548 -62.41 36.27 -65.44
CA THR E 1548 -62.04 36.61 -66.82
C THR E 1548 -60.58 36.26 -67.10
N LYS E 1549 -60.36 35.40 -68.10
CA LYS E 1549 -59.02 34.92 -68.39
C LYS E 1549 -58.06 36.04 -68.80
N GLY E 1550 -56.90 36.09 -68.16
CA GLY E 1550 -55.96 37.16 -68.40
C GLY E 1550 -55.92 38.09 -67.20
N ASN E 1551 -56.96 38.02 -66.36
CA ASN E 1551 -56.97 38.83 -65.15
C ASN E 1551 -56.40 38.13 -63.94
N ALA E 1552 -55.14 38.40 -63.64
CA ALA E 1552 -54.43 37.68 -62.58
C ALA E 1552 -54.51 38.42 -61.27
N VAL E 1553 -54.21 37.70 -60.18
CA VAL E 1553 -54.18 38.26 -58.85
C VAL E 1553 -52.74 38.44 -58.39
N LEU E 1554 -52.44 39.62 -57.87
CA LEU E 1554 -51.14 39.85 -57.29
C LEU E 1554 -51.04 38.96 -56.05
N GLY E 1555 -50.03 38.11 -56.00
CA GLY E 1555 -49.83 37.21 -54.88
C GLY E 1555 -48.82 37.71 -53.85
N ILE E 1556 -49.26 37.77 -52.60
CA ILE E 1556 -48.40 38.20 -51.51
C ILE E 1556 -47.92 36.99 -50.69
N PHE E 1557 -46.65 37.01 -50.31
CA PHE E 1557 -46.11 35.97 -49.44
C PHE E 1557 -45.29 36.64 -48.36
N GLN E 1558 -45.98 37.07 -47.31
CA GLN E 1558 -45.36 37.88 -46.26
C GLN E 1558 -44.31 37.08 -45.47
N LYS E 1559 -44.26 35.78 -45.72
CA LYS E 1559 -43.41 34.89 -44.94
C LYS E 1559 -41.93 35.16 -45.21
N TYR E 1560 -41.61 35.74 -46.37
CA TYR E 1560 -40.22 35.92 -46.73
C TYR E 1560 -39.57 36.85 -45.71
N LEU E 1561 -40.38 37.79 -45.22
CA LEU E 1561 -39.84 38.86 -44.41
C LEU E 1561 -39.85 38.47 -42.94
N THR E 1562 -40.94 37.82 -42.55
CA THR E 1562 -41.24 37.65 -41.15
C THR E 1562 -41.04 36.22 -40.64
N GLY E 1563 -40.82 35.29 -41.55
CA GLY E 1563 -40.77 33.91 -41.16
C GLY E 1563 -42.17 33.44 -40.86
N HIS E 1564 -42.30 32.33 -40.15
CA HIS E 1564 -43.60 31.72 -39.90
C HIS E 1564 -43.87 31.55 -38.42
N PRO E 1565 -44.68 32.44 -37.83
CA PRO E 1565 -45.07 32.34 -36.42
C PRO E 1565 -46.04 31.20 -36.28
N LYS E 1566 -45.50 30.00 -36.07
CA LYS E 1566 -46.31 28.80 -35.93
C LYS E 1566 -47.83 29.04 -36.03
N GLY E 1567 -48.41 29.74 -35.06
CA GLY E 1567 -49.85 29.89 -34.96
C GLY E 1567 -50.49 31.25 -35.29
N ALA E 1568 -49.76 32.32 -35.03
CA ALA E 1568 -50.20 33.68 -35.34
C ALA E 1568 -49.86 34.07 -36.79
N ALA E 1569 -50.04 33.13 -37.72
CA ALA E 1569 -49.69 33.38 -39.12
C ALA E 1569 -50.66 34.35 -39.72
N GLY E 1570 -51.91 33.91 -39.88
CA GLY E 1570 -52.94 34.71 -40.51
C GLY E 1570 -53.09 36.13 -39.97
N ALA E 1571 -52.85 36.28 -38.68
CA ALA E 1571 -53.00 37.58 -38.04
C ALA E 1571 -52.11 38.60 -38.72
N TRP E 1572 -50.88 38.20 -39.03
CA TRP E 1572 -49.96 39.10 -39.68
C TRP E 1572 -50.36 39.37 -41.12
N MET E 1573 -50.80 38.32 -41.81
CA MET E 1573 -51.21 38.40 -43.21
C MET E 1573 -52.44 39.30 -43.42
N LEU E 1574 -53.39 39.22 -42.48
CA LEU E 1574 -54.58 40.04 -42.53
C LEU E 1574 -54.21 41.48 -42.41
N ASN E 1575 -53.23 41.77 -41.55
CA ASN E 1575 -52.74 43.14 -41.39
C ASN E 1575 -52.05 43.60 -42.64
N GLY E 1576 -51.40 42.67 -43.32
CA GLY E 1576 -50.74 42.97 -44.57
C GLY E 1576 -51.73 43.50 -45.57
N CYS E 1577 -52.83 42.76 -45.78
CA CYS E 1577 -53.89 43.19 -46.69
C CYS E 1577 -54.54 44.51 -46.28
N LEU E 1578 -55.04 44.58 -45.05
CA LEU E 1578 -55.66 45.81 -44.54
C LEU E 1578 -54.75 47.02 -44.74
N GLN E 1579 -53.45 46.77 -44.83
CA GLN E 1579 -52.49 47.83 -45.10
C GLN E 1579 -52.40 48.12 -46.59
N VAL E 1580 -52.42 47.07 -47.41
CA VAL E 1580 -52.47 47.26 -48.84
C VAL E 1580 -53.74 47.98 -49.27
N LEU E 1581 -54.87 47.57 -48.70
CA LEU E 1581 -56.17 48.18 -48.99
C LEU E 1581 -56.13 49.69 -48.81
N ASN E 1582 -55.44 50.14 -47.78
CA ASN E 1582 -55.39 51.55 -47.47
C ASN E 1582 -54.16 52.26 -48.02
N THR E 1583 -53.51 51.65 -49.02
CA THR E 1583 -52.38 52.30 -49.68
C THR E 1583 -52.30 51.98 -51.16
N GLY E 1584 -52.82 50.80 -51.52
CA GLY E 1584 -52.80 50.37 -52.91
C GLY E 1584 -51.42 49.87 -53.28
N ILE E 1585 -50.54 49.81 -52.30
CA ILE E 1585 -49.19 49.31 -52.53
C ILE E 1585 -49.15 47.82 -52.29
N VAL E 1586 -48.97 47.05 -53.35
CA VAL E 1586 -48.87 45.60 -53.21
C VAL E 1586 -47.40 45.25 -53.13
N PRO E 1587 -46.95 44.81 -51.94
CA PRO E 1587 -45.53 44.65 -51.66
C PRO E 1587 -44.99 43.40 -52.33
N GLY E 1588 -43.88 43.55 -53.03
CA GLY E 1588 -43.28 42.43 -53.73
C GLY E 1588 -42.68 41.46 -52.74
N ASN E 1589 -42.06 40.42 -53.27
CA ASN E 1589 -41.46 39.36 -52.48
C ASN E 1589 -39.99 39.24 -52.85
N ARG E 1590 -39.13 39.90 -52.10
CA ARG E 1590 -37.72 40.04 -52.47
C ARG E 1590 -36.95 38.72 -52.58
N ASN E 1591 -37.36 37.73 -51.80
CA ASN E 1591 -36.70 36.44 -51.82
C ASN E 1591 -37.27 35.53 -52.87
N ALA E 1592 -38.07 36.09 -53.76
CA ALA E 1592 -38.59 35.33 -54.89
C ALA E 1592 -37.48 35.14 -55.94
N ASP E 1593 -36.30 34.76 -55.46
CA ASP E 1593 -35.18 34.31 -56.28
C ASP E 1593 -35.58 34.15 -57.74
N ASN E 1594 -36.25 33.05 -58.02
CA ASN E 1594 -36.63 32.68 -59.37
C ASN E 1594 -37.73 31.65 -59.26
N VAL E 1595 -38.94 32.07 -59.56
CA VAL E 1595 -40.13 31.26 -59.30
C VAL E 1595 -40.21 29.93 -60.05
N ASP E 1596 -40.58 28.89 -59.30
CA ASP E 1596 -40.60 27.52 -59.79
C ASP E 1596 -41.44 27.40 -61.06
N LYS E 1597 -40.87 26.73 -62.06
CA LYS E 1597 -41.54 26.47 -63.32
C LYS E 1597 -42.93 25.86 -63.14
N VAL E 1598 -43.14 25.16 -62.04
CA VAL E 1598 -44.43 24.54 -61.80
C VAL E 1598 -45.54 25.59 -61.66
N MET E 1599 -45.16 26.77 -61.18
CA MET E 1599 -46.12 27.84 -60.92
C MET E 1599 -46.66 28.50 -62.19
N GLU E 1600 -46.07 28.17 -63.33
CA GLU E 1600 -46.51 28.76 -64.60
C GLU E 1600 -47.92 28.29 -64.97
N GLN E 1601 -48.24 27.04 -64.62
CA GLN E 1601 -49.56 26.48 -64.90
C GLN E 1601 -50.69 27.36 -64.39
N PHE E 1602 -50.37 28.21 -63.43
CA PHE E 1602 -51.36 28.95 -62.69
C PHE E 1602 -51.58 30.31 -63.31
N ASP E 1603 -52.40 30.33 -64.35
CA ASP E 1603 -52.70 31.53 -65.12
C ASP E 1603 -53.03 32.71 -64.22
N TYR E 1604 -53.95 32.46 -63.30
CA TYR E 1604 -54.66 33.53 -62.60
C TYR E 1604 -53.82 34.16 -61.49
N ILE E 1605 -52.65 33.61 -61.23
CA ILE E 1605 -51.78 34.13 -60.19
C ILE E 1605 -50.51 34.74 -60.79
N VAL E 1606 -50.08 35.87 -60.26
CA VAL E 1606 -48.81 36.43 -60.68
C VAL E 1606 -47.97 36.82 -59.46
N TYR E 1607 -46.68 36.56 -59.54
CA TYR E 1607 -45.80 36.64 -58.37
C TYR E 1607 -44.81 37.82 -58.44
N PRO E 1608 -45.15 38.90 -57.76
CA PRO E 1608 -44.39 40.16 -57.75
C PRO E 1608 -43.13 40.05 -56.93
N SER E 1609 -42.00 40.48 -57.48
CA SER E 1609 -40.73 40.43 -56.77
C SER E 1609 -40.22 41.84 -56.49
N ARG E 1610 -41.12 42.80 -56.59
CA ARG E 1610 -40.85 44.17 -56.18
C ARG E 1610 -42.18 44.89 -56.03
N SER E 1611 -42.24 45.88 -55.13
CA SER E 1611 -43.50 46.52 -54.76
C SER E 1611 -44.13 47.28 -55.92
N ILE E 1612 -45.43 47.07 -56.11
CA ILE E 1612 -46.22 47.75 -57.15
C ILE E 1612 -47.22 48.73 -56.53
N LYS E 1613 -47.07 50.01 -56.85
CA LYS E 1613 -48.04 51.03 -56.45
C LYS E 1613 -49.15 51.12 -57.47
N THR E 1614 -50.36 50.78 -57.04
CA THR E 1614 -51.47 50.66 -57.96
C THR E 1614 -52.47 51.77 -57.69
N ASP E 1615 -53.52 51.81 -58.50
CA ASP E 1615 -54.58 52.80 -58.32
C ASP E 1615 -55.39 52.56 -57.05
N GLY E 1616 -55.36 51.32 -56.58
CA GLY E 1616 -56.04 50.92 -55.36
C GLY E 1616 -56.51 49.49 -55.45
N ILE E 1617 -56.90 48.91 -54.32
CA ILE E 1617 -57.43 47.55 -54.37
C ILE E 1617 -58.82 47.47 -53.77
N LYS E 1618 -59.64 46.62 -54.36
CA LYS E 1618 -61.04 46.52 -53.97
C LYS E 1618 -61.23 45.44 -52.91
N ALA E 1619 -60.88 44.20 -53.27
CA ALA E 1619 -61.03 43.07 -52.37
C ALA E 1619 -59.80 42.18 -52.39
N PHE E 1620 -59.59 41.46 -51.29
CA PHE E 1620 -58.45 40.57 -51.15
C PHE E 1620 -58.82 39.24 -50.53
N SER E 1621 -57.97 38.25 -50.75
CA SER E 1621 -58.16 36.93 -50.17
C SER E 1621 -56.96 36.48 -49.39
N VAL E 1622 -57.06 36.52 -48.07
CA VAL E 1622 -56.06 35.95 -47.19
C VAL E 1622 -56.45 34.53 -46.83
N THR E 1623 -55.72 33.58 -47.38
CA THR E 1623 -56.01 32.18 -47.12
C THR E 1623 -54.80 31.59 -46.42
N SER E 1624 -55.02 30.51 -45.67
CA SER E 1624 -53.93 29.82 -45.00
C SER E 1624 -54.31 28.40 -44.60
N PHE E 1625 -53.30 27.59 -44.32
CA PHE E 1625 -53.49 26.19 -43.99
C PHE E 1625 -52.74 25.85 -42.70
N GLY E 1626 -52.97 24.66 -42.17
CA GLY E 1626 -52.33 24.23 -40.95
C GLY E 1626 -52.28 22.73 -40.79
N PHE E 1627 -51.71 22.28 -39.68
CA PHE E 1627 -51.62 20.86 -39.44
C PHE E 1627 -53.01 20.32 -39.16
N GLY E 1628 -53.20 19.05 -39.46
CA GLY E 1628 -54.46 18.40 -39.14
C GLY E 1628 -55.58 18.88 -40.03
N GLN E 1629 -55.27 18.94 -41.33
CA GLN E 1629 -56.24 19.30 -42.36
C GLN E 1629 -57.06 20.54 -42.02
N LYS E 1630 -56.39 21.51 -41.42
CA LYS E 1630 -56.98 22.78 -41.06
C LYS E 1630 -56.81 23.78 -42.23
N GLY E 1631 -57.89 24.09 -42.95
CA GLY E 1631 -57.82 25.05 -44.04
C GLY E 1631 -58.82 26.19 -43.87
N ALA E 1632 -58.34 27.44 -43.88
CA ALA E 1632 -59.22 28.59 -43.64
C ALA E 1632 -58.89 29.76 -44.55
N GLN E 1633 -59.94 30.41 -45.06
CA GLN E 1633 -59.78 31.48 -46.03
C GLN E 1633 -60.69 32.63 -45.62
N ALA E 1634 -60.20 33.86 -45.80
CA ALA E 1634 -61.01 35.04 -45.50
C ALA E 1634 -60.94 36.03 -46.65
N ILE E 1635 -62.04 36.74 -46.89
CA ILE E 1635 -62.06 37.76 -47.95
C ILE E 1635 -62.35 39.13 -47.34
N GLY E 1636 -61.54 40.11 -47.72
CA GLY E 1636 -61.70 41.46 -47.22
C GLY E 1636 -62.04 42.43 -48.32
N VAL E 1637 -62.87 43.42 -47.99
CA VAL E 1637 -63.34 44.40 -48.97
C VAL E 1637 -63.11 45.83 -48.49
N HIS E 1638 -62.59 46.66 -49.39
CA HIS E 1638 -62.25 48.05 -49.08
C HIS E 1638 -63.40 48.80 -48.40
N PRO E 1639 -63.06 49.64 -47.41
CA PRO E 1639 -63.96 50.49 -46.61
C PRO E 1639 -64.95 51.31 -47.43
N LYS E 1640 -64.50 51.88 -48.54
CA LYS E 1640 -65.36 52.70 -49.39
C LYS E 1640 -66.73 52.02 -49.57
N TYR E 1641 -66.72 50.76 -49.97
CA TYR E 1641 -67.95 50.03 -50.27
C TYR E 1641 -68.95 49.99 -49.12
N LEU E 1642 -68.47 50.04 -47.88
CA LEU E 1642 -69.38 50.14 -46.75
C LEU E 1642 -70.01 51.51 -46.76
N PHE E 1643 -69.17 52.53 -46.90
CA PHE E 1643 -69.63 53.91 -46.87
C PHE E 1643 -70.66 54.21 -47.95
N ALA E 1644 -70.63 53.40 -49.01
CA ALA E 1644 -71.58 53.53 -50.11
C ALA E 1644 -72.93 52.95 -49.75
N THR E 1645 -73.19 52.77 -48.47
CA THR E 1645 -74.50 52.30 -48.01
C THR E 1645 -75.25 53.49 -47.45
N LEU E 1646 -74.50 54.55 -47.14
CA LEU E 1646 -75.05 55.68 -46.40
C LEU E 1646 -75.48 56.85 -47.28
N ASP E 1647 -75.63 58.01 -46.65
CA ASP E 1647 -75.88 59.26 -47.34
C ASP E 1647 -74.65 60.09 -47.07
N LYS E 1648 -74.31 60.99 -47.99
CA LYS E 1648 -73.27 61.98 -47.71
C LYS E 1648 -73.60 62.60 -46.35
N ALA E 1649 -74.89 62.61 -46.01
CA ALA E 1649 -75.36 63.04 -44.71
C ALA E 1649 -74.59 62.35 -43.61
N GLN E 1650 -74.84 61.04 -43.49
CA GLN E 1650 -74.28 60.22 -42.44
C GLN E 1650 -72.76 60.19 -42.54
N TYR E 1651 -72.27 59.71 -43.69
CA TYR E 1651 -70.84 59.54 -43.90
C TYR E 1651 -70.04 60.76 -43.43
N GLU E 1652 -70.51 61.95 -43.79
CA GLU E 1652 -69.73 63.14 -43.51
C GLU E 1652 -69.89 63.56 -42.05
N ALA E 1653 -70.86 62.95 -41.38
CA ALA E 1653 -71.06 63.19 -39.95
C ALA E 1653 -70.17 62.26 -39.16
N TYR E 1654 -69.98 61.06 -39.70
CA TYR E 1654 -69.06 60.08 -39.14
C TYR E 1654 -67.62 60.56 -39.35
N CYS E 1655 -67.36 61.13 -40.52
CA CYS E 1655 -66.03 61.58 -40.87
C CYS E 1655 -65.49 62.61 -39.87
N VAL E 1656 -66.39 63.26 -39.15
CA VAL E 1656 -65.97 64.27 -38.19
C VAL E 1656 -65.63 63.64 -36.85
N LYS E 1657 -66.41 62.63 -36.46
CA LYS E 1657 -66.17 61.90 -35.24
C LYS E 1657 -64.79 61.25 -35.30
N VAL E 1658 -64.53 60.61 -36.44
CA VAL E 1658 -63.28 59.88 -36.68
C VAL E 1658 -62.05 60.75 -36.40
N GLN E 1659 -62.01 61.94 -37.01
CA GLN E 1659 -60.85 62.81 -36.88
C GLN E 1659 -60.68 63.43 -35.50
N ALA E 1660 -61.74 63.42 -34.70
CA ALA E 1660 -61.65 63.82 -33.32
C ALA E 1660 -60.92 62.73 -32.52
N ARG E 1661 -61.31 61.49 -32.76
CA ARG E 1661 -60.65 60.33 -32.15
C ARG E 1661 -59.16 60.32 -32.47
N GLN E 1662 -58.84 60.45 -33.76
CA GLN E 1662 -57.46 60.41 -34.23
C GLN E 1662 -56.61 61.42 -33.49
N LYS E 1663 -57.24 62.43 -32.91
CA LYS E 1663 -56.49 63.46 -32.19
C LYS E 1663 -56.34 63.12 -30.73
N LYS E 1664 -57.28 62.37 -30.17
CA LYS E 1664 -57.12 61.80 -28.83
C LYS E 1664 -56.10 60.70 -28.89
N ALA E 1665 -56.26 59.84 -29.89
CA ALA E 1665 -55.33 58.76 -30.15
C ALA E 1665 -53.91 59.26 -30.35
N TYR E 1666 -53.76 60.29 -31.16
CA TYR E 1666 -52.45 60.90 -31.40
C TYR E 1666 -51.85 61.39 -30.10
N ARG E 1667 -52.66 62.06 -29.29
CA ARG E 1667 -52.16 62.61 -28.03
C ARG E 1667 -51.67 61.47 -27.16
N PHE E 1668 -52.50 60.43 -27.09
CA PHE E 1668 -52.22 59.31 -26.19
C PHE E 1668 -50.90 58.66 -26.52
N PHE E 1669 -50.75 58.26 -27.78
CA PHE E 1669 -49.57 57.57 -28.27
C PHE E 1669 -48.27 58.31 -27.97
N HIS E 1670 -48.23 59.61 -28.21
CA HIS E 1670 -47.01 60.35 -27.94
C HIS E 1670 -46.76 60.53 -26.46
N ASN E 1671 -47.83 60.75 -25.72
CA ASN E 1671 -47.74 60.77 -24.27
C ASN E 1671 -47.23 59.45 -23.74
N GLY E 1672 -47.71 58.36 -24.34
CA GLY E 1672 -47.35 57.01 -23.92
C GLY E 1672 -45.95 56.56 -24.31
N LEU E 1673 -45.52 56.90 -25.52
CA LEU E 1673 -44.15 56.62 -25.96
C LEU E 1673 -43.10 57.22 -25.06
N ILE E 1674 -43.34 58.45 -24.64
CA ILE E 1674 -42.40 59.16 -23.80
C ILE E 1674 -42.41 58.63 -22.38
N ASN E 1675 -43.62 58.42 -21.84
CA ASN E 1675 -43.80 58.07 -20.42
C ASN E 1675 -44.02 56.57 -20.14
N ASN E 1676 -43.96 55.76 -21.19
CA ASN E 1676 -44.04 54.32 -21.05
C ASN E 1676 -45.39 53.85 -20.57
N LYS E 1677 -46.44 54.41 -21.16
CA LYS E 1677 -47.79 54.03 -20.77
C LYS E 1677 -48.72 53.83 -21.94
N LEU E 1678 -48.27 53.09 -22.96
CA LEU E 1678 -49.19 52.65 -24.00
C LEU E 1678 -50.12 51.55 -23.45
N PHE E 1679 -49.70 50.97 -22.31
CA PHE E 1679 -50.48 49.97 -21.59
C PHE E 1679 -50.84 50.50 -20.21
N VAL E 1680 -52.14 50.65 -19.97
CA VAL E 1680 -52.59 50.97 -18.63
C VAL E 1680 -53.41 49.81 -18.08
N ALA E 1681 -52.89 49.22 -17.02
CA ALA E 1681 -53.56 48.10 -16.38
C ALA E 1681 -54.71 48.65 -15.57
N LYS E 1682 -55.89 48.08 -15.79
CA LYS E 1682 -57.07 48.45 -15.00
C LYS E 1682 -57.01 47.76 -13.63
N ASP E 1683 -57.25 48.53 -12.57
CA ASP E 1683 -57.28 47.99 -11.22
C ASP E 1683 -58.69 47.57 -10.81
N LYS E 1684 -59.55 48.54 -10.52
CA LYS E 1684 -60.94 48.24 -10.21
C LYS E 1684 -61.77 48.10 -11.48
N ALA E 1685 -62.81 47.27 -11.42
CA ALA E 1685 -63.78 47.15 -12.51
C ALA E 1685 -64.65 48.40 -12.54
N PRO E 1686 -65.47 48.56 -13.59
CA PRO E 1686 -66.28 49.77 -13.72
C PRO E 1686 -67.28 49.96 -12.58
N TYR E 1687 -67.93 48.88 -12.18
CA TYR E 1687 -69.00 48.95 -11.18
C TYR E 1687 -68.48 48.66 -9.80
N GLU E 1688 -68.95 49.42 -8.81
CA GLU E 1688 -68.68 49.09 -7.42
C GLU E 1688 -69.25 47.71 -7.20
N ASP E 1689 -68.75 47.01 -6.19
CA ASP E 1689 -69.10 45.61 -6.02
C ASP E 1689 -70.59 45.44 -5.74
N ARG E 1690 -71.14 46.32 -4.92
CA ARG E 1690 -72.55 46.20 -4.52
C ARG E 1690 -73.52 46.16 -5.70
N ILE E 1691 -73.15 46.81 -6.80
CA ILE E 1691 -74.03 46.96 -7.95
C ILE E 1691 -73.98 45.77 -8.90
N GLN E 1692 -72.90 45.00 -8.81
CA GLN E 1692 -72.56 44.02 -9.84
C GLN E 1692 -73.74 43.23 -10.40
N SER E 1693 -74.50 42.57 -9.53
CA SER E 1693 -75.59 41.71 -9.99
C SER E 1693 -76.58 42.50 -10.83
N LYS E 1694 -76.84 43.74 -10.43
CA LYS E 1694 -77.76 44.59 -11.16
C LYS E 1694 -77.23 44.96 -12.55
N VAL E 1695 -75.99 45.44 -12.61
CA VAL E 1695 -75.36 45.81 -13.88
C VAL E 1695 -75.38 44.62 -14.85
N PHE E 1696 -75.10 43.44 -14.31
CA PHE E 1696 -75.05 42.22 -15.09
C PHE E 1696 -76.41 41.85 -15.68
N LEU E 1697 -77.47 42.42 -15.11
CA LEU E 1697 -78.82 41.97 -15.47
C LEU E 1697 -79.63 43.03 -16.19
N ASN E 1698 -79.24 44.28 -16.01
CA ASN E 1698 -79.86 45.39 -16.71
C ASN E 1698 -79.19 45.58 -18.07
N PRO E 1699 -79.78 45.02 -19.13
CA PRO E 1699 -79.19 44.95 -20.48
C PRO E 1699 -79.00 46.32 -21.15
N GLN E 1700 -79.16 47.39 -20.37
CA GLN E 1700 -79.03 48.74 -20.89
C GLN E 1700 -78.13 49.58 -19.99
N SER E 1701 -77.77 49.02 -18.85
CA SER E 1701 -76.87 49.71 -17.93
C SER E 1701 -75.59 50.02 -18.69
N ARG E 1702 -75.20 51.28 -18.69
CA ARG E 1702 -73.99 51.67 -19.39
C ARG E 1702 -73.23 52.71 -18.61
N VAL E 1703 -71.92 52.70 -18.81
CA VAL E 1703 -70.99 53.56 -18.06
C VAL E 1703 -71.12 55.03 -18.43
N THR E 1704 -71.11 55.89 -17.41
CA THR E 1704 -71.13 57.33 -17.62
C THR E 1704 -69.76 57.94 -17.29
N GLN E 1705 -69.42 59.03 -17.97
CA GLN E 1705 -68.24 59.80 -17.64
C GLN E 1705 -68.36 60.25 -16.20
N GLU E 1706 -67.23 60.31 -15.50
CA GLU E 1706 -67.29 60.70 -14.09
C GLU E 1706 -66.39 61.86 -13.69
N SER E 1707 -66.49 62.23 -12.41
CA SER E 1707 -65.96 63.49 -11.88
C SER E 1707 -64.43 63.59 -11.84
N ASN E 1708 -63.76 62.55 -12.29
CA ASN E 1708 -62.30 62.55 -12.33
C ASN E 1708 -61.80 62.31 -13.75
N GLY E 1709 -62.69 61.75 -14.58
CA GLY E 1709 -62.34 61.38 -15.93
C GLY E 1709 -62.47 59.88 -16.10
N GLU E 1710 -62.71 59.18 -15.00
CA GLU E 1710 -62.85 57.73 -15.05
C GLU E 1710 -64.25 57.30 -15.43
N LEU E 1711 -64.34 56.17 -16.10
CA LEU E 1711 -65.62 55.63 -16.49
C LEU E 1711 -66.11 54.60 -15.47
N LYS E 1712 -67.22 54.92 -14.82
CA LYS E 1712 -67.90 53.98 -13.94
C LYS E 1712 -69.36 53.88 -14.34
N PHE E 1713 -70.01 52.79 -13.95
CA PHE E 1713 -71.46 52.75 -14.00
C PHE E 1713 -71.97 53.69 -12.91
N PRO E 1714 -73.19 54.23 -13.11
CA PRO E 1714 -73.75 55.06 -12.05
C PRO E 1714 -74.46 54.16 -11.04
N ALA E 1715 -74.40 54.55 -9.77
CA ALA E 1715 -75.03 53.81 -8.68
C ALA E 1715 -76.56 53.96 -8.72
N MET F 1 -85.72 61.47 67.25
CA MET F 1 -84.44 60.96 67.74
C MET F 1 -84.60 59.58 68.40
N ARG F 2 -85.74 58.94 68.15
CA ARG F 2 -85.95 57.58 68.61
C ARG F 2 -85.23 56.64 67.63
N PRO F 3 -84.34 55.76 68.15
CA PRO F 3 -83.62 54.83 67.28
C PRO F 3 -84.58 53.91 66.52
N GLU F 4 -85.55 53.33 67.22
CA GLU F 4 -86.55 52.46 66.62
C GLU F 4 -87.26 53.14 65.47
N VAL F 5 -87.49 54.45 65.65
CA VAL F 5 -88.21 55.30 64.69
C VAL F 5 -87.35 55.65 63.48
N GLU F 6 -86.16 56.17 63.76
CA GLU F 6 -85.20 56.52 62.71
C GLU F 6 -84.99 55.37 61.73
N GLN F 7 -85.03 54.15 62.25
CA GLN F 7 -84.92 52.96 61.42
C GLN F 7 -86.07 52.83 60.42
N GLU F 8 -87.28 52.62 60.93
CA GLU F 8 -88.45 52.42 60.08
C GLU F 8 -88.68 53.57 59.10
N LEU F 9 -88.18 54.75 59.44
CA LEU F 9 -88.21 55.91 58.53
C LEU F 9 -87.24 55.79 57.34
N ALA F 10 -85.94 55.88 57.63
CA ALA F 10 -84.90 55.72 56.60
C ALA F 10 -85.16 54.47 55.77
N TYR F 11 -85.72 53.44 56.41
CA TYR F 11 -86.11 52.20 55.73
C TYR F 11 -87.07 52.47 54.57
N THR F 12 -88.29 52.92 54.87
CA THR F 12 -89.28 53.10 53.82
C THR F 12 -88.92 54.22 52.85
N LEU F 13 -88.18 55.22 53.33
CA LEU F 13 -87.65 56.27 52.46
C LEU F 13 -86.74 55.65 51.40
N LEU F 14 -85.83 54.81 51.87
CA LEU F 14 -84.95 54.03 51.01
C LEU F 14 -85.79 53.13 50.09
N VAL F 15 -86.68 52.33 50.69
CA VAL F 15 -87.49 51.37 49.94
C VAL F 15 -88.25 52.06 48.82
N GLU F 16 -88.76 53.26 49.12
CA GLU F 16 -89.49 54.03 48.13
C GLU F 16 -88.51 54.62 47.11
N LEU F 17 -87.42 55.22 47.61
CA LEU F 17 -86.42 55.88 46.76
C LEU F 17 -85.94 54.98 45.63
N LEU F 18 -85.60 53.75 45.97
CA LEU F 18 -85.20 52.76 44.99
C LEU F 18 -86.35 52.40 44.06
N ALA F 19 -87.48 52.04 44.65
CA ALA F 19 -88.67 51.61 43.90
C ALA F 19 -89.00 52.53 42.72
N TYR F 20 -89.06 53.83 42.98
CA TYR F 20 -89.49 54.80 41.97
C TYR F 20 -88.36 55.23 41.02
N GLN F 21 -87.14 54.78 41.29
CA GLN F 21 -86.00 55.14 40.44
C GLN F 21 -86.21 54.73 38.98
N PHE F 22 -86.96 53.65 38.77
CA PHE F 22 -87.40 53.26 37.44
C PHE F 22 -87.90 54.47 36.67
N ALA F 23 -88.89 55.13 37.26
CA ALA F 23 -89.74 56.09 36.55
C ALA F 23 -89.40 57.57 36.80
N MET F 24 -88.22 57.83 37.36
CA MET F 24 -87.73 59.19 37.57
C MET F 24 -86.48 59.39 36.73
N PRO F 25 -86.38 60.53 36.03
CA PRO F 25 -85.12 60.82 35.35
C PRO F 25 -83.94 60.85 36.34
N VAL F 26 -82.76 60.58 35.81
CA VAL F 26 -81.54 60.51 36.61
C VAL F 26 -80.83 61.86 36.58
N ARG F 27 -80.99 62.62 37.65
CA ARG F 27 -80.38 63.95 37.72
C ARG F 27 -78.92 63.87 38.16
N TRP F 28 -78.08 63.31 37.30
CA TRP F 28 -76.66 63.15 37.61
C TRP F 28 -75.92 64.49 37.68
N ILE F 29 -76.50 65.52 37.06
CA ILE F 29 -75.92 66.86 37.10
C ILE F 29 -75.84 67.33 38.54
N GLU F 30 -77.03 67.50 39.13
CA GLU F 30 -77.17 68.05 40.48
C GLU F 30 -76.51 67.17 41.52
N THR F 31 -76.43 65.88 41.23
CA THR F 31 -75.74 64.92 42.08
C THR F 31 -74.24 65.18 42.02
N GLN F 32 -73.73 65.36 40.81
CA GLN F 32 -72.33 65.72 40.59
C GLN F 32 -71.98 67.04 41.29
N ASP F 33 -72.96 67.94 41.33
CA ASP F 33 -72.76 69.28 41.86
C ASP F 33 -72.74 69.31 43.38
N VAL F 34 -73.46 68.39 44.03
CA VAL F 34 -73.39 68.28 45.48
C VAL F 34 -71.99 67.79 45.91
N ILE F 35 -71.36 67.02 45.04
CA ILE F 35 -70.03 66.49 45.31
C ILE F 35 -68.94 67.51 45.07
N LEU F 36 -69.07 68.26 43.99
CA LEU F 36 -68.05 69.23 43.59
C LEU F 36 -68.17 70.57 44.31
N ALA F 37 -69.40 71.06 44.49
CA ALA F 37 -69.63 72.40 45.03
C ALA F 37 -69.95 72.41 46.53
N GLU F 38 -70.90 71.58 46.93
CA GLU F 38 -71.38 71.57 48.31
C GLU F 38 -70.38 70.96 49.27
N LYS F 39 -69.90 69.75 48.95
CA LYS F 39 -68.93 69.08 49.82
C LYS F 39 -67.49 69.22 49.32
N ARG F 40 -67.31 70.02 48.27
CA ARG F 40 -66.00 70.35 47.69
C ARG F 40 -64.94 69.24 47.81
N THR F 41 -65.23 68.08 47.24
CA THR F 41 -64.32 66.94 47.35
C THR F 41 -63.09 67.13 46.48
N GLU F 42 -61.92 66.87 47.06
CA GLU F 42 -60.67 66.94 46.33
C GLU F 42 -60.37 65.63 45.62
N ARG F 43 -61.14 64.59 45.93
CA ARG F 43 -60.84 63.26 45.45
C ARG F 43 -62.10 62.54 45.03
N ILE F 44 -62.51 62.72 43.78
CA ILE F 44 -63.61 61.93 43.28
C ILE F 44 -63.06 60.59 42.89
N VAL F 45 -63.67 59.53 43.39
CA VAL F 45 -63.28 58.19 42.99
C VAL F 45 -64.43 57.46 42.34
N GLU F 46 -64.13 56.80 41.23
CA GLU F 46 -65.13 56.06 40.48
C GLU F 46 -64.88 54.58 40.69
N ILE F 47 -65.95 53.79 40.66
CA ILE F 47 -65.79 52.35 40.75
C ILE F 47 -66.61 51.64 39.69
N GLY F 48 -65.90 50.99 38.77
CA GLY F 48 -66.55 50.28 37.69
C GLY F 48 -65.49 49.77 36.72
N PRO F 49 -65.93 49.27 35.56
CA PRO F 49 -65.07 48.70 34.52
C PRO F 49 -64.51 49.74 33.54
N SER F 50 -65.05 50.96 33.57
CA SER F 50 -64.60 52.03 32.67
C SER F 50 -64.63 53.37 33.39
N ASP F 51 -63.91 54.35 32.85
CA ASP F 51 -63.93 55.69 33.43
C ASP F 51 -65.04 56.57 32.83
N THR F 52 -66.25 56.02 32.81
CA THR F 52 -67.40 56.71 32.22
C THR F 52 -67.87 57.93 33.04
N LEU F 53 -68.03 57.75 34.35
CA LEU F 53 -68.37 58.84 35.25
C LEU F 53 -67.18 59.77 35.50
N GLY F 54 -65.99 59.31 35.09
CA GLY F 54 -64.77 60.05 35.29
C GLY F 54 -64.59 61.17 34.29
N GLY F 55 -64.69 60.82 33.00
CA GLY F 55 -64.62 61.81 31.94
C GLY F 55 -65.91 62.58 31.85
N MET F 56 -66.86 62.16 32.69
CA MET F 56 -68.11 62.85 32.86
C MET F 56 -67.96 63.95 33.91
N ALA F 57 -67.27 63.63 35.00
CA ALA F 57 -67.01 64.61 36.06
C ALA F 57 -65.84 65.55 35.69
N ARG F 58 -65.02 65.13 34.73
CA ARG F 58 -63.97 66.00 34.17
C ARG F 58 -64.62 67.07 33.32
N ARG F 59 -65.64 66.67 32.57
CA ARG F 59 -66.36 67.59 31.68
C ARG F 59 -67.22 68.64 32.41
N THR F 60 -67.72 68.29 33.59
CA THR F 60 -68.44 69.26 34.42
C THR F 60 -67.45 70.19 35.15
N LEU F 61 -66.17 69.85 35.10
CA LEU F 61 -65.11 70.72 35.63
C LEU F 61 -64.65 71.73 34.59
N GLN F 62 -64.96 71.48 33.33
CA GLN F 62 -64.56 72.37 32.25
C GLN F 62 -65.67 73.37 31.90
N SER F 63 -66.92 72.89 31.82
CA SER F 63 -68.04 73.73 31.42
C SER F 63 -68.51 74.69 32.53
N LYS F 64 -68.58 74.21 33.76
CA LYS F 64 -69.02 75.06 34.88
C LYS F 64 -67.90 75.50 35.81
N TYR F 65 -67.11 74.55 36.30
CA TYR F 65 -66.23 74.77 37.46
C TYR F 65 -64.87 75.39 37.18
N GLU F 66 -64.69 75.88 35.95
CA GLU F 66 -63.42 76.47 35.55
C GLU F 66 -62.95 77.53 36.56
N ALA F 67 -63.80 78.53 36.77
CA ALA F 67 -63.48 79.68 37.62
C ALA F 67 -63.52 79.33 39.10
N TYR F 68 -64.52 78.54 39.50
CA TYR F 68 -64.70 78.18 40.90
C TYR F 68 -63.44 77.52 41.47
N ASP F 69 -62.90 76.56 40.73
CA ASP F 69 -61.72 75.84 41.17
C ASP F 69 -60.49 76.75 41.20
N ALA F 70 -60.32 77.54 40.14
CA ALA F 70 -59.16 78.43 40.03
C ALA F 70 -59.16 79.51 41.11
N ALA F 71 -60.35 79.95 41.50
CA ALA F 71 -60.51 80.95 42.56
C ALA F 71 -60.33 80.32 43.95
N THR F 72 -61.18 79.34 44.26
CA THR F 72 -61.21 78.72 45.57
C THR F 72 -59.91 77.99 45.96
N SER F 73 -59.05 77.75 44.97
CA SER F 73 -57.79 77.03 45.20
C SER F 73 -58.07 75.54 45.47
N VAL F 74 -59.22 75.06 44.97
CA VAL F 74 -59.63 73.65 45.13
C VAL F 74 -58.80 72.69 44.29
N GLN F 75 -58.10 71.79 44.95
CA GLN F 75 -57.35 70.76 44.24
C GLN F 75 -58.30 69.59 43.98
N ARG F 76 -58.34 69.14 42.73
CA ARG F 76 -59.25 68.04 42.35
C ARG F 76 -58.55 66.87 41.64
N GLN F 77 -58.88 65.66 42.08
CA GLN F 77 -58.22 64.43 41.62
C GLN F 77 -59.26 63.37 41.30
N ILE F 78 -59.47 63.13 40.00
CA ILE F 78 -60.48 62.17 39.54
C ILE F 78 -59.88 60.80 39.22
N LEU F 79 -60.25 59.79 40.00
CA LEU F 79 -59.68 58.45 39.88
C LEU F 79 -60.71 57.39 39.51
N CYS F 80 -60.52 56.76 38.36
CA CYS F 80 -61.27 55.57 38.00
C CYS F 80 -60.61 54.35 38.65
N TYR F 81 -61.36 53.27 38.82
CA TYR F 81 -60.81 52.07 39.45
C TYR F 81 -59.76 51.44 38.56
N CYS F 82 -60.14 51.18 37.32
CA CYS F 82 -59.28 50.52 36.35
C CYS F 82 -58.01 51.33 36.07
N LYS F 83 -58.19 52.47 35.39
CA LYS F 83 -57.07 53.30 34.95
C LYS F 83 -56.15 53.76 36.10
N ASP F 84 -56.72 54.52 37.04
CA ASP F 84 -55.96 55.12 38.13
C ASP F 84 -55.86 54.15 39.30
N ALA F 85 -55.45 52.93 39.00
CA ALA F 85 -55.48 51.82 39.94
C ALA F 85 -54.63 52.06 41.22
N LYS F 86 -53.36 52.38 41.03
CA LYS F 86 -52.41 52.39 42.14
C LYS F 86 -52.54 53.57 43.09
N GLU F 87 -53.05 54.70 42.59
CA GLU F 87 -53.21 55.90 43.40
C GLU F 87 -54.35 55.75 44.41
N ILE F 88 -55.27 54.84 44.12
CA ILE F 88 -56.34 54.51 45.05
C ILE F 88 -55.77 53.78 46.26
N TYR F 89 -54.97 52.76 45.99
CA TYR F 89 -54.41 51.87 47.01
C TYR F 89 -53.12 52.39 47.62
N TYR F 90 -52.80 53.65 47.36
CA TYR F 90 -51.60 54.27 47.89
C TYR F 90 -50.34 53.43 47.69
N ASP F 91 -50.17 52.91 46.48
CA ASP F 91 -48.99 52.14 46.15
C ASP F 91 -48.06 52.88 45.17
N VAL F 92 -46.91 53.33 45.67
CA VAL F 92 -45.89 53.93 44.82
C VAL F 92 -44.53 53.30 45.12
N GLU F 93 -43.59 53.43 44.19
CA GLU F 93 -42.23 52.94 44.36
C GLU F 93 -41.27 54.06 44.80
N PRO F 94 -40.21 53.71 45.55
CA PRO F 94 -39.22 54.65 46.13
C PRO F 94 -38.46 55.49 45.11
N ILE F 325 -3.17 22.76 11.14
CA ILE F 325 -2.61 21.54 11.71
C ILE F 325 -3.02 20.33 10.87
N ASP F 326 -4.21 19.83 11.18
CA ASP F 326 -4.73 18.58 10.59
C ASP F 326 -5.23 18.77 9.17
N ALA F 327 -4.96 19.94 8.60
CA ALA F 327 -5.21 20.17 7.17
C ALA F 327 -4.10 19.49 6.38
N LEU F 328 -2.88 19.61 6.91
CA LEU F 328 -1.69 19.00 6.33
C LEU F 328 -1.69 17.49 6.55
N THR F 329 -2.78 16.98 7.11
CA THR F 329 -2.93 15.54 7.32
C THR F 329 -4.36 15.04 7.02
N LYS F 330 -5.32 15.95 6.90
CA LYS F 330 -6.66 15.56 6.49
C LYS F 330 -6.58 15.07 5.06
N ASP F 331 -5.48 15.44 4.41
CA ASP F 331 -5.17 14.94 3.10
C ASP F 331 -4.82 13.46 3.19
N GLN F 332 -3.91 13.14 4.12
CA GLN F 332 -3.53 11.77 4.43
C GLN F 332 -4.77 10.93 4.63
N ARG F 333 -5.50 11.25 5.69
CA ARG F 333 -6.74 10.55 6.04
C ARG F 333 -7.56 10.24 4.80
N ALA F 334 -8.05 11.29 4.15
CA ALA F 334 -8.86 11.14 2.94
C ALA F 334 -8.27 10.06 2.04
N LEU F 335 -6.95 10.10 1.87
CA LEU F 335 -6.24 9.11 1.06
C LEU F 335 -6.45 7.70 1.57
N PHE F 336 -6.00 7.45 2.79
CA PHE F 336 -6.07 6.11 3.33
C PHE F 336 -7.50 5.60 3.39
N LYS F 337 -8.44 6.48 3.68
CA LYS F 337 -9.83 6.07 3.76
C LYS F 337 -10.29 5.45 2.44
N GLN F 338 -9.90 6.07 1.34
CA GLN F 338 -10.22 5.49 0.04
C GLN F 338 -9.46 4.18 -0.10
N GLN F 339 -8.19 4.19 0.30
CA GLN F 339 -7.36 3.02 0.15
C GLN F 339 -8.03 1.84 0.86
N LEU F 340 -8.69 2.16 1.96
CA LEU F 340 -9.42 1.17 2.74
C LEU F 340 -10.58 0.63 1.88
N GLU F 341 -11.38 1.55 1.34
CA GLU F 341 -12.56 1.19 0.58
C GLU F 341 -12.21 0.21 -0.53
N ILE F 342 -11.04 0.37 -1.11
CA ILE F 342 -10.67 -0.43 -2.27
C ILE F 342 -10.36 -1.85 -1.87
N ILE F 343 -9.64 -1.98 -0.76
CA ILE F 343 -9.32 -3.27 -0.23
C ILE F 343 -10.64 -3.95 0.03
N ALA F 344 -11.52 -3.25 0.75
CA ALA F 344 -12.84 -3.76 1.05
C ALA F 344 -13.47 -4.30 -0.23
N ARG F 345 -13.53 -3.46 -1.27
CA ARG F 345 -14.20 -3.81 -2.51
C ARG F 345 -13.59 -5.04 -3.12
N TYR F 346 -12.29 -5.20 -2.89
CA TYR F 346 -11.55 -6.32 -3.44
C TYR F 346 -11.83 -7.59 -2.67
N LEU F 347 -12.03 -7.43 -1.37
CA LEU F 347 -12.28 -8.56 -0.49
C LEU F 347 -13.72 -8.91 -0.52
N LYS F 348 -14.49 -8.14 -1.28
CA LYS F 348 -15.92 -8.36 -1.41
C LYS F 348 -16.58 -8.39 -0.04
N MET F 349 -16.28 -7.39 0.78
CA MET F 349 -16.91 -7.27 2.08
C MET F 349 -17.57 -5.90 2.28
N ASP F 350 -18.88 -5.89 2.50
CA ASP F 350 -19.60 -4.64 2.74
C ASP F 350 -19.20 -4.11 4.10
N LEU F 351 -18.55 -2.96 4.11
CA LEU F 351 -18.08 -2.40 5.36
C LEU F 351 -19.24 -2.02 6.27
N ARG F 352 -20.24 -1.35 5.71
CA ARG F 352 -21.33 -0.77 6.50
C ARG F 352 -22.54 -1.68 6.59
N ALA F 353 -22.35 -2.94 6.26
CA ALA F 353 -23.42 -3.93 6.34
C ALA F 353 -23.77 -4.21 7.79
N GLY F 354 -22.90 -3.77 8.69
CA GLY F 354 -23.14 -3.93 10.11
C GLY F 354 -24.20 -2.95 10.54
N ASP F 355 -23.97 -1.69 10.21
CA ASP F 355 -24.90 -0.64 10.57
C ASP F 355 -26.23 -0.79 9.84
N LYS F 356 -26.18 -1.32 8.63
CA LYS F 356 -27.37 -1.48 7.84
C LYS F 356 -28.35 -2.38 8.57
N ALA F 357 -27.86 -3.52 9.00
CA ALA F 357 -28.73 -4.49 9.64
C ALA F 357 -29.19 -3.97 10.99
N PHE F 358 -28.37 -3.14 11.63
CA PHE F 358 -28.71 -2.56 12.91
C PHE F 358 -29.90 -1.63 12.79
N VAL F 359 -29.77 -0.64 11.92
CA VAL F 359 -30.86 0.28 11.62
C VAL F 359 -32.14 -0.52 11.47
N ALA F 360 -32.09 -1.51 10.58
CA ALA F 360 -33.24 -2.33 10.26
C ALA F 360 -33.94 -2.93 11.48
N SER F 361 -33.18 -3.64 12.32
CA SER F 361 -33.78 -4.29 13.48
C SER F 361 -34.25 -3.26 14.50
N GLN F 362 -33.70 -2.06 14.44
CA GLN F 362 -34.15 -1.00 15.32
C GLN F 362 -35.43 -0.33 14.84
N GLU F 363 -35.93 -0.78 13.68
CA GLU F 363 -37.22 -0.31 13.19
C GLU F 363 -38.27 -1.33 13.61
N SER F 364 -37.89 -2.59 13.56
CA SER F 364 -38.77 -3.64 14.03
C SER F 364 -38.95 -3.51 15.54
N GLN F 365 -37.90 -3.06 16.22
CA GLN F 365 -37.95 -2.86 17.67
C GLN F 365 -38.88 -1.69 18.06
N LYS F 366 -39.22 -0.86 17.09
CA LYS F 366 -40.18 0.22 17.31
C LYS F 366 -41.61 -0.29 17.17
N ALA F 367 -41.82 -1.22 16.25
CA ALA F 367 -43.14 -1.79 16.00
C ALA F 367 -43.61 -2.58 17.22
N LEU F 368 -42.67 -3.24 17.89
CA LEU F 368 -42.98 -3.97 19.11
C LEU F 368 -43.38 -3.00 20.22
N GLN F 369 -42.41 -2.18 20.64
CA GLN F 369 -42.65 -1.17 21.66
C GLN F 369 -43.94 -0.41 21.36
N ALA F 370 -44.24 -0.25 20.08
CA ALA F 370 -45.49 0.36 19.66
C ALA F 370 -46.64 -0.47 20.20
N GLN F 371 -46.74 -1.72 19.76
CA GLN F 371 -47.84 -2.58 20.17
C GLN F 371 -47.87 -2.76 21.67
N LEU F 372 -46.70 -2.96 22.25
CA LEU F 372 -46.60 -3.18 23.69
C LEU F 372 -46.98 -1.94 24.47
N ASP F 373 -46.95 -0.80 23.81
CA ASP F 373 -47.39 0.44 24.44
C ASP F 373 -48.92 0.56 24.46
N LEU F 374 -49.57 -0.25 23.64
CA LEU F 374 -51.01 -0.31 23.60
C LEU F 374 -51.51 -1.04 24.83
N TRP F 375 -51.02 -2.25 25.03
CA TRP F 375 -51.38 -3.06 26.18
C TRP F 375 -51.20 -2.27 27.47
N GLN F 376 -50.07 -1.58 27.55
CA GLN F 376 -49.71 -0.80 28.73
C GLN F 376 -50.72 0.28 29.03
N ALA F 377 -51.41 0.75 28.00
CA ALA F 377 -52.31 1.89 28.10
C ALA F 377 -53.74 1.48 28.34
N GLU F 378 -54.09 0.29 27.85
CA GLU F 378 -55.44 -0.21 28.01
C GLU F 378 -55.63 -0.97 29.34
N HIS F 379 -54.55 -1.20 30.07
CA HIS F 379 -54.66 -1.95 31.30
C HIS F 379 -54.00 -1.32 32.53
N GLY F 380 -52.94 -0.54 32.33
CA GLY F 380 -52.25 0.07 33.45
C GLY F 380 -51.33 -0.89 34.18
N ASP F 381 -50.42 -0.35 34.99
CA ASP F 381 -49.33 -1.14 35.56
C ASP F 381 -49.74 -2.25 36.52
N ILE F 382 -50.58 -1.90 37.49
CA ILE F 382 -50.93 -2.81 38.57
C ILE F 382 -51.53 -4.09 38.03
N TYR F 383 -52.32 -3.95 36.96
CA TYR F 383 -52.92 -5.06 36.26
C TYR F 383 -51.79 -5.85 35.61
N ALA F 384 -50.98 -5.14 34.85
CA ALA F 384 -49.88 -5.75 34.12
C ALA F 384 -49.14 -6.65 35.06
N ALA F 385 -48.69 -6.08 36.16
CA ALA F 385 -47.92 -6.82 37.14
C ALA F 385 -48.71 -8.03 37.65
N GLY F 386 -49.99 -7.85 37.90
CA GLY F 386 -50.80 -8.86 38.56
C GLY F 386 -51.23 -10.06 37.72
N ILE F 387 -50.81 -10.09 36.46
CA ILE F 387 -51.18 -11.22 35.61
C ILE F 387 -49.97 -12.10 35.28
N GLU F 388 -48.77 -11.65 35.65
CA GLU F 388 -47.56 -12.43 35.45
C GLU F 388 -47.68 -13.75 36.19
N PRO F 389 -47.48 -14.86 35.47
CA PRO F 389 -47.54 -16.20 36.02
C PRO F 389 -46.57 -16.35 37.19
N ALA F 390 -46.87 -17.27 38.11
CA ALA F 390 -46.08 -17.43 39.31
C ALA F 390 -45.99 -18.89 39.78
N PHE F 391 -46.88 -19.74 39.26
CA PHE F 391 -46.88 -21.14 39.67
C PHE F 391 -45.71 -21.90 39.07
N ASP F 392 -45.02 -22.66 39.91
CA ASP F 392 -43.85 -23.43 39.49
C ASP F 392 -43.63 -24.68 40.35
N PRO F 393 -43.94 -25.85 39.79
CA PRO F 393 -43.88 -27.15 40.47
C PRO F 393 -42.64 -27.33 41.33
N LEU F 394 -41.54 -26.67 40.99
CA LEU F 394 -40.29 -26.91 41.67
C LEU F 394 -40.25 -26.17 42.99
N LYS F 395 -41.18 -25.24 43.16
CA LYS F 395 -41.26 -24.50 44.42
C LYS F 395 -42.21 -25.15 45.42
N ALA F 396 -43.04 -26.06 44.91
CA ALA F 396 -44.06 -26.73 45.71
C ALA F 396 -43.45 -27.40 46.91
N ARG F 397 -43.94 -27.03 48.10
CA ARG F 397 -43.45 -27.65 49.32
C ARG F 397 -44.51 -28.51 49.98
N VAL F 398 -44.09 -29.70 50.42
CA VAL F 398 -45.02 -30.71 50.93
C VAL F 398 -44.80 -31.03 52.40
N TYR F 399 -45.86 -30.91 53.19
CA TYR F 399 -45.79 -31.17 54.63
C TYR F 399 -46.68 -32.35 54.99
N ASP F 400 -46.12 -33.42 55.56
CA ASP F 400 -46.88 -34.66 55.80
C ASP F 400 -46.43 -35.48 57.02
N SER F 401 -45.47 -34.98 57.78
CA SER F 401 -44.88 -35.76 58.88
C SER F 401 -45.65 -35.62 60.19
N SER F 402 -46.94 -35.92 60.16
CA SER F 402 -47.77 -35.80 61.35
C SER F 402 -47.10 -36.50 62.54
N TRP F 403 -46.62 -37.71 62.31
CA TRP F 403 -46.04 -38.52 63.37
C TRP F 403 -45.01 -37.78 64.21
N ASN F 404 -43.98 -37.23 63.57
CA ASN F 404 -42.91 -36.57 64.33
C ASN F 404 -43.41 -35.39 65.15
N TRP F 405 -44.30 -34.59 64.55
CA TRP F 405 -44.80 -33.42 65.24
C TRP F 405 -45.58 -33.79 66.47
N ALA F 406 -46.30 -34.91 66.40
CA ALA F 406 -47.07 -35.41 67.54
C ALA F 406 -46.19 -35.55 68.78
N ARG F 407 -45.19 -36.40 68.67
CA ARG F 407 -44.24 -36.62 69.74
C ARG F 407 -43.67 -35.30 70.24
N GLN F 408 -43.54 -34.33 69.34
CA GLN F 408 -43.02 -33.03 69.74
C GLN F 408 -44.01 -32.32 70.64
N ASP F 409 -45.23 -32.15 70.15
CA ASP F 409 -46.27 -31.43 70.87
C ASP F 409 -46.56 -32.17 72.15
N ALA F 410 -46.51 -33.48 72.08
CA ALA F 410 -46.66 -34.30 73.25
C ALA F 410 -45.60 -33.90 74.28
N LEU F 411 -44.34 -34.20 73.97
CA LEU F 411 -43.24 -33.92 74.90
C LEU F 411 -43.19 -32.45 75.21
N SER F 412 -43.72 -31.63 74.30
CA SER F 412 -43.76 -30.19 74.49
C SER F 412 -44.78 -29.83 75.58
N MET F 413 -45.91 -30.50 75.58
CA MET F 413 -46.97 -30.21 76.53
C MET F 413 -46.62 -30.69 77.94
N TYR F 414 -46.01 -31.87 78.03
CA TYR F 414 -45.54 -32.38 79.31
C TYR F 414 -44.77 -31.29 80.09
N TYR F 415 -43.70 -30.77 79.50
CA TYR F 415 -42.91 -29.74 80.15
C TYR F 415 -43.69 -28.45 80.35
N ASP F 416 -44.73 -28.25 79.53
CA ASP F 416 -45.55 -27.04 79.63
C ASP F 416 -46.31 -27.03 80.95
N ILE F 417 -46.87 -28.18 81.29
CA ILE F 417 -47.61 -28.34 82.51
C ILE F 417 -46.70 -28.11 83.70
N ILE F 418 -45.57 -28.79 83.68
CA ILE F 418 -44.63 -28.76 84.78
C ILE F 418 -44.10 -27.37 85.11
N PHE F 419 -44.14 -26.47 84.14
CA PHE F 419 -43.63 -25.13 84.36
C PHE F 419 -44.76 -24.18 84.63
N GLY F 420 -45.99 -24.63 84.38
CA GLY F 420 -47.14 -23.81 84.65
C GLY F 420 -47.44 -22.84 83.53
N ARG F 421 -47.02 -23.18 82.33
CA ARG F 421 -47.45 -22.46 81.14
C ARG F 421 -48.90 -22.85 80.84
N LEU F 422 -49.28 -24.03 81.33
CA LEU F 422 -50.64 -24.51 81.15
C LEU F 422 -51.25 -24.87 82.50
N ARG F 423 -52.41 -24.29 82.78
CA ARG F 423 -53.20 -24.71 83.93
C ARG F 423 -54.38 -25.52 83.40
N VAL F 424 -54.99 -26.35 84.24
CA VAL F 424 -56.07 -27.21 83.76
C VAL F 424 -57.28 -26.38 83.37
N VAL F 425 -57.22 -25.10 83.75
CA VAL F 425 -58.18 -24.09 83.34
C VAL F 425 -58.22 -23.96 81.82
N ASP F 426 -57.22 -23.27 81.29
CA ASP F 426 -57.06 -22.97 79.86
C ASP F 426 -57.65 -24.01 78.92
N ARG F 427 -58.62 -23.60 78.12
CA ARG F 427 -59.19 -24.47 77.11
C ARG F 427 -58.06 -24.99 76.23
N GLU F 428 -56.96 -24.26 76.22
CA GLU F 428 -55.80 -24.62 75.43
C GLU F 428 -55.36 -26.06 75.62
N ILE F 429 -55.12 -26.46 76.86
CA ILE F 429 -54.70 -27.82 77.16
C ILE F 429 -55.60 -28.82 76.47
N VAL F 430 -56.89 -28.48 76.40
CA VAL F 430 -57.86 -29.31 75.71
C VAL F 430 -57.53 -29.37 74.24
N SER F 431 -57.56 -28.22 73.59
CA SER F 431 -57.23 -28.13 72.18
C SER F 431 -56.03 -29.01 71.88
N GLN F 432 -54.91 -28.72 72.53
CA GLN F 432 -53.67 -29.46 72.29
C GLN F 432 -53.88 -30.97 72.41
N CYS F 433 -54.56 -31.39 73.47
CA CYS F 433 -54.83 -32.80 73.69
C CYS F 433 -55.58 -33.43 72.52
N ILE F 434 -56.55 -32.71 71.98
CA ILE F 434 -57.34 -33.27 70.89
C ILE F 434 -56.45 -33.56 69.70
N GLN F 435 -55.53 -32.65 69.42
CA GLN F 435 -54.63 -32.79 68.30
C GLN F 435 -53.78 -34.01 68.49
N ILE F 436 -53.25 -34.16 69.69
CA ILE F 436 -52.42 -35.30 70.01
C ILE F 436 -53.21 -36.60 69.82
N MET F 437 -54.50 -36.59 70.13
CA MET F 437 -55.34 -37.75 69.88
C MET F 437 -55.52 -37.96 68.39
N ASN F 438 -55.64 -36.84 67.68
CA ASN F 438 -55.87 -36.87 66.24
C ASN F 438 -54.76 -37.60 65.49
N ARG F 439 -53.57 -37.61 66.07
CA ARG F 439 -52.46 -38.35 65.48
C ARG F 439 -52.06 -39.47 66.40
N SER F 440 -52.94 -40.43 66.61
CA SER F 440 -52.65 -41.53 67.53
C SER F 440 -51.91 -42.67 66.85
N ASN F 441 -50.66 -42.85 67.23
CA ASN F 441 -49.86 -43.98 66.74
C ASN F 441 -49.50 -44.91 67.86
N PRO F 442 -49.32 -46.19 67.53
CA PRO F 442 -48.85 -47.14 68.53
C PRO F 442 -47.56 -46.62 69.12
N LEU F 443 -46.68 -46.15 68.24
CA LEU F 443 -45.37 -45.68 68.65
C LEU F 443 -45.49 -44.43 69.49
N LEU F 444 -46.55 -43.66 69.24
CA LEU F 444 -46.79 -42.47 70.03
C LEU F 444 -47.09 -42.87 71.46
N LEU F 445 -47.96 -43.86 71.64
CA LEU F 445 -48.33 -44.31 72.98
C LEU F 445 -47.11 -44.70 73.81
N GLU F 446 -46.21 -45.51 73.25
CA GLU F 446 -44.99 -45.90 73.95
C GLU F 446 -44.27 -44.67 74.47
N PHE F 447 -43.97 -43.76 73.54
CA PHE F 447 -43.32 -42.50 73.85
C PHE F 447 -44.10 -41.67 74.86
N MET F 448 -45.43 -41.74 74.79
CA MET F 448 -46.31 -41.11 75.78
C MET F 448 -46.05 -41.71 77.16
N GLN F 449 -46.31 -43.01 77.30
CA GLN F 449 -46.21 -43.67 78.59
C GLN F 449 -44.86 -43.57 79.25
N TYR F 450 -43.79 -43.87 78.52
CA TYR F 450 -42.48 -43.76 79.16
C TYR F 450 -42.33 -42.45 79.91
N HIS F 451 -42.58 -41.34 79.24
CA HIS F 451 -42.36 -40.04 79.85
C HIS F 451 -43.31 -39.79 81.03
N ILE F 452 -44.44 -40.50 81.02
CA ILE F 452 -45.41 -40.37 82.11
C ILE F 452 -45.02 -41.30 83.27
N ASP F 453 -44.63 -42.53 82.96
CA ASP F 453 -44.27 -43.50 83.99
C ASP F 453 -43.14 -42.97 84.85
N HIS F 454 -42.02 -42.67 84.21
CA HIS F 454 -40.83 -42.24 84.94
C HIS F 454 -40.92 -40.79 85.37
N CYS F 455 -42.10 -40.19 85.23
CA CYS F 455 -42.34 -38.82 85.73
C CYS F 455 -42.11 -38.77 87.25
N PRO F 456 -41.21 -37.86 87.69
CA PRO F 456 -40.94 -37.61 89.11
C PRO F 456 -42.03 -36.74 89.71
N THR F 457 -42.88 -37.33 90.54
CA THR F 457 -44.01 -36.64 91.12
C THR F 457 -43.62 -35.99 92.45
N GLU F 458 -42.56 -36.52 93.04
CA GLU F 458 -42.04 -36.07 94.32
C GLU F 458 -41.21 -34.81 94.15
N ARG F 459 -41.75 -33.83 93.45
CA ARG F 459 -41.05 -32.57 93.26
C ARG F 459 -42.01 -31.39 93.36
N GLY F 460 -43.17 -31.53 92.77
CA GLY F 460 -44.12 -30.44 92.75
C GLY F 460 -45.51 -30.91 92.39
N GLU F 461 -46.48 -30.06 92.68
CA GLU F 461 -47.87 -30.39 92.38
C GLU F 461 -48.03 -30.55 90.88
N THR F 462 -47.24 -29.76 90.16
CA THR F 462 -47.29 -29.74 88.71
C THR F 462 -46.84 -31.07 88.10
N TYR F 463 -45.77 -31.64 88.64
CA TYR F 463 -45.26 -32.93 88.16
C TYR F 463 -46.33 -33.99 88.31
N GLN F 464 -47.09 -33.89 89.40
CA GLN F 464 -48.21 -34.78 89.65
C GLN F 464 -49.34 -34.47 88.68
N LEU F 465 -49.76 -33.21 88.67
CA LEU F 465 -50.81 -32.70 87.79
C LEU F 465 -50.55 -33.12 86.35
N ALA F 466 -49.27 -33.18 86.01
CA ALA F 466 -48.84 -33.68 84.71
C ALA F 466 -49.15 -35.16 84.62
N LYS F 467 -48.45 -35.96 85.41
CA LYS F 467 -48.61 -37.40 85.37
C LYS F 467 -50.08 -37.82 85.31
N GLU F 468 -50.94 -37.06 86.00
CA GLU F 468 -52.37 -37.36 85.97
C GLU F 468 -52.92 -37.11 84.59
N LEU F 469 -52.98 -35.84 84.22
CA LEU F 469 -53.49 -35.43 82.91
C LEU F 469 -52.88 -36.27 81.81
N GLY F 470 -51.63 -36.69 82.03
CA GLY F 470 -50.91 -37.52 81.09
C GLY F 470 -51.59 -38.85 80.93
N GLN F 471 -51.70 -39.59 82.03
CA GLN F 471 -52.28 -40.92 81.97
C GLN F 471 -53.70 -40.84 81.42
N GLN F 472 -54.41 -39.79 81.81
CA GLN F 472 -55.74 -39.57 81.26
C GLN F 472 -55.65 -39.58 79.74
N LEU F 473 -54.77 -38.74 79.21
CA LEU F 473 -54.62 -38.63 77.77
C LEU F 473 -54.18 -39.95 77.13
N ILE F 474 -53.19 -40.60 77.73
CA ILE F 474 -52.67 -41.84 77.16
C ILE F 474 -53.79 -42.83 76.95
N GLU F 475 -54.74 -42.82 77.87
CA GLU F 475 -55.90 -43.71 77.80
C GLU F 475 -56.84 -43.26 76.69
N ASN F 476 -57.12 -41.96 76.65
CA ASN F 476 -57.90 -41.36 75.57
C ASN F 476 -57.40 -41.84 74.22
N CYS F 477 -56.13 -41.52 73.95
CA CYS F 477 -55.51 -41.85 72.68
C CYS F 477 -55.66 -43.32 72.34
N LYS F 478 -55.71 -44.18 73.36
CA LYS F 478 -55.87 -45.61 73.12
C LYS F 478 -57.22 -45.90 72.48
N GLU F 479 -58.27 -45.23 72.94
CA GLU F 479 -59.62 -45.50 72.44
C GLU F 479 -59.93 -44.76 71.16
N VAL F 480 -58.92 -44.09 70.59
CA VAL F 480 -59.12 -43.35 69.35
C VAL F 480 -58.30 -43.95 68.21
N LEU F 481 -57.31 -44.78 68.54
CA LEU F 481 -56.45 -45.39 67.53
C LEU F 481 -57.25 -45.97 66.38
N GLY F 482 -56.98 -45.48 65.16
CA GLY F 482 -57.69 -45.93 63.98
C GLY F 482 -58.89 -45.04 63.68
N LYS F 483 -59.64 -44.71 64.72
CA LYS F 483 -60.82 -43.88 64.59
C LYS F 483 -60.48 -42.50 64.02
N PRO F 484 -61.10 -42.17 62.88
CA PRO F 484 -61.00 -40.93 62.12
C PRO F 484 -60.87 -39.71 62.97
N PRO F 485 -59.96 -38.81 62.57
CA PRO F 485 -59.63 -37.56 63.26
C PRO F 485 -60.73 -36.53 63.08
N VAL F 486 -60.86 -35.62 64.05
CA VAL F 486 -61.95 -34.66 64.00
C VAL F 486 -61.53 -33.21 64.27
N TYR F 487 -62.16 -32.30 63.54
CA TYR F 487 -62.09 -30.88 63.82
C TYR F 487 -63.13 -30.59 64.85
N LYS F 488 -62.69 -30.18 66.03
CA LYS F 488 -63.60 -29.78 67.10
C LYS F 488 -63.12 -28.45 67.68
N ASP F 489 -63.96 -27.43 67.56
CA ASP F 489 -63.62 -26.12 68.09
C ASP F 489 -64.00 -26.08 69.56
N VAL F 490 -63.01 -25.75 70.38
CA VAL F 490 -63.14 -25.86 71.82
C VAL F 490 -62.96 -24.49 72.47
N SER F 491 -62.71 -23.49 71.65
CA SER F 491 -62.39 -22.17 72.15
C SER F 491 -63.56 -21.56 72.90
N ILE F 492 -63.30 -20.44 73.55
CA ILE F 492 -64.34 -19.65 74.20
C ILE F 492 -64.89 -18.64 73.20
N PRO F 493 -66.17 -18.80 72.79
CA PRO F 493 -66.81 -17.86 71.88
C PRO F 493 -66.66 -16.44 72.39
N THR F 494 -66.18 -15.54 71.54
CA THR F 494 -65.84 -14.20 71.97
C THR F 494 -66.51 -13.10 71.13
N GLY F 495 -66.69 -11.93 71.71
CA GLY F 495 -67.33 -10.80 71.05
C GLY F 495 -66.52 -9.51 71.04
N PRO F 496 -67.09 -8.47 70.45
CA PRO F 496 -66.40 -7.19 70.24
C PRO F 496 -66.55 -6.26 71.42
N GLN F 497 -65.46 -5.67 71.89
CA GLN F 497 -65.57 -4.68 72.96
C GLN F 497 -64.68 -3.47 72.75
N THR F 498 -65.23 -2.41 72.16
CA THR F 498 -64.48 -1.19 71.93
C THR F 498 -64.58 -0.20 73.10
N THR F 499 -63.44 0.29 73.56
CA THR F 499 -63.36 1.09 74.78
C THR F 499 -62.60 2.41 74.54
N ILE F 500 -63.13 3.52 75.05
CA ILE F 500 -62.39 4.79 74.97
C ILE F 500 -61.83 5.23 76.33
N ASP F 501 -60.51 5.42 76.36
CA ASP F 501 -59.77 5.77 77.56
C ASP F 501 -60.28 7.05 78.19
N ALA F 502 -59.90 7.27 79.45
CA ALA F 502 -60.16 8.55 80.09
C ALA F 502 -59.28 9.62 79.43
N ARG F 503 -58.14 9.18 78.91
CA ARG F 503 -57.21 10.07 78.21
C ARG F 503 -57.35 10.00 76.69
N GLY F 504 -58.55 9.63 76.23
CA GLY F 504 -58.86 9.70 74.82
C GLY F 504 -58.46 8.51 73.97
N ASN F 505 -57.58 7.67 74.50
CA ASN F 505 -57.12 6.50 73.75
C ASN F 505 -58.24 5.54 73.39
N ILE F 506 -58.27 5.13 72.14
CA ILE F 506 -59.25 4.15 71.69
C ILE F 506 -58.63 2.77 71.68
N GLN F 507 -59.30 1.81 72.30
CA GLN F 507 -58.85 0.42 72.23
C GLN F 507 -60.00 -0.52 71.94
N TYR F 508 -59.68 -1.66 71.35
CA TYR F 508 -60.67 -2.69 71.05
C TYR F 508 -60.13 -4.05 71.44
N GLN F 509 -60.79 -4.71 72.38
CA GLN F 509 -60.39 -6.04 72.81
C GLN F 509 -61.40 -7.07 72.31
N GLU F 510 -61.12 -8.34 72.57
CA GLU F 510 -62.14 -9.34 72.38
C GLU F 510 -62.42 -10.01 73.74
N VAL F 511 -63.62 -9.78 74.24
CA VAL F 511 -64.03 -10.32 75.54
C VAL F 511 -64.84 -11.59 75.36
N PRO F 512 -64.72 -12.54 76.29
CA PRO F 512 -65.57 -13.72 76.20
C PRO F 512 -67.02 -13.28 76.19
N ARG F 513 -67.86 -13.96 75.41
CA ARG F 513 -69.28 -13.69 75.46
C ARG F 513 -69.81 -14.08 76.82
N ALA F 514 -70.58 -13.19 77.43
CA ALA F 514 -71.00 -13.39 78.81
C ALA F 514 -71.99 -14.53 78.97
N SER F 515 -72.59 -14.97 77.86
CA SER F 515 -73.63 -15.99 77.91
C SER F 515 -73.35 -17.28 77.11
N ALA F 516 -72.14 -17.40 76.59
CA ALA F 516 -71.72 -18.61 75.88
C ALA F 516 -70.32 -19.04 76.30
N ARG F 517 -70.18 -20.33 76.57
CA ARG F 517 -68.90 -20.87 77.04
C ARG F 517 -68.28 -21.79 76.01
N LYS F 518 -69.05 -22.81 75.60
CA LYS F 518 -68.63 -23.72 74.54
C LYS F 518 -69.27 -23.34 73.20
N PHE F 519 -68.96 -24.11 72.17
CA PHE F 519 -69.53 -23.83 70.86
C PHE F 519 -70.94 -24.37 70.71
N GLU F 520 -71.32 -25.30 71.57
CA GLU F 520 -72.69 -25.79 71.62
C GLU F 520 -73.57 -24.61 71.97
N HIS F 521 -73.12 -23.82 72.96
CA HIS F 521 -73.80 -22.59 73.38
C HIS F 521 -73.90 -21.63 72.21
N TYR F 522 -72.86 -21.62 71.40
CA TYR F 522 -72.87 -20.80 70.21
C TYR F 522 -73.91 -21.29 69.21
N VAL F 523 -73.83 -22.54 68.79
CA VAL F 523 -74.79 -23.08 67.83
C VAL F 523 -76.22 -22.75 68.24
N LYS F 524 -76.59 -23.15 69.45
CA LYS F 524 -77.91 -22.85 70.00
C LYS F 524 -78.22 -21.37 69.89
N GLN F 525 -77.41 -20.53 70.52
CA GLN F 525 -77.60 -19.09 70.51
C GLN F 525 -77.91 -18.56 69.12
N MET F 526 -77.21 -19.13 68.14
CA MET F 526 -77.44 -18.80 66.76
C MET F 526 -78.80 -19.27 66.35
N ALA F 527 -78.94 -20.59 66.38
CA ALA F 527 -80.13 -21.24 65.87
C ALA F 527 -81.43 -20.68 66.47
N GLU F 528 -81.35 -20.22 67.72
CA GLU F 528 -82.52 -19.63 68.37
C GLU F 528 -83.04 -18.48 67.52
N GLY F 529 -82.20 -17.46 67.38
CA GLY F 529 -82.57 -16.30 66.62
C GLY F 529 -82.49 -15.12 67.52
N GLY F 530 -83.12 -14.03 67.11
CA GLY F 530 -83.19 -12.80 67.87
C GLY F 530 -84.45 -12.05 67.53
N PRO F 531 -84.89 -11.17 68.43
CA PRO F 531 -86.12 -10.40 68.21
C PRO F 531 -86.02 -9.65 66.89
N ILE F 532 -84.90 -8.99 66.68
CA ILE F 532 -84.69 -8.18 65.49
C ILE F 532 -84.97 -8.98 64.22
N SER F 533 -84.76 -10.29 64.27
CA SER F 533 -85.14 -11.14 63.15
C SER F 533 -86.57 -11.64 63.27
N GLN F 534 -87.51 -10.71 63.28
CA GLN F 534 -88.91 -11.06 63.43
C GLN F 534 -89.47 -11.71 62.16
N TYR F 535 -90.12 -12.87 62.33
CA TYR F 535 -90.90 -13.49 61.26
C TYR F 535 -91.81 -12.48 60.55
N SER F 536 -91.37 -11.94 59.41
CA SER F 536 -92.14 -10.96 58.63
C SER F 536 -93.51 -11.49 58.19
N ASN F 537 -94.45 -10.59 57.97
CA ASN F 537 -95.81 -11.01 57.64
C ASN F 537 -95.86 -12.11 56.59
N ARG F 538 -95.21 -11.92 55.45
CA ARG F 538 -95.29 -12.96 54.43
C ARG F 538 -94.68 -14.27 54.91
N THR F 539 -93.50 -14.21 55.52
CA THR F 539 -92.83 -15.42 55.99
C THR F 539 -93.67 -16.21 57.02
N LYS F 540 -94.48 -15.48 57.79
CA LYS F 540 -95.42 -16.10 58.73
C LYS F 540 -96.67 -16.66 58.04
N VAL F 541 -97.30 -15.84 57.19
CA VAL F 541 -98.48 -16.28 56.45
C VAL F 541 -98.19 -17.58 55.70
N GLN F 542 -96.94 -17.71 55.27
CA GLN F 542 -96.50 -18.83 54.46
C GLN F 542 -96.25 -20.08 55.30
N ASN F 543 -95.37 -19.98 56.29
CA ASN F 543 -95.05 -21.12 57.14
C ASN F 543 -96.26 -21.60 57.95
N ASP F 544 -97.27 -20.72 58.10
CA ASP F 544 -98.51 -21.05 58.78
C ASP F 544 -99.44 -21.89 57.89
N LEU F 545 -99.75 -21.37 56.70
CA LEU F 545 -100.47 -22.13 55.68
C LEU F 545 -99.77 -23.47 55.41
N ARG F 546 -98.44 -23.45 55.49
CA ARG F 546 -97.62 -24.66 55.38
C ARG F 546 -98.18 -25.79 56.26
N SER F 547 -98.05 -25.62 57.58
CA SER F 547 -98.49 -26.63 58.55
C SER F 547 -100.01 -26.86 58.57
N VAL F 548 -100.79 -25.88 58.15
CA VAL F 548 -102.23 -26.07 57.94
C VAL F 548 -102.46 -27.14 56.90
N TYR F 549 -101.64 -27.11 55.86
CA TYR F 549 -101.66 -28.16 54.85
C TYR F 549 -101.15 -29.48 55.42
N LYS F 550 -99.98 -29.45 56.05
CA LYS F 550 -99.37 -30.66 56.59
C LYS F 550 -100.30 -31.37 57.59
N LEU F 551 -101.19 -30.58 58.18
CA LEU F 551 -102.19 -31.06 59.13
C LEU F 551 -103.38 -31.69 58.38
N ILE F 552 -104.11 -30.85 57.66
CA ILE F 552 -105.23 -31.27 56.80
C ILE F 552 -104.88 -32.46 55.91
N ARG F 553 -103.62 -32.49 55.47
CA ARG F 553 -103.08 -33.51 54.56
C ARG F 553 -102.86 -34.83 55.28
N ARG F 554 -101.90 -34.83 56.20
CA ARG F 554 -101.53 -36.02 56.95
C ARG F 554 -102.55 -36.41 58.05
N GLN F 555 -103.82 -36.32 57.70
CA GLN F 555 -104.93 -36.77 58.55
C GLN F 555 -106.11 -37.09 57.65
N HIS F 556 -105.96 -38.19 56.92
CA HIS F 556 -106.86 -38.61 55.83
C HIS F 556 -108.22 -39.13 56.31
N ARG F 557 -109.21 -38.24 56.32
CA ARG F 557 -110.61 -38.58 56.67
C ARG F 557 -111.62 -37.61 56.07
N LEU F 558 -111.10 -36.54 55.47
CA LEU F 558 -111.91 -35.62 54.70
C LEU F 558 -112.00 -36.21 53.30
N SER F 559 -113.14 -36.04 52.64
CA SER F 559 -113.30 -36.57 51.29
C SER F 559 -112.24 -35.95 50.38
N LYS F 560 -111.79 -36.71 49.39
CA LYS F 560 -110.85 -36.19 48.39
C LYS F 560 -111.47 -35.09 47.50
N SER F 561 -112.77 -34.85 47.67
CA SER F 561 -113.46 -33.71 47.05
C SER F 561 -112.99 -32.43 47.73
N SER F 562 -112.78 -32.54 49.04
CA SER F 562 -112.42 -31.42 49.89
C SER F 562 -110.92 -31.20 49.93
N GLN F 563 -110.18 -32.28 50.11
CA GLN F 563 -108.72 -32.21 50.12
C GLN F 563 -108.19 -31.71 48.78
N LEU F 564 -108.76 -32.23 47.68
CA LEU F 564 -108.39 -31.83 46.31
C LEU F 564 -108.67 -30.35 46.06
N GLN F 565 -109.70 -29.83 46.75
CA GLN F 565 -110.15 -28.46 46.59
C GLN F 565 -109.60 -27.55 47.70
N PHE F 566 -108.79 -28.15 48.59
CA PHE F 566 -108.08 -27.38 49.62
C PHE F 566 -106.76 -26.79 49.12
N ASN F 567 -105.91 -27.62 48.55
CA ASN F 567 -104.66 -27.14 47.96
C ASN F 567 -104.90 -26.25 46.73
N ALA F 568 -106.09 -26.37 46.14
CA ALA F 568 -106.53 -25.47 45.06
C ALA F 568 -106.65 -24.06 45.62
N LEU F 569 -107.41 -23.95 46.71
CA LEU F 569 -107.61 -22.70 47.47
C LEU F 569 -106.34 -22.31 48.25
N TYR F 570 -105.39 -23.25 48.30
CA TYR F 570 -104.11 -23.07 48.99
C TYR F 570 -103.09 -22.46 48.04
N LYS F 571 -102.94 -23.10 46.88
CA LYS F 571 -102.08 -22.58 45.82
C LYS F 571 -102.44 -21.13 45.46
N ASP F 572 -103.74 -20.88 45.31
CA ASP F 572 -104.27 -19.53 45.07
C ASP F 572 -103.64 -18.50 45.98
N VAL F 573 -103.63 -18.82 47.26
CA VAL F 573 -103.14 -17.92 48.31
C VAL F 573 -101.64 -17.70 48.21
N ILE F 574 -100.91 -18.76 47.87
CA ILE F 574 -99.47 -18.65 47.70
C ILE F 574 -99.12 -17.78 46.51
N ARG F 575 -99.75 -18.06 45.37
CA ARG F 575 -99.50 -17.30 44.15
C ARG F 575 -99.79 -15.83 44.38
N ALA F 576 -101.00 -15.51 44.82
CA ALA F 576 -101.41 -14.13 45.05
C ALA F 576 -100.40 -13.33 45.89
N LEU F 577 -99.85 -13.97 46.93
CA LEU F 577 -98.85 -13.36 47.82
C LEU F 577 -97.58 -12.99 47.08
N ALA F 578 -97.22 -13.87 46.15
CA ALA F 578 -96.03 -13.72 45.33
C ALA F 578 -96.17 -12.63 44.26
N MET F 579 -97.29 -12.67 43.54
CA MET F 579 -97.49 -11.79 42.38
C MET F 579 -97.84 -10.34 42.74
N ASN F 580 -98.80 -10.14 43.65
CA ASN F 580 -99.01 -8.80 44.20
C ASN F 580 -99.15 -8.83 45.71
N GLU F 581 -98.00 -8.70 46.38
CA GLU F 581 -97.95 -8.71 47.83
C GLU F 581 -98.66 -7.50 48.41
N SER F 582 -98.61 -6.37 47.69
CA SER F 582 -99.20 -5.10 48.15
C SER F 582 -100.73 -5.09 48.34
N GLN F 583 -101.46 -5.87 47.55
CA GLN F 583 -102.93 -5.89 47.66
C GLN F 583 -103.39 -6.79 48.79
N ILE F 584 -102.83 -7.98 48.82
CA ILE F 584 -103.19 -8.97 49.82
C ILE F 584 -103.03 -8.50 51.28
N MET F 585 -102.19 -7.50 51.57
CA MET F 585 -101.53 -7.57 52.88
C MET F 585 -101.28 -6.64 54.05
N GLU F 610 -91.72 -17.09 64.66
CA GLU F 610 -90.90 -16.55 65.72
C GLU F 610 -89.74 -15.81 65.05
N THR F 611 -88.67 -16.52 64.70
CA THR F 611 -87.51 -15.87 64.09
C THR F 611 -86.79 -16.57 62.94
N ILE F 612 -85.72 -15.94 62.51
CA ILE F 612 -84.98 -16.37 61.36
C ILE F 612 -83.53 -16.47 61.79
N PRO F 613 -83.15 -17.67 62.19
CA PRO F 613 -81.95 -18.30 62.73
C PRO F 613 -80.66 -17.50 62.95
N PHE F 614 -80.35 -16.49 62.16
CA PHE F 614 -78.98 -15.92 62.07
C PHE F 614 -78.12 -16.75 61.12
N LEU F 615 -78.47 -18.03 60.94
CA LEU F 615 -77.76 -18.93 60.02
C LEU F 615 -78.76 -19.90 59.42
N HIS F 616 -79.23 -19.63 58.21
CA HIS F 616 -80.19 -20.51 57.60
C HIS F 616 -79.82 -20.80 56.16
N LEU F 617 -80.48 -21.81 55.62
CA LEU F 617 -80.34 -22.13 54.23
C LEU F 617 -81.65 -21.73 53.61
N ARG F 618 -81.61 -21.37 52.33
CA ARG F 618 -82.83 -21.00 51.62
C ARG F 618 -83.05 -21.95 50.45
N LYS F 619 -84.24 -21.89 49.86
CA LYS F 619 -84.52 -22.67 48.67
C LYS F 619 -85.24 -21.81 47.68
N LYS F 620 -85.30 -22.30 46.45
CA LYS F 620 -85.80 -21.48 45.35
C LYS F 620 -87.30 -21.57 45.13
N ASP F 621 -87.92 -20.40 45.19
CA ASP F 621 -89.30 -20.18 44.83
C ASP F 621 -89.52 -20.61 43.37
N GLU F 622 -90.77 -20.87 42.99
CA GLU F 622 -91.09 -21.11 41.58
C GLU F 622 -90.59 -19.93 40.74
N PHE F 623 -90.63 -18.75 41.34
CA PHE F 623 -90.20 -17.52 40.68
C PHE F 623 -88.79 -17.19 41.17
N GLY F 624 -87.90 -18.17 41.06
CA GLY F 624 -86.50 -18.03 41.45
C GLY F 624 -86.20 -17.10 42.62
N ASN F 625 -86.75 -17.42 43.79
CA ASN F 625 -86.56 -16.58 44.98
C ASN F 625 -86.02 -17.39 46.15
N TRP F 626 -85.12 -16.78 46.92
CA TRP F 626 -84.48 -17.50 48.00
C TRP F 626 -85.14 -17.22 49.36
N GLU F 627 -86.17 -17.99 49.65
CA GLU F 627 -86.90 -17.86 50.90
C GLU F 627 -86.41 -18.88 51.91
N TYR F 628 -86.39 -18.47 53.18
CA TYR F 628 -86.04 -19.34 54.31
C TYR F 628 -86.71 -20.71 54.17
N SER F 629 -85.95 -21.78 54.45
CA SER F 629 -86.47 -23.14 54.43
C SER F 629 -86.11 -23.85 55.71
N LYS F 630 -86.98 -23.81 56.69
CA LYS F 630 -86.70 -24.45 57.97
C LYS F 630 -86.22 -25.88 57.76
N LYS F 631 -86.73 -26.55 56.74
CA LYS F 631 -86.39 -27.95 56.51
C LYS F 631 -84.87 -28.13 56.42
N LEU F 632 -84.25 -27.29 55.61
CA LEU F 632 -82.82 -27.32 55.38
C LEU F 632 -82.06 -26.72 56.54
N THR F 633 -82.42 -25.48 56.91
CA THR F 633 -81.79 -24.81 58.01
C THR F 633 -81.68 -25.78 59.18
N GLY F 634 -82.65 -26.67 59.28
CA GLY F 634 -82.60 -27.73 60.28
C GLY F 634 -81.37 -28.56 60.04
N ILE F 635 -81.40 -29.32 58.95
CA ILE F 635 -80.30 -30.23 58.60
C ILE F 635 -78.93 -29.61 58.77
N TYR F 636 -78.78 -28.34 58.37
CA TYR F 636 -77.50 -27.67 58.49
C TYR F 636 -77.15 -27.40 59.94
N LEU F 637 -78.02 -26.66 60.63
CA LEU F 637 -77.80 -26.29 62.02
C LEU F 637 -77.71 -27.50 62.92
N ASP F 638 -78.23 -28.63 62.42
CA ASP F 638 -78.20 -29.90 63.14
C ASP F 638 -76.82 -30.52 63.13
N GLY F 639 -76.26 -30.69 61.93
CA GLY F 639 -74.88 -31.13 61.81
C GLY F 639 -73.96 -30.12 62.47
N LEU F 640 -74.30 -28.85 62.34
CA LEU F 640 -73.56 -27.73 62.92
C LEU F 640 -73.45 -27.87 64.45
N GLU F 641 -74.45 -28.54 65.02
CA GLU F 641 -74.47 -28.84 66.44
C GLU F 641 -73.57 -30.04 66.70
N ALA F 642 -73.91 -31.16 66.08
CA ALA F 642 -73.13 -32.39 66.18
C ALA F 642 -71.65 -32.14 65.91
N ALA F 643 -71.36 -31.10 65.12
CA ALA F 643 -69.99 -30.68 64.90
C ALA F 643 -69.40 -30.23 66.22
N ALA F 644 -70.02 -29.21 66.82
CA ALA F 644 -69.52 -28.63 68.07
C ALA F 644 -69.44 -29.64 69.21
N ARG F 645 -70.31 -30.65 69.17
CA ARG F 645 -70.33 -31.69 70.19
C ARG F 645 -69.25 -32.73 69.98
N SER F 646 -69.54 -33.70 69.12
CA SER F 646 -68.65 -34.83 68.89
C SER F 646 -67.50 -34.49 67.95
N GLY F 647 -67.69 -33.49 67.12
CA GLY F 647 -66.66 -33.10 66.17
C GLY F 647 -66.91 -33.60 64.76
N LEU F 648 -66.29 -32.92 63.81
CA LEU F 648 -66.52 -33.19 62.39
C LEU F 648 -65.22 -33.63 61.71
N THR F 649 -65.28 -34.69 60.92
CA THR F 649 -64.08 -35.24 60.25
C THR F 649 -64.05 -34.97 58.76
N PHE F 650 -62.85 -34.96 58.20
CA PHE F 650 -62.67 -34.73 56.78
C PHE F 650 -61.81 -35.83 56.13
N GLN F 651 -61.56 -36.88 56.90
CA GLN F 651 -60.68 -37.98 56.48
C GLN F 651 -60.85 -38.39 55.01
N GLY F 652 -59.71 -38.51 54.31
CA GLY F 652 -59.69 -39.05 52.97
C GLY F 652 -60.11 -38.08 51.90
N LYS F 653 -60.43 -36.86 52.29
CA LYS F 653 -60.90 -35.91 51.29
C LYS F 653 -59.79 -34.96 50.87
N HIS F 654 -59.86 -34.51 49.62
CA HIS F 654 -58.85 -33.61 49.07
C HIS F 654 -59.46 -32.24 48.78
N ALA F 655 -58.75 -31.16 49.10
CA ALA F 655 -59.30 -29.83 48.83
C ALA F 655 -58.27 -28.78 48.39
N LEU F 656 -58.68 -27.93 47.46
CA LEU F 656 -57.85 -26.82 46.99
C LEU F 656 -58.32 -25.53 47.67
N MET F 657 -57.39 -24.68 48.07
CA MET F 657 -57.75 -23.46 48.80
C MET F 657 -56.96 -22.23 48.37
N THR F 658 -57.62 -21.28 47.71
CA THR F 658 -56.95 -20.07 47.30
C THR F 658 -57.43 -18.91 48.15
N GLY F 659 -56.50 -18.15 48.69
CA GLY F 659 -56.84 -17.00 49.51
C GLY F 659 -56.65 -17.27 50.99
N ALA F 660 -55.95 -18.36 51.30
CA ALA F 660 -55.75 -18.81 52.67
C ALA F 660 -54.59 -18.10 53.35
N GLY F 661 -54.42 -16.82 53.05
CA GLY F 661 -53.32 -16.05 53.62
C GLY F 661 -53.32 -16.12 55.13
N ALA F 662 -52.21 -15.74 55.75
CA ALA F 662 -52.12 -15.74 57.20
C ALA F 662 -53.12 -14.76 57.82
N GLY F 663 -53.75 -15.20 58.91
CA GLY F 663 -54.70 -14.36 59.62
C GLY F 663 -55.95 -14.06 58.82
N SER F 664 -56.52 -15.11 58.21
CA SER F 664 -57.68 -14.94 57.34
C SER F 664 -58.73 -16.01 57.55
N ILE F 665 -59.93 -15.76 57.06
CA ILE F 665 -60.99 -16.74 57.12
C ILE F 665 -60.53 -18.07 56.52
N GLY F 666 -59.90 -18.00 55.36
CA GLY F 666 -59.37 -19.18 54.71
C GLY F 666 -58.37 -19.89 55.59
N ALA F 667 -57.51 -19.14 56.25
CA ALA F 667 -56.48 -19.72 57.09
C ALA F 667 -57.12 -20.62 58.12
N GLU F 668 -58.14 -20.10 58.79
CA GLU F 668 -58.83 -20.86 59.83
C GLU F 668 -59.50 -22.08 59.22
N VAL F 669 -60.30 -21.87 58.19
CA VAL F 669 -60.96 -23.00 57.54
C VAL F 669 -59.94 -24.07 57.23
N LEU F 670 -58.74 -23.66 56.84
CA LEU F 670 -57.68 -24.60 56.48
C LEU F 670 -57.40 -25.54 57.62
N GLN F 671 -56.99 -24.98 58.75
CA GLN F 671 -56.67 -25.77 59.93
C GLN F 671 -57.78 -26.75 60.24
N GLY F 672 -59.01 -26.35 59.95
CA GLY F 672 -60.15 -27.22 60.11
C GLY F 672 -59.96 -28.51 59.36
N LEU F 673 -59.90 -28.42 58.03
CA LEU F 673 -59.73 -29.59 57.18
C LEU F 673 -58.46 -30.34 57.52
N LEU F 674 -57.45 -29.63 57.98
CA LEU F 674 -56.20 -30.27 58.39
C LEU F 674 -56.35 -31.12 59.66
N SER F 675 -57.22 -30.69 60.57
CA SER F 675 -57.50 -31.50 61.75
C SER F 675 -58.30 -32.75 61.40
N GLY F 676 -59.15 -32.66 60.39
CA GLY F 676 -59.76 -33.84 59.80
C GLY F 676 -58.64 -34.52 59.03
N GLY F 677 -58.92 -35.62 58.35
CA GLY F 677 -57.86 -36.30 57.62
C GLY F 677 -57.53 -35.65 56.29
N ALA F 678 -57.86 -34.38 56.15
CA ALA F 678 -57.86 -33.75 54.83
C ALA F 678 -56.49 -33.43 54.24
N LYS F 679 -56.39 -33.64 52.94
CA LYS F 679 -55.24 -33.23 52.18
C LYS F 679 -55.65 -31.98 51.43
N VAL F 680 -54.98 -30.88 51.71
CA VAL F 680 -55.30 -29.66 51.00
C VAL F 680 -54.08 -29.14 50.24
N ILE F 681 -54.35 -28.37 49.20
CA ILE F 681 -53.31 -27.69 48.45
C ILE F 681 -53.57 -26.18 48.54
N VAL F 682 -52.64 -25.46 49.16
CA VAL F 682 -52.84 -24.03 49.40
C VAL F 682 -51.97 -23.18 48.52
N THR F 683 -52.59 -22.17 47.91
CA THR F 683 -51.86 -21.29 47.01
C THR F 683 -51.53 -19.95 47.63
N THR F 684 -50.27 -19.51 47.47
CA THR F 684 -49.86 -18.22 47.99
C THR F 684 -49.20 -17.33 46.95
N SER F 685 -49.49 -16.03 47.04
CA SER F 685 -49.01 -15.04 46.09
C SER F 685 -47.85 -14.27 46.68
N ARG F 686 -47.46 -14.62 47.90
CA ARG F 686 -46.23 -14.08 48.49
C ARG F 686 -45.47 -15.26 48.99
N PHE F 687 -44.74 -15.91 48.10
CA PHE F 687 -44.10 -17.15 48.44
C PHE F 687 -42.69 -16.89 49.00
N SER F 688 -42.64 -16.63 50.30
CA SER F 688 -41.37 -16.37 50.99
C SER F 688 -41.13 -17.42 52.08
N ARG F 689 -39.92 -17.46 52.61
CA ARG F 689 -39.63 -18.40 53.69
C ARG F 689 -40.58 -18.11 54.82
N GLN F 690 -40.86 -16.83 55.02
CA GLN F 690 -41.76 -16.41 56.07
C GLN F 690 -43.12 -17.10 55.95
N VAL F 691 -43.63 -17.18 54.73
CA VAL F 691 -44.91 -17.82 54.48
C VAL F 691 -44.79 -19.34 54.42
N THR F 692 -43.67 -19.80 53.88
CA THR F 692 -43.36 -21.22 53.93
C THR F 692 -43.48 -21.68 55.38
N GLU F 693 -42.81 -20.97 56.28
CA GLU F 693 -42.80 -21.30 57.69
C GLU F 693 -44.21 -21.32 58.28
N TYR F 694 -44.89 -20.18 58.21
CA TYR F 694 -46.25 -20.06 58.72
C TYR F 694 -47.08 -21.32 58.50
N TYR F 695 -47.08 -21.85 57.28
CA TYR F 695 -47.88 -23.01 56.95
C TYR F 695 -47.37 -24.28 57.57
N GLN F 696 -46.06 -24.48 57.55
CA GLN F 696 -45.50 -25.66 58.22
C GLN F 696 -45.79 -25.57 59.72
N GLY F 697 -45.76 -24.35 60.24
CA GLY F 697 -46.13 -24.12 61.61
C GLY F 697 -47.53 -24.66 61.81
N ILE F 698 -48.47 -24.18 60.99
CA ILE F 698 -49.84 -24.67 61.02
C ILE F 698 -49.92 -26.20 60.96
N TYR F 699 -49.13 -26.83 60.09
CA TYR F 699 -49.29 -28.26 59.90
C TYR F 699 -48.71 -29.05 61.06
N ALA F 700 -47.75 -28.46 61.76
CA ALA F 700 -47.11 -29.14 62.88
C ALA F 700 -48.12 -29.30 63.98
N ARG F 701 -49.11 -28.41 63.97
CA ARG F 701 -50.07 -28.29 65.04
C ARG F 701 -51.44 -28.86 64.70
N CYS F 702 -51.78 -28.90 63.41
CA CYS F 702 -53.11 -29.33 62.99
C CYS F 702 -53.12 -30.60 62.14
N GLY F 703 -51.94 -31.10 61.83
CA GLY F 703 -51.81 -32.22 60.93
C GLY F 703 -52.17 -33.56 61.54
N ALA F 704 -53.43 -33.94 61.41
CA ALA F 704 -53.85 -35.25 61.86
C ALA F 704 -53.26 -36.29 60.94
N ARG F 705 -53.08 -37.52 61.43
CA ARG F 705 -52.62 -38.59 60.57
C ARG F 705 -53.54 -38.64 59.35
N GLY F 706 -52.96 -38.92 58.19
CA GLY F 706 -53.74 -39.00 56.97
C GLY F 706 -53.74 -37.70 56.22
N SER F 707 -53.55 -36.59 56.95
CA SER F 707 -53.58 -35.25 56.37
C SER F 707 -52.28 -34.90 55.64
N GLN F 708 -52.36 -33.89 54.76
CA GLN F 708 -51.21 -33.44 53.97
C GLN F 708 -51.38 -31.98 53.58
N LEU F 709 -50.31 -31.22 53.67
CA LEU F 709 -50.35 -29.81 53.30
C LEU F 709 -49.35 -29.56 52.19
N VAL F 710 -49.85 -29.10 51.05
CA VAL F 710 -49.00 -28.75 49.92
C VAL F 710 -49.14 -27.28 49.57
N VAL F 711 -48.12 -26.49 49.86
CA VAL F 711 -48.14 -25.08 49.53
C VAL F 711 -47.41 -24.85 48.23
N VAL F 712 -47.89 -23.86 47.49
CA VAL F 712 -47.49 -23.65 46.11
C VAL F 712 -47.58 -22.16 45.82
N PRO F 713 -46.71 -21.65 44.95
CA PRO F 713 -46.83 -20.25 44.54
C PRO F 713 -47.88 -20.19 43.43
N PHE F 714 -48.74 -19.18 43.44
CA PHE F 714 -49.85 -19.10 42.50
C PHE F 714 -50.31 -17.66 42.40
N ASN F 715 -51.00 -17.33 41.31
CA ASN F 715 -51.41 -15.98 41.05
C ASN F 715 -52.70 -16.01 40.26
N GLN F 716 -53.84 -15.94 40.96
CA GLN F 716 -55.11 -16.15 40.29
C GLN F 716 -55.41 -15.04 39.30
N GLY F 717 -54.52 -14.05 39.21
CA GLY F 717 -54.60 -13.05 38.18
C GLY F 717 -54.18 -13.59 36.82
N SER F 718 -53.65 -14.80 36.81
CA SER F 718 -53.09 -15.35 35.59
C SER F 718 -53.91 -16.51 35.05
N LYS F 719 -54.35 -16.39 33.80
CA LYS F 719 -55.06 -17.46 33.12
C LYS F 719 -54.22 -18.71 33.08
N GLN F 720 -52.95 -18.55 32.76
CA GLN F 720 -52.06 -19.69 32.64
C GLN F 720 -51.90 -20.39 33.99
N ASP F 721 -51.56 -19.60 35.00
CA ASP F 721 -51.40 -20.10 36.36
C ASP F 721 -52.56 -20.97 36.72
N VAL F 722 -53.75 -20.45 36.50
CA VAL F 722 -54.95 -21.20 36.80
C VAL F 722 -54.95 -22.56 36.12
N GLU F 723 -54.85 -22.55 34.79
CA GLU F 723 -54.91 -23.79 34.01
C GLU F 723 -53.69 -24.67 34.24
N ALA F 724 -52.66 -24.11 34.87
CA ALA F 724 -51.45 -24.86 35.17
C ALA F 724 -51.56 -25.50 36.54
N LEU F 725 -51.97 -24.71 37.53
CA LEU F 725 -52.21 -25.20 38.87
C LEU F 725 -53.03 -26.44 38.77
N VAL F 726 -54.14 -26.32 38.04
CA VAL F 726 -55.09 -27.40 37.92
C VAL F 726 -54.44 -28.70 37.46
N ASN F 727 -53.42 -28.59 36.63
CA ASN F 727 -52.77 -29.78 36.10
C ASN F 727 -51.73 -30.36 37.03
N TYR F 728 -51.15 -29.52 37.89
CA TYR F 728 -50.26 -30.05 38.92
C TYR F 728 -51.09 -30.94 39.81
N ILE F 729 -52.32 -30.50 40.05
CA ILE F 729 -53.19 -31.19 40.96
C ILE F 729 -53.60 -32.52 40.41
N TYR F 730 -53.84 -32.58 39.10
CA TYR F 730 -54.42 -33.77 38.50
C TYR F 730 -53.43 -34.64 37.73
N ASP F 731 -52.17 -34.23 37.65
CA ASP F 731 -51.21 -35.03 36.86
C ASP F 731 -50.77 -36.27 37.59
N THR F 732 -50.97 -37.41 36.96
CA THR F 732 -50.64 -38.67 37.58
C THR F 732 -49.12 -38.84 37.68
N LYS F 733 -48.39 -38.45 36.64
CA LYS F 733 -46.96 -38.72 36.54
C LYS F 733 -46.10 -37.78 37.37
N ASN F 734 -46.03 -36.54 36.97
CA ASN F 734 -45.19 -35.56 37.66
C ASN F 734 -45.96 -34.66 38.59
N GLY F 735 -47.28 -34.73 38.52
CA GLY F 735 -48.13 -33.93 39.37
C GLY F 735 -48.24 -34.56 40.74
N LEU F 736 -49.20 -34.12 41.55
CA LEU F 736 -49.47 -34.77 42.82
C LEU F 736 -50.76 -35.58 42.73
N GLY F 737 -51.19 -35.82 41.49
CA GLY F 737 -52.22 -36.79 41.15
C GLY F 737 -53.43 -36.98 42.03
N TRP F 738 -54.03 -35.87 42.46
CA TRP F 738 -55.21 -35.93 43.30
C TRP F 738 -56.48 -35.93 42.47
N ASP F 739 -57.61 -35.86 43.17
CA ASP F 739 -58.87 -35.43 42.61
C ASP F 739 -59.56 -34.61 43.69
N LEU F 740 -60.12 -33.46 43.31
CA LEU F 740 -60.61 -32.51 44.30
C LEU F 740 -62.02 -32.79 44.84
N ASP F 741 -62.18 -32.61 46.15
CA ASP F 741 -63.45 -32.83 46.85
C ASP F 741 -64.05 -31.51 47.27
N TYR F 742 -63.18 -30.59 47.68
CA TYR F 742 -63.60 -29.25 48.03
C TYR F 742 -62.78 -28.24 47.26
N VAL F 743 -63.41 -27.14 46.90
CA VAL F 743 -62.70 -26.01 46.31
C VAL F 743 -63.15 -24.75 47.03
N VAL F 744 -62.20 -24.03 47.61
CA VAL F 744 -62.54 -22.90 48.44
C VAL F 744 -61.85 -21.64 47.92
N PRO F 745 -62.50 -20.96 46.96
CA PRO F 745 -61.96 -19.85 46.16
C PRO F 745 -62.01 -18.49 46.83
N PHE F 746 -61.21 -18.28 47.87
CA PHE F 746 -61.19 -17.00 48.59
C PHE F 746 -60.10 -16.04 48.11
N ALA F 747 -59.68 -16.18 46.87
CA ALA F 747 -58.71 -15.26 46.31
C ALA F 747 -59.32 -13.87 46.28
N ALA F 748 -58.61 -12.87 46.81
CA ALA F 748 -59.20 -11.54 46.84
C ALA F 748 -58.21 -10.38 46.93
N ILE F 749 -58.60 -9.25 46.32
CA ILE F 749 -57.84 -8.02 46.40
C ILE F 749 -58.71 -6.90 46.94
N PRO F 750 -58.17 -6.16 47.91
CA PRO F 750 -58.75 -4.97 48.51
C PRO F 750 -58.84 -3.83 47.51
N GLU F 751 -60.03 -3.62 46.94
CA GLU F 751 -60.23 -2.51 46.00
C GLU F 751 -60.80 -1.28 46.66
N ASN F 752 -60.94 -1.35 47.98
CA ASN F 752 -61.36 -0.24 48.81
C ASN F 752 -61.02 1.14 48.24
N GLY F 753 -62.02 2.02 48.14
CA GLY F 753 -61.79 3.43 47.89
C GLY F 753 -62.30 4.06 46.60
N ARG F 754 -62.94 3.28 45.74
CA ARG F 754 -63.31 3.80 44.44
C ARG F 754 -64.76 3.54 44.00
N GLU F 755 -65.39 4.58 43.48
CA GLU F 755 -66.74 4.48 42.92
C GLU F 755 -66.64 4.24 41.42
N ILE F 756 -67.78 4.08 40.76
CA ILE F 756 -67.77 3.90 39.31
C ILE F 756 -67.10 5.12 38.70
N ASP F 757 -67.04 6.17 39.49
CA ASP F 757 -66.24 7.35 39.24
C ASP F 757 -64.93 7.01 38.54
N SER F 758 -64.28 5.93 38.99
CA SER F 758 -62.96 5.54 38.50
C SER F 758 -62.64 4.07 38.74
N ILE F 759 -62.91 3.24 37.74
CA ILE F 759 -62.56 1.83 37.83
C ILE F 759 -61.13 1.69 37.34
N ASP F 760 -60.17 1.84 38.25
CA ASP F 760 -58.75 1.82 37.88
C ASP F 760 -58.25 0.42 37.45
N SER F 761 -56.94 0.36 37.18
CA SER F 761 -56.27 -0.89 36.87
C SER F 761 -56.56 -1.92 37.94
N LYS F 762 -56.21 -1.59 39.18
CA LYS F 762 -56.38 -2.50 40.29
C LYS F 762 -57.74 -3.19 40.24
N SER F 763 -58.80 -2.40 40.05
CA SER F 763 -60.16 -2.91 40.03
C SER F 763 -60.37 -3.96 38.97
N GLU F 764 -60.01 -3.64 37.74
CA GLU F 764 -60.12 -4.60 36.66
C GLU F 764 -59.35 -5.86 37.01
N LEU F 765 -58.14 -5.72 37.55
CA LEU F 765 -57.36 -6.87 37.97
C LEU F 765 -58.14 -7.66 38.99
N ALA F 766 -58.54 -6.98 40.06
CA ALA F 766 -59.30 -7.62 41.11
C ALA F 766 -60.48 -8.37 40.53
N HIS F 767 -61.24 -7.73 39.65
CA HIS F 767 -62.46 -8.34 39.13
C HIS F 767 -62.14 -9.58 38.29
N ARG F 768 -60.92 -9.63 37.77
CA ARG F 768 -60.48 -10.79 36.99
C ARG F 768 -60.05 -11.93 37.94
N ILE F 769 -59.49 -11.56 39.08
CA ILE F 769 -59.10 -12.55 40.06
C ILE F 769 -60.33 -13.14 40.71
N MET F 770 -61.28 -12.27 41.04
CA MET F 770 -62.48 -12.64 41.80
C MET F 770 -63.62 -13.25 40.99
N LEU F 771 -63.66 -12.96 39.69
CA LEU F 771 -64.74 -13.52 38.85
C LEU F 771 -64.29 -14.38 37.67
N THR F 772 -63.68 -13.74 36.68
CA THR F 772 -63.32 -14.42 35.44
C THR F 772 -62.42 -15.66 35.66
N ASN F 773 -61.41 -15.53 36.50
CA ASN F 773 -60.48 -16.62 36.68
C ASN F 773 -60.99 -17.60 37.73
N LEU F 774 -61.92 -17.14 38.54
CA LEU F 774 -62.58 -18.03 39.48
C LEU F 774 -63.36 -19.04 38.65
N LEU F 775 -64.13 -18.52 37.70
CA LEU F 775 -64.93 -19.37 36.85
C LEU F 775 -64.05 -20.30 36.06
N ARG F 776 -62.88 -19.81 35.68
CA ARG F 776 -61.99 -20.60 34.86
C ARG F 776 -61.32 -21.67 35.71
N LEU F 777 -61.13 -21.38 36.99
CA LEU F 777 -60.56 -22.36 37.88
C LEU F 777 -61.51 -23.55 37.99
N LEU F 778 -62.76 -23.28 38.30
CA LEU F 778 -63.79 -24.32 38.31
C LEU F 778 -63.81 -25.02 36.97
N GLY F 779 -63.90 -24.24 35.90
CA GLY F 779 -63.96 -24.78 34.55
C GLY F 779 -62.86 -25.76 34.26
N ALA F 780 -61.66 -25.45 34.71
CA ALA F 780 -60.51 -26.32 34.51
C ALA F 780 -60.66 -27.61 35.31
N ILE F 781 -61.00 -27.48 36.58
CA ILE F 781 -61.23 -28.63 37.43
C ILE F 781 -62.22 -29.58 36.78
N LYS F 782 -63.30 -29.03 36.27
CA LYS F 782 -64.33 -29.86 35.65
C LYS F 782 -63.72 -30.74 34.58
N THR F 783 -63.29 -30.10 33.50
CA THR F 783 -62.81 -30.79 32.32
C THR F 783 -61.77 -31.83 32.68
N GLN F 784 -60.99 -31.55 33.72
CA GLN F 784 -60.03 -32.52 34.18
C GLN F 784 -60.76 -33.80 34.55
N LYS F 785 -61.74 -33.69 35.43
CA LYS F 785 -62.49 -34.86 35.86
C LYS F 785 -63.13 -35.49 34.66
N LYS F 786 -63.78 -34.67 33.84
CA LYS F 786 -64.54 -35.20 32.70
C LYS F 786 -63.66 -36.09 31.83
N GLU F 787 -62.43 -35.65 31.62
CA GLU F 787 -61.51 -36.36 30.77
C GLU F 787 -61.00 -37.63 31.47
N ARG F 788 -60.68 -37.51 32.74
CA ARG F 788 -60.08 -38.62 33.48
C ARG F 788 -61.12 -39.61 33.96
N GLY F 789 -62.37 -39.48 33.50
CA GLY F 789 -63.41 -40.41 33.87
C GLY F 789 -63.85 -40.37 35.31
N TYR F 790 -63.39 -39.34 36.02
CA TYR F 790 -63.80 -39.12 37.40
C TYR F 790 -65.24 -38.60 37.42
N GLU F 791 -66.20 -39.51 37.44
CA GLU F 791 -67.61 -39.14 37.26
C GLU F 791 -68.38 -39.04 38.57
N THR F 792 -68.24 -40.08 39.38
CA THR F 792 -69.06 -40.25 40.56
C THR F 792 -68.45 -39.60 41.80
N ARG F 793 -67.69 -38.53 41.61
CA ARG F 793 -67.11 -37.80 42.73
C ARG F 793 -67.04 -36.31 42.45
N PRO F 794 -68.14 -35.61 42.71
CA PRO F 794 -68.24 -34.17 42.48
C PRO F 794 -67.38 -33.38 43.45
N ALA F 795 -67.00 -32.17 43.05
CA ALA F 795 -66.22 -31.29 43.89
C ALA F 795 -67.08 -30.13 44.37
N GLN F 796 -67.13 -29.94 45.68
CA GLN F 796 -67.97 -28.91 46.27
C GLN F 796 -67.28 -27.57 46.30
N VAL F 797 -67.97 -26.56 45.78
CA VAL F 797 -67.39 -25.25 45.66
C VAL F 797 -68.05 -24.25 46.61
N ILE F 798 -67.31 -23.87 47.66
CA ILE F 798 -67.77 -22.90 48.64
C ILE F 798 -67.68 -21.46 48.11
N LEU F 799 -68.62 -21.12 47.22
CA LEU F 799 -68.73 -19.79 46.64
C LEU F 799 -68.90 -18.73 47.70
N PRO F 800 -67.90 -17.87 47.85
CA PRO F 800 -68.00 -16.77 48.82
C PRO F 800 -68.83 -15.65 48.25
N LEU F 801 -70.16 -15.70 48.43
CA LEU F 801 -71.02 -14.60 47.98
C LEU F 801 -71.08 -13.51 49.06
N SER F 802 -71.76 -12.40 48.74
CA SER F 802 -71.84 -11.31 49.70
C SER F 802 -73.29 -10.85 49.82
N PRO F 803 -73.65 -10.31 50.99
CA PRO F 803 -74.98 -9.76 51.27
C PRO F 803 -75.13 -8.37 50.66
N ASN F 804 -74.02 -7.70 50.42
CA ASN F 804 -74.08 -6.29 50.10
C ASN F 804 -73.70 -5.92 48.68
N HIS F 805 -74.69 -6.01 47.79
CA HIS F 805 -74.51 -5.70 46.39
C HIS F 805 -74.63 -4.21 46.13
N GLY F 806 -73.65 -3.45 46.63
CA GLY F 806 -73.58 -2.03 46.35
C GLY F 806 -74.42 -1.21 47.30
N THR F 807 -74.68 -1.78 48.47
CA THR F 807 -75.36 -1.06 49.52
C THR F 807 -74.34 -0.15 50.17
N PHE F 808 -73.10 -0.61 50.16
CA PHE F 808 -71.96 0.16 50.65
C PHE F 808 -71.33 0.89 49.49
N GLY F 809 -70.63 1.98 49.79
CA GLY F 809 -69.99 2.76 48.75
C GLY F 809 -68.55 2.34 48.52
N ASN F 810 -68.01 2.71 47.35
CA ASN F 810 -66.59 2.53 47.04
C ASN F 810 -66.14 1.10 46.83
N ASP F 811 -67.09 0.19 46.71
CA ASP F 811 -66.78 -1.21 46.42
C ASP F 811 -65.81 -1.24 45.25
N GLY F 812 -66.07 -0.41 44.25
CA GLY F 812 -65.24 -0.34 43.06
C GLY F 812 -65.06 -1.69 42.41
N LEU F 813 -66.07 -2.12 41.67
CA LEU F 813 -66.01 -3.41 40.96
C LEU F 813 -66.07 -4.63 41.88
N TYR F 814 -66.24 -4.41 43.18
CA TYR F 814 -66.27 -5.52 44.12
C TYR F 814 -67.57 -6.27 44.02
N SER F 815 -68.63 -5.60 44.45
CA SER F 815 -69.97 -6.15 44.43
C SER F 815 -70.26 -6.82 43.10
N GLU F 816 -69.90 -6.14 42.01
CA GLU F 816 -70.17 -6.61 40.66
C GLU F 816 -69.65 -8.01 40.45
N SER F 817 -68.49 -8.30 41.03
CA SER F 817 -67.93 -9.65 40.95
C SER F 817 -68.78 -10.61 41.78
N LYS F 818 -68.97 -10.26 43.05
CA LYS F 818 -69.62 -11.13 44.01
C LYS F 818 -71.05 -11.46 43.61
N LEU F 819 -71.75 -10.50 43.03
CA LEU F 819 -73.10 -10.74 42.55
C LEU F 819 -73.11 -11.67 41.34
N ALA F 820 -72.18 -11.42 40.42
CA ALA F 820 -72.09 -12.21 39.21
C ALA F 820 -71.96 -13.66 39.56
N LEU F 821 -71.18 -13.93 40.61
CA LEU F 821 -70.90 -15.29 41.01
C LEU F 821 -72.19 -16.08 41.11
N GLU F 822 -73.26 -15.38 41.48
CA GLU F 822 -74.52 -16.02 41.83
C GLU F 822 -75.23 -16.59 40.61
N THR F 823 -74.74 -16.24 39.43
CA THR F 823 -75.31 -16.81 38.22
C THR F 823 -75.03 -18.30 38.21
N LEU F 824 -74.01 -18.70 38.96
CA LEU F 824 -73.63 -20.10 39.04
C LEU F 824 -74.79 -20.92 39.54
N PHE F 825 -75.54 -20.37 40.48
CA PHE F 825 -76.68 -21.06 41.09
C PHE F 825 -77.55 -21.73 40.03
N ASN F 826 -77.76 -21.01 38.92
CA ASN F 826 -78.60 -21.49 37.82
C ASN F 826 -77.84 -22.30 36.79
N ARG F 827 -76.62 -21.88 36.50
CA ARG F 827 -75.79 -22.57 35.54
C ARG F 827 -75.67 -24.05 35.88
N TRP F 828 -75.67 -24.36 37.18
CA TRP F 828 -75.54 -25.74 37.62
C TRP F 828 -76.56 -26.63 36.93
N TYR F 829 -77.74 -26.06 36.69
CA TYR F 829 -78.86 -26.78 36.09
C TYR F 829 -78.80 -26.80 34.57
N SER F 830 -78.44 -25.66 33.98
CA SER F 830 -78.50 -25.47 32.52
C SER F 830 -77.33 -26.09 31.76
N GLU F 831 -76.11 -25.85 32.23
CA GLU F 831 -74.93 -26.38 31.58
C GLU F 831 -74.62 -27.81 32.02
N SER F 832 -73.58 -28.39 31.45
CA SER F 832 -73.37 -29.82 31.61
C SER F 832 -72.27 -30.17 32.62
N TRP F 833 -72.05 -29.33 33.62
CA TRP F 833 -71.06 -29.65 34.64
C TRP F 833 -71.72 -30.06 35.96
N GLY F 834 -73.02 -30.31 35.89
CA GLY F 834 -73.77 -30.71 37.05
C GLY F 834 -73.03 -31.74 37.89
N ASN F 835 -72.54 -32.80 37.23
CA ASN F 835 -71.96 -33.95 37.89
C ASN F 835 -70.63 -33.71 38.58
N TYR F 836 -69.81 -32.86 37.97
CA TYR F 836 -68.44 -32.69 38.41
C TYR F 836 -68.28 -31.61 39.48
N LEU F 837 -69.01 -30.51 39.31
CA LEU F 837 -69.00 -29.44 40.31
C LEU F 837 -70.36 -29.29 40.96
N THR F 838 -70.36 -29.07 42.28
CA THR F 838 -71.58 -28.69 42.97
C THR F 838 -71.38 -27.31 43.57
N ILE F 839 -72.45 -26.53 43.61
CA ILE F 839 -72.35 -25.17 44.11
C ILE F 839 -72.96 -25.00 45.50
N CYS F 840 -72.18 -24.42 46.41
CA CYS F 840 -72.65 -24.11 47.75
C CYS F 840 -72.45 -22.63 48.08
N GLY F 841 -73.39 -21.80 47.64
CA GLY F 841 -73.31 -20.37 47.86
C GLY F 841 -73.30 -20.06 49.34
N ALA F 842 -72.24 -19.43 49.80
CA ALA F 842 -72.11 -19.12 51.21
C ALA F 842 -71.93 -17.64 51.36
N VAL F 843 -73.02 -16.94 51.58
CA VAL F 843 -72.94 -15.51 51.80
C VAL F 843 -72.36 -15.19 53.18
N ILE F 844 -71.05 -15.04 53.24
CA ILE F 844 -70.33 -14.75 54.48
C ILE F 844 -70.71 -13.39 55.04
N GLY F 845 -70.95 -13.33 56.35
CA GLY F 845 -71.36 -12.10 57.00
C GLY F 845 -70.20 -11.39 57.67
N TRP F 846 -70.53 -10.28 58.32
CA TRP F 846 -69.55 -9.47 59.04
C TRP F 846 -68.61 -10.29 59.92
N THR F 847 -67.32 -10.30 59.60
CA THR F 847 -66.34 -11.05 60.39
C THR F 847 -65.14 -10.23 60.83
N ARG F 848 -65.19 -9.65 62.02
CA ARG F 848 -64.09 -8.84 62.52
C ARG F 848 -62.81 -9.66 62.48
N GLY F 849 -61.71 -9.03 62.08
CA GLY F 849 -60.52 -9.77 61.73
C GLY F 849 -59.28 -9.35 62.49
N THR F 850 -58.67 -10.33 63.17
CA THR F 850 -57.53 -10.11 64.06
C THR F 850 -56.33 -9.48 63.37
N GLY F 851 -55.81 -8.40 63.97
CA GLY F 851 -54.64 -7.72 63.47
C GLY F 851 -54.78 -7.16 62.07
N LEU F 852 -55.91 -7.46 61.42
CA LEU F 852 -56.21 -6.96 60.09
C LEU F 852 -56.61 -5.48 60.12
N MET F 853 -57.88 -5.20 59.81
CA MET F 853 -58.39 -3.83 59.84
C MET F 853 -59.29 -3.59 61.05
N SER F 854 -58.99 -2.52 61.79
CA SER F 854 -59.75 -2.18 63.00
C SER F 854 -60.97 -1.32 62.69
N ALA F 855 -61.08 -0.86 61.44
CA ALA F 855 -62.18 0.01 60.99
C ALA F 855 -63.54 -0.66 61.14
N ASN F 856 -63.57 -1.94 60.85
CA ASN F 856 -64.78 -2.74 60.88
C ASN F 856 -64.99 -3.30 62.27
N ASN F 857 -64.09 -2.96 63.20
CA ASN F 857 -64.10 -3.55 64.54
C ASN F 857 -64.47 -2.53 65.64
N LEU F 858 -64.17 -1.27 65.37
CA LEU F 858 -64.45 -0.22 66.33
C LEU F 858 -65.94 -0.09 66.46
N VAL F 859 -66.63 -0.31 65.35
CA VAL F 859 -68.07 -0.15 65.30
C VAL F 859 -68.80 -1.49 65.47
N ALA F 860 -68.03 -2.57 65.41
CA ALA F 860 -68.57 -3.92 65.56
C ALA F 860 -69.46 -4.05 66.77
N GLU F 861 -69.04 -3.45 67.88
CA GLU F 861 -69.81 -3.54 69.11
C GLU F 861 -71.16 -2.83 68.98
N GLY F 862 -71.13 -1.57 68.55
CA GLY F 862 -72.34 -0.76 68.46
C GLY F 862 -73.43 -1.36 67.60
N VAL F 863 -73.04 -2.01 66.52
CA VAL F 863 -74.00 -2.62 65.62
C VAL F 863 -74.65 -3.87 66.20
N GLU F 864 -73.89 -4.59 67.03
CA GLU F 864 -74.44 -5.79 67.66
C GLU F 864 -75.51 -5.37 68.64
N LYS F 865 -75.39 -4.14 69.14
CA LYS F 865 -76.32 -3.61 70.11
C LYS F 865 -77.72 -3.51 69.54
N LEU F 866 -77.83 -3.48 68.22
CA LEU F 866 -79.14 -3.44 67.59
C LEU F 866 -79.79 -4.82 67.50
N GLY F 867 -79.24 -5.79 68.21
CA GLY F 867 -79.85 -7.12 68.30
C GLY F 867 -79.43 -8.09 67.21
N VAL F 868 -78.18 -7.99 66.77
CA VAL F 868 -77.70 -8.73 65.61
C VAL F 868 -76.27 -9.22 65.90
N ARG F 869 -75.82 -10.23 65.15
CA ARG F 869 -74.54 -10.88 65.43
C ARG F 869 -73.39 -10.61 64.44
N THR F 870 -72.21 -10.32 64.97
CA THR F 870 -70.98 -10.34 64.19
C THR F 870 -70.14 -11.51 64.67
N PHE F 871 -69.27 -12.02 63.80
CA PHE F 871 -68.55 -13.25 64.09
C PHE F 871 -67.05 -13.05 64.19
N SER F 872 -66.42 -13.86 65.04
CA SER F 872 -64.96 -13.92 65.04
C SER F 872 -64.58 -14.84 63.91
N GLN F 873 -63.31 -14.78 63.50
CA GLN F 873 -62.83 -15.62 62.41
C GLN F 873 -63.10 -17.09 62.71
N GLN F 874 -62.57 -17.55 63.83
CA GLN F 874 -62.74 -18.92 64.28
C GLN F 874 -64.18 -19.41 64.20
N GLU F 875 -65.13 -18.52 64.52
CA GLU F 875 -66.55 -18.85 64.45
C GLU F 875 -66.96 -19.09 63.00
N MET F 876 -66.78 -18.06 62.17
CA MET F 876 -67.20 -18.10 60.77
C MET F 876 -66.56 -19.25 59.99
N ALA F 877 -65.42 -19.72 60.46
CA ALA F 877 -64.75 -20.86 59.86
C ALA F 877 -65.53 -22.11 60.24
N PHE F 878 -65.81 -22.23 61.52
CA PHE F 878 -66.67 -23.28 62.02
C PHE F 878 -67.93 -23.33 61.17
N ASN F 879 -68.57 -22.18 61.00
CA ASN F 879 -69.82 -22.07 60.23
C ASN F 879 -69.67 -22.64 58.84
N LEU F 880 -68.57 -22.26 58.20
CA LEU F 880 -68.30 -22.69 56.83
C LEU F 880 -68.11 -24.20 56.78
N LEU F 881 -67.23 -24.71 57.64
CA LEU F 881 -66.96 -26.13 57.67
C LEU F 881 -68.24 -26.89 57.87
N GLY F 882 -69.24 -26.19 58.37
CA GLY F 882 -70.56 -26.77 58.52
C GLY F 882 -71.16 -27.20 57.20
N LEU F 883 -71.02 -26.37 56.18
CA LEU F 883 -71.58 -26.69 54.87
C LEU F 883 -70.70 -27.75 54.24
N MET F 884 -69.54 -27.98 54.83
CA MET F 884 -68.61 -28.99 54.34
C MET F 884 -69.03 -30.35 54.87
N ALA F 885 -69.81 -30.34 55.95
CA ALA F 885 -70.28 -31.57 56.58
C ALA F 885 -71.04 -32.47 55.64
N PRO F 886 -70.93 -33.80 55.84
CA PRO F 886 -71.55 -34.81 55.00
C PRO F 886 -73.03 -34.54 54.75
N ALA F 887 -73.70 -34.06 55.79
CA ALA F 887 -75.12 -33.76 55.73
C ALA F 887 -75.44 -32.90 54.51
N ILE F 888 -74.90 -31.69 54.51
CA ILE F 888 -75.18 -30.69 53.50
C ILE F 888 -74.61 -31.07 52.14
N VAL F 889 -73.44 -31.68 52.14
CA VAL F 889 -72.82 -32.08 50.88
C VAL F 889 -73.79 -32.80 49.96
N ASN F 890 -74.56 -33.74 50.51
CA ASN F 890 -75.47 -34.52 49.70
C ASN F 890 -76.65 -33.72 49.17
N LEU F 891 -76.99 -32.64 49.85
CA LEU F 891 -78.02 -31.73 49.37
C LEU F 891 -77.52 -31.08 48.10
N CYS F 892 -76.24 -30.71 48.11
CA CYS F 892 -75.63 -30.03 46.97
C CYS F 892 -75.58 -30.90 45.73
N GLN F 893 -75.31 -32.18 45.93
CA GLN F 893 -75.15 -33.13 44.84
C GLN F 893 -76.45 -33.30 44.05
N SER F 894 -77.55 -32.87 44.63
CA SER F 894 -78.82 -32.88 43.93
C SER F 894 -79.27 -31.46 43.60
N ASP F 895 -79.05 -30.52 44.53
CA ASP F 895 -79.48 -29.14 44.36
C ASP F 895 -78.60 -28.13 45.08
N PRO F 896 -78.19 -27.07 44.36
CA PRO F 896 -77.41 -25.96 44.91
C PRO F 896 -77.95 -25.46 46.23
N VAL F 897 -77.05 -24.95 47.07
CA VAL F 897 -77.38 -24.57 48.43
C VAL F 897 -77.10 -23.10 48.66
N PHE F 898 -78.08 -22.41 49.22
CA PHE F 898 -77.89 -21.04 49.62
C PHE F 898 -77.68 -21.11 51.12
N ALA F 899 -76.74 -20.33 51.63
CA ALA F 899 -76.46 -20.37 53.06
C ALA F 899 -76.20 -18.96 53.57
N ASP F 900 -77.26 -18.34 54.08
CA ASP F 900 -77.14 -17.03 54.71
C ASP F 900 -76.36 -17.21 56.02
N LEU F 901 -75.07 -16.96 55.97
CA LEU F 901 -74.25 -16.98 57.17
C LEU F 901 -73.97 -15.55 57.60
N ASN F 902 -74.92 -14.68 57.31
CA ASN F 902 -74.88 -13.29 57.77
C ASN F 902 -75.56 -13.20 59.13
N GLY F 903 -74.97 -12.44 60.03
CA GLY F 903 -75.44 -12.41 61.40
C GLY F 903 -76.84 -11.85 61.58
N GLY F 904 -77.70 -12.03 60.56
CA GLY F 904 -79.04 -11.48 60.59
C GLY F 904 -79.06 -9.97 60.37
N LEU F 905 -77.95 -9.44 59.87
CA LEU F 905 -77.86 -8.02 59.58
C LEU F 905 -78.78 -7.65 58.42
N GLN F 906 -79.48 -8.63 57.85
CA GLN F 906 -80.37 -8.36 56.73
C GLN F 906 -81.46 -7.42 57.19
N PHE F 907 -81.73 -7.44 58.48
CA PHE F 907 -82.83 -6.68 59.03
C PHE F 907 -82.45 -5.28 59.44
N ILE F 908 -81.16 -4.99 59.47
CA ILE F 908 -80.71 -3.63 59.64
C ILE F 908 -80.58 -2.97 58.27
N PRO F 909 -81.51 -2.12 57.94
CA PRO F 909 -81.42 -1.39 56.68
C PRO F 909 -80.47 -0.20 56.84
N ASP F 910 -79.95 0.27 55.72
CA ASP F 910 -79.02 1.39 55.71
C ASP F 910 -77.86 1.13 56.66
N LEU F 911 -77.35 -0.10 56.64
CA LEU F 911 -76.23 -0.47 57.49
C LEU F 911 -75.04 0.44 57.18
N LYS F 912 -74.81 0.67 55.89
CA LYS F 912 -73.79 1.62 55.44
C LYS F 912 -73.86 2.88 56.30
N GLY F 913 -75.07 3.43 56.40
CA GLY F 913 -75.31 4.66 57.13
C GLY F 913 -75.09 4.52 58.62
N LEU F 914 -75.59 3.43 59.20
CA LEU F 914 -75.41 3.15 60.62
C LEU F 914 -73.94 3.25 61.01
N MET F 915 -73.11 2.44 60.35
CA MET F 915 -71.70 2.36 60.68
C MET F 915 -71.00 3.70 60.51
N THR F 916 -71.30 4.40 59.43
CA THR F 916 -70.68 5.69 59.16
C THR F 916 -70.99 6.69 60.28
N LYS F 917 -72.15 6.54 60.92
CA LYS F 917 -72.49 7.36 62.09
C LYS F 917 -71.61 6.97 63.27
N LEU F 918 -71.66 5.69 63.61
CA LEU F 918 -70.82 5.12 64.65
C LEU F 918 -69.32 5.38 64.41
N ARG F 919 -68.88 5.24 63.17
CA ARG F 919 -67.51 5.57 62.77
C ARG F 919 -67.13 6.96 63.28
N LYS F 920 -68.03 7.91 63.08
CA LYS F 920 -67.74 9.30 63.42
C LYS F 920 -67.67 9.47 64.93
N GLU F 921 -68.80 9.26 65.59
CA GLU F 921 -68.90 9.45 67.04
C GLU F 921 -67.66 8.96 67.79
N ILE F 922 -67.21 7.75 67.49
CA ILE F 922 -66.05 7.18 68.17
C ILE F 922 -64.80 8.02 67.94
N MET F 923 -64.45 8.21 66.66
CA MET F 923 -63.28 8.99 66.28
C MET F 923 -63.40 10.41 66.84
N GLU F 924 -64.63 10.88 66.94
CA GLU F 924 -64.92 12.25 67.32
C GLU F 924 -64.68 12.49 68.82
N THR F 925 -65.19 11.59 69.64
CA THR F 925 -65.06 11.73 71.08
C THR F 925 -63.62 11.55 71.52
N SER F 926 -62.91 10.62 70.88
CA SER F 926 -61.50 10.40 71.21
C SER F 926 -60.70 11.63 70.84
N ALA F 927 -60.95 12.16 69.65
CA ALA F 927 -60.27 13.37 69.18
C ALA F 927 -60.41 14.49 70.20
N ILE F 928 -61.65 14.82 70.53
CA ILE F 928 -61.95 15.80 71.55
C ILE F 928 -61.15 15.51 72.82
N ARG F 929 -61.24 14.27 73.30
CA ARG F 929 -60.69 13.89 74.58
C ARG F 929 -59.18 14.11 74.66
N GLN F 930 -58.46 13.67 73.64
CA GLN F 930 -57.01 13.80 73.62
C GLN F 930 -56.57 15.21 73.21
N ALA F 931 -57.46 15.92 72.54
CA ALA F 931 -57.18 17.30 72.16
C ALA F 931 -57.20 18.16 73.40
N VAL F 932 -58.27 18.04 74.17
CA VAL F 932 -58.41 18.74 75.43
C VAL F 932 -57.17 18.57 76.29
N ILE F 933 -56.69 17.34 76.37
CA ILE F 933 -55.50 17.04 77.15
C ILE F 933 -54.33 17.92 76.72
N LYS F 934 -54.06 17.92 75.42
CA LYS F 934 -52.98 18.73 74.88
C LYS F 934 -53.18 20.21 75.21
N GLU F 935 -54.43 20.63 75.18
CA GLU F 935 -54.79 22.00 75.49
C GLU F 935 -54.41 22.36 76.92
N THR F 936 -54.97 21.63 77.86
CA THR F 936 -54.76 21.86 79.28
C THR F 936 -53.29 21.65 79.68
N ALA F 937 -52.57 20.86 78.89
CA ALA F 937 -51.14 20.65 79.10
C ALA F 937 -50.38 21.92 78.72
N ILE F 938 -50.77 22.52 77.60
CA ILE F 938 -50.18 23.76 77.15
C ILE F 938 -50.48 24.91 78.10
N GLU F 939 -51.71 24.93 78.62
CA GLU F 939 -52.14 25.96 79.57
C GLU F 939 -51.21 26.00 80.77
N ASN F 940 -50.80 24.82 81.24
CA ASN F 940 -49.90 24.73 82.39
C ASN F 940 -48.49 25.25 82.14
N LYS F 941 -47.98 25.06 80.92
CA LYS F 941 -46.67 25.57 80.55
C LYS F 941 -46.68 27.10 80.50
N VAL F 942 -47.85 27.66 80.22
CA VAL F 942 -48.00 29.11 80.19
C VAL F 942 -48.01 29.64 81.61
N VAL F 943 -48.97 29.15 82.38
CA VAL F 943 -49.18 29.62 83.74
C VAL F 943 -47.98 29.37 84.64
N ASN F 944 -47.48 28.14 84.64
CA ASN F 944 -46.43 27.74 85.59
C ASN F 944 -45.01 28.03 85.10
N GLY F 945 -44.85 28.17 83.79
CA GLY F 945 -43.54 28.41 83.22
C GLY F 945 -42.86 27.11 82.83
N GLU F 946 -41.97 27.19 81.84
CA GLU F 946 -41.24 26.02 81.32
C GLU F 946 -40.62 25.22 82.44
N ASP F 947 -39.89 25.91 83.30
CA ASP F 947 -39.14 25.29 84.38
C ASP F 947 -40.03 24.48 85.31
N HIS F 948 -41.09 25.09 85.83
CA HIS F 948 -41.98 24.38 86.75
C HIS F 948 -42.56 23.11 86.12
N GLU F 949 -43.30 23.27 85.02
CA GLU F 949 -43.95 22.13 84.41
C GLU F 949 -42.97 21.04 83.99
N ALA F 950 -41.81 21.45 83.48
CA ALA F 950 -40.76 20.50 83.06
C ALA F 950 -40.33 19.58 84.20
N LEU F 951 -39.97 20.17 85.33
CA LEU F 951 -39.37 19.45 86.44
C LEU F 951 -40.35 18.57 87.22
N TYR F 952 -41.57 18.40 86.71
CA TYR F 952 -42.60 17.60 87.38
C TYR F 952 -43.26 16.59 86.45
N ARG F 953 -42.47 16.00 85.55
CA ARG F 953 -42.98 14.98 84.64
C ARG F 953 -42.35 13.63 84.92
N ARG F 954 -43.17 12.59 84.98
CA ARG F 954 -42.66 11.24 85.25
C ARG F 954 -41.44 10.92 84.40
N VAL F 955 -40.31 10.74 85.07
CA VAL F 955 -39.05 10.43 84.40
C VAL F 955 -39.00 8.94 84.12
N ILE F 956 -39.37 8.54 82.91
CA ILE F 956 -39.30 7.13 82.53
C ILE F 956 -37.87 6.80 82.13
N THR F 957 -37.27 5.80 82.79
CA THR F 957 -35.90 5.40 82.47
C THR F 957 -35.84 4.73 81.09
N GLU F 958 -34.80 5.04 80.32
CA GLU F 958 -34.56 4.41 79.03
C GLU F 958 -33.65 3.22 79.19
N PRO F 959 -34.08 2.06 78.68
CA PRO F 959 -33.34 0.83 78.94
C PRO F 959 -31.95 0.86 78.31
N ARG F 960 -30.97 0.33 79.02
CA ARG F 960 -29.66 0.09 78.45
C ARG F 960 -29.42 -1.40 78.49
N ALA F 961 -28.23 -1.81 78.08
CA ALA F 961 -27.91 -3.22 78.08
C ALA F 961 -26.65 -3.47 78.88
N ASN F 962 -26.73 -4.34 79.87
CA ASN F 962 -25.54 -4.80 80.60
C ASN F 962 -25.21 -6.25 80.23
N LEU F 963 -23.98 -6.49 79.83
CA LEU F 963 -23.61 -7.83 79.45
C LEU F 963 -23.06 -8.55 80.64
N LYS F 964 -23.92 -9.24 81.37
CA LYS F 964 -23.49 -10.09 82.46
C LYS F 964 -22.62 -11.16 81.84
N TYR F 965 -21.43 -11.41 82.39
CA TYR F 965 -20.57 -12.46 81.85
C TYR F 965 -20.86 -13.76 82.57
N PRO F 966 -21.84 -14.52 82.07
CA PRO F 966 -22.33 -15.65 82.87
C PRO F 966 -21.33 -16.78 82.89
N PHE F 967 -21.06 -17.30 84.07
CA PHE F 967 -20.46 -18.61 84.16
C PHE F 967 -21.55 -19.64 84.16
N PRO F 968 -21.15 -20.89 84.06
CA PRO F 968 -22.19 -21.90 84.20
C PRO F 968 -22.82 -21.74 85.56
N GLU F 969 -24.13 -21.86 85.62
CA GLU F 969 -24.83 -21.83 86.89
C GLU F 969 -24.37 -23.00 87.76
N LEU F 970 -23.81 -22.67 88.92
CA LEU F 970 -23.36 -23.67 89.88
C LEU F 970 -24.60 -24.25 90.53
N PRO F 971 -24.80 -25.56 90.40
CA PRO F 971 -26.01 -26.21 90.91
C PRO F 971 -26.18 -25.96 92.39
N ASP F 972 -27.35 -26.27 92.95
CA ASP F 972 -27.53 -26.11 94.39
C ASP F 972 -27.18 -27.37 95.16
N TRP F 973 -26.44 -27.20 96.25
CA TRP F 973 -25.93 -28.32 97.01
C TRP F 973 -27.04 -29.24 97.46
N ASP F 974 -28.10 -28.65 98.01
CA ASP F 974 -29.18 -29.43 98.59
C ASP F 974 -30.17 -29.88 97.53
N LYS F 975 -30.70 -28.93 96.78
CA LYS F 975 -31.74 -29.27 95.82
C LYS F 975 -31.24 -30.21 94.72
N ASP F 976 -30.01 -30.01 94.27
CA ASP F 976 -29.54 -30.67 93.06
C ASP F 976 -28.50 -31.77 93.24
N ILE F 977 -27.57 -31.60 94.18
CA ILE F 977 -26.43 -32.51 94.28
C ILE F 977 -26.57 -33.58 95.35
N LYS F 978 -27.10 -33.19 96.51
CA LYS F 978 -27.21 -34.09 97.65
C LYS F 978 -27.79 -35.47 97.31
N PRO F 979 -28.90 -35.50 96.55
CA PRO F 979 -29.51 -36.79 96.22
C PRO F 979 -28.57 -37.79 95.52
N LEU F 980 -27.39 -37.34 95.10
CA LEU F 980 -26.48 -38.20 94.36
C LEU F 980 -25.27 -38.48 95.20
N ASN F 981 -24.92 -37.52 96.05
CA ASN F 981 -23.73 -37.58 96.88
C ASN F 981 -23.57 -38.92 97.60
N ASP F 982 -24.66 -39.42 98.16
CA ASP F 982 -24.61 -40.66 98.91
C ASP F 982 -23.94 -41.77 98.11
N GLN F 983 -24.33 -41.89 96.85
CA GLN F 983 -23.75 -42.91 95.99
C GLN F 983 -22.34 -42.56 95.51
N LEU F 984 -22.13 -41.30 95.15
CA LEU F 984 -20.97 -40.90 94.36
C LEU F 984 -19.74 -40.38 95.12
N ARG F 985 -19.84 -40.19 96.42
CA ARG F 985 -18.71 -39.56 97.13
C ARG F 985 -17.47 -40.43 97.01
N GLY F 986 -16.41 -39.84 96.46
CA GLY F 986 -15.11 -40.49 96.34
C GLY F 986 -15.13 -41.74 95.50
N MET F 987 -16.22 -41.93 94.77
CA MET F 987 -16.38 -43.09 93.89
C MET F 987 -15.67 -42.88 92.55
N VAL F 988 -14.90 -41.81 92.47
CA VAL F 988 -14.26 -41.41 91.21
C VAL F 988 -12.97 -40.65 91.46
N ASN F 989 -11.93 -41.01 90.72
CA ASN F 989 -10.63 -40.36 90.79
C ASN F 989 -10.64 -39.05 90.01
N LEU F 990 -10.57 -37.93 90.72
CA LEU F 990 -10.71 -36.62 90.07
C LEU F 990 -9.47 -36.24 89.25
N ASP F 991 -8.54 -37.17 89.09
CA ASP F 991 -7.33 -36.89 88.33
C ASP F 991 -7.34 -37.62 87.00
N LYS F 992 -8.34 -38.47 86.80
CA LYS F 992 -8.55 -39.10 85.52
C LYS F 992 -9.98 -38.84 85.09
N VAL F 993 -10.51 -37.69 85.51
CA VAL F 993 -11.80 -37.21 85.06
C VAL F 993 -11.55 -35.95 84.26
N VAL F 994 -11.95 -35.98 82.98
CA VAL F 994 -11.65 -34.87 82.08
C VAL F 994 -12.83 -33.91 81.93
N VAL F 995 -12.55 -32.62 82.05
CA VAL F 995 -13.61 -31.63 82.15
C VAL F 995 -13.42 -30.44 81.18
N VAL F 996 -14.50 -30.01 80.54
CA VAL F 996 -14.44 -28.82 79.68
C VAL F 996 -14.66 -27.58 80.51
N THR F 997 -13.61 -26.78 80.65
CA THR F 997 -13.64 -25.63 81.54
C THR F 997 -13.86 -24.34 80.78
N GLY F 998 -13.41 -24.30 79.53
CA GLY F 998 -13.54 -23.10 78.73
C GLY F 998 -14.22 -23.38 77.41
N LEU F 999 -14.74 -22.34 76.76
CA LEU F 999 -15.60 -22.53 75.60
C LEU F 999 -15.75 -21.27 74.76
N ALA F 1000 -15.35 -21.34 73.51
CA ALA F 1000 -15.52 -20.21 72.61
C ALA F 1000 -15.67 -20.72 71.19
N GLU F 1001 -16.01 -19.82 70.28
CA GLU F 1001 -16.12 -20.13 68.85
C GLU F 1001 -16.24 -18.83 68.10
N ILE F 1002 -15.72 -18.79 66.86
CA ILE F 1002 -15.99 -17.68 65.97
C ILE F 1002 -16.57 -18.27 64.69
N GLY F 1003 -17.75 -17.79 64.30
CA GLY F 1003 -18.48 -18.38 63.19
C GLY F 1003 -19.46 -17.41 62.59
N PRO F 1004 -20.29 -17.89 61.66
CA PRO F 1004 -21.22 -17.10 60.84
C PRO F 1004 -22.19 -16.30 61.67
N TRP F 1005 -22.36 -16.64 62.94
CA TRP F 1005 -23.29 -15.91 63.77
C TRP F 1005 -22.59 -15.13 64.87
N GLY F 1006 -21.27 -15.29 64.93
CA GLY F 1006 -20.48 -14.55 65.86
C GLY F 1006 -19.94 -15.52 66.87
N ASN F 1007 -19.37 -15.01 67.96
CA ASN F 1007 -18.83 -15.84 69.04
C ASN F 1007 -19.93 -16.67 69.65
N ALA F 1008 -19.55 -17.69 70.41
CA ALA F 1008 -20.53 -18.67 70.86
C ALA F 1008 -21.72 -18.01 71.54
N ARG F 1009 -21.47 -16.88 72.19
CA ARG F 1009 -22.49 -16.15 72.92
C ARG F 1009 -23.60 -15.73 71.98
N THR F 1010 -23.24 -14.97 70.96
CA THR F 1010 -24.22 -14.52 69.99
C THR F 1010 -24.88 -15.68 69.28
N ARG F 1011 -24.09 -16.71 68.96
CA ARG F 1011 -24.60 -17.86 68.23
C ARG F 1011 -25.72 -18.56 68.98
N TRP F 1012 -25.50 -18.82 70.27
CA TRP F 1012 -26.49 -19.49 71.10
C TRP F 1012 -27.80 -18.73 71.09
N GLU F 1013 -27.72 -17.43 71.29
CA GLU F 1013 -28.90 -16.58 71.29
C GLU F 1013 -29.74 -16.92 70.10
N MET F 1014 -29.10 -17.03 68.95
CA MET F 1014 -29.84 -17.28 67.75
C MET F 1014 -30.32 -18.72 67.71
N GLU F 1015 -29.42 -19.64 68.01
CA GLU F 1015 -29.74 -21.06 67.86
C GLU F 1015 -30.91 -21.46 68.73
N ALA F 1016 -31.02 -20.80 69.89
CA ALA F 1016 -32.00 -21.15 70.89
C ALA F 1016 -33.21 -20.23 70.85
N TYR F 1017 -32.98 -18.94 71.07
CA TYR F 1017 -34.08 -17.99 71.20
C TYR F 1017 -34.64 -17.55 69.86
N GLY F 1018 -33.79 -17.47 68.85
CA GLY F 1018 -34.25 -17.17 67.50
C GLY F 1018 -34.13 -15.72 67.11
N LYS F 1019 -33.72 -14.88 68.03
CA LYS F 1019 -33.41 -13.49 67.70
C LYS F 1019 -32.48 -12.89 68.74
N PHE F 1020 -31.94 -11.72 68.43
CA PHE F 1020 -30.95 -11.12 69.30
C PHE F 1020 -31.57 -10.25 70.38
N SER F 1021 -31.08 -10.42 71.60
CA SER F 1021 -31.46 -9.53 72.68
C SER F 1021 -30.79 -8.21 72.44
N LEU F 1022 -31.18 -7.18 73.20
CA LEU F 1022 -30.46 -5.91 73.11
C LEU F 1022 -28.99 -6.16 73.42
N GLU F 1023 -28.72 -7.04 74.38
CA GLU F 1023 -27.36 -7.39 74.76
C GLU F 1023 -26.60 -7.99 73.59
N GLY F 1024 -27.30 -8.82 72.83
CA GLY F 1024 -26.74 -9.48 71.67
C GLY F 1024 -26.46 -8.50 70.54
N CYS F 1025 -27.42 -7.63 70.26
CA CYS F 1025 -27.22 -6.62 69.23
C CYS F 1025 -25.94 -5.84 69.49
N VAL F 1026 -25.82 -5.28 70.69
CA VAL F 1026 -24.61 -4.56 71.03
C VAL F 1026 -23.34 -5.38 70.81
N GLU F 1027 -23.33 -6.64 71.22
CA GLU F 1027 -22.17 -7.49 70.98
C GLU F 1027 -21.85 -7.64 69.50
N MET F 1028 -22.86 -8.03 68.71
CA MET F 1028 -22.66 -8.15 67.26
C MET F 1028 -22.22 -6.80 66.68
N ALA F 1029 -23.00 -5.77 66.97
CA ALA F 1029 -22.70 -4.45 66.44
C ALA F 1029 -21.29 -4.01 66.80
N TRP F 1030 -20.74 -4.57 67.87
CA TRP F 1030 -19.38 -4.21 68.28
C TRP F 1030 -18.33 -4.89 67.44
N MET F 1031 -18.53 -6.18 67.20
CA MET F 1031 -17.55 -6.95 66.44
C MET F 1031 -17.66 -6.72 64.95
N MET F 1032 -18.87 -6.45 64.48
CA MET F 1032 -19.08 -6.10 63.09
C MET F 1032 -18.49 -4.74 62.78
N GLY F 1033 -18.19 -3.99 63.83
CA GLY F 1033 -17.54 -2.69 63.69
C GLY F 1033 -18.49 -1.53 63.41
N LEU F 1034 -19.71 -1.61 63.92
CA LEU F 1034 -20.69 -0.56 63.69
C LEU F 1034 -20.68 0.47 64.81
N ILE F 1035 -20.08 0.11 65.94
CA ILE F 1035 -19.98 0.99 67.11
C ILE F 1035 -18.67 0.75 67.85
N LYS F 1036 -18.03 1.82 68.28
CA LYS F 1036 -16.81 1.71 69.07
C LYS F 1036 -16.89 2.63 70.26
N ASN F 1037 -16.29 2.22 71.36
CA ASN F 1037 -16.33 3.03 72.57
C ASN F 1037 -15.50 4.29 72.42
N HIS F 1038 -16.10 5.43 72.75
CA HIS F 1038 -15.40 6.71 72.74
C HIS F 1038 -15.41 7.34 74.13
N ASN F 1039 -14.35 8.07 74.47
CA ASN F 1039 -14.21 8.67 75.79
C ASN F 1039 -13.34 9.94 75.78
N GLY F 1040 -13.98 11.05 75.47
CA GLY F 1040 -13.30 12.33 75.39
C GLY F 1040 -14.26 13.33 74.78
N PRO F 1041 -13.78 14.56 74.55
CA PRO F 1041 -14.65 15.60 73.98
C PRO F 1041 -15.24 15.19 72.62
N LEU F 1042 -16.52 15.45 72.43
CA LEU F 1042 -17.20 15.20 71.16
C LEU F 1042 -17.95 16.45 70.76
N LYS F 1043 -17.35 17.21 69.85
CA LYS F 1043 -17.92 18.48 69.43
C LYS F 1043 -18.00 19.40 70.64
N GLY F 1044 -16.86 19.57 71.32
CA GLY F 1044 -16.80 20.43 72.49
C GLY F 1044 -17.16 19.71 73.78
N LYS F 1045 -18.45 19.61 74.05
CA LYS F 1045 -18.95 18.92 75.24
C LYS F 1045 -18.39 17.52 75.34
N PRO F 1046 -17.82 17.15 76.51
CA PRO F 1046 -17.24 15.82 76.75
C PRO F 1046 -18.29 14.72 76.70
N TYR F 1047 -17.85 13.47 76.63
CA TYR F 1047 -18.76 12.35 76.44
C TYR F 1047 -18.02 11.03 76.50
N SER F 1048 -18.71 10.00 76.98
CA SER F 1048 -18.17 8.65 77.01
C SER F 1048 -19.27 7.67 76.65
N GLY F 1049 -18.88 6.49 76.20
CA GLY F 1049 -19.84 5.46 75.82
C GLY F 1049 -19.85 5.16 74.33
N TRP F 1050 -20.88 4.44 73.88
CA TRP F 1050 -20.98 3.96 72.51
C TRP F 1050 -21.07 5.07 71.47
N VAL F 1051 -20.39 4.87 70.36
CA VAL F 1051 -20.38 5.82 69.25
C VAL F 1051 -20.49 5.06 67.94
N ASP F 1052 -21.19 5.64 66.97
CA ASP F 1052 -21.30 5.05 65.65
C ASP F 1052 -19.94 5.12 64.95
N ALA F 1053 -19.45 3.97 64.47
CA ALA F 1053 -18.14 3.90 63.86
C ALA F 1053 -18.04 4.78 62.62
N LYS F 1054 -19.12 4.77 61.81
CA LYS F 1054 -19.19 5.55 60.57
C LYS F 1054 -19.35 7.04 60.89
N THR F 1055 -20.58 7.43 61.22
CA THR F 1055 -20.82 8.79 61.71
C THR F 1055 -20.25 8.88 63.14
N GLY F 1056 -19.26 9.73 63.33
CA GLY F 1056 -18.63 9.88 64.64
C GLY F 1056 -19.57 10.21 65.79
N GLU F 1057 -20.88 10.29 65.50
CA GLU F 1057 -21.90 10.61 66.49
C GLU F 1057 -21.99 9.56 67.59
N PRO F 1058 -22.67 9.91 68.69
CA PRO F 1058 -22.91 8.96 69.78
C PRO F 1058 -24.15 8.10 69.50
N VAL F 1059 -24.27 7.00 70.23
CA VAL F 1059 -25.39 6.10 70.05
C VAL F 1059 -25.89 5.52 71.38
N ASP F 1060 -27.20 5.56 71.58
CA ASP F 1060 -27.81 5.07 72.81
C ASP F 1060 -28.14 3.61 72.70
N ASP F 1061 -27.83 2.86 73.76
CA ASP F 1061 -28.09 1.42 73.81
C ASP F 1061 -29.50 1.13 73.35
N LYS F 1062 -30.46 1.93 73.79
CA LYS F 1062 -31.86 1.67 73.48
C LYS F 1062 -32.12 1.67 71.96
N ASP F 1063 -31.29 2.43 71.24
CA ASP F 1063 -31.45 2.60 69.80
C ASP F 1063 -30.69 1.55 68.99
N VAL F 1064 -29.63 1.00 69.58
CA VAL F 1064 -28.79 0.02 68.89
C VAL F 1064 -29.63 -0.96 68.07
N LYS F 1065 -30.61 -1.57 68.72
CA LYS F 1065 -31.48 -2.56 68.07
C LYS F 1065 -32.19 -1.98 66.85
N ALA F 1066 -32.66 -0.74 66.97
CA ALA F 1066 -33.36 -0.07 65.89
C ALA F 1066 -32.46 0.15 64.69
N LYS F 1067 -31.37 0.86 64.90
CA LYS F 1067 -30.42 1.16 63.82
C LYS F 1067 -29.96 -0.09 63.11
N TYR F 1068 -29.16 -0.87 63.82
CA TYR F 1068 -28.33 -1.88 63.20
C TYR F 1068 -28.96 -3.27 63.01
N GLU F 1069 -29.96 -3.64 63.81
CA GLU F 1069 -30.44 -5.01 63.76
C GLU F 1069 -30.74 -5.43 62.33
N LYS F 1070 -31.43 -4.57 61.61
CA LYS F 1070 -31.78 -4.88 60.23
C LYS F 1070 -30.56 -5.33 59.48
N TYR F 1071 -29.52 -4.50 59.55
CA TYR F 1071 -28.26 -4.78 58.87
C TYR F 1071 -27.66 -6.08 59.40
N ILE F 1072 -27.40 -6.12 60.70
CA ILE F 1072 -26.68 -7.21 61.32
C ILE F 1072 -27.15 -8.59 60.84
N LEU F 1073 -28.46 -8.81 60.85
CA LEU F 1073 -29.00 -10.10 60.43
C LEU F 1073 -28.79 -10.36 58.93
N GLU F 1074 -28.91 -9.29 58.18
CA GLU F 1074 -28.78 -9.34 56.74
C GLU F 1074 -27.33 -9.57 56.31
N HIS F 1075 -26.38 -9.23 57.17
CA HIS F 1075 -24.97 -9.41 56.82
C HIS F 1075 -24.26 -10.41 57.71
N SER F 1076 -25.05 -11.31 58.30
CA SER F 1076 -24.49 -12.50 58.90
C SER F 1076 -25.42 -13.70 58.76
N GLY F 1077 -24.89 -14.87 59.10
CA GLY F 1077 -25.59 -16.12 58.88
C GLY F 1077 -25.11 -16.73 57.57
N ILE F 1078 -25.94 -17.59 57.00
CA ILE F 1078 -25.64 -18.12 55.67
C ILE F 1078 -26.21 -17.13 54.66
N ARG F 1079 -25.34 -16.55 53.85
CA ARG F 1079 -25.77 -15.56 52.88
C ARG F 1079 -25.10 -15.72 51.56
N LEU F 1080 -25.45 -14.83 50.65
CA LEU F 1080 -24.79 -14.78 49.35
C LEU F 1080 -23.35 -14.40 49.57
N ILE F 1081 -22.45 -15.05 48.84
CA ILE F 1081 -21.03 -14.84 49.05
C ILE F 1081 -20.68 -13.39 48.81
N GLU F 1082 -20.01 -12.77 49.77
CA GLU F 1082 -19.64 -11.38 49.64
C GLU F 1082 -18.19 -11.33 49.25
N PRO F 1083 -17.94 -10.74 48.09
CA PRO F 1083 -16.63 -10.90 47.46
C PRO F 1083 -15.60 -10.15 48.29
N GLU F 1084 -16.02 -9.07 48.92
CA GLU F 1084 -15.11 -8.26 49.71
C GLU F 1084 -14.41 -9.12 50.75
N LEU F 1085 -15.14 -10.13 51.22
CA LEU F 1085 -14.65 -10.99 52.28
C LEU F 1085 -13.68 -12.05 51.78
N PHE F 1086 -13.49 -12.11 50.47
CA PHE F 1086 -12.67 -13.16 49.88
C PHE F 1086 -11.79 -12.62 48.78
N GLY F 1087 -11.30 -11.39 48.95
CA GLY F 1087 -10.39 -10.79 48.00
C GLY F 1087 -10.87 -10.80 46.55
N GLY F 1088 -12.18 -10.72 46.36
CA GLY F 1088 -12.72 -10.58 45.03
C GLY F 1088 -13.41 -11.80 44.45
N TYR F 1089 -13.36 -12.95 45.13
CA TYR F 1089 -14.06 -14.12 44.60
C TYR F 1089 -15.49 -13.76 44.30
N ASP F 1090 -15.98 -14.21 43.16
CA ASP F 1090 -17.39 -14.04 42.83
C ASP F 1090 -17.74 -15.26 42.01
N PRO F 1091 -18.53 -16.16 42.58
CA PRO F 1091 -18.89 -17.43 41.95
C PRO F 1091 -19.54 -17.22 40.60
N ASN F 1092 -19.97 -15.99 40.37
CA ASN F 1092 -20.60 -15.65 39.10
C ASN F 1092 -19.58 -15.40 38.01
N ARG F 1093 -18.31 -15.32 38.40
CA ARG F 1093 -17.21 -15.22 37.44
C ARG F 1093 -15.95 -15.96 37.91
N LYS F 1094 -16.08 -17.28 38.00
CA LYS F 1094 -14.97 -18.16 38.32
C LYS F 1094 -13.91 -18.02 37.26
N GLN F 1095 -12.74 -17.57 37.66
CA GLN F 1095 -11.68 -17.32 36.69
C GLN F 1095 -10.88 -18.58 36.39
N LEU F 1096 -10.73 -18.89 35.11
CA LEU F 1096 -9.84 -19.93 34.61
C LEU F 1096 -8.88 -19.34 33.58
N LEU F 1097 -7.88 -20.11 33.20
CA LEU F 1097 -7.01 -19.76 32.09
C LEU F 1097 -7.16 -20.83 31.02
N GLN F 1098 -7.10 -20.43 29.75
CA GLN F 1098 -7.06 -21.42 28.68
C GLN F 1098 -5.81 -21.28 27.84
N GLU F 1099 -5.13 -22.41 27.61
CA GLU F 1099 -3.92 -22.43 26.82
C GLU F 1099 -4.31 -22.20 25.37
N VAL F 1100 -3.75 -21.15 24.78
CA VAL F 1100 -4.01 -20.79 23.39
C VAL F 1100 -2.69 -20.69 22.66
N VAL F 1101 -2.57 -21.43 21.56
CA VAL F 1101 -1.37 -21.37 20.74
C VAL F 1101 -1.54 -20.30 19.69
N ILE F 1102 -0.88 -19.16 19.89
CA ILE F 1102 -1.05 -18.05 18.97
C ILE F 1102 -0.63 -18.50 17.58
N GLU F 1103 -1.32 -18.02 16.55
CA GLU F 1103 -0.98 -18.41 15.19
C GLU F 1103 -0.53 -17.24 14.32
N GLN F 1104 -0.23 -16.11 14.94
CA GLN F 1104 0.48 -15.04 14.27
C GLN F 1104 1.39 -14.28 15.22
N ASP F 1105 2.57 -13.94 14.74
CA ASP F 1105 3.55 -13.14 15.49
C ASP F 1105 2.85 -12.11 16.36
N LEU F 1106 3.40 -11.88 17.53
CA LEU F 1106 2.79 -10.99 18.50
C LEU F 1106 3.60 -9.72 18.54
N GLU F 1107 2.99 -8.62 18.98
CA GLU F 1107 3.71 -7.37 19.04
C GLU F 1107 4.77 -7.44 20.14
N PRO F 1108 5.91 -6.78 19.90
CA PRO F 1108 7.07 -6.66 20.79
C PRO F 1108 6.78 -5.85 22.03
N PHE F 1109 7.34 -6.25 23.17
CA PHE F 1109 7.26 -5.45 24.38
C PHE F 1109 8.60 -5.35 25.09
N GLU F 1110 8.74 -4.35 25.95
CA GLU F 1110 10.00 -4.15 26.66
C GLU F 1110 10.12 -5.10 27.84
N ALA F 1111 11.35 -5.26 28.34
CA ALA F 1111 11.61 -6.18 29.43
C ALA F 1111 12.99 -5.91 29.99
N SER F 1112 13.23 -6.35 31.22
CA SER F 1112 14.58 -6.27 31.79
C SER F 1112 15.42 -7.35 31.13
N LYS F 1113 16.73 -7.21 31.18
CA LYS F 1113 17.57 -8.23 30.57
C LYS F 1113 17.25 -9.62 31.13
N GLU F 1114 17.15 -9.72 32.45
CA GLU F 1114 16.77 -10.98 33.07
C GLU F 1114 15.47 -11.53 32.49
N GLN F 1115 14.40 -10.76 32.60
CA GLN F 1115 13.09 -11.20 32.16
C GLN F 1115 13.10 -11.68 30.73
N ALA F 1116 13.78 -10.92 29.88
CA ALA F 1116 13.92 -11.32 28.51
C ALA F 1116 14.44 -12.76 28.47
N GLU F 1117 15.57 -13.00 29.11
CA GLU F 1117 16.21 -14.30 29.12
C GLU F 1117 15.23 -15.37 29.53
N GLU F 1118 14.55 -15.14 30.66
CA GLU F 1118 13.57 -16.07 31.15
C GLU F 1118 12.60 -16.47 30.05
N PHE F 1119 12.07 -15.46 29.35
CA PHE F 1119 11.08 -15.67 28.28
C PHE F 1119 11.62 -16.55 27.18
N LYS F 1120 12.83 -16.22 26.76
CA LYS F 1120 13.51 -16.97 25.73
C LYS F 1120 13.79 -18.37 26.25
N ARG F 1121 14.13 -18.46 27.54
CA ARG F 1121 14.49 -19.75 28.13
C ARG F 1121 13.34 -20.73 28.00
N GLU F 1122 12.12 -20.22 28.04
CA GLU F 1122 10.95 -21.08 28.03
C GLU F 1122 10.46 -21.36 26.61
N HIS F 1123 10.53 -20.37 25.74
CA HIS F 1123 10.00 -20.52 24.39
C HIS F 1123 11.07 -20.83 23.33
N GLY F 1124 12.22 -20.19 23.45
CA GLY F 1124 13.34 -20.45 22.54
C GLY F 1124 13.09 -20.16 21.07
N ASP F 1125 12.78 -21.22 20.32
CA ASP F 1125 12.47 -21.10 18.90
C ASP F 1125 11.38 -20.07 18.67
N LYS F 1126 10.46 -19.99 19.61
CA LYS F 1126 9.23 -19.22 19.44
C LYS F 1126 9.31 -17.81 20.01
N VAL F 1127 10.50 -17.39 20.41
CA VAL F 1127 10.66 -16.02 20.87
C VAL F 1127 11.98 -15.44 20.43
N GLU F 1128 11.98 -14.13 20.19
CA GLU F 1128 13.17 -13.40 19.81
C GLU F 1128 13.39 -12.28 20.81
N ILE F 1129 14.57 -12.23 21.41
CA ILE F 1129 14.88 -11.08 22.24
C ILE F 1129 16.13 -10.41 21.78
N PHE F 1130 16.14 -9.09 21.84
CA PHE F 1130 17.28 -8.29 21.39
C PHE F 1130 17.53 -7.14 22.35
N GLU F 1131 18.79 -6.75 22.48
CA GLU F 1131 19.14 -5.59 23.29
C GLU F 1131 18.59 -4.32 22.68
N ILE F 1132 18.27 -3.36 23.54
CA ILE F 1132 18.11 -2.00 23.08
C ILE F 1132 19.46 -1.35 23.32
N PRO F 1133 20.16 -0.97 22.23
CA PRO F 1133 21.55 -0.53 22.37
C PRO F 1133 21.66 0.59 23.39
N GLU F 1134 20.62 1.40 23.45
CA GLU F 1134 20.63 2.66 24.19
C GLU F 1134 20.29 2.50 25.68
N THR F 1135 19.09 2.02 25.97
CA THR F 1135 18.61 1.96 27.34
C THR F 1135 19.01 0.69 28.11
N GLY F 1136 19.67 -0.25 27.44
CA GLY F 1136 20.08 -1.49 28.07
C GLY F 1136 18.97 -2.50 28.27
N GLN F 1137 17.77 -2.15 27.85
CA GLN F 1137 16.62 -3.03 27.97
C GLN F 1137 16.64 -4.11 26.89
N TYR F 1138 15.56 -4.85 26.80
CA TYR F 1138 15.38 -5.85 25.74
C TYR F 1138 13.98 -5.78 25.15
N THR F 1139 13.75 -6.59 24.13
CA THR F 1139 12.51 -6.57 23.40
C THR F 1139 12.07 -8.00 23.19
N VAL F 1140 10.81 -8.28 23.49
CA VAL F 1140 10.31 -9.65 23.39
C VAL F 1140 9.22 -9.78 22.34
N ARG F 1141 9.40 -10.70 21.42
CA ARG F 1141 8.42 -10.93 20.38
C ARG F 1141 8.11 -12.39 20.33
N LEU F 1142 6.91 -12.78 20.72
CA LEU F 1142 6.55 -14.18 20.59
C LEU F 1142 6.12 -14.48 19.17
N ARG F 1143 6.84 -15.37 18.49
CA ARG F 1143 6.46 -15.75 17.13
C ARG F 1143 5.28 -16.74 17.11
N LYS F 1144 4.68 -16.91 15.93
CA LYS F 1144 3.65 -17.91 15.74
C LYS F 1144 4.12 -19.28 16.21
N GLY F 1145 3.25 -19.95 16.96
CA GLY F 1145 3.58 -21.24 17.53
C GLY F 1145 3.64 -21.12 19.02
N ALA F 1146 3.98 -19.91 19.48
CA ALA F 1146 4.09 -19.60 20.90
C ALA F 1146 2.80 -19.96 21.63
N THR F 1147 2.92 -20.34 22.89
CA THR F 1147 1.75 -20.73 23.67
C THR F 1147 1.43 -19.70 24.73
N LEU F 1148 0.18 -19.25 24.75
CA LEU F 1148 -0.24 -18.16 25.62
C LEU F 1148 -1.33 -18.61 26.57
N LEU F 1149 -1.55 -17.81 27.60
CA LEU F 1149 -2.65 -18.07 28.50
C LEU F 1149 -3.63 -16.91 28.51
N ILE F 1150 -4.86 -17.20 28.12
CA ILE F 1150 -5.91 -16.19 28.16
C ILE F 1150 -6.91 -16.57 29.22
N PRO F 1151 -7.25 -15.61 30.07
CA PRO F 1151 -8.23 -15.78 31.14
C PRO F 1151 -9.63 -15.92 30.57
N LYS F 1152 -10.48 -16.67 31.26
CA LYS F 1152 -11.90 -16.72 30.96
C LYS F 1152 -12.68 -16.81 32.25
N ALA F 1153 -14.00 -16.71 32.20
CA ALA F 1153 -14.79 -16.77 33.42
C ALA F 1153 -15.96 -17.73 33.32
N LEU F 1154 -16.35 -18.29 34.45
CA LEU F 1154 -17.43 -19.26 34.51
C LEU F 1154 -18.54 -18.76 35.40
N GLN F 1155 -19.76 -19.22 35.16
CA GLN F 1155 -20.83 -18.96 36.12
C GLN F 1155 -21.02 -20.16 37.02
N PHE F 1156 -20.53 -20.03 38.25
CA PHE F 1156 -20.53 -21.12 39.20
C PHE F 1156 -21.83 -21.17 39.96
N ASP F 1157 -22.11 -22.33 40.56
CA ASP F 1157 -23.41 -22.62 41.18
C ASP F 1157 -23.48 -22.19 42.64
N ARG F 1158 -22.47 -22.58 43.42
CA ARG F 1158 -22.46 -22.27 44.85
C ARG F 1158 -22.27 -20.76 45.10
N LEU F 1159 -23.37 -20.02 45.18
CA LEU F 1159 -23.30 -18.60 45.48
C LEU F 1159 -23.56 -18.30 46.95
N VAL F 1160 -24.05 -19.29 47.69
CA VAL F 1160 -24.36 -19.09 49.09
C VAL F 1160 -23.37 -19.86 49.94
N ALA F 1161 -22.91 -19.24 51.03
CA ALA F 1161 -22.00 -19.88 51.98
C ALA F 1161 -22.09 -19.21 53.33
N GLY F 1162 -21.96 -19.98 54.39
CA GLY F 1162 -21.99 -19.43 55.73
C GLY F 1162 -20.67 -18.75 56.05
N GLN F 1163 -20.71 -17.44 56.20
CA GLN F 1163 -19.50 -16.69 56.33
C GLN F 1163 -19.54 -15.83 57.58
N ILE F 1164 -18.38 -15.71 58.24
CA ILE F 1164 -18.21 -14.79 59.36
C ILE F 1164 -18.86 -13.45 59.07
N PRO F 1165 -19.58 -12.90 60.04
CA PRO F 1165 -20.31 -11.63 59.94
C PRO F 1165 -19.47 -10.52 59.33
N THR F 1166 -20.13 -9.73 58.52
CA THR F 1166 -19.46 -8.73 57.72
C THR F 1166 -18.92 -7.60 58.57
N GLY F 1167 -17.62 -7.69 58.84
CA GLY F 1167 -16.94 -6.62 59.52
C GLY F 1167 -15.98 -7.14 60.55
N TRP F 1168 -16.14 -8.43 60.86
CA TRP F 1168 -15.35 -9.03 61.92
C TRP F 1168 -13.88 -8.82 61.61
N ASP F 1169 -13.11 -8.39 62.59
CA ASP F 1169 -11.69 -8.30 62.38
C ASP F 1169 -10.90 -8.57 63.66
N ALA F 1170 -9.93 -9.46 63.56
CA ALA F 1170 -9.02 -9.75 64.66
C ALA F 1170 -8.40 -8.50 65.31
N ARG F 1171 -8.34 -7.39 64.57
CA ARG F 1171 -7.76 -6.17 65.10
C ARG F 1171 -8.59 -5.60 66.23
N ARG F 1172 -9.89 -5.83 66.18
CA ARG F 1172 -10.79 -5.35 67.23
C ARG F 1172 -10.57 -6.07 68.55
N TYR F 1173 -10.38 -7.38 68.48
CA TYR F 1173 -10.06 -8.16 69.67
C TYR F 1173 -8.68 -7.84 70.24
N GLY F 1174 -7.83 -7.19 69.45
CA GLY F 1174 -6.54 -6.73 69.92
C GLY F 1174 -5.29 -7.43 69.38
N VAL F 1175 -5.48 -8.33 68.43
CA VAL F 1175 -4.35 -8.99 67.78
C VAL F 1175 -3.43 -7.93 67.18
N PRO F 1176 -2.12 -8.10 67.33
CA PRO F 1176 -1.07 -7.18 66.90
C PRO F 1176 -1.03 -7.01 65.40
N GLU F 1177 -0.79 -5.79 64.95
CA GLU F 1177 -0.83 -5.49 63.52
C GLU F 1177 0.07 -6.40 62.69
N ASP F 1178 1.35 -6.46 63.03
CA ASP F 1178 2.30 -7.31 62.32
C ASP F 1178 1.81 -8.75 62.19
N ILE F 1179 1.36 -9.33 63.30
CA ILE F 1179 0.84 -10.69 63.30
C ILE F 1179 -0.34 -10.85 62.34
N ILE F 1180 -1.14 -9.80 62.20
CA ILE F 1180 -2.26 -9.79 61.27
C ILE F 1180 -1.76 -10.00 59.85
N GLN F 1181 -0.66 -9.35 59.52
CA GLN F 1181 -0.13 -9.35 58.17
C GLN F 1181 0.70 -10.59 57.85
N GLN F 1182 1.16 -11.29 58.89
CA GLN F 1182 2.11 -12.39 58.72
C GLN F 1182 1.46 -13.78 58.63
N VAL F 1183 0.23 -13.91 59.10
CA VAL F 1183 -0.37 -15.22 59.17
C VAL F 1183 -1.64 -15.38 58.33
N ASP F 1184 -2.02 -16.64 58.10
CA ASP F 1184 -3.26 -16.98 57.41
C ASP F 1184 -4.45 -16.58 58.25
N PRO F 1185 -5.50 -16.05 57.60
CA PRO F 1185 -6.75 -15.68 58.27
C PRO F 1185 -7.21 -16.75 59.27
N VAL F 1186 -7.14 -18.01 58.86
CA VAL F 1186 -7.47 -19.15 59.72
C VAL F 1186 -6.79 -19.00 61.09
N THR F 1187 -5.52 -18.66 61.09
CA THR F 1187 -4.81 -18.47 62.34
C THR F 1187 -5.48 -17.39 63.18
N LEU F 1188 -5.94 -16.34 62.52
CA LEU F 1188 -6.64 -15.26 63.19
C LEU F 1188 -7.91 -15.73 63.89
N TYR F 1189 -8.71 -16.52 63.19
CA TYR F 1189 -9.91 -17.04 63.83
C TYR F 1189 -9.52 -17.85 65.06
N VAL F 1190 -8.41 -18.58 64.97
CA VAL F 1190 -7.95 -19.43 66.06
C VAL F 1190 -7.37 -18.65 67.23
N LEU F 1191 -6.52 -17.68 66.95
CA LEU F 1191 -5.98 -16.83 68.01
C LEU F 1191 -7.11 -16.18 68.79
N VAL F 1192 -8.00 -15.48 68.09
CA VAL F 1192 -9.10 -14.84 68.76
C VAL F 1192 -9.88 -15.88 69.53
N SER F 1193 -10.21 -16.99 68.89
CA SER F 1193 -10.96 -18.03 69.58
C SER F 1193 -10.32 -18.43 70.91
N VAL F 1194 -9.13 -18.99 70.83
CA VAL F 1194 -8.39 -19.43 72.01
C VAL F 1194 -8.27 -18.35 73.05
N ALA F 1195 -8.28 -17.10 72.63
CA ALA F 1195 -8.15 -16.01 73.58
C ALA F 1195 -9.42 -15.82 74.37
N GLU F 1196 -10.55 -15.97 73.70
CA GLU F 1196 -11.86 -15.82 74.32
C GLU F 1196 -12.25 -17.09 75.05
N ALA F 1197 -11.68 -18.20 74.62
CA ALA F 1197 -11.96 -19.47 75.27
C ALA F 1197 -11.25 -19.55 76.61
N LEU F 1198 -10.16 -18.80 76.76
CA LEU F 1198 -9.45 -18.74 78.03
C LEU F 1198 -10.24 -17.86 79.01
N LEU F 1199 -10.92 -16.85 78.48
CA LEU F 1199 -11.69 -15.92 79.31
C LEU F 1199 -12.93 -16.59 79.85
N SER F 1200 -13.62 -17.33 79.00
CA SER F 1200 -14.80 -18.08 79.41
C SER F 1200 -14.43 -19.19 80.39
N SER F 1201 -13.19 -19.16 80.86
CA SER F 1201 -12.70 -20.16 81.77
C SER F 1201 -11.92 -19.50 82.87
N GLY F 1202 -12.07 -18.18 82.99
CA GLY F 1202 -11.50 -17.44 84.10
C GLY F 1202 -10.01 -17.17 84.01
N ILE F 1203 -9.37 -17.64 82.95
CA ILE F 1203 -7.96 -17.33 82.76
C ILE F 1203 -7.82 -16.00 82.06
N THR F 1204 -7.20 -15.03 82.72
CA THR F 1204 -6.93 -13.76 82.10
C THR F 1204 -5.56 -13.79 81.45
N ASP F 1205 -4.56 -14.03 82.30
CA ASP F 1205 -3.18 -14.26 81.89
C ASP F 1205 -2.99 -15.77 81.86
N PRO F 1206 -2.62 -16.34 80.69
CA PRO F 1206 -2.52 -17.79 80.58
C PRO F 1206 -1.38 -18.30 81.44
N TYR F 1207 -0.50 -17.36 81.82
CA TYR F 1207 0.60 -17.65 82.72
C TYR F 1207 0.08 -18.09 84.09
N GLU F 1208 -1.16 -17.73 84.38
CA GLU F 1208 -1.81 -18.15 85.62
C GLU F 1208 -1.77 -19.67 85.76
N PHE F 1209 -1.77 -20.37 84.63
CA PHE F 1209 -1.60 -21.81 84.64
C PHE F 1209 -0.29 -22.23 85.34
N TYR F 1210 0.72 -21.38 85.25
CA TYR F 1210 2.02 -21.73 85.80
C TYR F 1210 2.15 -21.30 87.24
N LYS F 1211 0.99 -21.13 87.88
CA LYS F 1211 0.93 -21.08 89.32
C LYS F 1211 0.75 -22.52 89.76
N TYR F 1212 -0.34 -23.13 89.30
CA TYR F 1212 -0.74 -24.45 89.76
C TYR F 1212 -0.03 -25.60 89.04
N VAL F 1213 0.54 -25.30 87.88
CA VAL F 1213 1.09 -26.35 87.04
C VAL F 1213 2.37 -26.00 86.29
N HIS F 1214 3.20 -27.01 86.07
CA HIS F 1214 4.50 -26.85 85.42
C HIS F 1214 4.38 -26.57 83.94
N LEU F 1215 5.40 -25.91 83.38
CA LEU F 1215 5.42 -25.53 81.98
C LEU F 1215 5.08 -26.68 81.04
N SER F 1216 5.30 -27.91 81.49
CA SER F 1216 5.16 -29.05 80.63
C SER F 1216 3.81 -29.77 80.74
N GLU F 1217 2.76 -29.08 81.20
CA GLU F 1217 1.45 -29.71 81.34
C GLU F 1217 0.34 -28.95 80.66
N VAL F 1218 0.67 -27.81 80.07
CA VAL F 1218 -0.29 -27.08 79.26
C VAL F 1218 -0.15 -27.52 77.81
N GLY F 1219 -0.97 -28.50 77.43
CA GLY F 1219 -0.89 -29.08 76.09
C GLY F 1219 -1.73 -28.36 75.05
N ASN F 1220 -1.40 -28.56 73.78
CA ASN F 1220 -2.11 -27.89 72.68
C ASN F 1220 -2.42 -28.83 71.50
N CYS F 1221 -3.70 -29.15 71.32
CA CYS F 1221 -4.14 -30.13 70.32
C CYS F 1221 -5.14 -29.59 69.30
N ILE F 1222 -4.94 -28.38 68.80
CA ILE F 1222 -5.88 -27.83 67.83
C ILE F 1222 -5.57 -28.35 66.43
N GLY F 1223 -6.59 -28.85 65.74
CA GLY F 1223 -6.39 -29.44 64.42
C GLY F 1223 -7.28 -28.83 63.34
N SER F 1224 -7.29 -29.44 62.16
CA SER F 1224 -8.12 -28.95 61.06
C SER F 1224 -8.15 -29.94 59.90
N GLY F 1225 -8.97 -29.66 58.89
CA GLY F 1225 -9.11 -30.54 57.75
C GLY F 1225 -8.03 -30.33 56.70
N VAL F 1226 -7.78 -29.07 56.38
CA VAL F 1226 -6.68 -28.68 55.49
C VAL F 1226 -5.94 -27.49 56.06
N GLY F 1227 -6.66 -26.44 56.41
CA GLY F 1227 -6.15 -25.30 57.18
C GLY F 1227 -4.88 -24.58 56.74
N GLY F 1228 -5.00 -23.30 56.43
CA GLY F 1228 -3.89 -22.59 55.83
C GLY F 1228 -4.18 -22.51 54.35
N THR F 1229 -5.46 -22.71 54.04
CA THR F 1229 -5.97 -22.81 52.67
C THR F 1229 -5.59 -21.60 51.84
N SER F 1230 -5.35 -20.49 52.51
CA SER F 1230 -5.03 -19.25 51.84
C SER F 1230 -3.56 -19.18 51.44
N ALA F 1231 -2.66 -19.55 52.35
CA ALA F 1231 -1.25 -19.59 52.02
C ALA F 1231 -1.02 -20.75 51.10
N LEU F 1232 -1.79 -21.80 51.31
CA LEU F 1232 -1.72 -22.99 50.49
C LEU F 1232 -1.87 -22.60 49.03
N ARG F 1233 -2.70 -21.58 48.79
CA ARG F 1233 -2.95 -21.11 47.43
C ARG F 1233 -1.76 -20.31 46.93
N GLY F 1234 -1.30 -19.37 47.74
CA GLY F 1234 -0.21 -18.50 47.36
C GLY F 1234 1.01 -19.29 46.95
N MET F 1235 1.05 -20.53 47.43
CA MET F 1235 2.17 -21.41 47.20
C MET F 1235 2.05 -22.07 45.83
N TYR F 1236 0.87 -22.66 45.60
CA TYR F 1236 0.59 -23.49 44.44
C TYR F 1236 0.05 -22.71 43.24
N LYS F 1237 -0.34 -21.46 43.46
CA LYS F 1237 -0.92 -20.70 42.38
C LYS F 1237 -0.42 -19.26 42.32
N ASP F 1238 -0.59 -18.52 43.40
CA ASP F 1238 -0.23 -17.11 43.41
C ASP F 1238 1.24 -16.90 43.10
N ARG F 1239 2.04 -17.94 43.27
CA ARG F 1239 3.48 -17.83 43.04
C ARG F 1239 3.85 -18.22 41.61
N TYR F 1240 3.14 -19.22 41.09
CA TYR F 1240 3.27 -19.63 39.71
C TYR F 1240 2.75 -18.56 38.77
N LEU F 1241 2.00 -17.61 39.34
CA LEU F 1241 1.41 -16.51 38.58
C LEU F 1241 2.28 -15.27 38.72
N ASP F 1242 3.34 -15.40 39.50
CA ASP F 1242 4.26 -14.31 39.77
C ASP F 1242 3.64 -13.11 40.48
N LYS F 1243 2.61 -13.35 41.29
CA LYS F 1243 2.06 -12.32 42.16
C LYS F 1243 2.95 -12.18 43.40
N PRO F 1244 2.89 -11.03 44.08
CA PRO F 1244 3.73 -10.78 45.25
C PRO F 1244 3.30 -11.58 46.49
N VAL F 1245 4.04 -12.65 46.79
CA VAL F 1245 3.73 -13.50 47.94
C VAL F 1245 4.91 -13.50 48.89
N GLN F 1246 4.63 -13.71 50.18
CA GLN F 1246 5.67 -13.76 51.22
C GLN F 1246 6.68 -14.85 50.88
N LYS F 1247 7.84 -14.82 51.53
CA LYS F 1247 8.83 -15.86 51.30
C LYS F 1247 8.55 -17.12 52.13
N ASP F 1248 7.77 -16.94 53.18
CA ASP F 1248 7.58 -18.00 54.14
C ASP F 1248 6.16 -18.55 54.13
N ILE F 1249 5.42 -18.37 53.06
CA ILE F 1249 4.05 -18.85 53.06
C ILE F 1249 4.01 -20.35 53.25
N LEU F 1250 5.17 -20.99 53.13
CA LEU F 1250 5.24 -22.41 53.41
C LEU F 1250 4.93 -22.67 54.88
N GLN F 1251 5.50 -21.83 55.74
CA GLN F 1251 5.24 -21.87 57.17
C GLN F 1251 3.75 -21.99 57.46
N GLU F 1252 2.94 -21.18 56.76
CA GLU F 1252 1.55 -20.98 57.15
C GLU F 1252 0.54 -21.93 56.48
N SER F 1253 1.03 -22.94 55.78
CA SER F 1253 0.16 -23.91 55.13
C SER F 1253 0.02 -25.19 55.96
N PHE F 1254 0.79 -25.29 57.03
CA PHE F 1254 0.77 -26.47 57.88
C PHE F 1254 -0.37 -26.37 58.87
N VAL F 1255 -1.02 -27.49 59.14
CA VAL F 1255 -2.12 -27.51 60.09
C VAL F 1255 -1.65 -27.05 61.46
N ASN F 1256 -0.40 -27.38 61.79
CA ASN F 1256 0.10 -27.17 63.15
C ASN F 1256 0.78 -25.83 63.35
N THR F 1257 0.72 -24.97 62.33
CA THR F 1257 1.33 -23.67 62.46
C THR F 1257 0.36 -22.76 63.18
N MET F 1258 -0.93 -23.01 62.98
CA MET F 1258 -1.94 -22.35 63.78
C MET F 1258 -1.59 -22.67 65.21
N ALA F 1259 -1.68 -23.95 65.56
CA ALA F 1259 -1.35 -24.39 66.92
C ALA F 1259 -0.08 -23.71 67.43
N ALA F 1260 0.97 -23.69 66.62
CA ALA F 1260 2.22 -23.08 67.05
C ALA F 1260 2.06 -21.62 67.43
N TRP F 1261 1.37 -20.85 66.60
CA TRP F 1261 1.19 -19.42 66.85
C TRP F 1261 0.49 -19.15 68.17
N VAL F 1262 -0.41 -20.06 68.54
CA VAL F 1262 -1.13 -19.97 69.81
C VAL F 1262 -0.15 -20.03 70.96
N ASN F 1263 0.88 -20.84 70.81
CA ASN F 1263 1.86 -21.05 71.86
C ASN F 1263 2.92 -19.97 71.87
N MET F 1264 3.10 -19.30 70.75
CA MET F 1264 4.14 -18.29 70.62
C MET F 1264 3.63 -16.90 70.98
N LEU F 1265 2.33 -16.80 71.27
CA LEU F 1265 1.72 -15.50 71.55
C LEU F 1265 1.02 -15.46 72.89
N LEU F 1266 0.52 -16.61 73.34
CA LEU F 1266 -0.28 -16.67 74.54
C LEU F 1266 0.34 -17.55 75.62
N LEU F 1267 0.19 -18.86 75.48
CA LEU F 1267 0.64 -19.80 76.50
C LEU F 1267 2.02 -20.40 76.20
N SER F 1268 3.10 -19.73 76.61
CA SER F 1268 4.43 -20.29 76.35
C SER F 1268 4.68 -21.50 77.21
N SER F 1269 4.65 -22.68 76.59
CA SER F 1269 4.62 -23.94 77.32
C SER F 1269 5.43 -25.04 76.65
N THR F 1270 6.03 -25.88 77.48
CA THR F 1270 6.71 -27.06 77.00
C THR F 1270 5.75 -28.23 77.03
N GLY F 1271 4.51 -27.98 76.62
CA GLY F 1271 3.48 -29.00 76.70
C GLY F 1271 3.50 -29.86 75.47
N PRO F 1272 2.77 -30.98 75.51
CA PRO F 1272 2.63 -31.83 74.32
C PRO F 1272 1.92 -31.04 73.25
N ILE F 1273 2.18 -31.31 71.98
CA ILE F 1273 1.28 -30.89 70.90
C ILE F 1273 1.07 -32.00 69.89
N LYS F 1274 -0.19 -32.37 69.72
CA LYS F 1274 -0.57 -33.38 68.77
C LYS F 1274 -1.73 -32.80 67.98
N THR F 1275 -1.47 -32.42 66.74
CA THR F 1275 -2.49 -31.78 65.94
C THR F 1275 -3.02 -32.76 64.91
N PRO F 1276 -4.34 -32.95 64.87
CA PRO F 1276 -4.95 -34.02 64.08
C PRO F 1276 -5.53 -33.53 62.76
N VAL F 1277 -5.78 -34.46 61.85
CA VAL F 1277 -6.51 -34.17 60.63
C VAL F 1277 -7.56 -35.25 60.45
N GLY F 1278 -8.72 -35.04 61.06
CA GLY F 1278 -9.83 -35.97 60.92
C GLY F 1278 -10.89 -35.46 59.97
N ALA F 1279 -10.46 -34.72 58.94
CA ALA F 1279 -11.40 -34.20 57.93
C ALA F 1279 -12.58 -33.49 58.57
N CYS F 1280 -13.79 -33.78 58.10
CA CYS F 1280 -15.01 -33.16 58.63
C CYS F 1280 -15.14 -33.31 60.16
N ALA F 1281 -14.71 -34.45 60.68
CA ALA F 1281 -14.86 -34.76 62.11
C ALA F 1281 -13.63 -34.45 62.97
N THR F 1282 -12.74 -33.59 62.47
CA THR F 1282 -11.51 -33.27 63.18
C THR F 1282 -11.76 -32.83 64.61
N ALA F 1283 -12.59 -31.80 64.77
CA ALA F 1283 -12.80 -31.18 66.09
C ALA F 1283 -13.06 -32.20 67.22
N VAL F 1284 -13.78 -33.27 66.91
CA VAL F 1284 -14.03 -34.33 67.89
C VAL F 1284 -12.77 -35.17 68.15
N GLU F 1285 -12.16 -35.68 67.09
CA GLU F 1285 -10.90 -36.41 67.21
C GLU F 1285 -9.92 -35.65 68.10
N SER F 1286 -9.94 -34.33 67.98
CA SER F 1286 -9.06 -33.48 68.76
C SER F 1286 -9.39 -33.60 70.22
N LEU F 1287 -10.69 -33.64 70.54
CA LEU F 1287 -11.15 -33.80 71.91
C LEU F 1287 -10.62 -35.12 72.44
N ASP F 1288 -10.71 -36.16 71.61
CA ASP F 1288 -10.18 -37.47 71.95
C ASP F 1288 -8.69 -37.35 72.28
N VAL F 1289 -7.90 -37.00 71.27
CA VAL F 1289 -6.46 -36.82 71.43
C VAL F 1289 -6.10 -36.06 72.70
N GLY F 1290 -6.70 -34.90 72.90
CA GLY F 1290 -6.45 -34.13 74.10
C GLY F 1290 -6.80 -34.90 75.35
N TYR F 1291 -8.02 -35.46 75.35
CA TYR F 1291 -8.52 -36.29 76.44
C TYR F 1291 -7.50 -37.32 76.86
N ASP F 1292 -7.15 -38.19 75.92
CA ASP F 1292 -6.20 -39.27 76.18
C ASP F 1292 -4.88 -38.73 76.73
N THR F 1293 -4.35 -37.74 76.04
CA THR F 1293 -3.08 -37.14 76.42
C THR F 1293 -3.13 -36.69 77.87
N ILE F 1294 -4.27 -36.17 78.29
CA ILE F 1294 -4.41 -35.67 79.65
C ILE F 1294 -4.49 -36.84 80.63
N MET F 1295 -5.16 -37.91 80.21
CA MET F 1295 -5.28 -39.09 81.05
C MET F 1295 -4.05 -40.00 81.02
N GLN F 1296 -2.90 -39.45 80.67
CA GLN F 1296 -1.68 -40.23 80.67
C GLN F 1296 -0.55 -39.44 81.32
N GLY F 1297 -0.94 -38.40 82.04
CA GLY F 1297 0.00 -37.56 82.74
C GLY F 1297 0.79 -36.62 81.83
N LYS F 1298 0.47 -36.64 80.54
CA LYS F 1298 1.21 -35.82 79.59
C LYS F 1298 0.94 -34.36 79.84
N ALA F 1299 -0.26 -34.04 80.31
CA ALA F 1299 -0.58 -32.66 80.65
C ALA F 1299 -1.83 -32.61 81.50
N ARG F 1300 -2.07 -31.48 82.13
CA ARG F 1300 -3.28 -31.33 82.92
C ARG F 1300 -4.30 -30.37 82.28
N VAL F 1301 -3.85 -29.19 81.88
CA VAL F 1301 -4.68 -28.34 81.06
C VAL F 1301 -4.33 -28.59 79.60
N CYS F 1302 -5.20 -28.18 78.70
CA CYS F 1302 -5.01 -28.50 77.30
C CYS F 1302 -6.08 -27.86 76.40
N LEU F 1303 -5.65 -27.09 75.40
CA LEU F 1303 -6.57 -26.47 74.47
C LEU F 1303 -6.94 -27.47 73.39
N VAL F 1304 -8.22 -27.51 73.06
CA VAL F 1304 -8.74 -28.46 72.08
C VAL F 1304 -9.76 -27.78 71.18
N GLY F 1305 -9.79 -28.17 69.90
CA GLY F 1305 -10.76 -27.64 68.95
C GLY F 1305 -10.45 -27.94 67.49
N GLY F 1306 -11.19 -27.29 66.60
CA GLY F 1306 -10.98 -27.39 65.17
C GLY F 1306 -11.15 -26.08 64.44
N PHE F 1307 -10.66 -25.99 63.22
CA PHE F 1307 -10.82 -24.79 62.40
C PHE F 1307 -10.69 -25.11 60.93
N ASP F 1308 -11.32 -24.32 60.08
CA ASP F 1308 -11.17 -24.45 58.62
C ASP F 1308 -11.80 -23.25 57.97
N ASP F 1309 -11.24 -22.84 56.83
CA ASP F 1309 -11.72 -21.63 56.14
C ASP F 1309 -12.60 -21.95 54.93
N PHE F 1310 -13.21 -20.93 54.33
CA PHE F 1310 -13.91 -21.09 53.07
C PHE F 1310 -13.09 -20.45 51.94
N GLN F 1311 -12.93 -21.16 50.84
CA GLN F 1311 -12.11 -20.64 49.75
C GLN F 1311 -12.58 -21.03 48.36
N GLU F 1312 -12.18 -20.21 47.38
CA GLU F 1312 -12.57 -20.39 45.98
C GLU F 1312 -12.27 -21.79 45.50
N GLU F 1313 -11.04 -22.23 45.77
CA GLU F 1313 -10.54 -23.52 45.34
C GLU F 1313 -11.23 -24.63 46.11
N GLY F 1314 -11.59 -24.33 47.36
CA GLY F 1314 -12.30 -25.28 48.18
C GLY F 1314 -13.73 -25.49 47.70
N SER F 1315 -14.53 -24.44 47.77
CA SER F 1315 -15.93 -24.48 47.39
C SER F 1315 -16.13 -25.12 46.02
N TYR F 1316 -15.22 -24.79 45.11
CA TYR F 1316 -15.29 -25.28 43.74
C TYR F 1316 -15.06 -26.80 43.69
N GLU F 1317 -14.25 -27.30 44.61
CA GLU F 1317 -13.85 -28.69 44.55
C GLU F 1317 -14.91 -29.62 45.11
N PHE F 1318 -15.51 -29.25 46.23
CA PHE F 1318 -16.59 -30.04 46.82
C PHE F 1318 -17.68 -30.21 45.80
N ALA F 1319 -17.97 -29.12 45.10
CA ALA F 1319 -19.04 -29.11 44.14
C ALA F 1319 -18.82 -30.18 43.06
N ASN F 1320 -17.57 -30.47 42.75
CA ASN F 1320 -17.27 -31.51 41.76
C ASN F 1320 -17.52 -32.91 42.27
N MET F 1321 -17.56 -33.04 43.60
CA MET F 1321 -17.82 -34.32 44.22
C MET F 1321 -19.32 -34.48 44.44
N GLY F 1322 -20.03 -33.37 44.61
CA GLY F 1322 -21.46 -33.40 44.79
C GLY F 1322 -21.85 -33.16 46.23
N ALA F 1323 -20.86 -32.70 47.00
CA ALA F 1323 -21.04 -32.47 48.42
C ALA F 1323 -21.91 -31.24 48.70
N THR F 1324 -21.45 -30.07 48.25
CA THR F 1324 -22.21 -28.82 48.44
C THR F 1324 -23.61 -28.88 47.79
N SER F 1325 -24.46 -27.92 48.11
CA SER F 1325 -25.83 -27.87 47.59
C SER F 1325 -25.96 -26.77 46.56
N ASN F 1326 -26.54 -27.10 45.41
CA ASN F 1326 -26.59 -26.19 44.27
C ASN F 1326 -27.50 -24.99 44.48
N ALA F 1327 -26.90 -23.85 44.81
CA ALA F 1327 -27.65 -22.63 45.07
C ALA F 1327 -28.62 -22.33 43.94
N LYS F 1328 -28.14 -22.39 42.70
CA LYS F 1328 -28.96 -22.08 41.53
C LYS F 1328 -30.20 -22.96 41.43
N GLU F 1329 -30.03 -24.26 41.64
CA GLU F 1329 -31.14 -25.20 41.61
C GLU F 1329 -32.10 -24.96 42.75
N GLU F 1330 -31.54 -24.59 43.91
CA GLU F 1330 -32.36 -24.34 45.09
C GLU F 1330 -33.04 -22.99 45.06
N PHE F 1331 -32.40 -22.01 44.42
CA PHE F 1331 -33.04 -20.72 44.19
C PHE F 1331 -34.24 -20.90 43.28
N ALA F 1332 -34.21 -22.00 42.53
CA ALA F 1332 -35.27 -22.35 41.59
C ALA F 1332 -36.32 -23.21 42.28
N ARG F 1333 -36.11 -23.47 43.56
CA ARG F 1333 -37.06 -24.21 44.36
C ARG F 1333 -37.74 -23.25 45.31
N GLY F 1334 -37.39 -21.96 45.16
CA GLY F 1334 -37.99 -20.93 45.98
C GLY F 1334 -37.25 -20.73 47.29
N ARG F 1335 -36.22 -21.55 47.50
CA ARG F 1335 -35.43 -21.51 48.73
C ARG F 1335 -34.64 -20.22 48.90
N GLU F 1336 -34.57 -19.73 50.12
CA GLU F 1336 -33.80 -18.53 50.41
C GLU F 1336 -32.46 -18.90 50.98
N PRO F 1337 -31.47 -18.02 50.83
CA PRO F 1337 -30.12 -18.29 51.35
C PRO F 1337 -30.16 -18.65 52.83
N GLY F 1338 -29.43 -19.69 53.23
CA GLY F 1338 -29.29 -20.02 54.65
C GLY F 1338 -30.47 -20.78 55.21
N GLU F 1339 -31.49 -20.90 54.39
CA GLU F 1339 -32.62 -21.74 54.69
C GLU F 1339 -32.65 -22.75 53.57
N MET F 1340 -31.42 -23.10 53.18
CA MET F 1340 -31.10 -24.07 52.14
C MET F 1340 -30.45 -25.25 52.82
N SER F 1341 -30.38 -25.17 54.14
CA SER F 1341 -29.69 -26.16 54.97
C SER F 1341 -30.67 -26.88 55.88
N ARG F 1342 -31.23 -27.98 55.41
CA ARG F 1342 -32.24 -28.73 56.15
C ARG F 1342 -31.72 -30.11 56.48
N PRO F 1343 -31.22 -30.30 57.69
CA PRO F 1343 -30.47 -31.49 58.04
C PRO F 1343 -31.28 -32.80 57.98
N THR F 1344 -32.59 -32.77 58.05
CA THR F 1344 -33.35 -34.03 58.02
C THR F 1344 -34.50 -33.99 57.05
N SER F 1345 -34.71 -32.82 56.47
CA SER F 1345 -35.82 -32.60 55.56
C SER F 1345 -35.89 -33.70 54.50
N THR F 1346 -37.07 -33.86 53.91
CA THR F 1346 -37.22 -34.77 52.77
C THR F 1346 -36.43 -34.21 51.59
N THR F 1347 -36.30 -32.88 51.56
CA THR F 1347 -35.72 -32.18 50.42
C THR F 1347 -34.21 -32.03 50.50
N ARG F 1348 -33.61 -32.46 51.61
CA ARG F 1348 -32.18 -32.30 51.81
C ARG F 1348 -31.43 -32.86 50.62
N ASN F 1349 -30.54 -32.06 50.04
CA ASN F 1349 -29.90 -32.41 48.78
C ASN F 1349 -28.38 -32.20 48.73
N GLY F 1350 -27.85 -31.50 49.74
CA GLY F 1350 -26.43 -31.21 49.79
C GLY F 1350 -26.14 -30.24 50.92
N PHE F 1351 -24.89 -30.20 51.37
CA PHE F 1351 -24.54 -29.45 52.57
C PHE F 1351 -24.14 -28.02 52.35
N MET F 1352 -23.81 -27.33 53.44
CA MET F 1352 -23.51 -25.91 53.36
C MET F 1352 -22.07 -25.59 53.71
N GLU F 1353 -21.35 -24.98 52.77
CA GLU F 1353 -20.00 -24.53 53.04
C GLU F 1353 -20.07 -23.47 54.10
N SER F 1354 -19.10 -23.44 54.99
CA SER F 1354 -19.08 -22.44 56.05
C SER F 1354 -17.66 -22.26 56.55
N GLN F 1355 -17.38 -21.13 57.19
CA GLN F 1355 -16.03 -20.86 57.68
C GLN F 1355 -15.99 -20.60 59.19
N GLY F 1356 -14.79 -20.65 59.78
CA GLY F 1356 -14.62 -20.34 61.19
C GLY F 1356 -13.93 -21.41 62.00
N CYS F 1357 -13.85 -21.19 63.31
CA CYS F 1357 -13.28 -22.21 64.20
C CYS F 1357 -14.00 -22.29 65.53
N GLY F 1358 -13.57 -23.23 66.36
CA GLY F 1358 -14.16 -23.44 67.67
C GLY F 1358 -13.21 -24.17 68.61
N VAL F 1359 -13.02 -23.59 69.80
CA VAL F 1359 -12.11 -24.16 70.79
C VAL F 1359 -12.81 -24.39 72.13
N GLN F 1360 -12.24 -25.28 72.92
CA GLN F 1360 -12.70 -25.55 74.26
C GLN F 1360 -11.50 -26.01 75.07
N VAL F 1361 -11.23 -25.35 76.19
CA VAL F 1361 -10.10 -25.71 77.01
C VAL F 1361 -10.50 -26.79 78.01
N ILE F 1362 -9.67 -27.81 78.15
CA ILE F 1362 -9.97 -28.96 79.00
C ILE F 1362 -8.92 -29.20 80.09
N MET F 1363 -9.39 -29.70 81.23
CA MET F 1363 -8.58 -29.86 82.42
C MET F 1363 -8.90 -31.13 83.20
N THR F 1364 -8.00 -31.45 84.14
CA THR F 1364 -8.24 -32.45 85.15
C THR F 1364 -9.27 -31.91 86.10
N ALA F 1365 -10.23 -32.73 86.52
CA ALA F 1365 -11.18 -32.27 87.53
C ALA F 1365 -10.43 -31.63 88.68
N GLN F 1366 -9.31 -32.24 89.07
CA GLN F 1366 -8.45 -31.72 90.13
C GLN F 1366 -8.05 -30.29 89.88
N LEU F 1367 -7.16 -30.12 88.91
CA LEU F 1367 -6.67 -28.81 88.55
C LEU F 1367 -7.84 -27.83 88.44
N ALA F 1368 -8.97 -28.30 87.93
CA ALA F 1368 -10.17 -27.47 87.79
C ALA F 1368 -10.63 -26.89 89.12
N LEU F 1369 -10.96 -27.77 90.05
CA LEU F 1369 -11.45 -27.36 91.36
C LEU F 1369 -10.39 -26.65 92.17
N GLU F 1370 -9.13 -27.07 92.03
CA GLU F 1370 -8.01 -26.42 92.72
C GLU F 1370 -7.85 -24.97 92.27
N MET F 1371 -7.95 -24.74 90.97
CA MET F 1371 -7.86 -23.39 90.42
C MET F 1371 -9.12 -22.65 90.76
N GLY F 1372 -10.25 -23.34 90.68
CA GLY F 1372 -11.54 -22.72 90.91
C GLY F 1372 -11.95 -22.05 89.62
N VAL F 1373 -12.18 -22.86 88.61
CA VAL F 1373 -12.59 -22.37 87.32
C VAL F 1373 -13.93 -22.99 87.03
N PRO F 1374 -14.74 -22.33 86.19
CA PRO F 1374 -16.08 -22.81 85.87
C PRO F 1374 -15.99 -24.22 85.31
N ILE F 1375 -17.06 -24.98 85.35
CA ILE F 1375 -17.03 -26.29 84.71
C ILE F 1375 -18.27 -26.53 83.89
N TYR F 1376 -18.10 -26.56 82.57
CA TYR F 1376 -19.20 -26.60 81.62
C TYR F 1376 -19.75 -28.00 81.42
N GLY F 1377 -18.90 -28.99 81.65
CA GLY F 1377 -19.31 -30.38 81.52
C GLY F 1377 -18.18 -31.35 81.73
N ILE F 1378 -18.51 -32.63 81.73
CA ILE F 1378 -17.51 -33.66 81.87
C ILE F 1378 -17.36 -34.42 80.56
N VAL F 1379 -16.15 -34.45 80.01
CA VAL F 1379 -15.91 -35.32 78.88
C VAL F 1379 -15.94 -36.75 79.36
N ALA F 1380 -17.10 -37.37 79.23
CA ALA F 1380 -17.32 -38.70 79.76
C ALA F 1380 -16.49 -39.73 79.01
N MET F 1381 -16.61 -39.69 77.68
CA MET F 1381 -15.93 -40.66 76.84
C MET F 1381 -15.75 -40.05 75.47
N THR F 1382 -14.69 -40.43 74.80
CA THR F 1382 -14.48 -40.04 73.41
C THR F 1382 -13.86 -41.23 72.68
N SER F 1383 -14.03 -41.29 71.37
CA SER F 1383 -13.45 -42.38 70.57
C SER F 1383 -13.58 -42.16 69.06
N THR F 1384 -12.62 -42.70 68.31
CA THR F 1384 -12.65 -42.65 66.85
C THR F 1384 -12.80 -44.05 66.26
N ALA F 1385 -13.41 -44.18 65.09
CA ALA F 1385 -13.65 -45.51 64.52
C ALA F 1385 -13.81 -45.54 63.00
N THR F 1386 -13.11 -46.46 62.35
CA THR F 1386 -13.14 -46.62 60.91
C THR F 1386 -14.23 -47.61 60.51
N ASP F 1387 -14.55 -47.69 59.22
CA ASP F 1387 -15.55 -48.62 58.75
C ASP F 1387 -14.89 -49.80 58.02
N LYS F 1388 -15.69 -50.56 57.25
CA LYS F 1388 -15.19 -51.75 56.54
C LYS F 1388 -14.42 -51.43 55.25
N ILE F 1389 -14.01 -52.47 54.56
CA ILE F 1389 -13.35 -52.32 53.27
C ILE F 1389 -14.32 -51.67 52.30
N GLY F 1390 -13.81 -50.83 51.42
CA GLY F 1390 -14.62 -50.17 50.41
C GLY F 1390 -13.71 -49.46 49.43
N ARG F 1391 -14.30 -48.82 48.43
CA ARG F 1391 -13.52 -48.02 47.50
C ARG F 1391 -14.08 -46.60 47.38
N SER F 1392 -15.12 -46.32 48.16
CA SER F 1392 -15.67 -44.98 48.23
C SER F 1392 -15.09 -44.22 49.41
N VAL F 1393 -14.27 -43.23 49.11
CA VAL F 1393 -13.54 -42.47 50.12
C VAL F 1393 -14.42 -41.64 51.04
N PRO F 1394 -15.52 -41.09 50.52
CA PRO F 1394 -16.33 -40.22 51.37
C PRO F 1394 -17.50 -40.93 52.07
N ALA F 1395 -17.90 -42.10 51.57
CA ALA F 1395 -19.08 -42.81 52.09
C ALA F 1395 -19.12 -42.96 53.61
N PRO F 1396 -20.08 -42.29 54.27
CA PRO F 1396 -20.21 -42.41 55.72
C PRO F 1396 -20.67 -43.82 56.08
N GLY F 1397 -20.08 -44.40 57.13
CA GLY F 1397 -20.40 -45.75 57.53
C GLY F 1397 -20.63 -45.89 59.02
N GLN F 1398 -20.85 -47.12 59.47
CA GLN F 1398 -21.26 -47.37 60.84
C GLN F 1398 -20.10 -47.85 61.70
N GLY F 1399 -18.98 -47.12 61.65
CA GLY F 1399 -17.86 -47.49 62.47
C GLY F 1399 -18.23 -47.22 63.91
N VAL F 1400 -18.85 -46.07 64.12
CA VAL F 1400 -19.08 -45.58 65.46
C VAL F 1400 -20.01 -46.50 66.26
N LEU F 1401 -20.63 -47.45 65.58
CA LEU F 1401 -21.54 -48.39 66.24
C LEU F 1401 -20.84 -49.21 67.31
N THR F 1402 -19.54 -49.42 67.15
CA THR F 1402 -18.83 -50.32 68.05
C THR F 1402 -18.44 -49.69 69.38
N THR F 1403 -18.92 -48.48 69.63
CA THR F 1403 -18.75 -47.91 70.95
C THR F 1403 -19.87 -48.42 71.83
N ALA F 1404 -20.73 -49.25 71.27
CA ALA F 1404 -21.82 -49.85 72.02
C ALA F 1404 -21.69 -51.35 72.00
N ARG F 1405 -20.48 -51.80 71.71
CA ARG F 1405 -20.22 -53.23 71.66
C ARG F 1405 -20.24 -53.77 73.07
N GLU F 1406 -21.05 -54.80 73.28
CA GLU F 1406 -21.14 -55.43 74.58
C GLU F 1406 -21.85 -56.77 74.48
N LYS F 1407 -21.28 -57.79 75.10
CA LYS F 1407 -21.92 -59.09 75.21
C LYS F 1407 -22.16 -59.47 76.65
N SER F 1408 -23.29 -59.01 77.21
CA SER F 1408 -23.67 -59.34 78.58
C SER F 1408 -24.38 -60.69 78.61
N GLY F 1409 -24.06 -61.49 79.62
CA GLY F 1409 -24.61 -62.83 79.74
C GLY F 1409 -26.08 -62.83 80.11
N ASN F 1410 -26.43 -63.54 81.17
CA ASN F 1410 -27.79 -63.52 81.67
C ASN F 1410 -27.90 -62.48 82.78
N PHE F 1411 -26.77 -62.29 83.46
CA PHE F 1411 -26.71 -61.38 84.59
C PHE F 1411 -25.71 -60.24 84.36
N PRO F 1412 -26.15 -59.01 84.64
CA PRO F 1412 -25.30 -57.82 84.51
C PRO F 1412 -24.03 -57.95 85.37
N SER F 1413 -22.92 -57.44 84.85
CA SER F 1413 -21.70 -57.39 85.65
C SER F 1413 -21.96 -56.63 86.94
N PRO F 1414 -21.49 -57.19 88.05
CA PRO F 1414 -21.55 -56.56 89.36
C PRO F 1414 -21.09 -55.10 89.28
N LEU F 1415 -20.11 -54.82 88.43
CA LEU F 1415 -19.47 -53.50 88.37
C LEU F 1415 -20.41 -52.37 87.93
N LEU F 1416 -21.51 -52.74 87.28
CA LEU F 1416 -22.53 -51.76 86.89
C LEU F 1416 -23.31 -51.27 88.11
N ASP F 1417 -23.28 -52.07 89.16
CA ASP F 1417 -23.86 -51.71 90.45
C ASP F 1417 -22.86 -50.87 91.25
N ILE F 1418 -23.19 -49.61 91.50
CA ILE F 1418 -22.27 -48.71 92.21
C ILE F 1418 -21.94 -49.18 93.62
N LYS F 1419 -22.85 -49.91 94.24
CA LYS F 1419 -22.63 -50.42 95.59
C LYS F 1419 -21.53 -51.47 95.61
N TYR F 1420 -21.54 -52.38 94.64
CA TYR F 1420 -20.50 -53.40 94.54
C TYR F 1420 -19.15 -52.73 94.48
N ARG F 1421 -19.04 -51.69 93.66
CA ARG F 1421 -17.80 -50.94 93.54
C ARG F 1421 -17.50 -50.23 94.86
N ARG F 1422 -18.56 -49.72 95.51
CA ARG F 1422 -18.45 -49.11 96.83
C ARG F 1422 -17.72 -50.04 97.78
N ARG F 1423 -18.25 -51.25 97.93
CA ARG F 1423 -17.67 -52.26 98.80
C ARG F 1423 -16.20 -52.40 98.49
N GLN F 1424 -15.92 -52.89 97.29
CA GLN F 1424 -14.57 -53.20 96.84
C GLN F 1424 -13.62 -52.04 97.03
N LEU F 1425 -14.13 -50.83 96.84
CA LEU F 1425 -13.33 -49.63 97.00
C LEU F 1425 -12.86 -49.48 98.42
N GLU F 1426 -13.79 -49.24 99.32
CA GLU F 1426 -13.45 -49.06 100.73
C GLU F 1426 -12.89 -50.33 101.35
N LEU F 1427 -13.06 -51.45 100.64
CA LEU F 1427 -12.37 -52.67 100.98
C LEU F 1427 -10.86 -52.44 100.82
N ARG F 1428 -10.47 -52.02 99.62
CA ARG F 1428 -9.06 -51.72 99.36
C ARG F 1428 -8.60 -50.49 100.14
N ARG F 1429 -9.55 -49.66 100.58
CA ARG F 1429 -9.21 -48.47 101.37
C ARG F 1429 -8.78 -48.88 102.77
N GLN F 1430 -9.47 -49.87 103.31
CA GLN F 1430 -9.09 -50.48 104.56
C GLN F 1430 -7.79 -51.23 104.34
N GLN F 1431 -7.82 -52.12 103.35
CA GLN F 1431 -6.66 -52.91 102.96
C GLN F 1431 -5.44 -52.02 102.78
N ILE F 1432 -5.70 -50.75 102.46
CA ILE F 1432 -4.65 -49.77 102.26
C ILE F 1432 -4.15 -49.16 103.56
N LYS F 1433 -5.07 -48.78 104.44
CA LYS F 1433 -4.69 -48.13 105.68
C LYS F 1433 -3.81 -49.03 106.54
N GLN F 1434 -4.02 -50.34 106.43
CA GLN F 1434 -3.27 -51.34 107.21
C GLN F 1434 -1.84 -51.55 106.69
N TRP F 1435 -1.70 -51.48 105.37
CA TRP F 1435 -0.39 -51.48 104.74
C TRP F 1435 0.37 -50.25 105.19
N LYS F 1436 -0.33 -49.12 105.24
CA LYS F 1436 0.28 -47.84 105.57
C LYS F 1436 1.08 -47.94 106.87
N GLU F 1437 0.53 -48.70 107.82
CA GLU F 1437 1.19 -48.90 109.11
C GLU F 1437 2.25 -49.98 109.00
N SER F 1438 1.89 -51.11 108.42
CA SER F 1438 2.82 -52.20 108.21
C SER F 1438 4.15 -51.70 107.62
N GLU F 1439 4.06 -50.67 106.78
CA GLU F 1439 5.24 -50.08 106.16
C GLU F 1439 5.98 -49.17 107.13
N TYR F 1440 5.23 -48.43 107.95
CA TYR F 1440 5.82 -47.61 109.01
C TYR F 1440 6.67 -48.45 109.95
N LEU F 1441 6.12 -49.60 110.33
CA LEU F 1441 6.83 -50.57 111.14
C LEU F 1441 8.15 -50.88 110.46
N TYR F 1442 8.03 -51.43 109.25
CA TYR F 1442 9.18 -51.85 108.46
C TYR F 1442 10.29 -50.78 108.39
N LEU F 1443 9.90 -49.51 108.37
CA LEU F 1443 10.87 -48.43 108.28
C LEU F 1443 11.59 -48.25 109.60
N GLN F 1444 10.85 -48.45 110.68
CA GLN F 1444 11.43 -48.34 112.02
C GLN F 1444 12.60 -49.31 112.15
N GLU F 1445 12.37 -50.56 111.75
CA GLU F 1445 13.38 -51.61 111.81
C GLU F 1445 14.58 -51.28 110.96
N GLU F 1446 14.34 -51.10 109.67
CA GLU F 1446 15.37 -50.76 108.71
C GLU F 1446 16.17 -49.50 109.12
N VAL F 1447 15.58 -48.68 109.98
CA VAL F 1447 16.25 -47.47 110.50
C VAL F 1447 17.49 -47.83 111.32
N ALA F 1448 17.26 -48.51 112.43
CA ALA F 1448 18.34 -48.96 113.30
C ALA F 1448 19.07 -50.18 112.72
N ALA F 1449 18.52 -50.73 111.64
CA ALA F 1449 19.11 -51.88 110.97
C ALA F 1449 20.29 -51.49 110.07
N ILE F 1450 20.37 -50.21 109.73
CA ILE F 1450 21.52 -49.68 108.99
C ILE F 1450 22.36 -48.78 109.88
N LYS F 1451 21.94 -48.63 111.13
CA LYS F 1451 22.78 -48.01 112.17
C LYS F 1451 23.81 -49.01 112.68
N SER F 1452 23.40 -50.28 112.72
CA SER F 1452 24.25 -51.38 113.19
C SER F 1452 25.28 -51.83 112.15
N GLN F 1453 25.01 -51.56 110.87
CA GLN F 1453 25.90 -51.97 109.78
C GLN F 1453 26.82 -50.83 109.35
N ARG F 1454 26.49 -49.61 109.73
CA ARG F 1454 27.27 -48.43 109.35
C ARG F 1454 28.65 -48.44 109.99
N SER F 1455 29.68 -48.41 109.15
CA SER F 1455 31.04 -48.19 109.62
C SER F 1455 31.22 -46.69 109.93
N GLU F 1456 32.31 -46.35 110.63
CA GLU F 1456 32.57 -44.97 111.07
C GLU F 1456 33.15 -44.05 109.98
N GLU F 1457 33.64 -44.65 108.90
CA GLU F 1457 34.14 -43.93 107.71
C GLU F 1457 33.00 -43.58 106.76
N ASP F 1458 31.88 -44.28 106.92
CA ASP F 1458 30.65 -44.00 106.18
C ASP F 1458 30.04 -42.71 106.68
N GLY F 1459 29.36 -42.00 105.79
CA GLY F 1459 28.69 -40.77 106.17
C GLY F 1459 27.65 -40.97 107.25
N PRO F 1460 27.65 -40.09 108.27
CA PRO F 1460 26.62 -39.98 109.31
C PRO F 1460 25.22 -39.83 108.69
N PHE F 1461 24.34 -40.80 108.94
CA PHE F 1461 22.99 -40.76 108.39
C PHE F 1461 22.04 -39.87 109.18
N ASP F 1462 21.64 -38.75 108.57
CA ASP F 1462 20.67 -37.86 109.18
C ASP F 1462 19.36 -38.60 109.38
N GLU F 1463 19.17 -39.13 110.58
CA GLU F 1463 17.98 -39.90 110.89
C GLU F 1463 16.75 -39.04 110.61
N THR F 1464 16.85 -37.76 110.93
CA THR F 1464 15.77 -36.82 110.66
C THR F 1464 15.54 -36.66 109.14
N ALA F 1465 16.61 -36.48 108.40
CA ALA F 1465 16.56 -36.38 106.95
C ALA F 1465 16.00 -37.68 106.37
N TYR F 1466 16.74 -38.77 106.54
CA TYR F 1466 16.36 -40.07 105.97
C TYR F 1466 14.96 -40.53 106.38
N LEU F 1467 14.60 -40.32 107.65
CA LEU F 1467 13.29 -40.75 108.10
C LEU F 1467 12.19 -39.82 107.66
N ARG F 1468 12.54 -38.55 107.42
CA ARG F 1468 11.58 -37.61 106.84
C ARG F 1468 11.15 -38.05 105.43
N GLU F 1469 12.10 -38.05 104.50
CA GLU F 1469 11.82 -38.41 103.11
C GLU F 1469 11.09 -39.74 103.06
N ARG F 1470 11.45 -40.63 103.97
CA ARG F 1470 10.90 -41.98 103.97
C ARG F 1470 9.47 -42.02 104.45
N THR F 1471 9.12 -41.20 105.43
CA THR F 1471 7.74 -41.16 105.90
C THR F 1471 6.87 -40.46 104.88
N GLU F 1472 7.31 -39.29 104.44
CA GLU F 1472 6.60 -38.51 103.42
C GLU F 1472 6.29 -39.41 102.23
N HIS F 1473 7.26 -40.24 101.87
CA HIS F 1473 7.08 -41.18 100.78
C HIS F 1473 5.98 -42.17 101.07
N ILE F 1474 5.97 -42.74 102.27
CA ILE F 1474 4.94 -43.70 102.63
C ILE F 1474 3.58 -43.02 102.54
N GLU F 1475 3.57 -41.74 102.83
CA GLU F 1475 2.37 -40.93 102.71
C GLU F 1475 1.93 -40.86 101.26
N ARG F 1476 2.76 -40.25 100.43
CA ARG F 1476 2.49 -40.18 99.01
C ARG F 1476 2.03 -41.53 98.49
N GLU F 1477 2.91 -42.51 98.64
CA GLU F 1477 2.69 -43.85 98.12
C GLU F 1477 1.36 -44.44 98.57
N ALA F 1478 0.94 -44.06 99.77
CA ALA F 1478 -0.37 -44.46 100.26
C ALA F 1478 -1.45 -43.72 99.48
N ARG F 1479 -1.35 -42.40 99.46
CA ARG F 1479 -2.30 -41.55 98.73
C ARG F 1479 -2.44 -42.02 97.30
N ARG F 1480 -1.29 -42.27 96.67
CA ARG F 1480 -1.25 -42.76 95.31
C ARG F 1480 -2.10 -44.02 95.24
N GLN F 1481 -1.76 -44.99 96.08
CA GLN F 1481 -2.43 -46.26 96.07
C GLN F 1481 -3.94 -46.08 96.21
N GLU F 1482 -4.35 -45.02 96.92
CA GLU F 1482 -5.77 -44.69 97.08
C GLU F 1482 -6.40 -44.36 95.75
N ALA F 1483 -6.01 -43.21 95.22
CA ALA F 1483 -6.50 -42.78 93.93
C ALA F 1483 -6.49 -43.90 92.90
N GLU F 1484 -5.47 -44.76 92.96
CA GLU F 1484 -5.34 -45.82 91.97
C GLU F 1484 -6.41 -46.89 92.09
N ALA F 1485 -6.77 -47.25 93.32
CA ALA F 1485 -7.86 -48.18 93.53
C ALA F 1485 -9.17 -47.45 93.26
N GLN F 1486 -9.13 -46.15 93.46
CA GLN F 1486 -10.27 -45.30 93.18
C GLN F 1486 -10.45 -45.29 91.67
N THR F 1487 -9.32 -45.40 90.97
CA THR F 1487 -9.30 -45.42 89.51
C THR F 1487 -9.93 -46.69 88.98
N SER F 1488 -9.50 -47.83 89.50
CA SER F 1488 -9.93 -49.11 88.97
C SER F 1488 -11.35 -49.48 89.40
N PHE F 1489 -12.01 -48.62 90.16
CA PHE F 1489 -13.35 -48.93 90.64
C PHE F 1489 -14.38 -47.85 90.38
N GLY F 1490 -13.92 -46.69 89.92
CA GLY F 1490 -14.83 -45.59 89.63
C GLY F 1490 -14.68 -45.00 88.24
N ASN F 1491 -13.46 -45.01 87.73
CA ASN F 1491 -13.16 -44.37 86.46
C ASN F 1491 -13.07 -45.38 85.34
N GLU F 1492 -12.11 -46.29 85.47
CA GLU F 1492 -11.68 -47.17 84.39
C GLU F 1492 -12.04 -48.65 84.59
N PHE F 1493 -13.08 -48.93 85.35
CA PHE F 1493 -13.44 -50.31 85.62
C PHE F 1493 -14.02 -51.03 84.41
N TRP F 1494 -14.10 -50.34 83.28
CA TRP F 1494 -14.70 -50.91 82.07
C TRP F 1494 -13.71 -51.00 80.91
N ARG F 1495 -12.44 -50.69 81.18
CA ARG F 1495 -11.38 -50.87 80.18
C ARG F 1495 -11.28 -52.31 79.66
N ARG F 1496 -11.57 -52.48 78.38
CA ARG F 1496 -11.49 -53.78 77.73
C ARG F 1496 -12.43 -54.79 78.37
N ASP F 1497 -13.51 -54.33 78.97
CA ASP F 1497 -14.46 -55.24 79.58
C ASP F 1497 -15.48 -55.71 78.54
N SER F 1498 -15.37 -56.99 78.17
CA SER F 1498 -16.19 -57.59 77.13
C SER F 1498 -17.68 -57.52 77.46
N ARG F 1499 -17.99 -57.27 78.72
CA ARG F 1499 -19.36 -57.32 79.20
C ARG F 1499 -19.90 -55.92 79.56
N ILE F 1500 -19.18 -54.90 79.13
CA ILE F 1500 -19.55 -53.53 79.39
C ILE F 1500 -19.18 -52.66 78.19
N ALA F 1501 -20.18 -52.17 77.48
CA ALA F 1501 -19.93 -51.22 76.38
C ALA F 1501 -19.42 -49.91 76.95
N PRO F 1502 -18.45 -49.31 76.27
CA PRO F 1502 -17.83 -48.07 76.72
C PRO F 1502 -18.83 -46.97 76.96
N LEU F 1503 -19.91 -46.97 76.19
CA LEU F 1503 -21.02 -46.05 76.42
C LEU F 1503 -21.60 -46.30 77.80
N ARG F 1504 -21.95 -47.54 78.09
CA ARG F 1504 -22.37 -47.92 79.43
C ARG F 1504 -21.34 -47.43 80.43
N GLY F 1505 -20.11 -47.86 80.21
CA GLY F 1505 -19.01 -47.57 81.11
C GLY F 1505 -19.02 -46.15 81.60
N ALA F 1506 -18.62 -45.22 80.74
CA ALA F 1506 -18.43 -43.85 81.17
C ALA F 1506 -19.71 -43.25 81.77
N LEU F 1507 -20.87 -43.77 81.38
CA LEU F 1507 -22.15 -43.30 81.94
C LEU F 1507 -22.40 -43.85 83.35
N ALA F 1508 -22.11 -45.13 83.51
CA ALA F 1508 -22.26 -45.78 84.80
C ALA F 1508 -21.32 -45.19 85.85
N THR F 1509 -20.12 -44.79 85.44
CA THR F 1509 -19.14 -44.25 86.39
C THR F 1509 -19.68 -43.02 87.09
N TRP F 1510 -20.74 -42.41 86.56
CA TRP F 1510 -21.37 -41.27 87.20
C TRP F 1510 -22.77 -41.62 87.64
N GLY F 1511 -23.13 -42.88 87.44
CA GLY F 1511 -24.35 -43.41 88.00
C GLY F 1511 -25.52 -43.24 87.06
N LEU F 1512 -25.30 -43.59 85.81
CA LEU F 1512 -26.33 -43.36 84.81
C LEU F 1512 -26.39 -44.52 83.83
N THR F 1513 -27.58 -44.75 83.28
CA THR F 1513 -27.74 -45.70 82.17
C THR F 1513 -28.01 -44.96 80.89
N ILE F 1514 -28.20 -45.71 79.81
CA ILE F 1514 -28.44 -45.11 78.52
C ILE F 1514 -29.71 -44.27 78.57
N ASP F 1515 -30.57 -44.54 79.55
CA ASP F 1515 -31.85 -43.84 79.64
C ASP F 1515 -31.68 -42.37 80.02
N ASP F 1516 -30.48 -42.01 80.45
CA ASP F 1516 -30.23 -40.66 80.91
C ASP F 1516 -29.61 -39.78 79.82
N LEU F 1517 -29.28 -40.41 78.69
CA LEU F 1517 -28.75 -39.71 77.55
C LEU F 1517 -29.90 -38.99 76.89
N GLY F 1518 -30.02 -37.70 77.15
CA GLY F 1518 -31.21 -36.97 76.75
C GLY F 1518 -31.13 -36.38 75.37
N VAL F 1519 -30.06 -35.63 75.13
CA VAL F 1519 -29.89 -34.99 73.84
C VAL F 1519 -28.74 -35.62 73.08
N ALA F 1520 -29.01 -35.97 71.82
CA ALA F 1520 -27.99 -36.42 70.89
C ALA F 1520 -27.76 -35.34 69.84
N SER F 1521 -26.55 -34.82 69.81
CA SER F 1521 -26.22 -33.79 68.83
C SER F 1521 -25.66 -34.42 67.58
N PHE F 1522 -26.35 -34.18 66.47
CA PHE F 1522 -26.06 -34.86 65.22
C PHE F 1522 -25.19 -34.03 64.28
N HIS F 1523 -24.20 -34.68 63.69
CA HIS F 1523 -23.46 -34.12 62.59
C HIS F 1523 -24.46 -33.53 61.61
N GLY F 1524 -25.35 -34.39 61.11
CA GLY F 1524 -26.47 -33.99 60.27
C GLY F 1524 -26.13 -32.88 59.30
N THR F 1525 -25.57 -33.25 58.16
CA THR F 1525 -25.02 -32.29 57.23
C THR F 1525 -25.98 -31.86 56.13
N SER F 1526 -27.24 -32.22 56.24
CA SER F 1526 -28.23 -31.84 55.23
C SER F 1526 -28.01 -32.61 53.93
N THR F 1527 -27.14 -33.61 53.96
CA THR F 1527 -26.91 -34.45 52.79
C THR F 1527 -27.85 -35.63 52.84
N VAL F 1528 -27.87 -36.40 51.77
CA VAL F 1528 -28.86 -37.45 51.69
C VAL F 1528 -28.53 -38.60 52.63
N ALA F 1529 -27.33 -39.16 52.48
CA ALA F 1529 -26.97 -40.39 53.16
C ALA F 1529 -26.57 -40.21 54.62
N ASN F 1530 -25.80 -39.16 54.91
CA ASN F 1530 -25.30 -38.95 56.27
C ASN F 1530 -26.37 -38.93 57.36
N ASP F 1531 -27.53 -38.35 57.06
CA ASP F 1531 -28.56 -38.17 58.07
C ASP F 1531 -29.34 -39.46 58.30
N LYS F 1532 -29.53 -40.24 57.23
CA LYS F 1532 -30.16 -41.54 57.36
C LYS F 1532 -29.23 -42.48 58.11
N ASN F 1533 -27.93 -42.24 58.00
CA ASN F 1533 -26.95 -43.11 58.61
C ASN F 1533 -26.66 -42.73 60.04
N GLU F 1534 -26.44 -41.44 60.26
CA GLU F 1534 -26.22 -40.91 61.60
C GLU F 1534 -27.30 -41.37 62.56
N SER F 1535 -28.55 -41.11 62.18
CA SER F 1535 -29.68 -41.53 62.98
C SER F 1535 -29.54 -43.03 63.26
N ASP F 1536 -29.30 -43.79 62.21
CA ASP F 1536 -29.20 -45.23 62.31
C ASP F 1536 -28.19 -45.70 63.37
N VAL F 1537 -26.95 -45.22 63.27
CA VAL F 1537 -25.91 -45.63 64.21
C VAL F 1537 -26.36 -45.33 65.63
N ILE F 1538 -26.69 -44.07 65.91
CA ILE F 1538 -27.13 -43.68 67.24
C ILE F 1538 -28.35 -44.48 67.69
N CYS F 1539 -29.17 -44.90 66.74
CA CYS F 1539 -30.33 -45.70 67.05
C CYS F 1539 -29.92 -47.08 67.56
N GLN F 1540 -29.34 -47.87 66.67
CA GLN F 1540 -28.78 -49.19 67.02
C GLN F 1540 -28.05 -49.22 68.36
N GLN F 1541 -27.18 -48.25 68.56
CA GLN F 1541 -26.49 -48.07 69.82
C GLN F 1541 -27.50 -48.09 70.96
N LEU F 1542 -28.37 -47.09 70.99
CA LEU F 1542 -29.36 -46.97 72.05
C LEU F 1542 -30.13 -48.24 72.27
N LYS F 1543 -30.59 -48.86 71.19
CA LYS F 1543 -31.30 -50.12 71.30
C LYS F 1543 -30.47 -51.22 71.96
N HIS F 1544 -29.34 -51.56 71.37
CA HIS F 1544 -28.55 -52.70 71.81
C HIS F 1544 -27.89 -52.50 73.16
N LEU F 1545 -28.10 -51.34 73.78
CA LEU F 1545 -27.63 -51.16 75.15
C LEU F 1545 -28.77 -51.40 76.14
N GLY F 1546 -30.00 -51.36 75.64
CA GLY F 1546 -31.16 -51.67 76.46
C GLY F 1546 -32.09 -50.49 76.70
N ARG F 1547 -31.85 -49.40 75.99
CA ARG F 1547 -32.66 -48.19 76.10
C ARG F 1547 -34.12 -48.56 76.21
N THR F 1548 -34.76 -48.15 77.31
CA THR F 1548 -36.17 -48.41 77.52
C THR F 1548 -37.01 -47.90 76.37
N LYS F 1549 -37.78 -48.79 75.75
CA LYS F 1549 -38.54 -48.41 74.56
C LYS F 1549 -39.60 -47.35 74.84
N GLY F 1550 -39.60 -46.30 74.03
CA GLY F 1550 -40.50 -45.19 74.23
C GLY F 1550 -39.73 -43.97 74.71
N ASN F 1551 -38.52 -44.20 75.20
CA ASN F 1551 -37.68 -43.10 75.66
C ASN F 1551 -36.76 -42.57 74.58
N ALA F 1552 -37.20 -41.51 73.90
CA ALA F 1552 -36.45 -41.01 72.76
C ALA F 1552 -35.46 -39.94 73.15
N VAL F 1553 -34.52 -39.69 72.25
CA VAL F 1553 -33.53 -38.63 72.45
C VAL F 1553 -33.86 -37.43 71.58
N LEU F 1554 -33.81 -36.25 72.18
CA LEU F 1554 -33.98 -35.01 71.44
C LEU F 1554 -32.77 -34.86 70.53
N GLY F 1555 -33.01 -34.77 69.23
CA GLY F 1555 -31.94 -34.67 68.25
C GLY F 1555 -31.65 -33.27 67.78
N ILE F 1556 -30.40 -32.85 67.93
CA ILE F 1556 -29.98 -31.52 67.56
C ILE F 1556 -29.25 -31.54 66.22
N PHE F 1557 -29.54 -30.57 65.36
CA PHE F 1557 -28.81 -30.44 64.11
C PHE F 1557 -28.41 -28.99 63.91
N GLN F 1558 -27.31 -28.59 64.53
CA GLN F 1558 -26.88 -27.20 64.54
C GLN F 1558 -26.49 -26.69 63.16
N LYS F 1559 -26.47 -27.59 62.18
CA LYS F 1559 -25.99 -27.22 60.86
C LYS F 1559 -26.99 -26.31 60.13
N TYR F 1560 -28.25 -26.38 60.52
CA TYR F 1560 -29.25 -25.59 59.83
C TYR F 1560 -28.92 -24.12 59.95
N LEU F 1561 -28.36 -23.76 61.09
CA LEU F 1561 -28.17 -22.35 61.39
C LEU F 1561 -26.81 -21.89 60.90
N THR F 1562 -25.80 -22.73 61.08
CA THR F 1562 -24.43 -22.31 60.95
C THR F 1562 -23.76 -22.82 59.69
N GLY F 1563 -24.42 -23.72 58.99
CA GLY F 1563 -23.80 -24.36 57.85
C GLY F 1563 -22.75 -25.34 58.36
N HIS F 1564 -21.83 -25.72 57.50
CA HIS F 1564 -20.87 -26.78 57.81
C HIS F 1564 -19.44 -26.32 57.63
N PRO F 1565 -18.78 -25.95 58.74
CA PRO F 1565 -17.37 -25.53 58.72
C PRO F 1565 -16.51 -26.74 58.46
N LYS F 1566 -16.32 -27.06 57.19
CA LYS F 1566 -15.52 -28.21 56.78
C LYS F 1566 -14.96 -29.00 57.97
N GLY F 1567 -14.03 -28.40 58.72
CA GLY F 1567 -13.29 -29.13 59.76
C GLY F 1567 -13.60 -28.83 61.21
N ALA F 1568 -13.98 -27.60 61.51
CA ALA F 1568 -14.33 -27.24 62.87
C ALA F 1568 -15.79 -27.53 63.17
N ALA F 1569 -16.29 -28.66 62.71
CA ALA F 1569 -17.70 -28.99 62.89
C ALA F 1569 -18.00 -29.28 64.36
N GLY F 1570 -17.45 -30.37 64.86
CA GLY F 1570 -17.73 -30.81 66.21
C GLY F 1570 -17.50 -29.74 67.26
N ALA F 1571 -16.54 -28.87 67.02
CA ALA F 1571 -16.21 -27.87 68.01
C ALA F 1571 -17.46 -27.04 68.31
N TRP F 1572 -18.22 -26.72 67.28
CA TRP F 1572 -19.42 -25.91 67.46
C TRP F 1572 -20.50 -26.72 68.13
N MET F 1573 -20.61 -27.97 67.74
CA MET F 1573 -21.65 -28.85 68.26
C MET F 1573 -21.45 -29.15 69.74
N LEU F 1574 -20.19 -29.30 70.14
CA LEU F 1574 -19.86 -29.53 71.53
C LEU F 1574 -20.27 -28.33 72.39
N ASN F 1575 -20.07 -27.14 71.85
CA ASN F 1575 -20.47 -25.93 72.52
C ASN F 1575 -21.98 -25.89 72.62
N GLY F 1576 -22.65 -26.37 71.58
CA GLY F 1576 -24.10 -26.42 71.58
C GLY F 1576 -24.59 -27.18 72.78
N CYS F 1577 -24.03 -28.37 72.98
CA CYS F 1577 -24.43 -29.23 74.09
C CYS F 1577 -24.08 -28.62 75.42
N LEU F 1578 -22.81 -28.26 75.60
CA LEU F 1578 -22.38 -27.63 76.85
C LEU F 1578 -23.28 -26.46 77.24
N GLN F 1579 -23.92 -25.84 76.22
CA GLN F 1579 -24.86 -24.75 76.44
C GLN F 1579 -26.21 -25.28 76.85
N VAL F 1580 -26.66 -26.34 76.18
CA VAL F 1580 -27.90 -26.99 76.56
C VAL F 1580 -27.83 -27.53 77.98
N LEU F 1581 -26.72 -28.18 78.31
CA LEU F 1581 -26.48 -28.70 79.65
C LEU F 1581 -26.71 -27.64 80.71
N ASN F 1582 -26.25 -26.43 80.43
CA ASN F 1582 -26.33 -25.36 81.41
C ASN F 1582 -27.56 -24.47 81.26
N THR F 1583 -28.57 -24.95 80.53
CA THR F 1583 -29.84 -24.20 80.41
C THR F 1583 -31.05 -25.11 80.34
N GLY F 1584 -30.87 -26.33 79.87
CA GLY F 1584 -31.96 -27.27 79.72
C GLY F 1584 -32.81 -26.96 78.50
N ILE F 1585 -32.37 -25.97 77.74
CA ILE F 1585 -33.07 -25.59 76.53
C ILE F 1585 -32.53 -26.37 75.36
N VAL F 1586 -33.33 -27.28 74.83
CA VAL F 1586 -32.91 -28.03 73.66
C VAL F 1586 -33.48 -27.32 72.46
N PRO F 1587 -32.59 -26.72 71.65
CA PRO F 1587 -32.96 -25.84 70.55
C PRO F 1587 -33.50 -26.62 69.39
N GLY F 1588 -34.65 -26.22 68.89
CA GLY F 1588 -35.25 -26.90 67.77
C GLY F 1588 -34.47 -26.66 66.50
N ASN F 1589 -34.99 -27.19 65.40
CA ASN F 1589 -34.36 -27.10 64.10
C ASN F 1589 -35.34 -26.46 63.13
N ARG F 1590 -35.21 -25.16 62.90
CA ARG F 1590 -36.24 -24.40 62.17
C ARG F 1590 -36.42 -24.80 60.71
N ASN F 1591 -35.34 -25.25 60.10
CA ASN F 1591 -35.39 -25.69 58.72
C ASN F 1591 -35.83 -27.14 58.58
N ALA F 1592 -36.35 -27.71 59.66
CA ALA F 1592 -36.86 -29.08 59.61
C ALA F 1592 -38.21 -29.08 58.93
N ASP F 1593 -38.26 -28.39 57.80
CA ASP F 1593 -39.39 -28.39 56.87
C ASP F 1593 -40.40 -29.45 57.23
N ASN F 1594 -40.07 -30.68 56.84
CA ASN F 1594 -40.94 -31.82 57.02
C ASN F 1594 -40.09 -33.08 56.94
N VAL F 1595 -39.87 -33.70 58.09
CA VAL F 1595 -38.87 -34.76 58.21
C VAL F 1595 -39.17 -35.98 57.37
N ASP F 1596 -38.13 -36.46 56.68
CA ASP F 1596 -38.21 -37.62 55.78
C ASP F 1596 -38.87 -38.84 56.42
N LYS F 1597 -39.83 -39.43 55.71
CA LYS F 1597 -40.53 -40.62 56.17
C LYS F 1597 -39.60 -41.74 56.57
N VAL F 1598 -38.39 -41.74 56.02
CA VAL F 1598 -37.42 -42.76 56.35
C VAL F 1598 -37.02 -42.71 57.83
N MET F 1599 -37.09 -41.52 58.40
CA MET F 1599 -36.67 -41.29 59.78
C MET F 1599 -37.65 -41.83 60.81
N GLU F 1600 -38.83 -42.26 60.36
CA GLU F 1600 -39.81 -42.80 61.27
C GLU F 1600 -39.35 -44.12 61.89
N GLN F 1601 -38.63 -44.93 61.11
CA GLN F 1601 -38.09 -46.21 61.59
C GLN F 1601 -37.32 -46.09 62.88
N PHE F 1602 -36.87 -44.87 63.18
CA PHE F 1602 -35.93 -44.63 64.26
C PHE F 1602 -36.68 -44.23 65.54
N ASP F 1603 -37.19 -45.24 66.25
CA ASP F 1603 -37.99 -45.06 67.45
C ASP F 1603 -37.34 -44.08 68.39
N TYR F 1604 -36.05 -44.33 68.65
CA TYR F 1604 -35.36 -43.72 69.78
C TYR F 1604 -34.95 -42.27 69.56
N ILE F 1605 -35.18 -41.76 68.36
CA ILE F 1605 -34.82 -40.40 68.03
C ILE F 1605 -36.06 -39.58 67.75
N VAL F 1606 -36.08 -38.34 68.23
CA VAL F 1606 -37.18 -37.46 67.90
C VAL F 1606 -36.63 -36.10 67.47
N TYR F 1607 -37.24 -35.52 66.44
CA TYR F 1607 -36.67 -34.36 65.77
C TYR F 1607 -37.46 -33.09 66.01
N PRO F 1608 -36.98 -32.25 66.94
CA PRO F 1608 -37.63 -31.01 67.39
C PRO F 1608 -37.48 -29.92 66.36
N SER F 1609 -38.59 -29.24 66.07
CA SER F 1609 -38.60 -28.15 65.10
C SER F 1609 -38.92 -26.83 65.76
N ARG F 1610 -38.80 -26.81 67.08
CA ARG F 1610 -38.90 -25.58 67.87
C ARG F 1610 -38.33 -25.86 69.25
N SER F 1611 -37.74 -24.84 69.87
CA SER F 1611 -37.01 -25.03 71.11
C SER F 1611 -37.87 -25.54 72.27
N ILE F 1612 -37.34 -26.52 72.98
CA ILE F 1612 -38.02 -27.07 74.14
C ILE F 1612 -37.24 -26.78 75.43
N LYS F 1613 -37.90 -26.09 76.35
CA LYS F 1613 -37.33 -25.83 77.68
C LYS F 1613 -37.71 -26.97 78.61
N THR F 1614 -36.69 -27.69 79.07
CA THR F 1614 -36.92 -28.88 79.86
C THR F 1614 -36.50 -28.64 81.30
N ASP F 1615 -36.68 -29.64 82.14
CA ASP F 1615 -36.27 -29.55 83.54
C ASP F 1615 -34.75 -29.58 83.70
N GLY F 1616 -34.07 -30.12 82.69
CA GLY F 1616 -32.62 -30.15 82.65
C GLY F 1616 -32.15 -31.38 81.90
N ILE F 1617 -30.89 -31.39 81.49
CA ILE F 1617 -30.34 -32.57 80.83
C ILE F 1617 -29.16 -33.16 81.58
N LYS F 1618 -29.05 -34.48 81.54
CA LYS F 1618 -28.03 -35.17 82.32
C LYS F 1618 -26.80 -35.43 81.48
N ALA F 1619 -27.00 -36.13 80.36
CA ALA F 1619 -25.90 -36.46 79.48
C ALA F 1619 -26.29 -36.29 78.02
N PHE F 1620 -25.28 -36.05 77.19
CA PHE F 1620 -25.51 -35.86 75.77
C PHE F 1620 -24.47 -36.58 74.94
N SER F 1621 -24.83 -36.82 73.68
CA SER F 1621 -23.94 -37.46 72.73
C SER F 1621 -23.72 -36.62 71.47
N VAL F 1622 -22.54 -36.02 71.38
CA VAL F 1622 -22.16 -35.33 70.16
C VAL F 1622 -21.34 -36.27 69.32
N THR F 1623 -21.93 -36.71 68.23
CA THR F 1623 -21.25 -37.60 67.31
C THR F 1623 -21.07 -36.88 65.98
N SER F 1624 -20.07 -37.28 65.21
CA SER F 1624 -19.86 -36.73 63.88
C SER F 1624 -19.03 -37.63 62.98
N PHE F 1625 -19.09 -37.38 61.68
CA PHE F 1625 -18.41 -38.20 60.69
C PHE F 1625 -17.59 -37.32 59.75
N GLY F 1626 -16.78 -37.93 58.92
CA GLY F 1626 -15.91 -37.18 58.01
C GLY F 1626 -15.46 -38.01 56.83
N PHE F 1627 -14.65 -37.39 55.97
CA PHE F 1627 -14.13 -38.09 54.81
C PHE F 1627 -13.10 -39.11 55.24
N GLY F 1628 -12.97 -40.18 54.46
CA GLY F 1628 -11.96 -41.19 54.75
C GLY F 1628 -12.32 -42.00 55.96
N GLN F 1629 -13.57 -42.43 56.00
CA GLN F 1629 -14.10 -43.30 57.07
C GLN F 1629 -13.71 -42.87 58.48
N LYS F 1630 -13.73 -41.56 58.71
CA LYS F 1630 -13.44 -40.95 59.98
C LYS F 1630 -14.74 -40.79 60.78
N GLY F 1631 -14.91 -41.56 61.84
CA GLY F 1631 -16.12 -41.44 62.65
C GLY F 1631 -15.77 -41.27 64.11
N ALA F 1632 -16.29 -40.23 64.74
CA ALA F 1632 -15.94 -39.96 66.12
C ALA F 1632 -17.16 -39.53 66.94
N GLN F 1633 -17.26 -40.05 68.17
CA GLN F 1633 -18.40 -39.77 69.04
C GLN F 1633 -17.90 -39.37 70.42
N ALA F 1634 -18.55 -38.39 71.04
CA ALA F 1634 -18.19 -37.98 72.40
C ALA F 1634 -19.43 -37.92 73.28
N ILE F 1635 -19.29 -38.27 74.56
CA ILE F 1635 -20.40 -38.19 75.50
C ILE F 1635 -20.08 -37.21 76.63
N GLY F 1636 -21.03 -36.32 76.91
CA GLY F 1636 -20.82 -35.32 77.94
C GLY F 1636 -21.82 -35.48 79.08
N VAL F 1637 -21.38 -35.19 80.29
CA VAL F 1637 -22.22 -35.35 81.46
C VAL F 1637 -22.26 -34.10 82.34
N HIS F 1638 -23.46 -33.73 82.78
CA HIS F 1638 -23.69 -32.49 83.52
C HIS F 1638 -22.74 -32.35 84.71
N PRO F 1639 -22.23 -31.13 84.94
CA PRO F 1639 -21.32 -30.75 86.04
C PRO F 1639 -21.77 -31.25 87.41
N LYS F 1640 -23.06 -31.18 87.71
CA LYS F 1640 -23.55 -31.61 89.01
C LYS F 1640 -22.90 -32.94 89.43
N TYR F 1641 -22.93 -33.93 88.53
CA TYR F 1641 -22.44 -35.27 88.84
C TYR F 1641 -20.98 -35.31 89.28
N LEU F 1642 -20.16 -34.36 88.83
CA LEU F 1642 -18.80 -34.29 89.32
C LEU F 1642 -18.82 -33.82 90.74
N PHE F 1643 -19.57 -32.75 90.99
CA PHE F 1643 -19.66 -32.15 92.31
C PHE F 1643 -20.17 -33.12 93.36
N ALA F 1644 -20.90 -34.14 92.91
CA ALA F 1644 -21.42 -35.16 93.81
C ALA F 1644 -20.36 -36.16 94.21
N THR F 1645 -19.09 -35.80 94.01
CA THR F 1645 -17.97 -36.64 94.44
C THR F 1645 -17.40 -36.08 95.72
N LEU F 1646 -17.74 -34.83 96.00
CA LEU F 1646 -17.12 -34.09 97.07
C LEU F 1646 -17.93 -34.06 98.37
N ASP F 1647 -17.58 -33.11 99.23
CA ASP F 1647 -18.35 -32.80 100.42
C ASP F 1647 -18.89 -31.40 100.22
N LYS F 1648 -20.04 -31.10 100.81
CA LYS F 1648 -20.53 -29.74 100.85
C LYS F 1648 -19.37 -28.87 101.32
N ALA F 1649 -18.48 -29.50 102.07
CA ALA F 1649 -17.26 -28.86 102.52
C ALA F 1649 -16.54 -28.28 101.34
N GLN F 1650 -16.03 -29.18 100.48
CA GLN F 1650 -15.21 -28.81 99.34
C GLN F 1650 -15.97 -27.99 98.32
N TYR F 1651 -17.09 -28.55 97.85
CA TYR F 1651 -17.90 -27.90 96.84
C TYR F 1651 -18.15 -26.42 97.16
N GLU F 1652 -18.51 -26.14 98.41
CA GLU F 1652 -18.89 -24.79 98.80
C GLU F 1652 -17.68 -23.90 98.99
N ALA F 1653 -16.50 -24.51 99.03
CA ALA F 1653 -15.26 -23.76 99.12
C ALA F 1653 -14.77 -23.41 97.72
N TYR F 1654 -15.06 -24.31 96.79
CA TYR F 1654 -14.79 -24.08 95.38
C TYR F 1654 -15.77 -23.03 94.85
N CYS F 1655 -17.02 -23.11 95.29
CA CYS F 1655 -18.05 -22.20 94.81
C CYS F 1655 -17.71 -20.74 95.08
N VAL F 1656 -16.82 -20.51 96.04
CA VAL F 1656 -16.42 -19.15 96.38
C VAL F 1656 -15.30 -18.67 95.50
N LYS F 1657 -14.38 -19.58 95.15
CA LYS F 1657 -13.29 -19.27 94.25
C LYS F 1657 -13.84 -18.87 92.89
N VAL F 1658 -14.78 -19.68 92.42
CA VAL F 1658 -15.41 -19.50 91.12
C VAL F 1658 -15.92 -18.08 90.94
N GLN F 1659 -16.76 -17.63 91.87
CA GLN F 1659 -17.40 -16.33 91.77
C GLN F 1659 -16.45 -15.15 91.91
N ALA F 1660 -15.27 -15.40 92.46
CA ALA F 1660 -14.22 -14.38 92.51
C ALA F 1660 -13.65 -14.23 91.10
N ARG F 1661 -13.40 -15.35 90.46
CA ARG F 1661 -12.94 -15.36 89.08
C ARG F 1661 -13.91 -14.65 88.15
N GLN F 1662 -15.17 -15.04 88.21
CA GLN F 1662 -16.21 -14.45 87.38
C GLN F 1662 -16.22 -12.94 87.48
N LYS F 1663 -15.66 -12.40 88.55
CA LYS F 1663 -15.64 -10.95 88.71
C LYS F 1663 -14.38 -10.33 88.12
N LYS F 1664 -13.28 -11.08 88.10
CA LYS F 1664 -12.08 -10.63 87.39
C LYS F 1664 -12.36 -10.75 85.91
N ALA F 1665 -12.96 -11.87 85.52
CA ALA F 1665 -13.35 -12.11 84.15
C ALA F 1665 -14.30 -11.03 83.66
N TYR F 1666 -15.30 -10.72 84.46
CA TYR F 1666 -16.25 -9.70 84.08
C TYR F 1666 -15.54 -8.39 83.86
N ARG F 1667 -14.63 -8.05 84.77
CA ARG F 1667 -13.93 -6.78 84.65
C ARG F 1667 -13.16 -6.75 83.36
N PHE F 1668 -12.47 -7.84 83.09
CA PHE F 1668 -11.60 -7.92 81.94
C PHE F 1668 -12.35 -7.73 80.65
N PHE F 1669 -13.38 -8.54 80.46
CA PHE F 1669 -14.20 -8.50 79.26
C PHE F 1669 -14.69 -7.10 78.93
N HIS F 1670 -15.23 -6.39 79.92
CA HIS F 1670 -15.75 -5.06 79.65
C HIS F 1670 -14.65 -4.04 79.40
N ASN F 1671 -13.57 -4.16 80.16
CA ASN F 1671 -12.41 -3.35 79.87
C ASN F 1671 -11.90 -3.60 78.45
N GLY F 1672 -11.93 -4.86 78.03
CA GLY F 1672 -11.42 -5.26 76.74
C GLY F 1672 -12.30 -4.87 75.58
N LEU F 1673 -13.61 -5.02 75.72
CA LEU F 1673 -14.57 -4.63 74.68
C LEU F 1673 -14.40 -3.18 74.33
N ILE F 1674 -14.23 -2.36 75.35
CA ILE F 1674 -14.14 -0.93 75.16
C ILE F 1674 -12.80 -0.55 74.56
N ASN F 1675 -11.72 -1.13 75.09
CA ASN F 1675 -10.36 -0.72 74.72
C ASN F 1675 -9.68 -1.61 73.68
N ASN F 1676 -10.40 -2.62 73.21
CA ASN F 1676 -9.89 -3.50 72.17
C ASN F 1676 -8.72 -4.37 72.62
N LYS F 1677 -8.86 -4.99 73.79
CA LYS F 1677 -7.80 -5.84 74.31
C LYS F 1677 -8.33 -7.11 74.93
N LEU F 1678 -9.19 -7.82 74.22
CA LEU F 1678 -9.58 -9.15 74.65
C LEU F 1678 -8.43 -10.07 74.37
N PHE F 1679 -7.51 -9.60 73.52
CA PHE F 1679 -6.31 -10.36 73.15
C PHE F 1679 -5.09 -9.58 73.55
N VAL F 1680 -4.31 -10.14 74.46
CA VAL F 1680 -3.04 -9.55 74.80
C VAL F 1680 -1.90 -10.45 74.37
N ALA F 1681 -1.11 -9.98 73.42
CA ALA F 1681 0.01 -10.75 72.93
C ALA F 1681 1.12 -10.71 73.95
N LYS F 1682 1.65 -11.87 74.31
CA LYS F 1682 2.79 -11.94 75.22
C LYS F 1682 4.07 -11.65 74.47
N ASP F 1683 4.89 -10.78 75.04
CA ASP F 1683 6.17 -10.46 74.42
C ASP F 1683 7.28 -11.34 74.96
N LYS F 1684 7.70 -11.11 76.20
CA LYS F 1684 8.70 -11.98 76.83
C LYS F 1684 8.06 -13.22 77.47
N ALA F 1685 8.80 -14.33 77.53
CA ALA F 1685 8.33 -15.51 78.22
C ALA F 1685 8.43 -15.27 79.71
N PRO F 1686 7.91 -16.21 80.52
CA PRO F 1686 7.88 -16.01 81.98
C PRO F 1686 9.26 -15.94 82.61
N TYR F 1687 10.18 -16.79 82.15
CA TYR F 1687 11.50 -16.88 82.74
C TYR F 1687 12.52 -16.05 81.98
N GLU F 1688 13.41 -15.38 82.70
CA GLU F 1688 14.53 -14.70 82.05
C GLU F 1688 15.31 -15.78 81.34
N ASP F 1689 16.08 -15.42 80.33
CA ASP F 1689 16.72 -16.42 79.49
C ASP F 1689 17.71 -17.29 80.28
N ARG F 1690 18.49 -16.65 81.15
CA ARG F 1690 19.51 -17.36 81.92
C ARG F 1690 18.97 -18.54 82.70
N ILE F 1691 17.70 -18.48 83.10
CA ILE F 1691 17.11 -19.50 83.97
C ILE F 1691 16.55 -20.68 83.19
N GLN F 1692 16.30 -20.45 81.90
CA GLN F 1692 15.50 -21.38 81.14
C GLN F 1692 15.76 -22.86 81.42
N SER F 1693 17.01 -23.29 81.25
CA SER F 1693 17.33 -24.70 81.38
C SER F 1693 16.88 -25.24 82.73
N LYS F 1694 17.04 -24.42 83.76
CA LYS F 1694 16.69 -24.81 85.13
C LYS F 1694 15.18 -24.98 85.30
N VAL F 1695 14.42 -23.97 84.83
CA VAL F 1695 12.97 -24.02 84.90
C VAL F 1695 12.42 -25.24 84.15
N PHE F 1696 13.04 -25.53 83.01
CA PHE F 1696 12.63 -26.65 82.19
C PHE F 1696 12.83 -27.99 82.88
N LEU F 1697 13.69 -28.01 83.88
CA LEU F 1697 14.13 -29.26 84.47
C LEU F 1697 13.66 -29.46 85.91
N ASN F 1698 13.33 -28.35 86.58
CA ASN F 1698 12.76 -28.39 87.92
C ASN F 1698 11.23 -28.55 87.85
N PRO F 1699 10.75 -29.79 88.00
CA PRO F 1699 9.35 -30.13 87.75
C PRO F 1699 8.40 -29.49 88.75
N GLN F 1700 8.90 -28.55 89.52
CA GLN F 1700 8.08 -27.91 90.53
C GLN F 1700 8.21 -26.40 90.43
N SER F 1701 9.14 -25.96 89.60
CA SER F 1701 9.33 -24.54 89.42
C SER F 1701 8.03 -23.97 88.95
N ARG F 1702 7.54 -22.96 89.64
CA ARG F 1702 6.29 -22.33 89.25
C ARG F 1702 6.35 -20.80 89.39
N VAL F 1703 5.55 -20.12 88.58
CA VAL F 1703 5.55 -18.67 88.52
C VAL F 1703 4.94 -18.02 89.78
N THR F 1704 5.59 -16.98 90.27
CA THR F 1704 5.08 -16.19 91.39
C THR F 1704 4.60 -14.83 90.90
N GLN F 1705 3.61 -14.29 91.59
CA GLN F 1705 3.17 -12.93 91.34
C GLN F 1705 4.35 -12.00 91.55
N GLU F 1706 4.44 -10.93 90.78
CA GLU F 1706 5.53 -9.97 91.00
C GLU F 1706 5.04 -8.58 91.35
N SER F 1707 5.99 -7.66 91.48
CA SER F 1707 5.71 -6.32 92.01
C SER F 1707 4.83 -5.47 91.09
N ASN F 1708 4.95 -5.71 89.78
CA ASN F 1708 4.21 -4.98 88.77
C ASN F 1708 3.00 -5.76 88.24
N GLY F 1709 2.82 -6.98 88.74
CA GLY F 1709 1.69 -7.81 88.36
C GLY F 1709 2.05 -8.92 87.38
N GLU F 1710 3.24 -8.84 86.81
CA GLU F 1710 3.68 -9.82 85.82
C GLU F 1710 4.11 -11.14 86.45
N LEU F 1711 3.43 -12.22 86.09
CA LEU F 1711 3.81 -13.53 86.58
C LEU F 1711 5.11 -13.95 85.94
N LYS F 1712 6.13 -14.19 86.76
CA LYS F 1712 7.43 -14.62 86.27
C LYS F 1712 7.91 -15.81 87.08
N PHE F 1713 8.95 -16.49 86.60
CA PHE F 1713 9.61 -17.55 87.36
C PHE F 1713 10.79 -16.93 88.12
N PRO F 1714 10.82 -17.08 89.46
CA PRO F 1714 11.82 -16.36 90.25
C PRO F 1714 13.24 -16.68 89.83
N ALA F 1715 14.16 -15.76 90.07
CA ALA F 1715 15.57 -15.97 89.74
C ALA F 1715 16.15 -17.15 90.54
N GLN G 1 -30.11 -117.31 -63.29
CA GLN G 1 -29.00 -117.46 -64.25
C GLN G 1 -28.21 -116.17 -64.48
N SER G 2 -28.91 -115.08 -64.77
CA SER G 2 -28.26 -113.83 -65.18
C SER G 2 -29.03 -112.58 -64.71
N LEU G 3 -28.77 -112.16 -63.47
CA LEU G 3 -29.39 -110.96 -62.90
C LEU G 3 -28.37 -110.14 -62.08
N ARG G 4 -28.25 -108.86 -62.39
CA ARG G 4 -27.28 -108.01 -61.72
C ARG G 4 -27.80 -106.59 -61.43
N PRO G 5 -28.04 -106.30 -60.14
CA PRO G 5 -28.51 -105.01 -59.61
C PRO G 5 -27.59 -103.81 -59.90
N LEU G 6 -28.02 -102.92 -60.80
CA LEU G 6 -27.32 -101.66 -61.10
C LEU G 6 -28.11 -100.44 -60.62
N VAL G 7 -27.49 -99.64 -59.74
CA VAL G 7 -28.17 -98.47 -59.19
C VAL G 7 -27.64 -97.14 -59.75
N LEU G 8 -28.54 -96.30 -60.24
CA LEU G 8 -28.19 -94.93 -60.60
C LEU G 8 -28.50 -93.98 -59.44
N THR G 9 -27.45 -93.66 -58.68
CA THR G 9 -27.57 -92.92 -57.45
C THR G 9 -27.13 -91.46 -57.59
N HIS G 10 -27.85 -90.55 -56.96
CA HIS G 10 -27.54 -89.12 -57.03
C HIS G 10 -28.39 -88.29 -56.06
N GLY G 11 -27.73 -87.44 -55.27
CA GLY G 11 -28.41 -86.55 -54.33
C GLY G 11 -29.55 -87.19 -53.55
N SER G 12 -30.76 -87.07 -54.06
CA SER G 12 -31.95 -87.61 -53.41
C SER G 12 -32.84 -88.44 -54.35
N LEU G 13 -32.31 -88.76 -55.53
CA LEU G 13 -33.04 -89.57 -56.51
C LEU G 13 -32.21 -90.76 -57.01
N GLU G 14 -32.82 -91.93 -57.04
CA GLU G 14 -32.15 -93.15 -57.48
C GLU G 14 -33.00 -93.92 -58.49
N PHE G 15 -32.33 -94.72 -59.32
CA PHE G 15 -33.02 -95.66 -60.19
C PHE G 15 -32.35 -97.04 -60.20
N SER G 16 -33.14 -98.08 -59.95
CA SER G 16 -32.62 -99.43 -59.93
C SER G 16 -32.75 -100.11 -61.28
N PHE G 17 -31.85 -101.07 -61.53
CA PHE G 17 -31.68 -101.64 -62.87
C PHE G 17 -31.44 -103.15 -62.81
N LEU G 18 -31.90 -103.86 -63.84
CA LEU G 18 -31.55 -105.27 -63.99
C LEU G 18 -30.70 -105.55 -65.22
N VAL G 19 -29.56 -106.19 -64.98
CA VAL G 19 -28.51 -106.33 -65.97
C VAL G 19 -28.13 -107.81 -66.12
N PRO G 20 -27.76 -108.23 -67.34
CA PRO G 20 -27.16 -109.57 -67.45
C PRO G 20 -25.87 -109.65 -66.64
N THR G 21 -25.64 -110.81 -66.03
CA THR G 21 -24.42 -111.07 -65.26
C THR G 21 -23.18 -110.73 -66.08
N SER G 22 -23.18 -111.17 -67.34
CA SER G 22 -22.10 -110.90 -68.29
C SER G 22 -21.83 -109.42 -68.47
N LEU G 23 -22.84 -108.69 -68.94
CA LEU G 23 -22.70 -107.27 -69.27
C LEU G 23 -22.93 -106.36 -68.07
N HIS G 24 -22.27 -106.65 -66.96
CA HIS G 24 -22.50 -105.86 -65.76
C HIS G 24 -21.38 -104.86 -65.45
N PHE G 25 -20.19 -105.07 -66.00
CA PHE G 25 -19.14 -104.09 -65.78
C PHE G 25 -19.05 -103.06 -66.91
N GLN G 26 -19.60 -103.39 -68.07
CA GLN G 26 -19.75 -102.38 -69.12
C GLN G 26 -20.77 -101.35 -68.63
N ALA G 27 -21.82 -101.86 -68.01
CA ALA G 27 -22.89 -101.03 -67.46
C ALA G 27 -22.46 -100.35 -66.15
N ALA G 28 -21.52 -100.97 -65.44
CA ALA G 28 -20.92 -100.34 -64.27
C ALA G 28 -20.05 -99.16 -64.68
N GLN G 29 -19.27 -99.35 -65.75
CA GLN G 29 -18.37 -98.30 -66.26
C GLN G 29 -19.08 -97.04 -66.73
N LEU G 30 -20.14 -97.21 -67.53
CA LEU G 30 -20.91 -96.11 -68.08
C LEU G 30 -21.59 -95.34 -66.94
N LYS G 31 -22.05 -96.09 -65.95
CA LYS G 31 -22.63 -95.49 -64.75
C LYS G 31 -21.59 -94.70 -63.96
N ASP G 32 -20.38 -95.26 -63.84
CA ASP G 32 -19.32 -94.69 -63.01
C ASP G 32 -18.83 -93.33 -63.51
N SER G 33 -18.36 -93.30 -64.75
CA SER G 33 -17.87 -92.06 -65.33
C SER G 33 -19.02 -91.07 -65.57
N PHE G 34 -20.25 -91.56 -65.49
CA PHE G 34 -21.44 -90.73 -65.69
C PHE G 34 -21.85 -89.98 -64.43
N LEU G 35 -21.50 -90.54 -63.27
CA LEU G 35 -21.82 -89.92 -61.99
C LEU G 35 -20.71 -88.92 -61.61
N ALA G 36 -19.80 -88.70 -62.55
CA ALA G 36 -18.78 -87.67 -62.43
C ALA G 36 -19.11 -86.52 -63.40
N THR G 37 -19.86 -86.86 -64.46
CA THR G 37 -20.34 -85.88 -65.43
C THR G 37 -21.29 -84.90 -64.76
N LEU G 38 -21.98 -85.38 -63.72
CA LEU G 38 -22.89 -84.55 -62.96
C LEU G 38 -22.13 -83.72 -61.92
N PRO G 39 -22.64 -82.52 -61.59
CA PRO G 39 -21.98 -81.69 -60.58
C PRO G 39 -22.35 -82.17 -59.19
N GLN G 40 -21.53 -81.82 -58.20
CA GLN G 40 -21.77 -82.18 -56.80
C GLN G 40 -23.28 -82.10 -56.49
N PRO G 41 -23.81 -83.18 -55.90
CA PRO G 41 -25.27 -83.30 -55.62
C PRO G 41 -25.80 -82.16 -54.77
N THR G 42 -27.09 -81.87 -54.94
CA THR G 42 -27.74 -80.81 -54.18
C THR G 42 -28.95 -81.34 -53.43
N GLU G 43 -28.87 -81.26 -52.10
CA GLU G 43 -29.93 -81.75 -51.23
C GLU G 43 -31.10 -80.76 -51.22
N GLU G 44 -30.93 -79.68 -51.97
CA GLU G 44 -31.99 -78.70 -52.19
C GLU G 44 -32.86 -79.14 -53.35
N LEU G 45 -32.56 -80.34 -53.83
CA LEU G 45 -33.42 -81.09 -54.76
C LEU G 45 -33.38 -80.65 -56.24
N ALA G 46 -32.47 -79.75 -56.59
CA ALA G 46 -32.32 -79.34 -57.99
C ALA G 46 -31.10 -78.47 -58.21
N GLN G 47 -30.55 -78.55 -59.43
CA GLN G 47 -29.51 -77.65 -59.89
C GLN G 47 -29.90 -77.11 -61.26
N ASP G 48 -29.38 -75.94 -61.63
CA ASP G 48 -29.68 -75.38 -62.95
C ASP G 48 -29.02 -76.21 -64.06
N ASP G 49 -29.85 -76.79 -64.93
CA ASP G 49 -29.41 -77.63 -66.05
C ASP G 49 -28.67 -78.91 -65.66
N GLU G 50 -28.96 -79.40 -64.45
CA GLU G 50 -28.51 -80.72 -63.97
C GLU G 50 -29.77 -81.53 -63.63
N PRO G 51 -29.64 -82.72 -63.00
CA PRO G 51 -30.86 -83.52 -62.81
C PRO G 51 -31.97 -82.80 -62.04
N SER G 52 -33.24 -83.04 -62.43
CA SER G 52 -34.40 -82.44 -61.77
C SER G 52 -35.40 -83.50 -61.32
N SER G 53 -35.40 -84.64 -61.98
CA SER G 53 -36.28 -85.76 -61.64
C SER G 53 -35.50 -87.07 -61.79
N VAL G 54 -36.14 -88.20 -61.51
CA VAL G 54 -35.55 -89.51 -61.80
C VAL G 54 -35.64 -89.81 -63.30
N VAL G 55 -36.59 -89.15 -63.97
CA VAL G 55 -36.77 -89.28 -65.43
C VAL G 55 -35.59 -88.66 -66.18
N GLU G 56 -34.85 -87.82 -65.48
CA GLU G 56 -33.70 -87.12 -66.07
C GLU G 56 -32.38 -87.87 -65.81
N LEU G 57 -32.34 -88.67 -64.75
CA LEU G 57 -31.14 -89.47 -64.44
C LEU G 57 -30.95 -90.55 -65.49
N VAL G 58 -32.05 -91.16 -65.90
CA VAL G 58 -32.01 -92.18 -66.94
C VAL G 58 -31.84 -91.56 -68.33
N ALA G 59 -32.55 -90.47 -68.60
CA ALA G 59 -32.44 -89.76 -69.87
C ALA G 59 -31.01 -89.28 -70.10
N ARG G 60 -30.39 -88.71 -69.07
CA ARG G 60 -29.01 -88.24 -69.14
C ARG G 60 -28.03 -89.39 -69.38
N TYR G 61 -28.38 -90.56 -68.85
CA TYR G 61 -27.55 -91.75 -68.98
C TYR G 61 -27.72 -92.38 -70.36
N ILE G 62 -28.93 -92.33 -70.92
CA ILE G 62 -29.21 -92.90 -72.23
C ILE G 62 -28.42 -92.20 -73.33
N ALA G 63 -28.27 -90.89 -73.21
CA ALA G 63 -27.53 -90.11 -74.19
C ALA G 63 -26.04 -90.18 -73.90
N PHE G 64 -25.69 -90.42 -72.64
CA PHE G 64 -24.30 -90.57 -72.25
C PHE G 64 -23.72 -91.82 -72.90
N VAL G 65 -24.43 -92.93 -72.77
CA VAL G 65 -24.01 -94.21 -73.34
C VAL G 65 -24.08 -94.21 -74.86
N ALA G 66 -25.21 -93.72 -75.40
CA ALA G 66 -25.43 -93.69 -76.84
C ALA G 66 -24.40 -92.82 -77.56
N HIS G 67 -23.80 -91.90 -76.81
CA HIS G 67 -22.73 -91.06 -77.32
C HIS G 67 -21.41 -91.82 -77.40
N GLU G 68 -21.17 -92.72 -76.43
CA GLU G 68 -19.95 -93.53 -76.40
C GLU G 68 -20.02 -94.74 -77.35
N VAL G 69 -21.19 -94.96 -77.93
CA VAL G 69 -21.36 -95.96 -78.98
C VAL G 69 -20.84 -95.39 -80.30
N ASP G 70 -21.31 -94.19 -80.63
CA ASP G 70 -20.90 -93.50 -81.85
C ASP G 70 -19.52 -92.85 -81.71
N GLU G 71 -19.04 -92.75 -80.47
CA GLU G 71 -17.68 -92.28 -80.21
C GLU G 71 -16.70 -93.39 -80.59
N GLY G 72 -15.51 -93.01 -81.02
CA GLY G 72 -14.56 -93.95 -81.58
C GLY G 72 -13.85 -94.86 -80.58
N ASP G 73 -14.63 -95.47 -79.69
CA ASP G 73 -14.10 -96.44 -78.71
C ASP G 73 -14.23 -97.87 -79.22
N GLU G 74 -13.14 -98.41 -79.77
CA GLU G 74 -13.19 -99.70 -80.45
C GLU G 74 -13.00 -100.91 -79.53
N ASP G 75 -13.26 -102.10 -80.07
CA ASP G 75 -13.20 -103.35 -79.32
C ASP G 75 -14.30 -103.44 -78.27
N ALA G 76 -14.97 -102.32 -78.03
CA ALA G 76 -16.01 -102.24 -77.02
C ALA G 76 -17.34 -101.79 -77.62
N HIS G 77 -17.47 -101.89 -78.93
CA HIS G 77 -18.73 -101.46 -79.57
C HIS G 77 -19.87 -102.46 -79.42
N PRO G 78 -19.59 -103.76 -79.55
CA PRO G 78 -20.66 -104.75 -79.33
C PRO G 78 -21.27 -104.69 -77.93
N THR G 79 -20.45 -104.41 -76.91
CA THR G 79 -20.90 -104.42 -75.51
C THR G 79 -21.72 -103.18 -75.09
N ASN G 80 -21.43 -102.04 -75.71
CA ASN G 80 -22.16 -100.80 -75.46
C ASN G 80 -23.57 -100.81 -76.08
N LEU G 81 -23.70 -101.49 -77.21
CA LEU G 81 -24.98 -101.65 -77.90
C LEU G 81 -26.00 -102.42 -77.07
N GLU G 82 -25.51 -103.07 -76.02
CA GLU G 82 -26.31 -103.93 -75.15
C GLU G 82 -26.75 -103.19 -73.89
N VAL G 83 -25.80 -102.49 -73.28
CA VAL G 83 -26.13 -101.59 -72.19
C VAL G 83 -27.21 -100.66 -72.71
N LEU G 84 -27.08 -100.28 -73.98
CA LEU G 84 -28.00 -99.37 -74.64
C LEU G 84 -29.40 -99.96 -74.76
N LYS G 85 -29.50 -101.21 -75.20
CA LYS G 85 -30.79 -101.87 -75.38
C LYS G 85 -31.57 -101.99 -74.07
N LEU G 86 -30.85 -102.27 -72.98
CA LEU G 86 -31.45 -102.40 -71.66
C LEU G 86 -32.03 -101.08 -71.14
N ILE G 87 -31.24 -100.01 -71.18
CA ILE G 87 -31.68 -98.70 -70.71
C ILE G 87 -32.87 -98.22 -71.52
N LEU G 88 -32.83 -98.47 -72.84
CA LEU G 88 -33.91 -98.11 -73.73
C LEU G 88 -35.19 -98.84 -73.32
N ASN G 89 -35.04 -100.13 -73.03
CA ASN G 89 -36.19 -100.95 -72.64
C ASN G 89 -36.74 -100.56 -71.26
N GLU G 90 -35.84 -100.42 -70.29
CA GLU G 90 -36.21 -100.03 -68.93
C GLU G 90 -36.89 -98.66 -68.91
N PHE G 91 -36.56 -97.85 -69.90
CA PHE G 91 -37.10 -96.49 -70.03
C PHE G 91 -38.49 -96.51 -70.65
N GLU G 92 -38.65 -97.26 -71.75
CA GLU G 92 -39.95 -97.40 -72.39
C GLU G 92 -40.88 -98.22 -71.51
N ARG G 93 -40.28 -99.01 -70.61
CA ARG G 93 -41.01 -99.79 -69.63
C ARG G 93 -41.66 -98.90 -68.57
N ALA G 94 -40.83 -98.38 -67.67
CA ALA G 94 -41.31 -97.66 -66.51
C ALA G 94 -41.73 -96.23 -66.80
N PHE G 95 -40.89 -95.51 -67.54
CA PHE G 95 -41.02 -94.06 -67.65
C PHE G 95 -42.02 -93.60 -68.71
N MET G 96 -41.86 -94.08 -69.94
CA MET G 96 -42.74 -93.70 -71.02
C MET G 96 -44.06 -94.48 -70.97
N ARG G 97 -43.98 -95.73 -70.55
CA ARG G 97 -45.14 -96.63 -70.54
C ARG G 97 -45.84 -96.62 -71.88
N GLY G 98 -45.10 -96.99 -72.92
CA GLY G 98 -45.64 -97.05 -74.27
C GLY G 98 -45.83 -95.70 -74.95
N ASN G 99 -46.10 -94.67 -74.17
CA ASN G 99 -46.35 -93.34 -74.71
C ASN G 99 -45.09 -92.64 -75.27
N ASP G 100 -45.30 -91.74 -76.23
CA ASP G 100 -44.20 -91.03 -76.91
C ASP G 100 -43.39 -90.15 -75.96
N VAL G 101 -42.11 -89.96 -76.29
CA VAL G 101 -41.18 -89.23 -75.44
C VAL G 101 -41.56 -87.76 -75.21
N HIS G 102 -42.31 -87.18 -76.12
CA HIS G 102 -42.65 -85.77 -76.04
C HIS G 102 -43.73 -85.49 -75.00
N ALA G 103 -44.79 -86.28 -75.03
CA ALA G 103 -45.88 -86.11 -74.08
C ALA G 103 -45.48 -86.61 -72.70
N ILE G 104 -44.38 -87.37 -72.61
CA ILE G 104 -43.85 -87.80 -71.32
C ILE G 104 -42.71 -86.92 -70.83
N ALA G 105 -42.22 -86.04 -71.71
CA ALA G 105 -41.27 -85.00 -71.32
C ALA G 105 -42.07 -83.79 -70.86
N ALA G 106 -43.32 -83.73 -71.31
CA ALA G 106 -44.23 -82.64 -70.96
C ALA G 106 -44.66 -82.68 -69.50
N ASN G 107 -44.12 -83.63 -68.74
CA ASN G 107 -44.46 -83.72 -67.32
C ASN G 107 -43.24 -83.73 -66.37
N VAL G 108 -42.15 -83.10 -66.79
CA VAL G 108 -40.98 -82.96 -65.91
C VAL G 108 -40.75 -81.49 -65.51
N ALA G 109 -39.88 -81.30 -64.51
CA ALA G 109 -39.60 -79.98 -63.94
C ALA G 109 -39.31 -78.91 -64.99
N GLY G 110 -40.23 -77.95 -65.09
CA GLY G 110 -40.20 -76.96 -66.15
C GLY G 110 -39.04 -75.98 -66.10
N ILE G 111 -38.11 -76.14 -67.02
CA ILE G 111 -37.11 -75.13 -67.28
C ILE G 111 -37.21 -74.79 -68.76
N THR G 112 -38.16 -75.48 -69.42
CA THR G 112 -38.43 -75.30 -70.85
C THR G 112 -37.18 -75.67 -71.65
N ALA G 113 -36.21 -76.25 -70.98
CA ALA G 113 -34.93 -76.58 -71.60
C ALA G 113 -34.59 -78.04 -71.33
N LYS G 114 -34.85 -78.50 -70.12
CA LYS G 114 -34.58 -79.88 -69.76
C LYS G 114 -35.65 -80.79 -70.36
N LYS G 115 -36.78 -80.20 -70.73
CA LYS G 115 -37.84 -80.95 -71.40
C LYS G 115 -37.37 -81.35 -72.79
N ILE G 116 -36.46 -80.53 -73.32
CA ILE G 116 -35.77 -80.86 -74.56
C ILE G 116 -34.69 -81.91 -74.29
N GLY G 117 -33.99 -81.76 -73.17
CA GLY G 117 -32.90 -82.64 -72.79
C GLY G 117 -33.28 -84.12 -72.69
N VAL G 118 -34.53 -84.40 -72.36
CA VAL G 118 -35.00 -85.77 -72.29
C VAL G 118 -35.38 -86.28 -73.68
N VAL G 119 -36.00 -85.41 -74.47
CA VAL G 119 -36.46 -85.77 -75.80
C VAL G 119 -35.33 -86.05 -76.82
N ARG G 120 -34.14 -85.54 -76.56
CA ARG G 120 -32.99 -85.78 -77.45
C ARG G 120 -32.10 -86.90 -76.92
N ALA G 121 -32.17 -87.15 -75.62
CA ALA G 121 -31.44 -88.26 -74.99
C ALA G 121 -32.03 -89.57 -75.49
N TYR G 122 -33.28 -89.50 -75.91
CA TYR G 122 -34.01 -90.65 -76.41
C TYR G 122 -33.64 -90.92 -77.86
N TYR G 123 -33.88 -89.96 -78.74
CA TYR G 123 -33.58 -90.13 -80.16
C TYR G 123 -32.08 -90.08 -80.42
N ALA G 124 -31.30 -90.22 -79.35
CA ALA G 124 -29.85 -90.38 -79.41
C ALA G 124 -29.50 -91.85 -79.15
N GLY G 125 -30.24 -92.47 -78.23
CA GLY G 125 -30.12 -93.89 -77.99
C GLY G 125 -31.04 -94.70 -78.90
N ARG G 126 -32.02 -94.02 -79.49
CA ARG G 126 -32.93 -94.62 -80.46
C ARG G 126 -32.17 -94.93 -81.75
N ALA G 127 -31.35 -93.98 -82.19
CA ALA G 127 -30.60 -94.14 -83.43
C ALA G 127 -29.24 -94.81 -83.22
N ALA G 128 -28.75 -94.82 -81.98
CA ALA G 128 -27.48 -95.49 -81.65
C ALA G 128 -27.68 -97.00 -81.43
N ALA G 129 -28.93 -97.44 -81.46
CA ALA G 129 -29.27 -98.86 -81.52
C ALA G 129 -30.13 -99.14 -82.77
N GLY G 130 -30.18 -98.14 -83.65
CA GLY G 130 -30.71 -98.28 -85.01
C GLY G 130 -32.20 -98.50 -85.21
N ARG G 131 -32.99 -98.26 -84.17
CA ARG G 131 -34.43 -98.49 -84.23
C ARG G 131 -35.21 -97.30 -84.82
N ALA G 132 -36.03 -97.58 -85.83
CA ALA G 132 -36.84 -96.55 -86.47
C ALA G 132 -38.24 -96.49 -85.85
N PRO G 133 -38.58 -95.33 -85.25
CA PRO G 133 -39.85 -95.08 -84.55
C PRO G 133 -41.06 -95.80 -85.17
N LYS G 134 -41.74 -96.56 -84.32
CA LYS G 134 -42.93 -97.31 -84.71
C LYS G 134 -44.01 -96.36 -85.20
N PRO G 135 -44.53 -96.60 -86.40
CA PRO G 135 -45.60 -95.81 -87.02
C PRO G 135 -46.93 -95.77 -86.25
N TYR G 136 -46.95 -95.15 -85.07
CA TYR G 136 -48.19 -94.83 -84.37
C TYR G 136 -48.78 -93.58 -84.99
N ASP G 137 -50.08 -93.40 -84.86
CA ASP G 137 -50.64 -92.09 -85.12
C ASP G 137 -51.20 -91.54 -83.81
N SER G 138 -51.06 -90.22 -83.62
CA SER G 138 -51.44 -89.58 -82.36
C SER G 138 -52.95 -89.68 -82.12
N ALA G 139 -53.35 -89.52 -80.87
CA ALA G 139 -54.76 -89.45 -80.54
C ALA G 139 -55.40 -88.34 -81.37
N LEU G 140 -54.58 -87.39 -81.80
CA LEU G 140 -55.02 -86.23 -82.57
C LEU G 140 -55.39 -86.61 -84.01
N PHE G 141 -54.42 -87.16 -84.73
CA PHE G 141 -54.59 -87.55 -86.13
C PHE G 141 -55.48 -88.77 -86.26
N ARG G 142 -55.48 -89.59 -85.22
CA ARG G 142 -56.40 -90.72 -85.13
C ARG G 142 -57.82 -90.18 -85.20
N ALA G 143 -58.13 -89.22 -84.33
CA ALA G 143 -59.42 -88.56 -84.29
C ALA G 143 -59.59 -87.53 -85.40
N ALA G 144 -58.56 -87.37 -86.22
CA ALA G 144 -58.64 -86.51 -87.40
C ALA G 144 -59.12 -87.36 -88.56
N ALA G 145 -58.56 -88.56 -88.67
CA ALA G 145 -58.94 -89.53 -89.67
C ALA G 145 -60.30 -90.11 -89.30
N GLU G 146 -60.61 -90.09 -88.00
CA GLU G 146 -61.93 -90.50 -87.51
C GLU G 146 -62.88 -89.30 -87.55
N ASN G 147 -62.51 -88.31 -88.37
CA ASN G 147 -63.31 -87.10 -88.58
C ASN G 147 -63.99 -86.49 -87.35
N ASN G 148 -63.18 -86.28 -86.30
CA ASN G 148 -63.58 -85.50 -85.16
C ASN G 148 -62.96 -84.11 -85.27
N VAL G 149 -61.67 -84.08 -85.59
CA VAL G 149 -60.91 -82.84 -85.70
C VAL G 149 -60.57 -82.54 -87.17
N LYS G 150 -60.68 -81.26 -87.54
CA LYS G 150 -60.28 -80.77 -88.87
C LYS G 150 -58.98 -79.96 -88.80
N ILE G 151 -57.86 -80.60 -89.08
CA ILE G 151 -56.55 -79.98 -88.90
C ILE G 151 -56.04 -79.27 -90.15
N TYR G 152 -55.79 -77.97 -90.04
CA TYR G 152 -55.16 -77.22 -91.13
C TYR G 152 -53.70 -76.96 -90.78
N SER G 153 -52.91 -76.59 -91.79
CA SER G 153 -51.49 -76.32 -91.58
C SER G 153 -51.19 -74.85 -91.88
N ILE G 154 -50.24 -74.29 -91.13
CA ILE G 154 -49.97 -72.87 -91.22
C ILE G 154 -48.45 -72.62 -91.09
N PHE G 155 -47.93 -71.70 -91.92
CA PHE G 155 -46.47 -71.51 -92.00
C PHE G 155 -46.04 -70.06 -91.86
N GLY G 156 -45.20 -69.79 -90.87
CA GLY G 156 -44.82 -68.43 -90.52
C GLY G 156 -43.83 -67.78 -91.47
N GLY G 157 -43.25 -66.67 -91.03
CA GLY G 157 -42.27 -65.94 -91.82
C GLY G 157 -41.55 -64.90 -91.00
N GLN G 158 -41.02 -63.87 -91.65
CA GLN G 158 -40.35 -62.79 -90.94
C GLN G 158 -41.34 -61.98 -90.09
N GLY G 159 -41.32 -62.27 -88.78
CA GLY G 159 -42.18 -61.59 -87.83
C GLY G 159 -41.45 -61.32 -86.53
N ASN G 160 -40.65 -60.26 -86.52
CA ASN G 160 -39.79 -59.94 -85.38
C ASN G 160 -38.94 -61.13 -84.96
N ILE G 161 -38.47 -61.89 -85.96
CA ILE G 161 -37.64 -63.05 -85.71
C ILE G 161 -36.19 -62.78 -86.06
N GLU G 162 -35.40 -62.47 -85.05
CA GLU G 162 -33.98 -62.27 -85.24
C GLU G 162 -33.24 -63.45 -84.63
N GLU G 163 -34.00 -64.38 -84.08
CA GLU G 163 -33.42 -65.57 -83.47
C GLU G 163 -33.86 -66.82 -84.22
N TYR G 164 -34.06 -66.70 -85.52
CA TYR G 164 -34.47 -67.87 -86.29
C TYR G 164 -33.39 -68.94 -86.23
N PHE G 165 -32.12 -68.52 -86.29
CA PHE G 165 -31.01 -69.47 -86.30
C PHE G 165 -30.84 -70.17 -84.95
N ASP G 166 -31.47 -69.61 -83.92
CA ASP G 166 -31.49 -70.24 -82.62
C ASP G 166 -32.41 -71.47 -82.67
N GLU G 167 -33.45 -71.39 -83.50
CA GLU G 167 -34.38 -72.50 -83.68
C GLU G 167 -33.69 -73.65 -84.42
N LEU G 168 -32.79 -73.32 -85.35
CA LEU G 168 -32.02 -74.34 -86.06
C LEU G 168 -31.17 -75.15 -85.10
N ARG G 169 -30.57 -74.48 -84.14
CA ARG G 169 -29.77 -75.17 -83.15
C ARG G 169 -30.63 -76.09 -82.29
N GLU G 170 -31.85 -75.65 -81.94
CA GLU G 170 -32.80 -76.51 -81.25
C GLU G 170 -33.05 -77.78 -82.05
N ILE G 171 -33.26 -77.60 -83.36
CA ILE G 171 -33.50 -78.72 -84.26
C ILE G 171 -32.30 -79.65 -84.30
N TYR G 172 -31.17 -79.13 -84.77
CA TYR G 172 -29.93 -79.89 -84.89
C TYR G 172 -29.57 -80.64 -83.59
N THR G 173 -29.57 -79.93 -82.47
CA THR G 173 -29.24 -80.50 -81.16
C THR G 173 -30.16 -81.66 -80.79
N THR G 174 -31.47 -81.41 -80.86
CA THR G 174 -32.47 -82.32 -80.32
C THR G 174 -32.80 -83.53 -81.20
N TYR G 175 -32.99 -83.29 -82.50
CA TYR G 175 -33.36 -84.36 -83.43
C TYR G 175 -32.31 -84.64 -84.52
N PRO G 176 -31.13 -85.11 -84.11
CA PRO G 176 -29.99 -85.28 -85.02
C PRO G 176 -30.32 -86.34 -86.06
N SER G 177 -30.69 -87.51 -85.58
CA SER G 177 -31.03 -88.63 -86.44
C SER G 177 -32.02 -88.22 -87.53
N PHE G 178 -33.08 -87.53 -87.15
CA PHE G 178 -34.14 -87.15 -88.10
C PHE G 178 -33.69 -86.21 -89.21
N VAL G 179 -32.89 -85.21 -88.84
CA VAL G 179 -32.73 -84.04 -89.69
C VAL G 179 -31.36 -83.88 -90.30
N GLU G 180 -30.35 -84.37 -89.60
CA GLU G 180 -28.95 -84.16 -90.00
C GLU G 180 -28.67 -84.35 -91.49
N ASP G 181 -29.43 -85.22 -92.15
CA ASP G 181 -29.19 -85.55 -93.55
C ASP G 181 -29.58 -84.43 -94.52
N LEU G 182 -30.80 -83.90 -94.39
CA LEU G 182 -31.24 -82.78 -95.25
C LEU G 182 -30.65 -81.46 -94.80
N ILE G 183 -30.26 -81.40 -93.53
CA ILE G 183 -29.46 -80.28 -93.04
C ILE G 183 -28.17 -80.23 -93.84
N THR G 184 -27.44 -81.35 -93.86
CA THR G 184 -26.16 -81.40 -94.55
C THR G 184 -26.30 -80.98 -96.01
N SER G 185 -27.28 -81.56 -96.70
CA SER G 185 -27.41 -81.39 -98.14
C SER G 185 -27.98 -80.04 -98.56
N ILE G 186 -29.05 -79.60 -97.89
CA ILE G 186 -29.64 -78.31 -98.19
C ILE G 186 -28.60 -77.21 -97.91
N ALA G 187 -27.67 -77.49 -97.02
CA ALA G 187 -26.57 -76.57 -96.74
C ALA G 187 -25.70 -76.41 -97.97
N GLU G 188 -25.19 -77.54 -98.47
CA GLU G 188 -24.30 -77.56 -99.62
C GLU G 188 -24.98 -77.05 -100.90
N LEU G 189 -26.32 -77.11 -100.93
CA LEU G 189 -27.08 -76.51 -102.01
C LEU G 189 -26.90 -74.99 -102.00
N LEU G 190 -27.06 -74.40 -100.82
CA LEU G 190 -26.95 -72.96 -100.65
C LEU G 190 -25.51 -72.48 -100.81
N GLN G 191 -24.57 -73.28 -100.31
CA GLN G 191 -23.15 -72.96 -100.42
C GLN G 191 -22.77 -72.74 -101.87
N SER G 192 -23.35 -73.56 -102.74
CA SER G 192 -23.09 -73.48 -104.17
C SER G 192 -23.83 -72.30 -104.80
N LEU G 193 -25.04 -72.05 -104.31
CA LEU G 193 -25.80 -70.90 -104.75
C LEU G 193 -25.05 -69.60 -104.45
N ALA G 194 -24.34 -69.60 -103.33
CA ALA G 194 -23.63 -68.41 -102.83
C ALA G 194 -22.50 -67.98 -103.75
N ARG G 195 -21.95 -68.94 -104.48
CA ARG G 195 -20.77 -68.69 -105.30
C ARG G 195 -21.13 -68.15 -106.68
N GLU G 196 -22.36 -68.37 -107.10
CA GLU G 196 -22.82 -67.81 -108.36
C GLU G 196 -22.62 -66.30 -108.36
N TRP G 197 -21.94 -65.81 -109.39
CA TRP G 197 -21.52 -64.39 -109.50
C TRP G 197 -22.48 -63.28 -109.00
N ASP G 198 -23.78 -63.46 -109.21
CA ASP G 198 -24.77 -62.46 -108.79
C ASP G 198 -24.90 -62.43 -107.28
N ALA G 199 -24.76 -63.59 -106.67
CA ALA G 199 -25.01 -63.76 -105.25
C ALA G 199 -23.81 -63.45 -104.36
N VAL G 200 -22.62 -63.32 -104.95
CA VAL G 200 -21.43 -63.09 -104.15
C VAL G 200 -21.48 -61.77 -103.38
N LYS G 201 -21.87 -60.70 -104.05
CA LYS G 201 -21.93 -59.40 -103.40
C LYS G 201 -22.83 -59.46 -102.17
N GLN G 202 -24.03 -60.00 -102.34
CA GLN G 202 -25.05 -59.96 -101.29
C GLN G 202 -24.80 -60.98 -100.18
N TYR G 203 -23.77 -61.81 -100.36
CA TYR G 203 -23.35 -62.77 -99.33
C TYR G 203 -21.88 -62.60 -99.00
N PRO G 204 -21.54 -61.51 -98.32
CA PRO G 204 -20.13 -61.19 -98.08
C PRO G 204 -19.49 -62.13 -97.06
N LYS G 205 -20.20 -62.41 -95.98
CA LYS G 205 -19.65 -63.21 -94.88
C LYS G 205 -19.81 -64.69 -95.16
N GLY G 206 -20.47 -64.98 -96.28
CA GLY G 206 -20.60 -66.35 -96.76
C GLY G 206 -21.81 -67.08 -96.19
N LEU G 207 -22.08 -68.25 -96.76
CA LEU G 207 -23.25 -69.03 -96.41
C LEU G 207 -22.82 -70.47 -96.13
N ASP G 208 -22.37 -70.72 -94.91
CA ASP G 208 -21.89 -72.04 -94.52
C ASP G 208 -22.61 -72.50 -93.26
N ILE G 209 -23.86 -72.91 -93.41
CA ILE G 209 -24.72 -73.19 -92.29
C ILE G 209 -24.17 -74.28 -91.39
N LEU G 210 -23.50 -75.26 -91.98
CA LEU G 210 -22.87 -76.35 -91.22
C LEU G 210 -21.75 -75.86 -90.32
N GLN G 211 -21.00 -74.87 -90.79
CA GLN G 211 -19.88 -74.28 -90.05
C GLN G 211 -20.31 -73.54 -88.79
N TRP G 212 -21.31 -72.67 -88.93
CA TRP G 212 -21.79 -71.89 -87.80
C TRP G 212 -22.43 -72.81 -86.76
N LEU G 213 -23.01 -73.90 -87.22
CA LEU G 213 -23.63 -74.87 -86.33
C LEU G 213 -22.59 -75.64 -85.53
N HIS G 214 -21.48 -75.97 -86.18
CA HIS G 214 -20.42 -76.73 -85.50
C HIS G 214 -19.61 -75.86 -84.53
N ASN G 215 -19.05 -74.78 -85.05
CA ASN G 215 -18.30 -73.82 -84.22
C ASN G 215 -19.07 -72.52 -84.08
N PRO G 216 -19.83 -72.40 -82.99
CA PRO G 216 -20.82 -71.34 -82.75
C PRO G 216 -20.18 -69.97 -82.77
N GLU G 217 -18.91 -69.93 -82.37
CA GLU G 217 -18.15 -68.70 -82.28
C GLU G 217 -17.90 -68.10 -83.65
N SER G 218 -18.20 -68.91 -84.67
CA SER G 218 -18.05 -68.50 -86.06
C SER G 218 -19.39 -68.12 -86.69
N GLN G 219 -20.45 -68.10 -85.88
CA GLN G 219 -21.76 -67.64 -86.35
C GLN G 219 -21.73 -66.15 -86.66
N PRO G 220 -22.23 -65.76 -87.86
CA PRO G 220 -22.31 -64.35 -88.25
C PRO G 220 -23.19 -63.50 -87.31
N ASP G 221 -22.99 -62.19 -87.39
CA ASP G 221 -23.68 -61.24 -86.54
C ASP G 221 -25.20 -61.28 -86.75
N THR G 222 -25.95 -60.97 -85.71
CA THR G 222 -27.41 -61.00 -85.78
C THR G 222 -27.95 -60.15 -86.93
N ASP G 223 -27.20 -59.13 -87.33
CA ASP G 223 -27.62 -58.29 -88.44
C ASP G 223 -27.54 -59.00 -89.78
N TYR G 224 -26.49 -59.81 -89.95
CA TYR G 224 -26.29 -60.58 -91.17
C TYR G 224 -27.43 -61.54 -91.41
N LEU G 225 -27.69 -62.40 -90.45
CA LEU G 225 -28.68 -63.45 -90.61
C LEU G 225 -30.08 -62.94 -90.97
N VAL G 226 -30.42 -61.74 -90.51
CA VAL G 226 -31.78 -61.22 -90.70
C VAL G 226 -32.01 -60.67 -92.11
N SER G 227 -30.92 -60.35 -92.80
CA SER G 227 -31.00 -59.81 -94.15
C SER G 227 -31.68 -60.80 -95.10
N ALA G 228 -32.51 -60.29 -95.99
CA ALA G 228 -33.31 -61.14 -96.86
C ALA G 228 -32.55 -62.31 -97.52
N PRO G 229 -31.44 -62.02 -98.23
CA PRO G 229 -30.66 -63.10 -98.86
C PRO G 229 -30.42 -64.30 -97.95
N VAL G 230 -29.90 -64.08 -96.74
CA VAL G 230 -29.66 -65.20 -95.83
C VAL G 230 -30.91 -65.56 -95.02
N SER G 231 -31.78 -64.58 -94.83
CA SER G 231 -32.99 -64.79 -94.04
C SER G 231 -33.86 -65.84 -94.69
N PHE G 232 -34.44 -65.50 -95.84
CA PHE G 232 -35.40 -66.35 -96.53
C PHE G 232 -35.08 -67.85 -96.52
N PRO G 233 -34.02 -68.26 -97.24
CA PRO G 233 -33.77 -69.69 -97.42
C PRO G 233 -33.47 -70.38 -96.11
N LEU G 234 -32.57 -69.81 -95.34
CA LEU G 234 -32.16 -70.39 -94.07
C LEU G 234 -33.37 -70.61 -93.15
N ILE G 235 -34.37 -69.74 -93.28
CA ILE G 235 -35.59 -69.84 -92.49
C ILE G 235 -36.47 -71.00 -92.96
N GLY G 236 -36.72 -71.04 -94.27
CA GLY G 236 -37.46 -72.15 -94.87
C GLY G 236 -36.94 -73.48 -94.38
N LEU G 237 -35.62 -73.59 -94.24
CA LEU G 237 -34.98 -74.81 -93.75
C LEU G 237 -35.46 -75.22 -92.37
N VAL G 238 -35.77 -74.23 -91.52
CA VAL G 238 -36.26 -74.53 -90.19
C VAL G 238 -37.74 -74.93 -90.22
N GLN G 239 -38.46 -74.45 -91.22
CA GLN G 239 -39.86 -74.82 -91.39
C GLN G 239 -39.97 -76.23 -91.95
N LEU G 240 -39.04 -76.58 -92.84
CA LEU G 240 -38.97 -77.92 -93.41
C LEU G 240 -38.60 -78.93 -92.33
N ALA G 241 -37.51 -78.66 -91.64
CA ALA G 241 -37.01 -79.55 -90.59
C ALA G 241 -38.04 -79.77 -89.49
N HIS G 242 -38.96 -78.82 -89.35
CA HIS G 242 -40.06 -78.99 -88.41
C HIS G 242 -41.06 -80.01 -88.95
N TYR G 243 -41.60 -79.77 -90.14
CA TYR G 243 -42.52 -80.69 -90.81
C TYR G 243 -41.90 -82.08 -90.90
N MET G 244 -40.62 -82.12 -91.25
CA MET G 244 -39.82 -83.36 -91.35
C MET G 244 -39.81 -84.10 -90.01
N ILE G 245 -39.59 -83.36 -88.93
CA ILE G 245 -39.54 -83.95 -87.59
C ILE G 245 -40.91 -84.40 -87.08
N THR G 246 -41.97 -83.71 -87.50
CA THR G 246 -43.33 -84.08 -87.10
C THR G 246 -43.73 -85.42 -87.69
N CYS G 247 -43.53 -85.55 -89.00
CA CYS G 247 -43.84 -86.78 -89.70
C CYS G 247 -42.95 -87.91 -89.22
N LYS G 248 -41.66 -87.60 -89.07
CA LYS G 248 -40.65 -88.60 -88.70
C LYS G 248 -40.85 -89.16 -87.31
N THR G 249 -41.23 -88.30 -86.37
CA THR G 249 -41.49 -88.76 -85.00
C THR G 249 -42.79 -89.54 -84.94
N LEU G 250 -43.77 -89.13 -85.74
CA LEU G 250 -45.00 -89.88 -85.90
C LEU G 250 -44.73 -91.33 -86.36
N GLY G 251 -43.73 -91.51 -87.21
CA GLY G 251 -43.42 -92.82 -87.78
C GLY G 251 -44.02 -92.98 -89.16
N ARG G 252 -44.50 -91.86 -89.72
CA ARG G 252 -45.13 -91.84 -91.03
C ARG G 252 -44.18 -91.33 -92.12
N GLU G 253 -44.69 -91.24 -93.35
CA GLU G 253 -43.99 -90.57 -94.45
C GLU G 253 -44.69 -89.26 -94.76
N PRO G 254 -44.01 -88.36 -95.49
CA PRO G 254 -44.54 -87.03 -95.81
C PRO G 254 -45.92 -87.04 -96.45
N GLY G 255 -46.24 -88.07 -97.22
CA GLY G 255 -47.52 -88.14 -97.87
C GLY G 255 -48.63 -88.53 -96.92
N GLU G 256 -48.25 -89.21 -95.83
CA GLU G 256 -49.21 -89.68 -94.83
C GLU G 256 -49.80 -88.53 -94.03
N LEU G 257 -48.94 -87.80 -93.34
CA LEU G 257 -49.36 -86.65 -92.55
C LEU G 257 -49.91 -85.57 -93.49
N LEU G 258 -49.41 -85.54 -94.72
CA LEU G 258 -49.88 -84.59 -95.71
C LEU G 258 -51.35 -84.81 -95.96
N GLU G 259 -51.80 -86.06 -95.83
CA GLU G 259 -53.17 -86.41 -96.18
C GLU G 259 -54.14 -86.21 -95.01
N ARG G 260 -53.59 -86.05 -93.81
CA ARG G 260 -54.41 -85.89 -92.62
C ARG G 260 -54.67 -84.42 -92.33
N PHE G 261 -54.49 -83.57 -93.34
CA PHE G 261 -54.82 -82.15 -93.24
C PHE G 261 -56.01 -81.79 -94.14
N SER G 262 -56.36 -80.50 -94.19
CA SER G 262 -57.51 -80.06 -94.96
C SER G 262 -57.15 -78.88 -95.83
N GLY G 263 -56.12 -78.15 -95.41
CA GLY G 263 -55.67 -76.98 -96.14
C GLY G 263 -54.38 -76.43 -95.57
N THR G 264 -53.70 -75.58 -96.34
CA THR G 264 -52.43 -75.02 -95.88
C THR G 264 -52.17 -73.66 -96.50
N THR G 265 -51.70 -72.72 -95.69
CA THR G 265 -51.24 -71.42 -96.18
C THR G 265 -50.05 -70.95 -95.36
N GLY G 266 -49.29 -69.99 -95.90
CA GLY G 266 -48.14 -69.44 -95.21
C GLY G 266 -48.13 -67.92 -95.21
N HIS G 267 -47.38 -67.34 -94.28
CA HIS G 267 -47.26 -65.89 -94.18
C HIS G 267 -46.11 -65.40 -95.06
N SER G 268 -46.43 -65.14 -96.32
CA SER G 268 -45.44 -64.69 -97.30
C SER G 268 -44.36 -65.73 -97.58
N GLN G 269 -43.30 -65.68 -96.79
CA GLN G 269 -42.14 -66.55 -96.95
C GLN G 269 -42.52 -68.02 -96.76
N GLY G 270 -43.72 -68.25 -96.25
CA GLY G 270 -44.18 -69.59 -95.96
C GLY G 270 -44.97 -70.24 -97.08
N ILE G 271 -45.67 -69.43 -97.88
CA ILE G 271 -46.51 -69.95 -98.95
C ILE G 271 -45.67 -70.69 -99.99
N VAL G 272 -44.37 -70.46 -99.98
CA VAL G 272 -43.45 -71.29 -100.74
C VAL G 272 -43.37 -72.70 -100.14
N VAL G 273 -42.99 -72.78 -98.89
CA VAL G 273 -42.87 -74.06 -98.20
C VAL G 273 -44.22 -74.77 -98.02
N ALA G 274 -45.30 -74.01 -98.05
CA ALA G 274 -46.65 -74.56 -97.85
C ALA G 274 -47.15 -75.24 -99.12
N ALA G 275 -46.73 -74.69 -100.25
CA ALA G 275 -47.06 -75.28 -101.54
C ALA G 275 -46.19 -76.52 -101.77
N ALA G 276 -44.87 -76.34 -101.67
CA ALA G 276 -43.88 -77.39 -101.94
C ALA G 276 -43.89 -78.56 -100.95
N ILE G 277 -44.49 -78.35 -99.78
CA ILE G 277 -44.62 -79.41 -98.80
C ILE G 277 -45.84 -80.26 -99.17
N ALA G 278 -46.78 -79.67 -99.91
CA ALA G 278 -47.98 -80.37 -100.37
C ALA G 278 -47.71 -81.03 -101.73
N THR G 279 -46.44 -81.32 -101.99
CA THR G 279 -46.01 -81.93 -103.25
C THR G 279 -45.35 -83.26 -102.92
N ALA G 280 -44.79 -83.35 -101.73
CA ALA G 280 -44.02 -84.52 -101.31
C ALA G 280 -44.88 -85.64 -100.70
N ARG G 281 -44.57 -86.88 -101.06
CA ARG G 281 -45.18 -88.04 -100.42
C ARG G 281 -44.10 -89.03 -100.00
N THR G 282 -43.03 -89.15 -100.79
CA THR G 282 -41.90 -89.99 -100.41
C THR G 282 -40.97 -89.15 -99.55
N TRP G 283 -40.00 -89.80 -98.91
CA TRP G 283 -38.91 -89.07 -98.27
C TRP G 283 -37.94 -88.64 -99.35
N ASP G 284 -38.07 -89.31 -100.48
CA ASP G 284 -37.34 -88.93 -101.68
C ASP G 284 -38.11 -87.81 -102.39
N GLU G 285 -39.43 -87.98 -102.50
CA GLU G 285 -40.31 -86.97 -103.12
C GLU G 285 -40.35 -85.69 -102.25
N PHE G 286 -39.91 -85.86 -101.01
CA PHE G 286 -39.82 -84.76 -100.04
C PHE G 286 -38.57 -83.96 -100.30
N ALA G 287 -37.41 -84.60 -100.13
CA ALA G 287 -36.12 -83.96 -100.36
C ALA G 287 -35.98 -83.36 -101.77
N THR G 288 -36.93 -83.67 -102.65
CA THR G 288 -36.98 -83.08 -103.99
C THR G 288 -37.57 -81.68 -103.93
N ALA G 289 -38.77 -81.58 -103.37
CA ALA G 289 -39.42 -80.29 -103.23
C ALA G 289 -38.70 -79.39 -102.19
N ALA G 290 -37.87 -80.01 -101.35
CA ALA G 290 -37.10 -79.30 -100.32
C ALA G 290 -35.97 -78.50 -100.94
N LYS G 291 -35.30 -79.10 -101.91
CA LYS G 291 -34.27 -78.40 -102.69
C LYS G 291 -34.94 -77.35 -103.56
N ARG G 292 -36.18 -77.63 -103.96
CA ARG G 292 -36.93 -76.75 -104.84
C ARG G 292 -37.35 -75.48 -104.14
N ALA G 293 -38.05 -75.63 -103.03
CA ALA G 293 -38.49 -74.47 -102.27
C ALA G 293 -37.29 -73.65 -101.77
N VAL G 294 -36.34 -74.32 -101.12
CA VAL G 294 -35.18 -73.65 -100.54
C VAL G 294 -34.45 -72.77 -101.54
N GLU G 295 -34.25 -73.30 -102.74
CA GLU G 295 -33.57 -72.55 -103.80
C GLU G 295 -34.46 -71.44 -104.36
N LEU G 296 -35.78 -71.63 -104.30
CA LEU G 296 -36.73 -70.59 -104.72
C LEU G 296 -36.65 -69.39 -103.78
N LEU G 297 -36.71 -69.66 -102.48
CA LEU G 297 -36.54 -68.63 -101.44
C LEU G 297 -35.24 -67.88 -101.64
N PHE G 298 -34.14 -68.62 -101.80
CA PHE G 298 -32.83 -68.05 -102.05
C PHE G 298 -32.88 -66.92 -103.07
N TRP G 299 -33.50 -67.19 -104.22
CA TRP G 299 -33.52 -66.23 -105.30
C TRP G 299 -34.52 -65.12 -105.07
N ILE G 300 -35.64 -65.44 -104.44
CA ILE G 300 -36.63 -64.41 -104.13
C ILE G 300 -36.00 -63.35 -103.22
N GLY G 301 -35.37 -63.80 -102.14
CA GLY G 301 -34.71 -62.91 -101.20
C GLY G 301 -33.55 -62.15 -101.82
N LEU G 302 -32.68 -62.88 -102.49
CA LEU G 302 -31.54 -62.26 -103.15
C LEU G 302 -31.97 -61.18 -104.15
N ARG G 303 -32.87 -61.52 -105.07
CA ARG G 303 -33.25 -60.61 -106.15
C ARG G 303 -34.07 -59.45 -105.63
N SER G 304 -34.75 -59.66 -104.51
CA SER G 304 -35.51 -58.58 -103.92
C SER G 304 -34.60 -57.51 -103.33
N GLN G 305 -33.53 -57.96 -102.67
CA GLN G 305 -32.58 -57.06 -102.04
C GLN G 305 -31.81 -56.29 -103.08
N GLN G 306 -31.66 -56.89 -104.26
CA GLN G 306 -30.95 -56.26 -105.37
C GLN G 306 -31.79 -55.13 -105.99
N ALA G 307 -33.11 -55.25 -105.93
CA ALA G 307 -34.01 -54.24 -106.50
C ALA G 307 -34.06 -52.99 -105.64
N TYR G 308 -34.41 -53.16 -104.36
CA TYR G 308 -34.42 -52.05 -103.42
C TYR G 308 -33.48 -52.31 -102.27
N PRO G 309 -32.24 -51.95 -102.50
CA PRO G 309 -31.15 -52.15 -101.56
C PRO G 309 -31.20 -51.10 -100.48
N ARG G 310 -30.47 -51.37 -99.41
CA ARG G 310 -30.43 -50.49 -98.25
C ARG G 310 -29.69 -49.18 -98.54
N THR G 311 -30.39 -48.06 -98.44
CA THR G 311 -29.76 -46.73 -98.55
C THR G 311 -29.73 -46.04 -97.19
N SER G 312 -28.52 -45.85 -96.66
CA SER G 312 -28.32 -45.24 -95.33
C SER G 312 -29.07 -43.91 -95.19
N LEU G 313 -29.63 -43.67 -94.01
CA LEU G 313 -30.40 -42.47 -93.73
C LEU G 313 -29.57 -41.54 -92.86
N ALA G 314 -30.12 -40.38 -92.55
CA ALA G 314 -29.42 -39.41 -91.71
C ALA G 314 -29.19 -39.99 -90.32
N PRO G 315 -28.01 -39.74 -89.73
CA PRO G 315 -27.71 -40.27 -88.39
C PRO G 315 -28.69 -39.65 -87.39
N SER G 316 -29.11 -38.42 -87.69
CA SER G 316 -30.08 -37.68 -86.89
C SER G 316 -31.47 -38.33 -86.93
N THR G 317 -32.08 -38.34 -88.12
CA THR G 317 -33.39 -38.95 -88.31
C THR G 317 -33.40 -40.43 -87.89
N LEU G 318 -32.22 -41.03 -87.92
CA LEU G 318 -32.04 -42.40 -87.43
C LEU G 318 -32.26 -42.47 -85.93
N GLN G 319 -31.39 -41.80 -85.16
CA GLN G 319 -31.48 -41.83 -83.71
C GLN G 319 -32.83 -41.38 -83.20
N ASP G 320 -33.46 -40.44 -83.90
CA ASP G 320 -34.80 -39.99 -83.55
C ASP G 320 -35.70 -41.21 -83.42
N SER G 321 -35.85 -41.95 -84.52
CA SER G 321 -36.68 -43.16 -84.53
C SER G 321 -36.40 -44.07 -83.34
N VAL G 322 -35.13 -44.33 -83.06
CA VAL G 322 -34.75 -45.28 -82.02
C VAL G 322 -35.20 -44.83 -80.62
N GLU G 323 -35.03 -43.54 -80.35
CA GLU G 323 -35.33 -42.99 -79.04
C GLU G 323 -36.83 -42.77 -78.83
N ASN G 324 -37.56 -42.59 -79.92
CA ASN G 324 -39.00 -42.29 -79.85
C ASN G 324 -39.91 -43.52 -79.83
N GLY G 325 -39.35 -44.68 -79.46
CA GLY G 325 -40.13 -45.90 -79.28
C GLY G 325 -40.05 -46.88 -80.43
N GLU G 326 -39.74 -46.38 -81.61
CA GLU G 326 -39.68 -47.19 -82.82
C GLU G 326 -38.34 -47.90 -82.94
N GLY G 327 -37.94 -48.22 -84.17
CA GLY G 327 -36.66 -48.87 -84.36
C GLY G 327 -35.89 -48.32 -85.54
N THR G 328 -34.81 -49.00 -85.88
CA THR G 328 -34.01 -48.65 -87.04
C THR G 328 -34.87 -48.73 -88.29
N PRO G 329 -35.02 -47.61 -88.98
CA PRO G 329 -35.93 -47.48 -90.11
C PRO G 329 -35.67 -48.48 -91.23
N THR G 330 -36.71 -49.25 -91.56
CA THR G 330 -36.68 -50.15 -92.71
C THR G 330 -37.85 -49.78 -93.61
N PRO G 331 -38.09 -50.56 -94.68
CA PRO G 331 -39.25 -50.28 -95.51
C PRO G 331 -40.54 -50.96 -95.03
N MET G 332 -40.49 -51.60 -93.87
CA MET G 332 -41.65 -52.33 -93.31
C MET G 332 -42.04 -51.84 -91.92
N LEU G 333 -43.20 -51.19 -91.83
CA LEU G 333 -43.64 -50.57 -90.59
C LEU G 333 -44.91 -51.23 -90.03
N SER G 334 -44.87 -51.60 -88.75
CA SER G 334 -46.03 -52.19 -88.07
C SER G 334 -46.91 -51.14 -87.38
N ILE G 335 -48.22 -51.35 -87.43
CA ILE G 335 -49.17 -50.42 -86.83
C ILE G 335 -50.31 -51.18 -86.16
N ARG G 336 -50.05 -51.68 -84.95
CA ARG G 336 -51.05 -52.37 -84.18
C ARG G 336 -52.10 -51.46 -83.51
N ASP G 337 -53.21 -52.07 -83.09
CA ASP G 337 -54.26 -51.40 -82.31
C ASP G 337 -54.97 -50.23 -83.00
N LEU G 338 -54.70 -50.02 -84.30
CA LEU G 338 -55.39 -49.00 -85.07
C LEU G 338 -56.42 -49.55 -86.05
N THR G 339 -57.29 -48.68 -86.53
CA THR G 339 -58.33 -49.06 -87.50
C THR G 339 -57.81 -48.83 -88.90
N ARG G 340 -58.29 -49.63 -89.87
CA ARG G 340 -57.89 -49.43 -91.26
C ARG G 340 -58.24 -48.02 -91.73
N SER G 341 -59.46 -47.57 -91.43
CA SER G 341 -59.91 -46.24 -91.82
C SER G 341 -58.92 -45.18 -91.33
N ALA G 342 -58.54 -45.30 -90.06
CA ALA G 342 -57.60 -44.38 -89.43
C ALA G 342 -56.22 -44.50 -90.04
N VAL G 343 -55.68 -45.71 -90.04
CA VAL G 343 -54.35 -45.98 -90.60
C VAL G 343 -54.23 -45.42 -92.01
N GLN G 344 -55.30 -45.55 -92.79
CA GLN G 344 -55.27 -45.06 -94.15
C GLN G 344 -55.17 -43.55 -94.17
N GLU G 345 -56.05 -42.89 -93.43
CA GLU G 345 -56.13 -41.43 -93.46
C GLU G 345 -54.77 -40.78 -93.19
N HIS G 346 -53.99 -41.36 -92.29
CA HIS G 346 -52.64 -40.87 -92.00
C HIS G 346 -51.67 -41.22 -93.12
N ILE G 347 -51.86 -42.39 -93.72
CA ILE G 347 -51.10 -42.78 -94.90
C ILE G 347 -51.42 -41.86 -96.08
N ASP G 348 -52.64 -41.33 -96.08
CA ASP G 348 -53.13 -40.43 -97.13
C ASP G 348 -52.49 -39.06 -97.01
N ALA G 349 -52.49 -38.52 -95.79
CA ALA G 349 -51.91 -37.21 -95.54
C ALA G 349 -50.41 -37.22 -95.81
N THR G 350 -49.75 -38.29 -95.37
CA THR G 350 -48.33 -38.46 -95.62
C THR G 350 -48.01 -38.46 -97.12
N ASN G 351 -48.72 -39.31 -97.86
CA ASN G 351 -48.58 -39.41 -99.31
C ASN G 351 -48.92 -38.12 -100.07
N GLN G 352 -49.73 -37.27 -99.44
CA GLN G 352 -50.14 -36.00 -100.04
C GLN G 352 -48.95 -35.14 -100.46
N HIS G 353 -48.02 -34.94 -99.52
CA HIS G 353 -46.86 -34.05 -99.71
C HIS G 353 -45.68 -34.74 -100.39
N LEU G 354 -45.82 -36.03 -100.69
CA LEU G 354 -44.74 -36.82 -101.28
C LEU G 354 -44.83 -36.93 -102.80
N PRO G 355 -43.67 -37.13 -103.47
CA PRO G 355 -43.60 -37.49 -104.89
C PRO G 355 -44.02 -38.94 -105.07
N GLU G 356 -44.70 -39.24 -106.17
CA GLU G 356 -45.26 -40.56 -106.39
C GLU G 356 -44.20 -41.66 -106.37
N ASP G 357 -42.94 -41.26 -106.56
CA ASP G 357 -41.81 -42.19 -106.49
C ASP G 357 -41.81 -42.93 -105.16
N ARG G 358 -41.98 -42.17 -104.08
CA ARG G 358 -41.84 -42.69 -102.73
C ARG G 358 -43.13 -42.51 -101.94
N HIS G 359 -44.20 -43.12 -102.40
CA HIS G 359 -45.42 -43.14 -101.61
C HIS G 359 -45.40 -44.30 -100.61
N ILE G 360 -46.51 -44.46 -99.90
CA ILE G 360 -46.62 -45.45 -98.85
C ILE G 360 -47.76 -46.38 -99.18
N GLY G 361 -47.58 -47.66 -98.90
CA GLY G 361 -48.65 -48.62 -99.12
C GLY G 361 -49.02 -49.41 -97.89
N ILE G 362 -50.17 -50.07 -97.93
CA ILE G 362 -50.48 -51.07 -96.93
C ILE G 362 -50.11 -52.44 -97.51
N SER G 363 -49.10 -53.07 -96.94
CA SER G 363 -48.54 -54.30 -97.51
C SER G 363 -49.16 -55.59 -96.93
N LEU G 364 -49.52 -55.57 -95.66
CA LEU G 364 -50.32 -56.66 -95.14
C LEU G 364 -51.44 -56.21 -94.21
N VAL G 365 -52.35 -57.15 -93.93
CA VAL G 365 -53.50 -56.93 -93.05
C VAL G 365 -53.70 -58.18 -92.18
N ASN G 366 -52.90 -58.28 -91.11
CA ASN G 366 -52.90 -59.47 -90.28
C ASN G 366 -54.14 -59.60 -89.39
N SER G 367 -54.90 -58.51 -89.28
CA SER G 367 -56.21 -58.51 -88.59
C SER G 367 -56.98 -57.20 -88.84
N ALA G 368 -58.07 -57.01 -88.10
CA ALA G 368 -58.88 -55.80 -88.21
C ALA G 368 -58.11 -54.58 -87.70
N ARG G 369 -57.23 -54.82 -86.73
CA ARG G 369 -56.50 -53.77 -86.05
C ARG G 369 -54.99 -53.99 -86.09
N ASN G 370 -54.52 -54.76 -87.07
CA ASN G 370 -53.09 -55.04 -87.22
C ASN G 370 -52.68 -54.88 -88.68
N PHE G 371 -51.76 -53.97 -88.93
CA PHE G 371 -51.33 -53.68 -90.30
C PHE G 371 -49.81 -53.67 -90.43
N VAL G 372 -49.34 -53.63 -91.67
CA VAL G 372 -47.95 -53.36 -91.99
C VAL G 372 -47.93 -52.39 -93.16
N VAL G 373 -46.96 -51.48 -93.18
CA VAL G 373 -46.88 -50.45 -94.21
C VAL G 373 -45.52 -50.46 -94.92
N THR G 374 -45.52 -50.21 -96.23
CA THR G 374 -44.28 -50.16 -97.01
C THR G 374 -44.12 -48.86 -97.81
N GLY G 375 -42.94 -48.74 -98.40
CA GLY G 375 -42.49 -47.52 -99.04
C GLY G 375 -41.06 -47.30 -98.59
N PRO G 376 -40.38 -46.27 -99.14
CA PRO G 376 -39.00 -46.02 -98.76
C PRO G 376 -38.91 -45.73 -97.26
N PRO G 377 -37.81 -46.14 -96.62
CA PRO G 377 -37.66 -45.95 -95.17
C PRO G 377 -37.92 -44.50 -94.76
N ILE G 378 -37.30 -43.56 -95.47
CA ILE G 378 -37.42 -42.13 -95.16
C ILE G 378 -38.87 -41.65 -95.27
N SER G 379 -39.62 -42.33 -96.14
CA SER G 379 -41.01 -42.01 -96.36
C SER G 379 -41.85 -42.55 -95.21
N LEU G 380 -41.49 -43.73 -94.73
CA LEU G 380 -42.17 -44.34 -93.58
C LEU G 380 -41.96 -43.51 -92.32
N TYR G 381 -40.75 -43.01 -92.16
CA TYR G 381 -40.41 -42.16 -91.05
C TYR G 381 -41.37 -40.99 -91.01
N GLY G 382 -41.57 -40.37 -92.17
CA GLY G 382 -42.46 -39.22 -92.29
C GLY G 382 -43.89 -39.50 -91.82
N LEU G 383 -44.24 -40.78 -91.75
CA LEU G 383 -45.52 -41.18 -91.22
C LEU G 383 -45.47 -41.17 -89.70
N ASN G 384 -44.46 -41.84 -89.15
CA ASN G 384 -44.27 -41.93 -87.71
C ASN G 384 -44.29 -40.59 -86.98
N LEU G 385 -43.68 -39.58 -87.60
CA LEU G 385 -43.69 -38.22 -87.05
C LEU G 385 -45.13 -37.74 -86.87
N ARG G 386 -45.89 -37.83 -87.95
CA ARG G 386 -47.31 -37.53 -87.91
C ARG G 386 -48.04 -38.35 -86.85
N LEU G 387 -47.61 -39.61 -86.70
CA LEU G 387 -48.29 -40.56 -85.83
C LEU G 387 -48.15 -40.30 -84.33
N ARG G 388 -46.96 -39.95 -83.89
CA ARG G 388 -46.71 -39.70 -82.47
C ARG G 388 -47.41 -38.40 -82.01
N LYS G 389 -47.63 -37.49 -82.95
CA LYS G 389 -48.32 -36.24 -82.64
C LYS G 389 -49.79 -36.49 -82.35
N VAL G 390 -50.28 -37.67 -82.70
CA VAL G 390 -51.67 -38.04 -82.42
C VAL G 390 -51.77 -38.95 -81.20
N LYS G 391 -50.86 -39.91 -81.08
CA LYS G 391 -50.93 -40.87 -79.99
C LYS G 391 -50.54 -40.26 -78.65
N ALA G 392 -50.90 -40.94 -77.57
CA ALA G 392 -50.68 -40.41 -76.24
C ALA G 392 -49.58 -41.17 -75.51
N PRO G 393 -48.81 -40.45 -74.68
CA PRO G 393 -47.75 -41.02 -73.85
C PRO G 393 -48.25 -42.20 -73.01
N THR G 394 -47.39 -43.17 -72.71
CA THR G 394 -47.78 -44.31 -71.87
C THR G 394 -48.02 -43.84 -70.44
N GLY G 395 -47.69 -42.59 -70.17
CA GLY G 395 -47.88 -41.99 -68.85
C GLY G 395 -49.28 -41.46 -68.62
N LEU G 396 -49.85 -40.77 -69.62
CA LEU G 396 -51.16 -40.12 -69.49
C LEU G 396 -52.23 -41.03 -68.89
N ASP G 397 -53.04 -40.47 -68.00
CA ASP G 397 -54.20 -41.18 -67.48
C ASP G 397 -55.43 -40.60 -68.17
N GLN G 398 -56.35 -41.47 -68.55
CA GLN G 398 -57.57 -41.03 -69.23
C GLN G 398 -58.84 -41.59 -68.58
N ASN G 399 -58.67 -42.25 -67.43
CA ASN G 399 -59.78 -42.84 -66.69
C ASN G 399 -60.82 -41.80 -66.29
N ARG G 400 -60.46 -40.52 -66.45
CA ARG G 400 -61.31 -39.42 -66.02
C ARG G 400 -61.75 -38.52 -67.19
N ILE G 401 -61.40 -38.94 -68.40
CA ILE G 401 -61.79 -38.24 -69.62
C ILE G 401 -62.88 -38.98 -70.39
N PRO G 402 -63.91 -38.24 -70.84
CA PRO G 402 -64.95 -38.86 -71.67
C PRO G 402 -64.29 -39.73 -72.72
N PHE G 403 -64.95 -40.81 -73.11
CA PHE G 403 -64.34 -41.82 -73.99
C PHE G 403 -64.05 -41.37 -75.44
N THR G 404 -65.03 -40.77 -76.10
CA THR G 404 -64.85 -40.27 -77.46
C THR G 404 -63.98 -39.02 -77.45
N GLN G 405 -63.38 -38.74 -76.29
CA GLN G 405 -62.58 -37.55 -76.08
C GLN G 405 -61.10 -37.94 -75.98
N ARG G 406 -60.84 -39.21 -75.67
CA ARG G 406 -59.50 -39.70 -75.38
C ARG G 406 -58.60 -39.75 -76.62
N LYS G 407 -57.28 -39.73 -76.39
CA LYS G 407 -56.29 -39.92 -77.44
C LYS G 407 -56.02 -41.41 -77.65
N ALA G 408 -55.61 -41.77 -78.86
CA ALA G 408 -55.53 -43.19 -79.26
C ALA G 408 -54.33 -43.95 -78.69
N ARG G 409 -54.60 -45.20 -78.31
CA ARG G 409 -53.66 -46.05 -77.58
C ARG G 409 -53.04 -47.09 -78.50
N PHE G 410 -52.09 -46.67 -79.34
CA PHE G 410 -51.53 -47.59 -80.34
C PHE G 410 -50.01 -47.73 -80.34
N VAL G 411 -49.53 -48.77 -81.02
CA VAL G 411 -48.11 -49.05 -81.16
C VAL G 411 -47.66 -49.03 -82.62
N ASN G 412 -46.76 -48.11 -82.96
CA ASN G 412 -46.12 -48.15 -84.26
C ASN G 412 -44.65 -48.50 -84.10
N ARG G 413 -44.10 -49.24 -85.06
CA ARG G 413 -42.74 -49.76 -84.93
C ARG G 413 -42.19 -50.37 -86.23
N PHE G 414 -40.87 -50.29 -86.42
CA PHE G 414 -40.25 -50.87 -87.60
C PHE G 414 -39.98 -52.36 -87.39
N LEU G 415 -40.00 -53.13 -88.48
CA LEU G 415 -39.77 -54.57 -88.42
C LEU G 415 -38.45 -54.94 -89.09
N PRO G 416 -37.81 -56.01 -88.60
CA PRO G 416 -36.53 -56.52 -89.10
C PRO G 416 -36.56 -57.03 -90.57
N ILE G 417 -37.57 -56.61 -91.34
CA ILE G 417 -37.64 -57.00 -92.74
C ILE G 417 -36.75 -56.10 -93.58
N THR G 418 -36.03 -56.71 -94.51
CA THR G 418 -34.92 -56.06 -95.21
C THR G 418 -35.26 -55.42 -96.55
N ALA G 419 -36.52 -55.55 -96.99
CA ALA G 419 -36.88 -55.07 -98.32
C ALA G 419 -38.38 -54.86 -98.50
N PRO G 420 -38.75 -54.00 -99.45
CA PRO G 420 -40.13 -53.56 -99.71
C PRO G 420 -40.96 -54.65 -100.38
N PHE G 421 -41.51 -55.56 -99.60
CA PHE G 421 -42.35 -56.59 -100.18
C PHE G 421 -43.79 -56.12 -100.30
N HIS G 422 -44.53 -56.71 -101.24
CA HIS G 422 -45.95 -56.44 -101.38
C HIS G 422 -46.15 -54.98 -101.76
N SER G 423 -45.24 -54.51 -102.61
CA SER G 423 -45.23 -53.12 -103.04
C SER G 423 -44.71 -52.99 -104.46
N PRO G 424 -45.16 -51.95 -105.17
CA PRO G 424 -44.69 -51.58 -106.51
C PRO G 424 -43.18 -51.34 -106.56
N TYR G 425 -42.49 -51.48 -105.44
CA TYR G 425 -41.06 -51.22 -105.36
C TYR G 425 -40.17 -52.43 -105.70
N LEU G 426 -40.70 -53.66 -105.60
CA LEU G 426 -39.96 -54.87 -106.01
C LEU G 426 -40.40 -55.32 -107.40
N ALA G 427 -40.61 -54.35 -108.27
CA ALA G 427 -41.07 -54.60 -109.64
C ALA G 427 -39.96 -55.21 -110.49
N GLY G 428 -38.84 -54.50 -110.61
CA GLY G 428 -37.74 -54.94 -111.46
C GLY G 428 -37.18 -56.29 -111.08
N ALA G 429 -37.27 -56.62 -109.79
CA ALA G 429 -36.74 -57.88 -109.27
C ALA G 429 -37.49 -59.09 -109.81
N HIS G 430 -38.83 -58.95 -109.90
CA HIS G 430 -39.74 -60.04 -110.28
C HIS G 430 -39.34 -60.83 -111.53
N ALA G 431 -38.98 -60.10 -112.60
CA ALA G 431 -38.51 -60.71 -113.85
C ALA G 431 -37.27 -61.58 -113.59
N HIS G 432 -36.26 -60.97 -112.99
CA HIS G 432 -35.02 -61.65 -112.61
C HIS G 432 -35.26 -62.98 -111.90
N ILE G 433 -36.05 -62.96 -110.83
CA ILE G 433 -36.32 -64.16 -110.03
C ILE G 433 -36.87 -65.28 -110.91
N LEU G 434 -37.85 -64.94 -111.74
CA LEU G 434 -38.51 -65.92 -112.62
C LEU G 434 -37.51 -66.67 -113.48
N GLY G 435 -36.59 -65.93 -114.09
CA GLY G 435 -35.59 -66.50 -114.97
C GLY G 435 -34.65 -67.53 -114.34
N ASP G 436 -34.37 -67.39 -113.04
CA ASP G 436 -33.44 -68.30 -112.35
C ASP G 436 -34.10 -69.66 -112.08
N VAL G 437 -35.42 -69.69 -112.19
CA VAL G 437 -36.19 -70.79 -111.62
C VAL G 437 -37.15 -71.46 -112.61
N ASP G 438 -36.91 -71.31 -113.91
CA ASP G 438 -37.74 -71.98 -114.92
C ASP G 438 -37.28 -73.43 -115.21
N ASP G 439 -36.11 -73.77 -114.66
CA ASP G 439 -35.59 -75.14 -114.69
C ASP G 439 -36.56 -76.04 -113.94
N MET G 440 -37.16 -75.47 -112.89
CA MET G 440 -38.20 -76.15 -112.14
C MET G 440 -39.58 -75.58 -112.47
N LYS G 441 -40.61 -76.36 -112.18
CA LYS G 441 -41.97 -75.94 -112.46
C LYS G 441 -42.86 -76.67 -111.47
N ILE G 442 -43.73 -75.93 -110.79
CA ILE G 442 -44.66 -76.56 -109.87
C ILE G 442 -46.10 -76.37 -110.37
N PRO G 443 -46.69 -77.44 -110.91
CA PRO G 443 -48.02 -77.43 -111.52
C PRO G 443 -49.15 -77.52 -110.49
N ALA G 444 -50.29 -76.88 -110.77
CA ALA G 444 -51.41 -76.88 -109.83
C ALA G 444 -51.86 -78.29 -109.43
N SER G 445 -51.58 -79.24 -110.31
CA SER G 445 -52.05 -80.61 -110.12
C SER G 445 -51.20 -81.43 -109.15
N SER G 446 -49.95 -81.00 -108.93
CA SER G 446 -49.07 -81.73 -108.01
C SER G 446 -49.35 -81.33 -106.56
N LEU G 447 -50.53 -80.75 -106.33
CA LEU G 447 -50.93 -80.31 -105.00
C LEU G 447 -51.86 -81.28 -104.27
N VAL G 448 -51.27 -82.10 -103.41
CA VAL G 448 -52.02 -83.03 -102.55
C VAL G 448 -53.18 -82.31 -101.82
N ILE G 449 -52.82 -81.48 -100.85
CA ILE G 449 -53.80 -80.76 -100.07
C ILE G 449 -53.84 -79.27 -100.45
N PRO G 450 -55.05 -78.68 -100.53
CA PRO G 450 -55.31 -77.31 -100.95
C PRO G 450 -54.30 -76.30 -100.41
N VAL G 451 -53.73 -75.49 -101.30
CA VAL G 451 -52.89 -74.36 -100.93
C VAL G 451 -53.66 -73.07 -101.21
N TYR G 452 -54.05 -72.36 -100.16
CA TYR G 452 -54.85 -71.14 -100.32
C TYR G 452 -53.99 -69.91 -100.60
N ASP G 453 -54.36 -69.17 -101.64
CA ASP G 453 -53.64 -67.98 -102.09
C ASP G 453 -53.39 -66.99 -100.94
N THR G 454 -52.42 -66.09 -101.12
CA THR G 454 -52.12 -65.05 -100.13
C THR G 454 -53.13 -63.88 -100.18
N LYS G 455 -53.36 -63.32 -101.38
CA LYS G 455 -54.26 -62.19 -101.54
C LYS G 455 -55.74 -62.56 -101.50
N THR G 456 -56.08 -63.75 -102.01
CA THR G 456 -57.43 -64.27 -101.88
C THR G 456 -57.39 -65.71 -101.41
N GLY G 457 -58.39 -66.11 -100.64
CA GLY G 457 -58.41 -67.42 -100.03
C GLY G 457 -58.45 -68.59 -101.00
N GLN G 458 -58.59 -68.30 -102.29
CA GLN G 458 -58.88 -69.34 -103.28
C GLN G 458 -57.75 -70.31 -103.60
N ASP G 459 -58.09 -71.60 -103.50
CA ASP G 459 -57.21 -72.73 -103.73
C ASP G 459 -56.38 -72.56 -105.00
N LEU G 460 -55.11 -72.94 -104.92
CA LEU G 460 -54.20 -72.89 -106.07
C LEU G 460 -54.39 -74.05 -107.04
N ARG G 461 -55.03 -75.11 -106.56
CA ARG G 461 -55.26 -76.29 -107.41
C ARG G 461 -56.21 -75.98 -108.57
N GLU G 462 -56.94 -74.85 -108.46
CA GLU G 462 -57.82 -74.38 -109.54
C GLU G 462 -57.03 -73.71 -110.67
N LEU G 463 -55.74 -74.02 -110.76
CA LEU G 463 -54.90 -73.53 -111.82
C LEU G 463 -54.61 -74.62 -112.84
N GLY G 464 -54.53 -74.21 -114.10
CA GLY G 464 -54.29 -75.14 -115.18
C GLY G 464 -52.82 -75.53 -115.26
N ASP G 465 -52.35 -76.26 -114.24
CA ASP G 465 -50.97 -76.78 -114.19
C ASP G 465 -49.89 -75.71 -114.33
N GLU G 466 -50.30 -74.45 -114.16
CA GLU G 466 -49.38 -73.34 -114.27
C GLU G 466 -48.43 -73.39 -113.08
N ASP G 467 -47.17 -73.05 -113.33
CA ASP G 467 -46.16 -73.04 -112.28
C ASP G 467 -46.60 -72.20 -111.10
N ILE G 468 -46.80 -72.85 -109.96
CA ILE G 468 -47.04 -72.15 -108.71
C ILE G 468 -45.85 -71.21 -108.46
N ILE G 469 -44.73 -71.49 -109.10
CA ILE G 469 -43.52 -70.69 -108.95
C ILE G 469 -43.71 -69.23 -109.40
N PRO G 470 -44.13 -69.01 -110.66
CA PRO G 470 -44.49 -67.69 -111.19
C PRO G 470 -45.69 -67.07 -110.50
N GLU G 471 -46.24 -67.76 -109.51
CA GLU G 471 -47.35 -67.22 -108.73
C GLU G 471 -46.89 -66.96 -107.30
N LEU G 472 -46.05 -67.84 -106.78
CA LEU G 472 -45.45 -67.63 -105.47
C LEU G 472 -44.66 -66.33 -105.47
N VAL G 473 -43.88 -66.12 -106.51
CA VAL G 473 -43.12 -64.88 -106.69
C VAL G 473 -44.02 -63.63 -106.69
N ARG G 474 -45.16 -63.69 -107.36
CA ARG G 474 -46.07 -62.54 -107.44
C ARG G 474 -46.73 -62.17 -106.11
N MET G 475 -47.12 -63.18 -105.33
CA MET G 475 -47.84 -62.98 -104.06
C MET G 475 -46.93 -62.36 -103.01
N ILE G 476 -45.66 -62.68 -103.12
CA ILE G 476 -44.66 -62.26 -102.15
C ILE G 476 -44.09 -60.88 -102.43
N THR G 477 -43.78 -60.61 -103.70
CA THR G 477 -43.03 -59.41 -104.06
C THR G 477 -43.90 -58.23 -104.54
N TYR G 478 -45.16 -58.49 -104.87
CA TYR G 478 -46.01 -57.42 -105.37
C TYR G 478 -47.38 -57.34 -104.69
N ASP G 479 -47.84 -58.46 -104.16
CA ASP G 479 -49.22 -58.58 -103.71
C ASP G 479 -49.43 -58.29 -102.21
N PRO G 480 -50.52 -57.58 -101.87
CA PRO G 480 -50.95 -57.56 -100.48
C PRO G 480 -51.05 -58.99 -99.90
N VAL G 481 -50.83 -59.11 -98.60
CA VAL G 481 -51.09 -60.36 -97.88
C VAL G 481 -52.32 -60.13 -97.02
N ASN G 482 -53.50 -60.38 -97.58
CA ASN G 482 -54.73 -60.24 -96.82
C ASN G 482 -54.93 -61.49 -95.97
N TRP G 483 -54.07 -61.62 -94.97
CA TRP G 483 -53.90 -62.85 -94.22
C TRP G 483 -55.19 -63.41 -93.65
N GLU G 484 -56.02 -62.56 -93.08
CA GLU G 484 -57.19 -63.05 -92.35
C GLU G 484 -58.22 -63.73 -93.26
N THR G 485 -58.23 -63.36 -94.55
CA THR G 485 -59.15 -63.99 -95.50
C THR G 485 -58.60 -65.32 -96.03
N ALA G 486 -57.32 -65.38 -96.35
CA ALA G 486 -56.67 -66.63 -96.77
C ALA G 486 -56.54 -67.62 -95.61
N THR G 487 -56.88 -67.15 -94.43
CA THR G 487 -56.77 -67.94 -93.22
C THR G 487 -58.13 -68.52 -92.82
N VAL G 488 -59.20 -68.10 -93.52
CA VAL G 488 -60.54 -68.53 -93.12
C VAL G 488 -60.78 -70.01 -93.40
N PHE G 489 -59.93 -70.85 -92.84
CA PHE G 489 -60.03 -72.30 -92.96
C PHE G 489 -61.42 -72.76 -92.49
N PRO G 490 -62.31 -73.06 -93.46
CA PRO G 490 -63.73 -73.26 -93.18
C PRO G 490 -63.98 -74.44 -92.26
N ASP G 491 -64.66 -74.19 -91.14
CA ASP G 491 -64.97 -75.24 -90.18
C ASP G 491 -63.72 -76.03 -89.81
N ALA G 492 -62.88 -75.44 -88.96
CA ALA G 492 -61.68 -76.08 -88.48
C ALA G 492 -61.67 -76.15 -86.95
N THR G 493 -60.89 -77.08 -86.41
CA THR G 493 -60.76 -77.24 -84.98
C THR G 493 -59.34 -76.99 -84.53
N HIS G 494 -58.41 -77.44 -85.35
CA HIS G 494 -56.99 -77.33 -85.04
C HIS G 494 -56.21 -76.67 -86.18
N ILE G 495 -55.23 -75.85 -85.84
CA ILE G 495 -54.32 -75.28 -86.82
C ILE G 495 -52.91 -75.38 -86.27
N VAL G 496 -51.99 -75.88 -87.09
CA VAL G 496 -50.64 -76.18 -86.64
C VAL G 496 -49.56 -75.26 -87.23
N ASP G 497 -48.92 -74.48 -86.36
CA ASP G 497 -47.85 -73.56 -86.74
C ASP G 497 -46.53 -74.32 -86.81
N PHE G 498 -46.02 -74.52 -88.03
CA PHE G 498 -44.68 -75.08 -88.23
C PHE G 498 -43.71 -73.94 -88.44
N GLY G 499 -44.26 -72.74 -88.66
CA GLY G 499 -43.47 -71.56 -88.98
C GLY G 499 -42.41 -71.20 -87.95
N PRO G 500 -41.62 -70.19 -88.26
CA PRO G 500 -40.48 -69.72 -87.48
C PRO G 500 -40.90 -68.92 -86.28
N GLY G 501 -40.29 -69.20 -85.13
CA GLY G 501 -40.50 -68.42 -83.93
C GLY G 501 -41.41 -69.09 -82.90
N GLY G 502 -40.87 -69.31 -81.71
CA GLY G 502 -41.58 -69.99 -80.63
C GLY G 502 -43.00 -69.50 -80.41
N VAL G 503 -43.18 -68.65 -79.40
CA VAL G 503 -44.50 -68.12 -79.12
C VAL G 503 -44.71 -66.81 -79.92
N SER G 504 -43.97 -66.69 -81.02
CA SER G 504 -44.00 -65.49 -81.83
C SER G 504 -44.49 -65.79 -83.24
N GLY G 505 -44.42 -67.06 -83.62
CA GLY G 505 -44.86 -67.52 -84.93
C GLY G 505 -46.31 -67.16 -85.16
N ILE G 506 -46.73 -67.13 -86.42
CA ILE G 506 -48.04 -66.59 -86.79
C ILE G 506 -49.19 -67.30 -86.11
N GLY G 507 -48.91 -68.45 -85.52
CA GLY G 507 -49.90 -69.20 -84.75
C GLY G 507 -50.57 -68.38 -83.66
N VAL G 508 -49.77 -67.61 -82.92
CA VAL G 508 -50.31 -66.76 -81.86
C VAL G 508 -51.21 -65.68 -82.45
N LEU G 509 -50.71 -65.01 -83.49
CA LEU G 509 -51.44 -63.93 -84.15
C LEU G 509 -52.81 -64.45 -84.54
N THR G 510 -52.81 -65.46 -85.40
CA THR G 510 -54.03 -66.04 -85.91
C THR G 510 -54.95 -66.56 -84.80
N ASN G 511 -54.36 -67.20 -83.78
CA ASN G 511 -55.14 -67.69 -82.65
C ASN G 511 -56.02 -66.59 -82.07
N ARG G 512 -55.55 -65.35 -82.14
CA ARG G 512 -56.36 -64.20 -81.78
C ARG G 512 -57.44 -63.94 -82.83
N ASN G 513 -57.04 -63.93 -84.09
CA ASN G 513 -57.98 -63.74 -85.19
C ASN G 513 -59.20 -64.65 -85.01
N LYS G 514 -58.95 -65.82 -84.43
CA LYS G 514 -59.97 -66.85 -84.26
C LYS G 514 -60.03 -67.40 -82.84
N ASP G 515 -60.31 -66.56 -81.84
CA ASP G 515 -60.44 -67.10 -80.50
C ASP G 515 -61.89 -67.49 -80.25
N GLY G 516 -62.80 -66.66 -80.73
CA GLY G 516 -64.22 -66.88 -80.55
C GLY G 516 -64.75 -68.18 -81.13
N THR G 517 -64.32 -68.50 -82.35
CA THR G 517 -64.90 -69.60 -83.12
C THR G 517 -64.59 -71.02 -82.60
N GLY G 518 -63.59 -71.14 -81.74
CA GLY G 518 -63.25 -72.42 -81.18
C GLY G 518 -62.18 -73.15 -81.97
N VAL G 519 -61.33 -72.40 -82.64
CA VAL G 519 -60.17 -72.96 -83.28
C VAL G 519 -59.01 -73.00 -82.28
N ARG G 520 -58.50 -74.20 -82.05
CA ARG G 520 -57.32 -74.42 -81.22
C ARG G 520 -56.09 -74.23 -82.11
N VAL G 521 -54.95 -73.89 -81.52
CA VAL G 521 -53.73 -73.75 -82.30
C VAL G 521 -52.61 -74.49 -81.60
N ILE G 522 -51.72 -75.09 -82.38
CA ILE G 522 -50.57 -75.78 -81.83
C ILE G 522 -49.30 -75.33 -82.53
N LEU G 523 -48.30 -74.98 -81.74
CA LEU G 523 -47.03 -74.57 -82.30
C LEU G 523 -46.08 -75.76 -82.32
N ALA G 524 -45.83 -76.28 -83.51
CA ALA G 524 -45.08 -77.51 -83.67
C ALA G 524 -43.61 -77.32 -83.33
N GLY G 525 -43.14 -76.07 -83.43
CA GLY G 525 -41.74 -75.76 -83.23
C GLY G 525 -41.20 -75.93 -81.82
N ALA G 526 -42.01 -75.62 -80.82
CA ALA G 526 -41.58 -75.68 -79.42
C ALA G 526 -42.38 -76.67 -78.58
N ILE G 527 -41.77 -77.15 -77.51
CA ILE G 527 -42.40 -78.09 -76.58
C ILE G 527 -43.28 -77.37 -75.56
N ASP G 528 -42.83 -76.18 -75.13
CA ASP G 528 -43.52 -75.40 -74.13
C ASP G 528 -43.06 -73.94 -74.24
N GLY G 529 -43.94 -73.01 -73.92
CA GLY G 529 -43.60 -71.61 -73.96
C GLY G 529 -44.32 -70.80 -72.89
N THR G 530 -44.29 -69.48 -73.06
CA THR G 530 -44.85 -68.57 -72.08
C THR G 530 -46.35 -68.36 -72.27
N ASN G 531 -46.89 -68.84 -73.40
CA ASN G 531 -48.30 -68.62 -73.70
C ASN G 531 -49.17 -69.77 -73.21
N THR G 532 -50.27 -69.46 -72.51
CA THR G 532 -51.30 -70.46 -72.22
C THR G 532 -52.59 -70.10 -72.91
N GLU G 533 -52.64 -70.42 -74.19
CA GLU G 533 -53.76 -70.15 -75.06
C GLU G 533 -53.45 -70.90 -76.36
N VAL G 534 -52.27 -71.51 -76.36
CA VAL G 534 -51.76 -72.26 -77.49
C VAL G 534 -51.09 -73.52 -76.96
N GLY G 535 -51.40 -74.66 -77.57
CA GLY G 535 -50.75 -75.92 -77.24
C GLY G 535 -49.45 -76.05 -78.02
N TYR G 536 -48.62 -77.01 -77.65
CA TYR G 536 -47.31 -77.12 -78.29
C TYR G 536 -47.03 -78.48 -78.94
N LYS G 537 -45.74 -78.75 -79.17
CA LYS G 537 -45.27 -79.95 -79.85
C LYS G 537 -45.91 -81.26 -79.38
N PRO G 538 -45.91 -81.52 -78.07
CA PRO G 538 -46.42 -82.79 -77.54
C PRO G 538 -47.91 -83.01 -77.80
N GLU G 539 -48.62 -81.97 -78.25
CA GLU G 539 -50.04 -82.10 -78.56
C GLU G 539 -50.25 -82.60 -79.98
N LEU G 540 -49.19 -83.12 -80.58
CA LEU G 540 -49.28 -83.75 -81.89
C LEU G 540 -48.88 -85.23 -81.78
N PHE G 541 -48.23 -85.60 -80.68
CA PHE G 541 -47.76 -86.97 -80.46
C PHE G 541 -48.17 -87.51 -79.09
N ASP G 542 -49.43 -87.88 -78.94
CA ASP G 542 -49.91 -88.37 -77.64
C ASP G 542 -50.76 -89.59 -77.83
N ARG G 543 -50.84 -90.43 -76.80
CA ARG G 543 -51.49 -91.73 -76.92
C ARG G 543 -52.70 -91.90 -76.00
N ASP G 544 -52.76 -91.09 -74.93
CA ASP G 544 -53.93 -91.08 -74.06
C ASP G 544 -55.15 -90.59 -74.83
N ASP G 545 -56.32 -91.05 -74.43
CA ASP G 545 -57.55 -90.69 -75.11
C ASP G 545 -57.92 -89.24 -74.81
N ASN G 546 -57.49 -88.77 -73.63
CA ASN G 546 -57.80 -87.42 -73.19
C ASN G 546 -56.86 -86.37 -73.76
N ALA G 547 -56.03 -86.80 -74.71
CA ALA G 547 -54.93 -85.97 -75.18
C ALA G 547 -55.32 -84.91 -76.22
N VAL G 548 -56.61 -84.79 -76.52
CA VAL G 548 -57.04 -83.84 -77.55
C VAL G 548 -57.87 -82.69 -77.02
N GLN G 549 -57.46 -81.48 -77.41
CA GLN G 549 -58.08 -80.25 -76.94
C GLN G 549 -58.99 -79.60 -77.97
N PHE G 550 -60.09 -79.02 -77.50
CA PHE G 550 -60.98 -78.27 -78.38
C PHE G 550 -61.15 -76.85 -77.86
N ALA G 551 -60.68 -75.88 -78.64
CA ALA G 551 -60.88 -74.47 -78.31
C ALA G 551 -62.37 -74.18 -78.31
N VAL G 552 -62.86 -73.52 -77.26
CA VAL G 552 -64.30 -73.38 -77.11
C VAL G 552 -64.88 -72.20 -77.88
N ASP G 553 -66.15 -72.37 -78.29
CA ASP G 553 -66.96 -71.30 -78.86
C ASP G 553 -67.92 -70.80 -77.77
N TRP G 554 -67.90 -69.50 -77.48
CA TRP G 554 -68.73 -68.92 -76.43
C TRP G 554 -70.22 -68.96 -76.77
N VAL G 555 -70.55 -69.01 -78.06
CA VAL G 555 -71.93 -69.19 -78.47
C VAL G 555 -72.41 -70.59 -78.07
N LYS G 556 -71.53 -71.56 -78.30
CA LYS G 556 -71.78 -72.94 -77.89
C LYS G 556 -71.86 -73.09 -76.38
N GLU G 557 -70.82 -72.60 -75.71
CA GLU G 557 -70.68 -72.74 -74.27
C GLU G 557 -71.67 -71.88 -73.48
N HIS G 558 -71.78 -70.61 -73.86
CA HIS G 558 -72.56 -69.64 -73.09
C HIS G 558 -73.79 -69.11 -73.82
N GLY G 559 -74.20 -69.79 -74.89
CA GLY G 559 -75.37 -69.35 -75.63
C GLY G 559 -76.65 -69.49 -74.84
N PRO G 560 -77.56 -68.49 -74.96
CA PRO G 560 -78.84 -68.54 -74.27
C PRO G 560 -79.57 -69.82 -74.64
N ARG G 561 -80.53 -70.23 -73.80
CA ARG G 561 -81.31 -71.43 -74.07
C ARG G 561 -82.70 -71.31 -73.44
N LEU G 562 -83.52 -72.32 -73.64
CA LEU G 562 -84.84 -72.36 -73.03
C LEU G 562 -84.96 -73.71 -72.35
N VAL G 563 -85.72 -73.76 -71.26
CA VAL G 563 -85.97 -74.99 -70.52
C VAL G 563 -87.30 -74.87 -69.77
N LYS G 564 -87.95 -76.00 -69.49
CA LYS G 564 -89.26 -76.00 -68.81
C LYS G 564 -89.28 -76.88 -67.56
N THR G 565 -90.10 -76.50 -66.57
CA THR G 565 -90.16 -77.22 -65.30
C THR G 565 -91.14 -78.38 -65.32
N SER G 566 -91.07 -79.21 -64.29
CA SER G 566 -92.02 -80.28 -64.09
C SER G 566 -93.40 -79.71 -63.77
N VAL G 567 -93.47 -78.38 -63.64
CA VAL G 567 -94.77 -77.71 -63.51
C VAL G 567 -94.90 -76.65 -64.58
N GLY G 568 -94.18 -76.85 -65.68
CA GLY G 568 -94.44 -76.13 -66.91
C GLY G 568 -94.13 -74.65 -66.90
N GLN G 569 -93.08 -74.26 -66.20
CA GLN G 569 -92.57 -72.91 -66.32
C GLN G 569 -91.51 -72.92 -67.40
N THR G 570 -91.17 -71.74 -67.90
CA THR G 570 -90.12 -71.61 -68.88
C THR G 570 -89.08 -70.62 -68.42
N PHE G 571 -87.82 -71.04 -68.51
CA PHE G 571 -86.71 -70.22 -68.06
C PHE G 571 -85.70 -70.01 -69.18
N VAL G 572 -85.44 -68.75 -69.51
CA VAL G 572 -84.33 -68.42 -70.38
C VAL G 572 -83.09 -68.92 -69.65
N ASP G 573 -82.52 -70.01 -70.14
CA ASP G 573 -81.41 -70.68 -69.46
C ASP G 573 -80.05 -69.99 -69.67
N THR G 574 -79.51 -69.42 -68.59
CA THR G 574 -78.16 -68.86 -68.60
C THR G 574 -77.45 -69.23 -67.32
N LYS G 575 -76.17 -68.87 -67.22
CA LYS G 575 -75.40 -69.15 -66.03
C LYS G 575 -75.99 -68.39 -64.85
N MET G 576 -76.51 -67.20 -65.14
CA MET G 576 -77.07 -66.34 -64.12
C MET G 576 -78.36 -66.89 -63.54
N SER G 577 -79.31 -67.17 -64.42
CA SER G 577 -80.62 -67.66 -64.03
C SER G 577 -80.54 -69.02 -63.38
N ARG G 578 -79.59 -69.83 -63.81
CA ARG G 578 -79.41 -71.15 -63.23
C ARG G 578 -78.75 -71.05 -61.86
N LEU G 579 -77.84 -70.09 -61.72
CA LEU G 579 -77.23 -69.78 -60.42
C LEU G 579 -78.29 -69.28 -59.44
N LEU G 580 -78.80 -68.08 -59.70
CA LEU G 580 -79.81 -67.46 -58.86
C LEU G 580 -81.06 -68.33 -58.67
N GLY G 581 -81.59 -68.86 -59.77
CA GLY G 581 -82.79 -69.68 -59.71
C GLY G 581 -84.02 -68.92 -60.19
N VAL G 582 -83.80 -68.00 -61.13
CA VAL G 582 -84.87 -67.14 -61.63
C VAL G 582 -84.50 -66.48 -62.96
N PRO G 583 -85.47 -65.86 -63.63
CA PRO G 583 -85.19 -65.17 -64.90
C PRO G 583 -83.90 -64.36 -64.89
N PRO G 584 -83.05 -64.53 -65.90
CA PRO G 584 -81.77 -63.82 -66.06
C PRO G 584 -81.97 -62.32 -66.31
N VAL G 585 -83.19 -61.83 -66.14
CA VAL G 585 -83.44 -60.40 -66.11
C VAL G 585 -83.52 -59.97 -64.67
N MET G 586 -82.75 -58.93 -64.32
CA MET G 586 -82.61 -58.52 -62.92
C MET G 586 -82.65 -57.01 -62.73
N VAL G 587 -83.34 -56.55 -61.69
CA VAL G 587 -83.36 -55.15 -61.32
C VAL G 587 -82.20 -54.85 -60.41
N ALA G 588 -81.32 -53.94 -60.84
CA ALA G 588 -80.14 -53.59 -60.08
C ALA G 588 -80.49 -52.72 -58.88
N GLY G 589 -79.66 -52.80 -57.84
CA GLY G 589 -79.86 -52.02 -56.64
C GLY G 589 -79.58 -50.55 -56.87
N MET G 590 -80.54 -49.71 -56.49
CA MET G 590 -80.48 -48.26 -56.68
C MET G 590 -80.91 -47.58 -55.40
N THR G 591 -80.06 -46.72 -54.88
CA THR G 591 -80.30 -46.13 -53.57
C THR G 591 -81.73 -45.62 -53.33
N PRO G 592 -82.14 -44.53 -53.99
CA PRO G 592 -83.46 -43.98 -53.69
C PRO G 592 -84.59 -44.99 -53.82
N THR G 593 -84.72 -45.57 -55.01
CA THR G 593 -85.87 -46.39 -55.36
C THR G 593 -85.79 -47.83 -54.87
N THR G 594 -84.61 -48.41 -54.91
CA THR G 594 -84.42 -49.81 -54.51
C THR G 594 -84.14 -49.97 -53.00
N VAL G 595 -84.40 -48.91 -52.24
CA VAL G 595 -84.16 -48.96 -50.81
C VAL G 595 -85.32 -49.59 -50.01
N PRO G 596 -86.57 -49.13 -50.26
CA PRO G 596 -87.72 -49.52 -49.43
C PRO G 596 -88.08 -50.99 -49.55
N TRP G 597 -88.45 -51.58 -48.43
CA TRP G 597 -88.66 -53.02 -48.37
C TRP G 597 -89.85 -53.50 -49.21
N ASP G 598 -90.62 -52.56 -49.77
CA ASP G 598 -91.79 -52.91 -50.58
C ASP G 598 -91.35 -53.38 -51.93
N PHE G 599 -90.89 -52.41 -52.71
CA PHE G 599 -90.44 -52.63 -54.07
C PHE G 599 -89.55 -53.87 -54.18
N VAL G 600 -88.75 -54.14 -53.15
CA VAL G 600 -87.81 -55.26 -53.17
C VAL G 600 -88.49 -56.60 -52.95
N ALA G 601 -89.35 -56.67 -51.94
CA ALA G 601 -90.07 -57.89 -51.64
C ALA G 601 -91.21 -58.13 -52.64
N ALA G 602 -91.79 -57.05 -53.16
CA ALA G 602 -92.82 -57.13 -54.18
C ALA G 602 -92.25 -57.60 -55.52
N THR G 603 -91.00 -57.22 -55.78
CA THR G 603 -90.29 -57.63 -56.99
C THR G 603 -89.76 -59.05 -56.88
N MET G 604 -89.52 -59.53 -55.67
CA MET G 604 -89.12 -60.91 -55.46
C MET G 604 -90.34 -61.83 -55.41
N ASN G 605 -91.48 -61.27 -55.03
CA ASN G 605 -92.74 -61.97 -55.10
C ASN G 605 -93.19 -62.07 -56.56
N ALA G 606 -92.78 -61.09 -57.35
CA ALA G 606 -93.01 -61.11 -58.79
C ALA G 606 -92.02 -62.06 -59.50
N GLY G 607 -91.26 -62.82 -58.71
CA GLY G 607 -90.36 -63.85 -59.22
C GLY G 607 -89.08 -63.37 -59.90
N TYR G 608 -88.52 -62.28 -59.40
CA TYR G 608 -87.32 -61.70 -60.01
C TYR G 608 -86.23 -61.28 -59.02
N HIS G 609 -84.99 -61.32 -59.50
CA HIS G 609 -83.82 -61.01 -58.68
C HIS G 609 -83.55 -59.52 -58.60
N ILE G 610 -83.68 -58.94 -57.41
CA ILE G 610 -83.43 -57.53 -57.22
C ILE G 610 -82.46 -57.31 -56.06
N GLU G 611 -81.82 -56.14 -56.02
CA GLU G 611 -80.80 -55.84 -55.00
C GLU G 611 -81.25 -54.80 -53.99
N LEU G 612 -81.43 -55.20 -52.72
CA LEU G 612 -81.81 -54.26 -51.66
C LEU G 612 -80.75 -53.20 -51.44
N ALA G 613 -81.06 -51.95 -51.83
CA ALA G 613 -80.10 -50.85 -51.74
C ALA G 613 -79.73 -50.52 -50.31
N GLY G 614 -78.58 -51.02 -49.87
CA GLY G 614 -78.14 -50.82 -48.50
C GLY G 614 -77.70 -49.39 -48.22
N GLY G 615 -77.51 -48.62 -49.29
CA GLY G 615 -77.02 -47.25 -49.22
C GLY G 615 -78.06 -46.21 -48.81
N GLY G 616 -79.10 -46.66 -48.11
CA GLY G 616 -80.11 -45.77 -47.58
C GLY G 616 -80.46 -46.21 -46.17
N TYR G 617 -79.57 -47.03 -45.60
CA TYR G 617 -79.69 -47.50 -44.24
C TYR G 617 -78.56 -46.98 -43.37
N TYR G 618 -78.84 -45.89 -42.65
CA TYR G 618 -77.84 -45.17 -41.86
C TYR G 618 -77.71 -45.86 -40.50
N ASN G 619 -78.83 -46.42 -40.04
CA ASN G 619 -78.92 -47.04 -38.73
C ASN G 619 -78.91 -48.56 -38.83
N ALA G 620 -78.10 -49.20 -38.00
CA ALA G 620 -78.00 -50.67 -37.95
C ALA G 620 -79.33 -51.35 -37.64
N GLN G 621 -80.16 -50.69 -36.83
CA GLN G 621 -81.47 -51.21 -36.47
C GLN G 621 -82.47 -51.15 -37.63
N LYS G 622 -82.51 -50.03 -38.34
CA LYS G 622 -83.44 -49.85 -39.43
C LYS G 622 -83.13 -50.73 -40.66
N MET G 623 -81.92 -51.28 -40.71
CA MET G 623 -81.54 -52.16 -41.80
C MET G 623 -81.87 -53.61 -41.47
N SER G 624 -81.53 -54.04 -40.27
CA SER G 624 -81.89 -55.38 -39.82
C SER G 624 -83.40 -55.47 -39.64
N ASP G 625 -84.05 -54.32 -39.59
CA ASP G 625 -85.51 -54.26 -39.49
C ASP G 625 -86.14 -54.54 -40.84
N ALA G 626 -85.90 -53.65 -41.79
CA ALA G 626 -86.51 -53.75 -43.11
C ALA G 626 -86.05 -55.03 -43.79
N ILE G 627 -84.92 -55.59 -43.35
CA ILE G 627 -84.46 -56.87 -43.88
C ILE G 627 -85.34 -58.03 -43.41
N SER G 628 -85.64 -58.07 -42.12
CA SER G 628 -86.46 -59.14 -41.57
C SER G 628 -87.95 -58.88 -41.75
N LYS G 629 -88.28 -57.84 -42.52
CA LYS G 629 -89.65 -57.62 -42.99
C LYS G 629 -89.79 -58.32 -44.34
N ILE G 630 -88.69 -58.37 -45.06
CA ILE G 630 -88.63 -58.99 -46.36
C ILE G 630 -88.61 -60.51 -46.22
N GLU G 631 -87.85 -61.03 -45.26
CA GLU G 631 -87.76 -62.48 -45.06
C GLU G 631 -89.15 -63.08 -44.86
N LYS G 632 -90.05 -62.31 -44.24
CA LYS G 632 -91.36 -62.81 -43.85
C LYS G 632 -92.45 -62.59 -44.89
N ALA G 633 -92.09 -61.93 -46.00
CA ALA G 633 -93.05 -61.69 -47.08
C ALA G 633 -92.53 -62.23 -48.42
N ILE G 634 -91.90 -63.40 -48.38
CA ILE G 634 -91.15 -63.91 -49.52
C ILE G 634 -91.41 -65.39 -49.77
N PRO G 635 -91.34 -65.79 -51.04
CA PRO G 635 -91.42 -67.21 -51.43
C PRO G 635 -90.38 -67.97 -50.66
N PRO G 636 -90.79 -68.71 -49.63
CA PRO G 636 -89.82 -69.39 -48.76
C PRO G 636 -88.74 -70.11 -49.56
N GLY G 637 -87.49 -69.70 -49.33
CA GLY G 637 -86.35 -70.26 -50.02
C GLY G 637 -85.62 -69.21 -50.82
N ARG G 638 -86.28 -68.09 -51.08
CA ARG G 638 -85.66 -67.01 -51.84
C ARG G 638 -84.56 -66.37 -51.02
N GLY G 639 -83.47 -66.01 -51.68
CA GLY G 639 -82.37 -65.32 -51.04
C GLY G 639 -82.42 -63.82 -51.22
N ILE G 640 -81.86 -63.08 -50.27
CA ILE G 640 -81.84 -61.64 -50.37
C ILE G 640 -80.45 -61.19 -50.73
N THR G 641 -80.37 -60.10 -51.48
CA THR G 641 -79.09 -59.56 -51.93
C THR G 641 -79.02 -58.10 -51.55
N VAL G 642 -78.05 -57.78 -50.70
CA VAL G 642 -77.85 -56.40 -50.26
C VAL G 642 -76.73 -55.73 -51.08
N ASN G 643 -76.92 -54.45 -51.37
CA ASN G 643 -75.99 -53.70 -52.17
C ASN G 643 -75.30 -52.64 -51.33
N LEU G 644 -74.00 -52.85 -51.09
CA LEU G 644 -73.19 -51.95 -50.25
C LEU G 644 -72.24 -51.06 -51.06
N ILE G 645 -72.19 -49.79 -50.68
CA ILE G 645 -71.34 -48.81 -51.33
C ILE G 645 -69.92 -48.81 -50.76
N TYR G 646 -68.93 -49.00 -51.63
CA TYR G 646 -67.56 -49.18 -51.16
C TYR G 646 -66.86 -47.88 -50.77
N VAL G 647 -67.26 -46.77 -51.38
CA VAL G 647 -66.70 -45.45 -51.03
C VAL G 647 -67.45 -44.83 -49.85
N ASN G 648 -68.08 -45.69 -49.06
CA ASN G 648 -68.69 -45.32 -47.78
C ASN G 648 -68.22 -46.29 -46.70
N PRO G 649 -66.89 -46.34 -46.44
CA PRO G 649 -66.31 -47.34 -45.55
C PRO G 649 -66.77 -47.13 -44.11
N ARG G 650 -67.28 -45.94 -43.82
CA ARG G 650 -67.81 -45.64 -42.49
C ARG G 650 -69.06 -46.47 -42.23
N ALA G 651 -70.12 -46.20 -42.99
CA ALA G 651 -71.38 -46.91 -42.83
C ALA G 651 -71.24 -48.40 -43.19
N MET G 652 -70.41 -48.69 -44.19
CA MET G 652 -70.16 -50.08 -44.63
C MET G 652 -69.35 -50.84 -43.57
N GLY G 653 -68.90 -50.11 -42.56
CA GLY G 653 -68.13 -50.68 -41.46
C GLY G 653 -68.98 -51.60 -40.60
N TRP G 654 -70.19 -51.16 -40.29
CA TRP G 654 -71.13 -51.93 -39.47
C TRP G 654 -71.99 -52.84 -40.33
N GLN G 655 -72.26 -52.40 -41.56
CA GLN G 655 -73.16 -53.11 -42.46
C GLN G 655 -72.70 -54.54 -42.72
N ILE G 656 -71.43 -54.71 -43.02
CA ILE G 656 -70.92 -56.03 -43.41
C ILE G 656 -70.99 -57.09 -42.30
N PRO G 657 -70.47 -56.78 -41.10
CA PRO G 657 -70.56 -57.75 -40.00
C PRO G 657 -72.00 -57.88 -39.49
N LEU G 658 -72.87 -56.97 -39.91
CA LEU G 658 -74.29 -57.06 -39.59
C LEU G 658 -74.91 -58.15 -40.45
N LEU G 659 -74.66 -58.08 -41.75
CA LEU G 659 -75.13 -59.10 -42.67
C LEU G 659 -74.64 -60.46 -42.20
N GLY G 660 -73.32 -60.57 -42.08
CA GLY G 660 -72.68 -61.81 -41.65
C GLY G 660 -73.32 -62.39 -40.41
N ARG G 661 -73.66 -61.51 -39.48
CA ARG G 661 -74.30 -61.91 -38.23
C ARG G 661 -75.73 -62.40 -38.44
N LEU G 662 -76.46 -61.73 -39.31
CA LEU G 662 -77.83 -62.09 -39.62
C LEU G 662 -77.90 -63.49 -40.22
N ARG G 663 -77.08 -63.72 -41.23
CA ARG G 663 -77.07 -65.00 -41.93
C ARG G 663 -76.92 -66.15 -40.95
N ALA G 664 -76.09 -65.95 -39.93
CA ALA G 664 -75.82 -66.98 -38.95
C ALA G 664 -77.04 -67.32 -38.12
N ASP G 665 -78.03 -66.44 -38.13
CA ASP G 665 -79.26 -66.66 -37.38
C ASP G 665 -80.32 -67.37 -38.22
N GLY G 666 -80.11 -67.40 -39.52
CA GLY G 666 -81.05 -68.02 -40.43
C GLY G 666 -81.58 -67.06 -41.47
N VAL G 667 -81.51 -65.77 -41.20
CA VAL G 667 -81.97 -64.77 -42.17
C VAL G 667 -81.43 -65.06 -43.58
N PRO G 668 -82.33 -65.04 -44.56
CA PRO G 668 -82.12 -65.56 -45.91
C PRO G 668 -81.28 -64.67 -46.79
N ILE G 669 -80.10 -64.24 -46.34
CA ILE G 669 -79.22 -63.47 -47.21
C ILE G 669 -78.12 -64.35 -47.78
N GLU G 670 -78.16 -64.55 -49.09
CA GLU G 670 -77.18 -65.39 -49.75
C GLU G 670 -76.47 -64.64 -50.89
N GLY G 671 -76.58 -63.32 -50.87
CA GLY G 671 -75.99 -62.51 -51.92
C GLY G 671 -75.55 -61.14 -51.48
N LEU G 672 -74.32 -60.80 -51.82
CA LEU G 672 -73.76 -59.49 -51.49
C LEU G 672 -73.31 -58.78 -52.78
N THR G 673 -73.51 -57.47 -52.85
CA THR G 673 -73.08 -56.68 -53.99
C THR G 673 -72.36 -55.42 -53.58
N ILE G 674 -71.15 -55.24 -54.09
CA ILE G 674 -70.31 -54.12 -53.72
C ILE G 674 -70.19 -53.15 -54.88
N GLY G 675 -70.76 -51.95 -54.71
CA GLY G 675 -70.79 -50.97 -55.76
C GLY G 675 -69.81 -49.85 -55.56
N ALA G 676 -69.56 -49.12 -56.64
CA ALA G 676 -68.63 -47.99 -56.65
C ALA G 676 -67.28 -48.35 -56.01
N GLY G 677 -66.38 -48.89 -56.82
CA GLY G 677 -65.09 -49.31 -56.33
C GLY G 677 -64.97 -50.82 -56.19
N VAL G 678 -63.84 -51.36 -56.66
CA VAL G 678 -63.57 -52.78 -56.57
C VAL G 678 -62.64 -53.11 -55.40
N PRO G 679 -63.15 -53.84 -54.38
CA PRO G 679 -62.35 -54.20 -53.20
C PRO G 679 -60.98 -54.80 -53.54
N SER G 680 -60.07 -54.75 -52.58
CA SER G 680 -58.78 -55.38 -52.75
C SER G 680 -58.97 -56.89 -52.64
N ILE G 681 -58.04 -57.62 -53.25
CA ILE G 681 -58.11 -59.07 -53.29
C ILE G 681 -58.43 -59.69 -51.92
N GLU G 682 -57.70 -59.29 -50.88
CA GLU G 682 -57.92 -59.85 -49.54
C GLU G 682 -59.11 -59.23 -48.84
N VAL G 683 -59.55 -58.05 -49.32
CA VAL G 683 -60.74 -57.42 -48.76
C VAL G 683 -61.95 -58.24 -49.16
N ALA G 684 -61.94 -58.72 -50.39
CA ALA G 684 -63.01 -59.58 -50.89
C ALA G 684 -62.95 -60.96 -50.24
N ASN G 685 -61.75 -61.51 -50.15
CA ASN G 685 -61.54 -62.84 -49.54
C ASN G 685 -62.22 -63.01 -48.18
N GLU G 686 -62.14 -61.99 -47.35
CA GLU G 686 -62.86 -61.96 -46.09
C GLU G 686 -64.35 -62.07 -46.33
N TYR G 687 -64.93 -61.07 -47.00
CA TYR G 687 -66.35 -61.07 -47.33
C TYR G 687 -66.81 -62.47 -47.71
N ILE G 688 -66.13 -63.04 -48.71
CA ILE G 688 -66.43 -64.36 -49.23
C ILE G 688 -66.54 -65.44 -48.14
N GLN G 689 -65.52 -65.55 -47.31
CA GLN G 689 -65.44 -66.65 -46.36
C GLN G 689 -65.77 -66.26 -44.92
N THR G 690 -66.34 -65.08 -44.72
CA THR G 690 -66.70 -64.64 -43.36
C THR G 690 -68.21 -64.61 -43.19
N LEU G 691 -68.86 -63.74 -43.96
CA LEU G 691 -70.31 -63.73 -44.03
C LEU G 691 -70.74 -64.83 -44.99
N GLY G 692 -71.59 -65.73 -44.52
CA GLY G 692 -71.95 -66.91 -45.29
C GLY G 692 -72.82 -66.64 -46.51
N ILE G 693 -72.26 -65.97 -47.50
CA ILE G 693 -73.00 -65.70 -48.72
C ILE G 693 -72.75 -66.79 -49.73
N ARG G 694 -73.66 -66.91 -50.69
CA ARG G 694 -73.57 -67.95 -51.70
C ARG G 694 -73.06 -67.35 -53.02
N HIS G 695 -73.32 -66.06 -53.26
CA HIS G 695 -72.76 -65.35 -54.42
C HIS G 695 -72.31 -63.93 -54.07
N ILE G 696 -71.35 -63.41 -54.84
CA ILE G 696 -70.82 -62.08 -54.60
C ILE G 696 -70.73 -61.29 -55.91
N SER G 697 -71.25 -60.08 -55.92
CA SER G 697 -71.38 -59.30 -57.15
C SER G 697 -70.63 -57.96 -57.11
N PHE G 698 -69.70 -57.80 -58.05
CA PHE G 698 -68.92 -56.55 -58.17
C PHE G 698 -69.37 -55.71 -59.35
N LYS G 699 -69.32 -54.39 -59.20
CA LYS G 699 -69.59 -53.47 -60.32
C LYS G 699 -68.34 -52.71 -60.72
N PRO G 700 -67.58 -53.26 -61.69
CA PRO G 700 -66.41 -52.56 -62.25
C PRO G 700 -66.84 -51.48 -63.23
N GLY G 701 -65.91 -50.60 -63.56
CA GLY G 701 -66.24 -49.49 -64.43
C GLY G 701 -65.12 -49.16 -65.39
N SER G 702 -63.94 -49.72 -65.15
CA SER G 702 -62.81 -49.50 -66.03
C SER G 702 -62.15 -50.81 -66.46
N VAL G 703 -61.42 -50.72 -67.56
CA VAL G 703 -60.74 -51.86 -68.18
C VAL G 703 -59.95 -52.66 -67.16
N ASP G 704 -59.25 -51.96 -66.27
CA ASP G 704 -58.46 -52.61 -65.22
C ASP G 704 -59.32 -53.04 -64.03
N ALA G 705 -60.44 -52.35 -63.84
CA ALA G 705 -61.38 -52.70 -62.79
C ALA G 705 -61.86 -54.13 -63.06
N ILE G 706 -62.08 -54.41 -64.33
CA ILE G 706 -62.46 -55.74 -64.75
C ILE G 706 -61.39 -56.74 -64.32
N GLN G 707 -60.16 -56.53 -64.77
CA GLN G 707 -59.04 -57.40 -64.43
C GLN G 707 -58.96 -57.68 -62.94
N GLN G 708 -59.34 -56.68 -62.14
CA GLN G 708 -59.40 -56.85 -60.69
C GLN G 708 -60.32 -58.01 -60.38
N VAL G 709 -61.58 -57.84 -60.75
CA VAL G 709 -62.59 -58.86 -60.57
C VAL G 709 -62.10 -60.24 -61.00
N ILE G 710 -61.44 -60.30 -62.15
CA ILE G 710 -60.97 -61.57 -62.68
C ILE G 710 -60.07 -62.24 -61.67
N ASN G 711 -59.17 -61.45 -61.10
CA ASN G 711 -58.23 -61.99 -60.13
C ASN G 711 -58.93 -62.36 -58.84
N ILE G 712 -59.95 -61.59 -58.47
CA ILE G 712 -60.75 -61.93 -57.30
C ILE G 712 -61.37 -63.30 -57.52
N ALA G 713 -61.61 -63.61 -58.79
CA ALA G 713 -62.23 -64.87 -59.19
C ALA G 713 -61.20 -65.99 -59.21
N LYS G 714 -60.04 -65.73 -59.80
CA LYS G 714 -58.96 -66.71 -59.83
C LYS G 714 -58.59 -67.04 -58.39
N ALA G 715 -58.87 -66.09 -57.51
CA ALA G 715 -58.60 -66.24 -56.08
C ALA G 715 -59.47 -67.33 -55.46
N ASN G 716 -60.73 -67.33 -55.83
CA ASN G 716 -61.65 -68.35 -55.34
C ASN G 716 -62.31 -69.06 -56.51
N PRO G 717 -61.65 -70.07 -57.04
CA PRO G 717 -62.12 -70.76 -58.24
C PRO G 717 -63.32 -71.65 -57.97
N THR G 718 -63.91 -71.56 -56.79
CA THR G 718 -65.06 -72.39 -56.45
C THR G 718 -66.27 -71.54 -56.03
N PHE G 719 -66.28 -70.28 -56.43
CA PHE G 719 -67.28 -69.35 -55.90
C PHE G 719 -67.91 -68.48 -56.96
N PRO G 720 -69.23 -68.31 -56.87
CA PRO G 720 -70.07 -67.45 -57.73
C PRO G 720 -69.69 -65.98 -57.67
N ILE G 721 -69.27 -65.42 -58.80
CA ILE G 721 -68.88 -64.02 -58.86
C ILE G 721 -69.60 -63.29 -59.99
N ILE G 722 -70.77 -62.76 -59.69
CA ILE G 722 -71.55 -62.03 -60.69
C ILE G 722 -70.86 -60.74 -61.07
N LEU G 723 -70.36 -60.68 -62.30
CA LEU G 723 -69.65 -59.51 -62.78
C LEU G 723 -70.55 -58.46 -63.48
N GLN G 724 -71.38 -57.77 -62.71
CA GLN G 724 -72.26 -56.76 -63.29
C GLN G 724 -71.46 -55.67 -63.97
N TRP G 725 -71.52 -55.62 -65.29
CA TRP G 725 -70.80 -54.60 -66.03
C TRP G 725 -71.68 -53.40 -66.35
N THR G 726 -71.27 -52.24 -65.87
CA THR G 726 -71.99 -51.00 -66.20
C THR G 726 -71.22 -50.18 -67.22
N GLY G 727 -71.92 -49.33 -67.96
CA GLY G 727 -71.28 -48.44 -68.90
C GLY G 727 -71.32 -46.99 -68.43
N GLY G 728 -70.84 -46.08 -69.29
CA GLY G 728 -70.84 -44.67 -68.97
C GLY G 728 -72.24 -44.11 -68.85
N ARG G 729 -73.19 -44.70 -69.57
CA ARG G 729 -74.55 -44.18 -69.58
C ARG G 729 -75.48 -44.69 -68.47
N GLY G 730 -74.89 -45.05 -67.32
CA GLY G 730 -75.66 -45.49 -66.18
C GLY G 730 -76.28 -44.33 -65.42
N GLY G 731 -77.12 -44.64 -64.44
CA GLY G 731 -77.70 -43.60 -63.61
C GLY G 731 -76.75 -43.18 -62.50
N GLY G 732 -76.84 -41.91 -62.09
CA GLY G 732 -76.00 -41.38 -61.03
C GLY G 732 -74.51 -41.59 -61.27
N HIS G 733 -73.85 -42.19 -60.29
CA HIS G 733 -72.41 -42.44 -60.36
C HIS G 733 -72.05 -43.25 -61.60
N HIS G 734 -71.38 -42.61 -62.55
CA HIS G 734 -71.07 -43.24 -63.83
C HIS G 734 -69.61 -43.02 -64.24
N SER G 735 -68.98 -44.06 -64.79
CA SER G 735 -67.62 -43.93 -65.30
C SER G 735 -67.61 -43.09 -66.58
N PHE G 736 -66.45 -42.99 -67.22
CA PHE G 736 -66.35 -42.25 -68.47
C PHE G 736 -66.14 -43.23 -69.59
N GLU G 737 -66.43 -44.49 -69.31
CA GLU G 737 -66.13 -45.57 -70.23
C GLU G 737 -67.29 -45.86 -71.20
N ASP G 738 -66.95 -46.48 -72.33
CA ASP G 738 -67.95 -46.92 -73.29
C ASP G 738 -68.35 -48.35 -72.96
N PHE G 739 -69.58 -48.70 -73.30
CA PHE G 739 -70.11 -50.03 -73.00
C PHE G 739 -69.33 -51.13 -73.72
N HIS G 740 -68.93 -50.86 -74.95
CA HIS G 740 -68.55 -51.92 -75.88
C HIS G 740 -67.08 -52.28 -75.86
N GLN G 741 -66.21 -51.30 -76.07
CA GLN G 741 -64.79 -51.58 -76.28
C GLN G 741 -64.04 -52.19 -75.09
N PRO G 742 -64.50 -51.95 -73.85
CA PRO G 742 -63.92 -52.63 -72.69
C PRO G 742 -64.24 -54.13 -72.65
N ILE G 743 -65.50 -54.46 -72.92
CA ILE G 743 -65.92 -55.85 -72.93
C ILE G 743 -65.34 -56.54 -74.16
N LEU G 744 -65.36 -55.83 -75.29
CA LEU G 744 -64.77 -56.31 -76.54
C LEU G 744 -63.29 -56.64 -76.39
N LEU G 745 -62.69 -56.17 -75.30
CA LEU G 745 -61.25 -56.31 -75.10
C LEU G 745 -60.97 -57.32 -74.00
N MET G 746 -61.93 -57.48 -73.11
CA MET G 746 -61.73 -58.31 -71.94
C MET G 746 -62.47 -59.63 -72.03
N TYR G 747 -63.57 -59.65 -72.77
CA TYR G 747 -64.47 -60.79 -72.81
C TYR G 747 -63.72 -62.11 -72.73
N SER G 748 -62.73 -62.27 -73.61
CA SER G 748 -61.97 -63.51 -73.66
C SER G 748 -61.48 -63.94 -72.28
N ARG G 749 -60.78 -63.03 -71.59
CA ARG G 749 -60.19 -63.34 -70.30
C ARG G 749 -61.25 -63.56 -69.23
N ILE G 750 -62.33 -62.78 -69.29
CA ILE G 750 -63.40 -62.92 -68.34
C ILE G 750 -63.91 -64.35 -68.41
N ARG G 751 -64.24 -64.78 -69.63
CA ARG G 751 -64.82 -66.09 -69.87
C ARG G 751 -63.93 -67.21 -69.37
N LYS G 752 -62.63 -67.03 -69.53
CA LYS G 752 -61.67 -68.08 -69.18
C LYS G 752 -61.65 -68.36 -67.67
N CYS G 753 -62.46 -67.59 -66.94
CA CYS G 753 -62.76 -67.91 -65.56
C CYS G 753 -64.23 -68.35 -65.46
N SER G 754 -64.44 -69.58 -65.01
CA SER G 754 -65.78 -70.16 -64.96
C SER G 754 -66.69 -69.52 -63.90
N ASN G 755 -66.09 -68.93 -62.88
CA ASN G 755 -66.84 -68.37 -61.74
C ASN G 755 -67.64 -67.11 -62.09
N ILE G 756 -67.35 -66.53 -63.25
CA ILE G 756 -67.91 -65.23 -63.59
C ILE G 756 -69.25 -65.30 -64.32
N VAL G 757 -70.19 -64.50 -63.86
CA VAL G 757 -71.47 -64.36 -64.52
C VAL G 757 -71.55 -62.99 -65.16
N LEU G 758 -71.09 -62.89 -66.39
CA LEU G 758 -71.06 -61.60 -67.08
C LEU G 758 -72.47 -61.09 -67.37
N VAL G 759 -72.87 -60.08 -66.61
CA VAL G 759 -74.22 -59.57 -66.67
C VAL G 759 -74.27 -58.15 -67.23
N ALA G 760 -74.72 -58.02 -68.47
CA ALA G 760 -74.80 -56.71 -69.10
C ALA G 760 -75.81 -55.83 -68.38
N GLY G 761 -75.45 -54.57 -68.21
CA GLY G 761 -76.34 -53.60 -67.58
C GLY G 761 -75.97 -52.19 -68.00
N SER G 762 -76.94 -51.28 -67.92
CA SER G 762 -76.77 -49.90 -68.35
C SER G 762 -77.41 -49.65 -69.73
N GLY G 763 -78.30 -48.67 -69.80
CA GLY G 763 -78.90 -48.24 -71.05
C GLY G 763 -80.14 -49.00 -71.52
N PHE G 764 -80.36 -50.17 -70.94
CA PHE G 764 -81.43 -51.07 -71.39
C PHE G 764 -82.81 -50.70 -70.84
N GLY G 765 -83.85 -50.98 -71.63
CA GLY G 765 -85.20 -50.69 -71.22
C GLY G 765 -86.20 -51.69 -71.76
N GLY G 766 -85.71 -52.65 -72.55
CA GLY G 766 -86.58 -53.67 -73.13
C GLY G 766 -85.86 -54.95 -73.53
N SER G 767 -86.64 -55.95 -73.90
CA SER G 767 -86.10 -57.25 -74.32
C SER G 767 -85.52 -57.19 -75.74
N GLU G 768 -85.96 -56.21 -76.51
CA GLU G 768 -85.57 -56.03 -77.90
C GLU G 768 -84.11 -55.60 -78.04
N ASP G 769 -83.69 -54.65 -77.21
CA ASP G 769 -82.31 -54.17 -77.19
C ASP G 769 -81.46 -55.06 -76.30
N THR G 770 -82.08 -55.60 -75.26
CA THR G 770 -81.41 -56.53 -74.38
C THR G 770 -81.00 -57.76 -75.18
N TYR G 771 -81.96 -58.34 -75.90
CA TYR G 771 -81.75 -59.57 -76.65
C TYR G 771 -80.35 -59.68 -77.28
N PRO G 772 -79.97 -58.71 -78.13
CA PRO G 772 -78.67 -58.72 -78.81
C PRO G 772 -77.47 -59.06 -77.92
N TYR G 773 -77.35 -58.46 -76.75
CA TYR G 773 -76.24 -58.76 -75.84
C TYR G 773 -76.48 -60.09 -75.15
N LEU G 774 -77.75 -60.36 -74.87
CA LEU G 774 -78.16 -61.63 -74.28
C LEU G 774 -77.79 -62.76 -75.20
N THR G 775 -77.76 -62.46 -76.50
CA THR G 775 -77.32 -63.39 -77.52
C THR G 775 -75.81 -63.43 -77.56
N GLY G 776 -75.25 -62.39 -78.17
CA GLY G 776 -73.83 -62.29 -78.46
C GLY G 776 -73.70 -61.73 -79.86
N SER G 777 -74.77 -61.10 -80.31
CA SER G 777 -74.85 -60.62 -81.67
C SER G 777 -74.31 -59.19 -81.83
N TRP G 778 -74.47 -58.40 -80.78
CA TRP G 778 -73.99 -57.02 -80.76
C TRP G 778 -72.54 -56.95 -81.23
N SER G 779 -71.75 -57.93 -80.79
CA SER G 779 -70.30 -57.92 -80.94
C SER G 779 -69.83 -58.17 -82.36
N THR G 780 -70.74 -58.65 -83.19
CA THR G 780 -70.42 -58.92 -84.57
C THR G 780 -70.34 -57.62 -85.34
N LYS G 781 -71.17 -56.65 -84.96
CA LYS G 781 -71.18 -55.33 -85.58
C LYS G 781 -69.81 -54.67 -85.47
N PHE G 782 -69.03 -55.10 -84.48
CA PHE G 782 -67.71 -54.55 -84.24
C PHE G 782 -66.61 -55.48 -84.73
N GLY G 783 -66.90 -56.19 -85.82
CA GLY G 783 -65.91 -57.04 -86.46
C GLY G 783 -65.35 -58.15 -85.58
N TYR G 784 -66.11 -58.54 -84.56
CA TYR G 784 -65.69 -59.62 -83.66
C TYR G 784 -66.73 -60.73 -83.53
N PRO G 785 -66.27 -61.95 -83.20
CA PRO G 785 -67.14 -63.12 -82.98
C PRO G 785 -68.23 -62.83 -81.94
N PRO G 786 -69.32 -63.61 -81.98
CA PRO G 786 -70.41 -63.51 -81.00
C PRO G 786 -69.96 -63.66 -79.55
N MET G 787 -70.37 -62.71 -78.71
CA MET G 787 -70.00 -62.67 -77.29
C MET G 787 -71.20 -62.55 -76.38
N PRO G 788 -71.77 -63.71 -76.01
CA PRO G 788 -72.94 -63.91 -75.15
C PRO G 788 -72.80 -63.30 -73.76
N PHE G 789 -73.90 -62.75 -73.26
CA PHE G 789 -73.98 -62.33 -71.87
C PHE G 789 -74.88 -63.28 -71.09
N ASP G 790 -74.56 -63.49 -69.81
CA ASP G 790 -75.28 -64.46 -68.99
C ASP G 790 -76.53 -63.87 -68.35
N GLY G 791 -76.96 -62.72 -68.85
CA GLY G 791 -78.15 -62.06 -68.32
C GLY G 791 -78.14 -60.58 -68.64
N CYS G 792 -79.06 -59.84 -68.05
CA CYS G 792 -79.10 -58.40 -68.24
C CYS G 792 -79.65 -57.69 -67.01
N MET G 793 -79.30 -56.41 -66.89
CA MET G 793 -79.54 -55.66 -65.66
C MET G 793 -80.35 -54.38 -65.91
N PHE G 794 -81.31 -54.13 -65.04
CA PHE G 794 -82.18 -52.97 -65.22
C PHE G 794 -82.17 -52.03 -64.01
N GLY G 795 -81.95 -50.76 -64.29
CA GLY G 795 -81.99 -49.76 -63.24
C GLY G 795 -83.00 -48.68 -63.53
N SER G 796 -82.58 -47.72 -64.36
CA SER G 796 -83.39 -46.54 -64.68
C SER G 796 -84.81 -46.92 -65.13
N ARG G 797 -84.91 -48.08 -65.78
CA ARG G 797 -86.17 -48.58 -66.31
C ARG G 797 -87.25 -48.71 -65.24
N MET G 798 -86.97 -49.49 -64.20
CA MET G 798 -87.97 -49.84 -63.21
C MET G 798 -88.46 -48.66 -62.36
N MET G 799 -87.82 -47.50 -62.52
CA MET G 799 -88.13 -46.35 -61.66
C MET G 799 -89.61 -45.98 -61.73
N THR G 800 -90.22 -46.18 -62.88
CA THR G 800 -91.63 -45.84 -63.06
C THR G 800 -92.58 -47.00 -62.77
N ALA G 801 -92.09 -48.03 -62.08
CA ALA G 801 -92.97 -49.13 -61.68
C ALA G 801 -93.91 -48.61 -60.60
N LYS G 802 -95.17 -49.01 -60.67
CA LYS G 802 -96.20 -48.48 -59.78
C LYS G 802 -95.93 -48.87 -58.33
N GLU G 803 -95.12 -49.90 -58.15
CA GLU G 803 -94.76 -50.37 -56.83
C GLU G 803 -93.41 -49.76 -56.36
N ALA G 804 -92.87 -48.86 -57.17
CA ALA G 804 -91.70 -48.05 -56.81
C ALA G 804 -92.20 -46.81 -56.09
N HIS G 805 -91.35 -46.25 -55.25
CA HIS G 805 -91.79 -45.11 -54.45
C HIS G 805 -91.63 -43.79 -55.16
N THR G 806 -91.03 -43.84 -56.34
CA THR G 806 -90.87 -42.65 -57.16
C THR G 806 -92.18 -41.86 -57.21
N SER G 807 -92.13 -40.59 -56.81
CA SER G 807 -93.32 -39.73 -56.76
C SER G 807 -94.07 -39.74 -58.07
N LYS G 808 -95.31 -39.26 -58.05
CA LYS G 808 -96.10 -39.30 -59.26
C LYS G 808 -95.49 -38.41 -60.33
N GLN G 809 -95.51 -37.11 -60.12
CA GLN G 809 -95.02 -36.15 -61.10
C GLN G 809 -93.55 -36.40 -61.48
N ALA G 810 -92.83 -37.09 -60.59
CA ALA G 810 -91.46 -37.51 -60.86
C ALA G 810 -91.43 -38.55 -61.98
N LYS G 811 -92.05 -39.71 -61.74
CA LYS G 811 -92.19 -40.77 -62.74
C LYS G 811 -92.63 -40.22 -64.08
N GLN G 812 -93.60 -39.29 -64.03
CA GLN G 812 -94.04 -38.57 -65.21
C GLN G 812 -92.83 -37.94 -65.91
N ALA G 813 -92.19 -36.99 -65.23
CA ALA G 813 -91.01 -36.30 -65.76
C ALA G 813 -89.92 -37.27 -66.22
N ILE G 814 -89.92 -38.48 -65.69
CA ILE G 814 -88.97 -39.53 -66.07
C ILE G 814 -89.24 -40.07 -67.48
N VAL G 815 -90.46 -40.55 -67.69
CA VAL G 815 -90.89 -41.00 -69.01
C VAL G 815 -90.60 -39.91 -70.04
N ASP G 816 -91.05 -38.70 -69.69
CA ASP G 816 -91.01 -37.50 -70.52
C ASP G 816 -89.60 -37.16 -70.97
N ALA G 817 -88.61 -37.80 -70.37
CA ALA G 817 -87.25 -37.64 -70.86
C ALA G 817 -87.11 -38.39 -72.19
N PRO G 818 -86.82 -37.64 -73.25
CA PRO G 818 -86.51 -38.25 -74.54
C PRO G 818 -85.09 -38.78 -74.47
N GLY G 819 -84.94 -40.09 -74.40
CA GLY G 819 -83.61 -40.70 -74.35
C GLY G 819 -82.73 -40.30 -75.53
N VAL G 820 -81.49 -40.77 -75.51
CA VAL G 820 -80.58 -40.59 -76.64
C VAL G 820 -79.86 -41.90 -76.87
N ASP G 821 -79.50 -42.18 -78.12
CA ASP G 821 -78.86 -43.44 -78.48
C ASP G 821 -77.43 -43.48 -77.93
N ASP G 822 -76.82 -44.66 -78.00
CA ASP G 822 -75.44 -44.82 -77.58
C ASP G 822 -74.55 -43.81 -78.30
N ASP G 823 -75.04 -43.31 -79.43
CA ASP G 823 -74.34 -42.29 -80.21
C ASP G 823 -73.87 -41.14 -79.35
N GLN G 824 -74.81 -40.28 -78.95
CA GLN G 824 -74.47 -39.05 -78.27
C GLN G 824 -74.76 -39.13 -76.78
N TRP G 825 -74.32 -40.21 -76.16
CA TRP G 825 -74.53 -40.37 -74.72
C TRP G 825 -73.56 -39.49 -73.93
N GLU G 826 -72.32 -39.41 -74.38
CA GLU G 826 -71.31 -38.59 -73.72
C GLU G 826 -71.65 -37.10 -73.70
N ASN G 827 -72.64 -36.70 -74.51
CA ASN G 827 -73.04 -35.30 -74.56
C ASN G 827 -73.62 -34.78 -73.25
N THR G 828 -73.82 -35.67 -72.28
CA THR G 828 -74.33 -35.27 -70.98
C THR G 828 -73.38 -34.27 -70.36
N TYR G 829 -72.08 -34.56 -70.50
CA TYR G 829 -71.04 -33.80 -69.82
C TYR G 829 -71.09 -32.30 -70.11
N LYS G 830 -71.67 -31.94 -71.24
CA LYS G 830 -71.67 -30.54 -71.69
C LYS G 830 -73.06 -29.93 -71.78
N ARG G 831 -74.04 -30.72 -72.22
CA ARG G 831 -75.39 -30.18 -72.49
C ARG G 831 -76.48 -30.93 -71.73
N PRO G 832 -77.69 -30.35 -71.71
CA PRO G 832 -78.90 -31.04 -71.25
C PRO G 832 -79.34 -32.07 -72.31
N THR G 833 -78.46 -33.02 -72.60
CA THR G 833 -78.71 -34.03 -73.61
C THR G 833 -79.86 -34.97 -73.24
N GLY G 834 -80.85 -35.05 -74.12
CA GLY G 834 -82.03 -35.82 -73.85
C GLY G 834 -82.84 -35.16 -72.75
N GLY G 835 -82.87 -35.81 -71.59
CA GLY G 835 -83.52 -35.26 -70.41
C GLY G 835 -82.58 -35.29 -69.22
N VAL G 836 -81.44 -35.92 -69.42
CA VAL G 836 -80.47 -36.04 -68.34
C VAL G 836 -79.23 -35.19 -68.60
N ILE G 837 -78.64 -34.70 -67.52
CA ILE G 837 -77.41 -33.94 -67.57
C ILE G 837 -76.47 -34.61 -66.56
N THR G 838 -75.17 -34.34 -66.64
CA THR G 838 -74.23 -34.84 -65.64
C THR G 838 -73.75 -33.72 -64.69
N VAL G 839 -73.63 -34.06 -63.42
CA VAL G 839 -73.36 -33.06 -62.40
C VAL G 839 -72.59 -33.69 -61.24
N LEU G 840 -71.84 -32.87 -60.51
CA LEU G 840 -70.92 -33.38 -59.50
C LEU G 840 -71.51 -33.51 -58.09
N SER G 841 -71.18 -34.63 -57.45
CA SER G 841 -71.85 -35.14 -56.26
C SER G 841 -71.39 -34.50 -54.95
N GLU G 842 -71.95 -34.99 -53.85
CA GLU G 842 -71.46 -34.67 -52.52
C GLU G 842 -69.98 -35.02 -52.48
N MET G 843 -69.69 -36.30 -52.75
CA MET G 843 -68.33 -36.81 -52.71
C MET G 843 -67.45 -36.20 -53.81
N GLY G 844 -68.08 -35.55 -54.79
CA GLY G 844 -67.35 -34.92 -55.88
C GLY G 844 -67.39 -35.74 -57.18
N GLU G 845 -68.15 -36.83 -57.14
CA GLU G 845 -68.22 -37.77 -58.25
C GLU G 845 -69.25 -37.32 -59.30
N PRO G 846 -69.12 -37.82 -60.53
CA PRO G 846 -70.03 -37.50 -61.63
C PRO G 846 -71.37 -38.21 -61.44
N ILE G 847 -72.46 -37.55 -61.84
CA ILE G 847 -73.80 -38.12 -61.70
C ILE G 847 -74.67 -37.80 -62.90
N HIS G 848 -75.58 -38.72 -63.23
CA HIS G 848 -76.59 -38.49 -64.26
C HIS G 848 -77.93 -38.22 -63.61
N LYS G 849 -78.42 -36.99 -63.74
CA LYS G 849 -79.70 -36.60 -63.18
C LYS G 849 -80.63 -36.04 -64.25
N LEU G 850 -81.93 -36.19 -64.04
CA LEU G 850 -82.92 -35.55 -64.90
C LEU G 850 -82.69 -34.04 -64.78
N ALA G 851 -82.38 -33.38 -65.89
CA ALA G 851 -81.97 -31.98 -65.90
C ALA G 851 -83.12 -30.98 -65.65
N THR G 852 -83.61 -30.97 -64.41
CA THR G 852 -84.69 -30.08 -64.00
C THR G 852 -84.19 -28.63 -63.86
N ARG G 853 -85.08 -27.71 -63.49
CA ARG G 853 -84.68 -26.33 -63.25
C ARG G 853 -83.61 -26.28 -62.18
N GLY G 854 -83.88 -26.95 -61.05
CA GLY G 854 -82.95 -27.05 -59.93
C GLY G 854 -81.61 -27.61 -60.34
N VAL G 855 -81.62 -28.82 -60.88
CA VAL G 855 -80.39 -29.50 -61.27
C VAL G 855 -79.55 -28.62 -62.20
N LEU G 856 -80.21 -27.75 -62.96
CA LEU G 856 -79.52 -26.89 -63.91
C LEU G 856 -78.75 -25.80 -63.19
N PHE G 857 -79.40 -25.17 -62.22
CA PHE G 857 -78.76 -24.16 -61.40
C PHE G 857 -77.63 -24.80 -60.60
N TRP G 858 -77.89 -26.01 -60.11
CA TRP G 858 -76.89 -26.79 -59.40
C TRP G 858 -75.64 -26.96 -60.27
N LYS G 859 -75.85 -27.26 -61.55
CA LYS G 859 -74.73 -27.38 -62.48
C LYS G 859 -74.00 -26.05 -62.58
N GLU G 860 -74.77 -24.97 -62.63
CA GLU G 860 -74.19 -23.62 -62.68
C GLU G 860 -73.19 -23.38 -61.57
N LEU G 861 -73.64 -23.60 -60.34
CA LEU G 861 -72.79 -23.39 -59.17
C LEU G 861 -71.58 -24.31 -59.17
N ASP G 862 -71.75 -25.53 -59.68
CA ASP G 862 -70.64 -26.46 -59.84
C ASP G 862 -69.51 -25.76 -60.59
N ASP G 863 -69.86 -24.80 -61.42
CA ASP G 863 -68.93 -24.21 -62.35
C ASP G 863 -68.46 -22.82 -61.92
N LYS G 864 -69.31 -22.10 -61.21
CA LYS G 864 -68.99 -20.73 -60.84
C LYS G 864 -68.58 -20.59 -59.37
N ILE G 865 -69.10 -21.50 -58.53
CA ILE G 865 -68.88 -21.42 -57.08
C ILE G 865 -68.03 -22.58 -56.56
N PHE G 866 -68.50 -23.81 -56.76
CA PHE G 866 -67.80 -24.98 -56.27
C PHE G 866 -66.55 -25.29 -57.09
N SER G 867 -66.24 -24.42 -58.04
CA SER G 867 -65.05 -24.57 -58.87
C SER G 867 -63.85 -23.89 -58.25
N LEU G 868 -64.12 -22.93 -57.35
CA LEU G 868 -63.07 -22.12 -56.75
C LEU G 868 -62.58 -22.71 -55.44
N ASP G 869 -61.32 -22.48 -55.13
CA ASP G 869 -60.71 -23.02 -53.91
C ASP G 869 -61.51 -22.61 -52.68
N ARG G 870 -61.57 -23.51 -51.69
CA ARG G 870 -62.36 -23.30 -50.47
C ARG G 870 -62.43 -21.84 -50.00
N SER G 871 -61.27 -21.19 -49.99
CA SER G 871 -61.16 -19.82 -49.50
C SER G 871 -61.92 -18.80 -50.34
N LYS G 872 -61.53 -18.65 -51.59
CA LYS G 872 -62.08 -17.62 -52.45
C LYS G 872 -63.57 -17.81 -52.74
N ARG G 873 -64.15 -18.84 -52.13
CA ARG G 873 -65.56 -19.18 -52.32
C ARG G 873 -66.51 -18.14 -51.71
N VAL G 874 -66.32 -17.85 -50.43
CA VAL G 874 -67.20 -16.92 -49.73
C VAL G 874 -67.23 -15.57 -50.43
N ALA G 875 -66.07 -15.13 -50.90
CA ALA G 875 -65.95 -13.87 -51.63
C ALA G 875 -66.92 -13.79 -52.81
N GLU G 876 -66.91 -14.83 -53.64
CA GLU G 876 -67.75 -14.87 -54.83
C GLU G 876 -69.23 -14.97 -54.49
N LEU G 877 -69.54 -15.71 -53.42
CA LEU G 877 -70.91 -15.83 -52.98
C LEU G 877 -71.50 -14.47 -52.64
N LYS G 878 -70.68 -13.59 -52.09
CA LYS G 878 -71.13 -12.25 -51.71
C LYS G 878 -71.34 -11.33 -52.90
N LYS G 879 -70.62 -11.57 -53.98
CA LYS G 879 -70.76 -10.72 -55.15
C LYS G 879 -71.98 -11.10 -55.98
N ARG G 880 -72.40 -12.36 -55.87
CA ARG G 880 -73.57 -12.86 -56.59
C ARG G 880 -74.69 -13.24 -55.62
N ARG G 881 -74.61 -12.74 -54.39
CA ARG G 881 -75.52 -13.14 -53.33
C ARG G 881 -77.00 -13.19 -53.72
N ASP G 882 -77.53 -12.05 -54.14
CA ASP G 882 -78.95 -11.96 -54.45
C ASP G 882 -79.32 -12.72 -55.71
N TYR G 883 -78.36 -12.91 -56.60
CA TYR G 883 -78.61 -13.72 -57.79
C TYR G 883 -78.79 -15.20 -57.39
N ILE G 884 -77.93 -15.67 -56.49
CA ILE G 884 -77.97 -17.04 -56.01
C ILE G 884 -79.19 -17.25 -55.13
N ILE G 885 -79.67 -16.14 -54.56
CA ILE G 885 -80.80 -16.19 -53.65
C ILE G 885 -82.12 -16.31 -54.42
N LYS G 886 -82.18 -15.62 -55.57
CA LYS G 886 -83.34 -15.73 -56.45
C LYS G 886 -83.43 -17.15 -56.96
N LYS G 887 -82.32 -17.66 -57.51
CA LYS G 887 -82.28 -19.01 -58.06
C LYS G 887 -82.59 -20.08 -57.02
N LEU G 888 -82.12 -19.86 -55.79
CA LEU G 888 -82.52 -20.69 -54.68
C LEU G 888 -84.02 -20.66 -54.49
N ASN G 889 -84.55 -19.47 -54.21
CA ASN G 889 -85.97 -19.27 -53.91
C ASN G 889 -86.91 -19.82 -54.98
N ASP G 890 -86.51 -19.64 -56.23
CA ASP G 890 -87.39 -19.93 -57.36
C ASP G 890 -87.44 -21.41 -57.69
N ASP G 891 -86.31 -21.96 -58.12
CA ASP G 891 -86.32 -23.34 -58.61
C ASP G 891 -85.20 -24.22 -58.10
N PHE G 892 -85.14 -24.43 -56.80
CA PHE G 892 -84.25 -25.46 -56.25
C PHE G 892 -84.91 -26.22 -55.10
N GLN G 893 -84.52 -27.48 -54.95
CA GLN G 893 -85.01 -28.34 -53.87
C GLN G 893 -85.10 -27.62 -52.55
N LYS G 894 -84.03 -26.88 -52.26
CA LYS G 894 -83.92 -26.11 -51.03
C LYS G 894 -84.10 -24.63 -51.28
N VAL G 895 -84.86 -24.00 -50.40
CA VAL G 895 -85.17 -22.60 -50.57
C VAL G 895 -84.21 -21.77 -49.76
N TRP G 896 -84.29 -20.45 -49.93
CA TRP G 896 -83.58 -19.53 -49.06
C TRP G 896 -84.45 -19.20 -47.86
N PHE G 897 -84.02 -19.68 -46.69
CA PHE G 897 -84.74 -19.50 -45.42
C PHE G 897 -84.82 -18.00 -45.04
N GLY G 898 -85.05 -17.12 -46.01
CA GLY G 898 -84.83 -15.71 -45.76
C GLY G 898 -86.03 -14.79 -45.62
N ARG G 899 -87.23 -15.33 -45.78
CA ARG G 899 -88.37 -14.44 -45.94
C ARG G 899 -88.89 -13.80 -44.66
N ASN G 900 -89.36 -12.57 -44.79
CA ASN G 900 -89.96 -11.84 -43.67
C ASN G 900 -91.48 -12.04 -43.59
N SER G 901 -92.10 -11.36 -42.64
CA SER G 901 -93.54 -11.47 -42.42
C SER G 901 -94.33 -11.20 -43.70
N ALA G 902 -93.89 -10.19 -44.44
CA ALA G 902 -94.58 -9.75 -45.65
C ALA G 902 -94.29 -10.64 -46.87
N GLY G 903 -93.66 -11.79 -46.65
CA GLY G 903 -93.43 -12.76 -47.71
C GLY G 903 -92.23 -12.51 -48.60
N GLU G 904 -91.56 -11.38 -48.41
CA GLU G 904 -90.39 -11.03 -49.22
C GLU G 904 -89.11 -11.63 -48.65
N PRO G 905 -88.14 -11.92 -49.52
CA PRO G 905 -86.86 -12.53 -49.11
C PRO G 905 -85.92 -11.51 -48.48
N VAL G 906 -85.43 -11.80 -47.26
CA VAL G 906 -84.50 -10.91 -46.56
C VAL G 906 -83.31 -11.70 -46.04
N ASP G 907 -82.36 -11.03 -45.41
CA ASP G 907 -81.21 -11.69 -44.80
C ASP G 907 -81.66 -12.36 -43.51
N LEU G 908 -81.09 -13.53 -43.22
CA LEU G 908 -81.42 -14.25 -41.98
C LEU G 908 -81.27 -13.29 -40.79
N GLU G 909 -80.31 -12.38 -40.89
CA GLU G 909 -79.96 -11.45 -39.81
C GLU G 909 -81.02 -10.36 -39.62
N ASP G 910 -81.91 -10.19 -40.59
CA ASP G 910 -82.93 -9.16 -40.54
C ASP G 910 -84.29 -9.73 -40.16
N MET G 911 -84.33 -11.04 -39.98
CA MET G 911 -85.55 -11.74 -39.59
C MET G 911 -85.88 -11.44 -38.13
N THR G 912 -87.16 -11.50 -37.75
CA THR G 912 -87.51 -11.35 -36.33
C THR G 912 -87.57 -12.73 -35.73
N TYR G 913 -87.49 -12.82 -34.41
CA TYR G 913 -87.52 -14.12 -33.74
C TYR G 913 -88.76 -14.90 -34.12
N ALA G 914 -89.89 -14.20 -34.12
CA ALA G 914 -91.15 -14.77 -34.54
C ALA G 914 -91.01 -15.32 -35.97
N GLU G 915 -90.68 -14.43 -36.89
CA GLU G 915 -90.56 -14.79 -38.30
C GLU G 915 -89.74 -16.07 -38.52
N VAL G 916 -88.71 -16.26 -37.70
CA VAL G 916 -87.85 -17.42 -37.85
C VAL G 916 -88.56 -18.65 -37.36
N VAL G 917 -89.05 -18.63 -36.13
CA VAL G 917 -89.77 -19.79 -35.63
C VAL G 917 -90.84 -20.17 -36.64
N HIS G 918 -91.53 -19.17 -37.17
CA HIS G 918 -92.59 -19.40 -38.15
C HIS G 918 -92.07 -20.02 -39.44
N ARG G 919 -91.00 -19.44 -39.97
CA ARG G 919 -90.41 -19.91 -41.23
C ARG G 919 -89.86 -21.33 -41.11
N MET G 920 -89.46 -21.71 -39.90
CA MET G 920 -88.97 -23.06 -39.64
C MET G 920 -90.12 -24.02 -39.82
N VAL G 921 -91.23 -23.71 -39.17
CA VAL G 921 -92.44 -24.49 -39.31
C VAL G 921 -92.88 -24.58 -40.77
N GLU G 922 -92.91 -23.44 -41.46
CA GLU G 922 -93.31 -23.38 -42.86
C GLU G 922 -92.53 -24.36 -43.74
N LEU G 923 -91.25 -24.55 -43.44
CA LEU G 923 -90.36 -25.26 -44.33
C LEU G 923 -90.01 -26.66 -43.85
N MET G 924 -90.63 -27.12 -42.77
CA MET G 924 -90.34 -28.45 -42.22
C MET G 924 -91.60 -29.20 -41.83
N TYR G 925 -92.72 -28.50 -41.85
CA TYR G 925 -94.03 -29.09 -41.59
C TYR G 925 -94.97 -28.82 -42.76
N VAL G 926 -95.38 -29.88 -43.44
CA VAL G 926 -96.28 -29.76 -44.59
C VAL G 926 -97.72 -29.63 -44.12
N LYS G 927 -98.25 -28.42 -44.25
CA LYS G 927 -99.59 -28.07 -43.78
C LYS G 927 -100.67 -29.07 -44.16
N HIS G 928 -100.82 -29.30 -45.46
CA HIS G 928 -101.95 -30.07 -45.99
C HIS G 928 -101.83 -31.57 -45.76
N GLU G 929 -100.79 -31.98 -45.04
CA GLU G 929 -100.65 -33.40 -44.68
C GLU G 929 -100.54 -33.59 -43.18
N LYS G 930 -100.34 -32.47 -42.47
CA LYS G 930 -100.21 -32.48 -41.02
C LYS G 930 -99.10 -33.41 -40.52
N ARG G 931 -97.92 -33.29 -41.12
CA ARG G 931 -96.78 -34.10 -40.70
C ARG G 931 -95.49 -33.33 -40.82
N TRP G 932 -94.53 -33.65 -39.95
CA TRP G 932 -93.17 -33.13 -40.07
C TRP G 932 -92.38 -34.01 -41.02
N ILE G 933 -91.45 -33.41 -41.77
CA ILE G 933 -90.65 -34.17 -42.72
C ILE G 933 -89.81 -35.21 -41.99
N ASP G 934 -89.66 -35.02 -40.69
CA ASP G 934 -88.91 -35.93 -39.82
C ASP G 934 -88.96 -35.43 -38.38
N PRO G 935 -89.22 -36.35 -37.43
CA PRO G 935 -89.32 -35.99 -36.01
C PRO G 935 -88.17 -35.08 -35.55
N SER G 936 -86.98 -35.33 -36.07
CA SER G 936 -85.80 -34.55 -35.72
C SER G 936 -85.97 -33.06 -36.03
N LEU G 937 -86.50 -32.77 -37.22
CA LEU G 937 -86.69 -31.38 -37.65
C LEU G 937 -87.75 -30.69 -36.78
N LYS G 938 -88.65 -31.49 -36.21
CA LYS G 938 -89.64 -30.96 -35.29
C LYS G 938 -88.89 -30.54 -34.04
N LYS G 939 -88.00 -31.43 -33.59
CA LYS G 939 -87.20 -31.17 -32.42
C LYS G 939 -86.41 -29.89 -32.62
N LEU G 940 -85.79 -29.78 -33.79
CA LEU G 940 -85.06 -28.56 -34.17
C LEU G 940 -85.91 -27.32 -33.91
N THR G 941 -86.96 -27.15 -34.70
CA THR G 941 -87.86 -26.01 -34.53
C THR G 941 -88.24 -25.84 -33.05
N GLY G 942 -88.47 -26.95 -32.36
CA GLY G 942 -88.85 -26.91 -30.96
C GLY G 942 -87.77 -26.30 -30.09
N ASP G 943 -86.53 -26.73 -30.31
CA ASP G 943 -85.39 -26.25 -29.55
C ASP G 943 -85.18 -24.76 -29.71
N PHE G 944 -85.09 -24.31 -30.95
CA PHE G 944 -84.89 -22.89 -31.20
C PHE G 944 -85.97 -22.07 -30.49
N ILE G 945 -87.20 -22.59 -30.51
CA ILE G 945 -88.32 -21.94 -29.83
C ILE G 945 -87.93 -21.70 -28.39
N ARG G 946 -87.59 -22.79 -27.72
CA ARG G 946 -87.10 -22.79 -26.35
C ARG G 946 -86.06 -21.68 -26.20
N ARG G 947 -85.15 -21.60 -27.16
CA ARG G 947 -84.10 -20.59 -27.15
C ARG G 947 -84.73 -19.21 -27.08
N VAL G 948 -85.66 -18.96 -28.00
CA VAL G 948 -86.30 -17.65 -28.09
C VAL G 948 -86.99 -17.34 -26.79
N GLU G 949 -87.50 -18.39 -26.16
CA GLU G 949 -88.05 -18.27 -24.80
C GLU G 949 -87.00 -17.65 -23.91
N GLU G 950 -85.93 -18.41 -23.67
CA GLU G 950 -84.86 -18.01 -22.77
C GLU G 950 -84.36 -16.59 -23.06
N ARG G 951 -84.19 -16.26 -24.33
CA ARG G 951 -83.73 -14.93 -24.70
C ARG G 951 -84.62 -13.86 -24.06
N PHE G 952 -85.91 -14.15 -23.98
CA PHE G 952 -86.87 -13.13 -23.58
C PHE G 952 -87.41 -13.25 -22.15
N THR G 953 -87.00 -14.28 -21.43
CA THR G 953 -87.28 -14.34 -20.01
C THR G 953 -86.07 -13.81 -19.23
N SER G 954 -86.31 -13.17 -18.08
CA SER G 954 -85.22 -12.60 -17.32
C SER G 954 -85.32 -12.82 -15.81
N VAL G 955 -86.22 -13.71 -15.41
CA VAL G 955 -86.27 -14.16 -14.03
C VAL G 955 -86.32 -15.69 -13.96
N GLU G 956 -85.65 -16.26 -12.96
CA GLU G 956 -85.61 -17.70 -12.84
C GLU G 956 -86.95 -18.23 -12.34
N GLY G 957 -87.19 -19.51 -12.56
CA GLY G 957 -88.38 -20.16 -12.03
C GLY G 957 -89.45 -20.43 -13.06
N GLN G 958 -89.76 -19.43 -13.87
CA GLN G 958 -90.78 -19.59 -14.91
C GLN G 958 -90.46 -20.77 -15.79
N PRO G 959 -91.40 -21.72 -15.91
CA PRO G 959 -91.17 -22.89 -16.75
C PRO G 959 -91.44 -22.60 -18.23
N SER G 960 -91.13 -23.56 -19.09
CA SER G 960 -91.32 -23.40 -20.52
C SER G 960 -92.78 -23.62 -20.91
N LEU G 961 -93.21 -22.94 -21.97
CA LEU G 961 -94.56 -23.09 -22.49
C LEU G 961 -94.56 -24.26 -23.47
N LEU G 962 -93.37 -24.75 -23.75
CA LEU G 962 -93.19 -25.94 -24.57
C LEU G 962 -92.45 -26.94 -23.72
N GLN G 963 -93.21 -27.64 -22.88
CA GLN G 963 -92.64 -28.58 -21.92
C GLN G 963 -92.43 -29.96 -22.55
N ASN G 964 -93.21 -30.25 -23.59
CA ASN G 964 -93.04 -31.48 -24.36
C ASN G 964 -93.22 -31.22 -25.84
N TYR G 965 -92.33 -31.78 -26.66
CA TYR G 965 -92.36 -31.54 -28.10
C TYR G 965 -93.58 -32.16 -28.75
N SER G 966 -94.37 -32.86 -27.94
CA SER G 966 -95.64 -33.41 -28.37
C SER G 966 -96.55 -32.30 -28.92
N ASP G 967 -96.30 -31.07 -28.48
CA ASP G 967 -97.13 -29.92 -28.83
C ASP G 967 -96.98 -29.55 -30.29
N LEU G 968 -95.77 -29.74 -30.82
CA LEU G 968 -95.48 -29.33 -32.19
C LEU G 968 -96.07 -30.31 -33.20
N ASP G 969 -96.78 -31.32 -32.72
CA ASP G 969 -97.47 -32.25 -33.62
C ASP G 969 -98.49 -31.48 -34.47
N GLU G 970 -99.44 -30.82 -33.82
CA GLU G 970 -100.20 -29.77 -34.49
C GLU G 970 -99.62 -28.45 -34.05
N PRO G 971 -98.66 -27.94 -34.83
CA PRO G 971 -97.69 -26.90 -34.49
C PRO G 971 -98.29 -25.52 -34.62
N TYR G 972 -98.58 -25.15 -35.86
CA TYR G 972 -99.07 -23.81 -36.19
C TYR G 972 -100.16 -23.31 -35.24
N PRO G 973 -101.04 -24.21 -34.74
CA PRO G 973 -102.00 -23.83 -33.68
C PRO G 973 -101.34 -23.39 -32.36
N ALA G 974 -100.47 -24.24 -31.81
CA ALA G 974 -99.88 -24.04 -30.50
C ALA G 974 -98.64 -23.13 -30.46
N VAL G 975 -97.89 -23.09 -31.56
CA VAL G 975 -96.71 -22.24 -31.66
C VAL G 975 -97.03 -20.77 -31.41
N ASP G 976 -98.12 -20.33 -32.01
CA ASP G 976 -98.57 -18.94 -31.92
C ASP G 976 -98.83 -18.58 -30.47
N ARG G 977 -99.29 -19.57 -29.71
CA ARG G 977 -99.57 -19.40 -28.29
C ARG G 977 -98.30 -19.10 -27.48
N ILE G 978 -97.23 -19.85 -27.76
CA ILE G 978 -95.96 -19.68 -27.06
C ILE G 978 -95.32 -18.36 -27.43
N LEU G 979 -95.21 -18.13 -28.73
CA LEU G 979 -94.73 -16.85 -29.28
C LEU G 979 -95.51 -15.64 -28.73
N ALA G 980 -96.70 -15.91 -28.23
CA ALA G 980 -97.57 -14.88 -27.71
C ALA G 980 -97.10 -14.43 -26.33
N ALA G 981 -96.66 -15.39 -25.51
CA ALA G 981 -96.27 -15.10 -24.13
C ALA G 981 -94.95 -14.36 -24.07
N TYR G 982 -94.36 -14.11 -25.23
CA TYR G 982 -93.12 -13.38 -25.31
C TYR G 982 -93.28 -12.33 -26.39
N PRO G 983 -93.90 -11.21 -26.02
CA PRO G 983 -94.32 -10.12 -26.90
C PRO G 983 -93.22 -9.68 -27.84
N GLU G 984 -92.15 -9.17 -27.26
CA GLU G 984 -91.05 -8.56 -28.00
C GLU G 984 -90.49 -9.50 -29.06
N ALA G 985 -90.73 -10.80 -28.91
CA ALA G 985 -90.19 -11.80 -29.83
C ALA G 985 -90.65 -11.57 -31.26
N SER G 986 -91.60 -10.66 -31.42
CA SER G 986 -92.13 -10.33 -32.73
C SER G 986 -91.69 -8.92 -33.08
N THR G 987 -91.14 -8.23 -32.10
CA THR G 987 -90.70 -6.84 -32.25
C THR G 987 -89.27 -6.67 -32.75
N GLN G 988 -88.35 -7.50 -32.23
CA GLN G 988 -86.92 -7.35 -32.50
C GLN G 988 -86.28 -8.58 -33.16
N LEU G 989 -85.19 -8.33 -33.89
CA LEU G 989 -84.57 -9.34 -34.74
C LEU G 989 -83.68 -10.28 -33.92
N ILE G 990 -83.10 -11.28 -34.58
CA ILE G 990 -82.26 -12.26 -33.90
C ILE G 990 -81.02 -11.56 -33.39
N ASN G 991 -80.71 -11.79 -32.10
CA ASN G 991 -79.44 -11.38 -31.53
C ASN G 991 -78.37 -12.07 -32.34
N ALA G 992 -77.35 -11.32 -32.74
CA ALA G 992 -76.31 -11.86 -33.61
C ALA G 992 -75.78 -13.22 -33.11
N GLN G 993 -75.71 -13.38 -31.79
CA GLN G 993 -75.30 -14.64 -31.16
C GLN G 993 -76.24 -15.77 -31.50
N ASP G 994 -77.54 -15.48 -31.43
CA ASP G 994 -78.56 -16.48 -31.64
C ASP G 994 -78.60 -16.94 -33.08
N VAL G 995 -78.22 -16.05 -33.99
CA VAL G 995 -78.05 -16.43 -35.38
C VAL G 995 -77.02 -17.55 -35.49
N GLN G 996 -75.84 -17.35 -34.89
CA GLN G 996 -74.79 -18.36 -34.90
C GLN G 996 -75.29 -19.67 -34.30
N HIS G 997 -76.06 -19.53 -33.22
CA HIS G 997 -76.62 -20.68 -32.54
C HIS G 997 -77.59 -21.43 -33.45
N PHE G 998 -78.53 -20.69 -34.02
CA PHE G 998 -79.48 -21.24 -34.97
C PHE G 998 -78.73 -22.10 -35.98
N LEU G 999 -77.69 -21.49 -36.54
CA LEU G 999 -76.92 -22.10 -37.59
C LEU G 999 -76.19 -23.36 -37.16
N LEU G 1000 -75.80 -23.45 -35.89
CA LEU G 1000 -75.12 -24.64 -35.40
C LEU G 1000 -76.14 -25.74 -35.09
N LEU G 1001 -77.38 -25.33 -34.88
CA LEU G 1001 -78.46 -26.25 -34.62
C LEU G 1001 -78.86 -26.96 -35.91
N CYS G 1002 -78.70 -26.27 -37.03
CA CYS G 1002 -79.02 -26.85 -38.33
C CYS G 1002 -77.95 -27.83 -38.82
N GLN G 1003 -76.88 -27.98 -38.03
CA GLN G 1003 -75.75 -28.86 -38.39
C GLN G 1003 -75.56 -30.02 -37.42
N ARG G 1004 -76.24 -29.99 -36.29
CA ARG G 1004 -76.00 -30.96 -35.24
C ARG G 1004 -76.09 -32.44 -35.69
N ARG G 1005 -75.28 -33.28 -35.04
CA ARG G 1005 -75.20 -34.69 -35.38
C ARG G 1005 -76.45 -35.42 -34.95
N GLY G 1006 -77.02 -36.20 -35.85
CA GLY G 1006 -78.25 -36.92 -35.56
C GLY G 1006 -79.50 -36.10 -35.86
N GLN G 1007 -79.50 -35.45 -37.01
CA GLN G 1007 -80.64 -34.66 -37.46
C GLN G 1007 -80.69 -34.69 -38.97
N LYS G 1008 -81.89 -34.84 -39.52
CA LYS G 1008 -82.06 -34.73 -40.96
C LYS G 1008 -81.46 -33.41 -41.39
N PRO G 1009 -80.64 -33.43 -42.44
CA PRO G 1009 -80.10 -32.19 -42.97
C PRO G 1009 -81.25 -31.21 -43.20
N VAL G 1010 -81.04 -29.99 -42.74
CA VAL G 1010 -81.97 -28.90 -42.97
C VAL G 1010 -82.53 -28.93 -44.40
N PRO G 1011 -83.82 -28.61 -44.56
CA PRO G 1011 -84.52 -28.60 -45.85
C PRO G 1011 -84.37 -27.26 -46.60
N PHE G 1012 -83.37 -26.48 -46.25
CA PHE G 1012 -83.19 -25.19 -46.90
C PHE G 1012 -81.76 -24.69 -46.86
N VAL G 1013 -81.59 -23.39 -47.04
CA VAL G 1013 -80.29 -22.76 -46.88
C VAL G 1013 -80.34 -21.55 -45.95
N PRO G 1014 -79.54 -21.57 -44.88
CA PRO G 1014 -79.46 -20.60 -43.78
C PRO G 1014 -78.61 -19.37 -44.11
N ALA G 1015 -77.57 -19.55 -44.91
CA ALA G 1015 -76.83 -18.41 -45.45
C ALA G 1015 -75.74 -18.89 -46.39
N LEU G 1016 -75.08 -17.94 -47.04
CA LEU G 1016 -74.03 -18.26 -48.02
C LEU G 1016 -72.66 -18.27 -47.37
N ASP G 1017 -72.52 -19.03 -46.29
CA ASP G 1017 -71.26 -19.04 -45.54
C ASP G 1017 -70.18 -19.93 -46.17
N GLU G 1018 -69.24 -20.34 -45.33
CA GLU G 1018 -68.13 -21.21 -45.71
C GLU G 1018 -68.59 -22.64 -45.99
N ASN G 1019 -69.82 -22.94 -45.60
CA ASN G 1019 -70.40 -24.28 -45.74
C ASN G 1019 -71.52 -24.35 -46.76
N PHE G 1020 -71.62 -23.30 -47.58
CA PHE G 1020 -72.68 -23.20 -48.57
C PHE G 1020 -72.80 -24.45 -49.43
N GLU G 1021 -71.69 -25.18 -49.60
CA GLU G 1021 -71.73 -26.44 -50.33
C GLU G 1021 -72.56 -27.47 -49.58
N TYR G 1022 -72.19 -27.73 -48.33
CA TYR G 1022 -72.95 -28.67 -47.50
C TYR G 1022 -74.43 -28.31 -47.47
N TRP G 1023 -74.72 -27.04 -47.21
CA TRP G 1023 -76.10 -26.58 -47.18
C TRP G 1023 -76.85 -26.98 -48.44
N PHE G 1024 -76.22 -26.70 -49.58
CA PHE G 1024 -76.84 -26.80 -50.91
C PHE G 1024 -77.07 -28.25 -51.39
N LYS G 1025 -76.01 -29.06 -51.37
CA LYS G 1025 -76.09 -30.37 -52.03
C LYS G 1025 -76.07 -31.59 -51.12
N LYS G 1026 -76.19 -31.36 -49.82
CA LYS G 1026 -76.23 -32.46 -48.88
C LYS G 1026 -77.63 -33.04 -48.90
N ASP G 1027 -77.72 -34.36 -48.99
CA ASP G 1027 -79.02 -35.04 -48.94
C ASP G 1027 -80.00 -34.42 -49.93
N SER G 1028 -79.88 -34.81 -51.19
CA SER G 1028 -80.69 -34.20 -52.24
C SER G 1028 -81.68 -35.17 -52.88
N LEU G 1029 -81.51 -36.46 -52.63
CA LEU G 1029 -82.36 -37.43 -53.31
C LEU G 1029 -83.76 -37.48 -52.72
N TRP G 1030 -83.84 -37.71 -51.41
CA TRP G 1030 -85.09 -37.93 -50.67
C TRP G 1030 -86.32 -37.16 -51.16
N GLN G 1031 -86.09 -35.98 -51.75
CA GLN G 1031 -87.17 -35.10 -52.18
C GLN G 1031 -87.88 -35.60 -53.43
N SER G 1032 -87.16 -36.32 -54.28
CA SER G 1032 -87.75 -36.95 -55.44
C SER G 1032 -88.78 -38.01 -55.05
N GLU G 1033 -88.58 -38.65 -53.89
CA GLU G 1033 -89.45 -39.74 -53.45
C GLU G 1033 -90.70 -39.25 -52.73
N ASP G 1034 -90.68 -37.98 -52.31
CA ASP G 1034 -91.79 -37.37 -51.59
C ASP G 1034 -91.94 -35.90 -51.97
N ILE G 1035 -92.55 -35.66 -53.13
CA ILE G 1035 -92.65 -34.30 -53.65
C ILE G 1035 -93.68 -33.43 -52.89
N GLU G 1036 -94.56 -34.07 -52.14
CA GLU G 1036 -95.52 -33.35 -51.32
C GLU G 1036 -94.79 -32.46 -50.31
N ALA G 1037 -93.57 -32.84 -49.97
CA ALA G 1037 -92.75 -32.11 -49.01
C ALA G 1037 -92.20 -30.84 -49.65
N VAL G 1038 -91.60 -31.00 -50.81
CA VAL G 1038 -90.94 -29.92 -51.54
C VAL G 1038 -91.74 -28.60 -51.53
N TYR G 1039 -91.01 -27.49 -51.62
CA TYR G 1039 -91.61 -26.17 -51.76
C TYR G 1039 -92.41 -26.11 -53.03
N GLY G 1040 -93.70 -25.83 -52.90
CA GLY G 1040 -94.57 -25.73 -54.07
C GLY G 1040 -94.96 -27.08 -54.62
N GLN G 1041 -94.15 -28.10 -54.31
CA GLN G 1041 -94.46 -29.48 -54.67
C GLN G 1041 -94.30 -29.77 -56.16
N ASP G 1042 -93.42 -29.04 -56.83
CA ASP G 1042 -93.16 -29.33 -58.24
C ASP G 1042 -91.85 -30.08 -58.36
N VAL G 1043 -91.80 -31.02 -59.30
CA VAL G 1043 -90.57 -31.77 -59.54
C VAL G 1043 -89.53 -30.86 -60.19
N GLY G 1044 -90.01 -29.74 -60.74
CA GLY G 1044 -89.17 -28.84 -61.50
C GLY G 1044 -87.87 -28.46 -60.82
N ARG G 1045 -87.86 -28.49 -59.49
CA ARG G 1045 -86.68 -28.12 -58.75
C ARG G 1045 -86.04 -29.31 -58.04
N THR G 1046 -86.30 -30.53 -58.52
CA THR G 1046 -85.90 -31.74 -57.80
C THR G 1046 -84.82 -32.58 -58.51
N CYS G 1047 -84.17 -33.45 -57.74
CA CYS G 1047 -83.13 -34.35 -58.23
C CYS G 1047 -83.67 -35.75 -58.51
N ILE G 1048 -83.82 -36.07 -59.79
CA ILE G 1048 -84.22 -37.40 -60.19
C ILE G 1048 -83.14 -37.99 -61.09
N LEU G 1049 -82.63 -39.20 -60.80
CA LEU G 1049 -81.51 -39.79 -61.54
C LEU G 1049 -81.95 -40.71 -62.68
N GLN G 1050 -81.27 -40.61 -63.81
CA GLN G 1050 -81.59 -41.39 -65.00
C GLN G 1050 -80.37 -41.60 -65.89
N GLY G 1051 -80.31 -42.75 -66.56
CA GLY G 1051 -79.33 -42.93 -67.61
C GLY G 1051 -79.69 -42.01 -68.79
N PRO G 1052 -78.73 -41.72 -69.66
CA PRO G 1052 -78.99 -40.85 -70.81
C PRO G 1052 -79.77 -41.59 -71.89
N VAL G 1053 -79.72 -42.92 -71.81
CA VAL G 1053 -80.21 -43.75 -72.89
C VAL G 1053 -81.43 -44.57 -72.44
N ALA G 1054 -81.57 -44.77 -71.14
CA ALA G 1054 -82.72 -45.51 -70.68
C ALA G 1054 -83.94 -44.60 -70.39
N ALA G 1055 -83.93 -43.38 -70.96
CA ALA G 1055 -85.00 -42.40 -70.72
C ALA G 1055 -86.09 -42.47 -71.79
N LYS G 1056 -85.67 -42.92 -72.96
CA LYS G 1056 -86.56 -43.21 -74.07
C LYS G 1056 -87.32 -44.51 -73.80
N TYR G 1057 -86.62 -45.49 -73.23
CA TYR G 1057 -87.20 -46.81 -72.93
C TYR G 1057 -88.30 -46.82 -71.85
N SER G 1058 -88.71 -45.63 -71.41
CA SER G 1058 -89.83 -45.50 -70.48
C SER G 1058 -90.87 -44.55 -71.09
N LYS G 1059 -92.09 -45.04 -71.26
CA LYS G 1059 -93.15 -44.27 -71.90
C LYS G 1059 -94.49 -44.29 -71.14
N VAL G 1060 -94.78 -45.40 -70.48
CA VAL G 1060 -95.97 -45.47 -69.64
C VAL G 1060 -95.55 -45.36 -68.18
N ILE G 1061 -96.36 -44.68 -67.38
CA ILE G 1061 -96.07 -44.53 -65.95
C ILE G 1061 -96.86 -45.56 -65.17
N ASP G 1062 -96.44 -45.80 -63.94
CA ASP G 1062 -97.19 -46.66 -63.03
C ASP G 1062 -97.47 -48.09 -63.52
N GLU G 1063 -96.63 -48.60 -64.40
CA GLU G 1063 -96.80 -49.99 -64.83
C GLU G 1063 -96.40 -50.90 -63.68
N PRO G 1064 -97.19 -51.96 -63.42
CA PRO G 1064 -96.74 -52.93 -62.41
C PRO G 1064 -95.43 -53.53 -62.86
N ILE G 1065 -94.54 -53.83 -61.90
CA ILE G 1065 -93.21 -54.32 -62.23
C ILE G 1065 -93.26 -55.77 -62.66
N LYS G 1066 -94.11 -56.56 -61.99
CA LYS G 1066 -94.36 -57.93 -62.42
C LYS G 1066 -94.52 -57.98 -63.94
N ASP G 1067 -95.13 -56.94 -64.50
CA ASP G 1067 -95.40 -56.85 -65.93
C ASP G 1067 -94.15 -56.54 -66.72
N ILE G 1068 -93.51 -55.42 -66.39
CA ILE G 1068 -92.33 -54.96 -67.11
C ILE G 1068 -91.32 -56.09 -67.24
N LEU G 1069 -91.03 -56.74 -66.11
CA LEU G 1069 -90.05 -57.82 -66.05
C LEU G 1069 -90.55 -59.03 -66.81
N ASP G 1070 -91.74 -59.52 -66.44
CA ASP G 1070 -92.35 -60.66 -67.12
C ASP G 1070 -92.28 -60.48 -68.63
N GLY G 1071 -92.87 -59.38 -69.10
CA GLY G 1071 -92.87 -59.07 -70.52
C GLY G 1071 -91.49 -59.16 -71.14
N ILE G 1072 -90.50 -58.59 -70.48
CA ILE G 1072 -89.12 -58.61 -70.98
C ILE G 1072 -88.49 -60.01 -70.91
N HIS G 1073 -89.04 -60.88 -70.07
CA HIS G 1073 -88.54 -62.25 -70.03
C HIS G 1073 -89.16 -63.04 -71.16
N ASN G 1074 -90.44 -62.80 -71.41
CA ASN G 1074 -91.20 -63.58 -72.38
C ASN G 1074 -90.90 -63.22 -73.82
N ASP G 1075 -90.68 -61.95 -74.08
CA ASP G 1075 -90.23 -61.53 -75.38
C ASP G 1075 -88.89 -62.20 -75.65
N HIS G 1076 -88.21 -62.60 -74.58
CA HIS G 1076 -86.94 -63.32 -74.70
C HIS G 1076 -87.14 -64.80 -75.01
N ILE G 1077 -88.03 -65.47 -74.30
CA ILE G 1077 -88.31 -66.86 -74.60
C ILE G 1077 -88.92 -66.99 -75.99
N LYS G 1078 -89.75 -66.01 -76.38
CA LYS G 1078 -90.40 -66.03 -77.70
C LYS G 1078 -89.42 -65.71 -78.81
N PHE G 1079 -88.61 -64.68 -78.59
CA PHE G 1079 -87.48 -64.39 -79.46
C PHE G 1079 -86.62 -65.65 -79.59
N LEU G 1080 -86.38 -66.31 -78.46
CA LEU G 1080 -85.44 -67.42 -78.38
C LEU G 1080 -86.01 -68.70 -78.99
N LEU G 1081 -87.32 -68.89 -78.85
CA LEU G 1081 -88.00 -70.04 -79.39
C LEU G 1081 -88.00 -69.95 -80.91
N ARG G 1082 -88.64 -68.90 -81.42
CA ARG G 1082 -88.64 -68.60 -82.85
C ARG G 1082 -87.25 -68.70 -83.49
N ASP G 1083 -86.22 -68.36 -82.73
CA ASP G 1083 -84.86 -68.26 -83.26
C ASP G 1083 -84.06 -69.57 -83.24
N LEU G 1084 -84.40 -70.47 -82.33
CA LEU G 1084 -83.66 -71.73 -82.22
C LEU G 1084 -84.52 -72.96 -81.94
N TYR G 1085 -85.83 -72.85 -82.19
CA TYR G 1085 -86.76 -73.93 -81.88
C TYR G 1085 -87.87 -74.11 -82.92
N ASP G 1086 -87.93 -73.17 -83.87
CA ASP G 1086 -88.88 -73.21 -84.99
C ASP G 1086 -90.31 -72.86 -84.58
N GLY G 1087 -90.46 -72.23 -83.41
CA GLY G 1087 -91.76 -71.97 -82.83
C GLY G 1087 -92.29 -73.18 -82.06
N LYS G 1088 -91.54 -74.28 -82.17
CA LYS G 1088 -91.93 -75.58 -81.64
C LYS G 1088 -91.68 -75.73 -80.14
N GLU G 1089 -92.70 -75.46 -79.34
CA GLU G 1089 -92.61 -75.59 -77.89
C GLU G 1089 -92.22 -77.00 -77.47
N GLU G 1090 -92.33 -77.95 -78.38
CA GLU G 1090 -92.07 -79.35 -78.09
C GLU G 1090 -90.57 -79.62 -78.09
N ASN G 1091 -89.83 -78.75 -78.79
CA ASN G 1091 -88.38 -78.86 -78.93
C ASN G 1091 -87.63 -78.35 -77.68
N VAL G 1092 -88.40 -77.90 -76.70
CA VAL G 1092 -87.86 -77.38 -75.46
C VAL G 1092 -87.69 -78.52 -74.45
N PRO G 1093 -86.45 -78.76 -74.01
CA PRO G 1093 -86.18 -79.77 -72.98
C PRO G 1093 -86.98 -79.49 -71.71
N VAL G 1094 -87.15 -80.47 -70.85
CA VAL G 1094 -87.86 -80.26 -69.60
C VAL G 1094 -87.20 -81.01 -68.45
N ILE G 1095 -87.21 -80.38 -67.26
CA ILE G 1095 -86.64 -80.99 -66.07
C ILE G 1095 -87.63 -80.98 -64.91
N GLU G 1096 -87.29 -81.74 -63.88
CA GLU G 1096 -88.09 -81.80 -62.67
C GLU G 1096 -88.20 -80.41 -62.04
N TYR G 1097 -87.09 -79.91 -61.52
CA TYR G 1097 -87.06 -78.59 -60.91
C TYR G 1097 -85.91 -77.78 -61.45
N PHE G 1098 -86.12 -76.49 -61.68
CA PHE G 1098 -85.08 -75.66 -62.26
C PHE G 1098 -83.99 -75.30 -61.25
N GLY G 1099 -82.99 -76.15 -61.11
CA GLY G 1099 -81.91 -75.92 -60.16
C GLY G 1099 -80.55 -75.86 -60.83
N GLY G 1100 -79.56 -76.55 -60.23
CA GLY G 1100 -78.21 -76.57 -60.77
C GLY G 1100 -78.09 -77.32 -62.10
N ARG G 1101 -76.89 -77.33 -62.67
CA ARG G 1101 -76.66 -78.11 -63.88
C ARG G 1101 -76.06 -79.45 -63.46
N ILE G 1102 -76.14 -80.45 -64.33
CA ILE G 1102 -75.47 -81.72 -64.07
C ILE G 1102 -74.21 -81.87 -64.92
N LEU G 1103 -73.16 -82.39 -64.31
CA LEU G 1103 -71.97 -82.80 -65.04
C LEU G 1103 -72.19 -84.24 -65.51
N LYS G 1104 -72.60 -84.39 -66.77
CA LYS G 1104 -72.85 -85.71 -67.36
C LYS G 1104 -71.58 -86.55 -67.39
N ALA G 1105 -71.68 -87.79 -66.90
CA ALA G 1105 -70.55 -88.72 -66.94
C ALA G 1105 -70.62 -89.58 -68.19
N THR G 1106 -69.49 -89.69 -68.88
CA THR G 1106 -69.34 -90.65 -69.97
C THR G 1106 -68.87 -91.99 -69.38
N ASP G 1107 -68.08 -91.91 -68.31
CA ASP G 1107 -67.68 -93.07 -67.50
C ASP G 1107 -68.87 -93.64 -66.69
N GLU G 1108 -69.30 -92.93 -65.64
CA GLU G 1108 -70.33 -93.37 -64.67
C GLU G 1108 -69.82 -94.49 -63.75
N GLU G 1109 -68.50 -94.52 -63.56
CA GLU G 1109 -67.83 -95.50 -62.71
C GLU G 1109 -67.06 -94.78 -61.61
N PRO G 1110 -67.33 -95.15 -60.35
CA PRO G 1110 -66.77 -94.55 -59.13
C PRO G 1110 -65.29 -94.86 -58.89
N ASP G 1111 -64.40 -94.03 -59.44
CA ASP G 1111 -62.94 -94.20 -59.28
C ASP G 1111 -62.43 -93.54 -58.01
N ILE G 1112 -63.01 -93.88 -56.87
CA ILE G 1112 -62.74 -93.17 -55.61
C ILE G 1112 -62.06 -94.04 -54.55
N ASP G 1113 -61.19 -93.42 -53.74
CA ASP G 1113 -60.43 -94.12 -52.71
C ASP G 1113 -61.25 -94.40 -51.46
N GLY G 1114 -60.98 -95.55 -50.84
CA GLY G 1114 -61.66 -95.95 -49.62
C GLY G 1114 -63.10 -96.37 -49.88
N LEU G 1115 -63.66 -95.90 -50.99
CA LEU G 1115 -65.04 -96.22 -51.36
C LEU G 1115 -65.13 -97.40 -52.32
N THR G 1116 -66.01 -98.34 -52.00
CA THR G 1116 -66.38 -99.40 -52.91
C THR G 1116 -67.83 -99.17 -53.36
N ALA G 1117 -68.17 -99.62 -54.56
CA ALA G 1117 -69.49 -99.38 -55.14
C ALA G 1117 -70.06 -100.63 -55.78
N SER G 1118 -71.34 -100.90 -55.54
CA SER G 1118 -72.02 -102.10 -56.04
C SER G 1118 -73.51 -101.80 -56.30
N ARG G 1119 -74.17 -102.59 -57.15
CA ARG G 1119 -75.62 -102.44 -57.33
C ARG G 1119 -76.36 -103.56 -58.08
N ASP G 1120 -77.54 -103.89 -57.57
CA ASP G 1120 -78.51 -104.74 -58.25
C ASP G 1120 -79.47 -103.85 -59.02
N ALA G 1121 -80.70 -104.33 -59.21
CA ALA G 1121 -81.77 -103.50 -59.74
C ALA G 1121 -82.63 -103.14 -58.56
N ASN G 1122 -82.22 -103.62 -57.39
CA ASN G 1122 -82.93 -103.40 -56.14
C ASN G 1122 -82.24 -102.38 -55.24
N LYS G 1123 -80.92 -102.42 -55.22
CA LYS G 1123 -80.17 -101.66 -54.22
C LYS G 1123 -78.79 -101.22 -54.71
N ILE G 1124 -78.45 -99.96 -54.50
CA ILE G 1124 -77.10 -99.47 -54.78
C ILE G 1124 -76.27 -99.38 -53.50
N SER G 1125 -75.16 -100.11 -53.45
CA SER G 1125 -74.34 -100.23 -52.25
C SER G 1125 -73.09 -99.34 -52.26
N TYR G 1126 -72.99 -98.47 -51.27
CA TYR G 1126 -71.78 -97.66 -51.09
C TYR G 1126 -71.19 -97.92 -49.73
N ARG G 1127 -69.97 -98.46 -49.72
CA ARG G 1127 -69.29 -98.79 -48.47
C ARG G 1127 -67.92 -98.11 -48.38
N LEU G 1128 -67.74 -97.29 -47.34
CA LEU G 1128 -66.47 -96.65 -47.10
C LEU G 1128 -65.56 -97.54 -46.27
N SER G 1129 -64.27 -97.49 -46.54
CA SER G 1129 -63.30 -98.39 -45.94
C SER G 1129 -63.29 -98.31 -44.42
N ASN G 1130 -63.13 -99.45 -43.77
CA ASN G 1130 -62.99 -99.47 -42.32
C ASN G 1130 -61.51 -99.51 -41.92
N ALA G 1131 -60.65 -99.16 -42.86
CA ALA G 1131 -59.21 -99.09 -42.61
C ALA G 1131 -58.86 -97.97 -41.65
N PRO G 1132 -58.05 -98.29 -40.62
CA PRO G 1132 -57.55 -97.28 -39.69
C PRO G 1132 -56.83 -96.15 -40.45
N SER G 1133 -56.32 -96.49 -41.63
CA SER G 1133 -55.61 -95.52 -42.46
C SER G 1133 -56.53 -94.38 -42.89
N ALA G 1134 -55.93 -93.21 -43.13
CA ALA G 1134 -56.70 -92.02 -43.49
C ALA G 1134 -56.80 -91.79 -45.00
N ASN G 1135 -57.85 -92.31 -45.62
CA ASN G 1135 -58.22 -91.96 -46.99
C ASN G 1135 -59.71 -92.14 -47.29
N LEU G 1136 -60.35 -91.05 -47.69
CA LEU G 1136 -61.77 -91.05 -48.01
C LEU G 1136 -62.12 -89.95 -48.99
N PRO G 1137 -63.26 -90.09 -49.68
CA PRO G 1137 -63.73 -89.09 -50.65
C PRO G 1137 -64.16 -87.81 -49.95
N ASP G 1138 -64.54 -86.80 -50.72
CA ASP G 1138 -65.03 -85.56 -50.16
C ASP G 1138 -66.27 -85.80 -49.33
N VAL G 1139 -66.72 -84.74 -48.67
CA VAL G 1139 -68.08 -84.72 -48.15
C VAL G 1139 -68.93 -84.22 -49.31
N ASP G 1140 -68.26 -83.62 -50.29
CA ASP G 1140 -68.91 -83.12 -51.51
C ASP G 1140 -69.07 -84.21 -52.57
N SER G 1141 -67.98 -84.90 -52.89
CA SER G 1141 -68.02 -86.00 -53.86
C SER G 1141 -69.00 -87.06 -53.38
N PHE G 1142 -68.96 -87.35 -52.08
CA PHE G 1142 -69.81 -88.37 -51.50
C PHE G 1142 -71.29 -88.02 -51.58
N MET G 1143 -71.60 -86.73 -51.62
CA MET G 1143 -72.99 -86.31 -51.75
C MET G 1143 -73.44 -86.09 -53.20
N GLN G 1144 -72.50 -86.15 -54.13
CA GLN G 1144 -72.84 -86.15 -55.55
C GLN G 1144 -73.35 -87.53 -55.89
N LEU G 1145 -72.70 -88.54 -55.33
CA LEU G 1145 -72.94 -89.94 -55.68
C LEU G 1145 -74.20 -90.49 -55.02
N ILE G 1146 -74.85 -89.66 -54.22
CA ILE G 1146 -76.11 -90.06 -53.60
C ILE G 1146 -77.26 -89.28 -54.20
N ALA G 1147 -76.94 -88.23 -54.94
CA ALA G 1147 -77.97 -87.44 -55.61
C ALA G 1147 -78.37 -88.05 -56.95
N GLY G 1148 -77.38 -88.57 -57.67
CA GLY G 1148 -77.60 -89.18 -58.97
C GLY G 1148 -77.86 -88.14 -60.06
N ASN G 1149 -78.07 -88.60 -61.29
CA ASN G 1149 -78.34 -87.69 -62.39
C ASN G 1149 -79.83 -87.36 -62.57
N SER G 1150 -80.70 -88.24 -62.10
CA SER G 1150 -82.13 -87.99 -62.19
C SER G 1150 -82.54 -86.82 -61.29
N TYR G 1151 -83.21 -85.82 -61.85
CA TYR G 1151 -83.76 -84.74 -61.03
C TYR G 1151 -84.91 -85.23 -60.16
N SER G 1152 -84.58 -85.84 -59.04
CA SER G 1152 -85.56 -86.42 -58.14
C SER G 1152 -85.61 -85.63 -56.84
N TRP G 1153 -86.44 -86.07 -55.90
CA TRP G 1153 -86.37 -85.51 -54.57
C TRP G 1153 -85.07 -85.93 -53.90
N ARG G 1154 -84.64 -87.16 -54.17
CA ARG G 1154 -83.42 -87.69 -53.55
C ARG G 1154 -82.19 -86.92 -54.03
N HIS G 1155 -82.27 -86.35 -55.23
CA HIS G 1155 -81.20 -85.53 -55.76
C HIS G 1155 -81.21 -84.14 -55.14
N ALA G 1156 -82.41 -83.62 -54.86
CA ALA G 1156 -82.53 -82.30 -54.27
C ALA G 1156 -82.17 -82.29 -52.77
N MET G 1157 -82.34 -83.45 -52.12
CA MET G 1157 -82.01 -83.59 -50.70
C MET G 1157 -80.51 -83.57 -50.49
N PHE G 1158 -79.75 -84.02 -51.47
CA PHE G 1158 -78.30 -84.09 -51.35
C PHE G 1158 -77.62 -83.01 -52.18
N THR G 1159 -78.42 -82.08 -52.66
CA THR G 1159 -77.92 -80.95 -53.46
C THR G 1159 -78.07 -79.62 -52.71
N THR G 1160 -79.31 -79.23 -52.41
CA THR G 1160 -79.53 -77.97 -51.71
C THR G 1160 -79.04 -78.07 -50.27
N GLU G 1161 -78.07 -77.22 -49.94
CA GLU G 1161 -77.54 -77.09 -48.59
C GLU G 1161 -78.45 -76.21 -47.74
N VAL G 1162 -79.42 -75.58 -48.38
CA VAL G 1162 -80.38 -74.73 -47.68
C VAL G 1162 -81.72 -75.43 -47.53
N PHE G 1163 -82.04 -75.87 -46.32
CA PHE G 1163 -83.39 -76.30 -46.01
C PHE G 1163 -84.17 -75.13 -45.42
N VAL G 1164 -85.26 -74.77 -46.08
CA VAL G 1164 -86.10 -73.67 -45.61
C VAL G 1164 -86.92 -74.12 -44.40
N GLN G 1165 -86.94 -73.30 -43.36
CA GLN G 1165 -87.83 -73.54 -42.23
C GLN G 1165 -88.52 -72.24 -41.83
N GLY G 1166 -89.78 -72.11 -42.19
CA GLY G 1166 -90.48 -70.85 -42.02
C GLY G 1166 -89.89 -69.87 -43.00
N HIS G 1167 -89.16 -68.88 -42.50
CA HIS G 1167 -88.52 -67.91 -43.36
C HIS G 1167 -87.02 -67.88 -43.13
N ARG G 1168 -86.53 -68.97 -42.57
CA ARG G 1168 -85.13 -69.10 -42.24
C ARG G 1168 -84.46 -70.12 -43.13
N PHE G 1169 -83.19 -69.89 -43.42
CA PHE G 1169 -82.36 -70.90 -44.07
C PHE G 1169 -81.80 -71.78 -42.96
N GLN G 1170 -81.28 -72.94 -43.34
CA GLN G 1170 -80.57 -73.78 -42.39
C GLN G 1170 -79.61 -74.67 -43.17
N THR G 1171 -78.48 -75.00 -42.57
CA THR G 1171 -77.48 -75.80 -43.24
C THR G 1171 -78.00 -77.22 -43.40
N ASN G 1172 -77.85 -77.74 -44.61
CA ASN G 1172 -78.29 -79.09 -44.93
C ASN G 1172 -77.66 -80.10 -43.99
N PRO G 1173 -78.46 -80.61 -43.04
CA PRO G 1173 -77.98 -81.58 -42.05
C PRO G 1173 -77.43 -82.87 -42.67
N LEU G 1174 -77.80 -83.14 -43.92
CA LEU G 1174 -77.30 -84.33 -44.60
C LEU G 1174 -75.81 -84.23 -44.88
N LYS G 1175 -75.28 -83.01 -44.83
CA LYS G 1175 -73.86 -82.76 -45.03
C LYS G 1175 -73.04 -83.33 -43.88
N ARG G 1176 -73.54 -83.16 -42.66
CA ARG G 1176 -72.85 -83.68 -41.48
C ARG G 1176 -73.17 -85.16 -41.30
N LEU G 1177 -74.41 -85.52 -41.56
CA LEU G 1177 -74.84 -86.89 -41.41
C LEU G 1177 -74.08 -87.79 -42.37
N PHE G 1178 -74.04 -87.39 -43.64
CA PHE G 1178 -73.46 -88.23 -44.68
C PHE G 1178 -71.99 -87.93 -44.96
N ALA G 1179 -71.31 -87.31 -44.00
CA ALA G 1179 -69.88 -87.09 -44.14
C ALA G 1179 -69.14 -88.41 -43.90
N PRO G 1180 -68.15 -88.72 -44.73
CA PRO G 1180 -67.42 -89.99 -44.69
C PRO G 1180 -67.02 -90.40 -43.27
N THR G 1181 -67.09 -91.70 -43.00
CA THR G 1181 -66.84 -92.25 -41.67
C THR G 1181 -66.05 -93.53 -41.83
N ARG G 1182 -65.36 -93.94 -40.76
CA ARG G 1182 -64.60 -95.20 -40.78
C ARG G 1182 -65.54 -96.39 -40.88
N GLY G 1183 -65.81 -96.82 -42.12
CA GLY G 1183 -66.61 -97.99 -42.39
C GLY G 1183 -68.11 -97.76 -42.41
N MET G 1184 -68.58 -96.74 -43.13
CA MET G 1184 -70.02 -96.48 -43.20
C MET G 1184 -70.64 -97.10 -44.43
N TYR G 1185 -71.94 -97.40 -44.35
CA TYR G 1185 -72.66 -98.10 -45.43
C TYR G 1185 -73.88 -97.30 -45.86
N VAL G 1186 -74.04 -97.10 -47.16
CA VAL G 1186 -75.17 -96.32 -47.64
C VAL G 1186 -75.84 -97.04 -48.79
N GLU G 1187 -77.10 -97.42 -48.59
CA GLU G 1187 -77.87 -98.15 -49.58
C GLU G 1187 -79.00 -97.30 -50.17
N ILE G 1188 -79.28 -97.50 -51.46
CA ILE G 1188 -80.36 -96.82 -52.14
C ILE G 1188 -81.29 -97.83 -52.79
N THR G 1189 -82.31 -98.25 -52.05
CA THR G 1189 -83.28 -99.23 -52.50
C THR G 1189 -84.25 -98.64 -53.54
N ASN G 1190 -84.58 -99.44 -54.56
CA ASN G 1190 -85.41 -98.99 -55.66
C ASN G 1190 -84.89 -97.67 -56.20
N PRO G 1191 -83.61 -97.66 -56.59
CA PRO G 1191 -82.87 -96.44 -56.93
C PRO G 1191 -83.59 -95.53 -57.91
N ASP G 1192 -84.02 -96.07 -59.05
CA ASP G 1192 -84.57 -95.25 -60.13
C ASP G 1192 -86.09 -95.08 -60.06
N ASP G 1193 -86.70 -95.72 -59.07
CA ASP G 1193 -88.13 -95.56 -58.80
C ASP G 1193 -88.36 -94.54 -57.68
N PRO G 1194 -88.49 -93.26 -58.07
CA PRO G 1194 -88.55 -92.11 -57.15
C PRO G 1194 -89.41 -92.36 -55.91
N ALA G 1195 -90.72 -92.50 -56.09
CA ALA G 1195 -91.64 -92.60 -54.97
C ALA G 1195 -91.35 -93.77 -54.03
N LYS G 1196 -90.52 -94.73 -54.47
CA LYS G 1196 -90.24 -95.92 -53.66
C LYS G 1196 -88.79 -96.07 -53.21
N THR G 1197 -87.97 -95.05 -53.47
CA THR G 1197 -86.56 -95.12 -53.11
C THR G 1197 -86.34 -94.93 -51.62
N VAL G 1198 -85.45 -95.74 -51.05
CA VAL G 1198 -85.14 -95.69 -49.63
C VAL G 1198 -83.63 -95.65 -49.41
N ILE G 1199 -83.16 -94.66 -48.66
CA ILE G 1199 -81.72 -94.50 -48.41
C ILE G 1199 -81.43 -94.79 -46.95
N SER G 1200 -80.45 -95.67 -46.69
CA SER G 1200 -80.11 -96.06 -45.32
C SER G 1200 -78.60 -96.07 -45.04
N VAL G 1201 -78.24 -95.81 -43.80
CA VAL G 1201 -76.84 -95.75 -43.39
C VAL G 1201 -76.52 -96.72 -42.27
N ARG G 1202 -75.33 -97.31 -42.31
CA ARG G 1202 -74.86 -98.21 -41.26
C ARG G 1202 -73.40 -97.94 -40.90
N GLU G 1203 -73.18 -97.56 -39.64
CA GLU G 1203 -71.83 -97.35 -39.13
C GLU G 1203 -71.57 -98.35 -38.02
N PRO G 1204 -70.29 -98.68 -37.78
CA PRO G 1204 -69.94 -99.64 -36.73
C PRO G 1204 -70.29 -99.11 -35.34
N SER G 1205 -70.99 -99.93 -34.55
CA SER G 1205 -71.25 -99.60 -33.15
C SER G 1205 -69.94 -99.59 -32.39
N GLN G 1206 -69.98 -99.13 -31.15
CA GLN G 1206 -68.81 -99.21 -30.30
C GLN G 1206 -68.58 -100.67 -29.90
N SER G 1207 -67.75 -101.35 -30.68
CA SER G 1207 -67.37 -102.75 -30.46
C SER G 1207 -68.29 -103.76 -31.17
N ALA G 1208 -69.35 -103.26 -31.82
CA ALA G 1208 -70.30 -104.11 -32.52
C ALA G 1208 -70.28 -103.91 -34.04
N LYS G 1209 -70.98 -104.80 -34.75
CA LYS G 1209 -71.09 -104.71 -36.20
C LYS G 1209 -72.01 -103.57 -36.63
N LEU G 1210 -71.81 -103.07 -37.85
CA LEU G 1210 -72.56 -101.93 -38.40
C LEU G 1210 -74.07 -101.95 -38.09
N VAL G 1211 -74.57 -100.84 -37.56
CA VAL G 1211 -75.96 -100.73 -37.13
C VAL G 1211 -76.71 -99.65 -37.91
N LYS G 1212 -78.04 -99.74 -37.91
CA LYS G 1212 -78.88 -98.82 -38.63
C LYS G 1212 -78.87 -97.47 -37.95
N THR G 1213 -78.63 -96.42 -38.71
CA THR G 1213 -78.46 -95.10 -38.14
C THR G 1213 -79.42 -94.08 -38.73
N VAL G 1214 -79.42 -93.96 -40.06
CA VAL G 1214 -80.26 -92.99 -40.74
C VAL G 1214 -81.06 -93.66 -41.84
N GLU G 1215 -82.27 -93.15 -42.07
CA GLU G 1215 -83.12 -93.63 -43.16
C GLU G 1215 -83.94 -92.48 -43.72
N ILE G 1216 -84.10 -92.47 -45.03
CA ILE G 1216 -84.96 -91.49 -45.69
C ILE G 1216 -85.87 -92.18 -46.69
N LYS G 1217 -87.16 -91.91 -46.58
CA LYS G 1217 -88.16 -92.46 -47.49
C LYS G 1217 -89.26 -91.43 -47.66
N LEU G 1218 -90.30 -91.76 -48.40
CA LEU G 1218 -91.43 -90.83 -48.54
C LEU G 1218 -92.63 -91.26 -47.70
N VAL G 1219 -93.58 -90.34 -47.55
CA VAL G 1219 -94.85 -90.62 -46.90
C VAL G 1219 -95.82 -89.54 -47.34
N GLY G 1220 -97.11 -89.87 -47.41
CA GLY G 1220 -98.13 -88.90 -47.77
C GLY G 1220 -97.72 -87.98 -48.90
N ASP G 1221 -97.21 -88.58 -49.98
CA ASP G 1221 -96.75 -87.90 -51.22
C ASP G 1221 -95.36 -87.24 -51.18
N ASN G 1222 -95.26 -86.06 -50.59
CA ASN G 1222 -94.02 -85.28 -50.61
C ASN G 1222 -93.31 -85.29 -49.27
N GLU G 1223 -94.06 -85.53 -48.21
CA GLU G 1223 -93.48 -85.53 -46.87
C GLU G 1223 -92.40 -86.58 -46.77
N ILE G 1224 -91.16 -86.13 -46.74
CA ILE G 1224 -90.01 -87.01 -46.64
C ILE G 1224 -89.73 -87.27 -45.17
N ALA G 1225 -89.30 -88.49 -44.86
CA ALA G 1225 -89.05 -88.88 -43.48
C ALA G 1225 -87.56 -89.05 -43.22
N LEU G 1226 -86.96 -88.07 -42.55
CA LEU G 1226 -85.57 -88.17 -42.14
C LEU G 1226 -85.52 -88.76 -40.75
N THR G 1227 -84.98 -89.97 -40.64
CA THR G 1227 -85.11 -90.74 -39.40
C THR G 1227 -83.76 -91.13 -38.82
N LEU G 1228 -83.66 -91.00 -37.50
CA LEU G 1228 -82.46 -91.34 -36.75
C LEU G 1228 -82.81 -92.44 -35.78
N PHE G 1229 -81.88 -93.37 -35.58
CA PHE G 1229 -82.13 -94.53 -34.72
C PHE G 1229 -81.07 -94.65 -33.61
N GLU G 1230 -81.45 -94.30 -32.39
CA GLU G 1230 -80.52 -94.41 -31.28
C GLU G 1230 -80.66 -95.70 -30.49
N GLY G 1231 -79.63 -96.55 -30.59
CA GLY G 1231 -79.61 -97.84 -29.91
C GLY G 1231 -79.89 -97.81 -28.42
N ARG G 1232 -78.89 -97.43 -27.63
CA ARG G 1232 -79.01 -97.42 -26.17
C ARG G 1232 -80.05 -96.40 -25.68
N THR G 1233 -81.12 -96.90 -25.08
CA THR G 1233 -82.17 -96.05 -24.54
C THR G 1233 -82.71 -96.59 -23.22
N ALA G 1234 -83.76 -95.97 -22.71
CA ALA G 1234 -84.38 -96.36 -21.44
C ALA G 1234 -85.06 -97.72 -21.53
N GLU G 1235 -85.41 -98.13 -22.75
CA GLU G 1235 -86.17 -99.35 -22.96
C GLU G 1235 -85.38 -100.46 -23.66
N GLY G 1236 -84.08 -100.23 -23.83
CA GLY G 1236 -83.19 -101.21 -24.45
C GLY G 1236 -83.54 -101.53 -25.90
N GLY G 1237 -84.28 -100.63 -26.55
CA GLY G 1237 -84.69 -100.83 -27.93
C GLY G 1237 -84.49 -99.59 -28.77
N VAL G 1238 -84.12 -99.79 -30.03
CA VAL G 1238 -83.77 -98.68 -30.90
C VAL G 1238 -84.96 -97.74 -31.15
N VAL G 1239 -84.97 -96.60 -30.47
CA VAL G 1239 -86.02 -95.60 -30.65
C VAL G 1239 -85.69 -94.66 -31.80
N PRO G 1240 -86.67 -94.37 -32.66
CA PRO G 1240 -86.51 -93.51 -33.85
C PRO G 1240 -87.00 -92.09 -33.66
N LEU G 1241 -86.22 -91.13 -34.16
CA LEU G 1241 -86.63 -89.73 -34.19
C LEU G 1241 -86.68 -89.29 -35.64
N THR G 1242 -87.73 -88.56 -36.02
CA THR G 1242 -87.94 -88.23 -37.42
C THR G 1242 -88.35 -86.79 -37.67
N PHE G 1243 -87.74 -86.18 -38.68
CA PHE G 1243 -88.08 -84.84 -39.11
C PHE G 1243 -88.77 -84.90 -40.46
N ARG G 1244 -89.86 -84.17 -40.63
CA ARG G 1244 -90.65 -84.28 -41.87
C ARG G 1244 -90.42 -83.07 -42.78
N PHE G 1245 -90.38 -83.34 -44.10
CA PHE G 1245 -90.05 -82.33 -45.10
C PHE G 1245 -91.01 -82.38 -46.30
N THR G 1246 -91.62 -81.24 -46.64
CA THR G 1246 -92.33 -81.16 -47.91
C THR G 1246 -91.32 -80.95 -49.06
N TYR G 1247 -91.77 -80.99 -50.31
CA TYR G 1247 -90.86 -80.93 -51.45
C TYR G 1247 -91.57 -80.43 -52.70
N HIS G 1248 -91.40 -79.14 -53.01
CA HIS G 1248 -92.09 -78.52 -54.14
C HIS G 1248 -91.13 -78.08 -55.23
N PRO G 1249 -90.79 -79.00 -56.14
CA PRO G 1249 -89.98 -78.75 -57.33
C PRO G 1249 -90.51 -77.56 -58.13
N GLU G 1250 -91.61 -76.98 -57.66
CA GLU G 1250 -92.07 -75.69 -58.13
C GLU G 1250 -90.86 -74.76 -58.18
N ALA G 1251 -90.32 -74.46 -57.01
CA ALA G 1251 -89.18 -73.55 -56.87
C ALA G 1251 -87.87 -74.34 -56.84
N GLY G 1252 -87.14 -74.27 -57.94
CA GLY G 1252 -85.89 -75.01 -58.07
C GLY G 1252 -84.78 -74.61 -57.10
N TYR G 1253 -84.86 -73.38 -56.59
CA TYR G 1253 -83.85 -72.84 -55.69
C TYR G 1253 -83.89 -73.48 -54.30
N ALA G 1254 -85.10 -73.58 -53.75
CA ALA G 1254 -85.32 -74.21 -52.45
C ALA G 1254 -86.35 -75.30 -52.60
N PRO G 1255 -85.96 -76.43 -53.20
CA PRO G 1255 -86.83 -77.56 -53.50
C PRO G 1255 -87.32 -78.22 -52.23
N ILE G 1256 -86.57 -78.04 -51.15
CA ILE G 1256 -86.90 -78.69 -49.88
C ILE G 1256 -87.22 -77.67 -48.79
N ARG G 1257 -88.28 -77.98 -48.03
CA ARG G 1257 -88.68 -77.24 -46.84
C ARG G 1257 -88.81 -78.23 -45.67
N GLU G 1258 -89.01 -77.73 -44.47
CA GLU G 1258 -89.26 -78.65 -43.36
C GLU G 1258 -90.61 -78.41 -42.73
N VAL G 1259 -91.22 -79.51 -42.28
CA VAL G 1259 -92.50 -79.48 -41.59
C VAL G 1259 -92.30 -78.99 -40.17
N MET G 1260 -92.86 -77.84 -39.86
CA MET G 1260 -92.56 -77.17 -38.61
C MET G 1260 -93.42 -77.60 -37.44
N GLU G 1261 -94.73 -77.39 -37.57
CA GLU G 1261 -95.67 -77.70 -36.50
C GLU G 1261 -95.36 -79.04 -35.81
N GLY G 1262 -95.27 -78.99 -34.49
CA GLY G 1262 -95.08 -80.20 -33.70
C GLY G 1262 -93.62 -80.56 -33.45
N ARG G 1263 -92.74 -80.08 -34.32
CA ARG G 1263 -91.31 -80.40 -34.22
C ARG G 1263 -90.80 -80.38 -32.78
N ASN G 1264 -91.10 -79.31 -32.04
CA ASN G 1264 -90.73 -79.22 -30.65
C ASN G 1264 -91.30 -80.38 -29.86
N ASP G 1265 -92.63 -80.48 -29.87
CA ASP G 1265 -93.34 -81.49 -29.11
C ASP G 1265 -92.90 -82.89 -29.54
N ARG G 1266 -92.82 -83.08 -30.86
CA ARG G 1266 -92.47 -84.36 -31.46
C ARG G 1266 -91.13 -84.89 -30.95
N ILE G 1267 -90.17 -83.98 -30.86
CA ILE G 1267 -88.82 -84.32 -30.42
C ILE G 1267 -88.77 -84.55 -28.91
N LYS G 1268 -89.49 -83.70 -28.16
CA LYS G 1268 -89.62 -83.84 -26.72
C LYS G 1268 -90.16 -85.22 -26.38
N GLU G 1269 -91.18 -85.63 -27.13
CA GLU G 1269 -91.75 -86.95 -26.96
C GLU G 1269 -90.62 -87.97 -27.03
N PHE G 1270 -89.84 -87.89 -28.10
CA PHE G 1270 -88.68 -88.76 -28.28
C PHE G 1270 -87.87 -88.89 -26.99
N TYR G 1271 -87.29 -87.78 -26.56
CA TYR G 1271 -86.47 -87.78 -25.36
C TYR G 1271 -87.19 -88.45 -24.20
N TYR G 1272 -88.43 -88.05 -23.97
CA TYR G 1272 -89.19 -88.59 -22.85
C TYR G 1272 -89.18 -90.11 -22.88
N ARG G 1273 -89.38 -90.66 -24.07
CA ARG G 1273 -89.36 -92.11 -24.25
C ARG G 1273 -87.98 -92.71 -24.01
N VAL G 1274 -86.95 -91.94 -24.35
CA VAL G 1274 -85.57 -92.41 -24.25
C VAL G 1274 -85.01 -92.28 -22.83
N TRP G 1275 -85.68 -91.46 -22.01
CA TRP G 1275 -85.24 -91.24 -20.61
C TRP G 1275 -86.02 -92.06 -19.58
N PHE G 1276 -87.34 -92.15 -19.72
CA PHE G 1276 -88.18 -92.84 -18.74
C PHE G 1276 -88.99 -94.00 -19.35
N ALA G 1277 -88.95 -94.13 -20.66
CA ALA G 1277 -89.65 -95.19 -21.38
C ALA G 1277 -91.18 -95.02 -21.40
N GLU G 1278 -91.66 -93.85 -21.01
CA GLU G 1278 -93.08 -93.54 -21.08
C GLU G 1278 -93.33 -92.64 -22.28
N LYS G 1279 -94.19 -93.07 -23.21
CA LYS G 1279 -94.45 -92.29 -24.42
C LYS G 1279 -95.39 -91.12 -24.15
N GLU G 1280 -96.18 -91.25 -23.10
CA GLU G 1280 -97.14 -90.21 -22.75
C GLU G 1280 -96.51 -89.14 -21.85
N VAL G 1281 -96.46 -87.93 -22.40
CA VAL G 1281 -95.62 -86.86 -21.87
C VAL G 1281 -96.45 -85.66 -21.40
N PRO G 1282 -96.34 -85.31 -20.10
CA PRO G 1282 -97.16 -84.27 -19.46
C PRO G 1282 -96.94 -82.88 -20.05
N PHE G 1283 -97.72 -82.54 -21.07
CA PHE G 1283 -97.56 -81.26 -21.76
C PHE G 1283 -98.23 -80.12 -21.01
N ASP G 1284 -99.50 -80.32 -20.67
CA ASP G 1284 -100.33 -79.25 -20.16
C ASP G 1284 -100.06 -78.92 -18.69
N THR G 1285 -99.22 -79.73 -18.05
CA THR G 1285 -98.84 -79.51 -16.66
C THR G 1285 -98.28 -78.09 -16.49
N PRO G 1286 -98.85 -77.32 -15.55
CA PRO G 1286 -98.40 -75.94 -15.31
C PRO G 1286 -97.02 -75.93 -14.67
N LEU G 1287 -96.25 -74.86 -14.90
CA LEU G 1287 -94.89 -74.79 -14.41
C LEU G 1287 -94.87 -74.45 -12.91
N THR G 1288 -96.05 -74.07 -12.41
CA THR G 1288 -96.27 -73.84 -11.00
C THR G 1288 -96.26 -75.17 -10.25
N ALA G 1289 -96.52 -76.26 -10.97
CA ALA G 1289 -96.60 -77.60 -10.38
C ALA G 1289 -95.29 -78.07 -9.76
N VAL G 1290 -95.44 -78.95 -8.79
CA VAL G 1290 -94.32 -79.63 -8.19
C VAL G 1290 -94.25 -80.97 -8.89
N PHE G 1291 -93.04 -81.48 -9.07
CA PHE G 1291 -92.85 -82.69 -9.86
C PHE G 1291 -92.35 -83.85 -9.01
N ASP G 1292 -92.99 -85.00 -9.14
CA ASP G 1292 -92.60 -86.20 -8.39
C ASP G 1292 -91.61 -87.05 -9.18
N GLY G 1293 -90.47 -87.38 -8.57
CA GLY G 1293 -89.47 -88.25 -9.17
C GLY G 1293 -89.69 -89.66 -8.70
N GLY G 1294 -90.28 -89.78 -7.51
CA GLY G 1294 -90.66 -91.07 -6.96
C GLY G 1294 -89.81 -91.50 -5.79
N ARG G 1295 -90.23 -92.58 -5.13
CA ARG G 1295 -89.44 -93.19 -4.08
C ARG G 1295 -88.20 -93.80 -4.72
N GLU G 1296 -87.13 -93.95 -3.95
CA GLU G 1296 -85.92 -94.55 -4.49
C GLU G 1296 -84.99 -95.09 -3.43
N ILE G 1297 -84.54 -96.33 -3.64
CA ILE G 1297 -83.53 -96.93 -2.78
C ILE G 1297 -82.18 -96.96 -3.50
N VAL G 1298 -81.16 -96.51 -2.81
CA VAL G 1298 -79.83 -96.46 -3.36
C VAL G 1298 -79.26 -97.86 -3.39
N ASN G 1299 -79.12 -98.45 -4.58
CA ASN G 1299 -78.57 -99.79 -4.63
C ASN G 1299 -77.09 -99.81 -4.29
N ALA G 1300 -76.72 -100.67 -3.34
CA ALA G 1300 -75.33 -100.84 -2.92
C ALA G 1300 -74.41 -100.96 -4.14
N GLN G 1301 -74.91 -101.62 -5.18
CA GLN G 1301 -74.16 -101.78 -6.42
C GLN G 1301 -74.18 -100.51 -7.26
N ALA G 1302 -75.38 -100.02 -7.55
CA ALA G 1302 -75.57 -98.82 -8.36
C ALA G 1302 -74.59 -97.72 -7.96
N VAL G 1303 -74.30 -97.64 -6.67
CA VAL G 1303 -73.29 -96.72 -6.15
C VAL G 1303 -71.92 -97.01 -6.75
N ALA G 1304 -71.36 -98.17 -6.42
CA ALA G 1304 -70.03 -98.54 -6.89
C ALA G 1304 -69.89 -98.40 -8.41
N ASP G 1305 -70.99 -98.58 -9.12
CA ASP G 1305 -70.99 -98.44 -10.57
C ASP G 1305 -70.69 -97.01 -10.98
N PHE G 1306 -71.30 -96.08 -10.25
CA PHE G 1306 -71.16 -94.65 -10.50
C PHE G 1306 -69.73 -94.18 -10.19
N VAL G 1307 -69.27 -94.54 -9.00
CA VAL G 1307 -67.90 -94.29 -8.56
C VAL G 1307 -66.89 -94.76 -9.60
N HIS G 1308 -66.91 -96.06 -9.92
CA HIS G 1308 -65.95 -96.66 -10.85
C HIS G 1308 -66.01 -96.03 -12.24
N ALA G 1309 -67.11 -95.32 -12.51
CA ALA G 1309 -67.31 -94.67 -13.78
C ALA G 1309 -66.69 -93.28 -13.83
N VAL G 1310 -67.18 -92.39 -12.96
CA VAL G 1310 -66.72 -91.00 -12.95
C VAL G 1310 -65.25 -90.88 -12.59
N GLY G 1311 -64.82 -91.68 -11.62
CA GLY G 1311 -63.41 -91.76 -11.27
C GLY G 1311 -63.03 -91.67 -9.81
N ASN G 1312 -64.00 -91.35 -8.94
CA ASN G 1312 -63.71 -91.16 -7.52
C ASN G 1312 -63.37 -92.47 -6.81
N THR G 1313 -62.47 -92.40 -5.83
CA THR G 1313 -62.00 -93.61 -5.15
C THR G 1313 -61.73 -93.37 -3.65
N GLY G 1314 -62.76 -92.92 -2.93
CA GLY G 1314 -62.63 -92.66 -1.51
C GLY G 1314 -63.10 -93.81 -0.64
N GLU G 1315 -62.32 -94.15 0.39
CA GLU G 1315 -62.63 -95.28 1.26
C GLU G 1315 -63.97 -95.08 2.00
N ALA G 1316 -64.65 -93.99 1.69
CA ALA G 1316 -66.01 -93.78 2.17
C ALA G 1316 -66.98 -94.39 1.17
N PHE G 1317 -66.73 -94.16 -0.11
CA PHE G 1317 -67.48 -94.76 -1.21
C PHE G 1317 -67.42 -96.29 -1.26
N VAL G 1318 -66.48 -96.88 -0.54
CA VAL G 1318 -66.32 -98.34 -0.47
C VAL G 1318 -66.50 -98.82 0.97
N ASP G 1319 -66.88 -100.09 1.13
CA ASP G 1319 -67.28 -100.62 2.44
C ASP G 1319 -66.25 -100.51 3.57
N ARG G 1320 -64.99 -100.76 3.27
CA ARG G 1320 -63.93 -100.68 4.28
C ARG G 1320 -63.85 -99.30 4.96
N GLY G 1321 -63.02 -99.19 5.99
CA GLY G 1321 -62.96 -97.98 6.79
C GLY G 1321 -64.24 -97.92 7.61
N LYS G 1322 -64.33 -96.97 8.53
CA LYS G 1322 -65.49 -96.92 9.40
C LYS G 1322 -66.66 -96.18 8.76
N ASP G 1323 -66.49 -95.80 7.49
CA ASP G 1323 -67.51 -95.04 6.76
C ASP G 1323 -67.83 -95.67 5.40
N PHE G 1324 -69.12 -95.84 5.10
CA PHE G 1324 -69.59 -96.13 3.74
C PHE G 1324 -70.69 -95.15 3.28
N PHE G 1325 -70.33 -94.32 2.31
CA PHE G 1325 -71.23 -93.28 1.85
C PHE G 1325 -71.29 -93.17 0.34
N ALA G 1326 -72.38 -92.60 -0.14
CA ALA G 1326 -72.58 -92.37 -1.56
C ALA G 1326 -72.31 -90.92 -1.92
N PRO G 1327 -71.67 -90.71 -3.07
CA PRO G 1327 -71.41 -89.39 -3.67
C PRO G 1327 -72.67 -88.58 -3.62
N MET G 1328 -72.56 -87.28 -3.36
CA MET G 1328 -73.72 -86.41 -3.47
C MET G 1328 -74.02 -86.14 -4.95
N ASP G 1329 -73.10 -86.56 -5.83
CA ASP G 1329 -73.31 -86.51 -7.27
C ASP G 1329 -74.39 -87.50 -7.65
N PHE G 1330 -74.67 -88.43 -6.74
CA PHE G 1330 -75.69 -89.44 -6.94
C PHE G 1330 -77.07 -88.82 -6.87
N ALA G 1331 -77.17 -87.65 -6.26
CA ALA G 1331 -78.45 -86.96 -6.19
C ALA G 1331 -78.99 -86.73 -7.58
N ILE G 1332 -78.10 -86.41 -8.52
CA ILE G 1332 -78.51 -86.19 -9.90
C ILE G 1332 -78.86 -87.49 -10.61
N VAL G 1333 -78.33 -88.59 -10.11
CA VAL G 1333 -78.66 -89.89 -10.67
C VAL G 1333 -80.01 -90.34 -10.11
N VAL G 1334 -80.22 -90.14 -8.81
CA VAL G 1334 -81.46 -90.52 -8.15
C VAL G 1334 -82.59 -89.64 -8.63
N GLY G 1335 -82.42 -88.34 -8.48
CA GLY G 1335 -83.48 -87.39 -8.83
C GLY G 1335 -83.47 -87.00 -10.28
N TRP G 1336 -82.77 -87.79 -11.09
CA TRP G 1336 -82.66 -87.53 -12.52
C TRP G 1336 -84.05 -87.36 -13.15
N LYS G 1337 -85.05 -88.03 -12.60
CA LYS G 1337 -86.43 -87.85 -13.03
C LYS G 1337 -86.91 -86.42 -12.78
N ALA G 1338 -87.08 -86.08 -11.50
CA ALA G 1338 -87.64 -84.79 -11.13
C ALA G 1338 -86.85 -83.61 -11.69
N ILE G 1339 -85.55 -83.81 -11.88
CA ILE G 1339 -84.68 -82.73 -12.33
C ILE G 1339 -84.85 -82.48 -13.82
N THR G 1340 -85.36 -83.47 -14.55
CA THR G 1340 -85.46 -83.41 -16.00
C THR G 1340 -86.87 -83.10 -16.52
N LYS G 1341 -87.85 -83.79 -15.95
CA LYS G 1341 -89.23 -83.70 -16.44
C LYS G 1341 -89.81 -82.29 -16.63
N PRO G 1342 -89.44 -81.35 -15.76
CA PRO G 1342 -90.06 -80.01 -15.83
C PRO G 1342 -89.68 -79.25 -17.10
N ILE G 1343 -88.74 -79.78 -17.86
CA ILE G 1343 -88.24 -79.12 -19.06
C ILE G 1343 -89.28 -79.17 -20.18
N PHE G 1344 -90.19 -80.14 -20.06
CA PHE G 1344 -91.06 -80.55 -21.16
C PHE G 1344 -92.34 -79.74 -21.43
N PRO G 1345 -93.07 -79.32 -20.38
CA PRO G 1345 -94.32 -78.56 -20.47
C PRO G 1345 -94.52 -77.70 -21.74
N ARG G 1346 -95.78 -77.41 -22.06
CA ARG G 1346 -96.11 -76.71 -23.29
C ARG G 1346 -95.54 -75.30 -23.39
N LYS G 1347 -95.59 -74.55 -22.30
CA LYS G 1347 -95.22 -73.13 -22.35
C LYS G 1347 -93.70 -72.92 -22.38
N ILE G 1348 -92.95 -74.00 -22.13
CA ILE G 1348 -91.50 -73.98 -22.10
C ILE G 1348 -90.92 -74.60 -23.36
N ASP G 1349 -91.73 -74.68 -24.41
CA ASP G 1349 -91.35 -75.48 -25.58
C ASP G 1349 -90.16 -74.95 -26.41
N GLY G 1350 -89.16 -75.82 -26.55
CA GLY G 1350 -88.03 -75.58 -27.42
C GLY G 1350 -87.46 -76.90 -27.88
N ASP G 1351 -86.44 -76.83 -28.74
CA ASP G 1351 -85.77 -78.01 -29.28
C ASP G 1351 -84.99 -78.75 -28.20
N LEU G 1352 -85.54 -79.86 -27.71
CA LEU G 1352 -84.84 -80.62 -26.66
C LEU G 1352 -83.52 -81.23 -27.17
N LEU G 1353 -83.39 -81.32 -28.48
CA LEU G 1353 -82.16 -81.81 -29.11
C LEU G 1353 -81.02 -80.80 -28.90
N LYS G 1354 -81.28 -79.56 -29.30
CA LYS G 1354 -80.34 -78.47 -29.08
C LYS G 1354 -80.42 -77.96 -27.65
N LEU G 1355 -80.44 -78.87 -26.68
CA LEU G 1355 -80.41 -78.45 -25.29
C LEU G 1355 -79.03 -78.73 -24.78
N VAL G 1356 -78.64 -78.06 -23.71
CA VAL G 1356 -77.37 -78.33 -23.05
C VAL G 1356 -77.51 -78.19 -21.56
N HIS G 1357 -76.79 -79.02 -20.81
CA HIS G 1357 -76.76 -78.86 -19.37
C HIS G 1357 -75.84 -77.69 -19.02
N LEU G 1358 -76.39 -76.69 -18.33
CA LEU G 1358 -75.75 -75.38 -18.17
C LEU G 1358 -75.04 -75.15 -16.84
N SER G 1359 -75.76 -75.36 -15.74
CA SER G 1359 -75.21 -75.22 -14.40
C SER G 1359 -75.79 -76.29 -13.51
N ASN G 1360 -75.10 -76.60 -12.43
CA ASN G 1360 -75.62 -77.57 -11.50
C ASN G 1360 -74.99 -77.42 -10.13
N GLY G 1361 -75.83 -77.21 -9.12
CA GLY G 1361 -75.36 -77.10 -7.76
C GLY G 1361 -76.06 -78.06 -6.82
N TYR G 1362 -75.27 -78.70 -5.97
CA TYR G 1362 -75.82 -79.46 -4.87
C TYR G 1362 -75.58 -78.62 -3.62
N ARG G 1363 -76.39 -78.83 -2.58
CA ARG G 1363 -76.23 -78.08 -1.33
C ARG G 1363 -76.90 -78.82 -0.18
N MET G 1364 -76.09 -79.31 0.76
CA MET G 1364 -76.59 -80.22 1.78
C MET G 1364 -77.11 -79.53 3.03
N VAL G 1365 -78.37 -79.82 3.34
CA VAL G 1365 -79.06 -79.23 4.49
C VAL G 1365 -78.24 -79.36 5.77
N PRO G 1366 -78.17 -78.28 6.56
CA PRO G 1366 -77.41 -78.21 7.81
C PRO G 1366 -77.60 -79.44 8.69
N GLY G 1367 -76.50 -80.12 9.01
CA GLY G 1367 -76.53 -81.22 9.95
C GLY G 1367 -76.85 -82.59 9.37
N ALA G 1368 -77.42 -82.61 8.16
CA ALA G 1368 -77.87 -83.86 7.56
C ALA G 1368 -76.72 -84.73 7.02
N GLU G 1369 -76.57 -85.92 7.58
CA GLU G 1369 -75.52 -86.84 7.12
C GLU G 1369 -75.71 -87.19 5.64
N PRO G 1370 -74.61 -87.50 4.94
CA PRO G 1370 -74.62 -87.71 3.49
C PRO G 1370 -75.42 -88.95 3.11
N LEU G 1371 -75.46 -89.24 1.81
CA LEU G 1371 -76.23 -90.36 1.31
C LEU G 1371 -75.57 -91.68 1.65
N LYS G 1372 -76.31 -92.58 2.26
CA LYS G 1372 -75.84 -93.95 2.53
C LYS G 1372 -76.62 -94.90 1.62
N VAL G 1373 -76.21 -96.16 1.57
CA VAL G 1373 -76.82 -97.08 0.61
C VAL G 1373 -78.25 -97.52 0.93
N GLY G 1374 -78.49 -97.92 2.17
CA GLY G 1374 -79.81 -98.39 2.56
C GLY G 1374 -80.84 -97.28 2.65
N ASP G 1375 -80.67 -96.24 1.83
CA ASP G 1375 -81.52 -95.06 1.91
C ASP G 1375 -82.72 -95.10 1.00
N VAL G 1376 -83.79 -94.42 1.41
CA VAL G 1376 -84.99 -94.25 0.61
C VAL G 1376 -85.26 -92.77 0.43
N LEU G 1377 -85.20 -92.31 -0.81
CA LEU G 1377 -85.18 -90.88 -1.12
C LEU G 1377 -86.35 -90.43 -1.98
N ASP G 1378 -87.08 -89.44 -1.52
CA ASP G 1378 -88.23 -88.93 -2.28
C ASP G 1378 -87.88 -87.66 -3.03
N THR G 1379 -87.94 -87.75 -4.35
CA THR G 1379 -87.42 -86.73 -5.24
C THR G 1379 -88.48 -85.69 -5.66
N THR G 1380 -88.41 -84.50 -5.08
CA THR G 1380 -89.35 -83.42 -5.38
C THR G 1380 -88.68 -82.30 -6.15
N ALA G 1381 -89.35 -81.71 -7.12
CA ALA G 1381 -88.75 -80.61 -7.86
C ALA G 1381 -89.77 -79.57 -8.28
N GLN G 1382 -89.31 -78.36 -8.56
CA GLN G 1382 -90.16 -77.30 -9.11
C GLN G 1382 -89.34 -76.30 -9.93
N ILE G 1383 -90.01 -75.55 -10.79
CA ILE G 1383 -89.30 -74.68 -11.73
C ILE G 1383 -89.07 -73.29 -11.20
N ASN G 1384 -87.87 -73.04 -10.68
CA ASN G 1384 -87.52 -71.79 -10.02
C ASN G 1384 -87.43 -70.58 -10.93
N ALA G 1385 -87.27 -70.82 -12.22
CA ALA G 1385 -87.22 -69.75 -13.19
C ALA G 1385 -86.95 -70.28 -14.60
N VAL G 1386 -87.61 -69.68 -15.57
CA VAL G 1386 -87.34 -69.97 -16.97
C VAL G 1386 -87.26 -68.64 -17.68
N ILE G 1387 -86.05 -68.25 -18.04
CA ILE G 1387 -85.82 -66.98 -18.71
C ILE G 1387 -85.01 -67.20 -19.97
N ASN G 1388 -85.29 -66.41 -20.99
CA ASN G 1388 -84.62 -66.56 -22.27
C ASN G 1388 -83.51 -65.56 -22.46
N GLN G 1389 -82.30 -66.00 -22.12
CA GLN G 1389 -81.10 -65.23 -22.34
C GLN G 1389 -80.84 -65.16 -23.83
N ASP G 1390 -79.69 -64.64 -24.22
CA ASP G 1390 -79.36 -64.54 -25.64
C ASP G 1390 -78.94 -65.88 -26.22
N SER G 1391 -78.03 -66.57 -25.53
CA SER G 1391 -77.54 -67.87 -25.97
C SER G 1391 -78.68 -68.83 -26.35
N GLY G 1392 -79.73 -68.86 -25.54
CA GLY G 1392 -80.88 -69.69 -25.82
C GLY G 1392 -82.01 -69.36 -24.88
N LYS G 1393 -82.70 -70.39 -24.41
CA LYS G 1393 -83.71 -70.21 -23.38
C LYS G 1393 -83.30 -71.08 -22.23
N MET G 1394 -83.46 -70.59 -21.01
CA MET G 1394 -82.95 -71.32 -19.86
C MET G 1394 -84.03 -71.69 -18.84
N VAL G 1395 -83.82 -72.83 -18.20
CA VAL G 1395 -84.74 -73.35 -17.20
C VAL G 1395 -83.97 -73.65 -15.92
N GLU G 1396 -84.46 -73.14 -14.79
CA GLU G 1396 -83.87 -73.44 -13.49
C GLU G 1396 -84.73 -74.43 -12.70
N VAL G 1397 -84.14 -75.58 -12.40
CA VAL G 1397 -84.83 -76.65 -11.72
C VAL G 1397 -84.32 -76.76 -10.30
N CYS G 1398 -85.20 -76.60 -9.31
CA CYS G 1398 -84.79 -76.81 -7.92
C CYS G 1398 -85.32 -78.13 -7.40
N GLY G 1399 -84.40 -79.05 -7.12
CA GLY G 1399 -84.78 -80.34 -6.60
C GLY G 1399 -84.50 -80.43 -5.12
N THR G 1400 -85.32 -81.21 -4.43
CA THR G 1400 -85.12 -81.49 -3.01
C THR G 1400 -85.17 -83.00 -2.80
N LEU G 1401 -84.07 -83.57 -2.34
CA LEU G 1401 -84.05 -84.99 -2.03
C LEU G 1401 -84.37 -85.20 -0.57
N LYS G 1402 -85.55 -85.75 -0.29
CA LYS G 1402 -85.96 -86.01 1.09
C LYS G 1402 -85.70 -87.46 1.50
N ARG G 1403 -85.51 -87.67 2.78
CA ARG G 1403 -85.25 -88.99 3.35
C ARG G 1403 -85.84 -89.04 4.75
N ASP G 1404 -86.74 -89.99 4.98
CA ASP G 1404 -87.42 -90.10 6.27
C ASP G 1404 -88.21 -88.83 6.55
N GLY G 1405 -88.87 -88.32 5.51
CA GLY G 1405 -89.74 -87.16 5.62
C GLY G 1405 -89.01 -85.84 5.70
N LYS G 1406 -87.69 -85.89 5.86
CA LYS G 1406 -86.88 -84.70 6.05
C LYS G 1406 -85.94 -84.44 4.88
N PRO G 1407 -85.93 -83.19 4.37
CA PRO G 1407 -85.09 -82.74 3.26
C PRO G 1407 -83.59 -82.86 3.59
N VAL G 1408 -82.83 -83.49 2.71
CA VAL G 1408 -81.42 -83.73 2.98
C VAL G 1408 -80.50 -82.85 2.14
N MET G 1409 -80.83 -82.63 0.88
CA MET G 1409 -79.99 -81.80 0.03
C MET G 1409 -80.75 -81.32 -1.19
N TYR G 1410 -80.59 -80.05 -1.53
CA TYR G 1410 -81.28 -79.49 -2.69
C TYR G 1410 -80.37 -79.44 -3.91
N VAL G 1411 -80.75 -80.15 -4.96
CA VAL G 1411 -80.01 -80.12 -6.20
C VAL G 1411 -80.67 -79.16 -7.18
N THR G 1412 -80.09 -77.97 -7.30
CA THR G 1412 -80.51 -77.00 -8.30
C THR G 1412 -79.78 -77.30 -9.60
N SER G 1413 -80.31 -76.81 -10.71
CA SER G 1413 -79.77 -77.14 -12.02
C SER G 1413 -80.33 -76.22 -13.09
N GLN G 1414 -79.50 -75.89 -14.08
CA GLN G 1414 -79.95 -75.04 -15.18
C GLN G 1414 -79.76 -75.73 -16.53
N PHE G 1415 -80.74 -75.61 -17.41
CA PHE G 1415 -80.64 -76.20 -18.72
C PHE G 1415 -80.78 -75.14 -19.79
N LEU G 1416 -80.22 -75.40 -20.98
CA LEU G 1416 -80.25 -74.41 -22.04
C LEU G 1416 -80.80 -74.94 -23.37
N TYR G 1417 -82.06 -74.64 -23.62
CA TYR G 1417 -82.66 -74.75 -24.93
C TYR G 1417 -82.07 -73.66 -25.81
N ARG G 1418 -80.89 -73.90 -26.39
CA ARG G 1418 -80.20 -72.85 -27.13
C ARG G 1418 -80.88 -72.45 -28.45
N GLY G 1419 -80.88 -71.14 -28.71
CA GLY G 1419 -81.50 -70.58 -29.89
C GLY G 1419 -82.09 -69.20 -29.60
N VAL G 1420 -82.93 -68.72 -30.52
CA VAL G 1420 -83.55 -67.40 -30.39
C VAL G 1420 -85.01 -67.54 -29.93
N TYR G 1421 -85.36 -66.88 -28.82
CA TYR G 1421 -86.72 -67.00 -28.28
C TYR G 1421 -87.35 -65.67 -27.92
N THR G 1422 -88.67 -65.56 -28.14
CA THR G 1422 -89.41 -64.37 -27.74
C THR G 1422 -90.75 -64.74 -27.08
N ASP G 1423 -90.77 -65.90 -26.44
CA ASP G 1423 -91.96 -66.35 -25.73
C ASP G 1423 -91.96 -65.77 -24.32
N TYR G 1424 -91.72 -64.47 -24.22
CA TYR G 1424 -91.60 -63.76 -22.94
C TYR G 1424 -92.88 -63.88 -22.11
N GLU G 1425 -93.93 -64.36 -22.75
CA GLU G 1425 -95.18 -64.63 -22.07
C GLU G 1425 -94.99 -65.61 -20.90
N ASN G 1426 -93.93 -66.41 -20.95
CA ASN G 1426 -93.76 -67.50 -20.00
C ASN G 1426 -92.41 -67.46 -19.29
N THR G 1427 -91.70 -66.35 -19.40
CA THR G 1427 -90.43 -66.22 -18.72
C THR G 1427 -90.65 -65.62 -17.33
N PHE G 1428 -89.88 -66.07 -16.34
CA PHE G 1428 -90.10 -65.69 -14.96
C PHE G 1428 -88.96 -66.14 -14.06
N GLN G 1429 -88.97 -65.69 -12.81
CA GLN G 1429 -87.95 -66.08 -11.86
C GLN G 1429 -88.35 -65.91 -10.39
N ARG G 1430 -88.05 -66.91 -9.58
CA ARG G 1430 -88.18 -66.78 -8.12
C ARG G 1430 -86.81 -66.70 -7.48
N LYS G 1431 -86.34 -65.49 -7.18
CA LYS G 1431 -85.10 -65.33 -6.45
C LYS G 1431 -85.36 -65.20 -4.95
N ASP G 1432 -84.41 -65.63 -4.14
CA ASP G 1432 -84.45 -65.35 -2.72
C ASP G 1432 -83.57 -64.15 -2.45
N GLU G 1433 -84.19 -63.01 -2.15
CA GLU G 1433 -83.45 -61.77 -2.00
C GLU G 1433 -82.44 -61.88 -0.87
N VAL G 1434 -81.29 -61.24 -1.07
CA VAL G 1434 -80.21 -61.27 -0.10
C VAL G 1434 -80.68 -60.80 1.28
N PRO G 1435 -80.42 -61.59 2.32
CA PRO G 1435 -80.74 -61.12 3.67
C PRO G 1435 -80.08 -59.76 3.90
N MET G 1436 -80.86 -58.80 4.35
CA MET G 1436 -80.32 -57.46 4.58
C MET G 1436 -80.70 -56.87 5.93
N GLN G 1437 -79.84 -55.97 6.42
CA GLN G 1437 -79.87 -55.47 7.79
C GLN G 1437 -80.08 -53.96 7.83
N LEU G 1438 -81.30 -53.52 8.16
CA LEU G 1438 -81.64 -52.10 8.16
C LEU G 1438 -81.65 -51.55 9.57
N HIS G 1439 -80.86 -50.50 9.79
CA HIS G 1439 -80.73 -49.90 11.12
C HIS G 1439 -81.52 -48.60 11.25
N ILE G 1440 -82.65 -48.66 11.96
CA ILE G 1440 -83.41 -47.47 12.28
C ILE G 1440 -82.68 -46.74 13.38
N ALA G 1441 -82.50 -45.44 13.25
CA ALA G 1441 -81.72 -44.69 14.22
C ALA G 1441 -82.33 -43.34 14.57
N THR G 1442 -83.19 -42.83 13.71
CA THR G 1442 -83.83 -41.53 13.91
C THR G 1442 -85.32 -41.68 13.65
N PRO G 1443 -86.14 -40.87 14.33
CA PRO G 1443 -87.55 -40.87 13.96
C PRO G 1443 -87.71 -40.62 12.46
N GLN G 1444 -86.72 -39.97 11.85
CA GLN G 1444 -86.74 -39.74 10.41
C GLN G 1444 -86.66 -41.07 9.67
N ASP G 1445 -85.73 -41.92 10.11
CA ASP G 1445 -85.54 -43.23 9.49
C ASP G 1445 -86.80 -44.10 9.63
N LEU G 1446 -87.23 -44.28 10.86
CA LEU G 1446 -88.43 -45.04 11.17
C LEU G 1446 -89.63 -44.52 10.40
N ALA G 1447 -89.78 -43.19 10.38
CA ALA G 1447 -90.92 -42.55 9.72
C ALA G 1447 -90.99 -42.87 8.23
N VAL G 1448 -89.83 -43.12 7.63
CA VAL G 1448 -89.78 -43.50 6.23
C VAL G 1448 -90.06 -45.00 6.06
N LEU G 1449 -89.50 -45.80 6.96
CA LEU G 1449 -89.70 -47.25 6.89
C LEU G 1449 -91.16 -47.62 7.16
N ARG G 1450 -91.90 -46.69 7.77
CA ARG G 1450 -93.32 -46.88 7.99
C ARG G 1450 -94.11 -46.26 6.83
N SER G 1451 -93.58 -45.16 6.31
CA SER G 1451 -94.24 -44.42 5.23
C SER G 1451 -94.33 -45.22 3.94
N LYS G 1452 -93.57 -46.31 3.85
CA LYS G 1452 -93.58 -47.16 2.67
C LYS G 1452 -94.88 -47.93 2.57
N GLU G 1453 -95.39 -48.07 1.34
CA GLU G 1453 -96.63 -48.76 1.06
C GLU G 1453 -96.48 -50.26 1.34
N TRP G 1454 -95.31 -50.80 1.00
CA TRP G 1454 -95.05 -52.23 1.08
C TRP G 1454 -94.70 -52.68 2.50
N PHE G 1455 -94.57 -51.73 3.41
CA PHE G 1455 -94.22 -52.05 4.79
C PHE G 1455 -95.41 -52.19 5.72
N LYS G 1456 -95.64 -53.41 6.17
CA LYS G 1456 -96.84 -53.74 6.93
C LYS G 1456 -96.50 -54.24 8.33
N LEU G 1457 -96.59 -53.31 9.28
CA LEU G 1457 -96.24 -53.57 10.68
C LEU G 1457 -97.28 -54.47 11.34
N ASP G 1458 -96.84 -55.28 12.29
CA ASP G 1458 -97.68 -56.30 12.88
C ASP G 1458 -98.20 -55.95 14.28
N ASP G 1459 -99.24 -56.66 14.70
CA ASP G 1459 -99.91 -56.43 15.97
C ASP G 1459 -99.33 -57.31 17.07
N GLN G 1460 -98.05 -57.62 16.95
CA GLN G 1460 -97.31 -58.32 17.98
C GLN G 1460 -97.19 -57.37 19.16
N HIS G 1461 -95.99 -56.85 19.39
CA HIS G 1461 -95.82 -55.83 20.41
C HIS G 1461 -95.47 -54.52 19.75
N ASP G 1462 -95.72 -53.42 20.46
CA ASP G 1462 -95.36 -52.09 19.99
C ASP G 1462 -93.95 -51.76 20.46
N ILE G 1463 -93.01 -52.66 20.23
CA ILE G 1463 -91.63 -52.41 20.60
C ILE G 1463 -91.12 -51.27 19.72
N GLU G 1464 -90.70 -50.18 20.35
CA GLU G 1464 -90.15 -49.05 19.61
C GLU G 1464 -89.08 -49.57 18.68
N LEU G 1465 -89.32 -49.40 17.38
CA LEU G 1465 -88.41 -49.87 16.38
C LEU G 1465 -87.27 -48.88 16.29
N LEU G 1466 -87.33 -47.87 17.15
CA LEU G 1466 -86.40 -46.75 17.07
C LEU G 1466 -84.96 -47.20 17.20
N GLY G 1467 -84.59 -47.66 18.38
CA GLY G 1467 -83.21 -48.02 18.65
C GLY G 1467 -82.66 -49.19 17.85
N GLN G 1468 -83.47 -50.23 17.69
CA GLN G 1468 -82.99 -51.49 17.15
C GLN G 1468 -82.83 -51.47 15.65
N THR G 1469 -82.28 -52.56 15.13
CA THR G 1469 -82.16 -52.75 13.69
C THR G 1469 -83.02 -53.94 13.26
N LEU G 1470 -83.39 -53.95 11.99
CA LEU G 1470 -84.29 -54.96 11.47
C LEU G 1470 -83.64 -55.83 10.42
N VAL G 1471 -84.10 -57.08 10.35
CA VAL G 1471 -83.65 -58.03 9.34
C VAL G 1471 -84.70 -58.15 8.25
N PHE G 1472 -84.28 -58.01 7.00
CA PHE G 1472 -85.20 -58.19 5.89
C PHE G 1472 -84.81 -59.42 5.06
N ARG G 1473 -85.47 -60.54 5.33
CA ARG G 1473 -85.30 -61.72 4.49
C ARG G 1473 -86.50 -61.79 3.56
N LEU G 1474 -86.26 -61.47 2.30
CA LEU G 1474 -87.33 -61.40 1.33
C LEU G 1474 -87.23 -62.49 0.25
N GLN G 1475 -88.38 -62.79 -0.34
CA GLN G 1475 -88.46 -63.61 -1.53
C GLN G 1475 -89.15 -62.76 -2.58
N SER G 1476 -88.93 -63.09 -3.85
CA SER G 1476 -89.58 -62.34 -4.91
C SER G 1476 -89.78 -63.13 -6.19
N LEU G 1477 -90.81 -62.75 -6.94
CA LEU G 1477 -91.10 -63.33 -8.24
C LEU G 1477 -91.24 -62.23 -9.29
N VAL G 1478 -90.46 -62.37 -10.36
CA VAL G 1478 -90.47 -61.40 -11.43
C VAL G 1478 -90.86 -62.12 -12.70
N ARG G 1479 -91.65 -61.47 -13.53
CA ARG G 1479 -91.95 -61.95 -14.87
C ARG G 1479 -91.37 -60.98 -15.91
N PHE G 1480 -90.65 -61.52 -16.89
CA PHE G 1480 -89.97 -60.70 -17.86
C PHE G 1480 -90.89 -60.34 -19.02
N LYS G 1481 -90.54 -59.29 -19.76
CA LYS G 1481 -91.19 -59.00 -21.04
C LYS G 1481 -90.14 -58.64 -22.09
N ASN G 1482 -89.42 -57.56 -21.85
CA ASN G 1482 -88.17 -57.33 -22.55
C ASN G 1482 -87.11 -57.88 -21.62
N LYS G 1483 -86.02 -58.43 -22.16
CA LYS G 1483 -84.91 -58.84 -21.31
C LYS G 1483 -84.47 -57.69 -20.38
N ASN G 1484 -84.89 -56.47 -20.72
CA ASN G 1484 -84.56 -55.27 -19.96
C ASN G 1484 -85.64 -54.83 -18.97
N VAL G 1485 -86.89 -55.10 -19.29
CA VAL G 1485 -88.01 -54.59 -18.49
C VAL G 1485 -88.95 -55.65 -17.94
N TYR G 1486 -88.98 -55.80 -16.61
CA TYR G 1486 -89.87 -56.75 -15.97
C TYR G 1486 -91.32 -56.39 -16.26
N SER G 1487 -92.07 -57.36 -16.74
CA SER G 1487 -93.47 -57.18 -17.03
C SER G 1487 -94.27 -57.05 -15.73
N SER G 1488 -93.78 -57.69 -14.67
CA SER G 1488 -94.44 -57.68 -13.35
C SER G 1488 -93.62 -58.34 -12.23
N VAL G 1489 -93.55 -57.68 -11.08
CA VAL G 1489 -92.70 -58.11 -9.97
C VAL G 1489 -93.39 -58.09 -8.62
N GLN G 1490 -93.18 -59.14 -7.84
CA GLN G 1490 -93.81 -59.27 -6.54
C GLN G 1490 -92.77 -59.62 -5.48
N THR G 1491 -92.74 -58.87 -4.38
CA THR G 1491 -91.82 -59.16 -3.29
C THR G 1491 -92.55 -59.38 -1.98
N ILE G 1492 -92.38 -60.58 -1.42
CA ILE G 1492 -92.91 -60.91 -0.11
C ILE G 1492 -91.75 -61.24 0.80
N GLY G 1493 -91.84 -60.85 2.07
CA GLY G 1493 -90.78 -61.13 3.00
C GLY G 1493 -91.18 -61.01 4.45
N GLN G 1494 -90.21 -61.22 5.34
CA GLN G 1494 -90.45 -61.13 6.77
C GLN G 1494 -89.48 -60.15 7.42
N VAL G 1495 -90.02 -59.17 8.14
CA VAL G 1495 -89.17 -58.23 8.87
C VAL G 1495 -88.94 -58.76 10.28
N LEU G 1496 -87.69 -59.05 10.59
CA LEU G 1496 -87.33 -59.62 11.88
C LEU G 1496 -86.66 -58.61 12.81
N LEU G 1497 -86.83 -58.82 14.12
CA LEU G 1497 -86.11 -58.08 15.15
C LEU G 1497 -85.59 -59.05 16.18
N GLU G 1498 -84.33 -58.88 16.58
CA GLU G 1498 -83.79 -59.66 17.67
C GLU G 1498 -83.90 -58.88 18.98
N LEU G 1499 -84.52 -59.49 19.97
CA LEU G 1499 -84.63 -58.89 21.30
C LEU G 1499 -83.30 -58.93 22.04
N PRO G 1500 -83.17 -58.12 23.12
CA PRO G 1500 -81.98 -58.21 23.97
C PRO G 1500 -81.80 -59.64 24.47
N THR G 1501 -82.90 -60.35 24.57
CA THR G 1501 -82.92 -61.70 25.11
C THR G 1501 -82.53 -62.74 24.08
N LYS G 1502 -82.30 -62.27 22.84
CA LYS G 1502 -81.99 -63.14 21.69
C LYS G 1502 -83.24 -63.76 21.03
N GLU G 1503 -84.39 -63.12 21.24
CA GLU G 1503 -85.64 -63.53 20.64
C GLU G 1503 -85.74 -63.04 19.21
N ILE G 1504 -86.36 -63.84 18.35
CA ILE G 1504 -86.58 -63.39 16.98
C ILE G 1504 -88.08 -63.26 16.70
N ILE G 1505 -88.53 -62.03 16.45
CA ILE G 1505 -89.94 -61.77 16.24
C ILE G 1505 -90.20 -61.24 14.84
N GLN G 1506 -91.37 -61.56 14.28
CA GLN G 1506 -91.76 -60.98 13.01
C GLN G 1506 -92.50 -59.67 13.27
N VAL G 1507 -91.72 -58.61 13.43
CA VAL G 1507 -92.28 -57.30 13.76
C VAL G 1507 -93.16 -56.77 12.64
N ALA G 1508 -92.92 -57.27 11.43
CA ALA G 1508 -93.71 -56.89 10.27
C ALA G 1508 -93.39 -57.83 9.11
N SER G 1509 -93.94 -57.51 7.94
CA SER G 1509 -93.64 -58.27 6.74
C SER G 1509 -93.70 -57.34 5.53
N VAL G 1510 -93.24 -57.86 4.39
CA VAL G 1510 -93.15 -57.04 3.17
C VAL G 1510 -94.04 -57.56 2.05
N ASP G 1511 -94.87 -56.68 1.50
CA ASP G 1511 -95.74 -57.01 0.38
C ASP G 1511 -95.74 -55.89 -0.64
N TYR G 1512 -95.13 -56.15 -1.79
CA TYR G 1512 -95.10 -55.16 -2.87
C TYR G 1512 -95.23 -55.88 -4.19
N GLU G 1513 -95.98 -55.28 -5.12
CA GLU G 1513 -96.13 -55.83 -6.46
C GLU G 1513 -96.49 -54.75 -7.47
N ALA G 1514 -95.86 -54.83 -8.64
CA ALA G 1514 -96.09 -53.86 -9.70
C ALA G 1514 -95.69 -54.46 -11.03
N GLY G 1515 -96.21 -53.91 -12.13
CA GLY G 1515 -95.91 -54.41 -13.46
C GLY G 1515 -95.21 -53.36 -14.29
N GLU G 1516 -94.48 -53.79 -15.31
CA GLU G 1516 -93.72 -52.86 -16.13
C GLU G 1516 -92.76 -52.08 -15.24
N SER G 1517 -91.84 -52.80 -14.63
CA SER G 1517 -90.87 -52.24 -13.70
C SER G 1517 -89.47 -52.41 -14.28
N HIS G 1518 -88.59 -51.44 -14.00
CA HIS G 1518 -87.20 -51.51 -14.46
C HIS G 1518 -86.25 -51.95 -13.34
N GLY G 1519 -86.75 -51.94 -12.12
CA GLY G 1519 -85.97 -52.34 -10.97
C GLY G 1519 -86.86 -52.69 -9.79
N ASN G 1520 -86.24 -53.20 -8.72
CA ASN G 1520 -86.97 -53.60 -7.51
C ASN G 1520 -86.89 -52.53 -6.41
N PRO G 1521 -87.88 -51.64 -6.34
CA PRO G 1521 -87.90 -50.48 -5.43
C PRO G 1521 -87.74 -50.86 -3.97
N VAL G 1522 -88.13 -52.06 -3.61
CA VAL G 1522 -88.01 -52.53 -2.23
C VAL G 1522 -86.57 -52.86 -1.91
N ILE G 1523 -85.94 -53.67 -2.75
CA ILE G 1523 -84.54 -54.04 -2.55
C ILE G 1523 -83.69 -52.79 -2.58
N ASP G 1524 -84.01 -51.87 -3.49
CA ASP G 1524 -83.26 -50.64 -3.63
C ASP G 1524 -83.23 -49.85 -2.34
N TYR G 1525 -84.42 -49.59 -1.78
CA TYR G 1525 -84.49 -48.88 -0.51
C TYR G 1525 -83.59 -49.54 0.52
N LEU G 1526 -83.63 -50.86 0.56
CA LEU G 1526 -82.82 -51.62 1.50
C LEU G 1526 -81.34 -51.48 1.22
N GLN G 1527 -80.96 -51.52 -0.05
CA GLN G 1527 -79.56 -51.48 -0.44
C GLN G 1527 -78.84 -50.23 0.06
N ARG G 1528 -79.55 -49.12 0.18
CA ARG G 1528 -78.93 -47.89 0.65
C ARG G 1528 -79.03 -47.72 2.15
N HIS G 1529 -80.24 -47.65 2.67
CA HIS G 1529 -80.43 -47.40 4.10
C HIS G 1529 -79.98 -48.55 5.00
N GLY G 1530 -79.63 -49.68 4.38
CA GLY G 1530 -79.16 -50.85 5.12
C GLY G 1530 -78.02 -51.56 4.42
N SER G 1531 -77.61 -52.70 4.98
CA SER G 1531 -76.50 -53.45 4.42
C SER G 1531 -76.85 -54.94 4.37
N SER G 1532 -76.17 -55.69 3.52
CA SER G 1532 -76.37 -57.13 3.45
C SER G 1532 -75.84 -57.78 4.71
N ILE G 1533 -76.00 -59.09 4.82
CA ILE G 1533 -75.55 -59.80 6.01
C ILE G 1533 -75.34 -61.28 5.71
N GLU G 1534 -74.66 -61.96 6.62
CA GLU G 1534 -74.39 -63.39 6.47
C GLU G 1534 -73.67 -63.67 5.16
N GLN G 1535 -72.79 -62.75 4.80
CA GLN G 1535 -72.10 -62.82 3.51
C GLN G 1535 -70.73 -63.42 3.60
N PRO G 1536 -70.14 -63.71 2.41
CA PRO G 1536 -68.79 -64.26 2.38
C PRO G 1536 -67.75 -63.25 2.85
N VAL G 1537 -66.58 -63.77 3.21
CA VAL G 1537 -65.46 -62.94 3.61
C VAL G 1537 -64.19 -63.46 2.95
N ASN G 1538 -63.83 -62.84 1.83
CA ASN G 1538 -62.68 -63.27 1.05
C ASN G 1538 -61.43 -62.59 1.55
N PHE G 1539 -60.27 -63.10 1.18
CA PHE G 1539 -59.00 -62.51 1.60
C PHE G 1539 -58.40 -61.69 0.49
N GLU G 1540 -57.39 -60.89 0.83
CA GLU G 1540 -56.63 -60.18 -0.19
C GLU G 1540 -55.84 -61.22 -0.97
N ASN G 1541 -55.36 -62.23 -0.25
CA ASN G 1541 -54.47 -63.24 -0.80
C ASN G 1541 -55.12 -64.61 -0.90
N PRO G 1542 -55.67 -64.93 -2.07
CA PRO G 1542 -56.24 -66.25 -2.37
C PRO G 1542 -55.20 -67.33 -2.20
N ILE G 1543 -55.45 -68.27 -1.31
CA ILE G 1543 -54.49 -69.31 -0.96
C ILE G 1543 -54.55 -70.47 -1.94
N PRO G 1544 -53.49 -70.65 -2.75
CA PRO G 1544 -53.44 -71.77 -3.69
C PRO G 1544 -53.50 -73.06 -2.90
N LEU G 1545 -54.27 -74.03 -3.39
CA LEU G 1545 -54.51 -75.28 -2.65
C LEU G 1545 -53.69 -76.43 -3.21
N SER G 1546 -53.76 -76.64 -4.51
CA SER G 1546 -53.01 -77.71 -5.13
C SER G 1546 -51.60 -77.23 -5.46
N GLY G 1547 -51.48 -75.94 -5.72
CA GLY G 1547 -50.21 -75.36 -6.09
C GLY G 1547 -50.15 -75.17 -7.59
N LYS G 1548 -48.95 -74.91 -8.09
CA LYS G 1548 -48.75 -74.70 -9.52
C LYS G 1548 -48.57 -76.03 -10.25
N THR G 1549 -48.51 -77.12 -9.48
CA THR G 1549 -48.52 -78.47 -10.04
C THR G 1549 -49.97 -78.81 -10.41
N PRO G 1550 -50.39 -78.45 -11.64
CA PRO G 1550 -51.81 -78.39 -12.02
C PRO G 1550 -52.48 -79.75 -12.01
N LEU G 1551 -53.69 -79.79 -11.47
CA LEU G 1551 -54.44 -81.03 -11.44
C LEU G 1551 -54.89 -81.36 -12.86
N GLU G 1552 -54.71 -82.60 -13.27
CA GLU G 1552 -55.02 -82.99 -14.65
C GLU G 1552 -56.07 -84.10 -14.74
N LEU G 1553 -57.06 -83.89 -15.61
CA LEU G 1553 -58.12 -84.85 -15.83
C LEU G 1553 -58.23 -85.17 -17.32
N ARG G 1554 -58.90 -86.27 -17.63
CA ARG G 1554 -59.17 -86.62 -19.03
C ARG G 1554 -60.58 -87.14 -19.27
N ALA G 1555 -61.30 -86.49 -20.18
CA ALA G 1555 -62.61 -86.96 -20.62
C ALA G 1555 -62.37 -88.33 -21.22
N PRO G 1556 -63.07 -89.35 -20.71
CA PRO G 1556 -62.78 -90.70 -21.17
C PRO G 1556 -63.21 -90.88 -22.62
N ALA G 1557 -62.96 -92.06 -23.16
CA ALA G 1557 -63.17 -92.33 -24.57
C ALA G 1557 -64.65 -92.44 -24.92
N SER G 1558 -65.36 -93.33 -24.24
CA SER G 1558 -66.76 -93.58 -24.56
C SER G 1558 -67.68 -93.06 -23.48
N ASN G 1559 -68.53 -92.11 -23.85
CA ASN G 1559 -69.49 -91.52 -22.94
C ASN G 1559 -70.49 -92.54 -22.38
N GLU G 1560 -70.71 -93.62 -23.12
CA GLU G 1560 -71.64 -94.67 -22.72
C GLU G 1560 -71.48 -95.03 -21.25
N ASN G 1561 -70.24 -95.26 -20.83
CA ASN G 1561 -69.93 -95.60 -19.45
C ASN G 1561 -70.72 -94.80 -18.45
N TYR G 1562 -70.78 -93.49 -18.69
CA TYR G 1562 -71.53 -92.57 -17.84
C TYR G 1562 -73.03 -92.68 -18.11
N ALA G 1563 -73.41 -92.53 -19.37
CA ALA G 1563 -74.80 -92.61 -19.78
C ALA G 1563 -75.55 -93.70 -19.03
N ARG G 1564 -74.88 -94.84 -18.88
CA ARG G 1564 -75.47 -95.99 -18.20
C ARG G 1564 -75.71 -95.73 -16.72
N VAL G 1565 -74.67 -95.32 -16.01
CA VAL G 1565 -74.79 -95.13 -14.57
C VAL G 1565 -75.56 -93.86 -14.19
N SER G 1566 -75.87 -93.03 -15.18
CA SER G 1566 -76.51 -91.74 -14.92
C SER G 1566 -78.00 -91.80 -15.21
N GLY G 1567 -78.34 -92.28 -16.40
CA GLY G 1567 -79.71 -92.30 -16.84
C GLY G 1567 -79.88 -91.40 -18.04
N ASP G 1568 -78.89 -90.52 -18.27
CA ASP G 1568 -78.92 -89.62 -19.42
C ASP G 1568 -78.35 -90.30 -20.64
N TYR G 1569 -79.22 -90.94 -21.41
CA TYR G 1569 -78.78 -91.66 -22.60
C TYR G 1569 -78.73 -90.72 -23.78
N ASN G 1570 -79.18 -89.48 -23.54
CA ASN G 1570 -79.19 -88.42 -24.55
C ASN G 1570 -78.26 -88.69 -25.73
N PRO G 1571 -78.81 -88.74 -26.94
CA PRO G 1571 -78.06 -89.10 -28.15
C PRO G 1571 -76.89 -88.17 -28.39
N ILE G 1572 -76.98 -86.95 -27.88
CA ILE G 1572 -75.95 -85.93 -28.06
C ILE G 1572 -74.56 -86.47 -27.72
N HIS G 1573 -74.47 -87.18 -26.59
CA HIS G 1573 -73.17 -87.57 -26.04
C HIS G 1573 -72.66 -88.90 -26.59
N VAL G 1574 -73.53 -89.68 -27.21
CA VAL G 1574 -73.15 -91.03 -27.61
C VAL G 1574 -73.11 -91.25 -29.12
N SER G 1575 -74.21 -90.96 -29.81
CA SER G 1575 -74.30 -91.20 -31.27
C SER G 1575 -73.60 -90.10 -32.07
N ARG G 1576 -73.31 -90.41 -33.33
CA ARG G 1576 -72.68 -89.45 -34.22
C ARG G 1576 -73.74 -88.63 -34.92
N VAL G 1577 -74.72 -89.29 -35.51
CA VAL G 1577 -75.70 -88.61 -36.34
C VAL G 1577 -76.61 -87.70 -35.52
N PHE G 1578 -76.93 -88.11 -34.30
CA PHE G 1578 -77.79 -87.29 -33.47
C PHE G 1578 -77.08 -85.98 -33.16
N SER G 1579 -75.90 -86.07 -32.57
CA SER G 1579 -75.15 -84.87 -32.21
C SER G 1579 -74.90 -84.01 -33.44
N SER G 1580 -74.55 -84.66 -34.55
CA SER G 1580 -74.30 -83.94 -35.79
C SER G 1580 -75.49 -83.10 -36.21
N TYR G 1581 -76.70 -83.56 -35.89
CA TYR G 1581 -77.89 -82.83 -36.31
C TYR G 1581 -77.99 -81.51 -35.54
N ALA G 1582 -77.49 -81.49 -34.31
CA ALA G 1582 -77.65 -80.30 -33.49
C ALA G 1582 -76.46 -79.34 -33.55
N ASN G 1583 -75.59 -79.53 -34.53
CA ASN G 1583 -74.44 -78.64 -34.71
C ASN G 1583 -73.49 -78.61 -33.52
N LEU G 1584 -72.89 -79.74 -33.19
CA LEU G 1584 -71.94 -79.79 -32.10
C LEU G 1584 -70.57 -80.16 -32.60
N PRO G 1585 -69.54 -79.89 -31.79
CA PRO G 1585 -68.19 -80.36 -32.12
C PRO G 1585 -68.20 -81.88 -32.17
N GLY G 1586 -69.25 -82.48 -31.60
CA GLY G 1586 -69.49 -83.90 -31.76
C GLY G 1586 -69.22 -84.78 -30.55
N THR G 1587 -70.18 -85.64 -30.21
CA THR G 1587 -70.01 -86.60 -29.13
C THR G 1587 -69.54 -85.91 -27.86
N ILE G 1588 -70.04 -84.71 -27.64
CA ILE G 1588 -69.71 -83.89 -26.47
C ILE G 1588 -69.70 -84.70 -25.17
N THR G 1589 -68.60 -84.61 -24.41
CA THR G 1589 -68.52 -85.30 -23.12
C THR G 1589 -69.70 -84.88 -22.25
N HIS G 1590 -70.07 -85.71 -21.30
CA HIS G 1590 -71.20 -85.40 -20.42
C HIS G 1590 -70.97 -84.15 -19.57
N GLY G 1591 -71.87 -83.19 -19.67
CA GLY G 1591 -71.78 -81.98 -18.86
C GLY G 1591 -71.58 -82.33 -17.39
N MET G 1592 -72.49 -83.15 -16.87
CA MET G 1592 -72.43 -83.55 -15.47
C MET G 1592 -71.23 -84.43 -15.15
N TYR G 1593 -70.64 -85.05 -16.16
CA TYR G 1593 -69.48 -85.90 -15.90
C TYR G 1593 -68.29 -85.06 -15.54
N THR G 1594 -68.01 -84.06 -16.35
CA THR G 1594 -66.94 -83.13 -16.06
C THR G 1594 -67.11 -82.69 -14.61
N SER G 1595 -68.29 -82.17 -14.29
CA SER G 1595 -68.59 -81.69 -12.93
C SER G 1595 -68.19 -82.69 -11.85
N ALA G 1596 -68.76 -83.88 -11.92
CA ALA G 1596 -68.52 -84.91 -10.91
C ALA G 1596 -67.04 -85.23 -10.74
N ALA G 1597 -66.28 -85.13 -11.84
CA ALA G 1597 -64.86 -85.49 -11.84
C ALA G 1597 -64.00 -84.48 -11.10
N VAL G 1598 -64.08 -83.21 -11.49
CA VAL G 1598 -63.39 -82.15 -10.77
C VAL G 1598 -63.88 -82.07 -9.33
N ARG G 1599 -65.16 -82.31 -9.12
CA ARG G 1599 -65.74 -82.33 -7.78
C ARG G 1599 -65.08 -83.36 -6.86
N SER G 1600 -64.48 -84.40 -7.42
CA SER G 1600 -63.74 -85.38 -6.63
C SER G 1600 -62.46 -84.80 -6.09
N LEU G 1601 -61.76 -84.07 -6.95
CA LEU G 1601 -60.55 -83.39 -6.54
C LEU G 1601 -60.89 -82.46 -5.39
N VAL G 1602 -61.99 -81.73 -5.52
CA VAL G 1602 -62.42 -80.79 -4.48
C VAL G 1602 -62.60 -81.54 -3.17
N GLU G 1603 -63.00 -82.80 -3.27
CA GLU G 1603 -63.22 -83.61 -2.09
C GLU G 1603 -61.90 -84.01 -1.45
N THR G 1604 -61.04 -84.65 -2.23
CA THR G 1604 -59.80 -85.19 -1.71
C THR G 1604 -58.82 -84.07 -1.38
N TRP G 1605 -58.87 -82.99 -2.15
CA TRP G 1605 -57.87 -81.93 -2.05
C TRP G 1605 -58.13 -80.86 -1.01
N ALA G 1606 -59.39 -80.56 -0.74
CA ALA G 1606 -59.74 -79.53 0.22
C ALA G 1606 -60.28 -80.15 1.49
N ALA G 1607 -61.27 -81.01 1.33
CA ALA G 1607 -61.88 -81.69 2.47
C ALA G 1607 -61.03 -82.87 2.92
N GLU G 1608 -59.91 -83.07 2.23
CA GLU G 1608 -59.00 -84.20 2.48
C GLU G 1608 -59.73 -85.48 2.92
N ASN G 1609 -60.50 -86.05 2.01
CA ASN G 1609 -61.03 -87.41 2.15
C ASN G 1609 -62.31 -87.59 2.98
N ASN G 1610 -62.72 -86.55 3.69
CA ASN G 1610 -63.89 -86.65 4.56
C ASN G 1610 -65.13 -85.98 3.96
N ILE G 1611 -65.81 -86.70 3.07
CA ILE G 1611 -66.90 -86.12 2.27
C ILE G 1611 -67.85 -85.20 3.02
N GLY G 1612 -68.17 -85.54 4.26
CA GLY G 1612 -69.10 -84.75 5.04
C GLY G 1612 -68.80 -83.27 4.91
N ARG G 1613 -67.51 -82.95 4.95
CA ARG G 1613 -67.06 -81.56 4.90
C ARG G 1613 -67.67 -80.80 3.73
N VAL G 1614 -67.38 -81.22 2.51
CA VAL G 1614 -67.90 -80.54 1.32
C VAL G 1614 -69.43 -80.41 1.37
N ARG G 1615 -69.89 -79.24 1.80
CA ARG G 1615 -71.30 -79.01 2.07
C ARG G 1615 -71.99 -78.34 0.89
N SER G 1616 -71.18 -77.86 -0.05
CA SER G 1616 -71.73 -77.21 -1.24
C SER G 1616 -70.77 -77.24 -2.42
N TYR G 1617 -71.35 -77.34 -3.61
CA TYR G 1617 -70.59 -77.40 -4.85
C TYR G 1617 -71.49 -76.84 -5.90
N HIS G 1618 -70.96 -75.92 -6.70
CA HIS G 1618 -71.76 -75.29 -7.75
C HIS G 1618 -70.86 -74.97 -8.92
N VAL G 1619 -71.23 -75.46 -10.10
CA VAL G 1619 -70.42 -75.22 -11.27
C VAL G 1619 -71.21 -74.64 -12.44
N ASN G 1620 -70.59 -73.68 -13.12
CA ASN G 1620 -71.06 -73.26 -14.43
C ASN G 1620 -70.20 -73.94 -15.48
N MET G 1621 -70.77 -74.91 -16.17
CA MET G 1621 -70.09 -75.45 -17.32
C MET G 1621 -70.24 -74.47 -18.47
N VAL G 1622 -69.13 -74.19 -19.14
CA VAL G 1622 -69.09 -73.23 -20.22
C VAL G 1622 -68.20 -73.78 -21.33
N GLY G 1623 -67.43 -74.81 -20.98
CA GLY G 1623 -66.60 -75.48 -21.96
C GLY G 1623 -67.20 -76.82 -22.37
N MET G 1624 -67.53 -76.93 -23.65
CA MET G 1624 -67.93 -78.22 -24.20
C MET G 1624 -66.69 -79.09 -24.35
N VAL G 1625 -66.59 -80.10 -23.50
CA VAL G 1625 -65.44 -80.97 -23.50
C VAL G 1625 -65.63 -82.09 -24.49
N LEU G 1626 -64.70 -82.24 -25.42
CA LEU G 1626 -64.72 -83.40 -26.30
C LEU G 1626 -64.06 -84.58 -25.60
N PRO G 1627 -64.36 -85.79 -26.05
CA PRO G 1627 -63.80 -86.99 -25.42
C PRO G 1627 -62.30 -87.08 -25.65
N ASN G 1628 -61.59 -87.52 -24.61
CA ASN G 1628 -60.14 -87.69 -24.61
C ASN G 1628 -59.34 -86.39 -24.56
N ASP G 1629 -60.01 -85.33 -24.15
CA ASP G 1629 -59.36 -84.05 -23.91
C ASP G 1629 -58.63 -84.08 -22.58
N ALA G 1630 -57.63 -83.23 -22.45
CA ALA G 1630 -56.96 -83.04 -21.17
C ALA G 1630 -57.55 -81.82 -20.50
N ILE G 1631 -58.13 -82.03 -19.32
CA ILE G 1631 -58.70 -80.93 -18.57
C ILE G 1631 -57.81 -80.58 -17.39
N THR G 1632 -57.67 -79.29 -17.13
CA THR G 1632 -56.75 -78.81 -16.11
C THR G 1632 -57.46 -78.06 -15.00
N VAL G 1633 -57.26 -78.50 -13.77
CA VAL G 1633 -57.97 -77.98 -12.62
C VAL G 1633 -57.06 -77.23 -11.63
N LYS G 1634 -57.53 -76.04 -11.23
CA LYS G 1634 -56.89 -75.24 -10.18
C LYS G 1634 -57.84 -75.05 -9.00
N LEU G 1635 -57.30 -75.07 -7.79
CA LEU G 1635 -58.13 -74.94 -6.59
C LEU G 1635 -57.55 -73.93 -5.61
N GLU G 1636 -58.29 -72.85 -5.38
CA GLU G 1636 -57.87 -71.80 -4.47
C GLU G 1636 -58.79 -71.74 -3.24
N HIS G 1637 -58.24 -71.27 -2.13
CA HIS G 1637 -59.01 -71.09 -0.90
C HIS G 1637 -59.35 -69.62 -0.79
N VAL G 1638 -60.24 -69.15 -1.65
CA VAL G 1638 -60.41 -67.72 -1.82
C VAL G 1638 -61.26 -67.02 -0.75
N GLY G 1639 -61.90 -67.78 0.14
CA GLY G 1639 -62.77 -67.17 1.13
C GLY G 1639 -63.21 -68.00 2.32
N MET G 1640 -64.11 -67.44 3.12
CA MET G 1640 -64.69 -68.10 4.28
C MET G 1640 -66.14 -67.71 4.46
N ILE G 1641 -66.98 -68.67 4.83
CA ILE G 1641 -68.38 -68.38 5.20
C ILE G 1641 -68.81 -69.30 6.32
N ALA G 1642 -69.23 -68.73 7.44
CA ALA G 1642 -69.75 -69.50 8.56
C ALA G 1642 -68.88 -70.71 8.91
N GLY G 1643 -67.58 -70.47 9.04
CA GLY G 1643 -66.65 -71.52 9.42
C GLY G 1643 -66.31 -72.51 8.33
N ARG G 1644 -66.74 -72.20 7.11
CA ARG G 1644 -66.51 -73.08 5.98
C ARG G 1644 -65.61 -72.40 4.96
N LYS G 1645 -64.63 -73.16 4.46
CA LYS G 1645 -63.72 -72.62 3.45
C LYS G 1645 -64.43 -72.53 2.09
N ILE G 1646 -64.43 -71.33 1.51
CA ILE G 1646 -64.84 -71.19 0.12
C ILE G 1646 -63.69 -71.62 -0.77
N ILE G 1647 -63.99 -72.34 -1.84
CA ILE G 1647 -62.92 -72.83 -2.71
C ILE G 1647 -63.27 -72.60 -4.16
N LYS G 1648 -62.60 -71.62 -4.77
CA LYS G 1648 -62.77 -71.35 -6.20
C LYS G 1648 -62.22 -72.52 -6.99
N VAL G 1649 -63.02 -72.98 -7.96
CA VAL G 1649 -62.63 -74.10 -8.79
C VAL G 1649 -62.61 -73.64 -10.23
N ASP G 1650 -61.57 -74.04 -10.96
CA ASP G 1650 -61.38 -73.63 -12.34
C ASP G 1650 -60.80 -74.75 -13.19
N ALA G 1651 -61.54 -75.18 -14.20
CA ALA G 1651 -61.10 -76.26 -15.08
C ALA G 1651 -60.99 -75.74 -16.51
N ARG G 1652 -59.85 -75.98 -17.16
CA ARG G 1652 -59.63 -75.45 -18.50
C ARG G 1652 -59.14 -76.49 -19.51
N ASN G 1653 -59.31 -76.16 -20.77
CA ASN G 1653 -58.81 -76.96 -21.87
C ASN G 1653 -57.29 -76.88 -21.92
N LYS G 1654 -56.62 -78.00 -21.70
CA LYS G 1654 -55.16 -77.99 -21.55
C LYS G 1654 -54.40 -77.50 -22.79
N ASP G 1655 -55.12 -77.27 -23.88
CA ASP G 1655 -54.49 -76.90 -25.14
C ASP G 1655 -54.84 -75.49 -25.61
N THR G 1656 -55.97 -74.98 -25.14
CA THR G 1656 -56.45 -73.66 -25.57
C THR G 1656 -56.83 -72.78 -24.39
N ASP G 1657 -56.62 -73.31 -23.19
CA ASP G 1657 -56.90 -72.60 -21.94
C ASP G 1657 -58.26 -71.92 -21.95
N GLU G 1658 -59.18 -72.45 -22.73
CA GLU G 1658 -60.56 -72.02 -22.66
C GLU G 1658 -61.18 -72.63 -21.42
N SER G 1659 -62.00 -71.86 -20.73
CA SER G 1659 -62.61 -72.36 -19.51
C SER G 1659 -63.60 -73.47 -19.84
N VAL G 1660 -63.65 -74.46 -18.95
CA VAL G 1660 -64.61 -75.55 -19.05
C VAL G 1660 -65.59 -75.49 -17.88
N LEU G 1661 -65.02 -75.40 -16.68
CA LEU G 1661 -65.83 -75.24 -15.48
C LEU G 1661 -65.39 -74.01 -14.71
N GLN G 1662 -66.31 -73.46 -13.94
CA GLN G 1662 -66.01 -72.37 -13.03
C GLN G 1662 -67.05 -72.30 -11.94
N GLY G 1663 -66.61 -72.49 -10.70
CA GLY G 1663 -67.51 -72.43 -9.58
C GLY G 1663 -66.82 -72.53 -8.24
N GLU G 1664 -67.61 -72.34 -7.18
CA GLU G 1664 -67.11 -72.36 -5.82
C GLU G 1664 -67.60 -73.60 -5.08
N ALA G 1665 -66.88 -74.00 -4.03
CA ALA G 1665 -67.26 -75.12 -3.21
C ALA G 1665 -67.10 -74.75 -1.73
N GLU G 1666 -68.19 -74.89 -0.97
CA GLU G 1666 -68.16 -74.54 0.46
C GLU G 1666 -67.81 -75.75 1.32
N VAL G 1667 -66.52 -76.08 1.34
CA VAL G 1667 -66.00 -77.23 2.12
C VAL G 1667 -65.79 -76.86 3.60
N GLU G 1668 -66.02 -77.83 4.48
CA GLU G 1668 -65.83 -77.61 5.91
C GLU G 1668 -64.38 -77.78 6.37
N GLN G 1669 -64.01 -76.93 7.31
CA GLN G 1669 -62.65 -76.78 7.77
C GLN G 1669 -62.29 -77.88 8.77
N PRO G 1670 -61.00 -78.39 8.70
CA PRO G 1670 -60.57 -79.56 9.48
C PRO G 1670 -61.07 -79.51 10.91
N VAL G 1671 -61.19 -80.69 11.50
CA VAL G 1671 -61.70 -80.86 12.85
C VAL G 1671 -61.05 -79.95 13.87
N THR G 1672 -61.83 -79.06 14.47
CA THR G 1672 -61.26 -78.07 15.39
C THR G 1672 -61.75 -78.23 16.83
N ALA G 1673 -61.00 -77.66 17.76
CA ALA G 1673 -61.40 -77.59 19.15
C ALA G 1673 -60.88 -76.29 19.75
N TYR G 1674 -61.80 -75.48 20.28
CA TYR G 1674 -61.41 -74.23 20.93
C TYR G 1674 -61.34 -74.39 22.45
N VAL G 1675 -60.22 -73.96 23.04
CA VAL G 1675 -60.05 -74.05 24.48
C VAL G 1675 -59.58 -72.72 25.05
N PHE G 1676 -60.31 -72.24 26.06
CA PHE G 1676 -60.03 -70.94 26.65
C PHE G 1676 -59.28 -71.02 27.99
N THR G 1677 -58.15 -70.33 28.05
CA THR G 1677 -57.21 -70.41 29.17
C THR G 1677 -57.77 -69.87 30.49
N GLY G 1678 -57.20 -70.33 31.60
CA GLY G 1678 -57.63 -69.93 32.92
C GLY G 1678 -56.72 -68.88 33.55
N GLN G 1679 -56.94 -68.59 34.82
CA GLN G 1679 -56.16 -67.56 35.52
C GLN G 1679 -54.65 -67.84 35.48
N GLY G 1680 -53.86 -66.81 35.75
CA GLY G 1680 -52.42 -66.95 35.79
C GLY G 1680 -51.68 -66.34 34.59
N SER G 1681 -52.34 -66.30 33.45
CA SER G 1681 -51.69 -65.78 32.25
C SER G 1681 -52.03 -64.32 31.98
N GLN G 1682 -52.69 -63.68 32.93
CA GLN G 1682 -53.05 -62.27 32.77
C GLN G 1682 -51.83 -61.37 32.68
N GLU G 1683 -51.60 -60.80 31.50
CA GLU G 1683 -50.52 -59.84 31.32
C GLU G 1683 -51.10 -58.43 31.20
N GLN G 1684 -50.37 -57.46 31.73
CA GLN G 1684 -50.78 -56.07 31.61
C GLN G 1684 -51.05 -55.67 30.17
N GLY G 1685 -52.17 -54.98 29.95
CA GLY G 1685 -52.51 -54.47 28.63
C GLY G 1685 -52.90 -55.51 27.61
N MET G 1686 -53.23 -56.71 28.09
CA MET G 1686 -53.53 -57.83 27.21
C MET G 1686 -54.69 -57.51 26.28
N GLY G 1687 -54.55 -57.88 25.01
CA GLY G 1687 -55.62 -57.73 24.04
C GLY G 1687 -56.05 -56.30 23.78
N MET G 1688 -55.19 -55.36 24.16
CA MET G 1688 -55.45 -53.94 23.92
C MET G 1688 -55.03 -53.50 22.52
N ASP G 1689 -53.99 -54.13 21.99
CA ASP G 1689 -53.55 -53.91 20.61
C ASP G 1689 -54.68 -54.27 19.66
N LEU G 1690 -55.31 -55.39 19.95
CA LEU G 1690 -56.45 -55.87 19.17
C LEU G 1690 -57.64 -54.95 19.40
N TYR G 1691 -57.72 -54.34 20.56
CA TYR G 1691 -58.78 -53.37 20.86
C TYR G 1691 -58.80 -52.27 19.83
N ALA G 1692 -57.62 -51.73 19.53
CA ALA G 1692 -57.51 -50.58 18.63
C ALA G 1692 -57.79 -50.94 17.18
N THR G 1693 -57.38 -52.15 16.79
CA THR G 1693 -57.44 -52.58 15.39
C THR G 1693 -58.75 -53.27 14.96
N SER G 1694 -59.61 -53.59 15.91
CA SER G 1694 -60.86 -54.29 15.60
C SER G 1694 -62.06 -53.57 16.16
N PRO G 1695 -62.94 -53.08 15.28
CA PRO G 1695 -64.15 -52.38 15.66
C PRO G 1695 -65.10 -53.32 16.39
N VAL G 1696 -64.89 -54.61 16.21
CA VAL G 1696 -65.69 -55.62 16.88
C VAL G 1696 -65.28 -55.72 18.34
N ALA G 1697 -64.05 -56.17 18.57
CA ALA G 1697 -63.49 -56.33 19.90
C ALA G 1697 -63.62 -55.05 20.70
N LYS G 1698 -63.49 -53.93 20.01
CA LYS G 1698 -63.65 -52.63 20.63
C LYS G 1698 -64.97 -52.60 21.38
N GLU G 1699 -66.06 -52.74 20.63
CA GLU G 1699 -67.41 -52.60 21.19
C GLU G 1699 -67.68 -53.56 22.37
N VAL G 1700 -67.10 -54.74 22.31
CA VAL G 1700 -67.20 -55.69 23.41
C VAL G 1700 -66.70 -55.04 24.69
N TRP G 1701 -65.39 -54.76 24.73
CA TRP G 1701 -64.77 -54.09 25.86
C TRP G 1701 -65.55 -52.88 26.32
N ASP G 1702 -66.14 -52.16 25.37
CA ASP G 1702 -66.91 -50.97 25.67
C ASP G 1702 -68.18 -51.28 26.44
N ARG G 1703 -68.99 -52.18 25.91
CA ARG G 1703 -70.23 -52.53 26.58
C ARG G 1703 -69.92 -53.05 27.97
N ALA G 1704 -68.75 -53.67 28.12
CA ALA G 1704 -68.28 -54.22 29.41
C ALA G 1704 -67.94 -53.10 30.38
N ASP G 1705 -67.07 -52.21 29.94
CA ASP G 1705 -66.67 -51.08 30.75
C ASP G 1705 -67.90 -50.27 31.11
N LYS G 1706 -68.64 -49.83 30.08
CA LYS G 1706 -69.90 -49.12 30.25
C LYS G 1706 -70.65 -49.66 31.46
N HIS G 1707 -70.77 -50.98 31.52
CA HIS G 1707 -71.40 -51.63 32.65
C HIS G 1707 -70.64 -51.33 33.93
N PHE G 1708 -69.45 -51.91 34.04
CA PHE G 1708 -68.63 -51.79 35.26
C PHE G 1708 -68.58 -50.40 35.85
N ARG G 1709 -68.34 -49.41 35.02
CA ARG G 1709 -68.24 -48.05 35.50
C ARG G 1709 -69.55 -47.62 36.13
N GLU G 1710 -70.64 -47.81 35.43
CA GLU G 1710 -71.93 -47.28 35.85
C GLU G 1710 -72.61 -48.11 36.94
N ASN G 1711 -71.99 -49.23 37.30
CA ASN G 1711 -72.57 -50.15 38.27
C ASN G 1711 -71.67 -50.43 39.47
N TYR G 1712 -70.39 -50.63 39.24
CA TYR G 1712 -69.47 -50.89 40.33
C TYR G 1712 -68.49 -49.75 40.52
N GLY G 1713 -68.51 -48.80 39.59
CA GLY G 1713 -67.76 -47.57 39.76
C GLY G 1713 -66.30 -47.63 39.41
N PHE G 1714 -65.92 -48.55 38.54
CA PHE G 1714 -64.56 -48.64 38.04
C PHE G 1714 -64.53 -49.10 36.61
N SER G 1715 -63.35 -49.08 36.00
CA SER G 1715 -63.18 -49.55 34.62
C SER G 1715 -62.18 -50.69 34.52
N ILE G 1716 -62.60 -51.81 33.95
CA ILE G 1716 -61.72 -52.94 33.82
C ILE G 1716 -60.68 -52.64 32.75
N ILE G 1717 -61.05 -51.78 31.81
CA ILE G 1717 -60.10 -51.42 30.75
C ILE G 1717 -58.89 -50.72 31.35
N ASP G 1718 -59.14 -49.74 32.23
CA ASP G 1718 -58.06 -49.07 32.95
C ASP G 1718 -57.20 -50.07 33.70
N ILE G 1719 -57.84 -50.83 34.57
CA ILE G 1719 -57.17 -51.86 35.34
C ILE G 1719 -56.25 -52.68 34.44
N VAL G 1720 -56.70 -52.97 33.22
CA VAL G 1720 -55.92 -53.79 32.29
C VAL G 1720 -54.83 -53.00 31.62
N LYS G 1721 -55.18 -51.84 31.07
CA LYS G 1721 -54.19 -50.98 30.43
C LYS G 1721 -53.01 -50.70 31.36
N ASN G 1722 -53.21 -49.81 32.33
CA ASN G 1722 -52.21 -49.59 33.37
C ASN G 1722 -52.63 -50.25 34.68
N ASN G 1723 -51.81 -51.21 35.16
CA ASN G 1723 -52.14 -51.98 36.36
C ASN G 1723 -51.91 -51.15 37.61
N PRO G 1724 -52.98 -50.82 38.33
CA PRO G 1724 -52.89 -50.07 39.58
C PRO G 1724 -52.61 -50.99 40.76
N LYS G 1725 -51.70 -50.59 41.65
CA LYS G 1725 -51.45 -51.38 42.85
C LYS G 1725 -52.59 -51.09 43.82
N GLU G 1726 -53.45 -50.18 43.40
CA GLU G 1726 -54.53 -49.71 44.25
C GLU G 1726 -55.50 -48.86 43.46
N LEU G 1727 -56.78 -48.94 43.79
CA LEU G 1727 -57.80 -48.22 43.06
C LEU G 1727 -59.01 -48.04 43.94
N THR G 1728 -59.62 -46.86 43.88
CA THR G 1728 -60.75 -46.57 44.76
C THR G 1728 -61.93 -46.01 43.99
N VAL G 1729 -63.13 -46.43 44.36
CA VAL G 1729 -64.35 -45.94 43.73
C VAL G 1729 -65.02 -44.91 44.64
N HIS G 1730 -65.96 -44.13 44.10
CA HIS G 1730 -66.58 -43.06 44.85
C HIS G 1730 -68.08 -42.98 44.66
N PHE G 1731 -68.81 -42.99 45.76
CA PHE G 1731 -70.27 -42.99 45.69
C PHE G 1731 -70.85 -41.57 45.77
N GLY G 1732 -70.60 -40.79 44.72
CA GLY G 1732 -70.93 -39.39 44.72
C GLY G 1732 -72.40 -39.05 44.65
N GLY G 1733 -72.78 -38.29 43.62
CA GLY G 1733 -74.14 -37.77 43.49
C GLY G 1733 -75.17 -38.84 43.18
N PRO G 1734 -76.27 -38.44 42.52
CA PRO G 1734 -77.29 -39.39 42.09
C PRO G 1734 -76.69 -40.72 41.61
N ARG G 1735 -75.91 -40.68 40.53
CA ARG G 1735 -75.33 -41.89 39.93
C ARG G 1735 -74.35 -42.59 40.86
N GLY G 1736 -73.95 -41.91 41.92
CA GLY G 1736 -72.99 -42.46 42.87
C GLY G 1736 -73.66 -43.28 43.96
N LYS G 1737 -74.78 -42.77 44.46
CA LYS G 1737 -75.51 -43.45 45.52
C LYS G 1737 -75.96 -44.83 45.06
N ILE G 1738 -76.32 -44.91 43.78
CA ILE G 1738 -76.82 -46.16 43.19
C ILE G 1738 -75.73 -47.22 43.12
N ILE G 1739 -74.48 -46.78 43.15
CA ILE G 1739 -73.37 -47.71 43.04
C ILE G 1739 -73.14 -48.42 44.34
N ARG G 1740 -73.07 -47.66 45.43
CA ARG G 1740 -72.84 -48.24 46.75
C ARG G 1740 -74.00 -49.15 47.07
N GLN G 1741 -75.11 -48.93 46.39
CA GLN G 1741 -76.26 -49.80 46.54
C GLN G 1741 -75.87 -51.23 46.17
N ASN G 1742 -75.13 -51.36 45.07
CA ASN G 1742 -74.67 -52.68 44.63
C ASN G 1742 -73.62 -53.26 45.55
N TYR G 1743 -72.76 -52.41 46.08
CA TYR G 1743 -71.76 -52.87 47.03
C TYR G 1743 -72.43 -53.35 48.30
N MET G 1744 -73.54 -52.70 48.65
CA MET G 1744 -74.31 -53.10 49.83
C MET G 1744 -75.05 -54.39 49.55
N SER G 1745 -75.64 -54.49 48.37
CA SER G 1745 -76.43 -55.66 48.00
C SER G 1745 -75.56 -56.83 47.53
N MET G 1746 -74.44 -57.05 48.20
CA MET G 1746 -73.58 -58.19 47.89
C MET G 1746 -73.65 -59.21 49.01
N THR G 1747 -74.34 -60.32 48.73
CA THR G 1747 -74.63 -61.34 49.74
C THR G 1747 -73.60 -62.47 49.72
N PHE G 1748 -73.38 -63.08 50.89
CA PHE G 1748 -72.28 -64.02 51.09
C PHE G 1748 -72.70 -65.08 52.11
N GLU G 1749 -72.54 -66.35 51.75
CA GLU G 1749 -73.11 -67.43 52.56
C GLU G 1749 -72.08 -68.28 53.33
N THR G 1750 -72.28 -68.37 54.64
CA THR G 1750 -71.53 -69.25 55.54
C THR G 1750 -72.40 -69.67 56.73
N VAL G 1751 -72.68 -70.97 56.85
CA VAL G 1751 -73.55 -71.48 57.92
C VAL G 1751 -72.77 -71.79 59.20
N ASN G 1752 -73.47 -71.70 60.34
CA ASN G 1752 -72.90 -72.02 61.65
C ASN G 1752 -72.75 -73.54 61.83
N ALA G 1753 -71.90 -73.93 62.78
CA ALA G 1753 -71.65 -75.34 63.10
C ALA G 1753 -72.82 -76.00 63.84
N ASP G 1754 -73.94 -75.26 63.97
CA ASP G 1754 -75.17 -75.80 64.52
C ASP G 1754 -76.34 -75.79 63.51
N GLY G 1755 -76.04 -75.34 62.29
CA GLY G 1755 -77.02 -75.33 61.21
C GLY G 1755 -77.90 -74.09 61.12
N SER G 1756 -77.27 -72.91 61.00
CA SER G 1756 -78.00 -71.67 60.72
C SER G 1756 -77.29 -70.85 59.64
N ILE G 1757 -78.03 -70.51 58.58
CA ILE G 1757 -77.47 -69.83 57.42
C ILE G 1757 -77.10 -68.35 57.67
N LYS G 1758 -75.80 -68.08 57.86
CA LYS G 1758 -75.34 -66.69 57.99
C LYS G 1758 -75.27 -66.04 56.61
N THR G 1759 -76.06 -64.99 56.43
CA THR G 1759 -75.99 -64.16 55.22
C THR G 1759 -75.23 -62.87 55.56
N GLU G 1760 -74.04 -62.71 54.96
CA GLU G 1760 -73.12 -61.62 55.33
C GLU G 1760 -72.75 -60.72 54.18
N LYS G 1761 -72.36 -59.49 54.49
CA LYS G 1761 -71.89 -58.56 53.47
C LYS G 1761 -70.49 -58.93 52.99
N ILE G 1762 -70.23 -58.66 51.71
CA ILE G 1762 -68.93 -58.91 51.13
C ILE G 1762 -68.09 -57.67 51.35
N PHE G 1763 -68.73 -56.52 51.21
CA PHE G 1763 -68.09 -55.23 51.48
C PHE G 1763 -68.56 -54.74 52.82
N LYS G 1764 -67.90 -55.23 53.87
CA LYS G 1764 -68.40 -55.05 55.22
C LYS G 1764 -68.44 -53.58 55.62
N GLU G 1765 -67.50 -52.80 55.09
CA GLU G 1765 -67.37 -51.39 55.48
C GLU G 1765 -68.31 -50.45 54.73
N VAL G 1766 -69.11 -51.00 53.82
CA VAL G 1766 -70.03 -50.17 53.06
C VAL G 1766 -71.40 -50.08 53.70
N ASP G 1767 -71.79 -48.87 54.08
CA ASP G 1767 -73.13 -48.60 54.56
C ASP G 1767 -73.65 -47.38 53.81
N GLU G 1768 -74.65 -46.71 54.37
CA GLU G 1768 -75.24 -45.54 53.72
C GLU G 1768 -74.63 -44.22 54.21
N ASN G 1769 -73.48 -44.34 54.86
CA ASN G 1769 -72.69 -43.20 55.30
C ASN G 1769 -71.30 -43.30 54.68
N SER G 1770 -71.17 -44.21 53.70
CA SER G 1770 -69.90 -44.48 53.06
C SER G 1770 -69.76 -43.71 51.76
N THR G 1771 -68.66 -42.97 51.64
CA THR G 1771 -68.40 -42.16 50.44
C THR G 1771 -67.57 -42.92 49.43
N SER G 1772 -66.82 -43.91 49.88
CA SER G 1772 -65.85 -44.56 49.00
C SER G 1772 -65.33 -45.90 49.50
N TYR G 1773 -65.15 -46.85 48.59
CA TYR G 1773 -64.47 -48.09 48.91
C TYR G 1773 -63.15 -48.18 48.15
N THR G 1774 -62.19 -48.91 48.69
CA THR G 1774 -60.88 -49.02 48.05
C THR G 1774 -60.41 -50.45 47.92
N TYR G 1775 -60.04 -50.85 46.72
CA TYR G 1775 -59.41 -52.14 46.47
C TYR G 1775 -57.90 -51.93 46.54
N ARG G 1776 -57.17 -52.99 46.90
CA ARG G 1776 -55.71 -52.90 46.96
C ARG G 1776 -55.05 -54.23 46.65
N SER G 1777 -53.79 -54.17 46.24
CA SER G 1777 -52.95 -55.34 46.08
C SER G 1777 -51.54 -54.90 45.75
N PRO G 1778 -50.56 -55.31 46.57
CA PRO G 1778 -49.16 -54.91 46.40
C PRO G 1778 -48.58 -55.37 45.06
N SER G 1779 -49.25 -56.35 44.45
CA SER G 1779 -48.77 -56.94 43.20
C SER G 1779 -49.55 -56.47 41.97
N GLY G 1780 -50.53 -55.56 42.17
CA GLY G 1780 -51.36 -55.04 41.09
C GLY G 1780 -52.78 -55.53 41.16
N LEU G 1781 -53.75 -54.69 40.77
CA LEU G 1781 -55.16 -55.08 40.85
C LEU G 1781 -55.54 -56.07 39.76
N LEU G 1782 -54.70 -56.16 38.74
CA LEU G 1782 -54.90 -57.13 37.67
C LEU G 1782 -54.36 -58.46 38.15
N SER G 1783 -54.17 -58.55 39.47
CA SER G 1783 -53.63 -59.75 40.10
C SER G 1783 -54.71 -60.44 40.95
N ALA G 1784 -55.47 -59.64 41.70
CA ALA G 1784 -56.57 -60.16 42.50
C ALA G 1784 -57.76 -60.47 41.61
N THR G 1785 -58.43 -61.58 41.86
CA THR G 1785 -59.35 -62.15 40.87
C THR G 1785 -60.60 -61.35 40.52
N GLN G 1786 -61.19 -60.65 41.49
CA GLN G 1786 -62.41 -59.89 41.20
C GLN G 1786 -62.23 -59.13 39.90
N PHE G 1787 -61.01 -58.67 39.68
CA PHE G 1787 -60.67 -57.95 38.46
C PHE G 1787 -60.04 -58.88 37.42
N THR G 1788 -59.00 -59.60 37.84
CA THR G 1788 -58.32 -60.56 36.97
C THR G 1788 -59.27 -61.36 36.07
N GLN G 1789 -60.30 -61.93 36.69
CA GLN G 1789 -61.20 -62.83 35.98
C GLN G 1789 -61.95 -62.14 34.84
N PRO G 1790 -62.77 -61.13 35.15
CA PRO G 1790 -63.52 -60.45 34.11
C PRO G 1790 -62.59 -59.99 32.98
N ALA G 1791 -61.36 -59.63 33.32
CA ALA G 1791 -60.39 -59.21 32.32
C ALA G 1791 -60.12 -60.31 31.33
N LEU G 1792 -59.66 -61.45 31.81
CA LEU G 1792 -59.37 -62.59 30.94
C LEU G 1792 -60.59 -62.97 30.11
N THR G 1793 -61.74 -62.98 30.75
CA THR G 1793 -62.99 -63.27 30.07
C THR G 1793 -63.16 -62.37 28.88
N LEU G 1794 -63.05 -61.05 29.11
CA LEU G 1794 -63.19 -60.06 28.05
C LEU G 1794 -62.27 -60.33 26.87
N MET G 1795 -60.97 -60.34 27.14
CA MET G 1795 -59.98 -60.45 26.09
C MET G 1795 -60.28 -61.64 25.22
N GLU G 1796 -60.83 -62.70 25.82
CA GLU G 1796 -61.15 -63.90 25.07
C GLU G 1796 -62.42 -63.71 24.22
N LYS G 1797 -63.51 -63.29 24.87
CA LYS G 1797 -64.78 -63.06 24.18
C LYS G 1797 -64.56 -62.14 23.00
N ALA G 1798 -63.83 -61.06 23.25
CA ALA G 1798 -63.50 -60.14 22.19
C ALA G 1798 -62.73 -60.85 21.09
N SER G 1799 -61.59 -61.42 21.46
CA SER G 1799 -60.74 -62.10 20.49
C SER G 1799 -61.53 -63.08 19.62
N PHE G 1800 -62.32 -63.92 20.25
CA PHE G 1800 -63.08 -64.95 19.55
C PHE G 1800 -64.15 -64.30 18.70
N GLU G 1801 -64.85 -63.33 19.27
CA GLU G 1801 -65.92 -62.65 18.55
C GLU G 1801 -65.36 -61.95 17.32
N ASP G 1802 -64.06 -61.74 17.29
CA ASP G 1802 -63.44 -61.15 16.12
C ASP G 1802 -63.31 -62.18 15.03
N MET G 1803 -62.73 -63.33 15.37
CA MET G 1803 -62.61 -64.42 14.42
C MET G 1803 -63.97 -64.72 13.82
N ARG G 1804 -64.98 -64.79 14.69
CA ARG G 1804 -66.34 -65.03 14.25
C ARG G 1804 -66.65 -64.06 13.14
N SER G 1805 -66.22 -62.82 13.33
CA SER G 1805 -66.43 -61.73 12.37
C SER G 1805 -65.74 -61.94 11.03
N LYS G 1806 -64.58 -62.58 11.05
CA LYS G 1806 -63.89 -62.89 9.81
C LYS G 1806 -64.42 -64.20 9.23
N GLY G 1807 -65.19 -64.91 10.05
CA GLY G 1807 -65.85 -66.14 9.63
C GLY G 1807 -65.03 -67.39 9.78
N LEU G 1808 -64.33 -67.53 10.90
CA LEU G 1808 -63.40 -68.62 11.11
C LEU G 1808 -63.96 -69.66 12.06
N VAL G 1809 -65.03 -69.30 12.76
CA VAL G 1809 -65.64 -70.18 13.75
C VAL G 1809 -66.33 -71.34 13.07
N GLN G 1810 -66.05 -72.55 13.52
CA GLN G 1810 -66.59 -73.75 12.90
C GLN G 1810 -67.92 -74.16 13.52
N ARG G 1811 -68.90 -74.46 12.67
CA ARG G 1811 -70.23 -74.89 13.10
C ARG G 1811 -70.16 -76.06 14.08
N ASP G 1812 -69.35 -77.04 13.73
CA ASP G 1812 -69.37 -78.32 14.40
C ASP G 1812 -68.01 -78.56 15.04
N SER G 1813 -67.78 -77.97 16.20
CA SER G 1813 -66.52 -78.20 16.88
C SER G 1813 -66.68 -78.18 18.39
N THR G 1814 -65.62 -78.56 19.09
CA THR G 1814 -65.64 -78.69 20.53
C THR G 1814 -65.21 -77.37 21.16
N PHE G 1815 -65.61 -77.16 22.41
CA PHE G 1815 -65.10 -76.03 23.17
C PHE G 1815 -65.10 -76.31 24.67
N ALA G 1816 -64.00 -75.98 25.33
CA ALA G 1816 -63.88 -76.15 26.77
C ALA G 1816 -63.03 -75.04 27.37
N GLY G 1817 -63.19 -74.85 28.67
CA GLY G 1817 -62.41 -73.87 29.39
C GLY G 1817 -61.73 -74.53 30.58
N HIS G 1818 -60.78 -73.81 31.18
CA HIS G 1818 -60.09 -74.30 32.37
C HIS G 1818 -60.26 -73.28 33.51
N SER G 1819 -60.85 -73.72 34.61
CA SER G 1819 -61.19 -72.84 35.72
C SER G 1819 -62.10 -71.74 35.22
N LEU G 1820 -61.56 -70.54 35.04
CA LEU G 1820 -62.35 -69.44 34.55
C LEU G 1820 -62.81 -69.68 33.11
N GLY G 1821 -61.89 -70.18 32.30
CA GLY G 1821 -62.10 -70.34 30.87
C GLY G 1821 -63.42 -70.97 30.50
N GLU G 1822 -63.94 -71.79 31.39
CA GLU G 1822 -65.20 -72.46 31.13
C GLU G 1822 -66.31 -71.43 30.99
N TYR G 1823 -66.27 -70.37 31.80
CA TYR G 1823 -67.34 -69.39 31.75
C TYR G 1823 -67.30 -68.60 30.44
N SER G 1824 -66.13 -68.08 30.12
CA SER G 1824 -65.98 -67.34 28.87
C SER G 1824 -66.33 -68.25 27.71
N ALA G 1825 -65.71 -69.42 27.68
CA ALA G 1825 -65.99 -70.43 26.67
C ALA G 1825 -67.46 -70.50 26.33
N LEU G 1826 -68.28 -70.73 27.34
CA LEU G 1826 -69.72 -70.83 27.16
C LEU G 1826 -70.21 -69.67 26.35
N VAL G 1827 -70.01 -68.46 26.87
CA VAL G 1827 -70.50 -67.25 26.23
C VAL G 1827 -69.86 -67.01 24.87
N ALA G 1828 -68.70 -67.62 24.67
CA ALA G 1828 -67.97 -67.46 23.43
C ALA G 1828 -68.73 -68.06 22.25
N LEU G 1829 -69.03 -69.34 22.35
CA LEU G 1829 -69.63 -70.06 21.24
C LEU G 1829 -71.13 -70.23 21.39
N ALA G 1830 -71.59 -70.41 22.63
CA ALA G 1830 -73.02 -70.40 22.93
C ALA G 1830 -73.40 -69.04 23.49
N ASP G 1831 -74.61 -68.58 23.22
CA ASP G 1831 -75.03 -67.30 23.77
C ASP G 1831 -75.56 -67.49 25.18
N VAL G 1832 -74.76 -68.13 26.03
CA VAL G 1832 -75.18 -68.46 27.38
C VAL G 1832 -75.74 -67.25 28.12
N MET G 1833 -75.23 -66.07 27.77
CA MET G 1833 -75.67 -64.85 28.41
C MET G 1833 -75.02 -63.63 27.77
N PRO G 1834 -75.71 -62.49 27.81
CA PRO G 1834 -75.16 -61.21 27.36
C PRO G 1834 -73.88 -60.89 28.10
N ILE G 1835 -72.96 -60.18 27.47
CA ILE G 1835 -71.62 -59.97 28.03
C ILE G 1835 -71.56 -59.23 29.36
N GLU G 1836 -72.48 -58.29 29.57
CA GLU G 1836 -72.57 -57.60 30.86
C GLU G 1836 -72.94 -58.56 31.99
N SER G 1837 -73.82 -59.50 31.69
CA SER G 1837 -74.14 -60.56 32.64
C SER G 1837 -72.88 -61.37 32.93
N LEU G 1838 -72.15 -61.71 31.88
CA LEU G 1838 -70.94 -62.52 31.99
C LEU G 1838 -69.95 -61.93 32.99
N VAL G 1839 -69.56 -60.69 32.76
CA VAL G 1839 -68.59 -60.05 33.64
C VAL G 1839 -69.10 -59.93 35.06
N SER G 1840 -70.38 -59.59 35.21
CA SER G 1840 -71.02 -59.55 36.53
C SER G 1840 -70.85 -60.89 37.21
N VAL G 1841 -71.43 -61.92 36.62
CA VAL G 1841 -71.25 -63.29 37.08
C VAL G 1841 -69.82 -63.54 37.55
N VAL G 1842 -68.87 -63.38 36.64
CA VAL G 1842 -67.46 -63.68 36.92
C VAL G 1842 -66.83 -62.80 38.01
N PHE G 1843 -67.23 -61.53 38.06
CA PHE G 1843 -66.77 -60.64 39.12
C PHE G 1843 -67.24 -61.15 40.48
N TYR G 1844 -68.46 -61.66 40.53
CA TYR G 1844 -69.00 -62.23 41.74
C TYR G 1844 -68.20 -63.46 42.11
N ARG G 1845 -68.01 -64.33 41.13
CA ARG G 1845 -67.26 -65.58 41.30
C ARG G 1845 -65.93 -65.31 41.97
N GLY G 1846 -65.24 -64.29 41.50
CA GLY G 1846 -63.94 -63.93 42.06
C GLY G 1846 -64.08 -63.48 43.49
N LEU G 1847 -65.14 -62.74 43.79
CA LEU G 1847 -65.38 -62.28 45.14
C LEU G 1847 -65.62 -63.44 46.10
N THR G 1848 -66.57 -64.31 45.79
CA THR G 1848 -66.88 -65.42 46.68
C THR G 1848 -65.70 -66.36 46.82
N MET G 1849 -64.90 -66.45 45.77
CA MET G 1849 -63.69 -67.26 45.81
C MET G 1849 -62.69 -66.70 46.82
N GLN G 1850 -62.70 -65.39 47.02
CA GLN G 1850 -61.71 -64.77 47.89
C GLN G 1850 -62.19 -64.71 49.34
N VAL G 1851 -63.49 -64.62 49.52
CA VAL G 1851 -64.07 -64.50 50.85
C VAL G 1851 -64.15 -65.85 51.56
N ALA G 1852 -64.04 -66.93 50.79
CA ALA G 1852 -64.20 -68.28 51.32
C ALA G 1852 -63.30 -68.53 52.51
N VAL G 1853 -62.02 -68.24 52.35
CA VAL G 1853 -61.04 -68.55 53.36
C VAL G 1853 -60.96 -67.44 54.42
N GLU G 1854 -60.33 -67.74 55.54
CA GLU G 1854 -60.10 -66.76 56.59
C GLU G 1854 -58.61 -66.45 56.75
N ARG G 1855 -58.31 -65.19 57.07
CA ARG G 1855 -56.95 -64.77 57.38
C ARG G 1855 -56.90 -63.81 58.57
N ASP G 1856 -55.68 -63.52 59.05
CA ASP G 1856 -55.49 -62.61 60.17
C ASP G 1856 -55.20 -61.19 59.70
N GLU G 1857 -54.57 -60.40 60.56
CA GLU G 1857 -54.27 -59.00 60.28
C GLU G 1857 -53.11 -58.80 59.30
N GLN G 1858 -52.11 -59.68 59.38
CA GLN G 1858 -50.94 -59.58 58.52
C GLN G 1858 -51.25 -59.95 57.07
N GLY G 1859 -52.41 -60.57 56.85
CA GLY G 1859 -52.77 -61.09 55.55
C GLY G 1859 -52.74 -62.60 55.57
N ARG G 1860 -51.78 -63.14 56.33
CA ARG G 1860 -51.64 -64.58 56.58
C ARG G 1860 -52.94 -65.38 56.39
N SER G 1861 -52.99 -66.19 55.33
CA SER G 1861 -54.14 -67.05 55.06
C SER G 1861 -53.94 -68.42 55.70
N ASN G 1862 -55.01 -69.20 55.74
CA ASN G 1862 -54.94 -70.52 56.37
C ASN G 1862 -54.43 -71.61 55.42
N TYR G 1863 -54.94 -71.62 54.20
CA TYR G 1863 -54.62 -72.66 53.23
C TYR G 1863 -53.72 -72.13 52.11
N ALA G 1864 -53.36 -73.00 51.17
CA ALA G 1864 -52.52 -72.64 50.03
C ALA G 1864 -52.47 -73.76 48.99
N MET G 1865 -52.09 -73.45 47.76
CA MET G 1865 -52.05 -74.48 46.71
C MET G 1865 -50.65 -74.76 46.19
N CYS G 1866 -50.51 -75.91 45.54
CA CYS G 1866 -49.17 -76.39 45.17
C CYS G 1866 -49.21 -77.47 44.09
N ALA G 1867 -48.32 -77.33 43.10
CA ALA G 1867 -48.25 -78.25 41.96
C ALA G 1867 -47.38 -79.46 42.26
N VAL G 1868 -47.66 -80.58 41.59
CA VAL G 1868 -46.91 -81.82 41.82
C VAL G 1868 -46.61 -82.60 40.54
N ASN G 1869 -45.36 -83.02 40.39
CA ASN G 1869 -44.87 -83.75 39.22
C ASN G 1869 -44.48 -85.19 39.58
N PRO G 1870 -45.42 -86.14 39.48
CA PRO G 1870 -45.13 -87.54 39.81
C PRO G 1870 -43.98 -88.16 39.01
N SER G 1871 -43.58 -87.48 37.93
CA SER G 1871 -42.45 -87.92 37.11
C SER G 1871 -41.13 -87.80 37.87
N ARG G 1872 -41.13 -86.95 38.90
CA ARG G 1872 -39.93 -86.66 39.65
C ARG G 1872 -39.79 -87.45 40.95
N ILE G 1873 -40.71 -88.39 41.18
CA ILE G 1873 -40.57 -89.36 42.26
C ILE G 1873 -39.92 -90.63 41.74
N SER G 1874 -40.69 -91.38 40.96
CA SER G 1874 -40.23 -92.61 40.32
C SER G 1874 -41.05 -92.81 39.04
N PRO G 1875 -40.41 -93.29 37.96
CA PRO G 1875 -41.13 -93.57 36.71
C PRO G 1875 -42.26 -94.59 36.89
N THR G 1876 -42.29 -95.29 38.03
CA THR G 1876 -43.37 -96.22 38.35
C THR G 1876 -44.61 -95.48 38.89
N PHE G 1877 -44.35 -94.37 39.56
CA PHE G 1877 -45.35 -93.60 40.30
C PHE G 1877 -46.57 -93.15 39.48
N THR G 1878 -47.70 -93.83 39.70
CA THR G 1878 -48.92 -93.62 38.94
C THR G 1878 -49.64 -92.36 39.36
N GLU G 1879 -50.61 -91.94 38.54
CA GLU G 1879 -51.60 -90.94 38.94
C GLU G 1879 -52.26 -91.42 40.23
N GLN G 1880 -52.64 -92.69 40.27
CA GLN G 1880 -53.33 -93.26 41.43
C GLN G 1880 -52.44 -93.36 42.67
N ALA G 1881 -51.14 -93.34 42.45
CA ALA G 1881 -50.18 -93.39 43.55
C ALA G 1881 -50.19 -92.05 44.27
N LEU G 1882 -50.30 -90.97 43.50
CA LEU G 1882 -50.32 -89.63 44.07
C LEU G 1882 -51.63 -89.40 44.80
N GLN G 1883 -52.70 -90.01 44.30
CA GLN G 1883 -54.00 -89.92 44.94
C GLN G 1883 -53.94 -90.61 46.28
N TYR G 1884 -53.38 -91.82 46.27
CA TYR G 1884 -53.26 -92.62 47.49
C TYR G 1884 -52.44 -91.92 48.59
N VAL G 1885 -51.25 -91.43 48.23
CA VAL G 1885 -50.43 -90.65 49.16
C VAL G 1885 -51.26 -89.53 49.79
N VAL G 1886 -52.10 -88.90 48.98
CA VAL G 1886 -52.90 -87.75 49.42
C VAL G 1886 -54.14 -88.14 50.23
N GLU G 1887 -55.00 -88.96 49.65
CA GLU G 1887 -56.22 -89.41 50.30
C GLU G 1887 -55.94 -90.00 51.68
N ASN G 1888 -54.78 -90.65 51.81
CA ASN G 1888 -54.32 -91.19 53.10
C ASN G 1888 -53.93 -90.09 54.08
N ILE G 1889 -53.03 -89.22 53.65
CA ILE G 1889 -52.62 -88.08 54.46
C ILE G 1889 -53.84 -87.26 54.90
N ALA G 1890 -54.94 -87.40 54.16
CA ALA G 1890 -56.15 -86.63 54.40
C ALA G 1890 -56.91 -87.03 55.66
N GLU G 1891 -57.23 -88.32 55.76
CA GLU G 1891 -58.02 -88.81 56.89
C GLU G 1891 -57.12 -89.28 58.04
N VAL G 1892 -55.83 -89.38 57.76
CA VAL G 1892 -54.83 -89.77 58.76
C VAL G 1892 -54.42 -88.59 59.64
N THR G 1893 -54.04 -87.48 59.02
CA THR G 1893 -53.63 -86.28 59.76
C THR G 1893 -54.81 -85.31 59.98
N GLY G 1894 -55.99 -85.69 59.49
CA GLY G 1894 -57.21 -84.98 59.78
C GLY G 1894 -57.37 -83.59 59.20
N TRP G 1895 -56.41 -83.13 58.41
CA TRP G 1895 -56.48 -81.82 57.78
C TRP G 1895 -57.20 -81.87 56.44
N LEU G 1896 -57.14 -80.76 55.70
CA LEU G 1896 -57.73 -80.69 54.36
C LEU G 1896 -56.66 -80.75 53.28
N LEU G 1897 -56.83 -81.66 52.34
CA LEU G 1897 -55.87 -81.89 51.27
C LEU G 1897 -56.47 -82.76 50.17
N GLU G 1898 -56.50 -82.24 48.94
CA GLU G 1898 -57.05 -82.95 47.78
C GLU G 1898 -56.39 -82.52 46.48
N ILE G 1899 -56.28 -83.45 45.54
CA ILE G 1899 -55.86 -83.06 44.21
C ILE G 1899 -56.98 -82.23 43.63
N VAL G 1900 -56.66 -80.99 43.36
CA VAL G 1900 -57.61 -80.02 42.83
C VAL G 1900 -57.56 -79.93 41.30
N ASN G 1901 -56.35 -79.98 40.74
CA ASN G 1901 -56.18 -79.95 39.30
C ASN G 1901 -55.59 -81.26 38.73
N TYR G 1902 -56.14 -81.70 37.60
CA TYR G 1902 -55.64 -82.84 36.86
C TYR G 1902 -55.24 -82.40 35.44
N ASN G 1903 -53.99 -82.03 35.26
CA ASN G 1903 -53.54 -81.37 34.03
C ASN G 1903 -52.90 -82.30 32.99
N VAL G 1904 -51.74 -82.86 33.31
CA VAL G 1904 -51.08 -83.80 32.41
C VAL G 1904 -50.94 -85.17 33.07
N ALA G 1905 -51.05 -86.21 32.26
CA ALA G 1905 -51.18 -87.58 32.74
C ALA G 1905 -50.14 -88.01 33.75
N ASN G 1906 -48.95 -87.43 33.67
CA ASN G 1906 -47.89 -87.84 34.57
C ASN G 1906 -47.17 -86.64 35.14
N MET G 1907 -47.37 -85.49 34.53
CA MET G 1907 -46.43 -84.40 34.72
C MET G 1907 -46.97 -83.19 35.48
N GLN G 1908 -48.29 -83.03 35.54
CA GLN G 1908 -48.86 -81.84 36.13
C GLN G 1908 -50.14 -82.10 36.93
N TYR G 1909 -50.01 -82.14 38.25
CA TYR G 1909 -51.15 -82.21 39.13
C TYR G 1909 -51.06 -81.07 40.14
N VAL G 1910 -52.19 -80.73 40.75
CA VAL G 1910 -52.18 -79.64 41.73
C VAL G 1910 -53.06 -79.93 42.94
N ALA G 1911 -52.53 -79.74 44.13
CA ALA G 1911 -53.28 -80.01 45.36
C ALA G 1911 -53.44 -78.77 46.22
N ALA G 1912 -54.62 -78.66 46.84
CA ALA G 1912 -54.90 -77.56 47.75
C ALA G 1912 -54.98 -78.10 49.18
N GLY G 1913 -55.30 -77.23 50.13
CA GLY G 1913 -55.52 -77.64 51.50
C GLY G 1913 -54.73 -76.87 52.55
N ASP G 1914 -54.76 -77.37 53.78
CA ASP G 1914 -54.02 -76.78 54.89
C ASP G 1914 -52.52 -76.66 54.58
N LEU G 1915 -51.86 -75.68 55.19
CA LEU G 1915 -50.42 -75.49 55.03
C LEU G 1915 -49.61 -76.71 55.48
N ARG G 1916 -50.08 -77.35 56.54
CA ARG G 1916 -49.41 -78.54 57.08
C ARG G 1916 -49.71 -79.76 56.23
N ALA G 1917 -50.89 -79.78 55.62
CA ALA G 1917 -51.28 -80.89 54.76
C ALA G 1917 -50.54 -80.83 53.42
N LEU G 1918 -50.02 -79.65 53.10
CA LEU G 1918 -49.17 -79.50 51.93
C LEU G 1918 -47.71 -79.66 52.36
N ASP G 1919 -47.49 -79.72 53.67
CA ASP G 1919 -46.15 -79.84 54.22
C ASP G 1919 -45.83 -81.32 54.55
N THR G 1920 -46.88 -82.08 54.83
CA THR G 1920 -46.75 -83.50 55.10
C THR G 1920 -46.75 -84.28 53.78
N LEU G 1921 -47.43 -83.73 52.78
CA LEU G 1921 -47.45 -84.31 51.45
C LEU G 1921 -46.20 -83.87 50.71
N ALA G 1922 -45.64 -82.75 51.13
CA ALA G 1922 -44.36 -82.30 50.60
C ALA G 1922 -43.27 -83.24 51.10
N ASN G 1923 -43.35 -83.59 52.38
CA ASN G 1923 -42.42 -84.52 53.03
C ASN G 1923 -42.45 -85.93 52.43
N VAL G 1924 -43.62 -86.57 52.46
CA VAL G 1924 -43.76 -87.98 52.07
C VAL G 1924 -43.16 -88.28 50.69
N LEU G 1925 -43.23 -87.31 49.79
CA LEU G 1925 -42.72 -87.48 48.43
C LEU G 1925 -41.20 -87.34 48.37
N ASN G 1926 -40.64 -86.55 49.29
CA ASN G 1926 -39.20 -86.40 49.41
C ASN G 1926 -38.57 -87.69 49.96
N ILE G 1927 -39.33 -88.34 50.84
CA ILE G 1927 -38.99 -89.66 51.36
C ILE G 1927 -39.00 -90.71 50.25
N LEU G 1928 -40.14 -90.84 49.59
CA LEU G 1928 -40.34 -91.86 48.55
C LEU G 1928 -39.49 -91.65 47.30
N LYS G 1929 -39.06 -90.41 47.07
CA LYS G 1929 -38.15 -90.08 45.97
C LYS G 1929 -36.74 -90.56 46.30
N MET G 1930 -36.31 -90.23 47.51
CA MET G 1930 -34.95 -90.54 47.96
C MET G 1930 -34.85 -91.96 48.50
N GLN G 1931 -36.01 -92.60 48.64
CA GLN G 1931 -36.10 -93.99 49.08
C GLN G 1931 -36.14 -94.93 47.87
N LYS G 1932 -36.23 -94.32 46.68
CA LYS G 1932 -36.18 -95.04 45.41
C LYS G 1932 -37.23 -96.15 45.30
N ILE G 1933 -38.47 -95.83 45.65
CA ILE G 1933 -39.51 -96.87 45.74
C ILE G 1933 -40.20 -97.23 44.42
N ASP G 1934 -40.88 -98.37 44.45
CA ASP G 1934 -41.65 -98.88 43.33
C ASP G 1934 -42.93 -99.44 43.94
N ILE G 1935 -44.06 -98.77 43.70
CA ILE G 1935 -45.33 -99.18 44.31
C ILE G 1935 -46.02 -100.34 43.55
N GLN G 1936 -45.46 -100.70 42.39
CA GLN G 1936 -45.91 -101.86 41.64
C GLN G 1936 -45.34 -103.16 42.23
N ALA G 1937 -44.04 -103.14 42.53
CA ALA G 1937 -43.37 -104.25 43.20
C ALA G 1937 -43.78 -104.37 44.69
N LEU G 1938 -44.27 -103.28 45.28
CA LEU G 1938 -44.71 -103.26 46.68
C LEU G 1938 -46.20 -103.57 46.85
N MET G 1939 -46.89 -103.80 45.73
CA MET G 1939 -48.31 -104.18 45.76
C MET G 1939 -48.48 -105.68 45.51
N GLN G 1940 -47.38 -106.31 45.10
CA GLN G 1940 -47.31 -107.77 44.95
C GLN G 1940 -46.56 -108.40 46.13
N SER G 1941 -45.55 -107.68 46.63
CA SER G 1941 -44.81 -108.09 47.83
C SER G 1941 -45.66 -107.96 49.09
N MET G 1942 -46.06 -106.73 49.40
CA MET G 1942 -46.92 -106.46 50.54
C MET G 1942 -48.36 -106.30 50.08
N SER G 1943 -49.31 -106.76 50.88
CA SER G 1943 -50.72 -106.57 50.54
C SER G 1943 -51.08 -105.07 50.59
N LEU G 1944 -52.38 -104.80 50.50
CA LEU G 1944 -52.86 -103.43 50.50
C LEU G 1944 -52.70 -102.81 51.88
N GLU G 1945 -52.93 -103.61 52.93
CA GLU G 1945 -52.84 -103.14 54.32
C GLU G 1945 -51.41 -102.91 54.77
N ASP G 1946 -50.48 -103.57 54.08
CA ASP G 1946 -49.07 -103.61 54.49
C ASP G 1946 -48.34 -102.33 54.08
N VAL G 1947 -48.66 -101.84 52.88
CA VAL G 1947 -48.16 -100.58 52.39
C VAL G 1947 -49.03 -99.41 52.88
N ARG G 1948 -50.29 -99.73 53.24
CA ARG G 1948 -51.21 -98.74 53.83
C ARG G 1948 -50.86 -98.45 55.28
N ALA G 1949 -50.56 -99.50 56.04
CA ALA G 1949 -50.09 -99.34 57.41
C ALA G 1949 -48.64 -98.89 57.41
N HIS G 1950 -47.94 -99.13 56.29
CA HIS G 1950 -46.57 -98.65 56.11
C HIS G 1950 -46.56 -97.13 55.84
N LEU G 1951 -47.64 -96.66 55.24
CA LEU G 1951 -47.83 -95.23 54.98
C LEU G 1951 -48.27 -94.47 56.22
N VAL G 1952 -49.22 -95.03 56.97
CA VAL G 1952 -49.69 -94.40 58.20
C VAL G 1952 -48.51 -94.17 59.16
N GLU G 1953 -47.40 -94.84 58.87
CA GLU G 1953 -46.15 -94.60 59.57
C GLU G 1953 -45.50 -93.29 59.11
N ILE G 1954 -45.05 -93.26 57.86
CA ILE G 1954 -44.37 -92.09 57.30
C ILE G 1954 -45.23 -90.83 57.41
N ILE G 1955 -46.56 -91.02 57.46
CA ILE G 1955 -47.48 -89.89 57.57
C ILE G 1955 -47.35 -89.20 58.94
N GLN G 1956 -47.62 -89.94 60.01
CA GLN G 1956 -47.53 -89.39 61.36
C GLN G 1956 -46.14 -88.87 61.67
N GLU G 1957 -45.12 -89.53 61.11
CA GLU G 1957 -43.75 -89.09 61.25
C GLU G 1957 -43.61 -87.69 60.68
N CYS G 1958 -43.81 -87.58 59.38
CA CYS G 1958 -43.68 -86.33 58.65
C CYS G 1958 -44.71 -85.29 59.10
N ARG G 1959 -45.70 -85.74 59.87
CA ARG G 1959 -46.77 -84.89 60.38
C ARG G 1959 -46.33 -84.04 61.55
N LYS G 1960 -45.91 -84.69 62.62
CA LYS G 1960 -45.56 -83.99 63.85
C LYS G 1960 -44.28 -83.17 63.73
N GLN G 1961 -43.55 -83.37 62.63
CA GLN G 1961 -42.38 -82.55 62.32
C GLN G 1961 -42.84 -81.18 61.82
N THR G 1962 -43.92 -81.19 61.06
CA THR G 1962 -44.49 -79.95 60.53
C THR G 1962 -45.27 -79.23 61.63
N GLU G 1963 -45.72 -79.98 62.63
CA GLU G 1963 -46.54 -79.43 63.70
C GLU G 1963 -45.73 -78.61 64.69
N ALA G 1964 -44.54 -79.09 65.02
CA ALA G 1964 -43.64 -78.43 65.96
C ALA G 1964 -42.97 -77.22 65.32
N LYS G 1965 -42.89 -77.24 63.99
CA LYS G 1965 -42.42 -76.08 63.23
C LYS G 1965 -43.44 -74.94 63.33
N PRO G 1966 -43.02 -73.69 63.02
CA PRO G 1966 -43.86 -72.49 63.17
C PRO G 1966 -45.31 -72.69 62.75
N GLN G 1967 -46.23 -71.95 63.38
CA GLN G 1967 -47.67 -72.14 63.13
C GLN G 1967 -48.15 -71.78 61.71
N PRO G 1968 -47.66 -70.67 61.12
CA PRO G 1968 -47.92 -70.46 59.68
C PRO G 1968 -46.77 -71.03 58.85
N VAL G 1969 -46.95 -72.22 58.28
CA VAL G 1969 -45.87 -72.90 57.57
C VAL G 1969 -45.59 -72.29 56.20
N GLN G 1970 -44.42 -71.66 56.03
CA GLN G 1970 -44.04 -71.19 54.70
C GLN G 1970 -43.56 -72.36 53.83
N LEU G 1971 -44.50 -72.97 53.12
CA LEU G 1971 -44.23 -74.15 52.30
C LEU G 1971 -43.23 -73.87 51.19
N GLU G 1972 -42.32 -74.82 50.96
CA GLU G 1972 -41.23 -74.59 50.02
C GLU G 1972 -41.06 -75.68 48.97
N ARG G 1973 -40.15 -75.42 48.04
CA ARG G 1973 -39.95 -76.27 46.87
C ARG G 1973 -39.29 -77.61 47.20
N GLY G 1974 -39.99 -78.71 46.94
CA GLY G 1974 -39.46 -80.04 47.12
C GLY G 1974 -38.91 -80.65 45.83
N PHE G 1975 -39.09 -81.95 45.64
CA PHE G 1975 -38.64 -82.61 44.42
C PHE G 1975 -39.63 -82.39 43.29
N ALA G 1976 -40.90 -82.58 43.60
CA ALA G 1976 -41.98 -82.37 42.65
C ALA G 1976 -42.94 -81.34 43.23
N THR G 1977 -42.70 -80.99 44.48
CA THR G 1977 -43.59 -80.11 45.24
C THR G 1977 -43.19 -78.64 45.08
N ILE G 1978 -43.74 -77.97 44.06
CA ILE G 1978 -43.50 -76.53 43.87
C ILE G 1978 -44.79 -75.73 44.12
N PRO G 1979 -44.88 -75.08 45.28
CA PRO G 1979 -46.10 -74.37 45.69
C PRO G 1979 -46.42 -73.20 44.79
N LEU G 1980 -47.71 -72.92 44.61
CA LEU G 1980 -48.15 -71.84 43.76
C LEU G 1980 -48.28 -70.54 44.54
N ARG G 1981 -47.38 -69.61 44.26
CA ARG G 1981 -47.34 -68.35 44.99
C ARG G 1981 -48.48 -67.43 44.57
N GLY G 1982 -49.36 -67.13 45.53
CA GLY G 1982 -50.46 -66.21 45.29
C GLY G 1982 -51.83 -66.85 45.37
N ILE G 1983 -51.98 -67.84 46.23
CA ILE G 1983 -53.27 -68.50 46.41
C ILE G 1983 -53.66 -68.67 47.88
N ASP G 1984 -54.71 -67.96 48.30
CA ASP G 1984 -55.18 -68.05 49.68
C ASP G 1984 -56.19 -69.17 49.83
N VAL G 1985 -57.11 -69.23 48.87
CA VAL G 1985 -58.25 -70.12 48.94
C VAL G 1985 -57.97 -71.41 48.20
N PRO G 1986 -58.30 -72.54 48.81
CA PRO G 1986 -58.18 -73.85 48.17
C PRO G 1986 -59.37 -74.01 47.24
N PHE G 1987 -59.29 -73.50 46.03
CA PHE G 1987 -60.41 -73.64 45.10
C PHE G 1987 -60.35 -74.91 44.25
N HIS G 1988 -61.50 -75.33 43.74
CA HIS G 1988 -61.68 -76.63 43.07
C HIS G 1988 -61.50 -77.81 44.04
N SER G 1989 -62.06 -77.65 45.24
CA SER G 1989 -62.01 -78.68 46.28
C SER G 1989 -63.32 -78.68 47.09
N THR G 1990 -63.41 -79.56 48.08
CA THR G 1990 -64.65 -79.67 48.85
C THR G 1990 -64.95 -78.39 49.62
N PHE G 1991 -63.90 -77.65 49.95
CA PHE G 1991 -64.01 -76.47 50.79
C PHE G 1991 -65.06 -75.50 50.29
N LEU G 1992 -64.92 -75.10 49.03
CA LEU G 1992 -65.79 -74.09 48.44
C LEU G 1992 -67.20 -74.62 48.20
N ARG G 1993 -67.51 -75.77 48.78
CA ARG G 1993 -68.82 -76.35 48.61
C ARG G 1993 -69.85 -75.45 49.28
N SER G 1994 -69.40 -74.74 50.29
CA SER G 1994 -70.25 -73.89 51.09
C SER G 1994 -70.92 -72.80 50.26
N GLY G 1995 -70.11 -72.02 49.56
CA GLY G 1995 -70.61 -70.89 48.79
C GLY G 1995 -71.21 -71.24 47.43
N VAL G 1996 -71.43 -72.53 47.19
CA VAL G 1996 -72.08 -72.96 45.96
C VAL G 1996 -73.55 -72.54 45.96
N LYS G 1997 -74.08 -72.34 47.16
CA LYS G 1997 -75.49 -71.96 47.32
C LYS G 1997 -75.85 -70.59 46.75
N PRO G 1998 -75.13 -69.53 47.16
CA PRO G 1998 -75.41 -68.16 46.68
C PRO G 1998 -75.07 -67.99 45.20
N PHE G 1999 -73.92 -68.53 44.80
CA PHE G 1999 -73.45 -68.38 43.43
C PHE G 1999 -74.47 -68.95 42.44
N ARG G 2000 -75.14 -70.03 42.83
CA ARG G 2000 -76.15 -70.62 41.96
C ARG G 2000 -77.31 -69.65 41.77
N SER G 2001 -77.88 -69.18 42.87
CA SER G 2001 -79.03 -68.28 42.82
C SER G 2001 -78.67 -66.97 42.11
N PHE G 2002 -77.38 -66.67 42.02
CA PHE G 2002 -76.91 -65.52 41.26
C PHE G 2002 -76.88 -65.83 39.76
N LEU G 2003 -76.39 -67.02 39.41
CA LEU G 2003 -76.37 -67.48 38.02
C LEU G 2003 -77.76 -67.50 37.42
N LEU G 2004 -78.77 -67.71 38.28
CA LEU G 2004 -80.16 -67.80 37.84
C LEU G 2004 -80.74 -66.42 37.59
N LYS G 2005 -80.16 -65.44 38.26
CA LYS G 2005 -80.47 -64.04 38.02
C LYS G 2005 -79.88 -63.57 36.69
N LYS G 2006 -78.69 -64.08 36.37
CA LYS G 2006 -77.93 -63.60 35.23
C LYS G 2006 -78.20 -64.39 33.94
N ILE G 2007 -78.58 -65.66 34.07
CA ILE G 2007 -78.95 -66.45 32.90
C ILE G 2007 -80.47 -66.59 32.73
N ASN G 2008 -80.92 -66.50 31.50
CA ASN G 2008 -82.34 -66.62 31.18
C ASN G 2008 -82.55 -67.87 30.34
N LYS G 2009 -83.51 -68.70 30.74
CA LYS G 2009 -83.88 -69.90 29.98
C LYS G 2009 -84.05 -69.58 28.49
N THR G 2010 -84.82 -68.52 28.23
CA THR G 2010 -85.14 -68.05 26.89
C THR G 2010 -83.90 -67.93 26.02
N THR G 2011 -82.84 -67.32 26.56
CA THR G 2011 -81.61 -67.04 25.83
C THR G 2011 -80.87 -68.29 25.38
N ILE G 2012 -81.16 -69.43 25.99
CA ILE G 2012 -80.37 -70.63 25.74
C ILE G 2012 -80.82 -71.49 24.56
N ASP G 2013 -79.85 -71.91 23.75
CA ASP G 2013 -80.04 -72.92 22.72
C ASP G 2013 -79.50 -74.23 23.21
N PRO G 2014 -80.38 -75.21 23.40
CA PRO G 2014 -79.83 -76.51 23.77
C PRO G 2014 -78.82 -76.89 22.70
N SER G 2015 -79.24 -76.73 21.46
CA SER G 2015 -78.48 -77.12 20.26
C SER G 2015 -77.00 -76.75 20.27
N LYS G 2016 -76.66 -75.66 20.96
CA LYS G 2016 -75.30 -75.16 20.97
C LYS G 2016 -74.34 -75.95 21.88
N LEU G 2017 -74.80 -76.31 23.07
CA LEU G 2017 -74.00 -77.10 23.98
C LEU G 2017 -74.34 -78.58 23.92
N ILE G 2018 -75.39 -78.95 23.17
CA ILE G 2018 -75.94 -80.32 23.20
C ILE G 2018 -74.90 -81.42 23.15
N GLY G 2019 -73.82 -81.23 22.39
CA GLY G 2019 -72.80 -82.25 22.28
C GLY G 2019 -71.44 -81.67 22.01
N LYS G 2020 -71.31 -80.38 22.26
CA LYS G 2020 -70.09 -79.65 21.90
C LYS G 2020 -69.29 -79.13 23.09
N TYR G 2021 -69.97 -78.92 24.21
CA TYR G 2021 -69.38 -78.29 25.40
C TYR G 2021 -68.86 -79.31 26.40
N ILE G 2022 -67.58 -79.22 26.72
CA ILE G 2022 -66.96 -80.10 27.72
C ILE G 2022 -66.70 -79.35 29.03
N PRO G 2023 -67.51 -79.64 30.07
CA PRO G 2023 -67.37 -79.04 31.40
C PRO G 2023 -66.08 -79.44 32.13
N ASN G 2024 -65.98 -79.13 33.42
CA ASN G 2024 -64.82 -79.49 34.23
C ASN G 2024 -65.19 -80.52 35.30
N VAL G 2025 -66.49 -80.65 35.53
CA VAL G 2025 -66.98 -81.66 36.43
C VAL G 2025 -67.24 -82.94 35.63
N THR G 2026 -67.80 -82.79 34.45
CA THR G 2026 -68.02 -83.92 33.55
C THR G 2026 -67.06 -83.90 32.38
N ALA G 2027 -65.99 -84.67 32.46
CA ALA G 2027 -64.96 -84.62 31.43
C ALA G 2027 -65.44 -85.13 30.07
N LYS G 2028 -66.70 -85.54 29.97
CA LYS G 2028 -67.28 -85.96 28.69
C LYS G 2028 -68.34 -84.96 28.23
N PRO G 2029 -68.49 -84.80 26.89
CA PRO G 2029 -69.38 -83.87 26.20
C PRO G 2029 -70.76 -83.69 26.81
N PHE G 2030 -71.09 -82.44 27.14
CA PHE G 2030 -72.37 -82.06 27.73
C PHE G 2030 -73.51 -82.69 26.96
N GLU G 2031 -74.21 -83.63 27.59
CA GLU G 2031 -75.37 -84.24 26.96
C GLU G 2031 -76.60 -83.98 27.82
N ILE G 2032 -77.78 -84.03 27.22
CA ILE G 2032 -79.00 -83.70 27.95
C ILE G 2032 -79.71 -84.92 28.52
N SER G 2033 -79.26 -86.11 28.12
CA SER G 2033 -79.89 -87.38 28.54
C SER G 2033 -80.08 -87.53 30.06
N LYS G 2034 -81.03 -88.39 30.44
CA LYS G 2034 -81.33 -88.64 31.86
C LYS G 2034 -80.19 -89.37 32.54
N GLU G 2035 -79.38 -90.06 31.75
CA GLU G 2035 -78.25 -90.82 32.27
C GLU G 2035 -77.11 -89.88 32.61
N TYR G 2036 -77.09 -88.72 31.97
CA TYR G 2036 -76.09 -87.69 32.24
C TYR G 2036 -76.34 -87.04 33.60
N PHE G 2037 -77.61 -86.77 33.92
CA PHE G 2037 -77.99 -86.20 35.22
C PHE G 2037 -77.57 -87.12 36.36
N GLU G 2038 -77.36 -88.39 36.03
CA GLU G 2038 -76.91 -89.38 37.00
C GLU G 2038 -75.39 -89.35 37.15
N GLU G 2039 -74.71 -89.04 36.05
CA GLU G 2039 -73.27 -88.84 36.10
C GLU G 2039 -72.96 -87.51 36.78
N VAL G 2040 -73.87 -86.56 36.67
CA VAL G 2040 -73.74 -85.26 37.31
C VAL G 2040 -74.09 -85.34 38.78
N HIS G 2041 -75.21 -86.01 39.07
CA HIS G 2041 -75.69 -86.17 40.43
C HIS G 2041 -74.73 -87.00 41.28
N ARG G 2042 -74.11 -88.00 40.66
CA ARG G 2042 -73.13 -88.85 41.33
C ARG G 2042 -71.98 -87.99 41.82
N LEU G 2043 -71.58 -87.02 41.01
CA LEU G 2043 -70.43 -86.19 41.32
C LEU G 2043 -70.80 -84.98 42.17
N THR G 2044 -72.00 -84.46 41.97
CA THR G 2044 -72.38 -83.19 42.57
C THR G 2044 -73.43 -83.28 43.66
N GLY G 2045 -74.56 -83.91 43.34
CA GLY G 2045 -75.67 -83.96 44.27
C GLY G 2045 -76.56 -82.73 44.19
N SER G 2046 -76.89 -82.33 42.97
CA SER G 2046 -77.77 -81.18 42.77
C SER G 2046 -79.21 -81.53 43.12
N PRO G 2047 -79.75 -80.89 44.17
CA PRO G 2047 -81.13 -81.12 44.59
C PRO G 2047 -82.15 -80.79 43.50
N LYS G 2048 -81.74 -79.93 42.56
CA LYS G 2048 -82.59 -79.64 41.41
C LYS G 2048 -82.52 -80.78 40.43
N ILE G 2049 -81.41 -81.52 40.45
CA ILE G 2049 -81.21 -82.67 39.57
C ILE G 2049 -81.91 -83.94 40.04
N ALA G 2050 -81.88 -84.18 41.34
CA ALA G 2050 -82.57 -85.35 41.90
C ALA G 2050 -84.07 -85.18 41.65
N ASN G 2051 -84.53 -83.95 41.85
CA ASN G 2051 -85.91 -83.57 41.64
C ASN G 2051 -86.34 -83.63 40.17
N ILE G 2052 -85.40 -83.33 39.27
CA ILE G 2052 -85.65 -83.33 37.82
C ILE G 2052 -85.30 -84.70 37.20
N LEU G 2053 -84.67 -85.55 38.01
CA LEU G 2053 -84.42 -86.95 37.62
C LEU G 2053 -85.58 -87.84 38.06
N ALA G 2054 -86.23 -87.43 39.14
CA ALA G 2054 -87.43 -88.12 39.62
C ALA G 2054 -88.62 -87.93 38.66
N ASN G 2055 -88.79 -86.71 38.16
CA ASN G 2055 -89.87 -86.41 37.21
C ASN G 2055 -89.60 -86.89 35.80
N TRP G 2056 -88.46 -87.56 35.57
CA TRP G 2056 -87.91 -87.77 34.22
C TRP G 2056 -88.90 -88.12 33.11
N ASP G 2057 -89.95 -88.84 33.48
CA ASP G 2057 -91.03 -89.21 32.60
C ASP G 2057 -91.70 -87.97 32.05
N LYS G 2058 -92.12 -87.10 32.96
CA LYS G 2058 -92.66 -85.77 32.65
C LYS G 2058 -92.00 -85.07 31.44
N TYR G 2059 -90.76 -85.42 31.12
CA TYR G 2059 -89.99 -84.74 30.08
C TYR G 2059 -89.97 -85.46 28.71
N GLU G 2060 -90.77 -86.51 28.60
CA GLU G 2060 -90.95 -87.29 27.35
C GLU G 2060 -89.85 -87.10 26.31
N GLN H 1 -14.78 -113.09 -77.22
CA GLN H 1 -14.76 -114.16 -76.21
C GLN H 1 -14.26 -113.73 -74.82
N SER H 2 -13.10 -113.08 -74.78
CA SER H 2 -12.43 -112.77 -73.52
C SER H 2 -11.65 -111.43 -73.55
N LEU H 3 -12.36 -110.33 -73.32
CA LEU H 3 -11.73 -109.00 -73.27
C LEU H 3 -12.31 -108.16 -72.14
N ARG H 4 -11.41 -107.61 -71.31
CA ARG H 4 -11.83 -106.83 -70.15
C ARG H 4 -10.95 -105.61 -69.87
N PRO H 5 -11.50 -104.41 -70.13
CA PRO H 5 -10.88 -103.09 -69.92
C PRO H 5 -10.45 -102.80 -68.48
N LEU H 6 -9.14 -102.80 -68.24
CA LEU H 6 -8.55 -102.41 -66.95
C LEU H 6 -7.78 -101.08 -67.04
N VAL H 7 -8.19 -100.09 -66.26
CA VAL H 7 -7.55 -98.78 -66.30
C VAL H 7 -6.68 -98.50 -65.06
N LEU H 8 -5.43 -98.11 -65.28
CA LEU H 8 -4.59 -97.61 -64.19
C LEU H 8 -4.66 -96.08 -64.13
N THR H 9 -5.47 -95.59 -63.20
CA THR H 9 -5.81 -94.17 -63.10
C THR H 9 -5.09 -93.49 -61.95
N HIS H 10 -4.63 -92.26 -62.18
CA HIS H 10 -3.91 -91.51 -61.14
C HIS H 10 -3.64 -90.06 -61.56
N GLY H 11 -3.99 -89.11 -60.69
CA GLY H 11 -3.73 -87.70 -60.92
C GLY H 11 -4.08 -87.22 -62.32
N SER H 12 -3.08 -87.20 -63.20
CA SER H 12 -3.24 -86.76 -64.59
C SER H 12 -2.68 -87.75 -65.62
N LEU H 13 -2.34 -88.95 -65.17
CA LEU H 13 -1.83 -89.99 -66.05
C LEU H 13 -2.62 -91.31 -65.92
N GLU H 14 -2.96 -91.91 -67.06
CA GLU H 14 -3.70 -93.17 -67.08
C GLU H 14 -3.08 -94.18 -68.05
N PHE H 15 -3.30 -95.46 -67.76
CA PHE H 15 -2.93 -96.52 -68.68
C PHE H 15 -4.07 -97.54 -68.83
N SER H 16 -4.45 -97.81 -70.08
CA SER H 16 -5.50 -98.78 -70.38
C SER H 16 -4.94 -100.18 -70.65
N PHE H 17 -5.75 -101.19 -70.36
CA PHE H 17 -5.27 -102.57 -70.31
C PHE H 17 -6.29 -103.53 -70.92
N LEU H 18 -5.81 -104.62 -71.51
CA LEU H 18 -6.68 -105.70 -71.96
C LEU H 18 -6.45 -107.00 -71.19
N VAL H 19 -7.53 -107.51 -70.61
CA VAL H 19 -7.49 -108.60 -69.65
C VAL H 19 -8.41 -109.75 -70.11
N PRO H 20 -8.03 -111.00 -69.83
CA PRO H 20 -9.02 -112.07 -70.02
C PRO H 20 -10.23 -111.86 -69.10
N THR H 21 -11.42 -112.18 -69.62
CA THR H 21 -12.67 -112.10 -68.85
C THR H 21 -12.55 -112.81 -67.52
N SER H 22 -11.96 -113.99 -67.56
CA SER H 22 -11.71 -114.80 -66.37
C SER H 22 -10.85 -114.08 -65.31
N LEU H 23 -9.61 -113.72 -65.69
CA LEU H 23 -8.64 -113.11 -64.77
C LEU H 23 -8.79 -111.59 -64.67
N HIS H 24 -10.01 -111.12 -64.45
CA HIS H 24 -10.25 -109.69 -64.42
C HIS H 24 -10.43 -109.11 -63.02
N PHE H 25 -10.77 -109.95 -62.04
CA PHE H 25 -10.82 -109.47 -60.66
C PHE H 25 -9.54 -109.70 -59.86
N GLN H 26 -8.70 -110.62 -60.33
CA GLN H 26 -7.37 -110.73 -59.76
C GLN H 26 -6.60 -109.47 -60.16
N ALA H 27 -6.77 -109.06 -61.41
CA ALA H 27 -6.15 -107.86 -61.92
C ALA H 27 -6.84 -106.58 -61.40
N ALA H 28 -8.12 -106.66 -61.05
CA ALA H 28 -8.81 -105.53 -60.41
C ALA H 28 -8.28 -105.33 -58.99
N GLN H 29 -8.07 -106.44 -58.27
CA GLN H 29 -7.56 -106.42 -56.89
C GLN H 29 -6.15 -105.82 -56.72
N LEU H 30 -5.22 -106.25 -57.58
CA LEU H 30 -3.86 -105.74 -57.54
C LEU H 30 -3.85 -104.26 -57.90
N LYS H 31 -4.73 -103.85 -58.82
CA LYS H 31 -4.89 -102.45 -59.21
C LYS H 31 -5.47 -101.64 -58.06
N ASP H 32 -6.46 -102.20 -57.37
CA ASP H 32 -7.18 -101.52 -56.30
C ASP H 32 -6.30 -101.16 -55.10
N SER H 33 -5.68 -102.17 -54.50
CA SER H 33 -4.81 -101.97 -53.34
C SER H 33 -3.51 -101.24 -53.72
N PHE H 34 -3.25 -101.17 -55.01
CA PHE H 34 -2.07 -100.48 -55.54
C PHE H 34 -2.27 -98.97 -55.70
N LEU H 35 -3.52 -98.55 -55.89
CA LEU H 35 -3.88 -97.14 -56.01
C LEU H 35 -4.08 -96.52 -54.62
N ALA H 36 -3.78 -97.30 -53.59
CA ALA H 36 -3.75 -96.83 -52.21
C ALA H 36 -2.30 -96.77 -51.73
N THR H 37 -1.44 -97.57 -52.36
CA THR H 37 0.00 -97.56 -52.12
C THR H 37 0.60 -96.20 -52.50
N LEU H 38 -0.03 -95.55 -53.48
CA LEU H 38 0.39 -94.23 -53.94
C LEU H 38 -0.19 -93.14 -53.03
N PRO H 39 0.54 -92.03 -52.86
CA PRO H 39 0.04 -90.95 -52.00
C PRO H 39 -0.96 -90.12 -52.78
N GLN H 40 -1.80 -89.38 -52.07
CA GLN H 40 -2.81 -88.51 -52.69
C GLN H 40 -2.27 -87.82 -53.96
N PRO H 41 -3.02 -87.94 -55.08
CA PRO H 41 -2.57 -87.43 -56.38
C PRO H 41 -2.20 -85.95 -56.35
N THR H 42 -1.29 -85.58 -57.25
CA THR H 42 -0.87 -84.19 -57.36
C THR H 42 -1.10 -83.67 -58.78
N GLU H 43 -1.95 -82.64 -58.87
CA GLU H 43 -2.29 -82.01 -60.15
C GLU H 43 -1.16 -81.09 -60.61
N GLU H 44 -0.12 -81.02 -59.79
CA GLU H 44 1.11 -80.30 -60.11
C GLU H 44 2.03 -81.21 -60.88
N LEU H 45 1.50 -82.39 -61.21
CA LEU H 45 2.10 -83.33 -62.19
C LEU H 45 3.32 -84.15 -61.69
N ALA H 46 3.64 -84.07 -60.41
CA ALA H 46 4.71 -84.89 -59.84
C ALA H 46 4.78 -84.82 -58.32
N GLN H 47 5.24 -85.92 -57.73
CA GLN H 47 5.56 -85.97 -56.32
C GLN H 47 6.97 -86.55 -56.16
N ASP H 48 7.64 -86.22 -55.06
CA ASP H 48 8.98 -86.77 -54.79
C ASP H 48 8.89 -88.28 -54.49
N ASP H 49 9.54 -89.07 -55.36
CA ASP H 49 9.57 -90.53 -55.26
C ASP H 49 8.21 -91.22 -55.36
N GLU H 50 7.28 -90.56 -56.07
CA GLU H 50 5.99 -91.13 -56.46
C GLU H 50 5.90 -91.06 -58.00
N PRO H 51 4.74 -91.39 -58.61
CA PRO H 51 4.74 -91.43 -60.09
C PRO H 51 5.20 -90.11 -60.75
N SER H 52 5.91 -90.23 -61.87
CA SER H 52 6.39 -89.07 -62.63
C SER H 52 5.96 -89.14 -64.10
N SER H 53 5.75 -90.36 -64.58
CA SER H 53 5.32 -90.59 -65.96
C SER H 53 4.29 -91.72 -65.98
N VAL H 54 3.77 -92.05 -67.16
CA VAL H 54 2.90 -93.22 -67.31
C VAL H 54 3.76 -94.49 -67.33
N VAL H 55 5.04 -94.33 -67.66
CA VAL H 55 5.99 -95.44 -67.65
C VAL H 55 6.28 -95.92 -66.23
N GLU H 56 5.96 -95.06 -65.26
CA GLU H 56 6.17 -95.35 -63.84
C GLU H 56 4.94 -95.97 -63.17
N LEU H 57 3.76 -95.68 -63.71
CA LEU H 57 2.52 -96.27 -63.20
C LEU H 57 2.49 -97.77 -63.43
N VAL H 58 2.96 -98.18 -64.61
CA VAL H 58 3.02 -99.59 -64.97
C VAL H 58 4.20 -100.29 -64.29
N ALA H 59 5.35 -99.61 -64.28
CA ALA H 59 6.53 -100.12 -63.59
C ALA H 59 6.30 -100.36 -62.09
N ARG H 60 5.65 -99.40 -61.43
CA ARG H 60 5.28 -99.52 -60.02
C ARG H 60 4.29 -100.65 -59.78
N TYR H 61 3.45 -100.91 -60.77
CA TYR H 61 2.44 -101.97 -60.71
C TYR H 61 3.06 -103.35 -60.97
N ILE H 62 4.05 -103.42 -61.87
CA ILE H 62 4.73 -104.68 -62.19
C ILE H 62 5.49 -105.26 -61.01
N ALA H 63 6.13 -104.38 -60.23
CA ALA H 63 6.84 -104.80 -59.02
C ALA H 63 5.88 -105.02 -57.86
N PHE H 64 4.74 -104.31 -57.87
CA PHE H 64 3.70 -104.48 -56.85
C PHE H 64 3.11 -105.89 -56.92
N VAL H 65 2.74 -106.31 -58.14
CA VAL H 65 2.18 -107.64 -58.38
C VAL H 65 3.21 -108.76 -58.23
N ALA H 66 4.39 -108.57 -58.82
CA ALA H 66 5.47 -109.55 -58.75
C ALA H 66 5.95 -109.80 -57.32
N HIS H 67 5.70 -108.83 -56.44
CA HIS H 67 6.02 -108.97 -55.02
C HIS H 67 4.99 -109.83 -54.30
N GLU H 68 3.72 -109.74 -54.71
CA GLU H 68 2.62 -110.53 -54.14
C GLU H 68 2.56 -111.98 -54.69
N VAL H 69 3.37 -112.23 -55.71
CA VAL H 69 3.58 -113.58 -56.22
C VAL H 69 4.53 -114.33 -55.28
N ASP H 70 5.66 -113.71 -54.97
CA ASP H 70 6.67 -114.28 -54.06
C ASP H 70 6.29 -114.12 -52.59
N GLU H 71 5.31 -113.27 -52.33
CA GLU H 71 4.73 -113.12 -51.00
C GLU H 71 3.88 -114.36 -50.72
N GLY H 72 3.82 -114.76 -49.45
CA GLY H 72 3.17 -116.00 -49.06
C GLY H 72 1.65 -116.02 -49.11
N ASP H 73 1.07 -115.54 -50.22
CA ASP H 73 -0.38 -115.54 -50.45
C ASP H 73 -0.80 -116.78 -51.24
N GLU H 74 -1.28 -117.80 -50.52
CA GLU H 74 -1.55 -119.10 -51.13
C GLU H 74 -2.95 -119.21 -51.75
N ASP H 75 -3.14 -120.29 -52.52
CA ASP H 75 -4.39 -120.54 -53.23
C ASP H 75 -4.60 -119.54 -54.36
N ALA H 76 -3.79 -118.49 -54.36
CA ALA H 76 -3.90 -117.43 -55.34
C ALA H 76 -2.61 -117.24 -56.10
N HIS H 77 -1.73 -118.24 -56.07
CA HIS H 77 -0.46 -118.14 -56.81
C HIS H 77 -0.58 -118.34 -58.32
N PRO H 78 -1.38 -119.32 -58.77
CA PRO H 78 -1.58 -119.51 -60.21
C PRO H 78 -2.17 -118.26 -60.90
N THR H 79 -3.08 -117.56 -60.22
CA THR H 79 -3.79 -116.42 -60.82
C THR H 79 -2.95 -115.13 -60.91
N ASN H 80 -2.03 -114.94 -59.98
CA ASN H 80 -1.12 -113.79 -59.96
C ASN H 80 -0.05 -113.88 -61.04
N LEU H 81 0.38 -115.11 -61.34
CA LEU H 81 1.35 -115.40 -62.41
C LEU H 81 0.85 -115.01 -63.80
N GLU H 82 -0.45 -114.77 -63.90
CA GLU H 82 -1.13 -114.46 -65.16
C GLU H 82 -1.31 -112.96 -65.32
N VAL H 83 -1.78 -112.30 -64.26
CA VAL H 83 -1.81 -110.85 -64.22
C VAL H 83 -0.40 -110.35 -64.55
N LEU H 84 0.59 -111.09 -64.04
CA LEU H 84 2.01 -110.79 -64.24
C LEU H 84 2.40 -110.88 -65.71
N LYS H 85 2.03 -111.98 -66.36
CA LYS H 85 2.38 -112.17 -67.76
C LYS H 85 1.82 -111.08 -68.67
N LEU H 86 0.60 -110.65 -68.39
CA LEU H 86 -0.05 -109.59 -69.16
C LEU H 86 0.64 -108.23 -69.04
N ILE H 87 0.91 -107.81 -67.80
CA ILE H 87 1.57 -106.53 -67.54
C ILE H 87 2.97 -106.51 -68.16
N LEU H 88 3.68 -107.64 -68.06
CA LEU H 88 5.01 -107.79 -68.66
C LEU H 88 4.94 -107.63 -70.16
N ASN H 89 3.94 -108.26 -70.78
CA ASN H 89 3.74 -108.19 -72.23
C ASN H 89 3.31 -106.79 -72.69
N GLU H 90 2.31 -106.21 -72.01
CA GLU H 90 1.82 -104.88 -72.31
C GLU H 90 2.93 -103.83 -72.15
N PHE H 91 3.89 -104.13 -71.29
CA PHE H 91 5.03 -103.24 -71.02
C PHE H 91 6.10 -103.32 -72.10
N GLU H 92 6.47 -104.55 -72.46
CA GLU H 92 7.44 -104.80 -73.52
C GLU H 92 6.84 -104.41 -74.87
N ARG H 93 5.51 -104.42 -74.93
CA ARG H 93 4.75 -103.99 -76.12
C ARG H 93 4.91 -102.50 -76.33
N ALA H 94 4.21 -101.72 -75.51
CA ALA H 94 4.09 -100.29 -75.71
C ALA H 94 5.31 -99.51 -75.24
N PHE H 95 5.80 -99.85 -74.05
CA PHE H 95 6.77 -98.99 -73.36
C PHE H 95 8.22 -99.21 -73.80
N MET H 96 8.67 -100.46 -73.73
CA MET H 96 10.04 -100.79 -74.12
C MET H 96 10.20 -100.91 -75.63
N ARG H 97 9.13 -101.38 -76.29
CA ARG H 97 9.16 -101.63 -77.73
C ARG H 97 10.41 -102.44 -78.09
N GLY H 98 10.52 -103.63 -77.51
CA GLY H 98 11.63 -104.52 -77.79
C GLY H 98 12.95 -104.13 -77.14
N ASN H 99 13.16 -102.83 -76.94
CA ASN H 99 14.41 -102.34 -76.37
C ASN H 99 14.57 -102.63 -74.87
N ASP H 100 15.83 -102.75 -74.43
CA ASP H 100 16.16 -103.06 -73.04
C ASP H 100 15.66 -102.02 -72.03
N VAL H 101 15.35 -102.47 -70.82
CA VAL H 101 14.76 -101.63 -69.77
C VAL H 101 15.63 -100.46 -69.34
N HIS H 102 16.94 -100.59 -69.53
CA HIS H 102 17.87 -99.55 -69.08
C HIS H 102 17.88 -98.34 -69.99
N ALA H 103 17.97 -98.59 -71.30
CA ALA H 103 17.95 -97.51 -72.27
C ALA H 103 16.55 -96.89 -72.42
N ILE H 104 15.52 -97.59 -71.90
CA ILE H 104 14.16 -97.05 -71.88
C ILE H 104 13.83 -96.43 -70.52
N ALA H 105 14.67 -96.67 -69.52
CA ALA H 105 14.56 -95.98 -68.24
C ALA H 105 15.33 -94.67 -68.32
N ALA H 106 16.26 -94.62 -69.27
CA ALA H 106 17.09 -93.45 -69.52
C ALA H 106 16.32 -92.27 -70.14
N ASN H 107 15.01 -92.44 -70.31
CA ASN H 107 14.18 -91.36 -70.85
C ASN H 107 12.96 -90.99 -69.99
N VAL H 108 13.08 -91.19 -68.68
CA VAL H 108 12.02 -90.77 -67.77
C VAL H 108 12.48 -89.61 -66.88
N ALA H 109 11.52 -88.97 -66.20
CA ALA H 109 11.76 -87.80 -65.35
C ALA H 109 12.93 -87.98 -64.39
N GLY H 110 13.99 -87.22 -64.63
CA GLY H 110 15.24 -87.39 -63.91
C GLY H 110 15.21 -87.04 -62.44
N ILE H 111 15.26 -88.07 -61.61
CA ILE H 111 15.54 -87.91 -60.18
C ILE H 111 16.76 -88.76 -59.88
N THR H 112 17.26 -89.43 -60.92
CA THR H 112 18.44 -90.28 -60.82
C THR H 112 18.14 -91.42 -59.84
N ALA H 113 16.88 -91.55 -59.46
CA ALA H 113 16.49 -92.54 -58.47
C ALA H 113 15.31 -93.33 -58.98
N LYS H 114 14.38 -92.64 -59.63
CA LYS H 114 13.23 -93.32 -60.19
C LYS H 114 13.60 -94.05 -61.48
N LYS H 115 14.73 -93.66 -62.07
CA LYS H 115 15.25 -94.37 -63.24
C LYS H 115 15.72 -95.76 -62.84
N ILE H 116 16.09 -95.90 -61.57
CA ILE H 116 16.39 -97.20 -60.97
C ILE H 116 15.08 -97.92 -60.66
N GLY H 117 14.09 -97.18 -60.18
CA GLY H 117 12.79 -97.72 -59.79
C GLY H 117 12.07 -98.50 -60.88
N VAL H 118 12.28 -98.09 -62.13
CA VAL H 118 11.67 -98.80 -63.25
C VAL H 118 12.47 -100.05 -63.63
N VAL H 119 13.80 -99.93 -63.56
CA VAL H 119 14.70 -101.01 -63.95
C VAL H 119 14.66 -102.21 -62.99
N ARG H 120 14.20 -102.00 -61.77
CA ARG H 120 14.11 -103.10 -60.81
C ARG H 120 12.68 -103.64 -60.74
N ALA H 121 11.71 -102.79 -61.10
CA ALA H 121 10.31 -103.20 -61.17
C ALA H 121 10.16 -104.25 -62.28
N TYR H 122 11.09 -104.20 -63.22
CA TYR H 122 11.10 -105.10 -64.36
C TYR H 122 11.70 -106.45 -63.99
N TYR H 123 12.96 -106.44 -63.54
CA TYR H 123 13.64 -107.67 -63.17
C TYR H 123 13.11 -108.23 -61.84
N ALA H 124 11.96 -107.71 -61.41
CA ALA H 124 11.23 -108.24 -60.29
C ALA H 124 10.04 -109.06 -60.82
N GLY H 125 9.43 -108.59 -61.90
CA GLY H 125 8.38 -109.32 -62.59
C GLY H 125 8.96 -110.26 -63.64
N ARG H 126 10.21 -110.00 -64.00
CA ARG H 126 10.95 -110.85 -64.93
C ARG H 126 11.25 -112.19 -64.27
N ALA H 127 11.68 -112.14 -63.02
CA ALA H 127 12.05 -113.35 -62.29
C ALA H 127 10.85 -113.97 -61.56
N ALA H 128 9.80 -113.19 -61.34
CA ALA H 128 8.59 -113.68 -60.69
C ALA H 128 7.67 -114.40 -61.67
N ALA H 129 8.05 -114.36 -62.95
CA ALA H 129 7.43 -115.21 -63.96
C ALA H 129 8.50 -116.08 -64.62
N GLY H 130 9.68 -116.10 -63.99
CA GLY H 130 10.75 -117.04 -64.31
C GLY H 130 11.46 -116.96 -65.66
N ARG H 131 11.30 -115.85 -66.37
CA ARG H 131 11.91 -115.67 -67.69
C ARG H 131 13.35 -115.16 -67.61
N ALA H 132 14.26 -115.87 -68.29
CA ALA H 132 15.68 -115.50 -68.31
C ALA H 132 16.00 -114.64 -69.54
N PRO H 133 16.43 -113.38 -69.30
CA PRO H 133 16.73 -112.38 -70.34
C PRO H 133 17.29 -112.96 -71.64
N LYS H 134 16.63 -112.64 -72.75
CA LYS H 134 17.02 -113.10 -74.06
C LYS H 134 18.41 -112.59 -74.39
N PRO H 135 19.32 -113.50 -74.80
CA PRO H 135 20.71 -113.18 -75.18
C PRO H 135 20.87 -112.24 -76.39
N TYR H 136 20.47 -110.98 -76.25
CA TYR H 136 20.79 -109.94 -77.23
C TYR H 136 22.21 -109.47 -76.95
N ASP H 137 22.87 -108.92 -77.96
CA ASP H 137 24.07 -108.14 -77.70
C ASP H 137 23.81 -106.68 -78.07
N SER H 138 24.38 -105.76 -77.30
CA SER H 138 24.08 -104.35 -77.47
C SER H 138 24.59 -103.85 -78.81
N ALA H 139 24.04 -102.73 -79.27
CA ALA H 139 24.55 -102.08 -80.47
C ALA H 139 26.06 -101.82 -80.29
N LEU H 140 26.48 -101.76 -79.03
CA LEU H 140 27.88 -101.50 -78.65
C LEU H 140 28.79 -102.69 -78.93
N PHE H 141 28.47 -103.83 -78.31
CA PHE H 141 29.24 -105.06 -78.44
C PHE H 141 29.05 -105.70 -79.82
N ARG H 142 27.90 -105.44 -80.41
CA ARG H 142 27.64 -105.83 -81.79
C ARG H 142 28.68 -105.17 -82.68
N ALA H 143 28.80 -103.84 -82.56
CA ALA H 143 29.79 -103.07 -83.31
C ALA H 143 31.21 -103.20 -82.74
N ALA H 144 31.36 -103.99 -81.69
CA ALA H 144 32.67 -104.29 -81.12
C ALA H 144 33.19 -105.56 -81.77
N ALA H 145 32.29 -106.53 -81.91
CA ALA H 145 32.57 -107.79 -82.61
C ALA H 145 32.64 -107.52 -84.12
N GLU H 146 31.94 -106.48 -84.55
CA GLU H 146 32.02 -106.01 -85.92
C GLU H 146 33.18 -105.03 -86.05
N ASN H 147 34.13 -105.14 -85.12
CA ASN H 147 35.34 -104.32 -85.09
C ASN H 147 35.20 -102.87 -85.54
N ASN H 148 34.26 -102.16 -84.93
CA ASN H 148 34.15 -100.73 -85.05
C ASN H 148 34.72 -100.11 -83.78
N VAL H 149 34.28 -100.66 -82.65
CA VAL H 149 34.73 -100.20 -81.33
C VAL H 149 35.59 -101.23 -80.61
N LYS H 150 36.52 -100.76 -79.79
CA LYS H 150 37.42 -101.66 -79.07
C LYS H 150 37.20 -101.44 -77.58
N ILE H 151 36.43 -102.33 -76.95
CA ILE H 151 36.05 -102.16 -75.56
C ILE H 151 37.05 -102.79 -74.56
N TYR H 152 37.62 -101.96 -73.68
CA TYR H 152 38.45 -102.46 -72.59
C TYR H 152 37.67 -102.41 -71.28
N SER H 153 38.16 -103.13 -70.28
CA SER H 153 37.51 -103.17 -68.98
C SER H 153 38.42 -102.56 -67.92
N ILE H 154 37.81 -101.90 -66.94
CA ILE H 154 38.59 -101.17 -65.95
C ILE H 154 37.93 -101.32 -64.57
N PHE H 155 38.74 -101.50 -63.54
CA PHE H 155 38.23 -101.80 -62.20
C PHE H 155 38.77 -100.89 -61.09
N GLY H 156 37.86 -100.21 -60.40
CA GLY H 156 38.24 -99.21 -59.40
C GLY H 156 38.76 -99.78 -58.08
N GLY H 157 38.88 -98.91 -57.09
CA GLY H 157 39.34 -99.29 -55.77
C GLY H 157 39.05 -98.21 -54.75
N GLN H 158 39.84 -98.19 -53.67
CA GLN H 158 39.69 -97.16 -52.64
C GLN H 158 40.07 -95.78 -53.17
N GLY H 159 39.05 -94.99 -53.52
CA GLY H 159 39.24 -93.64 -54.02
C GLY H 159 38.18 -92.71 -53.46
N ASN H 160 38.42 -92.22 -52.25
CA ASN H 160 37.45 -91.40 -51.52
C ASN H 160 36.06 -92.05 -51.50
N ILE H 161 36.04 -93.36 -51.36
CA ILE H 161 34.80 -94.11 -51.30
C ILE H 161 34.50 -94.58 -49.89
N GLU H 162 33.63 -93.83 -49.20
CA GLU H 162 33.20 -94.20 -47.87
C GLU H 162 31.75 -94.66 -47.96
N GLU H 163 31.22 -94.63 -49.17
CA GLU H 163 29.85 -95.05 -49.41
C GLU H 163 29.80 -96.27 -50.32
N TYR H 164 30.81 -97.12 -50.22
CA TYR H 164 30.83 -98.31 -51.04
C TYR H 164 29.63 -99.22 -50.72
N PHE H 165 29.31 -99.33 -49.42
CA PHE H 165 28.25 -100.22 -48.98
C PHE H 165 26.88 -99.68 -49.41
N ASP H 166 26.85 -98.41 -49.82
CA ASP H 166 25.64 -97.81 -50.36
C ASP H 166 25.38 -98.37 -51.75
N GLU H 167 26.47 -98.66 -52.47
CA GLU H 167 26.38 -99.27 -53.79
C GLU H 167 25.85 -100.71 -53.73
N LEU H 168 26.21 -101.42 -52.67
CA LEU H 168 25.71 -102.78 -52.44
C LEU H 168 24.20 -102.79 -52.29
N ARG H 169 23.67 -101.80 -51.58
CA ARG H 169 22.24 -101.67 -51.41
C ARG H 169 21.53 -101.38 -52.74
N GLU H 170 22.15 -100.55 -53.57
CA GLU H 170 21.68 -100.32 -54.93
C GLU H 170 21.57 -101.64 -55.69
N ILE H 171 22.63 -102.44 -55.58
CA ILE H 171 22.68 -103.76 -56.21
C ILE H 171 21.58 -104.69 -55.69
N TYR H 172 21.67 -105.04 -54.41
CA TYR H 172 20.68 -105.88 -53.75
C TYR H 172 19.22 -105.45 -54.04
N THR H 173 18.92 -104.18 -53.80
CA THR H 173 17.60 -103.65 -54.04
C THR H 173 17.12 -103.86 -55.48
N THR H 174 17.94 -103.42 -56.43
CA THR H 174 17.52 -103.32 -57.82
C THR H 174 17.54 -104.63 -58.59
N TYR H 175 18.61 -105.40 -58.43
CA TYR H 175 18.77 -106.66 -59.16
C TYR H 175 18.81 -107.91 -58.27
N PRO H 176 17.69 -108.19 -57.57
CA PRO H 176 17.64 -109.27 -56.58
C PRO H 176 17.87 -110.63 -57.24
N SER H 177 17.03 -110.89 -58.24
CA SER H 177 17.11 -112.13 -59.01
C SER H 177 18.54 -112.45 -59.45
N PHE H 178 19.20 -111.47 -60.04
CA PHE H 178 20.53 -111.67 -60.61
C PHE H 178 21.58 -112.03 -59.57
N VAL H 179 21.57 -111.34 -58.44
CA VAL H 179 22.73 -111.30 -57.56
C VAL H 179 22.56 -112.01 -56.24
N GLU H 180 21.32 -112.06 -55.75
CA GLU H 180 21.02 -112.56 -54.40
C GLU H 180 21.74 -113.87 -54.02
N ASP H 181 22.03 -114.68 -55.03
CA ASP H 181 22.64 -115.99 -54.81
C ASP H 181 24.12 -115.93 -54.41
N LEU H 182 24.94 -115.20 -55.18
CA LEU H 182 26.35 -115.04 -54.82
C LEU H 182 26.54 -114.00 -53.70
N ILE H 183 25.55 -113.14 -53.53
CA ILE H 183 25.53 -112.29 -52.36
C ILE H 183 25.46 -113.17 -51.13
N THR H 184 24.46 -114.06 -51.08
CA THR H 184 24.27 -114.94 -49.94
C THR H 184 25.53 -115.76 -49.60
N SER H 185 26.10 -116.38 -50.63
CA SER H 185 27.23 -117.30 -50.46
C SER H 185 28.57 -116.63 -50.16
N ILE H 186 28.91 -115.58 -50.91
CA ILE H 186 30.16 -114.87 -50.68
C ILE H 186 30.12 -114.23 -49.29
N ALA H 187 28.91 -113.98 -48.78
CA ALA H 187 28.74 -113.49 -47.42
C ALA H 187 29.23 -114.53 -46.43
N GLU H 188 28.63 -115.72 -46.51
CA GLU H 188 28.94 -116.82 -45.61
C GLU H 188 30.39 -117.29 -45.73
N LEU H 189 31.00 -117.04 -46.87
CA LEU H 189 32.44 -117.26 -47.05
C LEU H 189 33.22 -116.37 -46.09
N LEU H 190 32.90 -115.08 -46.10
CA LEU H 190 33.58 -114.08 -45.29
C LEU H 190 33.27 -114.25 -43.80
N GLN H 191 32.01 -114.61 -43.49
CA GLN H 191 31.58 -114.86 -42.12
C GLN H 191 32.48 -115.91 -41.48
N SER H 192 32.85 -116.91 -42.28
CA SER H 192 33.71 -118.00 -41.81
C SER H 192 35.16 -117.55 -41.70
N LEU H 193 35.57 -116.71 -42.64
CA LEU H 193 36.91 -116.13 -42.62
C LEU H 193 37.12 -115.28 -41.36
N ALA H 194 36.05 -114.63 -40.91
CA ALA H 194 36.09 -113.70 -39.79
C ALA H 194 36.40 -114.41 -38.47
N ARG H 195 36.03 -115.69 -38.39
CA ARG H 195 36.14 -116.45 -37.16
C ARG H 195 37.53 -117.07 -36.97
N GLU H 196 38.26 -117.20 -38.06
CA GLU H 196 39.64 -117.67 -37.98
C GLU H 196 40.43 -116.79 -37.02
N TRP H 197 41.08 -117.42 -36.04
CA TRP H 197 41.76 -116.73 -34.93
C TRP H 197 42.55 -115.44 -35.23
N ASP H 198 43.21 -115.37 -36.37
CA ASP H 198 44.00 -114.19 -36.73
C ASP H 198 43.10 -113.00 -37.05
N ALA H 199 41.95 -113.30 -37.65
CA ALA H 199 41.05 -112.28 -38.16
C ALA H 199 40.07 -111.75 -37.12
N VAL H 200 39.96 -112.41 -35.97
CA VAL H 200 38.98 -111.99 -34.97
C VAL H 200 39.27 -110.59 -34.43
N LYS H 201 40.55 -110.32 -34.12
CA LYS H 201 40.93 -109.03 -33.58
C LYS H 201 40.53 -107.90 -34.53
N GLN H 202 40.91 -108.05 -35.80
CA GLN H 202 40.73 -107.00 -36.79
C GLN H 202 39.27 -106.85 -37.27
N TYR H 203 38.40 -107.77 -36.83
CA TYR H 203 36.96 -107.71 -37.12
C TYR H 203 36.15 -107.73 -35.84
N PRO H 204 36.18 -106.63 -35.09
CA PRO H 204 35.53 -106.60 -33.78
C PRO H 204 34.02 -106.60 -33.90
N LYS H 205 33.49 -105.78 -34.81
CA LYS H 205 32.04 -105.60 -34.91
C LYS H 205 31.43 -106.71 -35.78
N GLY H 206 32.31 -107.54 -36.33
CA GLY H 206 31.88 -108.69 -37.09
C GLY H 206 31.66 -108.41 -38.56
N LEU H 207 31.48 -109.50 -39.30
CA LEU H 207 31.36 -109.44 -40.75
C LEU H 207 30.12 -110.24 -41.17
N ASP H 208 28.96 -109.59 -41.10
CA ASP H 208 27.69 -110.23 -41.45
C ASP H 208 26.95 -109.37 -42.48
N ILE H 209 27.42 -109.41 -43.72
CA ILE H 209 26.91 -108.52 -44.76
C ILE H 209 25.42 -108.68 -45.00
N LEU H 210 24.91 -109.91 -44.85
CA LEU H 210 23.48 -110.18 -45.03
C LEU H 210 22.65 -109.48 -43.97
N GLN H 211 23.19 -109.41 -42.75
CA GLN H 211 22.53 -108.80 -41.61
C GLN H 211 22.35 -107.29 -41.76
N TRP H 212 23.42 -106.61 -42.16
CA TRP H 212 23.37 -105.17 -42.30
C TRP H 212 22.46 -104.79 -43.46
N LEU H 213 22.40 -105.66 -44.46
CA LEU H 213 21.55 -105.43 -45.61
C LEU H 213 20.06 -105.58 -45.26
N HIS H 214 19.73 -106.55 -44.42
CA HIS H 214 18.34 -106.78 -44.02
C HIS H 214 17.84 -105.73 -43.02
N ASN H 215 18.55 -105.58 -41.91
CA ASN H 215 18.23 -104.57 -40.91
C ASN H 215 19.27 -103.46 -40.91
N PRO H 216 19.00 -102.38 -41.65
CA PRO H 216 19.93 -101.28 -41.95
C PRO H 216 20.43 -100.61 -40.69
N GLU H 217 19.58 -100.59 -39.67
CA GLU H 217 19.88 -99.96 -38.40
C GLU H 217 21.02 -100.69 -37.69
N SER H 218 21.36 -101.87 -38.20
CA SER H 218 22.42 -102.70 -37.65
C SER H 218 23.70 -102.59 -38.47
N GLN H 219 23.71 -101.71 -39.46
CA GLN H 219 24.91 -101.46 -40.25
C GLN H 219 25.97 -100.77 -39.40
N PRO H 220 27.20 -101.28 -39.43
CA PRO H 220 28.33 -100.70 -38.70
C PRO H 220 28.66 -99.27 -39.14
N ASP H 221 29.39 -98.56 -38.29
CA ASP H 221 29.73 -97.16 -38.49
C ASP H 221 30.56 -96.95 -39.75
N THR H 222 30.42 -95.78 -40.37
CA THR H 222 31.13 -95.48 -41.60
C THR H 222 32.63 -95.67 -41.45
N ASP H 223 33.14 -95.52 -40.22
CA ASP H 223 34.56 -95.74 -39.96
C ASP H 223 34.97 -97.21 -40.06
N TYR H 224 34.11 -98.09 -39.59
CA TYR H 224 34.37 -99.53 -39.64
C TYR H 224 34.51 -100.01 -41.08
N LEU H 225 33.50 -99.74 -41.89
CA LEU H 225 33.45 -100.26 -43.24
C LEU H 225 34.68 -99.88 -44.09
N VAL H 226 35.24 -98.70 -43.83
CA VAL H 226 36.32 -98.19 -44.67
C VAL H 226 37.68 -98.83 -44.36
N SER H 227 37.79 -99.43 -43.18
CA SER H 227 39.03 -100.08 -42.77
C SER H 227 39.38 -101.23 -43.72
N ALA H 228 40.66 -101.36 -44.03
CA ALA H 228 41.12 -102.34 -45.00
C ALA H 228 40.48 -103.73 -44.87
N PRO H 229 40.60 -104.37 -43.69
CA PRO H 229 40.00 -105.70 -43.51
C PRO H 229 38.58 -105.83 -44.07
N VAL H 230 37.68 -104.92 -43.71
CA VAL H 230 36.30 -104.99 -44.23
C VAL H 230 36.15 -104.29 -45.57
N SER H 231 37.03 -103.33 -45.83
CA SER H 231 36.98 -102.55 -47.06
C SER H 231 37.19 -103.47 -48.26
N PHE H 232 38.42 -103.97 -48.38
CA PHE H 232 38.84 -104.78 -49.53
C PHE H 232 37.81 -105.79 -50.06
N PRO H 233 37.53 -106.84 -49.27
CA PRO H 233 36.68 -107.93 -49.78
C PRO H 233 35.26 -107.48 -50.07
N LEU H 234 34.67 -106.76 -49.12
CA LEU H 234 33.31 -106.27 -49.28
C LEU H 234 33.15 -105.41 -50.55
N ILE H 235 34.23 -104.70 -50.90
CA ILE H 235 34.25 -103.88 -52.11
C ILE H 235 34.31 -104.72 -53.38
N GLY H 236 35.25 -105.66 -53.40
CA GLY H 236 35.34 -106.58 -54.51
C GLY H 236 33.98 -107.16 -54.85
N LEU H 237 33.20 -107.45 -53.82
CA LEU H 237 31.86 -108.03 -54.00
C LEU H 237 30.93 -107.14 -54.84
N VAL H 238 31.14 -105.83 -54.73
CA VAL H 238 30.33 -104.88 -55.48
C VAL H 238 30.83 -104.77 -56.92
N GLN H 239 32.12 -105.03 -57.13
CA GLN H 239 32.69 -105.05 -58.46
C GLN H 239 32.28 -106.31 -59.23
N LEU H 240 32.19 -107.42 -58.50
CA LEU H 240 31.73 -108.68 -59.05
C LEU H 240 30.26 -108.62 -59.41
N ALA H 241 29.44 -108.22 -58.45
CA ALA H 241 27.99 -108.13 -58.65
C ALA H 241 27.65 -107.19 -59.81
N HIS H 242 28.56 -106.26 -60.11
CA HIS H 242 28.38 -105.36 -61.25
C HIS H 242 28.60 -106.13 -62.55
N TYR H 243 29.79 -106.73 -62.70
CA TYR H 243 30.12 -107.57 -63.85
C TYR H 243 29.05 -108.65 -64.05
N MET H 244 28.66 -109.28 -62.96
CA MET H 244 27.62 -110.31 -62.92
C MET H 244 26.30 -109.77 -63.51
N ILE H 245 25.92 -108.58 -63.10
CA ILE H 245 24.67 -107.96 -63.54
C ILE H 245 24.73 -107.49 -64.99
N THR H 246 25.91 -107.10 -65.45
CA THR H 246 26.10 -106.69 -66.83
C THR H 246 25.89 -107.86 -67.78
N CYS H 247 26.56 -108.97 -67.48
CA CYS H 247 26.46 -110.19 -68.28
C CYS H 247 25.06 -110.76 -68.19
N LYS H 248 24.54 -110.83 -66.98
CA LYS H 248 23.22 -111.39 -66.73
C LYS H 248 22.07 -110.62 -67.41
N THR H 249 22.15 -109.29 -67.40
CA THR H 249 21.13 -108.48 -68.06
C THR H 249 21.23 -108.60 -69.57
N LEU H 250 22.47 -108.70 -70.06
CA LEU H 250 22.73 -108.97 -71.48
C LEU H 250 22.06 -110.27 -71.94
N GLY H 251 22.02 -111.27 -71.05
CA GLY H 251 21.48 -112.57 -71.39
C GLY H 251 22.57 -113.55 -71.78
N ARG H 252 23.81 -113.13 -71.53
CA ARG H 252 24.98 -113.94 -71.83
C ARG H 252 25.53 -114.70 -70.61
N GLU H 253 26.62 -115.42 -70.82
CA GLU H 253 27.38 -116.01 -69.73
C GLU H 253 28.69 -115.24 -69.58
N PRO H 254 29.37 -115.39 -68.42
CA PRO H 254 30.62 -114.69 -68.11
C PRO H 254 31.69 -114.81 -69.20
N GLY H 255 31.74 -115.94 -69.90
CA GLY H 255 32.74 -116.16 -70.92
C GLY H 255 32.43 -115.40 -72.19
N GLU H 256 31.14 -115.13 -72.40
CA GLU H 256 30.67 -114.42 -73.58
C GLU H 256 31.11 -112.97 -73.61
N LEU H 257 30.67 -112.21 -72.60
CA LEU H 257 31.04 -110.80 -72.46
C LEU H 257 32.54 -110.68 -72.21
N LEU H 258 33.12 -111.71 -71.59
CA LEU H 258 34.56 -111.77 -71.34
C LEU H 258 35.33 -111.74 -72.65
N GLU H 259 34.71 -112.28 -73.70
CA GLU H 259 35.38 -112.40 -75.00
C GLU H 259 35.20 -111.16 -75.87
N ARG H 260 34.25 -110.31 -75.50
CA ARG H 260 33.94 -109.11 -76.27
C ARG H 260 34.75 -107.92 -75.76
N PHE H 261 35.83 -108.18 -75.02
CA PHE H 261 36.75 -107.15 -74.58
C PHE H 261 38.11 -107.28 -75.26
N SER H 262 39.06 -106.42 -74.89
CA SER H 262 40.40 -106.43 -75.50
C SER H 262 41.50 -106.47 -74.43
N GLY H 263 41.18 -105.96 -73.25
CA GLY H 263 42.12 -105.91 -72.15
C GLY H 263 41.44 -105.47 -70.87
N THR H 264 42.10 -105.69 -69.74
CA THR H 264 41.51 -105.34 -68.45
C THR H 264 42.59 -105.03 -67.42
N THR H 265 42.38 -103.95 -66.66
CA THR H 265 43.24 -103.62 -65.53
C THR H 265 42.39 -103.04 -64.39
N GLY H 266 42.96 -103.05 -63.18
CA GLY H 266 42.28 -102.49 -62.02
C GLY H 266 43.18 -101.55 -61.23
N HIS H 267 42.56 -100.69 -60.43
CA HIS H 267 43.29 -99.74 -59.58
C HIS H 267 43.59 -100.39 -58.23
N SER H 268 44.74 -101.07 -58.15
CA SER H 268 45.15 -101.77 -56.95
C SER H 268 44.20 -102.90 -56.56
N GLN H 269 43.21 -102.54 -55.76
CA GLN H 269 42.24 -103.50 -55.23
C GLN H 269 41.44 -104.17 -56.33
N GLY H 270 41.54 -103.63 -57.54
CA GLY H 270 40.78 -104.11 -58.68
C GLY H 270 41.51 -105.14 -59.52
N ILE H 271 42.84 -105.06 -59.55
CA ILE H 271 43.63 -105.97 -60.36
C ILE H 271 43.46 -107.43 -59.91
N VAL H 272 42.97 -107.61 -58.69
CA VAL H 272 42.55 -108.93 -58.26
C VAL H 272 41.30 -109.39 -59.00
N VAL H 273 40.25 -108.59 -58.93
CA VAL H 273 39.00 -108.92 -59.59
C VAL H 273 39.10 -108.83 -61.12
N ALA H 274 40.10 -108.10 -61.62
CA ALA H 274 40.30 -107.95 -63.07
C ALA H 274 40.95 -109.19 -63.66
N ALA H 275 41.79 -109.82 -62.85
CA ALA H 275 42.42 -111.07 -63.24
C ALA H 275 41.43 -112.23 -63.11
N ALA H 276 40.87 -112.38 -61.92
CA ALA H 276 39.96 -113.50 -61.60
C ALA H 276 38.64 -113.47 -62.37
N ILE H 277 38.30 -112.33 -62.95
CA ILE H 277 37.10 -112.19 -63.78
C ILE H 277 37.41 -112.68 -65.20
N ALA H 278 38.70 -112.63 -65.57
CA ALA H 278 39.17 -113.12 -66.86
C ALA H 278 39.55 -114.60 -66.76
N THR H 279 38.92 -115.29 -65.82
CA THR H 279 39.16 -116.71 -65.59
C THR H 279 37.85 -117.47 -65.80
N ALA H 280 36.74 -116.78 -65.54
CA ALA H 280 35.43 -117.40 -65.55
C ALA H 280 34.80 -117.41 -66.94
N ARG H 281 34.15 -118.52 -67.28
CA ARG H 281 33.34 -118.60 -68.50
C ARG H 281 31.96 -119.18 -68.19
N THR H 282 31.91 -120.10 -67.23
CA THR H 282 30.62 -120.61 -66.76
C THR H 282 30.12 -119.67 -65.67
N TRP H 283 28.86 -119.83 -65.29
CA TRP H 283 28.34 -119.17 -64.10
C TRP H 283 28.82 -119.97 -62.91
N ASP H 284 29.22 -121.20 -63.20
CA ASP H 284 29.87 -122.06 -62.22
C ASP H 284 31.35 -121.70 -62.17
N GLU H 285 31.97 -121.55 -63.33
CA GLU H 285 33.38 -121.17 -63.46
C GLU H 285 33.57 -119.74 -62.97
N PHE H 286 32.45 -119.03 -62.87
CA PHE H 286 32.42 -117.66 -62.37
C PHE H 286 32.47 -117.68 -60.83
N ALA H 287 31.44 -118.26 -60.22
CA ALA H 287 31.33 -118.34 -58.76
C ALA H 287 32.53 -119.05 -58.11
N THR H 288 33.39 -119.64 -58.94
CA THR H 288 34.63 -120.26 -58.47
C THR H 288 35.70 -119.21 -58.24
N ALA H 289 35.97 -118.41 -59.27
CA ALA H 289 36.95 -117.33 -59.18
C ALA H 289 36.44 -116.18 -58.27
N ALA H 290 35.13 -116.17 -58.02
CA ALA H 290 34.49 -115.18 -57.15
C ALA H 290 34.84 -115.43 -55.69
N LYS H 291 34.79 -116.70 -55.30
CA LYS H 291 35.22 -117.10 -53.96
C LYS H 291 36.74 -116.94 -53.85
N ARG H 292 37.42 -117.10 -54.97
CA ARG H 292 38.87 -117.01 -55.00
C ARG H 292 39.35 -115.58 -54.78
N ALA H 293 38.90 -114.66 -55.64
CA ALA H 293 39.29 -113.27 -55.52
C ALA H 293 38.88 -112.70 -54.16
N VAL H 294 37.61 -112.88 -53.79
CA VAL H 294 37.06 -112.33 -52.54
C VAL H 294 37.89 -112.71 -51.32
N GLU H 295 38.25 -113.98 -51.26
CA GLU H 295 39.04 -114.48 -50.14
C GLU H 295 40.49 -113.97 -50.23
N LEU H 296 40.97 -113.72 -51.45
CA LEU H 296 42.31 -113.16 -51.64
C LEU H 296 42.35 -111.74 -51.08
N LEU H 297 41.36 -110.93 -51.46
CA LEU H 297 41.23 -109.57 -50.96
C LEU H 297 41.19 -109.58 -49.44
N PHE H 298 40.34 -110.44 -48.89
CA PHE H 298 40.19 -110.59 -47.44
C PHE H 298 41.54 -110.63 -46.74
N TRP H 299 42.43 -111.48 -47.23
CA TRP H 299 43.72 -111.70 -46.59
C TRP H 299 44.71 -110.58 -46.87
N ILE H 300 44.63 -110.02 -48.06
CA ILE H 300 45.51 -108.92 -48.41
C ILE H 300 45.24 -107.74 -47.48
N GLY H 301 43.98 -107.38 -47.34
CA GLY H 301 43.58 -106.29 -46.47
C GLY H 301 43.86 -106.58 -45.00
N LEU H 302 43.48 -107.77 -44.55
CA LEU H 302 43.70 -108.19 -43.16
C LEU H 302 45.19 -108.17 -42.77
N ARG H 303 46.02 -108.83 -43.58
CA ARG H 303 47.44 -108.95 -43.27
C ARG H 303 48.19 -107.61 -43.41
N SER H 304 47.68 -106.73 -44.27
CA SER H 304 48.29 -105.43 -44.46
C SER H 304 48.08 -104.56 -43.22
N GLN H 305 46.88 -104.65 -42.66
CA GLN H 305 46.54 -103.85 -41.49
C GLN H 305 47.33 -104.35 -40.28
N GLN H 306 47.67 -105.64 -40.30
CA GLN H 306 48.41 -106.26 -39.21
C GLN H 306 49.87 -105.81 -39.21
N ALA H 307 50.39 -105.50 -40.39
CA ALA H 307 51.78 -105.08 -40.53
C ALA H 307 51.98 -103.64 -40.05
N TYR H 308 51.21 -102.72 -40.63
CA TYR H 308 51.24 -101.33 -40.19
C TYR H 308 49.86 -100.93 -39.69
N PRO H 309 49.58 -101.30 -38.42
CA PRO H 309 48.33 -100.97 -37.74
C PRO H 309 48.28 -99.49 -37.38
N ARG H 310 47.09 -99.03 -37.06
CA ARG H 310 46.87 -97.64 -36.76
C ARG H 310 47.48 -97.23 -35.41
N THR H 311 48.42 -96.29 -35.43
CA THR H 311 48.98 -95.72 -34.20
C THR H 311 48.53 -94.28 -34.01
N SER H 312 47.74 -94.05 -32.97
CA SER H 312 47.19 -92.73 -32.67
C SER H 312 48.25 -91.64 -32.63
N LEU H 313 47.90 -90.47 -33.17
CA LEU H 313 48.82 -89.34 -33.21
C LEU H 313 48.43 -88.32 -32.16
N ALA H 314 49.20 -87.25 -32.06
CA ALA H 314 48.90 -86.19 -31.11
C ALA H 314 47.56 -85.54 -31.43
N PRO H 315 46.76 -85.22 -30.40
CA PRO H 315 45.45 -84.59 -30.62
C PRO H 315 45.67 -83.23 -31.27
N SER H 316 46.81 -82.62 -30.93
CA SER H 316 47.21 -81.33 -31.49
C SER H 316 47.50 -81.41 -32.99
N THR H 317 48.53 -82.18 -33.34
CA THR H 317 48.92 -82.37 -34.73
C THR H 317 47.75 -82.94 -35.55
N LEU H 318 46.84 -83.62 -34.87
CA LEU H 318 45.64 -84.14 -35.51
C LEU H 318 44.74 -82.99 -35.96
N GLN H 319 44.25 -82.21 -35.00
CA GLN H 319 43.35 -81.10 -35.30
C GLN H 319 43.94 -80.13 -36.29
N ASP H 320 45.26 -79.92 -36.22
CA ASP H 320 45.93 -79.06 -37.17
C ASP H 320 45.55 -79.46 -38.59
N SER H 321 45.89 -80.70 -38.95
CA SER H 321 45.57 -81.26 -40.27
C SER H 321 44.10 -80.97 -40.67
N VAL H 322 43.18 -81.23 -39.76
CA VAL H 322 41.77 -81.14 -40.09
C VAL H 322 41.39 -79.72 -40.45
N GLU H 323 41.92 -78.77 -39.69
CA GLU H 323 41.55 -77.37 -39.83
C GLU H 323 42.26 -76.71 -41.02
N ASN H 324 43.41 -77.26 -41.38
CA ASN H 324 44.22 -76.67 -42.45
C ASN H 324 43.91 -77.19 -43.86
N GLY H 325 42.71 -77.72 -44.03
CA GLY H 325 42.24 -78.14 -45.35
C GLY H 325 42.36 -79.62 -45.63
N GLU H 326 43.26 -80.29 -44.92
CA GLU H 326 43.50 -81.72 -45.12
C GLU H 326 42.50 -82.53 -44.32
N GLY H 327 42.90 -83.75 -43.96
CA GLY H 327 42.02 -84.60 -43.18
C GLY H 327 42.72 -85.35 -42.07
N THR H 328 42.00 -86.31 -41.49
CA THR H 328 42.56 -87.15 -40.47
C THR H 328 43.71 -87.94 -41.05
N PRO H 329 44.91 -87.76 -40.48
CA PRO H 329 46.16 -88.32 -41.02
C PRO H 329 46.14 -89.84 -41.15
N THR H 330 46.39 -90.31 -42.37
CA THR H 330 46.56 -91.73 -42.64
C THR H 330 47.94 -91.91 -43.29
N PRO H 331 48.24 -93.14 -43.73
CA PRO H 331 49.50 -93.32 -44.46
C PRO H 331 49.40 -93.06 -45.98
N MET H 332 48.25 -92.56 -46.44
CA MET H 332 48.03 -92.31 -47.88
C MET H 332 47.62 -90.86 -48.15
N LEU H 333 48.50 -90.12 -48.81
CA LEU H 333 48.31 -88.69 -49.04
C LEU H 333 48.15 -88.36 -50.54
N SER H 334 47.09 -87.63 -50.90
CA SER H 334 46.87 -87.22 -52.28
C SER H 334 47.49 -85.86 -52.58
N ILE H 335 48.04 -85.70 -53.77
CA ILE H 335 48.65 -84.43 -54.18
C ILE H 335 48.32 -84.10 -55.63
N ARG H 336 47.14 -83.53 -55.84
CA ARG H 336 46.72 -83.15 -57.18
C ARG H 336 47.37 -81.87 -57.70
N ASP H 337 47.23 -81.65 -58.99
CA ASP H 337 47.64 -80.41 -59.65
C ASP H 337 49.14 -80.05 -59.53
N LEU H 338 49.94 -80.98 -59.01
CA LEU H 338 51.38 -80.76 -58.97
C LEU H 338 52.17 -81.58 -59.99
N THR H 339 53.42 -81.22 -60.20
CA THR H 339 54.30 -81.93 -61.12
C THR H 339 55.10 -82.97 -60.37
N ARG H 340 55.44 -84.07 -61.04
CA ARG H 340 56.28 -85.09 -60.40
C ARG H 340 57.60 -84.52 -59.89
N SER H 341 58.26 -83.72 -60.73
CA SER H 341 59.53 -83.11 -60.34
C SER H 341 59.38 -82.34 -59.04
N ALA H 342 58.33 -81.53 -58.96
CA ALA H 342 58.03 -80.73 -57.78
C ALA H 342 57.68 -81.60 -56.58
N VAL H 343 56.68 -82.46 -56.76
CA VAL H 343 56.22 -83.38 -55.69
C VAL H 343 57.39 -84.13 -55.09
N GLN H 344 58.31 -84.57 -55.94
CA GLN H 344 59.48 -85.29 -55.49
C GLN H 344 60.36 -84.39 -54.63
N GLU H 345 60.68 -83.22 -55.15
CA GLU H 345 61.62 -82.33 -54.45
C GLU H 345 61.20 -82.06 -53.01
N HIS H 346 59.89 -81.93 -52.79
CA HIS H 346 59.36 -81.74 -51.45
C HIS H 346 59.40 -83.03 -50.63
N ILE H 347 59.18 -84.15 -51.30
CA ILE H 347 59.34 -85.47 -50.69
C ILE H 347 60.80 -85.72 -50.31
N ASP H 348 61.71 -85.10 -51.06
CA ASP H 348 63.14 -85.22 -50.84
C ASP H 348 63.60 -84.45 -49.60
N ALA H 349 63.20 -83.19 -49.52
CA ALA H 349 63.52 -82.34 -48.37
C ALA H 349 62.95 -82.90 -47.08
N THR H 350 61.71 -83.39 -47.14
CA THR H 350 61.07 -84.03 -45.99
C THR H 350 61.88 -85.23 -45.52
N ASN H 351 62.18 -86.15 -46.46
CA ASN H 351 62.96 -87.34 -46.17
C ASN H 351 64.37 -87.05 -45.67
N GLN H 352 64.88 -85.86 -46.01
CA GLN H 352 66.22 -85.46 -45.62
C GLN H 352 66.43 -85.52 -44.10
N HIS H 353 65.51 -84.91 -43.34
CA HIS H 353 65.62 -84.80 -41.89
C HIS H 353 65.08 -86.03 -41.13
N LEU H 354 64.56 -87.00 -41.88
CA LEU H 354 63.95 -88.19 -41.30
C LEU H 354 64.89 -89.38 -41.21
N PRO H 355 64.63 -90.27 -40.24
CA PRO H 355 65.26 -91.58 -40.16
C PRO H 355 64.69 -92.49 -41.25
N GLU H 356 65.54 -93.35 -41.81
CA GLU H 356 65.15 -94.22 -42.93
C GLU H 356 63.98 -95.14 -42.60
N ASP H 357 63.72 -95.32 -41.31
CA ASP H 357 62.59 -96.10 -40.83
C ASP H 357 61.30 -95.56 -41.40
N ARG H 358 61.17 -94.24 -41.32
CA ARG H 358 59.94 -93.56 -41.66
C ARG H 358 60.16 -92.54 -42.77
N HIS H 359 60.58 -93.01 -43.93
CA HIS H 359 60.65 -92.12 -45.09
C HIS H 359 59.32 -92.07 -45.83
N ILE H 360 59.30 -91.33 -46.93
CA ILE H 360 58.10 -91.10 -47.70
C ILE H 360 58.28 -91.65 -49.10
N GLY H 361 57.25 -92.28 -49.64
CA GLY H 361 57.32 -92.79 -50.99
C GLY H 361 56.21 -92.27 -51.89
N ILE H 362 56.40 -92.41 -53.20
CA ILE H 362 55.32 -92.19 -54.14
C ILE H 362 54.68 -93.54 -54.44
N SER H 363 53.44 -93.72 -53.99
CA SER H 363 52.81 -95.04 -54.08
C SER H 363 51.98 -95.22 -55.34
N LEU H 364 51.36 -94.16 -55.83
CA LEU H 364 50.74 -94.23 -57.15
C LEU H 364 50.96 -92.98 -58.01
N VAL H 365 50.65 -93.12 -59.29
CA VAL H 365 50.78 -92.05 -60.27
C VAL H 365 49.58 -92.13 -61.22
N ASN H 366 48.44 -91.60 -60.77
CA ASN H 366 47.19 -91.66 -61.51
C ASN H 366 47.13 -90.76 -62.78
N SER H 367 48.07 -89.82 -62.87
CA SER H 367 48.26 -88.98 -64.06
C SER H 367 49.57 -88.18 -63.99
N ALA H 368 49.74 -87.24 -64.91
CA ALA H 368 50.95 -86.42 -64.96
C ALA H 368 51.00 -85.49 -63.75
N ARG H 369 49.82 -85.11 -63.29
CA ARG H 369 49.67 -84.12 -62.22
C ARG H 369 48.85 -84.65 -61.04
N ASN H 370 48.78 -85.97 -60.89
CA ASN H 370 48.01 -86.60 -59.81
C ASN H 370 48.83 -87.70 -59.16
N PHE H 371 49.10 -87.55 -57.87
CA PHE H 371 49.95 -88.51 -57.18
C PHE H 371 49.31 -88.98 -55.87
N VAL H 372 49.90 -90.00 -55.27
CA VAL H 372 49.58 -90.43 -53.91
C VAL H 372 50.92 -90.74 -53.24
N VAL H 373 51.01 -90.44 -51.95
CA VAL H 373 52.26 -90.60 -51.21
C VAL H 373 52.06 -91.47 -49.96
N THR H 374 53.05 -92.30 -49.64
CA THR H 374 52.97 -93.16 -48.45
C THR H 374 54.15 -92.99 -47.52
N GLY H 375 54.06 -93.65 -46.37
CA GLY H 375 54.98 -93.47 -45.27
C GLY H 375 54.14 -93.34 -44.02
N PRO H 376 54.78 -93.31 -42.84
CA PRO H 376 54.01 -93.21 -41.60
C PRO H 376 53.19 -91.92 -41.59
N PRO H 377 52.00 -91.97 -40.98
CA PRO H 377 51.12 -90.80 -40.98
C PRO H 377 51.87 -89.55 -40.50
N ILE H 378 52.56 -89.67 -39.37
CA ILE H 378 53.30 -88.56 -38.77
C ILE H 378 54.36 -88.01 -39.73
N SER H 379 54.85 -88.89 -40.60
CA SER H 379 55.87 -88.53 -41.56
C SER H 379 55.22 -87.79 -42.72
N LEU H 380 54.01 -88.22 -43.08
CA LEU H 380 53.25 -87.57 -44.14
C LEU H 380 52.83 -86.17 -43.73
N TYR H 381 52.45 -86.02 -42.47
CA TYR H 381 52.12 -84.72 -41.92
C TYR H 381 53.27 -83.74 -42.11
N GLY H 382 54.49 -84.18 -41.81
CA GLY H 382 55.67 -83.35 -41.94
C GLY H 382 55.88 -82.82 -43.36
N LEU H 383 55.25 -83.47 -44.32
CA LEU H 383 55.29 -83.01 -45.71
C LEU H 383 54.30 -81.86 -45.88
N ASN H 384 53.06 -82.09 -45.47
CA ASN H 384 51.98 -81.10 -45.55
C ASN H 384 52.34 -79.74 -44.97
N LEU H 385 53.04 -79.75 -43.83
CA LEU H 385 53.51 -78.51 -43.23
C LEU H 385 54.38 -77.75 -44.21
N ARG H 386 55.39 -78.43 -44.76
CA ARG H 386 56.22 -77.86 -45.79
C ARG H 386 55.40 -77.39 -46.98
N LEU H 387 54.33 -78.14 -47.31
CA LEU H 387 53.55 -77.91 -48.51
C LEU H 387 52.69 -76.65 -48.48
N ARG H 388 52.06 -76.39 -47.34
CA ARG H 388 51.18 -75.22 -47.23
C ARG H 388 51.99 -73.92 -47.20
N LYS H 389 53.25 -74.01 -46.78
CA LYS H 389 54.16 -72.87 -46.77
C LYS H 389 54.53 -72.42 -48.20
N VAL H 390 54.28 -73.29 -49.17
CA VAL H 390 54.53 -72.98 -50.57
C VAL H 390 53.26 -72.58 -51.30
N LYS H 391 52.17 -73.30 -51.06
CA LYS H 391 50.92 -73.04 -51.76
C LYS H 391 50.25 -71.75 -51.29
N ALA H 392 49.33 -71.26 -52.12
CA ALA H 392 48.69 -69.98 -51.86
C ALA H 392 47.24 -70.17 -51.42
N PRO H 393 46.77 -69.29 -50.51
CA PRO H 393 45.38 -69.26 -50.04
C PRO H 393 44.39 -69.21 -51.20
N THR H 394 43.19 -69.77 -51.01
CA THR H 394 42.18 -69.74 -52.07
C THR H 394 41.67 -68.31 -52.25
N GLY H 395 42.09 -67.43 -51.35
CA GLY H 395 41.71 -66.03 -51.39
C GLY H 395 42.54 -65.19 -52.35
N LEU H 396 43.86 -65.39 -52.32
CA LEU H 396 44.80 -64.59 -53.11
C LEU H 396 44.37 -64.41 -54.58
N ASP H 397 44.53 -63.20 -55.09
CA ASP H 397 44.35 -62.96 -56.52
C ASP H 397 45.71 -62.83 -57.16
N GLN H 398 45.89 -63.43 -58.33
CA GLN H 398 47.17 -63.38 -59.02
C GLN H 398 47.02 -62.92 -60.46
N ASN H 399 45.81 -62.51 -60.81
CA ASN H 399 45.51 -62.03 -62.16
C ASN H 399 46.39 -60.86 -62.56
N ARG H 400 47.10 -60.29 -61.59
CA ARG H 400 47.89 -59.09 -61.81
C ARG H 400 49.38 -59.34 -61.56
N ILE H 401 49.73 -60.59 -61.31
CA ILE H 401 51.13 -60.98 -61.10
C ILE H 401 51.68 -61.73 -62.29
N PRO H 402 52.92 -61.40 -62.70
CA PRO H 402 53.59 -62.16 -63.77
C PRO H 402 53.42 -63.66 -63.50
N PHE H 403 53.34 -64.45 -64.57
CA PHE H 403 52.99 -65.87 -64.44
C PHE H 403 54.04 -66.74 -63.74
N THR H 404 55.29 -66.63 -64.18
CA THR H 404 56.37 -67.41 -63.57
C THR H 404 56.70 -66.85 -62.19
N GLN H 405 55.85 -65.95 -61.72
CA GLN H 405 56.04 -65.27 -60.45
C GLN H 405 55.03 -65.78 -59.43
N ARG H 406 53.95 -66.39 -59.91
CA ARG H 406 52.83 -66.79 -59.07
C ARG H 406 53.15 -67.97 -58.14
N LYS H 407 52.38 -68.10 -57.06
CA LYS H 407 52.45 -69.26 -56.18
C LYS H 407 51.54 -70.38 -56.69
N ALA H 408 51.90 -71.61 -56.34
CA ALA H 408 51.27 -72.79 -56.93
C ALA H 408 49.86 -73.10 -56.42
N ARG H 409 49.01 -73.51 -57.34
CA ARG H 409 47.59 -73.69 -57.11
C ARG H 409 47.24 -75.18 -56.97
N PHE H 410 47.58 -75.79 -55.82
CA PHE H 410 47.38 -77.23 -55.68
C PHE H 410 46.57 -77.68 -54.47
N VAL H 411 46.15 -78.95 -54.50
CA VAL H 411 45.37 -79.57 -53.44
C VAL H 411 46.11 -80.75 -52.84
N ASN H 412 46.43 -80.67 -51.54
CA ASN H 412 46.92 -81.84 -50.81
C ASN H 412 45.89 -82.28 -49.78
N ARG H 413 45.80 -83.60 -49.55
CA ARG H 413 44.75 -84.15 -48.71
C ARG H 413 44.96 -85.63 -48.37
N PHE H 414 44.51 -86.04 -47.18
CA PHE H 414 44.60 -87.44 -46.79
C PHE H 414 43.44 -88.26 -47.36
N LEU H 415 43.68 -89.54 -47.60
CA LEU H 415 42.65 -90.42 -48.17
C LEU H 415 42.22 -91.47 -47.15
N PRO H 416 40.96 -91.91 -47.25
CA PRO H 416 40.37 -92.90 -46.34
C PRO H 416 40.99 -94.30 -46.42
N ILE H 417 42.21 -94.39 -46.95
CA ILE H 417 42.91 -95.67 -47.00
C ILE H 417 43.56 -95.98 -45.64
N THR H 418 43.43 -97.22 -45.21
CA THR H 418 43.73 -97.62 -43.84
C THR H 418 45.15 -98.16 -43.60
N ALA H 419 45.95 -98.30 -44.65
CA ALA H 419 47.27 -98.92 -44.52
C ALA H 419 48.22 -98.57 -45.65
N PRO H 420 49.54 -98.66 -45.37
CA PRO H 420 50.62 -98.26 -46.27
C PRO H 420 50.81 -99.22 -47.45
N PHE H 421 50.02 -99.06 -48.50
CA PHE H 421 50.18 -99.93 -49.66
C PHE H 421 51.21 -99.38 -50.62
N HIS H 422 51.80 -100.26 -51.41
CA HIS H 422 52.74 -99.86 -52.44
C HIS H 422 53.95 -99.22 -51.79
N SER H 423 54.36 -99.82 -50.67
CA SER H 423 55.45 -99.30 -49.88
C SER H 423 56.18 -100.44 -49.19
N PRO H 424 57.48 -100.22 -48.92
CA PRO H 424 58.31 -101.13 -48.12
C PRO H 424 57.79 -101.37 -46.70
N TYR H 425 56.67 -100.75 -46.34
CA TYR H 425 56.13 -100.85 -44.97
C TYR H 425 55.21 -102.02 -44.85
N LEU H 426 54.67 -102.45 -45.98
CA LEU H 426 53.89 -103.67 -45.96
C LEU H 426 54.77 -104.83 -46.36
N ALA H 427 56.02 -104.79 -45.90
CA ALA H 427 56.99 -105.84 -46.19
C ALA H 427 56.67 -107.14 -45.46
N GLY H 428 56.64 -107.09 -44.13
CA GLY H 428 56.38 -108.27 -43.31
C GLY H 428 55.06 -108.97 -43.61
N ALA H 429 54.09 -108.19 -44.04
CA ALA H 429 52.75 -108.71 -44.32
C ALA H 429 52.79 -109.67 -45.51
N HIS H 430 53.55 -109.30 -46.54
CA HIS H 430 53.60 -110.01 -47.82
C HIS H 430 53.75 -111.54 -47.70
N ALA H 431 54.69 -111.97 -46.85
CA ALA H 431 54.92 -113.38 -46.62
C ALA H 431 53.64 -114.03 -46.07
N HIS H 432 53.12 -113.46 -44.99
CA HIS H 432 51.88 -113.91 -44.37
C HIS H 432 50.75 -114.18 -45.37
N ILE H 433 50.45 -113.17 -46.19
CA ILE H 433 49.35 -113.25 -47.15
C ILE H 433 49.53 -114.44 -48.07
N LEU H 434 50.74 -114.60 -48.59
CA LEU H 434 51.04 -115.68 -49.52
C LEU H 434 50.67 -117.04 -48.95
N GLY H 435 51.06 -117.27 -47.69
CA GLY H 435 50.84 -118.53 -47.02
C GLY H 435 49.38 -118.93 -46.87
N ASP H 436 48.49 -117.96 -46.74
CA ASP H 436 47.07 -118.25 -46.55
C ASP H 436 46.42 -118.73 -47.83
N VAL H 437 47.11 -118.50 -48.95
CA VAL H 437 46.46 -118.56 -50.26
C VAL H 437 47.16 -119.46 -51.28
N ASP H 438 47.98 -120.40 -50.81
CA ASP H 438 48.63 -121.37 -51.73
C ASP H 438 47.75 -122.58 -52.05
N ASP H 439 46.63 -122.70 -51.32
CA ASP H 439 45.59 -123.69 -51.60
C ASP H 439 45.05 -123.44 -53.00
N MET H 440 44.98 -122.17 -53.36
CA MET H 440 44.59 -121.77 -54.70
C MET H 440 45.81 -121.33 -55.51
N LYS H 441 45.64 -121.31 -56.82
CA LYS H 441 46.72 -120.91 -57.70
C LYS H 441 46.08 -120.38 -58.99
N ILE H 442 46.50 -119.19 -59.41
CA ILE H 442 45.99 -118.65 -60.67
C ILE H 442 47.12 -118.54 -61.70
N PRO H 443 47.15 -119.46 -62.67
CA PRO H 443 48.19 -119.58 -63.69
C PRO H 443 48.00 -118.59 -64.84
N ALA H 444 49.10 -118.11 -65.41
CA ALA H 444 49.02 -117.11 -66.49
C ALA H 444 48.17 -117.58 -67.68
N SER H 445 48.05 -118.90 -67.83
CA SER H 445 47.34 -119.49 -68.95
C SER H 445 45.82 -119.51 -68.80
N SER H 446 45.31 -119.40 -67.57
CA SER H 446 43.86 -119.37 -67.35
C SER H 446 43.25 -117.97 -67.60
N LEU H 447 44.03 -117.12 -68.30
CA LEU H 447 43.63 -115.75 -68.62
C LEU H 447 43.03 -115.58 -70.01
N VAL H 448 41.70 -115.62 -70.08
CA VAL H 448 40.98 -115.36 -71.33
C VAL H 448 41.48 -114.08 -72.03
N ILE H 449 41.16 -112.93 -71.44
CA ILE H 449 41.54 -111.64 -72.01
C ILE H 449 42.67 -110.99 -71.19
N PRO H 450 43.64 -110.38 -71.89
CA PRO H 450 44.85 -109.77 -71.32
C PRO H 450 44.62 -109.00 -70.02
N VAL H 451 45.41 -109.32 -69.00
CA VAL H 451 45.41 -108.57 -67.76
C VAL H 451 46.73 -107.79 -67.67
N TYR H 452 46.66 -106.46 -67.79
CA TYR H 452 47.87 -105.63 -67.79
C TYR H 452 48.35 -105.30 -66.38
N ASP H 453 49.63 -105.53 -66.15
CA ASP H 453 50.27 -105.31 -64.85
C ASP H 453 50.00 -103.89 -64.31
N THR H 454 50.19 -103.72 -63.01
CA THR H 454 50.01 -102.42 -62.35
C THR H 454 51.18 -101.46 -62.58
N LYS H 455 52.40 -101.94 -62.29
CA LYS H 455 53.61 -101.12 -62.42
C LYS H 455 54.09 -100.96 -63.87
N THR H 456 53.85 -101.97 -64.71
CA THR H 456 54.13 -101.87 -66.15
C THR H 456 52.95 -102.41 -66.93
N GLY H 457 52.70 -101.83 -68.09
CA GLY H 457 51.54 -102.21 -68.87
C GLY H 457 51.51 -103.65 -69.36
N GLN H 458 52.60 -104.39 -69.14
CA GLN H 458 52.78 -105.69 -69.80
C GLN H 458 51.87 -106.83 -69.32
N ASP H 459 51.24 -107.46 -70.30
CA ASP H 459 50.31 -108.56 -70.11
C ASP H 459 50.85 -109.62 -69.13
N LEU H 460 49.96 -110.10 -68.26
CA LEU H 460 50.30 -111.14 -67.31
C LEU H 460 50.33 -112.53 -67.95
N ARG H 461 49.70 -112.66 -69.11
CA ARG H 461 49.66 -113.97 -69.78
C ARG H 461 51.05 -114.40 -70.28
N GLU H 462 51.98 -113.45 -70.31
CA GLU H 462 53.38 -113.74 -70.63
C GLU H 462 54.13 -114.36 -69.44
N LEU H 463 53.39 -114.94 -68.51
CA LEU H 463 53.97 -115.65 -67.38
C LEU H 463 53.85 -117.16 -67.55
N GLY H 464 54.86 -117.87 -67.08
CA GLY H 464 54.89 -119.31 -67.19
C GLY H 464 54.00 -119.97 -66.17
N ASP H 465 52.69 -119.78 -66.30
CA ASP H 465 51.69 -120.41 -65.44
C ASP H 465 51.90 -120.14 -63.95
N GLU H 466 52.75 -119.15 -63.66
CA GLU H 466 53.02 -118.77 -62.30
C GLU H 466 51.76 -118.15 -61.70
N ASP H 467 51.51 -118.44 -60.43
CA ASP H 467 50.35 -117.91 -59.71
C ASP H 467 50.28 -116.39 -59.82
N ILE H 468 49.25 -115.90 -60.48
CA ILE H 468 48.95 -114.47 -60.53
C ILE H 468 48.75 -114.01 -59.08
N ILE H 469 48.47 -114.97 -58.20
CA ILE H 469 48.28 -114.67 -56.78
C ILE H 469 49.53 -114.05 -56.11
N PRO H 470 50.69 -114.75 -56.16
CA PRO H 470 51.99 -114.22 -55.69
C PRO H 470 52.49 -113.01 -56.48
N GLU H 471 51.71 -112.56 -57.44
CA GLU H 471 52.03 -111.36 -58.18
C GLU H 471 51.02 -110.24 -57.89
N LEU H 472 49.75 -110.59 -57.74
CA LEU H 472 48.74 -109.65 -57.32
C LEU H 472 49.12 -109.04 -55.98
N VAL H 473 49.55 -109.90 -55.06
CA VAL H 473 50.01 -109.47 -53.74
C VAL H 473 51.18 -108.47 -53.84
N ARG H 474 52.13 -108.72 -54.74
CA ARG H 474 53.31 -107.84 -54.86
C ARG H 474 52.97 -106.45 -55.42
N MET H 475 52.08 -106.40 -56.41
CA MET H 475 51.73 -105.15 -57.09
C MET H 475 50.97 -104.22 -56.15
N ILE H 476 50.23 -104.82 -55.24
CA ILE H 476 49.36 -104.11 -54.33
C ILE H 476 50.10 -103.61 -53.09
N THR H 477 50.93 -104.47 -52.50
CA THR H 477 51.50 -104.17 -51.19
C THR H 477 52.91 -103.58 -51.22
N TYR H 478 53.59 -103.68 -52.36
CA TYR H 478 54.95 -103.16 -52.43
C TYR H 478 55.20 -102.26 -53.64
N ASP H 479 54.41 -102.44 -54.70
CA ASP H 479 54.72 -101.82 -56.00
C ASP H 479 54.02 -100.49 -56.25
N PRO H 480 54.73 -99.53 -56.87
CA PRO H 480 54.04 -98.37 -57.42
C PRO H 480 52.89 -98.77 -58.33
N VAL H 481 51.86 -97.93 -58.42
CA VAL H 481 50.77 -98.10 -59.37
C VAL H 481 50.94 -97.01 -60.41
N ASN H 482 51.74 -97.28 -61.44
CA ASN H 482 51.92 -96.30 -62.51
C ASN H 482 50.74 -96.39 -63.46
N TRP H 483 49.60 -95.95 -62.95
CA TRP H 483 48.31 -96.21 -63.57
C TRP H 483 48.24 -95.80 -65.03
N GLU H 484 48.79 -94.64 -65.36
CA GLU H 484 48.55 -94.09 -66.69
C GLU H 484 49.22 -94.94 -67.78
N THR H 485 50.29 -95.64 -67.41
CA THR H 485 50.98 -96.52 -68.36
C THR H 485 50.27 -97.88 -68.52
N ALA H 486 49.80 -98.47 -67.43
CA ALA H 486 49.06 -99.73 -67.48
C ALA H 486 47.66 -99.51 -68.06
N THR H 487 47.32 -98.25 -68.29
CA THR H 487 46.02 -97.87 -68.80
C THR H 487 46.08 -97.59 -70.29
N VAL H 488 47.28 -97.53 -70.86
CA VAL H 488 47.42 -97.17 -72.28
C VAL H 488 46.85 -98.24 -73.22
N PHE H 489 45.59 -98.57 -73.03
CA PHE H 489 44.88 -99.56 -73.84
C PHE H 489 44.97 -99.15 -75.31
N PRO H 490 45.84 -99.82 -76.08
CA PRO H 490 46.24 -99.36 -77.42
C PRO H 490 45.07 -99.35 -78.39
N ASP H 491 44.83 -98.20 -79.01
CA ASP H 491 43.73 -98.05 -79.95
C ASP H 491 42.41 -98.58 -79.34
N ALA H 492 41.80 -97.77 -78.47
CA ALA H 492 40.53 -98.12 -77.85
C ALA H 492 39.50 -97.03 -78.09
N THR H 493 38.21 -97.41 -78.02
CA THR H 493 37.12 -96.47 -78.22
C THR H 493 36.29 -96.35 -76.96
N HIS H 494 36.11 -97.48 -76.30
CA HIS H 494 35.29 -97.52 -75.09
C HIS H 494 36.05 -98.16 -73.93
N ILE H 495 35.84 -97.64 -72.73
CA ILE H 495 36.37 -98.26 -71.52
C ILE H 495 35.27 -98.30 -70.48
N VAL H 496 35.08 -99.45 -69.85
CA VAL H 496 33.95 -99.61 -68.92
C VAL H 496 34.37 -99.77 -67.45
N ASP H 497 33.98 -98.78 -66.64
CA ASP H 497 34.23 -98.78 -65.19
C ASP H 497 33.19 -99.64 -64.47
N PHE H 498 33.62 -100.79 -63.96
CA PHE H 498 32.79 -101.63 -63.10
C PHE H 498 33.13 -101.33 -61.66
N GLY H 499 34.23 -100.60 -61.47
CA GLY H 499 34.76 -100.30 -60.16
C GLY H 499 33.79 -99.59 -59.24
N PRO H 500 34.21 -99.42 -57.98
CA PRO H 500 33.42 -98.83 -56.90
C PRO H 500 33.30 -97.32 -57.02
N GLY H 501 32.09 -96.80 -56.83
CA GLY H 501 31.88 -95.36 -56.76
C GLY H 501 31.27 -94.79 -58.00
N GLY H 502 30.09 -94.19 -57.85
CA GLY H 502 29.35 -93.62 -58.96
C GLY H 502 30.18 -92.78 -59.91
N VAL H 503 30.10 -91.46 -59.78
CA VAL H 503 30.85 -90.60 -60.67
C VAL H 503 32.21 -90.34 -60.04
N SER H 504 32.65 -91.27 -59.21
CA SER H 504 33.91 -91.13 -58.47
C SER H 504 34.88 -92.24 -58.81
N GLY H 505 34.34 -93.33 -59.38
CA GLY H 505 35.14 -94.47 -59.80
C GLY H 505 36.21 -94.06 -60.79
N ILE H 506 37.26 -94.88 -60.93
CA ILE H 506 38.43 -94.49 -61.70
C ILE H 506 38.11 -94.10 -63.16
N GLY H 507 36.91 -94.45 -63.60
CA GLY H 507 36.45 -94.09 -64.93
C GLY H 507 36.58 -92.60 -65.23
N VAL H 508 36.16 -91.77 -64.27
CA VAL H 508 36.22 -90.33 -64.43
C VAL H 508 37.67 -89.88 -64.53
N LEU H 509 38.49 -90.37 -63.61
CA LEU H 509 39.91 -90.03 -63.58
C LEU H 509 40.51 -90.28 -64.94
N THR H 510 40.47 -91.53 -65.34
CA THR H 510 41.06 -91.96 -66.60
C THR H 510 40.48 -91.24 -67.80
N ASN H 511 39.17 -91.01 -67.79
CA ASN H 511 38.52 -90.28 -68.87
C ASN H 511 39.19 -88.93 -69.11
N ARG H 512 39.74 -88.34 -68.04
CA ARG H 512 40.56 -87.15 -68.18
C ARG H 512 41.92 -87.47 -68.79
N ASN H 513 42.59 -88.50 -68.25
CA ASN H 513 43.86 -88.98 -68.78
C ASN H 513 43.78 -89.11 -70.31
N LYS H 514 42.60 -89.50 -70.80
CA LYS H 514 42.37 -89.73 -72.22
C LYS H 514 41.15 -89.00 -72.77
N ASP H 515 41.13 -87.68 -72.71
CA ASP H 515 40.00 -86.96 -73.31
C ASP H 515 40.30 -86.66 -74.77
N GLY H 516 41.55 -86.26 -75.02
CA GLY H 516 41.96 -85.89 -76.37
C GLY H 516 41.83 -86.99 -77.40
N THR H 517 42.22 -88.21 -77.02
CA THR H 517 42.38 -89.33 -77.96
C THR H 517 41.07 -89.90 -78.52
N GLY H 518 39.96 -89.58 -77.87
CA GLY H 518 38.68 -90.05 -78.36
C GLY H 518 38.25 -91.36 -77.73
N VAL H 519 38.74 -91.60 -76.51
CA VAL H 519 38.26 -92.73 -75.74
C VAL H 519 37.02 -92.31 -74.93
N ARG H 520 35.92 -93.00 -75.16
CA ARG H 520 34.69 -92.81 -74.40
C ARG H 520 34.78 -93.67 -73.15
N VAL H 521 34.05 -93.30 -72.11
CA VAL H 521 34.06 -94.09 -70.88
C VAL H 521 32.63 -94.34 -70.45
N ILE H 522 32.37 -95.52 -69.89
CA ILE H 522 31.06 -95.83 -69.37
C ILE H 522 31.15 -96.40 -67.96
N LEU H 523 30.38 -95.84 -67.04
CA LEU H 523 30.37 -96.32 -65.67
C LEU H 523 29.22 -97.32 -65.50
N ALA H 524 29.57 -98.59 -65.42
CA ALA H 524 28.57 -99.66 -65.40
C ALA H 524 27.74 -99.66 -64.13
N GLY H 525 28.32 -99.12 -63.06
CA GLY H 525 27.69 -99.11 -61.75
C GLY H 525 26.41 -98.30 -61.61
N ALA H 526 26.34 -97.14 -62.26
CA ALA H 526 25.20 -96.23 -62.14
C ALA H 526 24.45 -96.03 -63.45
N ILE H 527 23.18 -95.68 -63.34
CA ILE H 527 22.33 -95.40 -64.50
C ILE H 527 22.50 -93.97 -65.01
N ASP H 528 22.70 -93.05 -64.07
CA ASP H 528 22.85 -91.63 -64.39
C ASP H 528 23.55 -90.94 -63.21
N GLY H 529 24.29 -89.88 -63.51
CA GLY H 529 25.00 -89.13 -62.48
C GLY H 529 25.13 -87.66 -62.83
N THR H 530 26.00 -86.98 -62.10
CA THR H 530 26.17 -85.54 -62.24
C THR H 530 27.14 -85.17 -63.36
N ASN H 531 27.84 -86.15 -63.90
CA ASN H 531 28.85 -85.92 -64.93
C ASN H 531 28.27 -86.04 -66.33
N THR H 532 28.52 -85.05 -67.18
CA THR H 532 28.24 -85.18 -68.61
C THR H 532 29.53 -85.15 -69.41
N GLU H 533 30.21 -86.29 -69.43
CA GLU H 533 31.48 -86.48 -70.11
C GLU H 533 31.73 -87.98 -70.05
N VAL H 534 30.81 -88.65 -69.36
CA VAL H 534 30.83 -90.09 -69.16
C VAL H 534 29.43 -90.65 -69.34
N GLY H 535 29.32 -91.74 -70.10
CA GLY H 535 28.04 -92.43 -70.27
C GLY H 535 27.85 -93.42 -69.14
N TYR H 536 26.65 -93.97 -69.00
CA TYR H 536 26.37 -94.84 -67.86
C TYR H 536 25.85 -96.21 -68.25
N LYS H 537 25.26 -96.89 -67.27
CA LYS H 537 24.76 -98.26 -67.39
C LYS H 537 23.97 -98.55 -68.68
N PRO H 538 22.97 -97.71 -69.01
CA PRO H 538 22.13 -97.97 -70.19
C PRO H 538 22.88 -97.92 -71.52
N GLU H 539 24.12 -97.42 -71.51
CA GLU H 539 24.93 -97.39 -72.72
C GLU H 539 25.64 -98.72 -72.98
N LEU H 540 25.22 -99.76 -72.26
CA LEU H 540 25.76 -101.10 -72.45
C LEU H 540 24.64 -102.03 -72.90
N PHE H 541 23.39 -101.60 -72.70
CA PHE H 541 22.23 -102.40 -73.07
C PHE H 541 21.23 -101.59 -73.89
N ASP H 542 21.53 -101.39 -75.16
CA ASP H 542 20.64 -100.63 -76.03
C ASP H 542 20.44 -101.34 -77.36
N ARG H 543 19.31 -101.06 -78.01
CA ARG H 543 18.93 -101.78 -79.21
C ARG H 543 18.80 -100.88 -80.44
N ASP H 544 18.60 -99.58 -80.23
CA ASP H 544 18.59 -98.63 -81.34
C ASP H 544 19.97 -98.58 -81.99
N ASP H 545 20.00 -98.29 -83.29
CA ASP H 545 21.26 -98.24 -84.03
C ASP H 545 22.09 -97.02 -83.63
N ASN H 546 21.40 -95.97 -83.18
CA ASN H 546 22.06 -94.71 -82.80
C ASN H 546 22.60 -94.74 -81.37
N ALA H 547 22.54 -95.89 -80.75
CA ALA H 547 22.81 -96.03 -79.33
C ALA H 547 24.30 -96.04 -78.95
N VAL H 548 25.18 -95.88 -79.94
CA VAL H 548 26.61 -95.95 -79.62
C VAL H 548 27.34 -94.63 -79.80
N GLN H 549 28.13 -94.31 -78.78
CA GLN H 549 28.85 -93.05 -78.73
C GLN H 549 30.35 -93.19 -78.99
N PHE H 550 30.92 -92.20 -79.67
CA PHE H 550 32.35 -92.17 -79.91
C PHE H 550 32.93 -90.86 -79.40
N ALA H 551 33.77 -90.95 -78.38
CA ALA H 551 34.48 -89.78 -77.86
C ALA H 551 35.37 -89.22 -78.96
N VAL H 552 35.31 -87.91 -79.17
CA VAL H 552 35.97 -87.31 -80.33
C VAL H 552 37.45 -87.01 -80.09
N ASP H 553 38.21 -87.13 -81.17
CA ASP H 553 39.59 -86.71 -81.20
C ASP H 553 39.54 -85.38 -81.91
N TRP H 554 39.93 -84.35 -81.20
CA TRP H 554 39.92 -83.05 -81.80
C TRP H 554 40.75 -83.01 -83.09
N VAL H 555 41.70 -83.93 -83.22
CA VAL H 555 42.48 -84.02 -84.45
C VAL H 555 41.60 -84.46 -85.61
N LYS H 556 40.77 -85.46 -85.35
CA LYS H 556 39.77 -85.92 -86.31
C LYS H 556 38.76 -84.82 -86.61
N GLU H 557 38.15 -84.30 -85.56
CA GLU H 557 37.05 -83.35 -85.70
C GLU H 557 37.49 -81.98 -86.21
N HIS H 558 38.57 -81.45 -85.63
CA HIS H 558 39.00 -80.09 -85.91
C HIS H 558 40.37 -80.00 -86.61
N GLY H 559 40.84 -81.12 -87.13
CA GLY H 559 42.13 -81.12 -87.82
C GLY H 559 42.09 -80.29 -89.09
N PRO H 560 43.20 -79.58 -89.38
CA PRO H 560 43.28 -78.75 -90.59
C PRO H 560 43.09 -79.62 -91.82
N ARG H 561 42.70 -79.01 -92.93
CA ARG H 561 42.50 -79.76 -94.16
C ARG H 561 42.79 -78.87 -95.36
N LEU H 562 42.69 -79.44 -96.55
CA LEU H 562 42.85 -78.69 -97.79
C LEU H 562 41.65 -79.00 -98.66
N VAL H 563 41.28 -78.04 -99.50
CA VAL H 563 40.13 -78.20 -100.41
C VAL H 563 40.32 -77.23 -101.58
N LYS H 564 39.72 -77.54 -102.72
CA LYS H 564 39.87 -76.70 -103.91
C LYS H 564 38.52 -76.29 -104.53
N THR H 565 38.48 -75.11 -105.16
CA THR H 565 37.25 -74.59 -105.75
C THR H 565 37.02 -75.08 -107.18
N SER H 566 35.80 -74.84 -107.66
CA SER H 566 35.41 -75.06 -109.05
C SER H 566 36.17 -74.12 -109.97
N VAL H 567 36.96 -73.23 -109.39
CA VAL H 567 37.88 -72.42 -110.18
C VAL H 567 39.30 -72.53 -109.63
N GLY H 568 39.57 -73.67 -109.00
CA GLY H 568 40.93 -74.07 -108.68
C GLY H 568 41.69 -73.20 -107.70
N GLN H 569 41.00 -72.69 -106.69
CA GLN H 569 41.68 -72.09 -105.56
C GLN H 569 41.90 -73.16 -104.50
N THR H 570 42.79 -72.89 -103.57
CA THR H 570 43.02 -73.80 -102.47
C THR H 570 42.84 -73.11 -101.13
N PHE H 571 42.07 -73.74 -100.26
CA PHE H 571 41.76 -73.18 -98.95
C PHE H 571 42.17 -74.12 -97.84
N VAL H 572 43.02 -73.66 -96.94
CA VAL H 572 43.29 -74.41 -95.73
C VAL H 572 41.97 -74.50 -94.98
N ASP H 573 41.37 -75.68 -94.98
CA ASP H 573 40.01 -75.86 -94.46
C ASP H 573 39.97 -75.90 -92.92
N THR H 574 39.38 -74.88 -92.32
CA THR H 574 39.10 -74.86 -90.88
C THR H 574 37.71 -74.30 -90.61
N LYS H 575 37.30 -74.33 -89.35
CA LYS H 575 36.00 -73.81 -88.96
C LYS H 575 35.96 -72.32 -89.24
N MET H 576 37.10 -71.67 -89.05
CA MET H 576 37.23 -70.24 -89.25
C MET H 576 37.10 -69.82 -90.71
N SER H 577 37.94 -70.40 -91.56
CA SER H 577 37.96 -70.07 -92.97
C SER H 577 36.66 -70.43 -93.65
N ARG H 578 36.03 -71.50 -93.20
CA ARG H 578 34.77 -71.94 -93.78
C ARG H 578 33.64 -71.00 -93.35
N LEU H 579 33.72 -70.55 -92.09
CA LEU H 579 32.80 -69.56 -91.58
C LEU H 579 32.94 -68.27 -92.37
N LEU H 580 34.10 -67.61 -92.21
CA LEU H 580 34.35 -66.33 -92.84
C LEU H 580 34.27 -66.41 -94.34
N GLY H 581 34.88 -67.44 -94.91
CA GLY H 581 34.91 -67.61 -96.36
C GLY H 581 36.22 -67.17 -96.97
N VAL H 582 37.31 -67.38 -96.24
CA VAL H 582 38.64 -66.97 -96.67
C VAL H 582 39.73 -67.66 -95.86
N PRO H 583 41.00 -67.51 -96.27
CA PRO H 583 42.12 -68.11 -95.53
C PRO H 583 42.04 -67.90 -94.02
N PRO H 584 42.18 -69.00 -93.25
CA PRO H 584 42.16 -68.99 -91.78
C PRO H 584 43.32 -68.20 -91.16
N VAL H 585 44.05 -67.45 -91.98
CA VAL H 585 45.03 -66.50 -91.47
C VAL H 585 44.38 -65.15 -91.52
N MET H 586 44.43 -64.44 -90.39
CA MET H 586 43.72 -63.17 -90.25
C MET H 586 44.55 -62.09 -89.54
N VAL H 587 44.47 -60.86 -90.04
CA VAL H 587 45.13 -59.70 -89.41
C VAL H 587 44.18 -59.12 -88.38
N ALA H 588 44.62 -59.10 -87.13
CA ALA H 588 43.79 -58.61 -86.04
C ALA H 588 43.69 -57.09 -86.06
N GLY H 589 42.61 -56.57 -85.51
CA GLY H 589 42.37 -55.14 -85.46
C GLY H 589 43.31 -54.47 -84.47
N MET H 590 43.97 -53.42 -84.93
CA MET H 590 44.95 -52.71 -84.12
C MET H 590 44.74 -51.23 -84.32
N THR H 591 44.55 -50.51 -83.22
CA THR H 591 44.18 -49.11 -83.29
C THR H 591 44.98 -48.27 -84.29
N PRO H 592 46.26 -48.00 -84.00
CA PRO H 592 47.00 -47.10 -84.91
C PRO H 592 46.99 -47.55 -86.38
N THR H 593 47.46 -48.77 -86.63
CA THR H 593 47.70 -49.24 -87.98
C THR H 593 46.45 -49.76 -88.69
N THR H 594 45.58 -50.46 -87.96
CA THR H 594 44.39 -51.07 -88.56
C THR H 594 43.19 -50.12 -88.58
N VAL H 595 43.46 -48.84 -88.38
CA VAL H 595 42.39 -47.87 -88.38
C VAL H 595 42.03 -47.36 -89.78
N PRO H 596 43.03 -46.97 -90.59
CA PRO H 596 42.77 -46.26 -91.85
C PRO H 596 42.11 -47.15 -92.89
N TRP H 597 41.18 -46.59 -93.66
CA TRP H 597 40.36 -47.39 -94.57
C TRP H 597 41.13 -48.02 -95.73
N ASP H 598 42.41 -47.65 -95.86
CA ASP H 598 43.26 -48.19 -96.92
C ASP H 598 43.67 -49.60 -96.58
N PHE H 599 44.57 -49.71 -95.60
CA PHE H 599 45.11 -50.99 -95.16
C PHE H 599 44.02 -52.05 -94.99
N VAL H 600 42.84 -51.64 -94.54
CA VAL H 600 41.74 -52.58 -94.32
C VAL H 600 41.10 -53.06 -95.61
N ALA H 601 40.79 -52.13 -96.51
CA ALA H 601 40.16 -52.47 -97.78
C ALA H 601 41.18 -53.10 -98.74
N ALA H 602 42.43 -52.67 -98.64
CA ALA H 602 43.51 -53.24 -99.43
C ALA H 602 43.82 -54.67 -98.99
N THR H 603 43.66 -54.94 -97.70
CA THR H 603 43.88 -56.28 -97.15
C THR H 603 42.71 -57.23 -97.43
N MET H 604 41.53 -56.67 -97.66
CA MET H 604 40.36 -57.47 -97.99
C MET H 604 40.33 -57.70 -99.49
N ASN H 605 40.90 -56.77 -100.24
CA ASN H 605 41.11 -56.94 -101.67
C ASN H 605 42.20 -57.99 -101.92
N ALA H 606 43.14 -58.09 -100.98
CA ALA H 606 44.16 -59.14 -101.05
C ALA H 606 43.60 -60.47 -100.55
N GLY H 607 42.28 -60.53 -100.37
CA GLY H 607 41.58 -61.74 -100.04
C GLY H 607 41.74 -62.25 -98.62
N TYR H 608 41.84 -61.34 -97.65
CA TYR H 608 42.03 -61.75 -96.26
C TYR H 608 41.14 -61.03 -95.24
N HIS H 609 40.87 -61.73 -94.14
CA HIS H 609 39.99 -61.21 -93.09
C HIS H 609 40.70 -60.30 -92.09
N ILE H 610 40.35 -59.02 -92.09
CA ILE H 610 40.99 -58.08 -91.19
C ILE H 610 39.92 -57.32 -90.40
N GLU H 611 40.31 -56.73 -89.26
CA GLU H 611 39.38 -56.03 -88.37
C GLU H 611 39.57 -54.51 -88.34
N LEU H 612 38.59 -53.78 -88.86
CA LEU H 612 38.65 -52.31 -88.89
C LEU H 612 38.68 -51.75 -87.47
N ALA H 613 39.83 -51.19 -87.08
CA ALA H 613 40.02 -50.69 -85.72
C ALA H 613 39.12 -49.49 -85.41
N GLY H 614 38.01 -49.75 -84.72
CA GLY H 614 37.04 -48.72 -84.43
C GLY H 614 37.55 -47.74 -83.38
N GLY H 615 38.62 -48.14 -82.70
CA GLY H 615 39.18 -47.36 -81.61
C GLY H 615 40.01 -46.17 -82.04
N GLY H 616 39.74 -45.65 -83.23
CA GLY H 616 40.41 -44.46 -83.71
C GLY H 616 39.38 -43.59 -84.38
N TYR H 617 38.13 -43.88 -84.08
CA TYR H 617 37.00 -43.12 -84.61
C TYR H 617 36.25 -42.42 -83.49
N TYR H 618 36.57 -41.15 -83.30
CA TYR H 618 36.04 -40.36 -82.20
C TYR H 618 34.68 -39.81 -82.60
N ASN H 619 34.55 -39.52 -83.88
CA ASN H 619 33.35 -38.89 -84.42
C ASN H 619 32.48 -39.90 -85.17
N ALA H 620 31.18 -39.88 -84.89
CA ALA H 620 30.21 -40.76 -85.56
C ALA H 620 30.19 -40.64 -87.09
N GLN H 621 30.44 -39.43 -87.58
CA GLN H 621 30.47 -39.16 -89.01
C GLN H 621 31.71 -39.73 -89.69
N LYS H 622 32.88 -39.57 -89.07
CA LYS H 622 34.14 -40.06 -89.64
C LYS H 622 34.28 -41.58 -89.62
N MET H 623 33.44 -42.25 -88.84
CA MET H 623 33.43 -43.70 -88.83
C MET H 623 32.48 -44.26 -89.89
N SER H 624 31.27 -43.70 -89.96
CA SER H 624 30.32 -44.10 -90.99
C SER H 624 30.82 -43.66 -92.37
N ASP H 625 31.78 -42.74 -92.37
CA ASP H 625 32.41 -42.28 -93.60
C ASP H 625 33.40 -43.30 -94.11
N ALA H 626 34.45 -43.53 -93.33
CA ALA H 626 35.51 -44.44 -93.73
C ALA H 626 34.98 -45.87 -93.88
N ILE H 627 33.85 -46.15 -93.26
CA ILE H 627 33.19 -47.45 -93.44
C ILE H 627 32.57 -47.59 -94.82
N SER H 628 31.84 -46.57 -95.25
CA SER H 628 31.21 -46.61 -96.57
C SER H 628 32.16 -46.22 -97.71
N LYS H 629 33.44 -46.03 -97.39
CA LYS H 629 34.50 -45.93 -98.39
C LYS H 629 34.99 -47.34 -98.68
N ILE H 630 34.94 -48.18 -97.66
CA ILE H 630 35.38 -49.58 -97.74
C ILE H 630 34.36 -50.43 -98.50
N GLU H 631 33.08 -50.21 -98.22
CA GLU H 631 32.04 -50.96 -98.91
C GLU H 631 32.18 -50.84 -100.43
N LYS H 632 32.62 -49.68 -100.89
CA LYS H 632 32.67 -49.36 -102.32
C LYS H 632 33.98 -49.73 -103.01
N ALA H 633 34.94 -50.25 -102.25
CA ALA H 633 36.22 -50.68 -102.83
C ALA H 633 36.53 -52.14 -102.48
N ILE H 634 35.50 -52.97 -102.51
CA ILE H 634 35.59 -54.33 -101.98
C ILE H 634 34.98 -55.37 -102.90
N PRO H 635 35.53 -56.59 -102.89
CA PRO H 635 34.95 -57.73 -103.58
C PRO H 635 33.49 -57.90 -103.19
N PRO H 636 32.55 -57.44 -104.03
CA PRO H 636 31.15 -57.44 -103.63
C PRO H 636 30.75 -58.74 -102.96
N GLY H 637 30.26 -58.63 -101.73
CA GLY H 637 29.86 -59.78 -100.94
C GLY H 637 30.70 -59.93 -99.69
N ARG H 638 31.86 -59.28 -99.68
CA ARG H 638 32.72 -59.34 -98.52
C ARG H 638 32.07 -58.61 -97.37
N GLY H 639 32.23 -59.14 -96.16
CA GLY H 639 31.72 -58.51 -94.97
C GLY H 639 32.79 -57.71 -94.24
N ILE H 640 32.37 -56.67 -93.50
CA ILE H 640 33.31 -55.86 -92.74
C ILE H 640 33.19 -56.22 -91.27
N THR H 641 34.31 -56.15 -90.57
CA THR H 641 34.36 -56.46 -89.15
C THR H 641 34.97 -55.30 -88.39
N VAL H 642 34.18 -54.69 -87.52
CA VAL H 642 34.64 -53.56 -86.73
C VAL H 642 35.07 -54.04 -85.35
N ASN H 643 36.12 -53.40 -84.82
CA ASN H 643 36.69 -53.77 -83.53
C ASN H 643 36.49 -52.68 -82.51
N LEU H 644 35.63 -52.94 -81.54
CA LEU H 644 35.25 -51.97 -80.51
C LEU H 644 35.91 -52.27 -79.17
N ILE H 645 36.40 -51.22 -78.54
CA ILE H 645 37.04 -51.29 -77.22
C ILE H 645 36.03 -51.20 -76.07
N TYR H 646 36.03 -52.22 -75.21
CA TYR H 646 34.99 -52.32 -74.18
C TYR H 646 35.21 -51.40 -72.99
N VAL H 647 36.47 -51.08 -72.70
CA VAL H 647 36.80 -50.16 -71.63
C VAL H 647 36.74 -48.70 -72.12
N ASN H 648 35.98 -48.49 -73.18
CA ASN H 648 35.67 -47.15 -73.65
C ASN H 648 34.17 -47.03 -73.87
N PRO H 649 33.38 -47.22 -72.79
CA PRO H 649 31.92 -47.29 -72.92
C PRO H 649 31.32 -45.97 -73.38
N ARG H 650 32.11 -44.90 -73.28
CA ARG H 650 31.65 -43.60 -73.74
C ARG H 650 31.52 -43.60 -75.26
N ALA H 651 32.66 -43.75 -75.94
CA ALA H 651 32.70 -43.76 -77.39
C ALA H 651 31.95 -44.97 -77.96
N MET H 652 32.07 -46.11 -77.28
CA MET H 652 31.38 -47.33 -77.69
C MET H 652 29.86 -47.21 -77.50
N GLY H 653 29.43 -46.09 -76.92
CA GLY H 653 28.03 -45.83 -76.66
C GLY H 653 27.29 -45.53 -77.95
N TRP H 654 27.91 -44.73 -78.81
CA TRP H 654 27.33 -44.38 -80.11
C TRP H 654 27.72 -45.37 -81.20
N GLN H 655 28.92 -45.95 -81.07
CA GLN H 655 29.47 -46.86 -82.07
C GLN H 655 28.55 -48.04 -82.35
N ILE H 656 28.06 -48.70 -81.31
CA ILE H 656 27.28 -49.91 -81.47
C ILE H 656 25.93 -49.71 -82.18
N PRO H 657 25.14 -48.74 -81.74
CA PRO H 657 23.86 -48.48 -82.45
C PRO H 657 24.09 -47.81 -83.79
N LEU H 658 25.32 -47.35 -84.04
CA LEU H 658 25.71 -46.83 -85.36
C LEU H 658 25.89 -48.00 -86.33
N LEU H 659 26.69 -48.98 -85.92
CA LEU H 659 26.84 -50.19 -86.73
C LEU H 659 25.48 -50.81 -87.02
N GLY H 660 24.73 -51.10 -85.97
CA GLY H 660 23.42 -51.72 -86.10
C GLY H 660 22.53 -50.99 -87.08
N ARG H 661 22.62 -49.66 -87.08
CA ARG H 661 21.84 -48.81 -87.98
C ARG H 661 22.31 -48.91 -89.43
N LEU H 662 23.63 -48.95 -89.60
CA LEU H 662 24.24 -49.07 -90.92
C LEU H 662 23.79 -50.36 -91.59
N ARG H 663 23.95 -51.48 -90.88
CA ARG H 663 23.59 -52.79 -91.40
C ARG H 663 22.17 -52.80 -91.97
N ALA H 664 21.27 -52.10 -91.29
CA ALA H 664 19.88 -52.07 -91.70
C ALA H 664 19.67 -51.35 -93.03
N ASP H 665 20.68 -50.58 -93.44
CA ASP H 665 20.61 -49.85 -94.69
C ASP H 665 21.21 -50.65 -95.84
N GLY H 666 21.97 -51.68 -95.51
CA GLY H 666 22.61 -52.51 -96.52
C GLY H 666 24.11 -52.59 -96.38
N VAL H 667 24.71 -51.60 -95.71
CA VAL H 667 26.14 -51.62 -95.48
C VAL H 667 26.64 -52.97 -94.95
N PRO H 668 27.70 -53.48 -95.57
CA PRO H 668 28.15 -54.86 -95.49
C PRO H 668 28.88 -55.19 -94.21
N ILE H 669 28.32 -54.87 -93.06
CA ILE H 669 28.98 -55.26 -91.81
C ILE H 669 28.33 -56.52 -91.26
N GLU H 670 29.08 -57.61 -91.21
CA GLU H 670 28.53 -58.86 -90.69
C GLU H 670 29.39 -59.44 -89.58
N GLY H 671 30.25 -58.58 -89.02
CA GLY H 671 31.16 -59.01 -87.97
C GLY H 671 31.51 -57.94 -86.95
N LEU H 672 31.37 -58.30 -85.69
CA LEU H 672 31.70 -57.40 -84.59
C LEU H 672 32.76 -58.04 -83.71
N THR H 673 33.71 -57.23 -83.24
CA THR H 673 34.75 -57.70 -82.31
C THR H 673 34.93 -56.76 -81.11
N ILE H 674 34.81 -57.34 -79.91
CA ILE H 674 34.88 -56.57 -78.67
C ILE H 674 36.17 -56.89 -77.95
N GLY H 675 37.04 -55.89 -77.87
CA GLY H 675 38.34 -56.08 -77.27
C GLY H 675 38.46 -55.48 -75.89
N ALA H 676 39.49 -55.92 -75.17
CA ALA H 676 39.77 -55.46 -73.82
C ALA H 676 38.53 -55.54 -72.94
N GLY H 677 38.30 -56.72 -72.38
CA GLY H 677 37.16 -56.92 -71.50
C GLY H 677 36.09 -57.75 -72.15
N VAL H 678 35.53 -58.69 -71.39
CA VAL H 678 34.49 -59.58 -71.88
C VAL H 678 33.12 -59.13 -71.39
N PRO H 679 32.24 -58.69 -72.32
CA PRO H 679 30.90 -58.21 -71.95
C PRO H 679 30.15 -59.18 -71.05
N SER H 680 29.13 -58.66 -70.38
CA SER H 680 28.28 -59.50 -69.55
C SER H 680 27.37 -60.29 -70.46
N ILE H 681 26.87 -61.42 -69.95
CA ILE H 681 26.05 -62.33 -70.74
C ILE H 681 24.91 -61.61 -71.51
N GLU H 682 24.16 -60.77 -70.81
CA GLU H 682 23.06 -60.06 -71.46
C GLU H 682 23.54 -58.85 -72.28
N VAL H 683 24.76 -58.38 -72.00
CA VAL H 683 25.31 -57.27 -72.77
C VAL H 683 25.60 -57.79 -74.15
N ALA H 684 26.11 -59.00 -74.22
CA ALA H 684 26.39 -59.63 -75.50
C ALA H 684 25.09 -60.01 -76.21
N ASN H 685 24.15 -60.58 -75.47
CA ASN H 685 22.87 -60.99 -76.05
C ASN H 685 22.19 -59.92 -76.89
N GLU H 686 22.25 -58.67 -76.41
CA GLU H 686 21.75 -57.54 -77.17
C GLU H 686 22.49 -57.41 -78.48
N TYR H 687 23.81 -57.17 -78.39
CA TYR H 687 24.66 -57.06 -79.56
C TYR H 687 24.27 -58.10 -80.60
N ILE H 688 24.26 -59.36 -80.18
CA ILE H 688 23.94 -60.49 -81.05
C ILE H 688 22.63 -60.30 -81.82
N GLN H 689 21.56 -60.00 -81.10
CA GLN H 689 20.23 -59.99 -81.71
C GLN H 689 19.67 -58.60 -81.98
N THR H 690 20.52 -57.59 -81.91
CA THR H 690 20.10 -56.21 -82.15
C THR H 690 20.69 -55.70 -83.45
N LEU H 691 22.02 -55.57 -83.48
CA LEU H 691 22.72 -55.24 -84.72
C LEU H 691 22.84 -56.53 -85.51
N GLY H 692 22.39 -56.50 -86.76
CA GLY H 692 22.32 -57.71 -87.56
C GLY H 692 23.66 -58.25 -88.03
N ILE H 693 24.47 -58.74 -87.08
CA ILE H 693 25.76 -59.32 -87.40
C ILE H 693 25.66 -60.83 -87.59
N ARG H 694 26.64 -61.39 -88.28
CA ARG H 694 26.63 -62.80 -88.62
C ARG H 694 27.60 -63.53 -87.73
N HIS H 695 28.65 -62.82 -87.29
CA HIS H 695 29.56 -63.41 -86.31
C HIS H 695 29.99 -62.38 -85.26
N ILE H 696 30.37 -62.87 -84.08
CA ILE H 696 30.80 -62.00 -82.98
C ILE H 696 32.11 -62.53 -82.35
N SER H 697 33.09 -61.64 -82.20
CA SER H 697 34.42 -62.07 -81.76
C SER H 697 34.90 -61.41 -80.45
N PHE H 698 35.20 -62.25 -79.45
CA PHE H 698 35.67 -61.75 -78.15
C PHE H 698 37.16 -62.01 -77.96
N LYS H 699 37.85 -61.11 -77.28
CA LYS H 699 39.24 -61.35 -76.92
C LYS H 699 39.40 -61.48 -75.43
N PRO H 700 39.35 -62.72 -74.91
CA PRO H 700 39.59 -63.01 -73.50
C PRO H 700 41.07 -62.97 -73.19
N GLY H 701 41.42 -62.88 -71.92
CA GLY H 701 42.81 -62.75 -71.51
C GLY H 701 43.15 -63.54 -70.25
N SER H 702 42.12 -64.03 -69.57
CA SER H 702 42.34 -64.84 -68.39
C SER H 702 41.53 -66.13 -68.43
N VAL H 703 41.97 -67.08 -67.62
CA VAL H 703 41.35 -68.40 -67.51
C VAL H 703 39.83 -68.34 -67.36
N ASP H 704 39.35 -67.40 -66.55
CA ASP H 704 37.92 -67.22 -66.32
C ASP H 704 37.27 -66.36 -67.41
N ALA H 705 38.07 -65.51 -68.04
CA ALA H 705 37.60 -64.72 -69.17
C ALA H 705 37.14 -65.67 -70.26
N ILE H 706 37.88 -66.76 -70.42
CA ILE H 706 37.51 -67.81 -71.34
C ILE H 706 36.13 -68.37 -71.00
N GLN H 707 36.00 -68.87 -69.77
CA GLN H 707 34.74 -69.43 -69.30
C GLN H 707 33.56 -68.48 -69.57
N GLN H 708 33.83 -67.18 -69.50
CA GLN H 708 32.82 -66.19 -69.81
C GLN H 708 32.32 -66.44 -71.20
N VAL H 709 33.23 -66.30 -72.15
CA VAL H 709 32.97 -66.54 -73.56
C VAL H 709 32.18 -67.84 -73.78
N ILE H 710 32.60 -68.91 -73.10
CA ILE H 710 31.93 -70.21 -73.24
C ILE H 710 30.45 -70.10 -72.93
N ASN H 711 30.15 -69.41 -71.84
CA ASN H 711 28.77 -69.21 -71.44
C ASN H 711 28.01 -68.29 -72.39
N ILE H 712 28.71 -67.30 -72.93
CA ILE H 712 28.11 -66.43 -73.94
C ILE H 712 27.70 -67.28 -75.12
N ALA H 713 28.44 -68.37 -75.31
CA ALA H 713 28.22 -69.30 -76.40
C ALA H 713 27.09 -70.26 -76.10
N LYS H 714 27.11 -70.83 -74.90
CA LYS H 714 26.03 -71.72 -74.45
C LYS H 714 24.72 -70.94 -74.46
N ALA H 715 24.85 -69.63 -74.35
CA ALA H 715 23.73 -68.70 -74.39
C ALA H 715 23.06 -68.70 -75.76
N ASN H 716 23.86 -68.65 -76.80
CA ASN H 716 23.33 -68.69 -78.16
C ASN H 716 23.95 -69.84 -78.93
N PRO H 717 23.37 -71.04 -78.80
CA PRO H 717 23.95 -72.25 -79.38
C PRO H 717 23.76 -72.31 -80.90
N THR H 718 23.32 -71.21 -81.50
CA THR H 718 23.11 -71.15 -82.94
C THR H 718 23.88 -70.01 -83.60
N PHE H 719 24.92 -69.53 -82.93
CA PHE H 719 25.62 -68.34 -83.41
C PHE H 719 27.13 -68.45 -83.38
N PRO H 720 27.77 -67.93 -84.44
CA PRO H 720 29.22 -67.83 -84.63
C PRO H 720 29.91 -66.98 -83.58
N ILE H 721 30.81 -67.59 -82.81
CA ILE H 721 31.52 -66.87 -81.76
C ILE H 721 33.02 -67.10 -81.85
N ILE H 722 33.70 -66.24 -82.59
CA ILE H 722 35.13 -66.36 -82.80
C ILE H 722 35.87 -66.03 -81.53
N LEU H 723 36.49 -67.04 -80.91
CA LEU H 723 37.17 -66.84 -79.63
C LEU H 723 38.65 -66.51 -79.79
N GLN H 724 38.96 -65.31 -80.28
CA GLN H 724 40.35 -64.91 -80.45
C GLN H 724 41.09 -64.94 -79.13
N TRP H 725 42.03 -65.86 -79.00
CA TRP H 725 42.81 -65.99 -77.78
C TRP H 725 44.16 -65.27 -77.87
N THR H 726 44.38 -64.31 -76.98
CA THR H 726 45.64 -63.61 -76.95
C THR H 726 46.45 -64.08 -75.75
N GLY H 727 47.77 -63.92 -75.84
CA GLY H 727 48.65 -64.26 -74.74
C GLY H 727 49.27 -63.01 -74.12
N GLY H 728 50.16 -63.23 -73.16
CA GLY H 728 50.83 -62.12 -72.49
C GLY H 728 51.72 -61.31 -73.42
N ARG H 729 52.24 -61.95 -74.45
CA ARG H 729 53.20 -61.31 -75.35
C ARG H 729 52.59 -60.56 -76.53
N GLY H 730 51.35 -60.09 -76.37
CA GLY H 730 50.68 -59.31 -77.40
C GLY H 730 51.17 -57.87 -77.45
N GLY H 731 50.71 -57.11 -78.44
CA GLY H 731 51.07 -55.71 -78.54
C GLY H 731 50.19 -54.84 -77.65
N GLY H 732 50.74 -53.75 -77.14
CA GLY H 732 49.99 -52.84 -76.28
C GLY H 732 49.36 -53.51 -75.07
N HIS H 733 48.05 -53.33 -74.94
CA HIS H 733 47.28 -53.89 -73.83
C HIS H 733 47.43 -55.42 -73.75
N HIS H 734 48.16 -55.89 -72.74
CA HIS H 734 48.45 -57.31 -72.63
C HIS H 734 48.19 -57.85 -71.22
N SER H 735 47.62 -59.05 -71.13
CA SER H 735 47.42 -59.67 -69.82
C SER H 735 48.76 -60.09 -69.22
N PHE H 736 48.71 -60.80 -68.10
CA PHE H 736 49.93 -61.31 -67.49
C PHE H 736 49.93 -62.83 -67.65
N GLU H 737 49.11 -63.31 -68.57
CA GLU H 737 48.91 -64.74 -68.76
C GLU H 737 49.89 -65.36 -69.77
N ASP H 738 50.10 -66.67 -69.64
CA ASP H 738 50.93 -67.41 -70.58
C ASP H 738 50.03 -67.96 -71.68
N PHE H 739 50.59 -68.15 -72.86
CA PHE H 739 49.83 -68.62 -74.03
C PHE H 739 49.27 -70.02 -73.83
N HIS H 740 50.07 -70.87 -73.19
CA HIS H 740 49.84 -72.30 -73.26
C HIS H 740 48.92 -72.85 -72.18
N GLN H 741 49.28 -72.62 -70.92
CA GLN H 741 48.59 -73.29 -69.81
C GLN H 741 47.09 -72.96 -69.63
N PRO H 742 46.66 -71.77 -70.05
CA PRO H 742 45.22 -71.47 -70.04
C PRO H 742 44.46 -72.31 -71.05
N ILE H 743 44.99 -72.37 -72.27
CA ILE H 743 44.36 -73.13 -73.34
C ILE H 743 44.46 -74.62 -73.02
N LEU H 744 45.64 -75.04 -72.54
CA LEU H 744 45.87 -76.42 -72.12
C LEU H 744 44.89 -76.87 -71.03
N LEU H 745 44.20 -75.91 -70.43
CA LEU H 745 43.34 -76.19 -69.29
C LEU H 745 41.89 -76.07 -69.70
N MET H 746 41.65 -75.23 -70.69
CA MET H 746 40.29 -74.92 -71.09
C MET H 746 39.88 -75.62 -72.37
N TYR H 747 40.85 -75.91 -73.23
CA TYR H 747 40.59 -76.45 -74.55
C TYR H 747 39.39 -77.39 -74.57
N SER H 748 39.41 -78.40 -73.71
CA SER H 748 38.35 -79.39 -73.68
C SER H 748 36.96 -78.74 -73.65
N ARG H 749 36.75 -77.85 -72.68
CA ARG H 749 35.46 -77.19 -72.51
C ARG H 749 35.10 -76.26 -73.66
N ILE H 750 36.10 -75.54 -74.17
CA ILE H 750 35.89 -74.65 -75.30
C ILE H 750 35.29 -75.47 -76.43
N ARG H 751 35.96 -76.57 -76.77
CA ARG H 751 35.58 -77.42 -77.88
C ARG H 751 34.17 -77.96 -77.75
N LYS H 752 33.78 -78.29 -76.52
CA LYS H 752 32.49 -78.90 -76.28
C LYS H 752 31.34 -77.94 -76.58
N CYS H 753 31.70 -76.73 -77.00
CA CYS H 753 30.75 -75.81 -77.58
C CYS H 753 31.07 -75.63 -79.08
N SER H 754 30.12 -76.00 -79.93
CA SER H 754 30.35 -76.00 -81.39
C SER H 754 30.46 -74.60 -81.98
N ASN H 755 29.88 -73.61 -81.30
CA ASN H 755 29.83 -72.24 -81.81
C ASN H 755 31.17 -71.51 -81.80
N ILE H 756 32.16 -72.10 -81.15
CA ILE H 756 33.42 -71.43 -80.92
C ILE H 756 34.46 -71.68 -82.00
N VAL H 757 35.06 -70.59 -82.46
CA VAL H 757 36.16 -70.67 -83.39
C VAL H 757 37.45 -70.29 -82.68
N LEU H 758 38.11 -71.27 -82.09
CA LEU H 758 39.33 -71.03 -81.34
C LEU H 758 40.48 -70.57 -82.24
N VAL H 759 40.77 -69.28 -82.20
CA VAL H 759 41.73 -68.67 -83.11
C VAL H 759 42.99 -68.23 -82.39
N ALA H 760 44.08 -68.98 -82.53
CA ALA H 760 45.33 -68.61 -81.87
C ALA H 760 45.86 -67.28 -82.41
N GLY H 761 46.37 -66.46 -81.50
CA GLY H 761 46.93 -65.16 -81.85
C GLY H 761 47.90 -64.71 -80.78
N SER H 762 48.83 -63.83 -81.15
CA SER H 762 49.90 -63.36 -80.26
C SER H 762 51.21 -64.09 -80.49
N GLY H 763 52.27 -63.33 -80.77
CA GLY H 763 53.61 -63.88 -80.91
C GLY H 763 54.01 -64.38 -82.28
N PHE H 764 53.03 -64.61 -83.14
CA PHE H 764 53.27 -65.23 -84.44
C PHE H 764 53.77 -64.24 -85.50
N GLY H 765 54.57 -64.73 -86.44
CA GLY H 765 55.09 -63.92 -87.53
C GLY H 765 55.27 -64.71 -88.82
N GLY H 766 55.00 -66.01 -88.77
CA GLY H 766 55.13 -66.86 -89.94
C GLY H 766 54.29 -68.11 -89.90
N SER H 767 54.27 -68.83 -91.02
CA SER H 767 53.51 -70.05 -91.16
C SER H 767 54.19 -71.22 -90.47
N GLU H 768 55.50 -71.10 -90.26
CA GLU H 768 56.34 -72.12 -89.65
C GLU H 768 56.05 -72.34 -88.16
N ASP H 769 55.89 -71.23 -87.43
CA ASP H 769 55.54 -71.26 -86.01
C ASP H 769 54.02 -71.37 -85.85
N THR H 770 53.30 -70.76 -86.78
CA THR H 770 51.84 -70.83 -86.79
C THR H 770 51.43 -72.28 -86.94
N TYR H 771 51.98 -72.94 -87.94
CA TYR H 771 51.61 -74.31 -88.29
C TYR H 771 51.32 -75.19 -87.07
N PRO H 772 52.29 -75.32 -86.13
CA PRO H 772 52.16 -76.18 -84.95
C PRO H 772 50.84 -76.02 -84.18
N TYR H 773 50.40 -74.80 -83.95
CA TYR H 773 49.12 -74.58 -83.27
C TYR H 773 47.98 -74.82 -84.25
N LEU H 774 48.19 -74.43 -85.49
CA LEU H 774 47.23 -74.67 -86.56
C LEU H 774 46.96 -76.18 -86.69
N THR H 775 47.97 -76.97 -86.35
CA THR H 775 47.85 -78.42 -86.31
C THR H 775 47.17 -78.83 -85.02
N GLY H 776 47.95 -78.77 -83.93
CA GLY H 776 47.55 -79.28 -82.63
C GLY H 776 48.74 -80.01 -82.06
N SER H 777 49.92 -79.69 -82.59
CA SER H 777 51.15 -80.39 -82.26
C SER H 777 51.90 -79.78 -81.09
N TRP H 778 51.76 -78.46 -80.95
CA TRP H 778 52.35 -77.72 -79.84
C TRP H 778 52.05 -78.39 -78.50
N SER H 779 50.80 -78.85 -78.36
CA SER H 779 50.24 -79.33 -77.11
C SER H 779 50.80 -80.68 -76.66
N THR H 780 51.49 -81.35 -77.57
CA THR H 780 52.07 -82.64 -77.26
C THR H 780 53.35 -82.45 -76.47
N LYS H 781 54.03 -81.34 -76.73
CA LYS H 781 55.25 -80.99 -75.99
C LYS H 781 54.97 -80.85 -74.49
N PHE H 782 53.72 -80.56 -74.15
CA PHE H 782 53.30 -80.37 -72.76
C PHE H 782 52.55 -81.58 -72.23
N GLY H 783 52.96 -82.77 -72.68
CA GLY H 783 52.38 -84.02 -72.20
C GLY H 783 50.89 -84.16 -72.41
N TYR H 784 50.33 -83.45 -73.39
CA TYR H 784 48.89 -83.53 -73.65
C TYR H 784 48.59 -83.84 -75.12
N PRO H 785 47.44 -84.49 -75.37
CA PRO H 785 46.98 -84.81 -76.73
C PRO H 785 46.98 -83.61 -77.66
N PRO H 786 47.02 -83.84 -78.97
CA PRO H 786 46.94 -82.78 -79.98
C PRO H 786 45.70 -81.91 -79.87
N MET H 787 45.91 -80.59 -79.87
CA MET H 787 44.85 -79.61 -79.70
C MET H 787 44.87 -78.55 -80.79
N PRO H 788 44.17 -78.85 -81.90
CA PRO H 788 44.03 -78.02 -83.11
C PRO H 788 43.45 -76.64 -82.86
N PHE H 789 43.93 -75.66 -83.60
CA PHE H 789 43.32 -74.34 -83.63
C PHE H 789 42.63 -74.11 -84.97
N ASP H 790 41.53 -73.37 -84.94
CA ASP H 790 40.72 -73.17 -86.15
C ASP H 790 41.22 -72.00 -86.99
N GLY H 791 42.45 -71.57 -86.74
CA GLY H 791 43.06 -70.50 -87.49
C GLY H 791 44.17 -69.84 -86.71
N CYS H 792 44.65 -68.70 -87.20
CA CYS H 792 45.68 -67.94 -86.51
C CYS H 792 45.55 -66.44 -86.77
N MET H 793 46.09 -65.64 -85.86
CA MET H 793 45.85 -64.22 -85.85
C MET H 793 47.16 -63.43 -85.88
N PHE H 794 47.19 -62.38 -86.69
CA PHE H 794 48.42 -61.58 -86.85
C PHE H 794 48.21 -60.10 -86.55
N GLY H 795 49.08 -59.57 -85.69
CA GLY H 795 49.01 -58.17 -85.34
C GLY H 795 50.33 -57.49 -85.60
N SER H 796 51.27 -57.65 -84.66
CA SER H 796 52.54 -56.95 -84.73
C SER H 796 53.23 -57.17 -86.07
N ARG H 797 53.00 -58.34 -86.65
CA ARG H 797 53.62 -58.74 -87.91
C ARG H 797 53.35 -57.74 -89.05
N MET H 798 52.07 -57.50 -89.33
CA MET H 798 51.65 -56.72 -90.48
C MET H 798 52.03 -55.23 -90.42
N MET H 799 52.53 -54.80 -89.28
CA MET H 799 52.82 -53.38 -89.09
C MET H 799 53.75 -52.84 -90.17
N THR H 800 54.67 -53.68 -90.63
CA THR H 800 55.64 -53.27 -91.66
C THR H 800 55.18 -53.51 -93.10
N ALA H 801 53.89 -53.78 -93.28
CA ALA H 801 53.33 -53.91 -94.63
C ALA H 801 53.37 -52.56 -95.31
N LYS H 802 53.75 -52.54 -96.59
CA LYS H 802 53.95 -51.29 -97.31
C LYS H 802 52.65 -50.51 -97.45
N GLU H 803 51.53 -51.20 -97.27
CA GLU H 803 50.22 -50.59 -97.37
C GLU H 803 49.67 -50.22 -95.97
N ALA H 804 50.52 -50.41 -94.97
CA ALA H 804 50.27 -49.91 -93.63
C ALA H 804 50.79 -48.50 -93.52
N HIS H 805 50.21 -47.71 -92.62
CA HIS H 805 50.57 -46.31 -92.53
C HIS H 805 51.78 -46.07 -91.65
N THR H 806 52.22 -47.13 -90.98
CA THR H 806 53.41 -47.07 -90.14
C THR H 806 54.52 -46.31 -90.87
N SER H 807 55.01 -45.24 -90.24
CA SER H 807 56.02 -44.38 -90.86
C SER H 807 57.23 -45.20 -91.32
N LYS H 808 58.05 -44.59 -92.16
CA LYS H 808 59.19 -45.30 -92.71
C LYS H 808 60.15 -45.72 -91.60
N GLN H 809 60.82 -44.74 -91.01
CA GLN H 809 61.83 -45.01 -89.98
C GLN H 809 61.26 -45.81 -88.81
N ALA H 810 59.94 -45.76 -88.65
CA ALA H 810 59.23 -46.55 -87.64
C ALA H 810 59.30 -48.01 -87.99
N LYS H 811 58.74 -48.37 -89.14
CA LYS H 811 58.80 -49.74 -89.66
C LYS H 811 60.22 -50.29 -89.58
N GLN H 812 61.17 -49.44 -89.93
CA GLN H 812 62.56 -49.78 -89.81
C GLN H 812 62.86 -50.23 -88.38
N ALA H 813 62.72 -49.30 -87.44
CA ALA H 813 62.96 -49.58 -86.02
C ALA H 813 62.17 -50.79 -85.50
N ILE H 814 61.08 -51.14 -86.18
CA ILE H 814 60.26 -52.29 -85.82
C ILE H 814 60.96 -53.60 -86.15
N VAL H 815 61.35 -53.76 -87.40
CA VAL H 815 62.13 -54.90 -87.83
C VAL H 815 63.34 -55.07 -86.91
N ASP H 816 64.06 -53.97 -86.76
CA ASP H 816 65.30 -53.87 -86.00
C ASP H 816 65.16 -54.36 -84.57
N ALA H 817 63.94 -54.55 -84.11
CA ALA H 817 63.75 -55.13 -82.80
C ALA H 817 64.09 -56.62 -82.89
N PRO H 818 65.09 -57.02 -82.11
CA PRO H 818 65.43 -58.44 -82.00
C PRO H 818 64.43 -59.09 -81.06
N GLY H 819 63.54 -59.91 -81.60
CA GLY H 819 62.53 -60.53 -80.77
C GLY H 819 63.12 -61.38 -79.67
N VAL H 820 62.24 -61.95 -78.84
CA VAL H 820 62.67 -62.90 -77.84
C VAL H 820 61.69 -64.06 -77.84
N ASP H 821 62.17 -65.25 -77.52
CA ASP H 821 61.35 -66.45 -77.56
C ASP H 821 60.32 -66.40 -76.44
N ASP H 822 59.36 -67.33 -76.48
CA ASP H 822 58.39 -67.47 -75.40
C ASP H 822 59.08 -67.63 -74.03
N ASP H 823 60.33 -68.06 -74.06
CA ASP H 823 61.16 -68.19 -72.87
C ASP H 823 61.07 -66.95 -71.99
N GLN H 824 61.76 -65.90 -72.42
CA GLN H 824 61.93 -64.71 -71.59
C GLN H 824 61.04 -63.58 -72.07
N TRP H 825 59.77 -63.88 -72.32
CA TRP H 825 58.86 -62.85 -72.77
C TRP H 825 58.45 -61.95 -71.60
N GLU H 826 58.25 -62.54 -70.42
CA GLU H 826 57.83 -61.79 -69.24
C GLU H 826 58.87 -60.78 -68.78
N ASN H 827 60.08 -60.89 -69.33
CA ASN H 827 61.16 -59.97 -68.99
C ASN H 827 60.89 -58.51 -69.40
N THR H 828 59.81 -58.30 -70.14
CA THR H 828 59.43 -56.95 -70.54
C THR H 828 59.20 -56.12 -69.30
N TYR H 829 58.53 -56.71 -68.32
CA TYR H 829 58.08 -56.00 -67.13
C TYR H 829 59.22 -55.28 -66.38
N LYS H 830 60.44 -55.78 -66.54
CA LYS H 830 61.59 -55.25 -65.80
C LYS H 830 62.67 -54.61 -66.67
N ARG H 831 62.90 -55.18 -67.85
CA ARG H 831 64.00 -54.72 -68.72
C ARG H 831 63.55 -54.35 -70.13
N PRO H 832 64.43 -53.66 -70.88
CA PRO H 832 64.25 -53.43 -72.32
C PRO H 832 64.49 -54.73 -73.08
N THR H 833 63.70 -55.75 -72.76
CA THR H 833 63.87 -57.07 -73.33
C THR H 833 63.57 -57.07 -74.83
N GLY H 834 64.54 -57.55 -75.62
CA GLY H 834 64.41 -57.51 -77.07
C GLY H 834 64.47 -56.09 -77.57
N GLY H 835 63.35 -55.62 -78.11
CA GLY H 835 63.23 -54.25 -78.52
C GLY H 835 62.03 -53.61 -77.86
N VAL H 836 61.24 -54.42 -77.16
CA VAL H 836 60.02 -53.92 -76.51
C VAL H 836 60.13 -53.91 -74.99
N ILE H 837 59.46 -52.95 -74.39
CA ILE H 837 59.39 -52.82 -72.95
C ILE H 837 57.91 -52.72 -72.62
N THR H 838 57.54 -52.92 -71.36
CA THR H 838 56.16 -52.70 -70.92
C THR H 838 56.03 -51.44 -70.08
N VAL H 839 54.93 -50.73 -70.28
CA VAL H 839 54.77 -49.41 -69.69
C VAL H 839 53.28 -49.13 -69.49
N LEU H 840 52.97 -48.24 -68.54
CA LEU H 840 51.58 -48.03 -68.15
C LEU H 840 50.85 -46.92 -68.90
N SER H 841 49.60 -47.21 -69.23
CA SER H 841 48.83 -46.45 -70.20
C SER H 841 48.18 -45.18 -69.66
N GLU H 842 47.42 -44.52 -70.52
CA GLU H 842 46.51 -43.45 -70.12
C GLU H 842 45.60 -44.01 -69.02
N MET H 843 44.86 -45.06 -69.38
CA MET H 843 43.91 -45.70 -68.46
C MET H 843 44.60 -46.39 -67.27
N GLY H 844 45.93 -46.54 -67.36
CA GLY H 844 46.71 -47.15 -66.30
C GLY H 844 47.06 -48.60 -66.57
N GLU H 845 46.71 -49.06 -67.78
CA GLU H 845 46.89 -50.45 -68.17
C GLU H 845 48.29 -50.71 -68.70
N PRO H 846 48.74 -51.98 -68.66
CA PRO H 846 50.05 -52.38 -69.16
C PRO H 846 50.10 -52.34 -70.68
N ILE H 847 51.24 -51.98 -71.24
CA ILE H 847 51.40 -51.90 -72.69
C ILE H 847 52.78 -52.39 -73.13
N HIS H 848 52.85 -52.97 -74.32
CA HIS H 848 54.12 -53.34 -74.94
C HIS H 848 54.49 -52.35 -76.04
N LYS H 849 55.55 -51.59 -75.82
CA LYS H 849 55.98 -50.61 -76.81
C LYS H 849 57.41 -50.84 -77.21
N LEU H 850 57.75 -50.40 -78.41
CA LEU H 850 59.11 -50.46 -78.86
C LEU H 850 59.84 -49.54 -77.92
N ALA H 851 60.74 -50.12 -77.15
CA ALA H 851 61.44 -49.40 -76.10
C ALA H 851 62.39 -48.33 -76.66
N THR H 852 61.80 -47.29 -77.25
CA THR H 852 62.55 -46.16 -77.79
C THR H 852 63.09 -45.29 -76.67
N ARG H 853 63.82 -44.24 -77.01
CA ARG H 853 64.31 -43.28 -76.03
C ARG H 853 63.14 -42.70 -75.23
N GLY H 854 62.14 -42.20 -75.95
CA GLY H 854 60.94 -41.65 -75.34
C GLY H 854 60.26 -42.64 -74.41
N VAL H 855 59.92 -43.82 -74.95
CA VAL H 855 59.19 -44.81 -74.17
C VAL H 855 59.93 -45.17 -72.91
N LEU H 856 61.26 -45.08 -72.94
CA LEU H 856 62.07 -45.41 -71.78
C LEU H 856 61.91 -44.39 -70.67
N PHE H 857 61.98 -43.12 -71.03
CA PHE H 857 61.74 -42.03 -70.10
C PHE H 857 60.31 -42.07 -69.58
N TRP H 858 59.38 -42.42 -70.45
CA TRP H 858 57.98 -42.59 -70.07
C TRP H 858 57.87 -43.65 -68.99
N LYS H 859 58.62 -44.75 -69.14
CA LYS H 859 58.66 -45.78 -68.12
C LYS H 859 59.19 -45.22 -66.80
N GLU H 860 60.23 -44.40 -66.89
CA GLU H 860 60.82 -43.75 -65.72
C GLU H 860 59.78 -43.00 -64.90
N LEU H 861 59.05 -42.12 -65.57
CA LEU H 861 58.03 -41.30 -64.90
C LEU H 861 56.91 -42.18 -64.35
N ASP H 862 56.60 -43.27 -65.02
CA ASP H 862 55.65 -44.25 -64.51
C ASP H 862 56.01 -44.63 -63.09
N ASP H 863 57.31 -44.59 -62.80
CA ASP H 863 57.84 -45.16 -61.57
C ASP H 863 58.17 -44.09 -60.52
N LYS H 864 58.54 -42.90 -60.99
CA LYS H 864 59.00 -41.83 -60.09
C LYS H 864 57.94 -40.75 -59.89
N ILE H 865 57.07 -40.56 -60.87
CA ILE H 865 56.09 -39.48 -60.83
C ILE H 865 54.67 -40.00 -60.77
N PHE H 866 54.28 -40.84 -61.73
CA PHE H 866 52.92 -41.36 -61.81
C PHE H 866 52.69 -42.47 -60.79
N SER H 867 53.71 -42.70 -59.96
CA SER H 867 53.63 -43.70 -58.90
C SER H 867 53.06 -43.11 -57.62
N LEU H 868 53.18 -41.80 -57.46
CA LEU H 868 52.79 -41.11 -56.24
C LEU H 868 51.35 -40.63 -56.30
N ASP H 869 50.70 -40.55 -55.15
CA ASP H 869 49.30 -40.11 -55.07
C ASP H 869 49.11 -38.74 -55.70
N ARG H 870 47.95 -38.54 -56.32
CA ARG H 870 47.68 -37.33 -57.09
C ARG H 870 48.29 -36.06 -56.48
N SER H 871 48.16 -35.91 -55.17
CA SER H 871 48.59 -34.71 -54.47
C SER H 871 50.11 -34.49 -54.51
N LYS H 872 50.85 -35.45 -53.94
CA LYS H 872 52.29 -35.32 -53.78
C LYS H 872 53.04 -35.29 -55.11
N ARG H 873 52.27 -35.30 -56.21
CA ARG H 873 52.84 -35.32 -57.55
C ARG H 873 53.48 -34.00 -57.95
N VAL H 874 52.73 -32.91 -57.79
CA VAL H 874 53.26 -31.61 -58.18
C VAL H 874 54.56 -31.30 -57.44
N ALA H 875 54.61 -31.65 -56.16
CA ALA H 875 55.80 -31.45 -55.34
C ALA H 875 57.05 -32.05 -55.97
N GLU H 876 56.97 -33.32 -56.35
CA GLU H 876 58.09 -34.04 -56.93
C GLU H 876 58.48 -33.48 -58.30
N LEU H 877 57.49 -33.05 -59.06
CA LEU H 877 57.74 -32.47 -60.37
C LEU H 877 58.60 -31.22 -60.25
N LYS H 878 58.40 -30.46 -59.17
CA LYS H 878 59.17 -29.24 -58.95
C LYS H 878 60.60 -29.52 -58.51
N LYS H 879 60.84 -30.68 -57.90
CA LYS H 879 62.18 -30.98 -57.42
C LYS H 879 63.05 -31.54 -58.52
N ARG H 880 62.39 -32.12 -59.52
CA ARG H 880 63.10 -32.68 -60.67
C ARG H 880 62.76 -31.92 -61.95
N ARG H 881 62.25 -30.71 -61.80
CA ARG H 881 61.70 -29.94 -62.91
C ARG H 881 62.61 -29.92 -64.12
N ASP H 882 63.82 -29.41 -63.96
CA ASP H 882 64.72 -29.23 -65.11
C ASP H 882 65.27 -30.55 -65.65
N TYR H 883 65.29 -31.57 -64.81
CA TYR H 883 65.66 -32.90 -65.26
C TYR H 883 64.59 -33.47 -66.20
N ILE H 884 63.32 -33.34 -65.81
CA ILE H 884 62.18 -33.79 -66.60
C ILE H 884 62.03 -32.94 -67.87
N ILE H 885 62.57 -31.72 -67.83
CA ILE H 885 62.47 -30.79 -68.94
C ILE H 885 63.51 -31.10 -69.98
N LYS H 886 64.70 -31.52 -69.53
CA LYS H 886 65.73 -31.98 -70.46
C LYS H 886 65.25 -33.22 -71.19
N LYS H 887 64.82 -34.23 -70.44
CA LYS H 887 64.33 -35.47 -71.02
C LYS H 887 63.12 -35.27 -71.95
N LEU H 888 62.24 -34.34 -71.60
CA LEU H 888 61.18 -33.92 -72.50
C LEU H 888 61.76 -33.39 -73.81
N ASN H 889 62.51 -32.30 -73.71
CA ASN H 889 63.10 -31.62 -74.87
C ASN H 889 63.90 -32.53 -75.79
N ASP H 890 64.65 -33.45 -75.20
CA ASP H 890 65.60 -34.27 -75.94
C ASP H 890 64.94 -35.44 -76.66
N ASP H 891 64.37 -36.37 -75.90
CA ASP H 891 63.85 -37.58 -76.52
C ASP H 891 62.48 -38.03 -76.07
N PHE H 892 61.48 -37.19 -76.32
CA PHE H 892 60.10 -37.62 -76.14
C PHE H 892 59.20 -37.08 -77.24
N GLN H 893 58.16 -37.84 -77.59
CA GLN H 893 57.16 -37.45 -78.59
C GLN H 893 56.78 -35.99 -78.46
N LYS H 894 56.55 -35.58 -77.22
CA LYS H 894 56.16 -34.21 -76.90
C LYS H 894 57.31 -33.46 -76.29
N VAL H 895 57.46 -32.21 -76.72
CA VAL H 895 58.57 -31.40 -76.26
C VAL H 895 58.11 -30.52 -75.12
N TRP H 896 59.06 -29.81 -74.53
CA TRP H 896 58.73 -28.76 -73.60
C TRP H 896 58.53 -27.44 -74.35
N PHE H 897 57.29 -26.98 -74.38
CA PHE H 897 56.91 -25.74 -75.07
C PHE H 897 57.62 -24.51 -74.49
N GLY H 898 58.88 -24.65 -74.09
CA GLY H 898 59.46 -23.65 -73.23
C GLY H 898 60.45 -22.67 -73.81
N ARG H 899 60.79 -22.80 -75.08
CA ARG H 899 61.96 -22.09 -75.57
C ARG H 899 61.74 -20.62 -75.87
N ASN H 900 62.79 -19.85 -75.67
CA ASN H 900 62.77 -18.42 -75.95
C ASN H 900 63.27 -18.13 -77.36
N SER H 901 63.35 -16.84 -77.70
CA SER H 901 63.80 -16.40 -79.00
C SER H 901 65.18 -16.96 -79.36
N ALA H 902 66.07 -17.02 -78.37
CA ALA H 902 67.44 -17.48 -78.58
C ALA H 902 67.57 -19.02 -78.59
N GLY H 903 66.44 -19.72 -78.67
CA GLY H 903 66.43 -21.16 -78.83
C GLY H 903 66.62 -21.97 -77.55
N GLU H 904 66.87 -21.29 -76.44
CA GLU H 904 67.08 -21.95 -75.16
C GLU H 904 65.76 -22.20 -74.43
N PRO H 905 65.72 -23.27 -73.61
CA PRO H 905 64.51 -23.65 -72.87
C PRO H 905 64.29 -22.79 -71.61
N VAL H 906 63.10 -22.19 -71.50
CA VAL H 906 62.76 -21.34 -70.36
C VAL H 906 61.40 -21.73 -69.81
N ASP H 907 60.94 -21.03 -68.78
CA ASP H 907 59.62 -21.27 -68.22
C ASP H 907 58.55 -20.63 -69.10
N LEU H 908 57.40 -21.28 -69.23
CA LEU H 908 56.32 -20.73 -70.02
C LEU H 908 56.06 -19.29 -69.60
N GLU H 909 56.25 -19.03 -68.31
CA GLU H 909 55.95 -17.74 -67.72
C GLU H 909 56.96 -16.64 -68.10
N ASP H 910 58.11 -17.05 -68.63
CA ASP H 910 59.17 -16.13 -69.01
C ASP H 910 59.20 -15.86 -70.51
N MET H 911 58.30 -16.51 -71.23
CA MET H 911 58.21 -16.37 -72.67
C MET H 911 57.59 -15.00 -72.98
N THR H 912 57.91 -14.43 -74.14
CA THR H 912 57.21 -13.23 -74.60
C THR H 912 55.97 -13.62 -75.42
N TYR H 913 55.01 -12.71 -75.54
CA TYR H 913 53.81 -13.01 -76.31
C TYR H 913 54.19 -13.49 -77.70
N ALA H 914 55.11 -12.78 -78.32
CA ALA H 914 55.62 -13.12 -79.63
C ALA H 914 56.13 -14.54 -79.59
N GLU H 915 57.15 -14.77 -78.75
CA GLU H 915 57.77 -16.09 -78.66
C GLU H 915 56.77 -17.24 -78.52
N VAL H 916 55.64 -16.99 -77.87
CA VAL H 916 54.62 -18.02 -77.69
C VAL H 916 53.85 -18.27 -78.97
N VAL H 917 53.26 -17.22 -79.56
CA VAL H 917 52.58 -17.39 -80.83
C VAL H 917 53.52 -18.13 -81.81
N HIS H 918 54.77 -17.70 -81.86
CA HIS H 918 55.78 -18.34 -82.72
C HIS H 918 56.00 -19.82 -82.40
N ARG H 919 56.22 -20.13 -81.13
CA ARG H 919 56.49 -21.49 -80.69
C ARG H 919 55.29 -22.42 -80.93
N MET H 920 54.09 -21.84 -80.91
CA MET H 920 52.88 -22.60 -81.21
C MET H 920 52.94 -23.05 -82.65
N VAL H 921 53.18 -22.09 -83.55
CA VAL H 921 53.39 -22.38 -84.96
C VAL H 921 54.49 -23.42 -85.19
N GLU H 922 55.63 -23.24 -84.53
CA GLU H 922 56.77 -24.15 -84.66
C GLU H 922 56.41 -25.61 -84.34
N LEU H 923 55.50 -25.80 -83.40
CA LEU H 923 55.25 -27.13 -82.89
C LEU H 923 53.92 -27.73 -83.35
N MET H 924 53.22 -27.04 -84.23
CA MET H 924 51.94 -27.54 -84.72
C MET H 924 51.82 -27.41 -86.24
N TYR H 925 52.77 -26.70 -86.86
CA TYR H 925 52.81 -26.57 -88.31
C TYR H 925 54.16 -27.05 -88.81
N VAL H 926 54.15 -28.13 -89.57
CA VAL H 926 55.39 -28.69 -90.14
C VAL H 926 55.82 -27.89 -91.37
N LYS H 927 56.90 -27.12 -91.21
CA LYS H 927 57.38 -26.22 -92.25
C LYS H 927 57.53 -26.85 -93.64
N HIS H 928 58.32 -27.92 -93.71
CA HIS H 928 58.70 -28.52 -94.99
C HIS H 928 57.57 -29.30 -95.67
N GLU H 929 56.38 -29.28 -95.09
CA GLU H 929 55.21 -29.92 -95.70
C GLU H 929 54.06 -28.95 -95.87
N LYS H 930 54.21 -27.76 -95.29
CA LYS H 930 53.19 -26.72 -95.38
C LYS H 930 51.79 -27.19 -94.96
N ARG H 931 51.72 -27.88 -93.82
CA ARG H 931 50.45 -28.34 -93.27
C ARG H 931 50.40 -28.27 -91.73
N TRP H 932 49.20 -28.05 -91.20
CA TRP H 932 48.98 -28.14 -89.77
C TRP H 932 48.70 -29.59 -89.41
N ILE H 933 49.15 -30.01 -88.24
CA ILE H 933 48.93 -31.38 -87.78
C ILE H 933 47.43 -31.66 -87.65
N ASP H 934 46.63 -30.60 -87.64
CA ASP H 934 45.17 -30.71 -87.58
C ASP H 934 44.58 -29.31 -87.58
N PRO H 935 43.51 -29.10 -88.36
CA PRO H 935 42.85 -27.79 -88.47
C PRO H 935 42.56 -27.17 -87.11
N SER H 936 42.21 -28.01 -86.13
CA SER H 936 41.93 -27.55 -84.77
C SER H 936 43.11 -26.83 -84.14
N LEU H 937 44.31 -27.40 -84.27
CA LEU H 937 45.50 -26.81 -83.69
C LEU H 937 45.84 -25.49 -84.37
N LYS H 938 45.39 -25.35 -85.61
CA LYS H 938 45.55 -24.09 -86.32
C LYS H 938 44.65 -23.07 -85.65
N LYS H 939 43.41 -23.49 -85.36
CA LYS H 939 42.44 -22.63 -84.71
C LYS H 939 42.99 -22.18 -83.37
N LEU H 940 43.55 -23.13 -82.64
CA LEU H 940 44.20 -22.84 -81.37
C LEU H 940 45.16 -21.67 -81.53
N THR H 941 46.28 -21.90 -82.21
CA THR H 941 47.27 -20.85 -82.43
C THR H 941 46.60 -19.56 -82.87
N GLY H 942 45.57 -19.67 -83.69
CA GLY H 942 44.87 -18.51 -84.18
C GLY H 942 44.16 -17.76 -83.07
N ASP H 943 43.48 -18.50 -82.22
CA ASP H 943 42.74 -17.91 -81.12
C ASP H 943 43.66 -17.15 -80.18
N PHE H 944 44.69 -17.82 -79.68
CA PHE H 944 45.65 -17.17 -78.79
C PHE H 944 46.17 -15.88 -79.41
N ILE H 945 46.41 -15.90 -80.72
CA ILE H 945 46.87 -14.72 -81.43
C ILE H 945 45.89 -13.59 -81.19
N ARG H 946 44.63 -13.87 -81.54
CA ARG H 946 43.53 -12.96 -81.27
C ARG H 946 43.64 -12.41 -79.86
N ARG H 947 43.90 -13.30 -78.91
CA ARG H 947 44.03 -12.91 -77.52
C ARG H 947 45.12 -11.89 -77.37
N VAL H 948 46.30 -12.18 -77.90
CA VAL H 948 47.44 -11.27 -77.81
C VAL H 948 47.09 -9.93 -78.44
N GLU H 949 46.27 -9.99 -79.46
CA GLU H 949 45.72 -8.77 -80.04
C GLU H 949 45.04 -7.97 -78.95
N GLU H 950 43.95 -8.53 -78.44
CA GLU H 950 43.10 -7.84 -77.47
C GLU H 950 43.91 -7.28 -76.30
N ARG H 951 44.87 -8.06 -75.84
CA ARG H 951 45.70 -7.63 -74.72
C ARG H 951 46.34 -6.30 -75.04
N PHE H 952 46.74 -6.12 -76.30
CA PHE H 952 47.52 -4.96 -76.63
C PHE H 952 46.76 -3.85 -77.35
N THR H 953 45.47 -4.05 -77.59
CA THR H 953 44.62 -2.96 -78.07
C THR H 953 43.88 -2.35 -76.89
N SER H 954 43.62 -1.04 -76.94
CA SER H 954 42.98 -0.36 -75.82
C SER H 954 41.94 0.66 -76.25
N VAL H 955 41.55 0.63 -77.52
CA VAL H 955 40.40 1.40 -77.94
C VAL H 955 39.45 0.52 -78.76
N GLU H 956 38.15 0.74 -78.59
CA GLU H 956 37.17 -0.06 -79.30
C GLU H 956 37.11 0.32 -80.77
N GLY H 957 36.61 -0.59 -81.60
CA GLY H 957 36.41 -0.29 -83.00
C GLY H 957 37.40 -0.98 -83.92
N GLN H 958 38.68 -0.88 -83.60
CA GLN H 958 39.72 -1.53 -84.38
C GLN H 958 39.42 -3.01 -84.58
N PRO H 959 39.34 -3.46 -85.85
CA PRO H 959 39.08 -4.88 -86.14
C PRO H 959 40.35 -5.72 -86.03
N SER H 960 40.18 -7.03 -86.12
CA SER H 960 41.29 -7.95 -86.01
C SER H 960 42.10 -8.00 -87.29
N LEU H 961 43.39 -8.27 -87.17
CA LEU H 961 44.28 -8.44 -88.32
C LEU H 961 44.21 -9.89 -88.78
N LEU H 962 43.56 -10.70 -87.97
CA LEU H 962 43.28 -12.09 -88.29
C LEU H 962 41.75 -12.26 -88.30
N GLN H 963 41.12 -11.88 -89.41
CA GLN H 963 39.66 -11.89 -89.50
C GLN H 963 39.13 -13.26 -89.94
N ASN H 964 39.99 -14.04 -90.61
CA ASN H 964 39.68 -15.41 -90.98
C ASN H 964 40.89 -16.32 -90.81
N TYR H 965 40.69 -17.49 -90.22
CA TYR H 965 41.79 -18.39 -89.92
C TYR H 965 42.38 -18.96 -91.19
N SER H 966 41.79 -18.58 -92.31
CA SER H 966 42.30 -18.96 -93.60
C SER H 966 43.74 -18.45 -93.76
N ASP H 967 44.09 -17.43 -92.99
CA ASP H 967 45.42 -16.80 -93.08
C ASP H 967 46.55 -17.67 -92.56
N LEU H 968 46.23 -18.49 -91.56
CA LEU H 968 47.23 -19.33 -90.93
C LEU H 968 47.54 -20.57 -91.78
N ASP H 969 46.95 -20.65 -92.97
CA ASP H 969 47.27 -21.73 -93.89
C ASP H 969 48.74 -21.65 -94.26
N GLU H 970 49.15 -20.52 -94.84
CA GLU H 970 50.56 -20.16 -94.88
C GLU H 970 50.81 -19.15 -93.78
N PRO H 971 51.21 -19.66 -92.61
CA PRO H 971 51.16 -18.99 -91.32
C PRO H 971 52.37 -18.11 -91.14
N TYR H 972 53.53 -18.74 -91.03
CA TYR H 972 54.78 -18.06 -90.73
C TYR H 972 54.97 -16.76 -91.54
N PRO H 973 54.49 -16.72 -92.80
CA PRO H 973 54.46 -15.47 -93.56
C PRO H 973 53.59 -14.37 -92.96
N ALA H 974 52.31 -14.68 -92.72
CA ALA H 974 51.30 -13.71 -92.29
C ALA H 974 51.26 -13.42 -90.78
N VAL H 975 51.68 -14.39 -89.98
CA VAL H 975 51.71 -14.23 -88.51
C VAL H 975 52.58 -13.07 -88.10
N ASP H 976 53.75 -12.99 -88.73
CA ASP H 976 54.74 -11.94 -88.44
C ASP H 976 54.14 -10.56 -88.70
N ARG H 977 53.23 -10.51 -89.66
CA ARG H 977 52.55 -9.27 -90.01
C ARG H 977 51.62 -8.80 -88.90
N ILE H 978 50.86 -9.73 -88.32
CA ILE H 978 49.94 -9.41 -87.24
C ILE H 978 50.70 -9.03 -85.97
N LEU H 979 51.65 -9.87 -85.58
CA LEU H 979 52.54 -9.62 -84.46
C LEU H 979 53.27 -8.29 -84.60
N ALA H 980 53.31 -7.79 -85.83
CA ALA H 980 54.00 -6.55 -86.13
C ALA H 980 53.16 -5.34 -85.71
N ALA H 981 51.85 -5.41 -85.89
CA ALA H 981 50.94 -4.28 -85.61
C ALA H 981 50.74 -4.10 -84.11
N TYR H 982 51.37 -4.96 -83.34
CA TYR H 982 51.32 -4.88 -81.90
C TYR H 982 52.73 -5.01 -81.37
N PRO H 983 53.46 -3.89 -81.39
CA PRO H 983 54.88 -3.77 -81.08
C PRO H 983 55.29 -4.47 -79.79
N GLU H 984 54.72 -3.98 -78.69
CA GLU H 984 55.06 -4.43 -77.36
C GLU H 984 54.92 -5.93 -77.19
N ALA H 985 54.13 -6.56 -78.06
CA ALA H 985 53.86 -7.99 -77.97
C ALA H 985 55.16 -8.81 -78.06
N SER H 986 56.24 -8.13 -78.42
CA SER H 986 57.55 -8.79 -78.54
C SER H 986 58.45 -8.29 -77.41
N THR H 987 57.98 -7.23 -76.72
CA THR H 987 58.70 -6.60 -75.62
C THR H 987 58.47 -7.24 -74.24
N GLN H 988 57.21 -7.57 -73.93
CA GLN H 988 56.85 -8.01 -72.58
C GLN H 988 56.27 -9.42 -72.54
N LEU H 989 56.40 -10.09 -71.40
CA LEU H 989 56.03 -11.50 -71.26
C LEU H 989 54.54 -11.70 -71.07
N ILE H 990 54.11 -12.96 -71.01
CA ILE H 990 52.69 -13.24 -70.87
C ILE H 990 52.19 -12.70 -69.53
N ASN H 991 51.07 -11.99 -69.56
CA ASN H 991 50.35 -11.64 -68.35
C ASN H 991 49.98 -12.94 -67.66
N ALA H 992 50.21 -13.03 -66.36
CA ALA H 992 49.99 -14.28 -65.65
C ALA H 992 48.60 -14.84 -65.93
N GLN H 993 47.62 -13.95 -66.12
CA GLN H 993 46.26 -14.36 -66.44
C GLN H 993 46.22 -15.11 -67.77
N ASP H 994 46.94 -14.56 -68.74
CA ASP H 994 46.94 -15.07 -70.10
C ASP H 994 47.61 -16.43 -70.16
N VAL H 995 48.58 -16.64 -69.29
CA VAL H 995 49.18 -17.95 -69.15
C VAL H 995 48.10 -18.98 -68.82
N GLN H 996 47.29 -18.68 -67.80
CA GLN H 996 46.23 -19.58 -67.40
C GLN H 996 45.28 -19.82 -68.56
N HIS H 997 45.01 -18.74 -69.29
CA HIS H 997 44.11 -18.80 -70.44
C HIS H 997 44.68 -19.71 -71.51
N PHE H 998 45.94 -19.45 -71.86
CA PHE H 998 46.65 -20.26 -72.82
C PHE H 998 46.45 -21.72 -72.47
N LEU H 999 46.71 -22.03 -71.20
CA LEU H 999 46.64 -23.40 -70.71
C LEU H 999 45.25 -24.04 -70.79
N LEU H 1000 44.20 -23.23 -70.67
CA LEU H 1000 42.85 -23.78 -70.74
C LEU H 1000 42.46 -23.99 -72.18
N LEU H 1001 43.13 -23.26 -73.05
CA LEU H 1001 42.91 -23.38 -74.48
C LEU H 1001 43.51 -24.69 -74.99
N CYS H 1002 44.58 -25.15 -74.35
CA CYS H 1002 45.21 -26.39 -74.77
C CYS H 1002 44.43 -27.62 -74.26
N GLN H 1003 43.35 -27.38 -73.54
CA GLN H 1003 42.55 -28.47 -72.98
C GLN H 1003 41.13 -28.51 -73.53
N ARG H 1004 40.72 -27.47 -74.24
CA ARG H 1004 39.32 -27.34 -74.67
C ARG H 1004 38.76 -28.56 -75.40
N ARG H 1005 37.45 -28.78 -75.23
CA ARG H 1005 36.78 -29.94 -75.80
C ARG H 1005 36.61 -29.78 -77.30
N GLY H 1006 36.98 -30.81 -78.06
CA GLY H 1006 36.94 -30.76 -79.51
C GLY H 1006 38.19 -30.13 -80.11
N GLN H 1007 39.34 -30.61 -79.65
CA GLN H 1007 40.63 -30.17 -80.16
C GLN H 1007 41.64 -31.29 -80.02
N LYS H 1008 42.45 -31.50 -81.03
CA LYS H 1008 43.51 -32.49 -80.95
C LYS H 1008 44.32 -32.14 -79.72
N PRO H 1009 44.65 -33.15 -78.91
CA PRO H 1009 45.51 -32.93 -77.77
C PRO H 1009 46.78 -32.21 -78.20
N VAL H 1010 47.11 -31.15 -77.47
CA VAL H 1010 48.32 -30.39 -77.70
C VAL H 1010 49.49 -31.34 -78.02
N PRO H 1011 50.39 -30.91 -78.92
CA PRO H 1011 51.54 -31.71 -79.34
C PRO H 1011 52.77 -31.51 -78.45
N PHE H 1012 52.56 -31.00 -77.24
CA PHE H 1012 53.69 -30.73 -76.36
C PHE H 1012 53.31 -30.73 -74.88
N VAL H 1013 54.15 -30.11 -74.07
CA VAL H 1013 53.85 -29.92 -72.67
C VAL H 1013 54.00 -28.46 -72.24
N PRO H 1014 52.91 -27.88 -71.71
CA PRO H 1014 52.76 -26.47 -71.30
C PRO H 1014 53.33 -26.15 -69.92
N ALA H 1015 53.29 -27.11 -69.00
CA ALA H 1015 53.98 -26.99 -67.74
C ALA H 1015 53.79 -28.26 -66.91
N LEU H 1016 54.49 -28.33 -65.78
CA LEU H 1016 54.44 -29.50 -64.94
C LEU H 1016 53.39 -29.35 -63.85
N ASP H 1017 52.15 -29.07 -64.26
CA ASP H 1017 51.08 -28.83 -63.29
C ASP H 1017 50.46 -30.10 -62.71
N GLU H 1018 49.24 -29.95 -62.21
CA GLU H 1018 48.48 -31.05 -61.64
C GLU H 1018 48.00 -32.02 -62.70
N ASN H 1019 48.15 -31.62 -63.97
CA ASN H 1019 47.67 -32.40 -65.10
C ASN H 1019 48.80 -32.96 -65.95
N PHE H 1020 50.01 -32.90 -65.40
CA PHE H 1020 51.20 -33.33 -66.13
C PHE H 1020 51.05 -34.72 -66.72
N GLU H 1021 50.22 -35.56 -66.11
CA GLU H 1021 49.95 -36.87 -66.69
C GLU H 1021 49.21 -36.73 -68.01
N TYR H 1022 48.07 -36.05 -68.00
CA TYR H 1022 47.30 -35.83 -69.23
C TYR H 1022 48.18 -35.23 -70.32
N TRP H 1023 48.92 -34.18 -69.98
CA TRP H 1023 49.82 -33.54 -70.95
C TRP H 1023 50.75 -34.53 -71.62
N PHE H 1024 51.38 -35.38 -70.80
CA PHE H 1024 52.46 -36.27 -71.21
C PHE H 1024 51.98 -37.46 -72.04
N LYS H 1025 51.02 -38.22 -71.54
CA LYS H 1025 50.69 -39.50 -72.16
C LYS H 1025 49.32 -39.58 -72.86
N LYS H 1026 48.66 -38.43 -73.05
CA LYS H 1026 47.39 -38.41 -73.75
C LYS H 1026 47.67 -38.43 -75.24
N ASP H 1027 46.98 -39.31 -75.97
CA ASP H 1027 47.14 -39.38 -77.42
C ASP H 1027 48.60 -39.48 -77.81
N SER H 1028 49.14 -40.70 -77.75
CA SER H 1028 50.57 -40.92 -77.99
C SER H 1028 50.86 -41.77 -79.22
N LEU H 1029 49.85 -42.43 -79.77
CA LEU H 1029 50.07 -43.31 -80.90
C LEU H 1029 50.29 -42.56 -82.21
N TRP H 1030 49.31 -41.73 -82.58
CA TRP H 1030 49.26 -40.99 -83.85
C TRP H 1030 50.61 -40.58 -84.44
N GLN H 1031 51.61 -40.37 -83.59
CA GLN H 1031 52.93 -39.86 -84.00
C GLN H 1031 53.78 -40.94 -84.70
N SER H 1032 53.57 -42.18 -84.31
CA SER H 1032 54.20 -43.30 -84.99
C SER H 1032 53.78 -43.40 -86.47
N GLU H 1033 52.56 -42.97 -86.78
CA GLU H 1033 52.00 -43.12 -88.12
C GLU H 1033 52.41 -41.97 -89.04
N ASP H 1034 52.89 -40.89 -88.44
CA ASP H 1034 53.29 -39.69 -89.19
C ASP H 1034 54.47 -39.02 -88.51
N ILE H 1035 55.66 -39.58 -88.72
CA ILE H 1035 56.86 -39.10 -88.06
C ILE H 1035 57.36 -37.76 -88.61
N GLU H 1036 56.89 -37.39 -89.80
CA GLU H 1036 57.24 -36.09 -90.37
C GLU H 1036 56.77 -34.95 -89.46
N ALA H 1037 55.77 -35.25 -88.64
CA ALA H 1037 55.22 -34.28 -87.71
C ALA H 1037 56.15 -34.10 -86.52
N VAL H 1038 56.54 -35.23 -85.93
CA VAL H 1038 57.37 -35.25 -84.72
C VAL H 1038 58.53 -34.25 -84.75
N TYR H 1039 58.94 -33.80 -83.56
CA TYR H 1039 60.09 -32.93 -83.42
C TYR H 1039 61.32 -33.66 -83.90
N GLY H 1040 62.03 -33.07 -84.86
CA GLY H 1040 63.21 -33.68 -85.42
C GLY H 1040 62.92 -34.84 -86.35
N GLN H 1041 61.74 -35.43 -86.21
CA GLN H 1041 61.28 -36.47 -87.11
C GLN H 1041 62.01 -37.79 -86.92
N ASP H 1042 62.48 -38.05 -85.71
CA ASP H 1042 63.10 -39.34 -85.45
C ASP H 1042 62.12 -40.20 -84.68
N VAL H 1043 62.14 -41.51 -84.95
CA VAL H 1043 61.28 -42.45 -84.23
C VAL H 1043 61.79 -42.64 -82.81
N GLY H 1044 63.05 -42.24 -82.59
CA GLY H 1044 63.73 -42.45 -81.33
C GLY H 1044 62.89 -42.06 -80.13
N ARG H 1045 62.01 -41.09 -80.31
CA ARG H 1045 61.21 -40.56 -79.21
C ARG H 1045 59.73 -40.92 -79.36
N THR H 1046 59.44 -41.99 -80.11
CA THR H 1046 58.06 -42.29 -80.49
C THR H 1046 57.52 -43.59 -79.87
N CYS H 1047 56.20 -43.70 -79.84
CA CYS H 1047 55.50 -44.88 -79.35
C CYS H 1047 55.10 -45.80 -80.47
N ILE H 1048 55.82 -46.93 -80.58
CA ILE H 1048 55.45 -47.94 -81.54
C ILE H 1048 55.21 -49.19 -80.76
N LEU H 1049 54.05 -49.78 -80.94
CA LEU H 1049 53.72 -50.92 -80.14
C LEU H 1049 54.14 -52.20 -80.85
N GLN H 1050 54.65 -53.16 -80.07
CA GLN H 1050 55.09 -54.45 -80.59
C GLN H 1050 55.00 -55.54 -79.53
N GLY H 1051 54.71 -56.77 -79.96
CA GLY H 1051 54.84 -57.92 -79.08
C GLY H 1051 56.32 -58.16 -78.80
N PRO H 1052 56.63 -58.87 -77.71
CA PRO H 1052 58.02 -59.13 -77.34
C PRO H 1052 58.63 -60.20 -78.24
N VAL H 1053 57.76 -60.97 -78.87
CA VAL H 1053 58.19 -62.15 -79.58
C VAL H 1053 57.94 -62.01 -81.07
N ALA H 1054 57.05 -61.10 -81.45
CA ALA H 1054 56.78 -60.90 -82.87
C ALA H 1054 57.68 -59.83 -83.49
N ALA H 1055 58.79 -59.54 -82.82
CA ALA H 1055 59.71 -58.50 -83.30
C ALA H 1055 60.85 -59.09 -84.14
N LYS H 1056 61.15 -60.35 -83.84
CA LYS H 1056 62.12 -61.12 -84.60
C LYS H 1056 61.50 -61.52 -85.94
N TYR H 1057 60.22 -61.90 -85.91
CA TYR H 1057 59.51 -62.35 -87.10
C TYR H 1057 59.29 -61.27 -88.16
N SER H 1058 59.89 -60.10 -87.97
CA SER H 1058 59.86 -59.06 -89.00
C SER H 1058 61.31 -58.69 -89.34
N LYS H 1059 61.66 -58.81 -90.62
CA LYS H 1059 63.03 -58.54 -91.06
C LYS H 1059 63.12 -57.65 -92.30
N VAL H 1060 62.15 -57.78 -93.19
CA VAL H 1060 62.10 -56.89 -94.35
C VAL H 1060 61.04 -55.84 -94.12
N ILE H 1061 61.31 -54.62 -94.58
CA ILE H 1061 60.34 -53.54 -94.44
C ILE H 1061 59.56 -53.39 -95.73
N ASP H 1062 58.41 -52.72 -95.65
CA ASP H 1062 57.63 -52.37 -96.83
C ASP H 1062 57.22 -53.55 -97.72
N GLU H 1063 57.08 -54.74 -97.16
CA GLU H 1063 56.59 -55.88 -97.95
C GLU H 1063 55.11 -55.69 -98.19
N PRO H 1064 54.65 -55.94 -99.42
CA PRO H 1064 53.20 -55.89 -99.64
C PRO H 1064 52.53 -56.93 -98.78
N ILE H 1065 51.34 -56.60 -98.29
CA ILE H 1065 50.64 -57.47 -97.35
C ILE H 1065 50.05 -58.66 -98.06
N LYS H 1066 49.58 -58.44 -99.28
CA LYS H 1066 49.08 -59.51 -100.10
C LYS H 1066 50.10 -60.64 -100.08
N ASP H 1067 51.37 -60.27 -100.01
CA ASP H 1067 52.49 -61.22 -100.01
C ASP H 1067 52.62 -61.94 -98.68
N ILE H 1068 52.79 -61.16 -97.60
CA ILE H 1068 53.00 -61.73 -96.27
C ILE H 1068 51.94 -62.77 -95.95
N LEU H 1069 50.68 -62.38 -96.15
CA LEU H 1069 49.55 -63.25 -95.87
C LEU H 1069 49.52 -64.46 -96.81
N ASP H 1070 49.50 -64.19 -98.12
CA ASP H 1070 49.53 -65.24 -99.13
C ASP H 1070 50.59 -66.28 -98.78
N GLY H 1071 51.83 -65.81 -98.68
CA GLY H 1071 52.96 -66.66 -98.34
C GLY H 1071 52.68 -67.53 -97.13
N ILE H 1072 52.12 -66.92 -96.09
CA ILE H 1072 51.85 -67.65 -94.86
C ILE H 1072 50.66 -68.61 -95.02
N HIS H 1073 49.84 -68.39 -96.03
CA HIS H 1073 48.76 -69.32 -96.32
C HIS H 1073 49.29 -70.51 -97.09
N ASN H 1074 50.17 -70.23 -98.06
CA ASN H 1074 50.66 -71.25 -98.97
C ASN H 1074 51.67 -72.18 -98.33
N ASP H 1075 52.51 -71.64 -97.45
CA ASP H 1075 53.42 -72.49 -96.69
C ASP H 1075 52.60 -73.42 -95.82
N HIS H 1076 51.33 -73.05 -95.63
CA HIS H 1076 50.41 -73.87 -94.86
C HIS H 1076 49.80 -74.98 -95.72
N ILE H 1077 49.35 -74.64 -96.92
CA ILE H 1077 48.81 -75.65 -97.83
C ILE H 1077 49.90 -76.63 -98.25
N LYS H 1078 51.11 -76.12 -98.43
CA LYS H 1078 52.25 -76.94 -98.81
C LYS H 1078 52.72 -77.82 -97.66
N PHE H 1079 52.87 -77.22 -96.48
CA PHE H 1079 53.09 -77.97 -95.26
C PHE H 1079 52.01 -79.05 -95.14
N LEU H 1080 50.77 -78.67 -95.40
CA LEU H 1080 49.61 -79.52 -95.15
C LEU H 1080 49.50 -80.63 -96.19
N LEU H 1081 49.88 -80.31 -97.42
CA LEU H 1081 49.85 -81.24 -98.53
C LEU H 1081 50.88 -82.32 -98.30
N ARG H 1082 52.14 -81.91 -98.26
CA ARG H 1082 53.25 -82.81 -97.94
C ARG H 1082 52.99 -83.69 -96.71
N ASP H 1083 52.21 -83.16 -95.75
CA ASP H 1083 52.01 -83.84 -94.46
C ASP H 1083 50.85 -84.82 -94.43
N LEU H 1084 49.84 -84.60 -95.27
CA LEU H 1084 48.67 -85.47 -95.29
C LEU H 1084 48.14 -85.78 -96.68
N TYR H 1085 48.96 -85.60 -97.70
CA TYR H 1085 48.52 -85.81 -99.09
C TYR H 1085 49.60 -86.43 -100.00
N ASP H 1086 50.80 -86.57 -99.46
CA ASP H 1086 51.94 -87.19 -100.15
C ASP H 1086 52.53 -86.32 -101.27
N GLY H 1087 52.23 -85.03 -101.23
CA GLY H 1087 52.62 -84.12 -102.31
C GLY H 1087 51.61 -84.17 -103.44
N LYS H 1088 50.67 -85.10 -103.31
CA LYS H 1088 49.69 -85.39 -104.35
C LYS H 1088 48.51 -84.40 -104.38
N GLU H 1089 48.61 -83.37 -105.23
CA GLU H 1089 47.54 -82.41 -105.43
C GLU H 1089 46.22 -83.04 -105.86
N GLU H 1090 46.29 -84.29 -106.32
CA GLU H 1090 45.12 -85.00 -106.82
C GLU H 1090 44.29 -85.54 -105.65
N ASN H 1091 44.94 -85.75 -104.52
CA ASN H 1091 44.30 -86.26 -103.31
C ASN H 1091 43.48 -85.19 -102.58
N VAL H 1092 43.44 -84.00 -103.16
CA VAL H 1092 42.71 -82.89 -102.59
C VAL H 1092 41.29 -82.85 -103.13
N PRO H 1093 40.30 -82.98 -102.24
CA PRO H 1093 38.90 -82.88 -102.65
C PRO H 1093 38.61 -81.54 -103.33
N VAL H 1094 37.51 -81.47 -104.07
CA VAL H 1094 37.15 -80.23 -104.73
C VAL H 1094 35.66 -79.98 -104.67
N ILE H 1095 35.28 -78.72 -104.55
CA ILE H 1095 33.88 -78.34 -104.50
C ILE H 1095 33.58 -77.23 -105.50
N GLU H 1096 32.29 -77.01 -105.72
CA GLU H 1096 31.82 -75.95 -106.60
C GLU H 1096 32.30 -74.59 -106.09
N TYR H 1097 31.76 -74.16 -104.94
CA TYR H 1097 32.16 -72.90 -104.33
C TYR H 1097 32.47 -73.11 -102.88
N PHE H 1098 33.51 -72.43 -102.38
CA PHE H 1098 33.94 -72.59 -100.99
C PHE H 1098 33.02 -71.89 -100.01
N GLY H 1099 31.96 -72.57 -99.59
CA GLY H 1099 30.99 -71.99 -98.68
C GLY H 1099 30.84 -72.78 -97.40
N GLY H 1100 29.60 -73.00 -96.97
CA GLY H 1100 29.33 -73.74 -95.76
C GLY H 1100 29.66 -75.21 -95.84
N ARG H 1101 29.49 -75.94 -94.75
CA ARG H 1101 29.68 -77.40 -94.76
C ARG H 1101 28.31 -78.05 -94.98
N ILE H 1102 28.31 -79.30 -95.44
CA ILE H 1102 27.06 -80.05 -95.53
C ILE H 1102 26.96 -81.10 -94.44
N LEU H 1103 25.77 -81.22 -93.87
CA LEU H 1103 25.46 -82.32 -92.96
C LEU H 1103 24.98 -83.50 -93.80
N LYS H 1104 25.89 -84.42 -94.09
CA LYS H 1104 25.58 -85.61 -94.88
C LYS H 1104 24.50 -86.45 -94.20
N ALA H 1105 23.48 -86.82 -94.96
CA ALA H 1105 22.43 -87.70 -94.44
C ALA H 1105 22.73 -89.15 -94.78
N THR H 1106 22.60 -90.03 -93.78
CA THR H 1106 22.66 -91.47 -93.99
C THR H 1106 21.24 -91.96 -94.34
N ASP H 1107 20.24 -91.28 -93.77
CA ASP H 1107 18.82 -91.46 -94.12
C ASP H 1107 18.40 -90.93 -95.55
N GLU H 1108 18.09 -89.62 -95.71
CA GLU H 1108 17.66 -88.94 -96.99
C GLU H 1108 16.16 -89.05 -97.31
N GLU H 1109 15.37 -89.20 -96.26
CA GLU H 1109 13.93 -89.32 -96.35
C GLU H 1109 13.26 -88.23 -95.51
N PRO H 1110 12.35 -87.45 -96.13
CA PRO H 1110 11.65 -86.30 -95.54
C PRO H 1110 10.59 -86.66 -94.49
N ASP H 1111 11.00 -86.77 -93.23
CA ASP H 1111 10.10 -87.11 -92.13
C ASP H 1111 9.42 -85.87 -91.56
N ILE H 1112 8.76 -85.09 -92.40
CA ILE H 1112 8.26 -83.77 -91.99
C ILE H 1112 6.73 -83.67 -92.05
N ASP H 1113 6.16 -82.89 -91.13
CA ASP H 1113 4.71 -82.73 -91.02
C ASP H 1113 4.14 -81.76 -92.05
N GLY H 1114 2.93 -82.06 -92.52
CA GLY H 1114 2.24 -81.24 -93.49
C GLY H 1114 2.85 -81.37 -94.88
N LEU H 1115 4.11 -81.79 -94.92
CA LEU H 1115 4.83 -81.95 -96.19
C LEU H 1115 4.78 -83.38 -96.72
N THR H 1116 4.44 -83.50 -97.99
CA THR H 1116 4.59 -84.76 -98.71
C THR H 1116 5.71 -84.61 -99.75
N ALA H 1117 6.38 -85.71 -100.07
CA ALA H 1117 7.53 -85.66 -100.96
C ALA H 1117 7.51 -86.80 -102.00
N SER H 1118 7.83 -86.47 -103.25
CA SER H 1118 7.76 -87.42 -104.35
C SER H 1118 8.83 -87.07 -105.40
N ARG H 1119 9.23 -88.03 -106.24
CA ARG H 1119 10.14 -87.73 -107.34
C ARG H 1119 10.32 -88.79 -108.44
N ASP H 1120 10.35 -88.33 -109.69
CA ASP H 1120 10.76 -89.15 -110.83
C ASP H 1120 12.25 -88.96 -111.04
N ALA H 1121 12.69 -89.12 -112.29
CA ALA H 1121 14.04 -88.72 -112.69
C ALA H 1121 13.92 -87.39 -113.42
N ASN H 1122 12.67 -86.93 -113.51
CA ASN H 1122 12.34 -85.69 -114.19
C ASN H 1122 12.05 -84.54 -113.23
N LYS H 1123 11.37 -84.85 -112.13
CA LYS H 1123 10.82 -83.81 -111.27
C LYS H 1123 10.72 -84.24 -109.81
N ILE H 1124 11.15 -83.37 -108.90
CA ILE H 1124 10.95 -83.62 -107.47
C ILE H 1124 9.78 -82.79 -106.93
N SER H 1125 8.78 -83.48 -106.39
CA SER H 1125 7.54 -82.86 -105.95
C SER H 1125 7.47 -82.61 -104.45
N TYR H 1126 7.30 -81.36 -104.06
CA TYR H 1126 7.08 -81.01 -102.65
C TYR H 1126 5.76 -80.29 -102.48
N ARG H 1127 4.83 -80.91 -101.76
CA ARG H 1127 3.52 -80.33 -101.55
C ARG H 1127 3.20 -80.18 -100.08
N LEU H 1128 2.90 -78.94 -99.68
CA LEU H 1128 2.53 -78.67 -98.29
C LEU H 1128 1.01 -78.82 -98.14
N SER H 1129 0.61 -79.30 -96.97
CA SER H 1129 -0.79 -79.64 -96.72
C SER H 1129 -1.72 -78.44 -96.90
N ASN H 1130 -2.90 -78.69 -97.46
CA ASN H 1130 -3.91 -77.65 -97.58
C ASN H 1130 -4.91 -77.73 -96.43
N ALA H 1131 -4.50 -78.43 -95.37
CA ALA H 1131 -5.33 -78.56 -94.17
C ALA H 1131 -5.46 -77.22 -93.45
N PRO H 1132 -6.70 -76.83 -93.11
CA PRO H 1132 -6.95 -75.63 -92.32
C PRO H 1132 -6.15 -75.67 -91.02
N SER H 1133 -5.82 -76.88 -90.57
CA SER H 1133 -5.07 -77.08 -89.34
C SER H 1133 -3.66 -76.50 -89.44
N ALA H 1134 -3.11 -76.11 -88.29
CA ALA H 1134 -1.81 -75.45 -88.25
C ALA H 1134 -0.64 -76.40 -87.97
N ASN H 1135 -0.05 -76.93 -89.04
CA ASN H 1135 1.22 -77.65 -88.95
C ASN H 1135 2.03 -77.63 -90.24
N LEU H 1136 3.24 -77.10 -90.15
CA LEU H 1136 4.14 -76.99 -91.29
C LEU H 1136 5.60 -76.97 -90.86
N PRO H 1137 6.51 -77.32 -91.79
CA PRO H 1137 7.95 -77.30 -91.50
C PRO H 1137 8.47 -75.89 -91.33
N ASP H 1138 9.76 -75.75 -91.00
CA ASP H 1138 10.38 -74.45 -90.87
C ASP H 1138 10.30 -73.67 -92.17
N VAL H 1139 10.71 -72.42 -92.12
CA VAL H 1139 11.04 -71.70 -93.33
C VAL H 1139 12.50 -72.06 -93.61
N ASP H 1140 13.15 -72.61 -92.58
CA ASP H 1140 14.54 -73.04 -92.65
C ASP H 1140 14.67 -74.46 -93.18
N SER H 1141 13.96 -75.39 -92.55
CA SER H 1141 13.95 -76.77 -93.00
C SER H 1141 13.50 -76.82 -94.46
N PHE H 1142 12.48 -76.02 -94.78
CA PHE H 1142 11.89 -76.04 -96.12
C PHE H 1142 12.87 -75.55 -97.16
N MET H 1143 13.81 -74.71 -96.74
CA MET H 1143 14.81 -74.18 -97.65
C MET H 1143 16.08 -75.03 -97.70
N GLN H 1144 16.17 -76.01 -96.81
CA GLN H 1144 17.25 -77.00 -96.87
C GLN H 1144 16.92 -78.00 -97.96
N LEU H 1145 15.65 -78.37 -98.00
CA LEU H 1145 15.17 -79.42 -98.89
C LEU H 1145 15.04 -78.96 -100.35
N ILE H 1146 15.34 -77.69 -100.59
CA ILE H 1146 15.31 -77.16 -101.95
C ILE H 1146 16.71 -76.86 -102.43
N ALA H 1147 17.66 -76.86 -101.50
CA ALA H 1147 19.04 -76.60 -101.85
C ALA H 1147 19.71 -77.88 -102.28
N GLY H 1148 19.39 -78.98 -101.60
CA GLY H 1148 19.99 -80.28 -101.88
C GLY H 1148 21.43 -80.39 -101.39
N ASN H 1149 22.05 -81.54 -101.61
CA ASN H 1149 23.44 -81.74 -101.20
C ASN H 1149 24.49 -81.32 -102.26
N SER H 1150 24.08 -81.30 -103.51
CA SER H 1150 24.96 -80.87 -104.59
C SER H 1150 25.27 -79.37 -104.46
N TYR H 1151 26.56 -79.03 -104.42
CA TYR H 1151 26.95 -77.61 -104.46
C TYR H 1151 26.64 -77.00 -105.83
N SER H 1152 25.38 -76.62 -106.03
CA SER H 1152 24.94 -76.07 -107.30
C SER H 1152 24.61 -74.60 -107.14
N TRP H 1153 24.14 -73.97 -108.21
CA TRP H 1153 23.60 -72.64 -108.08
C TRP H 1153 22.28 -72.70 -107.33
N ARG H 1154 21.53 -73.79 -107.53
CA ARG H 1154 20.23 -73.93 -106.88
C ARG H 1154 20.39 -74.10 -105.36
N HIS H 1155 21.53 -74.63 -104.95
CA HIS H 1155 21.85 -74.77 -103.53
C HIS H 1155 22.27 -73.43 -102.94
N ALA H 1156 22.98 -72.62 -103.72
CA ALA H 1156 23.43 -71.31 -103.23
C ALA H 1156 22.30 -70.28 -103.18
N MET H 1157 21.29 -70.47 -104.02
CA MET H 1157 20.13 -69.58 -104.03
C MET H 1157 19.26 -69.76 -102.80
N PHE H 1158 19.26 -70.96 -102.24
CA PHE H 1158 18.44 -71.25 -101.07
C PHE H 1158 19.28 -71.37 -99.81
N THR H 1159 20.55 -70.97 -99.93
CA THR H 1159 21.46 -70.99 -98.79
C THR H 1159 21.83 -69.58 -98.35
N THR H 1160 22.48 -68.82 -99.22
CA THR H 1160 22.88 -67.46 -98.88
C THR H 1160 21.66 -66.55 -98.75
N GLU H 1161 21.51 -65.99 -97.55
CA GLU H 1161 20.44 -65.04 -97.25
C GLU H 1161 20.86 -63.65 -97.70
N VAL H 1162 22.12 -63.50 -98.08
CA VAL H 1162 22.62 -62.22 -98.57
C VAL H 1162 22.77 -62.22 -100.08
N PHE H 1163 21.89 -61.50 -100.76
CA PHE H 1163 22.09 -61.24 -102.17
C PHE H 1163 22.78 -59.89 -102.32
N VAL H 1164 23.95 -59.89 -102.95
CA VAL H 1164 24.70 -58.66 -103.17
C VAL H 1164 24.09 -57.83 -104.29
N GLN H 1165 23.92 -56.54 -104.04
CA GLN H 1165 23.46 -55.64 -105.09
C GLN H 1165 24.28 -54.37 -105.06
N GLY H 1166 25.22 -54.28 -105.98
CA GLY H 1166 26.17 -53.19 -105.96
C GLY H 1166 27.11 -53.45 -104.80
N HIS H 1167 27.02 -52.64 -103.77
CA HIS H 1167 27.84 -52.84 -102.59
C HIS H 1167 26.97 -53.00 -101.36
N ARG H 1168 25.71 -53.36 -101.59
CA ARG H 1168 24.75 -53.52 -100.52
C ARG H 1168 24.42 -55.00 -100.33
N PHE H 1169 24.14 -55.38 -99.09
CA PHE H 1169 23.54 -56.68 -98.82
C PHE H 1169 22.01 -56.55 -98.99
N GLN H 1170 21.33 -57.66 -99.10
CA GLN H 1170 19.89 -57.65 -99.09
C GLN H 1170 19.41 -59.01 -98.62
N THR H 1171 18.28 -59.02 -97.92
CA THR H 1171 17.74 -60.27 -97.39
C THR H 1171 17.24 -61.14 -98.53
N ASN H 1172 17.65 -62.41 -98.49
CA ASN H 1172 17.27 -63.38 -99.51
C ASN H 1172 15.76 -63.46 -99.66
N PRO H 1173 15.22 -62.86 -100.74
CA PRO H 1173 13.78 -62.81 -100.99
C PRO H 1173 13.16 -64.20 -101.09
N LEU H 1174 13.98 -65.23 -101.32
CA LEU H 1174 13.47 -66.59 -101.41
C LEU H 1174 13.01 -67.11 -100.06
N LYS H 1175 13.44 -66.43 -99.01
CA LYS H 1175 13.01 -66.76 -97.65
C LYS H 1175 11.52 -66.45 -97.44
N ARG H 1176 11.08 -65.30 -97.95
CA ARG H 1176 9.68 -64.90 -97.84
C ARG H 1176 8.83 -65.59 -98.91
N LEU H 1177 9.39 -65.73 -100.10
CA LEU H 1177 8.68 -66.38 -101.20
C LEU H 1177 8.41 -67.85 -100.89
N PHE H 1178 9.44 -68.57 -100.46
CA PHE H 1178 9.34 -70.00 -100.23
C PHE H 1178 8.99 -70.37 -98.78
N ALA H 1179 8.42 -69.43 -98.05
CA ALA H 1179 7.95 -69.74 -96.70
C ALA H 1179 6.66 -70.54 -96.81
N PRO H 1180 6.54 -71.61 -96.00
CA PRO H 1180 5.38 -72.51 -96.02
C PRO H 1180 4.02 -71.80 -96.11
N THR H 1181 3.13 -72.37 -96.91
CA THR H 1181 1.81 -71.80 -97.21
C THR H 1181 0.77 -72.91 -97.15
N ARG H 1182 -0.49 -72.53 -96.94
CA ARG H 1182 -1.58 -73.49 -96.96
C ARG H 1182 -1.77 -74.08 -98.36
N GLY H 1183 -1.07 -75.18 -98.61
CA GLY H 1183 -1.19 -75.93 -99.86
C GLY H 1183 -0.34 -75.43 -101.00
N MET H 1184 0.95 -75.23 -100.74
CA MET H 1184 1.84 -74.79 -101.81
C MET H 1184 2.55 -75.97 -102.46
N TYR H 1185 2.96 -75.78 -103.72
CA TYR H 1185 3.59 -76.83 -104.53
C TYR H 1185 4.94 -76.34 -105.06
N VAL H 1186 5.97 -77.16 -104.88
CA VAL H 1186 7.30 -76.81 -105.36
C VAL H 1186 7.95 -77.96 -106.11
N GLU H 1187 8.22 -77.73 -107.39
CA GLU H 1187 8.78 -78.75 -108.26
C GLU H 1187 10.21 -78.40 -108.67
N ILE H 1188 11.04 -79.43 -108.80
CA ILE H 1188 12.42 -79.25 -109.26
C ILE H 1188 12.71 -80.15 -110.46
N THR H 1189 12.47 -79.60 -111.66
CA THR H 1189 12.66 -80.32 -112.91
C THR H 1189 14.14 -80.48 -113.24
N ASN H 1190 14.49 -81.66 -113.79
CA ASN H 1190 15.87 -82.01 -114.07
C ASN H 1190 16.74 -81.71 -112.86
N PRO H 1191 16.38 -82.32 -111.72
CA PRO H 1191 16.95 -82.00 -110.41
C PRO H 1191 18.47 -81.99 -110.37
N ASP H 1192 19.10 -83.07 -110.84
CA ASP H 1192 20.55 -83.24 -110.71
C ASP H 1192 21.33 -82.74 -111.92
N ASP H 1193 20.62 -82.22 -112.91
CA ASP H 1193 21.24 -81.59 -114.08
C ASP H 1193 21.22 -80.07 -113.91
N PRO H 1194 22.28 -79.53 -113.31
CA PRO H 1194 22.39 -78.13 -112.90
C PRO H 1194 21.86 -77.13 -113.94
N ALA H 1195 22.51 -77.06 -115.10
CA ALA H 1195 22.19 -76.05 -116.12
C ALA H 1195 20.76 -76.13 -116.65
N LYS H 1196 20.06 -77.23 -116.37
CA LYS H 1196 18.71 -77.43 -116.89
C LYS H 1196 17.64 -77.53 -115.80
N THR H 1197 18.03 -77.30 -114.55
CA THR H 1197 17.07 -77.43 -113.45
C THR H 1197 16.10 -76.24 -113.41
N VAL H 1198 14.83 -76.54 -113.14
CA VAL H 1198 13.79 -75.51 -113.08
C VAL H 1198 12.94 -75.68 -111.84
N ILE H 1199 12.83 -74.61 -111.04
CA ILE H 1199 12.06 -74.67 -109.81
C ILE H 1199 10.80 -73.82 -109.92
N SER H 1200 9.65 -74.41 -109.61
CA SER H 1200 8.37 -73.71 -109.74
C SER H 1200 7.48 -73.88 -108.52
N VAL H 1201 6.62 -72.89 -108.29
CA VAL H 1201 5.71 -72.89 -107.15
C VAL H 1201 4.26 -72.72 -107.57
N ARG H 1202 3.36 -73.40 -106.86
CA ARG H 1202 1.92 -73.29 -107.10
C ARG H 1202 1.13 -73.18 -105.80
N GLU H 1203 0.45 -72.06 -105.61
CA GLU H 1203 -0.40 -71.88 -104.44
C GLU H 1203 -1.84 -71.73 -104.90
N PRO H 1204 -2.80 -72.04 -104.03
CA PRO H 1204 -4.22 -71.94 -104.40
C PRO H 1204 -4.64 -70.48 -104.67
N SER H 1205 -5.30 -70.25 -105.80
CA SER H 1205 -5.90 -68.94 -106.08
C SER H 1205 -7.01 -68.67 -105.09
N GLN H 1206 -7.51 -67.44 -105.09
CA GLN H 1206 -8.67 -67.12 -104.27
C GLN H 1206 -9.91 -67.78 -104.91
N SER H 1207 -10.20 -68.99 -104.43
CA SER H 1207 -11.36 -69.78 -104.87
C SER H 1207 -11.04 -70.71 -106.06
N ALA H 1208 -9.81 -70.62 -106.57
CA ALA H 1208 -9.40 -71.45 -107.71
C ALA H 1208 -8.31 -72.47 -107.35
N LYS H 1209 -8.04 -73.39 -108.28
CA LYS H 1209 -7.01 -74.40 -108.10
C LYS H 1209 -5.61 -73.80 -108.21
N LEU H 1210 -4.62 -74.45 -107.59
CA LEU H 1210 -3.22 -73.97 -107.55
C LEU H 1210 -2.70 -73.42 -108.87
N VAL H 1211 -2.15 -72.20 -108.79
CA VAL H 1211 -1.68 -71.47 -109.98
C VAL H 1211 -0.18 -71.23 -109.91
N LYS H 1212 0.41 -70.97 -111.08
CA LYS H 1212 1.84 -70.73 -111.20
C LYS H 1212 2.18 -69.37 -110.62
N THR H 1213 3.18 -69.35 -109.74
CA THR H 1213 3.52 -68.13 -109.00
C THR H 1213 4.98 -67.72 -109.20
N VAL H 1214 5.90 -68.64 -108.93
CA VAL H 1214 7.31 -68.35 -109.04
C VAL H 1214 8.00 -69.39 -109.88
N GLU H 1215 9.03 -68.95 -110.59
CA GLU H 1215 9.85 -69.86 -111.37
C GLU H 1215 11.30 -69.37 -111.37
N ILE H 1216 12.23 -70.31 -111.28
CA ILE H 1216 13.65 -70.00 -111.39
C ILE H 1216 14.35 -70.98 -112.34
N LYS H 1217 15.07 -70.43 -113.31
CA LYS H 1217 15.81 -71.21 -114.30
C LYS H 1217 17.08 -70.43 -114.64
N LEU H 1218 17.87 -70.94 -115.57
CA LEU H 1218 19.05 -70.20 -116.03
C LEU H 1218 18.83 -69.54 -117.39
N VAL H 1219 19.72 -68.63 -117.76
CA VAL H 1219 19.75 -68.01 -119.07
C VAL H 1219 21.16 -67.46 -119.27
N GLY H 1220 21.63 -67.41 -120.52
CA GLY H 1220 22.93 -66.85 -120.83
C GLY H 1220 23.99 -67.23 -119.81
N ASP H 1221 24.09 -68.53 -119.52
CA ASP H 1221 25.06 -69.13 -118.59
C ASP H 1221 24.74 -69.02 -117.08
N ASN H 1222 25.03 -67.88 -116.48
CA ASN H 1222 24.91 -67.70 -115.04
C ASN H 1222 23.70 -66.87 -114.67
N GLU H 1223 23.23 -66.04 -115.60
CA GLU H 1223 22.09 -65.18 -115.32
C GLU H 1223 20.86 -66.01 -114.95
N ILE H 1224 20.52 -66.00 -113.67
CA ILE H 1224 19.38 -66.74 -113.17
C ILE H 1224 18.13 -65.87 -113.29
N ALA H 1225 17.01 -66.51 -113.61
CA ALA H 1225 15.77 -65.77 -113.83
C ALA H 1225 14.76 -66.04 -112.71
N LEU H 1226 14.63 -65.07 -111.81
CA LEU H 1226 13.63 -65.15 -110.76
C LEU H 1226 12.36 -64.50 -111.27
N THR H 1227 11.32 -65.29 -111.44
CA THR H 1227 10.14 -64.82 -112.12
C THR H 1227 8.86 -64.94 -111.30
N LEU H 1228 8.04 -63.89 -111.36
CA LEU H 1228 6.77 -63.83 -110.66
C LEU H 1228 5.66 -63.68 -111.67
N PHE H 1229 4.53 -64.34 -111.41
CA PHE H 1229 3.42 -64.36 -112.36
C PHE H 1229 2.12 -63.87 -111.72
N GLU H 1230 1.71 -62.66 -112.06
CA GLU H 1230 0.49 -62.10 -111.49
C GLU H 1230 -0.71 -62.26 -112.40
N GLY H 1231 -1.64 -63.11 -111.97
CA GLY H 1231 -2.85 -63.40 -112.72
C GLY H 1231 -3.64 -62.19 -113.16
N ARG H 1232 -4.41 -61.61 -112.25
CA ARG H 1232 -5.29 -60.48 -112.57
C ARG H 1232 -4.50 -59.25 -113.00
N THR H 1233 -4.67 -58.86 -114.26
CA THR H 1233 -4.01 -57.67 -114.79
C THR H 1233 -4.93 -56.92 -115.74
N ALA H 1234 -4.38 -55.89 -116.38
CA ALA H 1234 -5.12 -55.03 -117.31
C ALA H 1234 -5.54 -55.76 -118.57
N GLU H 1235 -4.83 -56.84 -118.88
CA GLU H 1235 -5.04 -57.58 -120.12
C GLU H 1235 -5.62 -58.99 -119.90
N GLY H 1236 -6.01 -59.27 -118.66
CA GLY H 1236 -6.61 -60.55 -118.30
C GLY H 1236 -5.70 -61.76 -118.54
N GLY H 1237 -4.40 -61.51 -118.61
CA GLY H 1237 -3.42 -62.56 -118.85
C GLY H 1237 -2.25 -62.46 -117.90
N VAL H 1238 -1.75 -63.61 -117.47
CA VAL H 1238 -0.69 -63.68 -116.47
C VAL H 1238 0.62 -63.01 -116.94
N VAL H 1239 0.86 -61.79 -116.45
CA VAL H 1239 2.06 -61.06 -116.81
C VAL H 1239 3.19 -61.41 -115.86
N PRO H 1240 4.40 -61.64 -116.40
CA PRO H 1240 5.58 -62.05 -115.64
C PRO H 1240 6.54 -60.90 -115.34
N LEU H 1241 7.07 -60.88 -114.12
CA LEU H 1241 8.11 -59.94 -113.74
C LEU H 1241 9.33 -60.74 -113.34
N THR H 1242 10.51 -60.30 -113.78
CA THR H 1242 11.71 -61.10 -113.55
C THR H 1242 12.94 -60.28 -113.14
N PHE H 1243 13.65 -60.81 -112.13
CA PHE H 1243 14.89 -60.21 -111.64
C PHE H 1243 16.05 -61.10 -112.04
N ARG H 1244 17.12 -60.52 -112.57
CA ARG H 1244 18.22 -61.34 -113.07
C ARG H 1244 19.41 -61.36 -112.12
N PHE H 1245 20.09 -62.49 -112.03
CA PHE H 1245 21.16 -62.70 -111.05
C PHE H 1245 22.38 -63.39 -111.68
N THR H 1246 23.57 -62.80 -111.56
CA THR H 1246 24.78 -63.54 -111.90
C THR H 1246 25.14 -64.50 -110.76
N TYR H 1247 26.13 -65.35 -110.96
CA TYR H 1247 26.47 -66.40 -109.99
C TYR H 1247 27.92 -66.87 -110.11
N HIS H 1248 28.79 -66.34 -109.26
CA HIS H 1248 30.23 -66.62 -109.37
C HIS H 1248 30.75 -67.39 -108.17
N PRO H 1249 30.62 -68.73 -108.21
CA PRO H 1249 31.15 -69.65 -107.19
C PRO H 1249 32.62 -69.40 -106.89
N GLU H 1250 33.19 -68.44 -107.62
CA GLU H 1250 34.47 -67.87 -107.26
C GLU H 1250 34.47 -67.63 -105.74
N ALA H 1251 33.63 -66.69 -105.32
CA ALA H 1251 33.48 -66.27 -103.92
C ALA H 1251 32.37 -67.04 -103.20
N GLY H 1252 32.76 -67.99 -102.36
CA GLY H 1252 31.81 -68.85 -101.68
C GLY H 1252 30.91 -68.14 -100.68
N TYR H 1253 31.34 -66.97 -100.22
CA TYR H 1253 30.59 -66.21 -99.24
C TYR H 1253 29.33 -65.57 -99.83
N ALA H 1254 29.51 -64.92 -100.97
CA ALA H 1254 28.41 -64.31 -101.69
C ALA H 1254 28.37 -64.85 -103.11
N PRO H 1255 27.89 -66.08 -103.25
CA PRO H 1255 27.82 -66.81 -104.53
C PRO H 1255 26.86 -66.12 -105.49
N ILE H 1256 25.91 -65.38 -104.93
CA ILE H 1256 24.88 -64.76 -105.76
C ILE H 1256 24.93 -63.24 -105.69
N ARG H 1257 24.76 -62.61 -106.85
CA ARG H 1257 24.63 -61.18 -106.96
C ARG H 1257 23.34 -60.90 -107.74
N GLU H 1258 22.97 -59.63 -107.88
CA GLU H 1258 21.83 -59.29 -108.74
C GLU H 1258 22.23 -58.35 -109.86
N VAL H 1259 21.60 -58.55 -111.01
CA VAL H 1259 21.80 -57.71 -112.19
C VAL H 1259 21.07 -56.41 -111.98
N MET H 1260 21.82 -55.32 -111.93
CA MET H 1260 21.25 -54.04 -111.53
C MET H 1260 20.67 -53.22 -112.66
N GLU H 1261 21.50 -52.88 -113.63
CA GLU H 1261 21.10 -52.03 -114.74
C GLU H 1261 19.73 -52.42 -115.27
N GLY H 1262 18.86 -51.42 -115.38
CA GLY H 1262 17.54 -51.61 -115.96
C GLY H 1262 16.46 -51.99 -114.97
N ARG H 1263 16.87 -52.60 -113.86
CA ARG H 1263 15.92 -53.05 -112.83
C ARG H 1263 14.76 -52.08 -112.63
N ASN H 1264 15.08 -50.80 -112.46
CA ASN H 1264 14.04 -49.78 -112.32
C ASN H 1264 13.11 -49.77 -113.53
N ASP H 1265 13.70 -49.53 -114.68
CA ASP H 1265 12.98 -49.43 -115.93
C ASP H 1265 12.21 -50.72 -116.20
N ARG H 1266 12.90 -51.84 -116.04
CA ARG H 1266 12.37 -53.18 -116.29
C ARG H 1266 11.09 -53.44 -115.52
N ILE H 1267 11.09 -53.01 -114.26
CA ILE H 1267 9.96 -53.21 -113.38
C ILE H 1267 8.85 -52.22 -113.69
N LYS H 1268 9.23 -50.99 -114.00
CA LYS H 1268 8.26 -49.97 -114.40
C LYS H 1268 7.47 -50.43 -115.62
N GLU H 1269 8.18 -51.00 -116.57
CA GLU H 1269 7.57 -51.58 -117.76
C GLU H 1269 6.47 -52.54 -117.33
N PHE H 1270 6.83 -53.50 -116.50
CA PHE H 1270 5.86 -54.43 -115.92
C PHE H 1270 4.57 -53.73 -115.49
N TYR H 1271 4.68 -52.84 -114.51
CA TYR H 1271 3.51 -52.14 -114.02
C TYR H 1271 2.70 -51.52 -115.16
N TYR H 1272 3.38 -50.80 -116.03
CA TYR H 1272 2.72 -50.12 -117.14
C TYR H 1272 1.83 -51.09 -117.90
N ARG H 1273 2.36 -52.27 -118.16
CA ARG H 1273 1.62 -53.29 -118.88
C ARG H 1273 0.44 -53.81 -118.05
N VAL H 1274 0.64 -53.83 -116.73
CA VAL H 1274 -0.37 -54.36 -115.82
C VAL H 1274 -1.46 -53.34 -115.50
N TRP H 1275 -1.21 -52.07 -115.80
CA TRP H 1275 -2.18 -51.02 -115.53
C TRP H 1275 -2.96 -50.57 -116.76
N PHE H 1276 -2.29 -50.44 -117.90
CA PHE H 1276 -2.93 -49.93 -119.11
C PHE H 1276 -2.82 -50.89 -120.29
N ALA H 1277 -2.07 -51.98 -120.10
CA ALA H 1277 -1.89 -53.01 -121.13
C ALA H 1277 -1.04 -52.56 -122.33
N GLU H 1278 -0.37 -51.41 -122.19
CA GLU H 1278 0.55 -50.94 -123.22
C GLU H 1278 1.97 -51.23 -122.77
N LYS H 1279 2.74 -51.99 -123.56
CA LYS H 1279 4.11 -52.34 -123.20
C LYS H 1279 5.09 -51.20 -123.43
N GLU H 1280 4.73 -50.28 -124.31
CA GLU H 1280 5.59 -49.15 -124.65
C GLU H 1280 5.33 -47.96 -123.72
N VAL H 1281 6.35 -47.65 -122.93
CA VAL H 1281 6.24 -46.78 -121.75
C VAL H 1281 7.05 -45.48 -121.88
N PRO H 1282 6.36 -44.33 -121.83
CA PRO H 1282 6.96 -43.01 -122.10
C PRO H 1282 8.07 -42.64 -121.13
N PHE H 1283 9.30 -43.02 -121.43
CA PHE H 1283 10.43 -42.76 -120.54
C PHE H 1283 10.96 -41.35 -120.64
N ASP H 1284 11.24 -40.92 -121.87
CA ASP H 1284 11.94 -39.67 -122.07
C ASP H 1284 11.04 -38.44 -121.92
N THR H 1285 9.75 -38.66 -121.73
CA THR H 1285 8.80 -37.56 -121.52
C THR H 1285 9.27 -36.70 -120.36
N PRO H 1286 9.38 -35.38 -120.58
CA PRO H 1286 9.82 -34.45 -119.52
C PRO H 1286 8.76 -34.25 -118.46
N LEU H 1287 9.17 -33.97 -117.24
CA LEU H 1287 8.25 -33.88 -116.11
C LEU H 1287 7.47 -32.57 -116.18
N THR H 1288 7.93 -31.69 -117.06
CA THR H 1288 7.26 -30.44 -117.35
C THR H 1288 6.00 -30.71 -118.15
N ALA H 1289 5.98 -31.85 -118.84
CA ALA H 1289 4.88 -32.23 -119.69
C ALA H 1289 3.54 -32.35 -118.96
N VAL H 1290 2.47 -32.12 -119.69
CA VAL H 1290 1.13 -32.38 -119.21
C VAL H 1290 0.75 -33.75 -119.73
N PHE H 1291 -0.04 -34.49 -118.96
CA PHE H 1291 -0.32 -35.88 -119.29
C PHE H 1291 -1.80 -36.07 -119.62
N ASP H 1292 -2.06 -36.78 -120.72
CA ASP H 1292 -3.42 -37.03 -121.15
C ASP H 1292 -3.89 -38.39 -120.62
N GLY H 1293 -5.05 -38.39 -119.95
CA GLY H 1293 -5.64 -39.62 -119.47
C GLY H 1293 -6.68 -40.09 -120.46
N GLY H 1294 -7.26 -39.13 -121.18
CA GLY H 1294 -8.17 -39.43 -122.27
C GLY H 1294 -9.60 -39.02 -121.97
N ARG H 1295 -10.45 -39.07 -122.98
CA ARG H 1295 -11.88 -38.86 -122.80
C ARG H 1295 -12.42 -40.01 -121.96
N GLU H 1296 -13.52 -39.79 -121.27
CA GLU H 1296 -14.13 -40.85 -120.49
C GLU H 1296 -15.60 -40.63 -120.16
N ILE H 1297 -16.40 -41.67 -120.38
CA ILE H 1297 -17.79 -41.62 -120.01
C ILE H 1297 -18.00 -42.50 -118.79
N VAL H 1298 -18.69 -41.94 -117.82
CA VAL H 1298 -18.98 -42.65 -116.58
C VAL H 1298 -20.07 -43.67 -116.82
N ASN H 1299 -19.71 -44.95 -116.81
CA ASN H 1299 -20.73 -45.97 -117.03
C ASN H 1299 -21.70 -46.08 -115.85
N ALA H 1300 -23.00 -45.96 -116.14
CA ALA H 1300 -24.05 -46.11 -115.13
C ALA H 1300 -23.79 -47.31 -114.22
N GLN H 1301 -23.27 -48.38 -114.82
CA GLN H 1301 -22.92 -49.59 -114.08
C GLN H 1301 -21.63 -49.42 -113.30
N ALA H 1302 -20.56 -49.05 -114.00
CA ALA H 1302 -19.23 -48.86 -113.38
C ALA H 1302 -19.32 -48.10 -112.06
N VAL H 1303 -20.26 -47.17 -111.98
CA VAL H 1303 -20.53 -46.43 -110.76
C VAL H 1303 -20.99 -47.36 -109.66
N ALA H 1304 -22.16 -47.97 -109.85
CA ALA H 1304 -22.72 -48.87 -108.86
C ALA H 1304 -21.74 -49.95 -108.42
N ASP H 1305 -20.83 -50.35 -109.32
CA ASP H 1305 -19.83 -51.37 -109.01
C ASP H 1305 -18.86 -50.86 -107.95
N PHE H 1306 -18.49 -49.58 -108.07
CA PHE H 1306 -17.57 -48.91 -107.16
C PHE H 1306 -18.19 -48.71 -105.78
N VAL H 1307 -19.37 -48.12 -105.77
CA VAL H 1307 -20.20 -47.98 -104.57
C VAL H 1307 -20.30 -49.29 -103.79
N HIS H 1308 -20.86 -50.33 -104.42
CA HIS H 1308 -21.09 -51.63 -103.78
C HIS H 1308 -19.79 -52.26 -103.28
N ALA H 1309 -18.67 -51.74 -103.76
CA ALA H 1309 -17.36 -52.28 -103.40
C ALA H 1309 -16.81 -51.59 -102.16
N VAL H 1310 -16.60 -50.28 -102.25
CA VAL H 1310 -16.01 -49.52 -101.15
C VAL H 1310 -16.91 -49.51 -99.92
N GLY H 1311 -18.22 -49.36 -100.13
CA GLY H 1311 -19.17 -49.50 -99.04
C GLY H 1311 -20.23 -48.43 -98.93
N ASN H 1312 -20.11 -47.37 -99.73
CA ASN H 1312 -21.07 -46.28 -99.65
C ASN H 1312 -22.48 -46.65 -100.15
N THR H 1313 -23.50 -46.08 -99.53
CA THR H 1313 -24.89 -46.41 -99.87
C THR H 1313 -25.85 -45.23 -99.79
N GLY H 1314 -25.55 -44.17 -100.53
CA GLY H 1314 -26.37 -42.97 -100.52
C GLY H 1314 -27.38 -42.95 -101.65
N GLU H 1315 -28.62 -42.57 -101.33
CA GLU H 1315 -29.70 -42.52 -102.32
C GLU H 1315 -29.41 -41.52 -103.46
N ALA H 1316 -28.24 -40.90 -103.42
CA ALA H 1316 -27.75 -40.10 -104.54
C ALA H 1316 -26.99 -41.01 -105.50
N PHE H 1317 -26.15 -41.86 -104.93
CA PHE H 1317 -25.43 -42.90 -105.68
C PHE H 1317 -26.33 -43.89 -106.42
N VAL H 1318 -27.60 -43.94 -106.04
CA VAL H 1318 -28.56 -44.83 -106.68
C VAL H 1318 -29.69 -44.00 -107.33
N ASP H 1319 -30.35 -44.59 -108.33
CA ASP H 1319 -31.32 -43.87 -109.17
C ASP H 1319 -32.49 -43.18 -108.46
N ARG H 1320 -33.07 -43.86 -107.47
CA ARG H 1320 -34.20 -43.31 -106.70
C ARG H 1320 -33.85 -41.97 -106.04
N GLY H 1321 -34.87 -41.32 -105.47
CA GLY H 1321 -34.70 -39.98 -104.94
C GLY H 1321 -34.59 -39.04 -106.12
N LYS H 1322 -34.54 -37.74 -105.84
CA LYS H 1322 -34.49 -36.79 -106.94
C LYS H 1322 -33.06 -36.51 -107.41
N ASP H 1323 -32.10 -37.26 -106.86
CA ASP H 1323 -30.69 -37.11 -107.21
C ASP H 1323 -30.01 -38.43 -107.58
N PHE H 1324 -29.30 -38.46 -108.71
CA PHE H 1324 -28.37 -39.55 -109.02
C PHE H 1324 -26.96 -39.03 -109.35
N PHE H 1325 -26.02 -39.32 -108.47
CA PHE H 1325 -24.68 -38.79 -108.57
C PHE H 1325 -23.61 -39.83 -108.34
N ALA H 1326 -22.43 -39.57 -108.88
CA ALA H 1326 -21.30 -40.45 -108.70
C ALA H 1326 -20.36 -39.89 -107.65
N PRO H 1327 -19.78 -40.78 -106.82
CA PRO H 1327 -18.75 -40.49 -105.83
C PRO H 1327 -17.66 -39.64 -106.46
N MET H 1328 -17.14 -38.66 -105.74
CA MET H 1328 -15.98 -37.93 -106.24
C MET H 1328 -14.74 -38.80 -106.12
N ASP H 1329 -14.88 -39.93 -105.41
CA ASP H 1329 -13.82 -40.93 -105.31
C ASP H 1329 -13.62 -41.58 -106.67
N PHE H 1330 -14.60 -41.40 -107.53
CA PHE H 1330 -14.58 -41.94 -108.88
C PHE H 1330 -13.57 -41.18 -109.72
N ALA H 1331 -13.22 -39.98 -109.29
CA ALA H 1331 -12.26 -39.19 -110.04
C ALA H 1331 -10.97 -39.98 -110.14
N ILE H 1332 -10.62 -40.68 -109.07
CA ILE H 1332 -9.39 -41.47 -109.05
C ILE H 1332 -9.52 -42.72 -109.90
N VAL H 1333 -10.75 -43.16 -110.12
CA VAL H 1333 -10.98 -44.30 -110.98
C VAL H 1333 -10.95 -43.86 -112.44
N VAL H 1334 -11.58 -42.72 -112.72
CA VAL H 1334 -11.61 -42.15 -114.06
C VAL H 1334 -10.23 -41.68 -114.48
N GLY H 1335 -9.64 -40.76 -113.73
CA GLY H 1335 -8.34 -40.24 -114.06
C GLY H 1335 -7.16 -41.10 -113.64
N TRP H 1336 -7.45 -42.35 -113.28
CA TRP H 1336 -6.43 -43.27 -112.81
C TRP H 1336 -5.25 -43.31 -113.76
N LYS H 1337 -5.52 -43.06 -115.04
CA LYS H 1337 -4.45 -42.96 -116.02
C LYS H 1337 -3.55 -41.78 -115.71
N ALA H 1338 -4.09 -40.58 -115.90
CA ALA H 1338 -3.30 -39.35 -115.78
C ALA H 1338 -2.61 -39.24 -114.42
N ILE H 1339 -3.24 -39.80 -113.40
CA ILE H 1339 -2.74 -39.66 -112.05
C ILE H 1339 -1.54 -40.59 -111.82
N THR H 1340 -1.42 -41.63 -112.63
CA THR H 1340 -0.40 -42.66 -112.43
C THR H 1340 0.80 -42.51 -113.37
N LYS H 1341 0.53 -42.29 -114.64
CA LYS H 1341 1.58 -42.30 -115.68
C LYS H 1341 2.79 -41.41 -115.42
N PRO H 1342 2.59 -40.26 -114.75
CA PRO H 1342 3.71 -39.34 -114.57
C PRO H 1342 4.78 -39.89 -113.64
N ILE H 1343 4.51 -41.01 -112.99
CA ILE H 1343 5.44 -41.61 -112.04
C ILE H 1343 6.64 -42.25 -112.74
N PHE H 1344 6.46 -42.53 -114.03
CA PHE H 1344 7.36 -43.42 -114.78
C PHE H 1344 8.63 -42.82 -115.40
N PRO H 1345 8.56 -41.59 -115.96
CA PRO H 1345 9.68 -40.90 -116.60
C PRO H 1345 11.08 -41.25 -116.12
N ARG H 1346 12.08 -40.99 -116.97
CA ARG H 1346 13.45 -41.42 -116.69
C ARG H 1346 14.07 -40.76 -115.48
N LYS H 1347 13.82 -39.47 -115.29
CA LYS H 1347 14.49 -38.71 -114.24
C LYS H 1347 13.89 -38.96 -112.85
N ILE H 1348 12.73 -39.62 -112.84
CA ILE H 1348 12.01 -39.92 -111.60
C ILE H 1348 12.19 -41.39 -111.23
N ASP H 1349 13.22 -42.03 -111.76
CA ASP H 1349 13.30 -43.49 -111.68
C ASP H 1349 13.55 -44.06 -110.28
N GLY H 1350 12.65 -44.95 -109.87
CA GLY H 1350 12.81 -45.72 -108.65
C GLY H 1350 12.06 -47.02 -108.76
N ASP H 1351 12.15 -47.85 -107.72
CA ASP H 1351 11.47 -49.13 -107.67
C ASP H 1351 9.96 -48.96 -107.58
N LEU H 1352 9.25 -49.17 -108.68
CA LEU H 1352 7.79 -49.02 -108.66
C LEU H 1352 7.11 -50.08 -107.80
N LEU H 1353 7.84 -51.16 -107.54
CA LEU H 1353 7.36 -52.23 -106.66
C LEU H 1353 7.26 -51.73 -105.21
N LYS H 1354 8.37 -51.18 -104.71
CA LYS H 1354 8.40 -50.54 -103.40
C LYS H 1354 7.81 -49.14 -103.47
N LEU H 1355 6.66 -48.99 -104.11
CA LEU H 1355 5.99 -47.70 -104.11
C LEU H 1355 4.81 -47.84 -103.19
N VAL H 1356 4.34 -46.71 -102.68
CA VAL H 1356 3.14 -46.68 -101.86
C VAL H 1356 2.33 -45.42 -102.14
N HIS H 1357 1.01 -45.56 -102.09
CA HIS H 1357 0.16 -44.38 -102.21
C HIS H 1357 0.18 -43.62 -100.89
N LEU H 1358 0.60 -42.36 -100.96
CA LEU H 1358 0.95 -41.61 -99.77
C LEU H 1358 -0.12 -40.62 -99.29
N SER H 1359 -0.61 -39.78 -100.20
CA SER H 1359 -1.65 -38.82 -99.88
C SER H 1359 -2.58 -38.69 -101.06
N ASN H 1360 -3.80 -38.25 -100.81
CA ASN H 1360 -4.73 -38.02 -101.90
C ASN H 1360 -5.83 -37.02 -101.54
N GLY H 1361 -5.92 -35.95 -102.31
CA GLY H 1361 -6.96 -34.96 -102.08
C GLY H 1361 -7.77 -34.70 -103.33
N TYR H 1362 -9.08 -34.62 -103.14
CA TYR H 1362 -9.99 -34.13 -104.17
C TYR H 1362 -10.43 -32.72 -103.75
N ARG H 1363 -10.83 -31.90 -104.71
CA ARG H 1363 -11.27 -30.56 -104.39
C ARG H 1363 -12.11 -30.00 -105.53
N MET H 1364 -13.39 -29.79 -105.26
CA MET H 1364 -14.32 -29.48 -106.33
C MET H 1364 -14.46 -28.00 -106.61
N VAL H 1365 -14.19 -27.63 -107.86
CA VAL H 1365 -14.28 -26.25 -108.32
C VAL H 1365 -15.59 -25.58 -107.92
N PRO H 1366 -15.49 -24.33 -107.46
CA PRO H 1366 -16.62 -23.52 -106.98
C PRO H 1366 -17.84 -23.57 -107.92
N GLY H 1367 -18.97 -24.01 -107.41
CA GLY H 1367 -20.22 -23.99 -108.17
C GLY H 1367 -20.49 -25.19 -109.06
N ALA H 1368 -19.45 -25.98 -109.33
CA ALA H 1368 -19.56 -27.13 -110.26
C ALA H 1368 -20.26 -28.35 -109.66
N GLU H 1369 -21.40 -28.71 -110.24
CA GLU H 1369 -22.17 -29.87 -109.78
C GLU H 1369 -21.33 -31.14 -109.85
N PRO H 1370 -21.62 -32.11 -108.96
CA PRO H 1370 -20.81 -33.33 -108.85
C PRO H 1370 -20.87 -34.18 -110.10
N LEU H 1371 -20.18 -35.32 -110.06
CA LEU H 1371 -20.14 -36.21 -111.20
C LEU H 1371 -21.48 -36.94 -111.37
N LYS H 1372 -22.05 -36.85 -112.57
CA LYS H 1372 -23.24 -37.62 -112.94
C LYS H 1372 -22.83 -38.72 -113.92
N VAL H 1373 -23.73 -39.64 -114.24
CA VAL H 1373 -23.35 -40.79 -115.06
C VAL H 1373 -23.13 -40.50 -116.56
N GLY H 1374 -24.05 -39.75 -117.17
CA GLY H 1374 -23.92 -39.43 -118.59
C GLY H 1374 -22.82 -38.43 -118.89
N ASP H 1375 -21.77 -38.44 -118.07
CA ASP H 1375 -20.73 -37.44 -118.16
C ASP H 1375 -19.55 -37.88 -119.04
N VAL H 1376 -18.91 -36.89 -119.65
CA VAL H 1376 -17.71 -37.10 -120.43
C VAL H 1376 -16.57 -36.25 -119.86
N LEU H 1377 -15.52 -36.90 -119.38
CA LEU H 1377 -14.52 -36.25 -118.56
C LEU H 1377 -13.13 -36.36 -119.17
N ASP H 1378 -12.47 -35.22 -119.34
CA ASP H 1378 -11.13 -35.19 -119.90
C ASP H 1378 -10.05 -35.04 -118.82
N THR H 1379 -9.23 -36.08 -118.69
CA THR H 1379 -8.29 -36.23 -117.59
C THR H 1379 -6.89 -35.67 -117.85
N THR H 1380 -6.61 -34.50 -117.29
CA THR H 1380 -5.34 -33.82 -117.49
C THR H 1380 -4.52 -33.86 -116.21
N ALA H 1381 -3.22 -34.05 -116.32
CA ALA H 1381 -2.37 -34.07 -115.12
C ALA H 1381 -0.99 -33.49 -115.37
N GLN H 1382 -0.34 -33.03 -114.30
CA GLN H 1382 1.06 -32.58 -114.38
C GLN H 1382 1.75 -32.76 -113.04
N ILE H 1383 3.08 -32.82 -113.06
CA ILE H 1383 3.85 -33.13 -111.87
C ILE H 1383 4.21 -31.90 -111.03
N ASN H 1384 3.42 -31.65 -109.99
CA ASN H 1384 3.58 -30.46 -109.15
C ASN H 1384 4.82 -30.42 -108.28
N ALA H 1385 5.44 -31.59 -108.06
CA ALA H 1385 6.68 -31.66 -107.29
C ALA H 1385 7.14 -33.09 -107.12
N VAL H 1386 8.44 -33.28 -107.20
CA VAL H 1386 9.03 -34.56 -106.91
C VAL H 1386 10.23 -34.29 -106.04
N ILE H 1387 10.11 -34.61 -104.77
CA ILE H 1387 11.17 -34.37 -103.79
C ILE H 1387 11.46 -35.62 -102.99
N ASN H 1388 12.73 -35.82 -102.66
CA ASN H 1388 13.13 -37.04 -101.97
C ASN H 1388 13.29 -36.84 -100.48
N GLN H 1389 12.21 -37.14 -99.76
CA GLN H 1389 12.21 -37.13 -98.31
C GLN H 1389 13.08 -38.27 -97.81
N ASP H 1390 13.06 -38.51 -96.51
CA ASP H 1390 13.88 -39.57 -95.94
C ASP H 1390 13.25 -40.93 -96.18
N SER H 1391 11.95 -41.04 -95.89
CA SER H 1391 11.24 -42.30 -96.08
C SER H 1391 11.49 -42.91 -97.46
N GLY H 1392 11.48 -42.08 -98.49
CA GLY H 1392 11.74 -42.54 -99.84
C GLY H 1392 11.89 -41.36 -100.79
N LYS H 1393 11.32 -41.48 -101.97
CA LYS H 1393 11.23 -40.36 -102.90
C LYS H 1393 9.78 -40.16 -103.20
N MET H 1394 9.36 -38.91 -103.30
CA MET H 1394 7.94 -38.64 -103.43
C MET H 1394 7.60 -37.82 -104.68
N VAL H 1395 6.41 -38.08 -105.21
CA VAL H 1395 5.91 -37.44 -106.41
C VAL H 1395 4.55 -36.84 -106.16
N GLU H 1396 4.37 -35.57 -106.49
CA GLU H 1396 3.08 -34.95 -106.35
C GLU H 1396 2.42 -34.80 -107.72
N VAL H 1397 1.25 -35.42 -107.87
CA VAL H 1397 0.49 -35.41 -109.10
C VAL H 1397 -0.75 -34.50 -108.97
N CYS H 1398 -0.84 -33.47 -109.79
CA CYS H 1398 -2.08 -32.67 -109.79
C CYS H 1398 -2.92 -32.97 -111.01
N GLY H 1399 -4.08 -33.56 -110.77
CA GLY H 1399 -4.99 -33.88 -111.84
C GLY H 1399 -6.10 -32.87 -111.92
N THR H 1400 -6.60 -32.65 -113.13
CA THR H 1400 -7.79 -31.86 -113.34
C THR H 1400 -8.79 -32.63 -114.20
N LEU H 1401 -9.95 -32.89 -113.64
CA LEU H 1401 -11.02 -33.52 -114.42
C LEU H 1401 -11.93 -32.46 -115.02
N LYS H 1402 -11.86 -32.32 -116.34
CA LYS H 1402 -12.70 -31.37 -117.04
C LYS H 1402 -13.92 -32.02 -117.67
N ARG H 1403 -14.97 -31.25 -117.84
CA ARG H 1403 -16.22 -31.73 -118.41
C ARG H 1403 -16.86 -30.57 -119.14
N ASP H 1404 -17.15 -30.78 -120.42
CA ASP H 1404 -17.70 -29.72 -121.26
C ASP H 1404 -16.74 -28.53 -121.33
N GLY H 1405 -15.45 -28.83 -121.43
CA GLY H 1405 -14.41 -27.83 -121.57
C GLY H 1405 -14.04 -27.13 -120.28
N LYS H 1406 -14.85 -27.35 -119.24
CA LYS H 1406 -14.66 -26.65 -117.98
C LYS H 1406 -14.22 -27.60 -116.87
N PRO H 1407 -13.17 -27.20 -116.15
CA PRO H 1407 -12.61 -27.95 -115.03
C PRO H 1407 -13.63 -28.15 -113.93
N VAL H 1408 -13.78 -29.37 -113.43
CA VAL H 1408 -14.77 -29.66 -112.41
C VAL H 1408 -14.19 -29.95 -111.02
N MET H 1409 -13.08 -30.67 -110.98
CA MET H 1409 -12.46 -31.00 -109.69
C MET H 1409 -11.02 -31.44 -109.87
N TYR H 1410 -10.13 -30.92 -109.04
CA TYR H 1410 -8.72 -31.28 -109.12
C TYR H 1410 -8.35 -32.37 -108.13
N VAL H 1411 -7.90 -33.51 -108.65
CA VAL H 1411 -7.45 -34.59 -107.81
C VAL H 1411 -5.93 -34.57 -107.70
N THR H 1412 -5.45 -34.05 -106.58
CA THR H 1412 -4.03 -34.10 -106.25
C THR H 1412 -3.72 -35.41 -105.56
N SER H 1413 -2.45 -35.81 -105.58
CA SER H 1413 -2.07 -37.12 -105.08
C SER H 1413 -0.56 -37.22 -104.90
N GLN H 1414 -0.13 -37.95 -103.88
CA GLN H 1414 1.29 -38.15 -103.60
C GLN H 1414 1.65 -39.63 -103.58
N PHE H 1415 2.78 -39.98 -104.19
CA PHE H 1415 3.21 -41.36 -104.21
C PHE H 1415 4.60 -41.45 -103.59
N LEU H 1416 4.94 -42.63 -103.06
CA LEU H 1416 6.23 -42.80 -102.41
C LEU H 1416 7.05 -43.98 -102.91
N TYR H 1417 8.01 -43.68 -103.76
CA TYR H 1417 9.08 -44.60 -104.13
C TYR H 1417 9.99 -44.74 -102.91
N ARG H 1418 9.64 -45.60 -101.96
CA ARG H 1418 10.38 -45.64 -100.71
C ARG H 1418 11.79 -46.21 -100.84
N GLY H 1419 12.73 -45.60 -100.11
CA GLY H 1419 14.13 -45.99 -100.15
C GLY H 1419 15.05 -44.79 -99.99
N VAL H 1420 16.33 -44.97 -100.28
CA VAL H 1420 17.34 -43.91 -100.14
C VAL H 1420 17.69 -43.29 -101.51
N TYR H 1421 17.52 -41.98 -101.65
CA TYR H 1421 17.75 -41.33 -102.94
C TYR H 1421 18.61 -40.08 -102.88
N THR H 1422 19.47 -39.90 -103.88
CA THR H 1422 20.28 -38.69 -103.95
C THR H 1422 20.27 -38.09 -105.36
N ASP H 1423 19.18 -38.33 -106.09
CA ASP H 1423 19.06 -37.78 -107.43
C ASP H 1423 18.52 -36.36 -107.39
N TYR H 1424 19.13 -35.53 -106.55
CA TYR H 1424 18.66 -34.19 -106.31
C TYR H 1424 18.67 -33.33 -107.58
N GLU H 1425 19.32 -33.83 -108.64
CA GLU H 1425 19.36 -33.15 -109.93
C GLU H 1425 17.97 -32.89 -110.53
N ASN H 1426 16.99 -33.68 -110.08
CA ASN H 1426 15.67 -33.62 -110.69
C ASN H 1426 14.57 -33.40 -109.67
N THR H 1427 14.94 -33.00 -108.46
CA THR H 1427 13.95 -32.75 -107.43
C THR H 1427 13.52 -31.28 -107.52
N PHE H 1428 12.24 -31.01 -107.28
CA PHE H 1428 11.70 -29.68 -107.45
C PHE H 1428 10.30 -29.55 -106.86
N GLN H 1429 9.80 -28.32 -106.79
CA GLN H 1429 8.44 -28.09 -106.32
C GLN H 1429 7.82 -26.76 -106.76
N ARG H 1430 6.56 -26.81 -107.19
CA ARG H 1430 5.77 -25.61 -107.47
C ARG H 1430 4.72 -25.44 -106.39
N LYS H 1431 5.01 -24.60 -105.40
CA LYS H 1431 4.01 -24.27 -104.39
C LYS H 1431 3.26 -22.99 -104.77
N ASP H 1432 2.02 -22.89 -104.32
CA ASP H 1432 1.31 -21.64 -104.43
C ASP H 1432 1.41 -20.96 -103.08
N GLU H 1433 2.19 -19.89 -103.03
CA GLU H 1433 2.44 -19.20 -101.78
C GLU H 1433 1.16 -18.65 -101.15
N VAL H 1434 1.09 -18.68 -99.83
CA VAL H 1434 -0.08 -18.26 -99.10
C VAL H 1434 -0.43 -16.82 -99.43
N PRO H 1435 -1.69 -16.58 -99.80
CA PRO H 1435 -2.11 -15.20 -100.04
C PRO H 1435 -1.78 -14.37 -98.81
N MET H 1436 -1.14 -13.23 -99.00
CA MET H 1436 -0.78 -12.40 -97.86
C MET H 1436 -1.11 -10.91 -98.06
N GLN H 1437 -1.29 -10.22 -96.95
CA GLN H 1437 -1.85 -8.87 -96.93
C GLN H 1437 -0.88 -7.89 -96.29
N LEU H 1438 -0.24 -7.06 -97.12
CA LEU H 1438 0.77 -6.13 -96.61
C LEU H 1438 0.20 -4.74 -96.53
N HIS H 1439 0.31 -4.12 -95.36
CA HIS H 1439 -0.25 -2.79 -95.15
C HIS H 1439 0.82 -1.71 -95.12
N ILE H 1440 0.92 -0.93 -96.19
CA ILE H 1440 1.79 0.23 -96.22
C ILE H 1440 1.14 1.33 -95.39
N ALA H 1441 1.91 1.97 -94.52
CA ALA H 1441 1.35 2.95 -93.61
C ALA H 1441 2.22 4.19 -93.45
N THR H 1442 3.51 4.05 -93.76
CA THR H 1442 4.45 5.14 -93.63
C THR H 1442 5.25 5.23 -94.90
N PRO H 1443 5.71 6.44 -95.25
CA PRO H 1443 6.66 6.53 -96.36
C PRO H 1443 7.85 5.60 -96.13
N GLN H 1444 8.13 5.28 -94.86
CA GLN H 1444 9.17 4.32 -94.54
C GLN H 1444 8.82 2.93 -95.06
N ASP H 1445 7.58 2.51 -94.82
CA ASP H 1445 7.10 1.20 -95.27
C ASP H 1445 7.15 1.08 -96.79
N LEU H 1446 6.48 2.02 -97.45
CA LEU H 1446 6.43 2.11 -98.91
C LEU H 1446 7.82 2.16 -99.51
N ALA H 1447 8.68 3.00 -98.94
CA ALA H 1447 10.05 3.17 -99.44
C ALA H 1447 10.84 1.87 -99.43
N VAL H 1448 10.51 0.97 -98.50
CA VAL H 1448 11.15 -0.34 -98.46
C VAL H 1448 10.52 -1.29 -99.47
N LEU H 1449 9.19 -1.24 -99.58
CA LEU H 1449 8.47 -2.11 -100.50
C LEU H 1449 8.81 -1.78 -101.95
N ARG H 1450 9.33 -0.57 -102.17
CA ARG H 1450 9.80 -0.15 -103.47
C ARG H 1450 11.29 -0.45 -103.60
N SER H 1451 12.01 -0.31 -102.50
CA SER H 1451 13.46 -0.50 -102.49
C SER H 1451 13.84 -1.93 -102.82
N LYS H 1452 12.88 -2.84 -102.77
CA LYS H 1452 13.15 -4.25 -103.03
C LYS H 1452 13.41 -4.48 -104.52
N GLU H 1453 14.35 -5.38 -104.81
CA GLU H 1453 14.74 -5.72 -106.17
C GLU H 1453 13.59 -6.43 -106.89
N TRP H 1454 12.93 -7.32 -106.17
CA TRP H 1454 11.90 -8.17 -106.74
C TRP H 1454 10.56 -7.46 -106.90
N PHE H 1455 10.47 -6.22 -106.42
CA PHE H 1455 9.22 -5.47 -106.51
C PHE H 1455 9.18 -4.56 -107.72
N LYS H 1456 8.27 -4.89 -108.65
CA LYS H 1456 8.19 -4.20 -109.92
C LYS H 1456 6.85 -3.53 -110.13
N LEU H 1457 6.83 -2.23 -109.84
CA LEU H 1457 5.61 -1.41 -109.89
C LEU H 1457 5.18 -1.18 -111.35
N ASP H 1458 3.88 -1.06 -111.56
CA ASP H 1458 3.31 -1.01 -112.89
C ASP H 1458 2.88 0.40 -113.34
N ASP H 1459 2.72 0.55 -114.65
CA ASP H 1459 2.39 1.83 -115.26
C ASP H 1459 0.89 1.96 -115.44
N GLN H 1460 0.14 1.35 -114.53
CA GLN H 1460 -1.30 1.51 -114.46
C GLN H 1460 -1.57 2.96 -114.04
N HIS H 1461 -2.00 3.14 -112.79
CA HIS H 1461 -2.14 4.48 -112.26
C HIS H 1461 -1.13 4.70 -111.13
N ASP H 1462 -0.81 5.95 -110.86
CA ASP H 1462 0.09 6.31 -109.79
C ASP H 1462 -0.69 6.50 -108.51
N ILE H 1463 -1.56 5.54 -108.19
CA ILE H 1463 -2.31 5.62 -106.95
C ILE H 1463 -1.34 5.50 -105.80
N GLU H 1464 -1.29 6.53 -104.95
CA GLU H 1464 -0.43 6.51 -103.77
C GLU H 1464 -0.69 5.21 -103.04
N LEU H 1465 0.36 4.40 -102.95
CA LEU H 1465 0.25 3.13 -102.28
C LEU H 1465 0.31 3.37 -100.78
N LEU H 1466 0.42 4.64 -100.41
CA LEU H 1466 0.65 5.03 -99.03
C LEU H 1466 -0.42 4.48 -98.09
N GLY H 1467 -1.63 5.02 -98.19
CA GLY H 1467 -2.71 4.67 -97.28
C GLY H 1467 -3.17 3.22 -97.34
N GLN H 1468 -3.29 2.68 -98.56
CA GLN H 1468 -3.92 1.38 -98.77
C GLN H 1468 -3.01 0.22 -98.42
N THR H 1469 -3.59 -0.97 -98.46
CA THR H 1469 -2.84 -2.20 -98.24
C THR H 1469 -2.83 -3.01 -99.52
N LEU H 1470 -1.87 -3.92 -99.62
CA LEU H 1470 -1.67 -4.68 -100.85
C LEU H 1470 -1.86 -6.16 -100.62
N VAL H 1471 -2.31 -6.86 -101.66
CA VAL H 1471 -2.44 -8.30 -101.63
C VAL H 1471 -1.31 -8.94 -102.43
N PHE H 1472 -0.64 -9.92 -101.85
CA PHE H 1472 0.42 -10.61 -102.56
C PHE H 1472 0.04 -12.07 -102.76
N ARG H 1473 -0.48 -12.38 -103.94
CA ARG H 1473 -0.72 -13.76 -104.30
C ARG H 1473 0.42 -14.24 -105.18
N LEU H 1474 1.30 -15.05 -104.62
CA LEU H 1474 2.49 -15.45 -105.33
C LEU H 1474 2.49 -16.94 -105.68
N GLN H 1475 3.27 -17.28 -106.69
CA GLN H 1475 3.59 -18.65 -107.00
C GLN H 1475 5.10 -18.78 -106.94
N SER H 1476 5.59 -19.99 -106.76
CA SER H 1476 7.03 -20.16 -106.76
C SER H 1476 7.47 -21.57 -107.13
N LEU H 1477 8.68 -21.65 -107.65
CA LEU H 1477 9.30 -22.92 -108.00
C LEU H 1477 10.66 -23.01 -107.34
N VAL H 1478 10.87 -24.12 -106.64
CA VAL H 1478 12.14 -24.33 -105.97
C VAL H 1478 12.72 -25.65 -106.46
N ARG H 1479 14.03 -25.66 -106.66
CA ARG H 1479 14.76 -26.90 -106.97
C ARG H 1479 15.70 -27.22 -105.82
N PHE H 1480 15.64 -28.46 -105.33
CA PHE H 1480 16.43 -28.89 -104.17
C PHE H 1480 17.83 -29.32 -104.57
N LYS H 1481 18.74 -29.32 -103.61
CA LYS H 1481 20.04 -29.94 -103.82
C LYS H 1481 20.40 -30.78 -102.60
N ASN H 1482 20.54 -30.14 -101.45
CA ASN H 1482 20.50 -30.86 -100.20
C ASN H 1482 19.06 -30.75 -99.72
N LYS H 1483 18.57 -31.76 -99.01
CA LYS H 1483 17.20 -31.66 -98.47
C LYS H 1483 17.05 -30.37 -97.63
N ASN H 1484 18.19 -29.79 -97.28
CA ASN H 1484 18.25 -28.57 -96.47
C ASN H 1484 18.42 -27.29 -97.28
N VAL H 1485 19.09 -27.38 -98.42
CA VAL H 1485 19.44 -26.18 -99.19
C VAL H 1485 18.94 -26.16 -100.64
N TYR H 1486 18.03 -25.23 -100.93
CA TYR H 1486 17.48 -25.09 -102.28
C TYR H 1486 18.60 -24.73 -103.26
N SER H 1487 18.72 -25.52 -104.32
CA SER H 1487 19.70 -25.25 -105.36
C SER H 1487 19.34 -23.99 -106.15
N SER H 1488 18.05 -23.69 -106.22
CA SER H 1488 17.58 -22.51 -106.95
C SER H 1488 16.07 -22.27 -106.79
N VAL H 1489 15.71 -21.01 -106.60
CA VAL H 1489 14.32 -20.66 -106.28
C VAL H 1489 13.82 -19.45 -107.07
N GLN H 1490 12.59 -19.55 -107.55
CA GLN H 1490 11.98 -18.48 -108.33
C GLN H 1490 10.58 -18.16 -107.82
N THR H 1491 10.31 -16.89 -107.57
CA THR H 1491 8.98 -16.48 -107.14
C THR H 1491 8.38 -15.42 -108.05
N ILE H 1492 7.24 -15.76 -108.63
CA ILE H 1492 6.47 -14.84 -109.44
C ILE H 1492 5.11 -14.65 -108.78
N GLY H 1493 4.60 -13.41 -108.83
CA GLY H 1493 3.29 -13.15 -108.25
C GLY H 1493 2.65 -11.86 -108.73
N GLN H 1494 1.49 -11.57 -108.18
CA GLN H 1494 0.74 -10.39 -108.56
C GLN H 1494 0.41 -9.57 -107.33
N VAL H 1495 0.82 -8.30 -107.35
CA VAL H 1495 0.47 -7.37 -106.28
C VAL H 1495 -0.86 -6.67 -106.58
N LEU H 1496 -1.85 -6.93 -105.75
CA LEU H 1496 -3.19 -6.37 -105.96
C LEU H 1496 -3.52 -5.25 -105.01
N LEU H 1497 -4.38 -4.35 -105.46
CA LEU H 1497 -4.93 -3.33 -104.60
C LEU H 1497 -6.43 -3.24 -104.84
N GLU H 1498 -7.21 -3.14 -103.76
CA GLU H 1498 -8.64 -2.93 -103.91
C GLU H 1498 -8.96 -1.45 -103.76
N LEU H 1499 -9.65 -0.90 -104.77
CA LEU H 1499 -10.09 0.49 -104.76
C LEU H 1499 -11.25 0.70 -103.79
N PRO H 1500 -11.51 1.96 -103.40
CA PRO H 1500 -12.69 2.25 -102.59
C PRO H 1500 -13.95 1.73 -103.28
N THR H 1501 -13.86 1.63 -104.61
CA THR H 1501 -15.01 1.24 -105.42
C THR H 1501 -15.15 -0.28 -105.49
N LYS H 1502 -14.19 -0.98 -104.88
CA LYS H 1502 -14.12 -2.45 -104.90
C LYS H 1502 -13.44 -3.00 -106.16
N GLU H 1503 -12.64 -2.15 -106.79
CA GLU H 1503 -11.88 -2.54 -107.97
C GLU H 1503 -10.63 -3.30 -107.58
N ILE H 1504 -10.23 -4.26 -108.39
CA ILE H 1504 -9.00 -4.99 -108.13
C ILE H 1504 -7.99 -4.76 -109.25
N ILE H 1505 -6.88 -4.13 -108.92
CA ILE H 1505 -5.88 -3.76 -109.92
C ILE H 1505 -4.56 -4.45 -109.63
N GLN H 1506 -3.82 -4.75 -110.68
CA GLN H 1506 -2.46 -5.26 -110.51
C GLN H 1506 -1.51 -4.10 -110.46
N VAL H 1507 -1.36 -3.52 -109.28
CA VAL H 1507 -0.54 -2.33 -109.09
C VAL H 1507 0.92 -2.63 -109.36
N ALA H 1508 1.29 -3.90 -109.25
CA ALA H 1508 2.66 -4.35 -109.53
C ALA H 1508 2.69 -5.87 -109.59
N SER H 1509 3.90 -6.42 -109.68
CA SER H 1509 4.03 -7.87 -109.65
C SER H 1509 5.33 -8.21 -108.97
N VAL H 1510 5.57 -9.51 -108.77
CA VAL H 1510 6.78 -9.96 -108.07
C VAL H 1510 7.65 -10.91 -108.91
N ASP H 1511 8.92 -10.58 -109.04
CA ASP H 1511 9.88 -11.43 -109.75
C ASP H 1511 11.19 -11.52 -109.01
N TYR H 1512 11.47 -12.69 -108.47
CA TYR H 1512 12.71 -12.93 -107.76
C TYR H 1512 13.21 -14.33 -108.06
N GLU H 1513 14.52 -14.47 -108.21
CA GLU H 1513 15.11 -15.78 -108.42
C GLU H 1513 16.57 -15.80 -107.98
N ALA H 1514 16.95 -16.90 -107.35
CA ALA H 1514 18.31 -17.07 -106.86
C ALA H 1514 18.62 -18.55 -106.66
N GLY H 1515 19.89 -18.90 -106.63
CA GLY H 1515 20.29 -20.28 -106.44
C GLY H 1515 21.10 -20.43 -105.17
N GLU H 1516 21.10 -21.64 -104.63
CA GLU H 1516 21.80 -21.90 -103.38
C GLU H 1516 21.21 -21.03 -102.27
N SER H 1517 19.93 -21.22 -102.01
CA SER H 1517 19.21 -20.41 -101.04
C SER H 1517 18.79 -21.29 -99.86
N HIS H 1518 18.74 -20.72 -98.66
CA HIS H 1518 18.30 -21.45 -97.48
C HIS H 1518 16.87 -21.12 -97.08
N GLY H 1519 16.32 -20.07 -97.68
CA GLY H 1519 14.95 -19.67 -97.45
C GLY H 1519 14.44 -18.76 -98.54
N ASN H 1520 13.18 -18.39 -98.45
CA ASN H 1520 12.54 -17.55 -99.45
C ASN H 1520 12.41 -16.10 -98.97
N PRO H 1521 13.40 -15.25 -99.34
CA PRO H 1521 13.52 -13.86 -98.88
C PRO H 1521 12.27 -13.00 -99.18
N VAL H 1522 11.52 -13.37 -100.21
CA VAL H 1522 10.32 -12.64 -100.57
C VAL H 1522 9.19 -12.95 -99.60
N ILE H 1523 8.95 -14.23 -99.38
CA ILE H 1523 7.93 -14.68 -98.45
C ILE H 1523 8.23 -14.15 -97.06
N ASP H 1524 9.50 -14.24 -96.67
CA ASP H 1524 9.94 -13.78 -95.37
C ASP H 1524 9.57 -12.33 -95.14
N TYR H 1525 9.97 -11.44 -96.05
CA TYR H 1525 9.62 -10.03 -95.95
C TYR H 1525 8.12 -9.87 -95.70
N LEU H 1526 7.34 -10.63 -96.46
CA LEU H 1526 5.89 -10.58 -96.33
C LEU H 1526 5.41 -11.09 -94.99
N GLN H 1527 6.01 -12.17 -94.50
CA GLN H 1527 5.57 -12.79 -93.25
C GLN H 1527 5.63 -11.85 -92.06
N ARG H 1528 6.59 -10.93 -92.06
CA ARG H 1528 6.71 -9.96 -90.97
C ARG H 1528 5.87 -8.70 -91.17
N HIS H 1529 6.18 -7.94 -92.23
CA HIS H 1529 5.52 -6.66 -92.47
C HIS H 1529 4.05 -6.78 -92.85
N GLY H 1530 3.60 -8.02 -93.06
CA GLY H 1530 2.22 -8.27 -93.41
C GLY H 1530 1.68 -9.53 -92.75
N SER H 1531 0.45 -9.90 -93.09
CA SER H 1531 -0.20 -11.06 -92.52
C SER H 1531 -0.87 -11.92 -93.60
N SER H 1532 -1.07 -13.20 -93.32
CA SER H 1532 -1.79 -14.06 -94.25
C SER H 1532 -3.26 -13.61 -94.35
N ILE H 1533 -4.03 -14.29 -95.19
CA ILE H 1533 -5.43 -13.93 -95.37
C ILE H 1533 -6.21 -15.11 -95.95
N GLU H 1534 -7.54 -15.00 -95.92
CA GLU H 1534 -8.41 -16.04 -96.44
C GLU H 1534 -8.10 -17.38 -95.78
N GLN H 1535 -7.75 -17.33 -94.51
CA GLN H 1535 -7.34 -18.51 -93.79
C GLN H 1535 -8.46 -19.14 -93.00
N PRO H 1536 -8.23 -20.37 -92.50
CA PRO H 1536 -9.21 -21.05 -91.66
C PRO H 1536 -9.43 -20.33 -90.34
N VAL H 1537 -10.56 -20.62 -89.71
CA VAL H 1537 -10.87 -20.06 -88.41
C VAL H 1537 -11.38 -21.18 -87.50
N ASN H 1538 -10.47 -21.74 -86.70
CA ASN H 1538 -10.80 -22.84 -85.81
C ASN H 1538 -11.32 -22.32 -84.49
N PHE H 1539 -11.97 -23.20 -83.72
CA PHE H 1539 -12.51 -22.80 -82.43
C PHE H 1539 -11.60 -23.26 -81.30
N GLU H 1540 -11.83 -22.73 -80.09
CA GLU H 1540 -11.17 -23.24 -78.90
C GLU H 1540 -11.67 -24.65 -78.65
N ASN H 1541 -12.97 -24.84 -78.89
CA ASN H 1541 -13.64 -26.09 -78.60
C ASN H 1541 -14.06 -26.88 -79.84
N PRO H 1542 -13.23 -27.84 -80.25
CA PRO H 1542 -13.52 -28.75 -81.36
C PRO H 1542 -14.77 -29.54 -81.06
N ILE H 1543 -15.79 -29.35 -81.87
CA ILE H 1543 -17.10 -29.98 -81.69
C ILE H 1543 -17.10 -31.43 -82.18
N PRO H 1544 -17.21 -32.39 -81.25
CA PRO H 1544 -17.30 -33.80 -81.65
C PRO H 1544 -18.53 -34.02 -82.51
N LEU H 1545 -18.42 -34.81 -83.57
CA LEU H 1545 -19.50 -34.97 -84.55
C LEU H 1545 -20.22 -36.29 -84.35
N SER H 1546 -19.46 -37.38 -84.32
CA SER H 1546 -20.08 -38.67 -84.13
C SER H 1546 -20.29 -38.95 -82.65
N GLY H 1547 -19.42 -38.37 -81.83
CA GLY H 1547 -19.47 -38.59 -80.40
C GLY H 1547 -18.43 -39.61 -80.00
N LYS H 1548 -18.55 -40.09 -78.77
CA LYS H 1548 -17.61 -41.07 -78.24
C LYS H 1548 -18.00 -42.49 -78.65
N THR H 1549 -19.17 -42.61 -79.28
CA THR H 1549 -19.58 -43.85 -79.93
C THR H 1549 -18.81 -44.00 -81.25
N PRO H 1550 -17.61 -44.61 -81.20
CA PRO H 1550 -16.64 -44.53 -82.30
C PRO H 1550 -17.14 -45.22 -83.56
N LEU H 1551 -16.93 -44.56 -84.69
CA LEU H 1551 -17.28 -45.15 -85.97
C LEU H 1551 -16.33 -46.29 -86.26
N GLU H 1552 -16.89 -47.43 -86.68
CA GLU H 1552 -16.09 -48.63 -86.91
C GLU H 1552 -16.16 -49.13 -88.36
N LEU H 1553 -15.00 -49.43 -88.93
CA LEU H 1553 -14.87 -49.92 -90.28
C LEU H 1553 -14.06 -51.21 -90.29
N ARG H 1554 -14.16 -51.98 -91.37
CA ARG H 1554 -13.33 -53.17 -91.56
C ARG H 1554 -12.81 -53.35 -92.97
N ALA H 1555 -11.48 -53.48 -93.06
CA ALA H 1555 -10.83 -53.81 -94.32
C ALA H 1555 -11.38 -55.16 -94.72
N PRO H 1556 -11.95 -55.24 -95.92
CA PRO H 1556 -12.60 -56.50 -96.30
C PRO H 1556 -11.55 -57.59 -96.50
N ALA H 1557 -12.03 -58.78 -96.82
CA ALA H 1557 -11.16 -59.95 -96.89
C ALA H 1557 -10.27 -59.95 -98.13
N SER H 1558 -10.87 -59.82 -99.31
CA SER H 1558 -10.11 -59.87 -100.56
C SER H 1558 -10.05 -58.51 -101.24
N ASN H 1559 -8.82 -58.02 -101.42
CA ASN H 1559 -8.59 -56.74 -102.08
C ASN H 1559 -9.04 -56.71 -103.53
N GLU H 1560 -9.08 -57.88 -104.16
CA GLU H 1560 -9.53 -58.03 -105.54
C GLU H 1560 -10.78 -57.20 -105.85
N ASN H 1561 -11.81 -57.33 -105.02
CA ASN H 1561 -13.05 -56.58 -105.15
C ASN H 1561 -12.82 -55.13 -105.57
N TYR H 1562 -11.87 -54.49 -104.88
CA TYR H 1562 -11.49 -53.12 -105.18
C TYR H 1562 -10.67 -53.05 -106.47
N ALA H 1563 -9.57 -53.81 -106.49
CA ALA H 1563 -8.66 -53.83 -107.63
C ALA H 1563 -9.42 -53.77 -108.95
N ARG H 1564 -10.51 -54.52 -109.00
CA ARG H 1564 -11.34 -54.60 -110.19
C ARG H 1564 -12.01 -53.26 -110.50
N VAL H 1565 -12.72 -52.71 -109.52
CA VAL H 1565 -13.50 -51.50 -109.77
C VAL H 1565 -12.62 -50.25 -109.83
N SER H 1566 -11.34 -50.39 -109.51
CA SER H 1566 -10.44 -49.26 -109.43
C SER H 1566 -9.55 -49.15 -110.66
N GLY H 1567 -8.91 -50.26 -111.00
CA GLY H 1567 -7.95 -50.28 -112.08
C GLY H 1567 -6.56 -50.59 -111.53
N ASP H 1568 -6.40 -50.44 -110.23
CA ASP H 1568 -5.11 -50.73 -109.59
C ASP H 1568 -5.02 -52.20 -109.25
N TYR H 1569 -4.49 -52.98 -110.18
CA TYR H 1569 -4.35 -54.41 -109.98
C TYR H 1569 -3.06 -54.70 -109.25
N ASN H 1570 -2.27 -53.66 -109.03
CA ASN H 1570 -0.98 -53.75 -108.34
C ASN H 1570 -0.84 -55.02 -107.49
N PRO H 1571 0.20 -55.83 -107.76
CA PRO H 1571 0.39 -57.13 -107.10
C PRO H 1571 0.55 -57.03 -105.59
N ILE H 1572 0.95 -55.86 -105.12
CA ILE H 1572 1.14 -55.59 -103.70
C ILE H 1572 -0.09 -55.97 -102.86
N HIS H 1573 -1.27 -55.58 -103.33
CA HIS H 1573 -2.51 -55.73 -102.58
C HIS H 1573 -3.19 -57.09 -102.75
N VAL H 1574 -2.82 -57.82 -103.78
CA VAL H 1574 -3.52 -59.07 -104.10
C VAL H 1574 -2.71 -60.35 -103.92
N SER H 1575 -1.53 -60.42 -104.55
CA SER H 1575 -0.72 -61.63 -104.51
C SER H 1575 0.10 -61.72 -103.23
N ARG H 1576 0.55 -62.93 -102.91
CA ARG H 1576 1.39 -63.15 -101.75
C ARG H 1576 2.87 -62.91 -102.09
N VAL H 1577 3.35 -63.56 -103.15
CA VAL H 1577 4.77 -63.51 -103.49
C VAL H 1577 5.24 -62.12 -103.92
N PHE H 1578 4.36 -61.37 -104.60
CA PHE H 1578 4.73 -60.03 -105.04
C PHE H 1578 4.94 -59.11 -103.84
N SER H 1579 3.92 -59.00 -103.00
CA SER H 1579 4.03 -58.18 -101.79
C SER H 1579 5.20 -58.65 -100.94
N SER H 1580 5.36 -59.96 -100.78
CA SER H 1580 6.47 -60.51 -100.00
C SER H 1580 7.82 -60.03 -100.48
N TYR H 1581 7.94 -59.79 -101.78
CA TYR H 1581 9.22 -59.37 -102.32
C TYR H 1581 9.56 -57.94 -101.86
N ALA H 1582 8.54 -57.12 -101.65
CA ALA H 1582 8.77 -55.72 -101.31
C ALA H 1582 8.78 -55.43 -99.80
N ASN H 1583 8.88 -56.48 -98.99
CA ASN H 1583 8.96 -56.34 -97.52
C ASN H 1583 7.74 -55.66 -96.92
N LEU H 1584 6.58 -56.28 -97.06
CA LEU H 1584 5.36 -55.70 -96.48
C LEU H 1584 4.80 -56.63 -95.42
N PRO H 1585 3.93 -56.11 -94.56
CA PRO H 1585 3.18 -56.96 -93.64
C PRO H 1585 2.35 -57.97 -94.43
N GLY H 1586 2.15 -57.69 -95.72
CA GLY H 1586 1.56 -58.62 -96.67
C GLY H 1586 0.14 -58.30 -97.09
N THR H 1587 -0.11 -58.36 -98.38
CA THR H 1587 -1.47 -58.18 -98.91
C THR H 1587 -2.13 -56.92 -98.39
N ILE H 1588 -1.31 -55.89 -98.20
CA ILE H 1588 -1.77 -54.59 -97.73
C ILE H 1588 -3.09 -54.11 -98.34
N THR H 1589 -4.06 -53.73 -97.50
CA THR H 1589 -5.32 -53.21 -98.00
C THR H 1589 -5.05 -52.02 -98.91
N HIS H 1590 -5.97 -51.75 -99.82
CA HIS H 1590 -5.79 -50.64 -100.75
C HIS H 1590 -5.73 -49.29 -100.04
N GLY H 1591 -4.65 -48.56 -100.29
CA GLY H 1591 -4.50 -47.22 -99.77
C GLY H 1591 -5.75 -46.39 -100.03
N MET H 1592 -6.12 -46.30 -101.29
CA MET H 1592 -7.28 -45.51 -101.68
C MET H 1592 -8.61 -46.09 -101.19
N TYR H 1593 -8.61 -47.37 -100.82
CA TYR H 1593 -9.84 -48.01 -100.36
C TYR H 1593 -10.19 -47.47 -98.99
N THR H 1594 -9.21 -47.52 -98.10
CA THR H 1594 -9.35 -46.96 -96.76
C THR H 1594 -9.94 -45.56 -96.89
N SER H 1595 -9.26 -44.72 -97.67
CA SER H 1595 -9.74 -43.37 -97.93
C SER H 1595 -11.21 -43.29 -98.30
N ALA H 1596 -11.60 -43.97 -99.39
CA ALA H 1596 -12.95 -43.91 -99.89
C ALA H 1596 -13.97 -44.31 -98.84
N ALA H 1597 -13.58 -45.24 -97.98
CA ALA H 1597 -14.47 -45.79 -96.95
C ALA H 1597 -14.80 -44.78 -95.84
N VAL H 1598 -13.78 -44.30 -95.15
CA VAL H 1598 -13.95 -43.24 -94.16
C VAL H 1598 -14.62 -42.00 -94.78
N ARG H 1599 -14.25 -41.71 -96.02
CA ARG H 1599 -14.81 -40.57 -96.74
C ARG H 1599 -16.34 -40.68 -96.87
N SER H 1600 -16.87 -41.90 -96.82
CA SER H 1600 -18.32 -42.10 -96.85
C SER H 1600 -18.96 -41.62 -95.56
N LEU H 1601 -18.31 -41.96 -94.45
CA LEU H 1601 -18.78 -41.52 -93.16
C LEU H 1601 -18.81 -40.00 -93.15
N VAL H 1602 -17.74 -39.39 -93.66
CA VAL H 1602 -17.65 -37.93 -93.71
C VAL H 1602 -18.85 -37.37 -94.47
N GLU H 1603 -19.33 -38.12 -95.44
CA GLU H 1603 -20.46 -37.71 -96.26
C GLU H 1603 -21.78 -37.79 -95.48
N THR H 1604 -22.07 -38.97 -94.96
CA THR H 1604 -23.32 -39.21 -94.27
C THR H 1604 -23.36 -38.50 -92.92
N TRP H 1605 -22.21 -38.42 -92.26
CA TRP H 1605 -22.13 -37.90 -90.89
C TRP H 1605 -22.06 -36.38 -90.73
N ALA H 1606 -21.43 -35.69 -91.69
CA ALA H 1606 -21.28 -34.24 -91.60
C ALA H 1606 -22.18 -33.54 -92.59
N ALA H 1607 -22.10 -33.97 -93.84
CA ALA H 1607 -22.93 -33.41 -94.91
C ALA H 1607 -24.35 -33.97 -94.85
N GLU H 1608 -24.54 -34.91 -93.93
CA GLU H 1608 -25.81 -35.64 -93.80
C GLU H 1608 -26.48 -35.93 -95.15
N ASN H 1609 -25.86 -36.82 -95.92
CA ASN H 1609 -26.48 -37.42 -97.10
C ASN H 1609 -26.49 -36.62 -98.42
N ASN H 1610 -26.18 -35.33 -98.35
CA ASN H 1610 -26.21 -34.48 -99.54
C ASN H 1610 -24.84 -34.23 -100.14
N ILE H 1611 -24.34 -35.17 -100.94
CA ILE H 1611 -22.95 -35.16 -101.39
C ILE H 1611 -22.40 -33.80 -101.83
N GLY H 1612 -23.25 -32.99 -102.47
CA GLY H 1612 -22.82 -31.70 -102.96
C GLY H 1612 -22.02 -30.95 -101.93
N ARG H 1613 -22.48 -31.01 -100.69
CA ARG H 1613 -21.86 -30.30 -99.58
C ARG H 1613 -20.35 -30.56 -99.50
N VAL H 1614 -19.97 -31.81 -99.25
CA VAL H 1614 -18.54 -32.14 -99.16
C VAL H 1614 -17.76 -31.66 -100.39
N ARG H 1615 -17.12 -30.51 -100.26
CA ARG H 1615 -16.46 -29.84 -101.36
C ARG H 1615 -14.97 -30.11 -101.37
N SER H 1616 -14.47 -30.75 -100.31
CA SER H 1616 -13.06 -31.11 -100.24
C SER H 1616 -12.81 -32.23 -99.24
N TYR H 1617 -11.79 -33.03 -99.55
CA TYR H 1617 -11.42 -34.16 -98.73
C TYR H 1617 -9.95 -34.38 -99.01
N HIS H 1618 -9.17 -34.55 -97.95
CA HIS H 1618 -7.75 -34.77 -98.14
C HIS H 1618 -7.25 -35.67 -97.02
N VAL H 1619 -6.57 -36.75 -97.38
CA VAL H 1619 -6.08 -37.67 -96.38
C VAL H 1619 -4.62 -37.99 -96.56
N ASN H 1620 -3.91 -38.06 -95.44
CA ASN H 1620 -2.59 -38.65 -95.39
C ASN H 1620 -2.73 -40.06 -94.83
N MET H 1621 -2.57 -41.06 -95.70
CA MET H 1621 -2.47 -42.43 -95.22
C MET H 1621 -1.08 -42.63 -94.63
N VAL H 1622 -1.05 -43.22 -93.45
CA VAL H 1622 0.19 -43.43 -92.73
C VAL H 1622 0.15 -44.81 -92.09
N GLY H 1623 -1.06 -45.37 -92.05
CA GLY H 1623 -1.26 -46.71 -91.53
C GLY H 1623 -1.48 -47.70 -92.64
N MET H 1624 -0.55 -48.63 -92.78
CA MET H 1624 -0.77 -49.74 -93.68
C MET H 1624 -1.80 -50.67 -93.05
N VAL H 1625 -3.00 -50.69 -93.62
CA VAL H 1625 -4.08 -51.52 -93.12
C VAL H 1625 -4.00 -52.93 -93.70
N LEU H 1626 -3.92 -53.94 -92.83
CA LEU H 1626 -4.02 -55.32 -93.29
C LEU H 1626 -5.50 -55.69 -93.47
N PRO H 1627 -5.77 -56.72 -94.26
CA PRO H 1627 -7.16 -57.11 -94.54
C PRO H 1627 -7.81 -57.70 -93.29
N ASN H 1628 -9.08 -57.33 -93.08
CA ASN H 1628 -9.90 -57.78 -91.96
C ASN H 1628 -9.57 -57.12 -90.63
N ASP H 1629 -8.86 -55.99 -90.71
CA ASP H 1629 -8.59 -55.19 -89.53
C ASP H 1629 -9.82 -54.40 -89.17
N ALA H 1630 -9.89 -53.97 -87.91
CA ALA H 1630 -10.93 -53.06 -87.47
C ALA H 1630 -10.36 -51.65 -87.45
N ILE H 1631 -10.97 -50.77 -88.23
CA ILE H 1631 -10.52 -49.40 -88.28
C ILE H 1631 -11.51 -48.52 -87.55
N THR H 1632 -10.98 -47.55 -86.81
CA THR H 1632 -11.82 -46.70 -85.96
C THR H 1632 -11.75 -45.23 -86.36
N VAL H 1633 -12.91 -44.64 -86.61
CA VAL H 1633 -12.96 -43.28 -87.14
C VAL H 1633 -13.60 -42.29 -86.16
N LYS H 1634 -12.94 -41.15 -86.00
CA LYS H 1634 -13.46 -40.03 -85.24
C LYS H 1634 -13.64 -38.81 -86.14
N LEU H 1635 -14.70 -38.04 -85.90
CA LEU H 1635 -14.99 -36.87 -86.72
C LEU H 1635 -15.31 -35.64 -85.87
N GLU H 1636 -14.45 -34.63 -85.97
CA GLU H 1636 -14.64 -33.38 -85.24
C GLU H 1636 -14.94 -32.23 -86.20
N HIS H 1637 -15.65 -31.23 -85.70
CA HIS H 1637 -15.95 -30.01 -86.44
C HIS H 1637 -15.00 -28.91 -85.99
N VAL H 1638 -13.73 -29.06 -86.35
CA VAL H 1638 -12.69 -28.26 -85.72
C VAL H 1638 -12.53 -26.84 -86.27
N GLY H 1639 -13.24 -26.51 -87.35
CA GLY H 1639 -13.07 -25.19 -87.95
C GLY H 1639 -14.13 -24.72 -88.93
N MET H 1640 -13.87 -23.55 -89.53
CA MET H 1640 -14.73 -22.95 -90.55
C MET H 1640 -13.88 -22.23 -91.59
N ILE H 1641 -14.26 -22.38 -92.86
CA ILE H 1641 -13.66 -21.59 -93.95
C ILE H 1641 -14.71 -21.23 -94.99
N ALA H 1642 -14.89 -19.94 -95.24
CA ALA H 1642 -15.82 -19.47 -96.26
C ALA H 1642 -17.17 -20.16 -96.21
N GLY H 1643 -17.79 -20.18 -95.03
CA GLY H 1643 -19.10 -20.76 -94.87
C GLY H 1643 -19.13 -22.27 -94.89
N ARG H 1644 -17.95 -22.89 -94.87
CA ARG H 1644 -17.83 -24.33 -94.92
C ARG H 1644 -17.24 -24.90 -93.64
N LYS H 1645 -17.84 -25.96 -93.11
CA LYS H 1645 -17.34 -26.61 -91.91
C LYS H 1645 -16.06 -27.42 -92.19
N ILE H 1646 -14.97 -27.09 -91.50
CA ILE H 1646 -13.79 -27.94 -91.54
C ILE H 1646 -14.08 -29.14 -90.66
N ILE H 1647 -13.65 -30.33 -91.08
CA ILE H 1647 -13.89 -31.54 -90.32
C ILE H 1647 -12.65 -32.41 -90.24
N LYS H 1648 -12.02 -32.40 -89.07
CA LYS H 1648 -10.87 -33.26 -88.83
C LYS H 1648 -11.31 -34.71 -88.85
N VAL H 1649 -10.57 -35.52 -89.59
CA VAL H 1649 -10.87 -36.92 -89.70
C VAL H 1649 -9.68 -37.73 -89.21
N ASP H 1650 -9.96 -38.75 -88.40
CA ASP H 1650 -8.92 -39.56 -87.81
C ASP H 1650 -9.34 -41.03 -87.77
N ALA H 1651 -8.55 -41.89 -88.43
CA ALA H 1651 -8.82 -43.32 -88.45
C ALA H 1651 -7.65 -44.10 -87.86
N ARG H 1652 -7.94 -45.01 -86.93
CA ARG H 1652 -6.89 -45.74 -86.24
C ARG H 1652 -7.12 -47.23 -86.18
N ASN H 1653 -6.02 -47.94 -85.99
CA ASN H 1653 -6.02 -49.39 -85.77
C ASN H 1653 -6.68 -49.71 -84.44
N LYS H 1654 -7.84 -50.36 -84.49
CA LYS H 1654 -8.63 -50.61 -83.28
C LYS H 1654 -7.90 -51.42 -82.19
N ASP H 1655 -6.71 -51.93 -82.49
CA ASP H 1655 -5.99 -52.79 -81.54
C ASP H 1655 -4.70 -52.19 -81.04
N THR H 1656 -4.13 -51.26 -81.80
CA THR H 1656 -2.85 -50.65 -81.45
C THR H 1656 -2.91 -49.12 -81.52
N ASP H 1657 -4.10 -48.59 -81.80
CA ASP H 1657 -4.33 -47.14 -81.89
C ASP H 1657 -3.26 -46.41 -82.68
N GLU H 1658 -2.61 -47.12 -83.58
CA GLU H 1658 -1.73 -46.48 -84.54
C GLU H 1658 -2.60 -45.80 -85.58
N SER H 1659 -2.20 -44.60 -85.98
CA SER H 1659 -2.98 -43.86 -86.95
C SER H 1659 -2.94 -44.55 -88.30
N VAL H 1660 -4.05 -44.49 -89.02
CA VAL H 1660 -4.15 -45.03 -90.36
C VAL H 1660 -4.38 -43.89 -91.34
N LEU H 1661 -5.38 -43.07 -91.04
CA LEU H 1661 -5.67 -41.89 -91.84
C LEU H 1661 -5.68 -40.66 -90.97
N GLN H 1662 -5.40 -39.52 -91.59
CA GLN H 1662 -5.46 -38.24 -90.92
C GLN H 1662 -5.61 -37.13 -91.95
N GLY H 1663 -6.73 -36.43 -91.89
CA GLY H 1663 -6.97 -35.34 -92.80
C GLY H 1663 -8.23 -34.55 -92.50
N GLU H 1664 -8.41 -33.47 -93.23
CA GLU H 1664 -9.54 -32.58 -93.06
C GLU H 1664 -10.50 -32.67 -94.25
N ALA H 1665 -11.75 -32.30 -94.01
CA ALA H 1665 -12.77 -32.30 -95.07
C ALA H 1665 -13.57 -31.03 -95.01
N GLU H 1666 -13.60 -30.30 -96.11
CA GLU H 1666 -14.32 -29.03 -96.16
C GLU H 1666 -15.76 -29.23 -96.61
N VAL H 1667 -16.61 -29.72 -95.71
CA VAL H 1667 -18.04 -29.95 -96.00
C VAL H 1667 -18.87 -28.68 -95.89
N GLU H 1668 -19.92 -28.59 -96.72
CA GLU H 1668 -20.79 -27.40 -96.69
C GLU H 1668 -21.87 -27.49 -95.63
N GLN H 1669 -22.13 -26.34 -95.03
CA GLN H 1669 -23.07 -26.21 -93.94
C GLN H 1669 -24.49 -26.16 -94.51
N PRO H 1670 -25.47 -26.82 -93.80
CA PRO H 1670 -26.88 -27.00 -94.22
C PRO H 1670 -27.50 -25.75 -94.87
N VAL H 1671 -28.50 -25.99 -95.70
CA VAL H 1671 -29.23 -24.94 -96.41
C VAL H 1671 -29.63 -23.78 -95.51
N THR H 1672 -29.10 -22.59 -95.79
CA THR H 1672 -29.36 -21.42 -94.94
C THR H 1672 -30.11 -20.28 -95.65
N ALA H 1673 -30.71 -19.43 -94.84
CA ALA H 1673 -31.37 -18.23 -95.32
C ALA H 1673 -31.20 -17.11 -94.29
N TYR H 1674 -30.59 -16.01 -94.71
CA TYR H 1674 -30.41 -14.87 -93.83
C TYR H 1674 -31.50 -13.83 -94.06
N VAL H 1675 -32.12 -13.38 -92.98
CA VAL H 1675 -33.18 -12.38 -93.09
C VAL H 1675 -32.97 -11.24 -92.08
N PHE H 1676 -32.96 -10.02 -92.60
CA PHE H 1676 -32.66 -8.84 -91.78
C PHE H 1676 -33.92 -8.06 -91.40
N THR H 1677 -34.07 -7.86 -90.09
CA THR H 1677 -35.27 -7.26 -89.50
C THR H 1677 -35.50 -5.79 -89.87
N GLY H 1678 -36.76 -5.37 -89.81
CA GLY H 1678 -37.13 -4.01 -90.16
C GLY H 1678 -37.32 -3.14 -88.93
N GLN H 1679 -37.86 -1.93 -89.14
CA GLN H 1679 -38.04 -0.97 -88.04
C GLN H 1679 -38.93 -1.51 -86.92
N GLY H 1680 -38.84 -0.89 -85.76
CA GLY H 1680 -39.65 -1.27 -84.62
C GLY H 1680 -38.89 -2.00 -83.52
N SER H 1681 -37.83 -2.71 -83.88
CA SER H 1681 -37.08 -3.48 -82.90
C SER H 1681 -35.85 -2.72 -82.37
N GLN H 1682 -35.73 -1.46 -82.74
CA GLN H 1682 -34.61 -0.64 -82.30
C GLN H 1682 -34.60 -0.46 -80.78
N GLU H 1683 -33.62 -1.06 -80.13
CA GLU H 1683 -33.44 -0.90 -78.69
C GLU H 1683 -32.23 -0.03 -78.42
N GLN H 1684 -32.33 0.79 -77.39
CA GLN H 1684 -31.21 1.64 -76.99
C GLN H 1684 -29.93 0.83 -76.80
N GLY H 1685 -28.82 1.36 -77.32
CA GLY H 1685 -27.52 0.72 -77.15
C GLY H 1685 -27.34 -0.60 -77.88
N MET H 1686 -28.21 -0.87 -78.85
CA MET H 1686 -28.18 -2.15 -79.59
C MET H 1686 -26.84 -2.41 -80.28
N GLY H 1687 -26.32 -3.63 -80.12
CA GLY H 1687 -25.12 -4.05 -80.80
C GLY H 1687 -23.88 -3.28 -80.41
N MET H 1688 -23.95 -2.63 -79.25
CA MET H 1688 -22.82 -1.87 -78.69
C MET H 1688 -21.87 -2.78 -77.90
N ASP H 1689 -22.43 -3.80 -77.29
CA ASP H 1689 -21.63 -4.82 -76.60
C ASP H 1689 -20.70 -5.50 -77.60
N LEU H 1690 -21.25 -5.78 -78.77
CA LEU H 1690 -20.54 -6.41 -79.86
C LEU H 1690 -19.54 -5.41 -80.42
N TYR H 1691 -19.86 -4.13 -80.35
CA TYR H 1691 -18.95 -3.06 -80.77
C TYR H 1691 -17.63 -3.20 -80.05
N ALA H 1692 -17.68 -3.39 -78.74
CA ALA H 1692 -16.48 -3.43 -77.91
C ALA H 1692 -15.64 -4.69 -78.13
N THR H 1693 -16.32 -5.81 -78.37
CA THR H 1693 -15.68 -7.12 -78.44
C THR H 1693 -15.19 -7.53 -79.84
N SER H 1694 -15.59 -6.79 -80.87
CA SER H 1694 -15.20 -7.13 -82.24
C SER H 1694 -14.53 -5.99 -82.98
N PRO H 1695 -13.24 -6.15 -83.29
CA PRO H 1695 -12.47 -5.15 -84.03
C PRO H 1695 -13.06 -4.93 -85.41
N VAL H 1696 -13.85 -5.90 -85.88
CA VAL H 1696 -14.48 -5.79 -87.17
C VAL H 1696 -15.66 -4.84 -87.10
N ALA H 1697 -16.65 -5.24 -86.30
CA ALA H 1697 -17.87 -4.45 -86.14
C ALA H 1697 -17.52 -3.06 -85.69
N LYS H 1698 -16.46 -2.94 -84.92
CA LYS H 1698 -16.00 -1.65 -84.45
C LYS H 1698 -15.80 -0.72 -85.64
N GLU H 1699 -14.90 -1.11 -86.54
CA GLU H 1699 -14.50 -0.27 -87.68
C GLU H 1699 -15.68 0.12 -88.57
N VAL H 1700 -16.65 -0.78 -88.70
CA VAL H 1700 -17.88 -0.48 -89.43
C VAL H 1700 -18.55 0.76 -88.85
N TRP H 1701 -19.02 0.65 -87.61
CA TRP H 1701 -19.63 1.77 -86.91
C TRP H 1701 -18.79 3.02 -87.01
N ASP H 1702 -17.47 2.86 -86.96
CA ASP H 1702 -16.57 4.00 -87.04
C ASP H 1702 -16.67 4.71 -88.39
N ARG H 1703 -16.46 3.96 -89.47
CA ARG H 1703 -16.51 4.56 -90.80
C ARG H 1703 -17.86 5.25 -90.99
N ALA H 1704 -18.89 4.69 -90.37
CA ALA H 1704 -20.24 5.23 -90.45
C ALA H 1704 -20.29 6.56 -89.75
N ASP H 1705 -19.88 6.55 -88.48
CA ASP H 1705 -19.91 7.75 -87.65
C ASP H 1705 -19.04 8.81 -88.30
N LYS H 1706 -17.78 8.45 -88.56
CA LYS H 1706 -16.85 9.33 -89.26
C LYS H 1706 -17.58 10.11 -90.33
N HIS H 1707 -18.37 9.40 -91.13
CA HIS H 1707 -19.18 10.01 -92.17
C HIS H 1707 -20.16 10.98 -91.53
N PHE H 1708 -21.18 10.45 -90.88
CA PHE H 1708 -22.27 11.26 -90.31
C PHE H 1708 -21.82 12.54 -89.63
N ARG H 1709 -20.78 12.44 -88.80
CA ARG H 1709 -20.29 13.59 -88.06
C ARG H 1709 -19.81 14.66 -89.02
N GLU H 1710 -18.94 14.25 -89.92
CA GLU H 1710 -18.28 15.19 -90.81
C GLU H 1710 -19.15 15.70 -91.97
N ASN H 1711 -20.36 15.16 -92.07
CA ASN H 1711 -21.22 15.50 -93.18
C ASN H 1711 -22.55 16.05 -92.72
N TYR H 1712 -23.15 15.43 -91.73
CA TYR H 1712 -24.46 15.87 -91.26
C TYR H 1712 -24.35 16.46 -89.87
N GLY H 1713 -23.18 16.33 -89.26
CA GLY H 1713 -22.89 17.00 -88.02
C GLY H 1713 -23.45 16.36 -86.75
N PHE H 1714 -23.64 15.04 -86.78
CA PHE H 1714 -24.06 14.30 -85.60
C PHE H 1714 -23.43 12.93 -85.61
N SER H 1715 -23.61 12.18 -84.52
CA SER H 1715 -23.11 10.81 -84.44
C SER H 1715 -24.23 9.81 -84.20
N ILE H 1716 -24.33 8.79 -85.05
CA ILE H 1716 -25.39 7.80 -84.87
C ILE H 1716 -25.06 6.90 -83.71
N ILE H 1717 -23.77 6.77 -83.42
CA ILE H 1717 -23.34 5.97 -82.28
C ILE H 1717 -23.88 6.56 -80.98
N ASP H 1718 -23.70 7.86 -80.80
CA ASP H 1718 -24.25 8.57 -79.65
C ASP H 1718 -25.74 8.32 -79.56
N ILE H 1719 -26.44 8.69 -80.63
CA ILE H 1719 -27.88 8.51 -80.70
C ILE H 1719 -28.29 7.11 -80.26
N VAL H 1720 -27.48 6.12 -80.61
CA VAL H 1720 -27.77 4.74 -80.23
C VAL H 1720 -27.41 4.45 -78.77
N LYS H 1721 -26.17 4.78 -78.38
CA LYS H 1721 -25.72 4.56 -77.01
C LYS H 1721 -26.69 5.15 -76.01
N ASN H 1722 -26.63 6.46 -75.85
CA ASN H 1722 -27.63 7.17 -75.05
C ASN H 1722 -28.65 7.86 -75.95
N ASN H 1723 -29.90 7.41 -75.86
CA ASN H 1723 -30.97 7.96 -76.69
C ASN H 1723 -31.33 9.35 -76.21
N PRO H 1724 -31.05 10.36 -77.04
CA PRO H 1724 -31.41 11.76 -76.73
C PRO H 1724 -32.84 12.03 -77.14
N LYS H 1725 -33.59 12.71 -76.27
CA LYS H 1725 -34.93 13.17 -76.64
C LYS H 1725 -34.80 14.36 -77.57
N GLU H 1726 -33.55 14.78 -77.78
CA GLU H 1726 -33.28 15.99 -78.53
C GLU H 1726 -31.78 16.11 -78.78
N LEU H 1727 -31.43 16.63 -79.95
CA LEU H 1727 -30.03 16.75 -80.35
C LEU H 1727 -29.89 17.82 -81.40
N THR H 1728 -28.85 18.62 -81.28
CA THR H 1728 -28.65 19.73 -82.19
C THR H 1728 -27.25 19.75 -82.79
N VAL H 1729 -27.17 20.12 -84.06
CA VAL H 1729 -25.90 20.23 -84.77
C VAL H 1729 -25.51 21.70 -84.92
N HIS H 1730 -24.23 21.94 -85.19
CA HIS H 1730 -23.73 23.32 -85.25
C HIS H 1730 -22.84 23.54 -86.43
N PHE H 1731 -23.16 24.58 -87.21
CA PHE H 1731 -22.45 24.91 -88.45
C PHE H 1731 -21.35 25.94 -88.22
N GLY H 1732 -20.32 25.52 -87.49
CA GLY H 1732 -19.28 26.41 -86.99
C GLY H 1732 -18.34 26.93 -88.04
N GLY H 1733 -17.05 26.67 -87.83
CA GLY H 1733 -16.00 27.20 -88.69
C GLY H 1733 -15.96 26.58 -90.07
N PRO H 1734 -14.77 26.57 -90.69
CA PRO H 1734 -14.60 25.93 -91.99
C PRO H 1734 -15.44 24.65 -92.10
N ARG H 1735 -15.11 23.64 -91.31
CA ARG H 1735 -15.78 22.33 -91.38
C ARG H 1735 -17.26 22.40 -91.07
N GLY H 1736 -17.68 23.54 -90.54
CA GLY H 1736 -19.05 23.71 -90.11
C GLY H 1736 -19.93 24.25 -91.22
N LYS H 1737 -19.38 25.20 -91.97
CA LYS H 1737 -20.11 25.80 -93.08
C LYS H 1737 -20.45 24.75 -94.12
N ILE H 1738 -19.54 23.79 -94.31
CA ILE H 1738 -19.72 22.73 -95.30
C ILE H 1738 -20.84 21.77 -94.92
N ILE H 1739 -21.19 21.74 -93.64
CA ILE H 1739 -22.24 20.85 -93.16
C ILE H 1739 -23.61 21.41 -93.53
N ARG H 1740 -23.85 22.67 -93.19
CA ARG H 1740 -25.14 23.29 -93.47
C ARG H 1740 -25.35 23.30 -94.97
N GLN H 1741 -24.25 23.16 -95.71
CA GLN H 1741 -24.33 23.05 -97.15
C GLN H 1741 -25.16 21.84 -97.54
N ASN H 1742 -24.92 20.73 -96.85
CA ASN H 1742 -25.69 19.51 -97.08
C ASN H 1742 -27.13 19.63 -96.63
N TYR H 1743 -27.36 20.33 -95.53
CA TYR H 1743 -28.71 20.54 -95.02
C TYR H 1743 -29.49 21.40 -96.01
N MET H 1744 -28.76 22.31 -96.65
CA MET H 1744 -29.34 23.19 -97.64
C MET H 1744 -29.64 22.40 -98.91
N SER H 1745 -28.67 21.57 -99.31
CA SER H 1745 -28.78 20.80 -100.54
C SER H 1745 -29.63 19.53 -100.38
N MET H 1746 -30.72 19.64 -99.61
CA MET H 1746 -31.65 18.54 -99.46
C MET H 1746 -32.96 18.84 -100.19
N THR H 1747 -33.15 18.16 -101.32
CA THR H 1747 -34.26 18.41 -102.23
C THR H 1747 -35.45 17.50 -101.93
N PHE H 1748 -36.65 18.00 -102.20
CA PHE H 1748 -37.88 17.31 -101.81
C PHE H 1748 -38.96 17.57 -102.85
N GLU H 1749 -39.61 16.50 -103.35
CA GLU H 1749 -40.51 16.61 -104.50
C GLU H 1749 -42.01 16.47 -104.19
N THR H 1750 -42.79 17.48 -104.58
CA THR H 1750 -44.26 17.47 -104.51
C THR H 1750 -44.82 18.38 -105.61
N VAL H 1751 -45.57 17.79 -106.55
CA VAL H 1751 -46.14 18.54 -107.68
C VAL H 1751 -47.52 19.16 -107.35
N ASN H 1752 -47.82 20.26 -108.04
CA ASN H 1752 -49.11 20.96 -107.88
C ASN H 1752 -50.24 20.17 -108.56
N ALA H 1753 -51.48 20.47 -108.15
CA ALA H 1753 -52.68 19.83 -108.72
C ALA H 1753 -52.97 20.30 -110.15
N ASP H 1754 -52.06 21.10 -110.72
CA ASP H 1754 -52.15 21.52 -112.13
C ASP H 1754 -50.95 21.05 -112.97
N GLY H 1755 -50.04 20.31 -112.33
CA GLY H 1755 -48.91 19.71 -113.02
C GLY H 1755 -47.68 20.59 -113.10
N SER H 1756 -47.17 21.02 -111.94
CA SER H 1756 -45.88 21.69 -111.87
C SER H 1756 -45.04 21.16 -110.70
N ILE H 1757 -43.82 20.72 -111.00
CA ILE H 1757 -42.94 20.07 -110.02
C ILE H 1757 -42.35 21.03 -108.96
N LYS H 1758 -42.92 21.02 -107.76
CA LYS H 1758 -42.36 21.83 -106.68
C LYS H 1758 -41.12 21.11 -106.13
N THR H 1759 -39.98 21.79 -106.20
CA THR H 1759 -38.76 21.32 -105.57
C THR H 1759 -38.52 22.14 -104.29
N GLU H 1760 -38.62 21.49 -103.12
CA GLU H 1760 -38.63 22.16 -101.82
C GLU H 1760 -37.52 21.69 -100.89
N LYS H 1761 -37.13 22.56 -99.96
CA LYS H 1761 -36.15 22.20 -98.94
C LYS H 1761 -36.75 21.28 -97.89
N ILE H 1762 -35.92 20.38 -97.37
CA ILE H 1762 -36.35 19.47 -96.32
C ILE H 1762 -36.11 20.15 -94.98
N PHE H 1763 -35.02 20.89 -94.91
CA PHE H 1763 -34.69 21.70 -93.75
C PHE H 1763 -35.00 23.16 -94.06
N LYS H 1764 -36.27 23.51 -93.89
CA LYS H 1764 -36.75 24.78 -94.39
C LYS H 1764 -36.07 25.94 -93.70
N GLU H 1765 -35.70 25.77 -92.44
CA GLU H 1765 -35.13 26.85 -91.64
C GLU H 1765 -33.64 27.05 -91.86
N VAL H 1766 -33.03 26.21 -92.70
CA VAL H 1766 -31.60 26.34 -92.93
C VAL H 1766 -31.27 27.22 -94.13
N ASP H 1767 -30.57 28.32 -93.87
CA ASP H 1767 -30.06 29.18 -94.92
C ASP H 1767 -28.59 29.44 -94.65
N GLU H 1768 -28.05 30.53 -95.18
CA GLU H 1768 -26.64 30.86 -94.98
C GLU H 1768 -26.45 31.87 -93.86
N ASN H 1769 -27.47 32.00 -93.03
CA ASN H 1769 -27.41 32.81 -91.82
C ASN H 1769 -27.75 31.94 -90.62
N SER H 1770 -27.76 30.63 -90.85
CA SER H 1770 -28.14 29.66 -89.82
C SER H 1770 -26.91 29.06 -89.13
N THR H 1771 -26.89 29.12 -87.80
CA THR H 1771 -25.76 28.61 -87.02
C THR H 1771 -25.99 27.18 -86.56
N SER H 1772 -27.25 26.74 -86.53
CA SER H 1772 -27.57 25.43 -85.95
C SER H 1772 -28.97 24.92 -86.29
N TYR H 1773 -29.06 23.61 -86.48
CA TYR H 1773 -30.36 22.97 -86.63
C TYR H 1773 -30.58 22.02 -85.46
N THR H 1774 -31.83 21.79 -85.09
CA THR H 1774 -32.13 20.90 -83.98
C THR H 1774 -33.18 19.84 -84.32
N TYR H 1775 -32.84 18.58 -84.06
CA TYR H 1775 -33.79 17.49 -84.15
C TYR H 1775 -34.44 17.30 -82.78
N ARG H 1776 -35.67 16.79 -82.74
CA ARG H 1776 -36.34 16.51 -81.48
C ARG H 1776 -37.29 15.34 -81.59
N SER H 1777 -37.62 14.74 -80.45
CA SER H 1777 -38.65 13.72 -80.36
C SER H 1777 -38.84 13.40 -78.90
N PRO H 1778 -40.08 13.55 -78.38
CA PRO H 1778 -40.39 13.29 -76.96
C PRO H 1778 -40.14 11.83 -76.55
N SER H 1779 -40.05 10.94 -77.54
CA SER H 1779 -39.91 9.51 -77.29
C SER H 1779 -38.48 9.02 -77.55
N GLY H 1780 -37.61 9.93 -77.99
CA GLY H 1780 -36.21 9.61 -78.29
C GLY H 1780 -35.89 9.73 -79.77
N LEU H 1781 -34.68 10.18 -80.08
CA LEU H 1781 -34.28 10.35 -81.47
C LEU H 1781 -34.02 9.01 -82.15
N LEU H 1782 -33.84 7.97 -81.35
CA LEU H 1782 -33.68 6.62 -81.88
C LEU H 1782 -35.05 6.06 -82.20
N SER H 1783 -36.03 6.96 -82.24
CA SER H 1783 -37.42 6.60 -82.50
C SER H 1783 -37.81 7.08 -83.91
N ALA H 1784 -37.46 8.32 -84.23
CA ALA H 1784 -37.74 8.89 -85.54
C ALA H 1784 -36.78 8.30 -86.56
N THR H 1785 -37.29 7.98 -87.75
CA THR H 1785 -36.57 7.11 -88.69
C THR H 1785 -35.25 7.63 -89.29
N GLN H 1786 -35.15 8.94 -89.54
CA GLN H 1786 -33.92 9.46 -90.15
C GLN H 1786 -32.73 8.88 -89.42
N PHE H 1787 -32.89 8.72 -88.11
CA PHE H 1787 -31.86 8.11 -87.28
C PHE H 1787 -32.09 6.61 -87.09
N THR H 1788 -33.30 6.25 -86.64
CA THR H 1788 -33.67 4.85 -86.43
C THR H 1788 -33.15 3.93 -87.51
N GLN H 1789 -33.37 4.30 -88.77
CA GLN H 1789 -33.04 3.44 -89.90
C GLN H 1789 -31.53 3.14 -90.05
N PRO H 1790 -30.71 4.18 -90.26
CA PRO H 1790 -29.27 3.97 -90.37
C PRO H 1790 -28.72 3.15 -89.19
N ALA H 1791 -29.30 3.33 -88.00
CA ALA H 1791 -28.89 2.58 -86.81
C ALA H 1791 -29.08 1.09 -87.01
N LEU H 1792 -30.31 0.69 -87.27
CA LEU H 1792 -30.59 -0.72 -87.49
C LEU H 1792 -29.71 -1.29 -88.61
N THR H 1793 -29.56 -0.52 -89.68
CA THR H 1793 -28.71 -0.92 -90.79
C THR H 1793 -27.31 -1.26 -90.30
N LEU H 1794 -26.72 -0.32 -89.57
CA LEU H 1794 -25.38 -0.49 -89.00
C LEU H 1794 -25.25 -1.79 -88.20
N MET H 1795 -26.06 -1.91 -87.16
CA MET H 1795 -25.96 -3.03 -86.23
C MET H 1795 -25.99 -4.35 -86.98
N GLU H 1796 -26.75 -4.38 -88.06
CA GLU H 1796 -26.86 -5.59 -88.87
C GLU H 1796 -25.60 -5.80 -89.71
N LYS H 1797 -25.24 -4.81 -90.51
CA LYS H 1797 -24.07 -4.88 -91.36
C LYS H 1797 -22.85 -5.28 -90.54
N ALA H 1798 -22.69 -4.63 -89.40
CA ALA H 1798 -21.62 -4.95 -88.48
C ALA H 1798 -21.73 -6.41 -88.02
N SER H 1799 -22.86 -6.76 -87.43
CA SER H 1799 -23.10 -8.12 -86.92
C SER H 1799 -22.76 -9.18 -87.96
N PHE H 1800 -23.30 -9.00 -89.16
CA PHE H 1800 -23.10 -9.94 -90.25
C PHE H 1800 -21.65 -9.98 -90.69
N GLU H 1801 -21.07 -8.80 -90.88
CA GLU H 1801 -19.67 -8.68 -91.30
C GLU H 1801 -18.74 -9.34 -90.30
N ASP H 1802 -19.21 -9.53 -89.07
CA ASP H 1802 -18.43 -10.24 -88.08
C ASP H 1802 -18.46 -11.72 -88.34
N MET H 1803 -19.65 -12.27 -88.50
CA MET H 1803 -19.77 -13.69 -88.81
C MET H 1803 -18.92 -14.00 -90.03
N ARG H 1804 -19.01 -13.12 -91.03
CA ARG H 1804 -18.24 -13.27 -92.25
C ARG H 1804 -16.80 -13.46 -91.85
N SER H 1805 -16.37 -12.68 -90.86
CA SER H 1805 -15.01 -12.72 -90.35
C SER H 1805 -14.63 -14.05 -89.69
N LYS H 1806 -15.60 -14.69 -89.03
CA LYS H 1806 -15.35 -16.00 -88.44
C LYS H 1806 -15.53 -17.10 -89.48
N GLY H 1807 -16.09 -16.71 -90.63
CA GLY H 1807 -16.24 -17.57 -91.78
C GLY H 1807 -17.49 -18.41 -91.76
N LEU H 1808 -18.60 -17.79 -91.41
CA LEU H 1808 -19.86 -18.52 -91.22
C LEU H 1808 -20.83 -18.26 -92.37
N VAL H 1809 -20.53 -17.26 -93.17
CA VAL H 1809 -21.40 -16.90 -94.27
C VAL H 1809 -21.33 -17.96 -95.34
N GLN H 1810 -22.49 -18.41 -95.81
CA GLN H 1810 -22.58 -19.48 -96.80
C GLN H 1810 -22.57 -18.93 -98.24
N ARG H 1811 -21.75 -19.52 -99.09
CA ARG H 1811 -21.63 -19.12 -100.50
C ARG H 1811 -22.98 -19.08 -101.20
N ASP H 1812 -23.75 -20.14 -100.99
CA ASP H 1812 -24.96 -20.39 -101.74
C ASP H 1812 -26.16 -20.39 -100.82
N SER H 1813 -26.65 -19.20 -100.47
CA SER H 1813 -27.84 -19.13 -99.62
C SER H 1813 -28.71 -17.93 -99.97
N THR H 1814 -29.88 -17.88 -99.37
CA THR H 1814 -30.84 -16.84 -99.64
C THR H 1814 -30.64 -15.66 -98.71
N PHE H 1815 -31.12 -14.49 -99.11
CA PHE H 1815 -31.15 -13.34 -98.22
C PHE H 1815 -32.26 -12.37 -98.58
N ALA H 1816 -32.99 -11.94 -97.57
CA ALA H 1816 -34.05 -10.96 -97.77
C ALA H 1816 -34.16 -10.03 -96.57
N GLY H 1817 -34.77 -8.88 -96.79
CA GLY H 1817 -35.03 -7.94 -95.72
C GLY H 1817 -36.51 -7.60 -95.65
N HIS H 1818 -36.92 -6.95 -94.56
CA HIS H 1818 -38.29 -6.46 -94.41
C HIS H 1818 -38.31 -4.94 -94.19
N SER H 1819 -39.00 -4.22 -95.08
CA SER H 1819 -38.98 -2.76 -95.06
C SER H 1819 -37.56 -2.26 -95.19
N LEU H 1820 -36.98 -1.83 -94.08
CA LEU H 1820 -35.61 -1.36 -94.08
C LEU H 1820 -34.63 -2.49 -94.40
N GLY H 1821 -34.84 -3.63 -93.74
CA GLY H 1821 -33.92 -4.75 -93.81
C GLY H 1821 -33.45 -5.11 -95.20
N GLU H 1822 -34.26 -4.77 -96.21
CA GLU H 1822 -33.91 -5.08 -97.58
C GLU H 1822 -32.65 -4.33 -97.99
N TYR H 1823 -32.54 -3.07 -97.56
CA TYR H 1823 -31.37 -2.27 -97.91
C TYR H 1823 -30.10 -2.81 -97.25
N SER H 1824 -30.14 -2.99 -95.94
CA SER H 1824 -29.01 -3.56 -95.23
C SER H 1824 -28.67 -4.92 -95.83
N ALA H 1825 -29.67 -5.79 -95.95
CA ALA H 1825 -29.51 -7.10 -96.55
C ALA H 1825 -28.62 -7.08 -97.79
N LEU H 1826 -28.99 -6.22 -98.74
CA LEU H 1826 -28.24 -6.08 -99.98
C LEU H 1826 -26.77 -5.88 -99.68
N VAL H 1827 -26.45 -4.80 -98.96
CA VAL H 1827 -25.08 -4.44 -98.64
C VAL H 1827 -24.39 -5.49 -97.79
N ALA H 1828 -25.20 -6.31 -97.11
CA ALA H 1828 -24.68 -7.34 -96.22
C ALA H 1828 -23.94 -8.41 -96.99
N LEU H 1829 -24.63 -9.02 -97.94
CA LEU H 1829 -24.10 -10.16 -98.68
C LEU H 1829 -23.58 -9.79 -100.06
N ALA H 1830 -24.23 -8.85 -100.71
CA ALA H 1830 -23.72 -8.26 -101.94
C ALA H 1830 -23.07 -6.91 -101.63
N ASP H 1831 -22.02 -6.57 -102.35
CA ASP H 1831 -21.38 -5.27 -102.12
C ASP H 1831 -22.12 -4.16 -102.86
N VAL H 1832 -23.43 -4.08 -102.64
CA VAL H 1832 -24.29 -3.16 -103.37
C VAL H 1832 -23.76 -1.73 -103.31
N MET H 1833 -23.07 -1.41 -102.22
CA MET H 1833 -22.51 -0.08 -102.03
C MET H 1833 -21.67 -0.02 -100.76
N PRO H 1834 -20.66 0.87 -100.75
CA PRO H 1834 -19.86 1.15 -99.56
C PRO H 1834 -20.76 1.62 -98.43
N ILE H 1835 -20.37 1.33 -97.19
CA ILE H 1835 -21.24 1.55 -96.04
C ILE H 1835 -21.66 3.01 -95.82
N GLU H 1836 -20.77 3.95 -96.11
CA GLU H 1836 -21.11 5.37 -96.00
C GLU H 1836 -22.24 5.73 -96.97
N SER H 1837 -22.20 5.14 -98.16
CA SER H 1837 -23.27 5.33 -99.11
C SER H 1837 -24.55 4.78 -98.50
N LEU H 1838 -24.46 3.59 -97.92
CA LEU H 1838 -25.62 2.90 -97.37
C LEU H 1838 -26.37 3.78 -96.39
N VAL H 1839 -25.65 4.25 -95.38
CA VAL H 1839 -26.27 5.07 -94.34
C VAL H 1839 -26.86 6.35 -94.92
N SER H 1840 -26.12 6.99 -95.83
CA SER H 1840 -26.63 8.17 -96.51
C SER H 1840 -27.97 7.85 -97.17
N VAL H 1841 -27.94 6.91 -98.11
CA VAL H 1841 -29.15 6.42 -98.75
C VAL H 1841 -30.28 6.29 -97.75
N VAL H 1842 -30.07 5.45 -96.74
CA VAL H 1842 -31.11 5.13 -95.77
C VAL H 1842 -31.56 6.34 -94.95
N PHE H 1843 -30.63 7.23 -94.63
CA PHE H 1843 -30.95 8.46 -93.91
C PHE H 1843 -31.89 9.31 -94.75
N TYR H 1844 -31.63 9.33 -96.06
CA TYR H 1844 -32.48 10.05 -97.00
C TYR H 1844 -33.85 9.40 -96.99
N ARG H 1845 -33.87 8.08 -97.15
CA ARG H 1845 -35.10 7.30 -97.21
C ARG H 1845 -36.02 7.65 -96.05
N GLY H 1846 -35.44 7.72 -94.85
CA GLY H 1846 -36.19 8.06 -93.66
C GLY H 1846 -36.75 9.46 -93.74
N LEU H 1847 -35.97 10.39 -94.28
CA LEU H 1847 -36.42 11.76 -94.46
C LEU H 1847 -37.62 11.88 -95.40
N THR H 1848 -37.49 11.34 -96.61
CA THR H 1848 -38.58 11.43 -97.59
C THR H 1848 -39.80 10.69 -97.09
N MET H 1849 -39.57 9.65 -96.28
CA MET H 1849 -40.67 8.90 -95.69
C MET H 1849 -41.47 9.73 -94.70
N GLN H 1850 -40.80 10.68 -94.05
CA GLN H 1850 -41.45 11.49 -93.02
C GLN H 1850 -42.09 12.76 -93.60
N VAL H 1851 -41.51 13.27 -94.68
CA VAL H 1851 -41.98 14.48 -95.32
C VAL H 1851 -43.22 14.23 -96.19
N ALA H 1852 -43.44 12.98 -96.55
CA ALA H 1852 -44.56 12.58 -97.40
C ALA H 1852 -45.91 13.09 -96.87
N VAL H 1853 -46.26 12.68 -95.65
CA VAL H 1853 -47.54 13.04 -94.99
C VAL H 1853 -47.58 14.46 -94.44
N GLU H 1854 -48.79 14.97 -94.22
CA GLU H 1854 -48.98 16.29 -93.66
C GLU H 1854 -49.64 16.26 -92.28
N ARG H 1855 -49.23 17.19 -91.42
CA ARG H 1855 -49.82 17.34 -90.09
C ARG H 1855 -50.03 18.81 -89.74
N ASP H 1856 -50.74 19.05 -88.64
CA ASP H 1856 -50.99 20.42 -88.17
C ASP H 1856 -49.97 20.86 -87.13
N GLU H 1857 -50.36 21.83 -86.31
CA GLU H 1857 -49.46 22.40 -85.31
C GLU H 1857 -49.28 21.49 -84.08
N GLN H 1858 -50.34 20.78 -83.71
CA GLN H 1858 -50.31 19.91 -82.53
C GLN H 1858 -49.46 18.66 -82.75
N GLY H 1859 -49.14 18.38 -84.02
CA GLY H 1859 -48.45 17.16 -84.39
C GLY H 1859 -49.40 16.25 -85.16
N ARG H 1860 -50.66 16.26 -84.74
CA ARG H 1860 -51.76 15.55 -85.39
C ARG H 1860 -51.47 15.24 -86.88
N SER H 1861 -51.26 13.96 -87.18
CA SER H 1861 -51.05 13.52 -88.56
C SER H 1861 -52.37 13.13 -89.21
N ASN H 1862 -52.36 12.94 -90.52
CA ASN H 1862 -53.59 12.60 -91.23
C ASN H 1862 -53.89 11.09 -91.22
N TYR H 1863 -52.87 10.29 -91.48
CA TYR H 1863 -53.02 8.84 -91.61
C TYR H 1863 -52.43 8.11 -90.40
N ALA H 1864 -52.53 6.78 -90.42
CA ALA H 1864 -51.99 5.93 -89.35
C ALA H 1864 -52.03 4.45 -89.76
N MET H 1865 -51.26 3.62 -89.07
CA MET H 1865 -51.20 2.20 -89.41
C MET H 1865 -51.71 1.29 -88.31
N CYS H 1866 -52.08 0.06 -88.68
CA CYS H 1866 -52.75 -0.84 -87.75
C CYS H 1866 -52.68 -2.31 -88.19
N ALA H 1867 -52.38 -3.18 -87.23
CA ALA H 1867 -52.25 -4.61 -87.48
C ALA H 1867 -53.61 -5.32 -87.40
N VAL H 1868 -53.71 -6.44 -88.14
CA VAL H 1868 -54.96 -7.22 -88.18
C VAL H 1868 -54.76 -8.75 -88.15
N ASN H 1869 -55.53 -9.40 -87.27
CA ASN H 1869 -55.45 -10.85 -87.07
C ASN H 1869 -56.74 -11.54 -87.54
N PRO H 1870 -56.79 -11.98 -88.82
CA PRO H 1870 -57.98 -12.67 -89.36
C PRO H 1870 -58.37 -13.94 -88.60
N SER H 1871 -57.49 -14.44 -87.73
CA SER H 1871 -57.77 -15.59 -86.87
C SER H 1871 -58.81 -15.25 -85.81
N ARG H 1872 -58.95 -13.96 -85.51
CA ARG H 1872 -59.85 -13.50 -84.44
C ARG H 1872 -61.22 -13.02 -84.93
N ILE H 1873 -61.50 -13.20 -86.23
CA ILE H 1873 -62.84 -13.01 -86.78
C ILE H 1873 -63.58 -14.34 -86.80
N SER H 1874 -63.16 -15.20 -87.72
CA SER H 1874 -63.71 -16.53 -87.90
C SER H 1874 -62.61 -17.42 -88.50
N PRO H 1875 -62.53 -18.69 -88.05
CA PRO H 1875 -61.56 -19.64 -88.62
C PRO H 1875 -61.73 -19.86 -90.14
N THR H 1876 -62.86 -19.42 -90.70
CA THR H 1876 -63.11 -19.49 -92.13
C THR H 1876 -62.44 -18.31 -92.86
N PHE H 1877 -62.33 -17.19 -92.15
CA PHE H 1877 -61.85 -15.92 -92.70
C PHE H 1877 -60.46 -15.95 -93.38
N THR H 1878 -60.47 -15.96 -94.71
CA THR H 1878 -59.25 -16.10 -95.52
C THR H 1878 -58.39 -14.83 -95.53
N GLU H 1879 -57.16 -14.97 -96.04
CA GLU H 1879 -56.36 -13.82 -96.43
C GLU H 1879 -57.15 -12.95 -97.40
N GLN H 1880 -57.75 -13.60 -98.40
CA GLN H 1880 -58.54 -12.93 -99.45
C GLN H 1880 -59.83 -12.29 -98.95
N ALA H 1881 -60.32 -12.75 -97.80
CA ALA H 1881 -61.49 -12.18 -97.16
C ALA H 1881 -61.15 -10.82 -96.56
N LEU H 1882 -59.94 -10.71 -96.01
CA LEU H 1882 -59.44 -9.46 -95.41
C LEU H 1882 -59.14 -8.44 -96.51
N GLN H 1883 -58.66 -8.92 -97.65
CA GLN H 1883 -58.42 -8.06 -98.80
C GLN H 1883 -59.73 -7.48 -99.32
N TYR H 1884 -60.73 -8.35 -99.47
CA TYR H 1884 -62.04 -7.95 -99.96
C TYR H 1884 -62.74 -6.91 -99.06
N VAL H 1885 -62.78 -7.17 -97.75
CA VAL H 1885 -63.30 -6.19 -96.79
C VAL H 1885 -62.63 -4.81 -97.01
N VAL H 1886 -61.32 -4.84 -97.25
CA VAL H 1886 -60.51 -3.63 -97.40
C VAL H 1886 -60.68 -2.94 -98.76
N GLU H 1887 -60.38 -3.69 -99.83
CA GLU H 1887 -60.50 -3.19 -101.21
C GLU H 1887 -61.85 -2.57 -101.47
N ASN H 1888 -62.90 -3.15 -100.85
CA ASN H 1888 -64.25 -2.63 -100.91
C ASN H 1888 -64.41 -1.30 -100.16
N ILE H 1889 -64.03 -1.30 -98.88
CA ILE H 1889 -64.05 -0.09 -98.06
C ILE H 1889 -63.25 1.04 -98.74
N ALA H 1890 -62.31 0.66 -99.61
CA ALA H 1890 -61.42 1.61 -100.29
C ALA H 1890 -62.12 2.50 -101.33
N GLU H 1891 -62.80 1.87 -102.28
CA GLU H 1891 -63.46 2.60 -103.37
C GLU H 1891 -64.90 2.94 -103.04
N VAL H 1892 -65.41 2.36 -101.95
CA VAL H 1892 -66.77 2.63 -101.44
C VAL H 1892 -66.84 3.93 -100.60
N THR H 1893 -65.93 4.05 -99.61
CA THR H 1893 -65.87 5.25 -98.76
C THR H 1893 -64.88 6.30 -99.28
N GLY H 1894 -64.22 5.98 -100.40
CA GLY H 1894 -63.39 6.93 -101.12
C GLY H 1894 -62.10 7.38 -100.45
N TRP H 1895 -61.79 6.82 -99.28
CA TRP H 1895 -60.57 7.17 -98.56
C TRP H 1895 -59.39 6.31 -99.01
N LEU H 1896 -58.28 6.41 -98.27
CA LEU H 1896 -57.10 5.59 -98.54
C LEU H 1896 -56.97 4.47 -97.50
N LEU H 1897 -56.81 3.24 -98.00
CA LEU H 1897 -56.75 2.05 -97.14
C LEU H 1897 -56.29 0.83 -97.94
N GLU H 1898 -55.17 0.22 -97.52
CA GLU H 1898 -54.60 -0.95 -98.18
C GLU H 1898 -53.84 -1.83 -97.20
N ILE H 1899 -53.86 -3.14 -97.44
CA ILE H 1899 -52.96 -4.02 -96.72
C ILE H 1899 -51.54 -3.67 -97.15
N VAL H 1900 -50.76 -3.19 -96.18
CA VAL H 1900 -49.39 -2.76 -96.43
C VAL H 1900 -48.40 -3.87 -96.11
N ASN H 1901 -48.65 -4.63 -95.04
CA ASN H 1901 -47.80 -5.75 -94.65
C ASN H 1901 -48.49 -7.13 -94.75
N TYR H 1902 -47.77 -8.10 -95.30
CA TYR H 1902 -48.23 -9.48 -95.34
C TYR H 1902 -47.25 -10.35 -94.58
N ASN H 1903 -47.53 -10.60 -93.30
CA ASN H 1903 -46.56 -11.22 -92.40
C ASN H 1903 -46.75 -12.74 -92.18
N VAL H 1904 -47.84 -13.12 -91.53
CA VAL H 1904 -48.15 -14.54 -91.33
C VAL H 1904 -49.47 -14.91 -92.03
N ALA H 1905 -49.51 -16.12 -92.56
CA ALA H 1905 -50.59 -16.56 -93.46
C ALA H 1905 -52.01 -16.32 -92.94
N ASN H 1906 -52.17 -16.29 -91.62
CA ASN H 1906 -53.49 -16.12 -91.05
C ASN H 1906 -53.49 -15.13 -89.90
N MET H 1907 -52.31 -14.84 -89.39
CA MET H 1907 -52.21 -14.26 -88.05
C MET H 1907 -51.71 -12.82 -87.99
N GLN H 1908 -51.03 -12.36 -89.04
CA GLN H 1908 -50.41 -11.05 -88.99
C GLN H 1908 -50.47 -10.29 -90.31
N TYR H 1909 -51.41 -9.36 -90.41
CA TYR H 1909 -51.48 -8.45 -91.53
C TYR H 1909 -51.48 -7.01 -91.03
N VAL H 1910 -51.12 -6.07 -91.89
CA VAL H 1910 -51.07 -4.67 -91.48
C VAL H 1910 -51.58 -3.73 -92.56
N ALA H 1911 -52.49 -2.83 -92.19
CA ALA H 1911 -53.07 -1.91 -93.15
C ALA H 1911 -52.80 -0.46 -92.76
N ALA H 1912 -52.56 0.36 -93.78
CA ALA H 1912 -52.35 1.79 -93.57
C ALA H 1912 -53.53 2.56 -94.11
N GLY H 1913 -53.45 3.89 -94.08
CA GLY H 1913 -54.46 4.73 -94.69
C GLY H 1913 -55.07 5.80 -93.78
N ASP H 1914 -56.15 6.41 -94.24
CA ASP H 1914 -56.88 7.43 -93.48
C ASP H 1914 -57.33 6.92 -92.10
N LEU H 1915 -57.43 7.81 -91.12
CA LEU H 1915 -57.91 7.46 -89.77
C LEU H 1915 -59.31 6.87 -89.78
N ARG H 1916 -60.17 7.39 -90.65
CA ARG H 1916 -61.53 6.92 -90.79
C ARG H 1916 -61.59 5.61 -91.57
N ALA H 1917 -60.65 5.43 -92.51
CA ALA H 1917 -60.54 4.20 -93.30
C ALA H 1917 -60.01 3.02 -92.46
N LEU H 1918 -59.36 3.35 -91.34
CA LEU H 1918 -58.94 2.35 -90.35
C LEU H 1918 -60.00 2.23 -89.26
N ASP H 1919 -60.97 3.14 -89.29
CA ASP H 1919 -62.07 3.16 -88.33
C ASP H 1919 -63.32 2.47 -88.87
N THR H 1920 -63.46 2.46 -90.19
CA THR H 1920 -64.55 1.74 -90.85
C THR H 1920 -64.18 0.28 -91.07
N LEU H 1921 -62.87 0.03 -91.22
CA LEU H 1921 -62.35 -1.33 -91.33
C LEU H 1921 -62.19 -1.93 -89.93
N ALA H 1922 -62.04 -1.07 -88.94
CA ALA H 1922 -62.07 -1.50 -87.54
C ALA H 1922 -63.49 -1.94 -87.20
N ASN H 1923 -64.48 -1.16 -87.63
CA ASN H 1923 -65.90 -1.46 -87.43
C ASN H 1923 -66.35 -2.78 -88.08
N VAL H 1924 -66.21 -2.85 -89.40
CA VAL H 1924 -66.72 -3.97 -90.20
C VAL H 1924 -66.32 -5.35 -89.63
N LEU H 1925 -65.12 -5.42 -89.07
CA LEU H 1925 -64.59 -6.69 -88.53
C LEU H 1925 -65.21 -7.02 -87.16
N ASN H 1926 -65.59 -5.99 -86.41
CA ASN H 1926 -66.28 -6.14 -85.13
C ASN H 1926 -67.70 -6.66 -85.35
N ILE H 1927 -68.29 -6.20 -86.46
CA ILE H 1927 -69.58 -6.69 -86.92
C ILE H 1927 -69.49 -8.16 -87.30
N LEU H 1928 -68.59 -8.49 -88.24
CA LEU H 1928 -68.45 -9.83 -88.80
C LEU H 1928 -67.91 -10.87 -87.80
N LYS H 1929 -67.24 -10.38 -86.75
CA LYS H 1929 -66.79 -11.23 -85.66
C LYS H 1929 -67.96 -11.59 -84.76
N MET H 1930 -68.74 -10.58 -84.38
CA MET H 1930 -69.87 -10.77 -83.49
C MET H 1930 -71.12 -11.25 -84.22
N GLN H 1931 -71.04 -11.27 -85.54
CA GLN H 1931 -72.12 -11.76 -86.40
C GLN H 1931 -71.87 -13.22 -86.75
N LYS H 1932 -70.71 -13.72 -86.33
CA LYS H 1932 -70.35 -15.12 -86.46
C LYS H 1932 -70.45 -15.63 -87.91
N ILE H 1933 -69.88 -14.87 -88.85
CA ILE H 1933 -70.06 -15.19 -90.27
C ILE H 1933 -69.11 -16.25 -90.85
N ASP H 1934 -69.51 -16.75 -92.02
CA ASP H 1934 -68.74 -17.73 -92.78
C ASP H 1934 -68.86 -17.28 -94.24
N ILE H 1935 -67.76 -16.79 -94.81
CA ILE H 1935 -67.78 -16.28 -96.17
C ILE H 1935 -67.67 -17.38 -97.24
N GLN H 1936 -67.41 -18.61 -96.80
CA GLN H 1936 -67.39 -19.79 -97.68
C GLN H 1936 -68.82 -20.28 -97.95
N ALA H 1937 -69.63 -20.33 -96.88
CA ALA H 1937 -71.05 -20.65 -96.97
C ALA H 1937 -71.88 -19.52 -97.60
N LEU H 1938 -71.37 -18.29 -97.54
CA LEU H 1938 -72.03 -17.11 -98.10
C LEU H 1938 -71.62 -16.82 -99.55
N MET H 1939 -70.71 -17.64 -100.08
CA MET H 1939 -70.27 -17.52 -101.48
C MET H 1939 -70.94 -18.57 -102.37
N GLN H 1940 -71.59 -19.53 -101.72
CA GLN H 1940 -72.40 -20.56 -102.39
C GLN H 1940 -73.89 -20.23 -102.25
N SER H 1941 -74.27 -19.65 -101.11
CA SER H 1941 -75.64 -19.19 -100.86
C SER H 1941 -75.95 -17.94 -101.69
N MET H 1942 -75.22 -16.87 -101.43
CA MET H 1942 -75.36 -15.62 -102.19
C MET H 1942 -74.26 -15.53 -103.26
N SER H 1943 -74.60 -14.99 -104.42
CA SER H 1943 -73.59 -14.78 -105.45
C SER H 1943 -72.55 -13.75 -105.00
N LEU H 1944 -71.71 -13.33 -105.93
CA LEU H 1944 -70.66 -12.37 -105.63
C LEU H 1944 -71.24 -10.98 -105.37
N GLU H 1945 -72.27 -10.62 -106.13
CA GLU H 1945 -72.94 -9.32 -106.03
C GLU H 1945 -73.78 -9.18 -104.76
N ASP H 1946 -74.18 -10.32 -104.20
CA ASP H 1946 -75.14 -10.37 -103.09
C ASP H 1946 -74.46 -10.10 -101.76
N VAL H 1947 -73.25 -10.64 -101.61
CA VAL H 1947 -72.40 -10.35 -100.46
C VAL H 1947 -71.58 -9.06 -100.68
N ARG H 1948 -71.40 -8.69 -101.95
CA ARG H 1948 -70.76 -7.42 -102.33
C ARG H 1948 -71.67 -6.22 -102.09
N ALA H 1949 -72.94 -6.35 -102.49
CA ALA H 1949 -73.95 -5.34 -102.21
C ALA H 1949 -74.41 -5.41 -100.74
N HIS H 1950 -74.15 -6.55 -100.11
CA HIS H 1950 -74.38 -6.75 -98.68
C HIS H 1950 -73.32 -6.03 -97.83
N LEU H 1951 -72.11 -5.93 -98.40
CA LEU H 1951 -70.97 -5.20 -97.80
C LEU H 1951 -71.08 -3.69 -97.96
N VAL H 1952 -71.43 -3.22 -99.16
CA VAL H 1952 -71.63 -1.80 -99.41
C VAL H 1952 -72.69 -1.24 -98.45
N GLU H 1953 -73.46 -2.13 -97.83
CA GLU H 1953 -74.36 -1.78 -96.74
C GLU H 1953 -73.60 -1.48 -95.43
N ILE H 1954 -73.00 -2.52 -94.86
CA ILE H 1954 -72.25 -2.40 -93.61
C ILE H 1954 -71.12 -1.35 -93.70
N ILE H 1955 -70.64 -1.09 -94.92
CA ILE H 1955 -69.59 -0.08 -95.14
C ILE H 1955 -70.09 1.34 -94.89
N GLN H 1956 -71.10 1.77 -95.65
CA GLN H 1956 -71.70 3.10 -95.47
C GLN H 1956 -72.28 3.31 -94.05
N GLU H 1957 -72.81 2.24 -93.46
CA GLU H 1957 -73.29 2.29 -92.08
C GLU H 1957 -72.16 2.69 -91.15
N CYS H 1958 -71.17 1.80 -91.07
CA CYS H 1958 -69.99 1.98 -90.22
C CYS H 1958 -69.15 3.21 -90.62
N ARG H 1959 -69.43 3.74 -91.81
CA ARG H 1959 -68.73 4.90 -92.36
C ARG H 1959 -69.18 6.20 -91.72
N LYS H 1960 -70.47 6.50 -91.84
CA LYS H 1960 -71.00 7.78 -91.38
C LYS H 1960 -71.05 7.87 -89.85
N GLN H 1961 -70.82 6.75 -89.18
CA GLN H 1961 -70.68 6.73 -87.73
C GLN H 1961 -69.31 7.28 -87.32
N THR H 1962 -68.31 6.97 -88.13
CA THR H 1962 -66.95 7.46 -87.90
C THR H 1962 -66.82 8.93 -88.34
N GLU H 1963 -67.70 9.34 -89.26
CA GLU H 1963 -67.67 10.70 -89.83
C GLU H 1963 -68.21 11.76 -88.87
N ALA H 1964 -69.29 11.42 -88.18
CA ALA H 1964 -69.92 12.31 -87.19
C ALA H 1964 -69.10 12.40 -85.91
N LYS H 1965 -68.29 11.37 -85.66
CA LYS H 1965 -67.33 11.37 -84.56
C LYS H 1965 -66.21 12.40 -84.84
N PRO H 1966 -65.46 12.81 -83.80
CA PRO H 1966 -64.43 13.85 -83.91
C PRO H 1966 -63.58 13.76 -85.19
N GLN H 1967 -63.12 14.90 -85.67
CA GLN H 1967 -62.38 14.96 -86.94
C GLN H 1967 -61.02 14.20 -86.95
N PRO H 1968 -60.22 14.33 -85.87
CA PRO H 1968 -59.05 13.43 -85.78
C PRO H 1968 -59.42 12.19 -84.96
N VAL H 1969 -59.67 11.07 -85.65
CA VAL H 1969 -60.14 9.85 -85.00
C VAL H 1969 -59.04 9.11 -84.25
N GLN H 1970 -59.10 9.10 -82.92
CA GLN H 1970 -58.17 8.28 -82.12
C GLN H 1970 -58.58 6.80 -82.19
N LEU H 1971 -58.06 6.12 -83.22
CA LEU H 1971 -58.35 4.71 -83.49
C LEU H 1971 -57.93 3.81 -82.34
N GLU H 1972 -58.79 2.84 -82.01
CA GLU H 1972 -58.57 2.01 -80.83
C GLU H 1972 -58.63 0.51 -81.12
N ARG H 1973 -58.33 -0.26 -80.08
CA ARG H 1973 -58.18 -1.72 -80.18
C ARG H 1973 -59.53 -2.45 -80.37
N GLY H 1974 -59.68 -3.13 -81.51
CA GLY H 1974 -60.86 -3.93 -81.77
C GLY H 1974 -60.67 -5.40 -81.39
N PHE H 1975 -61.23 -6.29 -82.19
CA PHE H 1975 -61.07 -7.74 -81.97
C PHE H 1975 -59.73 -8.22 -82.53
N ALA H 1976 -59.45 -7.80 -83.76
CA ALA H 1976 -58.20 -8.13 -84.43
C ALA H 1976 -57.48 -6.83 -84.80
N THR H 1977 -58.18 -5.73 -84.60
CA THR H 1977 -57.72 -4.39 -84.99
C THR H 1977 -56.92 -3.71 -83.88
N ILE H 1978 -55.61 -3.95 -83.84
CA ILE H 1978 -54.73 -3.28 -82.87
C ILE H 1978 -53.79 -2.30 -83.57
N PRO H 1979 -54.10 -0.98 -83.48
CA PRO H 1979 -53.35 0.06 -84.19
C PRO H 1979 -51.90 0.16 -83.72
N LEU H 1980 -51.01 0.49 -84.65
CA LEU H 1980 -49.60 0.62 -84.35
C LEU H 1980 -49.27 2.03 -83.90
N ARG H 1981 -48.95 2.18 -82.62
CA ARG H 1981 -48.66 3.48 -82.03
C ARG H 1981 -47.30 4.03 -82.44
N GLY H 1982 -47.30 5.14 -83.17
CA GLY H 1982 -46.07 5.79 -83.60
C GLY H 1982 -45.85 5.79 -85.10
N ILE H 1983 -46.93 5.84 -85.88
CA ILE H 1983 -46.82 5.89 -87.34
C ILE H 1983 -47.68 6.98 -87.97
N ASP H 1984 -47.03 7.98 -88.54
CA ASP H 1984 -47.71 9.09 -89.18
C ASP H 1984 -48.00 8.78 -90.64
N VAL H 1985 -46.99 8.22 -91.31
CA VAL H 1985 -47.03 8.06 -92.76
C VAL H 1985 -47.54 6.67 -93.18
N PRO H 1986 -48.39 6.63 -94.23
CA PRO H 1986 -48.86 5.36 -94.81
C PRO H 1986 -47.82 4.87 -95.79
N PHE H 1987 -46.77 4.24 -95.28
CA PHE H 1987 -45.73 3.73 -96.16
C PHE H 1987 -46.01 2.30 -96.64
N HIS H 1988 -45.37 1.93 -97.76
CA HIS H 1988 -45.65 0.68 -98.49
C HIS H 1988 -47.07 0.68 -99.10
N SER H 1989 -47.45 1.83 -99.67
CA SER H 1989 -48.76 2.03 -100.31
C SER H 1989 -48.61 2.94 -101.52
N THR H 1990 -49.72 3.19 -102.21
CA THR H 1990 -49.69 4.01 -103.42
C THR H 1990 -49.25 5.44 -103.11
N PHE H 1991 -49.50 5.87 -101.89
CA PHE H 1991 -49.26 7.26 -101.48
C PHE H 1991 -47.85 7.73 -101.76
N LEU H 1992 -46.88 6.96 -101.27
CA LEU H 1992 -45.48 7.32 -101.40
C LEU H 1992 -44.95 7.15 -102.82
N ARG H 1993 -45.87 6.97 -103.77
CA ARG H 1993 -45.49 6.80 -105.16
C ARG H 1993 -44.87 8.11 -105.65
N SER H 1994 -45.31 9.21 -105.07
CA SER H 1994 -44.86 10.55 -105.44
C SER H 1994 -43.35 10.72 -105.30
N GLY H 1995 -42.84 10.44 -104.11
CA GLY H 1995 -41.43 10.65 -103.83
C GLY H 1995 -40.50 9.55 -104.31
N VAL H 1996 -41.02 8.65 -105.15
CA VAL H 1996 -40.19 7.60 -105.74
C VAL H 1996 -39.24 8.20 -106.78
N LYS H 1997 -39.59 9.38 -107.27
CA LYS H 1997 -38.82 10.07 -108.30
C LYS H 1997 -37.43 10.53 -107.82
N PRO H 1998 -37.39 11.31 -106.71
CA PRO H 1998 -36.12 11.83 -106.16
C PRO H 1998 -35.25 10.73 -105.56
N PHE H 1999 -35.87 9.82 -104.80
CA PHE H 1999 -35.15 8.73 -104.16
C PHE H 1999 -34.38 7.88 -105.15
N ARG H 2000 -34.96 7.67 -106.34
CA ARG H 2000 -34.29 6.91 -107.39
C ARG H 2000 -33.01 7.63 -107.83
N SER H 2001 -33.16 8.89 -108.24
CA SER H 2001 -32.02 9.68 -108.71
C SER H 2001 -30.94 9.82 -107.64
N PHE H 2002 -31.33 9.63 -106.37
CA PHE H 2002 -30.38 9.62 -105.27
C PHE H 2002 -29.65 8.28 -105.20
N LEU H 2003 -30.38 7.19 -105.36
CA LEU H 2003 -29.79 5.85 -105.36
C LEU H 2003 -28.75 5.72 -106.47
N LEU H 2004 -28.92 6.51 -107.53
CA LEU H 2004 -28.04 6.43 -108.69
C LEU H 2004 -26.76 7.19 -108.43
N LYS H 2005 -26.86 8.15 -107.51
CA LYS H 2005 -25.70 8.89 -107.05
C LYS H 2005 -24.88 8.00 -106.13
N LYS H 2006 -25.58 7.18 -105.34
CA LYS H 2006 -24.95 6.40 -104.28
C LYS H 2006 -24.47 5.03 -104.74
N ILE H 2007 -25.14 4.46 -105.75
CA ILE H 2007 -24.71 3.16 -106.28
C ILE H 2007 -23.96 3.33 -107.61
N ASN H 2008 -22.89 2.55 -107.75
CA ASN H 2008 -22.08 2.56 -108.96
C ASN H 2008 -22.22 1.22 -109.70
N LYS H 2009 -22.50 1.26 -110.99
CA LYS H 2009 -22.59 0.05 -111.82
C LYS H 2009 -21.38 -0.84 -111.58
N THR H 2010 -20.19 -0.23 -111.64
CA THR H 2010 -18.92 -0.90 -111.46
C THR H 2010 -18.88 -1.82 -110.24
N THR H 2011 -19.35 -1.28 -109.11
CA THR H 2011 -19.32 -1.97 -107.82
C THR H 2011 -20.13 -3.27 -107.80
N ILE H 2012 -21.07 -3.41 -108.72
CA ILE H 2012 -22.04 -4.49 -108.64
C ILE H 2012 -21.59 -5.80 -109.30
N ASP H 2013 -21.83 -6.89 -108.58
CA ASP H 2013 -21.72 -8.24 -109.13
C ASP H 2013 -23.10 -8.76 -109.42
N PRO H 2014 -23.39 -9.01 -110.70
CA PRO H 2014 -24.69 -9.64 -110.97
C PRO H 2014 -24.74 -10.92 -110.16
N SER H 2015 -23.64 -11.67 -110.23
CA SER H 2015 -23.49 -12.99 -109.62
C SER H 2015 -23.99 -13.11 -108.19
N LYS H 2016 -23.91 -12.03 -107.43
CA LYS H 2016 -24.28 -12.04 -106.01
C LYS H 2016 -25.80 -12.06 -105.76
N LEU H 2017 -26.55 -11.24 -106.50
CA LEU H 2017 -28.01 -11.22 -106.38
C LEU H 2017 -28.71 -12.05 -107.46
N ILE H 2018 -27.94 -12.58 -108.41
CA ILE H 2018 -28.52 -13.27 -109.59
C ILE H 2018 -29.68 -14.22 -109.29
N GLY H 2019 -29.60 -14.95 -108.17
CA GLY H 2019 -30.66 -15.88 -107.81
C GLY H 2019 -30.79 -16.08 -106.32
N LYS H 2020 -30.21 -15.15 -105.57
CA LYS H 2020 -30.12 -15.28 -104.10
C LYS H 2020 -30.95 -14.23 -103.34
N TYR H 2021 -31.19 -13.09 -103.98
CA TYR H 2021 -31.83 -11.95 -103.33
C TYR H 2021 -33.35 -11.90 -103.56
N ILE H 2022 -34.09 -11.93 -102.47
CA ILE H 2022 -35.55 -11.83 -102.54
C ILE H 2022 -36.05 -10.44 -102.13
N PRO H 2023 -36.49 -9.63 -103.11
CA PRO H 2023 -37.05 -8.29 -102.87
C PRO H 2023 -38.36 -8.29 -102.08
N ASN H 2024 -39.04 -7.15 -102.05
CA ASN H 2024 -40.34 -7.02 -101.36
C ASN H 2024 -41.46 -6.73 -102.36
N VAL H 2025 -41.07 -6.31 -103.56
CA VAL H 2025 -42.01 -6.11 -104.63
C VAL H 2025 -42.17 -7.43 -105.39
N THR H 2026 -41.06 -8.12 -105.63
CA THR H 2026 -41.07 -9.43 -106.29
C THR H 2026 -40.78 -10.55 -105.31
N ALA H 2027 -41.82 -11.21 -104.81
CA ALA H 2027 -41.64 -12.22 -103.77
C ALA H 2027 -40.85 -13.44 -104.24
N LYS H 2028 -40.44 -13.44 -105.49
CA LYS H 2028 -39.60 -14.52 -106.00
C LYS H 2028 -38.18 -14.03 -106.32
N PRO H 2029 -37.18 -14.91 -106.15
CA PRO H 2029 -35.74 -14.68 -106.32
C PRO H 2029 -35.35 -13.76 -107.49
N PHE H 2030 -34.65 -12.68 -107.16
CA PHE H 2030 -34.16 -11.70 -108.12
C PHE H 2030 -33.50 -12.39 -109.29
N GLU H 2031 -34.13 -12.29 -110.46
CA GLU H 2031 -33.57 -12.85 -111.69
C GLU H 2031 -33.37 -11.73 -112.71
N ILE H 2032 -32.44 -11.93 -113.64
CA ILE H 2032 -32.10 -10.90 -114.60
C ILE H 2032 -32.86 -11.04 -115.92
N SER H 2033 -33.54 -12.16 -116.10
CA SER H 2033 -34.27 -12.47 -117.34
C SER H 2033 -35.22 -11.35 -117.80
N LYS H 2034 -35.52 -11.33 -119.10
CA LYS H 2034 -36.42 -10.33 -119.69
C LYS H 2034 -37.87 -10.51 -119.22
N GLU H 2035 -38.18 -11.73 -118.78
CA GLU H 2035 -39.51 -12.07 -118.28
C GLU H 2035 -39.71 -11.49 -116.90
N TYR H 2036 -38.59 -11.30 -116.20
CA TYR H 2036 -38.60 -10.72 -114.86
C TYR H 2036 -38.96 -9.23 -114.90
N PHE H 2037 -38.38 -8.51 -115.87
CA PHE H 2037 -38.67 -7.10 -116.07
C PHE H 2037 -40.15 -6.87 -116.36
N GLU H 2038 -40.82 -7.93 -116.81
CA GLU H 2038 -42.25 -7.92 -117.09
C GLU H 2038 -43.06 -8.14 -115.82
N GLU H 2039 -42.52 -8.96 -114.92
CA GLU H 2039 -43.11 -9.16 -113.61
C GLU H 2039 -42.89 -7.91 -112.75
N VAL H 2040 -41.78 -7.22 -113.00
CA VAL H 2040 -41.45 -5.96 -112.31
C VAL H 2040 -42.26 -4.79 -112.87
N HIS H 2041 -42.31 -4.70 -114.19
CA HIS H 2041 -43.01 -3.64 -114.87
C HIS H 2041 -44.52 -3.73 -114.64
N ARG H 2042 -45.04 -4.96 -114.55
CA ARG H 2042 -46.45 -5.19 -114.26
C ARG H 2042 -46.81 -4.57 -112.91
N LEU H 2043 -45.90 -4.71 -111.95
CA LEU H 2043 -46.14 -4.25 -110.58
C LEU H 2043 -45.76 -2.78 -110.38
N THR H 2044 -44.74 -2.34 -111.10
CA THR H 2044 -44.14 -1.02 -110.84
C THR H 2044 -44.39 0.03 -111.93
N GLY H 2045 -44.04 -0.32 -113.17
CA GLY H 2045 -44.13 0.61 -114.28
C GLY H 2045 -42.90 1.50 -114.39
N SER H 2046 -41.73 0.87 -114.28
CA SER H 2046 -40.47 1.60 -114.38
C SER H 2046 -40.20 2.01 -115.83
N PRO H 2047 -40.21 3.32 -116.09
CA PRO H 2047 -39.95 3.85 -117.45
C PRO H 2047 -38.57 3.45 -117.98
N LYS H 2048 -37.63 3.16 -117.08
CA LYS H 2048 -36.31 2.66 -117.46
C LYS H 2048 -36.42 1.18 -117.83
N ILE H 2049 -37.43 0.51 -117.29
CA ILE H 2049 -37.68 -0.90 -117.59
C ILE H 2049 -38.43 -1.12 -118.89
N ALA H 2050 -39.43 -0.27 -119.17
CA ALA H 2050 -40.15 -0.35 -120.43
C ALA H 2050 -39.18 -0.09 -121.58
N ASN H 2051 -38.31 0.90 -121.35
CA ASN H 2051 -37.26 1.29 -122.28
C ASN H 2051 -36.14 0.22 -122.47
N ILE H 2052 -35.85 -0.52 -121.40
CA ILE H 2052 -34.82 -1.57 -121.42
C ILE H 2052 -35.43 -2.95 -121.74
N LEU H 2053 -36.76 -3.00 -121.77
CA LEU H 2053 -37.49 -4.18 -122.23
C LEU H 2053 -37.73 -4.10 -123.74
N ALA H 2054 -37.87 -2.87 -124.24
CA ALA H 2054 -38.01 -2.61 -125.67
C ALA H 2054 -36.73 -2.94 -126.44
N ASN H 2055 -35.59 -2.57 -125.86
CA ASN H 2055 -34.28 -2.85 -126.47
C ASN H 2055 -33.82 -4.30 -126.30
N TRP H 2056 -34.65 -5.13 -125.67
CA TRP H 2056 -34.20 -6.41 -125.10
C TRP H 2056 -33.23 -7.22 -125.98
N ASP H 2057 -33.41 -7.11 -127.29
CA ASP H 2057 -32.54 -7.76 -128.26
C ASP H 2057 -31.09 -7.29 -128.11
N LYS H 2058 -30.94 -5.97 -128.12
CA LYS H 2058 -29.67 -5.30 -127.86
C LYS H 2058 -28.79 -5.96 -126.77
N TYR H 2059 -29.41 -6.70 -125.85
CA TYR H 2059 -28.69 -7.26 -124.69
C TYR H 2059 -28.28 -8.74 -124.85
N GLU H 2060 -28.46 -9.27 -126.07
CA GLU H 2060 -28.08 -10.64 -126.44
C GLU H 2060 -27.85 -11.59 -125.25
N GLN I 1 -10.07 -120.02 -59.42
CA GLN I 1 -11.33 -119.90 -60.15
C GLN I 1 -12.26 -118.77 -59.65
N SER I 2 -12.47 -118.70 -58.34
CA SER I 2 -13.44 -117.77 -57.77
C SER I 2 -13.01 -117.25 -56.39
N LEU I 3 -12.19 -116.19 -56.38
CA LEU I 3 -11.76 -115.54 -55.14
C LEU I 3 -11.74 -114.02 -55.28
N ARG I 4 -12.40 -113.35 -54.34
CA ARG I 4 -12.53 -111.90 -54.41
C ARG I 4 -12.42 -111.24 -53.03
N PRO I 5 -11.30 -110.54 -52.78
CA PRO I 5 -10.98 -109.76 -51.56
C PRO I 5 -11.96 -108.62 -51.21
N LEU I 6 -12.76 -108.83 -50.16
CA LEU I 6 -13.68 -107.80 -49.64
C LEU I 6 -13.24 -107.29 -48.27
N VAL I 7 -12.98 -105.99 -48.16
CA VAL I 7 -12.52 -105.43 -46.89
C VAL I 7 -13.59 -104.59 -46.17
N LEU I 8 -13.82 -104.89 -44.89
CA LEU I 8 -14.65 -104.05 -44.04
C LEU I 8 -13.79 -103.08 -43.26
N THR I 9 -13.71 -101.85 -43.77
CA THR I 9 -12.81 -100.83 -43.28
C THR I 9 -13.53 -99.78 -42.43
N HIS I 10 -12.88 -99.32 -41.36
CA HIS I 10 -13.47 -98.31 -40.48
C HIS I 10 -12.49 -97.84 -39.41
N GLY I 11 -12.34 -96.52 -39.29
CA GLY I 11 -11.50 -95.92 -38.26
C GLY I 11 -10.14 -96.57 -38.10
N SER I 12 -10.05 -97.51 -37.16
CA SER I 12 -8.80 -98.22 -36.87
C SER I 12 -8.98 -99.76 -36.83
N LEU I 13 -10.12 -100.24 -37.29
CA LEU I 13 -10.39 -101.67 -37.34
C LEU I 13 -10.88 -102.14 -38.71
N GLU I 14 -10.30 -103.24 -39.19
CA GLU I 14 -10.65 -103.79 -40.50
C GLU I 14 -10.91 -105.29 -40.43
N PHE I 15 -11.72 -105.78 -41.35
CA PHE I 15 -11.88 -107.21 -41.52
C PHE I 15 -11.83 -107.62 -42.99
N SER I 16 -10.96 -108.59 -43.31
CA SER I 16 -10.82 -109.09 -44.68
C SER I 16 -11.75 -110.28 -44.97
N PHE I 17 -12.12 -110.42 -46.24
CA PHE I 17 -13.16 -111.36 -46.62
C PHE I 17 -12.84 -112.09 -47.92
N LEU I 18 -13.32 -113.32 -48.05
CA LEU I 18 -13.21 -114.04 -49.32
C LEU I 18 -14.58 -114.31 -49.93
N VAL I 19 -14.73 -113.87 -51.18
CA VAL I 19 -16.01 -113.84 -51.86
C VAL I 19 -15.92 -114.57 -53.19
N PRO I 20 -17.01 -115.24 -53.61
CA PRO I 20 -17.03 -115.74 -55.01
C PRO I 20 -16.91 -114.57 -56.00
N THR I 21 -16.18 -114.81 -57.09
CA THR I 21 -16.03 -113.81 -58.16
C THR I 21 -17.38 -113.27 -58.60
N SER I 22 -18.32 -114.20 -58.79
CA SER I 22 -19.69 -113.88 -59.18
C SER I 22 -20.39 -112.93 -58.19
N LEU I 23 -20.51 -113.36 -56.95
CA LEU I 23 -21.22 -112.59 -55.93
C LEU I 23 -20.32 -111.59 -55.22
N HIS I 24 -19.60 -110.78 -56.00
CA HIS I 24 -18.70 -109.79 -55.40
C HIS I 24 -19.21 -108.36 -55.39
N PHE I 25 -20.17 -108.03 -56.27
CA PHE I 25 -20.76 -106.70 -56.21
C PHE I 25 -22.04 -106.62 -55.36
N GLN I 26 -22.68 -107.77 -55.13
CA GLN I 26 -23.77 -107.80 -54.16
C GLN I 26 -23.17 -107.55 -52.79
N ALA I 27 -22.01 -108.16 -52.56
CA ALA I 27 -21.27 -108.03 -51.31
C ALA I 27 -20.54 -106.69 -51.22
N ALA I 28 -20.22 -106.11 -52.37
CA ALA I 28 -19.67 -104.75 -52.41
C ALA I 28 -20.74 -103.73 -52.04
N GLN I 29 -21.96 -103.93 -52.55
CA GLN I 29 -23.10 -103.04 -52.27
C GLN I 29 -23.55 -102.96 -50.79
N LEU I 30 -23.68 -104.13 -50.18
CA LEU I 30 -24.05 -104.20 -48.78
C LEU I 30 -22.97 -103.57 -47.91
N LYS I 31 -21.72 -103.77 -48.29
CA LYS I 31 -20.59 -103.16 -47.59
C LYS I 31 -20.59 -101.64 -47.75
N ASP I 32 -20.89 -101.19 -48.96
CA ASP I 32 -20.84 -99.77 -49.31
C ASP I 32 -21.85 -98.93 -48.51
N SER I 33 -23.13 -99.26 -48.65
CA SER I 33 -24.19 -98.53 -47.98
C SER I 33 -24.14 -98.75 -46.47
N PHE I 34 -23.36 -99.74 -46.05
CA PHE I 34 -23.21 -100.07 -44.63
C PHE I 34 -22.15 -99.21 -43.95
N LEU I 35 -21.17 -98.74 -44.73
CA LEU I 35 -20.10 -97.89 -44.21
C LEU I 35 -20.55 -96.43 -44.20
N ALA I 36 -21.82 -96.23 -44.51
CA ALA I 36 -22.48 -94.92 -44.38
C ALA I 36 -23.46 -94.95 -43.21
N THR I 37 -23.94 -96.15 -42.87
CA THR I 37 -24.80 -96.37 -41.70
C THR I 37 -24.06 -96.00 -40.43
N LEU I 38 -22.73 -96.18 -40.46
CA LEU I 38 -21.87 -95.86 -39.33
C LEU I 38 -21.57 -94.35 -39.31
N PRO I 39 -21.39 -93.77 -38.12
CA PRO I 39 -21.07 -92.34 -38.03
C PRO I 39 -19.58 -92.13 -38.31
N GLN I 40 -19.22 -90.90 -38.67
CA GLN I 40 -17.83 -90.55 -38.94
C GLN I 40 -16.87 -91.24 -37.96
N PRO I 41 -15.84 -91.92 -38.51
CA PRO I 41 -14.90 -92.73 -37.70
C PRO I 41 -14.25 -91.92 -36.58
N THR I 42 -13.89 -92.63 -35.51
CA THR I 42 -13.23 -91.99 -34.38
C THR I 42 -11.88 -92.66 -34.11
N GLU I 43 -10.81 -91.87 -34.22
CA GLU I 43 -9.44 -92.34 -34.00
C GLU I 43 -9.14 -92.46 -32.50
N GLU I 44 -10.15 -92.11 -31.70
CA GLU I 44 -10.11 -92.30 -30.25
C GLU I 44 -10.59 -93.70 -29.89
N LEU I 45 -10.79 -94.50 -30.95
CA LEU I 45 -10.99 -95.95 -30.84
C LEU I 45 -12.37 -96.43 -30.37
N ALA I 46 -13.33 -95.52 -30.24
CA ALA I 46 -14.70 -95.92 -29.89
C ALA I 46 -15.69 -94.78 -29.99
N GLN I 47 -16.94 -95.13 -30.29
CA GLN I 47 -18.06 -94.20 -30.21
C GLN I 47 -19.18 -94.83 -29.39
N ASP I 48 -20.02 -94.01 -28.76
CA ASP I 48 -21.16 -94.54 -28.01
C ASP I 48 -22.19 -95.20 -28.96
N ASP I 49 -22.39 -96.50 -28.76
CA ASP I 49 -23.32 -97.32 -29.56
C ASP I 49 -22.99 -97.41 -31.06
N GLU I 50 -21.69 -97.27 -31.36
CA GLU I 50 -21.15 -97.52 -32.69
C GLU I 50 -20.06 -98.59 -32.54
N PRO I 51 -19.30 -98.91 -33.61
CA PRO I 51 -18.35 -100.01 -33.42
C PRO I 51 -17.37 -99.84 -32.23
N SER I 52 -17.03 -100.95 -31.58
CA SER I 52 -16.09 -100.99 -30.46
C SER I 52 -14.97 -102.00 -30.68
N SER I 53 -15.25 -103.04 -31.46
CA SER I 53 -14.26 -104.07 -31.78
C SER I 53 -14.40 -104.45 -33.25
N VAL I 54 -13.55 -105.36 -33.73
CA VAL I 54 -13.71 -105.93 -35.07
C VAL I 54 -14.85 -106.96 -35.06
N VAL I 55 -15.16 -107.50 -33.88
CA VAL I 55 -16.28 -108.43 -33.71
C VAL I 55 -17.63 -107.75 -33.92
N GLU I 56 -17.62 -106.42 -33.81
CA GLU I 56 -18.82 -105.60 -33.98
C GLU I 56 -19.00 -105.10 -35.42
N LEU I 57 -17.91 -105.02 -36.16
CA LEU I 57 -17.97 -104.61 -37.57
C LEU I 57 -18.69 -105.68 -38.39
N VAL I 58 -18.38 -106.94 -38.08
CA VAL I 58 -18.99 -108.06 -38.78
C VAL I 58 -20.40 -108.31 -38.29
N ALA I 59 -20.58 -108.23 -36.97
CA ALA I 59 -21.90 -108.38 -36.36
C ALA I 59 -22.89 -107.34 -36.88
N ARG I 60 -22.45 -106.09 -36.97
CA ARG I 60 -23.29 -105.00 -37.50
C ARG I 60 -23.64 -105.22 -38.96
N TYR I 61 -22.72 -105.86 -39.68
CA TYR I 61 -22.89 -106.12 -41.10
C TYR I 61 -23.81 -107.33 -41.32
N ILE I 62 -23.74 -108.32 -40.43
CA ILE I 62 -24.56 -109.54 -40.54
C ILE I 62 -26.04 -109.22 -40.41
N ALA I 63 -26.35 -108.28 -39.51
CA ALA I 63 -27.73 -107.85 -39.29
C ALA I 63 -28.16 -106.85 -40.35
N PHE I 64 -27.18 -106.10 -40.86
CA PHE I 64 -27.45 -105.15 -41.94
C PHE I 64 -27.95 -105.90 -43.19
N VAL I 65 -27.21 -106.93 -43.57
CA VAL I 65 -27.54 -107.73 -44.74
C VAL I 65 -28.80 -108.56 -44.53
N ALA I 66 -28.87 -109.22 -43.38
CA ALA I 66 -29.98 -110.10 -43.06
C ALA I 66 -31.30 -109.33 -42.96
N HIS I 67 -31.17 -108.02 -42.74
CA HIS I 67 -32.34 -107.13 -42.74
C HIS I 67 -32.81 -106.85 -44.16
N GLU I 68 -31.87 -106.70 -45.09
CA GLU I 68 -32.18 -106.44 -46.50
C GLU I 68 -32.63 -107.69 -47.25
N VAL I 69 -32.52 -108.84 -46.61
CA VAL I 69 -33.07 -110.10 -47.14
C VAL I 69 -34.58 -110.12 -46.89
N ASP I 70 -34.97 -109.83 -45.65
CA ASP I 70 -36.38 -109.82 -45.26
C ASP I 70 -37.06 -108.53 -45.66
N GLU I 71 -36.28 -107.53 -46.01
CA GLU I 71 -36.80 -106.29 -46.58
C GLU I 71 -37.29 -106.58 -47.99
N GLY I 72 -38.31 -105.87 -48.44
CA GLY I 72 -38.96 -106.14 -49.72
C GLY I 72 -38.20 -105.71 -50.98
N ASP I 73 -36.92 -106.08 -51.06
CA ASP I 73 -36.06 -105.80 -52.23
C ASP I 73 -36.05 -107.00 -53.18
N GLU I 74 -36.87 -106.95 -54.22
CA GLU I 74 -37.10 -108.12 -55.07
C GLU I 74 -36.09 -108.24 -56.20
N ASP I 75 -36.10 -109.40 -56.86
CA ASP I 75 -35.16 -109.72 -57.94
C ASP I 75 -33.74 -109.89 -57.42
N ALA I 76 -33.52 -109.49 -56.17
CA ALA I 76 -32.20 -109.55 -55.55
C ALA I 76 -32.22 -110.38 -54.28
N HIS I 77 -33.24 -111.22 -54.11
CA HIS I 77 -33.33 -112.08 -52.93
C HIS I 77 -32.40 -113.30 -52.96
N PRO I 78 -32.30 -113.99 -54.11
CA PRO I 78 -31.36 -115.11 -54.19
C PRO I 78 -29.90 -114.70 -53.90
N THR I 79 -29.50 -113.51 -54.34
CA THR I 79 -28.11 -113.06 -54.24
C THR I 79 -27.69 -112.61 -52.83
N ASN I 80 -28.65 -112.06 -52.07
CA ASN I 80 -28.43 -111.64 -50.69
C ASN I 80 -28.29 -112.82 -49.71
N LEU I 81 -29.00 -113.90 -50.02
CA LEU I 81 -28.96 -115.14 -49.24
C LEU I 81 -27.58 -115.78 -49.26
N GLU I 82 -26.75 -115.32 -50.19
CA GLU I 82 -25.42 -115.88 -50.42
C GLU I 82 -24.35 -115.05 -49.73
N VAL I 83 -24.44 -113.73 -49.88
CA VAL I 83 -23.60 -112.83 -49.11
C VAL I 83 -23.78 -113.21 -47.64
N LEU I 84 -25.02 -113.54 -47.30
CA LEU I 84 -25.42 -113.92 -45.93
C LEU I 84 -24.71 -115.19 -45.46
N LYS I 85 -24.74 -116.22 -46.30
CA LYS I 85 -24.11 -117.49 -45.94
C LYS I 85 -22.60 -117.34 -45.69
N LEU I 86 -21.95 -116.50 -46.49
CA LEU I 86 -20.51 -116.24 -46.36
C LEU I 86 -20.14 -115.55 -45.06
N ILE I 87 -20.83 -114.45 -44.75
CA ILE I 87 -20.58 -113.71 -43.52
C ILE I 87 -20.85 -114.58 -42.29
N LEU I 88 -21.92 -115.37 -42.34
CA LEU I 88 -22.24 -116.30 -41.26
C LEU I 88 -21.12 -117.31 -41.04
N ASN I 89 -20.60 -117.83 -42.14
CA ASN I 89 -19.52 -118.80 -42.09
C ASN I 89 -18.21 -118.20 -41.60
N GLU I 90 -17.84 -117.06 -42.19
CA GLU I 90 -16.63 -116.32 -41.80
C GLU I 90 -16.66 -115.89 -40.33
N PHE I 91 -17.87 -115.74 -39.80
CA PHE I 91 -18.08 -115.33 -38.41
C PHE I 91 -17.95 -116.51 -37.45
N GLU I 92 -18.60 -117.61 -37.79
CA GLU I 92 -18.51 -118.84 -37.00
C GLU I 92 -17.12 -119.43 -37.11
N ARG I 93 -16.43 -119.08 -38.20
CA ARG I 93 -15.05 -119.49 -38.44
C ARG I 93 -14.10 -118.80 -37.46
N ALA I 94 -13.86 -117.52 -37.71
CA ALA I 94 -12.83 -116.77 -36.99
C ALA I 94 -13.28 -116.31 -35.61
N PHE I 95 -14.50 -115.77 -35.53
CA PHE I 95 -14.93 -115.04 -34.33
C PHE I 95 -15.47 -115.92 -33.22
N MET I 96 -16.46 -116.75 -33.54
CA MET I 96 -17.07 -117.63 -32.57
C MET I 96 -16.22 -118.88 -32.31
N ARG I 97 -15.55 -119.36 -33.36
CA ARG I 97 -14.76 -120.59 -33.29
C ARG I 97 -15.59 -121.72 -32.69
N GLY I 98 -16.70 -122.02 -33.33
CA GLY I 98 -17.57 -123.09 -32.88
C GLY I 98 -18.42 -122.75 -31.66
N ASN I 99 -17.91 -121.88 -30.79
CA ASN I 99 -18.60 -121.55 -29.55
C ASN I 99 -19.85 -120.66 -29.77
N ASP I 100 -20.80 -120.77 -28.85
CA ASP I 100 -22.06 -120.00 -28.91
C ASP I 100 -21.87 -118.47 -28.87
N VAL I 101 -22.80 -117.76 -29.51
CA VAL I 101 -22.70 -116.30 -29.68
C VAL I 101 -22.73 -115.52 -28.36
N HIS I 102 -23.32 -116.12 -27.34
CA HIS I 102 -23.47 -115.44 -26.06
C HIS I 102 -22.17 -115.39 -25.26
N ALA I 103 -21.50 -116.54 -25.19
CA ALA I 103 -20.22 -116.62 -24.48
C ALA I 103 -19.10 -115.95 -25.26
N ILE I 104 -19.33 -115.69 -26.55
CA ILE I 104 -18.38 -114.94 -27.36
C ILE I 104 -18.74 -113.46 -27.45
N ALA I 105 -19.95 -113.11 -27.01
CA ALA I 105 -20.34 -111.72 -26.88
C ALA I 105 -19.91 -111.23 -25.52
N ALA I 106 -19.72 -112.18 -24.62
CA ALA I 106 -19.28 -111.91 -23.25
C ALA I 106 -17.83 -111.44 -23.18
N ASN I 107 -17.17 -111.28 -24.33
CA ASN I 107 -15.80 -110.78 -24.34
C ASN I 107 -15.56 -109.56 -25.23
N VAL I 108 -16.60 -108.73 -25.42
CA VAL I 108 -16.45 -107.47 -26.15
C VAL I 108 -16.59 -106.25 -25.24
N ALA I 109 -16.21 -105.08 -25.76
CA ALA I 109 -16.18 -103.83 -25.00
C ALA I 109 -17.48 -103.58 -24.25
N GLY I 110 -17.40 -103.62 -22.92
CA GLY I 110 -18.58 -103.54 -22.08
C GLY I 110 -19.33 -102.22 -22.09
N ILE I 111 -20.50 -102.24 -22.73
CA ILE I 111 -21.47 -101.16 -22.59
C ILE I 111 -22.78 -101.81 -22.12
N THR I 112 -22.71 -103.13 -21.95
CA THR I 112 -23.83 -103.93 -21.46
C THR I 112 -24.98 -103.80 -22.45
N ALA I 113 -24.68 -103.21 -23.60
CA ALA I 113 -25.72 -102.94 -24.57
C ALA I 113 -25.29 -103.46 -25.92
N LYS I 114 -24.01 -103.26 -26.23
CA LYS I 114 -23.47 -103.74 -27.50
C LYS I 114 -23.25 -105.25 -27.43
N LYS I 115 -23.17 -105.79 -26.21
CA LYS I 115 -23.05 -107.24 -26.04
C LYS I 115 -24.35 -107.90 -26.50
N ILE I 116 -25.44 -107.15 -26.41
CA ILE I 116 -26.72 -107.57 -26.95
C ILE I 116 -26.70 -107.41 -28.46
N GLY I 117 -26.10 -106.32 -28.92
CA GLY I 117 -26.06 -105.98 -30.33
C GLY I 117 -25.43 -107.04 -31.22
N VAL I 118 -24.49 -107.79 -30.66
CA VAL I 118 -23.84 -108.85 -31.42
C VAL I 118 -24.70 -110.09 -31.40
N VAL I 119 -25.32 -110.35 -30.26
CA VAL I 119 -26.13 -111.55 -30.09
C VAL I 119 -27.43 -111.55 -30.91
N ARG I 120 -27.91 -110.38 -31.31
CA ARG I 120 -29.12 -110.32 -32.11
C ARG I 120 -28.79 -110.17 -33.59
N ALA I 121 -27.59 -109.67 -33.87
CA ALA I 121 -27.09 -109.56 -35.24
C ALA I 121 -26.90 -110.96 -35.81
N TYR I 122 -26.72 -111.91 -34.90
CA TYR I 122 -26.48 -113.30 -35.26
C TYR I 122 -27.80 -114.01 -35.55
N TYR I 123 -28.70 -114.03 -34.57
CA TYR I 123 -29.99 -114.69 -34.73
C TYR I 123 -30.93 -113.89 -35.64
N ALA I 124 -30.35 -112.93 -36.34
CA ALA I 124 -31.02 -112.20 -37.40
C ALA I 124 -30.56 -112.72 -38.76
N GLY I 125 -29.27 -113.04 -38.87
CA GLY I 125 -28.73 -113.69 -40.06
C GLY I 125 -28.88 -115.19 -39.98
N ARG I 126 -29.12 -115.69 -38.77
CA ARG I 126 -29.35 -117.10 -38.52
C ARG I 126 -30.69 -117.50 -39.10
N ALA I 127 -31.70 -116.66 -38.88
CA ALA I 127 -33.05 -116.95 -39.33
C ALA I 127 -33.33 -116.42 -40.74
N ALA I 128 -32.50 -115.50 -41.20
CA ALA I 128 -32.63 -114.96 -42.54
C ALA I 128 -31.96 -115.85 -43.58
N ALA I 129 -31.28 -116.89 -43.09
CA ALA I 129 -30.80 -117.98 -43.94
C ALA I 129 -31.39 -119.31 -43.46
N GLY I 130 -32.39 -119.20 -42.58
CA GLY I 130 -33.25 -120.32 -42.20
C GLY I 130 -32.65 -121.46 -41.40
N ARG I 131 -31.46 -121.27 -40.82
CA ARG I 131 -30.79 -122.33 -40.06
C ARG I 131 -31.25 -122.40 -38.60
N ALA I 132 -31.66 -123.58 -38.16
CA ALA I 132 -32.11 -123.80 -36.78
C ALA I 132 -30.96 -124.29 -35.89
N PRO I 133 -30.60 -123.49 -34.87
CA PRO I 133 -29.49 -123.76 -33.95
C PRO I 133 -29.23 -125.25 -33.67
N LYS I 134 -27.99 -125.67 -33.88
CA LYS I 134 -27.58 -127.04 -33.65
C LYS I 134 -27.73 -127.40 -32.18
N PRO I 135 -28.44 -128.50 -31.90
CA PRO I 135 -28.69 -129.00 -30.54
C PRO I 135 -27.43 -129.38 -29.73
N TYR I 136 -26.61 -128.40 -29.37
CA TYR I 136 -25.52 -128.61 -28.41
C TYR I 136 -26.13 -128.54 -27.02
N ASP I 137 -25.46 -129.15 -26.06
CA ASP I 137 -25.77 -128.85 -24.66
C ASP I 137 -24.55 -128.17 -24.03
N SER I 138 -24.80 -127.20 -23.14
CA SER I 138 -23.73 -126.39 -22.57
C SER I 138 -22.81 -127.24 -21.70
N ALA I 139 -21.60 -126.74 -21.47
CA ALA I 139 -20.69 -127.38 -20.55
C ALA I 139 -21.39 -127.53 -19.19
N LEU I 140 -22.41 -126.70 -18.97
CA LEU I 140 -23.16 -126.68 -17.72
C LEU I 140 -24.12 -127.87 -17.61
N PHE I 141 -25.02 -127.99 -18.58
CA PHE I 141 -26.02 -129.06 -18.58
C PHE I 141 -25.39 -130.41 -18.91
N ARG I 142 -24.29 -130.36 -19.64
CA ARG I 142 -23.48 -131.55 -19.92
C ARG I 142 -23.02 -132.14 -18.58
N ALA I 143 -22.38 -131.30 -17.77
CA ALA I 143 -21.92 -131.69 -16.44
C ALA I 143 -23.06 -131.75 -15.42
N ALA I 144 -24.28 -131.48 -15.88
CA ALA I 144 -25.48 -131.60 -15.05
C ALA I 144 -26.04 -133.01 -15.24
N ALA I 145 -26.05 -133.43 -16.49
CA ALA I 145 -26.45 -134.77 -16.87
C ALA I 145 -25.35 -135.74 -16.46
N GLU I 146 -24.12 -135.24 -16.43
CA GLU I 146 -22.99 -136.00 -15.93
C GLU I 146 -22.89 -135.87 -14.41
N ASN I 147 -24.03 -135.52 -13.80
CA ASN I 147 -24.17 -135.37 -12.34
C ASN I 147 -22.97 -134.79 -11.59
N ASN I 148 -22.52 -133.63 -12.06
CA ASN I 148 -21.56 -132.83 -11.33
C ASN I 148 -22.31 -131.67 -10.68
N VAL I 149 -23.16 -131.03 -11.46
CA VAL I 149 -23.95 -129.91 -10.99
C VAL I 149 -25.43 -130.28 -10.82
N LYS I 150 -26.05 -129.80 -9.74
CA LYS I 150 -27.49 -130.00 -9.48
C LYS I 150 -28.22 -128.70 -9.70
N ILE I 151 -28.84 -128.56 -10.87
CA ILE I 151 -29.44 -127.30 -11.28
C ILE I 151 -30.92 -127.21 -10.93
N TYR I 152 -31.27 -126.22 -10.13
CA TYR I 152 -32.67 -125.93 -9.82
C TYR I 152 -33.13 -124.70 -10.60
N SER I 153 -34.44 -124.55 -10.73
CA SER I 153 -35.01 -123.42 -11.46
C SER I 153 -35.78 -122.51 -10.51
N ILE I 154 -35.73 -121.21 -10.76
CA ILE I 154 -36.31 -120.24 -9.85
C ILE I 154 -36.98 -119.11 -10.65
N PHE I 155 -38.16 -118.68 -10.22
CA PHE I 155 -38.97 -117.72 -10.98
C PHE I 155 -39.43 -116.48 -10.19
N GLY I 156 -39.04 -115.30 -10.67
CA GLY I 156 -39.28 -114.06 -9.94
C GLY I 156 -40.72 -113.56 -9.97
N GLY I 157 -40.91 -112.32 -9.55
CA GLY I 157 -42.23 -111.70 -9.54
C GLY I 157 -42.14 -110.20 -9.33
N GLN I 158 -43.21 -109.60 -8.80
CA GLN I 158 -43.20 -108.17 -8.51
C GLN I 158 -42.21 -107.83 -7.39
N GLY I 159 -41.05 -107.33 -7.78
CA GLY I 159 -40.02 -106.95 -6.84
C GLY I 159 -39.32 -105.68 -7.27
N ASN I 160 -39.95 -104.53 -6.98
CA ASN I 160 -39.48 -103.22 -7.42
C ASN I 160 -39.21 -103.22 -8.92
N ILE I 161 -40.08 -103.90 -9.65
CA ILE I 161 -39.97 -103.98 -11.10
C ILE I 161 -41.02 -103.11 -11.77
N GLU I 162 -40.61 -101.94 -12.19
CA GLU I 162 -41.49 -101.04 -12.94
C GLU I 162 -41.02 -100.98 -14.39
N GLU I 163 -39.95 -101.70 -14.67
CA GLU I 163 -39.40 -101.77 -16.02
C GLU I 163 -39.49 -103.18 -16.58
N TYR I 164 -40.54 -103.90 -16.20
CA TYR I 164 -40.71 -105.26 -16.71
C TYR I 164 -40.89 -105.22 -18.23
N PHE I 165 -41.62 -104.23 -18.72
CA PHE I 165 -41.92 -104.13 -20.15
C PHE I 165 -40.69 -103.77 -20.95
N ASP I 166 -39.66 -103.28 -20.27
CA ASP I 166 -38.38 -103.01 -20.88
C ASP I 166 -37.68 -104.31 -21.21
N GLU I 167 -37.89 -105.32 -20.37
CA GLU I 167 -37.34 -106.66 -20.61
C GLU I 167 -38.00 -107.35 -21.81
N LEU I 168 -39.29 -107.09 -22.01
CA LEU I 168 -39.99 -107.60 -23.20
C LEU I 168 -39.37 -107.07 -24.47
N ARG I 169 -39.02 -105.79 -24.49
CA ARG I 169 -38.34 -105.20 -25.65
C ARG I 169 -36.98 -105.83 -25.89
N GLU I 170 -36.23 -106.12 -24.82
CA GLU I 170 -34.98 -106.86 -24.93
C GLU I 170 -35.21 -108.20 -25.63
N ILE I 171 -36.25 -108.90 -25.18
CA ILE I 171 -36.64 -110.18 -25.76
C ILE I 171 -36.98 -110.01 -27.24
N TYR I 172 -38.06 -109.28 -27.52
CA TYR I 172 -38.54 -109.04 -28.89
C TYR I 172 -37.41 -108.62 -29.85
N THR I 173 -36.66 -107.62 -29.44
CA THR I 173 -35.55 -107.09 -30.24
C THR I 173 -34.53 -108.16 -30.56
N THR I 174 -34.04 -108.83 -29.52
CA THR I 174 -32.86 -109.68 -29.64
C THR I 174 -33.15 -111.06 -30.23
N TYR I 175 -34.21 -111.71 -29.77
CA TYR I 175 -34.53 -113.06 -30.22
C TYR I 175 -35.88 -113.14 -30.96
N PRO I 176 -35.97 -112.50 -32.13
CA PRO I 176 -37.23 -112.40 -32.86
C PRO I 176 -37.71 -113.76 -33.34
N SER I 177 -36.82 -114.45 -34.04
CA SER I 177 -37.07 -115.79 -34.55
C SER I 177 -37.66 -116.71 -33.48
N PHE I 178 -37.01 -116.75 -32.32
CA PHE I 178 -37.40 -117.65 -31.24
C PHE I 178 -38.80 -117.40 -30.71
N VAL I 179 -39.13 -116.13 -30.48
CA VAL I 179 -40.23 -115.78 -29.60
C VAL I 179 -41.42 -115.16 -30.30
N GLU I 180 -41.16 -114.48 -31.41
CA GLU I 180 -42.18 -113.71 -32.09
C GLU I 180 -43.52 -114.42 -32.22
N ASP I 181 -43.49 -115.75 -32.30
CA ASP I 181 -44.70 -116.53 -32.53
C ASP I 181 -45.64 -116.60 -31.31
N LEU I 182 -45.11 -116.94 -30.14
CA LEU I 182 -45.93 -116.98 -28.92
C LEU I 182 -46.16 -115.59 -28.36
N ILE I 183 -45.28 -114.66 -28.72
CA ILE I 183 -45.53 -113.26 -28.44
C ILE I 183 -46.83 -112.86 -29.14
N THR I 184 -46.90 -113.10 -30.44
CA THR I 184 -48.07 -112.71 -31.22
C THR I 184 -49.36 -113.30 -30.64
N SER I 185 -49.33 -114.59 -30.36
CA SER I 185 -50.53 -115.32 -29.96
C SER I 185 -50.96 -115.06 -28.52
N ILE I 186 -50.01 -115.10 -27.59
CA ILE I 186 -50.33 -114.84 -26.20
C ILE I 186 -50.87 -113.42 -26.08
N ALA I 187 -50.47 -112.56 -27.03
CA ALA I 187 -50.98 -111.20 -27.07
C ALA I 187 -52.46 -111.23 -27.33
N GLU I 188 -52.82 -111.86 -28.44
CA GLU I 188 -54.21 -111.91 -28.88
C GLU I 188 -55.10 -112.68 -27.91
N LEU I 189 -54.47 -113.53 -27.10
CA LEU I 189 -55.18 -114.20 -26.01
C LEU I 189 -55.68 -113.15 -25.01
N LEU I 190 -54.75 -112.28 -24.59
CA LEU I 190 -55.04 -111.26 -23.58
C LEU I 190 -55.96 -110.20 -24.12
N GLN I 191 -55.77 -109.87 -25.40
CA GLN I 191 -56.61 -108.86 -26.04
C GLN I 191 -58.06 -109.26 -25.94
N SER I 192 -58.31 -110.57 -26.04
CA SER I 192 -59.67 -111.11 -26.01
C SER I 192 -60.18 -111.16 -24.56
N LEU I 193 -59.28 -111.46 -23.65
CA LEU I 193 -59.60 -111.46 -22.24
C LEU I 193 -60.03 -110.07 -21.78
N ALA I 194 -59.41 -109.05 -22.38
CA ALA I 194 -59.62 -107.66 -22.01
C ALA I 194 -61.04 -107.18 -22.30
N ARG I 195 -61.66 -107.80 -23.29
CA ARG I 195 -62.96 -107.34 -23.75
C ARG I 195 -64.10 -107.95 -22.93
N GLU I 196 -63.80 -109.06 -22.24
CA GLU I 196 -64.80 -109.67 -21.38
C GLU I 196 -65.30 -108.64 -20.38
N TRP I 197 -66.62 -108.47 -20.32
CA TRP I 197 -67.27 -107.42 -19.51
C TRP I 197 -66.69 -107.07 -18.12
N ASP I 198 -66.21 -108.06 -17.39
CA ASP I 198 -65.66 -107.84 -16.05
C ASP I 198 -64.34 -107.11 -16.13
N ALA I 199 -63.56 -107.42 -17.16
CA ALA I 199 -62.20 -106.93 -17.30
C ALA I 199 -62.09 -105.56 -17.96
N VAL I 200 -63.19 -105.08 -18.55
CA VAL I 200 -63.13 -103.78 -19.24
C VAL I 200 -62.80 -102.61 -18.32
N LYS I 201 -63.47 -102.55 -17.18
CA LYS I 201 -63.23 -101.47 -16.24
C LYS I 201 -61.75 -101.40 -15.88
N GLN I 202 -61.19 -102.55 -15.47
CA GLN I 202 -59.84 -102.60 -14.93
C GLN I 202 -58.76 -102.49 -16.00
N TYR I 203 -59.17 -102.46 -17.27
CA TYR I 203 -58.25 -102.25 -18.39
C TYR I 203 -58.71 -101.09 -19.24
N PRO I 204 -58.58 -99.87 -18.73
CA PRO I 204 -59.11 -98.70 -19.42
C PRO I 204 -58.30 -98.34 -20.67
N LYS I 205 -56.98 -98.39 -20.56
CA LYS I 205 -56.13 -97.96 -21.67
C LYS I 205 -55.90 -99.11 -22.63
N GLY I 206 -56.46 -100.28 -22.30
CA GLY I 206 -56.43 -101.42 -23.18
C GLY I 206 -55.21 -102.30 -23.03
N LEU I 207 -55.27 -103.47 -23.66
CA LEU I 207 -54.22 -104.45 -23.54
C LEU I 207 -53.80 -104.93 -24.92
N ASP I 208 -52.90 -104.18 -25.56
CA ASP I 208 -52.46 -104.48 -26.91
C ASP I 208 -50.95 -104.53 -26.96
N ILE I 209 -50.39 -105.60 -26.42
CA ILE I 209 -48.95 -105.71 -26.25
C ILE I 209 -48.18 -105.56 -27.56
N LEU I 210 -48.77 -106.05 -28.65
CA LEU I 210 -48.12 -105.95 -29.94
C LEU I 210 -48.00 -104.51 -30.39
N GLN I 211 -49.01 -103.71 -30.06
CA GLN I 211 -49.07 -102.30 -30.45
C GLN I 211 -47.98 -101.47 -29.79
N TRP I 212 -47.85 -101.63 -28.47
CA TRP I 212 -46.87 -100.84 -27.71
C TRP I 212 -45.48 -101.24 -28.13
N LEU I 213 -45.31 -102.49 -28.54
CA LEU I 213 -44.01 -102.98 -28.98
C LEU I 213 -43.61 -102.39 -30.33
N HIS I 214 -44.58 -102.26 -31.23
CA HIS I 214 -44.32 -101.71 -32.56
C HIS I 214 -44.11 -100.20 -32.54
N ASN I 215 -45.09 -99.48 -32.01
CA ASN I 215 -45.00 -98.02 -31.87
C ASN I 215 -44.84 -97.63 -30.42
N PRO I 216 -43.58 -97.47 -29.96
CA PRO I 216 -43.19 -97.27 -28.56
C PRO I 216 -43.86 -96.06 -27.94
N GLU I 217 -44.12 -95.06 -28.78
CA GLU I 217 -44.72 -93.81 -28.34
C GLU I 217 -46.15 -94.03 -27.88
N SER I 218 -46.68 -95.22 -28.17
CA SER I 218 -48.03 -95.59 -27.79
C SER I 218 -48.04 -96.49 -26.56
N GLN I 219 -46.88 -96.69 -25.95
CA GLN I 219 -46.78 -97.47 -24.72
C GLN I 219 -47.43 -96.71 -23.57
N PRO I 220 -48.31 -97.38 -22.81
CA PRO I 220 -48.97 -96.79 -21.65
C PRO I 220 -48.00 -96.35 -20.57
N ASP I 221 -48.48 -95.48 -19.69
CA ASP I 221 -47.69 -94.88 -18.62
C ASP I 221 -47.14 -95.93 -17.65
N THR I 222 -45.99 -95.64 -17.05
CA THR I 222 -45.34 -96.57 -16.13
C THR I 222 -46.29 -96.99 -15.01
N ASP I 223 -47.25 -96.13 -14.68
CA ASP I 223 -48.23 -96.46 -13.64
C ASP I 223 -49.21 -97.52 -14.07
N TYR I 224 -49.64 -97.47 -15.33
CA TYR I 224 -50.56 -98.45 -15.86
C TYR I 224 -49.98 -99.85 -15.82
N LEU I 225 -48.81 -100.03 -16.43
CA LEU I 225 -48.21 -101.35 -16.57
C LEU I 225 -47.99 -102.08 -15.24
N VAL I 226 -47.73 -101.32 -14.17
CA VAL I 226 -47.40 -101.93 -12.87
C VAL I 226 -48.63 -102.47 -12.13
N SER I 227 -49.80 -101.97 -12.50
CA SER I 227 -51.05 -102.40 -11.88
C SER I 227 -51.27 -103.90 -12.08
N ALA I 228 -51.78 -104.56 -11.06
CA ALA I 228 -51.92 -106.02 -11.06
C ALA I 228 -52.52 -106.60 -12.35
N PRO I 229 -53.73 -106.13 -12.75
CA PRO I 229 -54.33 -106.65 -13.98
C PRO I 229 -53.36 -106.75 -15.16
N VAL I 230 -52.64 -105.69 -15.47
CA VAL I 230 -51.69 -105.72 -16.58
C VAL I 230 -50.33 -106.26 -16.16
N SER I 231 -50.01 -106.12 -14.88
CA SER I 231 -48.72 -106.54 -14.37
C SER I 231 -48.59 -108.04 -14.51
N PHE I 232 -49.38 -108.77 -13.75
CA PHE I 232 -49.31 -110.23 -13.67
C PHE I 232 -49.06 -110.94 -15.01
N PRO I 233 -50.07 -110.93 -15.90
CA PRO I 233 -49.97 -111.74 -17.12
C PRO I 233 -48.83 -111.30 -18.03
N LEU I 234 -48.73 -110.00 -18.26
CA LEU I 234 -47.71 -109.45 -19.13
C LEU I 234 -46.31 -109.83 -18.62
N ILE I 235 -46.19 -109.97 -17.30
CA ILE I 235 -44.91 -110.36 -16.70
C ILE I 235 -44.59 -111.83 -16.95
N GLY I 236 -45.54 -112.70 -16.65
CA GLY I 236 -45.41 -114.12 -16.93
C GLY I 236 -44.91 -114.37 -18.35
N LEU I 237 -45.37 -113.55 -19.29
CA LEU I 237 -44.96 -113.65 -20.68
C LEU I 237 -43.47 -113.48 -20.84
N VAL I 238 -42.85 -112.65 -20.01
CA VAL I 238 -41.41 -112.41 -20.08
C VAL I 238 -40.64 -113.54 -19.43
N GLN I 239 -41.28 -114.22 -18.49
CA GLN I 239 -40.69 -115.38 -17.84
C GLN I 239 -40.76 -116.60 -18.77
N LEU I 240 -41.85 -116.71 -19.51
CA LEU I 240 -42.01 -117.76 -20.50
C LEU I 240 -41.03 -117.60 -21.64
N ALA I 241 -41.03 -116.41 -22.23
CA ALA I 241 -40.14 -116.10 -23.35
C ALA I 241 -38.67 -116.31 -22.99
N HIS I 242 -38.35 -116.20 -21.70
CA HIS I 242 -37.00 -116.47 -21.25
C HIS I 242 -36.71 -117.97 -21.29
N TYR I 243 -37.53 -118.76 -20.61
CA TYR I 243 -37.43 -120.22 -20.62
C TYR I 243 -37.42 -120.72 -22.07
N MET I 244 -38.34 -120.17 -22.87
CA MET I 244 -38.46 -120.50 -24.29
C MET I 244 -37.14 -120.25 -25.02
N ILE I 245 -36.52 -119.11 -24.77
CA ILE I 245 -35.26 -118.73 -25.42
C ILE I 245 -34.06 -119.55 -24.93
N THR I 246 -34.12 -120.00 -23.69
CA THR I 246 -33.03 -120.81 -23.14
C THR I 246 -33.02 -122.17 -23.82
N CYS I 247 -34.18 -122.81 -23.89
CA CYS I 247 -34.31 -124.11 -24.53
C CYS I 247 -34.03 -124.00 -26.01
N LYS I 248 -34.62 -122.98 -26.64
CA LYS I 248 -34.48 -122.80 -28.07
C LYS I 248 -33.05 -122.51 -28.51
N THR I 249 -32.32 -121.73 -27.75
CA THR I 249 -30.93 -121.44 -28.09
C THR I 249 -30.06 -122.67 -27.87
N LEU I 250 -30.40 -123.45 -26.84
CA LEU I 250 -29.75 -124.73 -26.59
C LEU I 250 -29.90 -125.68 -27.77
N GLY I 251 -31.05 -125.61 -28.44
CA GLY I 251 -31.32 -126.49 -29.56
C GLY I 251 -32.15 -127.68 -29.10
N ARG I 252 -32.67 -127.59 -27.88
CA ARG I 252 -33.50 -128.63 -27.31
C ARG I 252 -35.00 -128.32 -27.41
N GLU I 253 -35.82 -129.22 -26.84
CA GLU I 253 -37.25 -128.97 -26.67
C GLU I 253 -37.54 -128.77 -25.18
N PRO I 254 -38.71 -128.21 -24.86
CA PRO I 254 -39.10 -127.88 -23.49
C PRO I 254 -38.98 -129.06 -22.52
N GLY I 255 -39.23 -130.28 -22.99
CA GLY I 255 -39.14 -131.45 -22.14
C GLY I 255 -37.70 -131.85 -21.84
N GLU I 256 -36.79 -131.46 -22.72
CA GLU I 256 -35.37 -131.79 -22.58
C GLU I 256 -34.69 -131.05 -21.45
N LEU I 257 -34.69 -129.73 -21.54
CA LEU I 257 -34.13 -128.87 -20.50
C LEU I 257 -34.95 -129.01 -19.22
N LEU I 258 -36.23 -129.33 -19.35
CA LEU I 258 -37.11 -129.57 -18.21
C LEU I 258 -36.60 -130.75 -17.41
N GLU I 259 -35.95 -131.69 -18.06
CA GLU I 259 -35.50 -132.92 -17.40
C GLU I 259 -34.11 -132.77 -16.77
N ARG I 260 -33.38 -131.73 -17.18
CA ARG I 260 -32.04 -131.49 -16.68
C ARG I 260 -32.06 -130.58 -15.43
N PHE I 261 -33.21 -130.51 -14.76
CA PHE I 261 -33.32 -129.79 -13.49
C PHE I 261 -33.61 -130.75 -12.34
N SER I 262 -33.81 -130.22 -11.14
CA SER I 262 -34.06 -131.05 -9.96
C SER I 262 -35.30 -130.57 -9.22
N GLY I 263 -35.63 -129.29 -9.38
CA GLY I 263 -36.76 -128.71 -8.71
C GLY I 263 -37.00 -127.30 -9.20
N THR I 264 -38.18 -126.78 -8.91
CA THR I 264 -38.53 -125.43 -9.35
C THR I 264 -39.56 -124.77 -8.42
N THR I 265 -39.33 -123.51 -8.09
CA THR I 265 -40.28 -122.69 -7.34
C THR I 265 -40.27 -121.24 -7.87
N GLY I 266 -41.33 -120.51 -7.55
CA GLY I 266 -41.45 -119.13 -7.96
C GLY I 266 -41.83 -118.21 -6.82
N HIS I 267 -41.55 -116.92 -6.97
CA HIS I 267 -41.88 -115.93 -5.96
C HIS I 267 -43.28 -115.38 -6.23
N SER I 268 -44.27 -116.07 -5.67
CA SER I 268 -45.68 -115.71 -5.85
C SER I 268 -46.19 -115.84 -7.29
N GLN I 269 -46.04 -114.76 -8.05
CA GLN I 269 -46.48 -114.66 -9.43
C GLN I 269 -45.75 -115.67 -10.32
N GLY I 270 -44.68 -116.26 -9.79
CA GLY I 270 -43.85 -117.20 -10.54
C GLY I 270 -44.26 -118.65 -10.36
N ILE I 271 -44.80 -118.99 -9.20
CA ILE I 271 -45.21 -120.38 -8.94
C ILE I 271 -46.30 -120.86 -9.90
N VAL I 272 -46.97 -119.93 -10.57
CA VAL I 272 -47.83 -120.29 -11.67
C VAL I 272 -47.00 -120.79 -12.86
N VAL I 273 -46.08 -119.94 -13.31
CA VAL I 273 -45.22 -120.28 -14.44
C VAL I 273 -44.24 -121.41 -14.13
N ALA I 274 -43.96 -121.64 -12.86
CA ALA I 274 -43.02 -122.68 -12.45
C ALA I 274 -43.69 -124.05 -12.47
N ALA I 275 -44.99 -124.05 -12.23
CA ALA I 275 -45.78 -125.27 -12.30
C ALA I 275 -46.06 -125.60 -13.75
N ALA I 276 -46.66 -124.64 -14.46
CA ALA I 276 -47.08 -124.85 -15.84
C ALA I 276 -45.93 -125.06 -16.83
N ILE I 277 -44.71 -124.67 -16.45
CA ILE I 277 -43.52 -124.90 -17.28
C ILE I 277 -43.03 -126.33 -17.11
N ALA I 278 -43.39 -126.93 -15.97
CA ALA I 278 -43.04 -128.31 -15.68
C ALA I 278 -44.15 -129.24 -16.16
N THR I 279 -44.89 -128.77 -17.16
CA THR I 279 -45.98 -129.54 -17.73
C THR I 279 -45.68 -129.79 -19.21
N ALA I 280 -44.90 -128.89 -19.79
CA ALA I 280 -44.61 -128.93 -21.22
C ALA I 280 -43.40 -129.79 -21.58
N ARG I 281 -43.52 -130.54 -22.67
CA ARG I 281 -42.39 -131.26 -23.22
C ARG I 281 -42.28 -130.97 -24.72
N THR I 282 -43.43 -130.83 -25.39
CA THR I 282 -43.44 -130.44 -26.80
C THR I 282 -43.34 -128.93 -26.87
N TRP I 283 -43.08 -128.38 -28.06
CA TRP I 283 -43.23 -126.96 -28.28
C TRP I 283 -44.70 -126.69 -28.46
N ASP I 284 -45.44 -127.76 -28.75
CA ASP I 284 -46.90 -127.74 -28.79
C ASP I 284 -47.44 -127.89 -27.36
N GLU I 285 -46.86 -128.84 -26.63
CA GLU I 285 -47.23 -129.08 -25.23
C GLU I 285 -46.81 -127.90 -24.36
N PHE I 286 -45.94 -127.07 -24.93
CA PHE I 286 -45.45 -125.86 -24.27
C PHE I 286 -46.46 -124.75 -24.42
N ALA I 287 -46.73 -124.39 -25.67
CA ALA I 287 -47.67 -123.31 -25.99
C ALA I 287 -49.07 -123.60 -25.48
N THR I 288 -49.27 -124.81 -24.98
CA THR I 288 -50.53 -125.17 -24.34
C THR I 288 -50.59 -124.65 -22.91
N ALA I 289 -49.57 -125.00 -22.13
CA ALA I 289 -49.49 -124.54 -20.76
C ALA I 289 -49.18 -123.04 -20.68
N ALA I 290 -48.66 -122.49 -21.78
CA ALA I 290 -48.36 -121.06 -21.85
C ALA I 290 -49.64 -120.23 -21.89
N LYS I 291 -50.62 -120.70 -22.65
CA LYS I 291 -51.92 -120.06 -22.71
C LYS I 291 -52.62 -120.28 -21.39
N ARG I 292 -52.28 -121.39 -20.75
CA ARG I 292 -52.93 -121.77 -19.50
C ARG I 292 -52.47 -120.87 -18.37
N ALA I 293 -51.15 -120.81 -18.16
CA ALA I 293 -50.60 -119.98 -17.09
C ALA I 293 -50.97 -118.51 -17.30
N VAL I 294 -50.70 -118.00 -18.50
CA VAL I 294 -50.92 -116.59 -18.81
C VAL I 294 -52.34 -116.15 -18.50
N GLU I 295 -53.31 -116.97 -18.87
CA GLU I 295 -54.70 -116.66 -18.62
C GLU I 295 -55.02 -116.81 -17.14
N LEU I 296 -54.31 -117.70 -16.44
CA LEU I 296 -54.51 -117.86 -15.00
C LEU I 296 -54.05 -116.61 -14.27
N LEU I 297 -52.86 -116.13 -14.60
CA LEU I 297 -52.33 -114.87 -14.07
C LEU I 297 -53.30 -113.72 -14.32
N PHE I 298 -53.75 -113.60 -15.56
CA PHE I 298 -54.72 -112.57 -15.93
C PHE I 298 -55.85 -112.46 -14.90
N TRP I 299 -56.46 -113.58 -14.57
CA TRP I 299 -57.62 -113.58 -13.68
C TRP I 299 -57.26 -113.39 -12.22
N ILE I 300 -56.13 -113.95 -11.80
CA ILE I 300 -55.65 -113.75 -10.45
C ILE I 300 -55.44 -112.26 -10.17
N GLY I 301 -54.69 -111.60 -11.04
CA GLY I 301 -54.45 -110.17 -10.91
C GLY I 301 -55.71 -109.34 -11.03
N LEU I 302 -56.52 -109.62 -12.04
CA LEU I 302 -57.77 -108.90 -12.24
C LEU I 302 -58.71 -109.03 -11.04
N ARG I 303 -58.98 -110.25 -10.60
CA ARG I 303 -59.94 -110.47 -9.53
C ARG I 303 -59.43 -109.98 -8.17
N SER I 304 -58.10 -109.94 -8.02
CA SER I 304 -57.49 -109.46 -6.80
C SER I 304 -57.71 -107.96 -6.66
N GLN I 305 -57.53 -107.25 -7.77
CA GLN I 305 -57.68 -105.80 -7.77
C GLN I 305 -59.14 -105.42 -7.55
N GLN I 306 -60.05 -106.32 -7.92
CA GLN I 306 -61.48 -106.08 -7.79
C GLN I 306 -61.91 -106.20 -6.33
N ALA I 307 -61.21 -107.05 -5.58
CA ALA I 307 -61.52 -107.27 -4.17
C ALA I 307 -61.08 -106.09 -3.31
N TYR I 308 -59.79 -105.74 -3.40
CA TYR I 308 -59.24 -104.57 -2.70
C TYR I 308 -58.57 -103.60 -3.68
N PRO I 309 -59.37 -102.70 -4.27
CA PRO I 309 -59.01 -101.69 -5.27
C PRO I 309 -58.31 -100.49 -4.65
N ARG I 310 -57.68 -99.68 -5.49
CA ARG I 310 -56.93 -98.51 -5.02
C ARG I 310 -57.85 -97.41 -4.47
N THR I 311 -57.70 -97.06 -3.20
CA THR I 311 -58.42 -95.94 -2.60
C THR I 311 -57.47 -94.80 -2.28
N SER I 312 -57.66 -93.68 -2.97
CA SER I 312 -56.79 -92.51 -2.83
C SER I 312 -56.65 -92.05 -1.39
N LEU I 313 -55.44 -91.65 -1.03
CA LEU I 313 -55.12 -91.22 0.33
C LEU I 313 -55.02 -89.70 0.36
N ALA I 314 -54.79 -89.16 1.55
CA ALA I 314 -54.64 -87.71 1.69
C ALA I 314 -53.41 -87.23 0.92
N PRO I 315 -53.53 -86.07 0.26
CA PRO I 315 -52.40 -85.52 -0.51
C PRO I 315 -51.25 -85.23 0.43
N SER I 316 -51.61 -84.86 1.67
CA SER I 316 -50.67 -84.58 2.75
C SER I 316 -49.89 -85.83 3.15
N THR I 317 -50.59 -86.80 3.72
CA THR I 317 -49.99 -88.05 4.14
C THR I 317 -49.26 -88.72 2.98
N LEU I 318 -49.68 -88.38 1.77
CA LEU I 318 -49.04 -88.88 0.56
C LEU I 318 -47.64 -88.32 0.43
N GLN I 319 -47.57 -87.00 0.27
CA GLN I 319 -46.30 -86.34 0.08
C GLN I 319 -45.33 -86.63 1.22
N ASP I 320 -45.86 -86.78 2.43
CA ASP I 320 -45.03 -87.12 3.58
C ASP I 320 -44.19 -88.34 3.25
N SER I 321 -44.85 -89.46 2.96
CA SER I 321 -44.16 -90.69 2.60
C SER I 321 -43.08 -90.47 1.55
N VAL I 322 -43.39 -89.73 0.50
CA VAL I 322 -42.46 -89.54 -0.60
C VAL I 322 -41.18 -88.82 -0.16
N GLU I 323 -41.34 -87.79 0.65
CA GLU I 323 -40.23 -86.95 1.06
C GLU I 323 -39.40 -87.60 2.15
N ASN I 324 -40.02 -88.49 2.92
CA ASN I 324 -39.35 -89.12 4.06
C ASN I 324 -38.61 -90.41 3.71
N GLY I 325 -38.28 -90.59 2.43
CA GLY I 325 -37.46 -91.71 2.00
C GLY I 325 -38.22 -92.87 1.38
N GLU I 326 -39.49 -92.99 1.73
CA GLU I 326 -40.33 -94.09 1.26
C GLU I 326 -40.89 -93.74 -0.11
N GLY I 327 -42.05 -94.30 -0.43
CA GLY I 327 -42.66 -94.05 -1.72
C GLY I 327 -44.16 -93.87 -1.65
N THR I 328 -44.77 -93.85 -2.83
CA THR I 328 -46.22 -93.74 -2.92
C THR I 328 -46.84 -94.95 -2.25
N PRO I 329 -47.67 -94.71 -1.22
CA PRO I 329 -48.22 -95.75 -0.36
C PRO I 329 -49.05 -96.79 -1.11
N THR I 330 -48.65 -98.05 -0.96
CA THR I 330 -49.39 -99.18 -1.49
C THR I 330 -49.71 -100.12 -0.34
N PRO I 331 -50.30 -101.29 -0.62
CA PRO I 331 -50.51 -102.25 0.46
C PRO I 331 -49.33 -103.19 0.68
N MET I 332 -48.20 -102.94 0.02
CA MET I 332 -47.02 -103.79 0.16
C MET I 332 -45.77 -103.02 0.58
N LEU I 333 -45.29 -103.27 1.79
CA LEU I 333 -44.19 -102.52 2.39
C LEU I 333 -42.95 -103.39 2.62
N SER I 334 -41.80 -102.93 2.14
CA SER I 334 -40.54 -103.66 2.36
C SER I 334 -39.82 -103.19 3.63
N ILE I 335 -39.21 -104.13 4.34
CA ILE I 335 -38.46 -103.79 5.55
C ILE I 335 -37.15 -104.59 5.64
N ARG I 336 -36.12 -104.10 4.95
CA ARG I 336 -34.83 -104.75 4.93
C ARG I 336 -34.00 -104.50 6.20
N ASP I 337 -32.98 -105.32 6.39
CA ASP I 337 -31.98 -105.15 7.45
C ASP I 337 -32.51 -105.21 8.89
N LEU I 338 -33.77 -105.59 9.05
CA LEU I 338 -34.34 -105.76 10.39
C LEU I 338 -34.53 -107.23 10.77
N THR I 339 -34.77 -107.48 12.06
CA THR I 339 -35.01 -108.81 12.56
C THR I 339 -36.51 -109.09 12.61
N ARG I 340 -36.89 -110.35 12.47
CA ARG I 340 -38.30 -110.70 12.56
C ARG I 340 -38.88 -110.28 13.91
N SER I 341 -38.17 -110.59 14.98
CA SER I 341 -38.63 -110.24 16.32
C SER I 341 -38.96 -108.75 16.39
N ALA I 342 -38.03 -107.94 15.90
CA ALA I 342 -38.17 -106.48 15.89
C ALA I 342 -39.33 -106.05 15.00
N VAL I 343 -39.26 -106.47 13.74
CA VAL I 343 -40.29 -106.13 12.76
C VAL I 343 -41.68 -106.45 13.28
N GLN I 344 -41.80 -107.55 14.00
CA GLN I 344 -43.09 -107.94 14.54
C GLN I 344 -43.54 -106.97 15.61
N GLU I 345 -42.65 -106.70 16.56
CA GLU I 345 -43.00 -105.85 17.70
C GLU I 345 -43.59 -104.50 17.26
N HIS I 346 -43.02 -103.93 16.20
CA HIS I 346 -43.53 -102.67 15.67
C HIS I 346 -44.86 -102.90 14.95
N ILE I 347 -44.99 -104.03 14.29
CA ILE I 347 -46.26 -104.43 13.68
C ILE I 347 -47.32 -104.68 14.74
N ASP I 348 -46.87 -105.05 15.93
CA ASP I 348 -47.75 -105.34 17.04
C ASP I 348 -48.30 -104.04 17.61
N ALA I 349 -47.41 -103.09 17.88
CA ALA I 349 -47.79 -101.82 18.44
C ALA I 349 -48.75 -101.07 17.51
N THR I 350 -48.45 -101.12 16.22
CA THR I 350 -49.27 -100.46 15.20
C THR I 350 -50.67 -101.06 15.22
N ASN I 351 -50.73 -102.38 15.17
CA ASN I 351 -52.00 -103.11 15.19
C ASN I 351 -52.80 -102.88 16.46
N GLN I 352 -52.09 -102.52 17.53
CA GLN I 352 -52.72 -102.31 18.83
C GLN I 352 -53.84 -101.28 18.74
N HIS I 353 -53.54 -100.13 18.16
CA HIS I 353 -54.47 -99.01 18.14
C HIS I 353 -55.46 -99.08 16.97
N LEU I 354 -55.31 -100.10 16.13
CA LEU I 354 -56.13 -100.23 14.93
C LEU I 354 -57.34 -101.14 15.11
N PRO I 355 -58.39 -100.90 14.33
CA PRO I 355 -59.54 -101.81 14.22
C PRO I 355 -59.12 -103.04 13.43
N GLU I 356 -59.67 -104.21 13.80
CA GLU I 356 -59.27 -105.47 13.18
C GLU I 356 -59.47 -105.49 11.66
N ASP I 357 -60.33 -104.60 11.17
CA ASP I 357 -60.59 -104.45 9.74
C ASP I 357 -59.29 -104.23 9.00
N ARG I 358 -58.49 -103.31 9.54
CA ARG I 358 -57.29 -102.86 8.86
C ARG I 358 -56.05 -103.12 9.68
N HIS I 359 -55.77 -104.38 9.99
CA HIS I 359 -54.53 -104.72 10.65
C HIS I 359 -53.39 -104.88 9.65
N ILE I 360 -52.24 -105.26 10.14
CA ILE I 360 -51.05 -105.39 9.31
C ILE I 360 -50.55 -106.82 9.41
N GLY I 361 -50.10 -107.37 8.30
CA GLY I 361 -49.56 -108.71 8.30
C GLY I 361 -48.14 -108.79 7.75
N ILE I 362 -47.46 -109.90 8.00
CA ILE I 362 -46.22 -110.18 7.32
C ILE I 362 -46.55 -111.09 6.14
N SER I 363 -46.37 -110.59 4.93
CA SER I 363 -46.83 -111.30 3.74
C SER I 363 -45.73 -112.15 3.10
N LEU I 364 -44.48 -111.71 3.17
CA LEU I 364 -43.38 -112.59 2.78
C LEU I 364 -42.16 -112.51 3.70
N VAL I 365 -41.27 -113.48 3.54
CA VAL I 365 -40.04 -113.57 4.32
C VAL I 365 -38.89 -114.00 3.43
N ASN I 366 -38.35 -113.04 2.69
CA ASN I 366 -37.34 -113.35 1.69
C ASN I 366 -35.98 -113.73 2.25
N SER I 367 -35.79 -113.48 3.54
CA SER I 367 -34.57 -113.90 4.26
C SER I 367 -34.73 -113.71 5.77
N ALA I 368 -33.63 -113.84 6.50
CA ALA I 368 -33.65 -113.64 7.95
C ALA I 368 -33.90 -112.16 8.31
N ARG I 369 -33.44 -111.28 7.41
CA ARG I 369 -33.49 -109.84 7.65
C ARG I 369 -34.21 -109.08 6.52
N ASN I 370 -35.06 -109.77 5.78
CA ASN I 370 -35.79 -109.17 4.67
C ASN I 370 -37.26 -109.58 4.73
N PHE I 371 -38.13 -108.59 4.86
CA PHE I 371 -39.55 -108.88 4.98
C PHE I 371 -40.39 -108.02 4.04
N VAL I 372 -41.67 -108.37 3.94
CA VAL I 372 -42.67 -107.53 3.29
C VAL I 372 -43.90 -107.57 4.17
N VAL I 373 -44.62 -106.45 4.21
CA VAL I 373 -45.77 -106.31 5.10
C VAL I 373 -47.00 -105.85 4.31
N THR I 374 -48.18 -106.35 4.70
CA THR I 374 -49.43 -105.96 4.05
C THR I 374 -50.50 -105.46 5.00
N GLY I 375 -51.59 -104.99 4.41
CA GLY I 375 -52.64 -104.30 5.13
C GLY I 375 -52.99 -103.07 4.32
N PRO I 376 -54.04 -102.35 4.71
CA PRO I 376 -54.43 -101.15 3.95
C PRO I 376 -53.27 -100.15 3.89
N PRO I 377 -53.15 -99.41 2.79
CA PRO I 377 -52.04 -98.47 2.63
C PRO I 377 -51.93 -97.50 3.83
N ILE I 378 -53.04 -96.91 4.24
CA ILE I 378 -53.11 -95.95 5.35
C ILE I 378 -52.64 -96.57 6.65
N SER I 379 -52.86 -97.87 6.76
CA SER I 379 -52.45 -98.64 7.93
C SER I 379 -50.94 -98.88 7.89
N LEU I 380 -50.41 -99.12 6.69
CA LEU I 380 -48.98 -99.34 6.52
C LEU I 380 -48.20 -98.07 6.80
N TYR I 381 -48.78 -96.96 6.39
CA TYR I 381 -48.20 -95.66 6.65
C TYR I 381 -47.99 -95.49 8.15
N GLY I 382 -49.03 -95.82 8.92
CA GLY I 382 -48.98 -95.70 10.36
C GLY I 382 -47.84 -96.48 11.01
N LEU I 383 -47.31 -97.45 10.27
CA LEU I 383 -46.17 -98.21 10.74
C LEU I 383 -44.91 -97.37 10.49
N ASN I 384 -44.76 -96.89 9.26
CA ASN I 384 -43.59 -96.11 8.86
C ASN I 384 -43.30 -94.92 9.78
N LEU I 385 -44.36 -94.26 10.24
CA LEU I 385 -44.23 -93.14 11.17
C LEU I 385 -43.53 -93.61 12.43
N ARG I 386 -44.07 -94.67 13.03
CA ARG I 386 -43.42 -95.31 14.16
C ARG I 386 -41.98 -95.71 13.83
N LEU I 387 -41.74 -96.13 12.60
CA LEU I 387 -40.45 -96.71 12.22
C LEU I 387 -39.32 -95.69 12.11
N ARG I 388 -39.61 -94.52 11.54
CA ARG I 388 -38.58 -93.52 11.37
C ARG I 388 -38.17 -92.90 12.70
N LYS I 389 -39.09 -92.95 13.67
CA LYS I 389 -38.80 -92.44 15.02
C LYS I 389 -37.79 -93.33 15.75
N VAL I 390 -37.56 -94.53 15.23
CA VAL I 390 -36.58 -95.43 15.81
C VAL I 390 -35.28 -95.43 15.03
N LYS I 391 -35.38 -95.40 13.70
CA LYS I 391 -34.19 -95.49 12.86
C LYS I 391 -33.40 -94.19 12.87
N ALA I 392 -32.15 -94.27 12.44
CA ALA I 392 -31.23 -93.14 12.50
C ALA I 392 -30.97 -92.55 11.12
N PRO I 393 -30.81 -91.21 11.04
CA PRO I 393 -30.46 -90.49 9.81
C PRO I 393 -29.23 -91.09 9.15
N THR I 394 -29.13 -91.00 7.82
CA THR I 394 -27.97 -91.53 7.11
C THR I 394 -26.76 -90.66 7.44
N GLY I 395 -27.00 -89.54 8.11
CA GLY I 395 -25.95 -88.62 8.49
C GLY I 395 -25.21 -89.02 9.77
N LEU I 396 -25.96 -89.44 10.78
CA LEU I 396 -25.38 -89.74 12.10
C LEU I 396 -24.14 -90.62 12.01
N ASP I 397 -23.15 -90.30 12.83
CA ASP I 397 -21.99 -91.18 12.99
C ASP I 397 -22.12 -91.93 14.31
N GLN I 398 -21.80 -93.22 14.30
CA GLN I 398 -21.92 -94.01 15.53
C GLN I 398 -20.64 -94.78 15.82
N ASN I 399 -19.59 -94.48 15.06
CA ASN I 399 -18.29 -95.13 15.23
C ASN I 399 -17.70 -94.91 16.63
N ARG I 400 -18.31 -94.00 17.38
CA ARG I 400 -17.82 -93.62 18.70
C ARG I 400 -18.83 -93.94 19.81
N ILE I 401 -19.92 -94.62 19.44
CA ILE I 401 -20.94 -95.02 20.41
C ILE I 401 -20.89 -96.52 20.65
N PRO I 402 -20.99 -96.93 21.92
CA PRO I 402 -21.07 -98.35 22.27
C PRO I 402 -22.06 -99.05 21.35
N PHE I 403 -21.81 -100.32 21.03
CA PHE I 403 -22.56 -101.00 20.00
C PHE I 403 -24.03 -101.28 20.35
N THR I 404 -24.26 -101.85 21.53
CA THR I 404 -25.64 -102.15 21.95
C THR I 404 -26.34 -100.87 22.33
N GLN I 405 -25.70 -99.75 21.99
CA GLN I 405 -26.21 -98.43 22.34
C GLN I 405 -26.73 -97.73 21.08
N ARG I 406 -26.26 -98.19 19.92
CA ARG I 406 -26.53 -97.53 18.64
C ARG I 406 -28.00 -97.64 18.19
N LYS I 407 -28.41 -96.74 17.31
CA LYS I 407 -29.74 -96.81 16.70
C LYS I 407 -29.68 -97.66 15.44
N ALA I 408 -30.80 -98.25 15.06
CA ALA I 408 -30.84 -99.27 14.01
C ALA I 408 -30.73 -98.73 12.57
N ARG I 409 -29.97 -99.45 11.74
CA ARG I 409 -29.58 -99.02 10.41
C ARG I 409 -30.40 -99.76 9.37
N PHE I 410 -31.66 -99.38 9.19
CA PHE I 410 -32.54 -100.14 8.28
C PHE I 410 -33.21 -99.32 7.18
N VAL I 411 -33.75 -100.01 6.19
CA VAL I 411 -34.48 -99.40 5.08
C VAL I 411 -35.94 -99.88 5.04
N ASN I 412 -36.88 -98.95 5.16
CA ASN I 412 -38.27 -99.27 4.90
C ASN I 412 -38.74 -98.51 3.67
N ARG I 413 -39.63 -99.13 2.89
CA ARG I 413 -40.05 -98.57 1.60
C ARG I 413 -41.26 -99.28 0.99
N PHE I 414 -42.07 -98.54 0.24
CA PHE I 414 -43.21 -99.13 -0.44
C PHE I 414 -42.80 -99.78 -1.77
N LEU I 415 -43.53 -100.82 -2.17
CA LEU I 415 -43.23 -101.54 -3.41
C LEU I 415 -44.32 -101.31 -4.45
N PRO I 416 -43.95 -101.34 -5.73
CA PRO I 416 -44.88 -101.13 -6.85
C PRO I 416 -45.93 -102.22 -7.00
N ILE I 417 -46.20 -102.98 -5.95
CA ILE I 417 -47.25 -103.98 -6.00
C ILE I 417 -48.61 -103.31 -5.79
N THR I 418 -49.60 -103.73 -6.56
CA THR I 418 -50.86 -103.00 -6.69
C THR I 418 -51.99 -103.52 -5.80
N ALA I 419 -51.74 -104.57 -5.03
CA ALA I 419 -52.81 -105.18 -4.24
C ALA I 419 -52.30 -106.03 -3.08
N PRO I 420 -53.14 -106.21 -2.06
CA PRO I 420 -52.83 -106.93 -0.82
C PRO I 420 -52.74 -108.44 -1.00
N PHE I 421 -51.60 -108.95 -1.42
CA PHE I 421 -51.45 -110.39 -1.60
C PHE I 421 -50.98 -111.02 -0.32
N HIS I 422 -51.27 -112.31 -0.15
CA HIS I 422 -50.81 -113.05 1.00
C HIS I 422 -51.39 -112.46 2.28
N SER I 423 -52.65 -112.07 2.18
CA SER I 423 -53.35 -111.42 3.28
C SER I 423 -54.82 -111.76 3.23
N PRO I 424 -55.47 -111.78 4.40
CA PRO I 424 -56.92 -111.97 4.55
C PRO I 424 -57.76 -110.94 3.78
N TYR I 425 -57.09 -110.04 3.06
CA TYR I 425 -57.79 -108.99 2.36
C TYR I 425 -58.23 -109.39 0.94
N LEU I 426 -57.73 -110.53 0.45
CA LEU I 426 -58.11 -111.01 -0.88
C LEU I 426 -58.99 -112.26 -0.77
N ALA I 427 -59.89 -112.24 0.21
CA ALA I 427 -60.76 -113.37 0.48
C ALA I 427 -61.84 -113.52 -0.59
N GLY I 428 -62.67 -112.49 -0.73
CA GLY I 428 -63.78 -112.53 -1.67
C GLY I 428 -63.37 -112.83 -3.09
N ALA I 429 -62.15 -112.43 -3.44
CA ALA I 429 -61.64 -112.59 -4.80
C ALA I 429 -61.41 -114.06 -5.14
N HIS I 430 -60.87 -114.80 -4.18
CA HIS I 430 -60.50 -116.20 -4.37
C HIS I 430 -61.57 -117.06 -5.07
N ALA I 431 -62.81 -116.95 -4.62
CA ALA I 431 -63.93 -117.68 -5.22
C ALA I 431 -64.07 -117.35 -6.71
N HIS I 432 -64.20 -116.05 -6.98
CA HIS I 432 -64.29 -115.54 -8.35
C HIS I 432 -63.23 -116.11 -9.28
N ILE I 433 -61.96 -116.05 -8.88
CA ILE I 433 -60.84 -116.51 -9.72
C ILE I 433 -61.02 -117.98 -10.09
N LEU I 434 -61.34 -118.79 -9.10
CA LEU I 434 -61.53 -120.23 -9.31
C LEU I 434 -62.55 -120.52 -10.41
N GLY I 435 -63.69 -119.83 -10.37
CA GLY I 435 -64.75 -120.02 -11.34
C GLY I 435 -64.41 -119.74 -12.80
N ASP I 436 -63.49 -118.80 -13.03
CA ASP I 436 -63.10 -118.45 -14.39
C ASP I 436 -62.22 -119.53 -15.02
N VAL I 437 -61.66 -120.41 -14.19
CA VAL I 437 -60.54 -121.24 -14.59
C VAL I 437 -60.75 -122.75 -14.39
N ASP I 438 -62.00 -123.19 -14.26
CA ASP I 438 -62.28 -124.62 -14.10
C ASP I 438 -62.35 -125.35 -15.44
N ASP I 439 -62.37 -124.58 -16.53
CA ASP I 439 -62.29 -125.11 -17.88
C ASP I 439 -60.98 -125.85 -18.02
N MET I 440 -59.96 -125.33 -17.34
CA MET I 440 -58.65 -125.98 -17.29
C MET I 440 -58.46 -126.65 -15.93
N LYS I 441 -57.50 -127.56 -15.88
CA LYS I 441 -57.21 -128.30 -14.67
C LYS I 441 -55.76 -128.77 -14.77
N ILE I 442 -54.97 -128.48 -13.75
CA ILE I 442 -53.59 -128.95 -13.73
C ILE I 442 -53.39 -129.95 -12.59
N PRO I 443 -53.29 -131.25 -12.95
CA PRO I 443 -53.18 -132.37 -12.01
C PRO I 443 -51.76 -132.57 -11.49
N ALA I 444 -51.63 -133.02 -10.23
CA ALA I 444 -50.32 -133.18 -9.62
C ALA I 444 -49.41 -134.09 -10.44
N SER I 445 -50.04 -134.97 -11.22
CA SER I 445 -49.30 -135.98 -11.97
C SER I 445 -48.67 -135.45 -13.27
N SER I 446 -49.19 -134.35 -13.80
CA SER I 446 -48.63 -133.77 -15.01
C SER I 446 -47.36 -132.96 -14.72
N LEU I 447 -46.77 -133.20 -13.55
CA LEU I 447 -45.58 -132.48 -13.12
C LEU I 447 -44.28 -133.25 -13.35
N VAL I 448 -43.61 -132.94 -14.47
CA VAL I 448 -42.30 -133.49 -14.77
C VAL I 448 -41.33 -133.39 -13.58
N ILE I 449 -40.88 -132.17 -13.30
CA ILE I 449 -39.95 -131.92 -12.22
C ILE I 449 -40.65 -131.24 -11.05
N PRO I 450 -40.28 -131.64 -9.81
CA PRO I 450 -40.87 -131.17 -8.57
C PRO I 450 -41.16 -129.67 -8.51
N VAL I 451 -42.39 -129.33 -8.16
CA VAL I 451 -42.75 -127.95 -7.89
C VAL I 451 -42.99 -127.79 -6.38
N TYR I 452 -42.09 -127.06 -5.71
CA TYR I 452 -42.16 -126.89 -4.25
C TYR I 452 -43.11 -125.75 -3.86
N ASP I 453 -44.03 -126.07 -2.97
CA ASP I 453 -45.04 -125.14 -2.48
C ASP I 453 -44.44 -123.79 -2.00
N THR I 454 -45.28 -122.77 -1.92
CA THR I 454 -44.86 -121.45 -1.46
C THR I 454 -44.71 -121.39 0.07
N LYS I 455 -45.76 -121.77 0.80
CA LYS I 455 -45.78 -121.72 2.27
C LYS I 455 -44.96 -122.83 2.94
N THR I 456 -44.88 -124.00 2.30
CA THR I 456 -44.01 -125.08 2.78
C THR I 456 -43.24 -125.66 1.62
N GLY I 457 -42.03 -126.12 1.87
CA GLY I 457 -41.18 -126.64 0.81
C GLY I 457 -41.68 -127.87 0.09
N GLN I 458 -42.79 -128.45 0.56
CA GLN I 458 -43.21 -129.76 0.07
C GLN I 458 -43.77 -129.83 -1.36
N ASP I 459 -43.18 -130.75 -2.13
CA ASP I 459 -43.52 -131.03 -3.52
C ASP I 459 -45.03 -131.09 -3.77
N LEU I 460 -45.47 -130.49 -4.88
CA LEU I 460 -46.88 -130.51 -5.26
C LEU I 460 -47.31 -131.84 -5.88
N ARG I 461 -46.33 -132.63 -6.31
CA ARG I 461 -46.62 -133.91 -6.96
C ARG I 461 -47.23 -134.91 -5.97
N GLU I 462 -47.10 -134.61 -4.68
CA GLU I 462 -47.72 -135.44 -3.65
C GLU I 462 -49.21 -135.14 -3.51
N LEU I 463 -49.80 -134.56 -4.56
CA LEU I 463 -51.24 -134.30 -4.57
C LEU I 463 -51.96 -135.32 -5.45
N GLY I 464 -53.16 -135.68 -5.04
CA GLY I 464 -53.95 -136.65 -5.78
C GLY I 464 -54.60 -136.06 -7.02
N ASP I 465 -53.77 -135.68 -7.99
CA ASP I 465 -54.23 -135.14 -9.27
C ASP I 465 -55.13 -133.93 -9.14
N GLU I 466 -55.14 -133.33 -7.96
CA GLU I 466 -55.94 -132.15 -7.70
C GLU I 466 -55.37 -130.99 -8.50
N ASP I 467 -56.25 -130.15 -9.03
CA ASP I 467 -55.85 -128.97 -9.80
C ASP I 467 -54.85 -128.12 -9.03
N ILE I 468 -53.62 -128.04 -9.54
CA ILE I 468 -52.64 -127.12 -9.00
C ILE I 468 -53.20 -125.70 -9.11
N ILE I 469 -54.22 -125.54 -9.95
CA ILE I 469 -54.88 -124.23 -10.14
C ILE I 469 -55.55 -123.70 -8.86
N PRO I 470 -56.49 -124.47 -8.29
CA PRO I 470 -57.10 -124.16 -6.98
C PRO I 470 -56.10 -124.15 -5.82
N GLU I 471 -54.83 -124.40 -6.11
CA GLU I 471 -53.79 -124.31 -5.09
C GLU I 471 -52.85 -123.15 -5.37
N LEU I 472 -52.59 -122.88 -6.64
CA LEU I 472 -51.80 -121.73 -7.02
C LEU I 472 -52.52 -120.48 -6.54
N VAL I 473 -53.83 -120.45 -6.74
CA VAL I 473 -54.65 -119.33 -6.31
C VAL I 473 -54.54 -119.11 -4.80
N ARG I 474 -54.58 -120.19 -4.03
CA ARG I 474 -54.53 -120.07 -2.57
C ARG I 474 -53.18 -119.55 -2.05
N MET I 475 -52.07 -120.00 -2.65
CA MET I 475 -50.72 -119.65 -2.18
C MET I 475 -50.41 -118.19 -2.46
N ILE I 476 -51.04 -117.67 -3.49
CA ILE I 476 -50.78 -116.31 -3.93
C ILE I 476 -51.65 -115.29 -3.20
N THR I 477 -52.94 -115.59 -3.05
CA THR I 477 -53.89 -114.60 -2.57
C THR I 477 -54.20 -114.63 -1.07
N TYR I 478 -53.83 -115.72 -0.40
CA TYR I 478 -54.12 -115.86 1.03
C TYR I 478 -52.93 -116.30 1.88
N ASP I 479 -51.96 -116.98 1.27
CA ASP I 479 -50.90 -117.64 2.03
C ASP I 479 -49.62 -116.83 2.17
N PRO I 480 -48.99 -116.89 3.34
CA PRO I 480 -47.61 -116.41 3.47
C PRO I 480 -46.72 -117.02 2.39
N VAL I 481 -45.68 -116.29 2.02
CA VAL I 481 -44.64 -116.82 1.15
C VAL I 481 -43.40 -116.97 2.00
N ASN I 482 -43.26 -118.11 2.64
CA ASN I 482 -42.07 -118.38 3.42
C ASN I 482 -40.95 -118.82 2.50
N TRP I 483 -40.48 -117.87 1.71
CA TRP I 483 -39.60 -118.14 0.59
C TRP I 483 -38.38 -118.94 0.94
N GLU I 484 -37.73 -118.61 2.03
CA GLU I 484 -36.43 -119.23 2.30
C GLU I 484 -36.53 -120.74 2.57
N THR I 485 -37.71 -121.20 3.01
CA THR I 485 -37.93 -122.64 3.26
C THR I 485 -38.28 -123.39 1.97
N ALA I 486 -39.14 -122.80 1.14
CA ALA I 486 -39.48 -123.42 -0.13
C ALA I 486 -38.30 -123.34 -1.09
N THR I 487 -37.25 -122.63 -0.68
CA THR I 487 -36.07 -122.41 -1.51
C THR I 487 -34.96 -123.36 -1.12
N VAL I 488 -35.15 -124.11 -0.04
CA VAL I 488 -34.07 -124.97 0.46
C VAL I 488 -33.82 -126.16 -0.47
N PHE I 489 -33.50 -125.86 -1.72
CA PHE I 489 -33.19 -126.88 -2.74
C PHE I 489 -32.05 -127.75 -2.28
N PRO I 490 -32.36 -128.97 -1.80
CA PRO I 490 -31.41 -129.82 -1.07
C PRO I 490 -30.21 -130.20 -1.91
N ASP I 491 -29.02 -129.87 -1.42
CA ASP I 491 -27.77 -130.18 -2.12
C ASP I 491 -27.86 -129.70 -3.56
N ALA I 492 -27.69 -128.39 -3.75
CA ALA I 492 -27.70 -127.82 -5.09
C ALA I 492 -26.39 -127.07 -5.36
N THR I 493 -26.06 -126.90 -6.64
CA THR I 493 -24.86 -126.16 -7.02
C THR I 493 -25.22 -124.92 -7.81
N HIS I 494 -26.24 -125.06 -8.65
CA HIS I 494 -26.64 -123.96 -9.50
C HIS I 494 -28.14 -123.68 -9.36
N ILE I 495 -28.51 -122.41 -9.41
CA ILE I 495 -29.91 -122.03 -9.45
C ILE I 495 -30.08 -120.96 -10.52
N VAL I 496 -31.10 -121.12 -11.37
CA VAL I 496 -31.27 -120.24 -12.51
C VAL I 496 -32.51 -119.35 -12.43
N ASP I 497 -32.28 -118.04 -12.38
CA ASP I 497 -33.33 -117.03 -12.34
C ASP I 497 -33.82 -116.73 -13.75
N PHE I 498 -35.03 -117.17 -14.06
CA PHE I 498 -35.70 -116.81 -15.30
C PHE I 498 -36.63 -115.63 -15.04
N GLY I 499 -36.85 -115.35 -13.75
CA GLY I 499 -37.78 -114.34 -13.32
C GLY I 499 -37.52 -112.95 -13.87
N PRO I 500 -38.43 -112.03 -13.58
CA PRO I 500 -38.43 -110.66 -14.08
C PRO I 500 -37.38 -109.81 -13.37
N GLY I 501 -36.64 -109.01 -14.13
CA GLY I 501 -35.73 -108.05 -13.55
C GLY I 501 -34.28 -108.44 -13.58
N GLY I 502 -33.46 -107.62 -14.23
CA GLY I 502 -32.05 -107.90 -14.43
C GLY I 502 -31.32 -108.34 -13.17
N VAL I 503 -30.59 -107.42 -12.56
CA VAL I 503 -29.87 -107.75 -11.35
C VAL I 503 -30.78 -107.49 -10.15
N SER I 504 -32.09 -107.57 -10.39
CA SER I 504 -33.08 -107.28 -9.35
C SER I 504 -33.97 -108.49 -9.08
N GLY I 505 -33.97 -109.43 -10.03
CA GLY I 505 -34.74 -110.65 -9.92
C GLY I 505 -34.37 -111.43 -8.67
N ILE I 506 -35.26 -112.31 -8.23
CA ILE I 506 -35.11 -112.95 -6.94
C ILE I 506 -33.80 -113.73 -6.83
N GLY I 507 -33.12 -113.90 -7.95
CA GLY I 507 -31.83 -114.57 -7.97
C GLY I 507 -30.80 -113.92 -7.07
N VAL I 508 -30.74 -112.60 -7.10
CA VAL I 508 -29.82 -111.86 -6.24
C VAL I 508 -30.18 -112.07 -4.76
N LEU I 509 -31.46 -111.85 -4.43
CA LEU I 509 -31.95 -112.04 -3.07
C LEU I 509 -31.50 -113.40 -2.55
N THR I 510 -31.97 -114.45 -3.21
CA THR I 510 -31.69 -115.81 -2.79
C THR I 510 -30.18 -116.11 -2.74
N ASN I 511 -29.43 -115.60 -3.71
CA ASN I 511 -27.98 -115.78 -3.72
C ASN I 511 -27.36 -115.34 -2.40
N ARG I 512 -27.97 -114.34 -1.76
CA ARG I 512 -27.56 -113.95 -0.42
C ARG I 512 -28.00 -114.97 0.60
N ASN I 513 -29.28 -115.38 0.53
CA ASN I 513 -29.81 -116.42 1.41
C ASN I 513 -28.86 -117.61 1.47
N LYS I 514 -28.19 -117.88 0.36
CA LYS I 514 -27.29 -119.03 0.24
C LYS I 514 -25.94 -118.65 -0.32
N ASP I 515 -25.19 -117.80 0.37
CA ASP I 515 -23.86 -117.50 -0.12
C ASP I 515 -22.85 -118.46 0.48
N GLY I 516 -23.04 -118.78 1.76
CA GLY I 516 -22.15 -119.68 2.46
C GLY I 516 -22.05 -121.09 1.90
N THR I 517 -23.21 -121.65 1.55
CA THR I 517 -23.32 -123.07 1.19
C THR I 517 -22.66 -123.46 -0.12
N GLY I 518 -22.35 -122.48 -0.97
CA GLY I 518 -21.71 -122.76 -2.24
C GLY I 518 -22.69 -122.94 -3.39
N VAL I 519 -23.86 -122.32 -3.27
CA VAL I 519 -24.80 -122.32 -4.38
C VAL I 519 -24.48 -121.14 -5.28
N ARG I 520 -24.19 -121.43 -6.54
CA ARG I 520 -24.02 -120.41 -7.56
C ARG I 520 -25.40 -120.02 -8.12
N VAL I 521 -25.52 -118.81 -8.65
CA VAL I 521 -26.78 -118.40 -9.23
C VAL I 521 -26.53 -117.82 -10.61
N ILE I 522 -27.45 -118.07 -11.54
CA ILE I 522 -27.35 -117.49 -12.87
C ILE I 522 -28.66 -116.80 -13.26
N LEU I 523 -28.56 -115.57 -13.73
CA LEU I 523 -29.73 -114.84 -14.18
C LEU I 523 -29.89 -115.00 -15.69
N ALA I 524 -30.87 -115.80 -16.09
CA ALA I 524 -31.02 -116.15 -17.49
C ALA I 524 -31.47 -114.96 -18.32
N GLY I 525 -32.12 -113.99 -17.68
CA GLY I 525 -32.68 -112.85 -18.38
C GLY I 525 -31.67 -111.92 -19.04
N ALA I 526 -30.54 -111.68 -18.38
CA ALA I 526 -29.56 -110.72 -18.88
C ALA I 526 -28.21 -111.36 -19.24
N ILE I 527 -27.46 -110.71 -20.12
CA ILE I 527 -26.14 -111.18 -20.53
C ILE I 527 -25.04 -110.74 -19.56
N ASP I 528 -25.22 -109.54 -19.01
CA ASP I 528 -24.25 -108.94 -18.10
C ASP I 528 -24.92 -107.83 -17.31
N GLY I 529 -24.48 -107.63 -16.07
CA GLY I 529 -25.05 -106.60 -15.23
C GLY I 529 -24.03 -106.00 -14.28
N THR I 530 -24.52 -105.29 -13.28
CA THR I 530 -23.66 -104.57 -12.35
C THR I 530 -23.16 -105.45 -11.20
N ASN I 531 -23.73 -106.64 -11.06
CA ASN I 531 -23.39 -107.54 -9.96
C ASN I 531 -22.26 -108.51 -10.34
N THR I 532 -21.25 -108.62 -9.47
CA THR I 532 -20.26 -109.70 -9.61
C THR I 532 -20.32 -110.65 -8.42
N GLU I 533 -21.31 -111.53 -8.46
CA GLU I 533 -21.58 -112.50 -7.42
C GLU I 533 -22.64 -113.39 -8.02
N VAL I 534 -23.04 -113.05 -9.24
CA VAL I 534 -24.04 -113.78 -9.99
C VAL I 534 -23.57 -113.88 -11.44
N GLY I 535 -23.66 -115.07 -12.01
CA GLY I 535 -23.35 -115.26 -13.42
C GLY I 535 -24.58 -114.95 -14.26
N TYR I 536 -24.40 -114.84 -15.58
CA TYR I 536 -25.52 -114.46 -16.44
C TYR I 536 -25.85 -115.44 -17.57
N LYS I 537 -26.60 -114.96 -18.54
CA LYS I 537 -27.08 -115.76 -19.66
C LYS I 537 -26.03 -116.68 -20.30
N PRO I 538 -24.85 -116.14 -20.64
CA PRO I 538 -23.83 -116.94 -21.35
C PRO I 538 -23.29 -118.11 -20.53
N GLU I 539 -23.60 -118.15 -19.24
CA GLU I 539 -23.18 -119.26 -18.39
C GLU I 539 -24.14 -120.44 -18.48
N LEU I 540 -25.03 -120.40 -19.47
CA LEU I 540 -25.93 -121.51 -19.71
C LEU I 540 -25.65 -122.10 -21.09
N PHE I 541 -24.92 -121.35 -21.92
CA PHE I 541 -24.61 -121.79 -23.28
C PHE I 541 -23.12 -121.66 -23.59
N ASP I 542 -22.32 -122.57 -23.05
CA ASP I 542 -20.87 -122.49 -23.28
C ASP I 542 -20.32 -123.86 -23.65
N ARG I 543 -19.19 -123.86 -24.35
CA ARG I 543 -18.65 -125.09 -24.91
C ARG I 543 -17.26 -125.43 -24.37
N ASP I 544 -16.54 -124.43 -23.88
CA ASP I 544 -15.24 -124.68 -23.24
C ASP I 544 -15.45 -125.53 -21.99
N ASP I 545 -14.44 -126.30 -21.63
CA ASP I 545 -14.53 -127.18 -20.46
C ASP I 545 -14.48 -126.38 -19.17
N ASN I 546 -13.81 -125.23 -19.23
CA ASN I 546 -13.64 -124.36 -18.07
C ASN I 546 -14.84 -123.46 -17.81
N ALA I 547 -15.91 -123.69 -18.55
CA ALA I 547 -17.04 -122.77 -18.57
C ALA I 547 -18.01 -122.92 -17.40
N VAL I 548 -17.70 -123.80 -16.45
CA VAL I 548 -18.61 -124.02 -15.33
C VAL I 548 -18.07 -123.53 -13.99
N GLN I 549 -18.91 -122.78 -13.28
CA GLN I 549 -18.54 -122.16 -12.01
C GLN I 549 -19.18 -122.87 -10.82
N PHE I 550 -18.43 -122.93 -9.72
CA PHE I 550 -18.94 -123.48 -8.47
C PHE I 550 -18.78 -122.47 -7.35
N ALA I 551 -19.91 -122.00 -6.83
CA ALA I 551 -19.90 -121.08 -5.69
C ALA I 551 -19.27 -121.81 -4.50
N VAL I 552 -18.32 -121.16 -3.83
CA VAL I 552 -17.54 -121.85 -2.82
C VAL I 552 -18.23 -121.92 -1.45
N ASP I 553 -17.95 -123.00 -0.73
CA ASP I 553 -18.36 -123.14 0.65
C ASP I 553 -17.16 -122.87 1.50
N TRP I 554 -17.35 -121.97 2.44
CA TRP I 554 -16.26 -121.60 3.27
C TRP I 554 -15.87 -122.75 4.20
N VAL I 555 -16.82 -123.63 4.53
CA VAL I 555 -16.51 -124.79 5.36
C VAL I 555 -15.60 -125.71 4.57
N LYS I 556 -15.94 -125.89 3.30
CA LYS I 556 -15.14 -126.70 2.38
C LYS I 556 -13.78 -126.05 2.16
N GLU I 557 -13.81 -124.78 1.79
CA GLU I 557 -12.61 -124.07 1.38
C GLU I 557 -11.69 -123.76 2.57
N HIS I 558 -12.28 -123.25 3.64
CA HIS I 558 -11.50 -122.74 4.78
C HIS I 558 -11.70 -123.54 6.06
N GLY I 559 -12.29 -124.72 5.97
CA GLY I 559 -12.50 -125.55 7.14
C GLY I 559 -11.20 -126.00 7.77
N PRO I 560 -11.16 -126.04 9.11
CA PRO I 560 -9.96 -126.50 9.83
C PRO I 560 -9.63 -127.92 9.41
N ARG I 561 -8.37 -128.31 9.59
CA ARG I 561 -7.94 -129.66 9.22
C ARG I 561 -6.82 -130.14 10.14
N LEU I 562 -6.37 -131.38 9.93
CA LEU I 562 -5.25 -131.91 10.67
C LEU I 562 -4.27 -132.46 9.66
N VAL I 563 -2.99 -132.44 10.00
CA VAL I 563 -1.94 -132.96 9.12
C VAL I 563 -0.73 -133.30 9.98
N LYS I 564 0.09 -134.25 9.53
CA LYS I 564 1.28 -134.70 10.29
C LYS I 564 2.59 -134.61 9.51
N THR I 565 3.70 -134.39 10.21
CA THR I 565 5.01 -134.23 9.56
C THR I 565 5.72 -135.55 9.35
N SER I 566 6.77 -135.49 8.53
CA SER I 566 7.69 -136.60 8.30
C SER I 566 8.44 -136.92 9.61
N VAL I 567 8.24 -136.11 10.64
CA VAL I 567 8.75 -136.44 11.96
C VAL I 567 7.61 -136.43 12.99
N GLY I 568 6.41 -136.68 12.49
CA GLY I 568 5.27 -137.01 13.34
C GLY I 568 4.77 -135.92 14.27
N GLN I 569 4.82 -134.67 13.80
CA GLN I 569 4.14 -133.60 14.50
C GLN I 569 2.73 -133.51 13.95
N THR I 570 1.87 -132.80 14.67
CA THR I 570 0.52 -132.57 14.19
C THR I 570 0.22 -131.09 14.18
N PHE I 571 -0.32 -130.62 13.06
CA PHE I 571 -0.67 -129.22 12.90
C PHE I 571 -2.14 -129.06 12.54
N VAL I 572 -2.86 -128.30 13.36
CA VAL I 572 -4.20 -127.88 12.99
C VAL I 572 -4.02 -127.05 11.73
N ASP I 573 -4.42 -127.60 10.58
CA ASP I 573 -4.17 -126.98 9.28
C ASP I 573 -5.15 -125.82 8.97
N THR I 574 -4.60 -124.60 8.92
CA THR I 574 -5.35 -123.43 8.46
C THR I 574 -4.47 -122.56 7.58
N LYS I 575 -5.06 -121.53 7.00
CA LYS I 575 -4.32 -120.63 6.13
C LYS I 575 -3.23 -119.95 6.93
N MET I 576 -3.54 -119.67 8.19
CA MET I 576 -2.63 -118.98 9.09
C MET I 576 -1.42 -119.82 9.43
N SER I 577 -1.68 -121.01 9.96
CA SER I 577 -0.62 -121.91 10.39
C SER I 577 0.27 -122.31 9.23
N ARG I 578 -0.34 -122.46 8.07
CA ARG I 578 0.39 -122.88 6.91
C ARG I 578 1.24 -121.73 6.41
N LEU I 579 0.69 -120.53 6.52
CA LEU I 579 1.43 -119.33 6.17
C LEU I 579 2.63 -119.20 7.09
N LEU I 580 2.35 -118.96 8.38
CA LEU I 580 3.37 -118.73 9.40
C LEU I 580 4.30 -119.91 9.55
N GLY I 581 3.74 -121.11 9.61
CA GLY I 581 4.53 -122.30 9.76
C GLY I 581 4.51 -122.79 11.19
N VAL I 582 3.37 -122.60 11.85
CA VAL I 582 3.22 -123.01 13.25
C VAL I 582 1.75 -123.04 13.66
N PRO I 583 1.43 -123.60 14.84
CA PRO I 583 0.05 -123.66 15.33
C PRO I 583 -0.72 -122.37 15.13
N PRO I 584 -1.95 -122.45 14.59
CA PRO I 584 -2.83 -121.31 14.29
C PRO I 584 -3.33 -120.62 15.55
N VAL I 585 -2.76 -120.99 16.69
CA VAL I 585 -2.98 -120.25 17.93
C VAL I 585 -1.80 -119.30 18.12
N MET I 586 -2.12 -118.03 18.34
CA MET I 586 -1.08 -117.02 18.42
C MET I 586 -1.30 -116.02 19.58
N VAL I 587 -0.21 -115.66 20.25
CA VAL I 587 -0.25 -114.62 21.28
C VAL I 587 -0.07 -113.27 20.62
N ALA I 588 -1.04 -112.39 20.81
CA ALA I 588 -1.01 -111.07 20.20
C ALA I 588 -0.06 -110.13 20.93
N GLY I 589 0.47 -109.15 20.20
CA GLY I 589 1.42 -108.21 20.76
C GLY I 589 0.74 -107.27 21.73
N MET I 590 1.29 -107.17 22.94
CA MET I 590 0.73 -106.35 24.01
C MET I 590 1.84 -105.55 24.64
N THR I 591 1.68 -104.23 24.67
CA THR I 591 2.76 -103.34 25.12
C THR I 591 3.48 -103.79 26.41
N PRO I 592 2.81 -103.73 27.57
CA PRO I 592 3.52 -104.04 28.82
C PRO I 592 4.19 -105.41 28.80
N THR I 593 3.38 -106.45 28.59
CA THR I 593 3.82 -107.82 28.76
C THR I 593 4.59 -108.37 27.56
N THR I 594 4.16 -108.02 26.36
CA THR I 594 4.75 -108.58 25.15
C THR I 594 5.94 -107.76 24.67
N VAL I 595 6.43 -106.91 25.55
CA VAL I 595 7.56 -106.06 25.17
C VAL I 595 8.93 -106.72 25.36
N PRO I 596 9.16 -107.38 26.51
CA PRO I 596 10.50 -107.86 26.88
C PRO I 596 10.93 -109.05 26.03
N TRP I 597 12.21 -109.09 25.69
CA TRP I 597 12.73 -110.08 24.75
C TRP I 597 12.68 -111.52 25.25
N ASP I 598 12.31 -111.70 26.51
CA ASP I 598 12.23 -113.02 27.11
C ASP I 598 10.97 -113.70 26.64
N PHE I 599 9.85 -113.21 27.16
CA PHE I 599 8.54 -113.75 26.85
C PHE I 599 8.35 -114.02 25.35
N VAL I 600 8.94 -113.16 24.52
CA VAL I 600 8.78 -113.29 23.07
C VAL I 600 9.61 -114.44 22.51
N ALA I 601 10.88 -114.50 22.90
CA ALA I 601 11.78 -115.53 22.41
C ALA I 601 11.49 -116.88 23.07
N ALA I 602 11.04 -116.83 24.31
CA ALA I 602 10.66 -118.04 25.02
C ALA I 602 9.37 -118.61 24.46
N THR I 603 8.50 -117.76 23.95
CA THR I 603 7.24 -118.20 23.37
C THR I 603 7.43 -118.71 21.95
N MET I 604 8.49 -118.24 21.29
CA MET I 604 8.82 -118.72 19.95
C MET I 604 9.64 -120.01 20.06
N ASN I 605 10.36 -120.16 21.16
CA ASN I 605 11.06 -121.42 21.45
C ASN I 605 10.03 -122.49 21.84
N ALA I 606 8.90 -122.05 22.39
CA ALA I 606 7.80 -122.96 22.71
C ALA I 606 6.99 -123.26 21.46
N GLY I 607 7.51 -122.82 20.32
CA GLY I 607 6.94 -123.15 19.03
C GLY I 607 5.66 -122.40 18.65
N TYR I 608 5.54 -121.14 19.05
CA TYR I 608 4.33 -120.37 18.76
C TYR I 608 4.58 -118.96 18.23
N HIS I 609 3.61 -118.46 17.46
CA HIS I 609 3.72 -117.14 16.85
C HIS I 609 3.27 -116.01 17.76
N ILE I 610 4.22 -115.15 18.14
CA ILE I 610 3.92 -114.04 19.02
C ILE I 610 4.43 -112.72 18.41
N GLU I 611 3.86 -111.59 18.86
CA GLU I 611 4.20 -110.27 18.31
C GLU I 611 5.01 -109.39 19.26
N LEU I 612 6.26 -109.14 18.95
CA LEU I 612 7.10 -108.29 19.79
C LEU I 612 6.55 -106.89 19.87
N ALA I 613 6.04 -106.50 21.04
CA ALA I 613 5.41 -105.19 21.23
C ALA I 613 6.41 -104.03 21.07
N GLY I 614 6.40 -103.40 19.90
CA GLY I 614 7.33 -102.33 19.61
C GLY I 614 6.99 -101.06 20.36
N GLY I 615 5.79 -101.03 20.93
CA GLY I 615 5.29 -99.85 21.62
C GLY I 615 5.86 -99.63 23.00
N GLY I 616 7.05 -100.15 23.24
CA GLY I 616 7.72 -99.98 24.52
C GLY I 616 9.17 -99.71 24.25
N TYR I 617 9.45 -99.38 23.00
CA TYR I 617 10.81 -99.09 22.59
C TYR I 617 10.89 -97.66 22.13
N TYR I 618 11.36 -96.81 23.04
CA TYR I 618 11.40 -95.37 22.81
C TYR I 618 12.67 -95.02 22.06
N ASN I 619 13.71 -95.81 22.32
CA ASN I 619 15.04 -95.57 21.75
C ASN I 619 15.35 -96.55 20.62
N ALA I 620 15.87 -96.02 19.52
CA ALA I 620 16.24 -96.82 18.35
C ALA I 620 17.27 -97.93 18.66
N GLN I 621 18.18 -97.64 19.59
CA GLN I 621 19.21 -98.58 20.00
C GLN I 621 18.65 -99.73 20.81
N LYS I 622 17.80 -99.42 21.77
CA LYS I 622 17.20 -100.43 22.64
C LYS I 622 16.23 -101.38 21.92
N MET I 623 15.78 -100.99 20.73
CA MET I 623 14.89 -101.85 19.98
C MET I 623 15.68 -102.77 19.06
N SER I 624 16.68 -102.21 18.38
CA SER I 624 17.55 -103.01 17.54
C SER I 624 18.41 -103.92 18.42
N ASP I 625 18.49 -103.58 19.71
CA ASP I 625 19.20 -104.41 20.69
C ASP I 625 18.41 -105.64 21.07
N ALA I 626 17.26 -105.44 21.70
CA ALA I 626 16.44 -106.54 22.16
C ALA I 626 15.93 -107.38 20.97
N ILE I 627 15.94 -106.80 19.78
CA ILE I 627 15.61 -107.56 18.58
C ILE I 627 16.70 -108.57 18.24
N SER I 628 17.95 -108.14 18.22
CA SER I 628 19.08 -109.01 17.90
C SER I 628 19.52 -109.88 19.08
N LYS I 629 18.77 -109.82 20.17
CA LYS I 629 18.94 -110.76 21.26
C LYS I 629 18.02 -111.92 20.97
N ILE I 630 16.92 -111.63 20.28
CA ILE I 630 15.92 -112.63 19.95
C ILE I 630 16.40 -113.51 18.80
N GLU I 631 17.02 -112.88 17.81
CA GLU I 631 17.53 -113.62 16.64
C GLU I 631 18.46 -114.73 17.07
N LYS I 632 19.22 -114.49 18.13
CA LYS I 632 20.27 -115.40 18.59
C LYS I 632 19.80 -116.45 19.59
N ALA I 633 18.52 -116.42 19.96
CA ALA I 633 17.99 -117.40 20.89
C ALA I 633 16.74 -118.05 20.31
N ILE I 634 16.79 -118.34 19.02
CA ILE I 634 15.60 -118.77 18.30
C ILE I 634 15.86 -119.96 17.39
N PRO I 635 14.84 -120.82 17.20
CA PRO I 635 14.89 -121.92 16.23
C PRO I 635 15.27 -121.38 14.86
N PRO I 636 16.55 -121.53 14.47
CA PRO I 636 17.03 -120.90 13.23
C PRO I 636 16.04 -121.07 12.09
N GLY I 637 15.59 -119.95 11.54
CA GLY I 637 14.61 -119.96 10.48
C GLY I 637 13.31 -119.30 10.89
N ARG I 638 13.09 -119.16 12.19
CA ARG I 638 11.90 -118.49 12.69
C ARG I 638 11.96 -117.01 12.35
N GLY I 639 10.80 -116.45 12.01
CA GLY I 639 10.70 -115.03 11.74
C GLY I 639 10.17 -114.26 12.92
N ILE I 640 10.56 -112.99 13.01
CA ILE I 640 10.10 -112.13 14.09
C ILE I 640 9.03 -111.18 13.57
N THR I 641 8.06 -110.88 14.42
CA THR I 641 6.97 -109.99 14.07
C THR I 641 6.90 -108.84 15.06
N VAL I 642 7.15 -107.63 14.58
CA VAL I 642 7.09 -106.45 15.42
C VAL I 642 5.71 -105.79 15.31
N ASN I 643 5.22 -105.23 16.41
CA ASN I 643 3.90 -104.62 16.48
C ASN I 643 4.01 -103.11 16.70
N LEU I 644 3.69 -102.33 15.67
CA LEU I 644 3.84 -100.89 15.74
C LEU I 644 2.50 -100.17 15.90
N ILE I 645 2.48 -99.15 16.74
CA ILE I 645 1.29 -98.37 17.01
C ILE I 645 1.14 -97.21 16.03
N TYR I 646 -0.01 -97.14 15.36
CA TYR I 646 -0.18 -96.18 14.27
C TYR I 646 -0.47 -94.75 14.74
N VAL I 647 -1.09 -94.63 15.91
CA VAL I 647 -1.39 -93.31 16.48
C VAL I 647 -0.20 -92.79 17.28
N ASN I 648 0.99 -93.30 16.94
CA ASN I 648 2.24 -92.81 17.49
C ASN I 648 3.21 -92.57 16.34
N PRO I 649 2.84 -91.68 15.42
CA PRO I 649 3.61 -91.47 14.18
C PRO I 649 4.98 -90.91 14.48
N ARG I 650 5.16 -90.34 15.67
CA ARG I 650 6.47 -89.81 16.05
C ARG I 650 7.46 -90.94 16.21
N ALA I 651 7.22 -91.82 17.18
CA ALA I 651 8.09 -92.97 17.45
C ALA I 651 8.11 -93.97 16.28
N MET I 652 6.95 -94.15 15.65
CA MET I 652 6.82 -95.03 14.50
C MET I 652 7.53 -94.45 13.28
N GLY I 653 8.04 -93.23 13.41
CA GLY I 653 8.76 -92.58 12.34
C GLY I 653 10.12 -93.21 12.10
N TRP I 654 10.82 -93.53 13.19
CA TRP I 654 12.13 -94.17 13.10
C TRP I 654 12.03 -95.69 13.08
N GLN I 655 11.00 -96.19 13.75
CA GLN I 655 10.80 -97.63 13.90
C GLN I 655 10.74 -98.36 12.55
N ILE I 656 9.95 -97.84 11.63
CA ILE I 656 9.71 -98.53 10.37
C ILE I 656 10.95 -98.64 9.48
N PRO I 657 11.67 -97.53 9.27
CA PRO I 657 12.89 -97.61 8.47
C PRO I 657 14.02 -98.30 9.23
N LEU I 658 13.82 -98.47 10.53
CA LEU I 658 14.75 -99.26 11.34
C LEU I 658 14.56 -100.75 11.02
N LEU I 659 13.33 -101.22 11.07
CA LEU I 659 13.01 -102.60 10.72
C LEU I 659 13.52 -102.89 9.31
N GLY I 660 13.07 -102.08 8.36
CA GLY I 660 13.47 -102.23 6.97
C GLY I 660 14.97 -102.34 6.78
N ARG I 661 15.71 -101.55 7.55
CA ARG I 661 17.16 -101.57 7.49
C ARG I 661 17.76 -102.84 8.07
N LEU I 662 17.17 -103.30 9.17
CA LEU I 662 17.59 -104.54 9.83
C LEU I 662 17.46 -105.74 8.90
N ARG I 663 16.28 -105.90 8.33
CA ARG I 663 16.01 -107.02 7.43
C ARG I 663 17.07 -107.14 6.33
N ALA I 664 17.54 -105.99 5.85
CA ALA I 664 18.52 -105.94 4.77
C ALA I 664 19.89 -106.47 5.19
N ASP I 665 20.10 -106.57 6.50
CA ASP I 665 21.36 -107.07 7.04
C ASP I 665 21.29 -108.57 7.31
N GLY I 666 20.07 -109.09 7.35
CA GLY I 666 19.88 -110.51 7.60
C GLY I 666 18.97 -110.79 8.77
N VAL I 667 18.84 -109.82 9.67
CA VAL I 667 17.96 -109.99 10.83
C VAL I 667 16.58 -110.52 10.44
N PRO I 668 16.14 -111.55 11.16
CA PRO I 668 15.03 -112.43 10.79
C PRO I 668 13.65 -111.83 11.00
N ILE I 669 13.41 -110.62 10.50
CA ILE I 669 12.07 -110.05 10.62
C ILE I 669 11.31 -110.21 9.33
N GLU I 670 10.23 -111.00 9.36
CA GLU I 670 9.45 -111.24 8.16
C GLU I 670 7.97 -110.96 8.42
N GLY I 671 7.71 -110.19 9.47
CA GLY I 671 6.33 -109.87 9.82
C GLY I 671 6.18 -108.53 10.49
N LEU I 672 5.23 -107.73 10.00
CA LEU I 672 4.92 -106.43 10.57
C LEU I 672 3.44 -106.37 10.96
N THR I 673 3.14 -105.73 12.09
CA THR I 673 1.76 -105.57 12.55
C THR I 673 1.49 -104.12 12.98
N ILE I 674 0.46 -103.54 12.39
CA ILE I 674 0.13 -102.15 12.65
C ILE I 674 -1.15 -102.10 13.45
N GLY I 675 -1.05 -101.63 14.69
CA GLY I 675 -2.20 -101.57 15.57
C GLY I 675 -2.77 -100.19 15.78
N ALA I 676 -4.01 -100.15 16.26
CA ALA I 676 -4.71 -98.89 16.51
C ALA I 676 -4.67 -97.97 15.29
N GLY I 677 -5.62 -98.18 14.39
CA GLY I 677 -5.70 -97.38 13.19
C GLY I 677 -5.23 -98.13 11.95
N VAL I 678 -5.99 -98.01 10.87
CA VAL I 678 -5.70 -98.67 9.60
C VAL I 678 -5.03 -97.71 8.64
N PRO I 679 -3.75 -97.92 8.31
CA PRO I 679 -3.02 -97.05 7.39
C PRO I 679 -3.77 -96.77 6.08
N SER I 680 -3.36 -95.70 5.42
CA SER I 680 -3.92 -95.38 4.11
C SER I 680 -3.38 -96.33 3.08
N ILE I 681 -4.12 -96.52 2.00
CA ILE I 681 -3.77 -97.47 0.97
C ILE I 681 -2.30 -97.35 0.55
N GLU I 682 -1.85 -96.14 0.24
CA GLU I 682 -0.46 -95.95 -0.19
C GLU I 682 0.53 -95.94 0.96
N VAL I 683 0.04 -95.71 2.19
CA VAL I 683 0.89 -95.80 3.36
C VAL I 683 1.31 -97.26 3.55
N ALA I 684 0.36 -98.17 3.35
CA ALA I 684 0.63 -99.59 3.47
C ALA I 684 1.52 -100.05 2.33
N ASN I 685 1.19 -99.60 1.12
CA ASN I 685 1.96 -99.98 -0.07
C ASN I 685 3.46 -99.81 0.08
N GLU I 686 3.87 -98.71 0.69
CA GLU I 686 5.28 -98.52 1.01
C GLU I 686 5.78 -99.63 1.92
N TYR I 687 5.18 -99.74 3.10
CA TYR I 687 5.55 -100.75 4.07
C TYR I 687 5.78 -102.08 3.36
N ILE I 688 4.76 -102.51 2.63
CA ILE I 688 4.79 -103.75 1.89
C ILE I 688 6.06 -103.92 1.05
N GLN I 689 6.34 -102.94 0.19
CA GLN I 689 7.39 -103.10 -0.81
C GLN I 689 8.67 -102.34 -0.48
N THR I 690 8.81 -101.89 0.77
CA THR I 690 10.01 -101.15 1.17
C THR I 690 10.85 -101.97 2.15
N LEU I 691 10.27 -102.23 3.32
CA LEU I 691 10.87 -103.15 4.28
C LEU I 691 10.52 -104.56 3.85
N GLY I 692 11.54 -105.40 3.68
CA GLY I 692 11.35 -106.73 3.11
C GLY I 692 10.63 -107.71 4.01
N ILE I 693 9.36 -107.46 4.27
CA ILE I 693 8.54 -108.37 5.08
C ILE I 693 7.80 -109.38 4.21
N ARG I 694 7.42 -110.48 4.83
CA ARG I 694 6.78 -111.58 4.13
C ARG I 694 5.27 -111.53 4.41
N HIS I 695 4.89 -111.03 5.58
CA HIS I 695 3.48 -110.85 5.87
C HIS I 695 3.23 -109.54 6.61
N ILE I 696 2.00 -109.02 6.48
CA ILE I 696 1.62 -107.76 7.13
C ILE I 696 0.26 -107.89 7.81
N SER I 697 0.19 -107.47 9.06
CA SER I 697 -1.01 -107.68 9.87
C SER I 697 -1.66 -106.41 10.41
N PHE I 698 -2.93 -106.20 10.06
CA PHE I 698 -3.68 -105.02 10.49
C PHE I 698 -4.72 -105.38 11.53
N LYS I 699 -4.96 -104.46 12.47
CA LYS I 699 -6.01 -104.65 13.46
C LYS I 699 -7.13 -103.63 13.27
N PRO I 700 -8.16 -104.01 12.51
CA PRO I 700 -9.33 -103.16 12.32
C PRO I 700 -10.25 -103.25 13.50
N GLY I 701 -11.16 -102.30 13.62
CA GLY I 701 -12.04 -102.22 14.77
C GLY I 701 -13.44 -101.79 14.43
N SER I 702 -13.63 -101.30 13.21
CA SER I 702 -14.96 -100.92 12.75
C SER I 702 -15.32 -101.54 11.39
N VAL I 703 -16.61 -101.58 11.11
CA VAL I 703 -17.16 -102.16 9.90
C VAL I 703 -16.45 -101.67 8.64
N ASP I 704 -16.16 -100.37 8.60
CA ASP I 704 -15.46 -99.76 7.47
C ASP I 704 -13.95 -99.95 7.57
N ALA I 705 -13.45 -100.12 8.79
CA ALA I 705 -12.04 -100.39 9.01
C ALA I 705 -11.68 -101.68 8.30
N ILE I 706 -12.61 -102.63 8.38
CA ILE I 706 -12.48 -103.88 7.66
C ILE I 706 -12.32 -103.63 6.17
N GLN I 707 -13.32 -102.98 5.58
CA GLN I 707 -13.30 -102.64 4.16
C GLN I 707 -12.00 -101.99 3.72
N GLN I 708 -11.38 -101.23 4.62
CA GLN I 708 -10.07 -100.65 4.38
C GLN I 708 -9.09 -101.75 4.06
N VAL I 709 -8.88 -102.60 5.05
CA VAL I 709 -8.01 -103.76 4.93
C VAL I 709 -8.26 -104.50 3.62
N ILE I 710 -9.53 -104.75 3.30
CA ILE I 710 -9.87 -105.49 2.08
C ILE I 710 -9.25 -104.85 0.86
N ASN I 711 -9.36 -103.52 0.80
CA ASN I 711 -8.82 -102.78 -0.32
C ASN I 711 -7.29 -102.78 -0.30
N ILE I 712 -6.71 -102.75 0.89
CA ILE I 712 -5.28 -102.84 1.01
C ILE I 712 -4.86 -104.16 0.39
N ALA I 713 -5.77 -105.14 0.46
CA ALA I 713 -5.52 -106.49 -0.02
C ALA I 713 -5.71 -106.57 -1.54
N LYS I 714 -6.81 -106.01 -2.02
CA LYS I 714 -7.05 -105.96 -3.45
C LYS I 714 -5.91 -105.20 -4.10
N ALA I 715 -5.27 -104.34 -3.32
CA ALA I 715 -4.14 -103.55 -3.77
C ALA I 715 -2.96 -104.44 -4.12
N ASN I 716 -2.67 -105.39 -3.25
CA ASN I 716 -1.58 -106.33 -3.48
C ASN I 716 -2.10 -107.76 -3.43
N PRO I 717 -2.62 -108.25 -4.56
CA PRO I 717 -3.26 -109.56 -4.61
C PRO I 717 -2.25 -110.71 -4.54
N THR I 718 -1.00 -110.41 -4.25
CA THR I 718 0.04 -111.44 -4.17
C THR I 718 0.74 -111.44 -2.82
N PHE I 719 0.10 -110.88 -1.80
CA PHE I 719 0.75 -110.67 -0.51
C PHE I 719 -0.11 -111.07 0.71
N PRO I 720 0.54 -111.71 1.69
CA PRO I 720 -0.03 -112.14 2.97
C PRO I 720 -0.55 -110.97 3.81
N ILE I 721 -1.84 -110.97 4.09
CA ILE I 721 -2.43 -109.92 4.91
C ILE I 721 -3.26 -110.51 6.04
N ILE I 722 -2.63 -110.73 7.18
CA ILE I 722 -3.30 -111.28 8.34
C ILE I 722 -4.25 -110.27 8.92
N LEU I 723 -5.55 -110.53 8.80
CA LEU I 723 -6.57 -109.59 9.27
C LEU I 723 -7.03 -109.85 10.71
N GLN I 724 -6.18 -109.55 11.68
CA GLN I 724 -6.53 -109.77 13.08
C GLN I 724 -7.76 -108.96 13.44
N TRP I 725 -8.86 -109.63 13.69
CA TRP I 725 -10.07 -108.94 14.10
C TRP I 725 -10.25 -108.90 15.61
N THR I 726 -10.32 -107.70 16.17
CA THR I 726 -10.58 -107.54 17.60
C THR I 726 -12.00 -107.07 17.83
N GLY I 727 -12.53 -107.38 19.00
CA GLY I 727 -13.85 -106.93 19.38
C GLY I 727 -13.80 -105.84 20.44
N GLY I 728 -14.97 -105.45 20.91
CA GLY I 728 -15.07 -104.42 21.94
C GLY I 728 -14.48 -104.86 23.26
N ARG I 729 -14.51 -106.15 23.53
CA ARG I 729 -14.04 -106.68 24.80
C ARG I 729 -12.54 -106.98 24.89
N GLY I 730 -11.74 -106.26 24.11
CA GLY I 730 -10.30 -106.44 24.13
C GLY I 730 -9.66 -105.75 25.30
N GLY I 731 -8.36 -105.96 25.50
CA GLY I 731 -7.65 -105.28 26.55
C GLY I 731 -7.24 -103.90 26.11
N GLY I 732 -7.18 -102.97 27.06
CA GLY I 732 -6.77 -101.60 26.77
C GLY I 732 -7.60 -100.93 25.68
N HIS I 733 -6.91 -100.38 24.69
CA HIS I 733 -7.56 -99.67 23.59
C HIS I 733 -8.59 -100.56 22.89
N HIS I 734 -9.87 -100.24 23.06
CA HIS I 734 -10.95 -101.09 22.53
C HIS I 734 -12.01 -100.28 21.80
N SER I 735 -12.49 -100.79 20.69
CA SER I 735 -13.58 -100.13 19.96
C SER I 735 -14.86 -100.23 20.76
N PHE I 736 -15.97 -99.81 20.16
CA PHE I 736 -17.27 -99.93 20.80
C PHE I 736 -18.08 -100.95 20.05
N GLU I 737 -17.40 -101.75 19.23
CA GLU I 737 -18.04 -102.71 18.33
C GLU I 737 -18.27 -104.08 18.95
N ASP I 738 -19.24 -104.81 18.41
CA ASP I 738 -19.50 -106.17 18.87
C ASP I 738 -18.68 -107.13 18.03
N PHE I 739 -18.34 -108.28 18.60
CA PHE I 739 -17.51 -109.26 17.92
C PHE I 739 -18.18 -109.81 16.67
N HIS I 740 -19.49 -110.03 16.77
CA HIS I 740 -20.19 -110.89 15.83
C HIS I 740 -20.75 -110.19 14.60
N GLN I 741 -21.58 -109.18 14.81
CA GLN I 741 -22.32 -108.59 13.71
C GLN I 741 -21.49 -107.90 12.61
N PRO I 742 -20.27 -107.42 12.93
CA PRO I 742 -19.36 -106.89 11.91
C PRO I 742 -18.81 -107.98 11.01
N ILE I 743 -18.39 -109.09 11.61
CA ILE I 743 -17.88 -110.20 10.84
C ILE I 743 -19.02 -110.87 10.10
N LEU I 744 -20.16 -111.04 10.77
CA LEU I 744 -21.36 -111.59 10.15
C LEU I 744 -21.83 -110.80 8.93
N LEU I 745 -21.27 -109.61 8.75
CA LEU I 745 -21.72 -108.71 7.69
C LEU I 745 -20.65 -108.60 6.62
N MET I 746 -19.40 -108.82 7.03
CA MET I 746 -18.26 -108.60 6.14
C MET I 746 -17.66 -109.91 5.64
N TYR I 747 -17.79 -110.97 6.44
CA TYR I 747 -17.16 -112.26 6.15
C TYR I 747 -17.08 -112.53 4.65
N SER I 748 -18.24 -112.49 4.00
CA SER I 748 -18.32 -112.81 2.58
C SER I 748 -17.27 -112.07 1.77
N ARG I 749 -17.23 -110.74 1.94
CA ARG I 749 -16.31 -109.91 1.18
C ARG I 749 -14.87 -110.17 1.57
N ILE I 750 -14.63 -110.39 2.86
CA ILE I 750 -13.29 -110.66 3.32
C ILE I 750 -12.76 -111.87 2.58
N ARG I 751 -13.53 -112.96 2.64
CA ARG I 751 -13.15 -114.23 2.03
C ARG I 751 -12.82 -114.11 0.55
N LYS I 752 -13.59 -113.29 -0.16
CA LYS I 752 -13.46 -113.18 -1.61
C LYS I 752 -12.12 -112.56 -1.99
N CYS I 753 -11.33 -112.23 -0.98
CA CYS I 753 -9.94 -111.89 -1.18
C CYS I 753 -9.07 -113.00 -0.57
N SER I 754 -8.28 -113.64 -1.42
CA SER I 754 -7.50 -114.80 -0.99
C SER I 754 -6.34 -114.42 -0.04
N ASN I 755 -5.90 -113.17 -0.10
CA ASN I 755 -4.73 -112.73 0.65
C ASN I 755 -4.97 -112.63 2.15
N ILE I 756 -6.23 -112.71 2.53
CA ILE I 756 -6.61 -112.44 3.92
C ILE I 756 -6.61 -113.66 4.84
N VAL I 757 -5.97 -113.51 5.98
CA VAL I 757 -6.01 -114.53 7.00
C VAL I 757 -6.88 -114.04 8.15
N LEU I 758 -8.19 -114.30 8.06
CA LEU I 758 -9.13 -113.87 9.09
C LEU I 758 -8.87 -114.56 10.45
N VAL I 759 -8.28 -113.81 11.38
CA VAL I 759 -7.83 -114.37 12.64
C VAL I 759 -8.66 -113.85 13.80
N ALA I 760 -9.58 -114.65 14.33
CA ALA I 760 -10.38 -114.24 15.47
C ALA I 760 -9.52 -113.96 16.70
N GLY I 761 -9.85 -112.88 17.41
CA GLY I 761 -9.15 -112.52 18.62
C GLY I 761 -10.03 -111.64 19.49
N SER I 762 -9.77 -111.66 20.80
CA SER I 762 -10.55 -110.92 21.79
C SER I 762 -11.49 -111.83 22.53
N GLY I 763 -11.37 -111.85 23.86
CA GLY I 763 -12.29 -112.58 24.71
C GLY I 763 -11.98 -114.04 24.98
N PHE I 764 -11.05 -114.59 24.20
CA PHE I 764 -10.75 -116.01 24.28
C PHE I 764 -9.75 -116.35 25.38
N GLY I 765 -9.89 -117.54 25.95
CA GLY I 765 -9.00 -118.02 26.99
C GLY I 765 -8.75 -119.52 26.95
N GLY I 766 -9.40 -120.20 26.03
CA GLY I 766 -9.23 -121.65 25.90
C GLY I 766 -9.57 -122.18 24.53
N SER I 767 -9.29 -123.46 24.32
CA SER I 767 -9.59 -124.14 23.05
C SER I 767 -11.07 -124.45 22.87
N GLU I 768 -11.79 -124.52 23.99
CA GLU I 768 -13.21 -124.86 24.02
C GLU I 768 -14.12 -123.77 23.42
N ASP I 769 -13.83 -122.52 23.76
CA ASP I 769 -14.55 -121.37 23.22
C ASP I 769 -13.95 -120.94 21.89
N THR I 770 -12.64 -121.13 21.77
CA THR I 770 -11.95 -120.84 20.52
C THR I 770 -12.51 -121.73 19.43
N TYR I 771 -12.56 -123.02 19.71
CA TYR I 771 -12.96 -124.03 18.74
C TYR I 771 -14.09 -123.56 17.82
N PRO I 772 -15.24 -123.16 18.40
CA PRO I 772 -16.41 -122.73 17.62
C PRO I 772 -16.11 -121.75 16.48
N TYR I 773 -15.32 -120.72 16.74
CA TYR I 773 -14.97 -119.76 15.69
C TYR I 773 -13.95 -120.40 14.75
N LEU I 774 -13.05 -121.17 15.34
CA LEU I 774 -12.03 -121.89 14.59
C LEU I 774 -12.71 -122.82 13.58
N THR I 775 -13.91 -123.26 13.95
CA THR I 775 -14.73 -124.08 13.08
C THR I 775 -15.43 -123.17 12.09
N GLY I 776 -16.47 -122.51 12.58
CA GLY I 776 -17.38 -121.75 11.75
C GLY I 776 -18.78 -122.04 12.25
N SER I 777 -18.86 -122.54 13.49
CA SER I 777 -20.12 -122.97 14.07
C SER I 777 -20.85 -121.87 14.83
N TRP I 778 -20.09 -120.94 15.39
CA TRP I 778 -20.64 -119.80 16.10
C TRP I 778 -21.70 -119.09 15.28
N SER I 779 -21.41 -118.95 13.98
CA SER I 779 -22.21 -118.13 13.08
C SER I 779 -23.57 -118.74 12.76
N THR I 780 -23.75 -120.01 13.11
CA THR I 780 -25.02 -120.68 12.85
C THR I 780 -26.06 -120.24 13.87
N LYS I 781 -25.59 -119.94 15.07
CA LYS I 781 -26.47 -119.46 16.13
C LYS I 781 -27.15 -118.16 15.73
N PHE I 782 -26.54 -117.45 14.79
CA PHE I 782 -27.08 -116.17 14.33
C PHE I 782 -27.77 -116.32 12.97
N GLY I 783 -28.39 -117.47 12.76
CA GLY I 783 -29.15 -117.73 11.54
C GLY I 783 -28.36 -117.63 10.25
N TYR I 784 -27.05 -117.81 10.31
CA TYR I 784 -26.20 -117.74 9.11
C TYR I 784 -25.35 -118.99 8.93
N PRO I 785 -24.97 -119.30 7.69
CA PRO I 785 -24.08 -120.43 7.36
C PRO I 785 -22.79 -120.39 8.16
N PRO I 786 -22.13 -121.54 8.30
CA PRO I 786 -20.82 -121.66 8.96
C PRO I 786 -19.75 -120.75 8.37
N MET I 787 -19.06 -120.01 9.24
CA MET I 787 -18.04 -119.05 8.84
C MET I 787 -16.74 -119.26 9.59
N PRO I 788 -15.87 -120.12 9.07
CA PRO I 788 -14.56 -120.53 9.59
C PRO I 788 -13.59 -119.38 9.78
N PHE I 789 -12.78 -119.49 10.83
CA PHE I 789 -11.69 -118.56 11.04
C PHE I 789 -10.36 -119.30 10.81
N ASP I 790 -9.37 -118.58 10.29
CA ASP I 790 -8.08 -119.18 9.93
C ASP I 790 -7.10 -119.24 11.11
N GLY I 791 -7.62 -119.10 12.32
CA GLY I 791 -6.81 -119.14 13.52
C GLY I 791 -7.49 -118.44 14.68
N CYS I 792 -6.74 -118.22 15.77
CA CYS I 792 -7.27 -117.46 16.89
C CYS I 792 -6.14 -116.74 17.63
N MET I 793 -6.50 -115.68 18.34
CA MET I 793 -5.54 -114.76 18.91
C MET I 793 -5.72 -114.62 20.42
N PHE I 794 -4.61 -114.61 21.15
CA PHE I 794 -4.65 -114.53 22.61
C PHE I 794 -3.84 -113.37 23.16
N GLY I 795 -4.48 -112.59 24.02
CA GLY I 795 -3.83 -111.46 24.65
C GLY I 795 -3.92 -111.56 26.16
N SER I 796 -5.07 -111.16 26.69
CA SER I 796 -5.26 -111.11 28.14
C SER I 796 -4.91 -112.41 28.83
N ARG I 797 -5.14 -113.52 28.12
CA ARG I 797 -4.90 -114.86 28.64
C ARG I 797 -3.47 -115.05 29.12
N MET I 798 -2.52 -114.83 28.22
CA MET I 798 -1.11 -115.13 28.46
C MET I 798 -0.46 -114.29 29.56
N MET I 799 -1.18 -113.28 30.03
CA MET I 799 -0.59 -112.34 30.99
C MET I 799 -0.06 -113.08 32.23
N THR I 800 -0.74 -114.15 32.61
CA THR I 800 -0.37 -114.92 33.79
C THR I 800 0.63 -116.05 33.52
N ALA I 801 1.26 -116.03 32.36
CA ALA I 801 2.30 -117.00 32.04
C ALA I 801 3.51 -116.73 32.90
N LYS I 802 4.12 -117.79 33.44
CA LYS I 802 5.20 -117.65 34.39
C LYS I 802 6.41 -116.97 33.75
N GLU I 803 6.45 -117.00 32.43
CA GLU I 803 7.54 -116.42 31.69
C GLU I 803 7.19 -115.01 31.22
N ALA I 804 6.02 -114.55 31.66
CA ALA I 804 5.59 -113.17 31.50
C ALA I 804 6.13 -112.34 32.65
N HIS I 805 6.34 -111.06 32.41
CA HIS I 805 6.93 -110.23 33.45
C HIS I 805 5.91 -109.69 34.43
N THR I 806 4.64 -109.91 34.13
CA THR I 806 3.55 -109.50 35.02
C THR I 806 3.89 -109.85 36.46
N SER I 807 3.90 -108.85 37.34
CA SER I 807 4.27 -109.03 38.74
C SER I 807 3.48 -110.16 39.38
N LYS I 808 3.94 -110.61 40.54
CA LYS I 808 3.28 -111.73 41.17
C LYS I 808 1.85 -111.36 41.57
N GLN I 809 1.72 -110.45 42.53
CA GLN I 809 0.41 -110.07 43.06
C GLN I 809 -0.51 -109.52 41.96
N ALA I 810 0.10 -109.08 40.86
CA ALA I 810 -0.66 -108.62 39.70
C ALA I 810 -1.36 -109.79 39.06
N LYS I 811 -0.57 -110.74 38.57
CA LYS I 811 -1.08 -111.98 37.99
C LYS I 811 -2.17 -112.57 38.86
N GLN I 812 -1.93 -112.56 40.15
CA GLN I 812 -2.94 -113.00 41.11
C GLN I 812 -4.23 -112.24 40.87
N ALA I 813 -4.18 -110.92 41.08
CA ALA I 813 -5.33 -110.05 40.91
C ALA I 813 -6.00 -110.21 39.53
N ILE I 814 -5.23 -110.68 38.56
CA ILE I 814 -5.73 -110.91 37.21
C ILE I 814 -6.68 -112.10 37.17
N VAL I 815 -6.18 -113.25 37.63
CA VAL I 815 -7.00 -114.45 37.71
C VAL I 815 -8.27 -114.12 38.45
N ASP I 816 -8.06 -113.48 39.60
CA ASP I 816 -9.09 -113.16 40.57
C ASP I 816 -10.20 -112.32 39.98
N ALA I 817 -9.99 -111.80 38.78
CA ALA I 817 -11.05 -111.12 38.09
C ALA I 817 -12.06 -112.15 37.61
N PRO I 818 -13.31 -112.04 38.10
CA PRO I 818 -14.41 -112.86 37.60
C PRO I 818 -14.87 -112.31 36.27
N GLY I 819 -14.56 -113.00 35.19
CA GLY I 819 -14.93 -112.50 33.88
C GLY I 819 -16.43 -112.31 33.74
N VAL I 820 -16.84 -111.81 32.58
CA VAL I 820 -18.26 -111.72 32.23
C VAL I 820 -18.45 -112.21 30.80
N ASP I 821 -19.60 -112.80 30.52
CA ASP I 821 -19.89 -113.36 29.21
C ASP I 821 -20.04 -112.24 28.19
N ASP I 822 -20.10 -112.61 26.90
CA ASP I 822 -20.33 -111.63 25.85
C ASP I 822 -21.61 -110.84 26.10
N ASP I 823 -22.49 -111.40 26.93
CA ASP I 823 -23.74 -110.75 27.33
C ASP I 823 -23.53 -109.31 27.78
N GLN I 824 -22.97 -109.15 28.97
CA GLN I 824 -22.84 -107.85 29.61
C GLN I 824 -21.42 -107.34 29.54
N TRP I 825 -20.81 -107.40 28.37
CA TRP I 825 -19.43 -106.93 28.24
C TRP I 825 -19.42 -105.42 28.21
N GLU I 826 -20.39 -104.83 27.53
CA GLU I 826 -20.50 -103.37 27.39
C GLU I 826 -20.71 -102.65 28.72
N ASN I 827 -21.04 -103.41 29.75
CA ASN I 827 -21.24 -102.85 31.08
C ASN I 827 -19.97 -102.24 31.68
N THR I 828 -18.84 -102.44 31.03
CA THR I 828 -17.60 -101.84 31.50
C THR I 828 -17.75 -100.32 31.55
N TYR I 829 -18.38 -99.77 30.52
CA TYR I 829 -18.46 -98.33 30.34
C TYR I 829 -19.06 -97.59 31.54
N LYS I 830 -19.88 -98.29 32.31
CA LYS I 830 -20.61 -97.67 33.41
C LYS I 830 -20.21 -98.20 34.79
N ARG I 831 -19.95 -99.50 34.89
CA ARG I 831 -19.69 -100.14 36.18
C ARG I 831 -18.36 -100.88 36.25
N PRO I 832 -17.95 -101.26 37.46
CA PRO I 832 -16.84 -102.19 37.67
C PRO I 832 -17.28 -103.61 37.32
N THR I 833 -17.67 -103.79 36.07
CA THR I 833 -18.17 -105.08 35.59
C THR I 833 -17.08 -106.15 35.59
N GLY I 834 -17.38 -107.26 36.27
CA GLY I 834 -16.41 -108.33 36.42
C GLY I 834 -15.28 -107.87 37.31
N GLY I 835 -14.10 -107.67 36.70
CA GLY I 835 -12.96 -107.15 37.41
C GLY I 835 -12.35 -105.99 36.66
N VAL I 836 -12.87 -105.77 35.46
CA VAL I 836 -12.36 -104.70 34.61
C VAL I 836 -13.36 -103.57 34.46
N ILE I 837 -12.83 -102.38 34.30
CA ILE I 837 -13.63 -101.19 34.08
C ILE I 837 -13.01 -100.52 32.84
N THR I 838 -13.72 -99.58 32.22
CA THR I 838 -13.15 -98.82 31.11
C THR I 838 -12.85 -97.39 31.53
N VAL I 839 -11.75 -96.85 31.02
CA VAL I 839 -11.25 -95.57 31.48
C VAL I 839 -10.46 -94.90 30.38
N LEU I 840 -10.37 -93.57 30.43
CA LEU I 840 -9.79 -92.83 29.32
C LEU I 840 -8.28 -92.56 29.43
N SER I 841 -7.61 -92.67 28.29
CA SER I 841 -6.16 -92.81 28.21
C SER I 841 -5.41 -91.48 28.25
N GLU I 842 -4.08 -91.57 28.14
CA GLU I 842 -3.24 -90.41 27.88
C GLU I 842 -3.80 -89.70 26.64
N MET I 843 -3.84 -90.43 25.53
CA MET I 843 -4.30 -89.90 24.25
C MET I 843 -5.79 -89.56 24.27
N GLY I 844 -6.49 -90.03 25.29
CA GLY I 844 -7.90 -89.75 25.43
C GLY I 844 -8.78 -90.92 25.02
N GLU I 845 -8.14 -92.03 24.68
CA GLU I 845 -8.82 -93.20 24.15
C GLU I 845 -9.37 -94.08 25.27
N PRO I 846 -10.38 -94.92 24.95
CA PRO I 846 -10.98 -95.83 25.93
C PRO I 846 -10.02 -96.98 26.25
N ILE I 847 -10.04 -97.47 27.49
CA ILE I 847 -9.17 -98.57 27.90
C ILE I 847 -9.88 -99.52 28.86
N HIS I 848 -9.53 -100.80 28.79
CA HIS I 848 -10.00 -101.80 29.75
C HIS I 848 -8.91 -102.14 30.75
N LYS I 849 -9.12 -101.76 32.01
CA LYS I 849 -8.15 -102.03 33.05
C LYS I 849 -8.79 -102.80 34.17
N LEU I 850 -7.98 -103.54 34.91
CA LEU I 850 -8.44 -104.20 36.12
C LEU I 850 -8.81 -103.09 37.09
N ALA I 851 -10.07 -103.07 37.55
CA ALA I 851 -10.59 -101.96 38.36
C ALA I 851 -10.07 -101.91 39.80
N THR I 852 -8.78 -101.57 39.95
CA THR I 852 -8.15 -101.45 41.25
C THR I 852 -8.58 -100.17 41.98
N ARG I 853 -8.08 -99.97 43.19
CA ARG I 853 -8.35 -98.75 43.95
C ARG I 853 -7.92 -97.54 43.13
N GLY I 854 -6.68 -97.56 42.66
CA GLY I 854 -6.16 -96.48 41.83
C GLY I 854 -7.00 -96.22 40.60
N VAL I 855 -7.21 -97.27 39.81
CA VAL I 855 -7.93 -97.12 38.54
C VAL I 855 -9.30 -96.53 38.78
N LEU I 856 -9.88 -96.81 39.94
CA LEU I 856 -11.21 -96.30 40.28
C LEU I 856 -11.18 -94.78 40.49
N PHE I 857 -10.21 -94.31 41.26
CA PHE I 857 -10.03 -92.89 41.48
C PHE I 857 -9.68 -92.21 40.16
N TRP I 858 -8.89 -92.90 39.34
CA TRP I 858 -8.55 -92.40 38.02
C TRP I 858 -9.81 -92.17 37.20
N LYS I 859 -10.75 -93.10 37.30
CA LYS I 859 -12.04 -92.95 36.61
C LYS I 859 -12.78 -91.74 37.15
N GLU I 860 -12.76 -91.57 38.45
CA GLU I 860 -13.36 -90.40 39.08
C GLU I 860 -12.90 -89.08 38.45
N LEU I 861 -11.58 -88.89 38.40
CA LEU I 861 -11.00 -87.67 37.86
C LEU I 861 -11.32 -87.50 36.38
N ASP I 862 -11.41 -88.61 35.67
CA ASP I 862 -11.84 -88.57 34.27
C ASP I 862 -13.15 -87.79 34.18
N ASP I 863 -13.94 -87.86 35.24
CA ASP I 863 -15.31 -87.39 35.21
C ASP I 863 -15.48 -86.02 35.86
N LYS I 864 -14.66 -85.73 36.85
CA LYS I 864 -14.79 -84.51 37.64
C LYS I 864 -13.76 -83.45 37.25
N ILE I 865 -12.59 -83.89 36.81
CA ILE I 865 -11.48 -82.98 36.52
C ILE I 865 -11.12 -82.95 35.04
N PHE I 866 -10.82 -84.11 34.46
CA PHE I 866 -10.43 -84.18 33.06
C PHE I 866 -11.64 -84.01 32.15
N SER I 867 -12.79 -83.75 32.75
CA SER I 867 -14.01 -83.54 31.99
C SER I 867 -14.16 -82.06 31.61
N LEU I 868 -13.50 -81.19 32.36
CA LEU I 868 -13.66 -79.75 32.20
C LEU I 868 -12.63 -79.18 31.25
N ASP I 869 -12.98 -78.11 30.55
CA ASP I 869 -12.09 -77.47 29.58
C ASP I 869 -10.77 -77.10 30.23
N ARG I 870 -9.68 -77.19 29.46
CA ARG I 870 -8.33 -76.96 29.97
C ARG I 870 -8.23 -75.86 31.03
N SER I 871 -8.88 -74.73 30.77
CA SER I 871 -8.83 -73.57 31.66
C SER I 871 -9.44 -73.81 33.05
N LYS I 872 -10.73 -74.11 33.08
CA LYS I 872 -11.48 -74.25 34.33
C LYS I 872 -11.00 -75.42 35.19
N ARG I 873 -9.95 -76.09 34.72
CA ARG I 873 -9.39 -77.25 35.41
C ARG I 873 -8.66 -76.87 36.69
N VAL I 874 -7.73 -75.93 36.61
CA VAL I 874 -6.96 -75.56 37.78
C VAL I 874 -7.87 -75.09 38.91
N ALA I 875 -8.89 -74.33 38.56
CA ALA I 875 -9.87 -73.86 39.53
C ALA I 875 -10.45 -74.99 40.37
N GLU I 876 -10.93 -76.04 39.71
CA GLU I 876 -11.57 -77.17 40.40
C GLU I 876 -10.58 -77.99 41.23
N LEU I 877 -9.35 -78.09 40.73
CA LEU I 877 -8.30 -78.78 41.47
C LEU I 877 -8.06 -78.13 42.83
N LYS I 878 -8.14 -76.81 42.87
CA LYS I 878 -7.94 -76.09 44.11
C LYS I 878 -9.09 -76.24 45.10
N LYS I 879 -10.30 -76.49 44.60
CA LYS I 879 -11.44 -76.60 45.50
C LYS I 879 -11.52 -77.99 46.11
N ARG I 880 -10.92 -78.96 45.42
CA ARG I 880 -10.90 -80.32 45.92
C ARG I 880 -9.48 -80.78 46.25
N ARG I 881 -8.57 -79.81 46.38
CA ARG I 881 -7.14 -80.10 46.50
C ARG I 881 -6.80 -81.21 47.48
N ASP I 882 -7.20 -81.05 48.73
CA ASP I 882 -6.82 -82.01 49.77
C ASP I 882 -7.55 -83.33 49.64
N TYR I 883 -8.71 -83.31 48.96
CA TYR I 883 -9.42 -84.54 48.68
C TYR I 883 -8.67 -85.38 47.63
N ILE I 884 -8.19 -84.70 46.59
CA ILE I 884 -7.41 -85.34 45.52
C ILE I 884 -6.04 -85.77 46.06
N ILE I 885 -5.58 -85.10 47.11
CA ILE I 885 -4.27 -85.38 47.67
C ILE I 885 -4.33 -86.62 48.56
N LYS I 886 -5.45 -86.79 49.27
CA LYS I 886 -5.66 -88.00 50.06
C LYS I 886 -5.72 -89.20 49.14
N LYS I 887 -6.58 -89.12 48.12
CA LYS I 887 -6.74 -90.21 47.18
C LYS I 887 -5.45 -90.53 46.42
N LEU I 888 -4.68 -89.50 46.09
CA LEU I 888 -3.34 -89.71 45.57
C LEU I 888 -2.49 -90.52 46.54
N ASN I 889 -2.27 -89.95 47.72
CA ASN I 889 -1.41 -90.55 48.75
C ASN I 889 -1.78 -91.99 49.11
N ASP I 890 -3.09 -92.26 49.16
CA ASP I 890 -3.60 -93.53 49.67
C ASP I 890 -3.53 -94.64 48.64
N ASP I 891 -4.28 -94.50 47.56
CA ASP I 891 -4.38 -95.58 46.59
C ASP I 891 -4.26 -95.18 45.12
N PHE I 892 -3.10 -94.64 44.75
CA PHE I 892 -2.79 -94.49 43.34
C PHE I 892 -1.33 -94.79 43.03
N GLN I 893 -1.08 -95.27 41.82
CA GLN I 893 0.27 -95.57 41.35
C GLN I 893 1.28 -94.51 41.75
N LYS I 894 0.87 -93.27 41.58
CA LYS I 894 1.71 -92.14 41.91
C LYS I 894 1.21 -91.47 43.16
N VAL I 895 2.15 -91.06 43.99
CA VAL I 895 1.84 -90.48 45.29
C VAL I 895 1.88 -88.98 45.19
N TRP I 896 1.48 -88.30 46.26
CA TRP I 896 1.69 -86.87 46.37
C TRP I 896 3.05 -86.60 47.01
N PHE I 897 3.98 -86.05 46.22
CA PHE I 897 5.34 -85.78 46.63
C PHE I 897 5.39 -84.75 47.74
N GLY I 898 4.44 -84.80 48.66
CA GLY I 898 4.22 -83.68 49.54
C GLY I 898 4.68 -83.74 50.98
N ARG I 899 5.21 -84.87 51.39
CA ARG I 899 5.38 -85.08 52.82
C ARG I 899 6.57 -84.36 53.44
N ASN I 900 6.40 -83.99 54.71
CA ASN I 900 7.46 -83.33 55.47
C ASN I 900 8.26 -84.33 56.28
N SER I 901 9.23 -83.82 57.04
CA SER I 901 10.07 -84.67 57.87
C SER I 901 9.28 -85.61 58.78
N ALA I 902 8.18 -85.10 59.35
CA ALA I 902 7.37 -85.85 60.30
C ALA I 902 6.39 -86.82 59.63
N GLY I 903 6.55 -87.03 58.33
CA GLY I 903 5.77 -88.03 57.62
C GLY I 903 4.40 -87.57 57.14
N GLU I 904 4.02 -86.35 57.51
CA GLU I 904 2.71 -85.81 57.13
C GLU I 904 2.74 -85.10 55.78
N PRO I 905 1.61 -85.13 55.06
CA PRO I 905 1.52 -84.54 53.73
C PRO I 905 1.40 -83.02 53.80
N VAL I 906 2.28 -82.30 53.10
CA VAL I 906 2.24 -80.84 53.05
C VAL I 906 2.35 -80.34 51.61
N ASP I 907 2.31 -79.02 51.43
CA ASP I 907 2.45 -78.45 50.10
C ASP I 907 3.91 -78.52 49.67
N LEU I 908 4.17 -78.74 48.40
CA LEU I 908 5.54 -78.76 47.90
C LEU I 908 6.28 -77.50 48.35
N GLU I 909 5.54 -76.41 48.42
CA GLU I 909 6.12 -75.11 48.73
C GLU I 909 6.55 -74.97 50.21
N ASP I 910 6.04 -75.88 51.05
CA ASP I 910 6.30 -75.85 52.49
C ASP I 910 7.39 -76.84 52.90
N MET I 911 7.89 -77.58 51.92
CA MET I 911 8.92 -78.57 52.15
C MET I 911 10.25 -77.85 52.38
N THR I 912 11.17 -78.48 53.11
CA THR I 912 12.50 -77.92 53.24
C THR I 912 13.39 -78.51 52.15
N TYR I 913 14.49 -77.84 51.82
CA TYR I 913 15.38 -78.35 50.78
C TYR I 913 15.79 -79.78 51.06
N ALA I 914 16.17 -80.03 52.30
CA ALA I 914 16.50 -81.37 52.75
C ALA I 914 15.34 -82.31 52.46
N GLU I 915 14.18 -82.03 53.05
CA GLU I 915 13.02 -82.89 52.91
C GLU I 915 12.76 -83.27 51.45
N VAL I 916 13.04 -82.35 50.53
CA VAL I 916 12.81 -82.61 49.12
C VAL I 916 13.81 -83.60 48.56
N VAL I 917 15.10 -83.28 48.70
CA VAL I 917 16.14 -84.19 48.23
C VAL I 917 15.85 -85.59 48.80
N HIS I 918 15.49 -85.64 50.08
CA HIS I 918 15.16 -86.91 50.72
C HIS I 918 13.95 -87.60 50.10
N ARG I 919 12.86 -86.85 49.92
CA ARG I 919 11.64 -87.40 49.37
C ARG I 919 11.84 -87.89 47.94
N MET I 920 12.75 -87.25 47.21
CA MET I 920 13.08 -87.68 45.86
C MET I 920 13.68 -89.09 45.92
N VAL I 921 14.65 -89.25 46.78
CA VAL I 921 15.27 -90.54 47.02
C VAL I 921 14.24 -91.58 47.44
N GLU I 922 13.39 -91.22 48.39
CA GLU I 922 12.37 -92.13 48.88
C GLU I 922 11.46 -92.68 47.78
N LEU I 923 11.21 -91.87 46.76
CA LEU I 923 10.19 -92.21 45.77
C LEU I 923 10.76 -92.64 44.41
N MET I 924 12.08 -92.74 44.31
CA MET I 924 12.74 -93.13 43.06
C MET I 924 13.84 -94.18 43.26
N TYR I 925 14.17 -94.45 44.53
CA TYR I 925 15.13 -95.50 44.87
C TYR I 925 14.51 -96.50 45.85
N VAL I 926 14.36 -97.74 45.41
CA VAL I 926 13.74 -98.76 46.25
C VAL I 926 14.76 -99.30 47.22
N LYS I 927 14.60 -98.95 48.50
CA LYS I 927 15.53 -99.32 49.55
C LYS I 927 15.93 -100.79 49.56
N HIS I 928 14.93 -101.66 49.68
CA HIS I 928 15.17 -103.08 49.90
C HIS I 928 15.69 -103.83 48.66
N GLU I 929 15.93 -103.10 47.58
CA GLU I 929 16.49 -103.72 46.39
C GLU I 929 17.76 -103.01 45.96
N LYS I 930 18.03 -101.87 46.59
CA LYS I 930 19.23 -101.08 46.29
C LYS I 930 19.37 -100.73 44.81
N ARG I 931 18.28 -100.25 44.20
CA ARG I 931 18.27 -99.83 42.80
C ARG I 931 17.38 -98.61 42.56
N TRP I 932 17.77 -97.79 41.60
CA TRP I 932 16.94 -96.69 41.13
C TRP I 932 15.97 -97.22 40.08
N ILE I 933 14.77 -96.66 40.01
CA ILE I 933 13.78 -97.10 39.04
C ILE I 933 14.25 -96.86 37.62
N ASP I 934 15.29 -96.05 37.48
CA ASP I 934 15.91 -95.75 36.20
C ASP I 934 17.04 -94.77 36.41
N PRO I 935 18.19 -94.99 35.77
CA PRO I 935 19.37 -94.13 35.90
C PRO I 935 19.04 -92.64 35.74
N SER I 936 18.08 -92.34 34.87
CA SER I 936 17.66 -90.96 34.65
C SER I 936 17.13 -90.30 35.91
N LEU I 937 16.27 -91.02 36.64
CA LEU I 937 15.68 -90.48 37.85
C LEU I 937 16.73 -90.27 38.92
N LYS I 938 17.81 -91.04 38.86
CA LYS I 938 18.95 -90.85 39.75
C LYS I 938 19.58 -89.53 39.38
N LYS I 939 19.78 -89.31 38.09
CA LYS I 939 20.35 -88.06 37.60
C LYS I 939 19.52 -86.89 38.09
N LEU I 940 18.21 -87.04 37.95
CA LEU I 940 17.28 -86.04 38.46
C LEU I 940 17.63 -85.65 39.88
N THR I 941 17.34 -86.55 40.81
CA THR I 941 17.63 -86.30 42.23
C THR I 941 19.02 -85.70 42.41
N GLY I 942 19.98 -86.17 41.62
CA GLY I 942 21.34 -85.68 41.71
C GLY I 942 21.46 -84.23 41.31
N ASP I 943 20.81 -83.88 40.21
CA ASP I 943 20.85 -82.52 39.72
C ASP I 943 20.27 -81.56 40.74
N PHE I 944 19.05 -81.83 41.19
CA PHE I 944 18.41 -80.96 42.17
C PHE I 944 19.31 -80.77 43.38
N ILE I 945 19.99 -81.85 43.78
CA ILE I 945 20.94 -81.77 44.88
C ILE I 945 21.95 -80.69 44.58
N ARG I 946 22.61 -80.84 43.44
CA ARG I 946 23.55 -79.84 42.95
C ARG I 946 22.96 -78.45 43.10
N ARG I 947 21.69 -78.32 42.72
CA ARG I 947 20.99 -77.04 42.81
C ARG I 947 21.03 -76.53 44.24
N VAL I 948 20.56 -77.38 45.16
CA VAL I 948 20.48 -77.02 46.56
C VAL I 948 21.84 -76.62 47.05
N GLU I 949 22.88 -77.24 46.49
CA GLU I 949 24.26 -76.84 46.77
C GLU I 949 24.43 -75.38 46.42
N GLU I 950 24.28 -75.08 45.14
CA GLU I 950 24.50 -73.74 44.62
C GLU I 950 23.71 -72.68 45.38
N ARG I 951 22.47 -73.00 45.73
CA ARG I 951 21.63 -72.08 46.47
C ARG I 951 22.32 -71.65 47.74
N PHE I 952 23.05 -72.57 48.38
CA PHE I 952 23.57 -72.29 49.70
C PHE I 952 25.06 -71.99 49.74
N THR I 953 25.73 -72.03 48.59
CA THR I 953 27.10 -71.57 48.53
C THR I 953 27.10 -70.14 48.03
N SER I 954 28.04 -69.33 48.49
CA SER I 954 28.06 -67.93 48.10
C SER I 954 29.47 -67.40 47.78
N VAL I 955 30.44 -68.29 47.64
CA VAL I 955 31.77 -67.90 47.17
C VAL I 955 32.20 -68.85 46.06
N GLU I 956 32.88 -68.31 45.06
CA GLU I 956 33.30 -69.12 43.94
C GLU I 956 34.48 -69.99 44.32
N GLY I 957 34.68 -71.07 43.58
CA GLY I 957 35.86 -71.91 43.79
C GLY I 957 35.52 -73.26 44.40
N GLN I 958 34.71 -73.23 45.47
CA GLN I 958 34.31 -74.45 46.15
C GLN I 958 33.69 -75.44 45.17
N PRO I 959 34.25 -76.64 45.07
CA PRO I 959 33.69 -77.65 44.17
C PRO I 959 32.49 -78.37 44.78
N SER I 960 31.81 -79.19 43.97
CA SER I 960 30.64 -79.91 44.42
C SER I 960 31.02 -81.12 45.28
N LEU I 961 30.13 -81.49 46.20
CA LEU I 961 30.32 -82.67 47.03
C LEU I 961 29.76 -83.87 46.31
N LEU I 962 29.10 -83.60 45.20
CA LEU I 962 28.59 -84.63 44.32
C LEU I 962 29.23 -84.40 42.98
N GLN I 963 30.47 -84.88 42.82
CA GLN I 963 31.25 -84.65 41.61
C GLN I 963 30.95 -85.69 40.54
N ASN I 964 30.49 -86.86 40.97
CA ASN I 964 30.02 -87.89 40.04
C ASN I 964 28.77 -88.56 40.58
N TYR I 965 27.80 -88.77 39.70
CA TYR I 965 26.51 -89.32 40.11
C TYR I 965 26.66 -90.77 40.52
N SER I 966 27.87 -91.28 40.39
CA SER I 966 28.19 -92.62 40.83
C SER I 966 27.88 -92.75 42.33
N ASP I 967 27.87 -91.61 43.02
CA ASP I 967 27.66 -91.59 44.47
C ASP I 967 26.25 -91.99 44.87
N LEU I 968 25.28 -91.65 44.03
CA LEU I 968 23.88 -91.89 44.36
C LEU I 968 23.51 -93.34 44.12
N ASP I 969 24.49 -94.17 43.78
CA ASP I 969 24.26 -95.60 43.63
C ASP I 969 23.81 -96.18 44.96
N GLU I 970 24.66 -96.03 45.98
CA GLU I 970 24.21 -96.17 47.37
C GLU I 970 24.01 -94.76 47.94
N PRO I 971 22.77 -94.27 47.83
CA PRO I 971 22.39 -92.87 47.91
C PRO I 971 22.23 -92.46 49.35
N TYR I 972 21.21 -93.02 49.98
CA TYR I 972 20.82 -92.66 51.34
C TYR I 972 22.02 -92.52 52.29
N PRO I 973 23.06 -93.36 52.11
CA PRO I 973 24.32 -93.19 52.87
C PRO I 973 25.04 -91.87 52.60
N ALA I 974 25.30 -91.58 51.32
CA ALA I 974 26.13 -90.44 50.92
C ALA I 974 25.38 -89.10 50.76
N VAL I 975 24.08 -89.17 50.49
CA VAL I 975 23.27 -87.96 50.36
C VAL I 975 23.30 -87.12 51.63
N ASP I 976 23.14 -87.81 52.76
CA ASP I 976 23.10 -87.16 54.06
C ASP I 976 24.38 -86.39 54.31
N ARG I 977 25.47 -86.90 53.75
CA ARG I 977 26.78 -86.27 53.90
C ARG I 977 26.84 -84.93 53.17
N ILE I 978 26.29 -84.90 51.95
CA ILE I 978 26.28 -83.68 51.15
C ILE I 978 25.36 -82.67 51.80
N LEU I 979 24.14 -83.10 52.09
CA LEU I 979 23.15 -82.28 52.78
C LEU I 979 23.71 -81.73 54.08
N ALA I 980 24.74 -82.38 54.58
CA ALA I 980 25.34 -82.00 55.84
C ALA I 980 26.22 -80.77 55.71
N ALA I 981 26.93 -80.67 54.59
CA ALA I 981 27.87 -79.56 54.39
C ALA I 981 27.16 -78.25 54.06
N TYR I 982 25.84 -78.32 54.02
CA TYR I 982 25.01 -77.18 53.76
C TYR I 982 23.90 -77.16 54.80
N PRO I 983 24.22 -76.64 55.99
CA PRO I 983 23.42 -76.68 57.22
C PRO I 983 22.00 -76.19 56.99
N GLU I 984 21.89 -74.93 56.58
CA GLU I 984 20.62 -74.25 56.43
C GLU I 984 19.67 -74.99 55.52
N ALA I 985 20.22 -75.86 54.65
CA ALA I 985 19.41 -76.61 53.69
C ALA I 985 18.38 -77.47 54.36
N SER I 986 18.44 -77.55 55.69
CA SER I 986 17.48 -78.32 56.46
C SER I 986 16.64 -77.35 57.29
N THR I 987 17.07 -76.10 57.32
CA THR I 987 16.42 -75.05 58.10
C THR I 987 15.28 -74.33 57.37
N GLN I 988 15.51 -74.01 56.09
CA GLN I 988 14.59 -73.16 55.31
C GLN I 988 14.00 -73.84 54.06
N LEU I 989 12.82 -73.39 53.65
CA LEU I 989 12.06 -74.05 52.60
C LEU I 989 12.58 -73.72 51.20
N ILE I 990 12.00 -74.33 50.17
CA ILE I 990 12.44 -74.09 48.82
C ILE I 990 12.17 -72.64 48.47
N ASN I 991 13.17 -71.98 47.89
CA ASN I 991 12.97 -70.68 47.29
C ASN I 991 11.93 -70.84 46.18
N ALA I 992 10.95 -69.94 46.12
CA ALA I 992 9.85 -70.10 45.18
C ALA I 992 10.35 -70.35 43.76
N GLN I 993 11.49 -69.74 43.43
CA GLN I 993 12.14 -69.94 42.13
C GLN I 993 12.52 -71.40 41.94
N ASP I 994 13.11 -71.97 42.99
CA ASP I 994 13.65 -73.31 42.94
C ASP I 994 12.54 -74.33 42.82
N VAL I 995 11.37 -73.99 43.36
CA VAL I 995 10.19 -74.83 43.16
C VAL I 995 9.86 -74.94 41.67
N GLN I 996 9.84 -73.80 40.98
CA GLN I 996 9.56 -73.80 39.54
C GLN I 996 10.61 -74.63 38.80
N HIS I 997 11.85 -74.47 39.23
CA HIS I 997 12.98 -75.21 38.66
C HIS I 997 12.83 -76.71 38.84
N PHE I 998 12.62 -77.12 40.08
CA PHE I 998 12.34 -78.50 40.41
C PHE I 998 11.31 -79.04 39.44
N LEU I 999 10.22 -78.30 39.30
CA LEU I 999 9.10 -78.73 38.48
C LEU I 999 9.42 -78.87 37.01
N LEU I 1000 10.35 -78.05 36.51
CA LEU I 1000 10.76 -78.13 35.11
C LEU I 1000 11.72 -79.27 34.91
N LEU I 1001 12.39 -79.67 35.99
CA LEU I 1001 13.31 -80.79 35.96
C LEU I 1001 12.54 -82.11 35.86
N CYS I 1002 11.34 -82.15 36.42
CA CYS I 1002 10.55 -83.37 36.37
C CYS I 1002 9.89 -83.56 35.00
N GLN I 1003 10.10 -82.62 34.10
CA GLN I 1003 9.46 -82.66 32.78
C GLN I 1003 10.48 -82.77 31.65
N ARG I 1004 11.76 -82.60 31.96
CA ARG I 1004 12.79 -82.51 30.92
C ARG I 1004 12.79 -83.69 29.94
N ARG I 1005 13.19 -83.41 28.70
CA ARG I 1005 13.17 -84.39 27.64
C ARG I 1005 14.28 -85.40 27.84
N GLY I 1006 13.93 -86.69 27.74
CA GLY I 1006 14.91 -87.74 27.95
C GLY I 1006 15.04 -88.12 29.42
N GLN I 1007 13.91 -88.33 30.07
CA GLN I 1007 13.85 -88.75 31.47
C GLN I 1007 12.58 -89.53 31.70
N LYS I 1008 12.68 -90.62 32.46
CA LYS I 1008 11.49 -91.35 32.82
C LYS I 1008 10.54 -90.39 33.48
N PRO I 1009 9.27 -90.45 33.09
CA PRO I 1009 8.27 -89.63 33.76
C PRO I 1009 8.38 -89.82 35.25
N VAL I 1010 8.39 -88.71 35.97
CA VAL I 1010 8.39 -88.70 37.43
C VAL I 1010 7.42 -89.76 37.98
N PRO I 1011 7.80 -90.39 39.09
CA PRO I 1011 7.03 -91.45 39.74
C PRO I 1011 5.99 -90.92 40.72
N PHE I 1012 5.64 -89.66 40.59
CA PHE I 1012 4.71 -89.07 41.54
C PHE I 1012 3.97 -87.85 40.97
N VAL I 1013 3.42 -87.04 41.86
CA VAL I 1013 2.79 -85.79 41.47
C VAL I 1013 3.36 -84.62 42.27
N PRO I 1014 3.93 -83.62 41.59
CA PRO I 1014 4.60 -82.43 42.12
C PRO I 1014 3.65 -81.30 42.54
N ALA I 1015 2.51 -81.18 41.87
CA ALA I 1015 1.45 -80.28 42.32
C ALA I 1015 0.24 -80.38 41.38
N LEU I 1016 -0.84 -79.73 41.76
CA LEU I 1016 -2.05 -79.77 40.95
C LEU I 1016 -2.11 -78.60 39.98
N ASP I 1017 -1.09 -78.46 39.15
CA ASP I 1017 -1.02 -77.32 38.23
C ASP I 1017 -1.84 -77.50 36.94
N GLU I 1018 -1.44 -76.78 35.91
CA GLU I 1018 -2.10 -76.82 34.63
C GLU I 1018 -1.80 -78.13 33.91
N ASN I 1019 -0.82 -78.87 34.41
CA ASN I 1019 -0.37 -80.11 33.79
C ASN I 1019 -0.72 -81.35 34.60
N PHE I 1020 -1.63 -81.18 35.55
CA PHE I 1020 -2.01 -82.24 36.46
C PHE I 1020 -2.42 -83.51 35.70
N GLU I 1021 -2.88 -83.36 34.47
CA GLU I 1021 -3.19 -84.53 33.65
C GLU I 1021 -1.92 -85.32 33.30
N TYR I 1022 -0.96 -84.64 32.70
CA TYR I 1022 0.33 -85.27 32.38
C TYR I 1022 0.94 -85.93 33.60
N TRP I 1023 1.01 -85.20 34.70
CA TRP I 1023 1.53 -85.75 35.94
C TRP I 1023 0.86 -87.08 36.29
N PHE I 1024 -0.46 -87.09 36.24
CA PHE I 1024 -1.28 -88.18 36.77
C PHE I 1024 -1.26 -89.43 35.91
N LYS I 1025 -1.54 -89.30 34.63
CA LYS I 1025 -1.76 -90.49 33.80
C LYS I 1025 -0.71 -90.77 32.74
N LYS I 1026 0.43 -90.07 32.82
CA LYS I 1026 1.51 -90.33 31.87
C LYS I 1026 2.28 -91.53 32.34
N ASP I 1027 2.54 -92.46 31.43
CA ASP I 1027 3.35 -93.64 31.76
C ASP I 1027 2.80 -94.34 32.99
N SER I 1028 1.75 -95.12 32.81
CA SER I 1028 1.06 -95.77 33.93
C SER I 1028 1.18 -97.29 33.94
N LEU I 1029 1.63 -97.87 32.84
CA LEU I 1029 1.68 -99.33 32.73
C LEU I 1029 2.84 -99.94 33.53
N TRP I 1030 4.05 -99.48 33.21
CA TRP I 1030 5.33 -99.99 33.76
C TRP I 1030 5.29 -100.51 35.20
N GLN I 1031 4.39 -99.93 36.00
CA GLN I 1031 4.29 -100.25 37.43
C GLN I 1031 3.67 -101.62 37.67
N SER I 1032 2.77 -102.04 36.79
CA SER I 1032 2.19 -103.36 36.87
C SER I 1032 3.23 -104.46 36.68
N GLU I 1033 4.29 -104.14 35.94
CA GLU I 1033 5.33 -105.13 35.62
C GLU I 1033 6.39 -105.25 36.71
N ASP I 1034 6.46 -104.23 37.57
CA ASP I 1034 7.45 -104.19 38.66
C ASP I 1034 6.83 -103.55 39.90
N ILE I 1035 6.06 -104.33 40.66
CA ILE I 1035 5.33 -103.80 41.81
C ILE I 1035 6.23 -103.53 42.99
N GLU I 1036 7.44 -104.09 42.97
CA GLU I 1036 8.42 -103.83 44.01
C GLU I 1036 8.77 -102.34 44.07
N ALA I 1037 8.57 -101.65 42.94
CA ALA I 1037 8.85 -100.22 42.85
C ALA I 1037 7.77 -99.38 43.52
N VAL I 1038 6.51 -99.71 43.19
CA VAL I 1038 5.34 -98.99 43.68
C VAL I 1038 5.39 -98.67 45.16
N TYR I 1039 4.75 -97.58 45.54
CA TYR I 1039 4.58 -97.22 46.94
C TYR I 1039 3.84 -98.30 47.69
N GLY I 1040 4.46 -98.84 48.73
CA GLY I 1040 3.84 -99.90 49.49
C GLY I 1040 3.89 -101.25 48.80
N GLN I 1041 4.02 -101.22 47.49
CA GLN I 1041 4.17 -102.44 46.70
C GLN I 1041 2.89 -103.26 46.60
N ASP I 1042 1.75 -102.60 46.67
CA ASP I 1042 0.49 -103.30 46.47
C ASP I 1042 -0.05 -103.02 45.08
N VAL I 1043 -0.67 -104.01 44.47
CA VAL I 1043 -1.26 -103.85 43.17
C VAL I 1043 -2.50 -103.02 43.29
N GLY I 1044 -3.02 -102.90 44.50
CA GLY I 1044 -4.27 -102.20 44.73
C GLY I 1044 -4.36 -100.85 44.05
N ARG I 1045 -3.21 -100.21 43.85
CA ARG I 1045 -3.18 -98.88 43.27
C ARG I 1045 -2.58 -98.88 41.87
N THR I 1046 -2.60 -100.02 41.19
CA THR I 1046 -1.89 -100.19 39.92
C THR I 1046 -2.79 -100.40 38.70
N CYS I 1047 -2.23 -100.13 37.53
CA CYS I 1047 -2.91 -100.30 36.25
C CYS I 1047 -2.57 -101.64 35.61
N ILE I 1048 -3.53 -102.56 35.64
CA ILE I 1048 -3.39 -103.82 34.96
C ILE I 1048 -4.51 -103.94 33.94
N LEU I 1049 -4.16 -104.19 32.68
CA LEU I 1049 -5.15 -104.22 31.60
C LEU I 1049 -5.68 -105.63 31.35
N GLN I 1050 -6.99 -105.72 31.15
CA GLN I 1050 -7.67 -107.00 30.90
C GLN I 1050 -8.93 -106.82 30.07
N GLY I 1051 -9.26 -107.81 29.27
CA GLY I 1051 -10.54 -107.86 28.60
C GLY I 1051 -11.59 -108.14 29.65
N PRO I 1052 -12.86 -107.81 29.37
CA PRO I 1052 -13.96 -108.01 30.32
C PRO I 1052 -14.34 -109.48 30.40
N VAL I 1053 -13.95 -110.22 29.38
CA VAL I 1053 -14.45 -111.58 29.21
C VAL I 1053 -13.30 -112.56 29.31
N ALA I 1054 -12.07 -112.10 29.11
CA ALA I 1054 -10.93 -113.00 29.23
C ALA I 1054 -10.35 -113.07 30.66
N ALA I 1055 -11.15 -112.64 31.63
CA ALA I 1055 -10.71 -112.60 33.03
C ALA I 1055 -11.12 -113.86 33.81
N LYS I 1056 -12.22 -114.46 33.35
CA LYS I 1056 -12.70 -115.73 33.86
C LYS I 1056 -11.79 -116.84 33.34
N TYR I 1057 -11.39 -116.72 32.08
CA TYR I 1057 -10.56 -117.74 31.43
C TYR I 1057 -9.15 -117.86 32.01
N SER I 1058 -8.87 -117.17 33.11
CA SER I 1058 -7.60 -117.32 33.81
C SER I 1058 -7.91 -117.70 35.25
N LYS I 1059 -7.37 -118.83 35.69
CA LYS I 1059 -7.61 -119.32 37.05
C LYS I 1059 -6.35 -119.76 37.81
N VAL I 1060 -5.37 -120.30 37.09
CA VAL I 1060 -4.10 -120.64 37.71
C VAL I 1060 -3.08 -119.58 37.36
N ILE I 1061 -2.21 -119.26 38.31
CA ILE I 1061 -1.17 -118.29 38.04
C ILE I 1061 0.14 -119.00 37.68
N ASP I 1062 1.07 -118.27 37.09
CA ASP I 1062 2.41 -118.79 36.82
C ASP I 1062 2.46 -120.08 36.00
N GLU I 1063 1.46 -120.34 35.16
CA GLU I 1063 1.53 -121.51 34.28
C GLU I 1063 2.57 -121.22 33.19
N PRO I 1064 3.42 -122.21 32.88
CA PRO I 1064 4.31 -122.01 31.74
C PRO I 1064 3.48 -121.81 30.47
N ILE I 1065 3.97 -120.96 29.56
CA ILE I 1065 3.22 -120.61 28.37
C ILE I 1065 3.26 -121.74 27.37
N LYS I 1066 4.39 -122.41 27.29
CA LYS I 1066 4.51 -123.60 26.45
C LYS I 1066 3.31 -124.49 26.71
N ASP I 1067 2.82 -124.50 27.95
CA ASP I 1067 1.69 -125.32 28.35
C ASP I 1067 0.35 -124.78 27.88
N ILE I 1068 0.07 -123.54 28.24
CA ILE I 1068 -1.20 -122.91 27.89
C ILE I 1068 -1.49 -123.04 26.41
N LEU I 1069 -0.50 -122.66 25.60
CA LEU I 1069 -0.62 -122.71 24.15
C LEU I 1069 -0.73 -124.14 23.64
N ASP I 1070 0.25 -124.98 23.98
CA ASP I 1070 0.24 -126.40 23.61
C ASP I 1070 -1.13 -126.99 23.89
N GLY I 1071 -1.55 -126.93 25.15
CA GLY I 1071 -2.83 -127.45 25.58
C GLY I 1071 -3.97 -126.97 24.71
N ILE I 1072 -3.98 -125.67 24.40
CA ILE I 1072 -5.03 -125.11 23.57
C ILE I 1072 -4.90 -125.53 22.11
N HIS I 1073 -3.72 -125.97 21.69
CA HIS I 1073 -3.55 -126.51 20.34
C HIS I 1073 -4.04 -127.94 20.26
N ASN I 1074 -3.72 -128.72 21.29
CA ASN I 1074 -4.03 -130.13 21.32
C ASN I 1074 -5.49 -130.44 21.58
N ASP I 1075 -6.13 -129.64 22.40
CA ASP I 1075 -7.57 -129.77 22.59
C ASP I 1075 -8.23 -129.49 21.25
N HIS I 1076 -7.50 -128.80 20.39
CA HIS I 1076 -8.00 -128.52 19.05
C HIS I 1076 -7.82 -129.70 18.11
N ILE I 1077 -6.64 -130.30 18.08
CA ILE I 1077 -6.40 -131.47 17.25
C ILE I 1077 -7.30 -132.63 17.70
N LYS I 1078 -7.48 -132.76 19.01
CA LYS I 1078 -8.31 -133.82 19.58
C LYS I 1078 -9.78 -133.58 19.31
N PHE I 1079 -10.23 -132.35 19.54
CA PHE I 1079 -11.55 -131.90 19.13
C PHE I 1079 -11.75 -132.20 17.65
N LEU I 1080 -10.72 -131.87 16.87
CA LEU I 1080 -10.79 -131.94 15.41
C LEU I 1080 -10.75 -133.36 14.89
N LEU I 1081 -9.98 -134.21 15.59
CA LEU I 1081 -9.85 -135.62 15.25
C LEU I 1081 -11.17 -136.33 15.52
N ARG I 1082 -11.59 -136.33 16.77
CA ARG I 1082 -12.88 -136.87 17.16
C ARG I 1082 -14.02 -136.40 16.25
N ASP I 1083 -13.92 -135.17 15.74
CA ASP I 1083 -15.02 -134.56 15.00
C ASP I 1083 -15.05 -134.86 13.51
N LEU I 1084 -13.88 -135.16 12.94
CA LEU I 1084 -13.80 -135.42 11.51
C LEU I 1084 -12.84 -136.55 11.11
N TYR I 1085 -12.52 -137.42 12.07
CA TYR I 1085 -11.56 -138.49 11.82
C TYR I 1085 -11.90 -139.82 12.54
N ASP I 1086 -12.93 -139.77 13.38
CA ASP I 1086 -13.44 -140.94 14.10
C ASP I 1086 -12.52 -141.41 15.22
N GLY I 1087 -11.62 -140.54 15.64
CA GLY I 1087 -10.62 -140.89 16.64
C GLY I 1087 -9.42 -141.54 15.97
N LYS I 1088 -9.58 -141.79 14.67
CA LYS I 1088 -8.60 -142.54 13.88
C LYS I 1088 -7.41 -141.71 13.43
N GLU I 1089 -6.33 -141.75 14.20
CA GLU I 1089 -5.08 -141.06 13.87
C GLU I 1089 -4.53 -141.47 12.50
N GLU I 1090 -5.02 -142.58 11.99
CA GLU I 1090 -4.55 -143.12 10.72
C GLU I 1090 -5.17 -142.36 9.55
N ASN I 1091 -6.33 -141.76 9.79
CA ASN I 1091 -7.06 -141.02 8.77
C ASN I 1091 -6.46 -139.63 8.53
N VAL I 1092 -5.38 -139.33 9.25
CA VAL I 1092 -4.68 -138.06 9.15
C VAL I 1092 -3.61 -138.13 8.06
N PRO I 1093 -3.74 -137.30 7.02
CA PRO I 1093 -2.72 -137.22 5.97
C PRO I 1093 -1.34 -136.91 6.56
N VAL I 1094 -0.28 -137.16 5.80
CA VAL I 1094 1.06 -136.83 6.29
C VAL I 1094 1.94 -136.30 5.18
N ILE I 1095 2.79 -135.34 5.51
CA ILE I 1095 3.70 -134.74 4.54
C ILE I 1095 5.13 -134.78 5.03
N GLU I 1096 6.06 -134.51 4.13
CA GLU I 1096 7.48 -134.45 4.47
C GLU I 1096 7.73 -133.35 5.50
N TYR I 1097 7.54 -132.09 5.09
CA TYR I 1097 7.73 -130.96 5.98
C TYR I 1097 6.51 -130.04 5.90
N PHE I 1098 6.10 -129.48 7.03
CA PHE I 1098 4.93 -128.60 7.07
C PHE I 1098 5.23 -127.21 6.52
N GLY I 1099 5.10 -127.06 5.20
CA GLY I 1099 5.36 -125.79 4.54
C GLY I 1099 4.15 -125.27 3.78
N GLY I 1100 4.38 -124.79 2.57
CA GLY I 1100 3.30 -124.23 1.75
C GLY I 1100 2.30 -125.27 1.28
N ARG I 1101 1.28 -124.83 0.55
CA ARG I 1101 0.33 -125.76 -0.06
C ARG I 1101 0.75 -125.99 -1.51
N ILE I 1102 0.30 -127.09 -2.09
CA ILE I 1102 0.55 -127.32 -3.50
C ILE I 1102 -0.71 -127.10 -4.34
N LEU I 1103 -0.52 -126.45 -5.48
CA LEU I 1103 -1.58 -126.35 -6.47
C LEU I 1103 -1.52 -127.60 -7.36
N LYS I 1104 -2.37 -128.57 -7.05
CA LYS I 1104 -2.43 -129.81 -7.81
C LYS I 1104 -2.83 -129.56 -9.27
N ALA I 1105 -2.05 -130.12 -10.19
CA ALA I 1105 -2.34 -129.99 -11.61
C ALA I 1105 -3.16 -131.20 -12.09
N THR I 1106 -4.25 -130.93 -12.81
CA THR I 1106 -5.01 -131.97 -13.49
C THR I 1106 -4.40 -132.22 -14.88
N ASP I 1107 -3.89 -131.14 -15.48
CA ASP I 1107 -3.12 -131.22 -16.72
C ASP I 1107 -1.79 -131.87 -16.40
N GLU I 1108 -1.05 -131.22 -15.51
CA GLU I 1108 0.33 -131.61 -15.25
C GLU I 1108 1.11 -131.56 -16.58
N GLU I 1109 0.66 -130.68 -17.47
CA GLU I 1109 1.29 -130.45 -18.76
C GLU I 1109 1.72 -128.98 -18.87
N PRO I 1110 3.03 -128.76 -19.15
CA PRO I 1110 3.68 -127.44 -19.25
C PRO I 1110 3.30 -126.62 -20.48
N ASP I 1111 2.21 -125.84 -20.36
CA ASP I 1111 1.73 -124.97 -21.45
C ASP I 1111 2.44 -123.61 -21.44
N ILE I 1112 3.77 -123.63 -21.50
CA ILE I 1112 4.57 -122.39 -21.32
C ILE I 1112 5.39 -122.01 -22.56
N ASP I 1113 5.54 -120.71 -22.77
CA ASP I 1113 6.24 -120.17 -23.93
C ASP I 1113 7.76 -120.23 -23.79
N GLY I 1114 8.43 -120.47 -24.90
CA GLY I 1114 9.88 -120.56 -24.93
C GLY I 1114 10.40 -121.82 -24.28
N LEU I 1115 9.59 -122.42 -23.42
CA LEU I 1115 9.96 -123.64 -22.71
C LEU I 1115 9.45 -124.89 -23.40
N THR I 1116 10.34 -125.87 -23.57
CA THR I 1116 9.97 -127.20 -24.01
C THR I 1116 10.19 -128.17 -22.84
N ALA I 1117 9.41 -129.23 -22.78
CA ALA I 1117 9.46 -130.17 -21.66
C ALA I 1117 9.45 -131.63 -22.14
N SER I 1118 10.30 -132.46 -21.54
CA SER I 1118 10.44 -133.86 -21.93
C SER I 1118 10.81 -134.71 -20.72
N ARG I 1119 10.57 -136.02 -20.77
CA ARG I 1119 11.04 -136.91 -19.68
C ARG I 1119 10.98 -138.42 -19.94
N ASP I 1120 12.05 -139.11 -19.50
CA ASP I 1120 12.11 -140.57 -19.42
C ASP I 1120 11.66 -140.98 -18.03
N ALA I 1121 12.14 -142.15 -17.58
CA ALA I 1121 12.01 -142.55 -16.19
C ALA I 1121 13.35 -142.26 -15.52
N ASN I 1122 14.27 -141.74 -16.32
CA ASN I 1122 15.62 -141.42 -15.87
C ASN I 1122 15.85 -139.93 -15.67
N LYS I 1123 15.28 -139.12 -16.55
CA LYS I 1123 15.62 -137.71 -16.61
C LYS I 1123 14.46 -136.83 -17.10
N ILE I 1124 14.21 -135.73 -16.40
CA ILE I 1124 13.25 -134.73 -16.87
C ILE I 1124 13.97 -133.54 -17.51
N SER I 1125 13.66 -133.29 -18.78
CA SER I 1125 14.34 -132.28 -19.59
C SER I 1125 13.56 -130.96 -19.73
N TYR I 1126 14.18 -129.87 -19.29
CA TYR I 1126 13.62 -128.54 -19.46
C TYR I 1126 14.58 -127.65 -20.24
N ARG I 1127 14.17 -127.23 -21.43
CA ARG I 1127 15.00 -126.41 -22.28
C ARG I 1127 14.31 -125.12 -22.66
N LEU I 1128 14.95 -124.01 -22.34
CA LEU I 1128 14.43 -122.70 -22.69
C LEU I 1128 14.92 -122.29 -24.06
N SER I 1129 14.07 -121.60 -24.82
CA SER I 1129 14.36 -121.27 -26.20
C SER I 1129 15.64 -120.46 -26.36
N ASN I 1130 16.38 -120.74 -27.42
CA ASN I 1130 17.58 -119.97 -27.72
C ASN I 1130 17.27 -118.88 -28.74
N ALA I 1131 15.98 -118.61 -28.91
CA ALA I 1131 15.52 -117.59 -29.85
C ALA I 1131 15.95 -116.20 -29.39
N PRO I 1132 16.56 -115.40 -30.29
CA PRO I 1132 16.88 -114.00 -29.99
C PRO I 1132 15.65 -113.23 -29.51
N SER I 1133 14.46 -113.70 -29.91
CA SER I 1133 13.20 -113.06 -29.54
C SER I 1133 12.96 -113.15 -28.03
N ALA I 1134 12.21 -112.19 -27.52
CA ALA I 1134 12.00 -112.07 -26.08
C ALA I 1134 10.70 -112.73 -25.62
N ASN I 1135 10.79 -113.99 -25.23
CA ASN I 1135 9.67 -114.65 -24.55
C ASN I 1135 10.12 -115.83 -23.68
N LEU I 1136 9.83 -115.74 -22.38
CA LEU I 1136 10.21 -116.77 -21.41
C LEU I 1136 9.25 -116.79 -20.23
N PRO I 1137 9.21 -117.93 -19.50
CA PRO I 1137 8.36 -118.06 -18.30
C PRO I 1137 8.88 -117.20 -17.16
N ASP I 1138 8.15 -117.17 -16.05
CA ASP I 1138 8.56 -116.43 -14.86
C ASP I 1138 9.91 -116.93 -14.37
N VAL I 1139 10.44 -116.23 -13.38
CA VAL I 1139 11.48 -116.80 -12.56
C VAL I 1139 10.76 -117.59 -11.49
N ASP I 1140 9.46 -117.32 -11.37
CA ASP I 1140 8.60 -117.97 -10.40
C ASP I 1140 8.00 -119.26 -10.94
N SER I 1141 7.39 -119.17 -12.11
CA SER I 1141 6.83 -120.34 -12.75
C SER I 1141 7.92 -121.38 -12.99
N PHE I 1142 9.08 -120.90 -13.42
CA PHE I 1142 10.22 -121.77 -13.73
C PHE I 1142 10.72 -122.51 -12.48
N MET I 1143 10.53 -121.92 -11.32
CA MET I 1143 10.97 -122.54 -10.08
C MET I 1143 9.88 -123.39 -9.42
N GLN I 1144 8.66 -123.31 -9.95
CA GLN I 1144 7.58 -124.21 -9.56
C GLN I 1144 7.83 -125.56 -10.20
N LEU I 1145 8.23 -125.51 -11.46
CA LEU I 1145 8.39 -126.70 -12.29
C LEU I 1145 9.67 -127.49 -11.98
N ILE I 1146 10.47 -126.98 -11.04
CA ILE I 1146 11.67 -127.70 -10.62
C ILE I 1146 11.49 -128.22 -9.19
N ALA I 1147 10.45 -127.75 -8.52
CA ALA I 1147 10.16 -128.20 -7.18
C ALA I 1147 9.31 -129.48 -7.21
N GLY I 1148 8.36 -129.53 -8.13
CA GLY I 1148 7.48 -130.68 -8.26
C GLY I 1148 6.44 -130.73 -7.15
N ASN I 1149 5.58 -131.74 -7.18
CA ASN I 1149 4.54 -131.90 -6.16
C ASN I 1149 4.97 -132.70 -4.92
N SER I 1150 6.00 -133.54 -5.08
CA SER I 1150 6.52 -134.31 -3.97
C SER I 1150 7.22 -133.40 -2.95
N TYR I 1151 6.81 -133.48 -1.69
CA TYR I 1151 7.51 -132.73 -0.64
C TYR I 1151 8.89 -133.32 -0.41
N SER I 1152 9.85 -132.94 -1.24
CA SER I 1152 11.19 -133.49 -1.16
C SER I 1152 12.14 -132.39 -0.73
N TRP I 1153 13.44 -132.70 -0.66
CA TRP I 1153 14.42 -131.66 -0.44
C TRP I 1153 14.53 -130.81 -1.69
N ARG I 1154 14.34 -131.43 -2.85
CA ARG I 1154 14.44 -130.71 -4.10
C ARG I 1154 13.31 -129.68 -4.26
N HIS I 1155 12.18 -129.98 -3.62
CA HIS I 1155 11.03 -129.07 -3.61
C HIS I 1155 11.26 -127.90 -2.65
N ALA I 1156 11.94 -128.17 -1.55
CA ALA I 1156 12.21 -127.13 -0.56
C ALA I 1156 13.34 -126.22 -1.00
N MET I 1157 14.23 -126.73 -1.85
CA MET I 1157 15.33 -125.92 -2.35
C MET I 1157 14.85 -124.87 -3.34
N PHE I 1158 13.76 -125.18 -4.03
CA PHE I 1158 13.21 -124.27 -5.03
C PHE I 1158 11.93 -123.59 -4.55
N THR I 1159 11.65 -123.74 -3.26
CA THR I 1159 10.49 -123.09 -2.64
C THR I 1159 10.89 -121.99 -1.65
N THR I 1160 11.61 -122.35 -0.59
CA THR I 1160 12.05 -121.36 0.39
C THR I 1160 13.09 -120.42 -0.21
N GLU I 1161 12.75 -119.14 -0.23
CA GLU I 1161 13.64 -118.09 -0.67
C GLU I 1161 14.57 -117.66 0.46
N VAL I 1162 14.33 -118.21 1.65
CA VAL I 1162 15.18 -117.94 2.81
C VAL I 1162 16.07 -119.12 3.15
N PHE I 1163 17.36 -118.97 2.88
CA PHE I 1163 18.33 -119.93 3.35
C PHE I 1163 18.93 -119.40 4.64
N VAL I 1164 18.74 -120.14 5.72
CA VAL I 1164 19.29 -119.75 7.01
C VAL I 1164 20.80 -119.94 7.05
N GLN I 1165 21.52 -118.94 7.52
CA GLN I 1165 22.95 -119.10 7.76
C GLN I 1165 23.34 -118.51 9.11
N GLY I 1166 23.57 -119.39 10.08
CA GLY I 1166 23.76 -118.96 11.44
C GLY I 1166 22.41 -118.48 11.94
N HIS I 1167 22.29 -117.17 12.15
CA HIS I 1167 21.03 -116.59 12.57
C HIS I 1167 20.57 -115.52 11.59
N ARG I 1168 21.07 -115.62 10.36
CA ARG I 1168 20.74 -114.67 9.32
C ARG I 1168 19.89 -115.33 8.26
N PHE I 1169 19.00 -114.56 7.66
CA PHE I 1169 18.31 -115.00 6.47
C PHE I 1169 19.22 -114.65 5.28
N GLN I 1170 18.91 -115.24 4.12
CA GLN I 1170 19.60 -114.88 2.89
C GLN I 1170 18.70 -115.23 1.72
N THR I 1171 18.78 -114.43 0.67
CA THR I 1171 17.93 -114.64 -0.50
C THR I 1171 18.35 -115.92 -1.22
N ASN I 1172 17.36 -116.76 -1.52
CA ASN I 1172 17.58 -118.01 -2.21
C ASN I 1172 18.36 -117.79 -3.50
N PRO I 1173 19.66 -118.12 -3.49
CA PRO I 1173 20.52 -117.94 -4.66
C PRO I 1173 20.00 -118.70 -5.89
N LEU I 1174 19.17 -119.71 -5.68
CA LEU I 1174 18.62 -120.49 -6.80
C LEU I 1174 17.65 -119.66 -7.65
N LYS I 1175 17.21 -118.54 -7.08
CA LYS I 1175 16.33 -117.63 -7.80
C LYS I 1175 17.10 -116.90 -8.92
N ARG I 1176 18.34 -116.51 -8.64
CA ARG I 1176 19.18 -115.83 -9.63
C ARG I 1176 19.84 -116.84 -10.56
N LEU I 1177 20.25 -117.96 -10.01
CA LEU I 1177 20.87 -119.02 -10.80
C LEU I 1177 19.89 -119.57 -11.81
N PHE I 1178 18.69 -119.94 -11.35
CA PHE I 1178 17.70 -120.61 -12.20
C PHE I 1178 16.72 -119.67 -12.90
N ALA I 1179 17.10 -118.40 -13.02
CA ALA I 1179 16.29 -117.44 -13.75
C ALA I 1179 16.48 -117.67 -15.25
N PRO I 1180 15.36 -117.68 -16.01
CA PRO I 1180 15.37 -117.98 -17.44
C PRO I 1180 16.51 -117.28 -18.20
N THR I 1181 17.06 -118.01 -19.17
CA THR I 1181 18.22 -117.58 -19.93
C THR I 1181 18.01 -117.94 -21.40
N ARG I 1182 18.71 -117.26 -22.30
CA ARG I 1182 18.64 -117.56 -23.73
C ARG I 1182 19.26 -118.94 -24.01
N GLY I 1183 18.42 -119.97 -23.96
CA GLY I 1183 18.82 -121.33 -24.26
C GLY I 1183 19.45 -122.09 -23.12
N MET I 1184 18.77 -122.12 -21.97
CA MET I 1184 19.29 -122.88 -20.84
C MET I 1184 18.66 -124.28 -20.74
N TYR I 1185 19.39 -125.21 -20.11
CA TYR I 1185 18.98 -126.60 -20.02
C TYR I 1185 18.99 -127.04 -18.56
N VAL I 1186 17.90 -127.65 -18.12
CA VAL I 1186 17.82 -128.12 -16.75
C VAL I 1186 17.28 -129.53 -16.69
N GLU I 1187 18.11 -130.44 -16.18
CA GLU I 1187 17.76 -131.85 -16.10
C GLU I 1187 17.58 -132.32 -14.66
N ILE I 1188 16.65 -133.24 -14.47
CA ILE I 1188 16.40 -133.80 -13.15
C ILE I 1188 16.47 -135.32 -13.20
N THR I 1189 17.67 -135.85 -12.95
CA THR I 1189 17.94 -137.28 -12.99
C THR I 1189 17.35 -138.00 -11.78
N ASN I 1190 16.81 -139.20 -12.03
CA ASN I 1190 16.12 -139.97 -11.00
C ASN I 1190 15.13 -139.08 -10.28
N PRO I 1191 14.19 -138.49 -11.04
CA PRO I 1191 13.28 -137.44 -10.57
C PRO I 1191 12.57 -137.79 -9.27
N ASP I 1192 11.90 -138.94 -9.24
CA ASP I 1192 11.04 -139.31 -8.11
C ASP I 1192 11.75 -140.11 -7.02
N ASP I 1193 13.03 -140.38 -7.23
CA ASP I 1193 13.88 -141.04 -6.23
C ASP I 1193 14.70 -140.01 -5.49
N PRO I 1194 14.15 -139.47 -4.40
CA PRO I 1194 14.69 -138.35 -3.63
C PRO I 1194 16.21 -138.42 -3.43
N ALA I 1195 16.68 -139.41 -2.68
CA ALA I 1195 18.10 -139.48 -2.29
C ALA I 1195 19.06 -139.56 -3.50
N LYS I 1196 18.52 -139.87 -4.68
CA LYS I 1196 19.36 -140.06 -5.86
C LYS I 1196 19.10 -139.03 -6.97
N THR I 1197 18.28 -138.02 -6.68
CA THR I 1197 17.96 -137.03 -7.70
C THR I 1197 19.11 -136.04 -7.91
N VAL I 1198 19.35 -135.71 -9.17
CA VAL I 1198 20.43 -134.79 -9.55
C VAL I 1198 19.93 -133.73 -10.54
N ILE I 1199 20.15 -132.47 -10.21
CA ILE I 1199 19.69 -131.38 -11.04
C ILE I 1199 20.88 -130.66 -11.66
N SER I 1200 20.86 -130.47 -12.96
CA SER I 1200 21.96 -129.83 -13.68
C SER I 1200 21.50 -128.77 -14.70
N VAL I 1201 22.37 -127.80 -14.93
CA VAL I 1201 22.07 -126.71 -15.85
C VAL I 1201 23.12 -126.57 -16.94
N ARG I 1202 22.66 -126.24 -18.16
CA ARG I 1202 23.56 -125.99 -19.28
C ARG I 1202 23.15 -124.76 -20.07
N GLU I 1203 24.04 -123.77 -20.11
CA GLU I 1203 23.81 -122.56 -20.90
C GLU I 1203 24.89 -122.46 -21.95
N PRO I 1204 24.58 -121.78 -23.06
CA PRO I 1204 25.55 -121.63 -24.15
C PRO I 1204 26.81 -120.87 -23.73
N SER I 1205 27.99 -121.41 -24.01
CA SER I 1205 29.25 -120.69 -23.80
C SER I 1205 29.30 -119.50 -24.75
N GLN I 1206 30.29 -118.64 -24.55
CA GLN I 1206 30.52 -117.55 -25.50
C GLN I 1206 31.10 -118.13 -26.79
N SER I 1207 30.20 -118.40 -27.74
CA SER I 1207 30.52 -118.93 -29.05
C SER I 1207 30.58 -120.48 -29.08
N ALA I 1208 30.38 -121.11 -27.93
CA ALA I 1208 30.42 -122.57 -27.85
C ALA I 1208 29.04 -123.20 -27.50
N LYS I 1209 28.96 -124.52 -27.61
CA LYS I 1209 27.72 -125.25 -27.29
C LYS I 1209 27.51 -125.32 -25.78
N LEU I 1210 26.26 -125.49 -25.37
CA LEU I 1210 25.85 -125.53 -23.96
C LEU I 1210 26.81 -126.30 -23.04
N VAL I 1211 27.26 -125.65 -21.97
CA VAL I 1211 28.22 -126.22 -21.05
C VAL I 1211 27.62 -126.39 -19.65
N LYS I 1212 28.25 -127.25 -18.86
CA LYS I 1212 27.81 -127.55 -17.49
C LYS I 1212 28.11 -126.39 -16.55
N THR I 1213 27.08 -125.94 -15.83
CA THR I 1213 27.18 -124.74 -15.02
C THR I 1213 26.90 -125.00 -13.54
N VAL I 1214 25.73 -125.57 -13.28
CA VAL I 1214 25.30 -125.82 -11.92
C VAL I 1214 24.86 -127.25 -11.76
N GLU I 1215 25.11 -127.79 -10.57
CA GLU I 1215 24.66 -129.13 -10.23
C GLU I 1215 24.28 -129.19 -8.76
N ILE I 1216 23.21 -129.91 -8.45
CA ILE I 1216 22.81 -130.14 -7.07
C ILE I 1216 22.49 -131.62 -6.85
N LYS I 1217 23.10 -132.20 -5.82
CA LYS I 1217 22.91 -133.60 -5.48
C LYS I 1217 23.02 -133.72 -3.96
N LEU I 1218 22.93 -134.93 -3.43
CA LEU I 1218 23.12 -135.13 -1.99
C LEU I 1218 24.49 -135.72 -1.66
N VAL I 1219 24.85 -135.68 -0.38
CA VAL I 1219 26.07 -136.30 0.14
C VAL I 1219 25.87 -136.46 1.65
N GLY I 1220 26.46 -137.49 2.24
CA GLY I 1220 26.39 -137.70 3.67
C GLY I 1220 25.02 -137.42 4.27
N ASP I 1221 23.99 -137.99 3.63
CA ASP I 1221 22.57 -137.90 4.00
C ASP I 1221 21.80 -136.61 3.61
N ASN I 1222 22.00 -135.53 4.35
CA ASN I 1222 21.26 -134.30 4.15
C ASN I 1222 22.10 -133.20 3.50
N GLU I 1223 23.42 -133.28 3.65
CA GLU I 1223 24.29 -132.27 3.08
C GLU I 1223 24.14 -132.20 1.57
N ILE I 1224 23.49 -131.14 1.11
CA ILE I 1224 23.25 -130.93 -0.30
C ILE I 1224 24.44 -130.19 -0.90
N ALA I 1225 24.80 -130.54 -2.12
CA ALA I 1225 25.96 -129.97 -2.78
C ALA I 1225 25.54 -129.04 -3.91
N LEU I 1226 25.63 -127.74 -3.65
CA LEU I 1226 25.39 -126.76 -4.68
C LEU I 1226 26.72 -126.44 -5.36
N THR I 1227 26.84 -126.80 -6.63
CA THR I 1227 28.12 -126.75 -7.31
C THR I 1227 28.11 -125.88 -8.55
N LEU I 1228 29.17 -125.10 -8.70
CA LEU I 1228 29.34 -124.21 -9.83
C LEU I 1228 30.60 -124.62 -10.59
N PHE I 1229 30.55 -124.54 -11.91
CA PHE I 1229 31.66 -124.98 -12.74
C PHE I 1229 32.14 -123.86 -13.67
N GLU I 1230 33.29 -123.28 -13.35
CA GLU I 1230 33.87 -122.23 -14.19
C GLU I 1230 34.92 -122.71 -15.19
N GLY I 1231 34.56 -122.66 -16.47
CA GLY I 1231 35.43 -123.12 -17.53
C GLY I 1231 36.83 -122.54 -17.50
N ARG I 1232 36.97 -121.32 -17.99
CA ARG I 1232 38.28 -120.67 -18.10
C ARG I 1232 38.92 -120.45 -16.74
N THR I 1233 40.04 -121.13 -16.51
CA THR I 1233 40.80 -120.99 -15.26
C THR I 1233 42.30 -121.01 -15.53
N ALA I 1234 43.09 -121.04 -14.46
CA ALA I 1234 44.54 -121.03 -14.54
C ALA I 1234 45.10 -122.33 -15.09
N GLU I 1235 44.30 -123.38 -15.01
CA GLU I 1235 44.73 -124.72 -15.39
C GLU I 1235 44.02 -125.26 -16.63
N GLY I 1236 43.23 -124.40 -17.30
CA GLY I 1236 42.52 -124.77 -18.50
C GLY I 1236 41.52 -125.89 -18.30
N GLY I 1237 41.10 -126.10 -17.06
CA GLY I 1237 40.16 -127.16 -16.73
C GLY I 1237 39.04 -126.66 -15.82
N VAL I 1238 37.84 -127.17 -16.04
CA VAL I 1238 36.64 -126.72 -15.32
C VAL I 1238 36.73 -126.98 -13.81
N VAL I 1239 37.07 -125.93 -13.06
CA VAL I 1239 37.16 -126.03 -11.60
C VAL I 1239 35.79 -125.81 -10.94
N PRO I 1240 35.45 -126.69 -9.98
CA PRO I 1240 34.15 -126.62 -9.29
C PRO I 1240 34.22 -125.92 -7.93
N LEU I 1241 33.21 -125.10 -7.64
CA LEU I 1241 33.05 -124.49 -6.32
C LEU I 1241 31.71 -124.97 -5.75
N THR I 1242 31.72 -125.34 -4.47
CA THR I 1242 30.53 -125.95 -3.88
C THR I 1242 30.18 -125.44 -2.48
N PHE I 1243 28.88 -125.18 -2.27
CA PHE I 1243 28.35 -124.75 -0.98
C PHE I 1243 27.52 -125.88 -0.41
N ARG I 1244 27.71 -126.18 0.86
CA ARG I 1244 27.02 -127.33 1.45
C ARG I 1244 25.84 -126.90 2.33
N PHE I 1245 24.76 -127.68 2.31
CA PHE I 1245 23.51 -127.32 2.99
C PHE I 1245 22.92 -128.50 3.75
N THR I 1246 22.65 -128.35 5.04
CA THR I 1246 21.85 -129.37 5.74
C THR I 1246 20.36 -129.18 5.39
N TYR I 1247 19.51 -130.10 5.83
CA TYR I 1247 18.10 -130.06 5.46
C TYR I 1247 17.21 -130.79 6.46
N HIS I 1248 16.58 -130.04 7.36
CA HIS I 1248 15.80 -130.65 8.44
C HIS I 1248 14.32 -130.31 8.32
N PRO I 1249 13.58 -131.11 7.53
CA PRO I 1249 12.12 -131.04 7.37
C PRO I 1249 11.39 -131.02 8.71
N GLU I 1250 12.16 -131.14 9.79
CA GLU I 1250 11.67 -130.83 11.12
C GLU I 1250 10.86 -129.53 11.04
N ALA I 1251 11.57 -128.44 10.75
CA ALA I 1251 11.00 -127.09 10.65
C ALA I 1251 10.59 -126.76 9.22
N GLY I 1252 9.29 -126.81 8.95
CA GLY I 1252 8.77 -126.55 7.62
C GLY I 1252 9.01 -125.15 7.07
N TYR I 1253 9.21 -124.19 7.98
CA TYR I 1253 9.41 -122.79 7.60
C TYR I 1253 10.77 -122.54 6.94
N ALA I 1254 11.82 -123.06 7.57
CA ALA I 1254 13.17 -122.96 7.05
C ALA I 1254 13.76 -124.36 6.93
N PRO I 1255 13.32 -125.11 5.91
CA PRO I 1255 13.73 -126.49 5.65
C PRO I 1255 15.22 -126.57 5.29
N ILE I 1256 15.77 -125.47 4.82
CA ILE I 1256 17.16 -125.47 4.38
C ILE I 1256 18.02 -124.51 5.18
N ARG I 1257 19.21 -124.99 5.52
CA ARG I 1257 20.24 -124.19 6.17
C ARG I 1257 21.51 -124.31 5.33
N GLU I 1258 22.55 -123.56 5.69
CA GLU I 1258 23.82 -123.71 4.99
C GLU I 1258 24.92 -124.08 5.97
N VAL I 1259 25.82 -124.91 5.49
CA VAL I 1259 26.99 -125.34 6.23
C VAL I 1259 28.02 -124.22 6.25
N MET I 1260 28.28 -123.71 7.44
CA MET I 1260 29.08 -122.50 7.58
C MET I 1260 30.58 -122.72 7.66
N GLU I 1261 31.01 -123.45 8.69
CA GLU I 1261 32.43 -123.68 8.91
C GLU I 1261 33.18 -123.99 7.62
N GLY I 1262 34.27 -123.26 7.41
CA GLY I 1262 35.13 -123.48 6.26
C GLY I 1262 34.76 -122.70 5.01
N ARG I 1263 33.49 -122.31 4.90
CA ARG I 1263 33.00 -121.60 3.73
C ARG I 1263 34.00 -120.57 3.23
N ASN I 1264 34.53 -119.74 4.13
CA ASN I 1264 35.55 -118.76 3.75
C ASN I 1264 36.79 -119.42 3.14
N ASP I 1265 37.40 -120.32 3.91
CA ASP I 1265 38.61 -121.05 3.50
C ASP I 1265 38.37 -121.86 2.22
N ARG I 1266 37.25 -122.59 2.20
CA ARG I 1266 36.83 -123.45 1.08
C ARG I 1266 36.79 -122.70 -0.25
N ILE I 1267 36.21 -121.50 -0.20
CA ILE I 1267 36.08 -120.66 -1.38
C ILE I 1267 37.42 -120.04 -1.76
N LYS I 1268 38.18 -119.60 -0.76
CA LYS I 1268 39.50 -119.04 -0.98
C LYS I 1268 40.36 -120.04 -1.71
N GLU I 1269 40.28 -121.29 -1.26
CA GLU I 1269 40.98 -122.38 -1.91
C GLU I 1269 40.64 -122.32 -3.40
N PHE I 1270 39.33 -122.34 -3.71
CA PHE I 1270 38.86 -122.28 -5.09
C PHE I 1270 39.61 -121.22 -5.90
N TYR I 1271 39.50 -119.97 -5.46
CA TYR I 1271 40.17 -118.87 -6.15
C TYR I 1271 41.65 -119.17 -6.37
N TYR I 1272 42.33 -119.58 -5.31
CA TYR I 1272 43.76 -119.84 -5.39
C TYR I 1272 44.06 -120.77 -6.55
N ARG I 1273 43.26 -121.82 -6.68
CA ARG I 1273 43.43 -122.82 -7.73
C ARG I 1273 43.12 -122.21 -9.10
N VAL I 1274 42.18 -121.28 -9.12
CA VAL I 1274 41.76 -120.67 -10.37
C VAL I 1274 42.70 -119.54 -10.80
N TRP I 1275 43.54 -119.07 -9.89
CA TRP I 1275 44.48 -117.99 -10.22
C TRP I 1275 45.91 -118.45 -10.48
N PHE I 1276 46.40 -119.40 -9.69
CA PHE I 1276 47.79 -119.84 -9.82
C PHE I 1276 47.90 -121.34 -10.07
N ALA I 1277 46.77 -122.05 -10.02
CA ALA I 1277 46.72 -123.50 -10.26
C ALA I 1277 47.33 -124.35 -9.14
N GLU I 1278 47.64 -123.73 -8.00
CA GLU I 1278 48.15 -124.44 -6.84
C GLU I 1278 47.01 -124.62 -5.84
N LYS I 1279 46.68 -125.86 -5.49
CA LYS I 1279 45.59 -126.12 -4.55
C LYS I 1279 45.97 -125.84 -3.09
N GLU I 1280 47.28 -125.89 -2.81
CA GLU I 1280 47.79 -125.67 -1.46
C GLU I 1280 48.03 -124.18 -1.20
N VAL I 1281 47.24 -123.65 -0.27
CA VAL I 1281 47.07 -122.22 -0.08
C VAL I 1281 47.58 -121.75 1.29
N PRO I 1282 48.57 -120.83 1.29
CA PRO I 1282 49.28 -120.39 2.52
C PRO I 1282 48.38 -119.69 3.52
N PHE I 1283 47.76 -120.45 4.41
CA PHE I 1283 46.81 -119.88 5.36
C PHE I 1283 47.50 -119.22 6.55
N ASP I 1284 48.40 -119.97 7.17
CA ASP I 1284 48.96 -119.56 8.44
C ASP I 1284 50.02 -118.49 8.30
N THR I 1285 50.37 -118.16 7.05
CA THR I 1285 51.36 -117.13 6.78
C THR I 1285 50.93 -115.81 7.46
N PRO I 1286 51.84 -115.22 8.25
CA PRO I 1286 51.54 -113.96 8.97
C PRO I 1286 51.48 -112.77 8.01
N LEU I 1287 50.68 -111.77 8.36
CA LEU I 1287 50.44 -110.64 7.47
C LEU I 1287 51.65 -109.71 7.52
N THR I 1288 52.54 -110.00 8.45
CA THR I 1288 53.81 -109.30 8.55
C THR I 1288 54.77 -109.68 7.40
N ALA I 1289 54.50 -110.78 6.70
CA ALA I 1289 55.39 -111.33 5.65
C ALA I 1289 55.48 -110.52 4.36
N VAL I 1290 56.61 -110.67 3.66
CA VAL I 1290 56.78 -110.14 2.31
C VAL I 1290 56.44 -111.29 1.36
N PHE I 1291 55.87 -110.95 0.22
CA PHE I 1291 55.34 -111.97 -0.69
C PHE I 1291 56.11 -111.97 -2.02
N ASP I 1292 56.55 -113.16 -2.44
CA ASP I 1292 57.27 -113.31 -3.69
C ASP I 1292 56.33 -113.63 -4.85
N GLY I 1293 56.41 -112.84 -5.92
CA GLY I 1293 55.62 -113.08 -7.12
C GLY I 1293 56.45 -113.87 -8.10
N GLY I 1294 57.77 -113.72 -8.00
CA GLY I 1294 58.71 -114.48 -8.79
C GLY I 1294 59.44 -113.66 -9.84
N ARG I 1295 60.45 -114.26 -10.47
CA ARG I 1295 61.12 -113.64 -11.60
C ARG I 1295 60.13 -113.57 -12.76
N GLU I 1296 60.34 -112.63 -13.66
CA GLU I 1296 59.47 -112.53 -14.82
C GLU I 1296 60.08 -111.79 -16.00
N ILE I 1297 59.98 -112.40 -17.18
CA ILE I 1297 60.37 -111.75 -18.40
C ILE I 1297 59.15 -111.32 -19.20
N VAL I 1298 59.19 -110.08 -19.65
CA VAL I 1298 58.10 -109.49 -20.42
C VAL I 1298 58.09 -110.02 -21.83
N ASN I 1299 57.16 -110.90 -22.16
CA ASN I 1299 57.14 -111.44 -23.50
C ASN I 1299 56.78 -110.37 -24.53
N ALA I 1300 57.65 -110.20 -25.52
CA ALA I 1300 57.38 -109.27 -26.62
C ALA I 1300 55.93 -109.38 -27.13
N GLN I 1301 55.42 -110.61 -27.16
CA GLN I 1301 54.05 -110.88 -27.59
C GLN I 1301 53.04 -110.51 -26.49
N ALA I 1302 53.24 -111.06 -25.30
CA ALA I 1302 52.36 -110.81 -24.16
C ALA I 1302 51.99 -109.33 -24.01
N VAL I 1303 52.94 -108.46 -24.35
CA VAL I 1303 52.73 -107.02 -24.39
C VAL I 1303 51.67 -106.63 -25.40
N ALA I 1304 51.94 -106.86 -26.68
CA ALA I 1304 51.01 -106.52 -27.74
C ALA I 1304 49.61 -107.11 -27.52
N ASP I 1305 49.54 -108.25 -26.83
CA ASP I 1305 48.26 -108.89 -26.51
C ASP I 1305 47.46 -108.01 -25.56
N PHE I 1306 48.16 -107.43 -24.58
CA PHE I 1306 47.56 -106.55 -23.58
C PHE I 1306 47.07 -105.25 -24.23
N VAL I 1307 47.99 -104.60 -24.93
CA VAL I 1307 47.68 -103.41 -25.70
C VAL I 1307 46.42 -103.58 -26.56
N HIS I 1308 46.44 -104.55 -27.47
CA HIS I 1308 45.33 -104.82 -28.39
C HIS I 1308 44.01 -105.16 -27.67
N ALA I 1309 44.12 -105.48 -26.39
CA ALA I 1309 42.95 -105.84 -25.60
C ALA I 1309 42.32 -104.62 -24.94
N VAL I 1310 43.09 -103.92 -24.10
CA VAL I 1310 42.59 -102.76 -23.37
C VAL I 1310 42.22 -101.60 -24.30
N GLY I 1311 43.05 -101.36 -25.31
CA GLY I 1311 42.69 -100.39 -26.33
C GLY I 1311 43.77 -99.40 -26.72
N ASN I 1312 44.86 -99.37 -25.97
CA ASN I 1312 45.92 -98.39 -26.25
C ASN I 1312 46.65 -98.66 -27.56
N THR I 1313 47.08 -97.59 -28.23
CA THR I 1313 47.73 -97.75 -29.53
C THR I 1313 48.87 -96.74 -29.76
N GLY I 1314 49.87 -96.77 -28.89
CA GLY I 1314 50.97 -95.82 -28.98
C GLY I 1314 52.18 -96.39 -29.68
N GLU I 1315 52.80 -95.60 -30.56
CA GLU I 1315 53.96 -96.05 -31.34
C GLU I 1315 55.17 -96.36 -30.45
N ALA I 1316 54.96 -96.24 -29.14
CA ALA I 1316 55.94 -96.72 -28.16
C ALA I 1316 55.65 -98.19 -27.86
N PHE I 1317 54.38 -98.49 -27.65
CA PHE I 1317 53.90 -99.86 -27.45
C PHE I 1317 54.20 -100.81 -28.61
N VAL I 1318 54.51 -100.25 -29.78
CA VAL I 1318 54.81 -101.04 -30.96
C VAL I 1318 56.25 -100.75 -31.42
N ASP I 1319 56.84 -101.69 -32.14
CA ASP I 1319 58.26 -101.64 -32.50
C ASP I 1319 58.75 -100.40 -33.23
N ARG I 1320 57.96 -99.92 -34.19
CA ARG I 1320 58.32 -98.74 -34.98
C ARG I 1320 58.56 -97.51 -34.10
N GLY I 1321 59.04 -96.43 -34.71
CA GLY I 1321 59.43 -95.26 -33.94
C GLY I 1321 60.72 -95.60 -33.23
N LYS I 1322 61.34 -94.61 -32.60
CA LYS I 1322 62.62 -94.87 -31.93
C LYS I 1322 62.43 -95.41 -30.52
N ASP I 1323 61.17 -95.69 -30.15
CA ASP I 1323 60.84 -96.20 -28.81
C ASP I 1323 59.94 -97.45 -28.87
N PHE I 1324 60.34 -98.49 -28.12
CA PHE I 1324 59.46 -99.63 -27.83
C PHE I 1324 59.35 -99.89 -26.33
N PHE I 1325 58.17 -99.64 -25.78
CA PHE I 1325 57.94 -99.74 -24.35
C PHE I 1325 56.65 -100.46 -24.01
N ALA I 1326 56.60 -101.00 -22.80
CA ALA I 1326 55.42 -101.68 -22.29
C ALA I 1326 54.64 -100.76 -21.34
N PRO I 1327 53.30 -100.83 -21.42
CA PRO I 1327 52.37 -100.15 -20.52
C PRO I 1327 52.79 -100.35 -19.08
N MET I 1328 52.67 -99.34 -18.23
CA MET I 1328 52.93 -99.55 -16.82
C MET I 1328 51.74 -100.29 -16.21
N ASP I 1329 50.67 -100.41 -16.99
CA ASP I 1329 49.50 -101.20 -16.61
C ASP I 1329 49.88 -102.67 -16.59
N PHE I 1330 51.00 -102.97 -17.23
CA PHE I 1330 51.54 -104.32 -17.29
C PHE I 1330 52.08 -104.75 -15.93
N ALA I 1331 52.41 -103.77 -15.09
CA ALA I 1331 52.90 -104.08 -13.76
C ALA I 1331 51.89 -104.96 -13.03
N ILE I 1332 50.61 -104.67 -13.23
CA ILE I 1332 49.55 -105.45 -12.58
C ILE I 1332 49.37 -106.83 -13.21
N VAL I 1333 49.82 -106.97 -14.46
CA VAL I 1333 49.77 -108.25 -15.14
C VAL I 1333 50.97 -109.11 -14.71
N VAL I 1334 52.14 -108.47 -14.62
CA VAL I 1334 53.38 -109.11 -14.18
C VAL I 1334 53.29 -109.49 -12.71
N GLY I 1335 53.11 -108.48 -11.86
CA GLY I 1335 53.04 -108.69 -10.42
C GLY I 1335 51.69 -109.19 -9.94
N TRP I 1336 50.83 -109.62 -10.86
CA TRP I 1336 49.48 -110.11 -10.51
C TRP I 1336 49.53 -111.15 -9.40
N LYS I 1337 50.63 -111.90 -9.32
CA LYS I 1337 50.83 -112.84 -8.22
C LYS I 1337 50.95 -112.11 -6.89
N ALA I 1338 52.06 -111.40 -6.70
CA ALA I 1338 52.35 -110.73 -5.43
C ALA I 1338 51.25 -109.79 -4.95
N ILE I 1339 50.52 -109.20 -5.90
CA ILE I 1339 49.48 -108.22 -5.60
C ILE I 1339 48.22 -108.91 -5.09
N THR I 1340 48.05 -110.18 -5.42
CA THR I 1340 46.83 -110.93 -5.09
C THR I 1340 46.96 -111.85 -3.88
N LYS I 1341 48.05 -112.60 -3.83
CA LYS I 1341 48.24 -113.62 -2.80
C LYS I 1341 48.03 -113.18 -1.34
N PRO I 1342 48.43 -111.94 -1.00
CA PRO I 1342 48.35 -111.51 0.40
C PRO I 1342 46.91 -111.41 0.92
N ILE I 1343 45.94 -111.54 0.03
CA ILE I 1343 44.53 -111.40 0.39
C ILE I 1343 44.03 -112.61 1.17
N PHE I 1344 44.77 -113.71 1.04
CA PHE I 1344 44.29 -115.04 1.46
C PHE I 1344 44.49 -115.48 2.93
N PRO I 1345 45.64 -115.14 3.57
CA PRO I 1345 45.97 -115.47 4.96
C PRO I 1345 44.78 -115.69 5.92
N ARG I 1346 45.03 -116.38 7.02
CA ARG I 1346 43.95 -116.75 7.93
C ARG I 1346 43.28 -115.58 8.63
N LYS I 1347 44.07 -114.59 9.03
CA LYS I 1347 43.55 -113.49 9.85
C LYS I 1347 42.77 -112.46 9.02
N ILE I 1348 42.91 -112.54 7.70
CA ILE I 1348 42.26 -111.62 6.77
C ILE I 1348 41.02 -112.26 6.15
N ASP I 1349 40.50 -113.31 6.78
CA ASP I 1349 39.52 -114.16 6.10
C ASP I 1349 38.15 -113.54 5.85
N GLY I 1350 37.76 -113.54 4.58
CA GLY I 1350 36.44 -113.12 4.14
C GLY I 1350 36.07 -113.82 2.85
N ASP I 1351 34.85 -113.58 2.39
CA ASP I 1351 34.34 -114.15 1.15
C ASP I 1351 35.10 -113.61 -0.06
N LEU I 1352 35.99 -114.42 -0.65
CA LEU I 1352 36.75 -113.95 -1.80
C LEU I 1352 35.85 -113.77 -3.02
N LEU I 1353 34.68 -114.41 -3.00
CA LEU I 1353 33.67 -114.27 -4.04
C LEU I 1353 33.10 -112.85 -4.06
N LYS I 1354 32.61 -112.41 -2.91
CA LYS I 1354 32.15 -111.04 -2.74
C LYS I 1354 33.32 -110.10 -2.52
N LEU I 1355 34.36 -110.21 -3.32
CA LEU I 1355 35.43 -109.25 -3.25
C LEU I 1355 35.28 -108.33 -4.44
N VAL I 1356 35.88 -107.13 -4.34
CA VAL I 1356 35.93 -106.21 -5.46
C VAL I 1356 37.26 -105.46 -5.49
N HIS I 1357 37.75 -105.19 -6.69
CA HIS I 1357 38.95 -104.37 -6.81
C HIS I 1357 38.57 -102.92 -6.60
N LEU I 1358 39.20 -102.30 -5.60
CA LEU I 1358 38.73 -101.03 -5.08
C LEU I 1358 39.53 -99.81 -5.55
N SER I 1359 40.85 -99.86 -5.41
CA SER I 1359 41.71 -98.78 -5.86
C SER I 1359 42.96 -99.37 -6.43
N ASN I 1360 43.66 -98.59 -7.23
CA ASN I 1360 44.92 -99.05 -7.79
C ASN I 1360 45.79 -97.92 -8.28
N GLY I 1361 47.00 -97.83 -7.73
CA GLY I 1361 47.93 -96.81 -8.15
C GLY I 1361 49.28 -97.38 -8.55
N TYR I 1362 49.80 -96.88 -9.66
CA TYR I 1362 51.17 -97.16 -10.05
C TYR I 1362 51.95 -95.89 -9.76
N ARG I 1363 53.25 -96.02 -9.56
CA ARG I 1363 54.08 -94.86 -9.28
C ARG I 1363 55.55 -95.16 -9.57
N MET I 1364 56.09 -94.52 -10.60
CA MET I 1364 57.41 -94.87 -11.12
C MET I 1364 58.57 -94.15 -10.44
N VAL I 1365 59.46 -94.94 -9.86
CA VAL I 1365 60.65 -94.44 -9.19
C VAL I 1365 61.39 -93.40 -10.02
N PRO I 1366 61.82 -92.31 -9.37
CA PRO I 1366 62.52 -91.17 -9.99
C PRO I 1366 63.66 -91.61 -10.92
N GLY I 1367 63.57 -91.22 -12.19
CA GLY I 1367 64.63 -91.48 -13.16
C GLY I 1367 64.56 -92.81 -13.90
N ALA I 1368 63.82 -93.78 -13.34
CA ALA I 1368 63.76 -95.15 -13.89
C ALA I 1368 62.96 -95.24 -15.18
N GLU I 1369 63.64 -95.60 -16.27
CA GLU I 1369 62.98 -95.78 -17.56
C GLU I 1369 61.87 -96.82 -17.47
N PRO I 1370 60.84 -96.68 -18.33
CA PRO I 1370 59.64 -97.53 -18.27
C PRO I 1370 59.94 -99.00 -18.59
N LEU I 1371 58.91 -99.82 -18.58
CA LEU I 1371 59.08 -101.25 -18.84
C LEU I 1371 59.36 -101.48 -20.32
N LYS I 1372 60.44 -102.21 -20.61
CA LYS I 1372 60.76 -102.66 -21.98
C LYS I 1372 60.53 -104.17 -22.05
N VAL I 1373 60.58 -104.75 -23.23
CA VAL I 1373 60.23 -106.17 -23.37
C VAL I 1373 61.26 -107.16 -22.83
N GLY I 1374 62.54 -106.95 -23.15
CA GLY I 1374 63.60 -107.84 -22.72
C GLY I 1374 63.91 -107.74 -21.24
N ASP I 1375 62.90 -107.38 -20.45
CA ASP I 1375 63.07 -107.11 -19.03
C ASP I 1375 62.81 -108.34 -18.14
N VAL I 1376 63.52 -108.35 -17.01
CA VAL I 1376 63.34 -109.35 -15.98
C VAL I 1376 63.00 -108.64 -14.67
N LEU I 1377 61.81 -108.94 -14.16
CA LEU I 1377 61.22 -108.18 -13.08
C LEU I 1377 60.90 -109.06 -11.88
N ASP I 1378 61.40 -108.65 -10.71
CA ASP I 1378 61.16 -109.38 -9.48
C ASP I 1378 60.06 -108.73 -8.64
N THR I 1379 58.97 -109.47 -8.47
CA THR I 1379 57.72 -108.94 -7.91
C THR I 1379 57.61 -109.16 -6.40
N THR I 1380 57.82 -108.09 -5.63
CA THR I 1380 57.77 -108.12 -4.17
C THR I 1380 56.56 -107.37 -3.65
N ALA I 1381 55.89 -107.90 -2.63
CA ALA I 1381 54.73 -107.23 -2.08
C ALA I 1381 54.62 -107.41 -0.57
N GLN I 1382 53.90 -106.49 0.07
CA GLN I 1382 53.57 -106.60 1.50
C GLN I 1382 52.26 -105.86 1.82
N ILE I 1383 51.64 -106.24 2.93
CA ILE I 1383 50.32 -105.72 3.27
C ILE I 1383 50.39 -104.41 4.08
N ASN I 1384 50.23 -103.27 3.40
CA ASN I 1384 50.34 -101.95 4.03
C ASN I 1384 49.23 -101.57 4.99
N ALA I 1385 48.10 -102.27 4.89
CA ALA I 1385 47.00 -102.04 5.81
C ALA I 1385 45.81 -102.90 5.47
N VAL I 1386 45.15 -103.40 6.50
CA VAL I 1386 43.89 -104.11 6.34
C VAL I 1386 42.95 -103.58 7.39
N ILE I 1387 41.99 -102.78 6.96
CA ILE I 1387 41.03 -102.16 7.85
C ILE I 1387 39.61 -102.41 7.34
N ASN I 1388 38.69 -102.61 8.27
CA ASN I 1388 37.31 -102.90 7.90
C ASN I 1388 36.41 -101.68 7.94
N GLN I 1389 36.26 -101.07 6.77
CA GLN I 1389 35.34 -99.96 6.57
C GLN I 1389 33.92 -100.49 6.69
N ASP I 1390 32.94 -99.65 6.38
CA ASP I 1390 31.55 -100.06 6.49
C ASP I 1390 31.16 -100.92 5.31
N SER I 1391 31.53 -100.46 4.12
CA SER I 1391 31.20 -101.19 2.88
C SER I 1391 31.58 -102.67 2.96
N GLY I 1392 32.75 -102.94 3.52
CA GLY I 1392 33.22 -104.31 3.70
C GLY I 1392 34.47 -104.35 4.55
N LYS I 1393 35.43 -105.18 4.13
CA LYS I 1393 36.73 -105.17 4.74
C LYS I 1393 37.75 -104.91 3.65
N MET I 1394 38.76 -104.11 3.94
CA MET I 1394 39.66 -103.70 2.88
C MET I 1394 41.11 -104.08 3.16
N VAL I 1395 41.85 -104.34 2.09
CA VAL I 1395 43.24 -104.73 2.14
C VAL I 1395 44.08 -103.84 1.24
N GLU I 1396 45.13 -103.25 1.79
CA GLU I 1396 46.05 -102.46 0.97
C GLU I 1396 47.33 -103.23 0.68
N VAL I 1397 47.58 -103.44 -0.61
CA VAL I 1397 48.75 -104.19 -1.09
C VAL I 1397 49.76 -103.24 -1.71
N CYS I 1398 50.97 -103.19 -1.19
CA CYS I 1398 52.01 -102.42 -1.83
C CYS I 1398 53.00 -103.33 -2.54
N GLY I 1399 53.01 -103.25 -3.86
CA GLY I 1399 53.93 -104.03 -4.66
C GLY I 1399 55.11 -103.19 -5.10
N THR I 1400 56.27 -103.84 -5.24
CA THR I 1400 57.44 -103.22 -5.81
C THR I 1400 57.98 -104.10 -6.96
N LEU I 1401 58.03 -103.55 -8.16
CA LEU I 1401 58.60 -104.27 -9.29
C LEU I 1401 60.05 -103.86 -9.44
N LYS I 1402 60.95 -104.79 -9.13
CA LYS I 1402 62.37 -104.52 -9.27
C LYS I 1402 62.92 -105.08 -10.57
N ARG I 1403 64.00 -104.48 -11.05
CA ARG I 1403 64.64 -104.89 -12.27
C ARG I 1403 66.12 -104.60 -12.14
N ASP I 1404 66.95 -105.63 -12.31
CA ASP I 1404 68.40 -105.50 -12.16
C ASP I 1404 68.76 -105.08 -10.73
N GLY I 1405 68.03 -105.64 -9.77
CA GLY I 1405 68.26 -105.37 -8.35
C GLY I 1405 67.70 -104.04 -7.86
N LYS I 1406 67.24 -103.20 -8.79
CA LYS I 1406 66.77 -101.87 -8.44
C LYS I 1406 65.27 -101.72 -8.69
N PRO I 1407 64.55 -101.20 -7.68
CA PRO I 1407 63.11 -100.96 -7.74
C PRO I 1407 62.76 -99.96 -8.84
N VAL I 1408 61.78 -100.31 -9.67
CA VAL I 1408 61.40 -99.46 -10.79
C VAL I 1408 60.07 -98.73 -10.63
N MET I 1409 59.08 -99.40 -10.04
CA MET I 1409 57.78 -98.77 -9.85
C MET I 1409 56.96 -99.52 -8.81
N TYR I 1410 56.31 -98.79 -7.90
CA TYR I 1410 55.50 -99.42 -6.87
C TYR I 1410 54.03 -99.43 -7.25
N VAL I 1411 53.47 -100.63 -7.37
CA VAL I 1411 52.05 -100.77 -7.64
C VAL I 1411 51.29 -101.07 -6.37
N THR I 1412 50.68 -100.03 -5.82
CA THR I 1412 49.79 -100.15 -4.66
C THR I 1412 48.39 -100.53 -5.16
N SER I 1413 47.57 -101.07 -4.27
CA SER I 1413 46.28 -101.60 -4.68
C SER I 1413 45.40 -101.88 -3.46
N GLN I 1414 44.10 -101.66 -3.60
CA GLN I 1414 43.17 -101.92 -2.53
C GLN I 1414 42.08 -102.88 -2.98
N PHE I 1415 41.74 -103.83 -2.11
CA PHE I 1415 40.69 -104.78 -2.43
C PHE I 1415 39.57 -104.72 -1.38
N LEU I 1416 38.37 -105.11 -1.76
CA LEU I 1416 37.26 -105.04 -0.83
C LEU I 1416 36.47 -106.34 -0.66
N TYR I 1417 36.76 -107.04 0.43
CA TYR I 1417 35.93 -108.13 0.91
C TYR I 1417 34.66 -107.50 1.48
N ARG I 1418 33.69 -107.22 0.62
CA ARG I 1418 32.50 -106.49 1.07
C ARG I 1418 31.56 -107.29 1.97
N GLY I 1419 31.02 -106.60 2.98
CA GLY I 1419 30.17 -107.19 4.01
C GLY I 1419 30.39 -106.57 5.38
N VAL I 1420 29.89 -107.25 6.42
CA VAL I 1420 29.99 -106.73 7.80
C VAL I 1420 31.08 -107.46 8.59
N TYR I 1421 32.05 -106.72 9.12
CA TYR I 1421 33.19 -107.34 9.82
C TYR I 1421 33.50 -106.73 11.19
N THR I 1422 33.86 -107.58 12.14
CA THR I 1422 34.29 -107.12 13.46
C THR I 1422 35.56 -107.84 13.93
N ASP I 1423 36.39 -108.26 12.99
CA ASP I 1423 37.64 -108.92 13.34
C ASP I 1423 38.72 -107.88 13.56
N TYR I 1424 38.40 -106.89 14.39
CA TYR I 1424 39.28 -105.74 14.62
C TYR I 1424 40.58 -106.19 15.22
N GLU I 1425 40.55 -107.44 15.67
CA GLU I 1425 41.74 -108.06 16.21
C GLU I 1425 42.89 -107.99 15.19
N ASN I 1426 42.56 -107.88 13.91
CA ASN I 1426 43.57 -107.99 12.88
C ASN I 1426 43.58 -106.80 11.93
N THR I 1427 42.90 -105.73 12.31
CA THR I 1427 42.87 -104.55 11.47
C THR I 1427 44.05 -103.66 11.85
N PHE I 1428 44.65 -102.98 10.87
CA PHE I 1428 45.84 -102.18 11.11
C PHE I 1428 46.19 -101.32 9.91
N GLN I 1429 47.18 -100.45 10.08
CA GLN I 1429 47.64 -99.60 8.98
C GLN I 1429 49.04 -98.98 9.16
N ARG I 1430 49.84 -99.04 8.10
CA ARG I 1430 51.12 -98.34 8.09
C ARG I 1430 51.03 -97.14 7.16
N LYS I 1431 50.80 -95.97 7.71
CA LYS I 1431 50.82 -94.76 6.90
C LYS I 1431 52.19 -94.10 6.96
N ASP I 1432 52.55 -93.37 5.90
CA ASP I 1432 53.76 -92.56 5.94
C ASP I 1432 53.30 -91.15 6.20
N GLU I 1433 53.56 -90.67 7.41
CA GLU I 1433 53.08 -89.36 7.83
C GLU I 1433 53.62 -88.25 6.92
N VAL I 1434 52.79 -87.24 6.69
CA VAL I 1434 53.14 -86.13 5.81
C VAL I 1434 54.40 -85.45 6.28
N PRO I 1435 55.38 -85.29 5.36
CA PRO I 1435 56.58 -84.54 5.72
C PRO I 1435 56.16 -83.18 6.27
N MET I 1436 56.69 -82.81 7.45
CA MET I 1436 56.35 -81.54 8.07
C MET I 1436 57.54 -80.74 8.58
N GLN I 1437 57.37 -79.42 8.61
CA GLN I 1437 58.46 -78.46 8.79
C GLN I 1437 58.23 -77.62 10.04
N LEU I 1438 58.95 -77.94 11.12
CA LEU I 1438 58.77 -77.24 12.38
C LEU I 1438 59.86 -76.19 12.58
N HIS I 1439 59.45 -74.95 12.83
CA HIS I 1439 60.40 -73.86 13.01
C HIS I 1439 60.55 -73.46 14.47
N ILE I 1440 61.67 -73.83 15.07
CA ILE I 1440 62.03 -73.38 16.41
C ILE I 1440 62.49 -71.94 16.32
N ALA I 1441 61.99 -71.07 17.20
CA ALA I 1441 62.28 -69.65 17.10
C ALA I 1441 62.56 -68.99 18.45
N THR I 1442 62.08 -69.64 19.51
CA THR I 1442 62.23 -69.14 20.87
C THR I 1442 62.72 -70.26 21.76
N PRO I 1443 63.49 -69.93 22.80
CA PRO I 1443 63.82 -70.96 23.79
C PRO I 1443 62.54 -71.62 24.30
N GLN I 1444 61.41 -70.91 24.22
CA GLN I 1444 60.12 -71.48 24.58
C GLN I 1444 59.74 -72.62 23.64
N ASP I 1445 59.89 -72.39 22.34
CA ASP I 1445 59.58 -73.40 21.34
C ASP I 1445 60.44 -74.64 21.51
N LEU I 1446 61.75 -74.41 21.50
CA LEU I 1446 62.77 -75.45 21.66
C LEU I 1446 62.53 -76.24 22.96
N ALA I 1447 62.29 -75.51 24.04
CA ALA I 1447 62.08 -76.12 25.34
C ALA I 1447 60.89 -77.08 25.36
N VAL I 1448 59.91 -76.83 24.50
CA VAL I 1448 58.75 -77.72 24.38
C VAL I 1448 59.08 -78.91 23.47
N LEU I 1449 59.81 -78.64 22.40
CA LEU I 1449 60.17 -79.69 21.46
C LEU I 1449 61.14 -80.69 22.12
N ARG I 1450 61.82 -80.26 23.18
CA ARG I 1450 62.68 -81.14 23.97
C ARG I 1450 61.90 -81.80 25.10
N SER I 1451 60.96 -81.05 25.67
CA SER I 1451 60.14 -81.50 26.78
C SER I 1451 59.27 -82.69 26.42
N LYS I 1452 59.12 -82.95 25.13
CA LYS I 1452 58.30 -84.05 24.67
C LYS I 1452 58.98 -85.38 24.96
N GLU I 1453 58.16 -86.36 25.35
CA GLU I 1453 58.62 -87.71 25.68
C GLU I 1453 59.16 -88.40 24.44
N TRP I 1454 58.45 -88.22 23.33
CA TRP I 1454 58.74 -88.91 22.08
C TRP I 1454 59.90 -88.28 21.31
N PHE I 1455 60.41 -87.16 21.81
CA PHE I 1455 61.51 -86.49 21.12
C PHE I 1455 62.88 -86.85 21.70
N LYS I 1456 63.68 -87.53 20.87
CA LYS I 1456 64.95 -88.09 21.30
C LYS I 1456 66.12 -87.51 20.52
N LEU I 1457 66.76 -86.51 21.12
CA LEU I 1457 67.86 -85.78 20.51
C LEU I 1457 69.11 -86.65 20.45
N ASP I 1458 69.92 -86.42 19.41
CA ASP I 1458 71.07 -87.28 19.13
C ASP I 1458 72.41 -86.68 19.53
N ASP I 1459 73.41 -87.55 19.61
CA ASP I 1459 74.76 -87.19 20.05
C ASP I 1459 75.65 -86.88 18.86
N GLN I 1460 75.03 -86.38 17.79
CA GLN I 1460 75.75 -85.87 16.63
C GLN I 1460 76.50 -84.62 17.08
N HIS I 1461 76.04 -83.45 16.66
CA HIS I 1461 76.61 -82.21 17.17
C HIS I 1461 75.56 -81.47 17.99
N ASP I 1462 76.04 -80.60 18.88
CA ASP I 1462 75.17 -79.78 19.70
C ASP I 1462 74.85 -78.48 18.96
N ILE I 1463 74.44 -78.60 17.70
CA ILE I 1463 74.05 -77.41 16.96
C ILE I 1463 72.80 -76.84 17.58
N GLU I 1464 72.90 -75.58 18.03
CA GLU I 1464 71.76 -74.91 18.61
C GLU I 1464 70.59 -75.07 17.65
N LEU I 1465 69.55 -75.74 18.12
CA LEU I 1465 68.36 -75.95 17.33
C LEU I 1465 67.53 -74.68 17.33
N LEU I 1466 68.04 -73.66 18.02
CA LEU I 1466 67.32 -72.41 18.23
C LEU I 1466 66.88 -71.74 16.94
N GLY I 1467 67.85 -71.20 16.19
CA GLY I 1467 67.56 -70.48 14.98
C GLY I 1467 66.90 -71.27 13.85
N GLN I 1468 67.39 -72.50 13.62
CA GLN I 1468 66.98 -73.29 12.46
C GLN I 1468 65.61 -73.93 12.59
N THR I 1469 65.16 -74.53 11.49
CA THR I 1469 63.91 -75.27 11.49
C THR I 1469 64.21 -76.74 11.24
N LEU I 1470 63.27 -77.59 11.62
CA LEU I 1470 63.46 -79.03 11.55
C LEU I 1470 62.47 -79.69 10.61
N VAL I 1471 62.90 -80.80 10.00
CA VAL I 1471 62.04 -81.60 9.14
C VAL I 1471 61.62 -82.87 9.87
N PHE I 1472 60.33 -83.14 9.90
CA PHE I 1472 59.86 -84.34 10.54
C PHE I 1472 59.26 -85.29 9.51
N ARG I 1473 60.04 -86.26 9.06
CA ARG I 1473 59.51 -87.30 8.19
C ARG I 1473 59.25 -88.52 9.02
N LEU I 1474 57.99 -88.80 9.30
CA LEU I 1474 57.66 -89.89 10.20
C LEU I 1474 56.96 -91.02 9.47
N GLN I 1475 57.00 -92.18 10.09
CA GLN I 1475 56.19 -93.31 9.71
C GLN I 1475 55.38 -93.71 10.92
N SER I 1476 54.28 -94.42 10.71
CA SER I 1476 53.49 -94.86 11.84
C SER I 1476 52.63 -96.08 11.55
N LEU I 1477 52.39 -96.85 12.61
CA LEU I 1477 51.53 -98.01 12.55
C LEU I 1477 50.43 -97.89 13.59
N VAL I 1478 49.20 -98.06 13.14
CA VAL I 1478 48.04 -97.99 14.00
C VAL I 1478 47.25 -99.29 13.91
N ARG I 1479 46.76 -99.76 15.04
CA ARG I 1479 45.87 -100.90 15.07
C ARG I 1479 44.50 -100.43 15.55
N PHE I 1480 43.45 -100.80 14.82
CA PHE I 1480 42.10 -100.36 15.14
C PHE I 1480 41.45 -101.27 16.15
N LYS I 1481 40.43 -100.74 16.83
CA LYS I 1481 39.57 -101.60 17.64
C LYS I 1481 38.10 -101.26 17.36
N ASN I 1482 37.71 -100.02 17.66
CA ASN I 1482 36.48 -99.46 17.13
C ASN I 1482 36.93 -98.68 15.89
N LYS I 1483 36.10 -98.62 14.86
CA LYS I 1483 36.43 -97.81 13.70
C LYS I 1483 36.77 -96.38 14.13
N ASN I 1484 36.39 -96.03 15.36
CA ASN I 1484 36.61 -94.71 15.92
C ASN I 1484 37.85 -94.61 16.79
N VAL I 1485 38.20 -95.70 17.47
CA VAL I 1485 39.27 -95.66 18.47
C VAL I 1485 40.41 -96.64 18.23
N TYR I 1486 41.59 -96.09 17.95
CA TYR I 1486 42.78 -96.91 17.72
C TYR I 1486 43.10 -97.72 18.97
N SER I 1487 43.23 -99.02 18.81
CA SER I 1487 43.61 -99.90 19.91
C SER I 1487 45.07 -99.68 20.34
N SER I 1488 45.92 -99.22 19.40
CA SER I 1488 47.32 -98.98 19.70
C SER I 1488 48.07 -98.35 18.52
N VAL I 1489 48.89 -97.36 18.80
CA VAL I 1489 49.54 -96.57 17.76
C VAL I 1489 51.01 -96.29 18.02
N GLN I 1490 51.83 -96.45 16.99
CA GLN I 1490 53.26 -96.26 17.13
C GLN I 1490 53.78 -95.33 16.04
N THR I 1491 54.57 -94.34 16.42
CA THR I 1491 55.16 -93.44 15.43
C THR I 1491 56.67 -93.36 15.56
N ILE I 1492 57.35 -93.74 14.49
CA ILE I 1492 58.79 -93.62 14.38
C ILE I 1492 59.12 -92.67 13.25
N GLY I 1493 60.16 -91.87 13.42
CA GLY I 1493 60.55 -90.95 12.38
C GLY I 1493 61.96 -90.39 12.55
N GLN I 1494 62.33 -89.49 11.66
CA GLN I 1494 63.66 -88.90 11.66
C GLN I 1494 63.55 -87.39 11.65
N VAL I 1495 64.16 -86.76 12.64
CA VAL I 1495 64.23 -85.30 12.67
C VAL I 1495 65.46 -84.81 11.93
N LEU I 1496 65.25 -84.09 10.83
CA LEU I 1496 66.33 -83.59 10.01
C LEU I 1496 66.58 -82.10 10.18
N LEU I 1497 67.83 -81.70 9.96
CA LEU I 1497 68.19 -80.29 9.90
C LEU I 1497 69.07 -80.05 8.69
N GLU I 1498 68.81 -78.99 7.95
CA GLU I 1498 69.70 -78.62 6.87
C GLU I 1498 70.68 -77.56 7.34
N LEU I 1499 71.97 -77.84 7.15
CA LEU I 1499 73.02 -76.88 7.48
C LEU I 1499 73.06 -75.74 6.47
N PRO I 1500 73.74 -74.64 6.82
CA PRO I 1500 73.96 -73.55 5.86
C PRO I 1500 74.66 -74.09 4.60
N THR I 1501 75.40 -75.17 4.78
CA THR I 1501 76.19 -75.79 3.71
C THR I 1501 75.36 -76.71 2.83
N LYS I 1502 74.08 -76.88 3.21
CA LYS I 1502 73.14 -77.77 2.53
C LYS I 1502 73.29 -79.24 2.98
N GLU I 1503 73.87 -79.42 4.17
CA GLU I 1503 74.01 -80.73 4.77
C GLU I 1503 72.71 -81.19 5.41
N ILE I 1504 72.44 -82.48 5.35
CA ILE I 1504 71.24 -83.01 6.01
C ILE I 1504 71.64 -83.96 7.12
N ILE I 1505 71.33 -83.61 8.36
CA ILE I 1505 71.72 -84.40 9.51
C ILE I 1505 70.49 -84.90 10.27
N GLN I 1506 70.61 -86.07 10.87
CA GLN I 1506 69.54 -86.58 11.74
C GLN I 1506 69.80 -86.07 13.15
N VAL I 1507 69.35 -84.85 13.41
CA VAL I 1507 69.58 -84.21 14.70
C VAL I 1507 68.90 -84.98 15.83
N ALA I 1508 67.88 -85.75 15.47
CA ALA I 1508 67.18 -86.57 16.44
C ALA I 1508 66.24 -87.51 15.70
N SER I 1509 65.38 -88.17 16.46
CA SER I 1509 64.39 -89.07 15.87
C SER I 1509 63.17 -89.10 16.76
N VAL I 1510 62.10 -89.72 16.26
CA VAL I 1510 60.82 -89.76 16.97
C VAL I 1510 60.34 -91.16 17.32
N ASP I 1511 60.07 -91.38 18.60
CA ASP I 1511 59.57 -92.66 19.08
C ASP I 1511 58.43 -92.47 20.08
N TYR I 1512 57.22 -92.83 19.65
CA TYR I 1512 56.06 -92.72 20.51
C TYR I 1512 55.14 -93.90 20.26
N GLU I 1513 54.52 -94.40 21.31
CA GLU I 1513 53.58 -95.50 21.18
C GLU I 1513 52.62 -95.53 22.36
N ALA I 1514 51.35 -95.77 22.05
CA ALA I 1514 50.29 -95.82 23.05
C ALA I 1514 49.09 -96.62 22.54
N GLY I 1515 48.28 -97.15 23.44
CA GLY I 1515 47.12 -97.92 23.06
C GLY I 1515 45.86 -97.24 23.52
N GLU I 1516 44.75 -97.55 22.87
CA GLU I 1516 43.48 -96.90 23.18
C GLU I 1516 43.62 -95.39 22.98
N SER I 1517 43.92 -94.99 21.75
CA SER I 1517 44.16 -93.58 21.42
C SER I 1517 43.07 -93.11 20.46
N HIS I 1518 42.68 -91.84 20.55
CA HIS I 1518 41.65 -91.27 19.68
C HIS I 1518 42.29 -90.44 18.56
N GLY I 1519 43.58 -90.15 18.71
CA GLY I 1519 44.32 -89.37 17.75
C GLY I 1519 45.81 -89.55 17.91
N ASN I 1520 46.57 -88.95 17.00
CA ASN I 1520 48.02 -89.04 16.99
C ASN I 1520 48.67 -87.79 17.55
N PRO I 1521 48.97 -87.81 18.86
CA PRO I 1521 49.48 -86.65 19.60
C PRO I 1521 50.78 -86.08 19.01
N VAL I 1522 51.54 -86.92 18.32
CA VAL I 1522 52.78 -86.46 17.71
C VAL I 1522 52.51 -85.63 16.47
N ILE I 1523 51.68 -86.17 15.59
CA ILE I 1523 51.28 -85.45 14.38
C ILE I 1523 50.61 -84.14 14.74
N ASP I 1524 49.74 -84.21 15.75
CA ASP I 1524 48.99 -83.05 16.20
C ASP I 1524 49.90 -81.91 16.59
N TYR I 1525 50.85 -82.19 17.49
CA TYR I 1525 51.83 -81.19 17.89
C TYR I 1525 52.44 -80.54 16.66
N LEU I 1526 52.80 -81.37 15.69
CA LEU I 1526 53.45 -80.89 14.48
C LEU I 1526 52.51 -80.04 13.64
N GLN I 1527 51.26 -80.48 13.53
CA GLN I 1527 50.27 -79.78 12.71
C GLN I 1527 50.08 -78.31 13.08
N ARG I 1528 50.22 -78.01 14.36
CA ARG I 1528 50.09 -76.63 14.81
C ARG I 1528 51.39 -75.85 14.76
N HIS I 1529 52.38 -76.28 15.53
CA HIS I 1529 53.63 -75.52 15.66
C HIS I 1529 54.47 -75.54 14.38
N GLY I 1530 54.04 -76.32 13.41
CA GLY I 1530 54.74 -76.40 12.14
C GLY I 1530 53.80 -76.51 10.96
N SER I 1531 54.35 -76.69 9.76
CA SER I 1531 53.56 -76.78 8.54
C SER I 1531 54.01 -77.95 7.69
N SER I 1532 53.12 -78.43 6.83
CA SER I 1532 53.49 -79.48 5.89
C SER I 1532 54.51 -78.95 4.87
N ILE I 1533 54.98 -79.82 3.98
CA ILE I 1533 55.95 -79.41 2.99
C ILE I 1533 55.95 -80.37 1.80
N GLU I 1534 56.60 -79.95 0.72
CA GLU I 1534 56.68 -80.75 -0.50
C GLU I 1534 55.29 -81.14 -0.98
N GLN I 1535 54.36 -80.21 -0.85
CA GLN I 1535 52.96 -80.46 -1.19
C GLN I 1535 52.60 -79.98 -2.59
N PRO I 1536 51.45 -80.44 -3.10
CA PRO I 1536 50.95 -79.98 -4.41
C PRO I 1536 50.64 -78.48 -4.42
N VAL I 1537 50.56 -77.92 -5.62
CA VAL I 1537 50.22 -76.52 -5.79
C VAL I 1537 49.19 -76.37 -6.91
N ASN I 1538 47.93 -76.34 -6.51
CA ASN I 1538 46.83 -76.23 -7.47
C ASN I 1538 46.54 -74.78 -7.82
N PHE I 1539 45.79 -74.58 -8.91
CA PHE I 1539 45.47 -73.23 -9.36
C PHE I 1539 44.05 -72.86 -8.97
N GLU I 1540 43.73 -71.58 -9.06
CA GLU I 1540 42.35 -71.14 -8.88
C GLU I 1540 41.55 -71.69 -10.05
N ASN I 1541 42.19 -71.68 -11.22
CA ASN I 1541 41.53 -72.03 -12.46
C ASN I 1541 42.03 -73.35 -13.06
N PRO I 1542 41.32 -74.44 -12.76
CA PRO I 1542 41.59 -75.76 -13.33
C PRO I 1542 41.49 -75.71 -14.85
N ILE I 1543 42.60 -76.00 -15.52
CA ILE I 1543 42.70 -75.93 -16.97
C ILE I 1543 42.12 -77.17 -17.64
N PRO I 1544 40.97 -77.03 -18.32
CA PRO I 1544 40.40 -78.16 -19.06
C PRO I 1544 41.40 -78.65 -20.10
N LEU I 1545 41.53 -79.96 -20.26
CA LEU I 1545 42.54 -80.52 -21.14
C LEU I 1545 41.93 -80.99 -22.44
N SER I 1546 40.88 -81.79 -22.36
CA SER I 1546 40.25 -82.30 -23.57
C SER I 1546 39.24 -81.30 -24.09
N GLY I 1547 38.69 -80.53 -23.17
CA GLY I 1547 37.66 -79.58 -23.51
C GLY I 1547 36.29 -80.14 -23.18
N LYS I 1548 35.25 -79.48 -23.68
CA LYS I 1548 33.89 -79.89 -23.43
C LYS I 1548 33.47 -80.98 -24.42
N THR I 1549 34.33 -81.25 -25.40
CA THR I 1549 34.15 -82.38 -26.30
C THR I 1549 34.55 -83.66 -25.56
N PRO I 1550 33.60 -84.28 -24.85
CA PRO I 1550 33.90 -85.30 -23.84
C PRO I 1550 34.51 -86.56 -24.44
N LEU I 1551 35.53 -87.07 -23.77
CA LEU I 1551 36.15 -88.29 -24.22
C LEU I 1551 35.21 -89.45 -23.94
N GLU I 1552 35.03 -90.32 -24.93
CA GLU I 1552 34.07 -91.40 -24.79
C GLU I 1552 34.70 -92.78 -24.91
N LEU I 1553 34.33 -93.67 -24.01
CA LEU I 1553 34.84 -95.03 -23.99
C LEU I 1553 33.67 -96.02 -23.94
N ARG I 1554 33.94 -97.28 -24.26
CA ARG I 1554 32.94 -98.33 -24.13
C ARG I 1554 33.49 -99.64 -23.56
N ALA I 1555 32.85 -100.11 -22.50
CA ALA I 1555 33.17 -101.41 -21.94
C ALA I 1555 32.84 -102.41 -23.01
N PRO I 1556 33.82 -103.24 -23.39
CA PRO I 1556 33.59 -104.15 -24.50
C PRO I 1556 32.57 -105.22 -24.16
N ALA I 1557 32.26 -106.07 -25.12
CA ALA I 1557 31.18 -107.02 -24.97
C ALA I 1557 31.54 -108.18 -24.05
N SER I 1558 32.66 -108.85 -24.34
CA SER I 1558 33.05 -110.01 -23.57
C SER I 1558 34.30 -109.73 -22.75
N ASN I 1559 34.17 -109.87 -21.43
CA ASN I 1559 35.26 -109.63 -20.51
C ASN I 1559 36.42 -110.62 -20.69
N GLU I 1560 36.10 -111.79 -21.23
CA GLU I 1560 37.11 -112.81 -21.49
C GLU I 1560 38.39 -112.23 -22.10
N ASN I 1561 38.25 -111.44 -23.16
CA ASN I 1561 39.40 -110.79 -23.82
C ASN I 1561 40.45 -110.31 -22.84
N TYR I 1562 39.98 -109.61 -21.80
CA TYR I 1562 40.84 -109.09 -20.74
C TYR I 1562 41.30 -110.22 -19.81
N ALA I 1563 40.34 -110.96 -19.26
CA ALA I 1563 40.64 -112.06 -18.34
C ALA I 1563 41.87 -112.83 -18.79
N ARG I 1564 41.94 -113.06 -20.10
CA ARG I 1564 43.04 -113.81 -20.70
C ARG I 1564 44.38 -113.09 -20.56
N VAL I 1565 44.44 -111.84 -21.04
CA VAL I 1565 45.69 -111.11 -21.04
C VAL I 1565 46.09 -110.58 -19.66
N SER I 1566 45.21 -110.77 -18.67
CA SER I 1566 45.44 -110.23 -17.34
C SER I 1566 45.90 -111.31 -16.37
N GLY I 1567 45.12 -112.38 -16.32
CA GLY I 1567 45.35 -113.45 -15.36
C GLY I 1567 44.17 -113.56 -14.42
N ASP I 1568 43.36 -112.51 -14.36
CA ASP I 1568 42.20 -112.52 -13.50
C ASP I 1568 41.02 -113.19 -14.21
N TYR I 1569 40.87 -114.49 -14.00
CA TYR I 1569 39.81 -115.23 -14.65
C TYR I 1569 38.55 -115.17 -13.81
N ASN I 1570 38.69 -114.57 -12.62
CA ASN I 1570 37.59 -114.38 -11.66
C ASN I 1570 36.19 -114.54 -12.28
N PRO I 1571 35.40 -115.50 -11.78
CA PRO I 1571 34.10 -115.85 -12.34
C PRO I 1571 33.13 -114.67 -12.37
N ILE I 1572 33.36 -113.70 -11.50
CA ILE I 1572 32.54 -112.50 -11.40
C ILE I 1572 32.33 -111.81 -12.74
N HIS I 1573 33.42 -111.64 -13.47
CA HIS I 1573 33.42 -110.85 -14.72
C HIS I 1573 33.00 -111.64 -15.96
N VAL I 1574 33.02 -112.97 -15.88
CA VAL I 1574 32.78 -113.77 -17.08
C VAL I 1574 31.49 -114.61 -17.03
N SER I 1575 31.33 -115.43 -15.99
CA SER I 1575 30.17 -116.32 -15.93
C SER I 1575 28.92 -115.59 -15.46
N ARG I 1576 27.78 -116.23 -15.69
CA ARG I 1576 26.50 -115.68 -15.24
C ARG I 1576 26.18 -116.14 -13.81
N VAL I 1577 26.23 -117.44 -13.58
CA VAL I 1577 25.83 -118.01 -12.30
C VAL I 1577 26.76 -117.61 -11.15
N PHE I 1578 28.05 -117.50 -11.43
CA PHE I 1578 28.99 -117.06 -10.40
C PHE I 1578 28.70 -115.64 -9.92
N SER I 1579 28.72 -114.68 -10.84
CA SER I 1579 28.39 -113.30 -10.50
C SER I 1579 27.01 -113.22 -9.84
N SER I 1580 26.03 -113.96 -10.37
CA SER I 1580 24.67 -113.96 -9.82
C SER I 1580 24.64 -114.36 -8.35
N TYR I 1581 25.57 -115.23 -7.95
CA TYR I 1581 25.60 -115.68 -6.56
C TYR I 1581 26.01 -114.54 -5.61
N ALA I 1582 26.87 -113.65 -6.10
CA ALA I 1582 27.41 -112.58 -5.25
C ALA I 1582 26.61 -111.28 -5.32
N ASN I 1583 25.39 -111.33 -5.85
CA ASN I 1583 24.50 -110.16 -5.91
C ASN I 1583 25.12 -109.01 -6.68
N LEU I 1584 25.35 -109.19 -7.97
CA LEU I 1584 25.89 -108.12 -8.78
C LEU I 1584 24.90 -107.73 -9.87
N PRO I 1585 25.08 -106.53 -10.46
CA PRO I 1585 24.33 -106.18 -11.65
C PRO I 1585 24.61 -107.19 -12.77
N GLY I 1586 25.69 -107.94 -12.64
CA GLY I 1586 25.97 -109.07 -13.51
C GLY I 1586 27.12 -108.85 -14.49
N THR I 1587 28.01 -109.82 -14.56
CA THR I 1587 29.09 -109.81 -15.55
C THR I 1587 29.82 -108.47 -15.55
N ILE I 1588 29.96 -107.89 -14.36
CA ILE I 1588 30.67 -106.64 -14.15
C ILE I 1588 31.96 -106.51 -14.96
N THR I 1589 32.11 -105.41 -15.71
CA THR I 1589 33.35 -105.16 -16.46
C THR I 1589 34.54 -105.18 -15.51
N HIS I 1590 35.71 -105.49 -16.05
CA HIS I 1590 36.91 -105.58 -15.22
C HIS I 1590 37.26 -104.25 -14.59
N GLY I 1591 37.38 -104.25 -13.26
CA GLY I 1591 37.79 -103.08 -12.52
C GLY I 1591 39.03 -102.47 -13.12
N MET I 1592 40.07 -103.29 -13.25
CA MET I 1592 41.34 -102.84 -13.79
C MET I 1592 41.28 -102.50 -15.28
N TYR I 1593 40.26 -103.00 -15.97
CA TYR I 1593 40.13 -102.72 -17.39
C TYR I 1593 39.75 -101.27 -17.62
N THR I 1594 38.70 -100.84 -16.92
CA THR I 1594 38.26 -99.46 -16.95
C THR I 1594 39.47 -98.58 -16.73
N SER I 1595 40.17 -98.81 -15.62
CA SER I 1595 41.39 -98.08 -15.29
C SER I 1595 42.35 -97.95 -16.46
N ALA I 1596 42.82 -99.10 -16.96
CA ALA I 1596 43.80 -99.14 -18.04
C ALA I 1596 43.34 -98.33 -19.25
N ALA I 1597 42.04 -98.35 -19.50
CA ALA I 1597 41.45 -97.69 -20.68
C ALA I 1597 41.52 -96.17 -20.59
N VAL I 1598 40.92 -95.60 -19.55
CA VAL I 1598 41.03 -94.17 -19.29
C VAL I 1598 42.49 -93.72 -19.16
N ARG I 1599 43.29 -94.58 -18.55
CA ARG I 1599 44.70 -94.29 -18.36
C ARG I 1599 45.42 -94.08 -19.69
N SER I 1600 44.92 -94.68 -20.76
CA SER I 1600 45.49 -94.46 -22.08
C SER I 1600 45.24 -93.03 -22.57
N LEU I 1601 44.02 -92.55 -22.34
CA LEU I 1601 43.66 -91.19 -22.71
C LEU I 1601 44.60 -90.25 -21.97
N VAL I 1602 44.82 -90.53 -20.68
CA VAL I 1602 45.71 -89.71 -19.87
C VAL I 1602 47.10 -89.65 -20.51
N GLU I 1603 47.49 -90.74 -21.14
CA GLU I 1603 48.78 -90.82 -21.81
C GLU I 1603 48.84 -89.97 -23.08
N THR I 1604 47.92 -90.23 -23.99
CA THR I 1604 47.90 -89.56 -25.27
C THR I 1604 47.50 -88.09 -25.12
N TRP I 1605 46.62 -87.81 -24.17
CA TRP I 1605 46.03 -86.48 -24.04
C TRP I 1605 46.83 -85.45 -23.24
N ALA I 1606 47.58 -85.92 -22.25
CA ALA I 1606 48.32 -85.03 -21.39
C ALA I 1606 49.80 -85.13 -21.69
N ALA I 1607 50.31 -86.35 -21.66
CA ALA I 1607 51.71 -86.62 -21.94
C ALA I 1607 51.97 -86.60 -23.43
N GLU I 1608 50.90 -86.40 -24.20
CA GLU I 1608 50.96 -86.43 -25.66
C GLU I 1608 51.95 -87.46 -26.21
N ASN I 1609 51.63 -88.74 -26.00
CA ASN I 1609 52.28 -89.86 -26.70
C ASN I 1609 53.60 -90.36 -26.13
N ASN I 1610 54.21 -89.61 -25.22
CA ASN I 1610 55.51 -89.98 -24.66
C ASN I 1610 55.40 -90.60 -23.28
N ILE I 1611 55.13 -91.90 -23.22
CA ILE I 1611 54.78 -92.60 -21.97
C ILE I 1611 55.64 -92.25 -20.77
N GLY I 1612 56.94 -92.07 -21.01
CA GLY I 1612 57.86 -91.73 -19.93
C GLY I 1612 57.29 -90.67 -19.00
N ARG I 1613 56.68 -89.64 -19.60
CA ARG I 1613 56.12 -88.54 -18.84
C ARG I 1613 55.21 -88.99 -17.70
N VAL I 1614 54.12 -89.67 -18.03
CA VAL I 1614 53.19 -90.15 -17.01
C VAL I 1614 53.89 -90.97 -15.93
N ARG I 1615 54.21 -90.30 -14.82
CA ARG I 1615 55.02 -90.89 -13.77
C ARG I 1615 54.16 -91.44 -12.63
N SER I 1616 52.88 -91.13 -12.67
CA SER I 1616 51.95 -91.62 -11.65
C SER I 1616 50.52 -91.62 -12.13
N TYR I 1617 49.76 -92.57 -11.61
CA TYR I 1617 48.37 -92.73 -11.97
C TYR I 1617 47.73 -93.43 -10.79
N HIS I 1618 46.60 -92.91 -10.34
CA HIS I 1618 45.91 -93.51 -9.22
C HIS I 1618 44.42 -93.32 -9.39
N VAL I 1619 43.67 -94.41 -9.30
CA VAL I 1619 42.23 -94.34 -9.50
C VAL I 1619 41.46 -95.02 -8.37
N ASN I 1620 40.37 -94.39 -7.96
CA ASN I 1620 39.38 -95.05 -7.13
C ASN I 1620 38.22 -95.44 -8.01
N MET I 1621 38.09 -96.74 -8.26
CA MET I 1621 36.92 -97.21 -8.96
C MET I 1621 35.77 -97.23 -7.96
N VAL I 1622 34.62 -96.71 -8.38
CA VAL I 1622 33.47 -96.59 -7.52
C VAL I 1622 32.24 -96.93 -8.32
N GLY I 1623 32.41 -96.94 -9.63
CA GLY I 1623 31.36 -97.29 -10.56
C GLY I 1623 31.56 -98.67 -11.13
N MET I 1624 30.63 -99.57 -10.79
CA MET I 1624 30.59 -100.88 -11.40
C MET I 1624 30.10 -100.74 -12.84
N VAL I 1625 31.02 -100.89 -13.79
CA VAL I 1625 30.70 -100.75 -15.20
C VAL I 1625 30.14 -102.06 -15.76
N LEU I 1626 28.93 -102.04 -16.31
CA LEU I 1626 28.43 -103.21 -17.03
C LEU I 1626 29.01 -103.20 -18.44
N PRO I 1627 29.02 -104.37 -19.09
CA PRO I 1627 29.58 -104.47 -20.45
C PRO I 1627 28.75 -103.72 -21.48
N ASN I 1628 29.43 -103.04 -22.39
CA ASN I 1628 28.81 -102.26 -23.47
C ASN I 1628 28.22 -100.93 -23.03
N ASP I 1629 28.64 -100.46 -21.84
CA ASP I 1629 28.25 -99.16 -21.35
C ASP I 1629 29.07 -98.10 -22.04
N ALA I 1630 28.54 -96.90 -22.08
CA ALA I 1630 29.30 -95.76 -22.57
C ALA I 1630 29.89 -95.04 -21.38
N ILE I 1631 31.21 -94.97 -21.34
CA ILE I 1631 31.89 -94.25 -20.27
C ILE I 1631 32.43 -92.91 -20.76
N THR I 1632 32.32 -91.88 -19.92
CA THR I 1632 32.67 -90.53 -20.31
C THR I 1632 33.80 -89.98 -19.46
N VAL I 1633 34.86 -89.53 -20.10
CA VAL I 1633 36.05 -89.09 -19.39
C VAL I 1633 36.35 -87.61 -19.57
N LYS I 1634 36.67 -86.95 -18.46
CA LYS I 1634 37.09 -85.55 -18.46
C LYS I 1634 38.49 -85.45 -17.89
N LEU I 1635 39.28 -84.53 -18.43
CA LEU I 1635 40.66 -84.39 -17.99
C LEU I 1635 41.03 -82.92 -17.76
N GLU I 1636 41.34 -82.60 -16.50
CA GLU I 1636 41.73 -81.25 -16.10
C GLU I 1636 43.19 -81.20 -15.65
N HIS I 1637 43.83 -80.04 -15.84
CA HIS I 1637 45.18 -79.81 -15.37
C HIS I 1637 45.11 -79.02 -14.07
N VAL I 1638 44.66 -79.67 -13.01
CA VAL I 1638 44.28 -78.98 -11.78
C VAL I 1638 45.44 -78.57 -10.87
N GLY I 1639 46.66 -79.02 -11.17
CA GLY I 1639 47.78 -78.70 -10.30
C GLY I 1639 49.18 -78.95 -10.83
N MET I 1640 50.16 -78.77 -9.94
CA MET I 1640 51.58 -78.95 -10.25
C MET I 1640 52.29 -79.53 -9.03
N ILE I 1641 53.20 -80.47 -9.26
CA ILE I 1641 54.09 -80.95 -8.20
C ILE I 1641 55.46 -81.26 -8.77
N ALA I 1642 56.50 -80.60 -8.25
CA ALA I 1642 57.88 -80.88 -8.66
C ALA I 1642 58.07 -80.93 -10.18
N GLY I 1643 57.57 -79.91 -10.88
CA GLY I 1643 57.70 -79.83 -12.32
C GLY I 1643 56.81 -80.77 -13.10
N ARG I 1644 55.87 -81.41 -12.40
CA ARG I 1644 54.96 -82.36 -13.01
C ARG I 1644 53.51 -81.87 -12.94
N LYS I 1645 52.79 -81.97 -14.06
CA LYS I 1645 51.39 -81.56 -14.11
C LYS I 1645 50.51 -82.58 -13.40
N ILE I 1646 49.74 -82.10 -12.43
CA ILE I 1646 48.72 -82.95 -11.83
C ILE I 1646 47.55 -82.94 -12.78
N ILE I 1647 46.88 -84.07 -12.92
CA ILE I 1647 45.76 -84.17 -13.85
C ILE I 1647 44.60 -84.94 -13.25
N LYS I 1648 43.57 -84.20 -12.86
CA LYS I 1648 42.36 -84.81 -12.34
C LYS I 1648 41.70 -85.60 -13.44
N VAL I 1649 41.31 -86.82 -13.11
CA VAL I 1649 40.65 -87.67 -14.07
C VAL I 1649 39.29 -88.07 -13.54
N ASP I 1650 38.28 -88.02 -14.40
CA ASP I 1650 36.92 -88.33 -14.00
C ASP I 1650 36.19 -89.10 -15.10
N ALA I 1651 35.71 -90.29 -14.77
CA ALA I 1651 34.97 -91.11 -15.73
C ALA I 1651 33.57 -91.41 -15.20
N ARG I 1652 32.55 -91.17 -16.02
CA ARG I 1652 31.18 -91.35 -15.56
C ARG I 1652 30.32 -92.15 -16.53
N ASN I 1653 29.24 -92.70 -15.97
CA ASN I 1653 28.22 -93.41 -16.74
C ASN I 1653 27.49 -92.43 -17.64
N LYS I 1654 27.66 -92.56 -18.96
CA LYS I 1654 27.10 -91.60 -19.90
C LYS I 1654 25.57 -91.44 -19.82
N ASP I 1655 24.89 -92.27 -19.03
CA ASP I 1655 23.42 -92.25 -19.00
C ASP I 1655 22.87 -91.81 -17.66
N THR I 1656 23.66 -91.99 -16.61
CA THR I 1656 23.23 -91.66 -15.24
C THR I 1656 24.24 -90.76 -14.51
N ASP I 1657 25.29 -90.38 -15.23
CA ASP I 1657 26.35 -89.52 -14.69
C ASP I 1657 26.83 -89.94 -13.31
N GLU I 1658 26.67 -91.22 -12.98
CA GLU I 1658 27.26 -91.76 -11.77
C GLU I 1658 28.73 -91.90 -12.04
N SER I 1659 29.55 -91.57 -11.05
CA SER I 1659 30.99 -91.68 -11.21
C SER I 1659 31.40 -93.14 -11.34
N VAL I 1660 32.40 -93.39 -12.17
CA VAL I 1660 32.97 -94.72 -12.34
C VAL I 1660 34.40 -94.73 -11.85
N LEU I 1661 35.18 -93.76 -12.32
CA LEU I 1661 36.54 -93.58 -11.86
C LEU I 1661 36.76 -92.17 -11.34
N GLN I 1662 37.71 -92.03 -10.44
CA GLN I 1662 38.12 -90.72 -9.96
C GLN I 1662 39.52 -90.80 -9.42
N GLY I 1663 40.44 -90.06 -10.04
CA GLY I 1663 41.82 -90.06 -9.57
C GLY I 1663 42.67 -89.02 -10.28
N GLU I 1664 43.90 -88.89 -9.79
CA GLU I 1664 44.85 -87.94 -10.33
C GLU I 1664 45.99 -88.66 -11.06
N ALA I 1665 46.66 -87.95 -11.96
CA ALA I 1665 47.79 -88.50 -12.68
C ALA I 1665 48.91 -87.48 -12.72
N GLU I 1666 50.09 -87.85 -12.22
CA GLU I 1666 51.23 -86.94 -12.21
C GLU I 1666 52.08 -87.06 -13.48
N VAL I 1667 51.58 -86.49 -14.56
CA VAL I 1667 52.26 -86.53 -15.87
C VAL I 1667 53.37 -85.48 -15.96
N GLU I 1668 54.45 -85.81 -16.68
CA GLU I 1668 55.56 -84.86 -16.85
C GLU I 1668 55.35 -83.84 -17.99
N GLN I 1669 55.80 -82.62 -17.73
CA GLN I 1669 55.64 -81.47 -18.61
C GLN I 1669 56.73 -81.53 -19.70
N PRO I 1670 56.42 -81.09 -20.94
CA PRO I 1670 57.27 -81.17 -22.16
C PRO I 1670 58.72 -80.70 -22.00
N VAL I 1671 59.61 -81.20 -22.87
CA VAL I 1671 61.05 -80.88 -22.89
C VAL I 1671 61.34 -79.38 -22.79
N THR I 1672 61.98 -78.96 -21.70
CA THR I 1672 62.22 -77.54 -21.47
C THR I 1672 63.70 -77.16 -21.45
N ALA I 1673 63.95 -75.88 -21.66
CA ALA I 1673 65.29 -75.31 -21.56
C ALA I 1673 65.19 -73.90 -20.99
N TYR I 1674 65.87 -73.66 -19.88
CA TYR I 1674 65.88 -72.33 -19.26
C TYR I 1674 67.15 -71.58 -19.64
N VAL I 1675 67.00 -70.35 -20.10
CA VAL I 1675 68.13 -69.53 -20.48
C VAL I 1675 68.05 -68.13 -19.88
N PHE I 1676 69.12 -67.73 -19.20
CA PHE I 1676 69.15 -66.47 -18.48
C PHE I 1676 69.93 -65.40 -19.23
N THR I 1677 69.26 -64.26 -19.46
CA THR I 1677 69.77 -63.15 -20.28
C THR I 1677 71.00 -62.45 -19.70
N GLY I 1678 71.79 -61.83 -20.58
CA GLY I 1678 73.00 -61.15 -20.17
C GLY I 1678 72.77 -59.65 -20.07
N GLN I 1679 73.86 -58.90 -19.86
CA GLN I 1679 73.80 -57.44 -19.71
C GLN I 1679 73.13 -56.74 -20.88
N GLY I 1680 72.73 -55.50 -20.68
CA GLY I 1680 72.10 -54.72 -21.72
C GLY I 1680 70.59 -54.54 -21.59
N SER I 1681 69.93 -55.52 -20.98
CA SER I 1681 68.47 -55.49 -20.84
C SER I 1681 67.99 -54.91 -19.50
N GLN I 1682 68.94 -54.42 -18.71
CA GLN I 1682 68.63 -53.84 -17.40
C GLN I 1682 67.74 -52.63 -17.53
N GLU I 1683 66.50 -52.76 -17.09
CA GLU I 1683 65.56 -51.65 -17.04
C GLU I 1683 65.36 -51.18 -15.61
N GLN I 1684 65.23 -49.88 -15.42
CA GLN I 1684 64.95 -49.32 -14.12
C GLN I 1684 63.76 -50.01 -13.46
N GLY I 1685 63.90 -50.34 -12.19
CA GLY I 1685 62.83 -50.94 -11.43
C GLY I 1685 62.44 -52.35 -11.84
N MET I 1686 63.31 -53.02 -12.59
CA MET I 1686 63.02 -54.37 -13.07
C MET I 1686 62.71 -55.37 -11.94
N GLY I 1687 61.67 -56.17 -12.13
CA GLY I 1687 61.30 -57.21 -11.19
C GLY I 1687 60.93 -56.74 -9.80
N MET I 1688 60.56 -55.45 -9.70
CA MET I 1688 60.12 -54.83 -8.44
C MET I 1688 58.63 -55.04 -8.18
N ASP I 1689 57.86 -55.10 -9.26
CA ASP I 1689 56.44 -55.44 -9.21
C ASP I 1689 56.27 -56.84 -8.61
N LEU I 1690 57.12 -57.75 -9.06
CA LEU I 1690 57.17 -59.14 -8.59
C LEU I 1690 57.68 -59.18 -7.14
N TYR I 1691 58.55 -58.24 -6.81
CA TYR I 1691 59.04 -58.07 -5.44
C TYR I 1691 57.86 -57.97 -4.48
N ALA I 1692 56.91 -57.08 -4.79
CA ALA I 1692 55.79 -56.79 -3.89
C ALA I 1692 54.81 -57.95 -3.78
N THR I 1693 54.62 -58.67 -4.88
CA THR I 1693 53.60 -59.70 -4.97
C THR I 1693 54.05 -61.11 -4.60
N SER I 1694 55.37 -61.30 -4.43
CA SER I 1694 55.89 -62.62 -4.06
C SER I 1694 56.73 -62.60 -2.80
N PRO I 1695 56.27 -63.29 -1.74
CA PRO I 1695 56.99 -63.37 -0.47
C PRO I 1695 58.31 -64.11 -0.66
N VAL I 1696 58.40 -64.88 -1.74
CA VAL I 1696 59.60 -65.62 -2.06
C VAL I 1696 60.66 -64.68 -2.60
N ALA I 1697 60.36 -64.11 -3.77
CA ALA I 1697 61.25 -63.16 -4.43
C ALA I 1697 61.65 -62.02 -3.49
N LYS I 1698 60.71 -61.64 -2.63
CA LYS I 1698 60.96 -60.59 -1.67
C LYS I 1698 62.22 -60.93 -0.88
N GLU I 1699 62.17 -62.06 -0.17
CA GLU I 1699 63.23 -62.46 0.74
C GLU I 1699 64.58 -62.56 0.04
N VAL I 1700 64.57 -63.01 -1.21
CA VAL I 1700 65.80 -63.09 -1.98
C VAL I 1700 66.46 -61.72 -2.02
N TRP I 1701 65.77 -60.76 -2.62
CA TRP I 1701 66.26 -59.39 -2.72
C TRP I 1701 66.72 -58.88 -1.36
N ASP I 1702 66.00 -59.29 -0.33
CA ASP I 1702 66.30 -58.82 1.01
C ASP I 1702 67.65 -59.34 1.47
N ARG I 1703 67.83 -60.67 1.44
CA ARG I 1703 69.09 -61.27 1.86
C ARG I 1703 70.25 -60.65 1.10
N ALA I 1704 69.96 -60.29 -0.14
CA ALA I 1704 70.94 -59.68 -1.01
C ALA I 1704 71.29 -58.31 -0.49
N ASP I 1705 70.26 -57.48 -0.33
CA ASP I 1705 70.44 -56.12 0.11
C ASP I 1705 71.13 -56.14 1.46
N LYS I 1706 70.51 -56.86 2.39
CA LYS I 1706 71.08 -57.05 3.73
C LYS I 1706 72.60 -57.16 3.64
N HIS I 1707 73.04 -58.01 2.72
CA HIS I 1707 74.46 -58.18 2.50
C HIS I 1707 75.10 -56.86 2.07
N PHE I 1708 74.81 -56.45 0.84
CA PHE I 1708 75.41 -55.25 0.22
C PHE I 1708 75.52 -54.05 1.12
N ARG I 1709 74.44 -53.75 1.84
CA ARG I 1709 74.39 -52.60 2.71
C ARG I 1709 75.43 -52.76 3.80
N GLU I 1710 75.40 -53.91 4.46
CA GLU I 1710 76.23 -54.16 5.64
C GLU I 1710 77.68 -54.49 5.31
N ASN I 1711 77.99 -54.61 4.02
CA ASN I 1711 79.33 -54.99 3.58
C ASN I 1711 79.99 -53.99 2.63
N TYR I 1712 79.24 -53.47 1.68
CA TYR I 1712 79.77 -52.51 0.74
C TYR I 1712 79.16 -51.13 0.93
N GLY I 1713 78.12 -51.06 1.75
CA GLY I 1713 77.60 -49.78 2.18
C GLY I 1713 76.64 -49.14 1.20
N PHE I 1714 75.95 -49.95 0.42
CA PHE I 1714 74.91 -49.44 -0.48
C PHE I 1714 73.81 -50.49 -0.63
N SER I 1715 72.73 -50.10 -1.30
CA SER I 1715 71.64 -51.03 -1.56
C SER I 1715 71.39 -51.19 -3.05
N ILE I 1716 71.39 -52.43 -3.53
CA ILE I 1716 71.15 -52.68 -4.95
C ILE I 1716 69.69 -52.44 -5.29
N ILE I 1717 68.83 -52.64 -4.31
CA ILE I 1717 67.40 -52.43 -4.50
C ILE I 1717 67.13 -50.97 -4.83
N ASP I 1718 67.73 -50.05 -4.06
CA ASP I 1718 67.65 -48.62 -4.34
C ASP I 1718 68.13 -48.32 -5.74
N ILE I 1719 69.37 -48.72 -6.02
CA ILE I 1719 69.97 -48.55 -7.33
C ILE I 1719 69.01 -49.00 -8.45
N VAL I 1720 68.32 -50.10 -8.20
CA VAL I 1720 67.34 -50.61 -9.16
C VAL I 1720 66.04 -49.82 -9.20
N LYS I 1721 65.41 -49.64 -8.05
CA LYS I 1721 64.17 -48.85 -7.96
C LYS I 1721 64.33 -47.49 -8.65
N ASN I 1722 64.99 -46.54 -7.98
CA ASN I 1722 65.36 -45.27 -8.63
C ASN I 1722 66.85 -45.28 -9.04
N ASN I 1723 67.15 -45.34 -10.37
CA ASN I 1723 68.55 -45.36 -10.87
C ASN I 1723 69.30 -44.06 -10.55
N PRO I 1724 70.33 -44.15 -9.68
CA PRO I 1724 71.14 -42.98 -9.31
C PRO I 1724 72.26 -42.75 -10.32
N LYS I 1725 72.45 -41.50 -10.75
CA LYS I 1725 73.58 -41.19 -11.61
C LYS I 1725 74.85 -41.20 -10.78
N GLU I 1726 74.67 -41.42 -9.48
CA GLU I 1726 75.75 -41.31 -8.51
C GLU I 1726 75.27 -41.80 -7.15
N LEU I 1727 76.17 -42.47 -6.43
CA LEU I 1727 75.83 -43.03 -5.13
C LEU I 1727 77.10 -43.19 -4.31
N THR I 1728 77.03 -42.84 -3.03
CA THR I 1728 78.19 -42.88 -2.18
C THR I 1728 77.93 -43.68 -0.90
N VAL I 1729 78.93 -44.46 -0.47
CA VAL I 1729 78.82 -45.24 0.77
C VAL I 1729 79.60 -44.54 1.89
N HIS I 1730 79.32 -44.89 3.14
CA HIS I 1730 79.98 -44.22 4.26
C HIS I 1730 80.47 -45.20 5.31
N PHE I 1731 81.74 -45.06 5.68
CA PHE I 1731 82.39 -46.00 6.61
C PHE I 1731 82.34 -45.49 8.06
N GLY I 1732 81.13 -45.47 8.61
CA GLY I 1732 80.86 -44.80 9.87
C GLY I 1732 81.42 -45.48 11.10
N GLY I 1733 80.54 -45.79 12.04
CA GLY I 1733 80.94 -46.33 13.33
C GLY I 1733 81.43 -47.75 13.22
N PRO I 1734 81.24 -48.54 14.29
CA PRO I 1734 81.60 -49.96 14.29
C PRO I 1734 81.29 -50.65 12.95
N ARG I 1735 80.01 -50.73 12.59
CA ARG I 1735 79.56 -51.42 11.35
C ARG I 1735 80.09 -50.76 10.08
N GLY I 1736 80.60 -49.55 10.20
CA GLY I 1736 81.11 -48.78 9.06
C GLY I 1736 82.56 -49.08 8.78
N LYS I 1737 83.35 -49.20 9.84
CA LYS I 1737 84.77 -49.51 9.70
C LYS I 1737 84.96 -50.86 9.00
N ILE I 1738 84.10 -51.83 9.34
CA ILE I 1738 84.18 -53.17 8.79
C ILE I 1738 83.89 -53.19 7.29
N ILE I 1739 83.24 -52.14 6.80
CA ILE I 1739 82.88 -52.06 5.38
C ILE I 1739 84.08 -51.66 4.54
N ARG I 1740 84.73 -50.57 4.94
CA ARG I 1740 85.91 -50.11 4.21
C ARG I 1740 86.97 -51.18 4.24
N GLN I 1741 86.85 -52.09 5.21
CA GLN I 1741 87.74 -53.24 5.30
C GLN I 1741 87.64 -54.07 4.02
N ASN I 1742 86.41 -54.29 3.55
CA ASN I 1742 86.18 -55.02 2.31
C ASN I 1742 86.62 -54.26 1.08
N TYR I 1743 86.45 -52.95 1.10
CA TYR I 1743 86.91 -52.10 -0.01
C TYR I 1743 88.43 -52.12 -0.09
N MET I 1744 89.06 -52.22 1.07
CA MET I 1744 90.52 -52.32 1.16
C MET I 1744 91.02 -53.69 0.71
N SER I 1745 90.33 -54.74 1.15
CA SER I 1745 90.68 -56.12 0.82
C SER I 1745 90.19 -56.56 -0.57
N MET I 1746 90.27 -55.65 -1.54
CA MET I 1746 89.93 -55.95 -2.92
C MET I 1746 91.19 -56.01 -3.78
N THR I 1747 91.59 -57.24 -4.12
CA THR I 1747 92.86 -57.50 -4.80
C THR I 1747 92.68 -57.55 -6.31
N PHE I 1748 93.72 -57.16 -7.05
CA PHE I 1748 93.63 -56.98 -8.49
C PHE I 1748 94.97 -57.33 -9.15
N GLU I 1749 94.94 -58.19 -10.16
CA GLU I 1749 96.18 -58.77 -10.71
C GLU I 1749 96.58 -58.25 -12.10
N THR I 1750 97.81 -57.75 -12.18
CA THR I 1750 98.45 -57.35 -13.43
C THR I 1750 99.97 -57.49 -13.30
N VAL I 1751 100.57 -58.37 -14.11
CA VAL I 1751 102.01 -58.64 -14.05
C VAL I 1751 102.83 -57.67 -14.93
N ASN I 1752 104.08 -57.43 -14.53
CA ASN I 1752 105.02 -56.60 -15.29
C ASN I 1752 105.52 -57.31 -16.56
N ALA I 1753 106.03 -56.52 -17.52
CA ALA I 1753 106.57 -57.06 -18.78
C ALA I 1753 107.92 -57.78 -18.59
N ASP I 1754 108.33 -57.94 -17.33
CA ASP I 1754 109.52 -58.72 -16.97
C ASP I 1754 109.19 -59.95 -16.08
N GLY I 1755 107.90 -60.15 -15.80
CA GLY I 1755 107.45 -61.31 -15.04
C GLY I 1755 107.44 -61.12 -13.54
N SER I 1756 106.74 -60.11 -13.05
CA SER I 1756 106.49 -59.94 -11.61
C SER I 1756 105.02 -59.59 -11.34
N ILE I 1757 104.37 -60.39 -10.49
CA ILE I 1757 102.94 -60.25 -10.22
C ILE I 1757 102.58 -59.03 -9.37
N LYS I 1758 102.08 -57.97 -10.02
CA LYS I 1758 101.60 -56.80 -9.28
C LYS I 1758 100.23 -57.11 -8.68
N THR I 1759 100.15 -57.05 -7.35
CA THR I 1759 98.88 -57.14 -6.64
C THR I 1759 98.45 -55.73 -6.20
N GLU I 1760 97.36 -55.23 -6.79
CA GLU I 1760 96.92 -53.83 -6.63
C GLU I 1760 95.51 -53.67 -6.06
N LYS I 1761 95.27 -52.53 -5.43
CA LYS I 1761 93.95 -52.24 -4.91
C LYS I 1761 93.00 -51.87 -6.03
N ILE I 1762 91.74 -52.24 -5.86
CA ILE I 1762 90.70 -51.89 -6.82
C ILE I 1762 90.17 -50.51 -6.48
N PHE I 1763 90.04 -50.28 -5.17
CA PHE I 1763 89.61 -48.98 -4.65
C PHE I 1763 90.84 -48.26 -4.13
N LYS I 1764 91.53 -47.58 -5.04
CA LYS I 1764 92.85 -47.07 -4.75
C LYS I 1764 92.80 -46.01 -3.66
N GLU I 1765 91.72 -45.25 -3.62
CA GLU I 1765 91.60 -44.12 -2.69
C GLU I 1765 91.14 -44.54 -1.30
N VAL I 1766 90.90 -45.83 -1.09
CA VAL I 1766 90.46 -46.30 0.21
C VAL I 1766 91.62 -46.74 1.11
N ASP I 1767 91.80 -46.04 2.22
CA ASP I 1767 92.74 -46.43 3.26
C ASP I 1767 92.02 -46.43 4.61
N GLU I 1768 92.77 -46.29 5.70
CA GLU I 1768 92.16 -46.30 7.03
C GLU I 1768 91.96 -44.87 7.56
N ASN I 1769 92.02 -43.91 6.63
CA ASN I 1769 91.69 -42.53 6.92
C ASN I 1769 90.57 -42.07 6.01
N SER I 1770 89.91 -43.04 5.38
CA SER I 1770 88.83 -42.77 4.42
C SER I 1770 87.46 -42.93 5.06
N THR I 1771 86.63 -41.89 4.93
CA THR I 1771 85.29 -41.87 5.50
C THR I 1771 84.24 -42.36 4.51
N SER I 1772 84.55 -42.30 3.22
CA SER I 1772 83.55 -42.55 2.20
C SER I 1772 84.12 -42.77 0.81
N TYR I 1773 83.52 -43.70 0.07
CA TYR I 1773 83.81 -43.88 -1.34
C TYR I 1773 82.58 -43.53 -2.17
N THR I 1774 82.80 -43.08 -3.40
CA THR I 1774 81.70 -42.71 -4.27
C THR I 1774 81.78 -43.37 -5.65
N TYR I 1775 80.68 -44.04 -6.04
CA TYR I 1775 80.52 -44.53 -7.40
C TYR I 1775 79.83 -43.43 -8.23
N ARG I 1776 80.06 -43.43 -9.55
CA ARG I 1776 79.41 -42.47 -10.44
C ARG I 1776 79.23 -43.04 -11.84
N SER I 1777 78.29 -42.45 -12.58
CA SER I 1777 78.09 -42.76 -14.00
C SER I 1777 77.04 -41.80 -14.51
N PRO I 1778 77.38 -41.02 -15.56
CA PRO I 1778 76.48 -40.03 -16.14
C PRO I 1778 75.20 -40.67 -16.71
N SER I 1779 75.25 -41.97 -16.95
CA SER I 1779 74.15 -42.70 -17.58
C SER I 1779 73.30 -43.49 -16.59
N GLY I 1780 73.51 -43.27 -15.29
CA GLY I 1780 72.85 -44.02 -14.24
C GLY I 1780 73.74 -45.13 -13.71
N LEU I 1781 73.67 -45.37 -12.41
CA LEU I 1781 74.51 -46.40 -11.77
C LEU I 1781 74.04 -47.80 -12.13
N LEU I 1782 72.80 -47.91 -12.60
CA LEU I 1782 72.26 -49.19 -13.05
C LEU I 1782 72.77 -49.45 -14.46
N SER I 1783 73.77 -48.67 -14.85
CA SER I 1783 74.36 -48.74 -16.17
C SER I 1783 75.77 -49.36 -16.07
N ALA I 1784 76.58 -48.87 -15.12
CA ALA I 1784 77.91 -49.44 -14.89
C ALA I 1784 77.77 -50.80 -14.21
N THR I 1785 78.61 -51.76 -14.65
CA THR I 1785 78.38 -53.18 -14.33
C THR I 1785 78.49 -53.63 -12.86
N GLN I 1786 79.40 -53.05 -12.07
CA GLN I 1786 79.55 -53.47 -10.68
C GLN I 1786 78.16 -53.57 -10.03
N PHE I 1787 77.27 -52.67 -10.44
CA PHE I 1787 75.88 -52.68 -10.00
C PHE I 1787 74.96 -53.43 -10.97
N THR I 1788 74.97 -53.01 -12.24
CA THR I 1788 74.18 -53.64 -13.30
C THR I 1788 74.11 -55.15 -13.17
N GLN I 1789 75.27 -55.79 -12.99
CA GLN I 1789 75.35 -57.25 -12.96
C GLN I 1789 74.59 -57.90 -11.81
N PRO I 1790 74.98 -57.59 -10.55
CA PRO I 1790 74.28 -58.18 -9.41
C PRO I 1790 72.78 -57.97 -9.51
N ALA I 1791 72.36 -56.83 -10.07
CA ALA I 1791 70.94 -56.53 -10.27
C ALA I 1791 70.25 -57.56 -11.15
N LEU I 1792 70.76 -57.76 -12.36
CA LEU I 1792 70.18 -58.72 -13.29
C LEU I 1792 70.19 -60.12 -12.67
N THR I 1793 71.28 -60.46 -12.01
CA THR I 1793 71.39 -61.74 -11.32
C THR I 1793 70.23 -61.95 -10.35
N LEU I 1794 70.03 -60.97 -9.46
CA LEU I 1794 68.94 -60.99 -8.48
C LEU I 1794 67.59 -61.21 -9.13
N MET I 1795 67.20 -60.32 -10.03
CA MET I 1795 65.88 -60.35 -10.65
C MET I 1795 65.59 -61.74 -11.23
N GLU I 1796 66.64 -62.38 -11.73
CA GLU I 1796 66.47 -63.70 -12.31
C GLU I 1796 66.34 -64.77 -11.24
N LYS I 1797 67.30 -64.83 -10.34
CA LYS I 1797 67.28 -65.79 -9.24
C LYS I 1797 65.94 -65.74 -8.50
N ALA I 1798 65.50 -64.52 -8.20
CA ALA I 1798 64.21 -64.29 -7.57
C ALA I 1798 63.10 -64.86 -8.44
N SER I 1799 63.00 -64.35 -9.68
CA SER I 1799 61.98 -64.77 -10.62
C SER I 1799 61.87 -66.29 -10.74
N PHE I 1800 63.02 -66.94 -10.91
CA PHE I 1800 63.09 -68.39 -11.05
C PHE I 1800 62.71 -69.10 -9.76
N GLU I 1801 63.29 -68.63 -8.67
CA GLU I 1801 63.00 -69.19 -7.37
C GLU I 1801 61.50 -69.12 -7.06
N ASP I 1802 60.80 -68.19 -7.71
CA ASP I 1802 59.37 -68.09 -7.53
C ASP I 1802 58.68 -69.24 -8.24
N MET I 1803 59.02 -69.43 -9.50
CA MET I 1803 58.41 -70.51 -10.28
C MET I 1803 58.65 -71.81 -9.53
N ARG I 1804 59.87 -71.95 -9.03
CA ARG I 1804 60.23 -73.12 -8.26
C ARG I 1804 59.19 -73.31 -7.18
N SER I 1805 58.81 -72.20 -6.57
CA SER I 1805 57.82 -72.19 -5.49
C SER I 1805 56.43 -72.64 -5.93
N LYS I 1806 56.04 -72.31 -7.17
CA LYS I 1806 54.75 -72.76 -7.70
C LYS I 1806 54.87 -74.18 -8.23
N GLY I 1807 56.11 -74.64 -8.38
CA GLY I 1807 56.39 -76.01 -8.77
C GLY I 1807 56.46 -76.20 -10.28
N LEU I 1808 57.12 -75.27 -10.97
CA LEU I 1808 57.14 -75.27 -12.42
C LEU I 1808 58.47 -75.73 -12.96
N VAL I 1809 59.48 -75.74 -12.09
CA VAL I 1809 60.82 -76.15 -12.49
C VAL I 1809 60.88 -77.64 -12.81
N GLN I 1810 61.45 -77.97 -13.97
CA GLN I 1810 61.51 -79.34 -14.44
C GLN I 1810 62.77 -80.07 -13.94
N ARG I 1811 62.60 -81.27 -13.39
CA ARG I 1811 63.72 -82.09 -12.91
C ARG I 1811 64.83 -82.26 -13.96
N ASP I 1812 64.41 -82.56 -15.17
CA ASP I 1812 65.33 -82.99 -16.21
C ASP I 1812 65.26 -82.01 -17.38
N SER I 1813 65.97 -80.88 -17.25
CA SER I 1813 65.99 -79.92 -18.34
C SER I 1813 67.33 -79.20 -18.42
N THR I 1814 67.50 -78.43 -19.49
CA THR I 1814 68.74 -77.74 -19.76
C THR I 1814 68.72 -76.35 -19.15
N PHE I 1815 69.90 -75.79 -18.94
CA PHE I 1815 70.01 -74.41 -18.51
C PHE I 1815 71.34 -73.80 -18.91
N ALA I 1816 71.28 -72.59 -19.45
CA ALA I 1816 72.49 -71.88 -19.85
C ALA I 1816 72.29 -70.38 -19.64
N GLY I 1817 73.40 -69.65 -19.56
CA GLY I 1817 73.35 -68.21 -19.48
C GLY I 1817 74.20 -67.58 -20.55
N HIS I 1818 74.03 -66.28 -20.76
CA HIS I 1818 74.85 -65.53 -21.72
C HIS I 1818 75.61 -64.41 -21.02
N SER I 1819 76.94 -64.44 -21.12
CA SER I 1819 77.81 -63.52 -20.40
C SER I 1819 77.55 -63.64 -18.90
N LEU I 1820 76.82 -62.67 -18.36
CA LEU I 1820 76.46 -62.72 -16.95
C LEU I 1820 75.53 -63.91 -16.65
N GLY I 1821 74.52 -64.11 -17.50
CA GLY I 1821 73.48 -65.10 -17.28
C GLY I 1821 73.95 -66.48 -16.85
N GLU I 1822 75.19 -66.81 -17.22
CA GLU I 1822 75.77 -68.09 -16.86
C GLU I 1822 75.91 -68.23 -15.34
N TYR I 1823 76.34 -67.16 -14.68
CA TYR I 1823 76.51 -67.18 -13.24
C TYR I 1823 75.17 -67.38 -12.51
N SER I 1824 74.21 -66.50 -12.80
CA SER I 1824 72.88 -66.60 -12.21
C SER I 1824 72.31 -67.98 -12.53
N ALA I 1825 72.35 -68.36 -13.80
CA ALA I 1825 71.89 -69.67 -14.25
C ALA I 1825 72.31 -70.76 -13.29
N LEU I 1826 73.61 -70.83 -13.04
CA LEU I 1826 74.18 -71.84 -12.16
C LEU I 1826 73.45 -71.87 -10.84
N VAL I 1827 73.46 -70.74 -10.14
CA VAL I 1827 72.84 -70.62 -8.82
C VAL I 1827 71.32 -70.84 -8.87
N ALA I 1828 70.75 -70.62 -10.06
CA ALA I 1828 69.32 -70.73 -10.26
C ALA I 1828 68.85 -72.17 -10.03
N LEU I 1829 69.42 -73.09 -10.80
CA LEU I 1829 68.98 -74.48 -10.82
C LEU I 1829 69.89 -75.39 -10.00
N ALA I 1830 71.18 -75.09 -10.00
CA ALA I 1830 72.13 -75.74 -9.11
C ALA I 1830 72.42 -74.84 -7.91
N ASP I 1831 72.61 -75.43 -6.74
CA ASP I 1831 72.94 -74.62 -5.57
C ASP I 1831 74.42 -74.30 -5.54
N VAL I 1832 74.91 -73.73 -6.65
CA VAL I 1832 76.34 -73.46 -6.84
C VAL I 1832 76.92 -72.66 -5.68
N MET I 1833 76.09 -71.80 -5.10
CA MET I 1833 76.50 -70.99 -3.98
C MET I 1833 75.30 -70.21 -3.40
N PRO I 1834 75.36 -69.90 -2.10
CA PRO I 1834 74.38 -69.02 -1.44
C PRO I 1834 74.33 -67.66 -2.13
N ILE I 1835 73.16 -67.03 -2.10
CA ILE I 1835 72.92 -65.87 -2.94
C ILE I 1835 73.83 -64.67 -2.61
N GLU I 1836 74.23 -64.56 -1.34
CA GLU I 1836 75.14 -63.48 -0.93
C GLU I 1836 76.51 -63.69 -1.55
N SER I 1837 76.92 -64.94 -1.66
CA SER I 1837 78.16 -65.26 -2.35
C SER I 1837 78.03 -64.86 -3.82
N LEU I 1838 76.89 -65.21 -4.40
CA LEU I 1838 76.64 -64.94 -5.81
C LEU I 1838 76.83 -63.46 -6.16
N VAL I 1839 76.11 -62.58 -5.47
CA VAL I 1839 76.19 -61.15 -5.73
C VAL I 1839 77.60 -60.61 -5.52
N SER I 1840 78.25 -61.07 -4.47
CA SER I 1840 79.64 -60.72 -4.20
C SER I 1840 80.50 -61.08 -5.41
N VAL I 1841 80.54 -62.38 -5.70
CA VAL I 1841 81.21 -62.88 -6.89
C VAL I 1841 81.01 -61.94 -8.07
N VAL I 1842 79.75 -61.78 -8.46
CA VAL I 1842 79.40 -60.98 -9.64
C VAL I 1842 79.75 -59.49 -9.55
N PHE I 1843 79.63 -58.92 -8.35
CA PHE I 1843 80.04 -57.54 -8.10
C PHE I 1843 81.53 -57.39 -8.36
N TYR I 1844 82.31 -58.40 -7.94
CA TYR I 1844 83.74 -58.45 -8.18
C TYR I 1844 84.01 -58.55 -9.69
N ARG I 1845 83.35 -59.51 -10.33
CA ARG I 1845 83.45 -59.71 -11.78
C ARG I 1845 83.30 -58.40 -12.55
N GLY I 1846 82.28 -57.62 -12.20
CA GLY I 1846 82.04 -56.34 -12.84
C GLY I 1846 83.17 -55.36 -12.61
N LEU I 1847 83.73 -55.37 -11.41
CA LEU I 1847 84.87 -54.52 -11.07
C LEU I 1847 86.12 -54.86 -11.91
N THR I 1848 86.55 -56.13 -11.88
CA THR I 1848 87.74 -56.53 -12.63
C THR I 1848 87.53 -56.33 -14.11
N MET I 1849 86.29 -56.47 -14.56
CA MET I 1849 85.94 -56.23 -15.97
C MET I 1849 86.14 -54.77 -16.36
N GLN I 1850 85.97 -53.86 -15.42
CA GLN I 1850 86.07 -52.44 -15.71
C GLN I 1850 87.49 -51.90 -15.55
N VAL I 1851 88.23 -52.52 -14.64
CA VAL I 1851 89.61 -52.11 -14.34
C VAL I 1851 90.60 -52.59 -15.40
N ALA I 1852 90.20 -53.60 -16.16
CA ALA I 1852 91.06 -54.19 -17.19
C ALA I 1852 91.63 -53.14 -18.14
N VAL I 1853 90.74 -52.28 -18.69
CA VAL I 1853 91.11 -51.26 -19.69
C VAL I 1853 91.65 -49.97 -19.06
N GLU I 1854 92.34 -49.18 -19.86
CA GLU I 1854 92.85 -47.88 -19.44
C GLU I 1854 92.20 -46.73 -20.23
N ARG I 1855 92.00 -45.62 -19.53
CA ARG I 1855 91.48 -44.40 -20.12
C ARG I 1855 92.19 -43.16 -19.60
N ASP I 1856 91.94 -42.02 -20.24
CA ASP I 1856 92.54 -40.75 -19.84
C ASP I 1856 91.61 -39.97 -18.91
N GLU I 1857 91.81 -38.65 -18.85
CA GLU I 1857 91.08 -37.78 -17.95
C GLU I 1857 89.66 -37.49 -18.42
N GLN I 1858 89.48 -37.42 -19.74
CA GLN I 1858 88.18 -37.10 -20.33
C GLN I 1858 87.22 -38.28 -20.21
N GLY I 1859 87.76 -39.44 -19.88
CA GLY I 1859 86.98 -40.67 -19.86
C GLY I 1859 87.39 -41.56 -21.01
N ARG I 1860 87.70 -40.92 -22.15
CA ARG I 1860 88.23 -41.59 -23.36
C ARG I 1860 88.90 -42.94 -23.06
N SER I 1861 88.26 -44.02 -23.50
CA SER I 1861 88.81 -45.37 -23.34
C SER I 1861 89.62 -45.75 -24.57
N ASN I 1862 90.37 -46.83 -24.46
CA ASN I 1862 91.21 -47.26 -25.58
C ASN I 1862 90.46 -48.13 -26.59
N TYR I 1863 89.69 -49.10 -26.09
CA TYR I 1863 88.99 -50.07 -26.94
C TYR I 1863 87.47 -49.78 -27.00
N ALA I 1864 86.76 -50.61 -27.77
CA ALA I 1864 85.30 -50.49 -27.90
C ALA I 1864 84.73 -51.69 -28.64
N MET I 1865 83.42 -51.93 -28.49
CA MET I 1865 82.80 -53.09 -29.10
C MET I 1865 81.77 -52.72 -30.17
N CYS I 1866 81.46 -53.68 -31.02
CA CYS I 1866 80.63 -53.41 -32.19
C CYS I 1866 80.03 -54.67 -32.82
N ALA I 1867 78.74 -54.59 -33.15
CA ALA I 1867 78.00 -55.70 -33.73
C ALA I 1867 78.16 -55.77 -35.24
N VAL I 1868 78.04 -56.98 -35.80
CA VAL I 1868 78.19 -57.16 -37.25
C VAL I 1868 77.18 -58.15 -37.85
N ASN I 1869 76.57 -57.73 -38.96
CA ASN I 1869 75.56 -58.52 -39.68
C ASN I 1869 76.07 -58.98 -41.07
N PRO I 1870 76.68 -60.18 -41.15
CA PRO I 1870 77.19 -60.72 -42.43
C PRO I 1870 76.12 -60.85 -43.52
N SER I 1871 74.84 -60.76 -43.14
CA SER I 1871 73.73 -60.80 -44.08
C SER I 1871 73.69 -59.54 -44.95
N ARG I 1872 74.31 -58.47 -44.45
CA ARG I 1872 74.29 -57.17 -45.14
C ARG I 1872 75.54 -56.88 -45.99
N ILE I 1873 76.42 -57.88 -46.13
CA ILE I 1873 77.52 -57.81 -47.09
C ILE I 1873 77.10 -58.49 -48.39
N SER I 1874 77.02 -59.82 -48.34
CA SER I 1874 76.60 -60.64 -49.46
C SER I 1874 75.97 -61.91 -48.89
N PRO I 1875 74.90 -62.41 -49.52
CA PRO I 1875 74.27 -63.68 -49.09
C PRO I 1875 75.24 -64.88 -49.15
N THR I 1876 76.38 -64.71 -49.80
CA THR I 1876 77.41 -65.75 -49.84
C THR I 1876 78.27 -65.72 -48.58
N PHE I 1877 78.40 -64.53 -47.99
CA PHE I 1877 79.30 -64.25 -46.87
C PHE I 1877 79.09 -65.12 -45.62
N THR I 1878 79.98 -66.09 -45.43
CA THR I 1878 79.87 -67.09 -44.37
C THR I 1878 80.20 -66.51 -42.98
N GLU I 1879 79.88 -67.26 -41.93
CA GLU I 1879 80.44 -67.03 -40.61
C GLU I 1879 81.98 -67.02 -40.70
N GLN I 1880 82.53 -68.01 -41.42
CA GLN I 1880 83.98 -68.15 -41.57
C GLN I 1880 84.63 -67.07 -42.42
N ALA I 1881 83.82 -66.39 -43.24
CA ALA I 1881 84.27 -65.24 -44.03
C ALA I 1881 84.51 -64.02 -43.14
N LEU I 1882 83.65 -63.84 -42.14
CA LEU I 1882 83.77 -62.75 -41.16
C LEU I 1882 84.96 -62.99 -40.22
N GLN I 1883 85.21 -64.26 -39.87
CA GLN I 1883 86.36 -64.62 -39.06
C GLN I 1883 87.65 -64.29 -39.82
N TYR I 1884 87.70 -64.69 -41.09
CA TYR I 1884 88.87 -64.48 -41.94
C TYR I 1884 89.21 -62.99 -42.14
N VAL I 1885 88.20 -62.18 -42.48
CA VAL I 1885 88.38 -60.73 -42.56
C VAL I 1885 89.01 -60.18 -41.27
N VAL I 1886 88.56 -60.71 -40.13
CA VAL I 1886 89.00 -60.26 -38.81
C VAL I 1886 90.38 -60.80 -38.39
N GLU I 1887 90.51 -62.12 -38.35
CA GLU I 1887 91.77 -62.78 -38.00
C GLU I 1887 92.94 -62.24 -38.81
N ASN I 1888 92.67 -61.91 -40.08
CA ASN I 1888 93.64 -61.26 -40.97
C ASN I 1888 93.99 -59.84 -40.52
N ILE I 1889 92.96 -58.99 -40.39
CA ILE I 1889 93.14 -57.63 -39.91
C ILE I 1889 93.87 -57.60 -38.58
N ALA I 1890 93.80 -58.72 -37.86
CA ALA I 1890 94.41 -58.86 -36.52
C ALA I 1890 95.95 -58.89 -36.51
N GLU I 1891 96.54 -59.81 -37.26
CA GLU I 1891 97.99 -59.98 -37.29
C GLU I 1891 98.64 -59.14 -38.39
N VAL I 1892 97.82 -58.57 -39.26
CA VAL I 1892 98.27 -57.69 -40.35
C VAL I 1892 98.50 -56.24 -39.87
N THR I 1893 97.49 -55.67 -39.21
CA THR I 1893 97.61 -54.31 -38.67
C THR I 1893 98.11 -54.30 -37.21
N GLY I 1894 98.33 -55.48 -36.65
CA GLY I 1894 98.97 -55.64 -35.35
C GLY I 1894 98.21 -55.19 -34.13
N TRP I 1895 96.96 -54.77 -34.30
CA TRP I 1895 96.12 -54.33 -33.19
C TRP I 1895 95.36 -55.48 -32.58
N LEU I 1896 94.42 -55.15 -31.69
CA LEU I 1896 93.57 -56.16 -31.07
C LEU I 1896 92.18 -56.14 -31.69
N LEU I 1897 91.71 -57.31 -32.11
CA LEU I 1897 90.42 -57.45 -32.78
C LEU I 1897 90.01 -58.92 -32.89
N GLU I 1898 88.86 -59.27 -32.31
CA GLU I 1898 88.34 -60.64 -32.32
C GLU I 1898 86.81 -60.67 -32.24
N ILE I 1899 86.22 -61.67 -32.87
CA ILE I 1899 84.80 -61.93 -32.67
C ILE I 1899 84.62 -62.39 -31.22
N VAL I 1900 83.91 -61.58 -30.47
CA VAL I 1900 83.70 -61.83 -29.06
C VAL I 1900 82.39 -62.58 -28.85
N ASN I 1901 81.36 -62.20 -29.60
CA ASN I 1901 80.05 -62.83 -29.50
C ASN I 1901 79.65 -63.59 -30.76
N TYR I 1902 79.08 -64.77 -30.58
CA TYR I 1902 78.50 -65.55 -31.68
C TYR I 1902 77.01 -65.81 -31.39
N ASN I 1903 76.16 -64.96 -31.95
CA ASN I 1903 74.75 -64.93 -31.56
C ASN I 1903 73.80 -65.67 -32.51
N VAL I 1904 73.66 -65.17 -33.72
CA VAL I 1904 72.83 -65.82 -34.73
C VAL I 1904 73.69 -66.23 -35.93
N ALA I 1905 73.35 -67.37 -36.54
CA ALA I 1905 74.17 -68.04 -37.55
C ALA I 1905 74.63 -67.16 -38.70
N ASN I 1906 73.84 -66.14 -39.01
CA ASN I 1906 74.18 -65.27 -40.13
C ASN I 1906 74.01 -63.80 -39.78
N MET I 1907 73.29 -63.54 -38.70
CA MET I 1907 72.69 -62.23 -38.52
C MET I 1907 73.27 -61.41 -37.36
N GLN I 1908 73.91 -62.06 -36.40
CA GLN I 1908 74.36 -61.34 -35.22
C GLN I 1908 75.71 -61.82 -34.70
N TYR I 1909 76.77 -61.06 -35.01
CA TYR I 1909 78.10 -61.30 -34.45
C TYR I 1909 78.62 -60.02 -33.81
N VAL I 1910 79.56 -60.16 -32.90
CA VAL I 1910 80.08 -58.98 -32.20
C VAL I 1910 81.59 -59.06 -32.00
N ALA I 1911 82.28 -57.98 -32.35
CA ALA I 1911 83.72 -57.94 -32.24
C ALA I 1911 84.19 -56.81 -31.33
N ALA I 1912 85.23 -57.11 -30.55
CA ALA I 1912 85.84 -56.12 -29.67
C ALA I 1912 87.22 -55.72 -30.22
N GLY I 1913 87.93 -54.88 -29.48
CA GLY I 1913 89.30 -54.53 -29.81
C GLY I 1913 89.59 -53.05 -29.91
N ASP I 1914 90.76 -52.73 -30.46
CA ASP I 1914 91.19 -51.34 -30.67
C ASP I 1914 90.18 -50.53 -31.52
N LEU I 1915 90.11 -49.21 -31.30
CA LEU I 1915 89.22 -48.31 -32.07
C LEU I 1915 89.52 -48.33 -33.55
N ARG I 1916 90.80 -48.44 -33.88
CA ARG I 1916 91.26 -48.51 -35.26
C ARG I 1916 91.03 -49.91 -35.87
N ALA I 1917 91.11 -50.95 -35.03
CA ALA I 1917 90.86 -52.33 -35.46
C ALA I 1917 89.38 -52.58 -35.72
N LEU I 1918 88.52 -51.72 -35.16
CA LEU I 1918 87.09 -51.72 -35.45
C LEU I 1918 86.79 -50.73 -36.58
N ASP I 1919 87.81 -49.94 -36.93
CA ASP I 1919 87.68 -48.94 -37.99
C ASP I 1919 88.20 -49.45 -39.33
N THR I 1920 89.14 -50.39 -39.26
CA THR I 1920 89.69 -51.06 -40.45
C THR I 1920 88.80 -52.24 -40.86
N LEU I 1921 88.16 -52.85 -39.86
CA LEU I 1921 87.19 -53.91 -40.09
C LEU I 1921 85.83 -53.30 -40.45
N ALA I 1922 85.61 -52.05 -40.03
CA ALA I 1922 84.44 -51.30 -40.46
C ALA I 1922 84.59 -50.96 -41.96
N ASN I 1923 85.80 -50.54 -42.34
CA ASN I 1923 86.15 -50.23 -43.73
C ASN I 1923 86.04 -51.41 -44.69
N VAL I 1924 86.81 -52.47 -44.43
CA VAL I 1924 86.90 -53.65 -45.31
C VAL I 1924 85.53 -54.22 -45.73
N LEU I 1925 84.54 -54.13 -44.84
CA LEU I 1925 83.19 -54.65 -45.11
C LEU I 1925 82.36 -53.70 -45.99
N ASN I 1926 82.64 -52.41 -45.90
CA ASN I 1926 82.04 -51.39 -46.76
C ASN I 1926 82.54 -51.53 -48.19
N ILE I 1927 83.81 -51.90 -48.31
CA ILE I 1927 84.45 -52.22 -49.58
C ILE I 1927 83.81 -53.46 -50.20
N LEU I 1928 83.82 -54.58 -49.46
CA LEU I 1928 83.34 -55.87 -49.95
C LEU I 1928 81.82 -55.92 -50.16
N LYS I 1929 81.10 -55.03 -49.49
CA LYS I 1929 79.66 -54.87 -49.68
C LYS I 1929 79.39 -54.15 -51.00
N MET I 1930 80.08 -53.03 -51.20
CA MET I 1930 79.91 -52.21 -52.38
C MET I 1930 80.68 -52.73 -53.59
N GLN I 1931 81.52 -53.74 -53.34
CA GLN I 1931 82.31 -54.40 -54.38
C GLN I 1931 81.55 -55.63 -54.87
N LYS I 1932 80.44 -55.94 -54.20
CA LYS I 1932 79.53 -57.02 -54.59
C LYS I 1932 80.25 -58.38 -54.72
N ILE I 1933 81.07 -58.72 -53.72
CA ILE I 1933 81.92 -59.92 -53.83
C ILE I 1933 81.24 -61.25 -53.49
N ASP I 1934 81.90 -62.33 -53.90
CA ASP I 1934 81.48 -63.70 -53.63
C ASP I 1934 82.76 -64.48 -53.29
N ILE I 1935 82.91 -64.86 -52.02
CA ILE I 1935 84.15 -65.53 -51.57
C ILE I 1935 84.16 -67.03 -51.89
N GLN I 1936 83.02 -67.55 -52.35
CA GLN I 1936 82.91 -68.93 -52.83
C GLN I 1936 83.46 -69.07 -54.25
N ALA I 1937 83.09 -68.10 -55.12
CA ALA I 1937 83.62 -68.02 -56.48
C ALA I 1937 85.08 -67.56 -56.51
N LEU I 1938 85.52 -66.88 -55.45
CA LEU I 1938 86.89 -66.38 -55.33
C LEU I 1938 87.84 -67.36 -54.62
N MET I 1939 87.30 -68.50 -54.19
CA MET I 1939 88.09 -69.55 -53.56
C MET I 1939 88.38 -70.71 -54.54
N GLN I 1940 87.69 -70.68 -55.67
CA GLN I 1940 87.91 -71.61 -56.78
C GLN I 1940 88.70 -70.93 -57.90
N SER I 1941 88.45 -69.62 -58.09
CA SER I 1941 89.19 -68.80 -59.06
C SER I 1941 90.61 -68.55 -58.57
N MET I 1942 90.73 -67.86 -57.43
CA MET I 1942 92.03 -67.60 -56.83
C MET I 1942 92.29 -68.59 -55.69
N SER I 1943 93.54 -69.02 -55.53
CA SER I 1943 93.89 -69.88 -54.42
C SER I 1943 93.71 -69.17 -53.08
N LEU I 1944 94.18 -69.80 -52.02
CA LEU I 1944 94.06 -69.26 -50.68
C LEU I 1944 94.96 -68.04 -50.51
N GLU I 1945 96.16 -68.12 -51.09
CA GLU I 1945 97.16 -67.05 -51.00
C GLU I 1945 96.80 -65.82 -51.83
N ASP I 1946 95.94 -66.03 -52.83
CA ASP I 1946 95.62 -65.01 -53.82
C ASP I 1946 94.57 -64.03 -53.31
N VAL I 1947 93.59 -64.56 -52.57
CA VAL I 1947 92.60 -63.76 -51.87
C VAL I 1947 93.13 -63.31 -50.51
N ARG I 1948 94.11 -64.05 -49.97
CA ARG I 1948 94.80 -63.69 -48.72
C ARG I 1948 95.76 -62.51 -48.91
N ALA I 1949 96.53 -62.56 -50.00
CA ALA I 1949 97.42 -61.46 -50.38
C ALA I 1949 96.62 -60.32 -51.04
N HIS I 1950 95.41 -60.64 -51.49
CA HIS I 1950 94.46 -59.65 -52.00
C HIS I 1950 93.82 -58.86 -50.83
N LEU I 1951 93.71 -59.53 -49.68
CA LEU I 1951 93.20 -58.92 -48.44
C LEU I 1951 94.24 -58.05 -47.76
N VAL I 1952 95.46 -58.56 -47.63
CA VAL I 1952 96.57 -57.79 -47.04
C VAL I 1952 96.76 -56.46 -47.78
N GLU I 1953 96.16 -56.37 -48.97
CA GLU I 1953 96.06 -55.11 -49.72
C GLU I 1953 95.02 -54.16 -49.12
N ILE I 1954 93.75 -54.56 -49.21
CA ILE I 1954 92.65 -53.75 -48.69
C ILE I 1954 92.80 -53.44 -47.19
N ILE I 1955 93.53 -54.29 -46.46
CA ILE I 1955 93.78 -54.08 -45.04
C ILE I 1955 94.67 -52.86 -44.78
N GLN I 1956 95.89 -52.90 -45.31
CA GLN I 1956 96.85 -51.78 -45.17
C GLN I 1956 96.31 -50.47 -45.75
N GLU I 1957 95.53 -50.56 -46.83
CA GLU I 1957 94.85 -49.40 -47.41
C GLU I 1957 93.94 -48.77 -46.38
N CYS I 1958 92.90 -49.52 -45.98
CA CYS I 1958 91.90 -49.06 -45.03
C CYS I 1958 92.51 -48.79 -43.65
N ARG I 1959 93.74 -49.27 -43.45
CA ARG I 1959 94.46 -49.12 -42.19
C ARG I 1959 95.01 -47.70 -41.99
N LYS I 1960 95.87 -47.29 -42.91
CA LYS I 1960 96.56 -46.01 -42.79
C LYS I 1960 95.62 -44.80 -43.00
N GLN I 1961 94.39 -45.09 -43.45
CA GLN I 1961 93.34 -44.08 -43.56
C GLN I 1961 92.77 -43.76 -42.19
N THR I 1962 92.64 -44.81 -41.38
CA THR I 1962 92.17 -44.68 -40.00
C THR I 1962 93.28 -44.12 -39.09
N GLU I 1963 94.53 -44.31 -39.48
CA GLU I 1963 95.69 -43.88 -38.68
C GLU I 1963 95.93 -42.36 -38.75
N ALA I 1964 95.77 -41.80 -39.95
CA ALA I 1964 95.93 -40.37 -40.17
C ALA I 1964 94.74 -39.58 -39.61
N LYS I 1965 93.59 -40.24 -39.50
CA LYS I 1965 92.43 -39.66 -38.83
C LYS I 1965 92.69 -39.52 -37.32
N PRO I 1966 91.88 -38.68 -36.63
CA PRO I 1966 92.09 -38.36 -35.20
C PRO I 1966 92.50 -39.58 -34.34
N GLN I 1967 93.29 -39.34 -33.29
CA GLN I 1967 93.82 -40.42 -32.44
C GLN I 1967 92.76 -41.23 -31.67
N PRO I 1968 91.74 -40.57 -31.08
CA PRO I 1968 90.61 -41.34 -30.57
C PRO I 1968 89.51 -41.44 -31.66
N VAL I 1969 89.44 -42.59 -32.33
CA VAL I 1969 88.50 -42.76 -33.44
C VAL I 1969 87.05 -42.96 -32.98
N GLN I 1970 86.18 -41.98 -33.24
CA GLN I 1970 84.74 -42.16 -32.97
C GLN I 1970 84.11 -43.05 -34.05
N LEU I 1971 84.16 -44.35 -33.82
CA LEU I 1971 83.65 -45.36 -34.74
C LEU I 1971 82.17 -45.19 -35.02
N GLU I 1972 81.79 -45.35 -36.29
CA GLU I 1972 80.42 -45.07 -36.70
C GLU I 1972 79.76 -46.21 -37.47
N ARG I 1973 78.48 -46.02 -37.75
CA ARG I 1973 77.61 -47.04 -38.34
C ARG I 1973 77.91 -47.28 -39.83
N GLY I 1974 78.33 -48.50 -40.15
CA GLY I 1974 78.57 -48.90 -41.53
C GLY I 1974 77.38 -49.60 -42.15
N PHE I 1975 77.66 -50.62 -42.98
CA PHE I 1975 76.60 -51.42 -43.60
C PHE I 1975 76.07 -52.46 -42.63
N ALA I 1976 76.99 -53.18 -42.00
CA ALA I 1976 76.67 -54.19 -40.99
C ALA I 1976 77.36 -53.84 -39.68
N THR I 1977 78.19 -52.80 -39.72
CA THR I 1977 79.01 -52.36 -38.60
C THR I 1977 78.31 -51.31 -37.74
N ILE I 1978 77.52 -51.76 -36.76
CA ILE I 1978 76.87 -50.84 -35.82
C ILE I 1978 77.48 -50.98 -34.42
N PRO I 1979 78.33 -50.01 -34.03
CA PRO I 1979 79.06 -50.06 -32.76
C PRO I 1979 78.14 -50.02 -31.54
N LEU I 1980 78.53 -50.73 -30.49
CA LEU I 1980 77.74 -50.78 -29.27
C LEU I 1980 78.13 -49.65 -28.33
N ARG I 1981 77.22 -48.69 -28.20
CA ARG I 1981 77.46 -47.51 -27.36
C ARG I 1981 77.42 -47.83 -25.86
N GLY I 1982 78.57 -47.64 -25.19
CA GLY I 1982 78.65 -47.86 -23.75
C GLY I 1982 79.53 -49.02 -23.36
N ILE I 1983 80.59 -49.27 -24.13
CA ILE I 1983 81.53 -50.34 -23.80
C ILE I 1983 83.00 -49.90 -23.89
N ASP I 1984 83.67 -49.86 -22.74
CA ASP I 1984 85.07 -49.47 -22.67
C ASP I 1984 86.00 -50.67 -22.86
N VAL I 1985 85.64 -51.77 -22.20
CA VAL I 1985 86.52 -52.93 -22.11
C VAL I 1985 86.16 -54.00 -23.18
N PRO I 1986 87.18 -54.64 -23.83
CA PRO I 1986 87.00 -55.74 -24.80
C PRO I 1986 86.87 -57.06 -24.04
N PHE I 1987 85.67 -57.35 -23.54
CA PHE I 1987 85.48 -58.59 -22.78
C PHE I 1987 85.09 -59.78 -23.67
N HIS I 1988 85.33 -60.98 -23.16
CA HIS I 1988 85.17 -62.22 -23.90
C HIS I 1988 86.22 -62.33 -25.02
N SER I 1989 87.45 -61.92 -24.68
CA SER I 1989 88.57 -61.95 -25.61
C SER I 1989 89.86 -62.32 -24.87
N THR I 1990 90.98 -62.42 -25.59
CA THR I 1990 92.27 -62.79 -24.98
C THR I 1990 92.72 -61.76 -23.93
N PHE I 1991 92.28 -60.51 -24.13
CA PHE I 1991 92.72 -59.40 -23.29
C PHE I 1991 92.54 -59.67 -21.80
N LEU I 1992 91.31 -60.01 -21.43
CA LEU I 1992 90.96 -60.24 -20.04
C LEU I 1992 91.57 -61.54 -19.49
N ARG I 1993 92.52 -62.11 -20.22
CA ARG I 1993 93.16 -63.34 -19.79
C ARG I 1993 93.98 -63.03 -18.53
N SER I 1994 94.47 -61.80 -18.45
CA SER I 1994 95.29 -61.32 -17.34
C SER I 1994 94.62 -61.50 -15.97
N GLY I 1995 93.44 -60.90 -15.81
CA GLY I 1995 92.72 -60.92 -14.55
C GLY I 1995 91.96 -62.21 -14.24
N VAL I 1996 92.20 -63.26 -15.02
CA VAL I 1996 91.59 -64.56 -14.76
C VAL I 1996 92.19 -65.19 -13.49
N LYS I 1997 93.40 -64.75 -13.15
CA LYS I 1997 94.11 -65.24 -11.98
C LYS I 1997 93.43 -64.92 -10.64
N PRO I 1998 93.16 -63.62 -10.36
CA PRO I 1998 92.52 -63.20 -9.10
C PRO I 1998 91.07 -63.67 -8.98
N PHE I 1999 90.32 -63.54 -10.07
CA PHE I 1999 88.92 -63.92 -10.09
C PHE I 1999 88.74 -65.39 -9.72
N ARG I 2000 89.68 -66.22 -10.15
CA ARG I 2000 89.60 -67.64 -9.81
C ARG I 2000 89.72 -67.84 -8.30
N SER I 2001 90.80 -67.31 -7.73
CA SER I 2001 91.06 -67.45 -6.31
C SER I 2001 89.94 -66.84 -5.47
N PHE I 2002 89.18 -65.93 -6.08
CA PHE I 2002 88.02 -65.34 -5.41
C PHE I 2002 86.83 -66.31 -5.44
N LEU I 2003 86.62 -66.95 -6.60
CA LEU I 2003 85.57 -67.95 -6.78
C LEU I 2003 85.73 -69.12 -5.81
N LEU I 2004 86.96 -69.34 -5.39
CA LEU I 2004 87.31 -70.45 -4.50
C LEU I 2004 87.00 -70.08 -3.07
N LYS I 2005 87.03 -68.78 -2.82
CA LYS I 2005 86.61 -68.23 -1.53
C LYS I 2005 85.10 -68.32 -1.39
N LYS I 2006 84.40 -68.07 -2.51
CA LYS I 2006 82.95 -67.95 -2.52
C LYS I 2006 82.21 -69.30 -2.72
N ILE I 2007 82.84 -70.23 -3.45
CA ILE I 2007 82.24 -71.54 -3.65
C ILE I 2007 82.85 -72.58 -2.73
N ASN I 2008 82.00 -73.43 -2.17
CA ASN I 2008 82.44 -74.52 -1.31
C ASN I 2008 82.18 -75.88 -1.98
N LYS I 2009 83.21 -76.74 -2.00
CA LYS I 2009 83.08 -78.09 -2.55
C LYS I 2009 81.85 -78.78 -2.01
N THR I 2010 81.70 -78.72 -0.68
CA THR I 2010 80.59 -79.32 0.06
C THR I 2010 79.22 -79.01 -0.55
N THR I 2011 79.01 -77.73 -0.87
CA THR I 2011 77.74 -77.19 -1.38
C THR I 2011 77.31 -77.78 -2.73
N ILE I 2012 78.28 -78.33 -3.47
CA ILE I 2012 78.02 -78.74 -4.84
C ILE I 2012 77.48 -80.16 -5.01
N ASP I 2013 76.46 -80.26 -5.85
CA ASP I 2013 75.96 -81.53 -6.35
C ASP I 2013 76.48 -81.73 -7.77
N PRO I 2014 77.32 -82.76 -7.95
CA PRO I 2014 77.72 -83.05 -9.33
C PRO I 2014 76.42 -83.26 -10.10
N SER I 2015 75.53 -84.05 -9.53
CA SER I 2015 74.27 -84.48 -10.15
C SER I 2015 73.47 -83.39 -10.84
N LYS I 2016 73.59 -82.16 -10.35
CA LYS I 2016 72.81 -81.04 -10.88
C LYS I 2016 73.33 -80.48 -12.23
N LEU I 2017 74.64 -80.32 -12.35
CA LEU I 2017 75.24 -79.86 -13.61
C LEU I 2017 75.76 -81.00 -14.49
N ILE I 2018 75.74 -82.24 -13.96
CA ILE I 2018 76.36 -83.40 -14.62
C ILE I 2018 76.14 -83.50 -16.12
N GLY I 2019 74.94 -83.14 -16.58
CA GLY I 2019 74.65 -83.19 -17.99
C GLY I 2019 73.60 -82.19 -18.40
N LYS I 2020 73.37 -81.20 -17.55
CA LYS I 2020 72.28 -80.24 -17.74
C LYS I 2020 72.79 -78.82 -18.05
N TYR I 2021 73.99 -78.51 -17.59
CA TYR I 2021 74.52 -77.16 -17.66
C TYR I 2021 75.39 -76.93 -18.89
N ILE I 2022 75.01 -75.94 -19.70
CA ILE I 2022 75.78 -75.58 -20.90
C ILE I 2022 76.56 -74.27 -20.69
N PRO I 2023 77.89 -74.37 -20.52
CA PRO I 2023 78.80 -73.22 -20.37
C PRO I 2023 78.88 -72.31 -21.62
N ASN I 2024 79.84 -71.39 -21.62
CA ASN I 2024 80.06 -70.51 -22.77
C ASN I 2024 81.40 -70.80 -23.45
N VAL I 2025 82.26 -71.51 -22.74
CA VAL I 2025 83.53 -71.93 -23.30
C VAL I 2025 83.29 -73.27 -23.98
N THR I 2026 82.55 -74.16 -23.32
CA THR I 2026 82.21 -75.47 -23.88
C THR I 2026 80.75 -75.51 -24.33
N ALA I 2027 80.49 -75.26 -25.61
CA ALA I 2027 79.12 -75.21 -26.12
C ALA I 2027 78.33 -76.52 -25.99
N LYS I 2028 78.97 -77.56 -25.45
CA LYS I 2028 78.28 -78.83 -25.22
C LYS I 2028 78.14 -79.11 -23.72
N PRO I 2029 77.06 -79.80 -23.33
CA PRO I 2029 76.68 -80.13 -21.95
C PRO I 2029 77.82 -80.50 -21.00
N PHE I 2030 77.90 -79.75 -19.91
CA PHE I 2030 78.91 -79.94 -18.87
C PHE I 2030 78.96 -81.42 -18.49
N GLU I 2031 80.08 -82.06 -18.81
CA GLU I 2031 80.30 -83.45 -18.43
C GLU I 2031 81.55 -83.55 -17.56
N ILE I 2032 81.60 -84.59 -16.72
CA ILE I 2032 82.71 -84.74 -15.78
C ILE I 2032 83.86 -85.59 -16.31
N SER I 2033 83.62 -86.28 -17.43
CA SER I 2033 84.60 -87.21 -18.03
C SER I 2033 86.01 -86.61 -18.20
N LYS I 2034 87.02 -87.48 -18.26
CA LYS I 2034 88.42 -87.05 -18.45
C LYS I 2034 88.65 -86.47 -19.83
N GLU I 2035 87.78 -86.83 -20.77
CA GLU I 2035 87.87 -86.37 -22.16
C GLU I 2035 87.38 -84.94 -22.24
N TYR I 2036 86.52 -84.56 -21.30
CA TYR I 2036 85.99 -83.20 -21.23
C TYR I 2036 87.07 -82.21 -20.77
N PHE I 2037 87.88 -82.63 -19.79
CA PHE I 2037 88.98 -81.80 -19.29
C PHE I 2037 89.97 -81.50 -20.41
N GLU I 2038 89.93 -82.36 -21.44
CA GLU I 2038 90.79 -82.21 -22.61
C GLU I 2038 90.19 -81.21 -23.58
N GLU I 2039 88.86 -81.20 -23.66
CA GLU I 2039 88.14 -80.20 -24.46
C GLU I 2039 88.22 -78.83 -23.78
N VAL I 2040 88.31 -78.86 -22.44
CA VAL I 2040 88.45 -77.66 -21.63
C VAL I 2040 89.87 -77.12 -21.66
N HIS I 2041 90.82 -78.03 -21.47
CA HIS I 2041 92.22 -77.68 -21.47
C HIS I 2041 92.71 -77.19 -22.84
N ARG I 2042 92.14 -77.78 -23.89
CA ARG I 2042 92.45 -77.36 -25.27
C ARG I 2042 92.11 -75.89 -25.45
N LEU I 2043 90.96 -75.50 -24.89
CA LEU I 2043 90.44 -74.15 -25.05
C LEU I 2043 91.02 -73.18 -24.04
N THR I 2044 91.28 -73.67 -22.83
CA THR I 2044 91.63 -72.80 -21.70
C THR I 2044 93.10 -72.88 -21.24
N GLY I 2045 93.54 -74.10 -20.93
CA GLY I 2045 94.87 -74.29 -20.38
C GLY I 2045 94.90 -74.10 -18.87
N SER I 2046 93.93 -74.71 -18.19
CA SER I 2046 93.85 -74.64 -16.73
C SER I 2046 94.92 -75.52 -16.08
N PRO I 2047 95.89 -74.88 -15.41
CA PRO I 2047 96.98 -75.61 -14.75
C PRO I 2047 96.47 -76.58 -13.69
N LYS I 2048 95.26 -76.33 -13.18
CA LYS I 2048 94.62 -77.24 -12.25
C LYS I 2048 94.03 -78.43 -13.00
N ILE I 2049 93.73 -78.20 -14.28
CA ILE I 2049 93.21 -79.26 -15.16
C ILE I 2049 94.30 -80.18 -15.73
N ALA I 2050 95.44 -79.63 -16.11
CA ALA I 2050 96.56 -80.44 -16.59
C ALA I 2050 97.02 -81.35 -15.46
N ASN I 2051 97.07 -80.77 -14.26
CA ASN I 2051 97.43 -81.46 -13.03
C ASN I 2051 96.41 -82.51 -12.57
N ILE I 2052 95.13 -82.25 -12.82
CA ILE I 2052 94.04 -83.19 -12.50
C ILE I 2052 93.71 -84.15 -13.66
N LEU I 2053 94.31 -83.88 -14.82
CA LEU I 2053 94.25 -84.79 -15.97
C LEU I 2053 95.39 -85.80 -15.92
N ALA I 2054 96.53 -85.36 -15.36
CA ALA I 2054 97.71 -86.21 -15.13
C ALA I 2054 97.42 -87.30 -14.08
N ASN I 2055 96.74 -86.92 -13.00
CA ASN I 2055 96.37 -87.87 -11.94
C ASN I 2055 95.17 -88.74 -12.29
N TRP I 2056 94.63 -88.60 -13.50
CA TRP I 2056 93.29 -89.11 -13.84
C TRP I 2056 92.93 -90.50 -13.29
N ASP I 2057 93.94 -91.37 -13.21
CA ASP I 2057 93.81 -92.70 -12.65
C ASP I 2057 93.35 -92.64 -11.19
N LYS I 2058 94.09 -91.87 -10.41
CA LYS I 2058 93.73 -91.54 -9.03
C LYS I 2058 92.21 -91.39 -8.77
N TYR I 2059 91.44 -91.04 -9.81
CA TYR I 2059 90.01 -90.71 -9.64
C TYR I 2059 89.05 -91.85 -9.99
N GLU I 2060 89.60 -93.03 -10.23
CA GLU I 2060 88.85 -94.25 -10.53
C GLU I 2060 87.40 -94.05 -10.98
N GLN J 1 31.40 115.38 68.91
CA GLN J 1 30.35 116.29 68.46
C GLN J 1 29.61 115.82 67.21
N SER J 2 30.36 115.42 66.18
CA SER J 2 29.75 115.10 64.89
C SER J 2 30.49 113.98 64.14
N LEU J 3 30.16 112.73 64.47
CA LEU J 3 30.74 111.56 63.81
C LEU J 3 29.68 110.47 63.54
N ARG J 4 29.62 110.02 62.28
CA ARG J 4 28.62 109.06 61.86
C ARG J 4 29.15 108.03 60.86
N PRO J 5 29.30 106.78 61.34
CA PRO J 5 29.76 105.60 60.59
C PRO J 5 28.88 105.23 59.37
N LEU J 6 29.41 105.46 58.16
CA LEU J 6 28.76 105.05 56.91
C LEU J 6 29.53 103.93 56.19
N VAL J 7 28.88 102.79 55.98
CA VAL J 7 29.56 101.65 55.35
C VAL J 7 29.09 101.41 53.91
N LEU J 8 30.04 101.30 52.99
CA LEU J 8 29.75 100.85 51.62
C LEU J 8 29.99 99.35 51.49
N THR J 9 28.90 98.60 51.57
CA THR J 9 28.93 97.14 51.66
C THR J 9 28.54 96.48 50.33
N HIS J 10 29.23 95.39 49.98
CA HIS J 10 28.95 94.68 48.73
C HIS J 10 29.75 93.39 48.62
N GLY J 11 29.05 92.30 48.30
CA GLY J 11 29.68 90.99 48.07
C GLY J 11 30.72 90.63 49.11
N SER J 12 31.98 90.94 48.78
CA SER J 12 33.11 90.64 49.67
C SER J 12 34.04 91.83 49.91
N LEU J 13 33.59 93.02 49.51
CA LEU J 13 34.36 94.24 49.71
C LEU J 13 33.53 95.34 50.40
N GLU J 14 34.15 95.99 51.38
CA GLU J 14 33.49 97.07 52.12
C GLU J 14 34.38 98.29 52.27
N PHE J 15 33.76 99.45 52.41
CA PHE J 15 34.49 100.66 52.76
C PHE J 15 33.78 101.46 53.85
N SER J 16 34.53 101.77 54.92
CA SER J 16 34.00 102.54 56.04
C SER J 16 34.21 104.05 55.88
N PHE J 17 33.31 104.82 56.47
CA PHE J 17 33.25 106.25 56.20
C PHE J 17 32.97 107.05 57.47
N LEU J 18 33.49 108.29 57.53
CA LEU J 18 33.14 109.22 58.61
C LEU J 18 32.37 110.45 58.11
N VAL J 19 31.19 110.64 58.69
CA VAL J 19 30.20 111.59 58.21
C VAL J 19 29.82 112.57 59.33
N PRO J 20 29.54 113.84 58.98
CA PRO J 20 28.94 114.70 60.01
C PRO J 20 27.58 114.14 60.46
N THR J 21 27.27 114.29 61.74
CA THR J 21 25.99 113.85 62.31
C THR J 21 24.81 114.41 61.51
N SER J 22 24.91 115.69 61.18
CA SER J 22 23.91 116.38 60.37
C SER J 22 23.68 115.73 58.99
N LEU J 23 24.73 115.66 58.18
CA LEU J 23 24.65 115.16 56.81
C LEU J 23 24.83 113.65 56.75
N HIS J 24 24.08 112.91 57.57
CA HIS J 24 24.22 111.47 57.59
C HIS J 24 23.11 110.70 56.87
N PHE J 25 21.95 111.34 56.66
CA PHE J 25 20.89 110.70 55.87
C PHE J 25 20.91 111.09 54.38
N GLN J 26 21.56 112.20 54.06
CA GLN J 26 21.82 112.49 52.65
C GLN J 26 22.82 111.48 52.12
N ALA J 27 23.83 111.19 52.93
CA ALA J 27 24.86 110.21 52.61
C ALA J 27 24.36 108.75 52.74
N ALA J 28 23.34 108.55 53.59
CA ALA J 28 22.66 107.26 53.68
C ALA J 28 21.83 107.00 52.43
N GLN J 29 21.14 108.04 51.92
CA GLN J 29 20.29 107.95 50.72
C GLN J 29 21.04 107.64 49.43
N LEU J 30 22.16 108.33 49.22
CA LEU J 30 23.02 108.10 48.05
C LEU J 30 23.64 106.70 48.09
N LYS J 31 24.02 106.26 49.29
CA LYS J 31 24.52 104.90 49.50
C LYS J 31 23.44 103.84 49.22
N ASP J 32 22.21 104.12 49.68
CA ASP J 32 21.08 103.17 49.59
C ASP J 32 20.65 102.87 48.15
N SER J 33 20.29 103.91 47.41
CA SER J 33 19.87 103.75 46.02
C SER J 33 21.03 103.35 45.11
N PHE J 34 22.26 103.48 45.63
CA PHE J 34 23.48 103.11 44.91
C PHE J 34 23.83 101.60 45.01
N LEU J 35 23.40 100.97 46.10
CA LEU J 35 23.63 99.55 46.31
C LEU J 35 22.52 98.72 45.62
N ALA J 36 21.67 99.44 44.87
CA ALA J 36 20.66 98.84 44.01
C ALA J 36 21.07 99.01 42.55
N THR J 37 21.90 100.03 42.29
CA THR J 37 22.48 100.29 40.98
C THR J 37 23.40 99.12 40.57
N LEU J 38 24.01 98.50 41.58
CA LEU J 38 24.88 97.35 41.38
C LEU J 38 24.05 96.07 41.21
N PRO J 39 24.55 95.11 40.40
CA PRO J 39 23.82 93.85 40.21
C PRO J 39 24.09 92.93 41.39
N GLN J 40 23.21 91.95 41.59
CA GLN J 40 23.34 90.99 42.67
C GLN J 40 24.80 90.59 42.89
N PRO J 41 25.28 90.68 44.16
CA PRO J 41 26.69 90.44 44.49
C PRO J 41 27.19 89.07 44.04
N THR J 42 28.49 89.00 43.77
CA THR J 42 29.10 87.75 43.34
C THR J 42 30.24 87.36 44.30
N GLU J 43 30.07 86.21 44.96
CA GLU J 43 31.05 85.68 45.90
C GLU J 43 32.24 85.06 45.16
N GLU J 44 32.17 85.09 43.83
CA GLU J 44 33.26 84.68 42.94
C GLU J 44 34.20 85.87 42.72
N LEU J 45 33.92 86.94 43.45
CA LEU J 45 34.83 88.09 43.62
C LEU J 45 34.92 89.08 42.43
N ALA J 46 34.05 88.93 41.43
CA ALA J 46 34.01 89.88 40.33
C ALA J 46 32.82 89.65 39.41
N GLN J 47 32.36 90.74 38.80
CA GLN J 47 31.38 90.68 37.71
C GLN J 47 31.90 91.51 36.53
N ASP J 48 31.45 91.18 35.32
CA ASP J 48 31.86 91.95 34.14
C ASP J 48 31.24 93.36 34.18
N ASP J 49 32.13 94.36 34.23
CA ASP J 49 31.76 95.78 34.29
C ASP J 49 30.95 96.20 35.52
N GLU J 50 31.14 95.45 36.62
CA GLU J 50 30.64 95.80 37.95
C GLU J 50 31.85 95.89 38.89
N PRO J 51 31.63 96.07 40.22
CA PRO J 51 32.83 96.26 41.06
C PRO J 51 33.90 95.15 40.94
N SER J 52 35.17 95.54 41.03
CA SER J 52 36.29 94.59 40.98
C SER J 52 37.23 94.75 42.16
N SER J 53 37.26 95.96 42.73
CA SER J 53 38.09 96.27 43.88
C SER J 53 37.27 97.15 44.83
N VAL J 54 37.87 97.51 45.98
CA VAL J 54 37.28 98.49 46.90
C VAL J 54 37.50 99.90 46.33
N VAL J 55 38.51 100.04 45.48
CA VAL J 55 38.79 101.32 44.82
C VAL J 55 37.67 101.67 43.83
N GLU J 56 36.90 100.65 43.43
CA GLU J 56 35.80 100.80 42.46
C GLU J 56 34.47 101.08 43.11
N LEU J 57 34.32 100.64 44.36
CA LEU J 57 33.11 100.88 45.14
C LEU J 57 32.96 102.37 45.45
N VAL J 58 34.08 103.01 45.79
CA VAL J 58 34.10 104.44 46.08
C VAL J 58 34.05 105.25 44.80
N ALA J 59 34.80 104.81 43.79
CA ALA J 59 34.79 105.47 42.50
C ALA J 59 33.39 105.48 41.88
N ARG J 60 32.71 104.32 41.94
CA ARG J 60 31.35 104.21 41.42
C ARG J 60 30.37 105.10 42.18
N TYR J 61 30.65 105.30 43.46
CA TYR J 61 29.80 106.11 44.32
C TYR J 61 30.04 107.60 44.12
N ILE J 62 31.30 107.97 43.85
CA ILE J 62 31.69 109.38 43.63
C ILE J 62 31.00 109.96 42.40
N ALA J 63 30.90 109.14 41.35
CA ALA J 63 30.23 109.53 40.11
C ALA J 63 28.71 109.39 40.23
N PHE J 64 28.27 108.49 41.10
CA PHE J 64 26.85 108.32 41.38
C PHE J 64 26.28 109.60 42.02
N VAL J 65 26.96 110.08 43.05
CA VAL J 65 26.56 111.28 43.79
C VAL J 65 26.74 112.54 42.97
N ALA J 66 27.92 112.69 42.37
CA ALA J 66 28.25 113.85 41.56
C ALA J 66 27.30 114.00 40.36
N HIS J 67 26.66 112.90 39.96
CA HIS J 67 25.66 112.91 38.90
C HIS J 67 24.32 113.47 39.41
N GLU J 68 23.99 113.18 40.67
CA GLU J 68 22.77 113.66 41.30
C GLU J 68 22.88 115.12 41.79
N VAL J 69 24.08 115.66 41.75
CA VAL J 69 24.30 117.09 42.02
C VAL J 69 23.88 117.89 40.78
N ASP J 70 24.39 117.47 39.62
CA ASP J 70 24.10 118.12 38.34
C ASP J 70 22.74 117.72 37.80
N GLU J 71 22.18 116.64 38.35
CA GLU J 71 20.82 116.24 38.02
C GLU J 71 19.87 117.24 38.67
N GLY J 72 18.72 117.47 38.05
CA GLY J 72 17.78 118.50 38.48
C GLY J 72 16.97 118.21 39.73
N ASP J 73 17.64 117.75 40.80
CA ASP J 73 17.03 117.48 42.11
C ASP J 73 17.17 118.70 43.04
N GLU J 74 16.13 119.51 43.10
CA GLU J 74 16.19 120.79 43.80
C GLU J 74 15.90 120.70 45.30
N ASP J 75 16.19 121.79 46.01
CA ASP J 75 16.04 121.86 47.47
C ASP J 75 17.07 120.98 48.18
N ALA J 76 17.74 120.11 47.42
CA ALA J 76 18.71 119.17 47.98
C ALA J 76 20.08 119.35 47.33
N HIS J 77 20.30 120.50 46.70
CA HIS J 77 21.60 120.75 46.07
C HIS J 77 22.71 121.10 47.06
N PRO J 78 22.43 121.95 48.07
CA PRO J 78 23.44 122.26 49.08
C PRO J 78 23.97 121.02 49.83
N THR J 79 23.08 120.06 50.11
CA THR J 79 23.41 118.89 50.91
C THR J 79 24.23 117.82 50.16
N ASN J 80 24.00 117.71 48.86
CA ASN J 80 24.74 116.77 48.02
C ASN J 80 26.19 117.20 47.78
N LEU J 81 26.40 118.52 47.75
CA LEU J 81 27.73 119.11 47.56
C LEU J 81 28.67 118.79 48.72
N GLU J 82 28.08 118.32 49.81
CA GLU J 82 28.79 118.04 51.05
C GLU J 82 29.14 116.56 51.13
N VAL J 83 28.16 115.70 50.83
CA VAL J 83 28.43 114.28 50.70
C VAL J 83 29.56 114.13 49.70
N LEU J 84 29.53 114.98 48.68
CA LEU J 84 30.53 114.99 47.62
C LEU J 84 31.93 115.36 48.14
N LYS J 85 32.02 116.42 48.93
CA LYS J 85 33.32 116.86 49.45
C LYS J 85 34.00 115.80 50.32
N LEU J 86 33.19 115.08 51.11
CA LEU J 86 33.68 114.01 51.98
C LEU J 86 34.24 112.81 51.23
N ILE J 87 33.48 112.30 50.27
CA ILE J 87 33.91 111.16 49.45
C ILE J 87 35.18 111.51 48.67
N LEU J 88 35.24 112.73 48.15
CA LEU J 88 36.41 113.22 47.42
C LEU J 88 37.62 113.24 48.33
N ASN J 89 37.43 113.72 49.55
CA ASN J 89 38.51 113.78 50.54
C ASN J 89 38.95 112.40 51.00
N GLU J 90 37.99 111.56 51.35
CA GLU J 90 38.24 110.19 51.78
C GLU J 90 38.95 109.37 50.70
N PHE J 91 38.73 109.77 49.46
CA PHE J 91 39.31 109.09 48.31
C PHE J 91 40.75 109.53 48.07
N GLU J 92 40.99 110.85 48.09
CA GLU J 92 42.32 111.41 47.94
C GLU J 92 43.17 111.08 49.15
N ARG J 93 42.49 110.82 50.27
CA ARG J 93 43.13 110.40 51.51
C ARG J 93 43.73 109.00 51.38
N ALA J 94 42.84 108.00 51.40
CA ALA J 94 43.24 106.60 51.46
C ALA J 94 43.69 106.03 50.12
N PHE J 95 42.92 106.32 49.07
CA PHE J 95 43.06 105.60 47.81
C PHE J 95 44.16 106.16 46.92
N MET J 96 44.10 107.46 46.63
CA MET J 96 45.07 108.11 45.77
C MET J 96 46.37 108.43 46.52
N ARG J 97 46.22 108.76 47.80
CA ARG J 97 47.35 109.18 48.62
C ARG J 97 48.15 110.27 47.91
N GLY J 98 47.48 111.38 47.61
CA GLY J 98 48.10 112.52 46.95
C GLY J 98 48.37 112.32 45.47
N ASN J 99 48.61 111.07 45.05
CA ASN J 99 48.95 110.77 43.66
C ASN J 99 47.76 110.92 42.69
N ASP J 100 48.07 111.21 41.42
CA ASP J 100 47.06 111.42 40.39
C ASP J 100 46.19 110.19 40.12
N VAL J 101 44.94 110.42 39.73
CA VAL J 101 43.94 109.37 39.52
C VAL J 101 44.32 108.35 38.46
N HIS J 102 45.17 108.76 37.52
CA HIS J 102 45.54 107.89 36.39
C HIS J 102 46.55 106.83 36.79
N ALA J 103 47.60 107.25 37.50
CA ALA J 103 48.62 106.31 37.95
C ALA J 103 48.11 105.43 39.10
N ILE J 104 46.99 105.85 39.71
CA ILE J 104 46.32 105.04 40.74
C ILE J 104 45.17 104.21 40.17
N ALA J 105 44.75 104.50 38.94
CA ALA J 105 43.80 103.63 38.24
C ALA J 105 44.59 102.53 37.53
N ALA J 106 45.88 102.80 37.32
CA ALA J 106 46.80 101.87 36.68
C ALA J 106 47.12 100.66 37.54
N ASN J 107 46.50 100.56 38.71
CA ASN J 107 46.72 99.41 39.57
C ASN J 107 45.44 98.69 40.00
N VAL J 108 44.39 98.76 39.19
CA VAL J 108 43.16 98.01 39.48
C VAL J 108 42.95 96.88 38.49
N ALA J 109 42.02 95.98 38.82
CA ALA J 109 41.72 94.79 38.03
C ALA J 109 41.53 95.10 36.54
N GLY J 110 42.47 94.59 35.73
CA GLY J 110 42.54 94.93 34.32
C GLY J 110 41.41 94.40 33.46
N ILE J 111 40.52 95.31 33.05
CA ILE J 111 39.56 95.03 32.00
C ILE J 111 39.79 96.07 30.91
N THR J 112 40.77 96.95 31.18
CA THR J 112 41.15 98.01 30.25
C THR J 112 39.95 98.95 30.04
N ALA J 113 38.90 98.77 30.83
CA ALA J 113 37.67 99.54 30.69
C ALA J 113 37.29 100.15 32.03
N LYS J 114 37.46 99.36 33.10
CA LYS J 114 37.15 99.85 34.43
C LYS J 114 38.24 100.78 34.93
N LYS J 115 39.42 100.70 34.33
CA LYS J 115 40.51 101.63 34.65
C LYS J 115 40.14 103.03 34.18
N ILE J 116 39.27 103.07 33.16
CA ILE J 116 38.64 104.31 32.71
C ILE J 116 37.52 104.72 33.67
N GLY J 117 36.72 103.74 34.10
CA GLY J 117 35.60 103.99 34.99
C GLY J 117 35.94 104.74 36.27
N VAL J 118 37.15 104.53 36.77
CA VAL J 118 37.60 105.19 37.99
C VAL J 118 38.07 106.62 37.68
N VAL J 119 38.78 106.76 36.57
CA VAL J 119 39.35 108.04 36.18
C VAL J 119 38.30 109.09 35.78
N ARG J 120 37.09 108.65 35.42
CA ARG J 120 36.01 109.58 35.06
C ARG J 120 35.06 109.81 36.22
N ALA J 121 35.01 108.84 37.13
CA ALA J 121 34.22 108.95 38.34
C ALA J 121 34.81 110.08 39.19
N TYR J 122 36.10 110.33 38.98
CA TYR J 122 36.84 111.35 39.71
C TYR J 122 36.57 112.73 39.15
N TYR J 123 36.89 112.91 37.86
CA TYR J 123 36.70 114.21 37.22
C TYR J 123 35.23 114.48 36.92
N ALA J 124 34.36 113.69 37.58
CA ALA J 124 32.92 113.93 37.60
C ALA J 124 32.51 114.55 38.94
N GLY J 125 33.16 114.08 40.01
CA GLY J 125 33.01 114.66 41.34
C GLY J 125 33.97 115.82 41.57
N ARG J 126 35.02 115.87 40.76
CA ARG J 126 35.98 116.96 40.76
C ARG J 126 35.32 118.25 40.29
N ALA J 127 34.55 118.13 39.20
CA ALA J 127 33.87 119.28 38.60
C ALA J 127 32.49 119.55 39.18
N ALA J 128 31.91 118.54 39.84
CA ALA J 128 30.61 118.70 40.50
C ALA J 128 30.77 119.35 41.88
N ALA J 129 32.01 119.55 42.31
CA ALA J 129 32.33 120.37 43.47
C ALA J 129 33.28 121.53 43.07
N GLY J 130 33.41 121.72 41.75
CA GLY J 130 34.04 122.90 41.17
C GLY J 130 35.54 123.12 41.36
N ARG J 131 36.25 122.07 41.77
CA ARG J 131 37.69 122.17 42.02
C ARG J 131 38.53 121.96 40.75
N ALA J 132 39.41 122.92 40.46
CA ALA J 132 40.31 122.85 39.30
C ALA J 132 41.65 122.23 39.67
N PRO J 133 41.97 121.06 39.05
CA PRO J 133 43.19 120.28 39.32
C PRO J 133 44.42 121.11 39.66
N LYS J 134 45.02 120.79 40.80
CA LYS J 134 46.21 121.48 41.29
C LYS J 134 47.35 121.31 40.30
N PRO J 135 47.97 122.42 39.90
CA PRO J 135 49.10 122.45 38.96
C PRO J 135 50.36 121.71 39.42
N TYR J 136 50.30 120.38 39.52
CA TYR J 136 51.50 119.55 39.72
C TYR J 136 52.14 119.36 38.35
N ASP J 137 53.44 119.09 38.34
CA ASP J 137 54.06 118.53 37.14
C ASP J 137 54.52 117.10 37.44
N SER J 138 54.40 116.23 36.44
CA SER J 138 54.68 114.81 36.62
C SER J 138 56.16 114.59 36.95
N ALA J 139 56.47 113.44 37.54
CA ALA J 139 57.87 113.03 37.74
C ALA J 139 58.61 113.06 36.39
N LEU J 140 57.84 112.96 35.31
CA LEU J 140 58.36 112.95 33.93
C LEU J 140 58.82 114.35 33.47
N PHE J 141 57.90 115.31 33.49
CA PHE J 141 58.15 116.69 33.06
C PHE J 141 59.02 117.45 34.05
N ARG J 142 58.92 117.04 35.31
CA ARG J 142 59.82 117.51 36.35
C ARG J 142 61.27 117.18 35.95
N ALA J 143 61.53 115.91 35.65
CA ALA J 143 62.85 115.45 35.22
C ALA J 143 63.13 115.79 33.76
N ALA J 144 62.16 116.43 33.10
CA ALA J 144 62.34 116.94 31.75
C ALA J 144 62.89 118.36 31.82
N ALA J 145 62.30 119.15 32.72
CA ALA J 145 62.75 120.51 33.02
C ALA J 145 64.06 120.44 33.80
N GLU J 146 64.25 119.33 34.51
CA GLU J 146 65.51 119.05 35.19
C GLU J 146 66.47 118.36 34.22
N ASN J 147 66.20 118.52 32.94
CA ASN J 147 67.03 117.99 31.84
C ASN J 147 67.62 116.60 32.06
N ASN J 148 66.75 115.66 32.41
CA ASN J 148 67.11 114.26 32.41
C ASN J 148 66.53 113.62 31.15
N VAL J 149 65.27 113.95 30.87
CA VAL J 149 64.52 113.43 29.72
C VAL J 149 64.20 114.54 28.68
N LYS J 150 64.13 114.24 27.37
CA LYS J 150 63.82 115.24 26.32
C LYS J 150 62.53 114.83 25.58
N ILE J 151 61.42 115.48 25.92
CA ILE J 151 60.11 115.07 25.42
C ILE J 151 59.68 115.78 24.14
N TYR J 152 59.44 115.00 23.08
CA TYR J 152 58.90 115.53 21.84
C TYR J 152 57.43 115.17 21.71
N SER J 153 56.72 115.88 20.85
CA SER J 153 55.30 115.60 20.64
C SER J 153 55.05 115.08 19.23
N ILE J 154 54.06 114.21 19.10
CA ILE J 154 53.82 113.53 17.84
C ILE J 154 52.30 113.37 17.62
N PHE J 155 51.85 113.60 16.39
CA PHE J 155 50.41 113.64 16.09
C PHE J 155 49.99 112.75 14.92
N GLY J 156 49.11 111.79 15.19
CA GLY J 156 48.71 110.80 14.20
C GLY J 156 47.80 111.31 13.09
N GLY J 157 47.23 110.37 12.33
CA GLY J 157 46.33 110.69 11.23
C GLY J 157 45.55 109.47 10.76
N GLN J 158 45.10 109.51 9.51
CA GLN J 158 44.40 108.37 8.95
C GLN J 158 45.34 107.18 8.79
N GLY J 159 45.24 106.23 9.72
CA GLY J 159 46.04 105.02 9.71
C GLY J 159 45.23 103.82 10.14
N ASN J 160 44.45 103.26 9.20
CA ASN J 160 43.52 102.18 9.49
C ASN J 160 42.62 102.50 10.68
N ILE J 161 42.20 103.77 10.74
CA ILE J 161 41.34 104.21 11.82
C ILE J 161 39.93 104.42 11.32
N GLU J 162 39.08 103.43 11.57
CA GLU J 162 37.67 103.55 11.22
C GLU J 162 36.87 103.72 12.49
N GLU J 163 37.57 103.68 13.63
CA GLU J 163 36.94 103.83 14.93
C GLU J 163 37.39 105.11 15.62
N TYR J 164 37.65 106.15 14.83
CA TYR J 164 38.10 107.41 15.42
C TYR J 164 37.00 107.99 16.31
N PHE J 165 35.75 107.87 15.87
CA PHE J 165 34.63 108.45 16.59
C PHE J 165 34.35 107.69 17.88
N ASP J 166 34.92 106.50 17.99
CA ASP J 166 34.87 105.73 19.22
C ASP J 166 35.77 106.38 20.29
N GLU J 167 36.88 106.96 19.84
CA GLU J 167 37.78 107.69 20.74
C GLU J 167 37.13 108.96 21.28
N LEU J 168 36.29 109.61 20.46
CA LEU J 168 35.54 110.79 20.90
C LEU J 168 34.60 110.46 22.04
N ARG J 169 33.96 109.30 21.95
CA ARG J 169 33.08 108.85 23.03
C ARG J 169 33.87 108.58 24.32
N GLU J 170 35.06 108.01 24.19
CA GLU J 170 35.96 107.83 25.33
C GLU J 170 36.25 109.18 25.98
N ILE J 171 36.56 110.16 25.15
CA ILE J 171 36.81 111.52 25.62
C ILE J 171 35.58 112.11 26.32
N TYR J 172 34.50 112.30 25.56
CA TYR J 172 33.25 112.86 26.08
C TYR J 172 32.79 112.19 27.39
N THR J 173 32.73 110.86 27.38
CA THR J 173 32.33 110.06 28.54
C THR J 173 33.20 110.35 29.79
N THR J 174 34.51 110.20 29.61
CA THR J 174 35.47 110.17 30.70
C THR J 174 35.81 111.54 31.27
N TYR J 175 36.10 112.52 30.41
CA TYR J 175 36.52 113.85 30.86
C TYR J 175 35.53 114.93 30.45
N PRO J 176 34.30 114.89 30.99
CA PRO J 176 33.22 115.81 30.57
C PRO J 176 33.56 117.26 30.92
N SER J 177 33.90 117.47 32.19
CA SER J 177 34.31 118.77 32.71
C SER J 177 35.37 119.46 31.85
N PHE J 178 36.43 118.72 31.51
CA PHE J 178 37.57 119.26 30.76
C PHE J 178 37.19 119.73 29.35
N VAL J 179 36.41 118.92 28.64
CA VAL J 179 36.33 119.03 27.19
C VAL J 179 34.98 119.52 26.67
N GLU J 180 33.91 119.23 27.40
CA GLU J 180 32.55 119.49 26.95
C GLU J 180 32.34 120.86 26.31
N ASP J 181 33.15 121.84 26.74
CA ASP J 181 33.00 123.21 26.26
C ASP J 181 33.48 123.44 24.81
N LEU J 182 34.70 122.99 24.49
CA LEU J 182 35.21 123.11 23.13
C LEU J 182 34.61 122.04 22.22
N ILE J 183 34.15 120.95 22.82
CA ILE J 183 33.35 119.97 22.09
C ILE J 183 32.10 120.66 21.55
N THR J 184 31.34 121.32 22.43
CA THR J 184 30.11 121.99 22.04
C THR J 184 30.34 123.02 20.94
N SER J 185 31.35 123.85 21.11
CA SER J 185 31.62 124.98 20.20
C SER J 185 32.23 124.57 18.85
N ILE J 186 33.26 123.73 18.89
CA ILE J 186 33.89 123.28 17.65
C ILE J 186 32.86 122.50 16.82
N ALA J 187 31.86 121.94 17.50
CA ALA J 187 30.76 121.25 16.82
C ALA J 187 30.00 122.26 15.98
N GLU J 188 29.49 123.28 16.65
CA GLU J 188 28.68 124.32 16.01
C GLU J 188 29.44 125.12 14.95
N LEU J 189 30.77 125.12 15.07
CA LEU J 189 31.64 125.65 14.02
C LEU J 189 31.47 124.83 12.74
N LEU J 190 31.59 123.51 12.87
CA LEU J 190 31.48 122.60 11.74
C LEU J 190 30.08 122.55 11.17
N GLN J 191 29.08 122.60 12.05
CA GLN J 191 27.68 122.59 11.65
C GLN J 191 27.39 123.73 10.67
N SER J 192 28.02 124.88 10.93
CA SER J 192 27.86 126.07 10.08
C SER J 192 28.65 125.94 8.78
N LEU J 193 29.83 125.32 8.87
CA LEU J 193 30.65 125.04 7.70
C LEU J 193 29.93 124.11 6.73
N ALA J 194 29.14 123.19 7.30
CA ALA J 194 28.43 122.18 6.53
C ALA J 194 27.35 122.79 5.62
N ARG J 195 26.82 123.93 6.03
CA ARG J 195 25.70 124.54 5.32
C ARG J 195 26.15 125.41 4.14
N GLU J 196 27.41 125.84 4.18
CA GLU J 196 27.98 126.57 3.06
C GLU J 196 27.80 125.77 1.75
N TRP J 197 27.18 126.40 0.76
CA TRP J 197 26.81 125.76 -0.51
C TRP J 197 27.76 124.70 -1.14
N ASP J 198 29.07 124.92 -1.03
CA ASP J 198 30.04 124.00 -1.60
C ASP J 198 30.06 122.69 -0.83
N ALA J 199 29.87 122.80 0.48
CA ALA J 199 30.04 121.67 1.37
C ALA J 199 28.77 120.82 1.53
N VAL J 200 27.64 121.30 1.05
CA VAL J 200 26.39 120.57 1.23
C VAL J 200 26.42 119.20 0.53
N LYS J 201 26.88 119.19 -0.71
CA LYS J 201 26.92 117.96 -1.47
C LYS J 201 27.72 116.89 -0.72
N GLN J 202 28.93 117.26 -0.29
CA GLN J 202 29.88 116.31 0.29
C GLN J 202 29.53 115.92 1.73
N TYR J 203 28.50 116.57 2.29
CA TYR J 203 27.99 116.23 3.62
C TYR J 203 26.50 115.94 3.55
N PRO J 204 26.14 114.80 2.97
CA PRO J 204 24.72 114.47 2.76
C PRO J 204 24.01 114.15 4.08
N LYS J 205 24.64 113.35 4.93
CA LYS J 205 24.00 112.88 6.15
C LYS J 205 24.15 113.92 7.25
N GLY J 206 24.89 114.98 6.94
CA GLY J 206 25.01 116.09 7.85
C GLY J 206 26.16 115.96 8.83
N LEU J 207 26.45 117.05 9.52
CA LEU J 207 27.58 117.11 10.45
C LEU J 207 27.10 117.67 11.79
N ASP J 208 26.56 116.79 12.63
CA ASP J 208 26.03 117.19 13.92
C ASP J 208 26.66 116.33 15.01
N ILE J 209 27.92 116.61 15.34
CA ILE J 209 28.69 115.75 16.24
C ILE J 209 28.07 115.60 17.61
N LEU J 210 27.42 116.67 18.08
CA LEU J 210 26.73 116.65 19.37
C LEU J 210 25.55 115.67 19.38
N GLN J 211 24.84 115.60 18.25
CA GLN J 211 23.70 114.70 18.07
C GLN J 211 24.04 113.21 18.14
N TRP J 212 25.09 112.82 17.41
CA TRP J 212 25.51 111.42 17.37
C TRP J 212 26.05 111.00 18.72
N LEU J 213 26.65 111.95 19.42
CA LEU J 213 27.18 111.69 20.76
C LEU J 213 26.07 111.46 21.79
N HIS J 214 24.99 112.25 21.69
CA HIS J 214 23.87 112.14 22.62
C HIS J 214 23.02 110.90 22.34
N ASN J 215 22.51 110.79 21.11
CA ASN J 215 21.74 109.62 20.70
C ASN J 215 22.53 108.77 19.72
N PRO J 216 23.24 107.75 20.24
CA PRO J 216 24.22 106.92 19.53
C PRO J 216 23.61 106.20 18.32
N GLU J 217 22.32 105.90 18.44
CA GLU J 217 21.57 105.20 17.41
C GLU J 217 21.43 106.07 16.15
N SER J 218 21.75 107.35 16.31
CA SER J 218 21.69 108.33 15.23
C SER J 218 23.09 108.59 14.62
N GLN J 219 24.09 107.84 15.08
CA GLN J 219 25.43 107.92 14.53
C GLN J 219 25.44 107.39 13.09
N PRO J 220 26.01 108.17 12.16
CA PRO J 220 26.16 107.75 10.76
C PRO J 220 27.01 106.49 10.59
N ASP J 221 26.85 105.85 9.43
CA ASP J 221 27.50 104.58 9.12
C ASP J 221 29.01 104.71 9.11
N THR J 222 29.70 103.63 9.43
CA THR J 222 31.16 103.63 9.51
C THR J 222 31.82 104.14 8.22
N ASP J 223 31.12 103.96 7.10
CA ASP J 223 31.62 104.45 5.82
C ASP J 223 31.61 105.97 5.72
N TYR J 224 30.55 106.59 6.24
CA TYR J 224 30.42 108.04 6.21
C TYR J 224 31.57 108.71 6.97
N LEU J 225 31.76 108.32 8.21
CA LEU J 225 32.72 108.98 9.09
C LEU J 225 34.15 108.94 8.53
N VAL J 226 34.49 107.89 7.81
CA VAL J 226 35.86 107.71 7.34
C VAL J 226 36.20 108.60 6.12
N SER J 227 35.16 109.08 5.44
CA SER J 227 35.34 109.94 4.27
C SER J 227 36.05 111.23 4.64
N ALA J 228 36.97 111.68 3.78
CA ALA J 228 37.82 112.83 4.08
C ALA J 228 37.08 114.05 4.67
N PRO J 229 36.02 114.54 3.98
CA PRO J 229 35.27 115.68 4.52
C PRO J 229 34.94 115.56 6.01
N VAL J 230 34.34 114.46 6.44
CA VAL J 230 34.01 114.27 7.85
C VAL J 230 35.20 113.71 8.66
N SER J 231 36.07 112.99 7.98
CA SER J 231 37.23 112.38 8.64
C SER J 231 38.11 113.45 9.24
N PHE J 232 38.77 114.21 8.36
CA PHE J 232 39.76 115.20 8.76
C PHE J 232 39.42 116.02 10.01
N PRO J 233 38.41 116.90 9.91
CA PRO J 233 38.13 117.83 11.01
C PRO J 233 37.73 117.11 12.30
N LEU J 234 36.78 116.18 12.17
CA LEU J 234 36.29 115.44 13.32
C LEU J 234 37.42 114.72 14.04
N ILE J 235 38.45 114.31 13.29
CA ILE J 235 39.61 113.64 13.87
C ILE J 235 40.49 114.62 14.63
N GLY J 236 40.81 115.74 14.00
CA GLY J 236 41.59 116.78 14.66
C GLY J 236 41.01 117.11 16.03
N LEU J 237 39.69 117.11 16.11
CA LEU J 237 38.99 117.39 17.36
C LEU J 237 39.36 116.42 18.47
N VAL J 238 39.63 115.17 18.10
CA VAL J 238 40.04 114.17 19.10
C VAL J 238 41.51 114.33 19.47
N GLN J 239 42.31 114.90 18.57
CA GLN J 239 43.72 115.19 18.85
C GLN J 239 43.86 116.43 19.75
N LEU J 240 42.98 117.41 19.54
CA LEU J 240 42.90 118.60 20.39
C LEU J 240 42.43 118.26 21.81
N ALA J 241 41.28 117.61 21.90
CA ALA J 241 40.70 117.20 23.18
C ALA J 241 41.65 116.32 23.99
N HIS J 242 42.57 115.63 23.32
CA HIS J 242 43.62 114.88 24.00
C HIS J 242 44.66 115.84 24.63
N TYR J 243 45.28 116.67 23.80
CA TYR J 243 46.20 117.70 24.28
C TYR J 243 45.55 118.54 25.38
N MET J 244 44.30 118.95 25.15
CA MET J 244 43.52 119.71 26.11
C MET J 244 43.40 118.99 27.45
N ILE J 245 43.10 117.70 27.41
CA ILE J 245 42.96 116.88 28.60
C ILE J 245 44.29 116.60 29.31
N THR J 246 45.38 116.53 28.56
CA THR J 246 46.70 116.32 29.16
C THR J 246 47.12 117.51 30.00
N CYS J 247 46.99 118.70 29.41
CA CYS J 247 47.32 119.95 30.09
C CYS J 247 46.37 120.19 31.25
N LYS J 248 45.08 120.02 30.99
CA LYS J 248 44.05 120.25 32.00
C LYS J 248 44.14 119.33 33.24
N THR J 249 44.47 118.06 33.03
CA THR J 249 44.65 117.13 34.13
C THR J 249 45.93 117.43 34.90
N LEU J 250 46.96 117.85 34.18
CA LEU J 250 48.19 118.34 34.79
C LEU J 250 47.92 119.51 35.75
N GLY J 251 46.97 120.36 35.38
CA GLY J 251 46.66 121.55 36.17
C GLY J 251 47.35 122.77 35.61
N ARG J 252 47.92 122.62 34.41
CA ARG J 252 48.62 123.69 33.74
C ARG J 252 47.75 124.40 32.70
N GLU J 253 48.35 125.36 31.99
CA GLU J 253 47.73 125.97 30.81
C GLU J 253 48.47 125.50 29.56
N PRO J 254 47.84 125.68 28.37
CA PRO J 254 48.41 125.22 27.09
C PRO J 254 49.85 125.69 26.82
N GLY J 255 50.21 126.88 27.29
CA GLY J 255 51.54 127.42 27.08
C GLY J 255 52.57 126.75 27.98
N GLU J 256 52.11 126.24 29.12
CA GLU J 256 52.98 125.58 30.10
C GLU J 256 53.54 124.27 29.58
N LEU J 257 52.65 123.33 29.29
CA LEU J 257 53.03 122.02 28.77
C LEU J 257 53.66 122.20 27.39
N LEU J 258 53.24 123.26 26.69
CA LEU J 258 53.79 123.59 25.37
C LEU J 258 55.29 123.85 25.50
N GLU J 259 55.71 124.37 26.65
CA GLU J 259 57.10 124.78 26.84
C GLU J 259 57.98 123.65 27.34
N ARG J 260 57.34 122.58 27.82
CA ARG J 260 58.07 121.44 28.35
C ARG J 260 58.34 120.39 27.27
N PHE J 261 58.27 120.81 26.01
CA PHE J 261 58.61 119.94 24.87
C PHE J 261 59.86 120.45 24.16
N SER J 262 60.24 119.77 23.07
CA SER J 262 61.46 120.13 22.33
C SER J 262 61.16 120.29 20.84
N GLY J 263 60.13 119.57 20.39
CA GLY J 263 59.76 119.58 18.99
C GLY J 263 58.45 118.86 18.78
N THR J 264 57.83 119.09 17.63
CA THR J 264 56.54 118.49 17.33
C THR J 264 56.35 118.31 15.82
N THR J 265 55.86 117.14 15.43
CA THR J 265 55.46 116.86 14.04
C THR J 265 54.19 116.00 14.02
N GLY J 266 53.49 116.00 12.89
CA GLY J 266 52.31 115.18 12.70
C GLY J 266 52.34 114.36 11.42
N HIS J 267 51.56 113.29 11.39
CA HIS J 267 51.45 112.43 10.22
C HIS J 267 50.37 112.97 9.28
N SER J 268 50.76 113.88 8.40
CA SER J 268 49.85 114.49 7.46
C SER J 268 48.78 115.33 8.13
N GLN J 269 47.65 114.68 8.45
CA GLN J 269 46.51 115.36 9.03
C GLN J 269 46.85 115.98 10.40
N GLY J 270 47.99 115.59 10.94
CA GLY J 270 48.42 116.03 12.26
C GLY J 270 49.30 117.27 12.26
N ILE J 271 50.05 117.48 11.19
CA ILE J 271 50.93 118.65 11.10
C ILE J 271 50.15 119.97 11.11
N VAL J 272 48.85 119.89 10.84
CA VAL J 272 47.96 121.04 11.09
C VAL J 272 47.83 121.31 12.58
N VAL J 273 47.38 120.29 13.33
CA VAL J 273 47.21 120.39 14.78
C VAL J 273 48.53 120.51 15.56
N ALA J 274 49.64 120.07 14.96
CA ALA J 274 50.95 120.14 15.59
C ALA J 274 51.51 121.55 15.52
N ALA J 275 51.16 122.26 14.45
CA ALA J 275 51.54 123.66 14.29
C ALA J 275 50.65 124.56 15.15
N ALA J 276 49.33 124.45 14.96
CA ALA J 276 48.36 125.31 15.64
C ALA J 276 48.29 125.10 17.17
N ILE J 277 48.83 123.97 17.63
CA ILE J 277 48.90 123.67 19.06
C ILE J 277 50.12 124.37 19.66
N ALA J 278 51.10 124.65 18.82
CA ALA J 278 52.31 125.36 19.23
C ALA J 278 52.12 126.88 19.04
N THR J 279 50.86 127.29 19.06
CA THR J 279 50.47 128.69 18.90
C THR J 279 49.77 129.18 20.17
N ALA J 280 49.12 128.25 20.85
CA ALA J 280 48.31 128.56 22.04
C ALA J 280 49.11 128.58 23.34
N ARG J 281 48.82 129.57 24.20
CA ARG J 281 49.37 129.61 25.55
C ARG J 281 48.24 129.82 26.56
N THR J 282 47.23 130.60 26.17
CA THR J 282 46.05 130.78 27.00
C THR J 282 45.11 129.61 26.73
N TRP J 283 44.08 129.48 27.55
CA TRP J 283 42.96 128.60 27.21
C TRP J 283 42.06 129.35 26.26
N ASP J 284 42.24 130.67 26.22
CA ASP J 284 41.62 131.52 25.23
C ASP J 284 42.45 131.49 23.94
N GLU J 285 43.77 131.63 24.09
CA GLU J 285 44.71 131.55 22.96
C GLU J 285 44.73 130.13 22.35
N PHE J 286 44.19 129.19 23.11
CA PHE J 286 44.05 127.79 22.70
C PHE J 286 42.83 127.63 21.80
N ALA J 287 41.66 127.91 22.37
CA ALA J 287 40.39 127.82 21.66
C ALA J 287 40.35 128.70 20.41
N THR J 288 41.36 129.56 20.24
CA THR J 288 41.51 130.37 19.02
C THR J 288 42.12 129.54 17.89
N ALA J 289 43.28 128.94 18.15
CA ALA J 289 43.96 128.10 17.18
C ALA J 289 43.20 126.78 16.93
N ALA J 290 42.31 126.43 17.87
CA ALA J 290 41.47 125.22 17.77
C ALA J 290 40.38 125.38 16.71
N LYS J 291 39.77 126.57 16.67
CA LYS J 291 38.81 126.91 15.62
C LYS J 291 39.56 127.07 14.30
N ARG J 292 40.81 127.50 14.39
CA ARG J 292 41.64 127.72 13.22
C ARG J 292 42.03 126.42 12.53
N ALA J 293 42.69 125.53 13.28
CA ALA J 293 43.10 124.24 12.75
C ALA J 293 41.90 123.42 12.25
N VAL J 294 40.87 123.28 13.10
CA VAL J 294 39.67 122.50 12.78
C VAL J 294 39.00 122.92 11.47
N GLU J 295 38.87 124.23 11.27
CA GLU J 295 38.29 124.77 10.04
C GLU J 295 39.24 124.61 8.85
N LEU J 296 40.55 124.61 9.11
CA LEU J 296 41.55 124.34 8.07
C LEU J 296 41.43 122.90 7.54
N LEU J 297 41.43 121.95 8.47
CA LEU J 297 41.18 120.54 8.14
C LEU J 297 39.90 120.36 7.33
N PHE J 298 38.81 120.95 7.82
CA PHE J 298 37.53 120.90 7.13
C PHE J 298 37.66 121.16 5.63
N TRP J 299 38.34 122.24 5.28
CA TRP J 299 38.47 122.65 3.89
C TRP J 299 39.47 121.81 3.12
N ILE J 300 40.55 121.40 3.78
CA ILE J 300 41.53 120.53 3.14
C ILE J 300 40.87 119.22 2.70
N GLY J 301 40.16 118.59 3.62
CA GLY J 301 39.46 117.34 3.34
C GLY J 301 38.36 117.51 2.31
N LEU J 302 37.53 118.53 2.51
CA LEU J 302 36.44 118.83 1.59
C LEU J 302 36.91 119.08 0.16
N ARG J 303 37.87 120.00 0.01
CA ARG J 303 38.36 120.39 -1.33
C ARG J 303 39.17 119.28 -2.01
N SER J 304 39.79 118.42 -1.21
CA SER J 304 40.54 117.28 -1.73
C SER J 304 39.61 116.26 -2.36
N GLN J 305 38.49 116.00 -1.69
CA GLN J 305 37.49 115.05 -2.18
C GLN J 305 36.80 115.58 -3.45
N GLN J 306 36.72 116.90 -3.57
CA GLN J 306 36.10 117.53 -4.73
C GLN J 306 36.99 117.42 -5.97
N ALA J 307 38.30 117.37 -5.76
CA ALA J 307 39.28 117.26 -6.86
C ALA J 307 39.28 115.85 -7.46
N TYR J 308 39.52 114.84 -6.60
CA TYR J 308 39.46 113.44 -7.02
C TYR J 308 38.44 112.65 -6.18
N PRO J 309 37.13 112.74 -6.53
CA PRO J 309 35.99 112.06 -5.88
C PRO J 309 35.94 110.57 -6.16
N ARG J 310 35.10 109.84 -5.43
CA ARG J 310 35.04 108.40 -5.56
C ARG J 310 34.35 107.97 -6.87
N THR J 311 35.08 107.26 -7.74
CA THR J 311 34.49 106.68 -8.95
C THR J 311 34.40 105.18 -8.85
N SER J 312 33.17 104.66 -8.83
CA SER J 312 32.92 103.24 -8.68
C SER J 312 33.68 102.39 -9.69
N LEU J 313 34.20 101.25 -9.23
CA LEU J 313 34.97 100.34 -10.08
C LEU J 313 34.12 99.14 -10.45
N ALA J 314 34.67 98.25 -11.26
CA ALA J 314 33.95 97.05 -11.69
C ALA J 314 33.65 96.16 -10.48
N PRO J 315 32.42 95.59 -10.43
CA PRO J 315 32.05 94.72 -9.32
C PRO J 315 33.00 93.55 -9.27
N SER J 316 33.44 93.15 -10.47
CA SER J 316 34.39 92.04 -10.64
C SER J 316 35.77 92.36 -10.03
N THR J 317 36.44 93.36 -10.60
CA THR J 317 37.76 93.76 -10.12
C THR J 317 37.70 94.17 -8.65
N LEU J 318 36.51 94.54 -8.20
CA LEU J 318 36.27 94.87 -6.80
C LEU J 318 36.42 93.64 -5.94
N GLN J 319 35.53 92.67 -6.16
CA GLN J 319 35.53 91.43 -5.39
C GLN J 319 36.87 90.72 -5.43
N ASP J 320 37.55 90.80 -6.57
CA ASP J 320 38.89 90.23 -6.69
C ASP J 320 39.78 90.71 -5.55
N SER J 321 39.97 92.03 -5.48
CA SER J 321 40.77 92.63 -4.40
C SER J 321 40.40 92.08 -3.02
N VAL J 322 39.09 92.04 -2.73
CA VAL J 322 38.63 91.66 -1.40
C VAL J 322 39.02 90.23 -1.04
N GLU J 323 38.86 89.32 -1.99
CA GLU J 323 39.10 87.90 -1.76
C GLU J 323 40.59 87.56 -1.78
N ASN J 324 41.39 88.39 -2.44
CA ASN J 324 42.82 88.12 -2.62
C ASN J 324 43.71 88.71 -1.51
N GLY J 325 43.10 89.02 -0.37
CA GLY J 325 43.84 89.46 0.80
C GLY J 325 43.83 90.97 1.03
N GLU J 326 43.57 91.73 -0.02
CA GLU J 326 43.58 93.18 0.06
C GLU J 326 42.22 93.68 0.51
N GLY J 327 41.87 94.91 0.13
CA GLY J 327 40.59 95.44 0.51
C GLY J 327 39.89 96.20 -0.60
N THR J 328 38.80 96.88 -0.24
CA THR J 328 38.08 97.73 -1.17
C THR J 328 39.01 98.82 -1.70
N PRO J 329 39.21 98.82 -3.01
CA PRO J 329 40.19 99.68 -3.66
C PRO J 329 39.95 101.17 -3.40
N THR J 330 40.99 101.81 -2.89
CA THR J 330 41.01 103.26 -2.71
C THR J 330 42.25 103.80 -3.43
N PRO J 331 42.51 105.11 -3.30
CA PRO J 331 43.73 105.65 -3.91
C PRO J 331 44.96 105.54 -3.02
N MET J 332 44.85 104.86 -1.87
CA MET J 332 45.96 104.73 -0.92
C MET J 332 46.28 103.27 -0.60
N LEU J 333 47.46 102.82 -1.03
CA LEU J 333 47.86 101.43 -0.91
C LEU J 333 49.07 101.24 0.01
N SER J 334 48.95 100.35 0.98
CA SER J 334 50.06 100.05 1.89
C SER J 334 50.93 98.90 1.40
N ILE J 335 52.24 99.03 1.59
CA ILE J 335 53.18 97.98 1.18
C ILE J 335 54.25 97.74 2.21
N ARG J 336 53.92 96.94 3.23
CA ARG J 336 54.86 96.63 4.30
C ARG J 336 55.88 95.56 3.91
N ASP J 337 56.96 95.49 4.69
CA ASP J 337 57.99 94.45 4.59
C ASP J 337 58.78 94.41 3.27
N LEU J 338 58.58 95.41 2.43
CA LEU J 338 59.33 95.50 1.17
C LEU J 338 60.39 96.59 1.18
N THR J 339 61.30 96.51 0.23
CA THR J 339 62.36 97.50 0.11
C THR J 339 61.93 98.62 -0.83
N ARG J 340 62.45 99.83 -0.62
CA ARG J 340 62.14 100.92 -1.55
C ARG J 340 62.55 100.59 -2.98
N SER J 341 63.76 100.06 -3.15
CA SER J 341 64.25 99.68 -4.47
C SER J 341 63.26 98.73 -5.17
N ALA J 342 62.83 97.70 -4.44
CA ALA J 342 61.86 96.73 -4.95
C ALA J 342 60.50 97.36 -5.23
N VAL J 343 59.93 98.00 -4.21
CA VAL J 343 58.63 98.68 -4.33
C VAL J 343 58.60 99.62 -5.53
N GLN J 344 59.70 100.33 -5.76
CA GLN J 344 59.78 101.23 -6.89
C GLN J 344 59.73 100.47 -8.21
N GLU J 345 60.58 99.46 -8.34
CA GLU J 345 60.67 98.70 -9.59
C GLU J 345 59.30 98.18 -10.06
N HIS J 346 58.46 97.72 -9.13
CA HIS J 346 57.12 97.27 -9.48
C HIS J 346 56.20 98.44 -9.81
N ILE J 347 56.40 99.55 -9.11
CA ILE J 347 55.70 100.81 -9.42
C ILE J 347 56.10 101.30 -10.81
N ASP J 348 57.34 100.98 -11.20
CA ASP J 348 57.91 101.38 -12.50
C ASP J 348 57.28 100.58 -13.65
N ALA J 349 57.25 99.27 -13.50
CA ALA J 349 56.66 98.39 -14.49
C ALA J 349 55.18 98.68 -14.69
N THR J 350 54.47 98.92 -13.59
CA THR J 350 53.06 99.28 -13.63
C THR J 350 52.83 100.57 -14.42
N ASN J 351 53.57 101.61 -14.05
CA ASN J 351 53.50 102.91 -14.73
C ASN J 351 53.89 102.86 -16.21
N GLN J 352 54.69 101.85 -16.57
CA GLN J 352 55.16 101.70 -17.94
C GLN J 352 54.02 101.64 -18.95
N HIS J 353 53.05 100.76 -18.68
CA HIS J 353 51.93 100.50 -19.59
C HIS J 353 50.77 101.48 -19.42
N LEU J 354 50.92 102.39 -18.47
CA LEU J 354 49.85 103.35 -18.15
C LEU J 354 50.02 104.71 -18.84
N PRO J 355 48.88 105.40 -19.07
CA PRO J 355 48.87 106.82 -19.48
C PRO J 355 49.28 107.69 -18.31
N GLU J 356 50.01 108.77 -18.60
CA GLU J 356 50.54 109.65 -17.56
C GLU J 356 49.47 110.24 -16.66
N ASP J 357 48.22 110.24 -17.16
CA ASP J 357 47.07 110.70 -16.39
C ASP J 357 46.97 109.96 -15.08
N ARG J 358 47.11 108.64 -15.17
CA ARG J 358 46.89 107.75 -14.04
C ARG J 358 48.13 106.94 -13.72
N HIS J 359 49.22 107.63 -13.37
CA HIS J 359 50.39 106.93 -12.87
C HIS J 359 50.28 106.67 -11.38
N ILE J 360 51.34 106.08 -10.83
CA ILE J 360 51.40 105.68 -9.44
C ILE J 360 52.56 106.40 -8.75
N GLY J 361 52.32 106.85 -7.53
CA GLY J 361 53.35 107.54 -6.77
C GLY J 361 53.61 106.90 -5.42
N ILE J 362 54.76 107.23 -4.84
CA ILE J 362 55.01 106.89 -3.45
C ILE J 362 54.61 108.10 -2.61
N SER J 363 53.53 107.97 -1.83
CA SER J 363 53.00 109.12 -1.09
C SER J 363 53.57 109.28 0.33
N LEU J 364 53.88 108.17 1.00
CA LEU J 364 54.63 108.25 2.27
C LEU J 364 55.69 107.19 2.44
N VAL J 365 56.57 107.42 3.41
CA VAL J 365 57.68 106.53 3.72
C VAL J 365 57.81 106.43 5.24
N ASN J 366 56.95 105.62 5.84
CA ASN J 366 56.87 105.48 7.29
C ASN J 366 58.06 104.76 7.91
N SER J 367 58.86 104.07 7.07
CA SER J 367 60.09 103.42 7.51
C SER J 367 60.90 102.94 6.31
N ALA J 368 61.94 102.15 6.58
CA ALA J 368 62.80 101.60 5.53
C ALA J 368 62.02 100.56 4.71
N ARG J 369 61.09 99.89 5.39
CA ARG J 369 60.36 98.78 4.80
C ARG J 369 58.85 98.99 4.88
N ASN J 370 58.42 100.24 5.01
CA ASN J 370 57.00 100.54 5.11
C ASN J 370 56.67 101.71 4.18
N PHE J 371 55.77 101.48 3.23
CA PHE J 371 55.43 102.53 2.26
C PHE J 371 53.93 102.67 2.09
N VAL J 372 53.53 103.75 1.41
CA VAL J 372 52.16 103.94 0.96
C VAL J 372 52.24 104.44 -0.47
N VAL J 373 51.29 104.01 -1.30
CA VAL J 373 51.30 104.36 -2.73
C VAL J 373 49.97 105.01 -3.15
N THR J 374 50.05 106.00 -4.05
CA THR J 374 48.86 106.68 -4.56
C THR J 374 48.75 106.66 -6.09
N GLY J 375 47.61 107.14 -6.57
CA GLY J 375 47.25 107.04 -7.96
C GLY J 375 45.80 106.60 -7.98
N PRO J 376 45.18 106.60 -9.16
CA PRO J 376 43.77 106.19 -9.23
C PRO J 376 43.61 104.77 -8.72
N PRO J 377 42.45 104.47 -8.10
CA PRO J 377 42.22 103.14 -7.52
C PRO J 377 42.50 102.00 -8.53
N ILE J 378 41.91 102.13 -9.72
CA ILE J 378 42.05 101.13 -10.79
C ILE J 378 43.52 100.93 -11.18
N SER J 379 44.30 101.99 -11.01
CA SER J 379 45.72 101.98 -11.33
C SER J 379 46.52 101.26 -10.24
N LEU J 380 46.09 101.45 -9.00
CA LEU J 380 46.70 100.78 -7.86
C LEU J 380 46.44 99.29 -7.92
N TYR J 381 45.22 98.93 -8.32
CA TYR J 381 44.83 97.55 -8.48
C TYR J 381 45.81 96.85 -9.40
N GLY J 382 46.09 97.50 -10.52
CA GLY J 382 47.02 96.95 -11.51
C GLY J 382 48.40 96.66 -10.95
N LEU J 383 48.73 97.30 -9.84
CA LEU J 383 49.99 97.02 -9.16
C LEU J 383 49.84 95.71 -8.39
N ASN J 384 48.77 95.62 -7.60
CA ASN J 384 48.49 94.44 -6.78
C ASN J 384 48.50 93.12 -7.54
N LEU J 385 47.96 93.15 -8.75
CA LEU J 385 47.98 91.97 -9.60
C LEU J 385 49.42 91.53 -9.85
N ARG J 386 50.23 92.47 -10.30
CA ARG J 386 51.65 92.22 -10.48
C ARG J 386 52.30 91.72 -9.19
N LEU J 387 51.83 92.25 -8.05
CA LEU J 387 52.47 91.99 -6.78
C LEU J 387 52.28 90.58 -6.24
N ARG J 388 51.05 90.06 -6.37
CA ARG J 388 50.73 88.73 -5.85
C ARG J 388 51.41 87.63 -6.67
N LYS J 389 51.73 87.95 -7.91
CA LYS J 389 52.41 87.01 -8.78
C LYS J 389 53.86 86.84 -8.35
N VAL J 390 54.36 87.77 -7.52
CA VAL J 390 55.71 87.67 -6.98
C VAL J 390 55.73 87.09 -5.56
N LYS J 391 54.78 87.52 -4.72
CA LYS J 391 54.78 87.09 -3.33
C LYS J 391 54.33 85.65 -3.19
N ALA J 392 54.64 85.06 -2.04
CA ALA J 392 54.35 83.65 -1.80
C ALA J 392 53.18 83.46 -0.83
N PRO J 393 52.38 82.40 -1.05
CA PRO J 393 51.25 82.04 -0.18
C PRO J 393 51.69 81.92 1.29
N THR J 394 50.78 82.17 2.23
CA THR J 394 51.12 82.06 3.65
C THR J 394 51.32 80.58 3.99
N GLY J 395 50.99 79.71 3.04
CA GLY J 395 51.11 78.28 3.22
C GLY J 395 52.51 77.74 2.98
N LEU J 396 53.15 78.23 1.91
CA LEU J 396 54.46 77.73 1.49
C LEU J 396 55.46 77.65 2.62
N ASP J 397 56.23 76.56 2.64
CA ASP J 397 57.36 76.46 3.55
C ASP J 397 58.65 76.69 2.77
N GLN J 398 59.58 77.45 3.35
CA GLN J 398 60.82 77.75 2.68
C GLN J 398 62.03 77.45 3.55
N ASN J 399 61.77 76.82 4.70
CA ASN J 399 62.83 76.44 5.65
C ASN J 399 63.87 75.52 5.03
N ARG J 400 63.56 75.01 3.84
CA ARG J 400 64.42 74.05 3.17
C ARG J 400 64.96 74.59 1.84
N ILE J 401 64.65 75.85 1.54
CA ILE J 401 65.13 76.50 0.32
C ILE J 401 66.24 77.49 0.62
N PRO J 402 67.32 77.46 -0.18
CA PRO J 402 68.38 78.47 -0.04
C PRO J 402 67.77 79.86 0.09
N PHE J 403 68.43 80.74 0.83
CA PHE J 403 67.82 82.01 1.22
C PHE J 403 67.62 83.01 0.07
N THR J 404 68.67 83.22 -0.73
CA THR J 404 68.57 84.14 -1.87
C THR J 404 67.71 83.54 -2.97
N GLN J 405 67.07 82.41 -2.63
CA GLN J 405 66.27 81.64 -3.57
C GLN J 405 64.78 81.79 -3.25
N ARG J 406 64.48 82.21 -2.03
CA ARG J 406 63.10 82.26 -1.55
C ARG J 406 62.27 83.38 -2.17
N LYS J 407 60.95 83.21 -2.14
CA LYS J 407 60.01 84.23 -2.56
C LYS J 407 59.72 85.20 -1.40
N ALA J 408 59.38 86.45 -1.74
CA ALA J 408 59.27 87.52 -0.75
C ALA J 408 58.04 87.46 0.14
N ARG J 409 58.24 87.80 1.41
CA ARG J 409 57.26 87.63 2.47
C ARG J 409 56.65 88.98 2.83
N PHE J 410 55.76 89.51 2.01
CA PHE J 410 55.24 90.87 2.26
C PHE J 410 53.73 90.98 2.30
N VAL J 411 53.27 92.13 2.80
CA VAL J 411 51.84 92.44 2.91
C VAL J 411 51.49 93.68 2.08
N ASN J 412 50.62 93.54 1.10
CA ASN J 412 50.04 94.69 0.43
C ASN J 412 48.55 94.78 0.74
N ARG J 413 48.04 96.01 0.85
CA ARG J 413 46.66 96.21 1.28
C ARG J 413 46.18 97.65 1.09
N PHE J 414 44.87 97.82 0.87
CA PHE J 414 44.29 99.16 0.73
C PHE J 414 43.95 99.78 2.08
N LEU J 415 44.04 101.11 2.17
CA LEU J 415 43.77 101.82 3.41
C LEU J 415 42.47 102.61 3.32
N PRO J 416 41.78 102.78 4.46
CA PRO J 416 40.50 103.50 4.55
C PRO J 416 40.61 105.00 4.24
N ILE J 417 41.68 105.42 3.57
CA ILE J 417 41.83 106.82 3.18
C ILE J 417 40.98 107.10 1.94
N THR J 418 40.29 108.22 1.93
CA THR J 418 39.25 108.50 0.95
C THR J 418 39.68 109.32 -0.28
N ALA J 419 40.94 109.72 -0.33
CA ALA J 419 41.40 110.60 -1.42
C ALA J 419 42.92 110.56 -1.61
N PRO J 420 43.37 110.89 -2.83
CA PRO J 420 44.77 110.86 -3.26
C PRO J 420 45.60 111.97 -2.65
N PHE J 421 46.11 111.78 -1.45
CA PHE J 421 46.95 112.79 -0.82
C PHE J 421 48.40 112.58 -1.19
N HIS J 422 49.17 113.66 -1.13
CA HIS J 422 50.61 113.58 -1.38
C HIS J 422 50.86 113.15 -2.82
N SER J 423 50.03 113.66 -3.73
CA SER J 423 50.06 113.30 -5.13
C SER J 423 49.63 114.48 -5.98
N PRO J 424 50.13 114.52 -7.22
CA PRO J 424 49.74 115.49 -8.23
C PRO J 424 48.24 115.45 -8.56
N TYR J 425 47.48 114.57 -7.92
CA TYR J 425 46.06 114.41 -8.23
C TYR J 425 45.21 115.37 -7.44
N LEU J 426 45.83 115.94 -6.44
CA LEU J 426 45.14 116.96 -5.68
C LEU J 426 45.67 118.33 -6.05
N ALA J 427 45.97 118.50 -7.34
CA ALA J 427 46.51 119.76 -7.84
C ALA J 427 45.45 120.86 -7.83
N GLY J 428 44.37 120.64 -8.56
CA GLY J 428 43.31 121.64 -8.71
C GLY J 428 42.69 122.07 -7.39
N ALA J 429 42.71 121.15 -6.43
CA ALA J 429 42.12 121.40 -5.12
C ALA J 429 42.89 122.48 -4.36
N HIS J 430 44.22 122.41 -4.44
CA HIS J 430 45.14 123.26 -3.66
C HIS J 430 44.80 124.76 -3.67
N ALA J 431 44.51 125.29 -4.87
CA ALA J 431 44.12 126.68 -5.04
C ALA J 431 42.86 126.97 -4.25
N HIS J 432 41.82 126.19 -4.50
CA HIS J 432 40.55 126.31 -3.77
C HIS J 432 40.69 126.39 -2.25
N ILE J 433 41.43 125.44 -1.66
CA ILE J 433 41.61 125.41 -0.21
C ILE J 433 42.22 126.71 0.30
N LEU J 434 43.28 127.16 -0.36
CA LEU J 434 43.96 128.40 0.04
C LEU J 434 43.00 129.58 0.16
N GLY J 435 42.12 129.74 -0.83
CA GLY J 435 41.18 130.85 -0.89
C GLY J 435 40.17 130.91 0.25
N ASP J 436 39.81 129.75 0.79
CA ASP J 436 38.84 129.70 1.88
C ASP J 436 39.44 130.17 3.19
N VAL J 437 40.78 130.23 3.25
CA VAL J 437 41.49 130.30 4.52
C VAL J 437 42.51 131.45 4.63
N ASP J 438 42.36 132.47 3.80
CA ASP J 438 43.24 133.64 3.88
C ASP J 438 42.77 134.66 4.93
N ASP J 439 41.56 134.45 5.45
CA ASP J 439 41.01 135.24 6.56
C ASP J 439 41.91 135.04 7.77
N MET J 440 42.45 133.82 7.87
CA MET J 440 43.42 133.50 8.90
C MET J 440 44.83 133.43 8.30
N LYS J 441 45.81 133.54 9.17
CA LYS J 441 47.21 133.49 8.76
C LYS J 441 48.02 133.01 9.95
N ILE J 442 48.85 132.00 9.72
CA ILE J 442 49.72 131.50 10.78
C ILE J 442 51.19 131.76 10.42
N PRO J 443 51.79 132.77 11.07
CA PRO J 443 53.17 133.21 10.81
C PRO J 443 54.21 132.33 11.49
N ALA J 444 55.37 132.16 10.86
CA ALA J 444 56.42 131.30 11.42
C ALA J 444 56.83 131.71 12.84
N SER J 445 56.59 132.96 13.17
CA SER J 445 57.01 133.53 14.46
C SER J 445 56.08 133.17 15.62
N SER J 446 54.82 132.86 15.32
CA SER J 446 53.88 132.47 16.38
C SER J 446 54.08 131.02 16.84
N LEU J 447 55.26 130.48 16.54
CA LEU J 447 55.58 129.09 16.88
C LEU J 447 56.43 128.94 18.13
N VAL J 448 55.76 128.69 19.24
CA VAL J 448 56.44 128.43 20.51
C VAL J 448 57.54 127.38 20.34
N ILE J 449 57.14 126.12 20.16
CA ILE J 449 58.09 125.02 20.02
C ILE J 449 58.17 124.55 18.57
N PRO J 450 59.39 124.23 18.11
CA PRO J 450 59.71 123.84 16.72
C PRO J 450 58.69 122.90 16.08
N VAL J 451 58.20 123.28 14.91
CA VAL J 451 57.35 122.40 14.09
C VAL J 451 58.16 121.92 12.88
N TYR J 452 58.51 120.64 12.87
CA TYR J 452 59.34 120.08 11.80
C TYR J 452 58.52 119.70 10.55
N ASP J 453 58.97 120.18 9.40
CA ASP J 453 58.30 119.94 8.13
C ASP J 453 58.01 118.45 7.88
N THR J 454 57.07 118.17 6.97
CA THR J 454 56.71 116.80 6.59
C THR J 454 57.75 116.14 5.65
N LYS J 455 58.06 116.83 4.55
CA LYS J 455 59.00 116.32 3.54
C LYS J 455 60.48 116.42 3.96
N THR J 456 60.81 117.45 4.74
CA THR J 456 62.15 117.56 5.31
C THR J 456 62.04 117.92 6.78
N GLY J 457 62.99 117.46 7.56
CA GLY J 457 62.93 117.65 9.00
C GLY J 457 63.02 119.10 9.47
N GLN J 458 63.26 120.03 8.54
CA GLN J 458 63.58 121.41 8.92
C GLN J 458 62.45 122.26 9.50
N ASP J 459 62.77 122.84 10.65
CA ASP J 459 61.89 123.69 11.43
C ASP J 459 61.15 124.73 10.58
N LEU J 460 59.86 124.90 10.87
CA LEU J 460 59.04 125.89 10.17
C LEU J 460 59.28 127.32 10.66
N ARG J 461 59.87 127.45 11.85
CA ARG J 461 60.11 128.78 12.40
C ARG J 461 61.16 129.55 11.59
N GLU J 462 61.90 128.83 10.73
CA GLU J 462 62.85 129.44 9.81
C GLU J 462 62.15 130.08 8.59
N LEU J 463 60.85 130.37 8.74
CA LEU J 463 60.10 131.05 7.71
C LEU J 463 59.87 132.52 8.07
N GLY J 464 59.89 133.37 7.06
CA GLY J 464 59.69 134.79 7.28
C GLY J 464 58.22 135.12 7.49
N ASP J 465 57.67 134.66 8.62
CA ASP J 465 56.29 134.95 9.02
C ASP J 465 55.24 134.57 7.98
N GLU J 466 55.66 133.76 7.02
CA GLU J 466 54.78 133.27 5.98
C GLU J 466 53.74 132.33 6.60
N ASP J 467 52.50 132.44 6.12
CA ASP J 467 51.42 131.59 6.61
C ASP J 467 51.81 130.11 6.54
N ILE J 468 51.92 129.49 7.71
CA ILE J 468 52.10 128.05 7.79
C ILE J 468 50.89 127.39 7.10
N ILE J 469 49.80 128.15 6.92
CA ILE J 469 48.60 127.66 6.26
C ILE J 469 48.84 127.24 4.79
N PRO J 470 49.32 128.17 3.94
CA PRO J 470 49.78 127.88 2.56
C PRO J 470 50.97 126.92 2.48
N GLU J 471 51.44 126.43 3.62
CA GLU J 471 52.48 125.42 3.63
C GLU J 471 51.96 124.09 4.15
N LEU J 472 51.05 124.15 5.12
CA LEU J 472 50.37 122.97 5.60
C LEU J 472 49.61 122.31 4.46
N VAL J 473 48.92 123.14 3.69
CA VAL J 473 48.18 122.65 2.53
C VAL J 473 49.09 121.94 1.53
N ARG J 474 50.27 122.48 1.28
CA ARG J 474 51.20 121.90 0.29
C ARG J 474 51.78 120.54 0.72
N MET J 475 52.13 120.42 2.00
CA MET J 475 52.75 119.20 2.54
C MET J 475 51.77 118.04 2.55
N ILE J 476 50.50 118.37 2.68
CA ILE J 476 49.44 117.37 2.80
C ILE J 476 48.93 116.90 1.44
N THR J 477 48.73 117.85 0.52
CA THR J 477 48.02 117.53 -0.72
C THR J 477 48.93 117.28 -1.92
N TYR J 478 50.20 117.64 -1.82
CA TYR J 478 51.11 117.44 -2.95
C TYR J 478 52.43 116.76 -2.58
N ASP J 479 52.84 116.91 -1.33
CA ASP J 479 54.18 116.49 -0.91
C ASP J 479 54.30 115.08 -0.35
N PRO J 480 55.40 114.37 -0.69
CA PRO J 480 55.73 113.15 0.05
C PRO J 480 55.74 113.41 1.56
N VAL J 481 55.42 112.39 2.34
CA VAL J 481 55.62 112.42 3.78
C VAL J 481 56.79 111.52 4.11
N ASN J 482 58.00 112.08 4.09
CA ASN J 482 59.17 111.30 4.44
C ASN J 482 59.29 111.24 5.94
N TRP J 483 58.37 110.52 6.54
CA TRP J 483 58.14 110.54 7.98
C TRP J 483 59.38 110.30 8.82
N GLU J 484 60.18 109.31 8.45
CA GLU J 484 61.28 108.90 9.31
C GLU J 484 62.34 109.98 9.46
N THR J 485 62.45 110.86 8.47
CA THR J 485 63.41 111.97 8.54
C THR J 485 62.88 113.16 9.36
N ALA J 486 61.61 113.52 9.17
CA ALA J 486 60.97 114.58 9.95
C ALA J 486 60.77 114.15 11.41
N THR J 487 61.05 112.88 11.66
CA THR J 487 60.85 112.28 12.98
C THR J 487 62.17 112.17 13.73
N VAL J 488 63.28 112.48 13.07
CA VAL J 488 64.58 112.30 13.72
C VAL J 488 64.81 113.32 14.83
N PHE J 489 63.91 113.33 15.81
CA PHE J 489 63.99 114.21 16.96
C PHE J 489 65.34 114.00 17.66
N PRO J 490 66.27 114.95 17.46
CA PRO J 490 67.67 114.75 17.84
C PRO J 490 67.85 114.59 19.35
N ASP J 491 68.46 113.48 19.76
CA ASP J 491 68.68 113.19 21.17
C ASP J 491 67.38 113.36 21.97
N ALA J 492 66.51 112.36 21.86
CA ALA J 492 65.26 112.35 22.62
C ALA J 492 65.14 111.09 23.49
N THR J 493 64.31 111.18 24.52
CA THR J 493 64.08 110.06 25.41
C THR J 493 62.63 109.64 25.35
N HIS J 494 61.74 110.62 25.22
CA HIS J 494 60.32 110.34 25.25
C HIS J 494 59.64 110.99 24.07
N ILE J 495 58.64 110.32 23.53
CA ILE J 495 57.81 110.89 22.49
C ILE J 495 56.36 110.56 22.78
N VAL J 496 55.49 111.57 22.67
CA VAL J 496 54.11 111.39 23.09
C VAL J 496 53.10 111.46 21.95
N ASP J 497 52.46 110.32 21.69
CA ASP J 497 51.40 110.21 20.68
C ASP J 497 50.07 110.75 21.22
N PHE J 498 49.64 111.90 20.71
CA PHE J 498 48.31 112.42 21.02
C PHE J 498 47.38 112.03 19.88
N GLY J 499 47.97 111.52 18.81
CA GLY J 499 47.27 111.18 17.58
C GLY J 499 46.14 110.19 17.75
N PRO J 500 45.36 110.00 16.68
CA PRO J 500 44.17 109.14 16.66
C PRO J 500 44.54 107.66 16.68
N GLY J 501 43.82 106.87 17.48
CA GLY J 501 43.96 105.43 17.46
C GLY J 501 44.79 104.88 18.61
N GLY J 502 44.16 104.03 19.41
CA GLY J 502 44.78 103.43 20.57
C GLY J 502 46.19 102.91 20.35
N VAL J 503 46.32 101.59 20.18
CA VAL J 503 47.64 101.01 19.96
C VAL J 503 47.93 100.98 18.46
N SER J 504 47.28 101.88 17.74
CA SER J 504 47.36 101.94 16.29
C SER J 504 47.95 103.27 15.82
N GLY J 505 47.87 104.28 16.68
CA GLY J 505 48.40 105.61 16.39
C GLY J 505 49.87 105.53 16.02
N ILE J 506 50.37 106.58 15.39
CA ILE J 506 51.71 106.53 14.79
C ILE J 506 52.83 106.28 15.82
N GLY J 507 52.47 106.41 17.09
CA GLY J 507 53.40 106.11 18.16
C GLY J 507 54.00 104.71 18.05
N VAL J 508 53.17 103.71 17.77
CA VAL J 508 53.64 102.34 17.66
C VAL J 508 54.61 102.21 16.50
N LEU J 509 54.18 102.73 15.35
CA LEU J 509 54.99 102.71 14.13
C LEU J 509 56.38 103.24 14.45
N THR J 510 56.40 104.52 14.84
CA THR J 510 57.64 105.22 15.10
C THR J 510 58.47 104.53 16.18
N ASN J 511 57.80 103.99 17.21
CA ASN J 511 58.50 103.29 18.27
C ASN J 511 59.37 102.18 17.70
N ARG J 512 58.91 101.59 16.59
CA ARG J 512 59.72 100.63 15.86
C ARG J 512 60.88 101.30 15.14
N ASN J 513 60.57 102.37 14.41
CA ASN J 513 61.59 103.17 13.73
C ASN J 513 62.77 103.45 14.67
N LYS J 514 62.45 103.61 15.94
CA LYS J 514 63.43 103.97 16.95
C LYS J 514 63.37 103.06 18.17
N ASP J 515 63.61 101.77 17.99
CA ASP J 515 63.66 100.90 19.18
C ASP J 515 65.08 100.83 19.72
N GLY J 516 66.05 100.75 18.81
CA GLY J 516 67.45 100.62 19.19
C GLY J 516 67.99 101.78 20.01
N THR J 517 67.63 103.01 19.62
CA THR J 517 68.22 104.24 20.17
C THR J 517 67.86 104.57 21.63
N GLY J 518 66.81 103.96 22.13
CA GLY J 518 66.41 104.19 23.51
C GLY J 518 65.38 105.29 23.65
N VAL J 519 64.59 105.47 22.59
CA VAL J 519 63.45 106.38 22.67
C VAL J 519 62.23 105.62 23.17
N ARG J 520 61.69 106.08 24.29
CA ARG J 520 60.43 105.56 24.83
C ARG J 520 59.28 106.28 24.13
N VAL J 521 58.12 105.64 24.09
CA VAL J 521 56.96 106.26 23.51
C VAL J 521 55.76 106.14 24.46
N ILE J 522 54.93 107.16 24.49
CA ILE J 522 53.73 107.11 25.30
C ILE J 522 52.51 107.53 24.50
N LEU J 523 51.46 106.72 24.56
CA LEU J 523 50.23 107.03 23.86
C LEU J 523 49.27 107.72 24.80
N ALA J 524 49.14 109.03 24.62
CA ALA J 524 48.34 109.85 25.52
C ALA J 524 46.85 109.54 25.46
N GLY J 525 46.39 109.01 24.32
CA GLY J 525 44.98 108.73 24.12
C GLY J 525 44.37 107.65 24.99
N ALA J 526 45.14 106.59 25.28
CA ALA J 526 44.62 105.46 26.04
C ALA J 526 45.34 105.25 27.37
N ILE J 527 44.65 104.62 28.32
CA ILE J 527 45.20 104.29 29.63
C ILE J 527 46.01 103.01 29.60
N ASP J 528 45.55 102.04 28.82
CA ASP J 528 46.18 100.74 28.71
C ASP J 528 45.75 100.08 27.40
N GLY J 529 46.63 99.26 26.83
CA GLY J 529 46.30 98.55 25.62
C GLY J 529 46.96 97.20 25.54
N THR J 530 46.98 96.64 24.34
CA THR J 530 47.50 95.29 24.11
C THR J 530 49.02 95.28 23.92
N ASN J 531 49.62 96.45 23.75
CA ASN J 531 51.05 96.55 23.47
C ASN J 531 51.88 96.72 24.74
N THR J 532 52.92 95.90 24.90
CA THR J 532 53.92 96.12 25.94
C THR J 532 55.27 96.46 25.33
N GLU J 533 55.38 97.71 24.94
CA GLU J 533 56.59 98.25 24.33
C GLU J 533 56.34 99.75 24.25
N VAL J 534 55.13 100.11 24.68
CA VAL J 534 54.67 101.49 24.71
C VAL J 534 53.94 101.75 26.02
N GLY J 535 54.29 102.84 26.69
CA GLY J 535 53.58 103.28 27.89
C GLY J 535 52.34 104.08 27.52
N TYR J 536 51.46 104.32 28.49
CA TYR J 536 50.19 104.98 28.18
C TYR J 536 49.93 106.28 28.97
N LYS J 537 48.67 106.68 28.99
CA LYS J 537 48.22 107.92 29.61
C LYS J 537 48.80 108.19 31.02
N PRO J 538 48.72 107.20 31.92
CA PRO J 538 49.18 107.40 33.31
C PRO J 538 50.68 107.67 33.45
N GLU J 539 51.44 107.46 32.38
CA GLU J 539 52.88 107.74 32.39
C GLU J 539 53.17 109.20 32.08
N LEU J 540 52.13 110.02 32.14
CA LEU J 540 52.29 111.46 31.97
C LEU J 540 51.84 112.19 33.25
N PHE J 541 51.12 111.48 34.11
CA PHE J 541 50.61 112.04 35.37
C PHE J 541 50.91 111.13 36.57
N ASP J 542 52.16 111.16 37.02
CA ASP J 542 52.56 110.32 38.15
C ASP J 542 53.39 111.11 39.13
N ARG J 543 53.37 110.68 40.39
CA ARG J 543 54.01 111.44 41.46
C ARG J 543 55.15 110.68 42.15
N ASP J 544 55.14 109.35 42.03
CA ASP J 544 56.25 108.55 42.55
C ASP J 544 57.53 108.90 41.79
N ASP J 545 58.67 108.75 42.46
CA ASP J 545 59.96 109.06 41.85
C ASP J 545 60.33 108.01 40.81
N ASN J 546 59.84 106.79 41.02
CA ASN J 546 60.13 105.67 40.12
C ASN J 546 59.25 105.64 38.88
N ALA J 547 58.46 106.68 38.70
CA ALA J 547 57.41 106.71 37.68
C ALA J 547 57.89 107.02 36.26
N VAL J 548 59.20 107.15 36.07
CA VAL J 548 59.72 107.49 34.74
C VAL J 548 60.53 106.38 34.09
N GLN J 549 60.19 106.09 32.83
CA GLN J 549 60.79 105.01 32.07
C GLN J 549 61.78 105.51 31.03
N PHE J 550 62.87 104.75 30.84
CA PHE J 550 63.84 105.05 29.79
C PHE J 550 64.02 103.85 28.88
N ALA J 551 63.60 104.01 27.62
CA ALA J 551 63.80 102.97 26.61
C ALA J 551 65.30 102.75 26.43
N VAL J 552 65.73 101.50 26.47
CA VAL J 552 67.16 101.20 26.50
C VAL J 552 67.83 101.18 25.14
N ASP J 553 69.11 101.56 25.12
CA ASP J 553 69.96 101.43 23.95
C ASP J 553 70.84 100.19 24.15
N TRP J 554 70.80 99.25 23.20
CA TRP J 554 71.57 97.99 23.27
C TRP J 554 73.08 98.22 23.25
N VAL J 555 73.51 99.32 22.65
CA VAL J 555 74.92 99.68 22.69
C VAL J 555 75.29 100.05 24.12
N LYS J 556 74.41 100.81 24.77
CA LYS J 556 74.57 101.18 26.18
C LYS J 556 74.52 99.95 27.07
N GLU J 557 73.45 99.19 26.94
CA GLU J 557 73.19 98.05 27.79
C GLU J 557 74.15 96.88 27.54
N HIS J 558 74.35 96.53 26.28
CA HIS J 558 75.11 95.31 25.93
C HIS J 558 76.42 95.60 25.20
N GLY J 559 76.85 96.85 25.21
CA GLY J 559 78.10 97.21 24.54
C GLY J 559 79.28 96.52 25.18
N PRO J 560 80.25 96.08 24.36
CA PRO J 560 81.47 95.45 24.87
C PRO J 560 82.21 96.40 25.79
N ARG J 561 83.05 95.86 26.67
CA ARG J 561 83.80 96.68 27.60
C ARG J 561 85.13 96.03 27.92
N LEU J 562 85.93 96.71 28.74
CA LEU J 562 87.19 96.15 29.20
C LEU J 562 87.18 96.28 30.72
N VAL J 563 87.88 95.34 31.38
CA VAL J 563 88.01 95.34 32.84
C VAL J 563 89.28 94.57 33.22
N LYS J 564 89.86 94.90 34.38
CA LYS J 564 91.09 94.25 34.84
C LYS J 564 90.98 93.64 36.26
N THR J 565 91.73 92.57 36.49
CA THR J 565 91.67 91.85 37.78
C THR J 565 92.63 92.43 38.81
N SER J 566 92.42 91.99 40.05
CA SER J 566 93.30 92.33 41.17
C SER J 566 94.69 91.70 40.95
N VAL J 567 94.82 90.90 39.89
CA VAL J 567 96.13 90.40 39.48
C VAL J 567 96.40 90.75 38.01
N GLY J 568 95.77 91.84 37.56
CA GLY J 568 96.12 92.48 36.32
C GLY J 568 95.90 91.69 35.06
N GLN J 569 94.81 90.93 35.00
CA GLN J 569 94.37 90.36 33.74
C GLN J 569 93.41 91.34 33.10
N THR J 570 93.15 91.13 31.82
CA THR J 570 92.18 91.96 31.11
C THR J 570 91.13 91.10 30.44
N PHE J 571 89.87 91.46 30.66
CA PHE J 571 88.75 90.71 30.12
C PHE J 571 87.86 91.60 29.29
N VAL J 572 87.68 91.22 28.03
CA VAL J 572 86.65 91.84 27.22
C VAL J 572 85.32 91.54 27.91
N ASP J 573 84.74 92.57 28.52
CA ASP J 573 83.56 92.39 29.36
C ASP J 573 82.27 92.25 28.55
N THR J 574 81.67 91.07 28.60
CA THR J 574 80.35 90.83 28.01
C THR J 574 79.52 89.96 28.95
N LYS J 575 78.25 89.78 28.60
CA LYS J 575 77.36 88.94 29.41
C LYS J 575 77.88 87.51 29.40
N MET J 576 78.47 87.10 28.28
CA MET J 576 78.98 85.75 28.12
C MET J 576 80.21 85.49 28.98
N SER J 577 81.22 86.33 28.82
CA SER J 577 82.49 86.20 29.54
C SER J 577 82.29 86.31 31.05
N ARG J 578 81.37 87.18 31.45
CA ARG J 578 81.06 87.41 32.85
C ARG J 578 80.28 86.23 33.42
N LEU J 579 79.41 85.66 32.60
CA LEU J 579 78.71 84.44 32.96
C LEU J 579 79.72 83.30 33.12
N LEU J 580 80.32 82.89 32.01
CA LEU J 580 81.26 81.77 32.00
C LEU J 580 82.44 82.00 32.92
N GLY J 581 83.02 83.20 32.86
CA GLY J 581 84.18 83.54 33.67
C GLY J 581 85.46 83.44 32.87
N VAL J 582 85.37 83.77 31.59
CA VAL J 582 86.53 83.70 30.70
C VAL J 582 86.29 84.54 29.43
N PRO J 583 87.34 84.73 28.60
CA PRO J 583 87.22 85.46 27.33
C PRO J 583 85.97 85.08 26.53
N PRO J 584 85.18 86.08 26.09
CA PRO J 584 83.94 85.90 25.30
C PRO J 584 84.19 85.30 23.92
N VAL J 585 85.42 84.84 23.68
CA VAL J 585 85.74 84.05 22.50
C VAL J 585 85.73 82.59 22.90
N MET J 586 84.98 81.79 22.16
CA MET J 586 84.76 80.40 22.52
C MET J 586 84.82 79.44 21.33
N VAL J 587 85.48 78.30 21.53
CA VAL J 587 85.53 77.24 20.52
C VAL J 587 84.28 76.37 20.64
N ALA J 588 83.50 76.29 19.57
CA ALA J 588 82.27 75.50 19.58
C ALA J 588 82.57 74.01 19.48
N GLY J 589 81.66 73.21 20.02
CA GLY J 589 81.82 71.76 20.04
C GLY J 589 81.63 71.19 18.67
N MET J 590 82.59 70.39 18.23
CA MET J 590 82.59 69.81 16.89
C MET J 590 82.93 68.35 16.98
N THR J 591 82.08 67.50 16.44
CA THR J 591 82.21 66.06 16.63
C THR J 591 83.64 65.52 16.44
N PRO J 592 84.14 65.50 15.20
CA PRO J 592 85.47 64.89 14.99
C PRO J 592 86.60 65.48 15.86
N THR J 593 86.79 66.78 15.76
CA THR J 593 87.94 67.45 16.37
C THR J 593 87.76 67.77 17.86
N THR J 594 86.56 68.18 18.24
CA THR J 594 86.26 68.59 19.62
C THR J 594 85.84 67.40 20.50
N VAL J 595 86.09 66.19 20.01
CA VAL J 595 85.72 65.03 20.79
C VAL J 595 86.77 64.61 21.81
N PRO J 596 88.07 64.55 21.40
CA PRO J 596 89.13 63.96 22.24
C PRO J 596 89.46 64.82 23.46
N TRP J 597 89.73 64.16 24.59
CA TRP J 597 89.86 64.86 25.86
C TRP J 597 91.08 65.78 25.94
N ASP J 598 91.95 65.68 24.94
CA ASP J 598 93.15 66.51 24.89
C ASP J 598 92.78 67.93 24.53
N PHE J 599 92.44 68.11 23.25
CA PHE J 599 92.09 69.40 22.69
C PHE J 599 91.16 70.19 23.64
N VAL J 600 90.27 69.48 24.34
CA VAL J 600 89.28 70.13 25.19
C VAL J 600 89.90 70.61 26.49
N ALA J 601 90.66 69.74 27.14
CA ALA J 601 91.31 70.09 28.39
C ALA J 601 92.51 71.02 28.16
N ALA J 602 93.18 70.87 27.03
CA ALA J 602 94.28 71.75 26.65
C ALA J 602 93.79 73.17 26.30
N THR J 603 92.57 73.26 25.76
CA THR J 603 91.96 74.54 25.42
C THR J 603 91.35 75.24 26.65
N MET J 604 91.02 74.45 27.66
CA MET J 604 90.53 75.02 28.91
C MET J 604 91.70 75.42 29.81
N ASN J 605 92.83 74.73 29.63
CA ASN J 605 94.09 75.09 30.29
C ASN J 605 94.64 76.36 29.66
N ALA J 606 94.34 76.56 28.37
CA ALA J 606 94.71 77.79 27.69
C ALA J 606 93.72 78.91 28.03
N GLY J 607 92.86 78.65 29.01
CA GLY J 607 91.97 79.66 29.56
C GLY J 607 90.77 80.04 28.69
N TYR J 608 90.21 79.06 27.97
CA TYR J 608 89.09 79.34 27.09
C TYR J 608 87.94 78.34 27.17
N HIS J 609 86.73 78.84 26.87
CA HIS J 609 85.52 78.03 26.94
C HIS J 609 85.25 77.19 25.69
N ILE J 610 85.36 75.87 25.83
CA ILE J 610 85.16 74.98 24.70
C ILE J 610 84.10 73.92 25.04
N GLU J 611 83.49 73.30 24.03
CA GLU J 611 82.42 72.32 24.21
C GLU J 611 82.83 70.90 23.86
N LEU J 612 82.90 70.03 24.87
CA LEU J 612 83.25 68.63 24.66
C LEU J 612 82.21 67.94 23.80
N ALA J 613 82.60 67.60 22.57
CA ALA J 613 81.70 66.98 21.60
C ALA J 613 81.25 65.58 22.05
N GLY J 614 80.04 65.52 22.62
CA GLY J 614 79.49 64.26 23.10
C GLY J 614 79.08 63.32 21.99
N GLY J 615 79.00 63.85 20.78
CA GLY J 615 78.56 63.07 19.63
C GLY J 615 79.61 62.14 19.04
N GLY J 616 80.56 61.75 19.86
CA GLY J 616 81.58 60.79 19.45
C GLY J 616 81.77 59.79 20.56
N TYR J 617 80.79 59.75 21.45
CA TYR J 617 80.80 58.85 22.60
C TYR J 617 79.63 57.90 22.51
N TYR J 618 79.91 56.72 21.99
CA TYR J 618 78.90 55.71 21.71
C TYR J 618 78.64 54.93 22.97
N ASN J 619 79.69 54.77 23.76
CA ASN J 619 79.65 53.99 24.99
C ASN J 619 79.58 54.87 26.25
N ALA J 620 78.67 54.53 27.17
CA ALA J 620 78.51 55.27 28.43
C ALA J 620 79.80 55.31 29.25
N GLN J 621 80.58 54.23 29.18
CA GLN J 621 81.83 54.12 29.93
C GLN J 621 82.91 55.04 29.36
N LYS J 622 83.05 55.04 28.05
CA LYS J 622 84.07 55.84 27.40
C LYS J 622 83.80 57.35 27.47
N MET J 623 82.57 57.72 27.84
CA MET J 623 82.24 59.13 27.98
C MET J 623 82.48 59.61 29.42
N SER J 624 82.04 58.83 30.37
CA SER J 624 82.32 59.13 31.77
C SER J 624 83.81 58.98 32.06
N ASP J 625 84.51 58.28 31.17
CA ASP J 625 85.97 58.08 31.28
C ASP J 625 86.70 59.33 30.87
N ALA J 626 86.58 59.68 29.60
CA ALA J 626 87.27 60.85 29.06
C ALA J 626 86.80 62.15 29.73
N ILE J 627 85.62 62.11 30.35
CA ILE J 627 85.13 63.25 31.13
C ILE J 627 85.92 63.43 32.42
N SER J 628 86.13 62.33 33.14
CA SER J 628 86.86 62.38 34.40
C SER J 628 88.38 62.33 34.20
N LYS J 629 88.81 62.40 32.95
CA LYS J 629 90.22 62.63 32.64
C LYS J 629 90.42 64.14 32.57
N ILE J 630 89.36 64.83 32.16
CA ILE J 630 89.38 66.28 31.99
C ILE J 630 89.30 66.98 33.34
N GLU J 631 88.43 66.47 34.21
CA GLU J 631 88.27 67.05 35.55
C GLU J 631 89.63 67.13 36.26
N LYS J 632 90.49 66.14 36.00
CA LYS J 632 91.76 66.00 36.71
C LYS J 632 92.93 66.71 36.05
N ALA J 633 92.71 67.34 34.91
CA ALA J 633 93.76 68.10 34.25
C ALA J 633 93.31 69.52 33.97
N ILE J 634 92.62 70.12 34.93
CA ILE J 634 91.95 71.39 34.72
C ILE J 634 92.18 72.39 35.84
N PRO J 635 92.21 73.71 35.52
CA PRO J 635 92.23 74.77 36.52
C PRO J 635 91.09 74.56 37.51
N PRO J 636 91.38 74.01 38.71
CA PRO J 636 90.32 73.67 39.65
C PRO J 636 89.29 74.79 39.78
N GLY J 637 88.03 74.45 39.48
CA GLY J 637 86.96 75.42 39.49
C GLY J 637 86.33 75.60 38.11
N ARG J 638 87.06 75.20 37.07
CA ARG J 638 86.56 75.28 35.71
C ARG J 638 85.42 74.30 35.51
N GLY J 639 84.40 74.72 34.77
CA GLY J 639 83.27 73.85 34.46
C GLY J 639 83.42 73.23 33.08
N ILE J 640 82.81 72.06 32.91
CA ILE J 640 82.82 71.37 31.63
C ILE J 640 81.46 71.51 30.94
N THR J 641 81.50 71.61 29.63
CA THR J 641 80.30 71.77 28.82
C THR J 641 80.25 70.67 27.76
N VAL J 642 79.25 69.81 27.87
CA VAL J 642 79.09 68.73 26.91
C VAL J 642 78.09 69.13 25.83
N ASN J 643 78.36 68.69 24.60
CA ASN J 643 77.52 69.01 23.46
C ASN J 643 76.80 67.76 22.93
N LEU J 644 75.47 67.75 23.12
CA LEU J 644 74.63 66.61 22.75
C LEU J 644 73.80 66.88 21.51
N ILE J 645 73.75 65.89 20.63
CA ILE J 645 72.99 65.98 19.39
C ILE J 645 71.55 65.55 19.58
N TYR J 646 70.61 66.42 19.21
CA TYR J 646 69.19 66.17 19.50
C TYR J 646 68.52 65.20 18.55
N VAL J 647 69.01 65.12 17.31
CA VAL J 647 68.49 64.17 16.33
C VAL J 647 69.17 62.81 16.48
N ASN J 648 69.69 62.55 17.68
CA ASN J 648 70.22 61.24 18.04
C ASN J 648 69.64 60.83 19.38
N PRO J 649 68.29 60.72 19.44
CA PRO J 649 67.60 60.50 20.72
C PRO J 649 67.97 59.14 21.33
N ARG J 650 68.49 58.24 20.51
CA ARG J 650 68.90 56.94 21.01
C ARG J 650 70.09 57.10 21.93
N ALA J 651 71.22 57.56 21.38
CA ALA J 651 72.43 57.76 22.17
C ALA J 651 72.26 58.85 23.24
N MET J 652 71.51 59.90 22.91
CA MET J 652 71.23 60.99 23.84
C MET J 652 70.31 60.54 24.96
N GLY J 653 69.83 59.30 24.85
CA GLY J 653 68.97 58.71 25.86
C GLY J 653 69.71 58.41 27.15
N TRP J 654 70.90 57.83 27.02
CA TRP J 654 71.72 57.51 28.18
C TRP J 654 72.61 58.68 28.56
N GLN J 655 73.01 59.48 27.57
CA GLN J 655 73.93 60.59 27.78
C GLN J 655 73.46 61.61 28.83
N ILE J 656 72.20 62.02 28.72
CA ILE J 656 71.65 63.05 29.61
C ILE J 656 71.55 62.67 31.09
N PRO J 657 70.97 61.49 31.40
CA PRO J 657 70.95 61.03 32.79
C PRO J 657 72.34 60.59 33.29
N LEU J 658 73.28 60.42 32.36
CA LEU J 658 74.67 60.15 32.72
C LEU J 658 75.30 61.42 33.25
N LEU J 659 75.18 62.50 32.49
CA LEU J 659 75.66 63.81 32.93
C LEU J 659 75.07 64.17 34.28
N GLY J 660 73.74 64.17 34.37
CA GLY J 660 73.03 64.48 35.59
C GLY J 660 73.53 63.68 36.77
N ARG J 661 73.82 62.40 36.53
CA ARG J 661 74.35 61.54 37.57
C ARG J 661 75.77 61.91 37.99
N LEU J 662 76.61 62.24 37.00
CA LEU J 662 77.98 62.65 37.27
C LEU J 662 78.03 63.89 38.15
N ARG J 663 77.29 64.92 37.76
CA ARG J 663 77.26 66.19 38.49
C ARG J 663 76.98 65.98 39.97
N ALA J 664 76.09 65.04 40.28
CA ALA J 664 75.70 64.73 41.64
C ALA J 664 76.84 64.11 42.46
N ASP J 665 77.88 63.64 41.78
CA ASP J 665 79.04 63.05 42.45
C ASP J 665 80.15 64.08 42.68
N GLY J 666 80.05 65.21 41.98
CA GLY J 666 81.02 66.27 42.15
C GLY J 666 81.67 66.65 40.84
N VAL J 667 81.64 65.74 39.87
CA VAL J 667 82.21 66.03 38.56
C VAL J 667 81.76 67.40 38.03
N PRO J 668 82.73 68.17 37.55
CA PRO J 668 82.62 69.61 37.28
C PRO J 668 81.85 69.97 36.00
N ILE J 669 80.67 69.41 35.79
CA ILE J 669 79.91 69.78 34.60
C ILE J 669 78.84 70.78 34.98
N GLU J 670 78.97 72.00 34.46
CA GLU J 670 77.99 73.04 34.76
C GLU J 670 77.42 73.66 33.49
N GLY J 671 77.61 72.96 32.38
CA GLY J 671 77.14 73.45 31.08
C GLY J 671 76.73 72.36 30.10
N LEU J 672 75.53 72.53 29.53
CA LEU J 672 74.98 71.59 28.56
C LEU J 672 74.64 72.34 27.27
N THR J 673 74.92 71.71 26.13
CA THR J 673 74.63 72.28 24.82
C THR J 673 73.92 71.28 23.90
N ILE J 674 72.76 71.67 23.42
CA ILE J 674 71.94 70.81 22.58
C ILE J 674 71.95 71.28 21.15
N GLY J 675 72.58 70.50 20.28
CA GLY J 675 72.74 70.88 18.89
C GLY J 675 71.80 70.18 17.94
N ALA J 676 71.64 70.76 16.75
CA ALA J 676 70.77 70.21 15.70
C ALA J 676 69.36 69.92 16.23
N GLY J 677 68.52 70.95 16.25
CA GLY J 677 67.17 70.79 16.73
C GLY J 677 66.95 71.43 18.08
N VAL J 678 65.84 72.14 18.22
CA VAL J 678 65.51 72.86 19.45
C VAL J 678 64.48 72.08 20.25
N PRO J 679 64.87 71.56 21.43
CA PRO J 679 63.97 70.79 22.29
C PRO J 679 62.62 71.48 22.53
N SER J 680 61.65 70.66 22.93
CA SER J 680 60.34 71.20 23.28
C SER J 680 60.44 71.89 24.62
N ILE J 681 59.53 72.81 24.86
CA ILE J 681 59.56 73.62 26.07
C ILE J 681 59.73 72.76 27.34
N GLU J 682 58.94 71.71 27.48
CA GLU J 682 59.03 70.85 28.67
C GLU J 682 60.19 69.86 28.60
N VAL J 683 60.70 69.61 27.39
CA VAL J 683 61.88 68.77 27.24
C VAL J 683 63.08 69.48 27.84
N ALA J 684 63.17 70.79 27.59
CA ALA J 684 64.24 71.60 28.13
C ALA J 684 64.07 71.77 29.64
N ASN J 685 62.83 72.03 30.07
CA ASN J 685 62.53 72.24 31.49
C ASN J 685 63.08 71.15 32.39
N GLU J 686 62.98 69.90 31.93
CA GLU J 686 63.59 68.78 32.63
C GLU J 686 65.09 68.96 32.73
N TYR J 687 65.76 69.01 31.58
CA TYR J 687 67.20 69.23 31.52
C TYR J 687 67.64 70.26 32.54
N ILE J 688 67.02 71.42 32.45
CA ILE J 688 67.30 72.56 33.33
C ILE J 688 67.30 72.16 34.81
N GLN J 689 66.19 71.57 35.27
CA GLN J 689 65.99 71.33 36.69
C GLN J 689 66.19 69.89 37.13
N THR J 690 66.83 69.08 36.29
CA THR J 690 67.10 67.69 36.64
C THR J 690 68.59 67.46 36.82
N LEU J 691 69.35 67.63 35.74
CA LEU J 691 70.80 67.60 35.80
C LEU J 691 71.25 68.98 36.28
N GLY J 692 72.03 69.01 37.35
CA GLY J 692 72.39 70.25 37.99
C GLY J 692 73.37 71.10 37.18
N ILE J 693 72.91 71.63 36.06
CA ILE J 693 73.76 72.51 35.25
C ILE J 693 73.53 73.97 35.60
N ARG J 694 74.52 74.81 35.26
CA ARG J 694 74.48 76.21 35.60
C ARG J 694 74.06 77.03 34.37
N HIS J 695 74.40 76.54 33.19
CA HIS J 695 73.95 77.19 31.97
C HIS J 695 73.56 76.17 30.91
N ILE J 696 72.68 76.58 30.00
CA ILE J 696 72.20 75.70 28.93
C ILE J 696 72.23 76.42 27.57
N SER J 697 72.84 75.76 26.58
CA SER J 697 73.09 76.41 25.30
C SER J 697 72.39 75.72 24.10
N PHE J 698 71.55 76.46 23.39
CA PHE J 698 70.83 75.94 22.23
C PHE J 698 71.40 76.48 20.93
N LYS J 699 71.40 75.67 19.88
CA LYS J 699 71.80 76.14 18.55
C LYS J 699 70.61 76.16 17.60
N PRO J 700 69.91 77.30 17.50
CA PRO J 700 68.82 77.47 16.54
C PRO J 700 69.36 77.73 15.15
N GLY J 701 68.52 77.57 14.14
CA GLY J 701 68.95 77.70 12.77
C GLY J 701 67.92 78.38 11.90
N SER J 702 66.71 78.53 12.43
CA SER J 702 65.66 79.21 11.69
C SER J 702 64.99 80.30 12.51
N VAL J 703 64.35 81.23 11.80
CA VAL J 703 63.66 82.38 12.39
C VAL J 703 62.73 81.99 13.55
N ASP J 704 62.01 80.89 13.37
CA ASP J 704 61.11 80.38 14.40
C ASP J 704 61.86 79.55 15.44
N ALA J 705 62.99 78.97 15.04
CA ALA J 705 63.85 78.23 15.96
C ALA J 705 64.30 79.17 17.07
N ILE J 706 64.62 80.40 16.68
CA ILE J 706 64.95 81.44 17.62
C ILE J 706 63.81 81.65 18.61
N GLN J 707 62.63 81.98 18.10
CA GLN J 707 61.45 82.19 18.94
C GLN J 707 61.23 81.06 19.93
N GLN J 708 61.58 79.83 19.53
CA GLN J 708 61.54 78.69 20.43
C GLN J 708 62.37 79.01 21.65
N VAL J 709 63.67 79.17 21.42
CA VAL J 709 64.64 79.50 22.45
C VAL J 709 64.11 80.61 23.37
N ILE J 710 63.55 81.65 22.77
CA ILE J 710 63.05 82.79 23.54
C ILE J 710 62.03 82.34 24.57
N ASN J 711 61.12 81.47 24.15
CA ASN J 711 60.09 80.96 25.03
C ASN J 711 60.66 80.01 26.08
N ILE J 712 61.69 79.26 25.69
CA ILE J 712 62.38 78.39 26.65
C ILE J 712 62.96 79.28 27.74
N ALA J 713 63.30 80.50 27.36
CA ALA J 713 63.87 81.49 28.26
C ALA J 713 62.83 82.15 29.14
N LYS J 714 61.72 82.58 28.52
CA LYS J 714 60.61 83.16 29.27
C LYS J 714 60.08 82.13 30.26
N ALA J 715 60.35 80.86 29.93
CA ALA J 715 59.98 79.72 30.77
C ALA J 715 60.75 79.73 32.09
N ASN J 716 62.04 79.97 32.01
CA ASN J 716 62.87 80.05 33.20
C ASN J 716 63.59 81.37 33.24
N PRO J 717 62.92 82.41 33.77
CA PRO J 717 63.46 83.77 33.77
C PRO J 717 64.59 83.96 34.76
N THR J 718 65.09 82.87 35.33
CA THR J 718 66.17 82.95 36.31
C THR J 718 67.35 82.07 35.92
N PHE J 719 67.44 81.74 34.63
CA PHE J 719 68.45 80.78 34.19
C PHE J 719 69.23 81.21 32.94
N PRO J 720 70.55 80.97 32.95
CA PRO J 720 71.50 81.19 31.85
C PRO J 720 71.16 80.40 30.59
N ILE J 721 70.84 81.10 29.50
CA ILE J 721 70.52 80.46 28.23
C ILE J 721 71.37 81.04 27.08
N ILE J 722 72.54 80.44 26.86
CA ILE J 722 73.43 80.87 25.79
C ILE J 722 72.82 80.52 24.44
N LEU J 723 72.42 81.56 23.70
CA LEU J 723 71.77 81.39 22.38
C LEU J 723 72.75 81.41 21.21
N GLN J 724 73.57 80.36 21.09
CA GLN J 724 74.55 80.28 20.01
C GLN J 724 73.84 80.31 18.68
N TRP J 725 74.03 81.41 17.95
CA TRP J 725 73.42 81.55 16.64
C TRP J 725 74.38 81.15 15.50
N THR J 726 73.98 80.16 14.72
CA THR J 726 74.76 79.74 13.57
C THR J 726 74.08 80.24 12.30
N GLY J 727 74.87 80.38 11.23
CA GLY J 727 74.34 80.74 9.93
C GLY J 727 74.40 79.59 8.94
N GLY J 728 74.03 79.87 7.69
CA GLY J 728 74.08 78.86 6.66
C GLY J 728 75.50 78.37 6.38
N ARG J 729 76.49 79.24 6.58
CA ARG J 729 77.87 78.93 6.22
C ARG J 729 78.67 78.18 7.30
N GLY J 730 77.97 77.44 8.15
CA GLY J 730 78.64 76.66 9.19
C GLY J 730 79.25 75.39 8.63
N GLY J 731 80.00 74.68 9.46
CA GLY J 731 80.57 73.40 9.07
C GLY J 731 79.56 72.27 9.23
N GLY J 732 79.67 71.25 8.38
CA GLY J 732 78.76 70.12 8.42
C GLY J 732 77.28 70.51 8.34
N HIS J 733 76.50 70.01 9.29
CA HIS J 733 75.07 70.27 9.35
C HIS J 733 74.75 71.78 9.37
N HIS J 734 74.17 72.28 8.28
CA HIS J 734 73.95 73.71 8.13
C HIS J 734 72.54 74.01 7.63
N SER J 735 71.93 75.06 8.17
CA SER J 735 70.62 75.49 7.68
C SER J 735 70.76 76.11 6.30
N PHE J 736 69.66 76.65 5.79
CA PHE J 736 69.68 77.34 4.51
C PHE J 736 69.50 78.84 4.76
N GLU J 737 69.71 79.24 6.01
CA GLU J 737 69.47 80.60 6.45
C GLU J 737 70.68 81.52 6.28
N ASP J 738 70.41 82.82 6.18
CA ASP J 738 71.46 83.82 6.13
C ASP J 738 71.78 84.30 7.53
N PHE J 739 73.02 84.70 7.75
CA PHE J 739 73.49 85.13 9.05
C PHE J 739 72.72 86.35 9.57
N HIS J 740 72.43 87.28 8.67
CA HIS J 740 72.06 88.63 9.06
C HIS J 740 70.57 88.88 9.26
N GLN J 741 69.77 88.58 8.25
CA GLN J 741 68.35 88.96 8.28
C GLN J 741 67.48 88.30 9.36
N PRO J 742 67.87 87.09 9.82
CA PRO J 742 67.17 86.49 10.96
C PRO J 742 67.42 87.24 12.27
N ILE J 743 68.69 87.57 12.53
CA ILE J 743 69.06 88.29 13.72
C ILE J 743 68.55 89.72 13.63
N LEU J 744 68.68 90.31 12.45
CA LEU J 744 68.15 91.66 12.16
C LEU J 744 66.64 91.78 12.40
N LEU J 745 65.98 90.63 12.54
CA LEU J 745 64.53 90.59 12.64
C LEU J 745 64.11 90.21 14.05
N MET J 746 64.98 89.45 14.71
CA MET J 746 64.68 88.89 16.02
C MET J 746 65.37 89.63 17.17
N TYR J 747 66.53 90.21 16.89
CA TYR J 747 67.36 90.85 17.91
C TYR J 747 66.55 91.52 19.02
N SER J 748 65.65 92.41 18.63
CA SER J 748 64.84 93.12 19.60
C SER J 748 64.22 92.19 20.61
N ARG J 749 63.51 91.16 20.13
CA ARG J 749 62.81 90.25 21.02
C ARG J 749 63.75 89.39 21.84
N ILE J 750 64.86 88.98 21.23
CA ILE J 750 65.88 88.20 21.94
C ILE J 750 66.34 88.99 23.17
N ARG J 751 66.77 90.22 22.93
CA ARG J 751 67.27 91.10 23.98
C ARG J 751 66.30 91.32 25.12
N LYS J 752 65.02 91.45 24.79
CA LYS J 752 64.00 91.72 25.80
C LYS J 752 63.84 90.57 26.79
N CYS J 753 64.62 89.52 26.59
CA CYS J 753 64.80 88.47 27.58
C CYS J 753 66.22 88.53 28.13
N SER J 754 66.36 88.77 29.43
CA SER J 754 67.66 88.98 30.06
C SER J 754 68.51 87.72 30.12
N ASN J 755 67.86 86.56 30.11
CA ASN J 755 68.53 85.27 30.28
C ASN J 755 69.39 84.87 29.08
N ILE J 756 69.26 85.60 27.99
CA ILE J 756 69.89 85.19 26.75
C ILE J 756 71.27 85.79 26.54
N VAL J 757 72.21 84.91 26.18
CA VAL J 757 73.53 85.33 25.79
C VAL J 757 73.71 85.14 24.28
N LEU J 758 73.33 86.17 23.52
CA LEU J 758 73.43 86.11 22.05
C LEU J 758 74.88 86.02 21.55
N VAL J 759 75.25 84.83 21.11
CA VAL J 759 76.65 84.54 20.78
C VAL J 759 76.81 84.26 19.30
N ALA J 760 77.33 85.25 18.57
CA ALA J 760 77.55 85.07 17.13
C ALA J 760 78.53 83.95 16.86
N GLY J 761 78.22 83.14 15.85
CA GLY J 761 79.07 82.05 15.42
C GLY J 761 78.81 81.66 13.98
N SER J 762 79.80 81.08 13.31
CA SER J 762 79.74 80.74 11.90
C SER J 762 80.48 81.77 11.02
N GLY J 763 81.43 81.29 10.22
CA GLY J 763 82.11 82.13 9.24
C GLY J 763 83.35 82.87 9.73
N PHE J 764 83.50 82.97 11.05
CA PHE J 764 84.57 83.75 11.66
C PHE J 764 85.91 83.02 11.74
N GLY J 765 87.01 83.79 11.66
CA GLY J 765 88.35 83.22 11.74
C GLY J 765 89.34 84.16 12.40
N GLY J 766 88.88 85.36 12.75
CA GLY J 766 89.73 86.35 13.39
C GLY J 766 88.98 87.41 14.19
N SER J 767 89.74 88.22 14.92
CA SER J 767 89.19 89.27 15.76
C SER J 767 88.72 90.47 14.94
N GLU J 768 89.25 90.58 13.73
CA GLU J 768 88.99 91.70 12.83
C GLU J 768 87.56 91.67 12.27
N ASP J 769 87.12 90.49 11.86
CA ASP J 769 85.78 90.29 11.36
C ASP J 769 84.82 90.03 12.52
N THR J 770 85.34 89.39 13.56
CA THR J 770 84.56 89.17 14.77
C THR J 770 84.15 90.50 15.36
N TYR J 771 85.14 91.37 15.56
CA TYR J 771 84.95 92.65 16.22
C TYR J 771 83.61 93.32 15.88
N PRO J 772 83.33 93.55 14.58
CA PRO J 772 82.10 94.21 14.12
C PRO J 772 80.79 93.72 14.77
N TYR J 773 80.61 92.40 14.85
CA TYR J 773 79.43 91.83 15.50
C TYR J 773 79.56 91.93 17.01
N LEU J 774 80.79 91.73 17.49
CA LEU J 774 81.12 91.87 18.89
C LEU J 774 80.75 93.28 19.36
N THR J 775 80.84 94.24 18.43
CA THR J 775 80.43 95.62 18.65
C THR J 775 78.92 95.73 18.54
N GLY J 776 78.46 95.72 17.31
CA GLY J 776 77.07 95.99 16.97
C GLY J 776 77.09 96.92 15.78
N SER J 777 78.21 96.90 15.07
CA SER J 777 78.44 97.80 13.95
C SER J 777 78.00 97.23 12.61
N TRP J 778 78.09 95.90 12.48
CA TRP J 778 77.65 95.18 11.29
C TRP J 778 76.23 95.61 10.88
N SER J 779 75.36 95.77 11.87
CA SER J 779 73.92 95.97 11.68
C SER J 779 73.58 97.34 11.13
N THR J 780 74.55 98.26 11.16
CA THR J 780 74.34 99.60 10.65
C THR J 780 74.38 99.58 9.13
N LYS J 781 75.19 98.68 8.58
CA LYS J 781 75.30 98.51 7.13
C LYS J 781 73.98 98.13 6.52
N PHE J 782 73.10 97.55 7.34
CA PHE J 782 71.77 97.13 6.89
C PHE J 782 70.68 98.09 7.34
N GLY J 783 71.01 99.38 7.39
CA GLY J 783 70.06 100.42 7.73
C GLY J 783 69.39 100.28 9.10
N TYR J 784 70.04 99.58 10.01
CA TYR J 784 69.50 99.38 11.36
C TYR J 784 70.48 99.80 12.46
N PRO J 785 69.96 100.21 13.63
CA PRO J 785 70.75 100.58 14.81
C PRO J 785 71.77 99.51 15.18
N PRO J 786 72.83 99.90 15.89
CA PRO J 786 73.85 98.95 16.39
C PRO J 786 73.26 97.82 17.25
N MET J 787 73.66 96.58 16.93
CA MET J 787 73.16 95.39 17.60
C MET J 787 74.30 94.49 18.07
N PRO J 788 74.80 94.76 19.28
CA PRO J 788 75.88 94.07 19.97
C PRO J 788 75.66 92.58 20.16
N PHE J 789 76.74 91.82 20.06
CA PHE J 789 76.72 90.41 20.42
C PHE J 789 77.50 90.20 21.72
N ASP J 790 77.06 89.23 22.52
CA ASP J 790 77.67 88.98 23.83
C ASP J 790 78.87 88.04 23.76
N GLY J 791 79.40 87.86 22.56
CA GLY J 791 80.58 87.03 22.36
C GLY J 791 80.68 86.57 20.93
N CYS J 792 81.57 85.62 20.69
CA CYS J 792 81.69 85.02 19.37
C CYS J 792 82.18 83.57 19.44
N MET J 793 81.86 82.81 18.41
CA MET J 793 82.03 81.37 18.43
C MET J 793 82.92 80.91 17.28
N PHE J 794 83.83 79.98 17.57
CA PHE J 794 84.77 79.45 16.57
C PHE J 794 84.73 77.94 16.40
N GLY J 795 84.60 77.50 15.16
CA GLY J 795 84.54 76.09 14.84
C GLY J 795 85.60 75.74 13.83
N SER J 796 85.29 75.97 12.56
CA SER J 796 86.16 75.60 11.46
C SER J 796 87.58 76.11 11.68
N ARG J 797 87.70 77.28 12.31
CA ARG J 797 88.98 77.93 12.56
C ARG J 797 89.98 77.03 13.29
N MET J 798 89.57 76.55 14.47
CA MET J 798 90.47 75.84 15.38
C MET J 798 90.94 74.48 14.86
N MET J 799 90.35 74.03 13.75
CA MET J 799 90.65 72.70 13.25
C MET J 799 92.15 72.48 13.02
N THR J 800 92.85 73.56 12.64
CA THR J 800 94.28 73.50 12.35
C THR J 800 95.18 73.79 13.55
N ALA J 801 94.59 73.81 14.75
CA ALA J 801 95.36 73.97 15.98
C ALA J 801 96.23 72.73 16.16
N LYS J 802 97.48 72.94 16.55
CA LYS J 802 98.45 71.84 16.65
C LYS J 802 98.06 70.82 17.72
N GLU J 803 97.19 71.24 18.63
CA GLU J 803 96.70 70.38 19.69
C GLU J 803 95.34 69.73 19.31
N ALA J 804 94.91 70.00 18.08
CA ALA J 804 93.77 69.32 17.45
C ALA J 804 94.25 68.02 16.83
N HIS J 805 93.36 67.05 16.72
CA HIS J 805 93.77 65.75 16.20
C HIS J 805 93.74 65.66 14.68
N THR J 806 93.18 66.70 14.05
CA THR J 806 93.16 66.81 12.61
C THR J 806 94.50 66.37 12.02
N SER J 807 94.48 65.35 11.17
CA SER J 807 95.71 64.82 10.56
C SER J 807 96.55 65.93 9.94
N LYS J 808 97.81 65.60 9.64
CA LYS J 808 98.70 66.61 9.10
C LYS J 808 98.23 67.11 7.72
N GLN J 809 98.28 66.23 6.73
CA GLN J 809 97.90 66.59 5.37
C GLN J 809 96.45 67.11 5.28
N ALA J 810 95.64 66.74 6.26
CA ALA J 810 94.29 67.25 6.38
C ALA J 810 94.30 68.75 6.67
N LYS J 811 94.86 69.11 7.83
CA LYS J 811 95.02 70.51 8.22
C LYS J 811 95.58 71.32 7.07
N GLN J 812 96.56 70.75 6.38
CA GLN J 812 97.15 71.36 5.20
C GLN J 812 96.03 71.71 4.23
N ALA J 813 95.39 70.67 3.71
CA ALA J 813 94.28 70.81 2.77
C ALA J 813 93.19 71.77 3.26
N ILE J 814 93.10 71.95 4.58
CA ILE J 814 92.14 72.85 5.19
C ILE J 814 92.48 74.31 4.94
N VAL J 815 93.71 74.68 5.31
CA VAL J 815 94.22 76.02 5.07
C VAL J 815 94.07 76.34 3.60
N ASP J 816 94.53 75.38 2.79
CA ASP J 816 94.58 75.46 1.33
C ASP J 816 93.23 75.74 0.68
N ALA J 817 92.16 75.62 1.46
CA ALA J 817 90.86 76.01 0.96
C ALA J 817 90.80 77.53 0.90
N PRO J 818 90.62 78.06 -0.32
CA PRO J 818 90.40 79.50 -0.49
C PRO J 818 88.97 79.79 -0.12
N GLY J 819 88.76 80.45 1.01
CA GLY J 819 87.42 80.76 1.46
C GLY J 819 86.65 81.61 0.45
N VAL J 820 85.39 81.87 0.77
CA VAL J 820 84.56 82.77 -0.02
C VAL J 820 83.81 83.69 0.92
N ASP J 821 83.57 84.92 0.49
CA ASP J 821 82.90 85.91 1.32
C ASP J 821 81.45 85.53 1.54
N ASP J 822 80.78 86.22 2.45
CA ASP J 822 79.35 86.02 2.67
C ASP J 822 78.57 86.15 1.37
N ASP J 823 79.15 86.84 0.39
CA ASP J 823 78.56 87.01 -0.93
C ASP J 823 78.05 85.69 -1.51
N GLN J 824 78.99 84.86 -1.96
CA GLN J 824 78.67 83.65 -2.68
C GLN J 824 78.83 82.42 -1.81
N TRP J 825 78.28 82.47 -0.60
CA TRP J 825 78.39 81.33 0.29
C TRP J 825 77.42 80.24 -0.15
N GLU J 826 76.22 80.64 -0.58
CA GLU J 826 75.18 79.71 -1.00
C GLU J 826 75.56 78.88 -2.23
N ASN J 827 76.61 79.30 -2.90
CA ASN J 827 77.12 78.59 -4.06
C ASN J 827 77.62 77.18 -3.77
N THR J 828 77.72 76.83 -2.49
CA THR J 828 78.14 75.47 -2.11
C THR J 828 77.16 74.46 -2.70
N TYR J 829 75.88 74.80 -2.63
CA TYR J 829 74.80 73.88 -3.02
C TYR J 829 74.95 73.33 -4.45
N LYS J 830 75.62 74.09 -5.31
CA LYS J 830 75.73 73.74 -6.72
C LYS J 830 77.14 73.45 -7.21
N ARG J 831 78.13 74.18 -6.67
CA ARG J 831 79.51 74.06 -7.15
C ARG J 831 80.51 73.76 -6.04
N PRO J 832 81.73 73.38 -6.42
CA PRO J 832 82.87 73.28 -5.50
C PRO J 832 83.35 74.70 -5.13
N THR J 833 82.45 75.47 -4.53
CA THR J 833 82.73 76.86 -4.16
C THR J 833 83.81 76.97 -3.08
N GLY J 834 84.87 77.71 -3.39
CA GLY J 834 86.01 77.82 -2.51
C GLY J 834 86.75 76.49 -2.44
N GLY J 835 86.67 75.85 -1.29
CA GLY J 835 87.26 74.53 -1.13
C GLY J 835 86.21 73.59 -0.56
N VAL J 836 85.06 74.14 -0.20
CA VAL J 836 84.00 73.33 0.39
C VAL J 836 82.81 73.17 -0.55
N ILE J 837 82.17 72.01 -0.45
CA ILE J 837 80.97 71.71 -1.22
C ILE J 837 79.92 71.28 -0.20
N THR J 838 78.64 71.27 -0.58
CA THR J 838 77.62 70.71 0.30
C THR J 838 77.13 69.36 -0.21
N VAL J 839 76.87 68.46 0.73
CA VAL J 839 76.59 67.06 0.42
C VAL J 839 75.68 66.44 1.49
N LEU J 840 74.93 65.41 1.10
CA LEU J 840 73.90 64.87 1.98
C LEU J 840 74.37 63.71 2.85
N SER J 841 73.92 63.76 4.10
CA SER J 841 74.48 62.98 5.21
C SER J 841 73.96 61.55 5.31
N GLU J 842 74.42 60.84 6.33
CA GLU J 842 73.83 59.56 6.73
C GLU J 842 72.33 59.79 6.93
N MET J 843 72.00 60.70 7.85
CA MET J 843 70.61 61.02 8.21
C MET J 843 69.85 61.68 7.04
N GLY J 844 70.58 62.13 6.03
CA GLY J 844 69.98 62.76 4.86
C GLY J 844 70.10 64.27 4.89
N GLU J 845 70.84 64.77 5.88
CA GLU J 845 70.95 66.20 6.13
C GLU J 845 72.08 66.83 5.30
N PRO J 846 71.99 68.15 5.06
CA PRO J 846 73.01 68.88 4.29
C PRO J 846 74.30 69.00 5.09
N ILE J 847 75.44 68.98 4.41
CA ILE J 847 76.72 69.10 5.09
C ILE J 847 77.72 69.92 4.27
N HIS J 848 78.60 70.65 4.95
CA HIS J 848 79.71 71.34 4.28
C HIS J 848 81.01 70.59 4.49
N LYS J 849 81.55 70.03 3.41
CA LYS J 849 82.81 69.29 3.49
C LYS J 849 83.84 69.88 2.54
N LEU J 850 85.11 69.67 2.87
CA LEU J 850 86.19 70.04 1.99
C LEU J 850 86.03 69.14 0.76
N ALA J 851 85.83 69.75 -0.40
CA ALA J 851 85.50 69.03 -1.63
C ALA J 851 86.68 68.24 -2.22
N THR J 852 87.07 67.17 -1.53
CA THR J 852 88.13 66.28 -1.99
C THR J 852 87.68 65.42 -3.18
N ARG J 853 88.58 64.58 -3.69
CA ARG J 853 88.24 63.64 -4.76
C ARG J 853 87.08 62.75 -4.31
N GLY J 854 87.25 62.12 -3.15
CA GLY J 854 86.23 61.27 -2.57
C GLY J 854 84.90 61.98 -2.39
N VAL J 855 84.92 63.12 -1.70
CA VAL J 855 83.70 63.87 -1.40
C VAL J 855 82.95 64.25 -2.69
N LEU J 856 83.70 64.45 -3.77
CA LEU J 856 83.11 64.80 -5.06
C LEU J 856 82.31 63.65 -5.66
N PHE J 857 82.91 62.46 -5.65
CA PHE J 857 82.24 61.25 -6.10
C PHE J 857 81.05 60.93 -5.22
N TRP J 858 81.21 61.16 -3.92
CA TRP J 858 80.13 61.01 -2.96
C TRP J 858 78.95 61.90 -3.37
N LYS J 859 79.23 63.14 -3.77
CA LYS J 859 78.19 64.04 -4.23
C LYS J 859 77.51 63.46 -5.46
N GLU J 860 78.33 62.91 -6.35
CA GLU J 860 77.81 62.28 -7.55
C GLU J 860 76.74 61.24 -7.25
N LEU J 861 77.10 60.28 -6.40
CA LEU J 861 76.18 59.22 -6.02
C LEU J 861 74.94 59.77 -5.32
N ASP J 862 75.11 60.84 -4.57
CA ASP J 862 73.97 61.51 -3.93
C ASP J 862 72.91 61.81 -4.99
N ASP J 863 73.38 62.01 -6.22
CA ASP J 863 72.54 62.54 -7.27
C ASP J 863 72.06 61.45 -8.25
N LYS J 864 72.89 60.43 -8.45
CA LYS J 864 72.60 59.40 -9.44
C LYS J 864 72.09 58.11 -8.81
N ILE J 865 72.50 57.85 -7.58
CA ILE J 865 72.17 56.59 -6.90
C ILE J 865 71.25 56.80 -5.70
N PHE J 866 71.69 57.62 -4.74
CA PHE J 866 70.93 57.85 -3.52
C PHE J 866 69.73 58.76 -3.79
N SER J 867 69.54 59.11 -5.06
CA SER J 867 68.42 59.95 -5.46
C SER J 867 67.18 59.11 -5.78
N LEU J 868 67.40 57.85 -6.10
CA LEU J 868 66.34 56.96 -6.55
C LEU J 868 65.72 56.18 -5.38
N ASP J 869 64.44 55.83 -5.50
CA ASP J 869 63.71 55.12 -4.46
C ASP J 869 64.42 53.83 -4.09
N ARG J 870 64.35 53.45 -2.82
CA ARG J 870 65.06 52.28 -2.30
C ARG J 870 65.15 51.11 -3.28
N SER J 871 64.03 50.81 -3.92
CA SER J 871 63.95 49.67 -4.84
C SER J 871 64.83 49.78 -6.09
N LYS J 872 64.55 50.81 -6.89
CA LYS J 872 65.22 50.99 -8.18
C LYS J 872 66.71 51.26 -8.05
N ARG J 873 67.20 51.26 -6.82
CA ARG J 873 68.60 51.53 -6.55
C ARG J 873 69.53 50.42 -7.03
N VAL J 874 69.25 49.18 -6.62
CA VAL J 874 70.10 48.06 -6.97
C VAL J 874 70.25 47.95 -8.48
N ALA J 875 69.15 48.20 -9.20
CA ALA J 875 69.12 48.15 -10.66
C ALA J 875 70.18 49.06 -11.28
N GLU J 876 70.20 50.31 -10.83
CA GLU J 876 71.13 51.30 -11.36
C GLU J 876 72.59 50.99 -10.98
N LEU J 877 72.78 50.44 -9.79
CA LEU J 877 74.12 50.08 -9.33
C LEU J 877 74.74 49.04 -10.26
N LYS J 878 73.91 48.12 -10.76
CA LYS J 878 74.39 47.09 -11.67
C LYS J 878 74.73 47.61 -13.05
N LYS J 879 74.07 48.68 -13.47
CA LYS J 879 74.31 49.23 -14.80
C LYS J 879 75.58 50.07 -14.81
N ARG J 880 75.94 50.63 -13.66
CA ARG J 880 77.15 51.44 -13.54
C ARG J 880 78.17 50.77 -12.64
N ARG J 881 78.02 49.47 -12.45
CA ARG J 881 78.81 48.73 -11.48
C ARG J 881 80.30 49.03 -11.54
N ASP J 882 80.93 48.78 -12.68
CA ASP J 882 82.37 48.90 -12.81
C ASP J 882 82.83 50.37 -12.81
N TYR J 883 81.93 51.26 -13.17
CA TYR J 883 82.24 52.68 -13.07
C TYR J 883 82.31 53.12 -11.61
N ILE J 884 81.35 52.67 -10.81
CA ILE J 884 81.32 52.95 -9.37
C ILE J 884 82.47 52.25 -8.64
N ILE J 885 82.93 51.16 -9.23
CA ILE J 885 84.00 50.36 -8.64
C ILE J 885 85.36 51.01 -8.89
N LYS J 886 85.52 51.62 -10.05
CA LYS J 886 86.73 52.38 -10.34
C LYS J 886 86.83 53.57 -9.39
N LYS J 887 85.77 54.36 -9.33
CA LYS J 887 85.73 55.54 -8.48
C LYS J 887 85.90 55.21 -6.99
N LEU J 888 85.34 54.08 -6.57
CA LEU J 888 85.62 53.53 -5.24
C LEU J 888 87.11 53.29 -5.05
N ASN J 889 87.65 52.38 -5.87
CA ASN J 889 89.06 51.96 -5.80
C ASN J 889 90.07 53.11 -5.84
N ASP J 890 89.77 54.10 -6.66
CA ASP J 890 90.71 55.18 -6.95
C ASP J 890 90.73 56.26 -5.87
N ASP J 891 89.61 56.96 -5.70
CA ASP J 891 89.59 58.11 -4.80
C ASP J 891 88.37 58.20 -3.86
N PHE J 892 88.22 57.20 -3.01
CA PHE J 892 87.27 57.30 -1.91
C PHE J 892 87.82 56.69 -0.62
N GLN J 893 87.38 57.25 0.52
CA GLN J 893 87.76 56.77 1.86
C GLN J 893 87.77 55.25 1.94
N LYS J 894 86.70 54.68 1.40
CA LYS J 894 86.52 53.25 1.37
C LYS J 894 86.78 52.70 -0.02
N VAL J 895 87.46 51.55 -0.05
CA VAL J 895 87.86 50.93 -1.29
C VAL J 895 86.85 49.86 -1.67
N TRP J 896 87.02 49.31 -2.86
CA TRP J 896 86.28 48.11 -3.24
C TRP J 896 87.07 46.88 -2.80
N PHE J 897 86.52 46.16 -1.82
CA PHE J 897 87.14 44.96 -1.26
C PHE J 897 87.29 43.85 -2.32
N GLY J 898 87.62 44.21 -3.54
CA GLY J 898 87.43 43.29 -4.64
C GLY J 898 88.64 42.60 -5.24
N ARG J 899 89.83 42.95 -4.79
CA ARG J 899 91.00 42.54 -5.53
C ARG J 899 91.44 41.09 -5.36
N ASN J 900 92.00 40.54 -6.44
CA ASN J 900 92.52 39.19 -6.44
C ASN J 900 94.00 39.16 -6.11
N SER J 901 94.58 37.97 -6.13
CA SER J 901 96.00 37.78 -5.84
C SER J 901 96.90 38.65 -6.70
N ALA J 902 96.52 38.79 -7.97
CA ALA J 902 97.33 39.55 -8.92
C ALA J 902 97.10 41.06 -8.83
N GLY J 903 96.40 41.50 -7.79
CA GLY J 903 96.23 42.92 -7.51
C GLY J 903 95.12 43.61 -8.28
N GLU J 904 94.47 42.88 -9.18
CA GLU J 904 93.40 43.43 -10.00
C GLU J 904 92.05 43.33 -9.30
N PRO J 905 91.13 44.27 -9.59
CA PRO J 905 89.82 44.30 -8.94
C PRO J 905 88.85 43.26 -9.56
N VAL J 906 88.26 42.41 -8.72
CA VAL J 906 87.32 41.40 -9.18
C VAL J 906 86.06 41.43 -8.32
N ASP J 907 85.10 40.56 -8.62
CA ASP J 907 83.89 40.47 -7.82
C ASP J 907 84.20 39.72 -6.53
N LEU J 908 83.57 40.12 -5.43
CA LEU J 908 83.75 39.42 -4.16
C LEU J 908 83.57 37.92 -4.36
N GLU J 909 82.65 37.55 -5.26
CA GLU J 909 82.27 36.17 -5.49
C GLU J 909 83.33 35.36 -6.22
N ASP J 910 84.29 36.05 -6.84
CA ASP J 910 85.37 35.42 -7.60
C ASP J 910 86.67 35.33 -6.82
N MET J 911 86.67 35.87 -5.60
CA MET J 911 87.84 35.87 -4.74
C MET J 911 88.04 34.46 -4.21
N THR J 912 89.27 34.10 -3.89
CA THR J 912 89.53 32.82 -3.22
C THR J 912 89.48 33.03 -1.70
N TYR J 913 89.27 31.95 -0.96
CA TYR J 913 89.21 32.07 0.50
C TYR J 913 90.45 32.74 1.05
N ALA J 914 91.60 32.31 0.55
CA ALA J 914 92.87 32.92 0.89
C ALA J 914 92.82 34.43 0.61
N GLU J 915 92.60 34.77 -0.66
CA GLU J 915 92.59 36.17 -1.08
C GLU J 915 91.72 37.04 -0.18
N VAL J 916 90.62 36.47 0.32
CA VAL J 916 89.74 37.25 1.19
C VAL J 916 90.34 37.48 2.56
N VAL J 917 90.72 36.41 3.24
CA VAL J 917 91.37 36.57 4.53
C VAL J 917 92.50 37.59 4.39
N HIS J 918 93.29 37.45 3.32
CA HIS J 918 94.40 38.37 3.04
C HIS J 918 93.96 39.82 2.86
N ARG J 919 92.95 40.02 2.02
CA ARG J 919 92.45 41.36 1.71
C ARG J 919 91.84 42.03 2.95
N MET J 920 91.34 41.22 3.87
CA MET J 920 90.78 41.72 5.12
C MET J 920 91.90 42.35 5.91
N VAL J 921 92.97 41.58 6.09
CA VAL J 921 94.18 42.04 6.74
C VAL J 921 94.72 43.30 6.09
N GLU J 922 94.79 43.29 4.76
CA GLU J 922 95.33 44.43 4.02
C GLU J 922 94.58 45.73 4.31
N LEU J 923 93.28 45.61 4.55
CA LEU J 923 92.42 46.78 4.61
C LEU J 923 91.99 47.15 6.03
N MET J 924 92.51 46.44 7.04
CA MET J 924 92.13 46.70 8.43
C MET J 924 93.35 46.73 9.38
N TYR J 925 94.51 46.31 8.85
CA TYR J 925 95.76 46.35 9.59
C TYR J 925 96.80 47.13 8.82
N VAL J 926 97.19 48.28 9.38
CA VAL J 926 98.18 49.13 8.74
C VAL J 926 99.58 48.59 8.98
N LYS J 927 100.18 48.03 7.92
CA LYS J 927 101.49 47.39 7.98
C LYS J 927 102.58 48.18 8.70
N HIS J 928 102.83 49.40 8.22
CA HIS J 928 103.95 50.21 8.68
C HIS J 928 103.77 50.80 10.09
N GLU J 929 102.67 50.48 10.75
CA GLU J 929 102.44 50.93 12.12
C GLU J 929 102.16 49.75 13.03
N LYS J 930 102.00 48.57 12.45
CA LYS J 930 101.74 47.34 13.22
C LYS J 930 100.55 47.46 14.18
N ARG J 931 99.44 48.00 13.68
CA ARG J 931 98.23 48.12 14.46
C ARG J 931 96.96 47.88 13.64
N TRP J 932 95.94 47.35 14.30
CA TRP J 932 94.62 47.22 13.69
C TRP J 932 93.87 48.53 13.89
N ILE J 933 93.03 48.88 12.94
CA ILE J 933 92.26 50.13 13.04
C ILE J 933 91.31 50.09 14.24
N ASP J 934 91.10 48.89 14.77
CA ASP J 934 90.25 48.68 15.95
C ASP J 934 90.23 47.20 16.26
N PRO J 935 90.39 46.85 17.55
CA PRO J 935 90.39 45.45 18.00
C PRO J 935 89.22 44.65 17.40
N SER J 936 88.05 45.29 17.25
CA SER J 936 86.88 44.62 16.69
C SER J 936 87.13 44.09 15.27
N LEU J 937 87.76 44.91 14.44
CA LEU J 937 88.04 44.54 13.05
C LEU J 937 89.06 43.40 13.00
N LYS J 938 89.89 43.31 14.03
CA LYS J 938 90.80 42.19 14.15
C LYS J 938 89.96 40.94 14.40
N LYS J 939 89.02 41.06 15.33
CA LYS J 939 88.14 39.95 15.65
C LYS J 939 87.42 39.49 14.41
N LEU J 940 86.92 40.45 13.63
CA LEU J 940 86.27 40.17 12.37
C LEU J 940 87.13 39.25 11.52
N THR J 941 88.24 39.78 11.01
CA THR J 941 89.15 38.99 10.19
C THR J 941 89.44 37.62 10.83
N GLY J 942 89.57 37.61 12.15
CA GLY J 942 89.84 36.38 12.87
C GLY J 942 88.70 35.39 12.76
N ASP J 943 87.48 35.87 12.93
CA ASP J 943 86.30 35.02 12.85
C ASP J 943 86.18 34.38 11.48
N PHE J 944 86.19 35.21 10.43
CA PHE J 944 86.08 34.68 9.08
C PHE J 944 87.12 33.60 8.83
N ILE J 945 88.33 33.84 9.35
CA ILE J 945 89.40 32.84 9.27
C ILE J 945 88.92 31.49 9.83
N ARG J 946 88.48 31.54 11.07
CA ARG J 946 87.88 30.38 11.72
C ARG J 946 86.87 29.74 10.79
N ARG J 947 86.03 30.56 10.16
CA ARG J 947 85.04 30.06 9.23
C ARG J 947 85.71 29.23 8.13
N VAL J 948 86.69 29.85 7.47
CA VAL J 948 87.41 29.21 6.38
C VAL J 948 88.05 27.91 6.85
N GLU J 949 88.46 27.90 8.12
CA GLU J 949 88.90 26.67 8.75
C GLU J 949 87.81 25.62 8.61
N GLU J 950 86.68 25.90 9.26
CA GLU J 950 85.57 24.95 9.35
C GLU J 950 85.13 24.44 7.98
N ARG J 951 85.09 25.35 7.02
CA ARG J 951 84.72 25.00 5.65
C ARG J 951 85.60 23.86 5.14
N PHE J 952 86.87 23.88 5.51
CA PHE J 952 87.81 22.95 4.92
C PHE J 952 88.24 21.78 5.80
N THR J 953 87.71 21.74 7.03
CA THR J 953 87.89 20.55 7.86
C THR J 953 86.64 19.69 7.77
N SER J 954 86.83 18.38 7.84
CA SER J 954 85.71 17.46 7.67
C SER J 954 85.70 16.27 8.66
N VAL J 955 86.53 16.37 9.69
CA VAL J 955 86.45 15.41 10.79
C VAL J 955 86.45 16.17 12.11
N GLU J 956 85.68 15.67 13.07
CA GLU J 956 85.56 16.31 14.36
C GLU J 956 86.83 16.08 15.19
N GLY J 957 87.05 16.96 16.17
CA GLY J 957 88.17 16.78 17.09
C GLY J 957 89.28 17.77 16.86
N GLN J 958 89.71 17.92 15.61
CA GLN J 958 90.77 18.85 15.27
C GLN J 958 90.46 20.24 15.80
N PRO J 959 91.37 20.80 16.61
CA PRO J 959 91.18 22.14 17.14
C PRO J 959 91.60 23.22 16.14
N SER J 960 91.30 24.47 16.48
CA SER J 960 91.61 25.59 15.61
C SER J 960 93.09 25.96 15.67
N LEU J 961 93.62 26.49 14.58
CA LEU J 961 95.00 26.96 14.53
C LEU J 961 95.04 28.39 15.00
N LEU J 962 93.86 28.96 15.19
CA LEU J 962 93.70 30.28 15.74
C LEU J 962 92.87 30.12 16.99
N GLN J 963 93.52 29.75 18.08
CA GLN J 963 92.83 29.46 19.35
C GLN J 963 92.63 30.71 20.19
N ASN J 964 93.48 31.71 19.95
CA ASN J 964 93.34 33.03 20.56
C ASN J 964 93.66 34.14 19.57
N TYR J 965 92.81 35.17 19.55
CA TYR J 965 92.96 36.26 18.59
C TYR J 965 94.19 37.08 18.88
N SER J 966 94.89 36.70 19.94
CA SER J 966 96.17 37.30 20.28
C SER J 966 97.16 37.14 19.13
N ASP J 967 96.93 36.12 18.30
CA ASP J 967 97.81 35.81 17.17
C ASP J 967 97.79 36.83 16.05
N LEU J 968 96.63 37.45 15.85
CA LEU J 968 96.46 38.43 14.78
C LEU J 968 97.06 39.79 15.14
N ASP J 969 97.71 39.87 16.29
CA ASP J 969 98.43 41.09 16.68
C ASP J 969 99.54 41.37 15.68
N GLU J 970 100.45 40.41 15.52
CA GLU J 970 101.33 40.35 14.36
C GLU J 970 100.76 39.31 13.39
N PRO J 971 99.89 39.78 12.48
CA PRO J 971 98.94 38.98 11.72
C PRO J 971 99.60 38.35 10.52
N TYR J 972 99.99 39.19 9.58
CA TYR J 972 100.56 38.74 8.31
C TYR J 972 101.58 37.61 8.45
N PRO J 973 102.38 37.61 9.55
CA PRO J 973 103.27 36.49 9.86
C PRO J 973 102.54 35.16 10.11
N ALA J 974 101.59 35.18 11.05
CA ALA J 974 100.91 33.97 11.54
C ALA J 974 99.69 33.51 10.68
N VAL J 975 99.05 34.46 10.01
CA VAL J 975 97.89 34.15 9.16
C VAL J 975 98.27 33.14 8.09
N ASP J 976 99.41 33.38 7.46
CA ASP J 976 99.90 32.55 6.37
C ASP J 976 100.08 31.13 6.84
N ARG J 977 100.40 30.99 8.11
CA ARG J 977 100.60 29.67 8.72
C ARG J 977 99.29 28.89 8.81
N ILE J 978 98.22 29.57 9.23
CA ILE J 978 96.90 28.95 9.35
C ILE J 978 96.35 28.58 7.96
N LEU J 979 96.36 29.57 7.08
CA LEU J 979 95.95 29.40 5.68
C LEU J 979 96.72 28.28 5.02
N ALA J 980 97.85 27.93 5.62
CA ALA J 980 98.73 26.90 5.08
C ALA J 980 98.20 25.49 5.38
N ALA J 981 97.63 25.33 6.57
CA ALA J 981 97.15 24.02 7.01
C ALA J 981 95.85 23.65 6.33
N TYR J 982 95.36 24.53 5.48
CA TYR J 982 94.15 24.28 4.72
C TYR J 982 94.42 24.65 3.26
N PRO J 983 95.05 23.70 2.54
CA PRO J 983 95.61 23.86 1.19
C PRO J 983 94.61 24.48 0.23
N GLU J 984 93.50 23.78 0.06
CA GLU J 984 92.50 24.12 -0.93
C GLU J 984 91.97 25.54 -0.72
N ALA J 985 92.15 26.08 0.48
CA ALA J 985 91.64 27.42 0.80
C ALA J 985 92.22 28.49 -0.12
N SER J 986 93.23 28.10 -0.90
CA SER J 986 93.88 28.99 -1.84
C SER J 986 93.53 28.58 -3.26
N THR J 987 92.94 27.39 -3.38
CA THR J 987 92.55 26.81 -4.67
C THR J 987 91.15 27.22 -5.16
N GLN J 988 90.18 27.25 -4.25
CA GLN J 988 88.78 27.47 -4.63
C GLN J 988 88.14 28.72 -4.00
N LEU J 989 87.12 29.27 -4.67
CA LEU J 989 86.54 30.54 -4.29
C LEU J 989 85.57 30.38 -3.13
N ILE J 990 85.02 31.50 -2.66
CA ILE J 990 84.08 31.46 -1.55
C ILE J 990 82.83 30.70 -1.96
N ASN J 991 82.40 29.78 -1.10
CA ASN J 991 81.10 29.14 -1.23
C ASN J 991 80.07 30.26 -1.13
N ALA J 992 79.11 30.27 -2.06
CA ALA J 992 78.13 31.35 -2.13
C ALA J 992 77.51 31.64 -0.76
N GLN J 993 77.33 30.59 0.04
CA GLN J 993 76.80 30.72 1.39
C GLN J 993 77.73 31.58 2.24
N ASP J 994 79.02 31.29 2.12
CA ASP J 994 80.03 31.94 2.94
C ASP J 994 80.15 33.42 2.60
N VAL J 995 79.87 33.75 1.34
CA VAL J 995 79.81 35.13 0.91
C VAL J 995 78.74 35.89 1.71
N GLN J 996 77.54 35.32 1.78
CA GLN J 996 76.46 35.92 2.55
C GLN J 996 76.88 36.08 4.00
N HIS J 997 77.55 35.05 4.52
CA HIS J 997 78.02 35.02 5.90
C HIS J 997 79.03 36.13 6.15
N PHE J 998 80.06 36.17 5.31
CA PHE J 998 81.04 37.23 5.34
C PHE J 998 80.34 38.58 5.46
N LEU J 999 79.36 38.79 4.59
CA LEU J 999 78.64 40.05 4.50
C LEU J 999 77.82 40.40 5.74
N LEU J 1000 77.33 39.38 6.43
CA LEU J 1000 76.58 39.62 7.66
C LEU J 1000 77.53 39.91 8.80
N LEU J 1001 78.76 39.42 8.67
CA LEU J 1001 79.80 39.65 9.67
C LEU J 1001 80.26 41.12 9.63
N CYS J 1002 80.20 41.72 8.45
CA CYS J 1002 80.63 43.10 8.31
C CYS J 1002 79.55 44.06 8.81
N GLN J 1003 78.42 43.52 9.26
CA GLN J 1003 77.33 44.36 9.70
C GLN J 1003 77.03 44.19 11.19
N ARG J 1004 77.64 43.18 11.83
CA ARG J 1004 77.26 42.77 13.20
C ARG J 1004 77.32 43.89 14.22
N ARG J 1005 76.43 43.82 15.21
CA ARG J 1005 76.30 44.87 16.21
C ARG J 1005 77.49 44.83 17.15
N GLY J 1006 78.08 46.00 17.40
CA GLY J 1006 79.26 46.09 18.23
C GLY J 1006 80.54 45.82 17.47
N GLN J 1007 80.68 46.48 16.32
CA GLN J 1007 81.88 46.38 15.49
C GLN J 1007 82.05 47.66 14.70
N LYS J 1008 83.28 48.13 14.61
CA LYS J 1008 83.55 49.32 13.81
C LYS J 1008 83.02 49.03 12.42
N PRO J 1009 82.31 50.00 11.84
CA PRO J 1009 81.87 49.85 10.46
C PRO J 1009 83.05 49.46 9.58
N VAL J 1010 82.84 48.43 8.77
CA VAL J 1010 83.83 47.98 7.80
C VAL J 1010 84.52 49.18 7.11
N PRO J 1011 85.82 49.07 6.87
CA PRO J 1011 86.62 50.13 6.24
C PRO J 1011 86.57 50.10 4.72
N PHE J 1012 85.57 49.43 4.16
CA PHE J 1012 85.49 49.29 2.70
C PHE J 1012 84.09 49.05 2.20
N VAL J 1013 83.99 48.52 0.99
CA VAL J 1013 82.71 48.11 0.43
C VAL J 1013 82.77 46.67 -0.09
N PRO J 1014 81.90 45.80 0.46
CA PRO J 1014 81.76 44.37 0.17
C PRO J 1014 81.00 44.03 -1.12
N ALA J 1015 80.01 44.85 -1.48
CA ALA J 1015 79.33 44.73 -2.78
C ALA J 1015 78.29 45.85 -2.97
N LEU J 1016 77.71 45.93 -4.16
CA LEU J 1016 76.74 46.97 -4.45
C LEU J 1016 75.33 46.50 -4.19
N ASP J 1017 75.07 45.99 -2.99
CA ASP J 1017 73.76 45.42 -2.69
C ASP J 1017 72.69 46.48 -2.34
N GLU J 1018 71.67 46.03 -1.62
CA GLU J 1018 70.57 46.87 -1.18
C GLU J 1018 71.00 47.84 -0.08
N ASN J 1019 72.18 47.58 0.49
CA ASN J 1019 72.72 48.38 1.60
C ASN J 1019 73.91 49.22 1.19
N PHE J 1020 74.09 49.39 -0.11
CA PHE J 1020 75.22 50.14 -0.65
C PHE J 1020 75.32 51.54 -0.04
N GLU J 1021 74.20 52.13 0.38
CA GLU J 1021 74.27 53.39 1.10
C GLU J 1021 75.01 53.28 2.44
N TYR J 1022 74.54 52.38 3.31
CA TYR J 1022 75.20 52.11 4.59
C TYR J 1022 76.70 51.82 4.40
N TRP J 1023 77.03 50.91 3.50
CA TRP J 1023 78.42 50.58 3.22
C TRP J 1023 79.26 51.82 2.93
N PHE J 1024 78.72 52.68 2.08
CA PHE J 1024 79.43 53.84 1.50
C PHE J 1024 79.63 54.98 2.48
N LYS J 1025 78.56 55.46 3.10
CA LYS J 1025 78.64 56.71 3.87
C LYS J 1025 78.49 56.57 5.39
N LYS J 1026 78.52 55.35 5.90
CA LYS J 1026 78.45 55.14 7.33
C LYS J 1026 79.83 55.38 7.91
N ASP J 1027 79.89 56.18 8.98
CA ASP J 1027 81.14 56.41 9.68
C ASP J 1027 82.22 56.87 8.70
N SER J 1028 82.18 58.15 8.35
CA SER J 1028 83.08 58.68 7.34
C SER J 1028 84.09 59.68 7.90
N LEU J 1029 83.89 60.15 9.12
CA LEU J 1029 84.73 61.22 9.66
C LEU J 1029 86.08 60.69 10.12
N TRP J 1030 86.04 59.68 10.99
CA TRP J 1030 87.20 59.12 11.67
C TRP J 1030 88.50 59.07 10.85
N GLN J 1031 88.36 58.97 9.53
CA GLN J 1031 89.51 58.80 8.66
C GLN J 1031 90.31 60.09 8.49
N SER J 1032 89.61 61.23 8.59
CA SER J 1032 90.25 62.53 8.56
C SER J 1032 91.22 62.72 9.73
N GLU J 1033 90.92 62.05 10.84
CA GLU J 1033 91.71 62.23 12.08
C GLU J 1033 92.92 61.29 12.11
N ASP J 1034 92.90 60.27 11.26
CA ASP J 1034 93.98 59.29 11.20
C ASP J 1034 94.21 58.83 9.76
N ILE J 1035 94.91 59.65 9.00
CA ILE J 1035 95.10 59.37 7.58
C ILE J 1035 96.09 58.24 7.31
N GLU J 1036 96.88 57.89 8.33
CA GLU J 1036 97.81 56.77 8.21
C GLU J 1036 97.06 55.45 7.96
N ALA J 1037 95.79 55.42 8.37
CA ALA J 1037 94.93 54.26 8.17
C ALA J 1037 94.47 54.15 6.73
N VAL J 1038 93.95 55.26 6.20
CA VAL J 1038 93.39 55.36 4.83
C VAL J 1038 94.24 54.64 3.76
N TYR J 1039 93.56 54.15 2.73
CA TYR J 1039 94.21 53.53 1.59
C TYR J 1039 95.13 54.55 0.94
N GLY J 1040 96.42 54.23 0.84
CA GLY J 1040 97.39 55.12 0.23
C GLY J 1040 97.76 56.29 1.12
N GLN J 1041 96.90 56.59 2.09
CA GLN J 1041 97.18 57.62 3.10
C GLN J 1041 97.13 59.05 2.56
N ASP J 1042 96.33 59.27 1.53
CA ASP J 1042 96.17 60.62 1.02
C ASP J 1042 94.84 61.16 1.49
N VAL J 1043 94.81 62.45 1.78
CA VAL J 1043 93.58 63.12 2.18
C VAL J 1043 92.65 63.25 0.99
N GLY J 1044 93.20 63.10 -0.21
CA GLY J 1044 92.46 63.32 -1.44
C GLY J 1044 91.11 62.62 -1.47
N ARG J 1045 91.00 61.51 -0.75
CA ARG J 1045 89.79 60.72 -0.78
C ARG J 1045 89.05 60.77 0.56
N THR J 1046 89.31 61.82 1.35
CA THR J 1046 88.82 61.88 2.74
C THR J 1046 87.76 62.98 3.01
N CYS J 1047 87.01 62.78 4.09
CA CYS J 1047 85.99 63.72 4.53
C CYS J 1047 86.51 64.67 5.60
N ILE J 1048 86.73 65.93 5.21
CA ILE J 1048 87.10 66.97 6.16
C ILE J 1048 86.05 68.08 6.09
N LEU J 1049 85.46 68.48 7.22
CA LEU J 1049 84.36 69.46 7.20
C LEU J 1049 84.84 70.90 7.40
N GLN J 1050 84.23 71.83 6.68
CA GLN J 1050 84.61 73.24 6.76
C GLN J 1050 83.46 74.16 6.37
N GLY J 1051 83.41 75.34 6.97
CA GLY J 1051 82.51 76.38 6.52
C GLY J 1051 83.02 76.89 5.18
N PRO J 1052 82.13 77.53 4.40
CA PRO J 1052 82.50 78.06 3.08
C PRO J 1052 83.33 79.32 3.21
N VAL J 1053 83.23 79.95 4.37
CA VAL J 1053 83.78 81.29 4.57
C VAL J 1053 84.93 81.26 5.60
N ALA J 1054 84.97 80.25 6.43
CA ALA J 1054 86.04 80.14 7.41
C ALA J 1054 87.26 79.36 6.88
N ALA J 1055 87.35 79.22 5.57
CA ALA J 1055 88.44 78.47 4.94
C ALA J 1055 89.62 79.37 4.55
N LYS J 1056 89.27 80.62 4.25
CA LYS J 1056 90.25 81.68 3.99
C LYS J 1056 90.94 82.09 5.29
N TYR J 1057 90.15 82.17 6.36
CA TYR J 1057 90.64 82.59 7.69
C TYR J 1057 91.64 81.62 8.32
N SER J 1058 92.05 80.61 7.57
CA SER J 1058 93.09 79.70 8.04
C SER J 1058 94.21 79.70 7.00
N LYS J 1059 95.43 80.04 7.44
CA LYS J 1059 96.57 80.11 6.54
C LYS J 1059 97.82 79.39 7.06
N VAL J 1060 98.03 79.41 8.36
CA VAL J 1060 99.14 78.68 8.96
C VAL J 1060 98.61 77.39 9.56
N ILE J 1061 99.39 76.33 9.47
CA ILE J 1061 98.98 75.07 10.07
C ILE J 1061 99.64 74.89 11.41
N ASP J 1062 99.10 73.98 12.23
CA ASP J 1062 99.74 73.59 13.48
C ASP J 1062 100.03 74.76 14.45
N GLU J 1063 99.25 75.84 14.38
CA GLU J 1063 99.41 76.91 15.35
C GLU J 1063 98.86 76.44 16.69
N PRO J 1064 99.58 76.71 17.78
CA PRO J 1064 99.01 76.40 19.09
C PRO J 1064 97.70 77.16 19.28
N ILE J 1065 96.73 76.52 19.93
CA ILE J 1065 95.42 77.12 20.09
C ILE J 1065 95.45 78.24 21.13
N LYS J 1066 96.24 78.05 22.19
CA LYS J 1066 96.47 79.10 23.17
C LYS J 1066 96.74 80.43 22.46
N ASP J 1067 97.44 80.34 21.32
CA ASP J 1067 97.80 81.50 20.51
C ASP J 1067 96.63 82.09 19.74
N ILE J 1068 96.01 81.24 18.91
CA ILE J 1068 94.91 81.68 18.05
C ILE J 1068 93.86 82.42 18.87
N LEU J 1069 93.44 81.79 19.96
CA LEU J 1069 92.43 82.36 20.84
C LEU J 1069 92.92 83.63 21.53
N ASP J 1070 94.05 83.51 22.24
CA ASP J 1070 94.69 84.66 22.90
C ASP J 1070 94.74 85.85 21.95
N GLY J 1071 95.42 85.65 20.82
CA GLY J 1071 95.56 86.66 19.80
C GLY J 1071 94.24 87.31 19.45
N ILE J 1072 93.21 86.49 19.26
CA ILE J 1072 91.89 86.99 18.91
C ILE J 1072 91.18 87.69 20.08
N HIS J 1073 91.61 87.39 21.30
CA HIS J 1073 91.08 88.11 22.46
C HIS J 1073 91.73 89.47 22.58
N ASN J 1074 93.05 89.50 22.38
CA ASN J 1074 93.85 90.70 22.57
C ASN J 1074 93.67 91.75 21.49
N ASP J 1075 93.52 91.31 20.25
CA ASP J 1075 93.19 92.24 19.18
C ASP J 1075 91.84 92.87 19.49
N HIS J 1076 91.07 92.21 20.36
CA HIS J 1076 89.80 92.74 20.81
C HIS J 1076 89.94 93.78 21.92
N ILE J 1077 90.74 93.47 22.93
CA ILE J 1077 91.00 94.44 23.99
C ILE J 1077 91.71 95.68 23.44
N LYS J 1078 92.62 95.48 22.49
CA LYS J 1078 93.37 96.56 21.86
C LYS J 1078 92.48 97.39 20.92
N PHE J 1079 91.72 96.69 20.08
CA PHE J 1079 90.66 97.31 19.30
C PHE J 1079 89.76 98.12 20.24
N LEU J 1080 89.39 97.51 21.37
CA LEU J 1080 88.41 98.06 22.29
C LEU J 1080 88.97 99.24 23.09
N LEU J 1081 90.26 99.15 23.42
CA LEU J 1081 90.96 100.19 24.16
C LEU J 1081 91.08 101.43 23.30
N ARG J 1082 91.80 101.29 22.19
CA ARG J 1082 91.93 102.35 21.20
C ARG J 1082 90.58 103.01 20.85
N ASP J 1083 89.50 102.23 20.88
CA ASP J 1083 88.20 102.71 20.42
C ASP J 1083 87.37 103.43 21.47
N LEU J 1084 87.59 103.10 22.74
CA LEU J 1084 86.79 103.70 23.81
C LEU J 1084 87.57 104.06 25.06
N TYR J 1085 88.90 104.13 24.94
CA TYR J 1085 89.77 104.38 26.09
C TYR J 1085 90.96 105.31 25.80
N ASP J 1086 91.11 105.67 24.52
CA ASP J 1086 92.15 106.59 24.05
C ASP J 1086 93.55 106.00 24.10
N GLY J 1087 93.63 104.67 24.18
CA GLY J 1087 94.90 103.97 24.33
C GLY J 1087 95.29 103.91 25.80
N LYS J 1088 94.50 104.61 26.61
CA LYS J 1088 94.78 104.82 28.03
C LYS J 1088 94.40 103.64 28.89
N GLU J 1089 95.37 102.77 29.17
CA GLU J 1089 95.17 101.62 30.05
C GLU J 1089 94.69 102.00 31.44
N GLU J 1090 94.84 103.27 31.77
CA GLU J 1090 94.48 103.77 33.09
C GLU J 1090 92.98 103.97 33.19
N ASN J 1091 92.34 104.16 32.04
CA ASN J 1091 90.90 104.41 31.96
C ASN J 1091 90.09 103.13 32.10
N VAL J 1092 90.80 102.02 32.29
CA VAL J 1092 90.19 100.71 32.47
C VAL J 1092 89.91 100.43 33.94
N PRO J 1093 88.61 100.25 34.27
CA PRO J 1093 88.23 99.90 35.64
C PRO J 1093 88.93 98.62 36.11
N VAL J 1094 88.98 98.40 37.42
CA VAL J 1094 89.60 97.18 37.94
C VAL J 1094 88.81 96.62 39.12
N ILE J 1095 88.78 95.30 39.22
CA ILE J 1095 88.07 94.65 40.30
C ILE J 1095 88.97 93.64 40.98
N GLU J 1096 88.52 93.16 42.14
CA GLU J 1096 89.22 92.12 42.87
C GLU J 1096 89.34 90.84 42.04
N TYR J 1097 88.21 90.19 41.80
CA TYR J 1097 88.18 88.97 40.99
C TYR J 1097 87.10 89.08 39.94
N PHE J 1098 87.37 88.56 38.74
CA PHE J 1098 86.42 88.65 37.63
C PHE J 1098 85.29 87.64 37.77
N GLY J 1099 84.23 88.03 38.48
CA GLY J 1099 83.08 87.17 38.71
C GLY J 1099 81.79 87.78 38.19
N GLY J 1100 80.73 87.68 39.00
CA GLY J 1100 79.43 88.22 38.62
C GLY J 1100 79.40 89.73 38.57
N ARG J 1101 78.25 90.29 38.20
CA ARG J 1101 78.06 91.74 38.22
C ARG J 1101 77.35 92.11 39.52
N ILE J 1102 77.47 93.37 39.93
CA ILE J 1102 76.74 93.84 41.09
C ILE J 1102 75.56 94.72 40.68
N LEU J 1103 74.43 94.51 41.35
CA LEU J 1103 73.30 95.40 41.23
C LEU J 1103 73.48 96.54 42.23
N LYS J 1104 73.98 97.68 41.74
CA LYS J 1104 74.22 98.84 42.58
C LYS J 1104 72.92 99.36 43.18
N ALA J 1105 72.93 99.59 44.49
CA ALA J 1105 71.78 100.14 45.18
C ALA J 1105 71.91 101.67 45.29
N THR J 1106 70.83 102.38 44.94
CA THR J 1106 70.74 103.82 45.16
C THR J 1106 70.17 104.05 46.57
N ASP J 1107 69.27 103.15 46.98
CA ASP J 1107 68.75 103.10 48.34
C ASP J 1107 69.86 102.68 49.30
N GLU J 1108 70.32 101.44 49.15
CA GLU J 1108 71.24 100.82 50.11
C GLU J 1108 70.60 100.71 51.50
N GLU J 1109 69.26 100.63 51.51
CA GLU J 1109 68.48 100.50 52.72
C GLU J 1109 67.65 99.20 52.62
N PRO J 1110 67.79 98.32 53.64
CA PRO J 1110 67.15 97.00 53.72
C PRO J 1110 65.63 97.03 53.99
N ASP J 1111 64.82 97.13 52.93
CA ASP J 1111 63.35 97.16 53.04
C ASP J 1111 62.75 95.75 53.11
N ILE J 1112 63.22 94.93 54.06
CA ILE J 1112 62.87 93.51 54.09
C ILE J 1112 62.09 93.10 55.34
N ASP J 1113 61.20 92.13 55.17
CA ASP J 1113 60.32 91.67 56.24
C ASP J 1113 61.00 90.71 57.22
N GLY J 1114 60.63 90.83 58.49
CA GLY J 1114 61.19 90.00 59.54
C GLY J 1114 62.62 90.39 59.89
N LEU J 1115 63.29 91.03 58.93
CA LEU J 1115 64.67 91.45 59.12
C LEU J 1115 64.78 92.89 59.61
N THR J 1116 65.59 93.07 60.65
CA THR J 1116 66.01 94.40 61.09
C THR J 1116 67.51 94.57 60.78
N ALA J 1117 67.93 95.80 60.53
CA ALA J 1117 69.31 96.08 60.14
C ALA J 1117 69.90 97.28 60.90
N SER J 1118 71.13 97.14 61.36
CA SER J 1118 71.78 98.18 62.15
C SER J 1118 73.30 98.16 61.88
N ARG J 1119 74.00 99.27 62.16
CA ARG J 1119 75.46 99.27 62.04
C ARG J 1119 76.22 100.47 62.66
N ASP J 1120 77.34 100.16 63.32
CA ASP J 1120 78.33 101.15 63.76
C ASP J 1120 79.39 101.29 62.67
N ALA J 1121 80.60 101.67 63.06
CA ALA J 1121 81.75 101.58 62.18
C ALA J 1121 82.53 100.32 62.55
N ASN J 1122 82.00 99.63 63.56
CA ASN J 1122 82.61 98.42 64.09
C ASN J 1122 81.89 97.15 63.66
N LYS J 1123 80.57 97.21 63.58
CA LYS J 1123 79.77 96.00 63.40
C LYS J 1123 78.45 96.24 62.68
N ILE J 1124 78.14 95.40 61.69
CA ILE J 1124 76.85 95.44 61.02
C ILE J 1124 75.91 94.34 61.54
N SER J 1125 74.79 94.77 62.11
CA SER J 1125 73.86 93.87 62.78
C SER J 1125 72.65 93.46 61.94
N TYR J 1126 72.51 92.16 61.72
CA TYR J 1126 71.34 91.63 61.03
C TYR J 1126 70.60 90.66 61.92
N ARG J 1127 69.38 91.01 62.29
CA ARG J 1127 68.56 90.15 63.15
C ARG J 1127 67.22 89.78 62.52
N LEU J 1128 66.99 88.48 62.37
CA LEU J 1128 65.73 88.00 61.84
C LEU J 1128 64.73 87.83 62.97
N SER J 1129 63.48 88.11 62.67
CA SER J 1129 62.42 88.12 63.68
C SER J 1129 62.28 86.76 64.39
N ASN J 1130 62.00 86.82 65.70
CA ASN J 1130 61.74 85.61 66.47
C ASN J 1130 60.23 85.37 66.59
N ALA J 1131 59.47 86.04 65.73
CA ALA J 1131 58.03 85.87 65.71
C ALA J 1131 57.66 84.47 65.25
N PRO J 1132 56.76 83.82 66.00
CA PRO J 1132 56.20 82.52 65.60
C PRO J 1132 55.60 82.59 64.19
N SER J 1133 55.16 83.79 63.79
CA SER J 1133 54.57 84.02 62.49
C SER J 1133 55.57 83.74 61.34
N ALA J 1134 55.04 83.34 60.19
CA ALA J 1134 55.88 82.97 59.06
C ALA J 1134 56.12 84.11 58.08
N ASN J 1135 57.22 84.84 58.27
CA ASN J 1135 57.70 85.80 57.28
C ASN J 1135 59.20 86.08 57.38
N LEU J 1136 59.92 85.81 56.31
CA LEU J 1136 61.36 86.00 56.26
C LEU J 1136 61.84 86.25 54.83
N PRO J 1137 63.04 86.84 54.68
CA PRO J 1137 63.63 87.09 53.35
C PRO J 1137 64.08 85.80 52.70
N ASP J 1138 64.54 85.90 51.46
CA ASP J 1138 65.05 84.73 50.73
C ASP J 1138 66.19 84.08 51.49
N VAL J 1139 66.63 82.94 50.98
CA VAL J 1139 67.93 82.42 51.35
C VAL J 1139 68.91 83.08 50.38
N ASP J 1140 68.35 83.65 49.32
CA ASP J 1140 69.09 84.38 48.30
C ASP J 1140 69.31 85.84 48.67
N SER J 1141 68.21 86.54 48.99
CA SER J 1141 68.29 87.93 49.40
C SER J 1141 69.18 88.07 50.63
N PHE J 1142 69.02 87.12 51.56
CA PHE J 1142 69.78 87.13 52.80
C PHE J 1142 71.29 86.96 52.58
N MET J 1143 71.65 86.27 51.49
CA MET J 1143 73.06 86.06 51.17
C MET J 1143 73.65 87.15 50.25
N GLN J 1144 72.78 88.03 49.75
CA GLN J 1144 73.23 89.22 49.02
C GLN J 1144 73.71 90.24 50.04
N LEU J 1145 72.97 90.34 51.14
CA LEU J 1145 73.18 91.36 52.14
C LEU J 1145 74.36 91.02 53.05
N ILE J 1146 74.96 89.86 52.84
CA ILE J 1146 76.15 89.47 53.60
C ILE J 1146 77.39 89.50 52.71
N ALA J 1147 77.18 89.59 51.41
CA ALA J 1147 78.29 89.66 50.47
C ALA J 1147 78.77 91.11 50.31
N GLY J 1148 77.82 92.05 50.29
CA GLY J 1148 78.11 93.46 50.13
C GLY J 1148 78.51 93.81 48.71
N ASN J 1149 78.81 95.09 48.46
CA ASN J 1149 79.23 95.54 47.13
C ASN J 1149 80.74 95.42 46.87
N SER J 1150 81.53 95.47 47.94
CA SER J 1150 82.97 95.34 47.80
C SER J 1150 83.34 93.94 47.32
N TYR J 1151 84.12 93.85 46.24
CA TYR J 1151 84.63 92.55 45.81
C TYR J 1151 85.68 92.02 46.79
N SER J 1152 85.22 91.41 47.87
CA SER J 1152 86.09 90.91 48.92
C SER J 1152 86.07 89.40 48.92
N TRP J 1153 86.80 88.79 49.85
CA TRP J 1153 86.65 87.36 50.08
C TRP J 1153 85.29 87.08 50.70
N ARG J 1154 84.81 88.02 51.53
CA ARG J 1154 83.52 87.84 52.22
C ARG J 1154 82.36 87.87 51.23
N HIS J 1155 82.55 88.58 50.13
CA HIS J 1155 81.58 88.65 49.04
C HIS J 1155 81.60 87.37 48.21
N ALA J 1156 82.78 86.79 48.02
CA ALA J 1156 82.92 85.56 47.23
C ALA J 1156 82.45 84.33 48.01
N MET J 1157 82.52 84.40 49.33
CA MET J 1157 82.06 83.30 50.16
C MET J 1157 80.55 83.19 50.14
N PHE J 1158 79.87 84.31 49.95
CA PHE J 1158 78.42 84.31 49.94
C PHE J 1158 77.85 84.47 48.54
N THR J 1159 78.72 84.33 47.54
CA THR J 1159 78.31 84.40 46.14
C THR J 1159 78.44 83.06 45.44
N THR J 1160 79.67 82.54 45.34
CA THR J 1160 79.90 81.25 44.69
C THR J 1160 79.29 80.12 45.49
N GLU J 1161 78.34 79.43 44.86
CA GLU J 1161 77.70 78.25 45.44
C GLU J 1161 78.57 77.02 45.20
N VAL J 1162 79.64 77.20 44.43
CA VAL J 1162 80.55 76.10 44.17
C VAL J 1162 81.87 76.26 44.92
N PHE J 1163 82.06 75.45 45.94
CA PHE J 1163 83.35 75.38 46.60
C PHE J 1163 84.12 74.22 46.00
N VAL J 1164 85.28 74.54 45.44
CA VAL J 1164 86.12 73.51 44.83
C VAL J 1164 86.84 72.68 45.88
N GLN J 1165 86.79 71.36 45.74
CA GLN J 1165 87.55 70.48 46.61
C GLN J 1165 88.25 69.40 45.81
N GLY J 1166 89.55 69.59 45.61
CA GLY J 1166 90.30 68.74 44.71
C GLY J 1166 89.83 69.08 43.31
N HIS J 1167 89.12 68.15 42.69
CA HIS J 1167 88.58 68.41 41.36
C HIS J 1167 87.06 68.26 41.35
N ARG J 1168 86.47 68.39 42.53
CA ARG J 1168 85.04 68.24 42.68
C ARG J 1168 84.42 69.59 43.01
N PHE J 1169 83.19 69.78 42.54
CA PHE J 1169 82.38 70.90 42.99
C PHE J 1169 81.67 70.48 44.27
N GLN J 1170 81.14 71.44 45.00
CA GLN J 1170 80.32 71.13 46.15
C GLN J 1170 79.41 72.31 46.41
N THR J 1171 78.23 72.02 46.93
CA THR J 1171 77.26 73.05 47.18
C THR J 1171 77.72 73.92 48.33
N ASN J 1172 77.66 75.24 48.13
CA ASN J 1172 78.04 76.21 49.14
C ASN J 1172 77.30 75.98 50.45
N PRO J 1173 78.00 75.40 51.44
CA PRO J 1173 77.40 75.10 52.74
C PRO J 1173 76.84 76.35 53.43
N LEU J 1174 77.30 77.53 53.03
CA LEU J 1174 76.82 78.78 53.63
C LEU J 1174 75.37 79.05 53.25
N LYS J 1175 74.90 78.36 52.21
CA LYS J 1175 73.51 78.46 51.79
C LYS J 1175 72.57 77.83 52.82
N ARG J 1176 72.96 76.69 53.38
CA ARG J 1176 72.16 75.99 54.39
C ARG J 1176 72.37 76.59 55.77
N LEU J 1177 73.63 76.95 56.06
CA LEU J 1177 73.98 77.57 57.32
C LEU J 1177 73.27 78.92 57.51
N PHE J 1178 73.36 79.78 56.50
CA PHE J 1178 72.84 81.13 56.61
C PHE J 1178 71.41 81.27 56.09
N ALA J 1179 70.68 80.16 56.02
CA ALA J 1179 69.28 80.22 55.63
C ALA J 1179 68.48 80.77 56.81
N PRO J 1180 67.53 81.69 56.53
CA PRO J 1180 66.73 82.35 57.57
C PRO J 1180 66.18 81.40 58.62
N THR J 1181 66.21 81.86 59.87
CA THR J 1181 65.83 81.07 61.05
C THR J 1181 64.98 81.93 61.97
N ARG J 1182 64.19 81.27 62.84
CA ARG J 1182 63.37 81.99 63.81
C ARG J 1182 64.28 82.67 64.85
N GLY J 1183 64.64 83.91 64.56
CA GLY J 1183 65.44 84.72 65.46
C GLY J 1183 66.95 84.51 65.40
N MET J 1184 67.51 84.58 64.20
CA MET J 1184 68.96 84.43 64.06
C MET J 1184 69.66 85.78 63.99
N TYR J 1185 70.93 85.80 64.38
CA TYR J 1185 71.70 87.04 64.46
C TYR J 1185 72.98 86.90 63.64
N VAL J 1186 73.26 87.88 62.80
CA VAL J 1186 74.47 87.85 61.99
C VAL J 1186 75.20 89.20 62.03
N GLU J 1187 76.43 89.16 62.53
CA GLU J 1187 77.24 90.35 62.71
C GLU J 1187 78.45 90.33 61.79
N ILE J 1188 78.81 91.51 61.31
CA ILE J 1188 79.98 91.65 60.46
C ILE J 1188 80.93 92.71 61.03
N THR J 1189 81.88 92.23 61.83
CA THR J 1189 82.83 93.11 62.50
C THR J 1189 83.91 93.60 61.53
N ASN J 1190 84.31 94.86 61.70
CA ASN J 1190 85.24 95.53 60.79
C ASN J 1190 84.80 95.30 59.35
N PRO J 1191 83.57 95.72 59.03
CA PRO J 1191 82.90 95.38 57.76
C PRO J 1191 83.74 95.67 56.53
N ASP J 1192 84.23 96.91 56.42
CA ASP J 1192 84.91 97.35 55.21
C ASP J 1192 86.42 97.13 55.23
N ASP J 1193 86.92 96.59 56.34
CA ASP J 1193 88.33 96.23 56.48
C ASP J 1193 88.49 94.73 56.23
N PRO J 1194 88.73 94.35 54.96
CA PRO J 1194 88.75 92.97 54.48
C PRO J 1194 89.48 91.99 55.40
N ALA J 1195 90.80 92.17 55.56
CA ALA J 1195 91.62 91.23 56.31
C ALA J 1195 91.21 91.05 57.78
N LYS J 1196 90.40 91.97 58.29
CA LYS J 1196 90.01 91.95 59.70
C LYS J 1196 88.51 91.72 59.93
N THR J 1197 87.77 91.45 58.86
CA THR J 1197 86.31 91.27 59.00
C THR J 1197 85.99 89.92 59.62
N VAL J 1198 85.00 89.91 60.51
CA VAL J 1198 84.57 88.70 61.19
C VAL J 1198 83.04 88.57 61.16
N ILE J 1199 82.56 87.43 60.69
CA ILE J 1199 81.13 87.18 60.57
C ILE J 1199 80.67 86.11 61.55
N SER J 1200 79.67 86.43 62.36
CA SER J 1200 79.19 85.51 63.38
C SER J 1200 77.66 85.36 63.40
N VAL J 1201 77.21 84.19 63.85
CA VAL J 1201 75.78 83.89 63.89
C VAL J 1201 75.33 83.49 65.29
N ARG J 1202 74.12 83.91 65.67
CA ARG J 1202 73.53 83.53 66.94
C ARG J 1202 72.06 83.14 66.79
N GLU J 1203 71.74 81.89 67.11
CA GLU J 1203 70.37 81.42 67.09
C GLU J 1203 69.96 81.02 68.49
N PRO J 1204 68.66 81.05 68.78
CA PRO J 1204 68.17 80.68 70.12
C PRO J 1204 68.45 79.21 70.47
N SER J 1205 69.06 78.95 71.62
CA SER J 1205 69.20 77.59 72.12
C SER J 1205 67.83 77.00 72.41
N GLN J 1206 67.79 75.70 72.70
CA GLN J 1206 66.54 75.08 73.11
C GLN J 1206 66.22 75.53 74.55
N SER J 1207 65.40 76.59 74.62
CA SER J 1207 64.94 77.18 75.89
C SER J 1207 65.90 78.27 76.43
N ALA J 1208 67.02 78.49 75.75
CA ALA J 1208 68.00 79.49 76.18
C ALA J 1208 68.11 80.68 75.21
N LYS J 1209 68.84 81.71 75.63
CA LYS J 1209 69.07 82.90 74.80
C LYS J 1209 70.08 82.59 73.68
N LEU J 1210 70.01 83.38 72.60
CA LEU J 1210 70.87 83.20 71.42
C LEU J 1210 72.33 82.87 71.73
N VAL J 1211 72.83 81.80 71.11
CA VAL J 1211 74.17 81.31 71.36
C VAL J 1211 75.02 81.36 70.09
N LYS J 1212 76.33 81.36 70.26
CA LYS J 1212 77.28 81.42 69.17
C LYS J 1212 77.31 80.11 68.39
N THR J 1213 77.15 80.20 67.07
CA THR J 1213 76.99 79.01 66.22
C THR J 1213 78.05 78.93 65.14
N VAL J 1214 78.17 79.99 64.36
CA VAL J 1214 79.10 79.99 63.26
C VAL J 1214 79.96 81.22 63.29
N GLU J 1215 81.19 81.07 62.84
CA GLU J 1215 82.10 82.21 62.72
C GLU J 1215 83.01 82.03 61.52
N ILE J 1216 83.28 83.13 60.82
CA ILE J 1216 84.24 83.12 59.72
C ILE J 1216 85.20 84.31 59.83
N LYS J 1217 86.48 84.01 59.76
CA LYS J 1217 87.52 85.03 59.82
C LYS J 1217 88.67 84.56 58.95
N LEU J 1218 89.76 85.32 58.91
CA LEU J 1218 90.95 84.89 58.17
C LEU J 1218 92.05 84.33 59.09
N VAL J 1219 93.03 83.68 58.47
CA VAL J 1219 94.24 83.20 59.15
C VAL J 1219 95.31 82.95 58.09
N GLY J 1220 96.57 83.15 58.44
CA GLY J 1220 97.67 82.88 57.52
C GLY J 1220 97.39 83.36 56.10
N ASP J 1221 96.94 84.61 55.99
CA ASP J 1221 96.61 85.32 54.72
C ASP J 1221 95.23 85.01 54.09
N ASN J 1222 95.14 83.89 53.36
CA ASN J 1222 93.94 83.54 52.62
C ASN J 1222 93.13 82.45 53.29
N GLU J 1223 93.79 81.62 54.10
CA GLU J 1223 93.09 80.52 54.76
C GLU J 1223 91.95 81.05 55.62
N ILE J 1224 90.73 80.84 55.13
CA ILE J 1224 89.53 81.27 55.84
C ILE J 1224 89.11 80.19 56.83
N ALA J 1225 88.61 80.60 57.99
CA ALA J 1225 88.23 79.67 59.03
C ALA J 1225 86.71 79.62 59.18
N LEU J 1226 86.11 78.56 58.68
CA LEU J 1226 84.68 78.35 58.85
C LEU J 1226 84.49 77.50 60.08
N THR J 1227 83.91 78.08 61.12
CA THR J 1227 83.88 77.44 62.43
C THR J 1227 82.48 77.24 62.98
N LEU J 1228 82.28 76.05 63.55
CA LEU J 1228 81.02 75.64 64.15
C LEU J 1228 81.24 75.38 65.62
N PHE J 1229 80.26 75.77 66.45
CA PHE J 1229 80.38 75.65 67.89
C PHE J 1229 79.24 74.85 68.50
N GLU J 1230 79.52 73.62 68.90
CA GLU J 1230 78.49 72.78 69.48
C GLU J 1230 78.49 72.80 71.01
N GLY J 1231 77.43 73.37 71.58
CA GLY J 1231 77.29 73.49 73.03
C GLY J 1231 77.45 72.19 73.81
N ARG J 1232 76.41 71.38 73.84
CA ARG J 1232 76.42 70.13 74.60
C ARG J 1232 77.45 69.14 74.08
N THR J 1233 78.46 68.86 74.90
CA THR J 1233 79.50 67.88 74.55
C THR J 1233 79.87 67.04 75.76
N ALA J 1234 80.90 66.21 75.60
CA ALA J 1234 81.39 65.32 76.66
C ALA J 1234 82.04 66.09 77.81
N GLU J 1235 82.47 67.32 77.54
CA GLU J 1235 83.19 68.11 78.52
C GLU J 1235 82.42 69.35 78.99
N GLY J 1236 81.14 69.42 78.60
CA GLY J 1236 80.26 70.51 79.01
C GLY J 1236 80.73 71.88 78.56
N GLY J 1237 81.57 71.90 77.53
CA GLY J 1237 82.07 73.15 77.01
C GLY J 1237 81.98 73.21 75.50
N VAL J 1238 81.69 74.40 74.98
CA VAL J 1238 81.51 74.60 73.54
C VAL J 1238 82.75 74.24 72.70
N VAL J 1239 82.73 73.06 72.11
CA VAL J 1239 83.83 72.61 71.26
C VAL J 1239 83.63 73.12 69.82
N PRO J 1240 84.71 73.64 69.21
CA PRO J 1240 84.68 74.20 67.85
C PRO J 1240 85.20 73.24 66.78
N LEU J 1241 84.52 73.20 65.64
CA LEU J 1241 85.00 72.44 64.48
C LEU J 1241 85.19 73.44 63.36
N THR J 1242 86.30 73.29 62.62
CA THR J 1242 86.67 74.28 61.61
C THR J 1242 87.17 73.67 60.29
N PHE J 1243 86.67 74.24 59.20
CA PHE J 1243 87.08 73.88 57.84
C PHE J 1243 87.88 75.04 57.27
N ARG J 1244 89.01 74.74 56.64
CA ARG J 1244 89.88 75.79 56.12
C ARG J 1244 89.80 75.94 54.60
N PHE J 1245 89.86 77.18 54.13
CA PHE J 1245 89.65 77.49 52.72
C PHE J 1245 90.68 78.46 52.18
N THR J 1246 91.37 78.12 51.10
CA THR J 1246 92.18 79.12 50.40
C THR J 1246 91.28 80.04 49.55
N TYR J 1247 91.85 81.09 48.96
CA TYR J 1247 91.04 82.08 48.24
C TYR J 1247 91.88 82.83 47.22
N HIS J 1248 91.79 82.41 45.94
CA HIS J 1248 92.63 83.00 44.90
C HIS J 1248 91.79 83.73 43.86
N PRO J 1249 91.48 85.02 44.12
CA PRO J 1249 90.78 85.92 43.20
C PRO J 1249 91.42 85.96 41.81
N GLU J 1250 92.51 85.21 41.67
CA GLU J 1250 93.06 84.87 40.38
C GLU J 1250 91.89 84.48 39.45
N ALA J 1251 91.27 83.34 39.76
CA ALA J 1251 90.15 82.77 39.02
C ALA J 1251 88.79 83.23 39.56
N GLY J 1252 88.15 84.17 38.86
CA GLY J 1252 86.89 84.75 39.30
C GLY J 1252 85.73 83.78 39.37
N TYR J 1253 85.84 82.68 38.64
CA TYR J 1253 84.77 81.67 38.60
C TYR J 1253 84.67 80.84 39.88
N ALA J 1254 85.82 80.34 40.35
CA ALA J 1254 85.89 79.59 41.58
C ALA J 1254 86.89 80.26 42.50
N PRO J 1255 86.49 81.39 43.11
CA PRO J 1255 87.34 82.21 43.99
C PRO J 1255 87.70 81.45 45.25
N ILE J 1256 86.87 80.46 45.61
CA ILE J 1256 87.07 79.72 46.85
C ILE J 1256 87.34 78.24 46.62
N ARG J 1257 88.31 77.73 47.36
CA ARG J 1257 88.63 76.31 47.39
C ARG J 1257 88.61 75.87 48.85
N GLU J 1258 88.77 74.57 49.10
CA GLU J 1258 88.86 74.10 50.48
C GLU J 1258 90.16 73.39 50.71
N VAL J 1259 90.67 73.56 51.93
CA VAL J 1259 91.87 72.89 52.37
C VAL J 1259 91.55 71.44 52.71
N MET J 1260 92.16 70.53 51.96
CA MET J 1260 91.78 69.13 52.03
C MET J 1260 92.53 68.33 53.09
N GLU J 1261 93.85 68.25 52.93
CA GLU J 1261 94.69 67.46 53.82
C GLU J 1261 94.27 67.60 55.29
N GLY J 1262 94.07 66.46 55.94
CA GLY J 1262 93.77 66.43 57.35
C GLY J 1262 92.29 66.50 57.65
N ARG J 1263 91.50 67.04 56.72
CA ARG J 1263 90.07 67.22 56.94
C ARG J 1263 89.41 66.03 57.63
N ASN J 1264 89.73 64.83 57.17
CA ASN J 1264 89.23 63.60 57.80
C ASN J 1264 89.67 63.50 59.25
N ASP J 1265 91.00 63.51 59.46
CA ASP J 1265 91.62 63.41 60.77
C ASP J 1265 91.18 64.53 61.69
N ARG J 1266 91.19 65.75 61.16
CA ARG J 1266 90.79 66.97 61.87
C ARG J 1266 89.39 66.88 62.47
N ILE J 1267 88.47 66.35 61.68
CA ILE J 1267 87.08 66.24 62.10
C ILE J 1267 86.90 65.09 63.06
N LYS J 1268 87.58 63.97 62.80
CA LYS J 1268 87.58 62.82 63.71
C LYS J 1268 88.03 63.23 65.10
N GLU J 1269 89.11 64.01 65.14
CA GLU J 1269 89.61 64.55 66.40
C GLU J 1269 88.43 65.22 67.12
N PHE J 1270 87.78 66.16 66.44
CA PHE J 1270 86.60 66.83 66.98
C PHE J 1270 85.66 65.85 67.68
N TYR J 1271 85.11 64.91 66.92
CA TYR J 1271 84.20 63.94 67.50
C TYR J 1271 84.78 63.29 68.74
N TYR J 1272 86.01 62.80 68.63
CA TYR J 1272 86.64 62.11 69.74
C TYR J 1272 86.55 62.95 71.01
N ARG J 1273 86.84 64.24 70.88
CA ARG J 1273 86.80 65.16 72.01
C ARG J 1273 85.36 65.36 72.50
N VAL J 1274 84.40 65.29 71.58
CA VAL J 1274 82.99 65.50 71.91
C VAL J 1274 82.32 64.25 72.47
N TRP J 1275 82.97 63.09 72.31
CA TRP J 1275 82.42 61.84 72.82
C TRP J 1275 83.05 61.36 74.12
N PHE J 1276 84.38 61.49 74.23
CA PHE J 1276 85.12 60.98 75.40
C PHE J 1276 85.94 62.06 76.11
N ALA J 1277 85.99 63.26 75.54
CA ALA J 1277 86.70 64.41 76.11
C ALA J 1277 88.21 64.27 76.08
N GLU J 1278 88.70 63.27 75.34
CA GLU J 1278 90.14 63.09 75.16
C GLU J 1278 90.53 63.61 73.79
N LYS J 1279 91.44 64.59 73.73
CA LYS J 1279 91.86 65.16 72.46
C LYS J 1279 92.83 64.26 71.69
N GLU J 1280 93.51 63.39 72.40
CA GLU J 1280 94.50 62.50 71.80
C GLU J 1280 93.84 61.20 71.33
N VAL J 1281 93.85 61.02 70.01
CA VAL J 1281 93.01 60.05 69.31
C VAL J 1281 93.86 58.97 68.61
N PRO J 1282 93.64 57.69 68.99
CA PRO J 1282 94.46 56.55 68.53
C PRO J 1282 94.39 56.30 67.02
N PHE J 1283 95.26 56.94 66.26
CA PHE J 1283 95.19 56.85 64.81
C PHE J 1283 95.84 55.60 64.30
N ASP J 1284 97.06 55.36 64.75
CA ASP J 1284 97.88 54.31 64.17
C ASP J 1284 97.51 52.91 64.66
N THR J 1285 96.58 52.85 65.60
CA THR J 1285 96.10 51.57 66.12
C THR J 1285 95.60 50.68 64.98
N PRO J 1286 96.11 49.44 64.87
CA PRO J 1286 95.70 48.51 63.81
C PRO J 1286 94.28 48.01 64.04
N LEU J 1287 93.58 47.70 62.96
CA LEU J 1287 92.18 47.33 63.03
C LEU J 1287 92.06 45.91 63.53
N THR J 1288 93.21 45.24 63.58
CA THR J 1288 93.33 43.91 64.17
C THR J 1288 93.18 43.97 65.69
N ALA J 1289 93.44 45.15 66.25
CA ALA J 1289 93.42 45.36 67.70
C ALA J 1289 92.05 45.13 68.35
N VAL J 1290 92.08 44.75 69.62
CA VAL J 1290 90.89 44.72 70.45
C VAL J 1290 90.83 46.05 71.20
N PHE J 1291 89.63 46.52 71.48
CA PHE J 1291 89.48 47.86 72.03
C PHE J 1291 88.86 47.80 73.42
N ASP J 1292 89.46 48.55 74.34
CA ASP J 1292 88.98 48.60 75.73
C ASP J 1292 88.03 49.79 75.93
N GLY J 1293 86.84 49.49 76.46
CA GLY J 1293 85.87 50.51 76.79
C GLY J 1293 85.99 50.84 78.26
N GLY J 1294 86.45 49.87 79.04
CA GLY J 1294 86.77 50.07 80.44
C GLY J 1294 85.79 49.38 81.38
N ARG J 1295 86.12 49.40 82.67
CA ARG J 1295 85.22 48.88 83.70
C ARG J 1295 84.04 49.82 83.78
N GLU J 1296 82.91 49.30 84.22
CA GLU J 1296 81.72 50.13 84.36
C GLU J 1296 80.67 49.59 85.31
N ILE J 1297 80.21 50.46 86.21
CA ILE J 1297 79.12 50.13 87.09
C ILE J 1297 77.85 50.83 86.63
N VAL J 1298 76.79 50.05 86.57
CA VAL J 1298 75.49 50.56 86.15
C VAL J 1298 74.87 51.39 87.26
N ASN J 1299 74.84 52.70 87.09
CA ASN J 1299 74.25 53.51 88.13
C ASN J 1299 72.74 53.29 88.23
N ALA J 1300 72.26 52.96 89.44
CA ALA J 1300 70.84 52.80 89.72
C ALA J 1300 70.03 53.95 89.11
N GLN J 1301 70.59 55.15 89.14
CA GLN J 1301 69.96 56.34 88.56
C GLN J 1301 70.09 56.37 87.04
N ALA J 1302 71.32 56.27 86.56
CA ALA J 1302 71.62 56.28 85.12
C ALA J 1302 70.64 55.41 84.34
N VAL J 1303 70.25 54.28 84.94
CA VAL J 1303 69.23 53.39 84.39
C VAL J 1303 67.90 54.12 84.20
N ALA J 1304 67.27 54.52 85.31
CA ALA J 1304 65.97 55.20 85.28
C ALA J 1304 65.97 56.42 84.35
N ASP J 1305 67.13 57.04 84.19
CA ASP J 1305 67.27 58.18 83.30
C ASP J 1305 67.06 57.76 81.84
N PHE J 1306 67.63 56.61 81.50
CA PHE J 1306 67.53 56.05 80.16
C PHE J 1306 66.09 55.63 79.83
N VAL J 1307 65.53 54.81 80.72
CA VAL J 1307 64.13 54.40 80.65
C VAL J 1307 63.19 55.59 80.42
N HIS J 1308 63.19 56.54 81.35
CA HIS J 1308 62.31 57.71 81.28
C HIS J 1308 62.52 58.53 80.01
N ALA J 1309 63.65 58.29 79.33
CA ALA J 1309 63.98 59.04 78.11
C ALA J 1309 63.42 58.35 76.88
N VAL J 1310 63.86 57.12 76.64
CA VAL J 1310 63.44 56.38 75.45
C VAL J 1310 61.94 56.10 75.46
N GLY J 1311 61.41 55.71 76.62
CA GLY J 1311 59.97 55.57 76.77
C GLY J 1311 59.49 54.30 77.45
N ASN J 1312 60.38 53.35 77.68
CA ASN J 1312 59.99 52.07 78.27
C ASN J 1312 59.54 52.20 79.73
N THR J 1313 58.57 51.39 80.15
CA THR J 1313 58.02 51.49 81.49
C THR J 1313 57.65 50.14 82.10
N GLY J 1314 58.61 49.24 82.19
CA GLY J 1314 58.37 47.90 82.72
C GLY J 1314 58.72 47.77 84.19
N GLU J 1315 57.84 47.12 84.94
CA GLU J 1315 58.03 46.98 86.40
C GLU J 1315 59.29 46.18 86.72
N ALA J 1316 60.04 45.80 85.68
CA ALA J 1316 61.36 45.22 85.89
C ALA J 1316 62.39 46.34 85.93
N PHE J 1317 62.25 47.30 85.02
CA PHE J 1317 63.08 48.50 84.99
C PHE J 1317 62.99 49.37 86.25
N VAL J 1318 61.95 49.14 87.04
CA VAL J 1318 61.74 49.88 88.28
C VAL J 1318 61.80 48.93 89.47
N ASP J 1319 62.11 49.46 90.66
CA ASP J 1319 62.37 48.65 91.86
C ASP J 1319 61.27 47.69 92.32
N ARG J 1320 60.03 48.14 92.28
CA ARG J 1320 58.89 47.31 92.67
C ARG J 1320 58.81 46.00 91.88
N GLY J 1321 57.90 45.12 92.29
CA GLY J 1321 57.82 43.79 91.69
C GLY J 1321 58.99 42.99 92.19
N LYS J 1322 59.06 41.71 91.86
CA LYS J 1322 60.15 40.88 92.36
C LYS J 1322 61.38 40.94 91.45
N ASP J 1323 61.33 41.81 90.44
CA ASP J 1323 62.45 41.96 89.51
C ASP J 1323 62.87 43.43 89.32
N PHE J 1324 64.18 43.70 89.40
CA PHE J 1324 64.74 44.98 88.95
C PHE J 1324 65.89 44.78 87.97
N PHE J 1325 65.66 45.17 86.73
CA PHE J 1325 66.62 44.93 85.67
C PHE J 1325 66.82 46.16 84.78
N ALA J 1326 67.96 46.18 84.11
CA ALA J 1326 68.30 47.24 83.16
C ALA J 1326 68.08 46.77 81.72
N PRO J 1327 67.57 47.69 80.89
CA PRO J 1327 67.40 47.50 79.44
C PRO J 1327 68.67 46.93 78.85
N MET J 1328 68.57 46.03 77.89
CA MET J 1328 69.75 45.57 77.19
C MET J 1328 70.19 46.65 76.20
N ASP J 1329 69.32 47.64 76.02
CA ASP J 1329 69.65 48.83 75.22
C ASP J 1329 70.73 49.63 75.93
N PHE J 1330 70.92 49.33 77.20
CA PHE J 1330 71.91 49.98 78.03
C PHE J 1330 73.30 49.52 77.64
N ALA J 1331 73.38 48.35 77.01
CA ALA J 1331 74.67 47.85 76.55
C ALA J 1331 75.34 48.88 75.65
N ILE J 1332 74.55 49.55 74.81
CA ILE J 1332 75.08 50.58 73.91
C ILE J 1332 75.43 51.87 74.62
N VAL J 1333 74.83 52.07 75.78
CA VAL J 1333 75.17 53.23 76.61
C VAL J 1333 76.44 52.94 77.41
N VAL J 1334 76.53 51.73 77.96
CA VAL J 1334 77.71 51.28 78.69
C VAL J 1334 78.92 51.14 77.77
N GLY J 1335 78.82 50.27 76.77
CA GLY J 1335 79.92 50.04 75.86
C GLY J 1335 80.05 51.07 74.75
N TRP J 1336 79.36 52.20 74.91
CA TRP J 1336 79.39 53.27 73.91
C TRP J 1336 80.82 53.64 73.52
N LYS J 1337 81.75 53.46 74.45
CA LYS J 1337 83.16 53.66 74.17
C LYS J 1337 83.66 52.65 73.15
N ALA J 1338 83.72 51.39 73.57
CA ALA J 1338 84.30 50.33 72.73
C ALA J 1338 83.63 50.21 71.37
N ILE J 1339 82.34 50.54 71.33
CA ILE J 1339 81.55 50.40 70.11
C ILE J 1339 81.87 51.52 69.11
N THR J 1340 82.40 52.64 69.60
CA THR J 1340 82.60 53.81 68.78
C THR J 1340 84.05 53.98 68.36
N LYS J 1341 84.97 53.83 69.31
CA LYS J 1341 86.39 54.14 69.07
C LYS J 1341 87.04 53.49 67.84
N PRO J 1342 86.62 52.26 67.50
CA PRO J 1342 87.27 51.57 66.37
C PRO J 1342 87.03 52.24 65.01
N ILE J 1343 86.14 53.23 64.97
CA ILE J 1343 85.78 53.90 63.73
C ILE J 1343 86.88 54.83 63.26
N PHE J 1344 87.76 55.19 64.18
CA PHE J 1344 88.70 56.29 63.99
C PHE J 1344 90.02 56.02 63.27
N PRO J 1345 90.67 54.86 63.53
CA PRO J 1345 91.96 54.45 62.95
C PRO J 1345 92.31 55.03 61.56
N ARG J 1346 93.60 55.03 61.23
CA ARG J 1346 94.07 55.70 60.01
C ARG J 1346 93.55 55.06 58.73
N LYS J 1347 93.52 53.74 58.69
CA LYS J 1347 93.17 53.02 57.46
C LYS J 1347 91.66 53.03 57.16
N ILE J 1348 90.86 53.45 58.13
CA ILE J 1348 89.42 53.48 58.02
C ILE J 1348 88.93 54.90 57.80
N ASP J 1349 89.82 55.78 57.37
CA ASP J 1349 89.53 57.22 57.40
C ASP J 1349 88.44 57.70 56.45
N GLY J 1350 87.41 58.33 57.02
CA GLY J 1350 86.37 58.99 56.27
C GLY J 1350 85.78 60.14 57.07
N ASP J 1351 84.86 60.88 56.46
CA ASP J 1351 84.18 61.99 57.11
C ASP J 1351 83.29 61.50 58.25
N LEU J 1352 83.73 61.67 59.49
CA LEU J 1352 82.94 61.24 60.64
C LEU J 1352 81.66 62.07 60.77
N LEU J 1353 81.65 63.25 60.16
CA LEU J 1353 80.47 64.11 60.12
C LEU J 1353 79.36 63.46 59.32
N LYS J 1354 79.69 63.09 58.09
CA LYS J 1354 78.78 62.35 57.23
C LYS J 1354 78.75 60.87 57.58
N LEU J 1355 78.69 60.56 58.86
CA LEU J 1355 78.54 59.18 59.25
C LEU J 1355 77.09 58.99 59.65
N VAL J 1356 76.64 57.73 59.64
CA VAL J 1356 75.32 57.38 60.12
C VAL J 1356 75.34 56.04 60.83
N HIS J 1357 74.53 55.90 61.87
CA HIS J 1357 74.37 54.61 62.52
C HIS J 1357 73.46 53.73 61.68
N LEU J 1358 73.99 52.59 61.25
CA LEU J 1358 73.36 51.81 60.19
C LEU J 1358 72.58 50.61 60.66
N SER J 1359 73.21 49.77 61.48
CA SER J 1359 72.56 48.60 62.04
C SER J 1359 73.02 48.38 63.46
N ASN J 1360 72.23 47.67 64.24
CA ASN J 1360 72.62 47.37 65.61
C ASN J 1360 71.88 46.17 66.18
N GLY J 1361 72.63 45.16 66.58
CA GLY J 1361 72.04 43.99 67.18
C GLY J 1361 72.63 43.67 68.53
N TYR J 1362 71.75 43.36 69.49
CA TYR J 1362 72.18 42.82 70.77
C TYR J 1362 71.87 41.34 70.74
N ARG J 1363 72.57 40.55 71.55
CA ARG J 1363 72.33 39.11 71.57
C ARG J 1363 72.89 38.49 72.83
N MET J 1364 71.99 38.02 73.69
CA MET J 1364 72.38 37.62 75.04
C MET J 1364 72.81 36.18 75.16
N VAL J 1365 74.03 36.01 75.64
CA VAL J 1365 74.64 34.68 75.83
C VAL J 1365 73.71 33.74 76.58
N PRO J 1366 73.64 32.49 76.11
CA PRO J 1366 72.76 31.45 76.66
C PRO J 1366 72.83 31.34 78.18
N GLY J 1367 71.68 31.49 78.86
CA GLY J 1367 71.60 31.31 80.30
C GLY J 1367 71.93 32.52 81.15
N ALA J 1368 72.60 33.51 80.57
CA ALA J 1368 73.05 34.70 81.30
C ALA J 1368 71.92 35.68 81.65
N GLU J 1369 71.67 35.87 82.95
CA GLU J 1369 70.65 36.82 83.40
C GLU J 1369 70.95 38.23 82.93
N PRO J 1370 69.90 39.04 82.74
CA PRO J 1370 70.03 40.37 82.13
C PRO J 1370 70.83 41.32 83.00
N LEU J 1371 70.98 42.55 82.53
CA LEU J 1371 71.75 43.55 83.26
C LEU J 1371 70.99 44.01 84.51
N LYS J 1372 71.66 43.94 85.67
CA LYS J 1372 71.13 44.49 86.92
C LYS J 1372 71.95 45.74 87.26
N VAL J 1373 71.51 46.50 88.27
CA VAL J 1373 72.18 47.77 88.56
C VAL J 1373 73.57 47.67 89.21
N GLY J 1374 73.69 46.82 90.23
CA GLY J 1374 74.96 46.66 90.94
C GLY J 1374 76.00 45.91 90.14
N ASP J 1375 75.94 46.06 88.83
CA ASP J 1375 76.79 45.30 87.93
C ASP J 1375 78.07 46.05 87.53
N VAL J 1376 79.12 45.26 87.29
CA VAL J 1376 80.39 45.76 86.80
C VAL J 1376 80.72 45.09 85.46
N LEU J 1377 80.81 45.89 84.41
CA LEU J 1377 80.84 45.37 83.06
C LEU J 1377 82.08 45.81 82.33
N ASP J 1378 82.79 44.83 81.78
CA ASP J 1378 84.00 45.13 81.01
C ASP J 1378 83.77 45.09 79.49
N THR J 1379 83.95 46.26 78.87
CA THR J 1379 83.54 46.48 77.49
C THR J 1379 84.67 46.22 76.47
N THR J 1380 84.59 45.08 75.79
CA THR J 1380 85.58 44.69 74.80
C THR J 1380 85.00 44.75 73.39
N ALA J 1381 85.79 45.20 72.42
CA ALA J 1381 85.29 45.29 71.06
C ALA J 1381 86.39 45.01 70.03
N GLN J 1382 85.99 44.62 68.83
CA GLN J 1382 86.91 44.46 67.70
C GLN J 1382 86.19 44.67 66.37
N ILE J 1383 86.94 44.95 65.32
CA ILE J 1383 86.34 45.30 64.04
C ILE J 1383 86.11 44.09 63.14
N ASN J 1384 84.88 43.59 63.12
CA ASN J 1384 84.51 42.38 62.39
C ASN J 1384 84.52 42.50 60.87
N ALA J 1385 84.44 43.72 60.38
CA ALA J 1385 84.51 43.96 58.95
C ALA J 1385 84.36 45.44 58.60
N VAL J 1386 85.12 45.88 57.62
CA VAL J 1386 85.00 47.22 57.10
C VAL J 1386 85.06 47.10 55.61
N ILE J 1387 83.88 47.25 55.00
CA ILE J 1387 83.73 47.15 53.56
C ILE J 1387 82.99 48.36 53.00
N ASN J 1388 83.43 48.80 51.83
CA ASN J 1388 82.85 49.99 51.22
C ASN J 1388 81.77 49.67 50.20
N GLN J 1389 80.53 49.68 50.67
CA GLN J 1389 79.36 49.52 49.83
C GLN J 1389 79.22 50.76 48.94
N ASP J 1390 78.12 50.84 48.20
CA ASP J 1390 77.93 51.99 47.31
C ASP J 1390 77.51 53.23 48.09
N SER J 1391 76.53 53.06 48.98
CA SER J 1391 76.03 54.17 49.79
C SER J 1391 77.17 54.95 50.47
N GLY J 1392 78.15 54.23 51.00
CA GLY J 1392 79.30 54.85 51.63
C GLY J 1392 80.38 53.84 51.94
N LYS J 1393 81.00 53.97 53.11
CA LYS J 1393 81.90 52.95 53.61
C LYS J 1393 81.36 52.49 54.94
N MET J 1394 81.43 51.18 55.18
CA MET J 1394 80.79 50.64 56.38
C MET J 1394 81.77 49.91 57.31
N VAL J 1395 81.48 49.99 58.61
CA VAL J 1395 82.30 49.36 59.65
C VAL J 1395 81.44 48.49 60.54
N GLU J 1396 81.87 47.25 60.75
CA GLU J 1396 81.14 46.38 61.64
C GLU J 1396 81.89 46.21 62.95
N VAL J 1397 81.25 46.60 64.05
CA VAL J 1397 81.83 46.56 65.37
C VAL J 1397 81.19 45.46 66.19
N CYS J 1398 81.99 44.49 66.63
CA CYS J 1398 81.46 43.47 67.54
C CYS J 1398 81.90 43.74 68.98
N GLY J 1399 80.94 44.09 69.83
CA GLY J 1399 81.24 44.33 71.23
C GLY J 1399 80.85 43.14 72.06
N THR J 1400 81.60 42.91 73.14
CA THR J 1400 81.26 41.90 74.14
C THR J 1400 81.25 42.53 75.54
N LEU J 1401 80.09 42.50 76.18
CA LEU J 1401 79.97 43.00 77.53
C LEU J 1401 80.16 41.85 78.50
N LYS J 1402 81.29 41.85 79.19
CA LYS J 1402 81.58 40.85 80.21
C LYS J 1402 81.28 41.32 81.64
N ARG J 1403 80.96 40.36 82.49
CA ARG J 1403 80.61 40.64 83.87
C ARG J 1403 81.09 39.45 84.71
N ASP J 1404 81.92 39.72 85.70
CA ASP J 1404 82.48 38.66 86.52
C ASP J 1404 83.29 37.70 85.67
N GLY J 1405 84.05 38.25 84.74
CA GLY J 1405 84.93 37.48 83.89
C GLY J 1405 84.23 36.72 82.77
N LYS J 1406 82.90 36.68 82.82
CA LYS J 1406 82.12 35.93 81.84
C LYS J 1406 81.30 36.84 80.93
N PRO J 1407 81.38 36.58 79.61
CA PRO J 1407 80.65 37.33 78.58
C PRO J 1407 79.14 37.20 78.76
N VAL J 1408 78.43 38.33 78.76
CA VAL J 1408 76.99 38.30 79.00
C VAL J 1408 76.15 38.56 77.74
N MET J 1409 76.61 39.47 76.89
CA MET J 1409 75.87 39.80 75.68
C MET J 1409 76.75 40.52 74.66
N TYR J 1410 76.67 40.10 73.40
CA TYR J 1410 77.45 40.74 72.34
C TYR J 1410 76.65 41.80 71.58
N VAL J 1411 77.11 43.04 71.64
CA VAL J 1411 76.46 44.10 70.89
C VAL J 1411 77.25 44.36 69.63
N THR J 1412 76.72 43.84 68.53
CA THR J 1412 77.23 44.14 67.20
C THR J 1412 76.61 45.44 66.68
N SER J 1413 77.26 46.08 65.72
CA SER J 1413 76.81 47.38 65.27
C SER J 1413 77.49 47.76 63.95
N GLN J 1414 76.77 48.46 63.08
CA GLN J 1414 77.31 48.88 61.79
C GLN J 1414 77.20 50.39 61.63
N PHE J 1415 78.27 51.01 61.14
CA PHE J 1415 78.27 52.46 60.92
C PHE J 1415 78.54 52.77 59.46
N LEU J 1416 78.07 53.92 59.00
CA LEU J 1416 78.23 54.27 57.61
C LEU J 1416 78.85 55.64 57.36
N TYR J 1417 80.15 55.62 57.05
CA TYR J 1417 80.85 56.76 56.50
C TYR J 1417 80.37 56.95 55.06
N ARG J 1418 79.23 57.61 54.88
CA ARG J 1418 78.62 57.70 53.56
C ARG J 1418 79.41 58.55 52.55
N GLY J 1419 79.46 58.08 51.31
CA GLY J 1419 80.21 58.71 50.23
C GLY J 1419 80.85 57.71 49.28
N VAL J 1420 81.78 58.17 48.44
CA VAL J 1420 82.45 57.33 47.45
C VAL J 1420 83.86 56.93 47.89
N TYR J 1421 84.12 55.63 47.97
CA TYR J 1421 85.40 55.14 48.49
C TYR J 1421 86.07 54.10 47.61
N THR J 1422 87.39 54.19 47.48
CA THR J 1422 88.15 53.16 46.76
C THR J 1422 89.41 52.73 47.53
N ASP J 1423 89.35 52.81 48.86
CA ASP J 1423 90.45 52.36 49.69
C ASP J 1423 90.36 50.86 49.96
N TYR J 1424 90.15 50.10 48.89
CA TYR J 1424 89.87 48.65 48.98
C TYR J 1424 91.07 48.02 49.61
N GLU J 1425 92.07 48.87 49.69
CA GLU J 1425 93.26 48.48 50.35
C GLU J 1425 92.94 48.02 51.77
N ASN J 1426 91.86 48.53 52.35
CA ASN J 1426 91.58 48.31 53.77
C ASN J 1426 90.19 47.74 54.06
N THR J 1427 89.53 47.29 53.02
CA THR J 1427 88.21 46.69 53.19
C THR J 1427 88.39 45.20 53.44
N PHE J 1428 87.55 44.63 54.31
CA PHE J 1428 87.69 43.23 54.73
C PHE J 1428 86.47 42.75 55.50
N GLN J 1429 86.43 41.44 55.79
CA GLN J 1429 85.32 40.89 56.58
C GLN J 1429 85.64 39.55 57.21
N ARG J 1430 85.26 39.39 58.48
CA ARG J 1430 85.29 38.10 59.17
C ARG J 1430 83.88 37.57 59.36
N LYS J 1431 83.44 36.70 58.48
CA LYS J 1431 82.15 36.05 58.66
C LYS J 1431 82.32 34.71 59.36
N ASP J 1432 81.31 34.31 60.11
CA ASP J 1432 81.26 32.96 60.63
C ASP J 1432 80.41 32.13 59.70
N GLU J 1433 81.05 31.24 58.93
CA GLU J 1433 80.34 30.45 57.93
C GLU J 1433 79.25 29.57 58.56
N VAL J 1434 78.13 29.45 57.85
CA VAL J 1434 77.00 28.68 58.31
C VAL J 1434 77.41 27.25 58.68
N PRO J 1435 77.06 26.80 59.89
CA PRO J 1435 77.31 25.41 60.25
C PRO J 1435 76.69 24.52 59.20
N MET J 1436 77.46 23.57 58.68
CA MET J 1436 76.95 22.69 57.63
C MET J 1436 77.26 21.22 57.88
N GLN J 1437 76.42 20.36 57.30
CA GLN J 1437 76.37 18.94 57.62
C GLN J 1437 76.63 18.09 56.39
N LEU J 1438 77.83 17.52 56.28
CA LEU J 1438 78.20 16.76 55.10
C LEU J 1438 78.11 15.26 55.39
N HIS J 1439 77.36 14.54 54.57
CA HIS J 1439 77.20 13.11 54.78
C HIS J 1439 78.01 12.29 53.80
N ILE J 1440 79.09 11.69 54.29
CA ILE J 1440 79.87 10.74 53.50
C ILE J 1440 79.09 9.44 53.43
N ALA J 1441 78.95 8.87 52.22
CA ALA J 1441 78.13 7.68 52.06
C ALA J 1441 78.77 6.64 51.15
N THR J 1442 79.70 7.07 50.32
CA THR J 1442 80.39 6.18 49.39
C THR J 1442 81.89 6.42 49.48
N PRO J 1443 82.69 5.37 49.20
CA PRO J 1443 84.12 5.63 49.10
C PRO J 1443 84.40 6.76 48.10
N GLN J 1444 83.48 6.96 47.15
CA GLN J 1444 83.58 8.05 46.20
C GLN J 1444 83.49 9.40 46.91
N ASP J 1445 82.52 9.52 47.81
CA ASP J 1445 82.30 10.75 48.57
C ASP J 1445 83.52 11.07 49.43
N LEU J 1446 83.88 10.11 50.28
CA LEU J 1446 85.03 10.18 51.16
C LEU J 1446 86.29 10.51 50.38
N ALA J 1447 86.51 9.80 49.29
CA ALA J 1447 87.69 9.98 48.45
C ALA J 1447 87.83 11.41 47.93
N VAL J 1448 86.71 12.09 47.75
CA VAL J 1448 86.74 13.48 47.32
C VAL J 1448 86.99 14.42 48.50
N LEU J 1449 86.35 14.11 49.62
CA LEU J 1449 86.49 14.93 50.82
C LEU J 1449 87.92 14.86 51.35
N ARG J 1450 88.65 13.82 50.94
CA ARG J 1450 90.07 13.68 51.31
C ARG J 1450 90.95 14.27 50.23
N SER J 1451 90.51 14.14 48.98
CA SER J 1451 91.24 14.64 47.82
C SER J 1451 91.39 16.16 47.83
N LYS J 1452 90.58 16.83 48.64
CA LYS J 1452 90.65 18.29 48.72
C LYS J 1452 91.93 18.76 49.42
N GLU J 1453 92.48 19.87 48.90
CA GLU J 1453 93.72 20.44 49.42
C GLU J 1453 93.50 20.99 50.83
N TRP J 1454 92.35 21.63 51.01
CA TRP J 1454 92.03 22.33 52.25
C TRP J 1454 91.56 21.39 53.35
N PHE J 1455 91.42 20.11 53.03
CA PHE J 1455 90.98 19.12 54.02
C PHE J 1455 92.12 18.38 54.70
N LYS J 1456 92.28 18.64 56.00
CA LYS J 1456 93.41 18.13 56.75
C LYS J 1456 92.97 17.22 57.89
N LEU J 1457 93.03 15.91 57.63
CA LEU J 1457 92.58 14.90 58.57
C LEU J 1457 93.55 14.77 59.74
N ASP J 1458 93.01 14.43 60.90
CA ASP J 1458 93.79 14.45 62.14
C ASP J 1458 94.22 13.06 62.63
N ASP J 1459 95.19 13.06 63.53
CA ASP J 1459 95.80 11.84 64.06
C ASP J 1459 95.12 11.42 65.34
N GLN J 1460 93.83 11.73 65.45
CA GLN J 1460 93.01 11.26 66.55
C GLN J 1460 92.85 9.75 66.38
N HIS J 1461 91.65 9.32 65.99
CA HIS J 1461 91.45 7.92 65.67
C HIS J 1461 91.17 7.78 64.20
N ASP J 1462 91.43 6.58 63.68
CA ASP J 1462 91.14 6.28 62.28
C ASP J 1462 89.72 5.75 62.16
N ILE J 1463 88.76 6.48 62.75
CA ILE J 1463 87.38 6.08 62.62
C ILE J 1463 86.96 6.25 61.15
N GLU J 1464 86.54 5.14 60.54
CA GLU J 1464 86.10 5.19 59.14
C GLU J 1464 85.09 6.29 59.02
N LEU J 1465 85.41 7.28 58.21
CA LEU J 1465 84.53 8.42 58.00
C LEU J 1465 83.44 8.00 57.04
N LEU J 1466 83.48 6.73 56.64
CA LEU J 1466 82.57 6.21 55.63
C LEU J 1466 81.11 6.39 55.99
N GLY J 1467 80.63 5.63 56.97
CA GLY J 1467 79.22 5.65 57.34
C GLY J 1467 78.67 6.97 57.88
N GLN J 1468 79.46 7.63 58.73
CA GLN J 1468 78.99 8.81 59.47
C GLN J 1468 78.95 10.08 58.63
N THR J 1469 78.40 11.13 59.23
CA THR J 1469 78.37 12.43 58.60
C THR J 1469 79.23 13.38 59.42
N LEU J 1470 79.66 14.47 58.80
CA LEU J 1470 80.55 15.42 59.43
C LEU J 1470 79.93 16.80 59.57
N VAL J 1471 80.37 17.52 60.59
CA VAL J 1471 79.93 18.88 60.81
C VAL J 1471 81.05 19.83 60.43
N PHE J 1472 80.73 20.84 59.64
CA PHE J 1472 81.72 21.82 59.26
C PHE J 1472 81.35 23.18 59.82
N ARG J 1473 81.95 23.54 60.95
CA ARG J 1473 81.79 24.88 61.46
C ARG J 1473 83.01 25.68 61.10
N LEU J 1474 82.87 26.58 60.14
CA LEU J 1474 84.02 27.31 59.65
C LEU J 1474 83.97 28.79 60.00
N GLN J 1475 85.15 29.40 59.99
CA GLN J 1475 85.27 30.84 60.04
C GLN J 1475 86.05 31.25 58.80
N SER J 1476 85.90 32.51 58.39
CA SER J 1476 86.65 32.98 57.24
C SER J 1476 86.88 34.48 57.21
N LEU J 1477 87.96 34.86 56.56
CA LEU J 1477 88.30 36.26 56.38
C LEU J 1477 88.52 36.54 54.90
N VAL J 1478 87.83 37.57 54.42
CA VAL J 1478 87.96 37.95 53.04
C VAL J 1478 88.37 39.40 52.99
N ARG J 1479 89.25 39.71 52.04
CA ARG J 1479 89.62 41.10 51.74
C ARG J 1479 89.14 41.47 50.34
N PHE J 1480 88.47 42.61 50.23
CA PHE J 1480 87.88 43.00 48.96
C PHE J 1480 88.89 43.75 48.09
N LYS J 1481 88.63 43.81 46.79
CA LYS J 1481 89.38 44.72 45.93
C LYS J 1481 88.40 45.44 45.00
N ASN J 1482 87.69 44.69 44.17
CA ASN J 1482 86.51 45.21 43.51
C ASN J 1482 85.36 44.77 44.40
N LYS J 1483 84.29 45.55 44.49
CA LYS J 1483 83.11 45.09 45.24
C LYS J 1483 82.64 43.71 44.74
N ASN J 1484 83.13 43.32 43.56
CA ASN J 1484 82.80 42.06 42.93
C ASN J 1484 83.82 40.93 43.15
N VAL J 1485 85.10 41.31 43.27
CA VAL J 1485 86.18 40.32 43.34
C VAL J 1485 87.06 40.39 44.60
N TYR J 1486 87.00 39.35 45.41
CA TYR J 1486 87.80 39.28 46.63
C TYR J 1486 89.27 39.30 46.26
N SER J 1487 90.01 40.21 46.86
CA SER J 1487 91.45 40.28 46.66
C SER J 1487 92.17 39.09 47.31
N SER J 1488 91.58 38.54 48.37
CA SER J 1488 92.16 37.40 49.09
C SER J 1488 91.26 36.85 50.21
N VAL J 1489 91.15 35.53 50.26
CA VAL J 1489 90.21 34.87 51.15
C VAL J 1489 90.82 33.69 51.90
N GLN J 1490 90.51 33.59 53.18
CA GLN J 1490 91.05 32.52 54.03
C GLN J 1490 89.93 31.88 54.82
N THR J 1491 89.86 30.55 54.77
CA THR J 1491 88.87 29.82 55.56
C THR J 1491 89.49 28.80 56.51
N ILE J 1492 89.25 28.99 57.80
CA ILE J 1492 89.68 28.04 58.81
C ILE J 1492 88.45 27.49 59.49
N GLY J 1493 88.47 26.21 59.83
CA GLY J 1493 87.33 25.61 60.50
C GLY J 1493 87.65 24.30 61.19
N GLN J 1494 86.62 23.69 61.76
CA GLN J 1494 86.79 22.45 62.49
C GLN J 1494 85.81 21.43 61.96
N VAL J 1495 86.33 20.29 61.55
CA VAL J 1495 85.49 19.18 61.11
C VAL J 1495 85.14 18.28 62.29
N LEU J 1496 83.86 18.22 62.64
CA LEU J 1496 83.38 17.43 63.78
C LEU J 1496 82.68 16.14 63.39
N LEU J 1497 82.76 15.16 64.27
CA LEU J 1497 82.01 13.92 64.13
C LEU J 1497 81.39 13.59 65.46
N GLU J 1498 80.13 13.21 65.46
CA GLU J 1498 79.51 12.72 66.67
C GLU J 1498 79.55 11.19 66.71
N LEU J 1499 80.09 10.65 67.80
CA LEU J 1499 80.14 9.21 68.01
C LEU J 1499 78.75 8.66 68.35
N PRO J 1500 78.59 7.33 68.25
CA PRO J 1500 77.35 6.69 68.70
C PRO J 1500 77.07 7.04 70.17
N THR J 1501 78.15 7.31 70.89
CA THR J 1501 78.11 7.58 72.33
C THR J 1501 77.74 9.03 72.62
N LYS J 1502 77.60 9.83 71.56
CA LYS J 1502 77.33 11.28 71.64
C LYS J 1502 78.60 12.12 71.89
N GLU J 1503 79.75 11.54 71.55
CA GLU J 1503 81.03 12.22 71.65
C GLU J 1503 81.25 13.17 70.48
N ILE J 1504 81.89 14.30 70.72
CA ILE J 1504 82.21 15.20 69.63
C ILE J 1504 83.72 15.32 69.46
N ILE J 1505 84.22 14.86 68.32
CA ILE J 1505 85.66 14.85 68.07
C ILE J 1505 86.02 15.75 66.89
N GLN J 1506 87.20 16.34 66.93
CA GLN J 1506 87.70 17.09 65.79
C GLN J 1506 88.46 16.15 64.88
N VAL J 1507 87.72 15.45 64.02
CA VAL J 1507 88.30 14.45 63.12
C VAL J 1507 89.26 15.09 62.12
N ALA J 1508 89.11 16.39 61.90
CA ALA J 1508 89.99 17.13 61.01
C ALA J 1508 89.71 18.60 61.13
N SER J 1509 90.30 19.39 60.26
CA SER J 1509 90.07 20.82 60.27
C SER J 1509 90.23 21.33 58.86
N VAL J 1510 89.85 22.60 58.66
CA VAL J 1510 89.84 23.20 57.32
C VAL J 1510 90.78 24.41 57.20
N ASP J 1511 91.70 24.33 56.24
CA ASP J 1511 92.61 25.44 55.95
C ASP J 1511 92.73 25.70 54.45
N TYR J 1512 92.19 26.83 54.00
CA TYR J 1512 92.24 27.22 52.61
C TYR J 1512 92.44 28.72 52.50
N GLU J 1513 93.27 29.13 51.56
CA GLU J 1513 93.47 30.56 51.32
C GLU J 1513 93.92 30.81 49.89
N ALA J 1514 93.40 31.88 49.30
CA ALA J 1514 93.71 32.25 47.92
C ALA J 1514 93.39 33.71 47.71
N GLY J 1515 94.00 34.32 46.70
CA GLY J 1515 93.76 35.72 46.40
C GLY J 1515 93.17 35.87 45.02
N GLU J 1516 92.47 36.98 44.79
CA GLU J 1516 91.79 37.20 43.53
C GLU J 1516 90.79 36.07 43.29
N SER J 1517 89.81 35.97 44.18
CA SER J 1517 88.81 34.91 44.12
C SER J 1517 87.44 35.53 43.87
N HIS J 1518 86.58 34.81 43.14
CA HIS J 1518 85.24 35.30 42.85
C HIS J 1518 84.20 34.65 43.76
N GLY J 1519 84.62 33.58 44.44
CA GLY J 1519 83.75 32.88 45.37
C GLY J 1519 84.55 32.05 46.36
N ASN J 1520 83.84 31.42 47.29
CA ASN J 1520 84.47 30.58 48.31
C ASN J 1520 84.34 29.09 48.01
N PRO J 1521 85.37 28.51 47.35
CA PRO J 1521 85.38 27.13 46.86
C PRO J 1521 85.11 26.10 47.94
N VAL J 1522 85.44 26.45 49.18
CA VAL J 1522 85.23 25.56 50.30
C VAL J 1522 83.76 25.49 50.67
N ILE J 1523 83.15 26.66 50.87
CA ILE J 1523 81.73 26.74 51.16
C ILE J 1523 80.90 26.10 50.05
N ASP J 1524 81.31 26.37 48.81
CA ASP J 1524 80.60 25.86 47.65
C ASP J 1524 80.53 24.36 47.68
N TYR J 1525 81.68 23.70 47.82
CA TYR J 1525 81.72 22.25 47.91
C TYR J 1525 80.74 21.77 48.96
N LEU J 1526 80.72 22.45 50.10
CA LEU J 1526 79.83 22.07 51.18
C LEU J 1526 78.38 22.29 50.81
N GLN J 1527 78.09 23.40 50.15
CA GLN J 1527 76.71 23.75 49.86
C GLN J 1527 75.99 22.70 49.04
N ARG J 1528 76.74 22.00 48.18
CA ARG J 1528 76.14 20.95 47.37
C ARG J 1528 76.13 19.57 48.04
N HIS J 1529 77.30 19.04 48.35
CA HIS J 1529 77.40 17.68 48.88
C HIS J 1529 76.86 17.55 50.31
N GLY J 1530 76.52 18.69 50.90
CA GLY J 1530 75.96 18.70 52.25
C GLY J 1530 74.86 19.74 52.41
N SER J 1531 74.37 19.89 53.64
CA SER J 1531 73.28 20.80 53.93
C SER J 1531 73.58 21.64 55.17
N SER J 1532 72.94 22.80 55.28
CA SER J 1532 73.09 23.61 56.48
C SER J 1532 72.44 22.92 57.67
N ILE J 1533 72.54 23.53 58.85
CA ILE J 1533 71.99 22.93 60.05
C ILE J 1533 71.76 23.98 61.11
N GLU J 1534 71.00 23.62 62.15
CA GLU J 1534 70.72 24.51 63.27
C GLU J 1534 70.07 25.79 62.75
N GLN J 1535 69.24 25.65 61.73
CA GLN J 1535 68.62 26.80 61.08
C GLN J 1535 67.19 27.11 61.60
N PRO J 1536 66.66 28.33 61.28
CA PRO J 1536 65.29 28.71 61.63
C PRO J 1536 64.23 27.82 60.98
N VAL J 1537 63.03 27.85 61.53
CA VAL J 1537 61.90 27.13 60.96
C VAL J 1537 60.64 28.01 60.94
N ASN J 1538 60.41 28.66 59.80
CA ASN J 1538 59.30 29.59 59.65
C ASN J 1538 58.04 28.85 59.25
N PHE J 1539 56.88 29.50 59.38
CA PHE J 1539 55.61 28.86 59.05
C PHE J 1539 55.13 29.35 57.71
N GLU J 1540 54.13 28.67 57.16
CA GLU J 1540 53.45 29.16 55.97
C GLU J 1540 52.69 30.41 56.35
N ASN J 1541 52.12 30.36 57.55
CA ASN J 1541 51.26 31.42 58.03
C ASN J 1541 51.87 32.24 59.17
N PRO J 1542 52.50 33.38 58.84
CA PRO J 1542 53.03 34.32 59.81
C PRO J 1542 51.91 34.82 60.72
N ILE J 1543 52.04 34.55 62.01
CA ILE J 1543 51.03 34.89 63.02
C ILE J 1543 51.13 36.35 63.46
N PRO J 1544 50.14 37.16 63.09
CA PRO J 1544 50.11 38.56 63.54
C PRO J 1544 50.09 38.58 65.05
N LEU J 1545 50.85 39.49 65.66
CA LEU J 1545 50.98 39.54 67.11
C LEU J 1545 50.16 40.67 67.71
N SER J 1546 50.34 41.88 67.19
CA SER J 1546 49.59 43.02 67.70
C SER J 1546 48.22 43.07 67.03
N GLY J 1547 48.17 42.60 65.79
CA GLY J 1547 46.96 42.66 65.01
C GLY J 1547 47.01 43.81 64.03
N LYS J 1548 45.86 44.15 63.46
CA LYS J 1548 45.77 45.23 62.49
C LYS J 1548 45.61 46.58 63.19
N THR J 1549 45.42 46.54 64.52
CA THR J 1549 45.45 47.73 65.35
C THR J 1549 46.90 48.15 65.53
N PRO J 1550 47.42 48.97 64.59
CA PRO J 1550 48.86 49.19 64.44
C PRO J 1550 49.47 49.91 65.64
N LEU J 1551 50.62 49.42 66.07
CA LEU J 1551 51.33 50.05 67.17
C LEU J 1551 51.88 51.40 66.70
N GLU J 1552 51.66 52.45 67.50
CA GLU J 1552 52.07 53.79 67.13
C GLU J 1552 53.09 54.42 68.09
N LEU J 1553 54.14 54.99 67.50
CA LEU J 1553 55.19 55.65 68.27
C LEU J 1553 55.39 57.06 67.74
N ARG J 1554 56.07 57.89 68.52
CA ARG J 1554 56.43 59.24 68.10
C ARG J 1554 57.84 59.66 68.51
N ALA J 1555 58.65 60.03 67.52
CA ALA J 1555 59.95 60.62 67.76
C ALA J 1555 59.70 61.87 68.56
N PRO J 1556 60.32 61.97 69.73
CA PRO J 1556 60.02 63.11 70.60
C PRO J 1556 60.55 64.41 70.00
N ALA J 1557 60.26 65.52 70.67
CA ALA J 1557 60.59 66.84 70.15
C ALA J 1557 62.08 67.13 70.16
N SER J 1558 62.72 67.00 71.33
CA SER J 1558 64.12 67.35 71.46
C SER J 1558 64.98 66.11 71.68
N ASN J 1559 65.90 65.88 70.75
CA ASN J 1559 66.82 64.76 70.81
C ASN J 1559 67.74 64.81 72.03
N GLU J 1560 67.99 66.00 72.53
CA GLU J 1560 68.83 66.20 73.71
C GLU J 1560 68.54 65.17 74.80
N ASN J 1561 67.26 65.02 75.16
CA ASN J 1561 66.83 64.04 76.18
C ASN J 1561 67.58 62.72 76.10
N TYR J 1562 67.68 62.20 74.87
CA TYR J 1562 68.42 60.98 74.60
C TYR J 1562 69.92 61.22 74.66
N ALA J 1563 70.40 62.19 73.89
CA ALA J 1563 71.83 62.51 73.82
C ALA J 1563 72.48 62.43 75.20
N ARG J 1564 71.76 62.96 76.19
CA ARG J 1564 72.24 62.98 77.57
C ARG J 1564 72.37 61.57 78.16
N VAL J 1565 71.30 60.81 78.12
CA VAL J 1565 71.31 59.49 78.75
C VAL J 1565 72.08 58.44 77.95
N SER J 1566 72.53 58.82 76.76
CA SER J 1566 73.20 57.86 75.86
C SER J 1566 74.71 58.06 75.85
N GLY J 1567 75.13 59.30 75.67
CA GLY J 1567 76.54 59.64 75.52
C GLY J 1567 76.81 60.15 74.12
N ASP J 1568 75.89 59.90 73.20
CA ASP J 1568 76.02 60.36 71.83
C ASP J 1568 75.49 61.78 71.71
N TYR J 1569 76.39 62.75 71.89
CA TYR J 1569 76.03 64.16 71.81
C TYR J 1569 76.08 64.62 70.36
N ASN J 1570 76.58 63.74 69.48
CA ASN J 1570 76.71 64.00 68.04
C ASN J 1570 75.85 65.17 67.55
N PRO J 1571 76.51 66.21 66.98
CA PRO J 1571 75.83 67.45 66.59
C PRO J 1571 74.71 67.21 65.59
N ILE J 1572 74.81 66.09 64.87
CA ILE J 1572 73.83 65.71 63.85
C ILE J 1572 72.41 65.77 64.38
N HIS J 1573 72.19 65.19 65.56
CA HIS J 1573 70.86 65.03 66.12
C HIS J 1573 70.34 66.23 66.90
N VAL J 1574 71.23 67.15 67.27
CA VAL J 1574 70.82 68.24 68.15
C VAL J 1574 70.88 69.63 67.50
N SER J 1575 72.03 69.99 66.94
CA SER J 1575 72.22 71.33 66.37
C SER J 1575 71.61 71.45 64.99
N ARG J 1576 71.39 72.69 64.56
CA ARG J 1576 70.89 72.97 63.23
C ARG J 1576 72.03 73.06 62.22
N VAL J 1577 73.02 73.89 62.52
CA VAL J 1577 74.11 74.14 61.58
C VAL J 1577 75.00 72.93 61.33
N PHE J 1578 75.22 72.12 62.35
CA PHE J 1578 76.02 70.91 62.17
C PHE J 1578 75.36 69.91 61.22
N SER J 1579 74.14 69.50 61.54
CA SER J 1579 73.39 68.63 60.65
C SER J 1579 73.25 69.22 59.22
N SER J 1580 72.95 70.51 59.13
CA SER J 1580 72.83 71.19 57.84
C SER J 1580 74.09 71.06 56.98
N TYR J 1581 75.25 70.98 57.63
CA TYR J 1581 76.49 70.86 56.88
C TYR J 1581 76.60 69.50 56.20
N ALA J 1582 76.03 68.47 56.82
CA ALA J 1582 76.14 67.11 56.29
C ALA J 1582 74.99 66.68 55.39
N ASN J 1583 74.19 67.64 54.94
CA ASN J 1583 73.09 67.38 54.00
C ASN J 1583 72.07 66.42 54.56
N LEU J 1584 71.40 66.81 55.64
CA LEU J 1584 70.39 65.94 56.20
C LEU J 1584 69.04 66.62 56.14
N PRO J 1585 67.97 65.83 56.25
CA PRO J 1585 66.62 66.41 56.41
C PRO J 1585 66.58 67.30 57.66
N GLY J 1586 67.56 67.14 58.54
CA GLY J 1586 67.76 68.03 59.67
C GLY J 1586 67.38 67.47 61.03
N THR J 1587 68.28 67.62 62.01
CA THR J 1587 67.98 67.24 63.38
C THR J 1587 67.43 65.82 63.46
N ILE J 1588 67.95 64.96 62.60
CA ILE J 1588 67.57 63.54 62.54
C ILE J 1588 67.43 62.90 63.92
N THR J 1589 66.30 62.24 64.16
CA THR J 1589 66.08 61.52 65.42
C THR J 1589 67.21 60.52 65.63
N HIS J 1590 67.47 60.15 66.87
CA HIS J 1590 68.56 59.23 67.18
C HIS J 1590 68.29 57.85 66.60
N GLY J 1591 69.26 57.36 65.82
CA GLY J 1591 69.18 56.03 65.24
C GLY J 1591 68.86 55.00 66.29
N MET J 1592 69.67 54.98 67.33
CA MET J 1592 69.48 54.03 68.41
C MET J 1592 68.22 54.28 69.22
N TYR J 1593 67.69 55.50 69.15
CA TYR J 1593 66.49 55.82 69.92
C TYR J 1593 65.29 55.09 69.35
N THR J 1594 65.12 55.22 68.04
CA THR J 1594 64.07 54.52 67.33
C THR J 1594 64.13 53.06 67.73
N SER J 1595 65.29 52.46 67.55
CA SER J 1595 65.52 51.07 67.94
C SER J 1595 65.00 50.72 69.33
N ALA J 1596 65.53 51.40 70.34
CA ALA J 1596 65.19 51.14 71.73
C ALA J 1596 63.70 51.23 71.99
N ALA J 1597 63.03 52.13 71.25
CA ALA J 1597 61.58 52.40 71.42
C ALA J 1597 60.68 51.25 70.93
N VAL J 1598 60.83 50.89 69.65
CA VAL J 1598 60.17 49.71 69.10
C VAL J 1598 60.55 48.44 69.87
N ARG J 1599 61.82 48.36 70.28
CA ARG J 1599 62.29 47.22 71.05
C ARG J 1599 61.52 47.04 72.37
N SER J 1600 60.94 48.12 72.89
CA SER J 1600 60.10 48.02 74.09
C SER J 1600 58.80 47.30 73.79
N LEU J 1601 58.20 47.62 72.65
CA LEU J 1601 56.98 46.97 72.21
C LEU J 1601 57.26 45.48 72.08
N VAL J 1602 58.39 45.16 71.49
CA VAL J 1602 58.78 43.75 71.30
C VAL J 1602 58.82 43.03 72.64
N GLU J 1603 59.20 43.77 73.68
CA GLU J 1603 59.29 43.22 75.03
C GLU J 1603 57.90 42.98 75.64
N THR J 1604 57.09 44.02 75.68
CA THR J 1604 55.80 43.94 76.32
C THR J 1604 54.84 43.10 75.49
N TRP J 1605 54.99 43.16 74.17
CA TRP J 1605 54.03 42.54 73.26
C TRP J 1605 54.24 41.06 72.94
N ALA J 1606 55.49 40.62 72.94
CA ALA J 1606 55.80 39.25 72.61
C ALA J 1606 56.23 38.47 73.85
N ALA J 1607 57.20 39.02 74.56
CA ALA J 1607 57.70 38.43 75.79
C ALA J 1607 56.76 38.73 76.96
N GLU J 1608 55.70 39.49 76.68
CA GLU J 1608 54.74 39.93 77.69
C GLU J 1608 55.38 40.21 79.05
N ASN J 1609 56.19 41.27 79.08
CA ASN J 1609 56.66 41.85 80.33
C ASN J 1609 57.85 41.21 81.03
N ASN J 1610 58.25 40.01 80.60
CA ASN J 1610 59.35 39.31 81.25
C ASN J 1610 60.66 39.40 80.47
N ILE J 1611 61.40 40.50 80.65
CA ILE J 1611 62.53 40.82 79.79
C ILE J 1611 63.45 39.65 79.47
N GLY J 1612 63.64 38.77 80.43
CA GLY J 1612 64.53 37.64 80.26
C GLY J 1612 64.31 36.95 78.93
N ARG J 1613 63.05 36.77 78.59
CA ARG J 1613 62.68 36.09 77.37
C ARG J 1613 63.42 36.64 76.15
N VAL J 1614 63.20 37.91 75.83
CA VAL J 1614 63.85 38.51 74.66
C VAL J 1614 65.36 38.30 74.70
N ARG J 1615 65.82 37.29 73.98
CA ARG J 1615 67.20 36.89 74.01
C ARG J 1615 68.00 37.49 72.85
N SER J 1616 67.30 38.08 71.89
CA SER J 1616 67.94 38.69 70.73
C SER J 1616 67.07 39.74 70.05
N TYR J 1617 67.73 40.74 69.50
CA TYR J 1617 67.07 41.85 68.84
C TYR J 1617 68.07 42.40 67.86
N HIS J 1618 67.64 42.59 66.63
CA HIS J 1618 68.53 43.10 65.61
C HIS J 1618 67.73 43.95 64.65
N VAL J 1619 68.18 45.17 64.42
CA VAL J 1619 67.46 46.08 63.54
C VAL J 1619 68.38 46.69 62.48
N ASN J 1620 67.86 46.77 61.26
CA ASN J 1620 68.46 47.61 60.24
C ASN J 1620 67.65 48.91 60.16
N MET J 1621 68.23 50.00 60.65
CA MET J 1621 67.61 51.29 60.43
C MET J 1621 67.86 51.71 59.00
N VAL J 1622 66.83 52.18 58.34
CA VAL J 1622 66.92 52.54 56.95
C VAL J 1622 66.10 53.80 56.75
N GLY J 1623 65.29 54.10 57.74
CA GLY J 1623 64.48 55.31 57.73
C GLY J 1623 65.05 56.36 58.66
N MET J 1624 65.47 57.48 58.08
CA MET J 1624 65.86 58.63 58.88
C MET J 1624 64.60 59.30 59.44
N VAL J 1625 64.40 59.13 60.74
CA VAL J 1625 63.20 59.65 61.39
C VAL J 1625 63.41 61.09 61.80
N LEU J 1626 62.55 61.98 61.33
CA LEU J 1626 62.60 63.35 61.82
C LEU J 1626 61.85 63.43 63.16
N PRO J 1627 62.14 64.47 63.95
CA PRO J 1627 61.50 64.61 65.26
C PRO J 1627 60.02 64.94 65.14
N ASN J 1628 59.22 64.29 65.99
CA ASN J 1628 57.76 64.45 66.04
C ASN J 1628 57.02 63.73 64.92
N ASP J 1629 57.69 62.78 64.28
CA ASP J 1629 57.07 61.93 63.28
C ASP J 1629 56.24 60.87 63.98
N ALA J 1630 55.26 60.33 63.27
CA ALA J 1630 54.50 59.20 63.76
C ALA J 1630 55.10 57.93 63.16
N ILE J 1631 55.57 57.04 64.01
CA ILE J 1631 56.11 55.80 63.54
C ILE J 1631 55.15 54.65 63.81
N THR J 1632 55.04 53.74 62.85
CA THR J 1632 54.07 52.65 62.95
C THR J 1632 54.74 51.29 62.98
N VAL J 1633 54.42 50.51 64.00
CA VAL J 1633 55.07 49.23 64.21
C VAL J 1633 54.14 48.03 64.05
N LYS J 1634 54.62 47.02 63.32
CA LYS J 1634 53.93 45.75 63.18
C LYS J 1634 54.78 44.62 63.73
N LEU J 1635 54.14 43.63 64.35
CA LEU J 1635 54.86 42.52 64.95
C LEU J 1635 54.25 41.16 64.60
N GLU J 1636 55.01 40.36 63.86
CA GLU J 1636 54.57 39.02 63.45
C GLU J 1636 55.39 37.94 64.14
N HIS J 1637 54.79 36.78 64.34
CA HIS J 1637 55.47 35.61 64.89
C HIS J 1637 55.86 34.68 63.74
N VAL J 1638 56.83 35.11 62.94
CA VAL J 1638 57.07 34.48 61.66
C VAL J 1638 57.88 33.17 61.71
N GLY J 1639 58.43 32.84 62.87
CA GLY J 1639 59.27 31.65 62.95
C GLY J 1639 59.57 31.08 64.34
N MET J 1640 60.42 30.06 64.37
CA MET J 1640 60.88 29.40 65.59
C MET J 1640 62.34 28.97 65.46
N ILE J 1641 63.12 29.16 66.52
CA ILE J 1641 64.49 28.63 66.58
C ILE J 1641 64.80 28.19 67.99
N ALA J 1642 65.16 26.92 68.14
CA ALA J 1642 65.55 26.39 69.46
C ALA J 1642 64.59 26.77 70.60
N GLY J 1643 63.29 26.55 70.40
CA GLY J 1643 62.30 26.85 71.41
C GLY J 1643 62.01 28.33 71.60
N ARG J 1644 62.55 29.15 70.70
CA ARG J 1644 62.38 30.60 70.78
C ARG J 1644 61.58 31.13 69.61
N LYS J 1645 60.61 31.99 69.90
CA LYS J 1645 59.79 32.60 68.86
C LYS J 1645 60.56 33.67 68.10
N ILE J 1646 60.67 33.51 66.78
CA ILE J 1646 61.20 34.57 65.93
C ILE J 1646 60.10 35.59 65.75
N ILE J 1647 60.45 36.87 65.75
CA ILE J 1647 59.45 37.90 65.62
C ILE J 1647 59.90 38.99 64.67
N LYS J 1648 59.30 39.00 63.49
CA LYS J 1648 59.60 40.03 62.51
C LYS J 1648 59.09 41.36 63.03
N VAL J 1649 59.93 42.37 62.94
CA VAL J 1649 59.56 43.70 63.39
C VAL J 1649 59.67 44.66 62.23
N ASP J 1650 58.66 45.52 62.08
CA ASP J 1650 58.62 46.48 60.98
C ASP J 1650 58.06 47.81 61.44
N ALA J 1651 58.85 48.86 61.28
CA ALA J 1651 58.44 50.21 61.66
C ALA J 1651 58.45 51.13 60.46
N ARG J 1652 57.36 51.85 60.23
CA ARG J 1652 57.26 52.70 59.06
C ARG J 1652 56.78 54.12 59.35
N ASN J 1653 57.10 55.01 58.42
CA ASN J 1653 56.63 56.39 58.44
C ASN J 1653 55.12 56.45 58.23
N LYS J 1654 54.38 56.86 59.25
CA LYS J 1654 52.92 56.80 59.20
C LYS J 1654 52.30 57.62 58.06
N ASP J 1655 53.11 58.38 57.33
CA ASP J 1655 52.60 59.26 56.30
C ASP J 1655 53.03 58.88 54.89
N THR J 1656 54.15 58.17 54.80
CA THR J 1656 54.69 57.80 53.50
C THR J 1656 55.02 56.30 53.43
N ASP J 1657 54.68 55.59 54.49
CA ASP J 1657 54.91 54.15 54.60
C ASP J 1657 56.29 53.71 54.14
N GLU J 1658 57.25 54.62 54.22
CA GLU J 1658 58.64 54.28 53.99
C GLU J 1658 59.12 53.55 55.23
N SER J 1659 59.90 52.50 55.03
CA SER J 1659 60.40 51.71 56.14
C SER J 1659 61.38 52.54 56.96
N VAL J 1660 61.33 52.34 58.28
CA VAL J 1660 62.24 53.01 59.19
C VAL J 1660 63.12 51.96 59.83
N LEU J 1661 62.48 50.92 60.37
CA LEU J 1661 63.18 49.80 60.95
C LEU J 1661 62.74 48.49 60.32
N GLN J 1662 63.61 47.51 60.35
CA GLN J 1662 63.29 46.17 59.90
C GLN J 1662 64.26 45.18 60.51
N GLY J 1663 63.74 44.28 61.34
CA GLY J 1663 64.56 43.26 61.93
C GLY J 1663 63.78 42.21 62.66
N GLU J 1664 64.48 41.18 63.12
CA GLU J 1664 63.88 40.09 63.85
C GLU J 1664 64.26 40.11 65.34
N ALA J 1665 63.45 39.49 66.17
CA ALA J 1665 63.74 39.41 67.60
C ALA J 1665 63.50 37.98 68.09
N GLU J 1666 64.52 37.37 68.68
CA GLU J 1666 64.39 36.00 69.18
C GLU J 1666 63.91 35.94 70.63
N VAL J 1667 62.61 36.17 70.83
CA VAL J 1667 61.98 36.15 72.15
C VAL J 1667 61.69 34.73 72.63
N GLU J 1668 61.82 34.49 73.94
CA GLU J 1668 61.53 33.17 74.51
C GLU J 1668 60.03 32.94 74.79
N GLN J 1669 59.62 31.70 74.58
CA GLN J 1669 58.23 31.28 74.67
C GLN J 1669 57.90 30.98 76.14
N PRO J 1670 56.64 31.24 76.60
CA PRO J 1670 56.13 31.14 77.99
C PRO J 1670 56.47 29.85 78.73
N VAL J 1671 56.48 29.94 80.06
CA VAL J 1671 56.85 28.83 80.94
C VAL J 1671 56.15 27.52 80.61
N THR J 1672 56.91 26.50 80.22
CA THR J 1672 56.31 25.25 79.78
C THR J 1672 56.65 24.05 80.67
N ALA J 1673 55.84 23.01 80.54
CA ALA J 1673 56.07 21.76 81.23
C ALA J 1673 55.57 20.62 80.36
N TYR J 1674 56.46 19.69 80.03
CA TYR J 1674 56.11 18.53 79.23
C TYR J 1674 55.88 17.31 80.12
N VAL J 1675 54.74 16.66 79.92
CA VAL J 1675 54.42 15.46 80.69
C VAL J 1675 53.96 14.31 79.81
N PHE J 1676 54.61 13.15 79.97
CA PHE J 1676 54.36 12.01 79.11
C PHE J 1676 53.48 10.96 79.78
N THR J 1677 52.39 10.62 79.10
CA THR J 1677 51.36 9.74 79.65
C THR J 1677 51.81 8.31 79.89
N GLY J 1678 51.09 7.61 80.76
CA GLY J 1678 51.43 6.24 81.11
C GLY J 1678 50.52 5.24 80.44
N GLN J 1679 50.63 3.98 80.84
CA GLN J 1679 49.85 2.92 80.22
C GLN J 1679 48.34 3.16 80.32
N GLY J 1680 47.59 2.43 79.50
CA GLY J 1680 46.13 2.55 79.50
C GLY J 1680 45.54 3.32 78.32
N SER J 1681 46.31 4.26 77.77
CA SER J 1681 45.83 5.08 76.66
C SER J 1681 46.27 4.56 75.28
N GLN J 1682 46.89 3.37 75.26
CA GLN J 1682 47.33 2.76 74.02
C GLN J 1682 46.17 2.44 73.09
N GLU J 1683 46.09 3.18 71.99
CA GLU J 1683 45.09 2.94 70.95
C GLU J 1683 45.75 2.29 69.74
N GLN J 1684 45.05 1.36 69.10
CA GLN J 1684 45.54 0.74 67.89
C GLN J 1684 45.98 1.78 66.87
N GLY J 1685 47.13 1.56 66.27
CA GLY J 1685 47.61 2.42 65.21
C GLY J 1685 48.03 3.81 65.64
N MET J 1686 48.23 3.99 66.94
CA MET J 1686 48.59 5.29 67.49
C MET J 1686 49.87 5.88 66.87
N GLY J 1687 49.81 7.16 66.52
CA GLY J 1687 50.98 7.86 66.02
C GLY J 1687 51.51 7.33 64.71
N MET J 1688 50.67 6.59 63.99
CA MET J 1688 51.02 6.05 62.67
C MET J 1688 50.77 7.04 61.55
N ASP J 1689 49.74 7.88 61.71
CA ASP J 1689 49.46 8.99 60.80
C ASP J 1689 50.66 9.94 60.74
N LEU J 1690 51.21 10.20 61.92
CA LEU J 1690 52.38 11.05 62.07
C LEU J 1690 53.59 10.33 61.48
N TYR J 1691 53.60 9.01 61.56
CA TYR J 1691 54.66 8.18 60.98
C TYR J 1691 54.85 8.54 59.51
N ALA J 1692 53.74 8.60 58.79
CA ALA J 1692 53.77 8.81 57.35
C ALA J 1692 54.19 10.21 56.99
N THR J 1693 53.73 11.18 57.79
CA THR J 1693 53.90 12.59 57.45
C THR J 1693 55.20 13.22 57.95
N SER J 1694 55.94 12.53 58.81
CA SER J 1694 57.18 13.07 59.35
C SER J 1694 58.38 12.15 59.14
N PRO J 1695 59.37 12.61 58.36
CA PRO J 1695 60.59 11.86 58.07
C PRO J 1695 61.39 11.64 59.33
N VAL J 1696 61.12 12.47 60.33
CA VAL J 1696 61.80 12.37 61.61
C VAL J 1696 61.25 11.18 62.39
N ALA J 1697 59.98 11.28 62.76
CA ALA J 1697 59.30 10.25 63.52
C ALA J 1697 59.40 8.90 62.83
N LYS J 1698 59.43 8.95 61.51
CA LYS J 1698 59.56 7.75 60.72
C LYS J 1698 60.80 7.00 61.18
N GLU J 1699 61.95 7.64 61.03
CA GLU J 1699 63.25 7.02 61.31
C GLU J 1699 63.35 6.46 62.74
N VAL J 1700 62.71 7.15 63.69
CA VAL J 1700 62.67 6.68 65.06
C VAL J 1700 62.07 5.27 65.10
N TRP J 1701 60.80 5.20 64.73
CA TRP J 1701 60.10 3.93 64.68
C TRP J 1701 60.91 2.87 63.94
N ASP J 1702 61.61 3.30 62.92
CA ASP J 1702 62.40 2.38 62.11
C ASP J 1702 63.56 1.79 62.91
N ARG J 1703 64.39 2.66 63.48
CA ARG J 1703 65.52 2.19 64.26
C ARG J 1703 65.04 1.25 65.36
N ALA J 1704 63.84 1.54 65.87
CA ALA J 1704 63.22 0.75 66.91
C ALA J 1704 62.86 -0.62 66.39
N ASP J 1705 62.10 -0.64 65.32
CA ASP J 1705 61.68 -1.90 64.72
C ASP J 1705 62.91 -2.70 64.30
N LYS J 1706 63.78 -2.07 63.51
CA LYS J 1706 65.03 -2.66 63.09
C LYS J 1706 65.62 -3.48 64.22
N HIS J 1707 65.68 -2.87 65.40
CA HIS J 1707 66.14 -3.55 66.58
C HIS J 1707 65.27 -4.77 66.89
N PHE J 1708 64.04 -4.52 67.36
CA PHE J 1708 63.12 -5.57 67.78
C PHE J 1708 63.09 -6.80 66.88
N ARG J 1709 62.99 -6.56 65.58
CA ARG J 1709 62.91 -7.65 64.63
C ARG J 1709 64.18 -8.49 64.72
N GLU J 1710 65.33 -7.83 64.64
CA GLU J 1710 66.60 -8.53 64.51
C GLU J 1710 67.11 -9.11 65.82
N ASN J 1711 66.39 -8.83 66.90
CA ASN J 1711 66.83 -9.23 68.23
C ASN J 1711 65.81 -10.07 68.96
N TYR J 1712 64.55 -9.68 68.89
CA TYR J 1712 63.51 -10.43 69.59
C TYR J 1712 62.58 -11.09 68.60
N GLY J 1713 62.73 -10.77 67.33
CA GLY J 1713 62.03 -11.49 66.27
C GLY J 1713 60.58 -11.12 66.02
N PHE J 1714 60.27 -9.86 66.31
CA PHE J 1714 58.94 -9.33 66.02
C PHE J 1714 59.07 -7.85 65.68
N SER J 1715 57.97 -7.25 65.24
CA SER J 1715 57.93 -5.82 64.98
C SER J 1715 56.87 -5.10 65.82
N ILE J 1716 57.28 -4.08 66.55
CA ILE J 1716 56.34 -3.34 67.37
C ILE J 1716 55.42 -2.52 66.48
N ILE J 1717 55.92 -2.14 65.31
CA ILE J 1717 55.12 -1.36 64.38
C ILE J 1717 53.88 -2.16 63.95
N ASP J 1718 54.10 -3.42 63.56
CA ASP J 1718 53.00 -4.33 63.24
C ASP J 1718 52.03 -4.42 64.39
N ILE J 1719 52.54 -4.81 65.55
CA ILE J 1719 51.72 -4.93 66.74
C ILE J 1719 50.86 -3.68 66.93
N VAL J 1720 51.43 -2.52 66.62
CA VAL J 1720 50.71 -1.26 66.75
C VAL J 1720 49.71 -1.03 65.64
N LYS J 1721 50.16 -1.13 64.39
CA LYS J 1721 49.28 -0.98 63.24
C LYS J 1721 48.05 -1.87 63.35
N ASN J 1722 48.21 -3.15 63.09
CA ASN J 1722 47.13 -4.11 63.33
C ASN J 1722 47.42 -4.96 64.56
N ASN J 1723 46.50 -4.96 65.52
CA ASN J 1723 46.74 -5.65 66.79
C ASN J 1723 46.48 -7.16 66.72
N PRO J 1724 47.54 -7.97 66.91
CA PRO J 1724 47.37 -9.43 66.90
C PRO J 1724 46.92 -9.93 68.25
N LYS J 1725 45.97 -10.86 68.29
CA LYS J 1725 45.58 -11.48 69.54
C LYS J 1725 46.64 -12.50 69.92
N GLU J 1726 47.61 -12.66 69.03
CA GLU J 1726 48.63 -13.68 69.18
C GLU J 1726 49.72 -13.50 68.14
N LEU J 1727 50.96 -13.76 68.53
CA LEU J 1727 52.10 -13.56 67.64
C LEU J 1727 53.23 -14.45 68.08
N THR J 1728 53.93 -15.05 67.13
CA THR J 1728 54.98 -15.98 67.43
C THR J 1728 56.27 -15.66 66.68
N VAL J 1729 57.41 -15.84 67.34
CA VAL J 1729 58.70 -15.61 66.72
C VAL J 1729 59.35 -16.94 66.39
N HIS J 1730 60.36 -16.92 65.52
CA HIS J 1730 60.99 -18.16 65.07
C HIS J 1730 62.50 -18.07 65.05
N PHE J 1731 63.15 -19.04 65.69
CA PHE J 1731 64.59 -19.04 65.84
C PHE J 1731 65.26 -19.88 64.75
N GLY J 1732 65.17 -19.37 63.52
CA GLY J 1732 65.58 -20.12 62.33
C GLY J 1732 67.07 -20.30 62.16
N GLY J 1733 67.59 -19.84 61.02
CA GLY J 1733 68.98 -20.06 60.65
C GLY J 1733 69.98 -19.31 61.52
N PRO J 1734 71.14 -18.99 60.94
CA PRO J 1734 72.13 -18.15 61.62
C PRO J 1734 71.48 -17.02 62.44
N ARG J 1735 70.82 -16.08 61.76
CA ARG J 1735 70.19 -14.92 62.42
C ARG J 1735 69.09 -15.29 63.41
N GLY J 1736 68.66 -16.55 63.37
CA GLY J 1736 67.59 -17.03 64.22
C GLY J 1736 68.09 -17.59 65.54
N LYS J 1737 69.21 -18.30 65.47
CA LYS J 1737 69.80 -18.88 66.66
C LYS J 1737 70.19 -17.77 67.63
N ILE J 1738 70.68 -16.66 67.09
CA ILE J 1738 71.11 -15.51 67.89
C ILE J 1738 69.97 -14.84 68.65
N ILE J 1739 68.75 -15.06 68.19
CA ILE J 1739 67.59 -14.45 68.79
C ILE J 1739 67.18 -15.19 70.05
N ARG J 1740 67.04 -16.51 69.93
CA ARG J 1740 66.68 -17.30 71.10
C ARG J 1740 67.75 -17.12 72.16
N GLN J 1741 68.93 -16.71 71.74
CA GLN J 1741 70.01 -16.43 72.68
C GLN J 1741 69.56 -15.35 73.64
N ASN J 1742 68.92 -14.32 73.11
CA ASN J 1742 68.42 -13.24 73.95
C ASN J 1742 67.26 -13.68 74.81
N TYR J 1743 66.43 -14.58 74.28
CA TYR J 1743 65.29 -15.09 75.04
C TYR J 1743 65.80 -15.93 76.20
N MET J 1744 66.92 -16.60 75.96
CA MET J 1744 67.56 -17.42 76.98
C MET J 1744 68.24 -16.52 78.03
N SER J 1745 68.93 -15.49 77.55
CA SER J 1745 69.67 -14.59 78.44
C SER J 1745 68.78 -13.55 79.10
N MET J 1746 67.58 -13.96 79.51
CA MET J 1746 66.66 -13.08 80.22
C MET J 1746 66.56 -13.50 81.68
N THR J 1747 67.21 -12.72 82.54
CA THR J 1747 67.35 -13.05 83.96
C THR J 1747 66.24 -12.42 84.80
N PHE J 1748 65.87 -13.08 85.88
CA PHE J 1748 64.71 -12.70 86.67
C PHE J 1748 64.97 -13.01 88.15
N GLU J 1749 64.76 -12.02 89.03
CA GLU J 1749 65.16 -12.18 90.44
C GLU J 1749 64.02 -12.33 91.45
N THR J 1750 64.11 -13.40 92.24
CA THR J 1750 63.22 -13.67 93.36
C THR J 1750 63.96 -14.51 94.43
N VAL J 1751 64.14 -13.94 95.62
CA VAL J 1751 64.88 -14.61 96.69
C VAL J 1751 63.97 -15.52 97.56
N ASN J 1752 64.57 -16.55 98.13
CA ASN J 1752 63.87 -17.47 99.03
C ASN J 1752 63.58 -16.83 100.41
N ALA J 1753 62.62 -17.40 101.13
CA ALA J 1753 62.26 -16.93 102.46
C ALA J 1753 63.32 -17.26 103.52
N ASP J 1754 64.46 -17.78 103.07
CA ASP J 1754 65.62 -18.03 103.94
C ASP J 1754 66.86 -17.21 103.54
N GLY J 1755 66.72 -16.42 102.48
CA GLY J 1755 67.79 -15.55 102.02
C GLY J 1755 68.75 -16.16 101.01
N SER J 1756 68.21 -16.65 99.90
CA SER J 1756 69.03 -17.09 98.77
C SER J 1756 68.47 -16.57 97.43
N ILE J 1757 69.32 -15.87 96.66
CA ILE J 1757 68.91 -15.20 95.43
C ILE J 1757 68.64 -16.18 94.27
N LYS J 1758 67.36 -16.46 94.01
CA LYS J 1758 66.98 -17.27 92.85
C LYS J 1758 67.08 -16.44 91.57
N THR J 1759 67.96 -16.87 90.66
CA THR J 1759 68.05 -16.26 89.34
C THR J 1759 67.35 -17.20 88.34
N GLU J 1760 66.23 -16.73 87.78
CA GLU J 1760 65.35 -17.56 86.94
C GLU J 1760 65.13 -17.03 85.53
N LYS J 1761 64.79 -17.93 84.61
CA LYS J 1761 64.48 -17.54 83.24
C LYS J 1761 63.12 -16.90 83.17
N ILE J 1762 62.99 -15.92 82.28
CA ILE J 1762 61.72 -15.27 82.04
C ILE J 1762 60.93 -16.08 81.02
N PHE J 1763 61.65 -16.60 80.03
CA PHE J 1763 61.08 -17.47 79.01
C PHE J 1763 61.49 -18.88 79.35
N LYS J 1764 60.70 -19.50 80.23
CA LYS J 1764 61.09 -20.76 80.83
C LYS J 1764 61.18 -21.88 79.79
N GLU J 1765 60.34 -21.82 78.77
CA GLU J 1765 60.28 -22.87 77.76
C GLU J 1765 61.34 -22.76 76.66
N VAL J 1766 62.18 -21.73 76.74
CA VAL J 1766 63.23 -21.54 75.73
C VAL J 1766 64.55 -22.18 76.13
N ASP J 1767 64.98 -23.16 75.33
CA ASP J 1767 66.29 -23.75 75.47
C ASP J 1767 66.97 -23.76 74.11
N GLU J 1768 67.94 -24.64 73.93
CA GLU J 1768 68.66 -24.72 72.67
C GLU J 1768 68.10 -25.82 71.79
N ASN J 1769 66.90 -26.27 72.12
CA ASN J 1769 66.15 -27.20 71.29
C ASN J 1769 64.82 -26.57 70.91
N SER J 1770 64.73 -25.27 71.12
CA SER J 1770 63.49 -24.53 70.89
C SER J 1770 63.53 -23.82 69.55
N THR J 1771 62.49 -24.05 68.74
CA THR J 1771 62.38 -23.45 67.40
C THR J 1771 61.60 -22.14 67.40
N SER J 1772 60.74 -21.97 68.41
CA SER J 1772 59.80 -20.84 68.43
C SER J 1772 59.15 -20.57 69.78
N TYR J 1773 58.99 -19.28 70.08
CA TYR J 1773 58.21 -18.86 71.24
C TYR J 1773 56.97 -18.11 70.79
N THR J 1774 55.91 -18.19 71.58
CA THR J 1774 54.66 -17.52 71.22
C THR J 1774 54.10 -16.64 72.33
N TYR J 1775 53.85 -15.38 72.00
CA TYR J 1775 53.13 -14.48 72.89
C TYR J 1775 51.63 -14.60 72.60
N ARG J 1776 50.80 -14.29 73.58
CA ARG J 1776 49.34 -14.33 73.39
C ARG J 1776 48.63 -13.36 74.30
N SER J 1777 47.40 -13.02 73.93
CA SER J 1777 46.50 -12.21 74.75
C SER J 1777 45.16 -12.11 74.05
N PRO J 1778 44.09 -12.56 74.72
CA PRO J 1778 42.74 -12.55 74.14
C PRO J 1778 42.26 -11.14 73.79
N SER J 1779 42.92 -10.13 74.34
CA SER J 1779 42.48 -8.75 74.18
C SER J 1779 43.35 -7.96 73.21
N GLY J 1780 44.31 -8.63 72.60
CA GLY J 1780 45.26 -7.95 71.73
C GLY J 1780 46.62 -7.84 72.37
N LEU J 1781 47.67 -8.01 71.58
CA LEU J 1781 49.03 -7.95 72.07
C LEU J 1781 49.46 -6.53 72.40
N LEU J 1782 48.70 -5.56 71.90
CA LEU J 1782 48.95 -4.16 72.24
C LEU J 1782 48.29 -3.87 73.58
N SER J 1783 47.96 -4.94 74.29
CA SER J 1783 47.29 -4.85 75.59
C SER J 1783 48.25 -5.30 76.71
N ALA J 1784 48.93 -6.42 76.50
CA ALA J 1784 49.94 -6.90 77.43
C ALA J 1784 51.20 -6.03 77.35
N THR J 1785 51.80 -5.73 78.50
CA THR J 1785 52.79 -4.65 78.59
C THR J 1785 54.10 -4.81 77.82
N GLN J 1786 54.63 -6.04 77.74
CA GLN J 1786 55.93 -6.23 77.09
C GLN J 1786 55.92 -5.47 75.78
N PHE J 1787 54.76 -5.45 75.13
CA PHE J 1787 54.56 -4.73 73.88
C PHE J 1787 53.98 -3.34 74.12
N THR J 1788 52.88 -3.27 74.84
CA THR J 1788 52.22 -2.01 75.16
C THR J 1788 53.19 -0.89 75.50
N GLN J 1789 54.13 -1.20 76.38
CA GLN J 1789 55.04 -0.19 76.90
C GLN J 1789 55.96 0.41 75.82
N PRO J 1790 56.81 -0.42 75.18
CA PRO J 1790 57.70 0.08 74.12
C PRO J 1790 56.93 0.88 73.08
N ALA J 1791 55.69 0.48 72.83
CA ALA J 1791 54.83 1.19 71.88
C ALA J 1791 54.57 2.63 72.30
N LEU J 1792 54.00 2.81 73.49
CA LEU J 1792 53.73 4.14 74.00
C LEU J 1792 55.00 4.99 74.04
N THR J 1793 56.09 4.38 74.46
CA THR J 1793 57.39 5.05 74.52
C THR J 1793 57.76 5.63 73.16
N LEU J 1794 57.69 4.77 72.13
CA LEU J 1794 58.00 5.14 70.77
C LEU J 1794 57.18 6.34 70.31
N MET J 1795 55.85 6.19 70.35
CA MET J 1795 54.95 7.20 69.83
C MET J 1795 55.28 8.56 70.44
N GLU J 1796 55.72 8.54 71.69
CA GLU J 1796 56.04 9.77 72.39
C GLU J 1796 57.39 10.32 71.94
N LYS J 1797 58.41 9.49 72.02
CA LYS J 1797 59.75 9.88 71.61
C LYS J 1797 59.73 10.45 70.20
N ALA J 1798 59.01 9.76 69.31
CA ALA J 1798 58.84 10.21 67.94
C ALA J 1798 58.14 11.56 67.92
N SER J 1799 56.94 11.61 68.49
CA SER J 1799 56.15 12.84 68.53
C SER J 1799 56.95 14.04 69.01
N PHE J 1800 57.64 13.86 70.12
CA PHE J 1800 58.43 14.92 70.72
C PHE J 1800 59.62 15.29 69.84
N GLU J 1801 60.33 14.27 69.36
CA GLU J 1801 61.50 14.48 68.51
C GLU J 1801 61.13 15.23 67.23
N ASP J 1802 59.85 15.19 66.88
CA ASP J 1802 59.35 15.94 65.76
C ASP J 1802 59.27 17.42 66.12
N MET J 1803 58.61 17.72 67.24
CA MET J 1803 58.49 19.10 67.67
C MET J 1803 59.88 19.68 67.77
N ARG J 1804 60.79 18.90 68.34
CA ARG J 1804 62.19 19.31 68.47
C ARG J 1804 62.68 19.77 67.10
N SER J 1805 62.30 18.99 66.08
CA SER J 1805 62.65 19.27 64.69
C SER J 1805 62.07 20.59 64.12
N LYS J 1806 60.87 20.97 64.58
CA LYS J 1806 60.28 22.24 64.17
C LYS J 1806 60.77 23.37 65.07
N GLY J 1807 61.42 22.99 66.17
CA GLY J 1807 62.09 23.93 67.06
C GLY J 1807 61.18 24.49 68.13
N LEU J 1808 60.38 23.62 68.73
CA LEU J 1808 59.37 24.03 69.70
C LEU J 1808 59.78 23.70 71.14
N VAL J 1809 60.79 22.85 71.28
CA VAL J 1809 61.24 22.42 72.59
C VAL J 1809 61.95 23.55 73.31
N GLN J 1810 61.57 23.79 74.55
CA GLN J 1810 62.10 24.91 75.33
C GLN J 1810 63.35 24.51 76.11
N ARG J 1811 64.38 25.34 76.04
CA ARG J 1811 65.63 25.09 76.76
C ARG J 1811 65.40 24.85 78.24
N ASP J 1812 64.59 25.70 78.84
CA ASP J 1812 64.46 25.77 80.28
C ASP J 1812 63.03 25.42 80.68
N SER J 1813 62.72 24.13 80.74
CA SER J 1813 61.38 23.72 81.15
C SER J 1813 61.40 22.40 81.86
N THR J 1814 60.26 22.06 82.46
CA THR J 1814 60.12 20.87 83.29
C THR J 1814 59.73 19.70 82.43
N PHE J 1815 59.98 18.49 82.92
CA PHE J 1815 59.45 17.30 82.27
C PHE J 1815 59.29 16.15 83.25
N ALA J 1816 58.16 15.46 83.17
CA ALA J 1816 57.91 14.32 84.05
C ALA J 1816 57.09 13.28 83.32
N GLY J 1817 57.12 12.06 83.82
CA GLY J 1817 56.31 10.99 83.26
C GLY J 1817 55.48 10.36 84.34
N HIS J 1818 54.50 9.54 83.94
CA HIS J 1818 53.69 8.80 84.88
C HIS J 1818 53.79 7.30 84.59
N SER J 1819 54.25 6.52 85.56
CA SER J 1819 54.51 5.10 85.38
C SER J 1819 55.55 4.92 84.29
N LEU J 1820 55.10 4.51 83.11
CA LEU J 1820 55.99 4.33 81.98
C LEU J 1820 56.56 5.66 81.52
N GLY J 1821 55.70 6.66 81.42
CA GLY J 1821 56.05 7.97 80.88
C GLY J 1821 57.35 8.54 81.39
N GLU J 1822 57.74 8.13 82.59
CA GLU J 1822 58.97 8.62 83.16
C GLU J 1822 60.16 8.18 82.32
N TYR J 1823 60.13 6.95 81.83
CA TYR J 1823 61.24 6.44 81.04
C TYR J 1823 61.36 7.18 79.70
N SER J 1824 60.26 7.22 78.96
CA SER J 1824 60.25 7.95 77.69
C SER J 1824 60.64 9.40 77.94
N ALA J 1825 59.99 10.04 78.90
CA ALA J 1825 60.30 11.41 79.32
C ALA J 1825 61.80 11.69 79.35
N LEU J 1826 62.50 10.87 80.12
CA LEU J 1826 63.95 10.97 80.24
C LEU J 1826 64.60 11.06 78.86
N VAL J 1827 64.43 10.00 78.07
CA VAL J 1827 65.04 9.89 76.74
C VAL J 1827 64.55 10.99 75.79
N ALA J 1828 63.37 11.55 76.10
CA ALA J 1828 62.77 12.58 75.29
C ALA J 1828 63.61 13.85 75.29
N LEU J 1829 63.85 14.39 76.48
CA LEU J 1829 64.52 15.68 76.61
C LEU J 1829 65.99 15.56 76.99
N ALA J 1830 66.30 14.56 77.81
CA ALA J 1830 67.70 14.21 78.08
C ALA J 1830 68.09 13.02 77.22
N ASP J 1831 69.34 12.95 76.80
CA ASP J 1831 69.77 11.80 76.00
C ASP J 1831 70.15 10.63 76.89
N VAL J 1832 69.25 10.27 77.80
CA VAL J 1832 69.50 9.26 78.82
C VAL J 1832 70.05 7.98 78.19
N MET J 1833 69.65 7.72 76.95
CA MET J 1833 70.09 6.52 76.27
C MET J 1833 69.57 6.52 74.84
N PRO J 1834 70.30 5.85 73.93
CA PRO J 1834 69.87 5.60 72.55
C PRO J 1834 68.54 4.86 72.53
N ILE J 1835 67.73 5.11 71.50
CA ILE J 1835 66.36 4.63 71.50
C ILE J 1835 66.21 3.10 71.52
N GLU J 1836 67.16 2.39 70.91
CA GLU J 1836 67.14 0.93 70.95
C GLU J 1836 67.35 0.41 72.37
N SER J 1837 68.20 1.09 73.13
CA SER J 1837 68.38 0.79 74.52
C SER J 1837 67.04 1.01 75.23
N LEU J 1838 66.40 2.13 74.92
CA LEU J 1838 65.16 2.52 75.59
C LEU J 1838 64.10 1.44 75.49
N VAL J 1839 63.80 1.02 74.28
CA VAL J 1839 62.78 0.01 74.06
C VAL J 1839 63.16 -1.30 74.74
N SER J 1840 64.43 -1.67 74.64
CA SER J 1840 64.92 -2.87 75.30
C SER J 1840 64.59 -2.77 76.78
N VAL J 1841 65.18 -1.78 77.44
CA VAL J 1841 64.91 -1.49 78.84
C VAL J 1841 63.44 -1.68 79.16
N VAL J 1842 62.58 -0.91 78.47
CA VAL J 1842 61.15 -0.91 78.74
C VAL J 1842 60.45 -2.24 78.44
N PHE J 1843 60.91 -2.96 77.41
CA PHE J 1843 60.39 -4.28 77.11
C PHE J 1843 60.70 -5.24 78.25
N TYR J 1844 61.88 -5.08 78.87
CA TYR J 1844 62.29 -5.88 80.01
C TYR J 1844 61.38 -5.53 81.19
N ARG J 1845 61.24 -4.23 81.44
CA ARG J 1845 60.41 -3.72 82.53
C ARG J 1845 59.03 -4.35 82.54
N GLY J 1846 58.41 -4.40 81.36
CA GLY J 1846 57.11 -5.00 81.21
C GLY J 1846 57.13 -6.48 81.54
N LEU J 1847 58.20 -7.17 81.13
CA LEU J 1847 58.34 -8.59 81.40
C LEU J 1847 58.41 -8.87 82.91
N THR J 1848 59.35 -8.21 83.60
CA THR J 1848 59.52 -8.42 85.03
C THR J 1848 58.27 -7.98 85.78
N MET J 1849 57.57 -6.98 85.25
CA MET J 1849 56.32 -6.54 85.86
C MET J 1849 55.24 -7.60 85.79
N GLN J 1850 55.30 -8.46 84.76
CA GLN J 1850 54.27 -9.48 84.57
C GLN J 1850 54.60 -10.81 85.25
N VAL J 1851 55.89 -11.08 85.38
CA VAL J 1851 56.37 -12.31 86.02
C VAL J 1851 56.31 -12.25 87.56
N ALA J 1852 56.23 -11.04 88.10
CA ALA J 1852 56.22 -10.80 89.55
C ALA J 1852 55.13 -11.60 90.21
N VAL J 1853 53.90 -11.37 89.75
CA VAL J 1853 52.74 -12.01 90.34
C VAL J 1853 52.59 -13.45 89.88
N GLU J 1854 51.84 -14.23 90.65
CA GLU J 1854 51.54 -15.60 90.31
C GLU J 1854 50.04 -15.79 90.02
N ARG J 1855 49.75 -16.69 89.06
CA ARG J 1855 48.38 -17.07 88.73
C ARG J 1855 48.25 -18.56 88.49
N ASP J 1856 47.01 -19.03 88.40
CA ASP J 1856 46.73 -20.45 88.16
C ASP J 1856 46.54 -20.73 86.67
N GLU J 1857 45.86 -21.83 86.38
CA GLU J 1857 45.64 -22.29 85.00
C GLU J 1857 44.58 -21.48 84.26
N GLN J 1858 43.55 -21.04 84.98
CA GLN J 1858 42.45 -20.28 84.40
C GLN J 1858 42.87 -18.85 84.03
N GLY J 1859 44.04 -18.44 84.55
CA GLY J 1859 44.52 -17.07 84.37
C GLY J 1859 44.44 -16.33 85.68
N ARG J 1860 43.39 -16.63 86.45
CA ARG J 1860 43.18 -16.11 87.81
C ARG J 1860 44.46 -15.64 88.49
N SER J 1861 44.60 -14.32 88.66
CA SER J 1861 45.76 -13.74 89.34
C SER J 1861 45.47 -13.60 90.83
N ASN J 1862 46.49 -13.28 91.61
CA ASN J 1862 46.32 -13.16 93.05
C ASN J 1862 45.87 -11.76 93.47
N TYR J 1863 46.50 -10.74 92.91
CA TYR J 1863 46.24 -9.36 93.29
C TYR J 1863 45.43 -8.60 92.22
N ALA J 1864 45.14 -7.33 92.48
CA ALA J 1864 44.41 -6.47 91.54
C ALA J 1864 44.42 -5.01 92.00
N MET J 1865 44.18 -4.09 91.09
CA MET J 1865 44.22 -2.67 91.43
C MET J 1865 42.87 -1.98 91.31
N CYS J 1866 42.74 -0.83 91.96
CA CYS J 1866 41.46 -0.17 92.07
C CYS J 1866 41.57 1.30 92.45
N ALA J 1867 40.78 2.13 91.79
CA ALA J 1867 40.80 3.58 92.00
C ALA J 1867 39.86 4.00 93.14
N VAL J 1868 40.17 5.11 93.78
CA VAL J 1868 39.35 5.59 94.90
C VAL J 1868 39.17 7.12 94.93
N ASN J 1869 37.91 7.53 95.11
CA ASN J 1869 37.52 8.94 95.14
C ASN J 1869 37.05 9.37 96.53
N PRO J 1870 37.98 9.91 97.37
CA PRO J 1870 37.63 10.36 98.72
C PRO J 1870 36.54 11.44 98.76
N SER J 1871 36.25 12.06 97.61
CA SER J 1871 35.18 13.05 97.49
C SER J 1871 33.80 12.41 97.67
N ARG J 1872 33.72 11.11 97.45
CA ARG J 1872 32.45 10.38 97.50
C ARG J 1872 32.18 9.67 98.82
N ILE J 1873 33.05 9.88 99.82
CA ILE J 1873 32.78 9.45 101.19
C ILE J 1873 32.14 10.59 101.97
N SER J 1874 32.96 11.60 102.28
CA SER J 1874 32.53 12.80 102.99
C SER J 1874 33.46 13.93 102.58
N PRO J 1875 32.91 15.15 102.41
CA PRO J 1875 33.73 16.32 102.08
C PRO J 1875 34.83 16.61 103.12
N THR J 1876 34.74 15.98 104.29
CA THR J 1876 35.76 16.13 105.34
C THR J 1876 36.94 15.21 105.07
N PHE J 1877 36.65 14.08 104.42
CA PHE J 1877 37.58 12.97 104.22
C PHE J 1877 38.90 13.35 103.51
N THR J 1878 39.98 13.44 104.29
CA THR J 1878 41.28 13.91 103.81
C THR J 1878 42.00 12.87 102.97
N GLU J 1879 43.07 13.30 102.29
CA GLU J 1879 44.03 12.39 101.70
C GLU J 1879 44.55 11.45 102.79
N GLN J 1880 44.90 12.05 103.93
CA GLN J 1880 45.45 11.31 105.05
C GLN J 1880 44.44 10.37 105.70
N ALA J 1881 43.15 10.63 105.49
CA ALA J 1881 42.09 9.77 105.99
C ALA J 1881 42.06 8.47 105.19
N LEU J 1882 42.29 8.57 103.89
CA LEU J 1882 42.31 7.40 103.02
C LEU J 1882 43.55 6.56 103.30
N GLN J 1883 44.65 7.23 103.63
CA GLN J 1883 45.89 6.54 103.98
C GLN J 1883 45.67 5.74 105.26
N TYR J 1884 45.07 6.38 106.25
CA TYR J 1884 44.83 5.75 107.54
C TYR J 1884 43.93 4.52 107.42
N VAL J 1885 42.81 4.65 106.71
CA VAL J 1885 41.91 3.51 106.46
C VAL J 1885 42.71 2.34 105.88
N VAL J 1886 43.63 2.65 104.98
CA VAL J 1886 44.42 1.64 104.28
C VAL J 1886 45.56 1.07 105.13
N GLU J 1887 46.46 1.93 105.60
CA GLU J 1887 47.62 1.52 106.41
C GLU J 1887 47.19 0.65 107.58
N ASN J 1888 46.00 0.95 108.12
CA ASN J 1888 45.39 0.16 109.19
C ASN J 1888 44.94 -1.22 108.71
N ILE J 1889 44.11 -1.24 107.66
CA ILE J 1889 43.66 -2.49 107.06
C ILE J 1889 44.85 -3.37 106.67
N ALA J 1890 46.01 -2.74 106.48
CA ALA J 1890 47.25 -3.41 106.05
C ALA J 1890 47.88 -4.35 107.09
N GLU J 1891 48.15 -3.81 108.28
CA GLU J 1891 48.81 -4.58 109.32
C GLU J 1891 47.79 -5.26 110.24
N VAL J 1892 46.52 -4.88 110.08
CA VAL J 1892 45.41 -5.47 110.84
C VAL J 1892 44.93 -6.81 110.25
N THR J 1893 44.64 -6.81 108.95
CA THR J 1893 44.22 -8.02 108.26
C THR J 1893 45.39 -8.78 107.62
N GLY J 1894 46.60 -8.23 107.76
CA GLY J 1894 47.83 -8.92 107.40
C GLY J 1894 48.10 -9.15 105.92
N TRP J 1895 47.22 -8.66 105.06
CA TRP J 1895 47.39 -8.79 103.60
C TRP J 1895 48.24 -7.65 103.02
N LEU J 1896 48.26 -7.58 101.70
CA LEU J 1896 48.97 -6.50 101.02
C LEU J 1896 47.98 -5.48 100.48
N LEU J 1897 48.25 -4.21 100.78
CA LEU J 1897 47.38 -3.10 100.37
C LEU J 1897 48.06 -1.75 100.61
N GLU J 1898 48.22 -0.96 99.56
CA GLU J 1898 48.84 0.36 99.64
C GLU J 1898 48.32 1.31 98.56
N ILE J 1899 48.25 2.59 98.88
CA ILE J 1899 47.99 3.58 97.85
C ILE J 1899 49.20 3.58 96.91
N VAL J 1900 48.93 3.21 95.67
CA VAL J 1900 49.96 3.11 94.65
C VAL J 1900 50.05 4.38 93.83
N ASN J 1901 48.90 4.97 93.51
CA ASN J 1901 48.86 6.22 92.75
C ASN J 1901 48.30 7.40 93.54
N TYR J 1902 48.95 8.55 93.39
CA TYR J 1902 48.47 9.81 93.97
C TYR J 1902 48.22 10.83 92.86
N ASN J 1903 47.00 10.90 92.37
CA ASN J 1903 46.71 11.62 91.14
C ASN J 1903 46.15 13.03 91.35
N VAL J 1904 44.94 13.13 91.92
CA VAL J 1904 44.33 14.43 92.23
C VAL J 1904 44.09 14.56 93.72
N ALA J 1905 44.24 15.78 94.23
CA ALA J 1905 44.31 16.05 95.66
C ALA J 1905 43.15 15.47 96.47
N ASN J 1906 42.00 15.32 95.85
CA ASN J 1906 40.84 14.81 96.55
C ASN J 1906 40.09 13.74 95.78
N MET J 1907 40.38 13.68 94.48
CA MET J 1907 39.47 13.04 93.55
C MET J 1907 39.97 11.74 92.93
N GLN J 1908 41.28 11.52 92.94
CA GLN J 1908 41.83 10.37 92.24
C GLN J 1908 43.03 9.73 92.95
N TYR J 1909 42.75 8.62 93.64
CA TYR J 1909 43.80 7.81 94.24
C TYR J 1909 43.64 6.37 93.76
N VAL J 1910 44.72 5.60 93.83
CA VAL J 1910 44.66 4.22 93.38
C VAL J 1910 45.44 3.28 94.29
N ALA J 1911 44.81 2.18 94.68
CA ALA J 1911 45.44 1.23 95.59
C ALA J 1911 45.53 -0.15 94.97
N ALA J 1912 46.65 -0.83 95.26
CA ALA J 1912 46.89 -2.19 94.80
C ALA J 1912 46.81 -3.15 95.97
N GLY J 1913 47.06 -4.43 95.71
CA GLY J 1913 47.12 -5.41 96.78
C GLY J 1913 46.25 -6.64 96.59
N ASP J 1914 46.16 -7.44 97.65
CA ASP J 1914 45.34 -8.66 97.65
C ASP J 1914 43.88 -8.36 97.28
N LEU J 1915 43.20 -9.34 96.70
CA LEU J 1915 41.78 -9.21 96.34
C LEU J 1915 40.88 -8.92 97.55
N ARG J 1916 41.23 -9.54 98.68
CA ARG J 1916 40.49 -9.35 99.91
C ARG J 1916 40.83 -8.02 100.57
N ALA J 1917 42.08 -7.57 100.38
CA ALA J 1917 42.56 -6.29 100.91
C ALA J 1917 41.94 -5.11 100.16
N LEU J 1918 41.46 -5.38 98.95
CA LEU J 1918 40.72 -4.41 98.16
C LEU J 1918 39.23 -4.60 98.41
N ASP J 1919 38.89 -5.70 99.08
CA ASP J 1919 37.49 -6.02 99.39
C ASP J 1919 37.10 -5.56 100.78
N THR J 1920 38.09 -5.48 101.67
CA THR J 1920 37.89 -4.96 103.03
C THR J 1920 38.02 -3.44 103.04
N LEU J 1921 38.81 -2.90 102.12
CA LEU J 1921 38.94 -1.47 101.93
C LEU J 1921 37.77 -0.96 101.07
N ALA J 1922 37.21 -1.86 100.27
CA ALA J 1922 35.97 -1.55 99.54
C ALA J 1922 34.81 -1.43 100.53
N ASN J 1923 34.75 -2.38 101.47
CA ASN J 1923 33.75 -2.38 102.54
C ASN J 1923 33.79 -1.16 103.47
N VAL J 1924 34.92 -0.96 104.15
CA VAL J 1924 35.08 0.11 105.14
C VAL J 1924 34.62 1.49 104.67
N LEU J 1925 34.78 1.76 103.37
CA LEU J 1925 34.40 3.06 102.80
C LEU J 1925 32.90 3.14 102.54
N ASN J 1926 32.28 1.99 102.28
CA ASN J 1926 30.82 1.90 102.11
C ASN J 1926 30.12 2.13 103.46
N ILE J 1927 30.77 1.65 104.51
CA ILE J 1927 30.34 1.89 105.88
C ILE J 1927 30.43 3.38 106.19
N LEU J 1928 31.62 3.94 106.06
CA LEU J 1928 31.90 5.33 106.46
C LEU J 1928 31.22 6.37 105.58
N LYS J 1929 30.81 5.94 104.39
CA LYS J 1929 30.01 6.78 103.49
C LYS J 1929 28.56 6.82 103.95
N MET J 1930 28.02 5.64 104.23
CA MET J 1930 26.62 5.50 104.64
C MET J 1930 26.43 5.77 106.14
N GLN J 1931 27.54 5.89 106.84
CA GLN J 1931 27.55 6.23 108.27
C GLN J 1931 27.68 7.74 108.46
N LYS J 1932 27.90 8.44 107.34
CA LYS J 1932 27.94 9.91 107.33
C LYS J 1932 28.97 10.49 108.30
N ILE J 1933 30.19 9.94 108.31
CA ILE J 1933 31.19 10.31 109.32
C ILE J 1933 31.98 11.59 109.02
N ASP J 1934 32.62 12.10 110.07
CA ASP J 1934 33.48 13.28 110.02
C ASP J 1934 34.68 12.94 110.90
N ILE J 1935 35.84 12.73 110.28
CA ILE J 1935 37.04 12.33 111.03
C ILE J 1935 37.75 13.51 111.69
N GLN J 1936 37.31 14.73 111.37
CA GLN J 1936 37.79 15.96 112.04
C GLN J 1936 37.13 16.15 113.41
N ALA J 1937 35.81 15.94 113.45
CA ALA J 1937 35.03 15.96 114.70
C ALA J 1937 35.29 14.74 115.58
N LEU J 1938 35.77 13.64 114.97
CA LEU J 1938 36.08 12.40 115.69
C LEU J 1938 37.53 12.32 116.16
N MET J 1939 38.32 13.34 115.83
CA MET J 1939 39.72 13.42 116.28
C MET J 1939 39.87 14.38 117.46
N GLN J 1940 38.80 15.13 117.73
CA GLN J 1940 38.70 15.99 118.90
C GLN J 1940 37.82 15.36 119.99
N SER J 1941 36.79 14.63 119.55
CA SER J 1941 35.92 13.86 120.43
C SER J 1941 36.67 12.65 121.02
N MET J 1942 37.06 11.74 120.14
CA MET J 1942 37.82 10.55 120.53
C MET J 1942 39.31 10.79 120.27
N SER J 1943 40.17 10.28 121.14
CA SER J 1943 41.61 10.36 120.91
C SER J 1943 42.01 9.54 119.68
N LEU J 1944 43.31 9.39 119.48
CA LEU J 1944 43.83 8.65 118.34
C LEU J 1944 43.56 7.15 118.49
N GLU J 1945 43.68 6.65 119.72
CA GLU J 1945 43.47 5.24 120.01
C GLU J 1945 41.99 4.83 119.93
N ASP J 1946 41.10 5.81 120.08
CA ASP J 1946 39.67 5.55 120.22
C ASP J 1946 39.02 5.31 118.85
N VAL J 1947 39.46 6.09 117.86
CA VAL J 1947 39.05 5.90 116.47
C VAL J 1947 39.90 4.83 115.79
N ARG J 1948 41.10 4.61 116.33
CA ARG J 1948 42.01 3.55 115.85
C ARG J 1948 41.53 2.16 116.27
N ALA J 1949 41.12 2.05 117.54
CA ALA J 1949 40.55 0.83 118.07
C ALA J 1949 39.10 0.70 117.59
N HIS J 1950 38.52 1.82 117.19
CA HIS J 1950 37.19 1.85 116.58
C HIS J 1950 37.23 1.30 115.14
N LEU J 1951 38.39 1.49 114.50
CA LEU J 1951 38.66 1.00 113.14
C LEU J 1951 39.00 -0.50 113.12
N VAL J 1952 39.87 -0.92 114.04
CA VAL J 1952 40.22 -2.34 114.16
C VAL J 1952 38.96 -3.19 114.36
N GLU J 1953 37.86 -2.53 114.72
CA GLU J 1953 36.53 -3.16 114.78
C GLU J 1953 35.96 -3.39 113.38
N ILE J 1954 35.65 -2.30 112.70
CA ILE J 1954 35.06 -2.35 111.36
C ILE J 1954 35.95 -3.14 110.39
N ILE J 1955 37.26 -3.19 110.66
CA ILE J 1955 38.23 -3.92 109.81
C ILE J 1955 37.99 -5.44 109.88
N GLN J 1956 38.11 -6.00 111.08
CA GLN J 1956 37.91 -7.43 111.29
C GLN J 1956 36.50 -7.88 110.91
N GLU J 1957 35.53 -7.00 111.11
CA GLU J 1957 34.14 -7.24 110.69
C GLU J 1957 34.08 -7.47 109.19
N CYS J 1958 34.40 -6.40 108.46
CA CYS J 1958 34.39 -6.40 107.00
C CYS J 1958 35.41 -7.39 106.41
N ARG J 1959 36.33 -7.86 107.25
CA ARG J 1959 37.38 -8.80 106.85
C ARG J 1959 36.86 -10.22 106.68
N LYS J 1960 36.32 -10.78 107.75
CA LYS J 1960 35.87 -12.17 107.74
C LYS J 1960 34.63 -12.39 106.88
N GLN J 1961 34.00 -11.30 106.45
CA GLN J 1961 32.90 -11.36 105.50
C GLN J 1961 33.43 -11.65 104.10
N THR J 1962 34.59 -11.06 103.79
CA THR J 1962 35.24 -11.27 102.50
C THR J 1962 35.94 -12.62 102.48
N GLU J 1963 36.27 -13.14 103.66
CA GLU J 1963 37.00 -14.41 103.80
C GLU J 1963 36.12 -15.65 103.54
N ALA J 1964 34.90 -15.61 104.06
CA ALA J 1964 33.94 -16.69 103.87
C ALA J 1964 33.37 -16.70 102.44
N LYS J 1965 33.40 -15.55 101.79
CA LYS J 1965 33.04 -15.44 100.38
C LYS J 1965 34.08 -16.18 99.51
N PRO J 1966 33.72 -16.50 98.25
CA PRO J 1966 34.59 -17.29 97.34
C PRO J 1966 36.08 -16.91 97.41
N GLN J 1967 36.96 -17.88 97.17
CA GLN J 1967 38.41 -17.68 97.31
C GLN J 1967 39.04 -16.66 96.31
N PRO J 1968 38.62 -16.68 95.03
CA PRO J 1968 39.02 -15.58 94.16
C PRO J 1968 37.92 -14.50 94.14
N VAL J 1969 38.13 -13.41 94.88
CA VAL J 1969 37.11 -12.38 95.04
C VAL J 1969 36.97 -11.49 93.82
N GLN J 1970 35.85 -11.58 93.10
CA GLN J 1970 35.59 -10.66 92.00
C GLN J 1970 35.16 -9.30 92.55
N LEU J 1971 36.13 -8.45 92.82
CA LEU J 1971 35.91 -7.11 93.39
C LEU J 1971 35.05 -6.24 92.51
N GLU J 1972 34.12 -5.51 93.14
CA GLU J 1972 33.15 -4.74 92.39
C GLU J 1972 33.06 -3.27 92.78
N ARG J 1973 32.25 -2.52 92.04
CA ARG J 1973 32.13 -1.08 92.16
C ARG J 1973 31.39 -0.64 93.44
N GLY J 1974 32.09 0.09 94.31
CA GLY J 1974 31.50 0.65 95.51
C GLY J 1974 31.03 2.08 95.32
N PHE J 1975 31.20 2.90 96.36
CA PHE J 1975 30.86 4.32 96.30
C PHE J 1975 31.96 5.11 95.60
N ALA J 1976 33.20 4.86 96.03
CA ALA J 1976 34.36 5.51 95.46
C ALA J 1976 35.31 4.42 94.94
N THR J 1977 34.96 3.19 95.25
CA THR J 1977 35.78 2.02 94.93
C THR J 1977 35.45 1.43 93.55
N ILE J 1978 36.10 1.94 92.50
CA ILE J 1978 35.93 1.40 91.14
C ILE J 1978 37.21 0.69 90.67
N PRO J 1979 37.21 -0.65 90.70
CA PRO J 1979 38.40 -1.44 90.38
C PRO J 1979 38.82 -1.28 88.93
N LEU J 1980 40.13 -1.34 88.70
CA LEU J 1980 40.71 -1.18 87.37
C LEU J 1980 40.80 -2.54 86.66
N ARG J 1981 39.95 -2.72 85.65
CA ARG J 1981 39.88 -3.98 84.91
C ARG J 1981 41.09 -4.18 83.99
N GLY J 1982 41.87 -5.21 84.27
CA GLY J 1982 43.01 -5.53 83.45
C GLY J 1982 44.36 -5.35 84.13
N ILE J 1983 44.41 -5.60 85.44
CA ILE J 1983 45.66 -5.50 86.19
C ILE J 1983 45.90 -6.69 87.12
N ASP J 1984 46.92 -7.48 86.80
CA ASP J 1984 47.26 -8.67 87.59
C ASP J 1984 48.23 -8.29 88.69
N VAL J 1985 49.21 -7.48 88.34
CA VAL J 1985 50.34 -7.25 89.22
C VAL J 1985 50.09 -5.99 90.03
N PRO J 1986 50.30 -6.08 91.35
CA PRO J 1986 50.23 -4.88 92.20
C PRO J 1986 51.51 -4.08 92.02
N PHE J 1987 51.59 -3.30 90.95
CA PHE J 1987 52.78 -2.51 90.70
C PHE J 1987 52.73 -1.13 91.36
N HIS J 1988 53.90 -0.53 91.56
CA HIS J 1988 54.07 0.68 92.37
C HIS J 1988 53.76 0.44 93.86
N SER J 1989 54.19 -0.70 94.36
CA SER J 1989 53.98 -1.11 95.75
C SER J 1989 55.21 -1.84 96.28
N THR J 1990 55.18 -2.28 97.54
CA THR J 1990 56.32 -2.95 98.15
C THR J 1990 56.61 -4.28 97.46
N PHE J 1991 55.57 -4.88 96.89
CA PHE J 1991 55.65 -6.21 96.31
C PHE J 1991 56.79 -6.36 95.32
N LEU J 1992 56.81 -5.47 94.33
CA LEU J 1992 57.79 -5.52 93.26
C LEU J 1992 59.16 -5.09 93.72
N ARG J 1993 59.35 -5.04 95.04
CA ARG J 1993 60.64 -4.66 95.59
C ARG J 1993 61.64 -5.75 95.25
N SER J 1994 61.14 -6.97 95.12
CA SER J 1994 61.95 -8.15 94.82
C SER J 1994 62.75 -8.00 93.53
N GLY J 1995 62.05 -7.77 92.42
CA GLY J 1995 62.70 -7.70 91.13
C GLY J 1995 63.42 -6.39 90.83
N VAL J 1996 63.59 -5.54 91.84
CA VAL J 1996 64.30 -4.29 91.65
C VAL J 1996 65.79 -4.58 91.45
N LYS J 1997 66.21 -5.76 91.90
CA LYS J 1997 67.62 -6.16 91.81
C LYS J 1997 68.12 -6.39 90.38
N PRO J 1998 67.43 -7.23 89.59
CA PRO J 1998 67.83 -7.52 88.20
C PRO J 1998 67.64 -6.32 87.28
N PHE J 1999 66.51 -5.62 87.43
CA PHE J 1999 66.19 -4.49 86.58
C PHE J 1999 67.26 -3.41 86.68
N ARG J 2000 67.84 -3.25 87.86
CA ARG J 2000 68.89 -2.26 88.04
C ARG J 2000 70.11 -2.64 87.23
N SER J 2001 70.61 -3.86 87.44
CA SER J 2001 71.79 -4.35 86.74
C SER J 2001 71.59 -4.36 85.22
N PHE J 2002 70.33 -4.35 84.80
CA PHE J 2002 69.99 -4.27 83.38
C PHE J 2002 70.11 -2.82 82.91
N LEU J 2003 69.59 -1.90 83.71
CA LEU J 2003 69.68 -0.47 83.40
C LEU J 2003 71.12 -0.02 83.26
N LEU J 2004 72.03 -0.72 83.93
CA LEU J 2004 73.46 -0.38 83.95
C LEU J 2004 74.14 -0.90 82.70
N LYS J 2005 73.54 -1.94 82.12
CA LYS J 2005 73.96 -2.45 80.83
C LYS J 2005 73.51 -1.51 79.72
N LYS J 2006 72.34 -0.91 79.89
CA LYS J 2006 71.70 -0.10 78.85
C LYS J 2006 72.07 1.39 78.90
N ILE J 2007 72.36 1.90 80.10
CA ILE J 2007 72.79 3.29 80.22
C ILE J 2007 74.31 3.41 80.40
N ASN J 2008 74.89 4.39 79.73
CA ASN J 2008 76.32 4.65 79.83
C ASN J 2008 76.56 5.99 80.51
N LYS J 2009 77.44 6.00 81.51
CA LYS J 2009 77.81 7.23 82.21
C LYS J 2009 78.15 8.33 81.22
N THR J 2010 78.99 7.97 80.25
CA THR J 2010 79.45 8.90 79.21
C THR J 2010 78.32 9.67 78.54
N THR J 2011 77.25 8.94 78.20
CA THR J 2011 76.11 9.50 77.46
C THR J 2011 75.37 10.59 78.23
N ILE J 2012 75.53 10.62 79.54
CA ILE J 2012 74.71 11.50 80.38
C ILE J 2012 75.23 12.92 80.56
N ASP J 2013 74.31 13.86 80.42
CA ASP J 2013 74.55 15.25 80.81
C ASP J 2013 73.89 15.49 82.14
N PRO J 2014 74.68 15.79 83.17
CA PRO J 2014 74.05 16.18 84.43
C PRO J 2014 73.12 17.35 84.12
N SER J 2015 73.66 18.32 83.39
CA SER J 2015 73.00 19.58 83.04
C SER J 2015 71.54 19.46 82.58
N LYS J 2016 71.20 18.34 81.97
CA LYS J 2016 69.86 18.16 81.41
C LYS J 2016 68.79 17.82 82.46
N LEU J 2017 69.11 16.93 83.39
CA LEU J 2017 68.17 16.61 84.46
C LEU J 2017 68.45 17.39 85.76
N ILE J 2018 69.54 18.15 85.80
CA ILE J 2018 70.01 18.80 87.03
C ILE J 2018 68.92 19.47 87.86
N GLY J 2019 67.96 20.12 87.22
CA GLY J 2019 66.89 20.76 87.97
C GLY J 2019 65.59 20.78 87.20
N LYS J 2020 65.49 19.94 86.17
CA LYS J 2020 64.36 19.95 85.25
C LYS J 2020 63.48 18.70 85.34
N TYR J 2021 64.08 17.59 85.77
CA TYR J 2021 63.42 16.28 85.77
C TYR J 2021 62.73 15.95 87.10
N ILE J 2022 61.42 15.71 87.05
CA ILE J 2022 60.67 15.32 88.23
C ILE J 2022 60.32 13.84 88.21
N PRO J 2023 60.99 13.04 89.05
CA PRO J 2023 60.75 11.59 89.21
C PRO J 2023 59.37 11.25 89.78
N ASN J 2024 59.16 9.99 90.15
CA ASN J 2024 57.90 9.53 90.75
C ASN J 2024 58.11 9.12 92.20
N VAL J 2025 59.36 8.92 92.57
CA VAL J 2025 59.72 8.62 93.93
C VAL J 2025 59.97 9.93 94.65
N THR J 2026 60.69 10.84 93.98
CA THR J 2026 60.93 12.18 94.52
C THR J 2026 60.10 13.24 93.85
N ALA J 2027 58.98 13.62 94.44
CA ALA J 2027 58.06 14.55 93.78
C ALA J 2027 58.65 15.94 93.57
N LYS J 2028 59.89 16.15 94.00
CA LYS J 2028 60.55 17.43 93.77
C LYS J 2028 61.70 17.27 92.78
N PRO J 2029 61.98 18.32 91.98
CA PRO J 2029 62.99 18.40 90.91
C PRO J 2029 64.31 17.71 91.22
N PHE J 2030 64.66 16.76 90.36
CA PHE J 2030 65.91 15.99 90.45
C PHE J 2030 67.09 16.92 90.72
N GLU J 2031 67.68 16.79 91.90
CA GLU J 2031 68.85 17.56 92.26
C GLU J 2031 69.99 16.61 92.60
N ILE J 2032 71.23 17.08 92.44
CA ILE J 2032 72.39 16.22 92.63
C ILE J 2032 72.98 16.31 94.04
N SER J 2033 72.51 17.28 94.82
CA SER J 2033 73.01 17.55 96.17
C SER J 2033 73.03 16.30 97.06
N LYS J 2034 73.88 16.35 98.09
CA LYS J 2034 74.04 15.24 99.04
C LYS J 2034 72.81 15.09 99.91
N GLU J 2035 72.06 16.18 100.03
CA GLU J 2035 70.84 16.17 100.82
C GLU J 2035 69.73 15.44 100.07
N TYR J 2036 69.86 15.41 98.75
CA TYR J 2036 68.89 14.73 97.90
C TYR J 2036 69.02 13.21 98.06
N PHE J 2037 70.25 12.71 98.10
CA PHE J 2037 70.52 11.29 98.27
C PHE J 2037 69.92 10.81 99.59
N GLU J 2038 69.70 11.75 100.49
CA GLU J 2038 69.12 11.45 101.80
C GLU J 2038 67.60 11.37 101.68
N GLU J 2039 67.03 12.20 100.81
CA GLU J 2039 65.61 12.16 100.54
C GLU J 2039 65.31 10.90 99.71
N VAL J 2040 66.29 10.48 98.94
CA VAL J 2040 66.17 9.28 98.10
C VAL J 2040 66.34 8.03 98.94
N HIS J 2041 67.38 8.04 99.77
CA HIS J 2041 67.71 6.91 100.62
C HIS J 2041 66.65 6.66 101.69
N ARG J 2042 66.05 7.75 102.16
CA ARG J 2042 64.97 7.67 103.13
C ARG J 2042 63.82 6.85 102.53
N LEU J 2043 63.56 7.09 101.24
CA LEU J 2043 62.42 6.48 100.57
C LEU J 2043 62.77 5.13 100.00
N THR J 2044 64.01 4.96 99.58
CA THR J 2044 64.40 3.78 98.81
C THR J 2044 65.33 2.82 99.55
N GLY J 2045 66.44 3.34 100.05
CA GLY J 2045 67.45 2.50 100.66
C GLY J 2045 68.40 1.89 99.64
N SER J 2046 68.89 2.73 98.73
CA SER J 2046 69.85 2.30 97.71
C SER J 2046 71.24 2.09 98.31
N PRO J 2047 71.70 0.82 98.35
CA PRO J 2047 73.01 0.49 98.89
C PRO J 2047 74.14 1.23 98.17
N LYS J 2048 73.89 1.62 96.92
CA LYS J 2048 74.85 2.41 96.17
C LYS J 2048 74.79 3.85 96.63
N ILE J 2049 73.65 4.24 97.19
CA ILE J 2049 73.49 5.59 97.72
C ILE J 2049 74.07 5.78 99.13
N ALA J 2050 73.89 4.78 99.99
CA ALA J 2050 74.46 4.82 101.34
C ALA J 2050 75.99 4.88 101.23
N ASN J 2051 76.49 4.07 100.32
CA ASN J 2051 77.93 3.98 99.99
C ASN J 2051 78.49 5.26 99.34
N ILE J 2052 77.67 5.95 98.54
CA ILE J 2052 78.06 7.18 97.85
C ILE J 2052 77.70 8.41 98.67
N LEU J 2053 76.94 8.20 99.74
CA LEU J 2053 76.65 9.23 100.74
C LEU J 2053 77.73 9.26 101.82
N ALA J 2054 78.29 8.08 102.09
CA ALA J 2054 79.40 7.92 103.04
C ALA J 2054 80.68 8.58 102.52
N ASN J 2055 80.96 8.41 101.23
CA ASN J 2055 82.14 9.01 100.61
C ASN J 2055 81.99 10.50 100.31
N TRP J 2056 80.85 11.09 100.67
CA TRP J 2056 80.39 12.37 100.10
C TRP J 2056 81.45 13.44 99.92
N ASP J 2057 82.40 13.42 100.84
CA ASP J 2057 83.55 14.31 100.84
C ASP J 2057 84.37 14.14 99.56
N LYS J 2058 84.73 12.88 99.29
CA LYS J 2058 85.40 12.45 98.06
C LYS J 2058 84.91 13.17 96.77
N TYR J 2059 83.69 13.70 96.80
CA TYR J 2059 83.07 14.30 95.61
C TYR J 2059 83.15 15.84 95.52
N GLU J 2060 83.89 16.43 96.46
CA GLU J 2060 84.15 17.88 96.53
C GLU J 2060 83.17 18.77 95.74
N GLN K 1 16.62 121.99 56.70
CA GLN K 1 16.53 121.69 58.13
C GLN K 1 15.87 120.34 58.45
N SER K 2 14.72 120.07 57.83
CA SER K 2 13.93 118.89 58.17
C SER K 2 13.18 118.28 56.96
N LEU K 3 13.89 117.46 56.19
CA LEU K 3 13.31 116.76 55.03
C LEU K 3 13.79 115.31 54.95
N ARG K 4 12.84 114.38 54.84
CA ARG K 4 13.15 112.95 54.82
C ARG K 4 12.26 112.16 53.84
N PRO K 5 12.87 111.69 52.74
CA PRO K 5 12.26 110.90 51.67
C PRO K 5 11.70 109.53 52.12
N LEU K 6 10.37 109.43 52.15
CA LEU K 6 9.67 108.17 52.45
C LEU K 6 8.95 107.62 51.20
N VAL K 7 9.31 106.39 50.80
CA VAL K 7 8.70 105.78 49.61
C VAL K 7 7.73 104.64 49.96
N LEU K 8 6.51 104.72 49.43
CA LEU K 8 5.55 103.61 49.50
C LEU K 8 5.65 102.76 48.22
N THR K 9 6.40 101.67 48.34
CA THR K 9 6.77 100.82 47.20
C THR K 9 5.94 99.52 47.16
N HIS K 10 5.56 99.09 45.96
CA HIS K 10 4.73 97.88 45.79
C HIS K 10 4.56 97.50 44.32
N GLY K 11 4.86 96.25 43.99
CA GLY K 11 4.66 95.74 42.64
C GLY K 11 5.14 96.66 41.54
N SER K 12 4.23 97.47 41.01
CA SER K 12 4.52 98.41 39.92
C SER K 12 4.03 99.84 40.20
N LEU K 13 3.62 100.11 41.44
CA LEU K 13 3.16 101.44 41.83
C LEU K 13 3.89 101.95 43.08
N GLU K 14 4.35 103.20 43.02
CA GLU K 14 5.06 103.82 44.14
C GLU K 14 4.49 105.20 44.48
N PHE K 15 4.67 105.60 45.72
CA PHE K 15 4.38 106.98 46.12
C PHE K 15 5.48 107.58 47.01
N SER K 16 6.01 108.73 46.61
CA SER K 16 7.07 109.40 47.37
C SER K 16 6.49 110.39 48.39
N PHE K 17 7.25 110.61 49.45
CA PHE K 17 6.74 111.34 50.61
C PHE K 17 7.79 112.29 51.19
N LEU K 18 7.33 113.39 51.78
CA LEU K 18 8.22 114.27 52.54
C LEU K 18 7.86 114.31 54.02
N VAL K 19 8.87 113.99 54.84
CA VAL K 19 8.71 113.76 56.28
C VAL K 19 9.65 114.66 57.08
N PRO K 20 9.21 115.14 58.26
CA PRO K 20 10.19 115.79 59.13
C PRO K 20 11.33 114.82 59.49
N THR K 21 12.55 115.33 59.62
CA THR K 21 13.71 114.54 60.01
C THR K 21 13.46 113.76 61.32
N SER K 22 12.85 114.46 62.28
CA SER K 22 12.46 113.90 63.56
C SER K 22 11.52 112.69 63.43
N LEU K 23 10.33 112.91 62.84
CA LEU K 23 9.29 111.89 62.71
C LEU K 23 9.46 111.01 61.46
N HIS K 24 10.67 110.50 61.26
CA HIS K 24 10.95 109.69 60.07
C HIS K 24 11.02 108.18 60.34
N PHE K 25 11.24 107.77 61.59
CA PHE K 25 11.17 106.33 61.89
C PHE K 25 9.81 105.86 62.40
N GLN K 26 9.00 106.79 62.89
CA GLN K 26 7.59 106.48 63.16
C GLN K 26 6.88 106.21 61.84
N ALA K 27 7.17 107.05 60.85
CA ALA K 27 6.65 106.91 59.49
C ALA K 27 7.31 105.75 58.71
N ALA K 28 8.55 105.39 59.09
CA ALA K 28 9.23 104.21 58.53
C ALA K 28 8.59 102.93 59.06
N GLN K 29 8.26 102.92 60.35
CA GLN K 29 7.60 101.78 61.00
C GLN K 29 6.21 101.42 60.47
N LEU K 30 5.36 102.45 60.32
CA LEU K 30 4.00 102.26 59.79
C LEU K 30 4.04 101.79 58.33
N LYS K 31 5.00 102.30 57.57
CA LYS K 31 5.24 101.87 56.20
C LYS K 31 5.74 100.43 56.14
N ASP K 32 6.65 100.06 57.06
CA ASP K 32 7.30 98.73 57.08
C ASP K 32 6.32 97.57 57.34
N SER K 33 5.63 97.63 58.48
CA SER K 33 4.63 96.63 58.83
C SER K 33 3.39 96.67 57.91
N PHE K 34 3.25 97.77 57.16
CA PHE K 34 2.15 97.94 56.21
C PHE K 34 2.41 97.27 54.84
N LEU K 35 3.68 97.12 54.49
CA LEU K 35 4.09 96.46 53.24
C LEU K 35 4.18 94.93 53.44
N ALA K 36 3.77 94.49 54.63
CA ALA K 36 3.60 93.07 54.93
C ALA K 36 2.10 92.73 55.04
N THR K 37 1.29 93.75 55.33
CA THR K 37 -0.18 93.64 55.34
C THR K 37 -0.71 93.31 53.94
N LEU K 38 0.01 93.78 52.92
CA LEU K 38 -0.32 93.50 51.53
C LEU K 38 0.20 92.11 51.12
N PRO K 39 -0.52 91.44 50.19
CA PRO K 39 -0.08 90.11 49.73
C PRO K 39 1.04 90.27 48.70
N GLN K 40 1.83 89.22 48.51
CA GLN K 40 2.90 89.23 47.52
C GLN K 40 2.50 89.99 46.26
N PRO K 41 3.35 90.95 45.82
CA PRO K 41 3.03 91.83 44.68
C PRO K 41 2.70 91.08 43.40
N THR K 42 1.89 91.69 42.56
CA THR K 42 1.52 91.10 41.28
C THR K 42 1.90 92.00 40.12
N GLU K 43 2.77 91.49 39.27
CA GLU K 43 3.26 92.21 38.08
C GLU K 43 2.20 92.20 36.98
N GLU K 44 1.07 91.55 37.27
CA GLU K 44 -0.09 91.54 36.40
C GLU K 44 -0.97 92.76 36.72
N LEU K 45 -0.44 93.61 37.59
CA LEU K 45 -0.95 94.96 37.84
C LEU K 45 -2.23 95.05 38.71
N ALA K 46 -2.67 93.94 39.29
CA ALA K 46 -3.81 93.96 40.21
C ALA K 46 -4.02 92.63 40.92
N GLN K 47 -4.57 92.73 42.14
CA GLN K 47 -5.03 91.57 42.88
C GLN K 47 -6.46 91.83 43.36
N ASP K 48 -7.23 90.77 43.58
CA ASP K 48 -8.60 90.95 44.11
C ASP K 48 -8.59 91.47 45.55
N ASP K 49 -9.16 92.66 45.73
CA ASP K 49 -9.24 93.35 47.03
C ASP K 49 -7.89 93.71 47.66
N GLU K 50 -6.87 93.89 46.82
CA GLU K 50 -5.56 94.41 47.21
C GLU K 50 -5.33 95.69 46.36
N PRO K 51 -4.10 96.28 46.40
CA PRO K 51 -3.97 97.56 45.66
C PRO K 51 -4.33 97.48 44.15
N SER K 52 -4.95 98.55 43.63
CA SER K 52 -5.33 98.63 42.22
C SER K 52 -4.75 99.88 41.56
N SER K 53 -4.53 100.92 42.35
CA SER K 53 -3.98 102.18 41.86
C SER K 53 -2.95 102.69 42.89
N VAL K 54 -2.31 103.83 42.62
CA VAL K 54 -1.47 104.51 43.61
C VAL K 54 -2.35 105.26 44.63
N VAL K 55 -3.59 105.57 44.22
CA VAL K 55 -4.60 106.20 45.09
C VAL K 55 -5.03 105.25 46.23
N GLU K 56 -4.78 103.97 46.01
CA GLU K 56 -5.12 102.91 46.96
C GLU K 56 -3.98 102.56 47.93
N LEU K 57 -2.73 102.80 47.49
CA LEU K 57 -1.54 102.58 48.35
C LEU K 57 -1.52 103.57 49.51
N VAL K 58 -1.89 104.81 49.23
CA VAL K 58 -1.98 105.86 50.24
C VAL K 58 -3.25 105.70 51.10
N ALA K 59 -4.39 105.44 50.45
CA ALA K 59 -5.67 105.23 51.15
C ALA K 59 -5.57 104.04 52.13
N ARG K 60 -4.94 102.95 51.70
CA ARG K 60 -4.70 101.78 52.56
C ARG K 60 -3.76 102.09 53.73
N TYR K 61 -2.83 103.01 53.48
CA TYR K 61 -1.87 103.40 54.50
C TYR K 61 -2.49 104.39 55.51
N ILE K 62 -3.40 105.26 55.04
CA ILE K 62 -4.10 106.26 55.88
C ILE K 62 -4.98 105.62 56.95
N ALA K 63 -5.66 104.53 56.57
CA ALA K 63 -6.48 103.78 57.49
C ALA K 63 -5.63 102.81 58.33
N PHE K 64 -4.48 102.40 57.81
CA PHE K 64 -3.55 101.54 58.53
C PHE K 64 -3.00 102.28 59.75
N VAL K 65 -2.50 103.50 59.51
CA VAL K 65 -1.96 104.36 60.56
C VAL K 65 -3.04 104.87 61.53
N ALA K 66 -4.15 105.38 60.98
CA ALA K 66 -5.26 105.93 61.76
C ALA K 66 -5.91 104.87 62.68
N HIS K 67 -5.72 103.59 62.32
CA HIS K 67 -6.14 102.46 63.14
C HIS K 67 -5.19 102.25 64.35
N GLU K 68 -3.89 102.44 64.13
CA GLU K 68 -2.88 102.29 65.19
C GLU K 68 -2.79 103.51 66.14
N VAL K 69 -3.52 104.56 65.78
CA VAL K 69 -3.71 105.72 66.66
C VAL K 69 -4.75 105.36 67.72
N ASP K 70 -5.90 104.87 67.26
CA ASP K 70 -7.02 104.48 68.13
C ASP K 70 -6.77 103.11 68.78
N GLU K 71 -5.80 102.38 68.26
CA GLU K 71 -5.37 101.13 68.87
C GLU K 71 -4.57 101.47 70.13
N GLY K 72 -4.65 100.60 71.13
CA GLY K 72 -4.05 100.88 72.44
C GLY K 72 -2.54 100.80 72.54
N ASP K 73 -1.84 101.45 71.60
CA ASP K 73 -0.38 101.52 71.59
C ASP K 73 0.08 102.80 72.27
N GLU K 74 0.47 102.69 73.55
CA GLU K 74 0.77 103.87 74.36
C GLU K 74 2.22 104.37 74.23
N ASP K 75 2.46 105.57 74.76
CA ASP K 75 3.77 106.23 74.69
C ASP K 75 4.11 106.67 73.26
N ALA K 76 3.34 106.16 72.30
CA ALA K 76 3.58 106.46 70.90
C ALA K 76 2.35 107.10 70.26
N HIS K 77 1.45 107.65 71.06
CA HIS K 77 0.26 108.29 70.51
C HIS K 77 0.51 109.69 69.91
N PRO K 78 1.32 110.52 70.60
CA PRO K 78 1.66 111.83 70.01
C PRO K 78 2.33 111.73 68.63
N THR K 79 3.20 110.73 68.44
CA THR K 79 4.00 110.57 67.22
C THR K 79 3.21 110.06 66.00
N ASN K 80 2.19 109.23 66.27
CA ASN K 80 1.32 108.69 65.23
C ASN K 80 0.36 109.74 64.67
N LEU K 81 -0.04 110.67 65.55
CA LEU K 81 -0.95 111.76 65.17
C LEU K 81 -0.32 112.70 64.15
N GLU K 82 1.00 112.58 64.00
CA GLU K 82 1.81 113.44 63.12
C GLU K 82 2.06 112.79 61.76
N VAL K 83 2.44 111.52 61.78
CA VAL K 83 2.50 110.73 60.56
C VAL K 83 1.15 110.85 59.88
N LEU K 84 0.08 110.86 60.70
CA LEU K 84 -1.31 110.96 60.24
C LEU K 84 -1.58 112.29 59.53
N LYS K 85 -1.17 113.41 60.15
CA LYS K 85 -1.39 114.74 59.58
C LYS K 85 -0.71 114.91 58.21
N LEU K 86 0.49 114.35 58.07
CA LEU K 86 1.26 114.40 56.82
C LEU K 86 0.60 113.64 55.66
N ILE K 87 0.21 112.39 55.93
CA ILE K 87 -0.45 111.55 54.92
C ILE K 87 -1.78 112.17 54.48
N LEU K 88 -2.53 112.71 55.46
CA LEU K 88 -3.79 113.40 55.19
C LEU K 88 -3.58 114.61 54.29
N ASN K 89 -2.54 115.38 54.58
CA ASN K 89 -2.19 116.55 53.77
C ASN K 89 -1.68 116.19 52.38
N GLU K 90 -0.73 115.24 52.30
CA GLU K 90 -0.18 114.73 51.04
C GLU K 90 -1.26 114.12 50.15
N PHE K 91 -2.33 113.65 50.78
CA PHE K 91 -3.46 113.04 50.10
C PHE K 91 -4.43 114.10 49.55
N GLU K 92 -4.79 115.06 50.39
CA GLU K 92 -5.66 116.17 49.97
C GLU K 92 -4.94 117.07 48.97
N ARG K 93 -3.61 117.04 49.02
CA ARG K 93 -2.73 117.76 48.11
C ARG K 93 -2.82 117.19 46.70
N ALA K 94 -2.16 116.05 46.52
CA ALA K 94 -1.99 115.44 45.20
C ALA K 94 -3.25 114.71 44.69
N PHE K 95 -3.86 113.91 45.55
CA PHE K 95 -4.88 112.95 45.11
C PHE K 95 -6.28 113.53 44.98
N MET K 96 -6.76 114.17 46.05
CA MET K 96 -8.09 114.77 46.04
C MET K 96 -8.11 116.12 45.34
N ARG K 97 -7.01 116.86 45.50
CA ARG K 97 -6.88 118.21 44.95
C ARG K 97 -8.09 119.03 45.38
N GLY K 98 -8.27 119.17 46.70
CA GLY K 98 -9.37 119.93 47.25
C GLY K 98 -10.74 119.26 47.16
N ASN K 99 -10.95 118.44 46.13
CA ASN K 99 -12.23 117.78 45.90
C ASN K 99 -12.55 116.66 46.91
N ASP K 100 -13.86 116.44 47.13
CA ASP K 100 -14.35 115.46 48.10
C ASP K 100 -13.91 114.02 47.78
N VAL K 101 -13.73 113.20 48.82
CA VAL K 101 -13.24 111.83 48.69
C VAL K 101 -14.11 110.90 47.84
N HIS K 102 -15.41 111.22 47.74
CA HIS K 102 -16.36 110.39 47.01
C HIS K 102 -16.29 110.54 45.49
N ALA K 103 -16.27 111.79 45.02
CA ALA K 103 -16.09 112.07 43.61
C ALA K 103 -14.66 111.78 43.10
N ILE K 104 -13.70 111.63 44.03
CA ILE K 104 -12.32 111.21 43.70
C ILE K 104 -12.08 109.70 43.92
N ALA K 105 -13.02 109.04 44.58
CA ALA K 105 -13.04 107.58 44.65
C ALA K 105 -13.79 107.05 43.41
N ALA K 106 -14.64 107.90 42.83
CA ALA K 106 -15.41 107.57 41.63
C ALA K 106 -14.54 107.42 40.37
N ASN K 107 -13.21 107.54 40.52
CA ASN K 107 -12.32 107.38 39.38
C ASN K 107 -11.19 106.37 39.61
N VAL K 108 -11.44 105.36 40.44
CA VAL K 108 -10.45 104.28 40.62
C VAL K 108 -10.98 102.95 40.05
N ALA K 109 -10.07 101.97 39.94
CA ALA K 109 -10.36 100.66 39.35
C ALA K 109 -11.63 100.03 39.93
N GLY K 110 -12.66 99.94 39.08
CA GLY K 110 -13.98 99.49 39.49
C GLY K 110 -14.08 98.06 39.97
N ILE K 111 -14.22 97.88 41.27
CA ILE K 111 -14.62 96.59 41.84
C ILE K 111 -15.88 96.86 42.64
N THR K 112 -16.30 98.14 42.62
CA THR K 112 -17.49 98.59 43.32
C THR K 112 -17.35 98.32 44.82
N ALA K 113 -16.13 97.94 45.23
CA ALA K 113 -15.85 97.58 46.61
C ALA K 113 -14.65 98.37 47.11
N LYS K 114 -13.63 98.49 46.27
CA LYS K 114 -12.44 99.26 46.62
C LYS K 114 -12.71 100.77 46.55
N LYS K 115 -13.76 101.16 45.84
CA LYS K 115 -14.21 102.55 45.80
C LYS K 115 -14.76 102.98 47.17
N ILE K 116 -15.25 101.99 47.90
CA ILE K 116 -15.61 102.16 49.30
C ILE K 116 -14.37 102.17 50.19
N GLY K 117 -13.39 101.31 49.87
CA GLY K 117 -12.15 101.16 50.62
C GLY K 117 -11.31 102.42 50.75
N VAL K 118 -11.41 103.29 49.77
CA VAL K 118 -10.72 104.58 49.81
C VAL K 118 -11.51 105.61 50.63
N VAL K 119 -12.84 105.61 50.46
CA VAL K 119 -13.75 106.56 51.13
C VAL K 119 -13.85 106.40 52.66
N ARG K 120 -13.51 105.20 53.15
CA ARG K 120 -13.49 104.92 54.59
C ARG K 120 -12.08 105.02 55.20
N ALA K 121 -11.05 104.84 54.36
CA ALA K 121 -9.65 105.01 54.75
C ALA K 121 -9.40 106.48 55.10
N TYR K 122 -10.25 107.33 54.50
CA TYR K 122 -10.20 108.79 54.69
C TYR K 122 -10.89 109.22 55.99
N TYR K 123 -12.19 108.95 56.11
CA TYR K 123 -12.94 109.31 57.32
C TYR K 123 -12.56 108.41 58.52
N ALA K 124 -11.43 107.71 58.37
CA ALA K 124 -10.80 106.97 59.46
C ALA K 124 -9.58 107.74 59.96
N GLY K 125 -8.84 108.36 59.02
CA GLY K 125 -7.74 109.26 59.36
C GLY K 125 -8.23 110.69 59.58
N ARG K 126 -9.46 110.95 59.12
CA ARG K 126 -10.14 112.23 59.31
C ARG K 126 -10.55 112.39 60.77
N ALA K 127 -11.10 111.32 61.34
CA ALA K 127 -11.55 111.35 62.72
C ALA K 127 -10.44 110.96 63.72
N ALA K 128 -9.39 110.31 63.23
CA ALA K 128 -8.24 109.92 64.06
C ALA K 128 -7.24 111.07 64.25
N ALA K 129 -7.50 112.17 63.54
CA ALA K 129 -6.82 113.44 63.80
C ALA K 129 -7.86 114.54 64.12
N GLY K 130 -9.09 114.11 64.38
CA GLY K 130 -10.16 114.93 64.94
C GLY K 130 -10.72 116.08 64.11
N ARG K 131 -10.46 116.07 62.81
CA ARG K 131 -10.93 117.15 61.94
C ARG K 131 -12.37 116.93 61.44
N ALA K 132 -13.23 117.93 61.64
CA ALA K 132 -14.61 117.86 61.19
C ALA K 132 -14.79 118.48 59.80
N PRO K 133 -15.23 117.66 58.82
CA PRO K 133 -15.41 118.05 57.41
C PRO K 133 -15.86 119.50 57.19
N LYS K 134 -15.08 120.23 56.40
CA LYS K 134 -15.34 121.63 56.07
C LYS K 134 -16.68 121.73 55.35
N PRO K 135 -17.57 122.61 55.86
CA PRO K 135 -18.90 122.87 55.31
C PRO K 135 -18.93 123.43 53.87
N TYR K 136 -18.50 122.63 52.90
CA TYR K 136 -18.71 122.93 51.49
C TYR K 136 -20.15 122.54 51.14
N ASP K 137 -20.69 123.16 50.10
CA ASP K 137 -21.89 122.62 49.49
C ASP K 137 -21.54 122.15 48.07
N SER K 138 -22.15 121.05 47.64
CA SER K 138 -21.83 120.45 46.35
C SER K 138 -22.18 121.37 45.18
N ALA K 139 -21.56 121.14 44.04
CA ALA K 139 -21.93 121.83 42.83
C ALA K 139 -23.44 121.66 42.59
N LEU K 140 -23.99 120.60 43.16
CA LEU K 140 -25.41 120.25 43.03
C LEU K 140 -26.34 121.19 43.83
N PHE K 141 -26.11 121.25 45.15
CA PHE K 141 -26.89 122.05 46.09
C PHE K 141 -26.59 123.54 45.95
N ARG K 142 -25.37 123.82 45.51
CA ARG K 142 -24.97 125.17 45.15
C ARG K 142 -25.92 125.67 44.06
N ALA K 143 -26.02 124.89 42.97
CA ALA K 143 -26.91 125.19 41.84
C ALA K 143 -28.38 124.85 42.15
N ALA K 144 -28.64 124.34 43.34
CA ALA K 144 -30.01 124.11 43.82
C ALA K 144 -30.48 125.38 44.52
N ALA K 145 -29.60 125.93 45.35
CA ALA K 145 -29.82 127.20 46.03
C ALA K 145 -29.75 128.35 45.03
N GLU K 146 -28.98 128.14 43.95
CA GLU K 146 -28.92 129.08 42.83
C GLU K 146 -30.05 128.79 41.85
N ASN K 147 -31.08 128.10 42.34
CA ASN K 147 -32.29 127.74 41.59
C ASN K 147 -32.09 127.36 40.13
N ASN K 148 -31.18 126.43 39.92
CA ASN K 148 -31.02 125.77 38.62
C ASN K 148 -31.70 124.40 38.72
N VAL K 149 -31.35 123.68 39.78
CA VAL K 149 -31.89 122.35 40.06
C VAL K 149 -32.88 122.43 41.21
N LYS K 150 -33.98 121.75 41.02
CA LYS K 150 -34.96 121.67 42.06
C LYS K 150 -34.89 120.28 42.68
N ILE K 151 -34.19 120.15 43.80
CA ILE K 151 -33.94 118.84 44.40
C ILE K 151 -35.05 118.41 45.36
N TYR K 152 -35.72 117.31 45.04
CA TYR K 152 -36.67 116.68 45.96
C TYR K 152 -36.03 115.49 46.67
N SER K 153 -36.62 115.06 47.78
CA SER K 153 -36.12 113.90 48.52
C SER K 153 -37.12 112.74 48.48
N ILE K 154 -36.61 111.52 48.45
CA ILE K 154 -37.46 110.34 48.27
C ILE K 154 -36.95 109.20 49.15
N PHE K 155 -37.89 108.48 49.77
CA PHE K 155 -37.55 107.45 50.76
C PHE K 155 -38.19 106.10 50.51
N GLY K 156 -37.35 105.08 50.34
CA GLY K 156 -37.81 103.74 49.96
C GLY K 156 -38.49 102.97 51.08
N GLY K 157 -38.68 101.67 50.84
CA GLY K 157 -39.29 100.80 51.82
C GLY K 157 -39.11 99.33 51.44
N GLN K 158 -40.01 98.48 51.91
CA GLN K 158 -39.97 97.05 51.56
C GLN K 158 -40.26 96.83 50.07
N GLY K 159 -39.18 96.63 49.30
CA GLY K 159 -39.29 96.37 47.88
C GLY K 159 -38.29 95.32 47.44
N ASN K 160 -38.65 94.05 47.63
CA ASN K 160 -37.74 92.92 47.38
C ASN K 160 -36.39 93.12 48.05
N ILE K 161 -36.41 93.68 49.25
CA ILE K 161 -35.20 93.92 50.01
C ILE K 161 -35.07 92.93 51.15
N GLU K 162 -34.26 91.90 50.92
CA GLU K 162 -33.97 90.92 51.95
C GLU K 162 -32.54 91.10 52.41
N GLU K 163 -31.86 92.08 51.81
CA GLU K 163 -30.48 92.38 52.17
C GLU K 163 -30.35 93.79 52.73
N TYR K 164 -31.40 94.25 53.43
CA TYR K 164 -31.35 95.58 54.03
C TYR K 164 -30.25 95.67 55.09
N PHE K 165 -30.07 94.62 55.88
CA PHE K 165 -29.06 94.59 56.92
C PHE K 165 -27.63 94.53 56.33
N ASP K 166 -27.53 94.21 55.04
CA ASP K 166 -26.25 94.27 54.35
C ASP K 166 -25.85 95.72 54.13
N GLU K 167 -26.86 96.57 53.91
CA GLU K 167 -26.65 98.01 53.78
C GLU K 167 -26.17 98.66 55.08
N LEU K 168 -26.67 98.15 56.21
CA LEU K 168 -26.21 98.61 57.52
C LEU K 168 -24.73 98.33 57.72
N ARG K 169 -24.28 97.18 57.27
CA ARG K 169 -22.87 96.85 57.36
C ARG K 169 -22.02 97.78 56.49
N GLU K 170 -22.51 98.11 55.31
CA GLU K 170 -21.89 99.12 54.45
C GLU K 170 -21.72 100.44 55.22
N ILE K 171 -22.80 100.87 55.86
CA ILE K 171 -22.80 102.10 56.65
C ILE K 171 -21.78 102.03 57.78
N TYR K 172 -22.00 101.12 58.73
CA TYR K 172 -21.13 100.92 59.89
C TYR K 172 -19.64 100.81 59.50
N THR K 173 -19.34 99.96 58.52
CA THR K 173 -17.98 99.74 58.05
C THR K 173 -17.33 101.03 57.55
N THR K 174 -18.03 101.70 56.63
CA THR K 174 -17.47 102.80 55.85
C THR K 174 -17.44 104.15 56.58
N TYR K 175 -18.55 104.51 57.22
CA TYR K 175 -18.66 105.80 57.92
C TYR K 175 -18.82 105.67 59.44
N PRO K 176 -17.77 105.14 60.13
CA PRO K 176 -17.86 104.83 61.58
C PRO K 176 -18.04 106.10 62.39
N SER K 177 -17.12 107.03 62.19
CA SER K 177 -17.14 108.34 62.83
C SER K 177 -18.52 109.01 62.77
N PHE K 178 -19.09 109.05 61.58
CA PHE K 178 -20.37 109.75 61.35
C PHE K 178 -21.53 109.14 62.12
N VAL K 179 -21.62 107.82 62.11
CA VAL K 179 -22.87 107.16 62.44
C VAL K 179 -22.86 106.38 63.75
N GLU K 180 -21.69 105.84 64.12
CA GLU K 180 -21.55 104.93 65.24
C GLU K 180 -22.31 105.36 66.50
N ASP K 181 -22.51 106.67 66.65
CA ASP K 181 -23.17 107.20 67.84
C ASP K 181 -24.69 106.95 67.88
N LEU K 182 -25.39 107.29 66.80
CA LEU K 182 -26.84 107.04 66.73
C LEU K 182 -27.15 105.57 66.44
N ILE K 183 -26.17 104.88 65.85
CA ILE K 183 -26.23 103.42 65.72
C ILE K 183 -26.31 102.82 67.13
N THR K 184 -25.36 103.17 67.99
CA THR K 184 -25.32 102.63 69.34
C THR K 184 -26.62 102.87 70.11
N SER K 185 -27.10 104.12 70.07
CA SER K 185 -28.25 104.54 70.86
C SER K 185 -29.60 104.06 70.34
N ILE K 186 -29.84 104.21 69.03
CA ILE K 186 -31.08 103.74 68.44
C ILE K 186 -31.18 102.23 68.62
N ALA K 187 -30.04 101.56 68.75
CA ALA K 187 -30.00 100.13 69.03
C ALA K 187 -30.61 99.87 70.40
N GLU K 188 -30.04 100.51 71.41
CA GLU K 188 -30.47 100.32 72.79
C GLU K 188 -31.91 100.79 73.03
N LEU K 189 -32.38 101.67 72.16
CA LEU K 189 -33.80 102.07 72.16
C LEU K 189 -34.68 100.86 71.85
N LEU K 190 -34.32 100.17 70.76
CA LEU K 190 -35.07 99.02 70.27
C LEU K 190 -34.93 97.81 71.20
N GLN K 191 -33.73 97.64 71.76
CA GLN K 191 -33.47 96.55 72.70
C GLN K 191 -34.44 96.62 73.85
N SER K 192 -34.75 97.84 74.28
CA SER K 192 -35.67 98.10 75.40
C SER K 192 -37.12 97.90 74.96
N LEU K 193 -37.42 98.29 73.73
CA LEU K 193 -38.75 98.09 73.14
C LEU K 193 -39.08 96.60 73.05
N ALA K 194 -38.05 95.79 72.79
CA ALA K 194 -38.17 94.34 72.59
C ALA K 194 -38.62 93.60 73.84
N ARG K 195 -38.29 94.16 75.01
CA ARG K 195 -38.56 93.51 76.29
C ARG K 195 -39.97 93.79 76.80
N GLU K 196 -40.59 94.86 76.29
CA GLU K 196 -41.98 95.17 76.64
C GLU K 196 -42.84 93.96 76.31
N TRP K 197 -43.58 93.50 77.31
CA TRP K 197 -44.38 92.26 77.22
C TRP K 197 -45.11 91.90 75.91
N ASP K 198 -45.64 92.90 75.20
CA ASP K 198 -46.38 92.68 73.96
C ASP K 198 -45.42 92.25 72.83
N ALA K 199 -44.21 92.80 72.88
CA ALA K 199 -43.24 92.65 71.81
C ALA K 199 -42.36 91.41 71.96
N VAL K 200 -42.37 90.77 73.14
CA VAL K 200 -41.52 89.60 73.35
C VAL K 200 -41.84 88.44 72.39
N LYS K 201 -43.13 88.14 72.23
CA LYS K 201 -43.56 87.05 71.35
C LYS K 201 -43.02 87.25 69.94
N GLN K 202 -43.25 88.45 69.40
CA GLN K 202 -42.95 88.73 68.00
C GLN K 202 -41.45 88.94 67.75
N TYR K 203 -40.66 88.97 68.83
CA TYR K 203 -39.20 89.06 68.74
C TYR K 203 -38.54 87.91 69.48
N PRO K 204 -38.63 86.70 68.92
CA PRO K 204 -38.13 85.51 69.62
C PRO K 204 -36.60 85.48 69.66
N LYS K 205 -35.95 85.78 68.55
CA LYS K 205 -34.49 85.67 68.44
C LYS K 205 -33.81 86.92 68.98
N GLY K 206 -34.64 87.89 69.36
CA GLY K 206 -34.16 89.09 70.00
C GLY K 206 -33.79 90.19 69.01
N LEU K 207 -33.55 91.38 69.57
CA LEU K 207 -33.25 92.57 68.78
C LEU K 207 -31.99 93.26 69.33
N ASP K 208 -30.83 92.76 68.91
CA ASP K 208 -29.56 93.28 69.38
C ASP K 208 -28.70 93.66 68.19
N ILE K 209 -29.02 94.79 67.56
CA ILE K 209 -28.39 95.16 66.30
C ILE K 209 -26.87 95.33 66.40
N LEU K 210 -26.41 95.79 67.56
CA LEU K 210 -24.99 95.95 67.82
C LEU K 210 -24.25 94.61 67.83
N GLN K 211 -24.92 93.59 68.36
CA GLN K 211 -24.37 92.24 68.46
C GLN K 211 -24.14 91.57 67.10
N TRP K 212 -25.15 91.62 66.25
CA TRP K 212 -25.06 91.01 64.94
C TRP K 212 -24.03 91.72 64.08
N LEU K 213 -23.88 93.03 64.30
CA LEU K 213 -22.89 93.82 63.59
C LEU K 213 -21.44 93.48 64.02
N HIS K 214 -21.24 93.23 65.31
CA HIS K 214 -19.91 92.89 65.83
C HIS K 214 -19.50 91.46 65.47
N ASN K 215 -20.32 90.49 65.86
CA ASN K 215 -20.09 89.09 65.52
C ASN K 215 -21.11 88.60 64.50
N PRO K 216 -20.73 88.64 63.21
CA PRO K 216 -21.60 88.43 62.05
C PRO K 216 -22.26 87.06 62.08
N GLU K 217 -21.51 86.11 62.65
CA GLU K 217 -21.92 84.72 62.75
C GLU K 217 -23.13 84.58 63.65
N SER K 218 -23.43 85.65 64.39
CA SER K 218 -24.57 85.71 65.29
C SER K 218 -25.75 86.47 64.67
N GLN K 219 -25.62 86.84 63.41
CA GLN K 219 -26.72 87.46 62.68
C GLN K 219 -27.86 86.48 62.44
N PRO K 220 -29.11 86.89 62.78
CA PRO K 220 -30.29 86.08 62.55
C PRO K 220 -30.52 85.74 61.07
N ASP K 221 -31.32 84.70 60.86
CA ASP K 221 -31.61 84.17 59.54
C ASP K 221 -32.30 85.21 58.68
N THR K 222 -32.08 85.13 57.37
CA THR K 222 -32.65 86.07 56.43
C THR K 222 -34.18 86.16 56.55
N ASP K 223 -34.80 85.09 57.03
CA ASP K 223 -36.25 85.10 57.22
C ASP K 223 -36.67 85.97 58.39
N TYR K 224 -35.88 85.94 59.47
CA TYR K 224 -36.16 86.76 60.65
C TYR K 224 -36.17 88.25 60.33
N LEU K 225 -35.07 88.72 59.75
CA LEU K 225 -34.87 90.15 59.50
C LEU K 225 -35.99 90.76 58.65
N VAL K 226 -36.54 89.97 57.73
CA VAL K 226 -37.52 90.51 56.78
C VAL K 226 -38.93 90.69 57.38
N SER K 227 -39.17 90.00 58.49
CA SER K 227 -40.46 90.09 59.17
C SER K 227 -40.72 91.52 59.63
N ALA K 228 -41.97 91.97 59.49
CA ALA K 228 -42.35 93.36 59.80
C ALA K 228 -41.79 93.92 61.12
N PRO K 229 -42.04 93.25 62.26
CA PRO K 229 -41.49 93.74 63.54
C PRO K 229 -40.01 94.15 63.45
N VAL K 230 -39.12 93.30 62.92
CA VAL K 230 -37.70 93.65 62.83
C VAL K 230 -37.37 94.41 61.56
N SER K 231 -38.19 94.19 60.53
CA SER K 231 -38.00 94.85 59.24
C SER K 231 -38.09 96.38 59.40
N PHE K 232 -39.32 96.85 59.65
CA PHE K 232 -39.63 98.29 59.73
C PHE K 232 -38.57 99.18 60.41
N PRO K 233 -38.41 99.03 61.73
CA PRO K 233 -37.52 99.94 62.47
C PRO K 233 -36.07 99.82 62.01
N LEU K 234 -35.57 98.59 61.94
CA LEU K 234 -34.19 98.36 61.55
C LEU K 234 -33.87 98.97 60.18
N ILE K 235 -34.90 99.01 59.32
CA ILE K 235 -34.77 99.62 58.00
C ILE K 235 -34.72 101.14 58.07
N GLY K 236 -35.68 101.74 58.78
CA GLY K 236 -35.67 103.17 59.00
C GLY K 236 -34.30 103.66 59.43
N LEU K 237 -33.61 102.85 60.26
CA LEU K 237 -32.26 103.17 60.76
C LEU K 237 -31.22 103.32 59.65
N VAL K 238 -31.38 102.55 58.58
CA VAL K 238 -30.48 102.67 57.43
C VAL K 238 -30.83 103.88 56.55
N GLN K 239 -32.10 104.31 56.57
CA GLN K 239 -32.55 105.52 55.86
C GLN K 239 -32.09 106.79 56.59
N LEU K 240 -32.09 106.74 57.92
CA LEU K 240 -31.59 107.82 58.76
C LEU K 240 -30.08 107.97 58.63
N ALA K 241 -29.36 106.88 58.87
CA ALA K 241 -27.90 106.86 58.77
C ALA K 241 -27.39 107.31 57.39
N HIS K 242 -28.24 107.15 56.36
CA HIS K 242 -27.95 107.69 55.02
C HIS K 242 -28.05 109.22 54.99
N TYR K 243 -29.23 109.74 55.32
CA TYR K 243 -29.44 111.19 55.45
C TYR K 243 -28.40 111.85 56.36
N MET K 244 -28.12 111.18 57.49
CA MET K 244 -27.12 111.60 58.46
C MET K 244 -25.72 111.70 57.82
N ILE K 245 -25.36 110.70 57.03
CA ILE K 245 -24.05 110.66 56.36
C ILE K 245 -23.93 111.66 55.21
N THR K 246 -25.06 111.96 54.55
CA THR K 246 -25.10 112.94 53.46
C THR K 246 -24.82 114.34 53.99
N CYS K 247 -25.56 114.73 55.03
CA CYS K 247 -25.38 116.02 55.67
C CYS K 247 -24.00 116.11 56.32
N LYS K 248 -23.62 115.06 57.05
CA LYS K 248 -22.34 115.00 57.76
C LYS K 248 -21.10 115.08 56.86
N THR K 249 -21.14 114.39 55.72
CA THR K 249 -20.05 114.47 54.76
C THR K 249 -20.01 115.84 54.06
N LEU K 250 -21.17 116.41 53.79
CA LEU K 250 -21.30 117.79 53.31
C LEU K 250 -20.59 118.79 54.24
N GLY K 251 -20.66 118.55 55.55
CA GLY K 251 -20.10 119.47 56.54
C GLY K 251 -21.17 120.39 57.10
N ARG K 252 -22.43 120.09 56.76
CA ARG K 252 -23.60 120.86 57.20
C ARG K 252 -24.27 120.27 58.44
N GLU K 253 -25.36 120.89 58.88
CA GLU K 253 -26.25 120.32 59.89
C GLU K 253 -27.54 119.90 59.20
N PRO K 254 -28.36 119.07 59.88
CA PRO K 254 -29.63 118.54 59.36
C PRO K 254 -30.61 119.60 58.81
N GLY K 255 -30.61 120.78 59.41
CA GLY K 255 -31.50 121.84 58.96
C GLY K 255 -31.00 122.51 57.69
N GLU K 256 -29.69 122.43 57.45
CA GLU K 256 -29.04 123.04 56.29
C GLU K 256 -29.45 122.36 55.00
N LEU K 257 -29.10 121.08 54.92
CA LEU K 257 -29.47 120.26 53.76
C LEU K 257 -31.00 120.10 53.67
N LEU K 258 -31.66 120.16 54.83
CA LEU K 258 -33.12 120.11 54.89
C LEU K 258 -33.75 121.27 54.12
N GLU K 259 -33.03 122.39 54.11
CA GLU K 259 -33.54 123.61 53.50
C GLU K 259 -33.25 123.68 52.00
N ARG K 260 -32.31 122.85 51.55
CA ARG K 260 -31.90 122.84 50.13
C ARG K 260 -32.71 121.87 49.28
N PHE K 261 -33.89 121.48 49.81
CA PHE K 261 -34.85 120.65 49.09
C PHE K 261 -36.14 121.43 48.76
N SER K 262 -37.10 120.75 48.15
CA SER K 262 -38.35 121.39 47.74
C SER K 262 -39.56 120.58 48.22
N GLY K 263 -39.36 119.28 48.43
CA GLY K 263 -40.42 118.39 48.85
C GLY K 263 -39.87 117.02 49.20
N THR K 264 -40.65 116.23 49.92
CA THR K 264 -40.21 114.90 50.33
C THR K 264 -41.41 113.96 50.50
N THR K 265 -41.26 112.74 50.00
CA THR K 265 -42.22 111.65 50.22
C THR K 265 -41.48 110.31 50.36
N GLY K 266 -42.17 109.34 50.95
CA GLY K 266 -41.62 108.01 51.11
C GLY K 266 -42.59 106.92 50.66
N HIS K 267 -42.03 105.74 50.37
CA HIS K 267 -42.82 104.59 49.94
C HIS K 267 -43.30 103.79 51.16
N SER K 268 -44.46 104.19 51.70
CA SER K 268 -45.03 103.56 52.90
C SER K 268 -44.17 103.74 54.14
N GLN K 269 -43.24 102.80 54.33
CA GLN K 269 -42.34 102.76 55.49
C GLN K 269 -41.41 103.98 55.55
N GLY K 270 -41.37 104.74 54.46
CA GLY K 270 -40.50 105.89 54.36
C GLY K 270 -41.17 107.20 54.74
N ILE K 271 -42.49 107.32 54.55
CA ILE K 271 -43.23 108.55 54.86
C ILE K 271 -43.15 108.89 56.36
N VAL K 272 -42.79 107.90 57.17
CA VAL K 272 -42.45 108.16 58.55
C VAL K 272 -41.13 108.93 58.63
N VAL K 273 -40.08 108.36 58.05
CA VAL K 273 -38.75 108.97 58.10
C VAL K 273 -38.68 110.24 57.25
N ALA K 274 -39.61 110.38 56.30
CA ALA K 274 -39.67 111.56 55.42
C ALA K 274 -40.30 112.76 56.12
N ALA K 275 -41.25 112.48 57.01
CA ALA K 275 -41.86 113.50 57.83
C ALA K 275 -40.92 113.89 58.96
N ALA K 276 -40.46 112.90 59.74
CA ALA K 276 -39.60 113.13 60.92
C ALA K 276 -38.18 113.66 60.61
N ILE K 277 -37.76 113.54 59.36
CA ILE K 277 -36.47 114.07 58.92
C ILE K 277 -36.62 115.56 58.58
N ALA K 278 -37.86 115.96 58.25
CA ALA K 278 -38.24 117.37 57.98
C ALA K 278 -38.65 118.10 59.27
N THR K 279 -38.14 117.61 60.40
CA THR K 279 -38.42 118.16 61.73
C THR K 279 -37.12 118.60 62.38
N ALA K 280 -36.03 117.93 62.01
CA ALA K 280 -34.73 118.14 62.62
C ALA K 280 -33.96 119.27 61.96
N ARG K 281 -33.29 120.08 62.77
CA ARG K 281 -32.37 121.09 62.27
C ARG K 281 -31.03 120.99 63.01
N THR K 282 -31.10 120.68 64.30
CA THR K 282 -29.89 120.45 65.08
C THR K 282 -29.46 119.00 64.85
N TRP K 283 -28.27 118.64 65.32
CA TRP K 283 -27.87 117.24 65.41
C TRP K 283 -28.49 116.67 66.68
N ASP K 284 -28.88 117.58 67.55
CA ASP K 284 -29.67 117.26 68.72
C ASP K 284 -31.16 117.15 68.35
N GLU K 285 -31.66 118.13 67.57
CA GLU K 285 -33.03 118.15 67.06
C GLU K 285 -33.26 117.02 66.04
N PHE K 286 -32.15 116.45 65.58
CA PHE K 286 -32.12 115.30 64.67
C PHE K 286 -32.32 114.00 65.45
N ALA K 287 -31.35 113.68 66.31
CA ALA K 287 -31.42 112.49 67.17
C ALA K 287 -32.70 112.42 68.02
N THR K 288 -33.47 113.51 68.04
CA THR K 288 -34.79 113.55 68.71
C THR K 288 -35.87 112.90 67.85
N ALA K 289 -36.02 113.40 66.63
CA ALA K 289 -36.98 112.84 65.69
C ALA K 289 -36.54 111.43 65.20
N ALA K 290 -35.27 111.09 65.42
CA ALA K 290 -34.71 109.77 65.07
C ALA K 290 -35.19 108.67 66.00
N LYS K 291 -35.23 109.00 67.29
CA LYS K 291 -35.80 108.12 68.29
C LYS K 291 -37.32 108.06 68.10
N ARG K 292 -37.89 109.16 67.62
CA ARG K 292 -39.34 109.27 67.39
C ARG K 292 -39.83 108.40 66.25
N ALA K 293 -39.25 108.58 65.06
CA ALA K 293 -39.61 107.78 63.90
C ALA K 293 -39.33 106.29 64.13
N VAL K 294 -38.10 105.97 64.56
CA VAL K 294 -37.67 104.58 64.78
C VAL K 294 -38.62 103.80 65.68
N GLU K 295 -39.02 104.42 66.78
CA GLU K 295 -39.96 103.82 67.71
C GLU K 295 -41.39 103.78 67.12
N LEU K 296 -41.73 104.73 66.25
CA LEU K 296 -43.04 104.70 65.57
C LEU K 296 -43.12 103.50 64.62
N LEU K 297 -42.07 103.33 63.80
CA LEU K 297 -41.96 102.16 62.92
C LEU K 297 -42.07 100.86 63.71
N PHE K 298 -41.29 100.76 64.80
CA PHE K 298 -41.32 99.60 65.68
C PHE K 298 -42.74 99.12 65.99
N TRP K 299 -43.59 100.04 66.41
CA TRP K 299 -44.96 99.74 66.82
C TRP K 299 -45.90 99.49 65.64
N ILE K 300 -45.70 100.23 64.55
CA ILE K 300 -46.48 100.00 63.35
C ILE K 300 -46.29 98.57 62.84
N GLY K 301 -45.04 98.16 62.68
CA GLY K 301 -44.71 96.81 62.23
C GLY K 301 -45.15 95.73 63.21
N LEU K 302 -44.83 95.93 64.49
CA LEU K 302 -45.23 95.00 65.53
C LEU K 302 -46.75 94.81 65.60
N ARG K 303 -47.50 95.90 65.71
CA ARG K 303 -48.96 95.81 65.87
C ARG K 303 -49.65 95.34 64.60
N SER K 304 -49.03 95.56 63.44
CA SER K 304 -49.58 95.09 62.18
C SER K 304 -49.49 93.55 62.07
N GLN K 305 -48.37 93.00 62.51
CA GLN K 305 -48.15 91.55 62.48
C GLN K 305 -49.07 90.85 63.47
N GLN K 306 -49.43 91.56 64.53
CA GLN K 306 -50.31 91.02 65.56
C GLN K 306 -51.76 90.92 65.06
N ALA K 307 -52.14 91.82 64.15
CA ALA K 307 -53.50 91.84 63.61
C ALA K 307 -53.72 90.70 62.61
N TYR K 308 -52.85 90.63 61.60
CA TYR K 308 -52.85 89.55 60.61
C TYR K 308 -51.49 88.86 60.55
N PRO K 309 -51.22 87.98 61.53
CA PRO K 309 -49.98 87.19 61.69
C PRO K 309 -49.86 86.11 60.62
N ARG K 310 -48.67 85.53 60.52
CA ARG K 310 -48.40 84.53 59.49
C ARG K 310 -49.10 83.20 59.79
N THR K 311 -50.01 82.79 58.90
CA THR K 311 -50.64 81.47 59.01
C THR K 311 -50.13 80.53 57.93
N SER K 312 -49.39 79.50 58.34
CA SER K 312 -48.82 78.52 57.41
C SER K 312 -49.83 77.95 56.42
N LEU K 313 -49.40 77.79 55.17
CA LEU K 313 -50.26 77.28 54.10
C LEU K 313 -49.89 75.85 53.78
N ALA K 314 -50.63 75.23 52.87
CA ALA K 314 -50.37 73.84 52.51
C ALA K 314 -48.98 73.72 51.91
N PRO K 315 -48.25 72.64 52.25
CA PRO K 315 -46.91 72.43 51.68
C PRO K 315 -47.01 72.28 50.17
N SER K 316 -48.14 71.73 49.73
CA SER K 316 -48.45 71.54 48.31
C SER K 316 -48.63 72.86 47.58
N THR K 317 -49.68 73.60 47.95
CA THR K 317 -49.95 74.91 47.36
C THR K 317 -48.75 75.86 47.52
N LEU K 318 -47.91 75.60 48.51
CA LEU K 318 -46.69 76.37 48.75
C LEU K 318 -45.69 76.12 47.62
N GLN K 319 -45.25 74.87 47.50
CA GLN K 319 -44.29 74.50 46.46
C GLN K 319 -44.77 74.85 45.06
N ASP K 320 -46.07 74.74 44.82
CA ASP K 320 -46.64 75.15 43.53
C ASP K 320 -46.19 76.56 43.18
N SER K 321 -46.55 77.52 44.02
CA SER K 321 -46.14 78.90 43.83
C SER K 321 -44.66 79.03 43.49
N VAL K 322 -43.79 78.36 44.27
CA VAL K 322 -42.34 78.50 44.13
C VAL K 322 -41.84 78.05 42.76
N GLU K 323 -42.37 76.93 42.29
CA GLU K 323 -41.95 76.32 41.03
C GLU K 323 -42.54 77.01 39.80
N ASN K 324 -43.69 77.66 39.98
CA ASN K 324 -44.40 78.29 38.88
C ASN K 324 -44.00 79.73 38.64
N GLY K 325 -42.81 80.11 39.09
CA GLY K 325 -42.26 81.43 38.81
C GLY K 325 -42.43 82.46 39.91
N GLU K 326 -43.42 82.25 40.77
CA GLU K 326 -43.70 83.18 41.86
C GLU K 326 -42.79 82.91 43.06
N GLY K 327 -43.27 83.24 44.24
CA GLY K 327 -42.50 82.98 45.44
C GLY K 327 -43.32 82.45 46.60
N THR K 328 -42.70 82.43 47.77
CA THR K 328 -43.36 82.04 49.00
C THR K 328 -44.49 82.99 49.29
N PRO K 329 -45.73 82.46 49.31
CA PRO K 329 -46.95 83.25 49.40
C PRO K 329 -46.99 84.16 50.63
N THR K 330 -47.18 85.46 50.38
CA THR K 330 -47.39 86.46 51.42
C THR K 330 -48.73 87.15 51.13
N PRO K 331 -49.07 88.19 51.92
CA PRO K 331 -50.28 88.96 51.59
C PRO K 331 -50.03 90.12 50.62
N MET K 332 -48.82 90.21 50.05
CA MET K 332 -48.45 91.28 49.11
C MET K 332 -47.95 90.73 47.75
N LEU K 333 -48.76 90.94 46.71
CA LEU K 333 -48.50 90.39 45.37
C LEU K 333 -48.21 91.47 44.33
N SER K 334 -47.08 91.36 43.62
CA SER K 334 -46.73 92.30 42.55
C SER K 334 -47.27 91.88 41.19
N ILE K 335 -47.71 92.84 40.40
CA ILE K 335 -48.25 92.56 39.08
C ILE K 335 -47.78 93.59 38.06
N ARG K 336 -46.56 93.43 37.57
CA ARG K 336 -46.00 94.33 36.57
C ARG K 336 -46.54 94.12 35.14
N ASP K 337 -46.32 95.12 34.29
CA ASP K 337 -46.62 95.04 32.87
C ASP K 337 -48.10 94.82 32.50
N LEU K 338 -48.98 94.92 33.49
CA LEU K 338 -50.41 94.83 33.24
C LEU K 338 -51.15 96.16 33.36
N THR K 339 -52.36 96.20 32.82
CA THR K 339 -53.21 97.39 32.87
C THR K 339 -54.09 97.32 34.10
N ARG K 340 -54.45 98.47 34.66
CA ARG K 340 -55.36 98.49 35.80
C ARG K 340 -56.69 97.81 35.47
N SER K 341 -57.25 98.15 34.31
CA SER K 341 -58.52 97.57 33.87
C SER K 341 -58.45 96.04 33.88
N ALA K 342 -57.38 95.51 33.30
CA ALA K 342 -57.13 94.07 33.26
C ALA K 342 -56.92 93.50 34.67
N VAL K 343 -55.94 94.04 35.39
CA VAL K 343 -55.60 93.61 36.76
C VAL K 343 -56.85 93.55 37.63
N GLN K 344 -57.73 94.54 37.46
CA GLN K 344 -58.96 94.57 38.23
C GLN K 344 -59.87 93.41 37.87
N GLU K 345 -60.12 93.24 36.57
CA GLU K 345 -61.06 92.23 36.11
C GLU K 345 -60.74 90.84 36.67
N HIS K 346 -59.44 90.52 36.76
CA HIS K 346 -59.01 89.25 37.34
C HIS K 346 -59.16 89.24 38.87
N ILE K 347 -58.93 90.41 39.49
CA ILE K 347 -59.18 90.58 40.91
C ILE K 347 -60.69 90.48 41.20
N ASP K 348 -61.50 90.82 40.21
CA ASP K 348 -62.95 90.76 40.31
C ASP K 348 -63.47 89.33 40.27
N ALA K 349 -63.00 88.56 39.29
CA ALA K 349 -63.39 87.16 39.14
C ALA K 349 -62.96 86.31 40.35
N THR K 350 -61.75 86.55 40.83
CA THR K 350 -61.22 85.89 42.01
C THR K 350 -62.13 86.15 43.21
N ASN K 351 -62.38 87.43 43.49
CA ASN K 351 -63.24 87.85 44.59
C ASN K 351 -64.67 87.33 44.48
N GLN K 352 -65.09 87.03 43.26
CA GLN K 352 -66.45 86.54 42.99
C GLN K 352 -66.77 85.31 43.83
N HIS K 353 -65.89 84.30 43.77
CA HIS K 353 -66.11 83.02 44.43
C HIS K 353 -65.68 83.00 45.89
N LEU K 354 -65.15 84.12 46.36
CA LEU K 354 -64.63 84.22 47.72
C LEU K 354 -65.65 84.81 48.71
N PRO K 355 -65.50 84.43 50.00
CA PRO K 355 -66.21 85.09 51.11
C PRO K 355 -65.59 86.46 51.38
N GLU K 356 -66.44 87.43 51.72
CA GLU K 356 -66.01 88.80 51.92
C GLU K 356 -64.88 88.94 52.95
N ASP K 357 -64.73 87.93 53.80
CA ASP K 357 -63.67 87.89 54.82
C ASP K 357 -62.33 88.02 54.16
N ARG K 358 -62.15 87.27 53.09
CA ARG K 358 -60.87 87.15 52.43
C ARG K 358 -60.95 87.57 50.97
N HIS K 359 -61.32 88.82 50.73
CA HIS K 359 -61.25 89.35 49.38
C HIS K 359 -59.85 89.89 49.06
N ILE K 360 -59.73 90.47 47.87
CA ILE K 360 -58.46 90.94 47.37
C ILE K 360 -58.56 92.44 47.10
N GLY K 361 -57.52 93.18 47.43
CA GLY K 361 -57.50 94.59 47.15
C GLY K 361 -56.31 95.03 46.31
N ILE K 362 -56.39 96.24 45.76
CA ILE K 362 -55.23 96.87 45.16
C ILE K 362 -54.62 97.82 46.20
N SER K 363 -53.43 97.47 46.69
CA SER K 363 -52.86 98.19 47.82
C SER K 363 -51.95 99.32 47.38
N LEU K 364 -51.24 99.15 46.26
CA LEU K 364 -50.51 100.29 45.69
C LEU K 364 -50.62 100.38 44.17
N VAL K 365 -50.20 101.53 43.64
CA VAL K 365 -50.22 101.81 42.20
C VAL K 365 -48.95 102.59 41.85
N ASN K 366 -47.83 101.89 41.74
CA ASN K 366 -46.52 102.50 41.52
C ASN K 366 -46.32 103.07 40.10
N SER K 367 -47.23 102.72 39.19
CA SER K 367 -47.27 103.29 37.83
C SER K 367 -48.57 102.89 37.10
N ALA K 368 -48.62 103.19 35.80
CA ALA K 368 -49.78 102.84 34.98
C ALA K 368 -49.87 101.32 34.80
N ARG K 369 -48.72 100.67 34.82
CA ARG K 369 -48.62 99.25 34.54
C ARG K 369 -47.91 98.49 35.66
N ASN K 370 -47.89 99.08 36.87
CA ASN K 370 -47.25 98.45 38.03
C ASN K 370 -48.18 98.51 39.24
N PHE K 371 -48.54 97.35 39.77
CA PHE K 371 -49.47 97.30 40.88
C PHE K 371 -48.94 96.41 42.00
N VAL K 372 -49.62 96.45 43.14
CA VAL K 372 -49.44 95.50 44.23
C VAL K 372 -50.84 95.13 44.74
N VAL K 373 -51.02 93.88 45.15
CA VAL K 373 -52.33 93.38 45.57
C VAL K 373 -52.25 92.75 46.97
N THR K 374 -53.31 92.96 47.77
CA THR K 374 -53.38 92.40 49.12
C THR K 374 -54.65 91.59 49.38
N GLY K 375 -54.67 90.96 50.54
CA GLY K 375 -55.67 89.98 50.90
C GLY K 375 -54.91 88.82 51.52
N PRO K 376 -55.64 87.81 52.03
CA PRO K 376 -54.97 86.66 52.65
C PRO K 376 -54.08 85.95 51.62
N PRO K 377 -52.94 85.40 52.06
CA PRO K 377 -52.01 84.74 51.13
C PRO K 377 -52.71 83.69 50.25
N ILE K 378 -53.52 82.84 50.88
CA ILE K 378 -54.27 81.77 50.19
C ILE K 378 -55.24 82.32 49.15
N SER K 379 -55.70 83.55 49.40
CA SER K 379 -56.61 84.24 48.52
C SER K 379 -55.85 84.83 47.33
N LEU K 380 -54.64 85.31 47.60
CA LEU K 380 -53.74 85.84 46.56
C LEU K 380 -53.28 84.74 45.61
N TYR K 381 -52.97 83.58 46.18
CA TYR K 381 -52.65 82.41 45.39
C TYR K 381 -53.75 82.11 44.36
N GLY K 382 -55.00 82.11 44.81
CA GLY K 382 -56.14 81.86 43.95
C GLY K 382 -56.22 82.79 42.75
N LEU K 383 -55.54 83.93 42.86
CA LEU K 383 -55.46 84.87 41.74
C LEU K 383 -54.40 84.37 40.75
N ASN K 384 -53.20 84.09 41.26
CA ASN K 384 -52.08 83.62 40.45
C ASN K 384 -52.42 82.43 39.56
N LEU K 385 -53.23 81.51 40.08
CA LEU K 385 -53.70 80.34 39.32
C LEU K 385 -54.47 80.80 38.09
N ARG K 386 -55.45 81.67 38.31
CA ARG K 386 -56.17 82.28 37.22
C ARG K 386 -55.24 83.02 36.26
N LEU K 387 -54.19 83.63 36.82
CA LEU K 387 -53.28 84.50 36.06
C LEU K 387 -52.36 83.77 35.06
N ARG K 388 -51.77 82.66 35.50
CA ARG K 388 -50.88 81.91 34.63
C ARG K 388 -51.65 81.24 33.48
N LYS K 389 -52.94 81.00 33.67
CA LYS K 389 -53.78 80.42 32.63
C LYS K 389 -54.02 81.40 31.50
N VAL K 390 -53.74 82.67 31.75
CA VAL K 390 -53.87 83.71 30.73
C VAL K 390 -52.52 84.08 30.11
N LYS K 391 -51.49 84.20 30.95
CA LYS K 391 -50.17 84.62 30.47
C LYS K 391 -49.49 83.52 29.65
N ALA K 392 -48.48 83.91 28.88
CA ALA K 392 -47.80 83.00 27.97
C ALA K 392 -46.41 82.65 28.49
N PRO K 393 -45.96 81.39 28.23
CA PRO K 393 -44.62 80.91 28.57
C PRO K 393 -43.54 81.83 28.00
N THR K 394 -42.39 81.92 28.66
CA THR K 394 -41.28 82.74 28.17
C THR K 394 -40.71 82.13 26.89
N GLY K 395 -41.16 80.93 26.56
CA GLY K 395 -40.71 80.22 25.39
C GLY K 395 -41.43 80.64 24.13
N LEU K 396 -42.76 80.78 24.21
CA LEU K 396 -43.60 81.06 23.04
C LEU K 396 -43.05 82.19 22.17
N ASP K 397 -43.13 82.01 20.86
CA ASP K 397 -42.82 83.09 19.93
C ASP K 397 -44.14 83.62 19.38
N GLN K 398 -44.24 84.94 19.25
CA GLN K 398 -45.46 85.55 18.75
C GLN K 398 -45.18 86.53 17.62
N ASN K 399 -43.92 86.58 17.18
CA ASN K 399 -43.48 87.45 16.09
C ASN K 399 -44.26 87.22 14.81
N ARG K 400 -45.02 86.13 14.80
CA ARG K 400 -45.75 85.70 13.61
C ARG K 400 -47.26 85.69 13.84
N ILE K 401 -47.68 86.16 15.01
CA ILE K 401 -49.10 86.24 15.34
C ILE K 401 -49.60 87.67 15.33
N PRO K 402 -50.78 87.90 14.71
CA PRO K 402 -51.41 89.23 14.75
C PRO K 402 -51.33 89.78 16.18
N PHE K 403 -51.19 91.10 16.30
CA PHE K 403 -50.91 91.71 17.61
C PHE K 403 -52.05 91.65 18.63
N THR K 404 -53.26 92.02 18.21
CA THR K 404 -54.42 91.95 19.10
C THR K 404 -54.82 90.48 19.33
N GLN K 405 -53.96 89.58 18.87
CA GLN K 405 -54.22 88.15 18.92
C GLN K 405 -53.32 87.48 19.97
N ARG K 406 -52.24 88.16 20.31
CA ARG K 406 -51.22 87.61 21.19
C ARG K 406 -51.67 87.48 22.64
N LYS K 407 -50.99 86.60 23.38
CA LYS K 407 -51.19 86.45 24.82
C LYS K 407 -50.29 87.42 25.58
N ALA K 408 -50.72 87.80 26.79
CA ALA K 408 -50.09 88.89 27.54
C ALA K 408 -48.76 88.55 28.20
N ARG K 409 -47.84 89.51 28.13
CA ARG K 409 -46.45 89.33 28.51
C ARG K 409 -46.17 89.97 29.86
N PHE K 410 -46.64 89.35 30.94
CA PHE K 410 -46.53 89.99 32.26
C PHE K 410 -45.83 89.15 33.34
N VAL K 411 -45.45 89.82 34.43
CA VAL K 411 -44.79 89.18 35.57
C VAL K 411 -45.64 89.33 36.83
N ASN K 412 -46.07 88.22 37.40
CA ASN K 412 -46.68 88.24 38.73
C ASN K 412 -45.75 87.55 39.74
N ARG K 413 -45.74 88.04 40.97
CA ARG K 413 -44.78 87.55 41.96
C ARG K 413 -45.08 88.05 43.39
N PHE K 414 -44.72 87.24 44.39
CA PHE K 414 -44.91 87.65 45.79
C PHE K 414 -43.74 88.49 46.30
N LEU K 415 -44.02 89.41 47.22
CA LEU K 415 -43.01 90.30 47.75
C LEU K 415 -42.71 89.96 49.19
N PRO K 416 -41.46 90.18 49.62
CA PRO K 416 -40.97 89.91 50.99
C PRO K 416 -41.66 90.76 52.09
N ILE K 417 -42.84 91.28 51.80
CA ILE K 417 -43.62 92.05 52.78
C ILE K 417 -44.39 91.09 53.70
N THR K 418 -44.32 91.37 55.00
CA THR K 418 -44.72 90.43 56.03
C THR K 418 -46.18 90.57 56.50
N ALA K 419 -46.90 91.56 56.00
CA ALA K 419 -48.25 91.81 56.49
C ALA K 419 -49.10 92.63 55.52
N PRO K 420 -50.44 92.51 55.65
CA PRO K 420 -51.45 93.15 54.77
C PRO K 420 -51.59 94.67 54.98
N PHE K 421 -50.71 95.45 54.37
CA PHE K 421 -50.80 96.89 54.51
C PHE K 421 -51.73 97.46 53.47
N HIS K 422 -52.28 98.63 53.76
CA HIS K 422 -53.13 99.32 52.80
C HIS K 422 -54.36 98.49 52.48
N SER K 423 -54.87 97.84 53.51
CA SER K 423 -56.00 96.93 53.40
C SER K 423 -56.84 96.96 54.68
N PRO K 424 -58.15 96.69 54.54
CA PRO K 424 -59.09 96.55 55.65
C PRO K 424 -58.70 95.45 56.66
N TYR K 425 -57.58 94.79 56.41
CA TYR K 425 -57.12 93.67 57.25
C TYR K 425 -56.25 94.11 58.41
N LEU K 426 -55.71 95.32 58.30
CA LEU K 426 -54.98 95.89 59.43
C LEU K 426 -55.83 96.92 60.18
N ALA K 427 -57.13 96.63 60.29
CA ALA K 427 -58.07 97.52 60.98
C ALA K 427 -57.86 97.54 62.50
N GLY K 428 -57.97 96.36 63.13
CA GLY K 428 -57.83 96.25 64.58
C GLY K 428 -56.50 96.72 65.13
N ALA K 429 -55.46 96.62 64.31
CA ALA K 429 -54.11 97.02 64.69
C ALA K 429 -54.01 98.53 64.90
N HIS K 430 -54.64 99.28 64.01
CA HIS K 430 -54.59 100.76 63.97
C HIS K 430 -54.78 101.45 65.33
N ALA K 431 -55.83 101.05 66.05
CA ALA K 431 -56.11 101.58 67.38
C ALA K 431 -54.92 101.35 68.31
N HIS K 432 -54.51 100.08 68.42
CA HIS K 432 -53.34 99.69 69.21
C HIS K 432 -52.10 100.55 69.00
N ILE K 433 -51.70 100.72 67.74
CA ILE K 433 -50.51 101.48 67.40
C ILE K 433 -50.61 102.93 67.93
N LEU K 434 -51.75 103.55 67.70
CA LEU K 434 -52.00 104.93 68.15
C LEU K 434 -51.72 105.12 69.63
N GLY K 435 -52.26 104.21 70.44
CA GLY K 435 -52.12 104.28 71.89
C GLY K 435 -50.70 104.21 72.43
N ASP K 436 -49.80 103.51 71.72
CA ASP K 436 -48.41 103.37 72.16
C ASP K 436 -47.63 104.67 71.96
N VAL K 437 -48.19 105.56 71.14
CA VAL K 437 -47.42 106.66 70.55
C VAL K 437 -48.03 108.05 70.75
N ASP K 438 -48.92 108.20 71.74
CA ASP K 438 -49.48 109.52 72.05
C ASP K 438 -48.58 110.34 72.98
N ASP K 439 -47.55 109.69 73.53
CA ASP K 439 -46.50 110.34 74.34
C ASP K 439 -45.79 111.35 73.46
N MET K 440 -45.68 111.01 72.19
CA MET K 440 -45.14 111.92 71.19
C MET K 440 -46.26 112.48 70.32
N LYS K 441 -45.95 113.59 69.64
CA LYS K 441 -46.91 114.24 68.77
C LYS K 441 -46.13 115.00 67.71
N ILE K 442 -46.47 114.79 66.45
CA ILE K 442 -45.81 115.53 65.37
C ILE K 442 -46.82 116.44 64.68
N PRO K 443 -46.76 117.75 64.96
CA PRO K 443 -47.69 118.77 64.47
C PRO K 443 -47.36 119.22 63.04
N ALA K 444 -48.37 119.58 62.24
CA ALA K 444 -48.16 119.97 60.84
C ALA K 444 -47.19 121.15 60.68
N SER K 445 -47.08 121.93 61.74
CA SER K 445 -46.25 123.12 61.73
C SER K 445 -44.74 122.86 61.93
N SER K 446 -44.37 121.73 62.52
CA SER K 446 -42.95 121.39 62.72
C SER K 446 -42.31 120.83 61.44
N LEU K 447 -42.97 121.08 60.31
CA LEU K 447 -42.53 120.59 59.00
C LEU K 447 -41.77 121.64 58.18
N VAL K 448 -40.44 121.60 58.28
CA VAL K 448 -39.56 122.45 57.48
C VAL K 448 -39.97 122.42 55.99
N ILE K 449 -39.66 121.32 55.32
CA ILE K 449 -39.95 121.15 53.91
C ILE K 449 -41.16 120.24 53.70
N PRO K 450 -42.06 120.61 52.76
CA PRO K 450 -43.32 119.92 52.45
C PRO K 450 -43.21 118.40 52.47
N VAL K 451 -44.11 117.76 53.20
CA VAL K 451 -44.23 116.31 53.17
C VAL K 451 -45.53 115.93 52.45
N TYR K 452 -45.42 115.35 51.25
CA TYR K 452 -46.60 115.03 50.44
C TYR K 452 -47.22 113.69 50.83
N ASP K 453 -48.53 113.72 51.05
CA ASP K 453 -49.31 112.56 51.46
C ASP K 453 -49.06 111.33 50.56
N THR K 454 -49.39 110.14 51.06
CA THR K 454 -49.27 108.90 50.31
C THR K 454 -50.42 108.72 49.30
N LYS K 455 -51.66 108.81 49.77
CA LYS K 455 -52.82 108.60 48.91
C LYS K 455 -53.13 109.79 47.99
N THR K 456 -52.83 111.01 48.45
CA THR K 456 -52.93 112.20 47.61
C THR K 456 -51.68 113.07 47.76
N GLY K 457 -51.29 113.74 46.69
CA GLY K 457 -50.04 114.48 46.69
C GLY K 457 -49.99 115.64 47.66
N GLN K 458 -51.12 115.94 48.32
CA GLN K 458 -51.25 117.18 49.09
C GLN K 458 -50.44 117.26 50.38
N ASP K 459 -49.70 118.37 50.47
CA ASP K 459 -48.82 118.70 51.58
C ASP K 459 -49.50 118.46 52.94
N LEU K 460 -48.72 117.90 53.88
CA LEU K 460 -49.17 117.67 55.25
C LEU K 460 -49.15 118.93 56.12
N ARG K 461 -48.40 119.94 55.70
CA ARG K 461 -48.33 121.18 56.46
C ARG K 461 -49.66 121.93 56.47
N GLU K 462 -50.57 121.54 55.57
CA GLU K 462 -51.95 122.09 55.53
C GLU K 462 -52.85 121.46 56.61
N LEU K 463 -52.21 120.90 57.62
CA LEU K 463 -52.93 120.34 58.78
C LEU K 463 -52.82 121.27 59.99
N GLY K 464 -53.91 121.32 60.76
CA GLY K 464 -53.96 122.17 61.93
C GLY K 464 -53.20 121.57 63.09
N ASP K 465 -51.88 121.47 62.94
CA ASP K 465 -50.98 120.97 63.99
C ASP K 465 -51.32 119.58 64.50
N GLU K 466 -52.17 118.89 63.75
CA GLU K 466 -52.60 117.55 64.10
C GLU K 466 -51.41 116.63 63.98
N ASP K 467 -51.30 115.68 64.91
CA ASP K 467 -50.21 114.70 64.90
C ASP K 467 -50.10 114.00 63.55
N ILE K 468 -48.97 114.22 62.87
CA ILE K 468 -48.66 113.48 61.66
C ILE K 468 -48.60 112.00 62.00
N ILE K 469 -48.44 111.71 63.29
CA ILE K 469 -48.42 110.33 63.78
C ILE K 469 -49.72 109.53 63.51
N PRO K 470 -50.88 110.03 63.99
CA PRO K 470 -52.21 109.49 63.67
C PRO K 470 -52.60 109.61 62.20
N GLU K 471 -51.71 110.14 61.37
CA GLU K 471 -51.92 110.16 59.93
C GLU K 471 -50.94 109.26 59.20
N LEU K 472 -49.71 109.19 59.70
CA LEU K 472 -48.71 108.24 59.20
C LEU K 472 -49.21 106.81 59.34
N VAL K 473 -49.77 106.51 60.51
CA VAL K 473 -50.38 105.21 60.77
C VAL K 473 -51.52 104.88 59.78
N ARG K 474 -52.39 105.85 59.46
CA ARG K 474 -53.50 105.60 58.55
C ARG K 474 -53.09 105.35 57.08
N MET K 475 -52.09 106.08 56.59
CA MET K 475 -51.63 105.97 55.20
C MET K 475 -50.95 104.64 54.92
N ILE K 476 -50.31 104.10 55.97
CA ILE K 476 -49.53 102.88 55.89
C ILE K 476 -50.39 101.62 56.04
N THR K 477 -51.30 101.64 57.01
CA THR K 477 -52.01 100.42 57.39
C THR K 477 -53.40 100.25 56.77
N TYR K 478 -53.95 101.33 56.21
CA TYR K 478 -55.30 101.25 55.64
C TYR K 478 -55.41 101.84 54.24
N ASP K 479 -54.51 102.78 53.92
CA ASP K 479 -54.64 103.58 52.70
C ASP K 479 -53.88 103.04 51.49
N PRO K 480 -54.51 103.12 50.30
CA PRO K 480 -53.73 102.94 49.07
C PRO K 480 -52.47 103.83 49.06
N VAL K 481 -51.42 103.38 48.37
CA VAL K 481 -50.26 104.21 48.11
C VAL K 481 -50.29 104.54 46.62
N ASN K 482 -50.99 105.61 46.26
CA ASN K 482 -51.02 106.05 44.87
C ASN K 482 -49.74 106.82 44.55
N TRP K 483 -48.65 106.07 44.53
CA TRP K 483 -47.30 106.61 44.52
C TRP K 483 -47.05 107.63 43.44
N GLU K 484 -47.50 107.34 42.22
CA GLU K 484 -47.14 108.18 41.08
C GLU K 484 -47.71 109.60 41.19
N THR K 485 -48.83 109.75 41.91
CA THR K 485 -49.44 111.07 42.14
C THR K 485 -48.75 111.87 43.27
N ALA K 486 -48.44 111.20 44.38
CA ALA K 486 -47.71 111.84 45.48
C ALA K 486 -46.25 112.10 45.10
N THR K 487 -45.86 111.59 43.93
CA THR K 487 -44.50 111.71 43.44
C THR K 487 -44.39 112.83 42.43
N VAL K 488 -45.53 113.40 42.01
CA VAL K 488 -45.50 114.43 40.96
C VAL K 488 -44.87 115.75 41.45
N PHE K 489 -43.62 115.64 41.94
CA PHE K 489 -42.83 116.79 42.38
C PHE K 489 -42.75 117.84 41.27
N PRO K 490 -43.57 118.90 41.38
CA PRO K 490 -43.81 119.84 40.26
C PRO K 490 -42.53 120.56 39.84
N ASP K 491 -42.18 120.45 38.55
CA ASP K 491 -40.97 121.08 38.02
C ASP K 491 -39.73 120.75 38.89
N ALA K 492 -39.22 119.52 38.71
CA ALA K 492 -38.03 119.08 39.43
C ALA K 492 -36.96 118.65 38.44
N THR K 493 -35.71 118.67 38.90
CA THR K 493 -34.59 118.27 38.07
C THR K 493 -33.90 117.07 38.67
N HIS K 494 -33.80 117.09 39.99
CA HIS K 494 -33.12 116.02 40.72
C HIS K 494 -34.02 115.41 41.81
N ILE K 495 -33.92 114.10 42.00
CA ILE K 495 -34.61 113.42 43.10
C ILE K 495 -33.64 112.44 43.75
N VAL K 496 -33.55 112.48 45.07
CA VAL K 496 -32.53 111.70 45.78
C VAL K 496 -33.12 110.57 46.63
N ASP K 497 -32.83 109.34 46.21
CA ASP K 497 -33.20 108.12 46.92
C ASP K 497 -32.25 107.87 48.11
N PHE K 498 -32.77 108.08 49.33
CA PHE K 498 -32.05 107.70 50.55
C PHE K 498 -32.53 106.35 51.01
N GLY K 499 -33.66 105.92 50.43
CA GLY K 499 -34.32 104.68 50.78
C GLY K 499 -33.46 103.42 50.72
N PRO K 500 -34.04 102.30 51.16
CA PRO K 500 -33.34 101.02 51.28
C PRO K 500 -33.17 100.34 49.92
N GLY K 501 -31.97 99.79 49.70
CA GLY K 501 -31.71 98.99 48.51
C GLY K 501 -30.95 99.71 47.41
N GLY K 502 -29.77 99.16 47.07
CA GLY K 502 -28.87 99.74 46.07
C GLY K 502 -29.58 100.19 44.81
N VAL K 503 -29.49 99.39 43.75
CA VAL K 503 -30.15 99.75 42.50
C VAL K 503 -31.59 99.22 42.48
N SER K 504 -32.14 99.03 43.68
CA SER K 504 -33.46 98.42 43.83
C SER K 504 -34.41 99.37 44.55
N GLY K 505 -33.83 100.35 45.24
CA GLY K 505 -34.58 101.38 45.95
C GLY K 505 -35.53 102.10 45.00
N ILE K 506 -36.58 102.73 45.54
CA ILE K 506 -37.67 103.27 44.72
C ILE K 506 -37.19 104.28 43.68
N GLY K 507 -35.95 104.75 43.84
CA GLY K 507 -35.31 105.66 42.89
C GLY K 507 -35.35 105.15 41.45
N VAL K 508 -35.01 103.88 41.28
CA VAL K 508 -35.06 103.27 39.94
C VAL K 508 -36.48 103.24 39.41
N LEU K 509 -37.43 102.78 40.23
CA LEU K 509 -38.84 102.70 39.85
C LEU K 509 -39.32 104.04 39.30
N THR K 510 -39.27 105.03 40.17
CA THR K 510 -39.73 106.37 39.85
C THR K 510 -38.98 106.96 38.65
N ASN K 511 -37.67 106.73 38.57
CA ASN K 511 -36.87 107.22 37.45
C ASN K 511 -37.51 106.83 36.14
N ARG K 512 -38.15 105.66 36.13
CA ARG K 512 -38.92 105.21 34.98
C ARG K 512 -40.22 105.99 34.86
N ASN K 513 -40.93 106.12 35.97
CA ASN K 513 -42.16 106.91 35.99
C ASN K 513 -41.92 108.26 35.31
N LYS K 514 -40.70 108.77 35.47
CA LYS K 514 -40.32 110.09 34.98
C LYS K 514 -39.01 110.07 34.18
N ASP K 515 -38.98 109.36 33.06
CA ASP K 515 -37.78 109.42 32.24
C ASP K 515 -37.92 110.53 31.19
N GLY K 516 -39.13 110.65 30.63
CA GLY K 516 -39.44 111.62 29.60
C GLY K 516 -39.20 113.06 30.01
N THR K 517 -39.67 113.41 31.21
CA THR K 517 -39.69 114.80 31.68
C THR K 517 -38.33 115.45 31.98
N GLY K 518 -37.28 114.63 32.13
CA GLY K 518 -35.95 115.13 32.36
C GLY K 518 -35.60 115.23 33.83
N VAL K 519 -36.24 114.38 34.63
CA VAL K 519 -35.90 114.30 36.05
C VAL K 519 -34.75 113.29 36.19
N ARG K 520 -33.64 113.78 36.74
CA ARG K 520 -32.50 112.93 37.07
C ARG K 520 -32.76 112.31 38.45
N VAL K 521 -32.14 111.15 38.72
CA VAL K 521 -32.28 110.52 40.02
C VAL K 521 -30.91 110.15 40.55
N ILE K 522 -30.73 110.26 41.86
CA ILE K 522 -29.47 109.86 42.49
C ILE K 522 -29.77 108.98 43.69
N LEU K 523 -29.07 107.86 43.76
CA LEU K 523 -29.23 106.95 44.88
C LEU K 523 -28.12 107.23 45.89
N ALA K 524 -28.51 107.85 47.00
CA ALA K 524 -27.56 108.30 48.01
C ALA K 524 -26.87 107.13 48.72
N GLY K 525 -27.56 105.99 48.77
CA GLY K 525 -27.07 104.80 49.48
C GLY K 525 -25.80 104.15 48.94
N ALA K 526 -25.65 104.12 47.62
CA ALA K 526 -24.51 103.45 47.01
C ALA K 526 -23.61 104.41 46.21
N ILE K 527 -22.34 104.04 46.09
CA ILE K 527 -21.36 104.78 45.30
C ILE K 527 -21.45 104.49 43.79
N ASP K 528 -21.69 103.23 43.47
CA ASP K 528 -21.79 102.77 42.09
C ASP K 528 -22.60 101.47 42.03
N GLY K 529 -23.32 101.27 40.93
CA GLY K 529 -24.09 100.07 40.75
C GLY K 529 -24.16 99.60 39.31
N THR K 530 -25.10 98.71 39.04
CA THR K 530 -25.23 98.09 37.73
C THR K 530 -26.06 98.94 36.75
N ASN K 531 -26.74 99.96 37.29
CA ASN K 531 -27.61 100.80 36.47
C ASN K 531 -26.86 102.02 35.91
N THR K 532 -27.00 102.26 34.60
CA THR K 532 -26.57 103.53 34.00
C THR K 532 -27.77 104.29 33.46
N GLU K 533 -28.47 104.94 34.38
CA GLU K 533 -29.66 105.73 34.11
C GLU K 533 -29.94 106.47 35.42
N VAL K 534 -29.11 106.16 36.40
CA VAL K 534 -29.19 106.73 37.73
C VAL K 534 -27.76 107.05 38.22
N GLY K 535 -27.60 108.25 38.77
CA GLY K 535 -26.33 108.65 39.36
C GLY K 535 -26.28 108.21 40.80
N TYR K 536 -25.11 108.25 41.43
CA TYR K 536 -24.99 107.70 42.78
C TYR K 536 -24.50 108.70 43.83
N LYS K 537 -24.01 108.15 44.94
CA LYS K 537 -23.53 108.93 46.09
C LYS K 537 -22.59 110.11 45.75
N PRO K 538 -21.52 109.89 44.94
CA PRO K 538 -20.57 110.96 44.62
C PRO K 538 -21.16 112.13 43.83
N GLU K 539 -22.39 111.99 43.31
CA GLU K 539 -23.10 113.06 42.60
C GLU K 539 -23.83 114.02 43.56
N LEU K 540 -23.51 113.90 44.84
CA LEU K 540 -24.03 114.81 45.85
C LEU K 540 -22.88 115.56 46.51
N PHE K 541 -21.66 115.05 46.33
CA PHE K 541 -20.45 115.66 46.91
C PHE K 541 -19.33 115.86 45.88
N ASP K 542 -19.48 116.88 45.04
CA ASP K 542 -18.50 117.16 44.00
C ASP K 542 -18.19 118.66 43.95
N ARG K 543 -16.98 118.97 43.48
CA ARG K 543 -16.49 120.34 43.50
C ARG K 543 -16.21 120.91 42.10
N ASP K 544 -16.01 120.05 41.10
CA ASP K 544 -15.89 120.48 39.70
C ASP K 544 -17.19 121.12 39.22
N ASP K 545 -17.06 122.08 38.31
CA ASP K 545 -18.21 122.81 37.80
C ASP K 545 -19.06 121.91 36.91
N ASN K 546 -18.40 120.93 36.30
CA ASN K 546 -19.04 120.00 35.38
C ASN K 546 -19.74 118.84 36.08
N ALA K 547 -19.77 118.91 37.41
CA ALA K 547 -20.20 117.80 38.23
C ALA K 547 -21.73 117.60 38.31
N VAL K 548 -22.49 118.41 37.58
CA VAL K 548 -23.96 118.33 37.68
C VAL K 548 -24.65 117.87 36.40
N GLN K 549 -25.53 116.90 36.58
CA GLN K 549 -26.22 116.25 35.47
C GLN K 549 -27.67 116.69 35.37
N PHE K 550 -28.14 116.80 34.13
CA PHE K 550 -29.55 117.08 33.87
C PHE K 550 -30.15 116.00 32.96
N ALA K 551 -31.11 115.26 33.51
CA ALA K 551 -31.86 114.28 32.73
C ALA K 551 -32.63 115.00 31.63
N VAL K 552 -32.51 114.52 30.41
CA VAL K 552 -33.03 115.25 29.26
C VAL K 552 -34.52 115.01 28.99
N ASP K 553 -35.16 116.03 28.42
CA ASP K 553 -36.54 115.93 27.95
C ASP K 553 -36.61 115.87 26.41
N TRP K 554 -37.54 115.05 25.86
CA TRP K 554 -37.68 114.78 24.39
C TRP K 554 -38.50 115.81 23.62
N VAL K 555 -39.48 116.42 24.27
CA VAL K 555 -40.20 117.52 23.64
C VAL K 555 -39.26 118.71 23.49
N LYS K 556 -38.47 118.96 24.54
CA LYS K 556 -37.43 119.99 24.53
C LYS K 556 -36.34 119.67 23.52
N GLU K 557 -35.76 118.49 23.66
CA GLU K 557 -34.63 118.09 22.84
C GLU K 557 -34.98 117.84 21.37
N HIS K 558 -36.08 117.11 21.14
CA HIS K 558 -36.45 116.64 19.80
C HIS K 558 -37.75 117.25 19.26
N GLY K 559 -38.25 118.30 19.90
CA GLY K 559 -39.49 118.92 19.48
C GLY K 559 -39.32 119.56 18.12
N PRO K 560 -40.35 119.43 17.26
CA PRO K 560 -40.34 120.07 15.93
C PRO K 560 -40.12 121.58 16.06
N ARG K 561 -39.65 122.22 15.00
CA ARG K 561 -39.40 123.66 15.04
C ARG K 561 -39.61 124.24 13.65
N LEU K 562 -39.46 125.56 13.54
CA LEU K 562 -39.49 126.22 12.26
C LEU K 562 -38.22 127.07 12.15
N VAL K 563 -37.74 127.25 10.91
CA VAL K 563 -36.55 128.06 10.63
C VAL K 563 -36.64 128.58 9.17
N LYS K 564 -36.00 129.72 8.90
CA LYS K 564 -36.01 130.32 7.56
C LYS K 564 -34.59 130.59 7.02
N THR K 565 -34.46 130.53 5.69
CA THR K 565 -33.17 130.71 5.01
C THR K 565 -32.87 132.17 4.70
N SER K 566 -31.61 132.42 4.36
CA SER K 566 -31.16 133.71 3.86
C SER K 566 -31.84 134.06 2.53
N VAL K 567 -32.61 133.13 1.99
CA VAL K 567 -33.44 133.41 0.81
C VAL K 567 -34.90 133.06 1.09
N GLY K 568 -35.26 133.12 2.38
CA GLY K 568 -36.65 133.07 2.79
C GLY K 568 -37.43 131.81 2.50
N GLN K 569 -36.78 130.67 2.64
CA GLN K 569 -37.50 129.40 2.66
C GLN K 569 -37.85 129.09 4.11
N THR K 570 -38.78 128.15 4.28
CA THR K 570 -39.13 127.68 5.62
C THR K 570 -39.00 126.16 5.73
N PHE K 571 -38.30 125.72 6.76
CA PHE K 571 -38.04 124.30 6.98
C PHE K 571 -38.54 123.85 8.34
N VAL K 572 -39.46 122.88 8.35
CA VAL K 572 -39.85 122.21 9.58
C VAL K 572 -38.57 121.60 10.13
N ASP K 573 -38.00 122.21 11.16
CA ASP K 573 -36.69 121.80 11.66
C ASP K 573 -36.77 120.52 12.52
N THR K 574 -36.18 119.45 12.00
CA THR K 574 -36.00 118.19 12.74
C THR K 574 -34.59 117.62 12.53
N LYS K 575 -34.26 116.54 13.24
CA LYS K 575 -32.96 115.93 13.08
C LYS K 575 -32.80 115.39 11.66
N MET K 576 -33.92 114.92 11.12
CA MET K 576 -33.98 114.34 9.77
C MET K 576 -33.76 115.38 8.67
N SER K 577 -34.60 116.41 8.66
CA SER K 577 -34.53 117.46 7.66
C SER K 577 -33.19 118.20 7.71
N ARG K 578 -32.63 118.35 8.91
CA ARG K 578 -31.34 119.03 9.07
C ARG K 578 -30.19 118.13 8.61
N LEU K 579 -30.33 116.84 8.87
CA LEU K 579 -29.40 115.85 8.35
C LEU K 579 -29.44 115.87 6.81
N LEU K 580 -30.56 115.39 6.26
CA LEU K 580 -30.74 115.31 4.81
C LEU K 580 -30.57 116.66 4.12
N GLY K 581 -31.20 117.71 4.65
CA GLY K 581 -31.11 119.04 4.07
C GLY K 581 -32.37 119.34 3.28
N VAL K 582 -33.50 118.81 3.74
CA VAL K 582 -34.78 119.03 3.07
C VAL K 582 -35.95 118.74 4.01
N PRO K 583 -37.19 119.05 3.56
CA PRO K 583 -38.39 118.76 4.36
C PRO K 583 -38.38 117.36 5.00
N PRO K 584 -38.63 117.27 6.32
CA PRO K 584 -38.66 116.00 7.06
C PRO K 584 -39.83 115.11 6.62
N VAL K 585 -40.53 115.45 5.53
CA VAL K 585 -41.49 114.55 4.90
C VAL K 585 -40.78 113.86 3.75
N MET K 586 -40.87 112.53 3.72
CA MET K 586 -40.11 111.75 2.76
C MET K 586 -40.90 110.58 2.16
N VAL K 587 -40.75 110.41 0.83
CA VAL K 587 -41.37 109.30 0.12
C VAL K 587 -40.46 108.10 0.24
N ALA K 588 -40.98 107.02 0.83
CA ALA K 588 -40.22 105.79 1.02
C ALA K 588 -40.06 105.01 -0.29
N GLY K 589 -38.95 104.28 -0.40
CA GLY K 589 -38.66 103.47 -1.56
C GLY K 589 -39.62 102.31 -1.69
N MET K 590 -40.25 102.21 -2.85
CA MET K 590 -41.24 101.16 -3.12
C MET K 590 -40.93 100.53 -4.48
N THR K 591 -40.78 99.22 -4.50
CA THR K 591 -40.33 98.53 -5.70
C THR K 591 -41.03 98.99 -7.00
N PRO K 592 -42.33 98.64 -7.19
CA PRO K 592 -42.98 98.96 -8.47
C PRO K 592 -42.88 100.45 -8.85
N THR K 593 -43.39 101.31 -7.97
CA THR K 593 -43.55 102.72 -8.27
C THR K 593 -42.28 103.55 -8.10
N THR K 594 -41.49 103.27 -7.06
CA THR K 594 -40.31 104.05 -6.76
C THR K 594 -39.05 103.55 -7.50
N VAL K 595 -39.29 102.71 -8.49
CA VAL K 595 -38.18 102.16 -9.25
C VAL K 595 -37.70 103.10 -10.38
N PRO K 596 -38.64 103.61 -11.23
CA PRO K 596 -38.28 104.35 -12.45
C PRO K 596 -37.59 105.69 -12.16
N TRP K 597 -36.57 106.02 -12.95
CA TRP K 597 -35.73 107.18 -12.68
C TRP K 597 -36.47 108.53 -12.80
N ASP K 598 -37.72 108.48 -13.27
CA ASP K 598 -38.53 109.68 -13.42
C ASP K 598 -39.03 110.15 -12.08
N PHE K 599 -40.01 109.41 -11.58
CA PHE K 599 -40.62 109.70 -10.30
C PHE K 599 -39.59 110.06 -9.22
N VAL K 600 -38.42 109.45 -9.27
CA VAL K 600 -37.38 109.70 -8.27
C VAL K 600 -36.67 111.03 -8.46
N ALA K 601 -36.25 111.29 -9.69
CA ALA K 601 -35.57 112.53 -10.00
C ALA K 601 -36.55 113.73 -10.03
N ALA K 602 -37.79 113.46 -10.44
CA ALA K 602 -38.87 114.47 -10.44
C ALA K 602 -39.28 114.85 -9.00
N THR K 603 -39.20 113.89 -8.08
CA THR K 603 -39.53 114.13 -6.69
C THR K 603 -38.37 114.79 -5.93
N MET K 604 -37.14 114.63 -6.45
CA MET K 604 -35.99 115.30 -5.86
C MET K 604 -35.85 116.71 -6.42
N ASN K 605 -36.35 116.89 -7.64
CA ASN K 605 -36.50 118.21 -8.25
C ASN K 605 -37.63 119.00 -7.57
N ALA K 606 -38.64 118.28 -7.08
CA ALA K 606 -39.71 118.90 -6.27
C ALA K 606 -39.24 119.14 -4.84
N GLY K 607 -37.93 118.97 -4.60
CA GLY K 607 -37.29 119.32 -3.33
C GLY K 607 -37.53 118.39 -2.16
N TYR K 608 -37.67 117.09 -2.46
CA TYR K 608 -37.98 116.10 -1.42
C TYR K 608 -37.13 114.82 -1.45
N HIS K 609 -36.96 114.22 -0.27
CA HIS K 609 -36.14 113.03 -0.10
C HIS K 609 -36.85 111.72 -0.40
N ILE K 610 -36.43 111.06 -1.47
CA ILE K 610 -37.08 109.83 -1.87
C ILE K 610 -36.02 108.73 -2.04
N GLU K 611 -36.46 107.46 -2.00
CA GLU K 611 -35.57 106.31 -2.07
C GLU K 611 -35.70 105.53 -3.38
N LEU K 612 -34.67 105.56 -4.21
CA LEU K 612 -34.66 104.81 -5.47
C LEU K 612 -34.74 103.32 -5.20
N ALA K 613 -35.89 102.73 -5.54
CA ALA K 613 -36.14 101.30 -5.30
C ALA K 613 -35.20 100.39 -6.09
N GLY K 614 -34.13 99.92 -5.45
CA GLY K 614 -33.13 99.09 -6.11
C GLY K 614 -33.65 97.71 -6.44
N GLY K 615 -34.80 97.36 -5.87
CA GLY K 615 -35.39 96.05 -6.00
C GLY K 615 -36.15 95.82 -7.30
N GLY K 616 -35.78 96.57 -8.33
CA GLY K 616 -36.37 96.38 -9.65
C GLY K 616 -35.26 96.46 -10.67
N TYR K 617 -34.04 96.32 -10.17
CA TYR K 617 -32.82 96.35 -10.99
C TYR K 617 -32.09 95.00 -10.95
N TYR K 618 -32.39 94.18 -11.94
CA TYR K 618 -31.89 92.82 -12.00
C TYR K 618 -30.48 92.84 -12.60
N ASN K 619 -30.26 93.79 -13.49
CA ASN K 619 -29.01 93.90 -14.23
C ASN K 619 -28.14 95.03 -13.69
N ALA K 620 -26.86 94.74 -13.46
CA ALA K 620 -25.89 95.72 -13.00
C ALA K 620 -25.78 96.97 -13.91
N GLN K 621 -25.95 96.78 -15.21
CA GLN K 621 -25.88 97.86 -16.19
C GLN K 621 -27.10 98.79 -16.14
N LYS K 622 -28.29 98.21 -16.05
CA LYS K 622 -29.52 98.99 -16.01
C LYS K 622 -29.70 99.79 -14.72
N MET K 623 -28.95 99.43 -13.67
CA MET K 623 -29.02 100.16 -12.42
C MET K 623 -28.02 101.32 -12.39
N SER K 624 -26.79 101.07 -12.83
CA SER K 624 -25.80 102.12 -12.97
C SER K 624 -26.18 103.09 -14.09
N ASP K 625 -27.09 102.64 -14.95
CA ASP K 625 -27.64 103.47 -16.02
C ASP K 625 -28.65 104.48 -15.49
N ALA K 626 -29.78 103.96 -15.00
CA ALA K 626 -30.84 104.81 -14.49
C ALA K 626 -30.38 105.65 -13.29
N ILE K 627 -29.29 105.23 -12.65
CA ILE K 627 -28.70 106.02 -11.57
C ILE K 627 -27.98 107.25 -12.12
N SER K 628 -27.19 107.09 -13.18
CA SER K 628 -26.46 108.21 -13.77
C SER K 628 -27.33 109.03 -14.77
N LYS K 629 -28.62 108.71 -14.84
CA LYS K 629 -29.61 109.55 -15.51
C LYS K 629 -30.18 110.53 -14.50
N ILE K 630 -30.22 110.09 -13.25
CA ILE K 630 -30.70 110.89 -12.14
C ILE K 630 -29.66 111.95 -11.73
N GLU K 631 -28.39 111.55 -11.66
CA GLU K 631 -27.33 112.49 -11.29
C GLU K 631 -27.35 113.72 -12.18
N LYS K 632 -27.73 113.52 -13.44
CA LYS K 632 -27.67 114.58 -14.45
C LYS K 632 -28.97 115.41 -14.57
N ALA K 633 -30.00 115.04 -13.82
CA ALA K 633 -31.25 115.79 -13.84
C ALA K 633 -31.65 116.27 -12.43
N ILE K 634 -30.65 116.71 -11.66
CA ILE K 634 -30.82 116.96 -10.23
C ILE K 634 -30.21 118.28 -9.78
N PRO K 635 -30.84 118.92 -8.78
CA PRO K 635 -30.26 120.09 -8.12
C PRO K 635 -28.84 119.75 -7.68
N PRO K 636 -27.83 120.21 -8.43
CA PRO K 636 -26.44 119.84 -8.12
C PRO K 636 -26.12 119.96 -6.64
N GLY K 637 -25.71 118.84 -6.05
CA GLY K 637 -25.45 118.74 -4.63
C GLY K 637 -26.36 117.77 -3.89
N ARG K 638 -27.49 117.45 -4.53
CA ARG K 638 -28.45 116.50 -3.97
C ARG K 638 -27.85 115.12 -3.96
N GLY K 639 -28.08 114.37 -2.88
CA GLY K 639 -27.62 113.00 -2.79
C GLY K 639 -28.70 112.01 -3.19
N ILE K 640 -28.26 110.84 -3.66
CA ILE K 640 -29.20 109.79 -4.02
C ILE K 640 -29.20 108.72 -2.94
N THR K 641 -30.37 108.14 -2.72
CA THR K 641 -30.55 107.07 -1.75
C THR K 641 -31.14 105.83 -2.42
N VAL K 642 -30.36 104.74 -2.42
CA VAL K 642 -30.81 103.49 -2.99
C VAL K 642 -31.34 102.56 -1.89
N ASN K 643 -32.41 101.85 -2.23
CA ASN K 643 -33.10 100.94 -1.31
C ASN K 643 -32.88 99.47 -1.71
N LEU K 644 -32.09 98.76 -0.92
CA LEU K 644 -31.74 97.37 -1.20
C LEU K 644 -32.48 96.40 -0.30
N ILE K 645 -32.98 95.34 -0.92
CA ILE K 645 -33.70 94.28 -0.21
C ILE K 645 -32.74 93.23 0.37
N TYR K 646 -32.83 93.00 1.68
CA TYR K 646 -31.87 92.14 2.37
C TYR K 646 -32.13 90.64 2.19
N VAL K 647 -33.39 90.26 1.98
CA VAL K 647 -33.77 88.86 1.71
C VAL K 647 -33.63 88.54 0.22
N ASN K 648 -32.77 89.30 -0.45
CA ASN K 648 -32.37 89.01 -1.82
C ASN K 648 -30.85 89.10 -1.92
N PRO K 649 -30.13 88.27 -1.15
CA PRO K 649 -28.66 88.36 -1.03
C PRO K 649 -27.98 88.06 -2.36
N ARG K 650 -28.70 87.41 -3.28
CA ARG K 650 -28.17 87.14 -4.61
C ARG K 650 -27.97 88.44 -5.38
N ALA K 651 -29.08 89.13 -5.68
CA ALA K 651 -29.03 90.39 -6.42
C ALA K 651 -28.31 91.48 -5.62
N MET K 652 -28.50 91.48 -4.31
CA MET K 652 -27.85 92.44 -3.42
C MET K 652 -26.34 92.16 -3.31
N GLY K 653 -25.90 91.06 -3.92
CA GLY K 653 -24.50 90.70 -3.93
C GLY K 653 -23.67 91.65 -4.78
N TRP K 654 -24.18 91.95 -5.97
CA TRP K 654 -23.50 92.86 -6.89
C TRP K 654 -23.87 94.32 -6.63
N GLN K 655 -25.11 94.54 -6.18
CA GLN K 655 -25.65 95.88 -5.97
C GLN K 655 -24.76 96.71 -5.03
N ILE K 656 -24.37 96.13 -3.91
CA ILE K 656 -23.63 96.88 -2.88
C ILE K 656 -22.23 97.34 -3.28
N PRO K 657 -21.41 96.44 -3.85
CA PRO K 657 -20.10 96.87 -4.34
C PRO K 657 -20.21 97.69 -5.62
N LEU K 658 -21.40 97.69 -6.24
CA LEU K 658 -21.69 98.57 -7.37
C LEU K 658 -21.86 100.01 -6.90
N LEU K 659 -22.73 100.21 -5.92
CA LEU K 659 -22.90 101.52 -5.31
C LEU K 659 -21.56 102.06 -4.85
N GLY K 660 -20.89 101.29 -3.99
CA GLY K 660 -19.60 101.67 -3.46
C GLY K 660 -18.61 102.10 -4.52
N ARG K 661 -18.64 101.40 -5.65
CA ARG K 661 -17.76 101.70 -6.77
C ARG K 661 -18.15 103.01 -7.46
N LEU K 662 -19.46 103.22 -7.61
CA LEU K 662 -19.99 104.42 -8.21
C LEU K 662 -19.59 105.67 -7.43
N ARG K 663 -19.84 105.66 -6.13
CA ARG K 663 -19.50 106.78 -5.25
C ARG K 663 -18.05 107.23 -5.43
N ALA K 664 -17.15 106.26 -5.60
CA ALA K 664 -15.72 106.54 -5.74
C ALA K 664 -15.38 107.30 -7.03
N ASP K 665 -16.32 107.27 -7.98
CA ASP K 665 -16.16 107.97 -9.25
C ASP K 665 -16.74 109.38 -9.21
N GLY K 666 -17.57 109.63 -8.20
CA GLY K 666 -18.16 110.95 -8.02
C GLY K 666 -19.66 110.89 -7.98
N VAL K 667 -20.24 109.83 -8.52
CA VAL K 667 -21.69 109.70 -8.52
C VAL K 667 -22.28 110.00 -7.13
N PRO K 668 -23.35 110.82 -7.12
CA PRO K 668 -23.88 111.49 -5.93
C PRO K 668 -24.71 110.58 -5.03
N ILE K 669 -24.19 109.42 -4.65
CA ILE K 669 -24.92 108.57 -3.72
C ILE K 669 -24.34 108.71 -2.32
N GLU K 670 -25.16 109.24 -1.41
CA GLU K 670 -24.69 109.43 -0.04
C GLU K 670 -25.67 108.79 0.95
N GLY K 671 -26.52 107.91 0.43
CA GLY K 671 -27.53 107.29 1.26
C GLY K 671 -27.87 105.88 0.84
N LEU K 672 -27.85 104.97 1.81
CA LEU K 672 -28.21 103.58 1.60
C LEU K 672 -29.35 103.15 2.53
N THR K 673 -30.30 102.37 2.00
CA THR K 673 -31.42 101.86 2.78
C THR K 673 -31.61 100.35 2.60
N ILE K 674 -31.57 99.61 3.71
CA ILE K 674 -31.69 98.16 3.71
C ILE K 674 -33.04 97.73 4.25
N GLY K 675 -33.89 97.21 3.37
CA GLY K 675 -35.24 96.83 3.75
C GLY K 675 -35.41 95.34 3.95
N ALA K 676 -36.52 94.98 4.61
CA ALA K 676 -36.85 93.59 4.91
C ALA K 676 -35.68 92.83 5.52
N GLY K 677 -35.53 92.93 6.83
CA GLY K 677 -34.43 92.26 7.51
C GLY K 677 -33.35 93.22 7.95
N VAL K 678 -32.90 93.06 9.18
CA VAL K 678 -31.88 93.91 9.79
C VAL K 678 -30.53 93.22 9.77
N PRO K 679 -29.58 93.75 9.00
CA PRO K 679 -28.23 93.17 8.88
C PRO K 679 -27.57 92.88 10.21
N SER K 680 -26.59 91.99 10.17
CA SER K 680 -25.84 91.70 11.36
C SER K 680 -24.91 92.87 11.63
N ILE K 681 -24.51 92.98 12.88
CA ILE K 681 -23.67 94.10 13.32
C ILE K 681 -22.45 94.35 12.42
N GLU K 682 -21.70 93.29 12.11
CA GLU K 682 -20.53 93.44 11.25
C GLU K 682 -20.87 93.50 9.76
N VAL K 683 -22.09 93.05 9.41
CA VAL K 683 -22.57 93.18 8.04
C VAL K 683 -22.81 94.65 7.72
N ALA K 684 -23.40 95.35 8.70
CA ALA K 684 -23.60 96.79 8.56
C ALA K 684 -22.27 97.56 8.60
N ASN K 685 -21.41 97.20 9.55
CA ASN K 685 -20.10 97.85 9.70
C ASN K 685 -19.30 97.98 8.40
N GLU K 686 -19.34 96.93 7.59
CA GLU K 686 -18.77 96.98 6.24
C GLU K 686 -19.44 98.07 5.41
N TYR K 687 -20.74 97.90 5.17
CA TYR K 687 -21.51 98.89 4.41
C TYR K 687 -21.11 100.31 4.78
N ILE K 688 -21.19 100.60 6.07
CA ILE K 688 -20.84 101.90 6.63
C ILE K 688 -19.48 102.41 6.16
N GLN K 689 -18.42 101.62 6.36
CA GLN K 689 -17.06 102.10 6.13
C GLN K 689 -16.41 101.59 4.84
N THR K 690 -17.22 101.03 3.94
CA THR K 690 -16.72 100.52 2.66
C THR K 690 -17.20 101.39 1.50
N LEU K 691 -18.51 101.39 1.28
CA LEU K 691 -19.13 102.28 0.32
C LEU K 691 -19.26 103.64 1.01
N GLY K 692 -18.70 104.69 0.42
CA GLY K 692 -18.66 106.00 1.05
C GLY K 692 -20.00 106.70 1.17
N ILE K 693 -20.90 106.17 2.00
CA ILE K 693 -22.20 106.79 2.22
C ILE K 693 -22.15 107.73 3.41
N ARG K 694 -23.10 108.65 3.45
CA ARG K 694 -23.15 109.66 4.49
C ARG K 694 -24.20 109.28 5.54
N HIS K 695 -25.24 108.59 5.10
CA HIS K 695 -26.25 108.07 6.02
C HIS K 695 -26.69 106.66 5.66
N ILE K 696 -27.15 105.91 6.65
CA ILE K 696 -27.62 104.53 6.44
C ILE K 696 -28.98 104.28 7.12
N SER K 697 -29.93 103.75 6.35
CA SER K 697 -31.31 103.65 6.85
C SER K 697 -31.84 102.20 6.94
N PHE K 698 -32.22 101.77 8.15
CA PHE K 698 -32.76 100.43 8.37
C PHE K 698 -34.27 100.44 8.57
N LYS K 699 -34.95 99.42 8.09
CA LYS K 699 -36.38 99.28 8.36
C LYS K 699 -36.64 98.07 9.25
N PRO K 700 -36.69 98.29 10.58
CA PRO K 700 -37.06 97.23 11.53
C PRO K 700 -38.57 97.03 11.55
N GLY K 701 -39.00 95.91 12.14
CA GLY K 701 -40.39 95.53 12.13
C GLY K 701 -40.82 94.83 13.40
N SER K 702 -39.85 94.47 14.23
CA SER K 702 -40.17 93.88 15.52
C SER K 702 -39.41 94.54 16.67
N VAL K 703 -39.94 94.36 17.87
CA VAL K 703 -39.39 94.93 19.10
C VAL K 703 -37.86 94.73 19.22
N ASP K 704 -37.40 93.52 18.88
CA ASP K 704 -35.99 93.20 18.96
C ASP K 704 -35.25 93.68 17.73
N ALA K 705 -35.97 93.80 16.61
CA ALA K 705 -35.41 94.34 15.37
C ALA K 705 -34.91 95.74 15.65
N ILE K 706 -35.68 96.47 16.45
CA ILE K 706 -35.30 97.80 16.89
C ILE K 706 -33.98 97.76 17.65
N GLN K 707 -33.95 96.97 18.72
CA GLN K 707 -32.75 96.80 19.52
C GLN K 707 -31.51 96.48 18.68
N GLN K 708 -31.73 95.76 17.59
CA GLN K 708 -30.66 95.50 16.64
C GLN K 708 -30.08 96.82 16.20
N VAL K 709 -30.92 97.58 15.50
CA VAL K 709 -30.56 98.89 14.97
C VAL K 709 -29.82 99.71 16.03
N ILE K 710 -30.33 99.71 17.26
CA ILE K 710 -29.74 100.49 18.34
C ILE K 710 -28.27 100.11 18.52
N ASN K 711 -28.00 98.82 18.49
CA ASN K 711 -26.64 98.34 18.67
C ASN K 711 -25.77 98.66 17.48
N ILE K 712 -26.39 98.63 16.30
CA ILE K 712 -25.70 99.01 15.08
C ILE K 712 -25.24 100.45 15.25
N ALA K 713 -26.06 101.20 15.99
CA ALA K 713 -25.81 102.61 16.23
C ALA K 713 -24.73 102.80 17.29
N LYS K 714 -24.83 102.05 18.38
CA LYS K 714 -23.83 102.10 19.45
C LYS K 714 -22.49 101.67 18.89
N ALA K 715 -22.57 100.88 17.82
CA ALA K 715 -21.39 100.41 17.09
C ALA K 715 -20.62 101.55 16.44
N ASN K 716 -21.37 102.45 15.80
CA ASN K 716 -20.78 103.64 15.18
C ASN K 716 -21.41 104.91 15.72
N PRO K 717 -20.88 105.40 16.85
CA PRO K 717 -21.48 106.55 17.54
C PRO K 717 -21.22 107.87 16.80
N THR K 718 -20.68 107.80 15.59
CA THR K 718 -20.36 109.00 14.82
C THR K 718 -21.06 108.99 13.46
N PHE K 719 -22.12 108.21 13.32
CA PHE K 719 -22.71 108.02 12.01
C PHE K 719 -24.23 108.08 12.01
N PRO K 720 -24.78 108.74 10.98
CA PRO K 720 -26.22 108.91 10.67
C PRO K 720 -26.94 107.59 10.45
N ILE K 721 -27.90 107.29 11.31
CA ILE K 721 -28.66 106.05 11.20
C ILE K 721 -30.16 106.30 11.24
N ILE K 722 -30.73 106.53 10.07
CA ILE K 722 -32.16 106.79 9.94
C ILE K 722 -32.97 105.53 10.25
N LEU K 723 -33.65 105.53 11.39
CA LEU K 723 -34.41 104.36 11.83
C LEU K 723 -35.87 104.36 11.37
N GLN K 724 -36.08 104.21 10.07
CA GLN K 724 -37.44 104.16 9.53
C GLN K 724 -38.27 103.06 10.18
N TRP K 725 -39.23 103.47 11.00
CA TRP K 725 -40.09 102.52 11.66
C TRP K 725 -41.39 102.28 10.88
N THR K 726 -41.61 101.02 10.50
CA THR K 726 -42.86 100.66 9.84
C THR K 726 -43.77 99.88 10.79
N GLY K 727 -45.07 99.94 10.52
CA GLY K 727 -46.04 99.19 11.30
C GLY K 727 -46.65 98.05 10.50
N GLY K 728 -47.60 97.36 11.12
CA GLY K 728 -48.25 96.24 10.47
C GLY K 728 -49.02 96.64 9.23
N ARG K 729 -49.52 97.87 9.22
CA ARG K 729 -50.40 98.33 8.14
C ARG K 729 -49.68 98.92 6.92
N GLY K 730 -48.42 98.51 6.72
CA GLY K 730 -47.65 98.96 5.58
C GLY K 730 -48.08 98.29 4.28
N GLY K 731 -47.55 98.75 3.14
CA GLY K 731 -47.81 98.12 1.86
C GLY K 731 -46.95 96.89 1.65
N GLY K 732 -47.50 95.87 0.98
CA GLY K 732 -46.77 94.65 0.68
C GLY K 732 -46.24 93.92 1.91
N HIS K 733 -44.94 93.64 1.90
CA HIS K 733 -44.26 92.99 3.02
C HIS K 733 -44.45 93.74 4.35
N HIS K 734 -45.26 93.15 5.23
CA HIS K 734 -45.65 93.79 6.49
C HIS K 734 -45.48 92.86 7.68
N SER K 735 -44.96 93.37 8.79
CA SER K 735 -44.89 92.56 10.01
C SER K 735 -46.29 92.31 10.56
N PHE K 736 -46.36 91.72 11.75
CA PHE K 736 -47.64 91.52 12.43
C PHE K 736 -47.71 92.43 13.65
N GLU K 737 -46.83 93.42 13.67
CA GLU K 737 -46.70 94.34 14.79
C GLU K 737 -47.67 95.54 14.73
N ASP K 738 -47.93 96.12 15.89
CA ASP K 738 -48.71 97.35 15.98
C ASP K 738 -47.75 98.54 15.95
N PHE K 739 -48.26 99.66 15.44
CA PHE K 739 -47.47 100.88 15.30
C PHE K 739 -46.95 101.41 16.65
N HIS K 740 -47.81 101.33 17.65
CA HIS K 740 -47.66 102.14 18.86
C HIS K 740 -46.85 101.48 19.96
N GLN K 741 -47.28 100.30 20.39
CA GLN K 741 -46.70 99.67 21.57
C GLN K 741 -45.21 99.30 21.50
N PRO K 742 -44.70 99.03 20.28
CA PRO K 742 -43.25 98.81 20.14
C PRO K 742 -42.44 100.08 20.38
N ILE K 743 -42.91 101.17 19.79
CA ILE K 743 -42.26 102.46 19.93
C ILE K 743 -42.43 102.94 21.35
N LEU K 744 -43.67 102.78 21.86
CA LEU K 744 -44.01 103.15 23.23
C LEU K 744 -43.12 102.42 24.24
N LEU K 745 -42.41 101.39 23.79
CA LEU K 745 -41.64 100.54 24.68
C LEU K 745 -40.16 100.79 24.47
N MET K 746 -39.83 101.23 23.27
CA MET K 746 -38.44 101.35 22.90
C MET K 746 -37.97 102.78 22.90
N TYR K 747 -38.89 103.70 22.61
CA TYR K 747 -38.57 105.10 22.40
C TYR K 747 -37.42 105.59 23.28
N SER K 748 -37.54 105.35 24.57
CA SER K 748 -36.51 105.78 25.51
C SER K 748 -35.10 105.37 25.08
N ARG K 749 -34.92 104.08 24.82
CA ARG K 749 -33.61 103.56 24.48
C ARG K 749 -33.14 104.09 23.12
N ILE K 750 -34.06 104.18 22.17
CA ILE K 750 -33.74 104.66 20.84
C ILE K 750 -33.10 106.04 20.98
N ARG K 751 -33.83 106.93 21.67
CA ARG K 751 -33.41 108.32 21.86
C ARG K 751 -32.03 108.42 22.48
N LYS K 752 -31.73 107.52 23.42
CA LYS K 752 -30.48 107.56 24.18
C LYS K 752 -29.27 107.29 23.31
N CYS K 753 -29.55 107.04 22.04
CA CYS K 753 -28.54 107.05 21.01
C CYS K 753 -28.77 108.26 20.07
N SER K 754 -27.78 109.15 19.99
CA SER K 754 -27.90 110.39 19.22
C SER K 754 -27.93 110.18 17.70
N ASN K 755 -27.34 109.07 17.26
CA ASN K 755 -27.18 108.78 15.83
C ASN K 755 -28.50 108.47 15.13
N ILE K 756 -29.54 108.24 15.91
CA ILE K 756 -30.79 107.72 15.35
C ILE K 756 -31.76 108.81 14.93
N VAL K 757 -32.31 108.66 13.74
CA VAL K 757 -33.34 109.54 13.25
C VAL K 757 -34.67 108.79 13.18
N LEU K 758 -35.38 108.79 14.30
CA LEU K 758 -36.65 108.08 14.39
C LEU K 758 -37.69 108.65 13.43
N VAL K 759 -37.93 107.95 12.34
CA VAL K 759 -38.81 108.44 11.29
C VAL K 759 -40.10 107.62 11.18
N ALA K 760 -41.20 108.16 11.70
CA ALA K 760 -42.48 107.46 11.63
C ALA K 760 -42.90 107.22 10.18
N GLY K 761 -43.42 106.04 9.90
CA GLY K 761 -43.90 105.68 8.58
C GLY K 761 -44.92 104.57 8.66
N SER K 762 -45.78 104.47 7.65
CA SER K 762 -46.88 103.49 7.61
C SER K 762 -48.23 104.12 8.02
N GLY K 763 -49.23 103.98 7.14
CA GLY K 763 -50.60 104.41 7.42
C GLY K 763 -50.93 105.85 7.13
N PHE K 764 -49.91 106.69 6.99
CA PHE K 764 -50.07 108.14 6.82
C PHE K 764 -50.47 108.56 5.39
N GLY K 765 -51.26 109.63 5.29
CA GLY K 765 -51.65 110.16 4.00
C GLY K 765 -51.78 111.66 3.97
N GLY K 766 -51.56 112.29 5.13
CA GLY K 766 -51.65 113.73 5.26
C GLY K 766 -50.84 114.33 6.40
N SER K 767 -50.77 115.66 6.44
CA SER K 767 -50.07 116.40 7.48
C SER K 767 -50.86 116.43 8.80
N GLU K 768 -52.17 116.21 8.69
CA GLU K 768 -53.11 116.23 9.81
C GLU K 768 -52.90 115.07 10.78
N ASP K 769 -52.76 113.87 10.23
CA ASP K 769 -52.51 112.66 11.01
C ASP K 769 -51.02 112.53 11.30
N THR K 770 -50.22 113.00 10.34
CA THR K 770 -48.79 113.01 10.50
C THR K 770 -48.42 113.86 11.70
N TYR K 771 -48.95 115.07 11.70
CA TYR K 771 -48.61 116.08 12.70
C TYR K 771 -48.43 115.50 14.12
N PRO K 772 -49.47 114.81 14.62
CA PRO K 772 -49.45 114.23 15.97
C PRO K 772 -48.15 113.47 16.33
N TYR K 773 -47.67 112.58 15.45
CA TYR K 773 -46.42 111.85 15.70
C TYR K 773 -45.22 112.77 15.51
N LEU K 774 -45.35 113.65 14.52
CA LEU K 774 -44.34 114.65 14.22
C LEU K 774 -44.13 115.51 15.46
N THR K 775 -45.21 115.68 16.22
CA THR K 775 -45.17 116.36 17.51
C THR K 775 -44.56 115.44 18.59
N GLY K 776 -45.38 114.51 19.05
CA GLY K 776 -45.10 113.67 20.21
C GLY K 776 -46.37 113.63 21.07
N SER K 777 -47.49 113.96 20.42
CA SER K 777 -48.80 114.06 21.06
C SER K 777 -49.62 112.75 21.06
N TRP K 778 -49.44 111.94 20.01
CA TRP K 778 -50.07 110.62 19.91
C TRP K 778 -49.85 109.79 21.19
N SER K 779 -48.64 109.88 21.75
CA SER K 779 -48.16 109.05 22.86
C SER K 779 -48.79 109.38 24.21
N THR K 780 -49.45 110.53 24.27
CA THR K 780 -50.11 110.96 25.49
C THR K 780 -51.42 110.20 25.64
N LYS K 781 -52.07 109.90 24.51
CA LYS K 781 -53.32 109.11 24.51
C LYS K 781 -53.12 107.73 25.15
N PHE K 782 -51.87 107.28 25.18
CA PHE K 782 -51.51 105.99 25.76
C PHE K 782 -50.84 106.14 27.12
N GLY K 783 -51.28 107.15 27.87
CA GLY K 783 -50.83 107.37 29.23
C GLY K 783 -49.34 107.56 29.37
N TYR K 784 -48.70 108.02 28.29
CA TYR K 784 -47.25 108.25 28.32
C TYR K 784 -46.87 109.65 27.87
N PRO K 785 -45.71 110.17 28.37
CA PRO K 785 -45.17 111.48 27.98
C PRO K 785 -45.08 111.64 26.46
N PRO K 786 -45.08 112.90 25.97
CA PRO K 786 -44.87 113.20 24.55
C PRO K 786 -43.58 112.59 23.97
N MET K 787 -43.75 111.92 22.82
CA MET K 787 -42.66 111.24 22.14
C MET K 787 -42.55 111.63 20.68
N PRO K 788 -41.80 112.72 20.41
CA PRO K 788 -41.52 113.32 19.10
C PRO K 788 -40.88 112.36 18.08
N PHE K 789 -41.30 112.52 16.84
CA PHE K 789 -40.64 111.85 15.74
C PHE K 789 -39.84 112.87 14.92
N ASP K 790 -38.70 112.43 14.37
CA ASP K 790 -37.82 113.32 13.62
C ASP K 790 -38.20 113.43 12.13
N GLY K 791 -39.41 113.03 11.80
CA GLY K 791 -39.92 113.15 10.45
C GLY K 791 -41.08 112.21 10.24
N CYS K 792 -41.47 112.04 8.98
CA CYS K 792 -42.51 111.08 8.62
C CYS K 792 -42.30 110.53 7.20
N MET K 793 -42.86 109.35 6.96
CA MET K 793 -42.56 108.60 5.75
C MET K 793 -43.84 108.27 4.99
N PHE K 794 -43.76 108.40 3.66
CA PHE K 794 -44.92 108.16 2.80
C PHE K 794 -44.66 107.12 1.71
N GLY K 795 -45.55 106.14 1.63
CA GLY K 795 -45.44 105.12 0.62
C GLY K 795 -46.71 105.03 -0.20
N SER K 796 -47.71 104.33 0.35
CA SER K 796 -48.96 104.07 -0.34
C SER K 796 -49.58 105.36 -0.90
N ARG K 797 -49.36 106.46 -0.19
CA ARG K 797 -49.90 107.77 -0.55
C ARG K 797 -49.52 108.23 -1.99
N MET K 798 -48.21 108.30 -2.24
CA MET K 798 -47.66 108.89 -3.46
C MET K 798 -48.01 108.10 -4.72
N MET K 799 -48.57 106.90 -4.54
CA MET K 799 -48.81 105.99 -5.66
C MET K 799 -49.67 106.65 -6.74
N THR K 800 -50.57 107.52 -6.33
CA THR K 800 -51.45 108.19 -7.28
C THR K 800 -50.91 109.53 -7.78
N ALA K 801 -49.63 109.79 -7.54
CA ALA K 801 -48.96 110.99 -8.09
C ALA K 801 -48.92 110.87 -9.62
N LYS K 802 -49.24 111.95 -10.32
CA LYS K 802 -49.33 111.93 -11.78
C LYS K 802 -47.99 111.60 -12.43
N GLU K 803 -46.90 111.79 -11.67
CA GLU K 803 -45.53 111.52 -12.12
C GLU K 803 -45.06 110.13 -11.66
N ALA K 804 -45.99 109.38 -11.06
CA ALA K 804 -45.81 107.95 -10.77
C ALA K 804 -46.28 107.15 -11.97
N HIS K 805 -45.71 105.96 -12.13
CA HIS K 805 -46.01 105.18 -13.32
C HIS K 805 -47.26 104.34 -13.18
N THR K 806 -47.81 104.34 -11.95
CA THR K 806 -49.04 103.62 -11.66
C THR K 806 -50.05 103.88 -12.75
N SER K 807 -50.51 102.81 -13.39
CA SER K 807 -51.45 102.91 -14.51
C SER K 807 -52.65 103.77 -14.15
N LYS K 808 -53.42 104.17 -15.16
CA LYS K 808 -54.54 105.06 -14.91
C LYS K 808 -55.60 104.38 -14.06
N GLN K 809 -56.27 103.37 -14.63
CA GLN K 809 -57.33 102.66 -13.93
C GLN K 809 -56.87 102.06 -12.58
N ALA K 810 -55.57 101.85 -12.46
CA ALA K 810 -54.97 101.38 -11.21
C ALA K 810 -55.08 102.45 -10.14
N LYS K 811 -54.42 103.59 -10.37
CA LYS K 811 -54.52 104.73 -9.46
C LYS K 811 -55.97 104.99 -9.07
N GLN K 812 -56.87 104.88 -10.05
CA GLN K 812 -58.31 105.01 -9.81
C GLN K 812 -58.72 104.04 -8.72
N ALA K 813 -58.61 102.75 -9.02
CA ALA K 813 -58.93 101.68 -8.08
C ALA K 813 -58.23 101.84 -6.71
N ILE K 814 -57.11 102.58 -6.69
CA ILE K 814 -56.35 102.85 -5.45
C ILE K 814 -57.07 103.82 -4.53
N VAL K 815 -57.40 104.98 -5.07
CA VAL K 815 -58.21 105.97 -4.37
C VAL K 815 -59.49 105.32 -3.85
N ASP K 816 -60.17 104.62 -4.78
CA ASP K 816 -61.45 103.96 -4.57
C ASP K 816 -61.44 102.98 -3.41
N ALA K 817 -60.25 102.65 -2.92
CA ALA K 817 -60.15 101.83 -1.72
C ALA K 817 -60.55 102.67 -0.52
N PRO K 818 -61.67 102.27 0.14
CA PRO K 818 -62.07 102.90 1.39
C PRO K 818 -61.14 102.41 2.51
N GLY K 819 -60.21 103.25 2.95
CA GLY K 819 -59.30 102.86 4.01
C GLY K 819 -60.00 102.38 5.28
N VAL K 820 -59.21 101.95 6.25
CA VAL K 820 -59.75 101.59 7.56
C VAL K 820 -58.81 102.16 8.62
N ASP K 821 -59.38 102.51 9.76
CA ASP K 821 -58.62 103.13 10.84
C ASP K 821 -57.67 102.13 11.46
N ASP K 822 -56.75 102.61 12.29
CA ASP K 822 -55.84 101.74 13.03
C ASP K 822 -56.62 100.67 13.80
N ASP K 823 -57.91 100.94 14.05
CA ASP K 823 -58.80 100.00 14.73
C ASP K 823 -58.73 98.61 14.15
N GLN K 824 -59.34 98.46 12.97
CA GLN K 824 -59.49 97.15 12.35
C GLN K 824 -58.52 96.94 11.20
N TRP K 825 -57.25 97.25 11.44
CA TRP K 825 -56.26 97.07 10.39
C TRP K 825 -55.89 95.60 10.25
N GLU K 826 -55.78 94.91 11.38
CA GLU K 826 -55.43 93.49 11.38
C GLU K 826 -56.44 92.61 10.66
N ASN K 827 -57.63 93.16 10.41
CA ASN K 827 -58.68 92.43 9.70
C ASN K 827 -58.34 92.03 8.26
N THR K 828 -57.19 92.51 7.79
CA THR K 828 -56.72 92.16 6.45
C THR K 828 -56.54 90.65 6.39
N TYR K 829 -55.93 90.11 7.44
CA TYR K 829 -55.54 88.70 7.50
C TYR K 829 -56.68 87.72 7.18
N LYS K 830 -57.91 88.16 7.42
CA LYS K 830 -59.08 87.29 7.28
C LYS K 830 -60.08 87.74 6.20
N ARG K 831 -60.26 89.04 6.05
CA ARG K 831 -61.27 89.57 5.15
C ARG K 831 -60.72 90.58 4.15
N PRO K 832 -61.51 90.88 3.10
CA PRO K 832 -61.23 91.98 2.18
C PRO K 832 -61.51 93.33 2.89
N THR K 833 -60.77 93.55 3.98
CA THR K 833 -60.94 94.74 4.81
C THR K 833 -60.56 96.03 4.08
N GLY K 834 -61.52 96.94 3.97
CA GLY K 834 -61.33 98.16 3.22
C GLY K 834 -61.30 97.84 1.73
N GLY K 835 -60.12 97.99 1.14
CA GLY K 835 -59.89 97.64 -0.26
C GLY K 835 -58.68 96.74 -0.39
N VAL K 836 -57.97 96.56 0.73
CA VAL K 836 -56.78 95.73 0.76
C VAL K 836 -56.99 94.41 1.52
N ILE K 837 -56.32 93.36 1.04
CA ILE K 837 -56.35 92.07 1.69
C ILE K 837 -54.88 91.69 1.90
N THR K 838 -54.61 90.70 2.74
CA THR K 838 -53.25 90.17 2.87
C THR K 838 -53.11 88.78 2.23
N VAL K 839 -51.95 88.55 1.62
CA VAL K 839 -51.74 87.38 0.78
C VAL K 839 -50.27 87.03 0.75
N LEU K 840 -49.97 85.76 0.50
CA LEU K 840 -48.62 85.27 0.63
C LEU K 840 -47.80 85.32 -0.65
N SER K 841 -46.53 85.67 -0.49
CA SER K 841 -45.67 86.11 -1.58
C SER K 841 -45.00 84.98 -2.34
N GLU K 842 -44.18 85.35 -3.32
CA GLU K 842 -43.24 84.43 -3.94
C GLU K 842 -42.41 83.76 -2.84
N MET K 843 -41.70 84.57 -2.06
CA MET K 843 -40.84 84.09 -0.99
C MET K 843 -41.63 83.43 0.16
N GLY K 844 -42.95 83.63 0.16
CA GLY K 844 -43.83 83.06 1.17
C GLY K 844 -44.25 84.06 2.24
N GLU K 845 -43.84 85.31 2.03
CA GLU K 845 -44.07 86.37 3.01
C GLU K 845 -45.45 87.00 2.87
N PRO K 846 -45.94 87.63 3.94
CA PRO K 846 -47.24 88.30 3.92
C PRO K 846 -47.20 89.58 3.08
N ILE K 847 -48.30 89.92 2.44
CA ILE K 847 -48.34 91.12 1.62
C ILE K 847 -49.70 91.81 1.72
N HIS K 848 -49.72 93.14 1.59
CA HIS K 848 -50.97 93.89 1.48
C HIS K 848 -51.22 94.35 0.05
N LYS K 849 -52.25 93.80 -0.57
CA LYS K 849 -52.58 94.14 -1.95
C LYS K 849 -53.99 94.66 -2.06
N LEU K 850 -54.22 95.49 -3.05
CA LEU K 850 -55.57 95.91 -3.35
C LEU K 850 -56.31 94.64 -3.66
N ALA K 851 -57.20 94.32 -2.76
CA ALA K 851 -57.94 93.08 -2.84
C ALA K 851 -58.79 93.07 -4.12
N THR K 852 -58.13 92.98 -5.26
CA THR K 852 -58.78 92.86 -6.58
C THR K 852 -59.36 91.45 -6.78
N ARG K 853 -60.05 91.24 -7.90
CA ARG K 853 -60.58 89.91 -8.23
C ARG K 853 -59.45 88.88 -8.22
N GLY K 854 -58.39 89.19 -8.96
CA GLY K 854 -57.20 88.34 -9.02
C GLY K 854 -56.63 88.08 -7.65
N VAL K 855 -56.28 89.13 -6.92
CA VAL K 855 -55.63 88.98 -5.60
C VAL K 855 -56.48 88.13 -4.65
N LEU K 856 -57.80 88.12 -4.89
CA LEU K 856 -58.71 87.35 -4.07
C LEU K 856 -58.59 85.86 -4.34
N PHE K 857 -58.58 85.50 -5.62
CA PHE K 857 -58.37 84.13 -6.04
C PHE K 857 -56.98 83.64 -5.63
N TRP K 858 -56.00 84.54 -5.73
CA TRP K 858 -54.64 84.26 -5.27
C TRP K 858 -54.63 83.89 -3.79
N LYS K 859 -55.41 84.61 -2.99
CA LYS K 859 -55.56 84.29 -1.58
C LYS K 859 -56.18 82.91 -1.40
N GLU K 860 -57.21 82.61 -2.21
CA GLU K 860 -57.83 81.28 -2.21
C GLU K 860 -56.84 80.15 -2.35
N LEU K 861 -56.02 80.21 -3.40
CA LEU K 861 -55.00 79.20 -3.67
C LEU K 861 -53.95 79.12 -2.54
N ASP K 862 -53.61 80.26 -1.95
CA ASP K 862 -52.73 80.29 -0.80
C ASP K 862 -53.21 79.30 0.24
N ASP K 863 -54.53 79.07 0.26
CA ASP K 863 -55.18 78.35 1.34
C ASP K 863 -55.57 76.93 0.95
N LYS K 864 -55.85 76.73 -0.33
CA LYS K 864 -56.32 75.43 -0.81
C LYS K 864 -55.24 74.64 -1.54
N ILE K 865 -54.32 75.36 -2.18
CA ILE K 865 -53.28 74.72 -2.98
C ILE K 865 -51.87 74.89 -2.41
N PHE K 866 -51.46 76.14 -2.20
CA PHE K 866 -50.12 76.40 -1.69
C PHE K 866 -50.01 76.10 -0.19
N SER K 867 -51.08 75.56 0.37
CA SER K 867 -51.12 75.18 1.77
C SER K 867 -50.62 73.76 1.98
N LEU K 868 -50.70 72.95 0.94
CA LEU K 868 -50.38 71.52 1.01
C LEU K 868 -48.92 71.26 0.67
N ASP K 869 -48.36 70.20 1.24
CA ASP K 869 -46.96 69.86 1.02
C ASP K 869 -46.66 69.68 -0.47
N ARG K 870 -45.45 70.07 -0.88
CA ARG K 870 -45.06 70.05 -2.29
C ARG K 870 -45.66 68.90 -3.10
N SER K 871 -45.61 67.71 -2.51
CA SER K 871 -46.06 66.50 -3.18
C SER K 871 -47.56 66.50 -3.49
N LYS K 872 -48.37 66.53 -2.43
CA LYS K 872 -49.81 66.38 -2.56
C LYS K 872 -50.45 67.52 -3.34
N ARG K 873 -49.61 68.43 -3.84
CA ARG K 873 -50.08 69.60 -4.56
C ARG K 873 -50.66 69.25 -5.92
N VAL K 874 -49.89 68.52 -6.72
CA VAL K 874 -50.34 68.19 -8.07
C VAL K 874 -51.67 67.45 -8.05
N ALA K 875 -51.82 66.56 -7.07
CA ALA K 875 -53.05 65.80 -6.91
C ALA K 875 -54.28 66.70 -6.82
N GLU K 876 -54.21 67.69 -5.94
CA GLU K 876 -55.33 68.60 -5.71
C GLU K 876 -55.61 69.50 -6.93
N LEU K 877 -54.55 69.89 -7.63
CA LEU K 877 -54.69 70.71 -8.83
C LEU K 877 -55.51 69.99 -9.88
N LYS K 878 -55.34 68.66 -9.95
CA LYS K 878 -56.09 67.86 -10.91
C LYS K 878 -57.56 67.67 -10.56
N LYS K 879 -57.88 67.72 -9.26
CA LYS K 879 -59.27 67.55 -8.85
C LYS K 879 -60.07 68.84 -9.02
N ARG K 880 -59.37 69.97 -9.00
CA ARG K 880 -60.02 71.27 -9.17
C ARG K 880 -59.55 71.95 -10.44
N ARG K 881 -59.01 71.16 -11.36
CA ARG K 881 -58.35 71.68 -12.56
C ARG K 881 -59.17 72.76 -13.29
N ASP K 882 -60.36 72.40 -13.74
CA ASP K 882 -61.17 73.31 -14.55
C ASP K 882 -61.74 74.47 -13.72
N TYR K 883 -61.86 74.29 -12.42
CA TYR K 883 -62.26 75.38 -11.55
C TYR K 883 -61.14 76.42 -11.47
N ILE K 884 -59.90 75.95 -11.33
CA ILE K 884 -58.73 76.84 -11.26
C ILE K 884 -58.46 77.47 -12.63
N ILE K 885 -58.94 76.81 -13.66
CA ILE K 885 -58.74 77.27 -15.03
C ILE K 885 -59.72 78.40 -15.39
N LYS K 886 -60.96 78.29 -14.89
CA LYS K 886 -61.94 79.34 -15.05
C LYS K 886 -61.46 80.60 -14.33
N LYS K 887 -61.12 80.45 -13.06
CA LYS K 887 -60.61 81.55 -12.24
C LYS K 887 -59.35 82.20 -12.82
N LEU K 888 -58.46 81.39 -13.36
CA LEU K 888 -57.34 81.90 -14.13
C LEU K 888 -57.80 82.76 -15.32
N ASN K 889 -58.53 82.13 -16.24
CA ASN K 889 -59.01 82.77 -17.46
C ASN K 889 -59.79 84.08 -17.21
N ASP K 890 -60.59 84.08 -16.17
CA ASP K 890 -61.52 85.18 -15.93
C ASP K 890 -60.86 86.38 -15.28
N ASP K 891 -60.36 86.22 -14.06
CA ASP K 891 -59.86 87.37 -13.30
C ASP K 891 -58.53 87.16 -12.59
N PHE K 892 -57.49 86.88 -13.38
CA PHE K 892 -56.15 86.90 -12.84
C PHE K 892 -55.16 87.53 -13.81
N GLN K 893 -54.14 88.19 -13.26
CA GLN K 893 -53.04 88.78 -14.02
C GLN K 893 -52.62 87.90 -15.17
N LYS K 894 -52.43 86.62 -14.87
CA LYS K 894 -52.01 85.63 -15.84
C LYS K 894 -53.17 84.72 -16.25
N VAL K 895 -53.23 84.44 -17.53
CA VAL K 895 -54.34 83.69 -18.09
C VAL K 895 -53.94 82.24 -18.21
N TRP K 896 -54.91 81.41 -18.56
CA TRP K 896 -54.59 80.04 -18.92
C TRP K 896 -54.29 79.98 -20.42
N PHE K 897 -53.03 79.68 -20.74
CA PHE K 897 -52.56 79.59 -22.13
C PHE K 897 -53.26 78.47 -22.94
N GLY K 898 -54.54 78.23 -22.68
CA GLY K 898 -55.16 77.01 -23.12
C GLY K 898 -56.07 77.06 -24.31
N ARG K 899 -56.30 78.24 -24.89
CA ARG K 899 -57.39 78.35 -25.85
C ARG K 899 -57.12 77.83 -27.25
N ASN K 900 -58.16 77.28 -27.87
CA ASN K 900 -58.08 76.78 -29.23
C ASN K 900 -58.48 77.84 -30.25
N SER K 901 -58.50 77.45 -31.52
CA SER K 901 -58.84 78.35 -32.61
C SER K 901 -60.20 79.00 -32.40
N ALA K 902 -61.16 78.23 -31.91
CA ALA K 902 -62.52 78.71 -31.72
C ALA K 902 -62.71 79.52 -30.43
N GLY K 903 -61.60 79.90 -29.80
CA GLY K 903 -61.63 80.80 -28.66
C GLY K 903 -61.94 80.15 -27.32
N GLU K 904 -62.26 78.85 -27.33
CA GLU K 904 -62.57 78.11 -26.12
C GLU K 904 -61.33 77.57 -25.42
N PRO K 905 -61.38 77.45 -24.09
CA PRO K 905 -60.23 76.98 -23.31
C PRO K 905 -60.06 75.45 -23.38
N VAL K 906 -58.86 75.00 -23.74
CA VAL K 906 -58.55 73.57 -23.85
C VAL K 906 -57.24 73.27 -23.14
N ASP K 907 -56.83 72.00 -23.15
CA ASP K 907 -55.58 71.58 -22.55
C ASP K 907 -54.44 71.94 -23.49
N LEU K 908 -53.30 72.36 -22.92
CA LEU K 908 -52.15 72.69 -23.76
C LEU K 908 -51.87 71.56 -24.73
N GLU K 909 -52.11 70.35 -24.28
CA GLU K 909 -51.82 69.15 -25.06
C GLU K 909 -52.76 68.97 -26.24
N ASP K 910 -53.89 69.68 -26.25
CA ASP K 910 -54.90 69.56 -27.31
C ASP K 910 -54.82 70.70 -28.34
N MET K 911 -53.87 71.60 -28.09
CA MET K 911 -53.66 72.74 -28.96
C MET K 911 -52.96 72.27 -30.23
N THR K 912 -53.17 72.98 -31.34
CA THR K 912 -52.41 72.69 -32.56
C THR K 912 -51.15 73.53 -32.55
N TYR K 913 -50.17 73.14 -33.36
CA TYR K 913 -48.92 73.90 -33.41
C TYR K 913 -49.17 75.35 -33.75
N ALA K 914 -50.03 75.56 -34.76
CA ALA K 914 -50.47 76.88 -35.16
C ALA K 914 -51.07 77.60 -33.96
N GLU K 915 -52.14 77.05 -33.40
CA GLU K 915 -52.83 77.67 -32.28
C GLU K 915 -51.87 78.13 -31.19
N VAL K 916 -50.78 77.38 -30.99
CA VAL K 916 -49.82 77.74 -29.94
C VAL K 916 -48.96 78.94 -30.34
N VAL K 917 -48.29 78.84 -31.47
CA VAL K 917 -47.53 79.98 -31.95
C VAL K 917 -48.43 81.24 -31.87
N HIS K 918 -49.66 81.11 -32.34
CA HIS K 918 -50.63 82.22 -32.34
C HIS K 918 -50.95 82.74 -30.94
N ARG K 919 -51.27 81.82 -30.04
CA ARG K 919 -51.61 82.17 -28.66
C ARG K 919 -50.43 82.81 -27.92
N MET K 920 -49.21 82.45 -28.32
CA MET K 920 -48.01 83.06 -27.74
C MET K 920 -47.97 84.53 -28.10
N VAL K 921 -48.15 84.80 -29.39
CA VAL K 921 -48.26 86.15 -29.91
C VAL K 921 -49.37 86.95 -29.20
N GLU K 922 -50.56 86.34 -29.13
CA GLU K 922 -51.72 86.96 -28.49
C GLU K 922 -51.43 87.44 -27.07
N LEU K 923 -50.59 86.70 -26.36
CA LEU K 923 -50.42 86.93 -24.93
C LEU K 923 -49.08 87.57 -24.55
N MET K 924 -48.31 87.97 -25.57
CA MET K 924 -47.01 88.59 -25.31
C MET K 924 -46.77 89.81 -26.20
N TYR K 925 -47.64 89.98 -27.19
CA TYR K 925 -47.60 91.15 -28.06
C TYR K 925 -48.93 91.90 -28.02
N VAL K 926 -48.91 93.13 -27.50
CA VAL K 926 -50.12 93.94 -27.41
C VAL K 926 -50.44 94.59 -28.74
N LYS K 927 -51.49 94.08 -29.39
CA LYS K 927 -51.89 94.52 -30.74
C LYS K 927 -51.95 96.04 -30.94
N HIS K 928 -52.79 96.70 -30.14
CA HIS K 928 -53.10 98.13 -30.29
C HIS K 928 -51.96 99.08 -29.90
N GLU K 929 -50.81 98.51 -29.52
CA GLU K 929 -49.63 99.33 -29.23
C GLU K 929 -48.42 98.90 -30.06
N LYS K 930 -48.57 97.79 -30.77
CA LYS K 930 -47.50 97.28 -31.63
C LYS K 930 -46.15 97.13 -30.91
N ARG K 931 -46.20 96.48 -29.74
CA ARG K 931 -44.99 96.21 -28.96
C ARG K 931 -45.06 94.88 -28.22
N TRP K 932 -43.90 94.25 -28.06
CA TRP K 932 -43.77 93.07 -27.22
C TRP K 932 -43.58 93.51 -25.78
N ILE K 933 -44.08 92.73 -24.84
CA ILE K 933 -43.94 93.06 -23.42
C ILE K 933 -42.48 93.08 -23.00
N ASP K 934 -41.63 92.49 -23.84
CA ASP K 934 -40.20 92.44 -23.61
C ASP K 934 -39.55 91.67 -24.76
N PRO K 935 -38.42 92.20 -25.28
CA PRO K 935 -37.70 91.57 -26.40
C PRO K 935 -37.50 90.05 -26.20
N SER K 936 -37.22 89.65 -24.95
CA SER K 936 -37.03 88.24 -24.61
C SER K 936 -38.24 87.38 -24.98
N LEU K 937 -39.44 87.84 -24.65
CA LEU K 937 -40.67 87.09 -24.95
C LEU K 937 -40.91 87.01 -26.45
N LYS K 938 -40.38 87.98 -27.18
CA LYS K 938 -40.42 87.91 -28.64
C LYS K 938 -39.53 86.75 -29.07
N LYS K 939 -38.33 86.71 -28.52
CA LYS K 939 -37.37 85.65 -28.82
C LYS K 939 -38.00 84.32 -28.54
N LEU K 940 -38.63 84.20 -27.38
CA LEU K 940 -39.37 83.01 -27.01
C LEU K 940 -40.28 82.55 -28.13
N THR K 941 -41.36 83.28 -28.36
CA THR K 941 -42.28 82.96 -29.44
C THR K 941 -41.54 82.63 -30.74
N GLY K 942 -40.44 83.34 -31.01
CA GLY K 942 -39.66 83.12 -32.21
C GLY K 942 -38.99 81.75 -32.24
N ASP K 943 -38.41 81.39 -31.10
CA ASP K 943 -37.73 80.11 -30.97
C ASP K 943 -38.70 78.96 -31.19
N PHE K 944 -39.78 78.92 -30.42
CA PHE K 944 -40.77 77.87 -30.59
C PHE K 944 -41.24 77.75 -32.03
N ILE K 945 -41.37 78.88 -32.71
CA ILE K 945 -41.70 78.88 -34.12
C ILE K 945 -40.70 78.03 -34.88
N ARG K 946 -39.44 78.43 -34.76
CA ARG K 946 -38.32 77.71 -35.33
C ARG K 946 -38.51 76.22 -35.07
N ARG K 947 -38.85 75.89 -33.82
CA ARG K 947 -39.06 74.50 -33.45
C ARG K 947 -40.13 73.88 -34.34
N VAL K 948 -41.28 74.54 -34.44
CA VAL K 948 -42.40 74.01 -35.22
C VAL K 948 -41.99 73.81 -36.66
N GLU K 949 -41.07 74.67 -37.11
CA GLU K 949 -40.43 74.52 -38.41
C GLU K 949 -39.79 73.16 -38.48
N GLU K 950 -38.76 72.98 -37.66
CA GLU K 950 -37.97 71.76 -37.64
C GLU K 950 -38.84 70.51 -37.55
N ARG K 951 -39.85 70.54 -36.70
CA ARG K 951 -40.73 69.40 -36.54
C ARG K 951 -41.32 69.01 -37.89
N PHE K 952 -41.56 69.98 -38.77
CA PHE K 952 -42.30 69.71 -40.00
C PHE K 952 -41.47 69.70 -41.28
N THR K 953 -40.18 69.97 -41.14
CA THR K 953 -39.27 69.75 -42.26
C THR K 953 -38.59 68.40 -42.11
N SER K 954 -38.28 67.75 -43.22
CA SER K 954 -37.68 66.42 -43.15
C SER K 954 -36.56 66.21 -44.16
N VAL K 955 -36.09 67.29 -44.77
CA VAL K 955 -34.88 67.22 -45.58
C VAL K 955 -33.92 68.33 -45.18
N GLU K 956 -32.63 68.03 -45.23
CA GLU K 956 -31.62 69.00 -44.84
C GLU K 956 -31.45 70.04 -45.92
N GLY K 957 -30.91 71.21 -45.55
CA GLY K 957 -30.61 72.24 -46.52
C GLY K 957 -31.56 73.43 -46.47
N GLN K 958 -32.86 73.15 -46.46
CA GLN K 958 -33.88 74.20 -46.40
C GLN K 958 -33.63 75.13 -45.22
N PRO K 959 -33.48 76.43 -45.49
CA PRO K 959 -33.24 77.38 -44.41
C PRO K 959 -34.54 77.77 -43.73
N SER K 960 -34.43 78.55 -42.65
CA SER K 960 -35.58 78.99 -41.88
C SER K 960 -36.30 80.18 -42.55
N LEU K 961 -37.61 80.26 -42.34
CA LEU K 961 -38.41 81.35 -42.88
C LEU K 961 -38.35 82.51 -41.89
N LEU K 962 -37.79 82.22 -40.73
CA LEU K 962 -37.54 83.23 -39.72
C LEU K 962 -36.04 83.24 -39.46
N GLN K 963 -35.32 83.96 -40.31
CA GLN K 963 -33.86 83.98 -40.26
C GLN K 963 -33.37 85.04 -39.28
N ASN K 964 -34.20 86.05 -39.04
CA ASN K 964 -33.90 87.06 -38.04
C ASN K 964 -35.17 87.41 -37.26
N TYR K 965 -35.05 87.50 -35.94
CA TYR K 965 -36.19 87.81 -35.08
C TYR K 965 -36.72 89.23 -35.30
N SER K 966 -36.03 89.97 -36.16
CA SER K 966 -36.48 91.30 -36.57
C SER K 966 -37.88 91.21 -37.18
N ASP K 967 -38.25 90.04 -37.69
CA ASP K 967 -39.54 89.82 -38.36
C ASP K 967 -40.74 89.88 -37.42
N LEU K 968 -40.54 89.43 -36.18
CA LEU K 968 -41.62 89.39 -35.21
C LEU K 968 -41.92 90.77 -34.63
N ASP K 969 -41.23 91.80 -35.13
CA ASP K 969 -41.51 93.17 -34.70
C ASP K 969 -42.95 93.48 -35.07
N GLU K 970 -43.26 93.39 -36.36
CA GLU K 970 -44.65 93.30 -36.79
C GLU K 970 -44.94 91.84 -37.09
N PRO K 971 -45.43 91.14 -36.07
CA PRO K 971 -45.46 89.69 -35.96
C PRO K 971 -46.63 89.13 -36.69
N TYR K 972 -47.84 89.41 -36.19
CA TYR K 972 -49.08 88.84 -36.71
C TYR K 972 -49.17 88.86 -38.25
N PRO K 973 -48.59 89.89 -38.89
CA PRO K 973 -48.47 89.90 -40.36
C PRO K 973 -47.61 88.76 -40.92
N ALA K 974 -46.37 88.66 -40.43
CA ALA K 974 -45.34 87.76 -40.96
C ALA K 974 -45.39 86.32 -40.43
N VAL K 975 -45.87 86.16 -39.19
CA VAL K 975 -46.01 84.84 -38.58
C VAL K 975 -46.89 83.91 -39.42
N ASP K 976 -48.00 84.45 -39.92
CA ASP K 976 -48.96 83.67 -40.70
C ASP K 976 -48.29 83.16 -41.96
N ARG K 977 -47.32 83.92 -42.45
CA ARG K 977 -46.58 83.53 -43.64
C ARG K 977 -45.73 82.29 -43.40
N ILE K 978 -45.01 82.26 -42.27
CA ILE K 978 -44.15 81.13 -41.89
C ILE K 978 -44.99 79.89 -41.62
N LEU K 979 -45.96 80.03 -40.73
CA LEU K 979 -46.94 78.97 -40.44
C LEU K 979 -47.59 78.44 -41.70
N ALA K 980 -47.52 79.21 -42.77
CA ALA K 980 -48.16 78.88 -44.03
C ALA K 980 -47.33 77.83 -44.77
N ALA K 981 -46.02 77.99 -44.71
CA ALA K 981 -45.09 77.12 -45.44
C ALA K 981 -44.98 75.73 -44.81
N TYR K 982 -45.71 75.55 -43.73
CA TYR K 982 -45.73 74.29 -43.04
C TYR K 982 -47.19 73.95 -42.75
N PRO K 983 -47.88 73.41 -43.77
CA PRO K 983 -49.32 73.14 -43.82
C PRO K 983 -49.83 72.42 -42.58
N GLU K 984 -49.32 71.21 -42.39
CA GLU K 984 -49.78 70.32 -41.33
C GLU K 984 -49.70 70.97 -39.95
N ALA K 985 -48.87 72.01 -39.80
CA ALA K 985 -48.67 72.68 -38.51
C ALA K 985 -49.97 73.21 -37.95
N SER K 986 -51.01 73.21 -38.78
CA SER K 986 -52.32 73.70 -38.40
C SER K 986 -53.27 72.52 -38.30
N THR K 987 -52.82 71.37 -38.79
CA THR K 987 -53.60 70.14 -38.82
C THR K 987 -53.50 69.29 -37.55
N GLN K 988 -52.28 69.17 -37.01
CA GLN K 988 -52.02 68.24 -35.91
C GLN K 988 -51.46 68.91 -34.66
N LEU K 989 -51.71 68.29 -33.51
CA LEU K 989 -51.42 68.88 -32.19
C LEU K 989 -49.94 68.79 -31.85
N ILE K 990 -49.56 69.37 -30.72
CA ILE K 990 -48.17 69.35 -30.30
C ILE K 990 -47.75 67.92 -30.01
N ASN K 991 -46.60 67.53 -30.56
CA ASN K 991 -45.97 66.28 -30.18
C ASN K 991 -45.69 66.39 -28.69
N ALA K 992 -46.03 65.33 -27.94
CA ALA K 992 -45.90 65.35 -26.49
C ALA K 992 -44.51 65.82 -26.05
N GLN K 993 -43.49 65.48 -26.84
CA GLN K 993 -42.13 65.93 -26.59
C GLN K 993 -42.02 67.45 -26.65
N ASP K 994 -42.66 68.00 -27.67
CA ASP K 994 -42.57 69.42 -27.94
C ASP K 994 -43.28 70.22 -26.87
N VAL K 995 -44.34 69.64 -26.32
CA VAL K 995 -44.99 70.23 -25.16
C VAL K 995 -43.97 70.44 -24.04
N GLN K 996 -43.21 69.39 -23.72
CA GLN K 996 -42.21 69.47 -22.65
C GLN K 996 -41.18 70.52 -22.99
N HIS K 997 -40.80 70.56 -24.27
CA HIS K 997 -39.85 71.54 -24.76
C HIS K 997 -40.36 72.96 -24.57
N PHE K 998 -41.58 73.20 -25.06
CA PHE K 998 -42.27 74.47 -24.90
C PHE K 998 -42.15 74.95 -23.46
N LEU K 999 -42.53 74.04 -22.56
CA LEU K 999 -42.55 74.30 -21.13
C LEU K 999 -41.20 74.63 -20.54
N LEU K 1000 -40.12 74.08 -21.09
CA LEU K 1000 -38.79 74.38 -20.58
C LEU K 1000 -38.29 75.69 -21.15
N LEU K 1001 -38.90 76.08 -22.27
CA LEU K 1001 -38.58 77.35 -22.89
C LEU K 1001 -39.17 78.50 -22.07
N CYS K 1002 -40.30 78.24 -21.43
CA CYS K 1002 -40.95 79.27 -20.62
C CYS K 1002 -40.26 79.45 -19.27
N GLN K 1003 -39.20 78.68 -19.03
CA GLN K 1003 -38.50 78.74 -17.74
C GLN K 1003 -37.05 79.17 -17.89
N ARG K 1004 -36.57 79.22 -19.12
CA ARG K 1004 -35.13 79.45 -19.36
C ARG K 1004 -34.56 80.71 -18.66
N ARG K 1005 -33.31 80.61 -18.27
CA ARG K 1005 -32.63 81.68 -17.56
C ARG K 1005 -32.37 82.86 -18.48
N GLY K 1006 -32.71 84.06 -18.03
CA GLY K 1006 -32.55 85.26 -18.83
C GLY K 1006 -33.73 85.51 -19.75
N GLN K 1007 -34.93 85.39 -19.19
CA GLN K 1007 -36.17 85.65 -19.90
C GLN K 1007 -37.22 86.16 -18.94
N LYS K 1008 -37.98 87.17 -19.36
CA LYS K 1008 -39.08 87.64 -18.55
C LYS K 1008 -39.96 86.44 -18.26
N PRO K 1009 -40.35 86.29 -16.99
CA PRO K 1009 -41.29 85.23 -16.66
C PRO K 1009 -42.49 85.29 -17.58
N VAL K 1010 -42.85 84.12 -18.10
CA VAL K 1010 -44.02 83.97 -18.94
C VAL K 1010 -45.20 84.79 -18.38
N PRO K 1011 -46.00 85.40 -19.27
CA PRO K 1011 -47.17 86.22 -18.91
C PRO K 1011 -48.44 85.38 -18.71
N PHE K 1012 -48.29 84.08 -18.49
CA PHE K 1012 -49.45 83.24 -18.34
C PHE K 1012 -49.17 81.97 -17.52
N VAL K 1013 -50.04 80.98 -17.70
CA VAL K 1013 -49.87 79.66 -17.11
C VAL K 1013 -49.99 78.53 -18.14
N PRO K 1014 -48.90 77.76 -18.30
CA PRO K 1014 -48.71 76.66 -19.26
C PRO K 1014 -49.38 75.35 -18.85
N ALA K 1015 -49.43 75.07 -17.55
CA ALA K 1015 -50.19 73.93 -17.04
C ALA K 1015 -50.11 73.87 -15.52
N LEU K 1016 -50.91 72.98 -14.94
CA LEU K 1016 -50.97 72.86 -13.49
C LEU K 1016 -49.98 71.83 -12.98
N ASP K 1017 -48.73 71.98 -13.34
CA ASP K 1017 -47.73 70.99 -12.99
C ASP K 1017 -47.19 71.16 -11.56
N GLU K 1018 -45.99 70.65 -11.35
CA GLU K 1018 -45.31 70.68 -10.06
C GLU K 1018 -44.79 72.07 -9.74
N ASN K 1019 -44.84 72.95 -10.74
CA ASN K 1019 -44.31 74.30 -10.63
C ASN K 1019 -45.41 75.35 -10.69
N PHE K 1020 -46.65 74.91 -10.57
CA PHE K 1020 -47.80 75.79 -10.65
C PHE K 1020 -47.66 77.01 -9.76
N GLU K 1021 -46.90 76.90 -8.67
CA GLU K 1021 -46.65 78.07 -7.84
C GLU K 1021 -45.80 79.10 -8.59
N TYR K 1022 -44.63 78.68 -9.07
CA TYR K 1022 -43.77 79.56 -9.86
C TYR K 1022 -44.56 80.23 -11.01
N TRP K 1023 -45.28 79.42 -11.78
CA TRP K 1023 -46.09 79.94 -12.87
C TRP K 1023 -47.02 81.06 -12.43
N PHE K 1024 -47.72 80.82 -11.33
CA PHE K 1024 -48.80 81.69 -10.83
C PHE K 1024 -48.31 83.02 -10.22
N LYS K 1025 -47.41 82.95 -9.25
CA LYS K 1025 -47.09 84.14 -8.48
C LYS K 1025 -45.68 84.70 -8.68
N LYS K 1026 -44.99 84.23 -9.71
CA LYS K 1026 -43.68 84.79 -10.02
C LYS K 1026 -43.88 86.08 -10.80
N ASP K 1027 -43.17 87.13 -10.39
CA ASP K 1027 -43.22 88.40 -11.11
C ASP K 1027 -44.66 88.85 -11.33
N SER K 1028 -45.24 89.45 -10.30
CA SER K 1028 -46.66 89.83 -10.34
C SER K 1028 -46.89 91.34 -10.28
N LEU K 1029 -45.86 92.10 -9.92
CA LEU K 1029 -46.02 93.55 -9.77
C LEU K 1029 -46.12 94.27 -11.10
N TRP K 1030 -45.09 94.12 -11.93
CA TRP K 1030 -44.93 94.80 -13.22
C TRP K 1030 -46.23 95.14 -13.97
N GLN K 1031 -47.28 94.33 -13.76
CA GLN K 1031 -48.54 94.48 -14.50
C GLN K 1031 -49.38 95.67 -14.03
N SER K 1032 -49.25 95.99 -12.75
CA SER K 1032 -49.88 97.18 -12.19
C SER K 1032 -49.34 98.48 -12.84
N GLU K 1033 -48.07 98.47 -13.25
CA GLU K 1033 -47.42 99.65 -13.82
C GLU K 1033 -47.71 99.86 -15.30
N ASP K 1034 -48.20 98.81 -15.96
CA ASP K 1034 -48.52 98.84 -17.39
C ASP K 1034 -49.72 97.95 -17.68
N ILE K 1035 -50.91 98.49 -17.40
CA ILE K 1035 -52.14 97.72 -17.54
C ILE K 1035 -52.57 97.49 -19.00
N GLU K 1036 -51.98 98.27 -19.91
CA GLU K 1036 -52.25 98.11 -21.33
C GLU K 1036 -51.80 96.71 -21.80
N ALA K 1037 -50.84 96.14 -21.06
CA ALA K 1037 -50.32 94.80 -21.34
C ALA K 1037 -51.34 93.72 -20.94
N VAL K 1038 -51.84 93.83 -19.71
CA VAL K 1038 -52.74 92.85 -19.12
C VAL K 1038 -53.86 92.40 -20.06
N TYR K 1039 -54.31 91.16 -19.87
CA TYR K 1039 -55.45 90.61 -20.59
C TYR K 1039 -56.69 91.45 -20.33
N GLY K 1040 -57.29 91.99 -21.38
CA GLY K 1040 -58.46 92.84 -21.25
C GLY K 1040 -58.16 94.24 -20.71
N GLN K 1041 -57.00 94.38 -20.07
CA GLN K 1041 -56.50 95.68 -19.59
C GLN K 1041 -57.29 96.25 -18.42
N ASP K 1042 -57.87 95.38 -17.60
CA ASP K 1042 -58.55 95.84 -16.40
C ASP K 1042 -57.66 95.61 -15.18
N VAL K 1043 -57.70 96.54 -14.24
CA VAL K 1043 -56.92 96.38 -13.01
C VAL K 1043 -57.55 95.28 -12.15
N GLY K 1044 -58.80 94.93 -12.48
CA GLY K 1044 -59.58 93.99 -11.69
C GLY K 1044 -58.82 92.73 -11.33
N ARG K 1045 -57.89 92.33 -12.19
CA ARG K 1045 -57.14 91.11 -12.00
C ARG K 1045 -55.68 91.39 -11.67
N THR K 1046 -55.39 92.56 -11.13
CA THR K 1046 -54.00 92.99 -10.96
C THR K 1046 -53.55 93.16 -9.51
N CYS K 1047 -52.23 93.11 -9.31
CA CYS K 1047 -51.60 93.28 -8.01
C CYS K 1047 -51.18 94.71 -7.78
N ILE K 1048 -51.94 95.41 -6.96
CA ILE K 1048 -51.54 96.73 -6.55
C ILE K 1048 -51.44 96.73 -5.06
N LEU K 1049 -50.33 97.19 -4.59
CA LEU K 1049 -50.11 97.07 -3.19
C LEU K 1049 -50.57 98.33 -2.51
N GLN K 1050 -51.19 98.17 -1.34
CA GLN K 1050 -51.66 99.29 -0.54
C GLN K 1050 -51.65 98.94 0.95
N GLY K 1051 -51.36 99.93 1.80
CA GLY K 1051 -51.61 99.80 3.23
C GLY K 1051 -53.12 99.71 3.46
N PRO K 1052 -53.54 99.18 4.63
CA PRO K 1052 -54.97 99.04 4.91
C PRO K 1052 -55.60 100.37 5.31
N VAL K 1053 -54.73 101.29 5.73
CA VAL K 1053 -55.14 102.53 6.35
C VAL K 1053 -54.79 103.75 5.48
N ALA K 1054 -53.82 103.60 4.60
CA ALA K 1054 -53.47 104.71 3.70
C ALA K 1054 -54.30 104.71 2.40
N ALA K 1055 -55.44 104.01 2.38
CA ALA K 1055 -56.27 103.87 1.17
C ALA K 1055 -57.38 104.92 1.14
N LYS K 1056 -57.79 105.30 2.34
CA LYS K 1056 -58.72 106.41 2.56
C LYS K 1056 -58.03 107.75 2.26
N TYR K 1057 -56.77 107.89 2.70
CA TYR K 1057 -55.97 109.12 2.54
C TYR K 1057 -55.65 109.47 1.08
N SER K 1058 -56.22 108.73 0.14
CA SER K 1058 -56.08 109.03 -1.28
C SER K 1058 -57.48 109.17 -1.86
N LYS K 1059 -57.75 110.35 -2.44
CA LYS K 1059 -59.09 110.62 -3.00
C LYS K 1059 -59.06 111.23 -4.41
N VAL K 1060 -58.03 112.03 -4.69
CA VAL K 1060 -57.84 112.57 -6.02
C VAL K 1060 -56.74 111.80 -6.73
N ILE K 1061 -56.93 111.57 -8.03
CA ILE K 1061 -55.95 110.86 -8.82
C ILE K 1061 -55.07 111.87 -9.56
N ASP K 1062 -53.91 111.41 -10.00
CA ASP K 1062 -53.05 112.20 -10.87
C ASP K 1062 -52.65 113.57 -10.30
N GLU K 1063 -52.62 113.69 -8.97
CA GLU K 1063 -52.11 114.92 -8.36
C GLU K 1063 -50.60 115.00 -8.56
N PRO K 1064 -50.08 116.17 -8.97
CA PRO K 1064 -48.62 116.29 -9.00
C PRO K 1064 -48.06 116.04 -7.61
N ILE K 1065 -46.89 115.42 -7.55
CA ILE K 1065 -46.30 115.07 -6.27
C ILE K 1065 -45.69 116.28 -5.57
N LYS K 1066 -45.10 117.19 -6.35
CA LYS K 1066 -44.63 118.46 -5.82
C LYS K 1066 -45.70 119.06 -4.91
N ASP K 1067 -46.97 118.87 -5.29
CA ASP K 1067 -48.14 119.36 -4.53
C ASP K 1067 -48.42 118.60 -3.24
N ILE K 1068 -48.65 117.29 -3.37
CA ILE K 1068 -48.93 116.44 -2.22
C ILE K 1068 -47.93 116.68 -1.10
N LEU K 1069 -46.64 116.62 -1.45
CA LEU K 1069 -45.55 116.79 -0.49
C LEU K 1069 -45.51 118.20 0.06
N ASP K 1070 -45.41 119.17 -0.84
CA ASP K 1070 -45.43 120.60 -0.46
C ASP K 1070 -46.55 120.88 0.54
N GLY K 1071 -47.78 120.59 0.10
CA GLY K 1071 -48.97 120.76 0.91
C GLY K 1071 -48.84 120.16 2.30
N ILE K 1072 -48.34 118.94 2.37
CA ILE K 1072 -48.13 118.26 3.64
C ILE K 1072 -46.97 118.85 4.46
N HIS K 1073 -46.07 119.58 3.81
CA HIS K 1073 -45.01 120.27 4.53
C HIS K 1073 -45.53 121.57 5.11
N ASN K 1074 -46.33 122.26 4.31
CA ASN K 1074 -46.84 123.58 4.67
C ASN K 1074 -47.95 123.56 5.72
N ASP K 1075 -48.84 122.56 5.64
CA ASP K 1075 -49.82 122.38 6.69
C ASP K 1075 -49.08 122.10 7.98
N HIS K 1076 -47.82 121.66 7.87
CA HIS K 1076 -46.96 121.43 9.04
C HIS K 1076 -46.33 122.71 9.61
N ILE K 1077 -45.76 123.55 8.74
CA ILE K 1077 -45.24 124.85 9.16
C ILE K 1077 -46.36 125.74 9.72
N LYS K 1078 -47.54 125.69 9.10
CA LYS K 1078 -48.72 126.47 9.52
C LYS K 1078 -49.33 125.95 10.83
N PHE K 1079 -49.50 124.63 10.90
CA PHE K 1079 -49.81 123.96 12.16
C PHE K 1079 -48.79 124.38 13.23
N LEU K 1080 -47.51 124.36 12.85
CA LEU K 1080 -46.40 124.59 13.78
C LEU K 1080 -46.25 126.06 14.21
N LEU K 1081 -46.55 126.95 13.27
CA LEU K 1081 -46.51 128.38 13.52
C LEU K 1081 -47.62 128.75 14.49
N ARG K 1082 -48.86 128.57 14.06
CA ARG K 1082 -50.03 128.76 14.90
C ARG K 1082 -49.89 128.16 16.31
N ASP K 1083 -49.15 127.04 16.41
CA ASP K 1083 -49.06 126.31 17.67
C ASP K 1083 -47.93 126.76 18.60
N LEU K 1084 -46.87 127.34 18.04
CA LEU K 1084 -45.75 127.76 18.87
C LEU K 1084 -45.12 129.10 18.47
N TYR K 1085 -45.87 129.90 17.71
CA TYR K 1085 -45.36 131.17 17.21
C TYR K 1085 -46.40 132.30 17.19
N ASP K 1086 -47.66 131.95 17.49
CA ASP K 1086 -48.76 132.90 17.60
C ASP K 1086 -49.25 133.42 16.24
N GLY K 1087 -48.88 132.72 15.16
CA GLY K 1087 -49.15 133.17 13.81
C GLY K 1087 -48.09 134.14 13.32
N LYS K 1088 -47.19 134.50 14.25
CA LYS K 1088 -46.17 135.52 14.05
C LYS K 1088 -44.95 135.00 13.29
N GLU K 1089 -44.95 135.21 11.98
CA GLU K 1089 -43.84 134.82 11.11
C GLU K 1089 -42.52 135.46 11.53
N GLU K 1090 -42.61 136.50 12.36
CA GLU K 1090 -41.45 137.26 12.79
C GLU K 1090 -40.71 136.51 13.90
N ASN K 1091 -41.45 135.65 14.61
CA ASN K 1091 -40.92 134.88 15.73
C ASN K 1091 -40.09 133.69 15.26
N VAL K 1092 -39.99 133.54 13.95
CA VAL K 1092 -39.23 132.46 13.31
C VAL K 1092 -37.77 132.86 13.11
N PRO K 1093 -36.84 132.16 13.78
CA PRO K 1093 -35.40 132.43 13.59
C PRO K 1093 -35.03 132.31 12.10
N VAL K 1094 -33.88 132.84 11.73
CA VAL K 1094 -33.44 132.74 10.34
C VAL K 1094 -31.93 132.53 10.27
N ILE K 1095 -31.52 131.75 9.29
CA ILE K 1095 -30.11 131.49 9.07
C ILE K 1095 -29.67 131.76 7.64
N GLU K 1096 -28.36 131.81 7.44
CA GLU K 1096 -27.78 132.00 6.11
C GLU K 1096 -28.24 130.87 5.18
N TYR K 1097 -27.76 129.66 5.45
CA TYR K 1097 -28.12 128.48 4.67
C TYR K 1097 -28.55 127.33 5.57
N PHE K 1098 -29.59 126.63 5.17
CA PHE K 1098 -30.12 125.52 5.98
C PHE K 1098 -29.20 124.29 5.93
N GLY K 1099 -28.19 124.27 6.81
CA GLY K 1099 -27.25 123.17 6.87
C GLY K 1099 -27.23 122.48 8.22
N GLY K 1100 -26.04 122.18 8.72
CA GLY K 1100 -25.87 121.50 10.00
C GLY K 1100 -26.29 122.36 11.19
N ARG K 1101 -26.20 121.79 12.39
CA ARG K 1101 -26.47 122.56 13.59
C ARG K 1101 -25.12 123.02 14.15
N ILE K 1102 -25.15 124.06 14.97
CA ILE K 1102 -23.94 124.50 15.67
C ILE K 1102 -23.96 124.10 17.13
N LEU K 1103 -22.81 123.64 17.61
CA LEU K 1103 -22.61 123.42 19.03
C LEU K 1103 -22.13 124.75 19.63
N LYS K 1104 -23.07 125.49 20.22
CA LYS K 1104 -22.76 126.76 20.86
C LYS K 1104 -21.79 126.60 22.02
N ALA K 1105 -20.72 127.41 22.01
CA ALA K 1105 -19.75 127.39 23.09
C ALA K 1105 -20.10 128.44 24.14
N THR K 1106 -20.08 128.03 25.41
CA THR K 1106 -20.19 128.96 26.54
C THR K 1106 -18.78 129.47 26.90
N ASP K 1107 -17.79 128.60 26.75
CA ASP K 1107 -16.37 128.96 26.87
C ASP K 1107 -15.96 129.87 25.72
N GLU K 1108 -15.98 129.33 24.50
CA GLU K 1108 -15.44 130.01 23.32
C GLU K 1108 -13.94 130.25 23.47
N GLU K 1109 -13.29 129.41 24.27
CA GLU K 1109 -11.86 129.46 24.49
C GLU K 1109 -11.25 128.13 24.06
N PRO K 1110 -10.24 128.19 23.17
CA PRO K 1110 -9.54 127.03 22.58
C PRO K 1110 -8.61 126.27 23.54
N ASP K 1111 -9.15 125.28 24.26
CA ASP K 1111 -8.39 124.47 25.22
C ASP K 1111 -7.71 123.27 24.53
N ILE K 1112 -6.93 123.54 23.48
CA ILE K 1112 -6.40 122.48 22.62
C ILE K 1112 -4.87 122.38 22.65
N ASP K 1113 -4.36 121.16 22.52
CA ASP K 1113 -2.93 120.88 22.59
C ASP K 1113 -2.19 121.20 21.29
N GLY K 1114 -0.95 121.69 21.43
CA GLY K 1114 -0.12 122.06 20.30
C GLY K 1114 -0.60 123.32 19.61
N LEU K 1115 -1.87 123.65 19.80
CA LEU K 1115 -2.47 124.84 19.21
C LEU K 1115 -2.43 126.04 20.15
N THR K 1116 -1.97 127.17 19.63
CA THR K 1116 -2.10 128.45 20.30
C THR K 1116 -3.12 129.32 19.53
N ALA K 1117 -3.82 130.21 20.24
CA ALA K 1117 -4.86 131.02 19.61
C ALA K 1117 -4.77 132.49 20.03
N SER K 1118 -4.94 133.39 19.07
CA SER K 1118 -4.81 134.83 19.29
C SER K 1118 -5.75 135.61 18.34
N ARG K 1119 -6.09 136.86 18.70
CA ARG K 1119 -6.87 137.69 17.78
C ARG K 1119 -6.99 139.18 18.12
N ASP K 1120 -6.88 140.00 17.07
CA ASP K 1120 -7.21 141.43 17.11
C ASP K 1120 -8.66 141.60 16.68
N ALA K 1121 -8.99 142.77 16.13
CA ALA K 1121 -10.26 142.98 15.46
C ALA K 1121 -10.02 142.87 13.96
N ASN K 1122 -8.75 142.63 13.63
CA ASN K 1122 -8.28 142.53 12.25
C ASN K 1122 -8.02 141.08 11.82
N LYS K 1123 -7.47 140.29 12.72
CA LYS K 1123 -6.95 138.97 12.35
C LYS K 1123 -7.01 137.96 13.49
N ILE K 1124 -7.51 136.77 13.20
CA ILE K 1124 -7.48 135.67 14.17
C ILE K 1124 -6.33 134.71 13.87
N SER K 1125 -5.42 134.57 14.84
CA SER K 1125 -4.20 133.79 14.66
C SER K 1125 -4.27 132.36 15.25
N TYR K 1126 -4.08 131.36 14.39
CA TYR K 1126 -3.98 129.96 14.84
C TYR K 1126 -2.64 129.37 14.43
N ARG K 1127 -1.83 129.03 15.43
CA ARG K 1127 -0.52 128.47 15.19
C ARG K 1127 -0.35 127.10 15.85
N LEU K 1128 -0.06 126.09 15.05
CA LEU K 1128 0.21 124.75 15.56
C LEU K 1128 1.67 124.60 15.90
N SER K 1129 1.93 123.83 16.95
CA SER K 1129 3.27 123.72 17.51
C SER K 1129 4.28 123.20 16.50
N ASN K 1130 5.49 123.73 16.54
CA ASN K 1130 6.57 123.22 15.70
C ASN K 1130 7.43 122.25 16.48
N ALA K 1131 6.89 121.73 17.57
CA ALA K 1131 7.58 120.74 18.38
C ALA K 1131 7.70 119.40 17.64
N PRO K 1132 8.92 118.82 17.62
CA PRO K 1132 9.16 117.49 17.05
C PRO K 1132 8.24 116.46 17.68
N SER K 1133 7.79 116.75 18.90
CA SER K 1133 6.89 115.87 19.63
C SER K 1133 5.53 115.74 18.95
N ALA K 1134 4.88 114.59 19.14
CA ALA K 1134 3.62 114.29 18.48
C ALA K 1134 2.39 114.63 19.32
N ASN K 1135 1.89 115.86 19.15
CA ASN K 1135 0.58 116.23 19.68
C ASN K 1135 -0.08 117.36 18.92
N LEU K 1136 -1.28 117.09 18.42
CA LEU K 1136 -2.05 118.05 17.64
C LEU K 1136 -3.55 117.76 17.71
N PRO K 1137 -4.38 118.78 17.40
CA PRO K 1137 -5.83 118.62 17.40
C PRO K 1137 -6.28 117.74 16.24
N ASP K 1138 -7.59 117.49 16.17
CA ASP K 1138 -8.15 116.71 15.07
C ASP K 1138 -7.89 117.41 13.77
N VAL K 1139 -8.25 116.72 12.69
CA VAL K 1139 -8.43 117.37 11.41
C VAL K 1139 -9.88 117.88 11.44
N ASP K 1140 -10.66 117.34 12.38
CA ASP K 1140 -12.05 117.73 12.57
C ASP K 1140 -12.22 118.94 13.48
N SER K 1141 -11.58 118.87 14.65
CA SER K 1141 -11.57 119.98 15.60
C SER K 1141 -10.97 121.22 14.94
N PHE K 1142 -9.88 121.02 14.22
CA PHE K 1142 -9.18 122.12 13.56
C PHE K 1142 -10.03 122.79 12.50
N MET K 1143 -10.97 122.06 11.92
CA MET K 1143 -11.86 122.63 10.90
C MET K 1143 -13.17 123.17 11.47
N GLN K 1144 -13.42 122.94 12.76
CA GLN K 1144 -14.52 123.58 13.46
C GLN K 1144 -14.14 125.02 13.77
N LEU K 1145 -12.88 125.19 14.19
CA LEU K 1145 -12.34 126.46 14.66
C LEU K 1145 -12.02 127.42 13.52
N ILE K 1146 -12.22 126.98 12.29
CA ILE K 1146 -12.04 127.85 11.13
C ILE K 1146 -13.38 128.15 10.47
N ALA K 1147 -14.42 127.43 10.86
CA ALA K 1147 -15.77 127.68 10.35
C ALA K 1147 -16.46 128.77 11.15
N GLY K 1148 -16.25 128.76 12.47
CA GLY K 1148 -16.85 129.73 13.38
C GLY K 1148 -18.34 129.47 13.57
N ASN K 1149 -19.00 130.30 14.38
CA ASN K 1149 -20.43 130.15 14.63
C ASN K 1149 -21.32 130.85 13.61
N SER K 1150 -20.79 131.89 12.98
CA SER K 1150 -21.55 132.64 11.97
C SER K 1150 -21.80 131.76 10.75
N TYR K 1151 -23.05 131.63 10.34
CA TYR K 1151 -23.38 130.95 9.09
C TYR K 1151 -22.91 131.77 7.88
N SER K 1152 -21.62 131.68 7.59
CA SER K 1152 -21.00 132.42 6.50
C SER K 1152 -20.61 131.48 5.35
N TRP K 1153 -20.03 132.02 4.29
CA TRP K 1153 -19.44 131.17 3.27
C TRP K 1153 -18.21 130.49 3.87
N ARG K 1154 -17.50 131.18 4.77
CA ARG K 1154 -16.27 130.63 5.36
C ARG K 1154 -16.57 129.44 6.28
N HIS K 1155 -17.77 129.43 6.84
CA HIS K 1155 -18.25 128.33 7.67
C HIS K 1155 -18.65 127.14 6.79
N ALA K 1156 -19.27 127.41 5.65
CA ALA K 1156 -19.71 126.34 4.74
C ALA K 1156 -18.53 125.68 4.00
N MET K 1157 -17.44 126.43 3.85
CA MET K 1157 -16.23 125.92 3.19
C MET K 1157 -15.50 124.92 4.07
N PHE K 1158 -15.63 125.09 5.38
CA PHE K 1158 -14.97 124.19 6.30
C PHE K 1158 -15.94 123.24 6.98
N THR K 1159 -17.17 123.19 6.46
CA THR K 1159 -18.19 122.29 6.97
C THR K 1159 -18.54 121.20 5.96
N THR K 1160 -19.06 121.58 4.80
CA THR K 1160 -19.41 120.60 3.78
C THR K 1160 -18.15 119.93 3.21
N GLU K 1161 -18.08 118.61 3.38
CA GLU K 1161 -17.02 117.80 2.83
C GLU K 1161 -17.31 117.45 1.37
N VAL K 1162 -18.54 117.76 0.94
CA VAL K 1162 -18.93 117.55 -0.45
C VAL K 1162 -18.93 118.85 -1.26
N PHE K 1163 -17.94 119.00 -2.12
CA PHE K 1163 -17.97 120.05 -3.12
C PHE K 1163 -18.58 119.51 -4.41
N VAL K 1164 -19.70 120.09 -4.83
CA VAL K 1164 -20.35 119.69 -6.07
C VAL K 1164 -19.58 120.17 -7.32
N GLN K 1165 -19.35 119.26 -8.26
CA GLN K 1165 -18.75 119.65 -9.54
C GLN K 1165 -19.51 119.00 -10.67
N GLY K 1166 -20.35 119.80 -11.33
CA GLY K 1166 -21.25 119.27 -12.33
C GLY K 1166 -22.30 118.50 -11.59
N HIS K 1167 -22.27 117.17 -11.74
CA HIS K 1167 -23.21 116.31 -11.03
C HIS K 1167 -22.48 115.29 -10.16
N ARG K 1168 -21.25 115.62 -9.84
CA ARG K 1168 -20.40 114.75 -9.05
C ARG K 1168 -20.15 115.34 -7.68
N PHE K 1169 -20.02 114.48 -6.68
CA PHE K 1169 -19.52 114.90 -5.39
C PHE K 1169 -18.01 114.85 -5.44
N GLN K 1170 -17.38 115.47 -4.47
CA GLN K 1170 -15.93 115.38 -4.35
C GLN K 1170 -15.55 115.69 -2.91
N THR K 1171 -14.49 115.05 -2.44
CA THR K 1171 -14.08 115.21 -1.05
C THR K 1171 -13.52 116.61 -0.84
N ASN K 1172 -14.02 117.28 0.19
CA ASN K 1172 -13.57 118.62 0.54
C ASN K 1172 -12.05 118.68 0.69
N PRO K 1173 -11.37 119.24 -0.33
CA PRO K 1173 -9.91 119.34 -0.34
C PRO K 1173 -9.35 120.13 0.83
N LEU K 1174 -10.18 120.93 1.48
CA LEU K 1174 -9.73 121.71 2.63
C LEU K 1174 -9.42 120.79 3.79
N LYS K 1175 -9.94 119.58 3.73
CA LYS K 1175 -9.70 118.59 4.78
C LYS K 1175 -8.23 118.17 4.78
N ARG K 1176 -7.67 117.98 3.59
CA ARG K 1176 -6.27 117.57 3.41
C ARG K 1176 -5.34 118.77 3.53
N LEU K 1177 -5.79 119.90 2.99
CA LEU K 1177 -5.01 121.11 3.02
C LEU K 1177 -4.84 121.58 4.46
N PHE K 1178 -5.96 121.66 5.20
CA PHE K 1178 -5.96 122.22 6.55
C PHE K 1178 -5.79 121.18 7.65
N ALA K 1179 -5.23 120.03 7.30
CA ALA K 1179 -4.91 119.03 8.31
C ALA K 1179 -3.66 119.46 9.05
N PRO K 1180 -3.66 119.32 10.38
CA PRO K 1180 -2.56 119.74 11.24
C PRO K 1180 -1.16 119.37 10.73
N THR K 1181 -0.22 120.29 10.90
CA THR K 1181 1.13 120.16 10.38
C THR K 1181 2.11 120.63 11.44
N ARG K 1182 3.37 120.19 11.34
CA ARG K 1182 4.40 120.63 12.25
C ARG K 1182 4.71 122.11 12.03
N GLY K 1183 3.99 122.97 12.77
CA GLY K 1183 4.21 124.41 12.75
C GLY K 1183 3.50 125.18 11.66
N MET K 1184 2.19 124.94 11.50
CA MET K 1184 1.42 125.65 10.48
C MET K 1184 0.71 126.87 11.07
N TYR K 1185 0.44 127.85 10.22
CA TYR K 1185 -0.13 129.12 10.66
C TYR K 1185 -1.40 129.40 9.85
N VAL K 1186 -2.48 129.75 10.53
CA VAL K 1186 -3.72 130.05 9.85
C VAL K 1186 -4.34 131.35 10.35
N GLU K 1187 -4.45 132.34 9.47
CA GLU K 1187 -4.99 133.65 9.83
C GLU K 1187 -6.35 133.90 9.17
N ILE K 1188 -7.21 134.60 9.89
CA ILE K 1188 -8.54 134.97 9.38
C ILE K 1188 -8.74 136.50 9.50
N THR K 1189 -8.35 137.20 8.43
CA THR K 1189 -8.44 138.66 8.36
C THR K 1189 -9.90 139.11 8.17
N ASN K 1190 -10.25 140.21 8.86
CA ASN K 1190 -11.61 140.72 8.86
C ASN K 1190 -12.57 139.59 9.17
N PRO K 1191 -12.35 138.92 10.31
CA PRO K 1191 -13.04 137.67 10.66
C PRO K 1191 -14.56 137.76 10.52
N ASP K 1192 -15.19 138.75 11.14
CA ASP K 1192 -16.66 138.80 11.21
C ASP K 1192 -17.30 139.61 10.08
N ASP K 1193 -16.44 140.13 9.21
CA ASP K 1193 -16.89 140.82 8.00
C ASP K 1193 -16.82 139.88 6.80
N PRO K 1194 -17.93 139.15 6.54
CA PRO K 1194 -18.02 138.07 5.55
C PRO K 1194 -17.34 138.39 4.21
N ALA K 1195 -17.88 139.36 3.47
CA ALA K 1195 -17.39 139.69 2.13
C ALA K 1195 -15.90 140.08 2.08
N LYS K 1196 -15.31 140.40 3.24
CA LYS K 1196 -13.91 140.86 3.29
C LYS K 1196 -12.96 139.94 4.05
N THR K 1197 -13.45 138.78 4.46
CA THR K 1197 -12.62 137.84 5.21
C THR K 1197 -11.62 137.11 4.31
N VAL K 1198 -10.39 136.97 4.81
CA VAL K 1198 -9.32 136.31 4.08
C VAL K 1198 -8.60 135.29 4.95
N ILE K 1199 -8.51 134.05 4.47
CA ILE K 1199 -7.88 132.98 5.23
C ILE K 1199 -6.58 132.56 4.58
N SER K 1200 -5.49 132.53 5.36
CA SER K 1200 -4.17 132.20 4.82
C SER K 1200 -3.40 131.21 5.68
N VAL K 1201 -2.53 130.43 5.04
CA VAL K 1201 -1.75 129.39 5.72
C VAL K 1201 -0.26 129.58 5.49
N ARG K 1202 0.52 129.27 6.53
CA ARG K 1202 1.97 129.33 6.45
C ARG K 1202 2.63 128.13 7.12
N GLU K 1203 3.33 127.33 6.33
CA GLU K 1203 4.07 126.19 6.86
C GLU K 1203 5.56 126.42 6.62
N PRO K 1204 6.41 125.80 7.46
CA PRO K 1204 7.86 125.98 7.31
C PRO K 1204 8.38 125.41 5.99
N SER K 1205 9.16 126.20 5.26
CA SER K 1205 9.84 125.70 4.07
C SER K 1205 10.86 124.65 4.47
N GLN K 1206 11.41 123.96 3.47
CA GLN K 1206 12.51 123.04 3.74
C GLN K 1206 13.75 123.84 4.07
N SER K 1207 13.95 124.06 5.38
CA SER K 1207 15.10 124.77 5.94
C SER K 1207 14.87 126.29 6.07
N ALA K 1208 13.71 126.75 5.62
CA ALA K 1208 13.37 128.18 5.66
C ALA K 1208 12.20 128.48 6.61
N LYS K 1209 11.98 129.77 6.87
CA LYS K 1209 10.89 130.21 7.73
C LYS K 1209 9.54 130.07 7.03
N LEU K 1210 8.47 129.95 7.81
CA LEU K 1210 7.11 129.76 7.31
C LEU K 1210 6.75 130.61 6.08
N VAL K 1211 6.25 129.94 5.05
CA VAL K 1211 5.95 130.60 3.78
C VAL K 1211 4.46 130.50 3.44
N LYS K 1212 4.00 131.38 2.55
CA LYS K 1212 2.61 131.45 2.16
C LYS K 1212 2.26 130.27 1.28
N THR K 1213 1.17 129.59 1.62
CA THR K 1213 0.82 128.34 0.95
C THR K 1213 -0.57 128.38 0.36
N VAL K 1214 -1.55 128.70 1.19
CA VAL K 1214 -2.93 128.72 0.75
C VAL K 1214 -3.58 130.03 1.12
N GLU K 1215 -4.52 130.46 0.30
CA GLU K 1215 -5.30 131.63 0.60
C GLU K 1215 -6.70 131.45 0.05
N ILE K 1216 -7.69 131.94 0.79
CA ILE K 1216 -9.07 131.96 0.33
C ILE K 1216 -9.71 133.33 0.57
N LYS K 1217 -10.31 133.90 -0.47
CA LYS K 1217 -10.98 135.19 -0.40
C LYS K 1217 -12.15 135.15 -1.37
N LEU K 1218 -12.87 136.26 -1.50
CA LEU K 1218 -13.96 136.35 -2.47
C LEU K 1218 -13.57 137.14 -3.72
N VAL K 1219 -14.41 137.05 -4.74
CA VAL K 1219 -14.26 137.81 -5.97
C VAL K 1219 -15.60 137.74 -6.70
N GLY K 1220 -15.92 138.79 -7.44
CA GLY K 1220 -17.15 138.82 -8.21
C GLY K 1220 -18.34 138.23 -7.47
N ASP K 1221 -18.53 138.68 -6.22
CA ASP K 1221 -19.62 138.29 -5.29
C ASP K 1221 -19.44 136.95 -4.55
N ASN K 1222 -19.75 135.85 -5.24
CA ASN K 1222 -19.77 134.52 -4.62
C ASN K 1222 -18.56 133.68 -5.01
N GLU K 1223 -17.97 133.99 -6.17
CA GLU K 1223 -16.81 133.25 -6.64
C GLU K 1223 -15.68 133.31 -5.63
N ILE K 1224 -15.47 132.20 -4.94
CA ILE K 1224 -14.41 132.10 -3.94
C ILE K 1224 -13.12 131.66 -4.60
N ALA K 1225 -12.01 132.20 -4.14
CA ALA K 1225 -10.72 131.92 -4.76
C ALA K 1225 -9.87 131.05 -3.87
N LEU K 1226 -9.77 129.78 -4.22
CA LEU K 1226 -8.89 128.87 -3.50
C LEU K 1226 -7.52 128.87 -4.18
N THR K 1227 -6.52 129.38 -3.48
CA THR K 1227 -5.23 129.64 -4.13
C THR K 1227 -4.06 128.95 -3.46
N LEU K 1228 -3.20 128.39 -4.30
CA LEU K 1228 -2.02 127.67 -3.86
C LEU K 1228 -0.79 128.38 -4.40
N PHE K 1229 0.26 128.43 -3.61
CA PHE K 1229 1.47 129.15 -3.98
C PHE K 1229 2.71 128.28 -3.94
N GLU K 1230 3.19 127.89 -5.11
CA GLU K 1230 4.39 127.05 -5.17
C GLU K 1230 5.69 127.84 -5.38
N GLY K 1231 6.52 127.86 -4.34
CA GLY K 1231 7.79 128.59 -4.37
C GLY K 1231 8.68 128.28 -5.56
N ARG K 1232 9.39 127.15 -5.51
CA ARG K 1232 10.34 126.77 -6.55
C ARG K 1232 9.65 126.52 -7.90
N THR K 1233 9.95 127.37 -8.87
CA THR K 1233 9.39 127.23 -10.23
C THR K 1233 10.46 127.55 -11.29
N ALA K 1234 10.03 127.58 -12.55
CA ALA K 1234 10.92 127.88 -13.67
C ALA K 1234 11.44 129.33 -13.67
N GLU K 1235 10.71 130.21 -12.98
CA GLU K 1235 11.01 131.63 -12.98
C GLU K 1235 11.51 132.17 -11.61
N GLY K 1236 11.76 131.25 -10.68
CA GLY K 1236 12.26 131.61 -9.35
C GLY K 1236 11.31 132.47 -8.53
N GLY K 1237 10.03 132.46 -8.90
CA GLY K 1237 9.03 133.27 -8.24
C GLY K 1237 7.77 132.49 -7.93
N VAL K 1238 7.18 132.79 -6.79
CA VAL K 1238 6.00 132.07 -6.33
C VAL K 1238 4.80 132.19 -7.29
N VAL K 1239 4.58 131.14 -8.07
CA VAL K 1239 3.45 131.11 -8.98
C VAL K 1239 2.19 130.55 -8.30
N PRO K 1240 1.05 131.22 -8.52
CA PRO K 1240 -0.23 130.86 -7.89
C PRO K 1240 -1.16 130.07 -8.79
N LEU K 1241 -1.80 129.05 -8.22
CA LEU K 1241 -2.83 128.29 -8.91
C LEU K 1241 -4.13 128.44 -8.14
N THR K 1242 -5.23 128.66 -8.85
CA THR K 1242 -6.49 128.97 -8.18
C THR K 1242 -7.71 128.28 -8.77
N PHE K 1243 -8.55 127.77 -7.87
CA PHE K 1243 -9.80 127.11 -8.21
C PHE K 1243 -10.95 127.99 -7.77
N ARG K 1244 -11.93 128.17 -8.64
CA ARG K 1244 -13.02 129.09 -8.34
C ARG K 1244 -14.31 128.35 -7.97
N PHE K 1245 -15.04 128.91 -7.02
CA PHE K 1245 -16.23 128.27 -6.45
C PHE K 1245 -17.38 129.24 -6.31
N THR K 1246 -18.55 128.90 -6.86
CA THR K 1246 -19.77 129.65 -6.53
C THR K 1246 -20.31 129.23 -5.14
N TYR K 1247 -21.32 129.92 -4.63
CA TYR K 1247 -21.79 129.67 -3.26
C TYR K 1247 -23.23 130.11 -3.06
N HIS K 1248 -24.15 129.15 -3.15
CA HIS K 1248 -25.58 129.48 -3.09
C HIS K 1248 -26.22 128.89 -1.85
N PRO K 1249 -26.16 129.62 -0.73
CA PRO K 1249 -26.86 129.29 0.52
C PRO K 1249 -28.37 129.03 0.32
N GLU K 1250 -28.82 129.16 -0.92
CA GLU K 1250 -30.11 128.63 -1.34
C GLU K 1250 -30.25 127.21 -0.76
N ALA K 1251 -29.41 126.29 -1.27
CA ALA K 1251 -29.39 124.88 -0.87
C ALA K 1251 -28.40 124.63 0.26
N GLY K 1252 -28.91 124.43 1.46
CA GLY K 1252 -28.09 124.25 2.65
C GLY K 1252 -27.24 122.99 2.67
N TYR K 1253 -27.67 121.99 1.91
CA TYR K 1253 -26.97 120.70 1.81
C TYR K 1253 -25.61 120.81 1.07
N ALA K 1254 -25.65 121.43 -0.09
CA ALA K 1254 -24.45 121.65 -0.90
C ALA K 1254 -24.31 123.14 -1.17
N PRO K 1255 -23.87 123.89 -0.14
CA PRO K 1255 -23.73 125.34 -0.18
C PRO K 1255 -22.62 125.74 -1.16
N ILE K 1256 -21.70 124.81 -1.41
CA ILE K 1256 -20.55 125.09 -2.26
C ILE K 1256 -20.54 124.25 -3.53
N ARG K 1257 -20.25 124.90 -4.66
CA ARG K 1257 -20.02 124.26 -5.95
C ARG K 1257 -18.64 124.69 -6.46
N GLU K 1258 -18.19 124.11 -7.57
CA GLU K 1258 -16.96 124.57 -8.17
C GLU K 1258 -17.18 125.06 -9.60
N VAL K 1259 -16.44 126.09 -9.96
CA VAL K 1259 -16.45 126.66 -11.31
C VAL K 1259 -15.68 125.75 -12.24
N MET K 1260 -16.39 125.16 -13.20
CA MET K 1260 -15.82 124.10 -14.03
C MET K 1260 -15.07 124.61 -15.25
N GLU K 1261 -15.78 125.30 -16.13
CA GLU K 1261 -15.22 125.78 -17.38
C GLU K 1261 -13.81 126.36 -17.21
N GLY K 1262 -12.89 125.86 -18.02
CA GLY K 1262 -11.55 126.39 -18.04
C GLY K 1262 -10.61 125.70 -17.07
N ARG K 1263 -11.17 125.08 -16.04
CA ARG K 1263 -10.36 124.38 -15.03
C ARG K 1263 -9.15 123.62 -15.64
N ASN K 1264 -9.41 122.81 -16.65
CA ASN K 1264 -8.36 122.08 -17.35
C ASN K 1264 -7.31 123.03 -17.91
N ASP K 1265 -7.76 123.93 -18.77
CA ASP K 1265 -6.89 124.88 -19.44
C ASP K 1265 -6.17 125.76 -18.41
N ARG K 1266 -6.94 126.24 -17.43
CA ARG K 1266 -6.46 127.15 -16.40
C ARG K 1266 -5.26 126.55 -15.67
N ILE K 1267 -5.38 125.26 -15.37
CA ILE K 1267 -4.36 124.56 -14.60
C ILE K 1267 -3.15 124.26 -15.49
N LYS K 1268 -3.44 123.87 -16.73
CA LYS K 1268 -2.40 123.60 -17.72
C LYS K 1268 -1.52 124.82 -17.87
N GLU K 1269 -2.17 125.97 -17.96
CA GLU K 1269 -1.47 127.23 -18.05
C GLU K 1269 -0.48 127.30 -16.90
N PHE K 1270 -0.97 127.09 -15.69
CA PHE K 1270 -0.12 127.08 -14.52
C PHE K 1270 1.17 126.30 -14.76
N TYR K 1271 1.02 125.01 -15.05
CA TYR K 1271 2.16 124.12 -15.23
C TYR K 1271 3.10 124.70 -16.26
N TYR K 1272 2.56 125.09 -17.40
CA TYR K 1272 3.38 125.60 -18.49
C TYR K 1272 4.30 126.71 -17.97
N ARG K 1273 3.74 127.60 -17.16
CA ARG K 1273 4.49 128.72 -16.60
C ARG K 1273 5.52 128.22 -15.60
N VAL K 1274 5.19 127.14 -14.90
CA VAL K 1274 6.07 126.61 -13.89
C VAL K 1274 7.20 125.74 -14.47
N TRP K 1275 7.03 125.31 -15.73
CA TRP K 1275 8.03 124.46 -16.39
C TRP K 1275 8.95 125.21 -17.35
N PHE K 1276 8.39 126.13 -18.15
CA PHE K 1276 9.17 126.86 -19.14
C PHE K 1276 9.15 128.38 -18.95
N ALA K 1277 8.33 128.85 -18.02
CA ALA K 1277 8.21 130.28 -17.69
C ALA K 1277 7.50 131.12 -18.77
N GLU K 1278 6.88 130.44 -19.74
CA GLU K 1278 6.11 131.11 -20.78
C GLU K 1278 4.62 130.98 -20.44
N LYS K 1279 3.93 132.09 -20.28
CA LYS K 1279 2.52 132.04 -19.92
C LYS K 1279 1.62 131.68 -21.10
N GLU K 1280 2.13 131.94 -22.31
CA GLU K 1280 1.37 131.66 -23.52
C GLU K 1280 1.58 130.22 -23.99
N VAL K 1281 0.49 129.47 -23.97
CA VAL K 1281 0.51 128.01 -24.07
C VAL K 1281 -0.22 127.48 -25.31
N PRO K 1282 0.51 126.78 -26.19
CA PRO K 1282 0.02 126.35 -27.51
C PRO K 1282 -1.17 125.41 -27.44
N PHE K 1283 -2.39 125.95 -27.40
CA PHE K 1283 -3.57 125.11 -27.24
C PHE K 1283 -4.02 124.48 -28.54
N ASP K 1284 -4.14 125.31 -29.57
CA ASP K 1284 -4.77 124.88 -30.81
C ASP K 1284 -3.84 124.04 -31.70
N THR K 1285 -2.59 123.92 -31.28
CA THR K 1285 -1.60 123.09 -31.99
C THR K 1285 -2.14 121.66 -32.16
N PRO K 1286 -2.18 121.17 -33.41
CA PRO K 1286 -2.69 119.81 -33.68
C PRO K 1286 -1.71 118.76 -33.18
N LEU K 1287 -2.23 117.58 -32.87
CA LEU K 1287 -1.41 116.52 -32.25
C LEU K 1287 -0.59 115.82 -33.32
N THR K 1288 -0.94 116.08 -34.57
CA THR K 1288 -0.19 115.60 -35.73
C THR K 1288 1.08 116.37 -35.73
N ALA K 1289 0.97 117.53 -35.08
CA ALA K 1289 2.07 118.43 -35.08
C ALA K 1289 3.29 117.75 -34.48
N VAL K 1290 4.43 118.19 -34.96
CA VAL K 1290 5.70 117.83 -34.38
C VAL K 1290 6.05 118.98 -33.47
N PHE K 1291 6.73 118.68 -32.37
CA PHE K 1291 6.97 119.68 -31.33
C PHE K 1291 8.46 120.00 -31.19
N ASP K 1292 8.78 121.29 -31.16
CA ASP K 1292 10.16 121.73 -31.06
C ASP K 1292 10.52 121.98 -29.61
N GLY K 1293 11.61 121.35 -29.16
CA GLY K 1293 12.13 121.57 -27.82
C GLY K 1293 13.23 122.60 -27.85
N GLY K 1294 13.90 122.69 -28.98
CA GLY K 1294 14.89 123.73 -29.20
C GLY K 1294 16.28 123.17 -29.27
N ARG K 1295 17.22 124.02 -29.68
CA ARG K 1295 18.63 123.69 -29.66
C ARG K 1295 19.05 123.56 -28.20
N GLU K 1296 20.10 122.81 -27.94
CA GLU K 1296 20.59 122.67 -26.58
C GLU K 1296 22.04 122.20 -26.49
N ILE K 1297 22.80 122.90 -25.66
CA ILE K 1297 24.17 122.48 -25.36
C ILE K 1297 24.23 121.90 -23.98
N VAL K 1298 24.86 120.74 -23.88
CA VAL K 1298 24.99 120.04 -22.62
C VAL K 1298 26.05 120.75 -21.79
N ASN K 1299 25.63 121.45 -20.74
CA ASN K 1299 26.62 122.11 -19.89
C ASN K 1299 27.48 121.11 -19.09
N ALA K 1300 28.80 121.23 -19.22
CA ALA K 1300 29.76 120.40 -18.49
C ALA K 1300 29.37 120.26 -17.01
N GLN K 1301 28.86 121.36 -16.46
CA GLN K 1301 28.38 121.39 -15.08
C GLN K 1301 27.03 120.71 -14.94
N ALA K 1302 26.04 121.17 -15.71
CA ALA K 1302 24.68 120.62 -15.67
C ALA K 1302 24.67 119.09 -15.60
N VAL K 1303 25.65 118.48 -16.28
CA VAL K 1303 25.87 117.04 -16.23
C VAL K 1303 26.19 116.54 -14.82
N ALA K 1304 27.33 116.97 -14.29
CA ALA K 1304 27.77 116.58 -12.95
C ALA K 1304 26.70 116.84 -11.88
N ASP K 1305 25.86 117.85 -12.10
CA ASP K 1305 24.77 118.18 -11.18
C ASP K 1305 23.74 117.07 -11.17
N PHE K 1306 23.46 116.52 -12.35
CA PHE K 1306 22.50 115.44 -12.51
C PHE K 1306 23.01 114.13 -11.90
N VAL K 1307 24.23 113.77 -12.28
CA VAL K 1307 24.95 112.64 -11.70
C VAL K 1307 24.92 112.63 -10.15
N HIS K 1308 25.49 113.67 -9.56
CA HIS K 1308 25.58 113.80 -8.10
C HIS K 1308 24.22 113.77 -7.43
N ALA K 1309 23.16 113.96 -8.22
CA ALA K 1309 21.81 114.01 -7.69
C ALA K 1309 21.17 112.64 -7.68
N VAL K 1310 21.02 112.04 -8.86
CA VAL K 1310 20.38 110.73 -8.96
C VAL K 1310 21.18 109.65 -8.25
N GLY K 1311 22.50 109.71 -8.37
CA GLY K 1311 23.36 108.84 -7.60
C GLY K 1311 24.46 108.12 -8.36
N ASN K 1312 24.46 108.24 -9.68
CA ASN K 1312 25.45 107.51 -10.48
C ASN K 1312 26.86 108.04 -10.30
N THR K 1313 27.86 107.16 -10.37
CA THR K 1313 29.25 107.57 -10.15
C THR K 1313 30.28 106.84 -11.03
N GLY K 1314 30.08 106.94 -12.35
CA GLY K 1314 30.95 106.25 -13.29
C GLY K 1314 32.06 107.15 -13.83
N GLU K 1315 33.28 106.63 -13.86
CA GLU K 1315 34.44 107.38 -14.35
C GLU K 1315 34.29 107.84 -15.82
N ALA K 1316 33.12 107.54 -16.41
CA ALA K 1316 32.80 108.06 -17.72
C ALA K 1316 32.08 109.37 -17.52
N PHE K 1317 31.14 109.39 -16.58
CA PHE K 1317 30.46 110.60 -16.17
C PHE K 1317 31.36 111.71 -15.64
N VAL K 1318 32.60 111.37 -15.30
CA VAL K 1318 33.58 112.33 -14.79
C VAL K 1318 34.80 112.39 -15.72
N ASP K 1319 35.52 113.50 -15.68
CA ASP K 1319 36.57 113.79 -16.65
C ASP K 1319 37.70 112.77 -16.77
N ARG K 1320 38.15 112.25 -15.63
CA ARG K 1320 39.22 111.26 -15.62
C ARG K 1320 38.89 109.99 -16.42
N GLY K 1321 39.87 109.11 -16.58
CA GLY K 1321 39.71 107.95 -17.44
C GLY K 1321 39.76 108.43 -18.86
N LYS K 1322 39.76 107.53 -19.83
CA LYS K 1322 39.84 107.96 -21.22
C LYS K 1322 38.48 108.30 -21.83
N ASP K 1323 37.45 108.30 -21.00
CA ASP K 1323 36.07 108.60 -21.43
C ASP K 1323 35.37 109.63 -20.55
N PHE K 1324 34.76 110.63 -21.18
CA PHE K 1324 33.82 111.53 -20.50
C PHE K 1324 32.47 111.62 -21.21
N PHE K 1325 31.45 111.07 -20.58
CA PHE K 1325 30.15 110.97 -21.21
C PHE K 1325 29.02 111.36 -20.27
N ALA K 1326 27.90 111.74 -20.86
CA ALA K 1326 26.71 112.08 -20.10
C ALA K 1326 25.70 110.94 -20.13
N PRO K 1327 25.01 110.74 -19.01
CA PRO K 1327 23.92 109.78 -18.84
C PRO K 1327 22.93 109.94 -19.96
N MET K 1328 22.39 108.83 -20.46
CA MET K 1328 21.32 108.92 -21.43
C MET K 1328 20.02 109.32 -20.74
N ASP K 1329 20.06 109.34 -19.42
CA ASP K 1329 18.95 109.84 -18.62
C ASP K 1329 18.84 111.33 -18.80
N PHE K 1330 19.92 111.92 -19.32
CA PHE K 1330 19.99 113.35 -19.56
C PHE K 1330 19.09 113.73 -20.73
N ALA K 1331 18.75 112.74 -21.55
CA ALA K 1331 17.88 112.98 -22.68
C ALA K 1331 16.56 113.56 -22.19
N ILE K 1332 16.08 113.05 -21.06
CA ILE K 1332 14.83 113.53 -20.48
C ILE K 1332 14.98 114.92 -19.85
N VAL K 1333 16.21 115.27 -19.50
CA VAL K 1333 16.47 116.58 -18.95
C VAL K 1333 16.58 117.58 -20.10
N VAL K 1334 17.30 117.19 -21.14
CA VAL K 1334 17.47 118.03 -22.32
C VAL K 1334 16.13 118.21 -23.02
N GLY K 1335 15.53 117.10 -23.44
CA GLY K 1335 14.30 117.15 -24.20
C GLY K 1335 13.06 117.29 -23.36
N TRP K 1336 13.27 117.65 -22.10
CA TRP K 1336 12.15 117.79 -21.16
C TRP K 1336 11.05 118.69 -21.75
N LYS K 1337 11.45 119.64 -22.58
CA LYS K 1337 10.47 120.48 -23.27
C LYS K 1337 9.60 119.64 -24.18
N ALA K 1338 10.20 119.12 -25.25
CA ALA K 1338 9.45 118.43 -26.30
C ALA K 1338 8.67 117.26 -25.74
N ILE K 1339 9.19 116.65 -24.68
CA ILE K 1339 8.58 115.45 -24.13
C ILE K 1339 7.31 115.78 -23.35
N THR K 1340 7.22 117.03 -22.89
CA THR K 1340 6.13 117.46 -22.00
C THR K 1340 5.02 118.23 -22.71
N LYS K 1341 5.41 119.19 -23.54
CA LYS K 1341 4.48 120.13 -24.16
C LYS K 1341 3.28 119.49 -24.86
N PRO K 1342 3.48 118.32 -25.49
CA PRO K 1342 2.38 117.73 -26.27
C PRO K 1342 1.18 117.30 -25.42
N ILE K 1343 1.34 117.34 -24.10
CA ILE K 1343 0.31 116.87 -23.18
C ILE K 1343 -0.85 117.86 -23.13
N PHE K 1344 -0.55 119.09 -23.51
CA PHE K 1344 -1.41 120.24 -23.23
C PHE K 1344 -2.60 120.52 -24.18
N PRO K 1345 -2.41 120.36 -25.50
CA PRO K 1345 -3.43 120.61 -26.52
C PRO K 1345 -4.90 120.47 -26.09
N ARG K 1346 -5.81 121.08 -26.84
CA ARG K 1346 -7.22 121.12 -26.46
C ARG K 1346 -7.93 119.78 -26.44
N LYS K 1347 -7.65 118.92 -27.42
CA LYS K 1347 -8.37 117.65 -27.55
C LYS K 1347 -7.89 116.56 -26.55
N ILE K 1348 -6.78 116.84 -25.88
CA ILE K 1348 -6.16 115.92 -24.93
C ILE K 1348 -6.43 116.38 -23.51
N ASP K 1349 -7.44 117.23 -23.32
CA ASP K 1349 -7.60 117.95 -22.05
C ASP K 1349 -8.01 117.09 -20.84
N GLY K 1350 -7.17 117.15 -19.81
CA GLY K 1350 -7.47 116.54 -18.54
C GLY K 1350 -6.76 117.29 -17.43
N ASP K 1351 -7.00 116.88 -16.19
CA ASP K 1351 -6.38 117.47 -15.01
C ASP K 1351 -4.87 117.23 -14.99
N LEU K 1352 -4.08 118.25 -15.34
CA LEU K 1352 -2.61 118.08 -15.32
C LEU K 1352 -2.07 117.88 -13.89
N LEU K 1353 -2.86 118.26 -12.91
CA LEU K 1353 -2.52 118.04 -11.51
C LEU K 1353 -2.52 116.54 -11.19
N LYS K 1354 -3.65 115.89 -11.48
CA LYS K 1354 -3.78 114.43 -11.35
C LYS K 1354 -3.13 113.69 -12.51
N LEU K 1355 -1.93 114.11 -12.89
CA LEU K 1355 -1.20 113.38 -13.91
C LEU K 1355 -0.11 112.60 -13.21
N VAL K 1356 0.35 111.54 -13.86
CA VAL K 1356 1.49 110.77 -13.37
C VAL K 1356 2.37 110.32 -14.52
N HIS K 1357 3.69 110.31 -14.28
CA HIS K 1357 4.61 109.73 -15.24
C HIS K 1357 4.52 108.22 -15.21
N LEU K 1358 4.16 107.62 -16.34
CA LEU K 1358 3.74 106.23 -16.38
C LEU K 1358 4.80 105.24 -16.87
N SER K 1359 5.41 105.52 -18.02
CA SER K 1359 6.48 104.70 -18.58
C SER K 1359 7.51 105.60 -19.22
N ASN K 1360 8.72 105.08 -19.37
CA ASN K 1360 9.73 105.85 -20.07
C ASN K 1360 10.83 104.98 -20.62
N GLY K 1361 11.04 105.04 -21.93
CA GLY K 1361 12.09 104.29 -22.58
C GLY K 1361 13.03 105.15 -23.40
N TYR K 1362 14.33 104.91 -23.22
CA TYR K 1362 15.35 105.47 -24.09
C TYR K 1362 15.79 104.34 -25.03
N ARG K 1363 16.32 104.70 -26.19
CA ARG K 1363 16.79 103.70 -27.13
C ARG K 1363 17.74 104.34 -28.13
N MET K 1364 19.01 103.95 -28.05
CA MET K 1364 20.06 104.62 -28.81
C MET K 1364 20.30 104.07 -30.21
N VAL K 1365 20.20 104.97 -31.18
CA VAL K 1365 20.36 104.64 -32.59
C VAL K 1365 21.65 103.88 -32.85
N PRO K 1366 21.56 102.81 -33.67
CA PRO K 1366 22.67 101.91 -33.98
C PRO K 1366 23.95 102.68 -34.33
N GLY K 1367 25.02 102.43 -33.58
CA GLY K 1367 26.32 102.99 -33.89
C GLY K 1367 26.61 104.36 -33.31
N ALA K 1368 25.57 105.08 -32.90
CA ALA K 1368 25.71 106.45 -32.40
C ALA K 1368 26.32 106.53 -31.01
N GLU K 1369 27.51 107.15 -30.91
CA GLU K 1369 28.16 107.35 -29.61
C GLU K 1369 27.28 108.13 -28.64
N PRO K 1370 27.44 107.89 -27.34
CA PRO K 1370 26.56 108.47 -26.31
C PRO K 1370 26.71 109.98 -26.22
N LEU K 1371 25.95 110.59 -25.31
CA LEU K 1371 25.96 112.03 -25.16
C LEU K 1371 27.27 112.49 -24.53
N LYS K 1372 27.93 113.46 -25.17
CA LYS K 1372 29.13 114.09 -24.60
C LYS K 1372 28.74 115.51 -24.22
N VAL K 1373 29.64 116.23 -23.54
CA VAL K 1373 29.29 117.55 -23.02
C VAL K 1373 29.21 118.67 -24.06
N GLY K 1374 30.21 118.76 -24.93
CA GLY K 1374 30.23 119.79 -25.95
C GLY K 1374 29.21 119.59 -27.07
N ASP K 1375 28.10 118.94 -26.72
CA ASP K 1375 27.09 118.56 -27.70
C ASP K 1375 25.98 119.59 -27.90
N VAL K 1376 25.43 119.61 -29.11
CA VAL K 1376 24.30 120.44 -29.41
C VAL K 1376 23.18 119.55 -29.94
N LEU K 1377 22.06 119.57 -29.22
CA LEU K 1377 21.00 118.58 -29.44
C LEU K 1377 19.67 119.21 -29.78
N ASP K 1378 19.09 118.79 -30.89
CA ASP K 1378 17.81 119.31 -31.33
C ASP K 1378 16.65 118.37 -30.98
N THR K 1379 15.77 118.87 -30.12
CA THR K 1379 14.73 118.05 -29.49
C THR K 1379 13.39 118.05 -30.23
N THR K 1380 13.12 116.96 -30.93
CA THR K 1380 11.89 116.84 -31.72
C THR K 1380 10.97 115.82 -31.08
N ALA K 1381 9.67 116.10 -31.07
CA ALA K 1381 8.73 115.12 -30.52
C ALA K 1381 7.38 115.10 -31.24
N GLN K 1382 6.66 113.99 -31.10
CA GLN K 1382 5.31 113.86 -31.64
C GLN K 1382 4.51 112.85 -30.85
N ILE K 1383 3.19 112.94 -30.97
CA ILE K 1383 2.29 112.14 -30.14
C ILE K 1383 1.91 110.80 -30.76
N ASN K 1384 2.61 109.76 -30.36
CA ASN K 1384 2.44 108.42 -30.96
C ASN K 1384 1.13 107.73 -30.64
N ALA K 1385 0.44 108.21 -29.61
CA ALA K 1385 -0.85 107.65 -29.24
C ALA K 1385 -1.38 108.28 -27.96
N VAL K 1386 -2.69 108.51 -27.96
CA VAL K 1386 -3.36 108.98 -26.76
C VAL K 1386 -4.61 108.17 -26.67
N ILE K 1387 -4.62 107.24 -25.71
CA ILE K 1387 -5.75 106.35 -25.49
C ILE K 1387 -6.14 106.38 -24.02
N ASN K 1388 -7.45 106.28 -23.79
CA ASN K 1388 -7.96 106.34 -22.43
C ASN K 1388 -8.25 104.96 -21.84
N GLN K 1389 -7.26 104.45 -21.13
CA GLN K 1389 -7.38 103.21 -20.36
C GLN K 1389 -8.36 103.42 -19.22
N ASP K 1390 -8.48 102.44 -18.34
CA ASP K 1390 -9.39 102.59 -17.21
C ASP K 1390 -8.82 103.47 -16.12
N SER K 1391 -7.55 103.23 -15.77
CA SER K 1391 -6.86 104.02 -14.74
C SER K 1391 -7.01 105.53 -14.94
N GLY K 1392 -6.87 105.95 -16.20
CA GLY K 1392 -7.03 107.37 -16.54
C GLY K 1392 -7.05 107.57 -18.04
N LYS K 1393 -6.38 108.60 -18.50
CA LYS K 1393 -6.17 108.78 -19.93
C LYS K 1393 -4.67 108.88 -20.16
N MET K 1394 -4.21 108.27 -21.24
CA MET K 1394 -2.76 108.15 -21.43
C MET K 1394 -2.28 108.75 -22.75
N VAL K 1395 -1.06 109.27 -22.70
CA VAL K 1395 -0.44 109.93 -23.83
C VAL K 1395 0.93 109.34 -24.06
N GLU K 1396 1.18 108.94 -25.31
CA GLU K 1396 2.51 108.42 -25.65
C GLU K 1396 3.31 109.44 -26.43
N VAL K 1397 4.45 109.83 -25.88
CA VAL K 1397 5.32 110.85 -26.48
C VAL K 1397 6.57 110.23 -27.05
N CYS K 1398 6.78 110.35 -28.36
CA CYS K 1398 8.04 109.87 -28.94
C CYS K 1398 8.96 111.03 -29.24
N GLY K 1399 10.06 111.08 -28.51
CA GLY K 1399 11.03 112.12 -28.73
C GLY K 1399 12.21 111.61 -29.51
N THR K 1400 12.83 112.49 -30.28
CA THR K 1400 14.06 112.18 -30.99
C THR K 1400 15.10 113.27 -30.70
N LEU K 1401 16.21 112.87 -30.11
CA LEU K 1401 17.29 113.81 -29.87
C LEU K 1401 18.29 113.72 -31.01
N LYS K 1402 18.34 114.77 -31.82
CA LYS K 1402 19.29 114.82 -32.93
C LYS K 1402 20.53 115.63 -32.59
N ARG K 1403 21.64 115.30 -33.25
CA ARG K 1403 22.90 115.97 -33.03
C ARG K 1403 23.65 115.96 -34.36
N ASP K 1404 24.04 117.14 -34.82
CA ASP K 1404 24.72 117.26 -36.12
C ASP K 1404 23.81 116.73 -37.23
N GLY K 1405 22.52 117.05 -37.13
CA GLY K 1405 21.54 116.69 -38.14
C GLY K 1405 21.10 115.23 -38.11
N LYS K 1406 21.81 114.42 -37.33
CA LYS K 1406 21.54 112.98 -37.27
C LYS K 1406 20.95 112.56 -35.93
N PRO K 1407 19.84 111.81 -35.98
CA PRO K 1407 19.15 111.29 -34.78
C PRO K 1407 20.06 110.39 -33.97
N VAL K 1408 20.14 110.62 -32.65
CA VAL K 1408 21.05 109.84 -31.81
C VAL K 1408 20.34 108.85 -30.89
N MET K 1409 19.19 109.25 -30.35
CA MET K 1409 18.43 108.37 -29.45
C MET K 1409 16.99 108.83 -29.30
N TYR K 1410 16.06 107.87 -29.37
CA TYR K 1410 14.65 108.20 -29.22
C TYR K 1410 14.16 107.96 -27.80
N VAL K 1411 13.72 109.03 -27.13
CA VAL K 1411 13.13 108.91 -25.81
C VAL K 1411 11.61 108.89 -25.91
N THR K 1412 11.06 107.69 -25.79
CA THR K 1412 9.62 107.51 -25.72
C THR K 1412 9.18 107.66 -24.26
N SER K 1413 7.91 107.93 -24.05
CA SER K 1413 7.41 108.21 -22.70
C SER K 1413 5.88 108.19 -22.68
N GLN K 1414 5.32 107.74 -21.55
CA GLN K 1414 3.87 107.69 -21.38
C GLN K 1414 3.46 108.46 -20.15
N PHE K 1415 2.36 109.21 -20.26
CA PHE K 1415 1.87 109.98 -19.12
C PHE K 1415 0.43 109.57 -18.82
N LEU K 1416 0.01 109.76 -17.58
CA LEU K 1416 -1.34 109.37 -17.19
C LEU K 1416 -2.16 110.47 -16.51
N TYR K 1417 -3.03 111.08 -17.30
CA TYR K 1417 -4.10 111.93 -16.79
C TYR K 1417 -5.12 111.02 -16.13
N ARG K 1418 -4.90 110.66 -14.88
CA ARG K 1418 -5.76 109.65 -14.23
C ARG K 1418 -7.17 110.13 -13.93
N GLY K 1419 -8.14 109.24 -14.15
CA GLY K 1419 -9.55 109.55 -13.98
C GLY K 1419 -10.42 108.84 -15.01
N VAL K 1420 -11.68 109.26 -15.10
CA VAL K 1420 -12.64 108.63 -16.02
C VAL K 1420 -12.84 109.47 -17.28
N TYR K 1421 -12.60 108.89 -18.45
CA TYR K 1421 -12.70 109.65 -19.70
C TYR K 1421 -13.50 108.97 -20.80
N THR K 1422 -14.26 109.76 -21.55
CA THR K 1422 -15.01 109.22 -22.70
C THR K 1422 -14.86 110.12 -23.93
N ASP K 1423 -13.71 110.79 -24.02
CA ASP K 1423 -13.44 111.64 -25.16
C ASP K 1423 -12.82 110.82 -26.30
N TYR K 1424 -13.48 109.72 -26.63
CA TYR K 1424 -12.99 108.83 -27.65
C TYR K 1424 -12.82 109.47 -29.08
N GLU K 1425 -13.38 110.67 -29.37
CA GLU K 1425 -13.29 111.43 -30.66
C GLU K 1425 -11.85 111.72 -31.10
N ASN K 1426 -10.95 111.71 -30.12
CA ASN K 1426 -9.56 112.13 -30.35
C ASN K 1426 -8.56 111.07 -29.91
N THR K 1427 -9.04 109.87 -29.66
CA THR K 1427 -8.14 108.80 -29.28
C THR K 1427 -7.65 108.06 -30.53
N PHE K 1428 -6.39 107.63 -30.51
CA PHE K 1428 -5.78 107.05 -31.69
C PHE K 1428 -4.44 106.43 -31.37
N GLN K 1429 -3.87 105.71 -32.34
CA GLN K 1429 -2.56 105.07 -32.17
C GLN K 1429 -1.85 104.71 -33.50
N ARG K 1430 -0.54 105.01 -33.56
CA ARG K 1430 0.31 104.56 -34.66
C ARG K 1430 1.27 103.50 -34.15
N LYS K 1431 0.91 102.23 -34.34
CA LYS K 1431 1.80 101.13 -34.00
C LYS K 1431 2.63 100.73 -35.23
N ASP K 1432 3.82 100.21 -34.98
CA ASP K 1432 4.60 99.59 -36.03
C ASP K 1432 4.40 98.10 -35.92
N GLU K 1433 3.64 97.55 -36.86
CA GLU K 1433 3.30 96.14 -36.82
C GLU K 1433 4.53 95.24 -36.84
N VAL K 1434 4.45 94.13 -36.13
CA VAL K 1434 5.57 93.23 -35.99
C VAL K 1434 6.03 92.74 -37.35
N PRO K 1435 7.34 92.84 -37.64
CA PRO K 1435 7.85 92.27 -38.90
C PRO K 1435 7.43 90.82 -39.00
N MET K 1436 6.82 90.44 -40.12
CA MET K 1436 6.36 89.06 -40.29
C MET K 1436 6.79 88.42 -41.61
N GLN K 1437 6.91 87.10 -41.60
CA GLN K 1437 7.52 86.31 -42.67
C GLN K 1437 6.53 85.30 -43.26
N LEU K 1438 5.99 85.61 -44.44
CA LEU K 1438 4.99 84.76 -45.06
C LEU K 1438 5.63 83.92 -46.14
N HIS K 1439 5.42 82.62 -46.07
CA HIS K 1439 6.02 81.72 -47.05
C HIS K 1439 4.99 81.20 -48.03
N ILE K 1440 5.06 81.68 -49.28
CA ILE K 1440 4.24 81.16 -50.35
C ILE K 1440 4.85 79.82 -50.80
N ALA K 1441 4.01 78.80 -50.94
CA ALA K 1441 4.53 77.48 -51.26
C ALA K 1441 3.69 76.77 -52.31
N THR K 1442 2.44 77.18 -52.46
CA THR K 1442 1.53 76.55 -53.40
C THR K 1442 0.85 77.62 -54.23
N PRO K 1443 0.50 77.31 -55.48
CA PRO K 1443 -0.32 78.27 -56.21
C PRO K 1443 -1.56 78.65 -55.40
N GLN K 1444 -1.99 77.77 -54.49
CA GLN K 1444 -3.12 78.06 -53.62
C GLN K 1444 -2.78 79.20 -52.69
N ASP K 1445 -1.58 79.15 -52.09
CA ASP K 1445 -1.10 80.19 -51.18
C ASP K 1445 -0.99 81.54 -51.88
N LEU K 1446 -0.23 81.56 -52.96
CA LEU K 1446 -0.02 82.74 -53.79
C LEU K 1446 -1.35 83.31 -54.27
N ALA K 1447 -2.22 82.44 -54.75
CA ALA K 1447 -3.53 82.84 -55.26
C ALA K 1447 -4.39 83.57 -54.22
N VAL K 1448 -4.17 83.26 -52.95
CA VAL K 1448 -4.88 83.95 -51.87
C VAL K 1448 -4.18 85.27 -51.53
N LEU K 1449 -2.86 85.25 -51.52
CA LEU K 1449 -2.08 86.45 -51.20
C LEU K 1449 -2.27 87.53 -52.26
N ARG K 1450 -2.72 87.10 -53.44
CA ARG K 1450 -3.03 88.03 -54.53
C ARG K 1450 -4.51 88.39 -54.48
N SER K 1451 -5.33 87.43 -54.08
CA SER K 1451 -6.77 87.61 -54.06
C SER K 1451 -7.19 88.66 -53.03
N LYS K 1452 -6.27 89.02 -52.14
CA LYS K 1452 -6.55 90.02 -51.12
C LYS K 1452 -6.67 91.43 -51.71
N GLU K 1453 -7.60 92.19 -51.18
CA GLU K 1453 -7.88 93.54 -51.65
C GLU K 1453 -6.70 94.45 -51.32
N TRP K 1454 -6.14 94.23 -50.15
CA TRP K 1454 -5.12 95.13 -49.62
C TRP K 1454 -3.75 94.81 -50.19
N PHE K 1455 -3.67 93.74 -50.96
CA PHE K 1455 -2.40 93.35 -51.53
C PHE K 1455 -2.17 93.89 -52.94
N LYS K 1456 -1.18 94.78 -53.06
CA LYS K 1456 -0.94 95.49 -54.30
C LYS K 1456 0.44 95.22 -54.86
N LEU K 1457 0.49 94.30 -55.83
CA LEU K 1457 1.73 93.86 -56.44
C LEU K 1457 2.32 94.94 -57.35
N ASP K 1458 3.64 94.96 -57.43
CA ASP K 1458 4.35 96.03 -58.12
C ASP K 1458 4.89 95.64 -59.49
N ASP K 1459 5.19 96.67 -60.29
CA ASP K 1459 5.63 96.51 -61.68
C ASP K 1459 7.15 96.47 -61.75
N GLN K 1460 7.77 95.96 -60.68
CA GLN K 1460 9.21 95.74 -60.67
C GLN K 1460 9.48 94.61 -61.64
N HIS K 1461 9.78 93.43 -61.12
CA HIS K 1461 9.92 92.25 -61.97
C HIS K 1461 8.81 91.26 -61.65
N ASP K 1462 8.54 90.38 -62.60
CA ASP K 1462 7.54 89.35 -62.42
C ASP K 1462 8.20 88.12 -61.85
N ILE K 1463 8.99 88.29 -60.80
CA ILE K 1463 9.63 87.15 -60.16
C ILE K 1463 8.56 86.28 -59.54
N GLU K 1464 8.49 85.01 -59.96
CA GLU K 1464 7.50 84.09 -59.42
C GLU K 1464 7.61 84.13 -57.93
N LEU K 1465 6.52 84.55 -57.29
CA LEU K 1465 6.48 84.66 -55.85
C LEU K 1465 6.26 83.28 -55.28
N LEU K 1466 6.21 82.30 -56.19
CA LEU K 1466 5.87 80.93 -55.81
C LEU K 1466 6.81 80.33 -54.77
N GLY K 1467 8.05 80.06 -55.18
CA GLY K 1467 9.01 79.43 -54.30
C GLY K 1467 9.40 80.23 -53.06
N GLN K 1468 9.62 81.52 -53.21
CA GLN K 1468 10.21 82.33 -52.14
C GLN K 1468 9.23 82.70 -51.04
N THR K 1469 9.76 83.33 -50.00
CA THR K 1469 8.93 83.85 -48.93
C THR K 1469 9.02 85.37 -48.91
N LEU K 1470 8.03 86.01 -48.29
CA LEU K 1470 7.94 87.45 -48.31
C LEU K 1470 8.03 88.03 -46.90
N VAL K 1471 8.55 89.24 -46.81
CA VAL K 1471 8.61 89.97 -45.55
C VAL K 1471 7.53 91.05 -45.53
N PHE K 1472 6.77 91.10 -44.45
CA PHE K 1472 5.75 92.13 -44.32
C PHE K 1472 6.09 93.05 -43.16
N ARG K 1473 6.71 94.18 -43.45
CA ARG K 1473 6.92 95.21 -42.45
C ARG K 1473 5.85 96.27 -42.63
N LEU K 1474 4.88 96.28 -41.73
CA LEU K 1474 3.75 97.19 -41.85
C LEU K 1474 3.74 98.26 -40.78
N GLN K 1475 3.06 99.35 -41.09
CA GLN K 1475 2.72 100.36 -40.11
C GLN K 1475 1.21 100.46 -40.09
N SER K 1476 0.65 100.96 -39.01
CA SER K 1476 -0.79 101.15 -38.98
C SER K 1476 -1.25 102.25 -38.04
N LEU K 1477 -2.40 102.82 -38.36
CA LEU K 1477 -3.04 103.82 -37.52
C LEU K 1477 -4.48 103.40 -37.23
N VAL K 1478 -4.81 103.41 -35.95
CA VAL K 1478 -6.14 103.03 -35.52
C VAL K 1478 -6.73 104.17 -34.74
N ARG K 1479 -8.02 104.43 -34.95
CA ARG K 1479 -8.75 105.38 -34.11
C ARG K 1479 -9.81 104.65 -33.31
N PHE K 1480 -9.85 104.90 -32.01
CA PHE K 1480 -10.77 104.19 -31.12
C PHE K 1480 -12.16 104.84 -31.08
N LYS K 1481 -13.15 104.08 -30.64
CA LYS K 1481 -14.45 104.67 -30.34
C LYS K 1481 -14.95 104.09 -29.01
N ASN K 1482 -15.17 102.79 -28.98
CA ASN K 1482 -15.29 102.07 -27.72
C ASN K 1482 -13.89 101.55 -27.45
N LYS K 1483 -13.49 101.46 -26.18
CA LYS K 1483 -12.21 100.84 -25.86
C LYS K 1483 -12.10 99.45 -26.50
N ASN K 1484 -13.26 98.91 -26.90
CA ASN K 1484 -13.35 97.58 -27.51
C ASN K 1484 -13.38 97.60 -29.04
N VAL K 1485 -13.94 98.65 -29.63
CA VAL K 1485 -14.16 98.69 -31.08
C VAL K 1485 -13.50 99.88 -31.80
N TYR K 1486 -12.52 99.58 -32.65
CA TYR K 1486 -11.84 100.61 -33.43
C TYR K 1486 -12.84 101.33 -34.35
N SER K 1487 -12.89 102.65 -34.25
CA SER K 1487 -13.75 103.46 -35.09
C SER K 1487 -13.26 103.45 -36.54
N SER K 1488 -11.94 103.27 -36.72
CA SER K 1488 -11.35 103.25 -38.06
C SER K 1488 -9.86 102.90 -38.04
N VAL K 1489 -9.45 102.05 -38.98
CA VAL K 1489 -8.10 101.50 -39.00
C VAL K 1489 -7.48 101.48 -40.39
N GLN K 1490 -6.21 101.86 -40.45
CA GLN K 1490 -5.49 101.91 -41.71
C GLN K 1490 -4.13 101.24 -41.58
N THR K 1491 -3.84 100.32 -42.50
CA THR K 1491 -2.54 99.66 -42.50
C THR K 1491 -1.80 99.84 -43.83
N ILE K 1492 -0.62 100.44 -43.74
CA ILE K 1492 0.27 100.60 -44.87
C ILE K 1492 1.57 99.87 -44.58
N GLY K 1493 2.14 99.22 -45.59
CA GLY K 1493 3.38 98.49 -45.38
C GLY K 1493 4.12 98.18 -46.65
N GLN K 1494 5.24 97.48 -46.53
CA GLN K 1494 6.06 97.14 -47.68
C GLN K 1494 6.29 95.65 -47.72
N VAL K 1495 5.95 95.02 -48.83
CA VAL K 1495 6.22 93.60 -49.02
C VAL K 1495 7.60 93.42 -49.64
N LEU K 1496 8.50 92.79 -48.89
CA LEU K 1496 9.87 92.59 -49.35
C LEU K 1496 10.16 91.14 -49.78
N LEU K 1497 11.10 91.01 -50.70
CA LEU K 1497 11.63 89.71 -51.10
C LEU K 1497 13.15 89.80 -51.15
N GLU K 1498 13.82 88.78 -50.62
CA GLU K 1498 15.25 88.71 -50.75
C GLU K 1498 15.60 87.78 -51.91
N LEU K 1499 16.41 88.29 -52.84
CA LEU K 1499 16.90 87.50 -53.96
C LEU K 1499 17.95 86.49 -53.52
N PRO K 1500 18.23 85.50 -54.37
CA PRO K 1500 19.34 84.57 -54.09
C PRO K 1500 20.65 85.35 -53.88
N THR K 1501 20.70 86.53 -54.50
CA THR K 1501 21.88 87.36 -54.50
C THR K 1501 21.99 88.21 -53.23
N LYS K 1502 20.95 88.13 -52.40
CA LYS K 1502 20.81 88.91 -51.16
C LYS K 1502 20.24 90.32 -51.42
N GLU K 1503 19.55 90.46 -52.55
CA GLU K 1503 18.89 91.72 -52.90
C GLU K 1503 17.57 91.86 -52.16
N ILE K 1504 17.23 93.08 -51.77
CA ILE K 1504 15.94 93.31 -51.14
C ILE K 1504 15.06 94.21 -52.02
N ILE K 1505 13.95 93.65 -52.50
CA ILE K 1505 13.07 94.36 -53.41
C ILE K 1505 11.69 94.56 -52.82
N GLN K 1506 11.04 95.65 -53.19
CA GLN K 1506 9.67 95.89 -52.77
C GLN K 1506 8.77 95.29 -53.82
N VAL K 1507 8.56 93.99 -53.71
CA VAL K 1507 7.75 93.26 -54.66
C VAL K 1507 6.31 93.76 -54.68
N ALA K 1508 5.88 94.35 -53.57
CA ALA K 1508 4.53 94.90 -53.48
C ALA K 1508 4.43 95.76 -52.23
N SER K 1509 3.21 96.19 -51.92
CA SER K 1509 2.96 96.96 -50.71
C SER K 1509 1.56 96.68 -50.20
N VAL K 1510 1.28 97.15 -48.98
CA VAL K 1510 0.00 96.88 -48.34
C VAL K 1510 -0.80 98.14 -48.04
N ASP K 1511 -2.03 98.16 -48.54
CA ASP K 1511 -2.94 99.27 -48.29
C ASP K 1511 -4.35 98.77 -47.94
N TYR K 1512 -4.72 98.95 -46.66
CA TYR K 1512 -6.04 98.56 -46.19
C TYR K 1512 -6.55 99.58 -45.20
N GLU K 1513 -7.84 99.86 -45.26
CA GLU K 1513 -8.46 100.78 -44.32
C GLU K 1513 -9.95 100.49 -44.19
N ALA K 1514 -10.45 100.53 -42.96
CA ALA K 1514 -11.86 100.31 -42.69
C ALA K 1514 -12.25 100.94 -41.37
N GLY K 1515 -13.54 101.19 -41.19
CA GLY K 1515 -14.01 101.78 -39.95
C GLY K 1515 -14.95 100.84 -39.23
N GLU K 1516 -15.07 101.01 -37.93
CA GLU K 1516 -15.90 100.13 -37.11
C GLU K 1516 -15.39 98.70 -37.23
N SER K 1517 -14.16 98.50 -36.81
CA SER K 1517 -13.49 97.22 -36.91
C SER K 1517 -13.22 96.67 -35.51
N HIS K 1518 -13.27 95.34 -35.37
CA HIS K 1518 -12.99 94.70 -34.08
C HIS K 1518 -11.58 94.11 -34.04
N GLY K 1519 -10.94 94.02 -35.20
CA GLY K 1519 -9.59 93.51 -35.30
C GLY K 1519 -8.92 93.95 -36.59
N ASN K 1520 -7.66 93.59 -36.74
CA ASN K 1520 -6.89 93.95 -37.93
C ASN K 1520 -6.74 92.76 -38.89
N PRO K 1521 -7.66 92.67 -39.88
CA PRO K 1521 -7.77 91.55 -40.82
C PRO K 1521 -6.48 91.29 -41.58
N VAL K 1522 -5.63 92.30 -41.72
CA VAL K 1522 -4.37 92.15 -42.44
C VAL K 1522 -3.36 91.44 -41.58
N ILE K 1523 -3.19 91.92 -40.35
CA ILE K 1523 -2.30 91.28 -39.40
C ILE K 1523 -2.73 89.84 -39.15
N ASP K 1524 -4.03 89.65 -38.99
CA ASP K 1524 -4.58 88.32 -38.75
C ASP K 1524 -4.16 87.32 -39.82
N TYR K 1525 -4.43 87.66 -41.08
CA TYR K 1525 -4.03 86.82 -42.20
C TYR K 1525 -2.57 86.43 -42.05
N LEU K 1526 -1.74 87.41 -41.73
CA LEU K 1526 -0.30 87.19 -41.60
C LEU K 1526 0.03 86.29 -40.42
N GLN K 1527 -0.69 86.48 -39.32
CA GLN K 1527 -0.39 85.74 -38.10
C GLN K 1527 -0.51 84.23 -38.29
N ARG K 1528 -1.44 83.81 -39.15
CA ARG K 1528 -1.63 82.37 -39.40
C ARG K 1528 -0.72 81.84 -40.51
N HIS K 1529 -0.90 82.34 -41.74
CA HIS K 1529 -0.15 81.83 -42.89
C HIS K 1529 1.35 82.14 -42.85
N GLY K 1530 1.76 82.93 -41.87
CA GLY K 1530 3.16 83.28 -41.71
C GLY K 1530 3.56 83.36 -40.24
N SER K 1531 4.80 83.77 -40.00
CA SER K 1531 5.35 83.84 -38.65
C SER K 1531 6.09 85.15 -38.43
N SER K 1532 6.22 85.57 -37.18
CA SER K 1532 6.99 86.77 -36.87
C SER K 1532 8.46 86.52 -37.15
N ILE K 1533 9.28 87.56 -36.95
CA ILE K 1533 10.71 87.43 -37.22
C ILE K 1533 11.49 88.49 -36.48
N GLU K 1534 12.81 88.30 -36.41
CA GLU K 1534 13.70 89.23 -35.73
C GLU K 1534 13.28 89.42 -34.27
N GLN K 1535 12.81 88.34 -33.64
CA GLN K 1535 12.30 88.39 -32.26
C GLN K 1535 13.42 88.00 -31.25
N PRO K 1536 13.32 88.36 -29.93
CA PRO K 1536 14.29 88.01 -28.85
C PRO K 1536 14.51 86.49 -28.68
N VAL K 1537 15.57 86.10 -27.98
CA VAL K 1537 15.80 84.69 -27.72
C VAL K 1537 16.19 84.48 -26.25
N ASN K 1538 15.20 84.12 -25.42
CA ASN K 1538 15.42 83.95 -23.99
C ASN K 1538 15.87 82.53 -23.70
N PHE K 1539 16.43 82.33 -22.51
CA PHE K 1539 16.88 80.99 -22.13
C PHE K 1539 15.87 80.31 -21.21
N GLU K 1540 16.05 79.01 -21.00
CA GLU K 1540 15.26 78.30 -20.00
C GLU K 1540 15.67 78.82 -18.64
N ASN K 1541 16.98 79.07 -18.51
CA ASN K 1541 17.58 79.44 -17.24
C ASN K 1541 18.07 80.88 -17.20
N PRO K 1542 17.21 81.79 -16.68
CA PRO K 1542 17.55 83.20 -16.47
C PRO K 1542 18.75 83.32 -15.54
N ILE K 1543 19.84 83.87 -16.06
CA ILE K 1543 21.08 83.99 -15.30
C ILE K 1543 21.08 85.17 -14.36
N PRO K 1544 21.06 84.89 -13.05
CA PRO K 1544 21.13 85.98 -12.07
C PRO K 1544 22.41 86.76 -12.28
N LEU K 1545 22.33 88.08 -12.16
CA LEU K 1545 23.49 88.94 -12.44
C LEU K 1545 24.13 89.45 -11.16
N SER K 1546 23.34 90.03 -10.27
CA SER K 1546 23.88 90.54 -9.02
C SER K 1546 23.97 89.42 -7.98
N GLY K 1547 23.06 88.46 -8.10
CA GLY K 1547 23.01 87.36 -7.16
C GLY K 1547 21.89 87.60 -6.18
N LYS K 1548 21.88 86.82 -5.11
CA LYS K 1548 20.87 86.94 -4.07
C LYS K 1548 21.23 88.02 -3.06
N THR K 1549 22.44 88.58 -3.20
CA THR K 1549 22.84 89.75 -2.43
C THR K 1549 22.19 90.99 -3.07
N PRO K 1550 20.95 91.32 -2.62
CA PRO K 1550 20.08 92.25 -3.34
C PRO K 1550 20.63 93.66 -3.40
N LEU K 1551 20.52 94.28 -4.56
CA LEU K 1551 20.95 95.65 -4.72
C LEU K 1551 19.97 96.56 -3.98
N GLU K 1552 20.51 97.49 -3.20
CA GLU K 1552 19.66 98.35 -2.38
C GLU K 1552 19.82 99.83 -2.70
N LEU K 1553 18.69 100.51 -2.83
CA LEU K 1553 18.67 101.93 -3.11
C LEU K 1553 17.81 102.65 -2.09
N ARG K 1554 17.95 103.97 -2.02
CA ARG K 1554 17.09 104.79 -1.16
C ARG K 1554 16.66 106.11 -1.78
N ALA K 1555 15.34 106.30 -1.86
CA ALA K 1555 14.77 107.57 -2.29
C ALA K 1555 15.28 108.60 -1.32
N PRO K 1556 15.97 109.63 -1.82
CA PRO K 1556 16.57 110.60 -0.91
C PRO K 1556 15.50 111.40 -0.18
N ALA K 1557 15.95 112.29 0.70
CA ALA K 1557 15.05 113.02 1.59
C ALA K 1557 14.23 114.09 0.87
N SER K 1558 14.94 115.00 0.18
CA SER K 1558 14.30 116.13 -0.48
C SER K 1558 14.33 115.99 -2.00
N ASN K 1559 13.15 115.88 -2.59
CA ASN K 1559 13.00 115.78 -4.03
C ASN K 1559 13.55 117.00 -4.78
N GLU K 1560 13.58 118.15 -4.12
CA GLU K 1560 14.14 119.37 -4.70
C GLU K 1560 15.45 119.14 -5.46
N ASN K 1561 16.41 118.46 -4.83
CA ASN K 1561 17.69 118.12 -5.46
C ASN K 1561 17.56 117.73 -6.92
N TYR K 1562 16.60 116.84 -7.19
CA TYR K 1562 16.27 116.38 -8.54
C TYR K 1562 15.54 117.46 -9.34
N ALA K 1563 14.40 117.92 -8.81
CA ALA K 1563 13.57 118.95 -9.45
C ALA K 1563 14.44 120.01 -10.14
N ARG K 1564 15.52 120.39 -9.45
CA ARG K 1564 16.45 121.39 -9.94
C ARG K 1564 17.20 120.92 -11.18
N VAL K 1565 17.88 119.79 -11.06
CA VAL K 1565 18.70 119.34 -12.17
C VAL K 1565 17.87 118.75 -13.31
N SER K 1566 16.57 118.62 -13.11
CA SER K 1566 15.71 117.97 -14.11
C SER K 1566 14.92 118.97 -14.90
N GLY K 1567 14.26 119.88 -14.18
CA GLY K 1567 13.39 120.86 -14.80
C GLY K 1567 11.95 120.62 -14.38
N ASP K 1568 11.69 119.43 -13.84
CA ASP K 1568 10.36 119.10 -13.35
C ASP K 1568 10.20 119.60 -11.93
N TYR K 1569 9.69 120.81 -11.79
CA TYR K 1569 9.48 121.41 -10.48
C TYR K 1569 8.12 121.01 -9.93
N ASN K 1570 7.36 120.31 -10.77
CA ASN K 1570 6.01 119.81 -10.46
C ASN K 1570 5.75 119.78 -8.95
N PRO K 1571 4.70 120.48 -8.49
CA PRO K 1571 4.40 120.63 -7.05
C PRO K 1571 4.15 119.30 -6.34
N ILE K 1572 3.73 118.30 -7.12
CA ILE K 1572 3.47 116.96 -6.62
C ILE K 1572 4.62 116.41 -5.76
N HIS K 1573 5.85 116.55 -6.26
CA HIS K 1573 7.03 115.94 -5.64
C HIS K 1573 7.68 116.78 -4.53
N VAL K 1574 7.33 118.06 -4.45
CA VAL K 1574 8.02 118.95 -3.52
C VAL K 1574 7.11 119.53 -2.41
N SER K 1575 6.00 120.16 -2.77
CA SER K 1575 5.13 120.79 -1.77
C SER K 1575 4.24 119.78 -1.07
N ARG K 1576 3.70 120.19 0.07
CA ARG K 1576 2.76 119.36 0.80
C ARG K 1576 1.34 119.55 0.29
N VAL K 1577 0.91 120.81 0.21
CA VAL K 1577 -0.49 121.12 -0.08
C VAL K 1577 -0.89 120.77 -1.50
N PHE K 1578 0.08 120.91 -2.41
CA PHE K 1578 -0.20 120.58 -3.82
C PHE K 1578 -0.44 119.08 -3.97
N SER K 1579 0.53 118.28 -3.57
CA SER K 1579 0.37 116.83 -3.62
C SER K 1579 -0.90 116.40 -2.87
N SER K 1580 -1.13 116.99 -1.70
CA SER K 1580 -2.31 116.66 -0.88
C SER K 1580 -3.62 116.90 -1.64
N TYR K 1581 -3.62 117.86 -2.56
CA TYR K 1581 -4.83 118.15 -3.29
C TYR K 1581 -5.16 117.02 -4.27
N ALA K 1582 -4.13 116.34 -4.79
CA ALA K 1582 -4.31 115.30 -5.80
C ALA K 1582 -4.42 113.86 -5.25
N ASN K 1583 -4.62 113.74 -3.93
CA ASN K 1583 -4.80 112.44 -3.27
C ASN K 1583 -3.62 111.52 -3.43
N LEU K 1584 -2.47 111.93 -2.89
CA LEU K 1584 -1.29 111.10 -3.01
C LEU K 1584 -0.84 110.66 -1.63
N PRO K 1585 -0.02 109.61 -1.55
CA PRO K 1585 0.64 109.25 -0.30
C PRO K 1585 1.51 110.42 0.18
N GLY K 1586 1.81 111.34 -0.74
CA GLY K 1586 2.43 112.61 -0.37
C GLY K 1586 3.88 112.73 -0.75
N THR K 1587 4.23 113.87 -1.36
CA THR K 1587 5.62 114.16 -1.69
C THR K 1587 6.28 113.01 -2.42
N ILE K 1588 5.50 112.31 -3.25
CA ILE K 1588 5.96 111.20 -4.07
C ILE K 1588 7.35 111.44 -4.69
N THR K 1589 8.27 110.48 -4.52
CA THR K 1589 9.60 110.59 -5.11
C THR K 1589 9.44 110.74 -6.61
N HIS K 1590 10.46 111.31 -7.27
CA HIS K 1590 10.40 111.54 -8.72
C HIS K 1590 10.33 110.24 -9.51
N GLY K 1591 9.29 110.10 -10.33
CA GLY K 1591 9.14 108.94 -11.20
C GLY K 1591 10.45 108.67 -11.93
N MET K 1592 10.94 109.68 -12.63
CA MET K 1592 12.15 109.56 -13.42
C MET K 1592 13.41 109.38 -12.59
N TYR K 1593 13.34 109.75 -11.30
CA TYR K 1593 14.49 109.63 -10.43
C TYR K 1593 14.77 108.18 -10.12
N THR K 1594 13.74 107.49 -9.67
CA THR K 1594 13.82 106.06 -9.42
C THR K 1594 14.48 105.42 -10.63
N SER K 1595 13.88 105.66 -11.80
CA SER K 1595 14.40 105.14 -13.08
C SER K 1595 15.91 105.33 -13.24
N ALA K 1596 16.33 106.59 -13.22
CA ALA K 1596 17.73 106.96 -13.42
C ALA K 1596 18.64 106.25 -12.44
N ALA K 1597 18.14 106.01 -11.23
CA ALA K 1597 18.94 105.41 -10.17
C ALA K 1597 19.23 103.92 -10.42
N VAL K 1598 18.17 103.12 -10.56
CA VAL K 1598 18.31 101.72 -10.91
C VAL K 1598 19.07 101.56 -12.21
N ARG K 1599 18.83 102.45 -13.15
CA ARG K 1599 19.48 102.41 -14.46
C ARG K 1599 21.01 102.52 -14.32
N SER K 1600 21.48 103.09 -13.22
CA SER K 1600 22.91 103.18 -12.96
C SER K 1600 23.49 101.82 -12.63
N LEU K 1601 22.75 101.08 -11.82
CA LEU K 1601 23.15 99.73 -11.47
C LEU K 1601 23.24 98.92 -12.75
N VAL K 1602 22.24 99.08 -13.63
CA VAL K 1602 22.20 98.36 -14.88
C VAL K 1602 23.49 98.64 -15.64
N GLU K 1603 23.99 99.86 -15.49
CA GLU K 1603 25.21 100.27 -16.20
C GLU K 1603 26.44 99.60 -15.63
N THR K 1604 26.64 99.78 -14.33
CA THR K 1604 27.84 99.29 -13.67
C THR K 1604 27.82 97.75 -13.56
N TRP K 1605 26.62 97.19 -13.40
CA TRP K 1605 26.45 95.77 -13.10
C TRP K 1605 26.43 94.82 -14.30
N ALA K 1606 25.91 95.29 -15.42
CA ALA K 1606 25.80 94.48 -16.63
C ALA K 1606 26.83 94.91 -17.68
N ALA K 1607 26.81 96.20 -17.99
CA ALA K 1607 27.74 96.75 -18.96
C ALA K 1607 29.10 96.96 -18.32
N GLU K 1608 29.21 96.65 -17.03
CA GLU K 1608 30.42 96.87 -16.26
C GLU K 1608 31.20 98.13 -16.65
N ASN K 1609 30.60 99.28 -16.37
CA ASN K 1609 31.28 100.58 -16.44
C ASN K 1609 31.42 101.28 -17.82
N ASN K 1610 31.14 100.56 -18.90
CA ASN K 1610 31.30 101.12 -20.25
C ASN K 1610 29.97 101.51 -20.87
N ILE K 1611 29.50 102.70 -20.52
CA ILE K 1611 28.14 103.15 -20.87
C ILE K 1611 27.68 102.81 -22.28
N GLY K 1612 28.60 102.91 -23.24
CA GLY K 1612 28.29 102.66 -24.63
C GLY K 1612 27.43 101.43 -24.78
N ARG K 1613 27.81 100.39 -24.03
CA ARG K 1613 27.14 99.12 -24.11
C ARG K 1613 25.64 99.26 -23.97
N VAL K 1614 25.18 99.76 -22.83
CA VAL K 1614 23.74 99.88 -22.59
C VAL K 1614 23.07 100.69 -23.70
N ARG K 1615 22.47 99.97 -24.63
CA ARG K 1615 21.93 100.58 -25.83
C ARG K 1615 20.43 100.81 -25.69
N SER K 1616 19.84 100.25 -24.65
CA SER K 1616 18.41 100.43 -24.41
C SER K 1616 18.03 100.21 -22.95
N TYR K 1617 17.00 100.92 -22.54
CA TYR K 1617 16.51 100.87 -21.17
C TYR K 1617 15.05 101.28 -21.24
N HIS K 1618 14.19 100.52 -20.60
CA HIS K 1618 12.78 100.85 -20.62
C HIS K 1618 12.18 100.38 -19.32
N VAL K 1619 11.50 101.28 -18.64
CA VAL K 1619 10.89 100.93 -17.37
C VAL K 1619 9.41 101.30 -17.28
N ASN K 1620 8.64 100.41 -16.69
CA ASN K 1620 7.29 100.75 -16.28
C ASN K 1620 7.32 101.03 -14.78
N MET K 1621 7.22 102.30 -14.41
CA MET K 1621 7.02 102.62 -13.00
C MET K 1621 5.57 102.28 -12.63
N VAL K 1622 5.43 101.60 -11.50
CA VAL K 1622 4.13 101.15 -11.04
C VAL K 1622 4.08 101.33 -9.54
N GLY K 1623 5.25 101.54 -8.95
CA GLY K 1623 5.35 101.82 -7.53
C GLY K 1623 5.62 103.28 -7.25
N MET K 1624 4.68 103.93 -6.57
CA MET K 1624 4.88 105.28 -6.09
C MET K 1624 5.81 105.24 -4.89
N VAL K 1625 7.05 105.67 -5.11
CA VAL K 1625 8.06 105.61 -4.07
C VAL K 1625 7.95 106.84 -3.19
N LEU K 1626 7.78 106.65 -1.89
CA LEU K 1626 7.87 107.78 -0.96
C LEU K 1626 9.33 108.06 -0.63
N PRO K 1627 9.62 109.27 -0.15
CA PRO K 1627 11.01 109.64 0.13
C PRO K 1627 11.56 108.89 1.33
N ASN K 1628 12.81 108.48 1.23
CA ASN K 1628 13.52 107.72 2.27
C ASN K 1628 13.12 106.25 2.38
N ASP K 1629 12.46 105.76 1.34
CA ASP K 1629 12.15 104.34 1.25
C ASP K 1629 13.38 103.56 0.87
N ALA K 1630 13.39 102.28 1.20
CA ALA K 1630 14.43 101.38 0.72
C ALA K 1630 13.89 100.64 -0.50
N ILE K 1631 14.60 100.81 -1.61
CA ILE K 1631 14.22 100.13 -2.84
C ILE K 1631 15.20 99.00 -3.14
N THR K 1632 14.67 97.88 -3.61
CA THR K 1632 15.46 96.68 -3.82
C THR K 1632 15.45 96.26 -5.28
N VAL K 1633 16.65 96.10 -5.82
CA VAL K 1633 16.80 95.83 -7.26
C VAL K 1633 17.41 94.47 -7.53
N LYS K 1634 16.80 93.75 -8.48
CA LYS K 1634 17.32 92.47 -8.96
C LYS K 1634 17.61 92.59 -10.45
N LEU K 1635 18.68 91.93 -10.88
CA LEU K 1635 19.10 91.97 -12.29
C LEU K 1635 19.40 90.58 -12.85
N GLU K 1636 18.60 90.15 -13.82
CA GLU K 1636 18.77 88.87 -14.50
C GLU K 1636 19.18 89.06 -15.95
N HIS K 1637 19.92 88.07 -16.48
CA HIS K 1637 20.31 88.05 -17.89
C HIS K 1637 19.36 87.14 -18.66
N VAL K 1638 18.11 87.55 -18.81
CA VAL K 1638 17.05 86.64 -19.23
C VAL K 1638 17.00 86.35 -20.74
N GLY K 1639 17.81 87.04 -21.53
CA GLY K 1639 17.74 86.86 -22.97
C GLY K 1639 18.89 87.40 -23.81
N MET K 1640 18.70 87.34 -25.14
CA MET K 1640 19.66 87.85 -26.12
C MET K 1640 18.93 88.39 -27.34
N ILE K 1641 19.41 89.52 -27.86
CA ILE K 1641 18.91 90.04 -29.13
C ILE K 1641 20.05 90.68 -29.89
N ALA K 1642 20.31 90.20 -31.10
CA ALA K 1642 21.32 90.78 -31.98
C ALA K 1642 22.66 91.04 -31.29
N GLY K 1643 23.19 90.04 -30.60
CA GLY K 1643 24.47 90.16 -29.92
C GLY K 1643 24.43 91.01 -28.66
N ARG K 1644 23.22 91.36 -28.23
CA ARG K 1644 23.02 92.17 -27.03
C ARG K 1644 22.31 91.40 -25.91
N LYS K 1645 22.83 91.48 -24.69
CA LYS K 1645 22.23 90.85 -23.54
C LYS K 1645 20.95 91.58 -23.13
N ILE K 1646 19.82 90.87 -23.10
CA ILE K 1646 18.61 91.41 -22.48
C ILE K 1646 18.77 91.27 -20.97
N ILE K 1647 18.31 92.26 -20.22
CA ILE K 1647 18.46 92.22 -18.78
C ILE K 1647 17.18 92.66 -18.11
N LYS K 1648 16.46 91.70 -17.55
CA LYS K 1648 15.26 92.00 -16.79
C LYS K 1648 15.64 92.78 -15.54
N VAL K 1649 14.93 93.87 -15.29
CA VAL K 1649 15.19 94.70 -14.13
C VAL K 1649 13.92 94.76 -13.28
N ASP K 1650 14.11 94.61 -11.97
CA ASP K 1650 13.00 94.58 -11.03
C ASP K 1650 13.35 95.32 -9.73
N ALA K 1651 12.58 96.35 -9.40
CA ALA K 1651 12.79 97.13 -8.18
C ALA K 1651 11.55 97.08 -7.30
N ARG K 1652 11.74 96.73 -6.04
CA ARG K 1652 10.60 96.59 -5.13
C ARG K 1652 10.74 97.32 -3.81
N ASN K 1653 9.60 97.57 -3.19
CA ASN K 1653 9.53 98.17 -1.87
C ASN K 1653 10.09 97.20 -0.84
N LYS K 1654 11.22 97.56 -0.22
CA LYS K 1654 11.90 96.62 0.67
C LYS K 1654 11.07 96.15 1.87
N ASP K 1655 9.88 96.72 2.04
CA ASP K 1655 9.07 96.41 3.21
C ASP K 1655 7.77 95.70 2.86
N THR K 1656 7.30 95.90 1.65
CA THR K 1656 6.01 95.33 1.23
C THR K 1656 6.14 94.56 -0.07
N ASP K 1657 7.37 94.46 -0.58
CA ASP K 1657 7.66 93.77 -1.84
C ASP K 1657 6.70 94.09 -2.97
N GLU K 1658 6.09 95.27 -2.90
CA GLU K 1658 5.30 95.77 -4.01
C GLU K 1658 6.29 96.24 -5.07
N SER K 1659 5.96 95.97 -6.32
CA SER K 1659 6.83 96.37 -7.41
C SER K 1659 6.86 97.88 -7.52
N VAL K 1660 8.03 98.41 -7.85
CA VAL K 1660 8.20 99.83 -8.10
C VAL K 1660 8.54 100.05 -9.59
N LEU K 1661 9.56 99.33 -10.04
CA LEU K 1661 9.97 99.34 -11.42
C LEU K 1661 9.95 97.94 -12.02
N GLN K 1662 9.75 97.87 -13.33
CA GLN K 1662 9.84 96.62 -14.07
C GLN K 1662 10.11 96.88 -15.54
N GLY K 1663 11.24 96.40 -16.01
CA GLY K 1663 11.58 96.63 -17.40
C GLY K 1663 12.83 95.91 -17.80
N GLU K 1664 13.13 95.95 -19.10
CA GLU K 1664 14.30 95.29 -19.67
C GLU K 1664 15.35 96.30 -20.14
N ALA K 1665 16.59 95.87 -20.24
CA ALA K 1665 17.66 96.73 -20.72
C ALA K 1665 18.53 95.96 -21.70
N GLU K 1666 18.66 96.48 -22.91
CA GLU K 1666 19.45 95.81 -23.95
C GLU K 1666 20.91 96.24 -23.92
N VAL K 1667 21.66 95.70 -22.96
CA VAL K 1667 23.08 96.05 -22.81
C VAL K 1667 23.96 95.25 -23.76
N GLU K 1668 25.05 95.85 -24.22
CA GLU K 1668 25.97 95.17 -25.11
C GLU K 1668 26.97 94.28 -24.42
N GLN K 1669 27.19 93.13 -25.05
CA GLN K 1669 28.11 92.13 -24.58
C GLN K 1669 29.46 92.62 -25.03
N PRO K 1670 30.38 92.63 -24.16
CA PRO K 1670 31.76 93.09 -24.21
C PRO K 1670 32.43 92.95 -25.61
N VAL K 1671 33.49 93.74 -25.81
CA VAL K 1671 34.29 93.75 -27.04
C VAL K 1671 34.71 92.35 -27.51
N THR K 1672 34.24 91.95 -28.69
CA THR K 1672 34.50 90.61 -29.18
C THR K 1672 35.34 90.56 -30.45
N ALA K 1673 35.94 89.39 -30.68
CA ALA K 1673 36.67 89.14 -31.92
C ALA K 1673 36.49 87.67 -32.30
N TYR K 1674 35.99 87.44 -33.51
CA TYR K 1674 35.80 86.09 -34.00
C TYR K 1674 36.96 85.70 -34.93
N VAL K 1675 37.56 84.55 -34.67
CA VAL K 1675 38.65 84.05 -35.50
C VAL K 1675 38.43 82.60 -35.93
N PHE K 1676 38.51 82.37 -37.24
CA PHE K 1676 38.24 81.05 -37.79
C PHE K 1676 39.50 80.28 -38.15
N THR K 1677 39.61 79.07 -37.60
CA THR K 1677 40.79 78.23 -37.68
C THR K 1677 41.13 77.75 -39.11
N GLY K 1678 42.40 77.43 -39.32
CA GLY K 1678 42.86 76.97 -40.62
C GLY K 1678 42.99 75.47 -40.68
N GLN K 1679 43.59 74.97 -41.77
CA GLN K 1679 43.76 73.53 -41.97
C GLN K 1679 44.57 72.87 -40.84
N GLY K 1680 44.45 71.54 -40.74
CA GLY K 1680 45.18 70.77 -39.73
C GLY K 1680 44.31 70.24 -38.59
N SER K 1681 43.23 70.95 -38.27
CA SER K 1681 42.38 70.58 -37.14
C SER K 1681 41.18 69.74 -37.57
N GLN K 1682 41.13 69.38 -38.85
CA GLN K 1682 40.02 68.59 -39.36
C GLN K 1682 39.95 67.22 -38.69
N GLU K 1683 38.91 67.02 -37.91
CA GLU K 1683 38.66 65.73 -37.28
C GLU K 1683 37.48 65.05 -37.95
N GLN K 1684 37.55 63.73 -38.07
CA GLN K 1684 36.45 62.95 -38.64
C GLN K 1684 35.13 63.26 -37.94
N GLY K 1685 34.09 63.46 -38.75
CA GLY K 1685 32.75 63.69 -38.22
C GLY K 1685 32.55 65.03 -37.54
N MET K 1686 33.47 65.96 -37.76
CA MET K 1686 33.41 67.26 -37.10
C MET K 1686 32.11 68.01 -37.38
N GLY K 1687 31.52 68.57 -36.32
CA GLY K 1687 30.32 69.37 -36.42
C GLY K 1687 29.10 68.63 -36.94
N MET K 1688 29.13 67.30 -36.84
CA MET K 1688 28.01 66.47 -37.24
C MET K 1688 26.97 66.33 -36.13
N ASP K 1689 27.45 66.36 -34.89
CA ASP K 1689 26.58 66.35 -33.72
C ASP K 1689 25.69 67.57 -33.74
N LEU K 1690 26.29 68.70 -34.10
CA LEU K 1690 25.59 69.98 -34.22
C LEU K 1690 24.65 69.92 -35.43
N TYR K 1691 25.04 69.15 -36.43
CA TYR K 1691 24.21 68.92 -37.62
C TYR K 1691 22.84 68.43 -37.22
N ALA K 1692 22.81 67.42 -36.37
CA ALA K 1692 21.55 66.79 -35.97
C ALA K 1692 20.68 67.69 -35.10
N THR K 1693 21.32 68.48 -34.24
CA THR K 1693 20.63 69.25 -33.22
C THR K 1693 20.21 70.65 -33.65
N SER K 1694 20.70 71.11 -34.80
CA SER K 1694 20.38 72.45 -35.29
C SER K 1694 19.79 72.45 -36.68
N PRO K 1695 18.51 72.85 -36.80
CA PRO K 1695 17.82 72.93 -38.10
C PRO K 1695 18.50 73.96 -39.01
N VAL K 1696 19.27 74.87 -38.39
CA VAL K 1696 19.98 75.89 -39.12
C VAL K 1696 21.20 75.28 -39.80
N ALA K 1697 22.15 74.84 -38.98
CA ALA K 1697 23.39 74.24 -39.47
C ALA K 1697 23.11 73.09 -40.43
N LYS K 1698 22.01 72.40 -40.17
CA LYS K 1698 21.57 71.31 -41.02
C LYS K 1698 21.48 71.82 -42.46
N GLU K 1699 20.60 72.79 -42.67
CA GLU K 1699 20.30 73.31 -44.01
C GLU K 1699 21.54 73.83 -44.73
N VAL K 1700 22.47 74.40 -43.98
CA VAL K 1700 23.75 74.82 -44.54
C VAL K 1700 24.45 73.65 -45.22
N TRP K 1701 24.82 72.65 -44.43
CA TRP K 1701 25.45 71.44 -44.94
C TRP K 1701 24.68 70.84 -46.11
N ASP K 1702 23.35 70.91 -46.04
CA ASP K 1702 22.51 70.39 -47.12
C ASP K 1702 22.69 71.13 -48.43
N ARG K 1703 22.50 72.45 -48.41
CA ARG K 1703 22.69 73.25 -49.62
C ARG K 1703 24.08 73.01 -50.21
N ALA K 1704 25.05 72.81 -49.33
CA ALA K 1704 26.43 72.54 -49.74
C ALA K 1704 26.53 71.20 -50.46
N ASP K 1705 26.04 70.15 -49.79
CA ASP K 1705 26.09 68.82 -50.34
C ASP K 1705 25.31 68.81 -51.64
N LYS K 1706 24.06 69.24 -51.56
CA LYS K 1706 23.20 69.37 -52.73
C LYS K 1706 24.03 69.82 -53.93
N HIS K 1707 24.82 70.86 -53.70
CA HIS K 1707 25.72 71.37 -54.72
C HIS K 1707 26.71 70.29 -55.13
N PHE K 1708 27.66 70.00 -54.25
CA PHE K 1708 28.75 69.08 -54.56
C PHE K 1708 28.31 67.82 -55.29
N ARG K 1709 27.22 67.21 -54.83
CA ARG K 1709 26.78 65.97 -55.42
C ARG K 1709 26.41 66.19 -56.86
N GLU K 1710 25.59 67.22 -57.08
CA GLU K 1710 25.00 67.47 -58.40
C GLU K 1710 25.95 68.16 -59.37
N ASN K 1711 27.14 68.51 -58.90
CA ASN K 1711 28.09 69.24 -59.72
C ASN K 1711 29.44 68.57 -59.84
N TYR K 1712 29.95 68.03 -58.74
CA TYR K 1712 31.24 67.33 -58.78
C TYR K 1712 31.07 65.84 -58.53
N GLY K 1713 29.86 65.44 -58.14
CA GLY K 1713 29.49 64.05 -58.07
C GLY K 1713 29.95 63.33 -56.81
N PHE K 1714 30.10 64.07 -55.72
CA PHE K 1714 30.42 63.47 -54.43
C PHE K 1714 29.73 64.23 -53.32
N SER K 1715 29.79 63.72 -52.09
CA SER K 1715 29.24 64.40 -50.94
C SER K 1715 30.31 64.71 -49.89
N ILE K 1716 30.43 65.97 -49.51
CA ILE K 1716 31.40 66.34 -48.50
C ILE K 1716 30.96 65.81 -47.14
N ILE K 1717 29.64 65.69 -46.96
CA ILE K 1717 29.11 65.20 -45.69
C ILE K 1717 29.60 63.78 -45.45
N ASP K 1718 29.51 62.94 -46.49
CA ASP K 1718 30.01 61.57 -46.41
C ASP K 1718 31.48 61.57 -46.07
N ILE K 1719 32.25 62.29 -46.88
CA ILE K 1719 33.68 62.39 -46.66
C ILE K 1719 34.00 62.77 -45.21
N VAL K 1720 33.16 63.62 -44.63
CA VAL K 1720 33.36 64.06 -43.25
C VAL K 1720 32.88 63.02 -42.23
N LYS K 1721 31.64 62.54 -42.38
CA LYS K 1721 31.11 61.50 -41.50
C LYS K 1721 32.05 60.29 -41.39
N ASN K 1722 32.03 59.44 -42.40
CA ASN K 1722 33.03 58.37 -42.51
C ASN K 1722 34.04 58.64 -43.56
N ASN K 1723 35.27 58.47 -43.19
CA ASN K 1723 36.28 58.89 -44.10
C ASN K 1723 36.63 57.76 -45.07
N PRO K 1724 36.45 58.01 -46.39
CA PRO K 1724 36.83 57.00 -47.39
C PRO K 1724 38.30 57.12 -47.72
N LYS K 1725 39.00 55.99 -47.82
CA LYS K 1725 40.39 56.02 -48.27
C LYS K 1725 40.42 56.23 -49.78
N GLU K 1726 39.22 56.25 -50.36
CA GLU K 1726 39.05 56.30 -51.80
C GLU K 1726 37.59 56.53 -52.17
N LEU K 1727 37.36 57.30 -53.22
CA LEU K 1727 36.02 57.66 -53.64
C LEU K 1727 36.03 58.02 -55.10
N THR K 1728 35.01 57.57 -55.82
CA THR K 1728 34.95 57.78 -57.24
C THR K 1728 33.60 58.36 -57.68
N VAL K 1729 33.65 59.26 -58.65
CA VAL K 1729 32.45 59.89 -59.19
C VAL K 1729 32.14 59.29 -60.56
N HIS K 1730 30.91 59.47 -61.04
CA HIS K 1730 30.47 58.84 -62.27
C HIS K 1730 29.70 59.79 -63.16
N PHE K 1731 30.14 59.93 -64.41
CA PHE K 1731 29.55 60.87 -65.35
C PHE K 1731 28.50 60.21 -66.22
N GLY K 1732 27.39 59.85 -65.59
CA GLY K 1732 26.37 59.04 -66.20
C GLY K 1732 25.51 59.72 -67.25
N GLY K 1733 24.20 59.73 -67.03
CA GLY K 1733 23.25 60.23 -68.01
C GLY K 1733 23.31 61.74 -68.16
N PRO K 1734 22.18 62.35 -68.53
CA PRO K 1734 22.10 63.81 -68.67
C PRO K 1734 22.86 64.53 -67.56
N ARG K 1735 22.43 64.35 -66.32
CA ARG K 1735 23.03 65.03 -65.17
C ARG K 1735 24.50 64.65 -64.94
N GLY K 1736 24.94 63.58 -65.61
CA GLY K 1736 26.30 63.08 -65.44
C GLY K 1736 27.28 63.72 -66.40
N LYS K 1737 26.84 63.91 -67.62
CA LYS K 1737 27.67 64.50 -68.64
C LYS K 1737 28.06 65.92 -68.20
N ILE K 1738 27.12 66.62 -67.56
CA ILE K 1738 27.34 68.00 -67.15
C ILE K 1738 28.39 68.11 -66.05
N ILE K 1739 28.63 66.99 -65.36
CA ILE K 1739 29.57 67.00 -64.26
C ILE K 1739 31.00 66.94 -64.78
N ARG K 1740 31.26 66.01 -65.69
CA ARG K 1740 32.59 65.86 -66.25
C ARG K 1740 32.94 67.15 -66.98
N GLN K 1741 31.90 67.90 -67.34
CA GLN K 1741 32.11 69.18 -67.98
C GLN K 1741 32.92 70.06 -67.07
N ASN K 1742 32.57 70.05 -65.78
CA ASN K 1742 33.27 70.85 -64.78
C ASN K 1742 34.68 70.33 -64.54
N TYR K 1743 34.84 69.01 -64.56
CA TYR K 1743 36.15 68.41 -64.39
C TYR K 1743 37.05 68.77 -65.55
N MET K 1744 36.44 68.90 -66.72
CA MET K 1744 37.16 69.28 -67.92
C MET K 1744 37.52 70.77 -67.85
N SER K 1745 36.56 71.59 -67.43
CA SER K 1745 36.75 73.04 -67.37
C SER K 1745 37.51 73.47 -66.12
N MET K 1746 38.53 72.71 -65.74
CA MET K 1746 39.40 73.08 -64.62
C MET K 1746 40.77 73.49 -65.14
N THR K 1747 41.03 74.80 -65.11
CA THR K 1747 42.22 75.39 -65.68
C THR K 1747 43.33 75.54 -64.64
N PHE K 1748 44.57 75.46 -65.10
CA PHE K 1748 45.72 75.42 -64.22
C PHE K 1748 46.93 76.11 -64.86
N GLU K 1749 47.55 77.03 -64.14
CA GLU K 1749 48.56 77.92 -64.75
C GLU K 1749 50.03 77.64 -64.34
N THR K 1750 50.88 77.44 -65.35
CA THR K 1750 52.33 77.31 -65.18
C THR K 1750 53.03 77.78 -66.47
N VAL K 1751 53.84 78.84 -66.37
CA VAL K 1751 54.52 79.40 -67.54
C VAL K 1751 55.90 78.74 -67.79
N ASN K 1752 56.32 78.76 -69.07
CA ASN K 1752 57.61 78.20 -69.46
C ASN K 1752 58.77 79.11 -69.04
N ALA K 1753 59.97 78.55 -68.99
CA ALA K 1753 61.17 79.29 -68.62
C ALA K 1753 61.61 80.26 -69.72
N ASP K 1754 60.80 80.38 -70.76
CA ASP K 1754 61.02 81.37 -71.83
C ASP K 1754 59.88 82.41 -71.93
N GLY K 1755 58.90 82.30 -71.04
CA GLY K 1755 57.79 83.25 -70.97
C GLY K 1755 56.61 82.94 -71.88
N SER K 1756 56.03 81.75 -71.71
CA SER K 1756 54.77 81.41 -72.37
C SER K 1756 53.82 80.72 -71.39
N ILE K 1757 52.61 81.27 -71.28
CA ILE K 1757 51.62 80.80 -70.29
C ILE K 1757 50.98 79.45 -70.65
N LYS K 1758 51.43 78.38 -70.00
CA LYS K 1758 50.81 77.07 -70.19
C LYS K 1758 49.51 77.01 -69.40
N THR K 1759 48.42 76.80 -70.11
CA THR K 1759 47.13 76.55 -69.49
C THR K 1759 46.84 75.04 -69.58
N GLU K 1760 46.81 74.37 -68.42
CA GLU K 1760 46.71 72.91 -68.36
C GLU K 1760 45.51 72.40 -67.58
N LYS K 1761 45.07 71.17 -67.89
CA LYS K 1761 43.99 70.55 -67.15
C LYS K 1761 44.45 70.09 -65.77
N ILE K 1762 43.53 70.15 -64.82
CA ILE K 1762 43.82 69.67 -63.47
C ILE K 1762 43.53 68.18 -63.41
N PHE K 1763 42.45 67.79 -64.09
CA PHE K 1763 42.07 66.40 -64.22
C PHE K 1763 42.46 65.93 -65.60
N LYS K 1764 43.72 65.54 -65.72
CA LYS K 1764 44.31 65.28 -67.02
C LYS K 1764 43.62 64.14 -67.75
N GLU K 1765 43.15 63.15 -67.00
CA GLU K 1765 42.56 61.95 -67.58
C GLU K 1765 41.10 62.13 -67.98
N VAL K 1766 40.54 63.31 -67.76
CA VAL K 1766 39.13 63.52 -68.09
C VAL K 1766 38.95 64.12 -69.47
N ASP K 1767 38.28 63.38 -70.35
CA ASP K 1767 37.89 63.88 -71.66
C ASP K 1767 36.41 63.60 -71.86
N GLU K 1768 35.96 63.53 -73.10
CA GLU K 1768 34.56 63.27 -73.40
C GLU K 1768 34.30 61.78 -73.72
N ASN K 1769 35.28 60.95 -73.35
CA ASN K 1769 35.13 59.51 -73.43
C ASN K 1769 35.34 58.89 -72.05
N SER K 1770 35.30 59.75 -71.03
CA SER K 1770 35.55 59.36 -69.65
C SER K 1770 34.25 59.13 -68.91
N THR K 1771 34.11 57.96 -68.30
CA THR K 1771 32.91 57.60 -67.57
C THR K 1771 33.02 57.94 -66.07
N SER K 1772 34.25 58.04 -65.57
CA SER K 1772 34.45 58.18 -64.13
C SER K 1772 35.86 58.66 -63.74
N TYR K 1773 35.92 59.50 -62.71
CA TYR K 1773 37.19 59.87 -62.11
C TYR K 1773 37.24 59.36 -60.67
N THR K 1774 38.44 59.07 -60.19
CA THR K 1774 38.62 58.54 -58.84
C THR K 1774 39.65 59.30 -58.02
N TYR K 1775 39.23 59.75 -56.84
CA TYR K 1775 40.13 60.34 -55.85
C TYR K 1775 40.63 59.23 -54.93
N ARG K 1776 41.82 59.42 -54.37
CA ARG K 1776 42.38 58.42 -53.45
C ARG K 1776 43.29 59.06 -52.42
N SER K 1777 43.49 58.36 -51.32
CA SER K 1777 44.46 58.72 -50.31
C SER K 1777 44.50 57.62 -49.27
N PRO K 1778 45.70 57.05 -49.03
CA PRO K 1778 45.86 55.94 -48.08
C PRO K 1778 45.50 56.34 -46.66
N SER K 1779 45.44 57.65 -46.38
CA SER K 1779 45.25 58.17 -45.03
C SER K 1779 43.89 58.80 -44.80
N GLY K 1780 43.19 59.10 -45.88
CA GLY K 1780 41.87 59.64 -45.72
C GLY K 1780 41.67 60.82 -46.61
N LEU K 1781 40.50 60.87 -47.25
CA LEU K 1781 40.19 61.95 -48.16
C LEU K 1781 39.89 63.24 -47.43
N LEU K 1782 39.60 63.14 -46.14
CA LEU K 1782 39.41 64.30 -45.31
C LEU K 1782 40.79 64.84 -44.91
N SER K 1783 41.81 64.37 -45.62
CA SER K 1783 43.20 64.76 -45.35
C SER K 1783 43.71 65.66 -46.48
N ALA K 1784 43.43 65.25 -47.72
CA ALA K 1784 43.80 66.05 -48.89
C ALA K 1784 42.86 67.25 -49.01
N THR K 1785 43.42 68.41 -49.35
CA THR K 1785 42.72 69.68 -49.19
C THR K 1785 41.47 69.93 -50.04
N GLN K 1786 41.44 69.47 -51.29
CA GLN K 1786 40.27 69.71 -52.13
C GLN K 1786 39.01 69.42 -51.33
N PHE K 1787 39.09 68.42 -50.46
CA PHE K 1787 37.98 68.07 -49.59
C PHE K 1787 38.12 68.73 -48.22
N THR K 1788 39.29 68.53 -47.61
CA THR K 1788 39.60 69.09 -46.29
C THR K 1788 39.09 70.51 -46.13
N GLN K 1789 39.41 71.36 -47.11
CA GLN K 1789 39.09 72.77 -47.00
C GLN K 1789 37.58 73.07 -46.95
N PRO K 1790 36.83 72.66 -47.99
CA PRO K 1790 35.39 72.91 -47.97
C PRO K 1790 34.73 72.39 -46.71
N ALA K 1791 35.25 71.28 -46.19
CA ALA K 1791 34.74 70.71 -44.94
C ALA K 1791 34.85 71.69 -43.78
N LEU K 1792 36.07 72.13 -43.49
CA LEU K 1792 36.30 73.07 -42.40
C LEU K 1792 35.47 74.34 -42.58
N THR K 1793 35.41 74.83 -43.82
CA THR K 1793 34.61 75.99 -44.15
C THR K 1793 33.17 75.79 -43.72
N LEU K 1794 32.58 74.67 -44.14
CA LEU K 1794 31.22 74.31 -43.77
C LEU K 1794 30.97 74.34 -42.27
N MET K 1795 31.73 73.52 -41.54
CA MET K 1795 31.52 73.36 -40.11
C MET K 1795 31.51 74.71 -39.41
N GLU K 1796 32.34 75.64 -39.90
CA GLU K 1796 32.43 76.97 -39.31
C GLU K 1796 31.21 77.81 -39.66
N LYS K 1797 30.95 77.95 -40.96
CA LYS K 1797 29.79 78.71 -41.45
C LYS K 1797 28.52 78.27 -40.77
N ALA K 1798 28.34 76.95 -40.70
CA ALA K 1798 27.19 76.37 -40.02
C ALA K 1798 27.20 76.79 -38.55
N SER K 1799 28.29 76.45 -37.86
CA SER K 1799 28.45 76.76 -36.45
C SER K 1799 28.11 78.22 -36.15
N PHE K 1800 28.73 79.12 -36.90
CA PHE K 1800 28.53 80.55 -36.70
C PHE K 1800 27.10 80.95 -37.01
N GLU K 1801 26.58 80.46 -38.12
CA GLU K 1801 25.25 80.80 -38.57
C GLU K 1801 24.23 80.33 -37.54
N ASP K 1802 24.63 79.39 -36.70
CA ASP K 1802 23.76 78.97 -35.62
C ASP K 1802 23.71 80.02 -34.53
N MET K 1803 24.89 80.44 -34.07
CA MET K 1803 24.97 81.47 -33.04
C MET K 1803 24.18 82.69 -33.48
N ARG K 1804 24.38 83.05 -34.74
CA ARG K 1804 23.64 84.15 -35.33
C ARG K 1804 22.16 83.93 -35.06
N SER K 1805 21.73 82.68 -35.20
CA SER K 1805 20.33 82.30 -35.01
C SER K 1805 19.85 82.48 -33.56
N LYS K 1806 20.75 82.26 -32.59
CA LYS K 1806 20.41 82.48 -31.19
C LYS K 1806 20.60 83.94 -30.82
N GLY K 1807 21.26 84.68 -31.72
CA GLY K 1807 21.42 86.11 -31.58
C GLY K 1807 22.63 86.51 -30.78
N LEU K 1808 23.76 85.86 -31.03
CA LEU K 1808 24.95 86.08 -30.24
C LEU K 1808 25.98 86.90 -31.00
N VAL K 1809 25.78 87.03 -32.31
CA VAL K 1809 26.73 87.75 -33.15
C VAL K 1809 26.69 89.24 -32.86
N GLN K 1810 27.85 89.85 -32.67
CA GLN K 1810 27.94 91.26 -32.31
C GLN K 1810 28.04 92.16 -33.53
N ARG K 1811 27.22 93.22 -33.56
CA ARG K 1811 27.21 94.16 -34.67
C ARG K 1811 28.60 94.70 -34.98
N ASP K 1812 29.30 95.07 -33.92
CA ASP K 1812 30.52 95.83 -34.06
C ASP K 1812 31.66 95.03 -33.48
N SER K 1813 32.19 94.08 -34.26
CA SER K 1813 33.32 93.33 -33.78
C SER K 1813 34.27 92.96 -34.91
N THR K 1814 35.41 92.38 -34.55
CA THR K 1814 36.45 92.02 -35.50
C THR K 1814 36.25 90.60 -35.98
N PHE K 1815 36.82 90.29 -37.14
CA PHE K 1815 36.85 88.91 -37.61
C PHE K 1815 38.01 88.67 -38.56
N ALA K 1816 38.72 87.57 -38.32
CA ALA K 1816 39.84 87.19 -39.16
C ALA K 1816 39.92 85.68 -39.28
N GLY K 1817 40.61 85.21 -40.31
CA GLY K 1817 40.84 83.80 -40.49
C GLY K 1817 42.32 83.53 -40.66
N HIS K 1818 42.71 82.26 -40.58
CA HIS K 1818 44.09 81.84 -40.79
C HIS K 1818 44.16 80.83 -41.95
N SER K 1819 44.93 81.17 -42.99
CA SER K 1819 44.99 80.37 -44.21
C SER K 1819 43.58 80.24 -44.77
N LEU K 1820 42.98 79.07 -44.58
CA LEU K 1820 41.64 78.84 -45.08
C LEU K 1820 40.64 79.74 -44.37
N GLY K 1821 40.76 79.83 -43.05
CA GLY K 1821 39.80 80.51 -42.20
C GLY K 1821 39.37 81.87 -42.70
N GLU K 1822 40.25 82.53 -43.45
CA GLU K 1822 39.96 83.85 -43.98
C GLU K 1822 38.76 83.81 -44.92
N TYR K 1823 38.69 82.77 -45.74
CA TYR K 1823 37.60 82.64 -46.69
C TYR K 1823 36.27 82.42 -45.97
N SER K 1824 36.24 81.41 -45.10
CA SER K 1824 35.03 81.15 -44.33
C SER K 1824 34.65 82.40 -43.54
N ALA K 1825 35.62 82.94 -42.81
CA ALA K 1825 35.43 84.15 -42.05
C ALA K 1825 34.61 85.18 -42.81
N LEU K 1826 35.07 85.51 -44.02
CA LEU K 1826 34.40 86.50 -44.85
C LEU K 1826 32.92 86.17 -44.96
N VAL K 1827 32.62 84.99 -45.48
CA VAL K 1827 31.24 84.56 -45.72
C VAL K 1827 30.46 84.42 -44.42
N ALA K 1828 31.19 84.27 -43.33
CA ALA K 1828 30.59 84.10 -42.02
C ALA K 1828 29.83 85.34 -41.60
N LEU K 1829 30.54 86.46 -41.53
CA LEU K 1829 29.98 87.71 -41.01
C LEU K 1829 29.56 88.69 -42.11
N ALA K 1830 30.32 88.70 -43.21
CA ALA K 1830 29.91 89.42 -44.41
C ALA K 1830 29.29 88.44 -45.41
N ASP K 1831 28.29 88.88 -46.16
CA ASP K 1831 27.71 88.00 -47.16
C ASP K 1831 28.53 88.02 -48.44
N VAL K 1832 29.83 87.77 -48.29
CA VAL K 1832 30.79 87.83 -49.40
C VAL K 1832 30.33 87.01 -50.61
N MET K 1833 29.60 85.93 -50.35
CA MET K 1833 29.09 85.07 -51.40
C MET K 1833 28.21 83.99 -50.83
N PRO K 1834 27.22 83.54 -51.63
CA PRO K 1834 26.39 82.38 -51.29
C PRO K 1834 27.26 81.16 -51.00
N ILE K 1835 26.78 80.29 -50.13
CA ILE K 1835 27.60 79.20 -49.61
C ILE K 1835 28.07 78.23 -50.67
N GLU K 1836 27.25 78.00 -51.70
CA GLU K 1836 27.63 77.11 -52.81
C GLU K 1836 28.82 77.69 -53.56
N SER K 1837 28.85 79.01 -53.68
CA SER K 1837 29.97 79.68 -54.29
C SER K 1837 31.19 79.46 -53.42
N LEU K 1838 30.98 79.60 -52.10
CA LEU K 1838 32.07 79.49 -51.14
C LEU K 1838 32.83 78.17 -51.28
N VAL K 1839 32.09 77.07 -51.16
CA VAL K 1839 32.68 75.74 -51.26
C VAL K 1839 33.36 75.53 -52.60
N SER K 1840 32.71 75.96 -53.68
CA SER K 1840 33.29 75.88 -55.02
C SER K 1840 34.64 76.58 -55.00
N VAL K 1841 34.62 77.86 -54.67
CA VAL K 1841 35.82 78.66 -54.54
C VAL K 1841 36.90 77.89 -53.83
N VAL K 1842 36.59 77.49 -52.60
CA VAL K 1842 37.56 76.82 -51.75
C VAL K 1842 38.03 75.46 -52.28
N PHE K 1843 37.13 74.72 -52.92
CA PHE K 1843 37.48 73.44 -53.54
C PHE K 1843 38.51 73.66 -54.64
N TYR K 1844 38.32 74.75 -55.39
CA TYR K 1844 39.25 75.14 -56.43
C TYR K 1844 40.59 75.48 -55.78
N ARG K 1845 40.55 76.32 -54.76
CA ARG K 1845 41.73 76.76 -54.05
C ARG K 1845 42.60 75.58 -53.68
N GLY K 1846 41.97 74.56 -53.13
CA GLY K 1846 42.68 73.36 -52.70
C GLY K 1846 43.30 72.65 -53.88
N LEU K 1847 42.59 72.62 -55.00
CA LEU K 1847 43.11 71.99 -56.19
C LEU K 1847 44.38 72.70 -56.70
N THR K 1848 44.30 74.02 -56.90
CA THR K 1848 45.42 74.76 -57.46
C THR K 1848 46.58 74.73 -56.49
N MET K 1849 46.25 74.64 -55.20
CA MET K 1849 47.29 74.52 -54.18
C MET K 1849 48.07 73.23 -54.30
N GLN K 1850 47.41 72.17 -54.78
CA GLN K 1850 48.04 70.86 -54.85
C GLN K 1850 48.76 70.63 -56.17
N VAL K 1851 48.27 71.27 -57.23
CA VAL K 1851 48.85 71.13 -58.56
C VAL K 1851 50.11 71.98 -58.73
N ALA K 1852 50.27 72.98 -57.87
CA ALA K 1852 51.41 73.90 -57.94
C ALA K 1852 52.73 73.17 -57.97
N VAL K 1853 52.91 72.32 -56.97
CA VAL K 1853 54.15 71.57 -56.83
C VAL K 1853 54.20 70.35 -57.74
N GLU K 1854 55.42 69.87 -57.97
CA GLU K 1854 55.61 68.67 -58.78
C GLU K 1854 56.20 67.52 -57.96
N ARG K 1855 55.78 66.30 -58.29
CA ARG K 1855 56.31 65.09 -57.67
C ARG K 1855 56.54 63.99 -58.68
N ASP K 1856 57.21 62.93 -58.24
CA ASP K 1856 57.50 61.78 -59.11
C ASP K 1856 56.44 60.68 -58.94
N GLU K 1857 56.82 59.45 -59.30
CA GLU K 1857 55.90 58.31 -59.27
C GLU K 1857 55.63 57.79 -57.85
N GLN K 1858 56.65 57.85 -57.01
CA GLN K 1858 56.56 57.35 -55.64
C GLN K 1858 55.68 58.24 -54.76
N GLY K 1859 55.40 59.44 -55.25
CA GLY K 1859 54.70 60.45 -54.49
C GLY K 1859 55.66 61.57 -54.11
N ARG K 1860 56.89 61.19 -53.80
CA ARG K 1860 57.99 62.12 -53.50
C ARG K 1860 57.77 63.53 -54.07
N SER K 1861 57.53 64.49 -53.19
CA SER K 1861 57.36 65.88 -53.58
C SER K 1861 58.70 66.60 -53.52
N ASN K 1862 58.74 67.81 -54.08
CA ASN K 1862 59.98 68.58 -54.13
C ASN K 1862 60.24 69.40 -52.85
N TYR K 1863 59.20 70.06 -52.36
CA TYR K 1863 59.31 70.96 -51.22
C TYR K 1863 58.66 70.36 -49.98
N ALA K 1864 58.72 71.10 -48.87
CA ALA K 1864 58.13 70.69 -47.60
C ALA K 1864 58.15 71.84 -46.57
N MET K 1865 57.30 71.74 -45.55
CA MET K 1865 57.21 72.81 -44.55
C MET K 1865 57.66 72.37 -43.17
N CYS K 1866 57.97 73.34 -42.32
CA CYS K 1866 58.58 73.04 -41.05
C CYS K 1866 58.48 74.21 -40.07
N ALA K 1867 58.11 73.89 -38.83
CA ALA K 1867 57.97 74.88 -37.76
C ALA K 1867 59.30 75.19 -37.05
N VAL K 1868 59.42 76.41 -36.51
CA VAL K 1868 60.64 76.84 -35.83
C VAL K 1868 60.38 77.66 -34.55
N ASN K 1869 61.08 77.28 -33.49
CA ASN K 1869 60.97 77.91 -32.18
C ASN K 1869 62.27 78.67 -31.79
N PRO K 1870 62.34 79.98 -32.12
CA PRO K 1870 63.53 80.79 -31.78
C PRO K 1870 63.88 80.82 -30.29
N SER K 1871 62.93 80.41 -29.44
CA SER K 1871 63.14 80.33 -27.99
C SER K 1871 64.15 79.22 -27.64
N ARG K 1872 64.31 78.27 -28.56
CA ARG K 1872 65.17 77.10 -28.31
C ARG K 1872 66.58 77.23 -28.89
N ILE K 1873 66.89 78.40 -29.45
CA ILE K 1873 68.26 78.72 -29.85
C ILE K 1873 68.97 79.46 -28.72
N SER K 1874 68.56 80.71 -28.52
CA SER K 1874 69.08 81.58 -27.47
C SER K 1874 67.98 82.58 -27.11
N PRO K 1875 67.84 82.92 -25.82
CA PRO K 1875 66.87 83.94 -25.38
C PRO K 1875 67.09 85.32 -26.03
N THR K 1876 68.26 85.52 -26.64
CA THR K 1876 68.58 86.75 -27.36
C THR K 1876 67.97 86.74 -28.77
N PHE K 1877 67.87 85.54 -29.34
CA PHE K 1877 67.45 85.31 -30.72
C PHE K 1877 66.08 85.92 -31.13
N THR K 1878 66.14 87.03 -31.86
CA THR K 1878 64.96 87.81 -32.26
C THR K 1878 64.13 87.13 -33.35
N GLU K 1879 62.93 87.65 -33.57
CA GLU K 1879 62.16 87.35 -34.76
C GLU K 1879 63.02 87.69 -35.98
N GLN K 1880 63.64 88.87 -35.94
CA GLN K 1880 64.48 89.36 -37.03
C GLN K 1880 65.76 88.56 -37.24
N ALA K 1881 66.20 87.86 -36.20
CA ALA K 1881 67.36 86.99 -36.30
C ALA K 1881 67.03 85.73 -37.12
N LEU K 1882 65.81 85.22 -36.98
CA LEU K 1882 65.34 84.06 -37.71
C LEU K 1882 65.12 84.41 -39.18
N GLN K 1883 64.67 85.64 -39.43
CA GLN K 1883 64.48 86.13 -40.79
C GLN K 1883 65.83 86.22 -41.47
N TYR K 1884 66.80 86.80 -40.78
CA TYR K 1884 68.16 86.98 -41.32
C TYR K 1884 68.85 85.64 -41.67
N VAL K 1885 68.82 84.69 -40.74
CA VAL K 1885 69.33 83.35 -41.01
C VAL K 1885 68.71 82.78 -42.30
N VAL K 1886 67.42 83.01 -42.47
CA VAL K 1886 66.65 82.49 -43.62
C VAL K 1886 66.90 83.25 -44.92
N GLU K 1887 66.60 84.56 -44.91
CA GLU K 1887 66.80 85.45 -46.07
C GLU K 1887 68.20 85.31 -46.67
N ASN K 1888 69.19 85.09 -45.79
CA ASN K 1888 70.58 84.82 -46.20
C ASN K 1888 70.74 83.46 -46.88
N ILE K 1889 70.30 82.40 -46.19
CA ILE K 1889 70.32 81.06 -46.76
C ILE K 1889 69.60 81.02 -48.11
N ALA K 1890 68.68 81.97 -48.32
CA ALA K 1890 67.86 82.04 -49.53
C ALA K 1890 68.62 82.41 -50.81
N GLU K 1891 69.32 83.54 -50.78
CA GLU K 1891 70.03 84.03 -51.95
C GLU K 1891 71.47 83.51 -51.98
N VAL K 1892 71.92 82.90 -50.88
CA VAL K 1892 73.26 82.31 -50.77
C VAL K 1892 73.34 80.90 -51.39
N THR K 1893 72.41 80.03 -50.99
CA THR K 1893 72.35 78.68 -51.54
C THR K 1893 71.41 78.55 -52.74
N GLY K 1894 70.78 79.67 -53.12
CA GLY K 1894 70.00 79.77 -54.35
C GLY K 1894 68.70 78.99 -54.42
N TRP K 1895 68.32 78.33 -53.33
CA TRP K 1895 67.08 77.58 -53.28
C TRP K 1895 65.90 78.44 -52.84
N LEU K 1896 64.77 77.78 -52.58
CA LEU K 1896 63.57 78.48 -52.11
C LEU K 1896 63.37 78.23 -50.61
N LEU K 1897 63.19 79.32 -49.86
CA LEU K 1897 63.06 79.25 -48.40
C LEU K 1897 62.60 80.60 -47.86
N GLU K 1898 61.46 80.59 -47.17
CA GLU K 1898 60.87 81.79 -46.57
C GLU K 1898 60.03 81.48 -45.33
N ILE K 1899 60.02 82.39 -44.37
CA ILE K 1899 59.06 82.28 -43.28
C ILE K 1899 57.67 82.46 -43.87
N VAL K 1900 56.87 81.41 -43.78
CA VAL K 1900 55.54 81.40 -44.33
C VAL K 1900 54.51 81.79 -43.27
N ASN K 1901 54.70 81.29 -42.06
CA ASN K 1901 53.80 81.60 -40.94
C ASN K 1901 54.47 82.43 -39.83
N TYR K 1902 53.74 83.44 -39.33
CA TYR K 1902 54.14 84.22 -38.16
C TYR K 1902 53.10 84.09 -37.07
N ASN K 1903 53.31 83.15 -36.15
CA ASN K 1903 52.27 82.74 -35.19
C ASN K 1903 52.38 83.38 -33.80
N VAL K 1904 53.45 83.04 -33.08
CA VAL K 1904 53.73 83.63 -31.76
C VAL K 1904 55.07 84.38 -31.78
N ALA K 1905 55.10 85.50 -31.04
CA ALA K 1905 56.20 86.46 -31.12
C ALA K 1905 57.60 85.88 -30.97
N ASN K 1906 57.71 84.76 -30.26
CA ASN K 1906 59.02 84.17 -30.04
C ASN K 1906 59.01 82.66 -30.25
N MET K 1907 57.82 82.09 -30.27
CA MET K 1907 57.66 80.67 -30.01
C MET K 1907 57.21 79.83 -31.20
N GLN K 1908 56.58 80.47 -32.19
CA GLN K 1908 56.00 79.71 -33.29
C GLN K 1908 56.13 80.40 -34.66
N TYR K 1909 57.12 79.98 -35.43
CA TYR K 1909 57.27 80.43 -36.81
C TYR K 1909 57.28 79.23 -37.72
N VAL K 1910 56.96 79.42 -39.00
CA VAL K 1910 56.95 78.32 -39.95
C VAL K 1910 57.54 78.70 -41.30
N ALA K 1911 58.44 77.86 -41.80
CA ALA K 1911 59.10 78.14 -43.07
C ALA K 1911 58.84 77.03 -44.10
N ALA K 1912 58.65 77.43 -45.35
CA ALA K 1912 58.49 76.50 -46.45
C ALA K 1912 59.73 76.50 -47.35
N GLY K 1913 59.69 75.74 -48.43
CA GLY K 1913 60.77 75.76 -49.40
C GLY K 1913 61.36 74.40 -49.76
N ASP K 1914 62.48 74.43 -50.48
CA ASP K 1914 63.19 73.22 -50.89
C ASP K 1914 63.57 72.36 -49.68
N LEU K 1915 63.68 71.04 -49.90
CA LEU K 1915 64.09 70.09 -48.85
C LEU K 1915 65.47 70.39 -48.29
N ARG K 1916 66.36 70.83 -49.16
CA ARG K 1916 67.72 71.19 -48.78
C ARG K 1916 67.77 72.56 -48.12
N ALA K 1917 66.87 73.45 -48.52
CA ALA K 1917 66.76 74.78 -47.91
C ALA K 1917 66.17 74.72 -46.50
N LEU K 1918 65.47 73.62 -46.19
CA LEU K 1918 64.98 73.36 -44.84
C LEU K 1918 66.00 72.49 -44.10
N ASP K 1919 66.99 72.01 -44.83
CA ASP K 1919 68.04 71.17 -44.27
C ASP K 1919 69.28 71.96 -43.91
N THR K 1920 69.49 73.07 -44.63
CA THR K 1920 70.59 74.00 -44.35
C THR K 1920 70.17 75.01 -43.26
N LEU K 1921 68.87 75.31 -43.19
CA LEU K 1921 68.31 76.14 -42.13
C LEU K 1921 68.07 75.30 -40.87
N ALA K 1922 67.91 73.99 -41.06
CA ALA K 1922 67.88 73.06 -39.94
C ALA K 1922 69.26 72.99 -39.30
N ASN K 1923 70.29 72.90 -40.14
CA ASN K 1923 71.70 72.89 -39.71
C ASN K 1923 72.15 74.14 -38.96
N VAL K 1924 72.07 75.30 -39.62
CA VAL K 1924 72.57 76.56 -39.08
C VAL K 1924 72.08 76.87 -37.65
N LEU K 1925 70.86 76.46 -37.33
CA LEU K 1925 70.26 76.69 -36.01
C LEU K 1925 70.82 75.73 -34.97
N ASN K 1926 71.17 74.52 -35.40
CA ASN K 1926 71.83 73.53 -34.54
C ASN K 1926 73.25 73.97 -34.15
N ILE K 1927 73.90 74.64 -35.11
CA ILE K 1927 75.20 75.26 -34.89
C ILE K 1927 75.08 76.39 -33.88
N LEU K 1928 74.20 77.37 -34.16
CA LEU K 1928 74.04 78.58 -33.35
C LEU K 1928 73.42 78.33 -31.97
N LYS K 1929 72.73 77.20 -31.84
CA LYS K 1929 72.21 76.77 -30.54
C LYS K 1929 73.33 76.19 -29.68
N MET K 1930 74.13 75.30 -30.28
CA MET K 1930 75.22 74.63 -29.59
C MET K 1930 76.48 75.48 -29.52
N GLN K 1931 76.47 76.59 -30.26
CA GLN K 1931 77.55 77.55 -30.27
C GLN K 1931 77.27 78.64 -29.23
N LYS K 1932 76.08 78.59 -28.65
CA LYS K 1932 75.68 79.48 -27.55
C LYS K 1932 75.83 80.96 -27.92
N ILE K 1933 75.32 81.35 -29.10
CA ILE K 1933 75.55 82.72 -29.61
C ILE K 1933 74.59 83.79 -29.08
N ASP K 1934 75.01 85.04 -29.27
CA ASP K 1934 74.24 86.23 -28.91
C ASP K 1934 74.42 87.20 -30.07
N ILE K 1935 73.36 87.43 -30.84
CA ILE K 1935 73.47 88.29 -32.03
C ILE K 1935 73.36 89.79 -31.70
N GLN K 1936 73.05 90.09 -30.44
CA GLN K 1936 73.06 91.47 -29.92
C GLN K 1936 74.48 91.94 -29.60
N ALA K 1937 75.24 91.07 -28.93
CA ALA K 1937 76.67 91.31 -28.64
C ALA K 1937 77.56 91.18 -29.89
N LEU K 1938 77.08 90.47 -30.91
CA LEU K 1938 77.79 90.28 -32.18
C LEU K 1938 77.46 91.34 -33.25
N MET K 1939 76.54 92.25 -32.91
CA MET K 1939 76.15 93.36 -33.79
C MET K 1939 76.83 94.67 -33.35
N GLN K 1940 77.43 94.64 -32.17
CA GLN K 1940 78.22 95.75 -31.65
C GLN K 1940 79.71 95.42 -31.78
N SER K 1941 80.05 94.14 -31.61
CA SER K 1941 81.43 93.66 -31.80
C SER K 1941 81.80 93.67 -33.27
N MET K 1942 81.09 92.87 -34.06
CA MET K 1942 81.31 92.82 -35.50
C MET K 1942 80.28 93.68 -36.21
N SER K 1943 80.68 94.33 -37.30
CA SER K 1943 79.72 95.10 -38.09
C SER K 1943 78.70 94.17 -38.75
N LEU K 1944 77.90 94.74 -39.65
CA LEU K 1944 76.86 93.99 -40.33
C LEU K 1944 77.48 93.01 -41.34
N GLU K 1945 78.56 93.43 -42.00
CA GLU K 1945 79.25 92.62 -42.99
C GLU K 1945 80.05 91.47 -42.37
N ASP K 1946 80.40 91.62 -41.09
CA ASP K 1946 81.30 90.71 -40.41
C ASP K 1946 80.58 89.45 -39.94
N VAL K 1947 79.35 89.65 -39.46
CA VAL K 1947 78.46 88.53 -39.11
C VAL K 1947 77.70 88.02 -40.36
N ARG K 1948 77.58 88.87 -41.37
CA ARG K 1948 76.98 88.49 -42.65
C ARG K 1948 77.91 87.62 -43.49
N ALA K 1949 79.19 88.02 -43.53
CA ALA K 1949 80.21 87.21 -44.18
C ALA K 1949 80.59 86.02 -43.30
N HIS K 1950 80.28 86.12 -42.00
CA HIS K 1950 80.47 85.03 -41.05
C HIS K 1950 79.39 83.96 -41.24
N LEU K 1951 78.22 84.41 -41.70
CA LEU K 1951 77.09 83.53 -42.01
C LEU K 1951 77.26 82.82 -43.36
N VAL K 1952 77.67 83.56 -44.38
CA VAL K 1952 77.92 82.99 -45.71
C VAL K 1952 78.96 81.85 -45.60
N GLU K 1953 79.66 81.80 -44.47
CA GLU K 1953 80.53 80.68 -44.14
C GLU K 1953 79.72 79.45 -43.73
N ILE K 1954 79.05 79.57 -42.58
CA ILE K 1954 78.25 78.47 -42.03
C ILE K 1954 77.16 77.97 -43.00
N ILE K 1955 76.73 78.85 -43.90
CA ILE K 1955 75.73 78.50 -44.91
C ILE K 1955 76.27 77.50 -45.93
N GLN K 1956 77.32 77.88 -46.66
CA GLN K 1956 77.95 77.00 -47.65
C GLN K 1956 78.47 75.69 -47.03
N GLU K 1957 78.93 75.76 -45.79
CA GLU K 1957 79.36 74.57 -45.03
C GLU K 1957 78.20 73.59 -44.90
N CYS K 1958 77.18 74.03 -44.16
CA CYS K 1958 75.98 73.23 -43.91
C CYS K 1958 75.20 72.92 -45.20
N ARG K 1959 75.54 73.64 -46.28
CA ARG K 1959 74.90 73.45 -47.58
C ARG K 1959 75.37 72.19 -48.30
N LYS K 1960 76.67 72.12 -48.56
CA LYS K 1960 77.22 71.03 -49.36
C LYS K 1960 77.20 69.69 -48.60
N GLN K 1961 76.91 69.75 -47.30
CA GLN K 1961 76.72 68.56 -46.50
C GLN K 1961 75.37 67.94 -46.81
N THR K 1962 74.38 68.81 -47.03
CA THR K 1962 73.03 68.37 -47.38
C THR K 1962 72.97 67.96 -48.86
N GLU K 1963 73.91 68.47 -49.67
CA GLU K 1963 73.94 68.20 -51.11
C GLU K 1963 74.46 66.81 -51.45
N ALA K 1964 75.49 66.38 -50.72
CA ALA K 1964 76.10 65.06 -50.90
C ALA K 1964 75.24 63.94 -50.30
N LYS K 1965 74.40 64.31 -49.34
CA LYS K 1965 73.40 63.40 -48.80
C LYS K 1965 72.32 63.10 -49.86
N PRO K 1966 71.54 62.02 -49.67
CA PRO K 1966 70.54 61.54 -50.64
C PRO K 1966 69.75 62.67 -51.31
N GLN K 1967 69.32 62.47 -52.57
CA GLN K 1967 68.64 63.52 -53.34
C GLN K 1967 67.27 63.98 -52.78
N PRO K 1968 66.44 63.02 -52.32
CA PRO K 1968 65.25 63.45 -51.58
C PRO K 1968 65.54 63.46 -50.08
N VAL K 1969 65.78 64.64 -49.52
CA VAL K 1969 66.19 64.75 -48.12
C VAL K 1969 65.03 64.54 -47.14
N GLN K 1970 65.05 63.44 -46.39
CA GLN K 1970 64.04 63.25 -45.33
C GLN K 1970 64.41 64.11 -44.12
N LEU K 1971 63.91 65.35 -44.12
CA LEU K 1971 64.16 66.34 -43.07
C LEU K 1971 63.67 65.89 -41.71
N GLU K 1972 64.49 66.13 -40.69
CA GLU K 1972 64.20 65.61 -39.36
C GLU K 1972 64.25 66.66 -38.26
N ARG K 1973 63.87 66.22 -37.06
CA ARG K 1973 63.69 67.10 -35.90
C ARG K 1973 65.01 67.62 -35.33
N GLY K 1974 65.19 68.95 -35.37
CA GLY K 1974 66.36 69.60 -34.78
C GLY K 1974 66.10 70.09 -33.37
N PHE K 1975 66.68 71.24 -33.02
CA PHE K 1975 66.45 71.85 -31.71
C PHE K 1975 65.13 72.61 -31.67
N ALA K 1976 64.90 73.41 -32.71
CA ALA K 1976 63.65 74.17 -32.85
C ALA K 1976 63.02 73.79 -34.18
N THR K 1977 63.74 72.99 -34.96
CA THR K 1977 63.34 72.60 -36.31
C THR K 1977 62.51 71.30 -36.30
N ILE K 1978 61.19 71.43 -36.15
CA ILE K 1978 60.28 70.27 -36.24
C ILE K 1978 59.40 70.32 -37.49
N PRO K 1979 59.75 69.53 -38.52
CA PRO K 1979 59.07 69.58 -39.82
C PRO K 1979 57.61 69.16 -39.70
N LEU K 1980 56.76 69.78 -40.52
CA LEU K 1980 55.34 69.47 -40.53
C LEU K 1980 55.03 68.32 -41.49
N ARG K 1981 54.69 67.16 -40.93
CA ARG K 1981 54.42 65.96 -41.72
C ARG K 1981 53.08 66.03 -42.47
N GLY K 1982 53.16 66.04 -43.81
CA GLY K 1982 51.96 66.06 -44.62
C GLY K 1982 51.80 67.32 -45.44
N ILE K 1983 52.91 67.91 -45.87
CA ILE K 1983 52.86 69.10 -46.71
C ILE K 1983 53.78 69.02 -47.93
N ASP K 1984 53.17 68.98 -49.12
CA ASP K 1984 53.93 68.89 -50.37
C ASP K 1984 54.26 70.29 -50.87
N VAL K 1985 53.26 71.15 -50.83
CA VAL K 1985 53.36 72.45 -51.48
C VAL K 1985 53.85 73.53 -50.52
N PRO K 1986 54.81 74.37 -50.96
CA PRO K 1986 55.25 75.53 -50.15
C PRO K 1986 54.25 76.65 -50.36
N PHE K 1987 53.13 76.59 -49.63
CA PHE K 1987 52.12 77.63 -49.76
C PHE K 1987 52.34 78.79 -48.80
N HIS K 1988 51.75 79.94 -49.15
CA HIS K 1988 52.01 81.22 -48.49
C HIS K 1988 53.45 81.70 -48.73
N SER K 1989 53.91 81.54 -49.97
CA SER K 1989 55.25 81.94 -50.37
C SER K 1989 55.23 82.47 -51.80
N THR K 1990 56.38 82.89 -52.31
CA THR K 1990 56.46 83.46 -53.66
C THR K 1990 56.09 82.44 -54.72
N PHE K 1991 56.31 81.16 -54.40
CA PHE K 1991 56.12 80.07 -55.36
C PHE K 1991 54.73 80.11 -55.99
N LEU K 1992 53.70 80.12 -55.16
CA LEU K 1992 52.32 80.06 -55.63
C LEU K 1992 51.89 81.35 -56.29
N ARG K 1993 52.85 82.21 -56.61
CA ARG K 1993 52.53 83.48 -57.25
C ARG K 1993 52.00 83.21 -58.64
N SER K 1994 52.48 82.11 -59.21
CA SER K 1994 52.11 81.71 -60.56
C SER K 1994 50.58 81.56 -60.74
N GLY K 1995 49.98 80.71 -59.91
CA GLY K 1995 48.57 80.40 -60.04
C GLY K 1995 47.63 81.42 -59.45
N VAL K 1996 48.16 82.59 -59.09
CA VAL K 1996 47.31 83.65 -58.57
C VAL K 1996 46.44 84.20 -59.72
N LYS K 1997 46.88 83.97 -60.95
CA LYS K 1997 46.19 84.47 -62.12
C LYS K 1997 44.80 83.85 -62.33
N PRO K 1998 44.74 82.50 -62.40
CA PRO K 1998 43.48 81.79 -62.63
C PRO K 1998 42.51 81.91 -61.46
N PHE K 1999 43.05 81.78 -60.25
CA PHE K 1999 42.24 81.82 -59.03
C PHE K 1999 41.48 83.15 -58.93
N ARG K 2000 42.12 84.22 -59.37
CA ARG K 2000 41.48 85.52 -59.34
C ARG K 2000 40.27 85.53 -60.26
N SER K 2001 40.49 85.17 -61.51
CA SER K 2001 39.42 85.16 -62.50
C SER K 2001 38.28 84.21 -62.11
N PHE K 2002 38.60 83.26 -61.23
CA PHE K 2002 37.60 82.35 -60.71
C PHE K 2002 36.78 83.03 -59.61
N LEU K 2003 37.48 83.76 -58.72
CA LEU K 2003 36.83 84.51 -57.65
C LEU K 2003 35.83 85.53 -58.21
N LEU K 2004 36.10 86.00 -59.42
CA LEU K 2004 35.29 87.02 -60.05
C LEU K 2004 34.03 86.40 -60.62
N LYS K 2005 34.14 85.11 -60.94
CA LYS K 2005 33.00 84.33 -61.38
C LYS K 2005 32.08 84.06 -60.21
N LYS K 2006 32.68 83.82 -59.05
CA LYS K 2006 31.95 83.39 -57.86
C LYS K 2006 31.44 84.53 -56.99
N ILE K 2007 32.13 85.66 -56.99
CA ILE K 2007 31.67 86.83 -56.25
C ILE K 2007 30.99 87.86 -57.17
N ASN K 2008 29.89 88.43 -56.67
CA ASN K 2008 29.18 89.46 -57.40
C ASN K 2008 29.26 90.80 -56.66
N LYS K 2009 29.62 91.85 -57.38
CA LYS K 2009 29.70 93.19 -56.80
C LYS K 2009 28.45 93.51 -56.01
N THR K 2010 27.31 93.25 -56.65
CA THR K 2010 25.98 93.49 -56.07
C THR K 2010 25.84 92.96 -54.63
N THR K 2011 26.31 91.73 -54.43
CA THR K 2011 26.14 91.01 -53.16
C THR K 2011 26.90 91.67 -52.02
N ILE K 2012 27.89 92.49 -52.35
CA ILE K 2012 28.79 93.01 -51.32
C ILE K 2012 28.32 94.28 -50.60
N ASP K 2013 28.45 94.26 -49.28
CA ASP K 2013 28.30 95.46 -48.46
C ASP K 2013 29.68 95.97 -48.10
N PRO K 2014 30.02 97.18 -48.56
CA PRO K 2014 31.30 97.73 -48.09
C PRO K 2014 31.25 97.74 -46.58
N SER K 2015 30.13 98.26 -46.06
CA SER K 2015 29.87 98.45 -44.63
C SER K 2015 30.28 97.30 -43.69
N LYS K 2016 30.21 96.07 -44.20
CA LYS K 2016 30.49 94.90 -43.39
C LYS K 2016 32.00 94.67 -43.15
N LEU K 2017 32.83 94.84 -44.19
CA LEU K 2017 34.26 94.68 -44.03
C LEU K 2017 34.99 96.02 -43.85
N ILE K 2018 34.26 97.13 -43.98
CA ILE K 2018 34.86 98.47 -44.01
C ILE K 2018 35.96 98.73 -42.98
N GLY K 2019 35.78 98.20 -41.77
CA GLY K 2019 36.77 98.38 -40.73
C GLY K 2019 36.80 97.23 -39.75
N LYS K 2020 36.21 96.09 -40.14
CA LYS K 2020 36.06 94.94 -39.25
C LYS K 2020 36.88 93.72 -39.66
N TYR K 2021 37.20 93.61 -40.94
CA TYR K 2021 37.87 92.44 -41.49
C TYR K 2021 39.39 92.57 -41.53
N ILE K 2022 40.09 91.64 -40.89
CA ILE K 2022 41.55 91.65 -40.91
C ILE K 2022 42.09 90.53 -41.81
N PRO K 2023 42.65 90.91 -42.98
CA PRO K 2023 43.25 89.97 -43.94
C PRO K 2023 44.53 89.29 -43.42
N ASN K 2024 45.24 88.59 -44.31
CA ASN K 2024 46.50 87.93 -43.96
C ASN K 2024 47.68 88.58 -44.67
N VAL K 2025 47.38 89.37 -45.68
CA VAL K 2025 48.39 90.14 -46.37
C VAL K 2025 48.52 91.50 -45.66
N THR K 2026 47.39 92.09 -45.30
CA THR K 2026 47.36 93.35 -44.55
C THR K 2026 46.96 93.12 -43.10
N ALA K 2027 47.94 93.00 -42.22
CA ALA K 2027 47.66 92.72 -40.81
C ALA K 2027 46.85 93.82 -40.10
N LYS K 2028 46.50 94.89 -40.82
CA LYS K 2028 45.64 95.93 -40.25
C LYS K 2028 44.27 95.96 -40.92
N PRO K 2029 43.22 96.33 -40.17
CA PRO K 2029 41.80 96.38 -40.55
C PRO K 2029 41.52 96.87 -41.97
N PHE K 2030 40.86 96.02 -42.75
CA PHE K 2030 40.48 96.30 -44.13
C PHE K 2030 39.86 97.67 -44.22
N GLU K 2031 40.55 98.58 -44.89
CA GLU K 2031 40.03 99.92 -45.13
C GLU K 2031 39.94 100.16 -46.63
N ILE K 2032 39.03 101.05 -47.02
CA ILE K 2032 38.81 101.32 -48.44
C ILE K 2032 39.65 102.48 -49.00
N SER K 2033 40.30 103.23 -48.11
CA SER K 2033 41.07 104.43 -48.49
C SER K 2033 42.10 104.18 -49.60
N LYS K 2034 42.47 105.25 -50.31
CA LYS K 2034 43.44 105.18 -51.40
C LYS K 2034 44.84 104.86 -50.89
N GLU K 2035 45.07 105.15 -49.61
CA GLU K 2035 46.35 104.90 -48.98
C GLU K 2035 46.51 103.41 -48.71
N TYR K 2036 45.38 102.74 -48.56
CA TYR K 2036 45.33 101.30 -48.30
C TYR K 2036 45.75 100.52 -49.54
N PHE K 2037 45.28 100.97 -50.71
CA PHE K 2037 45.64 100.36 -51.98
C PHE K 2037 47.14 100.46 -52.23
N GLU K 2038 47.77 101.40 -51.52
CA GLU K 2038 49.21 101.59 -51.58
C GLU K 2038 49.94 100.63 -50.65
N GLU K 2039 49.32 100.33 -49.52
CA GLU K 2039 49.83 99.31 -48.60
C GLU K 2039 49.62 97.92 -49.21
N VAL K 2040 48.57 97.78 -50.00
CA VAL K 2040 48.25 96.54 -50.70
C VAL K 2040 49.16 96.34 -51.89
N HIS K 2041 49.29 97.39 -52.71
CA HIS K 2041 50.10 97.36 -53.92
C HIS K 2041 51.59 97.19 -53.61
N ARG K 2042 52.03 97.76 -52.49
CA ARG K 2042 53.41 97.62 -52.04
C ARG K 2042 53.73 96.15 -51.81
N LEU K 2043 52.76 95.45 -51.23
CA LEU K 2043 52.94 94.04 -50.87
C LEU K 2043 52.63 93.08 -52.01
N THR K 2044 51.65 93.45 -52.84
CA THR K 2044 51.12 92.53 -53.84
C THR K 2044 51.48 92.89 -55.28
N GLY K 2045 51.18 94.12 -55.69
CA GLY K 2045 51.36 94.54 -57.07
C GLY K 2045 50.18 94.15 -57.95
N SER K 2046 48.97 94.43 -57.47
CA SER K 2046 47.76 94.15 -58.23
C SER K 2046 47.60 95.15 -59.36
N PRO K 2047 47.68 94.67 -60.62
CA PRO K 2047 47.52 95.51 -61.80
C PRO K 2047 46.15 96.18 -61.85
N LYS K 2048 45.15 95.60 -61.17
CA LYS K 2048 43.84 96.24 -61.04
C LYS K 2048 43.88 97.35 -60.01
N ILE K 2049 44.83 97.25 -59.09
CA ILE K 2049 45.05 98.27 -58.06
C ILE K 2049 45.85 99.47 -58.53
N ALA K 2050 46.92 99.24 -59.30
CA ALA K 2050 47.70 100.34 -59.88
C ALA K 2050 46.80 101.18 -60.80
N ASN K 2051 45.98 100.47 -61.57
CA ASN K 2051 44.98 101.04 -62.48
C ASN K 2051 43.82 101.78 -61.77
N ILE K 2052 43.43 101.29 -60.59
CA ILE K 2052 42.36 101.89 -59.78
C ILE K 2052 42.94 102.90 -58.77
N LEU K 2053 44.26 102.93 -58.65
CA LEU K 2053 44.96 103.94 -57.86
C LEU K 2053 45.28 105.17 -58.72
N ALA K 2054 45.50 104.91 -60.01
CA ALA K 2054 45.74 105.97 -60.97
C ALA K 2054 44.48 106.81 -61.20
N ASN K 2055 43.32 106.15 -61.28
CA ASN K 2055 42.05 106.84 -61.48
C ASN K 2055 41.49 107.48 -60.22
N TRP K 2056 42.24 107.39 -59.11
CA TRP K 2056 41.69 107.63 -57.76
C TRP K 2056 40.74 108.81 -57.60
N ASP K 2057 41.01 109.86 -58.38
CA ASP K 2057 40.17 111.05 -58.45
C ASP K 2057 38.75 110.70 -58.87
N LYS K 2058 38.67 109.97 -59.99
CA LYS K 2058 37.42 109.40 -60.51
C LYS K 2058 36.44 108.86 -59.44
N TYR K 2059 36.96 108.49 -58.26
CA TYR K 2059 36.15 107.87 -57.21
C TYR K 2059 35.67 108.80 -56.09
N GLU K 2060 35.89 110.10 -56.29
CA GLU K 2060 35.48 111.17 -55.37
C GLU K 2060 35.15 110.71 -53.94
N GLN L 1 10.31 115.21 75.14
CA GLN L 1 11.66 115.70 74.80
C GLN L 1 12.56 114.67 74.12
N SER L 2 12.65 113.48 74.71
CA SER L 2 13.59 112.47 74.24
C SER L 2 13.08 111.01 74.40
N LEU L 3 12.30 110.56 73.41
CA LEU L 3 11.78 109.19 73.39
C LEU L 3 11.84 108.58 71.99
N ARG L 4 12.43 107.39 71.90
CA ARG L 4 12.61 106.74 70.61
C ARG L 4 12.39 105.22 70.65
N PRO L 5 11.27 104.75 70.06
CA PRO L 5 10.86 103.34 69.95
C PRO L 5 11.85 102.43 69.20
N LEU L 6 12.55 101.57 69.94
CA LEU L 6 13.44 100.53 69.39
C LEU L 6 12.90 99.11 69.56
N VAL L 7 12.67 98.40 68.45
CA VAL L 7 12.10 97.06 68.51
C VAL L 7 13.14 95.98 68.21
N LEU L 8 13.24 94.99 69.09
CA LEU L 8 14.02 93.78 68.81
C LEU L 8 13.12 92.69 68.25
N THR L 9 13.14 92.56 66.93
CA THR L 9 12.22 91.70 66.20
C THR L 9 12.89 90.41 65.71
N HIS L 10 12.17 89.29 65.78
CA HIS L 10 12.71 87.97 65.38
C HIS L 10 11.64 86.88 65.38
N GLY L 11 11.53 86.16 64.26
CA GLY L 11 10.61 85.03 64.15
C GLY L 11 9.21 85.29 64.71
N SER L 12 9.01 84.92 65.97
CA SER L 12 7.72 85.09 66.64
C SER L 12 7.82 85.78 68.02
N LEU L 13 9.00 86.33 68.33
CA LEU L 13 9.21 87.04 69.59
C LEU L 13 9.80 88.44 69.38
N GLU L 14 9.22 89.42 70.07
CA GLU L 14 9.68 90.82 69.96
C GLU L 14 9.88 91.45 71.33
N PHE L 15 10.75 92.45 71.38
CA PHE L 15 10.88 93.28 72.57
C PHE L 15 10.96 94.77 72.21
N SER L 16 10.10 95.56 72.85
CA SER L 16 10.06 97.00 72.62
C SER L 16 10.95 97.78 73.62
N PHE L 17 11.45 98.92 73.16
CA PHE L 17 12.48 99.64 73.88
C PHE L 17 12.25 101.15 73.88
N LEU L 18 12.69 101.82 74.94
CA LEU L 18 12.70 103.28 74.97
C LEU L 18 14.10 103.88 75.02
N VAL L 19 14.38 104.74 74.05
CA VAL L 19 15.73 105.24 73.78
C VAL L 19 15.73 106.77 73.79
N PRO L 20 16.83 107.38 74.27
CA PRO L 20 16.96 108.82 74.04
C PRO L 20 16.97 109.14 72.53
N THR L 21 16.35 110.24 72.15
CA THR L 21 16.33 110.72 70.76
C THR L 21 17.75 110.78 70.19
N SER L 22 18.67 111.31 70.99
CA SER L 22 20.09 111.40 70.64
C SER L 22 20.72 110.04 70.31
N LEU L 23 20.71 109.15 71.29
CA LEU L 23 21.37 107.83 71.16
C LEU L 23 20.45 106.79 70.54
N HIS L 24 19.83 107.13 69.40
CA HIS L 24 18.91 106.20 68.78
C HIS L 24 19.46 105.47 67.54
N PHE L 25 20.50 106.01 66.92
CA PHE L 25 21.15 105.29 65.82
C PHE L 25 22.34 104.44 66.26
N GLN L 26 22.91 104.73 67.43
CA GLN L 26 23.90 103.82 68.02
C GLN L 26 23.17 102.54 68.39
N ALA L 27 22.00 102.70 68.98
CA ALA L 27 21.14 101.59 69.39
C ALA L 27 20.46 100.92 68.17
N ALA L 28 20.24 101.67 67.10
CA ALA L 28 19.75 101.09 65.86
C ALA L 28 20.82 100.22 65.21
N GLN L 29 22.08 100.67 65.26
CA GLN L 29 23.22 99.94 64.68
C GLN L 29 23.52 98.60 65.35
N LEU L 30 23.54 98.59 66.67
CA LEU L 30 23.79 97.38 67.43
C LEU L 30 22.65 96.39 67.21
N LYS L 31 21.44 96.90 67.10
CA LYS L 31 20.28 96.07 66.81
C LYS L 31 20.35 95.49 65.40
N ASP L 32 20.79 96.31 64.44
CA ASP L 32 20.82 95.93 63.03
C ASP L 32 21.78 94.77 62.71
N SER L 33 23.05 94.96 63.05
CA SER L 33 24.07 93.94 62.84
C SER L 33 23.86 92.72 63.74
N PHE L 34 23.02 92.87 64.77
CA PHE L 34 22.73 91.80 65.72
C PHE L 34 21.62 90.87 65.21
N LEU L 35 20.75 91.39 64.35
CA LEU L 35 19.67 90.59 63.77
C LEU L 35 20.17 89.86 62.52
N ALA L 36 21.48 89.97 62.28
CA ALA L 36 22.15 89.20 61.25
C ALA L 36 23.03 88.11 61.91
N THR L 37 23.41 88.36 63.17
CA THR L 37 24.14 87.39 64.00
C THR L 37 23.30 86.14 64.24
N LEU L 38 21.98 86.32 64.29
CA LEU L 38 21.03 85.23 64.44
C LEU L 38 20.80 84.53 63.11
N PRO L 39 20.52 83.22 63.15
CA PRO L 39 20.25 82.48 61.91
C PRO L 39 18.80 82.71 61.47
N GLN L 40 18.52 82.47 60.19
CA GLN L 40 17.17 82.63 59.64
C GLN L 40 16.10 82.17 60.63
N PRO L 41 15.10 83.05 60.90
CA PRO L 41 14.07 82.78 61.91
C PRO L 41 13.34 81.45 61.69
N THR L 42 12.85 80.88 62.78
CA THR L 42 12.11 79.63 62.73
C THR L 42 10.71 79.78 63.34
N GLU L 43 9.70 79.58 62.50
CA GLU L 43 8.30 79.71 62.91
C GLU L 43 7.86 78.49 63.70
N GLU L 44 8.80 77.55 63.87
CA GLU L 44 8.61 76.37 64.70
C GLU L 44 9.00 76.71 66.13
N LEU L 45 9.29 78.00 66.35
CA LEU L 45 9.41 78.60 67.67
C LEU L 45 10.73 78.33 68.43
N ALA L 46 11.69 77.69 67.79
CA ALA L 46 13.00 77.49 68.40
C ALA L 46 14.04 76.95 67.43
N GLN L 47 15.30 77.29 67.70
CA GLN L 47 16.44 76.71 67.01
C GLN L 47 17.46 76.24 68.03
N ASP L 48 18.29 75.27 67.67
CA ASP L 48 19.32 74.77 68.59
C ASP L 48 20.40 75.83 68.80
N ASP L 49 20.54 76.27 70.06
CA ASP L 49 21.50 77.31 70.46
C ASP L 49 21.31 78.68 69.81
N GLU L 50 20.06 78.96 69.43
CA GLU L 50 19.62 80.29 68.98
C GLU L 50 18.48 80.75 69.91
N PRO L 51 17.80 81.88 69.62
CA PRO L 51 16.80 82.33 70.60
C PRO L 51 15.73 81.28 70.94
N SER L 52 15.30 81.26 72.20
CA SER L 52 14.26 80.34 72.69
C SER L 52 13.12 81.08 73.38
N SER L 53 13.43 82.25 73.93
CA SER L 53 12.44 83.09 74.62
C SER L 53 12.71 84.56 74.26
N VAL L 54 11.88 85.46 74.77
CA VAL L 54 12.14 86.89 74.63
C VAL L 54 13.25 87.30 75.62
N VAL L 55 13.42 86.51 76.68
CA VAL L 55 14.47 86.74 77.68
C VAL L 55 15.87 86.51 77.07
N GLU L 56 15.88 85.80 75.95
CA GLU L 56 17.12 85.45 75.26
C GLU L 56 17.46 86.45 74.17
N LEU L 57 16.44 87.13 73.64
CA LEU L 57 16.67 88.17 72.63
C LEU L 57 17.41 89.37 73.23
N VAL L 58 17.03 89.72 74.45
CA VAL L 58 17.66 90.81 75.16
C VAL L 58 19.01 90.40 75.73
N ALA L 59 19.06 89.20 76.31
CA ALA L 59 20.32 88.65 76.84
C ALA L 59 21.41 88.54 75.76
N ARG L 60 21.02 88.06 74.58
CA ARG L 60 21.93 87.95 73.42
C ARG L 60 22.38 89.32 72.93
N TYR L 61 21.51 90.31 73.09
CA TYR L 61 21.82 91.67 72.67
C TYR L 61 22.73 92.38 73.69
N ILE L 62 22.53 92.08 74.98
CA ILE L 62 23.33 92.69 76.05
C ILE L 62 24.81 92.31 75.96
N ALA L 63 25.07 91.05 75.62
CA ALA L 63 26.43 90.58 75.44
C ALA L 63 26.99 90.99 74.08
N PHE L 64 26.10 91.18 73.10
CA PHE L 64 26.50 91.62 71.77
C PHE L 64 27.08 93.02 71.85
N VAL L 65 26.35 93.92 72.53
CA VAL L 65 26.76 95.31 72.71
C VAL L 65 27.95 95.44 73.65
N ALA L 66 27.88 94.75 74.79
CA ALA L 66 28.93 94.81 75.79
C ALA L 66 30.27 94.28 75.25
N HIS L 67 30.19 93.46 74.21
CA HIS L 67 31.37 92.96 73.53
C HIS L 67 32.00 94.03 72.62
N GLU L 68 31.16 94.84 71.98
CA GLU L 68 31.61 95.93 71.11
C GLU L 68 32.08 97.18 71.88
N VAL L 69 31.86 97.18 73.19
CA VAL L 69 32.40 98.19 74.08
C VAL L 69 33.87 97.89 74.33
N ASP L 70 34.16 96.65 74.72
CA ASP L 70 35.52 96.20 75.00
C ASP L 70 36.29 95.87 73.72
N GLU L 71 35.57 95.77 72.61
CA GLU L 71 36.19 95.63 71.30
C GLU L 71 36.78 96.97 70.90
N GLY L 72 37.89 96.94 70.15
CA GLY L 72 38.65 98.14 69.83
C GLY L 72 38.03 99.08 68.80
N ASP L 73 36.75 99.41 69.00
CA ASP L 73 36.01 100.37 68.15
C ASP L 73 36.05 101.77 68.76
N GLU L 74 36.96 102.59 68.27
CA GLU L 74 37.22 103.91 68.88
C GLU L 74 36.31 105.02 68.36
N ASP L 75 36.35 106.15 69.06
CA ASP L 75 35.51 107.32 68.76
C ASP L 75 34.04 107.03 69.05
N ALA L 76 33.71 105.76 69.27
CA ALA L 76 32.34 105.33 69.53
C ALA L 76 32.22 104.63 70.87
N HIS L 77 33.20 104.82 71.76
CA HIS L 77 33.15 104.19 73.08
C HIS L 77 32.17 104.86 74.07
N PRO L 78 32.13 106.21 74.10
CA PRO L 78 31.16 106.87 74.97
C PRO L 78 29.70 106.53 74.65
N THR L 79 29.38 106.36 73.37
CA THR L 79 28.00 106.14 72.91
C THR L 79 27.47 104.71 73.17
N ASN L 80 28.38 103.73 73.11
CA ASN L 80 28.05 102.32 73.37
C ASN L 80 27.79 102.05 74.85
N LEU L 81 28.47 102.80 75.72
CA LEU L 81 28.31 102.71 77.18
C LEU L 81 26.92 103.14 77.64
N GLU L 82 26.19 103.78 76.73
CA GLU L 82 24.88 104.34 77.00
C GLU L 82 23.79 103.40 76.52
N VAL L 83 23.94 102.89 75.29
CA VAL L 83 23.07 101.83 74.81
C VAL L 83 23.10 100.70 75.84
N LEU L 84 24.29 100.47 76.39
CA LEU L 84 24.52 99.44 77.40
C LEU L 84 23.71 99.68 78.68
N LYS L 85 23.79 100.91 79.20
CA LYS L 85 23.08 101.25 80.43
C LYS L 85 21.57 101.07 80.31
N LEU L 86 21.01 101.41 79.15
CA LEU L 86 19.59 101.27 78.87
C LEU L 86 19.13 99.83 78.84
N ILE L 87 19.85 98.99 78.09
CA ILE L 87 19.52 97.57 77.99
C ILE L 87 19.64 96.88 79.34
N LEU L 88 20.68 97.24 80.10
CA LEU L 88 20.85 96.73 81.46
C LEU L 88 19.68 97.10 82.35
N ASN L 89 19.23 98.34 82.26
CA ASN L 89 18.10 98.82 83.05
C ASN L 89 16.77 98.19 82.65
N GLU L 90 16.49 98.17 81.34
CA GLU L 90 15.27 97.58 80.79
C GLU L 90 15.18 96.09 81.11
N PHE L 91 16.34 95.48 81.33
CA PHE L 91 16.44 94.05 81.64
C PHE L 91 16.20 93.78 83.12
N GLU L 92 16.84 94.57 83.99
CA GLU L 92 16.63 94.47 85.43
C GLU L 92 15.22 94.95 85.79
N ARG L 93 14.66 95.79 84.91
CA ARG L 93 13.28 96.27 85.03
C ARG L 93 12.28 95.14 84.83
N ALA L 94 12.10 94.75 83.57
CA ALA L 94 11.05 93.83 83.17
C ALA L 94 11.38 92.36 83.47
N PHE L 95 12.60 91.97 83.13
CA PHE L 95 12.95 90.55 83.07
C PHE L 95 13.36 89.96 84.42
N MET L 96 14.33 90.58 85.07
CA MET L 96 14.82 90.10 86.36
C MET L 96 13.92 90.52 87.51
N ARG L 97 13.32 91.71 87.37
CA ARG L 97 12.47 92.29 88.42
C ARG L 97 13.20 92.24 89.77
N GLY L 98 14.37 92.88 89.82
CA GLY L 98 15.14 92.95 91.05
C GLY L 98 15.87 91.67 91.39
N ASN L 99 15.31 90.54 90.99
CA ASN L 99 15.90 89.22 91.30
C ASN L 99 17.17 88.90 90.51
N ASP L 100 18.05 88.09 91.12
CA ASP L 100 19.35 87.71 90.55
C ASP L 100 19.22 86.96 89.21
N VAL L 101 20.21 87.12 88.35
CA VAL L 101 20.19 86.57 86.99
C VAL L 101 20.12 85.04 86.95
N HIS L 102 20.59 84.39 88.02
CA HIS L 102 20.65 82.95 88.04
C HIS L 102 19.27 82.32 88.27
N ALA L 103 18.56 82.84 89.26
CA ALA L 103 17.23 82.33 89.57
C ALA L 103 16.20 82.76 88.52
N ILE L 104 16.56 83.74 87.68
CA ILE L 104 15.71 84.17 86.57
C ILE L 104 16.14 83.53 85.24
N ALA L 105 17.33 82.90 85.24
CA ALA L 105 17.74 82.09 84.11
C ALA L 105 17.19 80.68 84.29
N ALA L 106 16.91 80.34 85.55
CA ALA L 106 16.33 79.06 85.93
C ALA L 106 14.90 78.86 85.45
N ASN L 107 14.39 79.82 84.68
CA ASN L 107 13.04 79.70 84.15
C ASN L 107 12.94 79.90 82.64
N VAL L 108 14.01 79.61 81.92
CA VAL L 108 13.97 79.66 80.45
C VAL L 108 14.07 78.26 79.83
N ALA L 109 13.76 78.18 78.53
CA ALA L 109 13.73 76.91 77.78
C ALA L 109 14.97 76.05 78.01
N GLY L 110 14.77 74.92 78.68
CA GLY L 110 15.86 74.05 79.12
C GLY L 110 16.65 73.38 78.03
N ILE L 111 17.87 73.87 77.82
CA ILE L 111 18.85 73.16 77.01
C ILE L 111 20.08 72.97 77.89
N THR L 112 19.94 73.45 79.12
CA THR L 112 21.00 73.34 80.13
C THR L 112 22.25 74.06 79.63
N ALA L 113 22.11 74.80 78.54
CA ALA L 113 23.24 75.49 77.93
C ALA L 113 22.89 76.96 77.72
N LYS L 114 21.66 77.23 77.31
CA LYS L 114 21.22 78.59 77.09
C LYS L 114 20.92 79.26 78.41
N LYS L 115 20.71 78.46 79.46
CA LYS L 115 20.53 79.01 80.81
C LYS L 115 21.83 79.61 81.28
N ILE L 116 22.93 79.10 80.73
CA ILE L 116 24.24 79.69 80.93
C ILE L 116 24.39 80.95 80.07
N GLY L 117 23.90 80.86 78.83
CA GLY L 117 23.98 81.96 77.87
C GLY L 117 23.39 83.29 78.33
N VAL L 118 22.37 83.23 79.17
CA VAL L 118 21.77 84.44 79.71
C VAL L 118 22.59 84.97 80.89
N VAL L 119 23.08 84.05 81.72
CA VAL L 119 23.82 84.40 82.93
C VAL L 119 25.20 85.02 82.65
N ARG L 120 25.76 84.79 81.46
CA ARG L 120 27.04 85.40 81.09
C ARG L 120 26.84 86.66 80.23
N ALA L 121 25.70 86.74 79.56
CA ALA L 121 25.33 87.93 78.77
C ALA L 121 25.14 89.11 79.70
N TYR L 122 24.81 88.78 80.95
CA TYR L 122 24.58 89.77 82.00
C TYR L 122 25.91 90.25 82.58
N TYR L 123 26.70 89.34 83.14
CA TYR L 123 27.98 89.71 83.74
C TYR L 123 29.04 90.03 82.68
N ALA L 124 28.55 90.24 81.45
CA ALA L 124 29.34 90.79 80.35
C ALA L 124 29.00 92.27 80.12
N GLY L 125 27.72 92.62 80.26
CA GLY L 125 27.27 94.00 80.25
C GLY L 125 27.35 94.65 81.62
N ARG L 126 27.42 93.82 82.65
CA ARG L 126 27.60 94.27 84.03
C ARG L 126 28.99 94.88 84.19
N ALA L 127 29.99 94.19 83.67
CA ALA L 127 31.38 94.63 83.81
C ALA L 127 31.78 95.60 82.69
N ALA L 128 31.03 95.60 81.59
CA ALA L 128 31.30 96.52 80.47
C ALA L 128 30.70 97.89 80.71
N ALA L 129 29.95 98.01 81.80
CA ALA L 129 29.52 99.31 82.32
C ALA L 129 30.01 99.49 83.77
N GLY L 130 30.91 98.60 84.17
CA GLY L 130 31.70 98.76 85.40
C GLY L 130 30.99 98.65 86.74
N ARG L 131 29.78 98.11 86.74
CA ARG L 131 28.99 97.99 87.98
C ARG L 131 29.32 96.71 88.77
N ALA L 132 29.66 96.88 90.05
CA ALA L 132 29.96 95.75 90.94
C ALA L 132 28.71 95.28 91.70
N PRO L 133 28.27 94.03 91.44
CA PRO L 133 27.06 93.43 92.03
C PRO L 133 26.74 93.90 93.46
N LYS L 134 25.52 94.39 93.63
CA LYS L 134 25.03 94.87 94.91
C LYS L 134 25.03 93.74 95.93
N PRO L 135 25.67 93.97 97.09
CA PRO L 135 25.76 93.00 98.19
C PRO L 135 24.43 92.56 98.82
N TYR L 136 23.60 91.84 98.07
CA TYR L 136 22.43 91.17 98.62
C TYR L 136 22.90 89.87 99.25
N ASP L 137 22.13 89.35 100.20
CA ASP L 137 22.32 87.97 100.62
C ASP L 137 21.07 87.17 100.23
N SER L 138 21.26 85.92 99.84
CA SER L 138 20.17 85.10 99.31
C SER L 138 19.14 84.81 100.39
N ALA L 139 17.93 84.47 99.97
CA ALA L 139 16.90 84.04 100.91
C ALA L 139 17.46 82.87 101.73
N LEU L 140 18.48 82.21 101.19
CA LEU L 140 19.11 81.05 101.82
C LEU L 140 20.01 81.47 102.98
N PHE L 141 21.00 82.32 102.70
CA PHE L 141 21.97 82.77 103.70
C PHE L 141 21.34 83.74 104.69
N ARG L 142 20.32 84.45 104.21
CA ARG L 142 19.49 85.29 105.05
C ARG L 142 18.89 84.43 106.16
N ALA L 143 18.20 83.36 105.77
CA ALA L 143 17.60 82.42 106.71
C ALA L 143 18.63 81.47 107.33
N ALA L 144 19.91 81.66 106.96
CA ALA L 144 21.02 80.92 107.57
C ALA L 144 21.54 81.72 108.75
N ALA L 145 21.68 83.02 108.53
CA ALA L 145 22.03 83.96 109.57
C ALA L 145 20.86 84.15 110.53
N GLU L 146 19.64 83.97 110.03
CA GLU L 146 18.44 83.98 110.86
C GLU L 146 18.21 82.60 111.46
N ASN L 147 19.29 81.82 111.51
CA ASN L 147 19.30 80.46 112.06
C ASN L 147 18.07 79.59 111.82
N ASN L 148 17.70 79.48 110.54
CA ASN L 148 16.72 78.51 110.10
C ASN L 148 17.45 77.34 109.48
N VAL L 149 18.41 77.66 108.61
CA VAL L 149 19.22 76.66 107.89
C VAL L 149 20.69 76.63 108.38
N LYS L 150 21.33 75.45 108.48
CA LYS L 150 22.74 75.33 108.88
C LYS L 150 23.57 74.82 107.69
N ILE L 151 24.28 75.75 107.03
CA ILE L 151 24.97 75.44 105.78
C ILE L 151 26.43 74.99 105.99
N TYR L 152 26.74 73.78 105.54
CA TYR L 152 28.11 73.30 105.53
C TYR L 152 28.68 73.36 104.12
N SER L 153 30.00 73.30 104.01
CA SER L 153 30.65 73.35 102.71
C SER L 153 31.36 72.02 102.43
N ILE L 154 31.37 71.62 101.16
CA ILE L 154 31.90 70.33 100.77
C ILE L 154 32.66 70.44 99.44
N PHE L 155 33.81 69.77 99.37
CA PHE L 155 34.72 69.90 98.22
C PHE L 155 35.14 68.57 97.58
N GLY L 156 34.82 68.42 96.29
CA GLY L 156 35.04 67.16 95.58
C GLY L 156 36.49 66.86 95.24
N GLY L 157 36.70 65.85 94.38
CA GLY L 157 38.02 65.45 93.96
C GLY L 157 37.97 64.53 92.75
N GLN L 158 39.00 63.72 92.56
CA GLN L 158 39.01 62.78 91.46
C GLN L 158 37.95 61.70 91.66
N GLY L 159 36.84 61.86 90.95
CA GLY L 159 35.74 60.89 91.00
C GLY L 159 35.13 60.68 89.63
N ASN L 160 35.77 59.83 88.82
CA ASN L 160 35.36 59.61 87.42
C ASN L 160 35.22 60.94 86.68
N ILE L 161 36.13 61.86 86.96
CA ILE L 161 36.14 63.15 86.31
C ILE L 161 37.28 63.26 85.30
N GLU L 162 36.94 63.04 84.03
CA GLU L 162 37.90 63.20 82.96
C GLU L 162 37.55 64.46 82.17
N GLU L 163 36.48 65.13 82.59
CA GLU L 163 36.04 66.36 81.94
C GLU L 163 36.14 67.54 82.89
N TYR L 164 37.14 67.52 83.77
CA TYR L 164 37.31 68.62 84.70
C TYR L 164 37.62 69.90 83.96
N PHE L 165 38.43 69.79 82.91
CA PHE L 165 38.83 70.98 82.17
C PHE L 165 37.67 71.55 81.34
N ASP L 166 36.60 70.76 81.22
CA ASP L 166 35.40 71.24 80.56
C ASP L 166 34.68 72.22 81.48
N GLU L 167 34.79 71.97 82.79
CA GLU L 167 34.23 72.86 83.80
C GLU L 167 34.95 74.22 83.83
N LEU L 168 36.27 74.21 83.61
CA LEU L 168 37.04 75.44 83.53
C LEU L 168 36.56 76.32 82.39
N ARG L 169 36.22 75.71 81.26
CA ARG L 169 35.69 76.45 80.13
C ARG L 169 34.33 77.07 80.45
N GLU L 170 33.49 76.33 81.17
CA GLU L 170 32.23 76.87 81.69
C GLU L 170 32.49 78.13 82.52
N ILE L 171 33.46 78.02 83.42
CA ILE L 171 33.87 79.14 84.26
C ILE L 171 34.33 80.32 83.43
N TYR L 172 35.44 80.14 82.74
CA TYR L 172 36.04 81.17 81.89
C TYR L 172 35.02 81.85 80.98
N THR L 173 34.26 81.04 80.26
CA THR L 173 33.25 81.53 79.33
C THR L 173 32.21 82.41 80.02
N THR L 174 31.63 81.88 81.08
CA THR L 174 30.44 82.47 81.68
C THR L 174 30.73 83.65 82.62
N TYR L 175 31.73 83.50 83.48
CA TYR L 175 32.05 84.54 84.46
C TYR L 175 33.45 85.13 84.25
N PRO L 176 33.66 85.84 83.13
CA PRO L 176 34.98 86.37 82.76
C PRO L 176 35.46 87.42 83.76
N SER L 177 34.62 88.43 83.94
CA SER L 177 34.88 89.51 84.88
C SER L 177 35.34 89.01 86.26
N PHE L 178 34.60 88.06 86.82
CA PHE L 178 34.87 87.56 88.16
C PHE L 178 36.21 86.87 88.29
N VAL L 179 36.56 86.04 87.30
CA VAL L 179 37.59 85.02 87.51
C VAL L 179 38.87 85.27 86.72
N GLU L 180 38.73 85.90 85.56
CA GLU L 180 39.83 86.04 84.61
C GLU L 180 41.16 86.42 85.24
N ASP L 181 41.09 87.12 86.37
CA ASP L 181 42.29 87.65 87.02
C ASP L 181 43.12 86.58 87.75
N LEU L 182 42.47 85.77 88.59
CA LEU L 182 43.18 84.69 89.27
C LEU L 182 43.39 83.49 88.34
N ILE L 183 42.58 83.41 87.30
CA ILE L 183 42.85 82.46 86.24
C ILE L 183 44.22 82.78 85.64
N THR L 184 44.39 84.02 85.20
CA THR L 184 45.63 84.44 84.56
C THR L 184 46.85 84.15 85.45
N SER L 185 46.75 84.56 86.72
CA SER L 185 47.90 84.51 87.63
C SER L 185 48.23 83.10 88.15
N ILE L 186 47.20 82.36 88.56
CA ILE L 186 47.42 80.99 89.04
C ILE L 186 47.97 80.15 87.89
N ALA L 187 47.67 80.56 86.66
CA ALA L 187 48.23 79.91 85.46
C ALA L 187 49.74 80.07 85.46
N GLU L 188 50.18 81.33 85.48
CA GLU L 188 51.60 81.66 85.40
C GLU L 188 52.38 81.16 86.62
N LEU L 189 51.67 80.94 87.73
CA LEU L 189 52.25 80.25 88.88
C LEU L 189 52.67 78.83 88.51
N LEU L 190 51.74 78.09 87.90
CA LEU L 190 51.97 76.70 87.53
C LEU L 190 52.96 76.58 86.38
N GLN L 191 52.90 77.53 85.45
CA GLN L 191 53.82 77.56 84.31
C GLN L 191 55.25 77.57 84.81
N SER L 192 55.49 78.33 85.88
CA SER L 192 56.82 78.45 86.48
C SER L 192 57.20 77.19 87.27
N LEU L 193 56.21 76.61 87.93
CA LEU L 193 56.40 75.35 88.65
C LEU L 193 56.82 74.25 87.68
N ALA L 194 56.29 74.31 86.46
CA ALA L 194 56.51 73.28 85.44
C ALA L 194 57.95 73.23 84.98
N ARG L 195 58.64 74.36 85.09
CA ARG L 195 60.00 74.47 84.57
C ARG L 195 61.05 73.99 85.58
N GLU L 196 60.68 73.96 86.86
CA GLU L 196 61.58 73.43 87.88
C GLU L 196 62.01 72.01 87.52
N TRP L 197 63.33 71.79 87.49
CA TRP L 197 63.93 70.54 86.99
C TRP L 197 63.25 69.21 87.33
N ASP L 198 62.68 69.08 88.53
CA ASP L 198 62.02 67.85 88.96
C ASP L 198 60.72 67.62 88.20
N ALA L 199 60.04 68.72 87.89
CA ALA L 199 58.70 68.68 87.30
C ALA L 199 58.70 68.59 85.78
N VAL L 200 59.85 68.80 85.15
CA VAL L 200 59.90 68.79 83.69
C VAL L 200 59.51 67.42 83.12
N LYS L 201 60.07 66.35 83.69
CA LYS L 201 59.79 65.01 83.20
C LYS L 201 58.29 64.72 83.20
N GLN L 202 57.67 64.98 84.35
CA GLN L 202 56.28 64.62 84.56
C GLN L 202 55.29 65.57 83.87
N TYR L 203 55.82 66.63 83.25
CA TYR L 203 55.00 67.55 82.46
C TYR L 203 55.57 67.68 81.05
N PRO L 204 55.44 66.65 80.24
CA PRO L 204 56.06 66.63 78.90
C PRO L 204 55.37 67.58 77.94
N LYS L 205 54.05 67.59 77.93
CA LYS L 205 53.28 68.39 76.98
C LYS L 205 53.11 69.83 77.48
N GLY L 206 53.61 70.07 78.69
CA GLY L 206 53.63 71.40 79.26
C GLY L 206 52.37 71.78 80.02
N LEU L 207 52.44 72.90 80.73
CA LEU L 207 51.36 73.35 81.58
C LEU L 207 51.05 74.82 81.27
N ASP L 208 50.23 75.04 80.24
CA ASP L 208 49.88 76.38 79.80
C ASP L 208 48.36 76.54 79.72
N ILE L 209 47.74 76.64 80.88
CA ILE L 209 46.29 76.61 80.96
C ILE L 209 45.63 77.71 80.16
N LEU L 210 46.28 78.86 80.09
CA LEU L 210 45.77 79.99 79.32
C LEU L 210 45.74 79.68 77.83
N GLN L 211 46.74 78.94 77.37
CA GLN L 211 46.88 78.56 75.97
C GLN L 211 45.78 77.63 75.48
N TRP L 212 45.51 76.58 76.25
CA TRP L 212 44.50 75.61 75.89
C TRP L 212 43.13 76.24 75.92
N LEU L 213 42.95 77.22 76.82
CA LEU L 213 41.69 77.93 76.94
C LEU L 213 41.42 78.85 75.74
N HIS L 214 42.47 79.51 75.25
CA HIS L 214 42.32 80.40 74.10
C HIS L 214 42.15 79.64 72.78
N ASN L 215 43.11 78.77 72.47
CA ASN L 215 43.05 77.93 71.28
C ASN L 215 42.79 76.47 71.65
N PRO L 216 41.50 76.08 71.63
CA PRO L 216 41.00 74.80 72.14
C PRO L 216 41.66 73.63 71.44
N GLU L 217 42.02 73.84 70.18
CA GLU L 217 42.60 72.82 69.33
C GLU L 217 43.99 72.44 69.84
N SER L 218 44.49 73.25 70.77
CA SER L 218 45.80 73.02 71.37
C SER L 218 45.68 72.40 72.77
N GLN L 219 44.46 72.05 73.17
CA GLN L 219 44.23 71.34 74.43
C GLN L 219 44.82 69.94 74.38
N PRO L 220 45.61 69.56 75.40
CA PRO L 220 46.20 68.22 75.51
C PRO L 220 45.15 67.11 75.59
N ASP L 221 45.58 65.89 75.31
CA ASP L 221 44.71 64.72 75.24
C ASP L 221 44.06 64.44 76.59
N THR L 222 42.87 63.85 76.55
CA THR L 222 42.14 63.55 77.77
C THR L 222 42.95 62.72 78.76
N ASP L 223 43.91 61.95 78.24
CA ASP L 223 44.76 61.15 79.09
C ASP L 223 45.74 62.00 79.89
N TYR L 224 46.29 63.03 79.24
CA TYR L 224 47.24 63.94 79.88
C TYR L 224 46.62 64.61 81.08
N LEU L 225 45.49 65.29 80.86
CA LEU L 225 44.87 66.10 81.90
C LEU L 225 44.51 65.31 83.16
N VAL L 226 44.20 64.03 83.01
CA VAL L 226 43.75 63.23 84.15
C VAL L 226 44.88 62.77 85.07
N SER L 227 46.10 62.79 84.54
CA SER L 227 47.29 62.40 85.30
C SER L 227 47.48 63.30 86.52
N ALA L 228 47.87 62.70 87.64
CA ALA L 228 47.98 63.42 88.91
C ALA L 228 48.67 64.79 88.80
N PRO L 229 49.92 64.84 88.30
CA PRO L 229 50.61 66.12 88.19
C PRO L 229 49.73 67.24 87.62
N VAL L 230 49.06 67.02 86.49
CA VAL L 230 48.22 68.07 85.92
C VAL L 230 46.81 68.06 86.50
N SER L 231 46.40 66.89 86.97
CA SER L 231 45.06 66.73 87.52
C SER L 231 44.89 67.62 88.73
N PHE L 232 45.59 67.27 89.80
CA PHE L 232 45.47 67.94 91.10
C PHE L 232 45.32 69.46 91.05
N PRO L 233 46.39 70.17 90.67
CA PRO L 233 46.38 71.64 90.77
C PRO L 233 45.33 72.26 89.87
N LEU L 234 45.29 71.83 88.61
CA LEU L 234 44.36 72.38 87.65
C LEU L 234 42.91 72.21 88.13
N ILE L 235 42.65 71.14 88.89
CA ILE L 235 41.33 70.88 89.46
C ILE L 235 41.00 71.83 90.60
N GLY L 236 41.92 71.95 91.55
CA GLY L 236 41.76 72.90 92.62
C GLY L 236 41.34 74.26 92.09
N LEU L 237 41.93 74.65 90.96
CA LEU L 237 41.63 75.93 90.34
C LEU L 237 40.16 76.09 90.01
N VAL L 238 39.50 74.98 89.67
CA VAL L 238 38.09 75.03 89.33
C VAL L 238 37.24 75.07 90.59
N GLN L 239 37.77 74.54 91.68
CA GLN L 239 37.10 74.58 92.97
C GLN L 239 37.19 75.98 93.58
N LEU L 240 38.34 76.62 93.38
CA LEU L 240 38.54 78.00 93.83
C LEU L 240 37.64 78.96 93.05
N ALA L 241 37.73 78.89 91.72
CA ALA L 241 36.98 79.78 90.85
C ALA L 241 35.48 79.65 91.10
N HIS L 242 35.06 78.50 91.63
CA HIS L 242 33.66 78.29 92.00
C HIS L 242 33.32 79.09 93.26
N TYR L 243 34.07 78.83 94.33
CA TYR L 243 33.93 79.59 95.58
C TYR L 243 34.01 81.09 95.31
N MET L 244 35.01 81.46 94.50
CA MET L 244 35.24 82.84 94.09
C MET L 244 34.00 83.43 93.42
N ILE L 245 33.39 82.67 92.52
CA ILE L 245 32.21 83.12 91.78
C ILE L 245 30.96 83.17 92.65
N THR L 246 30.89 82.30 93.65
CA THR L 246 29.75 82.30 94.57
C THR L 246 29.74 83.57 95.42
N CYS L 247 30.88 83.88 96.03
CA CYS L 247 31.04 85.08 96.85
C CYS L 247 30.88 86.34 96.00
N LYS L 248 31.56 86.34 94.86
CA LYS L 248 31.55 87.48 93.95
C LYS L 248 30.17 87.83 93.40
N THR L 249 29.38 86.82 93.05
CA THR L 249 28.03 87.05 92.55
C THR L 249 27.11 87.53 93.67
N LEU L 250 27.34 86.97 94.86
CA LEU L 250 26.64 87.42 96.06
C LEU L 250 26.86 88.92 96.31
N GLY L 251 28.06 89.40 96.00
CA GLY L 251 28.41 90.80 96.25
C GLY L 251 29.18 90.95 97.54
N ARG L 252 29.60 89.82 98.10
CA ARG L 252 30.34 89.78 99.36
C ARG L 252 31.85 89.61 99.13
N GLU L 253 32.58 89.54 100.24
CA GLU L 253 34.00 89.18 100.21
C GLU L 253 34.15 87.77 100.77
N PRO L 254 35.30 87.13 100.51
CA PRO L 254 35.58 85.75 100.94
C PRO L 254 35.37 85.49 102.44
N GLY L 255 35.62 86.48 103.28
CA GLY L 255 35.44 86.32 104.71
C GLY L 255 33.96 86.35 105.10
N GLU L 256 33.15 87.00 104.27
CA GLU L 256 31.70 87.13 104.53
C GLU L 256 30.96 85.81 104.40
N LEU L 257 31.00 85.24 103.19
CA LEU L 257 30.39 83.94 102.94
C LEU L 257 31.09 82.85 103.76
N LEU L 258 32.37 83.06 104.06
CA LEU L 258 33.15 82.13 104.87
C LEU L 258 32.53 82.02 106.26
N GLU L 259 31.89 83.10 106.70
CA GLU L 259 31.36 83.16 108.06
C GLU L 259 29.94 82.62 108.15
N ARG L 260 29.28 82.50 106.99
CA ARG L 260 27.90 82.04 106.95
C ARG L 260 27.83 80.51 106.79
N PHE L 261 28.92 79.83 107.12
CA PHE L 261 28.97 78.36 107.13
C PHE L 261 29.13 77.82 108.54
N SER L 262 29.24 76.51 108.68
CA SER L 262 29.36 75.87 109.99
C SER L 262 30.54 74.91 110.04
N GLY L 263 30.90 74.39 108.88
CA GLY L 263 31.99 73.43 108.76
C GLY L 263 32.32 73.16 107.31
N THR L 264 33.49 72.58 107.07
CA THR L 264 33.93 72.31 105.71
C THR L 264 34.89 71.12 105.67
N THR L 265 34.69 70.23 104.69
CA THR L 265 35.61 69.12 104.44
C THR L 265 35.67 68.88 102.93
N GLY L 266 36.73 68.20 102.50
CA GLY L 266 36.90 67.85 101.10
C GLY L 266 37.22 66.38 100.89
N HIS L 267 36.98 65.90 99.66
CA HIS L 267 37.26 64.51 99.30
C HIS L 267 38.71 64.36 98.80
N SER L 268 39.63 64.14 99.75
CA SER L 268 41.06 64.04 99.44
C SER L 268 41.65 65.33 98.88
N GLN L 269 41.60 65.45 97.57
CA GLN L 269 42.15 66.60 96.85
C GLN L 269 41.47 67.91 97.22
N GLY L 270 40.34 67.81 97.92
CA GLY L 270 39.56 68.98 98.32
C GLY L 270 39.91 69.52 99.70
N ILE L 271 40.35 68.66 100.61
CA ILE L 271 40.69 69.07 101.98
C ILE L 271 41.83 70.08 102.00
N VAL L 272 42.59 70.15 100.92
CA VAL L 272 43.53 71.26 100.72
C VAL L 272 42.78 72.59 100.51
N VAL L 273 41.93 72.62 99.49
CA VAL L 273 41.16 73.82 99.19
C VAL L 273 40.12 74.15 100.26
N ALA L 274 39.73 73.16 101.04
CA ALA L 274 38.73 73.35 102.10
C ALA L 274 39.34 74.02 103.30
N ALA L 275 40.62 73.73 103.53
CA ALA L 275 41.39 74.36 104.61
C ALA L 275 41.80 75.78 104.21
N ALA L 276 42.46 75.88 103.06
CA ALA L 276 43.00 77.16 102.57
C ALA L 276 41.91 78.19 102.19
N ILE L 277 40.67 77.73 102.00
CA ILE L 277 39.56 78.63 101.69
C ILE L 277 39.02 79.21 102.98
N ALA L 278 39.26 78.51 104.09
CA ALA L 278 38.87 78.96 105.42
C ALA L 278 40.00 79.77 106.06
N THR L 279 40.81 80.38 105.22
CA THR L 279 41.94 81.19 105.67
C THR L 279 41.75 82.62 105.15
N ALA L 280 41.06 82.73 104.01
CA ALA L 280 40.89 84.00 103.32
C ALA L 280 39.68 84.81 103.82
N ARG L 281 39.87 86.11 103.95
CA ARG L 281 38.77 87.02 104.23
C ARG L 281 38.79 88.19 103.25
N THR L 282 39.98 88.62 102.85
CA THR L 282 40.13 89.66 101.82
C THR L 282 40.08 88.97 100.46
N TRP L 283 39.95 89.75 99.39
CA TRP L 283 40.16 89.23 98.06
C TRP L 283 41.65 89.16 97.82
N ASP L 284 42.37 89.89 98.67
CA ASP L 284 43.83 89.83 98.72
C ASP L 284 44.25 88.64 99.59
N GLU L 285 43.60 88.51 100.76
CA GLU L 285 43.84 87.39 101.67
C GLU L 285 43.36 86.07 101.05
N PHE L 286 42.55 86.20 100.00
CA PHE L 286 42.05 85.08 99.21
C PHE L 286 43.11 84.61 98.24
N ALA L 287 43.49 85.49 97.31
CA ALA L 287 44.48 85.19 96.29
C ALA L 287 45.82 84.79 96.89
N THR L 288 45.96 84.95 98.21
CA THR L 288 47.13 84.48 98.93
C THR L 288 47.08 82.98 99.18
N ALA L 289 46.01 82.54 99.82
CA ALA L 289 45.82 81.12 100.09
C ALA L 289 45.57 80.33 98.79
N ALA L 290 45.18 81.04 97.73
CA ALA L 290 44.91 80.44 96.43
C ALA L 290 46.19 79.98 95.77
N LYS L 291 47.22 80.83 95.83
CA LYS L 291 48.53 80.46 95.35
C LYS L 291 49.11 79.37 96.26
N ARG L 292 48.71 79.40 97.52
CA ARG L 292 49.22 78.46 98.50
C ARG L 292 48.68 77.06 98.26
N ALA L 293 47.37 76.93 98.22
CA ALA L 293 46.75 75.64 97.98
C ALA L 293 47.17 75.07 96.64
N VAL L 294 47.03 75.88 95.59
CA VAL L 294 47.31 75.43 94.21
C VAL L 294 48.70 74.84 94.08
N GLU L 295 49.69 75.52 94.68
CA GLU L 295 51.07 75.06 94.62
C GLU L 295 51.28 73.83 95.51
N LEU L 296 50.49 73.72 96.58
CA LEU L 296 50.54 72.54 97.43
C LEU L 296 50.07 71.31 96.65
N LEU L 297 48.91 71.44 96.01
CA LEU L 297 48.37 70.38 95.15
C LEU L 297 49.40 69.96 94.10
N PHE L 298 49.97 70.95 93.41
CA PHE L 298 50.98 70.72 92.39
C PHE L 298 52.03 69.72 92.86
N TRP L 299 52.57 69.96 94.06
CA TRP L 299 53.65 69.12 94.57
C TRP L 299 53.16 67.78 95.10
N ILE L 300 51.98 67.76 95.69
CA ILE L 300 51.42 66.51 96.16
C ILE L 300 51.23 65.54 94.99
N GLY L 301 50.59 66.01 93.94
CA GLY L 301 50.37 65.19 92.75
C GLY L 301 51.65 64.81 92.05
N LEU L 302 52.53 65.78 91.83
CA LEU L 302 53.82 65.52 91.20
C LEU L 302 54.65 64.48 91.96
N ARG L 303 54.84 64.70 93.25
CA ARG L 303 55.71 63.83 94.04
C ARG L 303 55.08 62.46 94.24
N SER L 304 53.75 62.38 94.19
CA SER L 304 53.08 61.11 94.35
C SER L 304 53.31 60.23 93.13
N GLN L 305 53.26 60.85 91.95
CA GLN L 305 53.45 60.13 90.70
C GLN L 305 54.88 59.65 90.57
N GLN L 306 55.80 60.39 91.20
CA GLN L 306 57.22 60.05 91.17
C GLN L 306 57.54 58.83 92.03
N ALA L 307 56.73 58.63 93.08
CA ALA L 307 56.91 57.51 94.00
C ALA L 307 56.44 56.20 93.37
N TYR L 308 55.19 56.19 92.91
CA TYR L 308 54.65 55.02 92.21
C TYR L 308 54.10 55.41 90.84
N PRO L 309 54.98 55.43 89.81
CA PRO L 309 54.71 55.76 88.40
C PRO L 309 53.99 54.64 87.66
N ARG L 310 53.44 54.95 86.50
CA ARG L 310 52.69 53.98 85.70
C ARG L 310 53.61 52.91 85.09
N THR L 311 53.40 51.66 85.47
CA THR L 311 54.10 50.53 84.83
C THR L 311 53.16 49.70 83.96
N SER L 312 53.40 49.72 82.64
CA SER L 312 52.55 49.03 81.67
C SER L 312 52.34 47.56 82.02
N LEU L 313 51.12 47.09 81.80
CA LEU L 313 50.75 45.71 82.12
C LEU L 313 50.66 44.90 80.84
N ALA L 314 50.39 43.61 80.96
CA ALA L 314 50.27 42.75 79.78
C ALA L 314 49.09 43.20 78.90
N PRO L 315 49.28 43.15 77.58
CA PRO L 315 48.22 43.58 76.66
C PRO L 315 47.02 42.67 76.83
N SER L 316 47.33 41.43 77.15
CA SER L 316 46.33 40.41 77.42
C SER L 316 45.49 40.73 78.66
N THR L 317 46.12 40.73 79.82
CA THR L 317 45.46 41.04 81.09
C THR L 317 44.81 42.41 81.05
N LEU L 318 45.31 43.28 80.17
CA LEU L 318 44.72 44.59 79.93
C LEU L 318 43.36 44.45 79.30
N GLN L 319 43.33 43.90 78.08
CA GLN L 319 42.07 43.74 77.36
C GLN L 319 41.03 42.95 78.14
N ASP L 320 41.48 41.95 78.89
CA ASP L 320 40.57 41.21 79.74
C ASP L 320 39.73 42.17 80.56
N SER L 321 40.38 42.96 81.41
CA SER L 321 39.69 43.93 82.24
C SER L 321 38.67 44.74 81.45
N VAL L 322 39.07 45.23 80.29
CA VAL L 322 38.22 46.14 79.54
C VAL L 322 36.93 45.45 79.09
N GLU L 323 37.07 44.21 78.65
CA GLU L 323 35.95 43.47 78.08
C GLU L 323 35.03 42.90 79.15
N ASN L 324 35.59 42.70 80.34
CA ASN L 324 34.83 42.06 81.42
C ASN L 324 34.05 43.05 82.31
N GLY L 325 33.80 44.25 81.79
CA GLY L 325 32.98 45.24 82.49
C GLY L 325 33.76 46.33 83.21
N GLU L 326 35.02 46.05 83.55
CA GLU L 326 35.87 46.98 84.28
C GLU L 326 36.51 47.96 83.33
N GLY L 327 37.68 48.48 83.71
CA GLY L 327 38.36 49.42 82.85
C GLY L 327 39.86 49.20 82.81
N THR L 328 40.55 50.18 82.22
CA THR L 328 42.00 50.16 82.16
C THR L 328 42.54 50.18 83.57
N PRO L 329 43.29 49.13 83.94
CA PRO L 329 43.78 48.91 85.29
C PRO L 329 44.64 50.05 85.84
N THR L 330 44.21 50.58 86.98
CA THR L 330 44.96 51.61 87.70
C THR L 330 45.20 51.07 89.10
N PRO L 331 45.77 51.89 89.99
CA PRO L 331 45.88 51.46 91.39
C PRO L 331 44.67 51.80 92.26
N MET L 332 43.59 52.28 91.65
CA MET L 332 42.37 52.66 92.38
C MET L 332 41.11 51.94 91.86
N LEU L 333 40.56 51.05 92.68
CA LEU L 333 39.44 50.20 92.28
C LEU L 333 38.18 50.48 93.09
N SER L 334 37.07 50.72 92.39
CA SER L 334 35.78 50.95 93.05
C SER L 334 35.00 49.66 93.27
N ILE L 335 34.30 49.57 94.40
CA ILE L 335 33.49 48.39 94.70
C ILE L 335 32.18 48.78 95.37
N ARG L 336 31.21 49.17 94.55
CA ARG L 336 29.91 49.55 95.06
C ARG L 336 29.02 48.35 95.43
N ASP L 337 27.95 48.65 96.16
CA ASP L 337 26.89 47.69 96.50
C ASP L 337 27.36 46.47 97.32
N LEU L 338 28.60 46.49 97.79
CA LEU L 338 29.10 45.42 98.65
C LEU L 338 29.24 45.84 100.12
N THR L 339 29.37 44.84 101.00
CA THR L 339 29.54 45.09 102.42
C THR L 339 31.02 45.13 102.78
N ARG L 340 31.38 45.90 103.80
CA ARG L 340 32.78 45.93 104.21
C ARG L 340 33.28 44.54 104.56
N SER L 341 32.50 43.80 105.32
CA SER L 341 32.89 42.46 105.75
C SER L 341 33.23 41.62 104.53
N ALA L 342 32.34 41.66 103.54
CA ALA L 342 32.53 40.92 102.32
C ALA L 342 33.75 41.42 101.55
N VAL L 343 33.76 42.71 101.23
CA VAL L 343 34.85 43.33 100.49
C VAL L 343 36.20 43.01 101.10
N GLN L 344 36.25 42.96 102.43
CA GLN L 344 37.49 42.63 103.11
C GLN L 344 37.89 41.20 102.85
N GLU L 345 36.96 40.28 103.07
CA GLU L 345 37.26 38.86 102.96
C GLU L 345 37.90 38.51 101.61
N HIS L 346 37.43 39.13 100.54
CA HIS L 346 38.01 38.91 99.21
C HIS L 346 39.38 39.61 99.09
N ILE L 347 39.51 40.77 99.73
CA ILE L 347 40.79 41.46 99.81
C ILE L 347 41.78 40.61 100.60
N ASP L 348 41.25 39.82 101.53
CA ASP L 348 42.06 38.97 102.39
C ASP L 348 42.61 37.77 101.62
N ALA L 349 41.72 37.09 100.90
CA ALA L 349 42.11 35.93 100.11
C ALA L 349 43.11 36.31 99.03
N THR L 350 42.88 37.47 98.40
CA THR L 350 43.79 37.98 97.38
C THR L 350 45.18 38.21 97.96
N ASN L 351 45.22 38.95 99.07
CA ASN L 351 46.47 39.26 99.75
C ASN L 351 47.19 38.02 100.26
N GLN L 352 46.44 36.94 100.46
CA GLN L 352 46.99 35.69 100.98
C GLN L 352 48.14 35.17 100.11
N HIS L 353 47.89 35.10 98.81
CA HIS L 353 48.86 34.51 97.87
C HIS L 353 49.89 35.52 97.38
N LEU L 354 49.76 36.76 97.82
CA LEU L 354 50.66 37.82 97.37
C LEU L 354 51.85 38.09 98.31
N PRO L 355 52.94 38.60 97.75
CA PRO L 355 54.06 39.12 98.53
C PRO L 355 53.67 40.45 99.16
N GLU L 356 54.16 40.71 100.37
CA GLU L 356 53.78 41.90 101.13
C GLU L 356 54.08 43.20 100.37
N ASP L 357 54.98 43.14 99.40
CA ASP L 357 55.32 44.29 98.55
C ASP L 357 54.08 44.84 97.89
N ARG L 358 53.28 43.93 97.36
CA ARG L 358 52.13 44.31 96.56
C ARG L 358 50.86 43.76 97.15
N HIS L 359 50.52 44.18 98.36
CA HIS L 359 49.22 43.84 98.93
C HIS L 359 48.15 44.85 98.53
N ILE L 360 46.95 44.64 99.05
CA ILE L 360 45.80 45.46 98.68
C ILE L 360 45.26 46.15 99.92
N GLY L 361 44.87 47.41 99.78
CA GLY L 361 44.31 48.13 100.91
C GLY L 361 42.94 48.71 100.61
N ILE L 362 42.22 49.08 101.66
CA ILE L 362 41.00 49.86 101.49
C ILE L 362 41.38 51.32 101.66
N SER L 363 41.31 52.09 100.59
CA SER L 363 41.80 53.46 100.63
C SER L 363 40.71 54.49 100.98
N LEU L 364 39.47 54.25 100.58
CA LEU L 364 38.38 55.08 101.08
C LEU L 364 37.12 54.29 101.43
N VAL L 365 36.20 54.96 102.12
CA VAL L 365 34.94 54.38 102.56
C VAL L 365 33.86 55.43 102.41
N ASN L 366 33.37 55.60 101.19
CA ASN L 366 32.42 56.66 100.88
C ASN L 366 31.00 56.41 101.40
N SER L 367 30.74 55.18 101.84
CA SER L 367 29.48 54.82 102.49
C SER L 367 29.56 53.42 103.10
N ALA L 368 28.42 52.90 103.54
CA ALA L 368 28.36 51.57 104.12
C ALA L 368 28.62 50.50 103.05
N ARG L 369 28.22 50.82 101.83
CA ARG L 369 28.28 49.88 100.72
C ARG L 369 29.07 50.43 99.54
N ASN L 370 29.96 51.38 99.80
CA ASN L 370 30.76 52.01 98.75
C ASN L 370 32.20 52.10 99.20
N PHE L 371 33.11 51.47 98.45
CA PHE L 371 34.51 51.44 98.84
C PHE L 371 35.41 51.78 97.66
N VAL L 372 36.70 51.97 97.96
CA VAL L 372 37.74 52.09 96.96
C VAL L 372 38.94 51.30 97.48
N VAL L 373 39.66 50.64 96.59
CA VAL L 373 40.76 49.76 96.97
C VAL L 373 42.06 50.15 96.25
N THR L 374 43.19 50.04 96.94
CA THR L 374 44.49 50.35 96.35
C THR L 374 45.51 49.22 96.46
N GLY L 375 46.64 49.43 95.81
CA GLY L 375 47.65 48.42 95.65
C GLY L 375 48.09 48.49 94.21
N PRO L 376 49.12 47.73 93.82
CA PRO L 376 49.59 47.77 92.43
C PRO L 376 48.45 47.35 91.49
N PRO L 377 48.42 47.91 90.28
CA PRO L 377 47.34 47.61 89.33
C PRO L 377 47.18 46.10 89.12
N ILE L 378 48.30 45.40 88.90
CA ILE L 378 48.32 43.95 88.65
C ILE L 378 47.78 43.15 89.82
N SER L 379 47.93 43.73 91.00
CA SER L 379 47.45 43.13 92.22
C SER L 379 45.94 43.35 92.36
N LEU L 380 45.47 44.51 91.94
CA LEU L 380 44.04 44.84 91.95
C LEU L 380 43.28 43.95 90.97
N TYR L 381 43.89 43.74 89.80
CA TYR L 381 43.32 42.86 88.80
C TYR L 381 43.04 41.49 89.41
N GLY L 382 44.01 40.96 90.14
CA GLY L 382 43.90 39.66 90.77
C GLY L 382 42.71 39.56 91.71
N LEU L 383 42.21 40.71 92.15
CA LEU L 383 41.02 40.76 92.97
C LEU L 383 39.81 40.59 92.07
N ASN L 384 39.73 41.40 91.02
CA ASN L 384 38.61 41.39 90.08
C ASN L 384 38.30 40.00 89.54
N LEU L 385 39.35 39.23 89.28
CA LEU L 385 39.19 37.87 88.78
C LEU L 385 38.39 37.07 89.79
N ARG L 386 38.86 37.08 91.03
CA ARG L 386 38.16 36.44 92.11
C ARG L 386 36.72 36.98 92.21
N LEU L 387 36.54 38.25 91.93
CA LEU L 387 35.26 38.94 92.16
C LEU L 387 34.16 38.55 91.18
N ARG L 388 34.51 38.42 89.91
CA ARG L 388 33.52 38.09 88.90
C ARG L 388 33.07 36.64 89.03
N LYS L 389 33.92 35.81 89.62
CA LYS L 389 33.57 34.42 89.85
C LYS L 389 32.49 34.28 90.93
N VAL L 390 32.29 35.34 91.69
CA VAL L 390 31.24 35.35 92.72
C VAL L 390 29.99 36.09 92.25
N LYS L 391 30.16 37.20 91.55
CA LYS L 391 29.02 38.01 91.11
C LYS L 391 28.27 37.35 89.97
N ALA L 392 27.02 37.80 89.77
CA ALA L 392 26.14 37.20 88.78
C ALA L 392 25.96 38.10 87.56
N PRO L 393 25.84 37.49 86.37
CA PRO L 393 25.59 38.19 85.10
C PRO L 393 24.39 39.12 85.21
N THR L 394 24.38 40.21 84.44
CA THR L 394 23.24 41.12 84.45
C THR L 394 22.02 40.45 83.81
N GLY L 395 22.27 39.29 83.22
CA GLY L 395 21.22 38.52 82.57
C GLY L 395 20.40 37.68 83.53
N LEU L 396 21.07 36.99 84.46
CA LEU L 396 20.41 36.06 85.38
C LEU L 396 19.16 36.63 86.02
N ASP L 397 18.12 35.80 86.13
CA ASP L 397 16.93 36.16 86.90
C ASP L 397 16.99 35.40 88.21
N GLN L 398 16.63 36.08 89.31
CA GLN L 398 16.64 35.44 90.60
C GLN L 398 15.32 35.64 91.35
N ASN L 399 14.32 36.18 90.65
CA ASN L 399 12.99 36.41 91.22
C ASN L 399 12.33 35.13 91.72
N ARG L 400 12.92 34.00 91.37
CA ARG L 400 12.37 32.69 91.69
C ARG L 400 13.30 31.87 92.60
N ILE L 401 14.39 32.49 93.05
CA ILE L 401 15.35 31.83 93.93
C ILE L 401 15.23 32.39 95.35
N PRO L 402 15.24 31.50 96.35
CA PRO L 402 15.26 31.94 97.76
C PRO L 402 16.28 33.06 97.93
N PHE L 403 16.02 34.00 98.85
CA PHE L 403 16.82 35.20 98.93
C PHE L 403 18.25 34.99 99.44
N THR L 404 18.41 34.25 100.53
CA THR L 404 19.73 33.97 101.08
C THR L 404 20.47 32.96 100.19
N GLN L 405 19.89 32.69 99.03
CA GLN L 405 20.40 31.71 98.10
C GLN L 405 21.02 32.40 96.88
N ARG L 406 20.63 33.65 96.66
CA ARG L 406 20.98 34.41 95.46
C ARG L 406 22.47 34.81 95.40
N LYS L 407 22.96 35.06 94.19
CA LYS L 407 24.31 35.58 94.00
C LYS L 407 24.29 37.10 94.10
N ALA L 408 25.42 37.68 94.49
CA ALA L 408 25.50 39.11 94.81
C ALA L 408 25.48 40.07 93.60
N ARG L 409 24.77 41.17 93.77
CA ARG L 409 24.47 42.12 92.70
C ARG L 409 25.34 43.36 92.82
N PHE L 410 26.62 43.26 92.46
CA PHE L 410 27.52 44.39 92.67
C PHE L 410 28.29 44.88 91.45
N VAL L 411 28.88 46.06 91.57
CA VAL L 411 29.67 46.67 90.50
C VAL L 411 31.10 46.88 90.95
N ASN L 412 32.05 46.25 90.27
CA ASN L 412 33.47 46.59 90.47
C ASN L 412 34.03 47.25 89.23
N ARG L 413 34.94 48.19 89.41
CA ARG L 413 35.44 49.01 88.31
C ARG L 413 36.69 49.84 88.67
N PHE L 414 37.56 50.08 87.69
CA PHE L 414 38.72 50.92 87.91
C PHE L 414 38.37 52.41 87.75
N LEU L 415 39.10 53.26 88.45
CA LEU L 415 38.86 54.70 88.42
C LEU L 415 40.02 55.44 87.76
N PRO L 416 39.71 56.57 87.12
CA PRO L 416 40.70 57.39 86.39
C PRO L 416 41.76 58.03 87.29
N ILE L 417 41.96 57.49 88.49
CA ILE L 417 42.99 58.00 89.39
C ILE L 417 44.35 57.44 89.01
N THR L 418 45.35 58.29 89.03
CA THR L 418 46.63 57.99 88.41
C THR L 418 47.71 57.45 89.35
N ALA L 419 47.39 57.36 90.65
CA ALA L 419 48.39 56.95 91.62
C ALA L 419 47.80 56.42 92.92
N PRO L 420 48.58 55.60 93.64
CA PRO L 420 48.16 54.90 94.86
C PRO L 420 48.04 55.83 96.05
N PHE L 421 46.92 56.51 96.20
CA PHE L 421 46.74 57.39 97.35
C PHE L 421 46.16 56.63 98.54
N HIS L 422 46.42 57.14 99.74
CA HIS L 422 45.85 56.54 100.94
C HIS L 422 46.38 55.12 101.12
N SER L 423 47.67 54.97 100.83
CA SER L 423 48.32 53.68 100.87
C SER L 423 49.79 53.84 101.21
N PRO L 424 50.37 52.81 101.82
CA PRO L 424 51.79 52.72 102.14
C PRO L 424 52.71 52.82 100.91
N TYR L 425 52.11 52.97 99.74
CA TYR L 425 52.85 52.99 98.47
C TYR L 425 53.33 54.40 98.14
N LEU L 426 52.72 55.38 98.78
CA LEU L 426 53.18 56.75 98.63
C LEU L 426 53.99 57.19 99.85
N ALA L 427 54.79 56.27 100.37
CA ALA L 427 55.60 56.53 101.55
C ALA L 427 56.76 57.46 101.22
N GLY L 428 57.61 57.04 100.29
CA GLY L 428 58.81 57.80 99.94
C GLY L 428 58.53 59.21 99.47
N ALA L 429 57.35 59.39 98.88
CA ALA L 429 56.94 60.68 98.32
C ALA L 429 56.71 61.72 99.41
N HIS L 430 56.08 61.30 100.49
CA HIS L 430 55.68 62.17 101.59
C HIS L 430 56.77 63.15 102.07
N ALA L 431 57.96 62.63 102.30
CA ALA L 431 59.11 63.45 102.72
C ALA L 431 59.36 64.55 101.70
N HIS L 432 59.55 64.14 100.44
CA HIS L 432 59.77 65.06 99.32
C HIS L 432 58.78 66.22 99.27
N ILE L 433 57.48 65.90 99.33
CA ILE L 433 56.45 66.92 99.26
C ILE L 433 56.63 67.95 100.35
N LEU L 434 56.85 67.46 101.58
CA LEU L 434 57.01 68.34 102.73
C LEU L 434 58.08 69.39 102.50
N GLY L 435 59.24 68.95 102.01
CA GLY L 435 60.37 69.84 101.78
C GLY L 435 60.14 70.99 100.80
N ASP L 436 59.28 70.78 99.82
CA ASP L 436 59.02 71.81 98.82
C ASP L 436 58.16 72.95 99.38
N VAL L 437 57.52 72.69 100.50
CA VAL L 437 56.41 73.52 100.96
C VAL L 437 56.56 74.05 102.40
N ASP L 438 57.78 74.10 102.93
CA ASP L 438 58.02 74.66 104.27
C ASP L 438 58.17 76.19 104.25
N ASP L 439 58.28 76.75 103.03
CA ASP L 439 58.31 78.19 102.83
C ASP L 439 56.99 78.75 103.30
N MET L 440 55.94 77.97 103.11
CA MET L 440 54.62 78.31 103.61
C MET L 440 54.29 77.47 104.85
N LYS L 441 53.31 77.95 105.61
CA LYS L 441 52.90 77.25 106.82
C LYS L 441 51.44 77.64 107.08
N ILE L 442 50.60 76.64 107.31
CA ILE L 442 49.19 76.94 107.63
C ILE L 442 48.90 76.47 109.05
N PRO L 443 48.76 77.42 109.99
CA PRO L 443 48.56 77.16 111.42
C PRO L 443 47.09 76.90 111.75
N ALA L 444 46.83 76.04 112.73
CA ALA L 444 45.46 75.70 113.10
C ALA L 444 44.60 76.92 113.44
N SER L 445 45.26 77.98 113.86
CA SER L 445 44.57 79.19 114.31
C SER L 445 44.06 80.06 113.16
N SER L 446 44.66 79.94 111.98
CA SER L 446 44.22 80.75 110.83
C SER L 446 42.97 80.16 110.18
N LEU L 447 42.27 79.31 110.95
CA LEU L 447 41.07 78.65 110.47
C LEU L 447 39.76 79.30 110.94
N VAL L 448 39.19 80.15 110.08
CA VAL L 448 37.90 80.78 110.31
C VAL L 448 36.85 79.73 110.72
N ILE L 449 36.40 78.94 109.76
CA ILE L 449 35.38 77.93 110.00
C ILE L 449 35.98 76.53 110.04
N PRO L 450 35.54 75.70 111.00
CA PRO L 450 36.03 74.34 111.26
C PRO L 450 36.35 73.54 109.99
N VAL L 451 37.55 72.97 109.95
CA VAL L 451 37.93 72.04 108.89
C VAL L 451 38.04 70.65 109.48
N TYR L 452 37.12 69.75 109.11
CA TYR L 452 37.08 68.41 109.68
C TYR L 452 38.02 67.45 108.97
N ASP L 453 38.83 66.75 109.76
CA ASP L 453 39.83 65.80 109.27
C ASP L 453 39.23 64.78 108.30
N THR L 454 40.09 64.14 107.50
CA THR L 454 39.67 63.12 106.55
C THR L 454 39.42 61.76 107.23
N LYS L 455 40.40 61.28 108.00
CA LYS L 455 40.29 59.98 108.67
C LYS L 455 39.39 60.01 109.90
N THR L 456 39.34 61.13 110.60
CA THR L 456 38.39 61.31 111.71
C THR L 456 37.71 62.65 111.59
N GLY L 457 36.47 62.73 112.05
CA GLY L 457 35.69 63.95 111.90
C GLY L 457 36.21 65.18 112.64
N GLN L 458 37.25 64.99 113.46
CA GLN L 458 37.70 66.03 114.40
C GLN L 458 38.36 67.26 113.80
N ASP L 459 37.82 68.41 114.20
CA ASP L 459 38.26 69.73 113.77
C ASP L 459 39.79 69.89 113.81
N LEU L 460 40.34 70.52 112.77
CA LEU L 460 41.76 70.81 112.68
C LEU L 460 42.18 71.98 113.57
N ARG L 461 41.22 72.81 113.96
CA ARG L 461 41.53 73.97 114.77
C ARG L 461 42.01 73.57 116.16
N GLU L 462 41.78 72.31 116.52
CA GLU L 462 42.30 71.74 117.77
C GLU L 462 43.80 71.39 117.69
N LEU L 463 44.50 72.01 116.73
CA LEU L 463 45.94 71.81 116.61
C LEU L 463 46.68 73.05 117.11
N GLY L 464 47.84 72.80 117.73
CA GLY L 464 48.66 73.87 118.26
C GLY L 464 49.42 74.61 117.17
N ASP L 465 48.69 75.31 116.30
CA ASP L 465 49.28 76.13 115.23
C ASP L 465 50.20 75.36 114.28
N GLU L 466 50.12 74.04 114.35
CA GLU L 466 50.93 73.18 113.50
C GLU L 466 50.46 73.35 112.06
N ASP L 467 51.41 73.33 111.13
CA ASP L 467 51.10 73.45 109.71
C ASP L 467 50.09 72.41 109.27
N ILE L 468 48.91 72.88 108.87
CA ILE L 468 47.90 72.02 108.28
C ILE L 468 48.52 71.38 107.05
N ILE L 469 49.61 71.97 106.55
CA ILE L 469 50.31 71.46 105.37
C ILE L 469 50.89 70.06 105.58
N PRO L 470 51.75 69.87 106.61
CA PRO L 470 52.26 68.56 107.03
C PRO L 470 51.17 67.60 107.54
N GLU L 471 49.92 68.05 107.51
CA GLU L 471 48.80 67.18 107.87
C GLU L 471 47.91 66.91 106.65
N LEU L 472 47.74 67.91 105.79
CA LEU L 472 47.06 67.70 104.52
C LEU L 472 47.75 66.62 103.70
N VAL L 473 49.08 66.70 103.65
CA VAL L 473 49.90 65.72 102.95
C VAL L 473 49.68 64.30 103.51
N ARG L 474 49.64 64.16 104.83
CA ARG L 474 49.46 62.84 105.43
C ARG L 474 48.07 62.22 105.16
N MET L 475 47.00 63.03 105.18
CA MET L 475 45.64 62.53 105.02
C MET L 475 45.40 62.05 103.61
N ILE L 476 46.12 62.66 102.68
CA ILE L 476 45.95 62.39 101.26
C ILE L 476 46.78 61.21 100.78
N THR L 477 48.04 61.14 101.20
CA THR L 477 48.98 60.17 100.63
C THR L 477 49.16 58.88 101.44
N TYR L 478 48.70 58.86 102.69
CA TYR L 478 48.88 57.66 103.52
C TYR L 478 47.59 57.20 104.22
N ASP L 479 46.67 58.13 104.46
CA ASP L 479 45.53 57.88 105.34
C ASP L 479 44.27 57.42 104.62
N PRO L 480 43.54 56.47 105.23
CA PRO L 480 42.16 56.22 104.77
C PRO L 480 41.35 57.52 104.71
N VAL L 481 40.36 57.55 103.81
CA VAL L 481 39.40 58.63 103.78
C VAL L 481 38.08 58.04 104.26
N ASN L 482 37.86 58.07 105.56
CA ASN L 482 36.61 57.56 106.10
C ASN L 482 35.53 58.63 105.96
N TRP L 483 35.16 58.87 104.72
CA TRP L 483 34.37 60.03 104.33
C TRP L 483 33.09 60.20 105.12
N GLU L 484 32.37 59.11 105.34
CA GLU L 484 31.04 59.24 105.92
C GLU L 484 31.07 59.75 107.36
N THR L 485 32.19 59.51 108.06
CA THR L 485 32.36 60.02 109.43
C THR L 485 32.80 61.49 109.47
N ALA L 486 33.75 61.87 108.61
CA ALA L 486 34.17 63.27 108.51
C ALA L 486 33.07 64.15 107.89
N THR L 487 32.01 63.50 107.42
CA THR L 487 30.91 64.19 106.76
C THR L 487 29.74 64.37 107.71
N VAL L 488 29.81 63.77 108.90
CA VAL L 488 28.67 63.84 109.82
C VAL L 488 28.47 65.24 110.38
N PHE L 489 28.28 66.20 109.49
CA PHE L 489 28.03 67.60 109.85
C PHE L 489 26.81 67.68 110.78
N PRO L 490 27.05 67.87 112.08
CA PRO L 490 26.02 67.69 113.10
C PRO L 490 24.88 68.67 112.95
N ASP L 491 23.66 68.16 112.82
CA ASP L 491 22.48 69.01 112.66
C ASP L 491 22.69 70.02 111.53
N ALA L 492 22.57 69.55 110.30
CA ALA L 492 22.71 70.42 109.14
C ALA L 492 21.45 70.36 108.29
N THR L 493 21.22 71.40 107.48
CA THR L 493 20.08 71.44 106.56
C THR L 493 20.54 71.51 105.12
N HIS L 494 21.61 72.25 104.91
CA HIS L 494 22.14 72.42 103.57
C HIS L 494 23.63 72.06 103.50
N ILE L 495 24.06 71.47 102.39
CA ILE L 495 25.47 71.22 102.14
C ILE L 495 25.77 71.62 100.70
N VAL L 496 26.83 72.38 100.50
CA VAL L 496 27.13 72.91 99.18
C VAL L 496 28.39 72.32 98.52
N ASP L 497 28.18 71.63 97.41
CA ASP L 497 29.26 71.04 96.61
C ASP L 497 29.86 72.09 95.68
N PHE L 498 31.09 72.50 95.99
CA PHE L 498 31.85 73.38 95.10
C PHE L 498 32.79 72.51 94.27
N GLY L 499 32.91 71.25 94.69
CA GLY L 499 33.84 70.31 94.08
C GLY L 499 33.65 70.11 92.59
N PRO L 500 34.57 69.35 91.99
CA PRO L 500 34.64 69.10 90.55
C PRO L 500 33.58 68.11 90.09
N GLY L 501 32.94 68.40 88.97
CA GLY L 501 32.00 67.48 88.35
C GLY L 501 30.54 67.81 88.59
N GLY L 502 29.81 68.06 87.50
CA GLY L 502 28.41 68.45 87.54
C GLY L 502 27.57 67.61 88.48
N VAL L 503 26.81 66.67 87.93
CA VAL L 503 26.00 65.82 88.77
C VAL L 503 26.82 64.61 89.22
N SER L 504 28.14 64.78 89.25
CA SER L 504 29.04 63.68 89.57
C SER L 504 29.85 63.99 90.79
N GLY L 505 29.93 65.27 91.14
CA GLY L 505 30.66 65.73 92.32
C GLY L 505 30.15 65.06 93.58
N ILE L 506 30.97 65.06 94.64
CA ILE L 506 30.68 64.28 95.83
C ILE L 506 29.32 64.63 96.46
N GLY L 507 28.75 65.75 96.04
CA GLY L 507 27.44 66.16 96.51
C GLY L 507 26.37 65.10 96.34
N VAL L 508 26.36 64.46 95.18
CA VAL L 508 25.37 63.43 94.89
C VAL L 508 25.61 62.24 95.81
N LEU L 509 26.86 61.79 95.90
CA LEU L 509 27.24 60.66 96.73
C LEU L 509 26.71 60.87 98.13
N THR L 510 27.19 61.94 98.75
CA THR L 510 26.84 62.24 100.11
C THR L 510 25.33 62.44 100.28
N ASN L 511 24.69 63.09 99.31
CA ASN L 511 23.24 63.28 99.38
C ASN L 511 22.53 61.96 99.61
N ARG L 512 23.11 60.87 99.10
CA ARG L 512 22.61 59.54 99.40
C ARG L 512 22.95 59.12 100.82
N ASN L 513 24.20 59.30 101.21
CA ASN L 513 24.61 59.03 102.57
C ASN L 513 23.62 59.61 103.57
N LYS L 514 23.04 60.75 103.20
CA LYS L 514 22.13 61.48 104.09
C LYS L 514 20.84 61.87 103.41
N ASP L 515 20.06 60.89 102.94
CA ASP L 515 18.77 61.25 102.35
C ASP L 515 17.70 61.26 103.44
N GLY L 516 17.77 60.29 104.36
CA GLY L 516 16.81 60.17 105.42
C GLY L 516 16.71 61.36 106.36
N THR L 517 17.87 61.88 106.75
CA THR L 517 17.97 62.89 107.81
C THR L 517 17.40 64.26 107.46
N GLY L 518 17.20 64.53 106.18
CA GLY L 518 16.66 65.81 105.76
C GLY L 518 17.73 66.85 105.45
N VAL L 519 18.90 66.38 105.03
CA VAL L 519 19.93 67.27 104.54
C VAL L 519 19.73 67.50 103.04
N ARG L 520 19.54 68.74 102.66
CA ARG L 520 19.47 69.13 101.26
C ARG L 520 20.90 69.34 100.73
N VAL L 521 21.09 69.20 99.43
CA VAL L 521 22.40 69.43 98.86
C VAL L 521 22.27 70.35 97.66
N ILE L 522 23.28 71.20 97.47
CA ILE L 522 23.31 72.07 96.31
C ILE L 522 24.67 72.02 95.62
N LEU L 523 24.66 71.81 94.31
CA LEU L 523 25.89 71.78 93.55
C LEU L 523 26.14 73.16 92.97
N ALA L 524 27.13 73.85 93.53
CA ALA L 524 27.39 75.23 93.16
C ALA L 524 27.95 75.35 91.74
N GLY L 525 28.58 74.28 91.25
CA GLY L 525 29.21 74.29 89.94
C GLY L 525 28.30 74.45 88.74
N ALA L 526 27.13 73.84 88.79
CA ALA L 526 26.21 73.86 87.66
C ALA L 526 24.88 74.55 87.96
N ILE L 527 24.24 75.06 86.90
CA ILE L 527 22.93 75.71 87.01
C ILE L 527 21.78 74.70 87.04
N ASP L 528 21.95 73.62 86.28
CA ASP L 528 20.91 72.59 86.16
C ASP L 528 21.55 71.30 85.63
N GLY L 529 21.00 70.17 86.02
CA GLY L 529 21.52 68.89 85.57
C GLY L 529 20.44 67.84 85.42
N THR L 530 20.87 66.59 85.34
CA THR L 530 19.97 65.48 85.12
C THR L 530 19.35 64.95 86.42
N ASN L 531 19.89 65.37 87.56
CA ASN L 531 19.42 64.88 88.86
C ASN L 531 18.30 65.75 89.43
N THR L 532 17.22 65.12 89.88
CA THR L 532 16.21 65.82 90.69
C THR L 532 16.14 65.24 92.09
N GLU L 533 17.10 65.67 92.91
CA GLU L 533 17.25 65.23 94.28
C GLU L 533 18.33 66.15 94.85
N VAL L 534 18.84 67.00 93.98
CA VAL L 534 19.88 67.96 94.31
C VAL L 534 19.55 69.31 93.64
N GLY L 535 19.63 70.40 94.41
CA GLY L 535 19.44 71.73 93.85
C GLY L 535 20.74 72.23 93.25
N TYR L 536 20.69 73.32 92.50
CA TYR L 536 21.90 73.78 91.83
C TYR L 536 22.31 75.22 92.17
N LYS L 537 23.13 75.79 91.31
CA LYS L 537 23.68 77.14 91.48
C LYS L 537 22.67 78.22 91.90
N PRO L 538 21.52 78.35 91.18
CA PRO L 538 20.55 79.41 91.47
C PRO L 538 19.89 79.31 92.85
N GLU L 539 20.08 78.18 93.53
CA GLU L 539 19.56 78.00 94.88
C GLU L 539 20.49 78.60 95.94
N LEU L 540 21.45 79.39 95.49
CA LEU L 540 22.35 80.10 96.38
C LEU L 540 22.17 81.60 96.21
N PHE L 541 21.54 81.99 95.09
CA PHE L 541 21.33 83.40 94.77
C PHE L 541 19.87 83.68 94.39
N ASP L 542 18.99 83.74 95.39
CA ASP L 542 17.59 83.98 95.13
C ASP L 542 17.02 85.00 96.10
N ARG L 543 15.97 85.69 95.67
CA ARG L 543 15.43 86.82 96.43
C ARG L 543 13.99 86.59 96.90
N ASP L 544 13.26 85.71 96.24
CA ASP L 544 11.92 85.34 96.69
C ASP L 544 11.99 84.66 98.05
N ASP L 545 10.93 84.78 98.84
CA ASP L 545 10.90 84.21 100.17
C ASP L 545 10.78 82.70 100.09
N ASN L 546 10.16 82.23 99.02
CA ASN L 546 9.91 80.80 98.83
C ASN L 546 11.11 80.05 98.27
N ALA L 547 12.22 80.75 98.17
CA ALA L 547 13.38 80.25 97.43
C ALA L 547 14.22 79.23 98.19
N VAL L 548 13.79 78.85 99.39
CA VAL L 548 14.62 77.95 100.18
C VAL L 548 13.98 76.59 100.39
N GLN L 549 14.78 75.55 100.16
CA GLN L 549 14.34 74.18 100.22
C GLN L 549 14.86 73.44 101.47
N PHE L 550 14.01 72.58 102.01
CA PHE L 550 14.39 71.72 103.12
C PHE L 550 14.17 70.25 102.77
N ALA L 551 15.26 69.50 102.68
CA ALA L 551 15.19 68.07 102.48
C ALA L 551 14.44 67.43 103.65
N VAL L 552 13.45 66.60 103.36
CA VAL L 552 12.57 66.11 104.42
C VAL L 552 13.14 64.91 105.17
N ASP L 553 12.75 64.82 106.44
CA ASP L 553 13.04 63.65 107.27
C ASP L 553 11.76 62.84 107.32
N TRP L 554 11.84 61.58 106.91
CA TRP L 554 10.66 60.71 106.88
C TRP L 554 10.09 60.52 108.28
N VAL L 555 10.95 60.64 109.29
CA VAL L 555 10.47 60.58 110.68
C VAL L 555 9.60 61.80 110.95
N LYS L 556 10.07 62.95 110.47
CA LYS L 556 9.32 64.19 110.58
C LYS L 556 8.05 64.10 109.77
N GLU L 557 8.20 63.75 108.51
CA GLU L 557 7.08 63.77 107.57
C GLU L 557 6.07 62.66 107.82
N HIS L 558 6.56 61.45 108.04
CA HIS L 558 5.70 60.27 108.10
C HIS L 558 5.70 59.60 109.46
N GLY L 559 6.23 60.28 110.47
CA GLY L 559 6.26 59.71 111.81
C GLY L 559 4.87 59.48 112.37
N PRO L 560 4.69 58.39 113.12
CA PRO L 560 3.40 58.09 113.74
C PRO L 560 3.01 59.22 114.68
N ARG L 561 1.73 59.35 114.97
CA ARG L 561 1.27 60.39 115.88
C ARG L 561 0.03 59.92 116.63
N LEU L 562 -0.47 60.78 117.51
CA LEU L 562 -1.71 60.51 118.23
C LEU L 562 -2.62 61.72 118.04
N VAL L 563 -3.93 61.49 118.04
CA VAL L 563 -4.92 62.56 117.91
C VAL L 563 -6.25 62.08 118.53
N LYS L 564 -7.08 63.01 119.00
CA LYS L 564 -8.35 62.68 119.65
C LYS L 564 -9.55 63.37 119.03
N THR L 565 -10.71 62.73 119.09
CA THR L 565 -11.94 63.27 118.47
C THR L 565 -12.71 64.19 119.40
N SER L 566 -13.67 64.90 118.78
CA SER L 566 -14.62 65.74 119.50
C SER L 566 -15.52 64.88 120.37
N VAL L 567 -15.36 63.56 120.26
CA VAL L 567 -16.03 62.64 121.17
C VAL L 567 -15.03 61.70 121.83
N GLY L 568 -13.79 62.17 121.91
CA GLY L 568 -12.78 61.56 122.75
C GLY L 568 -12.33 60.16 122.38
N GLN L 569 -12.23 59.91 121.08
CA GLN L 569 -11.55 58.70 120.61
C GLN L 569 -10.09 59.04 120.39
N THR L 570 -9.25 58.01 120.30
CA THR L 570 -7.86 58.22 120.00
C THR L 570 -7.43 57.42 118.76
N PHE L 571 -6.75 58.09 117.85
CA PHE L 571 -6.34 57.45 116.61
C PHE L 571 -4.85 57.58 116.43
N VAL L 572 -4.17 56.44 116.30
CA VAL L 572 -2.78 56.45 115.89
C VAL L 572 -2.77 57.10 114.52
N ASP L 573 -2.28 58.34 114.44
CA ASP L 573 -2.36 59.12 113.22
C ASP L 573 -1.29 58.73 112.19
N THR L 574 -1.73 58.16 111.07
CA THR L 574 -0.87 57.88 109.92
C THR L 574 -1.59 58.24 108.62
N LYS L 575 -0.87 58.13 107.50
CA LYS L 575 -1.45 58.42 106.21
C LYS L 575 -2.57 57.44 105.94
N MET L 576 -2.37 56.22 106.42
CA MET L 576 -3.32 55.14 106.17
C MET L 576 -4.62 55.37 106.92
N SER L 577 -4.50 55.53 108.23
CA SER L 577 -5.66 55.68 109.11
C SER L 577 -6.43 56.95 108.77
N ARG L 578 -5.70 57.98 108.36
CA ARG L 578 -6.33 59.22 108.01
C ARG L 578 -7.04 59.09 106.66
N LEU L 579 -6.44 58.33 105.78
CA LEU L 579 -7.07 58.02 104.50
C LEU L 579 -8.34 57.22 104.76
N LEU L 580 -8.17 56.00 105.22
CA LEU L 580 -9.28 55.09 105.45
C LEU L 580 -10.30 55.65 106.44
N GLY L 581 -9.82 56.22 107.53
CA GLY L 581 -10.72 56.76 108.55
C GLY L 581 -10.88 55.79 109.70
N VAL L 582 -9.81 55.09 110.03
CA VAL L 582 -9.83 54.10 111.10
C VAL L 582 -8.40 53.67 111.52
N PRO L 583 -8.28 52.94 112.63
CA PRO L 583 -6.96 52.50 113.09
C PRO L 583 -6.09 51.94 111.97
N PRO L 584 -4.84 52.39 111.89
CA PRO L 584 -3.85 51.96 110.89
C PRO L 584 -3.44 50.49 111.04
N VAL L 585 -4.16 49.76 111.88
CA VAL L 585 -4.02 48.32 111.93
C VAL L 585 -5.15 47.73 111.11
N MET L 586 -4.79 46.84 110.18
CA MET L 586 -5.75 46.29 109.23
C MET L 586 -5.59 44.79 108.99
N VAL L 587 -6.72 44.09 108.92
CA VAL L 587 -6.75 42.66 108.60
C VAL L 587 -6.76 42.50 107.08
N ALA L 588 -5.73 41.84 106.55
CA ALA L 588 -5.62 41.65 105.11
C ALA L 588 -6.60 40.60 104.62
N GLY L 589 -6.99 40.72 103.35
CA GLY L 589 -7.92 39.79 102.73
C GLY L 589 -7.28 38.44 102.53
N MET L 590 -7.96 37.39 103.00
CA MET L 590 -7.45 36.02 102.92
C MET L 590 -8.58 35.12 102.47
N THR L 591 -8.33 34.37 101.40
CA THR L 591 -9.38 33.59 100.76
C THR L 591 -10.28 32.79 101.73
N PRO L 592 -9.74 31.73 102.35
CA PRO L 592 -10.61 30.89 103.17
C PRO L 592 -11.35 31.66 104.25
N THR L 593 -10.60 32.35 105.11
CA THR L 593 -11.13 32.96 106.32
C THR L 593 -11.80 34.32 106.09
N THR L 594 -11.23 35.12 105.21
CA THR L 594 -11.73 36.47 104.98
C THR L 594 -12.79 36.51 103.88
N VAL L 595 -13.36 35.36 103.59
CA VAL L 595 -14.37 35.29 102.55
C VAL L 595 -15.79 35.55 103.05
N PRO L 596 -16.18 34.92 104.17
CA PRO L 596 -17.57 34.94 104.64
C PRO L 596 -17.99 36.30 105.15
N TRP L 597 -19.23 36.69 104.87
CA TRP L 597 -19.68 38.06 105.14
C TRP L 597 -19.78 38.40 106.62
N ASP L 598 -19.58 37.40 107.48
CA ASP L 598 -19.65 37.60 108.91
C ASP L 598 -18.39 38.28 109.37
N PHE L 599 -17.31 37.51 109.38
CA PHE L 599 -16.01 37.98 109.84
C PHE L 599 -15.68 39.36 109.28
N VAL L 600 -16.10 39.65 108.04
CA VAL L 600 -15.80 40.93 107.42
C VAL L 600 -16.63 42.07 107.98
N ALA L 601 -17.94 41.85 108.09
CA ALA L 601 -18.84 42.87 108.62
C ALA L 601 -18.70 43.00 110.14
N ALA L 602 -18.41 41.89 110.81
CA ALA L 602 -18.17 41.90 112.24
C ALA L 602 -16.86 42.62 112.59
N THR L 603 -15.88 42.54 111.70
CA THR L 603 -14.59 43.22 111.90
C THR L 603 -14.67 44.71 111.54
N MET L 604 -15.64 45.07 110.71
CA MET L 604 -15.86 46.48 110.37
C MET L 604 -16.75 47.12 111.43
N ASN L 605 -17.60 46.31 112.05
CA ASN L 605 -18.39 46.76 113.18
C ASN L 605 -17.50 46.93 114.39
N ALA L 606 -16.43 46.15 114.45
CA ALA L 606 -15.42 46.32 115.50
C ALA L 606 -14.48 47.49 115.18
N GLY L 607 -14.85 48.27 114.16
CA GLY L 607 -14.16 49.50 113.83
C GLY L 607 -12.79 49.35 113.16
N TYR L 608 -12.65 48.34 112.31
CA TYR L 608 -11.36 48.10 111.64
C TYR L 608 -11.47 47.81 110.13
N HIS L 609 -10.40 48.13 109.41
CA HIS L 609 -10.35 47.97 107.96
C HIS L 609 -9.94 46.57 107.53
N ILE L 610 -10.87 45.85 106.90
CA ILE L 610 -10.59 44.49 106.47
C ILE L 610 -10.95 44.34 104.99
N GLU L 611 -10.37 43.33 104.33
CA GLU L 611 -10.56 43.13 102.88
C GLU L 611 -11.40 41.89 102.54
N LEU L 612 -12.60 42.10 102.01
CA LEU L 612 -13.47 40.98 101.65
C LEU L 612 -12.84 40.13 100.55
N ALA L 613 -12.45 38.91 100.91
CA ALA L 613 -11.77 38.02 99.98
C ALA L 613 -12.65 37.60 98.81
N GLY L 614 -12.47 38.25 97.67
CA GLY L 614 -13.27 37.99 96.49
C GLY L 614 -12.95 36.65 95.86
N GLY L 615 -11.82 36.08 96.24
CA GLY L 615 -11.33 34.84 95.67
C GLY L 615 -12.03 33.59 96.17
N GLY L 616 -13.26 33.74 96.63
CA GLY L 616 -14.04 32.60 97.09
C GLY L 616 -15.44 32.77 96.55
N TYR L 617 -15.56 33.67 95.58
CA TYR L 617 -16.83 33.95 94.95
C TYR L 617 -16.79 33.56 93.47
N TYR L 618 -17.29 32.37 93.19
CA TYR L 618 -17.24 31.79 91.86
C TYR L 618 -18.39 32.32 91.03
N ASN L 619 -19.51 32.58 91.71
CA ASN L 619 -20.74 33.02 91.08
C ASN L 619 -20.99 34.52 91.27
N ALA L 620 -21.33 35.21 90.19
CA ALA L 620 -21.63 36.63 90.22
C ALA L 620 -22.75 37.01 91.19
N GLN L 621 -23.72 36.12 91.32
CA GLN L 621 -24.86 36.33 92.21
C GLN L 621 -24.48 36.21 93.67
N LYS L 622 -23.70 35.19 94.01
CA LYS L 622 -23.28 34.97 95.40
C LYS L 622 -22.29 36.02 95.94
N MET L 623 -21.70 36.80 95.04
CA MET L 623 -20.79 37.86 95.46
C MET L 623 -21.54 39.17 95.66
N SER L 624 -22.41 39.50 94.71
CA SER L 624 -23.26 40.68 94.87
C SER L 624 -24.27 40.47 95.99
N ASP L 625 -24.46 39.21 96.38
CA ASP L 625 -25.33 38.87 97.51
C ASP L 625 -24.66 39.16 98.84
N ALA L 626 -23.57 38.44 99.11
CA ALA L 626 -22.85 38.60 100.37
C ALA L 626 -22.29 40.02 100.54
N ILE L 627 -22.13 40.72 99.42
CA ILE L 627 -21.71 42.11 99.47
C ILE L 627 -22.83 43.00 100.01
N SER L 628 -24.05 42.82 99.51
CA SER L 628 -25.17 43.64 99.94
C SER L 628 -25.81 43.12 101.23
N LYS L 629 -25.17 42.12 101.84
CA LYS L 629 -25.51 41.72 103.19
C LYS L 629 -24.65 42.53 104.15
N ILE L 630 -23.46 42.88 103.67
CA ILE L 630 -22.51 43.65 104.46
C ILE L 630 -22.91 45.11 104.52
N GLU L 631 -23.37 45.66 103.39
CA GLU L 631 -23.79 47.05 103.35
C GLU L 631 -24.84 47.33 104.42
N LYS L 632 -25.69 46.34 104.68
CA LYS L 632 -26.83 46.51 105.56
C LYS L 632 -26.55 46.19 107.04
N ALA L 633 -25.34 45.77 107.35
CA ALA L 633 -24.97 45.51 108.74
C ALA L 633 -23.72 46.29 109.14
N ILE L 634 -23.64 47.53 108.70
CA ILE L 634 -22.41 48.29 108.82
C ILE L 634 -22.66 49.70 109.32
N PRO L 635 -21.68 50.25 110.06
CA PRO L 635 -21.68 51.67 110.46
C PRO L 635 -21.87 52.55 109.24
N PRO L 636 -23.11 53.04 109.00
CA PRO L 636 -23.40 53.77 107.76
C PRO L 636 -22.32 54.78 107.43
N GLY L 637 -21.75 54.63 106.23
CA GLY L 637 -20.65 55.47 105.80
C GLY L 637 -19.36 54.70 105.60
N ARG L 638 -19.27 53.51 106.19
CA ARG L 638 -18.09 52.68 106.04
C ARG L 638 -18.01 52.19 104.61
N GLY L 639 -16.79 52.11 104.09
CA GLY L 639 -16.56 51.59 102.75
C GLY L 639 -16.13 50.14 102.77
N ILE L 640 -16.45 49.42 101.70
CA ILE L 640 -16.07 48.03 101.57
C ILE L 640 -14.90 47.92 100.61
N THR L 641 -14.01 46.98 100.91
CA THR L 641 -12.82 46.72 100.10
C THR L 641 -12.78 45.25 99.68
N VAL L 642 -12.89 45.02 98.36
CA VAL L 642 -12.87 43.68 97.81
C VAL L 642 -11.45 43.35 97.35
N ASN L 643 -11.05 42.09 97.54
CA ASN L 643 -9.72 41.62 97.18
C ASN L 643 -9.75 40.62 96.01
N LEU L 644 -9.25 41.06 94.85
CA LEU L 644 -9.30 40.27 93.63
C LEU L 644 -7.94 39.70 93.28
N ILE L 645 -7.96 38.43 92.86
CA ILE L 645 -6.76 37.71 92.47
C ILE L 645 -6.44 37.93 90.99
N TYR L 646 -5.23 38.40 90.70
CA TYR L 646 -4.89 38.79 89.34
C TYR L 646 -4.55 37.61 88.42
N VAL L 647 -4.04 36.53 89.00
CA VAL L 647 -3.72 35.34 88.22
C VAL L 647 -4.97 34.46 88.06
N ASN L 648 -6.13 35.08 88.18
CA ASN L 648 -7.41 34.43 87.91
C ASN L 648 -8.23 35.32 87.00
N PRO L 649 -7.70 35.60 85.80
CA PRO L 649 -8.31 36.59 84.91
C PRO L 649 -9.68 36.13 84.43
N ARG L 650 -9.95 34.84 84.56
CA ARG L 650 -11.25 34.30 84.17
C ARG L 650 -12.34 34.82 85.10
N ALA L 651 -12.25 34.44 86.37
CA ALA L 651 -13.22 34.88 87.37
C ALA L 651 -13.16 36.39 87.61
N MET L 652 -11.97 36.95 87.56
CA MET L 652 -11.77 38.39 87.72
C MET L 652 -12.33 39.16 86.52
N GLY L 653 -12.76 38.42 85.50
CA GLY L 653 -13.32 39.01 84.30
C GLY L 653 -14.68 39.63 84.57
N TRP L 654 -15.50 38.91 85.32
CA TRP L 654 -16.84 39.40 85.67
C TRP L 654 -16.81 40.22 86.96
N GLN L 655 -15.90 39.87 87.86
CA GLN L 655 -15.80 40.51 89.17
C GLN L 655 -15.64 42.03 89.09
N ILE L 656 -14.70 42.49 88.27
CA ILE L 656 -14.40 43.92 88.19
C ILE L 656 -15.54 44.81 87.68
N PRO L 657 -16.16 44.45 86.56
CA PRO L 657 -17.30 45.24 86.08
C PRO L 657 -18.54 45.02 86.94
N LEU L 658 -18.50 44.00 87.80
CA LEU L 658 -19.57 43.80 88.77
C LEU L 658 -19.46 44.83 89.87
N LEU L 659 -18.26 44.97 90.44
CA LEU L 659 -17.99 45.99 91.45
C LEU L 659 -18.36 47.36 90.90
N GLY L 660 -17.74 47.71 89.79
CA GLY L 660 -18.00 48.98 89.13
C GLY L 660 -19.48 49.27 88.96
N ARG L 661 -20.25 48.24 88.62
CA ARG L 661 -21.69 48.37 88.44
C ARG L 661 -22.43 48.57 89.75
N LEU L 662 -22.01 47.87 90.78
CA LEU L 662 -22.58 48.01 92.11
C LEU L 662 -22.42 49.43 92.64
N ARG L 663 -21.19 49.94 92.60
CA ARG L 663 -20.88 51.27 93.12
C ARG L 663 -21.83 52.30 92.53
N ALA L 664 -22.15 52.15 91.25
CA ALA L 664 -23.02 53.10 90.54
C ALA L 664 -24.46 53.08 91.06
N ASP L 665 -24.81 52.05 91.82
CA ASP L 665 -26.14 51.92 92.38
C ASP L 665 -26.20 52.47 93.81
N GLY L 666 -25.03 52.65 94.41
CA GLY L 666 -24.94 53.20 95.74
C GLY L 666 -24.20 52.31 96.69
N VAL L 667 -24.12 51.02 96.37
CA VAL L 667 -23.39 50.09 97.22
C VAL L 667 -22.02 50.63 97.61
N PRO L 668 -21.72 50.52 98.90
CA PRO L 668 -20.62 51.22 99.57
C PRO L 668 -19.24 50.63 99.32
N ILE L 669 -18.86 50.43 98.06
CA ILE L 669 -17.52 49.94 97.81
C ILE L 669 -16.64 51.08 97.36
N GLU L 670 -15.63 51.40 98.15
CA GLU L 670 -14.74 52.50 97.80
C GLU L 670 -13.28 52.05 97.84
N GLY L 671 -13.08 50.74 97.80
CA GLY L 671 -11.74 50.19 97.87
C GLY L 671 -11.55 48.90 97.11
N LEU L 672 -10.51 48.85 96.28
CA LEU L 672 -10.18 47.66 95.52
C LEU L 672 -8.76 47.23 95.83
N THR L 673 -8.54 45.92 95.92
CA THR L 673 -7.21 45.34 96.17
C THR L 673 -6.89 44.18 95.22
N ILE L 674 -5.76 44.31 94.51
CA ILE L 674 -5.38 43.35 93.51
C ILE L 674 -4.18 42.55 93.98
N GLY L 675 -4.41 41.27 94.21
CA GLY L 675 -3.36 40.45 94.77
C GLY L 675 -2.73 39.51 93.77
N ALA L 676 -1.56 38.98 94.14
CA ALA L 676 -0.80 38.06 93.30
C ALA L 676 -0.65 38.61 91.89
N GLY L 677 0.38 39.42 91.69
CA GLY L 677 0.63 40.02 90.40
C GLY L 677 0.26 41.49 90.35
N VAL L 678 1.16 42.29 89.77
CA VAL L 678 0.95 43.73 89.62
C VAL L 678 0.46 44.09 88.22
N PRO L 679 -0.78 44.58 88.11
CA PRO L 679 -1.35 44.93 86.80
C PRO L 679 -0.46 45.83 85.96
N SER L 680 -0.73 45.85 84.66
CA SER L 680 -0.01 46.74 83.77
C SER L 680 -0.50 48.15 84.00
N ILE L 681 0.33 49.12 83.68
CA ILE L 681 0.03 50.53 83.89
C ILE L 681 -1.37 50.92 83.40
N GLU L 682 -1.72 50.55 82.18
CA GLU L 682 -3.03 50.89 81.64
C GLU L 682 -4.13 49.96 82.13
N VAL L 683 -3.76 48.79 82.64
CA VAL L 683 -4.75 47.88 83.21
C VAL L 683 -5.27 48.49 84.49
N ALA L 684 -4.37 49.10 85.27
CA ALA L 684 -4.74 49.79 86.49
C ALA L 684 -5.52 51.06 86.19
N ASN L 685 -5.02 51.86 85.24
CA ASN L 685 -5.67 53.09 84.85
C ASN L 685 -7.16 52.96 84.62
N GLU L 686 -7.57 51.86 83.98
CA GLU L 686 -8.99 51.57 83.78
C GLU L 686 -9.67 51.42 85.14
N TYR L 687 -9.21 50.44 85.91
CA TYR L 687 -9.76 50.18 87.25
C TYR L 687 -9.99 51.49 87.99
N ILE L 688 -8.93 52.27 88.10
CA ILE L 688 -8.97 53.58 88.75
C ILE L 688 -10.13 54.45 88.29
N GLN L 689 -10.24 54.69 86.99
CA GLN L 689 -11.20 55.66 86.48
C GLN L 689 -12.46 55.05 85.87
N THR L 690 -12.71 53.77 86.11
CA THR L 690 -13.89 53.11 85.56
C THR L 690 -14.86 52.77 86.67
N LEU L 691 -14.43 51.89 87.56
CA LEU L 691 -15.17 51.59 88.78
C LEU L 691 -14.87 52.70 89.80
N GLY L 692 -15.92 53.35 90.29
CA GLY L 692 -15.75 54.51 91.15
C GLY L 692 -15.20 54.20 92.53
N ILE L 693 -13.95 53.77 92.58
CA ILE L 693 -13.31 53.52 93.87
C ILE L 693 -12.57 54.75 94.37
N ARG L 694 -12.32 54.78 95.67
CA ARG L 694 -11.68 55.92 96.29
C ARG L 694 -10.20 55.60 96.56
N HIS L 695 -9.91 54.32 96.78
CA HIS L 695 -8.52 53.88 96.94
C HIS L 695 -8.25 52.55 96.24
N ILE L 696 -7.00 52.32 95.88
CA ILE L 696 -6.62 51.09 95.19
C ILE L 696 -5.35 50.50 95.81
N SER L 697 -5.40 49.21 96.13
CA SER L 697 -4.31 48.59 96.87
C SER L 697 -3.63 47.42 96.12
N PHE L 698 -2.33 47.54 95.91
CA PHE L 698 -1.55 46.51 95.23
C PHE L 698 -0.67 45.72 96.20
N LYS L 699 -0.48 44.44 95.92
CA LYS L 699 0.45 43.64 96.72
C LYS L 699 1.64 43.19 95.89
N PRO L 700 2.74 43.98 95.91
CA PRO L 700 3.98 43.62 95.23
C PRO L 700 4.75 42.61 96.03
N GLY L 701 5.71 41.94 95.38
CA GLY L 701 6.45 40.88 96.01
C GLY L 701 7.91 40.86 95.64
N SER L 702 8.26 41.63 94.61
CA SER L 702 9.66 41.74 94.20
C SER L 702 10.13 43.19 94.04
N VAL L 703 11.44 43.38 94.11
CA VAL L 703 12.08 44.70 94.01
C VAL L 703 11.52 45.54 92.85
N ASP L 704 11.31 44.90 91.71
CA ASP L 704 10.79 45.57 90.52
C ASP L 704 9.28 45.68 90.57
N ALA L 705 8.64 44.75 91.27
CA ALA L 705 7.21 44.78 91.46
C ALA L 705 6.85 46.10 92.13
N ILE L 706 7.69 46.50 93.07
CA ILE L 706 7.55 47.78 93.76
C ILE L 706 7.59 48.91 92.75
N GLN L 707 8.67 48.97 91.98
CA GLN L 707 8.83 50.01 90.97
C GLN L 707 7.63 50.11 90.06
N GLN L 708 6.97 48.98 89.82
CA GLN L 708 5.73 48.96 89.05
C GLN L 708 4.73 49.89 89.71
N VAL L 709 4.35 49.51 90.92
CA VAL L 709 3.43 50.28 91.74
C VAL L 709 3.76 51.77 91.72
N ILE L 710 5.04 52.09 91.88
CA ILE L 710 5.47 53.49 91.92
C ILE L 710 5.02 54.20 90.66
N ASN L 711 5.22 53.55 89.52
CA ASN L 711 4.86 54.14 88.25
C ASN L 711 3.35 54.21 88.08
N ILE L 712 2.65 53.23 88.64
CA ILE L 712 1.19 53.27 88.63
C ILE L 712 0.75 54.50 89.39
N ALA L 713 1.58 54.89 90.36
CA ALA L 713 1.31 56.04 91.19
C ALA L 713 1.64 57.35 90.49
N LYS L 714 2.82 57.40 89.87
CA LYS L 714 3.23 58.58 89.10
C LYS L 714 2.21 58.81 87.99
N ALA L 715 1.56 57.72 87.60
CA ALA L 715 0.53 57.75 86.57
C ALA L 715 -0.68 58.57 87.03
N ASN L 716 -1.11 58.35 88.25
CA ASN L 716 -2.22 59.10 88.80
C ASN L 716 -1.77 59.79 90.08
N PRO L 717 -1.19 60.98 89.95
CA PRO L 717 -0.63 61.69 91.11
C PRO L 717 -1.70 62.28 92.02
N THR L 718 -2.97 61.94 91.78
CA THR L 718 -4.07 62.48 92.58
C THR L 718 -4.92 61.38 93.22
N PHE L 719 -4.34 60.20 93.35
CA PHE L 719 -5.12 59.04 93.79
C PHE L 719 -4.43 58.18 94.84
N PRO L 720 -5.20 57.73 95.84
CA PRO L 720 -4.80 56.84 96.94
C PRO L 720 -4.34 55.47 96.46
N ILE L 721 -3.07 55.14 96.72
CA ILE L 721 -2.51 53.86 96.31
C ILE L 721 -1.83 53.14 97.47
N ILE L 722 -2.61 52.35 98.19
CA ILE L 722 -2.11 51.61 99.33
C ILE L 722 -1.15 50.52 98.87
N LEU L 723 0.13 50.71 99.16
CA LEU L 723 1.16 49.75 98.73
C LEU L 723 1.44 48.66 99.77
N GLN L 724 0.49 47.74 99.97
CA GLN L 724 0.69 46.66 100.92
C GLN L 724 1.91 45.82 100.58
N TRP L 725 2.94 45.91 101.39
CA TRP L 725 4.15 45.15 101.12
C TRP L 725 4.19 43.85 101.90
N THR L 726 4.27 42.74 101.18
CA THR L 726 4.38 41.44 101.84
C THR L 726 5.79 40.90 101.72
N GLY L 727 6.16 40.01 102.64
CA GLY L 727 7.47 39.39 102.60
C GLY L 727 7.38 37.92 102.24
N GLY L 728 8.52 37.24 102.26
CA GLY L 728 8.56 35.83 101.96
C GLY L 728 7.78 34.98 102.96
N ARG L 729 7.70 35.46 104.19
CA ARG L 729 7.07 34.67 105.26
C ARG L 729 5.56 34.86 105.40
N GLY L 730 4.90 35.22 104.30
CA GLY L 730 3.45 35.35 104.30
C GLY L 730 2.74 34.01 104.24
N GLY L 731 1.41 34.02 104.39
CA GLY L 731 0.62 32.80 104.29
C GLY L 731 0.34 32.45 102.84
N GLY L 732 0.23 31.15 102.57
CA GLY L 732 -0.02 30.69 101.20
C GLY L 732 0.96 31.21 100.16
N HIS L 733 0.42 31.82 99.12
CA HIS L 733 1.22 32.36 98.01
C HIS L 733 2.26 33.37 98.51
N HIS L 734 3.53 32.98 98.49
CA HIS L 734 4.60 33.81 99.03
C HIS L 734 5.79 33.93 98.08
N SER L 735 6.35 35.13 97.97
CA SER L 735 7.56 35.31 97.15
C SER L 735 8.75 34.61 97.79
N PHE L 736 9.93 34.83 97.21
CA PHE L 736 11.15 34.28 97.81
C PHE L 736 11.96 35.42 98.37
N GLU L 737 11.31 36.56 98.56
CA GLU L 737 11.98 37.79 98.97
C GLU L 737 12.06 37.94 100.49
N ASP L 738 13.03 38.75 100.94
CA ASP L 738 13.17 39.08 102.35
C ASP L 738 12.40 40.36 102.62
N PHE L 739 11.92 40.50 103.85
CA PHE L 739 11.11 41.65 104.25
C PHE L 739 11.87 42.97 104.15
N HIS L 740 13.15 42.92 104.51
CA HIS L 740 13.90 44.13 104.82
C HIS L 740 14.61 44.76 103.64
N GLN L 741 15.48 43.99 102.99
CA GLN L 741 16.36 44.57 101.97
C GLN L 741 15.70 45.18 100.72
N PRO L 742 14.49 44.72 100.37
CA PRO L 742 13.73 45.35 99.29
C PRO L 742 13.24 46.73 99.69
N ILE L 743 12.69 46.83 100.89
CA ILE L 743 12.18 48.10 101.37
C ILE L 743 13.35 49.02 101.66
N LEU L 744 14.39 48.47 102.28
CA LEU L 744 15.62 49.23 102.56
C LEU L 744 16.26 49.83 101.31
N LEU L 745 15.79 49.37 100.15
CA LEU L 745 16.41 49.76 98.89
C LEU L 745 15.47 50.68 98.12
N MET L 746 14.17 50.52 98.38
CA MET L 746 13.17 51.22 97.61
C MET L 746 12.56 52.37 98.37
N TYR L 747 12.54 52.26 99.69
CA TYR L 747 11.85 53.23 100.55
C TYR L 747 11.93 54.64 100.02
N SER L 748 13.14 55.10 99.75
CA SER L 748 13.35 56.47 99.30
C SER L 748 12.45 56.82 98.14
N ARG L 749 12.46 56.00 97.10
CA ARG L 749 11.68 56.25 95.89
C ARG L 749 10.18 56.12 96.15
N ILE L 750 9.80 55.16 96.98
CA ILE L 750 8.39 54.97 97.31
C ILE L 750 7.86 56.26 97.89
N ARG L 751 8.56 56.75 98.91
CA ARG L 751 8.16 57.96 99.64
C ARG L 751 8.02 59.18 98.72
N LYS L 752 8.91 59.30 97.75
CA LYS L 752 8.94 60.47 96.86
C LYS L 752 7.69 60.56 96.00
N CYS L 753 6.82 59.58 96.16
CA CYS L 753 5.47 59.65 95.62
C CYS L 753 4.49 59.78 96.79
N SER L 754 3.75 60.88 96.81
CA SER L 754 2.84 61.17 97.92
C SER L 754 1.63 60.25 97.98
N ASN L 755 1.25 59.67 96.84
CA ASN L 755 0.04 58.84 96.74
C ASN L 755 0.12 57.50 97.48
N ILE L 756 1.34 57.13 97.88
CA ILE L 756 1.58 55.79 98.39
C ILE L 756 1.41 55.68 99.90
N VAL L 757 0.69 54.65 100.31
CA VAL L 757 0.54 54.34 101.71
C VAL L 757 1.29 53.07 102.02
N LEU L 758 2.57 53.21 102.35
CA LEU L 758 3.41 52.05 102.63
C LEU L 758 2.99 51.29 103.89
N VAL L 759 2.35 50.14 103.68
CA VAL L 759 1.74 49.39 104.76
C VAL L 759 2.47 48.09 105.00
N ALA L 760 3.27 48.02 106.05
CA ALA L 760 3.96 46.77 106.37
C ALA L 760 3.00 45.63 106.69
N GLY L 761 3.32 44.44 106.19
CA GLY L 761 2.52 43.26 106.45
C GLY L 761 3.35 42.01 106.26
N SER L 762 2.93 40.91 106.90
CA SER L 762 3.67 39.65 106.88
C SER L 762 4.48 39.45 108.15
N GLY L 763 4.23 38.34 108.84
CA GLY L 763 5.01 37.96 110.01
C GLY L 763 4.56 38.52 111.35
N PHE L 764 3.72 39.54 111.32
CA PHE L 764 3.29 40.24 112.52
C PHE L 764 2.16 39.54 113.28
N GLY L 765 2.15 39.72 114.60
CA GLY L 765 1.11 39.12 115.44
C GLY L 765 0.78 39.96 116.66
N GLY L 766 1.49 41.07 116.81
CA GLY L 766 1.28 41.95 117.94
C GLY L 766 1.74 43.38 117.70
N SER L 767 1.40 44.25 118.64
CA SER L 767 1.74 45.66 118.58
C SER L 767 3.20 45.88 118.91
N GLU L 768 3.79 44.94 119.65
CA GLU L 768 5.16 45.00 120.12
C GLU L 768 6.19 44.88 118.99
N ASP L 769 5.95 43.96 118.07
CA ASP L 769 6.80 43.77 116.91
C ASP L 769 6.37 44.70 115.78
N THR L 770 5.07 44.96 115.72
CA THR L 770 4.54 45.91 114.76
C THR L 770 5.17 47.26 115.00
N TYR L 771 5.10 47.72 116.25
CA TYR L 771 5.56 49.06 116.62
C TYR L 771 6.82 49.52 115.87
N PRO L 772 7.92 48.74 115.96
CA PRO L 772 9.20 49.09 115.32
C PRO L 772 9.09 49.58 113.87
N TYR L 773 8.34 48.86 113.04
CA TYR L 773 8.15 49.27 111.66
C TYR L 773 7.19 50.45 111.59
N LEU L 774 6.20 50.42 112.46
CA LEU L 774 5.22 51.49 112.57
C LEU L 774 5.94 52.78 112.92
N THR L 775 7.06 52.65 113.61
CA THR L 775 7.94 53.75 113.92
C THR L 775 8.81 54.08 112.72
N GLY L 776 9.83 53.26 112.52
CA GLY L 776 10.86 53.50 111.55
C GLY L 776 12.17 53.18 112.22
N SER L 777 12.07 52.38 113.28
CA SER L 777 13.22 52.02 114.10
C SER L 777 13.93 50.74 113.65
N TRP L 778 13.17 49.81 113.09
CA TRP L 778 13.71 48.57 112.53
C TRP L 778 14.90 48.85 111.62
N SER L 779 14.78 49.89 110.80
CA SER L 779 15.72 50.21 109.72
C SER L 779 17.07 50.73 110.20
N THR L 780 17.14 51.07 111.49
CA THR L 780 18.38 51.57 112.06
C THR L 780 19.31 50.41 112.36
N LYS L 781 18.75 49.26 112.68
CA LYS L 781 19.53 48.04 112.93
C LYS L 781 20.35 47.65 111.70
N PHE L 782 19.89 48.09 110.53
CA PHE L 782 20.55 47.79 109.26
C PHE L 782 21.37 48.98 108.74
N GLY L 783 21.96 49.73 109.68
CA GLY L 783 22.80 50.87 109.33
C GLY L 783 22.17 51.95 108.48
N TYR L 784 20.84 52.06 108.53
CA TYR L 784 20.11 53.07 107.75
C TYR L 784 19.18 53.94 108.62
N PRO L 785 18.94 55.19 108.19
CA PRO L 785 18.04 56.12 108.88
C PRO L 785 16.68 55.50 109.13
N PRO L 786 15.94 56.03 110.11
CA PRO L 786 14.56 55.60 110.40
C PRO L 786 13.61 55.69 109.21
N MET L 787 12.90 54.60 108.96
CA MET L 787 11.98 54.47 107.83
C MET L 787 10.60 54.01 108.27
N PRO L 788 9.74 54.98 108.61
CA PRO L 788 8.35 54.84 109.08
C PRO L 788 7.43 54.14 108.10
N PHE L 789 6.52 53.34 108.64
CA PHE L 789 5.46 52.74 107.84
C PHE L 789 4.13 53.40 108.19
N ASP L 790 3.26 53.53 107.20
CA ASP L 790 1.98 54.21 107.38
C ASP L 790 0.88 53.30 107.94
N GLY L 791 1.27 52.18 108.53
CA GLY L 791 0.32 51.24 109.12
C GLY L 791 0.90 49.85 109.19
N CYS L 792 0.06 48.87 109.49
CA CYS L 792 0.50 47.48 109.50
C CYS L 792 -0.64 46.52 109.16
N MET L 793 -0.28 45.35 108.66
CA MET L 793 -1.25 44.42 108.07
C MET L 793 -1.21 43.07 108.75
N PHE L 794 -2.39 42.51 108.99
CA PHE L 794 -2.51 41.24 109.70
C PHE L 794 -3.29 40.19 108.92
N GLY L 795 -2.70 39.01 108.81
CA GLY L 795 -3.33 37.91 108.09
C GLY L 795 -3.42 36.69 108.97
N SER L 796 -2.31 35.94 109.05
CA SER L 796 -2.27 34.68 109.77
C SER L 796 -2.76 34.80 111.21
N ARG L 797 -2.55 35.97 111.80
CA ARG L 797 -2.93 36.27 113.17
C ARG L 797 -4.42 36.04 113.43
N MET L 798 -5.25 36.74 112.66
CA MET L 798 -6.70 36.79 112.90
C MET L 798 -7.39 35.46 112.68
N MET L 799 -6.66 34.48 112.17
CA MET L 799 -7.29 33.20 111.81
C MET L 799 -7.98 32.57 113.00
N THR L 800 -7.44 32.78 114.20
CA THR L 800 -8.00 32.19 115.41
C THR L 800 -9.03 33.08 116.13
N ALA L 801 -9.51 34.12 115.44
CA ALA L 801 -10.57 34.96 115.98
C ALA L 801 -11.85 34.15 116.06
N LYS L 802 -12.58 34.29 117.16
CA LYS L 802 -13.76 33.47 117.42
C LYS L 802 -14.85 33.72 116.38
N GLU L 803 -14.76 34.86 115.72
CA GLU L 803 -15.73 35.24 114.70
C GLU L 803 -15.22 34.89 113.30
N ALA L 804 -14.07 34.20 113.26
CA ALA L 804 -13.55 33.60 112.04
C ALA L 804 -14.14 32.22 111.91
N HIS L 805 -14.23 31.72 110.68
CA HIS L 805 -14.88 30.46 110.46
C HIS L 805 -13.95 29.28 110.64
N THR L 806 -12.67 29.56 110.78
CA THR L 806 -11.67 28.52 111.02
C THR L 806 -12.17 27.51 112.05
N SER L 807 -12.19 26.24 111.67
CA SER L 807 -12.77 25.18 112.53
C SER L 807 -12.13 25.19 113.89
N LYS L 808 -12.74 24.48 114.82
CA LYS L 808 -12.21 24.50 116.17
C LYS L 808 -10.81 23.89 116.21
N GLN L 809 -10.73 22.58 115.97
CA GLN L 809 -9.46 21.86 116.06
C GLN L 809 -8.39 22.45 115.14
N ALA L 810 -8.85 23.17 114.12
CA ALA L 810 -7.95 23.86 113.22
C ALA L 810 -7.26 24.99 113.96
N LYS L 811 -8.06 25.97 114.42
CA LYS L 811 -7.54 27.08 115.19
C LYS L 811 -6.59 26.60 116.26
N GLN L 812 -6.96 25.50 116.91
CA GLN L 812 -6.10 24.86 117.90
C GLN L 812 -4.74 24.58 117.28
N ALA L 813 -4.72 23.70 116.28
CA ALA L 813 -3.50 23.32 115.60
C ALA L 813 -2.71 24.52 115.09
N ILE L 814 -3.40 25.65 114.90
CA ILE L 814 -2.79 26.90 114.43
C ILE L 814 -1.91 27.53 115.50
N VAL L 815 -2.52 27.76 116.67
CA VAL L 815 -1.79 28.28 117.80
C VAL L 815 -0.60 27.40 118.07
N ASP L 816 -0.88 26.10 118.11
CA ASP L 816 0.06 25.05 118.44
C ASP L 816 1.29 25.04 117.55
N ALA L 817 1.23 25.79 116.47
CA ALA L 817 2.40 25.94 115.65
C ALA L 817 3.38 26.85 116.38
N PRO L 818 4.56 26.30 116.69
CA PRO L 818 5.67 27.10 117.23
C PRO L 818 6.30 27.91 116.11
N GLY L 819 6.05 29.21 116.08
CA GLY L 819 6.60 30.05 115.04
C GLY L 819 8.11 29.97 114.97
N VAL L 820 8.68 30.65 113.98
CA VAL L 820 10.13 30.80 113.89
C VAL L 820 10.45 32.27 113.56
N ASP L 821 11.60 32.74 114.04
CA ASP L 821 11.98 34.13 113.85
C ASP L 821 12.32 34.40 112.39
N ASP L 822 12.46 35.68 112.03
CA ASP L 822 12.89 36.04 110.69
C ASP L 822 14.18 35.32 110.30
N ASP L 823 14.93 34.87 111.31
CA ASP L 823 16.17 34.11 111.11
C ASP L 823 15.99 32.97 110.11
N GLN L 824 15.32 31.92 110.55
CA GLN L 824 15.20 30.71 109.77
C GLN L 824 13.82 30.58 109.14
N TRP L 825 13.34 31.65 108.51
CA TRP L 825 12.03 31.58 107.89
C TRP L 825 12.12 30.82 106.58
N GLU L 826 13.19 31.04 105.82
CA GLU L 826 13.39 30.36 104.54
C GLU L 826 13.48 28.84 104.66
N ASN L 827 13.67 28.34 105.88
CA ASN L 827 13.77 26.91 106.11
C ASN L 827 12.50 26.14 105.77
N THR L 828 11.43 26.86 105.45
CA THR L 828 10.18 26.21 105.08
C THR L 828 10.42 25.36 103.85
N TYR L 829 11.18 25.91 102.90
CA TYR L 829 11.39 25.29 101.60
C TYR L 829 11.91 23.86 101.66
N LYS L 830 12.59 23.53 102.75
CA LYS L 830 13.23 22.22 102.89
C LYS L 830 12.66 21.36 104.02
N ARG L 831 12.29 21.97 105.13
CA ARG L 831 11.87 21.24 106.32
C ARG L 831 10.50 21.66 106.84
N PRO L 832 9.93 20.86 107.75
CA PRO L 832 8.73 21.23 108.51
C PRO L 832 9.11 22.27 109.57
N THR L 833 9.63 23.40 109.12
CA THR L 833 10.10 24.46 110.00
C THR L 833 8.97 25.09 110.79
N GLY L 834 9.12 25.08 112.11
CA GLY L 834 8.07 25.56 112.98
C GLY L 834 6.88 24.62 112.93
N GLY L 835 5.80 25.10 112.33
CA GLY L 835 4.61 24.30 112.14
C GLY L 835 4.16 24.40 110.70
N VAL L 836 4.84 25.25 109.94
CA VAL L 836 4.49 25.44 108.54
C VAL L 836 5.57 24.90 107.60
N ILE L 837 5.12 24.43 106.45
CA ILE L 837 6.01 23.93 105.42
C ILE L 837 5.57 24.64 104.15
N THR L 838 6.41 24.64 103.12
CA THR L 838 6.02 25.19 101.82
C THR L 838 5.76 24.11 100.79
N VAL L 839 4.77 24.32 99.95
CA VAL L 839 4.28 23.28 99.07
C VAL L 839 3.66 23.91 97.84
N LEU L 840 3.66 23.17 96.73
CA LEU L 840 3.25 23.74 95.45
C LEU L 840 1.76 23.60 95.12
N SER L 841 1.21 24.65 94.55
CA SER L 841 -0.23 24.87 94.45
C SER L 841 -0.90 24.17 93.27
N GLU L 842 -2.20 24.40 93.14
CA GLU L 842 -2.93 24.05 91.93
C GLU L 842 -2.21 24.70 90.74
N MET L 843 -2.09 26.02 90.77
CA MET L 843 -1.47 26.78 89.69
C MET L 843 0.03 26.48 89.58
N GLY L 844 0.59 25.83 90.59
CA GLY L 844 2.00 25.50 90.60
C GLY L 844 2.84 26.42 91.47
N GLU L 845 2.17 27.33 92.17
CA GLU L 845 2.83 28.36 92.95
C GLU L 845 3.19 27.85 94.34
N PRO L 846 4.17 28.50 94.99
CA PRO L 846 4.60 28.13 96.34
C PRO L 846 3.54 28.53 97.36
N ILE L 847 3.41 27.74 98.44
CA ILE L 847 2.42 28.04 99.48
C ILE L 847 2.97 27.70 100.86
N HIS L 848 2.53 28.45 101.88
CA HIS L 848 2.85 28.13 103.28
C HIS L 848 1.63 27.51 103.96
N LYS L 849 1.74 26.23 104.32
CA LYS L 849 0.65 25.54 104.99
C LYS L 849 1.09 24.95 106.31
N LEU L 850 0.14 24.78 107.20
CA LEU L 850 0.41 24.15 108.46
C LEU L 850 0.74 22.75 108.07
N ALA L 851 1.98 22.37 108.35
CA ALA L 851 2.52 21.10 107.90
C ALA L 851 1.86 19.88 108.59
N THR L 852 0.59 19.65 108.25
CA THR L 852 -0.17 18.52 108.78
C THR L 852 0.28 17.22 108.12
N ARG L 853 -0.31 16.10 108.54
CA ARG L 853 -0.01 14.82 107.92
C ARG L 853 -0.28 14.88 106.41
N GLY L 854 -1.46 15.35 106.06
CA GLY L 854 -1.83 15.46 104.67
C GLY L 854 -0.87 16.35 103.90
N VAL L 855 -0.65 17.56 104.40
CA VAL L 855 0.16 18.54 103.69
C VAL L 855 1.55 17.99 103.46
N LEU L 856 1.99 17.10 104.35
CA LEU L 856 3.31 16.50 104.23
C LEU L 856 3.39 15.53 103.06
N PHE L 857 2.38 14.68 102.97
CA PHE L 857 2.26 13.74 101.85
C PHE L 857 2.08 14.50 100.55
N TRP L 858 1.31 15.59 100.60
CA TRP L 858 1.14 16.49 99.45
C TRP L 858 2.49 17.01 98.97
N LYS L 859 3.35 17.38 99.92
CA LYS L 859 4.71 17.81 99.58
C LYS L 859 5.47 16.67 98.90
N GLU L 860 5.33 15.47 99.43
CA GLU L 860 5.96 14.29 98.82
C GLU L 860 5.65 14.14 97.36
N LEU L 861 4.37 14.13 97.03
CA LEU L 861 3.92 14.00 95.65
C LEU L 861 4.40 15.15 94.78
N ASP L 862 4.46 16.35 95.35
CA ASP L 862 5.03 17.49 94.64
C ASP L 862 6.39 17.11 94.07
N ASP L 863 7.07 16.20 94.76
CA ASP L 863 8.47 15.92 94.47
C ASP L 863 8.66 14.62 93.68
N LYS L 864 7.77 13.66 93.89
CA LYS L 864 7.92 12.35 93.26
C LYS L 864 6.99 12.14 92.06
N ILE L 865 5.85 12.82 92.07
CA ILE L 865 4.83 12.63 91.04
C ILE L 865 4.64 13.89 90.19
N PHE L 866 4.30 15.00 90.83
CA PHE L 866 4.03 16.25 90.10
C PHE L 866 5.32 16.90 89.61
N SER L 867 6.44 16.21 89.84
CA SER L 867 7.74 16.69 89.38
C SER L 867 8.04 16.22 87.97
N LEU L 868 7.38 15.14 87.55
CA LEU L 868 7.64 14.50 86.26
C LEU L 868 6.74 15.05 85.17
N ASP L 869 7.22 15.05 83.93
CA ASP L 869 6.47 15.56 82.79
C ASP L 869 5.13 14.88 82.67
N ARG L 870 4.11 15.62 82.22
CA ARG L 870 2.73 15.15 82.17
C ARG L 870 2.60 13.68 81.78
N SER L 871 3.37 13.26 80.79
CA SER L 871 3.32 11.90 80.25
C SER L 871 3.77 10.83 81.25
N LYS L 872 5.04 10.91 81.65
CA LYS L 872 5.64 9.89 82.50
C LYS L 872 4.99 9.79 83.87
N ARG L 873 3.95 10.60 84.09
CA ARG L 873 3.25 10.64 85.38
C ARG L 873 2.45 9.40 85.67
N VAL L 874 1.58 9.02 84.73
CA VAL L 874 0.72 7.86 84.94
C VAL L 874 1.56 6.62 85.24
N ALA L 875 2.68 6.49 84.53
CA ALA L 875 3.59 5.36 84.72
C ALA L 875 4.03 5.21 86.18
N GLU L 876 4.50 6.31 86.77
CA GLU L 876 4.98 6.29 88.15
C GLU L 876 3.85 6.04 89.15
N LEU L 877 2.67 6.56 88.85
CA LEU L 877 1.53 6.36 89.73
C LEU L 877 1.20 4.89 89.86
N LYS L 878 1.37 4.15 88.77
CA LYS L 878 1.09 2.72 88.79
C LYS L 878 2.13 1.91 89.55
N LYS L 879 3.36 2.42 89.64
CA LYS L 879 4.41 1.68 90.32
C LYS L 879 4.33 1.89 91.82
N ARG L 880 3.73 3.00 92.22
CA ARG L 880 3.57 3.31 93.63
C ARG L 880 2.10 3.32 94.03
N ARG L 881 1.26 2.72 93.19
CA ARG L 881 -0.19 2.83 93.34
C ARG L 881 -0.68 2.61 94.76
N ASP L 882 -0.40 1.44 95.32
CA ASP L 882 -0.95 1.09 96.62
C ASP L 882 -0.29 1.89 97.74
N TYR L 883 0.91 2.38 97.51
CA TYR L 883 1.54 3.25 98.49
C TYR L 883 0.85 4.61 98.56
N ILE L 884 0.51 5.15 97.40
CA ILE L 884 -0.20 6.42 97.29
C ILE L 884 -1.63 6.25 97.78
N ILE L 885 -2.12 5.02 97.76
CA ILE L 885 -3.51 4.76 98.13
C ILE L 885 -3.62 4.65 99.64
N LYS L 886 -2.58 4.10 100.28
CA LYS L 886 -2.54 4.06 101.73
C LYS L 886 -2.47 5.47 102.26
N LYS L 887 -1.50 6.24 101.77
CA LYS L 887 -1.33 7.63 102.20
C LYS L 887 -2.57 8.49 101.94
N LEU L 888 -3.26 8.24 100.83
CA LEU L 888 -4.54 8.87 100.58
C LEU L 888 -5.53 8.51 101.68
N ASN L 889 -5.79 7.21 101.81
CA ASN L 889 -6.79 6.69 102.76
C ASN L 889 -6.56 7.13 104.21
N ASP L 890 -5.30 7.18 104.61
CA ASP L 890 -4.93 7.41 106.00
C ASP L 890 -4.98 8.88 106.40
N ASP L 891 -4.13 9.70 105.79
CA ASP L 891 -4.00 11.08 106.22
C ASP L 891 -3.98 12.13 105.10
N PHE L 892 -5.06 12.20 104.32
CA PHE L 892 -5.21 13.31 103.40
C PHE L 892 -6.66 13.79 103.35
N GLN L 893 -6.83 15.08 103.10
CA GLN L 893 -8.15 15.71 102.97
C GLN L 893 -9.11 14.84 102.18
N LYS L 894 -8.59 14.32 101.06
CA LYS L 894 -9.37 13.48 100.17
C LYS L 894 -8.96 12.02 100.32
N VAL L 895 -9.95 11.15 100.32
CA VAL L 895 -9.70 9.74 100.53
C VAL L 895 -9.63 9.04 99.20
N TRP L 896 -9.30 7.74 99.23
CA TRP L 896 -9.43 6.92 98.05
C TRP L 896 -10.81 6.30 98.03
N PHE L 897 -11.61 6.69 97.04
CA PHE L 897 -13.00 6.24 96.89
C PHE L 897 -13.07 4.75 96.59
N GLY L 898 -12.19 3.97 97.18
CA GLY L 898 -11.98 2.62 96.72
C GLY L 898 -12.59 1.47 97.49
N ARG L 899 -13.24 1.73 98.60
CA ARG L 899 -13.56 0.64 99.53
C ARG L 899 -14.75 -0.21 99.13
N ASN L 900 -14.67 -1.48 99.50
CA ASN L 900 -15.73 -2.43 99.23
C ASN L 900 -16.69 -2.54 100.39
N SER L 901 -17.67 -3.44 100.28
CA SER L 901 -18.65 -3.66 101.33
C SER L 901 -18.00 -3.98 102.67
N ALA L 902 -16.93 -4.76 102.64
CA ALA L 902 -16.27 -5.21 103.86
C ALA L 902 -15.30 -4.18 104.45
N GLY L 903 -15.34 -2.95 103.94
CA GLY L 903 -14.57 -1.85 104.49
C GLY L 903 -13.14 -1.74 104.01
N GLU L 904 -12.69 -2.71 103.22
CA GLU L 904 -11.34 -2.74 102.69
C GLU L 904 -11.20 -1.95 101.39
N PRO L 905 -10.01 -1.39 101.15
CA PRO L 905 -9.76 -0.58 99.95
C PRO L 905 -9.53 -1.45 98.72
N VAL L 906 -10.29 -1.18 97.65
CA VAL L 906 -10.18 -1.91 96.40
C VAL L 906 -10.09 -0.95 95.20
N ASP L 907 -9.97 -1.48 94.00
CA ASP L 907 -9.94 -0.65 92.80
C ASP L 907 -11.35 -0.22 92.46
N LEU L 908 -11.50 0.99 91.95
CA LEU L 908 -12.82 1.47 91.58
C LEU L 908 -13.51 0.44 90.71
N GLU L 909 -12.71 -0.23 89.89
CA GLU L 909 -13.21 -1.15 88.89
C GLU L 909 -13.75 -2.45 89.50
N ASP L 910 -13.42 -2.69 90.77
CA ASP L 910 -13.80 -3.92 91.46
C ASP L 910 -14.97 -3.69 92.41
N MET L 911 -15.44 -2.45 92.45
CA MET L 911 -16.55 -2.08 93.32
C MET L 911 -17.85 -2.56 92.69
N THR L 912 -18.87 -2.85 93.50
CA THR L 912 -20.18 -3.18 92.96
C THR L 912 -21.00 -1.90 92.78
N TYR L 913 -22.03 -1.94 91.94
CA TYR L 913 -22.86 -0.75 91.71
C TYR L 913 -23.39 -0.23 93.02
N ALA L 914 -23.90 -1.14 93.83
CA ALA L 914 -24.34 -0.79 95.17
C ALA L 914 -23.23 -0.07 95.93
N GLU L 915 -22.12 -0.78 96.12
CA GLU L 915 -21.01 -0.24 96.90
C GLU L 915 -20.63 1.17 96.47
N VAL L 916 -20.79 1.49 95.19
CA VAL L 916 -20.42 2.82 94.71
C VAL L 916 -21.45 3.84 95.13
N VAL L 917 -22.73 3.59 94.82
CA VAL L 917 -23.77 4.52 95.25
C VAL L 917 -23.62 4.77 96.74
N HIS L 918 -23.39 3.70 97.49
CA HIS L 918 -23.19 3.81 98.94
C HIS L 918 -21.97 4.65 99.33
N ARG L 919 -20.82 4.34 98.74
CA ARG L 919 -19.60 5.06 99.06
C ARG L 919 -19.72 6.54 98.69
N MET L 920 -20.53 6.86 97.69
CA MET L 920 -20.73 8.24 97.28
C MET L 920 -21.40 8.96 98.42
N VAL L 921 -22.49 8.36 98.91
CA VAL L 921 -23.21 8.87 100.05
C VAL L 921 -22.30 9.02 101.26
N GLU L 922 -21.50 7.99 101.54
CA GLU L 922 -20.61 8.01 102.68
C GLU L 922 -19.65 9.20 102.66
N LEU L 923 -19.24 9.63 101.47
CA LEU L 923 -18.17 10.61 101.36
C LEU L 923 -18.62 12.00 100.94
N MET L 924 -19.93 12.20 100.86
CA MET L 924 -20.50 13.49 100.47
C MET L 924 -21.67 13.91 101.35
N TYR L 925 -22.14 12.99 102.19
CA TYR L 925 -23.20 13.28 103.16
C TYR L 925 -22.72 12.95 104.57
N VAL L 926 -22.61 13.97 105.41
CA VAL L 926 -22.16 13.78 106.78
C VAL L 926 -23.30 13.31 107.66
N LYS L 927 -23.24 12.04 108.06
CA LYS L 927 -24.30 11.38 108.80
C LYS L 927 -24.80 12.16 110.00
N HIS L 928 -23.88 12.48 110.90
CA HIS L 928 -24.24 13.06 112.20
C HIS L 928 -24.68 14.52 112.13
N GLU L 929 -24.78 15.07 110.92
CA GLU L 929 -25.26 16.43 110.76
C GLU L 929 -26.45 16.48 109.79
N LYS L 930 -26.70 15.36 109.13
CA LYS L 930 -27.81 15.27 108.18
C LYS L 930 -27.77 16.34 107.10
N ARG L 931 -26.61 16.55 106.48
CA ARG L 931 -26.46 17.52 105.40
C ARG L 931 -25.48 17.05 104.35
N TRP L 932 -25.72 17.45 103.10
CA TRP L 932 -24.77 17.22 102.02
C TRP L 932 -23.74 18.34 102.02
N ILE L 933 -22.49 18.03 101.66
CA ILE L 933 -21.45 19.04 101.61
C ILE L 933 -21.76 20.14 100.60
N ASP L 934 -22.72 19.87 99.73
CA ASP L 934 -23.20 20.84 98.74
C ASP L 934 -24.27 20.18 97.89
N PRO L 935 -25.38 20.90 97.63
CA PRO L 935 -26.50 20.38 96.85
C PRO L 935 -26.06 19.71 95.55
N SER L 936 -25.04 20.26 94.92
CA SER L 936 -24.49 19.69 93.69
C SER L 936 -24.02 18.24 93.87
N LEU L 937 -23.30 17.97 94.94
CA LEU L 937 -22.78 16.63 95.19
C LEU L 937 -23.92 15.67 95.46
N LYS L 938 -25.05 16.21 95.92
CA LYS L 938 -26.23 15.39 96.13
C LYS L 938 -26.75 15.01 94.77
N LYS L 939 -26.81 15.99 93.88
CA LYS L 939 -27.26 15.75 92.51
C LYS L 939 -26.38 14.69 91.86
N LEU L 940 -25.07 14.82 92.04
CA LEU L 940 -24.11 13.83 91.56
C LEU L 940 -24.54 12.43 91.93
N THR L 941 -24.42 12.11 93.22
CA THR L 941 -24.82 10.81 93.72
C THR L 941 -26.17 10.39 93.16
N GLY L 942 -27.09 11.35 93.04
CA GLY L 942 -28.42 11.07 92.54
C GLY L 942 -28.41 10.64 91.09
N ASP L 943 -27.64 11.35 90.27
CA ASP L 943 -27.54 11.05 88.85
C ASP L 943 -26.99 9.64 88.63
N PHE L 944 -25.83 9.34 89.21
CA PHE L 944 -25.24 8.02 89.06
C PHE L 944 -26.21 6.95 89.46
N ILE L 945 -26.99 7.21 90.49
CA ILE L 945 -28.03 6.31 90.91
C ILE L 945 -28.93 6.02 89.72
N ARG L 946 -29.50 7.09 89.18
CA ARG L 946 -30.34 7.00 88.00
C ARG L 946 -29.67 6.13 86.96
N ARG L 947 -28.37 6.34 86.80
CA ARG L 947 -27.61 5.56 85.84
C ARG L 947 -27.73 4.09 86.16
N VAL L 948 -27.42 3.73 87.40
CA VAL L 948 -27.45 2.33 87.84
C VAL L 948 -28.84 1.74 87.64
N GLU L 949 -29.85 2.58 87.75
CA GLU L 949 -31.20 2.20 87.39
C GLU L 949 -31.23 1.74 85.95
N GLU L 950 -30.95 2.68 85.04
CA GLU L 950 -31.01 2.41 83.62
C GLU L 950 -30.23 1.17 83.22
N ARG L 951 -29.06 0.99 83.80
CA ARG L 951 -28.23 -0.15 83.49
C ARG L 951 -29.00 -1.43 83.74
N PHE L 952 -29.84 -1.42 84.77
CA PHE L 952 -30.48 -2.66 85.19
C PHE L 952 -31.95 -2.80 84.83
N THR L 953 -32.51 -1.80 84.15
CA THR L 953 -33.83 -1.95 83.55
C THR L 953 -33.69 -2.29 82.07
N SER L 954 -34.61 -3.08 81.55
CA SER L 954 -34.51 -3.50 80.16
C SER L 954 -35.83 -3.46 79.39
N VAL L 955 -36.85 -2.82 79.98
CA VAL L 955 -38.09 -2.54 79.26
C VAL L 955 -38.47 -1.08 79.43
N GLU L 956 -39.04 -0.50 78.36
CA GLU L 956 -39.40 0.90 78.41
C GLU L 956 -40.66 1.07 79.23
N GLY L 957 -40.88 2.29 79.71
CA GLY L 957 -42.10 2.61 80.43
C GLY L 957 -41.91 2.79 81.92
N GLN L 958 -41.23 1.84 82.55
CA GLN L 958 -40.97 1.91 83.99
C GLN L 958 -40.31 3.23 84.36
N PRO L 959 -40.93 3.95 85.30
CA PRO L 959 -40.36 5.24 85.72
C PRO L 959 -39.29 5.04 86.79
N SER L 960 -38.59 6.13 87.12
CA SER L 960 -37.51 6.08 88.10
C SER L 960 -38.06 6.00 89.51
N LEU L 961 -37.30 5.36 90.40
CA LEU L 961 -37.66 5.31 91.81
C LEU L 961 -37.10 6.54 92.52
N LEU L 962 -36.31 7.31 91.78
CA LEU L 962 -35.80 8.58 92.24
C LEU L 962 -36.30 9.65 91.25
N GLN L 963 -37.54 10.08 91.45
CA GLN L 963 -38.16 11.01 90.52
C GLN L 963 -37.82 12.45 90.87
N ASN L 964 -37.49 12.69 92.14
CA ASN L 964 -37.04 14.01 92.59
C ASN L 964 -35.89 13.87 93.57
N TYR L 965 -34.84 14.67 93.38
CA TYR L 965 -33.66 14.56 94.22
C TYR L 965 -33.94 14.97 95.65
N SER L 966 -35.18 15.41 95.87
CA SER L 966 -35.65 15.75 97.20
C SER L 966 -35.47 14.54 98.12
N ASP L 967 -35.44 13.35 97.53
CA ASP L 967 -35.37 12.12 98.30
C ASP L 967 -34.03 11.93 98.99
N LEU L 968 -32.97 12.43 98.36
CA LEU L 968 -31.63 12.23 98.88
C LEU L 968 -31.33 13.19 100.03
N ASP L 969 -32.32 13.96 100.45
CA ASP L 969 -32.18 14.82 101.63
C ASP L 969 -31.91 13.96 102.87
N GLU L 970 -32.83 13.05 103.18
CA GLU L 970 -32.52 11.92 104.06
C GLU L 970 -32.27 10.70 103.20
N PRO L 971 -30.99 10.49 102.85
CA PRO L 971 -30.53 9.65 101.74
C PRO L 971 -30.47 8.20 102.16
N TYR L 972 -29.55 7.92 103.06
CA TYR L 972 -29.27 6.56 103.52
C TYR L 972 -30.55 5.73 103.78
N PRO L 973 -31.61 6.37 104.28
CA PRO L 973 -32.91 5.70 104.39
C PRO L 973 -33.51 5.28 103.05
N ALA L 974 -33.65 6.21 102.11
CA ALA L 974 -34.38 5.98 100.86
C ALA L 974 -33.53 5.37 99.72
N VAL L 975 -32.22 5.59 99.76
CA VAL L 975 -31.31 5.01 98.77
C VAL L 975 -31.39 3.49 98.75
N ASP L 976 -31.38 2.90 99.94
CA ASP L 976 -31.41 1.45 100.06
C ASP L 976 -32.67 0.92 99.40
N ARG L 977 -33.72 1.72 99.41
CA ARG L 977 -34.99 1.33 98.82
C ARG L 977 -34.89 1.22 97.30
N ILE L 978 -34.24 2.19 96.69
CA ILE L 978 -34.05 2.21 95.24
C ILE L 978 -33.13 1.08 94.80
N LEU L 979 -31.96 1.00 95.43
CA LEU L 979 -31.00 -0.07 95.22
C LEU L 979 -31.62 -1.44 95.41
N ALA L 980 -32.77 -1.47 96.09
CA ALA L 980 -33.45 -2.71 96.38
C ALA L 980 -34.22 -3.21 95.17
N ALA L 981 -34.82 -2.28 94.43
CA ALA L 981 -35.65 -2.62 93.29
C ALA L 981 -34.82 -3.07 92.09
N TYR L 982 -33.51 -3.08 92.28
CA TYR L 982 -32.61 -3.53 91.24
C TYR L 982 -31.60 -4.45 91.88
N PRO L 983 -32.00 -5.71 92.07
CA PRO L 983 -31.31 -6.78 92.81
C PRO L 983 -29.85 -6.89 92.41
N GLU L 984 -29.62 -7.23 91.16
CA GLU L 984 -28.30 -7.50 90.63
C GLU L 984 -27.32 -6.36 90.89
N ALA L 985 -27.84 -5.15 91.12
CA ALA L 985 -27.01 -3.96 91.33
C ALA L 985 -26.06 -4.13 92.51
N SER L 986 -26.28 -5.20 93.27
CA SER L 986 -25.45 -5.51 94.43
C SER L 986 -24.62 -6.73 94.13
N THR L 987 -24.96 -7.41 93.04
CA THR L 987 -24.31 -8.64 92.61
C THR L 987 -23.08 -8.44 91.74
N GLN L 988 -23.16 -7.53 90.78
CA GLN L 988 -22.11 -7.37 89.77
C GLN L 988 -21.46 -5.99 89.75
N LEU L 989 -20.22 -5.93 89.28
CA LEU L 989 -19.42 -4.72 89.36
C LEU L 989 -19.80 -3.69 88.31
N ILE L 990 -19.13 -2.54 88.34
CA ILE L 990 -19.43 -1.49 87.38
C ILE L 990 -19.01 -1.94 85.99
N ASN L 991 -19.92 -1.80 85.03
CA ASN L 991 -19.59 -1.97 83.63
C ASN L 991 -18.47 -0.99 83.33
N ALA L 992 -17.43 -1.45 82.65
CA ALA L 992 -16.26 -0.60 82.41
C ALA L 992 -16.65 0.75 81.81
N GLN L 993 -17.71 0.76 81.00
CA GLN L 993 -18.24 1.99 80.42
C GLN L 993 -18.70 2.94 81.49
N ASP L 994 -19.44 2.39 82.45
CA ASP L 994 -20.05 3.17 83.51
C ASP L 994 -19.00 3.76 84.42
N VAL L 995 -17.88 3.08 84.55
CA VAL L 995 -16.75 3.63 85.26
C VAL L 995 -16.28 4.92 84.63
N GLN L 996 -16.10 4.91 83.31
CA GLN L 996 -15.71 6.11 82.59
C GLN L 996 -16.74 7.21 82.80
N HIS L 997 -18.00 6.82 82.80
CA HIS L 997 -19.12 7.73 82.97
C HIS L 997 -19.08 8.36 84.34
N PHE L 998 -19.02 7.52 85.37
CA PHE L 998 -18.86 7.96 86.74
C PHE L 998 -17.80 9.03 86.80
N LEU L 999 -16.64 8.71 86.25
CA LEU L 999 -15.49 9.60 86.29
C LEU L 999 -15.68 10.92 85.56
N LEU L 1000 -16.52 10.96 84.53
CA LEU L 1000 -16.78 12.22 83.84
C LEU L 1000 -17.80 13.04 84.59
N LEU L 1001 -18.59 12.36 85.40
CA LEU L 1001 -19.57 13.02 86.23
C LEU L 1001 -18.89 13.76 87.37
N CYS L 1002 -17.77 13.23 87.84
CA CYS L 1002 -17.05 13.89 88.92
C CYS L 1002 -16.24 15.09 88.42
N GLN L 1003 -16.33 15.37 87.12
CA GLN L 1003 -15.60 16.49 86.53
C GLN L 1003 -16.52 17.55 85.94
N ARG L 1004 -17.82 17.26 85.83
CA ARG L 1004 -18.74 18.17 85.12
C ARG L 1004 -18.73 19.61 85.61
N ARG L 1005 -18.98 20.53 84.67
CA ARG L 1005 -18.94 21.96 84.95
C ARG L 1005 -20.14 22.38 85.78
N GLY L 1006 -19.89 23.12 86.85
CA GLY L 1006 -20.94 23.54 87.77
C GLY L 1006 -21.21 22.51 88.85
N GLN L 1007 -20.15 22.01 89.47
CA GLN L 1007 -20.24 21.05 90.55
C GLN L 1007 -19.06 21.21 91.48
N LYS L 1008 -19.31 21.16 92.78
CA LYS L 1008 -18.22 21.17 93.74
C LYS L 1008 -17.27 20.06 93.37
N PRO L 1009 -15.99 20.36 93.32
CA PRO L 1009 -14.99 19.33 93.08
C PRO L 1009 -15.24 18.17 94.02
N VAL L 1010 -15.24 16.97 93.46
CA VAL L 1010 -15.36 15.75 94.21
C VAL L 1010 -14.53 15.82 95.51
N PRO L 1011 -15.07 15.25 96.61
CA PRO L 1011 -14.42 15.21 97.92
C PRO L 1011 -13.44 14.06 98.08
N PHE L 1012 -12.98 13.46 96.98
CA PHE L 1012 -12.11 12.30 97.07
C PHE L 1012 -11.24 12.10 95.84
N VAL L 1013 -10.72 10.90 95.68
CA VAL L 1013 -9.98 10.53 94.47
C VAL L 1013 -10.52 9.24 93.85
N PRO L 1014 -10.96 9.32 92.59
CA PRO L 1014 -11.61 8.26 91.80
C PRO L 1014 -10.62 7.26 91.16
N ALA L 1015 -9.42 7.71 90.82
CA ALA L 1015 -8.36 6.82 90.39
C ALA L 1015 -7.10 7.60 90.12
N LEU L 1016 -6.00 6.91 89.88
CA LEU L 1016 -4.73 7.56 89.61
C LEU L 1016 -4.49 7.79 88.13
N ASP L 1017 -5.43 8.46 87.47
CA ASP L 1017 -5.33 8.65 86.02
C ASP L 1017 -4.40 9.79 85.60
N GLU L 1018 -4.62 10.29 84.39
CA GLU L 1018 -3.87 11.40 83.82
C GLU L 1018 -4.18 12.72 84.51
N ASN L 1019 -5.25 12.72 85.30
CA ASN L 1019 -5.75 13.92 86.00
C ASN L 1019 -5.56 13.86 87.51
N PHE L 1020 -4.75 12.91 87.96
CA PHE L 1020 -4.52 12.71 89.38
C PHE L 1020 -4.12 13.99 90.09
N GLU L 1021 -3.48 14.93 89.39
CA GLU L 1021 -3.21 16.23 89.99
C GLU L 1021 -4.50 16.97 90.32
N TYR L 1022 -5.35 17.19 89.32
CA TYR L 1022 -6.64 17.85 89.53
C TYR L 1022 -7.41 17.19 90.68
N TRP L 1023 -7.51 15.87 90.63
CA TRP L 1023 -8.22 15.15 91.68
C TRP L 1023 -7.70 15.52 93.06
N PHE L 1024 -6.38 15.51 93.18
CA PHE L 1024 -5.69 15.61 94.47
C PHE L 1024 -5.73 17.01 95.08
N LYS L 1025 -5.30 18.02 94.33
CA LYS L 1025 -5.08 19.33 94.93
C LYS L 1025 -6.03 20.42 94.50
N LYS L 1026 -7.12 20.05 93.83
CA LYS L 1026 -8.13 21.03 93.43
C LYS L 1026 -9.02 21.29 94.62
N ASP L 1027 -9.28 22.57 94.90
CA ASP L 1027 -10.18 22.94 95.98
C ASP L 1027 -9.81 22.23 97.27
N SER L 1028 -8.80 22.76 97.96
CA SER L 1028 -8.27 22.11 99.15
C SER L 1028 -8.50 22.92 100.44
N LEU L 1029 -8.88 24.18 100.31
CA LEU L 1029 -9.01 25.05 101.48
C LEU L 1029 -10.26 24.76 102.28
N TRP L 1030 -11.41 24.83 101.60
CA TRP L 1030 -12.74 24.70 102.18
C TRP L 1030 -12.87 23.74 103.37
N GLN L 1031 -12.01 22.73 103.41
CA GLN L 1031 -12.09 21.68 104.43
C GLN L 1031 -11.59 22.14 105.80
N SER L 1032 -10.64 23.07 105.80
CA SER L 1032 -10.17 23.70 107.02
C SER L 1032 -11.27 24.48 107.74
N GLU L 1033 -12.24 25.00 106.99
CA GLU L 1033 -13.30 25.85 107.53
C GLU L 1033 -14.47 25.02 108.06
N ASP L 1034 -14.54 23.76 107.66
CA ASP L 1034 -15.60 22.86 108.08
C ASP L 1034 -15.06 21.44 108.25
N ILE L 1035 -14.42 21.19 109.37
CA ILE L 1035 -13.77 19.89 109.61
C ILE L 1035 -14.78 18.78 109.91
N GLU L 1036 -16.01 19.13 110.24
CA GLU L 1036 -17.06 18.14 110.46
C GLU L 1036 -17.30 17.34 109.20
N ALA L 1037 -16.96 17.92 108.06
CA ALA L 1037 -17.11 17.27 106.77
C ALA L 1037 -16.05 16.21 106.55
N VAL L 1038 -14.80 16.61 106.79
CA VAL L 1038 -13.62 15.77 106.55
C VAL L 1038 -13.77 14.33 107.04
N TYR L 1039 -13.08 13.41 106.37
CA TYR L 1039 -13.06 12.02 106.80
C TYR L 1039 -12.47 11.94 108.19
N GLY L 1040 -13.22 11.38 109.12
CA GLY L 1040 -12.76 11.24 110.50
C GLY L 1040 -12.80 12.54 111.28
N GLN L 1041 -12.80 13.66 110.57
CA GLN L 1041 -12.96 14.97 111.18
C GLN L 1041 -11.74 15.41 111.96
N ASP L 1042 -10.57 14.96 111.54
CA ASP L 1042 -9.36 15.45 112.16
C ASP L 1042 -8.68 16.46 111.25
N VAL L 1043 -8.09 17.48 111.86
CA VAL L 1043 -7.37 18.46 111.08
C VAL L 1043 -6.09 17.85 110.54
N GLY L 1044 -5.68 16.73 111.12
CA GLY L 1044 -4.41 16.13 110.81
C GLY L 1044 -4.15 16.01 109.32
N ARG L 1045 -5.22 15.92 108.54
CA ARG L 1045 -5.11 15.70 107.12
C ARG L 1045 -5.58 16.91 106.31
N THR L 1046 -5.56 18.09 106.93
CA THR L 1046 -6.17 19.25 106.31
C THR L 1046 -5.18 20.36 105.93
N CYS L 1047 -5.63 21.26 105.07
CA CYS L 1047 -4.84 22.39 104.63
C CYS L 1047 -5.21 23.64 105.40
N ILE L 1048 -4.32 24.05 106.30
CA ILE L 1048 -4.48 25.31 106.99
C ILE L 1048 -3.25 26.14 106.70
N LEU L 1049 -3.45 27.35 106.17
CA LEU L 1049 -2.34 28.16 105.75
C LEU L 1049 -1.87 29.06 106.88
N GLN L 1050 -0.55 29.22 106.98
CA GLN L 1050 0.06 30.05 108.02
C GLN L 1050 1.42 30.58 107.57
N GLY L 1051 1.76 31.78 108.00
CA GLY L 1051 3.13 32.26 107.85
C GLY L 1051 4.04 31.44 108.74
N PRO L 1052 5.35 31.47 108.46
CA PRO L 1052 6.32 30.71 109.26
C PRO L 1052 6.60 31.40 110.59
N VAL L 1053 6.28 32.68 110.64
CA VAL L 1053 6.69 33.51 111.75
C VAL L 1053 5.49 34.02 112.54
N ALA L 1054 4.31 34.04 111.92
CA ALA L 1054 3.12 34.48 112.62
C ALA L 1054 2.40 33.34 113.36
N ALA L 1055 3.11 32.23 113.59
CA ALA L 1055 2.53 31.04 114.21
C ALA L 1055 2.77 31.01 115.72
N LYS L 1056 3.88 31.64 116.10
CA LYS L 1056 4.21 31.87 117.49
C LYS L 1056 3.30 32.95 118.06
N TYR L 1057 3.03 33.99 117.27
CA TYR L 1057 2.20 35.13 117.69
C TYR L 1057 0.72 34.79 117.92
N SER L 1058 0.38 33.51 117.89
CA SER L 1058 -0.95 33.05 118.25
C SER L 1058 -0.85 32.00 119.37
N LYS L 1059 -1.51 32.27 120.49
CA LYS L 1059 -1.42 31.38 121.65
C LYS L 1059 -2.78 31.05 122.28
N VAL L 1060 -3.70 32.00 122.22
CA VAL L 1060 -5.06 31.73 122.69
C VAL L 1060 -5.97 31.53 121.50
N ILE L 1061 -6.93 30.61 121.63
CA ILE L 1061 -7.87 30.39 120.56
C ILE L 1061 -9.15 31.14 120.82
N ASP L 1062 -9.97 31.31 119.78
CA ASP L 1062 -11.30 31.89 119.93
C ASP L 1062 -11.36 33.27 120.60
N GLU L 1063 -10.29 34.06 120.50
CA GLU L 1063 -10.35 35.42 121.01
C GLU L 1063 -11.22 36.25 120.09
N PRO L 1064 -12.09 37.07 120.65
CA PRO L 1064 -12.84 37.99 119.80
C PRO L 1064 -11.88 38.89 119.06
N ILE L 1065 -12.23 39.27 117.84
CA ILE L 1065 -11.32 40.04 116.99
C ILE L 1065 -11.32 41.48 117.44
N LYS L 1066 -12.47 41.97 117.85
CA LYS L 1066 -12.57 43.32 118.38
C LYS L 1066 -11.45 43.52 119.39
N ASP L 1067 -11.13 42.45 120.11
CA ASP L 1067 -10.09 42.48 121.14
C ASP L 1067 -8.69 42.52 120.56
N ILE L 1068 -8.36 41.52 119.75
CA ILE L 1068 -7.02 41.40 119.18
C ILE L 1068 -6.61 42.72 118.55
N LEU L 1069 -7.49 43.24 117.70
CA LEU L 1069 -7.22 44.48 116.99
C LEU L 1069 -7.13 45.66 117.95
N ASP L 1070 -8.20 45.87 118.73
CA ASP L 1070 -8.23 46.94 119.72
C ASP L 1070 -6.94 46.94 120.51
N GLY L 1071 -6.64 45.81 121.14
CA GLY L 1071 -5.45 45.66 121.96
C GLY L 1071 -4.19 46.09 121.25
N ILE L 1072 -4.06 45.67 120.00
CA ILE L 1072 -2.90 46.02 119.20
C ILE L 1072 -2.90 47.50 118.79
N HIS L 1073 -4.05 48.14 118.81
CA HIS L 1073 -4.11 49.57 118.53
C HIS L 1073 -3.70 50.36 119.76
N ASN L 1074 -4.18 49.90 120.90
CA ASN L 1074 -3.98 50.61 122.16
C ASN L 1074 -2.58 50.47 122.71
N ASP L 1075 -1.98 49.30 122.56
CA ASP L 1075 -0.58 49.15 122.93
C ASP L 1075 0.24 50.09 122.06
N HIS L 1076 -0.34 50.51 120.94
CA HIS L 1076 0.30 51.47 120.04
C HIS L 1076 0.16 52.92 120.52
N ILE L 1077 -1.05 53.32 120.90
CA ILE L 1077 -1.28 54.65 121.44
C ILE L 1077 -0.53 54.83 122.75
N LYS L 1078 -0.47 53.77 123.55
CA LYS L 1078 0.25 53.78 124.83
C LYS L 1078 1.76 53.78 124.65
N PHE L 1079 2.24 52.91 123.79
CA PHE L 1079 3.63 52.95 123.34
C PHE L 1079 3.95 54.36 122.84
N LEU L 1080 3.04 54.92 122.05
CA LEU L 1080 3.26 56.18 121.35
C LEU L 1080 3.19 57.40 122.28
N LEU L 1081 2.29 57.31 123.27
CA LEU L 1081 2.12 58.34 124.27
C LEU L 1081 3.35 58.42 125.15
N ARG L 1082 3.62 57.34 125.88
CA ARG L 1082 4.83 57.22 126.67
C ARG L 1082 6.10 57.65 125.92
N ASP L 1083 6.12 57.45 124.60
CA ASP L 1083 7.32 57.68 123.81
C ASP L 1083 7.48 59.10 123.26
N LEU L 1084 6.37 59.80 123.08
CA LEU L 1084 6.42 61.16 122.56
C LEU L 1084 5.46 62.15 123.19
N TYR L 1085 4.97 61.82 124.39
CA TYR L 1085 3.99 62.66 125.07
C TYR L 1085 4.16 62.73 126.61
N ASP L 1086 5.10 61.94 127.12
CA ASP L 1086 5.46 61.92 128.54
C ASP L 1086 4.40 61.28 129.41
N GLY L 1087 3.51 60.51 128.80
CA GLY L 1087 2.37 59.91 129.51
C GLY L 1087 1.22 60.90 129.59
N LYS L 1088 1.50 62.12 129.15
CA LYS L 1088 0.59 63.24 129.27
C LYS L 1088 -0.50 63.26 128.20
N GLU L 1089 -1.66 62.69 128.52
CA GLU L 1089 -2.82 62.68 127.62
C GLU L 1089 -3.26 64.07 127.17
N GLU L 1090 -2.79 65.08 127.90
CA GLU L 1090 -3.17 66.46 127.63
C GLU L 1090 -2.37 67.00 126.45
N ASN L 1091 -1.21 66.40 126.20
CA ASN L 1091 -0.31 66.81 125.12
C ASN L 1091 -0.79 66.33 123.76
N VAL L 1092 -1.92 65.63 123.76
CA VAL L 1092 -2.51 65.08 122.55
C VAL L 1092 -3.47 66.09 121.92
N PRO L 1093 -3.17 66.53 120.69
CA PRO L 1093 -4.07 67.44 119.97
C PRO L 1093 -5.47 66.84 119.84
N VAL L 1094 -6.46 67.66 119.52
CA VAL L 1094 -7.81 67.16 119.36
C VAL L 1094 -8.52 67.88 118.21
N ILE L 1095 -9.37 67.15 117.51
CA ILE L 1095 -10.12 67.73 116.40
C ILE L 1095 -11.60 67.40 116.52
N GLU L 1096 -12.40 68.10 115.72
CA GLU L 1096 -13.83 67.86 115.69
C GLU L 1096 -14.13 66.41 115.30
N TYR L 1097 -13.82 66.07 114.05
CA TYR L 1097 -14.02 64.71 113.54
C TYR L 1097 -12.76 64.24 112.85
N PHE L 1098 -12.44 62.96 113.01
CA PHE L 1098 -11.23 62.39 112.41
C PHE L 1098 -11.37 62.12 110.92
N GLY L 1099 -11.08 63.14 110.11
CA GLY L 1099 -11.18 63.03 108.66
C GLY L 1099 -9.87 63.33 107.96
N GLY L 1100 -9.94 64.11 106.87
CA GLY L 1100 -8.75 64.45 106.10
C GLY L 1100 -7.76 65.34 106.85
N ARG L 1101 -6.64 65.65 106.21
CA ARG L 1101 -5.71 66.61 106.78
C ARG L 1101 -5.98 67.99 106.18
N ILE L 1102 -5.55 69.05 106.86
CA ILE L 1102 -5.65 70.40 106.29
C ILE L 1102 -4.30 70.90 105.80
N LEU L 1103 -4.33 71.54 104.63
CA LEU L 1103 -3.16 72.27 104.14
C LEU L 1103 -3.21 73.68 104.72
N LYS L 1104 -2.45 73.89 105.80
CA LYS L 1104 -2.39 75.19 106.47
C LYS L 1104 -1.83 76.25 105.52
N ALA L 1105 -2.53 77.37 105.43
CA ALA L 1105 -2.06 78.48 104.61
C ALA L 1105 -1.27 79.48 105.48
N THR L 1106 -0.11 79.90 104.98
CA THR L 1106 0.64 80.98 105.62
C THR L 1106 0.16 82.31 105.03
N ASP L 1107 -0.20 82.28 103.75
CA ASP L 1107 -0.78 83.43 103.05
C ASP L 1107 -2.20 83.52 103.48
N GLU L 1108 -2.90 82.56 102.89
CA GLU L 1108 -4.32 82.46 103.04
C GLU L 1108 -4.93 83.56 102.18
N GLU L 1109 -4.33 83.77 101.01
CA GLU L 1109 -4.80 84.76 100.03
C GLU L 1109 -5.15 84.08 98.71
N PRO L 1110 -6.42 84.25 98.23
CA PRO L 1110 -6.99 83.65 97.02
C PRO L 1110 -6.43 84.21 95.69
N ASP L 1111 -5.32 83.61 95.22
CA ASP L 1111 -4.68 84.01 93.96
C ASP L 1111 -5.30 83.30 92.75
N ILE L 1112 -6.62 83.41 92.60
CA ILE L 1112 -7.36 82.63 91.60
C ILE L 1112 -8.03 83.48 90.52
N ASP L 1113 -8.08 82.94 89.30
CA ASP L 1113 -8.65 83.65 88.15
C ASP L 1113 -10.17 83.65 88.14
N GLY L 1114 -10.75 84.75 87.66
CA GLY L 1114 -12.19 84.89 87.56
C GLY L 1114 -12.85 85.08 88.91
N LEU L 1115 -12.16 84.64 89.96
CA LEU L 1115 -12.66 84.76 91.33
C LEU L 1115 -12.15 85.99 92.05
N THR L 1116 -13.08 86.72 92.66
CA THR L 1116 -12.73 87.80 93.56
C THR L 1116 -13.12 87.36 94.99
N ALA L 1117 -12.39 87.86 95.99
CA ALA L 1117 -12.62 87.46 97.39
C ALA L 1117 -12.65 88.67 98.34
N SER L 1118 -13.60 88.67 99.26
CA SER L 1118 -13.80 89.78 100.19
C SER L 1118 -14.35 89.26 101.53
N ARG L 1119 -14.17 90.00 102.63
CA ARG L 1119 -14.79 89.61 103.91
C ARG L 1119 -14.80 90.66 105.03
N ASP L 1120 -15.93 90.73 105.73
CA ASP L 1120 -16.07 91.47 106.98
C ASP L 1120 -15.78 90.51 108.14
N ALA L 1121 -16.35 90.81 109.31
CA ALA L 1121 -16.38 89.85 110.41
C ALA L 1121 -17.77 89.20 110.39
N ASN L 1122 -18.59 89.63 109.44
CA ASN L 1122 -19.96 89.16 109.28
C ASN L 1122 -20.13 88.19 108.12
N LYS L 1123 -19.43 88.46 107.02
CA LYS L 1123 -19.68 87.74 105.77
C LYS L 1123 -18.45 87.63 104.88
N ILE L 1124 -18.19 86.41 104.38
CA ILE L 1124 -17.13 86.18 103.40
C ILE L 1124 -17.72 86.10 101.97
N SER L 1125 -17.29 87.03 101.12
CA SER L 1125 -17.82 87.18 99.77
C SER L 1125 -16.96 86.51 98.67
N TYR L 1126 -17.55 85.57 97.95
CA TYR L 1126 -16.89 84.95 96.80
C TYR L 1126 -17.72 85.14 95.54
N ARG L 1127 -17.16 85.88 94.60
CA ARG L 1127 -17.85 86.19 93.35
C ARG L 1127 -17.03 85.74 92.15
N LEU L 1128 -17.65 84.90 91.33
CA LEU L 1128 -17.02 84.45 90.10
C LEU L 1128 -17.38 85.41 88.97
N SER L 1129 -16.41 85.61 88.07
CA SER L 1129 -16.52 86.59 86.99
C SER L 1129 -17.75 86.33 86.11
N ASN L 1130 -18.42 87.41 85.71
CA ASN L 1130 -19.53 87.30 84.76
C ASN L 1130 -19.05 87.56 83.34
N ALA L 1131 -17.73 87.47 83.14
CA ALA L 1131 -17.12 87.66 81.82
C ALA L 1131 -17.51 86.51 80.88
N PRO L 1132 -17.98 86.85 79.68
CA PRO L 1132 -18.26 85.86 78.65
C PRO L 1132 -17.05 84.97 78.39
N SER L 1133 -15.86 85.51 78.67
CA SER L 1133 -14.61 84.78 78.48
C SER L 1133 -14.52 83.56 79.38
N ALA L 1134 -13.79 82.55 78.94
CA ALA L 1134 -13.69 81.28 79.65
C ALA L 1134 -12.48 81.19 80.59
N ASN L 1135 -12.68 81.58 81.84
CA ASN L 1135 -11.70 81.32 82.89
C ASN L 1135 -12.31 81.26 84.29
N LEU L 1136 -12.12 80.12 84.96
CA LEU L 1136 -12.64 79.89 86.31
C LEU L 1136 -11.82 78.86 87.07
N PRO L 1137 -11.92 78.88 88.41
CA PRO L 1137 -11.19 77.92 89.25
C PRO L 1137 -11.77 76.53 89.11
N ASP L 1138 -11.16 75.56 89.78
CA ASP L 1138 -11.65 74.19 89.75
C ASP L 1138 -13.07 74.13 90.30
N VAL L 1139 -13.65 72.94 90.22
CA VAL L 1139 -14.80 72.63 91.02
C VAL L 1139 -14.24 72.10 92.33
N ASP L 1140 -12.95 71.76 92.29
CA ASP L 1140 -12.20 71.29 93.46
C ASP L 1140 -11.62 72.42 94.30
N SER L 1141 -10.87 73.32 93.66
CA SER L 1141 -10.35 74.50 94.34
C SER L 1141 -11.47 75.32 94.95
N PHE L 1142 -12.55 75.47 94.20
CA PHE L 1142 -13.71 76.26 94.64
C PHE L 1142 -14.38 75.68 95.88
N MET L 1143 -14.27 74.36 96.05
CA MET L 1143 -14.86 73.68 97.21
C MET L 1143 -13.88 73.55 98.40
N GLN L 1144 -12.61 73.89 98.17
CA GLN L 1144 -11.64 74.00 99.24
C GLN L 1144 -11.89 75.30 100.00
N LEU L 1145 -12.17 76.34 99.22
CA LEU L 1145 -12.30 77.70 99.73
C LEU L 1145 -13.65 77.92 100.40
N ILE L 1146 -14.51 76.91 100.39
CA ILE L 1146 -15.78 77.00 101.11
C ILE L 1146 -15.79 76.08 102.34
N ALA L 1147 -14.79 75.21 102.42
CA ALA L 1147 -14.66 74.34 103.58
C ALA L 1147 -13.90 75.04 104.72
N GLY L 1148 -12.85 75.79 104.36
CA GLY L 1148 -12.05 76.48 105.35
C GLY L 1148 -11.12 75.54 106.08
N ASN L 1149 -10.31 76.08 107.00
CA ASN L 1149 -9.38 75.27 107.79
C ASN L 1149 -9.98 74.71 109.09
N SER L 1150 -11.03 75.35 109.58
CA SER L 1150 -11.70 74.87 110.79
C SER L 1150 -12.43 73.56 110.51
N TYR L 1151 -12.15 72.52 111.30
CA TYR L 1151 -12.93 71.28 111.19
C TYR L 1151 -14.36 71.49 111.68
N SER L 1152 -15.20 72.03 110.80
CA SER L 1152 -16.58 72.32 111.14
C SER L 1152 -17.52 71.40 110.38
N TRP L 1153 -18.82 71.57 110.56
CA TRP L 1153 -19.76 70.88 109.69
C TRP L 1153 -19.69 71.46 108.29
N ARG L 1154 -19.45 72.76 108.19
CA ARG L 1154 -19.38 73.42 106.89
C ARG L 1154 -18.16 72.94 106.07
N HIS L 1155 -17.12 72.51 106.78
CA HIS L 1155 -15.94 71.93 106.13
C HIS L 1155 -16.19 70.50 105.68
N ALA L 1156 -16.97 69.75 106.46
CA ALA L 1156 -17.29 68.36 106.11
C ALA L 1156 -18.32 68.28 104.98
N MET L 1157 -19.15 69.31 104.84
CA MET L 1157 -20.15 69.37 103.76
C MET L 1157 -19.52 69.59 102.38
N PHE L 1158 -18.37 70.26 102.36
CA PHE L 1158 -17.68 70.56 101.12
C PHE L 1158 -16.42 69.72 100.97
N THR L 1159 -16.28 68.71 101.83
CA THR L 1159 -15.15 67.78 101.76
C THR L 1159 -15.58 66.37 101.33
N THR L 1160 -16.42 65.72 102.14
CA THR L 1160 -16.91 64.38 101.82
C THR L 1160 -17.84 64.42 100.61
N GLU L 1161 -17.43 63.71 99.56
CA GLU L 1161 -18.21 63.54 98.34
C GLU L 1161 -19.24 62.43 98.53
N VAL L 1162 -19.12 61.71 99.64
CA VAL L 1162 -20.05 60.64 99.96
C VAL L 1162 -21.05 61.06 101.03
N PHE L 1163 -22.29 61.29 100.63
CA PHE L 1163 -23.36 61.46 101.60
C PHE L 1163 -24.05 60.13 101.82
N VAL L 1164 -24.03 59.63 103.05
CA VAL L 1164 -24.67 58.37 103.38
C VAL L 1164 -26.19 58.52 103.41
N GLN L 1165 -26.91 57.61 102.75
CA GLN L 1165 -28.35 57.58 102.86
C GLN L 1165 -28.84 56.15 103.05
N GLY L 1166 -29.22 55.84 104.29
CA GLY L 1166 -29.52 54.47 104.65
C GLY L 1166 -28.21 53.71 104.64
N HIS L 1167 -28.05 52.81 103.69
CA HIS L 1167 -26.80 52.09 103.57
C HIS L 1167 -26.16 52.30 102.21
N ARG L 1168 -26.55 53.39 101.57
CA ARG L 1168 -26.06 53.72 100.24
C ARG L 1168 -25.14 54.92 100.30
N PHE L 1169 -24.15 54.94 99.41
CA PHE L 1169 -23.37 56.14 99.20
C PHE L 1169 -24.12 56.99 98.18
N GLN L 1170 -23.74 58.26 98.07
CA GLN L 1170 -24.27 59.12 97.03
C GLN L 1170 -23.28 60.24 96.79
N THR L 1171 -23.22 60.68 95.55
CA THR L 1171 -22.28 61.71 95.17
C THR L 1171 -22.70 63.03 95.79
N ASN L 1172 -21.74 63.70 96.42
CA ASN L 1172 -21.97 64.99 97.05
C ASN L 1172 -22.59 66.00 96.09
N PRO L 1173 -23.90 66.25 96.24
CA PRO L 1173 -24.63 67.17 95.36
C PRO L 1173 -24.05 68.58 95.38
N LEU L 1174 -23.28 68.91 96.41
CA LEU L 1174 -22.66 70.23 96.51
C LEU L 1174 -21.58 70.41 95.44
N LYS L 1175 -21.11 69.30 94.87
CA LYS L 1175 -20.13 69.35 93.80
C LYS L 1175 -20.73 69.93 92.52
N ARG L 1176 -21.98 69.55 92.23
CA ARG L 1176 -22.68 70.05 91.05
C ARG L 1176 -23.30 71.41 91.31
N LEU L 1177 -23.82 71.59 92.52
CA LEU L 1177 -24.43 72.86 92.88
C LEU L 1177 -23.40 73.99 92.88
N PHE L 1178 -22.27 73.74 93.55
CA PHE L 1178 -21.22 74.75 93.74
C PHE L 1178 -20.11 74.72 92.69
N ALA L 1179 -20.42 74.16 91.53
CA ALA L 1179 -19.49 74.21 90.40
C ALA L 1179 -19.54 75.58 89.76
N PRO L 1180 -18.35 76.16 89.48
CA PRO L 1180 -18.23 77.52 88.93
C PRO L 1180 -19.25 77.83 87.82
N THR L 1181 -19.75 79.06 87.85
CA THR L 1181 -20.80 79.53 86.94
C THR L 1181 -20.46 80.93 86.45
N ARG L 1182 -21.04 81.34 85.33
CA ARG L 1182 -20.85 82.70 84.82
C ARG L 1182 -21.52 83.72 85.75
N GLY L 1183 -20.75 84.21 86.73
CA GLY L 1183 -21.21 85.25 87.66
C GLY L 1183 -21.99 84.76 88.87
N MET L 1184 -21.45 83.78 89.59
CA MET L 1184 -22.12 83.27 90.78
C MET L 1184 -21.56 83.92 92.04
N TYR L 1185 -22.39 83.96 93.07
CA TYR L 1185 -22.05 84.62 94.33
C TYR L 1185 -22.23 83.66 95.50
N VAL L 1186 -21.21 83.57 96.34
CA VAL L 1186 -21.27 82.69 97.49
C VAL L 1186 -20.83 83.39 98.77
N GLU L 1187 -21.76 83.52 99.73
CA GLU L 1187 -21.52 84.22 100.98
C GLU L 1187 -21.52 83.27 102.17
N ILE L 1188 -20.64 83.54 103.13
CA ILE L 1188 -20.56 82.75 104.34
C ILE L 1188 -20.72 83.63 105.58
N THR L 1189 -21.97 83.77 106.02
CA THR L 1189 -22.31 84.62 107.16
C THR L 1189 -21.88 83.98 108.48
N ASN L 1190 -21.41 84.81 109.41
CA ASN L 1190 -20.87 84.34 110.69
C ASN L 1190 -19.90 83.20 110.43
N PRO L 1191 -18.87 83.46 109.62
CA PRO L 1191 -17.94 82.44 109.10
C PRO L 1191 -17.37 81.53 110.18
N ASP L 1192 -16.77 82.10 111.22
CA ASP L 1192 -16.05 81.31 112.22
C ASP L 1192 -16.90 80.89 113.42
N ASP L 1193 -18.18 81.28 113.39
CA ASP L 1193 -19.16 80.85 114.39
C ASP L 1193 -20.00 79.71 113.86
N PRO L 1194 -19.53 78.47 114.07
CA PRO L 1194 -20.09 77.24 113.50
C PRO L 1194 -21.62 77.20 113.50
N ALA L 1195 -22.22 77.14 114.69
CA ALA L 1195 -23.66 76.95 114.81
C ALA L 1195 -24.50 78.04 114.13
N LYS L 1196 -23.86 79.16 113.80
CA LYS L 1196 -24.58 80.29 113.22
C LYS L 1196 -24.17 80.63 111.79
N THR L 1197 -23.33 79.79 111.19
CA THR L 1197 -22.85 80.09 109.84
C THR L 1197 -23.93 79.77 108.79
N VAL L 1198 -24.03 80.65 107.79
CA VAL L 1198 -25.01 80.53 106.72
C VAL L 1198 -24.36 80.75 105.36
N ILE L 1199 -24.53 79.77 104.46
CA ILE L 1199 -23.93 79.81 103.13
C ILE L 1199 -25.01 79.98 102.05
N SER L 1200 -24.84 81.00 101.21
CA SER L 1200 -25.83 81.30 100.19
C SER L 1200 -25.21 81.53 98.81
N VAL L 1201 -26.01 81.26 97.78
CA VAL L 1201 -25.56 81.40 96.40
C VAL L 1201 -26.49 82.28 95.57
N ARG L 1202 -25.91 83.08 94.69
CA ARG L 1202 -26.65 83.93 93.77
C ARG L 1202 -26.09 83.87 92.35
N GLU L 1203 -26.92 83.40 91.43
CA GLU L 1203 -26.55 83.38 90.02
C GLU L 1203 -27.50 84.27 89.24
N PRO L 1204 -27.05 84.80 88.10
CA PRO L 1204 -27.91 85.68 87.29
C PRO L 1204 -29.15 84.97 86.75
N SER L 1205 -30.32 85.57 86.94
CA SER L 1205 -31.54 85.06 86.32
C SER L 1205 -31.44 85.19 84.80
N GLN L 1206 -32.40 84.59 84.09
CA GLN L 1206 -32.46 84.77 82.64
C GLN L 1206 -32.94 86.19 82.35
N SER L 1207 -31.97 87.09 82.17
CA SER L 1207 -32.20 88.51 81.87
C SER L 1207 -32.34 89.39 83.12
N ALA L 1208 -32.28 88.77 84.30
CA ALA L 1208 -32.40 89.51 85.55
C ALA L 1208 -31.11 89.49 86.39
N LYS L 1209 -31.08 90.31 87.44
CA LYS L 1209 -29.94 90.38 88.34
C LYS L 1209 -29.89 89.15 89.25
N LEU L 1210 -28.69 88.83 89.73
CA LEU L 1210 -28.43 87.65 90.58
C LEU L 1210 -29.50 87.36 91.64
N VAL L 1211 -29.99 86.12 91.64
CA VAL L 1211 -31.09 85.72 92.52
C VAL L 1211 -30.64 84.63 93.50
N LYS L 1212 -31.40 84.48 94.57
CA LYS L 1212 -31.11 83.51 95.62
C LYS L 1212 -31.43 82.11 95.12
N THR L 1213 -30.48 81.20 95.26
CA THR L 1213 -30.60 79.88 94.69
C THR L 1213 -30.48 78.78 95.74
N VAL L 1214 -29.38 78.80 96.46
CA VAL L 1214 -29.08 77.78 97.45
C VAL L 1214 -28.77 78.41 98.80
N GLU L 1215 -29.16 77.73 99.87
CA GLU L 1215 -28.80 78.17 101.20
C GLU L 1215 -28.58 76.96 102.09
N ILE L 1216 -27.58 77.05 102.96
CA ILE L 1216 -27.33 76.02 103.96
C ILE L 1216 -27.11 76.63 105.35
N LYS L 1217 -27.88 76.14 106.32
CA LYS L 1217 -27.79 76.60 107.70
C LYS L 1217 -28.05 75.41 108.61
N LEU L 1218 -28.08 75.63 109.92
CA LEU L 1218 -28.43 74.55 110.85
C LEU L 1218 -29.86 74.66 111.36
N VAL L 1219 -30.34 73.61 112.01
CA VAL L 1219 -31.64 73.57 112.69
C VAL L 1219 -31.61 72.38 113.65
N GLY L 1220 -32.32 72.50 114.77
CA GLY L 1220 -32.39 71.40 115.72
C GLY L 1220 -31.07 70.70 115.96
N ASP L 1221 -30.03 71.49 116.19
CA ASP L 1221 -28.65 71.04 116.47
C ASP L 1221 -27.78 70.64 115.26
N ASN L 1222 -27.98 69.43 114.75
CA ASN L 1222 -27.14 68.88 113.68
C ASN L 1222 -27.86 68.88 112.34
N GLU L 1223 -29.19 68.84 112.36
CA GLU L 1223 -29.96 68.82 111.13
C GLU L 1223 -29.65 70.03 110.24
N ILE L 1224 -28.89 69.79 109.18
CA ILE L 1224 -28.51 70.83 108.25
C ILE L 1224 -29.60 70.98 107.19
N ALA L 1225 -29.85 72.21 106.78
CA ALA L 1225 -30.90 72.48 105.82
C ALA L 1225 -30.32 72.90 104.48
N LEU L 1226 -30.35 71.96 103.53
CA LEU L 1226 -29.95 72.28 102.17
C LEU L 1226 -31.18 72.73 101.40
N THR L 1227 -31.20 74.00 101.01
CA THR L 1227 -32.39 74.59 100.46
C THR L 1227 -32.23 75.18 99.07
N LEU L 1228 -33.21 74.90 98.24
CA LEU L 1228 -33.23 75.37 96.86
C LEU L 1228 -34.43 76.30 96.67
N PHE L 1229 -34.25 77.34 95.86
CA PHE L 1229 -35.30 78.33 95.67
C PHE L 1229 -35.63 78.52 94.19
N GLU L 1230 -36.77 78.01 93.78
CA GLU L 1230 -37.18 78.15 92.39
C GLU L 1230 -38.15 79.30 92.16
N GLY L 1231 -37.67 80.33 91.47
CA GLY L 1231 -38.46 81.50 91.15
C GLY L 1231 -39.82 81.22 90.54
N ARG L 1232 -39.84 80.98 89.23
CA ARG L 1232 -41.09 80.78 88.49
C ARG L 1232 -41.85 79.56 88.98
N THR L 1233 -43.02 79.80 89.58
CA THR L 1233 -43.87 78.73 90.06
C THR L 1233 -45.34 79.05 89.79
N ALA L 1234 -46.24 78.21 90.31
CA ALA L 1234 -47.67 78.33 90.09
C ALA L 1234 -48.26 79.54 90.81
N GLU L 1235 -47.53 80.02 91.81
CA GLU L 1235 -48.02 81.09 92.68
C GLU L 1235 -47.21 82.38 92.54
N GLY L 1236 -46.32 82.43 91.55
CA GLY L 1236 -45.51 83.61 91.28
C GLY L 1236 -44.55 83.99 92.41
N GLY L 1237 -44.30 83.05 93.31
CA GLY L 1237 -43.42 83.31 94.44
C GLY L 1237 -42.40 82.22 94.62
N VAL L 1238 -41.20 82.63 95.05
CA VAL L 1238 -40.07 81.70 95.19
C VAL L 1238 -40.31 80.59 96.23
N VAL L 1239 -40.68 79.41 95.75
CA VAL L 1239 -40.92 78.26 96.61
C VAL L 1239 -39.61 77.53 96.92
N PRO L 1240 -39.40 77.16 98.19
CA PRO L 1240 -38.18 76.50 98.66
C PRO L 1240 -38.34 74.98 98.83
N LEU L 1241 -37.33 74.23 98.41
CA LEU L 1241 -37.28 72.79 98.65
C LEU L 1241 -36.05 72.52 99.50
N THR L 1242 -36.20 71.66 100.50
CA THR L 1242 -35.11 71.43 101.44
C THR L 1242 -34.87 69.97 101.82
N PHE L 1243 -33.59 69.59 101.84
CA PHE L 1243 -33.15 68.26 102.23
C PHE L 1243 -32.45 68.37 103.58
N ARG L 1244 -32.78 67.49 104.51
CA ARG L 1244 -32.22 67.59 105.84
C ARG L 1244 -31.11 66.53 106.07
N PHE L 1245 -30.08 66.91 106.83
CA PHE L 1245 -28.89 66.09 107.04
C PHE L 1245 -28.45 66.08 108.49
N THR L 1246 -28.31 64.91 109.10
CA THR L 1246 -27.62 64.85 110.40
C THR L 1246 -26.09 64.95 110.20
N TYR L 1247 -25.34 65.02 111.29
CA TYR L 1247 -23.89 65.27 111.19
C TYR L 1247 -23.17 64.80 112.45
N HIS L 1248 -22.58 63.59 112.38
CA HIS L 1248 -21.95 63.00 113.55
C HIS L 1248 -20.45 62.84 113.35
N PRO L 1249 -19.69 63.91 113.66
CA PRO L 1249 -18.22 63.92 113.67
C PRO L 1249 -17.61 62.76 114.48
N GLU L 1250 -18.50 61.94 115.05
CA GLU L 1250 -18.14 60.65 115.59
C GLU L 1250 -17.24 59.97 114.55
N ALA L 1251 -17.85 59.64 113.41
CA ALA L 1251 -17.22 58.94 112.30
C ALA L 1251 -16.65 59.93 111.26
N GLY L 1252 -15.32 60.09 111.28
CA GLY L 1252 -14.65 61.05 110.41
C GLY L 1252 -14.75 60.74 108.92
N TYR L 1253 -15.00 59.49 108.60
CA TYR L 1253 -15.10 59.04 107.22
C TYR L 1253 -16.38 59.52 106.54
N ALA L 1254 -17.51 59.32 107.19
CA ALA L 1254 -18.78 59.78 106.68
C ALA L 1254 -19.43 60.68 107.72
N PRO L 1255 -18.93 61.92 107.82
CA PRO L 1255 -19.39 62.91 108.79
C PRO L 1255 -20.83 63.32 108.52
N ILE L 1256 -21.27 63.15 107.27
CA ILE L 1256 -22.61 63.59 106.89
C ILE L 1256 -23.49 62.44 106.44
N ARG L 1257 -24.73 62.49 106.90
CA ARG L 1257 -25.77 61.56 106.47
C ARG L 1257 -26.95 62.40 105.99
N GLU L 1258 -27.99 61.74 105.46
CA GLU L 1258 -29.20 62.46 105.07
C GLU L 1258 -30.42 61.93 105.80
N VAL L 1259 -31.30 62.84 106.14
CA VAL L 1259 -32.56 62.50 106.77
C VAL L 1259 -33.51 61.91 105.76
N MET L 1260 -33.87 60.66 105.97
CA MET L 1260 -34.61 59.93 104.96
C MET L 1260 -36.11 60.07 105.04
N GLU L 1261 -36.68 59.62 106.14
CA GLU L 1261 -38.12 59.63 106.31
C GLU L 1261 -38.75 60.90 105.78
N GLY L 1262 -39.77 60.72 104.95
CA GLY L 1262 -40.54 61.85 104.43
C GLY L 1262 -40.01 62.43 103.14
N ARG L 1263 -38.71 62.26 102.89
CA ARG L 1263 -38.07 62.82 101.71
C ARG L 1263 -38.95 62.74 100.46
N ASN L 1264 -39.54 61.57 100.23
CA ASN L 1264 -40.45 61.38 99.10
C ASN L 1264 -41.65 62.33 99.19
N ASP L 1265 -42.38 62.20 100.30
CA ASP L 1265 -43.57 63.00 100.54
C ASP L 1265 -43.26 64.50 100.54
N ARG L 1266 -42.18 64.86 101.25
CA ARG L 1266 -41.70 66.25 101.40
C ARG L 1266 -41.47 66.93 100.06
N ILE L 1267 -40.86 66.19 99.15
CA ILE L 1267 -40.56 66.70 97.83
C ILE L 1267 -41.80 66.75 96.97
N LYS L 1268 -42.64 65.72 97.07
CA LYS L 1268 -43.91 65.69 96.33
C LYS L 1268 -44.74 66.90 96.66
N GLU L 1269 -44.78 67.22 97.96
CA GLU L 1269 -45.48 68.40 98.45
C GLU L 1269 -45.00 69.60 97.66
N PHE L 1270 -43.68 69.80 97.66
CA PHE L 1270 -43.05 70.87 96.88
C PHE L 1270 -43.66 71.01 95.48
N TYR L 1271 -43.54 69.95 94.68
CA TYR L 1271 -44.06 69.96 93.32
C TYR L 1271 -45.52 70.36 93.29
N TYR L 1272 -46.32 69.73 94.13
CA TYR L 1272 -47.75 70.01 94.17
C TYR L 1272 -47.99 71.51 94.30
N ARG L 1273 -47.24 72.15 95.18
CA ARG L 1273 -47.36 73.58 95.42
C ARG L 1273 -46.89 74.36 94.20
N VAL L 1274 -45.88 73.83 93.51
CA VAL L 1274 -45.30 74.49 92.36
C VAL L 1274 -46.15 74.29 91.09
N TRP L 1275 -47.06 73.31 91.10
CA TRP L 1275 -47.88 73.04 89.93
C TRP L 1275 -49.29 73.60 90.02
N PHE L 1276 -49.92 73.48 91.18
CA PHE L 1276 -51.31 73.92 91.36
C PHE L 1276 -51.49 74.96 92.46
N ALA L 1277 -50.41 75.25 93.19
CA ALA L 1277 -50.40 76.24 94.27
C ALA L 1277 -51.19 75.82 95.52
N GLU L 1278 -51.57 74.55 95.58
CA GLU L 1278 -52.22 74.00 96.77
C GLU L 1278 -51.21 73.18 97.57
N LYS L 1279 -51.00 73.55 98.83
CA LYS L 1279 -50.01 72.87 99.67
C LYS L 1279 -50.54 71.54 100.20
N GLU L 1280 -51.86 71.39 100.22
CA GLU L 1280 -52.50 70.18 100.73
C GLU L 1280 -52.69 69.15 99.62
N VAL L 1281 -51.96 68.04 99.77
CA VAL L 1281 -51.70 67.07 98.70
C VAL L 1281 -52.28 65.69 98.98
N PRO L 1282 -53.23 65.23 98.14
CA PRO L 1282 -54.03 64.02 98.37
C PRO L 1282 -53.17 62.76 98.42
N PHE L 1283 -52.68 62.40 99.59
CA PHE L 1283 -51.82 61.23 99.74
C PHE L 1283 -52.58 59.92 99.78
N ASP L 1284 -53.59 59.86 100.64
CA ASP L 1284 -54.27 58.61 100.96
C ASP L 1284 -55.26 58.20 99.88
N THR L 1285 -55.47 59.07 98.89
CA THR L 1285 -56.35 58.77 97.77
C THR L 1285 -55.93 57.46 97.08
N PRO L 1286 -56.86 56.50 96.93
CA PRO L 1286 -56.55 55.20 96.32
C PRO L 1286 -56.34 55.33 94.83
N LEU L 1287 -55.54 54.45 94.26
CA LEU L 1287 -55.15 54.55 92.86
C LEU L 1287 -56.29 54.06 91.99
N THR L 1288 -57.27 53.45 92.63
CA THR L 1288 -58.47 53.00 91.96
C THR L 1288 -59.32 54.21 91.68
N ALA L 1289 -59.13 55.20 92.53
CA ALA L 1289 -59.92 56.40 92.47
C ALA L 1289 -59.87 57.02 91.08
N VAL L 1290 -60.94 57.72 90.74
CA VAL L 1290 -60.98 58.58 89.59
C VAL L 1290 -60.63 59.99 90.06
N PHE L 1291 -59.96 60.75 89.22
CA PHE L 1291 -59.42 62.03 89.67
C PHE L 1291 -60.12 63.17 88.94
N ASP L 1292 -60.53 64.18 89.70
CA ASP L 1292 -61.21 65.35 89.12
C ASP L 1292 -60.20 66.47 88.83
N GLY L 1293 -60.20 66.97 87.60
CA GLY L 1293 -59.36 68.08 87.22
C GLY L 1293 -60.15 69.36 87.31
N GLY L 1294 -61.46 69.23 87.13
CA GLY L 1294 -62.38 70.33 87.29
C GLY L 1294 -63.00 70.81 85.99
N ARG L 1295 -63.99 71.70 86.11
CA ARG L 1295 -64.58 72.35 84.95
C ARG L 1295 -63.52 73.26 84.36
N GLU L 1296 -63.62 73.54 83.07
CA GLU L 1296 -62.68 74.44 82.43
C GLU L 1296 -63.18 75.09 81.14
N ILE L 1297 -63.02 76.40 81.05
CA ILE L 1297 -63.34 77.10 79.82
C ILE L 1297 -62.06 77.50 79.13
N VAL L 1298 -62.02 77.22 77.84
CA VAL L 1298 -60.87 77.52 77.01
C VAL L 1298 -60.80 79.00 76.72
N ASN L 1299 -59.86 79.71 77.35
CA ASN L 1299 -59.78 81.14 77.08
C ASN L 1299 -59.31 81.42 75.66
N ALA L 1300 -60.10 82.21 74.94
CA ALA L 1300 -59.75 82.65 73.59
C ALA L 1300 -58.28 83.09 73.53
N GLN L 1301 -57.82 83.77 74.58
CA GLN L 1301 -56.44 84.22 74.68
C GLN L 1301 -55.48 83.08 75.00
N ALA L 1302 -55.76 82.38 76.09
CA ALA L 1302 -54.95 81.24 76.54
C ALA L 1302 -54.55 80.32 75.38
N VAL L 1303 -55.46 80.18 74.41
CA VAL L 1303 -55.19 79.43 73.18
C VAL L 1303 -54.03 80.06 72.39
N ALA L 1304 -54.24 81.28 71.90
CA ALA L 1304 -53.22 81.97 71.11
C ALA L 1304 -51.86 82.04 71.81
N ASP L 1305 -51.88 82.06 73.14
CA ASP L 1305 -50.65 82.08 73.93
C ASP L 1305 -49.86 80.79 73.72
N PHE L 1306 -50.59 79.68 73.71
CA PHE L 1306 -50.03 78.35 73.54
C PHE L 1306 -49.44 78.18 72.13
N VAL L 1307 -50.28 78.47 71.13
CA VAL L 1307 -49.89 78.48 69.73
C VAL L 1307 -48.59 79.26 69.53
N HIS L 1308 -48.60 80.55 69.87
CA HIS L 1308 -47.44 81.44 69.67
C HIS L 1308 -46.21 80.95 70.43
N ALA L 1309 -46.42 80.04 71.36
CA ALA L 1309 -45.32 79.52 72.16
C ALA L 1309 -44.68 78.30 71.51
N VAL L 1310 -45.47 77.24 71.33
CA VAL L 1310 -44.95 75.98 70.77
C VAL L 1310 -44.47 76.15 69.34
N GLY L 1311 -45.22 76.90 68.54
CA GLY L 1311 -44.78 77.25 67.20
C GLY L 1311 -45.79 77.08 66.10
N ASN L 1312 -46.93 76.47 66.39
CA ASN L 1312 -47.94 76.22 65.35
C ASN L 1312 -48.61 77.51 64.81
N THR L 1313 -48.95 77.53 63.53
CA THR L 1313 -49.53 78.73 62.91
C THR L 1313 -50.59 78.43 61.86
N GLY L 1314 -51.64 77.72 62.27
CA GLY L 1314 -52.68 77.32 61.34
C GLY L 1314 -53.87 78.24 61.40
N GLU L 1315 -54.39 78.60 60.23
CA GLU L 1315 -55.53 79.54 60.13
C GLU L 1315 -56.80 78.98 60.80
N ALA L 1316 -56.68 77.81 61.39
CA ALA L 1316 -57.75 77.27 62.23
C ALA L 1316 -57.53 77.78 63.65
N PHE L 1317 -56.29 77.73 64.11
CA PHE L 1317 -55.87 78.27 65.41
C PHE L 1317 -56.12 79.77 65.59
N VAL L 1318 -56.33 80.46 64.48
CA VAL L 1318 -56.60 81.89 64.48
C VAL L 1318 -58.00 82.16 63.91
N ASP L 1319 -58.59 83.30 64.28
CA ASP L 1319 -60.00 83.63 63.97
C ASP L 1319 -60.40 83.63 62.49
N ARG L 1320 -59.54 84.16 61.63
CA ARG L 1320 -59.80 84.21 60.20
C ARG L 1320 -60.03 82.82 59.60
N GLY L 1321 -60.43 82.78 58.34
CA GLY L 1321 -60.83 81.53 57.72
C GLY L 1321 -62.17 81.14 58.30
N LYS L 1322 -62.79 80.09 57.77
CA LYS L 1322 -64.10 79.71 58.25
C LYS L 1322 -64.02 78.77 59.45
N ASP L 1323 -62.80 78.58 59.96
CA ASP L 1323 -62.55 77.70 61.11
C ASP L 1323 -61.71 78.37 62.21
N PHE L 1324 -62.18 78.31 63.45
CA PHE L 1324 -61.37 78.64 64.64
C PHE L 1324 -61.36 77.50 65.67
N PHE L 1325 -60.20 76.86 65.82
CA PHE L 1325 -60.07 75.69 66.66
C PHE L 1325 -58.83 75.73 67.53
N ALA L 1326 -58.88 74.97 68.62
CA ALA L 1326 -57.78 74.89 69.54
C ALA L 1326 -57.03 73.58 69.31
N PRO L 1327 -55.69 73.64 69.43
CA PRO L 1327 -54.78 72.48 69.39
C PRO L 1327 -55.29 71.38 70.30
N MET L 1328 -55.18 70.13 69.90
CA MET L 1328 -55.54 69.06 70.82
C MET L 1328 -54.42 68.88 71.83
N ASP L 1329 -53.30 69.58 71.60
CA ASP L 1329 -52.18 69.65 72.54
C ASP L 1329 -52.62 70.43 73.78
N PHE L 1330 -53.73 71.14 73.62
CA PHE L 1330 -54.30 71.94 74.70
C PHE L 1330 -54.96 71.03 75.73
N ALA L 1331 -55.29 69.81 75.34
CA ALA L 1331 -55.87 68.86 76.27
C ALA L 1331 -54.94 68.66 77.45
N ILE L 1332 -53.63 68.65 77.19
CA ILE L 1332 -52.64 68.50 78.25
C ILE L 1332 -52.46 69.77 79.08
N VAL L 1333 -52.84 70.90 78.51
CA VAL L 1333 -52.81 72.15 79.26
C VAL L 1333 -54.08 72.25 80.13
N VAL L 1334 -55.23 71.89 79.55
CA VAL L 1334 -56.52 71.88 80.25
C VAL L 1334 -56.54 70.83 81.36
N GLY L 1335 -56.36 69.58 80.98
CA GLY L 1335 -56.39 68.50 81.94
C GLY L 1335 -55.10 68.29 82.70
N TRP L 1336 -54.20 69.28 82.66
CA TRP L 1336 -52.89 69.19 83.31
C TRP L 1336 -53.03 68.78 84.78
N LYS L 1337 -54.16 69.15 85.38
CA LYS L 1337 -54.46 68.72 86.74
C LYS L 1337 -54.65 67.21 86.81
N ALA L 1338 -55.74 66.71 86.21
CA ALA L 1338 -56.10 65.30 86.30
C ALA L 1338 -54.99 64.37 85.83
N ILE L 1339 -54.19 64.85 84.88
CA ILE L 1339 -53.14 64.04 84.29
C ILE L 1339 -51.92 63.93 85.22
N THR L 1340 -51.79 64.87 86.15
CA THR L 1340 -50.61 64.95 87.03
C THR L 1340 -50.85 64.40 88.42
N LYS L 1341 -51.97 64.78 89.02
CA LYS L 1341 -52.27 64.47 90.43
C LYS L 1341 -52.14 62.99 90.83
N PRO L 1342 -52.50 62.06 89.94
CA PRO L 1342 -52.49 60.65 90.30
C PRO L 1342 -51.09 60.11 90.56
N ILE L 1343 -50.06 60.90 90.28
CA ILE L 1343 -48.67 60.48 90.45
C ILE L 1343 -48.28 60.44 91.94
N PHE L 1344 -49.04 61.16 92.75
CA PHE L 1344 -48.65 61.51 94.13
C PHE L 1344 -48.94 60.49 95.24
N PRO L 1345 -50.11 59.81 95.22
CA PRO L 1345 -50.54 58.82 96.22
C PRO L 1345 -49.42 58.09 96.99
N ARG L 1346 -49.77 57.54 98.15
CA ARG L 1346 -48.77 56.91 99.01
C ARG L 1346 -48.09 55.68 98.44
N LYS L 1347 -48.87 54.82 97.78
CA LYS L 1347 -48.36 53.54 97.29
C LYS L 1347 -47.50 53.66 96.03
N ILE L 1348 -47.54 54.84 95.41
CA ILE L 1348 -46.80 55.13 94.18
C ILE L 1348 -45.56 55.98 94.46
N ASP L 1349 -45.12 55.99 95.72
CA ASP L 1349 -44.15 56.99 96.14
C ASP L 1349 -42.74 56.81 95.55
N GLY L 1350 -42.27 57.87 94.91
CA GLY L 1350 -40.90 57.97 94.47
C GLY L 1350 -40.48 59.42 94.39
N ASP L 1351 -39.23 59.66 94.02
CA ASP L 1351 -38.68 61.00 93.87
C ASP L 1351 -39.34 61.76 92.71
N LEU L 1352 -40.23 62.69 93.02
CA LEU L 1352 -40.89 63.43 91.96
C LEU L 1352 -39.91 64.35 91.23
N LEU L 1353 -38.77 64.62 91.87
CA LEU L 1353 -37.70 65.42 91.27
C LEU L 1353 -37.08 64.67 90.10
N LYS L 1354 -36.63 63.45 90.36
CA LYS L 1354 -36.12 62.57 89.32
C LYS L 1354 -37.26 61.92 88.54
N LEU L 1355 -38.25 62.70 88.16
CA LEU L 1355 -39.31 62.16 87.32
C LEU L 1355 -39.01 62.65 85.93
N VAL L 1356 -39.59 61.96 84.94
CA VAL L 1356 -39.54 62.41 83.54
C VAL L 1356 -40.83 62.10 82.80
N HIS L 1357 -41.25 63.01 81.92
CA HIS L 1357 -42.41 62.71 81.09
C HIS L 1357 -41.98 61.73 80.01
N LEU L 1358 -42.63 60.58 79.96
CA LEU L 1358 -42.15 59.44 79.19
C LEU L 1358 -42.86 59.21 77.85
N SER L 1359 -44.19 59.18 77.86
CA SER L 1359 -44.97 59.03 76.65
C SER L 1359 -46.24 59.85 76.78
N ASN L 1360 -46.85 60.17 75.65
CA ASN L 1360 -48.10 60.91 75.67
C ASN L 1360 -48.88 60.75 74.38
N GLY L 1361 -50.10 60.24 74.50
CA GLY L 1361 -50.95 60.08 73.34
C GLY L 1361 -52.29 60.75 73.54
N TYR L 1362 -52.74 61.47 72.50
CA TYR L 1362 -54.09 62.00 72.45
C TYR L 1362 -54.84 61.11 71.47
N ARG L 1363 -56.16 61.07 71.57
CA ARG L 1363 -56.95 60.24 70.67
C ARG L 1363 -58.40 60.67 70.70
N MET L 1364 -58.87 61.20 69.58
CA MET L 1364 -60.15 61.87 69.56
C MET L 1364 -61.31 60.96 69.23
N VAL L 1365 -62.30 60.95 70.12
CA VAL L 1365 -63.49 60.13 69.98
C VAL L 1365 -64.14 60.31 68.61
N PRO L 1366 -64.55 59.19 67.99
CA PRO L 1366 -65.17 59.14 66.66
C PRO L 1366 -66.27 60.20 66.48
N GLY L 1367 -66.10 61.06 65.49
CA GLY L 1367 -67.12 62.04 65.14
C GLY L 1367 -67.07 63.36 65.89
N ALA L 1368 -66.36 63.38 67.02
CA ALA L 1368 -66.33 64.56 67.89
C ALA L 1368 -65.48 65.70 67.34
N GLU L 1369 -66.11 66.84 67.04
CA GLU L 1369 -65.37 68.00 66.57
C GLU L 1369 -64.31 68.44 67.58
N PRO L 1370 -63.22 69.04 67.09
CA PRO L 1370 -62.06 69.40 67.93
C PRO L 1370 -62.40 70.47 68.95
N LEU L 1371 -61.40 70.89 69.70
CA LEU L 1371 -61.62 71.86 70.76
C LEU L 1371 -61.80 73.25 70.16
N LYS L 1372 -62.90 73.90 70.54
CA LYS L 1372 -63.16 75.31 70.21
C LYS L 1372 -62.97 76.15 71.47
N VAL L 1373 -62.98 77.48 71.34
CA VAL L 1373 -62.68 78.34 72.49
C VAL L 1373 -63.79 78.44 73.54
N GLY L 1374 -65.03 78.65 73.09
CA GLY L 1374 -66.15 78.79 74.01
C GLY L 1374 -66.54 77.49 74.69
N ASP L 1375 -65.56 76.61 74.88
CA ASP L 1375 -65.81 75.25 75.38
C ASP L 1375 -65.66 75.13 76.90
N VAL L 1376 -66.44 74.20 77.46
CA VAL L 1376 -66.38 73.85 78.86
C VAL L 1376 -66.09 72.36 78.98
N LEU L 1377 -64.94 72.05 79.58
CA LEU L 1377 -64.36 70.71 79.55
C LEU L 1377 -64.15 70.15 80.94
N ASP L 1378 -64.71 68.96 81.18
CA ASP L 1378 -64.59 68.29 82.46
C ASP L 1378 -63.51 67.19 82.45
N THR L 1379 -62.46 67.43 83.22
CA THR L 1379 -61.24 66.64 83.17
C THR L 1379 -61.24 65.45 84.15
N THR L 1380 -61.47 64.25 83.63
CA THR L 1380 -61.50 63.03 84.43
C THR L 1380 -60.28 62.16 84.14
N ALA L 1381 -59.71 61.55 85.17
CA ALA L 1381 -58.53 60.70 84.97
C ALA L 1381 -58.52 59.48 85.90
N GLN L 1382 -57.82 58.42 85.50
CA GLN L 1382 -57.57 57.27 86.37
C GLN L 1382 -56.26 56.58 86.01
N ILE L 1383 -55.72 55.81 86.94
CA ILE L 1383 -54.40 55.22 86.76
C ILE L 1383 -54.47 53.84 86.11
N ASN L 1384 -54.21 53.80 84.80
CA ASN L 1384 -54.34 52.58 84.02
C ASN L 1384 -53.26 51.53 84.26
N ALA L 1385 -52.15 51.95 84.86
CA ALA L 1385 -51.10 51.00 85.22
C ALA L 1385 -49.93 51.71 85.85
N VAL L 1386 -49.34 51.07 86.85
CA VAL L 1386 -48.11 51.57 87.45
C VAL L 1386 -47.22 50.37 87.62
N ILE L 1387 -46.19 50.29 86.77
CA ILE L 1387 -45.27 49.16 86.79
C ILE L 1387 -43.85 49.66 86.81
N ASN L 1388 -42.99 48.94 87.52
CA ASN L 1388 -41.61 49.37 87.68
C ASN L 1388 -40.65 48.66 86.73
N GLN L 1389 -40.42 49.31 85.59
CA GLN L 1389 -39.43 48.86 84.63
C GLN L 1389 -38.04 48.99 85.24
N ASP L 1390 -37.01 48.78 84.43
CA ASP L 1390 -35.65 48.90 84.93
C ASP L 1390 -35.21 50.35 85.05
N SER L 1391 -35.48 51.13 84.01
CA SER L 1391 -35.11 52.54 84.00
C SER L 1391 -35.56 53.27 85.27
N GLY L 1392 -36.78 53.00 85.71
CA GLY L 1392 -37.30 53.59 86.94
C GLY L 1392 -38.60 52.93 87.36
N LYS L 1393 -39.57 53.75 87.75
CA LYS L 1393 -40.92 53.27 87.99
C LYS L 1393 -41.87 54.10 87.13
N MET L 1394 -42.87 53.47 86.55
CA MET L 1394 -43.67 54.17 85.58
C MET L 1394 -45.14 54.16 85.94
N VAL L 1395 -45.82 55.23 85.53
CA VAL L 1395 -47.24 55.43 85.81
C VAL L 1395 -47.97 55.74 84.54
N GLU L 1396 -49.06 55.02 84.28
CA GLU L 1396 -49.88 55.31 83.12
C GLU L 1396 -51.18 56.01 83.52
N VAL L 1397 -51.36 57.22 83.01
CA VAL L 1397 -52.51 58.06 83.31
C VAL L 1397 -53.45 58.11 82.11
N CYS L 1398 -54.67 57.65 82.27
CA CYS L 1398 -55.64 57.83 81.20
C CYS L 1398 -56.62 58.95 81.51
N GLY L 1399 -56.55 60.02 80.74
CA GLY L 1399 -57.45 61.13 80.94
C GLY L 1399 -58.56 61.10 79.92
N THR L 1400 -59.73 61.59 80.32
CA THR L 1400 -60.85 61.79 79.41
C THR L 1400 -61.36 63.25 79.52
N LEU L 1401 -61.29 63.98 78.42
CA LEU L 1401 -61.82 65.33 78.38
C LEU L 1401 -63.27 65.28 77.87
N LYS L 1402 -64.21 65.55 78.76
CA LYS L 1402 -65.62 65.59 78.37
C LYS L 1402 -66.13 67.02 78.14
N ARG L 1403 -67.14 67.13 77.30
CA ARG L 1403 -67.71 68.42 76.98
C ARG L 1403 -69.18 68.19 76.70
N ASP L 1404 -70.04 68.91 77.41
CA ASP L 1404 -71.48 68.73 77.28
C ASP L 1404 -71.89 67.30 77.63
N GLY L 1405 -71.24 66.76 78.67
CA GLY L 1405 -71.55 65.44 79.19
C GLY L 1405 -70.98 64.29 78.37
N LYS L 1406 -70.45 64.62 77.20
CA LYS L 1406 -69.94 63.61 76.27
C LYS L 1406 -68.42 63.69 76.12
N PRO L 1407 -67.74 62.54 76.24
CA PRO L 1407 -66.28 62.41 76.11
C PRO L 1407 -65.83 62.81 74.73
N VAL L 1408 -64.81 63.66 74.65
CA VAL L 1408 -64.35 64.16 73.35
C VAL L 1408 -63.01 63.58 72.91
N MET L 1409 -62.10 63.39 73.86
CA MET L 1409 -60.78 62.89 73.53
C MET L 1409 -60.05 62.38 74.76
N TYR L 1410 -59.45 61.19 74.67
CA TYR L 1410 -58.72 60.63 75.81
C TYR L 1410 -57.24 60.91 75.71
N VAL L 1411 -56.71 61.64 76.70
CA VAL L 1411 -55.28 61.89 76.75
C VAL L 1411 -54.60 60.92 77.70
N THR L 1412 -53.96 59.91 77.14
CA THR L 1412 -53.14 58.97 77.89
C THR L 1412 -51.74 59.55 78.03
N SER L 1413 -50.99 59.06 79.02
CA SER L 1413 -49.69 59.64 79.33
C SER L 1413 -48.92 58.75 80.28
N GLN L 1414 -47.61 58.71 80.13
CA GLN L 1414 -46.77 57.90 80.99
C GLN L 1414 -45.69 58.75 81.64
N PHE L 1415 -45.43 58.50 82.92
CA PHE L 1415 -44.41 59.24 83.64
C PHE L 1415 -43.39 58.28 84.23
N LEU L 1416 -42.17 58.77 84.41
CA LEU L 1416 -41.09 57.91 84.92
C LEU L 1416 -40.36 58.42 86.15
N TYR L 1417 -40.75 57.89 87.30
CA TYR L 1417 -40.00 58.04 88.53
C TYR L 1417 -38.74 57.19 88.37
N ARG L 1418 -37.70 57.75 87.76
CA ARG L 1418 -36.52 56.95 87.45
C ARG L 1418 -35.68 56.56 88.68
N GLY L 1419 -35.20 55.31 88.67
CA GLY L 1419 -34.45 54.75 89.78
C GLY L 1419 -34.74 53.27 89.96
N VAL L 1420 -34.30 52.71 91.09
CA VAL L 1420 -34.45 51.28 91.38
C VAL L 1420 -35.60 51.03 92.35
N TYR L 1421 -36.58 50.23 91.94
CA TYR L 1421 -37.78 50.00 92.75
C TYR L 1421 -38.17 48.54 92.93
N THR L 1422 -38.61 48.18 94.13
CA THR L 1422 -39.10 46.82 94.40
C THR L 1422 -40.40 46.84 95.19
N ASP L 1423 -41.20 47.89 94.99
CA ASP L 1423 -42.51 48.00 95.63
C ASP L 1423 -43.57 47.28 94.80
N TYR L 1424 -43.26 46.04 94.40
CA TYR L 1424 -44.12 45.26 93.52
C TYR L 1424 -45.49 45.02 94.15
N GLU L 1425 -45.60 45.25 95.45
CA GLU L 1425 -46.87 45.13 96.14
C GLU L 1425 -47.97 45.98 95.50
N ASN L 1426 -47.56 46.99 94.75
CA ASN L 1426 -48.49 47.99 94.23
C ASN L 1426 -48.36 48.17 92.72
N THR L 1427 -47.64 47.27 92.07
CA THR L 1427 -47.50 47.36 90.63
C THR L 1427 -48.68 46.60 89.98
N PHE L 1428 -49.16 47.09 88.84
CA PHE L 1428 -50.34 46.51 88.19
C PHE L 1428 -50.54 47.10 86.80
N GLN L 1429 -51.50 46.52 86.06
CA GLN L 1429 -51.84 47.02 84.73
C GLN L 1429 -53.22 46.59 84.21
N ARG L 1430 -53.94 47.54 83.61
CA ARG L 1430 -55.19 47.23 82.91
C ARG L 1430 -54.96 47.40 81.43
N LYS L 1431 -54.72 46.29 80.74
CA LYS L 1431 -54.63 46.34 79.29
C LYS L 1431 -55.98 45.99 78.64
N ASP L 1432 -56.21 46.54 77.47
CA ASP L 1432 -57.35 46.11 76.67
C ASP L 1432 -56.84 45.12 75.65
N GLU L 1433 -57.17 43.85 75.86
CA GLU L 1433 -56.66 42.79 75.00
C GLU L 1433 -57.08 42.99 73.56
N VAL L 1434 -56.18 42.64 72.65
CA VAL L 1434 -56.40 42.80 71.21
C VAL L 1434 -57.69 42.10 70.76
N PRO L 1435 -58.56 42.82 70.07
CA PRO L 1435 -59.76 42.15 69.53
C PRO L 1435 -59.33 40.95 68.72
N MET L 1436 -59.93 39.79 68.96
CA MET L 1436 -59.54 38.60 68.23
C MET L 1436 -60.73 37.80 67.71
N GLN L 1437 -60.49 37.04 66.65
CA GLN L 1437 -61.53 36.41 65.86
C GLN L 1437 -61.35 34.89 65.82
N LEU L 1438 -62.16 34.17 66.56
CA LEU L 1438 -62.02 32.72 66.66
C LEU L 1438 -63.05 32.02 65.80
N HIS L 1439 -62.61 31.13 64.91
CA HIS L 1439 -63.52 30.45 63.99
C HIS L 1439 -63.75 29.00 64.42
N ILE L 1440 -64.94 28.74 64.95
CA ILE L 1440 -65.36 27.38 65.24
C ILE L 1440 -65.74 26.72 63.92
N ALA L 1441 -65.24 25.51 63.68
CA ALA L 1441 -65.48 24.86 62.40
C ALA L 1441 -65.82 23.37 62.55
N THR L 1442 -65.45 22.79 63.69
CA THR L 1442 -65.69 21.37 63.95
C THR L 1442 -66.30 21.22 65.33
N PRO L 1443 -67.12 20.18 65.52
CA PRO L 1443 -67.57 19.90 66.89
C PRO L 1443 -66.37 19.78 67.82
N GLN L 1444 -65.21 19.43 67.27
CA GLN L 1444 -63.97 19.39 68.04
C GLN L 1444 -63.59 20.77 68.55
N ASP L 1445 -63.65 21.76 67.65
CA ASP L 1445 -63.31 23.14 68.00
C ASP L 1445 -64.24 23.67 69.07
N LEU L 1446 -65.53 23.60 68.78
CA LEU L 1446 -66.59 24.05 69.67
C LEU L 1446 -66.49 23.36 71.03
N ALA L 1447 -66.30 22.04 70.99
CA ALA L 1447 -66.21 21.24 72.21
C ALA L 1447 -65.09 21.69 73.14
N VAL L 1448 -64.04 22.27 72.56
CA VAL L 1448 -62.93 22.79 73.36
C VAL L 1448 -63.25 24.20 73.87
N LEU L 1449 -63.88 24.99 73.02
CA LEU L 1449 -64.22 26.36 73.38
C LEU L 1449 -65.27 26.37 74.48
N ARG L 1450 -65.97 25.25 74.61
CA ARG L 1450 -66.95 25.07 75.69
C ARG L 1450 -66.29 24.44 76.91
N SER L 1451 -65.33 23.54 76.63
CA SER L 1451 -64.63 22.80 77.67
C SER L 1451 -63.80 23.70 78.58
N LYS L 1452 -63.56 24.93 78.12
CA LYS L 1452 -62.78 25.87 78.90
C LYS L 1452 -63.55 26.36 80.13
N GLU L 1453 -62.81 26.53 81.23
CA GLU L 1453 -63.38 26.96 82.51
C GLU L 1453 -63.85 28.39 82.41
N TRP L 1454 -63.05 29.22 81.74
CA TRP L 1454 -63.30 30.65 81.64
C TRP L 1454 -64.40 31.00 80.62
N PHE L 1455 -64.87 30.00 79.89
CA PHE L 1455 -65.87 30.26 78.86
C PHE L 1455 -67.29 30.02 79.35
N LYS L 1456 -68.05 31.11 79.42
CA LYS L 1456 -69.38 31.09 80.02
C LYS L 1456 -70.46 31.49 79.03
N LEU L 1457 -71.10 30.46 78.45
CA LEU L 1457 -72.12 30.64 77.43
C LEU L 1457 -73.39 31.21 78.04
N ASP L 1458 -74.11 31.99 77.25
CA ASP L 1458 -75.26 32.73 77.74
C ASP L 1458 -76.61 32.12 77.33
N ASP L 1459 -77.65 32.56 78.02
CA ASP L 1459 -79.00 32.04 77.83
C ASP L 1459 -79.78 32.91 76.86
N GLN L 1460 -79.06 33.50 75.91
CA GLN L 1460 -79.68 34.24 74.83
C GLN L 1460 -80.40 33.22 73.94
N HIS L 1461 -79.86 32.95 72.76
CA HIS L 1461 -80.40 31.89 71.93
C HIS L 1461 -79.38 30.76 71.83
N ASP L 1462 -79.87 29.57 71.51
CA ASP L 1462 -79.00 28.42 71.32
C ASP L 1462 -78.57 28.36 69.86
N ILE L 1463 -78.09 29.47 69.32
CA ILE L 1463 -77.61 29.47 67.96
C ILE L 1463 -76.38 28.59 67.90
N GLU L 1464 -76.43 27.56 67.04
CA GLU L 1464 -75.30 26.66 66.88
C GLU L 1464 -74.08 27.51 66.60
N LEU L 1465 -73.10 27.41 67.50
CA LEU L 1465 -71.86 28.16 67.37
C LEU L 1465 -70.97 27.48 66.38
N LEU L 1466 -71.49 26.39 65.82
CA LEU L 1466 -70.72 25.52 64.93
C LEU L 1466 -70.17 26.26 63.72
N GLY L 1467 -71.04 26.64 62.80
CA GLY L 1467 -70.63 27.28 61.56
C GLY L 1467 -69.94 28.62 61.69
N GLN L 1468 -70.46 29.48 62.57
CA GLN L 1468 -70.03 30.87 62.64
C GLN L 1468 -68.71 31.06 63.37
N THR L 1469 -68.22 32.29 63.34
CA THR L 1469 -67.02 32.64 64.06
C THR L 1469 -67.37 33.64 65.17
N LEU L 1470 -66.50 33.73 66.17
CA LEU L 1470 -66.76 34.56 67.33
C LEU L 1470 -65.73 35.67 67.48
N VAL L 1471 -66.17 36.77 68.08
CA VAL L 1471 -65.29 37.88 68.39
C VAL L 1471 -65.00 37.92 69.88
N PHE L 1472 -63.73 38.02 70.23
CA PHE L 1472 -63.34 38.09 71.62
C PHE L 1472 -62.72 39.44 71.91
N ARG L 1473 -63.52 40.35 72.45
CA ARG L 1473 -62.98 41.62 72.92
C ARG L 1473 -62.86 41.53 74.43
N LEU L 1474 -61.62 41.42 74.90
CA LEU L 1474 -61.38 41.22 76.32
C LEU L 1474 -60.68 42.40 76.97
N GLN L 1475 -60.85 42.50 78.29
CA GLN L 1475 -60.08 43.40 79.12
C GLN L 1475 -59.40 42.55 80.15
N SER L 1476 -58.32 43.05 80.71
CA SER L 1476 -57.65 42.30 81.73
C SER L 1476 -56.84 43.16 82.70
N LEU L 1477 -56.71 42.65 83.91
CA LEU L 1477 -55.89 43.27 84.94
C LEU L 1477 -54.86 42.28 85.48
N VAL L 1478 -53.61 42.72 85.49
CA VAL L 1478 -52.51 41.91 85.97
C VAL L 1478 -51.79 42.66 87.08
N ARG L 1479 -51.42 41.94 88.13
CA ARG L 1479 -50.57 42.49 89.18
C ARG L 1479 -49.22 41.78 89.16
N PHE L 1480 -48.14 42.55 89.16
CA PHE L 1480 -46.80 42.00 89.05
C PHE L 1480 -46.26 41.58 90.41
N LYS L 1481 -45.25 40.74 90.40
CA LYS L 1481 -44.51 40.45 91.62
C LYS L 1481 -43.01 40.44 91.29
N ASN L 1482 -42.59 39.52 90.44
CA ASN L 1482 -41.30 39.65 89.80
C ASN L 1482 -41.62 40.31 88.46
N LYS L 1483 -40.71 41.14 87.95
CA LYS L 1483 -40.92 41.70 86.61
C LYS L 1483 -41.22 40.59 85.59
N ASN L 1484 -40.90 39.35 85.96
CA ASN L 1484 -41.09 38.16 85.12
C ASN L 1484 -42.38 37.40 85.40
N VAL L 1485 -42.83 37.42 86.65
CA VAL L 1485 -43.97 36.60 87.04
C VAL L 1485 -45.15 37.37 87.64
N TYR L 1486 -46.28 37.34 86.94
CA TYR L 1486 -47.50 37.99 87.42
C TYR L 1486 -47.96 37.37 88.73
N SER L 1487 -48.15 38.21 89.74
CA SER L 1487 -48.63 37.76 91.04
C SER L 1487 -50.10 37.34 90.96
N SER L 1488 -50.84 37.93 90.02
CA SER L 1488 -52.26 37.59 89.84
C SER L 1488 -52.89 38.30 88.65
N VAL L 1489 -53.67 37.55 87.88
CA VAL L 1489 -54.20 38.04 86.62
C VAL L 1489 -55.68 37.73 86.43
N GLN L 1490 -56.44 38.71 85.92
CA GLN L 1490 -57.86 38.54 85.72
C GLN L 1490 -58.27 39.00 84.32
N THR L 1491 -59.01 38.17 83.60
CA THR L 1491 -59.47 38.56 82.28
C THR L 1491 -60.98 38.46 82.17
N ILE L 1492 -61.60 39.59 81.87
CA ILE L 1492 -63.04 39.66 81.61
C ILE L 1492 -63.24 40.14 80.19
N GLY L 1493 -64.24 39.59 79.51
CA GLY L 1493 -64.50 39.99 78.15
C GLY L 1493 -65.89 39.63 77.64
N GLN L 1494 -66.14 39.95 76.37
CA GLN L 1494 -67.42 39.67 75.77
C GLN L 1494 -67.24 38.88 74.48
N VAL L 1495 -67.90 37.72 74.41
CA VAL L 1495 -67.89 36.93 73.20
C VAL L 1495 -69.04 37.34 72.29
N LEU L 1496 -68.71 37.89 71.12
CA LEU L 1496 -69.70 38.36 70.17
C LEU L 1496 -69.90 37.43 68.99
N LEU L 1497 -71.10 37.45 68.44
CA LEU L 1497 -71.40 36.76 67.18
C LEU L 1497 -72.20 37.71 66.29
N GLU L 1498 -71.82 37.77 65.01
CA GLU L 1498 -72.61 38.53 64.05
C GLU L 1498 -73.57 37.61 63.32
N LEU L 1499 -74.84 37.95 63.34
CA LEU L 1499 -75.87 37.19 62.63
C LEU L 1499 -75.77 37.44 61.12
N PRO L 1500 -76.43 36.60 60.33
CA PRO L 1500 -76.53 36.85 58.89
C PRO L 1500 -77.17 38.22 58.63
N THR L 1501 -77.97 38.67 59.58
CA THR L 1501 -78.71 39.93 59.47
C THR L 1501 -77.84 41.14 59.85
N LYS L 1502 -76.62 40.87 60.29
CA LYS L 1502 -75.68 41.87 60.78
C LYS L 1502 -75.94 42.27 62.24
N GLU L 1503 -76.60 41.37 62.97
CA GLU L 1503 -76.84 41.55 64.39
C GLU L 1503 -75.61 41.21 65.21
N ILE L 1504 -75.39 41.93 66.30
CA ILE L 1504 -74.29 41.61 67.20
C ILE L 1504 -74.82 41.19 68.58
N ILE L 1505 -74.58 39.94 68.94
CA ILE L 1505 -75.08 39.39 70.19
C ILE L 1505 -73.94 38.98 71.12
N GLN L 1506 -74.16 39.09 72.41
CA GLN L 1506 -73.20 38.58 73.38
C GLN L 1506 -73.54 37.13 73.66
N VAL L 1507 -73.07 36.23 72.80
CA VAL L 1507 -73.36 34.81 72.92
C VAL L 1507 -72.79 34.23 74.20
N ALA L 1508 -71.78 34.89 74.75
CA ALA L 1508 -71.16 34.47 76.01
C ALA L 1508 -70.22 35.56 76.50
N SER L 1509 -69.46 35.24 77.54
CA SER L 1509 -68.49 36.17 78.07
C SER L 1509 -67.34 35.39 78.68
N VAL L 1510 -66.28 36.11 79.02
CA VAL L 1510 -65.05 35.48 79.51
C VAL L 1510 -64.69 35.91 80.92
N ASP L 1511 -64.52 34.93 81.80
CA ASP L 1511 -64.10 35.19 83.17
C ASP L 1511 -63.01 34.22 83.60
N TYR L 1512 -61.81 34.73 83.77
CA TYR L 1512 -60.70 33.90 84.23
C TYR L 1512 -59.82 34.71 85.18
N GLU L 1513 -59.34 34.05 86.23
CA GLU L 1513 -58.43 34.70 87.17
C GLU L 1513 -57.56 33.68 87.89
N ALA L 1514 -56.28 34.03 88.06
CA ALA L 1514 -55.31 33.17 88.72
C ALA L 1514 -54.14 33.98 89.22
N GLY L 1515 -53.40 33.44 90.17
CA GLY L 1515 -52.26 34.14 90.72
C GLY L 1515 -51.00 33.36 90.49
N GLU L 1516 -49.87 34.04 90.49
CA GLU L 1516 -48.58 33.41 90.22
C GLU L 1516 -48.61 32.79 88.82
N SER L 1517 -48.83 33.64 87.81
CA SER L 1517 -48.97 33.19 86.43
C SER L 1517 -47.78 33.71 85.62
N HIS L 1518 -47.34 32.93 84.63
CA HIS L 1518 -46.23 33.34 83.76
C HIS L 1518 -46.73 33.86 82.41
N GLY L 1519 -48.00 33.61 82.13
CA GLY L 1519 -48.63 34.07 80.91
C GLY L 1519 -50.14 34.09 81.01
N ASN L 1520 -50.80 34.58 79.97
CA ASN L 1520 -52.25 34.67 79.97
C ASN L 1520 -52.87 33.56 79.15
N PRO L 1521 -53.29 32.48 79.81
CA PRO L 1521 -53.78 31.24 79.18
C PRO L 1521 -55.00 31.48 78.29
N VAL L 1522 -55.76 32.55 78.55
CA VAL L 1522 -56.93 32.86 77.75
C VAL L 1522 -56.52 33.45 76.39
N ILE L 1523 -55.67 34.47 76.45
CA ILE L 1523 -55.14 35.10 75.25
C ILE L 1523 -54.41 34.07 74.39
N ASP L 1524 -53.61 33.23 75.04
CA ASP L 1524 -52.84 32.22 74.35
C ASP L 1524 -53.74 31.33 73.52
N TYR L 1525 -54.78 30.76 74.14
CA TYR L 1525 -55.71 29.92 73.44
C TYR L 1525 -56.23 30.63 72.20
N LEU L 1526 -56.55 31.90 72.38
CA LEU L 1526 -57.08 32.71 71.28
C LEU L 1526 -56.04 32.98 70.19
N GLN L 1527 -54.80 33.22 70.59
CA GLN L 1527 -53.72 33.51 69.65
C GLN L 1527 -53.49 32.42 68.62
N ARG L 1528 -53.68 31.15 69.01
CA ARG L 1528 -53.52 30.03 68.09
C ARG L 1528 -54.77 29.68 67.29
N HIS L 1529 -55.83 29.27 67.99
CA HIS L 1529 -57.05 28.85 67.32
C HIS L 1529 -57.81 29.98 66.59
N GLY L 1530 -57.37 31.22 66.80
CA GLY L 1530 -57.96 32.37 66.17
C GLY L 1530 -56.93 33.39 65.71
N SER L 1531 -57.42 34.51 65.18
CA SER L 1531 -56.54 35.56 64.67
C SER L 1531 -57.00 36.93 65.18
N SER L 1532 -56.08 37.88 65.21
CA SER L 1532 -56.45 39.25 65.57
C SER L 1532 -57.36 39.86 64.51
N ILE L 1533 -57.79 41.09 64.74
CA ILE L 1533 -58.67 41.75 63.79
C ILE L 1533 -58.64 43.27 63.98
N GLU L 1534 -59.18 43.99 63.00
CA GLU L 1534 -59.23 45.45 63.06
C GLU L 1534 -57.83 46.01 63.25
N GLN L 1535 -56.88 45.34 62.61
CA GLN L 1535 -55.50 45.71 62.76
C GLN L 1535 -55.07 46.62 61.63
N PRO L 1536 -54.01 47.33 61.88
CA PRO L 1536 -53.44 48.18 60.85
C PRO L 1536 -53.13 47.36 59.59
N VAL L 1537 -52.95 48.06 58.48
CA VAL L 1537 -52.55 47.42 57.24
C VAL L 1537 -51.44 48.27 56.59
N ASN L 1538 -50.20 47.86 56.84
CA ASN L 1538 -49.04 48.58 56.35
C ASN L 1538 -48.68 48.12 54.96
N PHE L 1539 -47.86 48.88 54.27
CA PHE L 1539 -47.45 48.55 52.90
C PHE L 1539 -46.05 47.98 52.90
N GLU L 1540 -45.65 47.38 51.78
CA GLU L 1540 -44.28 46.95 51.59
C GLU L 1540 -43.41 48.19 51.48
N ASN L 1541 -43.98 49.21 50.83
CA ASN L 1541 -43.26 50.43 50.53
C ASN L 1541 -43.78 51.64 51.30
N PRO L 1542 -43.14 51.95 52.44
CA PRO L 1542 -43.42 53.14 53.24
C PRO L 1542 -43.21 54.41 52.41
N ILE L 1543 -44.29 55.15 52.20
CA ILE L 1543 -44.29 56.36 51.39
C ILE L 1543 -43.70 57.56 52.14
N PRO L 1544 -42.50 58.00 51.75
CA PRO L 1544 -41.94 59.20 52.35
C PRO L 1544 -42.89 60.38 52.13
N LEU L 1545 -43.06 61.22 53.14
CA LEU L 1545 -44.03 62.31 53.10
C LEU L 1545 -43.36 63.67 52.86
N SER L 1546 -42.33 63.96 53.66
CA SER L 1546 -41.63 65.22 53.50
C SER L 1546 -40.54 65.10 52.44
N GLY L 1547 -40.03 63.88 52.32
CA GLY L 1547 -38.94 63.62 51.38
C GLY L 1547 -37.64 63.59 52.14
N LYS L 1548 -36.55 63.64 51.38
CA LYS L 1548 -35.20 63.60 51.95
C LYS L 1548 -34.76 65.00 52.38
N THR L 1549 -35.57 66.00 52.05
CA THR L 1549 -35.38 67.36 52.54
C THR L 1549 -35.88 67.41 53.99
N PRO L 1550 -34.99 67.12 54.94
CA PRO L 1550 -35.40 66.80 56.31
C PRO L 1550 -36.02 67.99 57.03
N LEU L 1551 -37.12 67.74 57.73
CA LEU L 1551 -37.76 68.79 58.51
C LEU L 1551 -36.86 69.13 59.70
N GLU L 1552 -36.64 70.42 59.92
CA GLU L 1552 -35.73 70.86 60.98
C GLU L 1552 -36.43 71.71 62.04
N LEU L 1553 -36.15 71.38 63.31
CA LEU L 1553 -36.71 72.09 64.47
C LEU L 1553 -35.58 72.52 65.40
N ARG L 1554 -35.88 73.47 66.27
CA ARG L 1554 -34.92 73.90 67.29
C ARG L 1554 -35.56 74.14 68.66
N ALA L 1555 -35.02 73.45 69.67
CA ALA L 1555 -35.43 73.68 71.06
C ALA L 1555 -35.07 75.11 71.36
N PRO L 1556 -36.06 75.89 71.79
CA PRO L 1556 -35.78 77.31 71.95
C PRO L 1556 -34.81 77.54 73.11
N ALA L 1557 -34.46 78.79 73.35
CA ALA L 1557 -33.44 79.15 74.34
C ALA L 1557 -33.92 79.00 75.79
N SER L 1558 -35.04 79.64 76.12
CA SER L 1558 -35.54 79.61 77.49
C SER L 1558 -36.83 78.82 77.61
N ASN L 1559 -36.77 77.76 78.41
CA ASN L 1559 -37.92 76.89 78.62
C ASN L 1559 -39.11 77.61 79.27
N GLU L 1560 -38.82 78.68 80.00
CA GLU L 1560 -39.83 79.49 80.67
C GLU L 1560 -41.05 79.72 79.77
N ASN L 1561 -40.80 80.18 78.55
CA ASN L 1561 -41.86 80.45 77.58
C ASN L 1561 -42.97 79.41 77.63
N TYR L 1562 -42.54 78.15 77.61
CA TYR L 1562 -43.44 77.01 77.65
C TYR L 1562 -44.04 76.85 79.05
N ALA L 1563 -43.15 76.75 80.05
CA ALA L 1563 -43.53 76.56 81.44
C ALA L 1563 -44.75 77.38 81.77
N ARG L 1564 -44.76 78.62 81.28
CA ARG L 1564 -45.85 79.56 81.52
C ARG L 1564 -47.15 79.12 80.88
N VAL L 1565 -47.10 78.84 79.58
CA VAL L 1565 -48.33 78.51 78.87
C VAL L 1565 -48.82 77.09 79.13
N SER L 1566 -48.00 76.30 79.82
CA SER L 1566 -48.31 74.89 80.07
C SER L 1566 -48.88 74.65 81.48
N GLY L 1567 -48.16 75.14 82.48
CA GLY L 1567 -48.49 74.92 83.86
C GLY L 1567 -47.39 74.13 84.54
N ASP L 1568 -46.53 73.50 83.74
CA ASP L 1568 -45.42 72.74 84.27
C ASP L 1568 -44.22 73.64 84.53
N TYR L 1569 -44.14 74.15 85.74
CA TYR L 1569 -43.05 75.05 86.10
C TYR L 1569 -41.86 74.25 86.59
N ASN L 1570 -42.07 72.94 86.73
CA ASN L 1570 -41.04 71.98 87.14
C ASN L 1570 -39.61 72.56 87.04
N PRO L 1571 -38.88 72.61 88.16
CA PRO L 1571 -37.54 73.23 88.25
C PRO L 1571 -36.53 72.59 87.32
N ILE L 1572 -36.79 71.33 86.95
CA ILE L 1572 -35.93 70.57 86.04
C ILE L 1572 -35.61 71.34 84.76
N HIS L 1573 -36.64 71.92 84.14
CA HIS L 1573 -36.52 72.56 82.84
C HIS L 1573 -36.05 74.02 82.88
N VAL L 1574 -36.14 74.66 84.04
CA VAL L 1574 -35.86 76.08 84.10
C VAL L 1574 -34.59 76.42 84.91
N SER L 1575 -34.53 75.98 86.16
CA SER L 1575 -33.44 76.34 87.04
C SER L 1575 -32.18 75.52 86.76
N ARG L 1576 -31.04 76.01 87.24
CA ARG L 1576 -29.78 75.30 87.12
C ARG L 1576 -29.58 74.31 88.27
N VAL L 1577 -29.68 74.81 89.50
CA VAL L 1577 -29.40 74.00 90.68
C VAL L 1577 -30.39 72.85 90.88
N PHE L 1578 -31.66 73.08 90.54
CA PHE L 1578 -32.65 72.02 90.66
C PHE L 1578 -32.34 70.84 89.73
N SER L 1579 -32.26 71.11 88.43
CA SER L 1579 -31.91 70.08 87.48
C SER L 1579 -30.56 69.43 87.82
N SER L 1580 -29.58 70.23 88.24
CA SER L 1580 -28.26 69.70 88.62
C SER L 1580 -28.33 68.68 89.74
N TYR L 1581 -29.33 68.81 90.62
CA TYR L 1581 -29.47 67.89 91.74
C TYR L 1581 -29.90 66.49 91.27
N ALA L 1582 -30.70 66.46 90.22
CA ALA L 1582 -31.25 65.20 89.70
C ALA L 1582 -30.40 64.53 88.60
N ASN L 1583 -29.16 64.98 88.44
CA ASN L 1583 -28.23 64.39 87.48
C ASN L 1583 -28.71 64.45 86.04
N LEU L 1584 -28.87 65.66 85.52
CA LEU L 1584 -29.32 65.80 84.14
C LEU L 1584 -28.24 66.48 83.32
N PRO L 1585 -28.34 66.37 81.99
CA PRO L 1585 -27.49 67.17 81.09
C PRO L 1585 -27.72 68.66 81.34
N GLY L 1586 -28.86 68.98 81.95
CA GLY L 1586 -29.13 70.31 82.46
C GLY L 1586 -30.19 71.07 81.67
N THR L 1587 -31.12 71.69 82.40
CA THR L 1587 -32.11 72.56 81.78
C THR L 1587 -32.81 71.88 80.62
N ILE L 1588 -32.99 70.57 80.75
CA ILE L 1588 -33.65 69.75 79.74
C ILE L 1588 -34.88 70.41 79.13
N THR L 1589 -34.94 70.46 77.79
CA THR L 1589 -36.10 71.02 77.09
C THR L 1589 -37.36 70.27 77.54
N HIS L 1590 -38.51 70.93 77.41
CA HIS L 1590 -39.77 70.32 77.85
C HIS L 1590 -40.12 69.10 77.04
N GLY L 1591 -40.31 67.98 77.73
CA GLY L 1591 -40.73 66.75 77.09
C GLY L 1591 -41.91 67.00 76.18
N MET L 1592 -42.97 67.59 76.73
CA MET L 1592 -44.19 67.83 75.98
C MET L 1592 -44.02 68.90 74.91
N TYR L 1593 -42.97 69.72 75.04
CA TYR L 1593 -42.73 70.77 74.05
C TYR L 1593 -42.28 70.18 72.73
N THR L 1594 -41.25 69.33 72.82
CA THR L 1594 -40.76 68.62 71.66
C THR L 1594 -41.96 68.03 70.95
N SER L 1595 -42.73 67.23 71.68
CA SER L 1595 -43.93 66.59 71.16
C SER L 1595 -44.80 67.57 70.38
N ALA L 1596 -45.26 68.61 71.04
CA ALA L 1596 -46.19 69.55 70.44
C ALA L 1596 -45.64 70.14 69.14
N ALA L 1597 -44.32 70.32 69.11
CA ALA L 1597 -43.64 70.95 67.99
C ALA L 1597 -43.67 70.09 66.72
N VAL L 1598 -43.11 68.89 66.82
CA VAL L 1598 -43.17 67.91 65.74
C VAL L 1598 -44.61 67.63 65.35
N ARG L 1599 -45.49 67.60 66.34
CA ARG L 1599 -46.90 67.34 66.10
C ARG L 1599 -47.52 68.40 65.19
N SER L 1600 -46.93 69.58 65.14
CA SER L 1600 -47.41 70.61 64.23
C SER L 1600 -47.10 70.24 62.79
N LEU L 1601 -45.89 69.75 62.58
CA LEU L 1601 -45.45 69.31 61.26
C LEU L 1601 -46.41 68.23 60.79
N VAL L 1602 -46.73 67.29 61.67
CA VAL L 1602 -47.63 66.20 61.33
C VAL L 1602 -48.96 66.75 60.85
N GLU L 1603 -49.33 67.91 61.39
CA GLU L 1603 -50.59 68.55 61.04
C GLU L 1603 -50.53 69.18 59.65
N THR L 1604 -49.56 70.06 59.46
CA THR L 1604 -49.46 70.79 58.20
C THR L 1604 -49.00 69.88 57.06
N TRP L 1605 -48.17 68.89 57.38
CA TRP L 1605 -47.52 68.06 56.37
C TRP L 1605 -48.32 66.88 55.88
N ALA L 1606 -49.15 66.30 56.74
CA ALA L 1606 -49.93 65.12 56.39
C ALA L 1606 -51.40 65.48 56.23
N ALA L 1607 -51.95 66.13 57.24
CA ALA L 1607 -53.34 66.53 57.23
C ALA L 1607 -53.51 67.81 56.42
N GLU L 1608 -52.38 68.32 55.92
CA GLU L 1608 -52.33 69.58 55.17
C GLU L 1608 -53.32 70.63 55.69
N ASN L 1609 -53.05 71.11 56.91
CA ASN L 1609 -53.70 72.31 57.44
C ASN L 1609 -55.08 72.15 58.06
N ASN L 1610 -55.73 71.00 57.86
CA ASN L 1610 -57.09 70.79 58.39
C ASN L 1610 -57.11 69.94 59.65
N ILE L 1611 -56.86 70.56 60.81
CA ILE L 1611 -56.62 69.84 62.07
C ILE L 1611 -57.56 68.68 62.35
N GLY L 1612 -58.83 68.83 61.96
CA GLY L 1612 -59.81 67.78 62.17
C GLY L 1612 -59.27 66.40 61.82
N ARG L 1613 -58.59 66.34 60.68
CA ARG L 1613 -58.02 65.09 60.18
C ARG L 1613 -57.22 64.34 61.24
N VAL L 1614 -56.12 64.94 61.72
CA VAL L 1614 -55.28 64.28 62.71
C VAL L 1614 -56.11 63.85 63.92
N ARG L 1615 -56.48 62.57 63.93
CA ARG L 1615 -57.38 61.99 64.93
C ARG L 1615 -56.62 61.27 66.04
N SER L 1616 -55.31 61.13 65.86
CA SER L 1616 -54.47 60.49 66.86
C SER L 1616 -53.01 60.83 66.68
N TYR L 1617 -52.32 60.90 67.81
CA TYR L 1617 -50.91 61.22 67.87
C TYR L 1617 -50.38 60.57 69.12
N HIS L 1618 -49.26 59.87 69.00
CA HIS L 1618 -48.68 59.22 70.16
C HIS L 1618 -47.17 59.19 70.01
N VAL L 1619 -46.47 59.67 71.03
CA VAL L 1619 -45.02 59.74 70.95
C VAL L 1619 -44.36 59.12 72.17
N ASN L 1620 -43.28 58.40 71.92
CA ASN L 1620 -42.38 58.01 73.00
C ASN L 1620 -41.19 58.93 72.93
N MET L 1621 -41.08 59.82 73.90
CA MET L 1621 -39.86 60.60 74.03
C MET L 1621 -38.79 59.72 74.67
N VAL L 1622 -37.60 59.77 74.08
CA VAL L 1622 -36.52 58.92 74.51
C VAL L 1622 -35.24 59.74 74.44
N GLY L 1623 -35.34 60.87 73.76
CA GLY L 1623 -34.23 61.79 73.65
C GLY L 1623 -34.45 63.00 74.52
N MET L 1624 -33.57 63.17 75.51
CA MET L 1624 -33.55 64.38 76.31
C MET L 1624 -32.94 65.51 75.48
N VAL L 1625 -33.81 66.43 75.06
CA VAL L 1625 -33.40 67.53 74.21
C VAL L 1625 -32.85 68.67 75.05
N LEU L 1626 -31.61 69.08 74.81
CA LEU L 1626 -31.10 70.28 75.45
C LEU L 1626 -31.59 71.50 74.67
N PRO L 1627 -31.59 72.67 75.31
CA PRO L 1627 -32.06 73.90 74.65
C PRO L 1627 -31.11 74.36 73.55
N ASN L 1628 -31.72 74.79 72.44
CA ASN L 1628 -31.01 75.27 71.26
C ASN L 1628 -30.40 74.17 70.40
N ASP L 1629 -30.87 72.94 70.61
CA ASP L 1629 -30.46 71.82 69.78
C ASP L 1629 -31.20 71.90 68.46
N ALA L 1630 -30.63 71.25 67.44
CA ALA L 1630 -31.31 71.07 66.17
C ALA L 1630 -31.94 69.69 66.13
N ILE L 1631 -33.25 69.67 65.97
CA ILE L 1631 -33.97 68.42 65.92
C ILE L 1631 -34.42 68.16 64.50
N THR L 1632 -34.34 66.89 64.10
CA THR L 1632 -34.63 66.51 62.72
C THR L 1632 -35.78 65.53 62.63
N VAL L 1633 -36.78 65.88 61.82
CA VAL L 1633 -38.01 65.11 61.74
C VAL L 1633 -38.23 64.48 60.37
N LYS L 1634 -38.57 63.20 60.39
CA LYS L 1634 -38.96 62.48 59.17
C LYS L 1634 -40.39 62.00 59.30
N LEU L 1635 -41.13 62.02 58.19
CA LEU L 1635 -42.52 61.60 58.19
C LEU L 1635 -42.86 60.66 57.04
N GLU L 1636 -43.23 59.43 57.40
CA GLU L 1636 -43.58 58.39 56.42
C GLU L 1636 -45.06 58.03 56.51
N HIS L 1637 -45.63 57.62 55.38
CA HIS L 1637 -47.00 57.14 55.32
C HIS L 1637 -47.01 55.62 55.35
N VAL L 1638 -46.66 55.05 56.51
CA VAL L 1638 -46.32 53.63 56.58
C VAL L 1638 -47.52 52.68 56.66
N GLY L 1639 -48.74 53.21 56.79
CA GLY L 1639 -49.91 52.35 56.92
C GLY L 1639 -51.28 52.96 56.72
N MET L 1640 -52.30 52.14 56.95
CA MET L 1640 -53.71 52.57 56.87
C MET L 1640 -54.52 51.87 57.94
N ILE L 1641 -55.45 52.60 58.57
CA ILE L 1641 -56.42 51.99 59.47
C ILE L 1641 -57.76 52.69 59.35
N ALA L 1642 -58.80 51.95 59.01
CA ALA L 1642 -60.15 52.50 58.93
C ALA L 1642 -60.25 53.81 58.13
N GLY L 1643 -59.67 53.83 56.94
CA GLY L 1643 -59.70 55.01 56.10
C GLY L 1643 -58.79 56.14 56.56
N ARG L 1644 -57.93 55.85 57.54
CA ARG L 1644 -57.01 56.85 58.09
C ARG L 1644 -55.55 56.48 57.82
N LYS L 1645 -54.78 57.46 57.38
CA LYS L 1645 -53.37 57.25 57.08
C LYS L 1645 -52.57 57.14 58.37
N ILE L 1646 -51.88 56.03 58.57
CA ILE L 1646 -50.91 55.93 59.64
C ILE L 1646 -49.65 56.69 59.20
N ILE L 1647 -49.02 57.38 60.13
CA ILE L 1647 -47.85 58.16 59.78
C ILE L 1647 -46.77 58.02 60.82
N LYS L 1648 -45.73 57.26 60.47
CA LYS L 1648 -44.59 57.11 61.36
C LYS L 1648 -43.87 58.43 61.50
N VAL L 1649 -43.55 58.78 62.74
CA VAL L 1649 -42.87 60.04 63.00
C VAL L 1649 -41.58 59.75 63.72
N ASP L 1650 -40.52 60.41 63.30
CA ASP L 1650 -39.20 60.18 63.86
C ASP L 1650 -38.43 61.49 63.96
N ALA L 1651 -38.03 61.83 65.18
CA ALA L 1651 -37.24 63.04 65.44
C ALA L 1651 -35.89 62.71 66.06
N ARG L 1652 -34.81 63.25 65.49
CA ARG L 1652 -33.48 62.91 65.97
C ARG L 1652 -32.58 64.11 66.21
N ASN L 1653 -31.56 63.88 67.03
CA ASN L 1653 -30.54 64.86 67.32
C ASN L 1653 -29.70 65.09 66.08
N LYS L 1654 -29.79 66.28 65.51
CA LYS L 1654 -29.13 66.55 64.23
C LYS L 1654 -27.60 66.36 64.23
N ASP L 1655 -27.02 66.08 65.40
CA ASP L 1655 -25.55 65.97 65.51
C ASP L 1655 -25.05 64.58 65.90
N THR L 1656 -25.94 63.79 66.51
CA THR L 1656 -25.57 62.46 66.97
C THR L 1656 -26.59 61.40 66.52
N ASP L 1657 -27.58 61.84 65.76
CA ASP L 1657 -28.65 60.99 65.24
C ASP L 1657 -29.24 60.04 66.28
N GLU L 1658 -29.15 60.44 67.54
CA GLU L 1658 -29.83 59.72 68.61
C GLU L 1658 -31.30 60.08 68.51
N SER L 1659 -32.16 59.11 68.69
CA SER L 1659 -33.60 59.35 68.59
C SER L 1659 -34.05 60.26 69.72
N VAL L 1660 -35.02 61.11 69.42
CA VAL L 1660 -35.62 62.00 70.42
C VAL L 1660 -37.08 61.62 70.59
N LEU L 1661 -37.77 61.53 69.48
CA LEU L 1661 -39.17 61.11 69.47
C LEU L 1661 -39.35 59.94 68.53
N GLN L 1662 -40.37 59.13 68.81
CA GLN L 1662 -40.77 58.05 67.92
C GLN L 1662 -42.22 57.69 68.17
N GLY L 1663 -43.06 57.87 67.17
CA GLY L 1663 -44.45 57.53 67.34
C GLY L 1663 -45.22 57.58 66.05
N GLU L 1664 -46.47 57.15 66.09
CA GLU L 1664 -47.34 57.15 64.93
C GLU L 1664 -48.46 58.19 65.08
N ALA L 1665 -49.04 58.61 63.97
CA ALA L 1665 -50.14 59.56 63.99
C ALA L 1665 -51.22 59.12 63.02
N GLU L 1666 -52.44 58.93 63.52
CA GLU L 1666 -53.55 58.49 62.68
C GLU L 1666 -54.33 59.63 62.01
N VAL L 1667 -53.73 60.24 61.01
CA VAL L 1667 -54.32 61.38 60.31
C VAL L 1667 -55.38 60.93 59.31
N GLU L 1668 -56.41 61.75 59.11
CA GLU L 1668 -57.45 61.43 58.14
C GLU L 1668 -57.11 61.84 56.69
N GLN L 1669 -57.51 61.00 55.76
CA GLN L 1669 -57.25 61.15 54.35
C GLN L 1669 -58.28 62.15 53.78
N PRO L 1670 -57.88 63.01 52.82
CA PRO L 1670 -58.65 64.12 52.19
C PRO L 1670 -60.10 63.80 51.80
N VAL L 1671 -60.93 64.83 51.72
CA VAL L 1671 -62.35 64.72 51.39
C VAL L 1671 -62.62 63.86 50.17
N THR L 1672 -63.33 62.75 50.37
CA THR L 1672 -63.55 61.80 49.28
C THR L 1672 -65.03 61.65 48.90
N ALA L 1673 -65.24 61.14 47.70
CA ALA L 1673 -66.57 60.80 47.21
C ALA L 1673 -66.50 59.58 46.31
N TYR L 1674 -67.22 58.52 46.67
CA TYR L 1674 -67.25 57.31 45.86
C TYR L 1674 -68.49 57.27 44.96
N VAL L 1675 -68.27 57.01 43.67
CA VAL L 1675 -69.38 56.95 42.74
C VAL L 1675 -69.30 55.71 41.86
N PHE L 1676 -70.40 54.96 41.84
CA PHE L 1676 -70.46 53.67 41.14
C PHE L 1676 -71.17 53.74 39.79
N THR L 1677 -70.45 53.30 38.77
CA THR L 1677 -70.87 53.45 37.38
C THR L 1677 -72.13 52.64 37.04
N GLY L 1678 -72.83 53.07 36.00
CA GLY L 1678 -74.06 52.41 35.56
C GLY L 1678 -73.82 51.53 34.34
N GLN L 1679 -74.91 51.01 33.77
CA GLN L 1679 -74.82 50.10 32.63
C GLN L 1679 -74.04 50.68 31.45
N GLY L 1680 -73.61 49.81 30.54
CA GLY L 1680 -72.92 50.27 29.34
C GLY L 1680 -71.43 50.03 29.34
N SER L 1681 -70.82 49.99 30.52
CA SER L 1681 -69.38 49.81 30.62
C SER L 1681 -68.98 48.36 30.86
N GLN L 1682 -69.97 47.46 30.83
CA GLN L 1682 -69.72 46.03 31.02
C GLN L 1682 -68.78 45.44 29.97
N GLU L 1683 -67.57 45.11 30.38
CA GLU L 1683 -66.62 44.44 29.51
C GLU L 1683 -66.50 42.97 29.90
N GLN L 1684 -66.33 42.11 28.90
CA GLN L 1684 -66.14 40.69 29.14
C GLN L 1684 -65.01 40.44 30.14
N GLY L 1685 -65.27 39.55 31.11
CA GLY L 1685 -64.27 39.15 32.08
C GLY L 1685 -63.88 40.23 33.07
N MET L 1686 -64.71 41.26 33.20
CA MET L 1686 -64.40 42.38 34.07
C MET L 1686 -64.17 41.94 35.53
N GLY L 1687 -63.15 42.50 36.15
CA GLY L 1687 -62.85 42.25 37.55
C GLY L 1687 -62.57 40.80 37.90
N MET L 1688 -62.20 40.02 36.89
CA MET L 1688 -61.84 38.62 37.08
C MET L 1688 -60.37 38.46 37.47
N ASP L 1689 -59.53 39.37 36.99
CA ASP L 1689 -58.12 39.44 37.38
C ASP L 1689 -57.99 39.68 38.89
N LEU L 1690 -58.83 40.57 39.38
CA LEU L 1690 -58.93 40.90 40.78
C LEU L 1690 -59.53 39.72 41.55
N TYR L 1691 -60.42 38.96 40.89
CA TYR L 1691 -60.99 37.74 41.45
C TYR L 1691 -59.89 36.81 41.94
N ALA L 1692 -58.89 36.60 41.09
CA ALA L 1692 -57.83 35.64 41.37
C ALA L 1692 -56.88 36.12 42.46
N THR L 1693 -56.63 37.43 42.48
CA THR L 1693 -55.61 38.01 43.34
C THR L 1693 -56.11 38.43 44.73
N SER L 1694 -57.43 38.46 44.93
CA SER L 1694 -58.01 38.88 46.22
C SER L 1694 -58.96 37.84 46.83
N PRO L 1695 -58.56 37.27 47.99
CA PRO L 1695 -59.36 36.27 48.69
C PRO L 1695 -60.67 36.87 49.14
N VAL L 1696 -60.72 38.20 49.20
CA VAL L 1696 -61.93 38.92 49.59
C VAL L 1696 -62.94 38.92 48.44
N ALA L 1697 -62.54 39.58 47.35
CA ALA L 1697 -63.38 39.72 46.18
C ALA L 1697 -63.82 38.34 45.71
N LYS L 1698 -62.92 37.37 45.89
CA LYS L 1698 -63.21 35.99 45.51
C LYS L 1698 -64.51 35.57 46.16
N GLU L 1699 -64.51 35.58 47.49
CA GLU L 1699 -65.63 35.05 48.25
C GLU L 1699 -66.95 35.75 47.91
N VAL L 1700 -66.86 37.04 47.59
CA VAL L 1700 -68.04 37.79 47.17
C VAL L 1700 -68.70 37.12 45.95
N TRP L 1701 -67.96 37.10 44.85
CA TRP L 1701 -68.42 36.47 43.63
C TRP L 1701 -68.95 35.06 43.89
N ASP L 1702 -68.28 34.36 44.79
CA ASP L 1702 -68.65 32.99 45.11
C ASP L 1702 -70.04 32.95 45.73
N ARG L 1703 -70.23 33.68 46.83
CA ARG L 1703 -71.54 33.69 47.50
C ARG L 1703 -72.62 34.07 46.51
N ALA L 1704 -72.24 34.92 45.56
CA ALA L 1704 -73.16 35.37 44.54
C ALA L 1704 -73.51 34.24 43.61
N ASP L 1705 -72.48 33.60 43.08
CA ASP L 1705 -72.68 32.50 42.15
C ASP L 1705 -73.43 31.40 42.83
N LYS L 1706 -72.91 30.97 43.97
CA LYS L 1706 -73.54 29.95 44.82
C LYS L 1706 -75.06 30.15 44.82
N HIS L 1707 -75.47 31.39 45.02
CA HIS L 1707 -76.88 31.75 44.96
C HIS L 1707 -77.45 31.44 43.58
N PHE L 1708 -77.09 32.27 42.60
CA PHE L 1708 -77.61 32.16 41.24
C PHE L 1708 -77.73 30.75 40.70
N ARG L 1709 -76.69 29.95 40.90
CA ARG L 1709 -76.69 28.60 40.39
C ARG L 1709 -77.80 27.80 41.03
N GLU L 1710 -77.86 27.86 42.36
CA GLU L 1710 -78.76 27.02 43.13
C GLU L 1710 -80.20 27.50 43.14
N ASN L 1711 -80.44 28.68 42.56
CA ASN L 1711 -81.77 29.29 42.61
C ASN L 1711 -82.35 29.58 41.21
N TYR L 1712 -81.51 30.10 40.32
CA TYR L 1712 -81.96 30.43 38.97
C TYR L 1712 -81.33 29.52 37.93
N GLY L 1713 -80.36 28.72 38.36
CA GLY L 1713 -79.80 27.68 37.51
C GLY L 1713 -78.76 28.11 36.49
N PHE L 1714 -78.05 29.19 36.81
CA PHE L 1714 -76.95 29.64 35.95
C PHE L 1714 -75.86 30.27 36.82
N SER L 1715 -74.72 30.58 36.21
CA SER L 1715 -73.63 31.25 36.91
C SER L 1715 -73.30 32.59 36.28
N ILE L 1716 -73.32 33.66 37.08
CA ILE L 1716 -72.99 34.97 36.54
C ILE L 1716 -71.51 35.07 36.26
N ILE L 1717 -70.70 34.29 36.97
CA ILE L 1717 -69.27 34.30 36.75
C ILE L 1717 -68.95 33.77 35.36
N ASP L 1718 -69.57 32.65 34.98
CA ASP L 1718 -69.46 32.15 33.62
C ASP L 1718 -69.84 33.22 32.60
N ILE L 1719 -71.07 33.72 32.70
CA ILE L 1719 -71.57 34.75 31.82
C ILE L 1719 -70.56 35.88 31.67
N VAL L 1720 -69.89 36.22 32.76
CA VAL L 1720 -68.88 37.29 32.72
C VAL L 1720 -67.55 36.86 32.12
N LYS L 1721 -67.00 35.74 32.59
CA LYS L 1721 -65.75 35.19 32.04
C LYS L 1721 -65.81 35.05 30.53
N ASN L 1722 -66.47 34.00 30.06
CA ASN L 1722 -66.77 33.86 28.63
C ASN L 1722 -68.20 34.26 28.32
N ASN L 1723 -68.33 35.36 27.60
CA ASN L 1723 -69.65 35.87 27.27
C ASN L 1723 -70.33 34.93 26.29
N PRO L 1724 -71.42 34.29 26.74
CA PRO L 1724 -72.22 33.41 25.87
C PRO L 1724 -73.21 34.21 25.06
N LYS L 1725 -73.34 33.93 23.77
CA LYS L 1725 -74.37 34.55 22.96
C LYS L 1725 -75.70 33.91 23.31
N GLU L 1726 -75.64 32.90 24.17
CA GLU L 1726 -76.80 32.09 24.49
C GLU L 1726 -76.47 31.15 25.64
N LEU L 1727 -77.46 30.92 26.50
CA LEU L 1727 -77.25 30.09 27.69
C LEU L 1727 -78.59 29.55 28.16
N THR L 1728 -78.60 28.29 28.55
CA THR L 1728 -79.85 27.65 28.94
C THR L 1728 -79.73 26.94 30.28
N VAL L 1729 -80.79 27.01 31.08
CA VAL L 1729 -80.83 26.37 32.39
C VAL L 1729 -81.68 25.12 32.29
N HIS L 1730 -81.55 24.24 33.29
CA HIS L 1730 -82.26 22.97 33.24
C HIS L 1730 -82.89 22.60 34.57
N PHE L 1731 -84.19 22.30 34.54
CA PHE L 1731 -84.96 22.01 35.75
C PHE L 1731 -85.01 20.52 36.03
N GLY L 1732 -83.85 19.96 36.37
CA GLY L 1732 -83.67 18.53 36.49
C GLY L 1732 -84.35 17.88 37.68
N GLY L 1733 -83.56 17.20 38.51
CA GLY L 1733 -84.09 16.43 39.62
C GLY L 1733 -84.65 17.28 40.75
N PRO L 1734 -84.60 16.76 41.98
CA PRO L 1734 -85.03 17.52 43.16
C PRO L 1734 -84.61 18.99 43.10
N ARG L 1735 -83.30 19.25 43.08
CA ARG L 1735 -82.78 20.63 43.05
C ARG L 1735 -83.16 21.41 41.81
N GLY L 1736 -83.66 20.70 40.80
CA GLY L 1736 -84.04 21.31 39.53
C GLY L 1736 -85.47 21.79 39.51
N LYS L 1737 -86.36 21.00 40.10
CA LYS L 1737 -87.77 21.35 40.15
C LYS L 1737 -87.95 22.65 40.93
N ILE L 1738 -87.13 22.83 41.97
CA ILE L 1738 -87.20 24.02 42.82
C ILE L 1738 -86.77 25.28 42.09
N ILE L 1739 -86.02 25.13 41.02
CA ILE L 1739 -85.56 26.27 40.25
C ILE L 1739 -86.67 26.83 39.39
N ARG L 1740 -87.32 25.96 38.63
CA ARG L 1740 -88.41 26.39 37.75
C ARG L 1740 -89.52 26.98 38.59
N GLN L 1741 -89.52 26.64 39.87
CA GLN L 1741 -90.46 27.23 40.82
C GLN L 1741 -90.27 28.73 40.87
N ASN L 1742 -89.02 29.17 40.92
CA ASN L 1742 -88.69 30.61 40.91
C ASN L 1742 -89.00 31.28 39.58
N TYR L 1743 -88.79 30.56 38.49
CA TYR L 1743 -89.11 31.08 37.17
C TYR L 1743 -90.61 31.24 37.03
N MET L 1744 -91.36 30.36 37.69
CA MET L 1744 -92.80 30.40 37.67
C MET L 1744 -93.30 31.54 38.56
N SER L 1745 -92.69 31.67 39.73
CA SER L 1745 -93.09 32.68 40.71
C SER L 1745 -92.50 34.06 40.40
N MET L 1746 -92.47 34.41 39.13
CA MET L 1746 -92.02 35.73 38.71
C MET L 1746 -93.21 36.55 38.22
N THR L 1747 -93.60 37.51 39.05
CA THR L 1747 -94.80 38.32 38.81
C THR L 1747 -94.48 39.65 38.09
N PHE L 1748 -95.43 40.11 37.28
CA PHE L 1748 -95.20 41.23 36.40
C PHE L 1748 -96.50 42.04 36.27
N GLU L 1749 -96.42 43.35 36.48
CA GLU L 1749 -97.63 44.19 36.59
C GLU L 1749 -97.90 45.14 35.40
N THR L 1750 -99.10 45.01 34.82
CA THR L 1750 -99.61 45.89 33.77
C THR L 1750 -101.14 45.96 33.83
N VAL L 1751 -101.68 47.13 34.15
CA VAL L 1751 -103.13 47.29 34.28
C VAL L 1751 -103.84 47.58 32.94
N ASN L 1752 -105.11 47.19 32.84
CA ASN L 1752 -105.93 47.45 31.66
C ASN L 1752 -106.34 48.95 31.57
N ALA L 1753 -106.72 49.38 30.37
CA ALA L 1753 -107.18 50.75 30.12
C ALA L 1753 -108.56 51.04 30.71
N ASP L 1754 -109.09 50.07 31.47
CA ASP L 1754 -110.34 50.27 32.22
C ASP L 1754 -110.14 50.14 33.74
N GLY L 1755 -108.89 49.92 34.17
CA GLY L 1755 -108.56 49.84 35.58
C GLY L 1755 -108.68 48.47 36.22
N SER L 1756 -107.98 47.49 35.66
CA SER L 1756 -107.87 46.16 36.28
C SER L 1756 -106.41 45.66 36.23
N ILE L 1757 -105.87 45.32 37.40
CA ILE L 1757 -104.46 44.95 37.55
C ILE L 1757 -104.12 43.55 36.97
N LYS L 1758 -103.52 43.53 35.78
CA LYS L 1758 -103.06 42.26 35.19
C LYS L 1758 -101.77 41.83 35.88
N THR L 1759 -101.82 40.66 36.50
CA THR L 1759 -100.62 40.04 37.06
C THR L 1759 -100.18 38.90 36.12
N GLU L 1760 -99.01 39.07 35.49
CA GLU L 1760 -98.55 38.19 34.41
C GLU L 1760 -97.20 37.55 34.68
N LYS L 1761 -96.97 36.39 34.06
CA LYS L 1761 -95.67 35.74 34.17
C LYS L 1761 -94.62 36.46 33.35
N ILE L 1762 -93.39 36.44 33.85
CA ILE L 1762 -92.26 37.02 33.13
C ILE L 1762 -91.68 35.96 32.18
N PHE L 1763 -91.66 34.72 32.68
CA PHE L 1763 -91.24 33.57 31.88
C PHE L 1763 -92.49 32.83 31.47
N LYS L 1764 -93.08 33.30 30.36
CA LYS L 1764 -94.40 32.85 29.96
C LYS L 1764 -94.43 31.36 29.61
N GLU L 1765 -93.33 30.87 29.05
CA GLU L 1765 -93.24 29.47 28.59
C GLU L 1765 -92.95 28.45 29.70
N VAL L 1766 -92.74 28.93 30.93
CA VAL L 1766 -92.42 28.04 32.03
C VAL L 1766 -93.66 27.59 32.77
N ASP L 1767 -93.91 26.28 32.76
CA ASP L 1767 -94.96 25.69 33.56
C ASP L 1767 -94.37 24.51 34.29
N GLU L 1768 -95.20 23.55 34.69
CA GLU L 1768 -94.72 22.38 35.43
C GLU L 1768 -94.50 21.18 34.51
N ASN L 1769 -94.43 21.45 33.22
CA ASN L 1769 -94.08 20.45 32.20
C ASN L 1769 -92.87 20.94 31.42
N SER L 1770 -92.21 21.95 31.98
CA SER L 1770 -91.05 22.57 31.35
C SER L 1770 -89.74 22.02 31.91
N THR L 1771 -88.86 21.56 31.02
CA THR L 1771 -87.58 20.97 31.40
C THR L 1771 -86.46 22.01 31.40
N SER L 1772 -86.64 23.09 30.64
CA SER L 1772 -85.56 24.06 30.43
C SER L 1772 -86.01 25.38 29.84
N TYR L 1773 -85.37 26.45 30.30
CA TYR L 1773 -85.58 27.76 29.70
C TYR L 1773 -84.26 28.22 29.07
N THR L 1774 -84.34 29.05 28.03
CA THR L 1774 -83.14 29.54 27.37
C THR L 1774 -83.11 31.06 27.20
N TYR L 1775 -82.02 31.67 27.67
CA TYR L 1775 -81.78 33.08 27.41
C TYR L 1775 -80.99 33.17 26.11
N ARG L 1776 -81.08 34.31 25.43
CA ARG L 1776 -80.31 34.54 24.20
C ARG L 1776 -80.01 36.02 24.00
N SER L 1777 -79.00 36.29 23.19
CA SER L 1777 -78.68 37.65 22.72
C SER L 1777 -77.54 37.57 21.71
N PRO L 1778 -77.78 38.06 20.48
CA PRO L 1778 -76.79 37.96 19.41
C PRO L 1778 -75.50 38.71 19.75
N SER L 1779 -75.59 39.60 20.74
CA SER L 1779 -74.47 40.45 21.10
C SER L 1779 -73.81 39.97 22.40
N GLY L 1780 -74.38 38.90 22.96
CA GLY L 1780 -73.89 38.31 24.20
C GLY L 1780 -74.85 38.48 25.37
N LEU L 1781 -74.86 37.50 26.28
CA LEU L 1781 -75.77 37.57 27.42
C LEU L 1781 -75.32 38.59 28.47
N LEU L 1782 -74.06 39.00 28.36
CA LEU L 1782 -73.51 40.05 29.22
C LEU L 1782 -73.92 41.41 28.64
N SER L 1783 -74.91 41.36 27.76
CA SER L 1783 -75.40 42.54 27.10
C SER L 1783 -76.82 42.84 27.61
N ALA L 1784 -77.66 41.80 27.67
CA ALA L 1784 -79.02 41.94 28.18
C ALA L 1784 -78.98 42.09 29.70
N THR L 1785 -79.80 43.00 30.24
CA THR L 1785 -79.63 43.48 31.63
C THR L 1785 -79.83 42.48 32.77
N GLN L 1786 -80.77 41.54 32.64
CA GLN L 1786 -81.01 40.59 33.71
C GLN L 1786 -79.68 40.06 34.21
N PHE L 1787 -78.74 39.89 33.27
CA PHE L 1787 -77.39 39.45 33.60
C PHE L 1787 -76.42 40.62 33.76
N THR L 1788 -76.38 41.49 32.76
CA THR L 1788 -75.54 42.68 32.78
C THR L 1788 -75.49 43.38 34.14
N GLN L 1789 -76.67 43.60 34.71
CA GLN L 1789 -76.78 44.37 35.94
C GLN L 1789 -76.10 43.71 37.15
N PRO L 1790 -76.55 42.49 37.53
CA PRO L 1790 -75.93 41.80 38.65
C PRO L 1790 -74.42 41.68 38.50
N ALA L 1791 -73.95 41.55 37.27
CA ALA L 1791 -72.52 41.50 36.98
C ALA L 1791 -71.81 42.77 37.43
N LEU L 1792 -72.24 43.92 36.92
CA LEU L 1792 -71.65 45.20 37.28
C LEU L 1792 -71.70 45.42 38.78
N THR L 1793 -72.85 45.11 39.37
CA THR L 1793 -73.02 45.19 40.80
C THR L 1793 -71.91 44.44 41.54
N LEU L 1794 -71.75 43.16 41.18
CA LEU L 1794 -70.72 42.30 41.78
C LEU L 1794 -69.34 42.93 41.70
N MET L 1795 -68.88 43.20 40.48
CA MET L 1795 -67.51 43.65 40.28
C MET L 1795 -67.23 44.84 41.15
N GLU L 1796 -68.25 45.65 41.37
CA GLU L 1796 -68.10 46.84 42.19
C GLU L 1796 -68.03 46.51 43.69
N LYS L 1797 -69.06 45.81 44.17
CA LYS L 1797 -69.13 45.39 45.57
C LYS L 1797 -67.85 44.71 45.98
N ALA L 1798 -67.39 43.79 45.13
CA ALA L 1798 -66.13 43.09 45.34
C ALA L 1798 -64.98 44.07 45.41
N SER L 1799 -64.82 44.85 44.34
CA SER L 1799 -63.74 45.84 44.24
C SER L 1799 -63.66 46.72 45.46
N PHE L 1800 -64.82 47.26 45.85
CA PHE L 1800 -64.90 48.16 46.99
C PHE L 1800 -64.58 47.43 48.27
N GLU L 1801 -65.20 46.27 48.44
CA GLU L 1801 -65.02 45.45 49.63
C GLU L 1801 -63.55 45.05 49.81
N ASP L 1802 -62.79 45.10 48.73
CA ASP L 1802 -61.37 44.84 48.82
C ASP L 1802 -60.65 46.03 49.43
N MET L 1803 -60.91 47.22 48.90
CA MET L 1803 -60.30 48.44 49.45
C MET L 1803 -60.61 48.50 50.93
N ARG L 1804 -61.86 48.22 51.26
CA ARG L 1804 -62.29 48.22 52.64
C ARG L 1804 -61.32 47.35 53.41
N SER L 1805 -60.95 46.23 52.82
CA SER L 1805 -60.06 45.26 53.43
C SER L 1805 -58.63 45.81 53.66
N LYS L 1806 -58.17 46.66 52.75
CA LYS L 1806 -56.85 47.28 52.91
C LYS L 1806 -56.97 48.51 53.81
N GLY L 1807 -58.21 48.93 54.06
CA GLY L 1807 -58.52 50.01 54.98
C GLY L 1807 -58.49 51.39 54.36
N LEU L 1808 -59.09 51.51 53.19
CA LEU L 1808 -59.01 52.74 52.42
C LEU L 1808 -60.34 53.51 52.46
N VAL L 1809 -61.38 52.82 52.89
CA VAL L 1809 -62.71 53.42 52.93
C VAL L 1809 -62.76 54.47 54.03
N GLN L 1810 -63.26 55.65 53.68
CA GLN L 1810 -63.32 56.77 54.61
C GLN L 1810 -64.64 56.80 55.39
N ARG L 1811 -64.53 56.98 56.71
CA ARG L 1811 -65.69 57.05 57.59
C ARG L 1811 -66.74 58.05 57.11
N ASP L 1812 -66.24 59.24 56.76
CA ASP L 1812 -67.09 60.40 56.52
C ASP L 1812 -66.94 60.85 55.07
N SER L 1813 -67.63 60.18 54.16
CA SER L 1813 -67.58 60.58 52.76
C SER L 1813 -68.91 60.33 52.05
N THR L 1814 -68.99 60.85 50.83
CA THR L 1814 -70.20 60.75 50.04
C THR L 1814 -70.18 59.49 49.20
N PHE L 1815 -71.36 59.05 48.78
CA PHE L 1815 -71.45 57.97 47.82
C PHE L 1815 -72.75 58.04 47.01
N ALA L 1816 -72.62 57.86 45.69
CA ALA L 1816 -73.79 57.86 44.81
C ALA L 1816 -73.57 56.90 43.67
N GLY L 1817 -74.67 56.50 43.04
CA GLY L 1817 -74.59 55.64 41.88
C GLY L 1817 -75.35 56.27 40.73
N HIS L 1818 -75.16 55.73 39.53
CA HIS L 1818 -75.90 56.17 38.35
C HIS L 1818 -76.68 55.01 37.72
N SER L 1819 -78.00 55.16 37.64
CA SER L 1819 -78.89 54.08 37.19
C SER L 1819 -78.73 52.89 38.11
N LEU L 1820 -78.01 51.87 37.63
CA LEU L 1820 -77.74 50.69 38.43
C LEU L 1820 -76.86 51.01 39.64
N GLY L 1821 -75.80 51.79 39.40
CA GLY L 1821 -74.78 52.09 40.40
C GLY L 1821 -75.33 52.47 41.77
N GLU L 1822 -76.54 53.02 41.78
CA GLU L 1822 -77.18 53.42 43.03
C GLU L 1822 -77.42 52.22 43.94
N TYR L 1823 -77.85 51.12 43.35
CA TYR L 1823 -78.11 49.91 44.14
C TYR L 1823 -76.83 49.34 44.73
N SER L 1824 -75.83 49.10 43.89
CA SER L 1824 -74.55 48.62 44.37
C SER L 1824 -74.00 49.59 45.41
N ALA L 1825 -73.95 50.86 45.04
CA ALA L 1825 -73.50 51.92 45.93
C ALA L 1825 -74.01 51.70 47.35
N LEU L 1826 -75.32 51.59 47.49
CA LEU L 1826 -75.96 51.38 48.78
C LEU L 1826 -75.31 50.25 49.55
N VAL L 1827 -75.34 49.06 48.97
CA VAL L 1827 -74.79 47.86 49.58
C VAL L 1827 -73.28 47.96 49.80
N ALA L 1828 -72.64 48.85 49.04
CA ALA L 1828 -71.20 49.00 49.10
C ALA L 1828 -70.77 49.55 50.44
N LEU L 1829 -71.31 50.71 50.79
CA LEU L 1829 -70.90 51.42 52.00
C LEU L 1829 -71.88 51.25 53.16
N ALA L 1830 -73.17 51.16 52.85
CA ALA L 1830 -74.18 50.81 53.84
C ALA L 1830 -74.53 49.34 53.67
N ASP L 1831 -74.80 48.65 54.78
CA ASP L 1831 -75.19 47.25 54.66
C ASP L 1831 -76.66 47.11 54.32
N VAL L 1832 -77.08 47.79 53.25
CA VAL L 1832 -78.49 47.86 52.86
C VAL L 1832 -79.12 46.48 52.77
N MET L 1833 -78.31 45.49 52.43
CA MET L 1833 -78.76 44.12 52.29
C MET L 1833 -77.60 43.18 52.01
N PRO L 1834 -77.73 41.91 52.42
CA PRO L 1834 -76.78 40.85 52.07
C PRO L 1834 -76.65 40.72 50.56
N ILE L 1835 -75.48 40.32 50.08
CA ILE L 1835 -75.17 40.37 48.66
C ILE L 1835 -76.07 39.49 47.77
N GLU L 1836 -76.51 38.35 48.29
CA GLU L 1836 -77.44 37.47 47.58
C GLU L 1836 -78.78 38.17 47.34
N SER L 1837 -79.20 38.94 48.33
CA SER L 1837 -80.40 39.74 48.19
C SER L 1837 -80.15 40.75 47.07
N LEU L 1838 -78.98 41.39 47.11
CA LEU L 1838 -78.63 42.45 46.15
C LEU L 1838 -78.78 42.00 44.72
N VAL L 1839 -78.10 40.90 44.38
CA VAL L 1839 -78.14 40.37 43.03
C VAL L 1839 -79.55 39.98 42.64
N SER L 1840 -80.28 39.32 43.55
CA SER L 1840 -81.67 38.96 43.33
C SER L 1840 -82.47 40.21 42.93
N VAL L 1841 -82.52 41.16 43.87
CA VAL L 1841 -83.11 42.45 43.61
C VAL L 1841 -82.80 42.94 42.20
N VAL L 1842 -81.51 43.13 41.92
CA VAL L 1842 -81.06 43.70 40.65
C VAL L 1842 -81.41 42.86 39.42
N PHE L 1843 -81.38 41.53 39.58
CA PHE L 1843 -81.78 40.62 38.52
C PHE L 1843 -83.26 40.81 38.20
N TYR L 1844 -84.05 41.03 39.24
CA TYR L 1844 -85.46 41.31 39.09
C TYR L 1844 -85.61 42.63 38.34
N ARG L 1845 -84.93 43.66 38.83
CA ARG L 1845 -84.96 45.00 38.24
C ARG L 1845 -84.74 44.96 36.74
N GLY L 1846 -83.74 44.19 36.31
CA GLY L 1846 -83.43 44.02 34.90
C GLY L 1846 -84.56 43.37 34.14
N LEU L 1847 -85.20 42.39 34.76
CA LEU L 1847 -86.34 41.70 34.15
C LEU L 1847 -87.54 42.63 33.93
N THR L 1848 -88.00 43.29 34.99
CA THR L 1848 -89.14 44.20 34.86
C THR L 1848 -88.83 45.35 33.92
N MET L 1849 -87.56 45.77 33.87
CA MET L 1849 -87.14 46.81 32.95
C MET L 1849 -87.30 46.39 31.49
N GLN L 1850 -87.15 45.09 31.23
CA GLN L 1850 -87.20 44.59 29.86
C GLN L 1850 -88.62 44.21 29.43
N VAL L 1851 -89.45 43.82 30.40
CA VAL L 1851 -90.82 43.40 30.13
C VAL L 1851 -91.75 44.60 29.95
N ALA L 1852 -91.32 45.76 30.42
CA ALA L 1852 -92.11 46.99 30.34
C ALA L 1852 -92.62 47.33 28.94
N VAL L 1853 -91.69 47.64 28.03
CA VAL L 1853 -92.01 48.00 26.64
C VAL L 1853 -92.56 46.82 25.84
N GLU L 1854 -93.18 47.14 24.70
CA GLU L 1854 -93.69 46.12 23.81
C GLU L 1854 -92.97 46.11 22.47
N ARG L 1855 -92.81 44.92 21.89
CA ARG L 1855 -92.23 44.77 20.56
C ARG L 1855 -92.97 43.72 19.74
N ASP L 1856 -92.64 43.65 18.45
CA ASP L 1856 -93.25 42.67 17.56
C ASP L 1856 -92.39 41.40 17.42
N GLU L 1857 -92.59 40.67 16.33
CA GLU L 1857 -91.90 39.40 16.09
C GLU L 1857 -90.45 39.58 15.68
N GLN L 1858 -90.18 40.62 14.91
CA GLN L 1858 -88.82 40.89 14.42
C GLN L 1858 -87.88 41.36 15.54
N GLY L 1859 -88.45 41.72 16.68
CA GLY L 1859 -87.69 42.30 17.77
C GLY L 1859 -88.02 43.79 17.89
N ARG L 1860 -88.23 44.43 16.74
CA ARG L 1860 -88.67 45.84 16.64
C ARG L 1860 -89.39 46.35 17.90
N SER L 1861 -88.72 47.24 18.64
CA SER L 1861 -89.31 47.84 19.83
C SER L 1861 -90.03 49.14 19.47
N ASN L 1862 -90.81 49.67 20.41
CA ASN L 1862 -91.56 50.89 20.15
C ASN L 1862 -90.75 52.18 20.41
N TYR L 1863 -90.04 52.21 21.53
CA TYR L 1863 -89.28 53.39 21.93
C TYR L 1863 -87.77 53.20 21.74
N ALA L 1864 -87.00 54.23 22.09
CA ALA L 1864 -85.54 54.21 21.99
C ALA L 1864 -84.92 55.45 22.66
N MET L 1865 -83.65 55.35 23.00
CA MET L 1865 -82.98 56.46 23.68
C MET L 1865 -81.88 57.10 22.87
N CYS L 1866 -81.51 58.32 23.24
CA CYS L 1866 -80.59 59.11 22.45
C CYS L 1866 -79.94 60.28 23.22
N ALA L 1867 -78.63 60.43 23.04
CA ALA L 1867 -77.86 61.47 23.72
C ALA L 1867 -77.91 62.79 22.97
N VAL L 1868 -77.76 63.90 23.70
CA VAL L 1868 -77.80 65.23 23.11
C VAL L 1868 -76.76 66.20 23.68
N ASN L 1869 -76.05 66.89 22.77
CA ASN L 1869 -75.01 67.86 23.12
C ASN L 1869 -75.43 69.30 22.75
N PRO L 1870 -76.05 70.03 23.70
CA PRO L 1870 -76.46 71.43 23.46
C PRO L 1870 -75.29 72.37 23.07
N SER L 1871 -74.05 71.93 23.25
CA SER L 1871 -72.87 72.68 22.84
C SER L 1871 -72.77 72.74 21.31
N ARG L 1872 -73.41 71.79 20.63
CA ARG L 1872 -73.34 71.68 19.17
C ARG L 1872 -74.50 72.32 18.41
N ILE L 1873 -75.38 73.02 19.14
CA ILE L 1873 -76.40 73.88 18.52
C ILE L 1873 -75.88 75.31 18.44
N SER L 1874 -75.82 75.96 19.60
CA SER L 1874 -75.32 77.32 19.74
C SER L 1874 -74.76 77.47 21.15
N PRO L 1875 -73.63 78.21 21.30
CA PRO L 1875 -73.05 78.49 22.62
C PRO L 1875 -74.02 79.22 23.57
N THR L 1876 -75.12 79.75 23.04
CA THR L 1876 -76.17 80.39 23.84
C THR L 1876 -77.12 79.35 24.44
N PHE L 1877 -77.29 78.25 23.72
CA PHE L 1877 -78.27 77.20 24.02
C PHE L 1877 -78.15 76.57 25.43
N THR L 1878 -79.07 76.98 26.32
CA THR L 1878 -79.07 76.58 27.73
C THR L 1878 -79.51 75.12 27.95
N GLU L 1879 -79.28 74.62 29.16
CA GLU L 1879 -79.91 73.40 29.62
C GLU L 1879 -81.43 73.57 29.47
N GLN L 1880 -81.94 74.72 29.91
CA GLN L 1880 -83.37 75.02 29.88
C GLN L 1880 -83.95 75.20 28.47
N ALA L 1881 -83.07 75.48 27.51
CA ALA L 1881 -83.46 75.60 26.11
C ALA L 1881 -83.75 74.21 25.54
N LEU L 1882 -82.94 73.23 25.95
CA LEU L 1882 -83.14 71.83 25.54
C LEU L 1882 -84.40 71.23 26.15
N GLN L 1883 -84.70 71.62 27.39
CA GLN L 1883 -85.91 71.19 28.07
C GLN L 1883 -87.12 71.74 27.34
N TYR L 1884 -87.07 73.04 27.02
CA TYR L 1884 -88.17 73.71 26.33
C TYR L 1884 -88.46 73.09 24.95
N VAL L 1885 -87.42 72.89 24.15
CA VAL L 1885 -87.57 72.21 22.85
C VAL L 1885 -88.32 70.88 23.03
N VAL L 1886 -87.96 70.15 24.09
CA VAL L 1886 -88.50 68.83 24.36
C VAL L 1886 -89.92 68.84 24.96
N GLU L 1887 -90.08 69.51 26.11
CA GLU L 1887 -91.37 69.64 26.79
C GLU L 1887 -92.46 70.09 25.84
N ASN L 1888 -92.08 70.98 24.90
CA ASN L 1888 -92.99 71.45 23.86
C ASN L 1888 -93.34 70.36 22.86
N ILE L 1889 -92.31 69.73 22.28
CA ILE L 1889 -92.52 68.64 21.35
C ILE L 1889 -93.36 67.54 22.00
N ALA L 1890 -93.34 67.51 23.34
CA ALA L 1890 -94.05 66.49 24.12
C ALA L 1890 -95.59 66.58 24.06
N GLU L 1891 -96.12 67.73 24.42
CA GLU L 1891 -97.58 67.93 24.47
C GLU L 1891 -98.14 68.45 23.15
N VAL L 1892 -97.24 68.85 22.24
CA VAL L 1892 -97.60 69.34 20.91
C VAL L 1892 -97.84 68.19 19.91
N THR L 1893 -96.89 67.26 19.84
CA THR L 1893 -97.02 66.08 18.96
C THR L 1893 -97.64 64.87 19.68
N GLY L 1894 -97.92 65.03 20.98
CA GLY L 1894 -98.67 64.05 21.74
C GLY L 1894 -97.99 62.71 22.03
N TRP L 1895 -96.73 62.57 21.64
CA TRP L 1895 -95.97 61.35 21.89
C TRP L 1895 -95.26 61.39 23.24
N LEU L 1896 -94.38 60.41 23.48
CA LEU L 1896 -93.60 60.36 24.70
C LEU L 1896 -92.16 60.79 24.44
N LEU L 1897 -91.68 61.73 25.24
CA LEU L 1897 -90.34 62.31 25.09
C LEU L 1897 -89.96 63.16 26.31
N GLU L 1898 -88.85 62.79 26.95
CA GLU L 1898 -88.35 63.49 28.13
C GLU L 1898 -86.84 63.35 28.28
N ILE L 1899 -86.20 64.39 28.82
CA ILE L 1899 -84.81 64.26 29.22
C ILE L 1899 -84.76 63.27 30.36
N VAL L 1900 -84.10 62.15 30.11
CA VAL L 1900 -83.99 61.07 31.08
C VAL L 1900 -82.70 61.18 31.90
N ASN L 1901 -81.61 61.55 31.23
CA ASN L 1901 -80.31 61.75 31.88
C ASN L 1901 -79.81 63.21 31.88
N TYR L 1902 -79.29 63.64 33.03
CA TYR L 1902 -78.64 64.94 33.14
C TYR L 1902 -77.20 64.75 33.58
N ASN L 1903 -76.30 64.71 32.60
CA ASN L 1903 -74.91 64.29 32.86
C ASN L 1903 -73.89 65.42 33.05
N VAL L 1904 -73.65 66.18 31.99
CA VAL L 1904 -72.76 67.34 32.06
C VAL L 1904 -73.53 68.63 31.73
N ALA L 1905 -73.16 69.71 32.43
CA ALA L 1905 -73.91 70.97 32.42
C ALA L 1905 -74.27 71.50 31.03
N ASN L 1906 -73.45 71.19 30.04
CA ASN L 1906 -73.70 71.70 28.69
C ASN L 1906 -73.53 70.63 27.64
N MET L 1907 -72.89 69.53 28.02
CA MET L 1907 -72.29 68.65 27.02
C MET L 1907 -72.95 67.28 26.89
N GLN L 1908 -73.68 66.85 27.92
CA GLN L 1908 -74.21 65.48 27.91
C GLN L 1908 -75.61 65.36 28.52
N TYR L 1909 -76.62 65.30 27.67
CA TYR L 1909 -77.98 65.03 28.10
C TYR L 1909 -78.52 63.84 27.32
N VAL L 1910 -79.54 63.18 27.85
CA VAL L 1910 -80.09 62.00 27.19
C VAL L 1910 -81.61 61.97 27.27
N ALA L 1911 -82.25 61.74 26.14
CA ALA L 1911 -83.71 61.71 26.11
C ALA L 1911 -84.23 60.38 25.60
N ALA L 1912 -85.33 59.94 26.20
CA ALA L 1912 -86.01 58.72 25.79
C ALA L 1912 -87.33 59.06 25.11
N GLY L 1913 -88.08 58.03 24.74
CA GLY L 1913 -89.42 58.23 24.20
C GLY L 1913 -89.68 57.54 22.86
N ASP L 1914 -90.81 57.88 22.25
CA ASP L 1914 -91.19 57.35 20.95
C ASP L 1914 -90.11 57.57 19.88
N LEU L 1915 -90.05 56.70 18.88
CA LEU L 1915 -89.09 56.83 17.76
C LEU L 1915 -89.28 58.14 16.97
N ARG L 1916 -90.53 58.55 16.84
CA ARG L 1916 -90.89 59.78 16.14
C ARG L 1916 -90.65 61.02 17.01
N ALA L 1917 -90.80 60.87 18.33
CA ALA L 1917 -90.54 61.95 19.28
C ALA L 1917 -89.03 62.20 19.43
N LEU L 1918 -88.22 61.22 19.05
CA LEU L 1918 -86.76 61.36 18.97
C LEU L 1918 -86.36 61.77 17.55
N ASP L 1919 -87.34 61.72 16.64
CA ASP L 1919 -87.11 62.08 15.24
C ASP L 1919 -87.53 63.53 14.98
N THR L 1920 -88.49 64.02 15.76
CA THR L 1920 -88.93 65.40 15.66
C THR L 1920 -88.03 66.29 16.49
N LEU L 1921 -87.47 65.74 17.56
CA LEU L 1921 -86.50 66.43 18.39
C LEU L 1921 -85.10 66.35 17.75
N ALA L 1922 -84.90 65.34 16.92
CA ALA L 1922 -83.69 65.25 16.11
C ALA L 1922 -83.74 66.33 15.04
N ASN L 1923 -84.90 66.50 14.42
CA ASN L 1923 -85.14 67.54 13.42
C ASN L 1923 -84.97 68.97 13.93
N VAL L 1924 -85.78 69.36 14.91
CA VAL L 1924 -85.82 70.72 15.43
C VAL L 1924 -84.45 71.31 15.76
N LEU L 1925 -83.53 70.45 16.22
CA LEU L 1925 -82.18 70.87 16.60
C LEU L 1925 -81.27 71.07 15.37
N ASN L 1926 -81.53 70.31 14.30
CA ASN L 1926 -80.85 70.47 13.02
C ASN L 1926 -81.23 71.79 12.35
N ILE L 1927 -82.50 72.16 12.54
CA ILE L 1927 -83.04 73.46 12.12
C ILE L 1927 -82.36 74.61 12.88
N LEU L 1928 -82.45 74.57 14.21
CA LEU L 1928 -81.93 75.63 15.09
C LEU L 1928 -80.40 75.73 15.12
N LYS L 1929 -79.73 74.65 14.74
CA LYS L 1929 -78.28 74.66 14.58
C LYS L 1929 -77.91 75.39 13.28
N MET L 1930 -78.57 75.03 12.19
CA MET L 1930 -78.30 75.57 10.86
C MET L 1930 -79.00 76.91 10.63
N GLN L 1931 -79.87 77.27 11.56
CA GLN L 1931 -80.57 78.55 11.56
C GLN L 1931 -79.79 79.58 12.40
N LYS L 1932 -78.74 79.10 13.07
CA LYS L 1932 -77.83 79.95 13.83
C LYS L 1932 -78.56 80.81 14.86
N ILE L 1933 -79.44 80.21 15.64
CA ILE L 1933 -80.28 80.98 16.56
C ILE L 1933 -79.65 81.34 17.93
N ASP L 1934 -80.29 82.29 18.59
CA ASP L 1934 -79.89 82.75 19.91
C ASP L 1934 -81.20 82.96 20.67
N ILE L 1935 -81.46 82.09 21.66
CA ILE L 1935 -82.72 82.13 22.39
C ILE L 1935 -82.72 83.18 23.52
N GLN L 1936 -81.57 83.81 23.74
CA GLN L 1936 -81.43 84.92 24.69
C GLN L 1936 -81.87 86.24 24.04
N ALA L 1937 -81.44 86.45 22.79
CA ALA L 1937 -81.86 87.59 21.98
C ALA L 1937 -83.33 87.47 21.50
N LEU L 1938 -83.83 86.24 21.43
CA LEU L 1938 -85.21 85.95 21.01
C LEU L 1938 -86.22 85.94 22.16
N MET L 1939 -85.73 86.13 23.40
CA MET L 1939 -86.59 86.19 24.59
C MET L 1939 -86.81 87.63 25.03
N GLN L 1940 -86.01 88.54 24.46
CA GLN L 1940 -86.16 89.98 24.65
C GLN L 1940 -86.86 90.61 23.45
N SER L 1941 -86.57 90.07 22.25
CA SER L 1941 -87.23 90.49 21.01
C SER L 1941 -88.69 90.04 20.97
N MET L 1942 -88.89 88.73 20.99
CA MET L 1942 -90.22 88.13 21.01
C MET L 1942 -90.57 87.73 22.44
N SER L 1943 -91.83 87.90 22.84
CA SER L 1943 -92.27 87.43 24.15
C SER L 1943 -92.19 85.91 24.23
N LEU L 1944 -92.77 85.36 25.29
CA LEU L 1944 -92.73 83.93 25.54
C LEU L 1944 -93.63 83.19 24.54
N GLU L 1945 -94.78 83.80 24.23
CA GLU L 1945 -95.77 83.22 23.33
C GLU L 1945 -95.33 83.25 21.88
N ASP L 1946 -94.40 84.17 21.58
CA ASP L 1946 -94.00 84.46 20.20
C ASP L 1946 -92.98 83.43 19.69
N VAL L 1947 -92.08 83.03 20.59
CA VAL L 1947 -91.13 81.96 20.30
C VAL L 1947 -91.75 80.59 20.61
N ARG L 1948 -92.76 80.58 21.47
CA ARG L 1948 -93.55 79.37 21.78
C ARG L 1948 -94.49 78.98 20.63
N ALA L 1949 -95.19 79.97 20.07
CA ALA L 1949 -96.03 79.76 18.90
C ALA L 1949 -95.16 79.67 17.63
N HIS L 1950 -93.92 80.15 17.73
CA HIS L 1950 -92.92 80.01 16.67
C HIS L 1950 -92.37 78.59 16.63
N LEU L 1951 -92.35 77.93 17.80
CA LEU L 1951 -91.93 76.54 17.97
C LEU L 1951 -93.01 75.55 17.54
N VAL L 1952 -94.25 75.78 17.97
CA VAL L 1952 -95.38 74.94 17.57
C VAL L 1952 -95.49 74.88 16.03
N GLU L 1953 -94.80 75.80 15.36
CA GLU L 1953 -94.64 75.78 13.90
C GLU L 1953 -93.64 74.70 13.46
N ILE L 1954 -92.37 74.91 13.82
CA ILE L 1954 -91.28 73.99 13.47
C ILE L 1954 -91.56 72.56 13.98
N ILE L 1955 -92.36 72.44 15.04
CA ILE L 1955 -92.72 71.13 15.60
C ILE L 1955 -93.61 70.32 14.66
N GLN L 1956 -94.79 70.86 14.34
CA GLN L 1956 -95.73 70.22 13.42
C GLN L 1956 -95.14 69.99 12.03
N GLU L 1957 -94.28 70.90 11.59
CA GLU L 1957 -93.55 70.75 10.34
C GLU L 1957 -92.70 69.49 10.38
N CYS L 1958 -91.70 69.50 11.27
CA CYS L 1958 -90.78 68.40 11.46
C CYS L 1958 -91.48 67.10 11.91
N ARG L 1959 -92.73 67.25 12.37
CA ARG L 1959 -93.55 66.14 12.86
C ARG L 1959 -94.10 65.26 11.74
N LYS L 1960 -94.89 65.86 10.86
CA LYS L 1960 -95.55 65.11 9.79
C LYS L 1960 -94.58 64.63 8.71
N GLN L 1961 -93.33 65.09 8.76
CA GLN L 1961 -92.26 64.58 7.90
C GLN L 1961 -91.79 63.21 8.39
N THR L 1962 -91.75 63.07 9.71
CA THR L 1962 -91.37 61.81 10.35
C THR L 1962 -92.53 60.80 10.28
N GLU L 1963 -93.76 61.31 10.19
CA GLU L 1963 -94.97 60.48 10.17
C GLU L 1963 -95.19 59.76 8.85
N ALA L 1964 -94.92 60.46 7.74
CA ALA L 1964 -95.06 59.89 6.40
C ALA L 1964 -93.90 58.94 6.07
N LYS L 1965 -92.78 59.13 6.77
CA LYS L 1965 -91.65 58.20 6.68
C LYS L 1965 -92.03 56.86 7.32
N PRO L 1966 -91.28 55.78 7.01
CA PRO L 1966 -91.58 54.42 7.48
C PRO L 1966 -92.07 54.33 8.95
N GLN L 1967 -92.93 53.36 9.25
CA GLN L 1967 -93.55 53.26 10.59
C GLN L 1967 -92.56 52.98 11.74
N PRO L 1968 -91.58 52.08 11.54
CA PRO L 1968 -90.49 51.98 12.53
C PRO L 1968 -89.30 52.87 12.11
N VAL L 1969 -89.20 54.04 12.73
CA VAL L 1969 -88.19 55.03 12.34
C VAL L 1969 -86.80 54.66 12.81
N GLN L 1970 -85.91 54.30 11.88
CA GLN L 1970 -84.49 54.09 12.25
C GLN L 1970 -83.78 55.43 12.47
N LEU L 1971 -83.86 55.93 13.70
CA LEU L 1971 -83.29 57.22 14.10
C LEU L 1971 -81.79 57.27 13.89
N GLU L 1972 -81.30 58.40 13.38
CA GLU L 1972 -79.90 58.51 13.00
C GLU L 1972 -79.19 59.72 13.60
N ARG L 1973 -77.88 59.79 13.35
CA ARG L 1973 -77.00 60.79 13.95
C ARG L 1973 -77.19 62.18 13.37
N GLY L 1974 -77.62 63.13 14.22
CA GLY L 1974 -77.75 64.53 13.83
C GLY L 1974 -76.52 65.36 14.16
N PHE L 1975 -76.75 66.60 14.58
CA PHE L 1975 -75.65 67.51 14.98
C PHE L 1975 -75.20 67.21 16.42
N ALA L 1976 -76.18 67.08 17.30
CA ALA L 1976 -75.93 66.76 18.70
C ALA L 1976 -76.72 65.50 19.05
N THR L 1977 -77.54 65.04 18.10
CA THR L 1977 -78.46 63.92 18.27
C THR L 1977 -77.80 62.58 17.87
N ILE L 1978 -77.10 61.94 18.81
CA ILE L 1978 -76.51 60.61 18.55
C ILE L 1978 -77.23 59.52 19.37
N PRO L 1979 -78.10 58.74 18.70
CA PRO L 1979 -78.94 57.73 19.37
C PRO L 1979 -78.09 56.64 20.03
N LEU L 1980 -78.57 56.13 21.16
CA LEU L 1980 -77.90 55.07 21.90
C LEU L 1980 -78.34 53.70 21.41
N ARG L 1981 -77.44 53.02 20.70
CA ARG L 1981 -77.73 51.72 20.12
C ARG L 1981 -77.80 50.61 21.18
N GLY L 1982 -78.99 50.01 21.32
CA GLY L 1982 -79.18 48.91 22.25
C GLY L 1982 -80.12 49.22 23.41
N ILE L 1983 -81.12 50.08 23.17
CA ILE L 1983 -82.09 50.43 24.20
C ILE L 1983 -83.53 50.34 23.68
N ASP L 1984 -84.29 49.39 24.22
CA ASP L 1984 -85.69 49.20 23.85
C ASP L 1984 -86.59 50.04 24.74
N VAL L 1985 -86.30 49.99 26.02
CA VAL L 1985 -87.20 50.57 27.01
C VAL L 1985 -86.83 52.00 27.32
N PRO L 1986 -87.85 52.83 27.39
CA PRO L 1986 -87.65 54.20 27.83
C PRO L 1986 -87.58 54.19 29.35
N PHE L 1987 -86.43 53.84 29.91
CA PHE L 1987 -86.31 53.83 31.35
C PHE L 1987 -85.87 55.18 31.91
N HIS L 1988 -86.15 55.38 33.20
CA HIS L 1988 -85.99 56.67 33.87
C HIS L 1988 -86.97 57.72 33.32
N SER L 1989 -88.20 57.27 33.08
CA SER L 1989 -89.28 58.12 32.57
C SER L 1989 -90.62 57.73 33.21
N THR L 1990 -91.68 58.44 32.84
CA THR L 1990 -93.00 58.18 33.40
C THR L 1990 -93.49 56.77 33.08
N PHE L 1991 -93.03 56.25 31.94
CA PHE L 1991 -93.52 54.98 31.41
C PHE L 1991 -93.46 53.87 32.43
N LEU L 1992 -92.27 53.68 33.00
CA LEU L 1992 -91.99 52.59 33.94
C LEU L 1992 -92.65 52.83 35.29
N ARG L 1993 -93.56 53.80 35.34
CA ARG L 1993 -94.26 54.10 36.58
C ARG L 1993 -95.14 52.92 36.94
N SER L 1994 -95.58 52.19 35.92
CA SER L 1994 -96.48 51.05 36.07
C SER L 1994 -95.91 49.96 36.96
N GLY L 1995 -94.73 49.46 36.60
CA GLY L 1995 -94.09 48.39 37.33
C GLY L 1995 -93.38 48.78 38.62
N VAL L 1996 -93.59 50.01 39.08
CA VAL L 1996 -93.02 50.46 40.36
C VAL L 1996 -93.72 49.75 41.53
N LYS L 1997 -94.93 49.25 41.25
CA LYS L 1997 -95.73 48.56 42.26
C LYS L 1997 -95.14 47.23 42.74
N PRO L 1998 -94.85 46.30 41.80
CA PRO L 1998 -94.28 44.98 42.14
C PRO L 1998 -92.85 45.07 42.68
N PHE L 1999 -92.02 45.89 42.04
CA PHE L 1999 -90.62 46.05 42.41
C PHE L 1999 -90.46 46.51 43.86
N ARG L 2000 -91.39 47.35 44.32
CA ARG L 2000 -91.37 47.82 45.70
C ARG L 2000 -91.62 46.66 46.66
N SER L 2001 -92.72 45.93 46.46
CA SER L 2001 -93.07 44.81 47.31
C SER L 2001 -92.00 43.72 47.29
N PHE L 2002 -91.19 43.72 46.23
CA PHE L 2002 -90.04 42.82 46.14
C PHE L 2002 -88.87 43.33 47.00
N LEU L 2003 -88.59 44.63 46.92
CA LEU L 2003 -87.55 45.25 47.74
C LEU L 2003 -87.81 45.05 49.22
N LEU L 2004 -89.08 44.90 49.57
CA LEU L 2004 -89.51 44.74 50.97
C LEU L 2004 -89.30 43.32 51.45
N LYS L 2005 -89.31 42.39 50.49
CA LYS L 2005 -88.96 41.01 50.74
C LYS L 2005 -87.44 40.88 50.95
N LYS L 2006 -86.67 41.68 50.19
CA LYS L 2006 -85.21 41.55 50.16
C LYS L 2006 -84.50 42.40 51.21
N ILE L 2007 -85.10 43.53 51.59
CA ILE L 2007 -84.53 44.37 52.63
C ILE L 2007 -85.23 44.20 53.98
N ASN L 2008 -84.44 44.16 55.04
CA ASN L 2008 -84.96 44.01 56.39
C ASN L 2008 -84.68 45.27 57.19
N LYS L 2009 -85.72 45.79 57.86
CA LYS L 2009 -85.57 46.97 58.69
C LYS L 2009 -84.37 46.82 59.62
N THR L 2010 -84.33 45.67 60.29
CA THR L 2010 -83.29 45.34 61.25
C THR L 2010 -81.88 45.62 60.73
N THR L 2011 -81.63 45.19 59.50
CA THR L 2011 -80.31 45.27 58.88
C THR L 2011 -79.82 46.71 58.68
N ILE L 2012 -80.74 47.67 58.70
CA ILE L 2012 -80.40 49.04 58.31
C ILE L 2012 -79.85 49.91 59.44
N ASP L 2013 -78.78 50.63 59.13
CA ASP L 2013 -78.29 51.71 59.97
C ASP L 2013 -78.73 53.03 59.38
N PRO L 2014 -79.57 53.77 60.12
CA PRO L 2014 -79.89 55.10 59.61
C PRO L 2014 -78.58 55.83 59.42
N SER L 2015 -77.73 55.74 60.45
CA SER L 2015 -76.44 56.43 60.55
C SER L 2015 -75.57 56.41 59.29
N LYS L 2016 -75.69 55.35 58.50
CA LYS L 2016 -74.86 55.15 57.31
C LYS L 2016 -75.29 56.01 56.10
N LEU L 2017 -76.59 56.08 55.84
CA LEU L 2017 -77.11 56.92 54.77
C LEU L 2017 -77.59 58.29 55.24
N ILE L 2018 -77.61 58.51 56.56
CA ILE L 2018 -78.22 59.71 57.16
C ILE L 2018 -77.89 61.03 56.46
N GLY L 2019 -76.66 61.18 56.00
CA GLY L 2019 -76.28 62.40 55.30
C GLY L 2019 -75.20 62.17 54.27
N LYS L 2020 -75.01 60.91 53.88
CA LYS L 2020 -73.90 60.53 53.02
C LYS L 2020 -74.34 60.06 51.64
N TYR L 2021 -75.58 59.57 51.55
CA TYR L 2021 -76.08 58.91 50.33
C TYR L 2021 -76.87 59.87 49.44
N ILE L 2022 -76.42 60.01 48.20
CA ILE L 2022 -77.10 60.86 47.22
C ILE L 2022 -77.86 60.02 46.19
N PRO L 2023 -79.20 59.98 46.30
CA PRO L 2023 -80.08 59.28 45.36
C PRO L 2023 -80.06 59.85 43.94
N ASN L 2024 -81.01 59.41 43.11
CA ASN L 2024 -81.13 59.90 41.74
C ASN L 2024 -82.44 60.67 41.55
N VAL L 2025 -83.35 60.50 42.49
CA VAL L 2025 -84.57 61.25 42.50
C VAL L 2025 -84.35 62.53 43.30
N THR L 2026 -83.66 62.41 44.42
CA THR L 2026 -83.31 63.58 45.24
C THR L 2026 -81.83 63.93 45.10
N ALA L 2027 -81.50 64.90 44.24
CA ALA L 2027 -80.09 65.23 43.99
C ALA L 2027 -79.35 65.79 45.22
N LYS L 2028 -80.04 65.91 46.35
CA LYS L 2028 -79.39 66.35 47.58
C LYS L 2028 -79.36 65.22 48.61
N PRO L 2029 -78.31 65.21 49.46
CA PRO L 2029 -77.99 64.19 50.48
C PRO L 2029 -79.19 63.62 51.25
N PHE L 2030 -79.35 62.30 51.18
CA PHE L 2030 -80.41 61.57 51.86
C PHE L 2030 -80.54 62.03 53.30
N GLU L 2031 -81.65 62.70 53.62
CA GLU L 2031 -81.93 63.13 54.99
C GLU L 2031 -83.24 62.49 55.47
N ILE L 2032 -83.36 62.35 56.78
CA ILE L 2032 -84.52 61.67 57.36
C ILE L 2032 -85.65 62.63 57.74
N SER L 2033 -85.35 63.94 57.72
CA SER L 2033 -86.31 64.97 58.12
C SER L 2033 -87.69 64.86 57.44
N LYS L 2034 -88.71 65.42 58.10
CA LYS L 2034 -90.09 65.41 57.60
C LYS L 2034 -90.22 66.28 56.35
N GLU L 2035 -89.30 67.23 56.22
CA GLU L 2035 -89.29 68.16 55.10
C GLU L 2035 -88.76 67.43 53.86
N TYR L 2036 -87.96 66.40 54.09
CA TYR L 2036 -87.41 65.59 53.02
C TYR L 2036 -88.49 64.74 52.35
N PHE L 2037 -89.37 64.18 53.16
CA PHE L 2037 -90.48 63.36 52.68
C PHE L 2037 -91.40 64.18 51.78
N GLU L 2038 -91.32 65.50 51.96
CA GLU L 2038 -92.11 66.42 51.17
C GLU L 2038 -91.41 66.69 49.83
N GLU L 2039 -90.09 66.71 49.85
CA GLU L 2039 -89.30 66.85 48.63
C GLU L 2039 -89.39 65.54 47.83
N VAL L 2040 -89.56 64.44 48.56
CA VAL L 2040 -89.71 63.12 47.95
C VAL L 2040 -91.11 62.91 47.41
N HIS L 2041 -92.10 63.26 48.23
CA HIS L 2041 -93.50 63.13 47.87
C HIS L 2041 -93.89 64.04 46.70
N ARG L 2042 -93.27 65.23 46.66
CA ARG L 2042 -93.49 66.19 45.58
C ARG L 2042 -93.09 65.56 44.25
N LEU L 2043 -91.99 64.81 44.28
CA LEU L 2043 -91.43 64.22 43.08
C LEU L 2043 -92.05 62.86 42.76
N THR L 2044 -92.39 62.10 43.80
CA THR L 2044 -92.79 60.70 43.62
C THR L 2044 -94.27 60.39 43.89
N GLY L 2045 -94.76 60.82 45.04
CA GLY L 2045 -96.13 60.53 45.45
C GLY L 2045 -96.25 59.15 46.07
N SER L 2046 -95.35 58.86 47.01
CA SER L 2046 -95.36 57.59 47.72
C SER L 2046 -96.49 57.56 48.74
N PRO L 2047 -97.48 56.68 48.52
CA PRO L 2047 -98.63 56.53 49.44
C PRO L 2047 -98.21 56.13 50.86
N LYS L 2048 -97.04 55.51 50.98
CA LYS L 2048 -96.46 55.19 52.28
C LYS L 2048 -95.86 56.44 52.91
N ILE L 2049 -95.47 57.40 52.06
CA ILE L 2049 -94.91 58.68 52.50
C ILE L 2049 -95.97 59.70 52.94
N ALA L 2050 -97.08 59.79 52.20
CA ALA L 2050 -98.19 60.65 52.57
C ALA L 2050 -98.75 60.20 53.92
N ASN L 2051 -98.89 58.89 54.05
CA ASN L 2051 -99.32 58.22 55.29
C ASN L 2051 -98.34 58.36 56.48
N ILE L 2052 -97.03 58.41 56.18
CA ILE L 2052 -95.98 58.56 57.20
C ILE L 2052 -95.61 60.03 57.42
N LEU L 2053 -96.13 60.90 56.55
CA LEU L 2053 -96.00 62.35 56.71
C LEU L 2053 -97.17 62.90 57.54
N ALA L 2054 -98.32 62.24 57.41
CA ALA L 2054 -99.53 62.55 58.19
C ALA L 2054 -99.35 62.23 59.68
N ASN L 2055 -98.72 61.09 59.96
CA ASN L 2055 -98.46 60.67 61.33
C ASN L 2055 -97.28 61.40 61.97
N TRP L 2056 -96.65 62.33 61.22
CA TRP L 2056 -95.31 62.83 61.54
C TRP L 2056 -95.01 63.09 63.03
N ASP L 2057 -96.04 63.51 63.76
CA ASP L 2057 -95.96 63.74 65.20
C ASP L 2057 -95.58 62.46 65.95
N LYS L 2058 -96.33 61.40 65.66
CA LYS L 2058 -96.06 60.04 66.14
C LYS L 2058 -94.56 59.64 66.22
N TYR L 2059 -93.71 60.30 65.40
CA TYR L 2059 -92.29 59.93 65.29
C TYR L 2059 -91.33 60.80 66.11
N GLU L 2060 -91.91 61.68 66.95
CA GLU L 2060 -91.17 62.56 67.86
C GLU L 2060 -89.68 62.77 67.54
#